data_2KZT
#
_entry.id   2KZT
#
loop_
_entity.id
_entity.type
_entity.pdbx_description
1 polymer 'Programmed cell death protein 4'
2 polymer 'Programmed cell death protein 4'
#
loop_
_entity_poly.entity_id
_entity_poly.type
_entity_poly.pdbx_seq_one_letter_code
_entity_poly.pdbx_strand_id
1 'polypeptide(L)'
;GLPLDERAFEKTLTPIIQEYFEHGDTNEVAEMLRDLNLGEMKSGVPVLAVSLALEGKASHREMTSKLLSDLCGTVMSTTD
VEKSFDKLLKDLPELALDTPRAPQLVGQFIARAVGDGILCNTYIDSYKGTVDCVQARAALDKATVLLSMSKGGKRKDSVW
GSG
;
A
2 'polypeptide(L)'
;GGQQPVNHLVKEIDMLLKEYLLSGDISEAEHCLKELEVPHFHHELVYEAIVMVLESTGESAFKMILDLLKSLWKSSTITI
DQMKRGYERIYNEIPDINLDVPHSYSVLERFVEECFQAGIISKQLRDLCPS
;
B
#
# COMPACT_ATOMS: atom_id res chain seq x y z
N GLY A 1 2.23 29.66 -1.72
CA GLY A 1 1.44 30.91 -1.88
C GLY A 1 -0.03 30.65 -1.63
N LEU A 2 -0.76 31.72 -1.34
CA LEU A 2 -2.19 31.63 -1.07
C LEU A 2 -3.00 31.66 -2.36
N PRO A 3 -3.84 30.65 -2.58
CA PRO A 3 -4.68 30.55 -3.77
C PRO A 3 -5.88 31.49 -3.72
N LEU A 4 -6.00 32.34 -4.73
CA LEU A 4 -7.10 33.29 -4.81
C LEU A 4 -8.33 32.62 -5.41
N ASP A 5 -9.49 32.85 -4.79
CA ASP A 5 -10.76 32.27 -5.25
C ASP A 5 -10.66 30.74 -5.32
N GLU A 6 -10.57 30.12 -4.15
CA GLU A 6 -10.41 28.67 -4.05
C GLU A 6 -11.58 27.86 -4.59
N ARG A 7 -12.80 28.09 -4.09
CA ARG A 7 -13.96 27.33 -4.51
C ARG A 7 -14.29 27.52 -5.99
N ALA A 8 -14.17 28.75 -6.48
CA ALA A 8 -14.46 29.05 -7.88
C ALA A 8 -13.56 28.23 -8.80
N PHE A 9 -12.37 27.91 -8.32
CA PHE A 9 -11.41 27.13 -9.08
C PHE A 9 -11.76 25.65 -9.01
N GLU A 10 -12.21 25.21 -7.83
CA GLU A 10 -12.57 23.81 -7.62
C GLU A 10 -13.76 23.42 -8.49
N LYS A 11 -14.79 24.25 -8.46
CA LYS A 11 -16.00 24.01 -9.24
C LYS A 11 -15.73 23.96 -10.74
N THR A 12 -14.80 24.79 -11.20
CA THR A 12 -14.45 24.83 -12.61
C THR A 12 -13.65 23.61 -13.04
N LEU A 13 -12.78 23.13 -12.15
CA LEU A 13 -11.94 21.96 -12.45
C LEU A 13 -12.70 20.64 -12.27
N THR A 14 -13.88 20.70 -11.66
CA THR A 14 -14.69 19.51 -11.43
C THR A 14 -14.92 18.67 -12.69
N PRO A 15 -15.56 19.22 -13.76
CA PRO A 15 -15.81 18.48 -14.99
C PRO A 15 -14.53 18.17 -15.76
N ILE A 16 -13.58 19.09 -15.70
CA ILE A 16 -12.29 18.92 -16.39
C ILE A 16 -11.61 17.60 -15.96
N ILE A 17 -11.52 17.40 -14.66
CA ILE A 17 -10.91 16.18 -14.13
C ILE A 17 -11.81 14.98 -14.37
N GLN A 18 -13.11 15.17 -14.16
CA GLN A 18 -14.09 14.10 -14.39
C GLN A 18 -13.94 13.49 -15.79
N GLU A 19 -13.95 14.35 -16.80
CA GLU A 19 -13.80 13.93 -18.20
C GLU A 19 -12.46 13.26 -18.45
N TYR A 20 -11.49 13.54 -17.59
CA TYR A 20 -10.14 12.98 -17.75
C TYR A 20 -10.12 11.51 -17.38
N PHE A 21 -10.73 11.17 -16.24
CA PHE A 21 -10.77 9.79 -15.74
C PHE A 21 -11.52 8.84 -16.66
N GLU A 22 -12.25 9.38 -17.63
CA GLU A 22 -13.03 8.55 -18.55
C GLU A 22 -12.15 7.72 -19.49
N HIS A 23 -11.31 8.39 -20.28
CA HIS A 23 -10.42 7.68 -21.19
C HIS A 23 -8.95 7.98 -20.95
N GLY A 24 -8.68 8.83 -19.96
CA GLY A 24 -7.30 9.17 -19.62
C GLY A 24 -6.61 10.00 -20.68
N ASP A 25 -6.98 11.28 -20.76
CA ASP A 25 -6.37 12.18 -21.73
C ASP A 25 -5.50 13.21 -21.02
N THR A 26 -4.22 12.92 -20.94
CA THR A 26 -3.27 13.80 -20.29
C THR A 26 -3.02 15.08 -21.08
N ASN A 27 -3.20 15.00 -22.41
CA ASN A 27 -2.99 16.15 -23.29
C ASN A 27 -4.12 17.16 -23.12
N GLU A 28 -5.31 16.64 -22.87
CA GLU A 28 -6.50 17.47 -22.71
C GLU A 28 -6.31 18.45 -21.54
N VAL A 29 -5.86 17.91 -20.42
CA VAL A 29 -5.63 18.70 -19.22
C VAL A 29 -4.64 19.84 -19.47
N ALA A 30 -3.48 19.51 -20.02
CA ALA A 30 -2.44 20.52 -20.31
C ALA A 30 -2.99 21.61 -21.23
N GLU A 31 -3.58 21.18 -22.34
CA GLU A 31 -4.20 22.10 -23.30
C GLU A 31 -5.13 23.09 -22.61
N MET A 32 -5.95 22.59 -21.69
CA MET A 32 -6.90 23.44 -20.96
C MET A 32 -6.17 24.28 -19.91
N LEU A 33 -5.12 23.74 -19.31
CA LEU A 33 -4.35 24.44 -18.30
C LEU A 33 -3.80 25.76 -18.84
N ARG A 34 -3.13 25.69 -19.98
CA ARG A 34 -2.56 26.89 -20.63
C ARG A 34 -3.65 27.92 -20.92
N ASP A 35 -4.87 27.44 -21.09
CA ASP A 35 -6.00 28.31 -21.37
C ASP A 35 -6.36 29.12 -20.13
N LEU A 36 -6.36 28.45 -18.99
CA LEU A 36 -6.66 29.07 -17.71
C LEU A 36 -5.53 30.02 -17.30
N ASN A 37 -4.29 29.54 -17.38
CA ASN A 37 -3.11 30.33 -17.03
C ASN A 37 -3.08 30.66 -15.53
N LEU A 38 -2.40 29.81 -14.76
CA LEU A 38 -2.32 30.01 -13.32
C LEU A 38 -0.87 30.03 -12.85
N GLY A 39 -0.64 30.64 -11.70
CA GLY A 39 0.69 30.71 -11.14
C GLY A 39 0.84 29.77 -9.96
N GLU A 40 0.63 30.30 -8.75
CA GLU A 40 0.72 29.48 -7.54
C GLU A 40 -0.51 28.59 -7.40
N MET A 41 -1.57 28.97 -8.10
CA MET A 41 -2.83 28.22 -8.08
C MET A 41 -2.69 26.99 -8.97
N LYS A 42 -1.60 26.94 -9.74
CA LYS A 42 -1.36 25.83 -10.65
C LYS A 42 -1.23 24.51 -9.90
N SER A 43 -0.78 24.57 -8.64
CA SER A 43 -0.62 23.37 -7.82
C SER A 43 -1.98 22.79 -7.44
N GLY A 44 -3.02 23.61 -7.58
CA GLY A 44 -4.36 23.17 -7.24
C GLY A 44 -4.83 22.00 -8.10
N VAL A 45 -4.61 22.09 -9.40
CA VAL A 45 -4.99 21.05 -10.35
C VAL A 45 -4.56 19.64 -9.92
N PRO A 46 -3.24 19.39 -9.77
CA PRO A 46 -2.75 18.06 -9.35
C PRO A 46 -3.34 17.62 -8.01
N VAL A 47 -3.64 18.59 -7.15
CA VAL A 47 -4.22 18.28 -5.85
C VAL A 47 -5.65 17.74 -6.01
N LEU A 48 -6.52 18.52 -6.68
CA LEU A 48 -7.90 18.11 -6.87
C LEU A 48 -7.98 16.75 -7.58
N ALA A 49 -7.21 16.59 -8.64
CA ALA A 49 -7.16 15.32 -9.38
C ALA A 49 -6.89 14.16 -8.43
N VAL A 50 -6.19 14.47 -7.34
CA VAL A 50 -5.84 13.46 -6.37
C VAL A 50 -7.01 13.21 -5.43
N SER A 51 -7.64 14.30 -4.98
CA SER A 51 -8.75 14.23 -4.03
C SER A 51 -9.94 13.47 -4.60
N LEU A 52 -10.30 13.77 -5.84
CA LEU A 52 -11.43 13.11 -6.49
C LEU A 52 -11.14 11.61 -6.65
N ALA A 53 -9.93 11.31 -7.09
CA ALA A 53 -9.47 9.92 -7.26
C ALA A 53 -9.58 9.12 -5.96
N LEU A 54 -9.61 9.79 -4.82
CA LEU A 54 -9.72 9.11 -3.54
C LEU A 54 -11.13 8.53 -3.40
N GLU A 55 -12.12 9.29 -3.88
CA GLU A 55 -13.51 8.85 -3.83
C GLU A 55 -13.75 7.73 -4.84
N GLY A 56 -13.17 7.89 -6.02
CA GLY A 56 -13.32 6.87 -7.05
C GLY A 56 -12.56 5.60 -6.74
N LYS A 57 -12.70 4.62 -7.63
CA LYS A 57 -12.03 3.33 -7.46
C LYS A 57 -10.52 3.46 -7.53
N ALA A 58 -9.83 2.42 -7.07
CA ALA A 58 -8.38 2.39 -7.06
C ALA A 58 -7.81 2.47 -8.47
N SER A 59 -8.53 1.92 -9.42
CA SER A 59 -8.11 1.95 -10.82
C SER A 59 -7.95 3.38 -11.29
N HIS A 60 -8.81 4.25 -10.79
CA HIS A 60 -8.73 5.65 -11.16
C HIS A 60 -7.57 6.36 -10.49
N ARG A 61 -7.06 5.81 -9.38
CA ARG A 61 -5.92 6.41 -8.68
C ARG A 61 -4.63 6.17 -9.44
N GLU A 62 -4.35 4.91 -9.77
CA GLU A 62 -3.14 4.55 -10.54
C GLU A 62 -3.03 5.41 -11.81
N MET A 63 -4.17 5.79 -12.37
CA MET A 63 -4.21 6.61 -13.57
C MET A 63 -3.88 8.08 -13.27
N THR A 64 -4.00 8.49 -12.01
CA THR A 64 -3.71 9.86 -11.61
C THR A 64 -2.22 10.17 -11.74
N SER A 65 -1.38 9.23 -11.32
CA SER A 65 0.07 9.41 -11.40
C SER A 65 0.52 9.64 -12.84
N LYS A 66 -0.23 9.08 -13.79
CA LYS A 66 0.08 9.24 -15.20
C LYS A 66 -0.05 10.71 -15.59
N LEU A 67 -1.10 11.35 -15.07
CA LEU A 67 -1.36 12.76 -15.35
C LEU A 67 -0.21 13.61 -14.82
N LEU A 68 0.22 13.31 -13.60
CA LEU A 68 1.31 14.05 -12.97
C LEU A 68 2.57 14.00 -13.83
N SER A 69 3.04 12.80 -14.12
CA SER A 69 4.22 12.60 -14.96
C SER A 69 4.11 13.32 -16.31
N ASP A 70 2.91 13.36 -16.87
CA ASP A 70 2.68 14.01 -18.15
C ASP A 70 2.73 15.53 -17.99
N LEU A 71 2.04 16.03 -16.97
CA LEU A 71 2.00 17.46 -16.69
C LEU A 71 3.38 18.02 -16.43
N CYS A 72 4.16 17.37 -15.56
CA CYS A 72 5.50 17.83 -15.23
C CYS A 72 6.40 17.85 -16.45
N GLY A 73 7.01 19.00 -16.70
CA GLY A 73 7.89 19.16 -17.83
C GLY A 73 7.19 19.84 -18.97
N THR A 74 5.88 19.65 -19.05
CA THR A 74 5.08 20.25 -20.09
C THR A 74 4.45 21.56 -19.62
N VAL A 75 3.65 21.48 -18.56
CA VAL A 75 2.99 22.67 -18.03
C VAL A 75 3.23 22.84 -16.53
N MET A 76 4.00 21.93 -15.93
CA MET A 76 4.27 21.99 -14.51
C MET A 76 5.73 21.70 -14.24
N SER A 77 6.38 22.58 -13.49
CA SER A 77 7.78 22.38 -13.15
C SER A 77 7.91 21.34 -12.05
N THR A 78 9.05 20.66 -12.00
CA THR A 78 9.30 19.63 -10.99
C THR A 78 9.14 20.23 -9.61
N THR A 79 9.56 21.47 -9.48
CA THR A 79 9.47 22.21 -8.24
C THR A 79 8.02 22.53 -7.86
N ASP A 80 7.13 22.55 -8.87
CA ASP A 80 5.72 22.90 -8.62
C ASP A 80 5.02 21.71 -7.97
N VAL A 81 5.38 20.50 -8.40
CA VAL A 81 4.79 19.26 -7.88
C VAL A 81 4.96 19.17 -6.37
N GLU A 82 6.16 19.55 -5.90
CA GLU A 82 6.47 19.52 -4.48
C GLU A 82 5.43 20.31 -3.68
N LYS A 83 5.20 21.54 -4.12
CA LYS A 83 4.23 22.43 -3.48
C LYS A 83 2.84 21.81 -3.46
N SER A 84 2.49 21.12 -4.53
CA SER A 84 1.19 20.47 -4.66
C SER A 84 1.01 19.43 -3.55
N PHE A 85 2.04 18.67 -3.27
CA PHE A 85 1.99 17.65 -2.23
C PHE A 85 1.75 18.26 -0.86
N ASP A 86 2.41 19.40 -0.59
CA ASP A 86 2.24 20.09 0.69
C ASP A 86 0.78 20.50 0.83
N LYS A 87 0.28 21.18 -0.20
CA LYS A 87 -1.10 21.63 -0.26
C LYS A 87 -2.06 20.47 -0.05
N LEU A 88 -1.75 19.31 -0.62
CA LEU A 88 -2.58 18.13 -0.48
C LEU A 88 -2.54 17.63 0.97
N LEU A 89 -1.34 17.48 1.51
CA LEU A 89 -1.16 17.02 2.90
C LEU A 89 -1.97 17.85 3.89
N LYS A 90 -2.03 19.16 3.66
CA LYS A 90 -2.79 20.06 4.53
C LYS A 90 -4.30 19.78 4.43
N ASP A 91 -4.74 19.36 3.26
CA ASP A 91 -6.15 19.05 3.03
C ASP A 91 -6.51 17.69 3.60
N LEU A 92 -5.54 16.77 3.58
CA LEU A 92 -5.71 15.40 4.11
C LEU A 92 -6.61 15.28 5.35
N PRO A 93 -6.35 16.04 6.44
CA PRO A 93 -7.16 15.98 7.67
C PRO A 93 -8.65 16.08 7.42
N GLU A 94 -9.07 16.79 6.38
CA GLU A 94 -10.49 16.94 6.09
C GLU A 94 -11.07 15.71 5.39
N LEU A 95 -10.50 15.33 4.25
CA LEU A 95 -10.95 14.14 3.52
C LEU A 95 -10.80 12.85 4.32
N ALA A 96 -9.81 12.79 5.20
CA ALA A 96 -9.59 11.60 6.01
C ALA A 96 -10.80 11.27 6.87
N LEU A 97 -11.60 12.28 7.19
CA LEU A 97 -12.79 12.09 8.00
C LEU A 97 -13.84 11.25 7.30
N ASP A 98 -14.10 11.54 6.03
CA ASP A 98 -15.12 10.80 5.28
C ASP A 98 -14.58 9.46 4.80
N THR A 99 -13.39 9.49 4.22
CA THR A 99 -12.77 8.26 3.77
C THR A 99 -11.57 7.90 4.65
N PRO A 100 -11.71 6.87 5.51
CA PRO A 100 -10.64 6.43 6.41
C PRO A 100 -9.45 5.83 5.68
N ARG A 101 -9.67 5.44 4.42
CA ARG A 101 -8.61 4.86 3.60
C ARG A 101 -7.83 5.93 2.84
N ALA A 102 -8.35 7.16 2.90
CA ALA A 102 -7.73 8.31 2.21
C ALA A 102 -6.22 8.45 2.44
N PRO A 103 -5.74 8.55 3.71
CA PRO A 103 -4.30 8.70 3.99
C PRO A 103 -3.46 7.54 3.44
N GLN A 104 -4.02 6.33 3.49
CA GLN A 104 -3.33 5.14 2.99
C GLN A 104 -3.04 5.27 1.50
N LEU A 105 -3.99 5.87 0.77
CA LEU A 105 -3.85 6.08 -0.66
C LEU A 105 -2.83 7.19 -0.92
N VAL A 106 -2.95 8.25 -0.14
CA VAL A 106 -2.04 9.41 -0.24
C VAL A 106 -0.58 8.94 -0.23
N GLY A 107 -0.26 7.97 0.63
CA GLY A 107 1.09 7.45 0.70
C GLY A 107 1.57 6.90 -0.63
N GLN A 108 0.66 6.24 -1.36
CA GLN A 108 0.97 5.67 -2.67
C GLN A 108 1.33 6.77 -3.66
N PHE A 109 0.55 7.84 -3.65
CA PHE A 109 0.77 8.97 -4.56
C PHE A 109 2.16 9.56 -4.37
N ILE A 110 2.59 9.67 -3.12
CA ILE A 110 3.91 10.20 -2.81
C ILE A 110 5.00 9.25 -3.30
N ALA A 111 4.83 7.97 -2.96
CA ALA A 111 5.79 6.93 -3.34
C ALA A 111 5.98 6.85 -4.86
N ARG A 112 4.88 6.89 -5.60
CA ARG A 112 4.92 6.81 -7.06
C ARG A 112 5.64 8.01 -7.64
N ALA A 113 5.31 9.20 -7.14
CA ALA A 113 5.92 10.44 -7.61
C ALA A 113 7.44 10.41 -7.48
N VAL A 114 7.93 9.94 -6.34
CA VAL A 114 9.37 9.86 -6.09
C VAL A 114 9.97 8.75 -6.96
N GLY A 115 9.31 7.60 -6.99
CA GLY A 115 9.79 6.47 -7.76
C GLY A 115 10.02 6.79 -9.24
N ASP A 116 9.08 7.50 -9.86
CA ASP A 116 9.22 7.87 -11.26
C ASP A 116 10.16 9.08 -11.46
N GLY A 117 10.19 9.98 -10.49
CA GLY A 117 11.08 11.13 -10.58
C GLY A 117 10.39 12.47 -10.78
N ILE A 118 9.17 12.61 -10.29
CA ILE A 118 8.45 13.87 -10.41
C ILE A 118 8.41 14.60 -9.07
N LEU A 119 8.96 13.96 -8.06
CA LEU A 119 9.02 14.52 -6.72
C LEU A 119 10.37 14.19 -6.10
N CYS A 120 10.88 15.10 -5.28
CA CYS A 120 12.16 14.91 -4.63
C CYS A 120 12.11 13.72 -3.66
N ASN A 121 13.20 12.97 -3.61
CA ASN A 121 13.30 11.80 -2.74
C ASN A 121 13.39 12.20 -1.28
N THR A 122 14.20 13.22 -0.99
CA THR A 122 14.38 13.71 0.38
C THR A 122 13.14 14.44 0.91
N TYR A 123 12.03 14.38 0.17
CA TYR A 123 10.80 15.02 0.60
C TYR A 123 10.32 14.41 1.92
N ILE A 124 10.46 13.10 2.03
CA ILE A 124 10.06 12.38 3.23
C ILE A 124 10.98 12.73 4.39
N ASP A 125 12.28 12.83 4.09
CA ASP A 125 13.27 13.16 5.11
C ASP A 125 13.02 14.55 5.67
N SER A 126 12.62 15.46 4.79
CA SER A 126 12.31 16.84 5.18
C SER A 126 11.10 16.87 6.11
N TYR A 127 10.24 15.88 6.00
CA TYR A 127 9.07 15.80 6.85
C TYR A 127 9.27 14.70 7.91
N LYS A 128 10.54 14.32 8.14
CA LYS A 128 10.93 13.23 9.08
C LYS A 128 10.70 13.46 10.58
N GLY A 129 9.51 13.93 10.94
CA GLY A 129 9.25 14.14 12.35
C GLY A 129 8.87 15.56 12.56
N THR A 130 9.05 16.29 11.50
CA THR A 130 8.74 17.69 11.44
C THR A 130 7.28 17.87 11.05
N VAL A 131 6.43 16.97 11.55
CA VAL A 131 5.00 17.01 11.29
C VAL A 131 4.23 16.76 12.59
N ASP A 132 3.30 17.65 12.89
CA ASP A 132 2.49 17.55 14.10
C ASP A 132 1.14 16.91 13.83
N CYS A 133 0.95 16.44 12.61
CA CYS A 133 -0.30 15.79 12.21
C CYS A 133 -0.07 14.30 12.00
N VAL A 134 -0.85 13.46 12.69
CA VAL A 134 -0.70 12.02 12.57
C VAL A 134 -1.27 11.51 11.25
N GLN A 135 -2.25 12.23 10.72
CA GLN A 135 -2.88 11.87 9.46
C GLN A 135 -1.88 12.06 8.33
N ALA A 136 -1.15 13.17 8.39
CA ALA A 136 -0.14 13.47 7.39
C ALA A 136 1.06 12.56 7.56
N ARG A 137 1.35 12.18 8.81
CA ARG A 137 2.47 11.31 9.10
C ARG A 137 2.29 9.92 8.50
N ALA A 138 1.08 9.33 8.65
CA ALA A 138 0.81 8.02 8.10
C ALA A 138 1.04 7.97 6.60
N ALA A 139 0.69 9.07 5.92
CA ALA A 139 0.88 9.16 4.47
C ALA A 139 2.36 9.08 4.14
N LEU A 140 3.18 9.67 5.00
CA LEU A 140 4.63 9.66 4.82
C LEU A 140 5.20 8.29 5.12
N ASP A 141 4.56 7.57 6.04
CA ASP A 141 5.01 6.23 6.42
C ASP A 141 4.83 5.29 5.25
N LYS A 142 3.58 5.17 4.78
CA LYS A 142 3.25 4.32 3.63
C LYS A 142 4.12 4.60 2.41
N ALA A 143 4.57 5.85 2.25
CA ALA A 143 5.42 6.22 1.12
C ALA A 143 6.63 5.29 1.01
N THR A 144 7.32 5.06 2.13
CA THR A 144 8.47 4.17 2.14
C THR A 144 7.99 2.72 2.09
N VAL A 145 6.95 2.47 2.87
CA VAL A 145 6.32 1.15 2.93
C VAL A 145 6.08 0.62 1.50
N LEU A 146 5.44 1.43 0.67
CA LEU A 146 5.16 1.05 -0.70
C LEU A 146 6.39 1.17 -1.63
N LEU A 147 7.24 2.16 -1.38
CA LEU A 147 8.44 2.36 -2.21
C LEU A 147 9.35 1.14 -2.14
N SER A 148 9.39 0.52 -0.98
CA SER A 148 10.21 -0.66 -0.76
C SER A 148 9.67 -1.88 -1.51
N MET A 149 8.41 -1.80 -1.93
CA MET A 149 7.74 -2.90 -2.61
C MET A 149 8.05 -2.98 -4.10
N SER A 150 7.66 -1.97 -4.87
CA SER A 150 7.85 -1.98 -6.32
C SER A 150 9.25 -1.52 -6.76
N LYS A 151 10.14 -1.34 -5.79
CA LYS A 151 11.51 -0.90 -6.07
C LYS A 151 12.25 -1.96 -6.89
N GLY A 152 11.88 -3.22 -6.70
CA GLY A 152 12.51 -4.29 -7.43
C GLY A 152 11.69 -4.70 -8.63
N GLY A 153 10.37 -4.65 -8.47
CA GLY A 153 9.47 -5.00 -9.56
C GLY A 153 8.93 -3.76 -10.25
N LYS A 154 9.84 -2.92 -10.73
CA LYS A 154 9.46 -1.68 -11.40
C LYS A 154 9.23 -1.91 -12.89
N ARG A 155 9.94 -2.88 -13.47
CA ARG A 155 9.81 -3.16 -14.90
C ARG A 155 8.96 -4.40 -15.18
N LYS A 156 8.13 -4.80 -14.22
CA LYS A 156 7.27 -5.96 -14.40
C LYS A 156 5.82 -5.64 -14.14
N ASP A 157 5.52 -4.36 -13.99
CA ASP A 157 4.15 -3.92 -13.72
C ASP A 157 3.33 -3.89 -15.01
N SER A 158 3.98 -3.51 -16.10
CA SER A 158 3.32 -3.42 -17.39
C SER A 158 3.91 -4.41 -18.40
N VAL A 159 3.26 -5.55 -18.53
CA VAL A 159 3.70 -6.59 -19.45
C VAL A 159 2.50 -7.42 -19.94
N TRP A 160 1.30 -6.95 -19.64
CA TRP A 160 0.09 -7.65 -20.03
C TRP A 160 -0.65 -6.86 -21.10
N GLY A 161 -0.92 -7.52 -22.22
CA GLY A 161 -1.62 -6.85 -23.31
C GLY A 161 -2.86 -7.62 -23.72
N SER A 162 -4.03 -7.05 -23.46
CA SER A 162 -5.30 -7.69 -23.79
C SER A 162 -6.40 -6.66 -23.97
N GLY A 163 -6.02 -5.41 -24.22
CA GLY A 163 -6.99 -4.36 -24.40
C GLY A 163 -6.97 -3.81 -25.80
N GLY B 1 -8.03 -1.87 -27.91
CA GLY B 1 -8.56 -0.59 -27.41
C GLY B 1 -9.07 -0.71 -25.99
N GLY B 2 -8.26 -0.30 -25.04
CA GLY B 2 -8.65 -0.39 -23.65
C GLY B 2 -7.46 -0.27 -22.72
N GLN B 3 -7.65 -0.63 -21.47
CA GLN B 3 -6.59 -0.56 -20.48
C GLN B 3 -5.96 -1.93 -20.27
N GLN B 4 -4.81 -1.95 -19.62
CA GLN B 4 -4.08 -3.18 -19.37
C GLN B 4 -4.79 -4.02 -18.28
N PRO B 5 -4.72 -5.35 -18.41
CA PRO B 5 -5.33 -6.28 -17.44
C PRO B 5 -4.82 -6.05 -16.02
N VAL B 6 -5.64 -6.37 -15.04
CA VAL B 6 -5.29 -6.20 -13.65
C VAL B 6 -4.15 -7.14 -13.23
N ASN B 7 -3.22 -6.61 -12.45
CA ASN B 7 -2.10 -7.39 -11.96
C ASN B 7 -2.56 -8.32 -10.86
N HIS B 8 -1.76 -9.33 -10.54
CA HIS B 8 -2.10 -10.30 -9.52
C HIS B 8 -0.84 -10.82 -8.85
N LEU B 9 -0.94 -11.14 -7.55
CA LEU B 9 0.19 -11.64 -6.76
C LEU B 9 1.14 -10.50 -6.40
N VAL B 10 1.70 -9.87 -7.44
CA VAL B 10 2.61 -8.75 -7.25
C VAL B 10 1.81 -7.52 -6.86
N LYS B 11 2.35 -6.73 -5.92
CA LYS B 11 1.67 -5.53 -5.43
C LYS B 11 0.36 -5.92 -4.75
N GLU B 12 0.30 -7.16 -4.28
CA GLU B 12 -0.89 -7.69 -3.61
C GLU B 12 -0.52 -8.33 -2.28
N ILE B 13 0.17 -9.46 -2.34
CA ILE B 13 0.57 -10.17 -1.11
C ILE B 13 1.61 -9.38 -0.33
N ASP B 14 2.52 -8.73 -1.05
CA ASP B 14 3.59 -7.93 -0.46
C ASP B 14 3.03 -6.82 0.43
N MET B 15 1.98 -6.15 -0.06
CA MET B 15 1.32 -5.08 0.68
C MET B 15 0.98 -5.47 2.11
N LEU B 16 0.41 -6.65 2.28
CA LEU B 16 0.01 -7.15 3.59
C LEU B 16 1.18 -7.15 4.57
N LEU B 17 2.33 -7.63 4.12
CA LEU B 17 3.52 -7.72 4.97
C LEU B 17 4.08 -6.33 5.27
N LYS B 18 4.24 -5.52 4.25
CA LYS B 18 4.78 -4.16 4.40
C LYS B 18 3.98 -3.31 5.38
N GLU B 19 2.66 -3.33 5.23
CA GLU B 19 1.76 -2.56 6.09
C GLU B 19 1.94 -2.91 7.57
N TYR B 20 2.08 -4.20 7.85
CA TYR B 20 2.25 -4.66 9.22
C TYR B 20 3.66 -4.39 9.74
N LEU B 21 4.62 -4.40 8.83
CA LEU B 21 6.02 -4.20 9.19
C LEU B 21 6.35 -2.75 9.63
N LEU B 22 6.23 -1.80 8.73
CA LEU B 22 6.53 -0.40 9.05
C LEU B 22 5.46 0.24 9.93
N SER B 23 4.24 0.25 9.44
CA SER B 23 3.13 0.84 10.18
C SER B 23 2.81 0.03 11.43
N GLY B 24 2.37 -1.21 11.23
CA GLY B 24 2.04 -2.05 12.37
C GLY B 24 0.64 -1.79 12.87
N ASP B 25 -0.33 -1.96 11.99
CA ASP B 25 -1.73 -1.74 12.34
C ASP B 25 -2.60 -2.91 11.90
N ILE B 26 -3.45 -3.34 12.81
CA ILE B 26 -4.35 -4.46 12.56
C ILE B 26 -5.41 -4.08 11.52
N SER B 27 -6.23 -3.09 11.83
CA SER B 27 -7.31 -2.65 10.95
C SER B 27 -6.85 -2.32 9.53
N GLU B 28 -5.62 -1.81 9.38
CA GLU B 28 -5.11 -1.49 8.06
C GLU B 28 -5.01 -2.77 7.23
N ALA B 29 -4.52 -3.82 7.86
CA ALA B 29 -4.40 -5.12 7.20
C ALA B 29 -5.78 -5.77 7.06
N GLU B 30 -6.62 -5.56 8.08
CA GLU B 30 -7.98 -6.12 8.10
C GLU B 30 -8.77 -5.75 6.85
N HIS B 31 -8.85 -4.45 6.57
CA HIS B 31 -9.59 -3.97 5.41
C HIS B 31 -8.99 -4.46 4.11
N CYS B 32 -7.68 -4.67 4.12
CA CYS B 32 -6.98 -5.12 2.93
C CYS B 32 -7.26 -6.59 2.63
N LEU B 33 -7.28 -7.45 3.64
CA LEU B 33 -7.57 -8.87 3.42
C LEU B 33 -9.03 -9.04 3.02
N LYS B 34 -9.85 -8.16 3.55
CA LYS B 34 -11.29 -8.14 3.28
C LYS B 34 -11.57 -7.66 1.85
N GLU B 35 -10.54 -7.05 1.26
CA GLU B 35 -10.67 -6.49 -0.08
C GLU B 35 -10.73 -7.62 -1.10
N LEU B 36 -9.98 -8.68 -0.84
CA LEU B 36 -9.95 -9.83 -1.74
C LEU B 36 -11.25 -10.63 -1.69
N GLU B 37 -11.73 -11.04 -2.87
CA GLU B 37 -12.97 -11.79 -2.97
C GLU B 37 -12.74 -13.27 -2.69
N VAL B 38 -11.53 -13.74 -2.93
CA VAL B 38 -11.18 -15.14 -2.71
C VAL B 38 -10.72 -15.40 -1.28
N PRO B 39 -11.54 -16.11 -0.48
CA PRO B 39 -11.22 -16.45 0.91
C PRO B 39 -10.30 -17.65 0.97
N HIS B 40 -10.38 -18.50 -0.05
CA HIS B 40 -9.56 -19.70 -0.12
C HIS B 40 -8.10 -19.34 -0.37
N PHE B 41 -7.91 -18.19 -0.99
CA PHE B 41 -6.57 -17.69 -1.30
C PHE B 41 -5.92 -17.05 -0.07
N HIS B 42 -6.66 -17.00 1.03
CA HIS B 42 -6.16 -16.39 2.27
C HIS B 42 -5.04 -17.20 2.90
N HIS B 43 -4.76 -18.37 2.33
CA HIS B 43 -3.71 -19.24 2.86
C HIS B 43 -2.30 -18.73 2.52
N GLU B 44 -2.20 -17.99 1.42
CA GLU B 44 -0.92 -17.43 0.98
C GLU B 44 -0.26 -16.56 2.05
N LEU B 45 -0.99 -15.59 2.57
CA LEU B 45 -0.46 -14.70 3.61
C LEU B 45 -0.10 -15.51 4.84
N VAL B 46 -1.00 -16.42 5.18
CA VAL B 46 -0.79 -17.34 6.30
C VAL B 46 0.61 -17.96 6.23
N TYR B 47 0.93 -18.56 5.09
CA TYR B 47 2.23 -19.18 4.89
C TYR B 47 3.36 -18.14 4.96
N GLU B 48 3.20 -17.05 4.23
CA GLU B 48 4.21 -15.98 4.18
C GLU B 48 4.55 -15.43 5.56
N ALA B 49 3.51 -15.10 6.34
CA ALA B 49 3.70 -14.58 7.69
C ALA B 49 4.51 -15.54 8.56
N ILE B 50 4.36 -16.84 8.30
CA ILE B 50 5.08 -17.83 9.09
C ILE B 50 6.54 -17.85 8.66
N VAL B 51 6.77 -17.69 7.36
CA VAL B 51 8.11 -17.68 6.81
C VAL B 51 8.92 -16.49 7.33
N MET B 52 8.25 -15.33 7.40
CA MET B 52 8.89 -14.09 7.87
C MET B 52 9.62 -14.29 9.19
N VAL B 53 8.88 -14.67 10.24
CA VAL B 53 9.48 -14.92 11.55
C VAL B 53 10.72 -15.81 11.51
N LEU B 54 10.76 -16.73 10.56
CA LEU B 54 11.89 -17.66 10.45
C LEU B 54 13.08 -16.99 9.75
N GLU B 55 12.79 -15.99 8.94
CA GLU B 55 13.81 -15.28 8.18
C GLU B 55 14.10 -13.88 8.75
N SER B 56 13.43 -13.54 9.83
CA SER B 56 13.62 -12.22 10.45
C SER B 56 14.16 -12.34 11.87
N THR B 57 15.20 -11.58 12.15
CA THR B 57 15.82 -11.58 13.46
C THR B 57 15.25 -10.47 14.33
N GLY B 58 14.77 -10.83 15.50
CA GLY B 58 14.21 -9.86 16.41
C GLY B 58 12.87 -10.31 16.96
N GLU B 59 12.59 -9.93 18.19
CA GLU B 59 11.33 -10.29 18.84
C GLU B 59 10.18 -9.50 18.24
N SER B 60 10.50 -8.36 17.65
CA SER B 60 9.53 -7.47 17.02
C SER B 60 8.64 -8.23 16.04
N ALA B 61 9.25 -9.15 15.29
CA ALA B 61 8.51 -9.95 14.33
C ALA B 61 7.56 -10.90 15.05
N PHE B 62 8.11 -11.82 15.84
CA PHE B 62 7.31 -12.80 16.60
C PHE B 62 6.20 -12.18 17.44
N LYS B 63 6.39 -10.93 17.87
CA LYS B 63 5.37 -10.31 18.71
C LYS B 63 4.20 -9.83 17.85
N MET B 64 4.53 -9.21 16.72
CA MET B 64 3.52 -8.64 15.83
C MET B 64 2.96 -9.64 14.81
N ILE B 65 3.76 -10.64 14.42
CA ILE B 65 3.34 -11.62 13.41
C ILE B 65 2.21 -12.53 13.90
N LEU B 66 2.41 -13.22 15.03
CA LEU B 66 1.36 -14.08 15.58
C LEU B 66 0.09 -13.28 15.86
N ASP B 67 0.28 -12.04 16.27
CA ASP B 67 -0.83 -11.15 16.56
C ASP B 67 -1.65 -10.89 15.30
N LEU B 68 -0.98 -10.90 14.15
CA LEU B 68 -1.64 -10.67 12.87
C LEU B 68 -2.66 -11.76 12.56
N LEU B 69 -2.24 -13.03 12.63
CA LEU B 69 -3.16 -14.12 12.33
C LEU B 69 -4.25 -14.20 13.38
N LYS B 70 -3.87 -14.18 14.65
CA LYS B 70 -4.84 -14.20 15.75
C LYS B 70 -5.88 -13.10 15.60
N SER B 71 -5.45 -11.94 15.12
CA SER B 71 -6.37 -10.82 14.92
C SER B 71 -7.36 -11.14 13.81
N LEU B 72 -6.85 -11.74 12.75
CA LEU B 72 -7.71 -12.14 11.63
C LEU B 72 -8.71 -13.19 12.11
N TRP B 73 -8.23 -14.17 12.88
CA TRP B 73 -9.08 -15.21 13.44
C TRP B 73 -10.13 -14.67 14.41
N LYS B 74 -9.97 -13.42 14.85
CA LYS B 74 -10.88 -12.83 15.81
C LYS B 74 -12.26 -12.62 15.20
N SER B 75 -12.27 -12.23 13.93
CA SER B 75 -13.51 -11.98 13.21
C SER B 75 -13.77 -13.03 12.15
N SER B 76 -13.11 -14.19 12.28
CA SER B 76 -13.24 -15.28 11.32
C SER B 76 -12.85 -14.86 9.90
N THR B 77 -11.59 -14.47 9.74
CA THR B 77 -11.09 -14.06 8.44
C THR B 77 -10.35 -15.22 7.77
N ILE B 78 -9.57 -15.94 8.57
CA ILE B 78 -8.83 -17.09 8.06
C ILE B 78 -9.58 -18.37 8.39
N THR B 79 -9.63 -19.29 7.43
CA THR B 79 -10.31 -20.57 7.62
C THR B 79 -9.34 -21.64 8.10
N ILE B 80 -9.82 -22.59 8.88
CA ILE B 80 -8.99 -23.68 9.39
C ILE B 80 -8.31 -24.44 8.26
N ASP B 81 -9.05 -24.68 7.19
CA ASP B 81 -8.53 -25.38 6.01
C ASP B 81 -7.32 -24.62 5.45
N GLN B 82 -7.50 -23.31 5.34
CA GLN B 82 -6.47 -22.42 4.84
C GLN B 82 -5.24 -22.40 5.76
N MET B 83 -5.49 -22.32 7.05
CA MET B 83 -4.42 -22.31 8.05
C MET B 83 -3.69 -23.65 8.08
N LYS B 84 -4.45 -24.71 7.81
CA LYS B 84 -3.90 -26.07 7.77
C LYS B 84 -2.84 -26.18 6.70
N ARG B 85 -3.23 -25.83 5.48
CA ARG B 85 -2.33 -25.91 4.32
C ARG B 85 -1.16 -24.94 4.49
N GLY B 86 -1.39 -23.85 5.20
CA GLY B 86 -0.34 -22.88 5.44
C GLY B 86 0.79 -23.47 6.24
N TYR B 87 0.45 -24.21 7.29
CA TYR B 87 1.44 -24.85 8.13
C TYR B 87 2.07 -26.07 7.46
N GLU B 88 1.26 -26.82 6.71
CA GLU B 88 1.75 -28.01 6.02
C GLU B 88 2.88 -27.67 5.07
N ARG B 89 2.77 -26.52 4.39
CA ARG B 89 3.80 -26.08 3.46
C ARG B 89 5.07 -25.70 4.22
N ILE B 90 4.90 -25.24 5.45
CA ILE B 90 6.04 -24.84 6.29
C ILE B 90 6.87 -26.06 6.65
N TYR B 91 6.19 -27.11 7.09
CA TYR B 91 6.85 -28.37 7.47
C TYR B 91 7.70 -28.91 6.32
N ASN B 92 7.31 -28.56 5.10
CA ASN B 92 8.03 -28.99 3.91
C ASN B 92 9.23 -28.09 3.64
N GLU B 93 9.06 -26.79 3.87
CA GLU B 93 10.12 -25.82 3.65
C GLU B 93 11.20 -25.87 4.73
N ILE B 94 10.85 -26.39 5.90
CA ILE B 94 11.77 -26.48 7.03
C ILE B 94 13.16 -27.05 6.65
N PRO B 95 13.22 -28.26 6.06
CA PRO B 95 14.49 -28.89 5.65
C PRO B 95 15.23 -28.07 4.59
N ASP B 96 14.49 -27.33 3.78
CA ASP B 96 15.11 -26.53 2.73
C ASP B 96 15.72 -25.26 3.30
N ILE B 97 15.03 -24.65 4.25
CA ILE B 97 15.50 -23.43 4.89
C ILE B 97 16.66 -23.73 5.83
N ASN B 98 16.50 -24.77 6.65
CA ASN B 98 17.52 -25.16 7.60
C ASN B 98 18.71 -25.82 6.91
N LEU B 99 18.41 -26.68 5.94
CA LEU B 99 19.43 -27.39 5.18
C LEU B 99 20.43 -28.11 6.09
N ASP B 100 19.92 -29.11 6.82
CA ASP B 100 20.72 -29.90 7.75
C ASP B 100 20.95 -29.17 9.08
N VAL B 101 20.68 -29.85 10.19
CA VAL B 101 20.82 -29.28 11.53
C VAL B 101 19.85 -28.10 11.73
N PRO B 102 18.57 -28.41 12.00
CA PRO B 102 17.54 -27.39 12.19
C PRO B 102 17.56 -26.76 13.57
N HIS B 103 18.36 -25.70 13.73
CA HIS B 103 18.45 -25.00 15.01
C HIS B 103 17.20 -24.15 15.26
N SER B 104 16.39 -23.98 14.23
CA SER B 104 15.17 -23.19 14.34
C SER B 104 14.04 -24.00 14.96
N TYR B 105 14.37 -25.22 15.40
CA TYR B 105 13.39 -26.11 16.02
C TYR B 105 12.73 -25.46 17.22
N SER B 106 13.51 -24.64 17.93
CA SER B 106 13.01 -23.93 19.10
C SER B 106 11.89 -22.97 18.69
N VAL B 107 12.11 -22.24 17.60
CA VAL B 107 11.13 -21.29 17.09
C VAL B 107 9.91 -22.05 16.56
N LEU B 108 10.19 -23.07 15.75
CA LEU B 108 9.14 -23.89 15.16
C LEU B 108 8.18 -24.45 16.20
N GLU B 109 8.72 -25.11 17.21
CA GLU B 109 7.90 -25.70 18.27
C GLU B 109 7.09 -24.67 19.04
N ARG B 110 7.77 -23.68 19.61
CA ARG B 110 7.10 -22.63 20.37
C ARG B 110 5.98 -21.96 19.59
N PHE B 111 6.26 -21.62 18.33
CA PHE B 111 5.28 -20.99 17.45
C PHE B 111 4.03 -21.84 17.30
N VAL B 112 4.20 -23.13 16.99
CA VAL B 112 3.08 -24.04 16.83
C VAL B 112 2.40 -24.29 18.18
N GLU B 113 3.24 -24.38 19.22
CA GLU B 113 2.79 -24.60 20.58
C GLU B 113 1.82 -23.51 21.00
N GLU B 114 2.20 -22.26 20.73
CA GLU B 114 1.36 -21.11 21.06
C GLU B 114 0.07 -21.15 20.24
N CYS B 115 0.20 -21.43 18.95
CA CYS B 115 -0.95 -21.52 18.07
C CYS B 115 -1.97 -22.53 18.59
N PHE B 116 -1.51 -23.75 18.88
CA PHE B 116 -2.40 -24.77 19.43
C PHE B 116 -3.06 -24.29 20.72
N GLN B 117 -2.25 -23.73 21.64
CA GLN B 117 -2.77 -23.22 22.90
C GLN B 117 -3.82 -22.15 22.66
N ALA B 118 -3.61 -21.32 21.65
CA ALA B 118 -4.55 -20.26 21.30
C ALA B 118 -5.92 -20.84 20.92
N GLY B 119 -5.92 -22.09 20.47
CA GLY B 119 -7.17 -22.74 20.11
C GLY B 119 -7.62 -22.41 18.71
N ILE B 120 -6.68 -22.23 17.80
CA ILE B 120 -7.02 -21.90 16.42
C ILE B 120 -6.88 -23.10 15.51
N ILE B 121 -6.07 -24.07 15.94
CA ILE B 121 -5.82 -25.29 15.18
C ILE B 121 -5.84 -26.49 16.13
N SER B 122 -6.41 -27.61 15.72
CA SER B 122 -6.46 -28.79 16.56
C SER B 122 -5.14 -29.56 16.59
N LYS B 123 -5.15 -30.67 17.32
CA LYS B 123 -3.98 -31.53 17.49
C LYS B 123 -3.49 -32.12 16.18
N GLN B 124 -4.40 -32.33 15.22
CA GLN B 124 -4.04 -32.91 13.92
C GLN B 124 -2.87 -32.19 13.24
N LEU B 125 -2.87 -30.87 13.33
CA LEU B 125 -1.80 -30.08 12.72
C LEU B 125 -0.54 -30.16 13.57
N ARG B 126 -0.73 -30.20 14.89
CA ARG B 126 0.40 -30.28 15.83
C ARG B 126 1.13 -31.61 15.63
N ASP B 127 0.39 -32.64 15.24
CA ASP B 127 0.95 -33.97 15.02
C ASP B 127 1.84 -33.99 13.79
N LEU B 128 1.61 -33.05 12.88
CA LEU B 128 2.41 -32.95 11.65
C LEU B 128 3.70 -32.20 11.93
N CYS B 129 3.74 -31.55 13.08
CA CYS B 129 4.91 -30.80 13.50
C CYS B 129 5.94 -31.75 14.09
N PRO B 130 7.21 -31.65 13.67
CA PRO B 130 8.29 -32.50 14.17
C PRO B 130 8.50 -32.30 15.68
N SER B 131 7.71 -33.01 16.46
CA SER B 131 7.78 -32.93 17.91
C SER B 131 8.76 -33.99 18.42
N GLY A 1 2.11 30.42 -2.13
CA GLY A 1 1.52 30.58 -0.80
C GLY A 1 0.01 30.41 -0.82
N LEU A 2 -0.70 31.51 -0.64
CA LEU A 2 -2.16 31.47 -0.67
C LEU A 2 -2.67 31.40 -2.10
N PRO A 3 -3.63 30.50 -2.36
CA PRO A 3 -4.22 30.35 -3.69
C PRO A 3 -5.33 31.36 -3.92
N LEU A 4 -5.26 32.07 -5.05
CA LEU A 4 -6.26 33.07 -5.37
C LEU A 4 -7.49 32.43 -6.02
N ASP A 5 -8.67 32.82 -5.53
CA ASP A 5 -9.93 32.29 -6.04
C ASP A 5 -10.01 30.78 -5.88
N GLU A 6 -9.91 30.35 -4.63
CA GLU A 6 -9.93 28.93 -4.28
C GLU A 6 -11.16 28.20 -4.83
N ARG A 7 -12.34 28.75 -4.59
CA ARG A 7 -13.59 28.11 -5.01
C ARG A 7 -13.82 28.20 -6.50
N ALA A 8 -13.39 29.29 -7.11
CA ALA A 8 -13.54 29.48 -8.55
C ALA A 8 -12.74 28.44 -9.31
N PHE A 9 -11.65 28.01 -8.70
CA PHE A 9 -10.77 27.02 -9.30
C PHE A 9 -11.37 25.60 -9.29
N GLU A 10 -11.88 25.18 -8.12
CA GLU A 10 -12.45 23.84 -7.98
C GLU A 10 -13.55 23.56 -8.99
N LYS A 11 -14.58 24.39 -8.95
CA LYS A 11 -15.75 24.24 -9.82
C LYS A 11 -15.38 24.21 -11.31
N THR A 12 -14.40 25.01 -11.70
CA THR A 12 -13.98 25.07 -13.09
C THR A 12 -13.21 23.82 -13.53
N LEU A 13 -12.32 23.33 -12.66
CA LEU A 13 -11.53 22.14 -12.98
C LEU A 13 -12.32 20.84 -12.81
N THR A 14 -13.41 20.88 -12.05
CA THR A 14 -14.23 19.69 -11.80
C THR A 14 -14.56 18.89 -13.07
N PRO A 15 -15.28 19.48 -14.06
CA PRO A 15 -15.64 18.78 -15.30
C PRO A 15 -14.43 18.35 -16.12
N ILE A 16 -13.37 19.15 -16.07
CA ILE A 16 -12.15 18.86 -16.83
C ILE A 16 -11.54 17.52 -16.40
N ILE A 17 -11.25 17.39 -15.11
CA ILE A 17 -10.67 16.16 -14.58
C ILE A 17 -11.70 15.02 -14.61
N GLN A 18 -12.94 15.32 -14.24
CA GLN A 18 -14.01 14.34 -14.25
C GLN A 18 -14.06 13.58 -15.57
N GLU A 19 -14.10 14.32 -16.67
CA GLU A 19 -14.13 13.70 -18.00
C GLU A 19 -12.81 13.09 -18.41
N TYR A 20 -11.74 13.52 -17.74
CA TYR A 20 -10.40 13.02 -18.02
C TYR A 20 -10.34 11.51 -17.77
N PHE A 21 -10.91 11.06 -16.65
CA PHE A 21 -10.92 9.64 -16.32
C PHE A 21 -11.72 8.85 -17.35
N GLU A 22 -12.61 9.55 -18.02
CA GLU A 22 -13.44 8.94 -19.06
C GLU A 22 -12.63 8.80 -20.33
N HIS A 23 -12.05 9.92 -20.78
CA HIS A 23 -11.26 9.96 -22.00
C HIS A 23 -9.97 9.16 -21.89
N GLY A 24 -9.13 9.52 -20.92
CA GLY A 24 -7.86 8.83 -20.74
C GLY A 24 -6.70 9.62 -21.28
N ASP A 25 -7.00 10.68 -22.01
CA ASP A 25 -5.96 11.53 -22.61
C ASP A 25 -5.64 12.74 -21.74
N THR A 26 -4.38 12.85 -21.34
CA THR A 26 -3.93 13.96 -20.52
C THR A 26 -3.66 15.24 -21.33
N ASN A 27 -3.47 15.10 -22.65
CA ASN A 27 -3.17 16.24 -23.54
C ASN A 27 -4.23 17.34 -23.46
N GLU A 28 -5.47 16.91 -23.32
CA GLU A 28 -6.59 17.83 -23.22
C GLU A 28 -6.43 18.72 -21.99
N VAL A 29 -6.08 18.09 -20.88
CA VAL A 29 -5.88 18.81 -19.63
C VAL A 29 -4.78 19.85 -19.77
N ALA A 30 -3.65 19.45 -20.36
CA ALA A 30 -2.52 20.36 -20.55
C ALA A 30 -2.91 21.61 -21.35
N GLU A 31 -3.50 21.39 -22.53
CA GLU A 31 -3.94 22.48 -23.38
C GLU A 31 -4.81 23.48 -22.61
N MET A 32 -5.74 22.96 -21.81
CA MET A 32 -6.63 23.78 -21.01
C MET A 32 -5.87 24.51 -19.90
N LEU A 33 -4.89 23.83 -19.33
CA LEU A 33 -4.09 24.40 -18.24
C LEU A 33 -3.37 25.67 -18.65
N ARG A 34 -2.67 25.62 -19.78
CA ARG A 34 -1.95 26.80 -20.28
C ARG A 34 -2.92 27.94 -20.58
N ASP A 35 -4.08 27.57 -21.12
CA ASP A 35 -5.13 28.54 -21.45
C ASP A 35 -5.49 29.34 -20.21
N LEU A 36 -5.67 28.63 -19.10
CA LEU A 36 -6.01 29.25 -17.82
C LEU A 36 -4.83 30.08 -17.30
N ASN A 37 -3.62 29.57 -17.53
CA ASN A 37 -2.38 30.23 -17.11
C ASN A 37 -2.36 30.48 -15.61
N LEU A 38 -2.01 29.43 -14.87
CA LEU A 38 -1.97 29.51 -13.42
C LEU A 38 -0.54 29.54 -12.90
N GLY A 39 -0.31 30.29 -11.84
CA GLY A 39 1.02 30.36 -11.25
C GLY A 39 1.19 29.33 -10.16
N GLU A 40 1.08 29.77 -8.91
CA GLU A 40 1.20 28.87 -7.78
C GLU A 40 -0.05 28.00 -7.67
N MET A 41 -1.14 28.51 -8.22
CA MET A 41 -2.42 27.81 -8.23
C MET A 41 -2.35 26.58 -9.12
N LYS A 42 -1.29 26.48 -9.91
CA LYS A 42 -1.10 25.35 -10.82
C LYS A 42 -0.94 24.05 -10.03
N SER A 43 -0.45 24.17 -8.80
CA SER A 43 -0.26 23.01 -7.94
C SER A 43 -1.62 22.47 -7.51
N GLY A 44 -2.62 23.33 -7.57
CA GLY A 44 -3.98 22.96 -7.20
C GLY A 44 -4.55 21.85 -8.07
N VAL A 45 -4.31 21.93 -9.39
CA VAL A 45 -4.80 20.93 -10.33
C VAL A 45 -4.54 19.48 -9.88
N PRO A 46 -3.26 19.07 -9.70
CA PRO A 46 -2.92 17.72 -9.26
C PRO A 46 -3.56 17.37 -7.91
N VAL A 47 -3.80 18.40 -7.09
CA VAL A 47 -4.44 18.19 -5.79
C VAL A 47 -5.88 17.71 -5.99
N LEU A 48 -6.65 18.45 -6.78
CA LEU A 48 -8.03 18.10 -7.07
C LEU A 48 -8.13 16.69 -7.64
N ALA A 49 -7.31 16.42 -8.66
CA ALA A 49 -7.24 15.10 -9.30
C ALA A 49 -7.09 13.97 -8.27
N VAL A 50 -6.46 14.31 -7.16
CA VAL A 50 -6.23 13.34 -6.09
C VAL A 50 -7.50 13.14 -5.25
N SER A 51 -8.13 14.26 -4.90
CA SER A 51 -9.35 14.26 -4.06
C SER A 51 -10.50 13.50 -4.71
N LEU A 52 -10.77 13.80 -5.97
CA LEU A 52 -11.85 13.12 -6.70
C LEU A 52 -11.58 11.63 -6.81
N ALA A 53 -10.34 11.29 -7.15
CA ALA A 53 -9.90 9.90 -7.27
C ALA A 53 -10.16 9.10 -6.00
N LEU A 54 -10.25 9.78 -4.87
CA LEU A 54 -10.52 9.12 -3.61
C LEU A 54 -11.99 8.69 -3.55
N GLU A 55 -12.88 9.52 -4.10
CA GLU A 55 -14.30 9.23 -4.09
C GLU A 55 -14.61 8.07 -5.03
N GLY A 56 -13.96 8.09 -6.19
CA GLY A 56 -14.14 7.02 -7.14
C GLY A 56 -13.40 5.77 -6.73
N LYS A 57 -13.52 4.73 -7.53
CA LYS A 57 -12.85 3.46 -7.25
C LYS A 57 -11.34 3.59 -7.39
N ALA A 58 -10.65 2.49 -7.11
CA ALA A 58 -9.18 2.45 -7.20
C ALA A 58 -8.70 2.74 -8.61
N SER A 59 -9.49 2.36 -9.61
CA SER A 59 -9.16 2.59 -11.00
C SER A 59 -9.02 4.08 -11.29
N HIS A 60 -9.81 4.88 -10.60
CA HIS A 60 -9.76 6.33 -10.78
C HIS A 60 -8.50 6.92 -10.15
N ARG A 61 -7.91 6.20 -9.20
CA ARG A 61 -6.69 6.66 -8.54
C ARG A 61 -5.48 6.46 -9.45
N GLU A 62 -5.27 5.21 -9.86
CA GLU A 62 -4.15 4.86 -10.76
C GLU A 62 -4.15 5.73 -12.02
N MET A 63 -5.33 6.18 -12.43
CA MET A 63 -5.47 7.02 -13.60
C MET A 63 -4.82 8.39 -13.36
N THR A 64 -4.75 8.79 -12.09
CA THR A 64 -4.16 10.06 -11.72
C THR A 64 -2.64 10.01 -11.89
N SER A 65 -2.01 8.91 -11.45
CA SER A 65 -0.57 8.74 -11.57
C SER A 65 -0.06 9.00 -12.98
N LYS A 66 -0.88 8.69 -13.99
CA LYS A 66 -0.49 8.93 -15.38
C LYS A 66 -0.50 10.43 -15.66
N LEU A 67 -1.50 11.11 -15.11
CA LEU A 67 -1.65 12.54 -15.30
C LEU A 67 -0.52 13.30 -14.62
N LEU A 68 -0.12 12.80 -13.46
CA LEU A 68 0.93 13.42 -12.66
C LEU A 68 2.22 13.62 -13.47
N SER A 69 2.82 12.52 -13.90
CA SER A 69 4.06 12.58 -14.67
C SER A 69 3.86 13.22 -16.04
N ASP A 70 2.65 13.14 -16.54
CA ASP A 70 2.35 13.73 -17.85
C ASP A 70 2.41 15.24 -17.75
N LEU A 71 1.74 15.77 -16.73
CA LEU A 71 1.72 17.20 -16.49
C LEU A 71 3.10 17.76 -16.15
N CYS A 72 3.87 17.05 -15.34
CA CYS A 72 5.21 17.51 -14.96
C CYS A 72 6.15 17.44 -16.14
N GLY A 73 6.89 18.52 -16.35
CA GLY A 73 7.82 18.59 -17.45
C GLY A 73 7.18 19.23 -18.66
N THR A 74 5.88 18.98 -18.81
CA THR A 74 5.13 19.54 -19.91
C THR A 74 4.59 20.93 -19.56
N VAL A 75 3.74 20.99 -18.53
CA VAL A 75 3.15 22.26 -18.11
C VAL A 75 3.43 22.58 -16.64
N MET A 76 3.94 21.61 -15.90
CA MET A 76 4.23 21.81 -14.48
C MET A 76 5.69 21.55 -14.19
N SER A 77 6.27 22.36 -13.32
CA SER A 77 7.68 22.21 -12.97
C SER A 77 7.83 21.26 -11.78
N THR A 78 9.03 20.72 -11.61
CA THR A 78 9.34 19.83 -10.50
C THR A 78 8.85 20.37 -9.16
N THR A 79 9.06 21.66 -8.91
CA THR A 79 8.63 22.29 -7.67
C THR A 79 7.10 22.35 -7.60
N ASP A 80 6.48 22.52 -8.77
CA ASP A 80 5.02 22.58 -8.87
C ASP A 80 4.38 21.35 -8.26
N VAL A 81 4.86 20.18 -8.66
CA VAL A 81 4.32 18.92 -8.15
C VAL A 81 4.62 18.77 -6.66
N GLU A 82 5.82 19.18 -6.26
CA GLU A 82 6.22 19.11 -4.86
C GLU A 82 5.28 19.94 -3.99
N LYS A 83 5.04 21.18 -4.43
CA LYS A 83 4.14 22.09 -3.71
C LYS A 83 2.73 21.51 -3.59
N SER A 84 2.34 20.67 -4.54
CA SER A 84 1.02 20.05 -4.52
C SER A 84 0.90 19.11 -3.34
N PHE A 85 1.94 18.31 -3.13
CA PHE A 85 1.94 17.36 -2.02
C PHE A 85 1.82 18.07 -0.68
N ASP A 86 2.53 19.20 -0.55
CA ASP A 86 2.51 19.99 0.68
C ASP A 86 1.09 20.46 1.00
N LYS A 87 0.49 21.14 0.03
CA LYS A 87 -0.88 21.63 0.16
C LYS A 87 -1.88 20.51 0.38
N LEU A 88 -1.63 19.38 -0.26
CA LEU A 88 -2.51 18.23 -0.15
C LEU A 88 -2.51 17.70 1.29
N LEU A 89 -1.33 17.36 1.79
CA LEU A 89 -1.17 16.87 3.16
C LEU A 89 -1.92 17.68 4.19
N LYS A 90 -1.94 19.00 4.03
CA LYS A 90 -2.62 19.89 4.97
C LYS A 90 -4.14 19.76 4.86
N ASP A 91 -4.63 19.37 3.69
CA ASP A 91 -6.05 19.21 3.44
C ASP A 91 -6.56 17.86 3.96
N LEU A 92 -5.72 16.83 3.81
CA LEU A 92 -6.03 15.46 4.25
C LEU A 92 -6.90 15.34 5.50
N PRO A 93 -6.54 15.98 6.64
CA PRO A 93 -7.32 15.90 7.87
C PRO A 93 -8.82 16.20 7.69
N GLU A 94 -9.19 16.95 6.64
CA GLU A 94 -10.58 17.27 6.40
C GLU A 94 -11.31 16.12 5.71
N LEU A 95 -10.82 15.71 4.54
CA LEU A 95 -11.41 14.58 3.80
C LEU A 95 -11.38 13.27 4.57
N ALA A 96 -10.43 13.15 5.49
CA ALA A 96 -10.29 11.94 6.29
C ALA A 96 -11.57 11.65 7.06
N LEU A 97 -12.35 12.70 7.34
CA LEU A 97 -13.60 12.56 8.07
C LEU A 97 -14.64 11.77 7.27
N ASP A 98 -14.86 12.16 6.03
CA ASP A 98 -15.83 11.49 5.17
C ASP A 98 -15.22 10.31 4.42
N THR A 99 -14.01 9.95 4.80
CA THR A 99 -13.28 8.84 4.17
C THR A 99 -12.10 8.44 5.05
N PRO A 100 -12.25 7.42 5.90
CA PRO A 100 -11.18 6.97 6.79
C PRO A 100 -9.99 6.41 6.03
N ARG A 101 -10.20 6.10 4.76
CA ARG A 101 -9.15 5.56 3.92
C ARG A 101 -8.49 6.66 3.09
N ALA A 102 -8.96 7.89 3.26
CA ALA A 102 -8.40 9.02 2.51
C ALA A 102 -6.88 9.19 2.70
N PRO A 103 -6.39 9.35 3.94
CA PRO A 103 -4.95 9.51 4.19
C PRO A 103 -4.17 8.27 3.79
N GLN A 104 -4.76 7.12 4.10
CA GLN A 104 -4.16 5.83 3.79
C GLN A 104 -3.90 5.69 2.29
N LEU A 105 -4.86 6.12 1.47
CA LEU A 105 -4.71 6.07 0.02
C LEU A 105 -3.72 7.13 -0.46
N VAL A 106 -3.84 8.33 0.10
CA VAL A 106 -2.98 9.45 -0.26
C VAL A 106 -1.50 9.07 -0.22
N GLY A 107 -1.10 8.31 0.79
CA GLY A 107 0.28 7.89 0.92
C GLY A 107 0.82 7.19 -0.32
N GLN A 108 -0.07 6.48 -1.02
CA GLN A 108 0.29 5.77 -2.23
C GLN A 108 0.72 6.72 -3.33
N PHE A 109 0.06 7.87 -3.39
CA PHE A 109 0.35 8.87 -4.40
C PHE A 109 1.73 9.49 -4.19
N ILE A 110 2.21 9.50 -2.95
CA ILE A 110 3.51 10.08 -2.64
C ILE A 110 4.62 9.15 -3.14
N ALA A 111 4.54 7.88 -2.74
CA ALA A 111 5.54 6.89 -3.14
C ALA A 111 5.60 6.76 -4.66
N ARG A 112 4.43 6.73 -5.28
CA ARG A 112 4.33 6.63 -6.73
C ARG A 112 5.08 7.77 -7.41
N ALA A 113 4.91 8.98 -6.89
CA ALA A 113 5.57 10.16 -7.44
C ALA A 113 7.09 10.05 -7.42
N VAL A 114 7.62 9.38 -6.38
CA VAL A 114 9.06 9.21 -6.27
C VAL A 114 9.53 8.18 -7.29
N GLY A 115 8.82 7.05 -7.33
CA GLY A 115 9.13 5.99 -8.27
C GLY A 115 9.12 6.49 -9.71
N ASP A 116 8.11 7.28 -10.06
CA ASP A 116 8.00 7.83 -11.40
C ASP A 116 9.14 8.82 -11.66
N GLY A 117 9.47 9.60 -10.63
CA GLY A 117 10.55 10.55 -10.74
C GLY A 117 10.08 11.99 -10.82
N ILE A 118 8.95 12.28 -10.18
CA ILE A 118 8.41 13.63 -10.20
C ILE A 118 8.47 14.29 -8.83
N LEU A 119 8.83 13.52 -7.81
CA LEU A 119 8.93 14.05 -6.47
C LEU A 119 10.26 13.68 -5.83
N CYS A 120 10.75 14.53 -4.93
CA CYS A 120 12.01 14.28 -4.25
C CYS A 120 11.87 13.12 -3.26
N ASN A 121 12.83 12.22 -3.27
CA ASN A 121 12.80 11.06 -2.38
C ASN A 121 12.95 11.44 -0.91
N THR A 122 13.77 12.46 -0.64
CA THR A 122 14.00 12.91 0.73
C THR A 122 12.84 13.76 1.28
N TYR A 123 11.73 13.78 0.55
CA TYR A 123 10.56 14.56 0.99
C TYR A 123 10.06 14.02 2.32
N ILE A 124 10.21 12.72 2.53
CA ILE A 124 9.79 12.08 3.77
C ILE A 124 10.67 12.52 4.94
N ASP A 125 11.96 12.68 4.67
CA ASP A 125 12.91 13.10 5.70
C ASP A 125 12.64 14.53 6.15
N SER A 126 12.13 15.33 5.22
CA SER A 126 11.77 16.70 5.50
C SER A 126 10.53 16.78 6.44
N TYR A 127 9.72 15.71 6.46
CA TYR A 127 8.51 15.64 7.29
C TYR A 127 8.69 14.68 8.48
N LYS A 128 9.95 14.34 8.71
CA LYS A 128 10.44 13.42 9.76
C LYS A 128 10.47 13.90 11.22
N GLY A 129 9.33 14.40 11.70
CA GLY A 129 9.24 14.91 13.05
C GLY A 129 8.85 16.36 13.00
N THR A 130 8.59 16.78 11.78
CA THR A 130 8.19 18.14 11.49
C THR A 130 6.66 18.24 11.43
N VAL A 131 5.98 17.10 11.38
CA VAL A 131 4.52 17.09 11.29
C VAL A 131 3.88 16.96 12.67
N ASP A 132 2.99 17.90 12.99
CA ASP A 132 2.29 17.88 14.27
C ASP A 132 0.91 17.23 14.13
N CYS A 133 0.59 16.85 12.89
CA CYS A 133 -0.70 16.22 12.60
C CYS A 133 -0.55 14.70 12.50
N VAL A 134 -1.53 13.98 13.01
CA VAL A 134 -1.50 12.52 12.98
C VAL A 134 -1.76 11.97 11.57
N GLN A 135 -2.90 12.33 10.99
CA GLN A 135 -3.27 11.88 9.64
C GLN A 135 -2.15 12.07 8.63
N ALA A 136 -1.57 13.26 8.59
CA ALA A 136 -0.50 13.56 7.66
C ALA A 136 0.70 12.65 7.91
N ARG A 137 0.98 12.37 9.18
CA ARG A 137 2.09 11.50 9.56
C ARG A 137 1.92 10.09 9.02
N ALA A 138 0.76 9.49 9.30
CA ALA A 138 0.50 8.12 8.86
C ALA A 138 0.50 8.00 7.34
N ALA A 139 0.09 9.07 6.67
CA ALA A 139 0.07 9.09 5.21
C ALA A 139 1.49 8.95 4.67
N LEU A 140 2.41 9.68 5.29
CA LEU A 140 3.81 9.63 4.89
C LEU A 140 4.42 8.30 5.33
N ASP A 141 3.96 7.80 6.47
CA ASP A 141 4.44 6.53 7.01
C ASP A 141 4.21 5.41 5.99
N LYS A 142 2.97 5.23 5.59
CA LYS A 142 2.63 4.22 4.59
C LYS A 142 3.44 4.42 3.31
N ALA A 143 3.62 5.68 2.93
CA ALA A 143 4.38 6.01 1.73
C ALA A 143 5.82 5.51 1.83
N THR A 144 6.35 5.54 3.05
CA THR A 144 7.71 5.08 3.30
C THR A 144 7.85 3.58 3.06
N VAL A 145 6.90 2.79 3.55
CA VAL A 145 6.95 1.35 3.37
C VAL A 145 6.58 0.95 1.95
N LEU A 146 5.70 1.73 1.32
CA LEU A 146 5.24 1.46 -0.04
C LEU A 146 6.42 1.29 -1.00
N LEU A 147 7.44 2.11 -0.82
CA LEU A 147 8.62 2.04 -1.67
C LEU A 147 9.33 0.70 -1.48
N SER A 148 9.49 0.29 -0.23
CA SER A 148 10.16 -0.96 0.08
C SER A 148 9.35 -2.17 -0.40
N MET A 149 8.03 -2.03 -0.37
CA MET A 149 7.15 -3.11 -0.82
C MET A 149 7.17 -3.24 -2.33
N SER A 150 7.09 -2.10 -3.01
CA SER A 150 7.09 -2.07 -4.46
C SER A 150 8.41 -2.55 -5.06
N LYS A 151 9.49 -2.41 -4.30
CA LYS A 151 10.81 -2.83 -4.75
C LYS A 151 10.91 -4.35 -4.83
N GLY A 152 10.23 -5.02 -3.91
CA GLY A 152 10.25 -6.47 -3.90
C GLY A 152 9.46 -7.07 -5.04
N GLY A 153 8.63 -6.24 -5.66
CA GLY A 153 7.83 -6.69 -6.76
C GLY A 153 8.03 -5.79 -7.97
N LYS A 154 9.28 -5.57 -8.33
CA LYS A 154 9.62 -4.73 -9.48
C LYS A 154 9.37 -5.51 -10.77
N ARG A 155 10.12 -6.58 -10.94
CA ARG A 155 9.99 -7.43 -12.12
C ARG A 155 9.78 -8.87 -11.67
N LYS A 156 8.58 -9.15 -11.18
CA LYS A 156 8.24 -10.48 -10.70
C LYS A 156 7.15 -11.11 -11.56
N ASP A 157 6.59 -10.31 -12.46
CA ASP A 157 5.53 -10.79 -13.34
C ASP A 157 5.83 -10.44 -14.79
N SER A 158 5.62 -11.39 -15.67
CA SER A 158 5.87 -11.20 -17.09
C SER A 158 4.76 -11.83 -17.92
N VAL A 159 3.52 -11.71 -17.44
CA VAL A 159 2.37 -12.27 -18.14
C VAL A 159 2.13 -11.54 -19.46
N TRP A 160 2.40 -10.24 -19.47
CA TRP A 160 2.20 -9.42 -20.66
C TRP A 160 3.38 -8.48 -20.87
N GLY A 161 3.38 -7.79 -22.01
CA GLY A 161 4.44 -6.85 -22.30
C GLY A 161 3.88 -5.46 -22.49
N SER A 162 2.59 -5.33 -22.26
CA SER A 162 1.90 -4.06 -22.40
C SER A 162 1.85 -3.32 -21.06
N GLY A 163 1.35 -2.09 -21.08
CA GLY A 163 1.25 -1.32 -19.86
C GLY A 163 2.40 -0.34 -19.73
N GLY B 1 1.92 2.59 -20.19
CA GLY B 1 2.41 3.08 -18.88
C GLY B 1 1.34 3.83 -18.14
N GLY B 2 1.72 4.53 -17.07
CA GLY B 2 0.76 5.28 -16.28
C GLY B 2 -0.16 4.39 -15.49
N GLN B 3 -1.19 3.89 -16.15
CA GLN B 3 -2.16 3.01 -15.51
C GLN B 3 -1.75 1.56 -15.72
N GLN B 4 -1.49 0.86 -14.62
CA GLN B 4 -1.10 -0.55 -14.69
C GLN B 4 -2.33 -1.44 -14.91
N PRO B 5 -2.15 -2.58 -15.61
CA PRO B 5 -3.22 -3.53 -15.89
C PRO B 5 -3.67 -4.28 -14.64
N VAL B 6 -4.66 -5.16 -14.81
CA VAL B 6 -5.19 -5.95 -13.70
C VAL B 6 -4.11 -6.72 -12.97
N ASN B 7 -3.96 -6.41 -11.69
CA ASN B 7 -2.96 -7.04 -10.85
C ASN B 7 -3.43 -8.42 -10.38
N HIS B 8 -2.48 -9.27 -10.02
CA HIS B 8 -2.81 -10.62 -9.55
C HIS B 8 -1.70 -11.22 -8.71
N LEU B 9 -1.97 -11.35 -7.41
CA LEU B 9 -1.04 -11.92 -6.43
C LEU B 9 0.18 -11.05 -6.15
N VAL B 10 0.91 -10.70 -7.21
CA VAL B 10 2.10 -9.88 -7.10
C VAL B 10 1.77 -8.53 -6.48
N LYS B 11 2.58 -8.11 -5.50
CA LYS B 11 2.41 -6.83 -4.81
C LYS B 11 1.29 -6.87 -3.77
N GLU B 12 0.20 -7.58 -4.08
CA GLU B 12 -0.95 -7.67 -3.18
C GLU B 12 -0.57 -8.28 -1.84
N ILE B 13 0.01 -9.48 -1.89
CA ILE B 13 0.41 -10.18 -0.68
C ILE B 13 1.56 -9.47 0.01
N ASP B 14 2.47 -8.91 -0.77
CA ASP B 14 3.62 -8.18 -0.23
C ASP B 14 3.17 -6.98 0.58
N MET B 15 2.32 -6.15 -0.02
CA MET B 15 1.82 -4.94 0.64
C MET B 15 1.02 -5.26 1.89
N LEU B 16 0.48 -6.46 1.96
CA LEU B 16 -0.30 -6.88 3.11
C LEU B 16 0.61 -7.18 4.31
N LEU B 17 1.65 -7.96 4.07
CA LEU B 17 2.59 -8.32 5.13
C LEU B 17 3.71 -7.31 5.44
N LYS B 18 4.37 -6.79 4.40
CA LYS B 18 5.50 -5.88 4.56
C LYS B 18 5.15 -4.56 5.25
N GLU B 19 3.96 -4.04 4.97
CA GLU B 19 3.53 -2.80 5.57
C GLU B 19 3.38 -2.97 7.07
N TYR B 20 2.96 -4.16 7.47
CA TYR B 20 2.76 -4.46 8.88
C TYR B 20 4.10 -4.54 9.61
N LEU B 21 5.14 -4.91 8.88
CA LEU B 21 6.47 -5.02 9.45
C LEU B 21 7.04 -3.66 9.83
N LEU B 22 7.04 -2.71 8.90
CA LEU B 22 7.58 -1.38 9.16
C LEU B 22 6.57 -0.44 9.80
N SER B 23 5.39 -0.31 9.19
CA SER B 23 4.37 0.58 9.73
C SER B 23 3.76 -0.01 11.01
N GLY B 24 2.99 -1.08 10.88
CA GLY B 24 2.40 -1.70 12.05
C GLY B 24 0.94 -1.32 12.24
N ASP B 25 0.23 -1.15 11.14
CA ASP B 25 -1.19 -0.79 11.23
C ASP B 25 -2.10 -1.97 10.92
N ILE B 26 -2.85 -2.40 11.92
CA ILE B 26 -3.77 -3.51 11.77
C ILE B 26 -4.88 -3.14 10.80
N SER B 27 -5.57 -2.04 11.09
CA SER B 27 -6.66 -1.55 10.26
C SER B 27 -6.27 -1.38 8.78
N GLU B 28 -5.03 -1.01 8.53
CA GLU B 28 -4.55 -0.81 7.16
C GLU B 28 -4.35 -2.15 6.47
N ALA B 29 -3.67 -3.06 7.17
CA ALA B 29 -3.43 -4.40 6.63
C ALA B 29 -4.76 -5.10 6.42
N GLU B 30 -5.66 -4.92 7.38
CA GLU B 30 -6.99 -5.52 7.32
C GLU B 30 -7.76 -4.92 6.14
N HIS B 31 -7.56 -3.63 5.92
CA HIS B 31 -8.25 -2.93 4.83
C HIS B 31 -7.79 -3.46 3.48
N CYS B 32 -6.53 -3.84 3.38
CA CYS B 32 -5.97 -4.36 2.13
C CYS B 32 -6.46 -5.79 1.88
N LEU B 33 -6.56 -6.57 2.96
CA LEU B 33 -7.00 -7.96 2.86
C LEU B 33 -8.41 -8.09 2.32
N LYS B 34 -9.32 -7.21 2.76
CA LYS B 34 -10.70 -7.25 2.31
C LYS B 34 -10.78 -7.10 0.79
N GLU B 35 -10.18 -6.01 0.31
CA GLU B 35 -10.14 -5.71 -1.14
C GLU B 35 -9.76 -6.93 -1.99
N LEU B 36 -9.04 -7.89 -1.41
CA LEU B 36 -8.72 -9.11 -2.12
C LEU B 36 -9.92 -10.08 -2.10
N GLU B 37 -10.46 -10.31 -3.28
CA GLU B 37 -11.64 -11.16 -3.47
C GLU B 37 -11.38 -12.67 -3.45
N VAL B 38 -10.26 -13.07 -2.87
CA VAL B 38 -9.87 -14.48 -2.83
C VAL B 38 -9.74 -15.08 -1.41
N PRO B 39 -10.80 -15.74 -0.92
CA PRO B 39 -10.77 -16.37 0.42
C PRO B 39 -9.99 -17.69 0.40
N HIS B 40 -10.09 -18.43 -0.70
CA HIS B 40 -9.42 -19.72 -0.83
C HIS B 40 -7.91 -19.58 -1.03
N PHE B 41 -7.44 -18.36 -1.30
CA PHE B 41 -6.03 -18.13 -1.51
C PHE B 41 -5.38 -17.51 -0.27
N HIS B 42 -6.11 -17.54 0.84
CA HIS B 42 -5.62 -16.98 2.10
C HIS B 42 -4.50 -17.82 2.72
N HIS B 43 -4.22 -18.98 2.11
CA HIS B 43 -3.18 -19.87 2.62
C HIS B 43 -1.79 -19.27 2.48
N GLU B 44 -1.61 -18.43 1.46
CA GLU B 44 -0.32 -17.80 1.22
C GLU B 44 -0.04 -16.69 2.23
N LEU B 45 -1.10 -16.02 2.66
CA LEU B 45 -0.99 -14.96 3.66
C LEU B 45 -0.44 -15.54 4.96
N VAL B 46 -0.73 -16.82 5.16
CA VAL B 46 -0.28 -17.54 6.34
C VAL B 46 1.13 -18.08 6.12
N TYR B 47 1.34 -18.70 4.96
CA TYR B 47 2.64 -19.31 4.59
C TYR B 47 3.77 -18.30 4.64
N GLU B 48 3.61 -17.22 3.89
CA GLU B 48 4.62 -16.18 3.81
C GLU B 48 4.96 -15.64 5.20
N ALA B 49 3.93 -15.29 5.96
CA ALA B 49 4.11 -14.77 7.32
C ALA B 49 4.98 -15.64 8.23
N ILE B 50 4.92 -16.95 8.06
CA ILE B 50 5.73 -17.84 8.89
C ILE B 50 7.17 -17.86 8.39
N VAL B 51 7.30 -17.79 7.08
CA VAL B 51 8.60 -17.80 6.43
C VAL B 51 9.39 -16.52 6.75
N MET B 52 8.72 -15.51 7.30
CA MET B 52 9.41 -14.26 7.60
C MET B 52 10.04 -14.35 8.99
N VAL B 53 9.18 -14.56 10.01
CA VAL B 53 9.63 -14.70 11.43
C VAL B 53 10.77 -15.70 11.60
N LEU B 54 10.78 -16.72 10.78
CA LEU B 54 11.79 -17.76 10.84
C LEU B 54 13.15 -17.22 10.40
N GLU B 55 13.15 -16.35 9.41
CA GLU B 55 14.38 -15.78 8.85
C GLU B 55 14.58 -14.31 9.25
N SER B 56 13.77 -13.85 10.20
CA SER B 56 13.83 -12.47 10.66
C SER B 56 15.05 -12.19 11.56
N THR B 57 15.00 -11.08 12.29
CA THR B 57 16.10 -10.68 13.16
C THR B 57 15.57 -9.93 14.39
N GLY B 58 15.30 -10.66 15.46
CA GLY B 58 14.81 -10.01 16.67
C GLY B 58 13.41 -10.46 17.04
N GLU B 59 12.96 -10.03 18.22
CA GLU B 59 11.64 -10.39 18.70
C GLU B 59 10.57 -9.40 18.23
N SER B 60 10.99 -8.37 17.50
CA SER B 60 10.09 -7.35 16.98
C SER B 60 9.04 -8.00 16.07
N ALA B 61 9.54 -8.80 15.14
CA ALA B 61 8.73 -9.52 14.16
C ALA B 61 8.10 -10.76 14.79
N PHE B 62 8.57 -11.12 15.99
CA PHE B 62 8.11 -12.35 16.63
C PHE B 62 6.73 -12.13 17.26
N LYS B 63 6.51 -10.91 17.82
CA LYS B 63 5.25 -10.55 18.49
C LYS B 63 4.20 -10.00 17.51
N MET B 64 4.71 -9.35 16.45
CA MET B 64 3.87 -8.64 15.47
C MET B 64 3.30 -9.54 14.40
N ILE B 65 4.11 -10.47 13.93
CA ILE B 65 3.69 -11.38 12.87
C ILE B 65 2.93 -12.57 13.47
N LEU B 66 3.10 -12.75 14.81
CA LEU B 66 2.48 -13.85 15.53
C LEU B 66 1.01 -13.52 15.81
N ASP B 67 0.79 -12.36 16.49
CA ASP B 67 -0.56 -11.87 16.85
C ASP B 67 -1.38 -11.44 15.65
N LEU B 68 -0.67 -11.22 14.55
CA LEU B 68 -1.29 -10.80 13.31
C LEU B 68 -2.29 -11.85 12.85
N LEU B 69 -1.96 -13.12 13.03
CA LEU B 69 -2.85 -14.20 12.63
C LEU B 69 -4.07 -14.19 13.53
N LYS B 70 -3.81 -14.22 14.83
CA LYS B 70 -4.88 -14.16 15.84
C LYS B 70 -5.78 -12.94 15.67
N SER B 71 -5.21 -11.86 15.14
CA SER B 71 -5.97 -10.64 14.91
C SER B 71 -6.97 -10.87 13.80
N LEU B 72 -6.53 -11.56 12.75
CA LEU B 72 -7.39 -11.89 11.63
C LEU B 72 -8.45 -12.90 12.07
N TRP B 73 -8.02 -13.95 12.78
CA TRP B 73 -8.93 -14.96 13.34
C TRP B 73 -9.93 -14.35 14.32
N LYS B 74 -9.66 -13.13 14.76
CA LYS B 74 -10.52 -12.48 15.75
C LYS B 74 -11.81 -12.04 15.10
N SER B 75 -11.75 -11.67 13.83
CA SER B 75 -12.91 -11.22 13.08
C SER B 75 -13.34 -12.28 12.07
N SER B 76 -12.87 -13.52 12.30
CA SER B 76 -13.18 -14.64 11.42
C SER B 76 -12.79 -14.33 9.97
N THR B 77 -11.50 -14.12 9.73
CA THR B 77 -11.01 -13.81 8.40
C THR B 77 -10.28 -14.99 7.77
N ILE B 78 -9.42 -15.65 8.54
CA ILE B 78 -8.68 -16.80 8.05
C ILE B 78 -9.44 -18.09 8.35
N THR B 79 -9.39 -19.04 7.42
CA THR B 79 -10.07 -20.30 7.59
C THR B 79 -9.08 -21.38 8.01
N ILE B 80 -9.52 -22.27 8.89
CA ILE B 80 -8.67 -23.37 9.39
C ILE B 80 -8.00 -24.15 8.26
N ASP B 81 -8.72 -24.35 7.17
CA ASP B 81 -8.19 -25.07 6.01
C ASP B 81 -6.98 -24.35 5.44
N GLN B 82 -7.10 -23.03 5.32
CA GLN B 82 -6.03 -22.22 4.76
C GLN B 82 -4.78 -22.25 5.63
N MET B 83 -4.94 -22.02 6.93
CA MET B 83 -3.80 -22.03 7.85
C MET B 83 -3.21 -23.44 7.97
N LYS B 84 -4.06 -24.42 7.73
CA LYS B 84 -3.64 -25.83 7.79
C LYS B 84 -2.71 -26.14 6.63
N ARG B 85 -3.16 -25.81 5.42
CA ARG B 85 -2.38 -26.04 4.21
C ARG B 85 -1.08 -25.25 4.28
N GLY B 86 -1.18 -24.04 4.83
CA GLY B 86 -0.03 -23.19 4.95
C GLY B 86 1.03 -23.79 5.85
N TYR B 87 0.61 -24.26 7.02
CA TYR B 87 1.54 -24.87 7.96
C TYR B 87 2.12 -26.17 7.42
N GLU B 88 1.30 -26.89 6.65
CA GLU B 88 1.72 -28.16 6.07
C GLU B 88 2.87 -27.93 5.08
N ARG B 89 2.84 -26.78 4.42
CA ARG B 89 3.89 -26.45 3.46
C ARG B 89 5.16 -26.13 4.23
N ILE B 90 5.03 -25.34 5.30
CA ILE B 90 6.17 -24.95 6.14
C ILE B 90 6.93 -26.19 6.60
N TYR B 91 6.19 -27.16 7.10
CA TYR B 91 6.76 -28.42 7.57
C TYR B 91 7.65 -29.08 6.52
N ASN B 92 7.31 -28.91 5.25
CA ASN B 92 8.09 -29.48 4.16
C ASN B 92 9.20 -28.54 3.71
N GLU B 93 9.04 -27.25 4.00
CA GLU B 93 10.03 -26.23 3.63
C GLU B 93 11.20 -26.22 4.60
N ILE B 94 10.94 -26.67 5.83
CA ILE B 94 11.95 -26.71 6.90
C ILE B 94 13.30 -27.30 6.44
N PRO B 95 13.33 -28.50 5.84
CA PRO B 95 14.58 -29.13 5.36
C PRO B 95 15.37 -28.25 4.41
N ASP B 96 14.67 -27.45 3.59
CA ASP B 96 15.32 -26.58 2.61
C ASP B 96 15.95 -25.37 3.29
N ILE B 97 15.21 -24.77 4.22
CA ILE B 97 15.69 -23.59 4.94
C ILE B 97 16.80 -23.97 5.93
N ASN B 98 16.73 -25.19 6.46
CA ASN B 98 17.70 -25.65 7.44
C ASN B 98 18.95 -26.27 6.81
N LEU B 99 18.74 -27.19 5.86
CA LEU B 99 19.84 -27.88 5.20
C LEU B 99 20.70 -28.64 6.20
N ASP B 100 20.09 -29.66 6.81
CA ASP B 100 20.74 -30.52 7.80
C ASP B 100 20.97 -29.78 9.12
N VAL B 101 20.87 -30.50 10.23
CA VAL B 101 21.03 -29.91 11.56
C VAL B 101 20.01 -28.78 11.78
N PRO B 102 18.76 -29.16 12.08
CA PRO B 102 17.66 -28.20 12.29
C PRO B 102 17.73 -27.52 13.66
N HIS B 103 18.46 -26.42 13.75
CA HIS B 103 18.57 -25.69 15.01
C HIS B 103 17.39 -24.78 15.28
N SER B 104 16.59 -24.51 14.25
CA SER B 104 15.42 -23.65 14.38
C SER B 104 14.23 -24.41 14.96
N TYR B 105 14.46 -25.68 15.29
CA TYR B 105 13.41 -26.54 15.84
C TYR B 105 12.84 -25.97 17.13
N SER B 106 13.72 -25.44 17.97
CA SER B 106 13.32 -24.87 19.24
C SER B 106 12.32 -23.72 19.02
N VAL B 107 12.55 -22.96 17.96
CA VAL B 107 11.69 -21.84 17.61
C VAL B 107 10.41 -22.37 16.98
N LEU B 108 10.58 -23.36 16.09
CA LEU B 108 9.46 -23.97 15.41
C LEU B 108 8.44 -24.55 16.39
N GLU B 109 8.91 -25.37 17.33
CA GLU B 109 8.02 -25.96 18.34
C GLU B 109 7.29 -24.87 19.12
N ARG B 110 8.07 -23.95 19.67
CA ARG B 110 7.52 -22.83 20.43
C ARG B 110 6.45 -22.10 19.61
N PHE B 111 6.75 -21.85 18.35
CA PHE B 111 5.83 -21.16 17.46
C PHE B 111 4.54 -21.96 17.26
N VAL B 112 4.66 -23.28 17.08
CA VAL B 112 3.49 -24.13 16.85
C VAL B 112 2.67 -24.31 18.13
N GLU B 113 3.35 -24.56 19.25
CA GLU B 113 2.67 -24.75 20.52
C GLU B 113 1.93 -23.47 20.92
N GLU B 114 2.50 -22.34 20.57
CA GLU B 114 1.89 -21.04 20.85
C GLU B 114 0.59 -20.92 20.04
N CYS B 115 0.68 -21.28 18.77
CA CYS B 115 -0.46 -21.24 17.89
C CYS B 115 -1.61 -22.11 18.42
N PHE B 116 -1.32 -23.38 18.71
CA PHE B 116 -2.32 -24.29 19.26
C PHE B 116 -2.89 -23.78 20.58
N GLN B 117 -2.01 -23.19 21.39
CA GLN B 117 -2.41 -22.65 22.68
C GLN B 117 -3.67 -21.80 22.62
N ALA B 118 -3.95 -21.10 21.51
CA ALA B 118 -5.19 -20.32 21.51
C ALA B 118 -6.41 -21.17 21.17
N GLY B 119 -6.41 -21.94 20.07
CA GLY B 119 -7.57 -22.78 19.84
C GLY B 119 -7.88 -22.90 18.34
N ILE B 120 -7.57 -21.85 17.57
CA ILE B 120 -7.78 -21.81 16.11
C ILE B 120 -7.36 -23.09 15.36
N ILE B 121 -6.44 -23.86 15.96
CA ILE B 121 -5.96 -25.09 15.34
C ILE B 121 -5.93 -26.21 16.37
N SER B 122 -6.46 -27.38 16.02
CA SER B 122 -6.48 -28.52 16.91
C SER B 122 -5.17 -29.29 16.87
N LYS B 123 -5.14 -30.43 17.55
CA LYS B 123 -3.95 -31.26 17.63
C LYS B 123 -3.62 -31.92 16.30
N GLN B 124 -4.62 -32.05 15.42
CA GLN B 124 -4.43 -32.67 14.11
C GLN B 124 -3.30 -32.01 13.33
N LEU B 125 -3.27 -30.68 13.33
CA LEU B 125 -2.24 -29.93 12.62
C LEU B 125 -0.89 -30.11 13.30
N ARG B 126 -0.89 -30.11 14.62
CA ARG B 126 0.34 -30.29 15.41
C ARG B 126 0.91 -31.69 15.21
N ASP B 127 0.04 -32.64 14.87
CA ASP B 127 0.43 -34.02 14.64
C ASP B 127 1.35 -34.15 13.41
N LEU B 128 1.23 -33.19 12.50
CA LEU B 128 2.04 -33.18 11.30
C LEU B 128 3.32 -32.37 11.53
N CYS B 129 3.51 -31.95 12.77
CA CYS B 129 4.67 -31.16 13.15
C CYS B 129 5.67 -32.04 13.89
N PRO B 130 6.96 -31.94 13.52
CA PRO B 130 8.02 -32.72 14.15
C PRO B 130 8.26 -32.28 15.60
N SER B 131 7.55 -32.93 16.53
CA SER B 131 7.68 -32.61 17.94
C SER B 131 8.53 -33.67 18.63
N GLY A 1 2.41 30.92 -2.90
CA GLY A 1 1.81 31.48 -1.67
C GLY A 1 0.36 31.09 -1.52
N LEU A 2 -0.49 32.05 -1.21
CA LEU A 2 -1.91 31.79 -1.06
C LEU A 2 -2.64 32.02 -2.38
N PRO A 3 -3.39 31.01 -2.85
CA PRO A 3 -4.12 31.08 -4.11
C PRO A 3 -5.34 32.00 -4.03
N LEU A 4 -5.71 32.56 -5.17
CA LEU A 4 -6.86 33.45 -5.25
C LEU A 4 -8.01 32.73 -5.96
N ASP A 5 -9.22 32.94 -5.46
CA ASP A 5 -10.42 32.29 -6.02
C ASP A 5 -10.28 30.78 -5.95
N GLU A 6 -10.11 30.29 -4.73
CA GLU A 6 -9.92 28.86 -4.48
C GLU A 6 -11.11 28.00 -4.91
N ARG A 7 -12.33 28.41 -4.56
CA ARG A 7 -13.51 27.64 -4.89
C ARG A 7 -13.86 27.75 -6.37
N ALA A 8 -13.70 28.95 -6.92
CA ALA A 8 -13.97 29.18 -8.33
C ALA A 8 -13.05 28.32 -9.18
N PHE A 9 -11.85 28.08 -8.66
CA PHE A 9 -10.87 27.26 -9.33
C PHE A 9 -11.31 25.80 -9.29
N GLU A 10 -11.72 25.35 -8.11
CA GLU A 10 -12.19 23.98 -7.92
C GLU A 10 -13.39 23.71 -8.81
N LYS A 11 -14.39 24.57 -8.73
CA LYS A 11 -15.62 24.45 -9.50
C LYS A 11 -15.36 24.33 -11.00
N THR A 12 -14.40 25.10 -11.50
CA THR A 12 -14.08 25.07 -12.92
C THR A 12 -13.34 23.80 -13.31
N LEU A 13 -12.40 23.39 -12.48
CA LEU A 13 -11.59 22.20 -12.76
C LEU A 13 -12.33 20.90 -12.51
N THR A 14 -13.38 20.95 -11.68
CA THR A 14 -14.17 19.76 -11.35
C THR A 14 -14.62 18.94 -12.57
N PRO A 15 -15.42 19.53 -13.48
CA PRO A 15 -15.91 18.82 -14.67
C PRO A 15 -14.75 18.29 -15.53
N ILE A 16 -13.76 19.15 -15.72
CA ILE A 16 -12.57 18.82 -16.51
C ILE A 16 -11.91 17.51 -16.06
N ILE A 17 -11.61 17.42 -14.78
CA ILE A 17 -10.97 16.22 -14.23
C ILE A 17 -11.92 15.03 -14.20
N GLN A 18 -13.18 15.30 -13.89
CA GLN A 18 -14.21 14.24 -13.86
C GLN A 18 -14.23 13.43 -15.16
N GLU A 19 -14.36 14.11 -16.29
CA GLU A 19 -14.38 13.44 -17.60
C GLU A 19 -13.01 12.90 -18.00
N TYR A 20 -11.97 13.41 -17.33
CA TYR A 20 -10.60 12.98 -17.61
C TYR A 20 -10.48 11.48 -17.34
N PHE A 21 -11.01 11.05 -16.21
CA PHE A 21 -10.97 9.64 -15.82
C PHE A 21 -11.72 8.75 -16.81
N GLU A 22 -12.59 9.34 -17.62
CA GLU A 22 -13.37 8.57 -18.58
C GLU A 22 -12.60 8.21 -19.83
N HIS A 23 -12.12 9.23 -20.56
CA HIS A 23 -11.38 8.99 -21.79
C HIS A 23 -9.89 8.77 -21.55
N GLY A 24 -9.41 9.25 -20.41
CA GLY A 24 -8.01 9.10 -20.07
C GLY A 24 -7.08 9.82 -21.04
N ASP A 25 -7.18 11.13 -21.12
CA ASP A 25 -6.34 11.93 -22.01
C ASP A 25 -5.48 12.90 -21.22
N THR A 26 -4.19 12.61 -21.19
CA THR A 26 -3.22 13.43 -20.48
C THR A 26 -2.93 14.77 -21.16
N ASN A 27 -2.92 14.78 -22.50
CA ASN A 27 -2.65 15.99 -23.26
C ASN A 27 -3.83 16.95 -23.17
N GLU A 28 -5.02 16.38 -23.06
CA GLU A 28 -6.25 17.14 -22.96
C GLU A 28 -6.13 18.15 -21.83
N VAL A 29 -5.75 17.67 -20.65
CA VAL A 29 -5.58 18.50 -19.47
C VAL A 29 -4.54 19.60 -19.69
N ALA A 30 -3.37 19.24 -20.21
CA ALA A 30 -2.31 20.21 -20.46
C ALA A 30 -2.79 21.35 -21.36
N GLU A 31 -3.35 20.97 -22.50
CA GLU A 31 -3.91 21.94 -23.45
C GLU A 31 -4.88 22.90 -22.76
N MET A 32 -5.65 22.39 -21.81
CA MET A 32 -6.60 23.22 -21.08
C MET A 32 -5.89 24.11 -20.07
N LEU A 33 -4.86 23.57 -19.43
CA LEU A 33 -4.10 24.33 -18.43
C LEU A 33 -3.50 25.61 -18.99
N ARG A 34 -2.84 25.49 -20.15
CA ARG A 34 -2.23 26.66 -20.81
C ARG A 34 -3.24 27.75 -21.14
N ASP A 35 -4.51 27.38 -21.19
CA ASP A 35 -5.57 28.34 -21.48
C ASP A 35 -5.88 29.14 -20.22
N LEU A 36 -5.80 28.46 -19.08
CA LEU A 36 -6.02 29.09 -17.80
C LEU A 36 -4.82 29.97 -17.46
N ASN A 37 -3.62 29.37 -17.57
CA ASN A 37 -2.36 30.07 -17.30
C ASN A 37 -2.29 30.57 -15.86
N LEU A 38 -1.77 29.75 -14.98
CA LEU A 38 -1.63 30.08 -13.58
C LEU A 38 -0.28 29.62 -13.07
N GLY A 39 0.19 30.23 -11.99
CA GLY A 39 1.48 29.87 -11.42
C GLY A 39 1.32 28.94 -10.24
N GLU A 40 1.24 29.51 -9.05
CA GLU A 40 1.09 28.73 -7.83
C GLU A 40 -0.29 28.09 -7.77
N MET A 41 -1.24 28.69 -8.49
CA MET A 41 -2.60 28.18 -8.54
C MET A 41 -2.68 26.96 -9.45
N LYS A 42 -1.66 26.81 -10.30
CA LYS A 42 -1.59 25.70 -11.24
C LYS A 42 -1.34 24.39 -10.51
N SER A 43 -0.68 24.48 -9.34
CA SER A 43 -0.38 23.31 -8.54
C SER A 43 -1.69 22.77 -7.94
N GLY A 44 -2.73 23.58 -8.00
CA GLY A 44 -4.03 23.19 -7.48
C GLY A 44 -4.66 22.05 -8.25
N VAL A 45 -4.58 22.09 -9.59
CA VAL A 45 -5.15 21.05 -10.45
C VAL A 45 -4.83 19.62 -9.98
N PRO A 46 -3.54 19.24 -9.86
CA PRO A 46 -3.17 17.89 -9.40
C PRO A 46 -3.71 17.56 -8.02
N VAL A 47 -3.92 18.58 -7.19
CA VAL A 47 -4.46 18.37 -5.85
C VAL A 47 -5.92 17.93 -5.92
N LEU A 48 -6.70 18.64 -6.74
CA LEU A 48 -8.11 18.32 -6.91
C LEU A 48 -8.24 16.92 -7.54
N ALA A 49 -7.50 16.71 -8.63
CA ALA A 49 -7.46 15.42 -9.33
C ALA A 49 -7.18 14.26 -8.35
N VAL A 50 -6.51 14.59 -7.27
CA VAL A 50 -6.19 13.59 -6.25
C VAL A 50 -7.39 13.35 -5.32
N SER A 51 -8.06 14.46 -4.96
CA SER A 51 -9.19 14.42 -4.04
C SER A 51 -10.34 13.57 -4.60
N LEU A 52 -10.71 13.85 -5.84
CA LEU A 52 -11.79 13.12 -6.52
C LEU A 52 -11.51 11.62 -6.54
N ALA A 53 -10.30 11.28 -7.00
CA ALA A 53 -9.87 9.88 -7.08
C ALA A 53 -9.95 9.14 -5.74
N LEU A 54 -9.91 9.88 -4.63
CA LEU A 54 -10.00 9.25 -3.32
C LEU A 54 -11.41 8.78 -3.05
N GLU A 55 -12.38 9.49 -3.64
CA GLU A 55 -13.80 9.14 -3.47
C GLU A 55 -14.16 7.93 -4.30
N GLY A 56 -13.67 7.88 -5.53
CA GLY A 56 -13.95 6.76 -6.42
C GLY A 56 -13.16 5.50 -6.10
N LYS A 57 -13.28 4.51 -6.98
CA LYS A 57 -12.58 3.25 -6.82
C LYS A 57 -11.06 3.42 -6.91
N ALA A 58 -10.34 2.36 -6.54
CA ALA A 58 -8.88 2.39 -6.56
C ALA A 58 -8.34 2.47 -7.98
N SER A 59 -9.12 1.98 -8.94
CA SER A 59 -8.73 1.97 -10.35
C SER A 59 -8.47 3.39 -10.85
N HIS A 60 -9.33 4.31 -10.42
CA HIS A 60 -9.21 5.70 -10.80
C HIS A 60 -8.10 6.43 -10.03
N ARG A 61 -7.58 5.82 -8.97
CA ARG A 61 -6.52 6.45 -8.16
C ARG A 61 -5.13 6.38 -8.82
N GLU A 62 -4.61 5.16 -9.00
CA GLU A 62 -3.31 4.96 -9.64
C GLU A 62 -3.30 5.48 -11.07
N MET A 63 -4.49 5.60 -11.62
CA MET A 63 -4.70 6.11 -12.97
C MET A 63 -4.33 7.60 -13.05
N THR A 64 -4.55 8.31 -11.95
CA THR A 64 -4.25 9.73 -11.90
C THR A 64 -2.74 10.00 -11.88
N SER A 65 -1.98 9.14 -11.22
CA SER A 65 -0.53 9.27 -11.17
C SER A 65 0.10 9.38 -12.56
N LYS A 66 -0.58 8.83 -13.57
CA LYS A 66 -0.08 8.90 -14.94
C LYS A 66 -0.12 10.35 -15.42
N LEU A 67 -1.10 11.11 -14.93
CA LEU A 67 -1.25 12.51 -15.30
C LEU A 67 -0.08 13.31 -14.73
N LEU A 68 0.28 13.01 -13.48
CA LEU A 68 1.38 13.70 -12.82
C LEU A 68 2.64 13.67 -13.67
N SER A 69 3.15 12.46 -13.92
CA SER A 69 4.35 12.27 -14.74
C SER A 69 4.24 12.93 -16.12
N ASP A 70 3.04 12.96 -16.67
CA ASP A 70 2.82 13.57 -17.99
C ASP A 70 2.84 15.09 -17.92
N LEU A 71 2.11 15.62 -16.94
CA LEU A 71 2.03 17.06 -16.74
C LEU A 71 3.40 17.66 -16.46
N CYS A 72 4.18 17.02 -15.59
CA CYS A 72 5.50 17.52 -15.25
C CYS A 72 6.41 17.51 -16.48
N GLY A 73 7.16 18.59 -16.62
CA GLY A 73 8.07 18.73 -17.74
C GLY A 73 7.38 19.42 -18.89
N THR A 74 6.14 19.03 -19.11
CA THR A 74 5.32 19.59 -20.17
C THR A 74 4.77 20.96 -19.78
N VAL A 75 3.96 21.00 -18.72
CA VAL A 75 3.36 22.25 -18.28
C VAL A 75 3.46 22.44 -16.76
N MET A 76 4.14 21.51 -16.11
CA MET A 76 4.29 21.57 -14.65
C MET A 76 5.73 21.28 -14.27
N SER A 77 6.23 21.97 -13.26
CA SER A 77 7.60 21.76 -12.80
C SER A 77 7.62 20.89 -11.55
N THR A 78 8.76 20.25 -11.30
CA THR A 78 8.94 19.40 -10.11
C THR A 78 8.48 20.10 -8.84
N THR A 79 8.85 21.38 -8.69
CA THR A 79 8.47 22.16 -7.53
C THR A 79 6.95 22.19 -7.40
N ASP A 80 6.27 22.44 -8.51
CA ASP A 80 4.81 22.47 -8.56
C ASP A 80 4.23 21.19 -7.97
N VAL A 81 4.79 20.05 -8.37
CA VAL A 81 4.34 18.75 -7.89
C VAL A 81 4.54 18.67 -6.37
N GLU A 82 5.71 19.07 -5.91
CA GLU A 82 6.04 19.05 -4.50
C GLU A 82 5.07 19.93 -3.71
N LYS A 83 4.83 21.14 -4.22
CA LYS A 83 3.91 22.08 -3.59
C LYS A 83 2.50 21.50 -3.55
N SER A 84 2.18 20.69 -4.56
CA SER A 84 0.86 20.06 -4.64
C SER A 84 0.68 19.07 -3.51
N PHE A 85 1.70 18.24 -3.27
CA PHE A 85 1.64 17.25 -2.21
C PHE A 85 1.60 17.92 -0.84
N ASP A 86 2.35 19.01 -0.69
CA ASP A 86 2.36 19.77 0.56
C ASP A 86 0.94 20.26 0.85
N LYS A 87 0.37 20.93 -0.14
CA LYS A 87 -1.01 21.44 -0.06
C LYS A 87 -1.98 20.31 0.27
N LEU A 88 -1.80 19.17 -0.40
CA LEU A 88 -2.65 18.01 -0.19
C LEU A 88 -2.60 17.52 1.26
N LEU A 89 -1.38 17.30 1.75
CA LEU A 89 -1.17 16.84 3.13
C LEU A 89 -1.94 17.70 4.13
N LYS A 90 -2.00 19.00 3.86
CA LYS A 90 -2.71 19.92 4.74
C LYS A 90 -4.23 19.73 4.67
N ASP A 91 -4.74 19.49 3.47
CA ASP A 91 -6.19 19.30 3.29
C ASP A 91 -6.62 17.92 3.78
N LEU A 92 -5.74 16.93 3.60
CA LEU A 92 -5.97 15.53 3.99
C LEU A 92 -6.78 15.34 5.28
N PRO A 93 -6.40 15.98 6.40
CA PRO A 93 -7.15 15.85 7.66
C PRO A 93 -8.67 15.98 7.50
N GLU A 94 -9.13 16.72 6.48
CA GLU A 94 -10.57 16.90 6.28
C GLU A 94 -11.19 15.70 5.59
N LEU A 95 -10.70 15.34 4.39
CA LEU A 95 -11.22 14.19 3.67
C LEU A 95 -11.07 12.88 4.44
N ALA A 96 -10.06 12.84 5.29
CA ALA A 96 -9.81 11.66 6.11
C ALA A 96 -10.98 11.38 7.02
N LEU A 97 -11.72 12.43 7.36
CA LEU A 97 -12.87 12.30 8.24
C LEU A 97 -14.00 11.52 7.57
N ASP A 98 -14.33 11.84 6.32
CA ASP A 98 -15.42 11.13 5.65
C ASP A 98 -14.96 9.74 5.22
N THR A 99 -13.82 9.69 4.56
CA THR A 99 -13.26 8.41 4.14
C THR A 99 -12.01 8.08 4.94
N PRO A 100 -12.12 7.12 5.87
CA PRO A 100 -11.00 6.73 6.73
C PRO A 100 -9.83 6.13 5.94
N ARG A 101 -10.11 5.74 4.70
CA ARG A 101 -9.09 5.17 3.84
C ARG A 101 -8.36 6.24 3.05
N ALA A 102 -8.91 7.46 3.04
CA ALA A 102 -8.32 8.58 2.30
C ALA A 102 -6.84 8.82 2.65
N PRO A 103 -6.47 8.94 3.95
CA PRO A 103 -5.07 9.17 4.34
C PRO A 103 -4.18 8.04 3.87
N GLN A 104 -4.62 6.80 4.12
CA GLN A 104 -3.89 5.61 3.74
C GLN A 104 -3.62 5.59 2.22
N LEU A 105 -4.56 6.12 1.44
CA LEU A 105 -4.42 6.16 -0.01
C LEU A 105 -3.42 7.23 -0.44
N VAL A 106 -3.56 8.41 0.14
CA VAL A 106 -2.67 9.54 -0.16
C VAL A 106 -1.20 9.12 -0.11
N GLY A 107 -0.85 8.30 0.88
CA GLY A 107 0.51 7.81 1.00
C GLY A 107 1.03 7.16 -0.28
N GLN A 108 0.17 6.38 -0.94
CA GLN A 108 0.54 5.70 -2.17
C GLN A 108 0.91 6.71 -3.26
N PHE A 109 0.13 7.79 -3.33
CA PHE A 109 0.35 8.82 -4.32
C PHE A 109 1.72 9.50 -4.15
N ILE A 110 2.19 9.59 -2.91
CA ILE A 110 3.47 10.21 -2.63
C ILE A 110 4.60 9.29 -3.07
N ALA A 111 4.51 8.02 -2.66
CA ALA A 111 5.52 7.03 -3.03
C ALA A 111 5.65 6.93 -4.55
N ARG A 112 4.51 6.97 -5.23
CA ARG A 112 4.47 6.90 -6.68
C ARG A 112 5.25 8.06 -7.31
N ALA A 113 5.07 9.26 -6.76
CA ALA A 113 5.74 10.45 -7.25
C ALA A 113 7.26 10.29 -7.24
N VAL A 114 7.78 9.72 -6.16
CA VAL A 114 9.21 9.50 -6.05
C VAL A 114 9.65 8.44 -7.07
N GLY A 115 8.87 7.37 -7.15
CA GLY A 115 9.17 6.30 -8.08
C GLY A 115 9.22 6.77 -9.52
N ASP A 116 8.23 7.58 -9.92
CA ASP A 116 8.20 8.11 -11.29
C ASP A 116 9.36 9.07 -11.53
N GLY A 117 9.76 9.76 -10.48
CA GLY A 117 10.87 10.69 -10.58
C GLY A 117 10.42 12.12 -10.73
N ILE A 118 9.32 12.47 -10.05
CA ILE A 118 8.79 13.83 -10.10
C ILE A 118 8.78 14.47 -8.72
N LEU A 119 9.15 13.69 -7.72
CA LEU A 119 9.17 14.19 -6.35
C LEU A 119 10.51 13.86 -5.69
N CYS A 120 10.94 14.72 -4.78
CA CYS A 120 12.19 14.52 -4.07
C CYS A 120 12.01 13.42 -3.04
N ASN A 121 12.96 12.48 -3.01
CA ASN A 121 12.89 11.37 -2.07
C ASN A 121 13.07 11.87 -0.64
N THR A 122 13.92 12.87 -0.47
CA THR A 122 14.20 13.45 0.85
C THR A 122 13.00 14.24 1.39
N TYR A 123 11.93 14.36 0.60
CA TYR A 123 10.76 15.11 1.02
C TYR A 123 10.14 14.48 2.27
N ILE A 124 10.17 13.16 2.32
CA ILE A 124 9.62 12.42 3.45
C ILE A 124 10.49 12.65 4.70
N ASP A 125 11.80 12.74 4.49
CA ASP A 125 12.74 12.95 5.59
C ASP A 125 12.55 14.32 6.21
N SER A 126 12.17 15.28 5.38
CA SER A 126 11.93 16.65 5.82
C SER A 126 10.71 16.73 6.75
N TYR A 127 9.80 15.76 6.62
CA TYR A 127 8.58 15.72 7.44
C TYR A 127 8.60 14.54 8.42
N LYS A 128 9.74 13.87 8.44
CA LYS A 128 10.02 12.68 9.28
C LYS A 128 10.02 12.92 10.80
N GLY A 129 8.97 13.53 11.31
CA GLY A 129 8.88 13.81 12.71
C GLY A 129 8.54 15.26 12.92
N THR A 130 8.45 15.96 11.81
CA THR A 130 8.12 17.37 11.79
C THR A 130 6.67 17.57 11.37
N VAL A 131 5.81 16.64 11.77
CA VAL A 131 4.39 16.71 11.42
C VAL A 131 3.54 16.64 12.68
N ASP A 132 2.73 17.66 12.91
CA ASP A 132 1.86 17.72 14.08
C ASP A 132 0.54 17.00 13.82
N CYS A 133 0.24 16.75 12.55
CA CYS A 133 -1.00 16.09 12.17
C CYS A 133 -0.85 14.57 12.14
N VAL A 134 -1.84 13.86 12.68
CA VAL A 134 -1.82 12.40 12.71
C VAL A 134 -2.21 11.80 11.35
N GLN A 135 -2.96 12.57 10.56
CA GLN A 135 -3.44 12.10 9.26
C GLN A 135 -2.26 12.01 8.29
N ALA A 136 -1.43 13.04 8.32
CA ALA A 136 -0.27 13.10 7.46
C ALA A 136 0.79 12.10 7.91
N ARG A 137 0.76 11.78 9.21
CA ARG A 137 1.71 10.83 9.78
C ARG A 137 1.58 9.46 9.12
N ALA A 138 0.37 8.89 9.12
CA ALA A 138 0.15 7.58 8.52
C ALA A 138 0.44 7.59 7.02
N ALA A 139 0.18 8.71 6.38
CA ALA A 139 0.42 8.84 4.94
C ALA A 139 1.91 8.70 4.65
N LEU A 140 2.74 9.30 5.49
CA LEU A 140 4.18 9.23 5.34
C LEU A 140 4.69 7.86 5.76
N ASP A 141 4.00 7.26 6.73
CA ASP A 141 4.33 5.94 7.25
C ASP A 141 4.00 4.86 6.21
N LYS A 142 3.17 5.26 5.28
CA LYS A 142 2.76 4.40 4.17
C LYS A 142 3.73 4.46 2.98
N ALA A 143 3.91 5.69 2.47
CA ALA A 143 4.75 5.98 1.30
C ALA A 143 6.17 5.48 1.46
N THR A 144 6.67 5.59 2.67
CA THR A 144 8.02 5.15 2.96
C THR A 144 8.15 3.65 2.79
N VAL A 145 7.18 2.87 3.25
CA VAL A 145 7.24 1.42 3.14
C VAL A 145 6.87 0.93 1.73
N LEU A 146 5.96 1.63 1.05
CA LEU A 146 5.54 1.25 -0.30
C LEU A 146 6.74 1.11 -1.22
N LEU A 147 7.65 2.06 -1.12
CA LEU A 147 8.86 2.04 -1.93
C LEU A 147 9.76 0.87 -1.49
N SER A 148 9.62 0.46 -0.25
CA SER A 148 10.39 -0.65 0.29
C SER A 148 9.84 -1.99 -0.20
N MET A 149 8.53 -2.02 -0.46
CA MET A 149 7.87 -3.24 -0.93
C MET A 149 7.95 -3.37 -2.44
N SER A 150 7.93 -2.24 -3.13
CA SER A 150 7.98 -2.20 -4.59
C SER A 150 9.36 -2.57 -5.14
N LYS A 151 10.24 -3.07 -4.28
CA LYS A 151 11.58 -3.46 -4.70
C LYS A 151 11.60 -4.88 -5.26
N GLY A 152 10.75 -5.74 -4.69
CA GLY A 152 10.67 -7.11 -5.14
C GLY A 152 9.49 -7.36 -6.05
N GLY A 153 8.36 -6.76 -5.73
CA GLY A 153 7.17 -6.92 -6.54
C GLY A 153 7.18 -6.05 -7.77
N LYS A 154 8.12 -6.31 -8.67
CA LYS A 154 8.23 -5.55 -9.91
C LYS A 154 8.04 -6.45 -11.12
N ARG A 155 8.95 -7.38 -11.31
CA ARG A 155 8.89 -8.29 -12.46
C ARG A 155 8.10 -9.55 -12.11
N LYS A 156 6.84 -9.37 -11.77
CA LYS A 156 5.97 -10.48 -11.42
C LYS A 156 4.90 -10.71 -12.49
N ASP A 157 4.28 -9.63 -12.96
CA ASP A 157 3.24 -9.72 -13.98
C ASP A 157 3.85 -9.82 -15.37
N SER A 158 4.27 -11.02 -15.73
CA SER A 158 4.86 -11.26 -17.03
C SER A 158 4.22 -12.46 -17.70
N VAL A 159 3.85 -13.45 -16.89
CA VAL A 159 3.23 -14.66 -17.39
C VAL A 159 1.83 -14.41 -17.94
N TRP A 160 1.27 -13.25 -17.63
CA TRP A 160 -0.06 -12.89 -18.13
C TRP A 160 0.06 -12.09 -19.43
N GLY A 161 1.12 -11.30 -19.54
CA GLY A 161 1.33 -10.51 -20.74
C GLY A 161 0.50 -9.23 -20.76
N SER A 162 0.96 -8.22 -20.03
CA SER A 162 0.25 -6.96 -19.96
C SER A 162 0.91 -5.93 -20.88
N GLY A 163 0.10 -5.24 -21.66
CA GLY A 163 0.62 -4.26 -22.58
C GLY A 163 -0.06 -4.35 -23.93
N GLY B 1 -1.54 -2.62 -25.79
CA GLY B 1 -2.81 -2.51 -26.54
C GLY B 1 -3.97 -2.32 -25.59
N GLY B 2 -5.10 -1.85 -26.12
CA GLY B 2 -6.28 -1.64 -25.30
C GLY B 2 -6.17 -0.39 -24.45
N GLN B 3 -6.70 -0.46 -23.24
CA GLN B 3 -6.64 0.66 -22.31
C GLN B 3 -5.63 0.39 -21.20
N GLN B 4 -5.95 -0.57 -20.35
CA GLN B 4 -5.08 -0.94 -19.24
C GLN B 4 -5.54 -2.26 -18.64
N PRO B 5 -4.63 -3.24 -18.52
CA PRO B 5 -4.93 -4.54 -17.93
C PRO B 5 -5.12 -4.43 -16.41
N VAL B 6 -5.66 -5.47 -15.80
CA VAL B 6 -5.88 -5.44 -14.36
C VAL B 6 -4.73 -6.05 -13.57
N ASN B 7 -4.51 -5.53 -12.37
CA ASN B 7 -3.43 -6.01 -11.50
C ASN B 7 -3.82 -7.34 -10.85
N HIS B 8 -2.83 -8.17 -10.59
CA HIS B 8 -3.06 -9.47 -9.99
C HIS B 8 -1.80 -9.97 -9.28
N LEU B 9 -1.92 -10.27 -7.99
CA LEU B 9 -0.81 -10.78 -7.17
C LEU B 9 0.22 -9.71 -6.81
N VAL B 10 0.62 -8.93 -7.80
CA VAL B 10 1.61 -7.88 -7.60
C VAL B 10 1.06 -6.78 -6.69
N LYS B 11 1.87 -6.36 -5.72
CA LYS B 11 1.49 -5.31 -4.78
C LYS B 11 0.31 -5.74 -3.90
N GLU B 12 0.06 -7.04 -3.82
CA GLU B 12 -1.04 -7.55 -3.01
C GLU B 12 -0.54 -8.31 -1.78
N ILE B 13 -0.41 -9.63 -1.92
CA ILE B 13 0.04 -10.50 -0.82
C ILE B 13 1.37 -10.03 -0.22
N ASP B 14 2.35 -9.79 -1.09
CA ASP B 14 3.67 -9.37 -0.64
C ASP B 14 3.61 -8.06 0.15
N MET B 15 2.95 -7.07 -0.43
CA MET B 15 2.83 -5.76 0.20
C MET B 15 2.07 -5.81 1.53
N LEU B 16 1.00 -6.60 1.56
CA LEU B 16 0.18 -6.73 2.76
C LEU B 16 1.04 -7.11 3.97
N LEU B 17 1.95 -8.04 3.80
CA LEU B 17 2.83 -8.46 4.87
C LEU B 17 3.99 -7.49 5.11
N LYS B 18 4.58 -6.99 4.03
CA LYS B 18 5.73 -6.09 4.11
C LYS B 18 5.40 -4.77 4.82
N GLU B 19 4.26 -4.19 4.50
CA GLU B 19 3.85 -2.93 5.11
C GLU B 19 3.45 -3.14 6.57
N TYR B 20 2.91 -4.30 6.86
CA TYR B 20 2.50 -4.61 8.22
C TYR B 20 3.74 -4.76 9.09
N LEU B 21 4.82 -5.25 8.48
CA LEU B 21 6.07 -5.46 9.16
C LEU B 21 6.77 -4.13 9.46
N LEU B 22 6.86 -3.25 8.47
CA LEU B 22 7.52 -1.97 8.66
C LEU B 22 6.63 -0.90 9.29
N SER B 23 5.51 -0.58 8.66
CA SER B 23 4.59 0.43 9.19
C SER B 23 4.02 0.00 10.54
N GLY B 24 3.39 -1.17 10.57
CA GLY B 24 2.84 -1.68 11.80
C GLY B 24 1.39 -1.28 12.01
N ASP B 25 0.55 -1.46 10.99
CA ASP B 25 -0.86 -1.12 11.10
C ASP B 25 -1.74 -2.33 10.82
N ILE B 26 -2.55 -2.68 11.81
CA ILE B 26 -3.47 -3.81 11.69
C ILE B 26 -4.62 -3.51 10.73
N SER B 27 -5.39 -2.50 11.06
CA SER B 27 -6.55 -2.06 10.26
C SER B 27 -6.28 -1.90 8.77
N GLU B 28 -5.06 -1.51 8.41
CA GLU B 28 -4.72 -1.33 7.00
C GLU B 28 -4.65 -2.69 6.33
N ALA B 29 -4.06 -3.65 7.02
CA ALA B 29 -3.93 -5.00 6.50
C ALA B 29 -5.32 -5.61 6.35
N GLU B 30 -6.17 -5.36 7.34
CA GLU B 30 -7.53 -5.85 7.34
C GLU B 30 -8.30 -5.34 6.13
N HIS B 31 -8.08 -4.08 5.77
CA HIS B 31 -8.76 -3.47 4.65
C HIS B 31 -8.30 -4.08 3.32
N CYS B 32 -7.00 -4.34 3.22
CA CYS B 32 -6.44 -4.90 2.00
C CYS B 32 -6.90 -6.34 1.79
N LEU B 33 -6.98 -7.08 2.89
CA LEU B 33 -7.40 -8.48 2.84
C LEU B 33 -8.90 -8.56 2.48
N LYS B 34 -9.63 -7.55 2.91
CA LYS B 34 -11.07 -7.42 2.67
C LYS B 34 -11.40 -7.02 1.21
N GLU B 35 -10.40 -6.48 0.54
CA GLU B 35 -10.54 -6.04 -0.85
C GLU B 35 -10.43 -7.19 -1.87
N LEU B 36 -9.59 -8.18 -1.56
CA LEU B 36 -9.42 -9.35 -2.42
C LEU B 36 -10.60 -10.31 -2.28
N GLU B 37 -11.08 -10.79 -3.42
CA GLU B 37 -12.24 -11.69 -3.49
C GLU B 37 -11.88 -13.17 -3.49
N VAL B 38 -10.69 -13.50 -3.02
CA VAL B 38 -10.25 -14.89 -3.00
C VAL B 38 -9.97 -15.44 -1.59
N PRO B 39 -11.01 -15.97 -0.92
CA PRO B 39 -10.87 -16.55 0.44
C PRO B 39 -9.95 -17.77 0.46
N HIS B 40 -10.09 -18.66 -0.51
CA HIS B 40 -9.28 -19.87 -0.58
C HIS B 40 -7.81 -19.58 -0.89
N PHE B 41 -7.54 -18.39 -1.40
CA PHE B 41 -6.17 -17.99 -1.74
C PHE B 41 -5.54 -17.16 -0.62
N HIS B 42 -6.32 -16.87 0.42
CA HIS B 42 -5.86 -16.07 1.55
C HIS B 42 -4.79 -16.78 2.37
N HIS B 43 -4.53 -18.03 2.04
CA HIS B 43 -3.55 -18.83 2.77
C HIS B 43 -2.09 -18.49 2.40
N GLU B 44 -1.87 -18.00 1.17
CA GLU B 44 -0.52 -17.66 0.71
C GLU B 44 0.12 -16.62 1.63
N LEU B 45 -0.70 -15.70 2.13
CA LEU B 45 -0.24 -14.67 3.03
C LEU B 45 0.21 -15.32 4.34
N VAL B 46 -0.74 -16.07 4.91
CA VAL B 46 -0.49 -16.81 6.15
C VAL B 46 0.83 -17.58 6.08
N TYR B 47 1.03 -18.34 5.00
CA TYR B 47 2.26 -19.09 4.81
C TYR B 47 3.50 -18.20 4.89
N GLU B 48 3.54 -17.17 4.05
CA GLU B 48 4.66 -16.23 4.01
C GLU B 48 4.92 -15.59 5.36
N ALA B 49 3.84 -15.20 6.03
CA ALA B 49 3.94 -14.58 7.36
C ALA B 49 4.72 -15.46 8.33
N ILE B 50 4.59 -16.76 8.15
CA ILE B 50 5.27 -17.72 8.99
C ILE B 50 6.76 -17.75 8.62
N VAL B 51 7.03 -17.74 7.32
CA VAL B 51 8.39 -17.77 6.80
C VAL B 51 9.18 -16.56 7.25
N MET B 52 8.56 -15.38 7.11
CA MET B 52 9.21 -14.12 7.49
C MET B 52 9.76 -14.20 8.91
N VAL B 53 8.89 -14.49 9.86
CA VAL B 53 9.26 -14.62 11.27
C VAL B 53 10.49 -15.53 11.47
N LEU B 54 10.60 -16.58 10.65
CA LEU B 54 11.72 -17.50 10.77
C LEU B 54 12.98 -16.94 10.13
N GLU B 55 12.80 -16.03 9.20
CA GLU B 55 13.90 -15.38 8.49
C GLU B 55 14.21 -13.99 9.03
N SER B 56 13.60 -13.65 10.17
CA SER B 56 13.80 -12.34 10.77
C SER B 56 14.44 -12.45 12.16
N THR B 57 15.37 -11.54 12.44
CA THR B 57 16.05 -11.52 13.72
C THR B 57 15.43 -10.45 14.61
N GLY B 58 14.83 -10.86 15.72
CA GLY B 58 14.22 -9.91 16.62
C GLY B 58 12.89 -10.37 17.18
N GLU B 59 12.72 -10.19 18.49
CA GLU B 59 11.50 -10.58 19.18
C GLU B 59 10.32 -9.75 18.67
N SER B 60 10.63 -8.56 18.15
CA SER B 60 9.62 -7.66 17.62
C SER B 60 8.91 -8.31 16.43
N ALA B 61 9.65 -9.08 15.65
CA ALA B 61 9.11 -9.76 14.49
C ALA B 61 7.99 -10.71 14.91
N PHE B 62 8.31 -11.63 15.82
CA PHE B 62 7.35 -12.62 16.31
C PHE B 62 6.07 -11.97 16.81
N LYS B 63 6.19 -11.17 17.87
CA LYS B 63 5.04 -10.49 18.46
C LYS B 63 4.20 -9.71 17.44
N MET B 64 4.84 -9.18 16.41
CA MET B 64 4.14 -8.40 15.40
C MET B 64 3.36 -9.29 14.43
N ILE B 65 4.00 -10.31 13.90
CA ILE B 65 3.37 -11.20 12.93
C ILE B 65 2.29 -12.09 13.54
N LEU B 66 2.63 -12.87 14.57
CA LEU B 66 1.65 -13.74 15.21
C LEU B 66 0.40 -12.99 15.64
N ASP B 67 0.58 -11.78 16.15
CA ASP B 67 -0.53 -10.96 16.59
C ASP B 67 -1.46 -10.64 15.43
N LEU B 68 -0.89 -10.57 14.23
CA LEU B 68 -1.66 -10.26 13.03
C LEU B 68 -2.64 -11.38 12.70
N LEU B 69 -2.20 -12.63 12.89
CA LEU B 69 -3.04 -13.77 12.59
C LEU B 69 -4.19 -13.86 13.57
N LYS B 70 -3.85 -13.87 14.86
CA LYS B 70 -4.88 -13.91 15.91
C LYS B 70 -5.85 -12.75 15.79
N SER B 71 -5.38 -11.61 15.29
CA SER B 71 -6.25 -10.46 15.09
C SER B 71 -7.24 -10.76 13.97
N LEU B 72 -6.73 -11.36 12.91
CA LEU B 72 -7.57 -11.72 11.78
C LEU B 72 -8.55 -12.83 12.14
N TRP B 73 -8.08 -13.86 12.88
CA TRP B 73 -8.96 -14.94 13.31
C TRP B 73 -10.09 -14.39 14.15
N LYS B 74 -9.72 -13.56 15.14
CA LYS B 74 -10.69 -12.89 16.02
C LYS B 74 -11.78 -12.20 15.19
N SER B 75 -11.37 -11.63 14.05
CA SER B 75 -12.30 -10.93 13.18
C SER B 75 -13.04 -11.89 12.25
N SER B 76 -12.70 -13.17 12.34
CA SER B 76 -13.32 -14.21 11.52
C SER B 76 -13.00 -14.00 10.05
N THR B 77 -11.72 -13.83 9.75
CA THR B 77 -11.26 -13.62 8.38
C THR B 77 -10.45 -14.83 7.87
N ILE B 78 -9.60 -15.39 8.72
CA ILE B 78 -8.81 -16.55 8.33
C ILE B 78 -9.56 -17.84 8.65
N THR B 79 -9.59 -18.75 7.70
CA THR B 79 -10.28 -20.02 7.88
C THR B 79 -9.27 -21.14 8.14
N ILE B 80 -9.71 -22.18 8.86
CA ILE B 80 -8.86 -23.32 9.19
C ILE B 80 -8.15 -23.90 7.97
N ASP B 81 -8.86 -24.01 6.85
CA ASP B 81 -8.27 -24.56 5.62
C ASP B 81 -7.09 -23.73 5.13
N GLN B 82 -7.15 -22.43 5.42
CA GLN B 82 -6.09 -21.51 5.01
C GLN B 82 -4.87 -21.69 5.92
N MET B 83 -5.12 -21.65 7.23
CA MET B 83 -4.08 -21.81 8.22
C MET B 83 -3.41 -23.17 8.09
N LYS B 84 -4.24 -24.19 7.85
CA LYS B 84 -3.78 -25.56 7.70
C LYS B 84 -2.80 -25.69 6.54
N ARG B 85 -3.25 -25.31 5.34
CA ARG B 85 -2.43 -25.40 4.15
C ARG B 85 -1.18 -24.52 4.25
N GLY B 86 -1.23 -23.54 5.14
CA GLY B 86 -0.08 -22.66 5.33
C GLY B 86 0.99 -23.33 6.17
N TYR B 87 0.57 -23.97 7.25
CA TYR B 87 1.49 -24.65 8.14
C TYR B 87 2.02 -25.95 7.54
N GLU B 88 1.13 -26.70 6.90
CA GLU B 88 1.51 -27.97 6.29
C GLU B 88 2.65 -27.80 5.29
N ARG B 89 2.70 -26.64 4.64
CA ARG B 89 3.76 -26.36 3.68
C ARG B 89 5.07 -26.05 4.40
N ILE B 90 4.98 -25.29 5.48
CA ILE B 90 6.16 -24.93 6.28
C ILE B 90 6.91 -26.19 6.72
N TYR B 91 6.14 -27.22 7.09
CA TYR B 91 6.72 -28.49 7.51
C TYR B 91 7.62 -29.08 6.42
N ASN B 92 7.35 -28.73 5.17
CA ASN B 92 8.14 -29.20 4.03
C ASN B 92 9.28 -28.23 3.71
N GLU B 93 9.02 -26.94 3.91
CA GLU B 93 10.00 -25.89 3.63
C GLU B 93 11.11 -25.88 4.69
N ILE B 94 10.76 -26.33 5.89
CA ILE B 94 11.70 -26.37 7.01
C ILE B 94 13.05 -26.97 6.61
N PRO B 95 13.09 -28.21 6.08
CA PRO B 95 14.34 -28.86 5.65
C PRO B 95 15.10 -28.03 4.61
N ASP B 96 14.37 -27.45 3.68
CA ASP B 96 14.98 -26.64 2.61
C ASP B 96 15.62 -25.37 3.14
N ILE B 97 15.03 -24.82 4.18
CA ILE B 97 15.54 -23.58 4.79
C ILE B 97 16.67 -23.87 5.78
N ASN B 98 16.58 -25.01 6.46
CA ASN B 98 17.60 -25.38 7.45
C ASN B 98 18.84 -25.96 6.80
N LEU B 99 18.63 -26.83 5.80
CA LEU B 99 19.72 -27.49 5.09
C LEU B 99 20.58 -28.28 6.08
N ASP B 100 19.92 -29.19 6.78
CA ASP B 100 20.55 -30.04 7.80
C ASP B 100 20.82 -29.24 9.07
N VAL B 101 21.15 -29.92 10.15
CA VAL B 101 21.40 -29.29 11.45
C VAL B 101 20.27 -28.33 11.81
N PRO B 102 19.08 -28.88 12.11
CA PRO B 102 17.90 -28.07 12.43
C PRO B 102 17.88 -27.52 13.85
N HIS B 103 18.54 -26.39 14.05
CA HIS B 103 18.57 -25.75 15.35
C HIS B 103 17.38 -24.80 15.49
N SER B 104 16.80 -24.45 14.34
CA SER B 104 15.65 -23.57 14.29
C SER B 104 14.40 -24.27 14.80
N TYR B 105 14.56 -25.52 15.24
CA TYR B 105 13.47 -26.32 15.76
C TYR B 105 12.90 -25.71 17.03
N SER B 106 13.75 -25.04 17.80
CA SER B 106 13.33 -24.39 19.03
C SER B 106 12.27 -23.34 18.73
N VAL B 107 12.47 -22.64 17.63
CA VAL B 107 11.54 -21.60 17.21
C VAL B 107 10.31 -22.24 16.57
N LEU B 108 10.55 -23.21 15.70
CA LEU B 108 9.47 -23.93 15.02
C LEU B 108 8.45 -24.51 16.00
N GLU B 109 8.94 -25.29 16.96
CA GLU B 109 8.08 -25.90 17.96
C GLU B 109 7.37 -24.83 18.79
N ARG B 110 8.16 -23.88 19.28
CA ARG B 110 7.64 -22.78 20.07
C ARG B 110 6.48 -22.07 19.37
N PHE B 111 6.70 -21.72 18.11
CA PHE B 111 5.70 -21.05 17.30
C PHE B 111 4.45 -21.91 17.12
N VAL B 112 4.64 -23.19 16.83
CA VAL B 112 3.51 -24.09 16.61
C VAL B 112 2.73 -24.34 17.89
N GLU B 113 3.44 -24.54 19.00
CA GLU B 113 2.79 -24.78 20.27
C GLU B 113 2.01 -23.55 20.73
N GLU B 114 2.51 -22.37 20.38
CA GLU B 114 1.85 -21.12 20.72
C GLU B 114 0.51 -21.05 20.01
N CYS B 115 0.54 -21.34 18.71
CA CYS B 115 -0.68 -21.34 17.90
C CYS B 115 -1.74 -22.27 18.48
N PHE B 116 -1.37 -23.51 18.81
CA PHE B 116 -2.30 -24.46 19.40
C PHE B 116 -2.84 -23.95 20.73
N GLN B 117 -1.94 -23.39 21.55
CA GLN B 117 -2.34 -22.83 22.84
C GLN B 117 -3.43 -21.79 22.67
N ALA B 118 -3.33 -21.00 21.60
CA ALA B 118 -4.31 -19.97 21.28
C ALA B 118 -5.68 -20.58 20.94
N GLY B 119 -5.67 -21.84 20.53
CA GLY B 119 -6.91 -22.53 20.20
C GLY B 119 -7.45 -22.16 18.83
N ILE B 120 -6.56 -21.93 17.88
CA ILE B 120 -6.98 -21.57 16.53
C ILE B 120 -6.93 -22.79 15.61
N ILE B 121 -6.14 -23.79 16.00
CA ILE B 121 -5.99 -25.01 15.23
C ILE B 121 -5.92 -26.19 16.18
N SER B 122 -6.60 -27.29 15.84
CA SER B 122 -6.59 -28.48 16.67
C SER B 122 -5.26 -29.22 16.60
N LYS B 123 -5.22 -30.39 17.23
CA LYS B 123 -4.02 -31.21 17.29
C LYS B 123 -3.63 -31.82 15.95
N GLN B 124 -4.59 -31.98 15.03
CA GLN B 124 -4.29 -32.55 13.72
C GLN B 124 -3.12 -31.85 13.03
N LEU B 125 -3.05 -30.53 13.18
CA LEU B 125 -1.98 -29.75 12.57
C LEU B 125 -0.69 -29.91 13.38
N ARG B 126 -0.84 -29.95 14.71
CA ARG B 126 0.27 -30.13 15.62
C ARG B 126 0.92 -31.50 15.41
N ASP B 127 0.07 -32.48 15.13
CA ASP B 127 0.49 -33.86 14.89
C ASP B 127 1.37 -33.95 13.64
N LEU B 128 1.19 -32.99 12.74
CA LEU B 128 1.97 -32.93 11.51
C LEU B 128 3.33 -32.29 11.74
N CYS B 129 3.48 -31.69 12.92
CA CYS B 129 4.72 -31.04 13.28
C CYS B 129 5.65 -32.05 13.95
N PRO B 130 6.95 -32.02 13.62
CA PRO B 130 7.95 -32.95 14.19
C PRO B 130 8.15 -32.76 15.69
N SER B 131 7.24 -33.31 16.48
CA SER B 131 7.32 -33.22 17.92
C SER B 131 8.40 -34.16 18.44
N GLY A 1 2.60 31.31 -2.29
CA GLY A 1 2.13 31.56 -0.91
C GLY A 1 0.66 31.24 -0.74
N LEU A 2 -0.19 32.15 -1.18
CA LEU A 2 -1.63 31.97 -1.09
C LEU A 2 -2.28 32.05 -2.45
N PRO A 3 -3.06 31.04 -2.83
CA PRO A 3 -3.76 31.01 -4.11
C PRO A 3 -4.87 32.07 -4.16
N LEU A 4 -5.23 32.51 -5.35
CA LEU A 4 -6.27 33.52 -5.51
C LEU A 4 -7.50 32.92 -6.19
N ASP A 5 -8.68 33.40 -5.79
CA ASP A 5 -9.94 32.93 -6.36
C ASP A 5 -10.03 31.42 -6.21
N GLU A 6 -9.71 30.92 -5.02
CA GLU A 6 -9.72 29.49 -4.74
C GLU A 6 -11.06 28.84 -5.06
N ARG A 7 -12.13 29.35 -4.46
CA ARG A 7 -13.46 28.82 -4.70
C ARG A 7 -13.84 28.85 -6.18
N ALA A 8 -13.38 29.88 -6.87
CA ALA A 8 -13.67 30.02 -8.29
C ALA A 8 -12.94 28.92 -9.07
N PHE A 9 -11.68 28.71 -8.74
CA PHE A 9 -10.87 27.70 -9.39
C PHE A 9 -11.45 26.30 -9.16
N GLU A 10 -11.79 26.01 -7.91
CA GLU A 10 -12.36 24.71 -7.55
C GLU A 10 -13.62 24.43 -8.36
N LYS A 11 -14.44 25.45 -8.54
CA LYS A 11 -15.67 25.33 -9.30
C LYS A 11 -15.43 25.27 -10.81
N THR A 12 -14.35 25.92 -11.25
CA THR A 12 -13.99 25.95 -12.66
C THR A 12 -13.36 24.63 -13.16
N LEU A 13 -12.27 24.22 -12.54
CA LEU A 13 -11.55 23.01 -12.95
C LEU A 13 -12.26 21.70 -12.63
N THR A 14 -13.53 21.77 -12.29
CA THR A 14 -14.27 20.57 -11.92
C THR A 14 -14.75 19.75 -13.15
N PRO A 15 -15.60 20.35 -14.03
CA PRO A 15 -16.15 19.65 -15.21
C PRO A 15 -15.14 19.32 -16.29
N ILE A 16 -13.99 19.99 -16.26
CA ILE A 16 -12.95 19.77 -17.26
C ILE A 16 -12.23 18.45 -16.97
N ILE A 17 -11.84 18.29 -15.72
CA ILE A 17 -11.11 17.10 -15.29
C ILE A 17 -12.06 15.94 -14.95
N GLN A 18 -13.35 16.25 -14.83
CA GLN A 18 -14.36 15.26 -14.43
C GLN A 18 -14.30 14.02 -15.32
N GLU A 19 -14.45 14.20 -16.63
CA GLU A 19 -14.40 13.10 -17.58
C GLU A 19 -12.99 12.59 -17.83
N TYR A 20 -11.99 13.39 -17.43
CA TYR A 20 -10.60 13.05 -17.67
C TYR A 20 -10.28 11.64 -17.20
N PHE A 21 -10.86 11.26 -16.08
CA PHE A 21 -10.62 9.94 -15.52
C PHE A 21 -11.24 8.80 -16.34
N GLU A 22 -11.94 9.07 -17.44
CA GLU A 22 -12.53 7.96 -18.19
C GLU A 22 -11.79 7.62 -19.48
N HIS A 23 -11.89 8.50 -20.49
CA HIS A 23 -11.19 8.27 -21.75
C HIS A 23 -9.68 8.41 -21.61
N GLY A 24 -9.27 9.23 -20.67
CA GLY A 24 -7.85 9.43 -20.45
C GLY A 24 -7.22 10.26 -21.54
N ASP A 25 -6.93 11.52 -21.25
CA ASP A 25 -6.32 12.39 -22.24
C ASP A 25 -5.60 13.56 -21.58
N THR A 26 -4.28 13.52 -21.61
CA THR A 26 -3.47 14.58 -21.02
C THR A 26 -3.39 15.79 -21.96
N ASN A 27 -3.54 15.52 -23.26
CA ASN A 27 -3.46 16.56 -24.28
C ASN A 27 -4.63 17.52 -24.13
N GLU A 28 -5.73 17.01 -23.61
CA GLU A 28 -6.90 17.83 -23.40
C GLU A 28 -6.64 18.75 -22.21
N VAL A 29 -5.77 18.24 -21.32
CA VAL A 29 -5.43 18.94 -20.09
C VAL A 29 -4.33 19.99 -20.29
N ALA A 30 -3.43 19.76 -21.27
CA ALA A 30 -2.28 20.65 -21.47
C ALA A 30 -2.64 22.09 -21.87
N GLU A 31 -3.34 22.29 -22.98
CA GLU A 31 -3.72 23.63 -23.40
C GLU A 31 -4.60 24.33 -22.37
N MET A 32 -5.51 23.56 -21.78
CA MET A 32 -6.41 24.09 -20.77
C MET A 32 -5.63 24.75 -19.65
N LEU A 33 -4.53 24.13 -19.25
CA LEU A 33 -3.70 24.65 -18.19
C LEU A 33 -2.91 25.89 -18.60
N ARG A 34 -2.59 26.03 -19.89
CA ARG A 34 -1.83 27.19 -20.35
C ARG A 34 -2.68 28.45 -20.29
N ASP A 35 -3.77 28.46 -21.04
CA ASP A 35 -4.72 29.57 -21.04
C ASP A 35 -5.36 29.91 -19.68
N LEU A 36 -4.80 29.39 -18.60
CA LEU A 36 -5.31 29.65 -17.27
C LEU A 36 -4.44 30.71 -16.58
N ASN A 37 -3.18 30.80 -17.03
CA ASN A 37 -2.22 31.77 -16.50
C ASN A 37 -2.11 31.69 -14.98
N LEU A 38 -1.64 30.56 -14.49
CA LEU A 38 -1.50 30.35 -13.06
C LEU A 38 -0.04 30.29 -12.66
N GLY A 39 0.37 31.22 -11.79
CA GLY A 39 1.74 31.24 -11.32
C GLY A 39 1.95 30.18 -10.27
N GLU A 40 1.64 30.52 -9.02
CA GLU A 40 1.77 29.59 -7.92
C GLU A 40 0.54 28.68 -7.90
N MET A 41 -0.54 29.19 -8.49
CA MET A 41 -1.81 28.47 -8.57
C MET A 41 -1.72 27.35 -9.61
N LYS A 42 -0.56 27.22 -10.26
CA LYS A 42 -0.36 26.19 -11.27
C LYS A 42 -0.51 24.81 -10.65
N SER A 43 -0.19 24.72 -9.37
CA SER A 43 -0.28 23.48 -8.62
C SER A 43 -1.74 23.18 -8.26
N GLY A 44 -2.64 24.05 -8.69
CA GLY A 44 -4.05 23.89 -8.39
C GLY A 44 -4.60 22.57 -8.90
N VAL A 45 -4.45 22.30 -10.20
CA VAL A 45 -4.94 21.06 -10.80
C VAL A 45 -4.46 19.78 -10.10
N PRO A 46 -3.13 19.57 -9.97
CA PRO A 46 -2.60 18.37 -9.31
C PRO A 46 -3.06 18.25 -7.85
N VAL A 47 -3.57 19.34 -7.30
CA VAL A 47 -4.11 19.32 -5.94
C VAL A 47 -5.60 18.95 -5.95
N LEU A 48 -6.34 19.53 -6.91
CA LEU A 48 -7.77 19.29 -7.05
C LEU A 48 -8.04 17.89 -7.61
N ALA A 49 -7.66 17.66 -8.84
CA ALA A 49 -7.81 16.36 -9.46
C ALA A 49 -7.23 15.21 -8.63
N VAL A 50 -6.22 15.47 -7.73
CA VAL A 50 -5.59 14.30 -7.10
C VAL A 50 -6.55 13.87 -5.98
N SER A 51 -7.31 14.88 -5.44
CA SER A 51 -8.23 14.68 -4.28
C SER A 51 -9.55 14.00 -4.63
N LEU A 52 -10.01 14.20 -5.87
CA LEU A 52 -11.29 13.65 -6.35
C LEU A 52 -11.20 12.13 -6.51
N ALA A 53 -10.24 11.69 -7.33
CA ALA A 53 -9.92 10.24 -7.59
C ALA A 53 -9.80 9.32 -6.35
N LEU A 54 -10.01 9.98 -5.21
CA LEU A 54 -9.92 9.34 -3.89
C LEU A 54 -11.25 8.69 -3.46
N GLU A 55 -12.36 9.42 -3.66
CA GLU A 55 -13.71 9.03 -3.17
C GLU A 55 -14.29 7.64 -3.57
N GLY A 56 -14.12 7.20 -4.79
CA GLY A 56 -14.66 5.90 -5.15
C GLY A 56 -13.59 4.87 -5.37
N LYS A 57 -13.60 4.27 -6.55
CA LYS A 57 -12.65 3.25 -6.91
C LYS A 57 -11.22 3.78 -7.01
N ALA A 58 -10.29 2.93 -6.58
CA ALA A 58 -8.87 3.24 -6.59
C ALA A 58 -8.31 3.28 -8.02
N SER A 59 -8.97 2.57 -8.93
CA SER A 59 -8.52 2.52 -10.32
C SER A 59 -8.50 3.91 -10.95
N HIS A 60 -9.45 4.75 -10.56
CA HIS A 60 -9.51 6.10 -11.08
C HIS A 60 -8.27 6.89 -10.66
N ARG A 61 -7.81 6.65 -9.43
CA ARG A 61 -6.62 7.29 -8.90
C ARG A 61 -5.40 6.84 -9.70
N GLU A 62 -5.21 5.52 -9.73
CA GLU A 62 -4.12 4.92 -10.49
C GLU A 62 -4.00 5.54 -11.89
N MET A 63 -5.15 5.80 -12.52
CA MET A 63 -5.17 6.42 -13.85
C MET A 63 -4.69 7.87 -13.75
N THR A 64 -5.24 8.58 -12.78
CA THR A 64 -4.89 9.99 -12.53
C THR A 64 -3.38 10.22 -12.40
N SER A 65 -2.65 9.31 -11.78
CA SER A 65 -1.20 9.45 -11.64
C SER A 65 -0.49 9.81 -12.96
N LYS A 66 -1.00 9.35 -14.10
CA LYS A 66 -0.37 9.67 -15.38
C LYS A 66 -0.38 11.18 -15.65
N LEU A 67 -1.33 11.88 -15.04
CA LEU A 67 -1.47 13.31 -15.23
C LEU A 67 -0.21 14.06 -14.78
N LEU A 68 0.39 13.61 -13.67
CA LEU A 68 1.59 14.24 -13.16
C LEU A 68 2.76 14.07 -14.11
N SER A 69 3.17 12.81 -14.33
CA SER A 69 4.24 12.49 -15.25
C SER A 69 4.05 13.18 -16.61
N ASP A 70 2.80 13.44 -16.94
CA ASP A 70 2.47 14.15 -18.18
C ASP A 70 2.64 15.67 -18.07
N LEU A 71 2.00 16.27 -17.06
CA LEU A 71 2.04 17.72 -16.84
C LEU A 71 3.44 18.26 -16.60
N CYS A 72 4.15 17.66 -15.66
CA CYS A 72 5.50 18.09 -15.33
C CYS A 72 6.38 18.12 -16.58
N GLY A 73 7.18 19.16 -16.70
CA GLY A 73 8.05 19.30 -17.85
C GLY A 73 7.36 19.97 -19.03
N THR A 74 6.07 19.69 -19.18
CA THR A 74 5.29 20.26 -20.26
C THR A 74 4.72 21.62 -19.85
N VAL A 75 3.95 21.64 -18.76
CA VAL A 75 3.34 22.88 -18.29
C VAL A 75 3.46 23.01 -16.78
N MET A 76 4.20 22.11 -16.16
CA MET A 76 4.39 22.13 -14.71
C MET A 76 5.87 22.01 -14.37
N SER A 77 6.30 22.78 -13.38
CA SER A 77 7.69 22.75 -12.96
C SER A 77 7.94 21.59 -12.00
N THR A 78 9.21 21.23 -11.83
CA THR A 78 9.57 20.15 -10.92
C THR A 78 9.18 20.52 -9.48
N THR A 79 9.21 21.82 -9.18
CA THR A 79 8.84 22.32 -7.86
C THR A 79 7.33 22.22 -7.67
N ASP A 80 6.58 22.73 -8.67
CA ASP A 80 5.11 22.67 -8.65
C ASP A 80 4.57 21.34 -8.15
N VAL A 81 5.17 20.24 -8.57
CA VAL A 81 4.72 18.92 -8.11
C VAL A 81 4.84 18.80 -6.59
N GLU A 82 5.99 19.19 -6.05
CA GLU A 82 6.22 19.14 -4.60
C GLU A 82 5.20 20.02 -3.88
N LYS A 83 5.15 21.30 -4.29
CA LYS A 83 4.17 22.26 -3.75
C LYS A 83 2.74 21.72 -3.76
N SER A 84 2.46 20.79 -4.65
CA SER A 84 1.12 20.23 -4.74
C SER A 84 0.92 19.22 -3.62
N PHE A 85 1.92 18.36 -3.44
CA PHE A 85 1.89 17.34 -2.39
C PHE A 85 1.63 17.94 -1.02
N ASP A 86 2.34 19.01 -0.66
CA ASP A 86 2.14 19.65 0.64
C ASP A 86 0.69 20.10 0.80
N LYS A 87 0.22 20.87 -0.19
CA LYS A 87 -1.18 21.32 -0.20
C LYS A 87 -2.13 20.13 -0.04
N LEU A 88 -1.82 19.01 -0.68
CA LEU A 88 -2.63 17.81 -0.58
C LEU A 88 -2.55 17.24 0.83
N LEU A 89 -1.32 17.15 1.35
CA LEU A 89 -1.08 16.64 2.70
C LEU A 89 -1.93 17.37 3.74
N LYS A 90 -1.81 18.69 3.77
CA LYS A 90 -2.58 19.52 4.70
C LYS A 90 -4.08 19.52 4.41
N ASP A 91 -4.49 18.98 3.28
CA ASP A 91 -5.90 18.95 2.91
C ASP A 91 -6.52 17.62 3.28
N LEU A 92 -5.81 16.54 2.93
CA LEU A 92 -6.21 15.17 3.22
C LEU A 92 -7.05 14.97 4.50
N PRO A 93 -6.60 15.45 5.69
CA PRO A 93 -7.36 15.30 6.93
C PRO A 93 -8.82 15.79 6.84
N GLU A 94 -9.15 16.60 5.83
CA GLU A 94 -10.51 17.12 5.68
C GLU A 94 -11.47 16.07 5.14
N LEU A 95 -11.18 15.50 3.98
CA LEU A 95 -12.02 14.46 3.41
C LEU A 95 -11.80 13.12 4.10
N ALA A 96 -10.70 13.04 4.85
CA ALA A 96 -10.37 11.84 5.60
C ALA A 96 -11.43 11.57 6.65
N LEU A 97 -12.32 12.55 6.83
CA LEU A 97 -13.40 12.43 7.80
C LEU A 97 -14.53 11.58 7.25
N ASP A 98 -14.72 11.60 5.93
CA ASP A 98 -15.79 10.83 5.30
C ASP A 98 -15.18 9.63 4.58
N THR A 99 -13.93 9.34 4.89
CA THR A 99 -13.20 8.25 4.25
C THR A 99 -12.10 7.80 5.21
N PRO A 100 -12.42 6.86 6.12
CA PRO A 100 -11.47 6.35 7.13
C PRO A 100 -10.16 5.78 6.56
N ARG A 101 -10.13 5.52 5.27
CA ARG A 101 -8.93 4.98 4.64
C ARG A 101 -8.35 5.94 3.61
N ALA A 102 -8.88 7.15 3.57
CA ALA A 102 -8.40 8.17 2.63
C ALA A 102 -6.91 8.45 2.78
N PRO A 103 -6.42 8.73 4.02
CA PRO A 103 -5.00 8.99 4.27
C PRO A 103 -4.11 7.88 3.71
N GLN A 104 -4.40 6.65 4.09
CA GLN A 104 -3.65 5.49 3.61
C GLN A 104 -3.61 5.44 2.09
N LEU A 105 -4.74 5.73 1.46
CA LEU A 105 -4.83 5.71 0.01
C LEU A 105 -3.87 6.72 -0.61
N VAL A 106 -3.87 7.94 -0.07
CA VAL A 106 -2.96 8.99 -0.53
C VAL A 106 -1.50 8.54 -0.48
N GLY A 107 -1.18 7.66 0.48
CA GLY A 107 0.17 7.15 0.60
C GLY A 107 0.63 6.41 -0.64
N GLN A 108 -0.32 5.78 -1.32
CA GLN A 108 -0.03 5.03 -2.53
C GLN A 108 0.39 5.99 -3.66
N PHE A 109 -0.20 7.18 -3.66
CA PHE A 109 0.09 8.20 -4.65
C PHE A 109 1.49 8.77 -4.45
N ILE A 110 1.73 9.26 -3.23
CA ILE A 110 3.04 9.84 -2.88
C ILE A 110 4.17 8.90 -3.29
N ALA A 111 4.11 7.64 -2.85
CA ALA A 111 5.14 6.66 -3.22
C ALA A 111 5.28 6.50 -4.73
N ARG A 112 4.18 6.63 -5.45
CA ARG A 112 4.18 6.49 -6.91
C ARG A 112 5.05 7.55 -7.56
N ALA A 113 4.77 8.82 -7.24
CA ALA A 113 5.53 9.95 -7.78
C ALA A 113 7.04 9.80 -7.58
N VAL A 114 7.44 9.18 -6.48
CA VAL A 114 8.85 8.98 -6.20
C VAL A 114 9.42 7.98 -7.19
N GLY A 115 8.73 6.85 -7.33
CA GLY A 115 9.16 5.81 -8.25
C GLY A 115 9.26 6.27 -9.69
N ASP A 116 8.30 7.10 -10.13
CA ASP A 116 8.30 7.59 -11.50
C ASP A 116 9.44 8.57 -11.70
N GLY A 117 9.45 9.64 -10.90
CA GLY A 117 10.52 10.60 -10.97
C GLY A 117 10.02 12.02 -11.02
N ILE A 118 9.06 12.34 -10.16
CA ILE A 118 8.48 13.68 -10.10
C ILE A 118 8.45 14.16 -8.66
N LEU A 119 9.31 13.59 -7.84
CA LEU A 119 9.38 13.94 -6.43
C LEU A 119 10.73 13.54 -5.86
N CYS A 120 11.09 14.15 -4.74
CA CYS A 120 12.35 13.87 -4.07
C CYS A 120 12.31 12.51 -3.38
N ASN A 121 13.42 11.80 -3.40
CA ASN A 121 13.51 10.49 -2.78
C ASN A 121 13.46 10.58 -1.26
N THR A 122 14.02 11.64 -0.70
CA THR A 122 14.03 11.84 0.73
C THR A 122 12.85 12.71 1.17
N TYR A 123 11.77 12.66 0.40
CA TYR A 123 10.58 13.45 0.71
C TYR A 123 9.94 12.93 1.99
N ILE A 124 9.99 11.61 2.14
CA ILE A 124 9.44 10.95 3.33
C ILE A 124 10.31 11.28 4.53
N ASP A 125 11.63 11.28 4.31
CA ASP A 125 12.59 11.58 5.37
C ASP A 125 12.45 13.03 5.82
N SER A 126 12.04 13.88 4.90
CA SER A 126 11.83 15.29 5.21
C SER A 126 10.73 15.47 6.25
N TYR A 127 9.79 14.53 6.27
CA TYR A 127 8.68 14.58 7.21
C TYR A 127 8.75 13.43 8.21
N LYS A 128 9.93 12.79 8.25
CA LYS A 128 10.21 11.65 9.14
C LYS A 128 10.17 11.91 10.65
N GLY A 129 9.12 12.57 11.10
CA GLY A 129 8.96 12.87 12.51
C GLY A 129 8.58 14.31 12.68
N THR A 130 8.51 15.00 11.55
CA THR A 130 8.15 16.39 11.51
C THR A 130 6.65 16.57 11.30
N VAL A 131 5.91 15.48 11.43
CA VAL A 131 4.47 15.53 11.25
C VAL A 131 3.74 15.49 12.58
N ASP A 132 2.90 16.49 12.81
CA ASP A 132 2.12 16.60 14.03
C ASP A 132 0.68 16.17 13.80
N CYS A 133 0.45 15.48 12.69
CA CYS A 133 -0.87 15.00 12.33
C CYS A 133 -0.85 13.52 12.00
N VAL A 134 -1.84 12.79 12.49
CA VAL A 134 -1.92 11.34 12.25
C VAL A 134 -2.28 11.05 10.79
N GLN A 135 -3.28 11.78 10.28
CA GLN A 135 -3.71 11.63 8.89
C GLN A 135 -2.53 11.82 7.93
N ALA A 136 -1.68 12.78 8.26
CA ALA A 136 -0.49 13.08 7.46
C ALA A 136 0.62 12.04 7.71
N ARG A 137 0.54 11.39 8.86
CA ARG A 137 1.56 10.43 9.28
C ARG A 137 1.43 9.09 8.54
N ALA A 138 0.24 8.46 8.62
CA ALA A 138 -0.02 7.16 7.99
C ALA A 138 0.22 7.18 6.49
N ALA A 139 -0.03 8.34 5.89
CA ALA A 139 0.17 8.51 4.46
C ALA A 139 1.63 8.25 4.08
N LEU A 140 2.53 8.73 4.92
CA LEU A 140 3.96 8.55 4.69
C LEU A 140 4.39 7.12 4.99
N ASP A 141 3.75 6.52 5.99
CA ASP A 141 4.06 5.15 6.39
C ASP A 141 3.79 4.19 5.24
N LYS A 142 2.55 4.16 4.78
CA LYS A 142 2.16 3.31 3.66
C LYS A 142 3.06 3.52 2.45
N ALA A 143 3.44 4.78 2.19
CA ALA A 143 4.32 5.11 1.07
C ALA A 143 5.64 4.38 1.24
N THR A 144 6.20 4.48 2.45
CA THR A 144 7.46 3.79 2.78
C THR A 144 7.33 2.29 2.45
N VAL A 145 6.29 1.65 2.97
CA VAL A 145 6.04 0.23 2.71
C VAL A 145 6.02 -0.04 1.20
N LEU A 146 5.26 0.77 0.47
CA LEU A 146 5.13 0.65 -0.97
C LEU A 146 6.49 0.63 -1.66
N LEU A 147 7.42 1.45 -1.17
CA LEU A 147 8.77 1.50 -1.75
C LEU A 147 9.47 0.16 -1.59
N SER A 148 9.22 -0.50 -0.46
CA SER A 148 9.81 -1.78 -0.17
C SER A 148 9.13 -2.88 -0.99
N MET A 149 7.93 -2.56 -1.47
CA MET A 149 7.14 -3.47 -2.29
C MET A 149 7.43 -3.27 -3.78
N SER A 150 7.73 -2.03 -4.16
CA SER A 150 7.98 -1.69 -5.56
C SER A 150 9.26 -2.32 -6.11
N LYS A 151 10.23 -2.57 -5.24
CA LYS A 151 11.50 -3.15 -5.68
C LYS A 151 11.90 -4.34 -4.81
N GLY A 152 10.94 -5.21 -4.51
CA GLY A 152 11.24 -6.37 -3.70
C GLY A 152 10.01 -7.24 -3.49
N GLY A 153 10.23 -8.46 -3.03
CA GLY A 153 9.14 -9.39 -2.80
C GLY A 153 8.48 -9.86 -4.08
N LYS A 154 9.27 -10.08 -5.11
CA LYS A 154 8.75 -10.54 -6.39
C LYS A 154 9.19 -11.96 -6.69
N ARG A 155 8.65 -12.92 -5.95
CA ARG A 155 9.01 -14.32 -6.14
C ARG A 155 7.91 -15.07 -6.89
N LYS A 156 6.67 -14.78 -6.57
CA LYS A 156 5.53 -15.45 -7.20
C LYS A 156 5.07 -14.71 -8.45
N ASP A 157 5.99 -13.99 -9.08
CA ASP A 157 5.69 -13.22 -10.28
C ASP A 157 5.78 -14.08 -11.53
N SER A 158 6.62 -15.11 -11.47
CA SER A 158 6.82 -16.01 -12.61
C SER A 158 5.86 -17.20 -12.55
N VAL A 159 4.79 -17.05 -11.78
CA VAL A 159 3.80 -18.12 -11.64
C VAL A 159 2.68 -17.95 -12.66
N TRP A 160 2.08 -16.77 -12.72
CA TRP A 160 0.99 -16.52 -13.65
C TRP A 160 1.08 -15.13 -14.28
N GLY A 161 1.19 -15.10 -15.60
CA GLY A 161 1.25 -13.85 -16.32
C GLY A 161 -0.15 -13.34 -16.64
N SER A 162 -0.24 -12.15 -17.22
CA SER A 162 -1.53 -11.56 -17.57
C SER A 162 -1.41 -10.77 -18.87
N GLY A 163 -2.43 -9.99 -19.19
CA GLY A 163 -2.41 -9.19 -20.39
C GLY A 163 -2.86 -7.77 -20.15
N GLY B 1 -4.00 -4.85 -20.49
CA GLY B 1 -3.41 -4.20 -19.31
C GLY B 1 -4.00 -2.82 -19.05
N GLY B 2 -3.94 -1.96 -20.05
CA GLY B 2 -4.46 -0.61 -19.90
C GLY B 2 -3.52 0.23 -19.06
N GLN B 3 -4.06 0.87 -18.04
CA GLN B 3 -3.24 1.70 -17.17
C GLN B 3 -2.60 0.83 -16.10
N GLN B 4 -3.31 -0.21 -15.71
CA GLN B 4 -2.84 -1.13 -14.68
C GLN B 4 -3.55 -2.47 -14.80
N PRO B 5 -2.80 -3.52 -15.18
CA PRO B 5 -3.36 -4.87 -15.32
C PRO B 5 -3.85 -5.41 -13.98
N VAL B 6 -4.71 -6.43 -14.05
CA VAL B 6 -5.26 -7.05 -12.85
C VAL B 6 -4.15 -7.62 -11.97
N ASN B 7 -3.94 -7.01 -10.81
CA ASN B 7 -2.92 -7.46 -9.87
C ASN B 7 -3.36 -8.73 -9.17
N HIS B 8 -2.43 -9.66 -9.01
CA HIS B 8 -2.71 -10.93 -8.35
C HIS B 8 -1.41 -11.61 -7.96
N LEU B 9 -1.39 -12.24 -6.78
CA LEU B 9 -0.21 -12.95 -6.28
C LEU B 9 0.86 -11.97 -5.79
N VAL B 10 0.53 -10.68 -5.86
CA VAL B 10 1.44 -9.62 -5.45
C VAL B 10 0.65 -8.47 -4.84
N LYS B 11 1.31 -7.32 -4.68
CA LYS B 11 0.70 -6.11 -4.11
C LYS B 11 0.11 -6.33 -2.71
N GLU B 12 -1.11 -6.85 -2.67
CA GLU B 12 -1.84 -7.10 -1.42
C GLU B 12 -0.99 -7.79 -0.33
N ILE B 13 -0.48 -8.98 -0.62
CA ILE B 13 0.29 -9.74 0.37
C ILE B 13 1.62 -9.06 0.72
N ASP B 14 2.37 -8.69 -0.30
CA ASP B 14 3.66 -8.03 -0.12
C ASP B 14 3.52 -6.74 0.71
N MET B 15 2.37 -6.09 0.55
CA MET B 15 2.09 -4.85 1.26
C MET B 15 1.66 -5.09 2.71
N LEU B 16 0.62 -5.92 2.89
CA LEU B 16 0.06 -6.21 4.21
C LEU B 16 1.09 -6.66 5.23
N LEU B 17 1.95 -7.59 4.83
CA LEU B 17 2.98 -8.11 5.73
C LEU B 17 3.98 -7.02 6.12
N LYS B 18 4.39 -6.22 5.15
CA LYS B 18 5.35 -5.16 5.39
C LYS B 18 4.75 -3.99 6.18
N GLU B 19 3.51 -3.62 5.86
CA GLU B 19 2.83 -2.51 6.55
C GLU B 19 2.76 -2.79 8.05
N TYR B 20 2.33 -3.99 8.38
CA TYR B 20 2.22 -4.41 9.77
C TYR B 20 3.57 -4.29 10.47
N LEU B 21 4.64 -4.68 9.78
CA LEU B 21 5.99 -4.61 10.33
C LEU B 21 6.54 -3.17 10.36
N LEU B 22 5.98 -2.32 9.50
CA LEU B 22 6.42 -0.93 9.39
C LEU B 22 5.59 0.05 10.21
N SER B 23 4.32 0.16 9.86
CA SER B 23 3.39 1.08 10.50
C SER B 23 2.79 0.50 11.77
N GLY B 24 2.77 -0.83 11.87
CA GLY B 24 2.21 -1.47 13.04
C GLY B 24 0.72 -1.20 13.20
N ASP B 25 -0.01 -1.27 12.09
CA ASP B 25 -1.45 -1.02 12.11
C ASP B 25 -2.27 -2.27 11.77
N ILE B 26 -3.17 -2.63 12.69
CA ILE B 26 -4.04 -3.79 12.51
C ILE B 26 -5.16 -3.50 11.51
N SER B 27 -5.84 -2.37 11.71
CA SER B 27 -6.97 -1.96 10.88
C SER B 27 -6.73 -2.06 9.38
N GLU B 28 -5.59 -1.55 8.93
CA GLU B 28 -5.26 -1.58 7.50
C GLU B 28 -5.08 -3.01 6.99
N ALA B 29 -4.54 -3.87 7.85
CA ALA B 29 -4.31 -5.26 7.48
C ALA B 29 -5.64 -5.99 7.32
N GLU B 30 -6.51 -5.81 8.29
CA GLU B 30 -7.82 -6.45 8.28
C GLU B 30 -8.66 -6.02 7.08
N HIS B 31 -8.68 -4.72 6.83
CA HIS B 31 -9.47 -4.19 5.73
C HIS B 31 -9.01 -4.70 4.37
N CYS B 32 -7.71 -4.57 4.09
CA CYS B 32 -7.17 -5.02 2.81
C CYS B 32 -7.34 -6.53 2.61
N LEU B 33 -7.30 -7.29 3.70
CA LEU B 33 -7.48 -8.73 3.61
C LEU B 33 -8.92 -9.04 3.21
N LYS B 34 -9.83 -8.26 3.77
CA LYS B 34 -11.25 -8.38 3.47
C LYS B 34 -11.61 -7.80 2.10
N GLU B 35 -10.74 -6.91 1.59
CA GLU B 35 -10.95 -6.23 0.29
C GLU B 35 -11.24 -7.21 -0.85
N LEU B 36 -10.31 -8.14 -1.09
CA LEU B 36 -10.47 -9.17 -2.14
C LEU B 36 -11.77 -10.00 -2.04
N GLU B 37 -11.80 -11.12 -2.75
CA GLU B 37 -12.98 -11.97 -2.81
C GLU B 37 -12.60 -13.46 -2.77
N VAL B 38 -11.34 -13.73 -2.48
CA VAL B 38 -10.85 -15.10 -2.44
C VAL B 38 -10.29 -15.49 -1.07
N PRO B 39 -11.15 -16.01 -0.18
CA PRO B 39 -10.73 -16.45 1.16
C PRO B 39 -9.71 -17.58 1.11
N HIS B 40 -9.83 -18.44 0.10
CA HIS B 40 -8.92 -19.58 -0.07
C HIS B 40 -7.51 -19.11 -0.43
N PHE B 41 -7.42 -18.02 -1.18
CA PHE B 41 -6.14 -17.48 -1.62
C PHE B 41 -5.37 -16.89 -0.44
N HIS B 42 -6.05 -16.68 0.68
CA HIS B 42 -5.42 -16.11 1.88
C HIS B 42 -4.38 -17.07 2.45
N HIS B 43 -4.45 -18.33 2.05
CA HIS B 43 -3.52 -19.36 2.50
C HIS B 43 -2.07 -19.01 2.14
N GLU B 44 -1.91 -18.18 1.11
CA GLU B 44 -0.59 -17.78 0.64
C GLU B 44 0.04 -16.76 1.57
N LEU B 45 -0.79 -15.90 2.16
CA LEU B 45 -0.33 -14.86 3.08
C LEU B 45 0.15 -15.48 4.39
N VAL B 46 -0.46 -16.60 4.73
CA VAL B 46 -0.13 -17.31 5.95
C VAL B 46 1.29 -17.88 5.86
N TYR B 47 1.55 -18.57 4.75
CA TYR B 47 2.85 -19.17 4.49
C TYR B 47 4.00 -18.18 4.67
N GLU B 48 3.97 -17.09 3.91
CA GLU B 48 5.02 -16.07 3.99
C GLU B 48 5.14 -15.49 5.41
N ALA B 49 3.98 -15.19 6.00
CA ALA B 49 3.94 -14.65 7.36
C ALA B 49 4.73 -15.52 8.34
N ILE B 50 4.56 -16.84 8.25
CA ILE B 50 5.27 -17.74 9.15
C ILE B 50 6.76 -17.74 8.79
N VAL B 51 7.03 -17.91 7.50
CA VAL B 51 8.40 -17.91 6.98
C VAL B 51 9.19 -16.72 7.54
N MET B 52 8.69 -15.50 7.33
CA MET B 52 9.34 -14.30 7.84
C MET B 52 9.46 -14.34 9.36
N VAL B 53 8.41 -14.83 10.00
CA VAL B 53 8.39 -14.96 11.47
C VAL B 53 9.70 -15.58 11.97
N LEU B 54 10.13 -16.66 11.32
CA LEU B 54 11.39 -17.32 11.69
C LEU B 54 12.58 -16.69 10.98
N GLU B 55 12.40 -16.34 9.72
CA GLU B 55 13.46 -15.77 8.91
C GLU B 55 13.84 -14.31 9.21
N SER B 56 13.46 -13.77 10.39
CA SER B 56 13.79 -12.38 10.73
C SER B 56 14.75 -12.32 11.91
N THR B 57 14.94 -11.12 12.48
CA THR B 57 15.82 -10.92 13.62
C THR B 57 15.11 -10.01 14.63
N GLY B 58 15.14 -10.39 15.90
CA GLY B 58 14.49 -9.60 16.94
C GLY B 58 13.19 -10.24 17.43
N GLU B 59 12.76 -9.86 18.64
CA GLU B 59 11.54 -10.41 19.23
C GLU B 59 10.31 -9.68 18.68
N SER B 60 10.55 -8.45 18.22
CA SER B 60 9.52 -7.62 17.63
C SER B 60 8.98 -8.31 16.38
N ALA B 61 9.79 -9.21 15.86
CA ALA B 61 9.46 -9.95 14.67
C ALA B 61 8.46 -11.06 14.99
N PHE B 62 8.49 -11.58 16.23
CA PHE B 62 7.62 -12.69 16.61
C PHE B 62 6.15 -12.30 16.88
N LYS B 63 5.89 -11.68 18.04
CA LYS B 63 4.53 -11.26 18.43
C LYS B 63 3.83 -10.42 17.38
N MET B 64 4.52 -9.37 16.98
CA MET B 64 4.01 -8.45 15.97
C MET B 64 3.49 -9.19 14.75
N ILE B 65 4.20 -10.21 14.30
CA ILE B 65 3.76 -10.98 13.14
C ILE B 65 2.78 -12.10 13.54
N LEU B 66 2.95 -12.66 14.74
CA LEU B 66 2.09 -13.74 15.22
C LEU B 66 0.65 -13.27 15.38
N ASP B 67 0.47 -12.13 16.02
CA ASP B 67 -0.88 -11.58 16.19
C ASP B 67 -1.38 -11.04 14.87
N LEU B 68 -0.42 -10.65 14.04
CA LEU B 68 -0.72 -10.14 12.70
C LEU B 68 -1.62 -11.13 11.97
N LEU B 69 -1.19 -12.38 11.90
CA LEU B 69 -1.99 -13.42 11.26
C LEU B 69 -3.31 -13.65 12.01
N LYS B 70 -3.24 -13.85 13.33
CA LYS B 70 -4.42 -14.10 14.15
C LYS B 70 -5.40 -12.95 14.35
N SER B 71 -5.01 -11.69 14.04
CA SER B 71 -5.90 -10.54 14.33
C SER B 71 -7.29 -10.85 13.80
N LEU B 72 -7.38 -11.06 12.49
CA LEU B 72 -8.61 -11.43 11.81
C LEU B 72 -9.00 -12.90 11.92
N TRP B 73 -8.09 -13.77 12.40
CA TRP B 73 -8.31 -15.22 12.35
C TRP B 73 -9.66 -15.66 12.92
N LYS B 74 -9.85 -15.53 14.23
CA LYS B 74 -11.13 -15.92 14.84
C LYS B 74 -12.31 -15.00 14.59
N SER B 75 -12.21 -14.04 13.69
CA SER B 75 -13.32 -13.14 13.51
C SER B 75 -14.16 -13.54 12.28
N SER B 76 -13.54 -14.23 11.28
CA SER B 76 -14.26 -14.68 10.06
C SER B 76 -13.33 -14.90 8.86
N THR B 77 -12.28 -14.08 8.76
CA THR B 77 -11.36 -14.15 7.64
C THR B 77 -10.69 -15.50 7.44
N ILE B 78 -9.71 -15.82 8.28
CA ILE B 78 -8.98 -17.07 8.17
C ILE B 78 -9.77 -18.27 8.67
N THR B 79 -9.87 -19.29 7.83
CA THR B 79 -10.56 -20.51 8.17
C THR B 79 -9.48 -21.58 8.37
N ILE B 80 -9.77 -22.58 9.21
CA ILE B 80 -8.82 -23.64 9.55
C ILE B 80 -7.96 -24.26 8.43
N ASP B 81 -8.49 -24.54 7.26
CA ASP B 81 -7.68 -25.18 6.23
C ASP B 81 -6.71 -24.20 5.60
N GLN B 82 -7.07 -22.92 5.64
CA GLN B 82 -6.24 -21.87 5.07
C GLN B 82 -4.87 -21.87 5.71
N MET B 83 -4.81 -21.86 7.04
CA MET B 83 -3.54 -21.89 7.75
C MET B 83 -3.01 -23.33 7.83
N LYS B 84 -3.89 -24.31 7.58
CA LYS B 84 -3.53 -25.72 7.70
C LYS B 84 -2.45 -26.07 6.68
N ARG B 85 -2.77 -25.86 5.42
CA ARG B 85 -1.82 -26.12 4.34
C ARG B 85 -0.64 -25.17 4.45
N GLY B 86 -0.81 -24.10 5.22
CA GLY B 86 0.25 -23.13 5.39
C GLY B 86 1.24 -23.64 6.43
N TYR B 87 0.71 -24.25 7.49
CA TYR B 87 1.52 -24.80 8.57
C TYR B 87 2.25 -26.05 8.12
N GLU B 88 1.58 -26.84 7.29
CA GLU B 88 2.15 -28.07 6.78
C GLU B 88 3.22 -27.76 5.73
N ARG B 89 3.02 -26.65 5.04
CA ARG B 89 3.97 -26.22 4.01
C ARG B 89 5.31 -25.83 4.62
N ILE B 90 5.29 -25.42 5.88
CA ILE B 90 6.51 -25.01 6.57
C ILE B 90 7.50 -26.18 6.65
N TYR B 91 7.09 -27.27 7.28
CA TYR B 91 7.93 -28.46 7.37
C TYR B 91 8.44 -28.95 6.03
N ASN B 92 7.70 -28.67 4.97
CA ASN B 92 8.11 -29.07 3.62
C ASN B 92 9.33 -28.24 3.19
N GLU B 93 9.32 -26.96 3.56
CA GLU B 93 10.40 -26.05 3.23
C GLU B 93 11.45 -26.01 4.33
N ILE B 94 11.17 -26.73 5.41
CA ILE B 94 12.08 -26.80 6.56
C ILE B 94 13.51 -27.23 6.18
N PRO B 95 13.70 -28.33 5.42
CA PRO B 95 15.04 -28.78 5.03
C PRO B 95 15.80 -27.71 4.26
N ASP B 96 15.07 -26.86 3.56
CA ASP B 96 15.68 -25.78 2.78
C ASP B 96 16.19 -24.69 3.69
N ILE B 97 15.34 -24.29 4.63
CA ILE B 97 15.68 -23.24 5.59
C ILE B 97 16.76 -23.72 6.55
N ASN B 98 16.67 -24.98 6.96
CA ASN B 98 17.64 -25.55 7.88
C ASN B 98 18.94 -25.90 7.17
N LEU B 99 18.85 -26.83 6.23
CA LEU B 99 20.03 -27.29 5.48
C LEU B 99 21.07 -27.86 6.44
N ASP B 100 20.64 -28.88 7.18
CA ASP B 100 21.47 -29.54 8.19
C ASP B 100 21.55 -28.69 9.46
N VAL B 101 21.65 -29.34 10.61
CA VAL B 101 21.70 -28.63 11.90
C VAL B 101 20.42 -27.82 12.07
N PRO B 102 19.34 -28.49 12.50
CA PRO B 102 18.02 -27.86 12.66
C PRO B 102 17.86 -27.06 13.95
N HIS B 103 18.90 -26.31 14.33
CA HIS B 103 18.83 -25.48 15.54
C HIS B 103 17.66 -24.49 15.48
N SER B 104 17.19 -24.20 14.28
CA SER B 104 16.07 -23.29 14.07
C SER B 104 14.77 -23.86 14.66
N TYR B 105 14.80 -25.14 15.05
CA TYR B 105 13.64 -25.79 15.64
C TYR B 105 13.26 -25.10 16.94
N SER B 106 14.27 -24.56 17.62
CA SER B 106 14.07 -23.82 18.86
C SER B 106 12.97 -22.78 18.63
N VAL B 107 13.05 -22.12 17.49
CA VAL B 107 12.05 -21.12 17.11
C VAL B 107 10.82 -21.79 16.52
N LEU B 108 11.03 -22.61 15.49
CA LEU B 108 9.95 -23.33 14.81
C LEU B 108 8.85 -23.94 15.66
N GLU B 109 9.14 -24.71 16.69
CA GLU B 109 8.05 -25.33 17.45
C GLU B 109 7.50 -24.38 18.50
N ARG B 110 8.28 -23.34 18.80
CA ARG B 110 7.92 -22.39 19.85
C ARG B 110 6.65 -21.64 19.46
N PHE B 111 6.55 -21.29 18.18
CA PHE B 111 5.38 -20.61 17.64
C PHE B 111 4.26 -21.62 17.39
N VAL B 112 4.65 -22.87 17.23
CA VAL B 112 3.70 -23.95 16.98
C VAL B 112 2.90 -24.21 18.25
N GLU B 113 3.60 -24.26 19.38
CA GLU B 113 2.95 -24.46 20.67
C GLU B 113 2.16 -23.22 21.06
N GLU B 114 2.54 -22.08 20.50
CA GLU B 114 1.91 -20.80 20.78
C GLU B 114 0.48 -20.81 20.25
N CYS B 115 0.33 -21.05 18.95
CA CYS B 115 -0.98 -21.12 18.33
C CYS B 115 -1.83 -22.27 18.86
N PHE B 116 -1.18 -23.26 19.46
CA PHE B 116 -1.87 -24.42 20.01
C PHE B 116 -2.58 -23.99 21.31
N GLN B 117 -2.10 -22.87 21.80
CA GLN B 117 -2.60 -22.29 23.05
C GLN B 117 -3.80 -21.37 22.85
N ALA B 118 -3.73 -20.58 21.77
CA ALA B 118 -4.79 -19.61 21.46
C ALA B 118 -6.04 -20.21 20.84
N GLY B 119 -6.01 -21.50 20.55
CA GLY B 119 -7.16 -22.14 19.96
C GLY B 119 -7.18 -21.93 18.46
N ILE B 120 -5.99 -21.80 17.89
CA ILE B 120 -5.84 -21.59 16.45
C ILE B 120 -5.77 -22.94 15.75
N ILE B 121 -4.68 -23.65 15.95
CA ILE B 121 -4.48 -24.95 15.33
C ILE B 121 -5.17 -26.04 16.13
N SER B 122 -4.68 -27.26 16.02
CA SER B 122 -5.25 -28.40 16.70
C SER B 122 -4.18 -29.47 16.82
N LYS B 123 -4.46 -30.55 17.55
CA LYS B 123 -3.50 -31.62 17.70
C LYS B 123 -3.24 -32.22 16.33
N GLN B 124 -4.31 -32.58 15.66
CA GLN B 124 -4.27 -33.12 14.30
C GLN B 124 -3.30 -32.33 13.41
N LEU B 125 -3.37 -31.00 13.49
CA LEU B 125 -2.50 -30.15 12.68
C LEU B 125 -1.07 -30.10 13.23
N ARG B 126 -0.94 -30.06 14.55
CA ARG B 126 0.37 -30.02 15.20
C ARG B 126 1.07 -31.36 15.07
N ASP B 127 0.32 -32.39 14.72
CA ASP B 127 0.86 -33.74 14.65
C ASP B 127 1.94 -33.85 13.58
N LEU B 128 1.79 -33.07 12.51
CA LEU B 128 2.74 -33.08 11.41
C LEU B 128 4.01 -32.31 11.75
N CYS B 129 4.05 -31.71 12.93
CA CYS B 129 5.21 -30.94 13.36
C CYS B 129 6.24 -31.86 14.03
N PRO B 130 7.53 -31.57 13.83
CA PRO B 130 8.61 -32.36 14.43
C PRO B 130 8.76 -32.06 15.92
N SER B 131 7.78 -32.49 16.70
CA SER B 131 7.80 -32.28 18.14
C SER B 131 8.80 -33.20 18.82
N GLY A 1 3.01 29.52 -1.69
CA GLY A 1 2.17 30.70 -1.38
C GLY A 1 0.74 30.32 -1.08
N LEU A 2 -0.16 31.27 -1.20
CA LEU A 2 -1.57 31.04 -0.93
C LEU A 2 -2.37 31.26 -2.21
N PRO A 3 -3.38 30.41 -2.46
CA PRO A 3 -4.21 30.50 -3.65
C PRO A 3 -5.28 31.58 -3.53
N LEU A 4 -5.50 32.32 -4.60
CA LEU A 4 -6.51 33.37 -4.62
C LEU A 4 -7.79 32.87 -5.27
N ASP A 5 -8.84 32.73 -4.44
CA ASP A 5 -10.16 32.27 -4.89
C ASP A 5 -10.18 30.82 -5.36
N GLU A 6 -10.19 29.90 -4.40
CA GLU A 6 -10.21 28.47 -4.71
C GLU A 6 -11.60 28.00 -5.14
N ARG A 7 -12.63 28.70 -4.66
CA ARG A 7 -14.02 28.34 -4.96
C ARG A 7 -14.28 28.36 -6.47
N ALA A 8 -13.76 29.38 -7.12
CA ALA A 8 -13.87 29.52 -8.56
C ALA A 8 -12.92 28.54 -9.24
N PHE A 9 -11.93 28.13 -8.47
CA PHE A 9 -10.88 27.26 -8.97
C PHE A 9 -11.29 25.77 -8.99
N GLU A 10 -11.85 25.28 -7.89
CA GLU A 10 -12.23 23.87 -7.78
C GLU A 10 -13.43 23.52 -8.66
N LYS A 11 -14.45 24.36 -8.62
CA LYS A 11 -15.67 24.14 -9.39
C LYS A 11 -15.40 24.06 -10.89
N THR A 12 -14.48 24.89 -11.35
CA THR A 12 -14.11 24.91 -12.75
C THR A 12 -13.21 23.72 -13.11
N LEU A 13 -12.57 23.14 -12.10
CA LEU A 13 -11.66 22.03 -12.32
C LEU A 13 -12.38 20.68 -12.36
N THR A 14 -13.56 20.61 -11.73
CA THR A 14 -14.35 19.39 -11.69
C THR A 14 -14.58 18.77 -13.09
N PRO A 15 -15.21 19.52 -14.04
CA PRO A 15 -15.47 19.01 -15.39
C PRO A 15 -14.19 18.70 -16.16
N ILE A 16 -13.09 19.24 -15.67
CA ILE A 16 -11.79 19.01 -16.29
C ILE A 16 -11.29 17.62 -15.93
N ILE A 17 -11.29 17.32 -14.64
CA ILE A 17 -10.84 16.04 -14.12
C ILE A 17 -11.72 14.89 -14.65
N GLN A 18 -13.04 15.06 -14.51
CA GLN A 18 -13.99 14.05 -14.99
C GLN A 18 -13.76 13.66 -16.45
N GLU A 19 -13.32 14.61 -17.26
CA GLU A 19 -13.05 14.35 -18.68
C GLU A 19 -11.92 13.36 -18.85
N TYR A 20 -10.85 13.57 -18.07
CA TYR A 20 -9.69 12.72 -18.13
C TYR A 20 -10.03 11.28 -17.75
N PHE A 21 -10.78 11.11 -16.68
CA PHE A 21 -11.16 9.79 -16.19
C PHE A 21 -12.06 9.01 -17.15
N GLU A 22 -12.68 9.72 -18.10
CA GLU A 22 -13.58 9.07 -19.05
C GLU A 22 -12.83 8.40 -20.19
N HIS A 23 -11.99 9.15 -20.88
CA HIS A 23 -11.26 8.62 -22.03
C HIS A 23 -9.80 8.30 -21.72
N GLY A 24 -9.17 9.08 -20.86
CA GLY A 24 -7.78 8.85 -20.51
C GLY A 24 -6.82 9.57 -21.43
N ASP A 25 -7.01 10.88 -21.58
CA ASP A 25 -6.15 11.69 -22.44
C ASP A 25 -5.50 12.81 -21.64
N THR A 26 -4.23 12.66 -21.37
CA THR A 26 -3.47 13.65 -20.60
C THR A 26 -3.17 14.91 -21.40
N ASN A 27 -3.21 14.80 -22.73
CA ASN A 27 -2.90 15.94 -23.60
C ASN A 27 -3.92 17.06 -23.46
N GLU A 28 -5.21 16.72 -23.46
CA GLU A 28 -6.26 17.71 -23.32
C GLU A 28 -6.07 18.54 -22.06
N VAL A 29 -5.85 17.85 -20.94
CA VAL A 29 -5.62 18.52 -19.65
C VAL A 29 -4.43 19.48 -19.75
N ALA A 30 -3.42 19.10 -20.51
CA ALA A 30 -2.24 19.92 -20.69
C ALA A 30 -2.57 21.19 -21.47
N GLU A 31 -3.42 21.03 -22.49
CA GLU A 31 -3.84 22.14 -23.32
C GLU A 31 -4.58 23.17 -22.48
N MET A 32 -5.47 22.68 -21.62
CA MET A 32 -6.27 23.53 -20.75
C MET A 32 -5.39 24.32 -19.78
N LEU A 33 -4.42 23.63 -19.20
CA LEU A 33 -3.50 24.25 -18.23
C LEU A 33 -2.74 25.42 -18.83
N ARG A 34 -2.44 25.35 -20.13
CA ARG A 34 -1.71 26.42 -20.80
C ARG A 34 -2.60 27.66 -20.95
N ASP A 35 -3.89 27.45 -21.03
CA ASP A 35 -4.84 28.55 -21.17
C ASP A 35 -5.34 29.06 -19.81
N LEU A 36 -4.82 28.51 -18.72
CA LEU A 36 -5.25 28.92 -17.39
C LEU A 36 -4.39 30.04 -16.82
N ASN A 37 -3.13 30.11 -17.25
CA ASN A 37 -2.20 31.16 -16.79
C ASN A 37 -2.08 31.17 -15.26
N LEU A 38 -1.85 29.99 -14.69
CA LEU A 38 -1.73 29.87 -13.24
C LEU A 38 -0.30 29.60 -12.80
N GLY A 39 0.13 30.31 -11.76
CA GLY A 39 1.47 30.12 -11.23
C GLY A 39 1.46 29.17 -10.05
N GLU A 40 1.23 29.72 -8.85
CA GLU A 40 1.17 28.91 -7.64
C GLU A 40 -0.09 28.05 -7.65
N MET A 41 -1.11 28.56 -8.33
CA MET A 41 -2.39 27.87 -8.44
C MET A 41 -2.29 26.65 -9.35
N LYS A 42 -1.17 26.53 -10.06
CA LYS A 42 -0.95 25.43 -10.97
C LYS A 42 -0.87 24.10 -10.22
N SER A 43 -0.43 24.17 -8.97
CA SER A 43 -0.32 22.98 -8.13
C SER A 43 -1.68 22.54 -7.59
N GLY A 44 -2.66 23.40 -7.78
CA GLY A 44 -4.01 23.11 -7.32
C GLY A 44 -4.63 21.95 -8.07
N VAL A 45 -4.55 22.01 -9.40
CA VAL A 45 -5.08 20.97 -10.28
C VAL A 45 -4.74 19.54 -9.84
N PRO A 46 -3.43 19.19 -9.77
CA PRO A 46 -3.01 17.84 -9.36
C PRO A 46 -3.59 17.41 -8.00
N VAL A 47 -3.71 18.36 -7.08
CA VAL A 47 -4.25 18.06 -5.76
C VAL A 47 -5.71 17.62 -5.86
N LEU A 48 -6.53 18.45 -6.49
CA LEU A 48 -7.95 18.14 -6.65
C LEU A 48 -8.15 16.85 -7.45
N ALA A 49 -7.49 16.79 -8.60
CA ALA A 49 -7.55 15.61 -9.46
C ALA A 49 -7.27 14.32 -8.69
N VAL A 50 -6.36 14.39 -7.73
CA VAL A 50 -6.02 13.23 -6.93
C VAL A 50 -7.10 12.95 -5.87
N SER A 51 -7.56 14.01 -5.20
CA SER A 51 -8.59 13.86 -4.17
C SER A 51 -9.86 13.23 -4.73
N LEU A 52 -10.36 13.78 -5.83
CA LEU A 52 -11.58 13.27 -6.47
C LEU A 52 -11.40 11.83 -6.98
N ALA A 53 -10.17 11.45 -7.21
CA ALA A 53 -9.86 10.10 -7.70
C ALA A 53 -10.04 9.09 -6.57
N LEU A 54 -9.76 9.55 -5.36
CA LEU A 54 -9.87 8.71 -4.17
C LEU A 54 -11.31 8.25 -3.94
N GLU A 55 -12.25 9.11 -4.30
CA GLU A 55 -13.67 8.79 -4.13
C GLU A 55 -14.07 7.69 -5.11
N GLY A 56 -13.54 7.77 -6.32
CA GLY A 56 -13.81 6.78 -7.33
C GLY A 56 -13.25 5.40 -6.97
N LYS A 57 -13.39 4.46 -7.87
CA LYS A 57 -12.91 3.10 -7.65
C LYS A 57 -11.39 3.03 -7.64
N ALA A 58 -10.87 1.85 -7.30
CA ALA A 58 -9.44 1.63 -7.23
C ALA A 58 -8.73 1.95 -8.54
N SER A 59 -9.41 1.71 -9.67
CA SER A 59 -8.82 1.97 -10.98
C SER A 59 -8.54 3.46 -11.16
N HIS A 60 -9.60 4.27 -11.13
CA HIS A 60 -9.44 5.73 -11.20
C HIS A 60 -8.35 6.30 -10.29
N ARG A 61 -8.01 5.61 -9.20
CA ARG A 61 -6.97 6.08 -8.31
C ARG A 61 -5.58 5.84 -8.89
N GLU A 62 -5.44 4.77 -9.65
CA GLU A 62 -4.16 4.41 -10.26
C GLU A 62 -3.93 5.29 -11.49
N MET A 63 -5.01 5.54 -12.22
CA MET A 63 -4.97 6.33 -13.45
C MET A 63 -4.51 7.75 -13.18
N THR A 64 -4.53 8.15 -11.92
CA THR A 64 -4.15 9.49 -11.54
C THR A 64 -2.62 9.65 -11.49
N SER A 65 -1.90 8.54 -11.29
CA SER A 65 -0.44 8.57 -11.18
C SER A 65 0.24 9.08 -12.47
N LYS A 66 -0.19 8.55 -13.61
CA LYS A 66 0.38 8.93 -14.91
C LYS A 66 0.15 10.41 -15.19
N LEU A 67 -1.13 10.76 -15.07
CA LEU A 67 -1.58 12.15 -15.25
C LEU A 67 -0.61 13.17 -14.61
N LEU A 68 -0.10 12.86 -13.43
CA LEU A 68 0.85 13.77 -12.75
C LEU A 68 2.14 13.94 -13.54
N SER A 69 2.79 12.81 -13.85
CA SER A 69 4.04 12.82 -14.59
C SER A 69 3.87 13.38 -16.00
N ASP A 70 2.82 12.95 -16.68
CA ASP A 70 2.51 13.43 -18.03
C ASP A 70 2.48 14.96 -18.07
N LEU A 71 1.95 15.57 -17.02
CA LEU A 71 1.90 17.01 -16.93
C LEU A 71 3.24 17.58 -16.48
N CYS A 72 4.02 16.77 -15.79
CA CYS A 72 5.34 17.18 -15.28
C CYS A 72 6.33 17.38 -16.41
N GLY A 73 6.96 18.55 -16.40
CA GLY A 73 7.94 18.88 -17.42
C GLY A 73 7.28 19.46 -18.66
N THR A 74 6.05 19.05 -18.92
CA THR A 74 5.31 19.52 -20.07
C THR A 74 4.71 20.90 -19.75
N VAL A 75 3.93 20.96 -18.68
CA VAL A 75 3.31 22.20 -18.26
C VAL A 75 3.54 22.47 -16.77
N MET A 76 3.57 21.41 -15.98
CA MET A 76 3.78 21.52 -14.55
C MET A 76 5.20 21.09 -14.20
N SER A 77 6.01 22.06 -13.82
CA SER A 77 7.39 21.80 -13.45
C SER A 77 7.48 21.09 -12.10
N THR A 78 8.38 20.10 -12.01
CA THR A 78 8.61 19.35 -10.77
C THR A 78 8.56 20.21 -9.50
N THR A 79 9.03 21.44 -9.59
CA THR A 79 8.99 22.36 -8.44
C THR A 79 7.57 22.48 -7.90
N ASP A 80 6.59 22.48 -8.79
CA ASP A 80 5.19 22.61 -8.43
C ASP A 80 4.63 21.27 -7.97
N VAL A 81 5.18 20.18 -8.50
CA VAL A 81 4.73 18.84 -8.15
C VAL A 81 5.06 18.55 -6.69
N GLU A 82 6.26 18.92 -6.28
CA GLU A 82 6.69 18.75 -4.91
C GLU A 82 5.84 19.63 -3.99
N LYS A 83 5.34 20.73 -4.57
CA LYS A 83 4.51 21.67 -3.82
C LYS A 83 3.17 21.03 -3.48
N SER A 84 2.41 20.55 -4.48
CA SER A 84 1.13 19.90 -4.23
C SER A 84 1.18 18.84 -3.13
N PHE A 85 2.09 17.88 -3.25
CA PHE A 85 2.25 16.85 -2.22
C PHE A 85 2.37 17.46 -0.81
N ASP A 86 2.94 18.66 -0.71
CA ASP A 86 3.09 19.34 0.57
C ASP A 86 1.73 19.87 1.04
N LYS A 87 0.92 20.32 0.09
CA LYS A 87 -0.40 20.84 0.37
C LYS A 87 -1.40 19.69 0.60
N LEU A 88 -1.18 18.58 -0.09
CA LEU A 88 -2.01 17.38 0.01
C LEU A 88 -2.06 16.91 1.46
N LEU A 89 -1.07 17.33 2.21
CA LEU A 89 -0.95 16.91 3.59
C LEU A 89 -1.85 17.74 4.51
N LYS A 90 -2.17 18.97 4.08
CA LYS A 90 -2.93 19.92 4.89
C LYS A 90 -4.36 19.49 5.20
N ASP A 91 -5.26 19.57 4.21
CA ASP A 91 -6.67 19.19 4.37
C ASP A 91 -6.88 17.69 4.49
N LEU A 92 -5.79 16.97 4.72
CA LEU A 92 -5.85 15.51 4.79
C LEU A 92 -6.93 14.99 5.77
N PRO A 93 -7.00 15.52 7.02
CA PRO A 93 -8.00 15.09 8.00
C PRO A 93 -9.41 15.17 7.43
N GLU A 94 -9.75 16.35 6.87
CA GLU A 94 -11.05 16.59 6.24
C GLU A 94 -11.39 15.55 5.18
N LEU A 95 -10.36 14.95 4.58
CA LEU A 95 -10.56 13.95 3.55
C LEU A 95 -10.82 12.58 4.17
N ALA A 96 -10.32 12.40 5.39
CA ALA A 96 -10.48 11.15 6.11
C ALA A 96 -11.81 11.10 6.87
N LEU A 97 -12.57 12.18 6.80
CA LEU A 97 -13.85 12.24 7.50
C LEU A 97 -14.90 11.38 6.82
N ASP A 98 -15.12 11.60 5.53
CA ASP A 98 -16.11 10.80 4.79
C ASP A 98 -15.51 9.47 4.40
N THR A 99 -14.22 9.44 4.18
CA THR A 99 -13.54 8.22 3.80
C THR A 99 -12.30 8.00 4.65
N PRO A 100 -12.40 7.13 5.67
CA PRO A 100 -11.27 6.82 6.56
C PRO A 100 -10.11 6.22 5.79
N ARG A 101 -10.42 5.60 4.64
CA ARG A 101 -9.41 4.99 3.81
C ARG A 101 -8.88 5.96 2.75
N ALA A 102 -9.13 7.25 2.94
CA ALA A 102 -8.68 8.24 1.97
C ALA A 102 -7.20 8.57 2.14
N PRO A 103 -6.78 9.04 3.35
CA PRO A 103 -5.36 9.39 3.62
C PRO A 103 -4.51 8.15 3.73
N GLN A 104 -5.17 7.01 3.75
CA GLN A 104 -4.50 5.74 3.86
C GLN A 104 -3.99 5.39 2.46
N LEU A 105 -4.77 5.80 1.49
CA LEU A 105 -4.45 5.61 0.08
C LEU A 105 -3.44 6.62 -0.42
N VAL A 106 -3.29 7.70 0.32
CA VAL A 106 -2.39 8.79 -0.05
C VAL A 106 -0.93 8.35 -0.10
N GLY A 107 -0.62 7.13 0.34
CA GLY A 107 0.80 6.80 0.42
C GLY A 107 1.40 6.46 -0.94
N GLN A 108 0.61 5.85 -1.84
CA GLN A 108 1.07 5.49 -3.19
C GLN A 108 1.55 6.73 -3.92
N PHE A 109 0.80 7.80 -3.77
CA PHE A 109 1.12 9.07 -4.40
C PHE A 109 2.43 9.63 -3.85
N ILE A 110 2.78 9.25 -2.63
CA ILE A 110 3.97 9.78 -2.03
C ILE A 110 5.19 8.86 -2.33
N ALA A 111 4.90 7.55 -2.46
CA ALA A 111 5.95 6.55 -2.65
C ALA A 111 6.36 6.38 -4.10
N ARG A 112 5.37 6.03 -4.91
CA ARG A 112 5.56 5.80 -6.33
C ARG A 112 5.93 7.05 -7.09
N ALA A 113 5.66 8.21 -6.49
CA ALA A 113 5.93 9.48 -7.15
C ALA A 113 7.43 9.69 -7.22
N VAL A 114 8.15 9.19 -6.20
CA VAL A 114 9.59 9.36 -6.17
C VAL A 114 10.21 8.55 -7.30
N GLY A 115 9.99 7.24 -7.29
CA GLY A 115 10.48 6.39 -8.37
C GLY A 115 10.00 6.79 -9.76
N ASP A 116 9.04 7.70 -9.83
CA ASP A 116 8.52 8.16 -11.11
C ASP A 116 9.37 9.32 -11.63
N GLY A 117 9.96 10.06 -10.69
CA GLY A 117 10.80 11.18 -11.04
C GLY A 117 10.14 12.52 -10.77
N ILE A 118 8.95 12.49 -10.19
CA ILE A 118 8.23 13.72 -9.89
C ILE A 118 8.40 14.16 -8.43
N LEU A 119 9.00 13.30 -7.61
CA LEU A 119 9.22 13.61 -6.22
C LEU A 119 10.57 13.07 -5.76
N CYS A 120 11.24 13.80 -4.87
CA CYS A 120 12.54 13.36 -4.38
C CYS A 120 12.37 12.48 -3.15
N ASN A 121 13.38 11.65 -2.90
CA ASN A 121 13.37 10.73 -1.77
C ASN A 121 13.57 11.45 -0.44
N THR A 122 14.13 12.63 -0.50
CA THR A 122 14.40 13.42 0.69
C THR A 122 13.12 13.89 1.37
N TYR A 123 12.07 14.06 0.57
CA TYR A 123 10.77 14.51 1.08
C TYR A 123 10.28 13.65 2.25
N ILE A 124 10.49 12.34 2.13
CA ILE A 124 10.08 11.41 3.18
C ILE A 124 10.80 11.74 4.48
N ASP A 125 12.08 12.06 4.37
CA ASP A 125 12.91 12.40 5.52
C ASP A 125 12.61 13.80 6.05
N SER A 126 12.35 14.74 5.14
CA SER A 126 12.04 16.13 5.50
C SER A 126 10.93 16.25 6.54
N TYR A 127 9.91 15.40 6.43
CA TYR A 127 8.81 15.43 7.37
C TYR A 127 8.83 14.20 8.29
N LYS A 128 10.01 13.61 8.43
CA LYS A 128 10.22 12.39 9.25
C LYS A 128 10.15 12.61 10.76
N GLY A 129 9.14 13.31 11.21
CA GLY A 129 8.98 13.56 12.63
C GLY A 129 8.80 15.02 12.85
N THR A 130 8.74 15.72 11.74
CA THR A 130 8.56 17.16 11.73
C THR A 130 7.12 17.51 11.37
N VAL A 131 6.21 16.60 11.71
CA VAL A 131 4.79 16.80 11.44
C VAL A 131 4.01 16.72 12.75
N ASP A 132 3.09 17.65 12.95
CA ASP A 132 2.27 17.68 14.16
C ASP A 132 1.00 16.84 13.98
N CYS A 133 0.30 17.07 12.87
CA CYS A 133 -0.93 16.34 12.58
C CYS A 133 -0.64 14.90 12.13
N VAL A 134 -0.79 13.96 13.08
CA VAL A 134 -0.58 12.53 12.82
C VAL A 134 -1.22 12.05 11.51
N GLN A 135 -2.34 12.66 11.10
CA GLN A 135 -3.03 12.28 9.87
C GLN A 135 -2.09 12.37 8.66
N ALA A 136 -1.23 13.39 8.65
CA ALA A 136 -0.29 13.58 7.56
C ALA A 136 0.79 12.50 7.61
N ARG A 137 1.40 12.34 8.78
CA ARG A 137 2.42 11.32 8.99
C ARG A 137 1.95 9.94 8.57
N ALA A 138 0.66 9.67 8.75
CA ALA A 138 0.07 8.39 8.37
C ALA A 138 0.29 8.12 6.89
N ALA A 139 0.08 9.14 6.07
CA ALA A 139 0.25 9.01 4.62
C ALA A 139 1.71 8.82 4.27
N LEU A 140 2.59 9.48 5.01
CA LEU A 140 4.02 9.38 4.79
C LEU A 140 4.51 7.98 5.16
N ASP A 141 4.18 7.58 6.37
CA ASP A 141 4.53 6.24 6.87
C ASP A 141 4.03 5.19 5.88
N LYS A 142 2.79 5.35 5.43
CA LYS A 142 2.17 4.46 4.46
C LYS A 142 3.03 4.31 3.20
N ALA A 143 3.62 5.41 2.75
CA ALA A 143 4.45 5.40 1.56
C ALA A 143 5.68 4.51 1.72
N THR A 144 6.38 4.65 2.84
CA THR A 144 7.57 3.86 3.12
C THR A 144 7.32 2.36 3.01
N VAL A 145 6.15 1.93 3.46
CA VAL A 145 5.77 0.52 3.41
C VAL A 145 5.70 0.04 1.96
N LEU A 146 5.07 0.85 1.12
CA LEU A 146 4.91 0.54 -0.29
C LEU A 146 6.24 0.60 -1.03
N LEU A 147 7.11 1.50 -0.57
CA LEU A 147 8.43 1.68 -1.17
C LEU A 147 9.26 0.39 -1.08
N SER A 148 9.20 -0.25 0.09
CA SER A 148 9.94 -1.49 0.32
C SER A 148 9.54 -2.59 -0.66
N MET A 149 8.24 -2.69 -0.92
CA MET A 149 7.72 -3.72 -1.82
C MET A 149 8.01 -3.41 -3.28
N SER A 150 7.92 -2.13 -3.63
CA SER A 150 8.16 -1.70 -5.01
C SER A 150 9.57 -2.04 -5.48
N LYS A 151 10.53 -2.02 -4.56
CA LYS A 151 11.91 -2.33 -4.92
C LYS A 151 12.28 -3.77 -4.64
N GLY A 152 11.88 -4.30 -3.49
CA GLY A 152 12.22 -5.68 -3.16
C GLY A 152 11.07 -6.46 -2.55
N GLY A 153 10.04 -6.72 -3.35
CA GLY A 153 8.89 -7.46 -2.87
C GLY A 153 8.38 -8.45 -3.89
N LYS A 154 9.29 -9.04 -4.67
CA LYS A 154 8.90 -10.00 -5.69
C LYS A 154 8.88 -11.42 -5.12
N ARG A 155 7.70 -12.00 -4.99
CA ARG A 155 7.56 -13.35 -4.46
C ARG A 155 6.64 -14.23 -5.32
N LYS A 156 5.46 -13.72 -5.65
CA LYS A 156 4.51 -14.47 -6.45
C LYS A 156 4.10 -13.71 -7.70
N ASP A 157 3.44 -14.40 -8.62
CA ASP A 157 2.98 -13.80 -9.87
C ASP A 157 1.49 -14.06 -10.07
N SER A 158 0.95 -13.60 -11.19
CA SER A 158 -0.45 -13.77 -11.50
C SER A 158 -0.72 -15.10 -12.19
N VAL A 159 -1.12 -16.10 -11.40
CA VAL A 159 -1.44 -17.42 -11.93
C VAL A 159 -2.91 -17.49 -12.35
N TRP A 160 -3.57 -16.34 -12.26
CA TRP A 160 -4.97 -16.22 -12.62
C TRP A 160 -5.12 -15.21 -13.74
N GLY A 161 -5.84 -15.60 -14.79
CA GLY A 161 -6.03 -14.70 -15.92
C GLY A 161 -7.15 -13.72 -15.66
N SER A 162 -7.05 -12.53 -16.25
CA SER A 162 -8.07 -11.51 -16.07
C SER A 162 -8.15 -10.60 -17.30
N GLY A 163 -9.16 -9.76 -17.36
CA GLY A 163 -9.33 -8.87 -18.49
C GLY A 163 -9.92 -7.54 -18.07
N GLY B 1 -11.35 -4.82 -17.82
CA GLY B 1 -10.67 -3.60 -17.33
C GLY B 1 -10.18 -2.71 -18.45
N GLY B 2 -9.37 -3.28 -19.35
CA GLY B 2 -8.85 -2.51 -20.46
C GLY B 2 -7.85 -1.46 -20.02
N GLN B 3 -8.30 -0.22 -19.92
CA GLN B 3 -7.45 0.88 -19.47
C GLN B 3 -7.28 0.82 -17.96
N GLN B 4 -8.11 -0.01 -17.32
CA GLN B 4 -8.06 -0.19 -15.88
C GLN B 4 -7.22 -1.41 -15.55
N PRO B 5 -6.09 -1.22 -14.85
CA PRO B 5 -5.18 -2.31 -14.47
C PRO B 5 -5.86 -3.35 -13.57
N VAL B 6 -5.71 -4.62 -13.94
CA VAL B 6 -6.30 -5.72 -13.19
C VAL B 6 -5.27 -6.35 -12.26
N ASN B 7 -4.35 -5.53 -11.79
CA ASN B 7 -3.28 -5.96 -10.88
C ASN B 7 -3.87 -6.63 -9.64
N HIS B 8 -3.66 -7.95 -9.52
CA HIS B 8 -4.17 -8.70 -8.39
C HIS B 8 -3.11 -9.64 -7.82
N LEU B 9 -3.12 -9.77 -6.49
CA LEU B 9 -2.19 -10.64 -5.76
C LEU B 9 -0.83 -9.95 -5.58
N VAL B 10 -0.25 -9.53 -6.69
CA VAL B 10 1.03 -8.84 -6.67
C VAL B 10 0.87 -7.49 -5.99
N LYS B 11 1.71 -7.24 -4.97
CA LYS B 11 1.68 -5.99 -4.20
C LYS B 11 0.50 -5.95 -3.24
N GLU B 12 -0.37 -6.95 -3.33
CA GLU B 12 -1.53 -7.03 -2.46
C GLU B 12 -1.27 -7.96 -1.29
N ILE B 13 -0.63 -9.09 -1.58
CA ILE B 13 -0.33 -10.08 -0.55
C ILE B 13 0.70 -9.55 0.45
N ASP B 14 1.86 -9.13 -0.06
CA ASP B 14 2.93 -8.61 0.80
C ASP B 14 2.46 -7.40 1.60
N MET B 15 1.77 -6.49 0.91
CA MET B 15 1.22 -5.28 1.54
C MET B 15 0.51 -5.57 2.87
N LEU B 16 -0.27 -6.64 2.93
CA LEU B 16 -0.98 -6.99 4.16
C LEU B 16 -0.01 -7.34 5.28
N LEU B 17 1.08 -8.00 4.92
CA LEU B 17 2.11 -8.39 5.88
C LEU B 17 2.95 -7.20 6.29
N LYS B 18 3.41 -6.45 5.29
CA LYS B 18 4.22 -5.27 5.50
C LYS B 18 3.48 -4.23 6.34
N GLU B 19 2.15 -4.27 6.28
CA GLU B 19 1.30 -3.32 7.00
C GLU B 19 1.60 -3.28 8.51
N TYR B 20 1.38 -4.39 9.20
CA TYR B 20 1.67 -4.44 10.63
C TYR B 20 3.16 -4.37 10.89
N LEU B 21 3.93 -4.90 9.96
CA LEU B 21 5.38 -4.93 10.07
C LEU B 21 6.03 -3.55 9.96
N LEU B 22 5.70 -2.82 8.90
CA LEU B 22 6.29 -1.50 8.67
C LEU B 22 5.49 -0.34 9.24
N SER B 23 4.15 -0.37 9.10
CA SER B 23 3.33 0.72 9.63
C SER B 23 3.33 0.66 11.15
N GLY B 24 2.70 -0.36 11.74
CA GLY B 24 2.71 -0.47 13.19
C GLY B 24 1.33 -0.63 13.81
N ASP B 25 0.29 -0.72 12.98
CA ASP B 25 -1.08 -0.89 13.47
C ASP B 25 -1.90 -1.72 12.51
N ILE B 26 -2.93 -2.36 13.03
CA ILE B 26 -3.81 -3.29 12.28
C ILE B 26 -4.85 -2.79 11.25
N SER B 27 -5.83 -2.00 11.73
CA SER B 27 -7.04 -1.62 10.97
C SER B 27 -6.97 -1.51 9.46
N GLU B 28 -5.93 -0.92 8.91
CA GLU B 28 -5.85 -0.84 7.48
C GLU B 28 -5.76 -2.23 6.87
N ALA B 29 -4.89 -3.05 7.44
CA ALA B 29 -4.68 -4.42 6.98
C ALA B 29 -5.97 -5.22 7.04
N GLU B 30 -6.70 -5.06 8.14
CA GLU B 30 -7.96 -5.76 8.33
C GLU B 30 -8.95 -5.38 7.24
N HIS B 31 -8.92 -4.11 6.84
CA HIS B 31 -9.82 -3.64 5.79
C HIS B 31 -9.40 -4.12 4.41
N CYS B 32 -8.10 -4.00 4.08
CA CYS B 32 -7.59 -4.47 2.80
C CYS B 32 -7.99 -5.92 2.54
N LEU B 33 -7.89 -6.75 3.58
CA LEU B 33 -8.25 -8.16 3.46
C LEU B 33 -9.70 -8.32 3.02
N LYS B 34 -10.54 -7.42 3.47
CA LYS B 34 -11.96 -7.44 3.13
C LYS B 34 -12.18 -6.99 1.69
N GLU B 35 -11.28 -6.14 1.18
CA GLU B 35 -11.35 -5.60 -0.18
C GLU B 35 -10.93 -6.62 -1.24
N LEU B 36 -10.53 -7.83 -0.79
CA LEU B 36 -10.10 -8.89 -1.71
C LEU B 36 -11.29 -9.54 -2.41
N GLU B 37 -11.14 -10.79 -2.86
CA GLU B 37 -12.23 -11.47 -3.56
C GLU B 37 -12.41 -12.92 -3.12
N VAL B 38 -11.38 -13.74 -3.33
CA VAL B 38 -11.46 -15.16 -2.98
C VAL B 38 -10.63 -15.47 -1.75
N PRO B 39 -11.28 -15.79 -0.63
CA PRO B 39 -10.61 -16.13 0.62
C PRO B 39 -9.93 -17.48 0.54
N HIS B 40 -10.21 -18.22 -0.53
CA HIS B 40 -9.65 -19.54 -0.76
C HIS B 40 -8.14 -19.49 -1.01
N PHE B 41 -7.62 -18.29 -1.18
CA PHE B 41 -6.19 -18.11 -1.43
C PHE B 41 -5.48 -17.49 -0.22
N HIS B 42 -6.19 -17.40 0.90
CA HIS B 42 -5.65 -16.81 2.13
C HIS B 42 -4.39 -17.51 2.64
N HIS B 43 -4.27 -18.82 2.40
CA HIS B 43 -3.11 -19.60 2.84
C HIS B 43 -1.77 -19.01 2.39
N GLU B 44 -1.77 -18.36 1.24
CA GLU B 44 -0.56 -17.76 0.71
C GLU B 44 -0.05 -16.60 1.57
N LEU B 45 -0.98 -15.91 2.23
CA LEU B 45 -0.64 -14.78 3.09
C LEU B 45 0.03 -15.27 4.38
N VAL B 46 -0.51 -16.34 4.95
CA VAL B 46 0.02 -16.91 6.19
C VAL B 46 1.43 -17.49 5.97
N TYR B 47 1.53 -18.39 4.99
CA TYR B 47 2.80 -19.01 4.65
C TYR B 47 3.93 -17.98 4.52
N GLU B 48 3.69 -16.93 3.74
CA GLU B 48 4.69 -15.88 3.52
C GLU B 48 5.03 -15.16 4.82
N ALA B 49 4.01 -14.90 5.64
CA ALA B 49 4.20 -14.23 6.92
C ALA B 49 5.22 -14.98 7.78
N ILE B 50 5.01 -16.28 7.95
CA ILE B 50 5.91 -17.12 8.74
C ILE B 50 7.33 -17.01 8.20
N VAL B 51 7.47 -17.17 6.89
CA VAL B 51 8.76 -17.06 6.22
C VAL B 51 9.45 -15.74 6.57
N MET B 52 8.69 -14.65 6.51
CA MET B 52 9.21 -13.33 6.83
C MET B 52 9.70 -13.25 8.27
N VAL B 53 9.02 -13.96 9.17
CA VAL B 53 9.39 -13.98 10.58
C VAL B 53 10.74 -14.66 10.73
N LEU B 54 10.88 -15.78 10.04
CA LEU B 54 12.11 -16.57 10.06
C LEU B 54 13.29 -15.81 9.45
N GLU B 55 13.01 -14.91 8.52
CA GLU B 55 14.07 -14.14 7.86
C GLU B 55 14.30 -12.78 8.54
N SER B 56 13.68 -12.56 9.67
CA SER B 56 13.84 -11.29 10.39
C SER B 56 14.60 -11.51 11.69
N THR B 57 15.48 -10.59 12.03
CA THR B 57 16.26 -10.69 13.25
C THR B 57 15.74 -9.76 14.33
N GLY B 58 15.05 -10.33 15.32
CA GLY B 58 14.51 -9.53 16.40
C GLY B 58 13.11 -9.96 16.79
N GLU B 59 12.82 -9.94 18.09
CA GLU B 59 11.51 -10.36 18.59
C GLU B 59 10.43 -9.34 18.26
N SER B 60 10.83 -8.22 17.70
CA SER B 60 9.90 -7.17 17.30
C SER B 60 8.96 -7.71 16.22
N ALA B 61 9.54 -8.44 15.28
CA ALA B 61 8.77 -9.03 14.18
C ALA B 61 7.96 -10.23 14.64
N PHE B 62 8.44 -10.91 15.68
CA PHE B 62 7.77 -12.08 16.21
C PHE B 62 6.36 -11.74 16.68
N LYS B 63 6.24 -10.76 17.57
CA LYS B 63 4.95 -10.35 18.09
C LYS B 63 4.12 -9.66 17.02
N MET B 64 4.75 -8.69 16.36
CA MET B 64 4.10 -7.92 15.29
C MET B 64 3.41 -8.81 14.25
N ILE B 65 4.10 -9.83 13.77
CA ILE B 65 3.52 -10.72 12.77
C ILE B 65 2.52 -11.71 13.40
N LEU B 66 2.83 -12.23 14.58
CA LEU B 66 1.96 -13.19 15.25
C LEU B 66 0.64 -12.55 15.65
N ASP B 67 0.70 -11.29 16.05
CA ASP B 67 -0.49 -10.55 16.46
C ASP B 67 -1.37 -10.26 15.26
N LEU B 68 -0.76 -10.33 14.08
CA LEU B 68 -1.46 -10.06 12.84
C LEU B 68 -2.37 -11.25 12.53
N LEU B 69 -1.86 -12.45 12.79
CA LEU B 69 -2.62 -13.67 12.54
C LEU B 69 -3.82 -13.75 13.47
N LYS B 70 -3.57 -13.53 14.78
CA LYS B 70 -4.63 -13.57 15.77
C LYS B 70 -5.73 -12.56 15.46
N SER B 71 -5.33 -11.30 15.27
CA SER B 71 -6.27 -10.23 14.93
C SER B 71 -7.18 -10.60 13.75
N LEU B 72 -6.63 -11.28 12.75
CA LEU B 72 -7.42 -11.69 11.61
C LEU B 72 -8.38 -12.82 11.98
N TRP B 73 -7.94 -13.67 12.91
CA TRP B 73 -8.76 -14.78 13.38
C TRP B 73 -9.97 -14.26 14.16
N LYS B 74 -9.73 -13.34 15.09
CA LYS B 74 -10.81 -12.72 15.87
C LYS B 74 -11.83 -11.99 14.97
N SER B 75 -11.51 -11.90 13.70
CA SER B 75 -12.38 -11.26 12.71
C SER B 75 -12.83 -12.30 11.70
N SER B 76 -12.78 -13.56 12.13
CA SER B 76 -13.10 -14.72 11.31
C SER B 76 -12.66 -14.63 9.84
N THR B 77 -11.54 -13.95 9.55
CA THR B 77 -11.09 -13.83 8.17
C THR B 77 -10.25 -15.04 7.76
N ILE B 78 -9.64 -15.69 8.74
CA ILE B 78 -8.81 -16.87 8.47
C ILE B 78 -9.55 -18.14 8.85
N THR B 79 -9.63 -19.07 7.90
CA THR B 79 -10.28 -20.34 8.15
C THR B 79 -9.26 -21.44 8.41
N ILE B 80 -9.76 -22.66 8.58
CA ILE B 80 -8.89 -23.78 8.85
C ILE B 80 -8.26 -24.28 7.57
N ASP B 81 -9.00 -24.19 6.48
CA ASP B 81 -8.54 -24.66 5.21
C ASP B 81 -7.36 -23.86 4.68
N GLN B 82 -7.19 -22.63 5.14
CA GLN B 82 -6.14 -21.80 4.61
C GLN B 82 -4.84 -21.96 5.41
N MET B 83 -4.87 -21.44 6.65
CA MET B 83 -3.75 -21.48 7.59
C MET B 83 -3.10 -22.85 7.78
N LYS B 84 -3.89 -23.89 7.71
CA LYS B 84 -3.37 -25.25 7.91
C LYS B 84 -2.49 -25.63 6.72
N ARG B 85 -2.96 -25.31 5.52
CA ARG B 85 -2.23 -25.63 4.29
C ARG B 85 -0.87 -24.92 4.29
N GLY B 86 -0.87 -23.64 4.66
CA GLY B 86 0.38 -22.89 4.72
C GLY B 86 1.37 -23.48 5.70
N TYR B 87 0.87 -23.91 6.86
CA TYR B 87 1.73 -24.51 7.88
C TYR B 87 2.36 -25.79 7.34
N GLU B 88 1.58 -26.54 6.58
CA GLU B 88 2.07 -27.78 5.98
C GLU B 88 3.20 -27.49 5.01
N ARG B 89 3.13 -26.32 4.38
CA ARG B 89 4.16 -25.90 3.44
C ARG B 89 5.46 -25.62 4.21
N ILE B 90 5.30 -25.03 5.38
CA ILE B 90 6.43 -24.67 6.25
C ILE B 90 7.26 -25.92 6.62
N TYR B 91 6.60 -27.06 6.64
CA TYR B 91 7.27 -28.32 7.00
C TYR B 91 8.12 -28.79 5.82
N ASN B 92 7.78 -28.33 4.64
CA ASN B 92 8.51 -28.66 3.42
C ASN B 92 9.62 -27.63 3.21
N GLU B 93 9.40 -26.44 3.75
CA GLU B 93 10.35 -25.34 3.63
C GLU B 93 11.54 -25.52 4.56
N ILE B 94 11.35 -26.30 5.62
CA ILE B 94 12.41 -26.57 6.60
C ILE B 94 13.73 -26.99 5.94
N PRO B 95 13.74 -28.06 5.14
CA PRO B 95 14.95 -28.55 4.47
C PRO B 95 15.55 -27.51 3.50
N ASP B 96 14.69 -26.65 2.97
CA ASP B 96 15.14 -25.64 2.03
C ASP B 96 15.87 -24.51 2.72
N ILE B 97 15.39 -24.14 3.89
CA ILE B 97 15.99 -23.06 4.67
C ILE B 97 17.16 -23.55 5.52
N ASN B 98 16.99 -24.74 6.11
CA ASN B 98 18.02 -25.31 6.98
C ASN B 98 19.13 -26.01 6.21
N LEU B 99 18.78 -27.13 5.56
CA LEU B 99 19.75 -27.94 4.81
C LEU B 99 20.82 -28.46 5.77
N ASP B 100 20.44 -29.46 6.57
CA ASP B 100 21.32 -30.09 7.56
C ASP B 100 21.50 -29.18 8.78
N VAL B 101 21.65 -29.79 9.95
CA VAL B 101 21.83 -29.07 11.21
C VAL B 101 20.68 -28.08 11.45
N PRO B 102 19.49 -28.59 11.76
CA PRO B 102 18.32 -27.75 12.02
C PRO B 102 18.34 -27.22 13.45
N HIS B 103 18.71 -25.96 13.59
CA HIS B 103 18.78 -25.34 14.91
C HIS B 103 17.54 -24.49 15.15
N SER B 104 16.74 -24.33 14.10
CA SER B 104 15.53 -23.54 14.18
C SER B 104 14.42 -24.26 14.93
N TYR B 105 14.72 -25.47 15.41
CA TYR B 105 13.75 -26.27 16.15
C TYR B 105 13.26 -25.55 17.40
N SER B 106 14.13 -24.75 18.00
CA SER B 106 13.79 -23.99 19.18
C SER B 106 12.71 -22.96 18.81
N VAL B 107 12.71 -22.55 17.55
CA VAL B 107 11.75 -21.58 17.07
C VAL B 107 10.50 -22.28 16.53
N LEU B 108 10.73 -23.40 15.83
CA LEU B 108 9.67 -24.17 15.17
C LEU B 108 8.62 -24.71 16.13
N GLU B 109 9.05 -25.47 17.12
CA GLU B 109 8.11 -26.03 18.11
C GLU B 109 7.44 -24.90 18.86
N ARG B 110 8.28 -24.00 19.39
CA ARG B 110 7.82 -22.82 20.12
C ARG B 110 6.75 -22.04 19.36
N PHE B 111 6.83 -22.05 18.04
CA PHE B 111 5.86 -21.35 17.22
C PHE B 111 4.55 -22.12 17.15
N VAL B 112 4.65 -23.46 17.13
CA VAL B 112 3.47 -24.31 17.05
C VAL B 112 2.77 -24.36 18.41
N GLU B 113 3.56 -24.53 19.47
CA GLU B 113 3.03 -24.59 20.83
C GLU B 113 2.38 -23.26 21.24
N GLU B 114 2.79 -22.19 20.58
CA GLU B 114 2.28 -20.87 20.93
C GLU B 114 0.94 -20.68 20.25
N CYS B 115 0.87 -21.12 19.01
CA CYS B 115 -0.33 -20.99 18.21
C CYS B 115 -1.39 -22.03 18.56
N PHE B 116 -0.98 -23.10 19.23
CA PHE B 116 -1.89 -24.18 19.58
C PHE B 116 -2.82 -23.73 20.71
N GLN B 117 -2.21 -23.28 21.81
CA GLN B 117 -2.94 -22.77 22.98
C GLN B 117 -3.88 -21.61 22.64
N ALA B 118 -3.80 -21.13 21.40
CA ALA B 118 -4.62 -20.01 20.96
C ALA B 118 -5.97 -20.55 20.51
N GLY B 119 -6.04 -21.86 20.32
CA GLY B 119 -7.27 -22.52 19.90
C GLY B 119 -7.69 -22.17 18.49
N ILE B 120 -6.73 -21.78 17.66
CA ILE B 120 -7.03 -21.40 16.29
C ILE B 120 -6.61 -22.49 15.31
N ILE B 121 -6.27 -23.66 15.84
CA ILE B 121 -5.84 -24.77 15.00
C ILE B 121 -6.22 -26.10 15.62
N SER B 122 -6.30 -27.13 14.79
CA SER B 122 -6.65 -28.45 15.26
C SER B 122 -5.39 -29.20 15.68
N LYS B 123 -5.56 -30.23 16.48
CA LYS B 123 -4.44 -31.03 16.95
C LYS B 123 -3.78 -31.80 15.81
N GLN B 124 -4.54 -32.01 14.73
CA GLN B 124 -4.05 -32.73 13.57
C GLN B 124 -2.85 -32.00 12.94
N LEU B 125 -2.80 -30.67 13.08
CA LEU B 125 -1.70 -29.89 12.53
C LEU B 125 -0.40 -30.30 13.23
N ARG B 126 -0.39 -30.17 14.55
CA ARG B 126 0.76 -30.57 15.35
C ARG B 126 1.12 -32.04 15.12
N ASP B 127 0.09 -32.84 14.84
CA ASP B 127 0.29 -34.27 14.56
C ASP B 127 1.13 -34.45 13.30
N LEU B 128 0.97 -33.52 12.38
CA LEU B 128 1.71 -33.52 11.12
C LEU B 128 2.85 -32.52 11.20
N CYS B 129 3.37 -32.32 12.41
CA CYS B 129 4.45 -31.39 12.64
C CYS B 129 5.58 -32.09 13.42
N PRO B 130 6.83 -31.91 12.97
CA PRO B 130 8.00 -32.52 13.63
C PRO B 130 8.13 -32.05 15.07
N SER B 131 7.61 -32.84 15.99
CA SER B 131 7.66 -32.52 17.39
C SER B 131 8.29 -33.68 18.16
N GLY A 1 2.36 30.66 -2.84
CA GLY A 1 1.82 30.88 -1.48
C GLY A 1 0.37 30.48 -1.38
N LEU A 2 -0.47 31.40 -0.91
CA LEU A 2 -1.88 31.14 -0.77
C LEU A 2 -2.59 31.36 -2.10
N PRO A 3 -3.40 30.38 -2.53
CA PRO A 3 -4.13 30.47 -3.79
C PRO A 3 -5.32 31.42 -3.68
N LEU A 4 -5.63 32.10 -4.77
CA LEU A 4 -6.75 33.03 -4.79
C LEU A 4 -7.94 32.43 -5.53
N ASP A 5 -9.13 32.61 -4.95
CA ASP A 5 -10.37 32.09 -5.53
C ASP A 5 -10.35 30.57 -5.62
N GLU A 6 -10.13 29.92 -4.47
CA GLU A 6 -10.05 28.46 -4.39
C GLU A 6 -11.30 27.78 -4.91
N ARG A 7 -12.46 28.12 -4.34
CA ARG A 7 -13.71 27.51 -4.73
C ARG A 7 -14.01 27.67 -6.22
N ALA A 8 -13.70 28.85 -6.76
CA ALA A 8 -13.91 29.12 -8.16
C ALA A 8 -13.04 28.20 -9.00
N PHE A 9 -11.83 27.97 -8.53
CA PHE A 9 -10.88 27.12 -9.21
C PHE A 9 -11.30 25.65 -9.11
N GLU A 10 -11.65 25.23 -7.90
CA GLU A 10 -12.07 23.86 -7.63
C GLU A 10 -13.25 23.48 -8.51
N LYS A 11 -14.26 24.36 -8.55
CA LYS A 11 -15.46 24.12 -9.33
C LYS A 11 -15.15 24.05 -10.83
N THR A 12 -14.23 24.89 -11.28
CA THR A 12 -13.85 24.92 -12.69
C THR A 12 -13.15 23.63 -13.12
N LEU A 13 -12.25 23.15 -12.29
CA LEU A 13 -11.51 21.93 -12.58
C LEU A 13 -12.34 20.66 -12.38
N THR A 14 -13.51 20.79 -11.75
CA THR A 14 -14.38 19.64 -11.48
C THR A 14 -14.69 18.82 -12.75
N PRO A 15 -15.34 19.42 -13.78
CA PRO A 15 -15.69 18.70 -15.02
C PRO A 15 -14.46 18.21 -15.77
N ILE A 16 -13.38 18.99 -15.73
CA ILE A 16 -12.14 18.64 -16.41
C ILE A 16 -11.60 17.31 -15.92
N ILE A 17 -11.40 17.20 -14.61
CA ILE A 17 -10.87 15.98 -14.02
C ILE A 17 -11.84 14.82 -14.17
N GLN A 18 -13.13 15.11 -13.99
CA GLN A 18 -14.18 14.10 -14.13
C GLN A 18 -14.10 13.36 -15.46
N GLU A 19 -13.98 14.11 -16.56
CA GLU A 19 -13.88 13.50 -17.88
C GLU A 19 -12.53 12.81 -18.08
N TYR A 20 -11.53 13.24 -17.32
CA TYR A 20 -10.19 12.66 -17.41
C TYR A 20 -10.19 11.19 -17.04
N PHE A 21 -10.90 10.85 -15.96
CA PHE A 21 -10.97 9.47 -15.48
C PHE A 21 -11.71 8.58 -16.48
N GLU A 22 -12.45 9.20 -17.37
CA GLU A 22 -13.22 8.47 -18.36
C GLU A 22 -12.42 8.33 -19.67
N HIS A 23 -11.88 9.44 -20.13
CA HIS A 23 -11.10 9.46 -21.38
C HIS A 23 -9.74 8.78 -21.24
N GLY A 24 -8.90 9.33 -20.36
CA GLY A 24 -7.57 8.78 -20.16
C GLY A 24 -6.52 9.65 -20.83
N ASP A 25 -6.99 10.64 -21.58
CA ASP A 25 -6.10 11.57 -22.30
C ASP A 25 -5.53 12.64 -21.38
N THR A 26 -4.25 12.48 -21.08
CA THR A 26 -3.52 13.42 -20.23
C THR A 26 -3.15 14.71 -20.98
N ASN A 27 -2.99 14.61 -22.29
CA ASN A 27 -2.60 15.75 -23.11
C ASN A 27 -3.68 16.80 -23.15
N GLU A 28 -4.93 16.34 -23.18
CA GLU A 28 -6.08 17.23 -23.20
C GLU A 28 -6.09 18.11 -21.96
N VAL A 29 -5.70 17.52 -20.83
CA VAL A 29 -5.66 18.26 -19.56
C VAL A 29 -4.63 19.38 -19.64
N ALA A 30 -3.45 19.06 -20.18
CA ALA A 30 -2.39 20.06 -20.33
C ALA A 30 -2.86 21.20 -21.23
N GLU A 31 -3.49 20.84 -22.34
CA GLU A 31 -4.02 21.82 -23.28
C GLU A 31 -4.95 22.79 -22.56
N MET A 32 -5.81 22.25 -21.70
CA MET A 32 -6.76 23.07 -20.95
C MET A 32 -6.05 23.96 -19.93
N LEU A 33 -4.97 23.45 -19.35
CA LEU A 33 -4.20 24.20 -18.35
C LEU A 33 -3.55 25.45 -18.93
N ARG A 34 -2.90 25.29 -20.09
CA ARG A 34 -2.24 26.41 -20.75
C ARG A 34 -3.20 27.56 -21.03
N ASP A 35 -4.45 27.21 -21.27
CA ASP A 35 -5.49 28.19 -21.54
C ASP A 35 -5.74 29.07 -20.32
N LEU A 36 -5.80 28.43 -19.16
CA LEU A 36 -6.03 29.13 -17.91
C LEU A 36 -4.81 29.97 -17.51
N ASN A 37 -3.63 29.35 -17.61
CA ASN A 37 -2.36 30.01 -17.26
C ASN A 37 -2.31 30.39 -15.79
N LEU A 38 -1.83 29.49 -14.97
CA LEU A 38 -1.73 29.73 -13.53
C LEU A 38 -0.37 29.30 -13.01
N GLY A 39 0.14 30.01 -12.02
CA GLY A 39 1.45 29.69 -11.46
C GLY A 39 1.35 28.80 -10.24
N GLU A 40 1.17 29.40 -9.07
CA GLU A 40 1.07 28.65 -7.84
C GLU A 40 -0.27 27.90 -7.77
N MET A 41 -1.29 28.53 -8.34
CA MET A 41 -2.63 27.94 -8.37
C MET A 41 -2.65 26.71 -9.27
N LYS A 42 -1.59 26.54 -10.05
CA LYS A 42 -1.48 25.40 -10.97
C LYS A 42 -1.30 24.10 -10.19
N SER A 43 -0.64 24.19 -9.04
CA SER A 43 -0.40 23.03 -8.19
C SER A 43 -1.74 22.49 -7.69
N GLY A 44 -2.73 23.38 -7.61
CA GLY A 44 -4.06 23.02 -7.20
C GLY A 44 -4.69 21.92 -8.04
N VAL A 45 -4.34 21.88 -9.33
CA VAL A 45 -4.89 20.87 -10.24
C VAL A 45 -4.53 19.45 -9.80
N PRO A 46 -3.23 19.10 -9.68
CA PRO A 46 -2.80 17.77 -9.23
C PRO A 46 -3.47 17.35 -7.93
N VAL A 47 -3.62 18.30 -7.01
CA VAL A 47 -4.25 18.01 -5.72
C VAL A 47 -5.70 17.56 -5.92
N LEU A 48 -6.48 18.44 -6.53
CA LEU A 48 -7.89 18.18 -6.81
C LEU A 48 -8.07 16.83 -7.51
N ALA A 49 -7.27 16.61 -8.56
CA ALA A 49 -7.29 15.36 -9.33
C ALA A 49 -7.10 14.12 -8.44
N VAL A 50 -6.36 14.31 -7.34
CA VAL A 50 -6.09 13.22 -6.40
C VAL A 50 -7.27 12.98 -5.44
N SER A 51 -7.73 14.04 -4.77
CA SER A 51 -8.83 13.95 -3.80
C SER A 51 -10.13 13.42 -4.44
N LEU A 52 -10.32 13.75 -5.69
CA LEU A 52 -11.51 13.29 -6.41
C LEU A 52 -11.38 11.80 -6.70
N ALA A 53 -10.21 11.39 -7.17
CA ALA A 53 -9.93 9.99 -7.47
C ALA A 53 -10.08 9.13 -6.22
N LEU A 54 -9.88 9.73 -5.05
CA LEU A 54 -10.02 8.99 -3.79
C LEU A 54 -11.47 8.58 -3.58
N GLU A 55 -12.36 9.52 -3.84
CA GLU A 55 -13.80 9.28 -3.72
C GLU A 55 -14.24 8.18 -4.67
N GLY A 56 -13.65 8.18 -5.87
CA GLY A 56 -13.97 7.17 -6.86
C GLY A 56 -13.32 5.82 -6.54
N LYS A 57 -13.31 4.93 -7.52
CA LYS A 57 -12.73 3.60 -7.35
C LYS A 57 -11.21 3.59 -7.51
N ALA A 58 -10.62 2.42 -7.30
CA ALA A 58 -9.17 2.25 -7.39
C ALA A 58 -8.65 2.58 -8.78
N SER A 59 -9.46 2.27 -9.79
CA SER A 59 -9.11 2.52 -11.17
C SER A 59 -8.80 4.00 -11.39
N HIS A 60 -9.65 4.86 -10.83
CA HIS A 60 -9.48 6.29 -10.96
C HIS A 60 -8.16 6.75 -10.34
N ARG A 61 -7.88 6.28 -9.13
CA ARG A 61 -6.66 6.64 -8.41
C ARG A 61 -5.43 6.24 -9.21
N GLU A 62 -5.34 4.96 -9.53
CA GLU A 62 -4.21 4.41 -10.29
C GLU A 62 -3.99 5.16 -11.58
N MET A 63 -5.08 5.62 -12.19
CA MET A 63 -5.01 6.38 -13.44
C MET A 63 -4.46 7.79 -13.21
N THR A 64 -4.78 8.39 -12.06
CA THR A 64 -4.33 9.73 -11.74
C THR A 64 -2.81 9.82 -11.76
N SER A 65 -2.13 8.75 -11.38
CA SER A 65 -0.68 8.69 -11.36
C SER A 65 -0.09 9.06 -12.71
N LYS A 66 -0.79 8.73 -13.79
CA LYS A 66 -0.34 9.02 -15.14
C LYS A 66 -0.34 10.53 -15.40
N LEU A 67 -1.37 11.21 -14.92
CA LEU A 67 -1.49 12.65 -15.08
C LEU A 67 -0.35 13.37 -14.39
N LEU A 68 0.07 12.86 -13.24
CA LEU A 68 1.15 13.46 -12.48
C LEU A 68 2.43 13.54 -13.31
N SER A 69 2.87 12.38 -13.78
CA SER A 69 4.08 12.29 -14.59
C SER A 69 3.92 13.02 -15.92
N ASP A 70 2.71 13.05 -16.48
CA ASP A 70 2.48 13.74 -17.74
C ASP A 70 2.63 15.24 -17.58
N LEU A 71 1.89 15.82 -16.65
CA LEU A 71 1.95 17.25 -16.39
C LEU A 71 3.36 17.68 -16.01
N CYS A 72 4.05 16.87 -15.21
CA CYS A 72 5.40 17.17 -14.79
C CYS A 72 6.34 17.13 -15.99
N GLY A 73 7.18 18.14 -16.11
CA GLY A 73 8.11 18.20 -17.22
C GLY A 73 7.51 18.93 -18.40
N THR A 74 6.20 18.78 -18.55
CA THR A 74 5.48 19.41 -19.64
C THR A 74 5.11 20.86 -19.26
N VAL A 75 4.22 21.01 -18.31
CA VAL A 75 3.78 22.32 -17.86
C VAL A 75 3.90 22.45 -16.34
N MET A 76 4.66 21.57 -15.74
CA MET A 76 4.84 21.58 -14.30
C MET A 76 6.26 21.18 -13.93
N SER A 77 6.90 21.95 -13.08
CA SER A 77 8.27 21.66 -12.66
C SER A 77 8.28 20.77 -11.42
N THR A 78 9.44 20.24 -11.09
CA THR A 78 9.62 19.38 -9.92
C THR A 78 9.04 20.00 -8.63
N THR A 79 9.47 21.23 -8.32
CA THR A 79 8.99 21.92 -7.12
C THR A 79 7.49 22.16 -7.22
N ASP A 80 7.05 22.42 -8.45
CA ASP A 80 5.63 22.61 -8.73
C ASP A 80 4.81 21.43 -8.19
N VAL A 81 5.36 20.24 -8.35
CA VAL A 81 4.71 19.03 -7.84
C VAL A 81 4.83 18.95 -6.32
N GLU A 82 6.02 19.29 -5.82
CA GLU A 82 6.28 19.27 -4.37
C GLU A 82 5.24 20.10 -3.64
N LYS A 83 5.08 21.35 -4.08
CA LYS A 83 4.10 22.26 -3.50
C LYS A 83 2.70 21.65 -3.51
N SER A 84 2.40 20.84 -4.52
CA SER A 84 1.12 20.19 -4.63
C SER A 84 0.94 19.17 -3.52
N PHE A 85 2.02 18.44 -3.20
CA PHE A 85 1.99 17.44 -2.16
C PHE A 85 1.63 18.05 -0.81
N ASP A 86 2.26 19.15 -0.44
CA ASP A 86 1.96 19.83 0.82
C ASP A 86 0.50 20.26 0.85
N LYS A 87 0.12 20.96 -0.21
CA LYS A 87 -1.26 21.44 -0.36
C LYS A 87 -2.25 20.26 -0.20
N LEU A 88 -1.84 19.09 -0.67
CA LEU A 88 -2.66 17.88 -0.53
C LEU A 88 -2.60 17.31 0.89
N LEU A 89 -1.40 17.21 1.45
CA LEU A 89 -1.21 16.68 2.81
C LEU A 89 -2.07 17.45 3.80
N LYS A 90 -2.06 18.78 3.67
CA LYS A 90 -2.86 19.66 4.51
C LYS A 90 -4.36 19.45 4.30
N ASP A 91 -4.72 18.65 3.30
CA ASP A 91 -6.12 18.36 3.01
C ASP A 91 -6.51 17.02 3.62
N LEU A 92 -5.53 16.10 3.65
CA LEU A 92 -5.69 14.76 4.22
C LEU A 92 -6.56 14.70 5.49
N PRO A 93 -6.29 15.51 6.54
CA PRO A 93 -7.09 15.51 7.76
C PRO A 93 -8.59 15.57 7.48
N GLU A 94 -8.98 16.47 6.58
CA GLU A 94 -10.39 16.60 6.21
C GLU A 94 -10.87 15.35 5.48
N LEU A 95 -10.12 14.94 4.45
CA LEU A 95 -10.43 13.73 3.68
C LEU A 95 -10.64 12.50 4.57
N ALA A 96 -9.90 12.44 5.67
CA ALA A 96 -10.00 11.31 6.60
C ALA A 96 -11.41 11.17 7.14
N LEU A 97 -12.12 12.27 7.22
CA LEU A 97 -13.48 12.28 7.72
C LEU A 97 -14.40 11.38 6.89
N ASP A 98 -14.20 11.30 5.57
CA ASP A 98 -15.09 10.48 4.76
C ASP A 98 -14.73 9.01 4.92
N THR A 99 -13.44 8.71 4.84
CA THR A 99 -12.96 7.34 5.00
C THR A 99 -11.44 7.34 5.21
N PRO A 100 -10.96 6.66 6.26
CA PRO A 100 -9.51 6.57 6.57
C PRO A 100 -8.73 6.01 5.39
N ARG A 101 -9.34 5.04 4.73
CA ARG A 101 -8.74 4.40 3.56
C ARG A 101 -8.31 5.44 2.51
N ALA A 102 -9.01 6.55 2.41
CA ALA A 102 -8.65 7.57 1.42
C ALA A 102 -7.26 8.21 1.68
N PRO A 103 -7.03 8.88 2.85
CA PRO A 103 -5.73 9.47 3.14
C PRO A 103 -4.63 8.41 3.18
N GLN A 104 -4.94 7.26 3.76
CA GLN A 104 -4.00 6.14 3.84
C GLN A 104 -3.50 5.75 2.45
N LEU A 105 -4.39 5.76 1.46
CA LEU A 105 -4.01 5.40 0.09
C LEU A 105 -3.06 6.45 -0.48
N VAL A 106 -3.29 7.71 -0.12
CA VAL A 106 -2.46 8.82 -0.57
C VAL A 106 -0.98 8.54 -0.32
N GLY A 107 -0.69 7.76 0.73
CA GLY A 107 0.68 7.41 1.05
C GLY A 107 1.36 6.64 -0.08
N GLN A 108 0.57 5.86 -0.82
CA GLN A 108 1.07 5.09 -1.94
C GLN A 108 1.50 6.02 -3.08
N PHE A 109 0.78 7.12 -3.23
CA PHE A 109 1.07 8.09 -4.27
C PHE A 109 2.37 8.83 -3.98
N ILE A 110 2.59 9.15 -2.71
CA ILE A 110 3.79 9.86 -2.29
C ILE A 110 5.04 9.06 -2.67
N ALA A 111 5.05 7.78 -2.32
CA ALA A 111 6.18 6.91 -2.63
C ALA A 111 6.29 6.66 -4.12
N ARG A 112 5.15 6.59 -4.80
CA ARG A 112 5.11 6.36 -6.23
C ARG A 112 5.78 7.52 -6.98
N ALA A 113 5.34 8.73 -6.64
CA ALA A 113 5.87 9.95 -7.26
C ALA A 113 7.40 10.03 -7.16
N VAL A 114 7.94 9.69 -6.00
CA VAL A 114 9.38 9.73 -5.80
C VAL A 114 10.12 8.84 -6.80
N GLY A 115 9.65 7.62 -6.97
CA GLY A 115 10.29 6.71 -7.89
C GLY A 115 10.22 7.15 -9.33
N ASP A 116 9.04 7.60 -9.76
CA ASP A 116 8.82 8.02 -11.13
C ASP A 116 9.23 9.45 -11.49
N GLY A 117 10.27 10.01 -10.85
CA GLY A 117 10.68 11.37 -11.15
C GLY A 117 9.73 12.47 -10.74
N ILE A 118 8.49 12.12 -10.43
CA ILE A 118 7.48 13.09 -10.04
C ILE A 118 7.84 13.89 -8.78
N LEU A 119 8.59 13.28 -7.85
CA LEU A 119 8.96 13.97 -6.62
C LEU A 119 10.36 13.59 -6.17
N CYS A 120 10.92 14.38 -5.25
CA CYS A 120 12.27 14.13 -4.73
C CYS A 120 12.21 13.15 -3.56
N ASN A 121 13.26 12.33 -3.41
CA ASN A 121 13.32 11.32 -2.36
C ASN A 121 13.32 11.92 -0.96
N THR A 122 14.18 12.91 -0.71
CA THR A 122 14.28 13.55 0.60
C THR A 122 13.02 14.29 1.05
N TYR A 123 11.90 14.13 0.35
CA TYR A 123 10.67 14.78 0.74
C TYR A 123 10.18 14.19 2.05
N ILE A 124 10.29 12.87 2.15
CA ILE A 124 9.89 12.15 3.35
C ILE A 124 10.78 12.55 4.52
N ASP A 125 12.05 12.75 4.22
CA ASP A 125 13.04 13.13 5.23
C ASP A 125 12.80 14.56 5.73
N SER A 126 12.30 15.41 4.84
CA SER A 126 12.02 16.80 5.19
C SER A 126 10.95 16.88 6.30
N TYR A 127 10.09 15.86 6.35
CA TYR A 127 9.02 15.80 7.34
C TYR A 127 9.23 14.60 8.28
N LYS A 128 10.50 14.30 8.51
CA LYS A 128 10.97 13.20 9.34
C LYS A 128 10.88 13.49 10.84
N GLY A 129 9.74 13.99 11.27
CA GLY A 129 9.54 14.34 12.65
C GLY A 129 9.07 15.77 12.73
N THR A 130 9.18 16.43 11.60
CA THR A 130 8.78 17.82 11.45
C THR A 130 7.29 17.91 11.12
N VAL A 131 6.50 16.96 11.61
CA VAL A 131 5.06 16.95 11.35
C VAL A 131 4.29 16.91 12.67
N ASP A 132 3.33 17.82 12.80
CA ASP A 132 2.50 17.89 14.01
C ASP A 132 1.08 17.42 13.71
N CYS A 133 0.95 16.67 12.63
CA CYS A 133 -0.35 16.12 12.22
C CYS A 133 -0.28 14.61 12.11
N VAL A 134 -1.16 13.93 12.86
CA VAL A 134 -1.20 12.47 12.88
C VAL A 134 -1.39 11.86 11.49
N GLN A 135 -2.46 12.22 10.79
CA GLN A 135 -2.71 11.69 9.45
C GLN A 135 -1.57 11.95 8.48
N ALA A 136 -0.98 13.15 8.55
CA ALA A 136 0.13 13.49 7.67
C ALA A 136 1.33 12.58 7.92
N ARG A 137 1.57 12.26 9.19
CA ARG A 137 2.68 11.40 9.57
C ARG A 137 2.39 9.95 9.23
N ALA A 138 1.13 9.55 9.35
CA ALA A 138 0.73 8.18 9.04
C ALA A 138 0.91 7.89 7.55
N ALA A 139 0.53 8.86 6.73
CA ALA A 139 0.65 8.72 5.28
C ALA A 139 2.12 8.53 4.88
N LEU A 140 3.00 9.30 5.51
CA LEU A 140 4.44 9.22 5.23
C LEU A 140 5.00 7.85 5.58
N ASP A 141 4.49 7.25 6.67
CA ASP A 141 4.93 5.94 7.10
C ASP A 141 4.59 4.88 6.07
N LYS A 142 3.35 4.90 5.59
CA LYS A 142 2.89 3.95 4.57
C LYS A 142 3.70 4.11 3.29
N ALA A 143 4.10 5.35 3.00
CA ALA A 143 4.90 5.64 1.83
C ALA A 143 6.28 4.99 1.95
N THR A 144 6.70 4.78 3.19
CA THR A 144 7.99 4.17 3.47
C THR A 144 7.96 2.66 3.18
N VAL A 145 6.78 2.05 3.38
CA VAL A 145 6.64 0.61 3.15
C VAL A 145 6.66 0.27 1.66
N LEU A 146 6.13 1.16 0.83
CA LEU A 146 6.09 0.94 -0.60
C LEU A 146 7.51 0.94 -1.18
N LEU A 147 8.35 1.82 -0.65
CA LEU A 147 9.73 1.92 -1.09
C LEU A 147 10.46 0.63 -0.76
N SER A 148 10.00 -0.05 0.28
CA SER A 148 10.60 -1.29 0.72
C SER A 148 10.17 -2.44 -0.18
N MET A 149 8.92 -2.40 -0.64
CA MET A 149 8.38 -3.44 -1.51
C MET A 149 8.92 -3.31 -2.93
N SER A 150 9.36 -2.10 -3.27
CA SER A 150 9.88 -1.83 -4.60
C SER A 150 11.30 -2.38 -4.76
N LYS A 151 11.85 -2.93 -3.70
CA LYS A 151 13.20 -3.49 -3.72
C LYS A 151 13.18 -4.99 -3.98
N GLY A 152 11.98 -5.57 -3.98
CA GLY A 152 11.88 -7.01 -4.21
C GLY A 152 10.66 -7.43 -5.01
N GLY A 153 9.57 -6.66 -4.89
CA GLY A 153 8.34 -6.99 -5.60
C GLY A 153 8.42 -6.85 -7.11
N LYS A 154 9.60 -6.53 -7.61
CA LYS A 154 9.81 -6.36 -9.04
C LYS A 154 9.83 -7.69 -9.78
N ARG A 155 10.11 -8.77 -9.07
CA ARG A 155 10.16 -10.08 -9.69
C ARG A 155 8.89 -10.88 -9.42
N LYS A 156 7.88 -10.22 -8.88
CA LYS A 156 6.62 -10.90 -8.57
C LYS A 156 5.41 -10.12 -9.08
N ASP A 157 5.66 -9.18 -9.99
CA ASP A 157 4.59 -8.37 -10.57
C ASP A 157 3.91 -9.15 -11.70
N SER A 158 2.68 -8.76 -12.03
CA SER A 158 1.92 -9.41 -13.09
C SER A 158 0.76 -8.54 -13.55
N VAL A 159 0.99 -7.73 -14.58
CA VAL A 159 -0.04 -6.86 -15.12
C VAL A 159 -0.87 -7.60 -16.16
N TRP A 160 -2.18 -7.61 -15.97
CA TRP A 160 -3.07 -8.27 -16.91
C TRP A 160 -3.68 -7.26 -17.87
N GLY A 161 -4.36 -7.74 -18.89
CA GLY A 161 -4.98 -6.86 -19.86
C GLY A 161 -6.02 -7.56 -20.69
N SER A 162 -6.81 -6.79 -21.41
CA SER A 162 -7.86 -7.32 -22.27
C SER A 162 -8.15 -6.33 -23.40
N GLY A 163 -9.31 -6.45 -24.03
CA GLY A 163 -9.65 -5.56 -25.12
C GLY A 163 -11.14 -5.42 -25.30
N GLY B 1 -13.86 -4.33 -24.53
CA GLY B 1 -13.65 -3.55 -23.29
C GLY B 1 -14.70 -3.85 -22.25
N GLY B 2 -15.04 -2.86 -21.43
CA GLY B 2 -16.04 -3.03 -20.39
C GLY B 2 -15.50 -3.75 -19.18
N GLN B 3 -14.98 -4.95 -19.40
CA GLN B 3 -14.42 -5.76 -18.33
C GLN B 3 -12.98 -6.16 -18.67
N GLN B 4 -12.08 -5.91 -17.73
CA GLN B 4 -10.67 -6.23 -17.92
C GLN B 4 -9.97 -6.37 -16.57
N PRO B 5 -9.34 -7.51 -16.32
CA PRO B 5 -8.59 -7.75 -15.09
C PRO B 5 -7.28 -6.96 -15.12
N VAL B 6 -6.84 -6.46 -13.98
CA VAL B 6 -5.61 -5.69 -13.94
C VAL B 6 -4.66 -6.20 -12.85
N ASN B 7 -4.68 -5.54 -11.71
CA ASN B 7 -3.81 -5.93 -10.60
C ASN B 7 -4.35 -7.16 -9.89
N HIS B 8 -3.48 -8.13 -9.67
CA HIS B 8 -3.85 -9.37 -9.00
C HIS B 8 -2.63 -9.97 -8.28
N LEU B 9 -2.79 -10.23 -6.99
CA LEU B 9 -1.71 -10.80 -6.16
C LEU B 9 -0.70 -9.73 -5.74
N VAL B 10 -0.29 -8.91 -6.71
CA VAL B 10 0.63 -7.82 -6.45
C VAL B 10 -0.10 -6.70 -5.72
N LYS B 11 0.63 -5.88 -4.97
CA LYS B 11 0.04 -4.77 -4.21
C LYS B 11 -0.94 -5.29 -3.15
N GLU B 12 -0.83 -6.56 -2.83
CA GLU B 12 -1.69 -7.18 -1.84
C GLU B 12 -0.88 -7.96 -0.80
N ILE B 13 -0.42 -9.15 -1.19
CA ILE B 13 0.34 -10.01 -0.28
C ILE B 13 1.56 -9.30 0.30
N ASP B 14 2.47 -8.87 -0.57
CA ASP B 14 3.71 -8.21 -0.14
C ASP B 14 3.41 -6.90 0.59
N MET B 15 2.62 -6.04 -0.04
CA MET B 15 2.27 -4.75 0.55
C MET B 15 1.69 -4.86 1.95
N LEU B 16 0.75 -5.75 2.16
CA LEU B 16 0.13 -5.92 3.47
C LEU B 16 1.15 -6.36 4.53
N LEU B 17 2.08 -7.20 4.13
CA LEU B 17 3.12 -7.67 5.04
C LEU B 17 4.08 -6.53 5.37
N LYS B 18 4.37 -5.72 4.36
CA LYS B 18 5.26 -4.57 4.53
C LYS B 18 4.63 -3.51 5.42
N GLU B 19 3.35 -3.24 5.20
CA GLU B 19 2.63 -2.25 5.99
C GLU B 19 2.55 -2.64 7.46
N TYR B 20 2.30 -3.92 7.69
CA TYR B 20 2.21 -4.45 9.05
C TYR B 20 3.58 -4.43 9.71
N LEU B 21 4.61 -4.68 8.92
CA LEU B 21 5.98 -4.70 9.42
C LEU B 21 6.52 -3.30 9.72
N LEU B 22 6.57 -2.45 8.71
CA LEU B 22 7.09 -1.09 8.87
C LEU B 22 6.16 -0.19 9.69
N SER B 23 4.96 0.06 9.18
CA SER B 23 4.02 0.92 9.87
C SER B 23 3.43 0.26 11.11
N GLY B 24 2.47 -0.63 10.94
CA GLY B 24 1.87 -1.30 12.09
C GLY B 24 0.41 -0.95 12.27
N ASP B 25 -0.41 -1.25 11.27
CA ASP B 25 -1.84 -0.95 11.34
C ASP B 25 -2.70 -2.16 10.99
N ILE B 26 -3.34 -2.69 12.02
CA ILE B 26 -4.23 -3.86 11.88
C ILE B 26 -5.34 -3.62 10.85
N SER B 27 -6.15 -2.60 11.09
CA SER B 27 -7.29 -2.26 10.23
C SER B 27 -6.88 -2.00 8.77
N GLU B 28 -5.66 -1.50 8.58
CA GLU B 28 -5.17 -1.19 7.24
C GLU B 28 -5.10 -2.46 6.39
N ALA B 29 -4.56 -3.53 6.98
CA ALA B 29 -4.46 -4.81 6.30
C ALA B 29 -5.83 -5.50 6.24
N GLU B 30 -6.62 -5.28 7.29
CA GLU B 30 -7.94 -5.87 7.41
C GLU B 30 -8.90 -5.34 6.35
N HIS B 31 -8.74 -4.06 6.02
CA HIS B 31 -9.58 -3.44 5.01
C HIS B 31 -9.32 -4.07 3.65
N CYS B 32 -8.09 -4.52 3.46
CA CYS B 32 -7.70 -5.15 2.21
C CYS B 32 -8.16 -6.61 2.18
N LEU B 33 -8.04 -7.27 3.33
CA LEU B 33 -8.44 -8.68 3.49
C LEU B 33 -9.89 -8.87 3.07
N LYS B 34 -10.71 -7.87 3.35
CA LYS B 34 -12.11 -7.89 2.97
C LYS B 34 -12.32 -7.61 1.48
N GLU B 35 -11.86 -6.42 1.05
CA GLU B 35 -12.00 -6.00 -0.36
C GLU B 35 -11.58 -7.07 -1.37
N LEU B 36 -10.67 -7.95 -0.98
CA LEU B 36 -10.25 -9.04 -1.86
C LEU B 36 -11.41 -10.06 -1.95
N GLU B 37 -11.59 -10.62 -3.14
CA GLU B 37 -12.69 -11.57 -3.37
C GLU B 37 -12.23 -13.03 -3.33
N VAL B 38 -11.02 -13.26 -2.87
CA VAL B 38 -10.48 -14.61 -2.80
C VAL B 38 -10.19 -15.07 -1.36
N PRO B 39 -11.22 -15.57 -0.66
CA PRO B 39 -11.08 -16.03 0.72
C PRO B 39 -10.30 -17.34 0.81
N HIS B 40 -10.52 -18.22 -0.17
CA HIS B 40 -9.85 -19.50 -0.21
C HIS B 40 -8.47 -19.38 -0.82
N PHE B 41 -8.20 -18.22 -1.43
CA PHE B 41 -6.91 -17.96 -2.06
C PHE B 41 -5.99 -17.17 -1.13
N HIS B 42 -6.56 -16.62 -0.06
CA HIS B 42 -5.82 -15.84 0.92
C HIS B 42 -4.90 -16.71 1.78
N HIS B 43 -4.90 -18.00 1.47
CA HIS B 43 -4.10 -18.99 2.19
C HIS B 43 -2.59 -18.70 2.07
N GLU B 44 -2.18 -18.08 0.96
CA GLU B 44 -0.76 -17.77 0.74
C GLU B 44 -0.29 -16.67 1.69
N LEU B 45 -1.20 -15.75 2.02
CA LEU B 45 -0.92 -14.63 2.94
C LEU B 45 -0.53 -15.17 4.32
N VAL B 46 -0.96 -16.40 4.58
CA VAL B 46 -0.67 -17.06 5.85
C VAL B 46 0.73 -17.67 5.80
N TYR B 47 1.07 -18.31 4.68
CA TYR B 47 2.39 -18.95 4.48
C TYR B 47 3.47 -17.87 4.47
N GLU B 48 3.23 -16.85 3.65
CA GLU B 48 4.13 -15.72 3.51
C GLU B 48 4.26 -14.96 4.85
N ALA B 49 3.37 -15.25 5.81
CA ALA B 49 3.38 -14.59 7.12
C ALA B 49 4.33 -15.34 8.09
N ILE B 50 4.37 -16.68 7.99
CA ILE B 50 5.16 -17.55 8.90
C ILE B 50 6.67 -17.54 8.56
N VAL B 51 6.96 -17.36 7.28
CA VAL B 51 8.32 -17.36 6.76
C VAL B 51 8.97 -15.99 6.98
N MET B 52 8.13 -15.04 7.42
CA MET B 52 8.55 -13.66 7.63
C MET B 52 9.17 -13.53 9.02
N VAL B 53 8.82 -14.45 9.92
CA VAL B 53 9.29 -14.44 11.31
C VAL B 53 10.63 -15.20 11.41
N LEU B 54 10.83 -16.15 10.48
CA LEU B 54 12.01 -17.00 10.48
C LEU B 54 13.11 -16.44 9.56
N GLU B 55 12.83 -15.29 8.95
CA GLU B 55 13.79 -14.64 8.06
C GLU B 55 14.20 -13.26 8.62
N SER B 56 13.42 -12.76 9.59
CA SER B 56 13.68 -11.46 10.19
C SER B 56 14.63 -11.56 11.37
N THR B 57 14.61 -10.53 12.23
CA THR B 57 15.49 -10.50 13.39
C THR B 57 14.80 -9.80 14.56
N GLY B 58 15.02 -10.30 15.76
CA GLY B 58 14.42 -9.71 16.95
C GLY B 58 12.98 -10.12 17.15
N GLU B 59 12.42 -9.76 18.30
CA GLU B 59 11.03 -10.10 18.62
C GLU B 59 10.04 -9.07 18.06
N SER B 60 10.57 -7.97 17.50
CA SER B 60 9.72 -6.92 16.93
C SER B 60 8.89 -7.52 15.79
N ALA B 61 9.54 -8.40 15.03
CA ALA B 61 8.94 -9.10 13.91
C ALA B 61 8.16 -10.33 14.42
N PHE B 62 8.45 -10.76 15.68
CA PHE B 62 7.86 -11.97 16.24
C PHE B 62 6.44 -11.65 16.74
N LYS B 63 6.27 -10.42 17.18
CA LYS B 63 5.01 -9.92 17.71
C LYS B 63 3.99 -9.49 16.63
N MET B 64 4.46 -9.07 15.42
CA MET B 64 3.51 -8.50 14.44
C MET B 64 2.73 -9.55 13.63
N ILE B 65 3.41 -10.23 12.67
CA ILE B 65 2.77 -11.31 11.89
C ILE B 65 2.23 -12.49 12.64
N LEU B 66 2.66 -12.57 13.88
CA LEU B 66 2.24 -13.66 14.73
C LEU B 66 0.84 -13.33 15.23
N ASP B 67 0.67 -12.05 15.58
CA ASP B 67 -0.61 -11.49 16.07
C ASP B 67 -1.62 -11.29 14.96
N LEU B 68 -1.18 -11.34 13.71
CA LEU B 68 -2.07 -11.08 12.58
C LEU B 68 -3.19 -12.13 12.56
N LEU B 69 -2.86 -13.39 12.22
CA LEU B 69 -3.82 -14.51 12.29
C LEU B 69 -4.53 -14.61 13.64
N LYS B 70 -3.87 -14.06 14.63
CA LYS B 70 -4.41 -14.06 15.98
C LYS B 70 -5.59 -13.09 16.06
N SER B 71 -5.36 -11.87 15.58
CA SER B 71 -6.38 -10.82 15.54
C SER B 71 -7.43 -11.07 14.45
N LEU B 72 -7.03 -11.75 13.38
CA LEU B 72 -7.92 -12.04 12.26
C LEU B 72 -8.95 -13.09 12.67
N TRP B 73 -8.47 -14.28 13.06
CA TRP B 73 -9.35 -15.36 13.54
C TRP B 73 -10.39 -14.91 14.58
N LYS B 74 -10.17 -13.76 15.18
CA LYS B 74 -11.11 -13.24 16.18
C LYS B 74 -12.38 -12.77 15.49
N SER B 75 -12.24 -12.34 14.24
CA SER B 75 -13.38 -11.85 13.47
C SER B 75 -13.71 -12.81 12.33
N SER B 76 -13.22 -14.04 12.44
CA SER B 76 -13.43 -15.09 11.44
C SER B 76 -13.17 -14.64 10.00
N THR B 77 -11.92 -14.74 9.59
CA THR B 77 -11.51 -14.37 8.24
C THR B 77 -10.74 -15.50 7.59
N ILE B 78 -9.72 -15.99 8.28
CA ILE B 78 -8.90 -17.07 7.77
C ILE B 78 -9.50 -18.42 8.15
N THR B 79 -9.80 -19.22 7.15
CA THR B 79 -10.39 -20.54 7.36
C THR B 79 -9.31 -21.55 7.80
N ILE B 80 -9.67 -22.45 8.71
CA ILE B 80 -8.75 -23.49 9.17
C ILE B 80 -8.17 -24.31 8.01
N ASP B 81 -8.94 -24.36 6.92
CA ASP B 81 -8.54 -25.10 5.72
C ASP B 81 -7.36 -24.37 5.08
N GLN B 82 -7.37 -23.06 5.25
CA GLN B 82 -6.33 -22.21 4.71
C GLN B 82 -5.06 -22.28 5.57
N MET B 83 -5.23 -22.07 6.88
CA MET B 83 -4.11 -22.10 7.83
C MET B 83 -3.36 -23.43 7.80
N LYS B 84 -4.09 -24.51 8.06
CA LYS B 84 -3.50 -25.86 8.06
C LYS B 84 -2.57 -26.14 6.87
N ARG B 85 -2.90 -25.66 5.68
CA ARG B 85 -2.07 -25.94 4.52
C ARG B 85 -0.81 -25.10 4.50
N GLY B 86 -0.89 -23.92 5.11
CA GLY B 86 0.27 -23.04 5.15
C GLY B 86 1.32 -23.63 6.05
N TYR B 87 0.88 -24.17 7.18
CA TYR B 87 1.76 -24.81 8.15
C TYR B 87 2.26 -26.14 7.62
N GLU B 88 1.47 -26.75 6.74
CA GLU B 88 1.80 -28.04 6.16
C GLU B 88 2.94 -27.87 5.17
N ARG B 89 2.92 -26.76 4.44
CA ARG B 89 3.97 -26.48 3.48
C ARG B 89 5.25 -26.08 4.19
N ILE B 90 5.11 -25.50 5.38
CA ILE B 90 6.27 -25.08 6.18
C ILE B 90 7.22 -26.26 6.37
N TYR B 91 6.66 -27.35 6.93
CA TYR B 91 7.43 -28.57 7.15
C TYR B 91 8.12 -29.07 5.89
N ASN B 92 7.53 -28.79 4.73
CA ASN B 92 8.10 -29.21 3.47
C ASN B 92 9.28 -28.32 3.07
N GLU B 93 9.21 -27.03 3.42
CA GLU B 93 10.26 -26.08 3.10
C GLU B 93 11.35 -26.08 4.17
N ILE B 94 11.05 -26.69 5.32
CA ILE B 94 11.99 -26.76 6.44
C ILE B 94 13.42 -27.17 6.01
N PRO B 95 13.59 -28.28 5.24
CA PRO B 95 14.91 -28.72 4.78
C PRO B 95 15.64 -27.65 3.96
N ASP B 96 14.89 -26.81 3.25
CA ASP B 96 15.49 -25.76 2.43
C ASP B 96 15.93 -24.57 3.28
N ILE B 97 15.10 -24.24 4.26
CA ILE B 97 15.38 -23.11 5.15
C ILE B 97 16.51 -23.48 6.12
N ASN B 98 16.44 -24.69 6.67
CA ASN B 98 17.45 -25.14 7.61
C ASN B 98 18.71 -25.63 6.93
N LEU B 99 18.56 -26.49 5.93
CA LEU B 99 19.70 -27.05 5.18
C LEU B 99 20.64 -27.79 6.13
N ASP B 100 20.08 -28.77 6.83
CA ASP B 100 20.81 -29.60 7.80
C ASP B 100 21.12 -28.84 9.08
N VAL B 101 21.42 -29.58 10.14
CA VAL B 101 21.72 -29.01 11.45
C VAL B 101 20.62 -28.03 11.88
N PRO B 102 19.53 -28.56 12.45
CA PRO B 102 18.39 -27.74 12.88
C PRO B 102 18.75 -26.73 13.96
N HIS B 103 18.25 -25.52 13.79
CA HIS B 103 18.46 -24.43 14.72
C HIS B 103 17.15 -23.69 14.93
N SER B 104 16.43 -23.46 13.84
CA SER B 104 15.14 -22.80 13.88
C SER B 104 14.06 -23.72 14.44
N TYR B 105 14.44 -24.91 14.87
CA TYR B 105 13.49 -25.86 15.44
C TYR B 105 12.85 -25.28 16.68
N SER B 106 13.66 -24.65 17.52
CA SER B 106 13.16 -24.04 18.75
C SER B 106 12.22 -22.89 18.42
N VAL B 107 12.54 -22.17 17.35
CA VAL B 107 11.72 -21.05 16.90
C VAL B 107 10.42 -21.56 16.28
N LEU B 108 10.51 -22.69 15.57
CA LEU B 108 9.34 -23.28 14.95
C LEU B 108 8.39 -23.77 16.02
N GLU B 109 8.90 -24.61 16.93
CA GLU B 109 8.12 -25.12 18.04
C GLU B 109 7.49 -24.00 18.85
N ARG B 110 8.23 -22.90 19.02
CA ARG B 110 7.73 -21.75 19.76
C ARG B 110 6.51 -21.16 19.06
N PHE B 111 6.62 -21.01 17.74
CA PHE B 111 5.52 -20.50 16.95
C PHE B 111 4.34 -21.44 17.04
N VAL B 112 4.52 -22.68 16.57
CA VAL B 112 3.47 -23.70 16.63
C VAL B 112 2.81 -23.81 17.99
N GLU B 113 3.61 -23.89 19.05
CA GLU B 113 3.05 -23.99 20.39
C GLU B 113 2.24 -22.75 20.74
N GLU B 114 2.71 -21.57 20.32
CA GLU B 114 2.01 -20.32 20.58
C GLU B 114 0.67 -20.32 19.86
N CYS B 115 0.65 -20.77 18.61
CA CYS B 115 -0.59 -20.82 17.84
C CYS B 115 -1.56 -21.82 18.46
N PHE B 116 -1.12 -23.08 18.56
CA PHE B 116 -1.92 -24.15 19.16
C PHE B 116 -2.43 -23.78 20.55
N GLN B 117 -1.67 -22.96 21.24
CA GLN B 117 -2.03 -22.53 22.58
C GLN B 117 -3.42 -21.89 22.60
N ALA B 118 -3.67 -20.96 21.69
CA ALA B 118 -4.97 -20.30 21.67
C ALA B 118 -6.14 -21.24 21.36
N GLY B 119 -6.01 -22.09 20.33
CA GLY B 119 -7.09 -23.02 20.06
C GLY B 119 -7.44 -23.04 18.58
N ILE B 120 -7.20 -21.91 17.89
CA ILE B 120 -7.45 -21.76 16.43
C ILE B 120 -7.04 -22.96 15.58
N ILE B 121 -6.09 -23.76 16.06
CA ILE B 121 -5.63 -24.93 15.32
C ILE B 121 -5.60 -26.17 16.22
N SER B 122 -6.29 -27.21 15.80
CA SER B 122 -6.35 -28.45 16.54
C SER B 122 -5.04 -29.23 16.51
N LYS B 123 -5.00 -30.33 17.26
CA LYS B 123 -3.82 -31.19 17.34
C LYS B 123 -3.49 -31.78 15.97
N GLN B 124 -4.49 -31.82 15.11
CA GLN B 124 -4.35 -32.34 13.76
C GLN B 124 -3.17 -31.70 13.04
N LEU B 125 -2.97 -30.39 13.28
CA LEU B 125 -1.88 -29.66 12.65
C LEU B 125 -0.55 -29.95 13.34
N ARG B 126 -0.59 -30.02 14.67
CA ARG B 126 0.59 -30.29 15.49
C ARG B 126 1.08 -31.73 15.30
N ASP B 127 0.17 -32.57 14.84
CA ASP B 127 0.46 -33.98 14.59
C ASP B 127 1.47 -34.12 13.46
N LEU B 128 1.43 -33.16 12.53
CA LEU B 128 2.35 -33.14 11.40
C LEU B 128 3.58 -32.31 11.74
N CYS B 129 3.52 -31.69 12.90
CA CYS B 129 4.58 -30.82 13.38
C CYS B 129 5.73 -31.65 13.95
N PRO B 130 6.96 -31.38 13.49
CA PRO B 130 8.16 -32.09 13.96
C PRO B 130 8.53 -31.65 15.36
N SER B 131 7.72 -32.05 16.34
CA SER B 131 7.94 -31.69 17.72
C SER B 131 8.47 -32.87 18.52
N GLY A 1 1.62 30.46 -2.59
CA GLY A 1 0.94 31.13 -1.46
C GLY A 1 -0.57 31.12 -1.64
N LEU A 2 -1.22 32.18 -1.19
CA LEU A 2 -2.67 32.29 -1.31
C LEU A 2 -3.08 32.45 -2.77
N PRO A 3 -4.01 31.62 -3.25
CA PRO A 3 -4.48 31.65 -4.62
C PRO A 3 -5.57 32.68 -4.83
N LEU A 4 -5.42 33.51 -5.86
CA LEU A 4 -6.41 34.51 -6.18
C LEU A 4 -7.57 33.87 -6.93
N ASP A 5 -8.72 33.78 -6.27
CA ASP A 5 -9.96 33.21 -6.84
C ASP A 5 -9.97 31.68 -6.84
N GLU A 6 -10.29 31.10 -5.69
CA GLU A 6 -10.33 29.65 -5.57
C GLU A 6 -11.64 29.08 -6.12
N ARG A 7 -12.74 29.64 -5.62
CA ARG A 7 -14.10 29.20 -5.98
C ARG A 7 -14.36 29.17 -7.47
N ALA A 8 -13.78 30.12 -8.20
CA ALA A 8 -13.93 30.19 -9.64
C ALA A 8 -13.28 28.97 -10.28
N PHE A 9 -12.03 28.70 -9.86
CA PHE A 9 -11.27 27.58 -10.35
C PHE A 9 -11.98 26.26 -10.06
N GLU A 10 -12.30 26.06 -8.78
CA GLU A 10 -12.99 24.84 -8.34
C GLU A 10 -14.23 24.55 -9.17
N LYS A 11 -15.06 25.56 -9.37
CA LYS A 11 -16.28 25.41 -10.15
C LYS A 11 -16.02 24.99 -11.60
N THR A 12 -15.02 25.61 -12.22
CA THR A 12 -14.68 25.31 -13.60
C THR A 12 -13.98 23.97 -13.77
N LEU A 13 -12.88 23.78 -13.05
CA LEU A 13 -12.09 22.53 -13.13
C LEU A 13 -12.87 21.25 -12.86
N THR A 14 -13.81 21.27 -11.91
CA THR A 14 -14.58 20.07 -11.56
C THR A 14 -15.11 19.28 -12.76
N PRO A 15 -15.96 19.88 -13.63
CA PRO A 15 -16.49 19.19 -14.80
C PRO A 15 -15.40 18.69 -15.74
N ILE A 16 -14.29 19.41 -15.83
CA ILE A 16 -13.19 19.01 -16.71
C ILE A 16 -12.45 17.80 -16.12
N ILE A 17 -12.33 17.77 -14.81
CA ILE A 17 -11.66 16.67 -14.13
C ILE A 17 -12.36 15.34 -14.39
N GLN A 18 -13.68 15.34 -14.27
CA GLN A 18 -14.45 14.13 -14.54
C GLN A 18 -14.25 13.63 -15.97
N GLU A 19 -13.98 14.57 -16.89
CA GLU A 19 -13.76 14.22 -18.28
C GLU A 19 -12.52 13.33 -18.42
N TYR A 20 -11.58 13.50 -17.51
CA TYR A 20 -10.35 12.72 -17.50
C TYR A 20 -10.63 11.27 -17.12
N PHE A 21 -11.67 11.07 -16.33
CA PHE A 21 -12.05 9.72 -15.88
C PHE A 21 -12.95 9.02 -16.89
N GLU A 22 -13.57 9.80 -17.77
CA GLU A 22 -14.46 9.24 -18.78
C GLU A 22 -13.66 8.58 -19.90
N HIS A 23 -12.53 9.18 -20.22
CA HIS A 23 -11.66 8.62 -21.26
C HIS A 23 -10.18 8.52 -20.88
N GLY A 24 -9.64 9.63 -20.39
CA GLY A 24 -8.22 9.66 -20.06
C GLY A 24 -7.44 10.36 -21.17
N ASP A 25 -7.01 11.60 -20.91
CA ASP A 25 -6.26 12.35 -21.90
C ASP A 25 -5.38 13.41 -21.24
N THR A 26 -4.09 13.11 -21.12
CA THR A 26 -3.16 14.02 -20.48
C THR A 26 -2.84 15.23 -21.36
N ASN A 27 -2.91 15.04 -22.68
CA ASN A 27 -2.60 16.11 -23.64
C ASN A 27 -3.66 17.21 -23.59
N GLU A 28 -4.93 16.82 -23.66
CA GLU A 28 -6.03 17.77 -23.62
C GLU A 28 -5.96 18.64 -22.37
N VAL A 29 -5.74 18.01 -21.23
CA VAL A 29 -5.63 18.71 -19.96
C VAL A 29 -4.52 19.75 -20.02
N ALA A 30 -3.36 19.35 -20.55
CA ALA A 30 -2.22 20.25 -20.67
C ALA A 30 -2.55 21.48 -21.51
N GLU A 31 -3.23 21.25 -22.63
CA GLU A 31 -3.62 22.33 -23.52
C GLU A 31 -4.53 23.32 -22.81
N MET A 32 -5.51 22.78 -22.08
CA MET A 32 -6.46 23.62 -21.35
C MET A 32 -5.79 24.42 -20.24
N LEU A 33 -4.88 23.77 -19.51
CA LEU A 33 -4.18 24.41 -18.40
C LEU A 33 -3.39 25.64 -18.85
N ARG A 34 -2.86 25.59 -20.07
CA ARG A 34 -2.09 26.71 -20.59
C ARG A 34 -2.94 27.95 -20.73
N ASP A 35 -4.13 27.79 -21.29
CA ASP A 35 -5.05 28.90 -21.50
C ASP A 35 -5.68 29.35 -20.20
N LEU A 36 -5.40 28.63 -19.12
CA LEU A 36 -5.94 28.98 -17.80
C LEU A 36 -5.12 30.09 -17.16
N ASN A 37 -3.83 30.13 -17.47
CA ASN A 37 -2.92 31.15 -16.93
C ASN A 37 -2.87 31.14 -15.41
N LEU A 38 -2.53 29.99 -14.84
CA LEU A 38 -2.45 29.85 -13.40
C LEU A 38 -1.00 29.82 -12.92
N GLY A 39 -0.70 30.63 -11.92
CA GLY A 39 0.64 30.67 -11.37
C GLY A 39 0.80 29.62 -10.29
N GLU A 40 0.53 30.00 -9.05
CA GLU A 40 0.61 29.06 -7.94
C GLU A 40 -0.62 28.18 -7.90
N MET A 41 -1.70 28.65 -8.53
CA MET A 41 -2.95 27.91 -8.59
C MET A 41 -2.80 26.71 -9.51
N LYS A 42 -1.66 26.62 -10.17
CA LYS A 42 -1.37 25.50 -11.07
C LYS A 42 -1.27 24.22 -10.27
N SER A 43 -0.81 24.34 -9.02
CA SER A 43 -0.67 23.21 -8.12
C SER A 43 -2.05 22.72 -7.66
N GLY A 44 -3.04 23.61 -7.79
CA GLY A 44 -4.40 23.29 -7.41
C GLY A 44 -4.97 22.13 -8.21
N VAL A 45 -4.79 22.17 -9.52
CA VAL A 45 -5.28 21.11 -10.41
C VAL A 45 -4.95 19.69 -9.92
N PRO A 46 -3.65 19.33 -9.79
CA PRO A 46 -3.24 18.01 -9.34
C PRO A 46 -3.87 17.63 -7.99
N VAL A 47 -4.03 18.60 -7.09
CA VAL A 47 -4.61 18.33 -5.78
C VAL A 47 -6.06 17.86 -5.94
N LEU A 48 -6.81 18.55 -6.79
CA LEU A 48 -8.20 18.19 -7.03
C LEU A 48 -8.29 16.83 -7.71
N ALA A 49 -7.55 16.69 -8.81
CA ALA A 49 -7.51 15.44 -9.56
C ALA A 49 -7.23 14.23 -8.67
N VAL A 50 -6.40 14.42 -7.66
CA VAL A 50 -6.05 13.33 -6.75
C VAL A 50 -7.19 13.06 -5.77
N SER A 51 -7.74 14.13 -5.20
CA SER A 51 -8.83 14.02 -4.23
C SER A 51 -10.07 13.39 -4.84
N LEU A 52 -10.49 13.89 -5.99
CA LEU A 52 -11.67 13.37 -6.68
C LEU A 52 -11.52 11.90 -7.08
N ALA A 53 -10.27 11.43 -7.08
CA ALA A 53 -9.98 10.06 -7.44
C ALA A 53 -10.23 9.12 -6.24
N LEU A 54 -10.06 9.67 -5.03
CA LEU A 54 -10.22 8.89 -3.80
C LEU A 54 -11.63 8.35 -3.61
N GLU A 55 -12.61 9.20 -3.90
CA GLU A 55 -14.02 8.82 -3.77
C GLU A 55 -14.35 7.61 -4.63
N GLY A 56 -13.75 7.56 -5.81
CA GLY A 56 -13.96 6.42 -6.70
C GLY A 56 -13.14 5.21 -6.29
N LYS A 57 -12.99 4.27 -7.22
CA LYS A 57 -12.22 3.06 -6.95
C LYS A 57 -10.74 3.26 -7.26
N ALA A 58 -9.93 2.28 -6.84
CA ALA A 58 -8.49 2.32 -7.06
C ALA A 58 -8.14 2.37 -8.54
N SER A 59 -9.02 1.83 -9.37
CA SER A 59 -8.80 1.83 -10.80
C SER A 59 -8.71 3.27 -11.30
N HIS A 60 -9.56 4.13 -10.75
CA HIS A 60 -9.57 5.52 -11.13
C HIS A 60 -8.46 6.29 -10.42
N ARG A 61 -8.03 5.76 -9.28
CA ARG A 61 -6.98 6.39 -8.47
C ARG A 61 -5.62 6.30 -9.16
N GLU A 62 -5.19 5.07 -9.43
CA GLU A 62 -3.90 4.82 -10.10
C GLU A 62 -3.78 5.60 -11.41
N MET A 63 -4.92 5.83 -12.06
CA MET A 63 -4.95 6.56 -13.33
C MET A 63 -4.61 8.03 -13.15
N THR A 64 -4.72 8.54 -11.94
CA THR A 64 -4.43 9.94 -11.66
C THR A 64 -2.93 10.22 -11.71
N SER A 65 -2.12 9.29 -11.21
CA SER A 65 -0.67 9.46 -11.21
C SER A 65 -0.13 9.62 -12.62
N LYS A 66 -0.83 9.02 -13.59
CA LYS A 66 -0.44 9.08 -14.99
C LYS A 66 -0.56 10.51 -15.51
N LEU A 67 -1.52 11.25 -14.97
CA LEU A 67 -1.77 12.63 -15.36
C LEU A 67 -0.66 13.52 -14.82
N LEU A 68 -0.33 13.29 -13.55
CA LEU A 68 0.68 14.07 -12.85
C LEU A 68 2.01 14.05 -13.59
N SER A 69 2.59 12.86 -13.77
CA SER A 69 3.86 12.70 -14.46
C SER A 69 3.85 13.40 -15.83
N ASP A 70 2.87 13.03 -16.64
CA ASP A 70 2.70 13.61 -17.99
C ASP A 70 2.72 15.13 -17.99
N LEU A 71 2.08 15.75 -17.01
CA LEU A 71 2.04 17.22 -16.93
C LEU A 71 3.35 17.81 -16.46
N CYS A 72 4.11 17.04 -15.67
CA CYS A 72 5.38 17.51 -15.13
C CYS A 72 6.43 17.70 -16.22
N GLY A 73 6.80 18.96 -16.45
CA GLY A 73 7.80 19.29 -17.45
C GLY A 73 7.15 19.84 -18.70
N THR A 74 5.89 19.51 -18.90
CA THR A 74 5.16 19.99 -20.05
C THR A 74 4.49 21.33 -19.75
N VAL A 75 3.58 21.33 -18.78
CA VAL A 75 2.89 22.56 -18.41
C VAL A 75 3.03 22.86 -16.92
N MET A 76 3.59 21.91 -16.17
CA MET A 76 3.78 22.06 -14.74
C MET A 76 5.21 21.71 -14.36
N SER A 77 5.88 22.61 -13.65
CA SER A 77 7.26 22.36 -13.26
C SER A 77 7.32 21.52 -11.99
N THR A 78 8.34 20.67 -11.91
CA THR A 78 8.58 19.81 -10.74
C THR A 78 8.32 20.52 -9.41
N THR A 79 8.62 21.81 -9.33
CA THR A 79 8.41 22.60 -8.12
C THR A 79 6.92 22.69 -7.80
N ASP A 80 6.10 22.88 -8.83
CA ASP A 80 4.65 22.97 -8.68
C ASP A 80 4.09 21.68 -8.10
N VAL A 81 4.59 20.56 -8.61
CA VAL A 81 4.15 19.24 -8.17
C VAL A 81 4.39 19.09 -6.66
N GLU A 82 5.58 19.48 -6.23
CA GLU A 82 5.96 19.41 -4.83
C GLU A 82 5.07 20.32 -3.99
N LYS A 83 4.79 21.51 -4.51
CA LYS A 83 3.94 22.46 -3.83
C LYS A 83 2.57 21.85 -3.57
N SER A 84 2.00 21.20 -4.59
CA SER A 84 0.72 20.53 -4.44
C SER A 84 0.71 19.54 -3.28
N PHE A 85 1.74 18.69 -3.25
CA PHE A 85 1.89 17.70 -2.19
C PHE A 85 1.80 18.31 -0.78
N ASP A 86 2.36 19.51 -0.60
CA ASP A 86 2.30 20.18 0.70
C ASP A 86 0.85 20.51 1.03
N LYS A 87 0.13 20.98 0.02
CA LYS A 87 -1.28 21.33 0.15
C LYS A 87 -2.12 20.06 0.35
N LEU A 88 -1.69 18.97 -0.28
CA LEU A 88 -2.35 17.67 -0.17
C LEU A 88 -2.29 17.18 1.27
N LEU A 89 -1.26 17.65 1.96
CA LEU A 89 -1.02 17.27 3.33
C LEU A 89 -1.89 18.11 4.28
N LYS A 90 -2.09 19.37 3.90
CA LYS A 90 -2.87 20.33 4.70
C LYS A 90 -4.36 20.00 4.85
N ASP A 91 -5.07 19.78 3.73
CA ASP A 91 -6.51 19.50 3.80
C ASP A 91 -6.79 18.08 4.29
N LEU A 92 -5.89 17.17 3.94
CA LEU A 92 -5.99 15.75 4.35
C LEU A 92 -6.69 15.50 5.70
N PRO A 93 -6.31 16.18 6.81
CA PRO A 93 -6.99 16.00 8.11
C PRO A 93 -8.52 15.98 8.02
N GLU A 94 -9.13 16.82 7.17
CA GLU A 94 -10.58 16.84 7.04
C GLU A 94 -11.06 15.70 6.13
N LEU A 95 -10.47 15.62 4.94
CA LEU A 95 -10.77 14.54 3.99
C LEU A 95 -10.71 13.15 4.65
N ALA A 96 -9.85 13.00 5.65
CA ALA A 96 -9.69 11.74 6.36
C ALA A 96 -10.98 11.34 7.08
N LEU A 97 -11.76 12.34 7.47
CA LEU A 97 -13.03 12.09 8.15
C LEU A 97 -14.05 11.40 7.23
N ASP A 98 -14.22 11.95 6.03
CA ASP A 98 -15.14 11.38 5.05
C ASP A 98 -14.58 10.10 4.43
N THR A 99 -13.28 9.93 4.53
CA THR A 99 -12.61 8.76 3.99
C THR A 99 -11.58 8.23 4.98
N PRO A 100 -11.96 7.23 5.79
CA PRO A 100 -11.06 6.64 6.80
C PRO A 100 -9.72 6.20 6.21
N ARG A 101 -9.75 5.75 4.96
CA ARG A 101 -8.53 5.30 4.29
C ARG A 101 -7.90 6.41 3.44
N ALA A 102 -8.23 7.67 3.73
CA ALA A 102 -7.70 8.79 2.96
C ALA A 102 -6.18 8.95 3.14
N PRO A 103 -5.68 9.09 4.39
CA PRO A 103 -4.23 9.24 4.63
C PRO A 103 -3.46 8.07 4.04
N GLN A 104 -3.82 6.85 4.46
CA GLN A 104 -3.21 5.63 3.95
C GLN A 104 -3.12 5.62 2.42
N LEU A 105 -4.14 6.16 1.76
CA LEU A 105 -4.14 6.22 0.30
C LEU A 105 -3.20 7.29 -0.24
N VAL A 106 -3.16 8.46 0.42
CA VAL A 106 -2.32 9.55 -0.03
C VAL A 106 -0.85 9.14 -0.10
N GLY A 107 -0.36 8.45 0.93
CA GLY A 107 1.02 7.97 0.93
C GLY A 107 1.37 7.18 -0.32
N GLN A 108 0.39 6.47 -0.87
CA GLN A 108 0.61 5.68 -2.08
C GLN A 108 0.85 6.62 -3.25
N PHE A 109 0.11 7.71 -3.24
CA PHE A 109 0.24 8.71 -4.29
C PHE A 109 1.57 9.45 -4.19
N ILE A 110 2.11 9.54 -2.97
CA ILE A 110 3.37 10.24 -2.76
C ILE A 110 4.57 9.37 -3.18
N ALA A 111 4.68 8.17 -2.60
CA ALA A 111 5.78 7.26 -2.93
C ALA A 111 5.89 6.99 -4.43
N ARG A 112 4.74 6.88 -5.08
CA ARG A 112 4.70 6.62 -6.51
C ARG A 112 5.28 7.80 -7.28
N ALA A 113 5.12 9.00 -6.74
CA ALA A 113 5.63 10.21 -7.38
C ALA A 113 7.16 10.23 -7.35
N VAL A 114 7.74 9.69 -6.29
CA VAL A 114 9.19 9.62 -6.16
C VAL A 114 9.72 8.63 -7.19
N GLY A 115 9.20 7.40 -7.11
CA GLY A 115 9.57 6.37 -8.08
C GLY A 115 9.33 6.79 -9.51
N ASP A 116 8.35 7.65 -9.73
CA ASP A 116 8.04 8.15 -11.07
C ASP A 116 9.09 9.14 -11.52
N GLY A 117 9.59 9.94 -10.58
CA GLY A 117 10.62 10.92 -10.92
C GLY A 117 10.09 12.34 -10.95
N ILE A 118 8.96 12.59 -10.29
CA ILE A 118 8.38 13.92 -10.28
C ILE A 118 8.47 14.52 -8.88
N LEU A 119 9.01 13.75 -7.94
CA LEU A 119 9.16 14.19 -6.57
C LEU A 119 10.46 13.66 -5.97
N CYS A 120 11.15 14.52 -5.23
CA CYS A 120 12.40 14.14 -4.59
C CYS A 120 12.13 13.24 -3.39
N ASN A 121 13.05 12.31 -3.11
CA ASN A 121 12.90 11.41 -1.98
C ASN A 121 13.13 12.12 -0.66
N THR A 122 13.94 13.16 -0.69
CA THR A 122 14.25 13.95 0.50
C THR A 122 12.97 14.55 1.09
N TYR A 123 12.06 14.92 0.19
CA TYR A 123 10.77 15.49 0.56
C TYR A 123 10.15 14.73 1.74
N ILE A 124 10.24 13.40 1.71
CA ILE A 124 9.69 12.59 2.78
C ILE A 124 10.56 12.68 4.04
N ASP A 125 11.86 12.46 3.86
CA ASP A 125 12.82 12.49 4.98
C ASP A 125 12.84 13.85 5.67
N SER A 126 12.60 14.91 4.92
CA SER A 126 12.58 16.26 5.47
C SER A 126 11.41 16.47 6.44
N TYR A 127 10.32 15.75 6.21
CA TYR A 127 9.16 15.87 7.08
C TYR A 127 9.23 14.83 8.21
N LYS A 128 10.26 13.97 8.10
CA LYS A 128 10.58 12.87 9.05
C LYS A 128 10.60 13.16 10.58
N GLY A 129 9.56 13.75 11.09
CA GLY A 129 9.52 14.03 12.52
C GLY A 129 9.29 15.49 12.73
N THR A 130 9.27 16.18 11.62
CA THR A 130 9.04 17.61 11.58
C THR A 130 7.56 17.88 11.34
N VAL A 131 6.73 16.88 11.57
CA VAL A 131 5.29 17.01 11.38
C VAL A 131 4.54 16.84 12.70
N ASP A 132 3.77 17.85 13.05
CA ASP A 132 2.99 17.85 14.28
C ASP A 132 1.68 17.10 14.10
N CYS A 133 1.09 17.24 12.91
CA CYS A 133 -0.18 16.59 12.63
C CYS A 133 0.01 15.10 12.31
N VAL A 134 -0.44 14.24 13.23
CA VAL A 134 -0.34 12.80 13.06
C VAL A 134 -0.97 12.35 11.74
N GLN A 135 -2.06 13.00 11.35
CA GLN A 135 -2.75 12.67 10.09
C GLN A 135 -1.77 12.71 8.92
N ALA A 136 -0.90 13.71 8.91
CA ALA A 136 0.09 13.86 7.85
C ALA A 136 1.18 12.80 8.01
N ARG A 137 1.63 12.60 9.25
CA ARG A 137 2.65 11.59 9.57
C ARG A 137 2.24 10.22 9.05
N ALA A 138 0.97 9.90 9.23
CA ALA A 138 0.42 8.63 8.80
C ALA A 138 0.51 8.48 7.29
N ALA A 139 0.29 9.56 6.57
CA ALA A 139 0.36 9.55 5.12
C ALA A 139 1.81 9.51 4.62
N LEU A 140 2.68 10.27 5.28
CA LEU A 140 4.09 10.35 4.88
C LEU A 140 4.86 9.07 5.20
N ASP A 141 4.82 8.65 6.45
CA ASP A 141 5.50 7.42 6.87
C ASP A 141 5.05 6.21 6.07
N LYS A 142 3.79 6.24 5.63
CA LYS A 142 3.24 5.15 4.84
C LYS A 142 3.99 5.04 3.51
N ALA A 143 4.38 6.19 2.96
CA ALA A 143 5.10 6.23 1.69
C ALA A 143 6.43 5.51 1.79
N THR A 144 7.16 5.77 2.88
CA THR A 144 8.45 5.14 3.10
C THR A 144 8.30 3.62 3.19
N VAL A 145 7.20 3.18 3.79
CA VAL A 145 6.91 1.76 3.94
C VAL A 145 6.67 1.12 2.56
N LEU A 146 5.87 1.80 1.73
CA LEU A 146 5.54 1.30 0.40
C LEU A 146 6.79 1.17 -0.47
N LEU A 147 7.76 2.06 -0.24
CA LEU A 147 9.01 2.04 -0.99
C LEU A 147 9.76 0.73 -0.78
N SER A 148 9.86 0.32 0.49
CA SER A 148 10.56 -0.89 0.86
C SER A 148 9.98 -2.13 0.18
N MET A 149 8.66 -2.16 0.05
CA MET A 149 7.97 -3.28 -0.59
C MET A 149 8.36 -3.37 -2.06
N SER A 150 8.59 -2.21 -2.66
CA SER A 150 8.96 -2.13 -4.06
C SER A 150 10.44 -2.41 -4.27
N LYS A 151 11.23 -2.35 -3.20
CA LYS A 151 12.66 -2.59 -3.28
C LYS A 151 12.95 -4.09 -3.20
N GLY A 152 12.63 -4.67 -2.05
CA GLY A 152 12.86 -6.09 -1.85
C GLY A 152 11.58 -6.81 -1.45
N GLY A 153 10.74 -7.09 -2.42
CA GLY A 153 9.49 -7.77 -2.14
C GLY A 153 9.31 -9.05 -2.93
N LYS A 154 10.01 -9.17 -4.06
CA LYS A 154 9.91 -10.35 -4.90
C LYS A 154 10.36 -11.59 -4.12
N ARG A 155 9.46 -12.54 -3.96
CA ARG A 155 9.74 -13.73 -3.20
C ARG A 155 9.23 -14.98 -3.92
N LYS A 156 7.96 -15.30 -3.68
CA LYS A 156 7.34 -16.46 -4.30
C LYS A 156 6.02 -16.04 -4.93
N ASP A 157 6.08 -15.01 -5.76
CA ASP A 157 4.89 -14.48 -6.43
C ASP A 157 4.39 -15.41 -7.51
N SER A 158 5.20 -16.40 -7.87
CA SER A 158 4.84 -17.35 -8.91
C SER A 158 3.85 -18.40 -8.40
N VAL A 159 2.78 -17.93 -7.78
CA VAL A 159 1.75 -18.80 -7.24
C VAL A 159 0.82 -19.27 -8.35
N TRP A 160 0.28 -18.31 -9.10
CA TRP A 160 -0.64 -18.61 -10.20
C TRP A 160 -0.55 -17.52 -11.26
N GLY A 161 -1.16 -17.75 -12.41
CA GLY A 161 -1.12 -16.78 -13.49
C GLY A 161 -2.47 -16.53 -14.12
N SER A 162 -3.53 -16.60 -13.33
CA SER A 162 -4.88 -16.37 -13.84
C SER A 162 -5.17 -14.88 -13.94
N GLY A 163 -5.90 -14.50 -14.98
CA GLY A 163 -6.24 -13.10 -15.17
C GLY A 163 -6.81 -12.85 -16.55
N GLY B 1 -8.97 -10.99 -18.24
CA GLY B 1 -9.10 -9.53 -18.42
C GLY B 1 -10.09 -9.17 -19.51
N GLY B 2 -10.62 -7.96 -19.45
CA GLY B 2 -11.57 -7.50 -20.44
C GLY B 2 -10.99 -6.43 -21.34
N GLN B 3 -10.50 -5.36 -20.73
CA GLN B 3 -9.91 -4.26 -21.47
C GLN B 3 -8.40 -4.19 -21.20
N GLN B 4 -8.05 -4.30 -19.93
CA GLN B 4 -6.65 -4.26 -19.51
C GLN B 4 -6.38 -5.30 -18.44
N PRO B 5 -5.32 -6.11 -18.63
CA PRO B 5 -4.95 -7.14 -17.65
C PRO B 5 -4.43 -6.52 -16.36
N VAL B 6 -5.13 -6.79 -15.27
CA VAL B 6 -4.75 -6.25 -13.97
C VAL B 6 -3.64 -7.05 -13.32
N ASN B 7 -2.86 -6.39 -12.49
CA ASN B 7 -1.76 -7.03 -11.79
C ASN B 7 -2.30 -7.94 -10.69
N HIS B 8 -1.64 -9.07 -10.47
CA HIS B 8 -2.07 -10.01 -9.45
C HIS B 8 -0.91 -10.73 -8.80
N LEU B 9 -0.91 -10.74 -7.47
CA LEU B 9 0.09 -11.42 -6.64
C LEU B 9 1.35 -10.57 -6.47
N VAL B 10 1.87 -10.06 -7.59
CA VAL B 10 3.08 -9.25 -7.59
C VAL B 10 2.91 -8.00 -6.73
N LYS B 11 3.62 -7.97 -5.61
CA LYS B 11 3.58 -6.85 -4.67
C LYS B 11 2.20 -6.70 -4.03
N GLU B 12 1.45 -7.79 -3.99
CA GLU B 12 0.13 -7.79 -3.36
C GLU B 12 0.17 -8.59 -2.07
N ILE B 13 0.75 -9.78 -2.16
CA ILE B 13 0.87 -10.66 -1.00
C ILE B 13 1.91 -10.09 -0.05
N ASP B 14 3.08 -9.76 -0.60
CA ASP B 14 4.17 -9.18 0.18
C ASP B 14 3.76 -7.83 0.75
N MET B 15 2.88 -7.14 0.04
CA MET B 15 2.45 -5.81 0.45
C MET B 15 1.66 -5.90 1.75
N LEU B 16 0.81 -6.91 1.86
CA LEU B 16 0.00 -7.12 3.06
C LEU B 16 0.91 -7.50 4.23
N LEU B 17 1.85 -8.40 3.97
CA LEU B 17 2.80 -8.85 4.98
C LEU B 17 3.63 -7.68 5.47
N LYS B 18 4.23 -6.98 4.51
CA LYS B 18 5.08 -5.83 4.82
C LYS B 18 4.28 -4.67 5.42
N GLU B 19 2.99 -4.57 5.08
CA GLU B 19 2.14 -3.51 5.58
C GLU B 19 2.18 -3.40 7.11
N TYR B 20 1.78 -4.46 7.80
CA TYR B 20 1.81 -4.45 9.25
C TYR B 20 3.24 -4.48 9.79
N LEU B 21 4.12 -5.13 9.05
CA LEU B 21 5.52 -5.26 9.44
C LEU B 21 6.22 -3.90 9.56
N LEU B 22 6.02 -3.05 8.57
CA LEU B 22 6.66 -1.74 8.56
C LEU B 22 5.80 -0.61 9.14
N SER B 23 4.48 -0.72 8.99
CA SER B 23 3.59 0.32 9.51
C SER B 23 3.35 0.18 11.01
N GLY B 24 2.60 -0.84 11.42
CA GLY B 24 2.34 -1.03 12.82
C GLY B 24 0.86 -1.19 13.13
N ASP B 25 0.01 -0.94 12.14
CA ASP B 25 -1.44 -1.04 12.32
C ASP B 25 -2.05 -2.21 11.55
N ILE B 26 -2.90 -3.00 12.22
CA ILE B 26 -3.54 -4.14 11.60
C ILE B 26 -4.77 -3.73 10.76
N SER B 27 -5.40 -2.61 11.14
CA SER B 27 -6.64 -2.15 10.49
C SER B 27 -6.52 -2.02 8.98
N GLU B 28 -5.36 -1.55 8.52
CA GLU B 28 -5.10 -1.39 7.11
C GLU B 28 -5.08 -2.75 6.42
N ALA B 29 -4.31 -3.67 6.98
CA ALA B 29 -4.17 -5.02 6.42
C ALA B 29 -5.51 -5.74 6.36
N GLU B 30 -6.30 -5.58 7.41
CA GLU B 30 -7.62 -6.21 7.48
C GLU B 30 -8.52 -5.71 6.36
N HIS B 31 -8.45 -4.40 6.10
CA HIS B 31 -9.25 -3.80 5.03
C HIS B 31 -8.78 -4.30 3.67
N CYS B 32 -7.46 -4.29 3.47
CA CYS B 32 -6.88 -4.76 2.20
C CYS B 32 -7.24 -6.22 1.95
N LEU B 33 -7.23 -7.03 3.00
CA LEU B 33 -7.56 -8.45 2.88
C LEU B 33 -8.98 -8.64 2.39
N LYS B 34 -9.89 -7.78 2.84
CA LYS B 34 -11.29 -7.85 2.43
C LYS B 34 -11.45 -7.33 1.00
N GLU B 35 -10.56 -6.41 0.62
CA GLU B 35 -10.54 -5.82 -0.72
C GLU B 35 -10.21 -6.82 -1.85
N LEU B 36 -10.05 -8.10 -1.47
CA LEU B 36 -9.68 -9.15 -2.40
C LEU B 36 -10.93 -9.81 -2.99
N GLU B 37 -10.91 -11.13 -3.25
CA GLU B 37 -12.09 -11.82 -3.81
C GLU B 37 -12.30 -13.22 -3.24
N VAL B 38 -11.31 -14.11 -3.42
CA VAL B 38 -11.43 -15.48 -2.92
C VAL B 38 -10.67 -15.70 -1.61
N PRO B 39 -11.37 -16.22 -0.59
CA PRO B 39 -10.80 -16.48 0.72
C PRO B 39 -10.03 -17.79 0.78
N HIS B 40 -10.33 -18.70 -0.16
CA HIS B 40 -9.68 -20.01 -0.20
C HIS B 40 -8.17 -19.89 -0.46
N PHE B 41 -7.75 -18.74 -0.98
CA PHE B 41 -6.33 -18.51 -1.27
C PHE B 41 -5.66 -17.69 -0.18
N HIS B 42 -6.38 -17.41 0.91
CA HIS B 42 -5.82 -16.61 2.01
C HIS B 42 -4.66 -17.34 2.69
N HIS B 43 -4.57 -18.64 2.44
CA HIS B 43 -3.51 -19.47 3.02
C HIS B 43 -2.10 -19.06 2.60
N GLU B 44 -1.97 -18.49 1.40
CA GLU B 44 -0.66 -18.09 0.91
C GLU B 44 -0.05 -16.99 1.78
N LEU B 45 -0.91 -16.10 2.27
CA LEU B 45 -0.46 -15.00 3.13
C LEU B 45 -0.02 -15.53 4.49
N VAL B 46 -0.67 -16.62 4.91
CA VAL B 46 -0.36 -17.24 6.20
C VAL B 46 0.98 -17.97 6.09
N TYR B 47 1.09 -18.80 5.06
CA TYR B 47 2.31 -19.57 4.80
C TYR B 47 3.58 -18.70 4.88
N GLU B 48 3.64 -17.66 4.06
CA GLU B 48 4.81 -16.79 4.03
C GLU B 48 5.01 -16.02 5.34
N ALA B 49 3.90 -15.67 5.98
CA ALA B 49 3.96 -14.96 7.25
C ALA B 49 4.81 -15.72 8.27
N ILE B 50 4.64 -17.02 8.33
CA ILE B 50 5.42 -17.85 9.23
C ILE B 50 6.89 -17.89 8.82
N VAL B 51 7.12 -18.04 7.52
CA VAL B 51 8.48 -18.07 6.97
C VAL B 51 9.22 -16.78 7.32
N MET B 52 8.57 -15.66 7.03
CA MET B 52 9.12 -14.33 7.31
C MET B 52 9.55 -14.17 8.76
N VAL B 53 8.90 -14.91 9.65
CA VAL B 53 9.20 -14.83 11.09
C VAL B 53 10.45 -15.67 11.39
N LEU B 54 10.54 -16.84 10.77
CA LEU B 54 11.67 -17.75 10.99
C LEU B 54 13.00 -17.16 10.52
N GLU B 55 12.97 -16.43 9.41
CA GLU B 55 14.17 -15.84 8.84
C GLU B 55 14.40 -14.41 9.40
N SER B 56 13.66 -14.05 10.43
CA SER B 56 13.79 -12.74 11.03
C SER B 56 14.53 -12.81 12.35
N THR B 57 15.51 -11.93 12.54
CA THR B 57 16.29 -11.88 13.77
C THR B 57 15.73 -10.81 14.72
N GLY B 58 15.13 -11.26 15.81
CA GLY B 58 14.59 -10.34 16.78
C GLY B 58 13.19 -10.73 17.26
N GLU B 59 12.89 -10.38 18.50
CA GLU B 59 11.59 -10.69 19.09
C GLU B 59 10.53 -9.70 18.60
N SER B 60 11.00 -8.65 17.95
CA SER B 60 10.12 -7.62 17.42
C SER B 60 9.27 -8.24 16.33
N ALA B 61 9.88 -9.09 15.54
CA ALA B 61 9.22 -9.75 14.46
C ALA B 61 8.36 -10.90 14.94
N PHE B 62 8.69 -11.42 16.12
CA PHE B 62 7.99 -12.58 16.68
C PHE B 62 6.55 -12.27 17.10
N LYS B 63 6.39 -11.46 18.15
CA LYS B 63 5.07 -11.11 18.66
C LYS B 63 4.17 -10.45 17.60
N MET B 64 4.68 -9.35 17.06
CA MET B 64 3.97 -8.61 16.02
C MET B 64 3.42 -9.51 14.92
N ILE B 65 4.20 -10.46 14.44
CA ILE B 65 3.71 -11.32 13.38
C ILE B 65 2.94 -12.53 13.93
N LEU B 66 3.24 -12.93 15.17
CA LEU B 66 2.60 -14.08 15.80
C LEU B 66 1.13 -13.84 16.12
N ASP B 67 0.82 -12.63 16.59
CA ASP B 67 -0.56 -12.30 16.93
C ASP B 67 -1.41 -12.08 15.69
N LEU B 68 -0.83 -11.28 14.81
CA LEU B 68 -1.48 -10.96 13.53
C LEU B 68 -2.26 -12.11 12.87
N LEU B 69 -1.84 -13.37 12.99
CA LEU B 69 -2.63 -14.46 12.41
C LEU B 69 -3.94 -14.63 13.19
N LYS B 70 -3.81 -14.72 14.52
CA LYS B 70 -4.98 -14.84 15.39
C LYS B 70 -5.91 -13.65 15.20
N SER B 71 -5.31 -12.46 15.19
CA SER B 71 -6.03 -11.22 14.95
C SER B 71 -6.91 -11.30 13.71
N LEU B 72 -6.44 -11.99 12.68
CA LEU B 72 -7.21 -12.17 11.47
C LEU B 72 -8.28 -13.24 11.70
N TRP B 73 -7.97 -14.20 12.58
CA TRP B 73 -8.90 -15.27 12.92
C TRP B 73 -10.10 -14.70 13.66
N LYS B 74 -9.84 -13.93 14.73
CA LYS B 74 -10.91 -13.27 15.50
C LYS B 74 -11.80 -12.38 14.63
N SER B 75 -11.39 -12.15 13.40
CA SER B 75 -12.16 -11.34 12.48
C SER B 75 -12.92 -12.26 11.52
N SER B 76 -12.59 -13.55 11.63
CA SER B 76 -13.19 -14.61 10.84
C SER B 76 -12.84 -14.50 9.36
N THR B 77 -11.65 -13.95 9.08
CA THR B 77 -11.19 -13.77 7.72
C THR B 77 -10.27 -14.92 7.29
N ILE B 78 -9.94 -15.79 8.23
CA ILE B 78 -9.07 -16.94 7.95
C ILE B 78 -9.72 -18.23 8.46
N THR B 79 -9.84 -19.20 7.57
CA THR B 79 -10.43 -20.47 7.90
C THR B 79 -9.35 -21.56 7.96
N ILE B 80 -9.47 -22.44 8.95
CA ILE B 80 -8.54 -23.56 9.13
C ILE B 80 -8.29 -24.35 7.86
N ASP B 81 -9.24 -24.35 6.93
CA ASP B 81 -9.06 -25.10 5.69
C ASP B 81 -7.89 -24.52 4.92
N GLN B 82 -7.66 -23.22 5.10
CA GLN B 82 -6.57 -22.52 4.45
C GLN B 82 -5.29 -22.74 5.25
N MET B 83 -5.28 -22.28 6.50
CA MET B 83 -4.12 -22.38 7.41
C MET B 83 -3.57 -23.80 7.57
N LYS B 84 -4.40 -24.80 7.28
CA LYS B 84 -3.98 -26.19 7.41
C LYS B 84 -2.99 -26.48 6.31
N ARG B 85 -3.25 -25.88 5.18
CA ARG B 85 -2.41 -26.05 4.04
C ARG B 85 -1.21 -25.11 4.14
N GLY B 86 -1.30 -24.15 5.07
CA GLY B 86 -0.20 -23.23 5.18
C GLY B 86 0.88 -23.82 6.10
N TYR B 87 0.45 -24.31 7.28
CA TYR B 87 1.37 -24.88 8.31
C TYR B 87 2.03 -26.20 7.92
N GLU B 88 1.35 -26.98 7.11
CA GLU B 88 1.90 -28.27 6.66
C GLU B 88 3.07 -28.03 5.73
N ARG B 89 2.95 -26.97 4.94
CA ARG B 89 4.00 -26.61 4.01
C ARG B 89 5.26 -26.17 4.76
N ILE B 90 5.07 -25.67 5.97
CA ILE B 90 6.18 -25.22 6.82
C ILE B 90 7.01 -26.43 7.28
N TYR B 91 6.41 -27.61 7.15
CA TYR B 91 7.09 -28.84 7.54
C TYR B 91 7.83 -29.39 6.34
N ASN B 92 7.44 -28.89 5.17
CA ASN B 92 8.05 -29.29 3.92
C ASN B 92 9.21 -28.34 3.58
N GLU B 93 9.06 -27.07 3.92
CA GLU B 93 10.07 -26.05 3.64
C GLU B 93 11.28 -26.19 4.55
N ILE B 94 11.07 -26.79 5.71
CA ILE B 94 12.14 -26.98 6.70
C ILE B 94 13.45 -27.53 6.11
N PRO B 95 13.43 -28.70 5.44
CA PRO B 95 14.65 -29.28 4.84
C PRO B 95 15.36 -28.32 3.90
N ASP B 96 14.60 -27.50 3.19
CA ASP B 96 15.16 -26.54 2.25
C ASP B 96 15.77 -25.33 2.96
N ILE B 97 15.12 -24.89 4.03
CA ILE B 97 15.57 -23.74 4.79
C ILE B 97 16.69 -24.13 5.77
N ASN B 98 16.53 -25.27 6.40
CA ASN B 98 17.49 -25.77 7.37
C ASN B 98 18.70 -26.38 6.69
N LEU B 99 18.45 -27.43 5.90
CA LEU B 99 19.50 -28.14 5.19
C LEU B 99 20.53 -28.69 6.18
N ASP B 100 20.08 -29.67 6.98
CA ASP B 100 20.89 -30.30 8.01
C ASP B 100 21.01 -29.42 9.26
N VAL B 101 21.29 -30.03 10.40
CA VAL B 101 21.41 -29.33 11.67
C VAL B 101 20.12 -28.55 11.99
N PRO B 102 19.08 -29.26 12.44
CA PRO B 102 17.78 -28.67 12.76
C PRO B 102 17.81 -27.87 14.07
N HIS B 103 18.43 -26.71 14.04
CA HIS B 103 18.52 -25.86 15.22
C HIS B 103 17.28 -24.98 15.38
N SER B 104 16.62 -24.71 14.26
CA SER B 104 15.43 -23.88 14.26
C SER B 104 14.25 -24.62 14.89
N TYR B 105 14.46 -25.89 15.22
CA TYR B 105 13.42 -26.72 15.83
C TYR B 105 12.94 -26.11 17.15
N SER B 106 13.85 -25.45 17.85
CA SER B 106 13.51 -24.80 19.12
C SER B 106 12.47 -23.70 18.87
N VAL B 107 12.57 -23.07 17.70
CA VAL B 107 11.64 -22.01 17.32
C VAL B 107 10.44 -22.66 16.68
N LEU B 108 10.69 -23.77 16.01
CA LEU B 108 9.64 -24.47 15.33
C LEU B 108 8.61 -24.99 16.29
N GLU B 109 8.97 -25.28 17.55
CA GLU B 109 8.00 -25.83 18.47
C GLU B 109 7.22 -24.68 19.18
N ARG B 110 7.95 -23.82 19.91
CA ARG B 110 7.36 -22.68 20.66
C ARG B 110 6.39 -21.82 19.85
N PHE B 111 6.61 -21.72 18.56
CA PHE B 111 5.75 -20.92 17.70
C PHE B 111 4.48 -21.71 17.40
N VAL B 112 4.62 -23.04 17.30
CA VAL B 112 3.47 -23.89 16.98
C VAL B 112 2.60 -24.08 18.23
N GLU B 113 3.25 -24.33 19.36
CA GLU B 113 2.55 -24.54 20.64
C GLU B 113 1.80 -23.30 21.10
N GLU B 114 2.24 -22.14 20.63
CA GLU B 114 1.63 -20.88 21.02
C GLU B 114 0.37 -20.72 20.22
N CYS B 115 0.44 -21.19 18.98
CA CYS B 115 -0.67 -21.12 18.11
C CYS B 115 -1.68 -22.22 18.43
N PHE B 116 -1.20 -23.27 19.10
CA PHE B 116 -2.04 -24.41 19.40
C PHE B 116 -2.89 -24.08 20.65
N GLN B 117 -2.43 -23.09 21.42
CA GLN B 117 -3.05 -22.79 22.73
C GLN B 117 -4.25 -21.86 22.63
N ALA B 118 -4.44 -21.23 21.47
CA ALA B 118 -5.51 -20.29 21.28
C ALA B 118 -6.75 -20.94 20.67
N GLY B 119 -6.75 -22.26 20.62
CA GLY B 119 -7.87 -22.98 20.06
C GLY B 119 -8.16 -22.61 18.62
N ILE B 120 -7.11 -22.26 17.89
CA ILE B 120 -7.27 -21.88 16.49
C ILE B 120 -7.00 -23.06 15.57
N ILE B 121 -5.90 -23.75 15.81
CA ILE B 121 -5.55 -24.91 15.00
C ILE B 121 -6.09 -26.21 15.61
N SER B 122 -6.01 -27.28 14.85
CA SER B 122 -6.50 -28.57 15.29
C SER B 122 -5.36 -29.37 15.95
N LYS B 123 -5.72 -30.30 16.82
CA LYS B 123 -4.73 -31.13 17.51
C LYS B 123 -4.01 -32.02 16.52
N GLN B 124 -4.65 -32.27 15.40
CA GLN B 124 -4.09 -33.10 14.35
C GLN B 124 -2.93 -32.38 13.66
N LEU B 125 -2.99 -31.06 13.62
CA LEU B 125 -1.95 -30.27 12.98
C LEU B 125 -0.62 -30.44 13.71
N ARG B 126 -0.60 -30.14 15.00
CA ARG B 126 0.60 -30.32 15.80
C ARG B 126 1.12 -31.77 15.77
N ASP B 127 0.21 -32.70 15.49
CA ASP B 127 0.56 -34.12 15.41
C ASP B 127 1.35 -34.39 14.13
N LEU B 128 1.20 -33.48 13.19
CA LEU B 128 1.88 -33.57 11.90
C LEU B 128 3.14 -32.71 11.90
N CYS B 129 3.49 -32.17 13.06
CA CYS B 129 4.67 -31.33 13.19
C CYS B 129 5.81 -32.14 13.79
N PRO B 130 7.07 -31.73 13.56
CA PRO B 130 8.25 -32.40 14.10
C PRO B 130 8.40 -32.19 15.61
N SER B 131 7.48 -32.73 16.38
CA SER B 131 7.49 -32.61 17.82
C SER B 131 8.41 -33.66 18.43
N GLY A 1 2.72 31.75 -3.25
CA GLY A 1 2.10 32.64 -2.23
C GLY A 1 0.72 32.17 -1.82
N LEU A 2 -0.29 32.97 -2.15
CA LEU A 2 -1.66 32.63 -1.81
C LEU A 2 -2.50 32.42 -3.07
N PRO A 3 -3.46 31.49 -3.02
CA PRO A 3 -4.34 31.22 -4.15
C PRO A 3 -5.30 32.38 -4.41
N LEU A 4 -5.65 32.58 -5.66
CA LEU A 4 -6.54 33.67 -6.04
C LEU A 4 -7.78 33.13 -6.72
N ASP A 5 -8.95 33.51 -6.22
CA ASP A 5 -10.22 33.06 -6.77
C ASP A 5 -10.30 31.54 -6.76
N GLU A 6 -10.16 30.97 -5.57
CA GLU A 6 -10.20 29.51 -5.41
C GLU A 6 -11.51 28.91 -5.90
N ARG A 7 -12.62 29.52 -5.53
CA ARG A 7 -13.93 29.03 -5.94
C ARG A 7 -14.06 29.03 -7.45
N ALA A 8 -13.51 30.06 -8.09
CA ALA A 8 -13.56 30.19 -9.54
C ALA A 8 -12.70 29.11 -10.20
N PHE A 9 -11.65 28.69 -9.51
CA PHE A 9 -10.76 27.65 -10.01
C PHE A 9 -11.38 26.27 -9.83
N GLU A 10 -11.75 25.97 -8.58
CA GLU A 10 -12.35 24.67 -8.23
C GLU A 10 -13.54 24.33 -9.12
N LYS A 11 -14.52 25.21 -9.17
CA LYS A 11 -15.72 25.00 -9.95
C LYS A 11 -15.44 24.79 -11.45
N THR A 12 -14.49 25.54 -11.99
CA THR A 12 -14.15 25.43 -13.40
C THR A 12 -13.36 24.15 -13.70
N LEU A 13 -12.51 23.74 -12.78
CA LEU A 13 -11.70 22.55 -12.98
C LEU A 13 -12.45 21.26 -12.66
N THR A 14 -13.66 21.38 -12.12
CA THR A 14 -14.47 20.21 -11.78
C THR A 14 -14.79 19.35 -13.02
N PRO A 15 -15.48 19.92 -14.03
CA PRO A 15 -15.83 19.17 -15.24
C PRO A 15 -14.62 18.70 -16.03
N ILE A 16 -13.56 19.50 -16.02
CA ILE A 16 -12.34 19.16 -16.76
C ILE A 16 -11.70 17.87 -16.24
N ILE A 17 -11.35 17.88 -14.96
CA ILE A 17 -10.76 16.70 -14.33
C ILE A 17 -11.63 15.45 -14.52
N GLN A 18 -12.94 15.61 -14.37
CA GLN A 18 -13.87 14.51 -14.53
C GLN A 18 -13.79 13.96 -15.95
N GLU A 19 -13.82 14.87 -16.92
CA GLU A 19 -13.74 14.50 -18.33
C GLU A 19 -12.52 13.62 -18.60
N TYR A 20 -11.37 14.06 -18.13
CA TYR A 20 -10.13 13.29 -18.29
C TYR A 20 -10.30 11.92 -17.66
N PHE A 21 -10.71 11.91 -16.41
CA PHE A 21 -10.95 10.68 -15.67
C PHE A 21 -11.76 9.66 -16.48
N GLU A 22 -12.87 10.11 -17.04
CA GLU A 22 -13.73 9.25 -17.85
C GLU A 22 -13.13 8.91 -19.22
N HIS A 23 -12.24 9.76 -19.72
CA HIS A 23 -11.64 9.53 -21.04
C HIS A 23 -10.23 8.96 -20.95
N GLY A 24 -9.28 9.78 -20.52
CA GLY A 24 -7.90 9.36 -20.40
C GLY A 24 -7.01 10.02 -21.43
N ASP A 25 -6.93 11.35 -21.39
CA ASP A 25 -6.10 12.09 -22.34
C ASP A 25 -5.35 13.23 -21.66
N THR A 26 -4.07 13.03 -21.42
CA THR A 26 -3.23 14.04 -20.80
C THR A 26 -3.06 15.30 -21.66
N ASN A 27 -3.25 15.14 -22.97
CA ASN A 27 -3.10 16.27 -23.90
C ASN A 27 -4.19 17.31 -23.67
N GLU A 28 -5.44 16.87 -23.78
CA GLU A 28 -6.60 17.74 -23.57
C GLU A 28 -6.48 18.57 -22.29
N VAL A 29 -5.96 17.97 -21.23
CA VAL A 29 -5.80 18.65 -19.97
C VAL A 29 -4.71 19.71 -20.03
N ALA A 30 -3.55 19.33 -20.59
CA ALA A 30 -2.41 20.24 -20.70
C ALA A 30 -2.77 21.53 -21.43
N GLU A 31 -3.33 21.39 -22.62
CA GLU A 31 -3.75 22.55 -23.42
C GLU A 31 -4.61 23.51 -22.60
N MET A 32 -5.60 22.97 -21.91
CA MET A 32 -6.50 23.78 -21.09
C MET A 32 -5.75 24.54 -20.01
N LEU A 33 -4.71 23.92 -19.45
CA LEU A 33 -3.92 24.55 -18.39
C LEU A 33 -3.26 25.83 -18.86
N ARG A 34 -2.84 25.87 -20.13
CA ARG A 34 -2.21 27.06 -20.69
C ARG A 34 -3.26 28.17 -20.79
N ASP A 35 -4.38 27.82 -21.43
CA ASP A 35 -5.50 28.75 -21.57
C ASP A 35 -5.88 29.41 -20.25
N LEU A 36 -5.69 28.69 -19.15
CA LEU A 36 -5.98 29.22 -17.83
C LEU A 36 -4.85 30.16 -17.40
N ASN A 37 -3.63 29.79 -17.77
CA ASN A 37 -2.41 30.56 -17.49
C ASN A 37 -2.31 30.96 -16.02
N LEU A 38 -2.13 29.97 -15.17
CA LEU A 38 -2.01 30.23 -13.75
C LEU A 38 -0.62 29.89 -13.25
N GLY A 39 -0.13 30.67 -12.28
CA GLY A 39 1.18 30.43 -11.72
C GLY A 39 1.07 29.57 -10.48
N GLU A 40 0.90 30.22 -9.33
CA GLU A 40 0.76 29.50 -8.07
C GLU A 40 -0.63 28.88 -7.98
N MET A 41 -1.54 29.34 -8.84
CA MET A 41 -2.89 28.83 -8.88
C MET A 41 -2.93 27.51 -9.65
N LYS A 42 -1.88 27.31 -10.43
CA LYS A 42 -1.69 26.11 -11.22
C LYS A 42 -1.23 24.95 -10.34
N SER A 43 -0.73 25.26 -9.16
CA SER A 43 -0.20 24.26 -8.26
C SER A 43 -1.16 23.12 -7.91
N GLY A 44 -2.31 23.44 -7.32
CA GLY A 44 -3.25 22.39 -6.93
C GLY A 44 -4.02 21.73 -8.04
N VAL A 45 -3.61 21.95 -9.28
CA VAL A 45 -4.29 21.33 -10.43
C VAL A 45 -4.38 19.81 -10.25
N PRO A 46 -3.24 19.10 -10.11
CA PRO A 46 -3.26 17.64 -9.92
C PRO A 46 -3.81 17.26 -8.54
N VAL A 47 -3.53 18.10 -7.55
CA VAL A 47 -4.02 17.88 -6.18
C VAL A 47 -5.54 17.73 -6.19
N LEU A 48 -6.21 18.59 -6.94
CA LEU A 48 -7.65 18.56 -7.03
C LEU A 48 -8.08 17.27 -7.72
N ALA A 49 -7.35 16.91 -8.77
CA ALA A 49 -7.62 15.69 -9.52
C ALA A 49 -7.56 14.46 -8.60
N VAL A 50 -6.49 14.36 -7.82
CA VAL A 50 -6.32 13.25 -6.88
C VAL A 50 -7.47 13.27 -5.88
N SER A 51 -7.68 14.44 -5.28
CA SER A 51 -8.76 14.64 -4.32
C SER A 51 -10.09 14.15 -4.88
N LEU A 52 -10.37 14.52 -6.13
CA LEU A 52 -11.60 14.09 -6.80
C LEU A 52 -11.64 12.58 -6.98
N ALA A 53 -10.56 11.98 -7.47
CA ALA A 53 -10.51 10.54 -7.66
C ALA A 53 -10.74 9.78 -6.36
N LEU A 54 -10.22 10.32 -5.27
CA LEU A 54 -10.40 9.73 -3.95
C LEU A 54 -11.88 9.47 -3.61
N GLU A 55 -12.77 10.21 -4.27
CA GLU A 55 -14.20 10.07 -4.05
C GLU A 55 -14.75 8.92 -4.88
N GLY A 56 -14.12 8.67 -6.02
CA GLY A 56 -14.56 7.61 -6.90
C GLY A 56 -13.84 6.30 -6.62
N LYS A 57 -13.61 5.51 -7.65
CA LYS A 57 -12.95 4.22 -7.51
C LYS A 57 -11.42 4.35 -7.56
N ALA A 58 -10.73 3.29 -7.16
CA ALA A 58 -9.27 3.26 -7.15
C ALA A 58 -8.73 3.28 -8.59
N SER A 59 -9.54 2.75 -9.51
CA SER A 59 -9.20 2.69 -10.93
C SER A 59 -9.00 4.10 -11.49
N HIS A 60 -9.58 5.06 -10.78
CA HIS A 60 -9.47 6.47 -11.14
C HIS A 60 -8.17 7.11 -10.60
N ARG A 61 -7.85 6.79 -9.34
CA ARG A 61 -6.69 7.33 -8.64
C ARG A 61 -5.39 6.82 -9.24
N GLU A 62 -5.38 5.53 -9.59
CA GLU A 62 -4.22 4.90 -10.19
C GLU A 62 -3.95 5.57 -11.55
N MET A 63 -5.03 6.06 -12.16
CA MET A 63 -4.96 6.74 -13.46
C MET A 63 -4.43 8.17 -13.37
N THR A 64 -4.38 8.73 -12.17
CA THR A 64 -3.89 10.08 -11.97
C THR A 64 -2.36 10.12 -12.11
N SER A 65 -1.74 8.98 -11.80
CA SER A 65 -0.30 8.81 -11.89
C SER A 65 0.27 9.26 -13.25
N LYS A 66 -0.51 9.04 -14.31
CA LYS A 66 -0.11 9.42 -15.66
C LYS A 66 -0.24 10.93 -15.86
N LEU A 67 -1.23 11.52 -15.22
CA LEU A 67 -1.49 12.94 -15.35
C LEU A 67 -0.33 13.74 -14.77
N LEU A 68 0.11 13.36 -13.58
CA LEU A 68 1.22 14.03 -12.91
C LEU A 68 2.49 13.92 -13.74
N SER A 69 2.69 12.74 -14.33
CA SER A 69 3.85 12.45 -15.14
C SER A 69 3.90 13.31 -16.41
N ASP A 70 2.78 13.39 -17.12
CA ASP A 70 2.71 14.18 -18.35
C ASP A 70 2.74 15.68 -18.06
N LEU A 71 1.99 16.12 -17.05
CA LEU A 71 1.94 17.54 -16.71
C LEU A 71 3.31 18.08 -16.34
N CYS A 72 3.95 17.45 -15.36
CA CYS A 72 5.29 17.86 -14.95
C CYS A 72 6.24 17.68 -16.13
N GLY A 73 6.81 18.76 -16.60
CA GLY A 73 7.69 18.70 -17.74
C GLY A 73 7.08 19.44 -18.91
N THR A 74 5.75 19.41 -18.99
CA THR A 74 5.03 20.10 -20.05
C THR A 74 4.58 21.48 -19.58
N VAL A 75 3.48 21.54 -18.84
CA VAL A 75 2.97 22.81 -18.34
C VAL A 75 3.28 22.97 -16.85
N MET A 76 3.33 21.86 -16.12
CA MET A 76 3.64 21.88 -14.71
C MET A 76 5.14 21.80 -14.53
N SER A 77 5.68 22.65 -13.67
CA SER A 77 7.11 22.68 -13.43
C SER A 77 7.50 21.71 -12.34
N THR A 78 8.75 21.80 -11.90
CA THR A 78 9.24 20.93 -10.84
C THR A 78 8.87 21.55 -9.50
N THR A 79 8.74 22.87 -9.51
CA THR A 79 8.37 23.61 -8.32
C THR A 79 6.94 23.29 -7.92
N ASP A 80 6.03 23.35 -8.90
CA ASP A 80 4.61 23.04 -8.65
C ASP A 80 4.40 21.75 -7.88
N VAL A 81 4.96 20.65 -8.37
CA VAL A 81 4.81 19.37 -7.69
C VAL A 81 5.36 19.45 -6.28
N GLU A 82 6.45 20.20 -6.12
CA GLU A 82 7.08 20.39 -4.83
C GLU A 82 6.15 21.12 -3.87
N LYS A 83 5.38 22.08 -4.39
CA LYS A 83 4.42 22.83 -3.56
C LYS A 83 3.17 22.01 -3.27
N SER A 84 2.48 21.62 -4.35
CA SER A 84 1.27 20.80 -4.29
C SER A 84 1.35 19.57 -3.39
N PHE A 85 2.55 19.16 -3.06
CA PHE A 85 2.71 18.01 -2.21
C PHE A 85 2.37 18.38 -0.77
N ASP A 86 2.66 19.63 -0.41
CA ASP A 86 2.38 20.12 0.94
C ASP A 86 0.88 20.15 1.19
N LYS A 87 0.15 20.88 0.34
CA LYS A 87 -1.30 20.99 0.46
C LYS A 87 -2.01 19.64 0.44
N LEU A 88 -1.46 18.70 -0.33
CA LEU A 88 -2.05 17.37 -0.44
C LEU A 88 -2.05 16.69 0.94
N LEU A 89 -0.98 16.94 1.67
CA LEU A 89 -0.77 16.41 3.01
C LEU A 89 -1.55 17.22 4.07
N LYS A 90 -1.81 18.50 3.77
CA LYS A 90 -2.48 19.40 4.72
C LYS A 90 -3.95 19.04 4.95
N ASP A 91 -4.79 19.25 3.94
CA ASP A 91 -6.23 18.91 4.03
C ASP A 91 -6.50 17.41 4.19
N LEU A 92 -5.44 16.64 4.38
CA LEU A 92 -5.55 15.19 4.56
C LEU A 92 -6.61 14.79 5.60
N PRO A 93 -6.57 15.34 6.86
CA PRO A 93 -7.57 15.02 7.87
C PRO A 93 -8.99 15.31 7.37
N GLU A 94 -9.12 16.37 6.57
CA GLU A 94 -10.40 16.73 5.99
C GLU A 94 -10.88 15.63 5.04
N LEU A 95 -9.93 14.98 4.39
CA LEU A 95 -10.24 13.89 3.47
C LEU A 95 -10.59 12.63 4.25
N ALA A 96 -9.97 12.48 5.43
CA ALA A 96 -10.23 11.33 6.30
C ALA A 96 -11.63 11.46 6.88
N LEU A 97 -12.13 12.68 6.86
CA LEU A 97 -13.46 12.97 7.33
C LEU A 97 -14.48 12.21 6.49
N ASP A 98 -14.32 12.30 5.17
CA ASP A 98 -15.25 11.64 4.28
C ASP A 98 -14.99 10.14 4.17
N THR A 99 -13.75 9.73 3.97
CA THR A 99 -13.44 8.31 3.89
C THR A 99 -12.06 8.03 4.44
N PRO A 100 -12.01 7.26 5.54
CA PRO A 100 -10.76 6.89 6.20
C PRO A 100 -9.83 6.08 5.30
N ARG A 101 -10.37 5.58 4.19
CA ARG A 101 -9.58 4.82 3.24
C ARG A 101 -8.44 5.65 2.64
N ALA A 102 -8.79 6.81 2.07
CA ALA A 102 -7.82 7.73 1.48
C ALA A 102 -6.49 7.88 2.25
N PRO A 103 -6.53 8.26 3.54
CA PRO A 103 -5.30 8.42 4.35
C PRO A 103 -4.41 7.18 4.35
N GLN A 104 -5.03 6.01 4.23
CA GLN A 104 -4.29 4.75 4.20
C GLN A 104 -3.57 4.59 2.85
N LEU A 105 -4.19 5.12 1.80
CA LEU A 105 -3.64 5.05 0.45
C LEU A 105 -2.46 5.97 0.25
N VAL A 106 -2.68 7.25 0.63
CA VAL A 106 -1.71 8.35 0.44
C VAL A 106 -0.24 8.02 0.20
N GLY A 107 0.41 7.14 0.94
CA GLY A 107 1.81 6.87 0.63
C GLY A 107 2.00 6.38 -0.81
N GLN A 108 0.97 5.71 -1.35
CA GLN A 108 0.98 5.19 -2.74
C GLN A 108 1.14 6.34 -3.73
N PHE A 109 0.54 7.47 -3.39
CA PHE A 109 0.62 8.68 -4.20
C PHE A 109 1.94 9.42 -3.96
N ILE A 110 2.50 9.23 -2.76
CA ILE A 110 3.75 9.87 -2.39
C ILE A 110 4.92 9.18 -3.11
N ALA A 111 5.01 7.86 -2.98
CA ALA A 111 6.05 7.07 -3.63
C ALA A 111 5.90 7.09 -5.15
N ARG A 112 4.65 7.33 -5.60
CA ARG A 112 4.34 7.40 -7.04
C ARG A 112 5.25 8.42 -7.72
N ALA A 113 5.74 9.35 -6.91
CA ALA A 113 6.61 10.41 -7.34
C ALA A 113 8.08 9.96 -7.40
N VAL A 114 8.43 8.85 -6.72
CA VAL A 114 9.84 8.40 -6.61
C VAL A 114 10.50 7.99 -7.91
N GLY A 115 10.06 6.91 -8.56
CA GLY A 115 10.73 6.52 -9.81
C GLY A 115 10.38 7.44 -10.94
N ASP A 116 9.08 7.69 -11.06
CA ASP A 116 8.57 8.63 -12.08
C ASP A 116 9.39 9.92 -12.03
N GLY A 117 9.85 10.24 -10.83
CA GLY A 117 10.70 11.38 -10.60
C GLY A 117 10.10 12.74 -10.90
N ILE A 118 8.94 13.04 -10.35
CA ILE A 118 8.34 14.35 -10.57
C ILE A 118 8.49 15.16 -9.28
N LEU A 119 8.97 14.49 -8.24
CA LEU A 119 9.18 15.11 -6.94
C LEU A 119 10.47 14.59 -6.33
N CYS A 120 11.06 15.37 -5.45
CA CYS A 120 12.29 14.98 -4.79
C CYS A 120 12.00 14.02 -3.64
N ASN A 121 12.76 12.94 -3.57
CA ASN A 121 12.60 11.93 -2.52
C ASN A 121 13.01 12.48 -1.15
N THR A 122 13.69 13.62 -1.18
CA THR A 122 14.16 14.27 0.04
C THR A 122 13.01 14.73 0.92
N TYR A 123 11.83 14.94 0.33
CA TYR A 123 10.65 15.39 1.07
C TYR A 123 10.31 14.45 2.22
N ILE A 124 10.64 13.16 2.04
CA ILE A 124 10.38 12.16 3.05
C ILE A 124 11.07 12.53 4.37
N ASP A 125 12.36 12.85 4.28
CA ASP A 125 13.15 13.24 5.44
C ASP A 125 12.87 14.68 5.87
N SER A 126 12.52 15.52 4.90
CA SER A 126 12.24 16.93 5.17
C SER A 126 11.02 17.09 6.10
N TYR A 127 10.04 16.19 5.95
CA TYR A 127 8.81 16.18 6.75
C TYR A 127 8.87 15.02 7.77
N LYS A 128 10.11 14.73 8.13
CA LYS A 128 10.56 13.64 9.06
C LYS A 128 10.66 13.90 10.57
N GLY A 129 9.59 14.33 11.19
CA GLY A 129 9.62 14.64 12.60
C GLY A 129 9.32 16.09 12.78
N THR A 130 9.27 16.76 11.65
CA THR A 130 8.98 18.16 11.59
C THR A 130 7.49 18.38 11.33
N VAL A 131 6.69 17.34 11.57
CA VAL A 131 5.25 17.43 11.37
C VAL A 131 4.50 17.15 12.67
N ASP A 132 3.88 18.18 13.23
CA ASP A 132 3.13 18.05 14.48
C ASP A 132 1.81 17.32 14.25
N CYS A 133 1.20 17.56 13.10
CA CYS A 133 -0.06 16.93 12.79
C CYS A 133 0.15 15.52 12.22
N VAL A 134 0.28 14.55 13.15
CA VAL A 134 0.45 13.13 12.80
C VAL A 134 -0.46 12.61 11.68
N GLN A 135 -1.48 13.37 11.31
CA GLN A 135 -2.39 12.95 10.23
C GLN A 135 -1.57 12.76 8.95
N ALA A 136 -0.67 13.71 8.70
CA ALA A 136 0.18 13.66 7.52
C ALA A 136 1.20 12.53 7.63
N ARG A 137 2.07 12.63 8.64
CA ARG A 137 3.09 11.60 8.88
C ARG A 137 2.56 10.17 8.97
N ALA A 138 1.29 10.01 9.31
CA ALA A 138 0.69 8.69 9.40
C ALA A 138 0.60 8.14 7.98
N ALA A 139 0.24 9.02 7.06
CA ALA A 139 0.12 8.68 5.66
C ALA A 139 1.49 8.68 4.94
N LEU A 140 2.41 9.54 5.39
CA LEU A 140 3.73 9.64 4.75
C LEU A 140 4.51 8.34 4.94
N ASP A 141 4.71 7.97 6.21
CA ASP A 141 5.37 6.70 6.56
C ASP A 141 4.80 5.51 5.81
N LYS A 142 3.57 5.66 5.37
CA LYS A 142 2.89 4.63 4.62
C LYS A 142 3.62 4.32 3.31
N ALA A 143 4.27 5.33 2.73
CA ALA A 143 5.00 5.16 1.48
C ALA A 143 6.18 4.22 1.67
N THR A 144 6.99 4.49 2.69
CA THR A 144 8.13 3.63 3.02
C THR A 144 7.71 2.17 3.18
N VAL A 145 6.48 1.97 3.61
CA VAL A 145 5.94 0.62 3.80
C VAL A 145 5.81 -0.08 2.44
N LEU A 146 5.27 0.64 1.46
CA LEU A 146 5.08 0.08 0.12
C LEU A 146 6.43 0.00 -0.58
N LEU A 147 7.29 0.97 -0.28
CA LEU A 147 8.64 1.03 -0.86
C LEU A 147 9.43 -0.23 -0.53
N SER A 148 9.05 -0.87 0.57
CA SER A 148 9.69 -2.09 1.02
C SER A 148 9.44 -3.25 0.05
N MET A 149 8.41 -3.12 -0.78
CA MET A 149 8.09 -4.12 -1.79
C MET A 149 8.74 -3.75 -3.13
N SER A 150 8.92 -2.45 -3.34
CA SER A 150 9.49 -1.93 -4.57
C SER A 150 10.96 -2.30 -4.76
N LYS A 151 11.69 -2.40 -3.66
CA LYS A 151 13.11 -2.74 -3.73
C LYS A 151 13.32 -4.25 -3.64
N GLY A 152 12.21 -4.98 -3.50
CA GLY A 152 12.27 -6.42 -3.40
C GLY A 152 10.99 -6.98 -2.83
N GLY A 153 10.24 -7.67 -3.66
CA GLY A 153 8.99 -8.25 -3.21
C GLY A 153 8.23 -8.95 -4.33
N LYS A 154 8.42 -8.47 -5.55
CA LYS A 154 7.75 -9.07 -6.71
C LYS A 154 8.32 -10.45 -7.01
N ARG A 155 7.84 -11.44 -6.29
CA ARG A 155 8.27 -12.81 -6.45
C ARG A 155 7.08 -13.75 -6.47
N LYS A 156 6.14 -13.52 -5.56
CA LYS A 156 4.94 -14.35 -5.45
C LYS A 156 3.95 -14.06 -6.58
N ASP A 157 4.19 -14.65 -7.73
CA ASP A 157 3.33 -14.51 -8.89
C ASP A 157 3.45 -15.74 -9.78
N SER A 158 2.46 -16.61 -9.70
CA SER A 158 2.45 -17.84 -10.49
C SER A 158 1.04 -18.25 -10.87
N VAL A 159 0.16 -18.34 -9.88
CA VAL A 159 -1.23 -18.73 -10.12
C VAL A 159 -1.98 -17.64 -10.87
N TRP A 160 -2.44 -17.96 -12.07
CA TRP A 160 -3.17 -17.01 -12.90
C TRP A 160 -4.54 -17.57 -13.31
N GLY A 161 -5.17 -16.93 -14.29
CA GLY A 161 -6.47 -17.35 -14.76
C GLY A 161 -7.59 -16.56 -14.12
N SER A 162 -7.33 -15.28 -13.86
CA SER A 162 -8.32 -14.41 -13.23
C SER A 162 -8.86 -13.37 -14.20
N GLY A 163 -8.16 -13.20 -15.31
CA GLY A 163 -8.57 -12.20 -16.29
C GLY A 163 -7.43 -11.28 -16.66
N GLY B 1 -9.55 -8.72 -17.45
CA GLY B 1 -9.57 -7.24 -17.34
C GLY B 1 -9.66 -6.59 -18.70
N GLY B 2 -9.58 -5.26 -18.76
CA GLY B 2 -9.64 -4.56 -20.02
C GLY B 2 -8.28 -4.02 -20.40
N GLN B 3 -7.98 -2.81 -19.95
CA GLN B 3 -6.70 -2.20 -20.21
C GLN B 3 -5.72 -2.73 -19.18
N GLN B 4 -6.26 -3.02 -18.00
CA GLN B 4 -5.48 -3.56 -16.89
C GLN B 4 -6.01 -4.95 -16.55
N PRO B 5 -5.12 -5.95 -16.55
CA PRO B 5 -5.50 -7.33 -16.22
C PRO B 5 -5.92 -7.43 -14.75
N VAL B 6 -6.71 -8.45 -14.43
CA VAL B 6 -7.20 -8.65 -13.06
C VAL B 6 -6.05 -8.99 -12.12
N ASN B 7 -5.86 -8.14 -11.12
CA ASN B 7 -4.81 -8.30 -10.14
C ASN B 7 -5.06 -9.52 -9.26
N HIS B 8 -3.98 -10.02 -8.67
CA HIS B 8 -4.01 -11.19 -7.80
C HIS B 8 -2.64 -11.30 -7.16
N LEU B 9 -2.47 -12.23 -6.23
CA LEU B 9 -1.19 -12.44 -5.53
C LEU B 9 -0.46 -11.16 -5.10
N VAL B 10 0.30 -10.58 -6.02
CA VAL B 10 1.06 -9.36 -5.77
C VAL B 10 0.15 -8.20 -5.41
N LYS B 11 0.75 -7.18 -4.79
CA LYS B 11 0.04 -5.98 -4.34
C LYS B 11 -0.83 -6.23 -3.12
N GLU B 12 -0.97 -7.49 -2.71
CA GLU B 12 -1.77 -7.82 -1.53
C GLU B 12 -1.02 -8.67 -0.50
N ILE B 13 -0.56 -9.86 -0.91
CA ILE B 13 0.14 -10.77 0.00
C ILE B 13 1.32 -10.12 0.72
N ASP B 14 2.27 -9.61 -0.06
CA ASP B 14 3.45 -8.95 0.53
C ASP B 14 3.03 -7.71 1.32
N MET B 15 2.18 -6.90 0.70
CA MET B 15 1.69 -5.67 1.31
C MET B 15 1.16 -5.88 2.72
N LEU B 16 0.22 -6.82 2.88
CA LEU B 16 -0.38 -7.10 4.17
C LEU B 16 0.67 -7.45 5.24
N LEU B 17 1.67 -8.23 4.86
CA LEU B 17 2.71 -8.61 5.79
C LEU B 17 3.59 -7.43 6.15
N LYS B 18 3.88 -6.60 5.15
CA LYS B 18 4.69 -5.40 5.35
C LYS B 18 3.93 -4.39 6.21
N GLU B 19 2.60 -4.41 6.06
CA GLU B 19 1.71 -3.51 6.81
C GLU B 19 1.82 -3.73 8.30
N TYR B 20 1.85 -4.98 8.71
CA TYR B 20 1.94 -5.32 10.12
C TYR B 20 3.35 -5.02 10.65
N LEU B 21 4.33 -5.10 9.75
CA LEU B 21 5.72 -4.86 10.11
C LEU B 21 6.05 -3.37 10.31
N LEU B 22 5.94 -2.58 9.25
CA LEU B 22 6.26 -1.15 9.31
C LEU B 22 5.16 -0.34 9.98
N SER B 23 3.93 -0.47 9.49
CA SER B 23 2.80 0.25 10.06
C SER B 23 2.47 -0.29 11.45
N GLY B 24 2.09 -1.56 11.52
CA GLY B 24 1.81 -2.19 12.79
C GLY B 24 0.41 -1.94 13.33
N ASP B 25 -0.61 -2.11 12.48
CA ASP B 25 -1.98 -1.90 12.93
C ASP B 25 -2.90 -3.02 12.44
N ILE B 26 -3.70 -3.53 13.38
CA ILE B 26 -4.66 -4.60 13.10
C ILE B 26 -5.63 -4.23 11.98
N SER B 27 -6.41 -3.17 12.20
CA SER B 27 -7.41 -2.73 11.22
C SER B 27 -6.78 -2.42 9.87
N GLU B 28 -5.65 -1.70 9.92
CA GLU B 28 -4.93 -1.33 8.70
C GLU B 28 -4.73 -2.53 7.78
N ALA B 29 -4.21 -3.62 8.32
CA ALA B 29 -3.99 -4.82 7.54
C ALA B 29 -5.32 -5.55 7.26
N GLU B 30 -6.15 -5.66 8.29
CA GLU B 30 -7.45 -6.33 8.19
C GLU B 30 -8.34 -5.74 7.10
N HIS B 31 -8.10 -4.48 6.74
CA HIS B 31 -8.95 -3.79 5.78
C HIS B 31 -8.98 -4.43 4.40
N CYS B 32 -7.83 -4.54 3.73
CA CYS B 32 -7.77 -5.13 2.40
C CYS B 32 -8.09 -6.62 2.42
N LEU B 33 -7.80 -7.25 3.56
CA LEU B 33 -8.04 -8.67 3.74
C LEU B 33 -9.50 -9.00 3.42
N LYS B 34 -10.38 -8.09 3.82
CA LYS B 34 -11.80 -8.22 3.55
C LYS B 34 -12.24 -7.80 2.14
N GLU B 35 -11.42 -6.97 1.49
CA GLU B 35 -11.68 -6.41 0.16
C GLU B 35 -11.36 -7.36 -1.02
N LEU B 36 -10.92 -8.57 -0.71
CA LEU B 36 -10.58 -9.55 -1.75
C LEU B 36 -11.84 -10.16 -2.38
N GLU B 37 -11.79 -11.45 -2.71
CA GLU B 37 -12.92 -12.12 -3.32
C GLU B 37 -12.99 -13.57 -2.88
N VAL B 38 -11.92 -14.32 -3.13
CA VAL B 38 -11.89 -15.74 -2.76
C VAL B 38 -10.87 -16.00 -1.64
N PRO B 39 -11.37 -16.31 -0.44
CA PRO B 39 -10.51 -16.60 0.71
C PRO B 39 -9.77 -17.92 0.56
N HIS B 40 -10.25 -18.78 -0.32
CA HIS B 40 -9.60 -20.08 -0.56
C HIS B 40 -8.26 -19.90 -1.28
N PHE B 41 -8.16 -18.84 -2.09
CA PHE B 41 -6.95 -18.55 -2.85
C PHE B 41 -5.86 -18.01 -1.89
N HIS B 42 -6.36 -17.44 -0.81
CA HIS B 42 -5.59 -16.88 0.33
C HIS B 42 -4.55 -17.79 1.05
N HIS B 43 -4.11 -18.90 0.42
CA HIS B 43 -3.20 -19.87 1.05
C HIS B 43 -1.96 -19.19 1.67
N GLU B 44 -1.20 -18.50 0.82
CA GLU B 44 0.03 -17.74 1.15
C GLU B 44 0.04 -16.80 2.40
N LEU B 45 -1.12 -16.66 3.06
CA LEU B 45 -1.29 -15.72 4.16
C LEU B 45 -0.42 -15.92 5.43
N VAL B 46 -0.74 -16.91 6.28
CA VAL B 46 0.03 -17.13 7.51
C VAL B 46 1.35 -17.78 7.17
N TYR B 47 1.22 -18.76 6.32
CA TYR B 47 2.34 -19.51 5.78
C TYR B 47 3.50 -18.56 5.48
N GLU B 48 3.23 -17.53 4.67
CA GLU B 48 4.25 -16.56 4.28
C GLU B 48 4.77 -15.77 5.48
N ALA B 49 3.90 -15.48 6.44
CA ALA B 49 4.29 -14.72 7.62
C ALA B 49 5.34 -15.48 8.41
N ILE B 50 5.05 -16.72 8.78
CA ILE B 50 6.01 -17.57 9.50
C ILE B 50 7.33 -17.60 8.74
N VAL B 51 7.19 -17.83 7.43
CA VAL B 51 8.33 -17.87 6.52
C VAL B 51 9.17 -16.61 6.68
N MET B 52 8.51 -15.46 6.72
CA MET B 52 9.21 -14.19 6.87
C MET B 52 9.88 -14.08 8.24
N VAL B 53 9.17 -14.48 9.30
CA VAL B 53 9.73 -14.43 10.67
C VAL B 53 11.01 -15.24 10.76
N LEU B 54 10.95 -16.47 10.29
CA LEU B 54 12.11 -17.38 10.31
C LEU B 54 13.35 -16.77 9.65
N GLU B 55 13.16 -15.85 8.72
CA GLU B 55 14.30 -15.25 8.04
C GLU B 55 14.71 -13.92 8.69
N SER B 56 13.82 -13.35 9.47
CA SER B 56 14.09 -12.09 10.14
C SER B 56 14.48 -12.30 11.60
N THR B 57 15.24 -11.37 12.14
CA THR B 57 15.67 -11.46 13.53
C THR B 57 14.78 -10.62 14.44
N GLY B 58 15.11 -10.62 15.72
CA GLY B 58 14.35 -9.87 16.70
C GLY B 58 13.05 -10.54 17.10
N GLU B 59 12.41 -9.96 18.10
CA GLU B 59 11.15 -10.49 18.60
C GLU B 59 9.99 -9.70 18.02
N SER B 60 10.30 -8.59 17.36
CA SER B 60 9.31 -7.73 16.74
C SER B 60 8.44 -8.52 15.77
N ALA B 61 9.08 -9.38 14.98
CA ALA B 61 8.36 -10.21 14.02
C ALA B 61 7.56 -11.30 14.72
N PHE B 62 8.19 -11.91 15.72
CA PHE B 62 7.56 -12.98 16.51
C PHE B 62 6.26 -12.48 17.13
N LYS B 63 6.28 -11.25 17.61
CA LYS B 63 5.09 -10.62 18.21
C LYS B 63 4.05 -10.15 17.18
N MET B 64 4.47 -9.24 16.30
CA MET B 64 3.59 -8.67 15.27
C MET B 64 2.89 -9.71 14.42
N ILE B 65 3.64 -10.68 13.91
CA ILE B 65 3.06 -11.72 13.07
C ILE B 65 2.09 -12.58 13.87
N LEU B 66 2.52 -12.93 15.08
CA LEU B 66 1.71 -13.74 15.98
C LEU B 66 0.31 -13.19 16.12
N ASP B 67 0.21 -11.88 16.34
CA ASP B 67 -1.08 -11.23 16.50
C ASP B 67 -1.83 -11.14 15.16
N LEU B 68 -1.07 -10.96 14.09
CA LEU B 68 -1.63 -10.85 12.75
C LEU B 68 -2.58 -12.01 12.45
N LEU B 69 -2.11 -13.23 12.66
CA LEU B 69 -2.93 -14.41 12.43
C LEU B 69 -4.02 -14.55 13.50
N LYS B 70 -3.62 -14.29 14.74
CA LYS B 70 -4.53 -14.38 15.89
C LYS B 70 -5.75 -13.47 15.71
N SER B 71 -5.51 -12.21 15.42
CA SER B 71 -6.58 -11.23 15.23
C SER B 71 -7.47 -11.60 14.05
N LEU B 72 -6.90 -12.27 13.05
CA LEU B 72 -7.67 -12.69 11.89
C LEU B 72 -8.62 -13.81 12.28
N TRP B 73 -8.09 -14.78 13.02
CA TRP B 73 -8.89 -15.89 13.50
C TRP B 73 -10.06 -15.41 14.36
N LYS B 74 -9.88 -14.26 15.03
CA LYS B 74 -10.93 -13.68 15.86
C LYS B 74 -12.13 -13.35 14.96
N SER B 75 -11.85 -12.58 13.92
CA SER B 75 -12.86 -12.17 12.93
C SER B 75 -13.17 -13.28 11.92
N SER B 76 -12.89 -14.53 12.32
CA SER B 76 -13.09 -15.72 11.49
C SER B 76 -12.51 -15.58 10.07
N THR B 77 -11.56 -14.68 9.91
CA THR B 77 -10.92 -14.41 8.63
C THR B 77 -10.24 -15.64 8.04
N ILE B 78 -9.31 -16.23 8.78
CA ILE B 78 -8.60 -17.39 8.28
C ILE B 78 -9.39 -18.67 8.48
N THR B 79 -9.40 -19.51 7.46
CA THR B 79 -10.11 -20.76 7.51
C THR B 79 -9.15 -21.85 7.97
N ILE B 80 -9.69 -23.01 8.33
CA ILE B 80 -8.86 -24.10 8.80
C ILE B 80 -8.06 -24.76 7.67
N ASP B 81 -8.58 -24.69 6.45
CA ASP B 81 -7.91 -25.30 5.31
C ASP B 81 -6.62 -24.58 4.95
N GLN B 82 -6.72 -23.29 4.63
CA GLN B 82 -5.53 -22.48 4.31
C GLN B 82 -4.56 -22.40 5.49
N MET B 83 -5.09 -22.65 6.67
CA MET B 83 -4.30 -22.62 7.90
C MET B 83 -3.49 -23.90 8.00
N LYS B 84 -4.18 -25.04 7.83
CA LYS B 84 -3.54 -26.36 7.91
C LYS B 84 -2.50 -26.53 6.82
N ARG B 85 -2.84 -26.14 5.58
CA ARG B 85 -1.93 -26.27 4.46
C ARG B 85 -0.65 -25.49 4.71
N GLY B 86 -0.79 -24.22 5.05
CA GLY B 86 0.36 -23.38 5.32
C GLY B 86 1.29 -23.97 6.35
N TYR B 87 0.74 -24.46 7.45
CA TYR B 87 1.56 -25.07 8.51
C TYR B 87 2.26 -26.32 8.00
N GLU B 88 1.53 -27.14 7.24
CA GLU B 88 2.07 -28.37 6.69
C GLU B 88 3.23 -28.10 5.73
N ARG B 89 3.12 -27.03 4.95
CA ARG B 89 4.16 -26.68 4.01
C ARG B 89 5.38 -26.14 4.73
N ILE B 90 5.15 -25.55 5.91
CA ILE B 90 6.23 -25.01 6.73
C ILE B 90 7.21 -26.13 7.08
N TYR B 91 6.68 -27.31 7.26
CA TYR B 91 7.49 -28.48 7.61
C TYR B 91 8.22 -29.00 6.37
N ASN B 92 7.73 -28.62 5.21
CA ASN B 92 8.33 -29.03 3.94
C ASN B 92 9.42 -28.03 3.55
N GLU B 93 9.23 -26.79 3.97
CA GLU B 93 10.18 -25.72 3.69
C GLU B 93 11.38 -25.79 4.63
N ILE B 94 11.19 -26.44 5.78
CA ILE B 94 12.26 -26.57 6.77
C ILE B 94 13.56 -27.11 6.16
N PRO B 95 13.54 -28.28 5.48
CA PRO B 95 14.75 -28.86 4.87
C PRO B 95 15.40 -27.91 3.87
N ASP B 96 14.60 -27.03 3.28
CA ASP B 96 15.10 -26.07 2.30
C ASP B 96 15.80 -24.88 2.95
N ILE B 97 15.13 -24.27 3.93
CA ILE B 97 15.67 -23.12 4.63
C ILE B 97 16.78 -23.52 5.60
N ASN B 98 16.57 -24.61 6.32
CA ASN B 98 17.56 -25.10 7.28
C ASN B 98 18.74 -25.74 6.59
N LEU B 99 18.46 -26.79 5.80
CA LEU B 99 19.50 -27.53 5.09
C LEU B 99 20.48 -28.17 6.06
N ASP B 100 19.98 -29.15 6.80
CA ASP B 100 20.76 -29.89 7.81
C ASP B 100 21.10 -29.02 9.02
N VAL B 101 21.57 -29.65 10.10
CA VAL B 101 21.92 -28.94 11.34
C VAL B 101 20.80 -27.99 11.79
N PRO B 102 19.62 -28.54 12.12
CA PRO B 102 18.47 -27.74 12.53
C PRO B 102 18.58 -27.20 13.95
N HIS B 103 18.99 -25.93 14.07
CA HIS B 103 19.11 -25.29 15.37
C HIS B 103 17.95 -24.33 15.61
N SER B 104 16.99 -24.36 14.71
CA SER B 104 15.81 -23.50 14.80
C SER B 104 14.63 -24.28 15.37
N TYR B 105 14.93 -25.46 15.92
CA TYR B 105 13.91 -26.34 16.47
C TYR B 105 13.08 -25.70 17.58
N SER B 106 13.72 -24.96 18.47
CA SER B 106 12.98 -24.34 19.57
C SER B 106 12.02 -23.27 19.05
N VAL B 107 12.60 -22.29 18.36
CA VAL B 107 11.84 -21.20 17.73
C VAL B 107 10.66 -21.73 16.91
N LEU B 108 10.91 -22.80 16.18
CA LEU B 108 9.88 -23.41 15.36
C LEU B 108 8.82 -24.07 16.23
N GLU B 109 9.27 -24.86 17.20
CA GLU B 109 8.38 -25.55 18.11
C GLU B 109 7.46 -24.59 18.85
N ARG B 110 8.03 -23.58 19.48
CA ARG B 110 7.24 -22.58 20.21
C ARG B 110 6.19 -21.95 19.29
N PHE B 111 6.68 -21.35 18.21
CA PHE B 111 5.79 -20.76 17.19
C PHE B 111 4.62 -21.68 16.84
N VAL B 112 4.87 -22.99 16.77
CA VAL B 112 3.82 -23.95 16.47
C VAL B 112 2.96 -24.20 17.71
N GLU B 113 3.62 -24.27 18.86
CA GLU B 113 2.95 -24.53 20.13
C GLU B 113 1.96 -23.43 20.51
N GLU B 114 2.45 -22.19 20.54
CA GLU B 114 1.60 -21.05 20.91
C GLU B 114 0.27 -21.02 20.16
N CYS B 115 0.33 -20.83 18.85
CA CYS B 115 -0.91 -20.86 18.05
C CYS B 115 -1.76 -22.09 18.26
N PHE B 116 -1.16 -23.17 18.73
CA PHE B 116 -1.88 -24.39 18.99
C PHE B 116 -2.58 -24.35 20.37
N GLN B 117 -1.99 -23.59 21.31
CA GLN B 117 -2.52 -23.52 22.68
C GLN B 117 -3.97 -23.08 22.75
N ALA B 118 -4.31 -21.91 22.19
CA ALA B 118 -5.69 -21.43 22.17
C ALA B 118 -6.56 -22.23 21.21
N GLY B 119 -6.04 -23.37 20.80
CA GLY B 119 -6.74 -24.26 19.89
C GLY B 119 -7.40 -23.59 18.71
N ILE B 120 -6.64 -22.91 17.86
CA ILE B 120 -7.21 -22.28 16.68
C ILE B 120 -6.95 -23.19 15.49
N ILE B 121 -6.56 -24.42 15.83
CA ILE B 121 -6.22 -25.44 14.85
C ILE B 121 -6.40 -26.82 15.48
N SER B 122 -6.54 -27.84 14.63
CA SER B 122 -6.74 -29.20 15.10
C SER B 122 -5.45 -29.82 15.63
N LYS B 123 -5.60 -30.80 16.52
CA LYS B 123 -4.46 -31.49 17.13
C LYS B 123 -3.67 -32.27 16.07
N GLN B 124 -4.33 -32.58 14.96
CA GLN B 124 -3.69 -33.31 13.87
C GLN B 124 -2.55 -32.47 13.29
N LEU B 125 -2.71 -31.15 13.39
CA LEU B 125 -1.70 -30.20 12.91
C LEU B 125 -0.50 -30.19 13.84
N ARG B 126 -0.73 -30.70 15.06
CA ARG B 126 0.34 -30.78 16.06
C ARG B 126 1.17 -32.03 15.82
N ASP B 127 0.49 -33.11 15.39
CA ASP B 127 1.14 -34.40 15.11
C ASP B 127 2.06 -34.30 13.90
N LEU B 128 1.63 -33.49 12.94
CA LEU B 128 2.41 -33.26 11.72
C LEU B 128 3.62 -32.36 12.00
N CYS B 129 4.00 -32.26 13.26
CA CYS B 129 5.13 -31.44 13.66
C CYS B 129 6.27 -32.33 14.12
N PRO B 130 7.52 -31.94 13.83
CA PRO B 130 8.72 -32.69 14.24
C PRO B 130 9.06 -32.43 15.71
N SER B 131 8.03 -32.48 16.55
CA SER B 131 8.19 -32.24 17.98
C SER B 131 9.01 -33.34 18.63
N GLY A 1 2.43 30.24 -2.06
CA GLY A 1 1.67 30.74 -0.89
C GLY A 1 0.21 30.37 -0.98
N LEU A 2 -0.68 31.33 -0.78
CA LEU A 2 -2.10 31.07 -0.84
C LEU A 2 -2.67 31.40 -2.22
N PRO A 3 -3.56 30.53 -2.72
CA PRO A 3 -4.20 30.71 -4.02
C PRO A 3 -5.45 31.59 -3.91
N LEU A 4 -5.88 32.15 -5.03
CA LEU A 4 -7.05 33.00 -5.04
C LEU A 4 -8.23 32.30 -5.70
N ASP A 5 -9.43 32.56 -5.17
CA ASP A 5 -10.66 31.97 -5.67
C ASP A 5 -10.58 30.44 -5.75
N GLU A 6 -10.12 29.84 -4.65
CA GLU A 6 -9.97 28.40 -4.55
C GLU A 6 -11.25 27.66 -4.96
N ARG A 7 -12.37 28.03 -4.35
CA ARG A 7 -13.64 27.38 -4.63
C ARG A 7 -14.07 27.54 -6.08
N ALA A 8 -13.92 28.74 -6.63
CA ALA A 8 -14.28 28.99 -8.02
C ALA A 8 -13.44 28.12 -8.95
N PHE A 9 -12.18 27.96 -8.59
CA PHE A 9 -11.25 27.13 -9.35
C PHE A 9 -11.68 25.67 -9.27
N GLU A 10 -11.90 25.19 -8.06
CA GLU A 10 -12.33 23.81 -7.82
C GLU A 10 -13.58 23.49 -8.64
N LYS A 11 -14.58 24.35 -8.52
CA LYS A 11 -15.84 24.18 -9.23
C LYS A 11 -15.62 24.03 -10.73
N THR A 12 -14.85 24.93 -11.32
CA THR A 12 -14.58 24.90 -12.76
C THR A 12 -13.79 23.66 -13.17
N LEU A 13 -12.69 23.39 -12.47
CA LEU A 13 -11.82 22.25 -12.78
C LEU A 13 -12.49 20.88 -12.59
N THR A 14 -13.47 20.80 -11.70
CA THR A 14 -14.17 19.53 -11.42
C THR A 14 -14.57 18.74 -12.69
N PRO A 15 -15.43 19.29 -13.57
CA PRO A 15 -15.87 18.58 -14.77
C PRO A 15 -14.73 18.35 -15.78
N ILE A 16 -13.67 19.15 -15.68
CA ILE A 16 -12.54 19.03 -16.58
C ILE A 16 -11.70 17.81 -16.21
N ILE A 17 -11.64 17.51 -14.91
CA ILE A 17 -10.86 16.37 -14.42
C ILE A 17 -11.72 15.11 -14.44
N GLN A 18 -12.95 15.25 -13.96
CA GLN A 18 -13.92 14.14 -13.94
C GLN A 18 -13.96 13.40 -15.27
N GLU A 19 -14.04 14.17 -16.36
CA GLU A 19 -14.09 13.62 -17.70
C GLU A 19 -12.76 12.98 -18.10
N TYR A 20 -11.66 13.54 -17.59
CA TYR A 20 -10.32 13.06 -17.92
C TYR A 20 -10.16 11.56 -17.65
N PHE A 21 -10.73 11.10 -16.54
CA PHE A 21 -10.61 9.70 -16.15
C PHE A 21 -11.45 8.75 -17.01
N GLU A 22 -12.30 9.28 -17.86
CA GLU A 22 -13.14 8.42 -18.70
C GLU A 22 -12.56 8.23 -20.10
N HIS A 23 -11.44 8.88 -20.34
CA HIS A 23 -10.74 8.78 -21.63
C HIS A 23 -9.23 8.60 -21.53
N GLY A 24 -8.61 9.38 -20.65
CA GLY A 24 -7.18 9.33 -20.51
C GLY A 24 -6.50 10.25 -21.52
N ASP A 25 -6.27 11.49 -21.13
CA ASP A 25 -5.64 12.47 -22.03
C ASP A 25 -4.91 13.56 -21.27
N THR A 26 -3.58 13.48 -21.26
CA THR A 26 -2.75 14.47 -20.59
C THR A 26 -2.65 15.77 -21.40
N ASN A 27 -2.55 15.62 -22.72
CA ASN A 27 -2.42 16.77 -23.65
C ASN A 27 -3.60 17.73 -23.53
N GLU A 28 -4.80 17.15 -23.42
CA GLU A 28 -6.02 17.94 -23.31
C GLU A 28 -5.95 18.86 -22.09
N VAL A 29 -5.52 18.28 -20.97
CA VAL A 29 -5.39 19.02 -19.72
C VAL A 29 -4.36 20.13 -19.85
N ALA A 30 -3.20 19.80 -20.43
CA ALA A 30 -2.12 20.76 -20.62
C ALA A 30 -2.60 21.99 -21.39
N GLU A 31 -3.24 21.75 -22.53
CA GLU A 31 -3.78 22.82 -23.36
C GLU A 31 -4.63 23.79 -22.55
N MET A 32 -5.55 23.26 -21.76
CA MET A 32 -6.44 24.08 -20.94
C MET A 32 -5.67 24.78 -19.81
N LEU A 33 -4.68 24.09 -19.27
CA LEU A 33 -3.86 24.64 -18.19
C LEU A 33 -3.16 25.92 -18.62
N ARG A 34 -2.53 25.91 -19.79
CA ARG A 34 -1.84 27.09 -20.31
C ARG A 34 -2.83 28.23 -20.49
N ASP A 35 -3.98 27.89 -21.07
CA ASP A 35 -5.05 28.85 -21.32
C ASP A 35 -5.40 29.63 -20.06
N LEU A 36 -5.48 28.94 -18.93
CA LEU A 36 -5.80 29.58 -17.67
C LEU A 36 -4.61 30.41 -17.20
N ASN A 37 -3.42 29.81 -17.27
CA ASN A 37 -2.17 30.47 -16.88
C ASN A 37 -2.18 30.92 -15.42
N LEU A 38 -1.74 30.03 -14.54
CA LEU A 38 -1.71 30.31 -13.12
C LEU A 38 -0.33 30.02 -12.54
N GLY A 39 0.03 30.73 -11.48
CA GLY A 39 1.31 30.54 -10.84
C GLY A 39 1.23 29.47 -9.77
N GLU A 40 0.87 29.87 -8.56
CA GLU A 40 0.76 28.93 -7.45
C GLU A 40 -0.50 28.08 -7.59
N MET A 41 -1.49 28.62 -8.30
CA MET A 41 -2.74 27.91 -8.52
C MET A 41 -2.54 26.75 -9.50
N LYS A 42 -1.37 26.71 -10.13
CA LYS A 42 -1.04 25.65 -11.08
C LYS A 42 -0.93 24.32 -10.35
N SER A 43 -0.51 24.38 -9.09
CA SER A 43 -0.37 23.20 -8.28
C SER A 43 -1.73 22.77 -7.72
N GLY A 44 -2.76 23.55 -8.03
CA GLY A 44 -4.09 23.25 -7.55
C GLY A 44 -4.68 22.03 -8.26
N VAL A 45 -4.65 22.06 -9.59
CA VAL A 45 -5.17 20.96 -10.42
C VAL A 45 -4.77 19.57 -9.90
N PRO A 46 -3.46 19.26 -9.78
CA PRO A 46 -3.00 17.95 -9.30
C PRO A 46 -3.51 17.63 -7.89
N VAL A 47 -3.77 18.66 -7.09
CA VAL A 47 -4.28 18.46 -5.74
C VAL A 47 -5.70 17.93 -5.80
N LEU A 48 -6.54 18.56 -6.61
CA LEU A 48 -7.94 18.14 -6.75
C LEU A 48 -8.00 16.76 -7.40
N ALA A 49 -7.35 16.63 -8.55
CA ALA A 49 -7.28 15.34 -9.25
C ALA A 49 -6.87 14.20 -8.33
N VAL A 50 -6.06 14.51 -7.33
CA VAL A 50 -5.62 13.49 -6.39
C VAL A 50 -6.70 13.21 -5.36
N SER A 51 -7.36 14.26 -4.90
CA SER A 51 -8.41 14.13 -3.89
C SER A 51 -9.60 13.35 -4.42
N LEU A 52 -10.12 13.76 -5.56
CA LEU A 52 -11.25 13.06 -6.18
C LEU A 52 -10.89 11.62 -6.52
N ALA A 53 -9.60 11.31 -6.51
CA ALA A 53 -9.15 9.98 -6.87
C ALA A 53 -9.26 9.05 -5.67
N LEU A 54 -9.20 9.64 -4.48
CA LEU A 54 -9.25 8.88 -3.24
C LEU A 54 -10.61 8.25 -3.02
N GLU A 55 -11.69 9.03 -3.19
CA GLU A 55 -13.03 8.53 -2.97
C GLU A 55 -13.61 7.92 -4.24
N GLY A 56 -12.72 7.43 -5.08
CA GLY A 56 -13.13 6.80 -6.31
C GLY A 56 -12.65 5.37 -6.37
N LYS A 57 -12.66 4.77 -7.56
CA LYS A 57 -12.22 3.40 -7.72
C LYS A 57 -10.71 3.32 -7.90
N ALA A 58 -10.16 2.12 -7.76
CA ALA A 58 -8.71 1.90 -7.91
C ALA A 58 -8.27 2.29 -9.31
N SER A 59 -9.11 2.03 -10.29
CA SER A 59 -8.79 2.37 -11.67
C SER A 59 -8.64 3.88 -11.78
N HIS A 60 -9.38 4.57 -10.94
CA HIS A 60 -9.33 6.02 -10.94
C HIS A 60 -8.09 6.51 -10.24
N ARG A 61 -7.48 5.65 -9.43
CA ARG A 61 -6.29 6.04 -8.69
C ARG A 61 -5.02 5.87 -9.54
N GLU A 62 -5.09 5.02 -10.56
CA GLU A 62 -3.90 4.71 -11.37
C GLU A 62 -3.64 5.77 -12.45
N MET A 63 -4.67 6.00 -13.25
CA MET A 63 -4.62 6.97 -14.36
C MET A 63 -4.20 8.36 -13.89
N THR A 64 -4.25 8.57 -12.60
CA THR A 64 -3.91 9.84 -12.01
C THR A 64 -2.40 9.97 -11.92
N SER A 65 -1.69 8.83 -11.95
CA SER A 65 -0.25 8.88 -11.73
C SER A 65 0.44 9.44 -12.98
N LYS A 66 -0.07 9.04 -14.16
CA LYS A 66 0.48 9.51 -15.43
C LYS A 66 0.27 11.00 -15.59
N LEU A 67 -0.76 11.51 -14.92
CA LEU A 67 -1.10 12.92 -15.02
C LEU A 67 -0.06 13.70 -14.24
N LEU A 68 0.37 13.10 -13.15
CA LEU A 68 1.36 13.70 -12.31
C LEU A 68 2.72 13.74 -13.00
N SER A 69 2.99 12.79 -13.92
CA SER A 69 4.32 12.82 -14.51
C SER A 69 4.32 13.73 -15.75
N ASP A 70 3.51 13.30 -16.72
CA ASP A 70 3.32 13.98 -18.02
C ASP A 70 3.08 15.49 -17.93
N LEU A 71 2.37 15.97 -16.91
CA LEU A 71 2.12 17.40 -16.80
C LEU A 71 3.40 18.17 -16.50
N CYS A 72 4.33 17.52 -15.83
CA CYS A 72 5.59 18.14 -15.47
C CYS A 72 6.49 18.16 -16.68
N GLY A 73 7.25 19.23 -16.86
CA GLY A 73 8.11 19.36 -18.00
C GLY A 73 7.36 19.96 -19.18
N THR A 74 6.04 19.82 -19.14
CA THR A 74 5.17 20.34 -20.17
C THR A 74 4.57 21.67 -19.75
N VAL A 75 3.82 21.65 -18.66
CA VAL A 75 3.17 22.87 -18.18
C VAL A 75 3.41 23.07 -16.68
N MET A 76 3.89 22.03 -16.02
CA MET A 76 4.15 22.09 -14.59
C MET A 76 5.63 21.81 -14.32
N SER A 77 6.18 22.42 -13.30
CA SER A 77 7.59 22.21 -12.96
C SER A 77 7.73 21.34 -11.72
N THR A 78 8.85 20.61 -11.64
CA THR A 78 9.14 19.75 -10.49
C THR A 78 8.81 20.42 -9.15
N THR A 79 9.05 21.72 -9.07
CA THR A 79 8.76 22.48 -7.85
C THR A 79 7.27 22.44 -7.54
N ASP A 80 6.44 22.65 -8.56
CA ASP A 80 4.99 22.64 -8.41
C ASP A 80 4.52 21.28 -7.94
N VAL A 81 5.16 20.24 -8.44
CA VAL A 81 4.80 18.87 -8.07
C VAL A 81 4.96 18.66 -6.57
N GLU A 82 6.13 19.01 -6.05
CA GLU A 82 6.39 18.87 -4.62
C GLU A 82 5.49 19.80 -3.82
N LYS A 83 5.17 20.95 -4.40
CA LYS A 83 4.32 21.93 -3.76
C LYS A 83 2.89 21.41 -3.61
N SER A 84 2.47 20.54 -4.53
CA SER A 84 1.12 20.00 -4.49
C SER A 84 0.96 19.04 -3.31
N PHE A 85 1.91 18.12 -3.16
CA PHE A 85 1.90 17.16 -2.06
C PHE A 85 1.84 17.87 -0.71
N ASP A 86 2.49 19.03 -0.64
CA ASP A 86 2.54 19.82 0.58
C ASP A 86 1.14 20.31 0.92
N LYS A 87 0.49 20.89 -0.09
CA LYS A 87 -0.85 21.43 0.05
C LYS A 87 -1.84 20.29 0.36
N LEU A 88 -1.66 19.16 -0.31
CA LEU A 88 -2.52 17.99 -0.12
C LEU A 88 -2.44 17.50 1.33
N LEU A 89 -1.25 17.14 1.77
CA LEU A 89 -1.01 16.70 3.15
C LEU A 89 -1.68 17.60 4.20
N LYS A 90 -1.74 18.89 3.91
CA LYS A 90 -2.34 19.84 4.84
C LYS A 90 -3.87 19.81 4.78
N ASP A 91 -4.39 19.30 3.66
CA ASP A 91 -5.83 19.21 3.47
C ASP A 91 -6.35 17.88 4.02
N LEU A 92 -5.55 16.82 3.82
CA LEU A 92 -5.86 15.46 4.30
C LEU A 92 -6.74 15.35 5.55
N PRO A 93 -6.46 16.05 6.66
CA PRO A 93 -7.29 15.96 7.86
C PRO A 93 -8.81 16.12 7.61
N GLU A 94 -9.24 16.71 6.48
CA GLU A 94 -10.68 16.87 6.24
C GLU A 94 -11.29 15.65 5.55
N LEU A 95 -10.84 15.35 4.33
CA LEU A 95 -11.31 14.17 3.61
C LEU A 95 -11.11 12.85 4.32
N ALA A 96 -10.09 12.75 5.16
CA ALA A 96 -9.83 11.51 5.90
C ALA A 96 -11.04 11.11 6.75
N LEU A 97 -11.90 12.07 7.06
CA LEU A 97 -13.08 11.80 7.87
C LEU A 97 -14.11 10.97 7.10
N ASP A 98 -14.49 11.44 5.92
CA ASP A 98 -15.46 10.72 5.08
C ASP A 98 -14.80 9.61 4.28
N THR A 99 -13.50 9.46 4.45
CA THR A 99 -12.75 8.43 3.76
C THR A 99 -11.60 7.95 4.65
N PRO A 100 -11.87 6.96 5.51
CA PRO A 100 -10.87 6.40 6.43
C PRO A 100 -9.65 5.87 5.69
N ARG A 101 -9.88 5.38 4.47
CA ARG A 101 -8.82 4.83 3.65
C ARG A 101 -8.09 5.89 2.83
N ALA A 102 -8.43 7.16 3.04
CA ALA A 102 -7.79 8.25 2.31
C ALA A 102 -6.27 8.29 2.58
N PRO A 103 -5.83 8.38 3.86
CA PRO A 103 -4.40 8.43 4.19
C PRO A 103 -3.69 7.13 3.79
N GLN A 104 -4.48 6.09 3.59
CA GLN A 104 -3.96 4.80 3.19
C GLN A 104 -3.56 4.88 1.72
N LEU A 105 -4.45 5.45 0.92
CA LEU A 105 -4.23 5.61 -0.50
C LEU A 105 -3.22 6.72 -0.78
N VAL A 106 -3.21 7.76 0.07
CA VAL A 106 -2.32 8.89 -0.10
C VAL A 106 -0.86 8.47 -0.20
N GLY A 107 -0.40 7.67 0.76
CA GLY A 107 0.96 7.18 0.73
C GLY A 107 1.38 6.65 -0.62
N GLN A 108 0.50 5.91 -1.29
CA GLN A 108 0.81 5.36 -2.60
C GLN A 108 1.03 6.49 -3.60
N PHE A 109 0.20 7.52 -3.50
CA PHE A 109 0.31 8.67 -4.40
C PHE A 109 1.65 9.39 -4.26
N ILE A 110 2.19 9.48 -3.05
CA ILE A 110 3.46 10.15 -2.80
C ILE A 110 4.60 9.17 -3.10
N ALA A 111 4.21 7.90 -3.11
CA ALA A 111 5.20 6.82 -3.26
C ALA A 111 5.61 6.71 -4.71
N ARG A 112 4.58 6.56 -5.54
CA ARG A 112 4.75 6.45 -6.98
C ARG A 112 5.45 7.67 -7.55
N ALA A 113 5.30 8.81 -6.88
CA ALA A 113 5.89 10.06 -7.35
C ALA A 113 7.40 9.99 -7.41
N VAL A 114 8.00 9.38 -6.41
CA VAL A 114 9.46 9.25 -6.36
C VAL A 114 9.91 8.35 -7.49
N GLY A 115 9.36 7.13 -7.52
CA GLY A 115 9.68 6.18 -8.58
C GLY A 115 9.56 6.76 -9.99
N ASP A 116 8.58 7.65 -10.19
CA ASP A 116 8.37 8.26 -11.50
C ASP A 116 9.44 9.31 -11.80
N GLY A 117 9.95 9.97 -10.77
CA GLY A 117 10.98 10.96 -10.96
C GLY A 117 10.60 12.32 -10.38
N ILE A 118 9.41 12.78 -10.73
CA ILE A 118 8.85 14.08 -10.29
C ILE A 118 8.98 14.39 -8.78
N LEU A 119 9.39 13.43 -7.97
CA LEU A 119 9.53 13.65 -6.54
C LEU A 119 10.79 12.98 -6.03
N CYS A 120 11.54 13.66 -5.18
CA CYS A 120 12.76 13.11 -4.61
C CYS A 120 12.45 12.34 -3.33
N ASN A 121 13.31 11.39 -2.99
CA ASN A 121 13.12 10.56 -1.80
C ASN A 121 13.32 11.36 -0.51
N THR A 122 14.06 12.47 -0.59
CA THR A 122 14.32 13.33 0.57
C THR A 122 13.02 13.80 1.20
N TYR A 123 12.12 14.24 0.32
CA TYR A 123 10.79 14.72 0.72
C TYR A 123 10.16 13.85 1.80
N ILE A 124 10.25 12.53 1.66
CA ILE A 124 9.67 11.61 2.63
C ILE A 124 10.39 11.71 3.98
N ASP A 125 11.72 11.63 3.95
CA ASP A 125 12.52 11.70 5.18
C ASP A 125 12.38 13.06 5.86
N SER A 126 12.11 14.08 5.07
CA SER A 126 11.95 15.44 5.59
C SER A 126 10.72 15.55 6.49
N TYR A 127 9.74 14.70 6.25
CA TYR A 127 8.53 14.72 7.05
C TYR A 127 8.59 13.57 8.06
N LYS A 128 9.81 13.06 8.28
CA LYS A 128 10.04 11.91 9.15
C LYS A 128 9.91 12.09 10.65
N GLY A 129 8.89 12.79 11.10
CA GLY A 129 8.69 12.95 12.53
C GLY A 129 8.34 14.36 12.81
N THR A 130 8.56 15.16 11.80
CA THR A 130 8.28 16.57 11.82
C THR A 130 6.78 16.78 11.66
N VAL A 131 6.11 15.79 11.07
CA VAL A 131 4.67 15.86 10.86
C VAL A 131 3.92 15.71 12.17
N ASP A 132 3.05 16.66 12.44
CA ASP A 132 2.25 16.65 13.66
C ASP A 132 1.00 15.79 13.52
N CYS A 133 0.35 15.88 12.35
CA CYS A 133 -0.87 15.13 12.08
C CYS A 133 -0.63 13.62 11.96
N VAL A 134 -1.43 12.85 12.70
CA VAL A 134 -1.33 11.39 12.68
C VAL A 134 -1.66 10.82 11.30
N GLN A 135 -2.83 11.16 10.77
CA GLN A 135 -3.26 10.68 9.46
C GLN A 135 -2.24 11.00 8.38
N ALA A 136 -1.61 12.16 8.46
CA ALA A 136 -0.60 12.55 7.50
C ALA A 136 0.64 11.67 7.68
N ARG A 137 1.00 11.44 8.93
CA ARG A 137 2.14 10.59 9.28
C ARG A 137 1.95 9.18 8.75
N ALA A 138 0.77 8.59 9.01
CA ALA A 138 0.45 7.24 8.57
C ALA A 138 0.65 7.04 7.08
N ALA A 139 0.37 8.08 6.29
CA ALA A 139 0.53 8.00 4.84
C ALA A 139 1.96 7.65 4.46
N LEU A 140 2.91 8.34 5.09
CA LEU A 140 4.33 8.09 4.82
C LEU A 140 4.78 6.74 5.34
N ASP A 141 4.16 6.29 6.43
CA ASP A 141 4.49 5.01 7.03
C ASP A 141 3.97 3.89 6.15
N LYS A 142 3.06 4.27 5.27
CA LYS A 142 2.47 3.33 4.33
C LYS A 142 3.34 3.16 3.10
N ALA A 143 3.67 4.30 2.49
CA ALA A 143 4.52 4.34 1.29
C ALA A 143 5.87 3.67 1.49
N THR A 144 6.40 3.71 2.71
CA THR A 144 7.69 3.11 3.01
C THR A 144 7.75 1.65 2.59
N VAL A 145 6.73 0.88 2.95
CA VAL A 145 6.68 -0.53 2.61
C VAL A 145 6.51 -0.74 1.11
N LEU A 146 5.82 0.18 0.46
CA LEU A 146 5.60 0.09 -0.98
C LEU A 146 6.93 0.20 -1.72
N LEU A 147 7.81 1.04 -1.21
CA LEU A 147 9.12 1.22 -1.81
C LEU A 147 9.98 -0.03 -1.58
N SER A 148 9.71 -0.72 -0.49
CA SER A 148 10.43 -1.94 -0.14
C SER A 148 9.92 -3.14 -0.97
N MET A 149 8.60 -3.22 -1.11
CA MET A 149 7.96 -4.32 -1.84
C MET A 149 8.24 -4.28 -3.34
N SER A 150 8.45 -3.09 -3.88
CA SER A 150 8.70 -2.93 -5.31
C SER A 150 9.96 -3.65 -5.78
N LYS A 151 10.85 -3.96 -4.86
CA LYS A 151 12.10 -4.63 -5.19
C LYS A 151 11.98 -6.16 -5.12
N GLY A 152 10.96 -6.65 -4.42
CA GLY A 152 10.80 -8.10 -4.27
C GLY A 152 9.49 -8.64 -4.80
N GLY A 153 8.56 -7.75 -5.11
CA GLY A 153 7.27 -8.19 -5.61
C GLY A 153 7.15 -8.06 -7.12
N LYS A 154 8.23 -7.63 -7.76
CA LYS A 154 8.24 -7.45 -9.20
C LYS A 154 8.48 -8.79 -9.90
N ARG A 155 7.40 -9.50 -10.17
CA ARG A 155 7.48 -10.81 -10.83
C ARG A 155 6.17 -11.19 -11.51
N LYS A 156 5.05 -10.78 -10.93
CA LYS A 156 3.74 -11.08 -11.49
C LYS A 156 3.04 -9.80 -11.91
N ASP A 157 2.66 -9.72 -13.18
CA ASP A 157 1.99 -8.54 -13.70
C ASP A 157 0.52 -8.81 -13.99
N SER A 158 0.23 -9.33 -15.18
CA SER A 158 -1.14 -9.60 -15.56
C SER A 158 -1.48 -11.07 -15.46
N VAL A 159 -1.96 -11.47 -14.28
CA VAL A 159 -2.35 -12.85 -14.03
C VAL A 159 -3.86 -13.00 -14.22
N TRP A 160 -4.42 -12.14 -15.06
CA TRP A 160 -5.84 -12.14 -15.33
C TRP A 160 -6.10 -11.58 -16.73
N GLY A 161 -5.80 -10.31 -16.91
CA GLY A 161 -6.00 -9.67 -18.19
C GLY A 161 -7.37 -9.03 -18.31
N SER A 162 -8.11 -9.03 -17.21
CA SER A 162 -9.44 -8.44 -17.17
C SER A 162 -9.33 -6.92 -17.29
N GLY A 163 -9.65 -6.39 -18.45
CA GLY A 163 -9.58 -4.97 -18.69
C GLY A 163 -10.37 -4.60 -19.91
N GLY B 1 -12.68 -3.21 -21.25
CA GLY B 1 -13.54 -2.65 -20.19
C GLY B 1 -12.74 -2.11 -19.02
N GLY B 2 -11.64 -1.45 -19.31
CA GLY B 2 -10.80 -0.88 -18.28
C GLY B 2 -9.48 -0.39 -18.85
N GLN B 3 -8.92 0.63 -18.22
CA GLN B 3 -7.64 1.18 -18.68
C GLN B 3 -6.48 0.35 -18.16
N GLN B 4 -6.66 -0.23 -16.99
CA GLN B 4 -5.64 -1.06 -16.37
C GLN B 4 -6.21 -2.44 -16.07
N PRO B 5 -5.50 -3.50 -16.46
CA PRO B 5 -5.95 -4.88 -16.23
C PRO B 5 -6.06 -5.16 -14.73
N VAL B 6 -7.14 -5.79 -14.32
CA VAL B 6 -7.36 -6.13 -12.92
C VAL B 6 -6.29 -7.07 -12.40
N ASN B 7 -5.66 -6.68 -11.29
CA ASN B 7 -4.63 -7.48 -10.68
C ASN B 7 -5.21 -8.32 -9.55
N HIS B 8 -4.44 -9.32 -9.11
CA HIS B 8 -4.88 -10.19 -8.03
C HIS B 8 -3.74 -11.12 -7.60
N LEU B 9 -3.73 -11.47 -6.32
CA LEU B 9 -2.70 -12.33 -5.73
C LEU B 9 -1.29 -11.73 -5.86
N VAL B 10 -1.23 -10.42 -6.07
CA VAL B 10 0.06 -9.73 -6.21
C VAL B 10 -0.02 -8.33 -5.62
N LYS B 11 1.04 -7.94 -4.90
CA LYS B 11 1.14 -6.61 -4.29
C LYS B 11 0.29 -6.45 -3.02
N GLU B 12 -0.95 -6.89 -3.06
CA GLU B 12 -1.85 -6.75 -1.91
C GLU B 12 -1.37 -7.58 -0.71
N ILE B 13 -1.07 -8.85 -0.97
CA ILE B 13 -0.61 -9.77 0.08
C ILE B 13 0.57 -9.20 0.86
N ASP B 14 1.64 -8.84 0.15
CA ASP B 14 2.84 -8.30 0.77
C ASP B 14 2.62 -6.94 1.42
N MET B 15 1.79 -6.12 0.79
CA MET B 15 1.51 -4.78 1.29
C MET B 15 0.93 -4.85 2.69
N LEU B 16 -0.10 -5.66 2.86
CA LEU B 16 -0.77 -5.80 4.15
C LEU B 16 0.17 -6.32 5.24
N LEU B 17 1.08 -7.20 4.85
CA LEU B 17 2.04 -7.77 5.79
C LEU B 17 3.05 -6.73 6.26
N LYS B 18 3.63 -6.02 5.30
CA LYS B 18 4.60 -4.99 5.60
C LYS B 18 3.95 -3.77 6.25
N GLU B 19 2.70 -3.50 5.87
CA GLU B 19 1.94 -2.36 6.40
C GLU B 19 1.85 -2.39 7.91
N TYR B 20 1.46 -3.53 8.47
CA TYR B 20 1.32 -3.66 9.92
C TYR B 20 2.65 -3.40 10.63
N LEU B 21 3.74 -3.85 10.03
CA LEU B 21 5.06 -3.67 10.61
C LEU B 21 5.43 -2.19 10.72
N LEU B 22 5.17 -1.46 9.65
CA LEU B 22 5.50 -0.03 9.62
C LEU B 22 4.41 0.86 10.23
N SER B 23 3.19 0.77 9.73
CA SER B 23 2.09 1.59 10.23
C SER B 23 1.80 1.33 11.71
N GLY B 24 1.35 0.11 12.02
CA GLY B 24 1.07 -0.21 13.40
C GLY B 24 -0.35 -0.67 13.66
N ASP B 25 -1.28 -0.30 12.77
CA ASP B 25 -2.68 -0.69 12.95
C ASP B 25 -3.05 -1.90 12.12
N ILE B 26 -3.77 -2.82 12.74
CA ILE B 26 -4.19 -4.05 12.10
C ILE B 26 -5.41 -3.82 11.19
N SER B 27 -6.31 -2.92 11.63
CA SER B 27 -7.57 -2.68 10.93
C SER B 27 -7.41 -2.20 9.49
N GLU B 28 -6.40 -1.39 9.21
CA GLU B 28 -6.17 -0.89 7.85
C GLU B 28 -5.95 -2.08 6.90
N ALA B 29 -5.11 -3.01 7.33
CA ALA B 29 -4.82 -4.20 6.53
C ALA B 29 -6.03 -5.13 6.56
N GLU B 30 -6.67 -5.20 7.73
CA GLU B 30 -7.84 -6.02 7.95
C GLU B 30 -8.95 -5.69 6.96
N HIS B 31 -9.22 -4.39 6.79
CA HIS B 31 -10.25 -3.92 5.89
C HIS B 31 -9.88 -4.21 4.43
N CYS B 32 -8.60 -4.14 4.12
CA CYS B 32 -8.14 -4.40 2.76
C CYS B 32 -8.25 -5.87 2.37
N LEU B 33 -8.08 -6.77 3.33
CA LEU B 33 -8.20 -8.21 3.05
C LEU B 33 -9.64 -8.56 2.71
N LYS B 34 -10.56 -7.83 3.31
CA LYS B 34 -11.99 -8.03 3.06
C LYS B 34 -12.39 -7.64 1.63
N GLU B 35 -11.51 -6.84 1.04
CA GLU B 35 -11.69 -6.31 -0.31
C GLU B 35 -11.40 -7.34 -1.44
N LEU B 36 -11.12 -8.61 -1.08
CA LEU B 36 -10.73 -9.60 -2.09
C LEU B 36 -11.92 -10.28 -2.80
N GLU B 37 -11.65 -11.46 -3.39
CA GLU B 37 -12.66 -12.23 -4.14
C GLU B 37 -12.95 -13.59 -3.47
N VAL B 38 -11.90 -14.38 -3.28
CA VAL B 38 -12.04 -15.70 -2.66
C VAL B 38 -11.14 -15.81 -1.41
N PRO B 39 -11.67 -16.41 -0.32
CA PRO B 39 -10.93 -16.56 0.92
C PRO B 39 -10.04 -17.80 0.92
N HIS B 40 -10.27 -18.69 -0.03
CA HIS B 40 -9.51 -19.93 -0.14
C HIS B 40 -8.03 -19.66 -0.43
N PHE B 41 -7.76 -18.51 -1.03
CA PHE B 41 -6.39 -18.14 -1.37
C PHE B 41 -5.73 -17.30 -0.28
N HIS B 42 -6.34 -17.24 0.90
CA HIS B 42 -5.78 -16.47 2.01
C HIS B 42 -4.57 -17.17 2.63
N HIS B 43 -4.34 -18.41 2.22
CA HIS B 43 -3.21 -19.21 2.73
C HIS B 43 -1.85 -18.59 2.38
N GLU B 44 -1.79 -17.89 1.27
CA GLU B 44 -0.56 -17.25 0.81
C GLU B 44 -0.04 -16.23 1.84
N LEU B 45 -0.95 -15.46 2.42
CA LEU B 45 -0.58 -14.45 3.41
C LEU B 45 -0.07 -15.14 4.67
N VAL B 46 -0.59 -16.33 4.93
CA VAL B 46 -0.19 -17.11 6.10
C VAL B 46 1.25 -17.60 5.92
N TYR B 47 1.47 -18.33 4.84
CA TYR B 47 2.80 -18.85 4.51
C TYR B 47 3.88 -17.77 4.58
N GLU B 48 3.66 -16.67 3.86
CA GLU B 48 4.62 -15.56 3.83
C GLU B 48 4.90 -15.00 5.23
N ALA B 49 3.84 -14.76 5.99
CA ALA B 49 3.97 -14.22 7.34
C ALA B 49 4.88 -15.09 8.21
N ILE B 50 4.73 -16.41 8.10
CA ILE B 50 5.54 -17.34 8.87
C ILE B 50 6.99 -17.32 8.38
N VAL B 51 7.14 -17.35 7.06
CA VAL B 51 8.46 -17.32 6.42
C VAL B 51 9.27 -16.10 6.88
N MET B 52 8.62 -14.93 6.92
CA MET B 52 9.29 -13.70 7.34
C MET B 52 9.92 -13.86 8.71
N VAL B 53 9.11 -14.27 9.68
CA VAL B 53 9.56 -14.50 11.05
C VAL B 53 10.86 -15.33 11.11
N LEU B 54 10.95 -16.34 10.26
CA LEU B 54 12.13 -17.20 10.22
C LEU B 54 13.34 -16.50 9.62
N GLU B 55 13.10 -15.56 8.71
CA GLU B 55 14.17 -14.83 8.04
C GLU B 55 14.36 -13.42 8.61
N SER B 56 13.74 -13.15 9.75
CA SER B 56 13.84 -11.83 10.36
C SER B 56 14.60 -11.90 11.68
N THR B 57 15.45 -10.91 11.91
CA THR B 57 16.24 -10.87 13.14
C THR B 57 15.64 -9.87 14.12
N GLY B 58 15.18 -10.37 15.26
CA GLY B 58 14.59 -9.51 16.26
C GLY B 58 13.22 -10.00 16.70
N GLU B 59 13.01 -10.02 18.02
CA GLU B 59 11.74 -10.48 18.60
C GLU B 59 10.56 -9.63 18.10
N SER B 60 10.87 -8.40 17.69
CA SER B 60 9.86 -7.49 17.19
C SER B 60 9.14 -8.09 15.99
N ALA B 61 9.91 -8.72 15.11
CA ALA B 61 9.34 -9.32 13.91
C ALA B 61 8.44 -10.50 14.27
N PHE B 62 8.74 -11.16 15.39
CA PHE B 62 7.98 -12.33 15.81
C PHE B 62 6.60 -11.93 16.35
N LYS B 63 6.61 -11.21 17.47
CA LYS B 63 5.39 -10.75 18.13
C LYS B 63 4.46 -9.99 17.20
N MET B 64 5.02 -9.33 16.21
CA MET B 64 4.22 -8.53 15.29
C MET B 64 3.41 -9.42 14.35
N ILE B 65 4.05 -10.45 13.82
CA ILE B 65 3.41 -11.35 12.88
C ILE B 65 2.26 -12.13 13.53
N LEU B 66 2.53 -12.77 14.67
CA LEU B 66 1.51 -13.54 15.37
C LEU B 66 0.34 -12.66 15.79
N ASP B 67 0.64 -11.42 16.17
CA ASP B 67 -0.38 -10.48 16.59
C ASP B 67 -1.30 -10.13 15.42
N LEU B 68 -0.73 -10.10 14.22
CA LEU B 68 -1.49 -9.77 13.03
C LEU B 68 -2.43 -10.91 12.66
N LEU B 69 -1.94 -12.15 12.83
CA LEU B 69 -2.74 -13.33 12.52
C LEU B 69 -3.88 -13.51 13.51
N LYS B 70 -3.56 -13.54 14.80
CA LYS B 70 -4.56 -13.69 15.86
C LYS B 70 -5.65 -12.63 15.76
N SER B 71 -5.29 -11.49 15.18
CA SER B 71 -6.23 -10.40 15.05
C SER B 71 -7.22 -10.69 13.93
N LEU B 72 -6.71 -11.26 12.84
CA LEU B 72 -7.52 -11.62 11.69
C LEU B 72 -8.43 -12.81 11.98
N TRP B 73 -8.00 -13.70 12.86
CA TRP B 73 -8.77 -14.88 13.23
C TRP B 73 -10.12 -14.51 13.86
N LYS B 74 -10.08 -13.73 14.94
CA LYS B 74 -11.30 -13.27 15.62
C LYS B 74 -12.22 -12.50 14.67
N SER B 75 -11.63 -11.98 13.60
CA SER B 75 -12.35 -11.26 12.58
C SER B 75 -12.70 -12.19 11.43
N SER B 76 -12.79 -13.49 11.74
CA SER B 76 -13.04 -14.56 10.78
C SER B 76 -12.51 -14.33 9.35
N THR B 77 -11.31 -13.79 9.22
CA THR B 77 -10.74 -13.56 7.90
C THR B 77 -9.79 -14.70 7.50
N ILE B 78 -9.55 -15.59 8.44
CA ILE B 78 -8.67 -16.73 8.21
C ILE B 78 -9.36 -18.02 8.62
N THR B 79 -9.58 -18.89 7.64
CA THR B 79 -10.20 -20.17 7.88
C THR B 79 -9.11 -21.21 8.13
N ILE B 80 -9.35 -22.12 9.08
CA ILE B 80 -8.38 -23.17 9.41
C ILE B 80 -7.84 -23.90 8.17
N ASP B 81 -8.65 -24.04 7.14
CA ASP B 81 -8.24 -24.72 5.90
C ASP B 81 -7.08 -23.97 5.25
N GLN B 82 -7.04 -22.66 5.46
CA GLN B 82 -6.01 -21.80 4.90
C GLN B 82 -4.71 -21.90 5.71
N MET B 83 -4.82 -21.66 7.01
CA MET B 83 -3.65 -21.70 7.90
C MET B 83 -3.02 -23.08 7.93
N LYS B 84 -3.85 -24.12 7.81
CA LYS B 84 -3.35 -25.49 7.82
C LYS B 84 -2.45 -25.75 6.62
N ARG B 85 -2.95 -25.40 5.43
CA ARG B 85 -2.18 -25.57 4.21
C ARG B 85 -0.91 -24.74 4.23
N GLY B 86 -0.95 -23.61 4.95
CA GLY B 86 0.23 -22.77 5.05
C GLY B 86 1.26 -23.40 5.95
N TYR B 87 0.80 -23.98 7.06
CA TYR B 87 1.67 -24.64 8.01
C TYR B 87 2.30 -25.87 7.37
N GLU B 88 1.49 -26.62 6.64
CA GLU B 88 1.96 -27.82 5.96
C GLU B 88 3.05 -27.47 4.95
N ARG B 89 2.95 -26.27 4.39
CA ARG B 89 3.94 -25.79 3.43
C ARG B 89 5.27 -25.51 4.12
N ILE B 90 5.20 -24.89 5.30
CA ILE B 90 6.41 -24.57 6.07
C ILE B 90 7.16 -25.85 6.43
N TYR B 91 6.40 -26.92 6.62
CA TYR B 91 6.99 -28.22 6.96
C TYR B 91 7.84 -28.73 5.81
N ASN B 92 7.54 -28.26 4.61
CA ASN B 92 8.27 -28.65 3.41
C ASN B 92 9.43 -27.68 3.13
N GLU B 93 9.24 -26.42 3.52
CA GLU B 93 10.26 -25.38 3.30
C GLU B 93 11.40 -25.47 4.32
N ILE B 94 11.10 -26.01 5.50
CA ILE B 94 12.10 -26.14 6.57
C ILE B 94 13.42 -26.79 6.10
N PRO B 95 13.38 -27.97 5.46
CA PRO B 95 14.59 -28.65 4.97
C PRO B 95 15.43 -27.76 4.05
N ASP B 96 14.76 -26.90 3.29
CA ASP B 96 15.45 -25.99 2.37
C ASP B 96 16.06 -24.81 3.10
N ILE B 97 15.28 -24.20 3.99
CA ILE B 97 15.74 -23.04 4.75
C ILE B 97 16.91 -23.43 5.67
N ASN B 98 16.75 -24.53 6.37
CA ASN B 98 17.79 -24.99 7.29
C ASN B 98 18.93 -25.67 6.54
N LEU B 99 18.58 -26.69 5.76
CA LEU B 99 19.55 -27.45 4.99
C LEU B 99 20.56 -28.10 5.94
N ASP B 100 20.05 -29.01 6.76
CA ASP B 100 20.84 -29.74 7.76
C ASP B 100 21.09 -28.86 8.99
N VAL B 101 21.21 -29.50 10.15
CA VAL B 101 21.42 -28.79 11.41
C VAL B 101 20.27 -27.83 11.71
N PRO B 102 19.10 -28.37 12.09
CA PRO B 102 17.91 -27.56 12.39
C PRO B 102 18.02 -26.86 13.73
N HIS B 103 18.64 -25.69 13.73
CA HIS B 103 18.82 -24.90 14.94
C HIS B 103 17.61 -24.01 15.16
N SER B 104 16.79 -23.88 14.12
CA SER B 104 15.59 -23.06 14.19
C SER B 104 14.47 -23.77 14.93
N TYR B 105 14.75 -24.95 15.47
CA TYR B 105 13.77 -25.73 16.21
C TYR B 105 13.19 -24.93 17.37
N SER B 106 14.04 -24.09 17.98
CA SER B 106 13.61 -23.27 19.10
C SER B 106 12.51 -22.32 18.67
N VAL B 107 12.63 -21.79 17.46
CA VAL B 107 11.66 -20.87 16.91
C VAL B 107 10.45 -21.64 16.36
N LEU B 108 10.75 -22.71 15.63
CA LEU B 108 9.71 -23.55 15.01
C LEU B 108 8.72 -24.12 16.02
N GLU B 109 9.21 -24.80 17.05
CA GLU B 109 8.34 -25.38 18.06
C GLU B 109 7.55 -24.29 18.77
N ARG B 110 8.29 -23.30 19.28
CA ARG B 110 7.70 -22.16 19.97
C ARG B 110 6.59 -21.49 19.14
N PHE B 111 6.82 -21.34 17.85
CA PHE B 111 5.85 -20.73 16.96
C PHE B 111 4.56 -21.57 16.90
N VAL B 112 4.72 -22.88 16.82
CA VAL B 112 3.58 -23.80 16.74
C VAL B 112 2.86 -23.93 18.08
N GLU B 113 3.61 -24.14 19.16
CA GLU B 113 3.02 -24.30 20.49
C GLU B 113 2.28 -23.05 20.91
N GLU B 114 2.75 -21.90 20.43
CA GLU B 114 2.11 -20.63 20.75
C GLU B 114 0.77 -20.57 20.03
N CYS B 115 0.79 -20.97 18.77
CA CYS B 115 -0.42 -20.97 17.95
C CYS B 115 -1.51 -21.88 18.53
N PHE B 116 -1.17 -23.10 18.92
CA PHE B 116 -2.15 -24.01 19.48
C PHE B 116 -2.78 -23.45 20.74
N GLN B 117 -1.94 -22.92 21.63
CA GLN B 117 -2.41 -22.30 22.88
C GLN B 117 -3.53 -21.28 22.64
N ALA B 118 -3.50 -20.63 21.48
CA ALA B 118 -4.50 -19.62 21.13
C ALA B 118 -5.85 -20.26 20.81
N GLY B 119 -5.84 -21.56 20.59
CA GLY B 119 -7.06 -22.29 20.30
C GLY B 119 -7.57 -22.02 18.90
N ILE B 120 -6.64 -21.83 17.96
CA ILE B 120 -7.00 -21.55 16.58
C ILE B 120 -6.78 -22.76 15.68
N ILE B 121 -5.76 -23.57 15.98
CA ILE B 121 -5.49 -24.77 15.19
C ILE B 121 -5.92 -26.04 15.90
N SER B 122 -5.75 -27.17 15.24
CA SER B 122 -6.15 -28.46 15.78
C SER B 122 -4.92 -29.30 16.13
N LYS B 123 -5.15 -30.36 16.91
CA LYS B 123 -4.09 -31.26 17.33
C LYS B 123 -3.48 -31.96 16.12
N GLN B 124 -4.29 -32.17 15.09
CA GLN B 124 -3.82 -32.82 13.86
C GLN B 124 -2.63 -32.08 13.27
N LEU B 125 -2.64 -30.76 13.40
CA LEU B 125 -1.57 -29.94 12.89
C LEU B 125 -0.32 -30.10 13.75
N ARG B 126 -0.51 -30.03 15.06
CA ARG B 126 0.59 -30.20 16.01
C ARG B 126 1.25 -31.57 15.81
N ASP B 127 0.44 -32.54 15.41
CA ASP B 127 0.94 -33.89 15.14
C ASP B 127 1.79 -33.91 13.87
N LEU B 128 1.53 -32.97 12.98
CA LEU B 128 2.26 -32.87 11.73
C LEU B 128 3.62 -32.23 11.92
N CYS B 129 3.69 -31.23 12.79
CA CYS B 129 4.95 -30.55 13.06
C CYS B 129 5.92 -31.46 13.79
N PRO B 130 7.18 -31.53 13.34
CA PRO B 130 8.21 -32.37 13.94
C PRO B 130 8.47 -32.00 15.41
N SER B 131 7.77 -32.67 16.30
CA SER B 131 7.91 -32.43 17.73
C SER B 131 8.86 -33.47 18.33
N GLY A 1 1.34 31.24 -2.16
CA GLY A 1 0.70 31.29 -0.82
C GLY A 1 -0.77 30.93 -0.90
N LEU A 2 -1.63 31.92 -0.66
CA LEU A 2 -3.07 31.71 -0.73
C LEU A 2 -3.57 32.04 -2.13
N PRO A 3 -4.45 31.20 -2.68
CA PRO A 3 -5.00 31.41 -4.03
C PRO A 3 -6.02 32.56 -4.08
N LEU A 4 -6.22 33.09 -5.28
CA LEU A 4 -7.16 34.16 -5.48
C LEU A 4 -8.50 33.62 -6.00
N ASP A 5 -9.48 33.58 -5.11
CA ASP A 5 -10.85 33.08 -5.43
C ASP A 5 -10.88 31.57 -5.64
N GLU A 6 -11.11 30.85 -4.56
CA GLU A 6 -11.16 29.39 -4.58
C GLU A 6 -12.46 28.87 -5.19
N ARG A 7 -13.52 29.68 -5.05
CA ARG A 7 -14.85 29.31 -5.54
C ARG A 7 -14.88 29.27 -7.05
N ALA A 8 -14.30 30.29 -7.67
CA ALA A 8 -14.20 30.40 -9.10
C ALA A 8 -13.27 29.30 -9.63
N PHE A 9 -12.44 28.80 -8.73
CA PHE A 9 -11.45 27.80 -9.09
C PHE A 9 -11.99 26.38 -9.09
N GLU A 10 -12.66 25.96 -8.02
CA GLU A 10 -13.16 24.58 -7.94
C GLU A 10 -14.32 24.30 -8.88
N LYS A 11 -15.29 25.20 -8.87
CA LYS A 11 -16.47 25.09 -9.70
C LYS A 11 -16.10 24.93 -11.17
N THR A 12 -15.15 25.74 -11.60
CA THR A 12 -14.69 25.71 -12.98
C THR A 12 -13.79 24.50 -13.27
N LEU A 13 -13.22 23.90 -12.23
CA LEU A 13 -12.30 22.78 -12.40
C LEU A 13 -13.01 21.43 -12.37
N THR A 14 -14.20 21.38 -11.77
CA THR A 14 -14.97 20.14 -11.66
C THR A 14 -15.21 19.46 -13.02
N PRO A 15 -15.89 20.13 -13.97
CA PRO A 15 -16.16 19.53 -15.29
C PRO A 15 -14.87 19.24 -16.07
N ILE A 16 -13.82 19.97 -15.73
CA ILE A 16 -12.52 19.80 -16.36
C ILE A 16 -11.89 18.48 -15.92
N ILE A 17 -11.87 18.25 -14.61
CA ILE A 17 -11.31 17.02 -14.06
C ILE A 17 -12.12 15.83 -14.51
N GLN A 18 -13.45 15.95 -14.46
CA GLN A 18 -14.35 14.88 -14.89
C GLN A 18 -14.03 14.39 -16.29
N GLU A 19 -13.65 15.32 -17.16
CA GLU A 19 -13.33 15.00 -18.56
C GLU A 19 -12.16 14.01 -18.65
N TYR A 20 -11.17 14.22 -17.80
CA TYR A 20 -9.99 13.36 -17.78
C TYR A 20 -10.34 11.95 -17.35
N PHE A 21 -11.25 11.83 -16.41
CA PHE A 21 -11.66 10.53 -15.90
C PHE A 21 -12.50 9.74 -16.92
N GLU A 22 -13.07 10.45 -17.90
CA GLU A 22 -13.89 9.82 -18.92
C GLU A 22 -13.11 9.09 -19.98
N HIS A 23 -12.20 9.78 -20.64
CA HIS A 23 -11.42 9.17 -21.70
C HIS A 23 -9.94 9.00 -21.35
N GLY A 24 -9.41 9.90 -20.52
CA GLY A 24 -8.02 9.78 -20.15
C GLY A 24 -7.12 10.52 -21.13
N ASP A 25 -7.33 11.82 -21.24
CA ASP A 25 -6.55 12.64 -22.16
C ASP A 25 -5.69 13.63 -21.41
N THR A 26 -4.41 13.33 -21.31
CA THR A 26 -3.47 14.19 -20.62
C THR A 26 -3.13 15.44 -21.43
N ASN A 27 -3.29 15.36 -22.76
CA ASN A 27 -2.98 16.48 -23.65
C ASN A 27 -3.99 17.61 -23.47
N GLU A 28 -5.27 17.24 -23.46
CA GLU A 28 -6.35 18.20 -23.30
C GLU A 28 -6.16 19.06 -22.05
N VAL A 29 -5.92 18.40 -20.92
CA VAL A 29 -5.70 19.10 -19.66
C VAL A 29 -4.53 20.09 -19.76
N ALA A 30 -3.47 19.68 -20.46
CA ALA A 30 -2.30 20.53 -20.62
C ALA A 30 -2.65 21.77 -21.45
N GLU A 31 -3.42 21.56 -22.51
CA GLU A 31 -3.86 22.63 -23.38
C GLU A 31 -4.67 23.67 -22.60
N MET A 32 -5.50 23.19 -21.69
CA MET A 32 -6.34 24.06 -20.89
C MET A 32 -5.54 24.78 -19.81
N LEU A 33 -4.60 24.09 -19.19
CA LEU A 33 -3.77 24.66 -18.14
C LEU A 33 -2.97 25.86 -18.63
N ARG A 34 -2.50 25.77 -19.87
CA ARG A 34 -1.71 26.84 -20.47
C ARG A 34 -2.59 28.07 -20.69
N ASP A 35 -3.83 27.83 -21.06
CA ASP A 35 -4.76 28.92 -21.31
C ASP A 35 -5.16 29.56 -19.98
N LEU A 36 -5.47 28.71 -19.00
CA LEU A 36 -5.86 29.16 -17.66
C LEU A 36 -4.84 30.10 -17.02
N ASN A 37 -3.56 29.96 -17.38
CA ASN A 37 -2.49 30.81 -16.84
C ASN A 37 -2.52 30.96 -15.33
N LEU A 38 -2.09 29.92 -14.63
CA LEU A 38 -2.06 29.95 -13.18
C LEU A 38 -0.62 30.03 -12.68
N GLY A 39 -0.42 30.68 -11.54
CA GLY A 39 0.92 30.82 -10.98
C GLY A 39 1.20 29.76 -9.92
N GLU A 40 0.74 30.01 -8.69
CA GLU A 40 0.95 29.07 -7.61
C GLU A 40 -0.25 28.14 -7.49
N MET A 41 -1.40 28.60 -7.98
CA MET A 41 -2.61 27.79 -7.95
C MET A 41 -2.57 26.70 -9.02
N LYS A 42 -1.46 26.68 -9.75
CA LYS A 42 -1.24 25.69 -10.81
C LYS A 42 -1.20 24.29 -10.20
N SER A 43 -0.72 24.21 -8.96
CA SER A 43 -0.63 22.96 -8.23
C SER A 43 -2.00 22.54 -7.72
N GLY A 44 -2.95 23.46 -7.82
CA GLY A 44 -4.31 23.20 -7.39
C GLY A 44 -4.95 22.08 -8.18
N VAL A 45 -4.81 22.14 -9.50
CA VAL A 45 -5.36 21.12 -10.40
C VAL A 45 -4.97 19.69 -9.99
N PRO A 46 -3.66 19.35 -9.94
CA PRO A 46 -3.21 18.01 -9.54
C PRO A 46 -3.79 17.60 -8.18
N VAL A 47 -3.92 18.57 -7.27
CA VAL A 47 -4.46 18.30 -5.94
C VAL A 47 -5.92 17.81 -6.04
N LEU A 48 -6.72 18.56 -6.80
CA LEU A 48 -8.12 18.20 -6.98
C LEU A 48 -8.26 16.86 -7.70
N ALA A 49 -7.56 16.74 -8.81
CA ALA A 49 -7.56 15.50 -9.60
C ALA A 49 -7.29 14.27 -8.73
N VAL A 50 -6.40 14.43 -7.75
CA VAL A 50 -6.06 13.32 -6.87
C VAL A 50 -7.18 13.11 -5.83
N SER A 51 -7.70 14.22 -5.30
CA SER A 51 -8.76 14.17 -4.30
C SER A 51 -10.01 13.45 -4.82
N LEU A 52 -10.47 13.87 -6.00
CA LEU A 52 -11.66 13.27 -6.61
C LEU A 52 -11.40 11.82 -6.99
N ALA A 53 -10.12 11.46 -7.14
CA ALA A 53 -9.75 10.10 -7.49
C ALA A 53 -9.89 9.20 -6.28
N LEU A 54 -9.68 9.77 -5.10
CA LEU A 54 -9.79 9.03 -3.85
C LEU A 54 -11.24 8.64 -3.57
N GLU A 55 -12.17 9.52 -3.93
CA GLU A 55 -13.59 9.27 -3.70
C GLU A 55 -14.06 8.09 -4.56
N GLY A 56 -13.60 8.05 -5.79
CA GLY A 56 -13.96 6.97 -6.70
C GLY A 56 -13.28 5.66 -6.38
N LYS A 57 -13.44 4.71 -7.29
CA LYS A 57 -12.84 3.39 -7.12
C LYS A 57 -11.34 3.44 -7.33
N ALA A 58 -10.67 2.35 -6.97
CA ALA A 58 -9.22 2.23 -7.11
C ALA A 58 -8.78 2.42 -8.56
N SER A 59 -9.69 2.11 -9.49
CA SER A 59 -9.41 2.26 -10.90
C SER A 59 -9.00 3.70 -11.22
N HIS A 60 -9.55 4.63 -10.46
CA HIS A 60 -9.24 6.03 -10.68
C HIS A 60 -7.94 6.45 -10.01
N ARG A 61 -7.55 5.72 -8.97
CA ARG A 61 -6.36 6.04 -8.20
C ARG A 61 -5.07 5.58 -8.88
N GLU A 62 -5.16 4.51 -9.69
CA GLU A 62 -3.98 3.95 -10.34
C GLU A 62 -3.64 4.72 -11.63
N MET A 63 -4.68 5.01 -12.41
CA MET A 63 -4.53 5.69 -13.70
C MET A 63 -4.23 7.18 -13.60
N THR A 64 -4.39 7.74 -12.42
CA THR A 64 -4.15 9.15 -12.21
C THR A 64 -2.66 9.45 -12.24
N SER A 65 -1.84 8.42 -11.96
CA SER A 65 -0.39 8.55 -11.93
C SER A 65 0.20 9.15 -13.21
N LYS A 66 -0.48 8.95 -14.33
CA LYS A 66 -0.01 9.46 -15.61
C LYS A 66 -0.11 10.98 -15.67
N LEU A 67 -1.35 11.45 -15.54
CA LEU A 67 -1.63 12.90 -15.50
C LEU A 67 -0.61 13.69 -14.67
N LEU A 68 -0.24 13.21 -13.48
CA LEU A 68 0.74 13.91 -12.66
C LEU A 68 2.08 14.10 -13.40
N SER A 69 2.67 12.99 -13.83
CA SER A 69 3.95 13.03 -14.55
C SER A 69 3.79 13.71 -15.92
N ASP A 70 2.73 13.32 -16.63
CA ASP A 70 2.44 13.89 -17.96
C ASP A 70 2.42 15.41 -17.94
N LEU A 71 1.82 15.99 -16.89
CA LEU A 71 1.76 17.44 -16.76
C LEU A 71 3.10 17.99 -16.28
N CYS A 72 3.87 17.14 -15.61
CA CYS A 72 5.17 17.54 -15.07
C CYS A 72 6.19 17.79 -16.19
N GLY A 73 6.77 18.97 -16.16
CA GLY A 73 7.75 19.35 -17.14
C GLY A 73 7.11 20.05 -18.32
N THR A 74 5.94 19.55 -18.71
CA THR A 74 5.19 20.11 -19.82
C THR A 74 4.59 21.47 -19.44
N VAL A 75 3.71 21.47 -18.44
CA VAL A 75 3.07 22.71 -18.01
C VAL A 75 3.29 22.95 -16.51
N MET A 76 3.61 21.89 -15.79
CA MET A 76 3.83 21.98 -14.36
C MET A 76 5.24 21.54 -14.01
N SER A 77 6.08 22.48 -13.61
CA SER A 77 7.45 22.18 -13.26
C SER A 77 7.52 21.33 -12.00
N THR A 78 8.44 20.37 -11.98
CA THR A 78 8.66 19.50 -10.82
C THR A 78 8.50 20.20 -9.46
N THR A 79 8.98 21.44 -9.37
CA THR A 79 8.87 22.22 -8.14
C THR A 79 7.41 22.47 -7.77
N ASP A 80 6.55 22.60 -8.78
CA ASP A 80 5.13 22.84 -8.56
C ASP A 80 4.44 21.54 -8.20
N VAL A 81 5.02 20.42 -8.64
CA VAL A 81 4.47 19.10 -8.33
C VAL A 81 4.63 18.84 -6.84
N GLU A 82 5.84 19.03 -6.35
CA GLU A 82 6.15 18.87 -4.93
C GLU A 82 5.34 19.88 -4.13
N LYS A 83 5.02 20.99 -4.78
CA LYS A 83 4.25 22.06 -4.17
C LYS A 83 2.87 21.54 -3.77
N SER A 84 2.13 20.97 -4.72
CA SER A 84 0.81 20.41 -4.44
C SER A 84 0.80 19.47 -3.24
N PHE A 85 1.71 18.50 -3.23
CA PHE A 85 1.82 17.55 -2.12
C PHE A 85 1.85 18.22 -0.74
N ASP A 86 2.43 19.41 -0.67
CA ASP A 86 2.51 20.14 0.60
C ASP A 86 1.11 20.52 1.07
N LYS A 87 0.29 21.01 0.13
CA LYS A 87 -1.10 21.39 0.43
C LYS A 87 -2.00 20.15 0.51
N LEU A 88 -1.70 19.14 -0.30
CA LEU A 88 -2.47 17.89 -0.32
C LEU A 88 -2.43 17.20 1.05
N LEU A 89 -1.38 17.50 1.79
CA LEU A 89 -1.17 16.88 3.06
C LEU A 89 -1.89 17.64 4.18
N LYS A 90 -2.00 18.97 4.03
CA LYS A 90 -2.63 19.83 5.02
C LYS A 90 -4.09 19.51 5.30
N ASP A 91 -4.96 19.65 4.30
CA ASP A 91 -6.39 19.37 4.45
C ASP A 91 -6.73 17.87 4.45
N LEU A 92 -5.73 17.01 4.63
CA LEU A 92 -5.94 15.57 4.57
C LEU A 92 -7.01 15.12 5.58
N PRO A 93 -6.99 15.63 6.86
CA PRO A 93 -7.99 15.27 7.87
C PRO A 93 -9.43 15.29 7.36
N GLU A 94 -9.86 16.39 6.73
CA GLU A 94 -11.22 16.48 6.18
C GLU A 94 -11.52 15.31 5.23
N LEU A 95 -10.67 15.17 4.22
CA LEU A 95 -10.79 14.05 3.29
C LEU A 95 -10.91 12.71 4.02
N ALA A 96 -10.11 12.56 5.08
CA ALA A 96 -10.10 11.34 5.89
C ALA A 96 -11.42 11.11 6.61
N LEU A 97 -12.16 12.18 6.87
CA LEU A 97 -13.45 12.09 7.55
C LEU A 97 -14.47 11.36 6.69
N ASP A 98 -14.64 11.81 5.44
CA ASP A 98 -15.59 11.20 4.50
C ASP A 98 -15.09 9.86 3.99
N THR A 99 -13.79 9.68 4.00
CA THR A 99 -13.18 8.45 3.56
C THR A 99 -12.04 8.08 4.52
N PRO A 100 -12.29 7.12 5.42
CA PRO A 100 -11.29 6.68 6.41
C PRO A 100 -10.03 6.16 5.73
N ARG A 101 -10.20 5.66 4.51
CA ARG A 101 -9.11 5.12 3.74
C ARG A 101 -8.38 6.22 2.94
N ALA A 102 -8.56 7.48 3.35
CA ALA A 102 -7.96 8.58 2.62
C ALA A 102 -6.47 8.75 2.91
N PRO A 103 -6.06 8.94 4.20
CA PRO A 103 -4.64 9.13 4.55
C PRO A 103 -3.81 7.87 4.26
N GLN A 104 -4.53 6.80 3.95
CA GLN A 104 -3.91 5.54 3.66
C GLN A 104 -3.55 5.45 2.17
N LEU A 105 -4.46 5.96 1.32
CA LEU A 105 -4.27 5.96 -0.12
C LEU A 105 -3.33 7.05 -0.57
N VAL A 106 -3.22 8.09 0.21
CA VAL A 106 -2.38 9.19 -0.15
C VAL A 106 -0.89 8.78 -0.05
N GLY A 107 -0.62 7.58 0.51
CA GLY A 107 0.74 7.26 0.73
C GLY A 107 1.36 6.82 -0.56
N GLN A 108 0.61 6.02 -1.37
CA GLN A 108 1.12 5.52 -2.67
C GLN A 108 1.33 6.66 -3.66
N PHE A 109 0.52 7.68 -3.55
CA PHE A 109 0.61 8.84 -4.41
C PHE A 109 1.95 9.54 -4.19
N ILE A 110 2.46 9.47 -3.00
CA ILE A 110 3.72 10.12 -2.68
C ILE A 110 4.87 9.13 -3.00
N ALA A 111 4.53 7.83 -3.04
CA ALA A 111 5.52 6.79 -3.20
C ALA A 111 5.84 6.62 -4.67
N ARG A 112 4.79 6.41 -5.46
CA ARG A 112 4.87 6.22 -6.92
C ARG A 112 5.48 7.45 -7.61
N ALA A 113 5.38 8.60 -6.95
CA ALA A 113 5.86 9.84 -7.50
C ALA A 113 7.38 9.83 -7.60
N VAL A 114 8.04 9.26 -6.59
CA VAL A 114 9.50 9.19 -6.58
C VAL A 114 9.96 8.26 -7.70
N GLY A 115 9.47 7.03 -7.66
CA GLY A 115 9.77 6.06 -8.69
C GLY A 115 9.49 6.53 -10.11
N ASP A 116 8.62 7.52 -10.28
CA ASP A 116 8.32 8.03 -11.60
C ASP A 116 9.29 9.13 -12.01
N GLY A 117 9.80 9.86 -11.02
CA GLY A 117 10.73 10.94 -11.30
C GLY A 117 10.10 12.32 -11.25
N ILE A 118 9.03 12.47 -10.48
CA ILE A 118 8.38 13.77 -10.35
C ILE A 118 8.44 14.30 -8.93
N LEU A 119 9.00 13.50 -8.03
CA LEU A 119 9.12 13.87 -6.63
C LEU A 119 10.43 13.34 -6.06
N CYS A 120 11.08 14.14 -5.22
CA CYS A 120 12.34 13.74 -4.60
C CYS A 120 12.08 12.74 -3.48
N ASN A 121 13.03 11.82 -3.27
CA ASN A 121 12.89 10.80 -2.24
C ASN A 121 13.13 11.36 -0.85
N THR A 122 13.88 12.46 -0.78
CA THR A 122 14.20 13.10 0.47
C THR A 122 12.97 13.80 1.04
N TYR A 123 12.04 14.15 0.15
CA TYR A 123 10.78 14.80 0.52
C TYR A 123 10.14 14.14 1.74
N ILE A 124 10.14 12.81 1.78
CA ILE A 124 9.55 12.07 2.90
C ILE A 124 10.40 12.24 4.17
N ASP A 125 11.72 12.19 4.00
CA ASP A 125 12.64 12.31 5.13
C ASP A 125 12.60 13.71 5.74
N SER A 126 12.43 14.70 4.89
CA SER A 126 12.33 16.09 5.32
C SER A 126 11.11 16.31 6.24
N TYR A 127 10.10 15.48 6.08
CA TYR A 127 8.90 15.59 6.88
C TYR A 127 8.85 14.40 7.87
N LYS A 128 10.01 13.80 8.09
CA LYS A 128 10.19 12.63 8.97
C LYS A 128 10.26 12.83 10.48
N GLY A 129 9.29 13.56 11.03
CA GLY A 129 9.26 13.80 12.45
C GLY A 129 8.86 15.22 12.68
N THR A 130 9.11 16.01 11.67
CA THR A 130 8.79 17.42 11.68
C THR A 130 7.27 17.62 11.66
N VAL A 131 6.58 16.73 10.94
CA VAL A 131 5.12 16.79 10.84
C VAL A 131 4.45 16.57 12.20
N ASP A 132 3.45 17.39 12.48
CA ASP A 132 2.73 17.31 13.74
C ASP A 132 1.41 16.55 13.57
N CYS A 133 0.74 16.76 12.45
CA CYS A 133 -0.54 16.10 12.18
C CYS A 133 -0.35 14.64 11.78
N VAL A 134 -0.72 13.74 12.70
CA VAL A 134 -0.66 12.28 12.44
C VAL A 134 -1.27 11.90 11.09
N GLN A 135 -2.28 12.65 10.66
CA GLN A 135 -2.94 12.42 9.38
C GLN A 135 -1.91 12.34 8.26
N ALA A 136 -1.00 13.31 8.24
CA ALA A 136 0.05 13.36 7.22
C ALA A 136 1.04 12.21 7.44
N ARG A 137 1.44 12.01 8.69
CA ARG A 137 2.35 10.91 9.06
C ARG A 137 1.85 9.56 8.54
N ALA A 138 0.55 9.35 8.60
CA ALA A 138 -0.05 8.10 8.14
C ALA A 138 0.21 7.92 6.65
N ALA A 139 0.11 9.00 5.90
CA ALA A 139 0.34 8.96 4.46
C ALA A 139 1.83 8.85 4.13
N LEU A 140 2.67 9.53 4.91
CA LEU A 140 4.11 9.53 4.66
C LEU A 140 4.73 8.15 4.90
N ASP A 141 4.56 7.63 6.12
CA ASP A 141 5.08 6.29 6.45
C ASP A 141 4.59 5.23 5.46
N LYS A 142 3.35 5.37 5.01
CA LYS A 142 2.77 4.44 4.06
C LYS A 142 3.61 4.38 2.77
N ALA A 143 4.14 5.54 2.37
CA ALA A 143 4.94 5.61 1.16
C ALA A 143 6.25 4.86 1.31
N THR A 144 6.96 5.12 2.40
CA THR A 144 8.23 4.45 2.67
C THR A 144 8.06 2.92 2.76
N VAL A 145 6.97 2.47 3.36
CA VAL A 145 6.72 1.05 3.49
C VAL A 145 6.51 0.41 2.12
N LEU A 146 5.69 1.06 1.29
CA LEU A 146 5.41 0.57 -0.05
C LEU A 146 6.67 0.54 -0.91
N LEU A 147 7.46 1.61 -0.84
CA LEU A 147 8.70 1.72 -1.61
C LEU A 147 9.71 0.64 -1.21
N SER A 148 9.63 0.21 0.03
CA SER A 148 10.50 -0.82 0.55
C SER A 148 10.15 -2.14 -0.13
N MET A 149 8.89 -2.28 -0.52
CA MET A 149 8.41 -3.46 -1.18
C MET A 149 8.40 -3.37 -2.72
N SER A 150 8.66 -2.18 -3.27
CA SER A 150 8.63 -1.96 -4.73
C SER A 150 9.76 -2.65 -5.49
N LYS A 151 10.54 -3.47 -4.82
CA LYS A 151 11.64 -4.17 -5.46
C LYS A 151 11.26 -5.62 -5.76
N GLY A 152 10.96 -6.36 -4.70
CA GLY A 152 10.57 -7.75 -4.84
C GLY A 152 9.15 -7.90 -5.34
N GLY A 153 8.25 -7.09 -4.78
CA GLY A 153 6.85 -7.14 -5.18
C GLY A 153 6.63 -6.45 -6.51
N LYS A 154 7.28 -6.97 -7.52
CA LYS A 154 7.20 -6.42 -8.86
C LYS A 154 7.56 -7.50 -9.89
N ARG A 155 8.55 -8.31 -9.56
CA ARG A 155 9.00 -9.37 -10.44
C ARG A 155 8.18 -10.65 -10.23
N LYS A 156 6.89 -10.49 -9.99
CA LYS A 156 6.01 -11.63 -9.77
C LYS A 156 4.80 -11.56 -10.71
N ASP A 157 4.89 -10.66 -11.67
CA ASP A 157 3.82 -10.46 -12.64
C ASP A 157 3.87 -11.57 -13.69
N SER A 158 2.73 -11.82 -14.32
CA SER A 158 2.65 -12.87 -15.34
C SER A 158 1.68 -12.44 -16.45
N VAL A 159 1.28 -13.40 -17.28
CA VAL A 159 0.36 -13.11 -18.39
C VAL A 159 -1.08 -12.92 -17.88
N TRP A 160 -1.34 -11.77 -17.32
CA TRP A 160 -2.67 -11.44 -16.82
C TRP A 160 -3.40 -10.57 -17.83
N GLY A 161 -4.50 -9.96 -17.42
CA GLY A 161 -5.24 -9.10 -18.32
C GLY A 161 -6.43 -9.79 -18.97
N SER A 162 -6.45 -11.11 -18.88
CA SER A 162 -7.54 -11.88 -19.46
C SER A 162 -8.73 -11.93 -18.50
N GLY A 163 -9.75 -11.15 -18.81
CA GLY A 163 -10.93 -11.12 -17.98
C GLY A 163 -11.94 -12.16 -18.40
N GLY B 1 -14.79 -12.77 -17.75
CA GLY B 1 -15.21 -11.75 -16.76
C GLY B 1 -15.52 -10.43 -17.41
N GLY B 2 -16.13 -9.52 -16.66
CA GLY B 2 -16.46 -8.21 -17.19
C GLY B 2 -15.30 -7.25 -17.04
N GLN B 3 -14.51 -7.46 -16.00
CA GLN B 3 -13.35 -6.62 -15.74
C GLN B 3 -12.08 -7.43 -15.91
N GLN B 4 -11.13 -6.86 -16.63
CA GLN B 4 -9.87 -7.53 -16.89
C GLN B 4 -8.87 -7.31 -15.75
N PRO B 5 -8.48 -8.40 -15.08
CA PRO B 5 -7.53 -8.35 -13.96
C PRO B 5 -6.12 -8.03 -14.43
N VAL B 6 -5.68 -6.80 -14.18
CA VAL B 6 -4.35 -6.35 -14.59
C VAL B 6 -3.24 -7.01 -13.77
N ASN B 7 -3.44 -7.09 -12.45
CA ASN B 7 -2.44 -7.70 -11.59
C ASN B 7 -3.08 -8.21 -10.31
N HIS B 8 -2.80 -9.45 -9.99
CA HIS B 8 -3.33 -10.08 -8.80
C HIS B 8 -2.26 -10.93 -8.13
N LEU B 9 -2.32 -10.97 -6.79
CA LEU B 9 -1.38 -11.72 -5.95
C LEU B 9 -0.22 -10.82 -5.54
N VAL B 10 0.28 -10.09 -6.51
CA VAL B 10 1.36 -9.13 -6.27
C VAL B 10 0.71 -7.83 -5.80
N LYS B 11 1.52 -6.91 -5.26
CA LYS B 11 1.01 -5.63 -4.76
C LYS B 11 0.20 -5.79 -3.47
N GLU B 12 -0.89 -6.53 -3.54
CA GLU B 12 -1.76 -6.75 -2.40
C GLU B 12 -1.14 -7.73 -1.39
N ILE B 13 -1.25 -9.02 -1.69
CA ILE B 13 -0.75 -10.09 -0.82
C ILE B 13 0.74 -9.94 -0.48
N ASP B 14 1.55 -9.71 -1.51
CA ASP B 14 2.99 -9.58 -1.34
C ASP B 14 3.36 -8.44 -0.40
N MET B 15 2.65 -7.33 -0.50
CA MET B 15 2.93 -6.18 0.33
C MET B 15 2.32 -6.29 1.73
N LEU B 16 1.17 -6.94 1.82
CA LEU B 16 0.44 -7.09 3.09
C LEU B 16 1.29 -7.67 4.22
N LEU B 17 2.19 -8.58 3.89
CA LEU B 17 3.04 -9.20 4.87
C LEU B 17 3.99 -8.20 5.50
N LYS B 18 4.75 -7.53 4.67
CA LYS B 18 5.71 -6.55 5.12
C LYS B 18 5.08 -5.24 5.59
N GLU B 19 3.90 -4.91 5.05
CA GLU B 19 3.19 -3.69 5.42
C GLU B 19 3.13 -3.51 6.93
N TYR B 20 2.55 -4.48 7.63
CA TYR B 20 2.47 -4.39 9.08
C TYR B 20 3.84 -4.41 9.74
N LEU B 21 4.75 -5.20 9.19
CA LEU B 21 6.11 -5.33 9.73
C LEU B 21 6.83 -3.99 9.72
N LEU B 22 6.59 -3.18 8.69
CA LEU B 22 7.24 -1.89 8.57
C LEU B 22 6.40 -0.74 9.13
N SER B 23 5.08 -0.87 9.04
CA SER B 23 4.19 0.17 9.55
C SER B 23 3.98 0.06 11.06
N GLY B 24 3.11 -0.85 11.50
CA GLY B 24 2.87 -1.02 12.91
C GLY B 24 1.38 -0.96 13.19
N ASP B 25 0.58 -0.89 12.13
CA ASP B 25 -0.89 -0.81 12.26
C ASP B 25 -1.57 -2.04 11.70
N ILE B 26 -2.39 -2.70 12.50
CA ILE B 26 -3.10 -3.90 12.09
C ILE B 26 -4.32 -3.57 11.21
N SER B 27 -4.90 -2.38 11.41
CA SER B 27 -6.12 -1.97 10.71
C SER B 27 -5.98 -1.99 9.20
N GLU B 28 -4.91 -1.40 8.70
CA GLU B 28 -4.67 -1.38 7.27
C GLU B 28 -4.48 -2.78 6.71
N ALA B 29 -3.81 -3.62 7.49
CA ALA B 29 -3.57 -4.99 7.10
C ALA B 29 -4.88 -5.72 6.91
N GLU B 30 -5.80 -5.51 7.86
CA GLU B 30 -7.12 -6.12 7.79
C GLU B 30 -7.93 -5.53 6.65
N HIS B 31 -7.62 -4.29 6.27
CA HIS B 31 -8.34 -3.62 5.19
C HIS B 31 -7.92 -4.12 3.82
N CYS B 32 -6.62 -4.08 3.52
CA CYS B 32 -6.12 -4.55 2.23
C CYS B 32 -6.54 -5.99 1.97
N LEU B 33 -6.64 -6.78 3.04
CA LEU B 33 -7.05 -8.17 2.93
C LEU B 33 -8.50 -8.30 2.48
N LYS B 34 -9.33 -7.36 2.91
CA LYS B 34 -10.74 -7.37 2.55
C LYS B 34 -10.93 -7.04 1.07
N GLU B 35 -9.97 -6.31 0.50
CA GLU B 35 -9.99 -5.92 -0.89
C GLU B 35 -9.66 -7.05 -1.89
N LEU B 36 -9.46 -8.26 -1.38
CA LEU B 36 -9.13 -9.42 -2.22
C LEU B 36 -10.41 -10.06 -2.77
N GLU B 37 -10.42 -11.36 -3.04
CA GLU B 37 -11.61 -12.01 -3.56
C GLU B 37 -11.79 -13.46 -3.08
N VAL B 38 -10.83 -14.33 -3.39
CA VAL B 38 -10.92 -15.72 -2.97
C VAL B 38 -10.26 -15.94 -1.61
N PRO B 39 -11.06 -16.23 -0.57
CA PRO B 39 -10.57 -16.47 0.79
C PRO B 39 -9.78 -17.77 0.87
N HIS B 40 -9.90 -18.58 -0.17
CA HIS B 40 -9.22 -19.87 -0.25
C HIS B 40 -7.74 -19.70 -0.55
N PHE B 41 -7.37 -18.50 -0.98
CA PHE B 41 -5.97 -18.20 -1.29
C PHE B 41 -5.29 -17.50 -0.12
N HIS B 42 -5.98 -17.46 1.01
CA HIS B 42 -5.43 -16.82 2.20
C HIS B 42 -4.23 -17.59 2.76
N HIS B 43 -4.17 -18.88 2.46
CA HIS B 43 -3.07 -19.74 2.91
C HIS B 43 -1.68 -19.20 2.53
N GLU B 44 -1.62 -18.45 1.43
CA GLU B 44 -0.36 -17.88 0.95
C GLU B 44 0.18 -16.80 1.89
N LEU B 45 -0.73 -16.04 2.50
CA LEU B 45 -0.34 -14.98 3.41
C LEU B 45 0.21 -15.57 4.69
N VAL B 46 -0.35 -16.71 5.10
CA VAL B 46 0.10 -17.38 6.31
C VAL B 46 1.49 -17.99 6.11
N TYR B 47 1.61 -18.81 5.07
CA TYR B 47 2.87 -19.45 4.71
C TYR B 47 4.07 -18.49 4.78
N GLU B 48 4.00 -17.39 4.04
CA GLU B 48 5.08 -16.41 4.00
C GLU B 48 5.25 -15.73 5.36
N ALA B 49 4.14 -15.51 6.07
CA ALA B 49 4.19 -14.88 7.38
C ALA B 49 5.12 -15.65 8.33
N ILE B 50 4.87 -16.96 8.45
CA ILE B 50 5.69 -17.82 9.31
C ILE B 50 7.15 -17.74 8.88
N VAL B 51 7.36 -17.86 7.58
CA VAL B 51 8.70 -17.77 6.98
C VAL B 51 9.40 -16.47 7.40
N MET B 52 8.67 -15.36 7.27
CA MET B 52 9.18 -14.05 7.63
C MET B 52 9.59 -13.97 9.09
N VAL B 53 8.90 -14.72 9.95
CA VAL B 53 9.20 -14.73 11.38
C VAL B 53 10.52 -15.48 11.62
N LEU B 54 10.66 -16.62 10.96
CA LEU B 54 11.85 -17.46 11.10
C LEU B 54 13.09 -16.80 10.52
N GLU B 55 12.92 -15.96 9.51
CA GLU B 55 14.03 -15.27 8.88
C GLU B 55 14.29 -13.90 9.51
N SER B 56 13.65 -13.64 10.63
CA SER B 56 13.81 -12.37 11.32
C SER B 56 14.50 -12.54 12.67
N THR B 57 15.40 -11.63 12.97
CA THR B 57 16.14 -11.66 14.23
C THR B 57 15.59 -10.60 15.18
N GLY B 58 14.86 -11.06 16.19
CA GLY B 58 14.28 -10.15 17.15
C GLY B 58 12.94 -10.63 17.63
N GLU B 59 12.56 -10.25 18.85
CA GLU B 59 11.30 -10.66 19.43
C GLU B 59 10.13 -9.83 18.87
N SER B 60 10.45 -8.66 18.34
CA SER B 60 9.44 -7.78 17.77
C SER B 60 8.70 -8.45 16.63
N ALA B 61 9.43 -9.21 15.81
CA ALA B 61 8.83 -9.89 14.67
C ALA B 61 8.00 -11.08 15.11
N PHE B 62 8.33 -11.62 16.27
CA PHE B 62 7.63 -12.77 16.82
C PHE B 62 6.19 -12.42 17.18
N LYS B 63 6.02 -11.48 18.11
CA LYS B 63 4.71 -11.05 18.58
C LYS B 63 3.88 -10.39 17.49
N MET B 64 4.47 -9.37 16.86
CA MET B 64 3.80 -8.63 15.80
C MET B 64 3.15 -9.52 14.75
N ILE B 65 3.85 -10.53 14.26
CA ILE B 65 3.28 -11.39 13.23
C ILE B 65 2.37 -12.46 13.83
N LEU B 66 2.63 -12.86 15.08
CA LEU B 66 1.82 -13.86 15.74
C LEU B 66 0.43 -13.29 16.04
N ASP B 67 0.41 -12.07 16.54
CA ASP B 67 -0.82 -11.39 16.86
C ASP B 67 -1.56 -11.01 15.58
N LEU B 68 -0.81 -10.99 14.49
CA LEU B 68 -1.36 -10.65 13.19
C LEU B 68 -2.31 -11.78 12.76
N LEU B 69 -1.91 -12.99 13.11
CA LEU B 69 -2.71 -14.18 12.81
C LEU B 69 -4.00 -14.15 13.62
N LYS B 70 -3.86 -13.94 14.93
CA LYS B 70 -5.01 -13.88 15.83
C LYS B 70 -5.98 -12.79 15.38
N SER B 71 -5.44 -11.61 15.12
CA SER B 71 -6.24 -10.48 14.64
C SER B 71 -7.13 -10.87 13.46
N LEU B 72 -6.57 -11.64 12.53
CA LEU B 72 -7.33 -12.08 11.36
C LEU B 72 -8.34 -13.15 11.72
N TRP B 73 -8.01 -13.95 12.74
CA TRP B 73 -8.90 -15.02 13.19
C TRP B 73 -10.16 -14.39 13.82
N LYS B 74 -9.95 -13.41 14.72
CA LYS B 74 -11.06 -12.69 15.36
C LYS B 74 -11.88 -11.96 14.30
N SER B 75 -11.27 -11.75 13.16
CA SER B 75 -11.89 -11.07 12.02
C SER B 75 -12.36 -12.12 11.01
N SER B 76 -12.54 -13.34 11.53
CA SER B 76 -12.94 -14.52 10.76
C SER B 76 -12.52 -14.55 9.29
N THR B 77 -11.30 -14.14 8.98
CA THR B 77 -10.83 -14.16 7.60
C THR B 77 -9.99 -15.40 7.33
N ILE B 78 -9.51 -16.03 8.39
CA ILE B 78 -8.70 -17.23 8.27
C ILE B 78 -9.50 -18.44 8.72
N THR B 79 -9.67 -19.40 7.82
CA THR B 79 -10.42 -20.61 8.14
C THR B 79 -9.50 -21.73 8.60
N ILE B 80 -10.07 -22.91 8.78
CA ILE B 80 -9.33 -24.05 9.23
C ILE B 80 -8.52 -24.60 8.07
N ASP B 81 -9.11 -24.49 6.90
CA ASP B 81 -8.48 -24.96 5.68
C ASP B 81 -7.35 -24.05 5.21
N GLN B 82 -7.29 -22.80 5.72
CA GLN B 82 -6.30 -21.86 5.21
C GLN B 82 -4.94 -22.05 5.89
N MET B 83 -4.88 -21.64 7.17
CA MET B 83 -3.66 -21.75 8.01
C MET B 83 -3.08 -23.16 8.12
N LYS B 84 -3.94 -24.15 7.95
CA LYS B 84 -3.51 -25.53 8.05
C LYS B 84 -2.66 -25.90 6.84
N ARG B 85 -3.09 -25.44 5.67
CA ARG B 85 -2.37 -25.73 4.43
C ARG B 85 -0.98 -25.13 4.44
N GLY B 86 -0.89 -23.84 4.79
CA GLY B 86 0.38 -23.17 4.86
C GLY B 86 1.30 -23.73 5.94
N TYR B 87 0.73 -24.12 7.08
CA TYR B 87 1.52 -24.67 8.18
C TYR B 87 2.16 -25.98 7.76
N GLU B 88 1.43 -26.79 7.00
CA GLU B 88 1.94 -28.06 6.52
C GLU B 88 3.07 -27.84 5.53
N ARG B 89 2.99 -26.71 4.82
CA ARG B 89 4.01 -26.34 3.84
C ARG B 89 5.31 -25.98 4.56
N ILE B 90 5.17 -25.47 5.78
CA ILE B 90 6.32 -25.07 6.59
C ILE B 90 7.09 -26.30 7.06
N TYR B 91 6.43 -27.45 7.08
CA TYR B 91 7.09 -28.68 7.51
C TYR B 91 7.80 -29.31 6.33
N ASN B 92 7.30 -29.00 5.15
CA ASN B 92 7.85 -29.51 3.90
C ASN B 92 9.04 -28.67 3.45
N GLU B 93 8.95 -27.35 3.65
CA GLU B 93 10.02 -26.45 3.23
C GLU B 93 11.03 -26.14 4.35
N ILE B 94 10.76 -26.59 5.56
CA ILE B 94 11.68 -26.36 6.68
C ILE B 94 13.09 -26.94 6.43
N PRO B 95 13.21 -28.19 5.92
CA PRO B 95 14.52 -28.81 5.64
C PRO B 95 15.30 -28.03 4.60
N ASP B 96 14.60 -27.26 3.78
CA ASP B 96 15.23 -26.46 2.75
C ASP B 96 15.90 -25.24 3.36
N ILE B 97 15.20 -24.61 4.28
CA ILE B 97 15.71 -23.43 4.96
C ILE B 97 16.75 -23.84 6.00
N ASN B 98 16.49 -24.94 6.70
CA ASN B 98 17.41 -25.46 7.71
C ASN B 98 18.67 -25.99 7.05
N LEU B 99 18.48 -26.97 6.17
CA LEU B 99 19.57 -27.62 5.45
C LEU B 99 20.52 -28.28 6.44
N ASP B 100 19.97 -29.22 7.21
CA ASP B 100 20.72 -29.97 8.23
C ASP B 100 20.86 -29.18 9.52
N VAL B 101 21.15 -29.88 10.60
CA VAL B 101 21.29 -29.25 11.92
C VAL B 101 20.04 -28.46 12.29
N PRO B 102 18.96 -29.15 12.70
CA PRO B 102 17.68 -28.53 13.06
C PRO B 102 17.79 -27.72 14.35
N HIS B 103 18.32 -26.52 14.24
CA HIS B 103 18.48 -25.65 15.40
C HIS B 103 17.30 -24.70 15.52
N SER B 104 16.58 -24.52 14.42
CA SER B 104 15.43 -23.64 14.41
C SER B 104 14.25 -24.27 15.14
N TYR B 105 14.36 -25.56 15.44
CA TYR B 105 13.29 -26.29 16.13
C TYR B 105 12.94 -25.67 17.47
N SER B 106 13.94 -25.09 18.13
CA SER B 106 13.73 -24.43 19.39
C SER B 106 12.76 -23.27 19.20
N VAL B 107 12.83 -22.66 18.02
CA VAL B 107 11.96 -21.54 17.69
C VAL B 107 10.67 -22.04 17.02
N LEU B 108 10.80 -23.09 16.19
CA LEU B 108 9.69 -23.66 15.41
C LEU B 108 8.60 -24.22 16.29
N GLU B 109 8.95 -25.12 17.21
CA GLU B 109 7.98 -25.71 18.12
C GLU B 109 7.29 -24.63 18.92
N ARG B 110 8.11 -23.80 19.56
CA ARG B 110 7.65 -22.67 20.35
C ARG B 110 6.63 -21.81 19.60
N PHE B 111 6.78 -21.74 18.27
CA PHE B 111 5.88 -20.93 17.45
C PHE B 111 4.56 -21.67 17.21
N VAL B 112 4.62 -22.99 17.05
CA VAL B 112 3.43 -23.78 16.79
C VAL B 112 2.63 -23.94 18.08
N GLU B 113 3.34 -24.25 19.16
CA GLU B 113 2.75 -24.44 20.49
C GLU B 113 2.09 -23.17 21.02
N GLU B 114 2.52 -22.04 20.49
CA GLU B 114 2.02 -20.74 20.91
C GLU B 114 0.67 -20.55 20.26
N CYS B 115 0.57 -21.07 19.06
CA CYS B 115 -0.63 -20.94 18.28
C CYS B 115 -1.63 -22.01 18.71
N PHE B 116 -1.17 -23.06 19.37
CA PHE B 116 -2.04 -24.15 19.76
C PHE B 116 -2.83 -23.75 20.99
N GLN B 117 -2.39 -22.67 21.64
CA GLN B 117 -3.00 -22.27 22.90
C GLN B 117 -4.23 -21.39 22.71
N ALA B 118 -4.47 -21.01 21.46
CA ALA B 118 -5.58 -20.11 21.14
C ALA B 118 -6.77 -20.90 20.62
N GLY B 119 -6.65 -22.22 20.63
CA GLY B 119 -7.75 -23.06 20.16
C GLY B 119 -8.10 -22.82 18.70
N ILE B 120 -7.17 -22.23 17.95
CA ILE B 120 -7.40 -21.93 16.54
C ILE B 120 -7.16 -23.16 15.67
N ILE B 121 -5.99 -23.78 15.83
CA ILE B 121 -5.64 -24.96 15.07
C ILE B 121 -6.05 -26.23 15.81
N SER B 122 -6.06 -27.35 15.12
CA SER B 122 -6.44 -28.61 15.72
C SER B 122 -5.23 -29.47 16.02
N LYS B 123 -5.44 -30.47 16.86
CA LYS B 123 -4.38 -31.41 17.25
C LYS B 123 -3.87 -32.16 16.03
N GLN B 124 -4.71 -32.25 15.00
CA GLN B 124 -4.35 -32.94 13.76
C GLN B 124 -3.12 -32.31 13.12
N LEU B 125 -3.04 -30.99 13.23
CA LEU B 125 -1.90 -30.26 12.69
C LEU B 125 -0.70 -30.50 13.59
N ARG B 126 -0.90 -30.25 14.89
CA ARG B 126 0.13 -30.48 15.89
C ARG B 126 0.72 -31.90 15.82
N ASP B 127 -0.08 -32.86 15.35
CA ASP B 127 0.39 -34.24 15.24
C ASP B 127 1.37 -34.37 14.07
N LEU B 128 1.19 -33.51 13.09
CA LEU B 128 2.03 -33.49 11.91
C LEU B 128 3.17 -32.47 12.11
N CYS B 129 3.58 -32.30 13.36
CA CYS B 129 4.64 -31.38 13.72
C CYS B 129 5.91 -32.14 14.05
N PRO B 130 7.07 -31.45 14.08
CA PRO B 130 8.34 -32.08 14.40
C PRO B 130 8.52 -32.22 15.91
N SER B 131 7.84 -33.21 16.48
CA SER B 131 7.90 -33.49 17.91
C SER B 131 9.34 -33.68 18.38
N GLY A 1 2.38 30.31 -2.65
CA GLY A 1 1.82 30.98 -1.45
C GLY A 1 0.34 30.73 -1.31
N LEU A 2 -0.46 31.78 -1.38
CA LEU A 2 -1.89 31.65 -1.26
C LEU A 2 -2.56 31.82 -2.63
N PRO A 3 -3.28 30.78 -3.07
CA PRO A 3 -3.97 30.78 -4.35
C PRO A 3 -5.22 31.67 -4.29
N LEU A 4 -5.41 32.49 -5.31
CA LEU A 4 -6.56 33.38 -5.37
C LEU A 4 -7.74 32.72 -6.05
N ASP A 5 -8.91 32.81 -5.40
CA ASP A 5 -10.16 32.24 -5.93
C ASP A 5 -10.16 30.72 -5.85
N GLU A 6 -9.73 30.17 -4.72
CA GLU A 6 -9.70 28.72 -4.50
C GLU A 6 -11.03 28.05 -4.87
N ARG A 7 -12.13 28.55 -4.30
CA ARG A 7 -13.45 27.97 -4.56
C ARG A 7 -13.86 28.10 -6.03
N ALA A 8 -13.43 29.19 -6.66
CA ALA A 8 -13.75 29.41 -8.06
C ALA A 8 -13.04 28.39 -8.93
N PHE A 9 -11.75 28.19 -8.66
CA PHE A 9 -10.95 27.24 -9.41
C PHE A 9 -11.49 25.83 -9.24
N GLU A 10 -11.71 25.43 -7.98
CA GLU A 10 -12.24 24.11 -7.67
C GLU A 10 -13.51 23.83 -8.47
N LYS A 11 -14.45 24.77 -8.40
CA LYS A 11 -15.72 24.66 -9.10
C LYS A 11 -15.54 24.47 -10.60
N THR A 12 -14.67 25.27 -11.19
CA THR A 12 -14.41 25.22 -12.62
C THR A 12 -13.77 23.87 -13.01
N LEU A 13 -12.69 23.52 -12.34
CA LEU A 13 -11.96 22.29 -12.62
C LEU A 13 -12.74 21.00 -12.33
N THR A 14 -13.77 21.07 -11.48
CA THR A 14 -14.54 19.87 -11.13
C THR A 14 -14.95 19.01 -12.34
N PRO A 15 -15.73 19.57 -13.30
CA PRO A 15 -16.17 18.84 -14.49
C PRO A 15 -15.03 18.42 -15.42
N ILE A 16 -14.01 19.27 -15.52
CA ILE A 16 -12.87 19.00 -16.40
C ILE A 16 -12.04 17.81 -15.90
N ILE A 17 -11.94 17.70 -14.58
CA ILE A 17 -11.17 16.61 -13.98
C ILE A 17 -11.90 15.28 -14.13
N GLN A 18 -13.19 15.28 -13.81
CA GLN A 18 -14.00 14.06 -13.92
C GLN A 18 -13.95 13.48 -15.34
N GLU A 19 -13.89 14.35 -16.34
CA GLU A 19 -13.83 13.93 -17.73
C GLU A 19 -12.56 13.11 -17.99
N TYR A 20 -11.46 13.51 -17.34
CA TYR A 20 -10.19 12.82 -17.49
C TYR A 20 -10.28 11.32 -17.20
N PHE A 21 -11.02 10.98 -16.15
CA PHE A 21 -11.18 9.59 -15.72
C PHE A 21 -11.87 8.73 -16.78
N GLU A 22 -12.62 9.37 -17.67
CA GLU A 22 -13.37 8.65 -18.69
C GLU A 22 -12.59 8.42 -19.98
N HIS A 23 -11.41 9.01 -20.09
CA HIS A 23 -10.58 8.80 -21.30
C HIS A 23 -9.14 8.40 -21.03
N GLY A 24 -8.54 8.97 -19.99
CA GLY A 24 -7.16 8.66 -19.68
C GLY A 24 -6.20 9.41 -20.59
N ASP A 25 -6.47 10.69 -20.84
CA ASP A 25 -5.61 11.49 -21.72
C ASP A 25 -5.22 12.83 -21.11
N THR A 26 -3.94 12.98 -20.80
CA THR A 26 -3.42 14.20 -20.23
C THR A 26 -3.27 15.34 -21.27
N ASN A 27 -3.30 14.99 -22.56
CA ASN A 27 -3.15 15.98 -23.62
C ASN A 27 -4.21 17.08 -23.52
N GLU A 28 -5.44 16.65 -23.31
CA GLU A 28 -6.56 17.58 -23.19
C GLU A 28 -6.37 18.47 -21.95
N VAL A 29 -5.92 17.85 -20.86
CA VAL A 29 -5.69 18.55 -19.61
C VAL A 29 -4.64 19.66 -19.77
N ALA A 30 -3.53 19.32 -20.43
CA ALA A 30 -2.46 20.28 -20.67
C ALA A 30 -2.96 21.50 -21.43
N GLU A 31 -3.68 21.26 -22.51
CA GLU A 31 -4.24 22.33 -23.33
C GLU A 31 -5.06 23.31 -22.48
N MET A 32 -5.96 22.76 -21.68
CA MET A 32 -6.82 23.57 -20.82
C MET A 32 -6.01 24.37 -19.82
N LEU A 33 -4.88 23.83 -19.39
CA LEU A 33 -4.02 24.52 -18.43
C LEU A 33 -3.38 25.76 -19.06
N ARG A 34 -2.92 25.63 -20.30
CA ARG A 34 -2.29 26.76 -21.00
C ARG A 34 -3.32 27.85 -21.29
N ASP A 35 -4.59 27.46 -21.37
CA ASP A 35 -5.67 28.39 -21.64
C ASP A 35 -5.89 29.29 -20.43
N LEU A 36 -5.88 28.68 -19.25
CA LEU A 36 -6.05 29.42 -18.00
C LEU A 36 -4.80 30.22 -17.66
N ASN A 37 -3.66 29.55 -17.71
CA ASN A 37 -2.34 30.17 -17.41
C ASN A 37 -2.24 30.65 -15.97
N LEU A 38 -1.55 29.88 -15.14
CA LEU A 38 -1.37 30.23 -13.74
C LEU A 38 0.00 29.76 -13.24
N GLY A 39 0.44 30.32 -12.12
CA GLY A 39 1.73 29.95 -11.56
C GLY A 39 1.57 29.04 -10.35
N GLU A 40 1.41 29.64 -9.17
CA GLU A 40 1.24 28.88 -7.94
C GLU A 40 -0.13 28.22 -7.90
N MET A 41 -1.11 28.90 -8.49
CA MET A 41 -2.47 28.38 -8.55
C MET A 41 -2.55 27.17 -9.47
N LYS A 42 -1.51 26.98 -10.28
CA LYS A 42 -1.44 25.86 -11.20
C LYS A 42 -1.28 24.54 -10.43
N SER A 43 -0.68 24.64 -9.24
CA SER A 43 -0.46 23.46 -8.40
C SER A 43 -1.78 22.96 -7.79
N GLY A 44 -2.78 23.83 -7.83
CA GLY A 44 -4.10 23.48 -7.31
C GLY A 44 -4.72 22.31 -8.04
N VAL A 45 -4.62 22.33 -9.38
CA VAL A 45 -5.17 21.26 -10.23
C VAL A 45 -4.84 19.84 -9.74
N PRO A 46 -3.54 19.46 -9.68
CA PRO A 46 -3.14 18.12 -9.22
C PRO A 46 -3.66 17.78 -7.83
N VAL A 47 -3.81 18.79 -6.98
CA VAL A 47 -4.34 18.58 -5.63
C VAL A 47 -5.77 18.08 -5.71
N LEU A 48 -6.59 18.77 -6.50
CA LEU A 48 -7.98 18.41 -6.68
C LEU A 48 -8.09 17.08 -7.42
N ALA A 49 -7.40 16.98 -8.56
CA ALA A 49 -7.36 15.76 -9.36
C ALA A 49 -7.03 14.53 -8.52
N VAL A 50 -6.22 14.72 -7.49
CA VAL A 50 -5.85 13.62 -6.61
C VAL A 50 -6.97 13.33 -5.61
N SER A 51 -7.57 14.40 -5.09
CA SER A 51 -8.64 14.28 -4.09
C SER A 51 -9.88 13.58 -4.66
N LEU A 52 -10.36 14.07 -5.79
CA LEU A 52 -11.54 13.49 -6.45
C LEU A 52 -11.25 12.04 -6.89
N ALA A 53 -9.96 11.72 -6.96
CA ALA A 53 -9.51 10.40 -7.38
C ALA A 53 -9.59 9.43 -6.20
N LEU A 54 -9.34 9.93 -4.99
CA LEU A 54 -9.34 9.11 -3.78
C LEU A 54 -10.75 8.74 -3.35
N GLU A 55 -11.70 9.61 -3.65
CA GLU A 55 -13.09 9.36 -3.30
C GLU A 55 -13.66 8.20 -4.12
N GLY A 56 -13.31 8.19 -5.41
CA GLY A 56 -13.78 7.14 -6.29
C GLY A 56 -13.11 5.79 -6.06
N LYS A 57 -13.43 4.84 -6.93
CA LYS A 57 -12.87 3.49 -6.85
C LYS A 57 -11.35 3.49 -6.97
N ALA A 58 -10.75 2.34 -6.65
CA ALA A 58 -9.30 2.17 -6.71
C ALA A 58 -8.77 2.34 -8.13
N SER A 59 -9.58 1.95 -9.12
CA SER A 59 -9.21 2.06 -10.51
C SER A 59 -9.08 3.52 -10.90
N HIS A 60 -9.86 4.34 -10.23
CA HIS A 60 -9.84 5.76 -10.47
C HIS A 60 -8.59 6.37 -9.85
N ARG A 61 -7.99 5.70 -8.86
CA ARG A 61 -6.79 6.23 -8.21
C ARG A 61 -5.47 5.99 -8.99
N GLU A 62 -5.08 4.71 -9.15
CA GLU A 62 -3.83 4.35 -9.85
C GLU A 62 -3.70 4.86 -11.29
N MET A 63 -4.83 5.00 -11.96
CA MET A 63 -4.86 5.49 -13.33
C MET A 63 -4.58 6.99 -13.34
N THR A 64 -4.87 7.63 -12.23
CA THR A 64 -4.70 9.04 -12.10
C THR A 64 -3.24 9.39 -11.85
N SER A 65 -2.45 8.39 -11.45
CA SER A 65 -1.04 8.60 -11.13
C SER A 65 -0.21 9.08 -12.32
N LYS A 66 -0.71 8.88 -13.54
CA LYS A 66 0.03 9.26 -14.75
C LYS A 66 0.04 10.80 -14.94
N LEU A 67 -1.18 11.33 -14.99
CA LEU A 67 -1.38 12.78 -15.10
C LEU A 67 -0.34 13.67 -14.42
N LEU A 68 0.06 13.42 -13.17
CA LEU A 68 1.08 14.25 -12.53
C LEU A 68 2.36 14.37 -13.38
N SER A 69 2.99 13.24 -13.70
CA SER A 69 4.21 13.22 -14.51
C SER A 69 3.97 13.82 -15.89
N ASP A 70 2.90 13.38 -16.54
CA ASP A 70 2.53 13.88 -17.86
C ASP A 70 2.53 15.40 -17.87
N LEU A 71 1.92 15.98 -16.83
CA LEU A 71 1.87 17.41 -16.68
C LEU A 71 3.25 18.01 -16.48
N CYS A 72 4.07 17.37 -15.62
CA CYS A 72 5.41 17.86 -15.34
C CYS A 72 6.29 17.73 -16.57
N GLY A 73 7.18 18.69 -16.77
CA GLY A 73 8.05 18.66 -17.93
C GLY A 73 7.42 19.37 -19.10
N THR A 74 6.10 19.30 -19.17
CA THR A 74 5.35 19.93 -20.24
C THR A 74 4.80 21.28 -19.80
N VAL A 75 3.96 21.28 -18.77
CA VAL A 75 3.35 22.51 -18.28
C VAL A 75 3.56 22.69 -16.79
N MET A 76 4.03 21.65 -16.12
CA MET A 76 4.27 21.70 -14.68
C MET A 76 5.73 21.42 -14.37
N SER A 77 6.25 22.07 -13.35
CA SER A 77 7.64 21.87 -12.96
C SER A 77 7.70 21.08 -11.66
N THR A 78 8.77 20.30 -11.49
CA THR A 78 8.99 19.53 -10.26
C THR A 78 8.62 20.30 -8.98
N THR A 79 8.89 21.59 -8.97
CA THR A 79 8.57 22.45 -7.83
C THR A 79 7.05 22.47 -7.60
N ASP A 80 6.30 22.58 -8.69
CA ASP A 80 4.84 22.62 -8.63
C ASP A 80 4.31 21.28 -8.11
N VAL A 81 4.93 20.19 -8.54
CA VAL A 81 4.53 18.86 -8.13
C VAL A 81 4.68 18.70 -6.62
N GLU A 82 5.87 19.03 -6.12
CA GLU A 82 6.15 18.94 -4.69
C GLU A 82 5.22 19.85 -3.90
N LYS A 83 4.94 21.03 -4.45
CA LYS A 83 4.04 21.98 -3.81
C LYS A 83 2.67 21.37 -3.63
N SER A 84 2.15 20.72 -4.67
CA SER A 84 0.85 20.07 -4.60
C SER A 84 0.79 19.07 -3.44
N PHE A 85 1.80 18.21 -3.36
CA PHE A 85 1.87 17.24 -2.27
C PHE A 85 1.76 17.89 -0.90
N ASP A 86 2.32 19.09 -0.76
CA ASP A 86 2.26 19.83 0.49
C ASP A 86 0.80 20.20 0.78
N LYS A 87 0.13 20.73 -0.24
CA LYS A 87 -1.27 21.11 -0.12
C LYS A 87 -2.15 19.89 0.18
N LEU A 88 -1.78 18.74 -0.40
CA LEU A 88 -2.49 17.47 -0.19
C LEU A 88 -2.34 17.05 1.28
N LEU A 89 -1.26 17.51 1.86
CA LEU A 89 -0.94 17.21 3.25
C LEU A 89 -1.79 18.07 4.18
N LYS A 90 -1.95 19.34 3.82
CA LYS A 90 -2.71 20.30 4.60
C LYS A 90 -4.21 20.00 4.67
N ASP A 91 -4.83 19.70 3.53
CA ASP A 91 -6.26 19.41 3.48
C ASP A 91 -6.58 18.00 3.96
N LEU A 92 -5.65 17.08 3.68
CA LEU A 92 -5.78 15.67 4.08
C LEU A 92 -6.57 15.40 5.38
N PRO A 93 -6.28 16.08 6.51
CA PRO A 93 -7.03 15.86 7.74
C PRO A 93 -8.55 16.07 7.60
N GLU A 94 -9.01 16.74 6.53
CA GLU A 94 -10.45 16.96 6.35
C GLU A 94 -11.11 15.73 5.70
N LEU A 95 -10.60 15.36 4.51
CA LEU A 95 -11.09 14.16 3.80
C LEU A 95 -11.05 12.89 4.63
N ALA A 96 -10.20 12.87 5.64
CA ALA A 96 -10.08 11.72 6.52
C ALA A 96 -11.42 11.35 7.14
N LEU A 97 -12.33 12.32 7.26
CA LEU A 97 -13.65 12.08 7.82
C LEU A 97 -14.53 11.27 6.86
N ASP A 98 -14.67 11.74 5.62
CA ASP A 98 -15.51 11.06 4.63
C ASP A 98 -14.86 9.78 4.11
N THR A 99 -13.59 9.64 4.38
CA THR A 99 -12.84 8.47 3.96
C THR A 99 -11.89 8.06 5.07
N PRO A 100 -12.28 7.05 5.87
CA PRO A 100 -11.47 6.55 6.99
C PRO A 100 -10.05 6.16 6.56
N ARG A 101 -9.94 5.64 5.36
CA ARG A 101 -8.64 5.23 4.83
C ARG A 101 -8.05 6.25 3.86
N ALA A 102 -8.52 7.49 3.93
CA ALA A 102 -8.04 8.54 3.03
C ALA A 102 -6.52 8.71 3.12
N PRO A 103 -5.95 9.01 4.30
CA PRO A 103 -4.48 9.17 4.43
C PRO A 103 -3.78 7.86 4.10
N GLN A 104 -4.33 6.77 4.62
CA GLN A 104 -3.81 5.43 4.36
C GLN A 104 -3.65 5.18 2.87
N LEU A 105 -4.61 5.64 2.07
CA LEU A 105 -4.55 5.49 0.62
C LEU A 105 -3.56 6.49 0.02
N VAL A 106 -3.55 7.71 0.56
CA VAL A 106 -2.69 8.79 0.08
C VAL A 106 -1.22 8.36 0.02
N GLY A 107 -0.75 7.64 1.04
CA GLY A 107 0.62 7.16 1.05
C GLY A 107 1.03 6.46 -0.23
N GLN A 108 0.11 5.70 -0.81
CA GLN A 108 0.36 4.97 -2.05
C GLN A 108 0.57 5.96 -3.21
N PHE A 109 -0.11 7.11 -3.10
CA PHE A 109 -0.01 8.16 -4.10
C PHE A 109 1.31 8.93 -3.99
N ILE A 110 1.86 9.03 -2.77
CA ILE A 110 3.10 9.78 -2.56
C ILE A 110 4.29 8.99 -3.08
N ALA A 111 4.41 7.75 -2.60
CA ALA A 111 5.49 6.86 -3.02
C ALA A 111 5.53 6.69 -4.53
N ARG A 112 4.35 6.78 -5.15
CA ARG A 112 4.23 6.64 -6.59
C ARG A 112 4.96 7.77 -7.31
N ALA A 113 4.85 8.99 -6.78
CA ALA A 113 5.50 10.14 -7.40
C ALA A 113 7.02 10.04 -7.32
N VAL A 114 7.52 9.57 -6.19
CA VAL A 114 8.95 9.41 -6.00
C VAL A 114 9.48 8.36 -6.97
N GLY A 115 8.87 7.18 -6.89
CA GLY A 115 9.23 6.07 -7.78
C GLY A 115 9.18 6.46 -9.25
N ASP A 116 8.24 7.33 -9.60
CA ASP A 116 8.10 7.78 -10.97
C ASP A 116 9.23 8.73 -11.36
N GLY A 117 9.59 9.63 -10.45
CA GLY A 117 10.64 10.57 -10.73
C GLY A 117 10.17 12.00 -10.82
N ILE A 118 9.12 12.34 -10.08
CA ILE A 118 8.58 13.70 -10.09
C ILE A 118 8.55 14.29 -8.69
N LEU A 119 9.13 13.57 -7.75
CA LEU A 119 9.18 14.01 -6.36
C LEU A 119 10.51 13.57 -5.74
N CYS A 120 11.05 14.37 -4.84
CA CYS A 120 12.30 14.04 -4.17
C CYS A 120 12.08 12.98 -3.10
N ASN A 121 13.05 12.09 -2.92
CA ASN A 121 12.96 11.03 -1.93
C ASN A 121 13.12 11.58 -0.51
N THR A 122 13.86 12.67 -0.38
CA THR A 122 14.10 13.31 0.92
C THR A 122 12.81 13.89 1.50
N TYR A 123 11.93 14.30 0.60
CA TYR A 123 10.62 14.86 0.96
C TYR A 123 9.95 14.13 2.14
N ILE A 124 10.03 12.81 2.15
CA ILE A 124 9.45 12.02 3.23
C ILE A 124 10.23 12.25 4.54
N ASP A 125 11.55 12.25 4.43
CA ASP A 125 12.43 12.45 5.58
C ASP A 125 12.28 13.85 6.17
N SER A 126 12.06 14.84 5.30
CA SER A 126 11.89 16.22 5.73
C SER A 126 10.71 16.40 6.68
N TYR A 127 9.71 15.54 6.53
CA TYR A 127 8.52 15.59 7.39
C TYR A 127 8.49 14.37 8.31
N LYS A 128 9.66 13.75 8.47
CA LYS A 128 9.85 12.54 9.28
C LYS A 128 9.81 12.68 10.82
N GLY A 129 8.87 13.45 11.32
CA GLY A 129 8.75 13.63 12.76
C GLY A 129 8.52 15.07 13.09
N THR A 130 8.53 15.87 12.04
CA THR A 130 8.32 17.29 12.15
C THR A 130 6.88 17.65 11.81
N VAL A 131 6.00 16.65 11.79
CA VAL A 131 4.59 16.86 11.49
C VAL A 131 3.74 16.55 12.71
N ASP A 132 2.98 17.53 13.16
CA ASP A 132 2.12 17.39 14.33
C ASP A 132 0.91 16.53 14.04
N CYS A 133 0.38 16.66 12.82
CA CYS A 133 -0.80 15.90 12.42
C CYS A 133 -0.48 14.43 12.17
N VAL A 134 -1.00 13.56 13.03
CA VAL A 134 -0.81 12.12 12.90
C VAL A 134 -1.29 11.60 11.54
N GLN A 135 -2.40 12.15 11.05
CA GLN A 135 -2.96 11.74 9.75
C GLN A 135 -1.92 11.83 8.64
N ALA A 136 -1.09 12.86 8.68
CA ALA A 136 -0.05 13.03 7.68
C ALA A 136 1.06 12.02 7.92
N ARG A 137 1.39 11.83 9.19
CA ARG A 137 2.41 10.86 9.60
C ARG A 137 2.09 9.47 9.10
N ALA A 138 0.85 9.04 9.29
CA ALA A 138 0.41 7.72 8.86
C ALA A 138 0.58 7.55 7.36
N ALA A 139 0.25 8.60 6.61
CA ALA A 139 0.37 8.57 5.16
C ALA A 139 1.84 8.50 4.74
N LEU A 140 2.69 9.22 5.46
CA LEU A 140 4.12 9.23 5.17
C LEU A 140 4.77 7.92 5.58
N ASP A 141 4.53 7.50 6.82
CA ASP A 141 5.09 6.26 7.35
C ASP A 141 4.73 5.08 6.46
N LYS A 142 3.46 4.98 6.08
CA LYS A 142 3.01 3.89 5.22
C LYS A 142 3.66 3.98 3.85
N ALA A 143 3.87 5.20 3.37
CA ALA A 143 4.50 5.42 2.08
C ALA A 143 5.93 4.91 2.09
N THR A 144 6.60 5.09 3.22
CA THR A 144 7.98 4.64 3.37
C THR A 144 8.02 3.11 3.34
N VAL A 145 6.98 2.50 3.89
CA VAL A 145 6.87 1.05 3.95
C VAL A 145 6.74 0.46 2.54
N LEU A 146 5.89 1.11 1.74
CA LEU A 146 5.61 0.67 0.37
C LEU A 146 6.86 0.53 -0.49
N LEU A 147 7.88 1.32 -0.20
CA LEU A 147 9.14 1.28 -0.94
C LEU A 147 9.78 -0.11 -0.89
N SER A 148 9.47 -0.86 0.17
CA SER A 148 10.01 -2.21 0.34
C SER A 148 9.42 -3.19 -0.68
N MET A 149 8.28 -2.83 -1.24
CA MET A 149 7.60 -3.67 -2.23
C MET A 149 8.14 -3.41 -3.63
N SER A 150 8.43 -2.15 -3.92
CA SER A 150 8.93 -1.75 -5.23
C SER A 150 10.15 -2.55 -5.67
N LYS A 151 11.05 -2.85 -4.74
CA LYS A 151 12.26 -3.59 -5.07
C LYS A 151 12.27 -4.96 -4.41
N GLY A 152 11.10 -5.53 -4.18
CA GLY A 152 11.05 -6.84 -3.54
C GLY A 152 9.85 -7.69 -3.97
N GLY A 153 8.80 -7.04 -4.43
CA GLY A 153 7.60 -7.78 -4.84
C GLY A 153 7.78 -8.54 -6.14
N LYS A 154 8.86 -8.24 -6.86
CA LYS A 154 9.12 -8.91 -8.13
C LYS A 154 9.77 -10.28 -7.90
N ARG A 155 9.00 -11.20 -7.36
CA ARG A 155 9.50 -12.55 -7.08
C ARG A 155 8.81 -13.58 -7.97
N LYS A 156 7.48 -13.62 -7.89
CA LYS A 156 6.69 -14.58 -8.65
C LYS A 156 6.35 -14.05 -10.05
N ASP A 157 7.18 -13.15 -10.55
CA ASP A 157 6.97 -12.56 -11.87
C ASP A 157 7.45 -13.49 -12.98
N SER A 158 8.21 -14.50 -12.63
CA SER A 158 8.71 -15.46 -13.61
C SER A 158 7.65 -16.52 -13.91
N VAL A 159 6.64 -16.58 -13.06
CA VAL A 159 5.55 -17.55 -13.22
C VAL A 159 4.43 -16.96 -14.06
N TRP A 160 4.43 -15.64 -14.20
CA TRP A 160 3.41 -14.95 -14.97
C TRP A 160 3.94 -13.60 -15.46
N GLY A 161 4.06 -13.47 -16.78
CA GLY A 161 4.55 -12.23 -17.34
C GLY A 161 3.66 -11.71 -18.45
N SER A 162 2.36 -11.67 -18.18
CA SER A 162 1.41 -11.17 -19.16
C SER A 162 0.95 -9.77 -18.77
N GLY A 163 0.79 -8.90 -19.76
CA GLY A 163 0.34 -7.55 -19.50
C GLY A 163 -0.50 -6.99 -20.63
N GLY B 1 -1.94 -5.48 -22.99
CA GLY B 1 -3.33 -5.45 -23.51
C GLY B 1 -4.32 -4.92 -22.51
N GLY B 2 -5.01 -3.85 -22.89
CA GLY B 2 -6.00 -3.26 -22.01
C GLY B 2 -5.51 -1.95 -21.39
N GLN B 3 -6.44 -1.13 -20.93
CA GLN B 3 -6.09 0.14 -20.31
C GLN B 3 -5.63 -0.09 -18.87
N GLN B 4 -6.18 -1.12 -18.26
CA GLN B 4 -5.83 -1.47 -16.89
C GLN B 4 -5.21 -2.86 -16.88
N PRO B 5 -3.86 -2.92 -16.80
CA PRO B 5 -3.12 -4.18 -16.77
C PRO B 5 -3.61 -5.11 -15.68
N VAL B 6 -3.85 -6.36 -16.06
CA VAL B 6 -4.30 -7.37 -15.12
C VAL B 6 -3.22 -7.69 -14.09
N ASN B 7 -3.64 -8.14 -12.92
CA ASN B 7 -2.73 -8.49 -11.86
C ASN B 7 -3.41 -9.43 -10.87
N HIS B 8 -2.66 -10.36 -10.31
CA HIS B 8 -3.20 -11.32 -9.35
C HIS B 8 -2.08 -12.01 -8.58
N LEU B 9 -2.23 -12.09 -7.26
CA LEU B 9 -1.26 -12.75 -6.37
C LEU B 9 -0.03 -11.90 -6.11
N VAL B 10 0.48 -11.25 -7.15
CA VAL B 10 1.63 -10.39 -7.02
C VAL B 10 1.16 -9.01 -6.55
N LYS B 11 2.07 -8.24 -5.95
CA LYS B 11 1.77 -6.89 -5.45
C LYS B 11 0.94 -6.91 -4.17
N GLU B 12 -0.30 -7.41 -4.27
CA GLU B 12 -1.22 -7.44 -3.12
C GLU B 12 -0.67 -8.20 -1.91
N ILE B 13 -0.23 -9.44 -2.14
CA ILE B 13 0.28 -10.26 -1.04
C ILE B 13 1.58 -9.69 -0.47
N ASP B 14 2.49 -9.28 -1.35
CA ASP B 14 3.76 -8.71 -0.93
C ASP B 14 3.54 -7.42 -0.13
N MET B 15 2.55 -6.65 -0.55
CA MET B 15 2.23 -5.39 0.10
C MET B 15 1.72 -5.62 1.53
N LEU B 16 0.70 -6.46 1.66
CA LEU B 16 0.09 -6.74 2.96
C LEU B 16 1.09 -7.16 4.02
N LEU B 17 2.04 -8.02 3.64
CA LEU B 17 3.04 -8.52 4.58
C LEU B 17 3.97 -7.40 5.03
N LYS B 18 4.58 -6.72 4.07
CA LYS B 18 5.51 -5.64 4.38
C LYS B 18 4.82 -4.46 5.03
N GLU B 19 3.58 -4.18 4.62
CA GLU B 19 2.81 -3.08 5.19
C GLU B 19 2.74 -3.22 6.69
N TYR B 20 2.24 -4.37 7.15
CA TYR B 20 2.13 -4.64 8.57
C TYR B 20 3.51 -4.77 9.22
N LEU B 21 4.47 -5.28 8.47
CA LEU B 21 5.84 -5.48 8.94
C LEU B 21 6.53 -4.15 9.29
N LEU B 22 6.32 -3.15 8.44
CA LEU B 22 6.95 -1.85 8.64
C LEU B 22 6.05 -0.82 9.35
N SER B 23 4.76 -0.83 9.04
CA SER B 23 3.83 0.13 9.66
C SER B 23 3.57 -0.15 11.12
N GLY B 24 2.81 -1.20 11.42
CA GLY B 24 2.50 -1.53 12.79
C GLY B 24 0.99 -1.63 12.97
N ASP B 25 0.26 -0.82 12.20
CA ASP B 25 -1.21 -0.78 12.27
C ASP B 25 -1.83 -1.94 11.50
N ILE B 26 -2.80 -2.62 12.12
CA ILE B 26 -3.48 -3.74 11.48
C ILE B 26 -4.60 -3.31 10.49
N SER B 27 -5.21 -2.13 10.70
CA SER B 27 -6.34 -1.63 9.86
C SER B 27 -6.16 -1.82 8.35
N GLU B 28 -4.94 -1.64 7.87
CA GLU B 28 -4.64 -1.80 6.46
C GLU B 28 -4.71 -3.26 6.04
N ALA B 29 -4.04 -4.12 6.81
CA ALA B 29 -3.99 -5.54 6.52
C ALA B 29 -5.39 -6.17 6.47
N GLU B 30 -6.20 -5.87 7.47
CA GLU B 30 -7.55 -6.42 7.55
C GLU B 30 -8.45 -5.90 6.41
N HIS B 31 -8.32 -4.62 6.08
CA HIS B 31 -9.16 -4.03 5.04
C HIS B 31 -8.75 -4.52 3.66
N CYS B 32 -7.44 -4.55 3.39
CA CYS B 32 -6.94 -5.01 2.11
C CYS B 32 -7.31 -6.49 1.89
N LEU B 33 -7.38 -7.25 2.97
CA LEU B 33 -7.76 -8.66 2.89
C LEU B 33 -9.21 -8.75 2.39
N LYS B 34 -10.04 -7.82 2.84
CA LYS B 34 -11.43 -7.75 2.39
C LYS B 34 -11.50 -7.23 0.97
N GLU B 35 -10.50 -6.42 0.60
CA GLU B 35 -10.37 -5.84 -0.73
C GLU B 35 -10.05 -6.89 -1.83
N LEU B 36 -9.97 -8.16 -1.44
CA LEU B 36 -9.62 -9.23 -2.39
C LEU B 36 -10.91 -9.83 -2.96
N GLU B 37 -10.90 -11.12 -3.29
CA GLU B 37 -12.07 -11.77 -3.84
C GLU B 37 -12.15 -13.25 -3.43
N VAL B 38 -11.11 -14.00 -3.75
CA VAL B 38 -11.08 -15.43 -3.42
C VAL B 38 -10.37 -15.70 -2.09
N PRO B 39 -11.13 -16.12 -1.08
CA PRO B 39 -10.59 -16.42 0.26
C PRO B 39 -9.78 -17.71 0.30
N HIS B 40 -9.96 -18.58 -0.67
CA HIS B 40 -9.25 -19.86 -0.72
C HIS B 40 -7.75 -19.65 -0.94
N PHE B 41 -7.39 -18.52 -1.52
CA PHE B 41 -5.99 -18.20 -1.79
C PHE B 41 -5.31 -17.54 -0.60
N HIS B 42 -6.00 -17.44 0.52
CA HIS B 42 -5.44 -16.81 1.71
C HIS B 42 -4.27 -17.62 2.29
N HIS B 43 -4.14 -18.87 1.87
CA HIS B 43 -3.07 -19.75 2.36
C HIS B 43 -1.66 -19.21 2.04
N GLU B 44 -1.54 -18.50 0.92
CA GLU B 44 -0.25 -17.94 0.51
C GLU B 44 0.17 -16.81 1.44
N LEU B 45 -0.80 -16.05 1.92
CA LEU B 45 -0.54 -14.95 2.83
C LEU B 45 -0.05 -15.47 4.17
N VAL B 46 -0.51 -16.66 4.54
CA VAL B 46 -0.12 -17.27 5.79
C VAL B 46 1.28 -17.85 5.68
N TYR B 47 1.48 -18.69 4.66
CA TYR B 47 2.78 -19.30 4.40
C TYR B 47 3.90 -18.26 4.37
N GLU B 48 3.70 -17.22 3.56
CA GLU B 48 4.69 -16.16 3.43
C GLU B 48 4.91 -15.47 4.77
N ALA B 49 3.82 -15.16 5.46
CA ALA B 49 3.88 -14.51 6.78
C ALA B 49 4.74 -15.30 7.76
N ILE B 50 4.55 -16.63 7.81
CA ILE B 50 5.32 -17.46 8.72
C ILE B 50 6.81 -17.44 8.36
N VAL B 51 7.11 -17.56 7.07
CA VAL B 51 8.49 -17.54 6.58
C VAL B 51 9.16 -16.23 6.96
N MET B 52 8.46 -15.13 6.71
CA MET B 52 8.95 -13.80 7.07
C MET B 52 9.38 -13.70 8.53
N VAL B 53 8.76 -14.53 9.37
CA VAL B 53 9.06 -14.53 10.80
C VAL B 53 10.35 -15.32 11.09
N LEU B 54 10.51 -16.46 10.40
CA LEU B 54 11.68 -17.33 10.60
C LEU B 54 12.97 -16.76 10.04
N GLU B 55 12.86 -15.91 9.03
CA GLU B 55 14.03 -15.33 8.39
C GLU B 55 14.30 -13.91 8.90
N SER B 56 13.63 -13.53 9.98
CA SER B 56 13.81 -12.20 10.54
C SER B 56 14.45 -12.25 11.92
N THR B 57 15.41 -11.37 12.14
CA THR B 57 16.10 -11.29 13.41
C THR B 57 15.51 -10.14 14.23
N GLY B 58 14.90 -10.48 15.35
CA GLY B 58 14.29 -9.48 16.19
C GLY B 58 12.95 -9.93 16.73
N GLU B 59 12.74 -9.72 18.02
CA GLU B 59 11.49 -10.11 18.67
C GLU B 59 10.34 -9.16 18.29
N SER B 60 10.70 -8.03 17.68
CA SER B 60 9.73 -7.06 17.25
C SER B 60 8.88 -7.64 16.13
N ALA B 61 9.54 -8.42 15.30
CA ALA B 61 8.91 -9.08 14.17
C ALA B 61 8.12 -10.29 14.63
N PHE B 62 8.45 -10.82 15.81
CA PHE B 62 7.82 -12.04 16.32
C PHE B 62 6.35 -11.86 16.71
N LYS B 63 6.08 -11.13 17.79
CA LYS B 63 4.71 -10.94 18.28
C LYS B 63 3.83 -10.14 17.32
N MET B 64 4.32 -8.95 16.95
CA MET B 64 3.62 -8.08 16.02
C MET B 64 3.14 -8.83 14.78
N ILE B 65 3.99 -9.67 14.21
CA ILE B 65 3.60 -10.40 13.01
C ILE B 65 2.79 -11.66 13.34
N LEU B 66 3.00 -12.21 14.54
CA LEU B 66 2.27 -13.40 14.99
C LEU B 66 0.80 -13.03 15.20
N ASP B 67 0.57 -11.81 15.65
CA ASP B 67 -0.78 -11.29 15.88
C ASP B 67 -1.57 -11.12 14.58
N LEU B 68 -0.82 -11.12 13.47
CA LEU B 68 -1.42 -10.93 12.16
C LEU B 68 -2.32 -12.13 11.89
N LEU B 69 -1.87 -13.31 12.34
CA LEU B 69 -2.64 -14.50 12.18
C LEU B 69 -3.79 -14.55 13.18
N LYS B 70 -3.58 -13.94 14.37
CA LYS B 70 -4.59 -14.09 15.42
C LYS B 70 -5.72 -13.04 15.28
N SER B 71 -5.32 -11.75 15.36
CA SER B 71 -6.27 -10.61 15.22
C SER B 71 -7.18 -10.69 14.00
N LEU B 72 -6.67 -11.23 12.91
CA LEU B 72 -7.45 -11.39 11.71
C LEU B 72 -8.39 -12.58 11.83
N TRP B 73 -7.98 -13.57 12.63
CA TRP B 73 -8.79 -14.77 12.85
C TRP B 73 -10.08 -14.37 13.54
N LYS B 74 -9.95 -13.67 14.67
CA LYS B 74 -11.11 -13.18 15.44
C LYS B 74 -12.03 -12.28 14.58
N SER B 75 -11.53 -11.85 13.43
CA SER B 75 -12.33 -11.00 12.55
C SER B 75 -13.08 -11.86 11.55
N SER B 76 -12.70 -13.14 11.53
CA SER B 76 -13.31 -14.16 10.66
C SER B 76 -12.84 -14.00 9.22
N THR B 77 -11.69 -13.37 9.01
CA THR B 77 -11.16 -13.18 7.68
C THR B 77 -10.15 -14.28 7.32
N ILE B 78 -9.89 -15.16 8.27
CA ILE B 78 -8.97 -16.27 8.04
C ILE B 78 -9.70 -17.59 8.23
N THR B 79 -9.50 -18.51 7.30
CA THR B 79 -10.14 -19.81 7.35
C THR B 79 -9.11 -20.88 7.70
N ILE B 80 -9.40 -21.66 8.73
CA ILE B 80 -8.52 -22.75 9.18
C ILE B 80 -8.05 -23.67 8.05
N ASP B 81 -8.86 -23.82 7.00
CA ASP B 81 -8.49 -24.66 5.87
C ASP B 81 -7.27 -24.09 5.16
N GLN B 82 -7.16 -22.77 5.13
CA GLN B 82 -6.03 -22.11 4.49
C GLN B 82 -4.83 -22.20 5.40
N MET B 83 -5.02 -21.86 6.67
CA MET B 83 -3.96 -21.93 7.67
C MET B 83 -3.35 -23.33 7.74
N LYS B 84 -4.17 -24.33 7.46
CA LYS B 84 -3.73 -25.71 7.48
C LYS B 84 -2.82 -25.94 6.29
N ARG B 85 -3.23 -25.34 5.18
CA ARG B 85 -2.49 -25.46 3.95
C ARG B 85 -1.23 -24.59 4.04
N GLY B 86 -1.22 -23.65 4.98
CA GLY B 86 -0.07 -22.80 5.16
C GLY B 86 0.98 -23.44 6.05
N TYR B 87 0.54 -23.92 7.23
CA TYR B 87 1.43 -24.54 8.25
C TYR B 87 2.08 -25.84 7.78
N GLU B 88 1.31 -26.62 7.03
CA GLU B 88 1.80 -27.89 6.52
C GLU B 88 2.92 -27.66 5.52
N ARG B 89 2.86 -26.49 4.87
CA ARG B 89 3.86 -26.08 3.90
C ARG B 89 5.21 -25.87 4.61
N ILE B 90 5.16 -25.24 5.78
CA ILE B 90 6.36 -24.96 6.58
C ILE B 90 7.06 -26.25 7.00
N TYR B 91 6.32 -27.34 6.96
CA TYR B 91 6.88 -28.64 7.35
C TYR B 91 7.73 -29.17 6.20
N ASN B 92 7.41 -28.70 5.01
CA ASN B 92 8.14 -29.08 3.79
C ASN B 92 9.24 -28.06 3.48
N GLU B 93 8.97 -26.78 3.80
CA GLU B 93 9.92 -25.70 3.52
C GLU B 93 11.07 -25.64 4.52
N ILE B 94 10.82 -26.10 5.75
CA ILE B 94 11.86 -26.10 6.78
C ILE B 94 13.18 -26.73 6.30
N PRO B 95 13.15 -27.96 5.74
CA PRO B 95 14.37 -28.63 5.24
C PRO B 95 15.10 -27.82 4.17
N ASP B 96 14.36 -26.96 3.47
CA ASP B 96 14.93 -26.13 2.41
C ASP B 96 15.73 -24.96 2.98
N ILE B 97 15.21 -24.37 4.05
CA ILE B 97 15.86 -23.22 4.67
C ILE B 97 16.84 -23.64 5.78
N ASN B 98 16.65 -24.84 6.31
CA ASN B 98 17.53 -25.34 7.37
C ASN B 98 18.82 -25.90 6.81
N LEU B 99 18.70 -26.84 5.87
CA LEU B 99 19.87 -27.47 5.25
C LEU B 99 20.67 -28.26 6.28
N ASP B 100 19.98 -29.13 7.00
CA ASP B 100 20.57 -29.97 8.05
C ASP B 100 20.88 -29.15 9.31
N VAL B 101 20.90 -29.83 10.45
CA VAL B 101 21.15 -29.18 11.74
C VAL B 101 20.02 -28.20 12.04
N PRO B 102 18.89 -28.73 12.54
CA PRO B 102 17.70 -27.93 12.85
C PRO B 102 17.85 -27.11 14.13
N HIS B 103 18.62 -26.04 14.05
CA HIS B 103 18.83 -25.16 15.20
C HIS B 103 17.65 -24.20 15.34
N SER B 104 16.73 -24.28 14.40
CA SER B 104 15.55 -23.43 14.38
C SER B 104 14.41 -24.02 15.20
N TYR B 105 14.66 -25.16 15.85
CA TYR B 105 13.65 -25.81 16.68
C TYR B 105 13.11 -24.89 17.76
N SER B 106 13.94 -23.96 18.22
CA SER B 106 13.53 -22.99 19.22
C SER B 106 12.31 -22.19 18.71
N VAL B 107 12.37 -21.82 17.43
CA VAL B 107 11.29 -21.05 16.81
C VAL B 107 10.23 -21.98 16.24
N LEU B 108 10.68 -23.15 15.73
CA LEU B 108 9.78 -24.09 15.10
C LEU B 108 8.84 -24.69 16.12
N GLU B 109 9.22 -24.79 17.39
CA GLU B 109 8.35 -25.43 18.34
C GLU B 109 7.50 -24.36 19.08
N ARG B 110 8.25 -23.44 19.78
CA ARG B 110 7.70 -22.31 20.57
C ARG B 110 6.64 -21.44 19.87
N PHE B 111 6.83 -21.21 18.59
CA PHE B 111 5.89 -20.41 17.83
C PHE B 111 4.65 -21.24 17.53
N VAL B 112 4.82 -22.55 17.39
CA VAL B 112 3.69 -23.45 17.07
C VAL B 112 2.82 -23.66 18.29
N GLU B 113 3.46 -23.85 19.44
CA GLU B 113 2.75 -24.07 20.71
C GLU B 113 1.95 -22.84 21.12
N GLU B 114 2.41 -21.68 20.64
CA GLU B 114 1.80 -20.41 20.96
C GLU B 114 0.56 -20.25 20.13
N CYS B 115 0.69 -20.65 18.87
CA CYS B 115 -0.37 -20.56 17.94
C CYS B 115 -1.41 -21.64 18.23
N PHE B 116 -1.02 -22.70 18.94
CA PHE B 116 -1.92 -23.78 19.25
C PHE B 116 -2.88 -23.38 20.37
N GLN B 117 -2.32 -23.05 21.55
CA GLN B 117 -3.09 -22.63 22.73
C GLN B 117 -3.98 -21.42 22.48
N ALA B 118 -3.76 -20.77 21.35
CA ALA B 118 -4.53 -19.61 20.97
C ALA B 118 -5.95 -20.03 20.61
N GLY B 119 -6.15 -21.35 20.49
CA GLY B 119 -7.44 -21.89 20.16
C GLY B 119 -7.86 -21.59 18.74
N ILE B 120 -6.88 -21.48 17.85
CA ILE B 120 -7.15 -21.19 16.45
C ILE B 120 -6.90 -22.40 15.56
N ILE B 121 -5.84 -23.14 15.84
CA ILE B 121 -5.52 -24.32 15.04
C ILE B 121 -6.10 -25.59 15.66
N SER B 122 -5.91 -26.70 14.97
CA SER B 122 -6.41 -27.99 15.43
C SER B 122 -5.29 -28.86 16.00
N LYS B 123 -5.68 -29.87 16.77
CA LYS B 123 -4.71 -30.79 17.38
C LYS B 123 -4.06 -31.66 16.30
N GLN B 124 -4.78 -31.86 15.20
CA GLN B 124 -4.25 -32.65 14.10
C GLN B 124 -3.10 -31.93 13.44
N LEU B 125 -3.22 -30.62 13.31
CA LEU B 125 -2.16 -29.81 12.72
C LEU B 125 -0.89 -29.93 13.55
N ARG B 126 -1.03 -29.66 14.85
CA ARG B 126 0.08 -29.78 15.81
C ARG B 126 0.73 -31.16 15.78
N ASP B 127 -0.04 -32.18 15.42
CA ASP B 127 0.48 -33.54 15.35
C ASP B 127 1.37 -33.71 14.13
N LEU B 128 1.14 -32.86 13.13
CA LEU B 128 1.91 -32.90 11.90
C LEU B 128 3.16 -32.04 12.06
N CYS B 129 3.45 -31.64 13.29
CA CYS B 129 4.60 -30.81 13.58
C CYS B 129 5.59 -31.62 14.39
N PRO B 130 6.89 -31.61 14.01
CA PRO B 130 7.92 -32.36 14.71
C PRO B 130 8.11 -31.89 16.16
N SER B 131 7.39 -32.53 17.08
CA SER B 131 7.47 -32.18 18.49
C SER B 131 8.58 -32.96 19.18
N GLY A 1 1.95 30.36 -2.28
CA GLY A 1 1.52 30.25 -0.87
C GLY A 1 0.00 30.18 -0.74
N LEU A 2 -0.66 31.32 -0.90
CA LEU A 2 -2.12 31.37 -0.78
C LEU A 2 -2.78 31.52 -2.15
N PRO A 3 -3.73 30.63 -2.46
CA PRO A 3 -4.45 30.66 -3.75
C PRO A 3 -5.73 31.49 -3.68
N LEU A 4 -6.07 32.12 -4.80
CA LEU A 4 -7.27 32.95 -4.89
C LEU A 4 -8.38 32.19 -5.59
N ASP A 5 -9.62 32.41 -5.16
CA ASP A 5 -10.79 31.75 -5.75
C ASP A 5 -10.63 30.23 -5.70
N GLU A 6 -10.39 29.72 -4.49
CA GLU A 6 -10.16 28.30 -4.26
C GLU A 6 -11.30 27.42 -4.78
N ARG A 7 -12.52 27.68 -4.33
CA ARG A 7 -13.66 26.87 -4.73
C ARG A 7 -14.04 27.10 -6.19
N ALA A 8 -13.80 28.31 -6.68
CA ALA A 8 -14.10 28.63 -8.07
C ALA A 8 -13.21 27.80 -9.00
N PHE A 9 -12.00 27.52 -8.55
CA PHE A 9 -11.07 26.73 -9.33
C PHE A 9 -11.48 25.26 -9.30
N GLU A 10 -11.90 24.80 -8.12
CA GLU A 10 -12.32 23.42 -7.95
C GLU A 10 -13.54 23.13 -8.82
N LYS A 11 -14.52 24.02 -8.76
CA LYS A 11 -15.75 23.88 -9.53
C LYS A 11 -15.48 23.78 -11.03
N THR A 12 -14.54 24.59 -11.51
CA THR A 12 -14.20 24.60 -12.92
C THR A 12 -13.42 23.34 -13.33
N LEU A 13 -12.53 22.88 -12.48
CA LEU A 13 -11.72 21.70 -12.77
C LEU A 13 -12.48 20.40 -12.65
N THR A 14 -13.66 20.44 -12.03
CA THR A 14 -14.48 19.25 -11.85
C THR A 14 -14.73 18.46 -13.16
N PRO A 15 -15.36 19.09 -14.18
CA PRO A 15 -15.65 18.42 -15.46
C PRO A 15 -14.39 17.94 -16.18
N ILE A 16 -13.35 18.77 -16.16
CA ILE A 16 -12.09 18.44 -16.80
C ILE A 16 -11.53 17.11 -16.29
N ILE A 17 -11.36 17.01 -14.97
CA ILE A 17 -10.83 15.78 -14.35
C ILE A 17 -11.81 14.62 -14.52
N GLN A 18 -13.10 14.91 -14.34
CA GLN A 18 -14.14 13.89 -14.50
C GLN A 18 -14.00 13.14 -15.83
N GLU A 19 -13.96 13.89 -16.92
CA GLU A 19 -13.81 13.32 -18.27
C GLU A 19 -12.45 12.62 -18.44
N TYR A 20 -11.49 13.03 -17.62
CA TYR A 20 -10.15 12.46 -17.69
C TYR A 20 -10.18 10.97 -17.34
N PHE A 21 -10.79 10.65 -16.20
CA PHE A 21 -10.88 9.27 -15.73
C PHE A 21 -11.59 8.34 -16.73
N GLU A 22 -12.30 8.92 -17.70
CA GLU A 22 -13.01 8.11 -18.68
C GLU A 22 -12.15 7.67 -19.85
N HIS A 23 -11.58 8.61 -20.57
CA HIS A 23 -10.73 8.26 -21.72
C HIS A 23 -9.25 8.24 -21.39
N GLY A 24 -8.92 8.71 -20.19
CA GLY A 24 -7.54 8.74 -19.74
C GLY A 24 -6.62 9.54 -20.64
N ASP A 25 -6.90 10.82 -20.80
CA ASP A 25 -6.09 11.66 -21.67
C ASP A 25 -5.29 12.72 -20.92
N THR A 26 -3.99 12.64 -21.04
CA THR A 26 -3.07 13.57 -20.41
C THR A 26 -2.91 14.92 -21.13
N ASN A 27 -2.79 14.88 -22.46
CA ASN A 27 -2.60 16.08 -23.30
C ASN A 27 -3.78 17.02 -23.24
N GLU A 28 -4.97 16.43 -23.13
CA GLU A 28 -6.19 17.20 -23.07
C GLU A 28 -6.15 18.16 -21.90
N VAL A 29 -5.75 17.62 -20.75
CA VAL A 29 -5.65 18.40 -19.53
C VAL A 29 -4.60 19.50 -19.65
N ALA A 30 -3.40 19.14 -20.11
CA ALA A 30 -2.31 20.12 -20.25
C ALA A 30 -2.70 21.33 -21.09
N GLU A 31 -3.17 21.06 -22.30
CA GLU A 31 -3.61 22.12 -23.21
C GLU A 31 -4.64 23.06 -22.55
N MET A 32 -5.42 22.51 -21.65
CA MET A 32 -6.44 23.27 -20.93
C MET A 32 -5.82 24.14 -19.83
N LEU A 33 -4.73 23.66 -19.24
CA LEU A 33 -4.07 24.38 -18.15
C LEU A 33 -3.45 25.69 -18.61
N ARG A 34 -2.70 25.64 -19.72
CA ARG A 34 -2.06 26.84 -20.27
C ARG A 34 -3.13 27.85 -20.70
N ASP A 35 -4.31 27.33 -21.02
CA ASP A 35 -5.43 28.15 -21.43
C ASP A 35 -5.83 29.07 -20.28
N LEU A 36 -5.93 28.50 -19.09
CA LEU A 36 -6.28 29.25 -17.90
C LEU A 36 -5.12 30.14 -17.49
N ASN A 37 -3.91 29.57 -17.55
CA ASN A 37 -2.68 30.30 -17.20
C ASN A 37 -2.70 30.82 -15.75
N LEU A 38 -2.36 29.93 -14.82
CA LEU A 38 -2.34 30.30 -13.42
C LEU A 38 -0.96 30.14 -12.83
N GLY A 39 -0.73 30.76 -11.69
CA GLY A 39 0.56 30.68 -11.04
C GLY A 39 0.64 29.55 -10.05
N GLU A 40 0.61 29.89 -8.76
CA GLU A 40 0.67 28.89 -7.70
C GLU A 40 -0.60 28.02 -7.69
N MET A 41 -1.68 28.56 -8.23
CA MET A 41 -2.95 27.82 -8.26
C MET A 41 -2.89 26.73 -9.32
N LYS A 42 -1.84 26.74 -10.12
CA LYS A 42 -1.65 25.74 -11.17
C LYS A 42 -1.32 24.39 -10.54
N SER A 43 -0.71 24.44 -9.34
CA SER A 43 -0.37 23.23 -8.62
C SER A 43 -1.63 22.61 -8.03
N GLY A 44 -2.71 23.39 -8.05
CA GLY A 44 -3.98 22.95 -7.55
C GLY A 44 -4.56 21.79 -8.35
N VAL A 45 -4.45 21.88 -9.68
CA VAL A 45 -4.95 20.83 -10.59
C VAL A 45 -4.63 19.41 -10.12
N PRO A 46 -3.35 19.04 -10.00
CA PRO A 46 -2.94 17.70 -9.56
C PRO A 46 -3.48 17.34 -8.18
N VAL A 47 -3.75 18.34 -7.36
CA VAL A 47 -4.26 18.10 -6.01
C VAL A 47 -5.72 17.65 -6.06
N LEU A 48 -6.54 18.37 -6.81
CA LEU A 48 -7.96 18.03 -6.95
C LEU A 48 -8.09 16.61 -7.51
N ALA A 49 -7.33 16.34 -8.58
CA ALA A 49 -7.26 15.03 -9.21
C ALA A 49 -6.98 13.92 -8.17
N VAL A 50 -6.28 14.32 -7.11
CA VAL A 50 -5.95 13.37 -6.05
C VAL A 50 -7.13 13.16 -5.09
N SER A 51 -7.80 14.27 -4.74
CA SER A 51 -8.94 14.24 -3.83
C SER A 51 -10.10 13.39 -4.37
N LEU A 52 -10.42 13.58 -5.64
CA LEU A 52 -11.50 12.84 -6.27
C LEU A 52 -11.15 11.35 -6.40
N ALA A 53 -9.93 11.08 -6.84
CA ALA A 53 -9.46 9.70 -6.99
C ALA A 53 -9.59 8.86 -5.72
N LEU A 54 -9.67 9.54 -4.59
CA LEU A 54 -9.81 8.84 -3.31
C LEU A 54 -11.25 8.33 -3.11
N GLU A 55 -12.21 9.06 -3.69
CA GLU A 55 -13.62 8.68 -3.56
C GLU A 55 -13.95 7.54 -4.50
N GLY A 56 -13.48 7.65 -5.73
CA GLY A 56 -13.73 6.63 -6.73
C GLY A 56 -13.02 5.31 -6.50
N LYS A 57 -13.13 4.42 -7.47
CA LYS A 57 -12.51 3.11 -7.41
C LYS A 57 -11.00 3.19 -7.31
N ALA A 58 -10.39 2.12 -6.82
CA ALA A 58 -8.94 2.04 -6.67
C ALA A 58 -8.25 2.07 -8.02
N SER A 59 -8.91 1.50 -9.03
CA SER A 59 -8.38 1.47 -10.38
C SER A 59 -8.17 2.90 -10.90
N HIS A 60 -9.04 3.78 -10.47
CA HIS A 60 -8.97 5.18 -10.86
C HIS A 60 -7.88 5.95 -10.10
N ARG A 61 -7.37 5.37 -9.00
CA ARG A 61 -6.34 6.04 -8.22
C ARG A 61 -4.99 6.04 -8.93
N GLU A 62 -4.45 4.85 -9.19
CA GLU A 62 -3.16 4.71 -9.89
C GLU A 62 -3.20 5.35 -11.28
N MET A 63 -4.38 5.38 -11.87
CA MET A 63 -4.57 5.98 -13.20
C MET A 63 -4.28 7.48 -13.17
N THR A 64 -4.49 8.10 -12.01
CA THR A 64 -4.25 9.52 -11.85
C THR A 64 -2.75 9.83 -11.93
N SER A 65 -1.94 8.95 -11.33
CA SER A 65 -0.49 9.12 -11.34
C SER A 65 0.08 9.24 -12.76
N LYS A 66 -0.63 8.67 -13.73
CA LYS A 66 -0.21 8.74 -15.12
C LYS A 66 -0.25 10.20 -15.60
N LEU A 67 -1.23 10.94 -15.12
CA LEU A 67 -1.39 12.34 -15.45
C LEU A 67 -0.31 13.20 -14.79
N LEU A 68 0.06 12.82 -13.57
CA LEU A 68 1.06 13.55 -12.81
C LEU A 68 2.38 13.65 -13.58
N SER A 69 3.00 12.50 -13.82
CA SER A 69 4.25 12.43 -14.57
C SER A 69 4.13 13.04 -15.96
N ASP A 70 2.91 13.08 -16.49
CA ASP A 70 2.68 13.67 -17.80
C ASP A 70 2.70 15.20 -17.69
N LEU A 71 2.06 15.71 -16.65
CA LEU A 71 2.00 17.14 -16.37
C LEU A 71 3.37 17.77 -16.13
N CYS A 72 4.14 17.21 -15.21
CA CYS A 72 5.47 17.76 -14.90
C CYS A 72 6.42 17.58 -16.07
N GLY A 73 7.12 18.65 -16.40
CA GLY A 73 8.06 18.63 -17.51
C GLY A 73 7.43 19.24 -18.73
N THR A 74 6.11 19.13 -18.81
CA THR A 74 5.35 19.66 -19.92
C THR A 74 4.69 20.99 -19.52
N VAL A 75 3.91 20.97 -18.45
CA VAL A 75 3.23 22.19 -17.99
C VAL A 75 3.50 22.46 -16.51
N MET A 76 4.19 21.54 -15.85
CA MET A 76 4.51 21.69 -14.43
C MET A 76 5.98 21.41 -14.18
N SER A 77 6.44 21.75 -13.00
CA SER A 77 7.83 21.51 -12.62
C SER A 77 7.88 20.57 -11.43
N THR A 78 9.02 19.94 -11.20
CA THR A 78 9.18 19.04 -10.06
C THR A 78 8.76 19.73 -8.75
N THR A 79 9.09 21.00 -8.63
CA THR A 79 8.72 21.78 -7.45
C THR A 79 7.20 21.92 -7.36
N ASP A 80 6.57 22.12 -8.52
CA ASP A 80 5.12 22.22 -8.61
C ASP A 80 4.45 20.99 -7.97
N VAL A 81 5.00 19.82 -8.27
CA VAL A 81 4.47 18.57 -7.74
C VAL A 81 4.74 18.49 -6.24
N GLU A 82 5.95 18.86 -5.84
CA GLU A 82 6.33 18.85 -4.43
C GLU A 82 5.37 19.73 -3.61
N LYS A 83 5.08 20.92 -4.13
CA LYS A 83 4.17 21.86 -3.49
C LYS A 83 2.76 21.27 -3.38
N SER A 84 2.40 20.45 -4.36
CA SER A 84 1.09 19.83 -4.41
C SER A 84 0.90 18.84 -3.25
N PHE A 85 1.91 18.01 -3.01
CA PHE A 85 1.84 17.03 -1.94
C PHE A 85 1.69 17.70 -0.59
N ASP A 86 2.33 18.84 -0.42
CA ASP A 86 2.26 19.58 0.84
C ASP A 86 0.83 20.05 1.06
N LYS A 87 0.28 20.73 0.06
CA LYS A 87 -1.09 21.22 0.11
C LYS A 87 -2.06 20.07 0.34
N LEU A 88 -1.76 18.94 -0.29
CA LEU A 88 -2.58 17.75 -0.15
C LEU A 88 -2.58 17.26 1.29
N LEU A 89 -1.38 17.01 1.83
CA LEU A 89 -1.22 16.56 3.21
C LEU A 89 -1.98 17.44 4.21
N LYS A 90 -2.05 18.73 3.92
CA LYS A 90 -2.75 19.68 4.79
C LYS A 90 -4.26 19.44 4.78
N ASP A 91 -4.79 19.07 3.62
CA ASP A 91 -6.23 18.82 3.48
C ASP A 91 -6.61 17.45 4.03
N LEU A 92 -5.66 16.50 3.95
CA LEU A 92 -5.85 15.13 4.43
C LEU A 92 -6.76 14.96 5.65
N PRO A 93 -6.53 15.69 6.76
CA PRO A 93 -7.38 15.56 7.95
C PRO A 93 -8.88 15.73 7.68
N GLU A 94 -9.25 16.44 6.60
CA GLU A 94 -10.67 16.63 6.29
C GLU A 94 -11.26 15.42 5.59
N LEU A 95 -10.70 15.05 4.44
CA LEU A 95 -11.18 13.87 3.71
C LEU A 95 -11.10 12.61 4.55
N ALA A 96 -10.12 12.57 5.44
CA ALA A 96 -9.93 11.43 6.33
C ALA A 96 -11.15 11.24 7.23
N LEU A 97 -11.87 12.33 7.48
CA LEU A 97 -13.06 12.26 8.33
C LEU A 97 -14.12 11.35 7.72
N ASP A 98 -14.41 11.53 6.43
CA ASP A 98 -15.43 10.70 5.79
C ASP A 98 -14.87 9.34 5.41
N THR A 99 -13.71 9.36 4.80
CA THR A 99 -13.06 8.12 4.42
C THR A 99 -11.82 7.87 5.27
N PRO A 100 -11.91 6.93 6.23
CA PRO A 100 -10.80 6.60 7.11
C PRO A 100 -9.63 5.98 6.35
N ARG A 101 -9.92 5.49 5.16
CA ARG A 101 -8.89 4.87 4.33
C ARG A 101 -8.23 5.91 3.41
N ALA A 102 -8.78 7.12 3.39
CA ALA A 102 -8.25 8.20 2.57
C ALA A 102 -6.75 8.45 2.77
N PRO A 103 -6.30 8.75 4.01
CA PRO A 103 -4.88 9.01 4.29
C PRO A 103 -4.00 7.79 3.99
N GLN A 104 -4.56 6.61 4.25
CA GLN A 104 -3.86 5.35 4.00
C GLN A 104 -3.59 5.15 2.51
N LEU A 105 -4.51 5.61 1.67
CA LEU A 105 -4.35 5.51 0.22
C LEU A 105 -3.34 6.53 -0.27
N VAL A 106 -3.45 7.73 0.27
CA VAL A 106 -2.57 8.85 -0.06
C VAL A 106 -1.09 8.45 -0.04
N GLY A 107 -0.72 7.60 0.91
CA GLY A 107 0.64 7.13 1.01
C GLY A 107 1.15 6.49 -0.28
N GLN A 108 0.27 5.78 -0.99
CA GLN A 108 0.64 5.13 -2.25
C GLN A 108 1.00 6.19 -3.29
N PHE A 109 0.27 7.30 -3.24
CA PHE A 109 0.49 8.40 -4.17
C PHE A 109 1.86 9.03 -4.00
N ILE A 110 2.35 9.08 -2.76
CA ILE A 110 3.65 9.68 -2.49
C ILE A 110 4.77 8.76 -2.98
N ALA A 111 4.68 7.47 -2.61
CA ALA A 111 5.67 6.48 -3.03
C ALA A 111 5.74 6.44 -4.55
N ARG A 112 4.57 6.60 -5.17
CA ARG A 112 4.46 6.60 -6.63
C ARG A 112 5.23 7.76 -7.24
N ALA A 113 5.01 8.96 -6.69
CA ALA A 113 5.67 10.17 -7.18
C ALA A 113 7.19 10.02 -7.23
N VAL A 114 7.75 9.36 -6.22
CA VAL A 114 9.18 9.14 -6.16
C VAL A 114 9.60 8.20 -7.29
N GLY A 115 8.90 7.09 -7.39
CA GLY A 115 9.19 6.11 -8.44
C GLY A 115 9.09 6.68 -9.84
N ASP A 116 8.01 7.41 -10.10
CA ASP A 116 7.81 8.04 -11.41
C ASP A 116 8.92 9.04 -11.71
N GLY A 117 9.27 9.83 -10.70
CA GLY A 117 10.32 10.80 -10.86
C GLY A 117 9.80 12.23 -10.83
N ILE A 118 8.76 12.46 -10.04
CA ILE A 118 8.18 13.80 -9.94
C ILE A 118 8.30 14.34 -8.52
N LEU A 119 8.91 13.56 -7.65
CA LEU A 119 9.09 13.94 -6.26
C LEU A 119 10.46 13.48 -5.77
N CYS A 120 11.08 14.26 -4.90
CA CYS A 120 12.38 13.89 -4.38
C CYS A 120 12.23 12.83 -3.29
N ASN A 121 13.20 11.94 -3.17
CA ASN A 121 13.16 10.87 -2.18
C ASN A 121 13.27 11.42 -0.76
N THR A 122 14.02 12.50 -0.60
CA THR A 122 14.22 13.13 0.70
C THR A 122 12.95 13.78 1.25
N TYR A 123 11.87 13.76 0.48
CA TYR A 123 10.62 14.36 0.92
C TYR A 123 10.12 13.69 2.20
N ILE A 124 10.21 12.36 2.22
CA ILE A 124 9.79 11.58 3.38
C ILE A 124 10.73 11.81 4.56
N ASP A 125 12.01 11.97 4.26
CA ASP A 125 13.02 12.18 5.29
C ASP A 125 12.88 13.55 5.95
N SER A 126 12.50 14.54 5.16
CA SER A 126 12.30 15.89 5.65
C SER A 126 11.06 16.00 6.55
N TYR A 127 10.09 15.07 6.37
CA TYR A 127 8.85 15.05 7.15
C TYR A 127 8.88 13.87 8.15
N LYS A 128 10.10 13.41 8.37
CA LYS A 128 10.45 12.28 9.25
C LYS A 128 10.47 12.53 10.77
N GLY A 129 9.40 13.02 11.31
CA GLY A 129 9.35 13.31 12.73
C GLY A 129 9.18 14.78 12.94
N THR A 130 8.80 15.43 11.85
CA THR A 130 8.55 16.85 11.83
C THR A 130 7.08 17.09 11.54
N VAL A 131 6.26 16.05 11.74
CA VAL A 131 4.83 16.14 11.50
C VAL A 131 4.05 15.87 12.78
N ASP A 132 3.24 16.85 13.18
CA ASP A 132 2.44 16.74 14.41
C ASP A 132 1.16 15.94 14.17
N CYS A 133 0.67 16.00 12.94
CA CYS A 133 -0.56 15.30 12.58
C CYS A 133 -0.33 13.82 12.33
N VAL A 134 -1.13 12.97 12.98
CA VAL A 134 -1.02 11.53 12.82
C VAL A 134 -1.59 11.12 11.47
N GLN A 135 -2.49 11.94 10.94
CA GLN A 135 -3.11 11.68 9.64
C GLN A 135 -2.05 11.78 8.56
N ALA A 136 -1.22 12.80 8.68
CA ALA A 136 -0.14 13.00 7.72
C ALA A 136 1.02 12.05 8.02
N ARG A 137 1.15 11.68 9.29
CA ARG A 137 2.22 10.78 9.71
C ARG A 137 2.06 9.39 9.10
N ALA A 138 0.88 8.78 9.29
CA ALA A 138 0.62 7.46 8.75
C ALA A 138 0.73 7.44 7.24
N ALA A 139 0.34 8.53 6.59
CA ALA A 139 0.41 8.64 5.14
C ALA A 139 1.86 8.54 4.67
N LEU A 140 2.76 9.20 5.39
CA LEU A 140 4.18 9.17 5.06
C LEU A 140 4.78 7.82 5.43
N ASP A 141 4.24 7.21 6.48
CA ASP A 141 4.69 5.91 6.96
C ASP A 141 4.17 4.78 6.04
N LYS A 142 3.21 5.19 5.23
CA LYS A 142 2.58 4.31 4.24
C LYS A 142 3.53 4.07 3.05
N ALA A 143 4.21 5.14 2.62
CA ALA A 143 5.15 5.09 1.48
C ALA A 143 6.44 4.37 1.86
N THR A 144 6.73 4.39 3.15
CA THR A 144 7.94 3.81 3.70
C THR A 144 8.13 2.36 3.26
N VAL A 145 7.14 1.50 3.48
CA VAL A 145 7.25 0.09 3.12
C VAL A 145 7.10 -0.14 1.62
N LEU A 146 6.29 0.69 0.97
CA LEU A 146 6.05 0.56 -0.47
C LEU A 146 7.32 0.76 -1.27
N LEU A 147 8.17 1.67 -0.82
CA LEU A 147 9.43 1.95 -1.49
C LEU A 147 10.33 0.71 -1.50
N SER A 148 10.34 0.01 -0.37
CA SER A 148 11.14 -1.19 -0.23
C SER A 148 10.49 -2.38 -0.94
N MET A 149 9.19 -2.27 -1.18
CA MET A 149 8.43 -3.33 -1.85
C MET A 149 8.67 -3.35 -3.35
N SER A 150 8.39 -2.23 -4.02
CA SER A 150 8.55 -2.13 -5.46
C SER A 150 9.97 -2.46 -5.93
N LYS A 151 10.95 -2.24 -5.07
CA LYS A 151 12.34 -2.49 -5.41
C LYS A 151 12.67 -3.99 -5.52
N GLY A 152 11.82 -4.82 -4.94
CA GLY A 152 12.06 -6.25 -4.99
C GLY A 152 10.87 -7.04 -5.50
N GLY A 153 9.69 -6.44 -5.45
CA GLY A 153 8.49 -7.12 -5.90
C GLY A 153 8.16 -6.86 -7.35
N LYS A 154 8.49 -5.67 -7.85
CA LYS A 154 8.20 -5.31 -9.24
C LYS A 154 9.18 -5.99 -10.19
N ARG A 155 8.91 -7.25 -10.51
CA ARG A 155 9.75 -8.00 -11.43
C ARG A 155 8.97 -8.43 -12.66
N LYS A 156 7.67 -8.11 -12.67
CA LYS A 156 6.81 -8.48 -13.77
C LYS A 156 6.41 -7.26 -14.58
N ASP A 157 7.12 -7.04 -15.67
CA ASP A 157 6.86 -5.89 -16.53
C ASP A 157 6.22 -6.35 -17.83
N SER A 158 5.70 -7.58 -17.83
CA SER A 158 5.06 -8.14 -19.00
C SER A 158 3.60 -7.67 -19.12
N VAL A 159 3.39 -6.37 -18.94
CA VAL A 159 2.07 -5.80 -19.04
C VAL A 159 2.05 -4.73 -20.12
N TRP A 160 0.86 -4.29 -20.50
CA TRP A 160 0.73 -3.26 -21.52
C TRP A 160 0.92 -1.87 -20.94
N GLY A 161 2.10 -1.30 -21.17
CA GLY A 161 2.39 0.03 -20.68
C GLY A 161 1.99 1.09 -21.67
N SER A 162 0.76 1.55 -21.58
CA SER A 162 0.24 2.55 -22.48
C SER A 162 0.73 3.95 -22.09
N GLY A 163 0.77 4.84 -23.07
CA GLY A 163 1.21 6.21 -22.80
C GLY A 163 0.03 7.12 -22.55
N GLY B 1 -2.80 8.16 -21.79
CA GLY B 1 -3.18 7.17 -20.75
C GLY B 1 -3.90 5.97 -21.33
N GLY B 2 -5.22 6.07 -21.42
CA GLY B 2 -6.02 4.98 -21.94
C GLY B 2 -6.59 4.14 -20.83
N GLN B 3 -6.34 2.84 -20.88
CA GLN B 3 -6.82 1.92 -19.86
C GLN B 3 -5.68 1.48 -18.95
N GLN B 4 -6.03 0.95 -17.79
CA GLN B 4 -5.05 0.48 -16.82
C GLN B 4 -5.11 -1.04 -16.69
N PRO B 5 -3.95 -1.71 -16.76
CA PRO B 5 -3.86 -3.17 -16.64
C PRO B 5 -4.34 -3.66 -15.27
N VAL B 6 -4.74 -4.92 -15.21
CA VAL B 6 -5.21 -5.52 -13.96
C VAL B 6 -4.05 -5.98 -13.10
N ASN B 7 -4.21 -5.79 -11.80
CA ASN B 7 -3.19 -6.18 -10.83
C ASN B 7 -3.61 -7.46 -10.12
N HIS B 8 -2.64 -8.18 -9.58
CA HIS B 8 -2.91 -9.44 -8.88
C HIS B 8 -1.64 -9.95 -8.19
N LEU B 9 -1.77 -10.29 -6.91
CA LEU B 9 -0.66 -10.82 -6.10
C LEU B 9 0.31 -9.72 -5.70
N VAL B 10 0.85 -9.03 -6.71
CA VAL B 10 1.79 -7.94 -6.47
C VAL B 10 1.07 -6.75 -5.84
N LYS B 11 1.70 -6.13 -4.85
CA LYS B 11 1.13 -4.96 -4.13
C LYS B 11 0.09 -5.38 -3.10
N GLU B 12 -0.55 -6.52 -3.30
CA GLU B 12 -1.59 -6.99 -2.39
C GLU B 12 -1.03 -7.78 -1.21
N ILE B 13 -0.55 -8.99 -1.48
CA ILE B 13 -0.03 -9.86 -0.43
C ILE B 13 1.12 -9.23 0.36
N ASP B 14 2.17 -8.82 -0.35
CA ASP B 14 3.35 -8.22 0.27
C ASP B 14 3.04 -7.05 1.21
N MET B 15 2.14 -6.17 0.78
CA MET B 15 1.77 -5.00 1.57
C MET B 15 1.18 -5.39 2.93
N LEU B 16 0.40 -6.46 2.95
CA LEU B 16 -0.23 -6.93 4.18
C LEU B 16 0.85 -7.19 5.25
N LEU B 17 2.00 -7.70 4.81
CA LEU B 17 3.11 -7.96 5.71
C LEU B 17 3.89 -6.69 6.05
N LYS B 18 4.32 -5.99 5.00
CA LYS B 18 5.11 -4.76 5.15
C LYS B 18 4.41 -3.72 6.01
N GLU B 19 3.11 -3.53 5.77
CA GLU B 19 2.32 -2.55 6.50
C GLU B 19 2.39 -2.78 7.99
N TYR B 20 2.35 -4.02 8.42
CA TYR B 20 2.43 -4.32 9.85
C TYR B 20 3.88 -4.34 10.36
N LEU B 21 4.80 -4.79 9.50
CA LEU B 21 6.22 -4.89 9.85
C LEU B 21 6.87 -3.56 10.21
N LEU B 22 6.90 -2.63 9.26
CA LEU B 22 7.51 -1.33 9.51
C LEU B 22 6.52 -0.31 10.07
N SER B 23 5.42 -0.10 9.36
CA SER B 23 4.39 0.84 9.80
C SER B 23 3.72 0.36 11.10
N GLY B 24 3.00 -0.75 11.01
CA GLY B 24 2.34 -1.31 12.18
C GLY B 24 0.86 -0.98 12.25
N ASP B 25 0.20 -0.92 11.10
CA ASP B 25 -1.23 -0.60 11.09
C ASP B 25 -2.13 -1.82 10.84
N ILE B 26 -2.98 -2.12 11.81
CA ILE B 26 -3.92 -3.24 11.69
C ILE B 26 -5.03 -2.93 10.68
N SER B 27 -5.77 -1.86 10.94
CA SER B 27 -6.86 -1.42 10.07
C SER B 27 -6.50 -1.41 8.58
N GLU B 28 -5.24 -1.13 8.27
CA GLU B 28 -4.79 -1.07 6.88
C GLU B 28 -4.73 -2.47 6.26
N ALA B 29 -4.03 -3.39 6.91
CA ALA B 29 -3.88 -4.74 6.41
C ALA B 29 -5.23 -5.46 6.37
N GLU B 30 -6.09 -5.14 7.32
CA GLU B 30 -7.41 -5.75 7.40
C GLU B 30 -8.31 -5.19 6.29
N HIS B 31 -8.21 -3.88 6.05
CA HIS B 31 -9.01 -3.23 5.01
C HIS B 31 -8.62 -3.74 3.63
N CYS B 32 -7.34 -4.02 3.45
CA CYS B 32 -6.83 -4.51 2.17
C CYS B 32 -7.24 -5.96 1.96
N LEU B 33 -7.25 -6.74 3.04
CA LEU B 33 -7.61 -8.16 2.98
C LEU B 33 -9.11 -8.31 2.69
N LYS B 34 -9.88 -7.38 3.24
CA LYS B 34 -11.34 -7.30 3.07
C LYS B 34 -11.73 -6.79 1.67
N GLU B 35 -10.77 -6.14 1.04
CA GLU B 35 -10.95 -5.58 -0.30
C GLU B 35 -10.94 -6.67 -1.37
N LEU B 36 -10.08 -7.67 -1.16
CA LEU B 36 -9.95 -8.79 -2.08
C LEU B 36 -11.18 -9.69 -2.05
N GLU B 37 -11.69 -10.03 -3.24
CA GLU B 37 -12.89 -10.86 -3.39
C GLU B 37 -12.61 -12.36 -3.36
N VAL B 38 -11.45 -12.75 -2.88
CA VAL B 38 -11.07 -14.16 -2.83
C VAL B 38 -10.65 -14.62 -1.43
N PRO B 39 -11.58 -15.27 -0.69
CA PRO B 39 -11.31 -15.77 0.68
C PRO B 39 -10.44 -17.03 0.71
N HIS B 40 -10.54 -17.86 -0.32
CA HIS B 40 -9.76 -19.10 -0.37
C HIS B 40 -8.31 -18.82 -0.70
N PHE B 41 -8.06 -17.70 -1.38
CA PHE B 41 -6.70 -17.32 -1.76
C PHE B 41 -6.00 -16.57 -0.62
N HIS B 42 -6.67 -16.48 0.52
CA HIS B 42 -6.10 -15.79 1.69
C HIS B 42 -5.01 -16.64 2.34
N HIS B 43 -4.84 -17.86 1.83
CA HIS B 43 -3.86 -18.81 2.36
C HIS B 43 -2.42 -18.42 2.06
N GLU B 44 -2.17 -17.84 0.89
CA GLU B 44 -0.82 -17.43 0.49
C GLU B 44 -0.21 -16.43 1.48
N LEU B 45 -1.04 -15.52 2.00
CA LEU B 45 -0.60 -14.52 2.96
C LEU B 45 -0.14 -15.21 4.24
N VAL B 46 -1.03 -16.03 4.79
CA VAL B 46 -0.75 -16.79 6.00
C VAL B 46 0.61 -17.48 5.91
N TYR B 47 0.84 -18.21 4.83
CA TYR B 47 2.11 -18.88 4.60
C TYR B 47 3.29 -17.89 4.65
N GLU B 48 3.16 -16.80 3.90
CA GLU B 48 4.20 -15.77 3.84
C GLU B 48 4.51 -15.17 5.20
N ALA B 49 3.46 -14.85 5.95
CA ALA B 49 3.62 -14.28 7.29
C ALA B 49 4.46 -15.20 8.19
N ILE B 50 4.34 -16.50 7.97
CA ILE B 50 5.10 -17.47 8.75
C ILE B 50 6.57 -17.46 8.31
N VAL B 51 6.77 -17.35 7.00
CA VAL B 51 8.12 -17.31 6.42
C VAL B 51 8.91 -16.11 6.94
N MET B 52 8.25 -14.94 6.95
CA MET B 52 8.89 -13.71 7.42
C MET B 52 9.51 -13.89 8.80
N VAL B 53 8.68 -14.35 9.74
CA VAL B 53 9.12 -14.63 11.12
C VAL B 53 10.44 -15.41 11.18
N LEU B 54 10.64 -16.32 10.25
CA LEU B 54 11.83 -17.15 10.23
C LEU B 54 13.00 -16.47 9.54
N GLU B 55 12.70 -15.51 8.68
CA GLU B 55 13.72 -14.79 7.92
C GLU B 55 14.01 -13.42 8.54
N SER B 56 13.43 -13.16 9.70
CA SER B 56 13.62 -11.87 10.36
C SER B 56 14.32 -12.02 11.71
N THR B 57 15.41 -11.29 11.87
CA THR B 57 16.19 -11.32 13.10
C THR B 57 15.59 -10.36 14.12
N GLY B 58 15.16 -10.90 15.25
CA GLY B 58 14.57 -10.09 16.29
C GLY B 58 13.18 -10.56 16.67
N GLU B 59 12.84 -10.42 17.94
CA GLU B 59 11.52 -10.85 18.42
C GLU B 59 10.42 -9.91 17.95
N SER B 60 10.83 -8.81 17.35
CA SER B 60 9.91 -7.81 16.84
C SER B 60 8.98 -8.44 15.79
N ALA B 61 9.59 -9.24 14.90
CA ALA B 61 8.85 -9.92 13.85
C ALA B 61 7.76 -10.82 14.44
N PHE B 62 8.13 -11.69 15.36
CA PHE B 62 7.20 -12.63 15.99
C PHE B 62 5.97 -11.90 16.55
N LYS B 63 6.19 -11.04 17.55
CA LYS B 63 5.09 -10.30 18.17
C LYS B 63 4.23 -9.55 17.15
N MET B 64 4.84 -9.08 16.06
CA MET B 64 4.08 -8.37 15.04
C MET B 64 3.26 -9.31 14.16
N ILE B 65 3.89 -10.37 13.67
CA ILE B 65 3.21 -11.31 12.79
C ILE B 65 2.09 -12.06 13.50
N LEU B 66 2.41 -12.70 14.62
CA LEU B 66 1.42 -13.45 15.39
C LEU B 66 0.20 -12.62 15.71
N ASP B 67 0.41 -11.39 16.16
CA ASP B 67 -0.69 -10.50 16.49
C ASP B 67 -1.52 -10.20 15.26
N LEU B 68 -0.86 -10.12 14.11
CA LEU B 68 -1.52 -9.82 12.86
C LEU B 68 -2.42 -10.98 12.44
N LEU B 69 -1.96 -12.21 12.66
CA LEU B 69 -2.74 -13.39 12.29
C LEU B 69 -3.95 -13.54 13.20
N LYS B 70 -3.70 -13.56 14.50
CA LYS B 70 -4.76 -13.66 15.49
C LYS B 70 -5.80 -12.56 15.32
N SER B 71 -5.36 -11.40 14.84
CA SER B 71 -6.26 -10.27 14.61
C SER B 71 -7.20 -10.59 13.46
N LEU B 72 -6.64 -11.15 12.40
CA LEU B 72 -7.41 -11.51 11.23
C LEU B 72 -8.42 -12.62 11.55
N TRP B 73 -8.05 -13.53 12.47
CA TRP B 73 -8.97 -14.59 12.89
C TRP B 73 -10.14 -13.99 13.64
N LYS B 74 -9.82 -13.12 14.61
CA LYS B 74 -10.84 -12.43 15.41
C LYS B 74 -11.92 -11.78 14.54
N SER B 75 -11.52 -11.22 13.41
CA SER B 75 -12.47 -10.57 12.51
C SER B 75 -13.09 -11.56 11.54
N SER B 76 -12.71 -12.83 11.68
CA SER B 76 -13.22 -13.90 10.83
C SER B 76 -12.82 -13.70 9.37
N THR B 77 -11.53 -13.48 9.15
CA THR B 77 -11.01 -13.27 7.81
C THR B 77 -10.22 -14.49 7.33
N ILE B 78 -9.48 -15.11 8.25
CA ILE B 78 -8.70 -16.30 7.92
C ILE B 78 -9.52 -17.57 8.12
N THR B 79 -9.49 -18.46 7.13
CA THR B 79 -10.21 -19.72 7.21
C THR B 79 -9.29 -20.83 7.69
N ILE B 80 -9.86 -21.77 8.45
CA ILE B 80 -9.10 -22.91 8.99
C ILE B 80 -8.29 -23.67 7.94
N ASP B 81 -8.91 -23.99 6.81
CA ASP B 81 -8.22 -24.72 5.74
C ASP B 81 -7.10 -23.90 5.13
N GLN B 82 -7.31 -22.60 5.05
CA GLN B 82 -6.32 -21.69 4.49
C GLN B 82 -5.06 -21.72 5.35
N MET B 83 -5.26 -21.70 6.66
CA MET B 83 -4.15 -21.75 7.60
C MET B 83 -3.51 -23.12 7.60
N LYS B 84 -4.34 -24.16 7.49
CA LYS B 84 -3.85 -25.55 7.47
C LYS B 84 -2.87 -25.75 6.32
N ARG B 85 -3.32 -25.40 5.11
CA ARG B 85 -2.49 -25.52 3.92
C ARG B 85 -1.24 -24.64 4.03
N GLY B 86 -1.30 -23.66 4.91
CA GLY B 86 -0.18 -22.76 5.12
C GLY B 86 0.94 -23.39 5.92
N TYR B 87 0.59 -23.90 7.10
CA TYR B 87 1.58 -24.53 7.98
C TYR B 87 2.17 -25.79 7.35
N GLU B 88 1.31 -26.57 6.68
CA GLU B 88 1.75 -27.80 6.01
C GLU B 88 2.89 -27.52 5.03
N ARG B 89 2.83 -26.36 4.39
CA ARG B 89 3.85 -25.96 3.43
C ARG B 89 5.14 -25.62 4.17
N ILE B 90 5.01 -24.88 5.27
CA ILE B 90 6.17 -24.49 6.07
C ILE B 90 6.94 -25.72 6.54
N TYR B 91 6.19 -26.79 6.83
CA TYR B 91 6.79 -28.06 7.25
C TYR B 91 7.69 -28.62 6.15
N ASN B 92 7.42 -28.23 4.91
CA ASN B 92 8.19 -28.67 3.76
C ASN B 92 9.35 -27.72 3.47
N GLU B 93 9.15 -26.45 3.77
CA GLU B 93 10.17 -25.43 3.51
C GLU B 93 11.34 -25.55 4.49
N ILE B 94 11.09 -26.22 5.62
CA ILE B 94 12.10 -26.41 6.66
C ILE B 94 13.45 -26.92 6.11
N PRO B 95 13.48 -28.08 5.42
CA PRO B 95 14.72 -28.63 4.85
C PRO B 95 15.42 -27.69 3.88
N ASP B 96 14.64 -26.87 3.18
CA ASP B 96 15.18 -25.92 2.22
C ASP B 96 15.79 -24.70 2.91
N ILE B 97 15.02 -24.12 3.83
CA ILE B 97 15.47 -22.93 4.56
C ILE B 97 16.62 -23.26 5.51
N ASN B 98 16.49 -24.35 6.27
CA ASN B 98 17.50 -24.75 7.21
C ASN B 98 18.67 -25.41 6.49
N LEU B 99 18.37 -26.39 5.65
CA LEU B 99 19.38 -27.12 4.90
C LEU B 99 20.42 -27.73 5.84
N ASP B 100 19.97 -28.74 6.59
CA ASP B 100 20.81 -29.44 7.57
C ASP B 100 21.00 -28.62 8.83
N VAL B 101 21.24 -29.30 9.95
CA VAL B 101 21.43 -28.64 11.24
C VAL B 101 20.27 -27.69 11.55
N PRO B 102 19.07 -28.24 11.81
CA PRO B 102 17.89 -27.43 12.10
C PRO B 102 17.90 -26.85 13.51
N HIS B 103 18.54 -25.70 13.66
CA HIS B 103 18.62 -25.05 14.97
C HIS B 103 17.46 -24.09 15.20
N SER B 104 16.66 -23.87 14.15
CA SER B 104 15.50 -22.97 14.26
C SER B 104 14.32 -23.67 14.93
N TYR B 105 14.54 -24.91 15.37
CA TYR B 105 13.52 -25.69 16.05
C TYR B 105 13.03 -24.97 17.30
N SER B 106 13.93 -24.19 17.91
CA SER B 106 13.60 -23.43 19.11
C SER B 106 12.45 -22.46 18.83
N VAL B 107 12.55 -21.76 17.71
CA VAL B 107 11.53 -20.81 17.30
C VAL B 107 10.35 -21.53 16.65
N LEU B 108 10.68 -22.53 15.81
CA LEU B 108 9.68 -23.31 15.09
C LEU B 108 8.62 -23.91 16.02
N GLU B 109 9.09 -24.63 17.02
CA GLU B 109 8.20 -25.27 17.98
C GLU B 109 7.47 -24.24 18.84
N ARG B 110 8.08 -23.07 18.98
CA ARG B 110 7.52 -22.00 19.78
C ARG B 110 6.30 -21.38 19.09
N PHE B 111 6.49 -21.00 17.84
CA PHE B 111 5.41 -20.39 17.06
C PHE B 111 4.22 -21.33 16.88
N VAL B 112 4.47 -22.61 16.62
CA VAL B 112 3.39 -23.55 16.41
C VAL B 112 2.64 -23.86 17.70
N GLU B 113 3.37 -23.90 18.83
CA GLU B 113 2.73 -24.17 20.12
C GLU B 113 1.89 -22.98 20.57
N GLU B 114 2.39 -21.78 20.26
CA GLU B 114 1.69 -20.56 20.62
C GLU B 114 0.39 -20.46 19.84
N CYS B 115 0.47 -20.68 18.52
CA CYS B 115 -0.71 -20.65 17.68
C CYS B 115 -1.75 -21.62 18.20
N PHE B 116 -1.32 -22.83 18.55
CA PHE B 116 -2.22 -23.85 19.09
C PHE B 116 -2.93 -23.34 20.33
N GLN B 117 -2.16 -22.80 21.27
CA GLN B 117 -2.71 -22.26 22.54
C GLN B 117 -3.86 -21.28 22.31
N ALA B 118 -3.82 -20.56 21.19
CA ALA B 118 -4.88 -19.60 20.86
C ALA B 118 -6.20 -20.32 20.50
N GLY B 119 -6.10 -21.61 20.21
CA GLY B 119 -7.29 -22.38 19.85
C GLY B 119 -7.77 -22.07 18.45
N ILE B 120 -6.84 -21.79 17.55
CA ILE B 120 -7.18 -21.47 16.17
C ILE B 120 -6.98 -22.67 15.24
N ILE B 121 -6.10 -23.58 15.63
CA ILE B 121 -5.81 -24.78 14.84
C ILE B 121 -5.73 -25.98 15.78
N SER B 122 -6.49 -27.04 15.49
CA SER B 122 -6.50 -28.23 16.34
C SER B 122 -5.19 -29.01 16.30
N LYS B 123 -5.13 -30.03 17.16
CA LYS B 123 -3.97 -30.91 17.30
C LYS B 123 -3.50 -31.53 15.98
N GLN B 124 -4.42 -31.70 15.04
CA GLN B 124 -4.07 -32.26 13.73
C GLN B 124 -2.88 -31.54 13.12
N LEU B 125 -2.92 -30.21 13.12
CA LEU B 125 -1.84 -29.41 12.56
C LEU B 125 -0.57 -29.55 13.42
N ARG B 126 -0.75 -29.64 14.74
CA ARG B 126 0.37 -29.79 15.65
C ARG B 126 1.06 -31.14 15.45
N ASP B 127 0.26 -32.15 15.11
CA ASP B 127 0.79 -33.50 14.88
C ASP B 127 1.62 -33.56 13.60
N LEU B 128 1.23 -32.77 12.60
CA LEU B 128 1.95 -32.72 11.35
C LEU B 128 3.29 -32.00 11.53
N CYS B 129 3.41 -31.30 12.65
CA CYS B 129 4.62 -30.56 12.99
C CYS B 129 5.70 -31.52 13.49
N PRO B 130 6.95 -31.33 13.05
CA PRO B 130 8.09 -32.16 13.47
C PRO B 130 8.59 -31.76 14.85
N SER B 131 7.74 -31.95 15.86
CA SER B 131 8.08 -31.61 17.23
C SER B 131 9.24 -32.45 17.76
N GLY A 1 2.58 30.30 -2.48
CA GLY A 1 2.36 30.24 -1.01
C GLY A 1 0.90 30.24 -0.65
N LEU A 2 0.18 31.29 -1.02
CA LEU A 2 -1.24 31.39 -0.73
C LEU A 2 -2.06 31.46 -2.01
N PRO A 3 -3.00 30.53 -2.19
CA PRO A 3 -3.86 30.51 -3.37
C PRO A 3 -4.93 31.59 -3.29
N LEU A 4 -5.55 31.92 -4.41
CA LEU A 4 -6.58 32.94 -4.44
C LEU A 4 -7.81 32.39 -5.14
N ASP A 5 -8.95 32.48 -4.46
CA ASP A 5 -10.22 31.98 -5.00
C ASP A 5 -10.13 30.48 -5.22
N GLU A 6 -9.85 29.76 -4.14
CA GLU A 6 -9.71 28.32 -4.18
C GLU A 6 -11.02 27.64 -4.59
N ARG A 7 -12.09 27.96 -3.88
CA ARG A 7 -13.41 27.38 -4.17
C ARG A 7 -13.81 27.53 -5.63
N ALA A 8 -13.70 28.75 -6.17
CA ALA A 8 -14.06 29.01 -7.56
C ALA A 8 -13.19 28.18 -8.50
N PHE A 9 -11.96 27.93 -8.07
CA PHE A 9 -11.01 27.15 -8.85
C PHE A 9 -11.39 25.66 -8.83
N GLU A 10 -11.66 25.13 -7.64
CA GLU A 10 -12.02 23.73 -7.48
C GLU A 10 -13.33 23.42 -8.21
N LYS A 11 -14.30 24.30 -8.04
CA LYS A 11 -15.62 24.15 -8.66
C LYS A 11 -15.50 24.02 -10.17
N THR A 12 -14.64 24.85 -10.75
CA THR A 12 -14.44 24.84 -12.20
C THR A 12 -13.60 23.63 -12.63
N LEU A 13 -12.70 23.19 -11.76
CA LEU A 13 -11.82 22.07 -12.08
C LEU A 13 -12.51 20.70 -11.99
N THR A 14 -13.45 20.54 -11.07
CA THR A 14 -14.16 19.27 -10.89
C THR A 14 -14.66 18.65 -12.21
N PRO A 15 -15.51 19.36 -12.99
CA PRO A 15 -16.02 18.83 -14.26
C PRO A 15 -14.90 18.59 -15.28
N ILE A 16 -13.78 19.28 -15.09
CA ILE A 16 -12.64 19.13 -15.99
C ILE A 16 -11.86 17.84 -15.67
N ILE A 17 -11.51 17.66 -14.40
CA ILE A 17 -10.75 16.49 -13.95
C ILE A 17 -11.51 15.21 -14.26
N GLN A 18 -12.76 15.14 -13.82
CA GLN A 18 -13.62 14.00 -14.07
C GLN A 18 -13.66 13.58 -15.55
N GLU A 19 -13.40 14.52 -16.46
CA GLU A 19 -13.45 14.22 -17.88
C GLU A 19 -12.20 13.41 -18.25
N TYR A 20 -11.09 13.67 -17.57
CA TYR A 20 -9.84 12.98 -17.82
C TYR A 20 -9.98 11.47 -17.55
N PHE A 21 -10.64 11.15 -16.44
CA PHE A 21 -10.85 9.76 -16.04
C PHE A 21 -11.86 9.06 -16.93
N GLU A 22 -12.43 9.79 -17.87
CA GLU A 22 -13.41 9.24 -18.78
C GLU A 22 -12.73 8.57 -19.98
N HIS A 23 -11.54 9.03 -20.31
CA HIS A 23 -10.81 8.44 -21.43
C HIS A 23 -9.37 8.05 -21.07
N GLY A 24 -8.80 8.72 -20.06
CA GLY A 24 -7.43 8.41 -19.64
C GLY A 24 -6.38 9.18 -20.40
N ASP A 25 -6.71 10.37 -20.90
CA ASP A 25 -5.74 11.16 -21.67
C ASP A 25 -5.50 12.55 -21.09
N THR A 26 -4.25 12.80 -20.72
CA THR A 26 -3.88 14.07 -20.12
C THR A 26 -3.63 15.16 -21.17
N ASN A 27 -3.35 14.76 -22.42
CA ASN A 27 -3.04 15.70 -23.52
C ASN A 27 -4.03 16.85 -23.65
N GLU A 28 -5.31 16.54 -23.52
CA GLU A 28 -6.35 17.55 -23.64
C GLU A 28 -6.25 18.51 -22.46
N VAL A 29 -6.21 17.95 -21.25
CA VAL A 29 -6.09 18.73 -20.03
C VAL A 29 -4.85 19.65 -20.04
N ALA A 30 -3.81 19.26 -20.78
CA ALA A 30 -2.57 20.04 -20.81
C ALA A 30 -2.83 21.40 -21.47
N GLU A 31 -3.79 21.43 -22.39
CA GLU A 31 -4.14 22.66 -23.09
C GLU A 31 -4.84 23.65 -22.15
N MET A 32 -5.77 23.14 -21.36
CA MET A 32 -6.53 23.95 -20.41
C MET A 32 -5.60 24.60 -19.39
N LEU A 33 -4.62 23.83 -18.95
CA LEU A 33 -3.64 24.33 -17.98
C LEU A 33 -2.78 25.44 -18.57
N ARG A 34 -2.61 25.42 -19.89
CA ARG A 34 -1.83 26.44 -20.57
C ARG A 34 -2.58 27.77 -20.66
N ASP A 35 -3.90 27.73 -20.79
CA ASP A 35 -4.70 28.96 -20.90
C ASP A 35 -4.90 29.68 -19.57
N LEU A 36 -5.38 28.93 -18.57
CA LEU A 36 -5.61 29.48 -17.23
C LEU A 36 -4.39 30.20 -16.65
N ASN A 37 -3.19 29.88 -17.17
CA ASN A 37 -1.92 30.48 -16.71
C ASN A 37 -1.86 30.61 -15.19
N LEU A 38 -1.34 29.58 -14.53
CA LEU A 38 -1.28 29.58 -13.08
C LEU A 38 0.08 29.15 -12.56
N GLY A 39 0.57 29.88 -11.57
CA GLY A 39 1.85 29.55 -10.96
C GLY A 39 1.67 28.52 -9.88
N GLU A 40 1.61 28.96 -8.62
CA GLU A 40 1.42 28.05 -7.50
C GLU A 40 -0.03 27.58 -7.47
N MET A 41 -0.91 28.34 -8.11
CA MET A 41 -2.33 28.01 -8.17
C MET A 41 -2.53 26.76 -9.02
N LYS A 42 -1.58 26.51 -9.91
CA LYS A 42 -1.64 25.35 -10.78
C LYS A 42 -1.40 24.08 -9.98
N SER A 43 -0.67 24.22 -8.87
CA SER A 43 -0.36 23.10 -7.99
C SER A 43 -1.61 22.59 -7.28
N GLY A 44 -2.71 23.33 -7.42
CA GLY A 44 -3.95 22.92 -6.81
C GLY A 44 -4.63 21.82 -7.62
N VAL A 45 -4.54 21.96 -8.95
CA VAL A 45 -5.09 20.97 -9.88
C VAL A 45 -4.83 19.52 -9.45
N PRO A 46 -3.54 19.10 -9.30
CA PRO A 46 -3.21 17.73 -8.88
C PRO A 46 -3.84 17.36 -7.54
N VAL A 47 -4.01 18.35 -6.66
CA VAL A 47 -4.61 18.11 -5.34
C VAL A 47 -6.03 17.56 -5.51
N LEU A 48 -6.87 18.33 -6.19
CA LEU A 48 -8.25 17.92 -6.39
C LEU A 48 -8.33 16.69 -7.29
N ALA A 49 -7.36 16.56 -8.19
CA ALA A 49 -7.32 15.43 -9.10
C ALA A 49 -7.17 14.14 -8.31
N VAL A 50 -6.22 14.15 -7.38
CA VAL A 50 -5.98 13.00 -6.52
C VAL A 50 -7.15 12.77 -5.57
N SER A 51 -7.70 13.87 -5.04
CA SER A 51 -8.82 13.78 -4.11
C SER A 51 -10.04 13.14 -4.76
N LEU A 52 -10.45 13.68 -5.92
CA LEU A 52 -11.58 13.12 -6.65
C LEU A 52 -11.40 11.62 -6.90
N ALA A 53 -10.17 11.22 -7.21
CA ALA A 53 -9.87 9.82 -7.44
C ALA A 53 -10.03 9.01 -6.15
N LEU A 54 -9.62 9.60 -5.02
CA LEU A 54 -9.71 8.94 -3.71
C LEU A 54 -11.11 8.48 -3.41
N GLU A 55 -12.07 9.38 -3.57
CA GLU A 55 -13.48 9.06 -3.30
C GLU A 55 -14.10 8.24 -4.43
N GLY A 56 -13.32 7.96 -5.47
CA GLY A 56 -13.82 7.18 -6.57
C GLY A 56 -13.45 5.72 -6.44
N LYS A 57 -13.18 5.09 -7.57
CA LYS A 57 -12.83 3.67 -7.59
C LYS A 57 -11.31 3.50 -7.53
N ALA A 58 -10.88 2.31 -7.11
CA ALA A 58 -9.46 1.99 -6.99
C ALA A 58 -8.72 2.14 -8.32
N SER A 59 -9.38 1.80 -9.42
CA SER A 59 -8.76 1.89 -10.73
C SER A 59 -8.44 3.34 -11.07
N HIS A 60 -9.47 4.19 -11.06
CA HIS A 60 -9.30 5.63 -11.30
C HIS A 60 -8.22 6.29 -10.43
N ARG A 61 -7.87 5.66 -9.31
CA ARG A 61 -6.85 6.21 -8.42
C ARG A 61 -5.46 6.04 -9.04
N GLU A 62 -5.14 4.81 -9.44
CA GLU A 62 -3.87 4.53 -10.08
C GLU A 62 -3.83 5.23 -11.43
N MET A 63 -5.02 5.44 -12.00
CA MET A 63 -5.19 6.14 -13.28
C MET A 63 -4.69 7.60 -13.18
N THR A 64 -4.49 8.07 -11.95
CA THR A 64 -4.10 9.45 -11.75
C THR A 64 -2.59 9.62 -11.94
N SER A 65 -1.84 8.53 -11.73
CA SER A 65 -0.38 8.54 -11.83
C SER A 65 0.13 9.03 -13.20
N LYS A 66 -0.65 8.76 -14.25
CA LYS A 66 -0.27 9.16 -15.59
C LYS A 66 -0.29 10.70 -15.69
N LEU A 67 -1.45 11.26 -15.37
CA LEU A 67 -1.62 12.71 -15.34
C LEU A 67 -0.45 13.39 -14.61
N LEU A 68 0.01 12.82 -13.51
CA LEU A 68 1.11 13.39 -12.75
C LEU A 68 2.40 13.48 -13.59
N SER A 69 2.69 12.42 -14.34
CA SER A 69 3.90 12.41 -15.17
C SER A 69 3.75 13.38 -16.34
N ASP A 70 2.62 13.27 -17.04
CA ASP A 70 2.32 14.14 -18.18
C ASP A 70 2.42 15.63 -17.83
N LEU A 71 2.17 15.93 -16.56
CA LEU A 71 2.22 17.32 -16.10
C LEU A 71 3.67 17.76 -15.93
N CYS A 72 4.50 16.86 -15.44
CA CYS A 72 5.92 17.16 -15.22
C CYS A 72 6.62 17.50 -16.54
N GLY A 73 7.28 18.65 -16.56
CA GLY A 73 7.98 19.08 -17.74
C GLY A 73 7.10 19.90 -18.67
N THR A 74 6.01 19.30 -19.09
CA THR A 74 5.08 19.94 -20.01
C THR A 74 4.51 21.25 -19.46
N VAL A 75 3.92 21.20 -18.25
CA VAL A 75 3.34 22.40 -17.66
C VAL A 75 3.70 22.55 -16.18
N MET A 76 4.39 21.56 -15.64
CA MET A 76 4.78 21.59 -14.24
C MET A 76 6.29 21.39 -14.12
N SER A 77 6.92 22.16 -13.25
CA SER A 77 8.35 22.05 -13.02
C SER A 77 8.67 20.88 -12.08
N THR A 78 9.86 20.89 -11.49
CA THR A 78 10.26 19.83 -10.58
C THR A 78 9.96 20.29 -9.15
N THR A 79 10.33 21.54 -8.85
CA THR A 79 10.09 22.16 -7.55
C THR A 79 8.59 22.44 -7.38
N ASP A 80 7.88 22.36 -8.50
CA ASP A 80 6.46 22.68 -8.54
C ASP A 80 5.70 21.48 -7.98
N VAL A 81 6.33 20.30 -8.03
CA VAL A 81 5.69 19.05 -7.58
C VAL A 81 5.37 18.99 -6.09
N GLU A 82 6.28 19.46 -5.23
CA GLU A 82 6.02 19.40 -3.80
C GLU A 82 4.77 20.20 -3.52
N LYS A 83 4.84 21.50 -3.81
CA LYS A 83 3.63 22.35 -3.71
C LYS A 83 2.38 21.78 -4.36
N SER A 84 2.52 20.88 -5.32
CA SER A 84 1.37 20.29 -5.94
C SER A 84 0.70 19.37 -4.93
N PHE A 85 1.50 18.56 -4.22
CA PHE A 85 1.01 17.66 -3.16
C PHE A 85 0.89 18.35 -1.81
N ASP A 86 2.02 18.97 -1.41
CA ASP A 86 2.26 19.63 -0.10
C ASP A 86 1.09 19.86 0.85
N LYS A 87 0.00 20.49 0.48
CA LYS A 87 -1.09 20.65 1.43
C LYS A 87 -1.80 19.32 1.66
N LEU A 88 -1.63 18.41 0.70
CA LEU A 88 -2.26 17.07 0.70
C LEU A 88 -2.25 16.42 2.08
N LEU A 89 -1.29 16.74 2.94
CA LEU A 89 -1.32 16.11 4.25
C LEU A 89 -2.28 16.92 5.14
N LYS A 90 -1.86 18.15 5.46
CA LYS A 90 -2.71 19.09 6.24
C LYS A 90 -4.17 19.31 5.78
N ASP A 91 -4.53 18.84 4.60
CA ASP A 91 -5.88 18.99 4.12
C ASP A 91 -6.61 17.66 4.15
N LEU A 92 -5.81 16.59 4.17
CA LEU A 92 -6.30 15.21 4.20
C LEU A 92 -7.34 14.92 5.29
N PRO A 93 -7.15 15.38 6.55
CA PRO A 93 -8.11 15.14 7.64
C PRO A 93 -9.55 15.34 7.20
N GLU A 94 -9.81 16.46 6.53
CA GLU A 94 -11.14 16.77 6.02
C GLU A 94 -11.66 15.64 5.11
N LEU A 95 -10.79 15.10 4.28
CA LEU A 95 -11.16 14.02 3.38
C LEU A 95 -11.27 12.69 4.15
N ALA A 96 -10.48 12.58 5.22
CA ALA A 96 -10.48 11.40 6.07
C ALA A 96 -11.80 11.27 6.79
N LEU A 97 -12.43 12.41 7.05
CA LEU A 97 -13.73 12.45 7.70
C LEU A 97 -14.84 11.88 6.80
N ASP A 98 -14.50 11.71 5.51
CA ASP A 98 -15.48 11.22 4.55
C ASP A 98 -15.14 9.79 4.17
N THR A 99 -13.85 9.52 3.93
CA THR A 99 -13.38 8.20 3.58
C THR A 99 -12.12 7.91 4.40
N PRO A 100 -12.23 7.10 5.46
CA PRO A 100 -11.10 6.75 6.34
C PRO A 100 -9.93 6.18 5.55
N ARG A 101 -10.25 5.43 4.51
CA ARG A 101 -9.24 4.85 3.64
C ARG A 101 -8.34 5.89 2.96
N ALA A 102 -8.87 7.09 2.68
CA ALA A 102 -8.11 8.17 2.04
C ALA A 102 -6.67 8.37 2.57
N PRO A 103 -6.48 8.60 3.89
CA PRO A 103 -5.13 8.76 4.47
C PRO A 103 -4.21 7.61 4.09
N GLN A 104 -4.78 6.43 3.99
CA GLN A 104 -4.05 5.24 3.63
C GLN A 104 -3.80 5.19 2.11
N LEU A 105 -4.75 5.73 1.35
CA LEU A 105 -4.67 5.76 -0.11
C LEU A 105 -3.52 6.63 -0.56
N VAL A 106 -3.53 7.88 -0.10
CA VAL A 106 -2.46 8.83 -0.41
C VAL A 106 -1.03 8.31 -0.24
N GLY A 107 -0.87 7.18 0.47
CA GLY A 107 0.47 6.69 0.71
C GLY A 107 1.12 6.34 -0.63
N GLN A 108 0.33 5.80 -1.57
CA GLN A 108 0.84 5.45 -2.89
C GLN A 108 1.12 6.73 -3.67
N PHE A 109 0.28 7.73 -3.43
CA PHE A 109 0.42 8.99 -4.10
C PHE A 109 1.73 9.70 -3.74
N ILE A 110 2.25 9.39 -2.55
CA ILE A 110 3.46 10.04 -2.13
C ILE A 110 4.67 9.21 -2.63
N ALA A 111 4.48 7.87 -2.67
CA ALA A 111 5.55 6.94 -3.04
C ALA A 111 5.76 6.80 -4.55
N ARG A 112 4.68 6.89 -5.31
CA ARG A 112 4.70 6.70 -6.76
C ARG A 112 5.69 7.58 -7.50
N ALA A 113 5.56 8.89 -7.37
CA ALA A 113 6.47 9.83 -8.03
C ALA A 113 7.94 9.60 -7.70
N VAL A 114 8.22 9.06 -6.52
CA VAL A 114 9.59 8.81 -6.13
C VAL A 114 10.16 7.72 -7.04
N GLY A 115 9.30 6.78 -7.38
CA GLY A 115 9.71 5.68 -8.22
C GLY A 115 9.57 5.99 -9.70
N ASP A 116 8.75 7.00 -10.04
CA ASP A 116 8.48 7.34 -11.45
C ASP A 116 9.12 8.66 -11.93
N GLY A 117 10.08 9.17 -11.17
CA GLY A 117 10.78 10.39 -11.55
C GLY A 117 9.94 11.66 -11.47
N ILE A 118 9.14 11.81 -10.43
CA ILE A 118 8.32 13.00 -10.28
C ILE A 118 8.45 13.59 -8.87
N LEU A 119 9.36 13.04 -8.07
CA LEU A 119 9.55 13.52 -6.70
C LEU A 119 10.88 13.06 -6.13
N CYS A 120 11.34 13.77 -5.10
CA CYS A 120 12.59 13.45 -4.44
C CYS A 120 12.36 12.51 -3.25
N ASN A 121 13.26 11.56 -3.09
CA ASN A 121 13.22 10.58 -2.01
C ASN A 121 13.50 11.22 -0.65
N THR A 122 13.86 12.48 -0.65
CA THR A 122 14.24 13.19 0.57
C THR A 122 13.01 13.88 1.17
N TYR A 123 11.88 13.85 0.46
CA TYR A 123 10.65 14.50 0.92
C TYR A 123 10.12 13.77 2.16
N ILE A 124 10.26 12.45 2.14
CA ILE A 124 9.79 11.61 3.26
C ILE A 124 10.64 11.87 4.50
N ASP A 125 11.93 12.04 4.28
CA ASP A 125 12.87 12.29 5.37
C ASP A 125 12.58 13.63 6.03
N SER A 126 12.12 14.58 5.23
CA SER A 126 11.78 15.90 5.74
C SER A 126 10.61 15.83 6.73
N TYR A 127 9.76 14.81 6.56
CA TYR A 127 8.62 14.62 7.43
C TYR A 127 8.86 13.46 8.40
N LYS A 128 10.14 13.13 8.59
CA LYS A 128 10.54 12.04 9.48
C LYS A 128 10.41 12.40 10.96
N GLY A 129 9.32 13.05 11.32
CA GLY A 129 9.07 13.43 12.70
C GLY A 129 8.43 14.79 12.77
N THR A 130 8.71 15.59 11.75
CA THR A 130 8.18 16.94 11.63
C THR A 130 6.73 16.92 11.15
N VAL A 131 5.91 16.08 11.76
CA VAL A 131 4.52 15.97 11.39
C VAL A 131 3.64 16.06 12.63
N ASP A 132 2.81 17.08 12.67
CA ASP A 132 1.91 17.30 13.79
C ASP A 132 0.53 16.74 13.48
N CYS A 133 0.49 15.72 12.65
CA CYS A 133 -0.76 15.10 12.25
C CYS A 133 -0.62 13.58 12.18
N VAL A 134 -1.65 12.89 12.64
CA VAL A 134 -1.65 11.43 12.63
C VAL A 134 -1.88 10.91 11.20
N GLN A 135 -2.94 11.40 10.56
CA GLN A 135 -3.30 11.01 9.20
C GLN A 135 -2.12 11.17 8.23
N ALA A 136 -1.48 12.33 8.25
CA ALA A 136 -0.34 12.60 7.38
C ALA A 136 0.78 11.61 7.65
N ARG A 137 1.16 11.50 8.92
CA ARG A 137 2.21 10.57 9.32
C ARG A 137 1.94 9.15 8.80
N ALA A 138 0.70 8.71 8.92
CA ALA A 138 0.30 7.37 8.45
C ALA A 138 0.45 7.26 6.93
N ALA A 139 0.07 8.34 6.24
CA ALA A 139 0.18 8.39 4.78
C ALA A 139 1.62 8.18 4.35
N LEU A 140 2.54 8.83 5.05
CA LEU A 140 3.97 8.70 4.76
C LEU A 140 4.43 7.30 5.12
N ASP A 141 3.91 6.81 6.25
CA ASP A 141 4.23 5.47 6.75
C ASP A 141 3.96 4.45 5.66
N LYS A 142 2.74 4.46 5.15
CA LYS A 142 2.32 3.57 4.08
C LYS A 142 3.23 3.68 2.85
N ALA A 143 3.63 4.91 2.51
CA ALA A 143 4.48 5.14 1.35
C ALA A 143 5.85 4.46 1.46
N THR A 144 6.48 4.62 2.62
CA THR A 144 7.80 4.01 2.86
C THR A 144 7.85 2.51 2.54
N VAL A 145 6.79 1.78 2.86
CA VAL A 145 6.79 0.35 2.57
C VAL A 145 6.58 0.05 1.10
N LEU A 146 5.77 0.89 0.43
CA LEU A 146 5.48 0.71 -0.99
C LEU A 146 6.75 0.93 -1.83
N LEU A 147 7.60 1.81 -1.33
CA LEU A 147 8.87 2.11 -1.99
C LEU A 147 9.76 0.87 -2.02
N SER A 148 9.64 0.06 -0.97
CA SER A 148 10.43 -1.16 -0.86
C SER A 148 9.89 -2.26 -1.78
N MET A 149 8.60 -2.19 -2.10
CA MET A 149 7.97 -3.19 -2.96
C MET A 149 8.31 -2.94 -4.43
N SER A 150 8.47 -1.67 -4.78
CA SER A 150 8.78 -1.28 -6.16
C SER A 150 10.16 -1.72 -6.62
N LYS A 151 10.95 -2.29 -5.71
CA LYS A 151 12.28 -2.75 -6.05
C LYS A 151 12.25 -4.13 -6.69
N GLY A 152 11.12 -4.81 -6.54
CA GLY A 152 10.99 -6.14 -7.11
C GLY A 152 9.63 -6.42 -7.71
N GLY A 153 8.66 -5.56 -7.42
CA GLY A 153 7.32 -5.77 -7.94
C GLY A 153 6.99 -4.96 -9.17
N LYS A 154 7.96 -4.21 -9.68
CA LYS A 154 7.70 -3.40 -10.87
C LYS A 154 7.93 -4.18 -12.16
N ARG A 155 6.93 -5.00 -12.50
CA ARG A 155 6.99 -5.82 -13.72
C ARG A 155 6.57 -5.00 -14.92
N LYS A 156 5.88 -3.90 -14.66
CA LYS A 156 5.41 -3.01 -15.70
C LYS A 156 5.94 -1.61 -15.44
N ASP A 157 6.47 -0.98 -16.48
CA ASP A 157 7.01 0.36 -16.36
C ASP A 157 6.78 1.14 -17.64
N SER A 158 7.55 0.81 -18.66
CA SER A 158 7.42 1.46 -19.95
C SER A 158 6.37 0.75 -20.79
N VAL A 159 5.13 1.23 -20.72
CA VAL A 159 4.03 0.63 -21.47
C VAL A 159 3.38 1.64 -22.42
N TRP A 160 3.17 2.85 -21.93
CA TRP A 160 2.55 3.90 -22.73
C TRP A 160 3.55 4.98 -23.11
N GLY A 161 3.73 5.16 -24.40
CA GLY A 161 4.66 6.18 -24.89
C GLY A 161 3.93 7.24 -25.69
N SER A 162 3.73 6.98 -26.98
CA SER A 162 3.04 7.90 -27.86
C SER A 162 1.58 7.50 -27.99
N GLY A 163 0.95 7.24 -26.86
CA GLY A 163 -0.43 6.84 -26.85
C GLY A 163 -1.25 7.67 -25.90
N GLY B 1 -2.90 9.14 -23.89
CA GLY B 1 -3.02 8.58 -22.52
C GLY B 1 -3.52 7.15 -22.54
N GLY B 2 -3.51 6.51 -21.38
CA GLY B 2 -3.98 5.14 -21.29
C GLY B 2 -3.69 4.53 -19.94
N GLN B 3 -4.38 3.44 -19.65
CA GLN B 3 -4.21 2.74 -18.39
C GLN B 3 -3.64 1.35 -18.65
N GLN B 4 -3.15 0.70 -17.60
CA GLN B 4 -2.58 -0.63 -17.69
C GLN B 4 -3.63 -1.68 -17.41
N PRO B 5 -3.47 -2.90 -17.97
CA PRO B 5 -4.41 -4.00 -17.75
C PRO B 5 -4.34 -4.51 -16.31
N VAL B 6 -5.30 -5.33 -15.92
CA VAL B 6 -5.33 -5.88 -14.56
C VAL B 6 -4.10 -6.74 -14.29
N ASN B 7 -3.55 -6.58 -13.08
CA ASN B 7 -2.38 -7.33 -12.66
C ASN B 7 -2.55 -7.77 -11.21
N HIS B 8 -3.47 -8.71 -10.99
CA HIS B 8 -3.74 -9.21 -9.64
C HIS B 8 -2.71 -10.26 -9.22
N LEU B 9 -2.74 -10.59 -7.91
CA LEU B 9 -1.83 -11.57 -7.30
C LEU B 9 -0.48 -10.94 -6.98
N VAL B 10 -0.32 -9.70 -7.39
CA VAL B 10 0.90 -8.93 -7.16
C VAL B 10 0.51 -7.64 -6.46
N LYS B 11 1.41 -7.10 -5.64
CA LYS B 11 1.17 -5.86 -4.89
C LYS B 11 0.29 -6.09 -3.66
N GLU B 12 -0.85 -6.75 -3.86
CA GLU B 12 -1.81 -7.03 -2.79
C GLU B 12 -1.20 -7.78 -1.60
N ILE B 13 -0.78 -9.02 -1.81
CA ILE B 13 -0.20 -9.85 -0.75
C ILE B 13 1.02 -9.19 -0.11
N ASP B 14 1.87 -8.58 -0.93
CA ASP B 14 3.07 -7.92 -0.43
C ASP B 14 2.71 -6.73 0.45
N MET B 15 1.74 -5.94 -0.01
CA MET B 15 1.29 -4.74 0.69
C MET B 15 0.85 -5.08 2.11
N LEU B 16 0.08 -6.16 2.24
CA LEU B 16 -0.42 -6.59 3.54
C LEU B 16 0.71 -6.80 4.53
N LEU B 17 1.78 -7.46 4.09
CA LEU B 17 2.93 -7.71 4.95
C LEU B 17 3.66 -6.41 5.25
N LYS B 18 3.79 -5.58 4.23
CA LYS B 18 4.46 -4.29 4.34
C LYS B 18 3.77 -3.35 5.33
N GLU B 19 2.44 -3.29 5.26
CA GLU B 19 1.64 -2.43 6.14
C GLU B 19 1.80 -2.88 7.59
N TYR B 20 1.96 -4.18 7.76
CA TYR B 20 2.16 -4.72 9.08
C TYR B 20 3.61 -4.50 9.57
N LEU B 21 4.56 -4.50 8.61
CA LEU B 21 5.99 -4.30 8.91
C LEU B 21 6.33 -2.88 9.39
N LEU B 22 6.10 -1.87 8.53
CA LEU B 22 6.44 -0.49 8.87
C LEU B 22 5.37 0.20 9.71
N SER B 23 4.19 0.42 9.13
CA SER B 23 3.11 1.09 9.83
C SER B 23 2.73 0.31 11.10
N GLY B 24 2.21 -0.90 10.92
CA GLY B 24 1.85 -1.72 12.05
C GLY B 24 0.46 -1.45 12.60
N ASP B 25 -0.51 -1.31 11.73
CA ASP B 25 -1.89 -1.05 12.16
C ASP B 25 -2.83 -2.11 11.59
N ILE B 26 -3.94 -2.34 12.29
CA ILE B 26 -4.92 -3.33 11.85
C ILE B 26 -5.64 -2.91 10.58
N SER B 27 -6.32 -1.77 10.65
CA SER B 27 -7.07 -1.20 9.52
C SER B 27 -6.20 -0.96 8.29
N GLU B 28 -4.91 -0.72 8.54
CA GLU B 28 -3.95 -0.47 7.47
C GLU B 28 -4.05 -1.57 6.44
N ALA B 29 -3.83 -2.80 6.87
CA ALA B 29 -3.94 -3.96 6.02
C ALA B 29 -5.40 -4.44 5.85
N GLU B 30 -6.21 -4.24 6.90
CA GLU B 30 -7.61 -4.69 6.94
C GLU B 30 -8.44 -4.30 5.73
N HIS B 31 -8.49 -3.01 5.42
CA HIS B 31 -9.27 -2.55 4.27
C HIS B 31 -8.71 -3.09 2.95
N CYS B 32 -7.41 -3.39 2.97
CA CYS B 32 -6.72 -3.90 1.80
C CYS B 32 -7.17 -5.34 1.45
N LEU B 33 -7.10 -6.26 2.41
CA LEU B 33 -7.52 -7.66 2.17
C LEU B 33 -9.01 -7.74 1.87
N LYS B 34 -9.76 -6.81 2.43
CA LYS B 34 -11.21 -6.77 2.25
C LYS B 34 -11.65 -6.57 0.80
N GLU B 35 -10.85 -5.88 -0.02
CA GLU B 35 -11.24 -5.65 -1.40
C GLU B 35 -11.03 -6.89 -2.28
N LEU B 36 -10.37 -7.92 -1.74
CA LEU B 36 -10.14 -9.16 -2.47
C LEU B 36 -11.45 -9.92 -2.72
N GLU B 37 -11.38 -11.12 -3.30
CA GLU B 37 -12.60 -11.86 -3.58
C GLU B 37 -12.65 -13.23 -2.92
N VAL B 38 -11.71 -14.10 -3.23
CA VAL B 38 -11.71 -15.43 -2.64
C VAL B 38 -10.73 -15.55 -1.47
N PRO B 39 -11.24 -16.00 -0.31
CA PRO B 39 -10.43 -16.17 0.89
C PRO B 39 -9.65 -17.47 0.87
N HIS B 40 -9.92 -18.32 -0.11
CA HIS B 40 -9.23 -19.60 -0.23
C HIS B 40 -7.81 -19.46 -0.76
N PHE B 41 -7.59 -18.43 -1.59
CA PHE B 41 -6.26 -18.20 -2.16
C PHE B 41 -5.38 -17.51 -1.12
N HIS B 42 -6.01 -17.08 -0.05
CA HIS B 42 -5.35 -16.39 1.05
C HIS B 42 -4.52 -17.33 1.96
N HIS B 43 -4.42 -18.61 1.55
CA HIS B 43 -3.74 -19.64 2.33
C HIS B 43 -2.27 -19.28 2.58
N GLU B 44 -1.58 -18.81 1.54
CA GLU B 44 -0.17 -18.41 1.66
C GLU B 44 0.07 -17.28 2.68
N LEU B 45 -0.96 -16.45 2.91
CA LEU B 45 -0.87 -15.31 3.83
C LEU B 45 -0.12 -15.61 5.12
N VAL B 46 -0.60 -16.56 5.93
CA VAL B 46 0.09 -16.91 7.18
C VAL B 46 1.47 -17.48 6.88
N TYR B 47 1.47 -18.52 6.05
CA TYR B 47 2.71 -19.17 5.59
C TYR B 47 3.83 -18.16 5.30
N GLU B 48 3.56 -17.21 4.40
CA GLU B 48 4.53 -16.19 4.03
C GLU B 48 4.94 -15.32 5.21
N ALA B 49 4.02 -15.14 6.17
CA ALA B 49 4.31 -14.31 7.32
C ALA B 49 5.37 -14.98 8.20
N ILE B 50 5.12 -16.23 8.62
CA ILE B 50 6.10 -16.96 9.41
C ILE B 50 7.43 -16.99 8.67
N VAL B 51 7.36 -17.41 7.41
CA VAL B 51 8.52 -17.43 6.53
C VAL B 51 9.29 -16.12 6.60
N MET B 52 8.55 -15.01 6.69
CA MET B 52 9.15 -13.69 6.77
C MET B 52 9.83 -13.47 8.13
N VAL B 53 9.23 -13.98 9.20
CA VAL B 53 9.81 -13.84 10.54
C VAL B 53 11.14 -14.60 10.59
N LEU B 54 11.14 -15.83 10.09
CA LEU B 54 12.36 -16.65 10.04
C LEU B 54 13.42 -15.96 9.17
N GLU B 55 12.96 -14.99 8.40
CA GLU B 55 13.82 -14.23 7.51
C GLU B 55 14.15 -12.86 8.12
N SER B 56 13.78 -12.68 9.39
CA SER B 56 14.04 -11.44 10.10
C SER B 56 14.78 -11.71 11.39
N THR B 57 15.44 -10.69 11.93
CA THR B 57 16.18 -10.85 13.17
C THR B 57 15.65 -9.89 14.25
N GLY B 58 14.86 -10.41 15.16
CA GLY B 58 14.33 -9.58 16.23
C GLY B 58 12.99 -10.09 16.73
N GLU B 59 12.46 -9.43 17.75
CA GLU B 59 11.18 -9.82 18.33
C GLU B 59 10.06 -8.98 17.73
N SER B 60 10.44 -7.98 16.95
CA SER B 60 9.48 -7.07 16.33
C SER B 60 8.47 -7.81 15.46
N ALA B 61 8.96 -8.57 14.49
CA ALA B 61 8.09 -9.31 13.59
C ALA B 61 7.40 -10.48 14.31
N PHE B 62 8.11 -11.05 15.27
CA PHE B 62 7.58 -12.17 16.05
C PHE B 62 6.24 -11.82 16.66
N LYS B 63 6.19 -10.70 17.36
CA LYS B 63 4.96 -10.25 18.00
C LYS B 63 3.96 -9.67 16.98
N MET B 64 4.46 -8.92 15.99
CA MET B 64 3.61 -8.28 14.98
C MET B 64 2.86 -9.29 14.11
N ILE B 65 3.59 -10.24 13.55
CA ILE B 65 2.98 -11.28 12.73
C ILE B 65 2.02 -12.12 13.57
N LEU B 66 2.48 -12.43 14.77
CA LEU B 66 1.70 -13.21 15.73
C LEU B 66 0.36 -12.53 15.98
N ASP B 67 0.40 -11.22 16.20
CA ASP B 67 -0.80 -10.43 16.45
C ASP B 67 -1.69 -10.37 15.22
N LEU B 68 -1.07 -10.29 14.04
CA LEU B 68 -1.82 -10.23 12.78
C LEU B 68 -2.73 -11.44 12.59
N LEU B 69 -2.14 -12.64 12.63
CA LEU B 69 -2.92 -13.88 12.46
C LEU B 69 -3.99 -14.00 13.54
N LYS B 70 -3.66 -13.52 14.73
CA LYS B 70 -4.59 -13.57 15.86
C LYS B 70 -5.77 -12.62 15.61
N SER B 71 -5.46 -11.41 15.18
CA SER B 71 -6.47 -10.40 14.90
C SER B 71 -7.49 -10.89 13.86
N LEU B 72 -6.97 -11.41 12.76
CA LEU B 72 -7.81 -11.92 11.68
C LEU B 72 -8.61 -13.14 12.15
N TRP B 73 -7.92 -14.08 12.78
CA TRP B 73 -8.56 -15.30 13.29
C TRP B 73 -9.76 -15.00 14.20
N LYS B 74 -9.70 -13.91 14.95
CA LYS B 74 -10.82 -13.53 15.81
C LYS B 74 -12.00 -13.12 14.94
N SER B 75 -11.72 -12.27 13.97
CA SER B 75 -12.73 -11.77 13.03
C SER B 75 -13.09 -12.83 11.97
N SER B 76 -12.61 -14.06 12.16
CA SER B 76 -12.89 -15.17 11.24
C SER B 76 -12.38 -14.88 9.83
N THR B 77 -11.39 -14.01 9.75
CA THR B 77 -10.81 -13.63 8.47
C THR B 77 -10.10 -14.82 7.81
N ILE B 78 -9.19 -15.45 8.56
CA ILE B 78 -8.47 -16.61 8.05
C ILE B 78 -9.24 -17.91 8.32
N THR B 79 -9.40 -18.73 7.29
CA THR B 79 -10.11 -19.99 7.41
C THR B 79 -9.14 -21.07 7.91
N ILE B 80 -9.70 -22.13 8.50
CA ILE B 80 -8.88 -23.23 9.03
C ILE B 80 -8.05 -23.93 7.95
N ASP B 81 -8.72 -24.29 6.85
CA ASP B 81 -8.05 -24.94 5.71
C ASP B 81 -6.82 -24.16 5.28
N GLN B 82 -6.97 -22.84 5.21
CA GLN B 82 -5.90 -21.95 4.82
C GLN B 82 -4.75 -21.98 5.82
N MET B 83 -5.09 -21.80 7.10
CA MET B 83 -4.09 -21.81 8.17
C MET B 83 -3.31 -23.12 8.18
N LYS B 84 -4.04 -24.24 8.17
CA LYS B 84 -3.42 -25.56 8.16
C LYS B 84 -2.46 -25.70 6.99
N ARG B 85 -2.98 -25.54 5.78
CA ARG B 85 -2.17 -25.63 4.57
C ARG B 85 -0.91 -24.77 4.65
N GLY B 86 -1.05 -23.58 5.22
CA GLY B 86 0.08 -22.68 5.40
C GLY B 86 1.15 -23.28 6.30
N TYR B 87 0.72 -23.81 7.45
CA TYR B 87 1.63 -24.42 8.39
C TYR B 87 2.25 -25.70 7.82
N GLU B 88 1.39 -26.55 7.24
CA GLU B 88 1.84 -27.80 6.62
C GLU B 88 2.95 -27.55 5.60
N ARG B 89 2.86 -26.42 4.91
CA ARG B 89 3.87 -26.04 3.93
C ARG B 89 5.21 -25.78 4.61
N ILE B 90 5.16 -25.02 5.72
CA ILE B 90 6.36 -24.67 6.49
C ILE B 90 7.23 -25.89 6.80
N TYR B 91 6.59 -26.97 7.23
CA TYR B 91 7.29 -28.20 7.57
C TYR B 91 8.07 -28.75 6.37
N ASN B 92 7.55 -28.50 5.19
CA ASN B 92 8.17 -28.96 3.96
C ASN B 92 9.32 -28.05 3.54
N GLU B 93 9.18 -26.76 3.84
CA GLU B 93 10.20 -25.77 3.50
C GLU B 93 11.35 -25.76 4.50
N ILE B 94 11.08 -26.28 5.71
CA ILE B 94 12.10 -26.35 6.78
C ILE B 94 13.44 -26.93 6.32
N PRO B 95 13.45 -28.15 5.73
CA PRO B 95 14.69 -28.78 5.24
C PRO B 95 15.49 -27.89 4.30
N ASP B 96 14.80 -27.04 3.54
CA ASP B 96 15.46 -26.14 2.62
C ASP B 96 16.06 -24.93 3.32
N ILE B 97 15.25 -24.29 4.16
CA ILE B 97 15.70 -23.11 4.89
C ILE B 97 16.80 -23.45 5.90
N ASN B 98 16.76 -24.66 6.42
CA ASN B 98 17.76 -25.10 7.40
C ASN B 98 18.94 -25.78 6.73
N LEU B 99 18.65 -26.76 5.87
CA LEU B 99 19.69 -27.52 5.19
C LEU B 99 20.63 -28.19 6.19
N ASP B 100 20.06 -29.12 6.95
CA ASP B 100 20.78 -29.86 8.00
C ASP B 100 21.07 -28.96 9.20
N VAL B 101 21.54 -29.58 10.28
CA VAL B 101 21.84 -28.85 11.52
C VAL B 101 20.65 -27.97 11.95
N PRO B 102 19.56 -28.59 12.41
CA PRO B 102 18.36 -27.87 12.83
C PRO B 102 18.62 -26.96 14.04
N HIS B 103 18.46 -25.66 13.84
CA HIS B 103 18.68 -24.70 14.90
C HIS B 103 17.43 -23.88 15.20
N SER B 104 16.67 -23.58 14.16
CA SER B 104 15.45 -22.80 14.31
C SER B 104 14.30 -23.62 14.90
N TYR B 105 14.63 -24.77 15.49
CA TYR B 105 13.63 -25.63 16.10
C TYR B 105 13.02 -24.95 17.32
N SER B 106 13.85 -24.16 18.01
CA SER B 106 13.40 -23.43 19.19
C SER B 106 12.39 -22.36 18.79
N VAL B 107 12.49 -21.95 17.52
CA VAL B 107 11.62 -20.93 16.98
C VAL B 107 10.28 -21.56 16.54
N LEU B 108 10.38 -22.59 15.69
CA LEU B 108 9.20 -23.29 15.17
C LEU B 108 8.34 -23.89 16.28
N GLU B 109 8.99 -24.59 17.20
CA GLU B 109 8.28 -25.21 18.31
C GLU B 109 7.53 -24.18 19.14
N ARG B 110 8.25 -23.14 19.55
CA ARG B 110 7.68 -22.05 20.33
C ARG B 110 6.51 -21.40 19.59
N PHE B 111 6.64 -21.30 18.28
CA PHE B 111 5.59 -20.71 17.44
C PHE B 111 4.38 -21.63 17.40
N VAL B 112 4.63 -22.93 17.23
CA VAL B 112 3.55 -23.91 17.16
C VAL B 112 2.75 -23.97 18.47
N GLU B 113 3.43 -24.03 19.60
CA GLU B 113 2.74 -24.10 20.88
C GLU B 113 1.95 -22.81 21.14
N GLU B 114 2.59 -21.67 20.89
CA GLU B 114 1.94 -20.36 21.06
C GLU B 114 0.63 -20.33 20.27
N CYS B 115 0.69 -20.77 19.02
CA CYS B 115 -0.49 -20.81 18.16
C CYS B 115 -1.50 -21.84 18.66
N PHE B 116 -1.01 -22.92 19.25
CA PHE B 116 -1.88 -23.95 19.79
C PHE B 116 -2.66 -23.39 20.98
N GLN B 117 -1.96 -22.62 21.82
CA GLN B 117 -2.55 -21.99 22.99
C GLN B 117 -3.64 -20.98 22.61
N ALA B 118 -3.70 -20.66 21.33
CA ALA B 118 -4.70 -19.73 20.83
C ALA B 118 -6.00 -20.49 20.63
N GLY B 119 -5.85 -21.81 20.51
CA GLY B 119 -6.98 -22.70 20.34
C GLY B 119 -7.70 -22.49 19.03
N ILE B 120 -7.01 -22.00 18.02
CA ILE B 120 -7.62 -21.77 16.72
C ILE B 120 -7.20 -22.85 15.73
N ILE B 121 -6.34 -23.77 16.17
CA ILE B 121 -5.86 -24.84 15.31
C ILE B 121 -6.04 -26.21 15.98
N SER B 122 -6.53 -27.16 15.21
CA SER B 122 -6.74 -28.52 15.68
C SER B 122 -5.42 -29.20 16.04
N LYS B 123 -5.51 -30.27 16.84
CA LYS B 123 -4.34 -31.03 17.29
C LYS B 123 -3.59 -31.61 16.10
N GLN B 124 -4.35 -31.93 15.04
CA GLN B 124 -3.79 -32.48 13.82
C GLN B 124 -2.61 -31.67 13.31
N LEU B 125 -2.75 -30.35 13.32
CA LEU B 125 -1.70 -29.46 12.87
C LEU B 125 -0.48 -29.60 13.76
N ARG B 126 -0.72 -29.55 15.07
CA ARG B 126 0.34 -29.72 16.06
C ARG B 126 1.09 -31.04 15.83
N ASP B 127 0.33 -32.12 15.64
CA ASP B 127 0.91 -33.43 15.38
C ASP B 127 1.73 -33.47 14.09
N LEU B 128 1.29 -32.74 13.08
CA LEU B 128 1.99 -32.69 11.81
C LEU B 128 3.40 -32.12 11.98
N CYS B 129 3.55 -31.12 12.85
CA CYS B 129 4.85 -30.52 13.10
C CYS B 129 5.74 -31.47 13.90
N PRO B 130 7.07 -31.32 13.81
CA PRO B 130 8.03 -32.15 14.54
C PRO B 130 7.86 -32.03 16.04
N SER B 131 7.21 -33.01 16.64
CA SER B 131 6.98 -33.03 18.07
C SER B 131 8.14 -33.72 18.80
N GLY A 1 2.64 30.80 -2.23
CA GLY A 1 1.94 30.96 -0.93
C GLY A 1 0.44 30.91 -1.09
N LEU A 2 -0.25 31.92 -0.57
CA LEU A 2 -1.69 32.00 -0.65
C LEU A 2 -2.16 32.25 -2.08
N PRO A 3 -3.19 31.51 -2.53
CA PRO A 3 -3.73 31.64 -3.88
C PRO A 3 -4.76 32.76 -4.00
N LEU A 4 -5.52 32.74 -5.09
CA LEU A 4 -6.54 33.75 -5.34
C LEU A 4 -7.78 33.08 -5.93
N ASP A 5 -8.96 33.60 -5.55
CA ASP A 5 -10.25 33.08 -6.03
C ASP A 5 -10.31 31.56 -5.89
N GLU A 6 -10.39 31.09 -4.66
CA GLU A 6 -10.43 29.66 -4.36
C GLU A 6 -11.62 28.94 -4.98
N ARG A 7 -12.83 29.37 -4.68
CA ARG A 7 -14.02 28.69 -5.20
C ARG A 7 -14.09 28.78 -6.70
N ALA A 8 -13.74 29.94 -7.24
CA ALA A 8 -13.75 30.17 -8.68
C ALA A 8 -12.84 29.17 -9.38
N PHE A 9 -11.71 28.86 -8.77
CA PHE A 9 -10.76 27.93 -9.37
C PHE A 9 -11.28 26.51 -9.29
N GLU A 10 -11.80 26.14 -8.12
CA GLU A 10 -12.33 24.80 -7.89
C GLU A 10 -13.52 24.51 -8.80
N LYS A 11 -14.48 25.43 -8.80
CA LYS A 11 -15.69 25.29 -9.61
C LYS A 11 -15.37 25.12 -11.10
N THR A 12 -14.43 25.92 -11.59
CA THR A 12 -14.05 25.87 -13.00
C THR A 12 -13.31 24.57 -13.34
N LEU A 13 -12.48 24.10 -12.43
CA LEU A 13 -11.71 22.88 -12.65
C LEU A 13 -12.56 21.62 -12.49
N THR A 14 -13.71 21.76 -11.84
CA THR A 14 -14.61 20.62 -11.61
C THR A 14 -14.93 19.82 -12.87
N PRO A 15 -15.56 20.41 -13.91
CA PRO A 15 -15.91 19.69 -15.14
C PRO A 15 -14.66 19.20 -15.89
N ILE A 16 -13.62 20.02 -15.89
CA ILE A 16 -12.37 19.69 -16.55
C ILE A 16 -11.80 18.35 -16.08
N ILE A 17 -11.65 18.20 -14.77
CA ILE A 17 -11.12 16.97 -14.19
C ILE A 17 -12.13 15.82 -14.27
N GLN A 18 -13.40 16.13 -14.00
CA GLN A 18 -14.47 15.13 -14.08
C GLN A 18 -14.41 14.35 -15.40
N GLU A 19 -14.37 15.07 -16.51
CA GLU A 19 -14.30 14.44 -17.83
C GLU A 19 -12.94 13.81 -18.12
N TYR A 20 -11.92 14.27 -17.40
CA TYR A 20 -10.55 13.77 -17.59
C TYR A 20 -10.43 12.27 -17.35
N PHE A 21 -10.84 11.80 -16.17
CA PHE A 21 -10.74 10.38 -15.80
C PHE A 21 -11.54 9.49 -16.74
N GLU A 22 -12.46 10.08 -17.47
CA GLU A 22 -13.28 9.34 -18.40
C GLU A 22 -12.61 9.33 -19.78
N HIS A 23 -12.23 10.51 -20.25
CA HIS A 23 -11.58 10.65 -21.55
C HIS A 23 -10.20 9.99 -21.58
N GLY A 24 -9.38 10.32 -20.61
CA GLY A 24 -8.02 9.76 -20.55
C GLY A 24 -7.01 10.65 -21.25
N ASP A 25 -7.47 11.75 -21.82
CA ASP A 25 -6.61 12.67 -22.55
C ASP A 25 -5.88 13.65 -21.63
N THR A 26 -4.59 13.41 -21.48
CA THR A 26 -3.72 14.25 -20.65
C THR A 26 -3.38 15.61 -21.30
N ASN A 27 -3.25 15.62 -22.64
CA ASN A 27 -2.89 16.84 -23.38
C ASN A 27 -4.02 17.86 -23.33
N GLU A 28 -5.24 17.34 -23.26
CA GLU A 28 -6.44 18.16 -23.19
C GLU A 28 -6.32 19.11 -22.00
N VAL A 29 -5.86 18.54 -20.88
CA VAL A 29 -5.67 19.27 -19.64
C VAL A 29 -4.63 20.39 -19.80
N ALA A 30 -3.46 20.05 -20.37
CA ALA A 30 -2.39 21.02 -20.59
C ALA A 30 -2.88 22.21 -21.42
N GLU A 31 -3.47 21.89 -22.57
CA GLU A 31 -4.03 22.93 -23.45
C GLU A 31 -4.92 23.89 -22.67
N MET A 32 -5.69 23.36 -21.73
CA MET A 32 -6.58 24.18 -20.91
C MET A 32 -5.82 24.97 -19.84
N LEU A 33 -4.72 24.40 -19.35
CA LEU A 33 -3.92 25.04 -18.31
C LEU A 33 -3.30 26.35 -18.76
N ARG A 34 -2.59 26.32 -19.89
CA ARG A 34 -1.95 27.54 -20.42
C ARG A 34 -2.99 28.60 -20.71
N ASP A 35 -4.22 28.15 -20.96
CA ASP A 35 -5.33 29.05 -21.25
C ASP A 35 -5.67 29.89 -20.03
N LEU A 36 -5.75 29.22 -18.88
CA LEU A 36 -6.05 29.91 -17.63
C LEU A 36 -4.88 30.79 -17.19
N ASN A 37 -3.68 30.28 -17.39
CA ASN A 37 -2.44 31.00 -17.05
C ASN A 37 -2.34 31.31 -15.56
N LEU A 38 -1.77 30.37 -14.80
CA LEU A 38 -1.61 30.52 -13.36
C LEU A 38 -0.21 30.13 -12.92
N GLY A 39 0.28 30.75 -11.87
CA GLY A 39 1.60 30.46 -11.37
C GLY A 39 1.57 29.58 -10.14
N GLU A 40 1.36 30.20 -8.99
CA GLU A 40 1.31 29.45 -7.74
C GLU A 40 -0.01 28.68 -7.62
N MET A 41 -1.04 29.19 -8.26
CA MET A 41 -2.34 28.55 -8.23
C MET A 41 -2.38 27.36 -9.19
N LYS A 42 -1.32 27.22 -10.00
CA LYS A 42 -1.23 26.13 -10.95
C LYS A 42 -1.10 24.79 -10.23
N SER A 43 -0.55 24.82 -9.03
CA SER A 43 -0.37 23.62 -8.22
C SER A 43 -1.73 23.08 -7.74
N GLY A 44 -2.74 23.94 -7.85
CA GLY A 44 -4.08 23.55 -7.43
C GLY A 44 -4.67 22.41 -8.24
N VAL A 45 -4.51 22.46 -9.56
CA VAL A 45 -5.04 21.41 -10.46
C VAL A 45 -4.71 19.99 -10.01
N PRO A 46 -3.41 19.63 -9.89
CA PRO A 46 -3.00 18.29 -9.47
C PRO A 46 -3.58 17.91 -8.09
N VAL A 47 -3.80 18.91 -7.25
CA VAL A 47 -4.36 18.66 -5.92
C VAL A 47 -5.81 18.20 -6.03
N LEU A 48 -6.63 18.96 -6.76
CA LEU A 48 -8.04 18.63 -6.94
C LEU A 48 -8.17 17.27 -7.62
N ALA A 49 -7.43 17.08 -8.71
CA ALA A 49 -7.41 15.80 -9.43
C ALA A 49 -7.18 14.64 -8.48
N VAL A 50 -6.44 14.92 -7.40
CA VAL A 50 -6.12 13.90 -6.44
C VAL A 50 -7.30 13.69 -5.48
N SER A 51 -7.87 14.80 -5.02
CA SER A 51 -8.98 14.77 -4.08
C SER A 51 -10.22 14.05 -4.60
N LEU A 52 -10.57 14.32 -5.85
CA LEU A 52 -11.74 13.70 -6.47
C LEU A 52 -11.55 12.19 -6.60
N ALA A 53 -10.39 11.80 -7.15
CA ALA A 53 -10.06 10.40 -7.34
C ALA A 53 -10.12 9.57 -6.04
N LEU A 54 -10.02 10.23 -4.89
CA LEU A 54 -10.08 9.52 -3.62
C LEU A 54 -11.49 9.03 -3.35
N GLU A 55 -12.46 9.84 -3.78
CA GLU A 55 -13.86 9.52 -3.59
C GLU A 55 -14.28 8.35 -4.48
N GLY A 56 -13.80 8.35 -5.73
CA GLY A 56 -14.12 7.28 -6.65
C GLY A 56 -13.38 5.98 -6.36
N LYS A 57 -13.32 5.12 -7.38
CA LYS A 57 -12.66 3.83 -7.25
C LYS A 57 -11.14 3.94 -7.41
N ALA A 58 -10.45 2.82 -7.18
CA ALA A 58 -9.01 2.75 -7.27
C ALA A 58 -8.50 3.08 -8.67
N SER A 59 -9.22 2.60 -9.67
CA SER A 59 -8.86 2.83 -11.07
C SER A 59 -8.83 4.32 -11.38
N HIS A 60 -9.73 5.07 -10.76
CA HIS A 60 -9.79 6.52 -10.97
C HIS A 60 -8.53 7.20 -10.45
N ARG A 61 -7.95 6.65 -9.39
CA ARG A 61 -6.74 7.21 -8.82
C ARG A 61 -5.55 6.92 -9.73
N GLU A 62 -5.43 5.66 -10.14
CA GLU A 62 -4.36 5.25 -11.05
C GLU A 62 -4.33 6.13 -12.30
N MET A 63 -5.50 6.61 -12.71
CA MET A 63 -5.61 7.47 -13.88
C MET A 63 -4.99 8.84 -13.61
N THR A 64 -4.93 9.22 -12.33
CA THR A 64 -4.37 10.50 -11.93
C THR A 64 -2.86 10.54 -12.14
N SER A 65 -2.16 9.48 -11.72
CA SER A 65 -0.70 9.39 -11.87
C SER A 65 -0.23 9.70 -13.29
N LYS A 66 -1.00 9.26 -14.28
CA LYS A 66 -0.64 9.50 -15.68
C LYS A 66 -0.63 11.00 -15.99
N LEU A 67 -1.56 11.73 -15.38
CA LEU A 67 -1.67 13.17 -15.58
C LEU A 67 -0.50 13.92 -14.97
N LEU A 68 -0.14 13.54 -13.74
CA LEU A 68 0.95 14.19 -13.01
C LEU A 68 2.24 14.19 -13.82
N SER A 69 2.75 13.00 -14.10
CA SER A 69 3.98 12.85 -14.88
C SER A 69 3.88 13.50 -16.26
N ASP A 70 2.68 13.56 -16.80
CA ASP A 70 2.48 14.18 -18.10
C ASP A 70 2.55 15.70 -18.02
N LEU A 71 1.87 16.26 -17.03
CA LEU A 71 1.84 17.70 -16.82
C LEU A 71 3.22 18.24 -16.52
N CYS A 72 3.93 17.63 -15.56
CA CYS A 72 5.26 18.09 -15.19
C CYS A 72 6.24 17.90 -16.35
N GLY A 73 7.01 18.94 -16.63
CA GLY A 73 7.97 18.88 -17.71
C GLY A 73 7.41 19.53 -18.95
N THR A 74 6.10 19.50 -19.09
CA THR A 74 5.43 20.09 -20.22
C THR A 74 4.87 21.47 -19.87
N VAL A 75 3.99 21.52 -18.88
CA VAL A 75 3.37 22.78 -18.46
C VAL A 75 3.50 22.99 -16.95
N MET A 76 4.33 22.19 -16.31
CA MET A 76 4.50 22.29 -14.87
C MET A 76 5.94 21.97 -14.48
N SER A 77 6.42 22.56 -13.40
CA SER A 77 7.77 22.31 -12.94
C SER A 77 7.76 21.37 -11.75
N THR A 78 8.87 20.65 -11.55
CA THR A 78 9.01 19.71 -10.45
C THR A 78 8.66 20.35 -9.10
N THR A 79 9.01 21.62 -8.93
CA THR A 79 8.70 22.35 -7.70
C THR A 79 7.19 22.48 -7.55
N ASP A 80 6.54 22.86 -8.65
CA ASP A 80 5.08 22.99 -8.67
C ASP A 80 4.42 21.73 -8.14
N VAL A 81 4.95 20.57 -8.56
CA VAL A 81 4.41 19.29 -8.14
C VAL A 81 4.62 19.06 -6.65
N GLU A 82 5.81 19.41 -6.15
CA GLU A 82 6.11 19.24 -4.73
C GLU A 82 5.18 20.10 -3.89
N LYS A 83 4.97 21.35 -4.33
CA LYS A 83 4.08 22.27 -3.65
C LYS A 83 2.66 21.72 -3.65
N SER A 84 2.32 20.97 -4.70
CA SER A 84 0.99 20.38 -4.81
C SER A 84 0.75 19.38 -3.69
N PHE A 85 1.74 18.52 -3.45
CA PHE A 85 1.63 17.52 -2.40
C PHE A 85 1.52 18.21 -1.04
N ASP A 86 2.30 19.26 -0.85
CA ASP A 86 2.30 20.02 0.39
C ASP A 86 0.91 20.60 0.63
N LYS A 87 0.42 21.33 -0.36
CA LYS A 87 -0.91 21.93 -0.31
C LYS A 87 -1.99 20.86 -0.06
N LEU A 88 -1.83 19.70 -0.69
CA LEU A 88 -2.78 18.61 -0.53
C LEU A 88 -2.77 18.08 0.92
N LEU A 89 -1.56 17.86 1.43
CA LEU A 89 -1.39 17.38 2.81
C LEU A 89 -2.20 18.20 3.82
N LYS A 90 -2.27 19.51 3.61
CA LYS A 90 -3.03 20.39 4.50
C LYS A 90 -4.54 20.16 4.38
N ASP A 91 -4.99 19.70 3.21
CA ASP A 91 -6.41 19.45 2.96
C ASP A 91 -6.84 18.10 3.53
N LEU A 92 -5.94 17.12 3.47
CA LEU A 92 -6.17 15.75 3.98
C LEU A 92 -7.07 15.63 5.21
N PRO A 93 -6.80 16.36 6.32
CA PRO A 93 -7.63 16.30 7.53
C PRO A 93 -9.13 16.46 7.27
N GLU A 94 -9.52 17.21 6.24
CA GLU A 94 -10.94 17.42 5.94
C GLU A 94 -11.54 16.24 5.19
N LEU A 95 -10.96 15.86 4.06
CA LEU A 95 -11.44 14.69 3.32
C LEU A 95 -11.45 13.42 4.17
N ALA A 96 -10.47 13.30 5.05
CA ALA A 96 -10.34 12.15 5.92
C ALA A 96 -11.59 11.95 6.77
N LEU A 97 -12.31 13.04 7.01
CA LEU A 97 -13.53 13.00 7.80
C LEU A 97 -14.60 12.11 7.18
N ASP A 98 -14.77 12.19 5.86
CA ASP A 98 -15.78 11.39 5.19
C ASP A 98 -15.20 10.09 4.65
N THR A 99 -14.03 10.17 4.03
CA THR A 99 -13.37 8.98 3.52
C THR A 99 -12.24 8.53 4.45
N PRO A 100 -12.47 7.47 5.24
CA PRO A 100 -11.46 6.96 6.19
C PRO A 100 -10.21 6.39 5.52
N ARG A 101 -10.34 5.98 4.27
CA ARG A 101 -9.20 5.43 3.54
C ARG A 101 -8.49 6.49 2.70
N ALA A 102 -9.03 7.69 2.69
CA ALA A 102 -8.45 8.79 1.92
C ALA A 102 -6.97 9.03 2.23
N PRO A 103 -6.59 9.28 3.50
CA PRO A 103 -5.19 9.52 3.88
C PRO A 103 -4.28 8.35 3.47
N GLN A 104 -4.74 7.13 3.74
CA GLN A 104 -3.99 5.93 3.41
C GLN A 104 -3.70 5.85 1.91
N LEU A 105 -4.73 6.09 1.10
CA LEU A 105 -4.58 6.06 -0.35
C LEU A 105 -3.67 7.18 -0.82
N VAL A 106 -3.85 8.37 -0.25
CA VAL A 106 -3.01 9.53 -0.57
C VAL A 106 -1.52 9.17 -0.49
N GLY A 107 -1.17 8.32 0.47
CA GLY A 107 0.22 7.89 0.62
C GLY A 107 0.76 7.27 -0.65
N GLN A 108 -0.10 6.58 -1.40
CA GLN A 108 0.29 5.95 -2.65
C GLN A 108 0.59 7.02 -3.69
N PHE A 109 -0.19 8.09 -3.65
CA PHE A 109 0.00 9.20 -4.59
C PHE A 109 1.36 9.84 -4.42
N ILE A 110 1.81 9.95 -3.16
CA ILE A 110 3.09 10.57 -2.85
C ILE A 110 4.26 9.64 -3.11
N ALA A 111 4.23 8.45 -2.52
CA ALA A 111 5.31 7.48 -2.69
C ALA A 111 5.51 7.18 -4.16
N ARG A 112 4.46 6.80 -4.84
CA ARG A 112 4.60 6.47 -6.25
C ARG A 112 5.14 7.62 -7.11
N ALA A 113 4.89 8.83 -6.70
CA ALA A 113 5.43 9.99 -7.47
C ALA A 113 6.94 10.01 -7.77
N VAL A 114 7.72 9.73 -6.75
CA VAL A 114 9.17 9.76 -6.86
C VAL A 114 9.68 8.83 -7.96
N GLY A 115 9.08 7.64 -8.06
CA GLY A 115 9.48 6.67 -9.07
C GLY A 115 9.42 7.24 -10.47
N ASP A 116 8.33 7.94 -10.75
CA ASP A 116 8.13 8.59 -12.04
C ASP A 116 9.16 9.70 -12.24
N GLY A 117 9.41 10.44 -11.18
CA GLY A 117 10.39 11.52 -11.24
C GLY A 117 9.77 12.89 -11.18
N ILE A 118 8.65 12.99 -10.49
CA ILE A 118 7.94 14.26 -10.36
C ILE A 118 7.97 14.74 -8.90
N LEU A 119 8.85 14.15 -8.11
CA LEU A 119 8.98 14.49 -6.70
C LEU A 119 10.34 14.07 -6.17
N CYS A 120 10.87 14.82 -5.21
CA CYS A 120 12.15 14.52 -4.61
C CYS A 120 11.96 13.46 -3.52
N ASN A 121 12.85 12.48 -3.48
CA ASN A 121 12.76 11.42 -2.48
C ASN A 121 12.89 11.95 -1.06
N THR A 122 13.74 12.96 -0.89
CA THR A 122 13.97 13.59 0.41
C THR A 122 12.74 14.33 0.94
N TYR A 123 11.66 14.39 0.15
CA TYR A 123 10.45 15.09 0.59
C TYR A 123 9.87 14.41 1.83
N ILE A 124 9.91 13.08 1.84
CA ILE A 124 9.40 12.31 2.97
C ILE A 124 10.26 12.58 4.20
N ASP A 125 11.55 12.80 3.98
CA ASP A 125 12.48 13.04 5.07
C ASP A 125 12.30 14.44 5.66
N SER A 126 11.84 15.37 4.82
CA SER A 126 11.60 16.73 5.26
C SER A 126 10.48 16.77 6.29
N TYR A 127 9.60 15.78 6.23
CA TYR A 127 8.50 15.68 7.16
C TYR A 127 8.69 14.46 8.06
N LYS A 128 9.93 14.18 8.41
CA LYS A 128 10.26 13.01 9.23
C LYS A 128 10.26 13.31 10.73
N GLY A 129 9.27 14.05 11.17
CA GLY A 129 9.16 14.39 12.57
C GLY A 129 8.57 15.77 12.70
N THR A 130 8.69 16.50 11.60
CA THR A 130 8.21 17.86 11.48
C THR A 130 6.73 17.90 11.06
N VAL A 131 5.94 16.97 11.58
CA VAL A 131 4.52 16.90 11.27
C VAL A 131 3.69 16.77 12.54
N ASP A 132 2.86 17.78 12.80
CA ASP A 132 2.01 17.79 13.98
C ASP A 132 0.70 17.06 13.70
N CYS A 133 0.24 17.15 12.45
CA CYS A 133 -1.02 16.54 12.03
C CYS A 133 -0.89 15.01 11.95
N VAL A 134 -1.86 14.31 12.53
CA VAL A 134 -1.85 12.84 12.51
C VAL A 134 -2.27 12.31 11.14
N GLN A 135 -2.99 13.13 10.39
CA GLN A 135 -3.48 12.73 9.06
C GLN A 135 -2.33 12.69 8.07
N ALA A 136 -1.60 13.79 8.01
CA ALA A 136 -0.46 13.91 7.10
C ALA A 136 0.64 12.92 7.50
N ARG A 137 0.70 12.61 8.79
CA ARG A 137 1.69 11.68 9.29
C ARG A 137 1.50 10.28 8.72
N ALA A 138 0.29 9.73 8.85
CA ALA A 138 0.01 8.40 8.33
C ALA A 138 0.17 8.32 6.81
N ALA A 139 -0.17 9.40 6.13
CA ALA A 139 -0.04 9.44 4.67
C ALA A 139 1.41 9.19 4.28
N LEU A 140 2.33 9.89 4.93
CA LEU A 140 3.75 9.76 4.67
C LEU A 140 4.27 8.43 5.19
N ASP A 141 3.67 7.92 6.26
CA ASP A 141 4.09 6.67 6.89
C ASP A 141 3.95 5.50 5.93
N LYS A 142 2.71 5.25 5.48
CA LYS A 142 2.44 4.16 4.54
C LYS A 142 3.25 4.35 3.25
N ALA A 143 3.39 5.60 2.83
CA ALA A 143 4.13 5.92 1.62
C ALA A 143 5.57 5.44 1.73
N THR A 144 6.13 5.55 2.93
CA THR A 144 7.49 5.13 3.18
C THR A 144 7.68 3.65 2.91
N VAL A 145 6.74 2.81 3.36
CA VAL A 145 6.84 1.37 3.17
C VAL A 145 6.48 0.98 1.74
N LEU A 146 5.54 1.71 1.14
CA LEU A 146 5.10 1.42 -0.23
C LEU A 146 6.28 1.40 -1.20
N LEU A 147 7.26 2.25 -0.94
CA LEU A 147 8.45 2.33 -1.79
C LEU A 147 9.31 1.07 -1.65
N SER A 148 9.53 0.63 -0.42
CA SER A 148 10.35 -0.54 -0.18
C SER A 148 9.68 -1.81 -0.72
N MET A 149 8.36 -1.87 -0.62
CA MET A 149 7.60 -3.02 -1.09
C MET A 149 7.59 -3.11 -2.61
N SER A 150 7.26 -2.01 -3.26
CA SER A 150 7.19 -1.96 -4.72
C SER A 150 8.50 -2.33 -5.39
N LYS A 151 9.62 -1.95 -4.77
CA LYS A 151 10.93 -2.25 -5.32
C LYS A 151 11.39 -3.66 -4.96
N GLY A 152 11.00 -4.11 -3.77
CA GLY A 152 11.37 -5.44 -3.33
C GLY A 152 10.58 -6.52 -4.04
N GLY A 153 9.28 -6.28 -4.21
CA GLY A 153 8.43 -7.24 -4.88
C GLY A 153 8.34 -6.99 -6.36
N LYS A 154 9.42 -6.48 -6.94
CA LYS A 154 9.47 -6.18 -8.36
C LYS A 154 10.45 -7.13 -9.05
N ARG A 155 9.95 -8.31 -9.44
CA ARG A 155 10.80 -9.30 -10.09
C ARG A 155 10.05 -10.01 -11.22
N LYS A 156 8.98 -10.71 -10.87
CA LYS A 156 8.18 -11.43 -11.85
C LYS A 156 7.50 -10.46 -12.81
N ASP A 157 7.19 -9.28 -12.29
CA ASP A 157 6.54 -8.23 -13.06
C ASP A 157 7.53 -7.53 -13.99
N SER A 158 8.81 -7.79 -13.79
CA SER A 158 9.85 -7.19 -14.62
C SER A 158 10.33 -8.21 -15.67
N VAL A 159 10.14 -9.49 -15.36
CA VAL A 159 10.54 -10.56 -16.26
C VAL A 159 9.38 -10.96 -17.18
N TRP A 160 8.23 -11.23 -16.57
CA TRP A 160 7.05 -11.64 -17.32
C TRP A 160 6.14 -10.44 -17.60
N GLY A 161 6.35 -9.37 -16.85
CA GLY A 161 5.52 -8.19 -17.03
C GLY A 161 5.99 -7.31 -18.17
N SER A 162 5.29 -6.21 -18.40
CA SER A 162 5.63 -5.29 -19.46
C SER A 162 5.61 -3.85 -18.95
N GLY A 163 6.79 -3.24 -18.81
CA GLY A 163 6.87 -1.88 -18.33
C GLY A 163 6.32 -0.89 -19.32
N GLY B 1 3.79 -1.38 -20.63
CA GLY B 1 2.85 -0.51 -21.38
C GLY B 1 2.07 0.40 -20.46
N GLY B 2 2.77 1.01 -19.51
CA GLY B 2 2.10 1.91 -18.58
C GLY B 2 1.36 1.16 -17.49
N GLN B 3 0.21 0.60 -17.85
CA GLN B 3 -0.59 -0.15 -16.90
C GLN B 3 -0.30 -1.64 -16.99
N GLN B 4 0.03 -2.23 -15.85
CA GLN B 4 0.33 -3.64 -15.79
C GLN B 4 -0.96 -4.44 -15.54
N PRO B 5 -1.13 -5.57 -16.22
CA PRO B 5 -2.30 -6.42 -16.07
C PRO B 5 -2.44 -6.96 -14.64
N VAL B 6 -3.65 -7.40 -14.29
CA VAL B 6 -3.93 -7.92 -12.97
C VAL B 6 -2.98 -9.07 -12.62
N ASN B 7 -2.41 -9.00 -11.42
CA ASN B 7 -1.48 -10.03 -10.99
C ASN B 7 -2.20 -11.09 -10.16
N HIS B 8 -1.44 -12.08 -9.71
CA HIS B 8 -1.96 -13.17 -8.90
C HIS B 8 -0.92 -13.55 -7.86
N LEU B 9 -1.31 -13.45 -6.59
CA LEU B 9 -0.43 -13.76 -5.45
C LEU B 9 0.68 -12.72 -5.26
N VAL B 10 1.46 -12.50 -6.31
CA VAL B 10 2.57 -11.55 -6.28
C VAL B 10 2.07 -10.11 -6.20
N LYS B 11 2.79 -9.28 -5.43
CA LYS B 11 2.44 -7.87 -5.25
C LYS B 11 1.19 -7.69 -4.40
N GLU B 12 0.63 -8.81 -3.95
CA GLU B 12 -0.55 -8.79 -3.12
C GLU B 12 -0.24 -9.43 -1.77
N ILE B 13 -0.02 -10.74 -1.79
CA ILE B 13 0.29 -11.50 -0.58
C ILE B 13 1.59 -11.02 0.05
N ASP B 14 2.61 -10.82 -0.78
CA ASP B 14 3.90 -10.36 -0.30
C ASP B 14 3.76 -8.99 0.35
N MET B 15 3.16 -8.06 -0.39
CA MET B 15 2.92 -6.70 0.07
C MET B 15 2.21 -6.67 1.42
N LEU B 16 1.17 -7.49 1.56
CA LEU B 16 0.39 -7.56 2.79
C LEU B 16 1.29 -7.79 4.01
N LEU B 17 2.21 -8.73 3.88
CA LEU B 17 3.13 -9.04 4.95
C LEU B 17 4.22 -7.98 5.08
N LYS B 18 4.64 -7.42 3.95
CA LYS B 18 5.70 -6.41 3.93
C LYS B 18 5.28 -5.11 4.61
N GLU B 19 4.08 -4.63 4.33
CA GLU B 19 3.60 -3.39 4.92
C GLU B 19 3.38 -3.54 6.41
N TYR B 20 3.03 -4.75 6.82
CA TYR B 20 2.80 -5.04 8.22
C TYR B 20 4.13 -5.16 8.96
N LEU B 21 5.13 -5.66 8.25
CA LEU B 21 6.46 -5.85 8.82
C LEU B 21 7.10 -4.52 9.22
N LEU B 22 7.08 -3.55 8.30
CA LEU B 22 7.66 -2.23 8.59
C LEU B 22 6.72 -1.35 9.42
N SER B 23 5.52 -1.12 8.91
CA SER B 23 4.55 -0.27 9.61
C SER B 23 4.11 -0.87 10.94
N GLY B 24 3.49 -2.04 10.89
CA GLY B 24 3.03 -2.70 12.09
C GLY B 24 1.56 -2.42 12.40
N ASP B 25 0.84 -1.93 11.40
CA ASP B 25 -0.58 -1.62 11.58
C ASP B 25 -1.45 -2.83 11.21
N ILE B 26 -2.14 -3.35 12.21
CA ILE B 26 -3.01 -4.50 12.03
C ILE B 26 -4.20 -4.16 11.16
N SER B 27 -4.98 -3.17 11.59
CA SER B 27 -6.17 -2.72 10.86
C SER B 27 -5.90 -2.45 9.38
N GLU B 28 -4.70 -2.00 9.04
CA GLU B 28 -4.38 -1.70 7.65
C GLU B 28 -4.17 -3.00 6.87
N ALA B 29 -3.59 -3.99 7.51
CA ALA B 29 -3.37 -5.29 6.88
C ALA B 29 -4.72 -5.97 6.69
N GLU B 30 -5.57 -5.85 7.71
CA GLU B 30 -6.91 -6.43 7.68
C GLU B 30 -7.73 -5.75 6.59
N HIS B 31 -7.49 -4.46 6.40
CA HIS B 31 -8.20 -3.66 5.40
C HIS B 31 -7.80 -4.07 4.00
N CYS B 32 -6.53 -4.38 3.82
CA CYS B 32 -6.04 -4.78 2.52
C CYS B 32 -6.50 -6.20 2.18
N LEU B 33 -6.64 -7.04 3.20
CA LEU B 33 -7.10 -8.40 3.01
C LEU B 33 -8.55 -8.41 2.52
N LYS B 34 -9.30 -7.41 2.95
CA LYS B 34 -10.70 -7.26 2.57
C LYS B 34 -10.87 -7.09 1.05
N GLU B 35 -9.76 -6.75 0.38
CA GLU B 35 -9.80 -6.51 -1.06
C GLU B 35 -9.83 -7.82 -1.83
N LEU B 36 -9.26 -8.86 -1.23
CA LEU B 36 -9.18 -10.19 -1.85
C LEU B 36 -10.52 -10.92 -1.83
N GLU B 37 -11.00 -11.28 -3.02
CA GLU B 37 -12.28 -11.99 -3.17
C GLU B 37 -12.17 -13.48 -2.82
N VAL B 38 -11.02 -14.08 -3.14
CA VAL B 38 -10.82 -15.50 -2.88
C VAL B 38 -10.18 -15.77 -1.51
N PRO B 39 -10.97 -16.31 -0.56
CA PRO B 39 -10.49 -16.65 0.78
C PRO B 39 -9.73 -17.97 0.80
N HIS B 40 -10.09 -18.87 -0.11
CA HIS B 40 -9.47 -20.19 -0.19
C HIS B 40 -7.98 -20.12 -0.56
N PHE B 41 -7.54 -18.98 -1.06
CA PHE B 41 -6.13 -18.83 -1.44
C PHE B 41 -5.35 -18.05 -0.38
N HIS B 42 -5.96 -17.85 0.78
CA HIS B 42 -5.32 -17.12 1.88
C HIS B 42 -4.27 -17.98 2.57
N HIS B 43 -4.13 -19.23 2.13
CA HIS B 43 -3.18 -20.17 2.72
C HIS B 43 -1.73 -19.78 2.42
N GLU B 44 -1.53 -19.12 1.28
CA GLU B 44 -0.20 -18.71 0.86
C GLU B 44 0.38 -17.62 1.77
N LEU B 45 -0.49 -16.75 2.27
CA LEU B 45 -0.09 -15.66 3.15
C LEU B 45 0.37 -16.24 4.49
N VAL B 46 -0.55 -16.94 5.12
CA VAL B 46 -0.28 -17.61 6.39
C VAL B 46 1.04 -18.39 6.34
N TYR B 47 1.27 -19.11 5.25
CA TYR B 47 2.50 -19.87 5.07
C TYR B 47 3.74 -18.96 5.08
N GLU B 48 3.75 -17.95 4.21
CA GLU B 48 4.88 -17.03 4.10
C GLU B 48 5.16 -16.34 5.44
N ALA B 49 4.11 -15.87 6.10
CA ALA B 49 4.24 -15.21 7.39
C ALA B 49 4.98 -16.07 8.41
N ILE B 50 4.82 -17.39 8.31
CA ILE B 50 5.49 -18.28 9.24
C ILE B 50 6.98 -18.38 8.88
N VAL B 51 7.24 -18.46 7.58
CA VAL B 51 8.59 -18.57 7.06
C VAL B 51 9.45 -17.38 7.48
N MET B 52 8.90 -16.18 7.36
CA MET B 52 9.61 -14.97 7.74
C MET B 52 10.14 -15.06 9.17
N VAL B 53 9.24 -15.30 10.11
CA VAL B 53 9.61 -15.45 11.53
C VAL B 53 10.81 -16.38 11.74
N LEU B 54 10.93 -17.40 10.90
CA LEU B 54 12.03 -18.36 11.03
C LEU B 54 13.33 -17.81 10.44
N GLU B 55 13.19 -16.90 9.49
CA GLU B 55 14.35 -16.29 8.84
C GLU B 55 14.58 -14.85 9.34
N SER B 56 13.85 -14.45 10.37
CA SER B 56 13.99 -13.11 10.92
C SER B 56 14.60 -13.13 12.31
N THR B 57 15.64 -12.35 12.49
CA THR B 57 16.31 -12.26 13.76
C THR B 57 15.70 -11.13 14.60
N GLY B 58 15.09 -11.51 15.71
CA GLY B 58 14.49 -10.53 16.59
C GLY B 58 13.11 -10.98 17.04
N GLU B 59 12.78 -10.67 18.29
CA GLU B 59 11.48 -11.05 18.83
C GLU B 59 10.36 -10.21 18.23
N SER B 60 10.74 -9.18 17.48
CA SER B 60 9.79 -8.30 16.84
C SER B 60 8.89 -9.09 15.88
N ALA B 61 9.47 -10.07 15.21
CA ALA B 61 8.73 -10.91 14.28
C ALA B 61 7.70 -11.75 15.02
N PHE B 62 8.17 -12.60 15.93
CA PHE B 62 7.30 -13.45 16.75
C PHE B 62 6.18 -12.68 17.43
N LYS B 63 6.42 -11.43 17.74
CA LYS B 63 5.40 -10.64 18.42
C LYS B 63 4.34 -10.11 17.45
N MET B 64 4.84 -9.65 16.30
CA MET B 64 4.02 -9.03 15.27
C MET B 64 3.28 -10.02 14.39
N ILE B 65 3.97 -11.10 14.01
CA ILE B 65 3.39 -12.08 13.11
C ILE B 65 2.24 -12.85 13.75
N LEU B 66 2.47 -13.48 14.90
CA LEU B 66 1.40 -14.19 15.60
C LEU B 66 0.18 -13.31 15.84
N ASP B 67 0.40 -12.06 16.15
CA ASP B 67 -0.69 -11.13 16.40
C ASP B 67 -1.49 -10.91 15.12
N LEU B 68 -0.79 -10.96 14.00
CA LEU B 68 -1.41 -10.75 12.70
C LEU B 68 -2.42 -11.84 12.37
N LEU B 69 -2.05 -13.12 12.59
CA LEU B 69 -2.97 -14.20 12.29
C LEU B 69 -4.09 -14.23 13.32
N LYS B 70 -3.73 -14.14 14.60
CA LYS B 70 -4.71 -14.10 15.68
C LYS B 70 -5.74 -13.00 15.44
N SER B 71 -5.30 -11.92 14.79
CA SER B 71 -6.19 -10.82 14.47
C SER B 71 -7.20 -11.25 13.41
N LEU B 72 -6.70 -11.94 12.40
CA LEU B 72 -7.55 -12.42 11.32
C LEU B 72 -8.57 -13.42 11.87
N TRP B 73 -8.09 -14.38 12.69
CA TRP B 73 -8.96 -15.34 13.33
C TRP B 73 -10.01 -14.69 14.24
N LYS B 74 -9.79 -13.42 14.57
CA LYS B 74 -10.71 -12.71 15.45
C LYS B 74 -11.93 -12.26 14.66
N SER B 75 -11.69 -11.91 13.40
CA SER B 75 -12.76 -11.46 12.51
C SER B 75 -13.13 -12.58 11.53
N SER B 76 -12.70 -13.80 11.86
CA SER B 76 -12.96 -14.98 11.05
C SER B 76 -12.53 -14.80 9.59
N THR B 77 -11.22 -14.66 9.38
CA THR B 77 -10.70 -14.49 8.04
C THR B 77 -9.95 -15.75 7.59
N ILE B 78 -9.24 -16.38 8.51
CA ILE B 78 -8.50 -17.59 8.20
C ILE B 78 -9.28 -18.83 8.64
N THR B 79 -9.31 -19.83 7.77
CA THR B 79 -9.98 -21.09 8.07
C THR B 79 -8.94 -22.13 8.44
N ILE B 80 -9.28 -23.02 9.36
CA ILE B 80 -8.35 -24.06 9.81
C ILE B 80 -7.78 -24.86 8.65
N ASP B 81 -8.61 -25.13 7.64
CA ASP B 81 -8.18 -25.89 6.47
C ASP B 81 -7.02 -25.20 5.79
N GLN B 82 -7.17 -23.88 5.61
CA GLN B 82 -6.13 -23.08 4.99
C GLN B 82 -4.87 -23.01 5.84
N MET B 83 -5.04 -22.84 7.15
CA MET B 83 -3.91 -22.77 8.07
C MET B 83 -3.23 -24.15 8.19
N LYS B 84 -4.00 -25.19 7.93
CA LYS B 84 -3.50 -26.55 7.99
C LYS B 84 -2.44 -26.73 6.90
N ARG B 85 -2.82 -26.34 5.68
CA ARG B 85 -1.92 -26.43 4.54
C ARG B 85 -0.73 -25.50 4.71
N GLY B 86 -0.94 -24.41 5.46
CA GLY B 86 0.13 -23.47 5.71
C GLY B 86 1.19 -24.07 6.60
N TYR B 87 0.75 -24.77 7.64
CA TYR B 87 1.67 -25.42 8.58
C TYR B 87 2.31 -26.62 7.92
N GLU B 88 1.53 -27.33 7.10
CA GLU B 88 2.03 -28.51 6.38
C GLU B 88 3.23 -28.11 5.53
N ARG B 89 3.11 -26.96 4.87
CA ARG B 89 4.16 -26.43 4.04
C ARG B 89 5.42 -26.24 4.87
N ILE B 90 5.28 -25.60 6.01
CA ILE B 90 6.40 -25.34 6.92
C ILE B 90 7.09 -26.63 7.32
N TYR B 91 6.29 -27.65 7.64
CA TYR B 91 6.82 -28.96 8.05
C TYR B 91 7.77 -29.53 7.00
N ASN B 92 7.50 -29.25 5.74
CA ASN B 92 8.33 -29.74 4.64
C ASN B 92 9.44 -28.75 4.29
N GLU B 93 9.17 -27.47 4.46
CA GLU B 93 10.15 -26.42 4.15
C GLU B 93 11.31 -26.39 5.16
N ILE B 94 11.04 -26.80 6.40
CA ILE B 94 12.06 -26.79 7.46
C ILE B 94 13.38 -27.47 7.04
N PRO B 95 13.36 -28.76 6.63
CA PRO B 95 14.57 -29.48 6.22
C PRO B 95 15.24 -28.84 5.01
N ASP B 96 14.44 -28.29 4.12
CA ASP B 96 14.94 -27.65 2.90
C ASP B 96 15.65 -26.34 3.22
N ILE B 97 15.07 -25.58 4.14
CA ILE B 97 15.62 -24.28 4.53
C ILE B 97 16.79 -24.39 5.50
N ASN B 98 16.62 -25.16 6.57
CA ASN B 98 17.69 -25.32 7.56
C ASN B 98 18.80 -26.22 7.05
N LEU B 99 18.42 -27.25 6.30
CA LEU B 99 19.36 -28.21 5.72
C LEU B 99 20.24 -28.86 6.78
N ASP B 100 19.67 -29.82 7.50
CA ASP B 100 20.38 -30.54 8.56
C ASP B 100 20.72 -29.60 9.72
N VAL B 101 21.38 -30.14 10.75
CA VAL B 101 21.75 -29.37 11.94
C VAL B 101 20.53 -28.65 12.54
N PRO B 102 19.68 -29.39 13.25
CA PRO B 102 18.46 -28.85 13.86
C PRO B 102 18.74 -27.65 14.76
N HIS B 103 18.12 -26.51 14.44
CA HIS B 103 18.30 -25.29 15.22
C HIS B 103 16.99 -24.52 15.35
N SER B 104 16.25 -24.43 14.25
CA SER B 104 15.00 -23.69 14.22
C SER B 104 13.88 -24.37 15.02
N TYR B 105 14.11 -25.59 15.48
CA TYR B 105 13.10 -26.32 16.24
C TYR B 105 12.70 -25.59 17.50
N SER B 106 13.65 -24.85 18.08
CA SER B 106 13.42 -24.07 19.28
C SER B 106 12.26 -23.09 19.07
N VAL B 107 12.35 -22.33 17.98
CA VAL B 107 11.32 -21.36 17.65
C VAL B 107 10.09 -22.05 17.11
N LEU B 108 10.30 -23.05 16.25
CA LEU B 108 9.21 -23.79 15.64
C LEU B 108 8.26 -24.42 16.66
N GLU B 109 8.81 -25.21 17.59
CA GLU B 109 8.00 -25.87 18.61
C GLU B 109 7.31 -24.85 19.52
N ARG B 110 7.96 -23.71 19.68
CA ARG B 110 7.43 -22.64 20.50
C ARG B 110 6.26 -21.99 19.77
N PHE B 111 6.49 -21.71 18.50
CA PHE B 111 5.50 -21.11 17.62
C PHE B 111 4.24 -21.98 17.56
N VAL B 112 4.42 -23.30 17.47
CA VAL B 112 3.29 -24.22 17.37
C VAL B 112 2.54 -24.32 18.71
N GLU B 113 3.27 -24.45 19.81
CA GLU B 113 2.64 -24.56 21.12
C GLU B 113 1.82 -23.31 21.43
N GLU B 114 2.33 -22.16 21.00
CA GLU B 114 1.63 -20.89 21.18
C GLU B 114 0.37 -20.88 20.33
N CYS B 115 0.51 -21.28 19.07
CA CYS B 115 -0.62 -21.34 18.14
C CYS B 115 -1.73 -22.22 18.71
N PHE B 116 -1.40 -23.44 19.13
CA PHE B 116 -2.38 -24.34 19.69
C PHE B 116 -3.03 -23.74 20.93
N GLN B 117 -2.21 -23.13 21.80
CA GLN B 117 -2.69 -22.48 23.00
C GLN B 117 -3.79 -21.47 22.71
N ALA B 118 -3.63 -20.75 21.59
CA ALA B 118 -4.61 -19.75 21.16
C ALA B 118 -5.96 -20.41 20.84
N GLY B 119 -5.94 -21.69 20.54
CA GLY B 119 -7.16 -22.40 20.22
C GLY B 119 -7.62 -22.18 18.80
N ILE B 120 -6.66 -22.09 17.88
CA ILE B 120 -6.98 -21.85 16.48
C ILE B 120 -6.83 -23.11 15.64
N ILE B 121 -6.06 -24.07 16.15
CA ILE B 121 -5.82 -25.32 15.45
C ILE B 121 -5.82 -26.48 16.45
N SER B 122 -6.46 -27.59 16.09
CA SER B 122 -6.52 -28.75 16.95
C SER B 122 -5.18 -29.48 17.04
N LYS B 123 -5.12 -30.47 17.92
CA LYS B 123 -3.92 -31.27 18.14
C LYS B 123 -3.47 -32.02 16.89
N GLN B 124 -4.42 -32.27 15.98
CA GLN B 124 -4.13 -32.97 14.74
C GLN B 124 -2.97 -32.32 13.99
N LEU B 125 -2.91 -30.99 14.03
CA LEU B 125 -1.86 -30.26 13.34
C LEU B 125 -0.54 -30.37 14.12
N ARG B 126 -0.63 -30.38 15.44
CA ARG B 126 0.54 -30.48 16.29
C ARG B 126 1.17 -31.85 16.17
N ASP B 127 0.34 -32.84 15.88
CA ASP B 127 0.82 -34.21 15.72
C ASP B 127 1.74 -34.32 14.50
N LEU B 128 1.49 -33.46 13.52
CA LEU B 128 2.28 -33.44 12.30
C LEU B 128 3.59 -32.68 12.53
N CYS B 129 3.68 -32.03 13.69
CA CYS B 129 4.87 -31.28 14.06
C CYS B 129 5.92 -32.24 14.62
N PRO B 130 7.19 -32.05 14.24
CA PRO B 130 8.31 -32.89 14.70
C PRO B 130 8.68 -32.61 16.16
N SER B 131 7.68 -32.61 17.03
CA SER B 131 7.88 -32.36 18.44
C SER B 131 8.53 -33.57 19.11
N GLY A 1 1.94 31.21 -2.79
CA GLY A 1 1.42 31.67 -1.48
C GLY A 1 -0.07 31.51 -1.37
N LEU A 2 -0.79 32.62 -1.39
CA LEU A 2 -2.24 32.60 -1.30
C LEU A 2 -2.85 32.69 -2.69
N PRO A 3 -3.71 31.73 -3.03
CA PRO A 3 -4.39 31.67 -4.33
C PRO A 3 -5.36 32.83 -4.52
N LEU A 4 -5.75 33.05 -5.78
CA LEU A 4 -6.67 34.11 -6.14
C LEU A 4 -7.90 33.49 -6.78
N ASP A 5 -9.08 33.86 -6.30
CA ASP A 5 -10.35 33.32 -6.81
C ASP A 5 -10.40 31.81 -6.62
N GLU A 6 -10.29 31.39 -5.37
CA GLU A 6 -10.30 29.96 -5.03
C GLU A 6 -11.52 29.22 -5.57
N ARG A 7 -12.71 29.70 -5.22
CA ARG A 7 -13.95 29.06 -5.65
C ARG A 7 -14.08 29.06 -7.17
N ALA A 8 -13.76 30.17 -7.80
CA ALA A 8 -13.85 30.29 -9.26
C ALA A 8 -12.98 29.25 -9.94
N PHE A 9 -11.80 29.03 -9.38
CA PHE A 9 -10.86 28.07 -9.93
C PHE A 9 -11.41 26.65 -9.84
N GLU A 10 -11.77 26.23 -8.63
CA GLU A 10 -12.31 24.89 -8.40
C GLU A 10 -13.55 24.64 -9.24
N LYS A 11 -14.45 25.62 -9.24
CA LYS A 11 -15.70 25.55 -9.99
C LYS A 11 -15.45 25.22 -11.47
N THR A 12 -14.47 25.87 -12.06
CA THR A 12 -14.15 25.65 -13.46
C THR A 12 -13.38 24.34 -13.68
N LEU A 13 -12.46 24.03 -12.77
CA LEU A 13 -11.64 22.82 -12.88
C LEU A 13 -12.42 21.53 -12.66
N THR A 14 -13.55 21.62 -11.97
CA THR A 14 -14.39 20.45 -11.69
C THR A 14 -14.70 19.58 -12.93
N PRO A 15 -15.38 20.12 -13.97
CA PRO A 15 -15.72 19.35 -15.18
C PRO A 15 -14.48 18.85 -15.94
N ILE A 16 -13.41 19.64 -15.90
CA ILE A 16 -12.17 19.29 -16.59
C ILE A 16 -11.63 17.95 -16.11
N ILE A 17 -11.40 17.83 -14.81
CA ILE A 17 -10.87 16.60 -14.24
C ILE A 17 -11.88 15.46 -14.29
N GLN A 18 -13.15 15.81 -14.08
CA GLN A 18 -14.23 14.83 -14.12
C GLN A 18 -14.23 14.08 -15.44
N GLU A 19 -14.28 14.83 -16.54
CA GLU A 19 -14.27 14.24 -17.87
C GLU A 19 -12.92 13.58 -18.20
N TYR A 20 -11.88 13.99 -17.48
CA TYR A 20 -10.53 13.43 -17.67
C TYR A 20 -10.51 11.94 -17.37
N PHE A 21 -11.04 11.56 -16.20
CA PHE A 21 -11.09 10.15 -15.80
C PHE A 21 -11.89 9.33 -16.80
N GLU A 22 -12.85 9.98 -17.43
CA GLU A 22 -13.71 9.35 -18.42
C GLU A 22 -13.04 9.27 -19.80
N HIS A 23 -11.80 9.74 -19.86
CA HIS A 23 -11.07 9.76 -21.12
C HIS A 23 -9.72 9.10 -21.02
N GLY A 24 -8.85 9.63 -20.17
CA GLY A 24 -7.53 9.06 -20.03
C GLY A 24 -6.53 9.68 -21.00
N ASP A 25 -6.41 11.00 -20.95
CA ASP A 25 -5.48 11.71 -21.83
C ASP A 25 -4.89 12.96 -21.19
N THR A 26 -3.58 13.02 -21.17
CA THR A 26 -2.85 14.13 -20.58
C THR A 26 -2.73 15.38 -21.49
N ASN A 27 -2.75 15.20 -22.83
CA ASN A 27 -2.59 16.31 -23.78
C ASN A 27 -3.72 17.33 -23.70
N GLU A 28 -4.90 16.82 -23.38
CA GLU A 28 -6.09 17.66 -23.26
C GLU A 28 -5.94 18.56 -22.05
N VAL A 29 -5.34 18.00 -21.00
CA VAL A 29 -5.10 18.73 -19.77
C VAL A 29 -4.12 19.88 -19.99
N ALA A 30 -2.97 19.58 -20.62
CA ALA A 30 -1.97 20.60 -20.89
C ALA A 30 -2.53 21.77 -21.68
N GLU A 31 -3.14 21.47 -22.83
CA GLU A 31 -3.75 22.50 -23.68
C GLU A 31 -4.69 23.41 -22.88
N MET A 32 -5.43 22.82 -21.94
CA MET A 32 -6.37 23.58 -21.12
C MET A 32 -5.66 24.40 -20.04
N LEU A 33 -4.53 23.91 -19.55
CA LEU A 33 -3.78 24.61 -18.52
C LEU A 33 -3.24 25.96 -19.02
N ARG A 34 -2.66 25.94 -20.21
CA ARG A 34 -2.12 27.17 -20.80
C ARG A 34 -3.24 28.15 -21.13
N ASP A 35 -4.43 27.59 -21.36
CA ASP A 35 -5.61 28.38 -21.66
C ASP A 35 -5.89 29.31 -20.48
N LEU A 36 -5.84 28.73 -19.28
CA LEU A 36 -6.07 29.48 -18.05
C LEU A 36 -4.90 30.42 -17.77
N ASN A 37 -3.69 29.88 -17.86
CA ASN A 37 -2.44 30.62 -17.61
C ASN A 37 -2.39 31.15 -16.19
N LEU A 38 -1.94 30.32 -15.27
CA LEU A 38 -1.85 30.71 -13.86
C LEU A 38 -0.48 30.39 -13.30
N GLY A 39 -0.09 31.12 -12.25
CA GLY A 39 1.20 30.90 -11.63
C GLY A 39 1.13 29.94 -10.46
N GLU A 40 0.93 30.48 -9.27
CA GLU A 40 0.83 29.65 -8.08
C GLU A 40 -0.46 28.84 -8.08
N MET A 41 -1.48 29.38 -8.74
CA MET A 41 -2.77 28.71 -8.83
C MET A 41 -2.70 27.52 -9.79
N LYS A 42 -1.58 27.41 -10.50
CA LYS A 42 -1.40 26.31 -11.45
C LYS A 42 -1.19 25.00 -10.70
N SER A 43 -0.68 25.11 -9.48
CA SER A 43 -0.44 23.94 -8.64
C SER A 43 -1.76 23.45 -8.03
N GLY A 44 -2.82 24.23 -8.24
CA GLY A 44 -4.13 23.87 -7.71
C GLY A 44 -4.70 22.64 -8.39
N VAL A 45 -4.64 22.62 -9.72
CA VAL A 45 -5.15 21.50 -10.53
C VAL A 45 -4.76 20.12 -9.97
N PRO A 46 -3.45 19.80 -9.87
CA PRO A 46 -2.99 18.51 -9.36
C PRO A 46 -3.52 18.21 -7.96
N VAL A 47 -3.82 19.26 -7.19
CA VAL A 47 -4.32 19.09 -5.84
C VAL A 47 -5.76 18.55 -5.87
N LEU A 48 -6.61 19.20 -6.65
CA LEU A 48 -8.01 18.77 -6.77
C LEU A 48 -8.09 17.39 -7.41
N ALA A 49 -7.43 17.24 -8.55
CA ALA A 49 -7.37 15.95 -9.26
C ALA A 49 -6.98 14.82 -8.31
N VAL A 50 -6.20 15.17 -7.30
CA VAL A 50 -5.75 14.18 -6.35
C VAL A 50 -6.85 13.95 -5.29
N SER A 51 -7.50 15.05 -4.89
CA SER A 51 -8.55 15.01 -3.88
C SER A 51 -9.77 14.21 -4.31
N LEU A 52 -10.31 14.50 -5.49
CA LEU A 52 -11.48 13.79 -6.01
C LEU A 52 -11.24 12.28 -6.01
N ALA A 53 -10.10 11.89 -6.58
CA ALA A 53 -9.72 10.48 -6.65
C ALA A 53 -9.69 9.80 -5.27
N LEU A 54 -9.57 10.59 -4.21
CA LEU A 54 -9.54 10.04 -2.85
C LEU A 54 -10.92 9.51 -2.45
N GLU A 55 -11.96 10.26 -2.80
CA GLU A 55 -13.32 9.89 -2.45
C GLU A 55 -14.00 9.07 -3.55
N GLY A 56 -13.20 8.38 -4.35
CA GLY A 56 -13.75 7.57 -5.41
C GLY A 56 -13.19 6.16 -5.40
N LYS A 57 -13.34 5.44 -6.50
CA LYS A 57 -12.83 4.08 -6.60
C LYS A 57 -11.31 4.07 -6.64
N ALA A 58 -10.73 2.90 -6.41
CA ALA A 58 -9.28 2.74 -6.42
C ALA A 58 -8.72 2.98 -7.81
N SER A 59 -9.47 2.54 -8.81
CA SER A 59 -9.07 2.70 -10.20
C SER A 59 -9.04 4.17 -10.58
N HIS A 60 -9.82 4.96 -9.88
CA HIS A 60 -9.86 6.39 -10.16
C HIS A 60 -8.55 7.03 -9.74
N ARG A 61 -7.87 6.42 -8.78
CA ARG A 61 -6.60 6.91 -8.28
C ARG A 61 -5.42 6.47 -9.16
N GLU A 62 -5.69 5.52 -10.06
CA GLU A 62 -4.62 4.91 -10.87
C GLU A 62 -4.20 5.85 -11.98
N MET A 63 -5.18 6.44 -12.63
CA MET A 63 -4.95 7.36 -13.73
C MET A 63 -4.42 8.68 -13.24
N THR A 64 -4.43 8.87 -11.96
CA THR A 64 -3.99 10.10 -11.35
C THR A 64 -2.44 10.16 -11.36
N SER A 65 -1.79 9.03 -11.69
CA SER A 65 -0.35 8.96 -11.58
C SER A 65 0.30 9.66 -12.78
N LYS A 66 0.00 9.12 -13.98
CA LYS A 66 0.54 9.64 -15.26
C LYS A 66 0.22 11.11 -15.48
N LEU A 67 -0.84 11.58 -14.84
CA LEU A 67 -1.27 12.96 -14.98
C LEU A 67 -0.17 13.89 -14.46
N LEU A 68 0.56 13.42 -13.47
CA LEU A 68 1.66 14.19 -12.88
C LEU A 68 2.88 14.17 -13.81
N SER A 69 3.44 12.99 -14.02
CA SER A 69 4.60 12.81 -14.88
C SER A 69 4.40 13.42 -16.27
N ASP A 70 3.17 13.46 -16.72
CA ASP A 70 2.86 14.01 -18.04
C ASP A 70 2.84 15.53 -18.02
N LEU A 71 2.16 16.08 -17.01
CA LEU A 71 2.04 17.52 -16.88
C LEU A 71 3.36 18.21 -16.57
N CYS A 72 4.24 17.58 -15.78
CA CYS A 72 5.51 18.18 -15.45
C CYS A 72 6.44 18.14 -16.65
N GLY A 73 7.20 19.21 -16.85
CA GLY A 73 8.10 19.29 -17.96
C GLY A 73 7.41 19.89 -19.16
N THR A 74 6.09 19.73 -19.19
CA THR A 74 5.27 20.26 -20.27
C THR A 74 4.67 21.60 -19.88
N VAL A 75 3.94 21.63 -18.78
CA VAL A 75 3.30 22.86 -18.31
C VAL A 75 3.46 23.03 -16.80
N MET A 76 3.92 22.00 -16.12
CA MET A 76 4.09 22.05 -14.68
C MET A 76 5.54 21.80 -14.34
N SER A 77 6.10 22.59 -13.44
CA SER A 77 7.49 22.43 -13.07
C SER A 77 7.60 21.58 -11.81
N THR A 78 8.73 20.89 -11.66
CA THR A 78 8.99 20.05 -10.49
C THR A 78 8.56 20.71 -9.17
N THR A 79 8.92 21.98 -8.98
CA THR A 79 8.57 22.71 -7.78
C THR A 79 7.05 22.84 -7.64
N ASP A 80 6.35 22.99 -8.77
CA ASP A 80 4.90 23.10 -8.77
C ASP A 80 4.30 21.82 -8.21
N VAL A 81 4.87 20.70 -8.61
CA VAL A 81 4.42 19.38 -8.15
C VAL A 81 4.58 19.27 -6.64
N GLU A 82 5.76 19.63 -6.15
CA GLU A 82 6.05 19.57 -4.72
C GLU A 82 5.14 20.51 -3.94
N LYS A 83 4.89 21.70 -4.49
CA LYS A 83 4.03 22.68 -3.85
C LYS A 83 2.60 22.16 -3.74
N SER A 84 2.23 21.26 -4.64
CA SER A 84 0.89 20.69 -4.63
C SER A 84 0.74 19.71 -3.48
N PHE A 85 1.73 18.84 -3.30
CA PHE A 85 1.71 17.87 -2.22
C PHE A 85 1.66 18.56 -0.86
N ASP A 86 2.32 19.71 -0.76
CA ASP A 86 2.32 20.49 0.48
C ASP A 86 0.89 20.96 0.77
N LYS A 87 0.28 21.54 -0.27
CA LYS A 87 -1.08 22.04 -0.19
C LYS A 87 -2.05 20.92 0.12
N LEU A 88 -1.77 19.73 -0.40
CA LEU A 88 -2.62 18.56 -0.18
C LEU A 88 -2.59 18.15 1.30
N LEU A 89 -1.39 17.88 1.80
CA LEU A 89 -1.19 17.50 3.21
C LEU A 89 -1.91 18.47 4.15
N LYS A 90 -1.99 19.74 3.75
CA LYS A 90 -2.65 20.76 4.53
C LYS A 90 -4.15 20.52 4.66
N ASP A 91 -4.77 20.02 3.60
CA ASP A 91 -6.22 19.78 3.59
C ASP A 91 -6.62 18.43 4.17
N LEU A 92 -5.71 17.46 4.13
CA LEU A 92 -5.93 16.11 4.66
C LEU A 92 -6.89 16.00 5.86
N PRO A 93 -6.70 16.73 6.98
CA PRO A 93 -7.61 16.63 8.13
C PRO A 93 -9.08 16.91 7.75
N GLU A 94 -9.28 17.64 6.66
CA GLU A 94 -10.62 17.97 6.22
C GLU A 94 -11.16 16.91 5.26
N LEU A 95 -10.25 16.20 4.59
CA LEU A 95 -10.63 15.21 3.58
C LEU A 95 -10.93 13.85 4.21
N ALA A 96 -10.25 13.57 5.31
CA ALA A 96 -10.43 12.30 6.02
C ALA A 96 -11.75 12.28 6.75
N LEU A 97 -12.47 13.36 6.63
CA LEU A 97 -13.74 13.48 7.26
C LEU A 97 -14.81 12.74 6.47
N ASP A 98 -14.47 12.37 5.23
CA ASP A 98 -15.44 11.68 4.41
C ASP A 98 -14.97 10.27 4.12
N THR A 99 -13.79 9.92 4.64
CA THR A 99 -13.17 8.62 4.39
C THR A 99 -12.10 8.30 5.45
N PRO A 100 -12.23 7.18 6.19
CA PRO A 100 -11.26 6.80 7.24
C PRO A 100 -9.86 6.49 6.72
N ARG A 101 -9.77 5.93 5.52
CA ARG A 101 -8.49 5.56 4.94
C ARG A 101 -7.92 6.64 4.03
N ALA A 102 -8.48 7.85 4.10
CA ALA A 102 -8.02 8.96 3.27
C ALA A 102 -6.52 9.21 3.40
N PRO A 103 -5.99 9.43 4.63
CA PRO A 103 -4.56 9.67 4.84
C PRO A 103 -3.71 8.53 4.29
N GLN A 104 -4.11 7.30 4.62
CA GLN A 104 -3.41 6.11 4.12
C GLN A 104 -3.31 6.12 2.60
N LEU A 105 -4.38 6.55 1.95
CA LEU A 105 -4.40 6.61 0.48
C LEU A 105 -3.47 7.72 -0.01
N VAL A 106 -3.48 8.85 0.70
CA VAL A 106 -2.62 9.98 0.36
C VAL A 106 -1.16 9.54 0.27
N GLY A 107 -0.71 8.81 1.28
CA GLY A 107 0.66 8.31 1.29
C GLY A 107 0.93 7.41 0.10
N GLN A 108 -0.09 6.65 -0.29
CA GLN A 108 0.02 5.74 -1.42
C GLN A 108 0.27 6.51 -2.71
N PHE A 109 -0.25 7.74 -2.75
CA PHE A 109 -0.08 8.62 -3.90
C PHE A 109 1.33 9.20 -3.96
N ILE A 110 1.83 9.65 -2.81
CA ILE A 110 3.15 10.26 -2.73
C ILE A 110 4.26 9.31 -3.19
N ALA A 111 4.24 8.09 -2.67
CA ALA A 111 5.24 7.07 -3.03
C ALA A 111 5.33 6.89 -4.54
N ARG A 112 4.21 6.98 -5.22
CA ARG A 112 4.17 6.84 -6.67
C ARG A 112 4.96 7.95 -7.37
N ALA A 113 4.89 9.16 -6.82
CA ALA A 113 5.60 10.30 -7.40
C ALA A 113 7.11 10.16 -7.23
N VAL A 114 7.52 9.56 -6.13
CA VAL A 114 8.94 9.35 -5.84
C VAL A 114 9.50 8.30 -6.79
N GLY A 115 8.62 7.44 -7.28
CA GLY A 115 9.03 6.36 -8.16
C GLY A 115 9.26 6.87 -9.56
N ASP A 116 8.37 7.76 -10.02
CA ASP A 116 8.47 8.34 -11.37
C ASP A 116 9.50 9.47 -11.43
N GLY A 117 10.07 9.82 -10.28
CA GLY A 117 11.09 10.87 -10.23
C GLY A 117 10.54 12.23 -9.83
N ILE A 118 9.37 12.57 -10.39
CA ILE A 118 8.65 13.83 -10.14
C ILE A 118 8.68 14.37 -8.69
N LEU A 119 9.00 13.54 -7.71
CA LEU A 119 9.04 13.99 -6.32
C LEU A 119 10.30 13.45 -5.66
N CYS A 120 11.01 14.30 -4.95
CA CYS A 120 12.25 13.91 -4.28
C CYS A 120 11.99 13.01 -3.07
N ASN A 121 12.91 12.08 -2.83
CA ASN A 121 12.80 11.15 -1.71
C ASN A 121 12.99 11.88 -0.38
N THR A 122 13.78 12.94 -0.41
CA THR A 122 14.07 13.73 0.76
C THR A 122 12.87 14.53 1.24
N TYR A 123 11.75 14.42 0.51
CA TYR A 123 10.53 15.13 0.85
C TYR A 123 10.00 14.60 2.17
N ILE A 124 10.12 13.29 2.37
CA ILE A 124 9.65 12.66 3.59
C ILE A 124 10.49 13.11 4.79
N ASP A 125 11.80 13.26 4.56
CA ASP A 125 12.73 13.67 5.60
C ASP A 125 12.43 15.08 6.10
N SER A 126 12.09 15.97 5.18
CA SER A 126 11.78 17.36 5.53
C SER A 126 10.55 17.45 6.46
N TYR A 127 9.66 16.47 6.38
CA TYR A 127 8.47 16.49 7.20
C TYR A 127 8.55 15.35 8.24
N LYS A 128 9.76 14.79 8.38
CA LYS A 128 10.08 13.67 9.30
C LYS A 128 9.94 13.95 10.81
N GLY A 129 8.81 14.48 11.22
CA GLY A 129 8.61 14.76 12.62
C GLY A 129 8.36 16.21 12.82
N THR A 130 8.56 16.93 11.74
CA THR A 130 8.37 18.35 11.69
C THR A 130 6.89 18.69 11.54
N VAL A 131 6.09 17.66 11.25
CA VAL A 131 4.65 17.85 11.09
C VAL A 131 3.93 17.66 12.42
N ASP A 132 3.04 18.59 12.75
CA ASP A 132 2.29 18.52 13.99
C ASP A 132 1.01 17.72 13.83
N CYS A 133 0.40 17.79 12.66
CA CYS A 133 -0.83 17.09 12.37
C CYS A 133 -0.63 15.58 12.21
N VAL A 134 -1.43 14.81 12.94
CA VAL A 134 -1.36 13.35 12.88
C VAL A 134 -1.90 12.81 11.55
N GLN A 135 -2.67 13.64 10.86
CA GLN A 135 -3.25 13.25 9.58
C GLN A 135 -2.14 13.12 8.54
N ALA A 136 -1.32 14.17 8.45
CA ALA A 136 -0.20 14.18 7.52
C ALA A 136 0.83 13.17 7.98
N ARG A 137 0.88 12.92 9.28
CA ARG A 137 1.81 11.96 9.85
C ARG A 137 1.56 10.57 9.27
N ALA A 138 0.31 10.09 9.37
CA ALA A 138 -0.05 8.78 8.82
C ALA A 138 0.30 8.66 7.35
N ALA A 139 0.11 9.74 6.59
CA ALA A 139 0.44 9.73 5.17
C ALA A 139 1.92 9.43 4.97
N LEU A 140 2.76 10.06 5.79
CA LEU A 140 4.20 9.87 5.72
C LEU A 140 4.58 8.47 6.20
N ASP A 141 3.88 7.98 7.22
CA ASP A 141 4.16 6.66 7.77
C ASP A 141 3.68 5.58 6.80
N LYS A 142 2.77 5.98 5.93
CA LYS A 142 2.22 5.07 4.95
C LYS A 142 3.18 4.93 3.78
N ALA A 143 3.52 6.07 3.18
CA ALA A 143 4.42 6.12 2.01
C ALA A 143 5.78 5.51 2.27
N THR A 144 6.22 5.59 3.51
CA THR A 144 7.49 5.05 3.91
C THR A 144 7.60 3.56 3.60
N VAL A 145 6.57 2.78 3.92
CA VAL A 145 6.57 1.34 3.69
C VAL A 145 6.46 1.02 2.21
N LEU A 146 5.63 1.79 1.52
CA LEU A 146 5.37 1.59 0.11
C LEU A 146 6.65 1.59 -0.71
N LEU A 147 7.63 2.36 -0.28
CA LEU A 147 8.92 2.43 -0.96
C LEU A 147 9.62 1.08 -0.91
N SER A 148 9.68 0.50 0.29
CA SER A 148 10.32 -0.80 0.49
C SER A 148 9.53 -1.90 -0.23
N MET A 149 8.22 -1.75 -0.31
CA MET A 149 7.37 -2.73 -0.96
C MET A 149 7.56 -2.69 -2.47
N SER A 150 7.75 -1.49 -2.99
CA SER A 150 7.94 -1.27 -4.42
C SER A 150 9.31 -1.79 -4.87
N LYS A 151 10.26 -1.84 -3.96
CA LYS A 151 11.59 -2.30 -4.29
C LYS A 151 12.03 -3.43 -3.37
N GLY A 152 11.13 -4.39 -3.18
CA GLY A 152 11.43 -5.52 -2.33
C GLY A 152 10.52 -6.70 -2.63
N GLY A 153 10.87 -7.86 -2.11
CA GLY A 153 10.07 -9.06 -2.33
C GLY A 153 10.49 -9.77 -3.59
N LYS A 154 11.44 -10.70 -3.45
CA LYS A 154 11.95 -11.47 -4.57
C LYS A 154 10.92 -12.48 -5.09
N ARG A 155 9.88 -11.96 -5.72
CA ARG A 155 8.80 -12.76 -6.29
C ARG A 155 8.11 -11.92 -7.35
N LYS A 156 7.97 -10.63 -7.05
CA LYS A 156 7.33 -9.70 -7.96
C LYS A 156 8.38 -8.70 -8.45
N ASP A 157 9.05 -9.05 -9.53
CA ASP A 157 10.09 -8.19 -10.08
C ASP A 157 9.52 -7.16 -11.05
N SER A 158 8.23 -7.27 -11.31
CA SER A 158 7.56 -6.34 -12.21
C SER A 158 7.21 -5.05 -11.46
N VAL A 159 8.24 -4.34 -11.02
CA VAL A 159 8.04 -3.09 -10.27
C VAL A 159 8.82 -1.93 -10.90
N TRP A 160 9.18 -2.08 -12.17
CA TRP A 160 9.90 -1.05 -12.89
C TRP A 160 9.24 -0.82 -14.24
N GLY A 161 9.20 0.43 -14.67
CA GLY A 161 8.59 0.75 -15.95
C GLY A 161 7.69 1.97 -15.89
N SER A 162 8.28 3.14 -16.01
CA SER A 162 7.53 4.39 -15.98
C SER A 162 6.83 4.67 -17.30
N GLY A 163 5.59 4.20 -17.43
CA GLY A 163 4.83 4.43 -18.63
C GLY A 163 4.16 5.79 -18.60
N GLY B 1 4.45 6.23 -14.94
CA GLY B 1 3.01 6.17 -14.55
C GLY B 1 2.31 4.99 -15.18
N GLY B 2 1.00 5.09 -15.33
CA GLY B 2 0.22 4.02 -15.92
C GLY B 2 -0.80 3.50 -14.94
N GLN B 3 -1.62 2.55 -15.38
CA GLN B 3 -2.65 1.97 -14.52
C GLN B 3 -2.40 0.48 -14.31
N GLN B 4 -2.61 0.02 -13.08
CA GLN B 4 -2.43 -1.39 -12.75
C GLN B 4 -3.25 -2.30 -13.66
N PRO B 5 -2.58 -3.25 -14.32
CA PRO B 5 -3.22 -4.21 -15.22
C PRO B 5 -3.89 -5.36 -14.46
N VAL B 6 -4.24 -6.41 -15.19
CA VAL B 6 -4.88 -7.58 -14.58
C VAL B 6 -3.89 -8.37 -13.73
N ASN B 7 -3.85 -8.04 -12.45
CA ASN B 7 -2.95 -8.70 -11.52
C ASN B 7 -3.63 -9.92 -10.91
N HIS B 8 -2.86 -10.95 -10.64
CA HIS B 8 -3.40 -12.17 -10.06
C HIS B 8 -2.37 -12.90 -9.20
N LEU B 9 -2.74 -13.18 -7.96
CA LEU B 9 -1.89 -13.89 -6.99
C LEU B 9 -0.69 -13.06 -6.52
N VAL B 10 0.16 -12.67 -7.45
CA VAL B 10 1.34 -11.87 -7.14
C VAL B 10 0.92 -10.51 -6.62
N LYS B 11 1.84 -9.83 -5.92
CA LYS B 11 1.61 -8.50 -5.35
C LYS B 11 0.78 -8.55 -4.07
N GLU B 12 -0.48 -8.95 -4.18
CA GLU B 12 -1.40 -9.02 -3.03
C GLU B 12 -0.77 -9.67 -1.79
N ILE B 13 -0.41 -10.93 -1.90
CA ILE B 13 0.18 -11.69 -0.79
C ILE B 13 1.40 -10.98 -0.20
N ASP B 14 2.37 -10.69 -1.03
CA ASP B 14 3.61 -10.05 -0.59
C ASP B 14 3.37 -8.66 0.01
N MET B 15 2.67 -7.82 -0.71
CA MET B 15 2.40 -6.45 -0.27
C MET B 15 1.66 -6.38 1.05
N LEU B 16 0.71 -7.28 1.27
CA LEU B 16 -0.06 -7.29 2.51
C LEU B 16 0.84 -7.54 3.73
N LEU B 17 1.73 -8.50 3.59
CA LEU B 17 2.64 -8.84 4.67
C LEU B 17 3.74 -7.79 4.80
N LYS B 18 4.17 -7.25 3.66
CA LYS B 18 5.23 -6.24 3.63
C LYS B 18 4.76 -4.92 4.24
N GLU B 19 3.56 -4.48 3.85
CA GLU B 19 3.02 -3.22 4.34
C GLU B 19 2.80 -3.29 5.85
N TYR B 20 2.34 -4.43 6.34
CA TYR B 20 2.07 -4.63 7.76
C TYR B 20 3.35 -4.63 8.58
N LEU B 21 4.38 -5.30 8.08
CA LEU B 21 5.66 -5.40 8.76
C LEU B 21 6.24 -4.02 9.10
N LEU B 22 6.10 -3.09 8.18
CA LEU B 22 6.59 -1.73 8.39
C LEU B 22 5.52 -0.74 8.87
N SER B 23 4.32 -1.25 9.18
CA SER B 23 3.22 -0.37 9.60
C SER B 23 2.85 -0.52 11.07
N GLY B 24 2.34 -1.68 11.44
CA GLY B 24 1.96 -1.91 12.82
C GLY B 24 0.51 -2.30 12.97
N ASP B 25 -0.40 -1.53 12.37
CA ASP B 25 -1.84 -1.83 12.49
C ASP B 25 -2.30 -2.84 11.45
N ILE B 26 -3.17 -3.77 11.84
CA ILE B 26 -3.67 -4.79 10.94
C ILE B 26 -4.77 -4.26 10.02
N SER B 27 -5.47 -3.19 10.46
CA SER B 27 -6.60 -2.60 9.70
C SER B 27 -6.34 -2.47 8.20
N GLU B 28 -5.15 -2.01 7.84
CA GLU B 28 -4.78 -1.84 6.44
C GLU B 28 -4.74 -3.18 5.70
N ALA B 29 -4.08 -4.16 6.30
CA ALA B 29 -3.96 -5.48 5.70
C ALA B 29 -5.32 -6.18 5.64
N GLU B 30 -6.07 -6.07 6.72
CA GLU B 30 -7.39 -6.69 6.83
C GLU B 30 -8.35 -6.14 5.79
N HIS B 31 -8.35 -4.81 5.64
CA HIS B 31 -9.23 -4.17 4.67
C HIS B 31 -9.00 -4.70 3.26
N CYS B 32 -7.74 -4.87 2.92
CA CYS B 32 -7.39 -5.36 1.60
C CYS B 32 -7.65 -6.87 1.47
N LEU B 33 -7.52 -7.61 2.56
CA LEU B 33 -7.78 -9.04 2.54
C LEU B 33 -9.27 -9.33 2.39
N LYS B 34 -10.11 -8.47 2.95
CA LYS B 34 -11.56 -8.57 2.85
C LYS B 34 -11.97 -8.23 1.41
N GLU B 35 -11.05 -7.58 0.75
CA GLU B 35 -11.20 -7.14 -0.62
C GLU B 35 -10.91 -8.27 -1.64
N LEU B 36 -10.71 -9.51 -1.15
CA LEU B 36 -10.34 -10.66 -1.99
C LEU B 36 -11.58 -11.35 -2.56
N GLU B 37 -11.43 -12.63 -2.96
CA GLU B 37 -12.56 -13.40 -3.51
C GLU B 37 -12.58 -14.85 -3.00
N VAL B 38 -11.52 -15.61 -3.28
CA VAL B 38 -11.45 -17.01 -2.85
C VAL B 38 -10.70 -17.15 -1.52
N PRO B 39 -11.40 -17.56 -0.46
CA PRO B 39 -10.81 -17.72 0.86
C PRO B 39 -9.94 -18.98 0.96
N HIS B 40 -10.09 -19.87 0.00
CA HIS B 40 -9.32 -21.12 -0.01
C HIS B 40 -7.84 -20.86 -0.26
N PHE B 41 -7.54 -19.81 -1.03
CA PHE B 41 -6.15 -19.46 -1.34
C PHE B 41 -5.54 -18.60 -0.24
N HIS B 42 -6.21 -18.52 0.91
CA HIS B 42 -5.71 -17.74 2.04
C HIS B 42 -4.55 -18.46 2.72
N HIS B 43 -4.32 -19.71 2.35
CA HIS B 43 -3.25 -20.51 2.95
C HIS B 43 -1.86 -20.01 2.56
N GLU B 44 -1.75 -19.44 1.37
CA GLU B 44 -0.47 -18.92 0.88
C GLU B 44 -0.03 -17.70 1.69
N LEU B 45 -1.00 -16.90 2.14
CA LEU B 45 -0.72 -15.71 2.95
C LEU B 45 -0.21 -16.14 4.32
N VAL B 46 -0.62 -17.35 4.71
CA VAL B 46 -0.25 -17.90 6.00
C VAL B 46 1.16 -18.49 5.93
N TYR B 47 1.36 -19.39 4.96
CA TYR B 47 2.66 -20.06 4.76
C TYR B 47 3.83 -19.07 4.67
N GLU B 48 3.68 -18.04 3.84
CA GLU B 48 4.73 -17.06 3.65
C GLU B 48 5.04 -16.31 4.95
N ALA B 49 3.98 -15.90 5.65
CA ALA B 49 4.12 -15.21 6.94
C ALA B 49 4.94 -16.03 7.93
N ILE B 50 4.77 -17.34 7.89
CA ILE B 50 5.53 -18.23 8.77
C ILE B 50 6.99 -18.28 8.33
N VAL B 51 7.20 -18.40 7.03
CA VAL B 51 8.54 -18.44 6.46
C VAL B 51 9.34 -17.19 6.82
N MET B 52 8.68 -16.03 6.73
CA MET B 52 9.33 -14.76 7.06
C MET B 52 9.91 -14.79 8.46
N VAL B 53 9.05 -15.11 9.43
CA VAL B 53 9.48 -15.21 10.84
C VAL B 53 10.75 -16.06 10.99
N LEU B 54 10.86 -17.11 10.20
CA LEU B 54 12.01 -17.99 10.25
C LEU B 54 13.22 -17.40 9.53
N GLU B 55 12.97 -16.58 8.51
CA GLU B 55 14.03 -15.97 7.74
C GLU B 55 14.33 -14.54 8.21
N SER B 56 13.77 -14.16 9.36
CA SER B 56 13.98 -12.82 9.89
C SER B 56 14.66 -12.89 11.24
N THR B 57 15.48 -11.89 11.53
CA THR B 57 16.20 -11.84 12.78
C THR B 57 15.59 -10.79 13.70
N GLY B 58 15.23 -11.21 14.92
CA GLY B 58 14.64 -10.29 15.87
C GLY B 58 13.26 -10.73 16.32
N GLU B 59 13.00 -10.61 17.62
CA GLU B 59 11.71 -10.99 18.19
C GLU B 59 10.57 -10.15 17.63
N SER B 60 10.92 -8.98 17.08
CA SER B 60 9.94 -8.08 16.52
C SER B 60 9.18 -8.75 15.38
N ALA B 61 9.91 -9.48 14.53
CA ALA B 61 9.31 -10.17 13.40
C ALA B 61 8.22 -11.14 13.85
N PHE B 62 8.56 -11.99 14.80
CA PHE B 62 7.63 -12.98 15.34
C PHE B 62 6.40 -12.33 15.95
N LYS B 63 6.60 -11.48 16.96
CA LYS B 63 5.50 -10.80 17.65
C LYS B 63 4.57 -10.06 16.66
N MET B 64 5.15 -9.56 15.58
CA MET B 64 4.37 -8.84 14.58
C MET B 64 3.56 -9.80 13.72
N ILE B 65 4.22 -10.84 13.23
CA ILE B 65 3.56 -11.82 12.36
C ILE B 65 2.49 -12.64 13.11
N LEU B 66 2.86 -13.26 14.24
CA LEU B 66 1.91 -14.04 15.02
C LEU B 66 0.65 -13.26 15.36
N ASP B 67 0.80 -11.98 15.68
CA ASP B 67 -0.34 -11.14 16.01
C ASP B 67 -1.20 -10.88 14.78
N LEU B 68 -0.56 -10.88 13.61
CA LEU B 68 -1.25 -10.66 12.35
C LEU B 68 -2.23 -11.79 12.03
N LEU B 69 -1.75 -13.02 12.11
CA LEU B 69 -2.58 -14.18 11.81
C LEU B 69 -3.69 -14.35 12.83
N LYS B 70 -3.33 -14.35 14.11
CA LYS B 70 -4.31 -14.48 15.19
C LYS B 70 -5.38 -13.41 15.11
N SER B 71 -5.02 -12.26 14.55
CA SER B 71 -5.95 -11.15 14.40
C SER B 71 -6.96 -11.46 13.30
N LEU B 72 -6.46 -12.06 12.22
CA LEU B 72 -7.30 -12.45 11.10
C LEU B 72 -8.34 -13.49 11.53
N TRP B 73 -7.98 -14.30 12.52
CA TRP B 73 -8.89 -15.30 13.05
C TRP B 73 -10.04 -14.63 13.78
N LYS B 74 -9.70 -13.63 14.60
CA LYS B 74 -10.71 -12.85 15.35
C LYS B 74 -11.86 -12.36 14.46
N SER B 75 -11.59 -12.06 13.19
CA SER B 75 -12.64 -11.61 12.30
C SER B 75 -13.20 -12.75 11.43
N SER B 76 -12.74 -13.96 11.70
CA SER B 76 -13.16 -15.16 10.98
C SER B 76 -12.74 -15.13 9.51
N THR B 77 -11.45 -14.87 9.27
CA THR B 77 -10.92 -14.81 7.93
C THR B 77 -10.15 -16.08 7.55
N ILE B 78 -9.30 -16.55 8.46
CA ILE B 78 -8.52 -17.77 8.22
C ILE B 78 -9.30 -19.02 8.63
N THR B 79 -9.55 -19.90 7.67
CA THR B 79 -10.24 -21.14 7.94
C THR B 79 -9.22 -22.20 8.34
N ILE B 80 -9.63 -23.09 9.24
CA ILE B 80 -8.76 -24.18 9.73
C ILE B 80 -8.08 -24.95 8.59
N ASP B 81 -8.83 -25.27 7.55
CA ASP B 81 -8.29 -26.01 6.40
C ASP B 81 -7.13 -25.24 5.77
N GLN B 82 -7.24 -23.92 5.78
CA GLN B 82 -6.22 -23.05 5.20
C GLN B 82 -4.96 -23.08 6.06
N MET B 83 -5.13 -22.92 7.37
CA MET B 83 -4.00 -22.93 8.31
C MET B 83 -3.29 -24.29 8.28
N LYS B 84 -4.07 -25.37 8.11
CA LYS B 84 -3.53 -26.71 8.06
C LYS B 84 -2.60 -26.82 6.87
N ARG B 85 -3.11 -26.49 5.71
CA ARG B 85 -2.32 -26.56 4.51
C ARG B 85 -1.15 -25.58 4.55
N GLY B 86 -1.20 -24.59 5.46
CA GLY B 86 -0.11 -23.66 5.60
C GLY B 86 1.02 -24.21 6.45
N TYR B 87 0.67 -24.68 7.65
CA TYR B 87 1.66 -25.22 8.59
C TYR B 87 2.27 -26.52 8.12
N GLU B 88 1.44 -27.37 7.53
CA GLU B 88 1.88 -28.65 7.02
C GLU B 88 2.96 -28.48 5.95
N ARG B 89 2.91 -27.34 5.26
CA ARG B 89 3.89 -27.04 4.22
C ARG B 89 5.25 -26.80 4.86
N ILE B 90 5.25 -26.04 5.96
CA ILE B 90 6.48 -25.72 6.68
C ILE B 90 7.21 -26.98 7.12
N TYR B 91 6.43 -28.02 7.45
CA TYR B 91 7.00 -29.28 7.88
C TYR B 91 7.88 -29.89 6.79
N ASN B 92 7.61 -29.52 5.54
CA ASN B 92 8.39 -30.01 4.41
C ASN B 92 9.54 -29.06 4.07
N GLU B 93 9.33 -27.77 4.33
CA GLU B 93 10.34 -26.75 4.05
C GLU B 93 11.47 -26.77 5.06
N ILE B 94 11.16 -27.22 6.27
CA ILE B 94 12.16 -27.30 7.36
C ILE B 94 13.48 -27.94 6.91
N PRO B 95 13.46 -29.17 6.36
CA PRO B 95 14.68 -29.84 5.89
C PRO B 95 15.46 -29.00 4.88
N ASP B 96 14.74 -28.37 3.96
CA ASP B 96 15.37 -27.54 2.93
C ASP B 96 15.99 -26.27 3.51
N ILE B 97 15.29 -25.65 4.45
CA ILE B 97 15.77 -24.41 5.06
C ILE B 97 16.92 -24.67 6.03
N ASN B 98 16.76 -25.66 6.89
CA ASN B 98 17.78 -25.99 7.86
C ASN B 98 18.97 -26.67 7.21
N LEU B 99 18.68 -27.64 6.34
CA LEU B 99 19.73 -28.39 5.64
C LEU B 99 20.62 -29.09 6.65
N ASP B 100 20.01 -30.00 7.41
CA ASP B 100 20.69 -30.76 8.47
C ASP B 100 20.98 -29.88 9.68
N VAL B 101 20.96 -30.51 10.85
CA VAL B 101 21.19 -29.81 12.12
C VAL B 101 20.17 -28.67 12.28
N PRO B 102 18.90 -29.02 12.51
CA PRO B 102 17.83 -28.04 12.69
C PRO B 102 17.90 -27.34 14.04
N HIS B 103 18.56 -26.18 14.08
CA HIS B 103 18.69 -25.42 15.30
C HIS B 103 17.54 -24.42 15.45
N SER B 104 16.72 -24.33 14.42
CA SER B 104 15.58 -23.43 14.43
C SER B 104 14.41 -24.09 15.15
N TYR B 105 14.65 -25.30 15.67
CA TYR B 105 13.63 -26.06 16.39
C TYR B 105 13.10 -25.27 17.57
N SER B 106 13.97 -24.50 18.20
CA SER B 106 13.60 -23.66 19.32
C SER B 106 12.48 -22.70 18.94
N VAL B 107 12.62 -22.11 17.76
CA VAL B 107 11.62 -21.17 17.26
C VAL B 107 10.41 -21.92 16.68
N LEU B 108 10.69 -22.97 15.90
CA LEU B 108 9.64 -23.76 15.28
C LEU B 108 8.66 -24.30 16.31
N GLU B 109 9.18 -24.95 17.34
CA GLU B 109 8.36 -25.53 18.39
C GLU B 109 7.57 -24.46 19.12
N ARG B 110 8.28 -23.44 19.63
CA ARG B 110 7.66 -22.35 20.34
C ARG B 110 6.53 -21.72 19.53
N PHE B 111 6.73 -21.56 18.24
CA PHE B 111 5.71 -21.01 17.36
C PHE B 111 4.46 -21.91 17.33
N VAL B 112 4.65 -23.21 17.16
CA VAL B 112 3.52 -24.13 17.09
C VAL B 112 2.84 -24.25 18.46
N GLU B 113 3.62 -24.40 19.52
CA GLU B 113 3.08 -24.52 20.87
C GLU B 113 2.29 -23.27 21.25
N GLU B 114 2.72 -22.12 20.75
CA GLU B 114 2.05 -20.86 21.00
C GLU B 114 0.72 -20.84 20.26
N CYS B 115 0.78 -21.19 18.98
CA CYS B 115 -0.40 -21.22 18.13
C CYS B 115 -1.45 -22.16 18.70
N PHE B 116 -1.04 -23.35 19.11
CA PHE B 116 -1.97 -24.32 19.69
C PHE B 116 -2.69 -23.76 20.91
N GLN B 117 -1.91 -23.24 21.85
CA GLN B 117 -2.45 -22.67 23.09
C GLN B 117 -3.50 -21.58 22.82
N ALA B 118 -3.36 -20.89 21.70
CA ALA B 118 -4.31 -19.84 21.33
C ALA B 118 -5.71 -20.40 21.08
N GLY B 119 -5.77 -21.69 20.78
CA GLY B 119 -7.05 -22.34 20.54
C GLY B 119 -7.53 -22.12 19.12
N ILE B 120 -6.58 -21.93 18.21
CA ILE B 120 -6.94 -21.72 16.81
C ILE B 120 -6.88 -23.00 15.99
N ILE B 121 -5.99 -23.90 16.37
CA ILE B 121 -5.84 -25.16 15.66
C ILE B 121 -6.31 -26.35 16.50
N SER B 122 -5.96 -27.55 16.04
CA SER B 122 -6.33 -28.78 16.72
C SER B 122 -5.08 -29.58 17.07
N LYS B 123 -5.26 -30.68 17.80
CA LYS B 123 -4.14 -31.53 18.18
C LYS B 123 -3.51 -32.20 16.97
N GLN B 124 -4.33 -32.44 15.96
CA GLN B 124 -3.87 -33.08 14.72
C GLN B 124 -2.64 -32.36 14.15
N LEU B 125 -2.71 -31.05 14.06
CA LEU B 125 -1.61 -30.25 13.52
C LEU B 125 -0.39 -30.36 14.44
N ARG B 126 -0.63 -30.30 15.74
CA ARG B 126 0.43 -30.43 16.73
C ARG B 126 1.13 -31.79 16.62
N ASP B 127 0.36 -32.80 16.25
CA ASP B 127 0.89 -34.15 16.07
C ASP B 127 1.69 -34.24 14.76
N LEU B 128 1.31 -33.42 13.80
CA LEU B 128 1.97 -33.40 12.50
C LEU B 128 3.37 -32.79 12.59
N CYS B 129 3.65 -32.10 13.70
CA CYS B 129 4.95 -31.50 13.90
C CYS B 129 5.75 -32.32 14.91
N PRO B 130 6.92 -32.85 14.49
CA PRO B 130 7.78 -33.66 15.34
C PRO B 130 8.46 -32.85 16.43
N SER B 131 7.77 -32.71 17.55
CA SER B 131 8.30 -31.97 18.69
C SER B 131 9.53 -32.64 19.27
N GLY A 1 1.57 30.92 -2.33
CA GLY A 1 1.06 31.33 -1.00
C GLY A 1 -0.45 31.27 -0.92
N LEU A 2 -1.10 32.40 -1.21
CA LEU A 2 -2.55 32.48 -1.16
C LEU A 2 -3.15 32.29 -2.54
N PRO A 3 -4.10 31.36 -2.69
CA PRO A 3 -4.76 31.08 -3.95
C PRO A 3 -5.79 32.16 -4.31
N LEU A 4 -5.81 32.56 -5.57
CA LEU A 4 -6.74 33.57 -6.04
C LEU A 4 -7.94 32.91 -6.70
N ASP A 5 -9.13 33.42 -6.40
CA ASP A 5 -10.37 32.90 -6.96
C ASP A 5 -10.53 31.41 -6.65
N GLU A 6 -10.55 31.11 -5.35
CA GLU A 6 -10.66 29.73 -4.87
C GLU A 6 -11.88 29.00 -5.41
N ARG A 7 -13.07 29.56 -5.24
CA ARG A 7 -14.29 28.91 -5.70
C ARG A 7 -14.36 28.84 -7.22
N ALA A 8 -13.97 29.93 -7.88
CA ALA A 8 -13.99 29.99 -9.33
C ALA A 8 -13.11 28.92 -9.95
N PHE A 9 -11.99 28.63 -9.27
CA PHE A 9 -11.06 27.62 -9.73
C PHE A 9 -11.65 26.23 -9.62
N GLU A 10 -12.15 25.88 -8.42
CA GLU A 10 -12.73 24.58 -8.17
C GLU A 10 -13.89 24.30 -9.12
N LYS A 11 -14.80 25.26 -9.23
CA LYS A 11 -15.99 25.13 -10.09
C LYS A 11 -15.61 24.86 -11.54
N THR A 12 -14.60 25.55 -12.04
CA THR A 12 -14.17 25.37 -13.43
C THR A 12 -13.44 24.03 -13.63
N LEU A 13 -12.62 23.66 -12.66
CA LEU A 13 -11.83 22.43 -12.75
C LEU A 13 -12.67 21.15 -12.59
N THR A 14 -13.82 21.27 -11.93
CA THR A 14 -14.69 20.11 -11.70
C THR A 14 -15.01 19.33 -13.00
N PRO A 15 -15.66 19.96 -14.01
CA PRO A 15 -16.00 19.28 -15.27
C PRO A 15 -14.76 18.79 -16.02
N ILE A 16 -13.68 19.56 -15.93
CA ILE A 16 -12.42 19.22 -16.58
C ILE A 16 -11.90 17.85 -16.13
N ILE A 17 -11.74 17.69 -14.82
CA ILE A 17 -11.23 16.44 -14.25
C ILE A 17 -12.23 15.30 -14.47
N GLN A 18 -13.51 15.60 -14.26
CA GLN A 18 -14.57 14.61 -14.46
C GLN A 18 -14.50 14.00 -15.85
N GLU A 19 -14.47 14.86 -16.87
CA GLU A 19 -14.38 14.41 -18.26
C GLU A 19 -13.04 13.72 -18.55
N TYR A 20 -12.02 14.08 -17.78
CA TYR A 20 -10.68 13.52 -17.95
C TYR A 20 -10.71 12.02 -17.69
N PHE A 21 -11.31 11.63 -16.57
CA PHE A 21 -11.39 10.23 -16.17
C PHE A 21 -12.20 9.37 -17.15
N GLU A 22 -12.95 10.00 -18.04
CA GLU A 22 -13.75 9.25 -19.00
C GLU A 22 -12.96 8.79 -20.22
N HIS A 23 -12.36 9.72 -20.94
CA HIS A 23 -11.59 9.37 -22.14
C HIS A 23 -10.10 9.24 -21.89
N GLY A 24 -9.62 9.82 -20.79
CA GLY A 24 -8.20 9.75 -20.46
C GLY A 24 -7.33 10.52 -21.45
N ASP A 25 -7.07 11.79 -21.15
CA ASP A 25 -6.25 12.61 -22.03
C ASP A 25 -5.40 13.60 -21.23
N THR A 26 -4.11 13.33 -21.18
CA THR A 26 -3.18 14.17 -20.45
C THR A 26 -2.92 15.51 -21.14
N ASN A 27 -2.83 15.49 -22.47
CA ASN A 27 -2.56 16.72 -23.24
C ASN A 27 -3.74 17.67 -23.21
N GLU A 28 -4.96 17.11 -23.21
CA GLU A 28 -6.18 17.90 -23.18
C GLU A 28 -6.19 18.82 -21.96
N VAL A 29 -5.82 18.25 -20.83
CA VAL A 29 -5.75 19.01 -19.58
C VAL A 29 -4.75 20.15 -19.70
N ALA A 30 -3.58 19.87 -20.26
CA ALA A 30 -2.54 20.89 -20.44
C ALA A 30 -3.06 22.05 -21.28
N GLU A 31 -3.67 21.73 -22.42
CA GLU A 31 -4.26 22.72 -23.30
C GLU A 31 -5.15 23.69 -22.52
N MET A 32 -5.95 23.13 -21.61
CA MET A 32 -6.86 23.93 -20.80
C MET A 32 -6.13 24.69 -19.70
N LEU A 33 -5.07 24.09 -19.16
CA LEU A 33 -4.29 24.72 -18.10
C LEU A 33 -3.68 26.04 -18.56
N ARG A 34 -3.03 26.02 -19.72
CA ARG A 34 -2.42 27.23 -20.28
C ARG A 34 -3.48 28.29 -20.53
N ASP A 35 -4.68 27.82 -20.89
CA ASP A 35 -5.80 28.70 -21.15
C ASP A 35 -6.16 29.47 -19.88
N LEU A 36 -6.16 28.76 -18.76
CA LEU A 36 -6.44 29.37 -17.47
C LEU A 36 -5.29 30.28 -17.06
N ASN A 37 -4.07 29.81 -17.28
CA ASN A 37 -2.85 30.57 -16.95
C ASN A 37 -2.79 30.91 -15.47
N LEU A 38 -2.22 30.02 -14.68
CA LEU A 38 -2.10 30.22 -13.25
C LEU A 38 -0.71 29.85 -12.76
N GLY A 39 -0.26 30.52 -11.70
CA GLY A 39 1.05 30.25 -11.15
C GLY A 39 0.97 29.32 -9.95
N GLU A 40 0.76 29.90 -8.78
CA GLU A 40 0.66 29.10 -7.56
C GLU A 40 -0.64 28.33 -7.52
N MET A 41 -1.64 28.87 -8.21
CA MET A 41 -2.95 28.23 -8.28
C MET A 41 -2.91 27.01 -9.20
N LYS A 42 -1.81 26.88 -9.94
CA LYS A 42 -1.64 25.77 -10.85
C LYS A 42 -1.42 24.48 -10.08
N SER A 43 -0.86 24.60 -8.89
CA SER A 43 -0.63 23.44 -8.04
C SER A 43 -1.95 22.88 -7.53
N GLY A 44 -3.00 23.69 -7.61
CA GLY A 44 -4.32 23.27 -7.18
C GLY A 44 -4.85 22.12 -8.03
N VAL A 45 -4.68 22.25 -9.34
CA VAL A 45 -5.13 21.22 -10.29
C VAL A 45 -4.80 19.79 -9.86
N PRO A 46 -3.49 19.43 -9.70
CA PRO A 46 -3.10 18.09 -9.29
C PRO A 46 -3.68 17.68 -7.94
N VAL A 47 -3.95 18.66 -7.08
CA VAL A 47 -4.51 18.38 -5.77
C VAL A 47 -5.97 17.94 -5.89
N LEU A 48 -6.75 18.68 -6.66
CA LEU A 48 -8.15 18.37 -6.86
C LEU A 48 -8.29 16.98 -7.48
N ALA A 49 -7.56 16.75 -8.57
CA ALA A 49 -7.53 15.44 -9.24
C ALA A 49 -7.24 14.30 -8.26
N VAL A 50 -6.53 14.63 -7.20
CA VAL A 50 -6.18 13.64 -6.20
C VAL A 50 -7.36 13.37 -5.25
N SER A 51 -7.99 14.44 -4.82
CA SER A 51 -9.11 14.36 -3.89
C SER A 51 -10.29 13.59 -4.48
N LEU A 52 -10.70 13.95 -5.69
CA LEU A 52 -11.84 13.29 -6.33
C LEU A 52 -11.58 11.80 -6.53
N ALA A 53 -10.42 11.49 -7.09
CA ALA A 53 -10.01 10.11 -7.33
C ALA A 53 -10.04 9.23 -6.08
N LEU A 54 -10.02 9.84 -4.89
CA LEU A 54 -10.06 9.07 -3.65
C LEU A 54 -11.45 8.49 -3.43
N GLU A 55 -12.47 9.27 -3.79
CA GLU A 55 -13.85 8.84 -3.63
C GLU A 55 -14.17 7.64 -4.51
N GLY A 56 -13.65 7.66 -5.73
CA GLY A 56 -13.88 6.55 -6.65
C GLY A 56 -13.14 5.29 -6.26
N LYS A 57 -13.03 4.37 -7.20
CA LYS A 57 -12.37 3.09 -6.97
C LYS A 57 -10.86 3.21 -7.17
N ALA A 58 -10.15 2.12 -6.91
CA ALA A 58 -8.70 2.07 -7.05
C ALA A 58 -8.27 2.41 -8.47
N SER A 59 -9.06 1.97 -9.44
CA SER A 59 -8.77 2.21 -10.85
C SER A 59 -8.78 3.71 -11.14
N HIS A 60 -9.64 4.43 -10.44
CA HIS A 60 -9.75 5.88 -10.61
C HIS A 60 -8.49 6.59 -10.12
N ARG A 61 -7.86 6.04 -9.09
CA ARG A 61 -6.66 6.63 -8.53
C ARG A 61 -5.47 6.44 -9.45
N GLU A 62 -5.20 5.19 -9.83
CA GLU A 62 -4.10 4.88 -10.73
C GLU A 62 -4.14 5.73 -12.00
N MET A 63 -5.36 6.01 -12.47
CA MET A 63 -5.56 6.82 -13.67
C MET A 63 -5.08 8.26 -13.45
N THR A 64 -5.06 8.69 -12.19
CA THR A 64 -4.62 10.04 -11.85
C THR A 64 -3.10 10.18 -11.97
N SER A 65 -2.34 9.22 -11.42
CA SER A 65 -0.90 9.23 -11.47
C SER A 65 -0.34 9.46 -12.88
N LYS A 66 -1.02 8.94 -13.90
CA LYS A 66 -0.58 9.10 -15.28
C LYS A 66 -0.60 10.57 -15.70
N LEU A 67 -1.53 11.33 -15.12
CA LEU A 67 -1.67 12.75 -15.43
C LEU A 67 -0.53 13.55 -14.83
N LEU A 68 -0.14 13.20 -13.60
CA LEU A 68 0.92 13.92 -12.91
C LEU A 68 2.23 13.90 -13.70
N SER A 69 2.78 12.71 -13.90
CA SER A 69 4.01 12.53 -14.65
C SER A 69 3.96 13.19 -16.04
N ASP A 70 2.76 13.26 -16.59
CA ASP A 70 2.56 13.86 -17.91
C ASP A 70 2.59 15.39 -17.83
N LEU A 71 1.86 15.93 -16.86
CA LEU A 71 1.77 17.37 -16.67
C LEU A 71 3.10 18.00 -16.32
N CYS A 72 3.91 17.32 -15.50
CA CYS A 72 5.21 17.87 -15.12
C CYS A 72 6.13 17.96 -16.32
N GLY A 73 6.91 19.03 -16.38
CA GLY A 73 7.82 19.22 -17.50
C GLY A 73 7.11 19.95 -18.63
N THR A 74 5.87 19.56 -18.86
CA THR A 74 5.05 20.16 -19.90
C THR A 74 4.53 21.53 -19.47
N VAL A 75 3.75 21.56 -18.40
CA VAL A 75 3.18 22.81 -17.90
C VAL A 75 3.36 22.97 -16.38
N MET A 76 3.91 21.96 -15.74
CA MET A 76 4.10 21.99 -14.30
C MET A 76 5.54 21.67 -13.95
N SER A 77 6.10 22.37 -12.97
CA SER A 77 7.48 22.14 -12.57
C SER A 77 7.52 21.24 -11.33
N THR A 78 8.65 20.54 -11.14
CA THR A 78 8.83 19.66 -9.99
C THR A 78 8.46 20.36 -8.67
N THR A 79 8.76 21.65 -8.58
CA THR A 79 8.44 22.44 -7.40
C THR A 79 6.94 22.55 -7.24
N ASP A 80 6.26 22.83 -8.35
CA ASP A 80 4.81 22.93 -8.37
C ASP A 80 4.18 21.62 -7.90
N VAL A 81 4.79 20.51 -8.27
CA VAL A 81 4.32 19.19 -7.86
C VAL A 81 4.54 19.01 -6.37
N GLU A 82 5.73 19.39 -5.91
CA GLU A 82 6.10 19.29 -4.50
C GLU A 82 5.11 20.06 -3.63
N LYS A 83 4.81 21.29 -4.05
CA LYS A 83 3.87 22.14 -3.33
C LYS A 83 2.50 21.48 -3.24
N SER A 84 2.12 20.76 -4.29
CA SER A 84 0.84 20.08 -4.33
C SER A 84 0.73 19.04 -3.23
N PHE A 85 1.79 18.25 -3.06
CA PHE A 85 1.83 17.21 -2.02
C PHE A 85 1.70 17.84 -0.64
N ASP A 86 2.41 18.94 -0.44
CA ASP A 86 2.36 19.66 0.84
C ASP A 86 0.94 20.15 1.08
N LYS A 87 0.39 20.85 0.08
CA LYS A 87 -0.97 21.37 0.16
C LYS A 87 -1.98 20.24 0.43
N LEU A 88 -1.73 19.08 -0.16
CA LEU A 88 -2.61 17.93 0.02
C LEU A 88 -2.57 17.47 1.47
N LEU A 89 -1.37 17.19 1.98
CA LEU A 89 -1.17 16.75 3.36
C LEU A 89 -1.93 17.62 4.37
N LYS A 90 -1.99 18.92 4.11
CA LYS A 90 -2.69 19.86 5.00
C LYS A 90 -4.22 19.63 4.98
N ASP A 91 -4.71 19.10 3.87
CA ASP A 91 -6.15 18.84 3.71
C ASP A 91 -6.52 17.48 4.30
N LEU A 92 -5.60 16.52 4.18
CA LEU A 92 -5.78 15.15 4.67
C LEU A 92 -6.59 15.00 5.98
N PRO A 93 -6.28 15.75 7.05
CA PRO A 93 -7.03 15.66 8.31
C PRO A 93 -8.56 15.67 8.12
N GLU A 94 -9.07 16.44 7.16
CA GLU A 94 -10.51 16.49 6.96
C GLU A 94 -10.96 15.29 6.13
N LEU A 95 -10.32 15.10 4.97
CA LEU A 95 -10.61 13.95 4.11
C LEU A 95 -10.67 12.62 4.86
N ALA A 96 -9.89 12.52 5.94
CA ALA A 96 -9.87 11.30 6.74
C ALA A 96 -11.23 11.01 7.39
N LEU A 97 -12.10 12.02 7.49
CA LEU A 97 -13.40 11.84 8.09
C LEU A 97 -14.33 11.05 7.16
N ASP A 98 -14.52 11.54 5.95
CA ASP A 98 -15.37 10.86 4.96
C ASP A 98 -14.66 9.69 4.29
N THR A 99 -13.42 9.45 4.71
CA THR A 99 -12.63 8.37 4.16
C THR A 99 -11.53 7.98 5.14
N PRO A 100 -11.80 6.97 5.98
CA PRO A 100 -10.83 6.50 6.99
C PRO A 100 -9.55 5.95 6.37
N ARG A 101 -9.64 5.52 5.11
CA ARG A 101 -8.49 4.98 4.41
C ARG A 101 -7.82 6.03 3.52
N ALA A 102 -8.36 7.25 3.56
CA ALA A 102 -7.81 8.34 2.75
C ALA A 102 -6.32 8.60 3.02
N PRO A 103 -5.90 8.81 4.30
CA PRO A 103 -4.50 9.04 4.64
C PRO A 103 -3.58 7.95 4.09
N GLN A 104 -3.94 6.71 4.38
CA GLN A 104 -3.17 5.56 3.91
C GLN A 104 -3.01 5.58 2.39
N LEU A 105 -4.11 5.82 1.67
CA LEU A 105 -4.09 5.86 0.22
C LEU A 105 -3.16 6.96 -0.29
N VAL A 106 -3.27 8.13 0.33
CA VAL A 106 -2.42 9.28 -0.01
C VAL A 106 -0.94 8.89 -0.06
N GLY A 107 -0.51 8.04 0.86
CA GLY A 107 0.88 7.61 0.90
C GLY A 107 1.31 6.96 -0.40
N GLN A 108 0.39 6.27 -1.05
CA GLN A 108 0.67 5.59 -2.32
C GLN A 108 1.02 6.62 -3.39
N PHE A 109 0.36 7.76 -3.33
CA PHE A 109 0.59 8.84 -4.29
C PHE A 109 1.99 9.41 -4.16
N ILE A 110 2.50 9.50 -2.93
CA ILE A 110 3.82 10.04 -2.68
C ILE A 110 4.89 9.10 -3.22
N ALA A 111 4.79 7.83 -2.87
CA ALA A 111 5.74 6.82 -3.32
C ALA A 111 5.80 6.77 -4.84
N ARG A 112 4.63 6.86 -5.47
CA ARG A 112 4.53 6.83 -6.92
C ARG A 112 5.27 8.03 -7.52
N ALA A 113 5.12 9.18 -6.89
CA ALA A 113 5.77 10.41 -7.36
C ALA A 113 7.28 10.24 -7.47
N VAL A 114 7.88 9.61 -6.47
CA VAL A 114 9.31 9.38 -6.47
C VAL A 114 9.66 8.41 -7.59
N GLY A 115 8.91 7.31 -7.67
CA GLY A 115 9.14 6.32 -8.71
C GLY A 115 9.09 6.89 -10.12
N ASP A 116 8.07 7.70 -10.39
CA ASP A 116 7.93 8.32 -11.71
C ASP A 116 8.97 9.42 -11.93
N GLY A 117 9.33 10.12 -10.85
CA GLY A 117 10.32 11.16 -10.96
C GLY A 117 9.75 12.55 -10.91
N ILE A 118 8.64 12.71 -10.20
CA ILE A 118 8.00 14.01 -10.06
C ILE A 118 8.16 14.54 -8.64
N LEU A 119 8.94 13.82 -7.84
CA LEU A 119 9.20 14.20 -6.46
C LEU A 119 10.52 13.58 -6.02
N CYS A 120 11.12 14.12 -4.97
CA CYS A 120 12.39 13.59 -4.47
C CYS A 120 12.14 12.57 -3.37
N ASN A 121 13.07 11.64 -3.22
CA ASN A 121 12.94 10.60 -2.21
C ASN A 121 13.09 11.16 -0.80
N THR A 122 13.91 12.20 -0.66
CA THR A 122 14.15 12.81 0.63
C THR A 122 12.95 13.63 1.14
N TYR A 123 11.86 13.61 0.41
CA TYR A 123 10.65 14.32 0.81
C TYR A 123 10.16 13.73 2.12
N ILE A 124 10.32 12.42 2.25
CA ILE A 124 9.92 11.70 3.45
C ILE A 124 10.87 12.00 4.60
N ASP A 125 12.18 12.02 4.30
CA ASP A 125 13.19 12.30 5.31
C ASP A 125 12.97 13.66 5.96
N SER A 126 12.48 14.60 5.17
CA SER A 126 12.24 15.96 5.65
C SER A 126 11.07 16.00 6.64
N TYR A 127 10.16 15.07 6.51
CA TYR A 127 9.00 14.98 7.41
C TYR A 127 9.09 13.73 8.29
N LYS A 128 10.32 13.34 8.60
CA LYS A 128 10.59 12.13 9.41
C LYS A 128 10.55 12.32 10.91
N GLY A 129 9.59 13.13 11.36
CA GLY A 129 9.47 13.39 12.78
C GLY A 129 9.10 14.82 13.03
N THR A 130 9.01 15.55 11.94
CA THR A 130 8.69 16.95 11.95
C THR A 130 7.20 17.17 11.69
N VAL A 131 6.44 16.08 11.69
CA VAL A 131 5.01 16.16 11.44
C VAL A 131 4.21 15.92 12.72
N ASP A 132 3.32 16.84 13.03
CA ASP A 132 2.50 16.76 14.23
C ASP A 132 1.20 15.98 13.99
N CYS A 133 0.70 16.01 12.76
CA CYS A 133 -0.53 15.30 12.42
C CYS A 133 -0.29 13.82 12.18
N VAL A 134 -1.05 12.98 12.89
CA VAL A 134 -0.92 11.53 12.76
C VAL A 134 -1.34 11.06 11.36
N GLN A 135 -2.47 11.56 10.86
CA GLN A 135 -2.94 11.23 9.52
C GLN A 135 -1.84 11.41 8.47
N ALA A 136 -1.12 12.53 8.59
CA ALA A 136 -0.03 12.82 7.67
C ALA A 136 1.13 11.86 7.91
N ARG A 137 1.34 11.50 9.17
CA ARG A 137 2.40 10.58 9.53
C ARG A 137 2.19 9.22 8.88
N ALA A 138 0.98 8.67 9.04
CA ALA A 138 0.64 7.38 8.46
C ALA A 138 0.86 7.36 6.95
N ALA A 139 0.62 8.50 6.30
CA ALA A 139 0.81 8.61 4.87
C ALA A 139 2.29 8.48 4.51
N LEU A 140 3.14 9.05 5.35
CA LEU A 140 4.59 9.00 5.15
C LEU A 140 5.11 7.60 5.45
N ASP A 141 4.62 7.01 6.53
CA ASP A 141 5.01 5.66 6.92
C ASP A 141 4.47 4.66 5.90
N LYS A 142 3.49 5.13 5.14
CA LYS A 142 2.84 4.34 4.13
C LYS A 142 3.74 4.24 2.89
N ALA A 143 4.13 5.40 2.39
CA ALA A 143 4.98 5.50 1.22
C ALA A 143 6.36 4.86 1.44
N THR A 144 6.88 4.97 2.65
CA THR A 144 8.21 4.42 2.97
C THR A 144 8.32 2.91 2.67
N VAL A 145 7.32 2.14 3.03
CA VAL A 145 7.36 0.68 2.82
C VAL A 145 7.13 0.31 1.36
N LEU A 146 6.34 1.10 0.64
CA LEU A 146 6.03 0.84 -0.76
C LEU A 146 7.30 0.69 -1.60
N LEU A 147 8.33 1.42 -1.21
CA LEU A 147 9.61 1.39 -1.91
C LEU A 147 10.28 0.02 -1.75
N SER A 148 10.35 -0.47 -0.51
CA SER A 148 10.98 -1.75 -0.23
C SER A 148 10.14 -2.93 -0.74
N MET A 149 8.85 -2.71 -0.88
CA MET A 149 7.95 -3.74 -1.36
C MET A 149 8.04 -3.92 -2.88
N SER A 150 8.31 -2.82 -3.58
CA SER A 150 8.43 -2.86 -5.03
C SER A 150 9.82 -3.29 -5.48
N LYS A 151 10.73 -3.43 -4.54
CA LYS A 151 12.09 -3.83 -4.86
C LYS A 151 12.41 -5.22 -4.32
N GLY A 152 12.41 -5.34 -2.99
CA GLY A 152 12.71 -6.61 -2.35
C GLY A 152 11.69 -7.69 -2.67
N GLY A 153 10.46 -7.29 -3.00
CA GLY A 153 9.42 -8.24 -3.31
C GLY A 153 9.72 -9.02 -4.59
N LYS A 154 10.49 -8.42 -5.48
CA LYS A 154 10.84 -9.05 -6.75
C LYS A 154 11.79 -10.24 -6.53
N ARG A 155 12.67 -10.11 -5.55
CA ARG A 155 13.61 -11.19 -5.25
C ARG A 155 12.94 -12.23 -4.39
N LYS A 156 11.94 -11.82 -3.62
CA LYS A 156 11.22 -12.73 -2.76
C LYS A 156 10.36 -13.66 -3.59
N ASP A 157 9.75 -13.11 -4.63
CA ASP A 157 8.92 -13.89 -5.53
C ASP A 157 9.79 -14.72 -6.45
N SER A 158 9.67 -16.02 -6.34
CA SER A 158 10.42 -16.94 -7.16
C SER A 158 9.50 -17.99 -7.75
N VAL A 159 8.21 -17.64 -7.85
CA VAL A 159 7.21 -18.55 -8.39
C VAL A 159 6.37 -17.89 -9.48
N TRP A 160 6.40 -16.56 -9.56
CA TRP A 160 5.64 -15.85 -10.57
C TRP A 160 6.52 -15.11 -11.56
N GLY A 161 6.78 -13.83 -11.30
CA GLY A 161 7.59 -13.04 -12.20
C GLY A 161 6.96 -12.90 -13.57
N SER A 162 5.76 -12.32 -13.60
CA SER A 162 5.04 -12.12 -14.85
C SER A 162 4.46 -10.72 -14.92
N GLY A 163 4.21 -10.26 -16.14
CA GLY A 163 3.64 -8.93 -16.33
C GLY A 163 3.23 -8.73 -17.77
N GLY B 1 2.56 -7.41 -20.54
CA GLY B 1 1.21 -7.35 -21.17
C GLY B 1 1.19 -6.39 -22.34
N GLY B 2 -0.01 -6.02 -22.78
CA GLY B 2 -0.14 -5.11 -23.89
C GLY B 2 0.04 -3.67 -23.47
N GLN B 3 -1.02 -3.05 -23.00
CA GLN B 3 -0.94 -1.67 -22.55
C GLN B 3 -1.14 -1.55 -21.06
N GLN B 4 -2.11 -2.28 -20.53
CA GLN B 4 -2.39 -2.26 -19.10
C GLN B 4 -2.92 -3.60 -18.63
N PRO B 5 -2.00 -4.50 -18.22
CA PRO B 5 -2.38 -5.83 -17.74
C PRO B 5 -2.87 -5.76 -16.29
N VAL B 6 -3.95 -6.48 -16.00
CA VAL B 6 -4.51 -6.49 -14.66
C VAL B 6 -3.57 -7.19 -13.68
N ASN B 7 -3.06 -6.42 -12.72
CA ASN B 7 -2.15 -6.96 -11.71
C ASN B 7 -2.88 -7.95 -10.83
N HIS B 8 -2.20 -9.03 -10.49
CA HIS B 8 -2.77 -10.07 -9.66
C HIS B 8 -1.67 -10.83 -8.93
N LEU B 9 -1.88 -11.06 -7.63
CA LEU B 9 -0.91 -11.78 -6.77
C LEU B 9 0.38 -10.99 -6.54
N VAL B 10 1.00 -10.52 -7.61
CA VAL B 10 2.23 -9.78 -7.56
C VAL B 10 2.11 -8.54 -6.69
N LYS B 11 2.96 -8.44 -5.68
CA LYS B 11 2.98 -7.32 -4.75
C LYS B 11 1.82 -7.31 -3.76
N GLU B 12 0.66 -7.77 -4.20
CA GLU B 12 -0.54 -7.83 -3.36
C GLU B 12 -0.27 -8.55 -2.04
N ILE B 13 0.32 -9.74 -2.13
CA ILE B 13 0.63 -10.53 -0.95
C ILE B 13 1.76 -9.89 -0.13
N ASP B 14 2.75 -9.35 -0.84
CA ASP B 14 3.91 -8.72 -0.20
C ASP B 14 3.50 -7.52 0.64
N MET B 15 2.66 -6.65 0.06
CA MET B 15 2.21 -5.44 0.72
C MET B 15 1.52 -5.71 2.04
N LEU B 16 0.62 -6.69 2.06
CA LEU B 16 -0.14 -7.03 3.26
C LEU B 16 0.80 -7.29 4.43
N LEU B 17 1.80 -8.12 4.21
CA LEU B 17 2.75 -8.46 5.25
C LEU B 17 3.75 -7.36 5.55
N LYS B 18 4.39 -6.83 4.51
CA LYS B 18 5.42 -5.80 4.68
C LYS B 18 4.89 -4.52 5.31
N GLU B 19 3.69 -4.09 4.93
CA GLU B 19 3.11 -2.87 5.49
C GLU B 19 2.84 -3.05 6.97
N TYR B 20 2.44 -4.24 7.35
CA TYR B 20 2.16 -4.54 8.75
C TYR B 20 3.49 -4.72 9.50
N LEU B 21 4.45 -5.31 8.83
CA LEU B 21 5.77 -5.55 9.40
C LEU B 21 6.54 -4.26 9.66
N LEU B 22 6.67 -3.43 8.64
CA LEU B 22 7.41 -2.19 8.76
C LEU B 22 6.58 -1.07 9.40
N SER B 23 5.44 -0.75 8.80
CA SER B 23 4.58 0.30 9.33
C SER B 23 3.86 -0.14 10.60
N GLY B 24 2.91 -1.08 10.48
CA GLY B 24 2.20 -1.54 11.64
C GLY B 24 0.74 -1.08 11.66
N ASP B 25 0.09 -1.10 10.51
CA ASP B 25 -1.30 -0.65 10.43
C ASP B 25 -2.28 -1.78 10.10
N ILE B 26 -3.13 -2.07 11.08
CA ILE B 26 -4.14 -3.11 10.92
C ILE B 26 -5.19 -2.66 9.91
N SER B 27 -5.67 -1.43 10.09
CA SER B 27 -6.66 -0.81 9.22
C SER B 27 -6.41 -1.05 7.73
N GLU B 28 -5.15 -1.06 7.32
CA GLU B 28 -4.82 -1.26 5.92
C GLU B 28 -4.83 -2.73 5.55
N ALA B 29 -4.14 -3.55 6.33
CA ALA B 29 -4.06 -4.99 6.07
C ALA B 29 -5.43 -5.64 5.98
N GLU B 30 -6.32 -5.23 6.88
CA GLU B 30 -7.67 -5.77 6.94
C GLU B 30 -8.47 -5.37 5.71
N HIS B 31 -8.44 -4.08 5.37
CA HIS B 31 -9.18 -3.57 4.21
C HIS B 31 -8.63 -4.14 2.91
N CYS B 32 -7.33 -4.40 2.88
CA CYS B 32 -6.69 -4.94 1.68
C CYS B 32 -7.07 -6.41 1.47
N LEU B 33 -7.18 -7.16 2.56
CA LEU B 33 -7.55 -8.57 2.50
C LEU B 33 -9.00 -8.71 2.05
N LYS B 34 -9.84 -7.82 2.56
CA LYS B 34 -11.27 -7.76 2.24
C LYS B 34 -11.50 -7.29 0.80
N GLU B 35 -10.45 -6.71 0.26
CA GLU B 35 -10.50 -6.16 -1.09
C GLU B 35 -10.54 -7.29 -2.13
N LEU B 36 -9.72 -8.30 -1.90
CA LEU B 36 -9.64 -9.45 -2.80
C LEU B 36 -10.86 -10.35 -2.67
N GLU B 37 -11.22 -11.03 -3.74
CA GLU B 37 -12.39 -11.91 -3.72
C GLU B 37 -12.02 -13.39 -3.64
N VAL B 38 -10.75 -13.69 -3.35
CA VAL B 38 -10.29 -15.09 -3.26
C VAL B 38 -10.00 -15.54 -1.82
N PRO B 39 -10.99 -16.12 -1.12
CA PRO B 39 -10.83 -16.59 0.26
C PRO B 39 -9.85 -17.77 0.41
N HIS B 40 -9.88 -18.71 -0.52
CA HIS B 40 -9.01 -19.88 -0.46
C HIS B 40 -7.54 -19.54 -0.66
N PHE B 41 -7.28 -18.42 -1.32
CA PHE B 41 -5.91 -17.97 -1.57
C PHE B 41 -5.35 -17.23 -0.35
N HIS B 42 -6.13 -17.20 0.73
CA HIS B 42 -5.70 -16.53 1.96
C HIS B 42 -4.61 -17.31 2.67
N HIS B 43 -4.40 -18.55 2.24
CA HIS B 43 -3.39 -19.41 2.84
C HIS B 43 -1.96 -18.92 2.58
N GLU B 44 -1.75 -18.22 1.47
CA GLU B 44 -0.43 -17.71 1.12
C GLU B 44 0.04 -16.68 2.17
N LEU B 45 -0.90 -15.88 2.63
CA LEU B 45 -0.63 -14.85 3.64
C LEU B 45 -0.19 -15.51 4.95
N VAL B 46 -0.64 -16.73 5.12
CA VAL B 46 -0.31 -17.50 6.33
C VAL B 46 1.08 -18.10 6.20
N TYR B 47 1.32 -18.77 5.08
CA TYR B 47 2.59 -19.41 4.81
C TYR B 47 3.75 -18.43 4.87
N GLU B 48 3.66 -17.33 4.12
CA GLU B 48 4.73 -16.33 4.06
C GLU B 48 5.07 -15.76 5.43
N ALA B 49 4.05 -15.41 6.21
CA ALA B 49 4.24 -14.87 7.56
C ALA B 49 5.08 -15.78 8.45
N ILE B 50 4.91 -17.09 8.31
CA ILE B 50 5.66 -18.03 9.12
C ILE B 50 7.12 -18.05 8.67
N VAL B 51 7.28 -17.97 7.36
CA VAL B 51 8.58 -17.97 6.73
C VAL B 51 9.34 -16.67 6.96
N MET B 52 8.67 -15.58 7.37
CA MET B 52 9.38 -14.31 7.50
C MET B 52 10.13 -14.31 8.83
N VAL B 53 9.37 -14.50 9.91
CA VAL B 53 9.95 -14.58 11.26
C VAL B 53 11.15 -15.52 11.33
N LEU B 54 11.15 -16.56 10.51
CA LEU B 54 12.25 -17.53 10.53
C LEU B 54 13.50 -16.95 9.86
N GLU B 55 13.29 -15.92 9.05
CA GLU B 55 14.38 -15.28 8.33
C GLU B 55 14.67 -13.90 8.94
N SER B 56 14.06 -13.60 10.08
CA SER B 56 14.25 -12.32 10.74
C SER B 56 14.84 -12.48 12.12
N THR B 57 15.66 -11.52 12.52
CA THR B 57 16.30 -11.55 13.82
C THR B 57 15.70 -10.48 14.72
N GLY B 58 15.17 -10.88 15.87
CA GLY B 58 14.57 -9.93 16.79
C GLY B 58 13.13 -10.26 17.08
N GLU B 59 12.62 -9.74 18.20
CA GLU B 59 11.25 -9.99 18.60
C GLU B 59 10.29 -8.99 17.98
N SER B 60 10.83 -7.92 17.40
CA SER B 60 10.02 -6.91 16.75
C SER B 60 9.21 -7.57 15.65
N ALA B 61 9.91 -8.44 14.93
CA ALA B 61 9.34 -9.18 13.84
C ALA B 61 8.47 -10.31 14.35
N PHE B 62 8.64 -10.73 15.60
CA PHE B 62 7.90 -11.89 16.08
C PHE B 62 6.48 -11.47 16.48
N LYS B 63 6.37 -10.72 17.58
CA LYS B 63 5.09 -10.22 18.09
C LYS B 63 4.20 -9.55 17.03
N MET B 64 4.81 -8.93 16.02
CA MET B 64 4.02 -8.20 15.02
C MET B 64 3.40 -9.16 14.03
N ILE B 65 4.17 -10.16 13.66
CA ILE B 65 3.75 -11.15 12.69
C ILE B 65 2.97 -12.27 13.35
N LEU B 66 3.13 -12.43 14.66
CA LEU B 66 2.47 -13.54 15.32
C LEU B 66 1.03 -13.15 15.61
N ASP B 67 0.88 -11.95 16.18
CA ASP B 67 -0.42 -11.39 16.52
C ASP B 67 -1.25 -11.10 15.26
N LEU B 68 -0.57 -10.98 14.12
CA LEU B 68 -1.24 -10.66 12.85
C LEU B 68 -2.31 -11.69 12.51
N LEU B 69 -1.97 -12.97 12.64
CA LEU B 69 -2.91 -14.03 12.33
C LEU B 69 -4.03 -14.06 13.37
N LYS B 70 -3.66 -14.06 14.65
CA LYS B 70 -4.63 -14.06 15.74
C LYS B 70 -5.64 -12.92 15.61
N SER B 71 -5.20 -11.80 15.05
CA SER B 71 -6.07 -10.67 14.86
C SER B 71 -7.05 -10.95 13.72
N LEU B 72 -6.53 -11.55 12.65
CA LEU B 72 -7.34 -11.89 11.50
C LEU B 72 -8.38 -12.95 11.86
N TRP B 73 -8.01 -13.91 12.70
CA TRP B 73 -8.95 -14.94 13.14
C TRP B 73 -10.11 -14.29 13.89
N LYS B 74 -9.78 -13.42 14.85
CA LYS B 74 -10.79 -12.67 15.62
C LYS B 74 -11.79 -11.97 14.70
N SER B 75 -11.34 -11.57 13.52
CA SER B 75 -12.22 -10.90 12.55
C SER B 75 -12.95 -11.93 11.68
N SER B 76 -12.66 -13.20 11.92
CA SER B 76 -13.27 -14.29 11.17
C SER B 76 -12.89 -14.22 9.69
N THR B 77 -11.61 -14.07 9.44
CA THR B 77 -11.09 -13.95 8.08
C THR B 77 -10.32 -15.21 7.66
N ILE B 78 -9.54 -15.76 8.59
CA ILE B 78 -8.78 -16.96 8.31
C ILE B 78 -9.60 -18.22 8.60
N THR B 79 -9.47 -19.21 7.73
CA THR B 79 -10.19 -20.45 7.87
C THR B 79 -9.23 -21.62 8.07
N ILE B 80 -9.68 -22.65 8.79
CA ILE B 80 -8.86 -23.84 9.07
C ILE B 80 -8.21 -24.42 7.81
N ASP B 81 -8.96 -24.50 6.70
CA ASP B 81 -8.44 -25.06 5.45
C ASP B 81 -7.26 -24.25 4.94
N GLN B 82 -7.27 -22.96 5.23
CA GLN B 82 -6.21 -22.05 4.80
C GLN B 82 -4.97 -22.21 5.68
N MET B 83 -5.17 -22.09 7.00
CA MET B 83 -4.07 -22.21 7.95
C MET B 83 -3.44 -23.59 7.94
N LYS B 84 -4.25 -24.60 7.64
CA LYS B 84 -3.76 -25.97 7.58
C LYS B 84 -2.79 -26.11 6.42
N ARG B 85 -3.22 -25.64 5.24
CA ARG B 85 -2.39 -25.70 4.05
C ARG B 85 -1.14 -24.84 4.20
N GLY B 86 -1.21 -23.86 5.10
CA GLY B 86 -0.08 -23.02 5.35
C GLY B 86 0.96 -23.70 6.22
N TYR B 87 0.52 -24.24 7.35
CA TYR B 87 1.43 -24.92 8.28
C TYR B 87 2.03 -26.18 7.68
N GLU B 88 1.22 -26.97 6.95
CA GLU B 88 1.71 -28.21 6.36
C GLU B 88 2.90 -27.97 5.44
N ARG B 89 2.89 -26.81 4.80
CA ARG B 89 3.97 -26.44 3.89
C ARG B 89 5.26 -26.22 4.65
N ILE B 90 5.18 -25.54 5.79
CA ILE B 90 6.34 -25.26 6.62
C ILE B 90 7.04 -26.57 7.00
N TYR B 91 6.25 -27.58 7.28
CA TYR B 91 6.76 -28.90 7.65
C TYR B 91 7.65 -29.47 6.54
N ASN B 92 7.37 -29.07 5.31
CA ASN B 92 8.14 -29.52 4.16
C ASN B 92 9.33 -28.60 3.89
N GLU B 93 9.15 -27.31 4.19
CA GLU B 93 10.20 -26.32 3.96
C GLU B 93 11.29 -26.38 5.05
N ILE B 94 10.99 -27.10 6.13
CA ILE B 94 11.92 -27.25 7.25
C ILE B 94 13.34 -27.63 6.80
N PRO B 95 13.52 -28.74 6.06
CA PRO B 95 14.85 -29.17 5.60
C PRO B 95 15.47 -28.21 4.58
N ASP B 96 14.61 -27.45 3.90
CA ASP B 96 15.08 -26.51 2.91
C ASP B 96 15.73 -25.29 3.56
N ILE B 97 15.05 -24.74 4.56
CA ILE B 97 15.55 -23.57 5.26
C ILE B 97 16.62 -23.95 6.30
N ASN B 98 16.43 -25.09 6.94
CA ASN B 98 17.37 -25.55 7.97
C ASN B 98 18.63 -26.16 7.35
N LEU B 99 18.42 -27.12 6.45
CA LEU B 99 19.53 -27.82 5.80
C LEU B 99 20.47 -28.42 6.84
N ASP B 100 19.93 -29.32 7.65
CA ASP B 100 20.66 -29.99 8.72
C ASP B 100 20.84 -29.06 9.92
N VAL B 101 21.05 -29.66 11.09
CA VAL B 101 21.21 -28.91 12.34
C VAL B 101 20.00 -28.00 12.56
N PRO B 102 18.85 -28.58 12.90
CA PRO B 102 17.61 -27.82 13.13
C PRO B 102 17.60 -27.06 14.44
N HIS B 103 18.27 -25.93 14.48
CA HIS B 103 18.34 -25.10 15.68
C HIS B 103 17.12 -24.20 15.80
N SER B 104 16.37 -24.10 14.71
CA SER B 104 15.17 -23.28 14.70
C SER B 104 14.00 -24.05 15.32
N TYR B 105 14.30 -25.22 15.85
CA TYR B 105 13.29 -26.06 16.49
C TYR B 105 12.66 -25.34 17.67
N SER B 106 13.47 -24.57 18.39
CA SER B 106 13.00 -23.81 19.54
C SER B 106 11.95 -22.79 19.09
N VAL B 107 12.20 -22.19 17.94
CA VAL B 107 11.28 -21.21 17.36
C VAL B 107 10.05 -21.92 16.81
N LEU B 108 10.30 -23.04 16.12
CA LEU B 108 9.24 -23.83 15.53
C LEU B 108 8.24 -24.30 16.59
N GLU B 109 8.75 -24.95 17.64
CA GLU B 109 7.90 -25.43 18.72
C GLU B 109 7.14 -24.26 19.34
N ARG B 110 7.89 -23.25 19.74
CA ARG B 110 7.31 -22.05 20.34
C ARG B 110 6.19 -21.48 19.47
N PHE B 111 6.48 -21.29 18.18
CA PHE B 111 5.50 -20.75 17.24
C PHE B 111 4.24 -21.61 17.12
N VAL B 112 4.42 -22.93 16.99
CA VAL B 112 3.28 -23.82 16.85
C VAL B 112 2.50 -23.98 18.16
N GLU B 113 3.23 -24.17 19.27
CA GLU B 113 2.57 -24.34 20.57
C GLU B 113 1.83 -23.07 20.98
N GLU B 114 2.34 -21.93 20.55
CA GLU B 114 1.71 -20.65 20.84
C GLU B 114 0.37 -20.59 20.11
N CYS B 115 0.40 -20.95 18.83
CA CYS B 115 -0.80 -20.97 18.01
C CYS B 115 -1.88 -21.87 18.60
N PHE B 116 -1.49 -23.11 18.96
CA PHE B 116 -2.43 -24.05 19.56
C PHE B 116 -3.11 -23.47 20.81
N GLN B 117 -2.30 -22.89 21.70
CA GLN B 117 -2.81 -22.28 22.93
C GLN B 117 -3.93 -21.28 22.66
N ALA B 118 -3.86 -20.59 21.52
CA ALA B 118 -4.88 -19.61 21.16
C ALA B 118 -6.22 -20.27 20.85
N GLY B 119 -6.20 -21.58 20.64
CA GLY B 119 -7.43 -22.31 20.33
C GLY B 119 -7.95 -22.00 18.94
N ILE B 120 -7.04 -21.86 17.99
CA ILE B 120 -7.42 -21.57 16.60
C ILE B 120 -7.25 -22.80 15.72
N ILE B 121 -6.37 -23.70 16.12
CA ILE B 121 -6.12 -24.93 15.37
C ILE B 121 -6.01 -26.09 16.34
N SER B 122 -6.73 -27.18 16.08
CA SER B 122 -6.70 -28.35 16.94
C SER B 122 -5.33 -29.02 16.96
N LYS B 123 -5.15 -29.93 17.92
CA LYS B 123 -3.90 -30.65 18.08
C LYS B 123 -3.58 -31.55 16.89
N GLN B 124 -4.60 -31.92 16.13
CA GLN B 124 -4.43 -32.76 14.95
C GLN B 124 -3.37 -32.18 14.01
N LEU B 125 -3.38 -30.86 13.85
CA LEU B 125 -2.42 -30.20 12.98
C LEU B 125 -1.04 -30.15 13.64
N ARG B 126 -1.02 -29.86 14.93
CA ARG B 126 0.23 -29.79 15.70
C ARG B 126 0.90 -31.16 15.75
N ASP B 127 0.09 -32.20 15.65
CA ASP B 127 0.59 -33.56 15.67
C ASP B 127 1.47 -33.85 14.45
N LEU B 128 1.28 -33.08 13.39
CA LEU B 128 2.07 -33.24 12.17
C LEU B 128 3.39 -32.48 12.28
N CYS B 129 3.50 -31.66 13.32
CA CYS B 129 4.70 -30.86 13.56
C CYS B 129 5.77 -31.75 14.18
N PRO B 130 7.03 -31.59 13.75
CA PRO B 130 8.16 -32.38 14.26
C PRO B 130 8.57 -31.95 15.67
N SER B 131 7.65 -32.09 16.61
CA SER B 131 7.91 -31.72 17.99
C SER B 131 8.76 -32.78 18.67
N GLY A 1 2.83 31.13 -2.21
CA GLY A 1 2.14 31.31 -0.92
C GLY A 1 0.71 30.86 -0.98
N LEU A 2 -0.23 31.79 -0.89
CA LEU A 2 -1.65 31.47 -0.94
C LEU A 2 -2.25 31.90 -2.28
N PRO A 3 -2.72 30.93 -3.06
CA PRO A 3 -3.32 31.19 -4.39
C PRO A 3 -4.64 31.93 -4.28
N LEU A 4 -4.94 32.73 -5.28
CA LEU A 4 -6.18 33.49 -5.31
C LEU A 4 -7.29 32.65 -5.93
N ASP A 5 -8.51 32.87 -5.43
CA ASP A 5 -9.70 32.16 -5.91
C ASP A 5 -9.72 30.71 -5.46
N GLU A 6 -10.18 30.54 -4.23
CA GLU A 6 -10.26 29.23 -3.63
C GLU A 6 -11.46 28.42 -4.10
N ARG A 7 -12.66 28.97 -3.89
CA ARG A 7 -13.89 28.28 -4.25
C ARG A 7 -14.10 28.48 -5.73
N ALA A 8 -13.89 29.72 -6.14
CA ALA A 8 -14.03 30.15 -7.51
C ALA A 8 -13.25 29.27 -8.48
N PHE A 9 -12.22 28.58 -7.99
CA PHE A 9 -11.37 27.71 -8.82
C PHE A 9 -11.81 26.22 -8.82
N GLU A 10 -12.56 25.82 -7.80
CA GLU A 10 -12.89 24.40 -7.64
C GLU A 10 -13.93 23.86 -8.62
N LYS A 11 -15.14 24.42 -8.58
CA LYS A 11 -16.23 23.96 -9.45
C LYS A 11 -15.97 24.22 -10.93
N THR A 12 -15.19 25.24 -11.16
CA THR A 12 -14.83 25.70 -12.49
C THR A 12 -14.13 24.68 -13.37
N LEU A 13 -13.20 23.88 -12.85
CA LEU A 13 -12.46 22.95 -13.70
C LEU A 13 -12.90 21.51 -13.45
N THR A 14 -13.88 21.33 -12.57
CA THR A 14 -14.39 19.99 -12.23
C THR A 14 -14.69 19.14 -13.47
N PRO A 15 -15.48 19.65 -14.45
CA PRO A 15 -15.82 18.90 -15.68
C PRO A 15 -14.58 18.37 -16.39
N ILE A 16 -13.60 19.24 -16.60
CA ILE A 16 -12.34 18.87 -17.26
C ILE A 16 -11.69 17.68 -16.54
N ILE A 17 -11.67 17.72 -15.21
CA ILE A 17 -11.11 16.64 -14.42
C ILE A 17 -11.88 15.35 -14.70
N GLN A 18 -13.20 15.45 -14.55
CA GLN A 18 -14.11 14.34 -14.83
C GLN A 18 -13.84 13.74 -16.21
N GLU A 19 -13.60 14.60 -17.21
CA GLU A 19 -13.31 14.15 -18.57
C GLU A 19 -12.06 13.29 -18.59
N TYR A 20 -11.02 13.78 -17.90
CA TYR A 20 -9.77 13.04 -17.80
C TYR A 20 -10.03 11.59 -17.37
N PHE A 21 -10.88 11.41 -16.36
CA PHE A 21 -11.22 10.07 -15.86
C PHE A 21 -12.14 9.30 -16.80
N GLU A 22 -12.55 9.94 -17.89
CA GLU A 22 -13.42 9.32 -18.87
C GLU A 22 -12.63 8.78 -20.06
N HIS A 23 -11.88 9.64 -20.73
CA HIS A 23 -11.10 9.20 -21.90
C HIS A 23 -9.61 9.10 -21.62
N GLY A 24 -9.15 9.70 -20.53
CA GLY A 24 -7.73 9.65 -20.18
C GLY A 24 -6.84 10.40 -21.15
N ASP A 25 -6.95 11.73 -21.16
CA ASP A 25 -6.14 12.56 -22.05
C ASP A 25 -5.48 13.71 -21.32
N THR A 26 -4.18 13.61 -21.17
CA THR A 26 -3.39 14.64 -20.48
C THR A 26 -3.13 15.87 -21.36
N ASN A 27 -3.28 15.71 -22.67
CA ASN A 27 -3.03 16.79 -23.63
C ASN A 27 -3.95 17.98 -23.43
N GLU A 28 -5.24 17.73 -23.25
CA GLU A 28 -6.22 18.80 -23.10
C GLU A 28 -5.93 19.56 -21.82
N VAL A 29 -5.64 18.79 -20.78
CA VAL A 29 -5.33 19.34 -19.47
C VAL A 29 -4.25 20.44 -19.57
N ALA A 30 -3.12 20.14 -20.19
CA ALA A 30 -2.04 21.11 -20.35
C ALA A 30 -2.49 22.28 -21.24
N GLU A 31 -3.04 21.91 -22.40
CA GLU A 31 -3.56 22.88 -23.36
C GLU A 31 -4.51 23.89 -22.69
N MET A 32 -5.36 23.39 -21.81
CA MET A 32 -6.32 24.24 -21.09
C MET A 32 -5.66 25.04 -19.97
N LEU A 33 -4.68 24.44 -19.29
CA LEU A 33 -3.98 25.12 -18.21
C LEU A 33 -3.26 26.34 -18.76
N ARG A 34 -2.51 26.12 -19.84
CA ARG A 34 -1.79 27.19 -20.54
C ARG A 34 -2.71 28.35 -20.92
N ASP A 35 -4.00 28.06 -21.04
CA ASP A 35 -4.98 29.08 -21.39
C ASP A 35 -5.23 29.95 -20.17
N LEU A 36 -5.57 29.29 -19.07
CA LEU A 36 -5.80 29.97 -17.79
C LEU A 36 -4.60 30.84 -17.41
N ASN A 37 -3.42 30.23 -17.40
CA ASN A 37 -2.17 30.93 -17.08
C ASN A 37 -2.14 31.41 -15.62
N LEU A 38 -1.99 30.45 -14.72
CA LEU A 38 -1.95 30.73 -13.29
C LEU A 38 -0.55 30.55 -12.73
N GLY A 39 -0.36 30.96 -11.48
CA GLY A 39 0.93 30.83 -10.83
C GLY A 39 0.89 29.76 -9.75
N GLU A 40 0.67 30.18 -8.51
CA GLU A 40 0.61 29.24 -7.39
C GLU A 40 -0.63 28.36 -7.46
N MET A 41 -1.68 28.87 -8.11
CA MET A 41 -2.92 28.11 -8.24
C MET A 41 -2.83 27.10 -9.37
N LYS A 42 -1.70 27.08 -10.06
CA LYS A 42 -1.50 26.14 -11.15
C LYS A 42 -1.33 24.73 -10.59
N SER A 43 -0.81 24.66 -9.36
CA SER A 43 -0.63 23.39 -8.68
C SER A 43 -1.98 22.90 -8.15
N GLY A 44 -2.90 23.84 -8.02
CA GLY A 44 -4.24 23.53 -7.55
C GLY A 44 -4.92 22.43 -8.34
N VAL A 45 -5.06 22.63 -9.66
CA VAL A 45 -5.69 21.64 -10.53
C VAL A 45 -5.30 20.18 -10.23
N PRO A 46 -4.01 19.80 -10.33
CA PRO A 46 -3.58 18.44 -10.03
C PRO A 46 -4.03 17.98 -8.64
N VAL A 47 -3.99 18.89 -7.67
CA VAL A 47 -4.39 18.59 -6.29
C VAL A 47 -5.87 18.17 -6.24
N LEU A 48 -6.71 18.87 -7.01
CA LEU A 48 -8.14 18.56 -7.04
C LEU A 48 -8.37 17.13 -7.52
N ALA A 49 -7.94 16.85 -8.75
CA ALA A 49 -8.06 15.50 -9.33
C ALA A 49 -7.50 14.45 -8.38
N VAL A 50 -6.34 14.77 -7.80
CA VAL A 50 -5.69 13.89 -6.83
C VAL A 50 -6.65 13.56 -5.68
N SER A 51 -7.24 14.61 -5.10
CA SER A 51 -8.19 14.45 -4.01
C SER A 51 -9.45 13.67 -4.41
N LEU A 52 -10.11 14.06 -5.51
CA LEU A 52 -11.33 13.38 -5.96
C LEU A 52 -11.08 11.89 -6.23
N ALA A 53 -10.15 11.63 -7.16
CA ALA A 53 -9.79 10.25 -7.49
C ALA A 53 -9.47 9.40 -6.25
N LEU A 54 -9.09 10.04 -5.15
CA LEU A 54 -8.80 9.33 -3.90
C LEU A 54 -10.08 8.89 -3.18
N GLU A 55 -11.23 9.10 -3.83
CA GLU A 55 -12.50 8.74 -3.21
C GLU A 55 -13.22 7.66 -4.01
N GLY A 56 -13.28 7.80 -5.34
CA GLY A 56 -13.92 6.78 -6.17
C GLY A 56 -13.18 5.45 -6.30
N LYS A 57 -13.48 4.76 -7.40
CA LYS A 57 -12.91 3.44 -7.71
C LYS A 57 -11.40 3.36 -7.53
N ALA A 58 -10.91 2.16 -7.20
CA ALA A 58 -9.49 1.92 -7.01
C ALA A 58 -8.73 2.17 -8.30
N SER A 59 -9.29 1.71 -9.41
CA SER A 59 -8.72 1.90 -10.73
C SER A 59 -8.59 3.39 -11.01
N HIS A 60 -9.35 4.14 -10.25
CA HIS A 60 -9.41 5.58 -10.41
C HIS A 60 -8.25 6.34 -9.75
N ARG A 61 -7.70 5.80 -8.65
CA ARG A 61 -6.63 6.50 -7.95
C ARG A 61 -5.29 6.48 -8.68
N GLU A 62 -4.65 5.31 -8.80
CA GLU A 62 -3.36 5.23 -9.51
C GLU A 62 -3.36 5.80 -10.92
N MET A 63 -4.51 5.74 -11.58
CA MET A 63 -4.63 6.28 -12.94
C MET A 63 -4.25 7.75 -12.98
N THR A 64 -4.60 8.48 -11.92
CA THR A 64 -4.28 9.89 -11.82
C THR A 64 -2.77 10.16 -11.87
N SER A 65 -1.94 9.19 -11.49
CA SER A 65 -0.49 9.38 -11.54
C SER A 65 -0.01 9.73 -12.94
N LYS A 66 -0.81 9.35 -13.94
CA LYS A 66 -0.49 9.64 -15.33
C LYS A 66 -0.57 11.16 -15.55
N LEU A 67 -1.33 11.79 -14.69
CA LEU A 67 -1.57 13.22 -14.79
C LEU A 67 -0.33 14.01 -14.36
N LEU A 68 0.49 13.39 -13.51
CA LEU A 68 1.69 14.04 -12.96
C LEU A 68 2.83 14.31 -13.96
N SER A 69 3.49 13.28 -14.48
CA SER A 69 4.63 13.49 -15.41
C SER A 69 4.16 14.11 -16.72
N ASP A 70 3.08 13.56 -17.21
CA ASP A 70 2.46 14.05 -18.44
C ASP A 70 2.34 15.58 -18.40
N LEU A 71 1.97 16.13 -17.24
CA LEU A 71 1.89 17.58 -17.07
C LEU A 71 3.26 18.17 -16.73
N CYS A 72 3.97 17.51 -15.82
CA CYS A 72 5.30 17.95 -15.39
C CYS A 72 6.31 17.87 -16.51
N GLY A 73 6.77 19.01 -16.97
CA GLY A 73 7.72 19.05 -18.05
C GLY A 73 7.15 19.74 -19.25
N THR A 74 5.83 19.70 -19.34
CA THR A 74 5.11 20.33 -20.41
C THR A 74 4.84 21.79 -20.08
N VAL A 75 3.93 22.02 -19.12
CA VAL A 75 3.60 23.38 -18.70
C VAL A 75 3.78 23.55 -17.19
N MET A 76 4.57 22.67 -16.60
CA MET A 76 4.81 22.72 -15.17
C MET A 76 6.15 22.10 -14.79
N SER A 77 6.98 22.88 -14.10
CA SER A 77 8.28 22.41 -13.65
C SER A 77 8.07 21.60 -12.37
N THR A 78 9.08 20.89 -11.88
CA THR A 78 8.93 20.08 -10.69
C THR A 78 8.67 20.89 -9.43
N THR A 79 9.02 22.17 -9.47
CA THR A 79 8.82 23.07 -8.34
C THR A 79 7.36 23.04 -7.88
N ASP A 80 6.44 23.28 -8.81
CA ASP A 80 5.01 23.25 -8.50
C ASP A 80 4.57 21.87 -8.04
N VAL A 81 5.20 20.84 -8.60
CA VAL A 81 4.89 19.46 -8.25
C VAL A 81 5.16 19.20 -6.78
N GLU A 82 6.29 19.72 -6.29
CA GLU A 82 6.66 19.55 -4.90
C GLU A 82 5.63 20.23 -4.00
N LYS A 83 5.17 21.38 -4.46
CA LYS A 83 4.16 22.16 -3.74
C LYS A 83 2.79 21.51 -3.83
N SER A 84 2.60 20.66 -4.84
CA SER A 84 1.32 20.02 -5.06
C SER A 84 0.85 19.19 -3.88
N PHE A 85 1.68 18.25 -3.43
CA PHE A 85 1.33 17.39 -2.32
C PHE A 85 1.50 18.08 -0.98
N ASP A 86 2.38 19.09 -0.98
CA ASP A 86 2.72 19.80 0.24
C ASP A 86 1.47 20.32 0.94
N LYS A 87 0.66 21.07 0.20
CA LYS A 87 -0.60 21.59 0.73
C LYS A 87 -1.66 20.49 0.79
N LEU A 88 -1.55 19.53 -0.13
CA LEU A 88 -2.52 18.43 -0.25
C LEU A 88 -2.86 17.79 1.08
N LEU A 89 -1.89 17.28 1.82
CA LEU A 89 -2.17 16.68 3.12
C LEU A 89 -2.80 17.63 4.14
N LYS A 90 -2.53 18.93 4.04
CA LYS A 90 -3.07 19.88 5.01
C LYS A 90 -4.49 20.31 4.62
N ASP A 91 -4.90 19.90 3.42
CA ASP A 91 -6.25 20.22 2.93
C ASP A 91 -7.13 18.99 2.96
N LEU A 92 -6.51 17.83 3.13
CA LEU A 92 -7.20 16.56 3.19
C LEU A 92 -7.92 16.29 4.54
N PRO A 93 -7.45 16.84 5.71
CA PRO A 93 -8.04 16.64 7.03
C PRO A 93 -9.53 16.28 7.09
N GLU A 94 -10.41 17.04 6.43
CA GLU A 94 -11.82 16.71 6.47
C GLU A 94 -12.14 15.51 5.60
N LEU A 95 -11.68 15.53 4.34
CA LEU A 95 -11.87 14.39 3.44
C LEU A 95 -11.50 13.05 4.10
N ALA A 96 -10.52 13.06 4.99
CA ALA A 96 -10.10 11.84 5.70
C ALA A 96 -11.22 11.34 6.62
N LEU A 97 -12.06 12.26 7.06
CA LEU A 97 -13.18 11.95 7.94
C LEU A 97 -14.20 11.02 7.28
N ASP A 98 -14.64 11.36 6.06
CA ASP A 98 -15.63 10.51 5.38
C ASP A 98 -14.98 9.23 4.86
N THR A 99 -13.84 9.39 4.22
CA THR A 99 -13.11 8.23 3.74
C THR A 99 -11.82 8.03 4.55
N PRO A 100 -11.89 7.16 5.56
CA PRO A 100 -10.74 6.87 6.44
C PRO A 100 -9.59 6.21 5.69
N ARG A 101 -9.91 5.56 4.59
CA ARG A 101 -8.91 4.88 3.78
C ARG A 101 -8.13 5.86 2.90
N ALA A 102 -8.68 7.05 2.68
CA ALA A 102 -8.00 8.06 1.87
C ALA A 102 -6.61 8.43 2.42
N PRO A 103 -6.49 8.88 3.68
CA PRO A 103 -5.19 9.24 4.28
C PRO A 103 -4.32 8.00 4.47
N GLN A 104 -4.98 6.86 4.49
CA GLN A 104 -4.31 5.59 4.65
C GLN A 104 -3.64 5.19 3.32
N LEU A 105 -4.43 5.17 2.26
CA LEU A 105 -3.93 4.84 0.92
C LEU A 105 -3.10 5.95 0.28
N VAL A 106 -3.41 7.22 0.60
CA VAL A 106 -2.69 8.37 0.03
C VAL A 106 -1.18 8.25 -0.12
N GLY A 107 -0.48 7.46 0.68
CA GLY A 107 0.96 7.34 0.51
C GLY A 107 1.31 6.89 -0.90
N GLN A 108 0.40 6.13 -1.52
CA GLN A 108 0.59 5.62 -2.88
C GLN A 108 0.95 6.75 -3.86
N PHE A 109 0.34 7.91 -3.69
CA PHE A 109 0.62 9.05 -4.57
C PHE A 109 2.02 9.59 -4.33
N ILE A 110 2.48 9.47 -3.10
CA ILE A 110 3.81 9.93 -2.70
C ILE A 110 4.82 8.88 -3.15
N ALA A 111 4.29 7.68 -3.28
CA ALA A 111 5.07 6.52 -3.65
C ALA A 111 5.37 6.60 -5.13
N ARG A 112 4.32 6.77 -5.90
CA ARG A 112 4.39 6.90 -7.34
C ARG A 112 5.09 8.19 -7.74
N ALA A 113 5.05 9.16 -6.83
CA ALA A 113 5.62 10.49 -7.10
C ALA A 113 7.15 10.40 -7.25
N VAL A 114 7.74 9.50 -6.49
CA VAL A 114 9.18 9.31 -6.51
C VAL A 114 9.66 8.51 -7.73
N GLY A 115 9.10 7.30 -7.89
CA GLY A 115 9.49 6.45 -9.01
C GLY A 115 9.62 7.05 -10.40
N ASP A 116 8.68 7.86 -10.93
CA ASP A 116 8.88 8.40 -12.29
C ASP A 116 9.87 9.57 -12.29
N GLY A 117 10.19 10.07 -11.10
CA GLY A 117 11.12 11.16 -10.99
C GLY A 117 10.40 12.48 -11.01
N ILE A 118 9.24 12.53 -10.35
CA ILE A 118 8.44 13.73 -10.30
C ILE A 118 8.72 14.47 -8.99
N LEU A 119 8.52 13.78 -7.89
CA LEU A 119 8.77 14.36 -6.57
C LEU A 119 10.06 13.82 -5.99
N CYS A 120 10.86 14.70 -5.40
CA CYS A 120 12.12 14.29 -4.78
C CYS A 120 11.86 13.44 -3.55
N ASN A 121 12.72 12.46 -3.31
CA ASN A 121 12.59 11.58 -2.16
C ASN A 121 12.92 12.30 -0.86
N THR A 122 13.50 13.49 -0.97
CA THR A 122 13.87 14.29 0.19
C THR A 122 12.64 14.61 1.05
N TYR A 123 11.51 14.91 0.39
CA TYR A 123 10.24 15.20 1.06
C TYR A 123 9.95 14.22 2.21
N ILE A 124 10.24 12.95 1.97
CA ILE A 124 10.01 11.91 2.98
C ILE A 124 10.82 12.21 4.24
N ASP A 125 12.09 12.53 4.06
CA ASP A 125 12.98 12.83 5.17
C ASP A 125 12.68 14.22 5.76
N SER A 126 12.26 15.14 4.90
CA SER A 126 11.96 16.50 5.33
C SER A 126 10.77 16.54 6.29
N TYR A 127 9.88 15.57 6.18
CA TYR A 127 8.72 15.48 7.06
C TYR A 127 8.87 14.30 8.02
N LYS A 128 10.11 13.84 8.20
CA LYS A 128 10.39 12.68 9.06
C LYS A 128 10.24 12.93 10.57
N GLY A 129 9.25 13.70 10.96
CA GLY A 129 9.04 13.98 12.37
C GLY A 129 8.64 15.41 12.59
N THR A 130 8.71 16.17 11.52
CA THR A 130 8.37 17.56 11.53
C THR A 130 6.87 17.74 11.27
N VAL A 131 6.13 16.64 11.31
CA VAL A 131 4.70 16.67 11.07
C VAL A 131 3.93 16.74 12.38
N ASP A 132 3.09 17.75 12.51
CA ASP A 132 2.27 17.94 13.70
C ASP A 132 0.87 17.39 13.45
N CYS A 133 0.77 16.42 12.55
CA CYS A 133 -0.49 15.80 12.20
C CYS A 133 -0.33 14.30 12.07
N VAL A 134 -1.19 13.55 12.76
CA VAL A 134 -1.13 12.10 12.72
C VAL A 134 -1.51 11.54 11.35
N GLN A 135 -2.45 12.21 10.68
CA GLN A 135 -2.91 11.79 9.37
C GLN A 135 -1.79 11.88 8.33
N ALA A 136 -1.12 13.02 8.31
CA ALA A 136 -0.02 13.24 7.38
C ALA A 136 1.15 12.33 7.71
N ARG A 137 1.25 11.96 8.98
CA ARG A 137 2.31 11.08 9.44
C ARG A 137 2.10 9.67 8.91
N ALA A 138 0.89 9.15 9.09
CA ALA A 138 0.54 7.82 8.62
C ALA A 138 0.71 7.69 7.11
N ALA A 139 0.47 8.79 6.40
CA ALA A 139 0.61 8.83 4.96
C ALA A 139 2.06 8.55 4.56
N LEU A 140 2.99 9.05 5.36
CA LEU A 140 4.41 8.87 5.10
C LEU A 140 4.82 7.43 5.39
N ASP A 141 4.36 6.91 6.51
CA ASP A 141 4.68 5.53 6.91
C ASP A 141 4.22 4.54 5.86
N LYS A 142 2.95 4.65 5.46
CA LYS A 142 2.38 3.78 4.44
C LYS A 142 3.25 3.76 3.18
N ALA A 143 3.63 4.94 2.69
CA ALA A 143 4.47 5.05 1.50
C ALA A 143 5.84 4.42 1.75
N THR A 144 6.35 4.61 2.96
CA THR A 144 7.64 4.06 3.36
C THR A 144 7.68 2.54 3.13
N VAL A 145 6.59 1.86 3.48
CA VAL A 145 6.48 0.41 3.30
C VAL A 145 6.32 0.06 1.82
N LEU A 146 5.67 0.95 1.10
CA LEU A 146 5.42 0.75 -0.33
C LEU A 146 6.70 0.89 -1.14
N LEU A 147 7.51 1.88 -0.79
CA LEU A 147 8.76 2.13 -1.50
C LEU A 147 9.74 0.96 -1.38
N SER A 148 9.71 0.27 -0.27
CA SER A 148 10.61 -0.85 -0.05
C SER A 148 10.18 -2.11 -0.80
N MET A 149 8.87 -2.37 -0.83
CA MET A 149 8.33 -3.57 -1.48
C MET A 149 8.29 -3.49 -3.01
N SER A 150 8.35 -2.28 -3.56
CA SER A 150 8.30 -2.10 -5.01
C SER A 150 9.50 -2.71 -5.73
N LYS A 151 10.51 -3.13 -4.97
CA LYS A 151 11.71 -3.72 -5.53
C LYS A 151 11.89 -5.15 -5.00
N GLY A 152 10.80 -5.76 -4.55
CA GLY A 152 10.89 -7.10 -4.01
C GLY A 152 10.25 -8.16 -4.89
N GLY A 153 8.95 -8.36 -4.72
CA GLY A 153 8.24 -9.38 -5.48
C GLY A 153 7.93 -8.97 -6.91
N LYS A 154 8.96 -8.90 -7.74
CA LYS A 154 8.78 -8.54 -9.15
C LYS A 154 8.95 -9.76 -10.04
N ARG A 155 9.21 -10.91 -9.43
CA ARG A 155 9.39 -12.14 -10.18
C ARG A 155 8.40 -13.21 -9.73
N LYS A 156 7.24 -12.78 -9.25
CA LYS A 156 6.23 -13.72 -8.78
C LYS A 156 5.26 -14.11 -9.90
N ASP A 157 4.79 -13.12 -10.65
CA ASP A 157 3.84 -13.38 -11.72
C ASP A 157 4.53 -13.85 -13.00
N SER A 158 5.84 -13.98 -12.93
CA SER A 158 6.64 -14.41 -14.08
C SER A 158 6.36 -15.87 -14.46
N VAL A 159 5.57 -16.56 -13.65
CA VAL A 159 5.23 -17.94 -13.93
C VAL A 159 3.71 -18.16 -13.93
N TRP A 160 2.96 -17.07 -13.81
CA TRP A 160 1.49 -17.17 -13.79
C TRP A 160 0.85 -16.24 -14.81
N GLY A 161 1.37 -15.03 -14.95
CA GLY A 161 0.82 -14.09 -15.89
C GLY A 161 1.89 -13.25 -16.56
N SER A 162 2.10 -12.04 -16.05
CA SER A 162 3.10 -11.14 -16.60
C SER A 162 3.55 -10.11 -15.57
N GLY A 163 4.85 -9.89 -15.47
CA GLY A 163 5.37 -8.94 -14.51
C GLY A 163 5.60 -7.58 -15.14
N GLY B 1 4.22 -5.22 -16.33
CA GLY B 1 3.75 -3.89 -15.85
C GLY B 1 2.96 -3.16 -16.91
N GLY B 2 2.74 -1.87 -16.70
CA GLY B 2 1.98 -1.08 -17.65
C GLY B 2 0.53 -1.50 -17.72
N GLN B 3 -0.07 -1.39 -18.90
CA GLN B 3 -1.46 -1.77 -19.08
C GLN B 3 -1.57 -3.27 -19.33
N GLN B 4 -1.69 -4.03 -18.25
CA GLN B 4 -1.79 -5.47 -18.32
C GLN B 4 -2.99 -5.95 -17.50
N PRO B 5 -3.32 -7.27 -17.55
CA PRO B 5 -4.43 -7.83 -16.78
C PRO B 5 -4.35 -7.49 -15.29
N VAL B 6 -5.48 -7.56 -14.61
CA VAL B 6 -5.56 -7.25 -13.18
C VAL B 6 -4.54 -8.03 -12.35
N ASN B 7 -3.99 -7.35 -11.35
CA ASN B 7 -3.00 -7.93 -10.46
C ASN B 7 -3.60 -9.10 -9.67
N HIS B 8 -2.80 -10.13 -9.45
CA HIS B 8 -3.26 -11.30 -8.72
C HIS B 8 -2.13 -11.93 -7.92
N LEU B 9 -2.39 -12.16 -6.62
CA LEU B 9 -1.44 -12.80 -5.70
C LEU B 9 -0.26 -11.89 -5.32
N VAL B 10 0.14 -10.99 -6.21
CA VAL B 10 1.26 -10.09 -5.93
C VAL B 10 0.76 -8.76 -5.37
N LYS B 11 1.69 -7.90 -4.97
CA LYS B 11 1.40 -6.58 -4.42
C LYS B 11 0.66 -6.64 -3.08
N GLU B 12 -0.67 -6.78 -3.15
CA GLU B 12 -1.52 -6.84 -1.95
C GLU B 12 -1.05 -7.85 -0.92
N ILE B 13 -0.79 -9.08 -1.34
CA ILE B 13 -0.35 -10.13 -0.43
C ILE B 13 1.00 -9.78 0.21
N ASP B 14 1.91 -9.26 -0.59
CA ASP B 14 3.24 -8.88 -0.12
C ASP B 14 3.16 -7.68 0.81
N MET B 15 2.30 -6.74 0.46
CA MET B 15 2.10 -5.51 1.23
C MET B 15 1.51 -5.78 2.60
N LEU B 16 0.45 -6.58 2.65
CA LEU B 16 -0.25 -6.89 3.90
C LEU B 16 0.69 -7.41 4.98
N LEU B 17 1.66 -8.21 4.59
CA LEU B 17 2.60 -8.76 5.54
C LEU B 17 3.57 -7.69 6.03
N LYS B 18 4.23 -7.02 5.09
CA LYS B 18 5.21 -6.01 5.45
C LYS B 18 4.63 -4.72 6.03
N GLU B 19 3.48 -4.27 5.57
CA GLU B 19 2.90 -3.05 6.09
C GLU B 19 2.61 -3.11 7.58
N TYR B 20 2.45 -4.31 8.14
CA TYR B 20 2.15 -4.40 9.56
C TYR B 20 3.49 -4.34 10.28
N LEU B 21 4.47 -4.96 9.62
CA LEU B 21 5.82 -5.07 10.13
C LEU B 21 6.55 -3.74 10.31
N LEU B 22 6.40 -2.81 9.37
CA LEU B 22 7.11 -1.52 9.50
C LEU B 22 6.42 -0.61 10.51
N SER B 23 5.29 -0.02 10.15
CA SER B 23 4.53 0.80 11.07
C SER B 23 3.74 -0.07 12.03
N GLY B 24 2.74 -0.77 11.51
CA GLY B 24 1.94 -1.65 12.34
C GLY B 24 0.51 -1.18 12.50
N ASP B 25 -0.38 -1.71 11.66
CA ASP B 25 -1.80 -1.36 11.72
C ASP B 25 -2.63 -2.38 10.92
N ILE B 26 -3.01 -3.46 11.59
CA ILE B 26 -3.82 -4.52 10.95
C ILE B 26 -5.08 -3.93 10.32
N SER B 27 -5.71 -3.06 11.07
CA SER B 27 -6.93 -2.36 10.64
C SER B 27 -6.88 -1.94 9.16
N GLU B 28 -5.70 -1.52 8.69
CA GLU B 28 -5.54 -1.11 7.29
C GLU B 28 -5.36 -2.33 6.35
N ALA B 29 -4.45 -3.22 6.73
CA ALA B 29 -4.16 -4.41 5.92
C ALA B 29 -5.36 -5.35 5.85
N GLU B 30 -6.05 -5.48 6.97
CA GLU B 30 -7.22 -6.34 7.06
C GLU B 30 -8.28 -5.93 6.07
N HIS B 31 -8.37 -4.63 5.82
CA HIS B 31 -9.36 -4.11 4.89
C HIS B 31 -9.11 -4.61 3.47
N CYS B 32 -7.84 -4.77 3.11
CA CYS B 32 -7.49 -5.24 1.78
C CYS B 32 -7.77 -6.73 1.64
N LEU B 33 -7.55 -7.47 2.71
CA LEU B 33 -7.77 -8.91 2.72
C LEU B 33 -9.26 -9.21 2.60
N LYS B 34 -10.07 -8.37 3.23
CA LYS B 34 -11.52 -8.49 3.19
C LYS B 34 -12.06 -8.11 1.81
N GLU B 35 -11.27 -7.30 1.10
CA GLU B 35 -11.64 -6.85 -0.24
C GLU B 35 -11.41 -7.96 -1.27
N LEU B 36 -10.82 -9.05 -0.79
CA LEU B 36 -10.54 -10.22 -1.62
C LEU B 36 -11.77 -11.11 -1.67
N GLU B 37 -12.25 -11.39 -2.88
CA GLU B 37 -13.44 -12.21 -3.06
C GLU B 37 -13.14 -13.69 -2.86
N VAL B 38 -11.87 -14.06 -3.06
CA VAL B 38 -11.46 -15.45 -2.91
C VAL B 38 -10.80 -15.70 -1.55
N PRO B 39 -11.53 -16.34 -0.63
CA PRO B 39 -11.02 -16.66 0.72
C PRO B 39 -10.02 -17.81 0.67
N HIS B 40 -10.11 -18.62 -0.37
CA HIS B 40 -9.22 -19.76 -0.55
C HIS B 40 -7.78 -19.31 -0.81
N PHE B 41 -7.63 -18.08 -1.30
CA PHE B 41 -6.30 -17.54 -1.61
C PHE B 41 -5.57 -17.05 -0.37
N HIS B 42 -6.17 -17.21 0.79
CA HIS B 42 -5.55 -16.76 2.05
C HIS B 42 -4.47 -17.74 2.51
N HIS B 43 -4.29 -18.79 1.71
CA HIS B 43 -3.33 -19.86 2.01
C HIS B 43 -1.87 -19.40 2.00
N GLU B 44 -1.37 -18.96 0.83
CA GLU B 44 0.02 -18.53 0.72
C GLU B 44 0.39 -17.34 1.61
N LEU B 45 -0.56 -16.43 1.81
CA LEU B 45 -0.32 -15.24 2.65
C LEU B 45 0.18 -15.65 4.03
N VAL B 46 -0.65 -16.39 4.76
CA VAL B 46 -0.28 -16.89 6.09
C VAL B 46 1.02 -17.71 6.04
N TYR B 47 1.15 -18.51 4.97
CA TYR B 47 2.33 -19.34 4.78
C TYR B 47 3.61 -18.51 4.72
N GLU B 48 3.56 -17.43 3.94
CA GLU B 48 4.71 -16.54 3.78
C GLU B 48 5.15 -15.93 5.11
N ALA B 49 4.19 -15.44 5.89
CA ALA B 49 4.48 -14.84 7.19
C ALA B 49 5.22 -15.84 8.08
N ILE B 50 4.68 -17.05 8.15
CA ILE B 50 5.30 -18.13 8.92
C ILE B 50 6.78 -18.24 8.53
N VAL B 51 7.05 -18.30 7.23
CA VAL B 51 8.42 -18.36 6.70
C VAL B 51 9.22 -17.10 7.07
N MET B 52 8.56 -15.95 7.03
CA MET B 52 9.22 -14.67 7.35
C MET B 52 9.88 -14.72 8.72
N VAL B 53 9.07 -15.06 9.74
CA VAL B 53 9.56 -15.20 11.12
C VAL B 53 10.84 -16.04 11.20
N LEU B 54 10.96 -17.04 10.33
CA LEU B 54 12.15 -17.89 10.32
C LEU B 54 13.35 -17.12 9.77
N GLU B 55 13.12 -16.49 8.62
CA GLU B 55 14.13 -15.69 7.94
C GLU B 55 14.32 -14.30 8.56
N SER B 56 13.87 -14.12 9.81
CA SER B 56 13.95 -12.81 10.44
C SER B 56 14.56 -12.90 11.83
N THR B 57 15.83 -12.52 11.93
CA THR B 57 16.51 -12.54 13.21
C THR B 57 16.09 -11.35 14.07
N GLY B 58 15.09 -11.58 14.92
CA GLY B 58 14.60 -10.54 15.79
C GLY B 58 13.29 -10.90 16.43
N GLU B 59 13.17 -10.65 17.73
CA GLU B 59 11.95 -10.97 18.47
C GLU B 59 10.79 -10.08 18.05
N SER B 60 11.11 -8.92 17.49
CA SER B 60 10.12 -7.97 17.04
C SER B 60 9.26 -8.56 15.92
N ALA B 61 9.89 -9.29 15.01
CA ALA B 61 9.19 -9.91 13.90
C ALA B 61 8.17 -10.93 14.40
N PHE B 62 8.58 -11.75 15.34
CA PHE B 62 7.72 -12.78 15.93
C PHE B 62 6.44 -12.15 16.48
N LYS B 63 6.59 -11.37 17.56
CA LYS B 63 5.46 -10.68 18.19
C LYS B 63 4.54 -9.94 17.21
N MET B 64 5.10 -9.40 16.13
CA MET B 64 4.28 -8.68 15.15
C MET B 64 3.49 -9.66 14.29
N ILE B 65 4.17 -10.64 13.71
CA ILE B 65 3.51 -11.64 12.89
C ILE B 65 2.49 -12.46 13.68
N LEU B 66 2.90 -12.95 14.84
CA LEU B 66 2.02 -13.74 15.72
C LEU B 66 0.69 -13.04 16.00
N ASP B 67 0.73 -11.72 16.15
CA ASP B 67 -0.47 -10.95 16.42
C ASP B 67 -1.42 -10.99 15.22
N LEU B 68 -0.84 -10.97 14.03
CA LEU B 68 -1.63 -10.98 12.79
C LEU B 68 -2.44 -12.27 12.63
N LEU B 69 -1.98 -13.34 13.27
CA LEU B 69 -2.64 -14.63 13.16
C LEU B 69 -3.98 -14.62 13.91
N LYS B 70 -3.94 -14.35 15.21
CA LYS B 70 -5.16 -14.29 16.01
C LYS B 70 -6.02 -13.10 15.58
N SER B 71 -5.34 -12.03 15.19
CA SER B 71 -6.00 -10.81 14.73
C SER B 71 -7.01 -11.13 13.62
N LEU B 72 -6.55 -11.77 12.56
CA LEU B 72 -7.42 -12.16 11.45
C LEU B 72 -8.54 -13.11 11.88
N TRP B 73 -8.29 -13.92 12.90
CA TRP B 73 -9.30 -14.85 13.41
C TRP B 73 -10.46 -14.07 14.04
N LYS B 74 -10.11 -13.09 14.87
CA LYS B 74 -11.11 -12.21 15.50
C LYS B 74 -12.05 -11.58 14.45
N SER B 75 -11.60 -11.54 13.19
CA SER B 75 -12.38 -10.98 12.09
C SER B 75 -12.72 -12.06 11.06
N SER B 76 -12.70 -13.30 11.55
CA SER B 76 -12.93 -14.52 10.75
C SER B 76 -12.39 -14.39 9.31
N THR B 77 -11.11 -14.06 9.17
CA THR B 77 -10.51 -13.93 7.84
C THR B 77 -9.50 -15.04 7.59
N ILE B 78 -9.76 -16.19 8.22
CA ILE B 78 -8.88 -17.35 8.13
C ILE B 78 -9.70 -18.64 8.09
N THR B 79 -9.27 -19.58 7.26
CA THR B 79 -9.94 -20.87 7.13
C THR B 79 -9.07 -21.98 7.73
N ILE B 80 -9.72 -22.93 8.41
CA ILE B 80 -9.00 -24.03 9.04
C ILE B 80 -8.19 -24.85 8.02
N ASP B 81 -8.86 -25.35 6.97
CA ASP B 81 -8.17 -26.11 5.91
C ASP B 81 -7.03 -25.33 5.25
N GLN B 82 -7.13 -24.00 5.26
CA GLN B 82 -6.11 -23.16 4.66
C GLN B 82 -4.94 -23.06 5.63
N MET B 83 -5.26 -22.76 6.89
CA MET B 83 -4.29 -22.64 7.97
C MET B 83 -3.46 -23.91 8.14
N LYS B 84 -4.13 -25.07 8.15
CA LYS B 84 -3.43 -26.34 8.31
C LYS B 84 -2.37 -26.50 7.24
N ARG B 85 -2.82 -26.57 5.98
CA ARG B 85 -1.92 -26.67 4.84
C ARG B 85 -0.80 -25.62 4.90
N GLY B 86 -1.12 -24.43 5.42
CA GLY B 86 -0.11 -23.41 5.56
C GLY B 86 1.02 -23.85 6.45
N TYR B 87 0.66 -24.47 7.57
CA TYR B 87 1.64 -24.98 8.52
C TYR B 87 2.35 -26.18 7.92
N GLU B 88 1.56 -27.17 7.48
CA GLU B 88 2.09 -28.37 6.84
C GLU B 88 3.11 -28.05 5.76
N ARG B 89 2.86 -26.96 5.03
CA ARG B 89 3.76 -26.51 3.99
C ARG B 89 5.13 -26.19 4.57
N ILE B 90 5.13 -25.46 5.68
CA ILE B 90 6.35 -25.07 6.38
C ILE B 90 7.18 -26.28 6.78
N TYR B 91 6.49 -27.33 7.24
CA TYR B 91 7.16 -28.55 7.67
C TYR B 91 7.90 -29.20 6.51
N ASN B 92 7.39 -28.97 5.32
CA ASN B 92 7.99 -29.51 4.10
C ASN B 92 9.15 -28.62 3.63
N GLU B 93 9.09 -27.35 4.00
CA GLU B 93 10.12 -26.38 3.62
C GLU B 93 11.30 -26.40 4.60
N ILE B 94 11.04 -26.87 5.82
CA ILE B 94 12.06 -26.95 6.87
C ILE B 94 13.40 -27.51 6.38
N PRO B 95 13.42 -28.69 5.71
CA PRO B 95 14.65 -29.30 5.20
C PRO B 95 15.48 -28.34 4.34
N ASP B 96 14.82 -27.59 3.48
CA ASP B 96 15.51 -26.65 2.59
C ASP B 96 15.92 -25.38 3.34
N ILE B 97 15.14 -25.01 4.35
CA ILE B 97 15.42 -23.81 5.13
C ILE B 97 16.57 -24.02 6.13
N ASN B 98 16.53 -25.12 6.86
CA ASN B 98 17.56 -25.41 7.87
C ASN B 98 18.76 -26.12 7.28
N LEU B 99 18.49 -27.07 6.36
CA LEU B 99 19.55 -27.84 5.72
C LEU B 99 20.41 -28.56 6.74
N ASP B 100 19.77 -29.45 7.51
CA ASP B 100 20.43 -30.22 8.57
C ASP B 100 20.72 -29.33 9.78
N VAL B 101 21.06 -29.95 10.90
CA VAL B 101 21.34 -29.23 12.15
C VAL B 101 20.18 -28.29 12.47
N PRO B 102 19.02 -28.86 12.84
CA PRO B 102 17.81 -28.09 13.15
C PRO B 102 18.00 -27.19 14.37
N HIS B 103 18.37 -25.94 14.13
CA HIS B 103 18.56 -24.98 15.20
C HIS B 103 17.34 -24.08 15.36
N SER B 104 16.41 -24.17 14.41
CA SER B 104 15.20 -23.36 14.46
C SER B 104 14.05 -24.14 15.08
N TYR B 105 14.38 -25.31 15.64
CA TYR B 105 13.36 -26.17 16.25
C TYR B 105 12.76 -25.55 17.51
N SER B 106 13.59 -24.89 18.30
CA SER B 106 13.11 -24.24 19.51
C SER B 106 12.08 -23.18 19.14
N VAL B 107 12.45 -22.38 18.16
CA VAL B 107 11.58 -21.32 17.63
C VAL B 107 10.33 -21.95 17.03
N LEU B 108 10.52 -22.96 16.19
CA LEU B 108 9.42 -23.67 15.54
C LEU B 108 8.42 -24.22 16.56
N GLU B 109 8.93 -24.89 17.59
CA GLU B 109 8.09 -25.44 18.63
C GLU B 109 7.34 -24.33 19.35
N ARG B 110 8.11 -23.36 19.86
CA ARG B 110 7.53 -22.20 20.55
C ARG B 110 6.46 -21.54 19.68
N PHE B 111 6.71 -21.50 18.38
CA PHE B 111 5.75 -20.92 17.45
C PHE B 111 4.48 -21.76 17.42
N VAL B 112 4.60 -23.01 16.98
CA VAL B 112 3.47 -23.94 16.95
C VAL B 112 2.70 -24.00 18.26
N GLU B 113 3.38 -24.12 19.40
CA GLU B 113 2.69 -24.17 20.69
C GLU B 113 1.95 -22.86 20.98
N GLU B 114 2.65 -21.75 20.79
CA GLU B 114 2.06 -20.43 20.97
C GLU B 114 0.74 -20.31 20.20
N CYS B 115 0.72 -20.85 18.99
CA CYS B 115 -0.49 -20.85 18.15
C CYS B 115 -1.45 -21.96 18.58
N PHE B 116 -0.89 -22.94 19.27
CA PHE B 116 -1.66 -24.10 19.73
C PHE B 116 -2.51 -23.72 20.94
N GLN B 117 -1.86 -23.31 22.02
CA GLN B 117 -2.56 -22.87 23.24
C GLN B 117 -3.61 -21.79 22.94
N ALA B 118 -3.30 -20.99 21.93
CA ALA B 118 -4.19 -19.90 21.52
C ALA B 118 -5.59 -20.46 21.23
N GLY B 119 -5.65 -21.63 20.60
CA GLY B 119 -6.94 -22.26 20.40
C GLY B 119 -7.50 -21.97 19.02
N ILE B 120 -6.59 -21.80 18.07
CA ILE B 120 -6.97 -21.51 16.70
C ILE B 120 -6.67 -22.68 15.75
N ILE B 121 -6.02 -23.71 16.27
CA ILE B 121 -5.67 -24.88 15.44
C ILE B 121 -5.94 -26.17 16.19
N SER B 122 -6.24 -27.23 15.43
CA SER B 122 -6.51 -28.53 16.00
C SER B 122 -5.19 -29.24 16.31
N LYS B 123 -5.22 -30.15 17.29
CA LYS B 123 -4.04 -30.89 17.70
C LYS B 123 -3.44 -31.67 16.54
N GLN B 124 -4.29 -32.14 15.64
CA GLN B 124 -3.87 -32.89 14.47
C GLN B 124 -2.77 -32.17 13.69
N LEU B 125 -2.86 -30.84 13.65
CA LEU B 125 -1.87 -30.04 12.95
C LEU B 125 -0.55 -30.06 13.70
N ARG B 126 -0.62 -29.68 14.97
CA ARG B 126 0.56 -29.68 15.83
C ARG B 126 1.25 -31.05 15.81
N ASP B 127 0.45 -32.11 15.84
CA ASP B 127 0.97 -33.48 15.81
C ASP B 127 1.88 -33.73 14.62
N LEU B 128 1.54 -33.12 13.49
CA LEU B 128 2.33 -33.29 12.27
C LEU B 128 3.73 -32.71 12.45
N CYS B 129 3.82 -31.62 13.20
CA CYS B 129 5.10 -30.97 13.47
C CYS B 129 6.00 -31.89 14.29
N PRO B 130 7.28 -32.02 13.90
CA PRO B 130 8.25 -32.86 14.60
C PRO B 130 8.39 -32.46 16.07
N SER B 131 7.92 -33.33 16.94
CA SER B 131 7.97 -33.06 18.37
C SER B 131 9.02 -33.94 19.04
N GLY A 1 2.19 31.22 -2.56
CA GLY A 1 1.84 31.06 -1.14
C GLY A 1 0.38 30.66 -0.96
N LEU A 2 -0.47 31.65 -0.73
CA LEU A 2 -1.90 31.41 -0.55
C LEU A 2 -2.64 31.50 -1.88
N PRO A 3 -3.40 30.46 -2.23
CA PRO A 3 -4.18 30.42 -3.47
C PRO A 3 -5.27 31.48 -3.47
N LEU A 4 -5.70 31.89 -4.66
CA LEU A 4 -6.73 32.91 -4.80
C LEU A 4 -7.95 32.35 -5.53
N ASP A 5 -9.11 32.50 -4.91
CA ASP A 5 -10.37 32.02 -5.49
C ASP A 5 -10.36 30.51 -5.68
N GLU A 6 -10.28 29.78 -4.58
CA GLU A 6 -10.25 28.33 -4.61
C GLU A 6 -11.60 27.77 -5.07
N ARG A 7 -12.68 28.41 -4.63
CA ARG A 7 -14.03 27.98 -4.99
C ARG A 7 -14.23 28.01 -6.51
N ALA A 8 -13.77 29.10 -7.12
CA ALA A 8 -13.87 29.27 -8.57
C ALA A 8 -12.98 28.25 -9.29
N PHE A 9 -11.94 27.83 -8.60
CA PHE A 9 -10.98 26.87 -9.14
C PHE A 9 -11.56 25.45 -9.10
N GLU A 10 -12.02 25.05 -7.93
CA GLU A 10 -12.61 23.72 -7.73
C GLU A 10 -13.74 23.44 -8.71
N LYS A 11 -14.69 24.37 -8.77
CA LYS A 11 -15.86 24.21 -9.64
C LYS A 11 -15.49 24.10 -11.12
N THR A 12 -14.63 24.98 -11.60
CA THR A 12 -14.23 24.97 -13.01
C THR A 12 -13.40 23.74 -13.37
N LEU A 13 -12.67 23.21 -12.40
CA LEU A 13 -11.83 22.03 -12.63
C LEU A 13 -12.61 20.74 -12.42
N THR A 14 -13.88 20.86 -12.08
CA THR A 14 -14.72 19.70 -11.83
C THR A 14 -14.97 18.88 -13.11
N PRO A 15 -15.53 19.49 -14.17
CA PRO A 15 -15.81 18.77 -15.42
C PRO A 15 -14.55 18.19 -16.06
N ILE A 16 -13.44 18.94 -15.99
CA ILE A 16 -12.18 18.51 -16.58
C ILE A 16 -11.67 17.23 -15.90
N ILE A 17 -11.48 17.32 -14.58
CA ILE A 17 -11.02 16.17 -13.79
C ILE A 17 -11.89 14.94 -14.05
N GLN A 18 -13.20 15.14 -14.14
CA GLN A 18 -14.12 14.05 -14.40
C GLN A 18 -13.92 13.48 -15.81
N GLU A 19 -13.82 14.39 -16.79
CA GLU A 19 -13.64 14.01 -18.19
C GLU A 19 -12.43 13.08 -18.36
N TYR A 20 -11.30 13.49 -17.80
CA TYR A 20 -10.07 12.69 -17.85
C TYR A 20 -10.32 11.23 -17.50
N PHE A 21 -10.55 10.96 -16.21
CA PHE A 21 -10.84 9.62 -15.70
C PHE A 21 -11.71 8.76 -16.62
N GLU A 22 -12.74 9.38 -17.21
CA GLU A 22 -13.65 8.67 -18.10
C GLU A 22 -12.92 8.03 -19.29
N HIS A 23 -11.87 8.67 -19.78
CA HIS A 23 -11.13 8.13 -20.93
C HIS A 23 -9.61 8.05 -20.71
N GLY A 24 -8.95 9.20 -20.64
CA GLY A 24 -7.52 9.24 -20.46
C GLY A 24 -6.82 10.05 -21.56
N ASP A 25 -6.50 11.31 -21.25
CA ASP A 25 -5.83 12.19 -22.20
C ASP A 25 -5.04 13.27 -21.47
N THR A 26 -3.83 12.92 -21.07
CA THR A 26 -2.95 13.84 -20.38
C THR A 26 -2.67 15.11 -21.19
N ASN A 27 -2.68 14.98 -22.51
CA ASN A 27 -2.41 16.11 -23.40
C ASN A 27 -3.53 17.13 -23.29
N GLU A 28 -4.76 16.66 -23.54
CA GLU A 28 -5.95 17.50 -23.45
C GLU A 28 -5.98 18.33 -22.16
N VAL A 29 -5.62 17.70 -21.04
CA VAL A 29 -5.59 18.38 -19.76
C VAL A 29 -4.55 19.50 -19.77
N ALA A 30 -3.33 19.15 -20.17
CA ALA A 30 -2.23 20.11 -20.26
C ALA A 30 -2.62 21.36 -21.07
N GLU A 31 -3.13 21.13 -22.28
CA GLU A 31 -3.59 22.21 -23.15
C GLU A 31 -4.52 23.19 -22.41
N MET A 32 -5.44 22.64 -21.63
CA MET A 32 -6.39 23.47 -20.88
C MET A 32 -5.70 24.29 -19.80
N LEU A 33 -4.62 23.74 -19.24
CA LEU A 33 -3.87 24.42 -18.19
C LEU A 33 -3.22 25.70 -18.71
N ARG A 34 -2.65 25.63 -19.92
CA ARG A 34 -2.03 26.81 -20.52
C ARG A 34 -3.07 27.89 -20.72
N ASP A 35 -4.18 27.49 -21.35
CA ASP A 35 -5.32 28.38 -21.57
C ASP A 35 -5.72 29.13 -20.30
N LEU A 36 -5.59 28.46 -19.16
CA LEU A 36 -5.93 29.07 -17.87
C LEU A 36 -4.80 30.00 -17.41
N ASN A 37 -3.56 29.58 -17.64
CA ASN A 37 -2.37 30.37 -17.27
C ASN A 37 -2.36 30.72 -15.79
N LEU A 38 -2.44 29.71 -14.95
CA LEU A 38 -2.42 29.92 -13.50
C LEU A 38 -0.98 29.94 -12.98
N GLY A 39 -0.72 30.82 -12.02
CA GLY A 39 0.61 30.89 -11.45
C GLY A 39 0.76 29.89 -10.33
N GLU A 40 0.67 30.35 -9.10
CA GLU A 40 0.76 29.44 -7.96
C GLU A 40 -0.57 28.75 -7.75
N MET A 41 -1.60 29.22 -8.46
CA MET A 41 -2.91 28.62 -8.39
C MET A 41 -2.89 27.30 -9.15
N LYS A 42 -1.83 27.15 -9.94
CA LYS A 42 -1.60 25.95 -10.73
C LYS A 42 -1.14 24.80 -9.82
N SER A 43 -0.60 25.15 -8.65
CA SER A 43 -0.10 24.16 -7.71
C SER A 43 -1.12 23.09 -7.35
N GLY A 44 -2.31 23.48 -6.91
CA GLY A 44 -3.31 22.48 -6.55
C GLY A 44 -4.00 21.78 -7.70
N VAL A 45 -3.53 21.98 -8.92
CA VAL A 45 -4.15 21.33 -10.08
C VAL A 45 -4.13 19.80 -9.90
N PRO A 46 -2.94 19.17 -9.74
CA PRO A 46 -2.85 17.73 -9.54
C PRO A 46 -3.54 17.30 -8.24
N VAL A 47 -3.33 18.09 -7.17
CA VAL A 47 -3.95 17.82 -5.87
C VAL A 47 -5.47 17.66 -5.99
N LEU A 48 -6.06 18.45 -6.88
CA LEU A 48 -7.50 18.43 -7.08
C LEU A 48 -7.86 17.17 -7.84
N ALA A 49 -7.02 16.84 -8.79
CA ALA A 49 -7.21 15.64 -9.58
C ALA A 49 -7.09 14.40 -8.71
N VAL A 50 -6.31 14.51 -7.64
CA VAL A 50 -6.08 13.37 -6.77
C VAL A 50 -7.19 13.30 -5.67
N SER A 51 -7.24 14.35 -4.83
CA SER A 51 -8.20 14.46 -3.72
C SER A 51 -9.67 14.26 -4.11
N LEU A 52 -10.07 14.81 -5.24
CA LEU A 52 -11.43 14.67 -5.71
C LEU A 52 -11.69 13.25 -6.16
N ALA A 53 -10.63 12.54 -6.53
CA ALA A 53 -10.70 11.16 -6.95
C ALA A 53 -10.80 10.18 -5.78
N LEU A 54 -10.71 10.66 -4.54
CA LEU A 54 -10.67 9.78 -3.36
C LEU A 54 -12.08 9.33 -2.93
N GLU A 55 -13.05 9.62 -3.77
CA GLU A 55 -14.45 9.29 -3.49
C GLU A 55 -14.93 8.07 -4.26
N GLY A 56 -14.18 7.69 -5.28
CA GLY A 56 -14.56 6.56 -6.09
C GLY A 56 -13.64 5.37 -5.90
N LYS A 57 -13.36 4.67 -6.99
CA LYS A 57 -12.51 3.49 -6.94
C LYS A 57 -11.03 3.84 -7.05
N ALA A 58 -10.19 2.89 -6.66
CA ALA A 58 -8.75 3.06 -6.72
C ALA A 58 -8.25 3.16 -8.16
N SER A 59 -9.00 2.59 -9.10
CA SER A 59 -8.63 2.62 -10.51
C SER A 59 -8.54 4.05 -11.03
N HIS A 60 -9.30 4.94 -10.40
CA HIS A 60 -9.30 6.34 -10.78
C HIS A 60 -8.05 7.01 -10.24
N ARG A 61 -7.77 6.74 -8.98
CA ARG A 61 -6.59 7.27 -8.30
C ARG A 61 -5.32 6.78 -8.97
N GLU A 62 -5.35 5.51 -9.37
CA GLU A 62 -4.23 4.88 -10.05
C GLU A 62 -4.04 5.54 -11.42
N MET A 63 -5.12 6.01 -12.00
CA MET A 63 -5.10 6.67 -13.30
C MET A 63 -4.54 8.10 -13.24
N THR A 64 -4.57 8.70 -12.03
CA THR A 64 -4.07 10.06 -11.86
C THR A 64 -2.55 10.07 -11.82
N SER A 65 -1.99 8.96 -11.34
CA SER A 65 -0.55 8.81 -11.25
C SER A 65 0.14 9.17 -12.56
N LYS A 66 -0.46 8.79 -13.69
CA LYS A 66 0.10 9.08 -15.00
C LYS A 66 -0.05 10.57 -15.37
N LEU A 67 -1.12 11.19 -14.87
CA LEU A 67 -1.38 12.59 -15.15
C LEU A 67 -0.26 13.46 -14.58
N LEU A 68 0.17 13.12 -13.37
CA LEU A 68 1.25 13.85 -12.69
C LEU A 68 2.56 13.68 -13.44
N SER A 69 2.71 12.52 -14.06
CA SER A 69 3.91 12.19 -14.81
C SER A 69 3.99 13.03 -16.08
N ASP A 70 2.87 13.12 -16.78
CA ASP A 70 2.80 13.86 -18.03
C ASP A 70 2.85 15.37 -17.83
N LEU A 71 2.06 15.90 -16.90
CA LEU A 71 2.04 17.34 -16.66
C LEU A 71 3.43 17.84 -16.28
N CYS A 72 4.00 17.25 -15.24
CA CYS A 72 5.34 17.61 -14.81
C CYS A 72 6.33 17.32 -15.94
N GLY A 73 7.06 18.34 -16.35
CA GLY A 73 8.00 18.18 -17.45
C GLY A 73 7.49 18.87 -18.68
N THR A 74 6.18 19.01 -18.74
CA THR A 74 5.52 19.68 -19.86
C THR A 74 5.14 21.10 -19.46
N VAL A 75 4.03 21.24 -18.75
CA VAL A 75 3.58 22.56 -18.31
C VAL A 75 3.89 22.77 -16.83
N MET A 76 3.93 21.67 -16.08
CA MET A 76 4.22 21.74 -14.67
C MET A 76 5.71 21.51 -14.44
N SER A 77 6.27 22.26 -13.51
CA SER A 77 7.68 22.15 -13.20
C SER A 77 7.91 21.06 -12.16
N THR A 78 9.14 20.96 -11.69
CA THR A 78 9.49 19.98 -10.67
C THR A 78 9.15 20.60 -9.32
N THR A 79 9.15 21.92 -9.30
CA THR A 79 8.84 22.69 -8.11
C THR A 79 7.35 22.61 -7.82
N ASP A 80 6.52 22.77 -8.87
CA ASP A 80 5.07 22.66 -8.71
C ASP A 80 4.66 21.43 -7.93
N VAL A 81 5.21 20.29 -8.30
CA VAL A 81 4.92 19.03 -7.64
C VAL A 81 5.17 19.12 -6.13
N GLU A 82 6.29 19.72 -5.76
CA GLU A 82 6.66 19.87 -4.36
C GLU A 82 5.61 20.64 -3.58
N LYS A 83 4.95 21.60 -4.24
CA LYS A 83 3.90 22.37 -3.61
C LYS A 83 2.67 21.50 -3.46
N SER A 84 2.21 20.94 -4.58
CA SER A 84 1.08 20.01 -4.62
C SER A 84 1.17 18.93 -3.53
N PHE A 85 2.39 18.59 -3.15
CA PHE A 85 2.61 17.59 -2.12
C PHE A 85 2.45 18.21 -0.74
N ASP A 86 3.03 19.40 -0.57
CA ASP A 86 3.00 20.14 0.68
C ASP A 86 1.58 20.45 1.12
N LYS A 87 0.79 21.03 0.22
CA LYS A 87 -0.59 21.37 0.50
C LYS A 87 -1.46 20.12 0.72
N LEU A 88 -1.09 19.02 0.06
CA LEU A 88 -1.82 17.76 0.16
C LEU A 88 -1.84 17.24 1.60
N LEU A 89 -0.80 17.58 2.33
CA LEU A 89 -0.66 17.18 3.72
C LEU A 89 -1.57 18.02 4.62
N LYS A 90 -1.88 19.24 4.16
CA LYS A 90 -2.72 20.17 4.91
C LYS A 90 -4.16 19.67 5.03
N ASP A 91 -4.89 19.68 3.92
CA ASP A 91 -6.30 19.23 3.89
C ASP A 91 -6.47 17.73 4.11
N LEU A 92 -5.37 17.04 4.37
CA LEU A 92 -5.40 15.60 4.62
C LEU A 92 -6.45 15.17 5.64
N PRO A 93 -6.48 15.78 6.86
CA PRO A 93 -7.47 15.45 7.89
C PRO A 93 -8.89 15.60 7.37
N GLU A 94 -9.10 16.56 6.47
CA GLU A 94 -10.41 16.81 5.90
C GLU A 94 -10.81 15.69 4.93
N LEU A 95 -9.81 15.05 4.34
CA LEU A 95 -10.04 13.94 3.42
C LEU A 95 -10.44 12.70 4.21
N ALA A 96 -9.92 12.60 5.43
CA ALA A 96 -10.23 11.47 6.31
C ALA A 96 -11.65 11.63 6.82
N LEU A 97 -12.09 12.87 6.81
CA LEU A 97 -13.43 13.23 7.25
C LEU A 97 -14.47 12.57 6.34
N ASP A 98 -14.21 12.63 5.04
CA ASP A 98 -15.11 12.03 4.05
C ASP A 98 -14.98 10.51 4.00
N THR A 99 -13.76 9.99 4.05
CA THR A 99 -13.55 8.56 4.03
C THR A 99 -12.33 8.23 4.89
N PRO A 100 -12.47 7.25 5.80
CA PRO A 100 -11.37 6.85 6.70
C PRO A 100 -10.25 6.14 5.94
N ARG A 101 -10.57 5.60 4.78
CA ARG A 101 -9.58 4.89 3.97
C ARG A 101 -8.64 5.84 3.22
N ALA A 102 -9.23 6.76 2.42
CA ALA A 102 -8.44 7.75 1.65
C ALA A 102 -7.11 8.22 2.27
N PRO A 103 -7.08 8.77 3.50
CA PRO A 103 -5.83 9.25 4.12
C PRO A 103 -4.71 8.19 4.16
N GLN A 104 -5.08 6.91 4.14
CA GLN A 104 -4.11 5.83 4.18
C GLN A 104 -3.50 5.64 2.78
N LEU A 105 -4.36 5.70 1.78
CA LEU A 105 -3.96 5.54 0.39
C LEU A 105 -3.19 6.73 -0.18
N VAL A 106 -3.24 7.85 0.52
CA VAL A 106 -2.59 9.08 0.06
C VAL A 106 -1.07 8.85 -0.04
N GLY A 107 -0.56 7.96 0.79
CA GLY A 107 0.86 7.65 0.79
C GLY A 107 1.31 7.06 -0.53
N GLN A 108 0.41 6.35 -1.20
CA GLN A 108 0.71 5.72 -2.49
C GLN A 108 1.14 6.78 -3.50
N PHE A 109 0.53 7.95 -3.41
CA PHE A 109 0.84 9.04 -4.33
C PHE A 109 2.19 9.62 -4.01
N ILE A 110 2.59 9.50 -2.76
CA ILE A 110 3.87 10.02 -2.32
C ILE A 110 4.96 9.00 -2.68
N ALA A 111 4.59 7.72 -2.71
CA ALA A 111 5.54 6.65 -3.01
C ALA A 111 5.74 6.53 -4.52
N ARG A 112 4.62 6.57 -5.25
CA ARG A 112 4.60 6.47 -6.71
C ARG A 112 5.35 7.64 -7.35
N ALA A 113 5.46 8.71 -6.58
CA ALA A 113 6.12 9.90 -7.05
C ALA A 113 7.62 9.71 -7.03
N VAL A 114 8.08 8.76 -6.20
CA VAL A 114 9.51 8.49 -6.06
C VAL A 114 10.14 7.93 -7.35
N GLY A 115 9.65 6.80 -7.86
CA GLY A 115 10.19 6.27 -9.10
C GLY A 115 9.90 7.17 -10.28
N ASP A 116 8.63 7.57 -10.37
CA ASP A 116 8.19 8.53 -11.38
C ASP A 116 9.17 9.70 -11.39
N GLY A 117 9.66 10.01 -10.19
CA GLY A 117 10.66 11.03 -10.02
C GLY A 117 10.22 12.44 -10.26
N ILE A 118 8.98 12.78 -9.94
CA ILE A 118 8.53 14.15 -10.14
C ILE A 118 8.75 14.91 -8.84
N LEU A 119 9.00 14.17 -7.77
CA LEU A 119 9.22 14.74 -6.46
C LEU A 119 10.52 14.18 -5.86
N CYS A 120 11.16 14.97 -5.01
CA CYS A 120 12.40 14.56 -4.37
C CYS A 120 12.10 13.58 -3.24
N ASN A 121 12.81 12.45 -3.24
CA ASN A 121 12.63 11.41 -2.21
C ASN A 121 12.99 11.95 -0.82
N THR A 122 13.83 12.97 -0.81
CA THR A 122 14.27 13.61 0.43
C THR A 122 13.12 14.28 1.16
N TYR A 123 12.02 14.54 0.45
CA TYR A 123 10.85 15.18 1.04
C TYR A 123 10.33 14.38 2.24
N ILE A 124 10.45 13.06 2.15
CA ILE A 124 10.00 12.20 3.23
C ILE A 124 10.84 12.46 4.48
N ASP A 125 12.14 12.57 4.27
CA ASP A 125 13.09 12.82 5.34
C ASP A 125 12.90 14.20 5.95
N SER A 126 12.46 15.15 5.14
CA SER A 126 12.22 16.52 5.61
C SER A 126 11.08 16.55 6.63
N TYR A 127 10.00 15.84 6.32
CA TYR A 127 8.84 15.79 7.19
C TYR A 127 8.94 14.58 8.13
N LYS A 128 10.12 13.97 8.16
CA LYS A 128 10.45 12.81 8.97
C LYS A 128 10.44 12.98 10.49
N GLY A 129 9.38 13.52 11.03
CA GLY A 129 9.29 13.69 12.48
C GLY A 129 8.95 15.10 12.84
N THR A 130 8.97 15.95 11.82
CA THR A 130 8.65 17.34 11.98
C THR A 130 7.15 17.55 12.01
N VAL A 131 6.42 16.64 11.36
CA VAL A 131 4.96 16.71 11.30
C VAL A 131 4.34 16.49 12.67
N ASP A 132 3.50 17.43 13.09
CA ASP A 132 2.83 17.34 14.37
C ASP A 132 1.42 16.78 14.18
N CYS A 133 0.88 17.00 12.99
CA CYS A 133 -0.46 16.53 12.65
C CYS A 133 -0.42 15.07 12.23
N VAL A 134 -0.64 14.18 13.19
CA VAL A 134 -0.70 12.74 12.95
C VAL A 134 -1.51 12.33 11.71
N GLN A 135 -2.40 13.19 11.24
CA GLN A 135 -3.21 12.86 10.07
C GLN A 135 -2.32 12.84 8.83
N ALA A 136 -1.37 13.76 8.78
CA ALA A 136 -0.44 13.85 7.66
C ALA A 136 0.61 12.75 7.78
N ARG A 137 1.36 12.79 8.88
CA ARG A 137 2.38 11.77 9.17
C ARG A 137 1.88 10.33 9.00
N ALA A 138 0.58 10.14 9.02
CA ALA A 138 0.02 8.80 8.89
C ALA A 138 0.23 8.33 7.46
N ALA A 139 0.23 9.27 6.52
CA ALA A 139 0.42 8.95 5.11
C ALA A 139 1.88 8.77 4.74
N LEU A 140 2.79 9.48 5.45
CA LEU A 140 4.23 9.41 5.13
C LEU A 140 4.79 8.00 5.38
N ASP A 141 4.75 7.56 6.62
CA ASP A 141 5.16 6.18 6.95
C ASP A 141 4.50 5.13 6.08
N LYS A 142 3.35 5.47 5.51
CA LYS A 142 2.64 4.55 4.65
C LYS A 142 3.33 4.42 3.29
N ALA A 143 3.90 5.53 2.80
CA ALA A 143 4.57 5.51 1.50
C ALA A 143 5.77 4.57 1.51
N THR A 144 6.66 4.76 2.48
CA THR A 144 7.83 3.88 2.65
C THR A 144 7.45 2.40 2.76
N VAL A 145 6.20 2.15 3.10
CA VAL A 145 5.71 0.79 3.25
C VAL A 145 5.53 0.19 1.85
N LEU A 146 5.09 1.01 0.91
CA LEU A 146 4.89 0.57 -0.46
C LEU A 146 6.21 0.57 -1.22
N LEU A 147 7.10 1.49 -0.83
CA LEU A 147 8.43 1.61 -1.46
C LEU A 147 9.19 0.30 -1.36
N SER A 148 9.05 -0.38 -0.23
CA SER A 148 9.71 -1.66 0.00
C SER A 148 9.16 -2.74 -0.95
N MET A 149 7.98 -2.49 -1.50
CA MET A 149 7.35 -3.43 -2.43
C MET A 149 7.88 -3.22 -3.84
N SER A 150 8.29 -1.99 -4.14
CA SER A 150 8.83 -1.65 -5.45
C SER A 150 10.09 -2.47 -5.74
N LYS A 151 11.02 -2.48 -4.80
CA LYS A 151 12.26 -3.23 -4.96
C LYS A 151 12.13 -4.64 -4.39
N GLY A 152 11.23 -4.80 -3.43
CA GLY A 152 11.02 -6.09 -2.82
C GLY A 152 10.06 -6.94 -3.62
N GLY A 153 9.85 -8.17 -3.17
CA GLY A 153 8.95 -9.08 -3.84
C GLY A 153 9.65 -9.91 -4.89
N LYS A 154 10.46 -9.24 -5.71
CA LYS A 154 11.21 -9.92 -6.77
C LYS A 154 12.44 -10.62 -6.20
N ARG A 155 12.21 -11.47 -5.20
CA ARG A 155 13.29 -12.19 -4.53
C ARG A 155 13.01 -13.70 -4.52
N LYS A 156 11.73 -14.07 -4.42
CA LYS A 156 11.36 -15.48 -4.37
C LYS A 156 11.24 -16.08 -5.78
N ASP A 157 12.10 -15.59 -6.68
CA ASP A 157 12.11 -16.04 -8.06
C ASP A 157 12.74 -17.43 -8.16
N SER A 158 13.56 -17.76 -7.16
CA SER A 158 14.25 -19.05 -7.13
C SER A 158 13.36 -20.15 -6.54
N VAL A 159 12.07 -19.86 -6.44
CA VAL A 159 11.11 -20.82 -5.90
C VAL A 159 9.95 -21.02 -6.88
N TRP A 160 9.27 -19.94 -7.22
CA TRP A 160 8.15 -20.01 -8.15
C TRP A 160 8.10 -18.76 -9.03
N GLY A 161 7.12 -18.71 -9.94
CA GLY A 161 6.97 -17.58 -10.82
C GLY A 161 5.58 -17.50 -11.40
N SER A 162 5.40 -16.70 -12.43
CA SER A 162 4.10 -16.54 -13.07
C SER A 162 4.26 -16.15 -14.54
N GLY A 163 3.14 -15.97 -15.24
CA GLY A 163 3.18 -15.59 -16.63
C GLY A 163 1.87 -14.97 -17.07
N GLY B 1 -0.56 -14.49 -18.87
CA GLY B 1 -1.33 -13.23 -18.89
C GLY B 1 -2.22 -13.14 -20.12
N GLY B 2 -2.51 -11.91 -20.53
CA GLY B 2 -3.34 -11.68 -21.69
C GLY B 2 -3.29 -10.22 -22.08
N GLN B 3 -4.46 -9.63 -22.32
CA GLN B 3 -4.52 -8.22 -22.69
C GLN B 3 -4.37 -7.35 -21.45
N GLN B 4 -5.35 -7.47 -20.56
CA GLN B 4 -5.34 -6.72 -19.31
C GLN B 4 -6.01 -7.54 -18.21
N PRO B 5 -5.32 -8.58 -17.73
CA PRO B 5 -5.86 -9.44 -16.67
C PRO B 5 -5.99 -8.71 -15.35
N VAL B 6 -6.87 -9.21 -14.49
CA VAL B 6 -7.10 -8.59 -13.19
C VAL B 6 -5.93 -8.86 -12.25
N ASN B 7 -5.82 -8.04 -11.22
CA ASN B 7 -4.76 -8.16 -10.24
C ASN B 7 -4.82 -9.49 -9.49
N HIS B 8 -3.65 -10.13 -9.37
CA HIS B 8 -3.51 -11.40 -8.67
C HIS B 8 -2.05 -11.51 -8.24
N LEU B 9 -1.77 -12.35 -7.23
CA LEU B 9 -0.41 -12.51 -6.70
C LEU B 9 0.16 -11.23 -6.07
N VAL B 10 0.32 -10.20 -6.89
CA VAL B 10 0.85 -8.92 -6.45
C VAL B 10 -0.28 -8.10 -5.81
N LYS B 11 0.09 -7.17 -4.93
CA LYS B 11 -0.89 -6.33 -4.24
C LYS B 11 -1.78 -7.19 -3.34
N GLU B 12 -1.20 -8.27 -2.83
CA GLU B 12 -1.93 -9.19 -1.96
C GLU B 12 -1.05 -9.74 -0.82
N ILE B 13 -0.23 -10.76 -1.12
CA ILE B 13 0.58 -11.42 -0.09
C ILE B 13 1.69 -10.54 0.49
N ASP B 14 2.65 -10.16 -0.33
CA ASP B 14 3.77 -9.34 0.14
C ASP B 14 3.29 -8.00 0.65
N MET B 15 2.37 -7.42 -0.12
CA MET B 15 1.78 -6.13 0.21
C MET B 15 1.26 -6.10 1.65
N LEU B 16 0.39 -7.04 2.00
CA LEU B 16 -0.17 -7.10 3.35
C LEU B 16 0.89 -7.29 4.42
N LEU B 17 1.96 -8.01 4.06
CA LEU B 17 3.06 -8.25 5.00
C LEU B 17 3.87 -6.97 5.21
N LYS B 18 4.14 -6.25 4.12
CA LYS B 18 4.90 -5.00 4.18
C LYS B 18 4.14 -3.92 4.96
N GLU B 19 2.81 -3.96 4.83
CA GLU B 19 1.94 -3.03 5.51
C GLU B 19 2.19 -3.13 7.00
N TYR B 20 2.33 -4.36 7.46
CA TYR B 20 2.58 -4.64 8.84
C TYR B 20 4.04 -4.46 9.27
N LEU B 21 4.97 -4.50 8.31
CA LEU B 21 6.41 -4.44 8.63
C LEU B 21 6.90 -3.14 9.33
N LEU B 22 7.00 -2.04 8.57
CA LEU B 22 7.40 -0.75 9.16
C LEU B 22 6.27 -0.20 10.00
N SER B 23 5.17 0.05 9.31
CA SER B 23 3.97 0.52 9.94
C SER B 23 3.33 -0.70 10.58
N GLY B 24 2.61 -0.53 11.67
CA GLY B 24 2.02 -1.68 12.32
C GLY B 24 0.57 -1.41 12.62
N ASP B 25 -0.17 -1.06 11.59
CA ASP B 25 -1.58 -0.75 11.75
C ASP B 25 -2.45 -1.88 11.20
N ILE B 26 -3.30 -2.43 12.05
CA ILE B 26 -4.19 -3.52 11.68
C ILE B 26 -5.19 -3.10 10.59
N SER B 27 -5.61 -1.84 10.61
CA SER B 27 -6.59 -1.32 9.65
C SER B 27 -6.45 -1.79 8.21
N GLU B 28 -5.29 -1.63 7.57
CA GLU B 28 -5.17 -2.03 6.18
C GLU B 28 -5.01 -3.54 6.02
N ALA B 29 -4.36 -4.17 7.00
CA ALA B 29 -4.14 -5.61 6.97
C ALA B 29 -5.48 -6.33 6.85
N GLU B 30 -6.42 -5.96 7.72
CA GLU B 30 -7.75 -6.53 7.71
C GLU B 30 -8.58 -5.98 6.54
N HIS B 31 -8.27 -4.76 6.12
CA HIS B 31 -9.03 -4.10 5.05
C HIS B 31 -8.92 -4.81 3.72
N CYS B 32 -7.71 -4.98 3.21
CA CYS B 32 -7.50 -5.63 1.94
C CYS B 32 -7.89 -7.10 2.01
N LEU B 33 -7.73 -7.68 3.18
CA LEU B 33 -8.08 -9.07 3.42
C LEU B 33 -9.53 -9.32 3.00
N LYS B 34 -10.40 -8.41 3.41
CA LYS B 34 -11.81 -8.47 3.10
C LYS B 34 -12.12 -8.01 1.66
N GLU B 35 -11.26 -7.16 1.10
CA GLU B 35 -11.44 -6.57 -0.25
C GLU B 35 -11.07 -7.55 -1.37
N LEU B 36 -10.72 -8.75 -0.97
CA LEU B 36 -10.27 -9.80 -1.91
C LEU B 36 -11.42 -10.40 -2.73
N GLU B 37 -11.33 -11.70 -3.02
CA GLU B 37 -12.34 -12.39 -3.83
C GLU B 37 -12.69 -13.75 -3.22
N VAL B 38 -11.70 -14.62 -3.11
CA VAL B 38 -11.89 -15.96 -2.57
C VAL B 38 -11.00 -16.18 -1.36
N PRO B 39 -11.61 -16.50 -0.21
CA PRO B 39 -10.88 -16.75 1.03
C PRO B 39 -9.98 -17.98 0.94
N HIS B 40 -10.35 -18.90 0.05
CA HIS B 40 -9.59 -20.13 -0.14
C HIS B 40 -8.22 -19.86 -0.77
N PHE B 41 -8.06 -18.67 -1.32
CA PHE B 41 -6.82 -18.27 -1.97
C PHE B 41 -5.79 -17.69 -0.98
N HIS B 42 -6.28 -17.14 0.13
CA HIS B 42 -5.41 -16.50 1.13
C HIS B 42 -4.36 -17.42 1.77
N HIS B 43 -4.49 -18.75 1.56
CA HIS B 43 -3.51 -19.74 2.06
C HIS B 43 -2.04 -19.32 1.85
N GLU B 44 -1.83 -18.48 0.86
CA GLU B 44 -0.50 -17.98 0.52
C GLU B 44 0.00 -16.95 1.56
N LEU B 45 -0.92 -16.19 2.16
CA LEU B 45 -0.58 -15.14 3.13
C LEU B 45 0.09 -15.66 4.41
N VAL B 46 -0.61 -16.54 5.14
CA VAL B 46 -0.07 -17.11 6.37
C VAL B 46 1.29 -17.74 6.11
N TYR B 47 1.27 -18.69 5.18
CA TYR B 47 2.49 -19.39 4.76
C TYR B 47 3.68 -18.43 4.63
N GLU B 48 3.51 -17.37 3.86
CA GLU B 48 4.58 -16.40 3.65
C GLU B 48 4.97 -15.65 4.92
N ALA B 49 4.00 -15.38 5.80
CA ALA B 49 4.27 -14.67 7.04
C ALA B 49 5.28 -15.41 7.91
N ILE B 50 4.98 -16.67 8.22
CA ILE B 50 5.89 -17.51 9.00
C ILE B 50 7.27 -17.56 8.35
N VAL B 51 7.27 -17.75 7.02
CA VAL B 51 8.51 -17.79 6.25
C VAL B 51 9.32 -16.53 6.49
N MET B 52 8.67 -15.38 6.41
CA MET B 52 9.32 -14.09 6.63
C MET B 52 9.90 -13.98 8.04
N VAL B 53 9.13 -14.36 9.05
CA VAL B 53 9.58 -14.29 10.44
C VAL B 53 10.86 -15.09 10.65
N LEU B 54 10.84 -16.35 10.21
CA LEU B 54 11.98 -17.24 10.34
C LEU B 54 13.25 -16.69 9.70
N GLU B 55 13.11 -16.08 8.52
CA GLU B 55 14.27 -15.52 7.83
C GLU B 55 14.66 -14.14 8.34
N SER B 56 13.85 -13.58 9.21
CA SER B 56 14.12 -12.25 9.77
C SER B 56 14.98 -12.36 11.03
N THR B 57 14.95 -11.32 11.85
CA THR B 57 15.71 -11.28 13.08
C THR B 57 15.02 -10.40 14.12
N GLY B 58 15.17 -10.76 15.38
CA GLY B 58 14.56 -10.00 16.45
C GLY B 58 13.12 -10.42 16.70
N GLU B 59 12.62 -10.16 17.89
CA GLU B 59 11.26 -10.52 18.25
C GLU B 59 10.25 -9.54 17.67
N SER B 60 10.75 -8.41 17.15
CA SER B 60 9.91 -7.39 16.54
C SER B 60 9.02 -7.99 15.47
N ALA B 61 9.57 -8.92 14.69
CA ALA B 61 8.84 -9.58 13.64
C ALA B 61 7.91 -10.63 14.22
N PHE B 62 8.42 -11.37 15.21
CA PHE B 62 7.67 -12.43 15.87
C PHE B 62 6.37 -11.90 16.49
N LYS B 63 6.48 -10.79 17.20
CA LYS B 63 5.33 -10.18 17.86
C LYS B 63 4.31 -9.62 16.86
N MET B 64 4.76 -8.68 16.03
CA MET B 64 3.91 -8.05 15.01
C MET B 64 3.20 -9.06 14.10
N ILE B 65 3.89 -10.09 13.67
CA ILE B 65 3.29 -11.07 12.77
C ILE B 65 2.34 -12.01 13.53
N LEU B 66 2.74 -12.42 14.72
CA LEU B 66 1.93 -13.30 15.56
C LEU B 66 0.53 -12.74 15.77
N ASP B 67 0.46 -11.48 16.19
CA ASP B 67 -0.83 -10.85 16.42
C ASP B 67 -1.55 -10.63 15.09
N LEU B 68 -0.76 -10.27 14.09
CA LEU B 68 -1.29 -10.04 12.75
C LEU B 68 -2.17 -11.20 12.29
N LEU B 69 -1.71 -12.43 12.47
CA LEU B 69 -2.50 -13.59 12.07
C LEU B 69 -3.66 -13.83 13.05
N LYS B 70 -3.37 -13.72 14.33
CA LYS B 70 -4.37 -13.91 15.39
C LYS B 70 -5.56 -12.96 15.20
N SER B 71 -5.26 -11.69 14.96
CA SER B 71 -6.28 -10.68 14.75
C SER B 71 -7.20 -11.00 13.57
N LEU B 72 -6.70 -11.78 12.62
CA LEU B 72 -7.48 -12.15 11.45
C LEU B 72 -8.43 -13.26 11.86
N TRP B 73 -7.95 -14.12 12.76
CA TRP B 73 -8.75 -15.21 13.29
C TRP B 73 -9.81 -14.71 14.27
N LYS B 74 -9.58 -13.54 14.87
CA LYS B 74 -10.54 -12.97 15.80
C LYS B 74 -11.85 -12.71 15.09
N SER B 75 -11.78 -11.93 14.01
CA SER B 75 -12.93 -11.63 13.18
C SER B 75 -13.31 -12.85 12.35
N SER B 76 -12.50 -13.90 12.46
CA SER B 76 -12.71 -15.14 11.76
C SER B 76 -12.83 -14.94 10.25
N THR B 77 -11.76 -14.44 9.63
CA THR B 77 -11.77 -14.22 8.19
C THR B 77 -10.95 -15.30 7.49
N ILE B 78 -10.14 -16.01 8.27
CA ILE B 78 -9.30 -17.08 7.76
C ILE B 78 -10.04 -18.42 7.85
N THR B 79 -9.94 -19.20 6.79
CA THR B 79 -10.58 -20.51 6.74
C THR B 79 -9.73 -21.54 7.48
N ILE B 80 -10.34 -22.67 7.81
CA ILE B 80 -9.64 -23.72 8.53
C ILE B 80 -8.59 -24.44 7.69
N ASP B 81 -8.90 -24.70 6.41
CA ASP B 81 -7.97 -25.40 5.53
C ASP B 81 -6.74 -24.55 5.26
N GLN B 82 -6.97 -23.34 4.75
CA GLN B 82 -5.89 -22.38 4.47
C GLN B 82 -4.91 -22.21 5.64
N MET B 83 -5.39 -22.45 6.86
CA MET B 83 -4.55 -22.29 8.03
C MET B 83 -3.74 -23.57 8.24
N LYS B 84 -4.44 -24.69 8.06
CA LYS B 84 -3.88 -26.02 8.24
C LYS B 84 -2.88 -26.40 7.16
N ARG B 85 -3.09 -25.94 5.93
CA ARG B 85 -2.21 -26.29 4.83
C ARG B 85 -0.91 -25.51 4.89
N GLY B 86 -1.00 -24.18 4.95
CA GLY B 86 0.19 -23.36 5.06
C GLY B 86 1.08 -23.78 6.21
N TYR B 87 0.49 -24.13 7.34
CA TYR B 87 1.26 -24.58 8.49
C TYR B 87 1.97 -25.89 8.17
N GLU B 88 1.29 -26.76 7.40
CA GLU B 88 1.87 -28.05 7.01
C GLU B 88 2.99 -27.82 5.99
N ARG B 89 2.78 -26.86 5.10
CA ARG B 89 3.75 -26.53 4.08
C ARG B 89 5.03 -26.01 4.73
N ILE B 90 4.89 -25.39 5.90
CA ILE B 90 6.02 -24.86 6.64
C ILE B 90 6.96 -25.98 7.06
N TYR B 91 6.41 -27.19 7.23
CA TYR B 91 7.21 -28.33 7.65
C TYR B 91 7.90 -28.93 6.43
N ASN B 92 7.48 -28.47 5.26
CA ASN B 92 8.05 -28.91 3.99
C ASN B 92 9.20 -28.00 3.58
N GLU B 93 9.06 -26.73 3.90
CA GLU B 93 10.10 -25.74 3.55
C GLU B 93 11.27 -25.80 4.53
N ILE B 94 11.01 -26.29 5.75
CA ILE B 94 12.05 -26.40 6.78
C ILE B 94 13.34 -27.05 6.29
N PRO B 95 13.28 -28.26 5.70
CA PRO B 95 14.48 -28.95 5.19
C PRO B 95 15.27 -28.09 4.20
N ASP B 96 14.58 -27.28 3.42
CA ASP B 96 15.22 -26.41 2.43
C ASP B 96 15.82 -25.17 3.10
N ILE B 97 15.05 -24.59 4.02
CA ILE B 97 15.49 -23.39 4.73
C ILE B 97 16.65 -23.70 5.69
N ASN B 98 16.56 -24.81 6.39
CA ASN B 98 17.59 -25.18 7.36
C ASN B 98 18.75 -25.93 6.72
N LEU B 99 18.47 -27.11 6.17
CA LEU B 99 19.50 -27.94 5.53
C LEU B 99 20.54 -28.40 6.54
N ASP B 100 20.12 -29.28 7.45
CA ASP B 100 20.96 -29.82 8.51
C ASP B 100 21.24 -28.77 9.59
N VAL B 101 21.73 -29.22 10.73
CA VAL B 101 22.01 -28.34 11.87
C VAL B 101 20.84 -27.38 12.12
N PRO B 102 19.64 -27.91 12.39
CA PRO B 102 18.46 -27.09 12.60
C PRO B 102 18.41 -26.55 14.02
N HIS B 103 18.98 -25.38 14.21
CA HIS B 103 19.02 -24.75 15.52
C HIS B 103 17.82 -23.86 15.73
N SER B 104 17.12 -23.54 14.64
CA SER B 104 15.93 -22.70 14.70
C SER B 104 14.74 -23.51 15.20
N TYR B 105 15.01 -24.72 15.67
CA TYR B 105 13.99 -25.61 16.17
C TYR B 105 13.17 -25.02 17.32
N SER B 106 13.77 -24.16 18.14
CA SER B 106 13.06 -23.59 19.28
C SER B 106 12.02 -22.57 18.80
N VAL B 107 12.48 -21.50 18.15
CA VAL B 107 11.55 -20.53 17.57
C VAL B 107 10.51 -21.18 16.65
N LEU B 108 10.89 -22.27 16.01
CA LEU B 108 9.99 -22.97 15.12
C LEU B 108 8.93 -23.73 15.92
N GLU B 109 9.38 -24.34 17.02
CA GLU B 109 8.50 -25.11 17.88
C GLU B 109 7.45 -24.20 18.54
N ARG B 110 7.90 -23.15 19.24
CA ARG B 110 6.99 -22.21 19.90
C ARG B 110 5.95 -21.67 18.93
N PHE B 111 6.41 -21.02 17.86
CA PHE B 111 5.49 -20.51 16.82
C PHE B 111 4.37 -21.50 16.46
N VAL B 112 4.66 -22.80 16.50
CA VAL B 112 3.66 -23.82 16.19
C VAL B 112 2.76 -24.04 17.42
N GLU B 113 3.42 -24.24 18.55
CA GLU B 113 2.79 -24.50 19.84
C GLU B 113 2.06 -23.31 20.46
N GLU B 114 2.37 -22.09 20.02
CA GLU B 114 1.81 -20.90 20.61
C GLU B 114 0.33 -20.78 20.27
N CYS B 115 0.02 -20.57 18.99
CA CYS B 115 -1.36 -20.53 18.53
C CYS B 115 -2.21 -21.74 18.91
N PHE B 116 -1.57 -22.78 19.39
CA PHE B 116 -2.29 -23.99 19.71
C PHE B 116 -3.06 -23.79 21.01
N GLN B 117 -2.58 -22.87 21.85
CA GLN B 117 -3.23 -22.60 23.14
C GLN B 117 -4.64 -22.06 22.95
N ALA B 118 -4.78 -20.92 22.25
CA ALA B 118 -6.10 -20.34 21.97
C ALA B 118 -6.90 -21.17 20.96
N GLY B 119 -6.45 -22.39 20.75
CA GLY B 119 -7.08 -23.32 19.83
C GLY B 119 -7.59 -22.75 18.52
N ILE B 120 -6.69 -22.20 17.71
CA ILE B 120 -7.08 -21.68 16.41
C ILE B 120 -6.55 -22.58 15.32
N ILE B 121 -6.28 -23.83 15.73
CA ILE B 121 -5.75 -24.86 14.87
C ILE B 121 -6.17 -26.22 15.41
N SER B 122 -6.17 -27.23 14.56
CA SER B 122 -6.52 -28.58 14.98
C SER B 122 -5.35 -29.27 15.67
N LYS B 123 -5.65 -30.22 16.54
CA LYS B 123 -4.63 -30.97 17.28
C LYS B 123 -3.74 -31.77 16.33
N GLN B 124 -4.25 -32.04 15.13
CA GLN B 124 -3.51 -32.80 14.14
C GLN B 124 -2.39 -31.96 13.55
N LEU B 125 -2.60 -30.65 13.54
CA LEU B 125 -1.59 -29.73 13.01
C LEU B 125 -0.34 -29.75 13.88
N ARG B 126 -0.51 -30.17 15.13
CA ARG B 126 0.62 -30.23 16.05
C ARG B 126 1.31 -31.59 15.91
N ASP B 127 0.50 -32.59 15.53
CA ASP B 127 0.96 -33.98 15.40
C ASP B 127 1.73 -34.20 14.10
N LEU B 128 1.36 -33.46 13.06
CA LEU B 128 2.00 -33.59 11.76
C LEU B 128 3.28 -32.77 11.68
N CYS B 129 3.83 -32.41 12.83
CA CYS B 129 5.05 -31.63 12.88
C CYS B 129 5.98 -32.19 13.93
N PRO B 130 7.30 -32.14 13.67
CA PRO B 130 8.32 -32.62 14.61
C PRO B 130 8.29 -31.82 15.91
N SER B 131 7.63 -32.35 16.92
CA SER B 131 7.51 -31.69 18.19
C SER B 131 7.81 -32.65 19.33
N GLY A 1 2.49 30.97 -3.07
CA GLY A 1 1.85 31.79 -2.01
C GLY A 1 0.44 31.33 -1.74
N LEU A 2 -0.53 32.22 -1.96
CA LEU A 2 -1.93 31.90 -1.74
C LEU A 2 -2.68 31.95 -3.07
N PRO A 3 -3.24 30.82 -3.49
CA PRO A 3 -4.00 30.72 -4.75
C PRO A 3 -5.26 31.58 -4.73
N LEU A 4 -5.48 32.32 -5.81
CA LEU A 4 -6.65 33.18 -5.92
C LEU A 4 -7.78 32.48 -6.67
N ASP A 5 -9.02 32.88 -6.38
CA ASP A 5 -10.20 32.28 -7.02
C ASP A 5 -10.26 30.79 -6.70
N GLU A 6 -10.25 30.45 -5.42
CA GLU A 6 -10.26 29.05 -4.98
C GLU A 6 -11.48 28.28 -5.45
N ARG A 7 -12.68 28.74 -5.10
CA ARG A 7 -13.89 28.04 -5.48
C ARG A 7 -14.13 28.09 -6.97
N ALA A 8 -13.80 29.25 -7.57
CA ALA A 8 -13.97 29.43 -9.01
C ALA A 8 -13.11 28.44 -9.77
N PHE A 9 -11.90 28.21 -9.28
CA PHE A 9 -10.98 27.27 -9.91
C PHE A 9 -11.50 25.83 -9.80
N GLU A 10 -11.87 25.44 -8.58
CA GLU A 10 -12.37 24.09 -8.32
C GLU A 10 -13.55 23.76 -9.22
N LYS A 11 -14.57 24.62 -9.19
CA LYS A 11 -15.79 24.43 -9.96
C LYS A 11 -15.53 24.24 -11.45
N THR A 12 -14.55 24.97 -11.97
CA THR A 12 -14.23 24.89 -13.39
C THR A 12 -13.47 23.60 -13.72
N LEU A 13 -12.52 23.23 -12.85
CA LEU A 13 -11.72 22.03 -13.07
C LEU A 13 -12.46 20.73 -12.77
N THR A 14 -13.56 20.81 -12.03
CA THR A 14 -14.35 19.63 -11.67
C THR A 14 -14.67 18.73 -12.88
N PRO A 15 -15.42 19.25 -13.89
CA PRO A 15 -15.77 18.44 -15.07
C PRO A 15 -14.55 18.03 -15.91
N ILE A 16 -13.57 18.92 -16.00
CA ILE A 16 -12.36 18.66 -16.77
C ILE A 16 -11.67 17.37 -16.32
N ILE A 17 -11.40 17.26 -15.02
CA ILE A 17 -10.75 16.06 -14.47
C ILE A 17 -11.70 14.86 -14.50
N GLN A 18 -12.97 15.11 -14.20
CA GLN A 18 -13.99 14.06 -14.20
C GLN A 18 -13.97 13.25 -15.50
N GLU A 19 -14.03 13.95 -16.62
CA GLU A 19 -14.01 13.32 -17.94
C GLU A 19 -12.68 12.62 -18.24
N TYR A 20 -11.64 13.03 -17.52
CA TYR A 20 -10.32 12.46 -17.71
C TYR A 20 -10.31 11.00 -17.28
N PHE A 21 -10.89 10.73 -16.12
CA PHE A 21 -10.97 9.38 -15.56
C PHE A 21 -11.72 8.39 -16.45
N GLU A 22 -12.41 8.90 -17.47
CA GLU A 22 -13.15 8.04 -18.37
C GLU A 22 -12.25 7.31 -19.37
N HIS A 23 -11.53 8.08 -20.17
CA HIS A 23 -10.64 7.49 -21.17
C HIS A 23 -9.16 7.57 -20.80
N GLY A 24 -8.84 8.41 -19.83
CA GLY A 24 -7.46 8.56 -19.40
C GLY A 24 -6.57 9.23 -20.43
N ASP A 25 -6.74 10.52 -20.64
CA ASP A 25 -5.92 11.24 -21.61
C ASP A 25 -5.10 12.36 -20.97
N THR A 26 -3.79 12.16 -20.98
CA THR A 26 -2.86 13.14 -20.40
C THR A 26 -2.62 14.40 -21.28
N ASN A 27 -2.54 14.23 -22.60
CA ASN A 27 -2.28 15.35 -23.53
C ASN A 27 -3.44 16.33 -23.54
N GLU A 28 -4.62 15.79 -23.34
CA GLU A 28 -5.85 16.58 -23.30
C GLU A 28 -5.75 17.58 -22.14
N VAL A 29 -5.27 17.08 -21.01
CA VAL A 29 -5.11 17.91 -19.82
C VAL A 29 -4.13 19.06 -20.08
N ALA A 30 -2.98 18.72 -20.66
CA ALA A 30 -1.94 19.73 -20.96
C ALA A 30 -2.49 20.87 -21.83
N GLU A 31 -3.08 20.51 -22.97
CA GLU A 31 -3.67 21.49 -23.87
C GLU A 31 -4.64 22.42 -23.15
N MET A 32 -5.46 21.85 -22.28
CA MET A 32 -6.44 22.64 -21.53
C MET A 32 -5.79 23.49 -20.44
N LEU A 33 -4.67 23.02 -19.90
CA LEU A 33 -3.96 23.76 -18.87
C LEU A 33 -3.31 25.04 -19.41
N ARG A 34 -2.61 24.93 -20.54
CA ARG A 34 -1.98 26.11 -21.16
C ARG A 34 -3.06 27.11 -21.54
N ASP A 35 -4.24 26.57 -21.80
CA ASP A 35 -5.40 27.37 -22.17
C ASP A 35 -5.75 28.32 -21.04
N LEU A 36 -5.82 27.78 -19.84
CA LEU A 36 -6.14 28.55 -18.64
C LEU A 36 -5.00 29.49 -18.26
N ASN A 37 -3.77 28.99 -18.40
CA ASN A 37 -2.55 29.74 -18.06
C ASN A 37 -2.57 30.22 -16.61
N LEU A 38 -2.15 29.35 -15.71
CA LEU A 38 -2.11 29.68 -14.30
C LEU A 38 -0.68 29.56 -13.77
N GLY A 39 -0.33 30.43 -12.83
CA GLY A 39 1.01 30.40 -12.26
C GLY A 39 1.12 29.40 -11.13
N GLU A 40 0.92 29.86 -9.90
CA GLU A 40 1.00 28.99 -8.74
C GLU A 40 -0.27 28.16 -8.63
N MET A 41 -1.36 28.68 -9.19
CA MET A 41 -2.65 27.99 -9.16
C MET A 41 -2.58 26.71 -10.00
N LYS A 42 -1.52 26.60 -10.79
CA LYS A 42 -1.30 25.46 -11.64
C LYS A 42 -1.13 24.20 -10.79
N SER A 43 -0.58 24.37 -9.58
CA SER A 43 -0.40 23.27 -8.65
C SER A 43 -1.73 22.80 -8.09
N GLY A 44 -2.78 23.60 -8.30
CA GLY A 44 -4.10 23.26 -7.83
C GLY A 44 -4.66 22.03 -8.53
N VAL A 45 -4.58 22.05 -9.87
CA VAL A 45 -5.07 20.94 -10.70
C VAL A 45 -4.70 19.54 -10.16
N PRO A 46 -3.39 19.22 -10.00
CA PRO A 46 -2.96 17.91 -9.49
C PRO A 46 -3.46 17.63 -8.08
N VAL A 47 -3.69 18.67 -7.30
CA VAL A 47 -4.16 18.50 -5.93
C VAL A 47 -5.61 18.00 -5.96
N LEU A 48 -6.41 18.59 -6.85
CA LEU A 48 -7.80 18.21 -7.01
C LEU A 48 -7.88 16.81 -7.62
N ALA A 49 -7.21 16.62 -8.75
CA ALA A 49 -7.16 15.32 -9.43
C ALA A 49 -6.84 14.16 -8.47
N VAL A 50 -6.08 14.47 -7.43
CA VAL A 50 -5.71 13.44 -6.48
C VAL A 50 -6.82 13.26 -5.45
N SER A 51 -7.37 14.39 -5.00
CA SER A 51 -8.40 14.40 -3.98
C SER A 51 -9.73 13.89 -4.50
N LEU A 52 -9.95 14.02 -5.79
CA LEU A 52 -11.19 13.60 -6.38
C LEU A 52 -11.20 12.07 -6.55
N ALA A 53 -10.01 11.47 -6.46
CA ALA A 53 -9.89 10.02 -6.68
C ALA A 53 -10.06 9.23 -5.37
N LEU A 54 -9.93 9.93 -4.25
CA LEU A 54 -9.98 9.27 -2.92
C LEU A 54 -11.31 8.60 -2.63
N GLU A 55 -12.39 9.33 -2.82
CA GLU A 55 -13.73 8.83 -2.53
C GLU A 55 -14.35 8.19 -3.76
N GLY A 56 -13.53 7.56 -4.58
CA GLY A 56 -14.03 6.91 -5.77
C GLY A 56 -13.78 5.41 -5.76
N LYS A 57 -12.96 4.95 -6.69
CA LYS A 57 -12.65 3.53 -6.82
C LYS A 57 -11.14 3.34 -6.87
N ALA A 58 -10.67 2.19 -6.40
CA ALA A 58 -9.24 1.88 -6.38
C ALA A 58 -8.59 2.01 -7.76
N SER A 59 -9.28 1.56 -8.79
CA SER A 59 -8.76 1.61 -10.16
C SER A 59 -8.54 3.04 -10.60
N HIS A 60 -9.34 3.95 -10.06
CA HIS A 60 -9.21 5.32 -10.43
C HIS A 60 -7.99 5.96 -9.77
N ARG A 61 -7.48 5.36 -8.68
CA ARG A 61 -6.33 5.90 -7.98
C ARG A 61 -5.01 5.49 -8.69
N GLU A 62 -5.09 4.46 -9.56
CA GLU A 62 -3.90 3.92 -10.24
C GLU A 62 -3.57 4.77 -11.48
N MET A 63 -4.63 5.13 -12.21
CA MET A 63 -4.57 5.93 -13.44
C MET A 63 -4.12 7.35 -13.12
N THR A 64 -4.19 7.70 -11.87
CA THR A 64 -3.84 9.02 -11.41
C THR A 64 -2.32 9.19 -11.33
N SER A 65 -1.56 8.06 -11.40
CA SER A 65 -0.13 8.14 -11.17
C SER A 65 0.58 8.66 -12.44
N LYS A 66 0.20 8.12 -13.62
CA LYS A 66 0.81 8.54 -14.92
C LYS A 66 0.49 9.99 -15.22
N LEU A 67 -0.61 10.46 -14.67
CA LEU A 67 -1.07 11.83 -14.86
C LEU A 67 0.00 12.80 -14.43
N LEU A 68 0.53 12.59 -13.23
CA LEU A 68 1.57 13.45 -12.68
C LEU A 68 2.83 13.43 -13.55
N SER A 69 3.42 12.26 -13.73
CA SER A 69 4.61 12.10 -14.55
C SER A 69 4.43 12.68 -15.96
N ASP A 70 3.20 12.66 -16.45
CA ASP A 70 2.91 13.19 -17.77
C ASP A 70 2.86 14.71 -17.72
N LEU A 71 2.16 15.22 -16.70
CA LEU A 71 1.99 16.66 -16.49
C LEU A 71 3.28 17.38 -16.19
N CYS A 72 4.19 16.75 -15.46
CA CYS A 72 5.46 17.39 -15.14
C CYS A 72 6.37 17.37 -16.35
N GLY A 73 6.99 18.51 -16.63
CA GLY A 73 7.86 18.62 -17.77
C GLY A 73 7.16 19.24 -18.95
N THR A 74 5.90 18.87 -19.14
CA THR A 74 5.11 19.40 -20.23
C THR A 74 4.51 20.76 -19.87
N VAL A 75 3.71 20.78 -18.81
CA VAL A 75 3.06 22.01 -18.36
C VAL A 75 3.37 22.30 -16.90
N MET A 76 4.08 21.40 -16.24
CA MET A 76 4.41 21.58 -14.84
C MET A 76 5.90 21.36 -14.60
N SER A 77 6.32 21.60 -13.37
CA SER A 77 7.71 21.44 -12.98
C SER A 77 7.78 20.66 -11.66
N THR A 78 8.92 20.03 -11.40
CA THR A 78 9.13 19.27 -10.17
C THR A 78 8.62 20.02 -8.93
N THR A 79 9.01 21.29 -8.78
CA THR A 79 8.57 22.08 -7.64
C THR A 79 7.06 22.23 -7.63
N ASP A 80 6.47 22.30 -8.81
CA ASP A 80 5.02 22.44 -8.96
C ASP A 80 4.35 21.19 -8.40
N VAL A 81 5.02 20.05 -8.60
CA VAL A 81 4.51 18.78 -8.11
C VAL A 81 4.65 18.72 -6.58
N GLU A 82 5.82 19.10 -6.08
CA GLU A 82 6.07 19.10 -4.64
C GLU A 82 5.09 20.02 -3.91
N LYS A 83 4.81 21.18 -4.50
CA LYS A 83 3.88 22.14 -3.92
C LYS A 83 2.48 21.52 -3.79
N SER A 84 2.18 20.61 -4.69
CA SER A 84 0.89 19.94 -4.70
C SER A 84 0.75 18.99 -3.51
N PHE A 85 1.78 18.19 -3.27
CA PHE A 85 1.76 17.24 -2.16
C PHE A 85 1.62 17.96 -0.81
N ASP A 86 2.27 19.11 -0.69
CA ASP A 86 2.19 19.90 0.53
C ASP A 86 0.74 20.29 0.77
N LYS A 87 0.13 20.86 -0.27
CA LYS A 87 -1.26 21.28 -0.22
C LYS A 87 -2.18 20.09 0.08
N LEU A 88 -1.82 18.94 -0.48
CA LEU A 88 -2.60 17.72 -0.29
C LEU A 88 -2.65 17.35 1.19
N LEU A 89 -1.47 17.14 1.78
CA LEU A 89 -1.35 16.81 3.20
C LEU A 89 -2.12 17.79 4.09
N LYS A 90 -2.20 19.05 3.68
CA LYS A 90 -2.92 20.05 4.45
C LYS A 90 -4.43 19.87 4.37
N ASP A 91 -4.91 19.34 3.25
CA ASP A 91 -6.35 19.13 3.04
C ASP A 91 -6.82 17.83 3.68
N LEU A 92 -5.94 16.82 3.63
CA LEU A 92 -6.20 15.49 4.20
C LEU A 92 -7.05 15.48 5.47
N PRO A 93 -6.72 16.29 6.51
CA PRO A 93 -7.49 16.34 7.75
C PRO A 93 -9.02 16.31 7.57
N GLU A 94 -9.54 17.01 6.55
CA GLU A 94 -10.99 17.01 6.34
C GLU A 94 -11.47 15.78 5.56
N LEU A 95 -10.93 15.59 4.35
CA LEU A 95 -11.26 14.42 3.52
C LEU A 95 -11.17 13.08 4.24
N ALA A 96 -10.28 13.00 5.21
CA ALA A 96 -10.09 11.78 5.97
C ALA A 96 -11.36 11.36 6.72
N LEU A 97 -12.26 12.32 6.97
CA LEU A 97 -13.49 12.02 7.71
C LEU A 97 -14.46 11.15 6.94
N ASP A 98 -14.82 11.54 5.72
CA ASP A 98 -15.76 10.76 4.92
C ASP A 98 -15.04 9.65 4.16
N THR A 99 -13.77 9.47 4.46
CA THR A 99 -12.98 8.45 3.80
C THR A 99 -11.87 7.95 4.74
N PRO A 100 -12.17 6.94 5.58
CA PRO A 100 -11.19 6.37 6.51
C PRO A 100 -9.95 5.83 5.79
N ARG A 101 -10.16 5.37 4.56
CA ARG A 101 -9.06 4.82 3.75
C ARG A 101 -8.27 5.92 3.04
N ALA A 102 -8.78 7.16 3.09
CA ALA A 102 -8.11 8.27 2.39
C ALA A 102 -6.67 8.51 2.88
N PRO A 103 -6.46 8.78 4.20
CA PRO A 103 -5.11 9.04 4.74
C PRO A 103 -4.21 7.81 4.62
N GLN A 104 -4.84 6.66 4.46
CA GLN A 104 -4.14 5.40 4.34
C GLN A 104 -3.60 5.23 2.91
N LEU A 105 -4.43 5.55 1.93
CA LEU A 105 -4.07 5.43 0.52
C LEU A 105 -3.10 6.51 0.08
N VAL A 106 -3.17 7.68 0.73
CA VAL A 106 -2.30 8.81 0.41
C VAL A 106 -0.83 8.39 0.33
N GLY A 107 -0.39 7.56 1.26
CA GLY A 107 0.99 7.09 1.25
C GLY A 107 1.39 6.47 -0.07
N GLN A 108 0.50 5.70 -0.68
CA GLN A 108 0.76 5.05 -1.97
C GLN A 108 0.97 6.09 -3.05
N PHE A 109 0.31 7.24 -2.89
CA PHE A 109 0.42 8.31 -3.86
C PHE A 109 1.80 8.95 -3.81
N ILE A 110 2.26 9.31 -2.60
CA ILE A 110 3.57 9.93 -2.44
C ILE A 110 4.67 8.96 -2.86
N ALA A 111 4.59 7.74 -2.34
CA ALA A 111 5.56 6.69 -2.66
C ALA A 111 5.74 6.51 -4.17
N ARG A 112 4.63 6.47 -4.88
CA ARG A 112 4.67 6.30 -6.33
C ARG A 112 5.31 7.51 -7.01
N ALA A 113 4.99 8.70 -6.50
CA ALA A 113 5.54 9.93 -7.05
C ALA A 113 7.06 9.94 -6.91
N VAL A 114 7.54 9.51 -5.75
CA VAL A 114 8.97 9.46 -5.48
C VAL A 114 9.63 8.49 -6.44
N GLY A 115 9.09 7.26 -6.45
CA GLY A 115 9.60 6.22 -7.32
C GLY A 115 9.76 6.64 -8.78
N ASP A 116 8.85 7.45 -9.29
CA ASP A 116 8.96 7.90 -10.68
C ASP A 116 10.02 8.99 -10.87
N GLY A 117 10.32 9.72 -9.80
CA GLY A 117 11.32 10.78 -9.89
C GLY A 117 10.75 12.14 -9.57
N ILE A 118 9.60 12.45 -10.17
CA ILE A 118 8.87 13.71 -9.96
C ILE A 118 8.81 14.20 -8.49
N LEU A 119 9.14 13.35 -7.54
CA LEU A 119 9.14 13.73 -6.13
C LEU A 119 10.39 13.17 -5.46
N CYS A 120 11.02 13.97 -4.60
CA CYS A 120 12.23 13.54 -3.91
C CYS A 120 11.95 12.56 -2.78
N ASN A 121 12.90 11.66 -2.52
CA ASN A 121 12.75 10.67 -1.46
C ASN A 121 12.91 11.33 -0.09
N THR A 122 13.68 12.41 -0.05
CA THR A 122 13.92 13.14 1.18
C THR A 122 12.69 13.91 1.62
N TYR A 123 11.61 13.81 0.85
CA TYR A 123 10.38 14.51 1.16
C TYR A 123 9.77 13.99 2.46
N ILE A 124 9.76 12.68 2.62
CA ILE A 124 9.21 12.06 3.82
C ILE A 124 10.08 12.37 5.03
N ASP A 125 11.39 12.37 4.83
CA ASP A 125 12.34 12.65 5.90
C ASP A 125 12.17 14.07 6.43
N SER A 126 11.77 14.97 5.55
CA SER A 126 11.53 16.35 5.91
C SER A 126 10.33 16.49 6.86
N TYR A 127 9.41 15.53 6.79
CA TYR A 127 8.22 15.55 7.65
C TYR A 127 8.34 14.43 8.71
N LYS A 128 9.59 13.97 8.88
CA LYS A 128 9.95 12.90 9.82
C LYS A 128 9.98 13.21 11.33
N GLY A 129 8.92 13.78 11.84
CA GLY A 129 8.88 14.13 13.24
C GLY A 129 8.67 15.60 13.35
N THR A 130 8.32 16.15 12.20
CA THR A 130 8.06 17.55 12.05
C THR A 130 6.62 17.73 11.55
N VAL A 131 5.73 16.87 12.03
CA VAL A 131 4.31 16.92 11.67
C VAL A 131 3.43 16.78 12.91
N ASP A 132 2.45 17.64 13.03
CA ASP A 132 1.54 17.62 14.17
C ASP A 132 0.30 16.75 13.91
N CYS A 133 -0.25 16.84 12.70
CA CYS A 133 -1.44 16.09 12.34
C CYS A 133 -1.17 14.60 12.19
N VAL A 134 -1.99 13.78 12.84
CA VAL A 134 -1.84 12.33 12.77
C VAL A 134 -2.14 11.80 11.36
N GLN A 135 -3.27 12.22 10.79
CA GLN A 135 -3.66 11.82 9.44
C GLN A 135 -2.51 12.03 8.45
N ALA A 136 -1.87 13.18 8.54
CA ALA A 136 -0.74 13.51 7.67
C ALA A 136 0.43 12.57 7.97
N ARG A 137 0.60 12.25 9.25
CA ARG A 137 1.68 11.36 9.68
C ARG A 137 1.49 9.96 9.11
N ALA A 138 0.29 9.40 9.23
CA ALA A 138 0.01 8.06 8.72
C ALA A 138 0.37 7.92 7.25
N ALA A 139 0.15 8.97 6.47
CA ALA A 139 0.47 8.95 5.05
C ALA A 139 1.97 8.75 4.85
N LEU A 140 2.76 9.39 5.71
CA LEU A 140 4.21 9.29 5.65
C LEU A 140 4.68 7.94 6.18
N ASP A 141 3.95 7.42 7.16
CA ASP A 141 4.28 6.13 7.76
C ASP A 141 3.93 4.99 6.82
N LYS A 142 3.06 5.32 5.87
CA LYS A 142 2.62 4.37 4.86
C LYS A 142 3.65 4.27 3.72
N ALA A 143 3.93 5.42 3.10
CA ALA A 143 4.86 5.51 1.96
C ALA A 143 6.24 4.97 2.30
N THR A 144 6.62 5.12 3.54
CA THR A 144 7.90 4.64 4.02
C THR A 144 8.07 3.16 3.71
N VAL A 145 7.09 2.34 4.11
CA VAL A 145 7.15 0.91 3.84
C VAL A 145 6.79 0.57 2.40
N LEU A 146 5.82 1.28 1.83
CA LEU A 146 5.37 1.02 0.46
C LEU A 146 6.50 1.03 -0.56
N LEU A 147 7.45 1.95 -0.38
CA LEU A 147 8.59 2.05 -1.27
C LEU A 147 9.43 0.77 -1.24
N SER A 148 9.55 0.18 -0.06
CA SER A 148 10.34 -1.04 0.11
C SER A 148 9.60 -2.25 -0.46
N MET A 149 8.31 -2.33 -0.17
CA MET A 149 7.48 -3.44 -0.63
C MET A 149 7.25 -3.43 -2.14
N SER A 150 7.25 -2.25 -2.73
CA SER A 150 7.05 -2.14 -4.18
C SER A 150 8.19 -2.81 -4.95
N LYS A 151 9.33 -3.00 -4.28
CA LYS A 151 10.48 -3.64 -4.89
C LYS A 151 10.44 -5.16 -4.66
N GLY A 152 9.54 -5.60 -3.81
CA GLY A 152 9.42 -7.02 -3.53
C GLY A 152 8.42 -7.70 -4.45
N GLY A 153 7.40 -6.95 -4.84
CA GLY A 153 6.37 -7.49 -5.71
C GLY A 153 6.83 -7.65 -7.15
N LYS A 154 7.96 -7.03 -7.49
CA LYS A 154 8.50 -7.11 -8.85
C LYS A 154 9.08 -8.48 -9.17
N ARG A 155 9.10 -9.36 -8.18
CA ARG A 155 9.62 -10.71 -8.36
C ARG A 155 8.66 -11.55 -9.22
N LYS A 156 7.42 -11.13 -9.31
CA LYS A 156 6.42 -11.84 -10.10
C LYS A 156 6.20 -11.18 -11.45
N ASP A 157 7.23 -10.48 -11.93
CA ASP A 157 7.16 -9.80 -13.22
C ASP A 157 7.53 -10.76 -14.34
N SER A 158 7.53 -12.04 -14.02
CA SER A 158 7.87 -13.09 -14.98
C SER A 158 6.70 -13.36 -15.93
N VAL A 159 5.48 -13.11 -15.45
CA VAL A 159 4.29 -13.32 -16.24
C VAL A 159 4.17 -12.29 -17.36
N TRP A 160 3.55 -12.69 -18.46
CA TRP A 160 3.38 -11.80 -19.59
C TRP A 160 2.11 -10.99 -19.44
N GLY A 161 2.27 -9.74 -19.02
CA GLY A 161 1.12 -8.87 -18.82
C GLY A 161 0.70 -8.18 -20.09
N SER A 162 -0.58 -7.81 -20.16
CA SER A 162 -1.13 -7.13 -21.33
C SER A 162 -0.86 -5.63 -21.26
N GLY A 163 0.36 -5.24 -21.62
CA GLY A 163 0.73 -3.84 -21.61
C GLY A 163 0.23 -3.11 -22.84
N GLY B 1 -2.43 -1.34 -22.76
CA GLY B 1 -2.67 0.09 -23.04
C GLY B 1 -2.32 0.96 -21.85
N GLY B 2 -2.65 2.24 -21.92
CA GLY B 2 -2.36 3.15 -20.83
C GLY B 2 -3.45 3.15 -19.77
N GLN B 3 -4.45 2.30 -19.96
CA GLN B 3 -5.57 2.20 -19.03
C GLN B 3 -5.14 1.48 -17.74
N GLN B 4 -4.00 0.79 -17.81
CA GLN B 4 -3.44 0.05 -16.66
C GLN B 4 -4.21 -1.24 -16.38
N PRO B 5 -3.53 -2.40 -16.50
CA PRO B 5 -4.14 -3.70 -16.24
C PRO B 5 -4.47 -3.87 -14.76
N VAL B 6 -5.41 -4.76 -14.46
CA VAL B 6 -5.81 -5.00 -13.08
C VAL B 6 -4.65 -5.50 -12.23
N ASN B 7 -4.44 -4.84 -11.10
CA ASN B 7 -3.36 -5.20 -10.19
C ASN B 7 -3.78 -6.37 -9.32
N HIS B 8 -3.11 -7.51 -9.47
CA HIS B 8 -3.40 -8.68 -8.68
C HIS B 8 -2.12 -9.40 -8.26
N LEU B 9 -2.12 -9.92 -7.03
CA LEU B 9 -0.98 -10.65 -6.44
C LEU B 9 0.08 -9.65 -5.96
N VAL B 10 0.46 -8.73 -6.81
CA VAL B 10 1.43 -7.70 -6.46
C VAL B 10 0.71 -6.63 -5.64
N LYS B 11 1.42 -6.07 -4.67
CA LYS B 11 0.89 -5.03 -3.78
C LYS B 11 -0.11 -5.61 -2.76
N GLU B 12 -0.32 -6.91 -2.79
CA GLU B 12 -1.29 -7.54 -1.87
C GLU B 12 -0.65 -8.16 -0.63
N ILE B 13 -0.39 -9.46 -0.70
CA ILE B 13 0.16 -10.22 0.43
C ILE B 13 1.41 -9.57 1.04
N ASP B 14 2.37 -9.25 0.20
CA ASP B 14 3.62 -8.64 0.66
C ASP B 14 3.38 -7.32 1.41
N MET B 15 2.63 -6.42 0.79
CA MET B 15 2.37 -5.10 1.38
C MET B 15 1.57 -5.18 2.65
N LEU B 16 0.56 -6.03 2.66
CA LEU B 16 -0.25 -6.14 3.84
C LEU B 16 0.58 -6.63 5.02
N LEU B 17 1.58 -7.49 4.74
CA LEU B 17 2.47 -7.99 5.77
C LEU B 17 3.63 -7.05 6.22
N LYS B 18 4.47 -6.57 5.29
CA LYS B 18 5.65 -5.75 5.65
C LYS B 18 5.30 -4.38 6.24
N GLU B 19 4.25 -3.76 5.73
CA GLU B 19 3.83 -2.45 6.21
C GLU B 19 3.43 -2.54 7.67
N TYR B 20 2.80 -3.65 8.01
CA TYR B 20 2.36 -3.91 9.36
C TYR B 20 3.55 -4.00 10.30
N LEU B 21 4.63 -4.59 9.80
CA LEU B 21 5.86 -4.76 10.56
C LEU B 21 6.51 -3.43 10.91
N LEU B 22 6.40 -2.45 10.01
CA LEU B 22 7.00 -1.14 10.25
C LEU B 22 6.03 -0.18 10.94
N SER B 23 4.81 -0.11 10.44
CA SER B 23 3.80 0.78 11.02
C SER B 23 3.46 0.39 12.46
N GLY B 24 3.12 -0.88 12.68
CA GLY B 24 2.80 -1.33 14.01
C GLY B 24 1.33 -1.71 14.19
N ASP B 25 0.44 -0.93 13.59
CA ASP B 25 -1.00 -1.18 13.73
C ASP B 25 -1.56 -2.00 12.56
N ILE B 26 -2.47 -2.93 12.87
CA ILE B 26 -3.09 -3.77 11.87
C ILE B 26 -4.26 -3.07 11.14
N SER B 27 -4.88 -2.07 11.80
CA SER B 27 -6.08 -1.37 11.28
C SER B 27 -6.05 -1.08 9.78
N GLU B 28 -4.89 -0.67 9.29
CA GLU B 28 -4.73 -0.37 7.89
C GLU B 28 -4.77 -1.64 7.05
N ALA B 29 -4.00 -2.64 7.47
CA ALA B 29 -3.93 -3.92 6.77
C ALA B 29 -5.31 -4.57 6.71
N GLU B 30 -6.07 -4.44 7.79
CA GLU B 30 -7.40 -5.01 7.86
C GLU B 30 -8.37 -4.27 6.94
N HIS B 31 -8.19 -2.95 6.86
CA HIS B 31 -9.04 -2.14 5.99
C HIS B 31 -8.78 -2.48 4.53
N CYS B 32 -7.51 -2.64 4.19
CA CYS B 32 -7.12 -2.99 2.81
C CYS B 32 -7.56 -4.42 2.46
N LEU B 33 -7.56 -5.30 3.46
CA LEU B 33 -7.98 -6.69 3.27
C LEU B 33 -9.45 -6.74 2.83
N LYS B 34 -10.21 -5.75 3.28
CA LYS B 34 -11.62 -5.62 2.94
C LYS B 34 -11.84 -5.36 1.44
N GLU B 35 -10.79 -4.86 0.79
CA GLU B 35 -10.81 -4.53 -0.64
C GLU B 35 -10.74 -5.81 -1.53
N LEU B 36 -10.81 -7.01 -0.92
CA LEU B 36 -10.65 -8.25 -1.71
C LEU B 36 -11.99 -8.89 -2.11
N GLU B 37 -11.91 -10.08 -2.71
CA GLU B 37 -13.09 -10.84 -3.16
C GLU B 37 -12.88 -12.34 -2.89
N VAL B 38 -11.67 -12.82 -3.20
CA VAL B 38 -11.33 -14.23 -2.99
C VAL B 38 -10.75 -14.49 -1.60
N PRO B 39 -11.49 -15.24 -0.76
CA PRO B 39 -11.06 -15.57 0.59
C PRO B 39 -10.14 -16.78 0.63
N HIS B 40 -10.29 -17.69 -0.33
CA HIS B 40 -9.49 -18.91 -0.41
C HIS B 40 -8.02 -18.62 -0.68
N PHE B 41 -7.76 -17.48 -1.29
CA PHE B 41 -6.38 -17.09 -1.62
C PHE B 41 -5.68 -16.45 -0.43
N HIS B 42 -6.35 -16.43 0.73
CA HIS B 42 -5.79 -15.85 1.93
C HIS B 42 -4.65 -16.70 2.49
N HIS B 43 -4.53 -17.93 1.99
CA HIS B 43 -3.48 -18.84 2.43
C HIS B 43 -2.08 -18.27 2.14
N GLU B 44 -2.01 -17.47 1.09
CA GLU B 44 -0.75 -16.82 0.70
C GLU B 44 -0.30 -15.84 1.78
N LEU B 45 -1.26 -15.16 2.40
CA LEU B 45 -0.98 -14.20 3.47
C LEU B 45 -0.45 -14.91 4.71
N VAL B 46 -0.88 -16.16 4.85
CA VAL B 46 -0.47 -16.99 5.99
C VAL B 46 0.97 -17.47 5.76
N TYR B 47 1.20 -18.07 4.60
CA TYR B 47 2.51 -18.58 4.21
C TYR B 47 3.61 -17.53 4.38
N GLU B 48 3.43 -16.39 3.72
CA GLU B 48 4.41 -15.30 3.77
C GLU B 48 4.68 -14.85 5.22
N ALA B 49 3.62 -14.70 5.99
CA ALA B 49 3.75 -14.28 7.39
C ALA B 49 4.66 -15.21 8.19
N ILE B 50 4.53 -16.51 7.98
CA ILE B 50 5.36 -17.47 8.71
C ILE B 50 6.80 -17.42 8.21
N VAL B 51 6.98 -17.36 6.89
CA VAL B 51 8.31 -17.28 6.29
C VAL B 51 9.11 -16.12 6.87
N MET B 52 8.45 -14.96 6.99
CA MET B 52 9.09 -13.77 7.53
C MET B 52 9.66 -14.05 8.92
N VAL B 53 8.81 -14.54 9.81
CA VAL B 53 9.21 -14.87 11.18
C VAL B 53 10.51 -15.70 11.20
N LEU B 54 10.64 -16.61 10.25
CA LEU B 54 11.83 -17.45 10.18
C LEU B 54 13.01 -16.74 9.51
N GLU B 55 12.71 -15.79 8.63
CA GLU B 55 13.74 -15.06 7.90
C GLU B 55 14.06 -13.72 8.56
N SER B 56 13.54 -13.51 9.77
CA SER B 56 13.77 -12.26 10.48
C SER B 56 14.47 -12.55 11.80
N THR B 57 15.28 -11.60 12.23
CA THR B 57 16.03 -11.75 13.47
C THR B 57 15.53 -10.77 14.52
N GLY B 58 15.23 -11.30 15.71
CA GLY B 58 14.74 -10.47 16.78
C GLY B 58 13.37 -10.93 17.23
N GLU B 59 13.08 -10.79 18.52
CA GLU B 59 11.80 -11.20 19.06
C GLU B 59 10.68 -10.28 18.59
N SER B 60 11.04 -9.06 18.21
CA SER B 60 10.10 -8.06 17.74
C SER B 60 9.29 -8.62 16.58
N ALA B 61 9.98 -9.28 15.65
CA ALA B 61 9.33 -9.87 14.49
C ALA B 61 8.27 -10.89 14.90
N PHE B 62 8.68 -11.87 15.69
CA PHE B 62 7.77 -12.93 16.16
C PHE B 62 6.52 -12.35 16.83
N LYS B 63 6.72 -11.64 17.93
CA LYS B 63 5.61 -11.05 18.68
C LYS B 63 4.71 -10.15 17.83
N MET B 64 5.29 -9.50 16.83
CA MET B 64 4.54 -8.61 15.97
C MET B 64 3.74 -9.38 14.92
N ILE B 65 4.40 -10.31 14.24
CA ILE B 65 3.76 -11.08 13.19
C ILE B 65 2.68 -12.03 13.69
N LEU B 66 2.99 -12.84 14.70
CA LEU B 66 2.03 -13.79 15.26
C LEU B 66 0.71 -13.14 15.66
N ASP B 67 0.79 -11.89 16.13
CA ASP B 67 -0.38 -11.16 16.55
C ASP B 67 -1.34 -10.89 15.40
N LEU B 68 -0.80 -10.83 14.18
CA LEU B 68 -1.61 -10.56 13.00
C LEU B 68 -2.57 -11.71 12.74
N LEU B 69 -2.15 -12.92 13.05
CA LEU B 69 -2.96 -14.10 12.83
C LEU B 69 -4.09 -14.17 13.86
N LYS B 70 -3.72 -14.15 15.14
CA LYS B 70 -4.70 -14.20 16.23
C LYS B 70 -5.72 -13.07 16.13
N SER B 71 -5.27 -11.94 15.60
CA SER B 71 -6.14 -10.78 15.45
C SER B 71 -7.15 -11.03 14.32
N LEU B 72 -6.68 -11.59 13.22
CA LEU B 72 -7.55 -11.89 12.09
C LEU B 72 -8.53 -13.02 12.41
N TRP B 73 -8.11 -13.95 13.27
CA TRP B 73 -8.96 -15.08 13.64
C TRP B 73 -10.20 -14.65 14.44
N LYS B 74 -9.99 -13.93 15.55
CA LYS B 74 -11.11 -13.44 16.36
C LYS B 74 -12.13 -12.65 15.52
N SER B 75 -11.63 -12.08 14.43
CA SER B 75 -12.41 -11.31 13.50
C SER B 75 -12.69 -12.12 12.21
N SER B 76 -12.71 -13.45 12.38
CA SER B 76 -12.89 -14.43 11.29
C SER B 76 -12.47 -13.99 9.89
N THR B 77 -11.24 -13.55 9.71
CA THR B 77 -10.78 -13.15 8.39
C THR B 77 -9.87 -14.21 7.76
N ILE B 78 -9.75 -15.34 8.44
CA ILE B 78 -8.93 -16.46 7.97
C ILE B 78 -9.63 -17.78 8.27
N THR B 79 -9.55 -18.74 7.36
CA THR B 79 -10.18 -20.03 7.59
C THR B 79 -9.12 -21.11 7.85
N ILE B 80 -9.48 -22.08 8.67
CA ILE B 80 -8.56 -23.18 9.03
C ILE B 80 -7.92 -23.85 7.81
N ASP B 81 -8.67 -24.02 6.73
CA ASP B 81 -8.14 -24.66 5.51
C ASP B 81 -6.98 -23.85 4.97
N GLN B 82 -7.08 -22.54 5.07
CA GLN B 82 -6.04 -21.64 4.58
C GLN B 82 -4.79 -21.78 5.43
N MET B 83 -4.97 -21.79 6.74
CA MET B 83 -3.86 -21.93 7.68
C MET B 83 -3.19 -23.30 7.50
N LYS B 84 -3.99 -24.31 7.20
CA LYS B 84 -3.47 -25.66 6.98
C LYS B 84 -2.59 -25.65 5.74
N ARG B 85 -3.12 -25.07 4.68
CA ARG B 85 -2.38 -24.97 3.43
C ARG B 85 -1.13 -24.13 3.60
N GLY B 86 -1.12 -23.26 4.60
CA GLY B 86 0.06 -22.45 4.87
C GLY B 86 1.11 -23.23 5.64
N TYR B 87 0.70 -23.80 6.77
CA TYR B 87 1.59 -24.56 7.65
C TYR B 87 2.21 -25.77 6.97
N GLU B 88 1.38 -26.52 6.27
CA GLU B 88 1.84 -27.71 5.56
C GLU B 88 2.85 -27.32 4.49
N ARG B 89 2.69 -26.12 3.95
CA ARG B 89 3.59 -25.60 2.94
C ARG B 89 4.93 -25.25 3.56
N ILE B 90 4.88 -24.60 4.73
CA ILE B 90 6.09 -24.23 5.45
C ILE B 90 6.91 -25.47 5.79
N TYR B 91 6.21 -26.51 6.25
CA TYR B 91 6.85 -27.78 6.59
C TYR B 91 7.63 -28.33 5.40
N ASN B 92 7.18 -27.98 4.20
CA ASN B 92 7.82 -28.43 2.97
C ASN B 92 8.99 -27.51 2.59
N GLU B 93 8.89 -26.23 2.95
CA GLU B 93 9.93 -25.25 2.64
C GLU B 93 11.10 -25.33 3.62
N ILE B 94 10.82 -25.83 4.83
CA ILE B 94 11.85 -25.94 5.88
C ILE B 94 13.16 -26.62 5.41
N PRO B 95 13.10 -27.83 4.81
CA PRO B 95 14.30 -28.52 4.34
C PRO B 95 15.17 -27.68 3.41
N ASP B 96 14.53 -26.86 2.58
CA ASP B 96 15.27 -26.01 1.64
C ASP B 96 15.90 -24.82 2.32
N ILE B 97 15.15 -24.20 3.22
CA ILE B 97 15.62 -23.03 3.96
C ILE B 97 16.71 -23.42 4.96
N ASN B 98 16.59 -24.61 5.53
CA ASN B 98 17.56 -25.08 6.50
C ASN B 98 18.80 -25.64 5.84
N LEU B 99 18.59 -26.55 4.88
CA LEU B 99 19.68 -27.20 4.15
C LEU B 99 20.64 -27.91 5.12
N ASP B 100 20.12 -28.96 5.75
CA ASP B 100 20.86 -29.77 6.73
C ASP B 100 21.04 -29.02 8.05
N VAL B 101 21.20 -29.79 9.12
CA VAL B 101 21.35 -29.24 10.47
C VAL B 101 20.20 -28.28 10.81
N PRO B 102 19.03 -28.85 11.12
CA PRO B 102 17.83 -28.08 11.43
C PRO B 102 17.85 -27.51 12.85
N HIS B 103 18.45 -26.33 13.01
CA HIS B 103 18.54 -25.70 14.31
C HIS B 103 17.37 -24.74 14.53
N SER B 104 16.64 -24.47 13.47
CA SER B 104 15.49 -23.58 13.54
C SER B 104 14.28 -24.28 14.15
N TYR B 105 14.47 -25.53 14.54
CA TYR B 105 13.40 -26.34 15.14
C TYR B 105 12.88 -25.69 16.42
N SER B 106 13.78 -25.04 17.15
CA SER B 106 13.41 -24.37 18.38
C SER B 106 12.35 -23.30 18.13
N VAL B 107 12.54 -22.54 17.06
CA VAL B 107 11.60 -21.48 16.69
C VAL B 107 10.37 -22.08 16.03
N LEU B 108 10.60 -23.01 15.10
CA LEU B 108 9.51 -23.66 14.38
C LEU B 108 8.51 -24.32 15.33
N GLU B 109 9.01 -25.15 16.24
CA GLU B 109 8.13 -25.84 17.19
C GLU B 109 7.45 -24.82 18.11
N ARG B 110 8.23 -23.85 18.58
CA ARG B 110 7.74 -22.78 19.44
C ARG B 110 6.54 -22.10 18.78
N PHE B 111 6.68 -21.78 17.51
CA PHE B 111 5.63 -21.12 16.76
C PHE B 111 4.38 -22.00 16.63
N VAL B 112 4.58 -23.29 16.42
CA VAL B 112 3.45 -24.22 16.27
C VAL B 112 2.74 -24.45 17.59
N GLU B 113 3.50 -24.70 18.65
CA GLU B 113 2.92 -24.94 19.96
C GLU B 113 2.17 -23.70 20.47
N GLU B 114 2.72 -22.52 20.16
CA GLU B 114 2.12 -21.26 20.54
C GLU B 114 0.76 -21.12 19.85
N CYS B 115 0.77 -21.37 18.54
CA CYS B 115 -0.45 -21.30 17.74
C CYS B 115 -1.52 -22.25 18.25
N PHE B 116 -1.15 -23.50 18.57
CA PHE B 116 -2.12 -24.47 19.06
C PHE B 116 -2.76 -24.04 20.38
N GLN B 117 -1.93 -23.61 21.33
CA GLN B 117 -2.42 -23.16 22.63
C GLN B 117 -3.50 -22.08 22.51
N ALA B 118 -3.42 -21.27 21.46
CA ALA B 118 -4.40 -20.22 21.22
C ALA B 118 -5.76 -20.81 20.82
N GLY B 119 -5.75 -22.09 20.47
CA GLY B 119 -6.97 -22.76 20.08
C GLY B 119 -7.42 -22.38 18.68
N ILE B 120 -6.46 -21.94 17.86
CA ILE B 120 -6.77 -21.54 16.50
C ILE B 120 -6.67 -22.71 15.51
N ILE B 121 -5.74 -23.61 15.76
CA ILE B 121 -5.57 -24.77 14.89
C ILE B 121 -6.01 -26.06 15.58
N SER B 122 -5.73 -27.18 14.95
CA SER B 122 -6.11 -28.47 15.47
C SER B 122 -4.88 -29.36 15.64
N LYS B 123 -5.01 -30.39 16.47
CA LYS B 123 -3.91 -31.33 16.71
C LYS B 123 -3.49 -31.99 15.42
N GLN B 124 -4.46 -32.18 14.53
CA GLN B 124 -4.23 -32.79 13.23
C GLN B 124 -3.12 -32.07 12.46
N LEU B 125 -3.16 -30.74 12.47
CA LEU B 125 -2.17 -29.94 11.78
C LEU B 125 -0.81 -30.06 12.46
N ARG B 126 -0.82 -30.02 13.79
CA ARG B 126 0.42 -30.13 14.55
C ARG B 126 1.07 -31.50 14.37
N ASP B 127 0.23 -32.50 14.08
CA ASP B 127 0.71 -33.86 13.86
C ASP B 127 1.64 -33.93 12.65
N LEU B 128 1.47 -32.98 11.72
CA LEU B 128 2.28 -32.94 10.51
C LEU B 128 3.56 -32.12 10.71
N CYS B 129 3.78 -31.65 11.94
CA CYS B 129 4.96 -30.85 12.24
C CYS B 129 6.11 -31.76 12.67
N PRO B 130 7.35 -31.22 12.77
CA PRO B 130 8.51 -32.01 13.19
C PRO B 130 8.52 -32.24 14.70
N SER B 131 7.43 -32.80 15.21
CA SER B 131 7.29 -33.09 16.63
C SER B 131 8.37 -34.06 17.10
N GLY A 1 2.97 30.63 -2.49
CA GLY A 1 2.06 31.74 -2.10
C GLY A 1 0.65 31.25 -1.86
N LEU A 2 -0.32 32.16 -1.99
CA LEU A 2 -1.71 31.82 -1.79
C LEU A 2 -2.49 32.03 -3.08
N PRO A 3 -3.25 31.01 -3.50
CA PRO A 3 -4.04 31.08 -4.73
C PRO A 3 -5.31 31.92 -4.58
N LEU A 4 -5.62 32.70 -5.60
CA LEU A 4 -6.80 33.54 -5.61
C LEU A 4 -7.90 32.88 -6.44
N ASP A 5 -9.16 33.10 -6.04
CA ASP A 5 -10.32 32.53 -6.74
C ASP A 5 -10.34 31.00 -6.66
N GLU A 6 -10.23 30.48 -5.45
CA GLU A 6 -10.21 29.04 -5.23
C GLU A 6 -11.47 28.34 -5.76
N ARG A 7 -12.64 28.79 -5.33
CA ARG A 7 -13.89 28.16 -5.76
C ARG A 7 -14.09 28.21 -7.27
N ALA A 8 -13.71 29.33 -7.87
CA ALA A 8 -13.82 29.51 -9.31
C ALA A 8 -12.96 28.48 -10.02
N PHE A 9 -11.78 28.24 -9.45
CA PHE A 9 -10.84 27.28 -10.00
C PHE A 9 -11.38 25.86 -9.84
N GLU A 10 -11.80 25.52 -8.63
CA GLU A 10 -12.34 24.20 -8.32
C GLU A 10 -13.51 23.85 -9.23
N LYS A 11 -14.47 24.76 -9.31
CA LYS A 11 -15.66 24.59 -10.13
C LYS A 11 -15.30 24.29 -11.59
N THR A 12 -14.32 25.00 -12.10
CA THR A 12 -13.90 24.82 -13.48
C THR A 12 -13.15 23.50 -13.69
N LEU A 13 -12.26 23.17 -12.76
CA LEU A 13 -11.47 21.94 -12.84
C LEU A 13 -12.30 20.68 -12.70
N THR A 14 -13.47 20.80 -12.08
CA THR A 14 -14.35 19.64 -11.86
C THR A 14 -14.68 18.84 -13.15
N PRO A 15 -15.32 19.45 -14.17
CA PRO A 15 -15.66 18.74 -15.42
C PRO A 15 -14.44 18.24 -16.19
N ILE A 16 -13.29 18.89 -15.96
CA ILE A 16 -12.06 18.50 -16.64
C ILE A 16 -11.61 17.13 -16.16
N ILE A 17 -11.49 16.97 -14.85
CA ILE A 17 -11.08 15.71 -14.26
C ILE A 17 -12.10 14.62 -14.55
N GLN A 18 -13.37 15.01 -14.57
CA GLN A 18 -14.46 14.08 -14.89
C GLN A 18 -14.19 13.43 -16.24
N GLU A 19 -14.01 14.27 -17.26
CA GLU A 19 -13.71 13.81 -18.61
C GLU A 19 -12.38 13.07 -18.68
N TYR A 20 -11.47 13.42 -17.78
CA TYR A 20 -10.16 12.79 -17.73
C TYR A 20 -10.31 11.31 -17.39
N PHE A 21 -11.00 11.05 -16.29
CA PHE A 21 -11.21 9.68 -15.83
C PHE A 21 -11.98 8.84 -16.85
N GLU A 22 -12.70 9.47 -17.77
CA GLU A 22 -13.48 8.72 -18.75
C GLU A 22 -12.62 8.02 -19.79
N HIS A 23 -11.88 8.80 -20.56
CA HIS A 23 -11.02 8.24 -21.61
C HIS A 23 -9.54 8.21 -21.26
N GLY A 24 -9.15 8.94 -20.22
CA GLY A 24 -7.77 8.97 -19.82
C GLY A 24 -6.88 9.72 -20.79
N ASP A 25 -7.17 10.99 -21.00
CA ASP A 25 -6.39 11.81 -21.93
C ASP A 25 -5.60 12.89 -21.20
N THR A 26 -4.29 12.74 -21.17
CA THR A 26 -3.43 13.73 -20.53
C THR A 26 -3.25 15.02 -21.33
N ASN A 27 -3.21 14.91 -22.66
CA ASN A 27 -3.00 16.07 -23.54
C ASN A 27 -4.16 17.05 -23.44
N GLU A 28 -5.35 16.51 -23.20
CA GLU A 28 -6.55 17.31 -23.06
C GLU A 28 -6.38 18.26 -21.88
N VAL A 29 -5.87 17.71 -20.78
CA VAL A 29 -5.63 18.47 -19.57
C VAL A 29 -4.62 19.59 -19.83
N ALA A 30 -3.49 19.23 -20.45
CA ALA A 30 -2.44 20.20 -20.76
C ALA A 30 -2.99 21.36 -21.59
N GLU A 31 -3.65 21.02 -22.69
CA GLU A 31 -4.26 22.03 -23.56
C GLU A 31 -5.12 23.01 -22.75
N MET A 32 -5.96 22.47 -21.87
CA MET A 32 -6.83 23.30 -21.04
C MET A 32 -6.04 24.09 -20.00
N LEU A 33 -4.93 23.53 -19.53
CA LEU A 33 -4.10 24.18 -18.52
C LEU A 33 -3.53 25.50 -19.03
N ARG A 34 -2.84 25.45 -20.16
CA ARG A 34 -2.22 26.63 -20.75
C ARG A 34 -3.29 27.65 -21.12
N ASP A 35 -4.47 27.15 -21.44
CA ASP A 35 -5.60 27.99 -21.80
C ASP A 35 -5.95 28.90 -20.63
N LEU A 36 -6.02 28.32 -19.44
CA LEU A 36 -6.32 29.06 -18.23
C LEU A 36 -5.12 29.94 -17.87
N ASN A 37 -3.92 29.35 -18.00
CA ASN A 37 -2.67 30.04 -17.71
C ASN A 37 -2.59 30.54 -16.28
N LEU A 38 -2.08 29.70 -15.39
CA LEU A 38 -1.96 30.05 -13.99
C LEU A 38 -0.59 29.69 -13.46
N GLY A 39 -0.15 30.39 -12.42
CA GLY A 39 1.15 30.12 -11.84
C GLY A 39 1.02 29.22 -10.63
N GLU A 40 0.96 29.82 -9.44
CA GLU A 40 0.83 29.08 -8.21
C GLU A 40 -0.48 28.31 -8.18
N MET A 41 -1.48 28.83 -8.88
CA MET A 41 -2.79 28.21 -8.95
C MET A 41 -2.74 26.89 -9.74
N LYS A 42 -1.73 26.75 -10.60
CA LYS A 42 -1.59 25.55 -11.41
C LYS A 42 -1.30 24.33 -10.55
N SER A 43 -0.68 24.56 -9.39
CA SER A 43 -0.36 23.46 -8.48
C SER A 43 -1.65 22.88 -7.89
N GLY A 44 -2.71 23.66 -7.96
CA GLY A 44 -4.02 23.22 -7.47
C GLY A 44 -4.57 22.03 -8.23
N VAL A 45 -4.43 22.08 -9.57
CA VAL A 45 -4.92 21.01 -10.46
C VAL A 45 -4.65 19.58 -9.94
N PRO A 46 -3.37 19.19 -9.74
CA PRO A 46 -3.04 17.85 -9.25
C PRO A 46 -3.59 17.56 -7.87
N VAL A 47 -3.82 18.62 -7.10
CA VAL A 47 -4.36 18.47 -5.75
C VAL A 47 -5.81 18.01 -5.82
N LEU A 48 -6.58 18.61 -6.73
CA LEU A 48 -7.98 18.25 -6.90
C LEU A 48 -8.08 16.83 -7.46
N ALA A 49 -7.37 16.58 -8.57
CA ALA A 49 -7.34 15.26 -9.20
C ALA A 49 -7.03 14.16 -8.19
N VAL A 50 -6.28 14.53 -7.17
CA VAL A 50 -5.90 13.56 -6.14
C VAL A 50 -7.07 13.36 -5.16
N SER A 51 -7.74 14.47 -4.83
CA SER A 51 -8.86 14.44 -3.88
C SER A 51 -10.04 13.60 -4.36
N LEU A 52 -10.46 13.82 -5.60
CA LEU A 52 -11.58 13.07 -6.16
C LEU A 52 -11.25 11.58 -6.29
N ALA A 53 -10.05 11.31 -6.79
CA ALA A 53 -9.57 9.93 -6.96
C ALA A 53 -9.62 9.13 -5.66
N LEU A 54 -9.61 9.81 -4.53
CA LEU A 54 -9.67 9.14 -3.24
C LEU A 54 -11.07 8.58 -3.00
N GLU A 55 -12.08 9.24 -3.56
CA GLU A 55 -13.46 8.82 -3.40
C GLU A 55 -13.75 7.58 -4.23
N GLY A 56 -13.24 7.53 -5.45
CA GLY A 56 -13.43 6.38 -6.30
C GLY A 56 -12.68 5.15 -5.82
N LYS A 57 -12.79 4.05 -6.56
CA LYS A 57 -12.12 2.81 -6.19
C LYS A 57 -10.62 2.86 -6.53
N ALA A 58 -9.90 1.82 -6.14
CA ALA A 58 -8.47 1.71 -6.37
C ALA A 58 -8.07 1.90 -7.83
N SER A 59 -8.93 1.47 -8.75
CA SER A 59 -8.66 1.58 -10.17
C SER A 59 -8.51 3.05 -10.55
N HIS A 60 -9.36 3.88 -9.96
CA HIS A 60 -9.31 5.30 -10.24
C HIS A 60 -8.14 6.00 -9.54
N ARG A 61 -7.57 5.36 -8.50
CA ARG A 61 -6.46 5.97 -7.76
C ARG A 61 -5.17 5.93 -8.60
N GLU A 62 -4.70 4.72 -8.95
CA GLU A 62 -3.49 4.54 -9.75
C GLU A 62 -3.58 5.26 -11.10
N MET A 63 -4.79 5.35 -11.62
CA MET A 63 -5.04 6.01 -12.89
C MET A 63 -4.71 7.50 -12.83
N THR A 64 -4.74 8.06 -11.62
CA THR A 64 -4.46 9.47 -11.42
C THR A 64 -2.97 9.77 -11.54
N SER A 65 -2.12 8.94 -10.94
CA SER A 65 -0.68 9.14 -11.00
C SER A 65 -0.15 9.21 -12.43
N LYS A 66 -0.92 8.67 -13.37
CA LYS A 66 -0.54 8.69 -14.78
C LYS A 66 -0.46 10.14 -15.24
N LEU A 67 -1.33 10.96 -14.68
CA LEU A 67 -1.41 12.38 -15.00
C LEU A 67 -0.23 13.15 -14.41
N LEU A 68 0.28 12.71 -13.27
CA LEU A 68 1.38 13.40 -12.59
C LEU A 68 2.66 13.50 -13.43
N SER A 69 3.27 12.37 -13.75
CA SER A 69 4.50 12.37 -14.57
C SER A 69 4.24 12.90 -15.97
N ASP A 70 2.99 12.85 -16.40
CA ASP A 70 2.61 13.34 -17.73
C ASP A 70 2.63 14.86 -17.75
N LEU A 71 2.01 15.47 -16.74
CA LEU A 71 1.95 16.92 -16.63
C LEU A 71 3.31 17.58 -16.40
N CYS A 72 4.15 16.99 -15.54
CA CYS A 72 5.45 17.57 -15.24
C CYS A 72 6.38 17.51 -16.45
N GLY A 73 7.12 18.58 -16.67
CA GLY A 73 8.03 18.66 -17.78
C GLY A 73 7.35 19.23 -19.00
N THR A 74 6.09 18.85 -19.17
CA THR A 74 5.28 19.31 -20.28
C THR A 74 4.66 20.67 -19.97
N VAL A 75 3.86 20.74 -18.92
CA VAL A 75 3.20 21.99 -18.56
C VAL A 75 3.40 22.35 -17.09
N MET A 76 4.03 21.46 -16.33
CA MET A 76 4.28 21.70 -14.92
C MET A 76 5.76 21.49 -14.61
N SER A 77 6.23 22.03 -13.50
CA SER A 77 7.62 21.89 -13.12
C SER A 77 7.77 21.16 -11.80
N THR A 78 8.96 20.61 -11.56
CA THR A 78 9.28 19.91 -10.31
C THR A 78 8.77 20.68 -9.09
N THR A 79 9.00 21.99 -9.08
CA THR A 79 8.56 22.84 -7.99
C THR A 79 7.04 22.80 -7.83
N ASP A 80 6.34 22.93 -8.95
CA ASP A 80 4.88 22.90 -8.96
C ASP A 80 4.36 21.61 -8.34
N VAL A 81 4.92 20.49 -8.77
CA VAL A 81 4.52 19.18 -8.25
C VAL A 81 4.79 19.07 -6.75
N GLU A 82 5.96 19.56 -6.32
CA GLU A 82 6.34 19.53 -4.91
C GLU A 82 5.39 20.40 -4.08
N LYS A 83 5.08 21.59 -4.60
CA LYS A 83 4.19 22.52 -3.92
C LYS A 83 2.78 21.93 -3.78
N SER A 84 2.44 21.00 -4.67
CA SER A 84 1.13 20.38 -4.64
C SER A 84 0.97 19.50 -3.41
N PHE A 85 1.98 18.68 -3.15
CA PHE A 85 1.94 17.78 -1.99
C PHE A 85 1.86 18.57 -0.69
N ASP A 86 2.57 19.71 -0.63
CA ASP A 86 2.54 20.57 0.54
C ASP A 86 1.12 21.04 0.79
N LYS A 87 0.52 21.59 -0.27
CA LYS A 87 -0.85 22.07 -0.24
C LYS A 87 -1.83 20.93 0.08
N LEU A 88 -1.51 19.73 -0.39
CA LEU A 88 -2.35 18.56 -0.15
C LEU A 88 -2.37 18.17 1.33
N LEU A 89 -1.17 17.90 1.88
CA LEU A 89 -1.02 17.55 3.30
C LEU A 89 -1.83 18.47 4.23
N LYS A 90 -1.94 19.72 3.85
CA LYS A 90 -2.69 20.69 4.65
C LYS A 90 -4.21 20.49 4.58
N ASP A 91 -4.69 19.83 3.52
CA ASP A 91 -6.13 19.60 3.37
C ASP A 91 -6.52 18.26 3.98
N LEU A 92 -5.60 17.29 3.89
CA LEU A 92 -5.77 15.93 4.45
C LEU A 92 -6.63 15.84 5.71
N PRO A 93 -6.35 16.65 6.77
CA PRO A 93 -7.14 16.62 8.00
C PRO A 93 -8.66 16.68 7.79
N GLU A 94 -9.13 17.33 6.70
CA GLU A 94 -10.57 17.41 6.46
C GLU A 94 -11.09 16.14 5.80
N LEU A 95 -10.51 15.79 4.64
CA LEU A 95 -10.89 14.54 3.94
C LEU A 95 -10.89 13.31 4.83
N ALA A 96 -10.01 13.29 5.81
CA ALA A 96 -9.90 12.16 6.72
C ALA A 96 -11.20 11.91 7.49
N LEU A 97 -12.05 12.93 7.58
CA LEU A 97 -13.31 12.79 8.30
C LEU A 97 -14.27 11.86 7.56
N ASP A 98 -14.51 12.15 6.28
CA ASP A 98 -15.41 11.33 5.48
C ASP A 98 -14.71 10.11 4.91
N THR A 99 -13.48 9.90 5.33
CA THR A 99 -12.67 8.78 4.88
C THR A 99 -11.51 8.56 5.84
N PRO A 100 -11.68 7.67 6.83
CA PRO A 100 -10.66 7.37 7.85
C PRO A 100 -9.35 6.84 7.24
N ARG A 101 -9.45 6.32 6.02
CA ARG A 101 -8.30 5.77 5.33
C ARG A 101 -7.73 6.76 4.32
N ALA A 102 -8.34 7.95 4.24
CA ALA A 102 -7.90 8.98 3.30
C ALA A 102 -6.42 9.35 3.42
N PRO A 103 -5.93 9.78 4.61
CA PRO A 103 -4.52 10.14 4.80
C PRO A 103 -3.59 8.98 4.47
N GLN A 104 -3.95 7.80 4.95
CA GLN A 104 -3.19 6.58 4.70
C GLN A 104 -3.08 6.31 3.20
N LEU A 105 -4.18 6.51 2.47
CA LEU A 105 -4.17 6.30 1.03
C LEU A 105 -3.28 7.33 0.35
N VAL A 106 -3.42 8.59 0.78
CA VAL A 106 -2.62 9.70 0.27
C VAL A 106 -1.12 9.35 0.29
N GLY A 107 -0.69 8.67 1.34
CA GLY A 107 0.71 8.27 1.47
C GLY A 107 1.23 7.55 0.24
N GLN A 108 0.38 6.78 -0.42
CA GLN A 108 0.77 6.04 -1.62
C GLN A 108 1.11 7.02 -2.74
N PHE A 109 0.35 8.10 -2.82
CA PHE A 109 0.54 9.11 -3.85
C PHE A 109 1.91 9.77 -3.75
N ILE A 110 2.43 9.92 -2.54
CA ILE A 110 3.73 10.56 -2.34
C ILE A 110 4.84 9.59 -2.74
N ALA A 111 4.77 8.37 -2.19
CA ALA A 111 5.77 7.34 -2.49
C ALA A 111 5.84 7.08 -3.99
N ARG A 112 4.68 7.09 -4.64
CA ARG A 112 4.58 6.88 -6.07
C ARG A 112 5.39 7.93 -6.83
N ALA A 113 5.28 9.18 -6.41
CA ALA A 113 5.99 10.29 -7.04
C ALA A 113 7.51 10.10 -6.94
N VAL A 114 7.96 9.49 -5.87
CA VAL A 114 9.38 9.24 -5.64
C VAL A 114 9.89 8.12 -6.57
N GLY A 115 8.97 7.23 -6.94
CA GLY A 115 9.31 6.11 -7.79
C GLY A 115 9.46 6.50 -9.27
N ASP A 116 8.49 7.27 -9.77
CA ASP A 116 8.49 7.71 -11.18
C ASP A 116 9.49 8.85 -11.42
N GLY A 117 9.92 9.48 -10.34
CA GLY A 117 10.90 10.54 -10.44
C GLY A 117 10.33 11.92 -10.66
N ILE A 118 9.26 12.24 -9.95
CA ILE A 118 8.63 13.55 -10.07
C ILE A 118 8.66 14.27 -8.72
N LEU A 119 9.33 13.65 -7.75
CA LEU A 119 9.46 14.20 -6.41
C LEU A 119 10.77 13.75 -5.79
N CYS A 120 11.26 14.52 -4.82
CA CYS A 120 12.52 14.21 -4.15
C CYS A 120 12.30 13.24 -2.98
N ASN A 121 13.20 12.29 -2.83
CA ASN A 121 13.11 11.30 -1.75
C ASN A 121 13.27 11.95 -0.37
N THR A 122 14.08 13.01 -0.32
CA THR A 122 14.34 13.72 0.91
C THR A 122 13.13 14.51 1.41
N TYR A 123 12.01 14.43 0.67
CA TYR A 123 10.80 15.13 1.04
C TYR A 123 10.26 14.58 2.36
N ILE A 124 10.38 13.27 2.52
CA ILE A 124 9.92 12.60 3.73
C ILE A 124 10.77 13.02 4.92
N ASP A 125 12.09 13.09 4.70
CA ASP A 125 13.04 13.48 5.74
C ASP A 125 12.80 14.92 6.17
N SER A 126 12.38 15.75 5.22
CA SER A 126 12.10 17.15 5.51
C SER A 126 10.90 17.30 6.45
N TYR A 127 10.01 16.32 6.43
CA TYR A 127 8.82 16.35 7.28
C TYR A 127 8.95 15.28 8.38
N LYS A 128 10.16 14.70 8.45
CA LYS A 128 10.55 13.65 9.41
C LYS A 128 10.46 13.96 10.91
N GLY A 129 9.37 14.55 11.32
CA GLY A 129 9.17 14.88 12.72
C GLY A 129 8.96 16.36 12.84
N THR A 130 9.06 16.99 11.69
CA THR A 130 8.86 18.42 11.57
C THR A 130 7.37 18.74 11.44
N VAL A 131 6.55 17.69 11.38
CA VAL A 131 5.11 17.86 11.26
C VAL A 131 4.42 17.73 12.62
N ASP A 132 3.54 18.67 12.92
CA ASP A 132 2.82 18.66 14.18
C ASP A 132 1.48 17.95 14.04
N CYS A 133 0.93 17.98 12.84
CA CYS A 133 -0.35 17.33 12.56
C CYS A 133 -0.20 15.81 12.48
N VAL A 134 -1.06 15.09 13.19
CA VAL A 134 -1.01 13.63 13.20
C VAL A 134 -1.56 13.03 11.91
N GLN A 135 -2.35 13.82 11.18
CA GLN A 135 -2.93 13.36 9.92
C GLN A 135 -1.84 13.22 8.87
N ALA A 136 -0.96 14.21 8.84
CA ALA A 136 0.15 14.20 7.89
C ALA A 136 1.14 13.12 8.26
N ARG A 137 1.19 12.80 9.56
CA ARG A 137 2.09 11.75 10.03
C ARG A 137 1.73 10.42 9.40
N ALA A 138 0.46 10.04 9.50
CA ALA A 138 -0.03 8.78 8.93
C ALA A 138 0.37 8.62 7.47
N ALA A 139 0.28 9.69 6.70
CA ALA A 139 0.64 9.66 5.29
C ALA A 139 2.12 9.32 5.12
N LEU A 140 2.95 9.89 6.00
CA LEU A 140 4.38 9.66 5.97
C LEU A 140 4.73 8.24 6.42
N ASP A 141 4.02 7.76 7.45
CA ASP A 141 4.24 6.43 8.00
C ASP A 141 3.80 5.38 6.97
N LYS A 142 2.92 5.81 6.07
CA LYS A 142 2.42 4.94 5.01
C LYS A 142 3.43 4.81 3.86
N ALA A 143 3.80 5.96 3.28
CA ALA A 143 4.73 6.02 2.14
C ALA A 143 6.07 5.34 2.38
N THR A 144 6.57 5.53 3.58
CA THR A 144 7.84 4.96 3.96
C THR A 144 7.88 3.44 3.78
N VAL A 145 6.80 2.74 4.13
CA VAL A 145 6.75 1.30 4.01
C VAL A 145 6.61 0.85 2.56
N LEU A 146 5.73 1.51 1.82
CA LEU A 146 5.49 1.15 0.41
C LEU A 146 6.78 1.13 -0.38
N LEU A 147 7.66 2.11 -0.10
CA LEU A 147 8.93 2.20 -0.77
C LEU A 147 9.75 0.93 -0.55
N SER A 148 9.71 0.38 0.66
CA SER A 148 10.43 -0.83 0.97
C SER A 148 9.73 -2.12 0.51
N MET A 149 8.41 -2.08 0.36
CA MET A 149 7.65 -3.27 -0.05
C MET A 149 7.71 -3.50 -1.55
N SER A 150 7.53 -2.42 -2.30
CA SER A 150 7.57 -2.50 -3.76
C SER A 150 9.01 -2.48 -4.26
N LYS A 151 9.96 -2.47 -3.32
CA LYS A 151 11.38 -2.46 -3.65
C LYS A 151 11.81 -3.78 -4.27
N GLY A 152 11.06 -4.84 -3.99
CA GLY A 152 11.39 -6.15 -4.52
C GLY A 152 10.67 -6.44 -5.83
N GLY A 153 9.74 -5.56 -6.19
CA GLY A 153 8.98 -5.74 -7.42
C GLY A 153 9.01 -4.47 -8.24
N LYS A 154 10.15 -3.82 -8.24
CA LYS A 154 10.34 -2.58 -8.97
C LYS A 154 10.45 -2.82 -10.47
N ARG A 155 9.33 -2.70 -11.16
CA ARG A 155 9.30 -2.89 -12.61
C ARG A 155 8.68 -1.69 -13.33
N LYS A 156 7.57 -1.18 -12.79
CA LYS A 156 6.87 -0.04 -13.39
C LYS A 156 7.60 1.28 -13.16
N ASP A 157 8.77 1.21 -12.55
CA ASP A 157 9.56 2.41 -12.26
C ASP A 157 10.46 2.75 -13.43
N SER A 158 10.02 2.44 -14.63
CA SER A 158 10.78 2.69 -15.84
C SER A 158 10.82 4.18 -16.18
N VAL A 159 9.69 4.84 -16.03
CA VAL A 159 9.59 6.28 -16.32
C VAL A 159 10.39 7.09 -15.32
N TRP A 160 10.95 8.20 -15.79
CA TRP A 160 11.75 9.08 -14.95
C TRP A 160 12.03 10.40 -15.67
N GLY A 161 11.28 11.42 -15.30
CA GLY A 161 11.48 12.72 -15.92
C GLY A 161 10.17 13.34 -16.39
N SER A 162 9.68 12.90 -17.54
CA SER A 162 8.44 13.42 -18.10
C SER A 162 7.78 12.37 -18.99
N GLY A 163 6.49 12.18 -18.80
CA GLY A 163 5.75 11.24 -19.61
C GLY A 163 5.67 9.87 -18.97
N GLY B 1 3.49 8.36 -17.95
CA GLY B 1 3.10 7.03 -17.42
C GLY B 1 1.90 6.45 -18.16
N GLY B 2 1.72 5.14 -18.04
CA GLY B 2 0.61 4.48 -18.71
C GLY B 2 -0.14 3.59 -17.74
N GLN B 3 -1.23 2.99 -18.20
CA GLN B 3 -2.03 2.12 -17.35
C GLN B 3 -1.81 0.67 -17.74
N GLN B 4 -1.59 -0.16 -16.73
CA GLN B 4 -1.37 -1.59 -16.94
C GLN B 4 -2.64 -2.34 -16.59
N PRO B 5 -2.80 -3.57 -17.13
CA PRO B 5 -3.98 -4.40 -16.85
C PRO B 5 -4.06 -4.78 -15.37
N VAL B 6 -5.22 -5.25 -14.95
CA VAL B 6 -5.43 -5.65 -13.57
C VAL B 6 -4.39 -6.66 -13.09
N ASN B 7 -3.87 -6.44 -11.88
CA ASN B 7 -2.87 -7.32 -11.31
C ASN B 7 -3.53 -8.23 -10.30
N HIS B 8 -2.83 -9.29 -9.91
CA HIS B 8 -3.36 -10.25 -8.96
C HIS B 8 -2.24 -10.91 -8.16
N LEU B 9 -2.47 -11.08 -6.86
CA LEU B 9 -1.49 -11.69 -5.94
C LEU B 9 -0.26 -10.81 -5.73
N VAL B 10 0.48 -10.59 -6.80
CA VAL B 10 1.68 -9.76 -6.75
C VAL B 10 1.27 -8.30 -6.54
N LYS B 11 2.09 -7.57 -5.80
CA LYS B 11 1.85 -6.15 -5.49
C LYS B 11 0.73 -5.97 -4.47
N GLU B 12 0.26 -7.06 -3.88
CA GLU B 12 -0.79 -7.00 -2.89
C GLU B 12 -0.43 -7.78 -1.63
N ILE B 13 -0.14 -9.06 -1.80
CA ILE B 13 0.22 -9.94 -0.67
C ILE B 13 1.38 -9.38 0.15
N ASP B 14 2.47 -9.01 -0.51
CA ASP B 14 3.65 -8.48 0.16
C ASP B 14 3.35 -7.21 0.94
N MET B 15 2.52 -6.36 0.35
CA MET B 15 2.15 -5.09 0.96
C MET B 15 1.42 -5.31 2.28
N LEU B 16 0.36 -6.11 2.23
CA LEU B 16 -0.44 -6.39 3.41
C LEU B 16 0.38 -6.92 4.58
N LEU B 17 1.34 -7.78 4.28
CA LEU B 17 2.19 -8.38 5.30
C LEU B 17 3.25 -7.41 5.85
N LYS B 18 4.03 -6.82 4.96
CA LYS B 18 5.10 -5.91 5.36
C LYS B 18 4.59 -4.58 5.92
N GLU B 19 3.50 -4.08 5.35
CA GLU B 19 2.93 -2.81 5.81
C GLU B 19 2.52 -2.88 7.26
N TYR B 20 1.92 -3.99 7.66
CA TYR B 20 1.50 -4.16 9.05
C TYR B 20 2.73 -4.22 9.95
N LEU B 21 3.73 -4.97 9.52
CA LEU B 21 4.96 -5.14 10.29
C LEU B 21 5.67 -3.81 10.53
N LEU B 22 5.67 -2.95 9.53
CA LEU B 22 6.35 -1.66 9.65
C LEU B 22 5.46 -0.56 10.24
N SER B 23 4.29 -0.33 9.63
CA SER B 23 3.38 0.71 10.09
C SER B 23 2.82 0.44 11.49
N GLY B 24 2.19 -0.72 11.68
CA GLY B 24 1.64 -1.05 12.97
C GLY B 24 0.14 -1.32 12.92
N ASP B 25 -0.59 -0.50 12.18
CA ASP B 25 -2.05 -0.66 12.08
C ASP B 25 -2.46 -1.85 11.21
N ILE B 26 -3.30 -2.72 11.74
CA ILE B 26 -3.75 -3.90 11.00
C ILE B 26 -4.83 -3.54 9.96
N SER B 27 -5.63 -2.49 10.22
CA SER B 27 -6.71 -2.06 9.33
C SER B 27 -6.34 -2.02 7.85
N GLU B 28 -5.09 -1.66 7.59
CA GLU B 28 -4.61 -1.61 6.22
C GLU B 28 -4.59 -3.01 5.61
N ALA B 29 -4.18 -3.99 6.40
CA ALA B 29 -4.14 -5.38 5.93
C ALA B 29 -5.52 -6.05 5.90
N GLU B 30 -6.22 -6.03 7.04
CA GLU B 30 -7.53 -6.69 7.16
C GLU B 30 -8.57 -6.19 6.19
N HIS B 31 -8.64 -4.88 6.02
CA HIS B 31 -9.60 -4.27 5.12
C HIS B 31 -9.39 -4.73 3.69
N CYS B 32 -8.14 -4.90 3.30
CA CYS B 32 -7.80 -5.31 1.94
C CYS B 32 -8.08 -6.79 1.71
N LEU B 33 -7.84 -7.61 2.73
CA LEU B 33 -8.10 -9.03 2.63
C LEU B 33 -9.60 -9.23 2.43
N LYS B 34 -10.37 -8.37 3.08
CA LYS B 34 -11.81 -8.33 2.98
C LYS B 34 -12.27 -7.74 1.62
N GLU B 35 -11.37 -6.98 1.01
CA GLU B 35 -11.62 -6.31 -0.28
C GLU B 35 -11.69 -7.32 -1.46
N LEU B 36 -10.84 -8.34 -1.41
CA LEU B 36 -10.79 -9.39 -2.45
C LEU B 36 -12.09 -10.22 -2.54
N GLU B 37 -11.97 -11.53 -2.80
CA GLU B 37 -13.15 -12.38 -2.95
C GLU B 37 -12.81 -13.83 -2.58
N VAL B 38 -11.80 -14.39 -3.23
CA VAL B 38 -11.39 -15.78 -3.01
C VAL B 38 -10.82 -16.01 -1.61
N PRO B 39 -11.51 -16.81 -0.79
CA PRO B 39 -11.08 -17.11 0.58
C PRO B 39 -10.12 -18.30 0.67
N HIS B 40 -10.14 -19.17 -0.34
CA HIS B 40 -9.27 -20.35 -0.34
C HIS B 40 -7.81 -19.97 -0.58
N PHE B 41 -7.59 -18.86 -1.26
CA PHE B 41 -6.23 -18.40 -1.55
C PHE B 41 -5.66 -17.58 -0.39
N HIS B 42 -6.43 -17.47 0.70
CA HIS B 42 -6.01 -16.72 1.87
C HIS B 42 -4.81 -17.39 2.56
N HIS B 43 -4.52 -18.63 2.17
CA HIS B 43 -3.42 -19.38 2.76
C HIS B 43 -2.04 -18.89 2.30
N GLU B 44 -1.99 -18.32 1.11
CA GLU B 44 -0.73 -17.80 0.56
C GLU B 44 -0.18 -16.67 1.44
N LEU B 45 -1.08 -15.85 1.99
CA LEU B 45 -0.69 -14.75 2.89
C LEU B 45 -0.17 -15.33 4.23
N VAL B 46 -0.67 -16.51 4.56
CA VAL B 46 -0.32 -17.18 5.82
C VAL B 46 1.07 -17.80 5.72
N TYR B 47 1.28 -18.58 4.67
CA TYR B 47 2.57 -19.23 4.41
C TYR B 47 3.70 -18.22 4.39
N GLU B 48 3.50 -17.13 3.65
CA GLU B 48 4.49 -16.08 3.55
C GLU B 48 4.81 -15.49 4.92
N ALA B 49 3.76 -15.22 5.69
CA ALA B 49 3.90 -14.70 7.04
C ALA B 49 4.81 -15.57 7.90
N ILE B 50 4.69 -16.88 7.74
CA ILE B 50 5.52 -17.80 8.51
C ILE B 50 6.96 -17.75 7.99
N VAL B 51 7.09 -17.64 6.67
CA VAL B 51 8.40 -17.57 6.03
C VAL B 51 9.19 -16.37 6.55
N MET B 52 8.53 -15.22 6.62
CA MET B 52 9.17 -14.00 7.11
C MET B 52 9.78 -14.24 8.49
N VAL B 53 8.94 -14.69 9.42
CA VAL B 53 9.39 -15.00 10.78
C VAL B 53 10.67 -15.85 10.81
N LEU B 54 10.76 -16.82 9.91
CA LEU B 54 11.91 -17.71 9.87
C LEU B 54 13.09 -17.08 9.13
N GLU B 55 12.83 -16.10 8.30
CA GLU B 55 13.88 -15.44 7.53
C GLU B 55 14.22 -14.05 8.09
N SER B 56 13.70 -13.73 9.27
CA SER B 56 13.95 -12.44 9.88
C SER B 56 14.62 -12.60 11.25
N THR B 57 15.45 -11.64 11.61
CA THR B 57 16.12 -11.64 12.89
C THR B 57 15.54 -10.53 13.77
N GLY B 58 14.99 -10.92 14.91
CA GLY B 58 14.39 -9.95 15.81
C GLY B 58 13.10 -10.47 16.41
N GLU B 59 12.85 -10.12 17.66
CA GLU B 59 11.65 -10.55 18.37
C GLU B 59 10.42 -9.76 17.90
N SER B 60 10.65 -8.53 17.47
CA SER B 60 9.58 -7.67 16.99
C SER B 60 8.93 -8.28 15.76
N ALA B 61 9.74 -8.95 14.97
CA ALA B 61 9.27 -9.60 13.78
C ALA B 61 8.36 -10.77 14.14
N PHE B 62 8.58 -11.39 15.30
CA PHE B 62 7.78 -12.54 15.73
C PHE B 62 6.40 -12.09 16.24
N LYS B 63 6.41 -11.36 17.37
CA LYS B 63 5.20 -10.84 18.03
C LYS B 63 4.21 -10.16 17.09
N MET B 64 4.72 -9.57 16.04
CA MET B 64 3.90 -8.85 15.10
C MET B 64 3.22 -9.80 14.10
N ILE B 65 3.97 -10.77 13.58
CA ILE B 65 3.43 -11.69 12.58
C ILE B 65 2.30 -12.59 13.13
N LEU B 66 2.54 -13.30 14.23
CA LEU B 66 1.51 -14.15 14.81
C LEU B 66 0.28 -13.33 15.20
N ASP B 67 0.54 -12.10 15.64
CA ASP B 67 -0.52 -11.19 16.05
C ASP B 67 -1.42 -10.88 14.86
N LEU B 68 -0.82 -10.89 13.68
CA LEU B 68 -1.53 -10.60 12.45
C LEU B 68 -2.46 -11.77 12.09
N LEU B 69 -2.02 -12.99 12.38
CA LEU B 69 -2.82 -14.19 12.09
C LEU B 69 -3.99 -14.28 13.05
N LYS B 70 -3.70 -14.22 14.35
CA LYS B 70 -4.72 -14.27 15.39
C LYS B 70 -5.79 -13.20 15.17
N SER B 71 -5.38 -12.09 14.57
CA SER B 71 -6.30 -10.98 14.31
C SER B 71 -7.24 -11.38 13.17
N LEU B 72 -6.68 -12.05 12.18
CA LEU B 72 -7.44 -12.51 11.03
C LEU B 72 -8.47 -13.57 11.43
N TRP B 73 -8.13 -14.43 12.39
CA TRP B 73 -9.05 -15.45 12.86
C TRP B 73 -10.22 -14.79 13.57
N LYS B 74 -9.90 -13.86 14.48
CA LYS B 74 -10.93 -13.10 15.21
C LYS B 74 -11.95 -12.45 14.29
N SER B 75 -11.52 -12.07 13.09
CA SER B 75 -12.42 -11.44 12.13
C SER B 75 -13.01 -12.48 11.17
N SER B 76 -12.59 -13.74 11.37
CA SER B 76 -13.05 -14.86 10.56
C SER B 76 -12.61 -14.71 9.10
N THR B 77 -11.34 -14.39 8.90
CA THR B 77 -10.79 -14.22 7.57
C THR B 77 -10.03 -15.47 7.14
N ILE B 78 -9.21 -16.01 8.04
CA ILE B 78 -8.46 -17.22 7.76
C ILE B 78 -9.30 -18.46 8.07
N THR B 79 -9.35 -19.38 7.14
CA THR B 79 -10.10 -20.62 7.31
C THR B 79 -9.18 -21.73 7.80
N ILE B 80 -9.72 -22.62 8.62
CA ILE B 80 -8.97 -23.76 9.15
C ILE B 80 -8.27 -24.53 8.03
N ASP B 81 -8.97 -24.74 6.92
CA ASP B 81 -8.42 -25.46 5.78
C ASP B 81 -7.23 -24.69 5.18
N GLN B 82 -7.33 -23.38 5.24
CA GLN B 82 -6.28 -22.51 4.71
C GLN B 82 -5.02 -22.59 5.56
N MET B 83 -5.17 -22.37 6.86
CA MET B 83 -4.03 -22.42 7.76
C MET B 83 -3.45 -23.82 7.82
N LYS B 84 -4.31 -24.82 7.62
CA LYS B 84 -3.88 -26.21 7.61
C LYS B 84 -2.87 -26.43 6.47
N ARG B 85 -3.29 -26.08 5.26
CA ARG B 85 -2.44 -26.24 4.08
C ARG B 85 -1.20 -25.36 4.16
N GLY B 86 -1.36 -24.19 4.77
CA GLY B 86 -0.26 -23.26 4.91
C GLY B 86 0.85 -23.82 5.79
N TYR B 87 0.47 -24.41 6.91
CA TYR B 87 1.44 -24.99 7.84
C TYR B 87 2.07 -26.25 7.27
N GLU B 88 1.29 -26.98 6.47
CA GLU B 88 1.77 -28.21 5.83
C GLU B 88 2.96 -27.91 4.95
N ARG B 89 2.91 -26.77 4.27
CA ARG B 89 4.00 -26.38 3.38
C ARG B 89 5.29 -26.18 4.18
N ILE B 90 5.17 -25.60 5.36
CA ILE B 90 6.32 -25.34 6.22
C ILE B 90 7.03 -26.65 6.60
N TYR B 91 6.26 -27.71 6.68
CA TYR B 91 6.81 -29.03 7.03
C TYR B 91 7.70 -29.53 5.90
N ASN B 92 7.49 -29.00 4.72
CA ASN B 92 8.29 -29.34 3.55
C ASN B 92 9.46 -28.39 3.41
N GLU B 93 9.23 -27.11 3.71
CA GLU B 93 10.25 -26.07 3.57
C GLU B 93 11.32 -26.18 4.66
N ILE B 94 10.96 -26.74 5.81
CA ILE B 94 11.89 -26.89 6.92
C ILE B 94 13.24 -27.47 6.51
N PRO B 95 13.28 -28.68 5.90
CA PRO B 95 14.54 -29.29 5.48
C PRO B 95 15.24 -28.49 4.38
N ASP B 96 14.47 -27.84 3.53
CA ASP B 96 15.00 -27.04 2.44
C ASP B 96 15.66 -25.77 2.94
N ILE B 97 15.01 -25.11 3.90
CA ILE B 97 15.53 -23.88 4.48
C ILE B 97 16.66 -24.18 5.45
N ASN B 98 16.47 -25.18 6.29
CA ASN B 98 17.48 -25.57 7.27
C ASN B 98 18.72 -26.11 6.57
N LEU B 99 18.52 -27.05 5.66
CA LEU B 99 19.60 -27.68 4.93
C LEU B 99 20.58 -28.33 5.90
N ASP B 100 20.07 -29.27 6.67
CA ASP B 100 20.84 -29.99 7.70
C ASP B 100 21.08 -29.12 8.93
N VAL B 101 21.34 -29.78 10.06
CA VAL B 101 21.56 -29.09 11.34
C VAL B 101 20.40 -28.13 11.64
N PRO B 102 19.19 -28.68 11.87
CA PRO B 102 18.00 -27.87 12.14
C PRO B 102 18.01 -27.24 13.52
N HIS B 103 18.62 -26.07 13.64
CA HIS B 103 18.66 -25.36 14.90
C HIS B 103 17.43 -24.49 15.06
N SER B 104 16.70 -24.34 13.97
CA SER B 104 15.48 -23.54 13.96
C SER B 104 14.31 -24.32 14.57
N TYR B 105 14.60 -25.50 15.12
CA TYR B 105 13.58 -26.33 15.74
C TYR B 105 12.98 -25.64 16.95
N SER B 106 13.82 -24.90 17.68
CA SER B 106 13.38 -24.18 18.86
C SER B 106 12.33 -23.15 18.48
N VAL B 107 12.55 -22.51 17.34
CA VAL B 107 11.63 -21.50 16.84
C VAL B 107 10.34 -22.17 16.36
N LEU B 108 10.50 -23.27 15.61
CA LEU B 108 9.36 -24.03 15.08
C LEU B 108 8.44 -24.49 16.21
N GLU B 109 9.00 -25.17 17.20
CA GLU B 109 8.21 -25.66 18.32
C GLU B 109 7.50 -24.52 19.03
N ARG B 110 8.29 -23.52 19.44
CA ARG B 110 7.78 -22.35 20.12
C ARG B 110 6.63 -21.71 19.34
N PHE B 111 6.81 -21.56 18.04
CA PHE B 111 5.80 -20.98 17.18
C PHE B 111 4.54 -21.84 17.09
N VAL B 112 4.68 -23.16 16.96
CA VAL B 112 3.54 -24.04 16.83
C VAL B 112 2.77 -24.20 18.13
N GLU B 113 3.49 -24.34 19.24
CA GLU B 113 2.87 -24.51 20.55
C GLU B 113 2.02 -23.29 20.92
N GLU B 114 2.45 -22.12 20.47
CA GLU B 114 1.71 -20.89 20.75
C GLU B 114 0.43 -20.90 19.93
N CYS B 115 0.54 -21.37 18.70
CA CYS B 115 -0.59 -21.47 17.80
C CYS B 115 -1.71 -22.34 18.38
N PHE B 116 -1.38 -23.55 18.83
CA PHE B 116 -2.39 -24.43 19.41
C PHE B 116 -3.01 -23.84 20.66
N GLN B 117 -2.17 -23.31 21.55
CA GLN B 117 -2.63 -22.69 22.79
C GLN B 117 -3.71 -21.65 22.55
N ALA B 118 -3.61 -20.92 21.43
CA ALA B 118 -4.60 -19.90 21.10
C ALA B 118 -5.95 -20.52 20.73
N GLY B 119 -5.96 -21.83 20.53
CA GLY B 119 -7.17 -22.53 20.20
C GLY B 119 -7.63 -22.22 18.79
N ILE B 120 -6.67 -21.92 17.91
CA ILE B 120 -6.99 -21.60 16.53
C ILE B 120 -6.86 -22.83 15.65
N ILE B 121 -5.97 -23.73 16.02
CA ILE B 121 -5.76 -24.96 15.28
C ILE B 121 -6.19 -26.15 16.10
N SER B 122 -5.85 -27.35 15.65
CA SER B 122 -6.21 -28.57 16.34
C SER B 122 -4.97 -29.43 16.56
N LYS B 123 -5.15 -30.55 17.26
CA LYS B 123 -4.04 -31.45 17.54
C LYS B 123 -3.56 -32.14 16.28
N GLN B 124 -4.45 -32.29 15.30
CA GLN B 124 -4.12 -32.94 14.03
C GLN B 124 -2.90 -32.27 13.38
N LEU B 125 -2.87 -30.94 13.40
CA LEU B 125 -1.75 -30.21 12.81
C LEU B 125 -0.50 -30.42 13.64
N ARG B 126 -0.68 -30.43 14.96
CA ARG B 126 0.44 -30.65 15.88
C ARG B 126 1.06 -32.03 15.65
N ASP B 127 0.23 -32.97 15.22
CA ASP B 127 0.69 -34.32 14.94
C ASP B 127 1.55 -34.34 13.67
N LEU B 128 1.33 -33.34 12.81
CA LEU B 128 2.06 -33.24 11.56
C LEU B 128 3.41 -32.52 11.72
N CYS B 129 3.56 -31.74 12.77
CA CYS B 129 4.80 -31.03 13.01
C CYS B 129 5.80 -31.88 13.77
N PRO B 130 7.07 -31.84 13.35
CA PRO B 130 8.15 -32.61 13.98
C PRO B 130 8.40 -32.18 15.43
N SER B 131 7.73 -32.84 16.36
CA SER B 131 7.87 -32.55 17.77
C SER B 131 9.12 -33.24 18.33
N GLY A 1 2.39 31.26 -1.83
CA GLY A 1 1.60 32.07 -0.86
C GLY A 1 0.18 31.55 -0.72
N LEU A 2 -0.78 32.43 -0.98
CA LEU A 2 -2.18 32.04 -0.91
C LEU A 2 -2.81 32.10 -2.29
N PRO A 3 -3.61 31.08 -2.64
CA PRO A 3 -4.27 31.02 -3.95
C PRO A 3 -5.45 31.99 -4.06
N LEU A 4 -5.66 32.50 -5.26
CA LEU A 4 -6.74 33.45 -5.50
C LEU A 4 -7.89 32.78 -6.23
N ASP A 5 -9.11 33.17 -5.89
CA ASP A 5 -10.33 32.63 -6.51
C ASP A 5 -10.43 31.12 -6.32
N GLU A 6 -10.31 30.68 -5.07
CA GLU A 6 -10.39 29.26 -4.74
C GLU A 6 -11.74 28.69 -5.17
N ARG A 7 -12.82 29.32 -4.71
CA ARG A 7 -14.17 28.89 -5.04
C ARG A 7 -14.37 28.77 -6.56
N ALA A 8 -13.92 29.78 -7.29
CA ALA A 8 -14.06 29.79 -8.74
C ALA A 8 -13.20 28.70 -9.37
N PHE A 9 -11.94 28.65 -8.97
CA PHE A 9 -11.00 27.66 -9.48
C PHE A 9 -11.54 26.24 -9.27
N GLU A 10 -11.94 25.92 -8.05
CA GLU A 10 -12.47 24.60 -7.73
C GLU A 10 -13.73 24.32 -8.55
N LYS A 11 -14.61 25.31 -8.64
CA LYS A 11 -15.86 25.19 -9.39
C LYS A 11 -15.58 24.90 -10.86
N THR A 12 -14.63 25.62 -11.43
CA THR A 12 -14.27 25.47 -12.83
C THR A 12 -13.58 24.13 -13.07
N LEU A 13 -12.64 23.79 -12.20
CA LEU A 13 -11.89 22.56 -12.31
C LEU A 13 -12.69 21.31 -11.91
N THR A 14 -14.00 21.47 -11.75
CA THR A 14 -14.82 20.33 -11.37
C THR A 14 -15.09 19.42 -12.60
N PRO A 15 -15.75 19.96 -13.65
CA PRO A 15 -16.07 19.20 -14.86
C PRO A 15 -14.85 18.96 -15.76
N ILE A 16 -13.79 19.74 -15.54
CA ILE A 16 -12.58 19.61 -16.34
C ILE A 16 -11.94 18.24 -16.12
N ILE A 17 -11.73 17.89 -14.87
CA ILE A 17 -11.15 16.61 -14.51
C ILE A 17 -12.20 15.52 -14.57
N GLN A 18 -13.46 15.94 -14.63
CA GLN A 18 -14.57 14.98 -14.64
C GLN A 18 -14.60 14.27 -15.99
N GLU A 19 -14.08 14.96 -17.00
CA GLU A 19 -14.03 14.45 -18.36
C GLU A 19 -12.86 13.48 -18.50
N TYR A 20 -11.81 13.75 -17.73
CA TYR A 20 -10.59 12.96 -17.75
C TYR A 20 -10.86 11.50 -17.43
N PHE A 21 -11.31 11.22 -16.20
CA PHE A 21 -11.60 9.87 -15.76
C PHE A 21 -12.67 9.13 -16.55
N GLU A 22 -13.18 9.71 -17.62
CA GLU A 22 -14.17 9.03 -18.43
C GLU A 22 -13.45 8.12 -19.41
N HIS A 23 -12.29 8.59 -19.85
CA HIS A 23 -11.45 7.83 -20.78
C HIS A 23 -9.99 7.83 -20.33
N GLY A 24 -9.39 9.01 -20.37
CA GLY A 24 -8.01 9.16 -19.97
C GLY A 24 -7.17 9.73 -21.10
N ASP A 25 -7.18 11.04 -21.26
CA ASP A 25 -6.41 11.69 -22.31
C ASP A 25 -5.93 13.05 -21.85
N THR A 26 -4.85 13.07 -21.09
CA THR A 26 -4.24 14.29 -20.57
C THR A 26 -3.88 15.37 -21.62
N ASN A 27 -4.14 15.13 -22.90
CA ASN A 27 -3.81 16.13 -23.90
C ASN A 27 -4.61 17.40 -23.60
N GLU A 28 -5.94 17.31 -23.63
CA GLU A 28 -6.81 18.44 -23.29
C GLU A 28 -6.39 19.16 -22.01
N VAL A 29 -6.19 18.43 -20.91
CA VAL A 29 -5.76 19.04 -19.65
C VAL A 29 -4.52 19.94 -19.82
N ALA A 30 -3.58 19.50 -20.64
CA ALA A 30 -2.37 20.27 -20.88
C ALA A 30 -2.69 21.50 -21.74
N GLU A 31 -3.75 21.35 -22.52
CA GLU A 31 -4.19 22.41 -23.44
C GLU A 31 -4.96 23.49 -22.70
N MET A 32 -5.91 23.05 -21.87
CA MET A 32 -6.77 23.95 -21.10
C MET A 32 -6.00 24.79 -20.10
N LEU A 33 -4.98 24.19 -19.49
CA LEU A 33 -4.17 24.88 -18.50
C LEU A 33 -3.46 26.11 -19.07
N ARG A 34 -3.22 26.10 -20.38
CA ARG A 34 -2.53 27.22 -21.03
C ARG A 34 -3.25 28.55 -20.85
N ASP A 35 -4.50 28.67 -21.35
CA ASP A 35 -5.28 29.91 -21.20
C ASP A 35 -5.29 30.40 -19.76
N LEU A 36 -5.73 29.52 -18.86
CA LEU A 36 -5.80 29.82 -17.44
C LEU A 36 -4.50 30.44 -16.91
N ASN A 37 -3.38 29.94 -17.41
CA ASN A 37 -2.04 30.42 -17.02
C ASN A 37 -1.91 30.82 -15.55
N LEU A 38 -2.33 29.93 -14.68
CA LEU A 38 -2.25 30.19 -13.25
C LEU A 38 -0.83 29.96 -12.75
N GLY A 39 -0.43 30.73 -11.74
CA GLY A 39 0.91 30.59 -11.19
C GLY A 39 0.96 29.51 -10.13
N GLU A 40 0.67 29.87 -8.90
CA GLU A 40 0.65 28.92 -7.80
C GLU A 40 -0.60 28.08 -7.89
N MET A 41 -1.66 28.69 -8.42
CA MET A 41 -2.94 28.01 -8.60
C MET A 41 -2.83 26.89 -9.61
N LYS A 42 -1.74 26.89 -10.38
CA LYS A 42 -1.47 25.87 -11.38
C LYS A 42 -1.27 24.53 -10.70
N SER A 43 -0.80 24.58 -9.45
CA SER A 43 -0.57 23.37 -8.68
C SER A 43 -1.89 22.86 -8.12
N GLY A 44 -2.94 23.66 -8.31
CA GLY A 44 -4.26 23.30 -7.83
C GLY A 44 -4.81 22.04 -8.47
N VAL A 45 -4.74 21.93 -9.80
CA VAL A 45 -5.26 20.77 -10.53
C VAL A 45 -4.89 19.41 -9.92
N PRO A 46 -3.57 19.09 -9.78
CA PRO A 46 -3.15 17.81 -9.20
C PRO A 46 -3.70 17.59 -7.80
N VAL A 47 -3.88 18.70 -7.07
CA VAL A 47 -4.42 18.63 -5.71
C VAL A 47 -5.88 18.18 -5.77
N LEU A 48 -6.63 18.81 -6.67
CA LEU A 48 -8.04 18.51 -6.84
C LEU A 48 -8.28 17.10 -7.38
N ALA A 49 -7.76 16.80 -8.58
CA ALA A 49 -7.92 15.47 -9.18
C ALA A 49 -7.61 14.32 -8.23
N VAL A 50 -6.41 14.33 -7.63
CA VAL A 50 -6.06 13.27 -6.67
C VAL A 50 -7.19 13.13 -5.64
N SER A 51 -7.44 14.18 -4.87
CA SER A 51 -8.56 14.17 -3.93
C SER A 51 -9.89 13.69 -4.51
N LEU A 52 -10.26 14.10 -5.71
CA LEU A 52 -11.53 13.68 -6.28
C LEU A 52 -11.50 12.24 -6.76
N ALA A 53 -10.31 11.67 -6.84
CA ALA A 53 -10.19 10.29 -7.31
C ALA A 53 -10.35 9.37 -6.10
N LEU A 54 -9.61 9.72 -5.06
CA LEU A 54 -9.59 9.02 -3.77
C LEU A 54 -11.00 8.60 -3.33
N GLU A 55 -11.96 9.49 -3.47
CA GLU A 55 -13.35 9.21 -3.10
C GLU A 55 -14.10 8.41 -4.16
N GLY A 56 -13.43 7.38 -4.65
CA GLY A 56 -13.99 6.57 -5.71
C GLY A 56 -13.36 5.21 -5.79
N LYS A 57 -13.50 4.57 -6.95
CA LYS A 57 -12.93 3.25 -7.17
C LYS A 57 -11.41 3.33 -7.29
N ALA A 58 -10.74 2.28 -6.83
CA ALA A 58 -9.28 2.23 -6.87
C ALA A 58 -8.72 2.33 -8.28
N SER A 59 -9.45 1.80 -9.25
CA SER A 59 -9.03 1.82 -10.64
C SER A 59 -8.91 3.25 -11.17
N HIS A 60 -9.70 4.15 -10.61
CA HIS A 60 -9.67 5.54 -11.06
C HIS A 60 -8.43 6.27 -10.56
N ARG A 61 -8.03 5.95 -9.35
CA ARG A 61 -6.87 6.57 -8.70
C ARG A 61 -5.54 6.18 -9.34
N GLU A 62 -5.53 5.17 -10.22
CA GLU A 62 -4.27 4.72 -10.80
C GLU A 62 -3.80 5.67 -11.90
N MET A 63 -4.73 5.98 -12.80
CA MET A 63 -4.44 6.86 -13.92
C MET A 63 -4.13 8.28 -13.46
N THR A 64 -4.70 8.67 -12.32
CA THR A 64 -4.46 10.00 -11.76
C THR A 64 -2.96 10.25 -11.62
N SER A 65 -2.24 9.29 -11.03
CA SER A 65 -0.79 9.41 -10.88
C SER A 65 -0.09 9.71 -12.21
N LYS A 66 -0.58 9.15 -13.31
CA LYS A 66 0.02 9.38 -14.63
C LYS A 66 -0.15 10.83 -15.06
N LEU A 67 -1.21 11.46 -14.56
CA LEU A 67 -1.52 12.84 -14.89
C LEU A 67 -0.42 13.78 -14.39
N LEU A 68 0.29 13.35 -13.35
CA LEU A 68 1.37 14.13 -12.78
C LEU A 68 2.54 14.23 -13.75
N SER A 69 3.17 13.10 -14.04
CA SER A 69 4.29 13.04 -15.01
C SER A 69 3.84 13.58 -16.38
N ASP A 70 2.53 13.57 -16.56
CA ASP A 70 1.91 14.07 -17.79
C ASP A 70 2.03 15.59 -17.84
N LEU A 71 1.51 16.23 -16.80
CA LEU A 71 1.56 17.68 -16.69
C LEU A 71 2.98 18.16 -16.42
N CYS A 72 3.70 17.43 -15.57
CA CYS A 72 5.08 17.79 -15.24
C CYS A 72 5.96 17.69 -16.48
N GLY A 73 6.82 18.67 -16.66
CA GLY A 73 7.68 18.69 -17.82
C GLY A 73 7.05 19.48 -18.95
N THR A 74 5.72 19.49 -18.98
CA THR A 74 4.99 20.22 -20.01
C THR A 74 4.50 21.57 -19.47
N VAL A 75 3.74 21.52 -18.39
CA VAL A 75 3.20 22.73 -17.76
C VAL A 75 3.60 22.81 -16.29
N MET A 76 3.74 21.66 -15.67
CA MET A 76 4.12 21.58 -14.25
C MET A 76 5.61 21.38 -14.09
N SER A 77 6.16 21.92 -13.02
CA SER A 77 7.58 21.79 -12.72
C SER A 77 7.77 20.91 -11.49
N THR A 78 9.02 20.53 -11.23
CA THR A 78 9.34 19.71 -10.07
C THR A 78 8.86 20.40 -8.79
N THR A 79 9.00 21.71 -8.76
CA THR A 79 8.57 22.53 -7.63
C THR A 79 7.04 22.50 -7.49
N ASP A 80 6.36 22.32 -8.62
CA ASP A 80 4.90 22.27 -8.63
C ASP A 80 4.41 21.00 -7.96
N VAL A 81 5.16 19.92 -8.14
CA VAL A 81 4.84 18.63 -7.56
C VAL A 81 4.80 18.75 -6.04
N GLU A 82 5.89 19.27 -5.48
CA GLU A 82 6.01 19.46 -4.04
C GLU A 82 4.90 20.39 -3.53
N LYS A 83 4.76 21.53 -4.20
CA LYS A 83 3.73 22.52 -3.85
C LYS A 83 2.35 21.87 -3.67
N SER A 84 1.98 20.97 -4.58
CA SER A 84 0.70 20.28 -4.50
C SER A 84 0.69 19.26 -3.36
N PHE A 85 1.74 18.45 -3.34
CA PHE A 85 1.90 17.44 -2.29
C PHE A 85 1.74 18.05 -0.89
N ASP A 86 2.43 19.16 -0.64
CA ASP A 86 2.36 19.86 0.65
C ASP A 86 0.95 20.41 0.91
N LYS A 87 0.25 20.67 -0.18
CA LYS A 87 -1.10 21.21 -0.12
C LYS A 87 -2.10 20.12 0.27
N LEU A 88 -1.97 18.96 -0.37
CA LEU A 88 -2.84 17.81 -0.09
C LEU A 88 -2.58 17.30 1.33
N LEU A 89 -1.33 17.47 1.77
CA LEU A 89 -0.92 17.04 3.10
C LEU A 89 -1.80 17.69 4.17
N LYS A 90 -1.85 19.01 4.15
CA LYS A 90 -2.67 19.77 5.09
C LYS A 90 -4.18 19.50 4.96
N ASP A 91 -4.61 19.06 3.78
CA ASP A 91 -6.03 18.76 3.54
C ASP A 91 -6.41 17.43 4.17
N LEU A 92 -5.61 16.41 3.84
CA LEU A 92 -5.78 15.04 4.36
C LEU A 92 -6.43 14.92 5.74
N PRO A 93 -5.98 15.64 6.80
CA PRO A 93 -6.61 15.55 8.12
C PRO A 93 -8.15 15.68 8.06
N GLU A 94 -8.66 16.57 7.21
CA GLU A 94 -10.09 16.79 7.05
C GLU A 94 -10.67 15.90 5.94
N LEU A 95 -9.75 15.30 5.19
CA LEU A 95 -10.14 14.47 4.04
C LEU A 95 -10.49 13.05 4.45
N ALA A 96 -10.09 12.68 5.66
CA ALA A 96 -10.36 11.35 6.17
C ALA A 96 -11.68 11.28 6.94
N LEU A 97 -12.50 12.35 6.85
CA LEU A 97 -13.77 12.39 7.56
C LEU A 97 -14.72 11.29 7.09
N ASP A 98 -14.95 11.20 5.81
CA ASP A 98 -15.85 10.19 5.24
C ASP A 98 -15.03 9.14 4.50
N THR A 99 -13.74 9.11 4.78
CA THR A 99 -12.83 8.18 4.14
C THR A 99 -11.82 7.66 5.14
N PRO A 100 -12.12 6.53 5.82
CA PRO A 100 -11.21 5.94 6.81
C PRO A 100 -9.90 5.45 6.20
N ARG A 101 -9.93 5.21 4.89
CA ARG A 101 -8.76 4.73 4.17
C ARG A 101 -8.08 5.88 3.42
N ALA A 102 -8.37 7.11 3.84
CA ALA A 102 -7.81 8.29 3.18
C ALA A 102 -6.31 8.46 3.43
N PRO A 103 -5.85 8.49 4.71
CA PRO A 103 -4.41 8.64 5.02
C PRO A 103 -3.56 7.63 4.26
N GLN A 104 -3.79 6.35 4.56
CA GLN A 104 -3.09 5.25 3.88
C GLN A 104 -3.06 5.42 2.35
N LEU A 105 -4.12 6.01 1.79
CA LEU A 105 -4.20 6.22 0.35
C LEU A 105 -3.24 7.30 -0.14
N VAL A 106 -3.14 8.38 0.63
CA VAL A 106 -2.25 9.48 0.27
C VAL A 106 -0.80 9.02 0.18
N GLY A 107 -0.41 8.16 1.11
CA GLY A 107 0.95 7.64 1.12
C GLY A 107 1.28 6.88 -0.15
N GLN A 108 0.28 6.21 -0.71
CA GLN A 108 0.44 5.43 -1.94
C GLN A 108 0.91 6.33 -3.09
N PHE A 109 0.36 7.53 -3.14
CA PHE A 109 0.72 8.49 -4.17
C PHE A 109 2.13 9.03 -3.96
N ILE A 110 2.48 9.26 -2.70
CA ILE A 110 3.81 9.78 -2.36
C ILE A 110 4.92 8.90 -2.94
N ALA A 111 4.95 7.63 -2.54
CA ALA A 111 5.96 6.70 -3.06
C ALA A 111 5.89 6.58 -4.58
N ARG A 112 4.68 6.65 -5.11
CA ARG A 112 4.46 6.57 -6.55
C ARG A 112 5.22 7.67 -7.27
N ALA A 113 5.08 8.90 -6.78
CA ALA A 113 5.74 10.06 -7.36
C ALA A 113 7.26 9.93 -7.31
N VAL A 114 7.76 9.25 -6.29
CA VAL A 114 9.19 9.05 -6.13
C VAL A 114 9.69 8.08 -7.19
N GLY A 115 9.09 6.89 -7.23
CA GLY A 115 9.45 5.90 -8.23
C GLY A 115 9.18 6.38 -9.64
N ASP A 116 8.35 7.40 -9.75
CA ASP A 116 8.02 7.98 -11.03
C ASP A 116 9.15 8.91 -11.46
N GLY A 117 9.44 9.89 -10.60
CA GLY A 117 10.55 10.80 -10.88
C GLY A 117 10.28 12.21 -10.39
N ILE A 118 9.07 12.69 -10.62
CA ILE A 118 8.65 14.03 -10.21
C ILE A 118 9.00 14.40 -8.76
N LEU A 119 8.82 13.46 -7.84
CA LEU A 119 9.11 13.73 -6.43
C LEU A 119 10.42 13.10 -6.01
N CYS A 120 11.15 13.81 -5.14
CA CYS A 120 12.43 13.33 -4.64
C CYS A 120 12.21 12.50 -3.36
N ASN A 121 13.04 11.49 -3.16
CA ASN A 121 12.94 10.64 -1.99
C ASN A 121 13.09 11.44 -0.69
N THR A 122 14.05 12.37 -0.69
CA THR A 122 14.32 13.23 0.45
C THR A 122 13.12 14.08 0.90
N TYR A 123 11.98 13.95 0.21
CA TYR A 123 10.80 14.70 0.58
C TYR A 123 10.30 14.23 1.94
N ILE A 124 10.31 12.91 2.12
CA ILE A 124 9.87 12.30 3.36
C ILE A 124 10.94 12.48 4.44
N ASP A 125 12.19 12.51 3.99
CA ASP A 125 13.33 12.68 4.90
C ASP A 125 13.28 14.05 5.56
N SER A 126 12.84 15.04 4.79
CA SER A 126 12.73 16.40 5.29
C SER A 126 11.62 16.53 6.34
N TYR A 127 10.61 15.69 6.23
CA TYR A 127 9.49 15.72 7.17
C TYR A 127 9.59 14.57 8.17
N LYS A 128 10.80 14.04 8.29
CA LYS A 128 11.13 12.91 9.16
C LYS A 128 11.03 13.12 10.67
N GLY A 129 9.91 13.60 11.16
CA GLY A 129 9.76 13.79 12.59
C GLY A 129 9.38 15.20 12.87
N THR A 130 9.62 16.02 11.86
CA THR A 130 9.32 17.43 11.91
C THR A 130 7.81 17.61 12.04
N VAL A 131 7.05 16.88 11.23
CA VAL A 131 5.60 16.95 11.25
C VAL A 131 5.06 16.34 12.53
N ASP A 132 4.29 17.13 13.27
CA ASP A 132 3.71 16.68 14.54
C ASP A 132 2.25 16.25 14.37
N CYS A 133 1.82 16.15 13.13
CA CYS A 133 0.45 15.75 12.82
C CYS A 133 0.41 14.27 12.43
N VAL A 134 -0.25 13.45 13.26
CA VAL A 134 -0.34 12.02 13.00
C VAL A 134 -1.11 11.76 11.70
N GLN A 135 -2.14 12.57 11.48
CA GLN A 135 -2.94 12.49 10.25
C GLN A 135 -2.02 12.47 9.03
N ALA A 136 -1.07 13.41 8.98
CA ALA A 136 -0.12 13.47 7.88
C ALA A 136 0.92 12.36 8.04
N ARG A 137 1.27 12.08 9.29
CA ARG A 137 2.23 11.03 9.63
C ARG A 137 1.75 9.66 9.19
N ALA A 138 0.46 9.52 8.91
CA ALA A 138 -0.04 8.20 8.54
C ALA A 138 0.31 7.99 7.09
N ALA A 139 0.40 9.12 6.40
CA ALA A 139 0.70 9.16 4.98
C ALA A 139 2.20 9.16 4.70
N LEU A 140 2.92 10.02 5.41
CA LEU A 140 4.36 10.18 5.21
C LEU A 140 5.13 8.91 5.48
N ASP A 141 5.01 8.39 6.69
CA ASP A 141 5.67 7.17 7.10
C ASP A 141 5.11 5.95 6.41
N LYS A 142 4.03 6.12 5.67
CA LYS A 142 3.38 5.00 5.01
C LYS A 142 4.19 4.60 3.77
N ALA A 143 4.78 5.62 3.14
CA ALA A 143 5.56 5.46 1.93
C ALA A 143 6.82 4.60 2.09
N THR A 144 7.35 4.52 3.31
CA THR A 144 8.57 3.73 3.56
C THR A 144 8.42 2.28 3.11
N VAL A 145 7.49 1.56 3.73
CA VAL A 145 7.22 0.18 3.35
C VAL A 145 6.83 0.07 1.88
N LEU A 146 6.20 1.11 1.39
CA LEU A 146 5.77 1.17 -0.01
C LEU A 146 6.95 0.94 -0.96
N LEU A 147 8.10 1.52 -0.63
CA LEU A 147 9.29 1.36 -1.45
C LEU A 147 9.89 -0.04 -1.28
N SER A 148 9.98 -0.48 -0.04
CA SER A 148 10.53 -1.79 0.28
C SER A 148 9.64 -2.92 -0.27
N MET A 149 8.37 -2.63 -0.47
CA MET A 149 7.43 -3.61 -0.99
C MET A 149 7.67 -3.87 -2.48
N SER A 150 7.92 -2.82 -3.23
CA SER A 150 8.17 -2.94 -4.65
C SER A 150 9.52 -3.61 -4.92
N LYS A 151 10.59 -3.00 -4.41
CA LYS A 151 11.93 -3.55 -4.61
C LYS A 151 12.44 -4.22 -3.35
N GLY A 152 11.89 -5.39 -3.06
CA GLY A 152 12.29 -6.13 -1.90
C GLY A 152 11.24 -7.15 -1.50
N GLY A 153 10.86 -7.98 -2.45
CA GLY A 153 9.86 -9.00 -2.19
C GLY A 153 9.82 -10.06 -3.27
N LYS A 154 10.82 -10.94 -3.24
CA LYS A 154 10.92 -12.02 -4.20
C LYS A 154 11.72 -13.18 -3.60
N ARG A 155 11.22 -13.69 -2.48
CA ARG A 155 11.87 -14.79 -1.77
C ARG A 155 11.76 -16.08 -2.57
N LYS A 156 10.70 -16.21 -3.35
CA LYS A 156 10.46 -17.38 -4.17
C LYS A 156 9.85 -16.97 -5.50
N ASP A 157 10.12 -17.73 -6.54
CA ASP A 157 9.60 -17.42 -7.86
C ASP A 157 8.75 -18.56 -8.41
N SER A 158 9.42 -19.56 -8.97
CA SER A 158 8.73 -20.71 -9.54
C SER A 158 8.17 -21.61 -8.45
N VAL A 159 6.94 -21.33 -8.03
CA VAL A 159 6.29 -22.13 -7.00
C VAL A 159 5.01 -22.75 -7.54
N TRP A 160 4.05 -21.90 -7.89
CA TRP A 160 2.79 -22.36 -8.42
C TRP A 160 2.50 -21.69 -9.76
N GLY A 161 2.05 -22.49 -10.71
CA GLY A 161 1.75 -21.97 -12.04
C GLY A 161 0.31 -21.53 -12.14
N SER A 162 0.10 -20.28 -12.51
CA SER A 162 -1.24 -19.74 -12.65
C SER A 162 -1.23 -18.55 -13.61
N GLY A 163 -2.35 -18.31 -14.27
CA GLY A 163 -2.46 -17.22 -15.20
C GLY A 163 -3.90 -16.97 -15.58
N GLY B 1 -5.92 -15.62 -17.89
CA GLY B 1 -6.02 -14.22 -18.35
C GLY B 1 -6.74 -14.10 -19.68
N GLY B 2 -7.16 -12.89 -20.03
CA GLY B 2 -7.85 -12.67 -21.28
C GLY B 2 -7.27 -11.50 -22.06
N GLN B 3 -7.83 -10.32 -21.85
CA GLN B 3 -7.38 -9.12 -22.53
C GLN B 3 -6.31 -8.42 -21.70
N GLN B 4 -6.57 -8.29 -20.41
CA GLN B 4 -5.64 -7.64 -19.50
C GLN B 4 -5.87 -8.17 -18.08
N PRO B 5 -4.87 -8.88 -17.53
CA PRO B 5 -4.97 -9.44 -16.18
C PRO B 5 -4.96 -8.36 -15.11
N VAL B 6 -5.72 -8.59 -14.04
CA VAL B 6 -5.81 -7.65 -12.93
C VAL B 6 -4.65 -7.83 -11.97
N ASN B 7 -4.58 -6.97 -10.96
CA ASN B 7 -3.52 -7.03 -9.97
C ASN B 7 -3.81 -8.13 -8.94
N HIS B 8 -3.12 -9.25 -9.08
CA HIS B 8 -3.29 -10.38 -8.16
C HIS B 8 -2.05 -11.27 -8.23
N LEU B 9 -1.78 -12.02 -7.16
CA LEU B 9 -0.65 -12.93 -7.09
C LEU B 9 0.66 -12.20 -6.81
N VAL B 10 0.96 -11.21 -7.62
CA VAL B 10 2.17 -10.42 -7.46
C VAL B 10 1.86 -9.13 -6.73
N LYS B 11 2.67 -8.81 -5.73
CA LYS B 11 2.50 -7.60 -4.93
C LYS B 11 1.13 -7.58 -4.26
N GLU B 12 0.78 -8.73 -3.70
CA GLU B 12 -0.48 -8.92 -3.00
C GLU B 12 -0.17 -9.51 -1.63
N ILE B 13 0.27 -10.76 -1.63
CA ILE B 13 0.65 -11.45 -0.40
C ILE B 13 1.90 -10.77 0.16
N ASP B 14 2.88 -10.63 -0.72
CA ASP B 14 4.15 -9.99 -0.40
C ASP B 14 3.91 -8.55 0.05
N MET B 15 2.80 -7.99 -0.41
CA MET B 15 2.46 -6.62 -0.09
C MET B 15 1.85 -6.48 1.29
N LEU B 16 0.74 -7.18 1.50
CA LEU B 16 -0.02 -7.13 2.75
C LEU B 16 0.79 -7.58 3.96
N LEU B 17 1.63 -8.58 3.78
CA LEU B 17 2.45 -9.07 4.89
C LEU B 17 3.46 -8.03 5.29
N LYS B 18 4.05 -7.39 4.30
CA LYS B 18 5.06 -6.38 4.52
C LYS B 18 4.50 -5.06 5.06
N GLU B 19 3.25 -4.74 4.74
CA GLU B 19 2.65 -3.49 5.23
C GLU B 19 2.72 -3.43 6.75
N TYR B 20 2.09 -4.39 7.41
CA TYR B 20 2.12 -4.44 8.87
C TYR B 20 3.54 -4.69 9.38
N LEU B 21 4.34 -5.36 8.57
CA LEU B 21 5.73 -5.66 8.93
C LEU B 21 6.56 -4.38 9.03
N LEU B 22 6.14 -3.33 8.34
CA LEU B 22 6.89 -2.08 8.36
C LEU B 22 6.17 -0.98 9.15
N SER B 23 4.87 -0.87 8.92
CA SER B 23 4.05 0.13 9.56
C SER B 23 3.51 -0.39 10.90
N GLY B 24 2.59 0.34 11.47
CA GLY B 24 2.01 -0.06 12.74
C GLY B 24 0.51 0.05 12.74
N ASP B 25 -0.10 -0.23 11.60
CA ASP B 25 -1.55 -0.15 11.46
C ASP B 25 -2.13 -1.45 10.96
N ILE B 26 -2.99 -2.06 11.76
CA ILE B 26 -3.63 -3.32 11.39
C ILE B 26 -4.73 -3.10 10.34
N SER B 27 -5.32 -1.90 10.36
CA SER B 27 -6.41 -1.54 9.47
C SER B 27 -6.08 -1.73 7.98
N GLU B 28 -4.93 -1.21 7.55
CA GLU B 28 -4.52 -1.35 6.16
C GLU B 28 -4.52 -2.80 5.71
N ALA B 29 -3.86 -3.67 6.47
CA ALA B 29 -3.80 -5.08 6.12
C ALA B 29 -5.18 -5.73 6.25
N GLU B 30 -5.92 -5.32 7.26
CA GLU B 30 -7.26 -5.85 7.53
C GLU B 30 -8.19 -5.56 6.35
N HIS B 31 -8.27 -4.28 5.97
CA HIS B 31 -9.15 -3.89 4.88
C HIS B 31 -8.70 -4.49 3.55
N CYS B 32 -7.42 -4.31 3.21
CA CYS B 32 -6.88 -4.88 1.96
C CYS B 32 -7.19 -6.37 1.80
N LEU B 33 -7.09 -7.14 2.89
CA LEU B 33 -7.37 -8.57 2.82
C LEU B 33 -8.84 -8.83 2.52
N LYS B 34 -9.69 -7.98 3.05
CA LYS B 34 -11.13 -8.09 2.81
C LYS B 34 -11.49 -7.63 1.39
N GLU B 35 -10.63 -6.81 0.81
CA GLU B 35 -10.79 -6.22 -0.52
C GLU B 35 -10.41 -7.19 -1.66
N LEU B 36 -10.35 -8.49 -1.37
CA LEU B 36 -9.84 -9.45 -2.36
C LEU B 36 -10.98 -10.13 -3.13
N GLU B 37 -10.75 -11.39 -3.57
CA GLU B 37 -11.77 -12.11 -4.31
C GLU B 37 -11.95 -13.55 -3.81
N VAL B 38 -10.91 -14.38 -3.94
CA VAL B 38 -11.01 -15.77 -3.49
C VAL B 38 -10.51 -15.92 -2.06
N PRO B 39 -11.41 -16.27 -1.14
CA PRO B 39 -11.04 -16.43 0.26
C PRO B 39 -10.31 -17.75 0.51
N HIS B 40 -10.36 -18.64 -0.48
CA HIS B 40 -9.71 -19.93 -0.36
C HIS B 40 -8.28 -19.94 -0.85
N PHE B 41 -7.70 -18.76 -1.01
CA PHE B 41 -6.31 -18.65 -1.45
C PHE B 41 -5.47 -17.90 -0.42
N HIS B 42 -6.00 -17.80 0.80
CA HIS B 42 -5.32 -17.10 1.89
C HIS B 42 -4.13 -17.91 2.40
N HIS B 43 -4.13 -19.20 2.07
CA HIS B 43 -3.05 -20.13 2.47
C HIS B 43 -1.69 -19.64 2.03
N GLU B 44 -1.67 -18.86 0.96
CA GLU B 44 -0.42 -18.35 0.41
C GLU B 44 0.11 -17.19 1.26
N LEU B 45 -0.81 -16.43 1.84
CA LEU B 45 -0.46 -15.29 2.67
C LEU B 45 0.15 -15.73 4.00
N VAL B 46 -0.53 -16.64 4.68
CA VAL B 46 -0.09 -17.13 5.99
C VAL B 46 1.29 -17.80 5.90
N TYR B 47 1.40 -18.77 5.00
CA TYR B 47 2.64 -19.50 4.78
C TYR B 47 3.89 -18.60 4.76
N GLU B 48 3.88 -17.56 3.94
CA GLU B 48 5.02 -16.66 3.83
C GLU B 48 5.21 -15.83 5.10
N ALA B 49 4.10 -15.43 5.71
CA ALA B 49 4.13 -14.65 6.95
C ALA B 49 4.96 -15.37 8.01
N ILE B 50 4.73 -16.66 8.17
CA ILE B 50 5.48 -17.45 9.14
C ILE B 50 6.96 -17.45 8.77
N VAL B 51 7.24 -17.84 7.52
CA VAL B 51 8.59 -17.83 6.99
C VAL B 51 9.35 -16.54 7.32
N MET B 52 8.76 -15.40 7.00
CA MET B 52 9.39 -14.11 7.29
C MET B 52 9.73 -13.96 8.76
N VAL B 53 8.76 -14.33 9.60
CA VAL B 53 8.93 -14.26 11.05
C VAL B 53 10.22 -14.97 11.49
N LEU B 54 10.36 -16.24 11.14
CA LEU B 54 11.56 -17.02 11.48
C LEU B 54 12.79 -16.54 10.72
N GLU B 55 12.57 -16.06 9.51
CA GLU B 55 13.63 -15.56 8.65
C GLU B 55 13.96 -14.09 8.92
N SER B 56 13.54 -13.57 10.07
CA SER B 56 13.76 -12.18 10.39
C SER B 56 14.70 -12.07 11.60
N THR B 57 14.71 -10.90 12.24
CA THR B 57 15.54 -10.66 13.40
C THR B 57 14.83 -9.73 14.38
N GLY B 58 14.85 -10.08 15.66
CA GLY B 58 14.19 -9.27 16.65
C GLY B 58 12.81 -9.80 16.98
N GLU B 59 12.30 -9.47 18.16
CA GLU B 59 10.98 -9.93 18.58
C GLU B 59 9.89 -9.07 17.97
N SER B 60 10.29 -7.99 17.34
CA SER B 60 9.36 -7.08 16.68
C SER B 60 8.62 -7.84 15.57
N ALA B 61 9.26 -8.89 15.10
CA ALA B 61 8.71 -9.72 14.03
C ALA B 61 7.71 -10.74 14.57
N PHE B 62 7.87 -11.11 15.85
CA PHE B 62 7.05 -12.15 16.47
C PHE B 62 5.62 -11.71 16.79
N LYS B 63 5.44 -10.88 17.83
CA LYS B 63 4.11 -10.42 18.24
C LYS B 63 3.35 -9.75 17.11
N MET B 64 4.04 -8.82 16.46
CA MET B 64 3.46 -8.06 15.36
C MET B 64 2.81 -8.97 14.32
N ILE B 65 3.48 -10.03 13.91
CA ILE B 65 2.91 -10.94 12.91
C ILE B 65 1.99 -11.99 13.55
N LEU B 66 2.33 -12.42 14.77
CA LEU B 66 1.54 -13.42 15.49
C LEU B 66 0.11 -12.94 15.73
N ASP B 67 -0.04 -11.77 16.34
CA ASP B 67 -1.35 -11.21 16.62
C ASP B 67 -2.02 -10.80 15.31
N LEU B 68 -1.18 -10.33 14.40
CA LEU B 68 -1.65 -9.96 13.06
C LEU B 68 -2.47 -11.11 12.51
N LEU B 69 -1.90 -12.31 12.57
CA LEU B 69 -2.59 -13.50 12.10
C LEU B 69 -3.90 -13.74 12.83
N LYS B 70 -3.92 -13.55 14.16
CA LYS B 70 -5.15 -13.73 14.94
C LYS B 70 -6.24 -12.77 14.48
N SER B 71 -5.91 -11.48 14.45
CA SER B 71 -6.84 -10.45 13.95
C SER B 71 -7.46 -10.88 12.61
N LEU B 72 -6.72 -11.68 11.88
CA LEU B 72 -7.15 -12.22 10.60
C LEU B 72 -8.01 -13.47 10.79
N TRP B 73 -7.55 -14.34 11.69
CA TRP B 73 -8.20 -15.62 11.98
C TRP B 73 -9.61 -15.51 12.54
N LYS B 74 -9.76 -14.96 13.74
CA LYS B 74 -11.06 -14.85 14.39
C LYS B 74 -12.07 -13.94 13.71
N SER B 75 -11.70 -12.68 13.50
CA SER B 75 -12.67 -11.75 12.92
C SER B 75 -13.27 -12.10 11.55
N SER B 76 -12.55 -12.80 10.64
CA SER B 76 -13.09 -13.19 9.31
C SER B 76 -12.03 -13.10 8.22
N THR B 77 -11.48 -14.26 7.81
CA THR B 77 -10.46 -14.34 6.77
C THR B 77 -9.82 -15.73 6.75
N ILE B 78 -9.59 -16.28 7.93
CA ILE B 78 -8.95 -17.59 8.03
C ILE B 78 -9.92 -18.69 8.45
N THR B 79 -9.93 -19.76 7.66
CA THR B 79 -10.76 -20.92 7.92
C THR B 79 -9.91 -21.99 8.63
N ILE B 80 -10.43 -23.21 8.76
CA ILE B 80 -9.68 -24.26 9.45
C ILE B 80 -8.53 -24.84 8.60
N ASP B 81 -8.85 -25.32 7.41
CA ASP B 81 -7.86 -25.87 6.48
C ASP B 81 -7.11 -24.77 5.76
N GLN B 82 -7.69 -23.58 5.84
CA GLN B 82 -7.13 -22.43 5.15
C GLN B 82 -5.68 -22.23 5.53
N MET B 83 -5.40 -22.26 6.83
CA MET B 83 -4.05 -22.08 7.33
C MET B 83 -3.30 -23.42 7.34
N LYS B 84 -4.07 -24.51 7.21
CA LYS B 84 -3.52 -25.87 7.32
C LYS B 84 -2.43 -26.13 6.30
N ARG B 85 -2.77 -26.03 5.02
CA ARG B 85 -1.80 -26.23 3.95
C ARG B 85 -0.71 -25.16 4.00
N GLY B 86 -0.95 -24.14 4.81
CA GLY B 86 0.02 -23.08 4.93
C GLY B 86 1.09 -23.49 5.92
N TYR B 87 0.64 -24.04 7.04
CA TYR B 87 1.51 -24.49 8.11
C TYR B 87 2.25 -25.78 7.76
N GLU B 88 1.60 -26.67 7.02
CA GLU B 88 2.22 -27.94 6.63
C GLU B 88 3.45 -27.69 5.77
N ARG B 89 3.38 -26.64 4.95
CA ARG B 89 4.48 -26.27 4.08
C ARG B 89 5.68 -25.84 4.91
N ILE B 90 5.41 -25.25 6.07
CA ILE B 90 6.44 -24.78 6.97
C ILE B 90 7.22 -25.97 7.54
N TYR B 91 6.61 -27.14 7.51
CA TYR B 91 7.25 -28.33 8.03
C TYR B 91 7.96 -29.06 6.90
N ASN B 92 7.38 -28.97 5.72
CA ASN B 92 7.91 -29.61 4.53
C ASN B 92 9.10 -28.83 3.97
N GLU B 93 9.02 -27.51 4.04
CA GLU B 93 10.09 -26.67 3.52
C GLU B 93 11.18 -26.40 4.55
N ILE B 94 10.98 -26.90 5.77
CA ILE B 94 11.97 -26.74 6.84
C ILE B 94 13.34 -27.28 6.43
N PRO B 95 13.44 -28.49 5.83
CA PRO B 95 14.72 -29.04 5.37
C PRO B 95 15.43 -28.12 4.38
N ASP B 96 14.63 -27.46 3.54
CA ASP B 96 15.18 -26.53 2.54
C ASP B 96 15.76 -25.30 3.22
N ILE B 97 15.09 -24.86 4.28
CA ILE B 97 15.53 -23.69 5.03
C ILE B 97 16.71 -24.03 5.95
N ASN B 98 16.57 -25.12 6.70
CA ASN B 98 17.60 -25.55 7.63
C ASN B 98 18.83 -26.12 6.93
N LEU B 99 18.59 -27.10 6.06
CA LEU B 99 19.66 -27.77 5.33
C LEU B 99 20.69 -28.36 6.30
N ASP B 100 20.21 -29.29 7.14
CA ASP B 100 21.02 -29.97 8.15
C ASP B 100 21.21 -29.10 9.38
N VAL B 101 21.16 -29.71 10.56
CA VAL B 101 21.29 -29.01 11.84
C VAL B 101 20.17 -27.97 12.00
N PRO B 102 18.99 -28.42 12.45
CA PRO B 102 17.83 -27.56 12.63
C PRO B 102 17.91 -26.71 13.89
N HIS B 103 18.87 -25.79 13.92
CA HIS B 103 19.05 -24.88 15.06
C HIS B 103 17.90 -23.89 15.19
N SER B 104 16.92 -24.00 14.31
CA SER B 104 15.76 -23.13 14.32
C SER B 104 14.72 -23.62 15.32
N TYR B 105 14.94 -24.83 15.84
CA TYR B 105 14.01 -25.45 16.80
C TYR B 105 13.71 -24.55 17.98
N SER B 106 14.65 -23.70 18.36
CA SER B 106 14.45 -22.81 19.49
C SER B 106 13.13 -22.05 19.37
N VAL B 107 12.93 -21.34 18.26
CA VAL B 107 11.69 -20.63 17.99
C VAL B 107 10.68 -21.53 17.25
N LEU B 108 11.20 -22.59 16.66
CA LEU B 108 10.42 -23.47 15.80
C LEU B 108 9.29 -24.21 16.52
N GLU B 109 9.50 -24.58 17.78
CA GLU B 109 8.47 -25.33 18.50
C GLU B 109 7.39 -24.44 19.14
N ARG B 110 7.78 -23.60 20.12
CA ARG B 110 6.82 -22.69 20.77
C ARG B 110 6.07 -21.79 19.81
N PHE B 111 6.82 -21.00 19.05
CA PHE B 111 6.20 -20.10 18.05
C PHE B 111 5.00 -20.74 17.32
N VAL B 112 5.09 -22.03 17.01
CA VAL B 112 3.99 -22.75 16.35
C VAL B 112 2.87 -23.05 17.38
N GLU B 113 3.29 -23.62 18.50
CA GLU B 113 2.40 -24.00 19.60
C GLU B 113 1.82 -22.82 20.37
N GLU B 114 2.38 -21.64 20.14
CA GLU B 114 1.99 -20.45 20.88
C GLU B 114 0.49 -20.20 20.79
N CYS B 115 -0.01 -20.03 19.58
CA CYS B 115 -1.43 -19.83 19.31
C CYS B 115 -2.20 -21.14 19.26
N PHE B 116 -1.48 -22.26 19.32
CA PHE B 116 -2.07 -23.60 19.17
C PHE B 116 -3.35 -23.77 19.98
N GLN B 117 -3.28 -23.62 21.29
CA GLN B 117 -4.46 -23.73 22.14
C GLN B 117 -5.34 -22.49 22.18
N ALA B 118 -5.04 -21.44 21.40
CA ALA B 118 -5.81 -20.19 21.50
C ALA B 118 -7.20 -20.30 20.83
N GLY B 119 -7.66 -21.52 20.61
CA GLY B 119 -8.96 -21.73 20.02
C GLY B 119 -9.03 -21.56 18.50
N ILE B 120 -7.88 -21.58 17.85
CA ILE B 120 -7.85 -21.42 16.40
C ILE B 120 -7.64 -22.74 15.64
N ILE B 121 -6.39 -23.17 15.54
CA ILE B 121 -6.06 -24.42 14.84
C ILE B 121 -6.63 -25.68 15.52
N SER B 122 -6.22 -26.82 15.00
CA SER B 122 -6.67 -28.11 15.51
C SER B 122 -5.60 -28.72 16.41
N LYS B 123 -5.99 -29.69 17.23
CA LYS B 123 -5.06 -30.34 18.13
C LYS B 123 -4.05 -31.17 17.34
N GLN B 124 -4.51 -31.82 16.29
CA GLN B 124 -3.66 -32.66 15.46
C GLN B 124 -2.84 -31.86 14.45
N LEU B 125 -3.28 -30.62 14.18
CA LEU B 125 -2.63 -29.77 13.18
C LEU B 125 -1.12 -29.69 13.39
N ARG B 126 -0.67 -29.54 14.61
CA ARG B 126 0.74 -29.47 14.91
C ARG B 126 1.40 -30.85 14.97
N ASP B 127 0.58 -31.90 14.98
CA ASP B 127 1.10 -33.26 15.13
C ASP B 127 1.95 -33.64 13.92
N LEU B 128 1.75 -32.90 12.83
CA LEU B 128 2.48 -33.12 11.59
C LEU B 128 3.84 -32.42 11.62
N CYS B 129 4.21 -31.87 12.76
CA CYS B 129 5.48 -31.17 12.89
C CYS B 129 6.33 -31.83 13.97
N PRO B 130 7.66 -31.73 13.82
CA PRO B 130 8.60 -32.29 14.79
C PRO B 130 8.60 -31.51 16.11
N SER B 131 7.83 -31.99 17.07
CA SER B 131 7.74 -31.34 18.37
C SER B 131 8.71 -31.97 19.35
N GLY A 1 2.31 31.04 -2.34
CA GLY A 1 2.07 30.64 -0.94
C GLY A 1 0.63 30.25 -0.69
N LEU A 2 -0.22 31.25 -0.51
CA LEU A 2 -1.63 31.01 -0.25
C LEU A 2 -2.43 31.09 -1.54
N PRO A 3 -3.37 30.15 -1.75
CA PRO A 3 -4.22 30.12 -2.93
C PRO A 3 -5.22 31.27 -2.93
N LEU A 4 -5.61 31.72 -4.13
CA LEU A 4 -6.54 32.83 -4.26
C LEU A 4 -7.87 32.36 -4.82
N ASP A 5 -8.88 32.29 -3.94
CA ASP A 5 -10.23 31.87 -4.30
C ASP A 5 -10.28 30.42 -4.78
N GLU A 6 -10.19 29.48 -3.84
CA GLU A 6 -10.22 28.06 -4.14
C GLU A 6 -11.61 27.62 -4.59
N ARG A 7 -12.62 28.37 -4.17
CA ARG A 7 -14.00 28.03 -4.51
C ARG A 7 -14.21 28.13 -6.01
N ALA A 8 -13.64 29.17 -6.60
CA ALA A 8 -13.71 29.37 -8.03
C ALA A 8 -12.79 28.40 -8.75
N PHE A 9 -11.72 28.01 -8.06
CA PHE A 9 -10.74 27.09 -8.65
C PHE A 9 -11.32 25.70 -8.86
N GLU A 10 -11.81 25.08 -7.78
CA GLU A 10 -12.38 23.74 -7.86
C GLU A 10 -13.55 23.71 -8.83
N LYS A 11 -14.36 24.76 -8.79
CA LYS A 11 -15.52 24.89 -9.66
C LYS A 11 -15.13 24.80 -11.13
N THR A 12 -14.00 25.40 -11.48
CA THR A 12 -13.52 25.41 -12.84
C THR A 12 -12.91 24.05 -13.24
N LEU A 13 -12.42 23.31 -12.26
CA LEU A 13 -11.78 22.01 -12.52
C LEU A 13 -12.76 20.87 -12.26
N THR A 14 -13.99 21.23 -11.93
CA THR A 14 -15.04 20.26 -11.64
C THR A 14 -15.33 19.33 -12.84
N PRO A 15 -15.71 19.88 -14.00
CA PRO A 15 -16.03 19.08 -15.17
C PRO A 15 -14.80 18.55 -15.91
N ILE A 16 -13.61 18.97 -15.49
CA ILE A 16 -12.40 18.54 -16.19
C ILE A 16 -11.86 17.19 -15.69
N ILE A 17 -11.38 17.20 -14.44
CA ILE A 17 -10.81 16.01 -13.82
C ILE A 17 -11.81 14.88 -13.60
N GLN A 18 -13.07 15.24 -13.47
CA GLN A 18 -14.12 14.26 -13.22
C GLN A 18 -14.29 13.33 -14.42
N GLU A 19 -14.55 13.91 -15.57
CA GLU A 19 -14.74 13.14 -16.79
C GLU A 19 -13.42 12.61 -17.35
N TYR A 20 -12.32 13.23 -16.91
CA TYR A 20 -10.99 12.84 -17.38
C TYR A 20 -10.66 11.37 -17.10
N PHE A 21 -11.10 10.83 -15.96
CA PHE A 21 -10.79 9.44 -15.60
C PHE A 21 -11.45 8.39 -16.48
N GLU A 22 -12.42 8.79 -17.27
CA GLU A 22 -13.10 7.82 -18.12
C GLU A 22 -12.38 7.71 -19.46
N HIS A 23 -11.62 8.74 -19.78
CA HIS A 23 -10.88 8.85 -21.04
C HIS A 23 -9.46 9.42 -20.93
N GLY A 24 -8.54 8.81 -20.15
CA GLY A 24 -7.22 9.49 -19.91
C GLY A 24 -6.61 10.21 -21.11
N ASP A 25 -6.97 11.49 -21.25
CA ASP A 25 -6.51 12.34 -22.33
C ASP A 25 -5.64 13.43 -21.71
N THR A 26 -4.46 13.01 -21.26
CA THR A 26 -3.49 13.89 -20.63
C THR A 26 -3.24 15.17 -21.44
N ASN A 27 -3.25 15.05 -22.77
CA ASN A 27 -3.03 16.20 -23.64
C ASN A 27 -4.08 17.29 -23.39
N GLU A 28 -5.34 16.89 -23.46
CA GLU A 28 -6.46 17.80 -23.24
C GLU A 28 -6.30 18.62 -21.96
N VAL A 29 -5.90 17.96 -20.89
CA VAL A 29 -5.72 18.63 -19.59
C VAL A 29 -4.54 19.62 -19.66
N ALA A 30 -3.47 19.20 -20.31
CA ALA A 30 -2.28 20.04 -20.47
C ALA A 30 -2.64 21.35 -21.15
N GLU A 31 -3.38 21.24 -22.25
CA GLU A 31 -3.81 22.41 -23.01
C GLU A 31 -4.66 23.34 -22.17
N MET A 32 -5.65 22.77 -21.48
CA MET A 32 -6.57 23.54 -20.65
C MET A 32 -5.84 24.30 -19.54
N LEU A 33 -4.91 23.64 -18.87
CA LEU A 33 -4.16 24.28 -17.80
C LEU A 33 -3.26 25.40 -18.33
N ARG A 34 -2.82 25.23 -19.57
CA ARG A 34 -1.97 26.23 -20.22
C ARG A 34 -2.80 27.44 -20.61
N ASP A 35 -3.96 27.17 -21.17
CA ASP A 35 -4.90 28.21 -21.60
C ASP A 35 -5.36 29.08 -20.42
N LEU A 36 -5.45 28.47 -19.24
CA LEU A 36 -5.89 29.18 -18.03
C LEU A 36 -4.71 29.76 -17.26
N ASN A 37 -3.51 29.70 -17.89
CA ASN A 37 -2.23 30.19 -17.34
C ASN A 37 -2.24 30.63 -15.87
N LEU A 38 -2.02 29.68 -14.97
CA LEU A 38 -1.99 29.97 -13.54
C LEU A 38 -0.57 29.88 -12.99
N GLY A 39 -0.33 30.54 -11.86
CA GLY A 39 0.98 30.52 -11.24
C GLY A 39 1.02 29.60 -10.03
N GLU A 40 1.02 30.18 -8.84
CA GLU A 40 1.05 29.40 -7.60
C GLU A 40 -0.28 28.68 -7.38
N MET A 41 -1.31 29.17 -8.07
CA MET A 41 -2.64 28.58 -7.98
C MET A 41 -2.68 27.26 -8.77
N LYS A 42 -1.76 27.15 -9.71
CA LYS A 42 -1.64 25.97 -10.55
C LYS A 42 -1.19 24.77 -9.71
N SER A 43 -0.54 25.06 -8.60
CA SER A 43 -0.05 24.01 -7.72
C SER A 43 -1.17 23.19 -7.08
N GLY A 44 -2.41 23.70 -7.05
CA GLY A 44 -3.48 22.93 -6.48
C GLY A 44 -4.15 22.02 -7.49
N VAL A 45 -3.44 21.75 -8.58
CA VAL A 45 -3.95 20.87 -9.62
C VAL A 45 -3.87 19.41 -9.18
N PRO A 46 -2.66 18.93 -8.75
CA PRO A 46 -2.49 17.56 -8.27
C PRO A 46 -3.55 17.19 -7.24
N VAL A 47 -3.53 17.87 -6.08
CA VAL A 47 -4.52 17.64 -5.02
C VAL A 47 -5.93 17.36 -5.56
N LEU A 48 -6.59 18.38 -6.12
CA LEU A 48 -7.92 18.21 -6.70
C LEU A 48 -8.02 17.04 -7.68
N ALA A 49 -6.95 16.81 -8.44
CA ALA A 49 -6.94 15.71 -9.40
C ALA A 49 -6.90 14.35 -8.69
N VAL A 50 -6.14 14.27 -7.60
CA VAL A 50 -6.03 13.02 -6.83
C VAL A 50 -7.27 12.82 -5.97
N SER A 51 -7.50 13.74 -5.04
CA SER A 51 -8.65 13.74 -4.13
C SER A 51 -10.01 13.53 -4.78
N LEU A 52 -10.10 13.74 -6.09
CA LEU A 52 -11.38 13.57 -6.77
C LEU A 52 -11.66 12.07 -6.87
N ALA A 53 -10.58 11.34 -7.13
CA ALA A 53 -10.60 9.88 -7.25
C ALA A 53 -10.54 9.21 -5.87
N LEU A 54 -10.27 10.02 -4.85
CA LEU A 54 -10.09 9.50 -3.50
C LEU A 54 -11.39 9.13 -2.83
N GLU A 55 -12.50 9.16 -3.57
CA GLU A 55 -13.80 8.89 -2.97
C GLU A 55 -14.52 7.82 -3.80
N GLY A 56 -13.90 7.42 -4.91
CA GLY A 56 -14.50 6.44 -5.80
C GLY A 56 -13.72 5.16 -5.96
N LYS A 57 -13.89 4.49 -7.10
CA LYS A 57 -13.22 3.22 -7.38
C LYS A 57 -11.70 3.34 -7.43
N ALA A 58 -11.03 2.24 -7.10
CA ALA A 58 -9.58 2.17 -7.09
C ALA A 58 -9.00 2.36 -8.49
N SER A 59 -9.79 2.04 -9.50
CA SER A 59 -9.37 2.17 -10.89
C SER A 59 -8.86 3.58 -11.18
N HIS A 60 -9.70 4.57 -10.91
CA HIS A 60 -9.33 5.98 -11.12
C HIS A 60 -8.05 6.30 -10.36
N ARG A 61 -8.09 6.07 -9.05
CA ARG A 61 -6.92 6.30 -8.18
C ARG A 61 -5.64 5.78 -8.84
N GLU A 62 -5.69 4.60 -9.42
CA GLU A 62 -4.52 4.03 -10.08
C GLU A 62 -4.21 4.70 -11.43
N MET A 63 -5.24 5.05 -12.20
CA MET A 63 -5.05 5.67 -13.53
C MET A 63 -4.40 7.05 -13.46
N THR A 64 -5.03 7.97 -12.72
CA THR A 64 -4.48 9.31 -12.51
C THR A 64 -3.03 9.36 -12.05
N SER A 65 -2.49 8.24 -11.57
CA SER A 65 -1.13 8.25 -11.07
C SER A 65 -0.17 8.61 -12.21
N LYS A 66 -0.65 8.49 -13.46
CA LYS A 66 0.16 8.83 -14.64
C LYS A 66 0.26 10.34 -14.81
N LEU A 67 -0.90 11.03 -14.80
CA LEU A 67 -0.96 12.49 -14.98
C LEU A 67 0.05 13.27 -14.14
N LEU A 68 0.34 12.82 -12.93
CA LEU A 68 1.30 13.51 -12.09
C LEU A 68 2.69 13.45 -12.73
N SER A 69 3.02 12.28 -13.24
CA SER A 69 4.31 12.04 -13.85
C SER A 69 4.36 12.43 -15.35
N ASP A 70 3.19 12.51 -15.98
CA ASP A 70 3.09 12.78 -17.43
C ASP A 70 3.43 14.20 -17.84
N LEU A 71 2.63 15.17 -17.42
CA LEU A 71 2.87 16.57 -17.72
C LEU A 71 4.06 17.17 -16.98
N CYS A 72 4.77 16.35 -16.22
CA CYS A 72 5.90 16.84 -15.45
C CYS A 72 7.02 17.28 -16.39
N GLY A 73 7.66 18.39 -16.04
CA GLY A 73 8.75 18.90 -16.85
C GLY A 73 8.27 19.92 -17.88
N THR A 74 7.02 19.82 -18.27
CA THR A 74 6.46 20.76 -19.24
C THR A 74 5.69 21.86 -18.55
N VAL A 75 4.37 21.72 -18.49
CA VAL A 75 3.52 22.71 -17.84
C VAL A 75 3.78 22.74 -16.33
N MET A 76 4.10 21.58 -15.77
CA MET A 76 4.38 21.49 -14.33
C MET A 76 5.77 20.92 -14.07
N SER A 77 6.67 21.77 -13.62
CA SER A 77 8.02 21.34 -13.30
C SER A 77 8.04 20.71 -11.91
N THR A 78 9.08 19.91 -11.62
CA THR A 78 9.22 19.24 -10.32
C THR A 78 8.99 20.18 -9.14
N THR A 79 9.42 21.43 -9.27
CA THR A 79 9.25 22.43 -8.22
C THR A 79 7.77 22.54 -7.84
N ASP A 80 6.90 22.34 -8.81
CA ASP A 80 5.46 22.42 -8.57
C ASP A 80 4.94 21.07 -8.08
N VAL A 81 5.44 20.00 -8.71
CA VAL A 81 5.04 18.64 -8.40
C VAL A 81 5.13 18.28 -6.92
N GLU A 82 6.29 18.50 -6.28
CA GLU A 82 6.44 18.17 -4.87
C GLU A 82 5.65 19.17 -4.02
N LYS A 83 6.00 20.42 -4.21
CA LYS A 83 5.31 21.52 -3.52
C LYS A 83 3.77 21.33 -3.43
N SER A 84 3.18 20.57 -4.35
CA SER A 84 1.74 20.32 -4.30
C SER A 84 1.37 19.42 -3.11
N PHE A 85 2.29 18.52 -2.74
CA PHE A 85 2.07 17.60 -1.61
C PHE A 85 1.96 18.40 -0.32
N ASP A 86 2.90 19.33 -0.13
CA ASP A 86 2.87 20.23 1.03
C ASP A 86 1.47 20.81 1.22
N LYS A 87 0.79 21.06 0.10
CA LYS A 87 -0.57 21.58 0.12
C LYS A 87 -1.60 20.47 0.39
N LEU A 88 -1.29 19.26 -0.10
CA LEU A 88 -2.15 18.09 0.03
C LEU A 88 -2.34 17.61 1.47
N LEU A 89 -1.24 17.25 2.14
CA LEU A 89 -1.32 16.75 3.54
C LEU A 89 -2.14 17.70 4.41
N LYS A 90 -1.71 18.95 4.43
CA LYS A 90 -2.44 20.00 5.16
C LYS A 90 -3.98 19.89 5.07
N ASP A 91 -4.53 19.38 3.97
CA ASP A 91 -5.99 19.25 3.83
C ASP A 91 -6.46 17.82 4.11
N LEU A 92 -5.49 16.93 4.26
CA LEU A 92 -5.74 15.51 4.54
C LEU A 92 -6.78 15.24 5.63
N PRO A 93 -6.69 15.87 6.83
CA PRO A 93 -7.68 15.65 7.90
C PRO A 93 -9.10 15.79 7.39
N GLU A 94 -9.41 16.97 6.84
CA GLU A 94 -10.72 17.24 6.26
C GLU A 94 -11.10 16.16 5.24
N LEU A 95 -10.16 15.78 4.39
CA LEU A 95 -10.39 14.75 3.37
C LEU A 95 -10.61 13.37 4.00
N ALA A 96 -9.89 13.08 5.08
CA ALA A 96 -10.00 11.80 5.78
C ALA A 96 -11.43 11.53 6.20
N LEU A 97 -12.07 12.51 6.83
CA LEU A 97 -13.45 12.40 7.27
C LEU A 97 -14.42 12.01 6.15
N ASP A 98 -14.00 12.22 4.90
CA ASP A 98 -14.85 11.89 3.76
C ASP A 98 -14.80 10.38 3.49
N THR A 99 -13.61 9.82 3.64
CA THR A 99 -13.39 8.39 3.46
C THR A 99 -12.24 7.93 4.34
N PRO A 100 -12.53 7.13 5.38
CA PRO A 100 -11.52 6.64 6.33
C PRO A 100 -10.47 5.68 5.74
N ARG A 101 -10.08 5.89 4.48
CA ARG A 101 -9.06 5.07 3.83
C ARG A 101 -8.19 6.03 2.97
N ALA A 102 -8.81 7.19 2.70
CA ALA A 102 -8.25 8.27 1.86
C ALA A 102 -6.80 8.66 2.17
N PRO A 103 -6.47 9.06 3.42
CA PRO A 103 -5.09 9.46 3.77
C PRO A 103 -4.07 8.37 3.47
N GLN A 104 -4.48 7.13 3.70
CA GLN A 104 -3.62 5.97 3.45
C GLN A 104 -3.38 5.80 1.97
N LEU A 105 -4.39 6.15 1.17
CA LEU A 105 -4.28 6.04 -0.27
C LEU A 105 -3.29 7.06 -0.83
N VAL A 106 -3.28 8.26 -0.26
CA VAL A 106 -2.35 9.30 -0.68
C VAL A 106 -0.93 8.77 -0.55
N GLY A 107 -0.67 8.17 0.62
CA GLY A 107 0.62 7.54 0.88
C GLY A 107 1.08 6.65 -0.27
N GLN A 108 0.13 6.05 -0.98
CA GLN A 108 0.44 5.19 -2.12
C GLN A 108 0.92 6.02 -3.31
N PHE A 109 0.28 7.17 -3.51
CA PHE A 109 0.64 8.08 -4.59
C PHE A 109 2.04 8.64 -4.36
N ILE A 110 2.24 9.21 -3.17
CA ILE A 110 3.54 9.76 -2.79
C ILE A 110 4.66 8.74 -3.01
N ALA A 111 4.37 7.48 -2.77
CA ALA A 111 5.34 6.43 -2.97
C ALA A 111 5.64 6.25 -4.45
N ARG A 112 4.58 6.17 -5.25
CA ARG A 112 4.72 6.00 -6.70
C ARG A 112 5.55 7.13 -7.31
N ALA A 113 5.22 8.37 -6.97
CA ALA A 113 5.94 9.54 -7.47
C ALA A 113 7.45 9.46 -7.26
N VAL A 114 7.87 8.80 -6.18
CA VAL A 114 9.28 8.65 -5.88
C VAL A 114 9.93 7.71 -6.88
N GLY A 115 9.16 6.74 -7.34
CA GLY A 115 9.65 5.78 -8.32
C GLY A 115 9.90 6.44 -9.66
N ASP A 116 9.06 7.40 -10.01
CA ASP A 116 9.21 8.10 -11.28
C ASP A 116 10.35 9.09 -11.23
N GLY A 117 10.27 10.05 -10.32
CA GLY A 117 11.35 11.01 -10.19
C GLY A 117 10.80 12.41 -10.04
N ILE A 118 9.49 12.54 -10.21
CA ILE A 118 8.81 13.83 -10.09
C ILE A 118 8.87 14.31 -8.64
N LEU A 119 9.16 13.38 -7.74
CA LEU A 119 9.26 13.65 -6.32
C LEU A 119 10.47 12.92 -5.76
N CYS A 120 11.21 13.59 -4.90
CA CYS A 120 12.39 12.99 -4.29
C CYS A 120 12.04 12.34 -2.96
N ASN A 121 12.76 11.28 -2.61
CA ASN A 121 12.52 10.57 -1.35
C ASN A 121 12.82 11.47 -0.16
N THR A 122 13.83 12.32 -0.34
CA THR A 122 14.23 13.30 0.67
C THR A 122 13.02 14.05 1.28
N TYR A 123 11.96 14.19 0.50
CA TYR A 123 10.76 14.87 0.99
C TYR A 123 10.21 14.18 2.24
N ILE A 124 10.21 12.85 2.23
CA ILE A 124 9.72 12.06 3.35
C ILE A 124 10.62 12.24 4.57
N ASP A 125 11.92 12.37 4.32
CA ASP A 125 12.89 12.53 5.40
C ASP A 125 12.77 13.91 6.04
N SER A 126 12.43 14.90 5.23
CA SER A 126 12.25 16.26 5.74
C SER A 126 11.08 16.34 6.72
N TYR A 127 10.11 15.44 6.55
CA TYR A 127 8.95 15.40 7.41
C TYR A 127 9.02 14.18 8.34
N LYS A 128 10.25 13.72 8.54
CA LYS A 128 10.55 12.54 9.37
C LYS A 128 10.42 12.73 10.87
N GLY A 129 9.29 13.22 11.35
CA GLY A 129 9.12 13.38 12.78
C GLY A 129 8.90 14.81 13.12
N THR A 130 8.89 15.61 12.07
CA THR A 130 8.67 17.02 12.17
C THR A 130 7.20 17.35 11.90
N VAL A 131 6.34 16.32 12.00
CA VAL A 131 4.92 16.50 11.77
C VAL A 131 4.16 16.44 13.10
N ASP A 132 3.20 17.34 13.27
CA ASP A 132 2.42 17.42 14.49
C ASP A 132 0.97 16.96 14.27
N CYS A 133 0.74 16.25 13.18
CA CYS A 133 -0.59 15.75 12.86
C CYS A 133 -0.52 14.29 12.45
N VAL A 134 -1.36 13.46 13.07
CA VAL A 134 -1.38 12.03 12.77
C VAL A 134 -1.70 11.78 11.30
N GLN A 135 -2.73 12.45 10.81
CA GLN A 135 -3.15 12.34 9.40
C GLN A 135 -1.96 12.43 8.44
N ALA A 136 -1.07 13.39 8.63
CA ALA A 136 0.10 13.51 7.76
C ALA A 136 1.07 12.35 7.99
N ARG A 137 1.24 11.99 9.26
CA ARG A 137 2.11 10.88 9.66
C ARG A 137 1.54 9.54 9.19
N ALA A 138 0.28 9.60 8.80
CA ALA A 138 -0.43 8.39 8.38
C ALA A 138 0.00 8.01 6.98
N ALA A 139 0.07 9.00 6.10
CA ALA A 139 0.43 8.80 4.71
C ALA A 139 1.94 8.68 4.54
N LEU A 140 2.69 9.46 5.33
CA LEU A 140 4.14 9.46 5.25
C LEU A 140 4.75 8.10 5.55
N ASP A 141 4.30 7.48 6.64
CA ASP A 141 4.82 6.17 7.02
C ASP A 141 4.25 5.09 6.12
N LYS A 142 3.18 5.46 5.40
CA LYS A 142 2.52 4.53 4.49
C LYS A 142 3.35 4.40 3.20
N ALA A 143 3.89 5.53 2.76
CA ALA A 143 4.69 5.58 1.55
C ALA A 143 5.99 4.80 1.70
N THR A 144 6.50 4.74 2.93
CA THR A 144 7.74 4.03 3.20
C THR A 144 7.68 2.57 2.75
N VAL A 145 6.72 1.80 3.28
CA VAL A 145 6.55 0.40 2.91
C VAL A 145 6.25 0.20 1.42
N LEU A 146 5.65 1.20 0.79
CA LEU A 146 5.31 1.09 -0.62
C LEU A 146 6.54 1.25 -1.50
N LEU A 147 7.48 2.05 -1.03
CA LEU A 147 8.73 2.27 -1.77
C LEU A 147 9.53 0.97 -1.87
N SER A 148 9.39 0.11 -0.87
CA SER A 148 10.05 -1.18 -0.87
C SER A 148 9.31 -2.21 -1.74
N MET A 149 8.00 -2.00 -1.91
CA MET A 149 7.16 -2.92 -2.69
C MET A 149 7.53 -2.91 -4.17
N SER A 150 7.87 -1.73 -4.67
CA SER A 150 8.22 -1.55 -6.07
C SER A 150 9.34 -2.49 -6.52
N LYS A 151 10.24 -2.83 -5.62
CA LYS A 151 11.36 -3.71 -5.97
C LYS A 151 11.05 -5.17 -5.67
N GLY A 152 9.92 -5.42 -5.02
CA GLY A 152 9.53 -6.79 -4.68
C GLY A 152 8.37 -7.27 -5.51
N GLY A 153 7.73 -6.35 -6.22
CA GLY A 153 6.59 -6.69 -7.05
C GLY A 153 6.98 -7.55 -8.25
N LYS A 154 8.26 -7.51 -8.58
CA LYS A 154 8.79 -8.30 -9.69
C LYS A 154 8.96 -9.75 -9.25
N ARG A 155 7.85 -10.39 -8.92
CA ARG A 155 7.87 -11.77 -8.45
C ARG A 155 7.08 -12.69 -9.37
N LYS A 156 6.34 -12.11 -10.32
CA LYS A 156 5.54 -12.91 -11.24
C LYS A 156 5.02 -12.06 -12.40
N ASP A 157 5.47 -12.36 -13.60
CA ASP A 157 5.05 -11.64 -14.79
C ASP A 157 3.96 -12.42 -15.51
N SER A 158 2.82 -11.77 -15.71
CA SER A 158 1.70 -12.39 -16.38
C SER A 158 0.92 -11.33 -17.15
N VAL A 159 0.47 -10.32 -16.42
CA VAL A 159 -0.29 -9.23 -17.00
C VAL A 159 0.34 -7.89 -16.64
N TRP A 160 1.54 -7.64 -17.16
CA TRP A 160 2.26 -6.40 -16.90
C TRP A 160 2.10 -5.40 -18.04
N GLY A 161 2.74 -4.26 -17.92
CA GLY A 161 2.66 -3.23 -18.93
C GLY A 161 2.48 -1.84 -18.33
N SER A 162 2.68 -1.75 -17.02
CA SER A 162 2.53 -0.48 -16.32
C SER A 162 3.65 0.50 -16.66
N GLY A 163 3.28 1.64 -17.22
CA GLY A 163 4.25 2.64 -17.59
C GLY A 163 4.03 3.15 -18.99
N GLY B 1 3.59 0.56 -20.95
CA GLY B 1 3.04 1.20 -22.17
C GLY B 1 1.64 1.74 -21.93
N GLY B 2 1.54 2.74 -21.07
CA GLY B 2 0.25 3.32 -20.76
C GLY B 2 -0.43 2.56 -19.65
N GLN B 3 -1.71 2.29 -19.80
CA GLN B 3 -2.46 1.57 -18.78
C GLN B 3 -2.12 0.08 -18.79
N GLN B 4 -1.96 -0.48 -17.60
CA GLN B 4 -1.63 -1.89 -17.45
C GLN B 4 -2.91 -2.74 -17.39
N PRO B 5 -2.79 -4.05 -17.61
CA PRO B 5 -3.92 -4.97 -17.56
C PRO B 5 -4.35 -5.27 -16.13
N VAL B 6 -5.25 -6.24 -15.98
CA VAL B 6 -5.76 -6.64 -14.68
C VAL B 6 -4.65 -7.10 -13.73
N ASN B 7 -4.62 -6.51 -12.54
CA ASN B 7 -3.62 -6.85 -11.55
C ASN B 7 -4.17 -7.87 -10.57
N HIS B 8 -3.45 -8.97 -10.39
CA HIS B 8 -3.85 -10.02 -9.47
C HIS B 8 -2.61 -10.72 -8.93
N LEU B 9 -2.69 -11.23 -7.71
CA LEU B 9 -1.56 -11.93 -7.06
C LEU B 9 -0.50 -10.93 -6.60
N VAL B 10 0.11 -10.25 -7.56
CA VAL B 10 1.13 -9.25 -7.24
C VAL B 10 0.46 -8.01 -6.66
N LYS B 11 1.22 -7.25 -5.85
CA LYS B 11 0.72 -6.04 -5.21
C LYS B 11 -0.23 -6.36 -4.05
N GLU B 12 -1.22 -7.21 -4.30
CA GLU B 12 -2.21 -7.58 -3.29
C GLU B 12 -1.55 -8.26 -2.09
N ILE B 13 -0.75 -9.29 -2.37
CA ILE B 13 -0.07 -10.04 -1.33
C ILE B 13 1.06 -9.23 -0.66
N ASP B 14 1.92 -8.64 -1.47
CA ASP B 14 3.06 -7.87 -0.95
C ASP B 14 2.62 -6.80 0.04
N MET B 15 1.60 -6.04 -0.33
CA MET B 15 1.06 -4.98 0.53
C MET B 15 0.75 -5.47 1.94
N LEU B 16 0.32 -6.72 2.06
CA LEU B 16 -0.01 -7.28 3.36
C LEU B 16 1.23 -7.59 4.19
N LEU B 17 2.26 -8.08 3.52
CA LEU B 17 3.52 -8.42 4.19
C LEU B 17 4.30 -7.17 4.56
N LYS B 18 4.38 -6.25 3.62
CA LYS B 18 5.09 -5.00 3.82
C LYS B 18 4.39 -4.10 4.84
N GLU B 19 3.06 -4.23 4.95
CA GLU B 19 2.28 -3.40 5.87
C GLU B 19 2.74 -3.51 7.31
N TYR B 20 2.60 -4.70 7.90
CA TYR B 20 3.02 -4.93 9.29
C TYR B 20 4.50 -4.72 9.53
N LEU B 21 5.31 -4.87 8.49
CA LEU B 21 6.75 -4.69 8.59
C LEU B 21 7.12 -3.33 9.23
N LEU B 22 6.86 -2.24 8.53
CA LEU B 22 7.18 -0.92 9.05
C LEU B 22 5.98 -0.24 9.72
N SER B 23 4.92 -0.04 8.96
CA SER B 23 3.71 0.61 9.49
C SER B 23 3.08 -0.25 10.59
N GLY B 24 2.40 -1.32 10.19
CA GLY B 24 1.79 -2.22 11.15
C GLY B 24 0.48 -1.74 11.75
N ASP B 25 -0.60 -1.84 10.98
CA ASP B 25 -1.93 -1.44 11.47
C ASP B 25 -3.02 -2.31 10.86
N ILE B 26 -3.99 -2.70 11.68
CA ILE B 26 -5.10 -3.54 11.24
C ILE B 26 -5.90 -2.85 10.13
N SER B 27 -6.34 -1.62 10.41
CA SER B 27 -7.10 -0.79 9.46
C SER B 27 -6.53 -0.86 8.03
N GLU B 28 -5.25 -1.13 7.96
CA GLU B 28 -4.56 -1.20 6.68
C GLU B 28 -4.62 -2.56 5.97
N ALA B 29 -4.18 -3.61 6.66
CA ALA B 29 -4.17 -4.96 6.07
C ALA B 29 -5.56 -5.56 5.98
N GLU B 30 -6.39 -5.26 6.97
CA GLU B 30 -7.74 -5.78 7.04
C GLU B 30 -8.57 -5.24 5.88
N HIS B 31 -8.33 -3.97 5.55
CA HIS B 31 -9.04 -3.30 4.47
C HIS B 31 -8.66 -3.90 3.12
N CYS B 32 -7.46 -4.48 3.06
CA CYS B 32 -6.96 -5.05 1.81
C CYS B 32 -7.56 -6.42 1.51
N LEU B 33 -7.43 -7.35 2.46
CA LEU B 33 -7.93 -8.71 2.30
C LEU B 33 -9.45 -8.81 2.21
N LYS B 34 -10.14 -7.92 2.89
CA LYS B 34 -11.60 -7.93 2.90
C LYS B 34 -12.20 -7.68 1.53
N GLU B 35 -11.60 -6.78 0.74
CA GLU B 35 -12.12 -6.45 -0.58
C GLU B 35 -11.83 -7.53 -1.64
N LEU B 36 -11.09 -8.58 -1.25
CA LEU B 36 -10.77 -9.68 -2.17
C LEU B 36 -12.04 -10.44 -2.55
N GLU B 37 -11.91 -11.44 -3.43
CA GLU B 37 -13.07 -12.23 -3.85
C GLU B 37 -12.75 -13.72 -3.79
N VAL B 38 -11.61 -14.06 -3.22
CA VAL B 38 -11.20 -15.45 -3.15
C VAL B 38 -10.75 -15.86 -1.75
N PRO B 39 -11.62 -16.56 -1.00
CA PRO B 39 -11.30 -17.03 0.35
C PRO B 39 -10.21 -18.11 0.34
N HIS B 40 -10.15 -18.87 -0.75
CA HIS B 40 -9.18 -19.94 -0.90
C HIS B 40 -7.77 -19.40 -1.20
N PHE B 41 -7.70 -18.15 -1.66
CA PHE B 41 -6.40 -17.54 -1.97
C PHE B 41 -5.67 -17.10 -0.72
N HIS B 42 -6.35 -17.25 0.41
CA HIS B 42 -5.81 -16.92 1.72
C HIS B 42 -4.82 -17.99 2.18
N HIS B 43 -4.56 -18.94 1.28
CA HIS B 43 -3.71 -20.10 1.57
C HIS B 43 -2.25 -19.70 1.88
N GLU B 44 -1.60 -19.06 0.93
CA GLU B 44 -0.21 -18.62 1.08
C GLU B 44 -0.10 -17.51 2.11
N LEU B 45 -1.21 -16.79 2.31
CA LEU B 45 -1.27 -15.67 3.25
C LEU B 45 -0.53 -15.93 4.56
N VAL B 46 -0.88 -16.99 5.29
CA VAL B 46 -0.18 -17.29 6.53
C VAL B 46 1.26 -17.69 6.24
N TYR B 47 1.43 -18.76 5.48
CA TYR B 47 2.77 -19.25 5.07
C TYR B 47 3.75 -18.13 4.72
N GLU B 48 3.35 -17.25 3.79
CA GLU B 48 4.20 -16.15 3.34
C GLU B 48 4.49 -15.14 4.45
N ALA B 49 3.56 -14.98 5.38
CA ALA B 49 3.75 -14.03 6.45
C ALA B 49 4.68 -14.57 7.53
N ILE B 50 4.35 -15.71 8.12
CA ILE B 50 5.19 -16.30 9.15
C ILE B 50 6.57 -16.82 8.74
N VAL B 51 6.80 -17.06 7.44
CA VAL B 51 8.07 -17.64 6.99
C VAL B 51 9.18 -16.56 7.11
N MET B 52 8.72 -15.36 7.36
CA MET B 52 9.62 -14.19 7.42
C MET B 52 10.26 -13.98 8.78
N VAL B 53 9.55 -14.43 9.83
CA VAL B 53 9.97 -14.32 11.21
C VAL B 53 11.39 -14.86 11.48
N LEU B 54 11.89 -15.71 10.59
CA LEU B 54 13.20 -16.32 10.79
C LEU B 54 14.21 -15.59 9.89
N GLU B 55 13.75 -15.30 8.69
CA GLU B 55 14.54 -14.56 7.71
C GLU B 55 14.94 -13.19 8.25
N SER B 56 14.04 -12.56 9.00
CA SER B 56 14.29 -11.26 9.58
C SER B 56 14.98 -11.40 10.94
N THR B 57 15.12 -10.29 11.66
CA THR B 57 15.77 -10.31 12.96
C THR B 57 15.05 -9.36 13.91
N GLY B 58 14.93 -9.76 15.17
CA GLY B 58 14.27 -8.92 16.16
C GLY B 58 12.93 -9.48 16.57
N GLU B 59 12.41 -9.00 17.69
CA GLU B 59 11.13 -9.46 18.20
C GLU B 59 9.99 -8.57 17.74
N SER B 60 10.31 -7.56 16.93
CA SER B 60 9.31 -6.62 16.45
C SER B 60 8.33 -7.32 15.49
N ALA B 61 8.84 -7.82 14.38
CA ALA B 61 8.00 -8.54 13.41
C ALA B 61 7.53 -9.84 14.03
N PHE B 62 8.34 -10.34 14.93
CA PHE B 62 8.03 -11.57 15.66
C PHE B 62 6.66 -11.46 16.28
N LYS B 63 6.47 -10.43 17.09
CA LYS B 63 5.18 -10.19 17.75
C LYS B 63 4.09 -9.64 16.84
N MET B 64 4.44 -8.76 15.89
CA MET B 64 3.44 -8.15 15.01
C MET B 64 2.77 -9.14 14.06
N ILE B 65 3.56 -9.88 13.28
CA ILE B 65 2.99 -10.88 12.37
C ILE B 65 2.24 -11.95 13.17
N LEU B 66 2.74 -12.20 14.36
CA LEU B 66 2.14 -13.17 15.26
C LEU B 66 0.75 -12.71 15.67
N ASP B 67 0.62 -11.42 15.94
CA ASP B 67 -0.66 -10.84 16.35
C ASP B 67 -1.61 -10.75 15.16
N LEU B 68 -1.09 -10.37 13.99
CA LEU B 68 -1.90 -10.26 12.77
C LEU B 68 -2.64 -11.55 12.49
N LEU B 69 -1.88 -12.65 12.34
CA LEU B 69 -2.48 -13.96 12.09
C LEU B 69 -3.59 -14.27 13.11
N LYS B 70 -3.39 -13.79 14.33
CA LYS B 70 -4.36 -13.99 15.40
C LYS B 70 -5.58 -13.06 15.27
N SER B 71 -5.36 -11.85 14.77
CA SER B 71 -6.43 -10.85 14.63
C SER B 71 -7.52 -11.28 13.65
N LEU B 72 -7.15 -11.51 12.39
CA LEU B 72 -8.11 -11.94 11.36
C LEU B 72 -8.76 -13.25 11.79
N TRP B 73 -7.91 -14.16 12.22
CA TRP B 73 -8.34 -15.48 12.70
C TRP B 73 -9.47 -15.37 13.73
N LYS B 74 -9.32 -14.47 14.69
CA LYS B 74 -10.33 -14.29 15.73
C LYS B 74 -11.57 -13.59 15.17
N SER B 75 -11.36 -12.60 14.30
CA SER B 75 -12.47 -11.85 13.73
C SER B 75 -13.06 -12.50 12.47
N SER B 76 -12.79 -13.79 12.30
CA SER B 76 -13.29 -14.56 11.15
C SER B 76 -12.75 -14.05 9.82
N THR B 77 -11.69 -14.68 9.33
CA THR B 77 -11.06 -14.32 8.06
C THR B 77 -10.29 -15.52 7.52
N ILE B 78 -9.57 -16.19 8.41
CA ILE B 78 -8.80 -17.38 8.05
C ILE B 78 -9.48 -18.60 8.65
N THR B 79 -9.64 -19.64 7.84
CA THR B 79 -10.29 -20.86 8.29
C THR B 79 -9.25 -21.96 8.51
N ILE B 80 -9.62 -23.03 9.22
CA ILE B 80 -8.71 -24.14 9.45
C ILE B 80 -8.16 -24.68 8.14
N ASP B 81 -9.04 -25.00 7.19
CA ASP B 81 -8.61 -25.49 5.88
C ASP B 81 -7.56 -24.57 5.24
N GLN B 82 -7.62 -23.27 5.56
CA GLN B 82 -6.64 -22.33 5.03
C GLN B 82 -5.34 -22.36 5.84
N MET B 83 -5.48 -22.47 7.17
CA MET B 83 -4.35 -22.49 8.07
C MET B 83 -3.63 -23.80 7.91
N LYS B 84 -4.36 -24.90 8.14
CA LYS B 84 -3.83 -26.23 7.96
C LYS B 84 -3.08 -26.43 6.65
N ARG B 85 -3.31 -25.62 5.63
CA ARG B 85 -2.59 -25.96 4.37
C ARG B 85 -1.26 -25.18 4.32
N GLY B 86 -1.25 -24.02 5.02
CA GLY B 86 -0.08 -23.14 5.02
C GLY B 86 0.97 -23.56 6.00
N TYR B 87 0.53 -23.95 7.19
CA TYR B 87 1.42 -24.36 8.25
C TYR B 87 2.24 -25.56 7.84
N GLU B 88 1.57 -26.66 7.42
CA GLU B 88 2.28 -27.85 6.94
C GLU B 88 3.31 -27.46 5.89
N ARG B 89 2.96 -26.49 5.05
CA ARG B 89 3.85 -26.02 4.00
C ARG B 89 5.12 -25.46 4.62
N ILE B 90 4.99 -24.90 5.82
CA ILE B 90 6.13 -24.35 6.54
C ILE B 90 7.17 -25.44 6.77
N TYR B 91 6.75 -26.56 7.35
CA TYR B 91 7.66 -27.67 7.62
C TYR B 91 8.25 -28.22 6.33
N ASN B 92 7.54 -28.04 5.23
CA ASN B 92 7.99 -28.52 3.93
C ASN B 92 9.17 -27.68 3.45
N GLU B 93 9.16 -26.40 3.83
CA GLU B 93 10.23 -25.48 3.45
C GLU B 93 11.36 -25.54 4.49
N ILE B 94 11.04 -26.08 5.66
CA ILE B 94 12.00 -26.21 6.76
C ILE B 94 13.33 -26.85 6.35
N PRO B 95 13.32 -28.02 5.68
CA PRO B 95 14.56 -28.69 5.24
C PRO B 95 15.39 -27.82 4.31
N ASP B 96 14.72 -26.99 3.52
CA ASP B 96 15.41 -26.10 2.58
C ASP B 96 16.01 -24.90 3.27
N ILE B 97 15.31 -24.37 4.27
CA ILE B 97 15.77 -23.21 5.01
C ILE B 97 16.87 -23.61 6.00
N ASN B 98 16.67 -24.72 6.68
CA ASN B 98 17.65 -25.20 7.66
C ASN B 98 18.90 -25.70 6.96
N LEU B 99 18.70 -26.58 5.97
CA LEU B 99 19.81 -27.16 5.21
C LEU B 99 20.79 -27.84 6.17
N ASP B 100 20.29 -28.82 6.91
CA ASP B 100 21.07 -29.57 7.90
C ASP B 100 21.36 -28.73 9.14
N VAL B 101 21.57 -29.40 10.27
CA VAL B 101 21.84 -28.73 11.54
C VAL B 101 20.70 -27.78 11.93
N PRO B 102 19.61 -28.33 12.46
CA PRO B 102 18.45 -27.53 12.86
C PRO B 102 18.71 -26.76 14.15
N HIS B 103 18.43 -25.47 14.12
CA HIS B 103 18.63 -24.61 15.28
C HIS B 103 17.51 -23.58 15.38
N SER B 104 16.76 -23.45 14.29
CA SER B 104 15.64 -22.52 14.23
C SER B 104 14.37 -23.22 14.68
N TYR B 105 14.54 -24.40 15.26
CA TYR B 105 13.43 -25.21 15.73
C TYR B 105 12.76 -24.56 16.93
N SER B 106 13.53 -23.82 17.72
CA SER B 106 13.00 -23.13 18.89
C SER B 106 11.85 -22.19 18.52
N VAL B 107 11.98 -21.51 17.39
CA VAL B 107 10.94 -20.59 16.92
C VAL B 107 9.71 -21.38 16.51
N LEU B 108 9.91 -22.33 15.59
CA LEU B 108 8.82 -23.20 15.12
C LEU B 108 8.14 -23.91 16.30
N GLU B 109 8.91 -24.15 17.35
CA GLU B 109 8.39 -24.82 18.53
C GLU B 109 7.51 -23.84 19.31
N ARG B 110 8.04 -22.65 19.53
CA ARG B 110 7.31 -21.61 20.24
C ARG B 110 6.04 -21.21 19.49
N PHE B 111 6.19 -20.87 18.22
CA PHE B 111 5.06 -20.48 17.38
C PHE B 111 3.96 -21.54 17.37
N VAL B 112 4.32 -22.77 16.99
CA VAL B 112 3.36 -23.87 16.95
C VAL B 112 2.61 -24.01 18.29
N GLU B 113 3.34 -23.98 19.40
CA GLU B 113 2.71 -24.10 20.71
C GLU B 113 1.90 -22.84 21.06
N GLU B 114 2.33 -21.70 20.53
CA GLU B 114 1.62 -20.44 20.77
C GLU B 114 0.23 -20.49 20.14
N CYS B 115 0.18 -20.76 18.84
CA CYS B 115 -1.10 -20.88 18.14
C CYS B 115 -1.93 -21.99 18.79
N PHE B 116 -1.24 -23.02 19.25
CA PHE B 116 -1.88 -24.14 19.92
C PHE B 116 -2.56 -23.65 21.20
N GLN B 117 -1.89 -22.75 21.92
CA GLN B 117 -2.43 -22.18 23.14
C GLN B 117 -3.64 -21.30 22.82
N ALA B 118 -3.60 -20.64 21.66
CA ALA B 118 -4.71 -19.79 21.24
C ALA B 118 -5.94 -20.67 21.04
N GLY B 119 -5.69 -21.88 20.59
CA GLY B 119 -6.74 -22.86 20.42
C GLY B 119 -7.44 -22.80 19.08
N ILE B 120 -6.93 -22.03 18.12
CA ILE B 120 -7.56 -21.93 16.82
C ILE B 120 -7.08 -23.04 15.88
N ILE B 121 -6.14 -23.85 16.34
CA ILE B 121 -5.62 -24.93 15.52
C ILE B 121 -5.79 -26.27 16.21
N SER B 122 -6.34 -27.21 15.48
CA SER B 122 -6.56 -28.56 15.99
C SER B 122 -5.23 -29.25 16.31
N LYS B 123 -5.28 -30.20 17.24
CA LYS B 123 -4.10 -30.95 17.65
C LYS B 123 -3.43 -31.60 16.44
N GLN B 124 -4.24 -32.11 15.53
CA GLN B 124 -3.77 -32.71 14.29
C GLN B 124 -2.64 -31.91 13.63
N LEU B 125 -2.80 -30.59 13.60
CA LEU B 125 -1.79 -29.71 12.99
C LEU B 125 -0.50 -29.71 13.80
N ARG B 126 -0.60 -29.82 15.12
CA ARG B 126 0.57 -29.84 15.98
C ARG B 126 1.42 -31.06 15.68
N ASP B 127 0.80 -32.25 15.73
CA ASP B 127 1.48 -33.51 15.44
C ASP B 127 2.15 -33.54 14.06
N LEU B 128 1.68 -32.71 13.15
CA LEU B 128 2.26 -32.65 11.80
C LEU B 128 3.67 -32.06 11.85
N CYS B 129 3.97 -31.29 12.88
CA CYS B 129 5.27 -30.69 13.04
C CYS B 129 6.18 -31.60 13.87
N PRO B 130 7.51 -31.46 13.71
CA PRO B 130 8.47 -32.26 14.47
C PRO B 130 8.57 -31.76 15.91
N SER B 131 7.67 -32.23 16.76
CA SER B 131 7.63 -31.84 18.15
C SER B 131 8.89 -32.31 18.89
N GLY A 1 2.33 30.48 -2.21
CA GLY A 1 1.71 31.82 -2.32
C GLY A 1 0.23 31.77 -2.03
N LEU A 2 -0.46 32.87 -2.27
CA LEU A 2 -1.89 32.94 -2.02
C LEU A 2 -2.66 32.85 -3.34
N PRO A 3 -3.45 31.77 -3.49
CA PRO A 3 -4.26 31.54 -4.70
C PRO A 3 -5.32 32.62 -4.87
N LEU A 4 -5.60 32.98 -6.11
CA LEU A 4 -6.61 33.99 -6.40
C LEU A 4 -7.81 33.36 -7.08
N ASP A 5 -9.01 33.77 -6.69
CA ASP A 5 -10.25 33.22 -7.24
C ASP A 5 -10.31 31.72 -6.98
N GLU A 6 -10.22 31.37 -5.70
CA GLU A 6 -10.22 29.98 -5.27
C GLU A 6 -11.44 29.18 -5.70
N ARG A 7 -12.63 29.70 -5.45
CA ARG A 7 -13.84 28.96 -5.78
C ARG A 7 -14.10 28.91 -7.28
N ALA A 8 -13.77 29.98 -7.98
CA ALA A 8 -13.95 30.04 -9.42
C ALA A 8 -13.02 29.04 -10.11
N PHE A 9 -11.86 28.83 -9.50
CA PHE A 9 -10.86 27.92 -10.02
C PHE A 9 -11.37 26.47 -9.92
N GLU A 10 -11.80 26.10 -8.72
CA GLU A 10 -12.29 24.74 -8.47
C GLU A 10 -13.47 24.41 -9.38
N LYS A 11 -14.42 25.33 -9.46
CA LYS A 11 -15.61 25.15 -10.27
C LYS A 11 -15.27 24.92 -11.74
N THR A 12 -14.26 25.62 -12.22
CA THR A 12 -13.83 25.48 -13.62
C THR A 12 -13.14 24.14 -13.85
N LEU A 13 -12.31 23.73 -12.89
CA LEU A 13 -11.57 22.47 -13.00
C LEU A 13 -12.45 21.25 -12.78
N THR A 14 -13.61 21.44 -12.16
CA THR A 14 -14.54 20.35 -11.88
C THR A 14 -14.83 19.47 -13.11
N PRO A 15 -15.42 20.03 -14.19
CA PRO A 15 -15.74 19.23 -15.40
C PRO A 15 -14.49 18.74 -16.11
N ILE A 16 -13.42 19.54 -16.04
CA ILE A 16 -12.16 19.18 -16.66
C ILE A 16 -11.61 17.88 -16.10
N ILE A 17 -11.48 17.81 -14.79
CA ILE A 17 -11.00 16.62 -14.11
C ILE A 17 -11.98 15.45 -14.27
N GLN A 18 -13.25 15.72 -14.02
CA GLN A 18 -14.32 14.71 -14.15
C GLN A 18 -14.21 13.94 -15.47
N GLU A 19 -14.16 14.67 -16.59
CA GLU A 19 -14.07 14.06 -17.91
C GLU A 19 -12.73 13.33 -18.13
N TYR A 20 -11.73 13.71 -17.35
CA TYR A 20 -10.40 13.10 -17.48
C TYR A 20 -10.43 11.65 -17.02
N PHE A 21 -10.98 11.41 -15.83
CA PHE A 21 -11.08 10.07 -15.25
C PHE A 21 -11.75 9.07 -16.19
N GLU A 22 -12.55 9.58 -17.11
CA GLU A 22 -13.24 8.72 -18.05
C GLU A 22 -12.55 8.67 -19.41
N HIS A 23 -12.10 9.82 -19.90
CA HIS A 23 -11.41 9.89 -21.19
C HIS A 23 -10.05 9.21 -21.14
N GLY A 24 -9.09 9.83 -20.45
CA GLY A 24 -7.77 9.25 -20.35
C GLY A 24 -6.67 10.10 -20.98
N ASP A 25 -7.05 10.98 -21.91
CA ASP A 25 -6.08 11.84 -22.59
C ASP A 25 -5.49 12.89 -21.65
N THR A 26 -4.18 12.80 -21.45
CA THR A 26 -3.46 13.72 -20.58
C THR A 26 -3.19 15.09 -21.23
N ASN A 27 -2.95 15.08 -22.55
CA ASN A 27 -2.62 16.31 -23.30
C ASN A 27 -3.79 17.29 -23.31
N GLU A 28 -4.99 16.73 -23.28
CA GLU A 28 -6.21 17.52 -23.29
C GLU A 28 -6.20 18.49 -22.10
N VAL A 29 -5.87 17.95 -20.93
CA VAL A 29 -5.81 18.73 -19.70
C VAL A 29 -4.79 19.86 -19.83
N ALA A 30 -3.60 19.52 -20.34
CA ALA A 30 -2.54 20.52 -20.51
C ALA A 30 -3.00 21.66 -21.38
N GLU A 31 -3.57 21.31 -22.53
CA GLU A 31 -4.11 22.31 -23.47
C GLU A 31 -5.02 23.30 -22.77
N MET A 32 -5.88 22.79 -21.89
CA MET A 32 -6.82 23.65 -21.15
C MET A 32 -6.09 24.45 -20.08
N LEU A 33 -5.03 23.88 -19.52
CA LEU A 33 -4.25 24.56 -18.49
C LEU A 33 -3.61 25.84 -19.01
N ARG A 34 -2.91 25.72 -20.14
CA ARG A 34 -2.26 26.89 -20.75
C ARG A 34 -3.30 27.94 -21.11
N ASP A 35 -4.48 27.45 -21.48
CA ASP A 35 -5.59 28.31 -21.86
C ASP A 35 -5.96 29.22 -20.70
N LEU A 36 -6.03 28.63 -19.51
CA LEU A 36 -6.35 29.38 -18.30
C LEU A 36 -5.18 30.28 -17.90
N ASN A 37 -3.96 29.73 -17.98
CA ASN A 37 -2.75 30.47 -17.62
C ASN A 37 -2.70 30.80 -16.13
N LEU A 38 -2.13 29.89 -15.36
CA LEU A 38 -2.03 30.08 -13.92
C LEU A 38 -0.64 29.71 -13.43
N GLY A 39 -0.14 30.46 -12.45
CA GLY A 39 1.18 30.18 -11.92
C GLY A 39 1.12 29.33 -10.66
N GLU A 40 0.92 29.98 -9.52
CA GLU A 40 0.84 29.27 -8.25
C GLU A 40 -0.44 28.44 -8.20
N MET A 41 -1.48 28.96 -8.84
CA MET A 41 -2.77 28.29 -8.88
C MET A 41 -2.72 27.05 -9.76
N LYS A 42 -1.67 26.93 -10.58
CA LYS A 42 -1.52 25.79 -11.46
C LYS A 42 -1.33 24.50 -10.66
N SER A 43 -0.70 24.62 -9.50
CA SER A 43 -0.47 23.48 -8.62
C SER A 43 -1.79 23.02 -7.99
N GLY A 44 -2.80 23.89 -8.08
CA GLY A 44 -4.11 23.57 -7.54
C GLY A 44 -4.74 22.40 -8.28
N VAL A 45 -4.63 22.42 -9.60
CA VAL A 45 -5.17 21.35 -10.45
C VAL A 45 -4.80 19.93 -9.96
N PRO A 46 -3.49 19.59 -9.91
CA PRO A 46 -3.05 18.27 -9.45
C PRO A 46 -3.57 17.96 -8.04
N VAL A 47 -3.76 18.99 -7.22
CA VAL A 47 -4.26 18.82 -5.87
C VAL A 47 -5.71 18.31 -5.91
N LEU A 48 -6.58 19.08 -6.56
CA LEU A 48 -7.99 18.71 -6.67
C LEU A 48 -8.14 17.34 -7.30
N ALA A 49 -7.47 17.13 -8.44
CA ALA A 49 -7.46 15.84 -9.13
C ALA A 49 -7.14 14.69 -8.18
N VAL A 50 -6.34 14.99 -7.17
CA VAL A 50 -5.94 13.97 -6.21
C VAL A 50 -7.03 13.76 -5.16
N SER A 51 -7.60 14.87 -4.69
CA SER A 51 -8.64 14.83 -3.67
C SER A 51 -9.90 14.13 -4.17
N LEU A 52 -10.28 14.39 -5.43
CA LEU A 52 -11.46 13.75 -6.01
C LEU A 52 -11.26 12.24 -6.13
N ALA A 53 -10.13 11.85 -6.73
CA ALA A 53 -9.79 10.44 -6.92
C ALA A 53 -9.78 9.63 -5.63
N LEU A 54 -9.67 10.31 -4.50
CA LEU A 54 -9.66 9.63 -3.20
C LEU A 54 -11.06 9.09 -2.86
N GLU A 55 -12.07 9.88 -3.17
CA GLU A 55 -13.45 9.49 -2.90
C GLU A 55 -13.85 8.29 -3.74
N GLY A 56 -13.41 8.26 -5.00
CA GLY A 56 -13.70 7.15 -5.88
C GLY A 56 -12.89 5.91 -5.55
N LYS A 57 -12.90 4.93 -6.46
CA LYS A 57 -12.17 3.69 -6.26
C LYS A 57 -10.68 3.83 -6.53
N ALA A 58 -9.89 2.90 -5.99
CA ALA A 58 -8.44 2.92 -6.16
C ALA A 58 -8.02 2.81 -7.62
N SER A 59 -8.81 2.09 -8.39
CA SER A 59 -8.53 1.88 -9.81
C SER A 59 -8.40 3.21 -10.55
N HIS A 60 -9.27 4.16 -10.22
CA HIS A 60 -9.25 5.47 -10.84
C HIS A 60 -8.06 6.31 -10.38
N ARG A 61 -7.56 6.00 -9.18
CA ARG A 61 -6.42 6.73 -8.62
C ARG A 61 -5.15 6.43 -9.41
N GLU A 62 -4.94 5.16 -9.73
CA GLU A 62 -3.78 4.75 -10.53
C GLU A 62 -3.68 5.60 -11.79
N MET A 63 -4.79 5.76 -12.48
CA MET A 63 -4.82 6.55 -13.70
C MET A 63 -4.63 8.04 -13.41
N THR A 64 -4.83 8.42 -12.16
CA THR A 64 -4.68 9.81 -11.75
C THR A 64 -3.20 10.21 -11.72
N SER A 65 -2.35 9.38 -11.11
CA SER A 65 -0.93 9.66 -11.02
C SER A 65 -0.25 9.76 -12.39
N LYS A 66 -0.83 9.11 -13.39
CA LYS A 66 -0.28 9.14 -14.73
C LYS A 66 -0.33 10.55 -15.31
N LEU A 67 -1.31 11.32 -14.84
CA LEU A 67 -1.49 12.69 -15.27
C LEU A 67 -0.38 13.57 -14.72
N LEU A 68 0.13 13.21 -13.54
CA LEU A 68 1.18 13.97 -12.88
C LEU A 68 2.47 14.01 -13.68
N SER A 69 3.07 12.84 -13.90
CA SER A 69 4.32 12.72 -14.66
C SER A 69 4.15 13.26 -16.09
N ASP A 70 2.92 13.22 -16.59
CA ASP A 70 2.63 13.72 -17.93
C ASP A 70 2.66 15.23 -17.96
N LEU A 71 1.95 15.85 -17.00
CA LEU A 71 1.90 17.30 -16.90
C LEU A 71 3.28 17.91 -16.67
N CYS A 72 4.05 17.34 -15.73
CA CYS A 72 5.37 17.86 -15.45
C CYS A 72 6.30 17.65 -16.65
N GLY A 73 7.01 18.70 -17.01
CA GLY A 73 7.90 18.65 -18.14
C GLY A 73 7.22 19.16 -19.39
N THR A 74 5.90 19.20 -19.35
CA THR A 74 5.11 19.69 -20.46
C THR A 74 4.54 21.05 -20.12
N VAL A 75 3.78 21.12 -19.03
CA VAL A 75 3.17 22.38 -18.59
C VAL A 75 3.35 22.59 -17.08
N MET A 76 4.07 21.68 -16.44
CA MET A 76 4.29 21.75 -15.00
C MET A 76 5.76 21.50 -14.69
N SER A 77 6.25 22.00 -13.56
CA SER A 77 7.64 21.81 -13.18
C SER A 77 7.75 20.97 -11.92
N THR A 78 8.92 20.37 -11.70
CA THR A 78 9.17 19.55 -10.51
C THR A 78 8.82 20.33 -9.23
N THR A 79 9.17 21.61 -9.23
CA THR A 79 8.88 22.47 -8.10
C THR A 79 7.37 22.54 -7.88
N ASP A 80 6.65 22.74 -8.98
CA ASP A 80 5.20 22.79 -8.96
C ASP A 80 4.61 21.54 -8.30
N VAL A 81 5.20 20.40 -8.61
CA VAL A 81 4.74 19.13 -8.03
C VAL A 81 4.93 19.15 -6.52
N GLU A 82 6.09 19.63 -6.08
CA GLU A 82 6.39 19.72 -4.66
C GLU A 82 5.37 20.64 -3.98
N LYS A 83 5.06 21.77 -4.63
CA LYS A 83 4.08 22.72 -4.11
C LYS A 83 2.70 22.10 -3.98
N SER A 84 2.35 21.26 -4.95
CA SER A 84 1.05 20.60 -4.97
C SER A 84 0.88 19.70 -3.75
N PHE A 85 1.90 18.91 -3.44
CA PHE A 85 1.85 18.01 -2.29
C PHE A 85 1.64 18.76 -0.99
N ASP A 86 2.30 19.92 -0.86
CA ASP A 86 2.15 20.75 0.34
C ASP A 86 0.69 21.17 0.48
N LYS A 87 0.16 21.70 -0.62
CA LYS A 87 -1.23 22.13 -0.68
C LYS A 87 -2.18 20.97 -0.35
N LEU A 88 -1.82 19.77 -0.79
CA LEU A 88 -2.62 18.58 -0.53
C LEU A 88 -2.57 18.20 0.94
N LEU A 89 -1.36 18.13 1.49
CA LEU A 89 -1.18 17.82 2.91
C LEU A 89 -2.07 18.69 3.79
N LYS A 90 -2.28 19.94 3.37
CA LYS A 90 -3.15 20.87 4.11
C LYS A 90 -4.62 20.57 3.86
N ASP A 91 -4.90 19.87 2.76
CA ASP A 91 -6.28 19.52 2.38
C ASP A 91 -6.73 18.25 3.10
N LEU A 92 -5.82 17.27 3.18
CA LEU A 92 -6.07 15.98 3.85
C LEU A 92 -7.01 16.02 5.07
N PRO A 93 -6.77 16.91 6.07
CA PRO A 93 -7.63 17.01 7.26
C PRO A 93 -9.14 17.14 6.95
N GLU A 94 -9.49 17.67 5.77
CA GLU A 94 -10.91 17.85 5.43
C GLU A 94 -11.56 16.55 4.94
N LEU A 95 -11.04 15.99 3.85
CA LEU A 95 -11.57 14.74 3.32
C LEU A 95 -11.44 13.55 4.27
N ALA A 96 -10.55 13.67 5.24
CA ALA A 96 -10.36 12.61 6.23
C ALA A 96 -11.65 12.37 6.99
N LEU A 97 -12.47 13.42 7.06
CA LEU A 97 -13.75 13.34 7.73
C LEU A 97 -14.68 12.33 7.08
N ASP A 98 -14.84 12.41 5.75
CA ASP A 98 -15.74 11.49 5.07
C ASP A 98 -15.11 10.11 4.88
N THR A 99 -13.86 10.08 4.44
CA THR A 99 -13.16 8.82 4.30
C THR A 99 -11.95 8.73 5.23
N PRO A 100 -12.05 7.91 6.30
CA PRO A 100 -10.98 7.74 7.29
C PRO A 100 -9.75 7.03 6.73
N ARG A 101 -9.91 6.37 5.58
CA ARG A 101 -8.79 5.66 4.96
C ARG A 101 -8.15 6.50 3.86
N ALA A 102 -8.81 7.61 3.50
CA ALA A 102 -8.31 8.49 2.44
C ALA A 102 -6.89 9.01 2.71
N PRO A 103 -6.63 9.66 3.88
CA PRO A 103 -5.28 10.18 4.21
C PRO A 103 -4.23 9.07 4.12
N GLN A 104 -4.54 7.92 4.70
CA GLN A 104 -3.65 6.77 4.68
C GLN A 104 -3.29 6.38 3.24
N LEU A 105 -4.29 6.40 2.36
CA LEU A 105 -4.10 6.06 0.95
C LEU A 105 -3.18 7.08 0.29
N VAL A 106 -3.33 8.33 0.70
CA VAL A 106 -2.50 9.44 0.20
C VAL A 106 -1.02 9.08 0.24
N GLY A 107 -0.63 8.30 1.24
CA GLY A 107 0.77 7.88 1.34
C GLY A 107 1.23 7.16 0.09
N GLN A 108 0.34 6.33 -0.47
CA GLN A 108 0.66 5.58 -1.69
C GLN A 108 0.85 6.55 -2.85
N PHE A 109 0.06 7.62 -2.84
CA PHE A 109 0.13 8.64 -3.88
C PHE A 109 1.50 9.33 -3.84
N ILE A 110 1.96 9.63 -2.63
CA ILE A 110 3.25 10.28 -2.45
C ILE A 110 4.37 9.35 -2.89
N ALA A 111 4.29 8.10 -2.45
CA ALA A 111 5.28 7.09 -2.80
C ALA A 111 5.40 6.95 -4.32
N ARG A 112 4.27 7.13 -5.01
CA ARG A 112 4.24 7.05 -6.47
C ARG A 112 5.04 8.18 -7.10
N ALA A 113 4.89 9.38 -6.56
CA ALA A 113 5.61 10.54 -7.06
C ALA A 113 7.12 10.36 -6.91
N VAL A 114 7.52 9.76 -5.80
CA VAL A 114 8.92 9.47 -5.53
C VAL A 114 9.42 8.43 -6.54
N GLY A 115 8.47 7.62 -7.01
CA GLY A 115 8.77 6.58 -7.97
C GLY A 115 8.88 7.11 -9.39
N ASP A 116 7.90 7.92 -9.80
CA ASP A 116 7.88 8.49 -11.15
C ASP A 116 9.00 9.50 -11.35
N GLY A 117 9.48 10.05 -10.24
CA GLY A 117 10.56 11.01 -10.29
C GLY A 117 10.06 12.42 -10.46
N ILE A 118 8.93 12.71 -9.85
CA ILE A 118 8.34 14.04 -9.93
C ILE A 118 8.37 14.72 -8.58
N LEU A 119 8.81 13.97 -7.57
CA LEU A 119 8.91 14.48 -6.20
C LEU A 119 10.25 14.11 -5.63
N CYS A 120 10.88 15.04 -4.92
CA CYS A 120 12.18 14.79 -4.32
C CYS A 120 12.07 13.77 -3.18
N ASN A 121 13.07 12.91 -3.07
CA ASN A 121 13.08 11.88 -2.03
C ASN A 121 13.20 12.50 -0.64
N THR A 122 13.94 13.60 -0.53
CA THR A 122 14.11 14.29 0.74
C THR A 122 12.87 15.05 1.19
N TYR A 123 11.78 14.94 0.44
CA TYR A 123 10.53 15.62 0.80
C TYR A 123 10.00 15.05 2.11
N ILE A 124 10.11 13.73 2.25
CA ILE A 124 9.66 13.05 3.46
C ILE A 124 10.59 13.39 4.62
N ASP A 125 11.89 13.44 4.34
CA ASP A 125 12.90 13.74 5.34
C ASP A 125 12.71 15.15 5.89
N SER A 126 12.18 16.03 5.03
CA SER A 126 11.92 17.41 5.41
C SER A 126 10.71 17.53 6.34
N TYR A 127 9.80 16.57 6.23
CA TYR A 127 8.60 16.56 7.06
C TYR A 127 8.71 15.43 8.09
N LYS A 128 9.94 15.10 8.44
CA LYS A 128 10.28 14.02 9.38
C LYS A 128 10.06 14.33 10.87
N GLY A 129 8.91 14.84 11.23
CA GLY A 129 8.66 15.15 12.62
C GLY A 129 8.35 16.61 12.79
N THR A 130 8.60 17.34 11.71
CA THR A 130 8.36 18.77 11.67
C THR A 130 6.87 19.08 11.53
N VAL A 131 6.08 18.08 11.15
CA VAL A 131 4.64 18.28 11.00
C VAL A 131 3.91 18.03 12.29
N ASP A 132 2.97 18.91 12.62
CA ASP A 132 2.18 18.78 13.84
C ASP A 132 0.89 18.03 13.56
N CYS A 133 0.37 18.19 12.35
CA CYS A 133 -0.87 17.55 11.94
C CYS A 133 -0.72 16.03 11.86
N VAL A 134 -1.65 15.32 12.49
CA VAL A 134 -1.62 13.86 12.51
C VAL A 134 -1.98 13.26 11.16
N GLN A 135 -2.52 14.09 10.26
CA GLN A 135 -2.90 13.62 8.93
C GLN A 135 -1.65 13.32 8.11
N ALA A 136 -0.63 14.16 8.28
CA ALA A 136 0.63 13.98 7.60
C ALA A 136 1.42 12.90 8.29
N ARG A 137 1.19 12.75 9.57
CA ARG A 137 1.88 11.70 10.34
C ARG A 137 1.34 10.31 9.97
N ALA A 138 0.22 10.38 9.35
CA ALA A 138 -0.45 9.22 8.85
C ALA A 138 0.07 8.81 7.46
N ALA A 139 -0.05 9.75 6.52
CA ALA A 139 0.30 9.54 5.12
C ALA A 139 1.79 9.40 4.85
N LEU A 140 2.56 10.33 5.38
CA LEU A 140 4.01 10.32 5.19
C LEU A 140 4.58 9.04 5.78
N ASP A 141 3.93 8.56 6.83
CA ASP A 141 4.37 7.34 7.52
C ASP A 141 4.17 6.13 6.63
N LYS A 142 2.92 5.86 6.26
CA LYS A 142 2.61 4.73 5.39
C LYS A 142 3.44 4.76 4.11
N ALA A 143 3.60 5.96 3.53
CA ALA A 143 4.37 6.13 2.31
C ALA A 143 5.80 5.65 2.50
N THR A 144 6.34 5.92 3.68
CA THR A 144 7.69 5.53 4.00
C THR A 144 7.88 4.01 3.91
N VAL A 145 6.91 3.25 4.38
CA VAL A 145 6.99 1.80 4.34
C VAL A 145 6.68 1.24 2.94
N LEU A 146 5.67 1.82 2.29
CA LEU A 146 5.23 1.38 0.96
C LEU A 146 6.37 1.34 -0.04
N LEU A 147 7.30 2.27 0.09
CA LEU A 147 8.47 2.33 -0.81
C LEU A 147 9.24 1.01 -0.81
N SER A 148 9.36 0.39 0.36
CA SER A 148 10.10 -0.86 0.52
C SER A 148 9.47 -2.02 -0.24
N MET A 149 8.18 -1.94 -0.53
CA MET A 149 7.50 -3.00 -1.26
C MET A 149 7.65 -2.81 -2.76
N SER A 150 7.67 -1.55 -3.18
CA SER A 150 7.81 -1.23 -4.59
C SER A 150 9.21 -1.58 -5.09
N LYS A 151 10.20 -1.40 -4.22
CA LYS A 151 11.60 -1.68 -4.56
C LYS A 151 11.85 -3.18 -4.60
N GLY A 152 11.02 -3.93 -3.90
CA GLY A 152 11.17 -5.37 -3.86
C GLY A 152 10.45 -6.06 -5.00
N GLY A 153 9.60 -5.30 -5.68
CA GLY A 153 8.84 -5.83 -6.80
C GLY A 153 9.01 -4.98 -8.04
N LYS A 154 10.26 -4.61 -8.32
CA LYS A 154 10.57 -3.79 -9.47
C LYS A 154 10.27 -4.54 -10.77
N ARG A 155 9.34 -4.01 -11.55
CA ARG A 155 8.97 -4.64 -12.80
C ARG A 155 9.41 -3.78 -13.99
N LYS A 156 8.63 -2.76 -14.30
CA LYS A 156 8.95 -1.88 -15.42
C LYS A 156 9.15 -0.43 -14.97
N ASP A 157 8.67 -0.14 -13.78
CA ASP A 157 8.76 1.21 -13.22
C ASP A 157 10.14 1.45 -12.62
N SER A 158 10.65 2.66 -12.78
CA SER A 158 11.97 3.01 -12.27
C SER A 158 11.88 4.12 -11.23
N VAL A 159 12.09 3.75 -9.96
CA VAL A 159 12.03 4.70 -8.86
C VAL A 159 13.19 5.68 -8.94
N TRP A 160 14.35 5.16 -9.35
CA TRP A 160 15.54 5.99 -9.47
C TRP A 160 15.54 6.75 -10.78
N GLY A 161 15.08 7.99 -10.73
CA GLY A 161 15.05 8.80 -11.93
C GLY A 161 13.63 9.15 -12.32
N SER A 162 13.22 8.70 -13.50
CA SER A 162 11.87 8.95 -13.99
C SER A 162 11.43 7.82 -14.91
N GLY A 163 10.71 6.85 -14.34
CA GLY A 163 10.25 5.72 -15.13
C GLY A 163 8.82 5.33 -14.77
N GLY B 1 6.17 5.40 -13.17
CA GLY B 1 5.06 4.42 -13.06
C GLY B 1 4.19 4.43 -14.30
N GLY B 2 3.94 3.25 -14.85
CA GLY B 2 3.13 3.15 -16.06
C GLY B 2 1.69 2.72 -15.76
N GLN B 3 1.34 1.53 -16.25
CA GLN B 3 0.00 0.99 -16.04
C GLN B 3 0.09 -0.39 -15.40
N GLN B 4 -0.91 -0.73 -14.60
CA GLN B 4 -0.92 -2.02 -13.90
C GLN B 4 -1.93 -2.98 -14.50
N PRO B 5 -1.50 -4.22 -14.78
CA PRO B 5 -2.37 -5.27 -15.32
C PRO B 5 -3.11 -5.98 -14.19
N VAL B 6 -3.81 -7.07 -14.50
CA VAL B 6 -4.54 -7.82 -13.49
C VAL B 6 -3.59 -8.45 -12.47
N ASN B 7 -3.69 -7.98 -11.23
CA ASN B 7 -2.84 -8.48 -10.16
C ASN B 7 -3.50 -9.65 -9.46
N HIS B 8 -2.67 -10.62 -9.07
CA HIS B 8 -3.12 -11.81 -8.37
C HIS B 8 -1.95 -12.49 -7.68
N LEU B 9 -2.10 -12.76 -6.38
CA LEU B 9 -1.05 -13.40 -5.57
C LEU B 9 0.12 -12.45 -5.31
N VAL B 10 0.76 -12.01 -6.39
CA VAL B 10 1.87 -11.08 -6.31
C VAL B 10 1.37 -9.76 -5.73
N LYS B 11 2.23 -9.05 -5.01
CA LYS B 11 1.87 -7.77 -4.40
C LYS B 11 0.93 -7.91 -3.20
N GLU B 12 -0.12 -8.72 -3.35
CA GLU B 12 -1.09 -8.95 -2.30
C GLU B 12 -0.42 -9.42 -1.01
N ILE B 13 0.21 -10.59 -1.06
CA ILE B 13 0.88 -11.16 0.10
C ILE B 13 2.03 -10.27 0.57
N ASP B 14 2.78 -9.72 -0.38
CA ASP B 14 3.93 -8.86 -0.07
C ASP B 14 3.52 -7.62 0.72
N MET B 15 2.58 -6.85 0.18
CA MET B 15 2.10 -5.65 0.85
C MET B 15 1.46 -5.98 2.18
N LEU B 16 0.65 -7.03 2.19
CA LEU B 16 -0.06 -7.44 3.40
C LEU B 16 0.85 -7.70 4.60
N LEU B 17 1.88 -8.50 4.40
CA LEU B 17 2.79 -8.83 5.49
C LEU B 17 3.77 -7.71 5.85
N LYS B 18 4.37 -7.08 4.84
CA LYS B 18 5.34 -6.02 5.09
C LYS B 18 4.72 -4.76 5.71
N GLU B 19 3.45 -4.50 5.41
CA GLU B 19 2.76 -3.33 5.98
C GLU B 19 2.64 -3.46 7.49
N TYR B 20 2.33 -4.66 7.95
CA TYR B 20 2.21 -4.91 9.37
C TYR B 20 3.61 -4.96 9.98
N LEU B 21 4.56 -5.35 9.16
CA LEU B 21 5.96 -5.46 9.55
C LEU B 21 6.59 -4.10 9.88
N LEU B 22 6.58 -3.19 8.92
CA LEU B 22 7.19 -1.87 9.12
C LEU B 22 6.22 -0.85 9.73
N SER B 23 5.05 -0.69 9.13
CA SER B 23 4.06 0.26 9.64
C SER B 23 3.49 -0.20 10.98
N GLY B 24 2.85 -1.37 10.99
CA GLY B 24 2.28 -1.87 12.23
C GLY B 24 0.85 -1.42 12.43
N ASP B 25 0.08 -1.37 11.36
CA ASP B 25 -1.31 -0.95 11.43
C ASP B 25 -2.23 -2.13 11.18
N ILE B 26 -2.83 -2.62 12.26
CA ILE B 26 -3.73 -3.78 12.20
C ILE B 26 -4.89 -3.54 11.23
N SER B 27 -5.70 -2.52 11.52
CA SER B 27 -6.86 -2.16 10.70
C SER B 27 -6.50 -2.02 9.21
N GLU B 28 -5.28 -1.59 8.92
CA GLU B 28 -4.86 -1.42 7.54
C GLU B 28 -4.66 -2.75 6.83
N ALA B 29 -4.00 -3.69 7.51
CA ALA B 29 -3.77 -5.01 6.94
C ALA B 29 -5.08 -5.76 6.82
N GLU B 30 -5.90 -5.68 7.86
CA GLU B 30 -7.20 -6.34 7.88
C GLU B 30 -8.07 -5.87 6.73
N HIS B 31 -8.02 -4.58 6.43
CA HIS B 31 -8.82 -4.02 5.35
C HIS B 31 -8.34 -4.51 3.98
N CYS B 32 -7.04 -4.74 3.86
CA CYS B 32 -6.46 -5.21 2.61
C CYS B 32 -6.84 -6.66 2.32
N LEU B 33 -6.86 -7.49 3.35
CA LEU B 33 -7.21 -8.90 3.18
C LEU B 33 -8.67 -9.04 2.79
N LYS B 34 -9.48 -8.14 3.29
CA LYS B 34 -10.91 -8.09 3.02
C LYS B 34 -11.19 -7.60 1.59
N GLU B 35 -10.18 -6.99 0.98
CA GLU B 35 -10.32 -6.43 -0.36
C GLU B 35 -10.46 -7.55 -1.40
N LEU B 36 -9.72 -8.64 -1.20
CA LEU B 36 -9.76 -9.81 -2.11
C LEU B 36 -11.03 -10.65 -1.91
N GLU B 37 -11.48 -11.28 -2.98
CA GLU B 37 -12.68 -12.13 -2.93
C GLU B 37 -12.29 -13.61 -2.92
N VAL B 38 -11.00 -13.87 -2.75
CA VAL B 38 -10.49 -15.23 -2.75
C VAL B 38 -10.20 -15.75 -1.34
N PRO B 39 -11.09 -16.62 -0.81
CA PRO B 39 -10.92 -17.20 0.52
C PRO B 39 -10.03 -18.45 0.51
N HIS B 40 -9.87 -19.06 -0.66
CA HIS B 40 -9.06 -20.28 -0.79
C HIS B 40 -7.58 -19.93 -0.86
N PHE B 41 -7.27 -18.80 -1.50
CA PHE B 41 -5.88 -18.36 -1.64
C PHE B 41 -5.34 -17.76 -0.33
N HIS B 42 -6.19 -17.67 0.68
CA HIS B 42 -5.79 -17.12 1.97
C HIS B 42 -4.71 -17.97 2.64
N HIS B 43 -4.53 -19.18 2.13
CA HIS B 43 -3.54 -20.12 2.65
C HIS B 43 -2.12 -19.71 2.28
N GLU B 44 -1.96 -19.06 1.13
CA GLU B 44 -0.64 -18.61 0.68
C GLU B 44 -0.10 -17.50 1.58
N LEU B 45 -1.01 -16.68 2.10
CA LEU B 45 -0.65 -15.59 3.00
C LEU B 45 -0.11 -16.16 4.32
N VAL B 46 -0.48 -17.40 4.59
CA VAL B 46 -0.09 -18.06 5.83
C VAL B 46 1.34 -18.59 5.72
N TYR B 47 1.63 -19.25 4.59
CA TYR B 47 2.95 -19.83 4.32
C TYR B 47 4.09 -18.82 4.55
N GLU B 48 4.04 -17.70 3.84
CA GLU B 48 5.06 -16.67 3.95
C GLU B 48 5.18 -16.12 5.37
N ALA B 49 4.05 -15.88 6.00
CA ALA B 49 4.04 -15.37 7.37
C ALA B 49 4.87 -16.25 8.30
N ILE B 50 4.77 -17.56 8.14
CA ILE B 50 5.53 -18.48 8.97
C ILE B 50 7.00 -18.50 8.55
N VAL B 51 7.23 -18.48 7.23
CA VAL B 51 8.59 -18.48 6.68
C VAL B 51 9.42 -17.30 7.16
N MET B 52 8.82 -16.10 7.16
CA MET B 52 9.51 -14.90 7.59
C MET B 52 10.11 -15.08 8.99
N VAL B 53 9.26 -15.41 9.95
CA VAL B 53 9.70 -15.65 11.34
C VAL B 53 10.91 -16.56 11.43
N LEU B 54 11.00 -17.56 10.56
CA LEU B 54 12.10 -18.50 10.57
C LEU B 54 13.37 -17.91 9.96
N GLU B 55 13.19 -17.02 8.98
CA GLU B 55 14.32 -16.42 8.28
C GLU B 55 14.62 -15.00 8.78
N SER B 56 14.01 -14.59 9.89
CA SER B 56 14.24 -13.26 10.42
C SER B 56 14.83 -13.33 11.83
N THR B 57 15.73 -12.40 12.15
CA THR B 57 16.35 -12.38 13.46
C THR B 57 15.73 -11.28 14.33
N GLY B 58 15.21 -11.67 15.48
CA GLY B 58 14.61 -10.70 16.37
C GLY B 58 13.21 -11.09 16.79
N GLU B 59 12.75 -10.51 17.88
CA GLU B 59 11.42 -10.78 18.41
C GLU B 59 10.37 -9.93 17.72
N SER B 60 10.82 -8.89 17.02
CA SER B 60 9.93 -7.98 16.32
C SER B 60 9.09 -8.75 15.32
N ALA B 61 9.77 -9.54 14.53
CA ALA B 61 9.12 -10.36 13.53
C ALA B 61 8.39 -11.52 14.21
N PHE B 62 8.72 -11.77 15.46
CA PHE B 62 8.14 -12.93 16.11
C PHE B 62 6.78 -12.55 16.72
N LYS B 63 6.72 -11.30 17.20
CA LYS B 63 5.54 -10.84 17.93
C LYS B 63 4.45 -10.32 17.00
N MET B 64 4.89 -9.74 15.88
CA MET B 64 3.99 -9.09 14.94
C MET B 64 3.32 -10.08 14.01
N ILE B 65 4.03 -11.17 13.69
CA ILE B 65 3.51 -12.16 12.76
C ILE B 65 2.40 -13.00 13.38
N LEU B 66 2.66 -13.67 14.49
CA LEU B 66 1.64 -14.46 15.17
C LEU B 66 0.41 -13.62 15.52
N ASP B 67 0.65 -12.39 15.95
CA ASP B 67 -0.43 -11.50 16.31
C ASP B 67 -1.27 -11.14 15.09
N LEU B 68 -0.63 -11.10 13.93
CA LEU B 68 -1.34 -10.79 12.69
C LEU B 68 -2.36 -11.85 12.35
N LEU B 69 -1.98 -13.12 12.45
CA LEU B 69 -2.90 -14.20 12.14
C LEU B 69 -3.99 -14.27 13.21
N LYS B 70 -3.59 -14.20 14.48
CA LYS B 70 -4.54 -14.20 15.59
C LYS B 70 -5.59 -13.10 15.37
N SER B 71 -5.18 -12.02 14.73
CA SER B 71 -6.07 -10.91 14.45
C SER B 71 -7.05 -11.31 13.34
N LEU B 72 -6.53 -12.00 12.34
CA LEU B 72 -7.35 -12.46 11.23
C LEU B 72 -8.41 -13.44 11.72
N TRP B 73 -8.05 -14.31 12.67
CA TRP B 73 -8.97 -15.26 13.26
C TRP B 73 -10.06 -14.59 14.12
N LYS B 74 -9.89 -13.28 14.39
CA LYS B 74 -10.87 -12.58 15.24
C LYS B 74 -12.15 -12.33 14.47
N SER B 75 -12.01 -12.10 13.18
CA SER B 75 -13.15 -11.85 12.31
C SER B 75 -13.37 -13.03 11.36
N SER B 76 -12.79 -14.17 11.73
CA SER B 76 -12.90 -15.40 10.94
C SER B 76 -12.48 -15.15 9.48
N THR B 77 -11.23 -14.76 9.29
CA THR B 77 -10.72 -14.49 7.96
C THR B 77 -10.00 -15.71 7.38
N ILE B 78 -9.18 -16.33 8.21
CA ILE B 78 -8.45 -17.54 7.81
C ILE B 78 -9.24 -18.75 8.26
N THR B 79 -9.34 -19.75 7.40
CA THR B 79 -10.05 -20.97 7.75
C THR B 79 -9.08 -22.09 8.08
N ILE B 80 -9.55 -23.05 8.88
CA ILE B 80 -8.74 -24.19 9.31
C ILE B 80 -8.04 -24.90 8.14
N ASP B 81 -8.76 -25.14 7.04
CA ASP B 81 -8.18 -25.83 5.88
C ASP B 81 -7.07 -25.00 5.25
N GLN B 82 -7.24 -23.68 5.29
CA GLN B 82 -6.26 -22.77 4.73
C GLN B 82 -4.96 -22.81 5.52
N MET B 83 -5.07 -22.65 6.83
CA MET B 83 -3.89 -22.66 7.70
C MET B 83 -3.27 -24.05 7.76
N LYS B 84 -4.10 -25.07 7.61
CA LYS B 84 -3.63 -26.45 7.65
C LYS B 84 -2.60 -26.69 6.55
N ARG B 85 -2.99 -26.38 5.31
CA ARG B 85 -2.10 -26.55 4.17
C ARG B 85 -0.89 -25.64 4.27
N GLY B 86 -1.05 -24.53 4.97
CA GLY B 86 0.04 -23.59 5.15
C GLY B 86 1.12 -24.19 6.03
N TYR B 87 0.71 -24.76 7.16
CA TYR B 87 1.64 -25.38 8.09
C TYR B 87 2.24 -26.64 7.47
N GLU B 88 1.42 -27.35 6.69
CA GLU B 88 1.88 -28.57 6.01
C GLU B 88 3.06 -28.25 5.11
N ARG B 89 2.98 -27.12 4.42
CA ARG B 89 4.03 -26.70 3.53
C ARG B 89 5.31 -26.45 4.32
N ILE B 90 5.17 -25.87 5.51
CA ILE B 90 6.32 -25.58 6.37
C ILE B 90 7.07 -26.86 6.72
N TYR B 91 6.31 -27.89 7.09
CA TYR B 91 6.88 -29.19 7.43
C TYR B 91 7.72 -29.71 6.26
N ASN B 92 7.25 -29.45 5.05
CA ASN B 92 7.94 -29.87 3.84
C ASN B 92 9.14 -28.96 3.54
N GLU B 93 9.01 -27.69 3.87
CA GLU B 93 10.07 -26.72 3.61
C GLU B 93 11.19 -26.79 4.65
N ILE B 94 10.93 -27.47 5.77
CA ILE B 94 11.94 -27.62 6.83
C ILE B 94 13.32 -28.04 6.28
N PRO B 95 13.39 -29.13 5.48
CA PRO B 95 14.66 -29.61 4.91
C PRO B 95 15.34 -28.57 4.00
N ASP B 96 14.53 -27.71 3.38
CA ASP B 96 15.07 -26.68 2.49
C ASP B 96 15.70 -25.56 3.32
N ILE B 97 15.05 -25.23 4.42
CA ILE B 97 15.54 -24.18 5.31
C ILE B 97 16.72 -24.66 6.15
N ASN B 98 16.53 -25.79 6.82
CA ASN B 98 17.58 -26.34 7.68
C ASN B 98 18.69 -27.00 6.87
N LEU B 99 18.31 -28.00 6.07
CA LEU B 99 19.26 -28.74 5.25
C LEU B 99 20.35 -29.36 6.14
N ASP B 100 19.90 -30.23 7.04
CA ASP B 100 20.77 -30.91 8.02
C ASP B 100 21.13 -29.96 9.16
N VAL B 101 21.40 -30.53 10.33
CA VAL B 101 21.72 -29.74 11.52
C VAL B 101 20.54 -28.86 11.92
N PRO B 102 19.62 -29.41 12.72
CA PRO B 102 18.43 -28.68 13.17
C PRO B 102 18.77 -27.54 14.11
N HIS B 103 18.12 -26.42 13.92
CA HIS B 103 18.35 -25.24 14.75
C HIS B 103 17.07 -24.45 14.94
N SER B 104 16.22 -24.44 13.92
CA SER B 104 14.95 -23.75 13.99
C SER B 104 13.92 -24.60 14.73
N TYR B 105 14.38 -25.73 15.26
CA TYR B 105 13.51 -26.65 16.00
C TYR B 105 12.91 -25.96 17.21
N SER B 106 13.73 -25.18 17.91
CA SER B 106 13.28 -24.46 19.08
C SER B 106 12.16 -23.50 18.71
N VAL B 107 12.32 -22.85 17.56
CA VAL B 107 11.33 -21.90 17.07
C VAL B 107 10.09 -22.64 16.57
N LEU B 108 10.32 -23.72 15.83
CA LEU B 108 9.23 -24.52 15.28
C LEU B 108 8.28 -25.01 16.36
N GLU B 109 8.83 -25.69 17.38
CA GLU B 109 8.02 -26.21 18.48
C GLU B 109 7.31 -25.07 19.19
N ARG B 110 8.09 -24.09 19.61
CA ARG B 110 7.58 -22.92 20.31
C ARG B 110 6.43 -22.27 19.55
N PHE B 111 6.66 -22.01 18.25
CA PHE B 111 5.64 -21.39 17.40
C PHE B 111 4.42 -22.29 17.22
N VAL B 112 4.63 -23.60 17.14
CA VAL B 112 3.54 -24.54 16.95
C VAL B 112 2.69 -24.66 18.21
N GLU B 113 3.34 -24.82 19.37
CA GLU B 113 2.61 -24.94 20.63
C GLU B 113 1.88 -23.64 20.93
N GLU B 114 2.49 -22.52 20.57
CA GLU B 114 1.89 -21.22 20.78
C GLU B 114 0.58 -21.14 20.00
N CYS B 115 0.67 -21.47 18.70
CA CYS B 115 -0.50 -21.46 17.83
C CYS B 115 -1.60 -22.36 18.37
N PHE B 116 -1.27 -23.62 18.66
CA PHE B 116 -2.24 -24.56 19.19
C PHE B 116 -2.89 -24.02 20.46
N GLN B 117 -2.08 -23.56 21.42
CA GLN B 117 -2.58 -23.02 22.67
C GLN B 117 -3.63 -21.91 22.44
N ALA B 118 -3.47 -21.15 21.37
CA ALA B 118 -4.41 -20.08 21.03
C ALA B 118 -5.80 -20.64 20.66
N GLY B 119 -5.82 -21.89 20.22
CA GLY B 119 -7.09 -22.53 19.85
C GLY B 119 -7.50 -22.25 18.42
N ILE B 120 -6.53 -22.08 17.55
CA ILE B 120 -6.81 -21.79 16.14
C ILE B 120 -6.73 -23.06 15.30
N ILE B 121 -5.95 -24.02 15.79
CA ILE B 121 -5.77 -25.30 15.09
C ILE B 121 -5.77 -26.42 16.12
N SER B 122 -6.42 -27.53 15.81
CA SER B 122 -6.47 -28.65 16.73
C SER B 122 -5.15 -29.43 16.76
N LYS B 123 -5.11 -30.47 17.60
CA LYS B 123 -3.91 -31.29 17.74
C LYS B 123 -3.57 -32.03 16.46
N GLN B 124 -4.57 -32.22 15.60
CA GLN B 124 -4.39 -32.90 14.33
C GLN B 124 -3.24 -32.29 13.52
N LEU B 125 -3.14 -30.97 13.53
CA LEU B 125 -2.07 -30.29 12.80
C LEU B 125 -0.74 -30.39 13.54
N ARG B 126 -0.81 -30.37 14.86
CA ARG B 126 0.37 -30.48 15.71
C ARG B 126 1.01 -31.85 15.55
N ASP B 127 0.18 -32.87 15.28
CA ASP B 127 0.66 -34.23 15.09
C ASP B 127 1.50 -34.34 13.82
N LEU B 128 1.20 -33.46 12.86
CA LEU B 128 1.93 -33.43 11.59
C LEU B 128 3.24 -32.67 11.73
N CYS B 129 3.44 -32.08 12.90
CA CYS B 129 4.64 -31.32 13.18
C CYS B 129 5.71 -32.22 13.82
N PRO B 130 6.96 -32.10 13.38
CA PRO B 130 8.08 -32.90 13.92
C PRO B 130 8.27 -32.63 15.42
N SER B 131 7.82 -33.58 16.22
CA SER B 131 7.92 -33.46 17.67
C SER B 131 8.91 -34.49 18.21
N GLY A 1 2.24 30.70 -2.60
CA GLY A 1 1.91 30.64 -1.16
C GLY A 1 0.45 30.25 -0.93
N LEU A 2 -0.42 31.26 -0.82
CA LEU A 2 -1.83 31.01 -0.60
C LEU A 2 -2.59 31.17 -1.91
N PRO A 3 -3.47 30.21 -2.24
CA PRO A 3 -4.26 30.21 -3.47
C PRO A 3 -5.32 31.31 -3.49
N LEU A 4 -5.74 31.71 -4.69
CA LEU A 4 -6.75 32.75 -4.87
C LEU A 4 -7.95 32.19 -5.60
N ASP A 5 -9.12 32.24 -4.95
CA ASP A 5 -10.37 31.74 -5.51
C ASP A 5 -10.37 30.22 -5.60
N GLU A 6 -10.29 29.58 -4.44
CA GLU A 6 -10.26 28.13 -4.37
C GLU A 6 -11.60 27.51 -4.77
N ARG A 7 -12.70 28.09 -4.32
CA ARG A 7 -14.04 27.57 -4.65
C ARG A 7 -14.30 27.72 -6.14
N ALA A 8 -13.76 28.79 -6.70
CA ALA A 8 -13.87 29.08 -8.12
C ALA A 8 -12.99 28.14 -8.93
N PHE A 9 -11.95 27.67 -8.27
CA PHE A 9 -10.99 26.77 -8.88
C PHE A 9 -11.51 25.32 -8.92
N GLU A 10 -11.87 24.81 -7.75
CA GLU A 10 -12.37 23.43 -7.61
C GLU A 10 -13.49 23.12 -8.60
N LYS A 11 -14.52 23.96 -8.60
CA LYS A 11 -15.67 23.78 -9.48
C LYS A 11 -15.31 23.84 -10.96
N THR A 12 -14.46 24.80 -11.33
CA THR A 12 -14.04 24.95 -12.72
C THR A 12 -13.27 23.72 -13.22
N LEU A 13 -12.53 23.09 -12.31
CA LEU A 13 -11.75 21.91 -12.65
C LEU A 13 -12.50 20.61 -12.37
N THR A 14 -13.76 20.72 -11.97
CA THR A 14 -14.56 19.54 -11.65
C THR A 14 -14.85 18.67 -12.88
N PRO A 15 -15.55 19.21 -13.90
CA PRO A 15 -15.90 18.44 -15.11
C PRO A 15 -14.67 17.90 -15.84
N ILE A 16 -13.69 18.77 -16.07
CA ILE A 16 -12.47 18.39 -16.80
C ILE A 16 -11.75 17.23 -16.14
N ILE A 17 -11.35 17.41 -14.89
CA ILE A 17 -10.65 16.39 -14.12
C ILE A 17 -11.41 15.07 -14.07
N GLN A 18 -12.73 15.14 -13.87
CA GLN A 18 -13.54 13.93 -13.79
C GLN A 18 -13.59 13.21 -15.13
N GLU A 19 -13.84 13.97 -16.19
CA GLU A 19 -13.89 13.44 -17.55
C GLU A 19 -12.63 12.66 -17.89
N TYR A 20 -11.47 13.28 -17.64
CA TYR A 20 -10.17 12.63 -17.90
C TYR A 20 -10.16 11.17 -17.45
N PHE A 21 -10.19 10.97 -16.13
CA PHE A 21 -10.20 9.63 -15.54
C PHE A 21 -11.09 8.61 -16.26
N GLU A 22 -12.21 9.06 -16.81
CA GLU A 22 -13.12 8.17 -17.51
C GLU A 22 -12.60 7.72 -18.90
N HIS A 23 -11.66 8.49 -19.47
CA HIS A 23 -11.11 8.13 -20.77
C HIS A 23 -9.57 8.03 -20.75
N GLY A 24 -8.88 9.15 -20.59
CA GLY A 24 -7.43 9.12 -20.52
C GLY A 24 -6.74 9.94 -21.59
N ASP A 25 -6.80 11.25 -21.48
CA ASP A 25 -6.14 12.13 -22.45
C ASP A 25 -5.34 13.18 -21.71
N THR A 26 -4.13 12.81 -21.33
CA THR A 26 -3.23 13.69 -20.60
C THR A 26 -2.86 14.95 -21.40
N ASN A 27 -2.96 14.89 -22.73
CA ASN A 27 -2.63 16.03 -23.57
C ASN A 27 -3.69 17.10 -23.42
N GLU A 28 -4.94 16.70 -23.62
CA GLU A 28 -6.09 17.60 -23.48
C GLU A 28 -6.01 18.43 -22.20
N VAL A 29 -5.62 17.79 -21.10
CA VAL A 29 -5.49 18.47 -19.82
C VAL A 29 -4.39 19.53 -19.88
N ALA A 30 -3.24 19.14 -20.44
CA ALA A 30 -2.10 20.03 -20.58
C ALA A 30 -2.49 21.29 -21.37
N GLU A 31 -3.03 21.09 -22.57
CA GLU A 31 -3.49 22.19 -23.40
C GLU A 31 -4.42 23.14 -22.65
N MET A 32 -5.31 22.57 -21.84
CA MET A 32 -6.25 23.35 -21.06
C MET A 32 -5.56 24.18 -19.98
N LEU A 33 -4.49 23.62 -19.41
CA LEU A 33 -3.75 24.30 -18.36
C LEU A 33 -3.09 25.58 -18.87
N ARG A 34 -2.63 25.57 -20.12
CA ARG A 34 -2.01 26.75 -20.70
C ARG A 34 -3.05 27.85 -20.82
N ASP A 35 -4.16 27.52 -21.47
CA ASP A 35 -5.28 28.45 -21.65
C ASP A 35 -5.66 29.13 -20.33
N LEU A 36 -5.61 28.38 -19.24
CA LEU A 36 -5.92 28.93 -17.92
C LEU A 36 -4.81 29.88 -17.47
N ASN A 37 -3.57 29.45 -17.68
CA ASN A 37 -2.38 30.24 -17.35
C ASN A 37 -2.35 30.68 -15.88
N LEU A 38 -2.29 29.72 -14.97
CA LEU A 38 -2.24 30.02 -13.56
C LEU A 38 -0.83 29.85 -13.01
N GLY A 39 -0.49 30.64 -12.01
CA GLY A 39 0.84 30.57 -11.41
C GLY A 39 0.84 29.65 -10.22
N GLU A 40 0.68 30.22 -9.03
CA GLU A 40 0.67 29.42 -7.81
C GLU A 40 -0.62 28.60 -7.71
N MET A 41 -1.63 29.02 -8.47
CA MET A 41 -2.91 28.32 -8.50
C MET A 41 -2.81 27.00 -9.27
N LYS A 42 -1.75 26.87 -10.07
CA LYS A 42 -1.51 25.66 -10.85
C LYS A 42 -1.13 24.53 -9.89
N SER A 43 -0.54 24.95 -8.78
CA SER A 43 -0.11 24.06 -7.69
C SER A 43 -1.32 23.48 -6.93
N GLY A 44 -2.46 23.55 -7.59
CA GLY A 44 -3.70 23.09 -7.03
C GLY A 44 -4.37 22.01 -7.89
N VAL A 45 -4.00 21.99 -9.17
CA VAL A 45 -4.57 21.02 -10.11
C VAL A 45 -4.28 19.57 -9.73
N PRO A 46 -2.99 19.20 -9.51
CA PRO A 46 -2.63 17.83 -9.11
C PRO A 46 -3.40 17.43 -7.87
N VAL A 47 -3.34 18.28 -6.84
CA VAL A 47 -4.05 18.06 -5.58
C VAL A 47 -5.53 17.76 -5.82
N LEU A 48 -6.14 18.47 -6.78
CA LEU A 48 -7.54 18.29 -7.08
C LEU A 48 -7.75 16.97 -7.80
N ALA A 49 -6.81 16.63 -8.65
CA ALA A 49 -6.87 15.40 -9.40
C ALA A 49 -6.73 14.21 -8.46
N VAL A 50 -6.04 14.42 -7.32
CA VAL A 50 -5.81 13.31 -6.40
C VAL A 50 -6.99 13.16 -5.44
N SER A 51 -7.21 14.21 -4.64
CA SER A 51 -8.29 14.26 -3.63
C SER A 51 -9.67 13.90 -4.16
N LEU A 52 -10.01 14.39 -5.34
CA LEU A 52 -11.31 14.10 -5.93
C LEU A 52 -11.40 12.64 -6.37
N ALA A 53 -10.29 12.09 -6.83
CA ALA A 53 -10.24 10.70 -7.27
C ALA A 53 -10.25 9.72 -6.12
N LEU A 54 -10.12 10.20 -4.88
CA LEU A 54 -10.01 9.31 -3.72
C LEU A 54 -11.42 8.91 -3.26
N GLU A 55 -12.41 9.35 -4.02
CA GLU A 55 -13.80 9.09 -3.71
C GLU A 55 -14.32 7.94 -4.57
N GLY A 56 -13.59 7.65 -5.63
CA GLY A 56 -13.99 6.58 -6.53
C GLY A 56 -13.13 5.35 -6.35
N LYS A 57 -13.13 4.48 -7.36
CA LYS A 57 -12.35 3.25 -7.32
C LYS A 57 -10.85 3.54 -7.35
N ALA A 58 -10.06 2.54 -6.94
CA ALA A 58 -8.61 2.66 -6.92
C ALA A 58 -8.05 2.91 -8.32
N SER A 59 -8.78 2.47 -9.32
CA SER A 59 -8.38 2.64 -10.72
C SER A 59 -8.28 4.12 -11.07
N HIS A 60 -9.01 4.94 -10.33
CA HIS A 60 -8.99 6.38 -10.55
C HIS A 60 -7.71 6.97 -10.00
N ARG A 61 -7.34 6.53 -8.79
CA ARG A 61 -6.14 6.99 -8.12
C ARG A 61 -4.88 6.55 -8.89
N GLU A 62 -4.93 5.31 -9.37
CA GLU A 62 -3.81 4.75 -10.13
C GLU A 62 -3.61 5.54 -11.44
N MET A 63 -4.69 6.07 -11.97
CA MET A 63 -4.65 6.85 -13.20
C MET A 63 -4.09 8.26 -13.01
N THR A 64 -4.09 8.74 -11.76
CA THR A 64 -3.57 10.07 -11.44
C THR A 64 -2.05 10.09 -11.60
N SER A 65 -1.47 8.94 -11.33
CA SER A 65 -0.02 8.75 -11.44
C SER A 65 0.50 9.23 -12.78
N LYS A 66 -0.17 8.83 -13.86
CA LYS A 66 0.22 9.22 -15.21
C LYS A 66 0.09 10.73 -15.40
N LEU A 67 -1.02 11.29 -14.92
CA LEU A 67 -1.27 12.72 -15.06
C LEU A 67 -0.15 13.55 -14.44
N LEU A 68 0.23 13.21 -13.21
CA LEU A 68 1.29 13.92 -12.51
C LEU A 68 2.62 13.82 -13.27
N SER A 69 2.81 12.66 -13.89
CA SER A 69 4.02 12.38 -14.64
C SER A 69 4.04 13.16 -15.97
N ASP A 70 2.90 13.16 -16.66
CA ASP A 70 2.75 13.85 -17.94
C ASP A 70 2.84 15.37 -17.78
N LEU A 71 2.15 15.91 -16.78
CA LEU A 71 2.18 17.35 -16.53
C LEU A 71 3.60 17.83 -16.27
N CYS A 72 4.27 17.17 -15.32
CA CYS A 72 5.66 17.47 -15.00
C CYS A 72 6.50 17.51 -16.27
N GLY A 73 7.35 18.50 -16.41
CA GLY A 73 8.17 18.62 -17.59
C GLY A 73 7.48 19.37 -18.71
N THR A 74 6.20 19.05 -18.92
CA THR A 74 5.40 19.67 -19.96
C THR A 74 5.03 21.11 -19.59
N VAL A 75 3.96 21.28 -18.81
CA VAL A 75 3.52 22.59 -18.40
C VAL A 75 3.83 22.83 -16.93
N MET A 76 3.82 21.75 -16.16
CA MET A 76 4.11 21.84 -14.74
C MET A 76 5.61 21.64 -14.51
N SER A 77 6.20 22.53 -13.74
CA SER A 77 7.62 22.44 -13.45
C SER A 77 7.89 21.34 -12.45
N THR A 78 9.13 21.25 -11.98
CA THR A 78 9.50 20.26 -11.00
C THR A 78 9.14 20.79 -9.61
N THR A 79 9.09 22.12 -9.53
CA THR A 79 8.76 22.79 -8.29
C THR A 79 7.26 22.66 -7.98
N ASP A 80 6.40 23.00 -8.95
CA ASP A 80 4.95 22.92 -8.77
C ASP A 80 4.51 21.58 -8.22
N VAL A 81 5.14 20.51 -8.67
CA VAL A 81 4.82 19.17 -8.21
C VAL A 81 5.09 19.05 -6.71
N GLU A 82 6.24 19.56 -6.30
CA GLU A 82 6.64 19.51 -4.90
C GLU A 82 5.75 20.39 -4.03
N LYS A 83 5.23 21.48 -4.60
CA LYS A 83 4.36 22.38 -3.86
C LYS A 83 3.03 21.69 -3.60
N SER A 84 2.39 21.26 -4.69
CA SER A 84 1.14 20.49 -4.62
C SER A 84 1.21 19.33 -3.62
N PHE A 85 2.41 18.93 -3.24
CA PHE A 85 2.58 17.85 -2.30
C PHE A 85 2.30 18.33 -0.88
N ASP A 86 2.73 19.55 -0.59
CA ASP A 86 2.54 20.14 0.73
C ASP A 86 1.06 20.32 1.00
N LYS A 87 0.36 21.00 0.09
CA LYS A 87 -1.08 21.22 0.21
C LYS A 87 -1.88 19.92 0.29
N LEU A 88 -1.40 18.86 -0.36
CA LEU A 88 -2.08 17.57 -0.35
C LEU A 88 -2.17 17.06 1.08
N LEU A 89 -1.19 17.44 1.86
CA LEU A 89 -1.09 17.08 3.25
C LEU A 89 -2.04 17.91 4.11
N LYS A 90 -2.39 19.10 3.62
CA LYS A 90 -3.25 20.04 4.35
C LYS A 90 -4.66 19.51 4.63
N ASP A 91 -5.49 19.38 3.57
CA ASP A 91 -6.86 18.88 3.74
C ASP A 91 -6.96 17.38 4.04
N LEU A 92 -5.80 16.75 4.21
CA LEU A 92 -5.73 15.31 4.53
C LEU A 92 -6.71 14.89 5.62
N PRO A 93 -6.77 15.59 6.79
CA PRO A 93 -7.72 15.26 7.86
C PRO A 93 -9.17 15.35 7.36
N GLU A 94 -9.42 16.29 6.45
CA GLU A 94 -10.75 16.47 5.88
C GLU A 94 -11.09 15.29 4.98
N LEU A 95 -10.08 14.75 4.31
CA LEU A 95 -10.27 13.59 3.44
C LEU A 95 -10.63 12.38 4.28
N ALA A 96 -10.04 12.30 5.47
CA ALA A 96 -10.30 11.21 6.40
C ALA A 96 -11.70 11.33 6.97
N LEU A 97 -12.15 12.58 7.04
CA LEU A 97 -13.47 12.89 7.53
C LEU A 97 -14.54 12.24 6.65
N ASP A 98 -14.41 12.42 5.34
CA ASP A 98 -15.36 11.83 4.41
C ASP A 98 -15.15 10.33 4.20
N THR A 99 -13.89 9.90 4.05
CA THR A 99 -13.58 8.50 3.88
C THR A 99 -12.34 8.18 4.70
N PRO A 100 -12.50 7.35 5.73
CA PRO A 100 -11.40 6.97 6.64
C PRO A 100 -10.21 6.33 5.91
N ARG A 101 -10.51 5.56 4.86
CA ARG A 101 -9.45 4.87 4.10
C ARG A 101 -8.58 5.80 3.25
N ALA A 102 -9.20 6.60 2.38
CA ALA A 102 -8.48 7.54 1.48
C ALA A 102 -7.14 8.13 1.96
N PRO A 103 -7.07 8.83 3.12
CA PRO A 103 -5.80 9.42 3.58
C PRO A 103 -4.69 8.39 3.79
N GLN A 104 -5.09 7.14 4.00
CA GLN A 104 -4.13 6.06 4.21
C GLN A 104 -3.58 5.60 2.85
N LEU A 105 -4.42 5.72 1.86
CA LEU A 105 -4.11 5.38 0.47
C LEU A 105 -3.22 6.43 -0.19
N VAL A 106 -3.14 7.61 0.44
CA VAL A 106 -2.41 8.74 -0.10
C VAL A 106 -0.90 8.49 -0.18
N GLY A 107 -0.39 7.60 0.68
CA GLY A 107 1.04 7.33 0.70
C GLY A 107 1.55 6.87 -0.65
N GLN A 108 0.68 6.22 -1.43
CA GLN A 108 1.03 5.73 -2.76
C GLN A 108 1.42 6.87 -3.68
N PHE A 109 0.80 8.02 -3.46
CA PHE A 109 1.08 9.19 -4.29
C PHE A 109 2.44 9.77 -3.97
N ILE A 110 2.89 9.56 -2.75
CA ILE A 110 4.18 10.04 -2.32
C ILE A 110 5.28 9.06 -2.78
N ALA A 111 4.91 7.77 -2.89
CA ALA A 111 5.86 6.73 -3.28
C ALA A 111 6.04 6.70 -4.79
N ARG A 112 4.91 6.80 -5.50
CA ARG A 112 4.86 6.78 -6.97
C ARG A 112 5.65 7.95 -7.55
N ALA A 113 5.81 8.97 -6.74
CA ALA A 113 6.48 10.18 -7.17
C ALA A 113 7.99 9.95 -7.21
N VAL A 114 8.45 8.94 -6.48
CA VAL A 114 9.88 8.65 -6.36
C VAL A 114 10.51 8.06 -7.64
N GLY A 115 10.05 6.89 -8.13
CA GLY A 115 10.66 6.35 -9.36
C GLY A 115 10.34 7.19 -10.55
N ASP A 116 9.05 7.47 -10.74
CA ASP A 116 8.61 8.37 -11.80
C ASP A 116 9.47 9.64 -11.76
N GLY A 117 9.89 9.96 -10.54
CA GLY A 117 10.79 11.06 -10.30
C GLY A 117 10.25 12.45 -10.58
N ILE A 118 9.06 12.76 -10.11
CA ILE A 118 8.51 14.10 -10.31
C ILE A 118 8.70 14.89 -9.03
N LEU A 119 9.00 14.17 -7.95
CA LEU A 119 9.21 14.76 -6.65
C LEU A 119 10.53 14.27 -6.07
N CYS A 120 11.13 15.06 -5.20
CA CYS A 120 12.38 14.70 -4.58
C CYS A 120 12.11 13.73 -3.43
N ASN A 121 12.83 12.61 -3.43
CA ASN A 121 12.67 11.58 -2.39
C ASN A 121 13.07 12.14 -1.03
N THR A 122 13.83 13.23 -1.04
CA THR A 122 14.30 13.87 0.17
C THR A 122 13.13 14.50 0.94
N TYR A 123 11.99 14.68 0.27
CA TYR A 123 10.80 15.26 0.89
C TYR A 123 10.39 14.45 2.11
N ILE A 124 10.56 13.14 2.02
CA ILE A 124 10.22 12.22 3.10
C ILE A 124 11.00 12.56 4.37
N ASP A 125 12.28 12.88 4.22
CA ASP A 125 13.14 13.19 5.35
C ASP A 125 12.84 14.56 5.94
N SER A 126 12.47 15.50 5.08
CA SER A 126 12.13 16.86 5.52
C SER A 126 10.90 16.87 6.42
N TYR A 127 10.00 15.92 6.21
CA TYR A 127 8.80 15.82 7.02
C TYR A 127 8.95 14.68 8.05
N LYS A 128 10.20 14.44 8.41
CA LYS A 128 10.59 13.37 9.36
C LYS A 128 10.53 13.66 10.86
N GLY A 129 9.40 14.12 11.34
CA GLY A 129 9.29 14.42 12.76
C GLY A 129 8.79 15.81 12.97
N THR A 130 8.96 16.59 11.93
CA THR A 130 8.51 17.95 11.91
C THR A 130 6.99 17.99 11.84
N VAL A 131 6.41 16.92 11.32
CA VAL A 131 4.96 16.83 11.17
C VAL A 131 4.30 16.68 12.53
N ASP A 132 3.57 17.70 12.92
CA ASP A 132 2.86 17.72 14.19
C ASP A 132 1.48 17.08 14.04
N CYS A 133 0.90 17.21 12.85
CA CYS A 133 -0.41 16.65 12.59
C CYS A 133 -0.33 15.22 12.07
N VAL A 134 -0.52 14.27 12.99
CA VAL A 134 -0.54 12.82 12.68
C VAL A 134 -1.31 12.45 11.41
N GLN A 135 -2.15 13.35 10.91
CA GLN A 135 -2.92 13.07 9.69
C GLN A 135 -1.96 12.80 8.52
N ALA A 136 -0.89 13.58 8.47
CA ALA A 136 0.11 13.43 7.41
C ALA A 136 0.95 12.18 7.65
N ARG A 137 1.59 12.12 8.84
CA ARG A 137 2.40 10.95 9.22
C ARG A 137 1.69 9.62 9.04
N ALA A 138 0.37 9.61 9.08
CA ALA A 138 -0.37 8.38 8.88
C ALA A 138 -0.15 7.91 7.45
N ALA A 139 -0.09 8.86 6.54
CA ALA A 139 0.15 8.58 5.13
C ALA A 139 1.63 8.41 4.81
N LEU A 140 2.52 9.04 5.60
CA LEU A 140 3.98 9.00 5.31
C LEU A 140 4.58 7.62 5.51
N ASP A 141 4.57 7.12 6.75
CA ASP A 141 5.05 5.74 6.96
C ASP A 141 4.39 4.72 6.04
N LYS A 142 3.24 5.06 5.51
CA LYS A 142 2.53 4.18 4.59
C LYS A 142 3.20 4.16 3.22
N ALA A 143 3.80 5.28 2.81
CA ALA A 143 4.46 5.35 1.50
C ALA A 143 5.60 4.35 1.42
N THR A 144 6.52 4.41 2.39
CA THR A 144 7.62 3.46 2.47
C THR A 144 7.14 2.00 2.49
N VAL A 145 5.88 1.82 2.83
CA VAL A 145 5.30 0.48 2.88
C VAL A 145 5.27 -0.04 1.44
N LEU A 146 4.87 0.82 0.51
CA LEU A 146 4.81 0.46 -0.90
C LEU A 146 6.18 0.64 -1.56
N LEU A 147 6.90 1.68 -1.14
CA LEU A 147 8.22 2.02 -1.67
C LEU A 147 9.20 0.87 -1.56
N SER A 148 9.11 0.11 -0.47
CA SER A 148 9.99 -1.03 -0.27
C SER A 148 9.67 -2.13 -1.28
N MET A 149 8.43 -2.16 -1.73
CA MET A 149 7.99 -3.17 -2.70
C MET A 149 8.14 -2.67 -4.14
N SER A 150 8.26 -1.36 -4.32
CA SER A 150 8.38 -0.77 -5.65
C SER A 150 9.70 -1.16 -6.33
N LYS A 151 10.59 -1.76 -5.57
CA LYS A 151 11.88 -2.22 -6.08
C LYS A 151 11.72 -3.57 -6.76
N GLY A 152 10.62 -4.23 -6.43
CA GLY A 152 10.32 -5.53 -6.97
C GLY A 152 9.15 -6.15 -6.22
N GLY A 153 7.95 -5.99 -6.77
CA GLY A 153 6.76 -6.50 -6.12
C GLY A 153 6.25 -7.78 -6.73
N LYS A 154 6.85 -8.20 -7.82
CA LYS A 154 6.42 -9.43 -8.49
C LYS A 154 6.79 -10.64 -7.66
N ARG A 155 5.80 -11.47 -7.36
CA ARG A 155 6.03 -12.67 -6.57
C ARG A 155 5.69 -13.91 -7.40
N LYS A 156 4.43 -14.00 -7.81
CA LYS A 156 3.96 -15.11 -8.62
C LYS A 156 2.86 -14.62 -9.55
N ASP A 157 2.51 -15.42 -10.55
CA ASP A 157 1.48 -15.02 -11.51
C ASP A 157 0.93 -16.22 -12.26
N SER A 158 -0.20 -16.74 -11.79
CA SER A 158 -0.84 -17.89 -12.43
C SER A 158 -2.33 -17.94 -12.10
N VAL A 159 -3.11 -17.16 -12.84
CA VAL A 159 -4.56 -17.12 -12.66
C VAL A 159 -5.24 -17.21 -14.01
N TRP A 160 -6.57 -17.24 -14.01
CA TRP A 160 -7.31 -17.32 -15.26
C TRP A 160 -7.51 -15.92 -15.82
N GLY A 161 -7.52 -15.80 -17.14
CA GLY A 161 -7.69 -14.50 -17.78
C GLY A 161 -9.13 -14.04 -17.77
N SER A 162 -9.69 -13.85 -16.59
CA SER A 162 -11.05 -13.42 -16.43
C SER A 162 -11.12 -11.96 -15.99
N GLY A 163 -9.98 -11.27 -16.09
CA GLY A 163 -9.92 -9.89 -15.69
C GLY A 163 -8.77 -9.16 -16.36
N GLY B 1 -9.42 -6.35 -17.00
CA GLY B 1 -10.64 -5.76 -17.61
C GLY B 1 -10.54 -5.74 -19.12
N GLY B 2 -11.18 -4.76 -19.75
CA GLY B 2 -11.14 -4.66 -21.19
C GLY B 2 -9.96 -3.88 -21.68
N GLN B 3 -9.66 -2.79 -20.99
CA GLN B 3 -8.53 -1.93 -21.36
C GLN B 3 -7.24 -2.42 -20.75
N GLN B 4 -7.29 -2.85 -19.50
CA GLN B 4 -6.12 -3.34 -18.80
C GLN B 4 -6.50 -4.43 -17.80
N PRO B 5 -5.68 -5.48 -17.70
CA PRO B 5 -5.93 -6.58 -16.75
C PRO B 5 -5.72 -6.13 -15.31
N VAL B 6 -6.28 -6.88 -14.37
CA VAL B 6 -6.15 -6.57 -12.95
C VAL B 6 -4.87 -7.12 -12.36
N ASN B 7 -4.65 -6.85 -11.08
CA ASN B 7 -3.45 -7.31 -10.37
C ASN B 7 -3.57 -8.77 -10.00
N HIS B 8 -2.61 -9.57 -10.44
CA HIS B 8 -2.61 -11.00 -10.15
C HIS B 8 -1.92 -11.29 -8.83
N LEU B 9 -2.55 -10.86 -7.73
CA LEU B 9 -2.03 -11.07 -6.37
C LEU B 9 -0.87 -10.12 -6.07
N VAL B 10 -0.41 -9.42 -7.09
CA VAL B 10 0.69 -8.47 -6.94
C VAL B 10 0.16 -7.20 -6.29
N LYS B 11 0.98 -6.61 -5.41
CA LYS B 11 0.61 -5.39 -4.68
C LYS B 11 -0.39 -5.73 -3.58
N GLU B 12 -0.56 -7.03 -3.32
CA GLU B 12 -1.49 -7.51 -2.30
C GLU B 12 -0.76 -8.25 -1.17
N ILE B 13 -0.34 -9.48 -1.44
CA ILE B 13 0.34 -10.33 -0.45
C ILE B 13 1.50 -9.62 0.24
N ASP B 14 2.39 -9.02 -0.55
CA ASP B 14 3.54 -8.32 -0.01
C ASP B 14 3.08 -7.12 0.81
N MET B 15 2.27 -6.28 0.18
CA MET B 15 1.70 -5.08 0.81
C MET B 15 1.07 -5.38 2.17
N LEU B 16 0.31 -6.47 2.26
CA LEU B 16 -0.34 -6.84 3.51
C LEU B 16 0.67 -7.03 4.64
N LEU B 17 1.78 -7.68 4.33
CA LEU B 17 2.83 -7.89 5.31
C LEU B 17 3.61 -6.59 5.53
N LYS B 18 3.84 -5.87 4.43
CA LYS B 18 4.58 -4.60 4.47
C LYS B 18 3.89 -3.58 5.36
N GLU B 19 2.56 -3.64 5.40
CA GLU B 19 1.75 -2.75 6.23
C GLU B 19 2.17 -2.88 7.69
N TYR B 20 2.53 -4.09 8.06
CA TYR B 20 2.95 -4.38 9.41
C TYR B 20 4.39 -3.90 9.68
N LEU B 21 5.22 -3.80 8.62
CA LEU B 21 6.63 -3.41 8.78
C LEU B 21 6.85 -1.94 9.20
N LEU B 22 6.62 -1.00 8.27
CA LEU B 22 6.79 0.43 8.57
C LEU B 22 5.68 0.94 9.45
N SER B 23 4.49 0.49 9.15
CA SER B 23 3.32 0.87 9.92
C SER B 23 3.07 -0.27 10.92
N GLY B 24 2.10 -0.12 11.82
CA GLY B 24 1.86 -1.19 12.77
C GLY B 24 0.40 -1.27 13.14
N ASP B 25 -0.45 -1.17 12.13
CA ASP B 25 -1.89 -1.21 12.34
C ASP B 25 -2.44 -2.58 11.93
N ILE B 26 -2.86 -3.35 12.93
CA ILE B 26 -3.40 -4.69 12.69
C ILE B 26 -4.63 -4.59 11.81
N SER B 27 -5.60 -3.86 12.31
CA SER B 27 -6.84 -3.67 11.62
C SER B 27 -6.81 -3.01 10.24
N GLU B 28 -5.75 -2.26 9.90
CA GLU B 28 -5.74 -1.55 8.62
C GLU B 28 -5.53 -2.54 7.45
N ALA B 29 -4.52 -3.41 7.56
CA ALA B 29 -4.26 -4.40 6.51
C ALA B 29 -5.45 -5.35 6.45
N GLU B 30 -6.06 -5.54 7.61
CA GLU B 30 -7.22 -6.39 7.74
C GLU B 30 -8.36 -5.84 6.89
N HIS B 31 -8.32 -4.53 6.61
CA HIS B 31 -9.34 -3.89 5.81
C HIS B 31 -9.27 -4.38 4.37
N CYS B 32 -8.09 -4.28 3.75
CA CYS B 32 -7.91 -4.73 2.38
C CYS B 32 -8.12 -6.24 2.25
N LEU B 33 -7.77 -6.98 3.30
CA LEU B 33 -7.93 -8.44 3.30
C LEU B 33 -9.38 -8.80 3.06
N LYS B 34 -10.27 -8.03 3.66
CA LYS B 34 -11.70 -8.21 3.52
C LYS B 34 -12.22 -7.73 2.16
N GLU B 35 -11.47 -6.82 1.55
CA GLU B 35 -11.81 -6.21 0.25
C GLU B 35 -11.58 -7.15 -0.94
N LEU B 36 -11.25 -8.39 -0.62
CA LEU B 36 -10.96 -9.40 -1.64
C LEU B 36 -12.25 -9.98 -2.24
N GLU B 37 -12.28 -11.29 -2.44
CA GLU B 37 -13.45 -11.98 -3.00
C GLU B 37 -13.39 -13.47 -2.66
N VAL B 38 -12.22 -14.06 -2.83
CA VAL B 38 -12.03 -15.48 -2.55
C VAL B 38 -11.16 -15.69 -1.31
N PRO B 39 -11.75 -16.18 -0.21
CA PRO B 39 -11.04 -16.43 1.03
C PRO B 39 -10.23 -17.72 0.99
N HIS B 40 -10.55 -18.56 0.01
CA HIS B 40 -9.88 -19.85 -0.14
C HIS B 40 -8.44 -19.69 -0.65
N PHE B 41 -8.10 -18.49 -1.11
CA PHE B 41 -6.75 -18.24 -1.62
C PHE B 41 -5.87 -17.58 -0.55
N HIS B 42 -6.44 -17.35 0.63
CA HIS B 42 -5.73 -16.69 1.73
C HIS B 42 -4.52 -17.48 2.26
N HIS B 43 -4.55 -18.81 2.06
CA HIS B 43 -3.43 -19.70 2.47
C HIS B 43 -2.03 -19.17 2.14
N GLU B 44 -1.93 -18.32 1.14
CA GLU B 44 -0.64 -17.77 0.74
C GLU B 44 -0.13 -16.73 1.74
N LEU B 45 -1.05 -16.01 2.38
CA LEU B 45 -0.70 -14.95 3.33
C LEU B 45 0.01 -15.45 4.60
N VAL B 46 -0.67 -16.31 5.38
CA VAL B 46 -0.09 -16.84 6.62
C VAL B 46 1.24 -17.53 6.33
N TYR B 47 1.17 -18.54 5.48
CA TYR B 47 2.35 -19.29 5.04
C TYR B 47 3.55 -18.37 4.79
N GLU B 48 3.36 -17.33 3.97
CA GLU B 48 4.43 -16.40 3.64
C GLU B 48 4.90 -15.62 4.87
N ALA B 49 3.97 -15.27 5.75
CA ALA B 49 4.31 -14.52 6.95
C ALA B 49 5.31 -15.27 7.82
N ILE B 50 4.97 -16.51 8.19
CA ILE B 50 5.87 -17.35 8.98
C ILE B 50 7.23 -17.48 8.30
N VAL B 51 7.19 -17.80 7.01
CA VAL B 51 8.39 -17.93 6.20
C VAL B 51 9.28 -16.71 6.37
N MET B 52 8.69 -15.53 6.25
CA MET B 52 9.42 -14.28 6.40
C MET B 52 10.01 -14.11 7.80
N VAL B 53 9.23 -14.44 8.83
CA VAL B 53 9.71 -14.34 10.21
C VAL B 53 10.97 -15.15 10.40
N LEU B 54 10.92 -16.41 9.99
CA LEU B 54 12.05 -17.32 10.10
C LEU B 54 13.29 -16.80 9.38
N GLU B 55 13.08 -16.05 8.30
CA GLU B 55 14.19 -15.49 7.55
C GLU B 55 14.62 -14.13 8.12
N SER B 56 13.83 -13.61 9.04
CA SER B 56 14.12 -12.32 9.66
C SER B 56 14.92 -12.48 10.95
N THR B 57 14.83 -11.49 11.83
CA THR B 57 15.53 -11.49 13.10
C THR B 57 14.84 -10.51 14.05
N GLY B 58 15.13 -10.62 15.35
CA GLY B 58 14.53 -9.74 16.32
C GLY B 58 13.16 -10.20 16.76
N GLU B 59 12.85 -9.98 18.04
CA GLU B 59 11.58 -10.38 18.62
C GLU B 59 10.42 -9.57 18.03
N SER B 60 10.76 -8.45 17.42
CA SER B 60 9.79 -7.56 16.80
C SER B 60 8.94 -8.28 15.77
N ALA B 61 9.58 -9.14 14.97
CA ALA B 61 8.88 -9.89 13.95
C ALA B 61 7.99 -10.96 14.55
N PHE B 62 8.53 -11.66 15.55
CA PHE B 62 7.80 -12.73 16.23
C PHE B 62 6.50 -12.23 16.83
N LYS B 63 6.56 -11.08 17.49
CA LYS B 63 5.39 -10.49 18.13
C LYS B 63 4.37 -9.98 17.10
N MET B 64 4.84 -9.09 16.22
CA MET B 64 4.00 -8.50 15.18
C MET B 64 3.27 -9.54 14.32
N ILE B 65 3.96 -10.59 13.93
CA ILE B 65 3.34 -11.63 13.11
C ILE B 65 2.35 -12.49 13.90
N LEU B 66 2.73 -12.86 15.12
CA LEU B 66 1.86 -13.65 15.98
C LEU B 66 0.49 -13.00 16.14
N ASP B 67 0.46 -11.70 16.43
CA ASP B 67 -0.81 -10.99 16.58
C ASP B 67 -1.48 -10.72 15.23
N LEU B 68 -0.68 -10.79 14.18
CA LEU B 68 -1.15 -10.53 12.81
C LEU B 68 -2.19 -11.59 12.41
N LEU B 69 -1.80 -12.85 12.47
CA LEU B 69 -2.69 -13.94 12.11
C LEU B 69 -3.80 -14.09 13.15
N LYS B 70 -3.45 -13.78 14.40
CA LYS B 70 -4.36 -13.86 15.53
C LYS B 70 -5.58 -12.97 15.32
N SER B 71 -5.34 -11.69 15.04
CA SER B 71 -6.42 -10.73 14.83
C SER B 71 -7.30 -11.10 13.64
N LEU B 72 -6.72 -11.81 12.68
CA LEU B 72 -7.46 -12.22 11.50
C LEU B 72 -8.38 -13.38 11.90
N TRP B 73 -7.85 -14.24 12.76
CA TRP B 73 -8.61 -15.38 13.27
C TRP B 73 -9.73 -14.96 14.21
N LYS B 74 -9.55 -13.83 14.92
CA LYS B 74 -10.58 -13.33 15.82
C LYS B 74 -11.82 -13.00 15.00
N SER B 75 -11.63 -12.16 14.00
CA SER B 75 -12.67 -11.77 13.05
C SER B 75 -12.82 -12.85 11.98
N SER B 76 -12.44 -14.06 12.39
CA SER B 76 -12.41 -15.26 11.55
C SER B 76 -12.57 -15.01 10.06
N THR B 77 -11.50 -14.57 9.40
CA THR B 77 -11.54 -14.33 7.98
C THR B 77 -10.73 -15.41 7.27
N ILE B 78 -10.03 -16.21 8.06
CA ILE B 78 -9.22 -17.31 7.55
C ILE B 78 -9.92 -18.64 7.82
N THR B 79 -9.95 -19.49 6.82
CA THR B 79 -10.57 -20.80 6.94
C THR B 79 -9.62 -21.78 7.63
N ILE B 80 -10.15 -22.93 8.04
CA ILE B 80 -9.35 -23.94 8.72
C ILE B 80 -8.36 -24.59 7.76
N ASP B 81 -8.75 -24.73 6.50
CA ASP B 81 -7.88 -25.35 5.49
C ASP B 81 -6.70 -24.46 5.21
N GLN B 82 -6.99 -23.24 4.77
CA GLN B 82 -5.95 -22.24 4.52
C GLN B 82 -4.96 -22.10 5.68
N MET B 83 -5.44 -22.40 6.88
CA MET B 83 -4.59 -22.30 8.06
C MET B 83 -3.75 -23.58 8.21
N LYS B 84 -4.44 -24.71 8.07
CA LYS B 84 -3.82 -26.03 8.21
C LYS B 84 -2.84 -26.35 7.11
N ARG B 85 -3.10 -25.87 5.89
CA ARG B 85 -2.23 -26.17 4.76
C ARG B 85 -0.92 -25.40 4.84
N GLY B 86 -1.02 -24.08 5.01
CA GLY B 86 0.18 -23.26 5.14
C GLY B 86 1.12 -23.77 6.20
N TYR B 87 0.59 -24.19 7.35
CA TYR B 87 1.42 -24.72 8.41
C TYR B 87 2.08 -26.03 7.98
N GLU B 88 1.37 -26.83 7.19
CA GLU B 88 1.90 -28.09 6.70
C GLU B 88 3.01 -27.82 5.69
N ARG B 89 2.83 -26.75 4.93
CA ARG B 89 3.81 -26.35 3.92
C ARG B 89 5.06 -25.85 4.61
N ILE B 90 4.88 -25.24 5.78
CA ILE B 90 6.00 -24.70 6.57
C ILE B 90 6.93 -25.84 6.99
N TYR B 91 6.36 -27.03 7.15
CA TYR B 91 7.14 -28.19 7.56
C TYR B 91 8.00 -28.67 6.40
N ASN B 92 7.48 -28.53 5.18
CA ASN B 92 8.18 -28.94 3.98
C ASN B 92 9.29 -27.94 3.63
N GLU B 93 9.10 -26.69 4.02
CA GLU B 93 10.07 -25.64 3.74
C GLU B 93 11.25 -25.68 4.69
N ILE B 94 11.07 -26.32 5.84
CA ILE B 94 12.14 -26.42 6.84
C ILE B 94 13.43 -27.02 6.28
N PRO B 95 13.39 -28.23 5.66
CA PRO B 95 14.59 -28.86 5.10
C PRO B 95 15.26 -28.00 4.03
N ASP B 96 14.47 -27.17 3.36
CA ASP B 96 15.00 -26.29 2.32
C ASP B 96 15.67 -25.07 2.95
N ILE B 97 14.98 -24.46 3.91
CA ILE B 97 15.48 -23.27 4.59
C ILE B 97 16.65 -23.59 5.51
N ASN B 98 16.45 -24.51 6.44
CA ASN B 98 17.49 -24.89 7.39
C ASN B 98 18.59 -25.69 6.69
N LEU B 99 18.18 -26.67 5.88
CA LEU B 99 19.11 -27.51 5.15
C LEU B 99 20.13 -28.17 6.09
N ASP B 100 19.61 -29.11 6.89
CA ASP B 100 20.41 -29.85 7.88
C ASP B 100 20.77 -28.97 9.07
N VAL B 101 21.05 -29.61 10.20
CA VAL B 101 21.39 -28.90 11.45
C VAL B 101 20.35 -27.83 11.77
N PRO B 102 19.11 -28.25 12.08
CA PRO B 102 18.01 -27.32 12.38
C PRO B 102 18.12 -26.75 13.78
N HIS B 103 18.72 -25.58 13.90
CA HIS B 103 18.88 -24.93 15.19
C HIS B 103 17.70 -24.03 15.51
N SER B 104 16.81 -23.86 14.54
CA SER B 104 15.63 -23.02 14.72
C SER B 104 14.50 -23.81 15.39
N TYR B 105 14.85 -24.96 15.94
CA TYR B 105 13.88 -25.84 16.60
C TYR B 105 13.06 -25.15 17.69
N SER B 106 13.68 -24.23 18.44
CA SER B 106 12.95 -23.54 19.51
C SER B 106 11.89 -22.63 18.90
N VAL B 107 12.36 -21.64 18.12
CA VAL B 107 11.41 -20.76 17.41
C VAL B 107 10.37 -21.54 16.61
N LEU B 108 10.76 -22.70 16.08
CA LEU B 108 9.85 -23.52 15.29
C LEU B 108 8.74 -24.09 16.18
N GLU B 109 9.14 -24.68 17.30
CA GLU B 109 8.19 -25.28 18.22
C GLU B 109 7.27 -24.25 18.87
N ARG B 110 7.86 -23.24 19.52
CA ARG B 110 7.08 -22.19 20.18
C ARG B 110 6.04 -21.56 19.25
N PHE B 111 6.51 -20.94 18.16
CA PHE B 111 5.59 -20.39 17.16
C PHE B 111 4.42 -21.34 16.86
N VAL B 112 4.67 -22.65 16.90
CA VAL B 112 3.63 -23.64 16.64
C VAL B 112 2.74 -23.84 17.89
N GLU B 113 3.37 -23.88 19.07
CA GLU B 113 2.65 -24.13 20.32
C GLU B 113 1.61 -23.06 20.67
N GLU B 114 2.00 -21.77 20.68
CA GLU B 114 1.02 -20.70 20.97
C GLU B 114 -0.24 -20.84 20.13
N CYS B 115 -0.12 -20.75 18.80
CA CYS B 115 -1.29 -20.97 17.95
C CYS B 115 -2.03 -22.28 18.23
N PHE B 116 -1.35 -23.25 18.83
CA PHE B 116 -1.98 -24.51 19.14
C PHE B 116 -2.77 -24.41 20.45
N GLN B 117 -2.25 -23.62 21.40
CA GLN B 117 -2.85 -23.47 22.73
C GLN B 117 -4.26 -22.89 22.69
N ALA B 118 -4.43 -21.69 22.15
CA ALA B 118 -5.75 -21.07 22.04
C ALA B 118 -6.66 -21.78 21.04
N GLY B 119 -6.28 -23.00 20.68
CA GLY B 119 -7.04 -23.81 19.76
C GLY B 119 -7.54 -23.11 18.52
N ILE B 120 -6.64 -22.52 17.74
CA ILE B 120 -7.05 -21.85 16.50
C ILE B 120 -6.69 -22.77 15.34
N ILE B 121 -6.45 -24.04 15.70
CA ILE B 121 -6.08 -25.08 14.76
C ILE B 121 -6.47 -26.44 15.34
N SER B 122 -6.50 -27.45 14.49
CA SER B 122 -6.84 -28.79 14.90
C SER B 122 -5.64 -29.46 15.58
N LYS B 123 -5.91 -30.44 16.44
CA LYS B 123 -4.86 -31.15 17.15
C LYS B 123 -3.97 -31.94 16.20
N GLN B 124 -4.51 -32.27 15.04
CA GLN B 124 -3.77 -33.03 14.03
C GLN B 124 -2.59 -32.22 13.52
N LEU B 125 -2.74 -30.90 13.52
CA LEU B 125 -1.67 -30.02 13.07
C LEU B 125 -0.48 -30.09 14.01
N ARG B 126 -0.72 -30.56 15.23
CA ARG B 126 0.34 -30.65 16.22
C ARG B 126 1.14 -31.93 15.97
N ASP B 127 0.45 -32.93 15.43
CA ASP B 127 1.05 -34.24 15.15
C ASP B 127 1.91 -34.18 13.89
N LEU B 128 1.50 -33.33 12.96
CA LEU B 128 2.21 -33.17 11.69
C LEU B 128 3.43 -32.27 11.84
N CYS B 129 3.81 -31.98 13.08
CA CYS B 129 4.94 -31.12 13.34
C CYS B 129 6.08 -31.96 13.91
N PRO B 130 7.34 -31.52 13.75
CA PRO B 130 8.50 -32.23 14.27
C PRO B 130 8.63 -32.07 15.79
N SER B 131 7.62 -32.58 16.51
CA SER B 131 7.58 -32.49 17.95
C SER B 131 8.75 -33.24 18.58
N GLY A 1 2.60 29.76 -1.92
CA GLY A 1 2.00 31.11 -1.78
C GLY A 1 0.50 31.03 -1.63
N LEU A 2 -0.13 32.18 -1.42
CA LEU A 2 -1.58 32.22 -1.27
C LEU A 2 -2.27 32.37 -2.62
N PRO A 3 -3.06 31.36 -3.01
CA PRO A 3 -3.76 31.36 -4.30
C PRO A 3 -4.88 32.39 -4.34
N LEU A 4 -5.16 32.88 -5.54
CA LEU A 4 -6.21 33.87 -5.74
C LEU A 4 -7.39 33.21 -6.44
N ASP A 5 -8.61 33.60 -6.03
CA ASP A 5 -9.84 33.06 -6.62
C ASP A 5 -9.90 31.54 -6.43
N GLU A 6 -9.74 31.12 -5.18
CA GLU A 6 -9.75 29.70 -4.83
C GLU A 6 -11.05 29.01 -5.26
N ARG A 7 -12.19 29.56 -4.85
CA ARG A 7 -13.48 28.97 -5.19
C ARG A 7 -13.75 29.08 -6.68
N ALA A 8 -13.29 30.18 -7.28
CA ALA A 8 -13.47 30.40 -8.71
C ALA A 8 -12.67 29.36 -9.49
N PHE A 9 -11.52 28.99 -8.93
CA PHE A 9 -10.66 27.99 -9.54
C PHE A 9 -11.36 26.64 -9.52
N GLU A 10 -11.90 26.29 -8.35
CA GLU A 10 -12.62 25.03 -8.20
C GLU A 10 -13.83 24.99 -9.12
N LYS A 11 -14.44 26.15 -9.33
CA LYS A 11 -15.58 26.26 -10.21
C LYS A 11 -15.16 25.87 -11.63
N THR A 12 -13.97 26.30 -12.01
CA THR A 12 -13.44 25.98 -13.32
C THR A 12 -12.91 24.52 -13.39
N LEU A 13 -12.19 24.09 -12.35
CA LEU A 13 -11.59 22.73 -12.32
C LEU A 13 -12.62 21.57 -12.27
N THR A 14 -13.85 21.96 -12.49
CA THR A 14 -14.93 20.98 -12.49
C THR A 14 -14.98 19.91 -13.60
N PRO A 15 -15.17 20.25 -14.89
CA PRO A 15 -15.28 19.22 -15.94
C PRO A 15 -13.94 18.62 -16.36
N ILE A 16 -12.85 19.30 -16.02
CA ILE A 16 -11.53 18.83 -16.43
C ILE A 16 -11.05 17.56 -15.70
N ILE A 17 -11.51 17.35 -14.46
CA ILE A 17 -11.10 16.15 -13.74
C ILE A 17 -12.14 15.05 -14.03
N GLN A 18 -13.31 15.52 -14.38
CA GLN A 18 -14.46 14.65 -14.66
C GLN A 18 -14.34 13.80 -15.94
N GLU A 19 -14.12 14.42 -17.10
CA GLU A 19 -14.02 13.66 -18.34
C GLU A 19 -12.76 12.80 -18.39
N TYR A 20 -11.75 13.21 -17.64
CA TYR A 20 -10.46 12.54 -17.61
C TYR A 20 -10.53 11.04 -17.26
N PHE A 21 -11.55 10.62 -16.53
CA PHE A 21 -11.66 9.23 -16.11
C PHE A 21 -12.39 8.38 -17.13
N GLU A 22 -12.92 9.01 -18.16
CA GLU A 22 -13.63 8.29 -19.21
C GLU A 22 -12.68 7.97 -20.35
N HIS A 23 -11.92 8.96 -20.73
CA HIS A 23 -11.02 8.81 -21.85
C HIS A 23 -9.56 9.19 -21.60
N GLY A 24 -8.97 8.94 -20.40
CA GLY A 24 -7.57 9.28 -20.10
C GLY A 24 -6.69 9.87 -21.18
N ASP A 25 -6.84 11.16 -21.36
CA ASP A 25 -6.09 11.92 -22.34
C ASP A 25 -5.56 13.15 -21.63
N THR A 26 -4.25 13.22 -21.45
CA THR A 26 -3.65 14.31 -20.71
C THR A 26 -3.59 15.61 -21.51
N ASN A 27 -3.49 15.47 -22.83
CA ASN A 27 -3.38 16.61 -23.74
C ASN A 27 -4.51 17.61 -23.57
N GLU A 28 -5.75 17.12 -23.53
CA GLU A 28 -6.92 17.99 -23.35
C GLU A 28 -6.74 18.86 -22.11
N VAL A 29 -6.39 18.20 -21.00
CA VAL A 29 -6.16 18.88 -19.73
C VAL A 29 -5.09 19.97 -19.89
N ALA A 30 -4.01 19.63 -20.58
CA ALA A 30 -2.91 20.57 -20.81
C ALA A 30 -3.40 21.79 -21.59
N GLU A 31 -4.15 21.53 -22.66
CA GLU A 31 -4.72 22.58 -23.49
C GLU A 31 -5.45 23.62 -22.64
N MET A 32 -6.27 23.14 -21.71
CA MET A 32 -7.04 24.01 -20.83
C MET A 32 -6.14 24.75 -19.85
N LEU A 33 -5.13 24.04 -19.32
CA LEU A 33 -4.21 24.63 -18.36
C LEU A 33 -3.49 25.83 -18.94
N ARG A 34 -2.92 25.66 -20.14
CA ARG A 34 -2.21 26.76 -20.81
C ARG A 34 -3.13 27.93 -21.11
N ASP A 35 -4.38 27.60 -21.38
CA ASP A 35 -5.41 28.60 -21.70
C ASP A 35 -5.68 29.50 -20.49
N LEU A 36 -5.91 28.87 -19.34
CA LEU A 36 -6.18 29.62 -18.11
C LEU A 36 -4.90 30.30 -17.63
N ASN A 37 -3.78 29.59 -17.77
CA ASN A 37 -2.46 30.09 -17.38
C ASN A 37 -2.39 30.54 -15.93
N LEU A 38 -2.09 29.61 -15.04
CA LEU A 38 -1.99 29.92 -13.62
C LEU A 38 -0.54 29.84 -13.16
N GLY A 39 -0.19 30.61 -12.14
CA GLY A 39 1.16 30.61 -11.63
C GLY A 39 1.32 29.66 -10.45
N GLU A 40 1.02 30.15 -9.27
CA GLU A 40 1.12 29.34 -8.05
C GLU A 40 -0.08 28.41 -7.91
N MET A 41 -1.23 28.86 -8.40
CA MET A 41 -2.45 28.07 -8.34
C MET A 41 -2.41 26.93 -9.35
N LYS A 42 -1.32 26.86 -10.10
CA LYS A 42 -1.15 25.82 -11.10
C LYS A 42 -1.01 24.47 -10.41
N SER A 43 -0.46 24.49 -9.20
CA SER A 43 -0.28 23.27 -8.42
C SER A 43 -1.64 22.78 -7.92
N GLY A 44 -2.62 23.68 -7.96
CA GLY A 44 -3.96 23.34 -7.53
C GLY A 44 -4.58 22.24 -8.38
N VAL A 45 -4.43 22.34 -9.70
CA VAL A 45 -4.96 21.34 -10.62
C VAL A 45 -4.68 19.89 -10.21
N PRO A 46 -3.38 19.48 -10.11
CA PRO A 46 -3.03 18.11 -9.71
C PRO A 46 -3.60 17.73 -8.34
N VAL A 47 -3.73 18.72 -7.46
CA VAL A 47 -4.27 18.49 -6.12
C VAL A 47 -5.74 18.09 -6.19
N LEU A 48 -6.52 18.89 -6.91
CA LEU A 48 -7.95 18.62 -7.06
C LEU A 48 -8.18 17.24 -7.67
N ALA A 49 -7.43 16.96 -8.74
CA ALA A 49 -7.49 15.66 -9.42
C ALA A 49 -7.29 14.51 -8.43
N VAL A 50 -6.57 14.77 -7.36
CA VAL A 50 -6.28 13.74 -6.36
C VAL A 50 -7.51 13.48 -5.50
N SER A 51 -8.20 14.55 -5.13
CA SER A 51 -9.40 14.43 -4.29
C SER A 51 -10.47 13.54 -4.94
N LEU A 52 -10.79 13.80 -6.20
CA LEU A 52 -11.78 13.01 -6.93
C LEU A 52 -11.28 11.59 -7.17
N ALA A 53 -9.99 11.44 -7.03
CA ALA A 53 -9.34 10.17 -7.22
C ALA A 53 -9.56 9.29 -6.01
N LEU A 54 -9.52 9.91 -4.83
CA LEU A 54 -9.70 9.19 -3.57
C LEU A 54 -11.16 8.82 -3.33
N GLU A 55 -12.08 9.71 -3.70
CA GLU A 55 -13.51 9.46 -3.51
C GLU A 55 -13.95 8.23 -4.29
N GLY A 56 -13.46 8.13 -5.51
CA GLY A 56 -13.81 7.02 -6.37
C GLY A 56 -12.99 5.77 -6.11
N LYS A 57 -13.16 4.79 -6.99
CA LYS A 57 -12.46 3.52 -6.90
C LYS A 57 -10.95 3.71 -7.06
N ALA A 58 -10.20 2.65 -6.74
CA ALA A 58 -8.75 2.67 -6.86
C ALA A 58 -8.31 3.02 -8.28
N SER A 59 -9.13 2.62 -9.26
CA SER A 59 -8.84 2.89 -10.66
C SER A 59 -8.72 4.39 -10.93
N HIS A 60 -9.48 5.17 -10.16
CA HIS A 60 -9.46 6.62 -10.28
C HIS A 60 -8.09 7.16 -9.90
N ARG A 61 -7.51 6.59 -8.86
CA ARG A 61 -6.21 7.03 -8.36
C ARG A 61 -5.09 6.70 -9.35
N GLU A 62 -4.98 5.43 -9.72
CA GLU A 62 -3.97 4.98 -10.67
C GLU A 62 -4.00 5.82 -11.96
N MET A 63 -5.21 6.09 -12.45
CA MET A 63 -5.37 6.88 -13.67
C MET A 63 -4.92 8.33 -13.45
N THR A 64 -4.98 8.79 -12.21
CA THR A 64 -4.59 10.15 -11.88
C THR A 64 -3.07 10.32 -11.92
N SER A 65 -2.33 9.39 -11.31
CA SER A 65 -0.88 9.45 -11.29
C SER A 65 -0.29 9.53 -12.71
N LYS A 66 -1.00 8.96 -13.67
CA LYS A 66 -0.57 8.99 -15.06
C LYS A 66 -0.47 10.43 -15.54
N LEU A 67 -1.38 11.27 -15.05
CA LEU A 67 -1.42 12.68 -15.41
C LEU A 67 -0.28 13.47 -14.75
N LEU A 68 0.14 13.02 -13.58
CA LEU A 68 1.20 13.70 -12.83
C LEU A 68 2.51 13.79 -13.61
N SER A 69 3.12 12.64 -13.92
CA SER A 69 4.37 12.61 -14.65
C SER A 69 4.19 13.15 -16.06
N ASP A 70 2.95 13.15 -16.54
CA ASP A 70 2.62 13.65 -17.85
C ASP A 70 2.70 15.16 -17.86
N LEU A 71 2.02 15.77 -16.90
CA LEU A 71 2.02 17.22 -16.76
C LEU A 71 3.42 17.76 -16.47
N CYS A 72 4.14 17.09 -15.57
CA CYS A 72 5.48 17.52 -15.21
C CYS A 72 6.42 17.39 -16.42
N GLY A 73 7.22 18.40 -16.63
CA GLY A 73 8.14 18.39 -17.76
C GLY A 73 7.49 18.96 -19.00
N THR A 74 6.17 19.00 -19.02
CA THR A 74 5.42 19.52 -20.15
C THR A 74 4.85 20.90 -19.83
N VAL A 75 3.94 20.95 -18.86
CA VAL A 75 3.31 22.21 -18.46
C VAL A 75 3.36 22.41 -16.96
N MET A 76 4.17 21.61 -16.28
CA MET A 76 4.30 21.70 -14.84
C MET A 76 5.73 21.42 -14.40
N SER A 77 6.30 22.34 -13.65
CA SER A 77 7.65 22.21 -13.16
C SER A 77 7.70 21.31 -11.93
N THR A 78 8.79 20.56 -11.79
CA THR A 78 8.99 19.67 -10.65
C THR A 78 8.62 20.33 -9.32
N THR A 79 8.98 21.60 -9.16
CA THR A 79 8.68 22.34 -7.94
C THR A 79 7.16 22.45 -7.74
N ASP A 80 6.45 22.66 -8.84
CA ASP A 80 4.99 22.78 -8.83
C ASP A 80 4.38 21.52 -8.25
N VAL A 81 4.91 20.37 -8.66
CA VAL A 81 4.43 19.09 -8.18
C VAL A 81 4.68 18.98 -6.67
N GLU A 82 5.88 19.37 -6.25
CA GLU A 82 6.26 19.32 -4.85
C GLU A 82 5.36 20.26 -4.03
N LYS A 83 5.13 21.45 -4.58
CA LYS A 83 4.26 22.44 -3.94
C LYS A 83 2.85 21.91 -3.77
N SER A 84 2.42 21.05 -4.68
CA SER A 84 1.09 20.48 -4.64
C SER A 84 0.92 19.60 -3.40
N PHE A 85 1.90 18.74 -3.15
CA PHE A 85 1.86 17.86 -1.99
C PHE A 85 1.72 18.62 -0.69
N ASP A 86 2.40 19.75 -0.61
CA ASP A 86 2.34 20.60 0.59
C ASP A 86 0.92 21.11 0.77
N LYS A 87 0.37 21.63 -0.32
CA LYS A 87 -1.00 22.14 -0.35
C LYS A 87 -1.99 21.04 0.02
N LEU A 88 -1.72 19.84 -0.47
CA LEU A 88 -2.57 18.68 -0.20
C LEU A 88 -2.52 18.34 1.29
N LEU A 89 -1.30 18.10 1.78
CA LEU A 89 -1.08 17.80 3.19
C LEU A 89 -1.88 18.71 4.12
N LYS A 90 -1.96 19.99 3.77
CA LYS A 90 -2.69 20.97 4.57
C LYS A 90 -4.21 20.79 4.50
N ASP A 91 -4.68 20.25 3.39
CA ASP A 91 -6.12 20.04 3.20
C ASP A 91 -6.58 18.73 3.82
N LEU A 92 -5.70 17.73 3.74
CA LEU A 92 -5.95 16.38 4.28
C LEU A 92 -6.82 16.32 5.54
N PRO A 93 -6.54 17.10 6.61
CA PRO A 93 -7.37 17.09 7.82
C PRO A 93 -8.88 17.22 7.56
N GLU A 94 -9.26 17.89 6.47
CA GLU A 94 -10.69 18.05 6.18
C GLU A 94 -11.26 16.80 5.52
N LEU A 95 -10.65 16.40 4.40
CA LEU A 95 -11.07 15.20 3.68
C LEU A 95 -11.04 13.94 4.54
N ALA A 96 -10.14 13.91 5.52
CA ALA A 96 -10.00 12.76 6.41
C ALA A 96 -11.31 12.51 7.17
N LEU A 97 -12.07 13.58 7.38
CA LEU A 97 -13.34 13.49 8.08
C LEU A 97 -14.37 12.63 7.35
N ASP A 98 -14.52 12.84 6.03
CA ASP A 98 -15.49 12.07 5.26
C ASP A 98 -14.99 10.65 5.02
N THR A 99 -13.73 10.54 4.63
CA THR A 99 -13.12 9.25 4.41
C THR A 99 -11.99 8.99 5.41
N PRO A 100 -12.23 8.08 6.37
CA PRO A 100 -11.25 7.74 7.42
C PRO A 100 -9.96 7.13 6.86
N ARG A 101 -10.01 6.71 5.61
CA ARG A 101 -8.84 6.12 4.97
C ARG A 101 -8.30 7.03 3.87
N ALA A 102 -8.90 8.21 3.71
CA ALA A 102 -8.47 9.16 2.69
C ALA A 102 -6.99 9.55 2.86
N PRO A 103 -6.57 10.06 4.04
CA PRO A 103 -5.18 10.44 4.28
C PRO A 103 -4.24 9.26 4.05
N GLN A 104 -4.62 8.10 4.60
CA GLN A 104 -3.84 6.88 4.44
C GLN A 104 -3.59 6.58 2.96
N LEU A 105 -4.63 6.73 2.13
CA LEU A 105 -4.50 6.50 0.71
C LEU A 105 -3.60 7.54 0.06
N VAL A 106 -3.71 8.79 0.54
CA VAL A 106 -2.89 9.90 0.06
C VAL A 106 -1.41 9.54 0.02
N GLY A 107 -0.96 8.79 1.01
CA GLY A 107 0.44 8.37 1.07
C GLY A 107 0.89 7.65 -0.18
N GLN A 108 -0.02 6.91 -0.80
CA GLN A 108 0.28 6.17 -2.02
C GLN A 108 0.68 7.14 -3.14
N PHE A 109 -0.01 8.28 -3.17
CA PHE A 109 0.26 9.31 -4.16
C PHE A 109 1.64 9.91 -3.98
N ILE A 110 2.14 9.92 -2.75
CA ILE A 110 3.45 10.49 -2.46
C ILE A 110 4.52 9.51 -2.92
N ALA A 111 4.40 8.27 -2.47
CA ALA A 111 5.32 7.21 -2.85
C ALA A 111 5.44 7.10 -4.38
N ARG A 112 4.31 7.23 -5.05
CA ARG A 112 4.28 7.17 -6.51
C ARG A 112 5.10 8.30 -7.14
N ALA A 113 5.02 9.49 -6.54
CA ALA A 113 5.75 10.65 -7.04
C ALA A 113 7.26 10.41 -7.02
N VAL A 114 7.74 9.81 -5.93
CA VAL A 114 9.15 9.48 -5.77
C VAL A 114 9.49 8.32 -6.70
N GLY A 115 8.47 7.54 -6.97
CA GLY A 115 8.60 6.37 -7.82
C GLY A 115 8.81 6.75 -9.28
N ASP A 116 8.01 7.70 -9.75
CA ASP A 116 8.11 8.16 -11.13
C ASP A 116 9.27 9.14 -11.34
N GLY A 117 9.64 9.84 -10.28
CA GLY A 117 10.74 10.79 -10.36
C GLY A 117 10.29 12.22 -10.51
N ILE A 118 9.14 12.55 -9.92
CA ILE A 118 8.61 13.90 -10.00
C ILE A 118 8.70 14.61 -8.65
N LEU A 119 8.99 13.86 -7.61
CA LEU A 119 9.11 14.42 -6.27
C LEU A 119 10.47 14.07 -5.66
N CYS A 120 11.01 14.99 -4.87
CA CYS A 120 12.29 14.78 -4.22
C CYS A 120 12.18 13.65 -3.20
N ASN A 121 13.14 12.74 -3.22
CA ASN A 121 13.14 11.59 -2.30
C ASN A 121 13.25 12.03 -0.84
N THR A 122 14.01 13.08 -0.58
CA THR A 122 14.19 13.56 0.78
C THR A 122 13.02 14.40 1.30
N TYR A 123 11.90 14.40 0.57
CA TYR A 123 10.73 15.15 0.98
C TYR A 123 10.18 14.57 2.28
N ILE A 124 10.37 13.27 2.44
CA ILE A 124 9.92 12.56 3.63
C ILE A 124 10.68 13.08 4.84
N ASP A 125 11.95 13.45 4.62
CA ASP A 125 12.80 13.96 5.69
C ASP A 125 12.41 15.38 6.08
N SER A 126 11.94 16.15 5.09
CA SER A 126 11.50 17.52 5.34
C SER A 126 10.36 17.56 6.35
N TYR A 127 9.57 16.50 6.38
CA TYR A 127 8.45 16.39 7.31
C TYR A 127 8.65 15.18 8.22
N LYS A 128 9.90 14.90 8.52
CA LYS A 128 10.25 13.77 9.37
C LYS A 128 10.23 14.12 10.86
N GLY A 129 9.26 14.92 11.25
CA GLY A 129 9.14 15.32 12.65
C GLY A 129 8.65 16.75 12.76
N THR A 130 8.50 17.38 11.61
CA THR A 130 8.04 18.74 11.52
C THR A 130 6.57 18.78 11.17
N VAL A 131 5.82 17.84 11.71
CA VAL A 131 4.39 17.77 11.45
C VAL A 131 3.60 17.97 12.74
N ASP A 132 2.65 18.89 12.69
CA ASP A 132 1.83 19.20 13.85
C ASP A 132 0.42 18.62 13.69
N CYS A 133 0.27 17.71 12.74
CA CYS A 133 -1.02 17.09 12.48
C CYS A 133 -0.87 15.57 12.35
N VAL A 134 -1.71 14.84 13.04
CA VAL A 134 -1.66 13.37 12.99
C VAL A 134 -1.96 12.83 11.58
N GLN A 135 -3.08 13.26 11.00
CA GLN A 135 -3.46 12.83 9.66
C GLN A 135 -2.32 12.99 8.65
N ALA A 136 -1.63 14.12 8.71
CA ALA A 136 -0.52 14.37 7.80
C ALA A 136 0.64 13.40 8.09
N ARG A 137 0.88 13.17 9.38
CA ARG A 137 1.94 12.26 9.80
C ARG A 137 1.72 10.84 9.29
N ALA A 138 0.52 10.30 9.51
CA ALA A 138 0.19 8.95 9.07
C ALA A 138 0.26 8.81 7.56
N ALA A 139 -0.06 9.89 6.85
CA ALA A 139 -0.01 9.87 5.39
C ALA A 139 1.41 9.62 4.91
N LEU A 140 2.36 10.30 5.54
CA LEU A 140 3.76 10.16 5.20
C LEU A 140 4.29 8.82 5.72
N ASP A 141 3.73 8.39 6.85
CA ASP A 141 4.14 7.13 7.47
C ASP A 141 3.94 5.96 6.52
N LYS A 142 2.71 5.76 6.05
CA LYS A 142 2.41 4.69 5.13
C LYS A 142 3.19 4.84 3.83
N ALA A 143 3.34 6.07 3.35
CA ALA A 143 4.07 6.35 2.12
C ALA A 143 5.48 5.77 2.20
N THR A 144 6.06 5.85 3.37
CA THR A 144 7.40 5.34 3.61
C THR A 144 7.45 3.82 3.41
N VAL A 145 6.46 3.11 3.95
CA VAL A 145 6.41 1.65 3.82
C VAL A 145 5.99 1.24 2.42
N LEU A 146 5.13 2.05 1.80
CA LEU A 146 4.63 1.78 0.46
C LEU A 146 5.76 1.62 -0.55
N LEU A 147 6.85 2.35 -0.34
CA LEU A 147 8.01 2.26 -1.21
C LEU A 147 8.60 0.85 -1.15
N SER A 148 8.53 0.25 0.03
CA SER A 148 9.04 -1.09 0.25
C SER A 148 8.05 -2.13 -0.31
N MET A 149 6.77 -1.80 -0.22
CA MET A 149 5.71 -2.69 -0.73
C MET A 149 5.78 -2.80 -2.24
N SER A 150 6.24 -1.75 -2.88
CA SER A 150 6.34 -1.70 -4.32
C SER A 150 7.76 -2.00 -4.80
N LYS A 151 8.62 -2.39 -3.87
CA LYS A 151 10.01 -2.70 -4.21
C LYS A 151 10.14 -4.13 -4.71
N GLY A 152 9.37 -5.04 -4.10
CA GLY A 152 9.40 -6.42 -4.51
C GLY A 152 8.61 -6.64 -5.79
N GLY A 153 7.44 -6.02 -5.85
CA GLY A 153 6.59 -6.15 -7.02
C GLY A 153 6.88 -5.10 -8.06
N LYS A 154 8.13 -5.07 -8.54
CA LYS A 154 8.54 -4.11 -9.55
C LYS A 154 9.68 -4.70 -10.38
N ARG A 155 9.33 -5.63 -11.26
CA ARG A 155 10.32 -6.30 -12.10
C ARG A 155 9.75 -6.55 -13.49
N LYS A 156 8.82 -5.70 -13.90
CA LYS A 156 8.19 -5.84 -15.22
C LYS A 156 8.16 -4.50 -15.95
N ASP A 157 8.94 -3.56 -15.44
CA ASP A 157 9.03 -2.21 -16.00
C ASP A 157 9.38 -2.23 -17.48
N SER A 158 10.27 -3.15 -17.85
CA SER A 158 10.70 -3.28 -19.23
C SER A 158 10.36 -4.67 -19.75
N VAL A 159 9.29 -5.24 -19.22
CA VAL A 159 8.84 -6.56 -19.65
C VAL A 159 7.38 -6.49 -20.08
N TRP A 160 7.16 -6.23 -21.35
CA TRP A 160 5.81 -6.11 -21.88
C TRP A 160 5.57 -7.08 -23.02
N GLY A 161 4.36 -7.06 -23.55
CA GLY A 161 4.00 -7.92 -24.66
C GLY A 161 3.29 -7.16 -25.75
N SER A 162 1.99 -7.03 -25.63
CA SER A 162 1.19 -6.30 -26.61
C SER A 162 1.36 -4.80 -26.41
N GLY A 163 2.22 -4.19 -27.22
CA GLY A 163 2.48 -2.77 -27.11
C GLY A 163 1.28 -1.94 -27.53
N GLY B 1 -1.45 -0.41 -27.31
CA GLY B 1 -2.04 -1.32 -26.30
C GLY B 1 -1.49 -1.06 -24.92
N GLY B 2 -0.58 -1.91 -24.46
CA GLY B 2 0.01 -1.73 -23.16
C GLY B 2 -0.62 -2.64 -22.12
N GLN B 3 -1.06 -2.06 -21.03
CA GLN B 3 -1.69 -2.83 -19.96
C GLN B 3 -3.17 -3.06 -20.26
N GLN B 4 -3.69 -4.19 -19.78
CA GLN B 4 -5.08 -4.55 -19.98
C GLN B 4 -5.54 -5.63 -18.99
N PRO B 5 -4.80 -6.75 -18.85
CA PRO B 5 -5.17 -7.82 -17.91
C PRO B 5 -5.06 -7.37 -16.46
N VAL B 6 -5.95 -7.85 -15.61
CA VAL B 6 -5.94 -7.49 -14.20
C VAL B 6 -4.84 -8.18 -13.41
N ASN B 7 -4.56 -7.66 -12.22
CA ASN B 7 -3.53 -8.21 -11.36
C ASN B 7 -4.13 -9.23 -10.39
N HIS B 8 -3.32 -10.20 -9.98
CA HIS B 8 -3.78 -11.24 -9.06
C HIS B 8 -2.59 -11.95 -8.40
N LEU B 9 -2.69 -12.17 -7.10
CA LEU B 9 -1.67 -12.85 -6.30
C LEU B 9 -0.40 -12.03 -6.08
N VAL B 10 0.25 -11.66 -7.17
CA VAL B 10 1.49 -10.89 -7.10
C VAL B 10 1.25 -9.52 -6.48
N LYS B 11 2.15 -9.13 -5.57
CA LYS B 11 2.09 -7.84 -4.87
C LYS B 11 1.06 -7.84 -3.75
N GLU B 12 -0.13 -8.39 -4.03
CA GLU B 12 -1.21 -8.46 -3.05
C GLU B 12 -0.76 -9.13 -1.75
N ILE B 13 -0.29 -10.37 -1.86
CA ILE B 13 0.17 -11.12 -0.68
C ILE B 13 1.34 -10.42 0.01
N ASP B 14 2.30 -9.95 -0.78
CA ASP B 14 3.47 -9.28 -0.23
C ASP B 14 3.11 -8.00 0.53
N MET B 15 2.28 -7.17 -0.10
CA MET B 15 1.86 -5.90 0.51
C MET B 15 1.18 -6.13 1.85
N LEU B 16 0.40 -7.21 1.95
CA LEU B 16 -0.29 -7.55 3.19
C LEU B 16 0.73 -7.78 4.31
N LEU B 17 1.79 -8.50 3.98
CA LEU B 17 2.83 -8.81 4.94
C LEU B 17 3.67 -7.57 5.23
N LYS B 18 4.06 -6.85 4.17
CA LYS B 18 4.86 -5.65 4.30
C LYS B 18 4.14 -4.61 5.16
N GLU B 19 2.80 -4.60 5.05
CA GLU B 19 1.96 -3.70 5.82
C GLU B 19 2.17 -3.89 7.31
N TYR B 20 2.04 -5.12 7.77
CA TYR B 20 2.21 -5.41 9.17
C TYR B 20 3.69 -5.37 9.56
N LEU B 21 4.54 -5.72 8.59
CA LEU B 21 5.98 -5.73 8.79
C LEU B 21 6.51 -4.36 9.20
N LEU B 22 6.35 -3.36 8.34
CA LEU B 22 6.85 -2.02 8.65
C LEU B 22 5.83 -1.12 9.34
N SER B 23 4.63 -1.00 8.77
CA SER B 23 3.59 -0.15 9.35
C SER B 23 3.12 -0.66 10.70
N GLY B 24 2.39 -1.77 10.69
CA GLY B 24 1.90 -2.34 11.93
C GLY B 24 0.44 -2.00 12.14
N ASP B 25 -0.16 -1.37 11.14
CA ASP B 25 -1.56 -0.98 11.21
C ASP B 25 -2.49 -2.18 10.99
N ILE B 26 -3.12 -2.60 12.07
CA ILE B 26 -4.05 -3.73 12.03
C ILE B 26 -5.15 -3.50 10.99
N SER B 27 -5.88 -2.41 11.14
CA SER B 27 -6.96 -2.05 10.24
C SER B 27 -6.53 -2.00 8.78
N GLU B 28 -5.28 -1.61 8.55
CA GLU B 28 -4.77 -1.52 7.20
C GLU B 28 -4.65 -2.89 6.55
N ALA B 29 -4.07 -3.82 7.30
CA ALA B 29 -3.90 -5.19 6.81
C ALA B 29 -5.26 -5.85 6.58
N GLU B 30 -6.21 -5.57 7.48
CA GLU B 30 -7.55 -6.13 7.38
C GLU B 30 -8.27 -5.61 6.13
N HIS B 31 -8.12 -4.32 5.86
CA HIS B 31 -8.77 -3.71 4.70
C HIS B 31 -8.18 -4.23 3.40
N CYS B 32 -6.87 -4.38 3.37
CA CYS B 32 -6.19 -4.87 2.18
C CYS B 32 -6.62 -6.31 1.91
N LEU B 33 -6.90 -7.02 2.99
CA LEU B 33 -7.34 -8.40 2.93
C LEU B 33 -8.71 -8.50 2.26
N LYS B 34 -9.58 -7.51 2.52
CA LYS B 34 -10.93 -7.46 1.93
C LYS B 34 -10.84 -7.10 0.45
N GLU B 35 -9.89 -6.22 0.17
CA GLU B 35 -9.63 -5.77 -1.20
C GLU B 35 -9.48 -6.99 -2.13
N LEU B 36 -8.92 -8.08 -1.58
CA LEU B 36 -8.77 -9.34 -2.31
C LEU B 36 -10.12 -9.93 -2.77
N GLU B 37 -10.11 -11.17 -3.24
CA GLU B 37 -11.32 -11.82 -3.73
C GLU B 37 -11.32 -13.31 -3.42
N VAL B 38 -10.15 -13.94 -3.55
CA VAL B 38 -10.03 -15.38 -3.32
C VAL B 38 -9.81 -15.72 -1.85
N PRO B 39 -10.74 -16.50 -1.26
CA PRO B 39 -10.64 -16.93 0.14
C PRO B 39 -9.79 -18.19 0.28
N HIS B 40 -9.96 -19.12 -0.66
CA HIS B 40 -9.23 -20.39 -0.66
C HIS B 40 -7.75 -20.18 -0.94
N PHE B 41 -7.42 -19.10 -1.66
CA PHE B 41 -6.03 -18.81 -1.99
C PHE B 41 -5.30 -18.06 -0.88
N HIS B 42 -5.93 -17.96 0.28
CA HIS B 42 -5.33 -17.28 1.43
C HIS B 42 -4.27 -18.18 2.07
N HIS B 43 -4.15 -19.39 1.56
CA HIS B 43 -3.18 -20.37 2.06
C HIS B 43 -1.74 -19.86 1.93
N GLU B 44 -1.45 -19.15 0.84
CA GLU B 44 -0.11 -18.61 0.62
C GLU B 44 0.25 -17.56 1.66
N LEU B 45 -0.76 -16.80 2.05
CA LEU B 45 -0.59 -15.75 3.06
C LEU B 45 -0.17 -16.36 4.41
N VAL B 46 -0.56 -17.61 4.61
CA VAL B 46 -0.24 -18.31 5.83
C VAL B 46 1.20 -18.83 5.78
N TYR B 47 1.53 -19.45 4.65
CA TYR B 47 2.87 -20.00 4.45
C TYR B 47 3.92 -18.90 4.51
N GLU B 48 3.68 -17.84 3.73
CA GLU B 48 4.57 -16.68 3.65
C GLU B 48 4.73 -15.97 4.99
N ALA B 49 3.83 -16.30 5.92
CA ALA B 49 3.86 -15.63 7.22
C ALA B 49 4.89 -16.30 8.11
N ILE B 50 4.93 -17.63 8.03
CA ILE B 50 5.82 -18.43 8.87
C ILE B 50 7.25 -18.35 8.38
N VAL B 51 7.39 -18.29 7.06
CA VAL B 51 8.69 -18.24 6.40
C VAL B 51 9.29 -16.85 6.58
N MET B 52 8.49 -15.92 7.04
CA MET B 52 8.96 -14.57 7.15
C MET B 52 9.66 -14.40 8.49
N VAL B 53 9.26 -15.23 9.44
CA VAL B 53 9.80 -15.13 10.80
C VAL B 53 11.08 -15.94 10.97
N LEU B 54 11.16 -17.06 10.24
CA LEU B 54 12.31 -17.99 10.38
C LEU B 54 13.64 -17.38 9.96
N GLU B 55 13.61 -16.47 8.98
CA GLU B 55 14.83 -15.85 8.48
C GLU B 55 15.00 -14.44 9.03
N SER B 56 14.19 -14.09 10.01
CA SER B 56 14.26 -12.76 10.59
C SER B 56 14.86 -12.82 11.99
N THR B 57 15.85 -11.97 12.22
CA THR B 57 16.51 -11.93 13.51
C THR B 57 15.94 -10.79 14.35
N GLY B 58 15.26 -11.14 15.43
CA GLY B 58 14.67 -10.14 16.30
C GLY B 58 13.29 -10.53 16.81
N GLU B 59 12.92 -10.02 17.97
CA GLU B 59 11.63 -10.34 18.56
C GLU B 59 10.53 -9.49 17.95
N SER B 60 10.92 -8.40 17.28
CA SER B 60 9.98 -7.51 16.64
C SER B 60 9.16 -8.28 15.63
N ALA B 61 9.83 -9.15 14.89
CA ALA B 61 9.19 -9.96 13.88
C ALA B 61 8.44 -11.12 14.52
N PHE B 62 8.80 -11.47 15.75
CA PHE B 62 8.22 -12.63 16.34
C PHE B 62 6.84 -12.30 16.90
N LYS B 63 6.73 -11.10 17.49
CA LYS B 63 5.49 -10.70 18.13
C LYS B 63 4.49 -10.13 17.11
N MET B 64 5.05 -9.49 16.09
CA MET B 64 4.23 -8.76 15.12
C MET B 64 3.65 -9.67 14.04
N ILE B 65 4.45 -10.59 13.58
CA ILE B 65 4.06 -11.48 12.52
C ILE B 65 3.24 -12.64 13.09
N LEU B 66 3.35 -12.87 14.39
CA LEU B 66 2.67 -14.00 15.00
C LEU B 66 1.20 -13.63 15.13
N ASP B 67 0.96 -12.43 15.63
CA ASP B 67 -0.39 -11.90 15.80
C ASP B 67 -1.09 -11.74 14.47
N LEU B 68 -0.29 -11.75 13.39
CA LEU B 68 -0.85 -11.58 12.06
C LEU B 68 -1.93 -12.61 11.83
N LEU B 69 -1.63 -13.87 12.15
CA LEU B 69 -2.60 -14.95 12.00
C LEU B 69 -3.63 -14.91 13.12
N LYS B 70 -3.25 -14.26 14.22
CA LYS B 70 -4.13 -14.31 15.40
C LYS B 70 -5.26 -13.27 15.30
N SER B 71 -4.90 -12.10 14.80
CA SER B 71 -5.83 -10.99 14.72
C SER B 71 -6.82 -11.23 13.61
N LEU B 72 -6.34 -11.82 12.54
CA LEU B 72 -7.16 -12.10 11.41
C LEU B 72 -8.06 -13.28 11.72
N TRP B 73 -7.69 -14.11 12.68
CA TRP B 73 -8.45 -15.28 13.00
C TRP B 73 -9.68 -14.95 13.83
N LYS B 74 -9.74 -13.71 14.34
CA LYS B 74 -10.78 -13.30 15.27
C LYS B 74 -12.20 -13.48 14.74
N SER B 75 -12.50 -12.92 13.60
CA SER B 75 -13.86 -13.02 13.11
C SER B 75 -14.07 -14.14 12.11
N SER B 76 -13.21 -15.14 12.12
CA SER B 76 -13.31 -16.21 11.13
C SER B 76 -12.87 -15.75 9.74
N THR B 77 -11.65 -15.24 9.64
CA THR B 77 -11.17 -14.78 8.37
C THR B 77 -10.21 -15.80 7.73
N ILE B 78 -9.17 -16.22 8.46
CA ILE B 78 -8.24 -17.20 7.92
C ILE B 78 -8.79 -18.59 8.12
N THR B 79 -9.25 -19.20 7.02
CA THR B 79 -9.82 -20.54 7.07
C THR B 79 -8.81 -21.56 7.59
N ILE B 80 -9.21 -22.30 8.62
CA ILE B 80 -8.37 -23.32 9.23
C ILE B 80 -7.74 -24.28 8.22
N ASP B 81 -8.48 -24.64 7.18
CA ASP B 81 -7.98 -25.56 6.16
C ASP B 81 -6.79 -24.96 5.42
N GLN B 82 -6.82 -23.64 5.23
CA GLN B 82 -5.74 -22.94 4.56
C GLN B 82 -4.49 -22.94 5.41
N MET B 83 -4.65 -22.61 6.70
CA MET B 83 -3.54 -22.59 7.65
C MET B 83 -3.03 -24.00 7.90
N LYS B 84 -3.95 -24.94 7.89
CA LYS B 84 -3.64 -26.35 8.09
C LYS B 84 -2.66 -26.80 7.01
N ARG B 85 -3.03 -26.52 5.77
CA ARG B 85 -2.21 -26.87 4.62
C ARG B 85 -0.95 -26.02 4.58
N GLY B 86 -0.98 -24.87 5.24
CA GLY B 86 0.16 -23.99 5.27
C GLY B 86 1.25 -24.48 6.19
N TYR B 87 0.86 -24.81 7.42
CA TYR B 87 1.82 -25.31 8.41
C TYR B 87 2.36 -26.67 7.98
N GLU B 88 1.51 -27.42 7.28
CA GLU B 88 1.89 -28.75 6.80
C GLU B 88 3.03 -28.64 5.80
N ARG B 89 3.05 -27.54 5.04
CA ARG B 89 4.11 -27.31 4.07
C ARG B 89 5.41 -27.01 4.80
N ILE B 90 5.34 -26.22 5.87
CA ILE B 90 6.52 -25.87 6.66
C ILE B 90 7.20 -27.15 7.14
N TYR B 91 6.38 -28.07 7.64
CA TYR B 91 6.85 -29.36 8.13
C TYR B 91 7.68 -30.08 7.05
N ASN B 92 7.38 -29.77 5.79
CA ASN B 92 8.08 -30.36 4.66
C ASN B 92 9.29 -29.50 4.26
N GLU B 93 9.13 -28.18 4.35
CA GLU B 93 10.19 -27.24 3.99
C GLU B 93 11.31 -27.18 5.03
N ILE B 94 11.05 -27.69 6.24
CA ILE B 94 12.03 -27.69 7.31
C ILE B 94 13.37 -28.28 6.86
N PRO B 95 13.41 -29.54 6.37
CA PRO B 95 14.64 -30.17 5.91
C PRO B 95 15.24 -29.46 4.70
N ASP B 96 14.40 -28.78 3.93
CA ASP B 96 14.85 -28.05 2.75
C ASP B 96 15.64 -26.80 3.14
N ILE B 97 15.14 -26.09 4.13
CA ILE B 97 15.78 -24.85 4.59
C ILE B 97 16.87 -25.13 5.64
N ASN B 98 16.62 -26.11 6.50
CA ASN B 98 17.57 -26.47 7.55
C ASN B 98 18.78 -27.21 6.99
N LEU B 99 18.50 -28.27 6.24
CA LEU B 99 19.54 -29.09 5.63
C LEU B 99 20.48 -29.65 6.68
N ASP B 100 19.94 -30.49 7.58
CA ASP B 100 20.70 -31.12 8.67
C ASP B 100 21.03 -30.11 9.77
N VAL B 101 21.18 -30.62 10.99
CA VAL B 101 21.46 -29.78 12.17
C VAL B 101 20.35 -28.74 12.35
N PRO B 102 19.14 -29.21 12.69
CA PRO B 102 17.98 -28.34 12.87
C PRO B 102 17.98 -27.61 14.21
N HIS B 103 18.71 -26.51 14.28
CA HIS B 103 18.80 -25.71 15.50
C HIS B 103 17.63 -24.74 15.60
N SER B 104 16.75 -24.80 14.62
CA SER B 104 15.58 -23.95 14.59
C SER B 104 14.37 -24.69 15.15
N TYR B 105 14.61 -25.90 15.65
CA TYR B 105 13.56 -26.73 16.22
C TYR B 105 12.93 -26.04 17.42
N SER B 106 13.75 -25.34 18.20
CA SER B 106 13.28 -24.62 19.38
C SER B 106 12.29 -23.55 18.97
N VAL B 107 12.54 -22.95 17.81
CA VAL B 107 11.69 -21.90 17.29
C VAL B 107 10.43 -22.52 16.72
N LEU B 108 10.58 -23.63 16.01
CA LEU B 108 9.45 -24.32 15.40
C LEU B 108 8.46 -24.81 16.46
N GLU B 109 8.95 -25.58 17.44
CA GLU B 109 8.08 -26.06 18.51
C GLU B 109 7.39 -24.89 19.19
N ARG B 110 8.21 -23.95 19.66
CA ARG B 110 7.69 -22.75 20.32
C ARG B 110 6.62 -22.09 19.46
N PHE B 111 6.86 -22.04 18.16
CA PHE B 111 5.90 -21.46 17.24
C PHE B 111 4.59 -22.25 17.19
N VAL B 112 4.67 -23.57 17.14
CA VAL B 112 3.47 -24.40 17.06
C VAL B 112 2.73 -24.46 18.40
N GLU B 113 3.48 -24.59 19.50
CA GLU B 113 2.87 -24.65 20.82
C GLU B 113 2.12 -23.35 21.13
N GLU B 114 2.68 -22.24 20.64
CA GLU B 114 2.07 -20.93 20.84
C GLU B 114 0.74 -20.90 20.08
N CYS B 115 0.77 -21.42 18.85
CA CYS B 115 -0.41 -21.46 18.02
C CYS B 115 -1.49 -22.35 18.64
N PHE B 116 -1.16 -23.61 18.94
CA PHE B 116 -2.10 -24.55 19.56
C PHE B 116 -2.76 -23.98 20.81
N GLN B 117 -1.95 -23.50 21.76
CA GLN B 117 -2.47 -22.92 23.00
C GLN B 117 -3.57 -21.88 22.74
N ALA B 118 -3.50 -21.19 21.60
CA ALA B 118 -4.49 -20.18 21.25
C ALA B 118 -5.80 -20.82 20.77
N GLY B 119 -5.82 -22.13 20.60
CA GLY B 119 -7.03 -22.82 20.17
C GLY B 119 -7.19 -22.90 18.68
N ILE B 120 -6.70 -21.85 17.99
CA ILE B 120 -6.76 -21.76 16.53
C ILE B 120 -6.50 -23.06 15.77
N ILE B 121 -5.61 -23.91 16.30
CA ILE B 121 -5.31 -25.18 15.65
C ILE B 121 -5.33 -26.30 16.67
N SER B 122 -6.05 -27.38 16.37
CA SER B 122 -6.16 -28.51 17.27
C SER B 122 -4.90 -29.38 17.28
N LYS B 123 -4.98 -30.49 18.04
CA LYS B 123 -3.87 -31.43 18.16
C LYS B 123 -3.59 -32.11 16.83
N GLN B 124 -4.62 -32.16 15.97
CA GLN B 124 -4.50 -32.79 14.66
C GLN B 124 -3.32 -32.24 13.87
N LEU B 125 -3.17 -30.92 13.85
CA LEU B 125 -2.08 -30.28 13.12
C LEU B 125 -0.75 -30.48 13.83
N ARG B 126 -0.75 -30.32 15.15
CA ARG B 126 0.47 -30.49 15.93
C ARG B 126 1.00 -31.91 15.82
N ASP B 127 0.08 -32.84 15.58
CA ASP B 127 0.41 -34.24 15.42
C ASP B 127 1.22 -34.49 14.15
N LEU B 128 1.25 -33.48 13.29
CA LEU B 128 1.98 -33.57 12.03
C LEU B 128 3.31 -32.84 12.15
N CYS B 129 3.57 -32.28 13.32
CA CYS B 129 4.81 -31.56 13.56
C CYS B 129 5.76 -32.40 14.40
N PRO B 130 6.95 -32.69 13.85
CA PRO B 130 7.97 -33.49 14.54
C PRO B 130 8.31 -32.91 15.92
N SER B 131 7.82 -33.58 16.96
CA SER B 131 8.06 -33.14 18.33
C SER B 131 8.88 -34.18 19.09
N GLY A 1 2.19 31.97 -2.95
CA GLY A 1 1.71 32.17 -1.56
C GLY A 1 0.24 31.84 -1.43
N LEU A 2 -0.62 32.75 -1.88
CA LEU A 2 -2.06 32.52 -1.81
C LEU A 2 -2.68 32.49 -3.19
N PRO A 3 -3.49 31.48 -3.48
CA PRO A 3 -4.15 31.33 -4.77
C PRO A 3 -5.34 32.29 -4.91
N LEU A 4 -5.31 33.12 -5.94
CA LEU A 4 -6.37 34.09 -6.16
C LEU A 4 -7.62 33.45 -6.77
N ASP A 5 -8.77 33.73 -6.16
CA ASP A 5 -10.06 33.19 -6.62
C ASP A 5 -10.08 31.67 -6.54
N GLU A 6 -10.07 31.15 -5.32
CA GLU A 6 -10.06 29.70 -5.09
C GLU A 6 -11.30 29.00 -5.62
N ARG A 7 -12.49 29.43 -5.21
CA ARG A 7 -13.72 28.80 -5.67
C ARG A 7 -13.95 28.96 -7.16
N ALA A 8 -13.65 30.14 -7.69
CA ALA A 8 -13.81 30.41 -9.11
C ALA A 8 -12.97 29.45 -9.94
N PHE A 9 -11.82 29.10 -9.39
CA PHE A 9 -10.90 28.19 -10.04
C PHE A 9 -11.42 26.75 -10.02
N GLU A 10 -11.80 26.28 -8.85
CA GLU A 10 -12.31 24.93 -8.67
C GLU A 10 -13.59 24.69 -9.47
N LYS A 11 -14.50 25.66 -9.44
CA LYS A 11 -15.77 25.56 -10.14
C LYS A 11 -15.57 25.29 -11.63
N THR A 12 -14.65 26.00 -12.24
CA THR A 12 -14.36 25.83 -13.66
C THR A 12 -13.59 24.53 -13.94
N LEU A 13 -12.73 24.16 -13.00
CA LEU A 13 -11.91 22.95 -13.13
C LEU A 13 -12.72 21.66 -12.97
N THR A 14 -13.88 21.75 -12.35
CA THR A 14 -14.73 20.57 -12.12
C THR A 14 -15.00 19.75 -13.40
N PRO A 15 -15.62 20.34 -14.44
CA PRO A 15 -15.90 19.62 -15.70
C PRO A 15 -14.63 19.21 -16.43
N ILE A 16 -13.57 19.99 -16.25
CA ILE A 16 -12.28 19.73 -16.89
C ILE A 16 -11.74 18.36 -16.48
N ILE A 17 -11.63 18.16 -15.17
CA ILE A 17 -11.11 16.90 -14.62
C ILE A 17 -12.08 15.75 -14.92
N GLN A 18 -13.38 16.05 -14.82
CA GLN A 18 -14.41 15.05 -15.10
C GLN A 18 -14.25 14.49 -16.52
N GLU A 19 -14.15 15.37 -17.51
CA GLU A 19 -13.94 14.96 -18.90
C GLU A 19 -12.63 14.20 -19.08
N TYR A 20 -11.67 14.47 -18.20
CA TYR A 20 -10.36 13.82 -18.27
C TYR A 20 -10.51 12.35 -17.87
N PHE A 21 -11.22 12.13 -16.77
CA PHE A 21 -11.45 10.78 -16.24
C PHE A 21 -12.16 9.88 -17.24
N GLU A 22 -12.98 10.46 -18.10
CA GLU A 22 -13.69 9.69 -19.10
C GLU A 22 -12.87 9.52 -20.38
N HIS A 23 -12.37 10.63 -20.91
CA HIS A 23 -11.56 10.61 -22.12
C HIS A 23 -10.27 9.82 -21.94
N GLY A 24 -9.37 10.34 -21.11
CA GLY A 24 -8.10 9.68 -20.86
C GLY A 24 -6.94 10.39 -21.53
N ASP A 25 -7.23 11.49 -22.21
CA ASP A 25 -6.19 12.26 -22.91
C ASP A 25 -5.62 13.40 -22.07
N THR A 26 -4.31 13.37 -21.88
CA THR A 26 -3.60 14.37 -21.10
C THR A 26 -3.40 15.70 -21.86
N ASN A 27 -3.24 15.64 -23.19
CA ASN A 27 -3.00 16.86 -24.01
C ASN A 27 -4.12 17.88 -23.87
N GLU A 28 -5.34 17.36 -23.68
CA GLU A 28 -6.51 18.21 -23.54
C GLU A 28 -6.37 19.05 -22.28
N VAL A 29 -5.77 18.45 -21.25
CA VAL A 29 -5.56 19.10 -19.97
C VAL A 29 -4.58 20.28 -20.15
N ALA A 30 -3.44 20.02 -20.78
CA ALA A 30 -2.44 21.06 -21.02
C ALA A 30 -3.04 22.22 -21.79
N GLU A 31 -3.69 21.90 -22.91
CA GLU A 31 -4.37 22.89 -23.73
C GLU A 31 -5.26 23.80 -22.89
N MET A 32 -6.01 23.21 -21.96
CA MET A 32 -6.90 23.96 -21.08
C MET A 32 -6.09 24.79 -20.09
N LEU A 33 -4.98 24.25 -19.63
CA LEU A 33 -4.12 24.93 -18.68
C LEU A 33 -3.50 26.19 -19.29
N ARG A 34 -2.83 26.02 -20.42
CA ARG A 34 -2.21 27.15 -21.13
C ARG A 34 -3.24 28.21 -21.49
N ASP A 35 -4.48 27.79 -21.59
CA ASP A 35 -5.57 28.70 -21.93
C ASP A 35 -5.89 29.60 -20.74
N LEU A 36 -5.87 29.00 -19.56
CA LEU A 36 -6.12 29.72 -18.33
C LEU A 36 -4.92 30.60 -17.97
N ASN A 37 -3.73 30.02 -18.04
CA ASN A 37 -2.48 30.72 -17.72
C ASN A 37 -2.45 31.20 -16.26
N LEU A 38 -1.91 30.36 -15.38
CA LEU A 38 -1.84 30.69 -13.96
C LEU A 38 -0.45 30.35 -13.41
N GLY A 39 -0.03 31.12 -12.42
CA GLY A 39 1.27 30.89 -11.81
C GLY A 39 1.21 29.84 -10.72
N GLU A 40 1.08 30.28 -9.47
CA GLU A 40 1.00 29.36 -8.34
C GLU A 40 -0.36 28.65 -8.33
N MET A 41 -1.35 29.31 -8.91
CA MET A 41 -2.70 28.76 -8.99
C MET A 41 -2.73 27.51 -9.87
N LYS A 42 -1.69 27.33 -10.67
CA LYS A 42 -1.58 26.19 -11.56
C LYS A 42 -1.42 24.89 -10.76
N SER A 43 -0.84 25.00 -9.57
CA SER A 43 -0.64 23.83 -8.71
C SER A 43 -1.98 23.31 -8.17
N GLY A 44 -3.02 24.13 -8.32
CA GLY A 44 -4.33 23.75 -7.85
C GLY A 44 -4.90 22.57 -8.61
N VAL A 45 -4.79 22.60 -9.94
CA VAL A 45 -5.30 21.54 -10.81
C VAL A 45 -4.89 20.13 -10.35
N PRO A 46 -3.57 19.84 -10.26
CA PRO A 46 -3.09 18.52 -9.81
C PRO A 46 -3.62 18.13 -8.44
N VAL A 47 -3.90 19.13 -7.60
CA VAL A 47 -4.42 18.88 -6.27
C VAL A 47 -5.89 18.49 -6.34
N LEU A 48 -6.68 19.25 -7.09
CA LEU A 48 -8.10 18.98 -7.24
C LEU A 48 -8.33 17.59 -7.82
N ALA A 49 -7.70 17.33 -8.97
CA ALA A 49 -7.77 16.03 -9.63
C ALA A 49 -7.43 14.91 -8.65
N VAL A 50 -6.60 15.23 -7.67
CA VAL A 50 -6.15 14.24 -6.71
C VAL A 50 -7.23 14.02 -5.65
N SER A 51 -7.82 15.12 -5.17
CA SER A 51 -8.85 15.05 -4.13
C SER A 51 -10.11 14.35 -4.62
N LEU A 52 -10.56 14.68 -5.84
CA LEU A 52 -11.77 14.07 -6.39
C LEU A 52 -11.59 12.56 -6.57
N ALA A 53 -10.50 12.17 -7.22
CA ALA A 53 -10.18 10.76 -7.46
C ALA A 53 -10.10 9.95 -6.17
N LEU A 54 -9.95 10.62 -5.03
CA LEU A 54 -9.87 9.93 -3.75
C LEU A 54 -11.23 9.34 -3.40
N GLU A 55 -12.28 10.11 -3.69
CA GLU A 55 -13.66 9.69 -3.41
C GLU A 55 -14.26 9.00 -4.64
N GLY A 56 -13.41 8.40 -5.45
CA GLY A 56 -13.86 7.71 -6.64
C GLY A 56 -13.50 6.23 -6.59
N LYS A 57 -13.43 5.61 -7.76
CA LYS A 57 -13.07 4.20 -7.85
C LYS A 57 -11.57 4.02 -7.74
N ALA A 58 -11.15 2.80 -7.40
CA ALA A 58 -9.72 2.49 -7.27
C ALA A 58 -9.03 2.63 -8.61
N SER A 59 -9.70 2.17 -9.66
CA SER A 59 -9.18 2.25 -11.01
C SER A 59 -9.09 3.70 -11.46
N HIS A 60 -9.98 4.52 -10.95
CA HIS A 60 -9.99 5.91 -11.31
C HIS A 60 -8.84 6.66 -10.63
N ARG A 61 -8.31 6.09 -9.53
CA ARG A 61 -7.21 6.73 -8.82
C ARG A 61 -5.91 6.54 -9.59
N GLU A 62 -5.59 5.28 -9.89
CA GLU A 62 -4.37 4.93 -10.65
C GLU A 62 -4.26 5.76 -11.94
N MET A 63 -5.38 5.97 -12.62
CA MET A 63 -5.41 6.74 -13.85
C MET A 63 -4.97 8.19 -13.62
N THR A 64 -5.01 8.63 -12.37
CA THR A 64 -4.62 9.99 -12.02
C THR A 64 -3.12 10.20 -12.07
N SER A 65 -2.35 9.30 -11.46
CA SER A 65 -0.89 9.38 -11.44
C SER A 65 -0.27 9.57 -12.83
N LYS A 66 -0.94 9.06 -13.85
CA LYS A 66 -0.45 9.19 -15.21
C LYS A 66 -0.41 10.66 -15.63
N LEU A 67 -1.33 11.44 -15.09
CA LEU A 67 -1.42 12.86 -15.40
C LEU A 67 -0.28 13.64 -14.76
N LEU A 68 0.21 13.13 -13.63
CA LEU A 68 1.30 13.79 -12.89
C LEU A 68 2.59 13.88 -13.71
N SER A 69 3.17 12.74 -14.04
CA SER A 69 4.40 12.70 -14.84
C SER A 69 4.18 13.33 -16.21
N ASP A 70 2.95 13.28 -16.68
CA ASP A 70 2.60 13.83 -17.98
C ASP A 70 2.62 15.36 -17.95
N LEU A 71 1.96 15.92 -16.95
CA LEU A 71 1.89 17.37 -16.80
C LEU A 71 3.27 18.01 -16.57
N CYS A 72 4.09 17.39 -15.73
CA CYS A 72 5.42 17.92 -15.44
C CYS A 72 6.31 17.95 -16.68
N GLY A 73 7.01 19.05 -16.84
CA GLY A 73 7.89 19.20 -17.99
C GLY A 73 7.17 19.86 -19.13
N THR A 74 5.91 19.47 -19.30
CA THR A 74 5.06 20.02 -20.33
C THR A 74 4.59 21.42 -19.92
N VAL A 75 3.85 21.49 -18.81
CA VAL A 75 3.33 22.76 -18.32
C VAL A 75 3.49 22.86 -16.81
N MET A 76 4.06 21.84 -16.20
CA MET A 76 4.24 21.81 -14.75
C MET A 76 5.71 21.64 -14.41
N SER A 77 6.08 22.04 -13.20
CA SER A 77 7.47 21.94 -12.77
C SER A 77 7.56 21.13 -11.48
N THR A 78 8.74 20.53 -11.25
CA THR A 78 9.02 19.73 -10.05
C THR A 78 8.56 20.43 -8.75
N THR A 79 8.83 21.72 -8.64
CA THR A 79 8.42 22.49 -7.47
C THR A 79 6.91 22.43 -7.30
N ASP A 80 6.20 22.64 -8.39
CA ASP A 80 4.72 22.59 -8.41
C ASP A 80 4.23 21.26 -7.84
N VAL A 81 4.86 20.17 -8.26
CA VAL A 81 4.49 18.84 -7.80
C VAL A 81 4.67 18.72 -6.29
N GLU A 82 5.82 19.18 -5.80
CA GLU A 82 6.13 19.13 -4.38
C GLU A 82 5.14 19.95 -3.57
N LYS A 83 4.85 21.17 -4.05
CA LYS A 83 3.91 22.07 -3.38
C LYS A 83 2.52 21.44 -3.27
N SER A 84 2.15 20.71 -4.32
CA SER A 84 0.85 20.06 -4.38
C SER A 84 0.65 19.07 -3.24
N PHE A 85 1.66 18.22 -3.01
CA PHE A 85 1.57 17.23 -1.94
C PHE A 85 1.41 17.89 -0.58
N ASP A 86 2.09 19.02 -0.39
CA ASP A 86 2.01 19.75 0.87
C ASP A 86 0.57 20.21 1.10
N LYS A 87 0.03 20.88 0.08
CA LYS A 87 -1.35 21.37 0.11
C LYS A 87 -2.31 20.23 0.41
N LEU A 88 -2.06 19.07 -0.19
CA LEU A 88 -2.88 17.89 0.01
C LEU A 88 -2.78 17.41 1.46
N LEU A 89 -1.55 17.23 1.93
CA LEU A 89 -1.29 16.80 3.31
C LEU A 89 -2.04 17.68 4.31
N LYS A 90 -2.11 18.98 4.03
CA LYS A 90 -2.81 19.91 4.92
C LYS A 90 -4.32 19.76 4.79
N ASP A 91 -4.77 19.26 3.64
CA ASP A 91 -6.20 19.06 3.38
C ASP A 91 -6.69 17.75 3.98
N LEU A 92 -5.81 16.74 3.97
CA LEU A 92 -6.09 15.39 4.50
C LEU A 92 -7.03 15.32 5.71
N PRO A 93 -6.78 16.06 6.82
CA PRO A 93 -7.67 16.01 7.99
C PRO A 93 -9.13 16.28 7.65
N GLU A 94 -9.36 17.04 6.61
CA GLU A 94 -10.72 17.35 6.22
C GLU A 94 -11.34 16.25 5.37
N LEU A 95 -10.48 15.47 4.71
CA LEU A 95 -10.95 14.42 3.82
C LEU A 95 -11.21 13.13 4.59
N ALA A 96 -10.32 12.87 5.55
CA ALA A 96 -10.38 11.67 6.37
C ALA A 96 -11.65 11.61 7.21
N LEU A 97 -12.37 12.73 7.27
CA LEU A 97 -13.59 12.82 8.04
C LEU A 97 -14.63 11.82 7.53
N ASP A 98 -14.83 11.79 6.21
CA ASP A 98 -15.83 10.89 5.62
C ASP A 98 -15.18 9.58 5.20
N THR A 99 -13.99 9.67 4.60
CA THR A 99 -13.27 8.49 4.18
C THR A 99 -12.01 8.27 5.02
N PRO A 100 -12.01 7.23 5.88
CA PRO A 100 -10.88 6.90 6.75
C PRO A 100 -9.69 6.32 5.98
N ARG A 101 -9.96 5.84 4.77
CA ARG A 101 -8.91 5.27 3.94
C ARG A 101 -8.19 6.34 3.15
N ALA A 102 -8.69 7.57 3.26
CA ALA A 102 -8.10 8.71 2.54
C ALA A 102 -6.63 8.91 2.91
N PRO A 103 -6.29 9.10 4.21
CA PRO A 103 -4.89 9.30 4.64
C PRO A 103 -4.06 8.03 4.41
N GLN A 104 -4.76 6.92 4.27
CA GLN A 104 -4.13 5.64 4.04
C GLN A 104 -3.68 5.50 2.58
N LEU A 105 -4.59 5.81 1.66
CA LEU A 105 -4.29 5.71 0.23
C LEU A 105 -3.35 6.84 -0.22
N VAL A 106 -3.49 8.00 0.40
CA VAL A 106 -2.65 9.16 0.09
C VAL A 106 -1.16 8.79 0.07
N GLY A 107 -0.76 7.94 1.00
CA GLY A 107 0.64 7.51 1.06
C GLY A 107 1.11 6.87 -0.24
N GLN A 108 0.20 6.18 -0.94
CA GLN A 108 0.55 5.55 -2.21
C GLN A 108 0.90 6.61 -3.25
N PHE A 109 0.19 7.73 -3.19
CA PHE A 109 0.42 8.83 -4.11
C PHE A 109 1.85 9.37 -3.97
N ILE A 110 2.32 9.47 -2.73
CA ILE A 110 3.66 9.98 -2.46
C ILE A 110 4.70 8.98 -2.94
N ALA A 111 4.54 7.72 -2.54
CA ALA A 111 5.46 6.65 -2.93
C ALA A 111 5.58 6.58 -4.44
N ARG A 112 4.44 6.67 -5.11
CA ARG A 112 4.38 6.63 -6.56
C ARG A 112 5.17 7.78 -7.17
N ALA A 113 4.99 8.97 -6.61
CA ALA A 113 5.70 10.16 -7.09
C ALA A 113 7.21 9.97 -7.04
N VAL A 114 7.70 9.37 -5.96
CA VAL A 114 9.13 9.13 -5.80
C VAL A 114 9.57 8.05 -6.79
N GLY A 115 8.80 6.96 -6.84
CA GLY A 115 9.09 5.86 -7.74
C GLY A 115 9.17 6.31 -9.20
N ASP A 116 8.20 7.12 -9.64
CA ASP A 116 8.19 7.63 -11.01
C ASP A 116 9.37 8.58 -11.25
N GLY A 117 9.72 9.35 -10.22
CA GLY A 117 10.82 10.28 -10.34
C GLY A 117 10.37 11.72 -10.49
N ILE A 118 9.28 12.05 -9.82
CA ILE A 118 8.74 13.42 -9.87
C ILE A 118 8.74 14.06 -8.49
N LEU A 119 9.20 13.32 -7.50
CA LEU A 119 9.25 13.81 -6.12
C LEU A 119 10.58 13.44 -5.50
N CYS A 120 11.09 14.32 -4.64
CA CYS A 120 12.36 14.09 -3.97
C CYS A 120 12.27 12.89 -3.03
N ASN A 121 13.33 12.10 -2.98
CA ASN A 121 13.37 10.91 -2.13
C ASN A 121 13.42 11.27 -0.64
N THR A 122 14.02 12.41 -0.32
CA THR A 122 14.13 12.84 1.08
C THR A 122 12.89 13.62 1.52
N TYR A 123 11.82 13.53 0.74
CA TYR A 123 10.56 14.21 1.07
C TYR A 123 10.06 13.71 2.41
N ILE A 124 10.13 12.39 2.61
CA ILE A 124 9.67 11.78 3.84
C ILE A 124 10.62 12.09 5.00
N ASP A 125 11.92 12.08 4.73
CA ASP A 125 12.93 12.35 5.76
C ASP A 125 12.77 13.75 6.33
N SER A 126 12.22 14.65 5.51
CA SER A 126 11.98 16.02 5.90
C SER A 126 10.77 16.13 6.84
N TYR A 127 9.85 15.20 6.72
CA TYR A 127 8.68 15.20 7.56
C TYR A 127 8.76 14.06 8.59
N LYS A 128 9.97 13.50 8.74
CA LYS A 128 10.25 12.36 9.65
C LYS A 128 10.17 12.63 11.15
N GLY A 129 9.12 13.29 11.61
CA GLY A 129 9.01 13.54 13.03
C GLY A 129 8.67 14.97 13.27
N THR A 130 8.73 15.70 12.20
CA THR A 130 8.42 17.11 12.19
C THR A 130 6.90 17.30 12.14
N VAL A 131 6.23 16.37 11.46
CA VAL A 131 4.77 16.40 11.32
C VAL A 131 4.09 16.03 12.64
N ASP A 132 3.18 16.88 13.07
CA ASP A 132 2.43 16.67 14.31
C ASP A 132 1.10 15.98 14.05
N CYS A 133 0.55 16.18 12.85
CA CYS A 133 -0.72 15.59 12.48
C CYS A 133 -0.61 14.08 12.31
N VAL A 134 -1.50 13.34 12.95
CA VAL A 134 -1.50 11.88 12.86
C VAL A 134 -2.03 11.41 11.51
N GLN A 135 -2.90 12.22 10.90
CA GLN A 135 -3.48 11.89 9.62
C GLN A 135 -2.40 11.93 8.55
N ALA A 136 -1.56 12.96 8.64
CA ALA A 136 -0.48 13.14 7.70
C ALA A 136 0.66 12.15 8.01
N ARG A 137 0.80 11.79 9.28
CA ARG A 137 1.83 10.84 9.68
C ARG A 137 1.63 9.49 9.04
N ALA A 138 0.42 8.92 9.17
CA ALA A 138 0.11 7.63 8.57
C ALA A 138 0.34 7.63 7.06
N ALA A 139 0.10 8.76 6.42
CA ALA A 139 0.30 8.89 4.98
C ALA A 139 1.77 8.71 4.65
N LEU A 140 2.63 9.32 5.45
CA LEU A 140 4.06 9.21 5.25
C LEU A 140 4.57 7.83 5.65
N ASP A 141 3.94 7.24 6.65
CA ASP A 141 4.31 5.90 7.13
C ASP A 141 3.90 4.88 6.08
N LYS A 142 2.96 5.31 5.26
CA LYS A 142 2.41 4.45 4.23
C LYS A 142 3.39 4.31 3.08
N ALA A 143 3.80 5.46 2.52
CA ALA A 143 4.71 5.50 1.37
C ALA A 143 6.06 4.88 1.68
N THR A 144 6.51 5.05 2.92
CA THR A 144 7.80 4.54 3.35
C THR A 144 7.95 3.04 3.07
N VAL A 145 6.97 2.23 3.50
CA VAL A 145 7.03 0.79 3.29
C VAL A 145 6.71 0.43 1.84
N LEU A 146 5.77 1.15 1.23
CA LEU A 146 5.35 0.87 -0.14
C LEU A 146 6.52 0.86 -1.11
N LEU A 147 7.37 1.87 -1.02
CA LEU A 147 8.54 1.96 -1.89
C LEU A 147 9.42 0.72 -1.78
N SER A 148 9.75 0.34 -0.55
CA SER A 148 10.59 -0.84 -0.31
C SER A 148 9.95 -2.11 -0.86
N MET A 149 8.63 -2.21 -0.76
CA MET A 149 7.91 -3.37 -1.24
C MET A 149 7.79 -3.38 -2.76
N SER A 150 7.90 -2.20 -3.37
CA SER A 150 7.80 -2.08 -4.82
C SER A 150 9.07 -2.58 -5.52
N LYS A 151 10.08 -2.87 -4.74
CA LYS A 151 11.35 -3.35 -5.27
C LYS A 151 11.31 -4.86 -5.51
N GLY A 152 10.30 -5.53 -4.94
CA GLY A 152 10.17 -6.96 -5.12
C GLY A 152 9.12 -7.29 -6.16
N GLY A 153 9.28 -8.43 -6.82
CA GLY A 153 8.32 -8.84 -7.83
C GLY A 153 8.70 -8.36 -9.22
N LYS A 154 9.98 -8.41 -9.53
CA LYS A 154 10.47 -7.98 -10.84
C LYS A 154 10.88 -9.19 -11.68
N ARG A 155 11.39 -10.22 -11.02
CA ARG A 155 11.83 -11.43 -11.71
C ARG A 155 11.21 -12.66 -11.03
N LYS A 156 10.24 -13.26 -11.69
CA LYS A 156 9.55 -14.43 -11.15
C LYS A 156 8.98 -15.28 -12.28
N ASP A 157 8.18 -14.64 -13.13
CA ASP A 157 7.56 -15.31 -14.27
C ASP A 157 8.61 -15.85 -15.23
N SER A 158 8.80 -17.16 -15.22
CA SER A 158 9.77 -17.80 -16.08
C SER A 158 9.10 -18.53 -17.24
N VAL A 159 8.51 -19.68 -16.95
CA VAL A 159 7.84 -20.48 -17.98
C VAL A 159 6.32 -20.29 -17.93
N TRP A 160 5.86 -19.40 -17.07
CA TRP A 160 4.44 -19.14 -16.94
C TRP A 160 4.15 -17.67 -17.18
N GLY A 161 2.87 -17.32 -17.26
CA GLY A 161 2.49 -15.94 -17.48
C GLY A 161 1.20 -15.81 -18.27
N SER A 162 0.27 -15.01 -17.76
CA SER A 162 -1.01 -14.78 -18.42
C SER A 162 -1.59 -13.45 -17.94
N GLY A 163 -2.31 -12.76 -18.81
CA GLY A 163 -2.91 -11.49 -18.45
C GLY A 163 -3.76 -10.93 -19.57
N GLY B 1 -5.35 -9.56 -21.81
CA GLY B 1 -6.81 -9.77 -21.71
C GLY B 1 -7.58 -8.50 -21.96
N GLY B 2 -8.89 -8.62 -22.14
CA GLY B 2 -9.72 -7.47 -22.39
C GLY B 2 -10.27 -6.87 -21.10
N GLN B 3 -10.96 -7.70 -20.33
CA GLN B 3 -11.53 -7.25 -19.07
C GLN B 3 -11.06 -8.14 -17.93
N GLN B 4 -9.89 -8.74 -18.11
CA GLN B 4 -9.32 -9.62 -17.09
C GLN B 4 -8.58 -8.79 -16.03
N PRO B 5 -8.46 -9.32 -14.80
CA PRO B 5 -7.78 -8.63 -13.71
C PRO B 5 -6.34 -8.31 -14.07
N VAL B 6 -5.93 -7.07 -13.82
CA VAL B 6 -4.58 -6.63 -14.13
C VAL B 6 -3.59 -7.17 -13.09
N ASN B 7 -3.91 -6.98 -11.82
CA ASN B 7 -3.06 -7.45 -10.75
C ASN B 7 -3.60 -8.76 -10.19
N HIS B 8 -2.71 -9.65 -9.80
CA HIS B 8 -3.12 -10.95 -9.25
C HIS B 8 -2.00 -11.59 -8.42
N LEU B 9 -2.28 -11.83 -7.14
CA LEU B 9 -1.34 -12.45 -6.19
C LEU B 9 -0.13 -11.57 -5.87
N VAL B 10 0.64 -11.26 -6.91
CA VAL B 10 1.83 -10.45 -6.77
C VAL B 10 1.46 -9.03 -6.35
N LYS B 11 2.25 -8.46 -5.44
CA LYS B 11 2.03 -7.10 -4.93
C LYS B 11 0.87 -7.02 -3.94
N GLU B 12 0.11 -8.10 -3.83
CA GLU B 12 -1.02 -8.13 -2.90
C GLU B 12 -0.60 -8.75 -1.58
N ILE B 13 -0.59 -10.08 -1.56
CA ILE B 13 -0.23 -10.86 -0.37
C ILE B 13 1.13 -10.45 0.20
N ASP B 14 2.08 -10.22 -0.70
CA ASP B 14 3.45 -9.84 -0.33
C ASP B 14 3.48 -8.52 0.44
N MET B 15 2.84 -7.51 -0.10
CA MET B 15 2.82 -6.18 0.51
C MET B 15 2.08 -6.15 1.85
N LEU B 16 0.94 -6.83 1.92
CA LEU B 16 0.11 -6.84 3.13
C LEU B 16 0.87 -7.27 4.38
N LEU B 17 1.75 -8.24 4.23
CA LEU B 17 2.53 -8.73 5.36
C LEU B 17 3.60 -7.74 5.79
N LYS B 18 4.32 -7.18 4.82
CA LYS B 18 5.37 -6.22 5.10
C LYS B 18 4.78 -4.93 5.67
N GLU B 19 3.56 -4.61 5.25
CA GLU B 19 2.83 -3.44 5.71
C GLU B 19 2.61 -3.50 7.22
N TYR B 20 2.18 -4.66 7.71
CA TYR B 20 1.94 -4.81 9.13
C TYR B 20 3.25 -4.95 9.89
N LEU B 21 4.22 -5.56 9.24
CA LEU B 21 5.52 -5.79 9.83
C LEU B 21 6.27 -4.47 10.12
N LEU B 22 6.26 -3.55 9.15
CA LEU B 22 6.94 -2.29 9.33
C LEU B 22 6.07 -1.22 9.97
N SER B 23 4.96 -0.87 9.32
CA SER B 23 4.06 0.16 9.85
C SER B 23 3.47 -0.27 11.19
N GLY B 24 2.90 -1.46 11.23
CA GLY B 24 2.32 -1.95 12.45
C GLY B 24 0.86 -1.56 12.57
N ASP B 25 0.20 -1.43 11.43
CA ASP B 25 -1.21 -1.04 11.40
C ASP B 25 -2.12 -2.24 11.19
N ILE B 26 -2.93 -2.51 12.20
CA ILE B 26 -3.85 -3.64 12.16
C ILE B 26 -4.93 -3.44 11.11
N SER B 27 -5.74 -2.39 11.28
CA SER B 27 -6.82 -2.07 10.36
C SER B 27 -6.36 -1.98 8.91
N GLU B 28 -5.14 -1.51 8.70
CA GLU B 28 -4.61 -1.39 7.36
C GLU B 28 -4.41 -2.75 6.72
N ALA B 29 -3.95 -3.71 7.51
CA ALA B 29 -3.74 -5.06 7.02
C ALA B 29 -5.08 -5.77 6.80
N GLU B 30 -5.96 -5.67 7.78
CA GLU B 30 -7.27 -6.31 7.72
C GLU B 30 -8.12 -5.83 6.55
N HIS B 31 -8.10 -4.53 6.30
CA HIS B 31 -8.87 -3.93 5.22
C HIS B 31 -8.50 -4.52 3.86
N CYS B 32 -7.22 -4.78 3.67
CA CYS B 32 -6.73 -5.30 2.40
C CYS B 32 -7.08 -6.78 2.23
N LEU B 33 -7.06 -7.53 3.32
CA LEU B 33 -7.40 -8.94 3.23
C LEU B 33 -8.87 -9.10 2.88
N LYS B 34 -9.66 -8.21 3.44
CA LYS B 34 -11.10 -8.16 3.22
C LYS B 34 -11.41 -7.61 1.82
N GLU B 35 -10.41 -6.93 1.25
CA GLU B 35 -10.55 -6.30 -0.07
C GLU B 35 -10.57 -7.39 -1.15
N LEU B 36 -9.70 -8.39 -0.97
CA LEU B 36 -9.60 -9.51 -1.92
C LEU B 36 -10.84 -10.40 -1.84
N GLU B 37 -11.24 -10.93 -2.99
CA GLU B 37 -12.43 -11.77 -3.06
C GLU B 37 -12.09 -13.27 -3.11
N VAL B 38 -10.84 -13.62 -2.80
CA VAL B 38 -10.39 -15.00 -2.82
C VAL B 38 -10.01 -15.52 -1.41
N PRO B 39 -10.99 -16.07 -0.66
CA PRO B 39 -10.75 -16.61 0.69
C PRO B 39 -9.86 -17.87 0.68
N HIS B 40 -9.97 -18.66 -0.39
CA HIS B 40 -9.19 -19.89 -0.51
C HIS B 40 -7.71 -19.60 -0.70
N PHE B 41 -7.42 -18.48 -1.38
CA PHE B 41 -6.04 -18.08 -1.65
C PHE B 41 -5.41 -17.36 -0.47
N HIS B 42 -6.10 -17.35 0.67
CA HIS B 42 -5.60 -16.68 1.86
C HIS B 42 -4.51 -17.49 2.56
N HIS B 43 -4.25 -18.71 2.08
CA HIS B 43 -3.23 -19.57 2.70
C HIS B 43 -1.81 -19.03 2.49
N GLU B 44 -1.61 -18.32 1.39
CA GLU B 44 -0.30 -17.74 1.06
C GLU B 44 0.11 -16.70 2.12
N LEU B 45 -0.85 -15.93 2.61
CA LEU B 45 -0.59 -14.91 3.62
C LEU B 45 -0.09 -15.56 4.92
N VAL B 46 -0.48 -16.81 5.11
CA VAL B 46 -0.11 -17.54 6.31
C VAL B 46 1.32 -18.06 6.16
N TYR B 47 1.55 -18.70 5.02
CA TYR B 47 2.86 -19.29 4.70
C TYR B 47 4.01 -18.28 4.83
N GLU B 48 3.91 -17.16 4.13
CA GLU B 48 4.95 -16.13 4.14
C GLU B 48 5.16 -15.57 5.55
N ALA B 49 4.07 -15.33 6.26
CA ALA B 49 4.14 -14.84 7.63
C ALA B 49 5.00 -15.74 8.51
N ILE B 50 4.89 -17.05 8.30
CA ILE B 50 5.68 -18.00 9.09
C ILE B 50 7.15 -17.96 8.64
N VAL B 51 7.34 -17.86 7.33
CA VAL B 51 8.68 -17.81 6.76
C VAL B 51 9.46 -16.62 7.32
N MET B 52 8.81 -15.45 7.39
CA MET B 52 9.44 -14.24 7.91
C MET B 52 10.01 -14.47 9.31
N VAL B 53 9.15 -14.97 10.20
CA VAL B 53 9.54 -15.28 11.57
C VAL B 53 10.87 -16.06 11.67
N LEU B 54 11.12 -16.96 10.72
CA LEU B 54 12.35 -17.75 10.74
C LEU B 54 13.45 -17.12 9.89
N GLU B 55 13.09 -16.14 9.08
CA GLU B 55 14.04 -15.47 8.20
C GLU B 55 14.43 -14.09 8.73
N SER B 56 13.85 -13.71 9.86
CA SER B 56 14.14 -12.40 10.45
C SER B 56 14.76 -12.54 11.82
N THR B 57 15.62 -11.59 12.16
CA THR B 57 16.28 -11.60 13.45
C THR B 57 15.64 -10.58 14.40
N GLY B 58 15.21 -11.05 15.56
CA GLY B 58 14.60 -10.16 16.53
C GLY B 58 13.26 -10.67 16.99
N GLU B 59 12.99 -10.53 18.27
CA GLU B 59 11.70 -10.97 18.84
C GLU B 59 10.57 -10.14 18.28
N SER B 60 10.90 -8.95 17.78
CA SER B 60 9.93 -8.05 17.20
C SER B 60 9.17 -8.73 16.07
N ALA B 61 9.87 -9.54 15.30
CA ALA B 61 9.26 -10.26 14.19
C ALA B 61 8.15 -11.19 14.69
N PHE B 62 8.51 -12.11 15.58
CA PHE B 62 7.56 -13.07 16.15
C PHE B 62 6.33 -12.41 16.73
N LYS B 63 6.52 -11.60 17.77
CA LYS B 63 5.41 -10.91 18.43
C LYS B 63 4.51 -10.16 17.46
N MET B 64 5.10 -9.61 16.39
CA MET B 64 4.32 -8.85 15.42
C MET B 64 3.59 -9.77 14.44
N ILE B 65 4.28 -10.81 13.96
CA ILE B 65 3.69 -11.73 12.99
C ILE B 65 2.57 -12.59 13.60
N LEU B 66 2.86 -13.32 14.68
CA LEU B 66 1.85 -14.16 15.33
C LEU B 66 0.62 -13.34 15.72
N ASP B 67 0.85 -12.14 16.22
CA ASP B 67 -0.24 -11.27 16.63
C ASP B 67 -1.14 -10.96 15.46
N LEU B 68 -0.54 -10.87 14.27
CA LEU B 68 -1.28 -10.55 13.05
C LEU B 68 -2.26 -11.66 12.71
N LEU B 69 -1.82 -12.90 12.84
CA LEU B 69 -2.68 -14.04 12.52
C LEU B 69 -3.86 -14.09 13.50
N LYS B 70 -3.55 -14.08 14.80
CA LYS B 70 -4.58 -14.08 15.83
C LYS B 70 -5.55 -12.93 15.70
N SER B 71 -5.06 -11.81 15.17
CA SER B 71 -5.91 -10.64 14.97
C SER B 71 -6.89 -10.92 13.84
N LEU B 72 -6.38 -11.53 12.77
CA LEU B 72 -7.20 -11.89 11.62
C LEU B 72 -8.22 -12.96 11.98
N TRP B 73 -7.86 -13.87 12.89
CA TRP B 73 -8.77 -14.91 13.34
C TRP B 73 -9.96 -14.31 14.05
N LYS B 74 -9.70 -13.42 15.01
CA LYS B 74 -10.77 -12.73 15.75
C LYS B 74 -11.82 -12.10 14.83
N SER B 75 -11.40 -11.62 13.66
CA SER B 75 -12.34 -11.02 12.71
C SER B 75 -12.90 -12.07 11.76
N SER B 76 -12.57 -13.33 12.02
CA SER B 76 -13.01 -14.47 11.22
C SER B 76 -12.60 -14.33 9.76
N THR B 77 -11.30 -14.18 9.54
CA THR B 77 -10.76 -14.03 8.20
C THR B 77 -9.97 -15.27 7.78
N ILE B 78 -9.16 -15.79 8.68
CA ILE B 78 -8.35 -16.97 8.40
C ILE B 78 -9.14 -18.26 8.60
N THR B 79 -9.11 -19.12 7.59
CA THR B 79 -9.79 -20.40 7.66
C THR B 79 -8.79 -21.46 8.11
N ILE B 80 -9.22 -22.33 9.02
CA ILE B 80 -8.35 -23.40 9.54
C ILE B 80 -7.67 -24.23 8.43
N ASP B 81 -8.41 -24.59 7.39
CA ASP B 81 -7.86 -25.39 6.31
C ASP B 81 -6.72 -24.66 5.61
N GLN B 82 -6.89 -23.34 5.47
CA GLN B 82 -5.88 -22.49 4.84
C GLN B 82 -4.61 -22.43 5.69
N MET B 83 -4.79 -22.21 7.00
CA MET B 83 -3.68 -22.14 7.94
C MET B 83 -3.00 -23.51 8.07
N LYS B 84 -3.82 -24.55 7.97
CA LYS B 84 -3.33 -25.93 8.07
C LYS B 84 -2.35 -26.20 6.94
N ARG B 85 -2.79 -25.91 5.71
CA ARG B 85 -1.95 -26.12 4.53
C ARG B 85 -0.72 -25.22 4.59
N GLY B 86 -0.86 -24.07 5.24
CA GLY B 86 0.26 -23.15 5.38
C GLY B 86 1.32 -23.74 6.29
N TYR B 87 0.86 -24.38 7.37
CA TYR B 87 1.75 -25.00 8.33
C TYR B 87 2.34 -26.28 7.76
N GLU B 88 1.50 -27.06 7.08
CA GLU B 88 1.94 -28.31 6.47
C GLU B 88 3.11 -28.07 5.52
N ARG B 89 3.05 -26.97 4.78
CA ARG B 89 4.12 -26.63 3.86
C ARG B 89 5.42 -26.33 4.60
N ILE B 90 5.31 -25.66 5.74
CA ILE B 90 6.49 -25.31 6.55
C ILE B 90 7.23 -26.58 6.96
N TYR B 91 6.46 -27.63 7.22
CA TYR B 91 7.03 -28.91 7.61
C TYR B 91 7.91 -29.47 6.50
N ASN B 92 7.58 -29.11 5.26
CA ASN B 92 8.35 -29.55 4.09
C ASN B 92 9.44 -28.53 3.77
N GLU B 93 9.25 -27.29 4.20
CA GLU B 93 10.22 -26.22 3.94
C GLU B 93 11.43 -26.33 4.87
N ILE B 94 11.20 -26.95 6.04
CA ILE B 94 12.26 -27.13 7.04
C ILE B 94 13.58 -27.64 6.45
N PRO B 95 13.56 -28.78 5.74
CA PRO B 95 14.77 -29.35 5.12
C PRO B 95 15.46 -28.37 4.16
N ASP B 96 14.67 -27.56 3.48
CA ASP B 96 15.21 -26.60 2.53
C ASP B 96 15.80 -25.37 3.22
N ILE B 97 15.13 -24.91 4.28
CA ILE B 97 15.58 -23.74 5.02
C ILE B 97 16.76 -24.07 5.93
N ASN B 98 16.72 -25.25 6.54
CA ASN B 98 17.77 -25.67 7.46
C ASN B 98 18.93 -26.33 6.74
N LEU B 99 18.64 -27.38 5.98
CA LEU B 99 19.66 -28.13 5.24
C LEU B 99 20.67 -28.75 6.21
N ASP B 100 20.13 -29.60 7.09
CA ASP B 100 20.90 -30.29 8.14
C ASP B 100 21.20 -29.34 9.30
N VAL B 101 21.55 -29.91 10.46
CA VAL B 101 21.83 -29.13 11.66
C VAL B 101 20.69 -28.14 11.96
N PRO B 102 19.44 -28.64 12.10
CA PRO B 102 18.28 -27.80 12.36
C PRO B 102 18.21 -27.37 13.82
N HIS B 103 18.71 -26.17 14.09
CA HIS B 103 18.71 -25.64 15.45
C HIS B 103 17.55 -24.67 15.64
N SER B 104 16.70 -24.58 14.64
CA SER B 104 15.54 -23.70 14.70
C SER B 104 14.36 -24.39 15.36
N TYR B 105 14.57 -25.62 15.84
CA TYR B 105 13.52 -26.39 16.50
C TYR B 105 12.96 -25.65 17.71
N SER B 106 13.84 -24.91 18.39
CA SER B 106 13.46 -24.13 19.55
C SER B 106 12.35 -23.14 19.20
N VAL B 107 12.52 -22.46 18.07
CA VAL B 107 11.54 -21.49 17.61
C VAL B 107 10.36 -22.20 16.95
N LEU B 108 10.67 -23.23 16.14
CA LEU B 108 9.64 -24.00 15.43
C LEU B 108 8.59 -24.58 16.38
N GLU B 109 9.04 -25.33 17.37
CA GLU B 109 8.12 -25.94 18.33
C GLU B 109 7.38 -24.87 19.13
N ARG B 110 8.15 -23.89 19.59
CA ARG B 110 7.61 -22.75 20.34
C ARG B 110 6.47 -22.09 19.57
N PHE B 111 6.70 -21.82 18.31
CA PHE B 111 5.72 -21.18 17.45
C PHE B 111 4.48 -22.07 17.27
N VAL B 112 4.69 -23.37 17.06
CA VAL B 112 3.59 -24.30 16.86
C VAL B 112 2.74 -24.43 18.13
N GLU B 113 3.40 -24.57 19.28
CA GLU B 113 2.68 -24.70 20.54
C GLU B 113 1.92 -23.43 20.88
N GLU B 114 2.51 -22.28 20.57
CA GLU B 114 1.87 -21.01 20.83
C GLU B 114 0.55 -20.94 20.06
N CYS B 115 0.62 -21.25 18.77
CA CYS B 115 -0.57 -21.28 17.94
C CYS B 115 -1.63 -22.21 18.50
N PHE B 116 -1.26 -23.46 18.80
CA PHE B 116 -2.18 -24.44 19.37
C PHE B 116 -2.82 -23.92 20.66
N GLN B 117 -2.01 -23.41 21.58
CA GLN B 117 -2.49 -22.87 22.85
C GLN B 117 -3.60 -21.86 22.66
N ALA B 118 -3.53 -21.07 21.57
CA ALA B 118 -4.55 -20.07 21.28
C ALA B 118 -5.92 -20.72 20.99
N GLY B 119 -5.90 -21.98 20.62
CA GLY B 119 -7.15 -22.67 20.33
C GLY B 119 -7.71 -22.34 18.97
N ILE B 120 -6.83 -22.19 17.99
CA ILE B 120 -7.26 -21.87 16.63
C ILE B 120 -7.11 -23.07 15.71
N ILE B 121 -6.24 -23.99 16.07
CA ILE B 121 -5.99 -25.20 15.29
C ILE B 121 -5.88 -26.39 16.24
N SER B 122 -6.59 -27.48 15.95
CA SER B 122 -6.54 -28.66 16.79
C SER B 122 -5.16 -29.33 16.78
N LYS B 123 -4.96 -30.23 17.73
CA LYS B 123 -3.71 -30.96 17.89
C LYS B 123 -3.33 -31.74 16.63
N GLN B 124 -4.32 -32.05 15.80
CA GLN B 124 -4.09 -32.78 14.56
C GLN B 124 -2.98 -32.13 13.73
N LEU B 125 -2.97 -30.80 13.71
CA LEU B 125 -1.94 -30.06 12.96
C LEU B 125 -0.60 -30.15 13.67
N ARG B 126 -0.64 -30.14 15.00
CA ARG B 126 0.56 -30.23 15.81
C ARG B 126 1.18 -31.61 15.66
N ASP B 127 0.32 -32.59 15.37
CA ASP B 127 0.76 -33.96 15.17
C ASP B 127 1.58 -34.09 13.89
N LEU B 128 1.41 -33.12 13.00
CA LEU B 128 2.14 -33.10 11.74
C LEU B 128 3.50 -32.43 11.93
N CYS B 129 3.69 -31.86 13.12
CA CYS B 129 4.93 -31.19 13.48
C CYS B 129 5.93 -32.22 14.01
N PRO B 130 7.22 -32.05 13.71
CA PRO B 130 8.27 -32.97 14.16
C PRO B 130 8.57 -32.79 15.66
N SER B 131 7.56 -32.99 16.48
CA SER B 131 7.69 -32.86 17.93
C SER B 131 8.46 -34.05 18.49
N GLY A 1 2.22 31.28 -2.58
CA GLY A 1 1.64 31.79 -1.32
C GLY A 1 0.21 31.34 -1.14
N LEU A 2 -0.73 32.24 -1.38
CA LEU A 2 -2.14 31.91 -1.24
C LEU A 2 -2.85 32.01 -2.58
N PRO A 3 -3.49 30.92 -3.03
CA PRO A 3 -4.23 30.90 -4.29
C PRO A 3 -5.43 31.85 -4.28
N LEU A 4 -5.60 32.59 -5.37
CA LEU A 4 -6.69 33.54 -5.48
C LEU A 4 -7.89 32.90 -6.19
N ASP A 5 -9.08 33.07 -5.62
CA ASP A 5 -10.32 32.51 -6.17
C ASP A 5 -10.27 30.99 -6.22
N GLU A 6 -10.43 30.39 -5.04
CA GLU A 6 -10.35 28.93 -4.88
C GLU A 6 -11.55 28.19 -5.46
N ARG A 7 -12.75 28.62 -5.09
CA ARG A 7 -13.99 27.95 -5.56
C ARG A 7 -14.15 28.09 -7.07
N ALA A 8 -13.77 29.25 -7.56
CA ALA A 8 -13.76 29.60 -8.98
C ALA A 8 -12.76 28.72 -9.72
N PHE A 9 -11.90 28.11 -8.91
CA PHE A 9 -10.87 27.22 -9.40
C PHE A 9 -11.31 25.76 -9.44
N GLU A 10 -11.83 25.28 -8.30
CA GLU A 10 -12.21 23.87 -8.12
C GLU A 10 -13.30 23.41 -9.10
N LYS A 11 -14.40 24.13 -9.11
CA LYS A 11 -15.54 23.81 -9.96
C LYS A 11 -15.14 23.81 -11.43
N THR A 12 -14.36 24.80 -11.81
CA THR A 12 -13.90 24.94 -13.18
C THR A 12 -12.93 23.81 -13.56
N LEU A 13 -12.38 23.16 -12.55
CA LEU A 13 -11.45 22.08 -12.80
C LEU A 13 -12.12 20.73 -12.54
N THR A 14 -13.43 20.78 -12.33
CA THR A 14 -14.21 19.56 -12.05
C THR A 14 -14.43 18.70 -13.30
N PRO A 15 -15.13 19.22 -14.33
CA PRO A 15 -15.41 18.45 -15.55
C PRO A 15 -14.14 18.01 -16.28
N ILE A 16 -13.15 18.89 -16.30
CA ILE A 16 -11.87 18.60 -16.96
C ILE A 16 -11.25 17.32 -16.43
N ILE A 17 -11.00 17.27 -15.13
CA ILE A 17 -10.41 16.08 -14.51
C ILE A 17 -11.35 14.87 -14.59
N GLN A 18 -12.64 15.13 -14.47
CA GLN A 18 -13.63 14.05 -14.52
C GLN A 18 -13.71 13.45 -15.92
N GLU A 19 -13.42 14.25 -16.93
CA GLU A 19 -13.43 13.79 -18.30
C GLU A 19 -12.18 12.96 -18.56
N TYR A 20 -11.10 13.31 -17.87
CA TYR A 20 -9.84 12.59 -18.00
C TYR A 20 -10.03 11.15 -17.55
N PHE A 21 -10.52 10.99 -16.33
CA PHE A 21 -10.78 9.66 -15.79
C PHE A 21 -11.66 8.81 -16.72
N GLU A 22 -12.58 9.48 -17.42
CA GLU A 22 -13.46 8.79 -18.35
C GLU A 22 -12.72 8.36 -19.63
N HIS A 23 -11.98 9.28 -20.22
CA HIS A 23 -11.24 8.99 -21.45
C HIS A 23 -9.82 8.53 -21.17
N GLY A 24 -8.97 9.45 -20.72
CA GLY A 24 -7.59 9.11 -20.42
C GLY A 24 -6.63 9.83 -21.36
N ASP A 25 -6.95 11.09 -21.66
CA ASP A 25 -6.13 11.88 -22.57
C ASP A 25 -5.38 12.98 -21.84
N THR A 26 -4.18 12.65 -21.37
CA THR A 26 -3.34 13.61 -20.67
C THR A 26 -2.92 14.78 -21.56
N ASN A 27 -3.01 14.60 -22.87
CA ASN A 27 -2.64 15.63 -23.82
C ASN A 27 -3.60 16.81 -23.75
N GLU A 28 -4.90 16.53 -23.73
CA GLU A 28 -5.93 17.57 -23.66
C GLU A 28 -5.80 18.38 -22.39
N VAL A 29 -5.54 17.69 -21.28
CA VAL A 29 -5.40 18.33 -19.97
C VAL A 29 -4.37 19.45 -20.00
N ALA A 30 -3.28 19.22 -20.74
CA ALA A 30 -2.23 20.22 -20.84
C ALA A 30 -2.72 21.45 -21.59
N GLU A 31 -3.28 21.21 -22.79
CA GLU A 31 -3.84 22.27 -23.62
C GLU A 31 -4.81 23.16 -22.83
N MET A 32 -5.64 22.55 -22.00
CA MET A 32 -6.60 23.30 -21.21
C MET A 32 -5.92 24.13 -20.13
N LEU A 33 -4.90 23.54 -19.50
CA LEU A 33 -4.16 24.24 -18.44
C LEU A 33 -3.45 25.46 -19.00
N ARG A 34 -2.85 25.30 -20.18
CA ARG A 34 -2.14 26.39 -20.85
C ARG A 34 -3.00 27.64 -21.04
N ASP A 35 -4.32 27.47 -21.19
CA ASP A 35 -5.21 28.60 -21.42
C ASP A 35 -5.42 29.36 -20.11
N LEU A 36 -5.33 28.62 -19.01
CA LEU A 36 -5.49 29.20 -17.67
C LEU A 36 -4.38 30.19 -17.36
N ASN A 37 -3.14 29.78 -17.61
CA ASN A 37 -1.97 30.62 -17.35
C ASN A 37 -1.91 31.07 -15.89
N LEU A 38 -1.86 30.10 -14.99
CA LEU A 38 -1.81 30.39 -13.57
C LEU A 38 -0.45 30.03 -12.98
N GLY A 39 -0.08 30.67 -11.88
CA GLY A 39 1.21 30.40 -11.25
C GLY A 39 1.11 29.41 -10.10
N GLU A 40 0.92 29.91 -8.89
CA GLU A 40 0.83 29.05 -7.71
C GLU A 40 -0.42 28.20 -7.75
N MET A 41 -1.36 28.59 -8.62
CA MET A 41 -2.60 27.86 -8.78
C MET A 41 -2.38 26.55 -9.54
N LYS A 42 -1.19 26.40 -10.11
CA LYS A 42 -0.85 25.19 -10.86
C LYS A 42 -0.89 23.95 -9.97
N SER A 43 -0.56 24.13 -8.69
CA SER A 43 -0.58 23.04 -7.71
C SER A 43 -2.03 22.67 -7.37
N GLY A 44 -2.91 23.60 -7.69
CA GLY A 44 -4.32 23.42 -7.45
C GLY A 44 -4.88 22.22 -8.20
N VAL A 45 -4.49 22.11 -9.46
CA VAL A 45 -4.94 21.03 -10.33
C VAL A 45 -4.66 19.63 -9.76
N PRO A 46 -3.38 19.28 -9.52
CA PRO A 46 -3.00 17.96 -8.98
C PRO A 46 -3.72 17.63 -7.68
N VAL A 47 -3.79 18.61 -6.78
CA VAL A 47 -4.46 18.44 -5.49
C VAL A 47 -5.92 18.03 -5.70
N LEU A 48 -6.56 18.64 -6.69
CA LEU A 48 -7.96 18.34 -6.98
C LEU A 48 -8.07 16.99 -7.66
N ALA A 49 -7.14 16.73 -8.60
CA ALA A 49 -7.10 15.48 -9.35
C ALA A 49 -7.05 14.27 -8.41
N VAL A 50 -6.22 14.35 -7.39
CA VAL A 50 -6.09 13.26 -6.42
C VAL A 50 -7.36 13.13 -5.58
N SER A 51 -7.84 14.26 -5.05
CA SER A 51 -9.05 14.27 -4.24
C SER A 51 -10.23 13.64 -4.97
N LEU A 52 -10.45 14.06 -6.21
CA LEU A 52 -11.55 13.52 -7.02
C LEU A 52 -11.39 12.02 -7.23
N ALA A 53 -10.15 11.57 -7.41
CA ALA A 53 -9.86 10.15 -7.60
C ALA A 53 -10.15 9.33 -6.35
N LEU A 54 -9.80 9.88 -5.19
CA LEU A 54 -10.05 9.20 -3.91
C LEU A 54 -11.52 8.91 -3.74
N GLU A 55 -12.35 9.82 -4.21
CA GLU A 55 -13.80 9.68 -4.14
C GLU A 55 -14.26 8.55 -5.05
N GLY A 56 -13.55 8.41 -6.18
CA GLY A 56 -13.88 7.37 -7.14
C GLY A 56 -13.32 6.02 -6.72
N LYS A 57 -12.96 5.19 -7.69
CA LYS A 57 -12.45 3.85 -7.40
C LYS A 57 -10.93 3.79 -7.54
N ALA A 58 -10.34 2.70 -7.07
CA ALA A 58 -8.88 2.50 -7.13
C ALA A 58 -8.37 2.55 -8.56
N SER A 59 -9.19 2.09 -9.51
CA SER A 59 -8.80 2.10 -10.91
C SER A 59 -8.57 3.54 -11.39
N HIS A 60 -9.33 4.46 -10.81
CA HIS A 60 -9.22 5.85 -11.18
C HIS A 60 -8.06 6.54 -10.48
N ARG A 61 -7.82 6.12 -9.22
CA ARG A 61 -6.74 6.70 -8.41
C ARG A 61 -5.37 6.40 -9.00
N GLU A 62 -5.22 5.20 -9.54
CA GLU A 62 -3.95 4.82 -10.15
C GLU A 62 -3.74 5.58 -11.46
N MET A 63 -4.83 5.97 -12.09
CA MET A 63 -4.80 6.72 -13.34
C MET A 63 -4.32 8.15 -13.14
N THR A 64 -4.38 8.65 -11.91
CA THR A 64 -3.95 10.02 -11.62
C THR A 64 -2.44 10.11 -11.65
N SER A 65 -1.77 9.00 -11.35
CA SER A 65 -0.32 8.94 -11.33
C SER A 65 0.27 9.28 -12.71
N LYS A 66 -0.41 8.87 -13.76
CA LYS A 66 0.05 9.14 -15.13
C LYS A 66 -0.16 10.62 -15.46
N LEU A 67 -1.21 11.19 -14.89
CA LEU A 67 -1.55 12.60 -15.11
C LEU A 67 -0.46 13.52 -14.58
N LEU A 68 -0.01 13.23 -13.37
CA LEU A 68 1.03 14.02 -12.73
C LEU A 68 2.31 14.01 -13.55
N SER A 69 2.71 12.82 -13.99
CA SER A 69 3.91 12.63 -14.77
C SER A 69 3.82 13.35 -16.13
N ASP A 70 2.72 13.13 -16.84
CA ASP A 70 2.52 13.76 -18.14
C ASP A 70 2.57 15.28 -18.07
N LEU A 71 1.89 15.86 -17.09
CA LEU A 71 1.85 17.30 -16.91
C LEU A 71 3.22 17.83 -16.50
N CYS A 72 3.93 17.06 -15.66
CA CYS A 72 5.25 17.43 -15.18
C CYS A 72 6.22 17.63 -16.35
N GLY A 73 6.86 18.80 -16.37
CA GLY A 73 7.81 19.10 -17.43
C GLY A 73 7.14 19.78 -18.61
N THR A 74 5.91 19.35 -18.90
CA THR A 74 5.16 19.92 -20.00
C THR A 74 4.65 21.31 -19.62
N VAL A 75 3.76 21.36 -18.63
CA VAL A 75 3.22 22.62 -18.14
C VAL A 75 3.39 22.75 -16.64
N MET A 76 3.52 21.61 -15.97
CA MET A 76 3.71 21.59 -14.53
C MET A 76 5.19 21.57 -14.17
N SER A 77 5.61 22.56 -13.39
CA SER A 77 7.00 22.68 -13.00
C SER A 77 7.40 21.65 -11.95
N THR A 78 8.58 21.07 -12.14
CA THR A 78 9.14 20.09 -11.21
C THR A 78 8.94 20.49 -9.74
N THR A 79 9.24 21.73 -9.42
CA THR A 79 9.08 22.24 -8.06
C THR A 79 7.61 22.43 -7.69
N ASP A 80 6.80 22.77 -8.70
CA ASP A 80 5.37 22.99 -8.51
C ASP A 80 4.69 21.72 -8.06
N VAL A 81 5.16 20.59 -8.58
CA VAL A 81 4.61 19.28 -8.22
C VAL A 81 4.76 19.04 -6.73
N GLU A 82 5.92 19.45 -6.19
CA GLU A 82 6.22 19.29 -4.78
C GLU A 82 5.29 20.18 -3.94
N LYS A 83 4.91 21.33 -4.49
CA LYS A 83 4.01 22.24 -3.78
C LYS A 83 2.69 21.53 -3.54
N SER A 84 2.14 20.93 -4.61
CA SER A 84 0.92 20.14 -4.53
C SER A 84 0.98 19.08 -3.40
N PHE A 85 2.19 18.80 -2.94
CA PHE A 85 2.38 17.79 -1.92
C PHE A 85 2.13 18.34 -0.53
N ASP A 86 2.69 19.53 -0.28
CA ASP A 86 2.56 20.18 1.04
C ASP A 86 1.11 20.55 1.30
N LYS A 87 0.43 21.00 0.24
CA LYS A 87 -0.97 21.40 0.35
C LYS A 87 -1.86 20.16 0.50
N LEU A 88 -1.41 19.06 -0.11
CA LEU A 88 -2.14 17.79 -0.04
C LEU A 88 -2.20 17.29 1.39
N LEU A 89 -1.21 17.71 2.19
CA LEU A 89 -1.12 17.29 3.57
C LEU A 89 -2.07 18.11 4.44
N LYS A 90 -2.29 19.36 4.04
CA LYS A 90 -3.14 20.29 4.78
C LYS A 90 -4.57 19.79 4.97
N ASP A 91 -5.28 19.61 3.87
CA ASP A 91 -6.67 19.14 3.90
C ASP A 91 -6.80 17.64 4.19
N LEU A 92 -5.67 17.02 4.55
CA LEU A 92 -5.61 15.58 4.83
C LEU A 92 -6.65 15.13 5.86
N PRO A 93 -6.75 15.80 7.04
CA PRO A 93 -7.75 15.42 8.05
C PRO A 93 -9.15 15.44 7.47
N GLU A 94 -9.43 16.47 6.66
CA GLU A 94 -10.72 16.63 6.01
C GLU A 94 -11.00 15.46 5.05
N LEU A 95 -9.93 14.84 4.58
CA LEU A 95 -10.04 13.71 3.66
C LEU A 95 -10.39 12.45 4.45
N ALA A 96 -9.72 12.30 5.59
CA ALA A 96 -9.92 11.16 6.47
C ALA A 96 -11.35 11.14 7.04
N LEU A 97 -11.94 12.33 7.18
CA LEU A 97 -13.29 12.47 7.71
C LEU A 97 -14.30 11.84 6.75
N ASP A 98 -14.19 12.23 5.49
CA ASP A 98 -15.09 11.72 4.44
C ASP A 98 -14.80 10.26 4.10
N THR A 99 -13.52 9.90 4.06
CA THR A 99 -13.12 8.54 3.76
C THR A 99 -12.03 8.10 4.74
N PRO A 100 -12.34 7.09 5.56
CA PRO A 100 -11.42 6.57 6.57
C PRO A 100 -10.11 6.07 5.95
N ARG A 101 -10.21 5.42 4.80
CA ARG A 101 -9.04 4.89 4.12
C ARG A 101 -8.41 5.88 3.16
N ALA A 102 -8.68 7.16 3.37
CA ALA A 102 -8.17 8.18 2.47
C ALA A 102 -6.68 8.42 2.71
N PRO A 103 -6.26 8.78 3.94
CA PRO A 103 -4.85 9.04 4.24
C PRO A 103 -4.02 7.76 4.31
N GLN A 104 -4.69 6.62 4.17
CA GLN A 104 -3.98 5.36 4.22
C GLN A 104 -3.40 5.11 2.82
N LEU A 105 -4.21 5.43 1.83
CA LEU A 105 -3.83 5.30 0.44
C LEU A 105 -2.92 6.45 -0.07
N VAL A 106 -2.98 7.62 0.60
CA VAL A 106 -2.24 8.82 0.14
C VAL A 106 -0.74 8.55 -0.03
N GLY A 107 -0.17 7.73 0.85
CA GLY A 107 1.25 7.41 0.78
C GLY A 107 1.69 6.86 -0.56
N GLN A 108 0.81 6.13 -1.25
CA GLN A 108 1.17 5.56 -2.55
C GLN A 108 1.37 6.66 -3.57
N PHE A 109 0.63 7.76 -3.41
CA PHE A 109 0.75 8.88 -4.32
C PHE A 109 2.05 9.61 -4.07
N ILE A 110 2.47 9.57 -2.82
CA ILE A 110 3.70 10.22 -2.42
C ILE A 110 4.91 9.32 -2.74
N ALA A 111 4.65 8.00 -2.78
CA ALA A 111 5.74 7.04 -2.98
C ALA A 111 6.02 6.93 -4.47
N ARG A 112 4.93 6.74 -5.22
CA ARG A 112 5.00 6.61 -6.68
C ARG A 112 5.58 7.85 -7.33
N ALA A 113 5.46 8.97 -6.64
CA ALA A 113 5.95 10.24 -7.17
C ALA A 113 7.47 10.26 -7.15
N VAL A 114 8.05 9.62 -6.13
CA VAL A 114 9.50 9.57 -6.00
C VAL A 114 10.09 8.69 -7.11
N GLY A 115 9.66 7.42 -7.15
CA GLY A 115 10.11 6.51 -8.19
C GLY A 115 9.76 6.97 -9.60
N ASP A 116 8.87 7.95 -9.69
CA ASP A 116 8.45 8.48 -10.98
C ASP A 116 9.47 9.50 -11.46
N GLY A 117 9.94 10.31 -10.52
CA GLY A 117 10.92 11.32 -10.85
C GLY A 117 10.40 12.72 -10.64
N ILE A 118 9.12 12.85 -10.31
CA ILE A 118 8.52 14.15 -10.10
C ILE A 118 8.79 14.67 -8.68
N LEU A 119 9.02 13.75 -7.75
CA LEU A 119 9.30 14.13 -6.36
C LEU A 119 10.63 13.56 -5.89
N CYS A 120 11.37 14.35 -5.13
CA CYS A 120 12.67 13.93 -4.60
C CYS A 120 12.50 12.99 -3.40
N ASN A 121 13.57 12.27 -3.05
CA ASN A 121 13.54 11.33 -1.95
C ASN A 121 13.68 12.01 -0.59
N THR A 122 14.44 13.10 -0.54
CA THR A 122 14.66 13.83 0.69
C THR A 122 13.35 14.45 1.19
N TYR A 123 12.43 14.62 0.26
CA TYR A 123 11.11 15.19 0.56
C TYR A 123 10.47 14.49 1.76
N ILE A 124 10.54 13.17 1.80
CA ILE A 124 9.96 12.39 2.88
C ILE A 124 10.74 12.61 4.17
N ASP A 125 12.04 12.74 4.05
CA ASP A 125 12.92 12.94 5.21
C ASP A 125 12.74 14.34 5.81
N SER A 126 12.45 15.30 4.94
CA SER A 126 12.23 16.68 5.37
C SER A 126 11.05 16.80 6.32
N TYR A 127 10.09 15.90 6.21
CA TYR A 127 8.93 15.91 7.07
C TYR A 127 8.97 14.65 7.97
N LYS A 128 10.19 14.08 8.10
CA LYS A 128 10.47 12.86 8.87
C LYS A 128 10.68 13.07 10.39
N GLY A 129 9.79 13.78 11.06
CA GLY A 129 9.98 13.99 12.48
C GLY A 129 9.87 15.45 12.77
N THR A 130 9.30 16.14 11.80
CA THR A 130 9.11 17.56 11.83
C THR A 130 7.62 17.88 11.65
N VAL A 131 6.80 16.85 11.56
CA VAL A 131 5.37 17.02 11.38
C VAL A 131 4.61 16.63 12.65
N ASP A 132 3.90 17.60 13.21
CA ASP A 132 3.14 17.40 14.43
C ASP A 132 1.78 16.75 14.16
N CYS A 133 1.27 16.92 12.95
CA CYS A 133 -0.03 16.35 12.59
C CYS A 133 0.08 14.85 12.32
N VAL A 134 -0.35 14.05 13.31
CA VAL A 134 -0.34 12.58 13.20
C VAL A 134 -0.96 12.08 11.89
N GLN A 135 -1.88 12.86 11.31
CA GLN A 135 -2.54 12.46 10.07
C GLN A 135 -1.52 12.34 8.94
N ALA A 136 -0.51 13.20 8.97
CA ALA A 136 0.55 13.20 7.96
C ALA A 136 1.44 11.97 8.13
N ARG A 137 1.92 11.72 9.36
CA ARG A 137 2.75 10.56 9.65
C ARG A 137 2.09 9.25 9.19
N ALA A 138 0.78 9.28 9.07
CA ALA A 138 0.05 8.10 8.67
C ALA A 138 0.28 7.88 7.17
N ALA A 139 0.29 8.98 6.43
CA ALA A 139 0.48 8.96 5.01
C ALA A 139 1.96 8.87 4.61
N LEU A 140 2.84 9.54 5.39
CA LEU A 140 4.28 9.58 5.05
C LEU A 140 4.97 8.22 5.22
N ASP A 141 4.97 7.69 6.44
CA ASP A 141 5.53 6.37 6.69
C ASP A 141 4.90 5.30 5.80
N LYS A 142 3.72 5.60 5.30
CA LYS A 142 3.00 4.68 4.44
C LYS A 142 3.76 4.48 3.14
N ALA A 143 4.49 5.52 2.72
CA ALA A 143 5.28 5.45 1.49
C ALA A 143 6.32 4.33 1.60
N THR A 144 7.07 4.29 2.71
CA THR A 144 8.07 3.25 2.95
C THR A 144 7.45 1.87 2.87
N VAL A 145 6.18 1.80 3.25
CA VAL A 145 5.43 0.55 3.21
C VAL A 145 5.45 0.01 1.78
N LEU A 146 5.22 0.90 0.82
CA LEU A 146 5.20 0.52 -0.57
C LEU A 146 6.61 0.44 -1.15
N LEU A 147 7.52 1.30 -0.67
CA LEU A 147 8.90 1.31 -1.15
C LEU A 147 9.61 0.00 -0.80
N SER A 148 9.15 -0.66 0.25
CA SER A 148 9.70 -1.94 0.65
C SER A 148 9.32 -3.00 -0.39
N MET A 149 8.30 -2.69 -1.19
CA MET A 149 7.84 -3.60 -2.23
C MET A 149 8.59 -3.35 -3.54
N SER A 150 8.84 -2.07 -3.84
CA SER A 150 9.53 -1.68 -5.07
C SER A 150 10.94 -2.26 -5.15
N LYS A 151 11.47 -2.72 -4.02
CA LYS A 151 12.79 -3.29 -3.97
C LYS A 151 12.82 -4.71 -4.54
N GLY A 152 11.68 -5.37 -4.52
CA GLY A 152 11.60 -6.73 -5.02
C GLY A 152 10.45 -6.92 -6.00
N GLY A 153 9.70 -5.85 -6.24
CA GLY A 153 8.58 -5.91 -7.15
C GLY A 153 9.00 -6.09 -8.59
N LYS A 154 8.30 -6.95 -9.30
CA LYS A 154 8.59 -7.23 -10.70
C LYS A 154 7.30 -7.25 -11.49
N ARG A 155 7.39 -7.05 -12.81
CA ARG A 155 6.22 -7.06 -13.66
C ARG A 155 5.65 -8.47 -13.81
N LYS A 156 4.37 -8.61 -13.54
CA LYS A 156 3.70 -9.90 -13.65
C LYS A 156 2.27 -9.73 -14.18
N ASP A 157 2.16 -9.64 -15.49
CA ASP A 157 0.87 -9.47 -16.14
C ASP A 157 0.25 -10.80 -16.56
N SER A 158 -0.15 -11.59 -15.57
CA SER A 158 -0.77 -12.87 -15.81
C SER A 158 -2.26 -12.79 -15.50
N VAL A 159 -2.98 -12.04 -16.31
CA VAL A 159 -4.42 -11.85 -16.12
C VAL A 159 -5.01 -11.13 -17.32
N TRP A 160 -6.34 -11.17 -17.44
CA TRP A 160 -7.04 -10.51 -18.53
C TRP A 160 -7.83 -9.32 -17.99
N GLY A 161 -8.35 -8.50 -18.89
CA GLY A 161 -9.14 -7.35 -18.50
C GLY A 161 -10.60 -7.70 -18.36
N SER A 162 -11.37 -6.80 -17.76
CA SER A 162 -12.79 -7.04 -17.60
C SER A 162 -13.58 -6.44 -18.76
N GLY A 163 -13.82 -7.27 -19.77
CA GLY A 163 -14.56 -6.80 -20.93
C GLY A 163 -13.63 -6.28 -22.00
N GLY B 1 -13.40 -3.85 -24.05
CA GLY B 1 -12.89 -2.52 -23.62
C GLY B 1 -13.71 -1.93 -22.50
N GLY B 2 -13.79 -2.63 -21.38
CA GLY B 2 -14.54 -2.13 -20.24
C GLY B 2 -13.61 -1.71 -19.12
N GLN B 3 -13.13 -2.69 -18.35
CA GLN B 3 -12.23 -2.43 -17.24
C GLN B 3 -10.82 -2.93 -17.55
N GLN B 4 -9.87 -2.52 -16.73
CA GLN B 4 -8.48 -2.91 -16.90
C GLN B 4 -8.20 -4.23 -16.18
N PRO B 5 -7.13 -4.94 -16.56
CA PRO B 5 -6.75 -6.22 -15.93
C PRO B 5 -6.65 -6.09 -14.41
N VAL B 6 -7.19 -7.07 -13.71
CA VAL B 6 -7.18 -7.06 -12.25
C VAL B 6 -6.01 -7.86 -11.69
N ASN B 7 -5.39 -7.33 -10.64
CA ASN B 7 -4.27 -8.01 -10.01
C ASN B 7 -4.77 -9.12 -9.09
N HIS B 8 -4.02 -10.21 -9.00
CA HIS B 8 -4.40 -11.34 -8.16
C HIS B 8 -3.17 -12.15 -7.75
N LEU B 9 -2.49 -11.66 -6.73
CA LEU B 9 -1.26 -12.29 -6.20
C LEU B 9 -0.52 -11.29 -5.32
N VAL B 10 0.01 -10.26 -5.95
CA VAL B 10 0.74 -9.22 -5.25
C VAL B 10 -0.14 -8.01 -5.02
N LYS B 11 0.44 -6.96 -4.44
CA LYS B 11 -0.27 -5.71 -4.15
C LYS B 11 -1.23 -5.85 -2.97
N GLU B 12 -1.57 -7.08 -2.63
CA GLU B 12 -2.47 -7.34 -1.51
C GLU B 12 -1.76 -8.14 -0.40
N ILE B 13 -1.26 -9.33 -0.75
CA ILE B 13 -0.55 -10.17 0.22
C ILE B 13 0.70 -9.47 0.71
N ASP B 14 1.56 -9.10 -0.23
CA ASP B 14 2.80 -8.40 0.10
C ASP B 14 2.51 -7.09 0.81
N MET B 15 1.36 -6.50 0.53
CA MET B 15 1.00 -5.23 1.14
C MET B 15 0.66 -5.42 2.61
N LEU B 16 -0.04 -6.51 2.90
CA LEU B 16 -0.42 -6.81 4.28
C LEU B 16 0.80 -7.19 5.12
N LEU B 17 1.74 -7.89 4.51
CA LEU B 17 2.96 -8.29 5.21
C LEU B 17 3.91 -7.12 5.38
N LYS B 18 4.08 -6.33 4.32
CA LYS B 18 4.94 -5.16 4.37
C LYS B 18 4.34 -4.10 5.31
N GLU B 19 3.02 -4.16 5.46
CA GLU B 19 2.28 -3.23 6.32
C GLU B 19 2.81 -3.23 7.75
N TYR B 20 2.68 -4.37 8.45
CA TYR B 20 3.20 -4.47 9.82
C TYR B 20 4.66 -4.03 9.96
N LEU B 21 5.42 -4.11 8.88
CA LEU B 21 6.79 -3.67 8.91
C LEU B 21 6.90 -2.19 9.32
N LEU B 22 6.11 -1.33 8.69
CA LEU B 22 6.16 0.10 9.02
C LEU B 22 4.97 0.52 9.90
N SER B 23 4.09 -0.44 10.16
CA SER B 23 2.89 -0.20 10.95
C SER B 23 2.79 -1.14 12.14
N GLY B 24 1.74 -0.98 12.92
CA GLY B 24 1.53 -1.82 14.08
C GLY B 24 0.09 -1.83 14.50
N ASP B 25 -0.81 -1.97 13.53
CA ASP B 25 -2.22 -1.97 13.82
C ASP B 25 -3.02 -2.79 12.81
N ILE B 26 -4.14 -3.32 13.28
CA ILE B 26 -5.03 -4.14 12.46
C ILE B 26 -5.81 -3.35 11.41
N SER B 27 -5.81 -2.01 11.54
CA SER B 27 -6.63 -1.12 10.69
C SER B 27 -6.60 -1.53 9.22
N GLU B 28 -5.41 -1.64 8.64
CA GLU B 28 -5.27 -2.04 7.24
C GLU B 28 -5.33 -3.54 7.07
N ALA B 29 -4.91 -4.28 8.09
CA ALA B 29 -4.89 -5.74 8.03
C ALA B 29 -6.27 -6.30 7.75
N GLU B 30 -7.25 -5.88 8.54
CA GLU B 30 -8.62 -6.34 8.36
C GLU B 30 -9.27 -5.68 7.13
N HIS B 31 -8.69 -4.56 6.69
CA HIS B 31 -9.22 -3.81 5.56
C HIS B 31 -9.00 -4.49 4.21
N CYS B 32 -7.74 -4.72 3.83
CA CYS B 32 -7.42 -5.35 2.55
C CYS B 32 -7.93 -6.78 2.49
N LEU B 33 -7.91 -7.44 3.64
CA LEU B 33 -8.37 -8.82 3.72
C LEU B 33 -9.83 -8.91 3.32
N LYS B 34 -10.63 -7.98 3.82
CA LYS B 34 -12.05 -7.94 3.51
C LYS B 34 -12.33 -7.37 2.11
N GLU B 35 -11.41 -6.53 1.63
CA GLU B 35 -11.53 -5.88 0.32
C GLU B 35 -11.20 -6.81 -0.86
N LEU B 36 -11.01 -8.09 -0.55
CA LEU B 36 -10.64 -9.07 -1.58
C LEU B 36 -11.89 -9.74 -2.14
N GLU B 37 -11.97 -11.07 -2.07
CA GLU B 37 -13.14 -11.81 -2.57
C GLU B 37 -13.05 -13.31 -2.28
N VAL B 38 -12.02 -13.98 -2.81
CA VAL B 38 -11.86 -15.41 -2.58
C VAL B 38 -10.84 -15.68 -1.48
N PRO B 39 -11.31 -16.10 -0.30
CA PRO B 39 -10.46 -16.37 0.86
C PRO B 39 -9.68 -17.68 0.72
N HIS B 40 -10.17 -18.56 -0.16
CA HIS B 40 -9.54 -19.85 -0.41
C HIS B 40 -8.10 -19.72 -0.90
N PHE B 41 -7.73 -18.52 -1.35
CA PHE B 41 -6.39 -18.27 -1.86
C PHE B 41 -5.53 -17.51 -0.85
N HIS B 42 -6.13 -17.01 0.21
CA HIS B 42 -5.39 -16.23 1.20
C HIS B 42 -4.39 -17.04 2.01
N HIS B 43 -4.54 -18.36 2.03
CA HIS B 43 -3.60 -19.26 2.73
C HIS B 43 -2.13 -18.95 2.41
N GLU B 44 -1.90 -18.38 1.23
CA GLU B 44 -0.56 -18.02 0.79
C GLU B 44 0.03 -16.94 1.70
N LEU B 45 -0.83 -16.07 2.20
CA LEU B 45 -0.41 -14.96 3.08
C LEU B 45 0.19 -15.47 4.39
N VAL B 46 -0.51 -16.40 5.05
CA VAL B 46 -0.03 -16.97 6.31
C VAL B 46 1.31 -17.67 6.07
N TYR B 47 1.31 -18.55 5.09
CA TYR B 47 2.51 -19.29 4.69
C TYR B 47 3.71 -18.34 4.58
N GLU B 48 3.54 -17.24 3.86
CA GLU B 48 4.60 -16.26 3.66
C GLU B 48 4.93 -15.53 4.96
N ALA B 49 3.89 -15.26 5.76
CA ALA B 49 4.07 -14.57 7.03
C ALA B 49 5.05 -15.32 7.93
N ILE B 50 4.77 -16.61 8.14
CA ILE B 50 5.64 -17.46 8.96
C ILE B 50 7.06 -17.44 8.41
N VAL B 51 7.18 -17.66 7.11
CA VAL B 51 8.46 -17.66 6.42
C VAL B 51 9.21 -16.35 6.70
N MET B 52 8.53 -15.22 6.48
CA MET B 52 9.13 -13.91 6.72
C MET B 52 9.59 -13.75 8.18
N VAL B 53 8.78 -14.23 9.11
CA VAL B 53 9.13 -14.14 10.54
C VAL B 53 10.42 -14.90 10.80
N LEU B 54 10.49 -16.12 10.30
CA LEU B 54 11.67 -16.95 10.46
C LEU B 54 12.91 -16.27 9.89
N GLU B 55 12.78 -15.61 8.74
CA GLU B 55 13.90 -14.92 8.14
C GLU B 55 14.11 -13.51 8.69
N SER B 56 13.33 -13.12 9.68
CA SER B 56 13.47 -11.80 10.27
C SER B 56 14.38 -11.83 11.49
N THR B 57 14.49 -10.70 12.17
CA THR B 57 15.32 -10.61 13.36
C THR B 57 14.72 -9.66 14.36
N GLY B 58 14.70 -10.07 15.62
CA GLY B 58 14.14 -9.24 16.66
C GLY B 58 12.92 -9.87 17.30
N GLU B 59 12.51 -9.35 18.44
CA GLU B 59 11.36 -9.89 19.14
C GLU B 59 10.06 -9.20 18.73
N SER B 60 10.18 -8.14 17.93
CA SER B 60 9.01 -7.37 17.49
C SER B 60 8.19 -8.12 16.42
N ALA B 61 8.80 -8.37 15.26
CA ALA B 61 8.12 -9.13 14.21
C ALA B 61 7.44 -10.42 14.68
N PHE B 62 8.03 -11.10 15.66
CA PHE B 62 7.43 -12.33 16.20
C PHE B 62 6.01 -12.06 16.71
N LYS B 63 5.90 -11.06 17.56
CA LYS B 63 4.60 -10.68 18.14
C LYS B 63 3.68 -10.00 17.12
N MET B 64 4.21 -8.96 16.46
CA MET B 64 3.46 -8.22 15.44
C MET B 64 2.80 -9.13 14.40
N ILE B 65 3.48 -10.19 14.00
CA ILE B 65 2.93 -11.10 13.00
C ILE B 65 2.00 -12.10 13.69
N LEU B 66 2.32 -12.43 14.95
CA LEU B 66 1.51 -13.36 15.72
C LEU B 66 0.09 -12.80 15.89
N ASP B 67 0.02 -11.53 16.30
CA ASP B 67 -1.27 -10.86 16.46
C ASP B 67 -1.97 -10.84 15.12
N LEU B 68 -1.22 -10.37 14.13
CA LEU B 68 -1.70 -10.30 12.76
C LEU B 68 -2.42 -11.59 12.32
N LEU B 69 -1.82 -12.75 12.58
CA LEU B 69 -2.47 -14.00 12.18
C LEU B 69 -3.60 -14.38 13.15
N LYS B 70 -3.43 -14.07 14.43
CA LYS B 70 -4.43 -14.40 15.45
C LYS B 70 -5.71 -13.58 15.34
N SER B 71 -5.60 -12.24 15.32
CA SER B 71 -6.77 -11.37 15.21
C SER B 71 -7.68 -11.77 14.05
N LEU B 72 -7.17 -11.65 12.82
CA LEU B 72 -7.94 -12.10 11.64
C LEU B 72 -8.60 -13.47 11.84
N TRP B 73 -7.97 -14.37 12.59
CA TRP B 73 -8.53 -15.68 12.83
C TRP B 73 -9.70 -15.62 13.82
N LYS B 74 -9.61 -14.72 14.80
CA LYS B 74 -10.66 -14.56 15.79
C LYS B 74 -11.92 -14.06 15.11
N SER B 75 -11.81 -12.94 14.40
CA SER B 75 -12.94 -12.38 13.65
C SER B 75 -13.36 -13.32 12.51
N SER B 76 -12.64 -14.43 12.41
CA SER B 76 -12.89 -15.47 11.41
C SER B 76 -12.88 -14.98 9.97
N THR B 77 -11.74 -14.47 9.52
CA THR B 77 -11.62 -14.01 8.15
C THR B 77 -10.71 -15.00 7.42
N ILE B 78 -10.30 -16.02 8.16
CA ILE B 78 -9.44 -17.09 7.65
C ILE B 78 -10.06 -18.41 8.08
N THR B 79 -10.19 -19.35 7.13
CA THR B 79 -10.81 -20.64 7.41
C THR B 79 -9.85 -21.63 8.06
N ILE B 80 -10.35 -22.82 8.33
CA ILE B 80 -9.55 -23.84 8.98
C ILE B 80 -8.60 -24.45 7.95
N ASP B 81 -9.04 -24.49 6.71
CA ASP B 81 -8.26 -25.05 5.63
C ASP B 81 -7.20 -24.08 5.19
N GLN B 82 -7.35 -22.83 5.60
CA GLN B 82 -6.45 -21.82 5.11
C GLN B 82 -5.20 -21.82 6.00
N MET B 83 -5.41 -22.31 7.22
CA MET B 83 -4.34 -22.31 8.21
C MET B 83 -3.56 -23.58 8.09
N LYS B 84 -4.31 -24.64 7.82
CA LYS B 84 -3.77 -25.97 7.76
C LYS B 84 -2.93 -26.13 6.52
N ARG B 85 -3.22 -25.36 5.52
CA ARG B 85 -2.51 -25.53 4.28
C ARG B 85 -1.31 -24.61 4.26
N GLY B 86 -1.27 -23.69 5.23
CA GLY B 86 -0.17 -22.75 5.29
C GLY B 86 0.99 -23.35 6.08
N TYR B 87 0.67 -23.74 7.32
CA TYR B 87 1.61 -24.33 8.28
C TYR B 87 2.15 -25.68 7.81
N GLU B 88 1.39 -26.38 6.99
CA GLU B 88 1.79 -27.72 6.53
C GLU B 88 2.94 -27.61 5.56
N ARG B 89 2.95 -26.52 4.80
CA ARG B 89 4.01 -26.31 3.83
C ARG B 89 5.31 -25.99 4.55
N ILE B 90 5.18 -25.40 5.74
CA ILE B 90 6.35 -25.03 6.56
C ILE B 90 7.14 -26.26 6.98
N TYR B 91 6.48 -27.42 6.93
CA TYR B 91 7.12 -28.66 7.30
C TYR B 91 7.92 -29.18 6.10
N ASN B 92 7.61 -28.64 4.92
CA ASN B 92 8.30 -28.99 3.70
C ASN B 92 9.42 -28.01 3.37
N GLU B 93 9.15 -26.71 3.56
CA GLU B 93 10.12 -25.67 3.23
C GLU B 93 11.27 -25.61 4.22
N ILE B 94 11.05 -26.09 5.44
CA ILE B 94 12.09 -26.10 6.49
C ILE B 94 13.40 -26.75 6.01
N PRO B 95 13.35 -28.00 5.50
CA PRO B 95 14.55 -28.69 5.00
C PRO B 95 15.31 -27.87 3.94
N ASP B 96 14.58 -27.09 3.14
CA ASP B 96 15.20 -26.27 2.10
C ASP B 96 15.88 -25.06 2.71
N ILE B 97 15.21 -24.45 3.69
CA ILE B 97 15.73 -23.27 4.38
C ILE B 97 16.95 -23.62 5.23
N ASN B 98 16.87 -24.75 5.92
CA ASN B 98 17.95 -25.20 6.80
C ASN B 98 19.07 -25.89 6.04
N LEU B 99 18.72 -26.95 5.32
CA LEU B 99 19.69 -27.75 4.57
C LEU B 99 20.70 -28.36 5.53
N ASP B 100 20.20 -29.26 6.39
CA ASP B 100 21.01 -29.94 7.40
C ASP B 100 21.27 -29.02 8.59
N VAL B 101 21.48 -29.63 9.77
CA VAL B 101 21.73 -28.87 11.01
C VAL B 101 20.57 -27.90 11.28
N PRO B 102 19.42 -28.43 11.69
CA PRO B 102 18.23 -27.62 11.96
C PRO B 102 18.25 -26.95 13.34
N HIS B 103 18.79 -25.74 13.37
CA HIS B 103 18.87 -24.97 14.61
C HIS B 103 17.64 -24.08 14.77
N SER B 104 16.76 -24.12 13.78
CA SER B 104 15.55 -23.31 13.79
C SER B 104 14.49 -23.85 14.74
N TYR B 105 14.72 -25.03 15.30
CA TYR B 105 13.76 -25.66 16.21
C TYR B 105 13.46 -24.75 17.40
N SER B 106 14.43 -23.98 17.81
CA SER B 106 14.23 -23.07 18.92
C SER B 106 13.10 -22.10 18.60
N VAL B 107 13.00 -21.72 17.33
CA VAL B 107 11.95 -20.80 16.92
C VAL B 107 10.74 -21.59 16.39
N LEU B 108 11.02 -22.80 15.86
CA LEU B 108 10.02 -23.62 15.17
C LEU B 108 9.07 -24.29 16.13
N GLU B 109 9.49 -24.50 17.37
CA GLU B 109 8.64 -25.16 18.33
C GLU B 109 7.57 -24.20 18.85
N ARG B 110 7.99 -23.11 19.49
CA ARG B 110 7.02 -22.14 20.02
C ARG B 110 6.07 -21.63 18.94
N PHE B 111 6.59 -20.89 17.96
CA PHE B 111 5.74 -20.40 16.85
C PHE B 111 4.70 -21.41 16.32
N VAL B 112 5.02 -22.71 16.34
CA VAL B 112 4.06 -23.72 15.86
C VAL B 112 3.03 -24.04 16.97
N GLU B 113 3.53 -24.40 18.13
CA GLU B 113 2.73 -24.75 19.31
C GLU B 113 2.07 -23.55 20.00
N GLU B 114 2.58 -22.36 19.71
CA GLU B 114 2.13 -21.11 20.34
C GLU B 114 0.63 -20.96 20.28
N CYS B 115 0.08 -20.97 19.09
CA CYS B 115 -1.35 -20.86 18.86
C CYS B 115 -2.06 -22.16 19.13
N PHE B 116 -1.29 -23.22 19.36
CA PHE B 116 -1.91 -24.53 19.47
C PHE B 116 -2.74 -24.55 20.74
N GLN B 117 -2.28 -23.74 21.67
CA GLN B 117 -2.90 -23.60 22.96
C GLN B 117 -4.04 -22.60 22.94
N ALA B 118 -4.22 -21.91 21.80
CA ALA B 118 -5.23 -20.86 21.71
C ALA B 118 -6.45 -21.32 20.92
N GLY B 119 -6.55 -22.62 20.72
CA GLY B 119 -7.67 -23.21 19.98
C GLY B 119 -7.93 -22.58 18.63
N ILE B 120 -6.87 -22.34 17.84
CA ILE B 120 -7.04 -21.78 16.51
C ILE B 120 -6.40 -22.68 15.45
N ILE B 121 -6.21 -23.94 15.81
CA ILE B 121 -5.61 -24.94 14.91
C ILE B 121 -5.96 -26.33 15.40
N SER B 122 -5.77 -27.32 14.55
CA SER B 122 -6.08 -28.70 14.90
C SER B 122 -4.88 -29.43 15.47
N LYS B 123 -5.17 -30.52 16.17
CA LYS B 123 -4.16 -31.34 16.78
C LYS B 123 -3.33 -32.09 15.74
N GLN B 124 -3.86 -32.19 14.52
CA GLN B 124 -3.17 -32.90 13.43
C GLN B 124 -2.02 -32.04 12.96
N LEU B 125 -2.19 -30.73 13.12
CA LEU B 125 -1.16 -29.79 12.72
C LEU B 125 0.04 -29.91 13.68
N ARG B 126 -0.22 -30.47 14.85
CA ARG B 126 0.86 -30.57 15.82
C ARG B 126 1.58 -31.90 15.61
N ASP B 127 0.82 -32.86 15.06
CA ASP B 127 1.32 -34.23 14.84
C ASP B 127 2.20 -34.29 13.60
N LEU B 128 1.81 -33.54 12.58
CA LEU B 128 2.56 -33.47 11.34
C LEU B 128 3.75 -32.53 11.49
N CYS B 129 4.01 -32.14 12.72
CA CYS B 129 5.09 -31.24 13.03
C CYS B 129 6.28 -32.04 13.57
N PRO B 130 7.50 -31.68 13.15
CA PRO B 130 8.72 -32.37 13.58
C PRO B 130 9.13 -31.99 15.01
N SER B 131 8.16 -32.00 15.91
CA SER B 131 8.40 -31.68 17.31
C SER B 131 9.11 -32.83 18.00
N GLY A 1 1.96 31.51 -3.20
CA GLY A 1 1.45 32.00 -1.88
C GLY A 1 -0.03 31.74 -1.73
N LEU A 2 -0.83 32.79 -1.84
CA LEU A 2 -2.28 32.67 -1.72
C LEU A 2 -2.94 32.70 -3.09
N PRO A 3 -3.70 31.65 -3.41
CA PRO A 3 -4.40 31.54 -4.70
C PRO A 3 -5.49 32.59 -4.86
N LEU A 4 -5.67 33.07 -6.08
CA LEU A 4 -6.68 34.07 -6.37
C LEU A 4 -7.88 33.45 -7.06
N ASP A 5 -9.08 33.79 -6.58
CA ASP A 5 -10.34 33.28 -7.14
C ASP A 5 -10.50 31.77 -6.92
N GLU A 6 -10.37 31.37 -5.67
CA GLU A 6 -10.49 29.96 -5.27
C GLU A 6 -11.77 29.29 -5.80
N ARG A 7 -12.91 29.88 -5.54
CA ARG A 7 -14.19 29.31 -5.98
C ARG A 7 -14.34 29.38 -7.49
N ALA A 8 -13.82 30.46 -8.07
CA ALA A 8 -13.82 30.63 -9.53
C ALA A 8 -12.92 29.55 -10.14
N PHE A 9 -12.08 29.00 -9.30
CA PHE A 9 -11.12 27.99 -9.75
C PHE A 9 -11.75 26.62 -9.63
N GLU A 10 -12.16 26.32 -8.41
CA GLU A 10 -12.78 25.04 -8.07
C GLU A 10 -13.97 24.71 -8.96
N LYS A 11 -14.82 25.70 -9.22
CA LYS A 11 -16.01 25.49 -10.05
C LYS A 11 -15.62 25.06 -11.46
N THR A 12 -14.50 25.58 -11.92
CA THR A 12 -14.00 25.24 -13.25
C THR A 12 -13.41 23.84 -13.29
N LEU A 13 -12.65 23.47 -12.27
CA LEU A 13 -12.02 22.14 -12.17
C LEU A 13 -12.98 20.94 -12.27
N THR A 14 -14.26 21.24 -12.45
CA THR A 14 -15.29 20.21 -12.55
C THR A 14 -15.30 19.37 -13.86
N PRO A 15 -15.56 19.95 -15.05
CA PRO A 15 -15.59 19.17 -16.29
C PRO A 15 -14.18 18.76 -16.75
N ILE A 16 -13.19 19.18 -15.96
CA ILE A 16 -11.79 18.91 -16.26
C ILE A 16 -11.41 17.47 -15.91
N ILE A 17 -11.74 17.06 -14.70
CA ILE A 17 -11.40 15.73 -14.21
C ILE A 17 -12.47 14.69 -14.56
N GLN A 18 -13.69 15.16 -14.75
CA GLN A 18 -14.83 14.29 -15.06
C GLN A 18 -14.58 13.42 -16.29
N GLU A 19 -14.31 14.06 -17.40
CA GLU A 19 -14.04 13.36 -18.65
C GLU A 19 -12.70 12.62 -18.60
N TYR A 20 -11.83 13.08 -17.73
CA TYR A 20 -10.51 12.49 -17.56
C TYR A 20 -10.58 11.03 -17.10
N PHE A 21 -11.53 10.68 -16.25
CA PHE A 21 -11.62 9.31 -15.75
C PHE A 21 -12.21 8.35 -16.77
N GLU A 22 -12.87 8.89 -17.78
CA GLU A 22 -13.45 8.04 -18.82
C GLU A 22 -12.42 7.62 -19.87
N HIS A 23 -11.65 8.60 -20.30
CA HIS A 23 -10.64 8.40 -21.35
C HIS A 23 -9.25 9.00 -21.01
N GLY A 24 -8.70 8.81 -19.76
CA GLY A 24 -7.46 9.53 -19.34
C GLY A 24 -6.50 9.96 -20.42
N ASP A 25 -6.71 11.19 -20.86
CA ASP A 25 -5.91 11.80 -21.89
C ASP A 25 -5.31 13.04 -21.28
N THR A 26 -4.00 13.07 -21.15
CA THR A 26 -3.32 14.18 -20.50
C THR A 26 -3.30 15.42 -21.39
N ASN A 27 -3.38 15.19 -22.70
CA ASN A 27 -3.35 16.26 -23.69
C ASN A 27 -4.53 17.19 -23.48
N GLU A 28 -5.69 16.60 -23.20
CA GLU A 28 -6.91 17.36 -22.95
C GLU A 28 -6.68 18.36 -21.82
N VAL A 29 -6.11 17.86 -20.72
CA VAL A 29 -5.83 18.67 -19.56
C VAL A 29 -4.80 19.78 -19.87
N ALA A 30 -3.72 19.39 -20.53
CA ALA A 30 -2.65 20.33 -20.88
C ALA A 30 -3.17 21.51 -21.68
N GLU A 31 -3.89 21.21 -22.77
CA GLU A 31 -4.48 22.24 -23.62
C GLU A 31 -5.28 23.25 -22.80
N MET A 32 -6.08 22.74 -21.86
CA MET A 32 -6.90 23.61 -21.02
C MET A 32 -6.05 24.41 -20.04
N LEU A 33 -4.94 23.84 -19.62
CA LEU A 33 -4.03 24.50 -18.69
C LEU A 33 -3.45 25.78 -19.28
N ARG A 34 -2.97 25.70 -20.51
CA ARG A 34 -2.40 26.88 -21.18
C ARG A 34 -3.49 27.91 -21.43
N ASP A 35 -4.70 27.41 -21.66
CA ASP A 35 -5.85 28.26 -21.90
C ASP A 35 -6.14 29.12 -20.67
N LEU A 36 -6.18 28.49 -19.51
CA LEU A 36 -6.42 29.19 -18.26
C LEU A 36 -5.20 30.05 -17.90
N ASN A 37 -4.03 29.43 -17.97
CA ASN A 37 -2.75 30.09 -17.68
C ASN A 37 -2.67 30.64 -16.25
N LEU A 38 -2.16 29.82 -15.34
CA LEU A 38 -2.02 30.21 -13.94
C LEU A 38 -0.61 29.90 -13.46
N GLY A 39 -0.17 30.60 -12.42
CA GLY A 39 1.16 30.37 -11.88
C GLY A 39 1.13 29.42 -10.70
N GLU A 40 0.96 29.97 -9.50
CA GLU A 40 0.89 29.16 -8.29
C GLU A 40 -0.43 28.41 -8.28
N MET A 41 -1.43 29.03 -8.90
CA MET A 41 -2.76 28.44 -9.00
C MET A 41 -2.73 27.22 -9.90
N LYS A 42 -1.69 27.13 -10.72
CA LYS A 42 -1.50 26.01 -11.63
C LYS A 42 -1.27 24.73 -10.84
N SER A 43 -0.69 24.89 -9.66
CA SER A 43 -0.41 23.75 -8.79
C SER A 43 -1.70 23.21 -8.15
N GLY A 44 -2.78 23.98 -8.31
CA GLY A 44 -4.07 23.59 -7.77
C GLY A 44 -4.69 22.45 -8.54
N VAL A 45 -4.68 22.57 -9.88
CA VAL A 45 -5.23 21.55 -10.76
C VAL A 45 -4.87 20.10 -10.34
N PRO A 46 -3.57 19.76 -10.23
CA PRO A 46 -3.16 18.40 -9.83
C PRO A 46 -3.64 18.02 -8.43
N VAL A 47 -3.93 19.03 -7.61
CA VAL A 47 -4.40 18.81 -6.25
C VAL A 47 -5.82 18.28 -6.24
N LEU A 48 -6.73 18.96 -6.96
CA LEU A 48 -8.11 18.54 -7.00
C LEU A 48 -8.26 17.17 -7.63
N ALA A 49 -7.66 16.99 -8.81
CA ALA A 49 -7.66 15.69 -9.48
C ALA A 49 -7.27 14.57 -8.53
N VAL A 50 -6.43 14.90 -7.56
CA VAL A 50 -5.98 13.92 -6.58
C VAL A 50 -7.00 13.79 -5.44
N SER A 51 -7.56 14.92 -5.04
CA SER A 51 -8.51 14.95 -3.93
C SER A 51 -9.82 14.25 -4.27
N LEU A 52 -10.46 14.66 -5.36
CA LEU A 52 -11.70 14.04 -5.81
C LEU A 52 -11.50 12.58 -6.18
N ALA A 53 -10.24 12.19 -6.33
CA ALA A 53 -9.93 10.83 -6.74
C ALA A 53 -9.98 9.91 -5.52
N LEU A 54 -9.85 10.52 -4.35
CA LEU A 54 -9.84 9.79 -3.09
C LEU A 54 -11.17 9.06 -2.85
N GLU A 55 -12.27 9.80 -2.85
CA GLU A 55 -13.58 9.21 -2.62
C GLU A 55 -14.34 8.97 -3.90
N GLY A 56 -13.60 8.73 -4.97
CA GLY A 56 -14.21 8.49 -6.26
C GLY A 56 -14.33 7.01 -6.54
N LYS A 57 -13.20 6.33 -6.58
CA LYS A 57 -13.14 4.89 -6.83
C LYS A 57 -11.69 4.42 -6.73
N ALA A 58 -11.49 3.12 -6.59
CA ALA A 58 -10.14 2.56 -6.48
C ALA A 58 -9.42 2.66 -7.82
N SER A 59 -10.16 2.39 -8.89
CA SER A 59 -9.61 2.46 -10.22
C SER A 59 -9.38 3.91 -10.59
N HIS A 60 -10.09 4.79 -9.90
CA HIS A 60 -9.98 6.20 -10.17
C HIS A 60 -8.68 6.75 -9.65
N ARG A 61 -8.05 6.05 -8.71
CA ARG A 61 -6.80 6.50 -8.12
C ARG A 61 -5.62 6.06 -8.99
N GLU A 62 -5.85 5.08 -9.88
CA GLU A 62 -4.75 4.53 -10.69
C GLU A 62 -4.48 5.43 -11.90
N MET A 63 -5.56 5.78 -12.58
CA MET A 63 -5.51 6.62 -13.78
C MET A 63 -4.95 8.01 -13.49
N THR A 64 -4.90 8.37 -12.21
CA THR A 64 -4.43 9.66 -11.76
C THR A 64 -2.91 9.73 -11.67
N SER A 65 -2.24 8.57 -11.71
CA SER A 65 -0.80 8.54 -11.44
C SER A 65 0.04 9.17 -12.55
N LYS A 66 -0.38 8.97 -13.79
CA LYS A 66 0.31 9.50 -14.96
C LYS A 66 0.30 11.03 -14.95
N LEU A 67 -0.92 11.59 -14.94
CA LEU A 67 -1.08 13.06 -14.92
C LEU A 67 -0.04 13.90 -14.17
N LEU A 68 0.44 13.51 -13.00
CA LEU A 68 1.42 14.37 -12.32
C LEU A 68 2.68 14.59 -13.19
N SER A 69 3.40 13.52 -13.47
CA SER A 69 4.60 13.56 -14.31
C SER A 69 4.27 13.99 -15.75
N ASP A 70 3.24 13.37 -16.32
CA ASP A 70 2.80 13.67 -17.68
C ASP A 70 2.63 15.17 -17.92
N LEU A 71 2.00 15.85 -16.96
CA LEU A 71 1.82 17.30 -17.07
C LEU A 71 3.10 18.07 -16.78
N CYS A 72 4.01 17.49 -15.99
CA CYS A 72 5.25 18.16 -15.64
C CYS A 72 6.16 18.15 -16.86
N GLY A 73 6.97 19.19 -17.02
CA GLY A 73 7.83 19.27 -18.17
C GLY A 73 7.07 19.82 -19.36
N THR A 74 5.86 19.31 -19.55
CA THR A 74 5.00 19.74 -20.63
C THR A 74 4.42 21.12 -20.37
N VAL A 75 3.72 21.28 -19.24
CA VAL A 75 3.10 22.55 -18.90
C VAL A 75 3.19 22.84 -17.40
N MET A 76 4.10 22.18 -16.71
CA MET A 76 4.28 22.37 -15.27
C MET A 76 5.71 22.05 -14.86
N SER A 77 6.20 22.73 -13.83
CA SER A 77 7.56 22.48 -13.36
C SER A 77 7.55 21.62 -12.10
N THR A 78 8.54 20.72 -12.00
CA THR A 78 8.70 19.85 -10.84
C THR A 78 8.45 20.57 -9.50
N THR A 79 8.87 21.83 -9.41
CA THR A 79 8.69 22.62 -8.22
C THR A 79 7.20 22.79 -7.89
N ASP A 80 6.39 22.94 -8.92
CA ASP A 80 4.95 23.13 -8.77
C ASP A 80 4.32 21.87 -8.17
N VAL A 81 4.77 20.71 -8.67
CA VAL A 81 4.26 19.42 -8.19
C VAL A 81 4.51 19.27 -6.70
N GLU A 82 5.72 19.62 -6.27
CA GLU A 82 6.10 19.56 -4.87
C GLU A 82 5.21 20.48 -4.05
N LYS A 83 4.81 21.59 -4.66
CA LYS A 83 3.95 22.57 -4.00
C LYS A 83 2.53 22.05 -3.86
N SER A 84 2.14 21.07 -4.67
CA SER A 84 0.80 20.52 -4.62
C SER A 84 0.65 19.67 -3.37
N PHE A 85 1.59 18.75 -3.16
CA PHE A 85 1.58 17.87 -1.99
C PHE A 85 1.54 18.69 -0.71
N ASP A 86 2.16 19.86 -0.76
CA ASP A 86 2.22 20.77 0.37
C ASP A 86 0.80 21.20 0.75
N LYS A 87 0.08 21.67 -0.27
CA LYS A 87 -1.29 22.14 -0.08
C LYS A 87 -2.23 20.99 0.22
N LEU A 88 -1.95 19.83 -0.37
CA LEU A 88 -2.78 18.65 -0.15
C LEU A 88 -2.68 18.18 1.30
N LEU A 89 -1.46 17.82 1.72
CA LEU A 89 -1.20 17.40 3.09
C LEU A 89 -1.76 18.37 4.13
N LYS A 90 -1.78 19.66 3.80
CA LYS A 90 -2.29 20.67 4.72
C LYS A 90 -3.82 20.67 4.73
N ASP A 91 -4.42 20.15 3.67
CA ASP A 91 -5.87 20.10 3.55
C ASP A 91 -6.40 18.78 4.08
N LEU A 92 -5.67 17.69 3.79
CA LEU A 92 -6.03 16.33 4.26
C LEU A 92 -6.76 16.23 5.61
N PRO A 93 -6.34 16.94 6.67
CA PRO A 93 -7.04 16.90 7.95
C PRO A 93 -8.58 17.01 7.86
N GLU A 94 -9.14 17.64 6.83
CA GLU A 94 -10.60 17.76 6.75
C GLU A 94 -11.23 16.51 6.12
N LEU A 95 -10.85 16.23 4.86
CA LEU A 95 -11.33 15.03 4.16
C LEU A 95 -11.08 13.73 4.91
N ALA A 96 -10.15 13.75 5.86
CA ALA A 96 -9.85 12.55 6.64
C ALA A 96 -11.09 12.10 7.45
N LEU A 97 -12.02 13.02 7.65
CA LEU A 97 -13.24 12.73 8.39
C LEU A 97 -14.20 11.89 7.55
N ASP A 98 -14.52 12.37 6.34
CA ASP A 98 -15.42 11.66 5.44
C ASP A 98 -14.74 10.46 4.78
N THR A 99 -13.44 10.35 4.99
CA THR A 99 -12.65 9.26 4.42
C THR A 99 -11.63 8.79 5.45
N PRO A 100 -12.02 7.82 6.30
CA PRO A 100 -11.14 7.29 7.35
C PRO A 100 -9.82 6.76 6.80
N ARG A 101 -9.87 6.12 5.63
CA ARG A 101 -8.67 5.57 5.02
C ARG A 101 -8.00 6.56 4.08
N ALA A 102 -8.37 7.83 4.17
CA ALA A 102 -7.78 8.87 3.31
C ALA A 102 -6.28 9.05 3.57
N PRO A 103 -5.85 9.35 4.83
CA PRO A 103 -4.43 9.53 5.15
C PRO A 103 -3.62 8.27 4.90
N GLN A 104 -4.33 7.16 4.80
CA GLN A 104 -3.71 5.87 4.55
C GLN A 104 -3.36 5.78 3.08
N LEU A 105 -4.31 6.16 2.24
CA LEU A 105 -4.13 6.16 0.80
C LEU A 105 -3.24 7.31 0.34
N VAL A 106 -3.23 8.41 1.10
CA VAL A 106 -2.43 9.58 0.75
C VAL A 106 -0.94 9.22 0.68
N GLY A 107 -0.41 8.63 1.73
CA GLY A 107 0.99 8.21 1.73
C GLY A 107 1.37 7.38 0.52
N GLN A 108 0.41 6.60 0.02
CA GLN A 108 0.65 5.78 -1.16
C GLN A 108 0.93 6.67 -2.37
N PHE A 109 0.30 7.85 -2.38
CA PHE A 109 0.47 8.81 -3.45
C PHE A 109 1.79 9.56 -3.41
N ILE A 110 2.35 9.73 -2.23
CA ILE A 110 3.60 10.45 -2.07
C ILE A 110 4.73 9.53 -2.46
N ALA A 111 4.36 8.27 -2.47
CA ALA A 111 5.34 7.21 -2.72
C ALA A 111 5.63 7.16 -4.21
N ARG A 112 4.55 7.09 -4.96
CA ARG A 112 4.60 7.05 -6.40
C ARG A 112 5.32 8.26 -7.00
N ALA A 113 5.27 9.40 -6.31
CA ALA A 113 5.91 10.62 -6.82
C ALA A 113 7.43 10.47 -6.89
N VAL A 114 7.99 9.93 -5.82
CA VAL A 114 9.41 9.69 -5.73
C VAL A 114 9.79 8.54 -6.65
N GLY A 115 8.81 7.69 -6.90
CA GLY A 115 9.00 6.52 -7.72
C GLY A 115 9.10 6.85 -9.19
N ASP A 116 8.20 7.70 -9.66
CA ASP A 116 8.18 8.08 -11.07
C ASP A 116 9.08 9.30 -11.34
N GLY A 117 9.54 9.94 -10.27
CA GLY A 117 10.42 11.09 -10.43
C GLY A 117 9.69 12.41 -10.55
N ILE A 118 8.67 12.61 -9.72
CA ILE A 118 7.91 13.85 -9.72
C ILE A 118 8.03 14.54 -8.38
N LEU A 119 8.94 14.04 -7.55
CA LEU A 119 9.16 14.59 -6.22
C LEU A 119 10.51 14.14 -5.70
N CYS A 120 11.24 15.07 -5.10
CA CYS A 120 12.54 14.73 -4.53
C CYS A 120 12.37 13.94 -3.25
N ASN A 121 13.19 12.90 -3.08
CA ASN A 121 13.12 12.04 -1.90
C ASN A 121 13.37 12.81 -0.61
N THR A 122 14.03 13.96 -0.73
CA THR A 122 14.34 14.80 0.41
C THR A 122 13.09 15.50 0.97
N TYR A 123 11.93 15.25 0.37
CA TYR A 123 10.69 15.88 0.82
C TYR A 123 10.33 15.33 2.19
N ILE A 124 10.47 14.01 2.32
CA ILE A 124 10.18 13.32 3.56
C ILE A 124 11.07 13.83 4.68
N ASP A 125 12.36 13.96 4.39
CA ASP A 125 13.33 14.45 5.37
C ASP A 125 12.99 15.85 5.84
N SER A 126 12.50 16.66 4.91
CA SER A 126 12.13 18.05 5.22
C SER A 126 10.91 18.13 6.12
N TYR A 127 10.07 17.10 6.07
CA TYR A 127 8.90 17.05 6.93
C TYR A 127 9.13 16.04 8.05
N LYS A 128 10.39 15.70 8.28
CA LYS A 128 10.76 14.69 9.27
C LYS A 128 10.74 15.11 10.74
N GLY A 129 9.72 15.86 11.13
CA GLY A 129 9.61 16.26 12.52
C GLY A 129 9.08 17.65 12.62
N THR A 130 9.15 18.31 11.49
CA THR A 130 8.71 19.67 11.32
C THR A 130 7.19 19.70 11.35
N VAL A 131 6.59 18.60 10.94
CA VAL A 131 5.14 18.48 10.90
C VAL A 131 4.55 18.43 12.30
N ASP A 132 3.71 19.39 12.62
CA ASP A 132 3.05 19.46 13.91
C ASP A 132 1.61 18.97 13.79
N CYS A 133 1.38 18.13 12.79
CA CYS A 133 0.05 17.57 12.51
C CYS A 133 0.15 16.05 12.44
N VAL A 134 -0.77 15.36 13.12
CA VAL A 134 -0.77 13.90 13.12
C VAL A 134 -1.11 13.32 11.74
N GLN A 135 -2.22 13.78 11.16
CA GLN A 135 -2.64 13.34 9.83
C GLN A 135 -1.51 13.41 8.81
N ALA A 136 -0.82 14.53 8.75
CA ALA A 136 0.28 14.69 7.81
C ALA A 136 1.45 13.76 8.18
N ARG A 137 1.71 13.63 9.47
CA ARG A 137 2.77 12.77 9.97
C ARG A 137 2.55 11.33 9.52
N ALA A 138 1.36 10.79 9.80
CA ALA A 138 1.03 9.42 9.43
C ALA A 138 1.13 9.19 7.93
N ALA A 139 0.85 10.23 7.15
CA ALA A 139 0.92 10.13 5.70
C ALA A 139 2.36 9.88 5.26
N LEU A 140 3.30 10.52 5.94
CA LEU A 140 4.71 10.36 5.62
C LEU A 140 5.19 8.99 6.08
N ASP A 141 4.66 8.55 7.20
CA ASP A 141 5.01 7.24 7.76
C ASP A 141 4.45 6.14 6.87
N LYS A 142 3.49 6.53 6.05
CA LYS A 142 2.83 5.59 5.15
C LYS A 142 3.74 5.34 3.96
N ALA A 143 4.20 6.43 3.37
CA ALA A 143 5.06 6.38 2.21
C ALA A 143 6.42 5.75 2.53
N THR A 144 6.90 5.95 3.75
CA THR A 144 8.20 5.41 4.16
C THR A 144 8.29 3.90 3.93
N VAL A 145 7.24 3.17 4.29
CA VAL A 145 7.19 1.73 4.12
C VAL A 145 7.25 1.32 2.65
N LEU A 146 6.44 1.99 1.85
CA LEU A 146 6.37 1.72 0.41
C LEU A 146 7.72 1.87 -0.29
N LEU A 147 8.52 2.81 0.19
CA LEU A 147 9.84 3.06 -0.39
C LEU A 147 10.73 1.81 -0.32
N SER A 148 10.70 1.14 0.83
CA SER A 148 11.50 -0.06 1.03
C SER A 148 10.86 -1.27 0.33
N MET A 149 9.52 -1.23 0.26
CA MET A 149 8.75 -2.31 -0.36
C MET A 149 9.12 -2.50 -1.82
N SER A 150 8.98 -1.42 -2.59
CA SER A 150 9.27 -1.45 -4.02
C SER A 150 10.76 -1.56 -4.33
N LYS A 151 11.58 -1.76 -3.31
CA LYS A 151 13.02 -1.90 -3.49
C LYS A 151 13.48 -3.30 -3.11
N GLY A 152 12.99 -3.80 -1.98
CA GLY A 152 13.39 -5.13 -1.53
C GLY A 152 12.52 -6.22 -2.10
N GLY A 153 11.23 -5.94 -2.27
CA GLY A 153 10.31 -6.93 -2.81
C GLY A 153 10.30 -6.96 -4.31
N LYS A 154 11.47 -7.05 -4.92
CA LYS A 154 11.60 -7.07 -6.36
C LYS A 154 11.44 -8.50 -6.88
N ARG A 155 10.28 -9.12 -6.59
CA ARG A 155 10.01 -10.49 -7.04
C ARG A 155 9.50 -10.53 -8.48
N LYS A 156 9.43 -9.36 -9.10
CA LYS A 156 8.98 -9.23 -10.47
C LYS A 156 9.53 -7.94 -11.07
N ASP A 157 10.29 -8.08 -12.14
CA ASP A 157 10.89 -6.91 -12.81
C ASP A 157 11.17 -7.25 -14.27
N SER A 158 11.49 -6.22 -15.05
CA SER A 158 11.78 -6.37 -16.47
C SER A 158 13.25 -6.71 -16.72
N VAL A 159 13.89 -7.31 -15.72
CA VAL A 159 15.29 -7.69 -15.81
C VAL A 159 15.50 -8.72 -16.93
N TRP A 160 14.55 -9.63 -17.05
CA TRP A 160 14.63 -10.67 -18.07
C TRP A 160 13.75 -10.34 -19.26
N GLY A 161 13.48 -9.06 -19.45
CA GLY A 161 12.66 -8.62 -20.56
C GLY A 161 11.17 -8.81 -20.29
N SER A 162 10.44 -7.71 -20.29
CA SER A 162 9.00 -7.74 -20.05
C SER A 162 8.34 -6.51 -20.68
N GLY A 163 7.40 -6.73 -21.58
CA GLY A 163 6.73 -5.61 -22.22
C GLY A 163 5.58 -6.05 -23.09
N GLY B 1 2.73 -5.21 -23.58
CA GLY B 1 1.89 -5.74 -24.67
C GLY B 1 0.82 -4.76 -25.07
N GLY B 2 -0.09 -5.18 -25.94
CA GLY B 2 -1.16 -4.30 -26.39
C GLY B 2 -2.14 -3.96 -25.29
N GLN B 3 -2.50 -4.97 -24.50
CA GLN B 3 -3.42 -4.78 -23.41
C GLN B 3 -2.97 -5.58 -22.18
N GLN B 4 -3.04 -4.95 -21.02
CA GLN B 4 -2.64 -5.60 -19.78
C GLN B 4 -3.88 -5.90 -18.94
N PRO B 5 -4.13 -7.18 -18.64
CA PRO B 5 -5.29 -7.61 -17.84
C PRO B 5 -5.18 -7.16 -16.38
N VAL B 6 -6.24 -7.37 -15.63
CA VAL B 6 -6.26 -7.00 -14.22
C VAL B 6 -5.21 -7.76 -13.42
N ASN B 7 -4.50 -7.04 -12.57
CA ASN B 7 -3.44 -7.63 -11.75
C ASN B 7 -4.02 -8.62 -10.75
N HIS B 8 -3.30 -9.72 -10.56
CA HIS B 8 -3.71 -10.76 -9.62
C HIS B 8 -2.50 -11.52 -9.11
N LEU B 9 -2.46 -11.73 -7.80
CA LEU B 9 -1.37 -12.42 -7.11
C LEU B 9 -0.08 -11.60 -7.01
N VAL B 10 0.21 -10.80 -8.03
CA VAL B 10 1.40 -9.99 -8.05
C VAL B 10 1.28 -8.78 -7.13
N LYS B 11 2.13 -8.77 -6.10
CA LYS B 11 2.18 -7.69 -5.10
C LYS B 11 1.00 -7.68 -4.13
N GLU B 12 -0.07 -8.41 -4.45
CA GLU B 12 -1.24 -8.46 -3.59
C GLU B 12 -0.90 -9.00 -2.20
N ILE B 13 -0.47 -10.26 -2.16
CA ILE B 13 -0.11 -10.91 -0.91
C ILE B 13 1.18 -10.33 -0.32
N ASP B 14 2.07 -9.91 -1.20
CA ASP B 14 3.36 -9.36 -0.79
C ASP B 14 3.18 -8.04 -0.03
N MET B 15 2.27 -7.20 -0.52
CA MET B 15 2.02 -5.89 0.10
C MET B 15 1.48 -6.03 1.51
N LEU B 16 0.57 -6.99 1.70
CA LEU B 16 -0.05 -7.22 2.99
C LEU B 16 0.98 -7.44 4.09
N LEU B 17 1.92 -8.36 3.85
CA LEU B 17 2.94 -8.69 4.83
C LEU B 17 4.02 -7.62 4.95
N LYS B 18 4.43 -7.03 3.83
CA LYS B 18 5.46 -6.01 3.84
C LYS B 18 5.00 -4.75 4.55
N GLU B 19 3.82 -4.26 4.16
CA GLU B 19 3.25 -3.05 4.75
C GLU B 19 3.05 -3.23 6.24
N TYR B 20 2.46 -4.36 6.63
CA TYR B 20 2.19 -4.66 8.02
C TYR B 20 3.46 -4.72 8.88
N LEU B 21 4.51 -5.37 8.37
CA LEU B 21 5.76 -5.51 9.09
C LEU B 21 6.49 -4.19 9.28
N LEU B 22 6.30 -3.27 8.34
CA LEU B 22 6.96 -1.98 8.41
C LEU B 22 6.11 -0.91 9.09
N SER B 23 4.82 -0.86 8.72
CA SER B 23 3.91 0.11 9.30
C SER B 23 3.57 -0.23 10.74
N GLY B 24 2.79 -1.27 10.97
CA GLY B 24 2.41 -1.65 12.31
C GLY B 24 0.91 -1.88 12.44
N ASP B 25 0.14 -1.12 11.69
CA ASP B 25 -1.33 -1.22 11.73
C ASP B 25 -1.85 -2.39 10.88
N ILE B 26 -2.72 -3.20 11.48
CA ILE B 26 -3.29 -4.37 10.82
C ILE B 26 -4.38 -4.00 9.80
N SER B 27 -5.06 -2.87 10.03
CA SER B 27 -6.18 -2.43 9.19
C SER B 27 -5.88 -2.46 7.71
N GLU B 28 -4.69 -2.01 7.33
CA GLU B 28 -4.29 -2.01 5.94
C GLU B 28 -4.31 -3.41 5.36
N ALA B 29 -3.80 -4.37 6.12
CA ALA B 29 -3.77 -5.75 5.69
C ALA B 29 -5.16 -6.37 5.71
N GLU B 30 -5.85 -6.21 6.84
CA GLU B 30 -7.19 -6.76 7.03
C GLU B 30 -8.18 -6.27 5.98
N HIS B 31 -8.18 -4.97 5.72
CA HIS B 31 -9.12 -4.40 4.74
C HIS B 31 -8.85 -4.91 3.33
N CYS B 32 -7.57 -4.97 2.95
CA CYS B 32 -7.21 -5.42 1.62
C CYS B 32 -7.47 -6.91 1.44
N LEU B 33 -7.34 -7.67 2.52
CA LEU B 33 -7.59 -9.10 2.47
C LEU B 33 -9.07 -9.38 2.19
N LYS B 34 -9.93 -8.55 2.77
CA LYS B 34 -11.37 -8.67 2.58
C LYS B 34 -11.73 -8.23 1.15
N GLU B 35 -10.83 -7.45 0.60
CA GLU B 35 -10.95 -6.91 -0.75
C GLU B 35 -10.56 -7.94 -1.81
N LEU B 36 -10.30 -9.19 -1.38
CA LEU B 36 -9.88 -10.27 -2.29
C LEU B 36 -11.08 -11.01 -2.92
N GLU B 37 -10.84 -12.23 -3.44
CA GLU B 37 -11.90 -13.01 -4.09
C GLU B 37 -11.92 -14.47 -3.59
N VAL B 38 -10.79 -15.17 -3.72
CA VAL B 38 -10.70 -16.57 -3.31
C VAL B 38 -10.24 -16.73 -1.86
N PRO B 39 -11.13 -17.26 -1.00
CA PRO B 39 -10.84 -17.48 0.41
C PRO B 39 -10.02 -18.74 0.65
N HIS B 40 -10.17 -19.72 -0.25
CA HIS B 40 -9.46 -20.99 -0.14
C HIS B 40 -7.96 -20.83 -0.41
N PHE B 41 -7.61 -19.73 -1.07
CA PHE B 41 -6.21 -19.47 -1.40
C PHE B 41 -5.55 -18.59 -0.34
N HIS B 42 -6.25 -18.37 0.77
CA HIS B 42 -5.72 -17.54 1.85
C HIS B 42 -4.54 -18.20 2.57
N HIS B 43 -4.32 -19.48 2.30
CA HIS B 43 -3.22 -20.22 2.94
C HIS B 43 -1.85 -19.66 2.57
N GLU B 44 -1.75 -19.09 1.38
CA GLU B 44 -0.49 -18.49 0.93
C GLU B 44 -0.05 -17.35 1.84
N LEU B 45 -1.01 -16.60 2.38
CA LEU B 45 -0.70 -15.49 3.27
C LEU B 45 -0.13 -16.03 4.58
N VAL B 46 -0.57 -17.22 4.92
CA VAL B 46 -0.12 -17.90 6.15
C VAL B 46 1.29 -18.44 5.96
N TYR B 47 1.47 -19.23 4.90
CA TYR B 47 2.76 -19.83 4.57
C TYR B 47 3.88 -18.78 4.57
N GLU B 48 3.71 -17.71 3.80
CA GLU B 48 4.73 -16.67 3.72
C GLU B 48 4.98 -16.03 5.08
N ALA B 49 3.92 -15.76 5.82
CA ALA B 49 4.02 -15.16 7.16
C ALA B 49 4.90 -16.00 8.09
N ILE B 50 4.67 -17.30 8.12
CA ILE B 50 5.44 -18.20 8.97
C ILE B 50 6.92 -18.20 8.54
N VAL B 51 7.14 -18.35 7.24
CA VAL B 51 8.50 -18.34 6.67
C VAL B 51 9.26 -17.09 7.11
N MET B 52 8.58 -15.95 7.07
CA MET B 52 9.21 -14.69 7.48
C MET B 52 9.74 -14.78 8.91
N VAL B 53 8.86 -15.16 9.83
CA VAL B 53 9.23 -15.32 11.24
C VAL B 53 10.52 -16.12 11.42
N LEU B 54 10.66 -17.19 10.65
CA LEU B 54 11.84 -18.05 10.75
C LEU B 54 13.07 -17.39 10.11
N GLU B 55 12.84 -16.65 9.04
CA GLU B 55 13.90 -15.97 8.29
C GLU B 55 14.12 -14.54 8.80
N SER B 56 13.55 -14.20 9.94
CA SER B 56 13.69 -12.85 10.47
C SER B 56 14.44 -12.86 11.81
N THR B 57 15.30 -11.86 11.98
CA THR B 57 16.09 -11.73 13.18
C THR B 57 15.43 -10.73 14.13
N GLY B 58 14.93 -11.21 15.24
CA GLY B 58 14.29 -10.34 16.21
C GLY B 58 13.03 -10.94 16.77
N GLU B 59 12.76 -10.69 18.03
CA GLU B 59 11.58 -11.21 18.70
C GLU B 59 10.35 -10.39 18.34
N SER B 60 10.58 -9.21 17.80
CA SER B 60 9.49 -8.31 17.40
C SER B 60 8.64 -8.94 16.29
N ALA B 61 9.31 -9.62 15.37
CA ALA B 61 8.64 -10.26 14.25
C ALA B 61 7.62 -11.30 14.71
N PHE B 62 7.97 -12.07 15.72
CA PHE B 62 7.10 -13.12 16.25
C PHE B 62 5.76 -12.55 16.72
N LYS B 63 5.81 -11.69 17.73
CA LYS B 63 4.62 -11.08 18.30
C LYS B 63 3.80 -10.31 17.26
N MET B 64 4.47 -9.76 16.27
CA MET B 64 3.80 -8.99 15.23
C MET B 64 3.13 -9.90 14.22
N ILE B 65 3.88 -10.87 13.71
CA ILE B 65 3.36 -11.79 12.69
C ILE B 65 2.34 -12.78 13.24
N LEU B 66 2.62 -13.41 14.39
CA LEU B 66 1.68 -14.38 14.96
C LEU B 66 0.35 -13.72 15.31
N ASP B 67 0.42 -12.53 15.89
CA ASP B 67 -0.79 -11.80 16.27
C ASP B 67 -1.56 -11.42 15.02
N LEU B 68 -0.86 -11.32 13.91
CA LEU B 68 -1.49 -10.99 12.63
C LEU B 68 -2.42 -12.14 12.24
N LEU B 69 -1.93 -13.36 12.37
CA LEU B 69 -2.71 -14.54 12.03
C LEU B 69 -3.88 -14.65 13.01
N LYS B 70 -3.56 -14.57 14.30
CA LYS B 70 -4.58 -14.63 15.35
C LYS B 70 -5.62 -13.53 15.17
N SER B 71 -5.20 -12.45 14.55
CA SER B 71 -6.09 -11.32 14.31
C SER B 71 -7.11 -11.68 13.25
N LEU B 72 -6.64 -12.37 12.22
CA LEU B 72 -7.49 -12.83 11.15
C LEU B 72 -8.50 -13.85 11.66
N TRP B 73 -8.12 -14.60 12.69
CA TRP B 73 -9.02 -15.57 13.30
C TRP B 73 -10.11 -14.83 14.05
N LYS B 74 -9.71 -13.80 14.80
CA LYS B 74 -10.65 -12.94 15.52
C LYS B 74 -11.76 -12.43 14.60
N SER B 75 -11.41 -12.20 13.34
CA SER B 75 -12.34 -11.71 12.32
C SER B 75 -12.72 -12.82 11.34
N SER B 76 -12.62 -14.08 11.80
CA SER B 76 -12.86 -15.27 10.98
C SER B 76 -12.55 -15.08 9.48
N THR B 77 -11.33 -14.68 9.15
CA THR B 77 -10.94 -14.49 7.76
C THR B 77 -10.07 -15.65 7.28
N ILE B 78 -9.84 -16.60 8.17
CA ILE B 78 -9.02 -17.77 7.86
C ILE B 78 -9.77 -19.05 8.23
N THR B 79 -9.73 -20.03 7.34
CA THR B 79 -10.37 -21.31 7.58
C THR B 79 -9.33 -22.33 8.04
N ILE B 80 -9.69 -23.14 9.03
CA ILE B 80 -8.80 -24.17 9.57
C ILE B 80 -8.14 -25.02 8.47
N ASP B 81 -8.86 -25.30 7.40
CA ASP B 81 -8.31 -26.09 6.28
C ASP B 81 -7.11 -25.38 5.67
N GLN B 82 -7.24 -24.08 5.48
CA GLN B 82 -6.17 -23.25 4.91
C GLN B 82 -4.98 -23.20 5.86
N MET B 83 -5.26 -22.90 7.13
CA MET B 83 -4.23 -22.82 8.17
C MET B 83 -3.47 -24.13 8.28
N LYS B 84 -4.20 -25.23 8.15
CA LYS B 84 -3.61 -26.56 8.23
C LYS B 84 -2.70 -26.81 7.03
N ARG B 85 -3.20 -26.52 5.84
CA ARG B 85 -2.43 -26.70 4.61
C ARG B 85 -1.14 -25.88 4.64
N GLY B 86 -1.21 -24.70 5.25
CA GLY B 86 -0.04 -23.85 5.35
C GLY B 86 1.02 -24.49 6.24
N TYR B 87 0.57 -25.03 7.37
CA TYR B 87 1.45 -25.69 8.32
C TYR B 87 2.06 -26.95 7.72
N GLU B 88 1.24 -27.70 6.99
CA GLU B 88 1.69 -28.93 6.35
C GLU B 88 2.85 -28.66 5.40
N ARG B 89 2.81 -27.53 4.70
CA ARG B 89 3.88 -27.16 3.79
C ARG B 89 5.15 -26.85 4.59
N ILE B 90 4.98 -26.21 5.74
CA ILE B 90 6.10 -25.85 6.61
C ILE B 90 6.91 -27.07 7.03
N TYR B 91 6.21 -28.20 7.17
CA TYR B 91 6.84 -29.45 7.55
C TYR B 91 7.82 -29.91 6.48
N ASN B 92 7.50 -29.58 5.24
CA ASN B 92 8.33 -29.95 4.10
C ASN B 92 9.43 -28.92 3.86
N GLU B 93 9.17 -27.67 4.20
CA GLU B 93 10.13 -26.60 3.98
C GLU B 93 11.29 -26.67 4.97
N ILE B 94 11.03 -27.23 6.15
CA ILE B 94 12.05 -27.35 7.19
C ILE B 94 13.38 -27.95 6.71
N PRO B 95 13.38 -29.16 6.14
CA PRO B 95 14.62 -29.82 5.65
C PRO B 95 15.33 -29.02 4.56
N ASP B 96 14.57 -28.22 3.81
CA ASP B 96 15.14 -27.41 2.73
C ASP B 96 15.87 -26.19 3.26
N ILE B 97 15.32 -25.61 4.32
CA ILE B 97 15.91 -24.43 4.93
C ILE B 97 16.99 -24.81 5.95
N ASN B 98 16.74 -25.88 6.69
CA ASN B 98 17.68 -26.33 7.72
C ASN B 98 18.86 -27.08 7.13
N LEU B 99 18.57 -28.19 6.45
CA LEU B 99 19.61 -29.04 5.86
C LEU B 99 20.54 -29.53 6.96
N ASP B 100 19.99 -30.36 7.83
CA ASP B 100 20.71 -30.91 8.98
C ASP B 100 20.84 -29.85 10.07
N VAL B 101 21.33 -30.24 11.24
CA VAL B 101 21.47 -29.31 12.37
C VAL B 101 20.16 -28.54 12.59
N PRO B 102 19.11 -29.23 13.06
CA PRO B 102 17.80 -28.63 13.29
C PRO B 102 17.81 -27.62 14.44
N HIS B 103 18.36 -26.45 14.17
CA HIS B 103 18.47 -25.40 15.17
C HIS B 103 17.20 -24.56 15.25
N SER B 104 16.42 -24.57 14.17
CA SER B 104 15.19 -23.79 14.14
C SER B 104 14.03 -24.54 14.80
N TYR B 105 14.29 -25.78 15.20
CA TYR B 105 13.25 -26.59 15.86
C TYR B 105 12.83 -25.95 17.17
N SER B 106 13.78 -25.28 17.81
CA SER B 106 13.52 -24.57 19.05
C SER B 106 12.37 -23.58 18.84
N VAL B 107 12.39 -22.93 17.69
CA VAL B 107 11.37 -21.95 17.34
C VAL B 107 10.13 -22.65 16.79
N LEU B 108 10.36 -23.68 15.98
CA LEU B 108 9.28 -24.43 15.34
C LEU B 108 8.30 -25.00 16.34
N GLU B 109 8.79 -25.77 17.32
CA GLU B 109 7.92 -26.35 18.33
C GLU B 109 7.26 -25.26 19.15
N ARG B 110 8.07 -24.30 19.57
CA ARG B 110 7.60 -23.14 20.32
C ARG B 110 6.43 -22.46 19.61
N PHE B 111 6.54 -22.33 18.30
CA PHE B 111 5.49 -21.71 17.50
C PHE B 111 4.26 -22.61 17.39
N VAL B 112 4.47 -23.93 17.32
CA VAL B 112 3.36 -24.87 17.21
C VAL B 112 2.56 -24.93 18.50
N GLU B 113 3.25 -25.07 19.62
CA GLU B 113 2.59 -25.14 20.93
C GLU B 113 1.87 -23.84 21.25
N GLU B 114 2.42 -22.75 20.74
CA GLU B 114 1.86 -21.42 20.96
C GLU B 114 0.52 -21.33 20.22
N CYS B 115 0.53 -21.78 18.97
CA CYS B 115 -0.68 -21.79 18.15
C CYS B 115 -1.78 -22.64 18.78
N PHE B 116 -1.43 -23.83 19.27
CA PHE B 116 -2.41 -24.72 19.90
C PHE B 116 -3.06 -24.08 21.13
N GLN B 117 -2.24 -23.51 22.00
CA GLN B 117 -2.72 -22.86 23.22
C GLN B 117 -3.80 -21.82 22.92
N ALA B 118 -3.70 -21.18 21.76
CA ALA B 118 -4.66 -20.16 21.37
C ALA B 118 -5.97 -20.81 20.89
N GLY B 119 -5.89 -22.09 20.56
CA GLY B 119 -7.06 -22.81 20.09
C GLY B 119 -7.36 -22.54 18.64
N ILE B 120 -6.35 -22.10 17.90
CA ILE B 120 -6.53 -21.78 16.48
C ILE B 120 -6.08 -22.91 15.56
N ILE B 121 -5.96 -24.11 16.12
CA ILE B 121 -5.54 -25.29 15.34
C ILE B 121 -6.10 -26.55 15.98
N SER B 122 -6.05 -27.66 15.25
CA SER B 122 -6.55 -28.93 15.74
C SER B 122 -5.39 -29.82 16.22
N LYS B 123 -5.72 -30.84 17.01
CA LYS B 123 -4.72 -31.76 17.52
C LYS B 123 -4.08 -32.53 16.38
N GLN B 124 -4.88 -32.79 15.35
CA GLN B 124 -4.41 -33.50 14.16
C GLN B 124 -3.19 -32.81 13.55
N LEU B 125 -3.22 -31.48 13.52
CA LEU B 125 -2.11 -30.72 12.96
C LEU B 125 -0.87 -30.87 13.84
N ARG B 126 -1.05 -30.73 15.15
CA ARG B 126 0.05 -30.88 16.09
C ARG B 126 0.68 -32.27 15.99
N ASP B 127 -0.14 -33.28 15.71
CA ASP B 127 0.35 -34.64 15.56
C ASP B 127 1.24 -34.76 14.32
N LEU B 128 0.92 -33.96 13.31
CA LEU B 128 1.67 -33.95 12.06
C LEU B 128 3.06 -33.36 12.25
N CYS B 129 3.19 -32.40 13.17
CA CYS B 129 4.48 -31.77 13.42
C CYS B 129 5.47 -32.75 14.05
N PRO B 130 6.76 -32.63 13.70
CA PRO B 130 7.82 -33.51 14.23
C PRO B 130 8.19 -33.15 15.67
N SER B 131 7.23 -33.30 16.57
CA SER B 131 7.44 -33.01 17.98
C SER B 131 8.34 -34.04 18.63
N GLY A 1 2.21 30.94 -2.53
CA GLY A 1 1.96 30.57 -1.12
C GLY A 1 0.54 30.07 -0.92
N LEU A 2 -0.43 30.93 -1.17
CA LEU A 2 -1.83 30.57 -1.03
C LEU A 2 -2.57 30.81 -2.33
N PRO A 3 -3.26 29.77 -2.84
CA PRO A 3 -4.02 29.86 -4.09
C PRO A 3 -5.34 30.61 -3.91
N LEU A 4 -5.54 31.64 -4.71
CA LEU A 4 -6.76 32.43 -4.64
C LEU A 4 -7.88 31.78 -5.43
N ASP A 5 -9.11 31.97 -4.95
CA ASP A 5 -10.31 31.41 -5.60
C ASP A 5 -10.29 29.88 -5.57
N GLU A 6 -10.13 29.34 -4.37
CA GLU A 6 -10.06 27.90 -4.19
C GLU A 6 -11.36 27.21 -4.60
N ARG A 7 -12.47 27.64 -4.03
CA ARG A 7 -13.77 27.06 -4.34
C ARG A 7 -14.12 27.21 -5.81
N ALA A 8 -13.78 28.36 -6.37
CA ALA A 8 -14.05 28.63 -7.78
C ALA A 8 -13.26 27.66 -8.65
N PHE A 9 -12.02 27.41 -8.26
CA PHE A 9 -11.15 26.50 -8.98
C PHE A 9 -11.64 25.06 -8.84
N GLU A 10 -11.89 24.64 -7.60
CA GLU A 10 -12.37 23.29 -7.31
C GLU A 10 -13.62 22.96 -8.12
N LYS A 11 -14.64 23.80 -7.99
CA LYS A 11 -15.90 23.61 -8.68
C LYS A 11 -15.75 23.55 -10.20
N THR A 12 -14.89 24.39 -10.76
CA THR A 12 -14.68 24.43 -12.20
C THR A 12 -13.84 23.24 -12.71
N LEU A 13 -12.82 22.86 -11.95
CA LEU A 13 -11.95 21.77 -12.36
C LEU A 13 -12.56 20.39 -12.18
N THR A 14 -13.44 20.22 -11.19
CA THR A 14 -14.09 18.93 -10.92
C THR A 14 -14.63 18.23 -12.19
N PRO A 15 -15.57 18.84 -12.94
CA PRO A 15 -16.14 18.22 -14.14
C PRO A 15 -15.10 17.98 -15.23
N ILE A 16 -14.03 18.77 -15.21
CA ILE A 16 -12.96 18.64 -16.19
C ILE A 16 -12.10 17.44 -15.87
N ILE A 17 -11.67 17.35 -14.61
CA ILE A 17 -10.84 16.24 -14.17
C ILE A 17 -11.61 14.93 -14.31
N GLN A 18 -12.80 14.89 -13.73
CA GLN A 18 -13.67 13.72 -13.81
C GLN A 18 -13.84 13.15 -15.22
N GLU A 19 -13.66 13.96 -16.26
CA GLU A 19 -13.81 13.48 -17.62
C GLU A 19 -12.57 12.66 -18.01
N TYR A 20 -11.43 13.05 -17.45
CA TYR A 20 -10.16 12.39 -17.73
C TYR A 20 -10.16 10.95 -17.25
N PHE A 21 -10.59 10.73 -16.00
CA PHE A 21 -10.64 9.39 -15.43
C PHE A 21 -11.65 8.50 -16.16
N GLU A 22 -12.37 9.11 -17.10
CA GLU A 22 -13.37 8.40 -17.86
C GLU A 22 -12.89 8.07 -19.29
N HIS A 23 -11.73 8.62 -19.73
CA HIS A 23 -11.22 8.31 -21.07
C HIS A 23 -9.83 7.70 -20.95
N GLY A 24 -8.81 8.57 -20.79
CA GLY A 24 -7.46 8.07 -20.55
C GLY A 24 -6.45 8.81 -21.42
N ASP A 25 -6.71 10.11 -21.65
CA ASP A 25 -5.84 10.96 -22.47
C ASP A 25 -5.37 12.15 -21.66
N THR A 26 -4.08 12.18 -21.38
CA THR A 26 -3.48 13.24 -20.58
C THR A 26 -3.28 14.55 -21.34
N ASN A 27 -3.26 14.45 -22.67
CA ASN A 27 -3.01 15.61 -23.53
C ASN A 27 -4.10 16.67 -23.51
N GLU A 28 -5.34 16.28 -23.24
CA GLU A 28 -6.44 17.24 -23.26
C GLU A 28 -6.27 18.29 -22.17
N VAL A 29 -6.19 17.82 -20.93
CA VAL A 29 -6.01 18.68 -19.76
C VAL A 29 -4.74 19.52 -19.81
N ALA A 30 -3.73 19.03 -20.51
CA ALA A 30 -2.45 19.72 -20.59
C ALA A 30 -2.63 21.02 -21.36
N GLU A 31 -3.57 20.99 -22.31
CA GLU A 31 -3.87 22.15 -23.13
C GLU A 31 -4.75 23.11 -22.33
N MET A 32 -5.81 22.55 -21.74
CA MET A 32 -6.77 23.29 -20.95
C MET A 32 -6.10 24.10 -19.83
N LEU A 33 -5.21 23.45 -19.10
CA LEU A 33 -4.51 24.09 -17.99
C LEU A 33 -3.58 25.21 -18.45
N ARG A 34 -3.05 25.08 -19.67
CA ARG A 34 -2.13 26.07 -20.21
C ARG A 34 -2.89 27.28 -20.75
N ASP A 35 -4.16 27.07 -21.07
CA ASP A 35 -4.99 28.11 -21.65
C ASP A 35 -5.32 29.21 -20.65
N LEU A 36 -5.84 28.82 -19.49
CA LEU A 36 -6.21 29.77 -18.45
C LEU A 36 -5.01 30.45 -17.79
N ASN A 37 -3.80 30.04 -18.17
CA ASN A 37 -2.56 30.59 -17.60
C ASN A 37 -2.59 30.62 -16.06
N LEU A 38 -2.20 29.50 -15.45
CA LEU A 38 -2.19 29.40 -14.00
C LEU A 38 -0.78 29.61 -13.45
N GLY A 39 -0.71 30.24 -12.29
CA GLY A 39 0.58 30.46 -11.65
C GLY A 39 0.80 29.44 -10.56
N GLU A 40 0.54 29.83 -9.31
CA GLU A 40 0.69 28.91 -8.19
C GLU A 40 -0.57 28.06 -8.04
N MET A 41 -1.67 28.59 -8.59
CA MET A 41 -2.95 27.88 -8.55
C MET A 41 -2.86 26.63 -9.42
N LYS A 42 -1.84 26.62 -10.28
CA LYS A 42 -1.59 25.48 -11.16
C LYS A 42 -1.27 24.24 -10.31
N SER A 43 -0.74 24.50 -9.12
CA SER A 43 -0.38 23.45 -8.19
C SER A 43 -1.62 22.85 -7.51
N GLY A 44 -2.78 23.47 -7.72
CA GLY A 44 -4.01 22.97 -7.14
C GLY A 44 -4.57 21.80 -7.94
N VAL A 45 -4.33 21.84 -9.25
CA VAL A 45 -4.80 20.80 -10.16
C VAL A 45 -4.46 19.38 -9.68
N PRO A 46 -3.16 19.05 -9.49
CA PRO A 46 -2.74 17.71 -9.03
C PRO A 46 -3.42 17.32 -7.72
N VAL A 47 -3.52 18.27 -6.80
CA VAL A 47 -4.14 18.03 -5.50
C VAL A 47 -5.60 17.60 -5.66
N LEU A 48 -6.36 18.41 -6.40
CA LEU A 48 -7.77 18.12 -6.64
C LEU A 48 -7.96 16.81 -7.39
N ALA A 49 -7.06 16.54 -8.35
CA ALA A 49 -7.13 15.32 -9.14
C ALA A 49 -7.06 14.09 -8.24
N VAL A 50 -6.04 14.06 -7.38
CA VAL A 50 -5.86 12.95 -6.45
C VAL A 50 -7.06 12.80 -5.52
N SER A 51 -7.56 13.93 -5.02
CA SER A 51 -8.70 13.93 -4.13
C SER A 51 -9.91 13.25 -4.77
N LEU A 52 -10.24 13.68 -5.99
CA LEU A 52 -11.35 13.11 -6.74
C LEU A 52 -11.23 11.59 -6.85
N ALA A 53 -10.06 11.11 -7.25
CA ALA A 53 -9.82 9.68 -7.38
C ALA A 53 -9.90 8.97 -6.02
N LEU A 54 -9.43 9.64 -4.97
CA LEU A 54 -9.46 9.08 -3.61
C LEU A 54 -10.84 8.57 -3.22
N GLU A 55 -11.87 9.36 -3.46
CA GLU A 55 -13.22 8.97 -3.12
C GLU A 55 -13.78 7.89 -4.06
N GLY A 56 -13.19 7.77 -5.24
CA GLY A 56 -13.64 6.77 -6.19
C GLY A 56 -12.93 5.44 -6.05
N LYS A 57 -12.90 4.66 -7.12
CA LYS A 57 -12.25 3.35 -7.10
C LYS A 57 -10.73 3.44 -7.20
N ALA A 58 -10.07 2.35 -6.87
CA ALA A 58 -8.62 2.26 -6.89
C ALA A 58 -8.06 2.45 -8.30
N SER A 59 -8.82 2.01 -9.30
CA SER A 59 -8.40 2.14 -10.69
C SER A 59 -8.12 3.60 -11.03
N HIS A 60 -9.12 4.44 -10.84
CA HIS A 60 -8.98 5.88 -11.06
C HIS A 60 -7.78 6.48 -10.31
N ARG A 61 -7.44 5.89 -9.18
CA ARG A 61 -6.30 6.35 -8.38
C ARG A 61 -4.98 6.00 -9.06
N GLU A 62 -4.86 4.74 -9.47
CA GLU A 62 -3.66 4.25 -10.16
C GLU A 62 -3.40 5.08 -11.42
N MET A 63 -4.50 5.47 -12.05
CA MET A 63 -4.54 6.30 -13.29
C MET A 63 -4.18 7.76 -13.02
N THR A 64 -4.07 8.09 -11.74
CA THR A 64 -3.77 9.47 -11.37
C THR A 64 -2.28 9.76 -11.57
N SER A 65 -1.44 8.76 -11.28
CA SER A 65 0.01 8.90 -11.40
C SER A 65 0.45 9.34 -12.81
N LYS A 66 -0.21 8.79 -13.83
CA LYS A 66 0.13 9.14 -15.21
C LYS A 66 -0.01 10.64 -15.42
N LEU A 67 -1.19 11.16 -15.10
CA LEU A 67 -1.48 12.59 -15.22
C LEU A 67 -0.39 13.44 -14.58
N LEU A 68 0.04 13.05 -13.38
CA LEU A 68 1.08 13.79 -12.68
C LEU A 68 2.35 13.86 -13.51
N SER A 69 2.79 12.70 -14.01
CA SER A 69 3.99 12.62 -14.83
C SER A 69 3.83 13.42 -16.13
N ASP A 70 2.71 13.23 -16.81
CA ASP A 70 2.40 13.93 -18.06
C ASP A 70 2.31 15.45 -17.86
N LEU A 71 2.02 15.84 -16.62
CA LEU A 71 1.90 17.25 -16.28
C LEU A 71 3.28 17.88 -16.20
N CYS A 72 4.21 17.15 -15.61
CA CYS A 72 5.58 17.61 -15.46
C CYS A 72 6.25 17.73 -16.83
N GLY A 73 7.05 18.79 -16.99
CA GLY A 73 7.72 19.02 -18.25
C GLY A 73 6.85 19.82 -19.20
N THR A 74 5.64 19.34 -19.41
CA THR A 74 4.70 19.99 -20.30
C THR A 74 4.19 21.31 -19.71
N VAL A 75 3.68 21.26 -18.48
CA VAL A 75 3.16 22.47 -17.84
C VAL A 75 3.65 22.64 -16.40
N MET A 76 4.32 21.61 -15.87
CA MET A 76 4.81 21.67 -14.50
C MET A 76 6.33 21.51 -14.45
N SER A 77 6.95 22.18 -13.49
CA SER A 77 8.39 22.11 -13.34
C SER A 77 8.78 21.06 -12.28
N THR A 78 9.99 21.15 -11.73
CA THR A 78 10.44 20.17 -10.74
C THR A 78 10.05 20.68 -9.36
N THR A 79 10.23 21.99 -9.20
CA THR A 79 9.89 22.76 -8.01
C THR A 79 8.37 22.79 -7.82
N ASP A 80 7.68 22.49 -8.90
CA ASP A 80 6.23 22.57 -8.91
C ASP A 80 5.64 21.40 -8.14
N VAL A 81 6.06 20.18 -8.51
CA VAL A 81 5.50 18.97 -7.91
C VAL A 81 5.53 18.94 -6.38
N GLU A 82 6.69 19.17 -5.77
CA GLU A 82 6.74 19.14 -4.30
C GLU A 82 5.85 20.25 -3.74
N LYS A 83 6.16 21.48 -4.12
CA LYS A 83 5.30 22.62 -3.77
C LYS A 83 3.79 22.35 -3.97
N SER A 84 3.44 21.39 -4.80
CA SER A 84 2.04 21.05 -5.02
C SER A 84 1.59 19.99 -4.00
N PHE A 85 2.55 19.32 -3.39
CA PHE A 85 2.29 18.25 -2.45
C PHE A 85 1.75 18.73 -1.09
N ASP A 86 2.44 19.66 -0.39
CA ASP A 86 1.97 20.13 0.92
C ASP A 86 0.46 20.30 1.05
N LYS A 87 -0.17 21.13 0.20
CA LYS A 87 -1.64 21.25 0.26
C LYS A 87 -2.39 19.93 0.33
N LEU A 88 -1.85 18.89 -0.27
CA LEU A 88 -2.49 17.59 -0.24
C LEU A 88 -2.55 17.04 1.18
N LEU A 89 -1.55 17.38 2.03
CA LEU A 89 -1.57 16.88 3.39
C LEU A 89 -2.50 17.75 4.22
N LYS A 90 -2.14 19.04 4.32
CA LYS A 90 -2.97 20.06 4.99
C LYS A 90 -4.48 19.98 4.74
N ASP A 91 -4.90 19.30 3.68
CA ASP A 91 -6.33 19.19 3.39
C ASP A 91 -6.82 17.77 3.68
N LEU A 92 -5.86 16.85 3.75
CA LEU A 92 -6.10 15.43 4.02
C LEU A 92 -7.05 15.16 5.20
N PRO A 93 -6.85 15.81 6.38
CA PRO A 93 -7.72 15.61 7.55
C PRO A 93 -9.19 15.71 7.17
N GLU A 94 -9.54 16.71 6.36
CA GLU A 94 -10.89 16.89 5.89
C GLU A 94 -11.36 15.69 5.06
N LEU A 95 -10.49 15.24 4.16
CA LEU A 95 -10.79 14.08 3.31
C LEU A 95 -10.87 12.80 4.14
N ALA A 96 -10.11 12.77 5.24
CA ALA A 96 -10.10 11.62 6.14
C ALA A 96 -11.45 11.45 6.83
N LEU A 97 -12.26 12.50 6.82
CA LEU A 97 -13.58 12.44 7.40
C LEU A 97 -14.52 11.67 6.48
N ASP A 98 -14.41 11.94 5.19
CA ASP A 98 -15.26 11.27 4.20
C ASP A 98 -14.83 9.81 4.05
N THR A 99 -13.52 9.58 3.97
CA THR A 99 -13.01 8.22 3.89
C THR A 99 -11.76 8.07 4.75
N PRO A 100 -11.85 7.30 5.85
CA PRO A 100 -10.74 7.08 6.78
C PRO A 100 -9.49 6.58 6.05
N ARG A 101 -9.70 5.59 5.18
CA ARG A 101 -8.62 5.02 4.40
C ARG A 101 -7.86 6.02 3.50
N ALA A 102 -8.41 7.22 3.27
CA ALA A 102 -7.75 8.23 2.43
C ALA A 102 -6.26 8.46 2.77
N PRO A 103 -5.92 8.84 4.03
CA PRO A 103 -4.52 9.06 4.43
C PRO A 103 -3.60 7.88 4.09
N GLN A 104 -4.15 6.67 4.12
CA GLN A 104 -3.36 5.49 3.78
C GLN A 104 -3.18 5.37 2.27
N LEU A 105 -4.21 5.78 1.52
CA LEU A 105 -4.16 5.74 0.06
C LEU A 105 -3.06 6.67 -0.46
N VAL A 106 -3.15 7.95 -0.08
CA VAL A 106 -2.17 8.98 -0.42
C VAL A 106 -0.71 8.59 -0.18
N GLY A 107 -0.49 7.56 0.64
CA GLY A 107 0.87 7.17 0.92
C GLY A 107 1.53 6.67 -0.36
N GLN A 108 0.73 5.99 -1.19
CA GLN A 108 1.20 5.47 -2.47
C GLN A 108 1.47 6.63 -3.42
N PHE A 109 0.65 7.67 -3.29
CA PHE A 109 0.76 8.89 -4.11
C PHE A 109 1.99 9.70 -3.75
N ILE A 110 2.46 9.50 -2.53
CA ILE A 110 3.60 10.25 -2.03
C ILE A 110 4.87 9.56 -2.48
N ALA A 111 4.84 8.24 -2.39
CA ALA A 111 5.98 7.40 -2.75
C ALA A 111 6.13 7.24 -4.26
N ARG A 112 5.01 7.27 -5.00
CA ARG A 112 5.02 7.07 -6.43
C ARG A 112 5.97 8.02 -7.16
N ALA A 113 5.73 9.33 -7.04
CA ALA A 113 6.57 10.34 -7.69
C ALA A 113 8.07 10.22 -7.42
N VAL A 114 8.43 9.68 -6.25
CA VAL A 114 9.83 9.52 -5.90
C VAL A 114 10.51 8.56 -6.88
N GLY A 115 9.75 7.59 -7.35
CA GLY A 115 10.25 6.60 -8.27
C GLY A 115 10.25 7.01 -9.74
N ASP A 116 9.58 8.11 -10.09
CA ASP A 116 9.49 8.50 -11.51
C ASP A 116 10.12 9.86 -11.84
N GLY A 117 11.10 10.24 -11.05
CA GLY A 117 11.82 11.50 -11.28
C GLY A 117 11.01 12.78 -11.20
N ILE A 118 9.85 12.78 -10.56
CA ILE A 118 9.08 14.01 -10.42
C ILE A 118 8.98 14.45 -8.97
N LEU A 119 9.78 13.80 -8.11
CA LEU A 119 9.80 14.11 -6.70
C LEU A 119 11.06 13.57 -6.05
N CYS A 120 11.49 14.22 -4.97
CA CYS A 120 12.68 13.81 -4.25
C CYS A 120 12.26 13.27 -2.87
N ASN A 121 12.78 12.11 -2.50
CA ASN A 121 12.44 11.51 -1.20
C ASN A 121 12.80 12.47 -0.06
N THR A 122 14.01 13.04 -0.14
CA THR A 122 14.46 14.02 0.85
C THR A 122 13.44 15.14 1.13
N TYR A 123 12.47 15.32 0.24
CA TYR A 123 11.43 16.32 0.46
C TYR A 123 10.58 15.87 1.65
N ILE A 124 10.33 14.56 1.69
CA ILE A 124 9.55 13.95 2.77
C ILE A 124 10.43 13.81 4.01
N ASP A 125 11.72 13.62 3.80
CA ASP A 125 12.69 13.49 4.88
C ASP A 125 12.75 14.79 5.67
N SER A 126 12.38 15.88 5.01
CA SER A 126 12.37 17.20 5.63
C SER A 126 11.21 17.33 6.61
N TYR A 127 10.15 16.58 6.36
CA TYR A 127 8.97 16.58 7.23
C TYR A 127 9.01 15.38 8.20
N LYS A 128 10.23 14.86 8.39
CA LYS A 128 10.46 13.67 9.25
C LYS A 128 10.35 13.94 10.76
N GLY A 129 9.42 14.80 11.15
CA GLY A 129 9.22 15.10 12.56
C GLY A 129 8.88 16.54 12.78
N THR A 130 8.57 17.20 11.69
CA THR A 130 8.22 18.59 11.67
C THR A 130 6.78 18.72 11.23
N VAL A 131 5.96 17.75 11.60
CA VAL A 131 4.55 17.74 11.25
C VAL A 131 3.70 17.72 12.50
N ASP A 132 2.88 18.74 12.66
CA ASP A 132 2.00 18.85 13.82
C ASP A 132 0.64 18.23 13.52
N CYS A 133 0.62 17.27 12.63
CA CYS A 133 -0.61 16.60 12.22
C CYS A 133 -0.39 15.10 12.13
N VAL A 134 -1.37 14.34 12.60
CA VAL A 134 -1.29 12.89 12.57
C VAL A 134 -1.49 12.36 11.15
N GLN A 135 -2.53 12.87 10.49
CA GLN A 135 -2.86 12.49 9.11
C GLN A 135 -1.66 12.56 8.18
N ALA A 136 -1.01 13.73 8.14
CA ALA A 136 0.16 13.92 7.28
C ALA A 136 1.28 12.96 7.66
N ARG A 137 1.60 12.93 8.96
CA ARG A 137 2.63 12.03 9.46
C ARG A 137 2.40 10.58 9.00
N ALA A 138 1.18 10.09 9.18
CA ALA A 138 0.84 8.73 8.77
C ALA A 138 1.00 8.56 7.26
N ALA A 139 0.58 9.58 6.52
CA ALA A 139 0.70 9.58 5.06
C ALA A 139 2.15 9.38 4.63
N LEU A 140 3.07 10.09 5.28
CA LEU A 140 4.49 9.99 4.98
C LEU A 140 5.03 8.63 5.43
N ASP A 141 4.49 8.14 6.54
CA ASP A 141 4.87 6.84 7.08
C ASP A 141 4.55 5.76 6.06
N LYS A 142 3.28 5.73 5.68
CA LYS A 142 2.77 4.80 4.68
C LYS A 142 3.60 4.83 3.40
N ALA A 143 3.98 6.02 2.96
CA ALA A 143 4.78 6.17 1.76
C ALA A 143 6.12 5.46 1.91
N THR A 144 6.78 5.71 3.03
CA THR A 144 8.06 5.09 3.33
C THR A 144 7.99 3.57 3.19
N VAL A 145 6.94 2.96 3.73
CA VAL A 145 6.75 1.52 3.61
C VAL A 145 6.78 1.08 2.15
N LEU A 146 5.92 1.72 1.36
CA LEU A 146 5.81 1.44 -0.07
C LEU A 146 7.11 1.66 -0.83
N LEU A 147 7.90 2.63 -0.39
CA LEU A 147 9.19 2.93 -1.04
C LEU A 147 10.11 1.71 -1.09
N SER A 148 10.04 0.89 -0.04
CA SER A 148 10.87 -0.32 0.02
C SER A 148 10.31 -1.39 -0.91
N MET A 149 9.03 -1.25 -1.25
CA MET A 149 8.34 -2.19 -2.12
C MET A 149 8.62 -1.89 -3.59
N SER A 150 9.18 -0.73 -3.86
CA SER A 150 9.51 -0.33 -5.22
C SER A 150 10.63 -1.22 -5.77
N LYS A 151 11.66 -1.39 -4.97
CA LYS A 151 12.81 -2.22 -5.36
C LYS A 151 12.55 -3.67 -4.97
N GLY A 152 12.06 -3.87 -3.76
CA GLY A 152 11.76 -5.22 -3.29
C GLY A 152 10.38 -5.65 -3.72
N GLY A 153 9.88 -6.74 -3.14
CA GLY A 153 8.55 -7.22 -3.50
C GLY A 153 8.56 -8.02 -4.78
N LYS A 154 9.74 -8.41 -5.22
CA LYS A 154 9.90 -9.20 -6.43
C LYS A 154 10.31 -10.62 -6.04
N ARG A 155 9.39 -11.55 -6.20
CA ARG A 155 9.64 -12.94 -5.84
C ARG A 155 8.60 -13.86 -6.46
N LYS A 156 7.46 -14.01 -5.79
CA LYS A 156 6.40 -14.87 -6.26
C LYS A 156 5.44 -14.10 -7.17
N ASP A 157 6.01 -13.49 -8.20
CA ASP A 157 5.23 -12.72 -9.15
C ASP A 157 4.41 -13.63 -10.06
N SER A 158 5.00 -14.76 -10.43
CA SER A 158 4.32 -15.73 -11.28
C SER A 158 4.11 -17.04 -10.51
N VAL A 159 2.91 -17.24 -10.00
CA VAL A 159 2.59 -18.44 -9.25
C VAL A 159 1.56 -19.29 -10.01
N TRP A 160 0.46 -18.67 -10.40
CA TRP A 160 -0.59 -19.36 -11.10
C TRP A 160 -0.79 -18.79 -12.50
N GLY A 161 -0.80 -19.67 -13.50
CA GLY A 161 -0.99 -19.23 -14.87
C GLY A 161 -2.42 -18.85 -15.15
N SER A 162 -2.62 -17.60 -15.53
CA SER A 162 -3.94 -17.10 -15.83
C SER A 162 -4.00 -16.52 -17.24
N GLY A 163 -5.18 -16.48 -17.83
CA GLY A 163 -5.33 -15.95 -19.16
C GLY A 163 -6.54 -15.05 -19.27
N GLY B 1 -8.60 -12.81 -19.50
CA GLY B 1 -8.16 -11.78 -20.46
C GLY B 1 -8.98 -10.52 -20.35
N GLY B 2 -9.84 -10.29 -21.32
CA GLY B 2 -10.69 -9.11 -21.32
C GLY B 2 -9.97 -7.90 -21.83
N GLN B 3 -10.41 -6.72 -21.38
CA GLN B 3 -9.81 -5.46 -21.80
C GLN B 3 -8.38 -5.33 -21.27
N GLN B 4 -8.25 -5.34 -19.95
CA GLN B 4 -6.96 -5.21 -19.30
C GLN B 4 -6.88 -6.14 -18.09
N PRO B 5 -5.87 -7.02 -18.06
CA PRO B 5 -5.68 -7.96 -16.94
C PRO B 5 -5.58 -7.23 -15.60
N VAL B 6 -6.46 -7.59 -14.68
CA VAL B 6 -6.47 -6.99 -13.36
C VAL B 6 -5.33 -7.50 -12.50
N ASN B 7 -5.00 -6.77 -11.46
CA ASN B 7 -3.93 -7.14 -10.55
C ASN B 7 -4.33 -8.36 -9.73
N HIS B 8 -3.35 -9.18 -9.36
CA HIS B 8 -3.62 -10.38 -8.57
C HIS B 8 -2.34 -10.92 -7.93
N LEU B 9 -2.37 -11.03 -6.61
CA LEU B 9 -1.24 -11.55 -5.80
C LEU B 9 -0.16 -10.49 -5.62
N VAL B 10 0.33 -9.96 -6.73
CA VAL B 10 1.35 -8.93 -6.71
C VAL B 10 0.76 -7.64 -6.14
N LYS B 11 1.56 -6.90 -5.36
CA LYS B 11 1.11 -5.64 -4.77
C LYS B 11 -0.09 -5.89 -3.83
N GLU B 12 -0.20 -7.12 -3.33
CA GLU B 12 -1.28 -7.48 -2.44
C GLU B 12 -0.77 -8.24 -1.22
N ILE B 13 -0.41 -9.50 -1.41
CA ILE B 13 0.08 -10.34 -0.31
C ILE B 13 1.38 -9.77 0.29
N ASP B 14 2.40 -9.64 -0.56
CA ASP B 14 3.70 -9.12 -0.11
C ASP B 14 3.57 -7.71 0.44
N MET B 15 2.69 -6.93 -0.16
CA MET B 15 2.45 -5.56 0.24
C MET B 15 1.92 -5.49 1.67
N LEU B 16 0.82 -6.20 1.91
CA LEU B 16 0.20 -6.22 3.22
C LEU B 16 1.14 -6.65 4.33
N LEU B 17 1.92 -7.69 4.06
CA LEU B 17 2.86 -8.21 5.05
C LEU B 17 3.93 -7.18 5.40
N LYS B 18 4.37 -6.43 4.40
CA LYS B 18 5.39 -5.41 4.62
C LYS B 18 4.84 -4.22 5.39
N GLU B 19 3.66 -3.75 4.99
CA GLU B 19 3.03 -2.62 5.64
C GLU B 19 2.65 -2.97 7.07
N TYR B 20 2.27 -4.22 7.26
CA TYR B 20 1.90 -4.72 8.58
C TYR B 20 3.10 -4.69 9.52
N LEU B 21 4.26 -5.05 8.98
CA LEU B 21 5.50 -5.10 9.74
C LEU B 21 6.04 -3.70 10.04
N LEU B 22 5.82 -2.77 9.13
CA LEU B 22 6.32 -1.40 9.30
C LEU B 22 5.34 -0.49 10.03
N SER B 23 4.10 -0.40 9.54
CA SER B 23 3.09 0.44 10.17
C SER B 23 2.73 -0.06 11.57
N GLY B 24 2.38 -1.34 11.66
CA GLY B 24 2.02 -1.91 12.95
C GLY B 24 0.54 -1.75 13.25
N ASP B 25 -0.26 -1.58 12.21
CA ASP B 25 -1.70 -1.41 12.37
C ASP B 25 -2.44 -2.67 11.95
N ILE B 26 -3.40 -3.07 12.78
CA ILE B 26 -4.22 -4.27 12.50
C ILE B 26 -5.20 -4.03 11.36
N SER B 27 -5.97 -2.95 11.48
CA SER B 27 -6.96 -2.56 10.50
C SER B 27 -6.35 -2.31 9.12
N GLU B 28 -5.08 -1.91 9.09
CA GLU B 28 -4.38 -1.65 7.84
C GLU B 28 -4.55 -2.87 6.94
N ALA B 29 -4.25 -4.04 7.50
CA ALA B 29 -4.40 -5.30 6.75
C ALA B 29 -5.88 -5.66 6.64
N GLU B 30 -6.61 -5.42 7.72
CA GLU B 30 -8.04 -5.72 7.81
C GLU B 30 -8.85 -5.09 6.67
N HIS B 31 -8.73 -3.78 6.51
CA HIS B 31 -9.44 -3.05 5.47
C HIS B 31 -9.05 -3.56 4.08
N CYS B 32 -7.81 -4.02 4.00
CA CYS B 32 -7.26 -4.53 2.76
C CYS B 32 -7.85 -5.88 2.35
N LEU B 33 -8.24 -6.67 3.34
CA LEU B 33 -8.84 -7.98 3.06
C LEU B 33 -10.05 -7.84 2.13
N LYS B 34 -10.78 -6.74 2.27
CA LYS B 34 -11.97 -6.46 1.45
C LYS B 34 -11.62 -6.27 -0.03
N GLU B 35 -10.39 -5.82 -0.27
CA GLU B 35 -9.89 -5.60 -1.62
C GLU B 35 -10.06 -6.89 -2.43
N LEU B 36 -9.54 -7.99 -1.89
CA LEU B 36 -9.64 -9.30 -2.54
C LEU B 36 -11.09 -9.81 -2.51
N GLU B 37 -11.32 -11.01 -3.04
CA GLU B 37 -12.66 -11.57 -3.08
C GLU B 37 -12.64 -13.07 -2.80
N VAL B 38 -11.67 -13.78 -3.39
CA VAL B 38 -11.55 -15.22 -3.22
C VAL B 38 -11.12 -15.61 -1.79
N PRO B 39 -11.96 -16.38 -1.09
CA PRO B 39 -11.70 -16.82 0.28
C PRO B 39 -10.76 -18.02 0.35
N HIS B 40 -10.91 -18.96 -0.59
CA HIS B 40 -10.08 -20.16 -0.60
C HIS B 40 -8.61 -19.85 -0.91
N PHE B 41 -8.35 -18.71 -1.53
CA PHE B 41 -6.99 -18.30 -1.88
C PHE B 41 -6.32 -17.55 -0.72
N HIS B 42 -7.03 -17.46 0.39
CA HIS B 42 -6.53 -16.79 1.58
C HIS B 42 -5.52 -17.65 2.33
N HIS B 43 -5.23 -18.84 1.81
CA HIS B 43 -4.32 -19.76 2.48
C HIS B 43 -2.87 -19.25 2.48
N GLU B 44 -2.44 -18.71 1.35
CA GLU B 44 -1.08 -18.17 1.21
C GLU B 44 -0.82 -17.00 2.15
N LEU B 45 -1.88 -16.26 2.47
CA LEU B 45 -1.79 -15.08 3.32
C LEU B 45 -0.90 -15.30 4.56
N VAL B 46 -1.27 -16.23 5.45
CA VAL B 46 -0.44 -16.51 6.62
C VAL B 46 0.86 -17.16 6.18
N TYR B 47 0.73 -18.27 5.47
CA TYR B 47 1.90 -19.01 4.94
C TYR B 47 3.07 -18.11 4.53
N GLU B 48 2.80 -17.09 3.72
CA GLU B 48 3.84 -16.17 3.24
C GLU B 48 4.49 -15.42 4.41
N ALA B 49 3.69 -15.14 5.43
CA ALA B 49 4.11 -14.41 6.62
C ALA B 49 4.75 -15.35 7.66
N ILE B 50 4.45 -16.63 7.55
CA ILE B 50 4.93 -17.60 8.53
C ILE B 50 6.45 -17.65 8.57
N VAL B 51 7.05 -17.70 7.39
CA VAL B 51 8.50 -17.74 7.24
C VAL B 51 9.13 -16.37 7.45
N MET B 52 8.31 -15.32 7.46
CA MET B 52 8.82 -13.96 7.58
C MET B 52 9.82 -13.84 8.71
N VAL B 53 9.42 -14.27 9.90
CA VAL B 53 10.29 -14.25 11.08
C VAL B 53 11.53 -15.15 10.95
N LEU B 54 11.46 -16.23 10.15
CA LEU B 54 12.62 -17.14 10.08
C LEU B 54 13.59 -16.58 9.05
N GLU B 55 13.17 -15.46 8.46
CA GLU B 55 13.94 -14.75 7.45
C GLU B 55 14.41 -13.42 8.05
N SER B 56 13.92 -13.15 9.24
CA SER B 56 14.26 -11.93 9.96
C SER B 56 14.91 -12.26 11.30
N THR B 57 15.52 -11.26 11.92
CA THR B 57 16.18 -11.44 13.21
C THR B 57 15.70 -10.37 14.19
N GLY B 58 14.74 -10.74 15.03
CA GLY B 58 14.21 -9.80 16.01
C GLY B 58 12.95 -10.31 16.64
N GLU B 59 12.86 -10.20 17.96
CA GLU B 59 11.69 -10.67 18.68
C GLU B 59 10.51 -9.73 18.51
N SER B 60 10.80 -8.49 18.11
CA SER B 60 9.76 -7.50 17.90
C SER B 60 8.82 -7.95 16.78
N ALA B 61 9.40 -8.19 15.60
CA ALA B 61 8.67 -8.65 14.43
C ALA B 61 7.96 -10.00 14.57
N PHE B 62 8.35 -10.82 15.56
CA PHE B 62 7.77 -12.16 15.69
C PHE B 62 6.36 -12.00 16.25
N LYS B 63 6.17 -10.83 16.85
CA LYS B 63 4.91 -10.50 17.48
C LYS B 63 3.79 -10.06 16.52
N MET B 64 4.17 -9.32 15.48
CA MET B 64 3.20 -8.77 14.55
C MET B 64 2.41 -9.82 13.76
N ILE B 65 3.07 -10.71 13.04
CA ILE B 65 2.34 -11.73 12.26
C ILE B 65 1.56 -12.65 13.20
N LEU B 66 2.24 -12.99 14.28
CA LEU B 66 1.67 -13.81 15.33
C LEU B 66 0.33 -13.23 15.76
N ASP B 67 0.31 -11.91 15.94
CA ASP B 67 -0.90 -11.21 16.33
C ASP B 67 -1.90 -11.08 15.19
N LEU B 68 -1.41 -10.96 13.95
CA LEU B 68 -2.30 -10.85 12.78
C LEU B 68 -3.21 -12.07 12.67
N LEU B 69 -2.59 -13.26 12.60
CA LEU B 69 -3.35 -14.51 12.54
C LEU B 69 -4.29 -14.61 13.73
N LYS B 70 -3.84 -14.03 14.84
CA LYS B 70 -4.60 -14.02 16.08
C LYS B 70 -5.85 -13.15 15.94
N SER B 71 -5.66 -11.97 15.37
CA SER B 71 -6.74 -11.01 15.18
C SER B 71 -7.78 -11.50 14.16
N LEU B 72 -7.32 -11.90 12.97
CA LEU B 72 -8.23 -12.39 11.93
C LEU B 72 -9.02 -13.59 12.43
N TRP B 73 -8.29 -14.59 12.92
CA TRP B 73 -8.91 -15.79 13.49
C TRP B 73 -9.94 -15.44 14.56
N LYS B 74 -9.74 -14.31 15.23
CA LYS B 74 -10.67 -13.85 16.27
C LYS B 74 -11.94 -13.27 15.64
N SER B 75 -11.88 -13.03 14.33
CA SER B 75 -13.01 -12.48 13.61
C SER B 75 -13.55 -13.51 12.61
N SER B 76 -13.07 -14.76 12.75
CA SER B 76 -13.46 -15.86 11.88
C SER B 76 -13.08 -15.63 10.41
N THR B 77 -12.00 -14.88 10.20
CA THR B 77 -11.53 -14.58 8.86
C THR B 77 -10.79 -15.78 8.24
N ILE B 78 -9.65 -16.14 8.83
CA ILE B 78 -8.87 -17.26 8.34
C ILE B 78 -9.57 -18.58 8.63
N THR B 79 -9.66 -19.42 7.61
CA THR B 79 -10.30 -20.72 7.74
C THR B 79 -9.28 -21.78 8.15
N ILE B 80 -9.73 -22.80 8.87
CA ILE B 80 -8.85 -23.87 9.32
C ILE B 80 -8.10 -24.51 8.15
N ASP B 81 -8.84 -24.89 7.10
CA ASP B 81 -8.24 -25.48 5.89
C ASP B 81 -7.12 -24.61 5.36
N GLN B 82 -7.40 -23.31 5.28
CA GLN B 82 -6.42 -22.33 4.79
C GLN B 82 -5.18 -22.31 5.68
N MET B 83 -5.43 -22.27 6.98
CA MET B 83 -4.36 -22.26 7.97
C MET B 83 -3.51 -23.52 7.85
N LYS B 84 -4.17 -24.67 7.91
CA LYS B 84 -3.50 -25.97 7.80
C LYS B 84 -2.65 -26.05 6.54
N ARG B 85 -3.29 -25.88 5.39
CA ARG B 85 -2.59 -25.92 4.09
C ARG B 85 -1.34 -25.05 4.11
N GLY B 86 -1.43 -23.90 4.77
CA GLY B 86 -0.29 -23.01 4.88
C GLY B 86 0.79 -23.60 5.77
N TYR B 87 0.39 -24.09 6.94
CA TYR B 87 1.33 -24.68 7.89
C TYR B 87 1.96 -25.95 7.33
N GLU B 88 1.11 -26.87 6.87
CA GLU B 88 1.58 -28.13 6.28
C GLU B 88 2.66 -27.92 5.23
N ARG B 89 2.53 -26.86 4.43
CA ARG B 89 3.53 -26.57 3.42
C ARG B 89 4.81 -26.04 4.05
N ILE B 90 4.68 -25.41 5.21
CA ILE B 90 5.84 -24.88 5.93
C ILE B 90 6.80 -26.02 6.26
N TYR B 91 6.27 -27.10 6.81
CA TYR B 91 7.09 -28.27 7.16
C TYR B 91 7.83 -28.80 5.94
N ASN B 92 7.21 -28.66 4.78
CA ASN B 92 7.79 -29.10 3.52
C ASN B 92 8.95 -28.21 3.10
N GLU B 93 8.89 -26.95 3.50
CA GLU B 93 9.93 -25.98 3.17
C GLU B 93 11.06 -25.98 4.20
N ILE B 94 10.78 -26.55 5.37
CA ILE B 94 11.76 -26.63 6.46
C ILE B 94 13.15 -27.11 6.01
N PRO B 95 13.26 -28.26 5.31
CA PRO B 95 14.56 -28.78 4.85
C PRO B 95 15.28 -27.80 3.91
N ASP B 96 14.51 -27.02 3.16
CA ASP B 96 15.09 -26.05 2.23
C ASP B 96 15.62 -24.83 2.97
N ILE B 97 14.96 -24.51 4.08
CA ILE B 97 15.35 -23.36 4.89
C ILE B 97 16.49 -23.73 5.83
N ASN B 98 16.37 -24.87 6.50
CA ASN B 98 17.39 -25.32 7.45
C ASN B 98 18.61 -25.86 6.69
N LEU B 99 18.34 -26.68 5.68
CA LEU B 99 19.39 -27.28 4.86
C LEU B 99 20.32 -28.12 5.73
N ASP B 100 19.71 -29.03 6.49
CA ASP B 100 20.42 -29.92 7.40
C ASP B 100 20.82 -29.18 8.68
N VAL B 101 20.94 -29.93 9.77
CA VAL B 101 21.30 -29.37 11.07
C VAL B 101 20.23 -28.38 11.52
N PRO B 102 19.07 -28.91 11.97
CA PRO B 102 17.94 -28.08 12.41
C PRO B 102 18.32 -27.15 13.55
N HIS B 103 18.04 -25.86 13.36
CA HIS B 103 18.36 -24.86 14.37
C HIS B 103 17.17 -23.96 14.66
N SER B 104 16.30 -23.79 13.67
CA SER B 104 15.12 -22.96 13.82
C SER B 104 14.00 -23.74 14.52
N TYR B 105 14.36 -24.89 15.09
CA TYR B 105 13.39 -25.73 15.80
C TYR B 105 12.81 -24.98 16.99
N SER B 106 13.64 -24.20 17.67
CA SER B 106 13.19 -23.42 18.82
C SER B 106 12.14 -22.40 18.39
N VAL B 107 12.20 -22.03 17.11
CA VAL B 107 11.26 -21.06 16.56
C VAL B 107 9.94 -21.73 16.21
N LEU B 108 10.02 -22.76 15.39
CA LEU B 108 8.84 -23.52 14.97
C LEU B 108 8.13 -24.15 16.17
N GLU B 109 8.92 -24.76 17.05
CA GLU B 109 8.38 -25.40 18.25
C GLU B 109 7.55 -24.40 19.04
N ARG B 110 8.13 -23.23 19.29
CA ARG B 110 7.44 -22.17 20.03
C ARG B 110 6.25 -21.64 19.25
N PHE B 111 6.43 -21.45 17.94
CA PHE B 111 5.37 -20.95 17.08
C PHE B 111 4.18 -21.89 17.08
N VAL B 112 4.43 -23.18 16.85
CA VAL B 112 3.39 -24.19 16.83
C VAL B 112 2.69 -24.27 18.17
N GLU B 113 3.47 -24.25 19.26
CA GLU B 113 2.89 -24.32 20.60
C GLU B 113 2.07 -23.06 20.91
N GLU B 114 2.61 -21.91 20.52
CA GLU B 114 1.90 -20.65 20.71
C GLU B 114 0.55 -20.68 19.98
N CYS B 115 0.56 -21.15 18.74
CA CYS B 115 -0.67 -21.27 17.96
C CYS B 115 -1.60 -22.30 18.59
N PHE B 116 -1.00 -23.36 19.14
CA PHE B 116 -1.76 -24.40 19.81
C PHE B 116 -2.45 -23.82 21.04
N GLN B 117 -1.75 -22.92 21.73
CA GLN B 117 -2.27 -22.25 22.92
C GLN B 117 -3.41 -21.29 22.58
N ALA B 118 -3.60 -21.04 21.28
CA ALA B 118 -4.66 -20.17 20.83
C ALA B 118 -5.95 -20.98 20.87
N GLY B 119 -5.79 -22.29 20.75
CA GLY B 119 -6.90 -23.21 20.81
C GLY B 119 -7.86 -23.11 19.64
N ILE B 120 -7.38 -22.71 18.47
CA ILE B 120 -8.25 -22.59 17.30
C ILE B 120 -7.85 -23.62 16.24
N ILE B 121 -6.70 -24.26 16.44
CA ILE B 121 -6.21 -25.24 15.48
C ILE B 121 -6.24 -26.65 16.06
N SER B 122 -6.82 -27.58 15.30
CA SER B 122 -6.91 -28.98 15.71
C SER B 122 -5.54 -29.60 15.99
N LYS B 123 -5.52 -30.59 16.88
CA LYS B 123 -4.29 -31.29 17.26
C LYS B 123 -3.64 -31.95 16.06
N GLN B 124 -4.47 -32.39 15.12
CA GLN B 124 -4.02 -33.03 13.89
C GLN B 124 -2.88 -32.23 13.23
N LEU B 125 -2.99 -30.90 13.24
CA LEU B 125 -1.97 -30.05 12.65
C LEU B 125 -0.67 -30.13 13.44
N ARG B 126 -0.81 -30.10 14.77
CA ARG B 126 0.33 -30.19 15.67
C ARG B 126 1.08 -31.50 15.43
N ASP B 127 0.35 -32.61 15.45
CA ASP B 127 0.95 -33.94 15.23
C ASP B 127 1.68 -34.03 13.89
N LEU B 128 1.17 -33.31 12.89
CA LEU B 128 1.77 -33.30 11.56
C LEU B 128 3.21 -32.79 11.57
N CYS B 129 3.46 -31.74 12.35
CA CYS B 129 4.80 -31.15 12.44
C CYS B 129 5.73 -32.04 13.26
N PRO B 130 7.04 -31.98 12.97
CA PRO B 130 8.05 -32.77 13.69
C PRO B 130 8.13 -32.35 15.16
N SER B 131 7.36 -33.05 15.99
CA SER B 131 7.32 -32.78 17.41
C SER B 131 8.34 -33.64 18.15
N GLY A 1 2.79 31.07 -2.57
CA GLY A 1 2.07 32.03 -1.71
C GLY A 1 0.66 31.57 -1.41
N LEU A 2 -0.29 32.48 -1.56
CA LEU A 2 -1.69 32.17 -1.33
C LEU A 2 -2.45 32.12 -2.64
N PRO A 3 -3.38 31.17 -2.79
CA PRO A 3 -4.18 31.01 -4.01
C PRO A 3 -5.06 32.22 -4.31
N LEU A 4 -5.26 32.48 -5.59
CA LEU A 4 -6.09 33.59 -6.03
C LEU A 4 -7.40 33.07 -6.60
N ASP A 5 -8.51 33.40 -5.95
CA ASP A 5 -9.84 32.96 -6.38
C ASP A 5 -9.92 31.44 -6.41
N GLU A 6 -9.94 30.82 -5.24
CA GLU A 6 -9.96 29.37 -5.14
C GLU A 6 -11.27 28.79 -5.67
N ARG A 7 -12.38 29.26 -5.11
CA ARG A 7 -13.71 28.81 -5.54
C ARG A 7 -13.89 28.90 -7.04
N ALA A 8 -13.57 30.06 -7.61
CA ALA A 8 -13.71 30.27 -9.05
C ALA A 8 -12.83 29.28 -9.82
N PHE A 9 -11.63 29.05 -9.30
CA PHE A 9 -10.69 28.12 -9.90
C PHE A 9 -11.23 26.69 -9.86
N GLU A 10 -11.56 26.21 -8.65
CA GLU A 10 -12.07 24.86 -8.47
C GLU A 10 -13.31 24.61 -9.32
N LYS A 11 -14.26 25.54 -9.27
CA LYS A 11 -15.50 25.43 -10.04
C LYS A 11 -15.22 25.21 -11.52
N THR A 12 -14.31 26.00 -12.06
CA THR A 12 -13.95 25.91 -13.47
C THR A 12 -13.16 24.65 -13.77
N LEU A 13 -12.33 24.23 -12.82
CA LEU A 13 -11.50 23.05 -13.01
C LEU A 13 -12.24 21.74 -12.74
N THR A 14 -13.51 21.81 -12.41
CA THR A 14 -14.28 20.60 -12.14
C THR A 14 -14.61 19.82 -13.44
N PRO A 15 -15.29 20.47 -14.41
CA PRO A 15 -15.66 19.82 -15.68
C PRO A 15 -14.46 19.53 -16.58
N ILE A 16 -13.32 20.13 -16.26
CA ILE A 16 -12.12 19.96 -17.04
C ILE A 16 -11.49 18.59 -16.76
N ILE A 17 -11.45 18.21 -15.50
CA ILE A 17 -10.87 16.94 -15.10
C ILE A 17 -11.87 15.79 -15.22
N GLN A 18 -13.16 16.13 -15.33
CA GLN A 18 -14.20 15.11 -15.41
C GLN A 18 -13.89 14.09 -16.51
N GLU A 19 -13.68 14.56 -17.73
CA GLU A 19 -13.34 13.71 -18.87
C GLU A 19 -12.08 12.86 -18.65
N TYR A 20 -11.25 13.25 -17.69
CA TYR A 20 -10.01 12.53 -17.45
C TYR A 20 -10.30 11.23 -16.69
N PHE A 21 -11.45 11.19 -16.02
CA PHE A 21 -11.84 10.03 -15.27
C PHE A 21 -12.44 8.94 -16.15
N GLU A 22 -12.95 9.33 -17.32
CA GLU A 22 -13.56 8.36 -18.22
C GLU A 22 -12.59 7.94 -19.32
N HIS A 23 -12.23 8.88 -20.20
CA HIS A 23 -11.27 8.59 -21.26
C HIS A 23 -9.86 8.76 -20.71
N GLY A 24 -9.58 9.95 -20.19
CA GLY A 24 -8.29 10.21 -19.60
C GLY A 24 -7.19 10.60 -20.58
N ASP A 25 -7.43 11.63 -21.37
CA ASP A 25 -6.43 12.08 -22.33
C ASP A 25 -5.79 13.35 -21.82
N THR A 26 -4.62 13.21 -21.20
CA THR A 26 -3.89 14.32 -20.64
C THR A 26 -3.56 15.41 -21.67
N ASN A 27 -3.53 15.06 -22.95
CA ASN A 27 -3.23 16.04 -24.00
C ASN A 27 -4.36 17.04 -24.16
N GLU A 28 -5.59 16.59 -23.91
CA GLU A 28 -6.74 17.45 -24.02
C GLU A 28 -6.69 18.50 -22.91
N VAL A 29 -6.18 18.06 -21.78
CA VAL A 29 -6.03 18.88 -20.60
C VAL A 29 -4.79 19.79 -20.68
N ALA A 30 -3.83 19.43 -21.55
CA ALA A 30 -2.55 20.15 -21.60
C ALA A 30 -2.65 21.65 -21.87
N GLU A 31 -3.25 22.08 -23.00
CA GLU A 31 -3.38 23.52 -23.26
C GLU A 31 -4.32 24.22 -22.31
N MET A 32 -5.33 23.50 -21.82
CA MET A 32 -6.30 24.10 -20.91
C MET A 32 -5.61 24.74 -19.72
N LEU A 33 -4.57 24.08 -19.25
CA LEU A 33 -3.84 24.58 -18.11
C LEU A 33 -2.99 25.81 -18.46
N ARG A 34 -2.50 25.87 -19.71
CA ARG A 34 -1.66 26.99 -20.14
C ARG A 34 -2.54 28.16 -20.63
N ASP A 35 -3.81 27.84 -20.86
CA ASP A 35 -4.77 28.79 -21.43
C ASP A 35 -5.25 29.78 -20.39
N LEU A 36 -5.34 29.31 -19.15
CA LEU A 36 -5.80 30.16 -18.06
C LEU A 36 -4.64 30.84 -17.34
N ASN A 37 -3.42 30.63 -17.85
CA ASN A 37 -2.21 31.22 -17.28
C ASN A 37 -2.10 30.94 -15.78
N LEU A 38 -1.59 29.77 -15.44
CA LEU A 38 -1.46 29.39 -14.04
C LEU A 38 -0.01 29.22 -13.64
N GLY A 39 0.41 29.97 -12.63
CA GLY A 39 1.78 29.88 -12.15
C GLY A 39 1.83 29.16 -10.82
N GLU A 40 1.46 29.86 -9.75
CA GLU A 40 1.47 29.28 -8.42
C GLU A 40 0.16 28.52 -8.20
N MET A 41 -0.89 29.01 -8.82
CA MET A 41 -2.21 28.40 -8.73
C MET A 41 -2.27 27.13 -9.59
N LYS A 42 -1.18 26.90 -10.32
CA LYS A 42 -1.08 25.74 -11.19
C LYS A 42 -1.12 24.44 -10.39
N SER A 43 -0.66 24.51 -9.14
CA SER A 43 -0.66 23.35 -8.26
C SER A 43 -2.08 22.96 -7.89
N GLY A 44 -3.02 23.85 -8.18
CA GLY A 44 -4.42 23.60 -7.87
C GLY A 44 -4.96 22.33 -8.53
N VAL A 45 -4.87 22.25 -9.86
CA VAL A 45 -5.35 21.10 -10.62
C VAL A 45 -4.95 19.74 -10.05
N PRO A 46 -3.64 19.45 -9.91
CA PRO A 46 -3.16 18.17 -9.36
C PRO A 46 -3.74 17.87 -7.98
N VAL A 47 -4.05 18.92 -7.23
CA VAL A 47 -4.62 18.76 -5.91
C VAL A 47 -6.11 18.42 -6.02
N LEU A 48 -6.79 19.11 -6.92
CA LEU A 48 -8.22 18.90 -7.12
C LEU A 48 -8.53 17.48 -7.59
N ALA A 49 -8.02 17.08 -8.77
CA ALA A 49 -8.25 15.75 -9.31
C ALA A 49 -7.91 14.65 -8.31
N VAL A 50 -6.68 14.70 -7.79
CA VAL A 50 -6.23 13.73 -6.78
C VAL A 50 -7.27 13.59 -5.65
N SER A 51 -7.86 14.70 -5.24
CA SER A 51 -8.86 14.69 -4.17
C SER A 51 -10.20 14.10 -4.63
N LEU A 52 -10.54 14.27 -5.90
CA LEU A 52 -11.82 13.76 -6.43
C LEU A 52 -11.84 12.24 -6.48
N ALA A 53 -10.95 11.64 -7.28
CA ALA A 53 -10.86 10.18 -7.35
C ALA A 53 -10.57 9.57 -5.97
N LEU A 54 -9.91 10.38 -5.15
CA LEU A 54 -9.59 9.98 -3.78
C LEU A 54 -10.86 9.53 -3.09
N GLU A 55 -11.88 10.37 -3.15
CA GLU A 55 -13.17 10.08 -2.53
C GLU A 55 -13.86 8.82 -3.09
N GLY A 56 -13.82 8.62 -4.41
CA GLY A 56 -14.49 7.46 -5.00
C GLY A 56 -13.78 6.13 -4.85
N LYS A 57 -13.47 5.50 -5.99
CA LYS A 57 -12.82 4.19 -5.99
C LYS A 57 -11.31 4.25 -6.24
N ALA A 58 -10.61 3.26 -5.71
CA ALA A 58 -9.15 3.16 -5.84
C ALA A 58 -8.72 2.83 -7.25
N SER A 59 -9.56 2.13 -7.99
CA SER A 59 -9.25 1.73 -9.36
C SER A 59 -8.88 2.94 -10.22
N HIS A 60 -9.64 4.02 -10.06
CA HIS A 60 -9.38 5.23 -10.82
C HIS A 60 -8.23 6.08 -10.26
N ARG A 61 -7.92 5.89 -8.98
CA ARG A 61 -6.85 6.66 -8.32
C ARG A 61 -5.49 6.41 -8.96
N GLU A 62 -5.03 5.16 -8.91
CA GLU A 62 -3.76 4.78 -9.53
C GLU A 62 -3.67 5.24 -10.99
N MET A 63 -4.81 5.30 -11.66
CA MET A 63 -4.85 5.74 -13.05
C MET A 63 -4.63 7.26 -13.11
N THR A 64 -5.38 7.99 -12.28
CA THR A 64 -5.25 9.44 -12.19
C THR A 64 -3.81 9.89 -11.91
N SER A 65 -3.06 9.11 -11.14
CA SER A 65 -1.67 9.44 -10.82
C SER A 65 -0.83 9.77 -12.06
N LYS A 66 -1.17 9.18 -13.21
CA LYS A 66 -0.44 9.42 -14.45
C LYS A 66 -0.46 10.90 -14.84
N LEU A 67 -1.48 11.61 -14.37
CA LEU A 67 -1.66 13.02 -14.66
C LEU A 67 -0.44 13.84 -14.24
N LEU A 68 0.16 13.45 -13.12
CA LEU A 68 1.32 14.16 -12.60
C LEU A 68 2.53 14.04 -13.52
N SER A 69 3.02 12.82 -13.71
CA SER A 69 4.16 12.56 -14.59
C SER A 69 3.89 13.03 -16.02
N ASP A 70 2.60 13.12 -16.35
CA ASP A 70 2.18 13.58 -17.67
C ASP A 70 2.40 15.08 -17.80
N LEU A 71 1.78 15.83 -16.89
CA LEU A 71 1.91 17.29 -16.88
C LEU A 71 3.35 17.71 -16.56
N CYS A 72 3.98 16.98 -15.66
CA CYS A 72 5.35 17.26 -15.25
C CYS A 72 6.32 17.23 -16.43
N GLY A 73 7.33 18.08 -16.36
CA GLY A 73 8.32 18.18 -17.41
C GLY A 73 7.80 18.88 -18.65
N THR A 74 6.49 19.11 -18.68
CA THR A 74 5.87 19.77 -19.82
C THR A 74 5.23 21.10 -19.42
N VAL A 75 4.23 21.03 -18.56
CA VAL A 75 3.53 22.24 -18.11
C VAL A 75 3.63 22.39 -16.60
N MET A 76 4.43 21.53 -15.99
CA MET A 76 4.61 21.55 -14.55
C MET A 76 6.01 21.08 -14.19
N SER A 77 6.69 21.87 -13.38
CA SER A 77 8.04 21.53 -12.96
C SER A 77 7.97 20.65 -11.71
N THR A 78 9.07 19.98 -11.40
CA THR A 78 9.13 19.12 -10.21
C THR A 78 8.90 19.94 -8.95
N THR A 79 9.25 21.22 -9.04
CA THR A 79 9.09 22.16 -7.95
C THR A 79 7.60 22.44 -7.70
N ASP A 80 6.81 22.28 -8.76
CA ASP A 80 5.37 22.56 -8.68
C ASP A 80 4.64 21.38 -8.05
N VAL A 81 5.06 20.17 -8.42
CA VAL A 81 4.45 18.94 -7.92
C VAL A 81 4.50 18.89 -6.39
N GLU A 82 5.67 19.18 -5.82
CA GLU A 82 5.85 19.18 -4.37
C GLU A 82 4.85 20.14 -3.71
N LYS A 83 4.85 21.38 -4.18
CA LYS A 83 3.91 22.40 -3.68
C LYS A 83 2.47 21.91 -3.65
N SER A 84 2.10 21.02 -4.58
CA SER A 84 0.75 20.50 -4.64
C SER A 84 0.53 19.50 -3.49
N PHE A 85 1.49 18.60 -3.34
CA PHE A 85 1.46 17.60 -2.29
C PHE A 85 1.24 18.23 -0.91
N ASP A 86 2.01 19.28 -0.58
CA ASP A 86 1.87 19.96 0.70
C ASP A 86 0.46 20.52 0.87
N LYS A 87 0.04 21.31 -0.11
CA LYS A 87 -1.32 21.88 -0.11
C LYS A 87 -2.38 20.80 0.09
N LEU A 88 -2.15 19.64 -0.50
CA LEU A 88 -3.06 18.51 -0.38
C LEU A 88 -2.98 17.93 1.04
N LEU A 89 -1.76 17.74 1.51
CA LEU A 89 -1.53 17.20 2.85
C LEU A 89 -2.29 17.99 3.91
N LYS A 90 -2.08 19.30 3.95
CA LYS A 90 -2.77 20.17 4.90
C LYS A 90 -4.30 20.18 4.74
N ASP A 91 -4.78 19.71 3.59
CA ASP A 91 -6.23 19.67 3.33
C ASP A 91 -6.79 18.33 3.77
N LEU A 92 -6.03 17.27 3.47
CA LEU A 92 -6.37 15.89 3.82
C LEU A 92 -7.23 15.71 5.08
N PRO A 93 -6.83 16.27 6.25
CA PRO A 93 -7.63 16.13 7.48
C PRO A 93 -9.10 16.54 7.33
N GLU A 94 -9.45 17.28 6.28
CA GLU A 94 -10.84 17.71 6.10
C GLU A 94 -11.70 16.61 5.48
N LEU A 95 -11.32 16.10 4.30
CA LEU A 95 -12.06 15.02 3.68
C LEU A 95 -11.86 13.69 4.41
N ALA A 96 -10.81 13.63 5.22
CA ALA A 96 -10.51 12.44 6.00
C ALA A 96 -11.62 12.16 7.01
N LEU A 97 -12.48 13.15 7.20
CA LEU A 97 -13.59 13.01 8.14
C LEU A 97 -14.67 12.08 7.61
N ASP A 98 -14.76 11.87 6.29
CA ASP A 98 -15.81 11.00 5.77
C ASP A 98 -15.27 9.60 5.48
N THR A 99 -14.16 9.51 4.78
CA THR A 99 -13.58 8.19 4.53
C THR A 99 -12.48 7.89 5.54
N PRO A 100 -12.69 6.83 6.35
CA PRO A 100 -11.74 6.42 7.41
C PRO A 100 -10.32 6.14 6.93
N ARG A 101 -10.16 5.89 5.63
CA ARG A 101 -8.84 5.60 5.09
C ARG A 101 -8.44 6.60 4.02
N ALA A 102 -9.19 7.68 3.90
CA ALA A 102 -8.93 8.71 2.89
C ALA A 102 -7.48 9.22 2.92
N PRO A 103 -6.96 9.65 4.08
CA PRO A 103 -5.58 10.15 4.17
C PRO A 103 -4.55 9.09 3.77
N GLN A 104 -4.65 7.89 4.37
CA GLN A 104 -3.73 6.79 4.07
C GLN A 104 -3.63 6.49 2.58
N LEU A 105 -4.73 6.67 1.86
CA LEU A 105 -4.77 6.41 0.42
C LEU A 105 -3.76 7.27 -0.33
N VAL A 106 -3.56 8.49 0.17
CA VAL A 106 -2.62 9.43 -0.43
C VAL A 106 -1.20 8.87 -0.42
N GLY A 107 -0.92 7.99 0.54
CA GLY A 107 0.38 7.37 0.64
C GLY A 107 0.77 6.65 -0.65
N GLN A 108 -0.24 6.10 -1.33
CA GLN A 108 -0.02 5.40 -2.59
C GLN A 108 0.44 6.39 -3.67
N PHE A 109 -0.09 7.60 -3.61
CA PHE A 109 0.27 8.66 -4.55
C PHE A 109 1.70 9.12 -4.28
N ILE A 110 1.96 9.49 -3.04
CA ILE A 110 3.29 9.95 -2.63
C ILE A 110 4.37 8.94 -3.04
N ALA A 111 4.22 7.69 -2.59
CA ALA A 111 5.17 6.64 -2.94
C ALA A 111 5.35 6.53 -4.46
N ARG A 112 4.26 6.64 -5.20
CA ARG A 112 4.31 6.56 -6.65
C ARG A 112 5.15 7.69 -7.24
N ALA A 113 4.85 8.92 -6.81
CA ALA A 113 5.56 10.11 -7.27
C ALA A 113 7.08 9.98 -7.14
N VAL A 114 7.54 9.44 -6.01
CA VAL A 114 8.97 9.26 -5.79
C VAL A 114 9.52 8.20 -6.73
N GLY A 115 8.83 7.06 -6.78
CA GLY A 115 9.25 5.98 -7.66
C GLY A 115 9.29 6.40 -9.12
N ASP A 116 8.32 7.21 -9.51
CA ASP A 116 8.25 7.70 -10.89
C ASP A 116 9.36 8.71 -11.16
N GLY A 117 9.39 9.77 -10.37
CA GLY A 117 10.45 10.76 -10.52
C GLY A 117 9.90 12.17 -10.59
N ILE A 118 8.83 12.41 -9.86
CA ILE A 118 8.19 13.72 -9.83
C ILE A 118 8.09 14.26 -8.41
N LEU A 119 8.89 13.69 -7.52
CA LEU A 119 8.89 14.10 -6.12
C LEU A 119 10.26 13.84 -5.50
N CYS A 120 10.69 14.75 -4.63
CA CYS A 120 11.97 14.61 -3.96
C CYS A 120 12.00 13.35 -3.11
N ASN A 121 13.14 12.69 -3.06
CA ASN A 121 13.29 11.45 -2.28
C ASN A 121 13.16 11.70 -0.79
N THR A 122 13.85 12.71 -0.27
CA THR A 122 13.79 13.03 1.15
C THR A 122 12.55 13.86 1.52
N TYR A 123 11.52 13.83 0.67
CA TYR A 123 10.30 14.56 0.94
C TYR A 123 9.68 14.02 2.23
N ILE A 124 9.74 12.70 2.38
CA ILE A 124 9.20 12.04 3.56
C ILE A 124 10.04 12.41 4.77
N ASP A 125 11.36 12.44 4.58
CA ASP A 125 12.29 12.79 5.64
C ASP A 125 12.05 14.21 6.14
N SER A 126 11.65 15.10 5.24
CA SER A 126 11.38 16.48 5.59
C SER A 126 10.19 16.60 6.56
N TYR A 127 9.27 15.64 6.47
CA TYR A 127 8.10 15.62 7.34
C TYR A 127 8.20 14.44 8.30
N LYS A 128 9.42 13.92 8.41
CA LYS A 128 9.76 12.77 9.25
C LYS A 128 9.62 12.97 10.76
N GLY A 129 8.50 13.50 11.19
CA GLY A 129 8.30 13.71 12.60
C GLY A 129 7.95 15.15 12.84
N THR A 130 8.22 15.93 11.82
CA THR A 130 7.94 17.35 11.83
C THR A 130 6.49 17.60 11.44
N VAL A 131 5.59 16.74 11.93
CA VAL A 131 4.16 16.88 11.64
C VAL A 131 3.35 16.70 12.92
N ASP A 132 2.47 17.65 13.19
CA ASP A 132 1.63 17.64 14.38
C ASP A 132 0.27 17.00 14.10
N CYS A 133 0.11 16.46 12.90
CA CYS A 133 -1.14 15.84 12.50
C CYS A 133 -0.96 14.34 12.27
N VAL A 134 -1.82 13.53 12.86
CA VAL A 134 -1.74 12.08 12.71
C VAL A 134 -2.09 11.66 11.28
N GLN A 135 -3.15 12.26 10.73
CA GLN A 135 -3.58 11.98 9.36
C GLN A 135 -2.42 12.01 8.38
N ALA A 136 -1.57 13.04 8.48
CA ALA A 136 -0.42 13.16 7.60
C ALA A 136 0.70 12.22 8.05
N ARG A 137 0.81 12.04 9.37
CA ARG A 137 1.83 11.16 9.94
C ARG A 137 1.65 9.71 9.47
N ALA A 138 0.41 9.33 9.19
CA ALA A 138 0.13 7.96 8.76
C ALA A 138 0.46 7.79 7.28
N ALA A 139 -0.12 8.65 6.46
CA ALA A 139 0.08 8.63 5.01
C ALA A 139 1.54 8.65 4.61
N LEU A 140 2.32 9.51 5.25
CA LEU A 140 3.74 9.64 4.95
C LEU A 140 4.50 8.39 5.39
N ASP A 141 4.18 7.90 6.59
CA ASP A 141 4.85 6.72 7.12
C ASP A 141 4.48 5.46 6.34
N LYS A 142 3.30 5.46 5.72
CA LYS A 142 2.86 4.29 4.96
C LYS A 142 3.54 4.27 3.59
N ALA A 143 3.63 5.46 2.97
CA ALA A 143 4.23 5.61 1.65
C ALA A 143 5.62 5.00 1.57
N THR A 144 6.40 5.22 2.61
CA THR A 144 7.75 4.68 2.68
C THR A 144 7.73 3.16 2.48
N VAL A 145 6.93 2.46 3.28
CA VAL A 145 6.79 1.03 3.17
C VAL A 145 6.30 0.62 1.78
N LEU A 146 5.25 1.29 1.31
CA LEU A 146 4.68 1.01 -0.01
C LEU A 146 5.76 1.02 -1.09
N LEU A 147 6.63 2.01 -1.04
CA LEU A 147 7.72 2.14 -2.00
C LEU A 147 8.69 0.97 -1.88
N SER A 148 9.05 0.64 -0.65
CA SER A 148 9.98 -0.44 -0.38
C SER A 148 9.44 -1.80 -0.83
N MET A 149 8.12 -1.94 -0.83
CA MET A 149 7.50 -3.19 -1.24
C MET A 149 7.35 -3.25 -2.76
N SER A 150 7.18 -2.08 -3.37
CA SER A 150 7.02 -2.00 -4.82
C SER A 150 8.25 -2.52 -5.55
N LYS A 151 9.39 -2.52 -4.86
CA LYS A 151 10.64 -3.00 -5.44
C LYS A 151 10.54 -4.48 -5.80
N GLY A 152 9.74 -5.22 -5.04
CA GLY A 152 9.58 -6.64 -5.29
C GLY A 152 8.21 -6.98 -5.83
N GLY A 153 7.51 -5.97 -6.32
CA GLY A 153 6.18 -6.20 -6.85
C GLY A 153 5.97 -5.61 -8.23
N LYS A 154 6.47 -4.39 -8.45
CA LYS A 154 6.31 -3.72 -9.73
C LYS A 154 7.46 -4.07 -10.67
N ARG A 155 7.24 -5.09 -11.50
CA ARG A 155 8.24 -5.51 -12.46
C ARG A 155 7.93 -4.96 -13.85
N LYS A 156 6.75 -5.29 -14.36
CA LYS A 156 6.34 -4.83 -15.68
C LYS A 156 5.38 -3.65 -15.56
N ASP A 157 5.38 -2.78 -16.57
CA ASP A 157 4.50 -1.62 -16.57
C ASP A 157 4.44 -1.01 -17.97
N SER A 158 3.57 -1.56 -18.80
CA SER A 158 3.41 -1.07 -20.16
C SER A 158 2.00 -1.38 -20.67
N VAL A 159 1.76 -2.64 -20.97
CA VAL A 159 0.45 -3.08 -21.44
C VAL A 159 -0.41 -3.50 -20.26
N TRP A 160 -1.50 -2.79 -20.03
CA TRP A 160 -2.38 -3.10 -18.92
C TRP A 160 -3.69 -3.70 -19.40
N GLY A 161 -3.57 -4.86 -20.04
CA GLY A 161 -4.74 -5.57 -20.54
C GLY A 161 -5.31 -4.93 -21.79
N SER A 162 -5.97 -3.80 -21.63
CA SER A 162 -6.59 -3.09 -22.74
C SER A 162 -5.59 -2.12 -23.38
N GLY A 163 -4.34 -2.56 -23.49
CA GLY A 163 -3.31 -1.74 -24.08
C GLY A 163 -2.80 -0.69 -23.12
N GLY B 1 -4.77 1.40 -22.46
CA GLY B 1 -5.51 0.97 -21.26
C GLY B 1 -4.86 1.44 -19.98
N GLY B 2 -5.01 0.67 -18.91
CA GLY B 2 -4.42 1.03 -17.64
C GLY B 2 -5.45 1.62 -16.69
N GLN B 3 -6.73 1.47 -17.04
CA GLN B 3 -7.81 2.00 -16.22
C GLN B 3 -8.20 1.03 -15.13
N GLN B 4 -7.76 -0.22 -15.26
CA GLN B 4 -8.04 -1.25 -14.29
C GLN B 4 -6.85 -2.20 -14.16
N PRO B 5 -6.20 -2.19 -12.98
CA PRO B 5 -5.03 -3.03 -12.70
C PRO B 5 -5.32 -4.54 -12.75
N VAL B 6 -5.00 -5.16 -13.87
CA VAL B 6 -5.17 -6.59 -14.05
C VAL B 6 -3.98 -7.31 -13.44
N ASN B 7 -3.90 -7.29 -12.12
CA ASN B 7 -2.80 -7.88 -11.39
C ASN B 7 -3.27 -8.91 -10.37
N HIS B 8 -2.32 -9.68 -9.83
CA HIS B 8 -2.56 -10.71 -8.83
C HIS B 8 -1.21 -11.28 -8.41
N LEU B 9 -1.13 -11.89 -7.22
CA LEU B 9 0.12 -12.48 -6.71
C LEU B 9 1.05 -11.41 -6.14
N VAL B 10 1.62 -10.59 -7.01
CA VAL B 10 2.51 -9.52 -6.59
C VAL B 10 1.70 -8.26 -6.32
N LYS B 11 2.28 -7.33 -5.55
CA LYS B 11 1.62 -6.06 -5.20
C LYS B 11 0.43 -6.27 -4.24
N GLU B 12 -0.01 -7.50 -4.10
CA GLU B 12 -1.14 -7.82 -3.22
C GLU B 12 -0.71 -8.68 -2.02
N ILE B 13 -0.11 -9.83 -2.28
CA ILE B 13 0.30 -10.75 -1.20
C ILE B 13 1.52 -10.26 -0.42
N ASP B 14 2.64 -10.10 -1.12
CA ASP B 14 3.89 -9.66 -0.48
C ASP B 14 3.76 -8.26 0.10
N MET B 15 2.90 -7.47 -0.53
CA MET B 15 2.69 -6.09 -0.12
C MET B 15 1.99 -6.02 1.24
N LEU B 16 1.13 -7.00 1.52
CA LEU B 16 0.42 -7.03 2.78
C LEU B 16 1.33 -7.45 3.93
N LEU B 17 2.23 -8.37 3.65
CA LEU B 17 3.16 -8.88 4.66
C LEU B 17 4.25 -7.87 5.00
N LYS B 18 4.85 -7.30 3.97
CA LYS B 18 5.93 -6.35 4.15
C LYS B 18 5.50 -5.04 4.83
N GLU B 19 4.28 -4.61 4.59
CA GLU B 19 3.78 -3.38 5.21
C GLU B 19 3.60 -3.62 6.71
N TYR B 20 2.88 -4.67 7.00
CA TYR B 20 2.64 -5.07 8.38
C TYR B 20 3.94 -5.18 9.17
N LEU B 21 4.97 -5.76 8.56
CA LEU B 21 6.27 -5.93 9.22
C LEU B 21 7.00 -4.59 9.37
N LEU B 22 6.57 -3.61 8.59
CA LEU B 22 7.18 -2.29 8.63
C LEU B 22 6.42 -1.27 9.49
N SER B 23 5.20 -0.93 9.08
CA SER B 23 4.38 0.04 9.78
C SER B 23 3.81 -0.53 11.08
N GLY B 24 3.30 -1.75 11.02
CA GLY B 24 2.74 -2.38 12.21
C GLY B 24 1.25 -2.16 12.38
N ASP B 25 0.63 -1.39 11.47
CA ASP B 25 -0.80 -1.14 11.58
C ASP B 25 -1.63 -2.34 11.15
N ILE B 26 -2.49 -2.78 12.05
CA ILE B 26 -3.35 -3.94 11.80
C ILE B 26 -4.44 -3.64 10.78
N SER B 27 -5.25 -2.62 11.06
CA SER B 27 -6.37 -2.24 10.19
C SER B 27 -5.99 -2.02 8.73
N GLU B 28 -4.81 -1.46 8.48
CA GLU B 28 -4.37 -1.25 7.11
C GLU B 28 -4.30 -2.59 6.38
N ALA B 29 -3.86 -3.61 7.09
CA ALA B 29 -3.77 -4.95 6.54
C ALA B 29 -5.18 -5.56 6.41
N GLU B 30 -6.02 -5.29 7.40
CA GLU B 30 -7.39 -5.81 7.44
C GLU B 30 -8.20 -5.42 6.20
N HIS B 31 -8.02 -4.18 5.73
CA HIS B 31 -8.76 -3.71 4.57
C HIS B 31 -8.29 -4.35 3.28
N CYS B 32 -6.98 -4.48 3.12
CA CYS B 32 -6.42 -5.08 1.91
C CYS B 32 -6.84 -6.55 1.78
N LEU B 33 -6.97 -7.22 2.91
CA LEU B 33 -7.39 -8.62 2.91
C LEU B 33 -8.85 -8.70 2.46
N LYS B 34 -9.62 -7.70 2.87
CA LYS B 34 -11.03 -7.60 2.52
C LYS B 34 -11.25 -7.18 1.06
N GLU B 35 -10.26 -6.51 0.49
CA GLU B 35 -10.32 -6.07 -0.90
C GLU B 35 -10.45 -7.29 -1.82
N LEU B 36 -9.52 -8.25 -1.64
CA LEU B 36 -9.53 -9.48 -2.42
C LEU B 36 -10.88 -10.21 -2.37
N GLU B 37 -11.02 -11.22 -3.22
CA GLU B 37 -12.28 -11.94 -3.32
C GLU B 37 -12.11 -13.42 -2.97
N VAL B 38 -10.99 -14.01 -3.38
CA VAL B 38 -10.74 -15.42 -3.13
C VAL B 38 -10.19 -15.68 -1.72
N PRO B 39 -11.00 -16.33 -0.85
CA PRO B 39 -10.60 -16.66 0.51
C PRO B 39 -9.77 -17.95 0.54
N HIS B 40 -10.01 -18.80 -0.45
CA HIS B 40 -9.31 -20.07 -0.56
C HIS B 40 -7.83 -19.90 -0.92
N PHE B 41 -7.50 -18.79 -1.56
CA PHE B 41 -6.13 -18.52 -1.97
C PHE B 41 -5.39 -17.65 -0.96
N HIS B 42 -6.05 -17.33 0.15
CA HIS B 42 -5.46 -16.49 1.19
C HIS B 42 -4.40 -17.24 2.00
N HIS B 43 -4.21 -18.50 1.65
CA HIS B 43 -3.26 -19.37 2.35
C HIS B 43 -1.80 -19.00 2.03
N GLU B 44 -1.53 -18.80 0.74
CA GLU B 44 -0.20 -18.41 0.26
C GLU B 44 0.45 -17.28 1.09
N LEU B 45 -0.35 -16.32 1.52
CA LEU B 45 0.16 -15.21 2.34
C LEU B 45 0.50 -15.70 3.75
N VAL B 46 -0.48 -16.36 4.34
CA VAL B 46 -0.36 -16.93 5.68
C VAL B 46 0.94 -17.75 5.79
N TYR B 47 1.18 -18.58 4.80
CA TYR B 47 2.38 -19.42 4.74
C TYR B 47 3.68 -18.58 4.81
N GLU B 48 3.73 -17.50 4.04
CA GLU B 48 4.92 -16.64 3.99
C GLU B 48 5.17 -15.98 5.35
N ALA B 49 4.10 -15.44 5.93
CA ALA B 49 4.18 -14.81 7.25
C ALA B 49 4.82 -15.74 8.28
N ILE B 50 4.60 -17.03 8.12
CA ILE B 50 5.18 -18.01 9.01
C ILE B 50 6.68 -18.12 8.72
N VAL B 51 7.01 -18.32 7.45
CA VAL B 51 8.40 -18.41 7.01
C VAL B 51 9.24 -17.22 7.49
N MET B 52 8.78 -16.00 7.19
CA MET B 52 9.48 -14.78 7.60
C MET B 52 9.76 -14.75 9.11
N VAL B 53 8.69 -14.84 9.90
CA VAL B 53 8.83 -14.84 11.37
C VAL B 53 9.94 -15.80 11.84
N LEU B 54 10.10 -16.94 11.18
CA LEU B 54 11.15 -17.88 11.51
C LEU B 54 12.51 -17.33 11.05
N GLU B 55 12.55 -16.90 9.80
CA GLU B 55 13.75 -16.34 9.19
C GLU B 55 14.00 -14.87 9.59
N SER B 56 13.42 -14.43 10.69
CA SER B 56 13.56 -13.04 11.11
C SER B 56 14.85 -12.82 11.92
N THR B 57 14.91 -11.68 12.61
CA THR B 57 16.05 -11.31 13.43
C THR B 57 15.57 -10.53 14.65
N GLY B 58 15.74 -11.10 15.83
CA GLY B 58 15.31 -10.45 17.05
C GLY B 58 13.92 -10.87 17.48
N GLU B 59 13.61 -10.71 18.76
CA GLU B 59 12.32 -11.10 19.30
C GLU B 59 11.23 -10.12 18.89
N SER B 60 11.63 -8.91 18.53
CA SER B 60 10.72 -7.87 18.08
C SER B 60 9.88 -8.37 16.90
N ALA B 61 10.41 -9.38 16.22
CA ALA B 61 9.77 -9.96 15.05
C ALA B 61 8.64 -10.95 15.37
N PHE B 62 8.72 -11.65 16.50
CA PHE B 62 7.72 -12.67 16.88
C PHE B 62 6.30 -12.12 16.96
N LYS B 63 6.03 -11.32 18.00
CA LYS B 63 4.71 -10.70 18.16
C LYS B 63 4.35 -9.86 16.93
N MET B 64 5.39 -9.29 16.34
CA MET B 64 5.24 -8.48 15.14
C MET B 64 4.48 -9.28 14.10
N ILE B 65 4.93 -10.51 13.86
CA ILE B 65 4.26 -11.39 12.93
C ILE B 65 3.00 -12.01 13.54
N LEU B 66 3.06 -12.40 14.82
CA LEU B 66 1.91 -12.99 15.51
C LEU B 66 0.66 -12.12 15.41
N ASP B 67 0.86 -10.80 15.46
CA ASP B 67 -0.26 -9.86 15.35
C ASP B 67 -0.90 -9.98 13.98
N LEU B 68 -0.17 -10.56 13.06
CA LEU B 68 -0.69 -10.79 11.73
C LEU B 68 -1.57 -12.06 11.71
N LEU B 69 -1.18 -13.08 12.50
CA LEU B 69 -1.90 -14.37 12.51
C LEU B 69 -3.24 -14.40 13.25
N LYS B 70 -3.24 -14.36 14.58
CA LYS B 70 -4.48 -14.40 15.34
C LYS B 70 -5.29 -13.13 15.34
N SER B 71 -4.66 -12.02 15.03
CA SER B 71 -5.39 -10.76 15.13
C SER B 71 -6.29 -10.68 13.88
N LEU B 72 -5.90 -11.47 12.90
CA LEU B 72 -6.62 -11.53 11.62
C LEU B 72 -7.88 -12.41 11.74
N TRP B 73 -7.82 -13.39 12.65
CA TRP B 73 -8.88 -14.36 12.88
C TRP B 73 -10.18 -13.84 13.48
N LYS B 74 -10.10 -12.84 14.39
CA LYS B 74 -11.33 -12.38 15.11
C LYS B 74 -12.76 -12.69 14.60
N SER B 75 -13.18 -12.45 13.37
CA SER B 75 -14.56 -12.85 13.03
C SER B 75 -14.61 -14.17 12.24
N SER B 76 -13.49 -14.88 12.33
CA SER B 76 -13.26 -16.15 11.63
C SER B 76 -12.98 -15.86 10.16
N THR B 77 -12.16 -14.84 9.93
CA THR B 77 -11.80 -14.43 8.57
C THR B 77 -11.03 -15.55 7.88
N ILE B 78 -9.87 -15.88 8.43
CA ILE B 78 -9.06 -16.96 7.89
C ILE B 78 -9.46 -18.26 8.57
N THR B 79 -10.12 -19.14 7.84
CA THR B 79 -10.55 -20.41 8.39
C THR B 79 -9.34 -21.34 8.57
N ILE B 80 -9.35 -22.15 9.61
CA ILE B 80 -8.26 -23.07 9.94
C ILE B 80 -7.74 -23.95 8.78
N ASP B 81 -8.56 -24.29 7.80
CA ASP B 81 -8.09 -25.16 6.73
C ASP B 81 -7.13 -24.38 5.82
N GLN B 82 -7.32 -23.08 5.82
CA GLN B 82 -6.51 -22.20 5.00
C GLN B 82 -5.10 -22.11 5.57
N MET B 83 -4.98 -22.05 6.89
CA MET B 83 -3.69 -21.97 7.56
C MET B 83 -3.09 -23.36 7.68
N LYS B 84 -3.94 -24.37 7.53
CA LYS B 84 -3.52 -25.76 7.67
C LYS B 84 -2.57 -26.13 6.55
N ARG B 85 -2.94 -25.72 5.34
CA ARG B 85 -2.13 -25.94 4.17
C ARG B 85 -0.83 -25.16 4.29
N GLY B 86 -0.83 -24.18 5.20
CA GLY B 86 0.34 -23.36 5.43
C GLY B 86 1.31 -24.06 6.36
N TYR B 87 0.80 -24.49 7.51
CA TYR B 87 1.61 -25.18 8.52
C TYR B 87 2.21 -26.47 7.99
N GLU B 88 1.46 -27.17 7.15
CA GLU B 88 1.93 -28.43 6.57
C GLU B 88 3.08 -28.15 5.61
N ARG B 89 3.06 -26.97 5.01
CA ARG B 89 4.11 -26.56 4.08
C ARG B 89 5.39 -26.17 4.85
N ILE B 90 5.24 -25.80 6.13
CA ILE B 90 6.41 -25.38 6.92
C ILE B 90 7.46 -26.48 7.01
N TYR B 91 7.16 -27.62 7.65
CA TYR B 91 8.15 -28.72 7.69
C TYR B 91 8.46 -29.28 6.31
N ASN B 92 7.63 -28.95 5.34
CA ASN B 92 7.83 -29.40 3.99
C ASN B 92 8.98 -28.61 3.35
N GLU B 93 9.06 -27.33 3.71
CA GLU B 93 10.11 -26.44 3.20
C GLU B 93 11.29 -26.38 4.16
N ILE B 94 11.07 -26.82 5.39
CA ILE B 94 12.10 -26.82 6.42
C ILE B 94 13.44 -27.41 5.94
N PRO B 95 13.45 -28.62 5.34
CA PRO B 95 14.70 -29.24 4.85
C PRO B 95 15.46 -28.35 3.88
N ASP B 96 14.73 -27.53 3.13
CA ASP B 96 15.34 -26.64 2.15
C ASP B 96 16.05 -25.48 2.83
N ILE B 97 15.49 -25.00 3.94
CA ILE B 97 16.06 -23.88 4.69
C ILE B 97 17.06 -24.40 5.74
N ASN B 98 16.79 -25.59 6.25
CA ASN B 98 17.64 -26.19 7.27
C ASN B 98 18.88 -26.84 6.66
N LEU B 99 18.66 -27.88 5.86
CA LEU B 99 19.75 -28.62 5.22
C LEU B 99 20.76 -29.10 6.27
N ASP B 100 20.27 -29.98 7.14
CA ASP B 100 21.07 -30.57 8.23
C ASP B 100 21.20 -29.59 9.40
N VAL B 101 21.50 -30.13 10.58
CA VAL B 101 21.63 -29.33 11.81
C VAL B 101 20.39 -28.44 12.00
N PRO B 102 19.25 -29.06 12.35
CA PRO B 102 17.99 -28.34 12.54
C PRO B 102 17.89 -27.53 13.84
N HIS B 103 18.90 -26.71 14.12
CA HIS B 103 18.90 -25.86 15.32
C HIS B 103 17.70 -24.92 15.33
N SER B 104 17.11 -24.71 14.16
CA SER B 104 15.95 -23.84 14.02
C SER B 104 14.75 -24.40 14.77
N TYR B 105 14.88 -25.66 15.22
CA TYR B 105 13.83 -26.33 15.98
C TYR B 105 13.49 -25.55 17.24
N SER B 106 14.50 -24.86 17.77
CA SER B 106 14.31 -24.02 18.94
C SER B 106 13.13 -23.08 18.68
N VAL B 107 13.08 -22.52 17.48
CA VAL B 107 12.01 -21.61 17.06
C VAL B 107 10.79 -22.38 16.59
N LEU B 108 11.02 -23.33 15.66
CA LEU B 108 9.93 -24.13 15.06
C LEU B 108 8.75 -24.52 15.94
N GLU B 109 8.91 -25.23 17.04
CA GLU B 109 7.74 -25.56 17.83
C GLU B 109 7.37 -24.50 18.84
N ARG B 110 8.30 -23.59 19.07
CA ARG B 110 8.10 -22.56 20.09
C ARG B 110 6.87 -21.73 19.79
N PHE B 111 6.74 -21.28 18.55
CA PHE B 111 5.60 -20.48 18.13
C PHE B 111 4.37 -21.36 17.91
N VAL B 112 4.61 -22.63 17.59
CA VAL B 112 3.53 -23.57 17.34
C VAL B 112 2.86 -23.94 18.65
N GLU B 113 3.67 -24.25 19.66
CA GLU B 113 3.17 -24.58 20.99
C GLU B 113 2.57 -23.36 21.66
N GLU B 114 3.04 -22.19 21.24
CA GLU B 114 2.58 -20.93 21.80
C GLU B 114 1.13 -20.70 21.39
N CYS B 115 0.90 -20.68 20.09
CA CYS B 115 -0.42 -20.47 19.51
C CYS B 115 -1.31 -21.72 19.56
N PHE B 116 -0.72 -22.86 19.89
CA PHE B 116 -1.42 -24.14 19.84
C PHE B 116 -2.77 -24.12 20.57
N GLN B 117 -2.79 -23.95 21.88
CA GLN B 117 -4.05 -23.87 22.59
C GLN B 117 -4.84 -22.57 22.46
N ALA B 118 -4.33 -21.60 21.70
CA ALA B 118 -5.00 -20.29 21.60
C ALA B 118 -6.41 -20.40 21.02
N GLY B 119 -6.74 -21.54 20.41
CA GLY B 119 -8.06 -21.72 19.85
C GLY B 119 -8.11 -21.45 18.36
N ILE B 120 -6.95 -21.51 17.71
CA ILE B 120 -6.89 -21.27 16.27
C ILE B 120 -6.57 -22.55 15.50
N ILE B 121 -5.50 -23.23 15.89
CA ILE B 121 -5.11 -24.46 15.22
C ILE B 121 -5.90 -25.66 15.76
N SER B 122 -5.52 -26.85 15.31
CA SER B 122 -6.19 -28.06 15.73
C SER B 122 -5.18 -28.99 16.37
N LYS B 123 -5.64 -29.90 17.20
CA LYS B 123 -4.75 -30.82 17.87
C LYS B 123 -4.11 -31.78 16.86
N GLN B 124 -4.75 -31.97 15.71
CA GLN B 124 -4.24 -32.85 14.68
C GLN B 124 -3.17 -32.14 13.85
N LEU B 125 -3.31 -30.81 13.72
CA LEU B 125 -2.39 -29.99 12.94
C LEU B 125 -0.94 -30.10 13.39
N ARG B 126 -0.71 -30.10 14.70
CA ARG B 126 0.62 -30.21 15.25
C ARG B 126 1.11 -31.65 15.18
N ASP B 127 0.16 -32.56 14.98
CA ASP B 127 0.45 -33.99 14.96
C ASP B 127 1.30 -34.36 13.74
N LEU B 128 1.33 -33.47 12.76
CA LEU B 128 2.12 -33.68 11.54
C LEU B 128 3.46 -32.96 11.67
N CYS B 129 3.62 -32.24 12.76
CA CYS B 129 4.84 -31.47 13.02
C CYS B 129 5.85 -32.33 13.78
N PRO B 130 7.16 -32.14 13.50
CA PRO B 130 8.24 -32.88 14.16
C PRO B 130 8.44 -32.43 15.61
N SER B 131 7.43 -32.65 16.44
CA SER B 131 7.47 -32.29 17.84
C SER B 131 8.58 -33.03 18.58
N GLY A 1 2.14 30.73 -1.96
CA GLY A 1 1.41 31.91 -1.45
C GLY A 1 -0.04 31.58 -1.19
N LEU A 2 -0.93 32.47 -1.61
CA LEU A 2 -2.35 32.28 -1.42
C LEU A 2 -3.06 32.26 -2.77
N PRO A 3 -3.98 31.30 -2.97
CA PRO A 3 -4.73 31.17 -4.22
C PRO A 3 -5.74 32.31 -4.38
N LEU A 4 -5.82 32.86 -5.58
CA LEU A 4 -6.73 33.95 -5.86
C LEU A 4 -7.98 33.47 -6.59
N ASP A 5 -9.14 33.82 -6.03
CA ASP A 5 -10.44 33.47 -6.61
C ASP A 5 -10.67 31.97 -6.69
N GLU A 6 -10.43 31.26 -5.60
CA GLU A 6 -10.61 29.82 -5.53
C GLU A 6 -12.07 29.42 -5.66
N ARG A 7 -12.97 30.38 -5.53
CA ARG A 7 -14.39 30.06 -5.56
C ARG A 7 -14.76 29.71 -6.99
N ALA A 8 -14.33 30.58 -7.88
CA ALA A 8 -14.58 30.43 -9.30
C ALA A 8 -13.66 29.37 -9.88
N PHE A 9 -12.50 29.20 -9.26
CA PHE A 9 -11.49 28.27 -9.76
C PHE A 9 -11.98 26.82 -9.71
N GLU A 10 -12.30 26.29 -8.52
CA GLU A 10 -12.78 24.92 -8.42
C GLU A 10 -14.06 24.71 -9.22
N LYS A 11 -14.97 25.66 -9.11
CA LYS A 11 -16.26 25.58 -9.82
C LYS A 11 -16.06 25.32 -11.31
N THR A 12 -15.23 26.15 -11.94
CA THR A 12 -14.96 26.03 -13.36
C THR A 12 -14.03 24.86 -13.69
N LEU A 13 -13.20 24.45 -12.74
CA LEU A 13 -12.25 23.36 -12.97
C LEU A 13 -12.87 21.99 -12.70
N THR A 14 -14.16 21.97 -12.38
CA THR A 14 -14.83 20.71 -12.09
C THR A 14 -15.05 19.89 -13.38
N PRO A 15 -15.82 20.44 -14.36
CA PRO A 15 -16.10 19.73 -15.60
C PRO A 15 -14.91 19.71 -16.56
N ILE A 16 -13.86 20.42 -16.21
CA ILE A 16 -12.68 20.49 -17.05
C ILE A 16 -11.89 19.19 -16.95
N ILE A 17 -11.72 18.71 -15.72
CA ILE A 17 -10.97 17.48 -15.46
C ILE A 17 -11.86 16.24 -15.54
N GLN A 18 -13.18 16.44 -15.48
CA GLN A 18 -14.12 15.32 -15.47
C GLN A 18 -13.85 14.31 -16.59
N GLU A 19 -13.69 14.82 -17.81
CA GLU A 19 -13.39 14.00 -18.98
C GLU A 19 -12.14 13.13 -18.82
N TYR A 20 -11.31 13.44 -17.82
CA TYR A 20 -10.06 12.70 -17.65
C TYR A 20 -10.37 11.39 -16.91
N PHE A 21 -11.54 11.35 -16.26
CA PHE A 21 -11.96 10.18 -15.52
C PHE A 21 -12.64 9.17 -16.43
N GLU A 22 -13.11 9.61 -17.59
CA GLU A 22 -13.79 8.70 -18.51
C GLU A 22 -12.86 8.11 -19.56
N HIS A 23 -12.30 8.94 -20.43
CA HIS A 23 -11.35 8.42 -21.41
C HIS A 23 -9.92 8.64 -20.97
N GLY A 24 -9.63 9.85 -20.51
CA GLY A 24 -8.30 10.16 -20.05
C GLY A 24 -7.44 10.77 -21.13
N ASP A 25 -7.43 12.09 -21.18
CA ASP A 25 -6.62 12.80 -22.17
C ASP A 25 -5.99 14.00 -21.50
N THR A 26 -4.92 13.75 -20.76
CA THR A 26 -4.21 14.80 -20.07
C THR A 26 -3.66 15.84 -21.04
N ASN A 27 -3.46 15.42 -22.29
CA ASN A 27 -2.97 16.31 -23.33
C ASN A 27 -4.01 17.41 -23.58
N GLU A 28 -5.28 17.04 -23.44
CA GLU A 28 -6.37 17.99 -23.64
C GLU A 28 -6.37 19.00 -22.50
N VAL A 29 -6.12 18.51 -21.28
CA VAL A 29 -6.07 19.37 -20.10
C VAL A 29 -4.93 20.39 -20.27
N ALA A 30 -3.74 19.87 -20.56
CA ALA A 30 -2.54 20.67 -20.85
C ALA A 30 -2.81 21.80 -21.85
N GLU A 31 -3.83 21.59 -22.67
CA GLU A 31 -4.19 22.58 -23.69
C GLU A 31 -4.94 23.74 -23.05
N MET A 32 -5.92 23.39 -22.22
CA MET A 32 -6.78 24.37 -21.56
C MET A 32 -6.09 25.07 -20.39
N LEU A 33 -5.28 24.32 -19.63
CA LEU A 33 -4.59 24.86 -18.47
C LEU A 33 -3.77 26.12 -18.75
N ARG A 34 -3.30 26.27 -19.99
CA ARG A 34 -2.46 27.39 -20.37
C ARG A 34 -3.32 28.64 -20.63
N ASP A 35 -4.62 28.40 -20.78
CA ASP A 35 -5.56 29.48 -21.14
C ASP A 35 -5.97 30.28 -19.91
N LEU A 36 -5.58 29.83 -18.74
CA LEU A 36 -5.93 30.52 -17.51
C LEU A 36 -4.72 31.20 -16.87
N ASN A 37 -3.57 31.12 -17.55
CA ASN A 37 -2.30 31.71 -17.08
C ASN A 37 -2.01 31.39 -15.61
N LEU A 38 -2.48 30.23 -15.17
CA LEU A 38 -2.30 29.78 -13.81
C LEU A 38 -0.83 29.76 -13.38
N GLY A 39 -0.49 30.62 -12.43
CA GLY A 39 0.86 30.68 -11.91
C GLY A 39 1.03 29.71 -10.76
N GLU A 40 0.80 30.18 -9.54
CA GLU A 40 0.88 29.30 -8.37
C GLU A 40 -0.42 28.52 -8.27
N MET A 41 -1.48 29.12 -8.80
CA MET A 41 -2.80 28.49 -8.82
C MET A 41 -2.78 27.24 -9.69
N LYS A 42 -1.75 27.13 -10.50
CA LYS A 42 -1.56 25.98 -11.40
C LYS A 42 -1.41 24.69 -10.59
N SER A 43 -0.89 24.82 -9.38
CA SER A 43 -0.69 23.67 -8.51
C SER A 43 -2.03 23.17 -7.96
N GLY A 44 -3.04 24.03 -8.00
CA GLY A 44 -4.36 23.68 -7.52
C GLY A 44 -4.99 22.52 -8.28
N VAL A 45 -4.90 22.55 -9.61
CA VAL A 45 -5.48 21.50 -10.47
C VAL A 45 -5.10 20.07 -10.05
N PRO A 46 -3.80 19.70 -10.03
CA PRO A 46 -3.37 18.36 -9.65
C PRO A 46 -3.87 17.95 -8.27
N VAL A 47 -4.03 18.93 -7.39
CA VAL A 47 -4.52 18.68 -6.04
C VAL A 47 -6.00 18.32 -6.10
N LEU A 48 -6.75 19.10 -6.88
CA LEU A 48 -8.18 18.89 -7.04
C LEU A 48 -8.49 17.48 -7.58
N ALA A 49 -7.98 17.19 -8.77
CA ALA A 49 -8.20 15.87 -9.40
C ALA A 49 -7.84 14.73 -8.46
N VAL A 50 -6.63 14.76 -7.93
CA VAL A 50 -6.18 13.72 -6.98
C VAL A 50 -7.20 13.53 -5.85
N SER A 51 -7.73 14.63 -5.32
CA SER A 51 -8.71 14.56 -4.24
C SER A 51 -10.01 13.91 -4.71
N LEU A 52 -10.41 14.20 -5.95
CA LEU A 52 -11.65 13.64 -6.50
C LEU A 52 -11.54 12.12 -6.66
N ALA A 53 -10.58 11.67 -7.48
CA ALA A 53 -10.36 10.24 -7.68
C ALA A 53 -10.12 9.52 -6.35
N LEU A 54 -9.36 10.16 -5.48
CA LEU A 54 -9.07 9.60 -4.15
C LEU A 54 -10.38 9.20 -3.48
N GLU A 55 -11.34 10.13 -3.49
CA GLU A 55 -12.65 9.89 -2.90
C GLU A 55 -13.35 8.67 -3.51
N GLY A 56 -13.23 8.47 -4.82
CA GLY A 56 -13.84 7.31 -5.46
C GLY A 56 -13.06 6.02 -5.30
N LYS A 57 -13.13 5.18 -6.34
CA LYS A 57 -12.45 3.89 -6.34
C LYS A 57 -10.96 4.00 -6.67
N ALA A 58 -10.24 2.91 -6.46
CA ALA A 58 -8.80 2.85 -6.72
C ALA A 58 -8.52 2.92 -8.21
N SER A 59 -9.44 2.41 -9.02
CA SER A 59 -9.30 2.41 -10.47
C SER A 59 -9.11 3.83 -11.00
N HIS A 60 -9.92 4.76 -10.49
CA HIS A 60 -9.83 6.14 -10.91
C HIS A 60 -8.59 6.82 -10.32
N ARG A 61 -8.17 6.37 -9.14
CA ARG A 61 -6.99 6.92 -8.49
C ARG A 61 -5.75 6.63 -9.33
N GLU A 62 -5.48 5.34 -9.52
CA GLU A 62 -4.33 4.87 -10.32
C GLU A 62 -4.24 5.57 -11.67
N MET A 63 -5.38 5.85 -12.30
CA MET A 63 -5.37 6.52 -13.59
C MET A 63 -4.83 7.94 -13.44
N THR A 64 -5.36 8.67 -12.46
CA THR A 64 -4.93 10.03 -12.17
C THR A 64 -3.41 10.16 -11.94
N SER A 65 -2.76 9.14 -11.39
CA SER A 65 -1.30 9.17 -11.18
C SER A 65 -0.54 9.56 -12.47
N LYS A 66 -1.10 9.19 -13.63
CA LYS A 66 -0.48 9.50 -14.91
C LYS A 66 -0.55 11.00 -15.20
N LEU A 67 -1.57 11.65 -14.66
CA LEU A 67 -1.79 13.09 -14.87
C LEU A 67 -0.61 13.89 -14.33
N LEU A 68 -0.03 13.43 -13.24
CA LEU A 68 1.10 14.10 -12.63
C LEU A 68 2.28 14.15 -13.61
N SER A 69 2.78 12.97 -13.99
CA SER A 69 3.89 12.88 -14.95
C SER A 69 3.53 13.54 -16.29
N ASP A 70 2.24 13.62 -16.56
CA ASP A 70 1.76 14.23 -17.79
C ASP A 70 1.88 15.75 -17.73
N LEU A 71 1.26 16.34 -16.71
CA LEU A 71 1.31 17.78 -16.50
C LEU A 71 2.71 18.27 -16.19
N CYS A 72 3.49 17.45 -15.48
CA CYS A 72 4.86 17.81 -15.13
C CYS A 72 5.71 18.02 -16.37
N GLY A 73 6.66 18.94 -16.30
CA GLY A 73 7.52 19.24 -17.43
C GLY A 73 6.85 20.16 -18.42
N THR A 74 5.74 19.71 -18.99
CA THR A 74 5.00 20.48 -19.98
C THR A 74 4.30 21.67 -19.32
N VAL A 75 3.48 21.40 -18.32
CA VAL A 75 2.77 22.45 -17.60
C VAL A 75 3.54 22.87 -16.36
N MET A 76 3.25 22.24 -15.22
CA MET A 76 3.93 22.56 -13.97
C MET A 76 5.36 22.03 -13.92
N SER A 77 6.14 22.60 -13.03
CA SER A 77 7.54 22.21 -12.85
C SER A 77 7.65 21.21 -11.70
N THR A 78 8.84 20.67 -11.48
CA THR A 78 9.07 19.72 -10.40
C THR A 78 8.82 20.40 -9.06
N THR A 79 9.16 21.68 -8.99
CA THR A 79 8.96 22.49 -7.79
C THR A 79 7.48 22.66 -7.49
N ASP A 80 6.67 22.59 -8.54
CA ASP A 80 5.23 22.78 -8.40
C ASP A 80 4.63 21.55 -7.73
N VAL A 81 5.29 20.42 -7.92
CA VAL A 81 4.84 19.15 -7.35
C VAL A 81 4.80 19.22 -5.83
N GLU A 82 5.89 19.68 -5.21
CA GLU A 82 5.95 19.78 -3.76
C GLU A 82 4.84 20.69 -3.25
N LYS A 83 4.78 21.91 -3.80
CA LYS A 83 3.73 22.87 -3.44
C LYS A 83 2.34 22.24 -3.45
N SER A 84 2.10 21.32 -4.38
CA SER A 84 0.82 20.63 -4.46
C SER A 84 0.75 19.58 -3.35
N PHE A 85 1.83 18.82 -3.22
CA PHE A 85 1.95 17.80 -2.19
C PHE A 85 1.69 18.39 -0.80
N ASP A 86 2.42 19.45 -0.47
CA ASP A 86 2.28 20.15 0.81
C ASP A 86 0.85 20.66 0.99
N LYS A 87 0.19 20.97 -0.12
CA LYS A 87 -1.18 21.47 -0.08
C LYS A 87 -2.15 20.35 0.25
N LEU A 88 -1.98 19.22 -0.43
CA LEU A 88 -2.83 18.06 -0.21
C LEU A 88 -2.68 17.55 1.21
N LEU A 89 -1.46 17.61 1.73
CA LEU A 89 -1.20 17.17 3.09
C LEU A 89 -2.00 18.01 4.08
N LYS A 90 -1.82 19.32 4.01
CA LYS A 90 -2.55 20.26 4.85
C LYS A 90 -4.08 20.11 4.74
N ASP A 91 -4.57 19.65 3.60
CA ASP A 91 -6.01 19.46 3.39
C ASP A 91 -6.47 18.11 3.92
N LEU A 92 -5.64 17.10 3.65
CA LEU A 92 -5.88 15.70 4.06
C LEU A 92 -6.68 15.53 5.36
N PRO A 93 -6.33 16.18 6.49
CA PRO A 93 -7.08 16.04 7.74
C PRO A 93 -8.60 16.20 7.61
N GLU A 94 -9.06 16.96 6.62
CA GLU A 94 -10.50 17.15 6.45
C GLU A 94 -11.16 15.94 5.81
N LEU A 95 -10.67 15.52 4.64
CA LEU A 95 -11.22 14.35 3.97
C LEU A 95 -10.89 13.05 4.67
N ALA A 96 -9.82 13.05 5.47
CA ALA A 96 -9.41 11.86 6.21
C ALA A 96 -10.52 11.40 7.16
N LEU A 97 -11.42 12.31 7.44
CA LEU A 97 -12.52 12.02 8.34
C LEU A 97 -13.65 11.26 7.64
N ASP A 98 -13.78 11.35 6.31
CA ASP A 98 -14.86 10.64 5.63
C ASP A 98 -14.48 9.18 5.39
N THR A 99 -13.27 8.96 4.90
CA THR A 99 -12.80 7.58 4.71
C THR A 99 -11.76 7.21 5.78
N PRO A 100 -12.00 6.12 6.51
CA PRO A 100 -11.07 5.65 7.56
C PRO A 100 -9.69 5.30 7.02
N ARG A 101 -9.60 5.05 5.72
CA ARG A 101 -8.34 4.71 5.08
C ARG A 101 -7.90 5.81 4.12
N ALA A 102 -8.45 7.00 4.33
CA ALA A 102 -8.12 8.15 3.48
C ALA A 102 -6.65 8.56 3.61
N PRO A 103 -6.13 8.77 4.85
CA PRO A 103 -4.73 9.15 5.04
C PRO A 103 -3.78 8.16 4.38
N GLN A 104 -3.96 6.87 4.68
CA GLN A 104 -3.13 5.81 4.10
C GLN A 104 -3.08 5.89 2.58
N LEU A 105 -4.19 6.28 1.96
CA LEU A 105 -4.28 6.38 0.50
C LEU A 105 -3.27 7.37 -0.07
N VAL A 106 -3.06 8.49 0.63
CA VAL A 106 -2.12 9.51 0.18
C VAL A 106 -0.70 8.95 0.18
N GLY A 107 -0.41 8.07 1.14
CA GLY A 107 0.89 7.45 1.23
C GLY A 107 1.22 6.62 0.01
N GLN A 108 0.18 6.06 -0.60
CA GLN A 108 0.33 5.24 -1.80
C GLN A 108 0.76 6.10 -2.98
N PHE A 109 0.21 7.31 -3.03
CA PHE A 109 0.55 8.24 -4.10
C PHE A 109 1.97 8.75 -3.96
N ILE A 110 2.32 9.17 -2.75
CA ILE A 110 3.67 9.68 -2.49
C ILE A 110 4.74 8.68 -2.94
N ALA A 111 4.67 7.45 -2.42
CA ALA A 111 5.64 6.41 -2.79
C ALA A 111 5.74 6.20 -4.30
N ARG A 112 4.62 6.25 -5.00
CA ARG A 112 4.60 6.06 -6.44
C ARG A 112 5.33 7.20 -7.15
N ALA A 113 5.04 8.43 -6.73
CA ALA A 113 5.65 9.61 -7.32
C ALA A 113 7.17 9.62 -7.17
N VAL A 114 7.65 9.21 -6.00
CA VAL A 114 9.09 9.17 -5.73
C VAL A 114 9.81 8.21 -6.66
N GLY A 115 9.34 6.96 -6.70
CA GLY A 115 9.96 5.96 -7.56
C GLY A 115 9.88 6.30 -9.03
N ASP A 116 8.70 6.73 -9.47
CA ASP A 116 8.53 7.11 -10.86
C ASP A 116 9.46 8.24 -11.27
N GLY A 117 9.45 9.33 -10.51
CA GLY A 117 10.37 10.43 -10.80
C GLY A 117 9.72 11.79 -10.75
N ILE A 118 8.62 11.90 -10.04
CA ILE A 118 7.91 13.16 -9.93
C ILE A 118 7.86 13.64 -8.48
N LEU A 119 8.97 13.44 -7.76
CA LEU A 119 9.06 13.84 -6.36
C LEU A 119 10.46 13.53 -5.83
N CYS A 120 10.95 14.38 -4.93
CA CYS A 120 12.25 14.17 -4.33
C CYS A 120 12.13 13.21 -3.14
N ASN A 121 13.07 12.30 -3.02
CA ASN A 121 13.05 11.33 -1.92
C ASN A 121 13.20 12.03 -0.58
N THR A 122 14.19 12.92 -0.49
CA THR A 122 14.44 13.71 0.72
C THR A 122 13.20 14.49 1.20
N TYR A 123 12.18 14.60 0.37
CA TYR A 123 10.96 15.31 0.73
C TYR A 123 10.36 14.72 2.01
N ILE A 124 10.31 13.39 2.06
CA ILE A 124 9.76 12.69 3.22
C ILE A 124 10.68 12.85 4.43
N ASP A 125 11.99 12.82 4.17
CA ASP A 125 12.98 12.95 5.23
C ASP A 125 12.91 14.33 5.89
N SER A 126 12.50 15.32 5.10
CA SER A 126 12.39 16.69 5.59
C SER A 126 11.24 16.83 6.58
N TYR A 127 10.24 15.97 6.44
CA TYR A 127 9.09 15.97 7.33
C TYR A 127 9.14 14.81 8.33
N LYS A 128 10.28 14.11 8.36
CA LYS A 128 10.48 12.93 9.22
C LYS A 128 10.53 13.20 10.74
N GLY A 129 9.67 14.09 11.20
CA GLY A 129 9.63 14.40 12.62
C GLY A 129 9.39 15.87 12.82
N THR A 130 9.15 16.54 11.70
CA THR A 130 8.92 17.95 11.68
C THR A 130 7.44 18.25 11.49
N VAL A 131 6.63 17.19 11.43
CA VAL A 131 5.20 17.33 11.26
C VAL A 131 4.51 17.19 12.61
N ASP A 132 3.83 18.24 13.04
CA ASP A 132 3.14 18.23 14.32
C ASP A 132 1.68 17.78 14.19
N CYS A 133 1.33 17.25 13.03
CA CYS A 133 -0.02 16.77 12.78
C CYS A 133 0.00 15.29 12.45
N VAL A 134 -0.66 14.47 13.28
CA VAL A 134 -0.71 13.03 13.09
C VAL A 134 -1.22 12.64 11.69
N GLN A 135 -2.44 13.05 11.37
CA GLN A 135 -3.03 12.76 10.06
C GLN A 135 -2.09 13.00 8.87
N ALA A 136 -1.32 14.09 8.89
CA ALA A 136 -0.40 14.37 7.80
C ALA A 136 0.82 13.44 7.89
N ARG A 137 1.22 13.16 9.12
CA ARG A 137 2.35 12.29 9.42
C ARG A 137 2.03 10.83 9.13
N ALA A 138 0.74 10.49 9.08
CA ALA A 138 0.31 9.11 8.90
C ALA A 138 0.85 8.53 7.60
N ALA A 139 0.63 9.23 6.50
CA ALA A 139 1.09 8.78 5.18
C ALA A 139 2.60 8.68 5.15
N LEU A 140 3.28 9.48 5.95
CA LEU A 140 4.73 9.47 6.00
C LEU A 140 5.22 8.12 6.48
N ASP A 141 4.40 7.47 7.30
CA ASP A 141 4.74 6.16 7.82
C ASP A 141 4.42 5.08 6.79
N LYS A 142 3.49 5.39 5.86
CA LYS A 142 3.07 4.44 4.83
C LYS A 142 4.01 4.47 3.63
N ALA A 143 4.19 5.68 3.07
CA ALA A 143 5.00 5.92 1.87
C ALA A 143 6.41 5.34 1.94
N THR A 144 7.10 5.54 3.04
CA THR A 144 8.47 5.05 3.22
C THR A 144 8.46 3.54 3.41
N VAL A 145 7.30 3.03 3.76
CA VAL A 145 7.13 1.63 4.04
C VAL A 145 7.06 0.81 2.76
N LEU A 146 6.34 1.30 1.75
CA LEU A 146 6.18 0.61 0.49
C LEU A 146 7.48 0.52 -0.29
N LEU A 147 8.39 1.46 -0.04
CA LEU A 147 9.68 1.49 -0.72
C LEU A 147 10.40 0.15 -0.65
N SER A 148 10.07 -0.65 0.36
CA SER A 148 10.68 -1.96 0.50
C SER A 148 10.18 -2.91 -0.60
N MET A 149 8.91 -2.75 -0.97
CA MET A 149 8.30 -3.57 -2.01
C MET A 149 8.70 -3.05 -3.39
N SER A 150 9.09 -1.79 -3.45
CA SER A 150 9.50 -1.15 -4.69
C SER A 150 10.87 -1.66 -5.15
N LYS A 151 11.50 -2.48 -4.33
CA LYS A 151 12.80 -3.02 -4.66
C LYS A 151 12.68 -4.37 -5.36
N GLY A 152 11.44 -4.83 -5.51
CA GLY A 152 11.20 -6.11 -6.17
C GLY A 152 9.91 -6.12 -6.96
N GLY A 153 8.81 -5.78 -6.31
CA GLY A 153 7.51 -5.78 -6.96
C GLY A 153 7.34 -4.71 -8.02
N LYS A 154 8.19 -3.69 -7.99
CA LYS A 154 8.11 -2.59 -8.97
C LYS A 154 8.58 -3.07 -10.36
N ARG A 155 9.15 -4.26 -10.41
CA ARG A 155 9.65 -4.81 -11.67
C ARG A 155 8.52 -5.43 -12.49
N LYS A 156 7.33 -5.51 -11.90
CA LYS A 156 6.18 -6.10 -12.58
C LYS A 156 5.16 -5.03 -12.98
N ASP A 157 5.62 -3.79 -13.12
CA ASP A 157 4.73 -2.68 -13.48
C ASP A 157 4.38 -2.71 -14.97
N SER A 158 5.23 -3.35 -15.76
CA SER A 158 5.01 -3.47 -17.21
C SER A 158 5.74 -4.68 -17.76
N VAL A 159 5.05 -5.81 -17.83
CA VAL A 159 5.66 -7.05 -18.32
C VAL A 159 4.88 -7.61 -19.51
N TRP A 160 3.59 -7.82 -19.35
CA TRP A 160 2.77 -8.39 -20.40
C TRP A 160 1.44 -7.64 -20.52
N GLY A 161 0.96 -7.49 -21.76
CA GLY A 161 -0.29 -6.81 -21.98
C GLY A 161 -0.82 -7.05 -23.38
N SER A 162 -0.70 -8.27 -23.86
CA SER A 162 -1.15 -8.63 -25.19
C SER A 162 -2.13 -9.80 -25.14
N GLY A 163 -3.23 -9.68 -25.84
CA GLY A 163 -4.23 -10.74 -25.85
C GLY A 163 -5.62 -10.19 -25.63
N GLY B 1 -8.63 -9.82 -26.01
CA GLY B 1 -9.11 -8.43 -26.05
C GLY B 1 -10.23 -8.20 -25.05
N GLY B 2 -11.06 -7.21 -25.30
CA GLY B 2 -12.16 -6.89 -24.40
C GLY B 2 -11.68 -6.14 -23.19
N GLN B 3 -10.85 -6.78 -22.38
CA GLN B 3 -10.30 -6.17 -21.18
C GLN B 3 -8.94 -6.78 -20.87
N GLN B 4 -8.24 -6.20 -19.92
CA GLN B 4 -6.93 -6.69 -19.54
C GLN B 4 -7.03 -7.49 -18.25
N PRO B 5 -6.59 -8.76 -18.25
CA PRO B 5 -6.63 -9.63 -17.08
C PRO B 5 -5.96 -8.99 -15.87
N VAL B 6 -6.69 -8.94 -14.76
CA VAL B 6 -6.19 -8.35 -13.52
C VAL B 6 -4.94 -9.07 -13.00
N ASN B 7 -4.24 -8.40 -12.10
CA ASN B 7 -3.02 -8.95 -11.52
C ASN B 7 -3.34 -9.96 -10.41
N HIS B 8 -2.44 -10.91 -10.23
CA HIS B 8 -2.57 -11.95 -9.21
C HIS B 8 -1.17 -12.44 -8.86
N LEU B 9 -1.03 -13.18 -7.75
CA LEU B 9 0.28 -13.69 -7.32
C LEU B 9 1.14 -12.57 -6.77
N VAL B 10 2.17 -12.18 -7.51
CA VAL B 10 3.06 -11.10 -7.09
C VAL B 10 2.33 -9.76 -7.21
N LYS B 11 2.57 -8.87 -6.24
CA LYS B 11 1.96 -7.54 -6.19
C LYS B 11 0.62 -7.59 -5.48
N GLU B 12 0.54 -8.47 -4.49
CA GLU B 12 -0.67 -8.64 -3.69
C GLU B 12 -0.32 -9.33 -2.36
N ILE B 13 0.01 -10.61 -2.44
CA ILE B 13 0.36 -11.40 -1.26
C ILE B 13 1.56 -10.81 -0.52
N ASP B 14 2.59 -10.45 -1.28
CA ASP B 14 3.81 -9.87 -0.73
C ASP B 14 3.55 -8.47 -0.17
N MET B 15 2.62 -7.76 -0.78
CA MET B 15 2.30 -6.40 -0.38
C MET B 15 1.63 -6.36 0.98
N LEU B 16 0.78 -7.32 1.26
CA LEU B 16 0.07 -7.36 2.53
C LEU B 16 1.03 -7.69 3.67
N LEU B 17 1.94 -8.61 3.42
CA LEU B 17 2.89 -9.05 4.43
C LEU B 17 4.03 -8.05 4.69
N LYS B 18 4.73 -7.64 3.64
CA LYS B 18 5.87 -6.73 3.79
C LYS B 18 5.46 -5.36 4.35
N GLU B 19 4.36 -4.80 3.86
CA GLU B 19 3.89 -3.50 4.32
C GLU B 19 3.51 -3.57 5.80
N TYR B 20 2.60 -4.50 6.10
CA TYR B 20 2.17 -4.71 7.49
C TYR B 20 3.38 -4.83 8.43
N LEU B 21 4.41 -5.54 8.01
CA LEU B 21 5.61 -5.69 8.84
C LEU B 21 6.29 -4.34 9.03
N LEU B 22 6.54 -3.66 7.92
CA LEU B 22 7.17 -2.34 7.93
C LEU B 22 6.38 -1.33 8.77
N SER B 23 5.16 -1.00 8.34
CA SER B 23 4.33 -0.03 9.08
C SER B 23 3.96 -0.54 10.47
N GLY B 24 3.20 -1.63 10.51
CA GLY B 24 2.78 -2.19 11.78
C GLY B 24 1.32 -1.91 12.06
N ASP B 25 0.55 -1.74 10.99
CA ASP B 25 -0.86 -1.46 11.11
C ASP B 25 -1.68 -2.54 10.40
N ILE B 26 -2.61 -3.13 11.14
CA ILE B 26 -3.45 -4.20 10.62
C ILE B 26 -4.46 -3.69 9.58
N SER B 27 -4.99 -2.51 9.85
CA SER B 27 -6.01 -1.85 9.01
C SER B 27 -5.76 -1.99 7.49
N GLU B 28 -4.51 -1.85 7.06
CA GLU B 28 -4.21 -1.96 5.65
C GLU B 28 -4.38 -3.37 5.11
N ALA B 29 -3.81 -4.34 5.80
CA ALA B 29 -3.91 -5.73 5.40
C ALA B 29 -5.32 -6.26 5.62
N GLU B 30 -5.94 -5.80 6.70
CA GLU B 30 -7.29 -6.20 7.08
C GLU B 30 -8.29 -5.91 5.96
N HIS B 31 -8.24 -4.69 5.43
CA HIS B 31 -9.15 -4.31 4.37
C HIS B 31 -8.77 -4.91 3.03
N CYS B 32 -7.47 -4.96 2.76
CA CYS B 32 -6.99 -5.53 1.49
C CYS B 32 -7.36 -7.00 1.38
N LEU B 33 -7.40 -7.69 2.52
CA LEU B 33 -7.76 -9.09 2.57
C LEU B 33 -9.18 -9.28 2.05
N LYS B 34 -10.05 -8.35 2.42
CA LYS B 34 -11.47 -8.38 2.00
C LYS B 34 -11.60 -7.99 0.51
N GLU B 35 -10.70 -7.12 0.10
CA GLU B 35 -10.59 -6.59 -1.27
C GLU B 35 -10.17 -7.65 -2.31
N LEU B 36 -10.32 -8.92 -1.92
CA LEU B 36 -9.84 -10.02 -2.76
C LEU B 36 -11.03 -10.76 -3.40
N GLU B 37 -10.77 -11.97 -3.91
CA GLU B 37 -11.81 -12.76 -4.56
C GLU B 37 -11.99 -14.15 -3.93
N VAL B 38 -10.89 -14.90 -3.83
CA VAL B 38 -10.95 -16.25 -3.29
C VAL B 38 -10.32 -16.34 -1.90
N PRO B 39 -11.11 -16.76 -0.90
CA PRO B 39 -10.64 -16.93 0.47
C PRO B 39 -9.75 -18.16 0.60
N HIS B 40 -9.94 -19.11 -0.32
CA HIS B 40 -9.17 -20.35 -0.34
C HIS B 40 -7.72 -20.10 -0.71
N PHE B 41 -7.45 -18.92 -1.27
CA PHE B 41 -6.10 -18.56 -1.68
C PHE B 41 -5.37 -17.80 -0.58
N HIS B 42 -5.94 -17.78 0.61
CA HIS B 42 -5.34 -17.08 1.75
C HIS B 42 -4.17 -17.86 2.34
N HIS B 43 -3.92 -19.04 1.80
CA HIS B 43 -2.83 -19.90 2.26
C HIS B 43 -1.48 -19.23 1.97
N GLU B 44 -1.34 -18.79 0.74
CA GLU B 44 -0.12 -18.10 0.29
C GLU B 44 0.36 -17.05 1.30
N LEU B 45 -0.56 -16.24 1.81
CA LEU B 45 -0.21 -15.22 2.79
C LEU B 45 0.20 -15.87 4.11
N VAL B 46 -0.65 -16.78 4.56
CA VAL B 46 -0.42 -17.53 5.80
C VAL B 46 0.98 -18.16 5.83
N TYR B 47 1.29 -18.91 4.77
CA TYR B 47 2.59 -19.58 4.64
C TYR B 47 3.76 -18.62 4.77
N GLU B 48 3.73 -17.53 4.00
CA GLU B 48 4.81 -16.54 4.00
C GLU B 48 4.99 -15.93 5.39
N ALA B 49 3.87 -15.57 6.03
CA ALA B 49 3.92 -15.01 7.39
C ALA B 49 4.70 -15.92 8.34
N ILE B 50 4.62 -17.21 8.09
CA ILE B 50 5.33 -18.18 8.89
C ILE B 50 6.81 -18.13 8.53
N VAL B 51 7.08 -18.23 7.22
CA VAL B 51 8.44 -18.16 6.68
C VAL B 51 9.21 -16.96 7.21
N MET B 52 8.66 -15.76 7.01
CA MET B 52 9.29 -14.53 7.48
C MET B 52 9.59 -14.63 8.98
N VAL B 53 8.55 -15.01 9.72
CA VAL B 53 8.66 -15.20 11.17
C VAL B 53 9.93 -15.98 11.56
N LEU B 54 10.27 -17.03 10.80
CA LEU B 54 11.47 -17.80 11.06
C LEU B 54 12.72 -17.12 10.50
N GLU B 55 12.59 -16.62 9.28
CA GLU B 55 13.68 -15.94 8.56
C GLU B 55 13.93 -14.50 9.07
N SER B 56 13.39 -14.15 10.23
CA SER B 56 13.56 -12.79 10.74
C SER B 56 14.76 -12.71 11.68
N THR B 57 14.86 -11.60 12.41
CA THR B 57 15.95 -11.39 13.36
C THR B 57 15.48 -10.45 14.47
N GLY B 58 15.19 -10.99 15.64
CA GLY B 58 14.74 -10.18 16.75
C GLY B 58 13.34 -10.57 17.21
N GLU B 59 13.08 -10.40 18.50
CA GLU B 59 11.79 -10.74 19.09
C GLU B 59 10.70 -9.77 18.62
N SER B 60 11.12 -8.57 18.27
CA SER B 60 10.22 -7.53 17.79
C SER B 60 9.49 -8.01 16.55
N ALA B 61 10.14 -8.93 15.85
CA ALA B 61 9.59 -9.48 14.61
C ALA B 61 8.51 -10.53 14.87
N PHE B 62 8.68 -11.32 15.93
CA PHE B 62 7.74 -12.40 16.25
C PHE B 62 6.31 -11.91 16.54
N LYS B 63 6.09 -11.26 17.68
CA LYS B 63 4.76 -10.75 18.02
C LYS B 63 4.20 -9.85 16.92
N MET B 64 5.09 -9.10 16.31
CA MET B 64 4.73 -8.20 15.22
C MET B 64 3.99 -8.99 14.14
N ILE B 65 4.54 -10.13 13.76
CA ILE B 65 3.91 -10.98 12.77
C ILE B 65 2.81 -11.87 13.38
N LEU B 66 3.02 -12.41 14.58
CA LEU B 66 2.01 -13.24 15.22
C LEU B 66 0.69 -12.50 15.40
N ASP B 67 0.78 -11.19 15.68
CA ASP B 67 -0.41 -10.35 15.83
C ASP B 67 -1.28 -10.40 14.58
N LEU B 68 -0.68 -10.89 13.51
CA LEU B 68 -1.37 -10.96 12.24
C LEU B 68 -2.44 -12.05 12.26
N LEU B 69 -2.08 -13.24 12.75
CA LEU B 69 -3.00 -14.39 12.78
C LEU B 69 -4.37 -14.14 13.43
N LYS B 70 -4.43 -13.85 14.74
CA LYS B 70 -5.73 -13.63 15.40
C LYS B 70 -6.49 -12.47 14.78
N SER B 71 -5.80 -11.33 14.74
CA SER B 71 -6.34 -10.12 14.13
C SER B 71 -6.96 -10.38 12.74
N LEU B 72 -6.42 -11.33 11.98
CA LEU B 72 -7.02 -11.68 10.69
C LEU B 72 -8.23 -12.62 10.88
N TRP B 73 -8.09 -13.51 11.87
CA TRP B 73 -9.09 -14.55 12.23
C TRP B 73 -10.36 -14.07 13.00
N LYS B 74 -10.27 -12.98 13.79
CA LYS B 74 -11.48 -12.53 14.57
C LYS B 74 -12.93 -12.86 14.11
N SER B 75 -13.39 -12.60 12.89
CA SER B 75 -14.78 -13.01 12.55
C SER B 75 -14.83 -14.37 11.84
N SER B 76 -13.72 -15.09 11.95
CA SER B 76 -13.51 -16.39 11.33
C SER B 76 -13.43 -16.23 9.81
N THR B 77 -12.53 -15.34 9.43
CA THR B 77 -12.29 -15.01 8.04
C THR B 77 -11.49 -16.15 7.41
N ILE B 78 -10.49 -16.60 8.15
CA ILE B 78 -9.65 -17.70 7.71
C ILE B 78 -10.05 -18.97 8.46
N THR B 79 -10.59 -19.94 7.74
CA THR B 79 -11.00 -21.21 8.31
C THR B 79 -9.76 -22.06 8.51
N ILE B 80 -9.71 -22.89 9.54
CA ILE B 80 -8.55 -23.73 9.84
C ILE B 80 -8.02 -24.60 8.69
N ASP B 81 -8.86 -25.01 7.75
CA ASP B 81 -8.40 -25.88 6.66
C ASP B 81 -7.49 -25.07 5.74
N GLN B 82 -7.71 -23.78 5.81
CA GLN B 82 -6.97 -22.84 4.99
C GLN B 82 -5.60 -22.57 5.57
N MET B 83 -5.51 -22.48 6.89
CA MET B 83 -4.26 -22.22 7.57
C MET B 83 -3.50 -23.54 7.75
N LYS B 84 -4.25 -24.63 7.66
CA LYS B 84 -3.72 -25.98 7.87
C LYS B 84 -2.71 -26.32 6.78
N ARG B 85 -3.09 -26.00 5.55
CA ARG B 85 -2.24 -26.22 4.38
C ARG B 85 -0.96 -25.38 4.50
N GLY B 86 -1.00 -24.43 5.42
CA GLY B 86 0.12 -23.55 5.62
C GLY B 86 1.17 -24.22 6.50
N TYR B 87 0.72 -24.66 7.67
CA TYR B 87 1.60 -25.32 8.64
C TYR B 87 2.20 -26.60 8.08
N GLU B 88 1.39 -27.34 7.33
CA GLU B 88 1.83 -28.60 6.75
C GLU B 88 3.05 -28.44 5.84
N ARG B 89 3.09 -27.32 5.14
CA ARG B 89 4.21 -27.05 4.24
C ARG B 89 5.46 -26.69 5.02
N ILE B 90 5.28 -26.14 6.21
CA ILE B 90 6.40 -25.76 7.07
C ILE B 90 7.11 -27.02 7.59
N TYR B 91 6.45 -28.15 7.43
CA TYR B 91 7.01 -29.41 7.87
C TYR B 91 7.87 -29.98 6.75
N ASN B 92 7.57 -29.58 5.53
CA ASN B 92 8.30 -30.04 4.35
C ASN B 92 9.43 -29.09 3.96
N GLU B 93 9.16 -27.78 3.98
CA GLU B 93 10.14 -26.77 3.60
C GLU B 93 11.23 -26.60 4.65
N ILE B 94 10.89 -26.74 5.92
CA ILE B 94 11.87 -26.58 7.00
C ILE B 94 13.15 -27.39 6.79
N PRO B 95 13.06 -28.72 6.53
CA PRO B 95 14.24 -29.55 6.29
C PRO B 95 15.14 -28.97 5.19
N ASP B 96 14.53 -28.31 4.21
CA ASP B 96 15.28 -27.72 3.10
C ASP B 96 15.97 -26.43 3.53
N ILE B 97 15.23 -25.61 4.28
CA ILE B 97 15.76 -24.34 4.78
C ILE B 97 16.89 -24.59 5.77
N ASN B 98 16.70 -25.59 6.62
CA ASN B 98 17.71 -25.93 7.62
C ASN B 98 18.87 -26.68 6.99
N LEU B 99 18.56 -27.78 6.31
CA LEU B 99 19.56 -28.62 5.67
C LEU B 99 20.53 -29.17 6.70
N ASP B 100 20.00 -30.04 7.57
CA ASP B 100 20.78 -30.65 8.67
C ASP B 100 20.99 -29.66 9.80
N VAL B 101 21.19 -30.18 11.01
CA VAL B 101 21.36 -29.33 12.20
C VAL B 101 20.14 -28.44 12.38
N PRO B 102 19.04 -29.00 12.91
CA PRO B 102 17.78 -28.28 13.11
C PRO B 102 17.82 -27.27 14.26
N HIS B 103 18.81 -26.38 14.23
CA HIS B 103 18.96 -25.34 15.24
C HIS B 103 17.75 -24.41 15.26
N SER B 104 17.00 -24.40 14.17
CA SER B 104 15.80 -23.57 14.06
C SER B 104 14.67 -24.06 14.98
N TYR B 105 14.96 -25.14 15.73
CA TYR B 105 13.99 -25.70 16.66
C TYR B 105 13.50 -24.66 17.66
N SER B 106 14.37 -23.70 17.96
CA SER B 106 14.07 -22.64 18.90
C SER B 106 12.75 -21.95 18.57
N VAL B 107 12.60 -21.43 17.37
CA VAL B 107 11.35 -20.78 16.97
C VAL B 107 10.32 -21.81 16.50
N LEU B 108 10.77 -22.76 15.66
CA LEU B 108 9.88 -23.78 15.09
C LEU B 108 8.71 -24.26 15.95
N GLU B 109 8.93 -24.86 17.11
CA GLU B 109 7.81 -25.27 17.93
C GLU B 109 7.36 -24.21 18.91
N ARG B 110 8.20 -23.19 19.07
CA ARG B 110 7.95 -22.16 20.07
C ARG B 110 6.57 -21.55 19.91
N PHE B 111 6.24 -21.05 18.74
CA PHE B 111 4.93 -20.46 18.50
C PHE B 111 3.88 -21.53 18.27
N VAL B 112 4.30 -22.70 17.82
CA VAL B 112 3.35 -23.77 17.54
C VAL B 112 2.68 -24.15 18.86
N GLU B 113 3.50 -24.38 19.88
CA GLU B 113 3.00 -24.73 21.20
C GLU B 113 2.40 -23.54 21.92
N GLU B 114 2.83 -22.34 21.55
CA GLU B 114 2.36 -21.13 22.23
C GLU B 114 0.92 -20.81 21.88
N CYS B 115 0.63 -20.59 20.60
CA CYS B 115 -0.71 -20.28 20.14
C CYS B 115 -1.59 -21.53 20.03
N PHE B 116 -0.97 -22.71 20.10
CA PHE B 116 -1.67 -23.98 19.89
C PHE B 116 -2.98 -24.03 20.65
N GLN B 117 -2.96 -23.94 21.97
CA GLN B 117 -4.20 -23.94 22.72
C GLN B 117 -5.04 -22.67 22.72
N ALA B 118 -4.61 -21.58 22.07
CA ALA B 118 -5.39 -20.34 22.14
C ALA B 118 -6.77 -20.47 21.50
N GLY B 119 -7.05 -21.63 20.91
CA GLY B 119 -8.36 -21.86 20.31
C GLY B 119 -8.41 -21.58 18.82
N ILE B 120 -7.26 -21.63 18.17
CA ILE B 120 -7.19 -21.39 16.73
C ILE B 120 -6.97 -22.68 15.96
N ILE B 121 -5.81 -23.31 16.16
CA ILE B 121 -5.46 -24.54 15.47
C ILE B 121 -6.11 -25.75 16.14
N SER B 122 -5.74 -26.94 15.69
CA SER B 122 -6.29 -28.17 16.24
C SER B 122 -5.21 -28.97 16.96
N LYS B 123 -5.63 -29.87 17.82
CA LYS B 123 -4.70 -30.70 18.58
C LYS B 123 -3.99 -31.70 17.67
N GLN B 124 -4.62 -32.03 16.55
CA GLN B 124 -4.04 -32.97 15.60
C GLN B 124 -3.00 -32.27 14.75
N LEU B 125 -3.23 -30.98 14.49
CA LEU B 125 -2.34 -30.18 13.67
C LEU B 125 -0.92 -30.16 14.20
N ARG B 126 -0.76 -30.28 15.52
CA ARG B 126 0.55 -30.26 16.15
C ARG B 126 1.24 -31.62 15.99
N ASP B 127 0.43 -32.65 15.72
CA ASP B 127 0.96 -34.01 15.60
C ASP B 127 1.72 -34.15 14.31
N LEU B 128 1.40 -33.29 13.35
CA LEU B 128 2.05 -33.29 12.05
C LEU B 128 3.42 -32.64 12.14
N CYS B 129 3.73 -32.01 13.27
CA CYS B 129 5.01 -31.35 13.45
C CYS B 129 5.94 -32.23 14.29
N PRO B 130 7.27 -32.07 14.14
CA PRO B 130 8.25 -32.85 14.91
C PRO B 130 8.12 -32.60 16.40
N SER B 131 7.55 -33.57 17.09
CA SER B 131 7.36 -33.46 18.53
C SER B 131 8.60 -33.95 19.27
N GLY A 1 2.14 30.46 -2.45
CA GLY A 1 1.74 30.29 -1.03
C GLY A 1 0.28 29.94 -0.90
N LEU A 2 -0.57 30.96 -0.89
CA LEU A 2 -2.01 30.74 -0.76
C LEU A 2 -2.70 30.90 -2.09
N PRO A 3 -3.46 29.88 -2.52
CA PRO A 3 -4.20 29.89 -3.77
C PRO A 3 -5.34 30.89 -3.72
N LEU A 4 -5.43 31.74 -4.74
CA LEU A 4 -6.47 32.74 -4.81
C LEU A 4 -7.74 32.14 -5.40
N ASP A 5 -8.78 32.07 -4.56
CA ASP A 5 -10.10 31.53 -4.96
C ASP A 5 -10.09 30.05 -5.27
N GLU A 6 -10.02 29.22 -4.23
CA GLU A 6 -10.04 27.78 -4.37
C GLU A 6 -11.46 27.28 -4.63
N ARG A 7 -12.45 27.97 -4.05
CA ARG A 7 -13.85 27.58 -4.16
C ARG A 7 -14.37 27.63 -5.60
N ALA A 8 -14.15 28.77 -6.24
CA ALA A 8 -14.53 28.97 -7.63
C ALA A 8 -13.65 28.12 -8.55
N PHE A 9 -12.53 27.70 -8.01
CA PHE A 9 -11.54 26.91 -8.74
C PHE A 9 -11.90 25.42 -8.83
N GLU A 10 -12.33 24.81 -7.72
CA GLU A 10 -12.62 23.38 -7.69
C GLU A 10 -13.88 23.01 -8.50
N LYS A 11 -14.93 23.80 -8.32
CA LYS A 11 -16.20 23.57 -9.01
C LYS A 11 -16.01 23.58 -10.53
N THR A 12 -15.17 24.47 -10.99
CA THR A 12 -14.88 24.59 -12.42
C THR A 12 -13.97 23.46 -12.92
N LEU A 13 -13.22 22.86 -11.99
CA LEU A 13 -12.28 21.80 -12.35
C LEU A 13 -12.92 20.41 -12.39
N THR A 14 -13.99 20.20 -11.62
CA THR A 14 -14.67 18.91 -11.57
C THR A 14 -14.99 18.32 -12.96
N PRO A 15 -15.75 19.04 -13.82
CA PRO A 15 -16.10 18.55 -15.16
C PRO A 15 -14.87 18.40 -16.07
N ILE A 16 -13.77 18.97 -15.64
CA ILE A 16 -12.52 18.86 -16.39
C ILE A 16 -11.76 17.58 -16.03
N ILE A 17 -11.57 17.38 -14.72
CA ILE A 17 -10.81 16.24 -14.20
C ILE A 17 -11.53 14.91 -14.41
N GLN A 18 -12.72 14.77 -13.82
CA GLN A 18 -13.50 13.54 -13.92
C GLN A 18 -13.73 13.04 -15.34
N GLU A 19 -13.77 13.94 -16.32
CA GLU A 19 -13.99 13.52 -17.69
C GLU A 19 -12.75 12.84 -18.25
N TYR A 20 -11.59 13.27 -17.78
CA TYR A 20 -10.33 12.70 -18.21
C TYR A 20 -10.22 11.25 -17.76
N PHE A 21 -10.80 10.96 -16.60
CA PHE A 21 -10.75 9.62 -16.00
C PHE A 21 -11.73 8.64 -16.63
N GLU A 22 -12.52 9.11 -17.59
CA GLU A 22 -13.49 8.23 -18.23
C GLU A 22 -12.96 7.67 -19.55
N HIS A 23 -11.82 8.18 -19.98
CA HIS A 23 -11.16 7.68 -21.18
C HIS A 23 -9.65 7.55 -21.09
N GLY A 24 -9.04 8.52 -20.39
CA GLY A 24 -7.60 8.52 -20.24
C GLY A 24 -6.92 9.57 -21.13
N ASP A 25 -7.57 10.71 -21.36
CA ASP A 25 -6.98 11.76 -22.23
C ASP A 25 -6.00 12.65 -21.47
N THR A 26 -4.73 12.31 -21.56
CA THR A 26 -3.69 13.07 -20.89
C THR A 26 -3.33 14.35 -21.66
N ASN A 27 -3.81 14.48 -22.89
CA ASN A 27 -3.51 15.65 -23.72
C ASN A 27 -4.37 16.88 -23.40
N GLU A 28 -5.70 16.69 -23.46
CA GLU A 28 -6.67 17.76 -23.23
C GLU A 28 -6.41 18.56 -21.96
N VAL A 29 -6.18 17.86 -20.85
CA VAL A 29 -5.91 18.50 -19.58
C VAL A 29 -4.68 19.40 -19.69
N ALA A 30 -3.70 18.96 -20.47
CA ALA A 30 -2.47 19.72 -20.68
C ALA A 30 -2.75 20.98 -21.51
N GLU A 31 -3.52 20.81 -22.57
CA GLU A 31 -3.88 21.91 -23.46
C GLU A 31 -4.67 22.97 -22.72
N MET A 32 -5.58 22.52 -21.87
CA MET A 32 -6.41 23.43 -21.08
C MET A 32 -5.59 24.16 -20.04
N LEU A 33 -4.61 23.46 -19.46
CA LEU A 33 -3.73 24.04 -18.45
C LEU A 33 -2.93 25.21 -19.01
N ARG A 34 -2.66 25.17 -20.31
CA ARG A 34 -1.90 26.24 -20.95
C ARG A 34 -2.77 27.48 -21.12
N ASP A 35 -4.05 27.27 -21.36
CA ASP A 35 -4.98 28.39 -21.52
C ASP A 35 -5.30 29.01 -20.17
N LEU A 36 -5.57 28.15 -19.19
CA LEU A 36 -5.88 28.57 -17.83
C LEU A 36 -4.92 29.59 -17.24
N ASN A 37 -3.67 29.63 -17.72
CA ASN A 37 -2.66 30.57 -17.22
C ASN A 37 -2.58 30.58 -15.69
N LEU A 38 -1.97 29.55 -15.12
CA LEU A 38 -1.86 29.46 -13.68
C LEU A 38 -0.40 29.36 -13.23
N GLY A 39 -0.04 30.17 -12.24
CA GLY A 39 1.31 30.15 -11.71
C GLY A 39 1.41 29.25 -10.50
N GLU A 40 0.96 29.73 -9.35
CA GLU A 40 0.99 28.94 -8.12
C GLU A 40 -0.27 28.10 -8.03
N MET A 41 -1.33 28.57 -8.70
CA MET A 41 -2.60 27.86 -8.72
C MET A 41 -2.47 26.60 -9.57
N LYS A 42 -1.40 26.56 -10.35
CA LYS A 42 -1.12 25.42 -11.22
C LYS A 42 -0.85 24.18 -10.37
N SER A 43 -0.37 24.41 -9.15
CA SER A 43 -0.07 23.34 -8.22
C SER A 43 -1.34 22.89 -7.50
N GLY A 44 -2.44 23.56 -7.81
CA GLY A 44 -3.73 23.23 -7.19
C GLY A 44 -4.43 22.09 -7.91
N VAL A 45 -4.52 22.20 -9.25
CA VAL A 45 -5.14 21.17 -10.08
C VAL A 45 -4.79 19.74 -9.65
N PRO A 46 -3.47 19.38 -9.60
CA PRO A 46 -3.02 18.04 -9.21
C PRO A 46 -3.58 17.62 -7.85
N VAL A 47 -3.73 18.59 -6.96
CA VAL A 47 -4.25 18.32 -5.62
C VAL A 47 -5.69 17.80 -5.69
N LEU A 48 -6.57 18.56 -6.34
CA LEU A 48 -7.96 18.16 -6.49
C LEU A 48 -8.06 16.86 -7.27
N ALA A 49 -7.35 16.81 -8.39
CA ALA A 49 -7.31 15.59 -9.23
C ALA A 49 -7.03 14.35 -8.38
N VAL A 50 -6.19 14.50 -7.38
CA VAL A 50 -5.85 13.39 -6.50
C VAL A 50 -6.97 13.12 -5.48
N SER A 51 -7.55 14.18 -4.93
CA SER A 51 -8.62 14.03 -3.93
C SER A 51 -9.86 13.36 -4.51
N LEU A 52 -10.36 13.88 -5.64
CA LEU A 52 -11.52 13.28 -6.31
C LEU A 52 -11.32 11.79 -6.58
N ALA A 53 -10.07 11.37 -6.69
CA ALA A 53 -9.76 9.97 -6.94
C ALA A 53 -9.85 9.17 -5.65
N LEU A 54 -9.55 9.82 -4.53
CA LEU A 54 -9.60 9.18 -3.22
C LEU A 54 -11.02 8.72 -2.90
N GLU A 55 -12.00 9.59 -3.15
CA GLU A 55 -13.40 9.25 -2.89
C GLU A 55 -13.99 8.53 -4.10
N GLY A 56 -13.13 8.18 -5.04
CA GLY A 56 -13.57 7.50 -6.23
C GLY A 56 -13.26 6.02 -6.19
N LYS A 57 -13.46 5.36 -7.31
CA LYS A 57 -13.19 3.93 -7.42
C LYS A 57 -11.69 3.68 -7.45
N ALA A 58 -11.32 2.42 -7.24
CA ALA A 58 -9.91 2.03 -7.24
C ALA A 58 -9.23 2.33 -8.57
N SER A 59 -9.95 2.16 -9.68
CA SER A 59 -9.39 2.41 -10.99
C SER A 59 -8.89 3.84 -11.13
N HIS A 60 -9.81 4.80 -10.97
CA HIS A 60 -9.44 6.23 -10.99
C HIS A 60 -8.24 6.60 -10.10
N ARG A 61 -7.91 5.76 -9.13
CA ARG A 61 -6.78 6.05 -8.24
C ARG A 61 -5.43 5.76 -8.92
N GLU A 62 -5.42 4.77 -9.82
CA GLU A 62 -4.21 4.39 -10.55
C GLU A 62 -3.95 5.37 -11.70
N MET A 63 -5.03 5.79 -12.35
CA MET A 63 -4.98 6.70 -13.49
C MET A 63 -4.52 8.10 -13.09
N THR A 64 -4.45 8.33 -11.79
CA THR A 64 -4.05 9.61 -11.25
C THR A 64 -2.53 9.72 -11.28
N SER A 65 -1.85 8.56 -11.29
CA SER A 65 -0.39 8.52 -11.26
C SER A 65 0.25 8.94 -12.58
N LYS A 66 -0.41 8.62 -13.69
CA LYS A 66 0.12 8.94 -15.01
C LYS A 66 0.19 10.46 -15.23
N LEU A 67 -0.99 11.09 -15.19
CA LEU A 67 -1.08 12.55 -15.32
C LEU A 67 -0.04 13.32 -14.48
N LEU A 68 0.35 12.80 -13.32
CA LEU A 68 1.35 13.46 -12.49
C LEU A 68 2.64 13.71 -13.28
N SER A 69 3.24 12.65 -13.81
CA SER A 69 4.45 12.76 -14.60
C SER A 69 4.19 13.48 -15.92
N ASP A 70 3.14 13.07 -16.62
CA ASP A 70 2.75 13.68 -17.88
C ASP A 70 2.67 15.21 -17.78
N LEU A 71 2.25 15.69 -16.62
CA LEU A 71 2.16 17.13 -16.39
C LEU A 71 3.49 17.70 -15.96
N CYS A 72 4.31 16.86 -15.32
CA CYS A 72 5.61 17.28 -14.80
C CYS A 72 6.56 17.65 -15.93
N GLY A 73 7.07 18.87 -15.89
CA GLY A 73 7.99 19.34 -16.90
C GLY A 73 7.27 19.91 -18.10
N THR A 74 6.19 19.27 -18.50
CA THR A 74 5.38 19.69 -19.62
C THR A 74 4.73 21.03 -19.34
N VAL A 75 4.07 21.12 -18.18
CA VAL A 75 3.40 22.34 -17.76
C VAL A 75 3.68 22.63 -16.29
N MET A 76 3.77 21.57 -15.49
CA MET A 76 4.02 21.71 -14.07
C MET A 76 5.38 21.11 -13.71
N SER A 77 6.39 21.96 -13.65
CA SER A 77 7.74 21.53 -13.31
C SER A 77 7.79 20.98 -11.88
N THR A 78 8.68 20.01 -11.65
CA THR A 78 8.87 19.38 -10.34
C THR A 78 8.76 20.36 -9.14
N THR A 79 9.29 21.56 -9.29
CA THR A 79 9.21 22.55 -8.23
C THR A 79 7.75 22.83 -7.83
N ASP A 80 6.84 22.70 -8.80
CA ASP A 80 5.43 22.93 -8.56
C ASP A 80 4.76 21.67 -7.99
N VAL A 81 5.28 20.50 -8.36
CA VAL A 81 4.73 19.22 -7.90
C VAL A 81 4.96 19.07 -6.40
N GLU A 82 6.17 19.41 -5.97
CA GLU A 82 6.52 19.39 -4.56
C GLU A 82 5.62 20.35 -3.82
N LYS A 83 5.12 21.33 -4.56
CA LYS A 83 4.26 22.35 -4.03
C LYS A 83 2.82 21.83 -3.86
N SER A 84 2.47 20.71 -4.51
CA SER A 84 1.11 20.19 -4.41
C SER A 84 0.92 19.38 -3.13
N PHE A 85 1.72 18.34 -2.96
CA PHE A 85 1.70 17.50 -1.76
C PHE A 85 1.86 18.30 -0.47
N ASP A 86 2.50 19.47 -0.58
CA ASP A 86 2.74 20.29 0.59
C ASP A 86 1.41 20.87 1.07
N LYS A 87 0.52 21.17 0.11
CA LYS A 87 -0.80 21.71 0.42
C LYS A 87 -1.76 20.58 0.79
N LEU A 88 -1.58 19.43 0.10
CA LEU A 88 -2.39 18.22 0.30
C LEU A 88 -2.20 17.65 1.71
N LEU A 89 -1.14 18.11 2.34
CA LEU A 89 -0.78 17.65 3.66
C LEU A 89 -1.54 18.38 4.77
N LYS A 90 -2.02 19.62 4.48
CA LYS A 90 -2.71 20.44 5.49
C LYS A 90 -4.07 19.90 5.95
N ASP A 91 -5.10 20.07 5.14
CA ASP A 91 -6.45 19.60 5.45
C ASP A 91 -6.66 18.11 5.26
N LEU A 92 -5.57 17.36 5.18
CA LEU A 92 -5.63 15.93 4.97
C LEU A 92 -6.68 15.26 5.87
N PRO A 93 -6.67 15.52 7.21
CA PRO A 93 -7.68 14.94 8.12
C PRO A 93 -9.10 15.28 7.67
N GLU A 94 -9.33 16.55 7.37
CA GLU A 94 -10.63 17.03 6.89
C GLU A 94 -11.11 16.25 5.66
N LEU A 95 -10.18 15.79 4.85
CA LEU A 95 -10.53 15.03 3.66
C LEU A 95 -10.79 13.58 4.02
N ALA A 96 -10.38 13.23 5.22
CA ALA A 96 -10.54 11.88 5.75
C ALA A 96 -11.71 11.78 6.72
N LEU A 97 -12.51 12.84 6.80
CA LEU A 97 -13.66 12.82 7.70
C LEU A 97 -14.68 11.78 7.28
N ASP A 98 -15.08 11.81 6.01
CA ASP A 98 -16.02 10.84 5.47
C ASP A 98 -15.33 9.52 5.20
N THR A 99 -14.08 9.61 4.78
CA THR A 99 -13.32 8.42 4.45
C THR A 99 -12.07 8.29 5.33
N PRO A 100 -12.16 7.47 6.39
CA PRO A 100 -11.02 7.25 7.31
C PRO A 100 -9.85 6.61 6.57
N ARG A 101 -10.15 5.87 5.52
CA ARG A 101 -9.14 5.17 4.75
C ARG A 101 -8.54 6.10 3.68
N ALA A 102 -8.71 7.41 3.82
CA ALA A 102 -8.19 8.37 2.87
C ALA A 102 -6.70 8.70 3.09
N PRO A 103 -6.29 9.12 4.33
CA PRO A 103 -4.88 9.50 4.63
C PRO A 103 -3.92 8.33 4.48
N GLN A 104 -4.47 7.15 4.44
CA GLN A 104 -3.69 5.95 4.29
C GLN A 104 -3.40 5.71 2.80
N LEU A 105 -4.33 6.15 1.95
CA LEU A 105 -4.22 6.06 0.50
C LEU A 105 -3.30 7.12 -0.08
N VAL A 106 -3.03 8.14 0.72
CA VAL A 106 -2.22 9.26 0.34
C VAL A 106 -0.73 8.87 0.41
N GLY A 107 -0.47 7.65 0.91
CA GLY A 107 0.89 7.23 1.07
C GLY A 107 1.45 6.74 -0.25
N GLN A 108 0.61 6.02 -1.05
CA GLN A 108 1.02 5.47 -2.37
C GLN A 108 1.34 6.60 -3.34
N PHE A 109 0.50 7.62 -3.28
CA PHE A 109 0.64 8.81 -4.09
C PHE A 109 1.97 9.49 -3.78
N ILE A 110 2.50 9.23 -2.58
CA ILE A 110 3.73 9.86 -2.17
C ILE A 110 4.96 8.98 -2.50
N ALA A 111 4.71 7.64 -2.54
CA ALA A 111 5.78 6.65 -2.78
C ALA A 111 6.12 6.57 -4.26
N ARG A 112 5.06 6.34 -5.03
CA ARG A 112 5.12 6.24 -6.48
C ARG A 112 5.55 7.54 -7.17
N ALA A 113 5.46 8.65 -6.42
CA ALA A 113 5.81 9.95 -6.95
C ALA A 113 7.32 10.00 -7.10
N VAL A 114 8.00 9.42 -6.13
CA VAL A 114 9.47 9.32 -6.13
C VAL A 114 9.92 8.22 -7.09
N GLY A 115 8.98 7.34 -7.39
CA GLY A 115 9.27 6.19 -8.23
C GLY A 115 9.28 6.56 -9.72
N ASP A 116 8.55 7.62 -10.09
CA ASP A 116 8.49 8.05 -11.49
C ASP A 116 9.28 9.32 -11.76
N GLY A 117 10.01 9.78 -10.75
CA GLY A 117 10.81 10.98 -10.90
C GLY A 117 10.00 12.26 -10.90
N ILE A 118 8.98 12.31 -10.07
CA ILE A 118 8.13 13.50 -9.97
C ILE A 118 8.42 14.21 -8.65
N LEU A 119 8.68 13.42 -7.63
CA LEU A 119 8.98 13.94 -6.31
C LEU A 119 10.32 13.37 -5.84
N CYS A 120 10.93 14.03 -4.86
CA CYS A 120 12.21 13.58 -4.34
C CYS A 120 12.03 12.92 -2.98
N ASN A 121 12.83 11.89 -2.72
CA ASN A 121 12.76 11.14 -1.47
C ASN A 121 13.30 11.97 -0.30
N THR A 122 13.94 13.08 -0.62
CA THR A 122 14.49 13.97 0.39
C THR A 122 13.35 14.63 1.16
N TYR A 123 12.24 14.86 0.46
CA TYR A 123 11.05 15.48 1.03
C TYR A 123 10.55 14.67 2.23
N ILE A 124 10.60 13.35 2.11
CA ILE A 124 10.15 12.46 3.17
C ILE A 124 11.00 12.65 4.42
N ASP A 125 12.31 12.76 4.23
CA ASP A 125 13.22 12.96 5.36
C ASP A 125 13.07 14.36 5.92
N SER A 126 12.68 15.29 5.05
CA SER A 126 12.47 16.68 5.45
C SER A 126 11.32 16.80 6.46
N TYR A 127 10.37 15.87 6.40
CA TYR A 127 9.24 15.85 7.32
C TYR A 127 9.40 14.71 8.35
N LYS A 128 10.64 14.26 8.48
CA LYS A 128 11.03 13.17 9.38
C LYS A 128 10.93 13.41 10.89
N GLY A 129 9.77 13.84 11.33
CA GLY A 129 9.54 14.12 12.73
C GLY A 129 9.07 15.53 12.87
N THR A 130 9.20 16.26 11.77
CA THR A 130 8.78 17.64 11.70
C THR A 130 7.29 17.73 11.37
N VAL A 131 6.55 16.65 11.57
CA VAL A 131 5.12 16.65 11.30
C VAL A 131 4.31 16.98 12.54
N ASP A 132 3.62 18.11 12.49
CA ASP A 132 2.80 18.57 13.60
C ASP A 132 1.36 18.07 13.44
N CYS A 133 1.20 17.03 12.65
CA CYS A 133 -0.12 16.46 12.37
C CYS A 133 -0.06 14.94 12.43
N VAL A 134 -1.13 14.34 12.90
CA VAL A 134 -1.19 12.88 13.00
C VAL A 134 -1.42 12.23 11.64
N GLN A 135 -2.50 12.61 10.98
CA GLN A 135 -2.87 12.06 9.67
C GLN A 135 -1.80 12.26 8.61
N ALA A 136 -1.08 13.39 8.68
CA ALA A 136 -0.03 13.66 7.72
C ALA A 136 1.12 12.67 7.91
N ARG A 137 1.61 12.60 9.15
CA ARG A 137 2.69 11.67 9.50
C ARG A 137 2.34 10.24 9.09
N ALA A 138 1.12 9.81 9.40
CA ALA A 138 0.65 8.46 9.08
C ALA A 138 0.64 8.20 7.56
N ALA A 139 0.48 9.26 6.79
CA ALA A 139 0.45 9.15 5.33
C ALA A 139 1.86 8.93 4.81
N LEU A 140 2.81 9.66 5.38
CA LEU A 140 4.21 9.58 4.99
C LEU A 140 4.81 8.25 5.46
N ASP A 141 4.40 7.85 6.66
CA ASP A 141 4.86 6.60 7.25
C ASP A 141 4.60 5.43 6.30
N LYS A 142 3.34 5.30 5.87
CA LYS A 142 2.96 4.25 4.95
C LYS A 142 3.75 4.33 3.64
N ALA A 143 4.03 5.55 3.20
CA ALA A 143 4.79 5.75 1.96
C ALA A 143 6.17 5.10 2.04
N THR A 144 6.87 5.38 3.14
CA THR A 144 8.19 4.81 3.37
C THR A 144 8.20 3.29 3.29
N VAL A 145 7.12 2.65 3.76
CA VAL A 145 6.99 1.20 3.74
C VAL A 145 6.87 0.71 2.30
N LEU A 146 5.98 1.34 1.56
CA LEU A 146 5.72 0.99 0.16
C LEU A 146 6.99 1.13 -0.68
N LEU A 147 7.85 2.06 -0.28
CA LEU A 147 9.11 2.31 -0.98
C LEU A 147 10.01 1.07 -1.01
N SER A 148 9.87 0.21 -0.02
CA SER A 148 10.64 -1.03 0.04
C SER A 148 10.04 -2.15 -0.81
N MET A 149 8.72 -2.16 -0.93
CA MET A 149 8.01 -3.20 -1.68
C MET A 149 8.24 -3.10 -3.18
N SER A 150 8.46 -1.89 -3.66
CA SER A 150 8.68 -1.64 -5.08
C SER A 150 9.96 -2.31 -5.59
N LYS A 151 10.81 -2.76 -4.68
CA LYS A 151 12.05 -3.40 -5.06
C LYS A 151 11.89 -4.92 -5.09
N GLY A 152 10.93 -5.42 -4.33
CA GLY A 152 10.67 -6.84 -4.28
C GLY A 152 9.87 -7.32 -5.47
N GLY A 153 8.88 -6.54 -5.85
CA GLY A 153 8.04 -6.89 -6.99
C GLY A 153 8.66 -6.46 -8.31
N LYS A 154 9.98 -6.43 -8.34
CA LYS A 154 10.70 -6.02 -9.54
C LYS A 154 11.76 -7.06 -9.90
N ARG A 155 11.52 -8.31 -9.51
CA ARG A 155 12.45 -9.39 -9.77
C ARG A 155 11.78 -10.51 -10.56
N LYS A 156 10.66 -10.19 -11.19
CA LYS A 156 9.91 -11.19 -11.95
C LYS A 156 9.35 -10.59 -13.23
N ASP A 157 9.90 -9.47 -13.67
CA ASP A 157 9.44 -8.78 -14.88
C ASP A 157 9.47 -9.68 -16.10
N SER A 158 10.62 -10.27 -16.37
CA SER A 158 10.77 -11.17 -17.51
C SER A 158 10.59 -12.62 -17.10
N VAL A 159 10.28 -12.82 -15.82
CA VAL A 159 10.11 -14.16 -15.27
C VAL A 159 8.63 -14.55 -15.29
N TRP A 160 7.76 -13.57 -15.11
CA TRP A 160 6.34 -13.81 -15.10
C TRP A 160 5.80 -13.95 -16.53
N GLY A 161 4.82 -14.80 -16.70
CA GLY A 161 4.25 -15.01 -18.01
C GLY A 161 3.08 -14.08 -18.27
N SER A 162 1.91 -14.48 -17.83
CA SER A 162 0.71 -13.69 -18.02
C SER A 162 0.01 -13.46 -16.70
N GLY A 163 -0.89 -12.49 -16.67
CA GLY A 163 -1.64 -12.20 -15.47
C GLY A 163 -3.03 -11.75 -15.81
N GLY B 1 -5.29 -9.72 -16.44
CA GLY B 1 -6.09 -10.54 -17.40
C GLY B 1 -7.13 -9.71 -18.09
N GLY B 2 -7.86 -10.31 -19.02
CA GLY B 2 -8.90 -9.60 -19.72
C GLY B 2 -10.07 -9.35 -18.81
N GLN B 3 -10.77 -10.41 -18.46
CA GLN B 3 -11.91 -10.30 -17.56
C GLN B 3 -11.45 -10.57 -16.14
N GLN B 4 -10.26 -11.14 -16.01
CA GLN B 4 -9.67 -11.43 -14.73
C GLN B 4 -9.04 -10.16 -14.18
N PRO B 5 -8.93 -10.02 -12.85
CA PRO B 5 -8.34 -8.85 -12.21
C PRO B 5 -6.99 -8.47 -12.84
N VAL B 6 -6.76 -7.17 -12.99
CA VAL B 6 -5.52 -6.66 -13.57
C VAL B 6 -4.33 -7.17 -12.77
N ASN B 7 -4.46 -7.11 -11.46
CA ASN B 7 -3.42 -7.58 -10.57
C ASN B 7 -4.01 -8.61 -9.62
N HIS B 8 -3.23 -9.61 -9.26
CA HIS B 8 -3.69 -10.66 -8.36
C HIS B 8 -2.54 -11.38 -7.70
N LEU B 9 -2.54 -11.37 -6.36
CA LEU B 9 -1.53 -12.03 -5.55
C LEU B 9 -0.20 -11.29 -5.56
N VAL B 10 0.41 -11.20 -6.74
CA VAL B 10 1.68 -10.52 -6.90
C VAL B 10 1.55 -9.07 -6.46
N LYS B 11 2.39 -8.68 -5.50
CA LYS B 11 2.39 -7.33 -4.95
C LYS B 11 1.24 -7.08 -3.99
N GLU B 12 0.42 -8.11 -3.77
CA GLU B 12 -0.70 -8.01 -2.84
C GLU B 12 -0.41 -8.77 -1.56
N ILE B 13 0.08 -10.00 -1.71
CA ILE B 13 0.41 -10.85 -0.57
C ILE B 13 1.54 -10.24 0.25
N ASP B 14 2.66 -10.01 -0.40
CA ASP B 14 3.83 -9.42 0.25
C ASP B 14 3.49 -8.06 0.83
N MET B 15 2.88 -7.22 0.01
CA MET B 15 2.47 -5.88 0.42
C MET B 15 1.66 -5.89 1.71
N LEU B 16 0.65 -6.74 1.80
CA LEU B 16 -0.20 -6.82 2.99
C LEU B 16 0.63 -7.16 4.24
N LEU B 17 1.50 -8.15 4.09
CA LEU B 17 2.34 -8.57 5.21
C LEU B 17 3.34 -7.50 5.58
N LYS B 18 4.05 -6.99 4.57
CA LYS B 18 5.05 -5.95 4.77
C LYS B 18 4.40 -4.67 5.30
N GLU B 19 3.15 -4.42 4.92
CA GLU B 19 2.46 -3.21 5.35
C GLU B 19 2.34 -3.15 6.85
N TYR B 20 1.64 -4.09 7.48
CA TYR B 20 1.51 -4.07 8.93
C TYR B 20 2.87 -4.20 9.60
N LEU B 21 3.73 -4.99 9.00
CA LEU B 21 5.07 -5.20 9.54
C LEU B 21 5.81 -3.88 9.73
N LEU B 22 6.09 -3.18 8.64
CA LEU B 22 6.81 -1.92 8.72
C LEU B 22 5.95 -0.73 9.17
N SER B 23 4.63 -0.81 8.99
CA SER B 23 3.76 0.30 9.37
C SER B 23 3.58 0.34 10.87
N GLY B 24 2.68 -0.47 11.41
CA GLY B 24 2.48 -0.48 12.84
C GLY B 24 1.02 -0.66 13.24
N ASP B 25 0.12 -0.53 12.27
CA ASP B 25 -1.31 -0.67 12.55
C ASP B 25 -1.97 -1.69 11.61
N ILE B 26 -2.75 -2.56 12.22
CA ILE B 26 -3.47 -3.62 11.51
C ILE B 26 -4.46 -3.08 10.47
N SER B 27 -5.12 -1.96 10.79
CA SER B 27 -6.18 -1.37 9.95
C SER B 27 -6.05 -1.54 8.44
N GLU B 28 -4.95 -1.11 7.83
CA GLU B 28 -4.81 -1.23 6.39
C GLU B 28 -4.80 -2.67 5.91
N ALA B 29 -4.02 -3.52 6.59
CA ALA B 29 -3.90 -4.92 6.23
C ALA B 29 -5.25 -5.61 6.24
N GLU B 30 -6.03 -5.37 7.29
CA GLU B 30 -7.35 -5.98 7.41
C GLU B 30 -8.26 -5.48 6.29
N HIS B 31 -8.09 -4.22 5.91
CA HIS B 31 -8.91 -3.64 4.85
C HIS B 31 -8.61 -4.27 3.50
N CYS B 32 -7.33 -4.27 3.11
CA CYS B 32 -6.91 -4.86 1.84
C CYS B 32 -7.33 -6.32 1.69
N LEU B 33 -7.25 -7.08 2.77
CA LEU B 33 -7.62 -8.49 2.74
C LEU B 33 -9.11 -8.66 2.46
N LYS B 34 -9.90 -7.73 2.96
CA LYS B 34 -11.34 -7.75 2.77
C LYS B 34 -11.71 -7.36 1.32
N GLU B 35 -10.84 -6.61 0.69
CA GLU B 35 -11.03 -6.18 -0.69
C GLU B 35 -10.76 -7.28 -1.73
N LEU B 36 -10.33 -8.44 -1.25
CA LEU B 36 -10.03 -9.58 -2.12
C LEU B 36 -11.32 -10.29 -2.54
N GLU B 37 -11.23 -11.53 -3.00
CA GLU B 37 -12.43 -12.25 -3.42
C GLU B 37 -12.39 -13.72 -3.04
N VAL B 38 -11.41 -14.45 -3.57
CA VAL B 38 -11.27 -15.88 -3.29
C VAL B 38 -10.62 -16.14 -1.93
N PRO B 39 -11.37 -16.72 -0.99
CA PRO B 39 -10.88 -17.01 0.35
C PRO B 39 -9.99 -18.27 0.41
N HIS B 40 -10.21 -19.18 -0.54
CA HIS B 40 -9.44 -20.42 -0.58
C HIS B 40 -7.97 -20.16 -0.91
N PHE B 41 -7.69 -18.99 -1.46
CA PHE B 41 -6.33 -18.63 -1.84
C PHE B 41 -5.64 -17.80 -0.75
N HIS B 42 -6.28 -17.70 0.41
CA HIS B 42 -5.72 -16.93 1.52
C HIS B 42 -4.43 -17.55 2.08
N HIS B 43 -4.30 -18.88 1.92
CA HIS B 43 -3.11 -19.61 2.38
C HIS B 43 -1.81 -19.02 1.84
N GLU B 44 -1.90 -18.42 0.65
CA GLU B 44 -0.75 -17.79 0.01
C GLU B 44 -0.13 -16.74 0.93
N LEU B 45 -1.00 -16.04 1.65
CA LEU B 45 -0.60 -15.01 2.59
C LEU B 45 0.03 -15.62 3.83
N VAL B 46 -0.68 -16.59 4.41
CA VAL B 46 -0.22 -17.28 5.63
C VAL B 46 1.20 -17.82 5.47
N TYR B 47 1.33 -18.80 4.58
CA TYR B 47 2.62 -19.42 4.26
C TYR B 47 3.75 -18.39 4.14
N GLU B 48 3.52 -17.34 3.36
CA GLU B 48 4.52 -16.30 3.15
C GLU B 48 4.86 -15.58 4.46
N ALA B 49 3.85 -15.35 5.29
CA ALA B 49 4.05 -14.66 6.57
C ALA B 49 5.06 -15.41 7.43
N ILE B 50 4.82 -16.71 7.65
CA ILE B 50 5.71 -17.53 8.45
C ILE B 50 7.14 -17.47 7.89
N VAL B 51 7.23 -17.68 6.58
CA VAL B 51 8.51 -17.61 5.87
C VAL B 51 9.23 -16.30 6.20
N MET B 52 8.48 -15.21 6.25
CA MET B 52 9.04 -13.90 6.54
C MET B 52 9.51 -13.83 7.99
N VAL B 53 8.72 -14.38 8.91
CA VAL B 53 9.06 -14.38 10.34
C VAL B 53 10.42 -15.03 10.56
N LEU B 54 10.60 -16.24 10.02
CA LEU B 54 11.84 -16.96 10.16
C LEU B 54 12.99 -16.24 9.46
N GLU B 55 12.64 -15.41 8.49
CA GLU B 55 13.61 -14.64 7.73
C GLU B 55 13.80 -13.25 8.34
N SER B 56 13.28 -13.05 9.54
CA SER B 56 13.38 -11.76 10.22
C SER B 56 14.23 -11.86 11.49
N THR B 57 14.99 -10.81 11.76
CA THR B 57 15.83 -10.78 12.93
C THR B 57 15.27 -9.80 13.96
N GLY B 58 14.65 -10.34 15.00
CA GLY B 58 14.08 -9.52 16.03
C GLY B 58 12.75 -10.06 16.50
N GLU B 59 12.35 -9.70 17.71
CA GLU B 59 11.08 -10.18 18.25
C GLU B 59 9.95 -9.27 17.83
N SER B 60 10.31 -8.15 17.21
CA SER B 60 9.34 -7.18 16.73
C SER B 60 8.46 -7.81 15.67
N ALA B 61 9.09 -8.49 14.72
CA ALA B 61 8.38 -9.15 13.63
C ALA B 61 7.55 -10.31 14.17
N PHE B 62 8.06 -10.96 15.22
CA PHE B 62 7.38 -12.09 15.83
C PHE B 62 6.03 -11.64 16.41
N LYS B 63 6.08 -10.65 17.29
CA LYS B 63 4.88 -10.10 17.92
C LYS B 63 3.93 -9.46 16.89
N MET B 64 4.51 -9.00 15.79
CA MET B 64 3.74 -8.35 14.73
C MET B 64 2.99 -9.33 13.86
N ILE B 65 3.69 -10.33 13.32
CA ILE B 65 3.05 -11.30 12.44
C ILE B 65 2.05 -12.19 13.19
N LEU B 66 2.43 -12.65 14.37
CA LEU B 66 1.55 -13.49 15.17
C LEU B 66 0.23 -12.79 15.46
N ASP B 67 0.30 -11.51 15.79
CA ASP B 67 -0.91 -10.74 16.08
C ASP B 67 -1.69 -10.45 14.80
N LEU B 68 -0.97 -10.34 13.69
CA LEU B 68 -1.57 -10.07 12.40
C LEU B 68 -2.53 -11.21 12.03
N LEU B 69 -2.03 -12.44 12.11
CA LEU B 69 -2.85 -13.61 11.80
C LEU B 69 -4.00 -13.79 12.78
N LYS B 70 -3.76 -13.48 14.06
CA LYS B 70 -4.80 -13.59 15.09
C LYS B 70 -5.95 -12.64 14.76
N SER B 71 -5.60 -11.38 14.51
CA SER B 71 -6.56 -10.35 14.16
C SER B 71 -7.48 -10.80 13.02
N LEU B 72 -6.87 -11.37 11.98
CA LEU B 72 -7.64 -11.84 10.83
C LEU B 72 -8.53 -13.02 11.23
N TRP B 73 -8.00 -13.85 12.12
CA TRP B 73 -8.74 -15.00 12.63
C TRP B 73 -9.99 -14.54 13.37
N LYS B 74 -9.84 -13.55 14.25
CA LYS B 74 -10.96 -12.98 14.99
C LYS B 74 -11.95 -12.32 14.02
N SER B 75 -11.45 -11.99 12.85
CA SER B 75 -12.27 -11.36 11.81
C SER B 75 -12.82 -12.43 10.87
N SER B 76 -12.77 -13.68 11.35
CA SER B 76 -13.23 -14.86 10.61
C SER B 76 -12.84 -14.88 9.13
N THR B 77 -11.77 -14.19 8.75
CA THR B 77 -11.35 -14.15 7.37
C THR B 77 -10.42 -15.31 7.01
N ILE B 78 -9.72 -15.85 8.00
CA ILE B 78 -8.82 -16.97 7.75
C ILE B 78 -9.55 -18.29 7.90
N THR B 79 -9.50 -19.10 6.86
CA THR B 79 -10.13 -20.39 6.85
C THR B 79 -9.25 -21.40 7.57
N ILE B 80 -9.86 -22.46 8.08
CA ILE B 80 -9.11 -23.49 8.79
C ILE B 80 -8.27 -24.27 7.80
N ASP B 81 -8.87 -24.57 6.65
CA ASP B 81 -8.20 -25.30 5.58
C ASP B 81 -6.95 -24.57 5.15
N GLN B 82 -7.08 -23.25 4.93
CA GLN B 82 -5.96 -22.42 4.52
C GLN B 82 -4.84 -22.45 5.55
N MET B 83 -5.19 -22.19 6.80
CA MET B 83 -4.21 -22.21 7.90
C MET B 83 -3.46 -23.53 7.92
N LYS B 84 -4.18 -24.63 7.74
CA LYS B 84 -3.59 -25.97 7.72
C LYS B 84 -2.60 -26.11 6.57
N ARG B 85 -3.05 -25.76 5.36
CA ARG B 85 -2.23 -25.85 4.17
C ARG B 85 -0.91 -25.11 4.35
N GLY B 86 -0.99 -23.89 4.88
CA GLY B 86 0.20 -23.09 5.11
C GLY B 86 1.19 -23.78 6.02
N TYR B 87 0.71 -24.29 7.15
CA TYR B 87 1.54 -24.98 8.12
C TYR B 87 2.08 -26.30 7.57
N GLU B 88 1.19 -27.08 6.95
CA GLU B 88 1.57 -28.37 6.38
C GLU B 88 2.75 -28.23 5.42
N ARG B 89 2.76 -27.15 4.65
CA ARG B 89 3.84 -26.91 3.72
C ARG B 89 5.11 -26.43 4.42
N ILE B 90 4.95 -25.69 5.51
CA ILE B 90 6.11 -25.18 6.26
C ILE B 90 7.00 -26.33 6.74
N TYR B 91 6.38 -27.48 6.99
CA TYR B 91 7.11 -28.65 7.45
C TYR B 91 8.01 -29.16 6.32
N ASN B 92 7.63 -28.84 5.10
CA ASN B 92 8.38 -29.24 3.92
C ASN B 92 9.42 -28.18 3.58
N GLU B 93 9.10 -26.93 3.86
CA GLU B 93 10.01 -25.81 3.59
C GLU B 93 11.18 -25.80 4.56
N ILE B 94 10.95 -26.31 5.76
CA ILE B 94 11.98 -26.35 6.81
C ILE B 94 13.32 -26.92 6.31
N PRO B 95 13.35 -28.16 5.76
CA PRO B 95 14.59 -28.78 5.26
C PRO B 95 15.30 -27.96 4.19
N ASP B 96 14.53 -27.22 3.41
CA ASP B 96 15.10 -26.41 2.33
C ASP B 96 15.75 -25.14 2.88
N ILE B 97 15.13 -24.57 3.90
CA ILE B 97 15.64 -23.35 4.51
C ILE B 97 16.76 -23.64 5.51
N ASN B 98 16.59 -24.70 6.29
CA ASN B 98 17.58 -25.07 7.29
C ASN B 98 18.83 -25.71 6.68
N LEU B 99 18.64 -26.80 5.95
CA LEU B 99 19.74 -27.54 5.32
C LEU B 99 20.57 -28.27 6.38
N ASP B 100 19.93 -29.22 7.05
CA ASP B 100 20.55 -30.01 8.12
C ASP B 100 20.82 -29.15 9.35
N VAL B 101 21.21 -29.79 10.45
CA VAL B 101 21.48 -29.10 11.71
C VAL B 101 20.36 -28.10 12.05
N PRO B 102 19.17 -28.61 12.38
CA PRO B 102 18.02 -27.76 12.69
C PRO B 102 18.16 -27.06 14.03
N HIS B 103 18.35 -25.75 13.97
CA HIS B 103 18.51 -24.93 15.17
C HIS B 103 17.39 -23.91 15.25
N SER B 104 16.44 -24.04 14.33
CA SER B 104 15.30 -23.16 14.28
C SER B 104 14.10 -23.79 15.00
N TYR B 105 14.33 -24.98 15.55
CA TYR B 105 13.28 -25.70 16.27
C TYR B 105 12.81 -24.91 17.47
N SER B 106 13.73 -24.17 18.08
CA SER B 106 13.43 -23.34 19.24
C SER B 106 12.39 -22.28 18.87
N VAL B 107 12.44 -21.85 17.63
CA VAL B 107 11.52 -20.85 17.13
C VAL B 107 10.24 -21.50 16.60
N LEU B 108 10.42 -22.53 15.78
CA LEU B 108 9.29 -23.25 15.15
C LEU B 108 8.33 -23.85 16.17
N GLU B 109 8.86 -24.59 17.14
CA GLU B 109 8.03 -25.22 18.16
C GLU B 109 7.22 -24.17 18.90
N ARG B 110 7.93 -23.18 19.45
CA ARG B 110 7.29 -22.08 20.18
C ARG B 110 6.22 -21.39 19.35
N PHE B 111 6.43 -21.29 18.05
CA PHE B 111 5.47 -20.64 17.18
C PHE B 111 4.23 -21.51 17.01
N VAL B 112 4.41 -22.82 16.98
CA VAL B 112 3.30 -23.74 16.83
C VAL B 112 2.46 -23.80 18.11
N GLU B 113 3.12 -23.98 19.25
CA GLU B 113 2.42 -24.04 20.52
C GLU B 113 1.68 -22.73 20.79
N GLU B 114 2.39 -21.61 20.68
CA GLU B 114 1.79 -20.29 20.84
C GLU B 114 0.52 -20.16 20.00
N CYS B 115 0.61 -20.61 18.74
CA CYS B 115 -0.53 -20.56 17.84
C CYS B 115 -1.65 -21.51 18.29
N PHE B 116 -1.27 -22.64 18.87
CA PHE B 116 -2.24 -23.61 19.33
C PHE B 116 -2.99 -23.06 20.54
N GLN B 117 -2.26 -22.49 21.49
CA GLN B 117 -2.84 -21.88 22.69
C GLN B 117 -3.88 -20.80 22.35
N ALA B 118 -3.94 -20.41 21.09
CA ALA B 118 -4.88 -19.40 20.64
C ALA B 118 -6.23 -20.06 20.32
N GLY B 119 -6.20 -21.37 20.09
CA GLY B 119 -7.41 -22.11 19.79
C GLY B 119 -7.89 -21.95 18.36
N ILE B 120 -7.03 -21.40 17.50
CA ILE B 120 -7.39 -21.19 16.11
C ILE B 120 -7.01 -22.39 15.25
N ILE B 121 -6.49 -23.43 15.89
CA ILE B 121 -6.08 -24.64 15.20
C ILE B 121 -6.32 -25.86 16.09
N SER B 122 -6.53 -27.00 15.47
CA SER B 122 -6.77 -28.24 16.19
C SER B 122 -5.44 -28.94 16.49
N LYS B 123 -5.49 -29.90 17.41
CA LYS B 123 -4.31 -30.66 17.80
C LYS B 123 -3.75 -31.46 16.63
N GLN B 124 -4.62 -31.73 15.66
CA GLN B 124 -4.25 -32.47 14.46
C GLN B 124 -3.05 -31.82 13.78
N LEU B 125 -3.06 -30.50 13.70
CA LEU B 125 -1.95 -29.76 13.09
C LEU B 125 -0.70 -29.94 13.93
N ARG B 126 -0.85 -29.75 15.23
CA ARG B 126 0.24 -29.92 16.19
C ARG B 126 0.88 -31.30 16.03
N ASP B 127 0.06 -32.32 15.75
CA ASP B 127 0.56 -33.68 15.59
C ASP B 127 1.33 -33.84 14.26
N LEU B 128 1.12 -32.92 13.34
CA LEU B 128 1.78 -32.98 12.04
C LEU B 128 3.23 -32.50 12.14
N CYS B 129 3.46 -31.45 12.91
CA CYS B 129 4.81 -30.91 13.07
C CYS B 129 5.68 -31.85 13.91
N PRO B 130 6.97 -31.97 13.54
CA PRO B 130 7.92 -32.84 14.26
C PRO B 130 8.27 -32.27 15.64
N SER B 131 7.49 -32.66 16.64
CA SER B 131 7.69 -32.20 17.99
C SER B 131 8.72 -33.06 18.73
N GLY A 1 1.59 31.12 -2.80
CA GLY A 1 1.18 31.35 -1.40
C GLY A 1 -0.29 31.06 -1.20
N LEU A 2 -1.09 32.11 -1.19
CA LEU A 2 -2.53 31.97 -1.01
C LEU A 2 -3.24 31.91 -2.36
N PRO A 3 -4.22 31.00 -2.49
CA PRO A 3 -4.98 30.84 -3.73
C PRO A 3 -6.08 31.88 -3.88
N LEU A 4 -6.31 32.34 -5.11
CA LEU A 4 -7.34 33.32 -5.39
C LEU A 4 -8.50 32.67 -6.14
N ASP A 5 -9.73 33.00 -5.74
CA ASP A 5 -10.93 32.45 -6.37
C ASP A 5 -10.93 30.93 -6.23
N GLU A 6 -10.76 30.45 -5.00
CA GLU A 6 -10.70 29.01 -4.73
C GLU A 6 -11.91 28.22 -5.21
N ARG A 7 -13.10 28.59 -4.75
CA ARG A 7 -14.32 27.88 -5.16
C ARG A 7 -14.61 28.07 -6.64
N ALA A 8 -14.24 29.23 -7.17
CA ALA A 8 -14.45 29.52 -8.57
C ALA A 8 -13.56 28.60 -9.39
N PHE A 9 -12.36 28.37 -8.89
CA PHE A 9 -11.40 27.50 -9.53
C PHE A 9 -11.87 26.05 -9.44
N GLU A 10 -12.30 25.66 -8.24
CA GLU A 10 -12.79 24.32 -7.99
C GLU A 10 -13.91 23.95 -8.94
N LYS A 11 -14.96 24.77 -8.94
CA LYS A 11 -16.13 24.54 -9.78
C LYS A 11 -15.75 24.39 -11.25
N THR A 12 -14.91 25.29 -11.73
CA THR A 12 -14.47 25.26 -13.12
C THR A 12 -13.71 23.96 -13.45
N LEU A 13 -12.79 23.59 -12.57
CA LEU A 13 -11.98 22.40 -12.77
C LEU A 13 -12.74 21.09 -12.60
N THR A 14 -13.84 21.14 -11.87
CA THR A 14 -14.66 19.95 -11.60
C THR A 14 -14.95 19.09 -12.86
N PRO A 15 -15.66 19.63 -13.88
CA PRO A 15 -16.00 18.86 -15.09
C PRO A 15 -14.77 18.46 -15.90
N ILE A 16 -13.72 19.27 -15.82
CA ILE A 16 -12.49 19.01 -16.56
C ILE A 16 -11.85 17.70 -16.10
N ILE A 17 -11.56 17.60 -14.80
CA ILE A 17 -10.95 16.41 -14.24
C ILE A 17 -11.91 15.22 -14.36
N GLN A 18 -13.19 15.49 -14.12
CA GLN A 18 -14.24 14.48 -14.25
C GLN A 18 -14.14 13.76 -15.59
N GLU A 19 -14.14 14.54 -16.67
CA GLU A 19 -14.05 14.01 -18.03
C GLU A 19 -12.70 13.36 -18.32
N TYR A 20 -11.68 13.73 -17.54
CA TYR A 20 -10.34 13.18 -17.71
C TYR A 20 -10.32 11.68 -17.44
N PHE A 21 -10.78 11.29 -16.25
CA PHE A 21 -10.78 9.89 -15.86
C PHE A 21 -11.72 9.01 -16.69
N GLU A 22 -12.53 9.61 -17.55
CA GLU A 22 -13.44 8.82 -18.38
C GLU A 22 -12.73 8.18 -19.57
N HIS A 23 -12.12 9.02 -20.41
CA HIS A 23 -11.40 8.49 -21.58
C HIS A 23 -9.89 8.47 -21.40
N GLY A 24 -9.41 9.15 -20.38
CA GLY A 24 -7.99 9.19 -20.09
C GLY A 24 -7.18 9.95 -21.14
N ASP A 25 -7.17 11.27 -21.03
CA ASP A 25 -6.42 12.10 -21.98
C ASP A 25 -5.60 13.14 -21.23
N THR A 26 -4.29 13.00 -21.31
CA THR A 26 -3.38 13.91 -20.65
C THR A 26 -3.26 15.29 -21.33
N ASN A 27 -3.03 15.27 -22.64
CA ASN A 27 -2.87 16.50 -23.42
C ASN A 27 -4.09 17.40 -23.31
N GLU A 28 -5.26 16.76 -23.22
CA GLU A 28 -6.53 17.46 -23.10
C GLU A 28 -6.46 18.45 -21.95
N VAL A 29 -6.09 17.95 -20.78
CA VAL A 29 -5.98 18.76 -19.59
C VAL A 29 -4.89 19.82 -19.73
N ALA A 30 -3.72 19.43 -20.22
CA ALA A 30 -2.61 20.36 -20.39
C ALA A 30 -3.02 21.62 -21.16
N GLU A 31 -3.56 21.42 -22.35
CA GLU A 31 -4.04 22.53 -23.16
C GLU A 31 -4.98 23.44 -22.37
N MET A 32 -5.94 22.85 -21.68
CA MET A 32 -6.91 23.61 -20.89
C MET A 32 -6.23 24.35 -19.73
N LEU A 33 -5.20 23.74 -19.15
CA LEU A 33 -4.49 24.34 -18.04
C LEU A 33 -3.80 25.64 -18.45
N ARG A 34 -3.04 25.58 -19.53
CA ARG A 34 -2.34 26.76 -20.04
C ARG A 34 -3.34 27.78 -20.53
N ASP A 35 -4.43 27.27 -21.09
CA ASP A 35 -5.51 28.10 -21.60
C ASP A 35 -5.97 29.08 -20.54
N LEU A 36 -6.20 28.57 -19.33
CA LEU A 36 -6.61 29.41 -18.21
C LEU A 36 -5.44 30.24 -17.71
N ASN A 37 -4.26 29.64 -17.71
CA ASN A 37 -3.02 30.28 -17.26
C ASN A 37 -3.07 30.67 -15.78
N LEU A 38 -2.72 29.72 -14.93
CA LEU A 38 -2.72 29.94 -13.50
C LEU A 38 -1.29 29.87 -12.98
N GLY A 39 -0.97 30.72 -12.00
CA GLY A 39 0.37 30.74 -11.45
C GLY A 39 0.52 29.80 -10.28
N GLU A 40 0.33 30.34 -9.07
CA GLU A 40 0.46 29.54 -7.86
C GLU A 40 -0.81 28.72 -7.66
N MET A 41 -1.81 29.00 -8.49
CA MET A 41 -3.08 28.29 -8.43
C MET A 41 -3.00 27.06 -9.33
N LYS A 42 -1.88 26.91 -10.01
CA LYS A 42 -1.65 25.79 -10.92
C LYS A 42 -1.48 24.50 -10.14
N SER A 43 -0.89 24.60 -8.94
CA SER A 43 -0.68 23.43 -8.09
C SER A 43 -2.00 22.90 -7.53
N GLY A 44 -3.04 23.73 -7.63
CA GLY A 44 -4.34 23.34 -7.15
C GLY A 44 -4.91 22.17 -7.95
N VAL A 45 -4.82 22.26 -9.27
CA VAL A 45 -5.33 21.22 -10.18
C VAL A 45 -4.90 19.79 -9.77
N PRO A 46 -3.59 19.51 -9.69
CA PRO A 46 -3.09 18.17 -9.32
C PRO A 46 -3.60 17.73 -7.95
N VAL A 47 -3.86 18.70 -7.08
CA VAL A 47 -4.37 18.40 -5.74
C VAL A 47 -5.81 17.89 -5.83
N LEU A 48 -6.66 18.65 -6.51
CA LEU A 48 -8.07 18.26 -6.66
C LEU A 48 -8.16 16.90 -7.36
N ALA A 49 -7.47 16.79 -8.50
CA ALA A 49 -7.40 15.54 -9.28
C ALA A 49 -7.03 14.34 -8.39
N VAL A 50 -6.28 14.64 -7.33
CA VAL A 50 -5.86 13.60 -6.38
C VAL A 50 -6.97 13.29 -5.37
N SER A 51 -7.60 14.34 -4.84
CA SER A 51 -8.67 14.20 -3.84
C SER A 51 -9.86 13.43 -4.42
N LEU A 52 -10.33 13.89 -5.59
CA LEU A 52 -11.44 13.27 -6.31
C LEU A 52 -11.13 11.82 -6.76
N ALA A 53 -9.85 11.45 -6.63
CA ALA A 53 -9.39 10.11 -7.00
C ALA A 53 -9.64 9.14 -5.84
N LEU A 54 -9.67 9.65 -4.60
CA LEU A 54 -9.84 8.81 -3.41
C LEU A 54 -11.29 8.39 -3.15
N GLU A 55 -12.21 9.08 -3.81
CA GLU A 55 -13.63 8.79 -3.62
C GLU A 55 -14.03 7.49 -4.31
N GLY A 56 -13.51 7.26 -5.51
CA GLY A 56 -13.85 6.05 -6.24
C GLY A 56 -12.99 4.86 -5.87
N LYS A 57 -12.83 3.97 -6.84
CA LYS A 57 -12.04 2.76 -6.65
C LYS A 57 -10.56 3.03 -6.87
N ALA A 58 -9.76 1.98 -6.76
CA ALA A 58 -8.32 2.08 -6.95
C ALA A 58 -7.98 2.55 -8.36
N SER A 59 -8.80 2.12 -9.32
CA SER A 59 -8.63 2.48 -10.72
C SER A 59 -8.70 3.99 -10.90
N HIS A 60 -9.55 4.64 -10.11
CA HIS A 60 -9.71 6.08 -10.20
C HIS A 60 -8.45 6.77 -9.67
N ARG A 61 -7.72 6.07 -8.81
CA ARG A 61 -6.48 6.58 -8.25
C ARG A 61 -5.29 6.41 -9.19
N GLU A 62 -5.02 5.15 -9.57
CA GLU A 62 -3.91 4.81 -10.47
C GLU A 62 -3.87 5.67 -11.73
N MET A 63 -5.04 5.97 -12.28
CA MET A 63 -5.12 6.79 -13.48
C MET A 63 -4.70 8.24 -13.21
N THR A 64 -4.68 8.63 -11.94
CA THR A 64 -4.29 9.98 -11.56
C THR A 64 -2.81 10.19 -11.82
N SER A 65 -1.99 9.24 -11.34
CA SER A 65 -0.54 9.31 -11.53
C SER A 65 -0.14 9.53 -12.97
N LYS A 66 -0.91 8.98 -13.91
CA LYS A 66 -0.62 9.13 -15.34
C LYS A 66 -0.64 10.61 -15.75
N LEU A 67 -1.57 11.35 -15.15
CA LEU A 67 -1.70 12.78 -15.45
C LEU A 67 -0.54 13.55 -14.82
N LEU A 68 -0.08 13.08 -13.67
CA LEU A 68 1.00 13.74 -12.95
C LEU A 68 2.29 13.82 -13.77
N SER A 69 2.88 12.66 -14.08
CA SER A 69 4.10 12.59 -14.88
C SER A 69 3.97 13.23 -16.25
N ASP A 70 2.75 13.28 -16.76
CA ASP A 70 2.50 13.89 -18.07
C ASP A 70 2.53 15.41 -17.95
N LEU A 71 1.90 15.92 -16.89
CA LEU A 71 1.85 17.35 -16.62
C LEU A 71 3.22 17.95 -16.37
N CYS A 72 4.08 17.26 -15.60
CA CYS A 72 5.40 17.76 -15.31
C CYS A 72 6.22 17.94 -16.58
N GLY A 73 7.00 19.01 -16.61
CA GLY A 73 7.83 19.31 -17.77
C GLY A 73 7.04 20.01 -18.85
N THR A 74 5.84 19.51 -19.10
CA THR A 74 4.97 20.08 -20.11
C THR A 74 4.36 21.40 -19.65
N VAL A 75 3.56 21.34 -18.58
CA VAL A 75 2.90 22.55 -18.07
C VAL A 75 3.08 22.71 -16.57
N MET A 76 3.84 21.83 -15.94
CA MET A 76 4.05 21.91 -14.51
C MET A 76 5.50 21.59 -14.17
N SER A 77 6.10 22.36 -13.27
CA SER A 77 7.49 22.15 -12.90
C SER A 77 7.59 21.23 -11.67
N THR A 78 8.75 20.58 -11.52
CA THR A 78 9.00 19.70 -10.37
C THR A 78 8.61 20.35 -9.04
N THR A 79 9.00 21.62 -8.86
CA THR A 79 8.68 22.34 -7.64
C THR A 79 7.16 22.53 -7.51
N ASP A 80 6.50 22.81 -8.63
CA ASP A 80 5.05 22.96 -8.64
C ASP A 80 4.39 21.69 -8.14
N VAL A 81 4.96 20.55 -8.55
CA VAL A 81 4.44 19.26 -8.15
C VAL A 81 4.65 19.07 -6.64
N GLU A 82 5.85 19.41 -6.18
CA GLU A 82 6.18 19.29 -4.76
C GLU A 82 5.24 20.13 -3.90
N LYS A 83 4.98 21.37 -4.35
CA LYS A 83 4.08 22.27 -3.64
C LYS A 83 2.67 21.69 -3.53
N SER A 84 2.28 20.92 -4.53
CA SER A 84 0.96 20.30 -4.54
C SER A 84 0.80 19.31 -3.39
N PHE A 85 1.82 18.49 -3.19
CA PHE A 85 1.80 17.50 -2.11
C PHE A 85 1.65 18.16 -0.75
N ASP A 86 2.31 19.31 -0.58
CA ASP A 86 2.23 20.06 0.67
C ASP A 86 0.80 20.53 0.88
N LYS A 87 0.26 21.18 -0.15
CA LYS A 87 -1.10 21.69 -0.12
C LYS A 87 -2.11 20.56 0.10
N LEU A 88 -1.81 19.38 -0.43
CA LEU A 88 -2.67 18.22 -0.28
C LEU A 88 -2.75 17.81 1.19
N LEU A 89 -1.58 17.54 1.77
CA LEU A 89 -1.48 17.16 3.20
C LEU A 89 -2.28 18.10 4.09
N LYS A 90 -2.34 19.38 3.74
CA LYS A 90 -3.07 20.37 4.51
C LYS A 90 -4.57 20.10 4.53
N ASP A 91 -5.09 19.56 3.44
CA ASP A 91 -6.52 19.27 3.34
C ASP A 91 -6.89 17.93 3.97
N LEU A 92 -5.96 16.97 3.86
CA LEU A 92 -6.14 15.60 4.40
C LEU A 92 -6.97 15.49 5.68
N PRO A 93 -6.67 16.26 6.74
CA PRO A 93 -7.45 16.21 7.99
C PRO A 93 -8.97 16.20 7.80
N GLU A 94 -9.48 16.90 6.76
CA GLU A 94 -10.91 16.95 6.54
C GLU A 94 -11.43 15.72 5.79
N LEU A 95 -10.89 15.48 4.58
CA LEU A 95 -11.28 14.31 3.77
C LEU A 95 -11.22 12.99 4.52
N ALA A 96 -10.30 12.90 5.45
CA ALA A 96 -10.12 11.70 6.25
C ALA A 96 -11.38 11.33 7.03
N LEU A 97 -12.22 12.32 7.30
CA LEU A 97 -13.45 12.08 8.06
C LEU A 97 -14.40 11.14 7.33
N ASP A 98 -14.69 11.43 6.06
CA ASP A 98 -15.59 10.60 5.27
C ASP A 98 -14.81 9.49 4.59
N THR A 99 -13.53 9.41 4.88
CA THR A 99 -12.67 8.43 4.26
C THR A 99 -11.51 8.07 5.17
N PRO A 100 -11.71 7.08 6.07
CA PRO A 100 -10.66 6.63 6.99
C PRO A 100 -9.47 6.04 6.24
N ARG A 101 -9.71 5.63 5.01
CA ARG A 101 -8.66 5.06 4.16
C ARG A 101 -7.98 6.14 3.32
N ALA A 102 -8.47 7.37 3.42
CA ALA A 102 -7.92 8.49 2.64
C ALA A 102 -6.41 8.68 2.87
N PRO A 103 -5.95 8.84 4.14
CA PRO A 103 -4.52 9.02 4.44
C PRO A 103 -3.68 7.88 3.87
N GLN A 104 -4.17 6.67 4.09
CA GLN A 104 -3.51 5.45 3.58
C GLN A 104 -3.28 5.51 2.07
N LEU A 105 -4.29 5.99 1.35
CA LEU A 105 -4.19 6.10 -0.11
C LEU A 105 -3.22 7.20 -0.49
N VAL A 106 -3.31 8.32 0.23
CA VAL A 106 -2.45 9.47 -0.01
C VAL A 106 -0.98 9.07 0.03
N GLY A 107 -0.59 8.30 1.05
CA GLY A 107 0.79 7.85 1.17
C GLY A 107 1.27 7.10 -0.07
N GLN A 108 0.38 6.31 -0.66
CA GLN A 108 0.71 5.55 -1.85
C GLN A 108 1.02 6.48 -3.02
N PHE A 109 0.27 7.58 -3.09
CA PHE A 109 0.47 8.57 -4.13
C PHE A 109 1.83 9.23 -4.05
N ILE A 110 2.32 9.43 -2.83
CA ILE A 110 3.62 10.07 -2.63
C ILE A 110 4.72 9.14 -3.14
N ALA A 111 4.65 7.88 -2.74
CA ALA A 111 5.61 6.87 -3.18
C ALA A 111 5.66 6.76 -4.70
N ARG A 112 4.49 6.89 -5.33
CA ARG A 112 4.39 6.82 -6.78
C ARG A 112 5.16 7.97 -7.43
N ALA A 113 5.00 9.17 -6.86
CA ALA A 113 5.66 10.36 -7.38
C ALA A 113 7.19 10.20 -7.38
N VAL A 114 7.72 9.59 -6.32
CA VAL A 114 9.17 9.37 -6.23
C VAL A 114 9.62 8.41 -7.31
N GLY A 115 8.98 7.24 -7.35
CA GLY A 115 9.30 6.23 -8.34
C GLY A 115 9.19 6.76 -9.77
N ASP A 116 8.13 7.49 -10.05
CA ASP A 116 7.92 8.06 -11.38
C ASP A 116 9.04 9.02 -11.75
N GLY A 117 9.45 9.85 -10.79
CA GLY A 117 10.53 10.78 -11.03
C GLY A 117 10.07 12.22 -11.13
N ILE A 118 9.04 12.56 -10.38
CA ILE A 118 8.50 13.93 -10.38
C ILE A 118 8.58 14.55 -8.99
N LEU A 119 9.06 13.77 -8.03
CA LEU A 119 9.18 14.22 -6.65
C LEU A 119 10.53 13.82 -6.09
N CYS A 120 11.07 14.64 -5.19
CA CYS A 120 12.35 14.36 -4.58
C CYS A 120 12.23 13.22 -3.59
N ASN A 121 13.25 12.37 -3.56
CA ASN A 121 13.29 11.23 -2.65
C ASN A 121 13.42 11.70 -1.20
N THR A 122 14.14 12.79 -1.00
CA THR A 122 14.36 13.33 0.34
C THR A 122 13.13 14.08 0.87
N TYR A 123 12.04 14.08 0.11
CA TYR A 123 10.82 14.77 0.52
C TYR A 123 10.27 14.16 1.81
N ILE A 124 10.34 12.83 1.90
CA ILE A 124 9.86 12.13 3.08
C ILE A 124 10.78 12.35 4.27
N ASP A 125 12.09 12.26 4.01
CA ASP A 125 13.10 12.42 5.06
C ASP A 125 13.06 13.82 5.68
N SER A 126 12.77 14.80 4.85
CA SER A 126 12.66 16.18 5.28
C SER A 126 11.41 16.42 6.15
N TYR A 127 10.39 15.53 5.99
CA TYR A 127 9.13 15.59 6.74
C TYR A 127 9.14 14.55 7.89
N LYS A 128 10.34 14.04 8.11
CA LYS A 128 10.73 13.02 9.13
C LYS A 128 10.73 13.39 10.63
N GLY A 129 9.61 13.83 11.15
CA GLY A 129 9.55 14.21 12.55
C GLY A 129 9.27 15.67 12.68
N THR A 130 9.30 16.33 11.54
CA THR A 130 9.03 17.75 11.45
C THR A 130 7.53 18.00 11.24
N VAL A 131 6.73 16.93 11.37
CA VAL A 131 5.28 17.05 11.20
C VAL A 131 4.57 16.69 12.49
N ASP A 132 3.80 17.62 13.03
CA ASP A 132 3.06 17.40 14.28
C ASP A 132 1.72 16.74 14.05
N CYS A 133 1.14 16.92 12.87
CA CYS A 133 -0.15 16.34 12.53
C CYS A 133 -0.02 14.84 12.26
N VAL A 134 -0.77 14.05 13.01
CA VAL A 134 -0.73 12.59 12.88
C VAL A 134 -1.34 12.14 11.55
N GLN A 135 -2.17 12.99 10.96
CA GLN A 135 -2.82 12.67 9.69
C GLN A 135 -1.79 12.65 8.57
N ALA A 136 -0.92 13.66 8.57
CA ALA A 136 0.13 13.76 7.57
C ALA A 136 1.27 12.80 7.87
N ARG A 137 1.43 12.49 9.15
CA ARG A 137 2.48 11.58 9.59
C ARG A 137 2.32 10.20 8.96
N ALA A 138 1.15 9.59 9.13
CA ALA A 138 0.88 8.28 8.57
C ALA A 138 1.05 8.25 7.06
N ALA A 139 0.75 9.37 6.41
CA ALA A 139 0.89 9.46 4.97
C ALA A 139 2.36 9.38 4.55
N LEU A 140 3.23 10.04 5.31
CA LEU A 140 4.66 10.05 5.02
C LEU A 140 5.32 8.74 5.46
N ASP A 141 4.82 8.20 6.58
CA ASP A 141 5.30 6.95 7.18
C ASP A 141 4.81 5.73 6.36
N LYS A 142 3.85 6.05 5.49
CA LYS A 142 3.25 5.08 4.57
C LYS A 142 4.17 4.78 3.37
N ALA A 143 4.51 5.84 2.62
CA ALA A 143 5.34 5.76 1.41
C ALA A 143 6.75 5.25 1.68
N THR A 144 7.20 5.46 2.89
CA THR A 144 8.52 5.05 3.29
C THR A 144 8.70 3.56 3.08
N VAL A 145 7.78 2.75 3.59
CA VAL A 145 7.86 1.30 3.44
C VAL A 145 7.42 0.81 2.05
N LEU A 146 6.46 1.52 1.44
CA LEU A 146 5.94 1.15 0.12
C LEU A 146 7.04 1.06 -0.92
N LEU A 147 7.97 1.99 -0.87
CA LEU A 147 9.10 2.01 -1.79
C LEU A 147 10.00 0.81 -1.54
N SER A 148 10.29 0.56 -0.27
CA SER A 148 11.13 -0.57 0.12
C SER A 148 10.55 -1.90 -0.34
N MET A 149 9.22 -2.04 -0.24
CA MET A 149 8.55 -3.26 -0.67
C MET A 149 8.64 -3.46 -2.17
N SER A 150 8.40 -2.39 -2.92
CA SER A 150 8.44 -2.45 -4.37
C SER A 150 9.87 -2.66 -4.87
N LYS A 151 10.84 -2.34 -4.03
CA LYS A 151 12.24 -2.50 -4.37
C LYS A 151 12.84 -3.71 -3.66
N GLY A 152 11.98 -4.65 -3.31
CA GLY A 152 12.45 -5.86 -2.64
C GLY A 152 12.97 -6.87 -3.65
N GLY A 153 12.60 -8.14 -3.48
CA GLY A 153 13.05 -9.16 -4.40
C GLY A 153 12.29 -9.14 -5.71
N LYS A 154 12.14 -7.93 -6.28
CA LYS A 154 11.44 -7.74 -7.53
C LYS A 154 12.38 -7.31 -8.65
N ARG A 155 13.63 -6.99 -8.30
CA ARG A 155 14.61 -6.56 -9.29
C ARG A 155 15.29 -7.77 -9.93
N LYS A 156 14.54 -8.86 -10.04
CA LYS A 156 15.06 -10.08 -10.63
C LYS A 156 14.82 -10.06 -12.14
N ASP A 157 15.66 -9.32 -12.84
CA ASP A 157 15.56 -9.17 -14.29
C ASP A 157 16.09 -10.39 -15.04
N SER A 158 16.07 -11.55 -14.38
CA SER A 158 16.57 -12.79 -14.96
C SER A 158 15.52 -13.43 -15.87
N VAL A 159 14.36 -12.80 -15.95
CA VAL A 159 13.26 -13.30 -16.79
C VAL A 159 13.38 -12.80 -18.22
N TRP A 160 14.48 -13.17 -18.86
CA TRP A 160 14.72 -12.76 -20.24
C TRP A 160 13.88 -13.59 -21.21
N GLY A 161 13.26 -12.92 -22.17
CA GLY A 161 12.43 -13.59 -23.15
C GLY A 161 10.96 -13.28 -22.95
N SER A 162 10.65 -12.58 -21.87
CA SER A 162 9.26 -12.22 -21.56
C SER A 162 9.19 -10.82 -20.94
N GLY A 163 8.74 -9.84 -21.70
CA GLY A 163 8.65 -8.48 -21.19
C GLY A 163 7.27 -7.91 -21.36
N GLY B 1 5.35 -5.35 -22.05
CA GLY B 1 4.22 -5.01 -21.16
C GLY B 1 3.91 -3.53 -21.18
N GLY B 2 2.76 -3.15 -20.67
CA GLY B 2 2.38 -1.75 -20.63
C GLY B 2 2.90 -1.07 -19.38
N GLN B 3 2.36 0.10 -19.07
CA GLN B 3 2.78 0.83 -17.88
C GLN B 3 2.22 0.21 -16.61
N GLN B 4 0.92 -0.09 -16.61
CA GLN B 4 0.27 -0.69 -15.46
C GLN B 4 -0.80 -1.67 -15.90
N PRO B 5 -0.42 -2.91 -16.25
CA PRO B 5 -1.37 -3.93 -16.69
C PRO B 5 -1.93 -4.70 -15.50
N VAL B 6 -2.85 -5.62 -15.77
CA VAL B 6 -3.44 -6.43 -14.70
C VAL B 6 -2.41 -7.36 -14.08
N ASN B 7 -2.21 -7.24 -12.78
CA ASN B 7 -1.24 -8.06 -12.07
C ASN B 7 -1.90 -8.77 -10.90
N HIS B 8 -1.33 -9.90 -10.52
CA HIS B 8 -1.84 -10.69 -9.40
C HIS B 8 -0.70 -11.39 -8.70
N LEU B 9 -0.90 -11.69 -7.41
CA LEU B 9 0.09 -12.35 -6.56
C LEU B 9 1.30 -11.47 -6.26
N VAL B 10 1.98 -11.01 -7.31
CA VAL B 10 3.14 -10.17 -7.18
C VAL B 10 2.75 -8.78 -6.66
N LYS B 11 3.47 -8.33 -5.63
CA LYS B 11 3.26 -7.01 -5.01
C LYS B 11 2.05 -6.94 -4.07
N GLU B 12 0.92 -7.53 -4.47
CA GLU B 12 -0.28 -7.49 -3.63
C GLU B 12 -0.07 -8.24 -2.30
N ILE B 13 0.26 -9.52 -2.38
CA ILE B 13 0.50 -10.31 -1.17
C ILE B 13 1.73 -9.77 -0.43
N ASP B 14 2.62 -9.15 -1.19
CA ASP B 14 3.84 -8.57 -0.67
C ASP B 14 3.55 -7.36 0.23
N MET B 15 2.78 -6.41 -0.31
CA MET B 15 2.46 -5.18 0.41
C MET B 15 1.51 -5.44 1.57
N LEU B 16 0.73 -6.50 1.46
CA LEU B 16 -0.21 -6.87 2.49
C LEU B 16 0.57 -7.40 3.71
N LEU B 17 1.66 -8.11 3.45
CA LEU B 17 2.50 -8.63 4.52
C LEU B 17 3.66 -7.78 5.08
N LYS B 18 4.60 -7.40 4.20
CA LYS B 18 5.82 -6.68 4.57
C LYS B 18 5.56 -5.32 5.24
N GLU B 19 4.57 -4.61 4.74
CA GLU B 19 4.22 -3.30 5.28
C GLU B 19 3.77 -3.40 6.73
N TYR B 20 3.06 -4.48 7.05
CA TYR B 20 2.54 -4.69 8.38
C TYR B 20 3.64 -4.74 9.44
N LEU B 21 4.72 -5.44 9.12
CA LEU B 21 5.84 -5.59 10.03
C LEU B 21 6.55 -4.25 10.28
N LEU B 22 6.67 -3.44 9.23
CA LEU B 22 7.34 -2.16 9.35
C LEU B 22 6.45 -1.06 9.95
N SER B 23 5.31 -0.79 9.30
CA SER B 23 4.41 0.25 9.77
C SER B 23 3.84 -0.02 11.17
N GLY B 24 3.23 -1.19 11.36
CA GLY B 24 2.69 -1.52 12.68
C GLY B 24 1.22 -1.90 12.68
N ASP B 25 0.36 -0.94 12.35
CA ASP B 25 -1.08 -1.17 12.36
C ASP B 25 -1.54 -2.16 11.30
N ILE B 26 -2.51 -3.01 11.65
CA ILE B 26 -3.04 -3.99 10.72
C ILE B 26 -4.02 -3.37 9.71
N SER B 27 -4.68 -2.27 10.12
CA SER B 27 -5.70 -1.60 9.30
C SER B 27 -5.32 -1.44 7.84
N GLU B 28 -4.04 -1.17 7.58
CA GLU B 28 -3.55 -1.01 6.21
C GLU B 28 -3.90 -2.23 5.38
N ALA B 29 -3.54 -3.39 5.89
CA ALA B 29 -3.82 -4.65 5.22
C ALA B 29 -5.29 -5.02 5.35
N GLU B 30 -5.87 -4.73 6.51
CA GLU B 30 -7.27 -5.05 6.81
C GLU B 30 -8.21 -4.54 5.73
N HIS B 31 -7.97 -3.33 5.23
CA HIS B 31 -8.83 -2.76 4.20
C HIS B 31 -8.46 -3.25 2.79
N CYS B 32 -7.17 -3.46 2.55
CA CYS B 32 -6.68 -3.91 1.25
C CYS B 32 -7.00 -5.40 0.99
N LEU B 33 -7.03 -6.19 2.06
CA LEU B 33 -7.34 -7.62 1.97
C LEU B 33 -8.80 -7.80 1.53
N LYS B 34 -9.59 -6.81 1.90
CA LYS B 34 -11.01 -6.71 1.57
C LYS B 34 -11.28 -6.48 0.07
N GLU B 35 -10.22 -6.04 -0.61
CA GLU B 35 -10.30 -5.73 -2.05
C GLU B 35 -10.40 -7.02 -2.88
N LEU B 36 -9.76 -8.09 -2.42
CA LEU B 36 -9.75 -9.39 -3.12
C LEU B 36 -11.13 -10.08 -3.08
N GLU B 37 -11.24 -11.26 -3.69
CA GLU B 37 -12.51 -11.99 -3.70
C GLU B 37 -12.32 -13.39 -3.12
N VAL B 38 -11.44 -14.15 -3.75
CA VAL B 38 -11.16 -15.53 -3.35
C VAL B 38 -10.64 -15.64 -1.91
N PRO B 39 -11.44 -16.25 -1.02
CA PRO B 39 -11.08 -16.42 0.38
C PRO B 39 -10.21 -17.65 0.60
N HIS B 40 -10.26 -18.60 -0.33
CA HIS B 40 -9.48 -19.82 -0.21
C HIS B 40 -8.00 -19.56 -0.48
N PHE B 41 -7.70 -18.45 -1.12
CA PHE B 41 -6.32 -18.08 -1.43
C PHE B 41 -5.63 -17.46 -0.22
N HIS B 42 -6.33 -17.41 0.92
CA HIS B 42 -5.79 -16.81 2.14
C HIS B 42 -4.62 -17.62 2.71
N HIS B 43 -4.37 -18.80 2.15
CA HIS B 43 -3.29 -19.66 2.62
C HIS B 43 -1.91 -19.01 2.40
N GLU B 44 -1.76 -18.26 1.32
CA GLU B 44 -0.48 -17.60 1.01
C GLU B 44 -0.16 -16.50 2.02
N LEU B 45 -1.21 -15.85 2.52
CA LEU B 45 -1.08 -14.78 3.52
C LEU B 45 -0.59 -15.36 4.84
N VAL B 46 -0.92 -16.63 5.04
CA VAL B 46 -0.52 -17.33 6.25
C VAL B 46 0.93 -17.83 6.11
N TYR B 47 1.19 -18.52 5.01
CA TYR B 47 2.50 -19.09 4.71
C TYR B 47 3.65 -18.07 4.80
N GLU B 48 3.46 -16.90 4.21
CA GLU B 48 4.49 -15.86 4.23
C GLU B 48 4.77 -15.38 5.66
N ALA B 49 3.70 -15.16 6.42
CA ALA B 49 3.83 -14.70 7.81
C ALA B 49 4.70 -15.64 8.62
N ILE B 50 4.57 -16.94 8.37
CA ILE B 50 5.36 -17.93 9.08
C ILE B 50 6.81 -17.88 8.61
N VAL B 51 6.98 -17.67 7.31
CA VAL B 51 8.32 -17.58 6.72
C VAL B 51 9.09 -16.41 7.32
N MET B 52 8.43 -15.28 7.53
CA MET B 52 9.05 -14.10 8.11
C MET B 52 9.69 -14.41 9.46
N VAL B 53 8.88 -14.91 10.38
CA VAL B 53 9.33 -15.28 11.73
C VAL B 53 10.62 -16.12 11.71
N LEU B 54 10.75 -16.99 10.74
CA LEU B 54 11.92 -17.84 10.63
C LEU B 54 13.10 -17.14 9.95
N GLU B 55 12.79 -16.14 9.14
CA GLU B 55 13.81 -15.40 8.40
C GLU B 55 14.10 -14.03 9.02
N SER B 56 13.54 -13.78 10.19
CA SER B 56 13.74 -12.49 10.84
C SER B 56 14.40 -12.63 12.19
N THR B 57 15.26 -11.67 12.53
CA THR B 57 15.95 -11.67 13.79
C THR B 57 15.36 -10.61 14.72
N GLY B 58 14.86 -11.04 15.86
CA GLY B 58 14.28 -10.12 16.81
C GLY B 58 12.94 -10.59 17.32
N GLU B 59 12.67 -10.32 18.59
CA GLU B 59 11.41 -10.72 19.21
C GLU B 59 10.22 -9.93 18.65
N SER B 60 10.51 -8.75 18.11
CA SER B 60 9.49 -7.87 17.55
C SER B 60 8.84 -8.55 16.35
N ALA B 61 9.67 -9.28 15.58
CA ALA B 61 9.23 -9.99 14.42
C ALA B 61 8.33 -11.15 14.80
N PHE B 62 8.39 -11.63 16.06
CA PHE B 62 7.55 -12.74 16.48
C PHE B 62 6.15 -12.28 16.92
N LYS B 63 6.11 -11.56 18.06
CA LYS B 63 4.87 -11.02 18.70
C LYS B 63 3.98 -10.23 17.74
N MET B 64 4.62 -9.59 16.80
CA MET B 64 3.92 -8.78 15.82
C MET B 64 3.32 -9.66 14.74
N ILE B 65 4.09 -10.65 14.28
CA ILE B 65 3.62 -11.54 13.22
C ILE B 65 2.48 -12.46 13.67
N LEU B 66 2.68 -13.21 14.75
CA LEU B 66 1.65 -14.11 15.26
C LEU B 66 0.34 -13.36 15.56
N ASP B 67 0.48 -12.13 16.04
CA ASP B 67 -0.67 -11.31 16.36
C ASP B 67 -1.52 -11.03 15.13
N LEU B 68 -0.88 -11.03 13.96
CA LEU B 68 -1.56 -10.77 12.72
C LEU B 68 -2.59 -11.88 12.44
N LEU B 69 -2.19 -13.11 12.70
CA LEU B 69 -3.07 -14.25 12.46
C LEU B 69 -4.18 -14.27 13.50
N LYS B 70 -3.80 -14.19 14.78
CA LYS B 70 -4.77 -14.14 15.88
C LYS B 70 -5.82 -13.05 15.67
N SER B 71 -5.41 -11.97 15.03
CA SER B 71 -6.32 -10.87 14.75
C SER B 71 -7.28 -11.24 13.63
N LEU B 72 -6.74 -11.87 12.59
CA LEU B 72 -7.54 -12.30 11.46
C LEU B 72 -8.57 -13.33 11.89
N TRP B 73 -8.19 -14.24 12.80
CA TRP B 73 -9.11 -15.24 13.33
C TRP B 73 -10.25 -14.54 14.08
N LYS B 74 -9.88 -13.60 14.95
CA LYS B 74 -10.87 -12.82 15.72
C LYS B 74 -11.96 -12.23 14.84
N SER B 75 -11.61 -11.81 13.63
CA SER B 75 -12.59 -11.23 12.72
C SER B 75 -13.16 -12.27 11.76
N SER B 76 -12.69 -13.52 11.89
CA SER B 76 -13.13 -14.63 11.04
C SER B 76 -12.70 -14.42 9.59
N THR B 77 -11.43 -14.14 9.38
CA THR B 77 -10.89 -13.92 8.04
C THR B 77 -10.20 -15.19 7.53
N ILE B 78 -9.38 -15.79 8.37
CA ILE B 78 -8.68 -17.02 8.00
C ILE B 78 -9.47 -18.22 8.47
N THR B 79 -9.64 -19.19 7.59
CA THR B 79 -10.36 -20.39 7.93
C THR B 79 -9.35 -21.48 8.33
N ILE B 80 -9.77 -22.38 9.21
CA ILE B 80 -8.91 -23.45 9.71
C ILE B 80 -8.19 -24.22 8.59
N ASP B 81 -8.91 -24.55 7.53
CA ASP B 81 -8.34 -25.27 6.41
C ASP B 81 -7.24 -24.49 5.70
N GLN B 82 -7.42 -23.18 5.62
CA GLN B 82 -6.43 -22.32 4.98
C GLN B 82 -5.12 -22.28 5.79
N MET B 83 -5.26 -22.16 7.11
CA MET B 83 -4.11 -22.14 7.99
C MET B 83 -3.39 -23.48 7.98
N LYS B 84 -4.14 -24.53 7.71
CA LYS B 84 -3.58 -25.87 7.64
C LYS B 84 -2.70 -25.97 6.39
N ARG B 85 -3.21 -25.45 5.28
CA ARG B 85 -2.46 -25.44 4.03
C ARG B 85 -1.17 -24.62 4.19
N GLY B 86 -1.19 -23.72 5.17
CA GLY B 86 -0.03 -22.90 5.45
C GLY B 86 0.99 -23.62 6.31
N TYR B 87 0.52 -24.16 7.43
CA TYR B 87 1.37 -24.86 8.39
C TYR B 87 1.99 -26.12 7.80
N GLU B 88 1.19 -26.88 7.08
CA GLU B 88 1.65 -28.11 6.45
C GLU B 88 2.71 -27.81 5.40
N ARG B 89 2.62 -26.62 4.80
CA ARG B 89 3.59 -26.20 3.80
C ARG B 89 4.93 -25.95 4.45
N ILE B 90 4.91 -25.28 5.59
CA ILE B 90 6.13 -24.96 6.33
C ILE B 90 6.86 -26.24 6.73
N TYR B 91 6.09 -27.26 7.04
CA TYR B 91 6.65 -28.56 7.43
C TYR B 91 7.54 -29.11 6.34
N ASN B 92 7.22 -28.76 5.09
CA ASN B 92 7.99 -29.18 3.94
C ASN B 92 9.16 -28.23 3.69
N GLU B 93 8.95 -26.95 3.99
CA GLU B 93 9.96 -25.94 3.79
C GLU B 93 11.08 -26.03 4.82
N ILE B 94 10.77 -26.53 6.01
CA ILE B 94 11.75 -26.67 7.11
C ILE B 94 13.08 -27.29 6.65
N PRO B 95 13.06 -28.51 6.07
CA PRO B 95 14.28 -29.18 5.60
C PRO B 95 15.11 -28.32 4.65
N ASP B 96 14.44 -27.49 3.87
CA ASP B 96 15.12 -26.61 2.92
C ASP B 96 15.73 -25.40 3.63
N ILE B 97 14.93 -24.76 4.49
CA ILE B 97 15.38 -23.58 5.22
C ILE B 97 16.50 -23.94 6.18
N ASN B 98 16.45 -25.13 6.75
CA ASN B 98 17.46 -25.57 7.69
C ASN B 98 18.62 -26.29 6.98
N LEU B 99 18.28 -27.30 6.19
CA LEU B 99 19.27 -28.09 5.47
C LEU B 99 20.24 -28.74 6.45
N ASP B 100 19.69 -29.61 7.31
CA ASP B 100 20.43 -30.30 8.37
C ASP B 100 20.71 -29.34 9.52
N VAL B 101 20.86 -29.90 10.73
CA VAL B 101 21.09 -29.10 11.93
C VAL B 101 19.88 -28.17 12.17
N PRO B 102 18.72 -28.77 12.53
CA PRO B 102 17.49 -28.02 12.77
C PRO B 102 17.51 -27.29 14.11
N HIS B 103 18.21 -26.16 14.14
CA HIS B 103 18.31 -25.37 15.36
C HIS B 103 17.11 -24.44 15.54
N SER B 104 16.37 -24.20 14.47
CA SER B 104 15.20 -23.35 14.54
C SER B 104 13.97 -24.12 15.00
N TYR B 105 14.19 -25.37 15.40
CA TYR B 105 13.11 -26.22 15.88
C TYR B 105 12.51 -25.65 17.16
N SER B 106 13.35 -25.02 17.97
CA SER B 106 12.91 -24.39 19.20
C SER B 106 11.91 -23.29 18.87
N VAL B 107 12.20 -22.55 17.80
CA VAL B 107 11.34 -21.48 17.35
C VAL B 107 10.06 -22.09 16.78
N LEU B 108 10.23 -23.07 15.90
CA LEU B 108 9.11 -23.76 15.29
C LEU B 108 8.16 -24.32 16.34
N GLU B 109 8.72 -25.03 17.32
CA GLU B 109 7.93 -25.62 18.39
C GLU B 109 7.13 -24.57 19.15
N ARG B 110 7.83 -23.57 19.69
CA ARG B 110 7.17 -22.50 20.42
C ARG B 110 6.07 -21.83 19.59
N PHE B 111 6.35 -21.61 18.31
CA PHE B 111 5.38 -21.02 17.41
C PHE B 111 4.14 -21.89 17.26
N VAL B 112 4.35 -23.20 17.09
CA VAL B 112 3.25 -24.14 16.92
C VAL B 112 2.49 -24.37 18.24
N GLU B 113 3.23 -24.55 19.33
CA GLU B 113 2.62 -24.79 20.64
C GLU B 113 1.78 -23.60 21.08
N GLU B 114 2.22 -22.40 20.71
CA GLU B 114 1.50 -21.18 21.04
C GLU B 114 0.19 -21.16 20.29
N CYS B 115 0.25 -21.54 19.02
CA CYS B 115 -0.93 -21.61 18.17
C CYS B 115 -1.99 -22.54 18.74
N PHE B 116 -1.58 -23.75 19.16
CA PHE B 116 -2.52 -24.68 19.77
C PHE B 116 -3.11 -24.09 21.04
N GLN B 117 -2.25 -23.47 21.85
CA GLN B 117 -2.67 -22.82 23.08
C GLN B 117 -3.79 -21.82 22.83
N ALA B 118 -3.69 -21.11 21.71
CA ALA B 118 -4.70 -20.12 21.34
C ALA B 118 -6.02 -20.78 20.94
N GLY B 119 -5.97 -22.10 20.74
CA GLY B 119 -7.16 -22.84 20.35
C GLY B 119 -7.63 -22.47 18.97
N ILE B 120 -6.69 -22.13 18.10
CA ILE B 120 -7.02 -21.73 16.75
C ILE B 120 -6.79 -22.88 15.77
N ILE B 121 -5.86 -23.77 16.10
CA ILE B 121 -5.57 -24.92 15.26
C ILE B 121 -6.17 -26.20 15.80
N SER B 122 -6.00 -27.29 15.05
CA SER B 122 -6.53 -28.59 15.44
C SER B 122 -5.40 -29.48 15.93
N LYS B 123 -5.74 -30.43 16.79
CA LYS B 123 -4.75 -31.37 17.33
C LYS B 123 -4.12 -32.21 16.22
N GLN B 124 -4.91 -32.55 15.21
CA GLN B 124 -4.43 -33.31 14.07
C GLN B 124 -3.26 -32.58 13.41
N LEU B 125 -3.35 -31.25 13.39
CA LEU B 125 -2.31 -30.41 12.81
C LEU B 125 -1.07 -30.48 13.68
N ARG B 126 -1.26 -30.42 14.99
CA ARG B 126 -0.17 -30.51 15.95
C ARG B 126 0.58 -31.85 15.82
N ASP B 127 -0.12 -32.87 15.36
CA ASP B 127 0.49 -34.19 15.15
C ASP B 127 1.32 -34.21 13.87
N LEU B 128 1.07 -33.24 12.98
CA LEU B 128 1.79 -33.15 11.72
C LEU B 128 3.15 -32.50 11.89
N CYS B 129 3.33 -31.77 12.99
CA CYS B 129 4.59 -31.13 13.26
C CYS B 129 5.52 -32.08 14.01
N PRO B 130 6.78 -32.20 13.54
CA PRO B 130 7.78 -33.09 14.16
C PRO B 130 8.17 -32.63 15.57
N SER B 131 7.37 -33.02 16.54
CA SER B 131 7.61 -32.67 17.92
C SER B 131 7.55 -33.91 18.79
N GLY A 1 2.10 31.49 -2.21
CA GLY A 1 1.30 31.28 -0.97
C GLY A 1 -0.19 31.27 -1.24
N LEU A 2 -0.87 32.32 -0.78
CA LEU A 2 -2.31 32.44 -0.98
C LEU A 2 -2.61 32.84 -2.41
N PRO A 3 -3.36 32.00 -3.13
CA PRO A 3 -3.71 32.24 -4.52
C PRO A 3 -5.02 33.00 -4.71
N LEU A 4 -5.31 33.34 -5.96
CA LEU A 4 -6.53 34.06 -6.30
C LEU A 4 -7.58 33.11 -6.84
N ASP A 5 -8.85 33.50 -6.73
CA ASP A 5 -9.98 32.68 -7.20
C ASP A 5 -9.98 31.33 -6.50
N GLU A 6 -10.42 31.31 -5.25
CA GLU A 6 -10.41 30.07 -4.48
C GLU A 6 -11.47 29.10 -4.96
N ARG A 7 -12.74 29.52 -4.86
CA ARG A 7 -13.86 28.68 -5.28
C ARG A 7 -14.12 28.86 -6.76
N ALA A 8 -13.92 30.10 -7.20
CA ALA A 8 -14.14 30.49 -8.58
C ALA A 8 -13.39 29.62 -9.58
N PHE A 9 -12.22 29.09 -9.18
CA PHE A 9 -11.41 28.25 -10.05
C PHE A 9 -11.85 26.78 -9.97
N GLU A 10 -12.61 26.47 -8.93
CA GLU A 10 -13.03 25.10 -8.68
C GLU A 10 -14.13 24.66 -9.66
N LYS A 11 -15.13 25.52 -9.87
CA LYS A 11 -16.24 25.20 -10.79
C LYS A 11 -15.72 25.05 -12.23
N THR A 12 -14.79 25.95 -12.54
CA THR A 12 -14.08 26.03 -13.84
C THR A 12 -13.19 24.79 -14.07
N LEU A 13 -13.06 24.03 -12.99
CA LEU A 13 -12.19 22.85 -12.99
C LEU A 13 -13.00 21.55 -13.07
N THR A 14 -14.23 21.58 -12.55
CA THR A 14 -15.10 20.39 -12.51
C THR A 14 -15.21 19.60 -13.84
N PRO A 15 -15.67 20.23 -14.94
CA PRO A 15 -15.82 19.53 -16.23
C PRO A 15 -14.51 18.89 -16.69
N ILE A 16 -13.44 19.67 -16.62
CA ILE A 16 -12.10 19.20 -16.97
C ILE A 16 -11.77 17.87 -16.30
N ILE A 17 -12.08 17.76 -15.01
CA ILE A 17 -11.83 16.54 -14.25
C ILE A 17 -12.67 15.39 -14.81
N GLN A 18 -13.97 15.67 -14.93
CA GLN A 18 -14.94 14.70 -15.48
C GLN A 18 -14.44 14.11 -16.80
N GLU A 19 -14.11 14.98 -17.75
CA GLU A 19 -13.63 14.54 -19.06
C GLU A 19 -12.31 13.78 -18.93
N TYR A 20 -11.42 14.32 -18.11
CA TYR A 20 -10.12 13.71 -17.86
C TYR A 20 -10.23 12.21 -17.57
N PHE A 21 -11.07 11.85 -16.59
CA PHE A 21 -11.28 10.44 -16.24
C PHE A 21 -11.93 9.64 -17.36
N GLU A 22 -12.85 10.28 -18.07
CA GLU A 22 -13.57 9.63 -19.15
C GLU A 22 -12.64 9.34 -20.33
N HIS A 23 -12.03 10.38 -20.86
CA HIS A 23 -11.12 10.25 -21.99
C HIS A 23 -9.85 9.54 -21.59
N GLY A 24 -9.15 10.11 -20.62
CA GLY A 24 -7.89 9.56 -20.16
C GLY A 24 -6.72 10.26 -20.82
N ASP A 25 -7.04 11.23 -21.68
CA ASP A 25 -6.03 12.00 -22.40
C ASP A 25 -5.53 13.19 -21.58
N THR A 26 -4.22 13.24 -21.42
CA THR A 26 -3.57 14.29 -20.66
C THR A 26 -3.47 15.62 -21.41
N ASN A 27 -3.39 15.54 -22.74
CA ASN A 27 -3.24 16.73 -23.59
C ASN A 27 -4.36 17.75 -23.39
N GLU A 28 -5.58 17.26 -23.13
CA GLU A 28 -6.72 18.16 -22.95
C GLU A 28 -6.44 19.10 -21.78
N VAL A 29 -6.07 18.48 -20.66
CA VAL A 29 -5.75 19.23 -19.44
C VAL A 29 -4.75 20.37 -19.70
N ALA A 30 -3.64 20.08 -20.37
CA ALA A 30 -2.64 21.12 -20.68
C ALA A 30 -3.25 22.18 -21.59
N GLU A 31 -3.90 21.71 -22.64
CA GLU A 31 -4.59 22.58 -23.61
C GLU A 31 -5.50 23.57 -22.87
N MET A 32 -6.19 23.07 -21.84
CA MET A 32 -7.09 23.89 -21.05
C MET A 32 -6.34 24.80 -20.06
N LEU A 33 -5.25 24.28 -19.48
CA LEU A 33 -4.44 25.05 -18.53
C LEU A 33 -3.93 26.34 -19.16
N ARG A 34 -3.29 26.21 -20.32
CA ARG A 34 -2.78 27.36 -21.08
C ARG A 34 -3.84 28.42 -21.33
N ASP A 35 -5.10 28.03 -21.21
CA ASP A 35 -6.21 28.96 -21.40
C ASP A 35 -6.33 29.83 -20.14
N LEU A 36 -6.45 29.16 -19.00
CA LEU A 36 -6.57 29.84 -17.71
C LEU A 36 -5.38 30.75 -17.41
N ASN A 37 -4.17 30.17 -17.36
CA ASN A 37 -2.93 30.92 -17.11
C ASN A 37 -2.80 31.40 -15.65
N LEU A 38 -2.32 30.50 -14.80
CA LEU A 38 -2.12 30.83 -13.38
C LEU A 38 -0.70 30.46 -12.95
N GLY A 39 -0.16 31.22 -12.00
CA GLY A 39 1.19 30.97 -11.53
C GLY A 39 1.23 30.12 -10.28
N GLU A 40 0.84 30.72 -9.15
CA GLU A 40 0.85 30.01 -7.87
C GLU A 40 -0.36 29.09 -7.74
N MET A 41 -1.43 29.43 -8.43
CA MET A 41 -2.65 28.62 -8.40
C MET A 41 -2.57 27.50 -9.42
N LYS A 42 -1.46 27.47 -10.15
CA LYS A 42 -1.22 26.46 -11.19
C LYS A 42 -1.23 25.05 -10.60
N SER A 43 -0.82 24.94 -9.34
CA SER A 43 -0.78 23.65 -8.67
C SER A 43 -2.17 23.21 -8.21
N GLY A 44 -3.16 24.07 -8.43
CA GLY A 44 -4.53 23.75 -8.04
C GLY A 44 -5.00 22.46 -8.68
N VAL A 45 -5.15 22.47 -10.01
CA VAL A 45 -5.55 21.29 -10.77
C VAL A 45 -4.90 19.99 -10.30
N PRO A 46 -3.55 19.87 -10.36
CA PRO A 46 -2.84 18.65 -9.92
C PRO A 46 -3.18 18.26 -8.48
N VAL A 47 -3.33 19.26 -7.61
CA VAL A 47 -3.68 19.02 -6.21
C VAL A 47 -5.04 18.34 -6.10
N LEU A 48 -6.05 18.87 -6.81
CA LEU A 48 -7.38 18.29 -6.77
C LEU A 48 -7.38 16.92 -7.44
N ALA A 49 -6.81 16.85 -8.64
CA ALA A 49 -6.69 15.57 -9.41
C ALA A 49 -6.24 14.40 -8.53
N VAL A 50 -5.54 14.75 -7.49
CA VAL A 50 -5.06 13.75 -6.54
C VAL A 50 -6.20 13.13 -5.71
N SER A 51 -6.91 13.98 -5.01
CA SER A 51 -8.02 13.60 -4.16
C SER A 51 -9.30 13.34 -4.95
N LEU A 52 -9.32 13.85 -6.17
CA LEU A 52 -10.53 13.76 -6.99
C LEU A 52 -11.06 12.35 -7.24
N ALA A 53 -10.17 11.37 -7.31
CA ALA A 53 -10.56 9.97 -7.51
C ALA A 53 -10.83 9.27 -6.17
N LEU A 54 -10.52 9.97 -5.08
CA LEU A 54 -10.63 9.40 -3.74
C LEU A 54 -11.98 8.73 -3.49
N GLU A 55 -13.04 9.48 -3.71
CA GLU A 55 -14.40 8.95 -3.52
C GLU A 55 -14.94 8.30 -4.79
N GLY A 56 -14.03 7.89 -5.67
CA GLY A 56 -14.40 7.23 -6.90
C GLY A 56 -14.00 5.77 -6.88
N LYS A 57 -13.81 5.20 -8.06
CA LYS A 57 -13.41 3.80 -8.16
C LYS A 57 -11.93 3.63 -7.86
N ALA A 58 -11.62 2.62 -7.06
CA ALA A 58 -10.24 2.31 -6.66
C ALA A 58 -9.30 2.13 -7.83
N SER A 59 -9.79 1.48 -8.89
CA SER A 59 -8.99 1.24 -10.07
C SER A 59 -8.48 2.55 -10.69
N HIS A 60 -9.39 3.50 -10.87
CA HIS A 60 -9.08 4.80 -11.47
C HIS A 60 -8.21 5.74 -10.63
N ARG A 61 -8.01 5.43 -9.33
CA ARG A 61 -7.17 6.26 -8.44
C ARG A 61 -5.70 6.07 -8.85
N GLU A 62 -5.55 5.13 -9.77
CA GLU A 62 -4.26 4.77 -10.34
C GLU A 62 -3.98 5.76 -11.48
N MET A 63 -5.00 5.88 -12.35
CA MET A 63 -4.98 6.73 -13.56
C MET A 63 -4.88 8.22 -13.28
N THR A 64 -5.32 8.62 -12.10
CA THR A 64 -5.28 10.02 -11.71
C THR A 64 -3.87 10.59 -11.83
N SER A 65 -2.89 9.79 -11.45
CA SER A 65 -1.50 10.19 -11.51
C SER A 65 -0.96 10.24 -12.94
N LYS A 66 -1.70 9.65 -13.90
CA LYS A 66 -1.26 9.60 -15.29
C LYS A 66 -0.81 10.97 -15.77
N LEU A 67 -1.66 11.99 -15.63
CA LEU A 67 -1.33 13.35 -16.01
C LEU A 67 -0.01 13.82 -15.41
N LEU A 68 0.22 13.51 -14.13
CA LEU A 68 1.43 13.95 -13.44
C LEU A 68 2.67 13.78 -14.30
N SER A 69 2.98 12.54 -14.68
CA SER A 69 4.13 12.27 -15.54
C SER A 69 4.39 13.23 -16.70
N ASP A 70 3.43 13.46 -17.62
CA ASP A 70 3.72 14.35 -18.75
C ASP A 70 3.51 15.83 -18.39
N LEU A 71 2.70 16.06 -17.35
CA LEU A 71 2.33 17.41 -16.96
C LEU A 71 3.55 18.22 -16.51
N CYS A 72 4.32 17.65 -15.60
CA CYS A 72 5.50 18.33 -15.11
C CYS A 72 6.59 18.36 -16.18
N GLY A 73 7.05 19.54 -16.52
CA GLY A 73 8.09 19.68 -17.52
C GLY A 73 7.55 20.34 -18.76
N THR A 74 6.25 20.18 -18.99
CA THR A 74 5.60 20.77 -20.14
C THR A 74 5.00 22.14 -19.80
N VAL A 75 4.08 22.16 -18.85
CA VAL A 75 3.43 23.42 -18.46
C VAL A 75 3.60 23.70 -16.97
N MET A 76 4.26 22.80 -16.26
CA MET A 76 4.47 22.98 -14.83
C MET A 76 5.84 22.45 -14.43
N SER A 77 6.59 23.27 -13.70
CA SER A 77 7.91 22.87 -13.23
C SER A 77 7.76 21.89 -12.08
N THR A 78 8.85 21.24 -11.68
CA THR A 78 8.81 20.28 -10.58
C THR A 78 8.50 20.98 -9.27
N THR A 79 8.74 22.28 -9.22
CA THR A 79 8.50 23.07 -8.02
C THR A 79 7.07 22.89 -7.53
N ASP A 80 6.09 23.16 -8.40
CA ASP A 80 4.70 22.98 -8.05
C ASP A 80 4.37 21.57 -7.62
N VAL A 81 5.01 20.59 -8.24
CA VAL A 81 4.79 19.18 -7.90
C VAL A 81 5.23 18.93 -6.46
N GLU A 82 6.36 19.53 -6.11
CA GLU A 82 6.91 19.39 -4.77
C GLU A 82 6.01 20.07 -3.73
N LYS A 83 5.49 21.25 -4.09
CA LYS A 83 4.61 22.01 -3.21
C LYS A 83 3.24 21.35 -3.13
N SER A 84 2.95 20.50 -4.12
CA SER A 84 1.68 19.82 -4.21
C SER A 84 1.35 18.99 -2.99
N PHE A 85 2.35 18.39 -2.35
CA PHE A 85 2.09 17.57 -1.17
C PHE A 85 1.68 18.40 0.04
N ASP A 86 2.48 19.39 0.42
CA ASP A 86 2.11 20.27 1.54
C ASP A 86 0.73 20.87 1.26
N LYS A 87 0.56 21.25 0.00
CA LYS A 87 -0.71 21.79 -0.47
C LYS A 87 -1.82 20.76 -0.22
N LEU A 88 -1.54 19.51 -0.58
CA LEU A 88 -2.50 18.41 -0.42
C LEU A 88 -2.67 17.88 1.03
N LEU A 89 -1.58 17.39 1.64
CA LEU A 89 -1.59 16.78 2.98
C LEU A 89 -2.20 17.60 4.12
N LYS A 90 -2.12 18.92 4.07
CA LYS A 90 -2.65 19.74 5.16
C LYS A 90 -4.17 19.72 5.13
N ASP A 91 -4.69 19.08 4.09
CA ASP A 91 -6.12 18.97 3.87
C ASP A 91 -6.65 17.59 4.24
N LEU A 92 -5.80 16.72 4.78
CA LEU A 92 -6.23 15.38 5.17
C LEU A 92 -7.43 15.37 6.13
N PRO A 93 -7.40 16.11 7.26
CA PRO A 93 -8.53 16.15 8.20
C PRO A 93 -9.80 16.68 7.51
N GLU A 94 -9.56 17.37 6.40
CA GLU A 94 -10.63 17.93 5.59
C GLU A 94 -11.27 16.89 4.67
N LEU A 95 -10.42 16.12 3.98
CA LEU A 95 -10.87 15.10 3.04
C LEU A 95 -11.20 13.77 3.73
N ALA A 96 -10.50 13.47 4.83
CA ALA A 96 -10.70 12.22 5.56
C ALA A 96 -11.90 12.31 6.50
N LEU A 97 -12.81 13.24 6.23
CA LEU A 97 -13.99 13.43 7.05
C LEU A 97 -15.06 12.39 6.71
N ASP A 98 -14.95 11.77 5.55
CA ASP A 98 -15.96 10.79 5.19
C ASP A 98 -15.32 9.42 5.03
N THR A 99 -14.25 9.41 4.23
CA THR A 99 -13.52 8.19 3.95
C THR A 99 -12.27 8.02 4.82
N PRO A 100 -12.23 6.90 5.57
CA PRO A 100 -11.10 6.57 6.45
C PRO A 100 -9.83 6.22 5.65
N ARG A 101 -10.02 5.69 4.45
CA ARG A 101 -8.89 5.32 3.60
C ARG A 101 -8.22 6.54 2.96
N ALA A 102 -8.85 7.71 3.09
CA ALA A 102 -8.31 8.95 2.52
C ALA A 102 -6.82 9.20 2.84
N PRO A 103 -6.42 9.28 4.12
CA PRO A 103 -5.02 9.53 4.50
C PRO A 103 -4.12 8.38 4.07
N GLN A 104 -4.69 7.20 3.98
CA GLN A 104 -3.96 6.01 3.61
C GLN A 104 -3.70 5.95 2.09
N LEU A 105 -4.61 6.53 1.31
CA LEU A 105 -4.47 6.58 -0.14
C LEU A 105 -3.23 7.36 -0.56
N VAL A 106 -3.12 8.60 -0.06
CA VAL A 106 -1.96 9.47 -0.32
C VAL A 106 -0.65 8.71 -0.07
N GLY A 107 -0.73 7.73 0.81
CA GLY A 107 0.40 6.89 1.14
C GLY A 107 1.04 6.35 -0.13
N GLN A 108 0.20 5.94 -1.08
CA GLN A 108 0.68 5.41 -2.35
C GLN A 108 1.00 6.54 -3.34
N PHE A 109 0.27 7.64 -3.22
CA PHE A 109 0.46 8.79 -4.10
C PHE A 109 1.84 9.41 -3.98
N ILE A 110 2.41 9.38 -2.77
CA ILE A 110 3.74 9.95 -2.53
C ILE A 110 4.79 8.97 -3.05
N ALA A 111 4.37 7.71 -3.06
CA ALA A 111 5.23 6.61 -3.47
C ALA A 111 5.45 6.64 -4.99
N ARG A 112 4.38 6.91 -5.72
CA ARG A 112 4.45 6.98 -7.17
C ARG A 112 5.29 8.16 -7.63
N ALA A 113 5.03 9.33 -7.05
CA ALA A 113 5.75 10.56 -7.40
C ALA A 113 7.27 10.38 -7.36
N VAL A 114 7.76 9.64 -6.37
CA VAL A 114 9.19 9.40 -6.25
C VAL A 114 9.66 8.36 -7.28
N GLY A 115 8.79 7.40 -7.57
CA GLY A 115 9.14 6.34 -8.49
C GLY A 115 9.24 6.79 -9.94
N ASP A 116 8.26 7.56 -10.42
CA ASP A 116 8.28 8.02 -11.81
C ASP A 116 9.22 9.19 -12.04
N GLY A 117 9.73 9.76 -10.96
CA GLY A 117 10.63 10.89 -11.09
C GLY A 117 9.87 12.19 -11.23
N ILE A 118 8.97 12.43 -10.28
CA ILE A 118 8.18 13.65 -10.27
C ILE A 118 8.52 14.43 -9.01
N LEU A 119 8.74 13.69 -7.93
CA LEU A 119 9.11 14.27 -6.66
C LEU A 119 10.36 13.58 -6.15
N CYS A 120 11.30 14.37 -5.62
CA CYS A 120 12.53 13.81 -5.09
C CYS A 120 12.25 13.07 -3.79
N ASN A 121 13.15 12.17 -3.43
CA ASN A 121 13.01 11.35 -2.21
C ASN A 121 13.26 12.16 -0.93
N THR A 122 13.72 13.39 -1.09
CA THR A 122 14.03 14.25 0.04
C THR A 122 12.85 14.46 0.98
N TYR A 123 11.68 14.78 0.43
CA TYR A 123 10.45 14.99 1.21
C TYR A 123 10.24 13.95 2.32
N ILE A 124 10.61 12.71 2.04
CA ILE A 124 10.45 11.64 3.03
C ILE A 124 11.24 11.99 4.30
N ASP A 125 12.48 12.41 4.12
CA ASP A 125 13.35 12.78 5.23
C ASP A 125 12.97 14.14 5.82
N SER A 126 12.57 15.07 4.95
CA SER A 126 12.16 16.41 5.38
C SER A 126 11.04 16.34 6.41
N TYR A 127 10.17 15.35 6.25
CA TYR A 127 9.05 15.15 7.15
C TYR A 127 9.26 13.92 8.03
N LYS A 128 10.51 13.53 8.22
CA LYS A 128 10.83 12.37 9.04
C LYS A 128 10.99 12.73 10.52
N GLY A 129 10.18 13.69 10.95
CA GLY A 129 10.21 14.13 12.34
C GLY A 129 9.38 15.38 12.52
N THR A 130 9.67 16.37 11.71
CA THR A 130 8.98 17.65 11.76
C THR A 130 7.58 17.56 11.15
N VAL A 131 6.65 16.96 11.88
CA VAL A 131 5.26 16.81 11.43
C VAL A 131 4.31 17.19 12.56
N ASP A 132 3.38 18.09 12.27
CA ASP A 132 2.42 18.56 13.28
C ASP A 132 1.06 17.90 13.12
N CYS A 133 0.96 16.91 12.25
CA CYS A 133 -0.31 16.23 12.01
C CYS A 133 -0.10 14.71 11.95
N VAL A 134 -0.89 13.97 12.72
CA VAL A 134 -0.80 12.52 12.75
C VAL A 134 -1.26 11.90 11.42
N GLN A 135 -2.20 12.57 10.76
CA GLN A 135 -2.70 12.08 9.49
C GLN A 135 -1.60 12.07 8.43
N ALA A 136 -0.78 13.11 8.45
CA ALA A 136 0.33 13.22 7.51
C ALA A 136 1.36 12.14 7.80
N ARG A 137 1.47 11.79 9.08
CA ARG A 137 2.41 10.76 9.52
C ARG A 137 1.99 9.41 8.96
N ALA A 138 0.72 9.09 9.11
CA ALA A 138 0.16 7.83 8.62
C ALA A 138 0.43 7.68 7.11
N ALA A 139 0.28 8.78 6.38
CA ALA A 139 0.51 8.78 4.93
C ALA A 139 2.00 8.60 4.64
N LEU A 140 2.84 9.24 5.45
CA LEU A 140 4.29 9.16 5.29
C LEU A 140 4.78 7.74 5.54
N ASP A 141 4.31 7.13 6.61
CA ASP A 141 4.68 5.77 6.96
C ASP A 141 4.26 4.83 5.85
N LYS A 142 3.01 5.04 5.41
CA LYS A 142 2.44 4.26 4.32
C LYS A 142 3.34 4.29 3.08
N ALA A 143 3.78 5.48 2.69
CA ALA A 143 4.65 5.65 1.53
C ALA A 143 6.00 4.97 1.77
N THR A 144 6.47 5.07 3.01
CA THR A 144 7.74 4.49 3.40
C THR A 144 7.72 2.96 3.28
N VAL A 145 6.69 2.33 3.83
CA VAL A 145 6.56 0.88 3.78
C VAL A 145 6.24 0.39 2.36
N LEU A 146 5.45 1.18 1.64
CA LEU A 146 5.04 0.83 0.27
C LEU A 146 6.23 0.63 -0.66
N LEU A 147 7.31 1.36 -0.41
CA LEU A 147 8.52 1.27 -1.21
C LEU A 147 9.07 -0.15 -1.22
N SER A 148 9.08 -0.79 -0.06
CA SER A 148 9.57 -2.16 0.08
C SER A 148 8.80 -3.12 -0.83
N MET A 149 7.49 -2.97 -0.85
CA MET A 149 6.62 -3.82 -1.66
C MET A 149 6.80 -3.54 -3.16
N SER A 150 7.53 -2.49 -3.49
CA SER A 150 7.76 -2.13 -4.88
C SER A 150 9.17 -2.48 -5.32
N LYS A 151 9.92 -3.17 -4.46
CA LYS A 151 11.27 -3.56 -4.80
C LYS A 151 11.54 -5.01 -4.40
N GLY A 152 11.47 -5.28 -3.10
CA GLY A 152 11.71 -6.62 -2.61
C GLY A 152 10.44 -7.33 -2.23
N GLY A 153 9.57 -7.52 -3.22
CA GLY A 153 8.31 -8.21 -2.98
C GLY A 153 7.93 -9.11 -4.13
N LYS A 154 8.87 -9.32 -5.04
CA LYS A 154 8.63 -10.16 -6.20
C LYS A 154 9.52 -11.40 -6.14
N ARG A 155 9.25 -12.26 -5.17
CA ARG A 155 10.02 -13.48 -4.98
C ARG A 155 9.14 -14.59 -4.42
N LYS A 156 8.27 -15.13 -5.27
CA LYS A 156 7.36 -16.20 -4.87
C LYS A 156 6.86 -16.96 -6.09
N ASP A 157 6.12 -16.26 -6.95
CA ASP A 157 5.56 -16.85 -8.16
C ASP A 157 6.65 -17.47 -9.03
N SER A 158 6.66 -18.80 -9.07
CA SER A 158 7.65 -19.53 -9.85
C SER A 158 6.97 -20.47 -10.85
N VAL A 159 6.12 -21.36 -10.33
CA VAL A 159 5.42 -22.32 -11.17
C VAL A 159 4.07 -21.77 -11.60
N TRP A 160 3.91 -21.48 -12.88
CA TRP A 160 2.67 -20.96 -13.40
C TRP A 160 2.28 -21.63 -14.72
N GLY A 161 1.07 -22.17 -14.75
CA GLY A 161 0.60 -22.83 -15.95
C GLY A 161 -0.65 -22.17 -16.51
N SER A 162 -0.82 -20.89 -16.20
CA SER A 162 -1.98 -20.14 -16.67
C SER A 162 -1.61 -18.67 -16.89
N GLY A 163 -2.42 -17.99 -17.69
CA GLY A 163 -2.18 -16.60 -17.98
C GLY A 163 -3.37 -15.98 -18.68
N GLY B 1 -5.58 -13.90 -19.61
CA GLY B 1 -6.09 -13.73 -20.99
C GLY B 1 -6.96 -12.50 -21.14
N GLY B 2 -6.71 -11.72 -22.18
CA GLY B 2 -7.48 -10.53 -22.42
C GLY B 2 -6.59 -9.33 -22.66
N GLN B 3 -7.08 -8.14 -22.34
CA GLN B 3 -6.32 -6.91 -22.52
C GLN B 3 -5.21 -6.83 -21.47
N GLN B 4 -5.61 -6.58 -20.24
CA GLN B 4 -4.67 -6.51 -19.14
C GLN B 4 -5.26 -7.20 -17.92
N PRO B 5 -4.65 -8.32 -17.49
CA PRO B 5 -5.12 -9.08 -16.33
C PRO B 5 -4.90 -8.29 -15.03
N VAL B 6 -5.65 -8.65 -14.00
CA VAL B 6 -5.52 -7.99 -12.72
C VAL B 6 -4.30 -8.50 -11.97
N ASN B 7 -4.03 -7.90 -10.81
CA ASN B 7 -2.89 -8.29 -10.00
C ASN B 7 -3.16 -9.61 -9.28
N HIS B 8 -2.10 -10.32 -8.96
CA HIS B 8 -2.22 -11.60 -8.26
C HIS B 8 -1.02 -11.84 -7.35
N LEU B 9 -1.29 -12.12 -6.07
CA LEU B 9 -0.25 -12.40 -5.07
C LEU B 9 0.73 -11.25 -4.81
N VAL B 10 1.61 -11.02 -5.77
CA VAL B 10 2.64 -9.98 -5.67
C VAL B 10 2.10 -8.64 -5.19
N LYS B 11 2.77 -8.07 -4.18
CA LYS B 11 2.40 -6.79 -3.59
C LYS B 11 1.16 -6.87 -2.69
N GLU B 12 0.09 -7.50 -3.18
CA GLU B 12 -1.14 -7.63 -2.40
C GLU B 12 -0.88 -8.27 -1.04
N ILE B 13 -0.37 -9.50 -1.05
CA ILE B 13 -0.07 -10.20 0.19
C ILE B 13 1.14 -9.58 0.86
N ASP B 14 2.06 -9.09 0.04
CA ASP B 14 3.29 -8.48 0.54
C ASP B 14 3.03 -7.26 1.41
N MET B 15 2.14 -6.37 0.94
CA MET B 15 1.82 -5.15 1.68
C MET B 15 1.30 -5.44 3.07
N LEU B 16 0.41 -6.41 3.18
CA LEU B 16 -0.19 -6.80 4.45
C LEU B 16 0.88 -7.18 5.46
N LEU B 17 1.84 -7.99 5.01
CA LEU B 17 2.91 -8.46 5.86
C LEU B 17 3.94 -7.38 6.14
N LYS B 18 4.41 -6.72 5.09
CA LYS B 18 5.42 -5.68 5.22
C LYS B 18 4.96 -4.44 5.98
N GLU B 19 3.69 -4.04 5.84
CA GLU B 19 3.21 -2.86 6.53
C GLU B 19 3.25 -3.08 8.03
N TYR B 20 2.51 -4.08 8.48
CA TYR B 20 2.52 -4.44 9.91
C TYR B 20 3.95 -4.63 10.41
N LEU B 21 4.84 -5.08 9.53
CA LEU B 21 6.24 -5.28 9.89
C LEU B 21 6.96 -3.94 10.05
N LEU B 22 6.75 -3.02 9.11
CA LEU B 22 7.42 -1.72 9.17
C LEU B 22 6.75 -0.80 10.18
N SER B 23 5.58 -0.22 9.85
CA SER B 23 4.88 0.63 10.78
C SER B 23 4.10 -0.23 11.77
N GLY B 24 3.07 -0.90 11.29
CA GLY B 24 2.29 -1.76 12.15
C GLY B 24 0.87 -1.26 12.33
N ASP B 25 0.03 -1.50 11.34
CA ASP B 25 -1.36 -1.08 11.41
C ASP B 25 -2.31 -2.14 10.84
N ILE B 26 -2.75 -3.06 11.69
CA ILE B 26 -3.70 -4.11 11.28
C ILE B 26 -5.01 -3.46 10.85
N SER B 27 -5.26 -2.29 11.44
CA SER B 27 -6.44 -1.50 11.14
C SER B 27 -6.68 -1.46 9.62
N GLU B 28 -5.65 -1.07 8.88
CA GLU B 28 -5.72 -1.03 7.43
C GLU B 28 -5.41 -2.41 6.83
N ALA B 29 -4.46 -3.11 7.44
CA ALA B 29 -4.06 -4.45 6.98
C ALA B 29 -5.24 -5.40 6.81
N GLU B 30 -6.11 -5.43 7.82
CA GLU B 30 -7.29 -6.30 7.78
C GLU B 30 -8.26 -5.85 6.69
N HIS B 31 -8.18 -4.56 6.35
CA HIS B 31 -9.06 -3.98 5.34
C HIS B 31 -8.66 -4.39 3.92
N CYS B 32 -7.36 -4.34 3.61
CA CYS B 32 -6.89 -4.67 2.28
C CYS B 32 -7.19 -6.12 1.92
N LEU B 33 -7.07 -6.99 2.92
CA LEU B 33 -7.32 -8.42 2.72
C LEU B 33 -8.79 -8.67 2.39
N LYS B 34 -9.66 -7.86 2.95
CA LYS B 34 -11.10 -7.97 2.73
C LYS B 34 -11.52 -7.57 1.33
N GLU B 35 -10.74 -6.69 0.72
CA GLU B 35 -11.03 -6.23 -0.63
C GLU B 35 -10.65 -7.30 -1.66
N LEU B 36 -10.03 -8.38 -1.17
CA LEU B 36 -9.65 -9.49 -2.02
C LEU B 36 -10.77 -10.51 -2.05
N GLU B 37 -11.32 -10.74 -3.24
CA GLU B 37 -12.45 -11.64 -3.42
C GLU B 37 -12.05 -13.13 -3.35
N VAL B 38 -10.81 -13.42 -2.94
CA VAL B 38 -10.35 -14.80 -2.86
C VAL B 38 -10.14 -15.32 -1.43
N PRO B 39 -11.07 -16.14 -0.92
CA PRO B 39 -10.97 -16.73 0.41
C PRO B 39 -9.93 -17.85 0.46
N HIS B 40 -9.93 -18.71 -0.56
CA HIS B 40 -8.99 -19.83 -0.65
C HIS B 40 -7.55 -19.33 -0.83
N PHE B 41 -7.41 -18.15 -1.41
CA PHE B 41 -6.10 -17.57 -1.66
C PHE B 41 -5.42 -17.07 -0.38
N HIS B 42 -6.14 -17.15 0.74
CA HIS B 42 -5.59 -16.71 2.02
C HIS B 42 -4.61 -17.76 2.56
N HIS B 43 -4.58 -18.89 1.86
CA HIS B 43 -3.71 -20.01 2.23
C HIS B 43 -2.23 -19.60 2.29
N GLU B 44 -1.69 -19.17 1.15
CA GLU B 44 -0.28 -18.72 1.08
C GLU B 44 0.09 -17.64 2.10
N LEU B 45 -0.85 -16.76 2.43
CA LEU B 45 -0.60 -15.69 3.39
C LEU B 45 0.04 -16.22 4.67
N VAL B 46 -0.61 -17.20 5.29
CA VAL B 46 -0.10 -17.82 6.51
C VAL B 46 1.31 -18.35 6.31
N TYR B 47 1.55 -18.99 5.17
CA TYR B 47 2.85 -19.55 4.85
C TYR B 47 3.93 -18.47 4.84
N GLU B 48 3.66 -17.37 4.15
CA GLU B 48 4.61 -16.25 4.05
C GLU B 48 4.97 -15.71 5.44
N ALA B 49 3.96 -15.50 6.27
CA ALA B 49 4.18 -14.99 7.62
C ALA B 49 5.10 -15.91 8.42
N ILE B 50 4.74 -17.18 8.47
CA ILE B 50 5.53 -18.17 9.20
C ILE B 50 7.01 -18.14 8.77
N VAL B 51 7.28 -18.25 7.47
CA VAL B 51 8.66 -18.18 6.97
C VAL B 51 9.31 -16.84 7.32
N MET B 52 8.50 -15.79 7.32
CA MET B 52 8.98 -14.45 7.64
C MET B 52 9.57 -14.44 9.05
N VAL B 53 8.76 -14.87 10.01
CA VAL B 53 9.17 -14.97 11.42
C VAL B 53 10.50 -15.71 11.60
N LEU B 54 10.70 -16.77 10.81
CA LEU B 54 11.92 -17.56 10.89
C LEU B 54 13.11 -16.72 10.37
N GLU B 55 12.94 -16.21 9.17
CA GLU B 55 13.90 -15.34 8.46
C GLU B 55 14.01 -13.94 9.10
N SER B 56 13.64 -13.82 10.36
CA SER B 56 13.64 -12.50 10.99
C SER B 56 14.31 -12.55 12.36
N THR B 57 15.49 -11.98 12.45
CA THR B 57 16.24 -11.95 13.70
C THR B 57 15.73 -10.85 14.61
N GLY B 58 14.97 -11.24 15.63
CA GLY B 58 14.44 -10.28 16.57
C GLY B 58 13.11 -10.73 17.12
N GLU B 59 12.75 -10.23 18.29
CA GLU B 59 11.49 -10.60 18.92
C GLU B 59 10.33 -9.78 18.38
N SER B 60 10.64 -8.56 17.93
CA SER B 60 9.63 -7.66 17.38
C SER B 60 8.83 -8.31 16.26
N ALA B 61 9.54 -8.82 15.27
CA ALA B 61 8.91 -9.48 14.13
C ALA B 61 8.08 -10.69 14.57
N PHE B 62 8.61 -11.47 15.51
CA PHE B 62 7.92 -12.65 16.00
C PHE B 62 6.57 -12.26 16.61
N LYS B 63 6.63 -11.56 17.74
CA LYS B 63 5.44 -11.12 18.45
C LYS B 63 4.40 -10.38 17.59
N MET B 64 4.83 -9.62 16.59
CA MET B 64 3.86 -8.90 15.77
C MET B 64 3.23 -9.80 14.72
N ILE B 65 4.05 -10.45 13.91
CA ILE B 65 3.56 -11.36 12.88
C ILE B 65 2.68 -12.47 13.50
N LEU B 66 3.14 -13.01 14.62
CA LEU B 66 2.39 -14.05 15.34
C LEU B 66 1.01 -13.53 15.75
N ASP B 67 0.93 -12.25 16.08
CA ASP B 67 -0.32 -11.66 16.50
C ASP B 67 -1.28 -11.47 15.33
N LEU B 68 -0.74 -11.14 14.16
CA LEU B 68 -1.56 -10.95 12.96
C LEU B 68 -2.50 -12.12 12.72
N LEU B 69 -1.92 -13.30 12.46
CA LEU B 69 -2.74 -14.50 12.27
C LEU B 69 -3.84 -14.64 13.33
N LYS B 70 -3.52 -14.40 14.61
CA LYS B 70 -4.54 -14.47 15.66
C LYS B 70 -5.60 -13.39 15.44
N SER B 71 -5.13 -12.21 15.07
CA SER B 71 -6.00 -11.07 14.78
C SER B 71 -7.04 -11.48 13.74
N LEU B 72 -6.57 -11.96 12.59
CA LEU B 72 -7.45 -12.44 11.53
C LEU B 72 -8.40 -13.52 12.02
N TRP B 73 -7.96 -14.33 12.99
CA TRP B 73 -8.81 -15.38 13.53
C TRP B 73 -9.98 -14.77 14.28
N LYS B 74 -9.69 -13.79 15.14
CA LYS B 74 -10.73 -13.06 15.88
C LYS B 74 -11.75 -12.50 14.90
N SER B 75 -11.24 -11.96 13.79
CA SER B 75 -12.06 -11.38 12.73
C SER B 75 -12.55 -12.47 11.76
N SER B 76 -12.58 -13.70 12.26
CA SER B 76 -12.96 -14.91 11.48
C SER B 76 -12.56 -14.81 10.01
N THR B 77 -11.30 -14.47 9.77
CA THR B 77 -10.80 -14.32 8.41
C THR B 77 -10.53 -15.63 7.66
N ILE B 78 -9.63 -16.48 8.16
CA ILE B 78 -9.30 -17.72 7.45
C ILE B 78 -10.01 -18.93 8.04
N THR B 79 -9.84 -20.07 7.37
CA THR B 79 -10.45 -21.33 7.79
C THR B 79 -9.37 -22.30 8.27
N ILE B 80 -9.77 -23.38 8.93
CA ILE B 80 -8.82 -24.37 9.41
C ILE B 80 -8.09 -25.03 8.23
N ASP B 81 -8.86 -25.54 7.27
CA ASP B 81 -8.29 -26.14 6.05
C ASP B 81 -7.26 -25.25 5.36
N GLN B 82 -7.40 -23.95 5.49
CA GLN B 82 -6.47 -23.02 4.88
C GLN B 82 -5.21 -22.96 5.73
N MET B 83 -5.43 -22.98 7.03
CA MET B 83 -4.36 -22.93 8.01
C MET B 83 -3.49 -24.19 7.98
N LYS B 84 -4.09 -25.39 8.08
CA LYS B 84 -3.32 -26.64 8.08
C LYS B 84 -2.28 -26.70 6.98
N ARG B 85 -2.73 -26.79 5.72
CA ARG B 85 -1.80 -26.80 4.59
C ARG B 85 -0.75 -25.70 4.64
N GLY B 86 -1.07 -24.59 5.29
CA GLY B 86 -0.11 -23.52 5.43
C GLY B 86 1.03 -23.96 6.33
N TYR B 87 0.68 -24.61 7.43
CA TYR B 87 1.65 -25.12 8.38
C TYR B 87 2.40 -26.30 7.76
N GLU B 88 1.64 -27.32 7.34
CA GLU B 88 2.21 -28.50 6.68
C GLU B 88 3.26 -28.14 5.63
N ARG B 89 3.05 -27.09 4.87
CA ARG B 89 4.01 -26.66 3.86
C ARG B 89 5.32 -26.29 4.53
N ILE B 90 5.22 -25.59 5.66
CA ILE B 90 6.40 -25.15 6.41
C ILE B 90 7.32 -26.31 6.74
N TYR B 91 6.76 -27.40 7.27
CA TYR B 91 7.55 -28.58 7.64
C TYR B 91 8.31 -29.16 6.44
N ASN B 92 7.80 -28.91 5.24
CA ASN B 92 8.45 -29.40 4.02
C ASN B 92 9.63 -28.50 3.66
N GLU B 93 9.47 -27.21 3.91
CA GLU B 93 10.52 -26.24 3.62
C GLU B 93 11.61 -26.30 4.70
N ILE B 94 11.22 -26.68 5.91
CA ILE B 94 12.15 -26.77 7.05
C ILE B 94 13.48 -27.46 6.72
N PRO B 95 13.48 -28.71 6.21
CA PRO B 95 14.71 -29.44 5.88
C PRO B 95 15.51 -28.74 4.78
N ASP B 96 14.81 -28.06 3.88
CA ASP B 96 15.47 -27.37 2.78
C ASP B 96 16.09 -26.05 3.25
N ILE B 97 15.47 -25.45 4.25
CA ILE B 97 15.96 -24.19 4.81
C ILE B 97 17.09 -24.45 5.82
N ASN B 98 16.91 -25.45 6.66
CA ASN B 98 17.90 -25.77 7.68
C ASN B 98 19.08 -26.54 7.09
N LEU B 99 18.79 -27.53 6.26
CA LEU B 99 19.82 -28.36 5.63
C LEU B 99 20.67 -29.08 6.68
N ASP B 100 19.99 -29.92 7.47
CA ASP B 100 20.61 -30.69 8.55
C ASP B 100 20.95 -29.78 9.74
N VAL B 101 21.16 -30.40 10.90
CA VAL B 101 21.44 -29.67 12.13
C VAL B 101 20.39 -28.59 12.36
N PRO B 102 19.13 -29.01 12.59
CA PRO B 102 18.02 -28.08 12.79
C PRO B 102 18.10 -27.35 14.13
N HIS B 103 18.47 -26.08 14.09
CA HIS B 103 18.58 -25.28 15.29
C HIS B 103 17.31 -24.46 15.43
N SER B 104 16.63 -24.28 14.31
CA SER B 104 15.39 -23.53 14.25
C SER B 104 14.23 -24.38 14.80
N TYR B 105 14.59 -25.53 15.39
CA TYR B 105 13.60 -26.43 15.97
C TYR B 105 12.90 -25.74 17.13
N SER B 106 13.66 -24.96 17.89
CA SER B 106 13.12 -24.23 19.01
C SER B 106 12.05 -23.23 18.55
N VAL B 107 12.31 -22.60 17.41
CA VAL B 107 11.38 -21.62 16.86
C VAL B 107 10.11 -22.33 16.38
N LEU B 108 10.28 -23.29 15.49
CA LEU B 108 9.16 -24.06 14.94
C LEU B 108 8.31 -24.70 16.04
N GLU B 109 8.96 -25.16 17.09
CA GLU B 109 8.26 -25.81 18.19
C GLU B 109 7.51 -24.77 19.02
N ARG B 110 8.23 -23.74 19.46
CA ARG B 110 7.65 -22.67 20.26
C ARG B 110 6.50 -22.00 19.53
N PHE B 111 6.63 -21.88 18.21
CA PHE B 111 5.59 -21.25 17.40
C PHE B 111 4.33 -22.11 17.42
N VAL B 112 4.43 -23.31 16.84
CA VAL B 112 3.29 -24.23 16.81
C VAL B 112 2.63 -24.45 18.17
N GLU B 113 3.42 -24.63 19.23
CA GLU B 113 2.83 -24.85 20.56
C GLU B 113 1.96 -23.66 20.97
N GLU B 114 2.52 -22.46 20.86
CA GLU B 114 1.80 -21.22 21.16
C GLU B 114 0.46 -21.18 20.40
N CYS B 115 0.56 -21.39 19.08
CA CYS B 115 -0.62 -21.41 18.19
C CYS B 115 -1.53 -22.60 18.47
N PHE B 116 -0.97 -23.57 19.15
CA PHE B 116 -1.71 -24.78 19.47
C PHE B 116 -2.60 -24.56 20.67
N GLN B 117 -1.96 -24.15 21.77
CA GLN B 117 -2.66 -23.88 23.01
C GLN B 117 -3.67 -22.76 22.86
N ALA B 118 -3.43 -21.86 21.91
CA ALA B 118 -4.34 -20.74 21.70
C ALA B 118 -5.75 -21.25 21.41
N GLY B 119 -5.88 -22.31 20.61
CA GLY B 119 -7.19 -22.88 20.41
C GLY B 119 -7.68 -22.72 18.98
N ILE B 120 -6.76 -22.36 18.09
CA ILE B 120 -7.12 -22.17 16.68
C ILE B 120 -6.88 -23.42 15.82
N ILE B 121 -5.87 -24.21 16.16
CA ILE B 121 -5.57 -25.40 15.39
C ILE B 121 -5.82 -26.68 16.19
N SER B 122 -6.28 -27.71 15.49
CA SER B 122 -6.58 -29.00 16.09
C SER B 122 -5.31 -29.81 16.38
N LYS B 123 -5.46 -30.81 17.24
CA LYS B 123 -4.36 -31.69 17.63
C LYS B 123 -3.72 -32.33 16.40
N GLN B 124 -4.57 -32.83 15.51
CA GLN B 124 -4.14 -33.45 14.25
C GLN B 124 -2.99 -32.68 13.59
N LEU B 125 -3.11 -31.35 13.54
CA LEU B 125 -2.07 -30.52 12.93
C LEU B 125 -0.80 -30.54 13.76
N ARG B 126 -0.95 -30.53 15.07
CA ARG B 126 0.19 -30.57 15.99
C ARG B 126 0.97 -31.87 15.77
N ASP B 127 0.27 -33.00 15.83
CA ASP B 127 0.89 -34.30 15.60
C ASP B 127 1.63 -34.38 14.27
N LEU B 128 1.20 -33.59 13.28
CA LEU B 128 1.83 -33.58 11.97
C LEU B 128 3.28 -33.07 12.04
N CYS B 129 3.51 -31.99 12.78
CA CYS B 129 4.85 -31.44 12.91
C CYS B 129 5.77 -32.40 13.66
N PRO B 130 7.02 -32.51 13.21
CA PRO B 130 8.02 -33.39 13.82
C PRO B 130 8.47 -32.92 15.20
N SER B 131 7.72 -33.28 16.23
CA SER B 131 8.05 -32.90 17.59
C SER B 131 8.72 -34.07 18.31
N GLY A 1 2.57 30.64 -2.62
CA GLY A 1 2.17 30.72 -1.20
C GLY A 1 0.65 30.64 -1.04
N LEU A 2 0.00 31.79 -1.08
CA LEU A 2 -1.45 31.84 -0.94
C LEU A 2 -2.13 31.79 -2.30
N PRO A 3 -3.17 30.96 -2.42
CA PRO A 3 -3.93 30.82 -3.66
C PRO A 3 -4.79 32.05 -3.96
N LEU A 4 -5.21 32.20 -5.20
CA LEU A 4 -6.04 33.32 -5.61
C LEU A 4 -7.30 32.82 -6.31
N ASP A 5 -8.46 33.22 -5.78
CA ASP A 5 -9.75 32.82 -6.32
C ASP A 5 -9.92 31.31 -6.26
N GLU A 6 -9.81 30.78 -5.04
CA GLU A 6 -9.92 29.35 -4.82
C GLU A 6 -11.25 28.79 -5.31
N ARG A 7 -12.35 29.36 -4.83
CA ARG A 7 -13.69 28.93 -5.22
C ARG A 7 -13.87 28.87 -6.73
N ALA A 8 -13.48 29.94 -7.41
CA ALA A 8 -13.58 30.00 -8.87
C ALA A 8 -12.74 28.90 -9.50
N PHE A 9 -11.55 28.71 -8.96
CA PHE A 9 -10.63 27.68 -9.45
C PHE A 9 -11.21 26.29 -9.26
N GLU A 10 -11.58 25.96 -8.02
CA GLU A 10 -12.14 24.65 -7.69
C GLU A 10 -13.34 24.31 -8.57
N LYS A 11 -14.25 25.26 -8.73
CA LYS A 11 -15.45 25.06 -9.52
C LYS A 11 -15.14 24.86 -11.00
N THR A 12 -14.26 25.69 -11.54
CA THR A 12 -13.89 25.60 -12.96
C THR A 12 -13.14 24.29 -13.24
N LEU A 13 -12.27 23.90 -12.31
CA LEU A 13 -11.49 22.68 -12.46
C LEU A 13 -12.28 21.43 -12.13
N THR A 14 -13.60 21.58 -12.00
CA THR A 14 -14.43 20.44 -11.67
C THR A 14 -14.69 19.57 -12.92
N PRO A 15 -15.33 20.16 -13.96
CA PRO A 15 -15.65 19.44 -15.21
C PRO A 15 -14.42 19.12 -16.06
N ILE A 16 -13.33 19.84 -15.85
CA ILE A 16 -12.11 19.62 -16.62
C ILE A 16 -11.52 18.23 -16.31
N ILE A 17 -11.41 17.97 -15.02
CA ILE A 17 -10.88 16.71 -14.52
C ILE A 17 -11.97 15.65 -14.42
N GLN A 18 -13.23 16.09 -14.54
CA GLN A 18 -14.37 15.19 -14.35
C GLN A 18 -14.31 13.98 -15.29
N GLU A 19 -14.27 14.22 -16.60
CA GLU A 19 -14.22 13.16 -17.58
C GLU A 19 -12.82 12.56 -17.76
N TYR A 20 -11.81 13.25 -17.22
CA TYR A 20 -10.42 12.80 -17.36
C TYR A 20 -10.27 11.34 -16.96
N PHE A 21 -10.88 10.95 -15.86
CA PHE A 21 -10.81 9.57 -15.37
C PHE A 21 -11.67 8.62 -16.19
N GLU A 22 -12.36 9.14 -17.21
CA GLU A 22 -13.25 8.33 -18.02
C GLU A 22 -12.61 8.08 -19.39
N HIS A 23 -11.62 8.91 -19.71
CA HIS A 23 -10.95 8.83 -21.01
C HIS A 23 -9.48 8.44 -20.86
N GLY A 24 -8.79 9.10 -19.93
CA GLY A 24 -7.38 8.81 -19.71
C GLY A 24 -6.45 9.55 -20.66
N ASP A 25 -6.92 10.67 -21.22
CA ASP A 25 -6.09 11.45 -22.14
C ASP A 25 -5.48 12.64 -21.42
N THR A 26 -4.16 12.65 -21.33
CA THR A 26 -3.44 13.70 -20.64
C THR A 26 -3.34 14.98 -21.48
N ASN A 27 -3.15 14.80 -22.78
CA ASN A 27 -2.99 15.91 -23.73
C ASN A 27 -4.20 16.82 -23.77
N GLU A 28 -5.37 16.28 -23.45
CA GLU A 28 -6.61 17.05 -23.50
C GLU A 28 -6.59 18.07 -22.36
N VAL A 29 -5.83 17.72 -21.33
CA VAL A 29 -5.72 18.52 -20.13
C VAL A 29 -4.63 19.60 -20.29
N ALA A 30 -3.64 19.34 -21.16
CA ALA A 30 -2.49 20.23 -21.30
C ALA A 30 -2.84 21.66 -21.72
N GLU A 31 -3.48 21.86 -22.87
CA GLU A 31 -3.87 23.20 -23.29
C GLU A 31 -4.73 23.93 -22.26
N MET A 32 -5.61 23.20 -21.62
CA MET A 32 -6.51 23.78 -20.62
C MET A 32 -5.74 24.46 -19.50
N LEU A 33 -4.62 23.86 -19.12
CA LEU A 33 -3.79 24.42 -18.05
C LEU A 33 -3.17 25.76 -18.45
N ARG A 34 -2.74 25.87 -19.71
CA ARG A 34 -2.12 27.10 -20.21
C ARG A 34 -3.18 28.14 -20.54
N ASP A 35 -4.42 27.69 -20.62
CA ASP A 35 -5.53 28.56 -21.02
C ASP A 35 -6.10 29.25 -19.78
N LEU A 36 -5.36 29.13 -18.69
CA LEU A 36 -5.77 29.71 -17.42
C LEU A 36 -4.67 30.58 -16.83
N ASN A 37 -3.43 30.38 -17.29
CA ASN A 37 -2.26 31.12 -16.82
C ASN A 37 -2.21 31.26 -15.30
N LEU A 38 -1.58 30.30 -14.65
CA LEU A 38 -1.49 30.31 -13.19
C LEU A 38 -0.09 29.92 -12.75
N GLY A 39 0.36 30.49 -11.64
CA GLY A 39 1.68 30.19 -11.12
C GLY A 39 1.62 29.15 -10.03
N GLU A 40 1.49 29.61 -8.79
CA GLU A 40 1.40 28.69 -7.66
C GLU A 40 0.07 27.97 -7.69
N MET A 41 -0.90 28.58 -8.37
CA MET A 41 -2.24 28.03 -8.51
C MET A 41 -2.23 26.89 -9.51
N LYS A 42 -1.18 26.82 -10.33
CA LYS A 42 -1.04 25.78 -11.34
C LYS A 42 -0.85 24.43 -10.67
N SER A 43 -0.22 24.45 -9.51
CA SER A 43 0.03 23.24 -8.74
C SER A 43 -1.26 22.75 -8.08
N GLY A 44 -2.32 23.53 -8.25
CA GLY A 44 -3.60 23.19 -7.67
C GLY A 44 -4.32 22.07 -8.40
N VAL A 45 -4.06 21.89 -9.70
CA VAL A 45 -4.72 20.84 -10.48
C VAL A 45 -4.43 19.43 -9.97
N PRO A 46 -3.12 19.05 -9.83
CA PRO A 46 -2.76 17.72 -9.31
C PRO A 46 -3.32 17.51 -7.91
N VAL A 47 -3.54 18.62 -7.22
CA VAL A 47 -4.09 18.60 -5.87
C VAL A 47 -5.56 18.20 -5.96
N LEU A 48 -6.28 18.85 -6.87
CA LEU A 48 -7.69 18.58 -7.07
C LEU A 48 -7.95 17.16 -7.58
N ALA A 49 -7.26 16.74 -8.65
CA ALA A 49 -7.45 15.38 -9.18
C ALA A 49 -7.30 14.31 -8.10
N VAL A 50 -6.17 14.33 -7.39
CA VAL A 50 -5.94 13.37 -6.30
C VAL A 50 -7.11 13.40 -5.30
N SER A 51 -7.72 14.56 -5.11
CA SER A 51 -8.86 14.69 -4.22
C SER A 51 -10.10 14.00 -4.83
N LEU A 52 -10.23 14.12 -6.16
CA LEU A 52 -11.36 13.50 -6.87
C LEU A 52 -11.23 11.97 -6.93
N ALA A 53 -10.06 11.49 -7.42
CA ALA A 53 -9.67 10.04 -7.48
C ALA A 53 -9.91 9.24 -6.18
N LEU A 54 -10.35 9.93 -5.19
CA LEU A 54 -10.53 9.33 -3.87
C LEU A 54 -11.90 8.66 -3.63
N GLU A 55 -12.94 9.24 -4.18
CA GLU A 55 -14.30 8.73 -3.95
C GLU A 55 -14.63 7.34 -4.51
N GLY A 56 -14.22 6.98 -5.73
CA GLY A 56 -14.59 5.68 -6.26
C GLY A 56 -13.55 4.58 -6.16
N LYS A 57 -13.46 3.79 -7.23
CA LYS A 57 -12.52 2.66 -7.31
C LYS A 57 -11.07 3.12 -7.36
N ALA A 58 -10.18 2.24 -6.91
CA ALA A 58 -8.75 2.51 -6.89
C ALA A 58 -8.16 2.56 -8.30
N SER A 59 -8.82 1.89 -9.23
CA SER A 59 -8.37 1.85 -10.62
C SER A 59 -8.25 3.25 -11.23
N HIS A 60 -9.26 4.09 -10.96
CA HIS A 60 -9.24 5.46 -11.47
C HIS A 60 -8.04 6.24 -10.93
N ARG A 61 -7.68 5.99 -9.67
CA ARG A 61 -6.54 6.65 -9.04
C ARG A 61 -5.25 6.12 -9.67
N GLU A 62 -5.19 4.79 -9.76
CA GLU A 62 -4.06 4.09 -10.38
C GLU A 62 -3.64 4.77 -11.69
N MET A 63 -4.61 5.09 -12.55
CA MET A 63 -4.31 5.77 -13.82
C MET A 63 -4.00 7.25 -13.61
N THR A 64 -4.77 7.87 -12.70
CA THR A 64 -4.58 9.30 -12.40
C THR A 64 -3.10 9.65 -12.14
N SER A 65 -2.35 8.76 -11.50
CA SER A 65 -0.92 9.00 -11.25
C SER A 65 -0.15 9.41 -12.53
N LYS A 66 -0.62 8.95 -13.69
CA LYS A 66 0.04 9.28 -14.96
C LYS A 66 -0.04 10.78 -15.27
N LEU A 67 -1.09 11.43 -14.77
CA LEU A 67 -1.30 12.86 -14.98
C LEU A 67 -0.05 13.66 -14.60
N LEU A 68 0.53 13.30 -13.46
CA LEU A 68 1.73 13.98 -12.98
C LEU A 68 2.90 13.71 -13.92
N SER A 69 3.13 12.43 -14.20
CA SER A 69 4.18 11.99 -15.11
C SER A 69 4.11 12.74 -16.44
N ASP A 70 2.89 12.97 -16.93
CA ASP A 70 2.68 13.65 -18.19
C ASP A 70 2.91 15.16 -18.06
N LEU A 71 2.25 15.76 -17.06
CA LEU A 71 2.36 17.19 -16.81
C LEU A 71 3.80 17.63 -16.53
N CYS A 72 4.50 16.86 -15.70
CA CYS A 72 5.89 17.18 -15.35
C CYS A 72 6.76 17.29 -16.61
N GLY A 73 7.52 18.37 -16.69
CA GLY A 73 8.38 18.58 -17.82
C GLY A 73 7.68 19.34 -18.93
N THR A 74 6.44 18.98 -19.18
CA THR A 74 5.64 19.62 -20.22
C THR A 74 5.13 20.99 -19.77
N VAL A 75 4.31 21.01 -18.72
CA VAL A 75 3.75 22.26 -18.22
C VAL A 75 3.92 22.42 -16.72
N MET A 76 4.63 21.48 -16.10
CA MET A 76 4.84 21.51 -14.65
C MET A 76 6.25 21.09 -14.29
N SER A 77 6.90 21.86 -13.43
CA SER A 77 8.25 21.55 -13.00
C SER A 77 8.20 20.56 -11.83
N THR A 78 9.36 20.06 -11.41
CA THR A 78 9.42 19.12 -10.29
C THR A 78 9.17 19.89 -9.00
N THR A 79 9.71 21.11 -8.96
CA THR A 79 9.57 22.03 -7.84
C THR A 79 8.09 22.36 -7.62
N ASP A 80 7.31 22.18 -8.67
CA ASP A 80 5.89 22.54 -8.62
C ASP A 80 5.12 21.41 -7.93
N VAL A 81 5.55 20.18 -8.21
CA VAL A 81 4.92 19.01 -7.64
C VAL A 81 5.07 18.96 -6.13
N GLU A 82 6.22 19.37 -5.61
CA GLU A 82 6.43 19.38 -4.15
C GLU A 82 5.35 20.25 -3.52
N LYS A 83 5.30 21.53 -3.94
CA LYS A 83 4.25 22.45 -3.48
C LYS A 83 2.83 21.89 -3.61
N SER A 84 2.64 20.90 -4.47
CA SER A 84 1.32 20.31 -4.65
C SER A 84 1.09 19.28 -3.56
N PHE A 85 2.16 18.58 -3.21
CA PHE A 85 2.12 17.54 -2.19
C PHE A 85 1.78 18.09 -0.82
N ASP A 86 2.55 19.07 -0.31
CA ASP A 86 2.27 19.65 1.02
C ASP A 86 0.81 20.03 1.17
N LYS A 87 0.33 20.88 0.26
CA LYS A 87 -1.09 21.27 0.25
C LYS A 87 -2.01 20.06 0.32
N LEU A 88 -1.70 19.02 -0.43
CA LEU A 88 -2.50 17.81 -0.44
C LEU A 88 -2.46 17.11 0.92
N LEU A 89 -1.28 17.12 1.55
CA LEU A 89 -1.10 16.47 2.85
C LEU A 89 -2.01 17.09 3.91
N LYS A 90 -1.90 18.40 4.12
CA LYS A 90 -2.75 19.10 5.09
C LYS A 90 -4.23 19.13 4.69
N ASP A 91 -4.51 18.66 3.48
CA ASP A 91 -5.90 18.65 2.99
C ASP A 91 -6.52 17.31 3.34
N LEU A 92 -5.71 16.27 3.14
CA LEU A 92 -6.08 14.88 3.44
C LEU A 92 -6.96 14.70 4.70
N PRO A 93 -6.60 15.27 5.87
CA PRO A 93 -7.41 15.12 7.09
C PRO A 93 -8.88 15.50 6.89
N GLU A 94 -9.15 16.37 5.92
CA GLU A 94 -10.52 16.78 5.66
C GLU A 94 -11.32 15.67 4.99
N LEU A 95 -10.78 15.09 3.91
CA LEU A 95 -11.46 14.00 3.23
C LEU A 95 -11.35 12.69 4.03
N ALA A 96 -10.38 12.65 4.94
CA ALA A 96 -10.18 11.48 5.79
C ALA A 96 -11.39 11.32 6.71
N LEU A 97 -12.20 12.37 6.77
CA LEU A 97 -13.39 12.38 7.57
C LEU A 97 -14.51 11.62 6.87
N ASP A 98 -14.40 11.45 5.55
CA ASP A 98 -15.45 10.74 4.82
C ASP A 98 -15.02 9.31 4.54
N THR A 99 -13.84 9.12 3.97
CA THR A 99 -13.35 7.78 3.74
C THR A 99 -12.45 7.31 4.87
N PRO A 100 -12.84 6.22 5.57
CA PRO A 100 -12.09 5.66 6.69
C PRO A 100 -10.65 5.24 6.33
N ARG A 101 -10.37 5.11 5.04
CA ARG A 101 -9.03 4.71 4.61
C ARG A 101 -8.36 5.77 3.74
N ALA A 102 -9.00 6.93 3.61
CA ALA A 102 -8.48 8.03 2.77
C ALA A 102 -6.98 8.31 2.99
N PRO A 103 -6.52 8.56 4.24
CA PRO A 103 -5.11 8.84 4.51
C PRO A 103 -4.20 7.69 4.08
N GLN A 104 -4.61 6.48 4.43
CA GLN A 104 -3.85 5.28 4.09
C GLN A 104 -3.75 5.10 2.57
N LEU A 105 -4.81 5.46 1.86
CA LEU A 105 -4.84 5.33 0.39
C LEU A 105 -3.80 6.24 -0.26
N VAL A 106 -3.81 7.51 0.14
CA VAL A 106 -2.86 8.51 -0.34
C VAL A 106 -1.40 8.04 -0.29
N GLY A 107 -1.12 7.09 0.61
CA GLY A 107 0.23 6.59 0.75
C GLY A 107 0.77 6.05 -0.56
N GLN A 108 -0.12 5.51 -1.39
CA GLN A 108 0.27 4.97 -2.70
C GLN A 108 0.66 6.09 -3.67
N PHE A 109 0.05 7.25 -3.47
CA PHE A 109 0.32 8.44 -4.29
C PHE A 109 1.67 9.03 -3.96
N ILE A 110 2.15 8.72 -2.77
CA ILE A 110 3.42 9.25 -2.31
C ILE A 110 4.55 8.45 -2.95
N ALA A 111 4.45 7.14 -2.78
CA ALA A 111 5.44 6.21 -3.32
C ALA A 111 5.46 6.26 -4.85
N ARG A 112 4.31 6.56 -5.46
CA ARG A 112 4.22 6.61 -6.91
C ARG A 112 5.17 7.66 -7.48
N ALA A 113 4.94 8.92 -7.11
CA ALA A 113 5.79 10.02 -7.56
C ALA A 113 7.27 9.80 -7.28
N VAL A 114 7.59 9.33 -6.07
CA VAL A 114 8.98 9.08 -5.70
C VAL A 114 9.58 7.95 -6.53
N GLY A 115 8.79 6.91 -6.75
CA GLY A 115 9.23 5.77 -7.52
C GLY A 115 9.50 6.11 -8.98
N ASP A 116 8.66 6.94 -9.57
CA ASP A 116 8.83 7.30 -10.97
C ASP A 116 9.88 8.40 -11.10
N GLY A 117 9.62 9.52 -10.45
CA GLY A 117 10.59 10.62 -10.46
C GLY A 117 9.89 11.95 -10.61
N ILE A 118 8.76 12.10 -9.93
CA ILE A 118 7.98 13.34 -10.00
C ILE A 118 7.95 14.00 -8.63
N LEU A 119 8.88 13.61 -7.78
CA LEU A 119 8.96 14.16 -6.43
C LEU A 119 10.31 13.83 -5.83
N CYS A 120 10.68 14.56 -4.79
CA CYS A 120 11.95 14.33 -4.12
C CYS A 120 11.93 12.99 -3.39
N ASN A 121 13.00 12.23 -3.58
CA ASN A 121 13.13 10.92 -2.96
C ASN A 121 13.37 10.99 -1.45
N THR A 122 13.65 12.18 -0.93
CA THR A 122 13.90 12.35 0.50
C THR A 122 12.77 13.16 1.12
N TYR A 123 11.60 13.09 0.49
CA TYR A 123 10.42 13.83 0.95
C TYR A 123 9.98 13.32 2.31
N ILE A 124 10.06 12.00 2.47
CA ILE A 124 9.66 11.35 3.71
C ILE A 124 10.52 11.81 4.88
N ASP A 125 11.79 12.08 4.60
CA ASP A 125 12.73 12.51 5.63
C ASP A 125 12.41 13.91 6.14
N SER A 126 11.87 14.75 5.26
CA SER A 126 11.52 16.12 5.63
C SER A 126 10.41 16.13 6.69
N TYR A 127 9.46 15.20 6.54
CA TYR A 127 8.35 15.08 7.48
C TYR A 127 8.46 13.76 8.26
N LYS A 128 9.68 13.35 8.55
CA LYS A 128 9.93 12.08 9.25
C LYS A 128 9.62 12.10 10.75
N GLY A 129 8.56 12.77 11.14
CA GLY A 129 8.19 12.83 12.53
C GLY A 129 7.92 14.23 12.98
N THR A 130 8.10 15.15 12.07
CA THR A 130 7.89 16.56 12.32
C THR A 130 6.46 16.96 11.96
N VAL A 131 5.63 15.95 11.71
CA VAL A 131 4.23 16.19 11.36
C VAL A 131 3.37 16.25 12.62
N ASP A 132 2.52 17.26 12.69
CA ASP A 132 1.64 17.46 13.83
C ASP A 132 0.27 16.82 13.56
N CYS A 133 0.22 15.93 12.59
CA CYS A 133 -1.02 15.27 12.21
C CYS A 133 -0.77 13.77 11.98
N VAL A 134 -1.70 12.96 12.47
CA VAL A 134 -1.59 11.51 12.32
C VAL A 134 -1.94 11.06 10.90
N GLN A 135 -2.98 11.69 10.33
CA GLN A 135 -3.43 11.40 8.97
C GLN A 135 -2.28 11.40 7.97
N ALA A 136 -1.50 12.48 7.96
CA ALA A 136 -0.37 12.60 7.04
C ALA A 136 0.73 11.60 7.42
N ARG A 137 1.01 11.51 8.72
CA ARG A 137 2.02 10.59 9.23
C ARG A 137 1.78 9.16 8.72
N ALA A 138 0.57 8.65 8.93
CA ALA A 138 0.22 7.30 8.46
C ALA A 138 0.41 7.18 6.96
N ALA A 139 -0.02 8.21 6.25
CA ALA A 139 0.12 8.28 4.80
C ALA A 139 1.58 8.05 4.38
N LEU A 140 2.50 8.65 5.14
CA LEU A 140 3.92 8.52 4.88
C LEU A 140 4.41 7.12 5.25
N ASP A 141 3.83 6.56 6.30
CA ASP A 141 4.19 5.21 6.75
C ASP A 141 3.92 4.22 5.63
N LYS A 142 2.68 4.21 5.16
CA LYS A 142 2.26 3.35 4.06
C LYS A 142 3.18 3.51 2.83
N ALA A 143 3.54 4.75 2.52
CA ALA A 143 4.40 5.03 1.38
C ALA A 143 5.77 4.38 1.56
N THR A 144 6.35 4.57 2.74
CA THR A 144 7.65 4.01 3.07
C THR A 144 7.73 2.51 2.76
N VAL A 145 6.75 1.73 3.18
CA VAL A 145 6.75 0.30 2.91
C VAL A 145 6.47 -0.01 1.44
N LEU A 146 5.66 0.83 0.82
CA LEU A 146 5.33 0.66 -0.60
C LEU A 146 6.58 0.78 -1.46
N LEU A 147 7.50 1.64 -1.05
CA LEU A 147 8.76 1.84 -1.77
C LEU A 147 9.59 0.56 -1.73
N SER A 148 9.43 -0.21 -0.67
CA SER A 148 10.15 -1.46 -0.51
C SER A 148 9.53 -2.56 -1.37
N MET A 149 8.29 -2.36 -1.76
CA MET A 149 7.55 -3.34 -2.56
C MET A 149 7.75 -3.15 -4.07
N SER A 150 7.95 -1.90 -4.50
CA SER A 150 8.09 -1.60 -5.93
C SER A 150 9.36 -2.18 -6.60
N LYS A 151 10.11 -3.01 -5.89
CA LYS A 151 11.30 -3.62 -6.48
C LYS A 151 11.10 -5.11 -6.74
N GLY A 152 10.03 -5.67 -6.17
CA GLY A 152 9.76 -7.07 -6.35
C GLY A 152 8.60 -7.33 -7.29
N GLY A 153 8.42 -8.59 -7.64
CA GLY A 153 7.33 -8.95 -8.53
C GLY A 153 7.75 -8.95 -9.98
N LYS A 154 8.67 -9.84 -10.33
CA LYS A 154 9.15 -9.93 -11.70
C LYS A 154 8.13 -10.60 -12.60
N ARG A 155 7.67 -11.78 -12.19
CA ARG A 155 6.69 -12.52 -12.96
C ARG A 155 5.32 -12.46 -12.29
N LYS A 156 4.53 -11.47 -12.69
CA LYS A 156 3.19 -11.31 -12.14
C LYS A 156 2.14 -11.49 -13.23
N ASP A 157 2.19 -10.64 -14.24
CA ASP A 157 1.26 -10.68 -15.35
C ASP A 157 1.88 -11.36 -16.56
N SER A 158 2.83 -12.25 -16.30
CA SER A 158 3.52 -12.99 -17.35
C SER A 158 2.58 -13.79 -18.22
N VAL A 159 1.46 -14.22 -17.64
CA VAL A 159 0.47 -15.00 -18.37
C VAL A 159 -0.89 -14.28 -18.38
N TRP A 160 -0.83 -12.95 -18.24
CA TRP A 160 -2.05 -12.15 -18.22
C TRP A 160 -1.89 -10.92 -19.12
N GLY A 161 -1.52 -11.17 -20.38
CA GLY A 161 -1.34 -10.08 -21.33
C GLY A 161 -2.64 -9.36 -21.64
N SER A 162 -2.81 -8.19 -21.04
CA SER A 162 -4.00 -7.38 -21.23
C SER A 162 -3.63 -5.90 -21.27
N GLY A 163 -4.44 -5.09 -21.92
CA GLY A 163 -4.17 -3.66 -21.98
C GLY A 163 -5.29 -2.91 -22.68
N GLY B 1 -4.78 -0.17 -24.23
CA GLY B 1 -5.00 1.29 -24.05
C GLY B 1 -4.18 1.84 -22.91
N GLY B 2 -4.38 3.12 -22.60
CA GLY B 2 -3.65 3.74 -21.52
C GLY B 2 -4.33 3.50 -20.19
N GLN B 3 -4.30 2.25 -19.74
CA GLN B 3 -4.90 1.87 -18.48
C GLN B 3 -3.96 0.99 -17.68
N GLN B 4 -4.36 0.65 -16.46
CA GLN B 4 -3.56 -0.18 -15.59
C GLN B 4 -4.13 -1.60 -15.56
N PRO B 5 -3.26 -2.62 -15.64
CA PRO B 5 -3.67 -4.03 -15.62
C PRO B 5 -4.38 -4.41 -14.32
N VAL B 6 -5.28 -5.37 -14.42
CA VAL B 6 -6.03 -5.86 -13.28
C VAL B 6 -5.12 -6.51 -12.24
N ASN B 7 -5.01 -5.86 -11.08
CA ASN B 7 -4.19 -6.34 -9.99
C ASN B 7 -4.82 -7.57 -9.35
N HIS B 8 -4.00 -8.57 -9.02
CA HIS B 8 -4.48 -9.81 -8.42
C HIS B 8 -3.33 -10.69 -7.93
N LEU B 9 -3.51 -11.28 -6.74
CA LEU B 9 -2.53 -12.19 -6.14
C LEU B 9 -1.25 -11.51 -5.65
N VAL B 10 -1.12 -10.22 -5.94
CA VAL B 10 0.06 -9.46 -5.52
C VAL B 10 -0.38 -8.11 -4.96
N LYS B 11 0.59 -7.22 -4.77
CA LYS B 11 0.31 -5.87 -4.26
C LYS B 11 -0.20 -5.89 -2.82
N GLU B 12 -1.50 -6.04 -2.64
CA GLU B 12 -2.13 -6.04 -1.32
C GLU B 12 -1.55 -7.11 -0.40
N ILE B 13 -1.29 -8.29 -0.92
CA ILE B 13 -0.73 -9.38 -0.11
C ILE B 13 0.59 -8.95 0.53
N ASP B 14 1.47 -8.37 -0.28
CA ASP B 14 2.75 -7.88 0.20
C ASP B 14 2.57 -6.66 1.08
N MET B 15 1.51 -5.90 0.79
CA MET B 15 1.23 -4.67 1.53
C MET B 15 0.81 -4.98 2.95
N LEU B 16 0.00 -6.03 3.10
CA LEU B 16 -0.47 -6.46 4.42
C LEU B 16 0.71 -6.67 5.36
N LEU B 17 1.74 -7.32 4.86
CA LEU B 17 2.93 -7.59 5.64
C LEU B 17 3.69 -6.29 5.88
N LYS B 18 3.67 -5.41 4.88
CA LYS B 18 4.37 -4.13 4.97
C LYS B 18 3.72 -3.22 6.00
N GLU B 19 2.39 -3.20 6.05
CA GLU B 19 1.64 -2.37 6.99
C GLU B 19 2.03 -2.72 8.42
N TYR B 20 2.22 -4.00 8.67
CA TYR B 20 2.60 -4.46 9.99
C TYR B 20 4.09 -4.25 10.24
N LEU B 21 4.86 -4.37 9.18
CA LEU B 21 6.30 -4.21 9.22
C LEU B 21 6.76 -2.84 9.71
N LEU B 22 6.33 -1.80 9.00
CA LEU B 22 6.78 -0.44 9.33
C LEU B 22 5.75 0.42 10.08
N SER B 23 4.52 0.44 9.59
CA SER B 23 3.46 1.24 10.17
C SER B 23 3.05 0.77 11.56
N GLY B 24 2.66 -0.50 11.67
CA GLY B 24 2.27 -1.04 12.96
C GLY B 24 0.84 -0.70 13.33
N ASP B 25 -0.10 -0.97 12.42
CA ASP B 25 -1.51 -0.69 12.71
C ASP B 25 -2.39 -1.87 12.30
N ILE B 26 -3.32 -2.21 13.18
CA ILE B 26 -4.24 -3.31 12.94
C ILE B 26 -5.23 -2.93 11.85
N SER B 27 -5.67 -1.67 11.92
CA SER B 27 -6.64 -1.10 10.99
C SER B 27 -6.30 -1.31 9.52
N GLU B 28 -5.02 -1.22 9.18
CA GLU B 28 -4.57 -1.34 7.81
C GLU B 28 -4.76 -2.74 7.19
N ALA B 29 -4.22 -3.77 7.83
CA ALA B 29 -4.30 -5.12 7.28
C ALA B 29 -5.70 -5.70 7.38
N GLU B 30 -6.37 -5.37 8.47
CA GLU B 30 -7.72 -5.84 8.73
C GLU B 30 -8.66 -5.49 7.57
N HIS B 31 -8.47 -4.30 7.02
CA HIS B 31 -9.31 -3.83 5.93
C HIS B 31 -8.83 -4.35 4.57
N CYS B 32 -7.53 -4.30 4.33
CA CYS B 32 -6.95 -4.74 3.04
C CYS B 32 -7.32 -6.17 2.69
N LEU B 33 -7.27 -7.07 3.67
CA LEU B 33 -7.58 -8.47 3.44
C LEU B 33 -9.01 -8.63 2.91
N LYS B 34 -9.95 -7.96 3.56
CA LYS B 34 -11.35 -7.99 3.17
C LYS B 34 -11.62 -7.17 1.90
N GLU B 35 -10.76 -6.20 1.63
CA GLU B 35 -10.92 -5.33 0.45
C GLU B 35 -11.05 -6.17 -0.83
N LEU B 36 -10.07 -7.02 -1.12
CA LEU B 36 -10.17 -7.90 -2.29
C LEU B 36 -11.29 -8.94 -2.09
N GLU B 37 -11.10 -10.21 -2.48
CA GLU B 37 -12.20 -11.15 -2.30
C GLU B 37 -11.79 -12.60 -2.09
N VAL B 38 -11.06 -13.17 -3.05
CA VAL B 38 -10.68 -14.60 -3.04
C VAL B 38 -10.15 -15.12 -1.70
N PRO B 39 -11.04 -15.71 -0.90
CA PRO B 39 -10.71 -16.22 0.43
C PRO B 39 -9.90 -17.51 0.36
N HIS B 40 -10.18 -18.34 -0.62
CA HIS B 40 -9.48 -19.62 -0.79
C HIS B 40 -8.02 -19.40 -1.20
N PHE B 41 -7.71 -18.21 -1.69
CA PHE B 41 -6.35 -17.89 -2.11
C PHE B 41 -5.58 -17.12 -1.05
N HIS B 42 -6.20 -16.91 0.10
CA HIS B 42 -5.56 -16.17 1.20
C HIS B 42 -4.52 -17.03 1.91
N HIS B 43 -4.40 -18.27 1.47
CA HIS B 43 -3.47 -19.24 2.03
C HIS B 43 -2.00 -18.84 1.81
N GLU B 44 -1.74 -18.04 0.77
CA GLU B 44 -0.37 -17.64 0.45
C GLU B 44 0.15 -16.66 1.49
N LEU B 45 -0.74 -15.82 2.01
CA LEU B 45 -0.38 -14.84 3.03
C LEU B 45 0.04 -15.56 4.30
N VAL B 46 -0.50 -16.76 4.48
CA VAL B 46 -0.22 -17.58 5.65
C VAL B 46 1.25 -18.02 5.63
N TYR B 47 1.69 -18.49 4.47
CA TYR B 47 3.06 -18.93 4.28
C TYR B 47 4.06 -17.81 4.59
N GLU B 48 3.90 -16.67 3.91
CA GLU B 48 4.78 -15.53 4.09
C GLU B 48 4.78 -15.06 5.56
N ALA B 49 3.58 -14.94 6.08
CA ALA B 49 3.39 -14.54 7.48
C ALA B 49 4.26 -15.37 8.42
N ILE B 50 4.38 -16.67 8.16
CA ILE B 50 5.20 -17.54 8.98
C ILE B 50 6.71 -17.31 8.68
N VAL B 51 7.00 -17.14 7.38
CA VAL B 51 8.38 -16.89 6.87
C VAL B 51 9.03 -15.52 7.20
N MET B 52 8.20 -14.55 7.68
CA MET B 52 8.68 -13.17 8.04
C MET B 52 9.42 -13.33 9.38
N VAL B 53 9.07 -14.49 9.88
CA VAL B 53 9.48 -14.99 11.17
C VAL B 53 10.82 -15.71 11.35
N LEU B 54 11.00 -16.77 10.62
CA LEU B 54 12.16 -17.63 10.75
C LEU B 54 13.50 -17.02 10.28
N GLU B 55 13.55 -16.48 9.07
CA GLU B 55 14.80 -15.94 8.53
C GLU B 55 15.17 -14.53 8.99
N SER B 56 14.49 -13.99 10.00
CA SER B 56 14.79 -12.64 10.41
C SER B 56 15.48 -12.63 11.76
N THR B 57 15.61 -11.45 12.36
CA THR B 57 16.26 -11.32 13.64
C THR B 57 15.71 -10.10 14.38
N GLY B 58 15.47 -10.26 15.67
CA GLY B 58 14.94 -9.17 16.47
C GLY B 58 13.67 -9.56 17.16
N GLU B 59 13.65 -9.40 18.47
CA GLU B 59 12.49 -9.76 19.27
C GLU B 59 11.41 -8.68 19.22
N SER B 60 11.73 -7.56 18.58
CA SER B 60 10.77 -6.46 18.50
C SER B 60 9.53 -6.89 17.71
N ALA B 61 9.74 -7.22 16.45
CA ALA B 61 8.70 -7.70 15.55
C ALA B 61 8.33 -9.16 15.71
N PHE B 62 9.12 -9.93 16.48
CA PHE B 62 8.96 -11.39 16.52
C PHE B 62 7.51 -11.83 16.74
N LYS B 63 7.00 -11.72 17.96
CA LYS B 63 5.61 -12.06 18.26
C LYS B 63 4.58 -11.17 17.60
N MET B 64 5.01 -10.01 17.11
CA MET B 64 4.08 -9.04 16.53
C MET B 64 3.43 -9.69 15.31
N ILE B 65 4.12 -10.70 14.80
CA ILE B 65 3.68 -11.45 13.64
C ILE B 65 2.36 -12.17 13.96
N LEU B 66 2.18 -12.54 15.25
CA LEU B 66 0.96 -13.21 15.68
C LEU B 66 -0.24 -12.28 15.56
N ASP B 67 -0.01 -10.99 15.80
CA ASP B 67 -1.07 -9.98 15.67
C ASP B 67 -1.53 -10.02 14.21
N LEU B 68 -0.62 -10.51 13.40
CA LEU B 68 -0.87 -10.69 12.00
C LEU B 68 -1.63 -11.97 11.62
N LEU B 69 -1.14 -13.14 12.05
CA LEU B 69 -1.79 -14.40 11.66
C LEU B 69 -3.19 -14.61 12.23
N LYS B 70 -3.33 -14.82 13.55
CA LYS B 70 -4.62 -15.07 14.18
C LYS B 70 -5.56 -13.90 14.48
N SER B 71 -5.05 -12.68 14.47
CA SER B 71 -5.90 -11.55 14.86
C SER B 71 -7.15 -11.51 14.00
N LEU B 72 -6.99 -11.65 12.69
CA LEU B 72 -8.10 -11.71 11.75
C LEU B 72 -9.13 -12.80 12.04
N TRP B 73 -8.76 -13.78 12.88
CA TRP B 73 -9.65 -14.89 13.21
C TRP B 73 -10.69 -14.37 14.22
N LYS B 74 -10.45 -13.14 14.67
CA LYS B 74 -11.30 -12.50 15.67
C LYS B 74 -12.74 -12.51 15.19
N SER B 75 -12.92 -12.11 13.94
CA SER B 75 -14.24 -12.12 13.32
C SER B 75 -14.35 -13.34 12.42
N SER B 76 -13.23 -14.05 12.31
CA SER B 76 -13.11 -15.27 11.51
C SER B 76 -13.03 -14.99 10.01
N THR B 77 -11.93 -14.36 9.59
CA THR B 77 -11.72 -14.08 8.17
C THR B 77 -10.96 -15.23 7.52
N ILE B 78 -9.77 -15.53 8.03
CA ILE B 78 -8.96 -16.62 7.52
C ILE B 78 -9.46 -17.95 8.08
N THR B 79 -9.68 -18.90 7.18
CA THR B 79 -10.15 -20.22 7.59
C THR B 79 -8.98 -21.14 7.94
N ILE B 80 -9.16 -22.00 8.93
CA ILE B 80 -8.10 -22.94 9.35
C ILE B 80 -7.56 -23.74 8.17
N ASP B 81 -8.49 -24.26 7.34
CA ASP B 81 -8.11 -25.01 6.15
C ASP B 81 -7.10 -24.24 5.32
N GLN B 82 -7.36 -22.95 5.14
CA GLN B 82 -6.47 -22.08 4.37
C GLN B 82 -5.15 -21.89 5.09
N MET B 83 -5.21 -21.81 6.42
CA MET B 83 -4.01 -21.62 7.22
C MET B 83 -3.14 -22.87 7.19
N LYS B 84 -3.73 -24.01 7.55
CA LYS B 84 -3.03 -25.30 7.53
C LYS B 84 -2.30 -25.51 6.21
N ARG B 85 -3.02 -25.31 5.10
CA ARG B 85 -2.43 -25.44 3.77
C ARG B 85 -1.08 -24.71 3.68
N GLY B 86 -1.01 -23.54 4.32
CA GLY B 86 0.22 -22.77 4.32
C GLY B 86 1.19 -23.27 5.39
N TYR B 87 0.63 -23.55 6.57
CA TYR B 87 1.39 -24.01 7.74
C TYR B 87 2.11 -25.35 7.51
N GLU B 88 1.51 -26.24 6.72
CA GLU B 88 2.10 -27.54 6.46
C GLU B 88 3.27 -27.40 5.52
N ARG B 89 3.16 -26.41 4.63
CA ARG B 89 4.19 -26.12 3.66
C ARG B 89 5.45 -25.61 4.35
N ILE B 90 5.28 -25.03 5.54
CA ILE B 90 6.43 -24.51 6.29
C ILE B 90 7.39 -25.64 6.60
N TYR B 91 6.93 -26.67 7.33
CA TYR B 91 7.77 -27.82 7.65
C TYR B 91 8.33 -28.48 6.38
N ASN B 92 7.59 -28.36 5.28
CA ASN B 92 8.00 -28.94 4.01
C ASN B 92 9.17 -28.16 3.42
N GLU B 93 9.12 -26.85 3.52
CA GLU B 93 10.19 -26.00 2.98
C GLU B 93 11.31 -25.76 4.00
N ILE B 94 11.10 -26.24 5.22
CA ILE B 94 12.10 -26.10 6.29
C ILE B 94 13.49 -26.62 5.86
N PRO B 95 13.59 -27.86 5.33
CA PRO B 95 14.87 -28.43 4.89
C PRO B 95 15.51 -27.60 3.77
N ASP B 96 14.68 -26.90 3.01
CA ASP B 96 15.17 -26.07 1.91
C ASP B 96 15.87 -24.83 2.44
N ILE B 97 15.33 -24.27 3.51
CA ILE B 97 15.88 -23.07 4.13
C ILE B 97 17.03 -23.41 5.07
N ASN B 98 16.83 -24.44 5.89
CA ASN B 98 17.84 -24.85 6.86
C ASN B 98 18.99 -25.62 6.23
N LEU B 99 18.67 -26.68 5.49
CA LEU B 99 19.66 -27.51 4.82
C LEU B 99 20.65 -28.13 5.83
N ASP B 100 20.14 -29.09 6.62
CA ASP B 100 20.93 -29.80 7.63
C ASP B 100 21.35 -28.92 8.80
N VAL B 101 21.59 -29.56 9.95
CA VAL B 101 21.99 -28.88 11.19
C VAL B 101 21.11 -27.65 11.47
N PRO B 102 19.79 -27.86 11.62
CA PRO B 102 18.84 -26.78 11.88
C PRO B 102 18.47 -26.68 13.35
N HIS B 103 18.79 -25.55 13.98
CA HIS B 103 18.44 -25.35 15.38
C HIS B 103 17.31 -24.35 15.48
N SER B 104 16.72 -24.05 14.32
CA SER B 104 15.63 -23.08 14.23
C SER B 104 14.32 -23.65 14.79
N TYR B 105 14.42 -24.82 15.41
CA TYR B 105 13.27 -25.47 16.01
C TYR B 105 12.75 -24.62 17.15
N SER B 106 13.66 -23.91 17.80
CA SER B 106 13.32 -23.04 18.89
C SER B 106 12.30 -22.00 18.44
N VAL B 107 12.37 -21.61 17.17
CA VAL B 107 11.44 -20.64 16.63
C VAL B 107 10.11 -21.28 16.21
N LEU B 108 10.17 -22.21 15.26
CA LEU B 108 8.95 -22.88 14.76
C LEU B 108 8.27 -23.78 15.79
N GLU B 109 9.00 -24.80 16.24
CA GLU B 109 8.45 -25.73 17.25
C GLU B 109 7.81 -24.97 18.41
N ARG B 110 8.41 -23.84 18.77
CA ARG B 110 7.89 -23.01 19.85
C ARG B 110 6.65 -22.22 19.40
N PHE B 111 6.71 -21.69 18.19
CA PHE B 111 5.59 -20.92 17.63
C PHE B 111 4.38 -21.82 17.39
N VAL B 112 4.63 -23.03 16.89
CA VAL B 112 3.57 -23.99 16.63
C VAL B 112 2.83 -24.34 17.92
N GLU B 113 3.60 -24.56 18.98
CA GLU B 113 3.01 -24.88 20.28
C GLU B 113 2.31 -23.65 20.85
N GLU B 114 2.82 -22.48 20.50
CA GLU B 114 2.25 -21.21 20.96
C GLU B 114 0.86 -21.02 20.35
N CYS B 115 0.76 -21.20 19.04
CA CYS B 115 -0.52 -21.05 18.34
C CYS B 115 -1.57 -22.04 18.86
N PHE B 116 -1.11 -23.16 19.38
CA PHE B 116 -1.98 -24.20 19.94
C PHE B 116 -2.61 -23.72 21.25
N GLN B 117 -1.97 -22.72 21.83
CA GLN B 117 -2.40 -22.13 23.09
C GLN B 117 -3.50 -21.10 22.86
N ALA B 118 -3.69 -20.75 21.60
CA ALA B 118 -4.70 -19.79 21.22
C ALA B 118 -5.90 -20.47 20.60
N GLY B 119 -5.80 -21.79 20.46
CA GLY B 119 -6.86 -22.56 19.87
C GLY B 119 -6.77 -22.53 18.37
N ILE B 120 -7.93 -22.51 17.71
CA ILE B 120 -8.05 -22.46 16.25
C ILE B 120 -7.47 -23.66 15.49
N ILE B 121 -6.21 -24.00 15.75
CA ILE B 121 -5.56 -25.11 15.06
C ILE B 121 -5.29 -26.28 16.01
N SER B 122 -6.18 -27.27 15.97
CA SER B 122 -6.08 -28.47 16.78
C SER B 122 -4.82 -29.29 16.53
N LYS B 123 -4.69 -30.38 17.29
CA LYS B 123 -3.53 -31.30 17.22
C LYS B 123 -3.24 -31.73 15.79
N GLN B 124 -4.29 -31.87 15.00
CA GLN B 124 -4.18 -32.26 13.59
C GLN B 124 -3.02 -31.54 12.88
N LEU B 125 -2.84 -30.25 13.17
CA LEU B 125 -1.77 -29.47 12.56
C LEU B 125 -0.43 -29.75 13.25
N ARG B 126 -0.44 -29.90 14.57
CA ARG B 126 0.78 -30.14 15.33
C ARG B 126 1.45 -31.44 14.91
N ASP B 127 0.66 -32.51 14.81
CA ASP B 127 1.17 -33.82 14.39
C ASP B 127 2.09 -33.77 13.16
N LEU B 128 1.86 -32.81 12.27
CA LEU B 128 2.70 -32.70 11.08
C LEU B 128 4.07 -32.08 11.39
N CYS B 129 4.15 -31.27 12.42
CA CYS B 129 5.40 -30.64 12.81
C CYS B 129 6.30 -31.60 13.59
N PRO B 130 7.61 -31.53 13.37
CA PRO B 130 8.58 -32.40 14.08
C PRO B 130 8.81 -31.94 15.52
N SER B 131 7.81 -32.17 16.37
CA SER B 131 7.88 -31.78 17.77
C SER B 131 8.86 -32.66 18.54
N GLY A 1 1.84 30.76 -2.99
CA GLY A 1 1.21 31.25 -1.73
C GLY A 1 -0.25 30.90 -1.65
N LEU A 2 -1.11 31.91 -1.66
CA LEU A 2 -2.55 31.69 -1.57
C LEU A 2 -3.20 31.65 -2.94
N PRO A 3 -4.13 30.70 -3.14
CA PRO A 3 -4.85 30.54 -4.40
C PRO A 3 -6.08 31.43 -4.45
N LEU A 4 -6.11 32.33 -5.43
CA LEU A 4 -7.23 33.24 -5.58
C LEU A 4 -8.37 32.56 -6.33
N ASP A 5 -9.58 32.70 -5.83
CA ASP A 5 -10.77 32.11 -6.44
C ASP A 5 -10.67 30.58 -6.46
N GLU A 6 -10.67 29.99 -5.28
CA GLU A 6 -10.55 28.55 -5.12
C GLU A 6 -11.80 27.81 -5.61
N ARG A 7 -12.98 28.26 -5.16
CA ARG A 7 -14.24 27.62 -5.53
C ARG A 7 -14.44 27.70 -7.04
N ALA A 8 -14.11 28.85 -7.61
CA ALA A 8 -14.20 29.06 -9.06
C ALA A 8 -13.24 28.11 -9.77
N PHE A 9 -12.21 27.71 -9.04
CA PHE A 9 -11.20 26.84 -9.60
C PHE A 9 -11.64 25.37 -9.52
N GLU A 10 -12.05 24.96 -8.33
CA GLU A 10 -12.45 23.57 -8.09
C GLU A 10 -13.66 23.17 -8.93
N LYS A 11 -14.65 24.05 -8.97
CA LYS A 11 -15.88 23.81 -9.73
C LYS A 11 -15.62 23.60 -11.22
N THR A 12 -14.72 24.41 -11.77
CA THR A 12 -14.38 24.33 -13.19
C THR A 12 -13.54 23.10 -13.50
N LEU A 13 -12.84 22.59 -12.49
CA LEU A 13 -11.99 21.43 -12.67
C LEU A 13 -12.71 20.13 -12.29
N THR A 14 -14.02 20.25 -12.04
CA THR A 14 -14.81 19.09 -11.66
C THR A 14 -15.05 18.15 -12.85
N PRO A 15 -15.72 18.65 -13.93
CA PRO A 15 -16.02 17.83 -15.11
C PRO A 15 -14.76 17.35 -15.85
N ILE A 16 -13.72 18.19 -15.84
CA ILE A 16 -12.48 17.86 -16.53
C ILE A 16 -11.85 16.57 -15.98
N ILE A 17 -11.58 16.55 -14.69
CA ILE A 17 -11.00 15.37 -14.03
C ILE A 17 -11.90 14.14 -14.17
N GLN A 18 -13.21 14.38 -14.26
CA GLN A 18 -14.17 13.29 -14.40
C GLN A 18 -14.01 12.64 -15.77
N GLU A 19 -13.84 13.48 -16.80
CA GLU A 19 -13.64 12.99 -18.16
C GLU A 19 -12.41 12.09 -18.24
N TYR A 20 -11.33 12.51 -17.58
CA TYR A 20 -10.10 11.73 -17.57
C TYR A 20 -10.36 10.35 -16.97
N PHE A 21 -10.82 10.32 -15.72
CA PHE A 21 -11.13 9.07 -15.03
C PHE A 21 -11.98 8.12 -15.88
N GLU A 22 -12.86 8.68 -16.68
CA GLU A 22 -13.72 7.88 -17.54
C GLU A 22 -13.02 7.48 -18.85
N HIS A 23 -12.35 8.43 -19.50
CA HIS A 23 -11.66 8.15 -20.75
C HIS A 23 -10.22 7.67 -20.52
N GLY A 24 -9.34 8.59 -20.12
CA GLY A 24 -7.96 8.25 -19.85
C GLY A 24 -7.01 9.03 -20.73
N ASP A 25 -7.53 10.07 -21.37
CA ASP A 25 -6.73 10.91 -22.26
C ASP A 25 -5.95 11.97 -21.50
N THR A 26 -4.82 11.57 -20.93
CA THR A 26 -3.95 12.49 -20.19
C THR A 26 -3.50 13.67 -21.04
N ASN A 27 -3.41 13.46 -22.34
CA ASN A 27 -2.98 14.51 -23.27
C ASN A 27 -4.00 15.64 -23.36
N GLU A 28 -5.28 15.32 -23.20
CA GLU A 28 -6.33 16.33 -23.29
C GLU A 28 -6.21 17.31 -22.13
N VAL A 29 -5.94 16.78 -20.94
CA VAL A 29 -5.79 17.60 -19.74
C VAL A 29 -4.73 18.68 -19.95
N ALA A 30 -3.66 18.33 -20.66
CA ALA A 30 -2.59 19.27 -20.94
C ALA A 30 -3.14 20.42 -21.78
N GLU A 31 -3.76 20.05 -22.91
CA GLU A 31 -4.40 21.03 -23.81
C GLU A 31 -5.29 21.99 -23.03
N MET A 32 -6.08 21.43 -22.12
CA MET A 32 -6.99 22.21 -21.29
C MET A 32 -6.24 23.17 -20.36
N LEU A 33 -5.26 22.64 -19.64
CA LEU A 33 -4.47 23.44 -18.69
C LEU A 33 -3.84 24.65 -19.36
N ARG A 34 -3.25 24.43 -20.54
CA ARG A 34 -2.60 25.49 -21.31
C ARG A 34 -3.51 26.68 -21.57
N ASP A 35 -4.82 26.49 -21.50
CA ASP A 35 -5.76 27.57 -21.79
C ASP A 35 -6.01 28.41 -20.54
N LEU A 36 -6.00 27.77 -19.37
CA LEU A 36 -6.24 28.47 -18.11
C LEU A 36 -5.07 29.38 -17.72
N ASN A 37 -3.85 28.97 -18.05
CA ASN A 37 -2.63 29.76 -17.74
C ASN A 37 -2.53 30.07 -16.25
N LEU A 38 -2.41 29.03 -15.45
CA LEU A 38 -2.29 29.17 -14.00
C LEU A 38 -0.84 28.97 -13.56
N GLY A 39 -0.41 29.77 -12.60
CA GLY A 39 0.95 29.66 -12.09
C GLY A 39 0.98 28.85 -10.81
N GLU A 40 0.66 29.51 -9.70
CA GLU A 40 0.64 28.84 -8.41
C GLU A 40 -0.62 27.97 -8.31
N MET A 41 -1.65 28.39 -9.02
CA MET A 41 -2.92 27.66 -9.05
C MET A 41 -2.78 26.36 -9.85
N LYS A 42 -1.68 26.23 -10.57
CA LYS A 42 -1.42 25.05 -11.39
C LYS A 42 -1.22 23.84 -10.48
N SER A 43 -0.74 24.08 -9.27
CA SER A 43 -0.52 23.01 -8.30
C SER A 43 -1.85 22.59 -7.66
N GLY A 44 -2.92 23.26 -8.06
CA GLY A 44 -4.23 22.96 -7.54
C GLY A 44 -4.85 21.76 -8.24
N VAL A 45 -4.59 21.66 -9.54
CA VAL A 45 -5.10 20.57 -10.36
C VAL A 45 -4.75 19.19 -9.79
N PRO A 46 -3.45 18.87 -9.60
CA PRO A 46 -3.03 17.58 -9.05
C PRO A 46 -3.67 17.29 -7.69
N VAL A 47 -3.75 18.31 -6.85
CA VAL A 47 -4.35 18.17 -5.52
C VAL A 47 -5.81 17.72 -5.62
N LEU A 48 -6.59 18.44 -6.43
CA LEU A 48 -8.00 18.12 -6.60
C LEU A 48 -8.18 16.76 -7.28
N ALA A 49 -7.31 16.46 -8.24
CA ALA A 49 -7.39 15.20 -8.97
C ALA A 49 -7.24 14.00 -8.04
N VAL A 50 -6.17 14.00 -7.24
CA VAL A 50 -5.93 12.91 -6.30
C VAL A 50 -7.07 12.82 -5.28
N SER A 51 -7.49 13.98 -4.79
CA SER A 51 -8.58 14.06 -3.81
C SER A 51 -9.85 13.43 -4.38
N LEU A 52 -10.20 13.82 -5.60
CA LEU A 52 -11.38 13.28 -6.26
C LEU A 52 -11.31 11.76 -6.39
N ALA A 53 -10.17 11.25 -6.83
CA ALA A 53 -9.97 9.81 -6.97
C ALA A 53 -10.15 9.09 -5.64
N LEU A 54 -9.72 9.73 -4.56
CA LEU A 54 -9.86 9.16 -3.22
C LEU A 54 -11.30 8.76 -2.92
N GLU A 55 -12.26 9.54 -3.43
CA GLU A 55 -13.67 9.25 -3.20
C GLU A 55 -14.17 8.13 -4.12
N GLY A 56 -13.38 7.76 -5.11
CA GLY A 56 -13.77 6.70 -6.02
C GLY A 56 -13.17 5.36 -5.64
N LYS A 57 -12.65 4.63 -6.63
CA LYS A 57 -12.06 3.32 -6.38
C LYS A 57 -10.54 3.38 -6.49
N ALA A 58 -9.90 2.29 -6.07
CA ALA A 58 -8.44 2.18 -6.08
C ALA A 58 -7.83 2.35 -7.48
N SER A 59 -8.51 1.82 -8.50
CA SER A 59 -8.01 1.92 -9.86
C SER A 59 -7.86 3.38 -10.28
N HIS A 60 -8.95 4.12 -10.21
CA HIS A 60 -8.94 5.55 -10.54
C HIS A 60 -7.85 6.32 -9.80
N ARG A 61 -7.51 5.88 -8.60
CA ARG A 61 -6.45 6.51 -7.82
C ARG A 61 -5.10 6.18 -8.47
N GLU A 62 -4.90 4.90 -8.72
CA GLU A 62 -3.68 4.42 -9.36
C GLU A 62 -3.50 5.09 -10.73
N MET A 63 -4.63 5.40 -11.37
CA MET A 63 -4.66 6.05 -12.68
C MET A 63 -4.27 7.53 -12.57
N THR A 64 -4.26 8.04 -11.37
CA THR A 64 -3.91 9.45 -11.16
C THR A 64 -2.40 9.63 -11.22
N SER A 65 -1.67 8.57 -10.89
CA SER A 65 -0.21 8.58 -10.88
C SER A 65 0.36 9.09 -12.21
N LYS A 66 -0.01 8.43 -13.29
CA LYS A 66 0.48 8.79 -14.62
C LYS A 66 0.08 10.22 -14.99
N LEU A 67 -0.99 10.69 -14.38
CA LEU A 67 -1.49 12.04 -14.65
C LEU A 67 -0.44 13.05 -14.21
N LEU A 68 0.13 12.82 -13.04
CA LEU A 68 1.15 13.72 -12.49
C LEU A 68 2.44 13.65 -13.31
N SER A 69 2.85 12.44 -13.64
CA SER A 69 4.07 12.21 -14.41
C SER A 69 3.98 12.86 -15.79
N ASP A 70 2.86 12.64 -16.48
CA ASP A 70 2.64 13.20 -17.81
C ASP A 70 2.56 14.72 -17.76
N LEU A 71 1.95 15.26 -16.70
CA LEU A 71 1.80 16.69 -16.54
C LEU A 71 3.17 17.37 -16.31
N CYS A 72 4.01 16.75 -15.49
CA CYS A 72 5.32 17.29 -15.19
C CYS A 72 6.17 17.39 -16.46
N GLY A 73 6.89 18.49 -16.57
CA GLY A 73 7.73 18.70 -17.73
C GLY A 73 6.94 19.31 -18.87
N THR A 74 5.84 18.66 -19.22
CA THR A 74 4.97 19.12 -20.28
C THR A 74 4.35 20.48 -19.96
N VAL A 75 3.55 20.53 -18.88
CA VAL A 75 2.89 21.77 -18.48
C VAL A 75 3.19 22.12 -17.02
N MET A 76 3.38 21.11 -16.21
CA MET A 76 3.68 21.31 -14.80
C MET A 76 5.19 21.35 -14.62
N SER A 77 5.66 22.24 -13.76
CA SER A 77 7.08 22.36 -13.52
C SER A 77 7.54 21.33 -12.50
N THR A 78 8.77 21.48 -12.03
CA THR A 78 9.30 20.59 -11.02
C THR A 78 8.93 21.19 -9.67
N THR A 79 8.68 22.50 -9.70
CA THR A 79 8.29 23.24 -8.52
C THR A 79 6.87 22.86 -8.12
N ASP A 80 5.92 22.91 -9.07
CA ASP A 80 4.53 22.54 -8.79
C ASP A 80 4.41 21.20 -8.08
N VAL A 81 5.18 20.22 -8.51
CA VAL A 81 5.15 18.90 -7.89
C VAL A 81 5.47 19.03 -6.41
N GLU A 82 6.57 19.69 -6.10
CA GLU A 82 6.99 19.90 -4.72
C GLU A 82 5.98 20.74 -3.95
N LYS A 83 5.27 21.63 -4.65
CA LYS A 83 4.30 22.51 -4.00
C LYS A 83 3.02 21.74 -3.61
N SER A 84 2.33 21.16 -4.61
CA SER A 84 1.12 20.33 -4.36
C SER A 84 1.24 19.29 -3.28
N PHE A 85 2.47 18.91 -2.93
CA PHE A 85 2.62 17.88 -1.92
C PHE A 85 2.36 18.47 -0.56
N ASP A 86 2.68 19.75 -0.44
CA ASP A 86 2.51 20.46 0.79
C ASP A 86 1.04 20.79 0.99
N LYS A 87 0.28 21.02 -0.09
CA LYS A 87 -1.12 21.43 0.06
C LYS A 87 -2.03 20.20 0.24
N LEU A 88 -1.75 19.13 -0.53
CA LEU A 88 -2.53 17.92 -0.46
C LEU A 88 -2.53 17.32 0.95
N LEU A 89 -1.44 17.58 1.67
CA LEU A 89 -1.29 17.08 3.03
C LEU A 89 -2.04 17.99 4.01
N LYS A 90 -2.24 19.23 3.60
CA LYS A 90 -2.86 20.25 4.45
C LYS A 90 -4.24 19.86 4.96
N ASP A 91 -5.23 19.87 4.09
CA ASP A 91 -6.60 19.54 4.48
C ASP A 91 -6.83 18.04 4.67
N LEU A 92 -5.75 17.27 4.66
CA LEU A 92 -5.82 15.82 4.85
C LEU A 92 -6.76 15.40 6.00
N PRO A 93 -6.65 16.02 7.21
CA PRO A 93 -7.54 15.69 8.34
C PRO A 93 -9.02 15.80 7.96
N GLU A 94 -9.34 16.80 7.15
CA GLU A 94 -10.71 17.00 6.68
C GLU A 94 -11.14 15.85 5.79
N LEU A 95 -10.23 15.34 4.99
CA LEU A 95 -10.51 14.22 4.10
C LEU A 95 -10.72 12.94 4.90
N ALA A 96 -10.02 12.85 6.03
CA ALA A 96 -10.11 11.70 6.92
C ALA A 96 -11.50 11.64 7.55
N LEU A 97 -12.16 12.79 7.61
CA LEU A 97 -13.50 12.88 8.19
C LEU A 97 -14.50 12.11 7.34
N ASP A 98 -14.42 12.28 6.02
CA ASP A 98 -15.32 11.58 5.12
C ASP A 98 -14.94 10.11 5.00
N THR A 99 -13.65 9.82 4.88
CA THR A 99 -13.20 8.45 4.81
C THR A 99 -11.80 8.33 5.44
N PRO A 100 -11.68 7.59 6.55
CA PRO A 100 -10.40 7.40 7.26
C PRO A 100 -9.36 6.68 6.40
N ARG A 101 -9.83 5.99 5.36
CA ARG A 101 -8.93 5.27 4.47
C ARG A 101 -8.04 6.22 3.67
N ALA A 102 -8.67 7.17 2.97
CA ALA A 102 -7.95 8.18 2.16
C ALA A 102 -6.59 8.67 2.71
N PRO A 103 -6.52 9.23 3.95
CA PRO A 103 -5.26 9.72 4.52
C PRO A 103 -4.16 8.66 4.55
N GLN A 104 -4.56 7.40 4.69
CA GLN A 104 -3.62 6.31 4.75
C GLN A 104 -3.13 5.92 3.35
N LEU A 105 -3.99 6.06 2.36
CA LEU A 105 -3.66 5.71 0.96
C LEU A 105 -2.61 6.65 0.39
N VAL A 106 -2.96 7.94 0.32
CA VAL A 106 -2.03 9.00 -0.15
C VAL A 106 -0.56 8.86 0.29
N GLY A 107 -0.27 8.09 1.32
CA GLY A 107 1.11 7.99 1.75
C GLY A 107 1.93 7.30 0.68
N GLN A 108 1.30 6.39 -0.06
CA GLN A 108 1.97 5.65 -1.13
C GLN A 108 2.23 6.57 -2.31
N PHE A 109 1.32 7.51 -2.49
CA PHE A 109 1.41 8.48 -3.57
C PHE A 109 2.63 9.37 -3.39
N ILE A 110 3.09 9.48 -2.15
CA ILE A 110 4.24 10.30 -1.86
C ILE A 110 5.51 9.50 -2.18
N ALA A 111 5.42 8.18 -2.00
CA ALA A 111 6.56 7.29 -2.21
C ALA A 111 6.78 7.02 -3.68
N ARG A 112 5.68 6.66 -4.37
CA ARG A 112 5.70 6.37 -5.81
C ARG A 112 6.22 7.57 -6.61
N ALA A 113 6.13 8.74 -5.99
CA ALA A 113 6.53 9.97 -6.65
C ALA A 113 8.06 10.04 -6.80
N VAL A 114 8.79 9.32 -5.94
CA VAL A 114 10.25 9.33 -6.03
C VAL A 114 10.68 8.56 -7.27
N GLY A 115 10.30 7.28 -7.35
CA GLY A 115 10.60 6.49 -8.55
C GLY A 115 9.96 7.03 -9.80
N ASP A 116 9.05 7.98 -9.63
CA ASP A 116 8.35 8.59 -10.75
C ASP A 116 9.28 9.61 -11.39
N GLY A 117 10.08 10.28 -10.55
CA GLY A 117 11.03 11.25 -11.04
C GLY A 117 10.55 12.68 -10.85
N ILE A 118 9.39 12.86 -10.21
CA ILE A 118 8.85 14.19 -10.01
C ILE A 118 9.20 14.74 -8.62
N LEU A 119 9.18 13.87 -7.61
CA LEU A 119 9.48 14.28 -6.26
C LEU A 119 10.78 13.69 -5.77
N CYS A 120 11.52 14.46 -4.98
CA CYS A 120 12.78 14.02 -4.42
C CYS A 120 12.56 13.32 -3.09
N ASN A 121 13.39 12.33 -2.80
CA ASN A 121 13.30 11.55 -1.56
C ASN A 121 13.60 12.38 -0.31
N THR A 122 14.15 13.57 -0.50
CA THR A 122 14.49 14.45 0.60
C THR A 122 13.25 14.96 1.32
N TYR A 123 12.12 14.90 0.63
CA TYR A 123 10.85 15.36 1.16
C TYR A 123 10.51 14.68 2.49
N ILE A 124 10.69 13.37 2.54
CA ILE A 124 10.38 12.60 3.74
C ILE A 124 11.26 13.02 4.92
N ASP A 125 12.57 13.12 4.67
CA ASP A 125 13.53 13.48 5.71
C ASP A 125 13.37 14.94 6.16
N SER A 126 13.00 15.81 5.23
CA SER A 126 12.84 17.22 5.54
C SER A 126 11.68 17.48 6.49
N TYR A 127 10.68 16.61 6.43
CA TYR A 127 9.54 16.71 7.32
C TYR A 127 9.62 15.61 8.37
N LYS A 128 10.85 15.26 8.73
CA LYS A 128 11.09 14.17 9.66
C LYS A 128 11.10 14.48 11.15
N GLY A 129 10.18 15.29 11.60
CA GLY A 129 10.09 15.57 13.02
C GLY A 129 9.57 16.95 13.22
N THR A 130 9.65 17.70 12.15
CA THR A 130 9.20 19.06 12.09
C THR A 130 7.68 19.07 12.12
N VAL A 131 7.10 18.10 11.41
CA VAL A 131 5.66 17.97 11.34
C VAL A 131 5.09 17.58 12.70
N ASP A 132 4.20 18.41 13.21
CA ASP A 132 3.55 18.17 14.50
C ASP A 132 2.20 17.50 14.30
N CYS A 133 1.50 17.89 13.24
CA CYS A 133 0.19 17.35 12.92
C CYS A 133 0.23 15.85 12.62
N VAL A 134 -0.10 15.07 13.64
CA VAL A 134 -0.16 13.60 13.53
C VAL A 134 -0.89 13.11 12.26
N GLN A 135 -1.76 13.94 11.70
CA GLN A 135 -2.47 13.58 10.49
C GLN A 135 -1.50 13.42 9.32
N ALA A 136 -0.48 14.28 9.27
CA ALA A 136 0.52 14.22 8.23
C ALA A 136 1.44 13.02 8.46
N ARG A 137 1.91 12.88 9.70
CA ARG A 137 2.76 11.74 10.11
C ARG A 137 2.16 10.39 9.73
N ALA A 138 0.84 10.35 9.57
CA ALA A 138 0.18 9.11 9.22
C ALA A 138 0.47 8.81 7.76
N ALA A 139 0.53 9.88 6.98
CA ALA A 139 0.77 9.80 5.54
C ALA A 139 2.26 9.71 5.18
N LEU A 140 3.10 10.56 5.79
CA LEU A 140 4.53 10.60 5.43
C LEU A 140 5.25 9.32 5.80
N ASP A 141 5.28 9.01 7.09
CA ASP A 141 5.91 7.76 7.57
C ASP A 141 5.38 6.52 6.88
N LYS A 142 4.20 6.65 6.28
CA LYS A 142 3.56 5.55 5.59
C LYS A 142 4.33 5.22 4.30
N ALA A 143 4.90 6.25 3.67
CA ALA A 143 5.64 6.08 2.43
C ALA A 143 6.82 5.13 2.59
N THR A 144 7.67 5.36 3.59
CA THR A 144 8.82 4.50 3.86
C THR A 144 8.44 3.05 4.13
N VAL A 145 7.21 2.83 4.55
CA VAL A 145 6.75 1.49 4.85
C VAL A 145 6.52 0.76 3.53
N LEU A 146 5.97 1.51 2.58
CA LEU A 146 5.65 0.99 1.27
C LEU A 146 6.88 0.89 0.39
N LEU A 147 7.83 1.79 0.61
CA LEU A 147 9.08 1.82 -0.15
C LEU A 147 9.84 0.50 -0.04
N SER A 148 9.60 -0.25 1.03
CA SER A 148 10.26 -1.54 1.23
C SER A 148 9.88 -2.54 0.14
N MET A 149 8.65 -2.42 -0.36
CA MET A 149 8.15 -3.32 -1.40
C MET A 149 8.88 -3.05 -2.72
N SER A 150 9.40 -1.85 -2.86
CA SER A 150 10.14 -1.46 -4.06
C SER A 150 11.48 -2.19 -4.16
N LYS A 151 11.86 -2.85 -3.07
CA LYS A 151 13.11 -3.60 -3.04
C LYS A 151 12.83 -5.10 -3.15
N GLY A 152 11.54 -5.45 -3.14
CA GLY A 152 11.17 -6.85 -3.23
C GLY A 152 10.42 -7.16 -4.51
N GLY A 153 9.49 -6.29 -4.88
CA GLY A 153 8.71 -6.49 -6.08
C GLY A 153 9.49 -6.20 -7.36
N LYS A 154 10.41 -7.10 -7.68
CA LYS A 154 11.23 -6.96 -8.88
C LYS A 154 10.41 -7.29 -10.12
N ARG A 155 9.56 -6.35 -10.51
CA ARG A 155 8.70 -6.50 -11.67
C ARG A 155 8.53 -5.16 -12.36
N LYS A 156 7.79 -4.27 -11.71
CA LYS A 156 7.54 -2.94 -12.22
C LYS A 156 7.40 -1.96 -11.06
N ASP A 157 7.87 -0.73 -11.26
CA ASP A 157 7.80 0.30 -10.22
C ASP A 157 6.84 1.42 -10.59
N SER A 158 7.03 1.99 -11.78
CA SER A 158 6.18 3.07 -12.24
C SER A 158 5.08 2.57 -13.16
N VAL A 159 4.27 3.49 -13.67
CA VAL A 159 3.17 3.13 -14.56
C VAL A 159 3.28 3.88 -15.89
N TRP A 160 3.99 3.28 -16.84
CA TRP A 160 4.15 3.89 -18.14
C TRP A 160 3.34 3.15 -19.19
N GLY A 161 3.22 3.72 -20.37
CA GLY A 161 2.47 3.10 -21.44
C GLY A 161 1.02 3.56 -21.47
N SER A 162 0.41 3.48 -22.63
CA SER A 162 -0.98 3.89 -22.79
C SER A 162 -1.67 3.08 -23.90
N GLY A 163 -2.97 3.25 -24.03
CA GLY A 163 -3.72 2.54 -25.03
C GLY A 163 -5.20 2.79 -24.86
N GLY B 1 -8.14 3.72 -24.42
CA GLY B 1 -8.37 3.68 -22.94
C GLY B 1 -9.71 3.06 -22.63
N GLY B 2 -10.23 3.36 -21.45
CA GLY B 2 -11.53 2.83 -21.05
C GLY B 2 -11.41 1.45 -20.42
N GLN B 3 -10.72 0.54 -21.09
CA GLN B 3 -10.55 -0.80 -20.59
C GLN B 3 -9.18 -0.97 -19.94
N GLN B 4 -9.08 -0.59 -18.68
CA GLN B 4 -7.82 -0.69 -17.94
C GLN B 4 -7.53 -2.14 -17.55
N PRO B 5 -6.27 -2.57 -17.74
CA PRO B 5 -5.84 -3.93 -17.41
C PRO B 5 -5.90 -4.18 -15.91
N VAL B 6 -6.03 -5.45 -15.53
CA VAL B 6 -6.08 -5.81 -14.12
C VAL B 6 -4.69 -6.13 -13.60
N ASN B 7 -4.61 -6.68 -12.40
CA ASN B 7 -3.33 -7.02 -11.80
C ASN B 7 -3.42 -8.36 -11.10
N HIS B 8 -2.27 -8.95 -10.80
CA HIS B 8 -2.20 -10.25 -10.14
C HIS B 8 -0.86 -10.42 -9.44
N LEU B 9 -0.84 -11.31 -8.44
CA LEU B 9 0.33 -11.61 -7.59
C LEU B 9 1.31 -10.43 -7.42
N VAL B 10 0.80 -9.21 -7.34
CA VAL B 10 1.63 -8.03 -7.19
C VAL B 10 0.89 -6.94 -6.42
N LYS B 11 1.57 -6.34 -5.46
CA LYS B 11 1.02 -5.26 -4.65
C LYS B 11 0.03 -5.75 -3.59
N GLU B 12 -0.28 -7.04 -3.57
CA GLU B 12 -1.21 -7.57 -2.58
C GLU B 12 -0.49 -8.28 -1.45
N ILE B 13 -0.10 -9.54 -1.69
CA ILE B 13 0.56 -10.36 -0.67
C ILE B 13 1.78 -9.68 -0.03
N ASP B 14 2.72 -9.25 -0.85
CA ASP B 14 3.91 -8.60 -0.31
C ASP B 14 3.57 -7.28 0.37
N MET B 15 2.96 -6.37 -0.39
CA MET B 15 2.55 -5.08 0.16
C MET B 15 1.76 -5.18 1.47
N LEU B 16 0.81 -6.10 1.53
CA LEU B 16 -0.01 -6.25 2.74
C LEU B 16 0.83 -6.67 3.95
N LEU B 17 1.71 -7.64 3.75
CA LEU B 17 2.56 -8.12 4.83
C LEU B 17 3.66 -7.11 5.15
N LYS B 18 4.21 -6.47 4.11
CA LYS B 18 5.27 -5.50 4.28
C LYS B 18 4.73 -4.24 4.95
N GLU B 19 3.46 -3.93 4.70
CA GLU B 19 2.82 -2.77 5.31
C GLU B 19 2.84 -2.87 6.83
N TYR B 20 2.97 -4.09 7.29
CA TYR B 20 3.02 -4.37 8.72
C TYR B 20 4.41 -4.05 9.29
N LEU B 21 5.43 -4.12 8.44
CA LEU B 21 6.81 -3.86 8.88
C LEU B 21 6.99 -2.57 9.68
N LEU B 22 6.86 -1.39 9.04
CA LEU B 22 7.00 -0.13 9.81
C LEU B 22 5.70 0.23 10.54
N SER B 23 4.61 0.22 9.80
CA SER B 23 3.29 0.50 10.37
C SER B 23 2.98 -0.60 11.38
N GLY B 24 2.48 -0.28 12.55
CA GLY B 24 2.26 -1.33 13.54
C GLY B 24 0.80 -1.59 13.82
N ASP B 25 -0.07 -1.01 13.00
CA ASP B 25 -1.50 -1.17 13.19
C ASP B 25 -2.01 -2.40 12.47
N ILE B 26 -2.61 -3.31 13.22
CA ILE B 26 -3.14 -4.53 12.64
C ILE B 26 -4.22 -4.21 11.61
N SER B 27 -5.28 -3.62 12.11
CA SER B 27 -6.43 -3.18 11.33
C SER B 27 -6.20 -2.43 10.01
N GLU B 28 -5.02 -1.82 9.78
CA GLU B 28 -4.93 -0.98 8.58
C GLU B 28 -5.21 -1.82 7.35
N ALA B 29 -4.74 -3.05 7.38
CA ALA B 29 -4.91 -4.02 6.30
C ALA B 29 -6.38 -4.37 6.02
N GLU B 30 -7.25 -4.13 7.00
CA GLU B 30 -8.67 -4.50 6.94
C GLU B 30 -9.34 -4.11 5.61
N HIS B 31 -9.36 -2.83 5.26
CA HIS B 31 -9.95 -2.40 3.98
C HIS B 31 -9.13 -2.86 2.78
N CYS B 32 -7.95 -3.33 3.12
CA CYS B 32 -7.03 -3.82 2.11
C CYS B 32 -7.33 -5.27 1.69
N LEU B 33 -7.31 -6.17 2.68
CA LEU B 33 -7.50 -7.60 2.45
C LEU B 33 -8.96 -7.91 2.08
N LYS B 34 -9.90 -7.22 2.72
CA LYS B 34 -11.33 -7.42 2.46
C LYS B 34 -11.80 -7.09 1.04
N GLU B 35 -11.04 -6.26 0.29
CA GLU B 35 -11.42 -5.86 -1.08
C GLU B 35 -11.11 -6.99 -2.05
N LEU B 36 -10.58 -8.11 -1.54
CA LEU B 36 -10.21 -9.22 -2.40
C LEU B 36 -11.46 -9.87 -3.02
N GLU B 37 -11.43 -11.16 -3.22
CA GLU B 37 -12.57 -11.82 -3.83
C GLU B 37 -12.59 -13.30 -3.46
N VAL B 38 -11.51 -13.99 -3.75
CA VAL B 38 -11.42 -15.41 -3.46
C VAL B 38 -10.86 -15.69 -2.07
N PRO B 39 -11.68 -16.25 -1.16
CA PRO B 39 -11.27 -16.57 0.20
C PRO B 39 -10.36 -17.81 0.25
N HIS B 40 -10.31 -18.53 -0.86
CA HIS B 40 -9.49 -19.73 -0.97
C HIS B 40 -8.02 -19.40 -1.16
N PHE B 41 -7.73 -18.17 -1.54
CA PHE B 41 -6.37 -17.73 -1.78
C PHE B 41 -5.71 -17.20 -0.50
N HIS B 42 -6.50 -17.14 0.58
CA HIS B 42 -6.01 -16.63 1.87
C HIS B 42 -4.70 -17.29 2.32
N HIS B 43 -4.68 -18.63 2.28
CA HIS B 43 -3.47 -19.42 2.64
C HIS B 43 -2.15 -18.87 2.12
N GLU B 44 -2.18 -18.10 1.05
CA GLU B 44 -0.95 -17.55 0.50
C GLU B 44 -0.40 -16.44 1.39
N LEU B 45 -1.30 -15.70 2.04
CA LEU B 45 -0.90 -14.56 2.88
C LEU B 45 -0.26 -14.96 4.22
N VAL B 46 -1.02 -15.63 5.11
CA VAL B 46 -0.48 -16.04 6.42
C VAL B 46 0.81 -16.83 6.30
N TYR B 47 0.69 -18.01 5.71
CA TYR B 47 1.86 -18.87 5.45
C TYR B 47 3.10 -18.07 5.05
N GLU B 48 2.93 -17.07 4.19
CA GLU B 48 4.04 -16.24 3.73
C GLU B 48 4.61 -15.35 4.86
N ALA B 49 3.77 -14.98 5.82
CA ALA B 49 4.21 -14.14 6.92
C ALA B 49 5.28 -14.85 7.76
N ILE B 50 4.95 -16.05 8.24
CA ILE B 50 5.91 -16.87 8.99
C ILE B 50 7.16 -17.06 8.14
N VAL B 51 6.91 -17.28 6.86
CA VAL B 51 7.98 -17.46 5.87
C VAL B 51 8.94 -16.27 5.97
N MET B 52 8.36 -15.08 6.02
CA MET B 52 9.13 -13.85 6.15
C MET B 52 9.87 -13.77 7.48
N VAL B 53 9.17 -14.03 8.58
CA VAL B 53 9.79 -14.00 9.92
C VAL B 53 11.03 -14.89 9.97
N LEU B 54 10.87 -16.13 9.53
CA LEU B 54 11.98 -17.08 9.48
C LEU B 54 13.17 -16.50 8.71
N GLU B 55 12.89 -15.67 7.70
CA GLU B 55 13.93 -15.05 6.91
C GLU B 55 14.36 -13.71 7.52
N SER B 56 13.75 -13.34 8.63
CA SER B 56 14.06 -12.09 9.31
C SER B 56 14.77 -12.35 10.64
N THR B 57 14.83 -11.32 11.47
CA THR B 57 15.47 -11.39 12.77
C THR B 57 14.80 -10.43 13.73
N GLY B 58 14.88 -10.72 15.03
CA GLY B 58 14.27 -9.85 16.02
C GLY B 58 12.91 -10.33 16.48
N GLU B 59 12.52 -9.95 17.67
CA GLU B 59 11.23 -10.36 18.23
C GLU B 59 10.10 -9.48 17.71
N SER B 60 10.45 -8.38 17.07
CA SER B 60 9.47 -7.45 16.52
C SER B 60 8.55 -8.15 15.51
N ALA B 61 9.14 -8.99 14.67
CA ALA B 61 8.39 -9.71 13.65
C ALA B 61 7.57 -10.82 14.30
N PHE B 62 8.22 -11.56 15.21
CA PHE B 62 7.60 -12.67 15.93
C PHE B 62 6.30 -12.20 16.59
N LYS B 63 6.35 -11.02 17.16
CA LYS B 63 5.19 -10.46 17.84
C LYS B 63 4.09 -10.00 16.88
N MET B 64 4.46 -9.11 15.97
CA MET B 64 3.53 -8.54 14.99
C MET B 64 2.81 -9.60 14.16
N ILE B 65 3.56 -10.52 13.58
CA ILE B 65 2.97 -11.57 12.75
C ILE B 65 2.02 -12.43 13.56
N LEU B 66 2.49 -12.84 14.73
CA LEU B 66 1.69 -13.63 15.66
C LEU B 66 0.32 -12.99 15.88
N ASP B 67 0.29 -11.69 16.19
CA ASP B 67 -0.96 -10.98 16.42
C ASP B 67 -1.75 -10.81 15.12
N LEU B 68 -1.03 -10.66 14.02
CA LEU B 68 -1.63 -10.50 12.70
C LEU B 68 -2.65 -11.61 12.41
N LEU B 69 -2.21 -12.85 12.48
CA LEU B 69 -3.10 -13.99 12.21
C LEU B 69 -4.12 -14.13 13.35
N LYS B 70 -3.67 -13.83 14.55
CA LYS B 70 -4.51 -13.88 15.74
C LYS B 70 -5.75 -13.00 15.58
N SER B 71 -5.52 -11.75 15.20
CA SER B 71 -6.62 -10.80 14.99
C SER B 71 -7.50 -11.22 13.82
N LEU B 72 -6.90 -11.89 12.85
CA LEU B 72 -7.63 -12.36 11.68
C LEU B 72 -8.59 -13.47 12.10
N TRP B 73 -8.05 -14.43 12.86
CA TRP B 73 -8.83 -15.54 13.37
C TRP B 73 -9.90 -15.12 14.39
N LYS B 74 -9.67 -14.01 15.10
CA LYS B 74 -10.65 -13.52 16.07
C LYS B 74 -11.92 -13.15 15.32
N SER B 75 -11.76 -12.29 14.33
CA SER B 75 -12.83 -11.86 13.44
C SER B 75 -12.99 -12.86 12.29
N SER B 76 -12.59 -14.11 12.58
CA SER B 76 -12.57 -15.23 11.64
C SER B 76 -12.90 -14.86 10.19
N THR B 77 -11.88 -14.64 9.38
CA THR B 77 -12.09 -14.29 7.99
C THR B 77 -11.34 -15.30 7.11
N ILE B 78 -10.68 -16.25 7.77
CA ILE B 78 -9.92 -17.28 7.10
C ILE B 78 -10.54 -18.64 7.43
N THR B 79 -10.45 -19.57 6.49
CA THR B 79 -10.99 -20.91 6.69
C THR B 79 -9.94 -21.85 7.26
N ILE B 80 -10.38 -22.99 7.76
CA ILE B 80 -9.46 -23.97 8.35
C ILE B 80 -8.52 -24.58 7.32
N ASP B 81 -8.98 -24.75 6.07
CA ASP B 81 -8.14 -25.34 5.03
C ASP B 81 -6.96 -24.42 4.76
N GLN B 82 -7.27 -23.16 4.42
CA GLN B 82 -6.24 -22.15 4.20
C GLN B 82 -5.27 -22.05 5.38
N MET B 83 -5.76 -22.40 6.55
CA MET B 83 -4.92 -22.37 7.73
C MET B 83 -4.03 -23.61 7.76
N LYS B 84 -4.64 -24.76 7.47
CA LYS B 84 -3.95 -26.04 7.45
C LYS B 84 -2.86 -26.06 6.39
N ARG B 85 -3.23 -25.87 5.12
CA ARG B 85 -2.27 -25.89 4.02
C ARG B 85 -1.06 -25.01 4.29
N GLY B 86 -1.31 -23.74 4.61
CA GLY B 86 -0.22 -22.84 4.91
C GLY B 86 0.75 -23.37 5.94
N TYR B 87 0.22 -23.98 7.00
CA TYR B 87 1.09 -24.53 8.04
C TYR B 87 1.78 -25.82 7.57
N GLU B 88 1.06 -26.62 6.81
CA GLU B 88 1.59 -27.87 6.30
C GLU B 88 2.71 -27.60 5.32
N ARG B 89 2.56 -26.52 4.55
CA ARG B 89 3.56 -26.13 3.59
C ARG B 89 4.81 -25.64 4.29
N ILE B 90 4.64 -25.08 5.49
CA ILE B 90 5.78 -24.60 6.27
C ILE B 90 6.75 -25.74 6.56
N TYR B 91 6.20 -26.92 6.81
CA TYR B 91 7.02 -28.09 7.12
C TYR B 91 7.71 -28.59 5.85
N ASN B 92 7.10 -28.34 4.71
CA ASN B 92 7.64 -28.75 3.42
C ASN B 92 8.83 -27.89 3.05
N GLU B 93 8.74 -26.59 3.36
CA GLU B 93 9.80 -25.64 3.06
C GLU B 93 10.95 -25.72 4.07
N ILE B 94 10.67 -26.28 5.25
CA ILE B 94 11.67 -26.40 6.32
C ILE B 94 13.02 -26.98 5.83
N PRO B 95 13.02 -28.19 5.21
CA PRO B 95 14.26 -28.81 4.73
C PRO B 95 15.02 -27.95 3.72
N ASP B 96 14.30 -27.12 2.97
CA ASP B 96 14.93 -26.25 1.98
C ASP B 96 15.57 -25.03 2.63
N ILE B 97 14.83 -24.40 3.55
CA ILE B 97 15.30 -23.21 4.23
C ILE B 97 16.42 -23.54 5.22
N ASN B 98 16.17 -24.47 6.13
CA ASN B 98 17.15 -24.85 7.14
C ASN B 98 18.27 -25.69 6.53
N LEU B 99 17.88 -26.66 5.70
CA LEU B 99 18.82 -27.56 5.04
C LEU B 99 19.85 -28.15 6.01
N ASP B 100 19.41 -29.15 6.76
CA ASP B 100 20.25 -29.83 7.75
C ASP B 100 20.58 -28.91 8.93
N VAL B 101 21.18 -29.47 9.97
CA VAL B 101 21.51 -28.72 11.18
C VAL B 101 20.28 -27.96 11.68
N PRO B 102 19.23 -28.69 12.09
CA PRO B 102 17.98 -28.10 12.55
C PRO B 102 18.08 -27.51 13.96
N HIS B 103 18.40 -26.23 14.02
CA HIS B 103 18.53 -25.54 15.30
C HIS B 103 17.35 -24.62 15.53
N SER B 104 16.67 -24.26 14.44
CA SER B 104 15.51 -23.38 14.50
C SER B 104 14.26 -24.17 14.90
N TYR B 105 14.47 -25.42 15.31
CA TYR B 105 13.39 -26.30 15.71
C TYR B 105 12.60 -25.76 16.89
N SER B 106 13.26 -25.12 17.82
CA SER B 106 12.58 -24.59 19.00
C SER B 106 11.68 -23.42 18.62
N VAL B 107 12.26 -22.37 18.03
CA VAL B 107 11.47 -21.22 17.55
C VAL B 107 10.30 -21.65 16.67
N LEU B 108 10.49 -22.75 15.93
CA LEU B 108 9.45 -23.25 15.06
C LEU B 108 8.36 -23.93 15.88
N GLU B 109 8.79 -24.79 16.80
CA GLU B 109 7.86 -25.53 17.65
C GLU B 109 6.97 -24.65 18.51
N ARG B 110 7.54 -23.73 19.29
CA ARG B 110 6.74 -22.85 20.14
C ARG B 110 5.72 -22.06 19.31
N PHE B 111 6.22 -21.35 18.31
CA PHE B 111 5.35 -20.62 17.38
C PHE B 111 4.14 -21.47 16.95
N VAL B 112 4.37 -22.75 16.77
CA VAL B 112 3.31 -23.66 16.35
C VAL B 112 2.42 -24.04 17.55
N GLU B 113 3.06 -24.36 18.68
CA GLU B 113 2.35 -24.79 19.88
C GLU B 113 1.36 -23.77 20.44
N GLU B 114 1.79 -22.53 20.68
CA GLU B 114 0.85 -21.52 21.21
C GLU B 114 -0.36 -21.38 20.32
N CYS B 115 -0.12 -21.06 19.05
CA CYS B 115 -1.21 -20.99 18.07
C CYS B 115 -2.10 -22.25 18.11
N PHE B 116 -1.53 -23.38 18.52
CA PHE B 116 -2.29 -24.61 18.67
C PHE B 116 -3.16 -24.58 19.93
N GLN B 117 -2.59 -24.05 21.02
CA GLN B 117 -3.29 -23.95 22.30
C GLN B 117 -4.56 -23.12 22.16
N ALA B 118 -4.42 -21.89 21.66
CA ALA B 118 -5.58 -21.01 21.44
C ALA B 118 -6.63 -21.59 20.46
N GLY B 119 -6.43 -22.85 20.10
CA GLY B 119 -7.34 -23.56 19.21
C GLY B 119 -7.80 -22.78 18.01
N ILE B 120 -6.90 -22.49 17.10
CA ILE B 120 -7.25 -21.79 15.87
C ILE B 120 -6.91 -22.72 14.71
N ILE B 121 -6.55 -23.94 15.09
CA ILE B 121 -6.15 -24.99 14.17
C ILE B 121 -6.51 -26.33 14.79
N SER B 122 -6.63 -27.35 13.96
CA SER B 122 -6.96 -28.69 14.41
C SER B 122 -5.75 -29.39 15.03
N LYS B 123 -6.01 -30.44 15.80
CA LYS B 123 -4.94 -31.20 16.46
C LYS B 123 -4.06 -31.90 15.43
N GLN B 124 -4.61 -32.14 14.24
CA GLN B 124 -3.89 -32.79 13.17
C GLN B 124 -2.71 -31.95 12.72
N LEU B 125 -2.86 -30.63 12.77
CA LEU B 125 -1.80 -29.71 12.38
C LEU B 125 -0.63 -29.80 13.34
N ARG B 126 -0.92 -30.31 14.53
CA ARG B 126 0.09 -30.48 15.55
C ARG B 126 0.89 -31.75 15.31
N ASP B 127 0.18 -32.79 14.86
CA ASP B 127 0.79 -34.08 14.59
C ASP B 127 1.60 -34.06 13.30
N LEU B 128 1.22 -33.22 12.35
CA LEU B 128 1.93 -33.12 11.08
C LEU B 128 3.15 -32.21 11.17
N CYS B 129 3.75 -32.15 12.35
CA CYS B 129 4.91 -31.30 12.58
C CYS B 129 6.09 -32.14 13.06
N PRO B 130 7.32 -31.61 12.93
CA PRO B 130 8.53 -32.30 13.39
C PRO B 130 8.53 -32.42 14.92
N SER B 131 7.90 -33.47 15.41
CA SER B 131 7.81 -33.70 16.84
C SER B 131 9.16 -34.09 17.43
N GLY A 1 2.78 29.77 -1.97
CA GLY A 1 1.93 30.99 -1.95
C GLY A 1 0.51 30.62 -1.61
N LEU A 2 -0.32 31.61 -1.35
CA LEU A 2 -1.70 31.36 -1.00
C LEU A 2 -2.60 31.39 -2.22
N PRO A 3 -3.31 30.28 -2.48
CA PRO A 3 -4.22 30.17 -3.62
C PRO A 3 -5.39 31.13 -3.47
N LEU A 4 -5.59 31.95 -4.48
CA LEU A 4 -6.68 32.93 -4.48
C LEU A 4 -7.91 32.34 -5.14
N ASP A 5 -9.04 32.42 -4.44
CA ASP A 5 -10.31 31.91 -4.92
C ASP A 5 -10.26 30.40 -5.10
N GLU A 6 -10.10 29.70 -3.98
CA GLU A 6 -9.98 28.24 -3.99
C GLU A 6 -11.26 27.57 -4.49
N ARG A 7 -12.37 27.82 -3.82
CA ARG A 7 -13.65 27.23 -4.20
C ARG A 7 -14.02 27.55 -5.64
N ALA A 8 -13.75 28.78 -6.04
CA ALA A 8 -14.04 29.22 -7.39
C ALA A 8 -13.25 28.39 -8.40
N PHE A 9 -12.02 28.06 -8.04
CA PHE A 9 -11.16 27.28 -8.91
C PHE A 9 -11.52 25.80 -8.86
N GLU A 10 -11.85 25.31 -7.66
CA GLU A 10 -12.20 23.91 -7.45
C GLU A 10 -13.43 23.55 -8.28
N LYS A 11 -14.40 24.45 -8.32
CA LYS A 11 -15.62 24.23 -9.08
C LYS A 11 -15.34 24.12 -10.58
N THR A 12 -14.47 25.00 -11.07
CA THR A 12 -14.11 25.02 -12.48
C THR A 12 -13.36 23.75 -12.91
N LEU A 13 -12.49 23.25 -12.05
CA LEU A 13 -11.71 22.06 -12.35
C LEU A 13 -12.52 20.77 -12.24
N THR A 14 -13.69 20.83 -11.63
CA THR A 14 -14.53 19.64 -11.45
C THR A 14 -14.82 18.87 -12.75
N PRO A 15 -15.50 19.48 -13.75
CA PRO A 15 -15.82 18.79 -15.01
C PRO A 15 -14.56 18.28 -15.73
N ILE A 16 -13.52 19.09 -15.67
CA ILE A 16 -12.24 18.76 -16.29
C ILE A 16 -11.72 17.42 -15.79
N ILE A 17 -11.65 17.26 -14.47
CA ILE A 17 -11.18 16.00 -13.87
C ILE A 17 -12.18 14.87 -14.14
N GLN A 18 -13.46 15.21 -14.10
CA GLN A 18 -14.53 14.24 -14.38
C GLN A 18 -14.28 13.57 -15.73
N GLU A 19 -14.13 14.39 -16.76
CA GLU A 19 -13.84 13.92 -18.12
C GLU A 19 -12.51 13.16 -18.16
N TYR A 20 -11.62 13.47 -17.23
CA TYR A 20 -10.32 12.81 -17.18
C TYR A 20 -10.47 11.37 -16.75
N PHE A 21 -11.14 11.15 -15.63
CA PHE A 21 -11.35 9.81 -15.09
C PHE A 21 -12.07 8.88 -16.08
N GLU A 22 -12.79 9.44 -17.02
CA GLU A 22 -13.53 8.63 -17.98
C GLU A 22 -12.63 7.94 -19.02
N HIS A 23 -11.89 8.73 -19.79
CA HIS A 23 -11.03 8.15 -20.83
C HIS A 23 -9.55 8.27 -20.55
N GLY A 24 -9.21 8.96 -19.47
CA GLY A 24 -7.82 9.12 -19.09
C GLY A 24 -6.99 9.80 -20.16
N ASP A 25 -7.14 11.13 -20.29
CA ASP A 25 -6.39 11.91 -21.29
C ASP A 25 -5.53 13.00 -20.65
N THR A 26 -4.23 12.92 -20.89
CA THR A 26 -3.29 13.89 -20.39
C THR A 26 -3.17 15.22 -21.17
N ASN A 27 -3.21 15.12 -22.50
CA ASN A 27 -3.04 16.28 -23.38
C ASN A 27 -4.23 17.23 -23.30
N GLU A 28 -5.41 16.67 -23.08
CA GLU A 28 -6.61 17.47 -22.96
C GLU A 28 -6.47 18.42 -21.78
N VAL A 29 -5.95 17.89 -20.67
CA VAL A 29 -5.74 18.67 -19.47
C VAL A 29 -4.75 19.82 -19.70
N ALA A 30 -3.56 19.47 -20.23
CA ALA A 30 -2.52 20.47 -20.51
C ALA A 30 -3.07 21.64 -21.33
N GLU A 31 -3.74 21.30 -22.42
CA GLU A 31 -4.35 22.30 -23.30
C GLU A 31 -5.13 23.34 -22.51
N MET A 32 -5.99 22.87 -21.61
CA MET A 32 -6.79 23.76 -20.79
C MET A 32 -5.98 24.47 -19.70
N LEU A 33 -4.93 23.82 -19.21
CA LEU A 33 -4.07 24.40 -18.18
C LEU A 33 -3.48 25.71 -18.66
N ARG A 34 -2.77 25.66 -19.80
CA ARG A 34 -2.18 26.87 -20.38
C ARG A 34 -3.27 27.88 -20.70
N ASP A 35 -4.39 27.36 -21.19
CA ASP A 35 -5.55 28.17 -21.54
C ASP A 35 -5.98 29.04 -20.36
N LEU A 36 -6.10 28.43 -19.19
CA LEU A 36 -6.48 29.14 -17.99
C LEU A 36 -5.34 30.04 -17.49
N ASN A 37 -4.12 29.50 -17.50
CA ASN A 37 -2.91 30.21 -17.06
C ASN A 37 -2.86 30.33 -15.55
N LEU A 38 -1.95 29.59 -14.93
CA LEU A 38 -1.82 29.62 -13.49
C LEU A 38 -0.36 29.49 -13.09
N GLY A 39 -0.03 30.09 -11.95
CA GLY A 39 1.33 30.04 -11.44
C GLY A 39 1.38 29.17 -10.20
N GLU A 40 1.16 29.76 -9.05
CA GLU A 40 1.17 29.00 -7.79
C GLU A 40 -0.11 28.19 -7.68
N MET A 41 -1.17 28.68 -8.33
CA MET A 41 -2.46 28.02 -8.32
C MET A 41 -2.42 26.77 -9.20
N LYS A 42 -1.39 26.69 -10.04
CA LYS A 42 -1.21 25.55 -10.93
C LYS A 42 -0.97 24.29 -10.12
N SER A 43 -0.39 24.46 -8.95
CA SER A 43 -0.12 23.33 -8.07
C SER A 43 -1.44 22.87 -7.45
N GLY A 44 -2.43 23.74 -7.44
CA GLY A 44 -3.71 23.41 -6.88
C GLY A 44 -4.64 22.78 -7.89
N VAL A 45 -4.04 22.21 -8.95
CA VAL A 45 -4.81 21.54 -10.00
C VAL A 45 -4.78 20.03 -9.77
N PRO A 46 -3.56 19.41 -9.74
CA PRO A 46 -3.40 17.96 -9.53
C PRO A 46 -3.80 17.55 -8.12
N VAL A 47 -3.97 18.54 -7.25
CA VAL A 47 -4.37 18.29 -5.88
C VAL A 47 -5.80 17.76 -5.87
N LEU A 48 -6.72 18.51 -6.50
CA LEU A 48 -8.12 18.14 -6.56
C LEU A 48 -8.28 16.73 -7.14
N ALA A 49 -7.62 16.51 -8.30
CA ALA A 49 -7.60 15.19 -8.98
C ALA A 49 -7.22 14.05 -8.02
N VAL A 50 -6.41 14.41 -7.04
CA VAL A 50 -5.99 13.45 -5.98
C VAL A 50 -7.08 13.27 -4.89
N SER A 51 -7.65 14.40 -4.44
CA SER A 51 -8.67 14.43 -3.40
C SER A 51 -9.93 13.70 -3.84
N LEU A 52 -10.38 13.98 -5.07
CA LEU A 52 -11.57 13.34 -5.59
C LEU A 52 -11.36 11.84 -5.72
N ALA A 53 -10.21 11.44 -6.29
CA ALA A 53 -9.86 10.04 -6.45
C ALA A 53 -9.89 9.26 -5.14
N LEU A 54 -9.81 9.98 -4.02
CA LEU A 54 -9.85 9.34 -2.71
C LEU A 54 -11.26 8.85 -2.41
N GLU A 55 -12.23 9.57 -2.93
CA GLU A 55 -13.63 9.24 -2.73
C GLU A 55 -14.19 8.55 -3.96
N GLY A 56 -13.28 8.03 -4.77
CA GLY A 56 -13.64 7.33 -5.99
C GLY A 56 -13.08 5.92 -6.00
N LYS A 57 -13.26 5.21 -7.11
CA LYS A 57 -12.77 3.83 -7.20
C LYS A 57 -11.24 3.78 -7.19
N ALA A 58 -10.72 2.61 -6.85
CA ALA A 58 -9.27 2.40 -6.80
C ALA A 58 -8.65 2.54 -8.19
N SER A 59 -9.38 2.12 -9.22
CA SER A 59 -8.93 2.21 -10.60
C SER A 59 -8.72 3.67 -10.99
N HIS A 60 -9.55 4.51 -10.39
CA HIS A 60 -9.51 5.94 -10.61
C HIS A 60 -8.34 6.60 -9.89
N ARG A 61 -7.73 5.85 -8.94
CA ARG A 61 -6.56 6.35 -8.22
C ARG A 61 -5.23 6.18 -8.98
N GLU A 62 -4.83 4.92 -9.26
CA GLU A 62 -3.58 4.60 -10.00
C GLU A 62 -3.48 5.38 -11.31
N MET A 63 -4.62 5.55 -11.95
CA MET A 63 -4.68 6.28 -13.21
C MET A 63 -4.41 7.77 -13.01
N THR A 64 -4.53 8.25 -11.76
CA THR A 64 -4.27 9.66 -11.48
C THR A 64 -2.78 9.98 -11.67
N SER A 65 -1.92 9.10 -11.18
CA SER A 65 -0.47 9.26 -11.31
C SER A 65 -0.04 9.44 -12.77
N LYS A 66 -0.82 8.89 -13.69
CA LYS A 66 -0.52 9.02 -15.12
C LYS A 66 -0.50 10.49 -15.51
N LEU A 67 -1.39 11.26 -14.88
CA LEU A 67 -1.49 12.69 -15.14
C LEU A 67 -0.30 13.42 -14.55
N LEU A 68 0.10 13.04 -13.33
CA LEU A 68 1.21 13.67 -12.65
C LEU A 68 2.49 13.66 -13.49
N SER A 69 3.03 12.48 -13.76
CA SER A 69 4.23 12.34 -14.57
C SER A 69 4.12 12.96 -15.95
N ASP A 70 2.88 13.07 -16.45
CA ASP A 70 2.66 13.68 -17.74
C ASP A 70 2.76 15.20 -17.68
N LEU A 71 2.14 15.76 -16.64
CA LEU A 71 2.10 17.21 -16.43
C LEU A 71 3.48 17.80 -16.24
N CYS A 72 4.27 17.26 -15.31
CA CYS A 72 5.60 17.78 -15.04
C CYS A 72 6.53 17.56 -16.23
N GLY A 73 7.24 18.63 -16.58
CA GLY A 73 8.17 18.57 -17.69
C GLY A 73 7.55 19.15 -18.92
N THR A 74 6.22 19.19 -18.92
CA THR A 74 5.46 19.71 -20.03
C THR A 74 4.86 21.08 -19.68
N VAL A 75 4.03 21.13 -18.65
CA VAL A 75 3.41 22.38 -18.23
C VAL A 75 3.62 22.63 -16.74
N MET A 76 4.26 21.68 -16.05
CA MET A 76 4.51 21.81 -14.62
C MET A 76 5.96 21.52 -14.30
N SER A 77 6.42 22.05 -13.19
CA SER A 77 7.80 21.84 -12.76
C SER A 77 7.85 20.95 -11.53
N THR A 78 8.98 20.29 -11.32
CA THR A 78 9.18 19.42 -10.16
C THR A 78 8.88 20.15 -8.84
N THR A 79 9.18 21.44 -8.79
CA THR A 79 8.91 22.22 -7.59
C THR A 79 7.40 22.39 -7.44
N ASP A 80 6.73 22.62 -8.56
CA ASP A 80 5.28 22.77 -8.60
C ASP A 80 4.63 21.49 -8.06
N VAL A 81 5.17 20.35 -8.49
CA VAL A 81 4.66 19.05 -8.05
C VAL A 81 4.86 18.89 -6.54
N GLU A 82 6.03 19.27 -6.06
CA GLU A 82 6.35 19.19 -4.64
C GLU A 82 5.42 20.08 -3.83
N LYS A 83 5.18 21.29 -4.31
CA LYS A 83 4.30 22.23 -3.66
C LYS A 83 2.85 21.74 -3.66
N SER A 84 2.52 20.88 -4.62
CA SER A 84 1.18 20.33 -4.70
C SER A 84 0.94 19.36 -3.56
N PHE A 85 1.94 18.52 -3.29
CA PHE A 85 1.85 17.54 -2.22
C PHE A 85 1.71 18.21 -0.86
N ASP A 86 2.41 19.34 -0.67
CA ASP A 86 2.36 20.08 0.59
C ASP A 86 0.92 20.51 0.87
N LYS A 87 0.35 21.20 -0.12
CA LYS A 87 -1.02 21.68 -0.02
C LYS A 87 -1.99 20.53 0.23
N LEU A 88 -1.69 19.39 -0.38
CA LEU A 88 -2.52 18.20 -0.23
C LEU A 88 -2.44 17.69 1.20
N LEU A 89 -1.23 17.46 1.68
CA LEU A 89 -1.00 16.99 3.04
C LEU A 89 -1.73 17.83 4.09
N LYS A 90 -1.78 19.14 3.88
CA LYS A 90 -2.47 20.02 4.82
C LYS A 90 -3.98 19.85 4.76
N ASP A 91 -4.47 19.42 3.61
CA ASP A 91 -5.90 19.20 3.41
C ASP A 91 -6.35 17.85 3.98
N LEU A 92 -5.46 16.84 3.91
CA LEU A 92 -5.72 15.48 4.41
C LEU A 92 -6.63 15.36 5.64
N PRO A 93 -6.36 16.09 6.76
CA PRO A 93 -7.20 16.02 7.97
C PRO A 93 -8.67 16.31 7.71
N GLU A 94 -8.94 17.10 6.69
CA GLU A 94 -10.31 17.44 6.31
C GLU A 94 -10.95 16.37 5.43
N LEU A 95 -10.09 15.55 4.77
CA LEU A 95 -10.55 14.48 3.89
C LEU A 95 -10.84 13.18 4.69
N ALA A 96 -10.12 12.99 5.81
CA ALA A 96 -10.28 11.78 6.67
C ALA A 96 -11.60 11.80 7.41
N LEU A 97 -12.33 12.89 7.20
CA LEU A 97 -13.61 13.09 7.79
C LEU A 97 -14.64 12.27 7.03
N ASP A 98 -14.32 11.83 5.79
CA ASP A 98 -15.27 11.01 5.08
C ASP A 98 -14.72 9.57 4.83
N THR A 99 -13.50 9.52 4.29
CA THR A 99 -12.81 8.25 3.99
C THR A 99 -11.67 8.06 4.96
N PRO A 100 -11.84 7.15 5.91
CA PRO A 100 -10.82 6.90 6.92
C PRO A 100 -9.55 6.35 6.31
N ARG A 101 -9.67 5.80 5.12
CA ARG A 101 -8.54 5.21 4.42
C ARG A 101 -7.91 6.22 3.46
N ALA A 102 -8.53 7.41 3.36
CA ALA A 102 -8.03 8.47 2.47
C ALA A 102 -6.55 8.79 2.71
N PRO A 103 -6.13 9.09 3.96
CA PRO A 103 -4.74 9.38 4.27
C PRO A 103 -3.81 8.24 3.84
N GLN A 104 -4.22 7.00 4.10
CA GLN A 104 -3.46 5.81 3.71
C GLN A 104 -3.18 5.77 2.21
N LEU A 105 -4.17 6.15 1.42
CA LEU A 105 -4.01 6.16 -0.04
C LEU A 105 -3.03 7.25 -0.46
N VAL A 106 -3.14 8.39 0.22
CA VAL A 106 -2.25 9.53 -0.05
C VAL A 106 -0.79 9.10 -0.07
N GLY A 107 -0.40 8.24 0.87
CA GLY A 107 0.96 7.76 0.93
C GLY A 107 1.42 7.10 -0.37
N GLN A 108 0.51 6.35 -1.00
CA GLN A 108 0.82 5.68 -2.25
C GLN A 108 1.10 6.69 -3.35
N PHE A 109 0.41 7.82 -3.27
CA PHE A 109 0.57 8.89 -4.24
C PHE A 109 1.96 9.51 -4.12
N ILE A 110 2.45 9.68 -2.88
CA ILE A 110 3.76 10.24 -2.63
C ILE A 110 4.82 9.30 -3.16
N ALA A 111 4.67 8.02 -2.81
CA ALA A 111 5.61 6.99 -3.25
C ALA A 111 5.72 6.96 -4.78
N ARG A 112 4.59 7.04 -5.45
CA ARG A 112 4.54 7.03 -6.90
C ARG A 112 5.33 8.21 -7.47
N ALA A 113 5.17 9.36 -6.84
CA ALA A 113 5.86 10.58 -7.28
C ALA A 113 7.37 10.39 -7.35
N VAL A 114 7.93 9.81 -6.30
CA VAL A 114 9.37 9.58 -6.25
C VAL A 114 9.78 8.51 -7.27
N GLY A 115 8.97 7.46 -7.35
CA GLY A 115 9.26 6.39 -8.28
C GLY A 115 9.36 6.87 -9.72
N ASP A 116 8.40 7.68 -10.14
CA ASP A 116 8.40 8.22 -11.49
C ASP A 116 9.49 9.27 -11.67
N GLY A 117 9.74 10.05 -10.63
CA GLY A 117 10.79 11.06 -10.70
C GLY A 117 10.26 12.49 -10.75
N ILE A 118 9.22 12.77 -9.97
CA ILE A 118 8.65 14.11 -9.93
C ILE A 118 8.64 14.68 -8.52
N LEU A 119 9.22 13.94 -7.59
CA LEU A 119 9.29 14.36 -6.20
C LEU A 119 10.62 13.96 -5.57
N CYS A 120 11.12 14.79 -4.66
CA CYS A 120 12.36 14.51 -3.98
C CYS A 120 12.21 13.36 -2.98
N ASN A 121 13.25 12.57 -2.86
CA ASN A 121 13.24 11.44 -1.94
C ASN A 121 13.33 11.91 -0.50
N THR A 122 14.04 13.01 -0.29
CA THR A 122 14.23 13.59 1.03
C THR A 122 12.97 14.33 1.49
N TYR A 123 11.90 14.27 0.69
CA TYR A 123 10.64 14.93 1.03
C TYR A 123 10.10 14.32 2.32
N ILE A 124 10.18 13.00 2.40
CA ILE A 124 9.72 12.26 3.58
C ILE A 124 10.56 12.66 4.78
N ASP A 125 11.88 12.72 4.58
CA ASP A 125 12.82 13.08 5.65
C ASP A 125 12.54 14.48 6.18
N SER A 126 12.16 15.37 5.28
CA SER A 126 11.84 16.74 5.62
C SER A 126 10.61 16.83 6.55
N TYR A 127 9.73 15.81 6.51
CA TYR A 127 8.48 15.75 7.34
C TYR A 127 8.56 14.68 8.47
N LYS A 128 9.79 14.19 8.60
CA LYS A 128 10.28 13.20 9.58
C LYS A 128 10.28 13.56 11.09
N GLY A 129 9.10 13.93 11.61
CA GLY A 129 9.05 14.30 13.02
C GLY A 129 8.81 15.78 13.14
N THR A 130 8.71 16.42 11.99
CA THR A 130 8.43 17.84 11.92
C THR A 130 6.95 18.08 11.67
N VAL A 131 6.12 17.05 11.83
CA VAL A 131 4.69 17.17 11.61
C VAL A 131 3.91 16.97 12.91
N ASP A 132 2.98 17.86 13.19
CA ASP A 132 2.18 17.78 14.39
C ASP A 132 0.83 17.10 14.12
N CYS A 133 0.58 16.72 12.87
CA CYS A 133 -0.68 16.08 12.52
C CYS A 133 -0.47 14.58 12.31
N VAL A 134 -1.31 13.76 12.96
CA VAL A 134 -1.20 12.30 12.84
C VAL A 134 -1.74 11.78 11.50
N GLN A 135 -2.59 12.57 10.85
CA GLN A 135 -3.17 12.17 9.57
C GLN A 135 -2.10 12.21 8.48
N ALA A 136 -1.36 13.29 8.46
CA ALA A 136 -0.29 13.46 7.49
C ALA A 136 0.90 12.55 7.82
N ARG A 137 1.04 12.22 9.10
CA ARG A 137 2.13 11.37 9.56
C ARG A 137 2.07 9.99 8.93
N ALA A 138 0.93 9.31 9.05
CA ALA A 138 0.79 7.97 8.49
C ALA A 138 0.94 7.97 6.97
N ALA A 139 0.58 9.08 6.35
CA ALA A 139 0.68 9.21 4.90
C ALA A 139 2.15 9.18 4.46
N LEU A 140 3.01 9.86 5.22
CA LEU A 140 4.44 9.91 4.93
C LEU A 140 5.11 8.57 5.26
N ASP A 141 4.56 7.93 6.29
CA ASP A 141 5.05 6.64 6.80
C ASP A 141 4.59 5.50 5.88
N LYS A 142 3.61 5.91 5.06
CA LYS A 142 3.05 5.03 3.97
C LYS A 142 3.97 4.92 2.72
N ALA A 143 4.71 5.99 2.43
CA ALA A 143 5.54 6.09 1.22
C ALA A 143 6.76 5.17 1.16
N THR A 144 7.54 5.13 2.22
CA THR A 144 8.74 4.32 2.25
C THR A 144 8.41 2.84 2.12
N VAL A 145 7.54 2.38 3.01
CA VAL A 145 7.12 1.00 3.02
C VAL A 145 6.66 0.53 1.63
N LEU A 146 5.85 1.34 0.97
CA LEU A 146 5.37 1.01 -0.36
C LEU A 146 6.48 1.06 -1.40
N LEU A 147 7.41 1.99 -1.21
CA LEU A 147 8.56 2.15 -2.11
C LEU A 147 9.50 0.96 -1.99
N SER A 148 9.43 0.29 -0.86
CA SER A 148 10.26 -0.87 -0.61
C SER A 148 9.71 -2.10 -1.34
N MET A 149 8.39 -2.30 -1.21
CA MET A 149 7.72 -3.44 -1.83
C MET A 149 7.66 -3.34 -3.35
N SER A 150 7.49 -2.12 -3.86
CA SER A 150 7.44 -1.91 -5.29
C SER A 150 8.75 -2.31 -5.95
N LYS A 151 9.82 -2.34 -5.16
CA LYS A 151 11.13 -2.71 -5.65
C LYS A 151 11.39 -4.19 -5.41
N GLY A 152 10.95 -4.70 -4.27
CA GLY A 152 11.14 -6.11 -3.96
C GLY A 152 10.40 -7.01 -4.94
N GLY A 153 9.14 -6.68 -5.18
CA GLY A 153 8.32 -7.46 -6.11
C GLY A 153 8.37 -6.95 -7.53
N LYS A 154 9.53 -6.44 -7.92
CA LYS A 154 9.71 -5.92 -9.27
C LYS A 154 9.61 -7.02 -10.32
N ARG A 155 8.82 -6.75 -11.35
CA ARG A 155 8.65 -7.69 -12.45
C ARG A 155 8.32 -6.92 -13.72
N LYS A 156 7.05 -6.60 -13.91
CA LYS A 156 6.61 -5.86 -15.09
C LYS A 156 6.65 -4.37 -14.80
N ASP A 157 7.83 -3.86 -14.48
CA ASP A 157 8.01 -2.45 -14.15
C ASP A 157 8.25 -1.62 -15.42
N SER A 158 8.33 -2.28 -16.55
CA SER A 158 8.55 -1.62 -17.82
C SER A 158 7.90 -2.42 -18.94
N VAL A 159 6.84 -1.87 -19.51
CA VAL A 159 6.10 -2.54 -20.57
C VAL A 159 6.77 -2.35 -21.93
N TRP A 160 6.52 -1.20 -22.54
CA TRP A 160 7.08 -0.91 -23.85
C TRP A 160 7.80 0.44 -23.86
N GLY A 161 7.06 1.49 -23.56
CA GLY A 161 7.63 2.83 -23.54
C GLY A 161 6.72 3.81 -24.23
N SER A 162 6.42 3.54 -25.48
CA SER A 162 5.53 4.38 -26.26
C SER A 162 4.08 3.93 -26.06
N GLY A 163 3.94 2.86 -25.30
CA GLY A 163 2.63 2.32 -25.02
C GLY A 163 2.70 1.30 -23.91
N GLY B 1 -0.33 1.41 -25.09
CA GLY B 1 -1.77 1.23 -24.76
C GLY B 1 -2.29 -0.13 -25.17
N GLY B 2 -3.60 -0.28 -25.18
CA GLY B 2 -4.20 -1.55 -25.55
C GLY B 2 -5.19 -2.02 -24.52
N GLN B 3 -5.99 -3.01 -24.87
CA GLN B 3 -6.99 -3.56 -23.96
C GLN B 3 -6.47 -4.85 -23.34
N GLN B 4 -5.69 -4.72 -22.28
CA GLN B 4 -5.11 -5.87 -21.59
C GLN B 4 -5.74 -6.08 -20.22
N PRO B 5 -5.82 -7.34 -19.76
CA PRO B 5 -6.38 -7.67 -18.44
C PRO B 5 -5.58 -7.05 -17.31
N VAL B 6 -6.23 -6.79 -16.19
CA VAL B 6 -5.58 -6.17 -15.04
C VAL B 6 -4.54 -7.08 -14.38
N ASN B 7 -3.61 -6.45 -13.68
CA ASN B 7 -2.54 -7.17 -13.00
C ASN B 7 -3.04 -7.78 -11.69
N HIS B 8 -2.44 -8.88 -11.30
CA HIS B 8 -2.77 -9.56 -10.07
C HIS B 8 -1.59 -10.40 -9.61
N LEU B 9 -1.63 -10.89 -8.36
CA LEU B 9 -0.54 -11.67 -7.78
C LEU B 9 0.72 -10.83 -7.55
N VAL B 10 1.26 -10.26 -8.62
CA VAL B 10 2.46 -9.45 -8.52
C VAL B 10 2.17 -8.17 -7.76
N LYS B 11 2.87 -7.98 -6.64
CA LYS B 11 2.71 -6.79 -5.79
C LYS B 11 1.30 -6.75 -5.17
N GLU B 12 0.68 -7.90 -5.09
CA GLU B 12 -0.67 -8.03 -4.53
C GLU B 12 -0.63 -8.63 -3.12
N ILE B 13 -0.46 -9.94 -3.04
CA ILE B 13 -0.44 -10.65 -1.77
C ILE B 13 0.80 -10.29 -0.95
N ASP B 14 1.96 -10.33 -1.61
CA ASP B 14 3.23 -10.00 -0.96
C ASP B 14 3.22 -8.62 -0.32
N MET B 15 2.67 -7.65 -1.04
CA MET B 15 2.59 -6.28 -0.53
C MET B 15 1.80 -6.18 0.77
N LEU B 16 0.64 -6.84 0.82
CA LEU B 16 -0.21 -6.80 2.00
C LEU B 16 0.56 -7.28 3.23
N LEU B 17 1.48 -8.22 3.01
CA LEU B 17 2.29 -8.76 4.10
C LEU B 17 3.36 -7.79 4.57
N LYS B 18 4.20 -7.33 3.64
CA LYS B 18 5.29 -6.41 3.96
C LYS B 18 4.79 -5.04 4.44
N GLU B 19 3.63 -4.63 3.93
CA GLU B 19 3.04 -3.34 4.31
C GLU B 19 2.77 -3.31 5.80
N TYR B 20 2.38 -4.48 6.31
CA TYR B 20 2.10 -4.64 7.73
C TYR B 20 3.40 -4.71 8.53
N LEU B 21 4.44 -5.27 7.90
CA LEU B 21 5.75 -5.43 8.52
C LEU B 21 6.39 -4.09 8.89
N LEU B 22 6.32 -3.11 8.00
CA LEU B 22 6.93 -1.81 8.25
C LEU B 22 5.96 -0.81 8.89
N SER B 23 4.83 -0.57 8.23
CA SER B 23 3.85 0.39 8.74
C SER B 23 3.24 -0.09 10.05
N GLY B 24 2.62 -1.28 10.04
CA GLY B 24 2.01 -1.79 11.24
C GLY B 24 0.52 -1.53 11.29
N ASP B 25 -0.06 -1.31 10.12
CA ASP B 25 -1.48 -1.04 10.01
C ASP B 25 -2.27 -2.33 9.79
N ILE B 26 -2.98 -2.76 10.81
CA ILE B 26 -3.78 -3.97 10.74
C ILE B 26 -4.97 -3.76 9.80
N SER B 27 -5.80 -2.76 10.14
CA SER B 27 -6.97 -2.39 9.35
C SER B 27 -6.67 -2.28 7.85
N GLU B 28 -5.46 -1.86 7.50
CA GLU B 28 -5.10 -1.70 6.10
C GLU B 28 -4.87 -3.06 5.44
N ALA B 29 -4.06 -3.90 6.07
CA ALA B 29 -3.78 -5.22 5.52
C ALA B 29 -5.06 -6.04 5.52
N GLU B 30 -5.88 -5.84 6.54
CA GLU B 30 -7.14 -6.56 6.67
C GLU B 30 -8.14 -6.15 5.59
N HIS B 31 -8.32 -4.84 5.42
CA HIS B 31 -9.25 -4.33 4.40
C HIS B 31 -8.83 -4.77 3.01
N CYS B 32 -7.52 -4.89 2.81
CA CYS B 32 -6.98 -5.31 1.52
C CYS B 32 -7.26 -6.80 1.28
N LEU B 33 -7.11 -7.60 2.35
CA LEU B 33 -7.36 -9.04 2.28
C LEU B 33 -8.84 -9.29 2.06
N LYS B 34 -9.62 -8.35 2.61
CA LYS B 34 -11.09 -8.33 2.48
C LYS B 34 -11.60 -7.92 1.09
N GLU B 35 -10.70 -7.24 0.37
CA GLU B 35 -11.00 -6.79 -1.01
C GLU B 35 -10.91 -7.92 -2.07
N LEU B 36 -10.13 -8.95 -1.75
CA LEU B 36 -9.93 -10.12 -2.63
C LEU B 36 -11.26 -10.79 -3.01
N GLU B 37 -11.19 -11.85 -3.79
CA GLU B 37 -12.39 -12.52 -4.22
C GLU B 37 -12.59 -13.86 -3.52
N VAL B 38 -11.59 -14.72 -3.58
CA VAL B 38 -11.66 -16.03 -2.95
C VAL B 38 -10.81 -16.12 -1.68
N PRO B 39 -11.45 -16.43 -0.54
CA PRO B 39 -10.75 -16.58 0.73
C PRO B 39 -9.94 -17.87 0.77
N HIS B 40 -10.19 -18.73 -0.21
CA HIS B 40 -9.52 -20.02 -0.31
C HIS B 40 -8.04 -19.83 -0.63
N PHE B 41 -7.72 -18.73 -1.31
CA PHE B 41 -6.35 -18.42 -1.69
C PHE B 41 -5.62 -17.67 -0.57
N HIS B 42 -6.32 -17.47 0.53
CA HIS B 42 -5.75 -16.75 1.68
C HIS B 42 -4.65 -17.53 2.39
N HIS B 43 -4.42 -18.76 1.94
CA HIS B 43 -3.40 -19.62 2.53
C HIS B 43 -1.98 -19.15 2.21
N GLU B 44 -1.80 -18.52 1.05
CA GLU B 44 -0.47 -18.03 0.65
C GLU B 44 0.06 -16.97 1.61
N LEU B 45 -0.82 -16.10 2.10
CA LEU B 45 -0.42 -15.05 3.03
C LEU B 45 0.09 -15.70 4.32
N VAL B 46 -0.77 -16.50 4.93
CA VAL B 46 -0.44 -17.22 6.16
C VAL B 46 0.91 -17.90 6.06
N TYR B 47 1.10 -18.68 5.00
CA TYR B 47 2.36 -19.39 4.78
C TYR B 47 3.55 -18.42 4.75
N GLU B 48 3.40 -17.34 4.01
CA GLU B 48 4.44 -16.33 3.87
C GLU B 48 4.80 -15.70 5.21
N ALA B 49 3.79 -15.28 5.95
CA ALA B 49 3.97 -14.64 7.25
C ALA B 49 4.75 -15.51 8.21
N ILE B 50 4.61 -16.82 8.07
CA ILE B 50 5.33 -17.76 8.92
C ILE B 50 6.80 -17.79 8.53
N VAL B 51 7.07 -17.83 7.21
CA VAL B 51 8.43 -17.85 6.69
C VAL B 51 9.19 -16.59 7.12
N MET B 52 8.53 -15.45 7.03
CA MET B 52 9.13 -14.18 7.43
C MET B 52 9.66 -14.26 8.85
N VAL B 53 8.79 -14.62 9.79
CA VAL B 53 9.17 -14.76 11.20
C VAL B 53 10.46 -15.56 11.40
N LEU B 54 10.66 -16.56 10.56
CA LEU B 54 11.84 -17.42 10.67
C LEU B 54 13.08 -16.77 10.07
N GLU B 55 12.88 -15.90 9.09
CA GLU B 55 13.98 -15.21 8.42
C GLU B 55 14.14 -13.77 8.91
N SER B 56 13.43 -13.42 9.98
CA SER B 56 13.49 -12.07 10.52
C SER B 56 14.21 -12.03 11.86
N THR B 57 15.26 -11.22 11.92
CA THR B 57 16.05 -11.07 13.13
C THR B 57 15.41 -10.03 14.04
N GLY B 58 14.92 -10.49 15.19
CA GLY B 58 14.28 -9.58 16.14
C GLY B 58 12.91 -10.06 16.59
N GLU B 59 12.63 -9.85 17.87
CA GLU B 59 11.36 -10.25 18.46
C GLU B 59 10.20 -9.43 17.91
N SER B 60 10.54 -8.30 17.28
CA SER B 60 9.56 -7.41 16.70
C SER B 60 8.70 -8.15 15.67
N ALA B 61 9.36 -8.96 14.84
CA ALA B 61 8.69 -9.71 13.80
C ALA B 61 7.60 -10.61 14.38
N PHE B 62 7.97 -11.45 15.36
CA PHE B 62 7.03 -12.37 16.00
C PHE B 62 5.79 -11.66 16.51
N LYS B 63 5.97 -10.78 17.48
CA LYS B 63 4.84 -10.02 18.06
C LYS B 63 3.98 -9.32 17.01
N MET B 64 4.60 -8.85 15.95
CA MET B 64 3.87 -8.16 14.89
C MET B 64 3.08 -9.14 14.03
N ILE B 65 3.74 -10.22 13.60
CA ILE B 65 3.11 -11.21 12.73
C ILE B 65 2.03 -12.02 13.44
N LEU B 66 2.36 -12.64 14.57
CA LEU B 66 1.39 -13.46 15.31
C LEU B 66 0.10 -12.72 15.60
N ASP B 67 0.20 -11.45 15.95
CA ASP B 67 -0.98 -10.65 16.25
C ASP B 67 -1.85 -10.46 15.01
N LEU B 68 -1.19 -10.42 13.84
CA LEU B 68 -1.90 -10.24 12.59
C LEU B 68 -2.80 -11.40 12.27
N LEU B 69 -2.32 -12.63 12.46
CA LEU B 69 -3.11 -13.81 12.17
C LEU B 69 -4.28 -13.88 13.13
N LYS B 70 -3.97 -13.77 14.41
CA LYS B 70 -4.99 -13.78 15.46
C LYS B 70 -6.05 -12.71 15.20
N SER B 71 -5.62 -11.60 14.59
CA SER B 71 -6.54 -10.51 14.28
C SER B 71 -7.43 -10.94 13.14
N LEU B 72 -6.82 -11.57 12.13
CA LEU B 72 -7.56 -12.06 10.97
C LEU B 72 -8.57 -13.13 11.39
N TRP B 73 -8.16 -14.00 12.31
CA TRP B 73 -9.03 -15.05 12.82
C TRP B 73 -10.20 -14.42 13.56
N LYS B 74 -9.89 -13.48 14.45
CA LYS B 74 -10.94 -12.77 15.21
C LYS B 74 -12.02 -12.19 14.30
N SER B 75 -11.62 -11.73 13.13
CA SER B 75 -12.56 -11.15 12.17
C SER B 75 -13.11 -12.24 11.24
N SER B 76 -12.80 -13.48 11.58
CA SER B 76 -13.22 -14.67 10.82
C SER B 76 -12.81 -14.56 9.36
N THR B 77 -11.52 -14.36 9.14
CA THR B 77 -10.98 -14.23 7.79
C THR B 77 -10.17 -15.46 7.36
N ILE B 78 -9.39 -16.01 8.27
CA ILE B 78 -8.59 -17.19 7.97
C ILE B 78 -9.37 -18.46 8.29
N THR B 79 -9.40 -19.39 7.35
CA THR B 79 -10.12 -20.65 7.52
C THR B 79 -9.18 -21.73 8.08
N ILE B 80 -9.73 -22.62 8.90
CA ILE B 80 -8.95 -23.70 9.52
C ILE B 80 -8.15 -24.53 8.51
N ASP B 81 -8.78 -24.93 7.42
CA ASP B 81 -8.09 -25.72 6.41
C ASP B 81 -7.04 -24.88 5.68
N GLN B 82 -7.34 -23.61 5.52
CA GLN B 82 -6.41 -22.69 4.87
C GLN B 82 -5.15 -22.55 5.71
N MET B 83 -5.33 -22.44 7.03
CA MET B 83 -4.19 -22.32 7.95
C MET B 83 -3.44 -23.66 8.00
N LYS B 84 -4.18 -24.74 7.85
CA LYS B 84 -3.62 -26.09 7.85
C LYS B 84 -2.61 -26.24 6.72
N ARG B 85 -3.04 -25.90 5.52
CA ARG B 85 -2.21 -25.99 4.33
C ARG B 85 -0.97 -25.11 4.48
N GLY B 86 -1.12 -24.02 5.22
CA GLY B 86 0.00 -23.12 5.44
C GLY B 86 1.02 -23.72 6.40
N TYR B 87 0.54 -24.36 7.45
CA TYR B 87 1.42 -24.96 8.44
C TYR B 87 2.07 -26.24 7.91
N GLU B 88 1.29 -27.05 7.21
CA GLU B 88 1.81 -28.31 6.64
C GLU B 88 2.92 -28.02 5.65
N ARG B 89 2.83 -26.85 5.00
CA ARG B 89 3.85 -26.44 4.04
C ARG B 89 5.15 -26.13 4.78
N ILE B 90 5.04 -25.40 5.89
CA ILE B 90 6.21 -25.02 6.70
C ILE B 90 6.99 -26.26 7.11
N TYR B 91 6.26 -27.33 7.47
CA TYR B 91 6.88 -28.58 7.87
C TYR B 91 7.72 -29.18 6.74
N ASN B 92 7.38 -28.82 5.49
CA ASN B 92 8.12 -29.30 4.33
C ASN B 92 9.26 -28.34 3.99
N GLU B 93 9.03 -27.05 4.22
CA GLU B 93 10.02 -26.02 3.92
C GLU B 93 11.19 -26.04 4.89
N ILE B 94 10.91 -26.37 6.16
CA ILE B 94 11.95 -26.43 7.19
C ILE B 94 13.21 -27.19 6.76
N PRO B 95 13.11 -28.46 6.31
CA PRO B 95 14.28 -29.24 5.88
C PRO B 95 15.11 -28.52 4.82
N ASP B 96 14.45 -27.78 3.93
CA ASP B 96 15.14 -27.05 2.87
C ASP B 96 15.79 -25.77 3.41
N ILE B 97 15.05 -25.06 4.24
CA ILE B 97 15.52 -23.80 4.83
C ILE B 97 16.63 -24.05 5.86
N ASN B 98 16.51 -25.15 6.60
CA ASN B 98 17.51 -25.48 7.61
C ASN B 98 18.67 -26.26 7.02
N LEU B 99 18.37 -27.30 6.25
CA LEU B 99 19.39 -28.15 5.64
C LEU B 99 20.35 -28.70 6.71
N ASP B 100 19.79 -29.51 7.62
CA ASP B 100 20.55 -30.11 8.73
C ASP B 100 20.86 -29.06 9.78
N VAL B 101 21.27 -29.51 10.97
CA VAL B 101 21.55 -28.59 12.09
C VAL B 101 20.35 -27.68 12.34
N PRO B 102 19.23 -28.25 12.79
CA PRO B 102 18.00 -27.50 13.01
C PRO B 102 17.96 -26.75 14.34
N HIS B 103 18.67 -25.64 14.41
CA HIS B 103 18.69 -24.81 15.62
C HIS B 103 17.44 -23.95 15.65
N SER B 104 16.71 -23.96 14.55
CA SER B 104 15.47 -23.20 14.44
C SER B 104 14.30 -23.93 15.08
N TYR B 105 14.57 -25.06 15.74
CA TYR B 105 13.53 -25.84 16.38
C TYR B 105 12.90 -25.09 17.56
N SER B 106 13.70 -24.32 18.28
CA SER B 106 13.21 -23.56 19.42
C SER B 106 12.13 -22.58 18.96
N VAL B 107 12.41 -21.90 17.86
CA VAL B 107 11.47 -20.93 17.29
C VAL B 107 10.23 -21.66 16.80
N LEU B 108 10.46 -22.67 15.97
CA LEU B 108 9.37 -23.47 15.40
C LEU B 108 8.41 -23.97 16.47
N GLU B 109 8.95 -24.59 17.52
CA GLU B 109 8.12 -25.11 18.60
C GLU B 109 7.34 -24.01 19.31
N ARG B 110 8.06 -23.00 19.80
CA ARG B 110 7.42 -21.88 20.49
C ARG B 110 6.30 -21.27 19.64
N PHE B 111 6.58 -21.03 18.37
CA PHE B 111 5.59 -20.48 17.45
C PHE B 111 4.34 -21.37 17.35
N VAL B 112 4.53 -22.68 17.21
CA VAL B 112 3.41 -23.61 17.08
C VAL B 112 2.64 -23.75 18.39
N GLU B 113 3.38 -23.92 19.49
CA GLU B 113 2.74 -24.07 20.79
C GLU B 113 1.89 -22.85 21.14
N GLU B 114 2.38 -21.66 20.78
CA GLU B 114 1.66 -20.42 21.04
C GLU B 114 0.39 -20.40 20.20
N CYS B 115 0.53 -20.71 18.91
CA CYS B 115 -0.62 -20.77 18.01
C CYS B 115 -1.68 -21.72 18.56
N PHE B 116 -1.26 -22.88 19.06
CA PHE B 116 -2.20 -23.82 19.63
C PHE B 116 -2.86 -23.24 20.88
N GLN B 117 -2.05 -22.62 21.75
CA GLN B 117 -2.56 -22.00 22.99
C GLN B 117 -3.64 -20.97 22.67
N ALA B 118 -3.47 -20.24 21.56
CA ALA B 118 -4.44 -19.25 21.15
C ALA B 118 -5.80 -19.89 20.88
N GLY B 119 -5.77 -21.16 20.44
CA GLY B 119 -6.98 -21.89 20.16
C GLY B 119 -7.47 -21.67 18.75
N ILE B 120 -6.55 -21.51 17.81
CA ILE B 120 -6.92 -21.30 16.42
C ILE B 120 -6.89 -22.61 15.61
N ILE B 121 -6.14 -23.59 16.10
CA ILE B 121 -5.99 -24.87 15.43
C ILE B 121 -5.98 -25.97 16.48
N SER B 122 -6.51 -27.14 16.17
CA SER B 122 -6.55 -28.23 17.12
C SER B 122 -5.22 -28.96 17.20
N LYS B 123 -5.19 -30.03 17.99
CA LYS B 123 -3.97 -30.83 18.16
C LYS B 123 -3.57 -31.58 16.90
N GLN B 124 -4.56 -31.92 16.08
CA GLN B 124 -4.31 -32.63 14.82
C GLN B 124 -3.22 -31.97 13.99
N LEU B 125 -3.28 -30.64 13.85
CA LEU B 125 -2.27 -29.93 13.08
C LEU B 125 -0.96 -29.89 13.85
N ARG B 126 -1.05 -29.74 15.16
CA ARG B 126 0.13 -29.70 16.00
C ARG B 126 0.87 -31.05 16.00
N ASP B 127 0.10 -32.13 15.78
CA ASP B 127 0.65 -33.47 15.72
C ASP B 127 1.59 -33.62 14.54
N LEU B 128 1.28 -32.91 13.45
CA LEU B 128 2.10 -32.97 12.24
C LEU B 128 3.40 -32.20 12.44
N CYS B 129 3.47 -31.47 13.54
CA CYS B 129 4.65 -30.70 13.89
C CYS B 129 5.65 -31.54 14.68
N PRO B 130 6.95 -31.42 14.39
CA PRO B 130 8.00 -32.18 15.10
C PRO B 130 8.19 -31.64 16.52
N SER B 131 7.26 -31.98 17.41
CA SER B 131 7.30 -31.53 18.80
C SER B 131 8.58 -32.00 19.51
N GLY A 1 2.68 29.66 -1.67
CA GLY A 1 2.03 30.97 -1.42
C GLY A 1 0.59 30.82 -1.02
N LEU A 2 -0.21 31.85 -1.27
CA LEU A 2 -1.62 31.83 -0.94
C LEU A 2 -2.45 31.70 -2.21
N PRO A 3 -3.33 30.69 -2.26
CA PRO A 3 -4.19 30.43 -3.42
C PRO A 3 -5.12 31.60 -3.74
N LEU A 4 -5.49 31.74 -4.99
CA LEU A 4 -6.37 32.81 -5.44
C LEU A 4 -7.59 32.21 -6.12
N ASP A 5 -8.77 32.69 -5.73
CA ASP A 5 -10.03 32.21 -6.30
C ASP A 5 -10.16 30.71 -6.12
N GLU A 6 -9.98 30.28 -4.87
CA GLU A 6 -10.03 28.85 -4.53
C GLU A 6 -11.32 28.17 -4.99
N ARG A 7 -12.47 28.70 -4.58
CA ARG A 7 -13.75 28.13 -4.95
C ARG A 7 -13.98 28.16 -6.46
N ALA A 8 -13.46 29.19 -7.11
CA ALA A 8 -13.60 29.33 -8.55
C ALA A 8 -12.77 28.26 -9.25
N PHE A 9 -11.54 28.09 -8.81
CA PHE A 9 -10.63 27.10 -9.39
C PHE A 9 -11.21 25.69 -9.24
N GLU A 10 -11.62 25.36 -8.02
CA GLU A 10 -12.19 24.05 -7.73
C GLU A 10 -13.40 23.78 -8.62
N LYS A 11 -14.37 24.68 -8.56
CA LYS A 11 -15.61 24.56 -9.34
C LYS A 11 -15.34 24.36 -10.83
N THR A 12 -14.36 25.10 -11.35
CA THR A 12 -14.03 25.01 -12.77
C THR A 12 -13.36 23.67 -13.12
N LEU A 13 -12.34 23.30 -12.36
CA LEU A 13 -11.60 22.06 -12.61
C LEU A 13 -12.39 20.77 -12.38
N THR A 14 -13.42 20.83 -11.53
CA THR A 14 -14.23 19.64 -11.22
C THR A 14 -14.67 18.84 -12.47
N PRO A 15 -15.46 19.45 -13.38
CA PRO A 15 -15.93 18.75 -14.59
C PRO A 15 -14.80 18.31 -15.51
N ILE A 16 -13.68 19.03 -15.47
CA ILE A 16 -12.52 18.71 -16.29
C ILE A 16 -11.91 17.38 -15.88
N ILE A 17 -11.55 17.28 -14.60
CA ILE A 17 -10.98 16.06 -14.05
C ILE A 17 -11.97 14.90 -14.19
N GLN A 18 -13.24 15.22 -14.07
CA GLN A 18 -14.30 14.22 -14.21
C GLN A 18 -14.29 13.65 -15.62
N GLU A 19 -14.34 14.55 -16.61
CA GLU A 19 -14.29 14.15 -18.03
C GLU A 19 -13.01 13.37 -18.35
N TYR A 20 -11.94 13.66 -17.61
CA TYR A 20 -10.66 13.00 -17.82
C TYR A 20 -10.76 11.49 -17.59
N PHE A 21 -11.17 11.11 -16.38
CA PHE A 21 -11.33 9.70 -16.03
C PHE A 21 -12.19 8.93 -17.02
N GLU A 22 -13.20 9.61 -17.57
CA GLU A 22 -14.09 8.99 -18.54
C GLU A 22 -13.47 8.94 -19.95
N HIS A 23 -12.24 9.44 -20.09
CA HIS A 23 -11.58 9.45 -21.39
C HIS A 23 -10.19 8.82 -21.36
N GLY A 24 -9.23 9.51 -20.73
CA GLY A 24 -7.88 9.01 -20.66
C GLY A 24 -6.93 9.82 -21.53
N ASP A 25 -7.25 11.09 -21.76
CA ASP A 25 -6.41 11.96 -22.59
C ASP A 25 -5.45 12.79 -21.76
N THR A 26 -4.20 12.35 -21.74
CA THR A 26 -3.14 13.03 -21.01
C THR A 26 -2.90 14.47 -21.48
N ASN A 27 -2.95 14.70 -22.79
CA ASN A 27 -2.70 16.02 -23.36
C ASN A 27 -3.88 16.97 -23.12
N GLU A 28 -5.07 16.45 -23.36
CA GLU A 28 -6.31 17.22 -23.20
C GLU A 28 -6.33 18.00 -21.88
N VAL A 29 -5.83 17.39 -20.82
CA VAL A 29 -5.78 18.04 -19.52
C VAL A 29 -4.82 19.24 -19.55
N ALA A 30 -3.65 19.05 -20.15
CA ALA A 30 -2.63 20.10 -20.23
C ALA A 30 -3.17 21.33 -20.97
N GLU A 31 -3.80 21.11 -22.12
CA GLU A 31 -4.38 22.19 -22.92
C GLU A 31 -5.22 23.14 -22.07
N MET A 32 -6.08 22.58 -21.24
CA MET A 32 -6.96 23.38 -20.38
C MET A 32 -6.16 24.08 -19.28
N LEU A 33 -5.09 23.43 -18.81
CA LEU A 33 -4.26 23.99 -17.77
C LEU A 33 -3.61 25.29 -18.24
N ARG A 34 -2.97 25.25 -19.41
CA ARG A 34 -2.33 26.44 -19.98
C ARG A 34 -3.37 27.52 -20.22
N ASP A 35 -4.51 27.08 -20.76
CA ASP A 35 -5.65 27.97 -21.03
C ASP A 35 -5.97 28.83 -19.81
N LEU A 36 -5.90 28.23 -18.64
CA LEU A 36 -6.16 28.94 -17.40
C LEU A 36 -4.95 29.78 -17.02
N ASN A 37 -3.77 29.21 -17.22
CA ASN A 37 -2.49 29.87 -16.92
C ASN A 37 -2.42 30.34 -15.47
N LEU A 38 -2.02 29.44 -14.59
CA LEU A 38 -1.92 29.76 -13.18
C LEU A 38 -0.49 29.61 -12.68
N GLY A 39 -0.16 30.35 -11.64
CA GLY A 39 1.16 30.28 -11.06
C GLY A 39 1.21 29.30 -9.90
N GLU A 40 0.97 29.79 -8.69
CA GLU A 40 0.97 28.92 -7.51
C GLU A 40 -0.28 28.06 -7.49
N MET A 41 -1.34 28.55 -8.12
CA MET A 41 -2.60 27.81 -8.18
C MET A 41 -2.46 26.59 -9.07
N LYS A 42 -1.36 26.56 -9.83
CA LYS A 42 -1.08 25.44 -10.71
C LYS A 42 -0.68 24.23 -9.88
N SER A 43 -0.17 24.49 -8.68
CA SER A 43 0.24 23.43 -7.78
C SER A 43 -0.96 22.74 -7.14
N GLY A 44 -2.16 23.08 -7.57
CA GLY A 44 -3.34 22.45 -7.03
C GLY A 44 -3.96 21.52 -8.05
N VAL A 45 -3.13 20.99 -8.93
CA VAL A 45 -3.59 20.08 -9.96
C VAL A 45 -3.77 18.66 -9.40
N PRO A 46 -2.69 18.04 -8.83
CA PRO A 46 -2.79 16.70 -8.24
C PRO A 46 -3.88 16.67 -7.18
N VAL A 47 -3.61 17.36 -6.07
CA VAL A 47 -4.60 17.52 -4.99
C VAL A 47 -6.05 17.65 -5.47
N LEU A 48 -6.27 18.25 -6.64
CA LEU A 48 -7.63 18.37 -7.10
C LEU A 48 -8.05 17.16 -7.93
N ALA A 49 -7.08 16.63 -8.67
CA ALA A 49 -7.31 15.52 -9.56
C ALA A 49 -7.46 14.19 -8.84
N VAL A 50 -6.76 14.01 -7.72
CA VAL A 50 -6.80 12.71 -7.06
C VAL A 50 -7.99 12.65 -6.11
N SER A 51 -7.86 13.47 -5.06
CA SER A 51 -8.90 13.61 -4.03
C SER A 51 -10.34 13.72 -4.50
N LEU A 52 -10.61 14.15 -5.73
CA LEU A 52 -12.00 14.22 -6.14
C LEU A 52 -12.52 12.81 -6.42
N ALA A 53 -11.61 11.99 -6.94
CA ALA A 53 -11.87 10.60 -7.29
C ALA A 53 -11.57 9.64 -6.13
N LEU A 54 -10.97 10.17 -5.07
CA LEU A 54 -10.46 9.32 -3.98
C LEU A 54 -11.52 8.45 -3.30
N GLU A 55 -12.71 9.00 -3.16
CA GLU A 55 -13.81 8.31 -2.50
C GLU A 55 -14.55 7.40 -3.47
N GLY A 56 -13.86 6.96 -4.50
CA GLY A 56 -14.45 6.10 -5.50
C GLY A 56 -13.67 4.81 -5.64
N LYS A 57 -13.81 4.15 -6.77
CA LYS A 57 -13.10 2.91 -7.01
C LYS A 57 -11.61 3.14 -7.15
N ALA A 58 -10.83 2.10 -6.82
CA ALA A 58 -9.37 2.18 -6.90
C ALA A 58 -8.92 2.48 -8.32
N SER A 59 -9.73 2.06 -9.28
CA SER A 59 -9.47 2.26 -10.69
C SER A 59 -9.38 3.75 -11.06
N HIS A 60 -9.93 4.63 -10.22
CA HIS A 60 -9.95 6.06 -10.55
C HIS A 60 -8.56 6.66 -10.43
N ARG A 61 -8.01 6.72 -9.21
CA ARG A 61 -6.65 7.23 -9.01
C ARG A 61 -5.60 6.37 -9.71
N GLU A 62 -6.01 5.16 -10.10
CA GLU A 62 -5.11 4.24 -10.77
C GLU A 62 -4.75 4.81 -12.15
N MET A 63 -5.68 5.59 -12.71
CA MET A 63 -5.45 6.23 -14.02
C MET A 63 -4.38 7.31 -13.88
N THR A 64 -4.54 8.18 -12.88
CA THR A 64 -3.59 9.22 -12.53
C THR A 64 -2.12 8.78 -12.39
N SER A 65 -1.88 7.47 -12.47
CA SER A 65 -0.54 6.96 -12.24
C SER A 65 0.46 7.71 -13.13
N LYS A 66 0.12 7.84 -14.41
CA LYS A 66 0.93 8.52 -15.41
C LYS A 66 0.82 10.07 -15.40
N LEU A 67 -0.43 10.58 -15.53
CA LEU A 67 -0.71 12.03 -15.55
C LEU A 67 0.16 12.97 -14.70
N LEU A 68 0.63 12.60 -13.53
CA LEU A 68 1.47 13.55 -12.77
C LEU A 68 2.68 13.97 -13.62
N SER A 69 3.60 13.04 -13.87
CA SER A 69 4.76 13.28 -14.70
C SER A 69 4.44 13.62 -16.15
N ASP A 70 3.23 13.31 -16.60
CA ASP A 70 2.87 13.57 -17.99
C ASP A 70 2.61 15.05 -18.17
N LEU A 71 2.06 15.64 -17.13
CA LEU A 71 1.73 17.05 -17.10
C LEU A 71 2.93 17.89 -16.71
N CYS A 72 4.03 17.24 -16.34
CA CYS A 72 5.20 17.97 -15.92
C CYS A 72 6.14 18.13 -17.11
N GLY A 73 7.11 19.01 -17.00
CA GLY A 73 8.04 19.21 -18.08
C GLY A 73 7.74 20.48 -18.84
N THR A 74 6.59 20.52 -19.50
CA THR A 74 6.20 21.69 -20.28
C THR A 74 5.10 22.49 -19.60
N VAL A 75 4.34 21.84 -18.73
CA VAL A 75 3.24 22.53 -18.05
C VAL A 75 3.49 22.71 -16.57
N MET A 76 3.88 21.63 -15.91
CA MET A 76 4.13 21.66 -14.47
C MET A 76 5.60 21.41 -14.20
N SER A 77 6.13 22.02 -13.15
CA SER A 77 7.52 21.83 -12.80
C SER A 77 7.65 20.98 -11.54
N THR A 78 8.78 20.30 -11.41
CA THR A 78 9.06 19.46 -10.25
C THR A 78 8.80 20.18 -8.92
N THR A 79 8.98 21.50 -8.92
CA THR A 79 8.75 22.30 -7.72
C THR A 79 7.26 22.31 -7.37
N ASP A 80 6.41 22.37 -8.40
CA ASP A 80 4.97 22.38 -8.19
C ASP A 80 4.50 21.07 -7.59
N VAL A 81 5.14 19.99 -8.00
CA VAL A 81 4.82 18.66 -7.51
C VAL A 81 5.01 18.58 -6.00
N GLU A 82 6.15 19.09 -5.54
CA GLU A 82 6.48 19.09 -4.12
C GLU A 82 5.52 19.98 -3.35
N LYS A 83 5.03 21.03 -4.00
CA LYS A 83 4.12 21.95 -3.36
C LYS A 83 2.72 21.32 -3.27
N SER A 84 2.45 20.39 -4.19
CA SER A 84 1.18 19.69 -4.23
C SER A 84 1.02 18.80 -3.01
N PHE A 85 2.04 17.98 -2.73
CA PHE A 85 2.01 17.07 -1.60
C PHE A 85 2.00 17.85 -0.29
N ASP A 86 2.62 19.01 -0.37
CA ASP A 86 2.73 19.92 0.76
C ASP A 86 1.33 20.37 1.18
N LYS A 87 0.55 20.80 0.18
CA LYS A 87 -0.81 21.23 0.40
C LYS A 87 -1.74 20.04 0.66
N LEU A 88 -1.43 18.92 0.02
CA LEU A 88 -2.21 17.68 0.17
C LEU A 88 -2.23 17.22 1.62
N LEU A 89 -1.05 16.97 2.17
CA LEU A 89 -0.88 16.53 3.56
C LEU A 89 -1.61 17.42 4.57
N LYS A 90 -1.82 18.67 4.21
CA LYS A 90 -2.45 19.62 5.11
C LYS A 90 -3.97 19.47 5.08
N ASP A 91 -4.49 19.10 3.93
CA ASP A 91 -5.92 18.93 3.75
C ASP A 91 -6.33 17.46 3.94
N LEU A 92 -5.39 16.63 4.36
CA LEU A 92 -5.62 15.21 4.56
C LEU A 92 -6.76 14.91 5.55
N PRO A 93 -6.74 15.46 6.80
CA PRO A 93 -7.78 15.19 7.80
C PRO A 93 -9.16 15.69 7.38
N GLU A 94 -9.20 16.41 6.26
CA GLU A 94 -10.44 16.94 5.74
C GLU A 94 -11.18 15.82 5.00
N LEU A 95 -10.45 15.10 4.15
CA LEU A 95 -11.03 14.01 3.38
C LEU A 95 -11.03 12.70 4.17
N ALA A 96 -10.18 12.63 5.18
CA ALA A 96 -10.07 11.43 6.01
C ALA A 96 -11.38 11.09 6.72
N LEU A 97 -12.31 12.05 6.81
CA LEU A 97 -13.55 11.81 7.51
C LEU A 97 -14.60 11.22 6.56
N ASP A 98 -14.30 11.29 5.25
CA ASP A 98 -15.25 10.86 4.22
C ASP A 98 -14.96 9.46 3.73
N THR A 99 -13.77 8.96 4.06
CA THR A 99 -13.34 7.62 3.65
C THR A 99 -12.16 7.20 4.53
N PRO A 100 -12.32 6.15 5.34
CA PRO A 100 -11.26 5.66 6.23
C PRO A 100 -10.00 5.24 5.48
N ARG A 101 -10.19 4.60 4.32
CA ARG A 101 -9.06 4.15 3.50
C ARG A 101 -8.34 5.33 2.81
N ALA A 102 -9.02 6.46 2.69
CA ALA A 102 -8.47 7.65 2.03
C ALA A 102 -7.06 8.05 2.54
N PRO A 103 -6.89 8.31 3.86
CA PRO A 103 -5.58 8.70 4.41
C PRO A 103 -4.51 7.62 4.21
N GLN A 104 -4.96 6.37 4.17
CA GLN A 104 -4.04 5.25 3.98
C GLN A 104 -3.57 5.18 2.54
N LEU A 105 -4.43 5.61 1.63
CA LEU A 105 -4.13 5.60 0.20
C LEU A 105 -3.14 6.70 -0.18
N VAL A 106 -3.12 7.77 0.61
CA VAL A 106 -2.22 8.91 0.34
C VAL A 106 -0.77 8.44 0.21
N GLY A 107 -0.28 7.73 1.22
CA GLY A 107 1.08 7.20 1.18
C GLY A 107 1.37 6.39 -0.08
N GLN A 108 0.36 5.64 -0.54
CA GLN A 108 0.49 4.82 -1.74
C GLN A 108 0.73 5.71 -2.97
N PHE A 109 0.08 6.87 -2.99
CA PHE A 109 0.22 7.80 -4.10
C PHE A 109 1.62 8.41 -4.11
N ILE A 110 2.04 8.94 -2.97
CA ILE A 110 3.38 9.53 -2.83
C ILE A 110 4.45 8.56 -3.30
N ALA A 111 4.35 7.33 -2.84
CA ALA A 111 5.28 6.27 -3.21
C ALA A 111 5.44 6.18 -4.73
N ARG A 112 4.33 6.33 -5.44
CA ARG A 112 4.34 6.27 -6.90
C ARG A 112 5.15 7.42 -7.50
N ALA A 113 4.99 8.61 -6.92
CA ALA A 113 5.71 9.79 -7.40
C ALA A 113 7.21 9.67 -7.16
N VAL A 114 7.59 9.09 -6.01
CA VAL A 114 8.99 8.90 -5.67
C VAL A 114 9.63 7.86 -6.60
N GLY A 115 8.84 6.87 -7.00
CA GLY A 115 9.34 5.85 -7.90
C GLY A 115 9.60 6.40 -9.28
N ASP A 116 8.64 7.17 -9.80
CA ASP A 116 8.81 7.79 -11.11
C ASP A 116 10.00 8.75 -11.12
N GLY A 117 10.02 9.69 -10.17
CA GLY A 117 11.15 10.61 -10.10
C GLY A 117 10.71 12.03 -9.78
N ILE A 118 9.55 12.43 -10.31
CA ILE A 118 8.99 13.77 -10.09
C ILE A 118 8.91 14.21 -8.62
N LEU A 119 9.16 13.31 -7.70
CA LEU A 119 9.12 13.65 -6.28
C LEU A 119 10.37 13.16 -5.60
N CYS A 120 11.18 14.10 -5.13
CA CYS A 120 12.43 13.78 -4.46
C CYS A 120 12.20 12.95 -3.20
N ASN A 121 13.03 11.91 -3.04
CA ASN A 121 12.96 11.01 -1.89
C ASN A 121 13.30 11.74 -0.59
N THR A 122 13.83 12.95 -0.74
CA THR A 122 14.22 13.76 0.39
C THR A 122 12.98 14.19 1.18
N TYR A 123 11.91 14.49 0.43
CA TYR A 123 10.64 14.92 1.01
C TYR A 123 10.20 14.09 2.21
N ILE A 124 10.43 12.78 2.15
CA ILE A 124 10.06 11.89 3.25
C ILE A 124 10.83 12.27 4.52
N ASP A 125 12.11 12.53 4.35
CA ASP A 125 12.98 12.89 5.47
C ASP A 125 12.75 14.33 5.94
N SER A 126 12.35 15.21 5.02
CA SER A 126 12.10 16.61 5.36
C SER A 126 10.98 16.76 6.38
N TYR A 127 10.01 15.87 6.34
CA TYR A 127 8.93 15.92 7.31
C TYR A 127 9.11 14.82 8.36
N LYS A 128 10.33 14.27 8.43
CA LYS A 128 10.69 13.17 9.34
C LYS A 128 10.67 13.41 10.85
N GLY A 129 9.63 14.02 11.35
CA GLY A 129 9.54 14.24 12.78
C GLY A 129 9.18 15.66 13.04
N THR A 130 8.84 16.32 11.95
CA THR A 130 8.47 17.70 11.96
C THR A 130 7.06 17.84 11.42
N VAL A 131 6.14 17.06 11.99
CA VAL A 131 4.74 17.09 11.59
C VAL A 131 3.85 17.34 12.79
N ASP A 132 2.83 18.17 12.59
CA ASP A 132 1.91 18.56 13.65
C ASP A 132 0.70 17.63 13.80
N CYS A 133 0.30 16.95 12.75
CA CYS A 133 -0.88 16.07 12.82
C CYS A 133 -0.50 14.63 12.54
N VAL A 134 -1.20 13.69 13.16
CA VAL A 134 -0.92 12.26 12.95
C VAL A 134 -1.39 11.81 11.57
N GLN A 135 -2.11 12.68 10.87
CA GLN A 135 -2.60 12.37 9.54
C GLN A 135 -1.44 12.32 8.57
N ALA A 136 -0.57 13.31 8.67
CA ALA A 136 0.62 13.38 7.83
C ALA A 136 1.63 12.31 8.26
N ARG A 137 1.56 11.91 9.53
CA ARG A 137 2.47 10.88 10.07
C ARG A 137 2.01 9.54 9.53
N ALA A 138 0.78 9.59 9.09
CA ALA A 138 0.13 8.41 8.60
C ALA A 138 0.59 8.16 7.18
N ALA A 139 0.48 9.21 6.37
CA ALA A 139 0.80 9.17 4.95
C ALA A 139 2.29 9.25 4.54
N LEU A 140 3.12 10.06 5.23
CA LEU A 140 4.53 10.23 4.82
C LEU A 140 5.37 8.97 4.89
N ASP A 141 5.52 8.38 6.07
CA ASP A 141 6.28 7.16 6.21
C ASP A 141 5.63 5.99 5.49
N LYS A 142 4.39 6.20 5.07
CA LYS A 142 3.63 5.16 4.41
C LYS A 142 4.23 4.90 3.03
N ALA A 143 4.71 5.97 2.40
CA ALA A 143 5.28 5.89 1.07
C ALA A 143 6.57 5.06 1.00
N THR A 144 7.52 5.33 1.90
CA THR A 144 8.79 4.61 1.89
C THR A 144 8.57 3.12 2.20
N VAL A 145 7.95 2.87 3.33
CA VAL A 145 7.64 1.49 3.74
C VAL A 145 6.98 0.69 2.60
N LEU A 146 6.07 1.31 1.84
CA LEU A 146 5.42 0.61 0.74
C LEU A 146 6.38 0.36 -0.42
N LEU A 147 7.31 1.28 -0.65
CA LEU A 147 8.29 1.16 -1.72
C LEU A 147 9.16 -0.08 -1.56
N SER A 148 9.41 -0.48 -0.32
CA SER A 148 10.22 -1.66 -0.04
C SER A 148 9.51 -2.93 -0.49
N MET A 149 8.18 -2.91 -0.43
CA MET A 149 7.37 -4.04 -0.82
C MET A 149 7.28 -4.12 -2.34
N SER A 150 7.26 -2.95 -2.97
CA SER A 150 7.20 -2.88 -4.43
C SER A 150 8.57 -3.18 -5.03
N LYS A 151 9.54 -3.45 -4.16
CA LYS A 151 10.90 -3.77 -4.58
C LYS A 151 11.01 -5.26 -4.88
N GLY A 152 10.50 -6.08 -3.96
CA GLY A 152 10.55 -7.51 -4.12
C GLY A 152 9.36 -8.05 -4.90
N GLY A 153 8.17 -7.66 -4.46
CA GLY A 153 6.96 -8.12 -5.13
C GLY A 153 6.68 -7.33 -6.39
N LYS A 154 7.60 -7.44 -7.35
CA LYS A 154 7.47 -6.74 -8.61
C LYS A 154 7.34 -7.74 -9.77
N ARG A 155 7.93 -8.91 -9.58
CA ARG A 155 7.90 -9.95 -10.58
C ARG A 155 8.09 -11.33 -9.95
N LYS A 156 7.52 -12.34 -10.58
CA LYS A 156 7.62 -13.71 -10.09
C LYS A 156 7.29 -14.69 -11.21
N ASP A 157 6.18 -14.44 -11.90
CA ASP A 157 5.76 -15.28 -13.00
C ASP A 157 6.05 -14.60 -14.33
N SER A 158 6.47 -15.38 -15.31
CA SER A 158 6.79 -14.86 -16.63
C SER A 158 6.69 -15.98 -17.68
N VAL A 159 5.84 -16.96 -17.39
CA VAL A 159 5.67 -18.09 -18.31
C VAL A 159 4.51 -17.82 -19.28
N TRP A 160 3.87 -16.68 -19.12
CA TRP A 160 2.74 -16.31 -19.96
C TRP A 160 3.18 -15.55 -21.20
N GLY A 161 3.47 -16.30 -22.25
CA GLY A 161 3.88 -15.69 -23.50
C GLY A 161 2.93 -16.05 -24.62
N SER A 162 1.96 -15.19 -24.88
CA SER A 162 0.97 -15.44 -25.92
C SER A 162 0.49 -14.14 -26.56
N GLY A 163 0.12 -13.18 -25.72
CA GLY A 163 -0.35 -11.91 -26.21
C GLY A 163 -1.64 -11.48 -25.54
N GLY B 1 -4.01 -9.59 -25.59
CA GLY B 1 -5.47 -9.57 -25.88
C GLY B 1 -6.02 -8.16 -25.88
N GLY B 2 -7.20 -7.99 -25.29
CA GLY B 2 -7.81 -6.67 -25.23
C GLY B 2 -7.84 -6.11 -23.82
N GLN B 3 -8.80 -6.56 -23.03
CA GLN B 3 -8.93 -6.08 -21.67
C GLN B 3 -8.57 -7.17 -20.65
N GLN B 4 -7.40 -7.03 -20.06
CA GLN B 4 -6.92 -7.97 -19.06
C GLN B 4 -6.87 -7.30 -17.70
N PRO B 5 -6.88 -8.06 -16.60
CA PRO B 5 -6.82 -7.53 -15.23
C PRO B 5 -5.63 -6.57 -15.05
N VAL B 6 -5.90 -5.45 -14.39
CA VAL B 6 -4.86 -4.45 -14.17
C VAL B 6 -3.87 -4.85 -13.08
N ASN B 7 -4.35 -5.59 -12.08
CA ASN B 7 -3.47 -6.00 -10.99
C ASN B 7 -3.89 -7.34 -10.41
N HIS B 8 -2.90 -8.08 -9.91
CA HIS B 8 -3.10 -9.38 -9.28
C HIS B 8 -1.77 -9.90 -8.73
N LEU B 9 -1.77 -10.34 -7.47
CA LEU B 9 -0.59 -10.86 -6.80
C LEU B 9 0.43 -9.77 -6.47
N VAL B 10 0.93 -9.10 -7.51
CA VAL B 10 1.89 -8.02 -7.38
C VAL B 10 1.27 -6.85 -6.62
N LYS B 11 2.00 -6.32 -5.63
CA LYS B 11 1.53 -5.19 -4.83
C LYS B 11 0.33 -5.56 -3.96
N GLU B 12 0.01 -6.84 -3.88
CA GLU B 12 -1.13 -7.28 -3.08
C GLU B 12 -0.69 -8.07 -1.86
N ILE B 13 -0.12 -9.25 -2.08
CA ILE B 13 0.30 -10.13 -0.99
C ILE B 13 1.39 -9.50 -0.12
N ASP B 14 2.52 -9.15 -0.73
CA ASP B 14 3.63 -8.56 0.01
C ASP B 14 3.28 -7.23 0.65
N MET B 15 2.44 -6.46 -0.03
CA MET B 15 2.04 -5.16 0.45
C MET B 15 1.13 -5.30 1.68
N LEU B 16 0.45 -6.44 1.78
CA LEU B 16 -0.45 -6.70 2.89
C LEU B 16 0.30 -7.04 4.18
N LEU B 17 1.18 -8.03 4.12
CA LEU B 17 1.93 -8.46 5.31
C LEU B 17 2.98 -7.46 5.74
N LYS B 18 3.79 -6.99 4.79
CA LYS B 18 4.84 -6.04 5.10
C LYS B 18 4.25 -4.75 5.67
N GLU B 19 3.02 -4.44 5.28
CA GLU B 19 2.31 -3.26 5.77
C GLU B 19 2.26 -3.25 7.30
N TYR B 20 1.88 -4.38 7.89
CA TYR B 20 1.78 -4.48 9.33
C TYR B 20 3.17 -4.59 9.95
N LEU B 21 4.08 -5.22 9.21
CA LEU B 21 5.45 -5.40 9.68
C LEU B 21 6.23 -4.10 9.67
N LEU B 22 5.92 -3.21 8.72
CA LEU B 22 6.61 -1.94 8.60
C LEU B 22 5.90 -0.82 9.36
N SER B 23 4.64 -0.56 9.00
CA SER B 23 3.88 0.50 9.65
C SER B 23 3.61 0.19 11.12
N GLY B 24 2.84 -0.86 11.39
CA GLY B 24 2.56 -1.23 12.76
C GLY B 24 1.09 -1.34 13.11
N ASP B 25 0.21 -0.75 12.30
CA ASP B 25 -1.22 -0.81 12.58
C ASP B 25 -1.92 -1.77 11.61
N ILE B 26 -2.80 -2.61 12.16
CA ILE B 26 -3.54 -3.58 11.37
C ILE B 26 -4.57 -2.94 10.44
N SER B 27 -5.04 -1.75 10.79
CA SER B 27 -6.06 -1.05 10.02
C SER B 27 -5.80 -1.08 8.52
N GLU B 28 -4.61 -0.66 8.12
CA GLU B 28 -4.22 -0.65 6.72
C GLU B 28 -4.38 -2.03 6.09
N ALA B 29 -3.86 -3.05 6.76
CA ALA B 29 -3.95 -4.43 6.26
C ALA B 29 -5.39 -4.89 6.11
N GLU B 30 -6.24 -4.49 7.07
CA GLU B 30 -7.65 -4.87 7.02
C GLU B 30 -8.34 -4.23 5.83
N HIS B 31 -7.98 -2.99 5.58
CA HIS B 31 -8.52 -2.24 4.46
C HIS B 31 -8.09 -2.86 3.14
N CYS B 32 -7.01 -3.65 3.20
CA CYS B 32 -6.47 -4.23 1.97
C CYS B 32 -7.28 -5.48 1.58
N LEU B 33 -7.40 -6.41 2.54
CA LEU B 33 -8.12 -7.66 2.34
C LEU B 33 -9.56 -7.45 1.91
N LYS B 34 -10.19 -6.37 2.39
CA LYS B 34 -11.56 -6.06 2.03
C LYS B 34 -11.75 -6.14 0.52
N GLU B 35 -10.79 -5.58 -0.18
CA GLU B 35 -10.84 -5.54 -1.62
C GLU B 35 -10.32 -6.75 -2.41
N LEU B 36 -9.82 -7.79 -1.71
CA LEU B 36 -9.24 -8.97 -2.35
C LEU B 36 -10.17 -9.67 -3.36
N GLU B 37 -10.74 -10.82 -3.01
CA GLU B 37 -11.63 -11.54 -3.93
C GLU B 37 -12.17 -12.84 -3.33
N VAL B 38 -11.26 -13.74 -2.98
CA VAL B 38 -11.64 -15.02 -2.42
C VAL B 38 -10.80 -15.35 -1.21
N PRO B 39 -11.45 -15.81 -0.13
CA PRO B 39 -10.76 -16.15 1.11
C PRO B 39 -10.07 -17.50 0.97
N HIS B 40 -10.46 -18.25 -0.06
CA HIS B 40 -9.89 -19.57 -0.32
C HIS B 40 -8.43 -19.51 -0.75
N PHE B 41 -7.96 -18.31 -1.07
CA PHE B 41 -6.57 -18.14 -1.49
C PHE B 41 -5.75 -17.44 -0.41
N HIS B 42 -6.33 -17.29 0.77
CA HIS B 42 -5.66 -16.61 1.88
C HIS B 42 -4.46 -17.39 2.42
N HIS B 43 -4.37 -18.68 2.07
CA HIS B 43 -3.26 -19.52 2.54
C HIS B 43 -1.87 -18.94 2.24
N GLU B 44 -1.66 -18.51 0.99
CA GLU B 44 -0.39 -17.90 0.58
C GLU B 44 0.02 -16.75 1.50
N LEU B 45 -0.96 -15.95 1.92
CA LEU B 45 -0.70 -14.82 2.80
C LEU B 45 -0.20 -15.32 4.15
N VAL B 46 -0.83 -16.39 4.64
CA VAL B 46 -0.46 -17.00 5.91
C VAL B 46 0.97 -17.53 5.84
N TYR B 47 1.20 -18.46 4.92
CA TYR B 47 2.52 -19.05 4.70
C TYR B 47 3.63 -18.00 4.63
N GLU B 48 3.41 -16.98 3.81
CA GLU B 48 4.39 -15.91 3.63
C GLU B 48 4.71 -15.20 4.95
N ALA B 49 3.69 -14.99 5.76
CA ALA B 49 3.84 -14.33 7.05
C ALA B 49 4.80 -15.09 7.97
N ILE B 50 4.64 -16.42 8.02
CA ILE B 50 5.50 -17.25 8.85
C ILE B 50 6.95 -17.16 8.39
N VAL B 51 7.17 -17.35 7.10
CA VAL B 51 8.51 -17.25 6.49
C VAL B 51 9.18 -15.92 6.86
N MET B 52 8.36 -14.89 7.04
CA MET B 52 8.88 -13.57 7.39
C MET B 52 9.50 -13.60 8.77
N VAL B 53 8.76 -14.18 9.71
CA VAL B 53 9.20 -14.29 11.10
C VAL B 53 10.58 -14.95 11.21
N LEU B 54 10.76 -16.04 10.47
CA LEU B 54 12.03 -16.77 10.50
C LEU B 54 13.16 -16.01 9.82
N GLU B 55 12.85 -15.43 8.66
CA GLU B 55 13.82 -14.64 7.91
C GLU B 55 14.24 -13.37 8.67
N SER B 56 13.28 -12.68 9.25
CA SER B 56 13.54 -11.44 9.98
C SER B 56 14.37 -11.68 11.23
N THR B 57 14.79 -10.59 11.86
CA THR B 57 15.58 -10.66 13.06
C THR B 57 14.96 -9.79 14.15
N GLY B 58 14.81 -10.36 15.34
CA GLY B 58 14.23 -9.62 16.45
C GLY B 58 12.86 -10.12 16.84
N GLU B 59 12.45 -9.81 18.07
CA GLU B 59 11.16 -10.23 18.57
C GLU B 59 10.04 -9.35 18.02
N SER B 60 10.41 -8.21 17.45
CA SER B 60 9.44 -7.29 16.89
C SER B 60 8.62 -7.95 15.79
N ALA B 61 9.29 -8.47 14.77
CA ALA B 61 8.62 -9.15 13.67
C ALA B 61 7.75 -10.31 14.15
N PHE B 62 8.25 -11.01 15.17
CA PHE B 62 7.54 -12.15 15.74
C PHE B 62 6.18 -11.74 16.28
N LYS B 63 6.18 -10.80 17.22
CA LYS B 63 4.95 -10.32 17.84
C LYS B 63 3.97 -9.73 16.83
N MET B 64 4.49 -9.05 15.80
CA MET B 64 3.63 -8.44 14.79
C MET B 64 2.93 -9.50 13.94
N ILE B 65 3.71 -10.40 13.35
CA ILE B 65 3.14 -11.46 12.52
C ILE B 65 2.14 -12.32 13.28
N LEU B 66 2.51 -12.75 14.48
CA LEU B 66 1.63 -13.59 15.29
C LEU B 66 0.31 -12.87 15.59
N ASP B 67 0.40 -11.63 16.05
CA ASP B 67 -0.78 -10.84 16.37
C ASP B 67 -1.66 -10.63 15.13
N LEU B 68 -1.02 -10.31 14.02
CA LEU B 68 -1.71 -10.10 12.75
C LEU B 68 -2.60 -11.30 12.45
N LEU B 69 -1.95 -12.47 12.40
CA LEU B 69 -2.65 -13.73 12.16
C LEU B 69 -3.79 -13.95 13.16
N LYS B 70 -3.49 -13.74 14.44
CA LYS B 70 -4.48 -13.92 15.49
C LYS B 70 -5.67 -12.97 15.29
N SER B 71 -5.38 -11.74 14.93
CA SER B 71 -6.41 -10.74 14.71
C SER B 71 -7.38 -11.20 13.62
N LEU B 72 -6.83 -11.58 12.47
CA LEU B 72 -7.64 -12.08 11.36
C LEU B 72 -8.48 -13.29 11.78
N TRP B 73 -7.95 -14.04 12.73
CA TRP B 73 -8.64 -15.22 13.24
C TRP B 73 -9.80 -14.83 14.16
N LYS B 74 -9.50 -13.99 15.14
CA LYS B 74 -10.51 -13.52 16.09
C LYS B 74 -11.65 -12.81 15.38
N SER B 75 -11.31 -11.97 14.41
CA SER B 75 -12.29 -11.21 13.66
C SER B 75 -12.73 -11.86 12.34
N SER B 76 -12.55 -13.18 12.21
CA SER B 76 -12.92 -13.94 11.00
C SER B 76 -12.25 -13.43 9.71
N THR B 77 -11.28 -14.21 9.21
CA THR B 77 -10.55 -13.85 7.98
C THR B 77 -9.83 -15.06 7.40
N ILE B 78 -9.47 -16.01 8.27
CA ILE B 78 -8.77 -17.21 7.86
C ILE B 78 -9.49 -18.44 8.44
N THR B 79 -9.67 -19.47 7.62
CA THR B 79 -10.33 -20.69 8.08
C THR B 79 -9.29 -21.75 8.38
N ILE B 80 -9.71 -22.87 8.95
CA ILE B 80 -8.80 -23.96 9.29
C ILE B 80 -8.03 -24.45 8.06
N ASP B 81 -8.75 -24.76 6.98
CA ASP B 81 -8.14 -25.21 5.73
C ASP B 81 -7.18 -24.15 5.18
N GLN B 82 -7.54 -22.90 5.38
CA GLN B 82 -6.73 -21.78 4.92
C GLN B 82 -5.40 -21.77 5.67
N MET B 83 -5.47 -21.93 6.98
CA MET B 83 -4.28 -21.97 7.83
C MET B 83 -3.49 -23.22 7.49
N LYS B 84 -4.15 -24.37 7.57
CA LYS B 84 -3.57 -25.66 7.27
C LYS B 84 -2.81 -25.74 5.95
N ARG B 85 -3.09 -24.85 4.99
CA ARG B 85 -2.41 -25.06 3.71
C ARG B 85 -1.09 -24.30 3.79
N GLY B 86 -1.09 -23.31 4.68
CA GLY B 86 0.08 -22.49 4.90
C GLY B 86 0.98 -23.13 5.92
N TYR B 87 0.41 -23.35 7.09
CA TYR B 87 1.08 -23.97 8.24
C TYR B 87 1.67 -25.34 7.94
N GLU B 88 1.18 -25.98 6.89
CA GLU B 88 1.64 -27.36 6.66
C GLU B 88 2.93 -27.34 5.87
N ARG B 89 2.91 -26.48 4.87
CA ARG B 89 4.02 -26.29 3.94
C ARG B 89 5.31 -25.86 4.63
N ILE B 90 5.20 -25.16 5.75
CA ILE B 90 6.37 -24.69 6.48
C ILE B 90 7.35 -25.82 6.79
N TYR B 91 6.83 -26.96 7.25
CA TYR B 91 7.68 -28.09 7.60
C TYR B 91 8.30 -28.74 6.36
N ASN B 92 7.71 -28.45 5.21
CA ASN B 92 8.22 -28.99 3.95
C ASN B 92 9.36 -28.10 3.46
N GLU B 93 9.28 -26.82 3.80
CA GLU B 93 10.31 -25.87 3.40
C GLU B 93 11.46 -25.85 4.41
N ILE B 94 11.18 -26.32 5.63
CA ILE B 94 12.20 -26.38 6.69
C ILE B 94 13.51 -27.01 6.21
N PRO B 95 13.47 -28.21 5.56
CA PRO B 95 14.69 -28.86 5.04
C PRO B 95 15.52 -27.91 4.19
N ASP B 96 14.87 -27.03 3.44
CA ASP B 96 15.56 -26.06 2.61
C ASP B 96 16.06 -24.88 3.44
N ILE B 97 15.18 -24.37 4.31
CA ILE B 97 15.49 -23.23 5.17
C ILE B 97 16.66 -23.51 6.11
N ASN B 98 16.66 -24.67 6.74
CA ASN B 98 17.72 -25.04 7.67
C ASN B 98 18.81 -25.85 6.98
N LEU B 99 18.39 -26.84 6.21
CA LEU B 99 19.32 -27.72 5.49
C LEU B 99 20.32 -28.37 6.43
N ASP B 100 19.81 -29.33 7.21
CA ASP B 100 20.61 -30.08 8.18
C ASP B 100 20.88 -29.22 9.42
N VAL B 101 21.14 -29.88 10.54
CA VAL B 101 21.39 -29.19 11.81
C VAL B 101 20.25 -28.23 12.12
N PRO B 102 19.05 -28.78 12.41
CA PRO B 102 17.87 -27.97 12.72
C PRO B 102 18.06 -27.16 13.99
N HIS B 103 18.31 -25.88 13.84
CA HIS B 103 18.52 -25.00 14.97
C HIS B 103 17.37 -24.02 15.13
N SER B 104 16.53 -23.95 14.10
CA SER B 104 15.38 -23.07 14.14
C SER B 104 14.17 -23.79 14.74
N TYR B 105 14.42 -24.98 15.27
CA TYR B 105 13.37 -25.78 15.88
C TYR B 105 12.82 -25.10 17.12
N SER B 106 13.68 -24.33 17.79
CA SER B 106 13.30 -23.58 18.98
C SER B 106 12.10 -22.68 18.66
N VAL B 107 12.19 -21.96 17.55
CA VAL B 107 11.12 -21.08 17.11
C VAL B 107 9.95 -21.93 16.61
N LEU B 108 10.27 -22.87 15.74
CA LEU B 108 9.28 -23.80 15.18
C LEU B 108 8.35 -24.39 16.25
N GLU B 109 8.90 -24.65 17.44
CA GLU B 109 8.10 -25.20 18.53
C GLU B 109 7.26 -24.13 19.18
N ARG B 110 7.86 -22.95 19.36
CA ARG B 110 7.18 -21.82 19.99
C ARG B 110 5.98 -21.37 19.16
N PHE B 111 6.22 -21.05 17.88
CA PHE B 111 5.14 -20.65 16.99
C PHE B 111 4.03 -21.72 17.02
N VAL B 112 4.46 -22.96 17.12
CA VAL B 112 3.52 -24.07 17.19
C VAL B 112 2.74 -24.18 18.54
N GLU B 113 3.44 -24.27 19.69
CA GLU B 113 2.77 -24.44 20.98
C GLU B 113 1.79 -23.33 21.39
N GLU B 114 2.16 -22.07 21.13
CA GLU B 114 1.33 -20.94 21.50
C GLU B 114 0.02 -20.95 20.71
N CYS B 115 0.14 -21.05 19.39
CA CYS B 115 -1.00 -21.12 18.50
C CYS B 115 -1.93 -22.28 18.86
N PHE B 116 -1.33 -23.39 19.29
CA PHE B 116 -2.12 -24.56 19.68
C PHE B 116 -2.97 -24.22 20.90
N GLN B 117 -2.34 -23.53 21.86
CA GLN B 117 -3.02 -23.11 23.07
C GLN B 117 -4.15 -22.12 22.76
N ALA B 118 -3.90 -21.26 21.77
CA ALA B 118 -4.88 -20.27 21.35
C ALA B 118 -5.92 -20.87 20.39
N GLY B 119 -6.16 -22.18 20.55
CA GLY B 119 -7.10 -22.94 19.72
C GLY B 119 -7.26 -22.62 18.24
N ILE B 120 -6.33 -21.93 17.60
CA ILE B 120 -6.47 -21.63 16.18
C ILE B 120 -6.02 -22.77 15.28
N ILE B 121 -5.67 -23.91 15.88
CA ILE B 121 -5.22 -25.06 15.12
C ILE B 121 -5.71 -26.35 15.79
N SER B 122 -5.76 -27.43 15.04
CA SER B 122 -6.20 -28.71 15.56
C SER B 122 -4.99 -29.52 16.02
N LYS B 123 -5.23 -30.53 16.84
CA LYS B 123 -4.16 -31.39 17.34
C LYS B 123 -3.46 -32.07 16.18
N GLN B 124 -4.26 -32.61 15.27
CA GLN B 124 -3.74 -33.27 14.07
C GLN B 124 -2.71 -32.39 13.35
N LEU B 125 -3.03 -31.11 13.23
CA LEU B 125 -2.14 -30.15 12.58
C LEU B 125 -0.83 -30.01 13.36
N ARG B 126 -0.94 -30.00 14.69
CA ARG B 126 0.23 -29.87 15.56
C ARG B 126 1.15 -31.08 15.37
N ASP B 127 0.56 -32.27 15.32
CA ASP B 127 1.32 -33.51 15.15
C ASP B 127 1.99 -33.58 13.77
N LEU B 128 1.52 -32.77 12.82
CA LEU B 128 2.11 -32.75 11.48
C LEU B 128 3.49 -32.11 11.50
N CYS B 129 3.86 -31.52 12.64
CA CYS B 129 5.15 -30.88 12.79
C CYS B 129 6.07 -31.79 13.60
N PRO B 130 7.40 -31.58 13.52
CA PRO B 130 8.38 -32.37 14.26
C PRO B 130 8.38 -31.99 15.75
N SER B 131 7.29 -32.30 16.43
CA SER B 131 7.12 -32.01 17.84
C SER B 131 8.14 -32.78 18.69
N GLY A 1 1.83 31.08 -2.71
CA GLY A 1 1.40 31.32 -1.31
C GLY A 1 -0.07 31.03 -1.13
N LEU A 2 -0.85 32.07 -0.89
CA LEU A 2 -2.29 31.92 -0.71
C LEU A 2 -2.98 31.91 -2.06
N PRO A 3 -3.82 30.89 -2.31
CA PRO A 3 -4.55 30.76 -3.58
C PRO A 3 -5.66 31.81 -3.71
N LEU A 4 -5.81 32.35 -4.91
CA LEU A 4 -6.82 33.37 -5.16
C LEU A 4 -7.91 32.80 -6.07
N ASP A 5 -9.18 32.97 -5.66
CA ASP A 5 -10.34 32.46 -6.41
C ASP A 5 -10.36 30.93 -6.34
N GLU A 6 -10.26 30.39 -5.12
CA GLU A 6 -10.20 28.95 -4.90
C GLU A 6 -11.44 28.19 -5.37
N ARG A 7 -12.62 28.50 -4.82
CA ARG A 7 -13.82 27.77 -5.19
C ARG A 7 -14.18 28.05 -6.65
N ALA A 8 -13.87 29.25 -7.09
CA ALA A 8 -14.13 29.66 -8.46
C ALA A 8 -13.36 28.76 -9.41
N PHE A 9 -12.11 28.51 -9.07
CA PHE A 9 -11.26 27.66 -9.90
C PHE A 9 -11.59 26.19 -9.71
N GLU A 10 -11.86 25.81 -8.46
CA GLU A 10 -12.21 24.44 -8.11
C GLU A 10 -13.40 23.93 -8.92
N LYS A 11 -14.50 24.67 -8.85
CA LYS A 11 -15.72 24.31 -9.55
C LYS A 11 -15.48 24.22 -11.06
N THR A 12 -14.77 25.18 -11.61
CA THR A 12 -14.48 25.20 -13.05
C THR A 12 -13.61 24.01 -13.48
N LEU A 13 -12.61 23.69 -12.68
CA LEU A 13 -11.70 22.58 -12.99
C LEU A 13 -12.39 21.21 -12.85
N THR A 14 -13.46 21.17 -12.06
CA THR A 14 -14.20 19.93 -11.83
C THR A 14 -14.56 19.16 -13.14
N PRO A 15 -15.36 19.75 -14.06
CA PRO A 15 -15.76 19.09 -15.32
C PRO A 15 -14.57 18.68 -16.19
N ILE A 16 -13.46 19.39 -16.02
CA ILE A 16 -12.24 19.11 -16.78
C ILE A 16 -11.67 17.77 -16.36
N ILE A 17 -11.49 17.58 -15.06
CA ILE A 17 -10.97 16.33 -14.52
C ILE A 17 -11.95 15.18 -14.82
N GLN A 18 -13.23 15.49 -14.71
CA GLN A 18 -14.29 14.52 -14.99
C GLN A 18 -14.08 13.83 -16.32
N GLU A 19 -13.96 14.62 -17.39
CA GLU A 19 -13.75 14.08 -18.73
C GLU A 19 -12.37 13.43 -18.88
N TYR A 20 -11.42 13.85 -18.04
CA TYR A 20 -10.06 13.32 -18.09
C TYR A 20 -10.04 11.82 -17.80
N PHE A 21 -10.54 11.46 -16.62
CA PHE A 21 -10.57 10.06 -16.20
C PHE A 21 -11.32 9.15 -17.17
N GLU A 22 -12.20 9.73 -17.97
CA GLU A 22 -12.96 8.95 -18.93
C GLU A 22 -12.15 8.78 -20.22
N HIS A 23 -11.60 9.88 -20.72
CA HIS A 23 -10.80 9.86 -21.93
C HIS A 23 -9.44 9.18 -21.72
N GLY A 24 -8.62 9.72 -20.82
CA GLY A 24 -7.31 9.13 -20.57
C GLY A 24 -6.22 9.98 -21.16
N ASP A 25 -6.62 11.02 -21.89
CA ASP A 25 -5.69 11.94 -22.54
C ASP A 25 -5.11 12.99 -21.60
N THR A 26 -3.81 12.99 -21.46
CA THR A 26 -3.10 13.95 -20.62
C THR A 26 -2.87 15.34 -21.25
N ASN A 27 -2.65 15.38 -22.57
CA ASN A 27 -2.37 16.63 -23.31
C ASN A 27 -3.56 17.57 -23.35
N GLU A 28 -4.73 16.99 -23.36
CA GLU A 28 -5.97 17.76 -23.38
C GLU A 28 -6.01 18.66 -22.14
N VAL A 29 -5.61 18.07 -21.01
CA VAL A 29 -5.55 18.79 -19.73
C VAL A 29 -4.56 19.95 -19.81
N ALA A 30 -3.37 19.68 -20.34
CA ALA A 30 -2.33 20.70 -20.48
C ALA A 30 -2.86 21.88 -21.30
N GLU A 31 -3.44 21.58 -22.45
CA GLU A 31 -4.03 22.59 -23.33
C GLU A 31 -4.96 23.52 -22.55
N MET A 32 -5.83 22.93 -21.76
CA MET A 32 -6.78 23.69 -20.96
C MET A 32 -6.09 24.49 -19.85
N LEU A 33 -4.96 23.98 -19.37
CA LEU A 33 -4.20 24.64 -18.31
C LEU A 33 -3.61 25.97 -18.77
N ARG A 34 -2.93 25.96 -19.92
CA ARG A 34 -2.34 27.18 -20.46
C ARG A 34 -3.44 28.18 -20.78
N ASP A 35 -4.59 27.65 -21.19
CA ASP A 35 -5.75 28.48 -21.51
C ASP A 35 -6.11 29.36 -20.32
N LEU A 36 -6.18 28.75 -19.15
CA LEU A 36 -6.50 29.47 -17.92
C LEU A 36 -5.34 30.36 -17.48
N ASN A 37 -4.13 29.80 -17.49
CA ASN A 37 -2.91 30.51 -17.09
C ASN A 37 -2.91 30.84 -15.60
N LEU A 38 -2.02 30.19 -14.86
CA LEU A 38 -1.93 30.41 -13.41
C LEU A 38 -0.52 30.16 -12.89
N GLY A 39 -0.16 30.91 -11.85
CA GLY A 39 1.17 30.76 -11.26
C GLY A 39 1.16 29.75 -10.13
N GLU A 40 1.02 30.24 -8.90
CA GLU A 40 0.99 29.36 -7.74
C GLU A 40 -0.36 28.64 -7.65
N MET A 41 -1.35 29.18 -8.34
CA MET A 41 -2.69 28.59 -8.37
C MET A 41 -2.69 27.34 -9.24
N LYS A 42 -1.64 27.19 -10.03
CA LYS A 42 -1.48 26.04 -10.90
C LYS A 42 -1.20 24.79 -10.07
N SER A 43 -0.62 24.99 -8.89
CA SER A 43 -0.33 23.89 -7.98
C SER A 43 -1.63 23.30 -7.46
N GLY A 44 -2.70 24.08 -7.53
CA GLY A 44 -4.01 23.65 -7.07
C GLY A 44 -4.79 22.97 -8.18
N VAL A 45 -4.06 22.43 -9.15
CA VAL A 45 -4.68 21.76 -10.27
C VAL A 45 -4.64 20.24 -10.09
N PRO A 46 -3.42 19.63 -10.00
CA PRO A 46 -3.28 18.18 -9.83
C PRO A 46 -3.72 17.72 -8.45
N VAL A 47 -3.98 18.67 -7.57
CA VAL A 47 -4.42 18.36 -6.22
C VAL A 47 -5.85 17.85 -6.24
N LEU A 48 -6.72 18.54 -6.99
CA LEU A 48 -8.12 18.15 -7.08
C LEU A 48 -8.24 16.76 -7.69
N ALA A 49 -7.58 16.56 -8.83
CA ALA A 49 -7.54 15.26 -9.51
C ALA A 49 -7.17 14.14 -8.53
N VAL A 50 -6.40 14.52 -7.52
CA VAL A 50 -5.97 13.56 -6.51
C VAL A 50 -7.07 13.34 -5.47
N SER A 51 -7.73 14.44 -5.08
CA SER A 51 -8.78 14.41 -4.07
C SER A 51 -9.98 13.59 -4.50
N LEU A 52 -10.51 13.88 -5.68
CA LEU A 52 -11.66 13.14 -6.22
C LEU A 52 -11.27 11.66 -6.35
N ALA A 53 -10.05 11.46 -6.86
CA ALA A 53 -9.50 10.12 -7.06
C ALA A 53 -9.51 9.26 -5.79
N LEU A 54 -9.49 9.88 -4.63
CA LEU A 54 -9.51 9.14 -3.37
C LEU A 54 -10.90 8.61 -3.06
N GLU A 55 -11.92 9.29 -3.58
CA GLU A 55 -13.31 8.88 -3.36
C GLU A 55 -13.82 8.06 -4.54
N GLY A 56 -12.90 7.45 -5.28
CA GLY A 56 -13.29 6.66 -6.42
C GLY A 56 -12.82 5.23 -6.31
N LYS A 57 -12.88 4.51 -7.40
CA LYS A 57 -12.44 3.12 -7.43
C LYS A 57 -10.93 3.05 -7.59
N ALA A 58 -10.41 1.83 -7.57
CA ALA A 58 -8.98 1.60 -7.73
C ALA A 58 -8.49 2.15 -9.07
N SER A 59 -9.27 1.92 -10.11
CA SER A 59 -8.95 2.40 -11.45
C SER A 59 -8.89 3.92 -11.46
N HIS A 60 -9.68 4.53 -10.58
CA HIS A 60 -9.72 5.97 -10.48
C HIS A 60 -8.45 6.44 -9.75
N ARG A 61 -7.80 5.56 -8.95
CA ARG A 61 -6.61 5.90 -8.23
C ARG A 61 -5.33 5.66 -9.08
N GLU A 62 -5.49 4.86 -10.16
CA GLU A 62 -4.37 4.45 -11.05
C GLU A 62 -4.03 5.54 -12.06
N MET A 63 -5.06 5.92 -12.83
CA MET A 63 -4.96 6.94 -13.89
C MET A 63 -4.60 8.32 -13.37
N THR A 64 -4.66 8.49 -12.05
CA THR A 64 -4.36 9.76 -11.42
C THR A 64 -2.89 10.14 -11.60
N SER A 65 -1.96 9.26 -11.18
CA SER A 65 -0.53 9.55 -11.31
C SER A 65 -0.09 9.66 -12.75
N LYS A 66 -0.90 9.12 -13.65
CA LYS A 66 -0.61 9.17 -15.08
C LYS A 66 -0.53 10.64 -15.52
N LEU A 67 -1.37 11.46 -14.91
CA LEU A 67 -1.42 12.87 -15.22
C LEU A 67 -0.22 13.61 -14.61
N LEU A 68 0.27 13.13 -13.46
CA LEU A 68 1.37 13.77 -12.75
C LEU A 68 2.65 13.88 -13.58
N SER A 69 3.27 12.74 -13.89
CA SER A 69 4.49 12.74 -14.70
C SER A 69 4.29 13.35 -16.07
N ASP A 70 3.04 13.37 -16.51
CA ASP A 70 2.71 13.94 -17.81
C ASP A 70 2.71 15.46 -17.77
N LEU A 71 2.10 16.02 -16.74
CA LEU A 71 1.98 17.46 -16.57
C LEU A 71 3.33 18.15 -16.32
N CYS A 72 4.23 17.53 -15.59
CA CYS A 72 5.52 18.14 -15.31
C CYS A 72 6.40 18.14 -16.56
N GLY A 73 7.14 19.22 -16.72
CA GLY A 73 8.01 19.36 -17.88
C GLY A 73 7.29 20.03 -19.02
N THR A 74 5.99 19.74 -19.12
CA THR A 74 5.15 20.32 -20.15
C THR A 74 4.59 21.66 -19.69
N VAL A 75 3.89 21.65 -18.55
CA VAL A 75 3.29 22.88 -18.03
C VAL A 75 3.50 23.00 -16.52
N MET A 76 4.03 21.97 -15.89
CA MET A 76 4.24 21.99 -14.45
C MET A 76 5.71 21.77 -14.13
N SER A 77 6.17 22.38 -13.06
CA SER A 77 7.56 22.25 -12.64
C SER A 77 7.64 21.35 -11.42
N THR A 78 8.74 20.62 -11.29
CA THR A 78 8.97 19.72 -10.16
C THR A 78 8.56 20.33 -8.81
N THR A 79 8.88 21.61 -8.61
CA THR A 79 8.54 22.29 -7.38
C THR A 79 7.02 22.33 -7.18
N ASP A 80 6.29 22.57 -8.26
CA ASP A 80 4.82 22.61 -8.20
C ASP A 80 4.28 21.27 -7.73
N VAL A 81 4.92 20.21 -8.22
CA VAL A 81 4.54 18.85 -7.86
C VAL A 81 4.73 18.64 -6.36
N GLU A 82 5.89 19.08 -5.87
CA GLU A 82 6.22 18.96 -4.45
C GLU A 82 5.26 19.81 -3.61
N LYS A 83 4.91 20.98 -4.14
CA LYS A 83 3.99 21.89 -3.45
C LYS A 83 2.59 21.30 -3.37
N SER A 84 2.25 20.46 -4.34
CA SER A 84 0.94 19.83 -4.38
C SER A 84 0.76 18.81 -3.26
N PHE A 85 1.73 17.91 -3.14
CA PHE A 85 1.67 16.87 -2.11
C PHE A 85 1.69 17.52 -0.72
N ASP A 86 2.40 18.64 -0.63
CA ASP A 86 2.51 19.39 0.63
C ASP A 86 1.15 19.97 1.03
N LYS A 87 0.54 20.71 0.10
CA LYS A 87 -0.78 21.30 0.33
C LYS A 87 -1.83 20.22 0.58
N LEU A 88 -1.68 19.08 -0.10
CA LEU A 88 -2.61 17.96 0.05
C LEU A 88 -2.56 17.44 1.48
N LEU A 89 -1.35 17.07 1.93
CA LEU A 89 -1.13 16.55 3.29
C LEU A 89 -1.79 17.40 4.36
N LYS A 90 -1.87 18.70 4.10
CA LYS A 90 -2.49 19.64 5.05
C LYS A 90 -4.00 19.43 5.14
N ASP A 91 -4.63 19.08 4.02
CA ASP A 91 -6.07 18.88 3.99
C ASP A 91 -6.50 17.48 4.42
N LEU A 92 -5.61 16.50 4.23
CA LEU A 92 -5.87 15.09 4.61
C LEU A 92 -6.76 14.89 5.86
N PRO A 93 -6.44 15.51 7.02
CA PRO A 93 -7.25 15.35 8.23
C PRO A 93 -8.72 15.69 8.02
N GLU A 94 -9.00 16.52 7.02
CA GLU A 94 -10.36 16.91 6.72
C GLU A 94 -11.03 15.92 5.76
N LEU A 95 -10.21 15.19 4.99
CA LEU A 95 -10.71 14.23 4.02
C LEU A 95 -10.91 12.84 4.65
N ALA A 96 -10.02 12.49 5.58
CA ALA A 96 -10.03 11.19 6.27
C ALA A 96 -11.31 10.99 7.08
N LEU A 97 -12.00 12.08 7.34
CA LEU A 97 -13.21 12.05 8.12
C LEU A 97 -14.41 11.66 7.26
N ASP A 98 -14.21 11.67 5.92
CA ASP A 98 -15.29 11.32 5.00
C ASP A 98 -14.97 9.98 4.33
N THR A 99 -13.76 9.48 4.58
CA THR A 99 -13.28 8.23 3.97
C THR A 99 -12.02 7.79 4.72
N PRO A 100 -12.12 6.80 5.62
CA PRO A 100 -10.98 6.32 6.40
C PRO A 100 -9.85 5.75 5.52
N ARG A 101 -10.22 5.35 4.31
CA ARG A 101 -9.26 4.80 3.35
C ARG A 101 -8.42 5.90 2.69
N ALA A 102 -8.91 7.14 2.74
CA ALA A 102 -8.21 8.26 2.10
C ALA A 102 -6.75 8.43 2.57
N PRO A 103 -6.49 8.57 3.90
CA PRO A 103 -5.12 8.74 4.42
C PRO A 103 -4.25 7.50 4.16
N GLN A 104 -4.92 6.38 3.97
CA GLN A 104 -4.23 5.12 3.72
C GLN A 104 -3.72 5.08 2.29
N LEU A 105 -4.52 5.63 1.38
CA LEU A 105 -4.17 5.65 -0.04
C LEU A 105 -3.11 6.70 -0.38
N VAL A 106 -3.19 7.85 0.28
CA VAL A 106 -2.26 8.97 0.02
C VAL A 106 -0.80 8.54 0.00
N GLY A 107 -0.37 7.81 1.03
CA GLY A 107 1.00 7.35 1.09
C GLY A 107 1.46 6.63 -0.17
N GLN A 108 0.59 5.78 -0.71
CA GLN A 108 0.89 5.02 -1.91
C GLN A 108 1.06 5.93 -3.12
N PHE A 109 0.33 7.05 -3.12
CA PHE A 109 0.39 8.02 -4.21
C PHE A 109 1.73 8.74 -4.23
N ILE A 110 2.28 9.02 -3.05
CA ILE A 110 3.56 9.70 -2.95
C ILE A 110 4.69 8.77 -3.37
N ALA A 111 4.68 7.56 -2.80
CA ALA A 111 5.70 6.55 -3.09
C ALA A 111 5.78 6.23 -4.58
N ARG A 112 4.66 6.34 -5.27
CA ARG A 112 4.62 6.06 -6.70
C ARG A 112 5.27 7.20 -7.50
N ALA A 113 5.04 8.43 -7.03
CA ALA A 113 5.61 9.62 -7.69
C ALA A 113 7.12 9.60 -7.59
N VAL A 114 7.62 9.03 -6.51
CA VAL A 114 9.06 8.89 -6.26
C VAL A 114 9.66 7.93 -7.29
N GLY A 115 8.80 7.04 -7.78
CA GLY A 115 9.23 6.07 -8.76
C GLY A 115 9.34 6.69 -10.13
N ASP A 116 8.43 7.61 -10.43
CA ASP A 116 8.40 8.32 -11.72
C ASP A 116 9.50 9.38 -11.82
N GLY A 117 10.09 9.75 -10.69
CA GLY A 117 11.15 10.74 -10.68
C GLY A 117 10.67 12.11 -10.29
N ILE A 118 9.56 12.53 -10.88
CA ILE A 118 8.93 13.84 -10.60
C ILE A 118 8.81 14.24 -9.12
N LEU A 119 9.09 13.33 -8.21
CA LEU A 119 9.02 13.64 -6.79
C LEU A 119 10.33 13.27 -6.11
N CYS A 120 10.79 14.15 -5.23
CA CYS A 120 12.03 13.95 -4.50
C CYS A 120 11.93 12.75 -3.54
N ASN A 121 12.94 11.91 -3.54
CA ASN A 121 12.96 10.73 -2.67
C ASN A 121 13.16 11.15 -1.22
N THR A 122 13.88 12.24 -1.02
CA THR A 122 14.16 12.76 0.32
C THR A 122 12.96 13.52 0.88
N TYR A 123 11.85 13.50 0.15
CA TYR A 123 10.64 14.18 0.59
C TYR A 123 10.10 13.48 1.83
N ILE A 124 10.17 12.14 1.82
CA ILE A 124 9.70 11.33 2.94
C ILE A 124 10.64 11.48 4.12
N ASP A 125 11.94 11.58 3.83
CA ASP A 125 12.96 11.71 4.85
C ASP A 125 12.86 13.06 5.56
N SER A 126 12.46 14.08 4.83
CA SER A 126 12.31 15.42 5.38
C SER A 126 11.08 15.53 6.31
N TYR A 127 10.05 14.70 6.07
CA TYR A 127 8.85 14.70 6.90
C TYR A 127 9.04 13.73 8.08
N LYS A 128 10.16 13.03 7.98
CA LYS A 128 10.71 12.04 8.95
C LYS A 128 10.73 12.29 10.47
N GLY A 129 9.59 12.60 11.06
CA GLY A 129 9.55 12.84 12.50
C GLY A 129 9.30 14.29 12.75
N THR A 130 8.87 14.96 11.69
CA THR A 130 8.55 16.36 11.75
C THR A 130 7.04 16.53 11.68
N VAL A 131 6.35 15.48 11.25
CA VAL A 131 4.90 15.51 11.13
C VAL A 131 4.23 15.40 12.50
N ASP A 132 3.32 16.33 12.77
CA ASP A 132 2.60 16.35 14.04
C ASP A 132 1.28 15.59 13.91
N CYS A 133 0.56 15.82 12.82
CA CYS A 133 -0.72 15.18 12.58
C CYS A 133 -0.55 13.69 12.28
N VAL A 134 -1.37 12.86 12.92
CA VAL A 134 -1.31 11.42 12.72
C VAL A 134 -1.85 10.99 11.35
N GLN A 135 -2.55 11.88 10.66
CA GLN A 135 -3.10 11.58 9.34
C GLN A 135 -1.95 11.39 8.34
N ALA A 136 -1.02 12.32 8.35
CA ALA A 136 0.14 12.27 7.47
C ALA A 136 1.11 11.19 7.96
N ARG A 137 1.06 10.91 9.26
CA ARG A 137 1.92 9.92 9.86
C ARG A 137 1.76 8.56 9.21
N ALA A 138 0.53 8.04 9.15
CA ALA A 138 0.27 6.75 8.52
C ALA A 138 0.62 6.77 7.04
N ALA A 139 0.48 7.94 6.42
CA ALA A 139 0.80 8.09 5.01
C ALA A 139 2.28 7.81 4.76
N LEU A 140 3.12 8.28 5.66
CA LEU A 140 4.56 8.09 5.55
C LEU A 140 4.94 6.62 5.69
N ASP A 141 4.31 5.93 6.64
CA ASP A 141 4.58 4.53 6.90
C ASP A 141 3.99 3.66 5.79
N LYS A 142 3.02 4.24 5.10
CA LYS A 142 2.37 3.57 3.97
C LYS A 142 3.29 3.57 2.75
N ALA A 143 3.94 4.70 2.52
CA ALA A 143 4.83 4.88 1.38
C ALA A 143 6.15 4.12 1.53
N THR A 144 6.61 3.99 2.77
CA THR A 144 7.87 3.32 3.05
C THR A 144 7.89 1.87 2.59
N VAL A 145 6.86 1.08 2.90
CA VAL A 145 6.82 -0.31 2.51
C VAL A 145 6.70 -0.51 1.00
N LEU A 146 6.03 0.43 0.32
CA LEU A 146 5.85 0.34 -1.12
C LEU A 146 7.19 0.36 -1.86
N LEU A 147 8.15 1.11 -1.32
CA LEU A 147 9.49 1.21 -1.90
C LEU A 147 10.25 -0.11 -1.69
N SER A 148 10.03 -0.71 -0.53
CA SER A 148 10.66 -2.00 -0.18
C SER A 148 9.99 -3.16 -0.93
N MET A 149 8.81 -2.89 -1.50
CA MET A 149 8.03 -3.88 -2.25
C MET A 149 8.40 -3.92 -3.75
N SER A 150 8.24 -2.77 -4.39
CA SER A 150 8.47 -2.57 -5.84
C SER A 150 9.90 -2.82 -6.37
N LYS A 151 10.72 -3.50 -5.58
CA LYS A 151 12.10 -3.79 -5.96
C LYS A 151 12.35 -5.27 -6.19
N GLY A 152 11.97 -6.11 -5.23
CA GLY A 152 12.19 -7.54 -5.36
C GLY A 152 11.01 -8.24 -6.01
N GLY A 153 9.82 -7.74 -5.75
CA GLY A 153 8.61 -8.33 -6.30
C GLY A 153 8.32 -7.82 -7.69
N LYS A 154 9.33 -7.80 -8.53
CA LYS A 154 9.19 -7.34 -9.90
C LYS A 154 9.42 -8.49 -10.87
N ARG A 155 10.28 -9.42 -10.47
CA ARG A 155 10.61 -10.57 -11.30
C ARG A 155 9.88 -11.80 -10.79
N LYS A 156 8.63 -11.64 -10.37
CA LYS A 156 7.87 -12.77 -9.86
C LYS A 156 7.02 -13.44 -10.94
N ASP A 157 5.91 -12.82 -11.30
CA ASP A 157 5.03 -13.37 -12.32
C ASP A 157 4.68 -12.33 -13.37
N SER A 158 5.29 -12.45 -14.53
CA SER A 158 5.04 -11.53 -15.62
C SER A 158 4.51 -12.28 -16.85
N VAL A 159 4.18 -13.54 -16.66
CA VAL A 159 3.67 -14.36 -17.74
C VAL A 159 2.16 -14.48 -17.69
N TRP A 160 1.48 -13.37 -17.96
CA TRP A 160 0.03 -13.35 -17.96
C TRP A 160 -0.48 -12.99 -19.35
N GLY A 161 -1.34 -13.84 -19.88
CA GLY A 161 -1.90 -13.60 -21.19
C GLY A 161 -3.39 -13.86 -21.20
N SER A 162 -4.07 -13.31 -22.18
CA SER A 162 -5.51 -13.49 -22.32
C SER A 162 -5.87 -13.53 -23.79
N GLY A 163 -7.01 -14.13 -24.09
CA GLY A 163 -7.45 -14.22 -25.46
C GLY A 163 -8.96 -14.24 -25.55
N GLY B 1 -11.61 -12.77 -24.87
CA GLY B 1 -11.32 -11.80 -23.78
C GLY B 1 -10.78 -10.50 -24.32
N GLY B 2 -11.44 -9.40 -23.98
CA GLY B 2 -11.00 -8.10 -24.45
C GLY B 2 -10.84 -7.09 -23.34
N GLN B 3 -11.08 -7.53 -22.11
CA GLN B 3 -10.93 -6.65 -20.95
C GLN B 3 -9.55 -6.81 -20.34
N GLN B 4 -9.11 -5.80 -19.61
CA GLN B 4 -7.81 -5.82 -18.97
C GLN B 4 -7.87 -6.62 -17.67
N PRO B 5 -6.98 -7.60 -17.52
CA PRO B 5 -6.92 -8.43 -16.32
C PRO B 5 -6.59 -7.59 -15.09
N VAL B 6 -7.41 -7.72 -14.06
CA VAL B 6 -7.21 -6.98 -12.82
C VAL B 6 -6.03 -7.55 -12.04
N ASN B 7 -5.40 -6.70 -11.25
CA ASN B 7 -4.25 -7.13 -10.45
C ASN B 7 -4.67 -8.15 -9.39
N HIS B 8 -3.91 -9.22 -9.31
CA HIS B 8 -4.18 -10.30 -8.37
C HIS B 8 -2.88 -10.82 -7.78
N LEU B 9 -2.87 -11.03 -6.46
CA LEU B 9 -1.72 -11.53 -5.71
C LEU B 9 -0.58 -10.50 -5.59
N VAL B 10 -0.22 -9.87 -6.69
CA VAL B 10 0.85 -8.89 -6.73
C VAL B 10 0.48 -7.62 -5.96
N LYS B 11 1.39 -7.20 -5.09
CA LYS B 11 1.21 -5.99 -4.27
C LYS B 11 0.01 -6.13 -3.32
N GLU B 12 -0.35 -7.37 -3.01
CA GLU B 12 -1.48 -7.62 -2.13
C GLU B 12 -1.01 -8.25 -0.81
N ILE B 13 -0.63 -9.52 -0.87
CA ILE B 13 -0.17 -10.25 0.31
C ILE B 13 1.03 -9.58 0.98
N ASP B 14 1.96 -9.08 0.17
CA ASP B 14 3.15 -8.41 0.69
C ASP B 14 2.79 -7.15 1.47
N MET B 15 1.85 -6.37 0.93
CA MET B 15 1.41 -5.14 1.56
C MET B 15 0.92 -5.40 2.99
N LEU B 16 0.13 -6.44 3.15
CA LEU B 16 -0.42 -6.80 4.45
C LEU B 16 0.68 -7.18 5.44
N LEU B 17 1.67 -7.92 4.97
CA LEU B 17 2.78 -8.36 5.82
C LEU B 17 3.60 -7.15 6.27
N LYS B 18 4.00 -6.33 5.32
CA LYS B 18 4.80 -5.15 5.60
C LYS B 18 4.04 -4.05 6.34
N GLU B 19 2.72 -4.01 6.17
CA GLU B 19 1.86 -3.02 6.84
C GLU B 19 2.07 -3.06 8.35
N TYR B 20 2.08 -4.27 8.89
CA TYR B 20 2.27 -4.46 10.32
C TYR B 20 3.73 -4.22 10.69
N LEU B 21 4.62 -4.40 9.71
CA LEU B 21 6.05 -4.21 9.89
C LEU B 21 6.44 -2.77 10.26
N LEU B 22 6.05 -1.80 9.44
CA LEU B 22 6.40 -0.39 9.70
C LEU B 22 5.34 0.38 10.48
N SER B 23 4.09 0.31 10.02
CA SER B 23 2.99 1.03 10.65
C SER B 23 2.77 0.62 12.12
N GLY B 24 2.36 -0.63 12.33
CA GLY B 24 2.12 -1.11 13.68
C GLY B 24 0.64 -1.23 14.00
N ASP B 25 -0.19 -1.22 12.97
CA ASP B 25 -1.64 -1.34 13.14
C ASP B 25 -2.25 -2.25 12.09
N ILE B 26 -3.15 -3.15 12.49
CA ILE B 26 -3.78 -4.07 11.56
C ILE B 26 -4.98 -3.46 10.79
N SER B 27 -5.68 -2.49 11.41
CA SER B 27 -6.88 -1.88 10.80
C SER B 27 -6.72 -1.49 9.33
N GLU B 28 -5.58 -0.93 9.01
CA GLU B 28 -5.27 -0.52 7.64
C GLU B 28 -5.29 -1.73 6.70
N ALA B 29 -4.61 -2.79 7.12
CA ALA B 29 -4.52 -4.01 6.33
C ALA B 29 -5.85 -4.76 6.26
N GLU B 30 -6.65 -4.63 7.30
CA GLU B 30 -7.95 -5.30 7.36
C GLU B 30 -8.89 -4.81 6.25
N HIS B 31 -8.76 -3.55 5.85
CA HIS B 31 -9.61 -3.00 4.80
C HIS B 31 -9.29 -3.67 3.47
N CYS B 32 -8.03 -4.03 3.29
CA CYS B 32 -7.57 -4.66 2.07
C CYS B 32 -8.15 -6.06 1.96
N LEU B 33 -8.36 -6.70 3.11
CA LEU B 33 -8.93 -8.04 3.16
C LEU B 33 -10.36 -8.03 2.62
N LYS B 34 -11.05 -6.92 2.88
CA LYS B 34 -12.43 -6.72 2.40
C LYS B 34 -12.45 -6.45 0.89
N GLU B 35 -11.34 -5.94 0.41
CA GLU B 35 -11.12 -5.63 -1.02
C GLU B 35 -10.81 -6.89 -1.89
N LEU B 36 -10.81 -8.09 -1.26
CA LEU B 36 -10.46 -9.33 -1.98
C LEU B 36 -11.69 -10.05 -2.53
N GLU B 37 -11.47 -11.24 -3.15
CA GLU B 37 -12.59 -12.01 -3.72
C GLU B 37 -12.75 -13.36 -3.04
N VAL B 38 -11.74 -14.21 -3.15
CA VAL B 38 -11.80 -15.55 -2.57
C VAL B 38 -10.76 -15.70 -1.45
N PRO B 39 -11.22 -16.01 -0.24
CA PRO B 39 -10.34 -16.18 0.91
C PRO B 39 -9.48 -17.44 0.83
N HIS B 40 -9.92 -18.41 0.04
CA HIS B 40 -9.20 -19.67 -0.12
C HIS B 40 -7.76 -19.47 -0.60
N PHE B 41 -7.58 -18.57 -1.54
CA PHE B 41 -6.26 -18.30 -2.10
C PHE B 41 -5.42 -17.44 -1.17
N HIS B 42 -6.06 -16.84 -0.18
CA HIS B 42 -5.39 -15.96 0.77
C HIS B 42 -4.46 -16.67 1.76
N HIS B 43 -4.38 -17.99 1.67
CA HIS B 43 -3.51 -18.77 2.56
C HIS B 43 -2.03 -18.35 2.43
N GLU B 44 -1.65 -17.87 1.24
CA GLU B 44 -0.28 -17.38 1.00
C GLU B 44 0.16 -16.35 2.04
N LEU B 45 -0.80 -15.55 2.49
CA LEU B 45 -0.55 -14.51 3.52
C LEU B 45 -0.03 -15.16 4.81
N VAL B 46 -0.43 -16.40 4.99
CA VAL B 46 -0.04 -17.17 6.16
C VAL B 46 1.37 -17.72 5.97
N TYR B 47 1.57 -18.45 4.88
CA TYR B 47 2.86 -19.04 4.53
C TYR B 47 4.02 -18.04 4.63
N GLU B 48 3.90 -16.91 3.94
CA GLU B 48 4.95 -15.89 3.95
C GLU B 48 5.14 -15.28 5.33
N ALA B 49 4.04 -15.02 6.02
CA ALA B 49 4.10 -14.45 7.37
C ALA B 49 4.97 -15.31 8.29
N ILE B 50 4.86 -16.62 8.13
CA ILE B 50 5.63 -17.57 8.92
C ILE B 50 7.09 -17.55 8.47
N VAL B 51 7.30 -17.57 7.15
CA VAL B 51 8.65 -17.54 6.58
C VAL B 51 9.40 -16.30 7.06
N MET B 52 8.71 -15.16 7.09
CA MET B 52 9.30 -13.91 7.54
C MET B 52 9.86 -14.05 8.96
N VAL B 53 9.00 -14.48 9.88
CA VAL B 53 9.40 -14.68 11.29
C VAL B 53 10.71 -15.47 11.41
N LEU B 54 10.90 -16.47 10.57
CA LEU B 54 12.10 -17.29 10.61
C LEU B 54 13.29 -16.60 9.94
N GLU B 55 12.98 -15.72 9.00
CA GLU B 55 14.01 -15.02 8.25
C GLU B 55 14.23 -13.60 8.78
N SER B 56 13.65 -13.30 9.94
CA SER B 56 13.80 -11.97 10.52
C SER B 56 14.54 -12.06 11.85
N THR B 57 15.40 -11.09 12.10
CA THR B 57 16.18 -11.05 13.33
C THR B 57 15.58 -10.05 14.31
N GLY B 58 15.22 -10.54 15.49
CA GLY B 58 14.64 -9.67 16.50
C GLY B 58 13.35 -10.23 17.05
N GLU B 59 12.98 -9.82 18.25
CA GLU B 59 11.75 -10.30 18.87
C GLU B 59 10.54 -9.54 18.35
N SER B 60 10.81 -8.40 17.72
CA SER B 60 9.76 -7.56 17.16
C SER B 60 9.02 -8.30 16.04
N ALA B 61 9.79 -9.03 15.25
CA ALA B 61 9.25 -9.80 14.14
C ALA B 61 8.14 -10.73 14.61
N PHE B 62 8.44 -11.54 15.63
CA PHE B 62 7.48 -12.49 16.19
C PHE B 62 6.21 -11.79 16.69
N LYS B 63 6.38 -10.91 17.67
CA LYS B 63 5.26 -10.17 18.26
C LYS B 63 4.35 -9.49 17.23
N MET B 64 4.93 -9.04 16.13
CA MET B 64 4.16 -8.37 15.08
C MET B 64 3.36 -9.37 14.25
N ILE B 65 4.02 -10.46 13.81
CA ILE B 65 3.37 -11.47 12.99
C ILE B 65 2.32 -12.26 13.76
N LEU B 66 2.69 -12.81 14.92
CA LEU B 66 1.75 -13.57 15.74
C LEU B 66 0.45 -12.81 15.98
N ASP B 67 0.55 -11.52 16.26
CA ASP B 67 -0.63 -10.72 16.51
C ASP B 67 -1.40 -10.48 15.21
N LEU B 68 -0.68 -10.44 14.10
CA LEU B 68 -1.29 -10.24 12.79
C LEU B 68 -2.27 -11.37 12.47
N LEU B 69 -1.83 -12.61 12.62
CA LEU B 69 -2.68 -13.76 12.34
C LEU B 69 -3.79 -13.91 13.37
N LYS B 70 -3.43 -13.88 14.65
CA LYS B 70 -4.40 -14.00 15.73
C LYS B 70 -5.52 -12.96 15.63
N SER B 71 -5.18 -11.80 15.07
CA SER B 71 -6.16 -10.74 14.91
C SER B 71 -7.15 -11.07 13.79
N LEU B 72 -6.62 -11.62 12.70
CA LEU B 72 -7.43 -11.99 11.54
C LEU B 72 -8.40 -13.12 11.93
N TRP B 73 -7.96 -14.02 12.78
CA TRP B 73 -8.82 -15.11 13.23
C TRP B 73 -10.03 -14.53 13.95
N LYS B 74 -9.77 -13.63 14.88
CA LYS B 74 -10.83 -12.95 15.64
C LYS B 74 -11.89 -12.32 14.73
N SER B 75 -11.47 -11.77 13.60
CA SER B 75 -12.40 -11.14 12.66
C SER B 75 -13.09 -12.16 11.75
N SER B 76 -12.69 -13.42 11.90
CA SER B 76 -13.24 -14.52 11.11
C SER B 76 -12.78 -14.43 9.66
N THR B 77 -11.52 -14.04 9.48
CA THR B 77 -10.94 -13.91 8.16
C THR B 77 -10.17 -15.17 7.75
N ILE B 78 -9.28 -15.63 8.62
CA ILE B 78 -8.48 -16.81 8.33
C ILE B 78 -9.31 -18.09 8.51
N THR B 79 -9.28 -18.95 7.51
CA THR B 79 -9.99 -20.20 7.56
C THR B 79 -9.03 -21.32 7.96
N ILE B 80 -9.52 -22.27 8.75
CA ILE B 80 -8.68 -23.38 9.21
C ILE B 80 -7.96 -24.10 8.06
N ASP B 81 -8.67 -24.36 6.97
CA ASP B 81 -8.08 -25.03 5.79
C ASP B 81 -6.92 -24.21 5.23
N GLN B 82 -7.08 -22.89 5.30
CA GLN B 82 -6.07 -21.97 4.80
C GLN B 82 -4.80 -22.00 5.65
N MET B 83 -4.97 -21.87 6.96
CA MET B 83 -3.85 -21.87 7.88
C MET B 83 -3.16 -23.24 7.94
N LYS B 84 -3.97 -24.30 7.90
CA LYS B 84 -3.43 -25.66 7.93
C LYS B 84 -2.50 -25.86 6.75
N ARG B 85 -2.98 -25.53 5.56
CA ARG B 85 -2.20 -25.65 4.34
C ARG B 85 -0.94 -24.78 4.40
N GLY B 86 -1.01 -23.70 5.17
CA GLY B 86 0.13 -22.82 5.32
C GLY B 86 1.21 -23.49 6.14
N TYR B 87 0.80 -24.07 7.26
CA TYR B 87 1.71 -24.77 8.16
C TYR B 87 2.30 -26.01 7.49
N GLU B 88 1.42 -26.80 6.87
CA GLU B 88 1.83 -28.02 6.18
C GLU B 88 2.93 -27.75 5.18
N ARG B 89 2.85 -26.60 4.51
CA ARG B 89 3.84 -26.21 3.53
C ARG B 89 5.16 -25.86 4.22
N ILE B 90 5.08 -25.12 5.32
CA ILE B 90 6.25 -24.72 6.09
C ILE B 90 7.06 -25.94 6.52
N TYR B 91 6.34 -26.98 6.92
CA TYR B 91 6.96 -28.24 7.36
C TYR B 91 7.79 -28.86 6.24
N ASN B 92 7.48 -28.50 5.00
CA ASN B 92 8.19 -29.01 3.84
C ASN B 92 9.35 -28.09 3.46
N GLU B 93 9.22 -26.81 3.78
CA GLU B 93 10.25 -25.83 3.45
C GLU B 93 11.36 -25.82 4.50
N ILE B 94 11.10 -26.44 5.64
CA ILE B 94 12.06 -26.53 6.73
C ILE B 94 13.44 -27.02 6.28
N PRO B 95 13.53 -28.19 5.61
CA PRO B 95 14.82 -28.74 5.14
C PRO B 95 15.57 -27.78 4.23
N ASP B 96 14.85 -26.98 3.46
CA ASP B 96 15.46 -26.03 2.54
C ASP B 96 15.98 -24.80 3.27
N ILE B 97 15.15 -24.26 4.15
CA ILE B 97 15.52 -23.09 4.93
C ILE B 97 16.69 -23.39 5.88
N ASN B 98 16.63 -24.55 6.52
CA ASN B 98 17.66 -24.97 7.45
C ASN B 98 18.89 -25.50 6.73
N LEU B 99 18.69 -26.58 5.97
CA LEU B 99 19.76 -27.24 5.24
C LEU B 99 20.80 -27.78 6.20
N ASP B 100 20.36 -28.78 7.00
CA ASP B 100 21.20 -29.43 8.00
C ASP B 100 21.31 -28.57 9.26
N VAL B 101 21.51 -29.24 10.39
CA VAL B 101 21.61 -28.55 11.68
C VAL B 101 20.40 -27.64 11.92
N PRO B 102 19.21 -28.23 12.14
CA PRO B 102 17.98 -27.48 12.38
C PRO B 102 17.98 -26.81 13.75
N HIS B 103 18.56 -25.61 13.82
CA HIS B 103 18.61 -24.87 15.08
C HIS B 103 17.48 -23.86 15.17
N SER B 104 16.56 -23.91 14.22
CA SER B 104 15.42 -23.01 14.20
C SER B 104 14.23 -23.63 14.93
N TYR B 105 14.44 -24.84 15.45
CA TYR B 105 13.41 -25.56 16.18
C TYR B 105 12.93 -24.78 17.40
N SER B 106 13.84 -23.97 17.95
CA SER B 106 13.54 -23.13 19.10
C SER B 106 12.34 -22.24 18.80
N VAL B 107 12.39 -21.57 17.66
CA VAL B 107 11.32 -20.68 17.25
C VAL B 107 10.18 -21.47 16.60
N LEU B 108 10.52 -22.48 15.80
CA LEU B 108 9.51 -23.30 15.12
C LEU B 108 8.51 -23.91 16.08
N GLU B 109 9.00 -24.62 17.09
CA GLU B 109 8.12 -25.25 18.07
C GLU B 109 7.39 -24.17 18.87
N ARG B 110 8.15 -23.19 19.34
CA ARG B 110 7.60 -22.08 20.11
C ARG B 110 6.43 -21.43 19.38
N PHE B 111 6.65 -21.11 18.11
CA PHE B 111 5.62 -20.47 17.28
C PHE B 111 4.38 -21.36 17.14
N VAL B 112 4.60 -22.64 16.86
CA VAL B 112 3.47 -23.57 16.68
C VAL B 112 2.73 -23.80 17.99
N GLU B 113 3.46 -24.04 19.07
CA GLU B 113 2.83 -24.26 20.36
C GLU B 113 2.09 -23.01 20.82
N GLU B 114 2.68 -21.86 20.53
CA GLU B 114 2.07 -20.58 20.88
C GLU B 114 0.75 -20.44 20.15
N CYS B 115 0.80 -20.66 18.84
CA CYS B 115 -0.39 -20.59 18.00
C CYS B 115 -1.45 -21.60 18.43
N PHE B 116 -1.04 -22.84 18.70
CA PHE B 116 -1.98 -23.89 19.11
C PHE B 116 -2.74 -23.51 20.37
N GLN B 117 -2.01 -23.02 21.38
CA GLN B 117 -2.61 -22.62 22.66
C GLN B 117 -3.78 -21.66 22.50
N ALA B 118 -3.80 -20.92 21.39
CA ALA B 118 -4.87 -19.97 21.12
C ALA B 118 -6.18 -20.69 20.76
N GLY B 119 -6.08 -21.97 20.46
CA GLY B 119 -7.25 -22.75 20.10
C GLY B 119 -7.79 -22.40 18.73
N ILE B 120 -6.88 -22.05 17.83
CA ILE B 120 -7.27 -21.67 16.48
C ILE B 120 -7.09 -22.81 15.50
N ILE B 121 -6.09 -23.66 15.73
CA ILE B 121 -5.81 -24.78 14.84
C ILE B 121 -6.26 -26.11 15.45
N SER B 122 -6.01 -27.19 14.74
CA SER B 122 -6.39 -28.52 15.19
C SER B 122 -5.20 -29.26 15.79
N LYS B 123 -5.48 -30.28 16.59
CA LYS B 123 -4.44 -31.08 17.23
C LYS B 123 -3.68 -31.88 16.17
N GLN B 124 -4.40 -32.28 15.13
CA GLN B 124 -3.81 -33.03 14.02
C GLN B 124 -2.67 -32.24 13.41
N LEU B 125 -2.84 -30.93 13.34
CA LEU B 125 -1.81 -30.05 12.77
C LEU B 125 -0.63 -29.97 13.72
N ARG B 126 -0.91 -29.83 15.02
CA ARG B 126 0.14 -29.78 16.02
C ARG B 126 0.99 -31.06 16.00
N ASP B 127 0.36 -32.15 15.58
CA ASP B 127 1.04 -33.44 15.49
C ASP B 127 1.98 -33.47 14.29
N LEU B 128 1.61 -32.75 13.23
CA LEU B 128 2.41 -32.68 12.01
C LEU B 128 3.72 -31.94 12.26
N CYS B 129 3.78 -31.18 13.34
CA CYS B 129 4.97 -30.43 13.69
C CYS B 129 6.01 -31.38 14.28
N PRO B 130 7.28 -31.23 13.88
CA PRO B 130 8.38 -32.08 14.36
C PRO B 130 8.76 -31.77 15.83
N SER B 131 7.90 -32.19 16.75
CA SER B 131 8.14 -31.99 18.17
C SER B 131 9.05 -33.09 18.71
N GLY A 1 2.48 30.13 -1.62
CA GLY A 1 1.68 31.35 -1.36
C GLY A 1 0.23 31.01 -1.09
N LEU A 2 -0.63 32.02 -1.04
CA LEU A 2 -2.05 31.79 -0.81
C LEU A 2 -2.81 31.69 -2.13
N PRO A 3 -3.82 30.83 -2.19
CA PRO A 3 -4.62 30.64 -3.40
C PRO A 3 -5.51 31.84 -3.71
N LEU A 4 -5.61 32.18 -4.98
CA LEU A 4 -6.43 33.29 -5.43
C LEU A 4 -7.67 32.75 -6.12
N ASP A 5 -8.84 33.24 -5.73
CA ASP A 5 -10.12 32.78 -6.31
C ASP A 5 -10.27 31.27 -6.11
N GLU A 6 -10.41 30.87 -4.83
CA GLU A 6 -10.51 29.45 -4.49
C GLU A 6 -11.71 28.75 -5.12
N ARG A 7 -12.93 29.23 -4.85
CA ARG A 7 -14.13 28.60 -5.40
C ARG A 7 -14.18 28.70 -6.91
N ALA A 8 -13.76 29.85 -7.42
CA ALA A 8 -13.74 30.10 -8.85
C ALA A 8 -12.90 29.06 -9.58
N PHE A 9 -11.79 28.69 -8.97
CA PHE A 9 -10.90 27.70 -9.55
C PHE A 9 -11.44 26.29 -9.35
N GLU A 10 -11.99 26.01 -8.17
CA GLU A 10 -12.51 24.68 -7.85
C GLU A 10 -13.67 24.33 -8.78
N LYS A 11 -14.60 25.27 -8.96
CA LYS A 11 -15.77 25.05 -9.80
C LYS A 11 -15.36 24.82 -11.26
N THR A 12 -14.33 25.53 -11.69
CA THR A 12 -13.86 25.42 -13.07
C THR A 12 -13.11 24.10 -13.31
N LEU A 13 -12.33 23.68 -12.32
CA LEU A 13 -11.57 22.45 -12.43
C LEU A 13 -12.46 21.20 -12.36
N THR A 14 -13.66 21.36 -11.83
CA THR A 14 -14.61 20.26 -11.69
C THR A 14 -14.83 19.48 -13.01
N PRO A 15 -15.34 20.14 -14.08
CA PRO A 15 -15.58 19.47 -15.37
C PRO A 15 -14.28 18.95 -16.01
N ILE A 16 -13.20 19.68 -15.77
CA ILE A 16 -11.89 19.31 -16.31
C ILE A 16 -11.51 17.89 -15.86
N ILE A 17 -11.54 17.67 -14.54
CA ILE A 17 -11.21 16.36 -13.99
C ILE A 17 -12.21 15.33 -14.45
N GLN A 18 -13.48 15.73 -14.52
CA GLN A 18 -14.55 14.85 -14.98
C GLN A 18 -14.18 14.24 -16.33
N GLU A 19 -13.84 15.10 -17.28
CA GLU A 19 -13.42 14.69 -18.62
C GLU A 19 -12.24 13.70 -18.59
N TYR A 20 -11.47 13.74 -17.52
CA TYR A 20 -10.33 12.84 -17.39
C TYR A 20 -10.79 11.49 -16.88
N PHE A 21 -11.78 11.53 -15.99
CA PHE A 21 -12.35 10.31 -15.48
C PHE A 21 -12.96 9.52 -16.62
N GLU A 22 -13.54 10.23 -17.59
CA GLU A 22 -14.15 9.55 -18.71
C GLU A 22 -13.14 8.89 -19.66
N HIS A 23 -12.23 9.61 -20.29
CA HIS A 23 -11.37 8.78 -21.16
C HIS A 23 -9.92 8.62 -20.71
N GLY A 24 -9.07 9.37 -21.36
CA GLY A 24 -7.68 9.34 -20.94
C GLY A 24 -6.79 10.14 -21.82
N ASP A 25 -6.79 11.40 -21.53
CA ASP A 25 -6.03 12.34 -22.27
C ASP A 25 -5.38 13.35 -21.35
N THR A 26 -4.07 13.23 -21.27
CA THR A 26 -3.27 14.14 -20.46
C THR A 26 -3.06 15.51 -21.15
N ASN A 27 -2.89 15.50 -22.48
CA ASN A 27 -2.65 16.72 -23.26
C ASN A 27 -3.87 17.61 -23.24
N GLU A 28 -5.02 16.97 -23.27
CA GLU A 28 -6.30 17.66 -23.24
C GLU A 28 -6.32 18.58 -22.01
N VAL A 29 -5.94 17.99 -20.88
CA VAL A 29 -5.88 18.72 -19.62
C VAL A 29 -4.83 19.83 -19.70
N ALA A 30 -3.62 19.49 -20.18
CA ALA A 30 -2.53 20.46 -20.30
C ALA A 30 -2.92 21.71 -21.08
N GLU A 31 -3.44 21.51 -22.29
CA GLU A 31 -3.89 22.63 -23.13
C GLU A 31 -4.82 23.57 -22.35
N MET A 32 -5.71 23.00 -21.53
CA MET A 32 -6.64 23.79 -20.74
C MET A 32 -5.92 24.56 -19.63
N LEU A 33 -4.85 23.99 -19.11
CA LEU A 33 -4.07 24.63 -18.05
C LEU A 33 -3.43 25.90 -18.56
N ARG A 34 -2.70 25.80 -19.67
CA ARG A 34 -2.05 26.96 -20.27
C ARG A 34 -3.12 27.98 -20.68
N ASP A 35 -4.28 27.45 -21.02
CA ASP A 35 -5.43 28.26 -21.42
C ASP A 35 -5.79 29.20 -20.26
N LEU A 36 -5.81 28.64 -19.06
CA LEU A 36 -6.11 29.42 -17.87
C LEU A 36 -4.91 30.28 -17.48
N ASN A 37 -3.72 29.67 -17.47
CA ASN A 37 -2.47 30.34 -17.11
C ASN A 37 -2.42 30.72 -15.64
N LEU A 38 -1.84 29.83 -14.84
CA LEU A 38 -1.73 30.06 -13.41
C LEU A 38 -0.29 29.85 -12.94
N GLY A 39 0.05 30.44 -11.81
CA GLY A 39 1.38 30.29 -11.25
C GLY A 39 1.40 29.40 -10.03
N GLU A 40 1.13 29.98 -8.86
CA GLU A 40 1.10 29.21 -7.62
C GLU A 40 -0.16 28.33 -7.58
N MET A 41 -1.24 28.82 -8.17
CA MET A 41 -2.50 28.09 -8.21
C MET A 41 -2.40 26.93 -9.18
N LYS A 42 -1.35 26.92 -9.98
CA LYS A 42 -1.11 25.87 -10.97
C LYS A 42 -0.77 24.56 -10.25
N SER A 43 -0.19 24.69 -9.06
CA SER A 43 0.18 23.53 -8.28
C SER A 43 -1.08 22.92 -7.64
N GLY A 44 -2.11 23.74 -7.49
CA GLY A 44 -3.35 23.29 -6.90
C GLY A 44 -4.29 22.73 -7.95
N VAL A 45 -3.74 22.19 -9.04
CA VAL A 45 -4.54 21.62 -10.11
C VAL A 45 -4.66 20.11 -9.93
N PRO A 46 -3.53 19.38 -9.87
CA PRO A 46 -3.53 17.92 -9.69
C PRO A 46 -3.98 17.54 -8.28
N VAL A 47 -4.11 18.55 -7.44
CA VAL A 47 -4.53 18.35 -6.06
C VAL A 47 -5.97 17.87 -6.04
N LEU A 48 -6.86 18.62 -6.71
CA LEU A 48 -8.26 18.26 -6.78
C LEU A 48 -8.44 16.89 -7.44
N ALA A 49 -7.78 16.72 -8.59
CA ALA A 49 -7.77 15.44 -9.32
C ALA A 49 -7.42 14.27 -8.40
N VAL A 50 -6.64 14.58 -7.38
CA VAL A 50 -6.21 13.56 -6.42
C VAL A 50 -7.31 13.29 -5.39
N SER A 51 -7.93 14.37 -4.89
CA SER A 51 -8.97 14.27 -3.87
C SER A 51 -10.20 13.51 -4.36
N LEU A 52 -10.66 13.82 -5.58
CA LEU A 52 -11.81 13.15 -6.16
C LEU A 52 -11.54 11.66 -6.33
N ALA A 53 -10.39 11.35 -6.91
CA ALA A 53 -9.97 9.96 -7.12
C ALA A 53 -9.95 9.15 -5.81
N LEU A 54 -9.84 9.84 -4.69
CA LEU A 54 -9.81 9.17 -3.39
C LEU A 54 -11.22 8.71 -3.01
N GLU A 55 -12.21 9.55 -3.31
CA GLU A 55 -13.59 9.24 -2.99
C GLU A 55 -14.30 8.53 -4.14
N GLY A 56 -13.54 7.91 -5.02
CA GLY A 56 -14.12 7.22 -6.15
C GLY A 56 -13.69 5.78 -6.24
N LYS A 57 -13.51 5.29 -7.45
CA LYS A 57 -13.09 3.91 -7.68
C LYS A 57 -11.58 3.78 -7.51
N ALA A 58 -11.15 2.64 -6.96
CA ALA A 58 -9.73 2.37 -6.74
C ALA A 58 -8.94 2.40 -8.05
N SER A 59 -9.51 1.79 -9.09
CA SER A 59 -8.86 1.71 -10.40
C SER A 59 -8.66 3.10 -11.00
N HIS A 60 -9.53 4.03 -10.62
CA HIS A 60 -9.43 5.38 -11.13
C HIS A 60 -8.27 6.14 -10.53
N ARG A 61 -7.72 5.68 -9.40
CA ARG A 61 -6.61 6.34 -8.76
C ARG A 61 -5.33 6.14 -9.56
N GLU A 62 -4.98 4.87 -9.84
CA GLU A 62 -3.78 4.56 -10.64
C GLU A 62 -3.80 5.33 -11.98
N MET A 63 -5.00 5.49 -12.52
CA MET A 63 -5.17 6.22 -13.78
C MET A 63 -4.92 7.71 -13.59
N THR A 64 -5.06 8.19 -12.36
CA THR A 64 -4.82 9.60 -12.06
C THR A 64 -3.32 9.89 -12.07
N SER A 65 -2.53 9.04 -11.42
CA SER A 65 -1.08 9.20 -11.37
C SER A 65 -0.45 9.37 -12.75
N LYS A 66 -1.08 8.79 -13.77
CA LYS A 66 -0.58 8.89 -15.14
C LYS A 66 -0.61 10.34 -15.60
N LEU A 67 -1.57 11.11 -15.08
CA LEU A 67 -1.70 12.51 -15.42
C LEU A 67 -0.58 13.33 -14.78
N LEU A 68 -0.12 12.88 -13.62
CA LEU A 68 0.94 13.59 -12.91
C LEU A 68 2.23 13.65 -13.71
N SER A 69 2.83 12.47 -13.99
CA SER A 69 4.04 12.40 -14.78
C SER A 69 3.89 13.06 -16.15
N ASP A 70 2.67 13.08 -16.67
CA ASP A 70 2.41 13.70 -17.95
C ASP A 70 2.41 15.21 -17.84
N LEU A 71 1.79 15.72 -16.78
CA LEU A 71 1.73 17.15 -16.54
C LEU A 71 3.11 17.75 -16.30
N CYS A 72 3.93 17.10 -15.47
CA CYS A 72 5.27 17.58 -15.17
C CYS A 72 6.16 17.54 -16.40
N GLY A 73 6.90 18.63 -16.59
CA GLY A 73 7.79 18.75 -17.72
C GLY A 73 7.09 19.41 -18.88
N THR A 74 5.79 19.18 -18.97
CA THR A 74 4.98 19.74 -20.01
C THR A 74 4.43 21.10 -19.60
N VAL A 75 3.71 21.14 -18.48
CA VAL A 75 3.14 22.40 -17.99
C VAL A 75 3.41 22.64 -16.51
N MET A 76 4.03 21.69 -15.85
CA MET A 76 4.31 21.82 -14.43
C MET A 76 5.74 21.40 -14.13
N SER A 77 6.35 22.04 -13.14
CA SER A 77 7.70 21.71 -12.76
C SER A 77 7.72 20.77 -11.57
N THR A 78 8.85 20.08 -11.37
CA THR A 78 9.01 19.17 -10.23
C THR A 78 8.65 19.85 -8.91
N THR A 79 8.86 21.16 -8.86
CA THR A 79 8.55 21.94 -7.68
C THR A 79 7.03 22.03 -7.50
N ASP A 80 6.35 22.29 -8.62
CA ASP A 80 4.88 22.39 -8.64
C ASP A 80 4.25 21.13 -8.07
N VAL A 81 4.76 19.97 -8.48
CA VAL A 81 4.25 18.68 -8.03
C VAL A 81 4.51 18.48 -6.54
N GLU A 82 5.73 18.81 -6.10
CA GLU A 82 6.10 18.66 -4.71
C GLU A 82 5.20 19.51 -3.81
N LYS A 83 4.99 20.76 -4.23
CA LYS A 83 4.13 21.68 -3.48
C LYS A 83 2.70 21.16 -3.39
N SER A 84 2.31 20.32 -4.35
CA SER A 84 0.98 19.76 -4.37
C SER A 84 0.77 18.83 -3.18
N PHE A 85 1.78 18.02 -2.90
CA PHE A 85 1.72 17.07 -1.79
C PHE A 85 1.61 17.79 -0.45
N ASP A 86 2.35 18.89 -0.29
CA ASP A 86 2.31 19.67 0.95
C ASP A 86 0.90 20.17 1.20
N LYS A 87 0.33 20.83 0.20
CA LYS A 87 -1.01 21.37 0.29
C LYS A 87 -2.04 20.25 0.49
N LEU A 88 -1.79 19.09 -0.12
CA LEU A 88 -2.68 17.95 0.00
C LEU A 88 -2.66 17.40 1.43
N LEU A 89 -1.46 17.16 1.95
CA LEU A 89 -1.27 16.66 3.31
C LEU A 89 -2.08 17.45 4.35
N LYS A 90 -2.22 18.76 4.12
CA LYS A 90 -2.97 19.61 5.05
C LYS A 90 -4.48 19.43 4.89
N ASP A 91 -4.89 18.92 3.73
CA ASP A 91 -6.32 18.69 3.46
C ASP A 91 -6.76 17.33 4.01
N LEU A 92 -5.85 16.36 3.93
CA LEU A 92 -6.06 14.99 4.41
C LEU A 92 -6.93 14.85 5.66
N PRO A 93 -6.63 15.55 6.78
CA PRO A 93 -7.42 15.46 8.00
C PRO A 93 -8.91 15.62 7.75
N GLU A 94 -9.25 16.47 6.79
CA GLU A 94 -10.65 16.72 6.45
C GLU A 94 -11.22 15.72 5.45
N LEU A 95 -10.33 15.02 4.71
CA LEU A 95 -10.76 14.08 3.70
C LEU A 95 -11.10 12.72 4.34
N ALA A 96 -10.46 12.42 5.46
CA ALA A 96 -10.70 11.16 6.17
C ALA A 96 -12.06 11.14 6.83
N LEU A 97 -12.73 12.28 6.78
CA LEU A 97 -14.03 12.43 7.36
C LEU A 97 -15.07 11.88 6.40
N ASP A 98 -14.65 11.74 5.14
CA ASP A 98 -15.54 11.25 4.09
C ASP A 98 -15.08 9.86 3.61
N THR A 99 -13.95 9.37 4.17
CA THR A 99 -13.36 8.09 3.76
C THR A 99 -12.28 7.68 4.79
N PRO A 100 -12.51 6.59 5.55
CA PRO A 100 -11.57 6.13 6.59
C PRO A 100 -10.18 5.75 6.04
N ARG A 101 -10.12 5.39 4.77
CA ARG A 101 -8.85 5.01 4.14
C ARG A 101 -8.25 6.14 3.30
N ALA A 102 -8.81 7.33 3.40
CA ALA A 102 -8.33 8.48 2.62
C ALA A 102 -6.83 8.74 2.78
N PRO A 103 -6.32 8.99 4.01
CA PRO A 103 -4.88 9.26 4.21
C PRO A 103 -4.00 8.09 3.80
N GLN A 104 -4.49 6.88 4.05
CA GLN A 104 -3.76 5.66 3.69
C GLN A 104 -3.50 5.58 2.19
N LEU A 105 -4.54 5.82 1.39
CA LEU A 105 -4.42 5.78 -0.06
C LEU A 105 -3.44 6.85 -0.54
N VAL A 106 -3.54 8.02 0.07
CA VAL A 106 -2.65 9.14 -0.23
C VAL A 106 -1.18 8.71 -0.23
N GLY A 107 -0.82 7.85 0.73
CA GLY A 107 0.54 7.35 0.81
C GLY A 107 0.97 6.63 -0.46
N GLN A 108 0.05 5.86 -1.05
CA GLN A 108 0.34 5.11 -2.27
C GLN A 108 0.67 6.07 -3.41
N PHE A 109 0.10 7.27 -3.36
CA PHE A 109 0.34 8.29 -4.37
C PHE A 109 1.75 8.83 -4.28
N ILE A 110 2.21 9.12 -3.05
CA ILE A 110 3.55 9.63 -2.82
C ILE A 110 4.59 8.64 -3.34
N ALA A 111 4.36 7.35 -3.03
CA ALA A 111 5.25 6.29 -3.47
C ALA A 111 5.41 6.30 -4.99
N ARG A 112 4.30 6.52 -5.70
CA ARG A 112 4.32 6.57 -7.15
C ARG A 112 5.08 7.79 -7.67
N ALA A 113 4.91 8.92 -6.99
CA ALA A 113 5.57 10.15 -7.39
C ALA A 113 7.09 9.99 -7.39
N VAL A 114 7.61 9.39 -6.34
CA VAL A 114 9.05 9.15 -6.23
C VAL A 114 9.48 8.07 -7.22
N GLY A 115 8.57 7.14 -7.46
CA GLY A 115 8.86 6.04 -8.36
C GLY A 115 9.00 6.48 -9.81
N ASP A 116 8.06 7.30 -10.28
CA ASP A 116 8.12 7.81 -11.65
C ASP A 116 9.21 8.86 -11.84
N GLY A 117 9.55 9.55 -10.77
CA GLY A 117 10.58 10.56 -10.83
C GLY A 117 10.02 11.97 -10.90
N ILE A 118 8.91 12.19 -10.21
CA ILE A 118 8.27 13.50 -10.19
C ILE A 118 8.19 14.03 -8.76
N LEU A 119 9.10 13.55 -7.94
CA LEU A 119 9.17 13.93 -6.54
C LEU A 119 10.53 13.56 -5.97
N CYS A 120 10.95 14.29 -4.94
CA CYS A 120 12.24 14.02 -4.32
C CYS A 120 12.08 12.96 -3.25
N ASN A 121 13.06 12.07 -3.15
CA ASN A 121 13.01 11.00 -2.16
C ASN A 121 13.18 11.54 -0.75
N THR A 122 13.94 12.63 -0.61
CA THR A 122 14.18 13.25 0.67
C THR A 122 12.94 13.97 1.20
N TYR A 123 11.85 13.93 0.43
CA TYR A 123 10.61 14.57 0.83
C TYR A 123 10.10 13.90 2.09
N ILE A 124 10.28 12.59 2.15
CA ILE A 124 9.85 11.80 3.30
C ILE A 124 10.69 12.17 4.52
N ASP A 125 11.98 12.35 4.31
CA ASP A 125 12.90 12.71 5.38
C ASP A 125 12.60 14.11 5.91
N SER A 126 12.13 14.98 5.03
CA SER A 126 11.76 16.34 5.40
C SER A 126 10.54 16.36 6.33
N TYR A 127 9.68 15.35 6.21
CA TYR A 127 8.48 15.25 7.04
C TYR A 127 8.66 14.13 8.07
N LYS A 128 9.93 13.73 8.22
CA LYS A 128 10.40 12.67 9.14
C LYS A 128 10.25 12.89 10.65
N GLY A 129 9.06 13.25 11.07
CA GLY A 129 8.82 13.48 12.49
C GLY A 129 8.49 14.91 12.70
N THR A 130 8.74 15.69 11.65
CA THR A 130 8.46 17.11 11.65
C THR A 130 6.98 17.35 11.37
N VAL A 131 6.14 16.40 11.79
CA VAL A 131 4.70 16.50 11.60
C VAL A 131 3.96 16.21 12.89
N ASP A 132 3.02 17.08 13.24
CA ASP A 132 2.23 16.92 14.45
C ASP A 132 0.93 16.17 14.16
N CYS A 133 0.40 16.36 12.96
CA CYS A 133 -0.84 15.71 12.54
C CYS A 133 -0.62 14.23 12.28
N VAL A 134 -1.42 13.38 12.92
CA VAL A 134 -1.30 11.94 12.74
C VAL A 134 -1.80 11.49 11.36
N GLN A 135 -2.51 12.39 10.68
CA GLN A 135 -3.02 12.10 9.34
C GLN A 135 -1.83 11.92 8.37
N ALA A 136 -0.81 12.76 8.53
CA ALA A 136 0.38 12.71 7.70
C ALA A 136 1.30 11.60 8.20
N ARG A 137 1.18 11.31 9.50
CA ARG A 137 1.98 10.25 10.12
C ARG A 137 1.54 8.86 9.57
N ALA A 138 0.35 8.92 8.97
CA ALA A 138 -0.27 7.75 8.31
C ALA A 138 0.32 7.45 6.91
N ALA A 139 0.23 8.46 6.01
CA ALA A 139 0.66 8.36 4.59
C ALA A 139 2.16 8.24 4.36
N LEU A 140 2.88 9.11 5.02
CA LEU A 140 4.31 9.13 4.90
C LEU A 140 4.87 7.87 5.53
N ASP A 141 4.16 7.36 6.52
CA ASP A 141 4.56 6.15 7.22
C ASP A 141 4.18 4.88 6.40
N LYS A 142 3.20 5.12 5.50
CA LYS A 142 2.70 4.07 4.60
C LYS A 142 3.61 3.91 3.37
N ALA A 143 3.76 5.02 2.64
CA ALA A 143 4.54 5.11 1.39
C ALA A 143 5.97 4.67 1.52
N THR A 144 6.50 4.83 2.71
CA THR A 144 7.85 4.48 2.99
C THR A 144 8.11 3.01 2.66
N VAL A 145 7.22 2.12 3.09
CA VAL A 145 7.38 0.70 2.82
C VAL A 145 7.03 0.36 1.37
N LEU A 146 6.01 1.04 0.82
CA LEU A 146 5.55 0.79 -0.54
C LEU A 146 6.70 0.89 -1.54
N LEU A 147 7.60 1.82 -1.28
CA LEU A 147 8.76 2.03 -2.14
C LEU A 147 9.66 0.80 -2.18
N SER A 148 9.93 0.22 -1.01
CA SER A 148 10.77 -0.96 -0.92
C SER A 148 10.01 -2.22 -1.33
N MET A 149 8.73 -2.26 -1.00
CA MET A 149 7.86 -3.39 -1.30
C MET A 149 7.63 -3.54 -2.80
N SER A 150 7.52 -2.42 -3.50
CA SER A 150 7.30 -2.44 -4.95
C SER A 150 8.57 -2.86 -5.71
N LYS A 151 9.62 -3.20 -4.95
CA LYS A 151 10.87 -3.64 -5.53
C LYS A 151 10.93 -5.16 -5.49
N GLY A 152 9.93 -5.75 -4.86
CA GLY A 152 9.88 -7.19 -4.74
C GLY A 152 8.89 -7.79 -5.71
N GLY A 153 9.36 -8.72 -6.53
CA GLY A 153 8.51 -9.36 -7.50
C GLY A 153 8.14 -8.45 -8.65
N LYS A 154 9.15 -7.87 -9.28
CA LYS A 154 8.92 -6.96 -10.39
C LYS A 154 8.58 -7.75 -11.66
N ARG A 155 8.68 -9.07 -11.55
CA ARG A 155 8.38 -9.97 -12.65
C ARG A 155 6.94 -9.76 -13.12
N LYS A 156 6.82 -9.24 -14.34
CA LYS A 156 5.54 -8.95 -14.97
C LYS A 156 5.82 -8.29 -16.31
N ASP A 157 4.77 -7.91 -17.03
CA ASP A 157 4.93 -7.24 -18.31
C ASP A 157 5.62 -5.90 -18.10
N SER A 158 6.91 -5.86 -18.38
CA SER A 158 7.69 -4.65 -18.19
C SER A 158 7.75 -3.80 -19.47
N VAL A 159 6.63 -3.72 -20.16
CA VAL A 159 6.56 -2.95 -21.40
C VAL A 159 6.24 -1.48 -21.14
N TRP A 160 7.27 -0.65 -21.13
CA TRP A 160 7.11 0.77 -20.89
C TRP A 160 7.50 1.60 -22.11
N GLY A 161 7.09 2.86 -22.12
CA GLY A 161 7.42 3.73 -23.23
C GLY A 161 6.64 5.03 -23.18
N SER A 162 6.73 5.81 -24.24
CA SER A 162 6.04 7.08 -24.34
C SER A 162 4.59 6.86 -24.76
N GLY A 163 3.66 7.33 -23.94
CA GLY A 163 2.26 7.17 -24.26
C GLY A 163 1.50 6.52 -23.13
N GLY B 1 2.75 4.12 -25.02
CA GLY B 1 3.82 3.10 -25.00
C GLY B 1 3.69 2.14 -23.84
N GLY B 2 2.90 1.10 -24.02
CA GLY B 2 2.70 0.13 -22.96
C GLY B 2 1.33 0.25 -22.33
N GLN B 3 1.09 -0.56 -21.32
CA GLN B 3 -0.18 -0.56 -20.62
C GLN B 3 -0.05 -1.39 -19.36
N GLN B 4 -0.55 -0.86 -18.24
CA GLN B 4 -0.49 -1.56 -16.96
C GLN B 4 -1.59 -2.62 -16.87
N PRO B 5 -1.20 -3.90 -16.87
CA PRO B 5 -2.13 -5.01 -16.78
C PRO B 5 -2.61 -5.21 -15.34
N VAL B 6 -3.62 -6.04 -15.17
CA VAL B 6 -4.16 -6.31 -13.84
C VAL B 6 -3.18 -7.09 -12.97
N ASN B 7 -2.67 -6.42 -11.94
CA ASN B 7 -1.74 -7.03 -11.03
C ASN B 7 -2.49 -7.96 -10.09
N HIS B 8 -1.85 -9.05 -9.70
CA HIS B 8 -2.46 -10.02 -8.82
C HIS B 8 -1.39 -10.88 -8.16
N LEU B 9 -1.69 -11.40 -6.98
CA LEU B 9 -0.76 -12.25 -6.22
C LEU B 9 0.42 -11.42 -5.69
N VAL B 10 1.34 -11.07 -6.57
CA VAL B 10 2.51 -10.28 -6.21
C VAL B 10 2.09 -8.89 -5.74
N LYS B 11 2.80 -8.36 -4.74
CA LYS B 11 2.54 -7.04 -4.16
C LYS B 11 1.27 -7.02 -3.32
N GLU B 12 0.14 -7.43 -3.90
CA GLU B 12 -1.14 -7.46 -3.20
C GLU B 12 -1.00 -8.17 -1.86
N ILE B 13 -0.56 -9.41 -1.92
CA ILE B 13 -0.36 -10.22 -0.71
C ILE B 13 0.91 -9.81 0.06
N ASP B 14 1.96 -9.45 -0.67
CA ASP B 14 3.24 -9.08 -0.07
C ASP B 14 3.12 -7.82 0.79
N MET B 15 2.34 -6.86 0.32
CA MET B 15 2.11 -5.60 1.02
C MET B 15 1.65 -5.84 2.44
N LEU B 16 0.69 -6.75 2.59
CA LEU B 16 0.14 -7.09 3.88
C LEU B 16 1.24 -7.45 4.88
N LEU B 17 2.27 -8.14 4.41
CA LEU B 17 3.38 -8.54 5.25
C LEU B 17 4.41 -7.42 5.50
N LYS B 18 4.95 -6.87 4.42
CA LYS B 18 5.99 -5.85 4.50
C LYS B 18 5.50 -4.55 5.12
N GLU B 19 4.33 -4.09 4.68
CA GLU B 19 3.77 -2.86 5.19
C GLU B 19 3.42 -3.01 6.66
N TYR B 20 3.01 -4.21 7.06
CA TYR B 20 2.67 -4.44 8.45
C TYR B 20 3.93 -4.55 9.30
N LEU B 21 4.99 -5.08 8.72
CA LEU B 21 6.25 -5.26 9.43
C LEU B 21 6.88 -3.92 9.77
N LEU B 22 7.02 -3.07 8.77
CA LEU B 22 7.62 -1.75 8.97
C LEU B 22 6.66 -0.75 9.58
N SER B 23 5.52 -0.52 8.92
CA SER B 23 4.52 0.43 9.42
C SER B 23 3.86 -0.06 10.70
N GLY B 24 3.16 -1.19 10.63
CA GLY B 24 2.50 -1.74 11.79
C GLY B 24 1.04 -1.31 11.91
N ASP B 25 0.30 -1.45 10.82
CA ASP B 25 -1.12 -1.08 10.84
C ASP B 25 -2.03 -2.25 10.46
N ILE B 26 -2.82 -2.68 11.43
CA ILE B 26 -3.75 -3.79 11.22
C ILE B 26 -4.93 -3.38 10.32
N SER B 27 -5.64 -2.33 10.72
CA SER B 27 -6.79 -1.80 9.98
C SER B 27 -6.57 -1.64 8.47
N GLU B 28 -5.36 -1.28 8.09
CA GLU B 28 -5.05 -1.09 6.66
C GLU B 28 -4.82 -2.44 6.01
N ALA B 29 -4.14 -3.32 6.72
CA ALA B 29 -3.87 -4.66 6.22
C ALA B 29 -5.20 -5.37 5.99
N GLU B 30 -6.13 -5.21 6.92
CA GLU B 30 -7.44 -5.82 6.81
C GLU B 30 -8.19 -5.25 5.61
N HIS B 31 -8.08 -3.94 5.41
CA HIS B 31 -8.75 -3.28 4.30
C HIS B 31 -8.18 -3.77 2.96
N CYS B 32 -6.89 -4.07 2.95
CA CYS B 32 -6.24 -4.57 1.74
C CYS B 32 -6.71 -5.99 1.45
N LEU B 33 -6.83 -6.81 2.49
CA LEU B 33 -7.28 -8.20 2.35
C LEU B 33 -8.75 -8.22 1.97
N LYS B 34 -9.49 -7.25 2.48
CA LYS B 34 -10.92 -7.09 2.22
C LYS B 34 -11.20 -6.69 0.77
N GLU B 35 -10.17 -6.14 0.13
CA GLU B 35 -10.27 -5.69 -1.26
C GLU B 35 -10.38 -6.89 -2.21
N LEU B 36 -9.58 -7.94 -1.95
CA LEU B 36 -9.58 -9.15 -2.79
C LEU B 36 -10.81 -10.03 -2.55
N GLU B 37 -11.19 -10.76 -3.57
CA GLU B 37 -12.35 -11.65 -3.52
C GLU B 37 -11.93 -13.12 -3.43
N VAL B 38 -10.65 -13.36 -3.16
CA VAL B 38 -10.12 -14.71 -3.06
C VAL B 38 -9.88 -15.14 -1.60
N PRO B 39 -10.87 -15.79 -0.98
CA PRO B 39 -10.77 -16.25 0.41
C PRO B 39 -9.90 -17.50 0.56
N HIS B 40 -9.95 -18.39 -0.41
CA HIS B 40 -9.17 -19.62 -0.37
C HIS B 40 -7.69 -19.35 -0.60
N PHE B 41 -7.37 -18.15 -1.05
CA PHE B 41 -5.99 -17.77 -1.30
C PHE B 41 -5.40 -17.01 -0.11
N HIS B 42 -6.12 -17.03 1.01
CA HIS B 42 -5.67 -16.35 2.23
C HIS B 42 -4.51 -17.10 2.86
N HIS B 43 -4.23 -18.29 2.32
CA HIS B 43 -3.16 -19.14 2.83
C HIS B 43 -1.77 -18.62 2.47
N GLU B 44 -1.64 -17.96 1.32
CA GLU B 44 -0.34 -17.43 0.88
C GLU B 44 0.23 -16.44 1.89
N LEU B 45 -0.64 -15.60 2.43
CA LEU B 45 -0.24 -14.62 3.43
C LEU B 45 0.23 -15.35 4.69
N VAL B 46 -0.65 -16.22 5.19
CA VAL B 46 -0.37 -17.03 6.37
C VAL B 46 1.00 -17.71 6.25
N TYR B 47 1.21 -18.39 5.13
CA TYR B 47 2.47 -19.08 4.87
C TYR B 47 3.66 -18.12 4.99
N GLU B 48 3.59 -16.99 4.30
CA GLU B 48 4.67 -16.02 4.31
C GLU B 48 4.93 -15.44 5.70
N ALA B 49 3.86 -15.13 6.43
CA ALA B 49 3.98 -14.59 7.79
C ALA B 49 4.81 -15.51 8.67
N ILE B 50 4.64 -16.80 8.46
CA ILE B 50 5.39 -17.78 9.24
C ILE B 50 6.85 -17.82 8.79
N VAL B 51 7.06 -17.83 7.47
CA VAL B 51 8.40 -17.87 6.89
C VAL B 51 9.22 -16.68 7.35
N MET B 52 8.59 -15.51 7.40
CA MET B 52 9.25 -14.28 7.82
C MET B 52 9.84 -14.45 9.22
N VAL B 53 8.99 -14.86 10.16
CA VAL B 53 9.42 -15.08 11.55
C VAL B 53 10.71 -15.93 11.63
N LEU B 54 10.83 -16.90 10.72
CA LEU B 54 12.00 -17.76 10.71
C LEU B 54 13.23 -17.03 10.12
N GLU B 55 12.96 -16.00 9.35
CA GLU B 55 14.00 -15.21 8.72
C GLU B 55 14.17 -13.83 9.38
N SER B 56 13.53 -13.63 10.53
CA SER B 56 13.62 -12.36 11.22
C SER B 56 14.35 -12.45 12.56
N THR B 57 15.31 -11.56 12.74
CA THR B 57 16.09 -11.50 13.97
C THR B 57 15.48 -10.51 14.95
N GLY B 58 15.03 -11.00 16.10
CA GLY B 58 14.44 -10.14 17.10
C GLY B 58 13.07 -10.62 17.53
N GLU B 59 12.70 -10.33 18.78
CA GLU B 59 11.42 -10.75 19.32
C GLU B 59 10.31 -9.82 18.86
N SER B 60 10.70 -8.64 18.35
CA SER B 60 9.73 -7.68 17.85
C SER B 60 8.93 -8.33 16.72
N ALA B 61 9.65 -9.13 15.92
CA ALA B 61 9.04 -9.83 14.80
C ALA B 61 7.94 -10.79 15.27
N PHE B 62 8.29 -11.65 16.22
CA PHE B 62 7.36 -12.64 16.77
C PHE B 62 6.05 -12.01 17.24
N LYS B 63 6.13 -11.17 18.26
CA LYS B 63 4.95 -10.49 18.80
C LYS B 63 4.13 -9.76 17.74
N MET B 64 4.79 -9.22 16.74
CA MET B 64 4.11 -8.48 15.68
C MET B 64 3.41 -9.40 14.68
N ILE B 65 4.13 -10.43 14.22
CA ILE B 65 3.58 -11.35 13.23
C ILE B 65 2.48 -12.25 13.81
N LEU B 66 2.77 -12.95 14.91
CA LEU B 66 1.79 -13.83 15.54
C LEU B 66 0.47 -13.14 15.82
N ASP B 67 0.52 -11.93 16.32
CA ASP B 67 -0.70 -11.20 16.63
C ASP B 67 -1.45 -10.83 15.36
N LEU B 68 -0.74 -10.67 14.26
CA LEU B 68 -1.34 -10.33 12.99
C LEU B 68 -2.32 -11.43 12.56
N LEU B 69 -1.87 -12.68 12.60
CA LEU B 69 -2.73 -13.79 12.21
C LEU B 69 -3.85 -13.96 13.23
N LYS B 70 -3.50 -13.96 14.52
CA LYS B 70 -4.48 -14.08 15.58
C LYS B 70 -5.53 -12.97 15.50
N SER B 71 -5.11 -11.81 15.01
CA SER B 71 -6.03 -10.68 14.86
C SER B 71 -7.00 -10.94 13.72
N LEU B 72 -6.48 -11.52 12.64
CA LEU B 72 -7.31 -11.87 11.50
C LEU B 72 -8.35 -12.91 11.93
N TRP B 73 -7.93 -13.84 12.78
CA TRP B 73 -8.84 -14.85 13.31
C TRP B 73 -9.90 -14.17 14.16
N LYS B 74 -9.45 -13.21 14.98
CA LYS B 74 -10.36 -12.42 15.83
C LYS B 74 -11.52 -11.86 15.00
N SER B 75 -11.23 -11.39 13.79
CA SER B 75 -12.26 -10.84 12.91
C SER B 75 -12.82 -11.90 11.95
N SER B 76 -12.35 -13.13 12.09
CA SER B 76 -12.81 -14.26 11.27
C SER B 76 -12.52 -14.06 9.77
N THR B 77 -11.25 -13.93 9.42
CA THR B 77 -10.87 -13.76 8.02
C THR B 77 -10.08 -14.97 7.49
N ILE B 78 -9.33 -15.60 8.38
CA ILE B 78 -8.53 -16.76 8.02
C ILE B 78 -9.33 -18.04 8.27
N THR B 79 -9.38 -18.91 7.28
CA THR B 79 -10.08 -20.18 7.40
C THR B 79 -9.10 -21.28 7.80
N ILE B 80 -9.58 -22.26 8.56
CA ILE B 80 -8.74 -23.38 9.00
C ILE B 80 -7.99 -24.03 7.84
N ASP B 81 -8.65 -24.21 6.70
CA ASP B 81 -8.01 -24.82 5.53
C ASP B 81 -6.79 -24.00 5.11
N GLN B 82 -7.00 -22.70 5.06
CA GLN B 82 -5.93 -21.77 4.68
C GLN B 82 -4.78 -21.81 5.67
N MET B 83 -5.12 -21.83 6.95
CA MET B 83 -4.13 -21.90 8.02
C MET B 83 -3.37 -23.22 7.95
N LYS B 84 -4.09 -24.30 7.62
CA LYS B 84 -3.50 -25.62 7.51
C LYS B 84 -2.57 -25.69 6.31
N ARG B 85 -3.05 -25.24 5.16
CA ARG B 85 -2.22 -25.22 3.95
C ARG B 85 -0.97 -24.38 4.14
N GLY B 86 -1.08 -23.39 5.02
CA GLY B 86 0.05 -22.53 5.32
C GLY B 86 1.04 -23.22 6.23
N TYR B 87 0.53 -23.82 7.29
CA TYR B 87 1.35 -24.53 8.27
C TYR B 87 2.01 -25.76 7.67
N GLU B 88 1.24 -26.55 6.94
CA GLU B 88 1.76 -27.77 6.30
C GLU B 88 2.89 -27.45 5.35
N ARG B 89 2.84 -26.27 4.76
CA ARG B 89 3.87 -25.84 3.82
C ARG B 89 5.19 -25.56 4.54
N ILE B 90 5.10 -25.03 5.76
CA ILE B 90 6.28 -24.73 6.55
C ILE B 90 7.07 -26.01 6.83
N TYR B 91 6.33 -27.09 7.08
CA TYR B 91 6.94 -28.38 7.35
C TYR B 91 7.77 -28.84 6.16
N ASN B 92 7.41 -28.36 4.97
CA ASN B 92 8.10 -28.71 3.74
C ASN B 92 9.29 -27.78 3.51
N GLU B 93 9.16 -26.54 3.96
CA GLU B 93 10.20 -25.54 3.79
C GLU B 93 11.32 -25.69 4.83
N ILE B 94 11.04 -26.39 5.92
CA ILE B 94 12.03 -26.60 6.99
C ILE B 94 13.38 -27.11 6.46
N PRO B 95 13.41 -28.25 5.72
CA PRO B 95 14.65 -28.81 5.18
C PRO B 95 15.37 -27.85 4.24
N ASP B 96 14.60 -27.04 3.52
CA ASP B 96 15.17 -26.07 2.57
C ASP B 96 15.83 -24.91 3.30
N ILE B 97 15.16 -24.42 4.33
CA ILE B 97 15.67 -23.30 5.11
C ILE B 97 16.82 -23.70 6.04
N ASN B 98 16.71 -24.88 6.65
CA ASN B 98 17.74 -25.36 7.56
C ASN B 98 18.91 -25.98 6.81
N LEU B 99 18.61 -26.92 5.93
CA LEU B 99 19.64 -27.63 5.15
C LEU B 99 20.70 -28.22 6.07
N ASP B 100 20.28 -29.23 6.84
CA ASP B 100 21.14 -29.92 7.81
C ASP B 100 21.27 -29.13 9.12
N VAL B 101 21.09 -29.83 10.23
CA VAL B 101 21.15 -29.23 11.57
C VAL B 101 20.03 -28.20 11.76
N PRO B 102 18.83 -28.68 12.13
CA PRO B 102 17.68 -27.82 12.35
C PRO B 102 17.70 -27.16 13.72
N HIS B 103 18.47 -26.08 13.85
CA HIS B 103 18.58 -25.37 15.12
C HIS B 103 17.43 -24.40 15.33
N SER B 104 16.62 -24.22 14.30
CA SER B 104 15.48 -23.33 14.37
C SER B 104 14.27 -24.03 15.00
N TYR B 105 14.48 -25.28 15.42
CA TYR B 105 13.43 -26.08 16.05
C TYR B 105 12.86 -25.37 17.28
N SER B 106 13.73 -24.66 17.98
CA SER B 106 13.33 -23.92 19.17
C SER B 106 12.21 -22.93 18.83
N VAL B 107 12.41 -22.17 17.78
CA VAL B 107 11.43 -21.19 17.32
C VAL B 107 10.22 -21.90 16.73
N LEU B 108 10.49 -22.88 15.87
CA LEU B 108 9.44 -23.65 15.23
C LEU B 108 8.44 -24.21 16.25
N GLU B 109 8.95 -24.93 17.25
CA GLU B 109 8.11 -25.51 18.28
C GLU B 109 7.40 -24.43 19.08
N ARG B 110 8.16 -23.40 19.49
CA ARG B 110 7.59 -22.29 20.24
C ARG B 110 6.41 -21.67 19.49
N PHE B 111 6.62 -21.38 18.21
CA PHE B 111 5.58 -20.80 17.36
C PHE B 111 4.33 -21.67 17.32
N VAL B 112 4.51 -22.96 17.01
CA VAL B 112 3.39 -23.89 16.93
C VAL B 112 2.73 -24.06 18.29
N GLU B 113 3.54 -24.13 19.34
CA GLU B 113 3.05 -24.29 20.70
C GLU B 113 2.14 -23.12 21.08
N GLU B 114 2.57 -21.91 20.76
CA GLU B 114 1.78 -20.72 21.06
C GLU B 114 0.50 -20.71 20.22
N CYS B 115 0.65 -21.03 18.94
CA CYS B 115 -0.50 -21.07 18.04
C CYS B 115 -1.56 -22.05 18.54
N PHE B 116 -1.14 -23.25 18.95
CA PHE B 116 -2.07 -24.24 19.46
C PHE B 116 -2.84 -23.72 20.67
N GLN B 117 -2.11 -23.11 21.61
CA GLN B 117 -2.69 -22.56 22.83
C GLN B 117 -3.84 -21.58 22.55
N ALA B 118 -3.75 -20.85 21.44
CA ALA B 118 -4.80 -19.90 21.06
C ALA B 118 -6.10 -20.61 20.66
N GLY B 119 -6.00 -21.89 20.37
CA GLY B 119 -7.15 -22.66 19.98
C GLY B 119 -7.61 -22.30 18.57
N ILE B 120 -6.66 -21.92 17.74
CA ILE B 120 -6.96 -21.56 16.36
C ILE B 120 -6.79 -22.76 15.43
N ILE B 121 -5.99 -23.71 15.88
CA ILE B 121 -5.74 -24.95 15.15
C ILE B 121 -5.70 -26.11 16.14
N SER B 122 -6.42 -27.17 15.85
CA SER B 122 -6.47 -28.32 16.75
C SER B 122 -5.17 -29.13 16.72
N LYS B 123 -5.15 -30.20 17.51
CA LYS B 123 -3.98 -31.07 17.61
C LYS B 123 -3.63 -31.69 16.26
N GLN B 124 -4.64 -31.87 15.42
CA GLN B 124 -4.45 -32.43 14.09
C GLN B 124 -3.29 -31.78 13.34
N LEU B 125 -3.29 -30.46 13.27
CA LEU B 125 -2.25 -29.73 12.57
C LEU B 125 -0.93 -29.79 13.33
N ARG B 126 -1.04 -29.82 14.66
CA ARG B 126 0.12 -29.89 15.53
C ARG B 126 0.82 -31.22 15.38
N ASP B 127 0.05 -32.28 15.15
CA ASP B 127 0.59 -33.63 14.97
C ASP B 127 1.49 -33.68 13.74
N LEU B 128 1.19 -32.84 12.76
CA LEU B 128 1.97 -32.77 11.53
C LEU B 128 3.27 -32.02 11.76
N CYS B 129 3.38 -31.33 12.90
CA CYS B 129 4.57 -30.59 13.24
C CYS B 129 5.57 -31.51 13.91
N PRO B 130 6.80 -31.60 13.38
CA PRO B 130 7.85 -32.45 13.94
C PRO B 130 8.28 -31.94 15.31
N SER B 131 7.59 -32.40 16.34
CA SER B 131 7.87 -31.99 17.70
C SER B 131 8.92 -32.90 18.34
N GLY A 1 1.51 30.76 -2.48
CA GLY A 1 0.98 30.57 -1.12
C GLY A 1 -0.54 30.48 -1.08
N LEU A 2 -1.18 31.62 -0.87
CA LEU A 2 -2.63 31.67 -0.80
C LEU A 2 -3.24 31.84 -2.19
N PRO A 3 -4.04 30.87 -2.62
CA PRO A 3 -4.70 30.89 -3.94
C PRO A 3 -5.75 31.99 -4.04
N LEU A 4 -6.04 32.43 -5.24
CA LEU A 4 -7.03 33.48 -5.48
C LEU A 4 -8.24 32.92 -6.19
N ASP A 5 -9.43 33.28 -5.70
CA ASP A 5 -10.69 32.84 -6.29
C ASP A 5 -10.76 31.32 -6.41
N GLU A 6 -10.59 30.62 -5.29
CA GLU A 6 -10.59 29.17 -5.29
C GLU A 6 -11.93 28.60 -5.76
N ARG A 7 -13.01 29.03 -5.11
CA ARG A 7 -14.35 28.58 -5.47
C ARG A 7 -14.61 28.66 -6.97
N ALA A 8 -14.19 29.76 -7.58
CA ALA A 8 -14.36 29.93 -9.02
C ALA A 8 -13.51 28.92 -9.77
N PHE A 9 -12.29 28.70 -9.27
CA PHE A 9 -11.38 27.76 -9.88
C PHE A 9 -11.91 26.33 -9.80
N GLU A 10 -12.18 25.83 -8.58
CA GLU A 10 -12.70 24.49 -8.40
C GLU A 10 -13.93 24.23 -9.25
N LYS A 11 -14.92 25.11 -9.15
CA LYS A 11 -16.16 25.00 -9.91
C LYS A 11 -15.91 24.88 -11.40
N THR A 12 -15.02 25.71 -11.92
CA THR A 12 -14.70 25.70 -13.34
C THR A 12 -13.88 24.47 -13.72
N LEU A 13 -13.03 24.02 -12.81
CA LEU A 13 -12.16 22.88 -13.06
C LEU A 13 -12.84 21.55 -12.75
N THR A 14 -14.12 21.60 -12.41
CA THR A 14 -14.86 20.38 -12.08
C THR A 14 -15.11 19.51 -13.32
N PRO A 15 -15.83 20.04 -14.35
CA PRO A 15 -16.13 19.27 -15.56
C PRO A 15 -14.95 19.18 -16.52
N ILE A 16 -13.88 19.89 -16.21
CA ILE A 16 -12.69 19.89 -17.05
C ILE A 16 -11.95 18.57 -16.90
N ILE A 17 -11.69 18.16 -15.67
CA ILE A 17 -10.98 16.92 -15.40
C ILE A 17 -11.93 15.73 -15.32
N GLN A 18 -13.23 16.01 -15.21
CA GLN A 18 -14.25 14.97 -15.08
C GLN A 18 -14.07 13.92 -16.19
N GLU A 19 -14.07 14.39 -17.43
CA GLU A 19 -13.90 13.52 -18.60
C GLU A 19 -12.54 12.80 -18.60
N TYR A 20 -11.60 13.28 -17.79
CA TYR A 20 -10.26 12.69 -17.78
C TYR A 20 -10.30 11.30 -17.16
N PHE A 21 -11.38 11.02 -16.44
CA PHE A 21 -11.53 9.74 -15.79
C PHE A 21 -12.22 8.74 -16.73
N GLU A 22 -12.56 9.17 -17.93
CA GLU A 22 -13.22 8.29 -18.88
C GLU A 22 -12.24 7.69 -19.89
N HIS A 23 -11.63 8.54 -20.72
CA HIS A 23 -10.63 8.03 -21.68
C HIS A 23 -9.21 8.48 -21.34
N GLY A 24 -9.08 9.23 -20.26
CA GLY A 24 -7.77 9.71 -19.81
C GLY A 24 -6.94 10.40 -20.87
N ASP A 25 -7.24 11.67 -21.14
CA ASP A 25 -6.48 12.43 -22.13
C ASP A 25 -5.92 13.70 -21.52
N THR A 26 -4.74 13.60 -20.93
CA THR A 26 -4.10 14.75 -20.31
C THR A 26 -3.66 15.78 -21.34
N ASN A 27 -3.57 15.37 -22.60
CA ASN A 27 -3.17 16.28 -23.68
C ASN A 27 -4.23 17.37 -23.85
N GLU A 28 -5.49 17.01 -23.59
CA GLU A 28 -6.58 17.96 -23.70
C GLU A 28 -6.50 18.94 -22.55
N VAL A 29 -6.08 18.43 -21.39
CA VAL A 29 -5.92 19.22 -20.20
C VAL A 29 -4.72 20.14 -20.36
N ALA A 30 -3.81 19.75 -21.24
CA ALA A 30 -2.59 20.52 -21.46
C ALA A 30 -2.99 21.76 -22.24
N GLU A 31 -4.12 21.63 -22.90
CA GLU A 31 -4.62 22.68 -23.78
C GLU A 31 -5.36 23.77 -23.02
N MET A 32 -6.36 23.35 -22.25
CA MET A 32 -7.18 24.29 -21.49
C MET A 32 -6.41 24.93 -20.35
N LEU A 33 -5.48 24.18 -19.79
CA LEU A 33 -4.67 24.66 -18.68
C LEU A 33 -3.78 25.82 -19.06
N ARG A 34 -3.43 25.96 -20.34
CA ARG A 34 -2.49 27.03 -20.72
C ARG A 34 -3.11 28.42 -20.59
N ASP A 35 -4.12 28.75 -21.39
CA ASP A 35 -4.77 30.04 -21.26
C ASP A 35 -5.59 30.22 -19.99
N LEU A 36 -5.44 29.33 -19.02
CA LEU A 36 -6.17 29.46 -17.77
C LEU A 36 -5.46 30.48 -16.90
N ASN A 37 -4.22 30.80 -17.30
CA ASN A 37 -3.37 31.76 -16.60
C ASN A 37 -3.34 31.53 -15.10
N LEU A 38 -2.57 30.52 -14.69
CA LEU A 38 -2.46 30.17 -13.29
C LEU A 38 -1.00 30.11 -12.87
N GLY A 39 -0.67 30.77 -11.76
CA GLY A 39 0.68 30.75 -11.26
C GLY A 39 0.80 29.77 -10.12
N GLU A 40 0.29 30.15 -8.96
CA GLU A 40 0.33 29.29 -7.79
C GLU A 40 -0.92 28.41 -7.78
N MET A 41 -1.97 28.90 -8.42
CA MET A 41 -3.22 28.15 -8.50
C MET A 41 -3.12 27.05 -9.54
N LYS A 42 -1.98 26.99 -10.22
CA LYS A 42 -1.74 25.97 -11.23
C LYS A 42 -1.62 24.61 -10.55
N SER A 43 -1.17 24.63 -9.30
CA SER A 43 -1.02 23.42 -8.51
C SER A 43 -2.39 22.91 -8.07
N GLY A 44 -3.42 23.72 -8.33
CA GLY A 44 -4.77 23.37 -7.98
C GLY A 44 -5.24 22.09 -8.66
N VAL A 45 -5.19 22.06 -9.99
CA VAL A 45 -5.62 20.88 -10.77
C VAL A 45 -5.05 19.55 -10.26
N PRO A 46 -3.71 19.40 -10.17
CA PRO A 46 -3.08 18.16 -9.69
C PRO A 46 -3.60 17.72 -8.32
N VAL A 47 -4.04 18.69 -7.53
CA VAL A 47 -4.58 18.40 -6.20
C VAL A 47 -6.06 18.03 -6.31
N LEU A 48 -6.78 18.73 -7.19
CA LEU A 48 -8.20 18.50 -7.38
C LEU A 48 -8.52 17.08 -7.82
N ALA A 49 -8.01 16.66 -8.99
CA ALA A 49 -8.25 15.30 -9.49
C ALA A 49 -7.92 14.25 -8.44
N VAL A 50 -6.71 14.34 -7.90
CA VAL A 50 -6.27 13.43 -6.83
C VAL A 50 -7.30 13.37 -5.71
N SER A 51 -7.88 14.53 -5.37
CA SER A 51 -8.90 14.59 -4.33
C SER A 51 -10.22 13.95 -4.79
N LEU A 52 -10.52 14.02 -6.09
CA LEU A 52 -11.76 13.43 -6.61
C LEU A 52 -11.68 11.90 -6.57
N ALA A 53 -10.72 11.33 -7.31
CA ALA A 53 -10.51 9.87 -7.33
C ALA A 53 -10.32 9.30 -5.93
N LEU A 54 -9.94 10.17 -5.01
CA LEU A 54 -9.75 9.79 -3.61
C LEU A 54 -11.06 9.14 -3.13
N GLU A 55 -12.15 9.88 -3.30
CA GLU A 55 -13.49 9.42 -2.93
C GLU A 55 -14.16 8.60 -4.04
N GLY A 56 -13.38 7.70 -4.65
CA GLY A 56 -13.89 6.92 -5.76
C GLY A 56 -13.41 5.48 -5.72
N LYS A 57 -12.96 4.98 -6.86
CA LYS A 57 -12.46 3.61 -6.97
C LYS A 57 -10.96 3.61 -7.20
N ALA A 58 -10.29 2.53 -6.78
CA ALA A 58 -8.84 2.41 -6.93
C ALA A 58 -8.41 2.43 -8.39
N SER A 59 -9.24 1.88 -9.26
CA SER A 59 -8.93 1.82 -10.69
C SER A 59 -8.80 3.22 -11.28
N HIS A 60 -9.61 4.15 -10.79
CA HIS A 60 -9.57 5.51 -11.29
C HIS A 60 -8.34 6.24 -10.82
N ARG A 61 -7.88 5.90 -9.62
CA ARG A 61 -6.71 6.49 -9.00
C ARG A 61 -5.42 6.20 -9.75
N GLU A 62 -5.47 5.33 -10.77
CA GLU A 62 -4.24 4.96 -11.44
C GLU A 62 -3.83 6.05 -12.41
N MET A 63 -4.80 6.45 -13.25
CA MET A 63 -4.60 7.49 -14.24
C MET A 63 -4.30 8.84 -13.58
N THR A 64 -4.79 9.01 -12.36
CA THR A 64 -4.55 10.23 -11.61
C THR A 64 -3.04 10.49 -11.48
N SER A 65 -2.32 9.52 -10.95
CA SER A 65 -0.86 9.62 -10.83
C SER A 65 -0.21 9.90 -12.18
N LYS A 66 -0.76 9.32 -13.24
CA LYS A 66 -0.24 9.51 -14.59
C LYS A 66 -0.40 10.96 -15.04
N LEU A 67 -1.45 11.61 -14.54
CA LEU A 67 -1.74 13.00 -14.88
C LEU A 67 -0.61 13.92 -14.44
N LEU A 68 0.01 13.57 -13.33
CA LEU A 68 1.10 14.37 -12.78
C LEU A 68 2.29 14.43 -13.75
N SER A 69 2.90 13.28 -14.01
CA SER A 69 4.04 13.20 -14.93
C SER A 69 3.65 13.62 -16.35
N ASP A 70 2.36 13.55 -16.61
CA ASP A 70 1.82 13.94 -17.91
C ASP A 70 1.89 15.46 -18.05
N LEU A 71 1.28 16.15 -17.10
CA LEU A 71 1.29 17.61 -17.07
C LEU A 71 2.69 18.16 -16.79
N CYS A 72 3.44 17.47 -15.95
CA CYS A 72 4.80 17.88 -15.60
C CYS A 72 5.67 18.02 -16.84
N GLY A 73 6.61 18.96 -16.79
CA GLY A 73 7.48 19.19 -17.92
C GLY A 73 6.78 20.04 -18.97
N THR A 74 5.62 19.58 -19.41
CA THR A 74 4.82 20.28 -20.40
C THR A 74 4.34 21.63 -19.87
N VAL A 75 3.48 21.58 -18.86
CA VAL A 75 2.92 22.80 -18.28
C VAL A 75 3.02 22.80 -16.75
N MET A 76 4.02 22.13 -16.20
CA MET A 76 4.19 22.07 -14.76
C MET A 76 5.65 21.80 -14.39
N SER A 77 6.12 22.44 -13.33
CA SER A 77 7.48 22.26 -12.88
C SER A 77 7.53 21.34 -11.67
N THR A 78 8.70 20.77 -11.40
CA THR A 78 8.89 19.89 -10.26
C THR A 78 8.54 20.63 -8.95
N THR A 79 8.79 21.93 -8.97
CA THR A 79 8.50 22.81 -7.84
C THR A 79 6.99 22.89 -7.60
N ASP A 80 6.22 22.73 -8.68
CA ASP A 80 4.77 22.82 -8.60
C ASP A 80 4.22 21.55 -7.96
N VAL A 81 4.84 20.43 -8.28
CA VAL A 81 4.41 19.14 -7.75
C VAL A 81 4.54 19.11 -6.23
N GLU A 82 5.71 19.50 -5.72
CA GLU A 82 5.94 19.53 -4.27
C GLU A 82 4.89 20.42 -3.60
N LYS A 83 4.78 21.65 -4.08
CA LYS A 83 3.78 22.59 -3.56
C LYS A 83 2.37 21.97 -3.49
N SER A 84 2.04 21.14 -4.47
CA SER A 84 0.73 20.48 -4.49
C SER A 84 0.65 19.48 -3.35
N PHE A 85 1.70 18.67 -3.24
CA PHE A 85 1.81 17.67 -2.17
C PHE A 85 1.58 18.30 -0.79
N ASP A 86 2.30 19.39 -0.52
CA ASP A 86 2.18 20.11 0.76
C ASP A 86 0.76 20.65 0.95
N LYS A 87 0.12 20.96 -0.16
CA LYS A 87 -1.24 21.51 -0.13
C LYS A 87 -2.26 20.42 0.16
N LEU A 88 -1.99 19.23 -0.37
CA LEU A 88 -2.86 18.06 -0.18
C LEU A 88 -2.73 17.58 1.26
N LEU A 89 -1.50 17.61 1.75
CA LEU A 89 -1.21 17.20 3.12
C LEU A 89 -2.05 17.99 4.12
N LYS A 90 -1.98 19.32 4.02
CA LYS A 90 -2.77 20.21 4.88
C LYS A 90 -4.29 19.99 4.79
N ASP A 91 -4.77 19.48 3.66
CA ASP A 91 -6.22 19.25 3.48
C ASP A 91 -6.63 17.87 3.97
N LEU A 92 -5.79 16.88 3.65
CA LEU A 92 -5.98 15.49 4.05
C LEU A 92 -6.77 15.29 5.36
N PRO A 93 -6.40 15.93 6.49
CA PRO A 93 -7.14 15.77 7.75
C PRO A 93 -8.65 16.03 7.65
N GLU A 94 -9.11 16.75 6.62
CA GLU A 94 -10.55 17.02 6.50
C GLU A 94 -11.31 15.85 5.89
N LEU A 95 -10.93 15.41 4.69
CA LEU A 95 -11.60 14.25 4.08
C LEU A 95 -11.30 12.93 4.78
N ALA A 96 -10.26 12.90 5.59
CA ALA A 96 -9.90 11.69 6.31
C ALA A 96 -11.00 11.30 7.30
N LEU A 97 -11.88 12.27 7.59
CA LEU A 97 -12.98 12.05 8.52
C LEU A 97 -14.00 11.07 7.97
N ASP A 98 -14.32 11.16 6.70
CA ASP A 98 -15.31 10.28 6.07
C ASP A 98 -14.66 9.24 5.17
N THR A 99 -13.38 9.00 5.37
CA THR A 99 -12.65 8.04 4.55
C THR A 99 -11.54 7.41 5.39
N PRO A 100 -11.84 6.28 6.05
CA PRO A 100 -10.86 5.58 6.91
C PRO A 100 -9.58 5.21 6.14
N ARG A 101 -9.70 5.05 4.83
CA ARG A 101 -8.55 4.71 4.00
C ARG A 101 -7.99 5.92 3.28
N ALA A 102 -8.44 7.11 3.66
CA ALA A 102 -7.96 8.36 3.05
C ALA A 102 -6.43 8.48 3.14
N PRO A 103 -5.85 8.42 4.36
CA PRO A 103 -4.39 8.49 4.53
C PRO A 103 -3.71 7.34 3.79
N GLN A 104 -4.20 6.12 4.06
CA GLN A 104 -3.69 4.90 3.40
C GLN A 104 -3.52 5.11 1.89
N LEU A 105 -4.51 5.69 1.24
CA LEU A 105 -4.46 5.92 -0.20
C LEU A 105 -3.50 7.04 -0.59
N VAL A 106 -3.57 8.15 0.14
CA VAL A 106 -2.71 9.30 -0.16
C VAL A 106 -1.23 8.94 -0.06
N GLY A 107 -0.87 8.14 0.94
CA GLY A 107 0.51 7.73 1.12
C GLY A 107 1.07 6.98 -0.09
N GLN A 108 0.23 6.16 -0.71
CA GLN A 108 0.64 5.39 -1.88
C GLN A 108 0.95 6.30 -3.06
N PHE A 109 0.19 7.40 -3.17
CA PHE A 109 0.39 8.36 -4.25
C PHE A 109 1.79 8.94 -4.19
N ILE A 110 2.17 9.37 -2.99
CA ILE A 110 3.50 9.93 -2.76
C ILE A 110 4.60 8.99 -3.29
N ALA A 111 4.59 7.74 -2.83
CA ALA A 111 5.56 6.75 -3.30
C ALA A 111 5.60 6.65 -4.82
N ARG A 112 4.42 6.73 -5.45
CA ARG A 112 4.32 6.66 -6.89
C ARG A 112 5.07 7.81 -7.55
N ALA A 113 4.82 9.03 -7.08
CA ALA A 113 5.47 10.23 -7.62
C ALA A 113 6.99 10.11 -7.57
N VAL A 114 7.51 9.51 -6.50
CA VAL A 114 8.94 9.32 -6.35
C VAL A 114 9.46 8.35 -7.41
N GLY A 115 8.83 7.18 -7.48
CA GLY A 115 9.21 6.18 -8.47
C GLY A 115 9.03 6.67 -9.90
N ASP A 116 7.99 7.47 -10.11
CA ASP A 116 7.72 8.03 -11.44
C ASP A 116 8.85 8.97 -11.81
N GLY A 117 9.11 9.96 -10.95
CA GLY A 117 10.22 10.87 -11.19
C GLY A 117 9.81 12.32 -11.10
N ILE A 118 8.86 12.62 -10.22
CA ILE A 118 8.37 13.98 -10.03
C ILE A 118 8.33 14.33 -8.55
N LEU A 119 9.28 13.78 -7.80
CA LEU A 119 9.36 14.01 -6.37
C LEU A 119 10.65 13.42 -5.84
N CYS A 120 11.50 14.27 -5.29
CA CYS A 120 12.77 13.81 -4.73
C CYS A 120 12.53 13.13 -3.39
N ASN A 121 13.26 12.04 -3.14
CA ASN A 121 13.14 11.29 -1.89
C ASN A 121 13.30 12.22 -0.68
N THR A 122 14.23 13.16 -0.80
CA THR A 122 14.49 14.16 0.24
C THR A 122 13.22 14.88 0.71
N TYR A 123 12.15 14.85 -0.07
CA TYR A 123 10.90 15.50 0.32
C TYR A 123 10.40 14.89 1.62
N ILE A 124 10.44 13.56 1.68
CA ILE A 124 10.00 12.84 2.87
C ILE A 124 11.07 12.92 3.94
N ASP A 125 12.32 12.97 3.50
CA ASP A 125 13.46 13.06 4.40
C ASP A 125 13.37 14.34 5.25
N SER A 126 12.97 15.42 4.61
CA SER A 126 12.82 16.71 5.28
C SER A 126 11.68 16.69 6.30
N TYR A 127 10.70 15.84 6.07
CA TYR A 127 9.58 15.73 6.99
C TYR A 127 9.76 14.56 7.94
N LYS A 128 10.99 14.04 8.02
CA LYS A 128 11.33 12.87 8.85
C LYS A 128 11.18 13.00 10.37
N GLY A 129 10.10 13.61 10.81
CA GLY A 129 9.85 13.76 12.23
C GLY A 129 9.46 15.18 12.50
N THR A 130 9.80 16.01 11.53
CA THR A 130 9.53 17.42 11.56
C THR A 130 8.10 17.70 11.10
N VAL A 131 7.16 16.99 11.72
CA VAL A 131 5.74 17.13 11.41
C VAL A 131 4.97 17.14 12.72
N ASP A 132 4.19 18.19 12.94
CA ASP A 132 3.42 18.35 14.17
C ASP A 132 2.04 17.69 14.10
N CYS A 133 1.75 17.00 13.00
CA CYS A 133 0.46 16.33 12.84
C CYS A 133 0.66 14.83 12.60
N VAL A 134 -0.04 14.02 13.40
CA VAL A 134 0.06 12.56 13.26
C VAL A 134 -0.45 12.10 11.89
N GLN A 135 -1.66 12.54 11.53
CA GLN A 135 -2.25 12.22 10.23
C GLN A 135 -1.25 12.44 9.09
N ALA A 136 -0.53 13.56 9.13
CA ALA A 136 0.45 13.86 8.10
C ALA A 136 1.67 12.96 8.27
N ARG A 137 2.05 12.70 9.53
CA ARG A 137 3.20 11.85 9.83
C ARG A 137 3.04 10.47 9.20
N ALA A 138 1.94 9.79 9.55
CA ALA A 138 1.65 8.47 8.99
C ALA A 138 1.49 8.51 7.48
N ALA A 139 0.74 9.49 6.99
CA ALA A 139 0.54 9.67 5.55
C ALA A 139 1.87 9.71 4.80
N LEU A 140 2.81 10.46 5.34
CA LEU A 140 4.13 10.58 4.72
C LEU A 140 4.95 9.32 4.94
N ASP A 141 4.81 8.73 6.13
CA ASP A 141 5.54 7.53 6.49
C ASP A 141 5.10 6.32 5.67
N LYS A 142 3.93 6.42 5.04
CA LYS A 142 3.39 5.31 4.27
C LYS A 142 4.23 5.13 3.01
N ALA A 143 4.71 6.23 2.49
CA ALA A 143 5.52 6.22 1.28
C ALA A 143 6.90 5.67 1.55
N THR A 144 7.40 5.89 2.76
CA THR A 144 8.73 5.44 3.15
C THR A 144 8.78 3.93 3.36
N VAL A 145 7.62 3.34 3.68
CA VAL A 145 7.58 1.91 3.94
C VAL A 145 7.58 1.06 2.67
N LEU A 146 6.92 1.55 1.62
CA LEU A 146 6.83 0.85 0.35
C LEU A 146 8.16 0.55 -0.30
N LEU A 147 9.18 1.37 -0.05
CA LEU A 147 10.50 1.17 -0.65
C LEU A 147 11.00 -0.26 -0.47
N SER A 148 10.88 -0.79 0.73
CA SER A 148 11.32 -2.15 1.02
C SER A 148 10.50 -3.17 0.24
N MET A 149 9.30 -2.77 -0.18
CA MET A 149 8.41 -3.66 -0.92
C MET A 149 8.63 -3.55 -2.42
N SER A 150 8.89 -2.35 -2.91
CA SER A 150 9.11 -2.14 -4.34
C SER A 150 10.49 -2.62 -4.78
N LYS A 151 11.44 -2.62 -3.86
CA LYS A 151 12.79 -3.09 -4.16
C LYS A 151 13.03 -4.43 -3.49
N GLY A 152 14.09 -5.11 -3.87
CA GLY A 152 14.42 -6.39 -3.30
C GLY A 152 15.63 -7.01 -3.95
N GLY A 153 15.41 -8.05 -4.73
CA GLY A 153 16.51 -8.70 -5.42
C GLY A 153 16.81 -8.00 -6.73
N LYS A 154 17.45 -8.72 -7.65
CA LYS A 154 17.79 -8.15 -8.94
C LYS A 154 16.57 -7.97 -9.83
N ARG A 155 15.49 -8.68 -9.52
CA ARG A 155 14.26 -8.58 -10.28
C ARG A 155 13.56 -7.26 -10.01
N LYS A 156 13.95 -6.62 -8.91
CA LYS A 156 13.38 -5.34 -8.53
C LYS A 156 14.49 -4.33 -8.29
N ASP A 157 15.45 -4.30 -9.20
CA ASP A 157 16.58 -3.38 -9.12
C ASP A 157 16.79 -2.67 -10.45
N SER A 158 16.06 -1.60 -10.66
CA SER A 158 16.14 -0.84 -11.90
C SER A 158 16.72 0.55 -11.68
N VAL A 159 17.55 0.70 -10.66
CA VAL A 159 18.18 1.99 -10.34
C VAL A 159 19.35 2.28 -11.27
N TRP A 160 19.44 1.53 -12.36
CA TRP A 160 20.51 1.69 -13.32
C TRP A 160 20.10 2.54 -14.51
N GLY A 161 18.85 3.00 -14.50
CA GLY A 161 18.38 3.83 -15.59
C GLY A 161 17.07 3.34 -16.17
N SER A 162 16.15 2.95 -15.29
CA SER A 162 14.85 2.46 -15.72
C SER A 162 13.79 2.96 -14.74
N GLY A 163 12.53 2.93 -15.17
CA GLY A 163 11.45 3.39 -14.32
C GLY A 163 10.17 3.58 -15.09
N GLY B 1 7.28 4.24 -15.99
CA GLY B 1 6.16 3.28 -15.76
C GLY B 1 4.97 3.58 -16.64
N GLY B 2 3.79 3.15 -16.22
CA GLY B 2 2.59 3.39 -16.99
C GLY B 2 1.33 3.04 -16.22
N GLN B 3 0.56 2.09 -16.75
CA GLN B 3 -0.68 1.66 -16.13
C GLN B 3 -0.67 0.16 -15.91
N GLN B 4 -1.22 -0.28 -14.79
CA GLN B 4 -1.26 -1.70 -14.46
C GLN B 4 -2.67 -2.29 -14.62
N PRO B 5 -2.75 -3.59 -14.97
CA PRO B 5 -4.00 -4.29 -15.16
C PRO B 5 -4.45 -5.05 -13.90
N VAL B 6 -5.08 -6.21 -14.11
CA VAL B 6 -5.55 -7.03 -12.99
C VAL B 6 -4.39 -7.72 -12.28
N ASN B 7 -3.93 -7.12 -11.20
CA ASN B 7 -2.83 -7.66 -10.42
C ASN B 7 -3.29 -8.76 -9.48
N HIS B 8 -2.34 -9.60 -9.07
CA HIS B 8 -2.58 -10.72 -8.17
C HIS B 8 -1.26 -11.41 -7.89
N LEU B 9 -1.12 -12.06 -6.73
CA LEU B 9 0.10 -12.78 -6.36
C LEU B 9 1.22 -11.88 -5.83
N VAL B 10 1.81 -11.09 -6.70
CA VAL B 10 2.91 -10.21 -6.31
C VAL B 10 2.42 -8.80 -5.98
N LYS B 11 2.99 -8.21 -4.94
CA LYS B 11 2.64 -6.86 -4.48
C LYS B 11 1.32 -6.86 -3.72
N GLU B 12 1.03 -7.99 -3.12
CA GLU B 12 -0.18 -8.16 -2.32
C GLU B 12 0.14 -9.03 -1.12
N ILE B 13 0.49 -10.28 -1.39
CA ILE B 13 0.86 -11.22 -0.35
C ILE B 13 2.10 -10.71 0.39
N ASP B 14 3.11 -10.36 -0.38
CA ASP B 14 4.36 -9.83 0.14
C ASP B 14 4.18 -8.43 0.70
N MET B 15 3.23 -7.70 0.12
CA MET B 15 2.97 -6.32 0.53
C MET B 15 2.26 -6.26 1.88
N LEU B 16 1.18 -7.03 2.01
CA LEU B 16 0.39 -7.06 3.24
C LEU B 16 1.25 -7.38 4.45
N LEU B 17 2.15 -8.34 4.31
CA LEU B 17 3.02 -8.75 5.41
C LEU B 17 4.12 -7.73 5.69
N LYS B 18 4.85 -7.35 4.65
CA LYS B 18 5.96 -6.40 4.81
C LYS B 18 5.47 -5.06 5.40
N GLU B 19 4.38 -4.53 4.87
CA GLU B 19 3.82 -3.26 5.34
C GLU B 19 3.36 -3.39 6.79
N TYR B 20 2.50 -4.37 7.04
CA TYR B 20 1.99 -4.64 8.38
C TYR B 20 3.14 -4.71 9.40
N LEU B 21 4.24 -5.34 9.03
CA LEU B 21 5.40 -5.44 9.91
C LEU B 21 6.13 -4.09 10.01
N LEU B 22 6.41 -3.51 8.85
CA LEU B 22 7.11 -2.22 8.75
C LEU B 22 6.44 -1.12 9.58
N SER B 23 5.22 -0.76 9.20
CA SER B 23 4.47 0.28 9.91
C SER B 23 4.06 -0.21 11.30
N GLY B 24 3.42 -1.35 11.34
CA GLY B 24 2.97 -1.91 12.60
C GLY B 24 1.55 -1.53 12.90
N ASP B 25 0.65 -1.77 11.94
CA ASP B 25 -0.75 -1.45 12.12
C ASP B 25 -1.63 -2.49 11.43
N ILE B 26 -2.60 -3.00 12.16
CA ILE B 26 -3.49 -4.03 11.63
C ILE B 26 -4.49 -3.44 10.63
N SER B 27 -4.96 -2.22 10.91
CA SER B 27 -5.94 -1.54 10.05
C SER B 27 -5.51 -1.51 8.59
N GLU B 28 -4.25 -1.13 8.36
CA GLU B 28 -3.70 -1.07 7.01
C GLU B 28 -3.81 -2.40 6.28
N ALA B 29 -3.37 -3.46 6.94
CA ALA B 29 -3.40 -4.80 6.36
C ALA B 29 -4.82 -5.33 6.22
N GLU B 30 -5.61 -5.18 7.28
CA GLU B 30 -6.98 -5.67 7.30
C GLU B 30 -7.84 -5.05 6.20
N HIS B 31 -7.72 -3.74 6.01
CA HIS B 31 -8.52 -3.06 4.99
C HIS B 31 -8.15 -3.55 3.60
N CYS B 32 -6.86 -3.64 3.32
CA CYS B 32 -6.38 -4.12 2.03
C CYS B 32 -6.76 -5.60 1.83
N LEU B 33 -6.82 -6.35 2.93
CA LEU B 33 -7.18 -7.76 2.87
C LEU B 33 -8.62 -7.93 2.38
N LYS B 34 -9.48 -6.97 2.70
CA LYS B 34 -10.88 -7.00 2.27
C LYS B 34 -10.99 -6.94 0.74
N GLU B 35 -9.98 -6.36 0.11
CA GLU B 35 -9.87 -6.20 -1.35
C GLU B 35 -9.71 -7.55 -2.07
N LEU B 36 -9.91 -8.63 -1.31
CA LEU B 36 -9.69 -9.98 -1.84
C LEU B 36 -10.96 -10.59 -2.43
N GLU B 37 -10.82 -11.28 -3.56
CA GLU B 37 -11.95 -11.92 -4.22
C GLU B 37 -12.18 -13.35 -3.73
N VAL B 38 -11.15 -14.18 -3.81
CA VAL B 38 -11.24 -15.58 -3.38
C VAL B 38 -10.59 -15.76 -2.00
N PRO B 39 -11.31 -16.38 -1.06
CA PRO B 39 -10.81 -16.62 0.29
C PRO B 39 -10.04 -17.92 0.43
N HIS B 40 -10.17 -18.81 -0.55
CA HIS B 40 -9.48 -20.10 -0.51
C HIS B 40 -7.99 -19.95 -0.81
N PHE B 41 -7.61 -18.77 -1.27
CA PHE B 41 -6.22 -18.48 -1.58
C PHE B 41 -5.56 -17.73 -0.42
N HIS B 42 -6.21 -17.76 0.74
CA HIS B 42 -5.72 -17.06 1.93
C HIS B 42 -4.56 -17.80 2.60
N HIS B 43 -4.25 -19.01 2.13
CA HIS B 43 -3.16 -19.78 2.71
C HIS B 43 -1.78 -19.26 2.30
N GLU B 44 -1.65 -18.92 1.02
CA GLU B 44 -0.40 -18.35 0.48
C GLU B 44 0.16 -17.26 1.39
N LEU B 45 -0.70 -16.34 1.83
CA LEU B 45 -0.28 -15.26 2.71
C LEU B 45 0.14 -15.82 4.07
N VAL B 46 -0.73 -16.67 4.61
CA VAL B 46 -0.49 -17.33 5.90
C VAL B 46 0.89 -17.99 5.93
N TYR B 47 1.19 -18.78 4.91
CA TYR B 47 2.47 -19.46 4.79
C TYR B 47 3.66 -18.51 4.92
N GLU B 48 3.66 -17.43 4.13
CA GLU B 48 4.76 -16.46 4.15
C GLU B 48 4.89 -15.79 5.51
N ALA B 49 3.75 -15.46 6.12
CA ALA B 49 3.75 -14.86 7.46
C ALA B 49 4.54 -15.73 8.44
N ILE B 50 4.47 -17.03 8.24
CA ILE B 50 5.20 -17.97 9.08
C ILE B 50 6.68 -17.91 8.71
N VAL B 51 6.94 -18.03 7.41
CA VAL B 51 8.30 -17.97 6.86
C VAL B 51 9.07 -16.76 7.39
N MET B 52 8.51 -15.57 7.24
CA MET B 52 9.16 -14.35 7.73
C MET B 52 9.46 -14.48 9.22
N VAL B 53 8.43 -14.90 9.96
CA VAL B 53 8.56 -15.11 11.41
C VAL B 53 9.84 -15.87 11.76
N LEU B 54 10.13 -16.95 11.06
CA LEU B 54 11.34 -17.73 11.33
C LEU B 54 12.57 -17.10 10.68
N GLU B 55 12.36 -16.48 9.51
CA GLU B 55 13.42 -15.85 8.75
C GLU B 55 13.76 -14.42 9.25
N SER B 56 13.32 -14.07 10.46
CA SER B 56 13.58 -12.71 10.96
C SER B 56 14.77 -12.69 11.92
N THR B 57 14.84 -11.64 12.72
CA THR B 57 15.91 -11.46 13.69
C THR B 57 15.40 -10.52 14.78
N GLY B 58 15.10 -11.05 15.96
CA GLY B 58 14.60 -10.22 17.04
C GLY B 58 13.26 -10.73 17.56
N GLU B 59 13.04 -10.57 18.86
CA GLU B 59 11.80 -11.04 19.48
C GLU B 59 10.61 -10.13 19.16
N SER B 60 10.91 -8.86 18.87
CA SER B 60 9.87 -7.90 18.53
C SER B 60 9.11 -8.33 17.28
N ALA B 61 9.77 -9.15 16.48
CA ALA B 61 9.20 -9.63 15.22
C ALA B 61 8.18 -10.74 15.44
N PHE B 62 8.36 -11.50 16.53
CA PHE B 62 7.49 -12.63 16.84
C PHE B 62 6.03 -12.23 17.05
N LYS B 63 5.73 -11.55 18.16
CA LYS B 63 4.36 -11.11 18.44
C LYS B 63 3.83 -10.18 17.36
N MET B 64 4.75 -9.41 16.78
CA MET B 64 4.40 -8.49 15.71
C MET B 64 3.63 -9.24 14.63
N ILE B 65 4.17 -10.38 14.20
CA ILE B 65 3.50 -11.18 13.20
C ILE B 65 2.45 -12.10 13.83
N LEU B 66 2.72 -12.66 15.02
CA LEU B 66 1.76 -13.54 15.70
C LEU B 66 0.41 -12.88 15.90
N ASP B 67 0.40 -11.60 16.18
CA ASP B 67 -0.84 -10.84 16.39
C ASP B 67 -1.73 -10.90 15.14
N LEU B 68 -1.12 -11.30 14.05
CA LEU B 68 -1.82 -11.37 12.79
C LEU B 68 -2.83 -12.53 12.80
N LEU B 69 -2.37 -13.72 13.20
CA LEU B 69 -3.24 -14.91 13.20
C LEU B 69 -4.57 -14.78 13.98
N LYS B 70 -4.55 -14.53 15.29
CA LYS B 70 -5.80 -14.42 16.05
C LYS B 70 -6.64 -13.24 15.58
N SER B 71 -6.02 -12.06 15.63
CA SER B 71 -6.68 -10.85 15.15
C SER B 71 -7.34 -11.09 13.80
N LEU B 72 -6.79 -11.96 12.97
CA LEU B 72 -7.41 -12.28 11.69
C LEU B 72 -8.46 -13.41 11.73
N TRP B 73 -8.30 -14.34 12.67
CA TRP B 73 -9.18 -15.51 12.80
C TRP B 73 -10.65 -15.20 13.12
N LYS B 74 -10.95 -14.66 14.31
CA LYS B 74 -12.32 -14.31 14.67
C LYS B 74 -12.84 -13.24 13.71
N SER B 75 -11.91 -12.41 13.34
CA SER B 75 -12.09 -11.27 12.41
C SER B 75 -12.41 -11.65 10.97
N SER B 76 -13.21 -12.71 10.77
CA SER B 76 -13.47 -13.27 9.44
C SER B 76 -12.39 -13.06 8.39
N THR B 77 -11.61 -14.09 8.15
CA THR B 77 -10.53 -14.02 7.20
C THR B 77 -9.90 -15.41 7.04
N ILE B 78 -9.59 -16.02 8.17
CA ILE B 78 -8.99 -17.34 8.17
C ILE B 78 -10.05 -18.40 8.39
N THR B 79 -9.84 -19.56 7.80
CA THR B 79 -10.77 -20.67 7.92
C THR B 79 -10.05 -21.90 8.53
N ILE B 80 -10.67 -23.07 8.47
CA ILE B 80 -10.09 -24.29 9.06
C ILE B 80 -8.92 -24.86 8.24
N ASP B 81 -9.17 -25.17 6.99
CA ASP B 81 -8.15 -25.70 6.09
C ASP B 81 -7.21 -24.60 5.64
N GLN B 82 -7.71 -23.38 5.77
CA GLN B 82 -7.00 -22.19 5.35
C GLN B 82 -5.57 -22.17 5.87
N MET B 83 -5.37 -22.18 7.19
CA MET B 83 -4.04 -22.11 7.75
C MET B 83 -3.40 -23.50 7.77
N LYS B 84 -4.24 -24.52 7.64
CA LYS B 84 -3.79 -25.90 7.69
C LYS B 84 -2.84 -26.16 6.53
N ARG B 85 -3.26 -25.73 5.35
CA ARG B 85 -2.47 -25.88 4.15
C ARG B 85 -1.23 -24.99 4.22
N GLY B 86 -1.25 -24.06 5.17
CA GLY B 86 -0.14 -23.16 5.35
C GLY B 86 0.92 -23.82 6.21
N TYR B 87 0.46 -24.35 7.34
CA TYR B 87 1.32 -25.03 8.30
C TYR B 87 1.94 -26.29 7.71
N GLU B 88 1.15 -27.07 6.97
CA GLU B 88 1.65 -28.31 6.37
C GLU B 88 2.81 -28.02 5.41
N ARG B 89 2.76 -26.85 4.79
CA ARG B 89 3.80 -26.44 3.85
C ARG B 89 5.11 -26.22 4.60
N ILE B 90 5.01 -25.65 5.80
CA ILE B 90 6.19 -25.37 6.64
C ILE B 90 6.90 -26.67 7.04
N TYR B 91 6.21 -27.79 6.91
CA TYR B 91 6.79 -29.07 7.28
C TYR B 91 7.67 -29.58 6.16
N ASN B 92 7.35 -29.12 4.95
CA ASN B 92 8.11 -29.47 3.75
C ASN B 92 9.22 -28.46 3.49
N GLU B 93 8.97 -27.20 3.83
CA GLU B 93 9.94 -26.13 3.63
C GLU B 93 11.07 -26.18 4.64
N ILE B 94 10.77 -26.65 5.85
CA ILE B 94 11.77 -26.75 6.93
C ILE B 94 13.10 -27.38 6.50
N PRO B 95 13.09 -28.59 5.88
CA PRO B 95 14.32 -29.24 5.43
C PRO B 95 15.18 -28.34 4.53
N ASP B 96 14.54 -27.51 3.73
CA ASP B 96 15.24 -26.60 2.83
C ASP B 96 15.82 -25.41 3.58
N ILE B 97 15.05 -24.91 4.55
CA ILE B 97 15.47 -23.78 5.36
C ILE B 97 16.59 -24.20 6.30
N ASN B 98 16.40 -25.34 6.96
CA ASN B 98 17.38 -25.86 7.89
C ASN B 98 18.65 -26.30 7.19
N LEU B 99 18.51 -27.25 6.26
CA LEU B 99 19.64 -27.79 5.51
C LEU B 99 20.67 -28.37 6.48
N ASP B 100 20.22 -29.33 7.28
CA ASP B 100 21.03 -29.98 8.31
C ASP B 100 21.20 -29.07 9.52
N VAL B 101 21.49 -29.67 10.67
CA VAL B 101 21.64 -28.91 11.92
C VAL B 101 20.34 -28.11 12.16
N PRO B 102 19.27 -28.80 12.55
CA PRO B 102 17.95 -28.19 12.76
C PRO B 102 17.86 -27.35 14.03
N HIS B 103 18.81 -26.43 14.20
CA HIS B 103 18.84 -25.54 15.36
C HIS B 103 17.57 -24.70 15.45
N SER B 104 16.89 -24.53 14.31
CA SER B 104 15.66 -23.77 14.26
C SER B 104 14.52 -24.47 14.98
N TYR B 105 14.73 -25.73 15.36
CA TYR B 105 13.71 -26.51 16.05
C TYR B 105 13.27 -25.84 17.34
N SER B 106 14.19 -25.12 17.97
CA SER B 106 13.88 -24.41 19.20
C SER B 106 12.69 -23.46 18.99
N VAL B 107 12.76 -22.61 17.98
CA VAL B 107 11.70 -21.67 17.65
C VAL B 107 10.60 -22.30 16.78
N LEU B 108 10.97 -23.36 16.07
CA LEU B 108 10.05 -24.03 15.13
C LEU B 108 8.72 -24.39 15.78
N GLU B 109 8.78 -25.10 16.90
CA GLU B 109 7.60 -25.51 17.62
C GLU B 109 6.90 -24.31 18.24
N ARG B 110 7.71 -23.33 18.66
CA ARG B 110 7.17 -22.11 19.28
C ARG B 110 5.85 -21.59 18.76
N PHE B 111 5.64 -21.30 17.47
CA PHE B 111 4.32 -20.81 17.07
C PHE B 111 3.26 -21.86 17.29
N VAL B 112 3.53 -23.05 16.75
CA VAL B 112 2.62 -24.17 16.86
C VAL B 112 2.19 -24.41 18.30
N GLU B 113 3.14 -24.45 19.22
CA GLU B 113 2.86 -24.69 20.63
C GLU B 113 2.24 -23.49 21.34
N GLU B 114 2.54 -22.29 20.86
CA GLU B 114 2.04 -21.08 21.50
C GLU B 114 0.54 -20.87 21.28
N CYS B 115 0.13 -20.75 20.03
CA CYS B 115 -1.27 -20.55 19.67
C CYS B 115 -2.10 -21.83 19.68
N PHE B 116 -1.43 -22.97 19.80
CA PHE B 116 -2.07 -24.28 19.69
C PHE B 116 -3.37 -24.40 20.47
N GLN B 117 -3.33 -24.30 21.77
CA GLN B 117 -4.55 -24.36 22.56
C GLN B 117 -5.43 -23.12 22.53
N ALA B 118 -5.01 -22.03 21.87
CA ALA B 118 -5.80 -20.80 21.91
C ALA B 118 -7.19 -20.99 21.31
N GLY B 119 -7.39 -22.11 20.62
CA GLY B 119 -8.68 -22.41 20.05
C GLY B 119 -8.79 -22.08 18.58
N ILE B 120 -7.66 -22.10 17.88
CA ILE B 120 -7.67 -21.81 16.45
C ILE B 120 -7.33 -23.06 15.64
N ILE B 121 -6.17 -23.64 15.90
CA ILE B 121 -5.74 -24.83 15.19
C ILE B 121 -6.31 -26.10 15.81
N SER B 122 -5.85 -27.26 15.36
CA SER B 122 -6.34 -28.52 15.86
C SER B 122 -5.20 -29.34 16.45
N LYS B 123 -5.54 -30.29 17.31
CA LYS B 123 -4.54 -31.13 17.95
C LYS B 123 -3.85 -32.06 16.95
N GLN B 124 -4.54 -32.35 15.84
CA GLN B 124 -3.98 -33.22 14.81
C GLN B 124 -2.98 -32.44 13.96
N LEU B 125 -3.20 -31.13 13.88
CA LEU B 125 -2.34 -30.27 13.10
C LEU B 125 -0.89 -30.30 13.56
N ARG B 126 -0.63 -30.30 14.86
CA ARG B 126 0.74 -30.33 15.36
C ARG B 126 1.31 -31.74 15.25
N ASP B 127 0.40 -32.68 15.09
CA ASP B 127 0.75 -34.09 15.03
C ASP B 127 1.53 -34.38 13.75
N LEU B 128 1.49 -33.44 12.82
CA LEU B 128 2.18 -33.56 11.55
C LEU B 128 3.55 -32.89 11.61
N CYS B 129 3.87 -32.27 12.74
CA CYS B 129 5.15 -31.59 12.90
C CYS B 129 6.01 -32.33 13.92
N PRO B 130 7.34 -32.31 13.74
CA PRO B 130 8.27 -32.97 14.65
C PRO B 130 8.15 -32.42 16.07
N SER B 131 7.53 -33.21 16.94
CA SER B 131 7.32 -32.79 18.32
C SER B 131 8.43 -33.37 19.21
N GLY A 1 2.09 30.88 -2.49
CA GLY A 1 1.39 31.01 -1.19
C GLY A 1 -0.11 30.93 -1.36
N LEU A 2 -0.81 32.03 -1.12
CA LEU A 2 -2.26 32.06 -1.23
C LEU A 2 -2.68 32.51 -2.63
N PRO A 3 -3.43 31.66 -3.35
CA PRO A 3 -3.89 31.97 -4.70
C PRO A 3 -5.24 32.68 -4.70
N LEU A 4 -5.58 33.28 -5.83
CA LEU A 4 -6.83 34.00 -5.99
C LEU A 4 -7.80 33.19 -6.84
N ASP A 5 -9.09 33.58 -6.80
CA ASP A 5 -10.13 32.91 -7.57
C ASP A 5 -10.20 31.42 -7.25
N GLU A 6 -10.02 31.08 -5.97
CA GLU A 6 -10.06 29.69 -5.55
C GLU A 6 -11.40 29.05 -5.90
N ARG A 7 -12.47 29.66 -5.41
CA ARG A 7 -13.82 29.17 -5.66
C ARG A 7 -14.13 29.03 -7.14
N ALA A 8 -13.74 30.03 -7.92
CA ALA A 8 -13.96 30.03 -9.35
C ALA A 8 -13.23 28.86 -10.01
N PHE A 9 -11.94 28.76 -9.74
CA PHE A 9 -11.12 27.68 -10.28
C PHE A 9 -11.64 26.30 -9.88
N GLU A 10 -11.90 26.12 -8.59
CA GLU A 10 -12.42 24.86 -8.08
C GLU A 10 -13.69 24.44 -8.80
N LYS A 11 -14.59 25.39 -8.96
CA LYS A 11 -15.87 25.16 -9.62
C LYS A 11 -15.71 24.83 -11.10
N THR A 12 -14.97 25.67 -11.81
CA THR A 12 -14.75 25.50 -13.24
C THR A 12 -14.01 24.21 -13.57
N LEU A 13 -12.90 23.99 -12.87
CA LEU A 13 -12.07 22.81 -13.09
C LEU A 13 -12.71 21.49 -12.61
N THR A 14 -14.01 21.52 -12.29
CA THR A 14 -14.66 20.30 -11.83
C THR A 14 -14.99 19.37 -13.01
N PRO A 15 -15.82 19.83 -13.98
CA PRO A 15 -16.20 19.02 -15.14
C PRO A 15 -15.05 18.78 -16.11
N ILE A 16 -14.08 19.67 -16.11
CA ILE A 16 -12.93 19.55 -17.02
C ILE A 16 -12.13 18.29 -16.66
N ILE A 17 -11.96 18.10 -15.37
CA ILE A 17 -11.24 16.96 -14.82
C ILE A 17 -12.16 15.76 -14.62
N GLN A 18 -13.47 16.00 -14.67
CA GLN A 18 -14.45 14.96 -14.37
C GLN A 18 -14.32 13.72 -15.26
N GLU A 19 -14.44 13.89 -16.58
CA GLU A 19 -14.31 12.79 -17.52
C GLU A 19 -12.89 12.29 -17.74
N TYR A 20 -11.90 13.06 -17.29
CA TYR A 20 -10.50 12.67 -17.48
C TYR A 20 -10.26 11.21 -17.06
N PHE A 21 -10.70 10.87 -15.86
CA PHE A 21 -10.51 9.53 -15.33
C PHE A 21 -11.47 8.53 -15.98
N GLU A 22 -12.21 8.94 -17.02
CA GLU A 22 -13.18 8.07 -17.67
C GLU A 22 -12.63 7.63 -19.04
N HIS A 23 -11.79 8.48 -19.67
CA HIS A 23 -11.23 8.15 -20.99
C HIS A 23 -9.70 8.03 -20.91
N GLY A 24 -9.00 9.18 -20.96
CA GLY A 24 -7.55 9.14 -20.79
C GLY A 24 -6.73 10.03 -21.74
N ASP A 25 -7.28 11.14 -22.22
CA ASP A 25 -6.52 12.04 -23.09
C ASP A 25 -5.87 13.12 -22.23
N THR A 26 -4.56 13.05 -22.10
CA THR A 26 -3.83 13.99 -21.29
C THR A 26 -3.65 15.34 -21.98
N ASN A 27 -3.73 15.34 -23.31
CA ASN A 27 -3.55 16.57 -24.10
C ASN A 27 -4.56 17.64 -23.72
N GLU A 28 -5.86 17.31 -23.86
CA GLU A 28 -6.94 18.23 -23.46
C GLU A 28 -6.75 18.80 -22.05
N VAL A 29 -6.05 18.04 -21.23
CA VAL A 29 -5.82 18.44 -19.85
C VAL A 29 -4.72 19.50 -19.81
N ALA A 30 -3.71 19.29 -20.64
CA ALA A 30 -2.58 20.21 -20.72
C ALA A 30 -2.94 21.57 -21.30
N GLU A 31 -3.54 21.62 -22.50
CA GLU A 31 -3.91 22.88 -23.13
C GLU A 31 -4.87 23.72 -22.31
N MET A 32 -5.77 23.06 -21.58
CA MET A 32 -6.75 23.76 -20.76
C MET A 32 -6.05 24.69 -19.79
N LEU A 33 -4.91 24.26 -19.29
CA LEU A 33 -4.13 25.03 -18.34
C LEU A 33 -3.38 26.21 -18.98
N ARG A 34 -3.07 26.10 -20.27
CA ARG A 34 -2.29 27.15 -20.96
C ARG A 34 -2.93 28.53 -20.88
N ASP A 35 -4.12 28.71 -21.47
CA ASP A 35 -4.81 30.00 -21.41
C ASP A 35 -4.98 30.46 -19.98
N LEU A 36 -5.45 29.53 -19.16
CA LEU A 36 -5.65 29.78 -17.74
C LEU A 36 -4.45 30.48 -17.11
N ASN A 37 -3.24 30.05 -17.50
CA ASN A 37 -1.98 30.63 -17.00
C ASN A 37 -1.98 30.72 -15.49
N LEU A 38 -1.72 29.60 -14.86
CA LEU A 38 -1.70 29.52 -13.41
C LEU A 38 -0.27 29.55 -12.87
N GLY A 39 0.04 30.61 -12.12
CA GLY A 39 1.36 30.73 -11.54
C GLY A 39 1.51 29.80 -10.35
N GLU A 40 1.08 30.26 -9.18
CA GLU A 40 1.14 29.44 -7.98
C GLU A 40 -0.09 28.55 -7.91
N MET A 41 -1.13 28.95 -8.64
CA MET A 41 -2.37 28.18 -8.69
C MET A 41 -2.14 26.89 -9.47
N LYS A 42 -0.95 26.77 -10.05
CA LYS A 42 -0.56 25.59 -10.81
C LYS A 42 -0.47 24.40 -9.86
N SER A 43 -0.19 24.70 -8.59
CA SER A 43 -0.09 23.68 -7.56
C SER A 43 -1.49 23.19 -7.17
N GLY A 44 -2.50 23.80 -7.79
CA GLY A 44 -3.87 23.42 -7.55
C GLY A 44 -4.40 22.69 -8.77
N VAL A 45 -3.47 22.17 -9.55
CA VAL A 45 -3.79 21.44 -10.76
C VAL A 45 -3.78 19.93 -10.53
N PRO A 46 -2.61 19.36 -10.12
CA PRO A 46 -2.50 17.92 -9.86
C PRO A 46 -3.37 17.53 -8.68
N VAL A 47 -2.92 17.87 -7.48
CA VAL A 47 -3.66 17.58 -6.25
C VAL A 47 -5.12 18.04 -6.23
N LEU A 48 -5.54 18.85 -7.19
CA LEU A 48 -6.92 19.31 -7.22
C LEU A 48 -7.84 18.09 -7.22
N ALA A 49 -7.74 17.32 -8.28
CA ALA A 49 -8.47 16.09 -8.49
C ALA A 49 -7.98 14.83 -7.78
N VAL A 50 -6.72 14.73 -7.29
CA VAL A 50 -6.24 13.38 -6.91
C VAL A 50 -7.17 12.64 -5.92
N SER A 51 -7.24 13.11 -4.68
CA SER A 51 -8.14 12.55 -3.68
C SER A 51 -9.61 12.87 -3.93
N LEU A 52 -9.87 13.91 -4.73
CA LEU A 52 -11.24 14.34 -4.97
C LEU A 52 -11.87 13.36 -5.96
N ALA A 53 -10.96 12.58 -6.56
CA ALA A 53 -11.28 11.57 -7.57
C ALA A 53 -11.55 10.15 -7.00
N LEU A 54 -11.02 9.87 -5.81
CA LEU A 54 -11.12 8.55 -5.20
C LEU A 54 -12.43 8.18 -4.46
N GLU A 55 -13.46 9.03 -4.55
CA GLU A 55 -14.73 8.80 -3.85
C GLU A 55 -15.56 7.71 -4.56
N GLY A 56 -14.89 6.65 -4.94
CA GLY A 56 -15.54 5.58 -5.68
C GLY A 56 -14.77 4.30 -5.66
N LYS A 57 -14.03 4.06 -6.73
CA LYS A 57 -13.24 2.84 -6.83
C LYS A 57 -11.74 3.15 -6.83
N ALA A 58 -10.97 2.28 -6.21
CA ALA A 58 -9.52 2.41 -6.12
C ALA A 58 -8.86 2.52 -7.49
N SER A 59 -9.51 1.97 -8.50
CA SER A 59 -9.01 1.99 -9.86
C SER A 59 -8.90 3.42 -10.42
N HIS A 60 -9.64 4.35 -9.83
CA HIS A 60 -9.65 5.72 -10.31
C HIS A 60 -8.26 6.33 -10.16
N ARG A 61 -7.74 6.29 -8.94
CA ARG A 61 -6.42 6.80 -8.59
C ARG A 61 -5.26 6.16 -9.37
N GLU A 62 -5.53 5.12 -10.15
CA GLU A 62 -4.43 4.45 -10.84
C GLU A 62 -4.01 5.36 -11.99
N MET A 63 -5.03 5.93 -12.65
CA MET A 63 -4.83 6.82 -13.78
C MET A 63 -4.37 8.21 -13.34
N THR A 64 -4.55 8.54 -12.07
CA THR A 64 -4.16 9.86 -11.58
C THR A 64 -2.68 10.13 -11.81
N SER A 65 -1.81 9.28 -11.25
CA SER A 65 -0.36 9.41 -11.44
C SER A 65 0.05 9.50 -12.92
N LYS A 66 -0.80 9.01 -13.81
CA LYS A 66 -0.51 9.06 -15.23
C LYS A 66 -0.46 10.51 -15.71
N LEU A 67 -1.26 11.36 -15.08
CA LEU A 67 -1.31 12.76 -15.44
C LEU A 67 -0.06 13.46 -14.92
N LEU A 68 0.46 12.93 -13.82
CA LEU A 68 1.65 13.47 -13.19
C LEU A 68 2.89 13.38 -14.09
N SER A 69 2.92 12.37 -14.96
CA SER A 69 4.07 12.22 -15.85
C SER A 69 3.85 13.15 -17.04
N ASP A 70 2.57 13.45 -17.17
CA ASP A 70 2.05 14.25 -18.28
C ASP A 70 2.14 15.77 -18.11
N LEU A 71 1.96 16.25 -16.88
CA LEU A 71 1.96 17.68 -16.61
C LEU A 71 3.37 18.27 -16.57
N CYS A 72 4.20 17.78 -15.64
CA CYS A 72 5.58 18.27 -15.52
C CYS A 72 6.33 18.17 -16.84
N GLY A 73 7.10 19.20 -17.14
CA GLY A 73 7.86 19.22 -18.37
C GLY A 73 7.06 19.81 -19.50
N THR A 74 5.75 19.57 -19.49
CA THR A 74 4.87 20.08 -20.51
C THR A 74 4.31 21.45 -20.13
N VAL A 75 3.67 21.53 -18.96
CA VAL A 75 3.07 22.78 -18.50
C VAL A 75 3.31 23.01 -17.02
N MET A 76 4.08 22.13 -16.40
CA MET A 76 4.37 22.24 -14.98
C MET A 76 5.84 22.03 -14.67
N SER A 77 6.27 22.46 -13.50
CA SER A 77 7.65 22.32 -13.07
C SER A 77 7.73 21.42 -11.85
N THR A 78 8.89 20.77 -11.68
CA THR A 78 9.14 19.88 -10.55
C THR A 78 8.62 20.43 -9.22
N THR A 79 9.01 21.66 -8.89
CA THR A 79 8.58 22.29 -7.64
C THR A 79 7.05 22.38 -7.56
N ASP A 80 6.44 22.85 -8.64
CA ASP A 80 4.98 22.97 -8.73
C ASP A 80 4.29 21.67 -8.32
N VAL A 81 4.85 20.54 -8.74
CA VAL A 81 4.28 19.23 -8.41
C VAL A 81 4.39 18.97 -6.92
N GLU A 82 5.58 19.21 -6.37
CA GLU A 82 5.82 19.02 -4.94
C GLU A 82 4.91 19.94 -4.12
N LYS A 83 4.86 21.21 -4.52
CA LYS A 83 3.99 22.19 -3.87
C LYS A 83 2.54 21.72 -3.77
N SER A 84 2.14 20.85 -4.68
CA SER A 84 0.78 20.33 -4.69
C SER A 84 0.62 19.36 -3.51
N PHE A 85 1.54 18.41 -3.43
CA PHE A 85 1.55 17.43 -2.35
C PHE A 85 1.46 18.08 -0.98
N ASP A 86 2.14 19.21 -0.81
CA ASP A 86 2.12 19.93 0.47
C ASP A 86 0.69 20.36 0.78
N LYS A 87 0.08 21.06 -0.19
CA LYS A 87 -1.29 21.54 -0.05
C LYS A 87 -2.26 20.40 0.30
N LEU A 88 -2.03 19.22 -0.27
CA LEU A 88 -2.89 18.06 0.01
C LEU A 88 -2.61 17.55 1.42
N LEU A 89 -1.33 17.34 1.71
CA LEU A 89 -0.88 16.88 3.02
C LEU A 89 -1.56 17.62 4.17
N LYS A 90 -1.56 18.95 4.12
CA LYS A 90 -2.20 19.75 5.16
C LYS A 90 -3.72 19.78 5.06
N ASP A 91 -4.27 19.24 3.98
CA ASP A 91 -5.72 19.21 3.78
C ASP A 91 -6.28 17.90 4.30
N LEU A 92 -5.60 16.81 3.95
CA LEU A 92 -5.97 15.45 4.39
C LEU A 92 -6.69 15.33 5.75
N PRO A 93 -6.23 15.98 6.84
CA PRO A 93 -6.90 15.89 8.14
C PRO A 93 -8.42 16.15 8.07
N GLU A 94 -8.86 16.95 7.11
CA GLU A 94 -10.28 17.29 6.93
C GLU A 94 -10.96 16.29 6.00
N LEU A 95 -10.13 15.60 5.24
CA LEU A 95 -10.60 14.66 4.22
C LEU A 95 -10.89 13.27 4.78
N ALA A 96 -10.34 12.99 5.95
CA ALA A 96 -10.54 11.68 6.59
C ALA A 96 -12.01 11.28 6.81
N LEU A 97 -12.81 12.18 7.43
CA LEU A 97 -14.29 11.98 7.63
C LEU A 97 -15.07 11.30 6.47
N ASP A 98 -14.42 11.15 5.33
CA ASP A 98 -15.11 10.55 4.17
C ASP A 98 -14.82 9.07 3.98
N THR A 99 -13.66 8.62 4.45
CA THR A 99 -13.26 7.23 4.28
C THR A 99 -12.14 6.90 5.29
N PRO A 100 -12.27 5.79 6.05
CA PRO A 100 -11.28 5.37 7.04
C PRO A 100 -9.96 4.89 6.41
N ARG A 101 -9.80 5.15 5.12
CA ARG A 101 -8.59 4.76 4.41
C ARG A 101 -8.01 5.98 3.69
N ALA A 102 -8.53 7.17 4.02
CA ALA A 102 -8.07 8.40 3.39
C ALA A 102 -6.57 8.65 3.57
N PRO A 103 -6.05 8.70 4.82
CA PRO A 103 -4.62 8.92 5.07
C PRO A 103 -3.76 7.86 4.39
N GLN A 104 -3.96 6.60 4.82
CA GLN A 104 -3.24 5.46 4.25
C GLN A 104 -3.21 5.46 2.72
N LEU A 105 -4.27 5.94 2.08
CA LEU A 105 -4.33 5.99 0.62
C LEU A 105 -3.38 7.02 0.03
N VAL A 106 -3.35 8.21 0.64
CA VAL A 106 -2.49 9.29 0.18
C VAL A 106 -1.02 8.83 0.13
N GLY A 107 -0.61 8.09 1.16
CA GLY A 107 0.76 7.58 1.21
C GLY A 107 1.16 6.77 0.00
N GLN A 108 0.18 6.09 -0.60
CA GLN A 108 0.42 5.27 -1.79
C GLN A 108 0.87 6.14 -2.96
N PHE A 109 0.26 7.32 -3.07
CA PHE A 109 0.59 8.26 -4.14
C PHE A 109 2.01 8.76 -3.97
N ILE A 110 2.34 9.13 -2.74
CA ILE A 110 3.66 9.67 -2.41
C ILE A 110 4.77 8.72 -2.85
N ALA A 111 4.76 7.49 -2.32
CA ALA A 111 5.75 6.49 -2.70
C ALA A 111 5.84 6.29 -4.22
N ARG A 112 4.69 6.34 -4.88
CA ARG A 112 4.66 6.17 -6.33
C ARG A 112 5.32 7.35 -7.04
N ALA A 113 4.93 8.56 -6.65
CA ALA A 113 5.49 9.78 -7.23
C ALA A 113 7.02 9.80 -7.18
N VAL A 114 7.59 9.37 -6.06
CA VAL A 114 9.05 9.31 -5.93
C VAL A 114 9.59 8.29 -6.91
N GLY A 115 9.03 7.09 -6.84
CA GLY A 115 9.41 6.00 -7.73
C GLY A 115 9.32 6.40 -9.19
N ASP A 116 8.34 7.23 -9.53
CA ASP A 116 8.18 7.68 -10.91
C ASP A 116 9.27 8.71 -11.22
N GLY A 117 9.34 9.77 -10.42
CA GLY A 117 10.40 10.74 -10.61
C GLY A 117 10.06 12.15 -10.16
N ILE A 118 8.84 12.61 -10.46
CA ILE A 118 8.41 13.97 -10.11
C ILE A 118 8.26 14.26 -8.59
N LEU A 119 9.11 13.65 -7.79
CA LEU A 119 9.08 13.87 -6.34
C LEU A 119 10.48 13.67 -5.77
N CYS A 120 10.91 14.62 -4.95
CA CYS A 120 12.22 14.56 -4.33
C CYS A 120 12.34 13.36 -3.38
N ASN A 121 13.51 12.74 -3.37
CA ASN A 121 13.76 11.59 -2.51
C ASN A 121 13.78 11.99 -1.04
N THR A 122 14.34 13.16 -0.75
CA THR A 122 14.42 13.66 0.61
C THR A 122 13.16 14.41 1.01
N TYR A 123 12.06 14.14 0.32
CA TYR A 123 10.79 14.78 0.60
C TYR A 123 10.29 14.33 1.97
N ILE A 124 10.30 13.02 2.18
CA ILE A 124 9.87 12.43 3.44
C ILE A 124 10.84 12.80 4.56
N ASP A 125 12.11 12.88 4.21
CA ASP A 125 13.16 13.20 5.17
C ASP A 125 13.02 14.62 5.71
N SER A 126 12.59 15.54 4.85
CA SER A 126 12.41 16.93 5.25
C SER A 126 11.26 17.06 6.25
N TYR A 127 10.30 16.16 6.13
CA TYR A 127 9.15 16.15 7.03
C TYR A 127 9.26 14.97 8.00
N LYS A 128 10.49 14.50 8.22
CA LYS A 128 10.76 13.34 9.08
C LYS A 128 10.71 13.59 10.58
N GLY A 129 9.74 14.36 11.01
CA GLY A 129 9.58 14.65 12.43
C GLY A 129 9.43 16.12 12.64
N THR A 130 8.98 16.76 11.58
CA THR A 130 8.79 18.18 11.55
C THR A 130 7.34 18.50 11.18
N VAL A 131 6.45 17.55 11.44
CA VAL A 131 5.04 17.72 11.12
C VAL A 131 4.20 17.74 12.39
N ASP A 132 3.40 18.80 12.53
CA ASP A 132 2.53 18.97 13.69
C ASP A 132 1.24 18.18 13.55
N CYS A 133 0.99 17.69 12.35
CA CYS A 133 -0.22 16.93 12.07
C CYS A 133 0.07 15.43 11.99
N VAL A 134 -0.64 14.64 12.80
CA VAL A 134 -0.46 13.20 12.79
C VAL A 134 -0.99 12.60 11.48
N GLN A 135 -2.13 13.12 11.04
CA GLN A 135 -2.72 12.68 9.77
C GLN A 135 -1.69 12.71 8.65
N ALA A 136 -1.01 13.84 8.51
CA ALA A 136 0.02 13.98 7.49
C ALA A 136 1.22 13.08 7.82
N ARG A 137 1.56 13.04 9.11
CA ARG A 137 2.66 12.21 9.59
C ARG A 137 2.49 10.76 9.11
N ALA A 138 1.35 10.17 9.43
CA ALA A 138 1.05 8.80 9.03
C ALA A 138 1.03 8.63 7.52
N ALA A 139 0.46 9.62 6.84
CA ALA A 139 0.38 9.59 5.39
C ALA A 139 1.77 9.49 4.76
N LEU A 140 2.67 10.34 5.21
CA LEU A 140 4.04 10.37 4.70
C LEU A 140 4.82 9.14 5.16
N ASP A 141 4.61 8.77 6.41
CA ASP A 141 5.32 7.64 7.01
C ASP A 141 5.09 6.31 6.31
N LYS A 142 3.99 6.15 5.56
CA LYS A 142 3.72 4.88 4.90
C LYS A 142 4.60 4.72 3.68
N ALA A 143 4.90 5.85 3.02
CA ALA A 143 5.75 5.85 1.83
C ALA A 143 7.09 5.18 2.13
N THR A 144 7.59 5.45 3.33
CA THR A 144 8.84 4.87 3.81
C THR A 144 8.74 3.35 3.88
N VAL A 145 7.51 2.84 3.99
CA VAL A 145 7.30 1.41 4.09
C VAL A 145 7.26 0.84 2.68
N LEU A 146 6.36 1.43 1.89
CA LEU A 146 6.11 1.06 0.50
C LEU A 146 7.38 1.02 -0.36
N LEU A 147 8.18 2.07 -0.31
CA LEU A 147 9.40 2.12 -1.10
C LEU A 147 10.33 0.96 -0.77
N SER A 148 10.38 0.60 0.51
CA SER A 148 11.23 -0.48 0.97
C SER A 148 10.64 -1.85 0.64
N MET A 149 9.32 -1.97 0.66
CA MET A 149 8.64 -3.23 0.37
C MET A 149 8.75 -3.59 -1.11
N SER A 150 8.49 -2.60 -1.96
CA SER A 150 8.54 -2.80 -3.41
C SER A 150 9.96 -3.00 -3.92
N LYS A 151 10.94 -2.88 -3.02
CA LYS A 151 12.34 -3.04 -3.38
C LYS A 151 12.97 -4.17 -2.58
N GLY A 152 12.14 -5.06 -2.04
CA GLY A 152 12.64 -6.16 -1.25
C GLY A 152 11.65 -7.31 -1.18
N GLY A 153 11.71 -8.20 -2.14
CA GLY A 153 10.81 -9.34 -2.16
C GLY A 153 11.49 -10.58 -2.69
N LYS A 154 10.74 -11.66 -2.82
CA LYS A 154 11.28 -12.92 -3.32
C LYS A 154 10.21 -13.73 -4.05
N ARG A 155 9.31 -13.04 -4.75
CA ARG A 155 8.23 -13.72 -5.48
C ARG A 155 7.70 -12.88 -6.64
N LYS A 156 7.00 -11.80 -6.31
CA LYS A 156 6.42 -10.92 -7.32
C LYS A 156 7.34 -9.75 -7.65
N ASP A 157 8.61 -10.04 -7.87
CA ASP A 157 9.60 -9.00 -8.16
C ASP A 157 10.20 -9.17 -9.54
N SER A 158 9.49 -9.86 -10.41
CA SER A 158 9.96 -10.10 -11.77
C SER A 158 9.39 -9.06 -12.74
N VAL A 159 8.54 -8.18 -12.23
CA VAL A 159 7.93 -7.14 -13.03
C VAL A 159 8.45 -5.78 -12.61
N TRP A 160 9.21 -5.14 -13.50
CA TRP A 160 9.78 -3.84 -13.21
C TRP A 160 9.04 -2.74 -13.94
N GLY A 161 8.43 -1.84 -13.18
CA GLY A 161 7.68 -0.76 -13.74
C GLY A 161 6.66 -0.22 -12.75
N SER A 162 5.45 0.03 -13.22
CA SER A 162 4.39 0.53 -12.37
C SER A 162 3.44 -0.60 -11.95
N GLY A 163 3.77 -1.80 -12.39
CA GLY A 163 2.94 -2.95 -12.07
C GLY A 163 1.66 -2.94 -12.87
N GLY B 1 -0.71 -1.29 -13.18
CA GLY B 1 -1.65 -1.88 -14.17
C GLY B 1 -1.98 -0.90 -15.28
N GLY B 2 -2.69 0.17 -14.94
CA GLY B 2 -3.06 1.16 -15.93
C GLY B 2 -4.12 0.65 -16.88
N GLN B 3 -3.66 0.00 -17.95
CA GLN B 3 -4.56 -0.57 -18.95
C GLN B 3 -4.53 -2.08 -18.88
N GLN B 4 -3.62 -2.59 -18.05
CA GLN B 4 -3.45 -4.03 -17.87
C GLN B 4 -4.64 -4.61 -17.09
N PRO B 5 -4.86 -5.92 -17.21
CA PRO B 5 -5.97 -6.60 -16.51
C PRO B 5 -5.87 -6.47 -14.99
N VAL B 6 -6.94 -6.85 -14.30
CA VAL B 6 -7.00 -6.78 -12.85
C VAL B 6 -5.81 -7.50 -12.20
N ASN B 7 -5.19 -6.83 -11.25
CA ASN B 7 -4.04 -7.38 -10.56
C ASN B 7 -4.47 -8.28 -9.40
N HIS B 8 -3.69 -9.32 -9.17
CA HIS B 8 -3.94 -10.28 -8.10
C HIS B 8 -2.65 -11.01 -7.80
N LEU B 9 -2.39 -11.34 -6.53
CA LEU B 9 -1.17 -12.05 -6.13
C LEU B 9 0.05 -11.13 -6.07
N VAL B 10 0.21 -10.32 -7.11
CA VAL B 10 1.32 -9.38 -7.19
C VAL B 10 1.10 -8.21 -6.25
N LYS B 11 1.95 -8.13 -5.23
CA LYS B 11 1.89 -7.06 -4.23
C LYS B 11 0.65 -7.18 -3.34
N GLU B 12 0.09 -8.37 -3.28
CA GLU B 12 -1.09 -8.62 -2.45
C GLU B 12 -0.65 -9.07 -1.06
N ILE B 13 -0.10 -10.27 -1.00
CA ILE B 13 0.39 -10.83 0.26
C ILE B 13 1.61 -10.02 0.74
N ASP B 14 2.44 -9.64 -0.23
CA ASP B 14 3.65 -8.86 0.01
C ASP B 14 3.34 -7.50 0.63
N MET B 15 2.15 -6.98 0.34
CA MET B 15 1.79 -5.66 0.84
C MET B 15 1.38 -5.70 2.31
N LEU B 16 0.40 -6.55 2.62
CA LEU B 16 -0.13 -6.68 3.96
C LEU B 16 0.91 -7.12 4.99
N LEU B 17 1.64 -8.17 4.67
CA LEU B 17 2.64 -8.71 5.59
C LEU B 17 3.75 -7.71 5.91
N LYS B 18 4.32 -7.11 4.87
CA LYS B 18 5.40 -6.15 5.05
C LYS B 18 4.93 -4.89 5.75
N GLU B 19 3.76 -4.40 5.36
CA GLU B 19 3.21 -3.17 5.94
C GLU B 19 2.84 -3.34 7.40
N TYR B 20 2.38 -4.53 7.77
CA TYR B 20 1.97 -4.78 9.16
C TYR B 20 3.13 -4.56 10.14
N LEU B 21 4.29 -5.13 9.82
CA LEU B 21 5.46 -4.99 10.68
C LEU B 21 6.05 -3.58 10.55
N LEU B 22 6.34 -3.21 9.31
CA LEU B 22 6.87 -1.88 9.00
C LEU B 22 6.03 -0.79 9.68
N SER B 23 4.72 -0.86 9.50
CA SER B 23 3.80 0.07 10.15
C SER B 23 3.35 -0.53 11.48
N GLY B 24 2.20 -0.12 11.96
CA GLY B 24 1.72 -0.67 13.21
C GLY B 24 0.21 -0.54 13.33
N ASP B 25 -0.50 -0.95 12.30
CA ASP B 25 -1.95 -0.87 12.32
C ASP B 25 -2.61 -1.98 11.53
N ILE B 26 -3.70 -2.48 12.09
CA ILE B 26 -4.46 -3.57 11.50
C ILE B 26 -5.41 -3.11 10.38
N SER B 27 -5.78 -1.82 10.38
CA SER B 27 -6.78 -1.29 9.45
C SER B 27 -6.56 -1.71 7.99
N GLU B 28 -5.40 -1.38 7.44
CA GLU B 28 -5.11 -1.73 6.06
C GLU B 28 -5.05 -3.23 5.85
N ALA B 29 -4.32 -3.90 6.73
CA ALA B 29 -4.14 -5.35 6.65
C ALA B 29 -5.44 -6.13 6.68
N GLU B 30 -6.30 -5.87 7.65
CA GLU B 30 -7.55 -6.60 7.78
C GLU B 30 -8.58 -6.18 6.73
N HIS B 31 -8.52 -4.93 6.29
CA HIS B 31 -9.48 -4.45 5.31
C HIS B 31 -9.20 -4.96 3.90
N CYS B 32 -7.99 -4.73 3.40
CA CYS B 32 -7.61 -5.17 2.06
C CYS B 32 -7.78 -6.68 1.87
N LEU B 33 -7.51 -7.44 2.92
CA LEU B 33 -7.63 -8.89 2.86
C LEU B 33 -9.06 -9.29 2.51
N LYS B 34 -9.99 -8.64 3.17
CA LYS B 34 -11.42 -8.88 2.99
C LYS B 34 -11.99 -8.33 1.67
N GLU B 35 -11.35 -7.31 1.12
CA GLU B 35 -11.77 -6.66 -0.11
C GLU B 35 -11.47 -7.44 -1.39
N LEU B 36 -11.04 -8.72 -1.29
CA LEU B 36 -10.62 -9.42 -2.50
C LEU B 36 -11.71 -10.45 -2.83
N GLU B 37 -11.44 -11.36 -3.77
CA GLU B 37 -12.43 -12.38 -4.15
C GLU B 37 -11.92 -13.80 -3.92
N VAL B 38 -10.77 -13.92 -3.26
CA VAL B 38 -10.17 -15.23 -3.01
C VAL B 38 -10.05 -15.55 -1.53
N PRO B 39 -11.03 -16.30 -0.97
CA PRO B 39 -11.01 -16.68 0.44
C PRO B 39 -10.24 -17.97 0.71
N HIS B 40 -9.93 -18.72 -0.35
CA HIS B 40 -9.23 -19.98 -0.20
C HIS B 40 -7.77 -19.86 -0.63
N PHE B 41 -7.54 -19.18 -1.74
CA PHE B 41 -6.18 -18.99 -2.27
C PHE B 41 -5.37 -18.03 -1.40
N HIS B 42 -6.05 -17.37 -0.46
CA HIS B 42 -5.36 -16.42 0.42
C HIS B 42 -4.42 -17.12 1.40
N HIS B 43 -4.50 -18.44 1.44
CA HIS B 43 -3.65 -19.29 2.29
C HIS B 43 -2.15 -19.00 2.16
N GLU B 44 -1.77 -18.27 1.13
CA GLU B 44 -0.36 -18.01 0.88
C GLU B 44 0.14 -16.97 1.89
N LEU B 45 -0.77 -16.08 2.29
CA LEU B 45 -0.45 -15.03 3.25
C LEU B 45 0.16 -15.59 4.53
N VAL B 46 -0.43 -16.68 5.04
CA VAL B 46 0.07 -17.30 6.25
C VAL B 46 1.44 -17.92 6.01
N TYR B 47 1.52 -18.78 5.00
CA TYR B 47 2.78 -19.42 4.62
C TYR B 47 3.94 -18.43 4.61
N GLU B 48 3.78 -17.33 3.88
CA GLU B 48 4.81 -16.31 3.77
C GLU B 48 5.07 -15.65 5.13
N ALA B 49 3.99 -15.39 5.87
CA ALA B 49 4.09 -14.77 7.19
C ALA B 49 5.01 -15.59 8.10
N ILE B 50 4.76 -16.89 8.18
CA ILE B 50 5.58 -17.77 9.01
C ILE B 50 7.02 -17.72 8.51
N VAL B 51 7.18 -17.98 7.21
CA VAL B 51 8.49 -17.91 6.57
C VAL B 51 9.26 -16.65 7.01
N MET B 52 8.62 -15.49 6.95
CA MET B 52 9.27 -14.25 7.38
C MET B 52 9.65 -14.31 8.85
N VAL B 53 8.74 -14.82 9.67
CA VAL B 53 8.96 -14.95 11.11
C VAL B 53 10.29 -15.65 11.42
N LEU B 54 10.46 -16.87 10.93
CA LEU B 54 11.70 -17.62 11.16
C LEU B 54 12.89 -17.07 10.37
N GLU B 55 12.61 -16.41 9.26
CA GLU B 55 13.66 -15.88 8.38
C GLU B 55 13.98 -14.40 8.63
N SER B 56 13.56 -13.82 9.76
CA SER B 56 13.81 -12.40 9.96
C SER B 56 14.80 -12.25 11.11
N THR B 57 14.72 -11.14 11.84
CA THR B 57 15.61 -10.91 12.97
C THR B 57 14.88 -10.20 14.12
N GLY B 58 15.29 -10.49 15.35
CA GLY B 58 14.67 -9.87 16.51
C GLY B 58 13.35 -10.51 16.89
N GLU B 59 12.83 -10.18 18.08
CA GLU B 59 11.56 -10.74 18.52
C GLU B 59 10.39 -9.89 18.06
N SER B 60 10.71 -8.76 17.44
CA SER B 60 9.71 -7.85 16.92
C SER B 60 8.93 -8.57 15.81
N ALA B 61 9.59 -9.54 15.22
CA ALA B 61 9.01 -10.34 14.14
C ALA B 61 8.02 -11.37 14.68
N PHE B 62 8.19 -11.73 15.94
CA PHE B 62 7.36 -12.76 16.56
C PHE B 62 5.93 -12.29 16.90
N LYS B 63 5.78 -11.43 17.91
CA LYS B 63 4.45 -10.97 18.32
C LYS B 63 3.71 -10.23 17.22
N MET B 64 4.45 -9.39 16.49
CA MET B 64 3.86 -8.63 15.40
C MET B 64 3.10 -9.53 14.42
N ILE B 65 3.68 -10.65 14.05
CA ILE B 65 3.03 -11.58 13.14
C ILE B 65 2.07 -12.51 13.91
N LEU B 66 2.40 -12.81 15.16
CA LEU B 66 1.58 -13.67 16.01
C LEU B 66 0.17 -13.07 16.20
N ASP B 67 0.13 -11.82 16.65
CA ASP B 67 -1.13 -11.12 16.87
C ASP B 67 -1.82 -10.87 15.53
N LEU B 68 -0.98 -10.68 14.52
CA LEU B 68 -1.45 -10.47 13.15
C LEU B 68 -2.37 -11.62 12.76
N LEU B 69 -1.82 -12.83 12.80
CA LEU B 69 -2.57 -14.04 12.47
C LEU B 69 -3.85 -14.19 13.27
N LYS B 70 -3.81 -13.96 14.59
CA LYS B 70 -5.00 -14.08 15.41
C LYS B 70 -6.09 -13.12 14.95
N SER B 71 -5.75 -11.84 14.89
CA SER B 71 -6.66 -10.81 14.39
C SER B 71 -7.30 -11.24 13.06
N LEU B 72 -6.55 -11.99 12.27
CA LEU B 72 -7.04 -12.49 10.99
C LEU B 72 -7.96 -13.71 11.19
N TRP B 73 -7.54 -14.61 12.07
CA TRP B 73 -8.26 -15.85 12.36
C TRP B 73 -9.65 -15.66 12.99
N LYS B 74 -9.70 -15.13 14.21
CA LYS B 74 -10.97 -14.97 14.94
C LYS B 74 -11.98 -14.05 14.26
N SER B 75 -11.54 -12.84 13.96
CA SER B 75 -12.46 -11.84 13.44
C SER B 75 -13.33 -12.20 12.25
N SER B 76 -12.94 -13.15 11.36
CA SER B 76 -13.73 -13.57 10.16
C SER B 76 -12.91 -13.50 8.87
N THR B 77 -12.07 -14.51 8.65
CA THR B 77 -11.24 -14.56 7.46
C THR B 77 -10.65 -15.96 7.30
N ILE B 78 -9.56 -16.21 8.01
CA ILE B 78 -8.89 -17.50 7.95
C ILE B 78 -9.73 -18.60 8.59
N THR B 79 -10.08 -19.60 7.82
CA THR B 79 -10.82 -20.74 8.33
C THR B 79 -9.84 -21.91 8.53
N ILE B 80 -10.19 -22.89 9.36
CA ILE B 80 -9.30 -24.03 9.61
C ILE B 80 -8.51 -24.64 8.45
N ASP B 81 -9.13 -24.97 7.32
CA ASP B 81 -8.36 -25.59 6.24
C ASP B 81 -7.39 -24.63 5.56
N GLN B 82 -7.67 -23.33 5.71
CA GLN B 82 -6.87 -22.30 5.10
C GLN B 82 -5.40 -22.33 5.55
N MET B 83 -5.13 -22.21 6.85
CA MET B 83 -3.76 -22.21 7.35
C MET B 83 -3.15 -23.60 7.39
N LYS B 84 -4.01 -24.62 7.33
CA LYS B 84 -3.52 -25.99 7.40
C LYS B 84 -2.57 -26.26 6.25
N ARG B 85 -3.01 -25.92 5.04
CA ARG B 85 -2.20 -26.10 3.84
C ARG B 85 -0.94 -25.24 3.90
N GLY B 86 -0.95 -24.23 4.78
CA GLY B 86 0.19 -23.37 4.92
C GLY B 86 1.22 -23.98 5.86
N TYR B 87 0.72 -24.38 7.03
CA TYR B 87 1.56 -24.98 8.07
C TYR B 87 2.26 -26.23 7.57
N GLU B 88 1.52 -27.11 6.90
CA GLU B 88 2.09 -28.35 6.37
C GLU B 88 3.25 -28.05 5.43
N ARG B 89 3.15 -26.96 4.69
CA ARG B 89 4.19 -26.56 3.76
C ARG B 89 5.44 -26.15 4.53
N ILE B 90 5.24 -25.46 5.65
CA ILE B 90 6.35 -25.01 6.48
C ILE B 90 7.12 -26.20 7.03
N TYR B 91 6.44 -27.34 7.14
CA TYR B 91 7.06 -28.54 7.67
C TYR B 91 7.99 -29.15 6.62
N ASN B 92 7.62 -29.00 5.36
CA ASN B 92 8.41 -29.53 4.26
C ASN B 92 9.46 -28.52 3.82
N GLU B 93 9.24 -27.24 4.16
CA GLU B 93 10.17 -26.19 3.80
C GLU B 93 11.34 -26.14 4.78
N ILE B 94 11.16 -26.77 5.93
CA ILE B 94 12.19 -26.82 6.96
C ILE B 94 13.54 -27.35 6.42
N PRO B 95 13.56 -28.55 5.79
CA PRO B 95 14.79 -29.12 5.24
C PRO B 95 15.47 -28.21 4.23
N ASP B 96 14.67 -27.48 3.47
CA ASP B 96 15.19 -26.56 2.45
C ASP B 96 15.81 -25.33 3.10
N ILE B 97 15.11 -24.77 4.07
CA ILE B 97 15.58 -23.57 4.76
C ILE B 97 16.77 -23.88 5.67
N ASN B 98 16.68 -24.97 6.41
CA ASN B 98 17.74 -25.35 7.33
C ASN B 98 18.95 -25.96 6.62
N LEU B 99 18.67 -26.90 5.72
CA LEU B 99 19.71 -27.61 4.99
C LEU B 99 20.71 -28.25 5.96
N ASP B 100 20.23 -29.29 6.65
CA ASP B 100 21.02 -30.03 7.63
C ASP B 100 21.21 -29.22 8.91
N VAL B 101 21.29 -29.91 10.04
CA VAL B 101 21.45 -29.27 11.35
C VAL B 101 20.32 -28.27 11.59
N PRO B 102 19.11 -28.78 11.88
CA PRO B 102 17.93 -27.94 12.12
C PRO B 102 17.94 -27.30 13.51
N HIS B 103 18.91 -26.42 13.74
CA HIS B 103 19.03 -25.75 15.04
C HIS B 103 17.91 -24.75 15.25
N SER B 104 17.13 -24.49 14.22
CA SER B 104 16.00 -23.57 14.30
C SER B 104 14.85 -24.21 15.07
N TYR B 105 15.09 -25.44 15.56
CA TYR B 105 14.11 -26.19 16.31
C TYR B 105 13.54 -25.37 17.47
N SER B 106 14.38 -24.49 18.01
CA SER B 106 13.98 -23.62 19.10
C SER B 106 12.71 -22.85 18.75
N VAL B 107 12.70 -22.22 17.57
CA VAL B 107 11.56 -21.45 17.10
C VAL B 107 10.53 -22.36 16.44
N LEU B 108 11.04 -23.47 15.90
CA LEU B 108 10.23 -24.44 15.15
C LEU B 108 9.01 -24.89 15.96
N GLU B 109 9.25 -25.26 17.21
CA GLU B 109 8.17 -25.69 18.07
C GLU B 109 7.44 -24.47 18.63
N ARG B 110 8.22 -23.53 19.14
CA ARG B 110 7.70 -22.31 19.73
C ARG B 110 6.49 -21.63 19.12
N PHE B 111 6.40 -21.36 17.82
CA PHE B 111 5.21 -20.65 17.34
C PHE B 111 4.03 -21.61 17.14
N VAL B 112 4.34 -22.87 16.85
CA VAL B 112 3.31 -23.87 16.62
C VAL B 112 2.59 -24.15 17.94
N GLU B 113 3.37 -24.40 18.97
CA GLU B 113 2.84 -24.69 20.29
C GLU B 113 2.28 -23.44 20.95
N GLU B 114 2.75 -22.28 20.48
CA GLU B 114 2.34 -21.00 21.03
C GLU B 114 0.86 -20.77 20.76
N CYS B 115 0.47 -20.84 19.50
CA CYS B 115 -0.92 -20.65 19.07
C CYS B 115 -1.78 -21.89 19.30
N PHE B 116 -1.15 -23.02 19.54
CA PHE B 116 -1.85 -24.30 19.67
C PHE B 116 -3.07 -24.22 20.58
N GLN B 117 -2.90 -23.84 21.84
CA GLN B 117 -4.02 -23.72 22.77
C GLN B 117 -4.94 -22.53 22.50
N ALA B 118 -4.61 -21.66 21.55
CA ALA B 118 -5.41 -20.47 21.34
C ALA B 118 -6.79 -20.81 20.78
N GLY B 119 -6.97 -22.07 20.40
CA GLY B 119 -8.25 -22.53 19.89
C GLY B 119 -8.42 -22.36 18.39
N ILE B 120 -7.37 -21.90 17.73
CA ILE B 120 -7.45 -21.71 16.28
C ILE B 120 -7.10 -23.00 15.53
N ILE B 121 -5.84 -23.41 15.58
CA ILE B 121 -5.40 -24.63 14.92
C ILE B 121 -6.08 -25.88 15.50
N SER B 122 -5.73 -27.04 14.98
CA SER B 122 -6.32 -28.29 15.43
C SER B 122 -5.30 -29.07 16.25
N LYS B 123 -5.77 -30.05 17.02
CA LYS B 123 -4.90 -30.86 17.85
C LYS B 123 -3.95 -31.70 16.99
N GLN B 124 -4.48 -32.24 15.90
CA GLN B 124 -3.70 -33.07 14.99
C GLN B 124 -2.78 -32.26 14.09
N LEU B 125 -3.08 -30.97 13.93
CA LEU B 125 -2.29 -30.10 13.07
C LEU B 125 -0.80 -30.18 13.38
N ARG B 126 -0.42 -30.11 14.67
CA ARG B 126 0.98 -30.21 15.04
C ARG B 126 1.48 -31.66 15.01
N ASP B 127 0.52 -32.61 14.99
CA ASP B 127 0.88 -34.03 15.01
C ASP B 127 1.57 -34.36 13.68
N LEU B 128 1.37 -33.48 12.70
CA LEU B 128 1.98 -33.63 11.39
C LEU B 128 3.37 -33.00 11.36
N CYS B 129 3.75 -32.35 12.46
CA CYS B 129 5.06 -31.72 12.55
C CYS B 129 5.96 -32.53 13.47
N PRO B 130 7.24 -32.68 13.09
CA PRO B 130 8.20 -33.44 13.89
C PRO B 130 8.57 -32.72 15.19
N SER B 131 7.88 -33.07 16.27
CA SER B 131 8.16 -32.47 17.57
C SER B 131 9.26 -33.24 18.29
N GLY A 1 1.68 30.79 -2.81
CA GLY A 1 1.33 31.04 -1.40
C GLY A 1 -0.17 31.00 -1.18
N LEU A 2 -0.86 32.06 -1.55
CA LEU A 2 -2.30 32.12 -1.38
C LEU A 2 -3.02 31.92 -2.71
N PRO A 3 -3.87 30.89 -2.79
CA PRO A 3 -4.63 30.56 -4.00
C PRO A 3 -5.81 31.52 -4.19
N LEU A 4 -5.76 32.29 -5.27
CA LEU A 4 -6.82 33.25 -5.57
C LEU A 4 -7.95 32.59 -6.34
N ASP A 5 -9.19 32.96 -5.98
CA ASP A 5 -10.40 32.43 -6.62
C ASP A 5 -10.50 30.91 -6.46
N GLU A 6 -10.36 30.45 -5.21
CA GLU A 6 -10.43 29.03 -4.90
C GLU A 6 -11.70 28.37 -5.44
N ARG A 7 -12.85 28.92 -5.09
CA ARG A 7 -14.14 28.37 -5.52
C ARG A 7 -14.29 28.39 -7.04
N ALA A 8 -13.82 29.45 -7.67
CA ALA A 8 -13.90 29.58 -9.12
C ALA A 8 -13.06 28.50 -9.77
N PHE A 9 -11.89 28.26 -9.19
CA PHE A 9 -10.97 27.25 -9.69
C PHE A 9 -11.60 25.87 -9.52
N GLU A 10 -12.06 25.59 -8.30
CA GLU A 10 -12.68 24.31 -7.98
C GLU A 10 -13.79 23.97 -8.97
N LYS A 11 -14.75 24.87 -9.10
CA LYS A 11 -15.89 24.69 -9.99
C LYS A 11 -15.46 24.35 -11.41
N THR A 12 -14.54 25.14 -11.95
CA THR A 12 -14.07 24.94 -13.32
C THR A 12 -13.38 23.58 -13.52
N LEU A 13 -12.44 23.26 -12.64
CA LEU A 13 -11.68 22.00 -12.74
C LEU A 13 -12.52 20.74 -12.54
N THR A 14 -13.59 20.84 -11.75
CA THR A 14 -14.44 19.69 -11.45
C THR A 14 -14.85 18.85 -12.69
N PRO A 15 -15.57 19.43 -13.68
CA PRO A 15 -16.00 18.67 -14.87
C PRO A 15 -14.83 18.13 -15.68
N ILE A 16 -13.73 18.89 -15.71
CA ILE A 16 -12.53 18.48 -16.45
C ILE A 16 -12.01 17.15 -15.93
N ILE A 17 -11.71 17.10 -14.64
CA ILE A 17 -11.22 15.88 -14.00
C ILE A 17 -12.25 14.76 -14.08
N GLN A 18 -13.50 15.11 -13.76
CA GLN A 18 -14.61 14.16 -13.81
C GLN A 18 -14.64 13.40 -15.14
N GLU A 19 -14.62 14.14 -16.25
CA GLU A 19 -14.62 13.53 -17.57
C GLU A 19 -13.30 12.84 -17.85
N TYR A 20 -12.21 13.41 -17.36
CA TYR A 20 -10.87 12.88 -17.57
C TYR A 20 -10.77 11.39 -17.23
N PHE A 21 -11.35 11.00 -16.11
CA PHE A 21 -11.31 9.60 -15.67
C PHE A 21 -12.12 8.65 -16.57
N GLU A 22 -12.90 9.19 -17.48
CA GLU A 22 -13.72 8.35 -18.37
C GLU A 22 -13.00 8.04 -19.68
N HIS A 23 -11.82 8.61 -19.82
CA HIS A 23 -11.00 8.39 -21.01
C HIS A 23 -9.52 8.19 -20.72
N GLY A 24 -9.00 9.04 -19.83
CA GLY A 24 -7.60 8.98 -19.50
C GLY A 24 -6.73 9.76 -20.48
N ASP A 25 -7.19 10.95 -20.88
CA ASP A 25 -6.43 11.77 -21.83
C ASP A 25 -5.66 12.88 -21.11
N THR A 26 -4.35 12.74 -21.12
CA THR A 26 -3.46 13.69 -20.47
C THR A 26 -3.25 14.99 -21.26
N ASN A 27 -3.11 14.89 -22.59
CA ASN A 27 -2.85 16.07 -23.43
C ASN A 27 -3.99 17.07 -23.38
N GLU A 28 -5.22 16.57 -23.33
CA GLU A 28 -6.40 17.43 -23.26
C GLU A 28 -6.33 18.33 -22.04
N VAL A 29 -5.97 17.72 -20.91
CA VAL A 29 -5.84 18.43 -19.65
C VAL A 29 -4.73 19.49 -19.72
N ALA A 30 -3.59 19.11 -20.30
CA ALA A 30 -2.46 20.03 -20.43
C ALA A 30 -2.84 21.30 -21.19
N GLU A 31 -3.40 21.12 -22.40
CA GLU A 31 -3.83 22.24 -23.22
C GLU A 31 -4.78 23.17 -22.44
N MET A 32 -5.65 22.56 -21.64
CA MET A 32 -6.60 23.32 -20.82
C MET A 32 -5.89 24.18 -19.79
N LEU A 33 -4.82 23.64 -19.22
CA LEU A 33 -4.04 24.34 -18.21
C LEU A 33 -3.35 25.58 -18.79
N ARG A 34 -2.73 25.43 -19.96
CA ARG A 34 -2.05 26.54 -20.59
C ARG A 34 -3.03 27.64 -20.96
N ASP A 35 -4.23 27.22 -21.34
CA ASP A 35 -5.31 28.13 -21.69
C ASP A 35 -5.62 29.07 -20.53
N LEU A 36 -5.75 28.50 -19.34
CA LEU A 36 -6.02 29.28 -18.14
C LEU A 36 -4.80 30.09 -17.71
N ASN A 37 -3.64 29.44 -17.76
CA ASN A 37 -2.36 30.07 -17.39
C ASN A 37 -2.39 30.59 -15.95
N LEU A 38 -2.08 29.71 -15.01
CA LEU A 38 -2.06 30.09 -13.61
C LEU A 38 -0.69 29.82 -12.99
N GLY A 39 -0.36 30.52 -11.92
CA GLY A 39 0.91 30.34 -11.27
C GLY A 39 0.84 29.35 -10.12
N GLU A 40 0.69 29.85 -8.91
CA GLU A 40 0.61 29.01 -7.73
C GLU A 40 -0.70 28.24 -7.69
N MET A 41 -1.71 28.74 -8.39
CA MET A 41 -3.01 28.09 -8.43
C MET A 41 -2.95 26.87 -9.34
N LYS A 42 -1.86 26.74 -10.09
CA LYS A 42 -1.67 25.61 -10.99
C LYS A 42 -1.53 24.31 -10.21
N SER A 43 -1.01 24.43 -8.99
CA SER A 43 -0.83 23.27 -8.12
C SER A 43 -2.18 22.70 -7.68
N GLY A 44 -3.24 23.48 -7.88
CA GLY A 44 -4.57 23.05 -7.51
C GLY A 44 -5.01 21.83 -8.28
N VAL A 45 -4.80 21.86 -9.61
CA VAL A 45 -5.15 20.76 -10.49
C VAL A 45 -4.79 19.37 -9.95
N PRO A 46 -3.49 19.09 -9.71
CA PRO A 46 -3.06 17.78 -9.19
C PRO A 46 -3.67 17.48 -7.82
N VAL A 47 -3.93 18.51 -7.04
CA VAL A 47 -4.52 18.33 -5.72
C VAL A 47 -5.95 17.82 -5.84
N LEU A 48 -6.73 18.48 -6.69
CA LEU A 48 -8.13 18.09 -6.92
C LEU A 48 -8.19 16.71 -7.56
N ALA A 49 -7.45 16.52 -8.65
CA ALA A 49 -7.39 15.23 -9.34
C ALA A 49 -7.12 14.09 -8.37
N VAL A 50 -6.39 14.38 -7.30
CA VAL A 50 -6.07 13.36 -6.30
C VAL A 50 -7.25 13.19 -5.32
N SER A 51 -7.86 14.31 -4.94
CA SER A 51 -8.98 14.30 -3.99
C SER A 51 -10.19 13.57 -4.58
N LEU A 52 -10.62 13.97 -5.77
CA LEU A 52 -11.74 13.33 -6.44
C LEU A 52 -11.43 11.86 -6.76
N ALA A 53 -10.15 11.52 -6.68
CA ALA A 53 -9.72 10.17 -6.99
C ALA A 53 -9.93 9.28 -5.77
N LEU A 54 -9.88 9.92 -4.60
CA LEU A 54 -10.03 9.22 -3.33
C LEU A 54 -11.46 8.75 -3.09
N GLU A 55 -12.44 9.57 -3.49
CA GLU A 55 -13.84 9.21 -3.30
C GLU A 55 -14.21 8.02 -4.16
N GLY A 56 -13.74 8.03 -5.40
CA GLY A 56 -13.99 6.92 -6.30
C GLY A 56 -13.25 5.66 -5.91
N LYS A 57 -13.22 4.68 -6.81
CA LYS A 57 -12.55 3.42 -6.54
C LYS A 57 -11.06 3.53 -6.81
N ALA A 58 -10.33 2.48 -6.43
CA ALA A 58 -8.88 2.43 -6.63
C ALA A 58 -8.50 2.55 -8.11
N SER A 59 -9.42 2.16 -8.98
CA SER A 59 -9.21 2.21 -10.41
C SER A 59 -8.96 3.65 -10.84
N HIS A 60 -9.68 4.57 -10.21
CA HIS A 60 -9.55 5.98 -10.52
C HIS A 60 -8.33 6.62 -9.88
N ARG A 61 -7.75 5.97 -8.87
CA ARG A 61 -6.61 6.54 -8.15
C ARG A 61 -5.29 6.48 -8.94
N GLU A 62 -4.81 5.27 -9.26
CA GLU A 62 -3.56 5.13 -10.03
C GLU A 62 -3.65 5.87 -11.37
N MET A 63 -4.86 5.99 -11.88
CA MET A 63 -5.11 6.69 -13.14
C MET A 63 -4.75 8.17 -13.03
N THR A 64 -4.71 8.68 -11.81
CA THR A 64 -4.37 10.07 -11.57
C THR A 64 -2.87 10.32 -11.71
N SER A 65 -2.06 9.44 -11.13
CA SER A 65 -0.61 9.56 -11.21
C SER A 65 -0.11 9.58 -12.65
N LYS A 66 -0.90 8.99 -13.56
CA LYS A 66 -0.54 8.97 -14.97
C LYS A 66 -0.52 10.40 -15.50
N LEU A 67 -1.43 11.21 -14.97
CA LEU A 67 -1.56 12.61 -15.36
C LEU A 67 -0.46 13.44 -14.73
N LEU A 68 -0.04 13.03 -13.53
CA LEU A 68 0.98 13.75 -12.76
C LEU A 68 2.27 13.98 -13.55
N SER A 69 2.96 12.90 -13.90
CA SER A 69 4.21 13.01 -14.66
C SER A 69 3.95 13.64 -16.01
N ASP A 70 2.87 13.21 -16.64
CA ASP A 70 2.46 13.71 -17.94
C ASP A 70 2.38 15.25 -17.96
N LEU A 71 1.75 15.81 -16.94
CA LEU A 71 1.63 17.26 -16.82
C LEU A 71 2.95 17.92 -16.45
N CYS A 72 3.82 17.22 -15.75
CA CYS A 72 5.10 17.78 -15.34
C CYS A 72 6.03 17.88 -16.54
N GLY A 73 6.93 18.86 -16.53
CA GLY A 73 7.85 19.05 -17.63
C GLY A 73 7.21 19.84 -18.76
N THR A 74 5.98 19.48 -19.08
CA THR A 74 5.24 20.13 -20.14
C THR A 74 4.57 21.41 -19.66
N VAL A 75 3.70 21.29 -18.66
CA VAL A 75 2.98 22.45 -18.15
C VAL A 75 3.19 22.67 -16.65
N MET A 76 3.82 21.71 -15.98
CA MET A 76 4.04 21.79 -14.55
C MET A 76 5.51 21.52 -14.22
N SER A 77 6.07 22.30 -13.32
CA SER A 77 7.46 22.12 -12.95
C SER A 77 7.58 21.19 -11.75
N THR A 78 8.68 20.46 -11.68
CA THR A 78 8.95 19.56 -10.55
C THR A 78 8.67 20.24 -9.21
N THR A 79 8.94 21.53 -9.13
CA THR A 79 8.71 22.31 -7.93
C THR A 79 7.21 22.48 -7.68
N ASP A 80 6.45 22.72 -8.74
CA ASP A 80 5.00 22.87 -8.65
C ASP A 80 4.41 21.61 -8.04
N VAL A 81 4.92 20.47 -8.48
CA VAL A 81 4.48 19.16 -8.01
C VAL A 81 4.64 19.05 -6.50
N GLU A 82 5.81 19.43 -6.00
CA GLU A 82 6.09 19.36 -4.56
C GLU A 82 5.17 20.33 -3.81
N LYS A 83 4.94 21.48 -4.41
CA LYS A 83 4.08 22.48 -3.84
C LYS A 83 2.63 22.00 -3.75
N SER A 84 2.31 20.97 -4.54
CA SER A 84 0.97 20.41 -4.55
C SER A 84 0.80 19.40 -3.41
N PHE A 85 1.73 18.47 -3.29
CA PHE A 85 1.69 17.47 -2.22
C PHE A 85 1.61 18.12 -0.84
N ASP A 86 2.24 19.28 -0.70
CA ASP A 86 2.20 20.03 0.56
C ASP A 86 0.76 20.40 0.86
N LYS A 87 0.08 20.91 -0.16
CA LYS A 87 -1.32 21.29 -0.06
C LYS A 87 -2.20 20.05 0.17
N LEU A 88 -1.80 18.92 -0.43
CA LEU A 88 -2.52 17.65 -0.27
C LEU A 88 -2.39 17.16 1.18
N LEU A 89 -1.37 17.67 1.83
CA LEU A 89 -1.07 17.30 3.20
C LEU A 89 -1.97 18.08 4.15
N LYS A 90 -2.21 19.35 3.81
CA LYS A 90 -3.03 20.25 4.63
C LYS A 90 -4.51 20.00 4.49
N ASP A 91 -4.93 19.27 3.47
CA ASP A 91 -6.35 18.98 3.25
C ASP A 91 -6.70 17.64 3.84
N LEU A 92 -5.83 16.66 3.61
CA LEU A 92 -5.96 15.29 4.11
C LEU A 92 -6.69 15.14 5.47
N PRO A 93 -6.32 15.89 6.54
CA PRO A 93 -7.01 15.78 7.82
C PRO A 93 -8.54 15.91 7.74
N GLU A 94 -9.06 16.61 6.72
CA GLU A 94 -10.51 16.79 6.59
C GLU A 94 -11.17 15.59 5.91
N LEU A 95 -10.76 15.28 4.68
CA LEU A 95 -11.29 14.12 3.95
C LEU A 95 -11.16 12.79 4.71
N ALA A 96 -10.25 12.73 5.67
CA ALA A 96 -10.04 11.52 6.45
C ALA A 96 -11.32 11.10 7.20
N LEU A 97 -12.19 12.06 7.46
CA LEU A 97 -13.44 11.77 8.18
C LEU A 97 -14.41 10.96 7.31
N ASP A 98 -14.71 11.46 6.12
CA ASP A 98 -15.64 10.76 5.22
C ASP A 98 -14.96 9.63 4.48
N THR A 99 -13.66 9.48 4.72
CA THR A 99 -12.86 8.43 4.10
C THR A 99 -11.67 8.12 4.99
N PRO A 100 -11.83 7.16 5.92
CA PRO A 100 -10.77 6.77 6.87
C PRO A 100 -9.55 6.19 6.17
N ARG A 101 -9.77 5.69 4.96
CA ARG A 101 -8.70 5.09 4.18
C ARG A 101 -7.97 6.12 3.33
N ALA A 102 -8.40 7.37 3.39
CA ALA A 102 -7.77 8.43 2.60
C ALA A 102 -6.28 8.58 2.90
N PRO A 103 -5.89 8.78 4.19
CA PRO A 103 -4.47 8.91 4.56
C PRO A 103 -3.63 7.74 4.04
N GLN A 104 -4.03 6.53 4.42
CA GLN A 104 -3.38 5.30 3.97
C GLN A 104 -3.21 5.28 2.44
N LEU A 105 -4.20 5.80 1.72
CA LEU A 105 -4.15 5.84 0.26
C LEU A 105 -3.19 6.92 -0.24
N VAL A 106 -3.19 8.08 0.42
CA VAL A 106 -2.33 9.19 0.04
C VAL A 106 -0.86 8.77 -0.07
N GLY A 107 -0.40 7.96 0.89
CA GLY A 107 0.97 7.48 0.85
C GLY A 107 1.33 6.82 -0.47
N GLN A 108 0.35 6.15 -1.08
CA GLN A 108 0.57 5.48 -2.35
C GLN A 108 0.85 6.51 -3.43
N PHE A 109 0.17 7.64 -3.34
CA PHE A 109 0.33 8.71 -4.29
C PHE A 109 1.69 9.36 -4.19
N ILE A 110 2.30 9.36 -3.00
CA ILE A 110 3.60 9.97 -2.81
C ILE A 110 4.70 9.05 -3.34
N ALA A 111 4.72 7.81 -2.86
CA ALA A 111 5.71 6.81 -3.30
C ALA A 111 5.74 6.69 -4.82
N ARG A 112 4.56 6.64 -5.42
CA ARG A 112 4.43 6.54 -6.86
C ARG A 112 5.06 7.76 -7.54
N ALA A 113 4.87 8.93 -6.93
CA ALA A 113 5.41 10.17 -7.47
C ALA A 113 6.94 10.19 -7.40
N VAL A 114 7.48 9.70 -6.27
CA VAL A 114 8.93 9.67 -6.10
C VAL A 114 9.55 8.75 -7.15
N GLY A 115 9.12 7.50 -7.15
CA GLY A 115 9.59 6.54 -8.12
C GLY A 115 9.46 7.00 -9.57
N ASP A 116 8.43 7.78 -9.84
CA ASP A 116 8.21 8.29 -11.20
C ASP A 116 9.23 9.36 -11.57
N GLY A 117 9.60 10.18 -10.58
CA GLY A 117 10.57 11.23 -10.81
C GLY A 117 10.11 12.57 -10.28
N ILE A 118 8.91 12.97 -10.65
CA ILE A 118 8.28 14.24 -10.23
C ILE A 118 8.40 14.60 -8.74
N LEU A 119 8.84 13.68 -7.90
CA LEU A 119 8.98 13.97 -6.47
C LEU A 119 10.34 13.51 -5.95
N CYS A 120 10.95 14.35 -5.13
CA CYS A 120 12.26 14.04 -4.56
C CYS A 120 12.13 13.04 -3.40
N ASN A 121 13.19 12.30 -3.15
CA ASN A 121 13.20 11.32 -2.07
C ASN A 121 13.39 12.00 -0.71
N THR A 122 14.17 13.08 -0.71
CA THR A 122 14.44 13.87 0.50
C THR A 122 13.13 14.31 1.14
N TYR A 123 12.22 14.73 0.27
CA TYR A 123 10.89 15.21 0.64
C TYR A 123 10.27 14.35 1.76
N ILE A 124 10.47 13.03 1.68
CA ILE A 124 9.94 12.12 2.70
C ILE A 124 10.62 12.34 4.05
N ASP A 125 11.95 12.31 4.06
CA ASP A 125 12.72 12.49 5.29
C ASP A 125 12.52 13.89 5.86
N SER A 126 12.24 14.85 4.98
CA SER A 126 11.99 16.23 5.38
C SER A 126 10.77 16.34 6.30
N TYR A 127 9.86 15.38 6.20
CA TYR A 127 8.67 15.37 7.03
C TYR A 127 8.77 14.20 8.02
N LYS A 128 10.02 13.78 8.28
CA LYS A 128 10.36 12.66 9.18
C LYS A 128 10.49 12.93 10.68
N GLY A 129 9.46 13.48 11.28
CA GLY A 129 9.51 13.79 12.68
C GLY A 129 9.20 15.23 12.87
N THR A 130 9.18 15.90 11.74
CA THR A 130 8.88 17.31 11.67
C THR A 130 7.37 17.52 11.60
N VAL A 131 6.63 16.45 11.33
CA VAL A 131 5.17 16.52 11.23
C VAL A 131 4.52 16.15 12.56
N ASP A 132 3.62 17.00 13.02
CA ASP A 132 2.91 16.79 14.27
C ASP A 132 1.58 16.08 14.05
N CYS A 133 0.96 16.33 12.90
CA CYS A 133 -0.33 15.72 12.56
C CYS A 133 -0.22 14.22 12.32
N VAL A 134 -1.08 13.47 13.01
CA VAL A 134 -1.10 12.01 12.88
C VAL A 134 -1.42 11.57 11.45
N GLN A 135 -2.51 12.10 10.88
CA GLN A 135 -2.92 11.78 9.50
C GLN A 135 -1.76 11.88 8.52
N ALA A 136 -1.03 12.98 8.59
CA ALA A 136 0.09 13.20 7.70
C ALA A 136 1.19 12.16 7.94
N ARG A 137 1.44 11.87 9.22
CA ARG A 137 2.46 10.89 9.59
C ARG A 137 2.18 9.52 8.97
N ALA A 138 0.97 9.02 9.15
CA ALA A 138 0.57 7.72 8.61
C ALA A 138 0.71 7.67 7.10
N ALA A 139 0.43 8.80 6.44
CA ALA A 139 0.53 8.88 4.99
C ALA A 139 1.99 8.75 4.54
N LEU A 140 2.87 9.42 5.28
CA LEU A 140 4.29 9.37 4.96
C LEU A 140 4.87 7.99 5.23
N ASP A 141 4.46 7.39 6.34
CA ASP A 141 4.92 6.06 6.71
C ASP A 141 4.58 5.06 5.62
N LYS A 142 3.31 5.07 5.21
CA LYS A 142 2.83 4.21 4.13
C LYS A 142 3.69 4.34 2.88
N ALA A 143 3.99 5.58 2.50
CA ALA A 143 4.80 5.87 1.33
C ALA A 143 6.19 5.26 1.47
N THR A 144 6.76 5.39 2.67
CA THR A 144 8.09 4.88 2.96
C THR A 144 8.16 3.36 2.77
N VAL A 145 7.15 2.63 3.23
CA VAL A 145 7.13 1.19 3.10
C VAL A 145 6.95 0.78 1.63
N LEU A 146 6.12 1.54 0.92
CA LEU A 146 5.85 1.27 -0.48
C LEU A 146 7.15 1.29 -1.30
N LEU A 147 8.10 2.10 -0.89
CA LEU A 147 9.39 2.20 -1.56
C LEU A 147 10.13 0.86 -1.52
N SER A 148 10.20 0.27 -0.32
CA SER A 148 10.86 -1.02 -0.13
C SER A 148 10.05 -2.12 -0.82
N MET A 149 8.76 -1.88 -0.94
CA MET A 149 7.85 -2.82 -1.57
C MET A 149 7.92 -2.77 -3.09
N SER A 150 8.71 -1.84 -3.62
CA SER A 150 8.86 -1.68 -5.05
C SER A 150 10.23 -2.18 -5.56
N LYS A 151 11.11 -2.55 -4.64
CA LYS A 151 12.43 -3.04 -5.00
C LYS A 151 12.36 -4.40 -5.67
N GLY A 152 11.72 -5.35 -4.99
CA GLY A 152 11.57 -6.68 -5.52
C GLY A 152 10.59 -6.73 -6.68
N GLY A 153 9.82 -5.66 -6.84
CA GLY A 153 8.86 -5.58 -7.90
C GLY A 153 9.51 -5.50 -9.27
N LYS A 154 10.75 -4.99 -9.30
CA LYS A 154 11.48 -4.87 -10.57
C LYS A 154 11.84 -6.22 -11.17
N ARG A 155 11.70 -7.27 -10.38
CA ARG A 155 11.97 -8.62 -10.85
C ARG A 155 10.87 -9.06 -11.81
N LYS A 156 9.69 -8.50 -11.63
CA LYS A 156 8.54 -8.81 -12.47
C LYS A 156 8.19 -7.59 -13.32
N ASP A 157 9.22 -6.87 -13.74
CA ASP A 157 9.07 -5.66 -14.55
C ASP A 157 8.71 -5.99 -16.00
N SER A 158 8.69 -7.27 -16.34
CA SER A 158 8.38 -7.73 -17.68
C SER A 158 6.95 -7.38 -18.09
N VAL A 159 6.07 -7.22 -17.12
CA VAL A 159 4.67 -6.90 -17.40
C VAL A 159 4.41 -5.38 -17.41
N TRP A 160 5.48 -4.60 -17.46
CA TRP A 160 5.36 -3.15 -17.48
C TRP A 160 4.74 -2.67 -18.79
N GLY A 161 3.92 -1.63 -18.71
CA GLY A 161 3.28 -1.10 -19.91
C GLY A 161 2.82 0.33 -19.75
N SER A 162 1.68 0.63 -20.35
CA SER A 162 1.10 1.97 -20.30
C SER A 162 0.63 2.34 -18.89
N GLY A 163 -0.46 1.73 -18.46
CA GLY A 163 -1.00 2.01 -17.15
C GLY A 163 -2.15 2.99 -17.20
N GLY B 1 -4.84 4.34 -17.60
CA GLY B 1 -5.69 3.98 -18.75
C GLY B 1 -6.94 3.23 -18.31
N GLY B 2 -7.77 2.87 -19.28
CA GLY B 2 -8.99 2.14 -18.98
C GLY B 2 -8.85 0.67 -19.30
N GLN B 3 -7.76 0.34 -19.99
CA GLN B 3 -7.47 -1.03 -20.39
C GLN B 3 -6.51 -1.63 -19.37
N GLN B 4 -5.72 -2.62 -19.81
CA GLN B 4 -4.74 -3.27 -18.95
C GLN B 4 -5.40 -4.21 -17.92
N PRO B 5 -4.97 -5.46 -17.87
CA PRO B 5 -5.50 -6.44 -16.90
C PRO B 5 -5.14 -6.03 -15.48
N VAL B 6 -6.01 -6.37 -14.54
CA VAL B 6 -5.80 -6.01 -13.14
C VAL B 6 -4.62 -6.76 -12.52
N ASN B 7 -3.81 -6.01 -11.78
CA ASN B 7 -2.63 -6.56 -11.11
C ASN B 7 -3.01 -7.75 -10.20
N HIS B 8 -2.19 -8.78 -10.22
CA HIS B 8 -2.43 -9.97 -9.41
C HIS B 8 -1.14 -10.73 -9.18
N LEU B 9 -0.92 -11.17 -7.94
CA LEU B 9 0.27 -11.92 -7.55
C LEU B 9 1.52 -11.04 -7.51
N VAL B 10 1.31 -9.74 -7.48
CA VAL B 10 2.40 -8.78 -7.43
C VAL B 10 2.07 -7.68 -6.43
N LYS B 11 2.92 -7.54 -5.41
CA LYS B 11 2.75 -6.52 -4.35
C LYS B 11 1.64 -6.84 -3.36
N GLU B 12 0.58 -7.52 -3.83
CA GLU B 12 -0.58 -7.87 -3.00
C GLU B 12 -0.18 -8.42 -1.62
N ILE B 13 0.55 -9.51 -1.62
CA ILE B 13 0.97 -10.14 -0.37
C ILE B 13 2.07 -9.35 0.34
N ASP B 14 2.96 -8.74 -0.44
CA ASP B 14 4.07 -7.96 0.11
C ASP B 14 3.56 -6.78 0.93
N MET B 15 2.51 -6.14 0.43
CA MET B 15 1.92 -4.99 1.10
C MET B 15 1.16 -5.39 2.35
N LEU B 16 0.82 -6.66 2.46
CA LEU B 16 0.12 -7.13 3.63
C LEU B 16 1.09 -7.25 4.82
N LEU B 17 2.24 -7.88 4.57
CA LEU B 17 3.24 -8.09 5.62
C LEU B 17 4.18 -6.90 5.90
N LYS B 18 4.88 -6.43 4.87
CA LYS B 18 5.86 -5.35 5.02
C LYS B 18 5.25 -4.08 5.58
N GLU B 19 4.03 -3.79 5.15
CA GLU B 19 3.30 -2.62 5.61
C GLU B 19 3.08 -2.68 7.11
N TYR B 20 2.52 -3.80 7.58
CA TYR B 20 2.24 -4.00 8.98
C TYR B 20 3.51 -4.00 9.82
N LEU B 21 4.56 -4.61 9.28
CA LEU B 21 5.84 -4.70 9.98
C LEU B 21 6.55 -3.35 10.11
N LEU B 22 6.50 -2.54 9.06
CA LEU B 22 7.17 -1.26 9.07
C LEU B 22 6.33 -0.14 9.67
N SER B 23 5.14 0.10 9.12
CA SER B 23 4.27 1.16 9.61
C SER B 23 3.79 0.90 11.03
N GLY B 24 3.17 -0.26 11.27
CA GLY B 24 2.69 -0.58 12.60
C GLY B 24 1.20 -0.35 12.75
N ASP B 25 0.42 -0.98 11.88
CA ASP B 25 -1.04 -0.84 11.91
C ASP B 25 -1.71 -1.99 11.17
N ILE B 26 -2.69 -2.63 11.81
CA ILE B 26 -3.41 -3.72 11.19
C ILE B 26 -4.47 -3.23 10.20
N SER B 27 -5.06 -2.06 10.50
CA SER B 27 -6.14 -1.46 9.68
C SER B 27 -5.87 -1.52 8.18
N GLU B 28 -4.63 -1.27 7.79
CA GLU B 28 -4.26 -1.32 6.39
C GLU B 28 -4.38 -2.75 5.85
N ALA B 29 -3.77 -3.68 6.57
CA ALA B 29 -3.78 -5.09 6.17
C ALA B 29 -5.18 -5.67 6.17
N GLU B 30 -5.92 -5.41 7.25
CA GLU B 30 -7.28 -5.90 7.38
C GLU B 30 -8.18 -5.38 6.25
N HIS B 31 -7.94 -4.14 5.85
CA HIS B 31 -8.71 -3.54 4.77
C HIS B 31 -8.31 -4.12 3.42
N CYS B 32 -7.01 -4.35 3.23
CA CYS B 32 -6.51 -4.90 1.99
C CYS B 32 -7.04 -6.32 1.78
N LEU B 33 -6.99 -7.14 2.83
CA LEU B 33 -7.48 -8.51 2.75
C LEU B 33 -8.97 -8.55 2.42
N LYS B 34 -9.72 -7.55 2.89
CA LYS B 34 -11.15 -7.47 2.60
C LYS B 34 -11.40 -7.03 1.14
N GLU B 35 -10.41 -6.37 0.60
CA GLU B 35 -10.43 -5.85 -0.76
C GLU B 35 -10.13 -6.90 -1.83
N LEU B 36 -9.97 -8.15 -1.39
CA LEU B 36 -9.59 -9.25 -2.29
C LEU B 36 -10.82 -9.83 -2.97
N GLU B 37 -10.69 -11.06 -3.47
CA GLU B 37 -11.78 -11.74 -4.14
C GLU B 37 -11.89 -13.19 -3.70
N VAL B 38 -10.80 -13.95 -3.87
CA VAL B 38 -10.78 -15.36 -3.48
C VAL B 38 -10.35 -15.56 -2.03
N PRO B 39 -11.26 -16.06 -1.19
CA PRO B 39 -10.97 -16.31 0.21
C PRO B 39 -10.14 -17.58 0.38
N HIS B 40 -10.24 -18.47 -0.60
CA HIS B 40 -9.52 -19.73 -0.58
C HIS B 40 -8.06 -19.58 -1.01
N PHE B 41 -7.61 -18.34 -1.13
CA PHE B 41 -6.24 -18.06 -1.54
C PHE B 41 -5.53 -17.28 -0.44
N HIS B 42 -6.18 -17.14 0.71
CA HIS B 42 -5.62 -16.40 1.84
C HIS B 42 -4.48 -17.17 2.51
N HIS B 43 -4.32 -18.44 2.16
CA HIS B 43 -3.28 -19.29 2.75
C HIS B 43 -1.87 -18.85 2.38
N GLU B 44 -1.71 -18.24 1.22
CA GLU B 44 -0.40 -17.77 0.79
C GLU B 44 0.12 -16.68 1.75
N LEU B 45 -0.82 -15.91 2.29
CA LEU B 45 -0.47 -14.85 3.24
C LEU B 45 -0.08 -15.46 4.58
N VAL B 46 -0.65 -16.63 4.87
CA VAL B 46 -0.39 -17.34 6.12
C VAL B 46 1.05 -17.88 6.11
N TYR B 47 1.36 -18.64 5.06
CA TYR B 47 2.68 -19.21 4.89
C TYR B 47 3.76 -18.13 4.93
N GLU B 48 3.55 -17.07 4.15
CA GLU B 48 4.51 -15.96 4.09
C GLU B 48 4.73 -15.35 5.46
N ALA B 49 3.65 -15.10 6.19
CA ALA B 49 3.73 -14.54 7.53
C ALA B 49 4.65 -15.35 8.43
N ILE B 50 4.63 -16.68 8.28
CA ILE B 50 5.49 -17.54 9.07
C ILE B 50 6.95 -17.43 8.62
N VAL B 51 7.16 -17.38 7.30
CA VAL B 51 8.50 -17.26 6.73
C VAL B 51 9.17 -15.99 7.25
N MET B 52 8.45 -14.88 7.17
CA MET B 52 8.92 -13.60 7.66
C MET B 52 9.35 -13.65 9.13
N VAL B 53 8.84 -14.64 9.86
CA VAL B 53 9.17 -14.77 11.27
C VAL B 53 10.47 -15.55 11.44
N LEU B 54 10.60 -16.62 10.65
CA LEU B 54 11.78 -17.51 10.73
C LEU B 54 13.04 -16.89 10.16
N GLU B 55 12.89 -16.10 9.12
CA GLU B 55 14.01 -15.47 8.44
C GLU B 55 14.38 -14.13 9.07
N SER B 56 13.84 -13.84 10.24
CA SER B 56 14.11 -12.57 10.89
C SER B 56 14.67 -12.74 12.29
N THR B 57 15.44 -11.75 12.70
CA THR B 57 16.06 -11.74 14.02
C THR B 57 15.41 -10.67 14.89
N GLY B 58 14.82 -11.10 15.99
CA GLY B 58 14.18 -10.17 16.90
C GLY B 58 12.79 -10.62 17.27
N GLU B 59 12.40 -10.39 18.52
CA GLU B 59 11.08 -10.79 19.00
C GLU B 59 9.99 -9.89 18.44
N SER B 60 10.39 -8.74 17.93
CA SER B 60 9.46 -7.79 17.35
C SER B 60 8.75 -8.44 16.17
N ALA B 61 9.51 -9.22 15.43
CA ALA B 61 8.96 -9.92 14.29
C ALA B 61 8.05 -11.07 14.73
N PHE B 62 8.24 -11.57 15.95
CA PHE B 62 7.45 -12.68 16.44
C PHE B 62 6.08 -12.26 17.01
N LYS B 63 6.11 -11.61 18.19
CA LYS B 63 4.90 -11.15 18.88
C LYS B 63 3.99 -10.26 18.06
N MET B 64 4.58 -9.54 17.15
CA MET B 64 3.83 -8.62 16.32
C MET B 64 3.25 -9.31 15.10
N ILE B 65 4.06 -10.13 14.43
CA ILE B 65 3.61 -10.83 13.21
C ILE B 65 2.58 -11.92 13.52
N LEU B 66 2.80 -12.71 14.57
CA LEU B 66 1.85 -13.76 14.94
C LEU B 66 0.56 -13.11 15.40
N ASP B 67 0.69 -11.95 16.05
CA ASP B 67 -0.47 -11.23 16.55
C ASP B 67 -1.37 -10.79 15.40
N LEU B 68 -0.80 -10.73 14.21
CA LEU B 68 -1.55 -10.34 13.03
C LEU B 68 -2.56 -11.42 12.70
N LEU B 69 -2.16 -12.68 12.92
CA LEU B 69 -3.04 -13.81 12.64
C LEU B 69 -4.14 -13.84 13.69
N LYS B 70 -3.75 -13.81 14.96
CA LYS B 70 -4.70 -13.79 16.07
C LYS B 70 -5.72 -12.65 15.91
N SER B 71 -5.29 -11.57 15.25
CA SER B 71 -6.15 -10.42 15.03
C SER B 71 -7.13 -10.73 13.90
N LEU B 72 -6.61 -11.34 12.83
CA LEU B 72 -7.41 -11.68 11.66
C LEU B 72 -8.42 -12.80 11.96
N TRP B 73 -8.08 -13.70 12.89
CA TRP B 73 -8.96 -14.79 13.26
C TRP B 73 -10.21 -14.24 13.95
N LYS B 74 -10.00 -13.42 14.99
CA LYS B 74 -11.10 -12.79 15.72
C LYS B 74 -12.09 -12.05 14.80
N SER B 75 -11.63 -11.62 13.64
CA SER B 75 -12.48 -10.91 12.70
C SER B 75 -13.03 -11.89 11.66
N SER B 76 -12.58 -13.14 11.76
CA SER B 76 -12.98 -14.23 10.87
C SER B 76 -12.57 -13.98 9.43
N THR B 77 -11.33 -13.51 9.25
CA THR B 77 -10.80 -13.23 7.93
C THR B 77 -9.89 -14.37 7.45
N ILE B 78 -9.70 -15.36 8.32
CA ILE B 78 -8.85 -16.52 7.99
C ILE B 78 -9.58 -17.82 8.31
N THR B 79 -9.60 -18.71 7.33
CA THR B 79 -10.24 -20.00 7.50
C THR B 79 -9.20 -21.07 7.85
N ILE B 80 -9.59 -21.98 8.75
CA ILE B 80 -8.72 -23.08 9.20
C ILE B 80 -8.05 -23.83 8.03
N ASP B 81 -8.75 -23.97 6.91
CA ASP B 81 -8.20 -24.66 5.75
C ASP B 81 -6.95 -23.95 5.26
N GLN B 82 -6.97 -22.63 5.35
CA GLN B 82 -5.87 -21.80 4.88
C GLN B 82 -4.66 -21.93 5.79
N MET B 83 -4.86 -21.70 7.08
CA MET B 83 -3.76 -21.79 8.05
C MET B 83 -3.16 -23.19 8.09
N LYS B 84 -4.00 -24.19 7.86
CA LYS B 84 -3.53 -25.58 7.87
C LYS B 84 -2.63 -25.80 6.67
N ARG B 85 -3.10 -25.40 5.49
CA ARG B 85 -2.33 -25.53 4.27
C ARG B 85 -1.01 -24.77 4.35
N GLY B 86 -1.05 -23.65 5.06
CA GLY B 86 0.15 -22.85 5.24
C GLY B 86 1.16 -23.52 6.14
N TYR B 87 0.70 -24.08 7.25
CA TYR B 87 1.56 -24.77 8.19
C TYR B 87 2.17 -26.00 7.55
N GLU B 88 1.37 -26.69 6.74
CA GLU B 88 1.82 -27.90 6.05
C GLU B 88 2.96 -27.58 5.10
N ARG B 89 2.94 -26.37 4.54
CA ARG B 89 4.00 -25.95 3.63
C ARG B 89 5.29 -25.75 4.41
N ILE B 90 5.16 -25.18 5.61
CA ILE B 90 6.31 -24.96 6.49
C ILE B 90 6.98 -26.28 6.84
N TYR B 91 6.18 -27.34 6.85
CA TYR B 91 6.68 -28.67 7.15
C TYR B 91 7.52 -29.19 5.99
N ASN B 92 7.32 -28.59 4.81
CA ASN B 92 8.06 -28.97 3.60
C ASN B 92 9.28 -28.07 3.39
N GLU B 93 9.12 -26.78 3.69
CA GLU B 93 10.20 -25.80 3.48
C GLU B 93 11.33 -25.92 4.50
N ILE B 94 11.08 -26.64 5.58
CA ILE B 94 12.08 -26.83 6.62
C ILE B 94 13.43 -27.37 6.10
N PRO B 95 13.45 -28.54 5.43
CA PRO B 95 14.69 -29.10 4.89
C PRO B 95 15.44 -28.14 3.96
N ASP B 96 14.69 -27.29 3.26
CA ASP B 96 15.29 -26.34 2.33
C ASP B 96 15.91 -25.14 3.04
N ILE B 97 15.21 -24.60 4.03
CA ILE B 97 15.69 -23.44 4.78
C ILE B 97 16.72 -23.86 5.82
N ASN B 98 16.46 -24.98 6.48
CA ASN B 98 17.36 -25.50 7.52
C ASN B 98 18.62 -26.08 6.91
N LEU B 99 18.43 -26.97 5.93
CA LEU B 99 19.55 -27.65 5.28
C LEU B 99 20.41 -28.36 6.31
N ASP B 100 19.81 -29.35 6.97
CA ASP B 100 20.47 -30.12 8.02
C ASP B 100 20.68 -29.28 9.27
N VAL B 101 21.08 -29.93 10.36
CA VAL B 101 21.31 -29.25 11.64
C VAL B 101 20.10 -28.39 12.03
N PRO B 102 19.00 -29.03 12.44
CA PRO B 102 17.78 -28.32 12.81
C PRO B 102 17.90 -27.54 14.12
N HIS B 103 18.56 -26.39 14.05
CA HIS B 103 18.72 -25.54 15.23
C HIS B 103 17.49 -24.67 15.43
N SER B 104 16.64 -24.62 14.41
CA SER B 104 15.42 -23.85 14.45
C SER B 104 14.29 -24.69 15.01
N TYR B 105 14.64 -25.85 15.58
CA TYR B 105 13.67 -26.76 16.16
C TYR B 105 12.91 -26.10 17.31
N SER B 106 13.58 -25.19 18.01
CA SER B 106 12.99 -24.48 19.12
C SER B 106 11.95 -23.46 18.62
N VAL B 107 12.19 -22.94 17.42
CA VAL B 107 11.30 -21.95 16.82
C VAL B 107 10.10 -22.68 16.24
N LEU B 108 10.38 -23.76 15.57
CA LEU B 108 9.33 -24.58 14.98
C LEU B 108 8.48 -25.22 16.07
N GLU B 109 8.95 -25.16 17.32
CA GLU B 109 8.23 -25.90 18.34
C GLU B 109 7.31 -24.94 19.12
N ARG B 110 7.98 -24.00 19.84
CA ARG B 110 7.27 -22.98 20.65
C ARG B 110 6.22 -22.18 19.86
N PHE B 111 6.50 -21.91 18.61
CA PHE B 111 5.58 -21.15 17.78
C PHE B 111 4.33 -21.99 17.46
N VAL B 112 4.51 -23.29 17.36
CA VAL B 112 3.39 -24.20 17.06
C VAL B 112 2.47 -24.34 18.26
N GLU B 113 3.07 -24.65 19.42
CA GLU B 113 2.29 -24.81 20.64
C GLU B 113 1.63 -23.50 21.05
N GLU B 114 2.25 -22.39 20.66
CA GLU B 114 1.73 -21.08 20.97
C GLU B 114 0.43 -20.87 20.20
N CYS B 115 0.47 -21.21 18.92
CA CYS B 115 -0.69 -21.08 18.04
C CYS B 115 -1.87 -21.93 18.51
N PHE B 116 -1.61 -23.21 18.85
CA PHE B 116 -2.68 -24.11 19.30
C PHE B 116 -3.42 -23.55 20.51
N GLN B 117 -2.68 -23.06 21.49
CA GLN B 117 -3.24 -22.50 22.72
C GLN B 117 -4.33 -21.45 22.46
N ALA B 118 -4.31 -20.81 21.30
CA ALA B 118 -5.31 -19.80 20.96
C ALA B 118 -6.64 -20.44 20.56
N GLY B 119 -6.63 -21.76 20.38
CA GLY B 119 -7.83 -22.48 19.99
C GLY B 119 -8.23 -22.19 18.55
N ILE B 120 -7.23 -21.95 17.72
CA ILE B 120 -7.48 -21.63 16.32
C ILE B 120 -7.25 -22.83 15.41
N ILE B 121 -6.19 -23.60 15.68
CA ILE B 121 -5.89 -24.77 14.86
C ILE B 121 -6.45 -26.04 15.47
N SER B 122 -6.29 -27.14 14.77
CA SER B 122 -6.79 -28.43 15.21
C SER B 122 -5.66 -29.31 15.73
N LYS B 123 -6.02 -30.34 16.50
CA LYS B 123 -5.04 -31.27 17.03
C LYS B 123 -4.38 -32.05 15.90
N GLN B 124 -5.12 -32.24 14.82
CA GLN B 124 -4.61 -32.95 13.65
C GLN B 124 -3.37 -32.25 13.11
N LEU B 125 -3.36 -30.92 13.19
CA LEU B 125 -2.21 -30.15 12.71
C LEU B 125 -1.04 -30.40 13.65
N ARG B 126 -1.33 -30.35 14.95
CA ARG B 126 -0.34 -30.59 15.98
C ARG B 126 0.35 -31.94 15.79
N ASP B 127 -0.40 -32.93 15.27
CA ASP B 127 0.16 -34.26 15.03
C ASP B 127 1.02 -34.28 13.78
N LEU B 128 0.74 -33.37 12.85
CA LEU B 128 1.50 -33.30 11.60
C LEU B 128 2.86 -32.66 11.82
N CYS B 129 2.95 -31.74 12.78
CA CYS B 129 4.21 -31.08 13.07
C CYS B 129 5.16 -32.01 13.84
N PRO B 130 6.46 -31.91 13.55
CA PRO B 130 7.47 -32.74 14.21
C PRO B 130 7.68 -32.33 15.67
N SER B 131 6.91 -32.96 16.55
CA SER B 131 7.00 -32.66 17.97
C SER B 131 8.12 -33.48 18.62
N GLY A 1 1.46 31.60 -2.47
CA GLY A 1 1.05 31.60 -1.04
C GLY A 1 -0.44 31.42 -0.89
N LEU A 2 -1.17 32.51 -1.09
CA LEU A 2 -2.62 32.49 -1.00
C LEU A 2 -3.22 32.32 -2.39
N PRO A 3 -4.05 31.28 -2.57
CA PRO A 3 -4.70 31.01 -3.86
C PRO A 3 -5.75 32.06 -4.17
N LEU A 4 -5.52 32.82 -5.22
CA LEU A 4 -6.44 33.88 -5.62
C LEU A 4 -7.63 33.32 -6.38
N ASP A 5 -8.83 33.65 -5.89
CA ASP A 5 -10.09 33.21 -6.50
C ASP A 5 -10.26 31.69 -6.44
N GLU A 6 -10.16 31.13 -5.24
CA GLU A 6 -10.31 29.70 -5.02
C GLU A 6 -11.63 29.18 -5.56
N ARG A 7 -12.71 29.89 -5.24
CA ARG A 7 -14.05 29.52 -5.68
C ARG A 7 -14.12 29.38 -7.21
N ALA A 8 -13.56 30.36 -7.92
CA ALA A 8 -13.55 30.34 -9.38
C ALA A 8 -12.82 29.10 -9.90
N PHE A 9 -11.74 28.75 -9.21
CA PHE A 9 -10.94 27.59 -9.57
C PHE A 9 -11.77 26.31 -9.40
N GLU A 10 -12.32 26.13 -8.21
CA GLU A 10 -13.13 24.94 -7.89
C GLU A 10 -14.23 24.74 -8.94
N LYS A 11 -14.97 25.81 -9.19
CA LYS A 11 -16.08 25.78 -10.15
C LYS A 11 -15.66 25.35 -11.55
N THR A 12 -14.65 26.00 -12.09
CA THR A 12 -14.20 25.69 -13.44
C THR A 12 -13.50 24.33 -13.54
N LEU A 13 -12.75 23.97 -12.51
CA LEU A 13 -12.02 22.71 -12.50
C LEU A 13 -12.90 21.46 -12.44
N THR A 14 -14.09 21.58 -11.86
CA THR A 14 -15.00 20.43 -11.74
C THR A 14 -15.24 19.67 -13.07
N PRO A 15 -15.79 20.33 -14.12
CA PRO A 15 -16.06 19.67 -15.40
C PRO A 15 -14.79 19.12 -16.07
N ILE A 16 -13.66 19.79 -15.86
CA ILE A 16 -12.39 19.37 -16.47
C ILE A 16 -11.97 18.01 -15.92
N ILE A 17 -11.99 17.90 -14.60
CA ILE A 17 -11.63 16.66 -13.91
C ILE A 17 -12.41 15.49 -14.50
N GLN A 18 -13.73 15.63 -14.58
CA GLN A 18 -14.58 14.59 -15.14
C GLN A 18 -14.23 14.30 -16.60
N GLU A 19 -13.98 15.37 -17.34
CA GLU A 19 -13.62 15.26 -18.76
C GLU A 19 -12.40 14.34 -18.94
N TYR A 20 -11.32 14.66 -18.25
CA TYR A 20 -10.10 13.86 -18.34
C TYR A 20 -10.29 12.46 -17.79
N PHE A 21 -11.02 12.37 -16.68
CA PHE A 21 -11.28 11.10 -16.03
C PHE A 21 -11.81 10.05 -17.00
N GLU A 22 -12.95 10.34 -17.61
CA GLU A 22 -13.56 9.42 -18.55
C GLU A 22 -12.81 9.35 -19.89
N HIS A 23 -12.23 10.46 -20.34
CA HIS A 23 -11.51 10.47 -21.61
C HIS A 23 -10.17 9.73 -21.49
N GLY A 24 -9.25 10.30 -20.73
CA GLY A 24 -7.95 9.68 -20.56
C GLY A 24 -6.90 10.34 -21.42
N ASP A 25 -7.22 11.53 -21.92
CA ASP A 25 -6.31 12.29 -22.77
C ASP A 25 -5.69 13.41 -21.97
N THR A 26 -4.38 13.30 -21.71
CA THR A 26 -3.68 14.33 -20.96
C THR A 26 -3.52 15.63 -21.75
N ASN A 27 -3.61 15.55 -23.07
CA ASN A 27 -3.49 16.75 -23.92
C ASN A 27 -4.57 17.77 -23.56
N GLU A 28 -5.82 17.33 -23.66
CA GLU A 28 -6.98 18.16 -23.31
C GLU A 28 -6.79 18.89 -21.98
N VAL A 29 -6.06 18.29 -21.06
CA VAL A 29 -5.82 18.90 -19.77
C VAL A 29 -4.80 20.02 -19.89
N ALA A 30 -3.74 19.78 -20.66
CA ALA A 30 -2.69 20.76 -20.86
C ALA A 30 -3.21 22.02 -21.52
N GLU A 31 -3.87 21.86 -22.67
CA GLU A 31 -4.47 22.99 -23.38
C GLU A 31 -5.29 23.90 -22.47
N MET A 32 -6.15 23.31 -21.67
CA MET A 32 -6.98 24.09 -20.75
C MET A 32 -6.14 24.82 -19.72
N LEU A 33 -5.06 24.18 -19.29
CA LEU A 33 -4.16 24.76 -18.28
C LEU A 33 -3.48 26.03 -18.76
N ARG A 34 -3.12 26.10 -20.04
CA ARG A 34 -2.45 27.29 -20.57
C ARG A 34 -3.33 28.53 -20.43
N ASP A 35 -4.50 28.47 -21.07
CA ASP A 35 -5.49 29.56 -21.01
C ASP A 35 -5.82 29.98 -19.57
N LEU A 36 -5.54 29.10 -18.61
CA LEU A 36 -5.79 29.40 -17.21
C LEU A 36 -4.77 30.42 -16.71
N ASN A 37 -3.51 30.18 -17.08
CA ASN A 37 -2.40 31.05 -16.70
C ASN A 37 -2.37 31.34 -15.21
N LEU A 38 -2.10 30.31 -14.42
CA LEU A 38 -2.04 30.45 -12.96
C LEU A 38 -0.66 30.08 -12.46
N GLY A 39 -0.10 30.91 -11.59
CA GLY A 39 1.21 30.64 -11.03
C GLY A 39 1.16 29.61 -9.92
N GLU A 40 1.21 30.08 -8.68
CA GLU A 40 1.16 29.18 -7.53
C GLU A 40 -0.21 28.51 -7.45
N MET A 41 -1.19 29.10 -8.12
CA MET A 41 -2.54 28.55 -8.16
C MET A 41 -2.58 27.27 -8.99
N LYS A 42 -1.55 27.08 -9.82
CA LYS A 42 -1.45 25.90 -10.66
C LYS A 42 -1.18 24.67 -9.81
N SER A 43 -0.59 24.90 -8.64
CA SER A 43 -0.26 23.84 -7.69
C SER A 43 -1.52 23.31 -6.99
N GLY A 44 -2.67 23.76 -7.46
CA GLY A 44 -3.94 23.33 -6.91
C GLY A 44 -4.67 22.38 -7.86
N VAL A 45 -4.22 22.37 -9.11
CA VAL A 45 -4.83 21.52 -10.14
C VAL A 45 -4.69 20.02 -9.82
N PRO A 46 -3.45 19.51 -9.66
CA PRO A 46 -3.24 18.08 -9.35
C PRO A 46 -3.97 17.69 -8.07
N VAL A 47 -3.73 18.46 -7.01
CA VAL A 47 -4.37 18.24 -5.70
C VAL A 47 -5.88 18.00 -5.85
N LEU A 48 -6.54 18.83 -6.64
CA LEU A 48 -7.98 18.72 -6.84
C LEU A 48 -8.34 17.52 -7.70
N ALA A 49 -7.54 17.25 -8.73
CA ALA A 49 -7.77 16.15 -9.64
C ALA A 49 -7.58 14.81 -8.95
N VAL A 50 -6.79 14.78 -7.86
CA VAL A 50 -6.53 13.52 -7.17
C VAL A 50 -7.63 13.29 -6.10
N SER A 51 -7.77 14.33 -5.25
CA SER A 51 -8.73 14.35 -4.13
C SER A 51 -10.11 13.87 -4.57
N LEU A 52 -10.49 14.27 -5.77
CA LEU A 52 -11.76 13.87 -6.34
C LEU A 52 -11.80 12.36 -6.56
N ALA A 53 -10.81 11.79 -7.25
CA ALA A 53 -10.78 10.35 -7.51
C ALA A 53 -10.79 9.53 -6.23
N LEU A 54 -10.06 10.00 -5.22
CA LEU A 54 -10.02 9.33 -3.91
C LEU A 54 -11.41 9.00 -3.37
N GLU A 55 -12.44 9.69 -3.85
CA GLU A 55 -13.80 9.45 -3.40
C GLU A 55 -14.53 8.46 -4.31
N GLY A 56 -13.88 8.10 -5.41
CA GLY A 56 -14.47 7.16 -6.35
C GLY A 56 -13.75 5.82 -6.30
N LYS A 57 -13.78 5.10 -7.40
CA LYS A 57 -13.13 3.79 -7.47
C LYS A 57 -11.61 3.91 -7.57
N ALA A 58 -10.92 2.85 -7.18
CA ALA A 58 -9.46 2.81 -7.21
C ALA A 58 -8.91 3.06 -8.61
N SER A 59 -9.65 2.58 -9.62
CA SER A 59 -9.26 2.73 -11.01
C SER A 59 -9.03 4.20 -11.37
N HIS A 60 -10.05 5.02 -11.13
CA HIS A 60 -9.95 6.47 -11.40
C HIS A 60 -8.69 7.06 -10.78
N ARG A 61 -8.35 6.62 -9.58
CA ARG A 61 -7.13 7.12 -8.91
C ARG A 61 -5.89 6.62 -9.63
N GLU A 62 -5.89 5.33 -9.95
CA GLU A 62 -4.78 4.69 -10.66
C GLU A 62 -4.53 5.41 -12.00
N MET A 63 -5.60 5.89 -12.60
CA MET A 63 -5.55 6.64 -13.86
C MET A 63 -5.08 8.09 -13.68
N THR A 64 -5.01 8.54 -12.44
CA THR A 64 -4.60 9.93 -12.14
C THR A 64 -3.08 10.06 -12.24
N SER A 65 -2.40 8.98 -11.87
CA SER A 65 -0.94 8.93 -11.91
C SER A 65 -0.37 9.46 -13.24
N LYS A 66 -1.00 9.07 -14.34
CA LYS A 66 -0.56 9.49 -15.67
C LYS A 66 -0.55 11.01 -15.79
N LEU A 67 -1.64 11.63 -15.34
CA LEU A 67 -1.81 13.08 -15.38
C LEU A 67 -0.60 13.83 -14.81
N LEU A 68 -0.20 13.50 -13.59
CA LEU A 68 0.94 14.16 -12.95
C LEU A 68 2.23 13.93 -13.73
N SER A 69 2.48 12.67 -14.06
CA SER A 69 3.67 12.27 -14.82
C SER A 69 3.81 13.10 -16.11
N ASP A 70 2.69 13.28 -16.83
CA ASP A 70 2.68 14.05 -18.07
C ASP A 70 2.77 15.54 -17.83
N LEU A 71 1.97 16.05 -16.89
CA LEU A 71 1.93 17.47 -16.59
C LEU A 71 3.32 17.99 -16.19
N CYS A 72 3.95 17.28 -15.27
CA CYS A 72 5.28 17.64 -14.82
C CYS A 72 6.27 17.59 -15.98
N GLY A 73 6.86 18.73 -16.30
CA GLY A 73 7.82 18.79 -17.38
C GLY A 73 7.24 19.47 -18.60
N THR A 74 5.97 19.22 -18.84
CA THR A 74 5.29 19.80 -19.98
C THR A 74 4.80 21.22 -19.66
N VAL A 75 3.83 21.33 -18.77
CA VAL A 75 3.30 22.64 -18.39
C VAL A 75 3.48 22.89 -16.90
N MET A 76 3.73 21.83 -16.14
CA MET A 76 3.92 21.95 -14.72
C MET A 76 5.40 21.84 -14.38
N SER A 77 5.86 22.68 -13.47
CA SER A 77 7.25 22.67 -13.09
C SER A 77 7.54 21.52 -12.13
N THR A 78 8.79 21.38 -11.75
CA THR A 78 9.18 20.31 -10.84
C THR A 78 8.93 20.82 -9.42
N THR A 79 8.90 22.14 -9.31
CA THR A 79 8.65 22.81 -8.04
C THR A 79 7.19 22.56 -7.64
N ASP A 80 6.26 22.88 -8.56
CA ASP A 80 4.83 22.65 -8.31
C ASP A 80 4.51 21.28 -7.71
N VAL A 81 5.10 20.22 -8.23
CA VAL A 81 4.85 18.88 -7.70
C VAL A 81 5.37 18.80 -6.27
N GLU A 82 6.47 19.50 -6.04
CA GLU A 82 7.09 19.57 -4.75
C GLU A 82 6.22 20.42 -3.81
N LYS A 83 5.37 21.30 -4.37
CA LYS A 83 4.49 22.12 -3.53
C LYS A 83 3.18 21.38 -3.22
N SER A 84 2.39 21.13 -4.30
CA SER A 84 1.10 20.38 -4.22
C SER A 84 1.12 19.12 -3.36
N PHE A 85 2.31 18.63 -3.09
CA PHE A 85 2.44 17.46 -2.27
C PHE A 85 2.22 17.81 -0.81
N ASP A 86 2.56 19.05 -0.43
CA ASP A 86 2.39 19.50 0.96
C ASP A 86 0.91 19.71 1.25
N LYS A 87 0.28 20.59 0.48
CA LYS A 87 -1.16 20.87 0.64
C LYS A 87 -2.05 19.63 0.58
N LEU A 88 -1.68 18.64 -0.24
CA LEU A 88 -2.46 17.42 -0.36
C LEU A 88 -2.42 16.67 0.97
N LEU A 89 -1.30 16.80 1.63
CA LEU A 89 -1.03 16.19 2.90
C LEU A 89 -1.67 16.96 4.06
N LYS A 90 -2.06 18.23 3.80
CA LYS A 90 -2.59 19.10 4.85
C LYS A 90 -4.07 18.85 5.11
N ASP A 91 -4.96 19.30 4.20
CA ASP A 91 -6.42 19.06 4.35
C ASP A 91 -6.80 17.58 4.36
N LEU A 92 -5.81 16.71 4.30
CA LEU A 92 -6.02 15.27 4.32
C LEU A 92 -7.03 14.81 5.39
N PRO A 93 -6.85 15.19 6.69
CA PRO A 93 -7.78 14.83 7.76
C PRO A 93 -9.25 15.05 7.39
N GLU A 94 -9.52 16.08 6.59
CA GLU A 94 -10.88 16.37 6.16
C GLU A 94 -11.42 15.25 5.27
N LEU A 95 -10.57 14.72 4.39
CA LEU A 95 -10.98 13.63 3.52
C LEU A 95 -11.12 12.35 4.34
N ALA A 96 -10.44 12.32 5.49
CA ALA A 96 -10.48 11.18 6.40
C ALA A 96 -11.77 11.22 7.20
N LEU A 97 -12.53 12.27 6.99
CA LEU A 97 -13.80 12.42 7.66
C LEU A 97 -14.85 11.58 6.97
N ASP A 98 -14.86 11.62 5.63
CA ASP A 98 -15.82 10.84 4.88
C ASP A 98 -15.43 9.38 4.78
N THR A 99 -14.19 9.08 4.37
CA THR A 99 -13.75 7.70 4.29
C THR A 99 -12.35 7.61 4.87
N PRO A 100 -12.16 6.74 5.88
CA PRO A 100 -10.87 6.55 6.55
C PRO A 100 -9.78 6.08 5.58
N ARG A 101 -10.20 5.34 4.58
CA ARG A 101 -9.27 4.82 3.57
C ARG A 101 -8.52 5.94 2.85
N ALA A 102 -9.24 6.97 2.39
CA ALA A 102 -8.63 8.12 1.69
C ALA A 102 -7.21 8.53 2.12
N PRO A 103 -6.98 8.90 3.40
CA PRO A 103 -5.63 9.30 3.84
C PRO A 103 -4.64 8.14 3.79
N GLN A 104 -5.15 6.92 3.96
CA GLN A 104 -4.32 5.73 3.92
C GLN A 104 -3.92 5.42 2.48
N LEU A 105 -4.80 5.79 1.56
CA LEU A 105 -4.58 5.60 0.13
C LEU A 105 -3.44 6.48 -0.36
N VAL A 106 -3.56 7.79 -0.09
CA VAL A 106 -2.53 8.78 -0.43
C VAL A 106 -1.08 8.34 -0.21
N GLY A 107 -0.83 7.34 0.62
CA GLY A 107 0.54 6.93 0.82
C GLY A 107 1.12 6.36 -0.48
N GLN A 108 0.25 5.74 -1.28
CA GLN A 108 0.65 5.17 -2.57
C GLN A 108 0.94 6.29 -3.56
N PHE A 109 0.30 7.43 -3.33
CA PHE A 109 0.47 8.60 -4.16
C PHE A 109 1.83 9.25 -3.94
N ILE A 110 2.39 9.00 -2.76
CA ILE A 110 3.69 9.54 -2.41
C ILE A 110 4.80 8.62 -2.98
N ALA A 111 4.51 7.32 -3.06
CA ALA A 111 5.45 6.31 -3.57
C ALA A 111 5.51 6.37 -5.10
N ARG A 112 4.38 6.78 -5.68
CA ARG A 112 4.21 6.92 -7.12
C ARG A 112 5.04 8.10 -7.64
N ALA A 113 5.44 8.93 -6.69
CA ALA A 113 6.22 10.12 -6.99
C ALA A 113 7.71 9.81 -7.09
N VAL A 114 8.14 8.69 -6.46
CA VAL A 114 9.57 8.34 -6.37
C VAL A 114 10.26 7.92 -7.67
N GLY A 115 9.86 6.82 -8.30
CA GLY A 115 10.55 6.42 -9.52
C GLY A 115 10.30 7.37 -10.66
N ASP A 116 9.03 7.69 -10.88
CA ASP A 116 8.65 8.68 -11.90
C ASP A 116 9.50 9.95 -11.84
N GLY A 117 10.11 10.20 -10.68
CA GLY A 117 10.96 11.35 -10.51
C GLY A 117 10.26 12.66 -10.78
N ILE A 118 9.20 12.91 -10.05
CA ILE A 118 8.47 14.16 -10.20
C ILE A 118 8.54 14.89 -8.86
N LEU A 119 9.16 14.21 -7.91
CA LEU A 119 9.31 14.72 -6.56
C LEU A 119 10.57 14.13 -5.93
N CYS A 120 11.20 14.90 -5.07
CA CYS A 120 12.40 14.46 -4.38
C CYS A 120 12.12 13.20 -3.56
N ASN A 121 12.99 12.20 -3.68
CA ASN A 121 12.79 10.95 -2.96
C ASN A 121 13.20 11.07 -1.49
N THR A 122 13.90 12.14 -1.17
CA THR A 122 14.34 12.38 0.20
C THR A 122 13.38 13.37 0.88
N TYR A 123 12.23 13.58 0.23
CA TYR A 123 11.19 14.47 0.75
C TYR A 123 10.51 13.79 1.94
N ILE A 124 10.49 12.46 1.90
CA ILE A 124 9.87 11.64 2.93
C ILE A 124 10.53 11.89 4.28
N ASP A 125 11.86 11.96 4.28
CA ASP A 125 12.63 12.18 5.49
C ASP A 125 12.42 13.59 6.01
N SER A 126 12.16 14.51 5.10
CA SER A 126 11.88 15.90 5.45
C SER A 126 10.58 16.01 6.25
N TYR A 127 9.70 15.01 6.11
CA TYR A 127 8.39 14.96 6.78
C TYR A 127 8.34 13.78 7.76
N LYS A 128 9.51 13.25 8.05
CA LYS A 128 9.76 12.09 8.92
C LYS A 128 9.77 12.29 10.44
N GLY A 129 8.74 12.90 10.98
CA GLY A 129 8.70 13.17 12.40
C GLY A 129 8.61 14.65 12.63
N THR A 130 8.66 15.36 11.53
CA THR A 130 8.57 16.81 11.54
C THR A 130 7.14 17.25 11.33
N VAL A 131 6.21 16.30 11.35
CA VAL A 131 4.80 16.59 11.16
C VAL A 131 4.01 16.23 12.42
N ASP A 132 3.17 17.15 12.88
CA ASP A 132 2.36 16.92 14.07
C ASP A 132 1.12 16.12 13.72
N CYS A 133 0.64 16.31 12.51
CA CYS A 133 -0.53 15.62 12.00
C CYS A 133 -0.38 14.10 12.04
N VAL A 134 -1.47 13.43 12.39
CA VAL A 134 -1.50 11.99 12.47
C VAL A 134 -1.72 11.34 11.09
N GLN A 135 -2.66 11.91 10.32
CA GLN A 135 -3.01 11.40 9.00
C GLN A 135 -1.85 11.49 8.00
N ALA A 136 -1.20 12.64 7.95
CA ALA A 136 -0.07 12.83 7.03
C ALA A 136 1.04 11.84 7.36
N ARG A 137 1.55 11.94 8.60
CA ARG A 137 2.61 11.03 9.06
C ARG A 137 2.28 9.56 8.79
N ALA A 138 1.02 9.18 8.86
CA ALA A 138 0.63 7.80 8.64
C ALA A 138 0.68 7.46 7.16
N ALA A 139 0.33 8.42 6.32
CA ALA A 139 0.34 8.24 4.88
C ALA A 139 1.76 8.26 4.33
N LEU A 140 2.59 9.14 4.88
CA LEU A 140 3.97 9.28 4.39
C LEU A 140 4.82 8.03 4.67
N ASP A 141 4.99 7.76 5.96
CA ASP A 141 5.78 6.57 6.38
C ASP A 141 5.34 5.29 5.69
N LYS A 142 4.08 5.21 5.31
CA LYS A 142 3.56 4.05 4.62
C LYS A 142 4.17 3.88 3.24
N ALA A 143 4.42 5.00 2.55
CA ALA A 143 5.00 4.97 1.20
C ALA A 143 6.34 4.25 1.23
N THR A 144 7.19 4.64 2.17
CA THR A 144 8.50 4.00 2.35
C THR A 144 8.38 2.48 2.48
N VAL A 145 7.28 2.01 3.07
CA VAL A 145 7.07 0.58 3.24
C VAL A 145 6.67 -0.06 1.90
N LEU A 146 5.84 0.65 1.14
CA LEU A 146 5.36 0.18 -0.16
C LEU A 146 6.50 0.09 -1.17
N LEU A 147 7.48 0.98 -1.01
CA LEU A 147 8.63 1.02 -1.90
C LEU A 147 9.41 -0.29 -1.90
N SER A 148 9.53 -0.88 -0.72
CA SER A 148 10.25 -2.14 -0.56
C SER A 148 9.44 -3.34 -1.07
N MET A 149 8.13 -3.15 -1.22
CA MET A 149 7.23 -4.22 -1.68
C MET A 149 7.48 -4.56 -3.15
N SER A 150 7.45 -3.54 -4.00
CA SER A 150 7.63 -3.74 -5.43
C SER A 150 9.04 -4.21 -5.80
N LYS A 151 9.96 -4.16 -4.83
CA LYS A 151 11.33 -4.58 -5.06
C LYS A 151 11.47 -6.09 -4.84
N GLY A 152 10.58 -6.64 -4.03
CA GLY A 152 10.63 -8.07 -3.74
C GLY A 152 9.96 -8.90 -4.82
N GLY A 153 8.97 -8.32 -5.48
CA GLY A 153 8.25 -9.03 -6.52
C GLY A 153 9.07 -9.23 -7.78
N LYS A 154 10.22 -8.55 -7.85
CA LYS A 154 11.09 -8.65 -9.00
C LYS A 154 12.16 -9.73 -8.80
N ARG A 155 11.94 -10.59 -7.81
CA ARG A 155 12.87 -11.67 -7.51
C ARG A 155 12.11 -12.96 -7.24
N LYS A 156 11.47 -13.49 -8.27
CA LYS A 156 10.69 -14.71 -8.13
C LYS A 156 11.04 -15.73 -9.22
N ASP A 157 10.81 -16.99 -8.92
CA ASP A 157 11.07 -18.07 -9.86
C ASP A 157 9.75 -18.50 -10.52
N SER A 158 9.61 -19.77 -10.79
CA SER A 158 8.41 -20.31 -11.41
C SER A 158 7.34 -20.61 -10.35
N VAL A 159 7.31 -19.78 -9.31
CA VAL A 159 6.36 -19.94 -8.23
C VAL A 159 5.06 -19.18 -8.50
N TRP A 160 5.15 -18.10 -9.27
CA TRP A 160 3.98 -17.30 -9.60
C TRP A 160 3.99 -16.85 -11.06
N GLY A 161 2.84 -16.39 -11.52
CA GLY A 161 2.70 -15.91 -12.88
C GLY A 161 1.39 -15.17 -13.04
N SER A 162 1.44 -13.99 -13.65
CA SER A 162 0.24 -13.18 -13.83
C SER A 162 0.39 -12.17 -14.96
N GLY A 163 -0.73 -11.62 -15.39
CA GLY A 163 -0.74 -10.63 -16.44
C GLY A 163 -2.11 -9.99 -16.56
N GLY B 1 -4.87 -8.33 -17.90
CA GLY B 1 -4.82 -7.56 -19.17
C GLY B 1 -6.06 -6.71 -19.38
N GLY B 2 -6.37 -6.41 -20.64
CA GLY B 2 -7.54 -5.61 -20.95
C GLY B 2 -7.20 -4.13 -21.08
N GLN B 3 -8.13 -3.28 -20.68
CA GLN B 3 -7.94 -1.84 -20.76
C GLN B 3 -6.97 -1.40 -19.65
N GLN B 4 -7.20 -1.94 -18.47
CA GLN B 4 -6.37 -1.63 -17.32
C GLN B 4 -5.92 -2.93 -16.66
N PRO B 5 -4.71 -3.39 -16.99
CA PRO B 5 -4.15 -4.62 -16.43
C PRO B 5 -3.90 -4.49 -14.93
N VAL B 6 -4.78 -5.08 -14.15
CA VAL B 6 -4.66 -5.03 -12.70
C VAL B 6 -3.70 -6.10 -12.18
N ASN B 7 -3.07 -5.80 -11.06
CA ASN B 7 -2.13 -6.73 -10.45
C ASN B 7 -2.87 -7.74 -9.59
N HIS B 8 -2.31 -8.92 -9.47
CA HIS B 8 -2.90 -9.98 -8.67
C HIS B 8 -1.81 -10.87 -8.07
N LEU B 9 -2.23 -11.90 -7.34
CA LEU B 9 -1.31 -12.82 -6.66
C LEU B 9 -0.26 -12.13 -5.78
N VAL B 10 0.82 -11.66 -6.43
CA VAL B 10 1.93 -11.02 -5.72
C VAL B 10 1.63 -9.58 -5.33
N LYS B 11 2.63 -8.93 -4.73
CA LYS B 11 2.54 -7.54 -4.29
C LYS B 11 1.59 -7.35 -3.11
N GLU B 12 0.29 -7.39 -3.38
CA GLU B 12 -0.73 -7.19 -2.35
C GLU B 12 -0.58 -8.16 -1.17
N ILE B 13 -0.14 -9.38 -1.44
CA ILE B 13 0.05 -10.37 -0.38
C ILE B 13 1.27 -10.01 0.48
N ASP B 14 2.38 -9.71 -0.19
CA ASP B 14 3.62 -9.34 0.48
C ASP B 14 3.46 -8.02 1.21
N MET B 15 2.62 -7.15 0.63
CA MET B 15 2.34 -5.84 1.19
C MET B 15 1.79 -6.00 2.59
N LEU B 16 0.78 -6.84 2.72
CA LEU B 16 0.12 -7.10 4.00
C LEU B 16 1.11 -7.56 5.06
N LEU B 17 2.07 -8.39 4.67
CA LEU B 17 3.06 -8.92 5.59
C LEU B 17 3.98 -7.82 6.10
N LYS B 18 4.58 -7.08 5.16
CA LYS B 18 5.48 -6.00 5.51
C LYS B 18 4.75 -4.80 6.12
N GLU B 19 3.50 -4.61 5.73
CA GLU B 19 2.67 -3.52 6.26
C GLU B 19 2.54 -3.69 7.75
N TYR B 20 2.34 -4.92 8.16
CA TYR B 20 2.21 -5.26 9.56
C TYR B 20 3.58 -5.27 10.24
N LEU B 21 4.62 -5.54 9.45
CA LEU B 21 6.00 -5.58 9.93
C LEU B 21 6.59 -4.20 10.23
N LEU B 22 6.54 -3.29 9.24
CA LEU B 22 7.12 -1.95 9.38
C LEU B 22 6.11 -0.88 9.83
N SER B 23 4.97 -0.81 9.14
CA SER B 23 3.95 0.18 9.48
C SER B 23 3.40 -0.06 10.89
N GLY B 24 2.71 -1.18 11.07
CA GLY B 24 2.16 -1.50 12.38
C GLY B 24 0.75 -0.98 12.56
N ASP B 25 -0.13 -1.31 11.62
CA ASP B 25 -1.53 -0.87 11.66
C ASP B 25 -2.48 -2.01 11.36
N ILE B 26 -3.60 -2.04 12.07
CA ILE B 26 -4.61 -3.08 11.89
C ILE B 26 -5.45 -2.88 10.61
N SER B 27 -6.04 -1.69 10.47
CA SER B 27 -6.88 -1.36 9.31
C SER B 27 -6.11 -1.49 8.01
N GLU B 28 -4.83 -1.16 8.08
CA GLU B 28 -3.97 -1.25 6.92
C GLU B 28 -3.80 -2.72 6.50
N ALA B 29 -3.90 -3.63 7.46
CA ALA B 29 -3.83 -5.05 7.16
C ALA B 29 -5.17 -5.68 6.74
N GLU B 30 -6.20 -5.49 7.57
CA GLU B 30 -7.51 -6.11 7.36
C GLU B 30 -8.23 -5.61 6.12
N HIS B 31 -8.43 -4.30 6.03
CA HIS B 31 -9.14 -3.72 4.90
C HIS B 31 -8.45 -4.05 3.57
N CYS B 32 -7.14 -3.98 3.58
CA CYS B 32 -6.36 -4.28 2.39
C CYS B 32 -6.59 -5.73 1.92
N LEU B 33 -6.64 -6.66 2.87
CA LEU B 33 -6.88 -8.07 2.59
C LEU B 33 -8.35 -8.32 2.22
N LYS B 34 -9.21 -7.63 2.95
CA LYS B 34 -10.64 -7.71 2.80
C LYS B 34 -11.19 -7.21 1.46
N GLU B 35 -10.40 -6.43 0.74
CA GLU B 35 -10.81 -5.89 -0.56
C GLU B 35 -10.62 -6.83 -1.77
N LEU B 36 -10.02 -8.02 -1.58
CA LEU B 36 -9.77 -8.97 -2.69
C LEU B 36 -11.04 -9.66 -3.22
N GLU B 37 -10.91 -10.93 -3.65
CA GLU B 37 -12.06 -11.65 -4.18
C GLU B 37 -12.20 -13.05 -3.57
N VAL B 38 -11.17 -13.87 -3.68
CA VAL B 38 -11.25 -15.25 -3.16
C VAL B 38 -10.49 -15.47 -1.87
N PRO B 39 -11.17 -16.04 -0.85
CA PRO B 39 -10.57 -16.35 0.45
C PRO B 39 -9.64 -17.55 0.38
N HIS B 40 -9.86 -18.42 -0.61
CA HIS B 40 -9.05 -19.63 -0.77
C HIS B 40 -7.58 -19.31 -1.09
N PHE B 41 -7.33 -18.14 -1.68
CA PHE B 41 -5.96 -17.75 -2.03
C PHE B 41 -5.23 -17.12 -0.85
N HIS B 42 -5.90 -17.11 0.28
CA HIS B 42 -5.36 -16.57 1.51
C HIS B 42 -4.40 -17.57 2.18
N HIS B 43 -4.15 -18.68 1.50
CA HIS B 43 -3.32 -19.76 2.02
C HIS B 43 -1.83 -19.42 2.04
N GLU B 44 -1.24 -19.15 0.87
CA GLU B 44 0.19 -18.81 0.80
C GLU B 44 0.44 -17.50 1.54
N LEU B 45 -0.59 -16.65 1.53
CA LEU B 45 -0.53 -15.34 2.16
C LEU B 45 0.03 -15.36 3.56
N VAL B 46 -0.67 -15.97 4.49
CA VAL B 46 -0.22 -16.04 5.86
C VAL B 46 0.99 -16.94 6.08
N TYR B 47 1.27 -17.87 5.17
CA TYR B 47 2.37 -18.80 5.39
C TYR B 47 3.72 -18.11 5.10
N GLU B 48 3.72 -17.23 4.09
CA GLU B 48 4.93 -16.51 3.68
C GLU B 48 5.48 -15.68 4.84
N ALA B 49 4.59 -15.20 5.71
CA ALA B 49 4.95 -14.39 6.87
C ALA B 49 5.33 -15.27 8.09
N ILE B 50 4.86 -16.53 8.08
CA ILE B 50 5.07 -17.43 9.24
C ILE B 50 6.56 -17.68 9.46
N VAL B 51 7.28 -18.02 8.40
CA VAL B 51 8.72 -18.27 8.45
C VAL B 51 9.50 -16.95 8.39
N MET B 52 8.79 -15.86 8.04
CA MET B 52 9.40 -14.54 7.90
C MET B 52 10.22 -14.22 9.16
N VAL B 53 9.63 -14.49 10.32
CA VAL B 53 10.29 -14.29 11.59
C VAL B 53 11.49 -15.22 11.85
N LEU B 54 11.59 -16.34 11.12
CA LEU B 54 12.69 -17.28 11.36
C LEU B 54 13.84 -16.90 10.43
N GLU B 55 13.51 -16.05 9.46
CA GLU B 55 14.48 -15.56 8.47
C GLU B 55 15.02 -14.22 8.95
N SER B 56 14.31 -13.64 9.90
CA SER B 56 14.68 -12.35 10.47
C SER B 56 15.10 -12.54 11.93
N THR B 57 15.78 -11.54 12.47
CA THR B 57 16.23 -11.61 13.86
C THR B 57 15.34 -10.76 14.79
N GLY B 58 15.82 -10.59 16.03
CA GLY B 58 15.10 -9.80 17.01
C GLY B 58 13.88 -10.49 17.59
N GLU B 59 13.26 -9.83 18.56
CA GLU B 59 12.06 -10.35 19.21
C GLU B 59 10.88 -9.39 18.99
N SER B 60 11.18 -8.21 18.45
CA SER B 60 10.17 -7.20 18.17
C SER B 60 9.20 -7.72 17.11
N ALA B 61 9.77 -8.23 16.04
CA ALA B 61 9.05 -8.78 14.91
C ALA B 61 8.37 -10.14 15.21
N PHE B 62 8.71 -10.78 16.34
CA PHE B 62 8.18 -12.13 16.65
C PHE B 62 6.70 -11.98 17.11
N LYS B 63 6.36 -10.74 17.39
CA LYS B 63 4.99 -10.36 17.78
C LYS B 63 4.02 -9.98 16.64
N MET B 64 4.55 -9.21 15.69
CA MET B 64 3.76 -8.61 14.60
C MET B 64 2.96 -9.57 13.76
N ILE B 65 3.63 -10.54 13.17
CA ILE B 65 2.94 -11.50 12.33
C ILE B 65 2.10 -12.41 13.20
N LEU B 66 2.72 -12.82 14.30
CA LEU B 66 2.07 -13.67 15.29
C LEU B 66 0.72 -13.07 15.68
N ASP B 67 0.71 -11.78 16.01
CA ASP B 67 -0.52 -11.10 16.39
C ASP B 67 -1.40 -10.79 15.18
N LEU B 68 -0.82 -10.73 13.99
CA LEU B 68 -1.56 -10.46 12.76
C LEU B 68 -2.56 -11.58 12.50
N LEU B 69 -2.04 -12.81 12.43
CA LEU B 69 -2.90 -13.96 12.20
C LEU B 69 -3.88 -14.10 13.36
N LYS B 70 -3.36 -13.79 14.54
CA LYS B 70 -4.15 -13.81 15.76
C LYS B 70 -5.33 -12.85 15.63
N SER B 71 -5.06 -11.64 15.17
CA SER B 71 -6.08 -10.62 14.99
C SER B 71 -7.07 -10.98 13.87
N LEU B 72 -6.56 -11.54 12.79
CA LEU B 72 -7.43 -11.95 11.69
C LEU B 72 -8.37 -13.04 12.17
N TRP B 73 -7.80 -14.06 12.81
CA TRP B 73 -8.57 -15.15 13.40
C TRP B 73 -9.65 -14.62 14.35
N LYS B 74 -9.37 -13.48 14.96
CA LYS B 74 -10.32 -12.85 15.86
C LYS B 74 -11.56 -12.47 15.06
N SER B 75 -11.36 -11.76 13.95
CA SER B 75 -12.45 -11.37 13.06
C SER B 75 -12.89 -12.54 12.17
N SER B 76 -12.36 -13.74 12.46
CA SER B 76 -12.68 -14.95 11.70
C SER B 76 -12.30 -14.83 10.23
N THR B 77 -11.29 -14.03 9.96
CA THR B 77 -10.83 -13.81 8.60
C THR B 77 -10.15 -15.05 8.01
N ILE B 78 -9.07 -15.51 8.65
CA ILE B 78 -8.37 -16.69 8.18
C ILE B 78 -9.21 -17.95 8.31
N THR B 79 -9.21 -18.75 7.26
CA THR B 79 -9.95 -20.00 7.22
C THR B 79 -9.06 -21.11 7.78
N ILE B 80 -9.66 -22.09 8.45
CA ILE B 80 -8.92 -23.19 9.04
C ILE B 80 -8.15 -23.99 7.99
N ASP B 81 -8.82 -24.31 6.89
CA ASP B 81 -8.22 -25.09 5.81
C ASP B 81 -6.91 -24.49 5.31
N GLN B 82 -6.93 -23.19 5.03
CA GLN B 82 -5.74 -22.49 4.55
C GLN B 82 -4.65 -22.46 5.64
N MET B 83 -5.07 -22.17 6.87
CA MET B 83 -4.14 -22.13 8.01
C MET B 83 -3.37 -23.45 8.13
N LYS B 84 -4.12 -24.55 8.13
CA LYS B 84 -3.52 -25.89 8.24
C LYS B 84 -2.47 -26.11 7.15
N ARG B 85 -2.88 -25.94 5.89
CA ARG B 85 -1.97 -26.12 4.77
C ARG B 85 -0.74 -25.24 4.91
N GLY B 86 -0.96 -24.00 5.39
CA GLY B 86 0.16 -23.10 5.60
C GLY B 86 1.20 -23.69 6.54
N TYR B 87 0.74 -24.31 7.63
CA TYR B 87 1.64 -24.92 8.58
C TYR B 87 2.27 -26.19 8.02
N GLU B 88 1.48 -26.99 7.33
CA GLU B 88 1.96 -28.22 6.70
C GLU B 88 3.13 -27.90 5.77
N ARG B 89 3.00 -26.78 5.08
CA ARG B 89 4.02 -26.31 4.16
C ARG B 89 5.30 -25.96 4.92
N ILE B 90 5.13 -25.36 6.10
CA ILE B 90 6.25 -24.94 6.93
C ILE B 90 7.18 -26.13 7.20
N TYR B 91 6.59 -27.25 7.60
CA TYR B 91 7.36 -28.46 7.91
C TYR B 91 8.09 -28.99 6.69
N ASN B 92 7.55 -28.69 5.52
CA ASN B 92 8.13 -29.13 4.26
C ASN B 92 9.30 -28.24 3.86
N GLU B 93 9.20 -26.95 4.19
CA GLU B 93 10.25 -25.99 3.86
C GLU B 93 11.37 -26.03 4.91
N ILE B 94 11.02 -26.53 6.11
CA ILE B 94 11.98 -26.63 7.22
C ILE B 94 13.35 -27.20 6.78
N PRO B 95 13.39 -28.39 6.15
CA PRO B 95 14.63 -29.00 5.70
C PRO B 95 15.36 -28.20 4.63
N ASP B 96 14.60 -27.47 3.82
CA ASP B 96 15.19 -26.66 2.75
C ASP B 96 15.81 -25.38 3.32
N ILE B 97 15.18 -24.84 4.35
CA ILE B 97 15.65 -23.63 5.00
C ILE B 97 16.79 -23.94 5.98
N ASN B 98 16.60 -24.99 6.77
CA ASN B 98 17.60 -25.39 7.77
C ASN B 98 18.80 -26.05 7.12
N LEU B 99 18.53 -27.06 6.30
CA LEU B 99 19.57 -27.82 5.60
C LEU B 99 20.55 -28.48 6.58
N ASP B 100 20.06 -29.52 7.25
CA ASP B 100 20.85 -30.27 8.23
C ASP B 100 21.10 -29.45 9.50
N VAL B 101 21.43 -30.15 10.59
CA VAL B 101 21.68 -29.53 11.89
C VAL B 101 20.60 -28.51 12.25
N PRO B 102 19.35 -28.97 12.46
CA PRO B 102 18.25 -28.09 12.82
C PRO B 102 18.35 -27.64 14.28
N HIS B 103 18.59 -26.35 14.46
CA HIS B 103 18.71 -25.77 15.79
C HIS B 103 17.53 -24.87 16.09
N SER B 104 16.78 -24.53 15.05
CA SER B 104 15.62 -23.67 15.18
C SER B 104 14.39 -24.47 15.65
N TYR B 105 14.66 -25.65 16.21
CA TYR B 105 13.61 -26.52 16.70
C TYR B 105 12.77 -25.82 17.76
N SER B 106 13.44 -25.17 18.72
CA SER B 106 12.75 -24.45 19.77
C SER B 106 11.95 -23.30 19.18
N VAL B 107 12.62 -22.52 18.34
CA VAL B 107 11.99 -21.39 17.67
C VAL B 107 10.68 -21.82 17.02
N LEU B 108 10.69 -22.94 16.30
CA LEU B 108 9.49 -23.46 15.67
C LEU B 108 8.53 -24.00 16.74
N GLU B 109 9.07 -24.80 17.67
CA GLU B 109 8.28 -25.39 18.76
C GLU B 109 7.45 -24.34 19.50
N ARG B 110 8.11 -23.28 19.93
CA ARG B 110 7.45 -22.18 20.65
C ARG B 110 6.43 -21.47 19.76
N PHE B 111 6.69 -21.47 18.46
CA PHE B 111 5.82 -20.82 17.50
C PHE B 111 4.52 -21.60 17.37
N VAL B 112 4.64 -22.93 17.28
CA VAL B 112 3.48 -23.79 17.15
C VAL B 112 2.70 -23.91 18.46
N GLU B 113 3.42 -24.06 19.57
CA GLU B 113 2.79 -24.23 20.88
C GLU B 113 1.78 -23.13 21.20
N GLU B 114 2.19 -21.88 21.11
CA GLU B 114 1.28 -20.76 21.40
C GLU B 114 0.02 -20.80 20.52
N CYS B 115 0.25 -20.76 19.21
CA CYS B 115 -0.86 -20.84 18.26
C CYS B 115 -1.77 -22.05 18.53
N PHE B 116 -1.17 -23.12 19.04
CA PHE B 116 -1.93 -24.32 19.36
C PHE B 116 -2.72 -24.13 20.67
N GLN B 117 -2.10 -23.48 21.64
CA GLN B 117 -2.74 -23.22 22.94
C GLN B 117 -4.07 -22.50 22.75
N ALA B 118 -4.03 -21.38 22.02
CA ALA B 118 -5.26 -20.60 21.73
C ALA B 118 -6.32 -21.44 21.03
N GLY B 119 -5.94 -22.65 20.64
CA GLY B 119 -6.84 -23.59 20.01
C GLY B 119 -7.65 -23.04 18.86
N ILE B 120 -6.99 -22.51 17.84
CA ILE B 120 -7.69 -22.01 16.68
C ILE B 120 -7.46 -23.01 15.55
N ILE B 121 -6.62 -23.99 15.86
CA ILE B 121 -6.28 -25.05 14.92
C ILE B 121 -6.40 -26.41 15.61
N SER B 122 -6.84 -27.40 14.87
CA SER B 122 -7.02 -28.75 15.40
C SER B 122 -5.67 -29.38 15.82
N LYS B 123 -5.75 -30.33 16.75
CA LYS B 123 -4.57 -31.03 17.26
C LYS B 123 -3.87 -31.79 16.13
N GLN B 124 -4.63 -32.09 15.09
CA GLN B 124 -4.10 -32.80 13.93
C GLN B 124 -2.95 -32.01 13.31
N LEU B 125 -3.01 -30.68 13.45
CA LEU B 125 -1.98 -29.79 12.92
C LEU B 125 -0.73 -29.82 13.81
N ARG B 126 -0.92 -30.26 15.05
CA ARG B 126 0.18 -30.36 16.00
C ARG B 126 0.96 -31.65 15.75
N ASP B 127 0.21 -32.73 15.54
CA ASP B 127 0.78 -34.06 15.28
C ASP B 127 1.69 -34.06 14.05
N LEU B 128 1.27 -33.33 13.02
CA LEU B 128 2.05 -33.21 11.81
C LEU B 128 3.41 -32.61 12.14
N CYS B 129 3.38 -31.47 12.86
CA CYS B 129 4.59 -30.80 13.29
C CYS B 129 5.53 -31.76 14.00
N PRO B 130 6.79 -31.83 13.56
CA PRO B 130 7.79 -32.70 14.16
C PRO B 130 8.07 -32.32 15.62
N SER B 131 7.34 -32.95 16.52
CA SER B 131 7.48 -32.68 17.95
C SER B 131 8.47 -33.66 18.58
N GLY A 1 1.75 31.07 -2.41
CA GLY A 1 1.17 30.70 -1.09
C GLY A 1 -0.32 30.46 -1.19
N LEU A 2 -1.11 31.52 -1.08
CA LEU A 2 -2.55 31.41 -1.17
C LEU A 2 -3.02 31.67 -2.59
N PRO A 3 -3.66 30.66 -3.21
CA PRO A 3 -4.17 30.77 -4.57
C PRO A 3 -5.43 31.60 -4.64
N LEU A 4 -5.40 32.65 -5.46
CA LEU A 4 -6.55 33.53 -5.62
C LEU A 4 -7.71 32.76 -6.25
N ASP A 5 -8.93 33.06 -5.80
CA ASP A 5 -10.14 32.39 -6.31
C ASP A 5 -10.09 30.91 -5.99
N GLU A 6 -10.34 30.61 -4.72
CA GLU A 6 -10.28 29.24 -4.20
C GLU A 6 -11.42 28.39 -4.72
N ARG A 7 -12.64 28.84 -4.49
CA ARG A 7 -13.82 28.10 -4.92
C ARG A 7 -13.98 28.15 -6.44
N ALA A 8 -13.46 29.19 -7.06
CA ALA A 8 -13.54 29.36 -8.51
C ALA A 8 -13.07 28.14 -9.29
N PHE A 9 -11.82 27.68 -9.06
CA PHE A 9 -11.30 26.52 -9.78
C PHE A 9 -11.99 25.23 -9.38
N GLU A 10 -12.61 25.24 -8.20
CA GLU A 10 -13.29 24.06 -7.71
C GLU A 10 -14.52 23.85 -8.60
N LYS A 11 -15.18 24.97 -8.90
CA LYS A 11 -16.35 24.96 -9.77
C LYS A 11 -15.95 24.90 -11.24
N THR A 12 -14.78 25.43 -11.57
CA THR A 12 -14.30 25.41 -12.96
C THR A 12 -13.91 24.01 -13.41
N LEU A 13 -12.87 23.43 -12.80
CA LEU A 13 -12.40 22.07 -13.09
C LEU A 13 -13.36 20.91 -12.82
N THR A 14 -14.64 21.20 -12.94
CA THR A 14 -15.64 20.19 -12.58
C THR A 14 -15.79 19.06 -13.62
N PRO A 15 -16.21 19.37 -14.86
CA PRO A 15 -16.38 18.35 -15.89
C PRO A 15 -15.10 18.04 -16.67
N ILE A 16 -14.14 18.96 -16.64
CA ILE A 16 -12.88 18.78 -17.38
C ILE A 16 -12.12 17.54 -16.88
N ILE A 17 -11.83 17.51 -15.58
CA ILE A 17 -11.14 16.38 -14.97
C ILE A 17 -12.09 15.18 -14.87
N GLN A 18 -13.36 15.50 -15.11
CA GLN A 18 -14.41 14.48 -15.02
C GLN A 18 -14.31 13.57 -16.22
N GLU A 19 -14.09 14.18 -17.38
CA GLU A 19 -13.99 13.47 -18.65
C GLU A 19 -12.64 12.79 -18.81
N TYR A 20 -11.64 13.27 -18.08
CA TYR A 20 -10.31 12.70 -18.13
C TYR A 20 -10.35 11.21 -17.88
N PHE A 21 -10.92 10.82 -16.74
CA PHE A 21 -11.05 9.43 -16.36
C PHE A 21 -12.02 8.65 -17.26
N GLU A 22 -12.66 9.34 -18.19
CA GLU A 22 -13.59 8.68 -19.11
C GLU A 22 -12.80 7.90 -20.16
N HIS A 23 -11.71 8.50 -20.67
CA HIS A 23 -10.88 7.81 -21.65
C HIS A 23 -9.41 7.79 -21.20
N GLY A 24 -8.69 8.90 -21.41
CA GLY A 24 -7.33 8.97 -20.89
C GLY A 24 -6.48 9.85 -21.78
N ASP A 25 -6.80 11.15 -21.77
CA ASP A 25 -6.09 12.13 -22.60
C ASP A 25 -5.27 13.08 -21.73
N THR A 26 -3.95 12.87 -21.71
CA THR A 26 -3.07 13.71 -20.91
C THR A 26 -2.80 15.08 -21.56
N ASN A 27 -2.99 15.14 -22.88
CA ASN A 27 -2.74 16.37 -23.64
C ASN A 27 -3.80 17.43 -23.42
N GLU A 28 -5.06 17.00 -23.36
CA GLU A 28 -6.19 17.91 -23.17
C GLU A 28 -5.96 18.83 -21.97
N VAL A 29 -5.75 18.23 -20.80
CA VAL A 29 -5.46 18.99 -19.58
C VAL A 29 -4.31 19.99 -19.74
N ALA A 30 -3.29 19.63 -20.51
CA ALA A 30 -2.15 20.52 -20.74
C ALA A 30 -2.62 21.75 -21.50
N GLU A 31 -3.30 21.51 -22.61
CA GLU A 31 -3.84 22.58 -23.44
C GLU A 31 -4.74 23.49 -22.60
N MET A 32 -5.54 22.87 -21.73
CA MET A 32 -6.45 23.59 -20.85
C MET A 32 -5.69 24.46 -19.85
N LEU A 33 -4.55 23.97 -19.39
CA LEU A 33 -3.72 24.70 -18.43
C LEU A 33 -3.19 25.99 -19.04
N ARG A 34 -2.72 25.91 -20.29
CA ARG A 34 -2.21 27.09 -20.98
C ARG A 34 -3.33 28.09 -21.24
N ASP A 35 -4.54 27.54 -21.36
CA ASP A 35 -5.73 28.36 -21.58
C ASP A 35 -5.97 29.23 -20.35
N LEU A 36 -6.16 28.60 -19.20
CA LEU A 36 -6.33 29.33 -17.94
C LEU A 36 -5.13 30.24 -17.66
N ASN A 37 -3.93 29.72 -17.90
CA ASN A 37 -2.69 30.47 -17.71
C ASN A 37 -2.52 30.94 -16.27
N LEU A 38 -2.69 30.01 -15.34
CA LEU A 38 -2.53 30.32 -13.92
C LEU A 38 -1.08 30.17 -13.47
N GLY A 39 -0.69 30.92 -12.44
CA GLY A 39 0.65 30.85 -11.93
C GLY A 39 0.75 29.91 -10.73
N GLU A 40 0.43 30.43 -9.55
CA GLU A 40 0.47 29.61 -8.34
C GLU A 40 -0.76 28.72 -8.28
N MET A 41 -1.83 29.16 -8.93
CA MET A 41 -3.07 28.40 -8.99
C MET A 41 -2.89 27.19 -9.88
N LYS A 42 -1.81 27.21 -10.65
CA LYS A 42 -1.48 26.12 -11.56
C LYS A 42 -1.20 24.86 -10.73
N SER A 43 -0.78 25.06 -9.49
CA SER A 43 -0.50 23.96 -8.60
C SER A 43 -1.78 23.42 -7.95
N GLY A 44 -2.87 24.18 -8.00
CA GLY A 44 -4.11 23.72 -7.42
C GLY A 44 -4.70 22.55 -8.20
N VAL A 45 -4.99 22.80 -9.48
CA VAL A 45 -5.50 21.75 -10.38
C VAL A 45 -4.91 20.34 -10.12
N PRO A 46 -3.57 20.16 -10.16
CA PRO A 46 -2.96 18.84 -9.89
C PRO A 46 -3.32 18.30 -8.50
N VAL A 47 -3.57 19.20 -7.54
CA VAL A 47 -3.92 18.77 -6.20
C VAL A 47 -5.25 18.02 -6.19
N LEU A 48 -6.35 18.71 -6.52
CA LEU A 48 -7.66 18.08 -6.59
C LEU A 48 -7.75 16.95 -7.62
N ALA A 49 -6.79 16.88 -8.54
CA ALA A 49 -6.85 15.84 -9.57
C ALA A 49 -6.59 14.52 -8.89
N VAL A 50 -5.84 14.63 -7.80
CA VAL A 50 -5.46 13.49 -7.00
C VAL A 50 -6.62 13.02 -6.15
N SER A 51 -7.32 13.94 -5.50
CA SER A 51 -8.42 13.63 -4.60
C SER A 51 -9.69 13.24 -5.35
N LEU A 52 -9.73 13.64 -6.61
CA LEU A 52 -10.94 13.47 -7.43
C LEU A 52 -11.32 11.99 -7.59
N ALA A 53 -10.33 11.12 -7.67
CA ALA A 53 -10.55 9.68 -7.82
C ALA A 53 -10.66 8.97 -6.47
N LEU A 54 -10.29 9.65 -5.39
CA LEU A 54 -10.21 9.05 -4.06
C LEU A 54 -11.50 8.35 -3.62
N GLU A 55 -12.63 9.03 -3.77
CA GLU A 55 -13.91 8.47 -3.36
C GLU A 55 -14.54 7.70 -4.52
N GLY A 56 -13.76 7.49 -5.56
CA GLY A 56 -14.24 6.78 -6.73
C GLY A 56 -13.69 5.36 -6.77
N LYS A 57 -13.71 4.74 -7.93
CA LYS A 57 -13.23 3.38 -8.07
C LYS A 57 -11.71 3.32 -8.14
N ALA A 58 -11.16 2.18 -7.68
CA ALA A 58 -9.71 1.97 -7.66
C ALA A 58 -9.06 2.12 -9.03
N SER A 59 -9.81 1.84 -10.10
CA SER A 59 -9.29 1.95 -11.45
C SER A 59 -8.75 3.36 -11.70
N HIS A 60 -9.56 4.36 -11.38
CA HIS A 60 -9.15 5.75 -11.54
C HIS A 60 -7.94 6.04 -10.65
N ARG A 61 -8.05 5.63 -9.38
CA ARG A 61 -6.98 5.81 -8.39
C ARG A 61 -5.62 5.30 -8.91
N GLU A 62 -5.67 4.25 -9.72
CA GLU A 62 -4.44 3.67 -10.27
C GLU A 62 -3.89 4.59 -11.36
N MET A 63 -4.78 5.05 -12.22
CA MET A 63 -4.47 5.96 -13.34
C MET A 63 -4.27 7.42 -12.90
N THR A 64 -4.55 7.69 -11.63
CA THR A 64 -4.54 9.07 -11.12
C THR A 64 -3.20 9.79 -11.33
N SER A 65 -2.08 9.12 -11.09
CA SER A 65 -0.78 9.74 -11.21
C SER A 65 -0.35 9.96 -12.66
N LYS A 66 -1.04 9.33 -13.61
CA LYS A 66 -0.67 9.43 -15.03
C LYS A 66 -0.42 10.87 -15.48
N LEU A 67 -1.41 11.75 -15.35
CA LEU A 67 -1.22 13.14 -15.74
C LEU A 67 -0.07 13.80 -14.98
N LEU A 68 0.01 13.52 -13.69
CA LEU A 68 1.05 14.09 -12.85
C LEU A 68 2.43 13.65 -13.34
N SER A 69 2.51 12.42 -13.79
CA SER A 69 3.77 11.90 -14.29
C SER A 69 4.09 12.44 -15.69
N ASP A 70 3.04 12.70 -16.48
CA ASP A 70 3.23 13.18 -17.85
C ASP A 70 3.58 14.67 -17.92
N LEU A 71 2.65 15.51 -17.44
CA LEU A 71 2.82 16.96 -17.47
C LEU A 71 3.99 17.53 -16.69
N CYS A 72 4.73 16.70 -15.97
CA CYS A 72 5.86 17.20 -15.22
C CYS A 72 7.00 17.50 -16.17
N GLY A 73 7.46 18.73 -16.17
CA GLY A 73 8.52 19.15 -17.06
C GLY A 73 7.98 19.88 -18.26
N THR A 74 6.86 19.40 -18.79
CA THR A 74 6.24 20.01 -19.94
C THR A 74 5.52 21.31 -19.54
N VAL A 75 4.78 21.25 -18.44
CA VAL A 75 4.06 22.41 -17.94
C VAL A 75 4.20 22.56 -16.42
N MET A 76 4.27 21.44 -15.74
CA MET A 76 4.41 21.42 -14.28
C MET A 76 5.84 21.09 -13.86
N SER A 77 6.52 22.07 -13.29
CA SER A 77 7.90 21.86 -12.83
C SER A 77 7.88 21.20 -11.46
N THR A 78 9.03 20.73 -10.97
CA THR A 78 9.11 20.09 -9.67
C THR A 78 8.69 21.05 -8.56
N THR A 79 8.91 22.34 -8.79
CA THR A 79 8.53 23.37 -7.86
C THR A 79 7.01 23.32 -7.67
N ASP A 80 6.35 22.86 -8.71
CA ASP A 80 4.91 22.75 -8.71
C ASP A 80 4.46 21.40 -8.13
N VAL A 81 5.29 20.37 -8.33
CA VAL A 81 4.97 19.02 -7.86
C VAL A 81 5.08 18.81 -6.35
N GLU A 82 6.25 19.07 -5.77
CA GLU A 82 6.45 18.85 -4.32
C GLU A 82 5.57 19.79 -3.52
N LYS A 83 5.71 21.07 -3.82
CA LYS A 83 4.91 22.12 -3.20
C LYS A 83 3.41 21.78 -3.16
N SER A 84 2.95 20.94 -4.10
CA SER A 84 1.56 20.55 -4.15
C SER A 84 1.23 19.38 -3.21
N PHE A 85 2.25 18.62 -2.80
CA PHE A 85 2.01 17.49 -1.91
C PHE A 85 1.58 17.97 -0.53
N ASP A 86 2.36 18.85 0.09
CA ASP A 86 2.00 19.43 1.38
C ASP A 86 0.69 20.18 1.21
N LYS A 87 0.56 20.79 0.04
CA LYS A 87 -0.65 21.53 -0.33
C LYS A 87 -1.85 20.59 -0.22
N LEU A 88 -1.65 19.34 -0.61
CA LEU A 88 -2.70 18.32 -0.54
C LEU A 88 -2.90 17.87 0.90
N LEU A 89 -1.80 17.62 1.62
CA LEU A 89 -1.86 17.19 3.02
C LEU A 89 -2.71 18.14 3.85
N LYS A 90 -2.48 19.43 3.66
CA LYS A 90 -3.26 20.47 4.33
C LYS A 90 -4.78 20.21 4.28
N ASP A 91 -5.23 19.50 3.25
CA ASP A 91 -6.65 19.19 3.09
C ASP A 91 -7.00 17.78 3.60
N LEU A 92 -6.02 17.08 4.16
CA LEU A 92 -6.24 15.73 4.68
C LEU A 92 -7.34 15.64 5.75
N PRO A 93 -7.32 16.49 6.82
CA PRO A 93 -8.36 16.46 7.87
C PRO A 93 -9.77 16.65 7.31
N GLU A 94 -9.80 17.05 6.05
CA GLU A 94 -11.06 17.27 5.36
C GLU A 94 -11.57 15.96 4.75
N LEU A 95 -10.70 15.30 4.00
CA LEU A 95 -11.06 14.05 3.34
C LEU A 95 -10.83 12.80 4.17
N ALA A 96 -9.93 12.89 5.14
CA ALA A 96 -9.60 11.74 5.99
C ALA A 96 -10.81 11.21 6.73
N LEU A 97 -11.70 12.10 7.12
CA LEU A 97 -12.90 11.73 7.85
C LEU A 97 -14.00 11.31 6.89
N ASP A 98 -13.77 11.57 5.60
CA ASP A 98 -14.76 11.28 4.56
C ASP A 98 -14.74 9.79 4.20
N THR A 99 -13.55 9.20 4.17
CA THR A 99 -13.39 7.81 3.82
C THR A 99 -12.26 7.26 4.71
N PRO A 100 -12.51 6.17 5.45
CA PRO A 100 -11.51 5.59 6.36
C PRO A 100 -10.13 5.38 5.73
N ARG A 101 -10.09 4.76 4.57
CA ARG A 101 -8.83 4.48 3.88
C ARG A 101 -8.30 5.67 3.07
N ALA A 102 -8.96 6.83 3.17
CA ALA A 102 -8.51 8.01 2.43
C ALA A 102 -7.06 8.40 2.73
N PRO A 103 -6.66 8.59 4.00
CA PRO A 103 -5.28 8.94 4.35
C PRO A 103 -4.31 7.86 3.90
N GLN A 104 -4.79 6.61 3.89
CA GLN A 104 -3.98 5.47 3.47
C GLN A 104 -3.71 5.53 1.97
N LEU A 105 -4.70 5.99 1.20
CA LEU A 105 -4.57 6.10 -0.24
C LEU A 105 -3.44 7.05 -0.62
N VAL A 106 -3.48 8.26 -0.05
CA VAL A 106 -2.45 9.27 -0.32
C VAL A 106 -1.08 8.76 0.12
N GLY A 107 -1.11 7.91 1.14
CA GLY A 107 0.11 7.32 1.67
C GLY A 107 0.88 6.57 0.59
N GLN A 108 0.14 5.92 -0.30
CA GLN A 108 0.75 5.16 -1.39
C GLN A 108 1.15 6.09 -2.54
N PHE A 109 0.42 7.20 -2.68
CA PHE A 109 0.70 8.18 -3.74
C PHE A 109 2.08 8.81 -3.56
N ILE A 110 2.33 9.34 -2.38
CA ILE A 110 3.62 9.97 -2.07
C ILE A 110 4.77 8.98 -2.31
N ALA A 111 4.48 7.70 -2.13
CA ALA A 111 5.47 6.65 -2.33
C ALA A 111 5.68 6.43 -3.83
N ARG A 112 4.60 6.58 -4.57
CA ARG A 112 4.62 6.41 -6.02
C ARG A 112 5.43 7.51 -6.71
N ALA A 113 5.16 8.76 -6.32
CA ALA A 113 5.86 9.91 -6.89
C ALA A 113 7.39 9.76 -6.81
N VAL A 114 7.87 9.30 -5.66
CA VAL A 114 9.30 9.10 -5.46
C VAL A 114 9.80 7.99 -6.38
N GLY A 115 8.97 6.96 -6.52
CA GLY A 115 9.31 5.84 -7.37
C GLY A 115 9.36 6.23 -8.84
N ASP A 116 8.39 7.03 -9.26
CA ASP A 116 8.33 7.49 -10.65
C ASP A 116 9.58 8.28 -10.97
N GLY A 117 9.88 9.27 -10.14
CA GLY A 117 11.09 10.02 -10.35
C GLY A 117 10.97 11.51 -10.14
N ILE A 118 9.76 12.07 -10.22
CA ILE A 118 9.58 13.51 -10.05
C ILE A 118 9.82 13.98 -8.62
N LEU A 119 9.43 13.16 -7.64
CA LEU A 119 9.60 13.55 -6.25
C LEU A 119 10.97 13.12 -5.72
N CYS A 120 11.54 13.94 -4.85
CA CYS A 120 12.84 13.66 -4.27
C CYS A 120 12.70 12.57 -3.21
N ASN A 121 13.69 11.69 -3.12
CA ASN A 121 13.65 10.61 -2.15
C ASN A 121 13.64 11.15 -0.72
N THR A 122 14.57 12.05 -0.41
CA THR A 122 14.63 12.70 0.89
C THR A 122 13.41 13.58 1.23
N TYR A 123 12.24 13.20 0.72
CA TYR A 123 11.02 13.93 1.00
C TYR A 123 10.56 13.64 2.42
N ILE A 124 10.30 12.36 2.67
CA ILE A 124 9.84 11.89 3.97
C ILE A 124 10.87 12.16 5.06
N ASP A 125 12.14 12.12 4.69
CA ASP A 125 13.22 12.36 5.65
C ASP A 125 13.15 13.77 6.21
N SER A 126 12.81 14.72 5.36
CA SER A 126 12.68 16.12 5.76
C SER A 126 11.52 16.28 6.73
N TYR A 127 10.54 15.39 6.62
CA TYR A 127 9.39 15.42 7.51
C TYR A 127 9.49 14.26 8.52
N LYS A 128 10.72 13.79 8.73
CA LYS A 128 10.98 12.65 9.63
C LYS A 128 10.93 12.88 11.14
N GLY A 129 9.92 13.54 11.61
CA GLY A 129 9.79 13.78 13.04
C GLY A 129 9.57 15.24 13.26
N THR A 130 9.48 15.91 12.14
CA THR A 130 9.26 17.33 12.08
C THR A 130 7.81 17.59 11.71
N VAL A 131 6.93 16.68 12.13
CA VAL A 131 5.50 16.81 11.85
C VAL A 131 4.68 16.58 13.11
N ASP A 132 3.97 17.61 13.54
CA ASP A 132 3.15 17.54 14.74
C ASP A 132 1.71 17.11 14.41
N CYS A 133 1.54 16.53 13.23
CA CYS A 133 0.23 16.08 12.79
C CYS A 133 0.27 14.58 12.49
N VAL A 134 -0.51 13.80 13.23
CA VAL A 134 -0.57 12.36 13.03
C VAL A 134 -1.15 12.01 11.66
N GLN A 135 -2.02 12.88 11.15
CA GLN A 135 -2.63 12.68 9.85
C GLN A 135 -1.55 12.65 8.77
N ALA A 136 -0.65 13.62 8.84
CA ALA A 136 0.45 13.71 7.90
C ALA A 136 1.46 12.57 8.11
N ARG A 137 1.68 12.21 9.38
CA ARG A 137 2.61 11.13 9.70
C ARG A 137 2.17 9.83 9.04
N ALA A 138 0.92 9.45 9.28
CA ALA A 138 0.35 8.24 8.69
C ALA A 138 0.49 8.23 7.16
N ALA A 139 0.50 9.42 6.57
CA ALA A 139 0.63 9.56 5.13
C ALA A 139 2.08 9.37 4.68
N LEU A 140 3.00 9.92 5.46
CA LEU A 140 4.42 9.86 5.14
C LEU A 140 5.00 8.48 5.42
N ASP A 141 4.80 8.00 6.64
CA ASP A 141 5.26 6.68 7.07
C ASP A 141 4.69 5.56 6.21
N LYS A 142 3.72 5.92 5.40
CA LYS A 142 3.03 4.95 4.55
C LYS A 142 3.92 4.58 3.37
N ALA A 143 4.72 5.54 2.93
CA ALA A 143 5.62 5.36 1.80
C ALA A 143 6.66 4.26 2.06
N THR A 144 7.17 4.19 3.28
CA THR A 144 8.17 3.20 3.66
C THR A 144 7.68 1.78 3.34
N VAL A 145 6.46 1.48 3.75
CA VAL A 145 5.82 0.19 3.51
C VAL A 145 5.88 -0.17 2.01
N LEU A 146 5.80 0.84 1.15
CA LEU A 146 5.83 0.59 -0.28
C LEU A 146 7.26 0.46 -0.80
N LEU A 147 8.10 1.42 -0.41
CA LEU A 147 9.50 1.45 -0.84
C LEU A 147 10.26 0.18 -0.50
N SER A 148 9.98 -0.39 0.66
CA SER A 148 10.65 -1.62 1.07
C SER A 148 10.18 -2.79 0.20
N MET A 149 8.94 -2.70 -0.25
CA MET A 149 8.35 -3.73 -1.09
C MET A 149 8.95 -3.69 -2.50
N SER A 150 9.20 -2.47 -2.99
CA SER A 150 9.76 -2.28 -4.32
C SER A 150 11.15 -2.90 -4.46
N LYS A 151 11.85 -3.08 -3.35
CA LYS A 151 13.19 -3.65 -3.37
C LYS A 151 13.28 -4.94 -2.57
N GLY A 152 12.13 -5.53 -2.25
CA GLY A 152 12.11 -6.75 -1.49
C GLY A 152 11.11 -7.77 -2.01
N GLY A 153 10.01 -7.30 -2.57
CA GLY A 153 9.01 -8.19 -3.09
C GLY A 153 9.18 -8.47 -4.58
N LYS A 154 10.33 -8.11 -5.11
CA LYS A 154 10.63 -8.31 -6.53
C LYS A 154 11.04 -9.77 -6.80
N ARG A 155 10.26 -10.71 -6.28
CA ARG A 155 10.54 -12.12 -6.47
C ARG A 155 9.52 -12.75 -7.43
N LYS A 156 8.46 -11.99 -7.70
CA LYS A 156 7.41 -12.48 -8.59
C LYS A 156 7.56 -11.91 -10.00
N ASP A 157 6.53 -11.27 -10.50
CA ASP A 157 6.55 -10.69 -11.85
C ASP A 157 7.15 -9.29 -11.84
N SER A 158 8.45 -9.23 -12.07
CA SER A 158 9.15 -7.95 -12.13
C SER A 158 9.70 -7.70 -13.52
N VAL A 159 9.64 -8.73 -14.36
CA VAL A 159 10.13 -8.64 -15.73
C VAL A 159 8.93 -8.70 -16.69
N TRP A 160 8.43 -7.55 -17.08
CA TRP A 160 7.28 -7.48 -17.97
C TRP A 160 7.54 -6.58 -19.16
N GLY A 161 7.04 -7.00 -20.31
CA GLY A 161 7.19 -6.22 -21.52
C GLY A 161 5.83 -5.72 -21.98
N SER A 162 5.51 -4.49 -21.63
CA SER A 162 4.23 -3.90 -21.99
C SER A 162 4.38 -2.65 -22.86
N GLY A 163 3.31 -1.90 -23.00
CA GLY A 163 3.34 -0.70 -23.81
C GLY A 163 1.95 -0.40 -24.34
N GLY B 1 0.82 -2.31 -26.33
CA GLY B 1 -0.10 -2.97 -25.36
C GLY B 1 -1.45 -2.29 -25.32
N GLY B 2 -1.48 -1.06 -24.80
CA GLY B 2 -2.72 -0.32 -24.73
C GLY B 2 -3.42 -0.52 -23.40
N GLN B 3 -4.34 -1.47 -23.35
CA GLN B 3 -5.07 -1.75 -22.12
C GLN B 3 -4.23 -2.61 -21.19
N GLN B 4 -4.33 -2.33 -19.89
CA GLN B 4 -3.58 -3.07 -18.90
C GLN B 4 -4.52 -3.90 -18.04
N PRO B 5 -4.26 -5.22 -17.91
CA PRO B 5 -5.08 -6.13 -17.11
C PRO B 5 -5.08 -5.74 -15.62
N VAL B 6 -6.05 -6.28 -14.88
CA VAL B 6 -6.15 -5.99 -13.46
C VAL B 6 -5.03 -6.62 -12.65
N ASN B 7 -4.80 -6.09 -11.46
CA ASN B 7 -3.76 -6.57 -10.58
C ASN B 7 -4.29 -7.68 -9.67
N HIS B 8 -3.57 -8.80 -9.64
CA HIS B 8 -3.97 -9.94 -8.83
C HIS B 8 -2.73 -10.69 -8.34
N LEU B 9 -2.78 -11.14 -7.07
CA LEU B 9 -1.68 -11.89 -6.45
C LEU B 9 -0.51 -11.00 -6.04
N VAL B 10 -0.48 -9.77 -6.53
CA VAL B 10 0.58 -8.83 -6.21
C VAL B 10 -0.03 -7.63 -5.48
N LYS B 11 0.83 -6.77 -4.93
CA LYS B 11 0.42 -5.57 -4.21
C LYS B 11 -0.16 -5.88 -2.83
N GLU B 12 -1.38 -6.40 -2.81
CA GLU B 12 -2.08 -6.70 -1.57
C GLU B 12 -1.29 -7.61 -0.62
N ILE B 13 -1.01 -8.83 -1.06
CA ILE B 13 -0.30 -9.81 -0.23
C ILE B 13 0.99 -9.26 0.38
N ASP B 14 1.84 -8.68 -0.44
CA ASP B 14 3.12 -8.14 0.03
C ASP B 14 2.93 -6.96 0.97
N MET B 15 2.02 -6.06 0.61
CA MET B 15 1.77 -4.86 1.41
C MET B 15 1.19 -5.21 2.78
N LEU B 16 0.30 -6.20 2.81
CA LEU B 16 -0.34 -6.62 4.06
C LEU B 16 0.67 -7.15 5.07
N LEU B 17 1.71 -7.80 4.58
CA LEU B 17 2.73 -8.36 5.47
C LEU B 17 3.63 -7.26 6.02
N LYS B 18 4.02 -6.35 5.13
CA LYS B 18 4.88 -5.24 5.53
C LYS B 18 4.11 -4.31 6.44
N GLU B 19 2.80 -4.28 6.26
CA GLU B 19 1.91 -3.47 7.04
C GLU B 19 2.12 -3.62 8.53
N TYR B 20 2.46 -4.83 9.02
CA TYR B 20 2.67 -4.97 10.44
C TYR B 20 4.11 -4.59 10.79
N LEU B 21 5.03 -4.90 9.88
CA LEU B 21 6.45 -4.67 10.07
C LEU B 21 6.90 -3.20 10.04
N LEU B 22 6.58 -2.48 8.97
CA LEU B 22 7.03 -1.10 8.83
C LEU B 22 6.01 -0.12 9.39
N SER B 23 4.98 -0.67 9.97
CA SER B 23 3.93 0.12 10.56
C SER B 23 3.47 -0.54 11.85
N GLY B 24 2.32 -1.18 11.81
CA GLY B 24 1.80 -1.86 12.98
C GLY B 24 0.34 -1.58 13.17
N ASP B 25 -0.48 -2.07 12.25
CA ASP B 25 -1.91 -1.84 12.34
C ASP B 25 -2.70 -3.02 11.80
N ILE B 26 -3.70 -3.45 12.56
CA ILE B 26 -4.51 -4.59 12.18
C ILE B 26 -5.66 -4.14 11.26
N SER B 27 -6.06 -2.89 11.47
CA SER B 27 -7.21 -2.29 10.77
C SER B 27 -7.00 -2.03 9.29
N GLU B 28 -5.89 -1.37 8.95
CA GLU B 28 -5.60 -1.01 7.58
C GLU B 28 -5.39 -2.24 6.72
N ALA B 29 -4.61 -3.19 7.23
CA ALA B 29 -4.34 -4.44 6.52
C ALA B 29 -5.63 -5.24 6.35
N GLU B 30 -6.50 -5.20 7.35
CA GLU B 30 -7.76 -5.93 7.30
C GLU B 30 -8.69 -5.35 6.25
N HIS B 31 -8.63 -4.04 6.06
CA HIS B 31 -9.48 -3.38 5.07
C HIS B 31 -9.20 -3.93 3.67
N CYS B 32 -7.92 -3.92 3.30
CA CYS B 32 -7.50 -4.40 2.00
C CYS B 32 -7.72 -5.91 1.87
N LEU B 33 -7.42 -6.63 2.95
CA LEU B 33 -7.59 -8.08 2.98
C LEU B 33 -9.04 -8.47 2.72
N LYS B 34 -9.96 -7.70 3.31
CA LYS B 34 -11.39 -7.95 3.15
C LYS B 34 -11.91 -7.55 1.78
N GLU B 35 -11.26 -6.56 1.15
CA GLU B 35 -11.67 -6.11 -0.18
C GLU B 35 -11.51 -7.20 -1.24
N LEU B 36 -10.66 -8.18 -0.96
CA LEU B 36 -10.43 -9.30 -1.86
C LEU B 36 -11.73 -10.05 -2.16
N GLU B 37 -11.84 -10.54 -3.37
CA GLU B 37 -13.03 -11.27 -3.79
C GLU B 37 -12.95 -12.73 -3.40
N VAL B 38 -11.74 -13.28 -3.42
CA VAL B 38 -11.53 -14.68 -3.09
C VAL B 38 -10.88 -14.87 -1.72
N PRO B 39 -11.67 -15.31 -0.72
CA PRO B 39 -11.18 -15.55 0.64
C PRO B 39 -10.32 -16.81 0.74
N HIS B 40 -10.58 -17.77 -0.15
CA HIS B 40 -9.83 -19.04 -0.16
C HIS B 40 -8.39 -18.81 -0.57
N PHE B 41 -8.13 -17.69 -1.24
CA PHE B 41 -6.79 -17.37 -1.70
C PHE B 41 -5.97 -16.66 -0.62
N HIS B 42 -6.61 -16.37 0.51
CA HIS B 42 -5.94 -15.70 1.64
C HIS B 42 -4.92 -16.64 2.27
N HIS B 43 -5.02 -17.91 1.90
CA HIS B 43 -4.15 -18.96 2.41
C HIS B 43 -2.66 -18.61 2.34
N GLU B 44 -2.16 -18.25 1.16
CA GLU B 44 -0.74 -17.91 0.99
C GLU B 44 -0.21 -16.88 1.98
N LEU B 45 -1.06 -15.94 2.39
CA LEU B 45 -0.65 -14.90 3.34
C LEU B 45 -0.16 -15.53 4.64
N VAL B 46 -0.83 -16.58 5.07
CA VAL B 46 -0.47 -17.27 6.31
C VAL B 46 0.90 -17.93 6.17
N TYR B 47 1.11 -18.60 5.04
CA TYR B 47 2.37 -19.26 4.76
C TYR B 47 3.51 -18.25 4.68
N GLU B 48 3.29 -17.19 3.92
CA GLU B 48 4.29 -16.14 3.73
C GLU B 48 4.63 -15.46 5.05
N ALA B 49 3.65 -15.32 5.93
CA ALA B 49 3.86 -14.70 7.23
C ALA B 49 4.86 -15.52 8.04
N ILE B 50 4.62 -16.82 8.10
CA ILE B 50 5.50 -17.74 8.82
C ILE B 50 6.97 -17.59 8.37
N VAL B 51 7.20 -17.71 7.06
CA VAL B 51 8.55 -17.56 6.50
C VAL B 51 9.12 -16.17 6.76
N MET B 52 8.22 -15.22 6.98
CA MET B 52 8.63 -13.84 7.24
C MET B 52 9.24 -13.79 8.63
N VAL B 53 8.57 -14.47 9.57
CA VAL B 53 9.04 -14.56 10.95
C VAL B 53 10.42 -15.24 11.04
N LEU B 54 10.66 -16.23 10.19
CA LEU B 54 11.95 -16.93 10.19
C LEU B 54 13.03 -15.96 9.71
N GLU B 55 12.81 -15.41 8.53
CA GLU B 55 13.67 -14.40 7.90
C GLU B 55 13.83 -13.08 8.68
N SER B 56 13.71 -13.15 9.99
CA SER B 56 13.74 -11.93 10.80
C SER B 56 14.62 -12.12 12.03
N THR B 57 15.51 -11.17 12.26
CA THR B 57 16.42 -11.23 13.40
C THR B 57 15.99 -10.26 14.49
N GLY B 58 14.85 -10.55 15.11
CA GLY B 58 14.34 -9.70 16.15
C GLY B 58 13.03 -10.22 16.70
N GLU B 59 12.73 -9.87 17.94
CA GLU B 59 11.51 -10.32 18.58
C GLU B 59 10.32 -9.46 18.16
N SER B 60 10.61 -8.32 17.56
CA SER B 60 9.56 -7.40 17.11
C SER B 60 8.71 -8.02 16.01
N ALA B 61 9.36 -8.41 14.93
CA ALA B 61 8.68 -9.05 13.81
C ALA B 61 7.97 -10.32 14.27
N PHE B 62 8.56 -10.98 15.25
CA PHE B 62 7.98 -12.20 15.80
C PHE B 62 6.62 -11.88 16.41
N LYS B 63 6.66 -11.08 17.47
CA LYS B 63 5.44 -10.69 18.18
C LYS B 63 4.37 -10.03 17.30
N MET B 64 4.74 -9.06 16.45
CA MET B 64 3.74 -8.39 15.61
C MET B 64 3.07 -9.34 14.61
N ILE B 65 3.86 -9.99 13.77
CA ILE B 65 3.30 -10.95 12.82
C ILE B 65 2.51 -12.07 13.51
N LEU B 66 2.99 -12.49 14.67
CA LEU B 66 2.31 -13.53 15.45
C LEU B 66 0.94 -13.04 15.90
N ASP B 67 0.87 -11.76 16.24
CA ASP B 67 -0.37 -11.15 16.70
C ASP B 67 -1.40 -11.09 15.57
N LEU B 68 -0.97 -10.61 14.39
CA LEU B 68 -1.85 -10.48 13.23
C LEU B 68 -2.64 -11.75 12.96
N LEU B 69 -1.94 -12.82 12.55
CA LEU B 69 -2.61 -14.10 12.31
C LEU B 69 -3.60 -14.49 13.42
N LYS B 70 -3.23 -14.28 14.68
CA LYS B 70 -4.13 -14.60 15.78
C LYS B 70 -5.34 -13.67 15.75
N SER B 71 -5.06 -12.37 15.61
CA SER B 71 -6.09 -11.35 15.53
C SER B 71 -7.11 -11.68 14.44
N LEU B 72 -6.62 -11.84 13.21
CA LEU B 72 -7.46 -12.20 12.06
C LEU B 72 -8.37 -13.41 12.35
N TRP B 73 -7.93 -14.29 13.24
CA TRP B 73 -8.72 -15.47 13.58
C TRP B 73 -9.92 -15.03 14.42
N LYS B 74 -9.67 -14.09 15.33
CA LYS B 74 -10.71 -13.55 16.19
C LYS B 74 -11.84 -12.94 15.36
N SER B 75 -11.48 -12.26 14.28
CA SER B 75 -12.47 -11.65 13.39
C SER B 75 -12.93 -12.63 12.31
N SER B 76 -12.72 -13.92 12.58
CA SER B 76 -13.09 -15.01 11.67
C SER B 76 -12.75 -14.71 10.21
N THR B 77 -11.52 -14.29 9.97
CA THR B 77 -11.07 -13.99 8.62
C THR B 77 -10.87 -15.27 7.79
N ILE B 78 -9.89 -16.07 8.18
CA ILE B 78 -9.62 -17.33 7.46
C ILE B 78 -10.22 -18.53 8.18
N THR B 79 -10.06 -19.70 7.57
CA THR B 79 -10.57 -20.95 8.11
C THR B 79 -9.41 -21.87 8.48
N ILE B 80 -9.72 -23.01 9.12
CA ILE B 80 -8.68 -23.96 9.49
C ILE B 80 -7.99 -24.52 8.24
N ASP B 81 -8.81 -25.04 7.32
CA ASP B 81 -8.29 -25.53 6.03
C ASP B 81 -7.38 -24.52 5.34
N GLN B 82 -7.58 -23.24 5.60
CA GLN B 82 -6.75 -22.20 5.00
C GLN B 82 -5.43 -22.08 5.77
N MET B 83 -5.53 -22.14 7.08
CA MET B 83 -4.38 -22.04 7.97
C MET B 83 -3.47 -23.25 7.87
N LYS B 84 -4.02 -24.45 8.14
CA LYS B 84 -3.27 -25.70 8.08
C LYS B 84 -2.42 -25.81 6.82
N ARG B 85 -3.08 -25.92 5.65
CA ARG B 85 -2.34 -25.93 4.38
C ARG B 85 -1.11 -24.99 4.34
N GLY B 86 -1.14 -23.90 5.10
CA GLY B 86 -0.01 -22.99 5.15
C GLY B 86 1.14 -23.58 5.92
N TYR B 87 0.84 -24.14 7.10
CA TYR B 87 1.85 -24.76 7.96
C TYR B 87 2.50 -25.96 7.26
N GLU B 88 1.66 -26.92 6.83
CA GLU B 88 2.16 -28.07 6.07
C GLU B 88 3.21 -27.68 5.03
N ARG B 89 2.96 -26.60 4.30
CA ARG B 89 3.92 -26.14 3.30
C ARG B 89 5.24 -25.74 3.96
N ILE B 90 5.14 -25.15 5.14
CA ILE B 90 6.32 -24.71 5.89
C ILE B 90 7.29 -25.86 6.12
N TYR B 91 6.80 -26.96 6.72
CA TYR B 91 7.64 -28.13 6.97
C TYR B 91 8.30 -28.65 5.69
N ASN B 92 7.68 -28.35 4.55
CA ASN B 92 8.22 -28.75 3.27
C ASN B 92 9.37 -27.83 2.87
N GLU B 93 9.23 -26.56 3.23
CA GLU B 93 10.23 -25.55 2.94
C GLU B 93 11.40 -25.65 3.92
N ILE B 94 11.13 -26.17 5.12
CA ILE B 94 12.14 -26.33 6.17
C ILE B 94 13.46 -26.94 5.66
N PRO B 95 13.44 -28.13 5.04
CA PRO B 95 14.66 -28.77 4.53
C PRO B 95 15.43 -27.87 3.57
N ASP B 96 14.71 -27.08 2.80
CA ASP B 96 15.32 -26.17 1.84
C ASP B 96 15.91 -24.94 2.52
N ILE B 97 15.15 -24.36 3.44
CA ILE B 97 15.59 -23.17 4.17
C ILE B 97 16.69 -23.50 5.18
N ASN B 98 16.45 -24.53 5.99
CA ASN B 98 17.41 -24.94 7.01
C ASN B 98 18.71 -25.44 6.40
N LEU B 99 18.58 -26.29 5.38
CA LEU B 99 19.75 -26.87 4.70
C LEU B 99 20.62 -27.63 5.69
N ASP B 100 20.04 -28.69 6.26
CA ASP B 100 20.73 -29.54 7.23
C ASP B 100 20.94 -28.79 8.54
N VAL B 101 21.52 -29.46 9.53
CA VAL B 101 21.80 -28.88 10.84
C VAL B 101 20.57 -28.15 11.42
N PRO B 102 19.59 -28.91 11.93
CA PRO B 102 18.38 -28.32 12.52
C PRO B 102 18.71 -27.54 13.79
N HIS B 103 18.54 -26.22 13.71
CA HIS B 103 18.83 -25.34 14.83
C HIS B 103 17.72 -24.30 14.98
N SER B 104 16.99 -24.08 13.89
CA SER B 104 15.89 -23.13 13.88
C SER B 104 14.62 -23.77 14.42
N TYR B 105 14.76 -24.98 14.95
CA TYR B 105 13.62 -25.70 15.51
C TYR B 105 13.06 -24.92 16.69
N SER B 106 13.92 -24.19 17.37
CA SER B 106 13.54 -23.36 18.50
C SER B 106 12.35 -22.47 18.13
N VAL B 107 12.39 -21.91 16.92
CA VAL B 107 11.32 -21.05 16.45
C VAL B 107 10.11 -21.88 16.05
N LEU B 108 10.33 -22.83 15.15
CA LEU B 108 9.27 -23.74 14.68
C LEU B 108 8.53 -24.42 15.83
N GLU B 109 9.21 -24.64 16.94
CA GLU B 109 8.59 -25.27 18.09
C GLU B 109 7.80 -24.25 18.88
N ARG B 110 8.44 -23.13 19.19
CA ARG B 110 7.82 -22.06 19.96
C ARG B 110 6.57 -21.52 19.27
N PHE B 111 6.62 -21.34 17.95
CA PHE B 111 5.50 -20.82 17.20
C PHE B 111 4.30 -21.76 17.25
N VAL B 112 4.44 -22.95 16.64
CA VAL B 112 3.37 -23.94 16.65
C VAL B 112 2.74 -24.17 18.03
N GLU B 113 3.53 -24.28 19.08
CA GLU B 113 2.96 -24.48 20.42
C GLU B 113 2.17 -23.25 20.88
N GLU B 114 2.74 -22.07 20.64
CA GLU B 114 2.08 -20.81 20.99
C GLU B 114 0.72 -20.75 20.34
N CYS B 115 0.70 -20.93 19.02
CA CYS B 115 -0.52 -20.95 18.24
C CYS B 115 -1.40 -22.15 18.57
N PHE B 116 -0.81 -23.11 19.28
CA PHE B 116 -1.54 -24.35 19.59
C PHE B 116 -2.44 -24.12 20.79
N GLN B 117 -1.81 -23.59 21.84
CA GLN B 117 -2.47 -23.29 23.11
C GLN B 117 -3.66 -22.36 22.93
N ALA B 118 -3.56 -21.43 21.99
CA ALA B 118 -4.66 -20.48 21.77
C ALA B 118 -5.93 -21.25 21.40
N GLY B 119 -5.82 -22.25 20.52
CA GLY B 119 -6.97 -23.07 20.24
C GLY B 119 -7.50 -22.87 18.84
N ILE B 120 -6.70 -22.21 18.02
CA ILE B 120 -7.09 -21.94 16.63
C ILE B 120 -6.92 -23.18 15.75
N ILE B 121 -5.90 -23.97 16.05
CA ILE B 121 -5.62 -25.17 15.28
C ILE B 121 -5.64 -26.42 16.16
N SER B 122 -6.35 -27.45 15.70
CA SER B 122 -6.46 -28.70 16.42
C SER B 122 -5.14 -29.49 16.43
N LYS B 123 -5.11 -30.58 17.19
CA LYS B 123 -3.92 -31.43 17.31
C LYS B 123 -3.45 -31.93 15.96
N GLN B 124 -4.41 -32.29 15.11
CA GLN B 124 -4.16 -32.74 13.74
C GLN B 124 -3.04 -31.95 13.06
N LEU B 125 -3.05 -30.63 13.17
CA LEU B 125 -2.02 -29.81 12.54
C LEU B 125 -0.72 -29.84 13.34
N ARG B 126 -0.83 -29.97 14.65
CA ARG B 126 0.33 -30.04 15.52
C ARG B 126 1.17 -31.27 15.17
N ASP B 127 0.52 -32.43 15.18
CA ASP B 127 1.18 -33.70 14.83
C ASP B 127 1.92 -33.63 13.49
N LEU B 128 1.38 -32.86 12.54
CA LEU B 128 2.01 -32.71 11.23
C LEU B 128 3.35 -32.00 11.39
N CYS B 129 3.45 -31.14 12.38
CA CYS B 129 4.67 -30.41 12.67
C CYS B 129 5.66 -31.34 13.37
N PRO B 130 6.93 -31.32 12.93
CA PRO B 130 7.99 -32.15 13.53
C PRO B 130 8.08 -31.92 15.04
N SER B 131 7.53 -32.86 15.79
CA SER B 131 7.54 -32.78 17.23
C SER B 131 8.84 -33.32 17.79
N GLY A 1 2.38 30.46 -2.61
CA GLY A 1 1.76 31.09 -1.43
C GLY A 1 0.29 30.76 -1.30
N LEU A 2 -0.51 31.74 -0.91
CA LEU A 2 -1.94 31.52 -0.74
C LEU A 2 -2.67 31.61 -2.08
N PRO A 3 -3.45 30.57 -2.41
CA PRO A 3 -4.20 30.49 -3.66
C PRO A 3 -5.24 31.59 -3.79
N LEU A 4 -5.63 31.89 -5.02
CA LEU A 4 -6.63 32.92 -5.29
C LEU A 4 -7.86 32.30 -5.95
N ASP A 5 -9.02 32.50 -5.34
CA ASP A 5 -10.28 31.95 -5.83
C ASP A 5 -10.25 30.42 -5.71
N GLU A 6 -9.97 29.93 -4.50
CA GLU A 6 -9.91 28.50 -4.26
C GLU A 6 -11.17 27.76 -4.68
N ARG A 7 -12.32 28.18 -4.17
CA ARG A 7 -13.60 27.55 -4.49
C ARG A 7 -13.91 27.64 -5.97
N ALA A 8 -13.65 28.80 -6.57
CA ALA A 8 -13.92 29.01 -7.99
C ALA A 8 -13.07 28.07 -8.83
N PHE A 9 -11.80 27.93 -8.45
CA PHE A 9 -10.87 27.07 -9.15
C PHE A 9 -11.29 25.61 -9.02
N GLU A 10 -11.54 25.19 -7.78
CA GLU A 10 -11.95 23.82 -7.49
C GLU A 10 -13.19 23.44 -8.29
N LYS A 11 -14.22 24.29 -8.20
CA LYS A 11 -15.48 24.04 -8.88
C LYS A 11 -15.30 23.88 -10.40
N THR A 12 -14.55 24.78 -11.01
CA THR A 12 -14.31 24.74 -12.45
C THR A 12 -13.54 23.48 -12.86
N LEU A 13 -12.48 23.16 -12.11
CA LEU A 13 -11.66 21.98 -12.40
C LEU A 13 -12.38 20.65 -12.11
N THR A 14 -13.46 20.70 -11.34
CA THR A 14 -14.21 19.50 -10.99
C THR A 14 -14.56 18.61 -12.20
N PRO A 15 -15.34 19.11 -13.19
CA PRO A 15 -15.73 18.31 -14.36
C PRO A 15 -14.54 18.01 -15.27
N ILE A 16 -13.56 18.90 -15.27
CA ILE A 16 -12.37 18.74 -16.09
C ILE A 16 -11.58 17.49 -15.69
N ILE A 17 -11.56 17.19 -14.40
CA ILE A 17 -10.85 16.03 -13.90
C ILE A 17 -11.76 14.81 -13.95
N GLN A 18 -13.02 14.99 -13.58
CA GLN A 18 -14.01 13.92 -13.61
C GLN A 18 -14.01 13.14 -14.92
N GLU A 19 -14.09 13.87 -16.03
CA GLU A 19 -14.13 13.25 -17.36
C GLU A 19 -12.81 12.53 -17.67
N TYR A 20 -11.74 12.95 -17.03
CA TYR A 20 -10.41 12.39 -17.27
C TYR A 20 -10.32 10.90 -16.90
N PHE A 21 -10.99 10.51 -15.83
CA PHE A 21 -10.94 9.13 -15.36
C PHE A 21 -11.66 8.17 -16.30
N GLU A 22 -12.58 8.69 -17.09
CA GLU A 22 -13.39 7.84 -17.99
C GLU A 22 -12.69 7.52 -19.32
N HIS A 23 -11.55 8.15 -19.51
CA HIS A 23 -10.76 7.96 -20.72
C HIS A 23 -9.26 7.78 -20.53
N GLY A 24 -8.66 8.62 -19.70
CA GLY A 24 -7.23 8.54 -19.52
C GLY A 24 -6.44 9.26 -20.62
N ASP A 25 -6.32 10.57 -20.50
CA ASP A 25 -5.59 11.38 -21.48
C ASP A 25 -5.13 12.70 -20.89
N THR A 26 -3.83 12.82 -20.68
CA THR A 26 -3.26 14.02 -20.08
C THR A 26 -3.18 15.19 -21.08
N ASN A 27 -3.26 14.89 -22.38
CA ASN A 27 -3.18 15.92 -23.42
C ASN A 27 -4.30 16.95 -23.27
N GLU A 28 -5.48 16.45 -22.96
CA GLU A 28 -6.66 17.29 -22.79
C GLU A 28 -6.46 18.20 -21.58
N VAL A 29 -5.89 17.63 -20.54
CA VAL A 29 -5.63 18.36 -19.31
C VAL A 29 -4.62 19.48 -19.56
N ALA A 30 -3.51 19.15 -20.21
CA ALA A 30 -2.47 20.13 -20.52
C ALA A 30 -3.04 21.30 -21.32
N GLU A 31 -3.75 20.97 -22.39
CA GLU A 31 -4.40 21.99 -23.24
C GLU A 31 -5.20 22.99 -22.40
N MET A 32 -5.90 22.50 -21.39
CA MET A 32 -6.69 23.36 -20.52
C MET A 32 -5.82 24.15 -19.55
N LEU A 33 -4.74 23.52 -19.07
CA LEU A 33 -3.83 24.17 -18.12
C LEU A 33 -3.25 25.46 -18.67
N ARG A 34 -2.68 25.41 -19.87
CA ARG A 34 -2.12 26.61 -20.49
C ARG A 34 -3.21 27.67 -20.67
N ASP A 35 -4.39 27.19 -21.03
CA ASP A 35 -5.54 28.07 -21.23
C ASP A 35 -5.83 28.88 -19.98
N LEU A 36 -5.80 28.21 -18.83
CA LEU A 36 -6.04 28.88 -17.55
C LEU A 36 -4.85 29.78 -17.21
N ASN A 37 -3.65 29.22 -17.39
CA ASN A 37 -2.39 29.93 -17.13
C ASN A 37 -2.29 30.39 -15.68
N LEU A 38 -1.77 29.50 -14.83
CA LEU A 38 -1.61 29.80 -13.42
C LEU A 38 -0.19 29.51 -12.98
N GLY A 39 0.33 30.33 -12.06
CA GLY A 39 1.68 30.14 -11.57
C GLY A 39 1.71 29.17 -10.40
N GLU A 40 1.40 29.69 -9.22
CA GLU A 40 1.37 28.88 -8.00
C GLU A 40 0.05 28.12 -7.92
N MET A 41 -0.98 28.73 -8.50
CA MET A 41 -2.31 28.13 -8.50
C MET A 41 -2.31 26.87 -9.39
N LYS A 42 -1.26 26.72 -10.18
CA LYS A 42 -1.10 25.59 -11.07
C LYS A 42 -0.95 24.29 -10.28
N SER A 43 -0.42 24.40 -9.06
CA SER A 43 -0.22 23.25 -8.21
C SER A 43 -1.55 22.77 -7.62
N GLY A 44 -2.59 23.60 -7.79
CA GLY A 44 -3.91 23.25 -7.29
C GLY A 44 -4.48 22.04 -8.00
N VAL A 45 -4.40 22.05 -9.34
CA VAL A 45 -4.90 20.94 -10.15
C VAL A 45 -4.46 19.57 -9.64
N PRO A 46 -3.13 19.32 -9.51
CA PRO A 46 -2.61 18.03 -9.01
C PRO A 46 -3.17 17.68 -7.63
N VAL A 47 -3.44 18.71 -6.83
CA VAL A 47 -3.98 18.50 -5.48
C VAL A 47 -5.38 17.93 -5.61
N LEU A 48 -6.21 18.56 -6.44
CA LEU A 48 -7.57 18.11 -6.67
C LEU A 48 -7.57 16.72 -7.27
N ALA A 49 -6.80 16.52 -8.34
CA ALA A 49 -6.69 15.22 -8.99
C ALA A 49 -6.45 14.08 -7.99
N VAL A 50 -5.76 14.39 -6.89
CA VAL A 50 -5.49 13.37 -5.90
C VAL A 50 -6.67 13.24 -4.97
N SER A 51 -7.22 14.36 -4.57
CA SER A 51 -8.33 14.33 -3.65
C SER A 51 -9.61 13.87 -4.29
N LEU A 52 -9.70 14.03 -5.57
CA LEU A 52 -10.93 13.73 -6.23
C LEU A 52 -11.04 12.23 -6.52
N ALA A 53 -9.93 11.51 -6.42
CA ALA A 53 -9.94 10.09 -6.73
C ALA A 53 -10.26 9.23 -5.52
N LEU A 54 -10.20 9.83 -4.34
CA LEU A 54 -10.36 9.13 -3.07
C LEU A 54 -11.72 8.47 -2.88
N GLU A 55 -12.78 9.18 -3.23
CA GLU A 55 -14.15 8.67 -3.07
C GLU A 55 -14.39 7.51 -4.02
N GLY A 56 -13.89 7.64 -5.24
CA GLY A 56 -14.01 6.58 -6.23
C GLY A 56 -13.15 5.38 -5.90
N LYS A 57 -13.26 4.35 -6.72
CA LYS A 57 -12.51 3.13 -6.52
C LYS A 57 -11.04 3.30 -6.87
N ALA A 58 -10.24 2.31 -6.51
CA ALA A 58 -8.80 2.32 -6.73
C ALA A 58 -8.43 2.51 -8.20
N SER A 59 -9.24 1.95 -9.10
CA SER A 59 -8.99 2.07 -10.53
C SER A 59 -8.96 3.52 -10.97
N HIS A 60 -9.78 4.34 -10.32
CA HIS A 60 -9.84 5.76 -10.65
C HIS A 60 -8.59 6.49 -10.18
N ARG A 61 -7.90 5.91 -9.20
CA ARG A 61 -6.69 6.50 -8.66
C ARG A 61 -5.48 6.39 -9.61
N GLU A 62 -5.08 5.16 -9.94
CA GLU A 62 -3.94 4.92 -10.85
C GLU A 62 -4.01 5.73 -12.13
N MET A 63 -5.21 5.85 -12.68
CA MET A 63 -5.40 6.60 -13.91
C MET A 63 -4.97 8.05 -13.68
N THR A 64 -5.19 8.51 -12.48
CA THR A 64 -4.83 9.86 -12.14
C THR A 64 -3.39 9.96 -11.67
N SER A 65 -2.75 8.82 -11.30
CA SER A 65 -1.42 8.89 -10.67
C SER A 65 -0.34 9.25 -11.68
N LYS A 66 -0.45 8.68 -12.88
CA LYS A 66 0.51 8.96 -13.96
C LYS A 66 0.35 10.41 -14.43
N LEU A 67 -0.80 10.99 -14.12
CA LEU A 67 -1.14 12.35 -14.56
C LEU A 67 -0.07 13.33 -14.11
N LEU A 68 0.52 13.05 -12.96
CA LEU A 68 1.56 13.91 -12.40
C LEU A 68 2.78 13.91 -13.33
N SER A 69 3.37 12.74 -13.54
CA SER A 69 4.52 12.58 -14.43
C SER A 69 4.21 13.04 -15.85
N ASP A 70 2.95 12.91 -16.22
CA ASP A 70 2.51 13.31 -17.55
C ASP A 70 2.50 14.83 -17.66
N LEU A 71 1.86 15.47 -16.68
CA LEU A 71 1.77 16.93 -16.65
C LEU A 71 3.11 17.61 -16.38
N CYS A 72 3.92 17.04 -15.49
CA CYS A 72 5.21 17.63 -15.19
C CYS A 72 6.14 17.50 -16.37
N GLY A 73 6.93 18.53 -16.61
CA GLY A 73 7.84 18.53 -17.75
C GLY A 73 7.14 19.10 -18.96
N THR A 74 5.84 18.83 -19.06
CA THR A 74 5.05 19.31 -20.17
C THR A 74 4.52 20.71 -19.87
N VAL A 75 3.75 20.83 -18.78
CA VAL A 75 3.17 22.12 -18.39
C VAL A 75 3.32 22.36 -16.89
N MET A 76 4.20 21.60 -16.25
CA MET A 76 4.41 21.73 -14.81
C MET A 76 5.87 21.49 -14.46
N SER A 77 6.34 22.14 -13.39
CA SER A 77 7.71 21.99 -12.96
C SER A 77 7.78 21.07 -11.73
N THR A 78 8.87 20.32 -11.63
CA THR A 78 9.12 19.42 -10.49
C THR A 78 8.75 20.05 -9.14
N THR A 79 9.07 21.32 -8.96
CA THR A 79 8.77 22.03 -7.72
C THR A 79 7.25 22.12 -7.49
N ASP A 80 6.52 22.32 -8.59
CA ASP A 80 5.06 22.41 -8.53
C ASP A 80 4.48 21.10 -7.99
N VAL A 81 5.09 20.00 -8.37
CA VAL A 81 4.66 18.67 -7.94
C VAL A 81 4.81 18.55 -6.42
N GLU A 82 6.00 18.90 -5.93
CA GLU A 82 6.27 18.83 -4.50
C GLU A 82 5.33 19.76 -3.72
N LYS A 83 5.05 20.92 -4.30
CA LYS A 83 4.16 21.90 -3.68
C LYS A 83 2.75 21.33 -3.52
N SER A 84 2.34 20.49 -4.47
CA SER A 84 1.01 19.90 -4.44
C SER A 84 0.86 18.98 -3.22
N PHE A 85 1.82 18.09 -3.03
CA PHE A 85 1.78 17.16 -1.89
C PHE A 85 1.77 17.92 -0.58
N ASP A 86 2.57 18.98 -0.52
CA ASP A 86 2.67 19.81 0.68
C ASP A 86 1.29 20.40 1.01
N LYS A 87 0.67 21.03 0.02
CA LYS A 87 -0.65 21.62 0.18
C LYS A 87 -1.71 20.56 0.47
N LEU A 88 -1.56 19.39 -0.15
CA LEU A 88 -2.50 18.29 0.04
C LEU A 88 -2.50 17.80 1.49
N LEU A 89 -1.32 17.39 1.97
CA LEU A 89 -1.14 16.93 3.35
C LEU A 89 -1.87 17.79 4.38
N LYS A 90 -1.96 19.10 4.12
CA LYS A 90 -2.63 20.01 5.03
C LYS A 90 -4.16 19.90 5.00
N ASP A 91 -4.72 19.58 3.83
CA ASP A 91 -6.17 19.46 3.68
C ASP A 91 -6.68 18.09 4.16
N LEU A 92 -5.87 17.06 3.91
CA LEU A 92 -6.16 15.68 4.35
C LEU A 92 -6.99 15.53 5.63
N PRO A 93 -6.63 16.20 6.75
CA PRO A 93 -7.40 16.13 8.00
C PRO A 93 -8.93 16.25 7.82
N GLU A 94 -9.41 16.95 6.77
CA GLU A 94 -10.86 17.10 6.57
C GLU A 94 -11.47 15.89 5.88
N LEU A 95 -11.02 15.58 4.67
CA LEU A 95 -11.52 14.41 3.94
C LEU A 95 -11.25 13.07 4.65
N ALA A 96 -10.33 13.07 5.60
CA ALA A 96 -10.02 11.86 6.35
C ALA A 96 -11.24 11.42 7.18
N LEU A 97 -12.12 12.38 7.45
CA LEU A 97 -13.33 12.11 8.22
C LEU A 97 -14.30 11.19 7.46
N ASP A 98 -14.62 11.55 6.24
CA ASP A 98 -15.55 10.76 5.42
C ASP A 98 -14.85 9.59 4.74
N THR A 99 -13.58 9.43 5.00
CA THR A 99 -12.81 8.35 4.42
C THR A 99 -11.67 7.94 5.34
N PRO A 100 -11.91 6.91 6.19
CA PRO A 100 -10.90 6.41 7.14
C PRO A 100 -9.60 5.99 6.46
N ARG A 101 -9.69 5.62 5.18
CA ARG A 101 -8.52 5.20 4.43
C ARG A 101 -8.00 6.30 3.51
N ALA A 102 -8.52 7.52 3.66
CA ALA A 102 -8.11 8.64 2.83
C ALA A 102 -6.61 8.94 2.92
N PRO A 103 -6.06 9.24 4.12
CA PRO A 103 -4.64 9.54 4.27
C PRO A 103 -3.77 8.40 3.77
N GLN A 104 -4.12 7.17 4.17
CA GLN A 104 -3.40 5.98 3.74
C GLN A 104 -3.31 5.90 2.22
N LEU A 105 -4.43 6.11 1.54
CA LEU A 105 -4.47 6.08 0.08
C LEU A 105 -3.60 7.20 -0.48
N VAL A 106 -3.68 8.37 0.15
CA VAL A 106 -2.88 9.52 -0.25
C VAL A 106 -1.40 9.17 -0.21
N GLY A 107 -0.97 8.51 0.88
CA GLY A 107 0.42 8.10 1.01
C GLY A 107 0.93 7.34 -0.22
N GLN A 108 0.08 6.50 -0.79
CA GLN A 108 0.45 5.72 -1.97
C GLN A 108 0.78 6.66 -3.14
N PHE A 109 0.03 7.76 -3.21
CA PHE A 109 0.23 8.74 -4.26
C PHE A 109 1.58 9.42 -4.16
N ILE A 110 2.11 9.55 -2.95
CA ILE A 110 3.39 10.22 -2.77
C ILE A 110 4.51 9.28 -3.22
N ALA A 111 4.47 8.05 -2.68
CA ALA A 111 5.44 7.02 -3.04
C ALA A 111 5.48 6.83 -4.56
N ARG A 112 4.34 7.03 -5.18
CA ARG A 112 4.20 6.91 -6.62
C ARG A 112 5.06 7.97 -7.34
N ALA A 113 4.99 9.21 -6.88
CA ALA A 113 5.75 10.31 -7.47
C ALA A 113 7.25 10.08 -7.29
N VAL A 114 7.61 9.48 -6.16
CA VAL A 114 9.01 9.18 -5.87
C VAL A 114 9.49 8.09 -6.82
N GLY A 115 8.54 7.29 -7.28
CA GLY A 115 8.85 6.18 -8.16
C GLY A 115 9.07 6.69 -9.57
N ASP A 116 8.25 7.65 -9.98
CA ASP A 116 8.35 8.23 -11.33
C ASP A 116 9.46 9.27 -11.40
N GLY A 117 10.13 9.49 -10.28
CA GLY A 117 11.23 10.44 -10.22
C GLY A 117 10.79 11.86 -9.92
N ILE A 118 9.65 12.25 -10.47
CA ILE A 118 9.04 13.58 -10.27
C ILE A 118 9.01 14.11 -8.83
N LEU A 119 9.33 13.29 -7.85
CA LEU A 119 9.34 13.73 -6.46
C LEU A 119 10.59 13.19 -5.76
N CYS A 120 11.29 14.07 -5.07
CA CYS A 120 12.49 13.68 -4.36
C CYS A 120 12.15 12.82 -3.15
N ASN A 121 12.88 11.71 -3.01
CA ASN A 121 12.65 10.78 -1.91
C ASN A 121 12.94 11.42 -0.56
N THR A 122 13.80 12.43 -0.57
CA THR A 122 14.17 13.13 0.65
C THR A 122 13.03 14.00 1.20
N TYR A 123 11.87 13.96 0.52
CA TYR A 123 10.73 14.74 0.97
C TYR A 123 10.26 14.19 2.32
N ILE A 124 10.35 12.87 2.46
CA ILE A 124 9.95 12.20 3.69
C ILE A 124 10.87 12.63 4.83
N ASP A 125 12.15 12.77 4.52
CA ASP A 125 13.13 13.18 5.51
C ASP A 125 12.84 14.59 6.01
N SER A 126 12.42 15.45 5.08
CA SER A 126 12.07 16.82 5.41
C SER A 126 10.82 16.88 6.29
N TYR A 127 9.96 15.89 6.17
CA TYR A 127 8.77 15.83 6.98
C TYR A 127 8.95 14.68 7.98
N LYS A 128 10.16 14.60 8.52
CA LYS A 128 10.53 13.53 9.46
C LYS A 128 10.50 13.86 10.94
N GLY A 129 9.38 14.35 11.43
CA GLY A 129 9.34 14.66 12.85
C GLY A 129 8.96 16.10 13.00
N THR A 130 8.77 16.67 11.85
CA THR A 130 8.38 18.04 11.68
C THR A 130 6.88 18.10 11.42
N VAL A 131 6.23 16.95 11.58
CA VAL A 131 4.78 16.84 11.37
C VAL A 131 4.03 16.76 12.69
N ASP A 132 3.12 17.69 12.88
CA ASP A 132 2.34 17.75 14.12
C ASP A 132 1.01 16.99 14.00
N CYS A 133 0.54 16.77 12.77
CA CYS A 133 -0.71 16.06 12.56
C CYS A 133 -0.49 14.57 12.36
N VAL A 134 -1.21 13.76 13.14
CA VAL A 134 -1.10 12.31 13.04
C VAL A 134 -1.47 11.81 11.64
N GLN A 135 -2.62 12.27 11.12
CA GLN A 135 -3.07 11.89 9.78
C GLN A 135 -1.98 12.11 8.74
N ALA A 136 -1.34 13.27 8.80
CA ALA A 136 -0.26 13.60 7.88
C ALA A 136 0.94 12.68 8.09
N ARG A 137 1.27 12.42 9.35
CA ARG A 137 2.38 11.55 9.69
C ARG A 137 2.15 10.13 9.17
N ALA A 138 0.95 9.60 9.42
CA ALA A 138 0.60 8.25 8.98
C ALA A 138 0.69 8.14 7.45
N ALA A 139 0.23 9.16 6.75
CA ALA A 139 0.27 9.18 5.29
C ALA A 139 1.71 9.06 4.79
N LEU A 140 2.61 9.79 5.40
CA LEU A 140 4.00 9.76 5.02
C LEU A 140 4.67 8.46 5.44
N ASP A 141 4.33 7.98 6.63
CA ASP A 141 4.89 6.74 7.15
C ASP A 141 4.58 5.57 6.22
N LYS A 142 3.29 5.35 5.97
CA LYS A 142 2.85 4.28 5.09
C LYS A 142 3.49 4.42 3.70
N ALA A 143 3.64 5.67 3.25
CA ALA A 143 4.25 5.95 1.95
C ALA A 143 5.69 5.45 1.90
N THR A 144 6.34 5.48 3.05
CA THR A 144 7.72 5.04 3.15
C THR A 144 7.82 3.52 2.94
N VAL A 145 6.81 2.79 3.36
CA VAL A 145 6.81 1.33 3.23
C VAL A 145 6.58 0.91 1.79
N LEU A 146 5.65 1.58 1.12
CA LEU A 146 5.29 1.27 -0.27
C LEU A 146 6.51 1.30 -1.19
N LEU A 147 7.42 2.22 -0.92
CA LEU A 147 8.64 2.35 -1.72
C LEU A 147 9.47 1.07 -1.66
N SER A 148 9.48 0.42 -0.50
CA SER A 148 10.24 -0.81 -0.30
C SER A 148 9.55 -2.01 -0.93
N MET A 149 8.23 -1.92 -1.04
CA MET A 149 7.44 -3.01 -1.58
C MET A 149 7.41 -3.02 -3.11
N SER A 150 7.99 -1.99 -3.70
CA SER A 150 8.03 -1.86 -5.16
C SER A 150 9.35 -2.38 -5.76
N LYS A 151 10.19 -3.00 -4.93
CA LYS A 151 11.46 -3.55 -5.38
C LYS A 151 11.68 -4.94 -4.80
N GLY A 152 11.89 -5.93 -5.67
CA GLY A 152 12.10 -7.28 -5.18
C GLY A 152 12.39 -8.28 -6.28
N GLY A 153 13.55 -8.90 -6.23
CA GLY A 153 13.93 -9.88 -7.23
C GLY A 153 13.15 -11.17 -7.09
N LYS A 154 12.64 -11.39 -5.89
CA LYS A 154 11.85 -12.60 -5.62
C LYS A 154 10.36 -12.32 -5.81
N ARG A 155 10.02 -11.05 -5.91
CA ARG A 155 8.63 -10.63 -6.09
C ARG A 155 8.27 -10.63 -7.58
N LYS A 156 9.28 -10.53 -8.42
CA LYS A 156 9.08 -10.50 -9.87
C LYS A 156 9.95 -11.56 -10.55
N ASP A 157 10.04 -11.49 -11.87
CA ASP A 157 10.84 -12.43 -12.64
C ASP A 157 12.30 -12.00 -12.62
N SER A 158 13.20 -12.96 -12.80
CA SER A 158 14.63 -12.68 -12.80
C SER A 158 15.27 -13.06 -14.13
N VAL A 159 14.45 -13.35 -15.12
CA VAL A 159 14.95 -13.73 -16.45
C VAL A 159 14.47 -12.74 -17.51
N TRP A 160 15.39 -12.27 -18.34
CA TRP A 160 15.06 -11.33 -19.39
C TRP A 160 14.51 -12.08 -20.61
N GLY A 161 13.36 -11.64 -21.11
CA GLY A 161 12.76 -12.28 -22.26
C GLY A 161 12.94 -11.46 -23.52
N SER A 162 12.03 -10.54 -23.76
CA SER A 162 12.10 -9.67 -24.92
C SER A 162 11.82 -8.23 -24.53
N GLY A 163 10.83 -8.03 -23.66
CA GLY A 163 10.49 -6.69 -23.23
C GLY A 163 9.06 -6.35 -23.53
N GLY B 1 6.09 -5.54 -24.02
CA GLY B 1 5.88 -4.07 -23.96
C GLY B 1 4.49 -3.70 -24.43
N GLY B 2 4.17 -2.42 -24.39
CA GLY B 2 2.88 -1.96 -24.83
C GLY B 2 2.06 -1.41 -23.69
N GLN B 3 0.91 -1.99 -23.45
CA GLN B 3 0.02 -1.55 -22.39
C GLN B 3 0.24 -2.37 -21.12
N GLN B 4 -0.51 -2.05 -20.08
CA GLN B 4 -0.40 -2.76 -18.82
C GLN B 4 -1.72 -3.48 -18.51
N PRO B 5 -1.70 -4.81 -18.46
CA PRO B 5 -2.89 -5.62 -18.18
C PRO B 5 -3.33 -5.47 -16.73
N VAL B 6 -4.49 -6.02 -16.41
CA VAL B 6 -5.02 -5.95 -15.05
C VAL B 6 -4.14 -6.76 -14.10
N ASN B 7 -3.79 -6.16 -12.98
CA ASN B 7 -2.95 -6.83 -11.99
C ASN B 7 -3.69 -7.98 -11.31
N HIS B 8 -2.95 -9.01 -10.96
CA HIS B 8 -3.53 -10.17 -10.29
C HIS B 8 -2.48 -10.83 -9.40
N LEU B 9 -2.79 -10.90 -8.10
CA LEU B 9 -1.91 -11.52 -7.09
C LEU B 9 -0.62 -10.73 -6.81
N VAL B 10 0.08 -10.34 -7.87
CA VAL B 10 1.33 -9.61 -7.77
C VAL B 10 1.18 -8.35 -6.90
N LYS B 11 2.17 -8.15 -6.02
CA LYS B 11 2.22 -7.00 -5.12
C LYS B 11 1.22 -7.09 -3.98
N GLU B 12 -0.07 -7.08 -4.30
CA GLU B 12 -1.15 -7.13 -3.31
C GLU B 12 -0.88 -8.05 -2.12
N ILE B 13 -0.69 -9.34 -2.39
CA ILE B 13 -0.45 -10.33 -1.34
C ILE B 13 0.76 -9.98 -0.49
N ASP B 14 1.90 -9.81 -1.15
CA ASP B 14 3.15 -9.51 -0.47
C ASP B 14 3.14 -8.15 0.24
N MET B 15 2.43 -7.19 -0.34
CA MET B 15 2.38 -5.84 0.23
C MET B 15 1.64 -5.81 1.55
N LEU B 16 0.51 -6.49 1.62
CA LEU B 16 -0.27 -6.51 2.84
C LEU B 16 0.57 -7.04 3.99
N LEU B 17 1.42 -7.99 3.68
CA LEU B 17 2.32 -8.58 4.66
C LEU B 17 3.49 -7.66 5.01
N LYS B 18 4.20 -7.17 3.99
CA LYS B 18 5.37 -6.32 4.20
C LYS B 18 5.03 -4.92 4.72
N GLU B 19 3.90 -4.36 4.30
CA GLU B 19 3.50 -3.02 4.75
C GLU B 19 3.14 -3.04 6.23
N TYR B 20 2.48 -4.09 6.64
CA TYR B 20 2.03 -4.25 8.02
C TYR B 20 3.20 -4.19 9.01
N LEU B 21 4.36 -4.70 8.60
CA LEU B 21 5.53 -4.71 9.47
C LEU B 21 6.11 -3.31 9.68
N LEU B 22 6.00 -2.46 8.67
CA LEU B 22 6.53 -1.10 8.78
C LEU B 22 5.47 -0.09 9.23
N SER B 23 4.27 -0.20 8.68
CA SER B 23 3.18 0.72 9.03
C SER B 23 2.75 0.55 10.48
N GLY B 24 2.08 -0.56 10.78
CA GLY B 24 1.64 -0.81 12.13
C GLY B 24 0.18 -1.21 12.22
N ASP B 25 -0.72 -0.38 11.70
CA ASP B 25 -2.17 -0.65 11.76
C ASP B 25 -2.55 -1.85 10.91
N ILE B 26 -3.31 -2.78 11.49
CA ILE B 26 -3.72 -3.97 10.80
C ILE B 26 -4.88 -3.68 9.84
N SER B 27 -5.73 -2.70 10.22
CA SER B 27 -6.94 -2.36 9.45
C SER B 27 -6.69 -2.11 7.96
N GLU B 28 -5.55 -1.52 7.63
CA GLU B 28 -5.20 -1.26 6.24
C GLU B 28 -5.11 -2.54 5.44
N ALA B 29 -4.37 -3.49 5.97
CA ALA B 29 -4.18 -4.78 5.33
C ALA B 29 -5.48 -5.58 5.35
N GLU B 30 -6.23 -5.43 6.43
CA GLU B 30 -7.49 -6.13 6.60
C GLU B 30 -8.55 -5.64 5.60
N HIS B 31 -8.60 -4.34 5.36
CA HIS B 31 -9.56 -3.78 4.42
C HIS B 31 -9.18 -4.18 3.00
N CYS B 32 -7.88 -4.19 2.73
CA CYS B 32 -7.41 -4.59 1.43
C CYS B 32 -7.64 -6.08 1.20
N LEU B 33 -7.63 -6.83 2.30
CA LEU B 33 -7.92 -8.25 2.23
C LEU B 33 -9.33 -8.45 1.69
N LYS B 34 -10.22 -7.53 2.05
CA LYS B 34 -11.59 -7.57 1.57
C LYS B 34 -11.63 -7.19 0.08
N GLU B 35 -10.64 -6.43 -0.32
CA GLU B 35 -10.47 -5.98 -1.70
C GLU B 35 -10.13 -7.16 -2.66
N LEU B 36 -10.11 -8.40 -2.12
CA LEU B 36 -9.75 -9.59 -2.90
C LEU B 36 -11.02 -10.26 -3.44
N GLU B 37 -10.96 -11.55 -3.83
CA GLU B 37 -12.15 -12.23 -4.39
C GLU B 37 -12.47 -13.56 -3.71
N VAL B 38 -11.56 -14.54 -3.81
CA VAL B 38 -11.78 -15.84 -3.21
C VAL B 38 -10.92 -16.03 -1.97
N PRO B 39 -11.56 -16.32 -0.84
CA PRO B 39 -10.87 -16.52 0.44
C PRO B 39 -9.90 -17.70 0.42
N HIS B 40 -10.11 -18.63 -0.50
CA HIS B 40 -9.25 -19.82 -0.61
C HIS B 40 -7.81 -19.46 -0.95
N PHE B 41 -7.60 -18.32 -1.60
CA PHE B 41 -6.26 -17.90 -1.99
C PHE B 41 -5.50 -17.25 -0.84
N HIS B 42 -6.06 -17.30 0.37
CA HIS B 42 -5.40 -16.71 1.54
C HIS B 42 -4.27 -17.60 2.04
N HIS B 43 -4.22 -18.83 1.54
CA HIS B 43 -3.20 -19.82 1.91
C HIS B 43 -1.77 -19.26 1.76
N GLU B 44 -1.47 -18.73 0.59
CA GLU B 44 -0.15 -18.15 0.32
C GLU B 44 0.16 -16.97 1.24
N LEU B 45 -0.88 -16.20 1.56
CA LEU B 45 -0.75 -15.04 2.44
C LEU B 45 -0.35 -15.48 3.85
N VAL B 46 -0.79 -16.68 4.22
CA VAL B 46 -0.49 -17.23 5.54
C VAL B 46 0.93 -17.79 5.55
N TYR B 47 1.25 -18.56 4.52
CA TYR B 47 2.58 -19.15 4.34
C TYR B 47 3.69 -18.10 4.47
N GLU B 48 3.55 -17.00 3.72
CA GLU B 48 4.54 -15.93 3.74
C GLU B 48 4.68 -15.33 5.13
N ALA B 49 3.55 -15.16 5.83
CA ALA B 49 3.56 -14.62 7.18
C ALA B 49 4.49 -15.43 8.08
N ILE B 50 4.50 -16.74 7.93
CA ILE B 50 5.37 -17.60 8.72
C ILE B 50 6.83 -17.47 8.27
N VAL B 51 7.04 -17.38 6.96
CA VAL B 51 8.37 -17.22 6.37
C VAL B 51 9.04 -15.97 6.94
N MET B 52 8.30 -14.87 6.91
CA MET B 52 8.77 -13.59 7.43
C MET B 52 9.32 -13.68 8.85
N VAL B 53 8.88 -14.70 9.58
CA VAL B 53 9.27 -14.83 10.98
C VAL B 53 10.65 -15.49 11.10
N LEU B 54 10.92 -16.47 10.24
CA LEU B 54 12.19 -17.20 10.28
C LEU B 54 13.23 -16.61 9.33
N GLU B 55 12.86 -15.58 8.59
CA GLU B 55 13.77 -14.93 7.65
C GLU B 55 14.11 -13.52 8.14
N SER B 56 13.60 -13.16 9.31
CA SER B 56 13.85 -11.83 9.87
C SER B 56 14.57 -11.96 11.21
N THR B 57 15.43 -11.00 11.51
CA THR B 57 16.17 -11.00 12.77
C THR B 57 15.59 -9.97 13.75
N GLY B 58 15.27 -10.42 14.95
CA GLY B 58 14.73 -9.53 15.96
C GLY B 58 13.54 -10.14 16.67
N GLU B 59 12.71 -9.31 17.27
CA GLU B 59 11.53 -9.78 17.99
C GLU B 59 10.28 -9.02 17.57
N SER B 60 10.46 -7.79 17.09
CA SER B 60 9.34 -6.97 16.65
C SER B 60 8.70 -7.63 15.44
N ALA B 61 9.50 -8.33 14.68
CA ALA B 61 8.99 -9.03 13.52
C ALA B 61 8.17 -10.24 13.95
N PHE B 62 8.44 -10.80 15.12
CA PHE B 62 7.72 -11.96 15.59
C PHE B 62 6.34 -11.61 16.16
N LYS B 63 6.34 -10.96 17.32
CA LYS B 63 5.13 -10.55 18.01
C LYS B 63 4.14 -9.77 17.17
N MET B 64 4.67 -9.06 16.21
CA MET B 64 3.85 -8.21 15.38
C MET B 64 3.26 -9.03 14.24
N ILE B 65 4.10 -9.87 13.63
CA ILE B 65 3.69 -10.68 12.49
C ILE B 65 2.70 -11.80 12.87
N LEU B 66 2.91 -12.48 14.00
CA LEU B 66 2.00 -13.53 14.41
C LEU B 66 0.68 -12.92 14.84
N ASP B 67 0.77 -11.73 15.42
CA ASP B 67 -0.39 -10.98 15.88
C ASP B 67 -1.28 -10.62 14.71
N LEU B 68 -0.69 -10.58 13.51
CA LEU B 68 -1.43 -10.26 12.30
C LEU B 68 -2.46 -11.35 12.04
N LEU B 69 -2.09 -12.59 12.33
CA LEU B 69 -2.97 -13.72 12.11
C LEU B 69 -4.10 -13.70 13.14
N LYS B 70 -3.73 -13.63 14.42
CA LYS B 70 -4.72 -13.57 15.52
C LYS B 70 -5.71 -12.44 15.30
N SER B 71 -5.25 -11.36 14.65
CA SER B 71 -6.09 -10.20 14.39
C SER B 71 -7.10 -10.54 13.30
N LEU B 72 -6.62 -11.22 12.28
CA LEU B 72 -7.46 -11.60 11.16
C LEU B 72 -8.41 -12.74 11.52
N TRP B 73 -8.00 -13.63 12.42
CA TRP B 73 -8.86 -14.74 12.83
C TRP B 73 -10.09 -14.25 13.57
N LYS B 74 -9.87 -13.46 14.63
CA LYS B 74 -10.98 -12.88 15.40
C LYS B 74 -11.95 -12.10 14.52
N SER B 75 -11.48 -11.64 13.38
CA SER B 75 -12.33 -10.88 12.46
C SER B 75 -12.99 -11.85 11.46
N SER B 76 -12.55 -13.10 11.53
CA SER B 76 -13.06 -14.18 10.68
C SER B 76 -12.65 -13.98 9.23
N THR B 77 -11.42 -13.53 9.02
CA THR B 77 -10.90 -13.28 7.68
C THR B 77 -9.94 -14.37 7.22
N ILE B 78 -9.73 -15.38 8.06
CA ILE B 78 -8.83 -16.49 7.72
C ILE B 78 -9.55 -17.83 7.89
N THR B 79 -9.31 -18.75 6.97
CA THR B 79 -9.93 -20.06 7.04
C THR B 79 -8.95 -21.09 7.57
N ILE B 80 -9.42 -21.90 8.52
CA ILE B 80 -8.61 -22.95 9.13
C ILE B 80 -7.90 -23.84 8.09
N ASP B 81 -8.59 -24.12 6.97
CA ASP B 81 -8.03 -24.93 5.91
C ASP B 81 -6.74 -24.31 5.37
N GLN B 82 -6.80 -23.00 5.16
CA GLN B 82 -5.66 -22.25 4.65
C GLN B 82 -4.49 -22.28 5.61
N MET B 83 -4.76 -22.02 6.88
CA MET B 83 -3.73 -22.03 7.93
C MET B 83 -3.11 -23.42 8.09
N LYS B 84 -3.93 -24.46 7.96
CA LYS B 84 -3.43 -25.83 8.09
C LYS B 84 -2.43 -26.10 6.98
N ARG B 85 -2.82 -25.75 5.77
CA ARG B 85 -1.97 -25.95 4.60
C ARG B 85 -0.70 -25.11 4.70
N GLY B 86 -0.83 -23.91 5.27
CA GLY B 86 0.31 -23.04 5.44
C GLY B 86 1.37 -23.68 6.32
N TYR B 87 0.91 -24.31 7.39
CA TYR B 87 1.80 -24.98 8.32
C TYR B 87 2.39 -26.23 7.69
N GLU B 88 1.56 -26.95 6.93
CA GLU B 88 2.00 -28.16 6.26
C GLU B 88 3.14 -27.87 5.29
N ARG B 89 3.10 -26.70 4.69
CA ARG B 89 4.14 -26.27 3.76
C ARG B 89 5.43 -26.00 4.51
N ILE B 90 5.31 -25.36 5.67
CA ILE B 90 6.48 -25.02 6.49
C ILE B 90 7.22 -26.30 6.92
N TYR B 91 6.46 -27.39 7.00
CA TYR B 91 7.04 -28.67 7.37
C TYR B 91 7.97 -29.15 6.27
N ASN B 92 7.72 -28.69 5.05
CA ASN B 92 8.54 -29.02 3.89
C ASN B 92 9.64 -27.97 3.68
N GLU B 93 9.33 -26.73 4.06
CA GLU B 93 10.27 -25.62 3.91
C GLU B 93 11.40 -25.70 4.92
N ILE B 94 11.10 -26.17 6.14
CA ILE B 94 12.10 -26.28 7.19
C ILE B 94 13.37 -27.02 6.74
N PRO B 95 13.25 -28.27 6.23
CA PRO B 95 14.42 -29.03 5.76
C PRO B 95 15.15 -28.33 4.61
N ASP B 96 14.42 -27.52 3.85
CA ASP B 96 15.00 -26.80 2.73
C ASP B 96 15.77 -25.56 3.22
N ILE B 97 15.17 -24.84 4.17
CA ILE B 97 15.77 -23.62 4.70
C ILE B 97 16.95 -23.92 5.63
N ASN B 98 16.78 -24.89 6.51
CA ASN B 98 17.82 -25.24 7.46
C ASN B 98 18.87 -26.16 6.84
N LEU B 99 18.41 -27.15 6.08
CA LEU B 99 19.30 -28.11 5.44
C LEU B 99 20.18 -28.80 6.50
N ASP B 100 19.54 -29.67 7.27
CA ASP B 100 20.20 -30.40 8.36
C ASP B 100 20.46 -29.47 9.54
N VAL B 101 20.90 -30.04 10.65
CA VAL B 101 21.17 -29.28 11.88
C VAL B 101 20.03 -28.31 12.21
N PRO B 102 18.82 -28.82 12.48
CA PRO B 102 17.66 -27.98 12.79
C PRO B 102 17.74 -27.40 14.20
N HIS B 103 18.44 -26.28 14.34
CA HIS B 103 18.60 -25.63 15.62
C HIS B 103 17.44 -24.69 15.91
N SER B 104 16.66 -24.38 14.89
CA SER B 104 15.52 -23.49 15.02
C SER B 104 14.29 -24.22 15.55
N TYR B 105 14.49 -25.44 16.04
CA TYR B 105 13.40 -26.24 16.59
C TYR B 105 12.77 -25.52 17.78
N SER B 106 13.60 -24.78 18.51
CA SER B 106 13.14 -24.03 19.67
C SER B 106 12.13 -22.94 19.27
N VAL B 107 12.39 -22.31 18.12
CA VAL B 107 11.53 -21.25 17.63
C VAL B 107 10.30 -21.85 16.96
N LEU B 108 10.53 -22.85 16.10
CA LEU B 108 9.45 -23.52 15.38
C LEU B 108 8.42 -24.12 16.32
N GLU B 109 8.87 -24.92 17.28
CA GLU B 109 7.97 -25.57 18.22
C GLU B 109 7.17 -24.55 19.01
N ARG B 110 7.88 -23.65 19.68
CA ARG B 110 7.23 -22.58 20.45
C ARG B 110 6.21 -21.82 19.62
N PHE B 111 6.53 -21.59 18.36
CA PHE B 111 5.64 -20.89 17.46
C PHE B 111 4.33 -21.68 17.27
N VAL B 112 4.45 -22.99 17.10
CA VAL B 112 3.29 -23.84 16.89
C VAL B 112 2.47 -24.01 18.17
N GLU B 113 3.17 -24.28 19.28
CA GLU B 113 2.51 -24.47 20.56
C GLU B 113 1.80 -23.20 21.02
N GLU B 114 2.37 -22.05 20.64
CA GLU B 114 1.80 -20.76 20.99
C GLU B 114 0.51 -20.60 20.19
N CYS B 115 0.59 -20.97 18.92
CA CYS B 115 -0.54 -20.89 18.02
C CYS B 115 -1.70 -21.78 18.46
N PHE B 116 -1.41 -23.00 18.91
CA PHE B 116 -2.46 -23.91 19.35
C PHE B 116 -3.17 -23.39 20.59
N GLN B 117 -2.39 -22.97 21.58
CA GLN B 117 -2.93 -22.44 22.83
C GLN B 117 -3.95 -21.32 22.61
N ALA B 118 -3.84 -20.63 21.48
CA ALA B 118 -4.77 -19.55 21.14
C ALA B 118 -6.15 -20.10 20.79
N GLY B 119 -6.21 -21.40 20.50
CA GLY B 119 -7.47 -22.03 20.15
C GLY B 119 -7.89 -21.76 18.72
N ILE B 120 -6.92 -21.55 17.85
CA ILE B 120 -7.23 -21.27 16.45
C ILE B 120 -7.09 -22.53 15.59
N ILE B 121 -6.15 -23.40 15.96
CA ILE B 121 -5.93 -24.64 15.25
C ILE B 121 -6.35 -25.85 16.08
N SER B 122 -5.99 -27.04 15.62
CA SER B 122 -6.33 -28.28 16.31
C SER B 122 -5.08 -29.09 16.64
N LYS B 123 -5.24 -30.13 17.45
CA LYS B 123 -4.13 -31.00 17.85
C LYS B 123 -3.59 -31.76 16.65
N GLN B 124 -4.46 -31.97 15.67
CA GLN B 124 -4.12 -32.68 14.44
C GLN B 124 -2.95 -32.01 13.73
N LEU B 125 -2.92 -30.68 13.79
CA LEU B 125 -1.86 -29.91 13.15
C LEU B 125 -0.54 -30.02 13.93
N ARG B 126 -0.62 -29.89 15.24
CA ARG B 126 0.57 -29.99 16.08
C ARG B 126 1.21 -31.39 15.96
N ASP B 127 0.39 -32.39 15.65
CA ASP B 127 0.90 -33.76 15.50
C ASP B 127 1.71 -33.89 14.21
N LEU B 128 1.46 -33.00 13.27
CA LEU B 128 2.15 -33.01 11.99
C LEU B 128 3.52 -32.36 12.09
N CYS B 129 3.76 -31.63 13.17
CA CYS B 129 5.04 -30.96 13.34
C CYS B 129 6.05 -31.89 14.03
N PRO B 130 7.34 -31.73 13.73
CA PRO B 130 8.41 -32.54 14.34
C PRO B 130 8.65 -32.17 15.80
N SER B 131 7.65 -32.41 16.63
CA SER B 131 7.73 -32.10 18.05
C SER B 131 8.27 -33.27 18.83
N GLY A 1 2.85 32.09 -1.81
CA GLY A 1 2.27 31.94 -0.46
C GLY A 1 0.85 31.40 -0.49
N LEU A 2 -0.10 32.26 -0.80
CA LEU A 2 -1.51 31.88 -0.86
C LEU A 2 -2.11 32.29 -2.21
N PRO A 3 -2.89 31.39 -2.82
CA PRO A 3 -3.52 31.64 -4.13
C PRO A 3 -4.80 32.48 -4.00
N LEU A 4 -5.26 33.03 -5.11
CA LEU A 4 -6.46 33.85 -5.12
C LEU A 4 -7.60 33.15 -5.84
N ASP A 5 -8.84 33.49 -5.47
CA ASP A 5 -10.05 32.92 -6.07
C ASP A 5 -10.00 31.39 -6.07
N GLU A 6 -9.75 30.83 -4.88
CA GLU A 6 -9.65 29.39 -4.71
C GLU A 6 -10.95 28.69 -5.06
N ARG A 7 -12.06 29.29 -4.67
CA ARG A 7 -13.37 28.70 -4.92
C ARG A 7 -13.72 28.69 -6.41
N ALA A 8 -13.38 29.77 -7.10
CA ALA A 8 -13.63 29.89 -8.53
C ALA A 8 -12.81 28.87 -9.31
N PHE A 9 -11.67 28.53 -8.74
CA PHE A 9 -10.75 27.58 -9.36
C PHE A 9 -11.29 26.17 -9.22
N GLU A 10 -11.65 25.79 -8.01
CA GLU A 10 -12.18 24.46 -7.73
C GLU A 10 -13.51 24.23 -8.44
N LYS A 11 -14.35 25.25 -8.45
CA LYS A 11 -15.66 25.16 -9.08
C LYS A 11 -15.55 24.94 -10.59
N THR A 12 -14.57 25.58 -11.20
CA THR A 12 -14.36 25.46 -12.64
C THR A 12 -13.59 24.20 -13.08
N LEU A 13 -12.52 23.87 -12.36
CA LEU A 13 -11.66 22.73 -12.71
C LEU A 13 -12.32 21.36 -12.49
N THR A 14 -13.22 21.27 -11.52
CA THR A 14 -13.89 20.00 -11.20
C THR A 14 -14.47 19.28 -12.44
N PRO A 15 -15.42 19.91 -13.18
CA PRO A 15 -16.04 19.28 -14.36
C PRO A 15 -15.01 18.86 -15.40
N ILE A 16 -13.95 19.63 -15.54
CA ILE A 16 -12.90 19.35 -16.48
C ILE A 16 -12.11 18.12 -16.04
N ILE A 17 -11.63 18.16 -14.82
CA ILE A 17 -10.84 17.05 -14.25
C ILE A 17 -11.59 15.72 -14.27
N GLN A 18 -12.90 15.75 -14.02
CA GLN A 18 -13.69 14.51 -14.00
C GLN A 18 -13.65 13.81 -15.36
N GLU A 19 -14.01 14.54 -16.41
CA GLU A 19 -14.01 14.02 -17.78
C GLU A 19 -12.67 13.36 -18.14
N TYR A 20 -11.58 13.94 -17.64
CA TYR A 20 -10.25 13.39 -17.88
C TYR A 20 -10.18 11.91 -17.53
N PHE A 21 -10.67 11.56 -16.35
CA PHE A 21 -10.65 10.19 -15.85
C PHE A 21 -11.25 9.16 -16.80
N GLU A 22 -12.37 9.50 -17.43
CA GLU A 22 -13.05 8.59 -18.34
C GLU A 22 -12.27 8.23 -19.61
N HIS A 23 -11.74 9.21 -20.32
CA HIS A 23 -11.02 8.91 -21.55
C HIS A 23 -9.50 8.86 -21.39
N GLY A 24 -9.02 9.41 -20.27
CA GLY A 24 -7.60 9.41 -19.98
C GLY A 24 -6.77 10.17 -20.99
N ASP A 25 -6.99 11.47 -21.10
CA ASP A 25 -6.24 12.28 -22.03
C ASP A 25 -5.58 13.46 -21.34
N THR A 26 -4.26 13.40 -21.22
CA THR A 26 -3.51 14.47 -20.59
C THR A 26 -3.35 15.70 -21.49
N ASN A 27 -3.60 15.53 -22.79
CA ASN A 27 -3.45 16.61 -23.77
C ASN A 27 -4.43 17.74 -23.52
N GLU A 28 -5.73 17.43 -23.55
CA GLU A 28 -6.76 18.45 -23.34
C GLU A 28 -6.57 19.18 -22.01
N VAL A 29 -6.04 18.48 -21.02
CA VAL A 29 -5.79 19.07 -19.72
C VAL A 29 -4.69 20.14 -19.82
N ALA A 30 -3.61 19.80 -20.50
CA ALA A 30 -2.49 20.71 -20.67
C ALA A 30 -2.89 21.90 -21.52
N GLU A 31 -3.73 21.64 -22.52
CA GLU A 31 -4.20 22.69 -23.42
C GLU A 31 -4.96 23.78 -22.65
N MET A 32 -5.90 23.35 -21.82
CA MET A 32 -6.69 24.29 -21.02
C MET A 32 -5.84 24.97 -19.95
N LEU A 33 -4.90 24.22 -19.38
CA LEU A 33 -4.02 24.75 -18.35
C LEU A 33 -3.20 25.93 -18.85
N ARG A 34 -2.61 25.78 -20.03
CA ARG A 34 -1.81 26.84 -20.61
C ARG A 34 -2.64 28.10 -20.81
N ASP A 35 -3.90 27.93 -21.20
CA ASP A 35 -4.80 29.07 -21.40
C ASP A 35 -5.03 29.81 -20.08
N LEU A 36 -5.29 29.06 -19.03
CA LEU A 36 -5.51 29.63 -17.70
C LEU A 36 -4.25 30.33 -17.20
N ASN A 37 -3.10 29.73 -17.52
CA ASN A 37 -1.78 30.23 -17.11
C ASN A 37 -1.75 30.54 -15.62
N LEU A 38 -1.56 29.51 -14.81
CA LEU A 38 -1.53 29.68 -13.37
C LEU A 38 -0.12 29.71 -12.84
N GLY A 39 0.09 30.51 -11.80
CA GLY A 39 1.40 30.60 -11.19
C GLY A 39 1.62 29.52 -10.15
N GLU A 40 1.34 29.85 -8.90
CA GLU A 40 1.51 28.92 -7.80
C GLU A 40 0.29 28.01 -7.68
N MET A 41 -0.85 28.48 -8.18
CA MET A 41 -2.08 27.70 -8.14
C MET A 41 -2.03 26.55 -9.14
N LYS A 42 -0.91 26.46 -9.84
CA LYS A 42 -0.68 25.40 -10.82
C LYS A 42 -0.63 24.06 -10.09
N SER A 43 -0.05 24.08 -8.89
CA SER A 43 0.06 22.90 -8.06
C SER A 43 -1.32 22.48 -7.55
N GLY A 44 -2.13 23.49 -7.23
CA GLY A 44 -3.50 23.26 -6.78
C GLY A 44 -4.29 22.38 -7.73
N VAL A 45 -3.92 22.38 -9.01
CA VAL A 45 -4.62 21.59 -10.02
C VAL A 45 -4.51 20.09 -9.73
N PRO A 46 -3.27 19.51 -9.73
CA PRO A 46 -3.08 18.09 -9.43
C PRO A 46 -3.75 17.68 -8.13
N VAL A 47 -3.62 18.53 -7.09
CA VAL A 47 -4.24 18.26 -5.80
C VAL A 47 -5.75 18.12 -5.98
N LEU A 48 -6.33 19.16 -6.53
CA LEU A 48 -7.77 19.20 -6.82
C LEU A 48 -8.21 17.91 -7.53
N ALA A 49 -7.38 17.44 -8.45
CA ALA A 49 -7.66 16.20 -9.19
C ALA A 49 -7.52 14.97 -8.29
N VAL A 50 -6.57 15.03 -7.35
CA VAL A 50 -6.32 13.92 -6.42
C VAL A 50 -7.55 13.66 -5.55
N SER A 51 -7.98 14.70 -4.83
CA SER A 51 -9.15 14.64 -3.96
C SER A 51 -10.40 14.16 -4.73
N LEU A 52 -10.37 14.38 -6.04
CA LEU A 52 -11.46 13.97 -6.93
C LEU A 52 -11.47 12.45 -7.20
N ALA A 53 -10.30 11.92 -7.58
CA ALA A 53 -10.16 10.50 -7.90
C ALA A 53 -10.10 9.65 -6.64
N LEU A 54 -9.24 10.08 -5.71
CA LEU A 54 -9.05 9.44 -4.43
C LEU A 54 -10.29 9.36 -3.55
N GLU A 55 -11.47 9.70 -4.09
CA GLU A 55 -12.66 9.68 -3.27
C GLU A 55 -13.75 8.75 -3.86
N GLY A 56 -13.40 7.94 -4.87
CA GLY A 56 -14.39 7.04 -5.45
C GLY A 56 -13.93 5.59 -5.48
N LYS A 57 -13.29 5.21 -6.57
CA LYS A 57 -12.78 3.86 -6.72
C LYS A 57 -11.28 3.89 -6.96
N ALA A 58 -10.62 2.78 -6.60
CA ALA A 58 -9.17 2.65 -6.78
C ALA A 58 -8.78 2.73 -8.25
N SER A 59 -9.70 2.38 -9.13
CA SER A 59 -9.45 2.41 -10.56
C SER A 59 -9.00 3.81 -10.99
N HIS A 60 -9.83 4.82 -10.71
CA HIS A 60 -9.48 6.19 -11.05
C HIS A 60 -8.24 6.62 -10.28
N ARG A 61 -8.19 6.18 -9.02
CA ARG A 61 -7.07 6.48 -8.12
C ARG A 61 -5.72 6.16 -8.78
N GLU A 62 -5.57 4.94 -9.26
CA GLU A 62 -4.33 4.50 -9.91
C GLU A 62 -4.07 5.32 -11.18
N MET A 63 -5.18 5.61 -11.87
CA MET A 63 -5.21 6.37 -13.12
C MET A 63 -4.80 7.85 -13.00
N THR A 64 -4.57 8.29 -11.76
CA THR A 64 -4.24 9.70 -11.51
C THR A 64 -2.72 9.97 -11.69
N SER A 65 -1.90 8.90 -11.63
CA SER A 65 -0.43 9.01 -11.71
C SER A 65 0.01 9.61 -13.07
N LYS A 66 -0.65 9.14 -14.13
CA LYS A 66 -0.35 9.60 -15.49
C LYS A 66 -0.40 11.11 -15.59
N LEU A 67 -1.53 11.69 -15.16
CA LEU A 67 -1.73 13.14 -15.18
C LEU A 67 -0.55 13.91 -14.60
N LEU A 68 -0.09 13.51 -13.43
CA LEU A 68 1.04 14.17 -12.78
C LEU A 68 2.30 14.02 -13.63
N SER A 69 2.48 12.84 -14.21
CA SER A 69 3.65 12.54 -15.03
C SER A 69 3.76 13.42 -16.26
N ASP A 70 2.67 13.55 -17.04
CA ASP A 70 2.70 14.36 -18.26
C ASP A 70 2.89 15.84 -17.95
N LEU A 71 2.04 16.38 -17.08
CA LEU A 71 2.15 17.80 -16.69
C LEU A 71 3.54 18.11 -16.16
N CYS A 72 4.14 17.12 -15.51
CA CYS A 72 5.48 17.27 -14.97
C CYS A 72 6.49 17.38 -16.11
N GLY A 73 7.27 18.45 -16.12
CA GLY A 73 8.25 18.64 -17.18
C GLY A 73 7.69 19.44 -18.33
N THR A 74 6.39 19.37 -18.54
CA THR A 74 5.76 20.09 -19.63
C THR A 74 5.28 21.47 -19.18
N VAL A 75 4.10 21.51 -18.57
CA VAL A 75 3.53 22.77 -18.12
C VAL A 75 3.76 23.00 -16.62
N MET A 76 4.21 21.96 -15.94
CA MET A 76 4.45 22.04 -14.51
C MET A 76 5.82 21.46 -14.18
N SER A 77 6.66 22.26 -13.56
CA SER A 77 8.00 21.81 -13.19
C SER A 77 7.93 20.88 -11.98
N THR A 78 9.04 20.21 -11.64
CA THR A 78 9.07 19.29 -10.52
C THR A 78 9.01 20.09 -9.22
N THR A 79 9.48 21.32 -9.33
CA THR A 79 9.51 22.25 -8.22
C THR A 79 8.09 22.62 -7.78
N ASP A 80 7.11 22.50 -8.68
CA ASP A 80 5.72 22.83 -8.36
C ASP A 80 5.03 21.63 -7.69
N VAL A 81 5.32 20.41 -8.20
CA VAL A 81 4.72 19.17 -7.68
C VAL A 81 5.08 19.01 -6.20
N GLU A 82 6.32 19.36 -5.89
CA GLU A 82 6.86 19.32 -4.54
C GLU A 82 6.03 20.21 -3.62
N LYS A 83 5.40 21.21 -4.23
CA LYS A 83 4.59 22.19 -3.51
C LYS A 83 3.17 21.67 -3.28
N SER A 84 2.77 20.65 -4.05
CA SER A 84 1.42 20.09 -3.99
C SER A 84 1.24 19.08 -2.85
N PHE A 85 2.34 18.53 -2.37
CA PHE A 85 2.27 17.54 -1.31
C PHE A 85 1.72 18.13 -0.03
N ASP A 86 2.34 19.19 0.46
CA ASP A 86 1.85 19.84 1.67
C ASP A 86 0.47 20.43 1.42
N LYS A 87 0.33 21.03 0.25
CA LYS A 87 -0.95 21.62 -0.19
C LYS A 87 -2.06 20.57 -0.09
N LEU A 88 -1.71 19.33 -0.38
CA LEU A 88 -2.65 18.21 -0.30
C LEU A 88 -2.84 17.75 1.16
N LEU A 89 -1.74 17.62 1.89
CA LEU A 89 -1.75 17.16 3.29
C LEU A 89 -2.74 17.96 4.12
N LYS A 90 -2.67 19.28 3.99
CA LYS A 90 -3.59 20.19 4.68
C LYS A 90 -5.07 19.81 4.49
N ASP A 91 -5.37 19.04 3.45
CA ASP A 91 -6.75 18.62 3.18
C ASP A 91 -6.98 17.17 3.62
N LEU A 92 -5.89 16.42 3.76
CA LEU A 92 -5.95 15.01 4.18
C LEU A 92 -6.92 14.74 5.34
N PRO A 93 -6.80 15.44 6.50
CA PRO A 93 -7.70 15.23 7.63
C PRO A 93 -9.17 15.43 7.21
N GLU A 94 -9.39 16.49 6.44
CA GLU A 94 -10.72 16.81 5.94
C GLU A 94 -11.26 15.64 5.10
N LEU A 95 -10.44 15.16 4.18
CA LEU A 95 -10.82 14.03 3.34
C LEU A 95 -11.13 12.78 4.17
N ALA A 96 -10.39 12.61 5.26
CA ALA A 96 -10.59 11.47 6.15
C ALA A 96 -12.01 11.48 6.70
N LEU A 97 -12.53 12.69 6.94
CA LEU A 97 -13.90 12.86 7.41
C LEU A 97 -14.90 12.19 6.47
N ASP A 98 -14.55 12.06 5.19
CA ASP A 98 -15.43 11.42 4.23
C ASP A 98 -15.13 9.94 4.15
N THR A 99 -13.85 9.61 4.14
CA THR A 99 -13.41 8.22 4.08
C THR A 99 -12.12 8.08 4.87
N PRO A 100 -12.12 7.24 5.92
CA PRO A 100 -10.93 7.02 6.74
C PRO A 100 -9.78 6.52 5.87
N ARG A 101 -10.06 5.48 5.11
CA ARG A 101 -9.08 4.92 4.19
C ARG A 101 -8.52 5.92 3.17
N ALA A 102 -9.20 7.04 2.96
CA ALA A 102 -8.75 8.03 1.97
C ALA A 102 -7.33 8.56 2.17
N PRO A 103 -6.99 9.20 3.32
CA PRO A 103 -5.62 9.71 3.55
C PRO A 103 -4.59 8.59 3.53
N GLN A 104 -4.99 7.42 3.98
CA GLN A 104 -4.11 6.26 3.99
C GLN A 104 -3.77 5.82 2.56
N LEU A 105 -4.76 5.90 1.66
CA LEU A 105 -4.56 5.53 0.27
C LEU A 105 -3.56 6.50 -0.38
N VAL A 106 -3.71 7.78 -0.04
CA VAL A 106 -2.80 8.87 -0.50
C VAL A 106 -1.32 8.48 -0.34
N GLY A 107 -1.08 7.53 0.58
CA GLY A 107 0.26 7.04 0.84
C GLY A 107 0.89 6.46 -0.43
N GLN A 108 0.05 5.89 -1.29
CA GLN A 108 0.48 5.28 -2.54
C GLN A 108 0.92 6.33 -3.57
N PHE A 109 0.20 7.44 -3.61
CA PHE A 109 0.52 8.53 -4.54
C PHE A 109 1.90 9.10 -4.24
N ILE A 110 2.09 9.44 -2.97
CA ILE A 110 3.36 9.99 -2.50
C ILE A 110 4.51 9.04 -2.86
N ALA A 111 4.26 7.75 -2.69
CA ALA A 111 5.24 6.72 -3.00
C ALA A 111 5.51 6.67 -4.50
N ARG A 112 4.44 6.76 -5.29
CA ARG A 112 4.55 6.71 -6.74
C ARG A 112 5.37 7.89 -7.26
N ALA A 113 5.07 9.09 -6.74
CA ALA A 113 5.79 10.31 -7.12
C ALA A 113 7.30 10.10 -6.99
N VAL A 114 7.71 9.47 -5.89
CA VAL A 114 9.12 9.19 -5.66
C VAL A 114 9.61 8.14 -6.64
N GLY A 115 8.79 7.12 -6.87
CA GLY A 115 9.14 6.04 -7.78
C GLY A 115 9.44 6.53 -9.19
N ASP A 116 8.59 7.40 -9.70
CA ASP A 116 8.79 7.95 -11.04
C ASP A 116 9.97 8.90 -11.04
N GLY A 117 9.98 9.82 -10.09
CA GLY A 117 11.07 10.77 -9.98
C GLY A 117 10.61 12.22 -10.00
N ILE A 118 9.30 12.43 -9.92
CA ILE A 118 8.74 13.78 -9.91
C ILE A 118 8.88 14.46 -8.55
N LEU A 119 9.35 13.69 -7.57
CA LEU A 119 9.54 14.20 -6.22
C LEU A 119 10.90 13.76 -5.69
N CYS A 120 11.42 14.46 -4.68
CA CYS A 120 12.68 14.11 -4.06
C CYS A 120 12.47 12.89 -3.17
N ASN A 121 13.45 12.01 -3.11
CA ASN A 121 13.32 10.80 -2.31
C ASN A 121 13.23 11.11 -0.82
N THR A 122 14.16 11.90 -0.31
CA THR A 122 14.15 12.25 1.11
C THR A 122 13.09 13.29 1.49
N TYR A 123 12.10 13.49 0.63
CA TYR A 123 11.05 14.45 0.92
C TYR A 123 10.27 13.97 2.15
N ILE A 124 10.24 12.66 2.30
CA ILE A 124 9.56 12.04 3.43
C ILE A 124 10.31 12.34 4.73
N ASP A 125 11.64 12.30 4.68
CA ASP A 125 12.47 12.57 5.84
C ASP A 125 12.31 14.03 6.28
N SER A 126 12.00 14.88 5.32
CA SER A 126 11.77 16.28 5.57
C SER A 126 10.54 16.46 6.47
N TYR A 127 9.64 15.47 6.43
CA TYR A 127 8.40 15.47 7.22
C TYR A 127 8.45 14.35 8.28
N LYS A 128 9.68 13.90 8.51
CA LYS A 128 10.04 12.82 9.46
C LYS A 128 10.07 13.13 10.96
N GLY A 129 8.98 13.65 11.49
CA GLY A 129 8.95 14.01 12.90
C GLY A 129 8.64 15.47 13.05
N THR A 130 8.41 16.08 11.90
CA THR A 130 8.06 17.48 11.83
C THR A 130 6.61 17.64 11.39
N VAL A 131 5.77 16.67 11.75
CA VAL A 131 4.35 16.71 11.37
C VAL A 131 3.44 16.54 12.59
N ASP A 132 2.63 17.56 12.86
CA ASP A 132 1.70 17.54 14.00
C ASP A 132 0.34 16.98 13.58
N CYS A 133 0.30 16.37 12.41
CA CYS A 133 -0.92 15.79 11.88
C CYS A 133 -0.78 14.27 11.79
N VAL A 134 -1.63 13.55 12.51
CA VAL A 134 -1.57 12.09 12.51
C VAL A 134 -1.90 11.50 11.13
N GLN A 135 -2.93 12.04 10.48
CA GLN A 135 -3.32 11.56 9.16
C GLN A 135 -2.21 11.77 8.14
N ALA A 136 -1.51 12.90 8.24
CA ALA A 136 -0.41 13.21 7.34
C ALA A 136 0.74 12.25 7.62
N ARG A 137 0.92 11.92 8.89
CA ARG A 137 1.97 11.00 9.32
C ARG A 137 1.73 9.63 8.71
N ALA A 138 0.50 9.16 8.83
CA ALA A 138 0.11 7.85 8.32
C ALA A 138 0.36 7.73 6.82
N ALA A 139 0.07 8.78 6.08
CA ALA A 139 0.26 8.78 4.64
C ALA A 139 1.73 8.78 4.27
N LEU A 140 2.50 9.65 4.91
CA LEU A 140 3.94 9.77 4.65
C LEU A 140 4.67 8.47 5.01
N ASP A 141 4.38 7.95 6.19
CA ASP A 141 5.03 6.73 6.66
C ASP A 141 4.64 5.52 5.81
N LYS A 142 3.41 5.53 5.31
CA LYS A 142 2.91 4.45 4.48
C LYS A 142 3.61 4.42 3.12
N ALA A 143 3.96 5.60 2.63
CA ALA A 143 4.65 5.72 1.34
C ALA A 143 5.95 4.94 1.36
N THR A 144 6.71 5.09 2.44
CA THR A 144 7.98 4.39 2.61
C THR A 144 7.77 2.87 2.62
N VAL A 145 6.59 2.44 3.04
CA VAL A 145 6.26 1.02 3.10
C VAL A 145 5.97 0.47 1.71
N LEU A 146 5.11 1.18 0.98
CA LEU A 146 4.72 0.80 -0.37
C LEU A 146 5.92 0.79 -1.32
N LEU A 147 6.88 1.66 -1.07
CA LEU A 147 8.09 1.73 -1.88
C LEU A 147 8.88 0.44 -1.76
N SER A 148 8.83 -0.17 -0.58
CA SER A 148 9.52 -1.43 -0.34
C SER A 148 8.87 -2.54 -1.16
N MET A 149 7.57 -2.43 -1.37
CA MET A 149 6.82 -3.42 -2.14
C MET A 149 7.07 -3.25 -3.62
N SER A 150 7.18 -1.99 -4.04
CA SER A 150 7.39 -1.63 -5.44
C SER A 150 8.67 -2.23 -6.01
N LYS A 151 9.59 -2.64 -5.14
CA LYS A 151 10.84 -3.24 -5.59
C LYS A 151 10.59 -4.63 -6.16
N GLY A 152 9.80 -5.43 -5.45
CA GLY A 152 9.51 -6.78 -5.91
C GLY A 152 8.25 -6.88 -6.74
N GLY A 153 7.26 -6.06 -6.43
CA GLY A 153 6.00 -6.11 -7.16
C GLY A 153 5.99 -5.23 -8.40
N LYS A 154 7.02 -5.35 -9.23
CA LYS A 154 7.10 -4.54 -10.44
C LYS A 154 7.02 -5.43 -11.70
N ARG A 155 6.79 -6.72 -11.49
CA ARG A 155 6.69 -7.67 -12.61
C ARG A 155 5.33 -7.57 -13.30
N LYS A 156 5.34 -7.39 -14.61
CA LYS A 156 4.11 -7.27 -15.38
C LYS A 156 4.05 -8.28 -16.53
N ASP A 157 3.05 -8.13 -17.40
CA ASP A 157 2.88 -9.00 -18.55
C ASP A 157 3.95 -8.73 -19.59
N SER A 158 4.18 -9.69 -20.48
CA SER A 158 5.18 -9.54 -21.52
C SER A 158 4.56 -9.41 -22.91
N VAL A 159 4.10 -10.52 -23.46
CA VAL A 159 3.50 -10.53 -24.80
C VAL A 159 2.11 -11.14 -24.76
N TRP A 160 1.12 -10.37 -25.18
CA TRP A 160 -0.26 -10.86 -25.20
C TRP A 160 -0.78 -10.94 -26.64
N GLY A 161 -0.16 -10.19 -27.52
CA GLY A 161 -0.57 -10.19 -28.92
C GLY A 161 -0.16 -8.91 -29.63
N SER A 162 -0.97 -8.47 -30.57
CA SER A 162 -0.69 -7.27 -31.32
C SER A 162 -1.98 -6.68 -31.88
N GLY A 163 -2.09 -5.37 -31.82
CA GLY A 163 -3.26 -4.70 -32.33
C GLY A 163 -3.12 -3.21 -32.14
N GLY B 1 -3.16 -0.52 -30.66
CA GLY B 1 -2.74 -1.03 -29.33
C GLY B 1 -3.91 -1.55 -28.53
N GLY B 2 -3.63 -2.13 -27.37
CA GLY B 2 -4.69 -2.66 -26.52
C GLY B 2 -4.43 -2.38 -25.06
N GLN B 3 -5.41 -2.67 -24.23
CA GLN B 3 -5.28 -2.44 -22.80
C GLN B 3 -4.64 -3.65 -22.12
N GLN B 4 -3.77 -3.38 -21.17
CA GLN B 4 -3.08 -4.42 -20.41
C GLN B 4 -4.05 -5.10 -19.45
N PRO B 5 -3.96 -6.44 -19.32
CA PRO B 5 -4.82 -7.20 -18.41
C PRO B 5 -4.51 -6.87 -16.95
N VAL B 6 -5.51 -7.02 -16.10
CA VAL B 6 -5.36 -6.73 -14.67
C VAL B 6 -4.38 -7.70 -14.02
N ASN B 7 -3.55 -7.17 -13.13
CA ASN B 7 -2.57 -7.97 -12.41
C ASN B 7 -3.25 -8.75 -11.29
N HIS B 8 -2.80 -9.97 -11.06
CA HIS B 8 -3.39 -10.81 -10.02
C HIS B 8 -2.31 -11.48 -9.18
N LEU B 9 -2.55 -11.57 -7.87
CA LEU B 9 -1.62 -12.18 -6.90
C LEU B 9 -0.47 -11.23 -6.55
N VAL B 10 0.25 -10.81 -7.57
CA VAL B 10 1.37 -9.89 -7.41
C VAL B 10 0.83 -8.55 -6.91
N LYS B 11 1.60 -7.88 -6.04
CA LYS B 11 1.21 -6.58 -5.49
C LYS B 11 0.05 -6.71 -4.50
N GLU B 12 -0.26 -7.93 -4.12
CA GLU B 12 -1.36 -8.17 -3.18
C GLU B 12 -0.88 -8.94 -1.93
N ILE B 13 -0.53 -10.21 -2.12
CA ILE B 13 -0.07 -11.07 -1.02
C ILE B 13 1.09 -10.43 -0.25
N ASP B 14 2.18 -10.19 -0.97
CA ASP B 14 3.38 -9.59 -0.39
C ASP B 14 3.08 -8.29 0.34
N MET B 15 2.42 -7.38 -0.36
CA MET B 15 2.05 -6.09 0.20
C MET B 15 1.35 -6.20 1.55
N LEU B 16 0.27 -6.97 1.59
CA LEU B 16 -0.51 -7.16 2.81
C LEU B 16 0.33 -7.62 4.00
N LEU B 17 1.27 -8.51 3.76
CA LEU B 17 2.12 -9.04 4.82
C LEU B 17 3.10 -7.97 5.32
N LYS B 18 3.86 -7.41 4.38
CA LYS B 18 4.85 -6.39 4.71
C LYS B 18 4.21 -5.12 5.29
N GLU B 19 2.98 -4.83 4.90
CA GLU B 19 2.24 -3.64 5.37
C GLU B 19 2.06 -3.68 6.89
N TYR B 20 1.58 -4.81 7.38
CA TYR B 20 1.37 -4.99 8.82
C TYR B 20 2.71 -4.92 9.54
N LEU B 21 3.76 -5.30 8.83
CA LEU B 21 5.10 -5.30 9.40
C LEU B 21 5.69 -3.90 9.53
N LEU B 22 5.96 -3.23 8.41
CA LEU B 22 6.54 -1.88 8.45
C LEU B 22 5.61 -0.87 9.08
N SER B 23 4.43 -0.70 8.47
CA SER B 23 3.44 0.23 8.97
C SER B 23 2.95 -0.18 10.36
N GLY B 24 2.39 -1.38 10.45
CA GLY B 24 1.92 -1.88 11.73
C GLY B 24 0.48 -1.52 12.03
N ASP B 25 -0.22 -1.00 11.02
CA ASP B 25 -1.61 -0.61 11.20
C ASP B 25 -2.56 -1.77 10.94
N ILE B 26 -3.42 -2.02 11.91
CA ILE B 26 -4.41 -3.09 11.83
C ILE B 26 -5.39 -2.90 10.67
N SER B 27 -6.10 -1.77 10.65
CA SER B 27 -7.10 -1.47 9.64
C SER B 27 -6.61 -1.70 8.20
N GLU B 28 -5.53 -1.02 7.85
CA GLU B 28 -4.95 -1.15 6.51
C GLU B 28 -4.66 -2.60 6.12
N ALA B 29 -4.26 -3.41 7.10
CA ALA B 29 -3.95 -4.80 6.84
C ALA B 29 -5.22 -5.63 6.65
N GLU B 30 -6.13 -5.52 7.61
CA GLU B 30 -7.39 -6.26 7.59
C GLU B 30 -8.32 -5.89 6.44
N HIS B 31 -8.16 -4.69 5.86
CA HIS B 31 -9.05 -4.25 4.80
C HIS B 31 -8.79 -4.94 3.46
N CYS B 32 -7.63 -4.67 2.86
CA CYS B 32 -7.26 -5.34 1.59
C CYS B 32 -7.34 -6.84 1.67
N LEU B 33 -7.09 -7.36 2.86
CA LEU B 33 -7.11 -8.79 3.10
C LEU B 33 -8.51 -9.34 2.84
N LYS B 34 -9.53 -8.61 3.26
CA LYS B 34 -10.92 -9.01 3.05
C LYS B 34 -11.31 -8.80 1.60
N GLU B 35 -10.93 -7.64 1.07
CA GLU B 35 -11.20 -7.29 -0.33
C GLU B 35 -10.76 -8.36 -1.35
N LEU B 36 -10.04 -9.36 -0.89
CA LEU B 36 -9.62 -10.45 -1.77
C LEU B 36 -10.88 -11.18 -2.24
N GLU B 37 -10.97 -11.41 -3.54
CA GLU B 37 -12.15 -12.07 -4.12
C GLU B 37 -12.21 -13.54 -3.71
N VAL B 38 -11.06 -14.19 -3.69
CA VAL B 38 -11.00 -15.60 -3.33
C VAL B 38 -10.38 -15.82 -1.95
N PRO B 39 -11.22 -16.04 -0.92
CA PRO B 39 -10.75 -16.28 0.45
C PRO B 39 -10.01 -17.61 0.53
N HIS B 40 -10.33 -18.51 -0.40
CA HIS B 40 -9.71 -19.83 -0.46
C HIS B 40 -8.28 -19.76 -1.01
N PHE B 41 -7.89 -18.58 -1.49
CA PHE B 41 -6.55 -18.36 -2.04
C PHE B 41 -5.59 -17.86 -0.96
N HIS B 42 -6.10 -17.78 0.27
CA HIS B 42 -5.34 -17.34 1.44
C HIS B 42 -4.29 -18.37 1.87
N HIS B 43 -4.16 -19.43 1.07
CA HIS B 43 -3.23 -20.52 1.36
C HIS B 43 -1.83 -20.01 1.72
N GLU B 44 -1.22 -19.21 0.84
CA GLU B 44 0.11 -18.67 1.09
C GLU B 44 0.13 -17.63 2.19
N LEU B 45 -1.03 -17.00 2.43
CA LEU B 45 -1.15 -15.99 3.49
C LEU B 45 -0.57 -16.52 4.80
N VAL B 46 -0.59 -17.85 4.99
CA VAL B 46 -0.04 -18.44 6.19
C VAL B 46 1.47 -18.65 6.00
N TYR B 47 1.84 -19.66 5.19
CA TYR B 47 3.24 -19.98 4.84
C TYR B 47 4.17 -18.79 4.65
N GLU B 48 3.84 -17.90 3.73
CA GLU B 48 4.67 -16.73 3.43
C GLU B 48 4.78 -15.80 4.66
N ALA B 49 3.78 -15.86 5.52
CA ALA B 49 3.75 -15.04 6.73
C ALA B 49 4.55 -15.67 7.88
N ILE B 50 4.61 -17.02 7.93
CA ILE B 50 5.30 -17.70 9.02
C ILE B 50 6.81 -17.50 8.93
N VAL B 51 7.43 -18.05 7.88
CA VAL B 51 8.86 -17.83 7.57
C VAL B 51 9.31 -16.38 7.55
N MET B 52 8.33 -15.49 7.53
CA MET B 52 8.61 -14.06 7.50
C MET B 52 9.25 -13.66 8.83
N VAL B 53 8.90 -14.38 9.90
CA VAL B 53 9.43 -14.07 11.23
C VAL B 53 10.91 -14.38 11.38
N LEU B 54 11.32 -15.65 11.24
CA LEU B 54 12.74 -16.01 11.42
C LEU B 54 13.70 -15.25 10.55
N GLU B 55 13.50 -15.32 9.25
CA GLU B 55 14.39 -14.60 8.31
C GLU B 55 14.68 -13.17 8.69
N SER B 56 13.75 -12.51 9.36
CA SER B 56 13.96 -11.14 9.79
C SER B 56 14.99 -11.06 10.91
N THR B 57 15.21 -9.86 11.43
CA THR B 57 16.14 -9.67 12.52
C THR B 57 15.50 -8.88 13.66
N GLY B 58 15.56 -9.43 14.86
CA GLY B 58 14.97 -8.77 16.01
C GLY B 58 13.61 -9.33 16.36
N GLU B 59 13.11 -8.98 17.53
CA GLU B 59 11.81 -9.45 17.99
C GLU B 59 10.66 -8.67 17.36
N SER B 60 10.97 -7.70 16.49
CA SER B 60 9.95 -6.88 15.86
C SER B 60 8.96 -7.72 15.03
N ALA B 61 9.48 -8.39 14.00
CA ALA B 61 8.68 -9.29 13.14
C ALA B 61 8.12 -10.50 13.91
N PHE B 62 8.69 -10.70 15.08
CA PHE B 62 8.30 -11.81 15.94
C PHE B 62 6.99 -11.47 16.67
N LYS B 63 7.01 -10.34 17.37
CA LYS B 63 5.86 -9.87 18.13
C LYS B 63 4.70 -9.35 17.27
N MET B 64 4.99 -8.82 16.06
CA MET B 64 3.91 -8.27 15.23
C MET B 64 3.18 -9.36 14.45
N ILE B 65 3.92 -10.05 13.59
CA ILE B 65 3.39 -11.18 12.79
C ILE B 65 2.75 -12.30 13.62
N LEU B 66 3.08 -12.33 14.92
CA LEU B 66 2.57 -13.33 15.85
C LEU B 66 1.06 -13.12 15.88
N ASP B 67 0.71 -11.84 15.88
CA ASP B 67 -0.68 -11.34 15.82
C ASP B 67 -1.39 -11.22 14.46
N LEU B 68 -0.67 -11.39 13.34
CA LEU B 68 -1.27 -11.10 12.01
C LEU B 68 -2.50 -11.98 11.68
N LEU B 69 -2.26 -13.22 11.25
CA LEU B 69 -3.36 -14.18 11.03
C LEU B 69 -4.21 -14.40 12.26
N LYS B 70 -3.59 -14.09 13.38
CA LYS B 70 -4.23 -14.25 14.67
C LYS B 70 -5.35 -13.21 14.81
N SER B 71 -5.05 -11.97 14.43
CA SER B 71 -6.05 -10.90 14.47
C SER B 71 -7.27 -11.29 13.63
N LEU B 72 -7.03 -11.61 12.37
CA LEU B 72 -8.09 -12.03 11.45
C LEU B 72 -8.87 -13.19 12.04
N TRP B 73 -8.14 -14.23 12.47
CA TRP B 73 -8.77 -15.39 13.11
C TRP B 73 -9.77 -14.96 14.19
N LYS B 74 -9.44 -13.89 14.91
CA LYS B 74 -10.32 -13.38 15.97
C LYS B 74 -11.51 -12.65 15.34
N SER B 75 -11.24 -11.93 14.27
CA SER B 75 -12.24 -11.18 13.54
C SER B 75 -12.94 -12.03 12.48
N SER B 76 -12.95 -13.35 12.68
CA SER B 76 -13.56 -14.28 11.72
C SER B 76 -13.14 -14.01 10.28
N THR B 77 -11.98 -14.50 9.90
CA THR B 77 -11.46 -14.29 8.56
C THR B 77 -10.73 -15.51 8.04
N ILE B 78 -9.89 -16.12 8.86
CA ILE B 78 -9.12 -17.28 8.46
C ILE B 78 -9.57 -18.52 9.24
N THR B 79 -9.66 -19.64 8.53
CA THR B 79 -10.06 -20.89 9.16
C THR B 79 -8.85 -21.80 9.30
N ILE B 80 -9.02 -22.91 10.01
CA ILE B 80 -7.94 -23.86 10.20
C ILE B 80 -7.67 -24.61 8.89
N ASP B 81 -8.76 -24.90 8.20
CA ASP B 81 -8.69 -25.60 6.91
C ASP B 81 -7.67 -24.95 5.99
N GLN B 82 -7.69 -23.63 5.94
CA GLN B 82 -6.73 -22.88 5.13
C GLN B 82 -5.37 -22.74 5.86
N MET B 83 -5.43 -22.52 7.17
CA MET B 83 -4.22 -22.36 7.99
C MET B 83 -3.36 -23.62 7.94
N LYS B 84 -3.97 -24.74 8.32
CA LYS B 84 -3.33 -26.07 8.28
C LYS B 84 -2.69 -26.36 6.92
N ARG B 85 -3.26 -25.76 5.88
CA ARG B 85 -2.78 -25.97 4.52
C ARG B 85 -1.44 -25.24 4.37
N GLY B 86 -1.39 -24.03 4.90
CA GLY B 86 -0.18 -23.24 4.87
C GLY B 86 0.85 -23.73 5.89
N TYR B 87 0.38 -24.28 7.01
CA TYR B 87 1.26 -24.76 8.05
C TYR B 87 2.06 -25.98 7.62
N GLU B 88 1.35 -27.08 7.34
CA GLU B 88 2.02 -28.32 6.86
C GLU B 88 3.10 -28.06 5.80
N ARG B 89 2.84 -27.10 4.91
CA ARG B 89 3.78 -26.75 3.87
C ARG B 89 5.13 -26.31 4.44
N ILE B 90 5.10 -25.62 5.57
CA ILE B 90 6.32 -25.12 6.23
C ILE B 90 7.27 -26.27 6.58
N TYR B 91 6.76 -27.27 7.30
CA TYR B 91 7.58 -28.42 7.72
C TYR B 91 8.29 -29.08 6.54
N ASN B 92 7.68 -29.03 5.36
CA ASN B 92 8.26 -29.62 4.18
C ASN B 92 9.44 -28.81 3.66
N GLU B 93 9.39 -27.49 3.87
CA GLU B 93 10.45 -26.60 3.41
C GLU B 93 11.55 -26.48 4.48
N ILE B 94 11.23 -26.84 5.71
CA ILE B 94 12.17 -26.77 6.84
C ILE B 94 13.56 -27.35 6.50
N PRO B 95 13.64 -28.60 5.97
CA PRO B 95 14.93 -29.22 5.62
C PRO B 95 15.73 -28.39 4.63
N ASP B 96 15.06 -27.67 3.75
CA ASP B 96 15.72 -26.84 2.75
C ASP B 96 16.21 -25.52 3.35
N ILE B 97 15.47 -25.02 4.34
CA ILE B 97 15.82 -23.76 4.99
C ILE B 97 16.91 -23.98 6.04
N ASN B 98 16.78 -25.04 6.82
CA ASN B 98 17.76 -25.36 7.85
C ASN B 98 19.03 -25.90 7.23
N LEU B 99 18.86 -26.85 6.29
CA LEU B 99 19.97 -27.47 5.59
C LEU B 99 20.93 -28.14 6.57
N ASP B 100 20.44 -29.17 7.25
CA ASP B 100 21.20 -29.92 8.25
C ASP B 100 21.40 -29.09 9.52
N VAL B 101 21.72 -29.76 10.62
CA VAL B 101 21.92 -29.12 11.92
C VAL B 101 20.66 -28.38 12.40
N PRO B 102 19.73 -29.11 13.04
CA PRO B 102 18.48 -28.54 13.55
C PRO B 102 18.75 -27.52 14.67
N HIS B 103 18.45 -26.25 14.40
CA HIS B 103 18.67 -25.20 15.39
C HIS B 103 17.53 -24.18 15.40
N SER B 104 16.64 -24.29 14.44
CA SER B 104 15.50 -23.37 14.35
C SER B 104 14.21 -24.07 14.75
N TYR B 105 14.34 -25.30 15.24
CA TYR B 105 13.17 -26.07 15.65
C TYR B 105 12.61 -25.47 16.92
N SER B 106 13.50 -24.96 17.76
CA SER B 106 13.10 -24.31 19.00
C SER B 106 12.20 -23.13 18.68
N VAL B 107 12.54 -22.41 17.62
CA VAL B 107 11.76 -21.28 17.19
C VAL B 107 10.41 -21.75 16.64
N LEU B 108 10.43 -22.74 15.76
CA LEU B 108 9.20 -23.28 15.18
C LEU B 108 8.26 -23.78 16.27
N GLU B 109 8.74 -24.71 17.10
CA GLU B 109 7.92 -25.22 18.20
C GLU B 109 7.41 -24.09 19.11
N ARG B 110 8.25 -23.10 19.37
CA ARG B 110 7.85 -21.96 20.18
C ARG B 110 6.64 -21.30 19.54
N PHE B 111 6.76 -21.05 18.25
CA PHE B 111 5.69 -20.46 17.46
C PHE B 111 4.44 -21.34 17.52
N VAL B 112 4.57 -22.56 16.97
CA VAL B 112 3.46 -23.52 16.98
C VAL B 112 2.80 -23.69 18.34
N GLU B 113 3.58 -23.85 19.41
CA GLU B 113 3.00 -24.00 20.75
C GLU B 113 2.23 -22.74 21.16
N GLU B 114 2.81 -21.57 20.90
CA GLU B 114 2.17 -20.30 21.22
C GLU B 114 0.80 -20.20 20.53
N CYS B 115 0.75 -20.64 19.29
CA CYS B 115 -0.49 -20.64 18.51
C CYS B 115 -1.44 -21.70 19.06
N PHE B 116 -0.93 -22.93 19.14
CA PHE B 116 -1.68 -24.06 19.67
C PHE B 116 -2.33 -23.77 21.01
N GLN B 117 -1.67 -22.97 21.84
CA GLN B 117 -2.24 -22.61 23.13
C GLN B 117 -3.53 -21.82 22.97
N ALA B 118 -3.52 -20.87 22.04
CA ALA B 118 -4.72 -20.04 21.84
C ALA B 118 -5.95 -20.86 21.47
N GLY B 119 -5.79 -21.84 20.59
CA GLY B 119 -6.91 -22.71 20.27
C GLY B 119 -7.21 -22.76 18.79
N ILE B 120 -6.77 -21.74 18.05
CA ILE B 120 -6.98 -21.63 16.60
C ILE B 120 -6.49 -22.87 15.82
N ILE B 121 -5.62 -23.68 16.43
CA ILE B 121 -5.11 -24.87 15.78
C ILE B 121 -5.26 -26.09 16.68
N SER B 122 -5.88 -27.12 16.15
CA SER B 122 -6.12 -28.34 16.89
C SER B 122 -4.87 -29.22 16.96
N LYS B 123 -4.96 -30.26 17.80
CA LYS B 123 -3.88 -31.22 18.00
C LYS B 123 -3.57 -31.97 16.70
N GLN B 124 -4.54 -31.94 15.79
CA GLN B 124 -4.42 -32.60 14.50
C GLN B 124 -3.25 -31.97 13.75
N LEU B 125 -3.02 -30.68 13.98
CA LEU B 125 -1.90 -29.98 13.37
C LEU B 125 -0.59 -30.22 14.14
N ARG B 126 -0.69 -30.19 15.46
CA ARG B 126 0.47 -30.38 16.33
C ARG B 126 1.15 -31.71 16.04
N ASP B 127 0.36 -32.78 16.07
CA ASP B 127 0.86 -34.12 15.76
C ASP B 127 1.68 -34.19 14.48
N LEU B 128 1.34 -33.37 13.49
CA LEU B 128 2.07 -33.35 12.23
C LEU B 128 3.39 -32.65 12.37
N CYS B 129 3.39 -31.58 13.17
CA CYS B 129 4.60 -30.79 13.42
C CYS B 129 5.67 -31.64 14.12
N PRO B 130 6.93 -31.51 13.65
CA PRO B 130 8.06 -32.24 14.24
C PRO B 130 8.26 -31.83 15.71
N SER B 131 7.70 -32.62 16.59
CA SER B 131 7.77 -32.35 18.01
C SER B 131 8.68 -33.37 18.71
N GLY A 1 2.63 29.52 -1.87
CA GLY A 1 1.71 30.66 -1.80
C GLY A 1 0.30 30.24 -1.46
N LEU A 2 -0.58 31.21 -1.30
CA LEU A 2 -1.97 30.94 -0.96
C LEU A 2 -2.83 30.96 -2.21
N PRO A 3 -3.64 29.91 -2.41
CA PRO A 3 -4.54 29.81 -3.58
C PRO A 3 -5.62 30.89 -3.54
N LEU A 4 -6.03 31.34 -4.73
CA LEU A 4 -7.04 32.37 -4.84
C LEU A 4 -8.35 31.79 -5.36
N ASP A 5 -9.38 31.87 -4.52
CA ASP A 5 -10.71 31.36 -4.85
C ASP A 5 -10.69 29.91 -5.29
N GLU A 6 -10.23 29.04 -4.41
CA GLU A 6 -10.15 27.60 -4.70
C GLU A 6 -11.52 27.07 -5.11
N ARG A 7 -12.53 27.40 -4.32
CA ARG A 7 -13.91 27.00 -4.60
C ARG A 7 -14.29 27.19 -6.07
N ALA A 8 -13.95 28.34 -6.63
CA ALA A 8 -14.26 28.63 -8.03
C ALA A 8 -13.38 27.80 -8.95
N PHE A 9 -12.16 27.56 -8.50
CA PHE A 9 -11.19 26.79 -9.25
C PHE A 9 -11.65 25.34 -9.39
N GLU A 10 -11.91 24.68 -8.25
CA GLU A 10 -12.37 23.30 -8.26
C GLU A 10 -13.65 23.14 -9.07
N LYS A 11 -14.57 24.08 -8.86
CA LYS A 11 -15.85 24.07 -9.56
C LYS A 11 -15.67 23.98 -11.07
N THR A 12 -14.72 24.73 -11.59
CA THR A 12 -14.44 24.75 -13.02
C THR A 12 -13.69 23.50 -13.50
N LEU A 13 -12.84 22.93 -12.64
CA LEU A 13 -12.05 21.77 -13.02
C LEU A 13 -12.75 20.45 -12.70
N THR A 14 -13.97 20.53 -12.20
CA THR A 14 -14.73 19.33 -11.85
C THR A 14 -14.94 18.37 -13.04
N PRO A 15 -15.61 18.81 -14.13
CA PRO A 15 -15.84 17.95 -15.30
C PRO A 15 -14.53 17.54 -15.97
N ILE A 16 -13.70 18.55 -16.29
CA ILE A 16 -12.39 18.35 -16.91
C ILE A 16 -11.56 17.26 -16.23
N ILE A 17 -11.72 17.10 -14.93
CA ILE A 17 -10.96 16.09 -14.21
C ILE A 17 -11.68 14.74 -14.20
N GLN A 18 -12.99 14.78 -14.01
CA GLN A 18 -13.79 13.57 -13.97
C GLN A 18 -13.67 12.76 -15.26
N GLU A 19 -13.82 13.43 -16.39
CA GLU A 19 -13.71 12.79 -17.71
C GLU A 19 -12.34 12.13 -17.92
N TYR A 20 -11.36 12.52 -17.12
CA TYR A 20 -10.02 11.99 -17.25
C TYR A 20 -9.95 10.56 -16.71
N PHE A 21 -10.82 10.25 -15.75
CA PHE A 21 -10.85 8.93 -15.14
C PHE A 21 -11.51 7.91 -16.06
N GLU A 22 -12.20 8.38 -17.08
CA GLU A 22 -12.90 7.49 -18.00
C GLU A 22 -12.04 6.98 -19.15
N HIS A 23 -11.53 7.89 -19.98
CA HIS A 23 -10.69 7.47 -21.10
C HIS A 23 -9.20 7.69 -20.88
N GLY A 24 -8.88 8.40 -19.81
CA GLY A 24 -7.48 8.67 -19.47
C GLY A 24 -6.70 9.38 -20.57
N ASP A 25 -6.91 10.68 -20.72
CA ASP A 25 -6.18 11.46 -21.72
C ASP A 25 -5.62 12.72 -21.09
N THR A 26 -4.36 12.66 -20.70
CA THR A 26 -3.69 13.79 -20.08
C THR A 26 -3.42 14.90 -21.10
N ASN A 27 -3.51 14.53 -22.38
CA ASN A 27 -3.30 15.48 -23.47
C ASN A 27 -4.28 16.64 -23.38
N GLU A 28 -5.53 16.35 -23.02
CA GLU A 28 -6.57 17.36 -22.90
C GLU A 28 -6.30 18.26 -21.68
N VAL A 29 -5.77 17.68 -20.62
CA VAL A 29 -5.45 18.42 -19.41
C VAL A 29 -4.45 19.54 -19.72
N ALA A 30 -3.30 19.15 -20.27
CA ALA A 30 -2.27 20.11 -20.69
C ALA A 30 -2.82 21.10 -21.70
N GLU A 31 -3.79 20.63 -22.46
CA GLU A 31 -4.42 21.44 -23.49
C GLU A 31 -5.18 22.60 -22.86
N MET A 32 -5.93 22.30 -21.81
CA MET A 32 -6.72 23.31 -21.11
C MET A 32 -5.91 24.19 -20.15
N LEU A 33 -4.89 23.61 -19.49
CA LEU A 33 -4.07 24.37 -18.53
C LEU A 33 -3.43 25.63 -19.14
N ARG A 34 -2.61 25.41 -20.17
CA ARG A 34 -1.96 26.52 -20.89
C ARG A 34 -2.92 27.66 -21.27
N ASP A 35 -4.21 27.36 -21.32
CA ASP A 35 -5.19 28.39 -21.69
C ASP A 35 -5.66 29.16 -20.47
N LEU A 36 -5.80 28.45 -19.35
CA LEU A 36 -6.26 29.06 -18.10
C LEU A 36 -5.13 29.75 -17.35
N ASN A 37 -3.91 29.68 -17.91
CA ASN A 37 -2.69 30.27 -17.32
C ASN A 37 -2.64 30.24 -15.79
N LEU A 38 -1.87 29.32 -15.25
CA LEU A 38 -1.78 29.18 -13.80
C LEU A 38 -0.34 29.09 -13.32
N GLY A 39 -0.01 29.87 -12.30
CA GLY A 39 1.32 29.86 -11.74
C GLY A 39 1.37 28.97 -10.52
N GLU A 40 1.07 29.54 -9.36
CA GLU A 40 1.05 28.77 -8.12
C GLU A 40 -0.27 28.02 -8.02
N MET A 41 -1.31 28.62 -8.60
CA MET A 41 -2.64 28.03 -8.62
C MET A 41 -2.66 26.81 -9.53
N LYS A 42 -1.56 26.60 -10.23
CA LYS A 42 -1.40 25.48 -11.15
C LYS A 42 -1.35 24.18 -10.37
N SER A 43 -0.86 24.25 -9.14
CA SER A 43 -0.75 23.09 -8.28
C SER A 43 -2.14 22.58 -7.86
N GLY A 44 -3.13 23.45 -8.00
CA GLY A 44 -4.50 23.09 -7.65
C GLY A 44 -5.01 21.84 -8.37
N VAL A 45 -4.95 21.86 -9.70
CA VAL A 45 -5.42 20.73 -10.53
C VAL A 45 -4.95 19.35 -10.05
N PRO A 46 -3.62 19.10 -9.99
CA PRO A 46 -3.10 17.80 -9.54
C PRO A 46 -3.63 17.40 -8.16
N VAL A 47 -3.81 18.39 -7.29
CA VAL A 47 -4.32 18.12 -5.94
C VAL A 47 -5.79 17.73 -6.01
N LEU A 48 -6.55 18.47 -6.80
CA LEU A 48 -7.99 18.21 -6.95
C LEU A 48 -8.27 16.78 -7.40
N ALA A 49 -7.75 16.39 -8.56
CA ALA A 49 -7.94 15.03 -9.08
C ALA A 49 -7.56 13.99 -8.03
N VAL A 50 -6.35 14.12 -7.51
CA VAL A 50 -5.87 13.21 -6.47
C VAL A 50 -6.89 13.12 -5.31
N SER A 51 -7.43 14.26 -4.91
CA SER A 51 -8.43 14.31 -3.84
C SER A 51 -9.72 13.59 -4.25
N LEU A 52 -10.11 13.73 -5.51
CA LEU A 52 -11.33 13.09 -6.03
C LEU A 52 -11.17 11.58 -6.06
N ALA A 53 -10.12 11.13 -6.77
CA ALA A 53 -9.80 9.70 -6.88
C ALA A 53 -9.70 9.00 -5.52
N LEU A 54 -9.63 9.78 -4.45
CA LEU A 54 -9.57 9.21 -3.11
C LEU A 54 -10.92 8.55 -2.83
N GLU A 55 -11.99 9.31 -3.11
CA GLU A 55 -13.35 8.85 -2.89
C GLU A 55 -13.69 7.58 -3.67
N GLY A 56 -13.40 7.53 -4.96
CA GLY A 56 -13.71 6.33 -5.72
C GLY A 56 -12.75 5.18 -5.52
N LYS A 57 -13.03 4.08 -6.21
CA LYS A 57 -12.21 2.88 -6.14
C LYS A 57 -10.76 3.14 -6.54
N ALA A 58 -9.87 2.23 -6.12
CA ALA A 58 -8.45 2.34 -6.41
C ALA A 58 -8.16 2.41 -7.90
N SER A 59 -9.06 1.84 -8.70
CA SER A 59 -8.91 1.82 -10.15
C SER A 59 -8.76 3.24 -10.69
N HIS A 60 -9.50 4.18 -10.11
CA HIS A 60 -9.44 5.57 -10.53
C HIS A 60 -8.16 6.24 -10.05
N ARG A 61 -7.71 5.86 -8.86
CA ARG A 61 -6.51 6.43 -8.27
C ARG A 61 -5.28 6.12 -9.13
N GLU A 62 -5.02 4.82 -9.33
CA GLU A 62 -3.89 4.38 -10.17
C GLU A 62 -3.82 5.16 -11.49
N MET A 63 -4.97 5.43 -12.10
CA MET A 63 -4.99 6.18 -13.36
C MET A 63 -4.53 7.62 -13.12
N THR A 64 -5.05 8.22 -12.05
CA THR A 64 -4.68 9.58 -11.68
C THR A 64 -3.18 9.76 -11.52
N SER A 65 -2.49 8.80 -10.87
CA SER A 65 -1.05 8.87 -10.70
C SER A 65 -0.29 9.11 -12.00
N LYS A 66 -0.85 8.61 -13.10
CA LYS A 66 -0.22 8.78 -14.42
C LYS A 66 -0.17 10.25 -14.83
N LEU A 67 -1.09 11.03 -14.28
CA LEU A 67 -1.20 12.44 -14.60
C LEU A 67 0.04 13.21 -14.12
N LEU A 68 0.70 12.67 -13.10
CA LEU A 68 1.88 13.30 -12.52
C LEU A 68 3.03 13.45 -13.52
N SER A 69 3.59 12.32 -13.98
CA SER A 69 4.68 12.34 -14.96
C SER A 69 4.22 12.93 -16.29
N ASP A 70 2.92 12.89 -16.50
CA ASP A 70 2.33 13.42 -17.72
C ASP A 70 2.36 14.95 -17.73
N LEU A 71 1.77 15.55 -16.69
CA LEU A 71 1.77 17.01 -16.57
C LEU A 71 3.17 17.56 -16.28
N CYS A 72 3.96 16.81 -15.52
CA CYS A 72 5.32 17.23 -15.19
C CYS A 72 6.15 17.43 -16.44
N GLY A 73 7.10 18.36 -16.36
CA GLY A 73 7.93 18.69 -17.50
C GLY A 73 7.19 19.53 -18.52
N THR A 74 6.05 18.99 -18.97
CA THR A 74 5.21 19.64 -19.96
C THR A 74 4.66 20.98 -19.44
N VAL A 75 3.73 20.90 -18.50
CA VAL A 75 3.13 22.11 -17.93
C VAL A 75 3.25 22.20 -16.42
N MET A 76 4.21 21.48 -15.85
CA MET A 76 4.42 21.49 -14.40
C MET A 76 5.87 21.22 -14.07
N SER A 77 6.45 22.06 -13.21
CA SER A 77 7.85 21.89 -12.84
C SER A 77 7.98 21.01 -11.60
N THR A 78 9.20 20.50 -11.37
CA THR A 78 9.49 19.65 -10.22
C THR A 78 9.11 20.36 -8.92
N THR A 79 9.46 21.63 -8.84
CA THR A 79 9.15 22.44 -7.66
C THR A 79 7.63 22.61 -7.52
N ASP A 80 6.93 22.59 -8.66
CA ASP A 80 5.48 22.75 -8.68
C ASP A 80 4.82 21.55 -8.03
N VAL A 81 5.38 20.36 -8.31
CA VAL A 81 4.87 19.11 -7.77
C VAL A 81 4.85 19.13 -6.25
N GLU A 82 6.00 19.46 -5.64
CA GLU A 82 6.12 19.51 -4.19
C GLU A 82 5.09 20.47 -3.60
N LYS A 83 5.01 21.67 -4.19
CA LYS A 83 4.04 22.69 -3.76
C LYS A 83 2.62 22.11 -3.65
N SER A 84 2.25 21.22 -4.56
CA SER A 84 0.94 20.60 -4.55
C SER A 84 0.86 19.58 -3.40
N PHE A 85 1.87 18.72 -3.36
CA PHE A 85 1.98 17.70 -2.32
C PHE A 85 1.83 18.32 -0.94
N ASP A 86 2.57 19.39 -0.69
CA ASP A 86 2.52 20.11 0.59
C ASP A 86 1.12 20.66 0.88
N LYS A 87 0.38 20.96 -0.18
CA LYS A 87 -0.96 21.52 -0.04
C LYS A 87 -1.95 20.42 0.32
N LEU A 88 -1.87 19.30 -0.38
CA LEU A 88 -2.74 18.16 -0.11
C LEU A 88 -2.49 17.63 1.29
N LEU A 89 -1.22 17.66 1.70
CA LEU A 89 -0.83 17.21 3.03
C LEU A 89 -1.57 18.00 4.10
N LYS A 90 -1.44 19.32 4.02
CA LYS A 90 -2.12 20.23 4.95
C LYS A 90 -3.65 20.11 4.95
N ASP A 91 -4.23 19.68 3.83
CA ASP A 91 -5.70 19.56 3.72
C ASP A 91 -6.20 18.17 4.13
N LEU A 92 -5.48 17.15 3.66
CA LEU A 92 -5.78 15.74 3.95
C LEU A 92 -6.44 15.48 5.30
N PRO A 93 -5.93 16.01 6.44
CA PRO A 93 -6.55 15.80 7.75
C PRO A 93 -8.07 16.06 7.78
N GLU A 94 -8.60 16.87 6.84
CA GLU A 94 -10.03 17.14 6.83
C GLU A 94 -10.81 16.01 6.17
N LEU A 95 -10.46 15.65 4.93
CA LEU A 95 -11.11 14.53 4.25
C LEU A 95 -10.98 13.22 5.01
N ALA A 96 -9.91 13.11 5.78
CA ALA A 96 -9.67 11.91 6.58
C ALA A 96 -10.80 11.69 7.59
N LEU A 97 -11.52 12.76 7.90
CA LEU A 97 -12.63 12.70 8.84
C LEU A 97 -13.76 11.81 8.33
N ASP A 98 -14.02 11.82 7.03
CA ASP A 98 -15.10 11.00 6.50
C ASP A 98 -14.56 9.63 6.09
N THR A 99 -13.45 9.61 5.37
CA THR A 99 -12.84 8.35 5.00
C THR A 99 -11.62 8.05 5.87
N PRO A 100 -11.72 7.00 6.70
CA PRO A 100 -10.61 6.60 7.60
C PRO A 100 -9.44 6.02 6.81
N ARG A 101 -9.63 5.86 5.51
CA ARG A 101 -8.60 5.32 4.64
C ARG A 101 -8.05 6.43 3.74
N ALA A 102 -8.47 7.66 4.03
CA ALA A 102 -8.04 8.82 3.24
C ALA A 102 -6.52 9.06 3.33
N PRO A 103 -5.94 9.12 4.56
CA PRO A 103 -4.50 9.34 4.72
C PRO A 103 -3.67 8.28 4.00
N GLN A 104 -3.86 7.02 4.41
CA GLN A 104 -3.16 5.90 3.80
C GLN A 104 -3.17 5.93 2.27
N LEU A 105 -4.34 6.16 1.67
CA LEU A 105 -4.45 6.20 0.22
C LEU A 105 -3.60 7.29 -0.40
N VAL A 106 -3.50 8.43 0.29
CA VAL A 106 -2.70 9.55 -0.19
C VAL A 106 -1.22 9.15 -0.19
N GLY A 107 -0.82 8.34 0.79
CA GLY A 107 0.55 7.89 0.90
C GLY A 107 1.03 7.16 -0.35
N GLN A 108 0.10 6.50 -1.04
CA GLN A 108 0.42 5.76 -2.26
C GLN A 108 1.01 6.69 -3.31
N PHE A 109 0.39 7.85 -3.48
CA PHE A 109 0.84 8.82 -4.46
C PHE A 109 2.22 9.37 -4.10
N ILE A 110 2.45 9.58 -2.80
CA ILE A 110 3.72 10.12 -2.32
C ILE A 110 4.90 9.25 -2.77
N ALA A 111 4.92 7.99 -2.36
CA ALA A 111 5.98 7.08 -2.77
C ALA A 111 6.02 6.86 -4.28
N ARG A 112 4.85 6.86 -4.91
CA ARG A 112 4.75 6.66 -6.35
C ARG A 112 5.47 7.77 -7.09
N ALA A 113 5.28 9.01 -6.62
CA ALA A 113 5.90 10.18 -7.23
C ALA A 113 7.42 10.09 -7.19
N VAL A 114 7.96 9.49 -6.12
CA VAL A 114 9.40 9.32 -5.99
C VAL A 114 9.90 8.35 -7.05
N GLY A 115 9.27 7.16 -7.09
CA GLY A 115 9.64 6.16 -8.08
C GLY A 115 9.46 6.69 -9.50
N ASP A 116 8.45 7.53 -9.66
CA ASP A 116 8.18 8.14 -10.97
C ASP A 116 9.34 9.05 -11.35
N GLY A 117 9.65 9.99 -10.47
CA GLY A 117 10.78 10.87 -10.69
C GLY A 117 10.38 12.32 -10.70
N ILE A 118 9.38 12.66 -9.90
CA ILE A 118 8.90 14.04 -9.82
C ILE A 118 8.90 14.52 -8.38
N LEU A 119 9.42 13.70 -7.48
CA LEU A 119 9.46 14.03 -6.08
C LEU A 119 10.77 13.54 -5.46
N CYS A 120 11.41 14.39 -4.68
CA CYS A 120 12.66 14.04 -4.04
C CYS A 120 12.43 13.04 -2.92
N ASN A 121 13.31 12.06 -2.79
CA ASN A 121 13.16 11.05 -1.74
C ASN A 121 13.21 11.66 -0.35
N THR A 122 14.13 12.59 -0.13
CA THR A 122 14.28 13.28 1.15
C THR A 122 13.02 14.02 1.61
N TYR A 123 11.99 14.07 0.76
CA TYR A 123 10.74 14.72 1.11
C TYR A 123 10.14 14.06 2.35
N ILE A 124 10.35 12.74 2.45
CA ILE A 124 9.86 11.97 3.58
C ILE A 124 10.65 12.34 4.83
N ASP A 125 11.94 12.57 4.64
CA ASP A 125 12.83 12.94 5.74
C ASP A 125 12.55 14.37 6.19
N SER A 126 12.14 15.20 5.24
CA SER A 126 11.83 16.60 5.52
C SER A 126 10.66 16.69 6.50
N TYR A 127 9.80 15.69 6.46
CA TYR A 127 8.66 15.62 7.36
C TYR A 127 8.83 14.43 8.30
N LYS A 128 10.07 14.05 8.56
CA LYS A 128 10.39 12.89 9.41
C LYS A 128 10.30 13.12 10.90
N GLY A 129 9.29 13.82 11.35
CA GLY A 129 9.12 14.07 12.77
C GLY A 129 8.84 15.52 12.99
N THR A 130 9.01 16.26 11.92
CA THR A 130 8.79 17.68 11.90
C THR A 130 7.34 17.97 11.54
N VAL A 131 6.44 17.09 11.96
CA VAL A 131 5.01 17.23 11.69
C VAL A 131 4.24 17.09 12.99
N ASP A 132 3.23 17.93 13.17
CA ASP A 132 2.41 17.91 14.37
C ASP A 132 1.11 17.16 14.14
N CYS A 133 0.88 16.73 12.91
CA CYS A 133 -0.35 16.01 12.57
C CYS A 133 -0.07 14.54 12.30
N VAL A 134 -0.74 13.66 13.03
CA VAL A 134 -0.57 12.23 12.86
C VAL A 134 -1.13 11.78 11.52
N GLN A 135 -2.38 12.17 11.22
CA GLN A 135 -3.01 11.82 9.94
C GLN A 135 -2.10 12.13 8.74
N ALA A 136 -1.36 13.23 8.82
CA ALA A 136 -0.45 13.61 7.75
C ALA A 136 0.76 12.67 7.74
N ARG A 137 1.34 12.45 8.90
CA ARG A 137 2.48 11.56 9.04
C ARG A 137 2.13 10.11 8.74
N ALA A 138 0.86 9.77 8.84
CA ALA A 138 0.41 8.42 8.59
C ALA A 138 0.65 8.08 7.12
N ALA A 139 0.27 9.01 6.24
CA ALA A 139 0.48 8.84 4.82
C ALA A 139 1.98 8.68 4.52
N LEU A 140 2.78 9.47 5.20
CA LEU A 140 4.23 9.41 5.04
C LEU A 140 4.78 8.09 5.57
N ASP A 141 4.12 7.56 6.58
CA ASP A 141 4.52 6.30 7.20
C ASP A 141 4.33 5.16 6.21
N LYS A 142 3.23 5.22 5.47
CA LYS A 142 2.93 4.20 4.48
C LYS A 142 3.85 4.35 3.27
N ALA A 143 4.12 5.60 2.90
CA ALA A 143 4.99 5.89 1.76
C ALA A 143 6.37 5.29 1.95
N THR A 144 6.85 5.29 3.19
CA THR A 144 8.15 4.73 3.51
C THR A 144 8.17 3.22 3.24
N VAL A 145 7.01 2.59 3.36
CA VAL A 145 6.91 1.15 3.16
C VAL A 145 6.84 0.81 1.67
N LEU A 146 5.96 1.54 0.96
CA LEU A 146 5.73 1.33 -0.47
C LEU A 146 7.01 1.31 -1.30
N LEU A 147 8.01 2.06 -0.88
CA LEU A 147 9.28 2.09 -1.59
C LEU A 147 9.89 0.69 -1.66
N SER A 148 9.96 0.03 -0.52
CA SER A 148 10.51 -1.32 -0.43
C SER A 148 9.56 -2.33 -1.07
N MET A 149 8.31 -1.94 -1.21
CA MET A 149 7.30 -2.81 -1.79
C MET A 149 7.25 -2.70 -3.31
N SER A 150 8.00 -1.75 -3.87
CA SER A 150 8.05 -1.59 -5.32
C SER A 150 9.38 -1.99 -5.93
N LYS A 151 10.43 -2.05 -5.11
CA LYS A 151 11.76 -2.43 -5.57
C LYS A 151 11.79 -3.91 -5.95
N GLY A 152 11.06 -4.71 -5.19
CA GLY A 152 11.00 -6.13 -5.45
C GLY A 152 9.61 -6.53 -5.88
N GLY A 153 9.42 -7.79 -6.21
CA GLY A 153 8.10 -8.26 -6.62
C GLY A 153 7.83 -8.00 -8.10
N LYS A 154 8.17 -6.81 -8.57
CA LYS A 154 7.94 -6.43 -9.95
C LYS A 154 8.95 -7.09 -10.90
N ARG A 155 9.66 -8.09 -10.41
CA ARG A 155 10.63 -8.81 -11.22
C ARG A 155 9.96 -9.99 -11.91
N LYS A 156 8.66 -10.11 -11.69
CA LYS A 156 7.86 -11.18 -12.28
C LYS A 156 7.41 -10.77 -13.67
N ASP A 157 8.13 -11.21 -14.68
CA ASP A 157 7.79 -10.88 -16.06
C ASP A 157 6.88 -11.94 -16.66
N SER A 158 7.38 -13.15 -16.75
CA SER A 158 6.64 -14.27 -17.32
C SER A 158 5.51 -14.72 -16.39
N VAL A 159 4.31 -14.22 -16.65
CA VAL A 159 3.15 -14.58 -15.85
C VAL A 159 2.42 -15.76 -16.49
N TRP A 160 2.00 -15.56 -17.74
CA TRP A 160 1.29 -16.59 -18.48
C TRP A 160 1.24 -16.20 -19.95
N GLY A 161 0.72 -15.01 -20.22
CA GLY A 161 0.62 -14.54 -21.59
C GLY A 161 -0.78 -14.12 -21.96
N SER A 162 -1.43 -13.34 -21.10
CA SER A 162 -2.80 -12.87 -21.34
C SER A 162 -3.09 -11.59 -20.57
N GLY A 163 -3.74 -10.64 -21.23
CA GLY A 163 -4.08 -9.39 -20.61
C GLY A 163 -5.09 -8.62 -21.43
N GLY B 1 -6.66 -6.66 -23.27
CA GLY B 1 -7.77 -6.66 -24.26
C GLY B 1 -8.15 -5.26 -24.67
N GLY B 2 -9.44 -4.95 -24.62
CA GLY B 2 -9.90 -3.63 -24.98
C GLY B 2 -9.65 -2.61 -23.90
N GLN B 3 -9.84 -3.03 -22.65
CA GLN B 3 -9.63 -2.15 -21.52
C GLN B 3 -8.31 -2.47 -20.85
N GLN B 4 -7.97 -1.71 -19.81
CA GLN B 4 -6.74 -1.95 -19.07
C GLN B 4 -6.86 -3.26 -18.30
N PRO B 5 -5.85 -4.14 -18.44
CA PRO B 5 -5.84 -5.45 -17.77
C PRO B 5 -5.93 -5.32 -16.25
N VAL B 6 -6.62 -6.27 -15.63
CA VAL B 6 -6.78 -6.29 -14.18
C VAL B 6 -5.48 -6.71 -13.50
N ASN B 7 -5.38 -6.43 -12.21
CA ASN B 7 -4.19 -6.79 -11.45
C ASN B 7 -4.52 -7.63 -10.23
N HIS B 8 -3.59 -8.52 -9.89
CA HIS B 8 -3.68 -9.40 -8.74
C HIS B 8 -2.35 -10.11 -8.63
N LEU B 9 -2.04 -10.72 -7.48
CA LEU B 9 -0.76 -11.40 -7.26
C LEU B 9 0.36 -10.39 -7.01
N VAL B 10 0.54 -9.47 -7.95
CA VAL B 10 1.56 -8.43 -7.83
C VAL B 10 1.03 -7.28 -6.97
N LYS B 11 1.81 -6.89 -5.97
CA LYS B 11 1.44 -5.82 -5.05
C LYS B 11 0.23 -6.22 -4.19
N GLU B 12 0.03 -7.52 -4.04
CA GLU B 12 -1.09 -8.03 -3.26
C GLU B 12 -0.65 -8.38 -1.83
N ILE B 13 -0.59 -9.67 -1.52
CA ILE B 13 -0.20 -10.14 -0.19
C ILE B 13 1.17 -9.62 0.21
N ASP B 14 2.04 -9.45 -0.77
CA ASP B 14 3.40 -8.96 -0.53
C ASP B 14 3.39 -7.59 0.12
N MET B 15 2.47 -6.74 -0.32
CA MET B 15 2.35 -5.38 0.21
C MET B 15 1.75 -5.37 1.61
N LEU B 16 0.78 -6.23 1.84
CA LEU B 16 0.12 -6.30 3.14
C LEU B 16 1.07 -6.78 4.24
N LEU B 17 1.97 -7.67 3.87
CA LEU B 17 2.92 -8.23 4.82
C LEU B 17 3.98 -7.22 5.22
N LYS B 18 4.63 -6.62 4.24
CA LYS B 18 5.70 -5.67 4.50
C LYS B 18 5.24 -4.43 5.26
N GLU B 19 4.07 -3.90 4.92
CA GLU B 19 3.55 -2.70 5.58
C GLU B 19 3.20 -2.98 7.04
N TYR B 20 2.32 -3.96 7.23
CA TYR B 20 1.93 -4.36 8.59
C TYR B 20 3.16 -4.59 9.47
N LEU B 21 4.21 -5.17 8.90
CA LEU B 21 5.45 -5.39 9.64
C LEU B 21 6.24 -4.10 9.85
N LEU B 22 6.57 -3.43 8.75
CA LEU B 22 7.34 -2.19 8.78
C LEU B 22 6.73 -1.08 9.63
N SER B 23 5.58 -0.55 9.21
CA SER B 23 4.93 0.53 9.94
C SER B 23 3.91 -0.01 10.95
N GLY B 24 3.16 -1.02 10.54
CA GLY B 24 2.16 -1.59 11.43
C GLY B 24 0.86 -0.81 11.46
N ASP B 25 -0.13 -1.28 10.71
CA ASP B 25 -1.43 -0.63 10.66
C ASP B 25 -2.50 -1.63 10.23
N ILE B 26 -3.43 -1.94 11.14
CA ILE B 26 -4.51 -2.87 10.85
C ILE B 26 -5.48 -2.27 9.83
N SER B 27 -5.83 -1.01 10.05
CA SER B 27 -6.74 -0.27 9.17
C SER B 27 -6.54 -0.56 7.68
N GLU B 28 -5.31 -0.59 7.22
CA GLU B 28 -5.01 -0.85 5.81
C GLU B 28 -5.00 -2.33 5.46
N ALA B 29 -4.26 -3.12 6.23
CA ALA B 29 -4.14 -4.56 5.97
C ALA B 29 -5.48 -5.28 6.08
N GLU B 30 -6.24 -4.94 7.11
CA GLU B 30 -7.53 -5.55 7.35
C GLU B 30 -8.55 -5.14 6.28
N HIS B 31 -8.44 -3.90 5.81
CA HIS B 31 -9.37 -3.40 4.79
C HIS B 31 -9.08 -4.00 3.42
N CYS B 32 -7.81 -4.20 3.11
CA CYS B 32 -7.43 -4.75 1.82
C CYS B 32 -7.93 -6.19 1.66
N LEU B 33 -7.97 -6.93 2.76
CA LEU B 33 -8.45 -8.30 2.73
C LEU B 33 -9.94 -8.34 2.42
N LYS B 34 -10.65 -7.32 2.85
CA LYS B 34 -12.08 -7.19 2.61
C LYS B 34 -12.35 -6.94 1.13
N GLU B 35 -11.35 -6.39 0.45
CA GLU B 35 -11.46 -6.07 -0.96
C GLU B 35 -11.29 -7.32 -1.83
N LEU B 36 -10.35 -8.17 -1.44
CA LEU B 36 -10.07 -9.43 -2.14
C LEU B 36 -11.33 -10.29 -2.29
N GLU B 37 -11.38 -11.05 -3.39
CA GLU B 37 -12.55 -11.88 -3.69
C GLU B 37 -12.21 -13.37 -3.67
N VAL B 38 -11.04 -13.73 -3.19
CA VAL B 38 -10.63 -15.14 -3.13
C VAL B 38 -10.36 -15.59 -1.69
N PRO B 39 -11.36 -16.18 -1.03
CA PRO B 39 -11.23 -16.67 0.35
C PRO B 39 -10.35 -17.93 0.42
N HIS B 40 -10.39 -18.72 -0.64
CA HIS B 40 -9.62 -19.97 -0.71
C HIS B 40 -8.13 -19.71 -0.93
N PHE B 41 -7.78 -18.47 -1.26
CA PHE B 41 -6.39 -18.10 -1.48
C PHE B 41 -5.82 -17.34 -0.30
N HIS B 42 -6.54 -17.35 0.82
CA HIS B 42 -6.09 -16.65 2.03
C HIS B 42 -4.82 -17.25 2.63
N HIS B 43 -4.35 -18.34 2.05
CA HIS B 43 -3.14 -19.01 2.56
C HIS B 43 -1.87 -18.29 2.12
N GLU B 44 -1.97 -17.63 0.96
CA GLU B 44 -0.83 -16.91 0.35
C GLU B 44 -0.09 -16.02 1.35
N LEU B 45 -0.82 -15.11 2.01
CA LEU B 45 -0.20 -14.21 2.98
C LEU B 45 0.22 -14.99 4.22
N VAL B 46 -0.67 -15.87 4.63
CA VAL B 46 -0.47 -16.72 5.79
C VAL B 46 0.88 -17.45 5.71
N TYR B 47 1.10 -18.14 4.58
CA TYR B 47 2.35 -18.88 4.35
C TYR B 47 3.58 -17.99 4.50
N GLU B 48 3.57 -16.83 3.86
CA GLU B 48 4.69 -15.91 3.91
C GLU B 48 4.93 -15.39 5.33
N ALA B 49 3.85 -15.03 6.01
CA ALA B 49 3.94 -14.57 7.40
C ALA B 49 4.71 -15.57 8.27
N ILE B 50 4.58 -16.84 7.92
CA ILE B 50 5.28 -17.88 8.66
C ILE B 50 6.78 -17.84 8.31
N VAL B 51 7.05 -17.83 7.01
CA VAL B 51 8.42 -17.78 6.51
C VAL B 51 9.19 -16.56 7.04
N MET B 52 8.68 -15.36 6.77
CA MET B 52 9.32 -14.13 7.23
C MET B 52 9.62 -14.15 8.72
N VAL B 53 8.57 -14.35 9.51
CA VAL B 53 8.71 -14.42 10.97
C VAL B 53 9.90 -15.29 11.43
N LEU B 54 10.21 -16.35 10.69
CA LEU B 54 11.34 -17.20 11.04
C LEU B 54 12.65 -16.61 10.53
N GLU B 55 12.61 -16.10 9.30
CA GLU B 55 13.78 -15.48 8.65
C GLU B 55 13.96 -14.02 9.06
N SER B 56 13.34 -13.60 10.16
CA SER B 56 13.39 -12.20 10.60
C SER B 56 14.70 -11.85 11.31
N THR B 57 14.63 -10.85 12.18
CA THR B 57 15.78 -10.38 12.94
C THR B 57 15.32 -9.52 14.12
N GLY B 58 15.01 -10.16 15.24
CA GLY B 58 14.57 -9.42 16.42
C GLY B 58 13.43 -10.11 17.15
N GLU B 59 13.36 -9.91 18.46
CA GLU B 59 12.30 -10.51 19.28
C GLU B 59 10.93 -9.90 18.97
N SER B 60 10.94 -8.64 18.55
CA SER B 60 9.73 -7.91 18.21
C SER B 60 8.98 -8.56 17.04
N ALA B 61 9.69 -9.39 16.29
CA ALA B 61 9.12 -10.02 15.10
C ALA B 61 7.89 -10.84 15.44
N PHE B 62 7.93 -11.54 16.57
CA PHE B 62 6.82 -12.38 17.01
C PHE B 62 5.53 -11.56 17.17
N LYS B 63 5.50 -10.70 18.19
CA LYS B 63 4.34 -9.83 18.45
C LYS B 63 3.88 -9.07 17.21
N MET B 64 4.84 -8.71 16.35
CA MET B 64 4.53 -7.97 15.13
C MET B 64 3.80 -8.84 14.12
N ILE B 65 4.36 -10.02 13.84
CA ILE B 65 3.75 -10.95 12.90
C ILE B 65 2.50 -11.62 13.47
N LEU B 66 2.57 -12.09 14.71
CA LEU B 66 1.42 -12.73 15.36
C LEU B 66 0.19 -11.85 15.34
N ASP B 67 0.39 -10.55 15.51
CA ASP B 67 -0.72 -9.59 15.49
C ASP B 67 -1.40 -9.60 14.13
N LEU B 68 -0.68 -10.07 13.12
CA LEU B 68 -1.21 -10.15 11.79
C LEU B 68 -2.14 -11.37 11.64
N LEU B 69 -1.64 -12.55 12.03
CA LEU B 69 -2.41 -13.78 11.87
C LEU B 69 -3.57 -13.97 12.85
N LYS B 70 -3.32 -14.13 14.15
CA LYS B 70 -4.39 -14.31 15.10
C LYS B 70 -5.27 -13.11 15.31
N SER B 71 -4.77 -11.91 15.04
CA SER B 71 -5.58 -10.75 15.38
C SER B 71 -6.60 -10.49 14.28
N LEU B 72 -6.26 -11.02 13.10
CA LEU B 72 -7.06 -10.85 11.89
C LEU B 72 -8.28 -11.80 11.90
N TRP B 73 -8.12 -12.92 12.59
CA TRP B 73 -9.15 -13.98 12.73
C TRP B 73 -10.52 -13.54 13.29
N LYS B 74 -10.54 -12.51 14.15
CA LYS B 74 -11.82 -12.08 14.80
C LYS B 74 -13.19 -12.49 14.24
N SER B 75 -13.60 -12.30 13.01
CA SER B 75 -14.93 -12.79 12.65
C SER B 75 -14.84 -14.07 11.81
N SER B 76 -13.69 -14.70 11.95
CA SER B 76 -13.32 -15.92 11.23
C SER B 76 -13.03 -15.56 9.77
N THR B 77 -12.08 -14.65 9.61
CA THR B 77 -11.67 -14.17 8.29
C THR B 77 -10.84 -15.21 7.56
N ILE B 78 -9.76 -15.66 8.19
CA ILE B 78 -8.91 -16.68 7.60
C ILE B 78 -9.33 -18.06 8.10
N THR B 79 -10.15 -18.74 7.31
CA THR B 79 -10.61 -20.07 7.66
C THR B 79 -9.44 -21.05 7.61
N ILE B 80 -9.33 -21.94 8.59
CA ILE B 80 -8.24 -22.91 8.66
C ILE B 80 -7.97 -23.71 7.39
N ASP B 81 -8.94 -23.85 6.49
CA ASP B 81 -8.72 -24.62 5.26
C ASP B 81 -7.47 -24.09 4.56
N GLN B 82 -7.24 -22.80 4.76
CA GLN B 82 -6.07 -22.12 4.21
C GLN B 82 -4.91 -22.26 5.19
N MET B 83 -5.15 -21.68 6.35
CA MET B 83 -4.19 -21.67 7.47
C MET B 83 -3.54 -23.06 7.73
N LYS B 84 -4.28 -24.13 7.48
CA LYS B 84 -3.75 -25.48 7.68
C LYS B 84 -2.75 -25.76 6.56
N ARG B 85 -3.22 -25.55 5.34
CA ARG B 85 -2.44 -25.73 4.13
C ARG B 85 -1.23 -24.80 4.11
N GLY B 86 -1.25 -23.80 4.99
CA GLY B 86 -0.16 -22.85 5.04
C GLY B 86 1.00 -23.42 5.80
N TYR B 87 0.71 -23.90 7.01
CA TYR B 87 1.72 -24.48 7.88
C TYR B 87 2.25 -25.79 7.32
N GLU B 88 1.42 -26.50 6.56
CA GLU B 88 1.84 -27.77 5.96
C GLU B 88 3.03 -27.54 5.03
N ARG B 89 3.02 -26.41 4.36
CA ARG B 89 4.10 -26.06 3.45
C ARG B 89 5.38 -25.80 4.24
N ILE B 90 5.22 -25.28 5.45
CA ILE B 90 6.36 -24.96 6.33
C ILE B 90 7.03 -26.25 6.81
N TYR B 91 6.36 -27.36 6.58
CA TYR B 91 6.91 -28.65 6.97
C TYR B 91 7.82 -29.12 5.85
N ASN B 92 7.57 -28.59 4.66
CA ASN B 92 8.35 -28.90 3.47
C ASN B 92 9.47 -27.88 3.27
N GLU B 93 9.18 -26.61 3.53
CA GLU B 93 10.15 -25.53 3.34
C GLU B 93 11.26 -25.55 4.39
N ILE B 94 10.90 -25.83 5.63
CA ILE B 94 11.87 -25.86 6.73
C ILE B 94 13.12 -26.69 6.41
N PRO B 95 12.98 -27.96 5.98
CA PRO B 95 14.12 -28.81 5.62
C PRO B 95 15.05 -28.16 4.58
N ASP B 96 14.46 -27.47 3.60
CA ASP B 96 15.23 -26.84 2.54
C ASP B 96 15.93 -25.58 3.05
N ILE B 97 15.25 -24.82 3.88
CA ILE B 97 15.80 -23.59 4.44
C ILE B 97 16.92 -23.91 5.44
N ASN B 98 16.72 -24.99 6.19
CA ASN B 98 17.71 -25.43 7.17
C ASN B 98 18.91 -26.06 6.50
N LEU B 99 18.65 -27.06 5.65
CA LEU B 99 19.71 -27.77 4.93
C LEU B 99 20.71 -28.37 5.92
N ASP B 100 20.21 -29.27 6.77
CA ASP B 100 21.00 -29.94 7.81
C ASP B 100 21.23 -29.01 8.99
N VAL B 101 21.42 -29.59 10.17
CA VAL B 101 21.62 -28.82 11.40
C VAL B 101 20.47 -27.82 11.60
N PRO B 102 19.26 -28.35 11.87
CA PRO B 102 18.07 -27.52 12.05
C PRO B 102 17.99 -26.86 13.43
N HIS B 103 18.93 -25.97 13.71
CA HIS B 103 18.94 -25.25 14.98
C HIS B 103 17.71 -24.34 15.09
N SER B 104 17.10 -24.09 13.94
CA SER B 104 15.90 -23.27 13.85
C SER B 104 14.72 -23.99 14.51
N TYR B 105 14.93 -25.25 14.89
CA TYR B 105 13.90 -26.04 15.54
C TYR B 105 13.47 -25.38 16.84
N SER B 106 14.41 -24.69 17.48
CA SER B 106 14.13 -23.98 18.72
C SER B 106 12.92 -23.08 18.59
N VAL B 107 12.89 -22.24 17.56
CA VAL B 107 11.77 -21.33 17.32
C VAL B 107 10.61 -22.04 16.63
N LEU B 108 10.93 -23.12 15.93
CA LEU B 108 9.95 -23.86 15.12
C LEU B 108 8.69 -24.22 15.90
N GLU B 109 8.84 -24.90 17.04
CA GLU B 109 7.69 -25.29 17.84
C GLU B 109 7.09 -24.06 18.49
N ARG B 110 7.98 -23.21 18.99
CA ARG B 110 7.55 -21.99 19.68
C ARG B 110 6.33 -21.26 19.09
N PHE B 111 6.23 -20.96 17.79
CA PHE B 111 5.01 -20.30 17.32
C PHE B 111 3.86 -21.29 17.24
N VAL B 112 4.17 -22.55 16.97
CA VAL B 112 3.15 -23.59 16.84
C VAL B 112 2.49 -23.88 18.20
N GLU B 113 3.28 -23.91 19.26
CA GLU B 113 2.73 -24.14 20.59
C GLU B 113 1.88 -22.97 21.06
N GLU B 114 2.17 -21.79 20.50
CA GLU B 114 1.45 -20.57 20.87
C GLU B 114 0.18 -20.53 20.03
N CYS B 115 0.26 -21.29 18.96
CA CYS B 115 -0.79 -21.36 17.95
C CYS B 115 -1.92 -22.28 18.39
N PHE B 116 -1.58 -23.36 19.07
CA PHE B 116 -2.57 -24.34 19.48
C PHE B 116 -3.44 -23.87 20.64
N GLN B 117 -2.87 -23.67 21.82
CA GLN B 117 -3.62 -23.21 22.99
C GLN B 117 -4.56 -22.03 22.86
N ALA B 118 -4.49 -21.18 21.83
CA ALA B 118 -5.42 -20.06 21.78
C ALA B 118 -6.79 -20.54 21.30
N GLY B 119 -6.77 -21.58 20.48
CA GLY B 119 -8.00 -22.14 19.96
C GLY B 119 -8.26 -21.73 18.53
N ILE B 120 -7.24 -21.87 17.68
CA ILE B 120 -7.39 -21.51 16.27
C ILE B 120 -7.05 -22.68 15.35
N ILE B 121 -5.93 -23.34 15.60
CA ILE B 121 -5.52 -24.48 14.79
C ILE B 121 -6.19 -25.78 15.28
N SER B 122 -5.83 -26.89 14.66
CA SER B 122 -6.40 -28.18 15.02
C SER B 122 -5.31 -29.10 15.57
N LYS B 123 -5.73 -30.15 16.25
CA LYS B 123 -4.80 -31.11 16.83
C LYS B 123 -4.10 -31.94 15.76
N GLN B 124 -4.74 -32.06 14.60
CA GLN B 124 -4.18 -32.82 13.48
C GLN B 124 -2.84 -32.26 13.05
N LEU B 125 -2.82 -30.96 12.77
CA LEU B 125 -1.59 -30.27 12.36
C LEU B 125 -0.59 -30.33 13.50
N ARG B 126 -1.10 -29.95 14.67
CA ARG B 126 -0.31 -30.00 15.90
C ARG B 126 0.40 -31.36 16.04
N ASP B 127 -0.21 -32.41 15.52
CA ASP B 127 0.39 -33.74 15.56
C ASP B 127 1.40 -33.92 14.41
N LEU B 128 0.98 -33.49 13.23
CA LEU B 128 1.78 -33.63 12.00
C LEU B 128 3.02 -32.74 11.95
N CYS B 129 3.29 -31.99 13.01
CA CYS B 129 4.46 -31.13 13.03
C CYS B 129 5.60 -31.84 13.76
N PRO B 130 6.87 -31.50 13.44
CA PRO B 130 8.03 -32.11 14.08
C PRO B 130 8.09 -31.77 15.57
N SER B 131 7.43 -32.57 16.38
CA SER B 131 7.38 -32.36 17.80
C SER B 131 8.39 -33.27 18.51
N GLY A 1 2.49 30.60 -2.59
CA GLY A 1 1.78 30.81 -1.31
C GLY A 1 0.34 30.34 -1.39
N LEU A 2 -0.57 31.13 -0.85
CA LEU A 2 -1.99 30.79 -0.86
C LEU A 2 -2.64 31.21 -2.17
N PRO A 3 -3.35 30.28 -2.81
CA PRO A 3 -4.03 30.54 -4.08
C PRO A 3 -5.27 31.40 -3.90
N LEU A 4 -5.63 32.12 -4.95
CA LEU A 4 -6.80 33.00 -4.92
C LEU A 4 -8.00 32.32 -5.58
N ASP A 5 -9.17 32.47 -4.95
CA ASP A 5 -10.41 31.89 -5.46
C ASP A 5 -10.31 30.38 -5.62
N GLU A 6 -10.12 29.69 -4.49
CA GLU A 6 -10.00 28.24 -4.50
C GLU A 6 -11.31 27.58 -4.87
N ARG A 7 -12.36 27.90 -4.13
CA ARG A 7 -13.70 27.36 -4.39
C ARG A 7 -14.14 27.59 -5.83
N ALA A 8 -13.80 28.75 -6.38
CA ALA A 8 -14.16 29.08 -7.76
C ALA A 8 -13.35 28.24 -8.74
N PHE A 9 -12.14 27.90 -8.33
CA PHE A 9 -11.24 27.10 -9.16
C PHE A 9 -11.73 25.66 -9.26
N GLU A 10 -11.98 25.04 -8.11
CA GLU A 10 -12.44 23.66 -8.06
C GLU A 10 -13.73 23.46 -8.85
N LYS A 11 -14.69 24.33 -8.60
CA LYS A 11 -15.98 24.27 -9.28
C LYS A 11 -15.83 24.20 -10.80
N THR A 12 -14.99 25.08 -11.34
CA THR A 12 -14.75 25.14 -12.76
C THR A 12 -13.84 24.00 -13.25
N LEU A 13 -12.92 23.57 -12.39
CA LEU A 13 -11.98 22.52 -12.75
C LEU A 13 -12.59 21.12 -12.80
N THR A 14 -13.54 20.85 -11.91
CA THR A 14 -14.20 19.54 -11.86
C THR A 14 -14.62 18.98 -13.23
N PRO A 15 -15.43 19.72 -14.03
CA PRO A 15 -15.87 19.25 -15.36
C PRO A 15 -14.70 19.05 -16.34
N ILE A 16 -13.58 19.70 -16.07
CA ILE A 16 -12.40 19.59 -16.94
C ILE A 16 -11.69 18.25 -16.68
N ILE A 17 -11.54 17.95 -15.40
CA ILE A 17 -10.90 16.73 -14.95
C ILE A 17 -11.87 15.55 -15.06
N GLN A 18 -13.13 15.87 -15.35
CA GLN A 18 -14.19 14.87 -15.39
C GLN A 18 -13.94 13.89 -16.52
N GLU A 19 -13.26 14.35 -17.56
CA GLU A 19 -12.97 13.52 -18.71
C GLU A 19 -11.85 12.53 -18.37
N TYR A 20 -11.13 12.82 -17.29
CA TYR A 20 -10.02 11.97 -16.86
C TYR A 20 -10.57 10.66 -16.29
N PHE A 21 -11.87 10.47 -16.44
CA PHE A 21 -12.54 9.30 -15.90
C PHE A 21 -13.00 8.36 -17.02
N GLU A 22 -12.84 8.79 -18.28
CA GLU A 22 -13.33 7.98 -19.42
C GLU A 22 -12.32 7.01 -20.04
N HIS A 23 -11.29 7.55 -20.75
CA HIS A 23 -10.27 6.71 -21.35
C HIS A 23 -8.92 7.28 -20.95
N GLY A 24 -9.02 8.44 -20.33
CA GLY A 24 -7.84 9.13 -19.90
C GLY A 24 -7.12 9.82 -21.03
N ASP A 25 -6.89 11.12 -20.90
CA ASP A 25 -6.18 11.88 -21.92
C ASP A 25 -5.47 13.03 -21.24
N THR A 26 -4.16 12.92 -21.15
CA THR A 26 -3.37 13.95 -20.50
C THR A 26 -3.10 15.15 -21.39
N ASN A 27 -3.17 14.93 -22.70
CA ASN A 27 -2.89 15.96 -23.70
C ASN A 27 -3.93 17.07 -23.76
N GLU A 28 -5.19 16.72 -23.51
CA GLU A 28 -6.27 17.72 -23.56
C GLU A 28 -6.12 18.77 -22.48
N VAL A 29 -6.04 18.33 -21.23
CA VAL A 29 -5.90 19.25 -20.09
C VAL A 29 -4.64 20.11 -20.24
N ALA A 30 -3.49 19.45 -20.33
CA ALA A 30 -2.21 20.13 -20.53
C ALA A 30 -2.25 21.25 -21.60
N GLU A 31 -3.05 21.07 -22.65
CA GLU A 31 -3.15 22.06 -23.70
C GLU A 31 -3.97 23.27 -23.24
N MET A 32 -5.11 22.96 -22.63
CA MET A 32 -6.00 23.99 -22.13
C MET A 32 -5.47 24.66 -20.87
N LEU A 33 -4.70 23.91 -20.09
CA LEU A 33 -4.13 24.42 -18.85
C LEU A 33 -3.38 25.73 -19.03
N ARG A 34 -2.78 25.94 -20.19
CA ARG A 34 -2.03 27.17 -20.43
C ARG A 34 -2.97 28.32 -20.72
N ASP A 35 -4.23 28.00 -21.05
CA ASP A 35 -5.23 28.99 -21.44
C ASP A 35 -5.97 29.48 -20.19
N LEU A 36 -5.40 29.15 -19.04
CA LEU A 36 -5.98 29.48 -17.75
C LEU A 36 -5.08 30.45 -17.00
N ASN A 37 -3.82 30.50 -17.42
CA ASN A 37 -2.80 31.37 -16.80
C ASN A 37 -2.80 31.29 -15.28
N LEU A 38 -2.19 30.25 -14.75
CA LEU A 38 -2.13 30.06 -13.30
C LEU A 38 -0.68 29.91 -12.86
N GLY A 39 -0.24 30.77 -11.96
CA GLY A 39 1.11 30.70 -11.46
C GLY A 39 1.22 29.74 -10.30
N GLU A 40 0.79 30.19 -9.13
CA GLU A 40 0.83 29.36 -7.94
C GLU A 40 -0.43 28.50 -7.83
N MET A 41 -1.49 28.95 -8.47
CA MET A 41 -2.76 28.23 -8.47
C MET A 41 -2.69 26.99 -9.36
N LYS A 42 -1.67 26.95 -10.21
CA LYS A 42 -1.49 25.83 -11.13
C LYS A 42 -1.20 24.53 -10.38
N SER A 43 -0.60 24.64 -9.22
CA SER A 43 -0.27 23.46 -8.42
C SER A 43 -1.53 22.84 -7.80
N GLY A 44 -2.66 23.53 -7.94
CA GLY A 44 -3.90 23.01 -7.40
C GLY A 44 -4.54 21.98 -8.32
N VAL A 45 -4.29 22.14 -9.62
CA VAL A 45 -4.81 21.22 -10.63
C VAL A 45 -4.61 19.74 -10.26
N PRO A 46 -3.35 19.29 -10.07
CA PRO A 46 -3.07 17.89 -9.70
C PRO A 46 -3.67 17.51 -8.35
N VAL A 47 -3.78 18.50 -7.45
CA VAL A 47 -4.35 18.30 -6.11
C VAL A 47 -5.78 17.79 -6.21
N LEU A 48 -6.64 18.59 -6.87
CA LEU A 48 -8.04 18.23 -7.03
C LEU A 48 -8.20 16.92 -7.78
N ALA A 49 -7.29 16.66 -8.71
CA ALA A 49 -7.32 15.42 -9.49
C ALA A 49 -7.21 14.22 -8.56
N VAL A 50 -6.24 14.27 -7.65
CA VAL A 50 -6.03 13.21 -6.69
C VAL A 50 -7.28 13.02 -5.81
N SER A 51 -7.80 14.12 -5.28
CA SER A 51 -8.98 14.09 -4.42
C SER A 51 -10.15 13.40 -5.15
N LEU A 52 -10.44 13.85 -6.36
CA LEU A 52 -11.50 13.27 -7.18
C LEU A 52 -11.35 11.75 -7.29
N ALA A 53 -10.16 11.29 -7.65
CA ALA A 53 -9.88 9.87 -7.80
C ALA A 53 -10.07 9.11 -6.48
N LEU A 54 -9.66 9.74 -5.38
CA LEU A 54 -9.78 9.13 -4.06
C LEU A 54 -11.19 8.67 -3.76
N GLU A 55 -12.17 9.54 -3.98
CA GLU A 55 -13.57 9.20 -3.72
C GLU A 55 -14.12 8.20 -4.73
N GLY A 56 -13.43 8.06 -5.86
CA GLY A 56 -13.88 7.14 -6.89
C GLY A 56 -13.30 5.75 -6.74
N LYS A 57 -13.14 5.06 -7.87
CA LYS A 57 -12.61 3.71 -7.87
C LYS A 57 -11.09 3.71 -7.76
N ALA A 58 -10.55 2.59 -7.25
CA ALA A 58 -9.11 2.44 -7.07
C ALA A 58 -8.36 2.45 -8.40
N SER A 59 -9.06 2.05 -9.47
CA SER A 59 -8.47 2.00 -10.80
C SER A 59 -7.99 3.39 -11.23
N HIS A 60 -8.91 4.34 -11.27
CA HIS A 60 -8.59 5.72 -11.62
C HIS A 60 -7.54 6.34 -10.70
N ARG A 61 -7.37 5.78 -9.51
CA ARG A 61 -6.37 6.29 -8.56
C ARG A 61 -4.98 5.93 -9.07
N GLU A 62 -4.82 4.67 -9.43
CA GLU A 62 -3.55 4.18 -9.99
C GLU A 62 -3.32 4.90 -11.33
N MET A 63 -4.42 5.16 -12.03
CA MET A 63 -4.41 5.84 -13.31
C MET A 63 -4.05 7.32 -13.20
N THR A 64 -3.90 7.81 -11.96
CA THR A 64 -3.67 9.24 -11.76
C THR A 64 -2.19 9.56 -11.98
N SER A 65 -1.36 8.55 -11.74
CA SER A 65 0.08 8.67 -11.87
C SER A 65 0.53 9.10 -13.27
N LYS A 66 -0.28 8.76 -14.28
CA LYS A 66 0.04 9.15 -15.66
C LYS A 66 0.00 10.66 -15.76
N LEU A 67 -1.13 11.22 -15.36
CA LEU A 67 -1.34 12.67 -15.32
C LEU A 67 -0.17 13.38 -14.65
N LEU A 68 0.29 12.83 -13.53
CA LEU A 68 1.42 13.42 -12.80
C LEU A 68 2.66 13.51 -13.70
N SER A 69 3.04 12.38 -14.30
CA SER A 69 4.20 12.33 -15.17
C SER A 69 4.05 13.28 -16.36
N ASP A 70 2.90 13.19 -17.04
CA ASP A 70 2.61 14.04 -18.20
C ASP A 70 2.58 15.53 -17.88
N LEU A 71 2.33 15.84 -16.62
CA LEU A 71 2.24 17.23 -16.20
C LEU A 71 3.66 17.80 -16.03
N CYS A 72 4.54 16.96 -15.50
CA CYS A 72 5.94 17.35 -15.26
C CYS A 72 6.64 17.70 -16.58
N GLY A 73 7.27 18.86 -16.59
CA GLY A 73 7.99 19.32 -17.76
C GLY A 73 7.11 20.12 -18.71
N THR A 74 6.03 19.50 -19.15
CA THR A 74 5.10 20.12 -20.09
C THR A 74 4.49 21.41 -19.53
N VAL A 75 3.72 21.26 -18.45
CA VAL A 75 3.06 22.41 -17.84
C VAL A 75 3.43 22.61 -16.37
N MET A 76 4.32 21.77 -15.87
CA MET A 76 4.75 21.87 -14.49
C MET A 76 6.26 21.82 -14.37
N SER A 77 6.81 22.65 -13.49
CA SER A 77 8.25 22.69 -13.28
C SER A 77 8.69 21.57 -12.33
N THR A 78 9.87 21.72 -11.74
CA THR A 78 10.37 20.73 -10.79
C THR A 78 9.87 21.05 -9.40
N THR A 79 10.01 22.31 -9.03
CA THR A 79 9.56 22.84 -7.75
C THR A 79 8.04 22.82 -7.65
N ASP A 80 7.37 22.65 -8.80
CA ASP A 80 5.90 22.73 -8.82
C ASP A 80 5.31 21.51 -8.15
N VAL A 81 6.04 20.40 -8.27
CA VAL A 81 5.59 19.14 -7.71
C VAL A 81 5.50 19.16 -6.19
N GLU A 82 6.41 19.86 -5.50
CA GLU A 82 6.34 19.91 -4.04
C GLU A 82 5.01 20.54 -3.68
N LYS A 83 4.83 21.81 -4.06
CA LYS A 83 3.54 22.48 -3.91
C LYS A 83 2.34 21.66 -4.38
N SER A 84 2.53 20.65 -5.20
CA SER A 84 1.40 19.85 -5.63
C SER A 84 0.89 19.06 -4.42
N PHE A 85 1.81 18.54 -3.62
CA PHE A 85 1.44 17.82 -2.41
C PHE A 85 1.20 18.84 -1.29
N ASP A 86 2.22 19.67 -1.06
CA ASP A 86 2.19 20.74 -0.04
C ASP A 86 0.87 21.50 0.08
N LYS A 87 0.10 21.63 -1.01
CA LYS A 87 -1.17 22.33 -0.91
C LYS A 87 -2.22 21.39 -0.29
N LEU A 88 -2.12 20.14 -0.66
CA LEU A 88 -2.98 19.07 -0.15
C LEU A 88 -2.59 18.65 1.27
N LEU A 89 -1.39 19.10 1.70
CA LEU A 89 -0.81 18.65 2.96
C LEU A 89 -1.74 18.65 4.16
N LYS A 90 -2.38 19.76 4.47
CA LYS A 90 -3.28 19.84 5.61
C LYS A 90 -4.70 19.52 5.21
N ASP A 91 -4.88 19.10 3.97
CA ASP A 91 -6.24 18.87 3.47
C ASP A 91 -6.74 17.48 3.85
N LEU A 92 -5.78 16.61 4.19
CA LEU A 92 -6.09 15.23 4.59
C LEU A 92 -7.18 15.14 5.67
N PRO A 93 -7.07 15.91 6.78
CA PRO A 93 -8.09 15.90 7.84
C PRO A 93 -9.51 16.05 7.28
N GLU A 94 -9.71 17.08 6.46
CA GLU A 94 -11.02 17.32 5.85
C GLU A 94 -11.47 16.13 5.02
N LEU A 95 -10.55 15.59 4.23
CA LEU A 95 -10.86 14.42 3.39
C LEU A 95 -11.19 13.21 4.26
N ALA A 96 -10.53 13.13 5.41
CA ALA A 96 -10.75 12.03 6.35
C ALA A 96 -12.18 12.09 6.87
N LEU A 97 -12.67 13.31 7.08
CA LEU A 97 -14.03 13.56 7.55
C LEU A 97 -15.07 12.98 6.60
N ASP A 98 -14.65 12.68 5.37
CA ASP A 98 -15.55 12.14 4.38
C ASP A 98 -15.31 10.65 4.25
N THR A 99 -14.03 10.27 4.23
CA THR A 99 -13.65 8.87 4.17
C THR A 99 -12.34 8.66 4.93
N PRO A 100 -12.36 7.90 6.03
CA PRO A 100 -11.16 7.64 6.84
C PRO A 100 -10.05 7.00 6.01
N ARG A 101 -10.44 6.07 5.15
CA ARG A 101 -9.48 5.38 4.29
C ARG A 101 -8.99 6.23 3.11
N ALA A 102 -9.37 7.51 3.02
CA ALA A 102 -8.93 8.35 1.90
C ALA A 102 -7.48 8.84 2.03
N PRO A 103 -7.11 9.56 3.13
CA PRO A 103 -5.74 10.08 3.30
C PRO A 103 -4.70 8.98 3.35
N GLN A 104 -5.15 7.78 3.66
CA GLN A 104 -4.28 6.62 3.72
C GLN A 104 -3.85 6.23 2.31
N LEU A 105 -4.73 6.51 1.34
CA LEU A 105 -4.47 6.20 -0.05
C LEU A 105 -3.39 7.14 -0.59
N VAL A 106 -3.50 8.43 -0.27
CA VAL A 106 -2.53 9.45 -0.66
C VAL A 106 -1.10 9.05 -0.34
N GLY A 107 -0.95 8.07 0.56
CA GLY A 107 0.38 7.67 0.97
C GLY A 107 1.04 6.97 -0.19
N GLN A 108 0.20 6.35 -1.02
CA GLN A 108 0.62 5.64 -2.21
C GLN A 108 0.94 6.61 -3.35
N PHE A 109 0.27 7.79 -3.35
CA PHE A 109 0.49 8.77 -4.41
C PHE A 109 1.88 9.40 -4.32
N ILE A 110 2.15 10.12 -3.24
CA ILE A 110 3.49 10.68 -3.03
C ILE A 110 4.58 9.61 -3.15
N ALA A 111 4.22 8.37 -2.86
CA ALA A 111 5.17 7.26 -2.94
C ALA A 111 5.46 6.94 -4.41
N ARG A 112 4.50 7.22 -5.27
CA ARG A 112 4.63 6.94 -6.68
C ARG A 112 5.61 7.89 -7.40
N ALA A 113 5.38 9.20 -7.33
CA ALA A 113 6.26 10.17 -7.99
C ALA A 113 7.73 10.04 -7.61
N VAL A 114 7.99 9.75 -6.34
CA VAL A 114 9.37 9.59 -5.88
C VAL A 114 10.02 8.39 -6.57
N GLY A 115 9.19 7.40 -6.90
CA GLY A 115 9.70 6.20 -7.55
C GLY A 115 9.99 6.40 -9.02
N ASP A 116 9.24 7.29 -9.68
CA ASP A 116 9.48 7.53 -11.11
C ASP A 116 10.53 8.62 -11.33
N GLY A 117 10.27 9.87 -10.90
CA GLY A 117 11.27 10.92 -11.06
C GLY A 117 10.61 12.29 -11.08
N ILE A 118 9.44 12.34 -10.48
CA ILE A 118 8.66 13.57 -10.39
C ILE A 118 8.77 14.13 -8.97
N LEU A 119 9.71 13.57 -8.21
CA LEU A 119 9.91 13.99 -6.83
C LEU A 119 11.17 13.36 -6.24
N CYS A 120 11.70 14.00 -5.21
CA CYS A 120 12.88 13.51 -4.51
C CYS A 120 12.44 12.88 -3.19
N ASN A 121 13.11 11.80 -2.79
CA ASN A 121 12.74 11.10 -1.55
C ASN A 121 12.92 11.99 -0.32
N THR A 122 14.07 12.64 -0.24
CA THR A 122 14.37 13.58 0.85
C THR A 122 13.25 14.59 1.15
N TYR A 123 12.27 14.76 0.26
CA TYR A 123 11.15 15.67 0.52
C TYR A 123 10.34 15.13 1.70
N ILE A 124 10.26 13.81 1.79
CA ILE A 124 9.53 13.14 2.87
C ILE A 124 10.34 13.24 4.16
N ASP A 125 11.66 13.10 4.03
CA ASP A 125 12.55 13.17 5.18
C ASP A 125 12.54 14.57 5.79
N SER A 126 12.20 15.56 4.97
CA SER A 126 12.12 16.95 5.43
C SER A 126 10.96 17.10 6.40
N TYR A 127 9.87 16.40 6.14
CA TYR A 127 8.71 16.45 7.00
C TYR A 127 8.79 15.31 8.01
N LYS A 128 10.02 14.86 8.31
CA LYS A 128 10.26 13.71 9.20
C LYS A 128 10.28 13.99 10.71
N GLY A 129 9.31 14.73 11.22
CA GLY A 129 9.29 14.98 12.64
C GLY A 129 8.91 16.38 12.91
N THR A 130 8.60 17.05 11.84
CA THR A 130 8.20 18.43 11.87
C THR A 130 6.71 18.55 11.55
N VAL A 131 6.05 17.41 11.37
CA VAL A 131 4.61 17.41 11.08
C VAL A 131 3.81 17.17 12.35
N ASP A 132 3.21 18.25 12.84
CA ASP A 132 2.40 18.19 14.05
C ASP A 132 0.94 17.84 13.70
N CYS A 133 0.77 17.03 12.68
CA CYS A 133 -0.54 16.61 12.23
C CYS A 133 -0.59 15.10 12.09
N VAL A 134 -1.59 14.48 12.70
CA VAL A 134 -1.74 13.03 12.66
C VAL A 134 -1.95 12.51 11.23
N GLN A 135 -3.02 12.97 10.59
CA GLN A 135 -3.35 12.57 9.22
C GLN A 135 -2.16 12.69 8.27
N ALA A 136 -1.48 13.85 8.30
CA ALA A 136 -0.33 14.06 7.43
C ALA A 136 0.80 13.09 7.78
N ARG A 137 1.11 12.98 9.07
CA ARG A 137 2.14 12.05 9.54
C ARG A 137 1.88 10.63 9.05
N ALA A 138 0.67 10.14 9.27
CA ALA A 138 0.29 8.79 8.83
C ALA A 138 0.50 8.63 7.32
N ALA A 139 0.00 9.60 6.57
CA ALA A 139 0.15 9.61 5.12
C ALA A 139 1.62 9.44 4.69
N LEU A 140 2.51 10.19 5.32
CA LEU A 140 3.93 10.11 4.98
C LEU A 140 4.57 8.84 5.53
N ASP A 141 4.19 8.49 6.74
CA ASP A 141 4.69 7.28 7.38
C ASP A 141 4.22 6.03 6.65
N LYS A 142 3.21 6.21 5.80
CA LYS A 142 2.68 5.06 5.09
C LYS A 142 3.52 4.79 3.83
N ALA A 143 3.94 5.90 3.23
CA ALA A 143 4.73 5.90 2.00
C ALA A 143 6.03 5.13 2.16
N THR A 144 6.68 5.26 3.31
CA THR A 144 7.93 4.56 3.59
C THR A 144 7.77 3.07 3.34
N VAL A 145 6.72 2.48 3.88
CA VAL A 145 6.43 1.07 3.70
C VAL A 145 6.18 0.75 2.23
N LEU A 146 5.31 1.53 1.59
CA LEU A 146 5.00 1.36 0.18
C LEU A 146 6.25 1.36 -0.70
N LEU A 147 7.23 2.18 -0.34
CA LEU A 147 8.47 2.24 -1.09
C LEU A 147 9.17 0.89 -1.09
N SER A 148 9.05 0.19 0.02
CA SER A 148 9.66 -1.12 0.18
C SER A 148 8.84 -2.20 -0.54
N MET A 149 7.57 -1.91 -0.80
CA MET A 149 6.68 -2.86 -1.46
C MET A 149 7.04 -3.07 -2.93
N SER A 150 7.06 -1.97 -3.69
CA SER A 150 7.35 -2.05 -5.13
C SER A 150 8.72 -2.67 -5.43
N LYS A 151 9.69 -2.36 -4.59
CA LYS A 151 11.05 -2.87 -4.77
C LYS A 151 11.15 -4.37 -4.50
N GLY A 152 10.12 -4.96 -3.93
CA GLY A 152 10.15 -6.38 -3.63
C GLY A 152 8.99 -7.13 -4.26
N GLY A 153 8.42 -6.55 -5.30
CA GLY A 153 7.29 -7.17 -5.99
C GLY A 153 7.71 -8.31 -6.89
N LYS A 154 8.95 -8.28 -7.36
CA LYS A 154 9.45 -9.33 -8.24
C LYS A 154 9.70 -10.62 -7.49
N ARG A 155 8.68 -11.46 -7.42
CA ARG A 155 8.78 -12.74 -6.74
C ARG A 155 8.54 -13.87 -7.72
N LYS A 156 9.51 -14.77 -7.82
CA LYS A 156 9.40 -15.90 -8.73
C LYS A 156 10.35 -17.01 -8.31
N ASP A 157 11.63 -16.67 -8.18
CA ASP A 157 12.65 -17.63 -7.79
C ASP A 157 13.59 -16.96 -6.80
N SER A 158 14.45 -17.74 -6.18
CA SER A 158 15.40 -17.22 -5.21
C SER A 158 16.58 -16.59 -5.93
N VAL A 159 16.85 -17.09 -7.13
CA VAL A 159 17.95 -16.58 -7.94
C VAL A 159 17.49 -15.34 -8.70
N TRP A 160 18.14 -14.22 -8.45
CA TRP A 160 17.79 -12.97 -9.10
C TRP A 160 18.21 -12.95 -10.56
N GLY A 161 17.33 -12.41 -11.40
CA GLY A 161 17.61 -12.31 -12.82
C GLY A 161 17.00 -11.06 -13.41
N SER A 162 17.10 -10.92 -14.73
CA SER A 162 16.58 -9.75 -15.41
C SER A 162 15.07 -9.87 -15.61
N GLY A 163 14.35 -8.79 -15.32
CA GLY A 163 12.91 -8.78 -15.48
C GLY A 163 12.29 -7.49 -14.97
N GLY B 1 7.59 -1.91 -17.96
CA GLY B 1 6.29 -1.40 -17.45
C GLY B 1 5.52 -0.65 -18.52
N GLY B 2 5.57 0.68 -18.47
CA GLY B 2 4.86 1.49 -19.45
C GLY B 2 3.40 1.67 -19.09
N GLN B 3 2.65 0.58 -19.13
CA GLN B 3 1.23 0.61 -18.80
C GLN B 3 0.98 -0.27 -17.58
N GLN B 4 0.08 0.16 -16.70
CA GLN B 4 -0.24 -0.59 -15.50
C GLN B 4 -1.60 -1.28 -15.67
N PRO B 5 -1.60 -2.58 -15.96
CA PRO B 5 -2.83 -3.35 -16.14
C PRO B 5 -3.30 -3.95 -14.83
N VAL B 6 -4.49 -4.55 -14.85
CA VAL B 6 -5.05 -5.18 -13.67
C VAL B 6 -4.16 -6.34 -13.22
N ASN B 7 -3.78 -6.32 -11.95
CA ASN B 7 -2.92 -7.36 -11.40
C ASN B 7 -3.61 -8.11 -10.27
N HIS B 8 -3.07 -9.26 -9.89
CA HIS B 8 -3.64 -10.06 -8.82
C HIS B 8 -2.54 -10.81 -8.07
N LEU B 9 -2.75 -11.03 -6.77
CA LEU B 9 -1.80 -11.72 -5.90
C LEU B 9 -0.61 -10.85 -5.52
N VAL B 10 -0.06 -10.14 -6.49
CA VAL B 10 1.07 -9.25 -6.25
C VAL B 10 0.55 -7.92 -5.73
N LYS B 11 1.38 -7.22 -4.95
CA LYS B 11 1.03 -5.92 -4.36
C LYS B 11 0.14 -6.08 -3.14
N GLU B 12 -0.97 -6.79 -3.29
CA GLU B 12 -1.91 -7.00 -2.18
C GLU B 12 -1.29 -7.78 -1.01
N ILE B 13 -0.74 -8.95 -1.28
CA ILE B 13 -0.14 -9.77 -0.23
C ILE B 13 1.12 -9.13 0.37
N ASP B 14 1.99 -8.60 -0.50
CA ASP B 14 3.23 -7.97 -0.05
C ASP B 14 2.93 -6.80 0.89
N MET B 15 1.88 -6.06 0.56
CA MET B 15 1.46 -4.91 1.36
C MET B 15 1.05 -5.32 2.76
N LEU B 16 0.21 -6.34 2.85
CA LEU B 16 -0.30 -6.83 4.13
C LEU B 16 0.82 -7.20 5.10
N LEU B 17 1.78 -7.96 4.61
CA LEU B 17 2.90 -8.39 5.43
C LEU B 17 3.74 -7.21 5.91
N LYS B 18 4.03 -6.29 4.99
CA LYS B 18 4.85 -5.12 5.29
C LYS B 18 4.13 -4.08 6.15
N GLU B 19 2.81 -3.94 5.94
CA GLU B 19 2.02 -2.99 6.72
C GLU B 19 2.02 -3.42 8.18
N TYR B 20 2.17 -4.71 8.37
CA TYR B 20 2.20 -5.26 9.72
C TYR B 20 3.58 -5.08 10.32
N LEU B 21 4.60 -5.19 9.46
CA LEU B 21 5.99 -5.06 9.88
C LEU B 21 6.43 -3.61 10.17
N LEU B 22 6.38 -2.73 9.18
CA LEU B 22 6.84 -1.35 9.36
C LEU B 22 5.81 -0.44 10.04
N SER B 23 4.67 -0.25 9.40
CA SER B 23 3.61 0.59 9.95
C SER B 23 3.14 0.02 11.29
N GLY B 24 2.55 -1.17 11.24
CA GLY B 24 2.10 -1.84 12.44
C GLY B 24 0.70 -1.45 12.87
N ASP B 25 -0.30 -1.82 12.08
CA ASP B 25 -1.69 -1.52 12.42
C ASP B 25 -2.60 -2.67 12.00
N ILE B 26 -3.45 -3.11 12.92
CA ILE B 26 -4.36 -4.23 12.69
C ILE B 26 -5.39 -3.92 11.61
N SER B 27 -6.29 -2.99 11.89
CA SER B 27 -7.34 -2.60 10.97
C SER B 27 -6.80 -2.16 9.62
N GLU B 28 -5.60 -1.58 9.64
CA GLU B 28 -4.95 -1.14 8.40
C GLU B 28 -4.84 -2.33 7.44
N ALA B 29 -4.29 -3.42 7.92
CA ALA B 29 -4.16 -4.64 7.12
C ALA B 29 -5.50 -5.34 6.98
N GLU B 30 -6.25 -5.39 8.08
CA GLU B 30 -7.56 -6.05 8.15
C GLU B 30 -8.53 -5.57 7.06
N HIS B 31 -8.63 -4.25 6.89
CA HIS B 31 -9.53 -3.69 5.88
C HIS B 31 -9.11 -4.12 4.47
N CYS B 32 -7.80 -4.31 4.31
CA CYS B 32 -7.22 -4.67 3.03
C CYS B 32 -7.50 -6.13 2.65
N LEU B 33 -7.48 -7.03 3.64
CA LEU B 33 -7.71 -8.46 3.39
C LEU B 33 -9.08 -8.71 2.77
N LYS B 34 -10.11 -8.05 3.31
CA LYS B 34 -11.48 -8.20 2.81
C LYS B 34 -11.66 -7.46 1.48
N GLU B 35 -11.09 -6.26 1.44
CA GLU B 35 -11.17 -5.41 0.24
C GLU B 35 -10.77 -6.15 -1.04
N LEU B 36 -9.84 -7.11 -0.92
CA LEU B 36 -9.43 -7.93 -2.07
C LEU B 36 -10.64 -8.62 -2.72
N GLU B 37 -10.94 -9.88 -2.34
CA GLU B 37 -12.09 -10.59 -2.92
C GLU B 37 -12.15 -12.08 -2.57
N VAL B 38 -11.13 -12.82 -2.98
CA VAL B 38 -11.11 -14.27 -2.75
C VAL B 38 -10.60 -14.64 -1.36
N PRO B 39 -11.47 -15.30 -0.58
CA PRO B 39 -11.14 -15.71 0.78
C PRO B 39 -10.36 -17.02 0.81
N HIS B 40 -10.52 -17.85 -0.21
CA HIS B 40 -9.82 -19.13 -0.27
C HIS B 40 -8.34 -18.96 -0.58
N PHE B 41 -8.00 -17.87 -1.25
CA PHE B 41 -6.60 -17.60 -1.59
C PHE B 41 -5.82 -17.08 -0.39
N HIS B 42 -6.48 -17.06 0.76
CA HIS B 42 -5.89 -16.61 2.01
C HIS B 42 -4.94 -17.67 2.57
N HIS B 43 -4.79 -18.77 1.83
CA HIS B 43 -3.95 -19.89 2.25
C HIS B 43 -2.48 -19.47 2.26
N GLU B 44 -2.03 -18.87 1.16
CA GLU B 44 -0.67 -18.40 1.04
C GLU B 44 -0.34 -17.32 2.06
N LEU B 45 -1.36 -16.54 2.43
CA LEU B 45 -1.20 -15.43 3.39
C LEU B 45 -0.38 -15.80 4.63
N VAL B 46 -0.86 -16.74 5.46
CA VAL B 46 -0.11 -17.15 6.64
C VAL B 46 1.20 -17.81 6.22
N TYR B 47 1.08 -18.85 5.41
CA TYR B 47 2.24 -19.56 4.86
C TYR B 47 3.40 -18.62 4.49
N GLU B 48 3.10 -17.59 3.71
CA GLU B 48 4.12 -16.63 3.28
C GLU B 48 4.66 -15.81 4.45
N ALA B 49 3.85 -15.61 5.48
CA ALA B 49 4.27 -14.83 6.64
C ALA B 49 5.14 -15.64 7.60
N ILE B 50 4.70 -16.86 7.95
CA ILE B 50 5.47 -17.72 8.85
C ILE B 50 6.98 -17.80 8.63
N VAL B 51 7.47 -17.87 7.41
CA VAL B 51 8.91 -17.99 7.21
C VAL B 51 9.64 -16.68 7.47
N MET B 52 8.89 -15.58 7.50
CA MET B 52 9.51 -14.27 7.68
C MET B 52 10.38 -14.25 8.92
N VAL B 53 9.85 -14.76 10.02
CA VAL B 53 10.57 -14.82 11.27
C VAL B 53 11.86 -15.67 11.17
N LEU B 54 11.90 -16.62 10.21
CA LEU B 54 13.07 -17.50 10.11
C LEU B 54 14.12 -16.82 9.23
N GLU B 55 13.65 -15.83 8.48
CA GLU B 55 14.50 -15.05 7.59
C GLU B 55 14.77 -13.68 8.20
N SER B 56 14.26 -13.48 9.40
CA SER B 56 14.43 -12.24 10.14
C SER B 56 15.17 -12.53 11.43
N THR B 57 15.74 -11.49 12.03
CA THR B 57 16.46 -11.62 13.28
C THR B 57 15.98 -10.57 14.26
N GLY B 58 15.15 -10.97 15.21
CA GLY B 58 14.63 -10.04 16.17
C GLY B 58 13.25 -10.46 16.63
N GLU B 59 12.89 -10.09 17.85
CA GLU B 59 11.60 -10.44 18.41
C GLU B 59 10.48 -9.59 17.83
N SER B 60 10.82 -8.63 16.99
CA SER B 60 9.85 -7.75 16.38
C SER B 60 8.89 -8.52 15.46
N ALA B 61 9.45 -9.21 14.46
CA ALA B 61 8.63 -9.99 13.54
C ALA B 61 7.96 -11.15 14.28
N PHE B 62 8.71 -11.74 15.19
CA PHE B 62 8.22 -12.85 16.01
C PHE B 62 6.87 -12.48 16.63
N LYS B 63 6.81 -11.31 17.22
CA LYS B 63 5.59 -10.85 17.87
C LYS B 63 4.53 -10.33 16.87
N MET B 64 4.98 -9.60 15.85
CA MET B 64 4.06 -9.00 14.86
C MET B 64 3.33 -10.05 14.02
N ILE B 65 4.06 -10.99 13.41
CA ILE B 65 3.43 -12.04 12.61
C ILE B 65 2.51 -12.86 13.52
N LEU B 66 3.02 -13.10 14.72
CA LEU B 66 2.27 -13.81 15.75
C LEU B 66 0.91 -13.15 15.96
N ASP B 67 0.93 -11.83 16.12
CA ASP B 67 -0.29 -11.05 16.34
C ASP B 67 -1.21 -11.06 15.11
N LEU B 68 -0.61 -11.04 13.91
CA LEU B 68 -1.37 -11.04 12.67
C LEU B 68 -2.39 -12.20 12.61
N LEU B 69 -1.90 -13.42 12.63
CA LEU B 69 -2.77 -14.60 12.60
C LEU B 69 -3.79 -14.59 13.74
N LYS B 70 -3.36 -14.03 14.87
CA LYS B 70 -4.20 -13.95 16.06
C LYS B 70 -5.38 -12.99 15.83
N SER B 71 -5.08 -11.84 15.26
CA SER B 71 -6.09 -10.83 15.00
C SER B 71 -7.13 -11.31 14.01
N LEU B 72 -6.69 -11.79 12.85
CA LEU B 72 -7.59 -12.27 11.80
C LEU B 72 -8.43 -13.44 12.32
N TRP B 73 -7.76 -14.41 12.92
CA TRP B 73 -8.44 -15.57 13.51
C TRP B 73 -9.55 -15.16 14.47
N LYS B 74 -9.34 -14.05 15.18
CA LYS B 74 -10.33 -13.55 16.11
C LYS B 74 -11.52 -12.98 15.34
N SER B 75 -11.22 -12.23 14.30
CA SER B 75 -12.24 -11.60 13.45
C SER B 75 -12.84 -12.58 12.43
N SER B 76 -12.48 -13.87 12.56
CA SER B 76 -12.96 -14.93 11.67
C SER B 76 -12.64 -14.67 10.21
N THR B 77 -11.34 -14.53 9.95
CA THR B 77 -10.86 -14.29 8.60
C THR B 77 -10.11 -15.49 8.03
N ILE B 78 -9.17 -16.03 8.79
CA ILE B 78 -8.41 -17.19 8.35
C ILE B 78 -9.21 -18.47 8.57
N THR B 79 -9.23 -19.33 7.56
CA THR B 79 -9.94 -20.60 7.63
C THR B 79 -8.99 -21.72 8.03
N ILE B 80 -9.52 -22.73 8.71
CA ILE B 80 -8.72 -23.87 9.17
C ILE B 80 -7.96 -24.56 8.02
N ASP B 81 -8.68 -24.90 6.95
CA ASP B 81 -8.06 -25.55 5.78
C ASP B 81 -6.90 -24.71 5.25
N GLN B 82 -7.13 -23.41 5.13
CA GLN B 82 -6.12 -22.49 4.64
C GLN B 82 -4.88 -22.52 5.55
N MET B 83 -5.14 -22.43 6.85
CA MET B 83 -4.10 -22.44 7.87
C MET B 83 -3.32 -23.76 7.83
N LYS B 84 -4.06 -24.87 7.90
CA LYS B 84 -3.48 -26.21 7.86
C LYS B 84 -2.54 -26.38 6.66
N ARG B 85 -3.10 -26.22 5.47
CA ARG B 85 -2.34 -26.36 4.24
C ARG B 85 -1.07 -25.52 4.24
N GLY B 86 -1.14 -24.34 4.86
CA GLY B 86 0.02 -23.48 4.94
C GLY B 86 1.08 -24.04 5.88
N TYR B 87 0.65 -24.41 7.07
CA TYR B 87 1.53 -24.99 8.09
C TYR B 87 2.14 -26.29 7.58
N GLU B 88 1.28 -27.19 7.12
CA GLU B 88 1.70 -28.49 6.59
C GLU B 88 2.82 -28.34 5.56
N ARG B 89 2.73 -27.30 4.73
CA ARG B 89 3.72 -27.05 3.70
C ARG B 89 5.04 -26.58 4.32
N ILE B 90 4.95 -25.81 5.40
CA ILE B 90 6.12 -25.29 6.08
C ILE B 90 7.08 -26.42 6.44
N TYR B 91 6.54 -27.55 6.88
CA TYR B 91 7.35 -28.71 7.25
C TYR B 91 8.18 -29.21 6.07
N ASN B 92 7.72 -28.95 4.86
CA ASN B 92 8.42 -29.38 3.66
C ASN B 92 9.53 -28.39 3.30
N GLU B 93 9.31 -27.13 3.66
CA GLU B 93 10.28 -26.08 3.38
C GLU B 93 11.38 -26.07 4.45
N ILE B 94 11.06 -26.62 5.62
CA ILE B 94 12.00 -26.70 6.74
C ILE B 94 13.34 -27.37 6.37
N PRO B 95 13.32 -28.58 5.80
CA PRO B 95 14.55 -29.29 5.41
C PRO B 95 15.35 -28.51 4.36
N ASP B 96 14.65 -27.71 3.57
CA ASP B 96 15.29 -26.90 2.55
C ASP B 96 15.97 -25.68 3.17
N ILE B 97 15.27 -25.04 4.10
CA ILE B 97 15.80 -23.87 4.79
C ILE B 97 16.94 -24.26 5.72
N ASN B 98 16.73 -25.29 6.53
CA ASN B 98 17.74 -25.75 7.47
C ASN B 98 18.89 -26.41 6.73
N LEU B 99 18.56 -27.37 5.87
CA LEU B 99 19.55 -28.10 5.08
C LEU B 99 20.52 -28.85 5.98
N ASP B 100 20.01 -29.91 6.62
CA ASP B 100 20.80 -30.73 7.53
C ASP B 100 21.12 -30.00 8.83
N VAL B 101 21.22 -30.77 9.92
CA VAL B 101 21.50 -30.22 11.26
C VAL B 101 20.50 -29.11 11.61
N PRO B 102 19.23 -29.47 11.83
CA PRO B 102 18.20 -28.50 12.16
C PRO B 102 18.45 -27.84 13.50
N HIS B 103 18.15 -26.55 13.59
CA HIS B 103 18.36 -25.79 14.82
C HIS B 103 17.24 -24.80 15.02
N SER B 104 16.38 -24.67 14.01
CA SER B 104 15.25 -23.77 14.08
C SER B 104 14.03 -24.48 14.67
N TYR B 105 14.22 -25.74 15.04
CA TYR B 105 13.15 -26.53 15.63
C TYR B 105 12.72 -25.92 16.95
N SER B 106 13.68 -25.33 17.65
CA SER B 106 13.42 -24.66 18.91
C SER B 106 12.45 -23.50 18.69
N VAL B 107 12.47 -22.98 17.47
CA VAL B 107 11.60 -21.88 17.08
C VAL B 107 10.22 -22.41 16.68
N LEU B 108 10.23 -23.32 15.70
CA LEU B 108 9.01 -23.94 15.18
C LEU B 108 8.19 -24.64 16.26
N GLU B 109 8.84 -25.49 17.04
CA GLU B 109 8.18 -26.24 18.11
C GLU B 109 7.46 -25.26 19.05
N ARG B 110 8.21 -24.26 19.51
CA ARG B 110 7.67 -23.24 20.39
C ARG B 110 6.52 -22.49 19.73
N PHE B 111 6.66 -22.21 18.44
CA PHE B 111 5.64 -21.48 17.69
C PHE B 111 4.39 -22.33 17.55
N VAL B 112 4.54 -23.61 17.20
CA VAL B 112 3.40 -24.51 17.07
C VAL B 112 2.72 -24.65 18.42
N GLU B 113 3.55 -24.63 19.48
CA GLU B 113 3.04 -24.71 20.84
C GLU B 113 2.17 -23.50 21.13
N GLU B 114 2.73 -22.31 20.85
CA GLU B 114 2.01 -21.06 21.02
C GLU B 114 0.70 -21.08 20.24
N CYS B 115 0.78 -21.50 18.98
CA CYS B 115 -0.40 -21.59 18.12
C CYS B 115 -1.41 -22.60 18.68
N PHE B 116 -0.91 -23.69 19.25
CA PHE B 116 -1.77 -24.72 19.82
C PHE B 116 -2.50 -24.16 21.04
N GLN B 117 -1.79 -23.33 21.82
CA GLN B 117 -2.36 -22.71 23.01
C GLN B 117 -3.45 -21.70 22.63
N ALA B 118 -3.50 -21.36 21.34
CA ALA B 118 -4.51 -20.43 20.85
C ALA B 118 -5.83 -21.19 20.71
N GLY B 119 -5.69 -22.50 20.54
CA GLY B 119 -6.83 -23.38 20.44
C GLY B 119 -7.67 -23.17 19.19
N ILE B 120 -7.06 -22.81 18.07
CA ILE B 120 -7.81 -22.62 16.84
C ILE B 120 -7.49 -23.73 15.86
N ILE B 121 -6.50 -24.56 16.19
CA ILE B 121 -6.10 -25.67 15.33
C ILE B 121 -6.13 -27.00 16.08
N SER B 122 -6.71 -28.01 15.46
CA SER B 122 -6.79 -29.35 16.04
C SER B 122 -5.41 -29.98 16.22
N LYS B 123 -5.35 -30.99 17.08
CA LYS B 123 -4.10 -31.71 17.38
C LYS B 123 -3.51 -32.32 16.13
N GLN B 124 -4.39 -32.64 15.17
CA GLN B 124 -3.99 -33.22 13.89
C GLN B 124 -2.85 -32.44 13.25
N LEU B 125 -2.91 -31.12 13.33
CA LEU B 125 -1.87 -30.27 12.75
C LEU B 125 -0.58 -30.39 13.55
N ARG B 126 -0.69 -30.31 14.88
CA ARG B 126 0.46 -30.44 15.75
C ARG B 126 1.14 -31.79 15.53
N ASP B 127 0.35 -32.85 15.45
CA ASP B 127 0.86 -34.19 15.23
C ASP B 127 1.68 -34.28 13.93
N LEU B 128 1.28 -33.51 12.92
CA LEU B 128 1.96 -33.53 11.64
C LEU B 128 3.39 -32.98 11.74
N CYS B 129 3.57 -31.93 12.54
CA CYS B 129 4.89 -31.34 12.71
C CYS B 129 5.80 -32.22 13.55
N PRO B 130 7.12 -32.17 13.34
CA PRO B 130 8.09 -32.95 14.11
C PRO B 130 8.17 -32.50 15.56
N SER B 131 7.21 -32.96 16.36
CA SER B 131 7.13 -32.62 17.77
C SER B 131 8.37 -33.10 18.51
N GLY A 1 2.09 31.60 -2.71
CA GLY A 1 1.63 31.82 -1.33
C GLY A 1 0.14 31.61 -1.21
N LEU A 2 -0.61 32.69 -1.24
CA LEU A 2 -2.06 32.61 -1.15
C LEU A 2 -2.68 32.62 -2.54
N PRO A 3 -3.58 31.68 -2.81
CA PRO A 3 -4.25 31.57 -4.11
C PRO A 3 -5.45 32.53 -4.23
N LEU A 4 -5.76 32.92 -5.45
CA LEU A 4 -6.88 33.82 -5.70
C LEU A 4 -7.96 33.11 -6.50
N ASP A 5 -9.22 33.52 -6.29
CA ASP A 5 -10.36 32.90 -6.98
C ASP A 5 -10.41 31.43 -6.61
N GLU A 6 -10.34 31.17 -5.31
CA GLU A 6 -10.34 29.82 -4.78
C GLU A 6 -11.56 29.01 -5.19
N ARG A 7 -12.76 29.55 -4.97
CA ARG A 7 -13.99 28.84 -5.32
C ARG A 7 -14.14 28.70 -6.82
N ALA A 8 -13.82 29.77 -7.54
CA ALA A 8 -13.92 29.78 -8.99
C ALA A 8 -13.00 28.71 -9.60
N PHE A 9 -11.90 28.43 -8.91
CA PHE A 9 -10.94 27.46 -9.36
C PHE A 9 -11.50 26.04 -9.21
N GLU A 10 -12.03 25.75 -8.03
CA GLU A 10 -12.59 24.43 -7.73
C GLU A 10 -13.71 24.07 -8.69
N LYS A 11 -14.64 25.00 -8.85
CA LYS A 11 -15.80 24.78 -9.71
C LYS A 11 -15.41 24.59 -11.18
N THR A 12 -14.39 25.30 -11.63
CA THR A 12 -13.94 25.19 -13.01
C THR A 12 -13.20 23.87 -13.26
N LEU A 13 -12.37 23.46 -12.30
CA LEU A 13 -11.59 22.24 -12.44
C LEU A 13 -12.45 20.99 -12.28
N THR A 14 -13.59 21.13 -11.60
CA THR A 14 -14.50 20.01 -11.38
C THR A 14 -14.86 19.22 -12.65
N PRO A 15 -15.49 19.85 -13.67
CA PRO A 15 -15.87 19.14 -14.90
C PRO A 15 -14.64 18.67 -15.68
N ILE A 16 -13.58 19.47 -15.63
CA ILE A 16 -12.33 19.16 -16.32
C ILE A 16 -11.80 17.80 -15.88
N ILE A 17 -11.65 17.63 -14.57
CA ILE A 17 -11.16 16.36 -14.02
C ILE A 17 -12.21 15.26 -14.16
N GLN A 18 -13.47 15.63 -13.95
CA GLN A 18 -14.58 14.67 -14.08
C GLN A 18 -14.52 13.92 -15.42
N GLU A 19 -14.45 14.67 -16.51
CA GLU A 19 -14.38 14.11 -17.86
C GLU A 19 -13.05 13.38 -18.11
N TYR A 20 -12.05 13.72 -17.31
CA TYR A 20 -10.73 13.12 -17.45
C TYR A 20 -10.74 11.63 -17.14
N PHE A 21 -11.25 11.27 -15.96
CA PHE A 21 -11.30 9.87 -15.54
C PHE A 21 -12.18 8.99 -16.41
N GLU A 22 -12.90 9.59 -17.36
CA GLU A 22 -13.77 8.83 -18.24
C GLU A 22 -13.02 8.23 -19.43
N HIS A 23 -12.39 9.08 -20.22
CA HIS A 23 -11.67 8.61 -21.41
C HIS A 23 -10.15 8.59 -21.23
N GLY A 24 -9.68 9.19 -20.14
CA GLY A 24 -8.26 9.22 -19.86
C GLY A 24 -7.43 10.03 -20.84
N ASP A 25 -7.63 11.35 -20.85
CA ASP A 25 -6.87 12.22 -21.77
C ASP A 25 -6.00 13.20 -21.01
N THR A 26 -4.70 12.95 -21.05
CA THR A 26 -3.72 13.79 -20.38
C THR A 26 -3.42 15.11 -21.14
N ASN A 27 -3.48 15.04 -22.46
CA ASN A 27 -3.19 16.20 -23.31
C ASN A 27 -4.27 17.26 -23.19
N GLU A 28 -5.49 16.81 -22.99
CA GLU A 28 -6.63 17.70 -22.84
C GLU A 28 -6.44 18.56 -21.61
N VAL A 29 -5.95 17.92 -20.54
CA VAL A 29 -5.67 18.62 -19.29
C VAL A 29 -4.68 19.77 -19.53
N ALA A 30 -3.60 19.46 -20.23
CA ALA A 30 -2.58 20.46 -20.55
C ALA A 30 -3.17 21.59 -21.39
N GLU A 31 -3.90 21.21 -22.45
CA GLU A 31 -4.55 22.18 -23.33
C GLU A 31 -5.36 23.18 -22.52
N MET A 32 -6.13 22.67 -21.57
CA MET A 32 -6.96 23.52 -20.72
C MET A 32 -6.12 24.31 -19.72
N LEU A 33 -5.03 23.69 -19.25
CA LEU A 33 -4.15 24.35 -18.28
C LEU A 33 -3.51 25.60 -18.87
N ARG A 34 -2.89 25.45 -20.05
CA ARG A 34 -2.25 26.58 -20.73
C ARG A 34 -3.27 27.68 -21.03
N ASP A 35 -4.52 27.29 -21.19
CA ASP A 35 -5.59 28.24 -21.47
C ASP A 35 -5.86 29.06 -20.22
N LEU A 36 -5.94 28.38 -19.09
CA LEU A 36 -6.17 29.03 -17.81
C LEU A 36 -4.95 29.87 -17.40
N ASN A 37 -3.76 29.29 -17.56
CA ASN A 37 -2.49 29.96 -17.23
C ASN A 37 -2.42 30.36 -15.77
N LEU A 38 -1.91 29.45 -14.94
CA LEU A 38 -1.82 29.69 -13.51
C LEU A 38 -0.39 29.53 -13.00
N GLY A 39 -0.04 30.35 -12.01
CA GLY A 39 1.29 30.29 -11.43
C GLY A 39 1.37 29.27 -10.32
N GLU A 40 1.10 29.71 -9.10
CA GLU A 40 1.14 28.83 -7.94
C GLU A 40 -0.19 28.11 -7.75
N MET A 41 -1.25 28.68 -8.30
CA MET A 41 -2.58 28.09 -8.21
C MET A 41 -2.65 26.86 -9.10
N LYS A 42 -1.66 26.74 -9.98
CA LYS A 42 -1.56 25.62 -10.90
C LYS A 42 -1.38 24.31 -10.15
N SER A 43 -0.79 24.39 -8.96
CA SER A 43 -0.57 23.22 -8.13
C SER A 43 -1.91 22.68 -7.63
N GLY A 44 -2.93 23.53 -7.66
CA GLY A 44 -4.25 23.15 -7.23
C GLY A 44 -4.84 22.03 -8.09
N VAL A 45 -4.68 22.14 -9.42
CA VAL A 45 -5.19 21.15 -10.35
C VAL A 45 -4.83 19.70 -9.97
N PRO A 46 -3.52 19.35 -9.91
CA PRO A 46 -3.08 18.00 -9.55
C PRO A 46 -3.60 17.56 -8.18
N VAL A 47 -3.76 18.51 -7.26
CA VAL A 47 -4.26 18.20 -5.93
C VAL A 47 -5.72 17.77 -6.01
N LEU A 48 -6.54 18.59 -6.66
CA LEU A 48 -7.96 18.28 -6.83
C LEU A 48 -8.15 16.91 -7.47
N ALA A 49 -7.42 16.67 -8.57
CA ALA A 49 -7.43 15.38 -9.28
C ALA A 49 -7.15 14.22 -8.30
N VAL A 50 -6.39 14.53 -7.26
CA VAL A 50 -6.05 13.54 -6.23
C VAL A 50 -7.21 13.38 -5.24
N SER A 51 -7.75 14.52 -4.81
CA SER A 51 -8.85 14.55 -3.83
C SER A 51 -10.09 13.85 -4.37
N LEU A 52 -10.39 14.09 -5.64
CA LEU A 52 -11.53 13.46 -6.28
C LEU A 52 -11.31 11.96 -6.41
N ALA A 53 -10.09 11.60 -6.83
CA ALA A 53 -9.71 10.19 -6.97
C ALA A 53 -9.88 9.40 -5.68
N LEU A 54 -9.85 10.10 -4.54
CA LEU A 54 -10.03 9.45 -3.24
C LEU A 54 -11.48 8.99 -3.08
N GLU A 55 -12.39 9.76 -3.66
CA GLU A 55 -13.81 9.43 -3.59
C GLU A 55 -14.10 8.22 -4.45
N GLY A 56 -13.48 8.18 -5.63
CA GLY A 56 -13.66 7.08 -6.53
C GLY A 56 -12.94 5.81 -6.11
N LYS A 57 -12.99 4.80 -6.97
CA LYS A 57 -12.36 3.52 -6.71
C LYS A 57 -10.89 3.52 -7.12
N ALA A 58 -10.21 2.41 -6.84
CA ALA A 58 -8.80 2.24 -7.13
C ALA A 58 -8.44 2.57 -8.58
N SER A 59 -9.31 2.18 -9.52
CA SER A 59 -9.08 2.44 -10.93
C SER A 59 -8.99 3.93 -11.23
N HIS A 60 -9.85 4.71 -10.59
CA HIS A 60 -9.85 6.15 -10.77
C HIS A 60 -8.66 6.81 -10.10
N ARG A 61 -8.04 6.09 -9.16
CA ARG A 61 -6.86 6.60 -8.46
C ARG A 61 -5.61 6.56 -9.33
N GLU A 62 -5.27 5.38 -9.84
CA GLU A 62 -4.10 5.20 -10.72
C GLU A 62 -4.10 6.18 -11.89
N MET A 63 -5.29 6.57 -12.33
CA MET A 63 -5.44 7.51 -13.43
C MET A 63 -4.82 8.87 -13.08
N THR A 64 -4.77 9.17 -11.79
CA THR A 64 -4.20 10.42 -11.33
C THR A 64 -2.69 10.41 -11.48
N SER A 65 -2.03 9.35 -10.97
CA SER A 65 -0.59 9.22 -11.08
C SER A 65 -0.11 9.38 -12.53
N LYS A 66 -0.86 8.78 -13.46
CA LYS A 66 -0.52 8.88 -14.87
C LYS A 66 -0.55 10.34 -15.34
N LEU A 67 -1.53 11.08 -14.84
CA LEU A 67 -1.68 12.49 -15.18
C LEU A 67 -0.52 13.31 -14.62
N LEU A 68 -0.10 12.99 -13.40
CA LEU A 68 1.00 13.69 -12.74
C LEU A 68 2.27 13.64 -13.59
N SER A 69 2.73 12.42 -13.86
CA SER A 69 3.92 12.19 -14.67
C SER A 69 3.84 12.90 -16.02
N ASP A 70 2.64 12.99 -16.55
CA ASP A 70 2.41 13.65 -17.84
C ASP A 70 2.51 15.15 -17.72
N LEU A 71 1.84 15.70 -16.71
CA LEU A 71 1.85 17.14 -16.46
C LEU A 71 3.26 17.67 -16.20
N CYS A 72 4.00 17.02 -15.31
CA CYS A 72 5.35 17.44 -14.98
C CYS A 72 6.27 17.33 -16.19
N GLY A 73 7.02 18.39 -16.44
CA GLY A 73 7.93 18.41 -17.57
C GLY A 73 7.29 19.04 -18.79
N THR A 74 5.97 18.96 -18.84
CA THR A 74 5.21 19.53 -19.94
C THR A 74 4.66 20.91 -19.57
N VAL A 75 3.76 20.93 -18.59
CA VAL A 75 3.15 22.18 -18.14
C VAL A 75 3.39 22.43 -16.66
N MET A 76 4.13 21.54 -16.03
CA MET A 76 4.42 21.67 -14.61
C MET A 76 5.88 21.39 -14.30
N SER A 77 6.38 21.99 -13.23
CA SER A 77 7.76 21.80 -12.82
C SER A 77 7.80 21.00 -11.53
N THR A 78 8.96 20.41 -11.23
CA THR A 78 9.15 19.63 -10.01
C THR A 78 8.66 20.38 -8.76
N THR A 79 8.98 21.67 -8.67
CA THR A 79 8.56 22.49 -7.54
C THR A 79 7.04 22.56 -7.49
N ASP A 80 6.44 22.73 -8.67
CA ASP A 80 4.98 22.79 -8.78
C ASP A 80 4.35 21.52 -8.22
N VAL A 81 5.01 20.39 -8.44
CA VAL A 81 4.53 19.11 -7.94
C VAL A 81 4.71 19.02 -6.43
N GLU A 82 5.89 19.43 -5.95
CA GLU A 82 6.18 19.41 -4.52
C GLU A 82 5.18 20.25 -3.74
N LYS A 83 4.92 21.46 -4.24
CA LYS A 83 3.94 22.36 -3.62
C LYS A 83 2.57 21.70 -3.54
N SER A 84 2.23 20.94 -4.57
CA SER A 84 0.96 20.23 -4.62
C SER A 84 0.81 19.25 -3.47
N PHE A 85 1.85 18.48 -3.21
CA PHE A 85 1.83 17.50 -2.14
C PHE A 85 1.62 18.16 -0.78
N ASP A 86 2.29 19.28 -0.56
CA ASP A 86 2.15 20.02 0.69
C ASP A 86 0.71 20.44 0.89
N LYS A 87 0.17 21.10 -0.14
CA LYS A 87 -1.23 21.54 -0.13
C LYS A 87 -2.17 20.38 0.16
N LEU A 88 -1.92 19.25 -0.48
CA LEU A 88 -2.72 18.06 -0.29
C LEU A 88 -2.66 17.60 1.17
N LEU A 89 -1.45 17.43 1.68
CA LEU A 89 -1.24 17.00 3.06
C LEU A 89 -1.97 17.89 4.06
N LYS A 90 -1.92 19.21 3.84
CA LYS A 90 -2.60 20.15 4.72
C LYS A 90 -4.12 19.98 4.67
N ASP A 91 -4.62 19.61 3.50
CA ASP A 91 -6.05 19.43 3.29
C ASP A 91 -6.55 18.08 3.79
N LEU A 92 -5.71 17.05 3.60
CA LEU A 92 -6.01 15.67 4.01
C LEU A 92 -6.82 15.51 5.29
N PRO A 93 -6.45 16.16 6.42
CA PRO A 93 -7.20 16.07 7.67
C PRO A 93 -8.72 16.17 7.49
N GLU A 94 -9.16 16.94 6.49
CA GLU A 94 -10.59 17.08 6.24
C GLU A 94 -11.12 15.88 5.47
N LEU A 95 -10.50 15.59 4.32
CA LEU A 95 -10.89 14.44 3.48
C LEU A 95 -10.93 13.13 4.24
N ALA A 96 -10.04 13.00 5.22
CA ALA A 96 -9.94 11.80 6.03
C ALA A 96 -11.25 11.49 6.75
N LEU A 97 -12.04 12.53 7.01
CA LEU A 97 -13.32 12.35 7.69
C LEU A 97 -14.32 11.54 6.88
N ASP A 98 -14.46 11.81 5.58
CA ASP A 98 -15.44 11.07 4.78
C ASP A 98 -14.94 9.67 4.45
N THR A 99 -13.72 9.60 3.99
CA THR A 99 -13.12 8.30 3.71
C THR A 99 -11.98 8.09 4.68
N PRO A 100 -12.19 7.22 5.68
CA PRO A 100 -11.19 6.92 6.71
C PRO A 100 -9.90 6.38 6.13
N ARG A 101 -9.96 5.93 4.89
CA ARG A 101 -8.80 5.36 4.23
C ARG A 101 -8.09 6.38 3.36
N ALA A 102 -8.59 7.61 3.37
CA ALA A 102 -7.99 8.69 2.59
C ALA A 102 -6.50 8.89 2.88
N PRO A 103 -6.08 9.03 4.16
CA PRO A 103 -4.66 9.19 4.50
C PRO A 103 -3.86 7.95 4.09
N GLN A 104 -4.50 6.79 4.25
CA GLN A 104 -3.90 5.52 3.88
C GLN A 104 -3.58 5.50 2.39
N LEU A 105 -4.50 6.04 1.60
CA LEU A 105 -4.35 6.11 0.15
C LEU A 105 -3.36 7.19 -0.28
N VAL A 106 -3.49 8.36 0.34
CA VAL A 106 -2.63 9.52 0.03
C VAL A 106 -1.15 9.14 0.01
N GLY A 107 -0.74 8.24 0.90
CA GLY A 107 0.65 7.80 0.95
C GLY A 107 1.08 7.10 -0.33
N GLN A 108 0.13 6.42 -0.99
CA GLN A 108 0.42 5.69 -2.22
C GLN A 108 0.77 6.63 -3.35
N PHE A 109 0.15 7.80 -3.36
CA PHE A 109 0.40 8.79 -4.41
C PHE A 109 1.79 9.40 -4.27
N ILE A 110 2.22 9.58 -3.02
CA ILE A 110 3.53 10.15 -2.75
C ILE A 110 4.61 9.20 -3.21
N ALA A 111 4.46 7.94 -2.85
CA ALA A 111 5.41 6.89 -3.23
C ALA A 111 5.57 6.81 -4.75
N ARG A 112 4.46 6.89 -5.47
CA ARG A 112 4.49 6.83 -6.92
C ARG A 112 5.24 8.02 -7.52
N ALA A 113 5.05 9.19 -6.93
CA ALA A 113 5.70 10.40 -7.39
C ALA A 113 7.22 10.26 -7.31
N VAL A 114 7.71 9.77 -6.17
CA VAL A 114 9.13 9.56 -5.98
C VAL A 114 9.62 8.48 -6.95
N GLY A 115 8.87 7.39 -7.01
CA GLY A 115 9.21 6.28 -7.89
C GLY A 115 9.35 6.70 -9.35
N ASP A 116 8.40 7.48 -9.86
CA ASP A 116 8.46 7.93 -11.25
C ASP A 116 9.61 8.92 -11.47
N GLY A 117 9.77 9.85 -10.55
CA GLY A 117 10.82 10.83 -10.67
C GLY A 117 10.32 12.25 -10.77
N ILE A 118 9.14 12.51 -10.23
CA ILE A 118 8.57 13.85 -10.27
C ILE A 118 8.58 14.48 -8.89
N LEU A 119 9.09 13.73 -7.92
CA LEU A 119 9.17 14.19 -6.55
C LEU A 119 10.49 13.69 -5.95
N CYS A 120 11.12 14.51 -5.12
CA CYS A 120 12.37 14.15 -4.48
C CYS A 120 12.12 13.19 -3.31
N ASN A 121 12.95 12.16 -3.20
CA ASN A 121 12.81 11.19 -2.13
C ASN A 121 12.92 11.85 -0.76
N THR A 122 13.78 12.87 -0.68
CA THR A 122 13.99 13.63 0.55
C THR A 122 12.73 14.32 1.07
N TYR A 123 11.64 14.24 0.32
CA TYR A 123 10.39 14.84 0.74
C TYR A 123 9.92 14.23 2.06
N ILE A 124 10.05 12.91 2.16
CA ILE A 124 9.63 12.20 3.37
C ILE A 124 10.63 12.43 4.49
N ASP A 125 11.88 12.66 4.11
CA ASP A 125 12.95 12.90 5.08
C ASP A 125 12.80 14.28 5.70
N SER A 126 12.40 15.24 4.87
CA SER A 126 12.20 16.62 5.34
C SER A 126 11.09 16.69 6.38
N TYR A 127 10.05 15.87 6.20
CA TYR A 127 8.90 15.82 7.13
C TYR A 127 9.05 14.67 8.14
N LYS A 128 10.31 14.30 8.37
CA LYS A 128 10.68 13.22 9.29
C LYS A 128 10.53 13.54 10.78
N GLY A 129 9.41 14.11 11.16
CA GLY A 129 9.18 14.44 12.54
C GLY A 129 8.78 15.88 12.71
N THR A 130 8.90 16.62 11.63
CA THR A 130 8.58 18.04 11.61
C THR A 130 7.08 18.27 11.39
N VAL A 131 6.28 17.22 11.51
CA VAL A 131 4.84 17.34 11.32
C VAL A 131 4.09 17.40 12.64
N ASP A 132 3.18 18.36 12.75
CA ASP A 132 2.37 18.54 13.95
C ASP A 132 0.95 18.00 13.75
N CYS A 133 0.82 17.17 12.73
CA CYS A 133 -0.45 16.56 12.37
C CYS A 133 -0.29 15.07 12.17
N VAL A 134 -1.07 14.27 12.90
CA VAL A 134 -1.00 12.81 12.79
C VAL A 134 -1.63 12.32 11.49
N GLN A 135 -2.50 13.14 10.92
CA GLN A 135 -3.19 12.79 9.68
C GLN A 135 -2.20 12.75 8.52
N ALA A 136 -1.34 13.76 8.48
CA ALA A 136 -0.31 13.85 7.45
C ALA A 136 0.83 12.90 7.78
N ARG A 137 0.99 12.62 9.07
CA ARG A 137 2.05 11.75 9.54
C ARG A 137 1.92 10.35 8.97
N ALA A 138 0.74 9.74 9.09
CA ALA A 138 0.50 8.40 8.57
C ALA A 138 0.73 8.34 7.07
N ALA A 139 0.38 9.40 6.37
CA ALA A 139 0.57 9.45 4.92
C ALA A 139 2.05 9.27 4.58
N LEU A 140 2.92 9.88 5.40
CA LEU A 140 4.36 9.79 5.22
C LEU A 140 4.88 8.42 5.68
N ASP A 141 4.24 7.89 6.72
CA ASP A 141 4.59 6.60 7.33
C ASP A 141 4.15 5.44 6.41
N LYS A 142 3.33 5.85 5.46
CA LYS A 142 2.81 4.93 4.43
C LYS A 142 3.81 4.75 3.26
N ALA A 143 4.12 5.88 2.61
CA ALA A 143 5.00 5.93 1.43
C ALA A 143 6.42 5.45 1.68
N THR A 144 6.83 5.56 2.92
CA THR A 144 8.16 5.15 3.32
C THR A 144 8.40 3.68 2.99
N VAL A 145 7.46 2.82 3.40
CA VAL A 145 7.56 1.39 3.14
C VAL A 145 7.09 0.99 1.72
N LEU A 146 6.08 1.71 1.22
CA LEU A 146 5.51 1.43 -0.10
C LEU A 146 6.58 1.40 -1.20
N LEU A 147 7.58 2.25 -1.06
CA LEU A 147 8.67 2.30 -2.03
C LEU A 147 9.54 1.06 -1.93
N SER A 148 9.85 0.64 -0.71
CA SER A 148 10.67 -0.52 -0.46
C SER A 148 10.04 -1.79 -1.04
N MET A 149 8.73 -1.85 -1.01
CA MET A 149 7.97 -2.99 -1.52
C MET A 149 7.81 -2.91 -3.04
N SER A 150 8.21 -1.79 -3.64
CA SER A 150 8.08 -1.59 -5.07
C SER A 150 9.32 -2.03 -5.85
N LYS A 151 10.35 -2.49 -5.14
CA LYS A 151 11.58 -2.93 -5.78
C LYS A 151 11.88 -4.39 -5.44
N GLY A 152 11.95 -5.24 -6.46
CA GLY A 152 12.22 -6.64 -6.24
C GLY A 152 11.83 -7.50 -7.42
N GLY A 153 12.34 -8.74 -7.44
CA GLY A 153 12.07 -9.66 -8.52
C GLY A 153 10.61 -10.03 -8.72
N LYS A 154 9.83 -10.03 -7.65
CA LYS A 154 8.41 -10.36 -7.74
C LYS A 154 7.53 -9.14 -7.58
N ARG A 155 8.01 -8.00 -8.06
CA ARG A 155 7.26 -6.76 -7.97
C ARG A 155 7.15 -6.06 -9.32
N LYS A 156 8.28 -5.93 -9.99
CA LYS A 156 8.32 -5.27 -11.30
C LYS A 156 9.65 -5.51 -11.99
N ASP A 157 10.70 -5.57 -11.19
CA ASP A 157 12.05 -5.76 -11.69
C ASP A 157 12.31 -7.18 -12.17
N SER A 158 12.09 -7.41 -13.45
CA SER A 158 12.30 -8.73 -14.05
C SER A 158 13.74 -8.88 -14.51
N VAL A 159 14.66 -8.28 -13.76
CA VAL A 159 16.08 -8.35 -14.11
C VAL A 159 16.71 -9.62 -13.55
N TRP A 160 16.35 -9.95 -12.31
CA TRP A 160 16.89 -11.14 -11.66
C TRP A 160 15.85 -12.25 -11.55
N GLY A 161 14.73 -12.08 -12.24
CA GLY A 161 13.68 -13.06 -12.20
C GLY A 161 12.72 -12.85 -13.35
N SER A 162 11.69 -13.69 -13.41
CA SER A 162 10.70 -13.59 -14.47
C SER A 162 9.39 -13.00 -13.95
N GLY A 163 8.68 -12.32 -14.84
CA GLY A 163 7.43 -11.71 -14.50
C GLY A 163 6.57 -11.51 -15.73
N GLY B 1 0.75 -10.97 -21.81
CA GLY B 1 -0.61 -10.36 -21.76
C GLY B 1 -0.98 -9.74 -23.09
N GLY B 2 -2.27 -9.47 -23.28
CA GLY B 2 -2.73 -8.88 -24.51
C GLY B 2 -2.52 -7.37 -24.56
N GLN B 3 -3.61 -6.63 -24.69
CA GLN B 3 -3.54 -5.19 -24.77
C GLN B 3 -3.12 -4.58 -23.43
N GLN B 4 -3.83 -4.98 -22.37
CA GLN B 4 -3.56 -4.46 -21.04
C GLN B 4 -4.04 -5.44 -19.97
N PRO B 5 -3.11 -6.22 -19.39
CA PRO B 5 -3.44 -7.18 -18.34
C PRO B 5 -3.53 -6.54 -16.96
N VAL B 6 -4.49 -6.98 -16.16
CA VAL B 6 -4.68 -6.45 -14.81
C VAL B 6 -3.64 -7.00 -13.83
N ASN B 7 -3.49 -6.32 -12.71
CA ASN B 7 -2.54 -6.73 -11.68
C ASN B 7 -3.16 -7.85 -10.84
N HIS B 8 -2.34 -8.81 -10.46
CA HIS B 8 -2.79 -9.95 -9.67
C HIS B 8 -1.63 -10.59 -8.92
N LEU B 9 -1.80 -10.76 -7.60
CA LEU B 9 -0.79 -11.35 -6.71
C LEU B 9 0.49 -10.50 -6.59
N VAL B 10 0.98 -10.03 -7.72
CA VAL B 10 2.17 -9.21 -7.80
C VAL B 10 2.02 -7.94 -6.96
N LYS B 11 2.86 -7.82 -5.94
CA LYS B 11 2.87 -6.68 -5.01
C LYS B 11 1.70 -6.71 -4.03
N GLU B 12 0.58 -7.29 -4.44
CA GLU B 12 -0.62 -7.37 -3.61
C GLU B 12 -0.39 -8.18 -2.33
N ILE B 13 0.47 -9.19 -2.40
CA ILE B 13 0.77 -10.01 -1.23
C ILE B 13 1.79 -9.37 -0.27
N ASP B 14 2.98 -9.10 -0.79
CA ASP B 14 4.08 -8.53 -0.02
C ASP B 14 3.71 -7.25 0.70
N MET B 15 2.98 -6.39 0.00
CA MET B 15 2.57 -5.12 0.57
C MET B 15 1.81 -5.28 1.88
N LEU B 16 0.94 -6.28 1.94
CA LEU B 16 0.17 -6.54 3.15
C LEU B 16 1.06 -7.05 4.26
N LEU B 17 2.08 -7.82 3.88
CA LEU B 17 3.02 -8.39 4.83
C LEU B 17 3.96 -7.32 5.40
N LYS B 18 4.59 -6.55 4.50
CA LYS B 18 5.53 -5.52 4.92
C LYS B 18 4.89 -4.30 5.56
N GLU B 19 3.66 -3.96 5.17
CA GLU B 19 2.95 -2.81 5.75
C GLU B 19 2.80 -3.02 7.26
N TYR B 20 2.49 -4.25 7.62
CA TYR B 20 2.34 -4.61 9.02
C TYR B 20 3.72 -4.82 9.68
N LEU B 21 4.69 -5.22 8.84
CA LEU B 21 6.05 -5.49 9.31
C LEU B 21 6.80 -4.23 9.76
N LEU B 22 6.91 -3.25 8.87
CA LEU B 22 7.64 -2.03 9.19
C LEU B 22 6.75 -0.94 9.77
N SER B 23 5.71 -0.57 9.05
CA SER B 23 4.80 0.47 9.51
C SER B 23 4.02 0.03 10.76
N GLY B 24 3.28 -1.06 10.65
CA GLY B 24 2.52 -1.55 11.78
C GLY B 24 1.08 -1.10 11.74
N ASP B 25 0.49 -1.10 10.55
CA ASP B 25 -0.89 -0.67 10.40
C ASP B 25 -1.80 -1.85 10.08
N ILE B 26 -2.66 -2.20 11.04
CA ILE B 26 -3.60 -3.30 10.86
C ILE B 26 -4.66 -2.91 9.84
N SER B 27 -5.31 -1.77 10.12
CA SER B 27 -6.34 -1.19 9.26
C SER B 27 -6.06 -1.25 7.77
N GLU B 28 -4.79 -1.21 7.40
CA GLU B 28 -4.41 -1.25 5.99
C GLU B 28 -4.58 -2.67 5.42
N ALA B 29 -4.03 -3.66 6.14
CA ALA B 29 -4.12 -5.04 5.72
C ALA B 29 -5.56 -5.53 5.75
N GLU B 30 -6.31 -5.05 6.73
CA GLU B 30 -7.71 -5.44 6.89
C GLU B 30 -8.58 -4.92 5.75
N HIS B 31 -8.22 -3.77 5.18
CA HIS B 31 -8.99 -3.20 4.09
C HIS B 31 -8.73 -3.94 2.78
N CYS B 32 -7.49 -4.39 2.63
CA CYS B 32 -7.09 -5.10 1.42
C CYS B 32 -7.57 -6.55 1.45
N LEU B 33 -7.66 -7.11 2.65
CA LEU B 33 -8.10 -8.51 2.84
C LEU B 33 -9.44 -8.75 2.18
N LYS B 34 -10.34 -7.79 2.34
CA LYS B 34 -11.67 -7.88 1.74
C LYS B 34 -11.62 -7.64 0.23
N GLU B 35 -11.05 -6.49 -0.13
CA GLU B 35 -10.91 -6.09 -1.55
C GLU B 35 -10.36 -7.22 -2.46
N LEU B 36 -9.45 -8.04 -1.95
CA LEU B 36 -8.91 -9.17 -2.75
C LEU B 36 -9.91 -10.30 -2.62
N GLU B 37 -10.27 -11.11 -3.66
CA GLU B 37 -11.36 -12.05 -3.30
C GLU B 37 -10.94 -13.45 -2.87
N VAL B 38 -10.90 -14.38 -3.85
CA VAL B 38 -10.59 -15.80 -3.59
C VAL B 38 -10.11 -16.13 -2.16
N PRO B 39 -11.04 -16.33 -1.17
CA PRO B 39 -10.67 -16.63 0.21
C PRO B 39 -9.90 -17.95 0.34
N HIS B 40 -10.14 -18.84 -0.62
CA HIS B 40 -9.49 -20.14 -0.65
C HIS B 40 -8.00 -19.99 -0.95
N PHE B 41 -7.64 -18.91 -1.62
CA PHE B 41 -6.26 -18.65 -1.98
C PHE B 41 -5.53 -17.91 -0.86
N HIS B 42 -6.22 -17.69 0.25
CA HIS B 42 -5.66 -16.98 1.40
C HIS B 42 -4.67 -17.85 2.18
N HIS B 43 -4.51 -19.09 1.73
CA HIS B 43 -3.58 -20.04 2.34
C HIS B 43 -2.16 -19.56 2.09
N GLU B 44 -2.02 -18.79 1.04
CA GLU B 44 -0.76 -18.21 0.63
C GLU B 44 -0.28 -17.14 1.61
N LEU B 45 -1.21 -16.54 2.37
CA LEU B 45 -0.83 -15.47 3.29
C LEU B 45 -0.02 -15.94 4.52
N VAL B 46 -0.68 -16.68 5.42
CA VAL B 46 0.02 -17.15 6.65
C VAL B 46 1.44 -17.66 6.40
N TYR B 47 1.59 -18.86 5.84
CA TYR B 47 2.93 -19.33 5.45
C TYR B 47 3.94 -18.24 5.04
N GLU B 48 3.57 -17.35 4.12
CA GLU B 48 4.47 -16.30 3.66
C GLU B 48 4.90 -15.34 4.81
N ALA B 49 4.14 -15.39 5.93
CA ALA B 49 4.41 -14.54 7.10
C ALA B 49 5.31 -15.32 8.11
N ILE B 50 5.12 -16.65 8.11
CA ILE B 50 5.82 -17.57 9.05
C ILE B 50 7.26 -17.80 8.61
N VAL B 51 7.42 -17.88 7.31
CA VAL B 51 8.72 -18.07 6.68
C VAL B 51 9.59 -16.83 6.88
N MET B 52 8.97 -15.74 7.35
CA MET B 52 9.68 -14.51 7.56
C MET B 52 10.34 -14.57 8.94
N VAL B 53 9.50 -14.78 9.99
CA VAL B 53 9.97 -14.91 11.39
C VAL B 53 11.18 -15.84 11.55
N LEU B 54 11.25 -16.85 10.70
CA LEU B 54 12.34 -17.81 10.76
C LEU B 54 13.63 -17.20 10.23
N GLU B 55 13.51 -16.24 9.33
CA GLU B 55 14.66 -15.56 8.74
C GLU B 55 14.75 -14.15 9.30
N SER B 56 13.95 -13.86 10.31
CA SER B 56 13.92 -12.56 10.94
C SER B 56 15.07 -12.38 11.92
N THR B 57 14.96 -11.34 12.75
CA THR B 57 15.97 -11.01 13.74
C THR B 57 15.38 -10.02 14.72
N GLY B 58 14.84 -10.53 15.81
CA GLY B 58 14.24 -9.68 16.82
C GLY B 58 12.92 -10.22 17.32
N GLU B 59 12.70 -10.10 18.63
CA GLU B 59 11.47 -10.58 19.26
C GLU B 59 10.27 -9.77 18.82
N SER B 60 10.50 -8.53 18.41
CA SER B 60 9.42 -7.65 17.95
C SER B 60 8.72 -8.29 16.75
N ALA B 61 9.51 -8.99 15.94
CA ALA B 61 9.01 -9.67 14.76
C ALA B 61 8.30 -10.97 15.12
N PHE B 62 8.56 -11.50 16.34
CA PHE B 62 7.97 -12.76 16.76
C PHE B 62 6.56 -12.55 17.35
N LYS B 63 6.36 -11.36 17.98
CA LYS B 63 5.08 -11.02 18.64
C LYS B 63 4.05 -10.41 17.67
N MET B 64 4.60 -9.74 16.65
CA MET B 64 3.79 -9.00 15.67
C MET B 64 3.24 -9.90 14.59
N ILE B 65 3.99 -10.92 14.20
CA ILE B 65 3.55 -11.82 13.16
C ILE B 65 2.36 -12.64 13.64
N LEU B 66 2.51 -13.34 14.76
CA LEU B 66 1.40 -14.11 15.33
C LEU B 66 0.17 -13.23 15.55
N ASP B 67 0.40 -11.98 15.92
CA ASP B 67 -0.68 -11.03 16.16
C ASP B 67 -1.47 -10.79 14.89
N LEU B 68 -0.77 -10.84 13.76
CA LEU B 68 -1.38 -10.61 12.46
C LEU B 68 -2.50 -11.62 12.21
N LEU B 69 -2.22 -12.91 12.42
CA LEU B 69 -3.22 -13.93 12.22
C LEU B 69 -4.24 -13.93 13.36
N LYS B 70 -3.74 -13.94 14.61
CA LYS B 70 -4.60 -13.91 15.80
C LYS B 70 -5.65 -12.78 15.72
N SER B 71 -5.27 -11.66 15.14
CA SER B 71 -6.20 -10.55 14.98
C SER B 71 -7.22 -10.86 13.89
N LEU B 72 -6.77 -11.50 12.82
CA LEU B 72 -7.62 -11.87 11.71
C LEU B 72 -8.64 -12.93 12.15
N TRP B 73 -8.15 -14.02 12.76
CA TRP B 73 -8.99 -15.09 13.30
C TRP B 73 -10.03 -14.56 14.31
N LYS B 74 -9.85 -13.33 14.76
CA LYS B 74 -10.78 -12.74 15.73
C LYS B 74 -12.03 -12.26 15.01
N SER B 75 -11.86 -11.88 13.75
CA SER B 75 -12.96 -11.39 12.93
C SER B 75 -13.42 -12.48 11.96
N SER B 76 -13.03 -13.73 12.26
CA SER B 76 -13.34 -14.89 11.42
C SER B 76 -13.08 -14.63 9.94
N THR B 77 -11.80 -14.54 9.59
CA THR B 77 -11.41 -14.28 8.22
C THR B 77 -10.59 -15.43 7.64
N ILE B 78 -9.73 -16.03 8.45
CA ILE B 78 -8.91 -17.13 8.00
C ILE B 78 -9.56 -18.46 8.35
N THR B 79 -9.74 -19.29 7.35
CA THR B 79 -10.34 -20.61 7.52
C THR B 79 -9.28 -21.62 7.95
N ILE B 80 -9.63 -22.51 8.86
CA ILE B 80 -8.71 -23.54 9.35
C ILE B 80 -8.06 -24.33 8.21
N ASP B 81 -8.80 -24.53 7.12
CA ASP B 81 -8.28 -25.25 5.96
C ASP B 81 -7.04 -24.56 5.43
N GLN B 82 -7.12 -23.23 5.36
CA GLN B 82 -6.02 -22.41 4.88
C GLN B 82 -4.82 -22.46 5.82
N MET B 83 -5.08 -22.33 7.12
CA MET B 83 -4.03 -22.38 8.13
C MET B 83 -3.34 -23.75 8.13
N LYS B 84 -4.11 -24.77 7.75
CA LYS B 84 -3.59 -26.13 7.70
C LYS B 84 -2.59 -26.25 6.55
N ARG B 85 -3.02 -25.80 5.38
CA ARG B 85 -2.18 -25.85 4.19
C ARG B 85 -0.91 -25.02 4.37
N GLY B 86 -1.00 -24.01 5.22
CA GLY B 86 0.15 -23.17 5.49
C GLY B 86 1.18 -23.85 6.38
N TYR B 87 0.73 -24.37 7.51
CA TYR B 87 1.61 -25.04 8.45
C TYR B 87 2.16 -26.34 7.88
N GLU B 88 1.28 -27.08 7.19
CA GLU B 88 1.68 -28.35 6.60
C GLU B 88 2.77 -28.15 5.55
N ARG B 89 2.76 -26.97 4.92
CA ARG B 89 3.76 -26.62 3.92
C ARG B 89 5.08 -26.37 4.64
N ILE B 90 5.01 -25.65 5.78
CA ILE B 90 6.19 -25.33 6.59
C ILE B 90 6.94 -26.61 6.96
N TYR B 91 6.18 -27.63 7.34
CA TYR B 91 6.74 -28.92 7.72
C TYR B 91 7.65 -29.48 6.62
N ASN B 92 7.36 -29.11 5.38
CA ASN B 92 8.15 -29.56 4.24
C ASN B 92 9.28 -28.58 3.94
N GLU B 93 9.05 -27.29 4.22
CA GLU B 93 10.04 -26.26 3.96
C GLU B 93 11.16 -26.29 5.01
N ILE B 94 10.86 -26.84 6.18
CA ILE B 94 11.84 -26.95 7.27
C ILE B 94 13.18 -27.55 6.81
N PRO B 95 13.18 -28.76 6.19
CA PRO B 95 14.41 -29.39 5.71
C PRO B 95 15.16 -28.52 4.69
N ASP B 96 14.41 -27.74 3.93
CA ASP B 96 15.00 -26.86 2.92
C ASP B 96 15.65 -25.64 3.55
N ILE B 97 14.96 -25.05 4.52
CA ILE B 97 15.45 -23.85 5.20
C ILE B 97 16.54 -24.18 6.24
N ASN B 98 16.31 -25.21 7.05
CA ASN B 98 17.28 -25.60 8.08
C ASN B 98 18.49 -26.30 7.45
N LEU B 99 18.21 -27.10 6.42
CA LEU B 99 19.25 -27.83 5.68
C LEU B 99 20.26 -28.52 6.59
N ASP B 100 19.86 -29.64 7.18
CA ASP B 100 20.72 -30.43 8.09
C ASP B 100 21.04 -29.67 9.36
N VAL B 101 21.58 -30.38 10.35
CA VAL B 101 21.95 -29.81 11.66
C VAL B 101 20.77 -29.03 12.26
N PRO B 102 19.78 -29.75 12.81
CA PRO B 102 18.59 -29.14 13.40
C PRO B 102 18.93 -28.09 14.46
N HIS B 103 18.28 -26.94 14.35
CA HIS B 103 18.50 -25.85 15.29
C HIS B 103 17.28 -24.95 15.39
N SER B 104 16.54 -24.84 14.29
CA SER B 104 15.34 -24.01 14.27
C SER B 104 14.13 -24.72 14.88
N TYR B 105 14.34 -25.92 15.40
CA TYR B 105 13.26 -26.70 16.00
C TYR B 105 12.73 -26.01 17.26
N SER B 106 13.62 -25.33 17.97
CA SER B 106 13.24 -24.63 19.18
C SER B 106 12.19 -23.57 18.87
N VAL B 107 12.37 -22.88 17.76
CA VAL B 107 11.44 -21.85 17.33
C VAL B 107 10.18 -22.49 16.74
N LEU B 108 10.39 -23.51 15.94
CA LEU B 108 9.27 -24.22 15.29
C LEU B 108 8.27 -24.78 16.31
N GLU B 109 8.76 -25.60 17.24
CA GLU B 109 7.89 -26.19 18.25
C GLU B 109 7.26 -25.12 19.13
N ARG B 110 8.05 -24.09 19.39
CA ARG B 110 7.61 -22.97 20.21
C ARG B 110 6.43 -22.27 19.55
N PHE B 111 6.63 -21.90 18.28
CA PHE B 111 5.60 -21.22 17.49
C PHE B 111 4.34 -22.05 17.36
N VAL B 112 4.48 -23.35 17.10
CA VAL B 112 3.33 -24.22 16.92
C VAL B 112 2.56 -24.38 18.24
N GLU B 113 3.30 -24.67 19.31
CA GLU B 113 2.70 -24.84 20.63
C GLU B 113 1.92 -23.60 21.02
N GLU B 114 2.49 -22.43 20.76
CA GLU B 114 1.84 -21.18 21.08
C GLU B 114 0.56 -21.03 20.26
N CYS B 115 0.69 -21.29 18.95
CA CYS B 115 -0.45 -21.22 18.04
C CYS B 115 -1.58 -22.13 18.50
N PHE B 116 -1.28 -23.38 18.78
CA PHE B 116 -2.30 -24.32 19.24
C PHE B 116 -3.03 -23.83 20.49
N GLN B 117 -2.26 -23.37 21.48
CA GLN B 117 -2.82 -22.87 22.73
C GLN B 117 -3.90 -21.80 22.50
N ALA B 118 -3.75 -21.04 21.43
CA ALA B 118 -4.72 -20.00 21.08
C ALA B 118 -6.09 -20.60 20.80
N GLY B 119 -6.12 -21.89 20.47
CA GLY B 119 -7.37 -22.56 20.18
C GLY B 119 -7.87 -22.27 18.79
N ILE B 120 -6.93 -22.21 17.84
CA ILE B 120 -7.29 -21.92 16.46
C ILE B 120 -7.12 -23.15 15.57
N ILE B 121 -6.39 -24.14 16.06
CA ILE B 121 -6.14 -25.38 15.32
C ILE B 121 -6.13 -26.54 16.29
N SER B 122 -6.61 -27.70 15.85
CA SER B 122 -6.65 -28.89 16.69
C SER B 122 -5.29 -29.58 16.76
N LYS B 123 -5.22 -30.64 17.57
CA LYS B 123 -4.00 -31.41 17.75
C LYS B 123 -3.57 -32.10 16.46
N GLN B 124 -4.52 -32.28 15.55
CA GLN B 124 -4.25 -32.90 14.25
C GLN B 124 -3.06 -32.25 13.56
N LEU B 125 -2.99 -30.92 13.62
CA LEU B 125 -1.90 -30.19 13.00
C LEU B 125 -0.60 -30.40 13.78
N ARG B 126 -0.73 -30.51 15.10
CA ARG B 126 0.40 -30.74 15.97
C ARG B 126 1.00 -32.12 15.72
N ASP B 127 0.15 -33.07 15.33
CA ASP B 127 0.60 -34.42 15.04
C ASP B 127 1.45 -34.43 13.79
N LEU B 128 1.14 -33.50 12.88
CA LEU B 128 1.89 -33.37 11.64
C LEU B 128 3.18 -32.59 11.86
N CYS B 129 3.32 -32.08 13.07
CA CYS B 129 4.51 -31.33 13.45
C CYS B 129 5.56 -32.28 14.01
N PRO B 130 6.82 -32.12 13.59
CA PRO B 130 7.93 -32.97 14.08
C PRO B 130 8.30 -32.60 15.52
N SER B 131 7.34 -32.75 16.42
CA SER B 131 7.52 -32.44 17.82
C SER B 131 8.56 -33.36 18.47
N GLY A 1 2.46 30.65 -2.22
CA GLY A 1 1.83 31.95 -1.88
C GLY A 1 0.38 31.77 -1.45
N LEU A 2 -0.50 32.61 -1.97
CA LEU A 2 -1.91 32.54 -1.63
C LEU A 2 -2.74 32.35 -2.89
N PRO A 3 -3.70 31.42 -2.88
CA PRO A 3 -4.55 31.14 -4.03
C PRO A 3 -5.52 32.28 -4.34
N LEU A 4 -5.39 32.84 -5.53
CA LEU A 4 -6.26 33.94 -5.95
C LEU A 4 -7.56 33.44 -6.57
N ASP A 5 -8.65 33.52 -5.79
CA ASP A 5 -9.98 33.10 -6.22
C ASP A 5 -10.14 31.59 -6.31
N GLU A 6 -10.36 30.95 -5.15
CA GLU A 6 -10.52 29.51 -5.09
C GLU A 6 -11.86 29.06 -5.66
N ARG A 7 -12.90 29.85 -5.39
CA ARG A 7 -14.26 29.54 -5.84
C ARG A 7 -14.29 29.47 -7.37
N ALA A 8 -13.78 30.52 -8.00
CA ALA A 8 -13.69 30.60 -9.45
C ALA A 8 -12.78 29.50 -10.00
N PHE A 9 -11.89 29.05 -9.14
CA PHE A 9 -10.90 28.05 -9.50
C PHE A 9 -11.46 26.61 -9.49
N GLU A 10 -12.14 26.21 -8.41
CA GLU A 10 -12.64 24.85 -8.30
C GLU A 10 -13.82 24.57 -9.22
N LYS A 11 -14.81 25.47 -9.21
CA LYS A 11 -16.02 25.30 -10.02
C LYS A 11 -15.70 25.06 -11.49
N THR A 12 -14.79 25.85 -12.04
CA THR A 12 -14.39 25.73 -13.44
C THR A 12 -13.53 24.49 -13.69
N LEU A 13 -12.93 23.97 -12.63
CA LEU A 13 -12.03 22.82 -12.74
C LEU A 13 -12.79 21.50 -12.69
N THR A 14 -13.98 21.50 -12.10
CA THR A 14 -14.79 20.28 -11.97
C THR A 14 -14.97 19.51 -13.29
N PRO A 15 -15.57 20.12 -14.34
CA PRO A 15 -15.79 19.45 -15.63
C PRO A 15 -14.49 19.09 -16.34
N ILE A 16 -13.42 19.75 -15.93
CA ILE A 16 -12.10 19.52 -16.51
C ILE A 16 -11.57 18.15 -16.07
N ILE A 17 -11.61 17.92 -14.76
CA ILE A 17 -11.13 16.66 -14.19
C ILE A 17 -11.98 15.49 -14.66
N GLN A 18 -13.30 15.64 -14.59
CA GLN A 18 -14.23 14.60 -15.04
C GLN A 18 -13.97 14.17 -16.47
N GLU A 19 -13.54 15.12 -17.31
CA GLU A 19 -13.25 14.83 -18.71
C GLU A 19 -12.05 13.90 -18.82
N TYR A 20 -11.08 14.12 -17.95
CA TYR A 20 -9.87 13.31 -17.92
C TYR A 20 -10.17 11.86 -17.56
N PHE A 21 -11.17 11.67 -16.71
CA PHE A 21 -11.57 10.34 -16.29
C PHE A 21 -12.25 9.56 -17.40
N GLU A 22 -13.37 10.09 -17.88
CA GLU A 22 -14.13 9.45 -18.95
C GLU A 22 -13.36 9.28 -20.26
N HIS A 23 -12.29 10.04 -20.44
CA HIS A 23 -11.49 9.93 -21.67
C HIS A 23 -10.16 9.23 -21.41
N GLY A 24 -9.38 9.79 -20.49
CA GLY A 24 -8.08 9.21 -20.19
C GLY A 24 -6.96 9.97 -20.86
N ASP A 25 -7.32 10.92 -21.70
CA ASP A 25 -6.34 11.72 -22.45
C ASP A 25 -5.78 12.86 -21.61
N THR A 26 -4.50 12.76 -21.31
CA THR A 26 -3.80 13.78 -20.54
C THR A 26 -3.60 15.06 -21.36
N ASN A 27 -3.57 14.91 -22.68
CA ASN A 27 -3.35 16.03 -23.60
C ASN A 27 -4.40 17.12 -23.43
N GLU A 28 -5.68 16.75 -23.33
CA GLU A 28 -6.74 17.74 -23.17
C GLU A 28 -6.47 18.66 -21.99
N VAL A 29 -6.16 18.07 -20.84
CA VAL A 29 -5.86 18.83 -19.63
C VAL A 29 -4.67 19.78 -19.86
N ALA A 30 -3.69 19.33 -20.63
CA ALA A 30 -2.51 20.14 -20.92
C ALA A 30 -2.92 21.35 -21.77
N GLU A 31 -3.80 21.11 -22.73
CA GLU A 31 -4.31 22.16 -23.61
C GLU A 31 -5.03 23.22 -22.79
N MET A 32 -5.88 22.76 -21.88
CA MET A 32 -6.67 23.65 -21.04
C MET A 32 -5.78 24.45 -20.10
N LEU A 33 -4.76 23.81 -19.55
CA LEU A 33 -3.83 24.46 -18.64
C LEU A 33 -3.11 25.61 -19.31
N ARG A 34 -2.83 25.45 -20.61
CA ARG A 34 -2.14 26.48 -21.37
C ARG A 34 -3.00 27.72 -21.50
N ASP A 35 -4.29 27.52 -21.73
CA ASP A 35 -5.22 28.64 -21.87
C ASP A 35 -5.70 29.13 -20.51
N LEU A 36 -5.19 28.52 -19.44
CA LEU A 36 -5.56 28.91 -18.09
C LEU A 36 -4.62 29.95 -17.52
N ASN A 37 -3.34 29.91 -17.94
CA ASN A 37 -2.32 30.85 -17.47
C ASN A 37 -2.26 30.97 -15.95
N LEU A 38 -1.87 29.90 -15.28
CA LEU A 38 -1.78 29.89 -13.83
C LEU A 38 -0.33 29.85 -13.35
N GLY A 39 -0.04 30.60 -12.29
CA GLY A 39 1.29 30.62 -11.72
C GLY A 39 1.39 29.66 -10.56
N GLU A 40 1.05 30.14 -9.37
CA GLU A 40 1.09 29.28 -8.18
C GLU A 40 -0.14 28.39 -8.18
N MET A 41 -1.21 28.89 -8.80
CA MET A 41 -2.47 28.15 -8.91
C MET A 41 -2.32 26.95 -9.83
N LYS A 42 -1.17 26.87 -10.49
CA LYS A 42 -0.87 25.76 -11.40
C LYS A 42 -0.80 24.46 -10.61
N SER A 43 -0.42 24.57 -9.34
CA SER A 43 -0.31 23.42 -8.46
C SER A 43 -1.68 23.07 -7.88
N GLY A 44 -2.65 23.93 -8.14
CA GLY A 44 -4.01 23.70 -7.65
C GLY A 44 -4.69 22.56 -8.39
N VAL A 45 -4.60 22.59 -9.72
CA VAL A 45 -5.19 21.57 -10.58
C VAL A 45 -4.86 20.14 -10.12
N PRO A 46 -3.57 19.76 -10.01
CA PRO A 46 -3.17 18.41 -9.58
C PRO A 46 -3.74 18.03 -8.21
N VAL A 47 -3.86 19.02 -7.32
CA VAL A 47 -4.39 18.77 -5.98
C VAL A 47 -5.83 18.28 -6.05
N LEU A 48 -6.67 19.04 -6.73
CA LEU A 48 -8.09 18.70 -6.88
C LEU A 48 -8.23 17.37 -7.60
N ALA A 49 -7.48 17.23 -8.70
CA ALA A 49 -7.47 16.00 -9.48
C ALA A 49 -7.26 14.77 -8.60
N VAL A 50 -6.40 14.90 -7.60
CA VAL A 50 -6.12 13.79 -6.69
C VAL A 50 -7.27 13.62 -5.69
N SER A 51 -7.81 14.74 -5.22
CA SER A 51 -8.91 14.71 -4.26
C SER A 51 -10.13 13.97 -4.81
N LEU A 52 -10.58 14.35 -6.01
CA LEU A 52 -11.74 13.71 -6.63
C LEU A 52 -11.45 12.24 -6.96
N ALA A 53 -10.17 11.92 -7.12
CA ALA A 53 -9.77 10.56 -7.41
C ALA A 53 -9.94 9.69 -6.17
N LEU A 54 -9.69 10.27 -5.00
CA LEU A 54 -9.82 9.59 -3.73
C LEU A 54 -11.24 9.13 -3.50
N GLU A 55 -12.20 10.01 -3.81
CA GLU A 55 -13.61 9.69 -3.64
C GLU A 55 -14.02 8.60 -4.63
N GLY A 56 -13.47 8.71 -5.84
CA GLY A 56 -13.73 7.72 -6.87
C GLY A 56 -13.20 6.34 -6.53
N LYS A 57 -13.46 5.39 -7.41
CA LYS A 57 -13.01 4.01 -7.20
C LYS A 57 -11.48 3.88 -7.35
N ALA A 58 -10.92 2.83 -6.78
CA ALA A 58 -9.48 2.58 -6.82
C ALA A 58 -8.98 2.50 -8.25
N SER A 59 -9.84 1.99 -9.14
CA SER A 59 -9.51 1.86 -10.56
C SER A 59 -9.19 3.23 -11.14
N HIS A 60 -9.86 4.24 -10.62
CA HIS A 60 -9.67 5.59 -11.11
C HIS A 60 -8.51 6.30 -10.44
N ARG A 61 -8.10 5.80 -9.25
CA ARG A 61 -7.03 6.41 -8.48
C ARG A 61 -5.66 6.23 -9.13
N GLU A 62 -5.24 4.99 -9.34
CA GLU A 62 -3.96 4.73 -9.99
C GLU A 62 -3.95 5.36 -11.39
N MET A 63 -5.13 5.43 -12.00
CA MET A 63 -5.29 6.03 -13.31
C MET A 63 -4.94 7.53 -13.31
N THR A 64 -4.91 8.14 -12.13
CA THR A 64 -4.61 9.57 -12.02
C THR A 64 -3.11 9.82 -12.12
N SER A 65 -2.29 8.86 -11.68
CA SER A 65 -0.84 8.99 -11.67
C SER A 65 -0.23 9.44 -12.99
N LYS A 66 -0.83 9.08 -14.12
CA LYS A 66 -0.26 9.48 -15.39
C LYS A 66 -0.27 11.00 -15.49
N LEU A 67 -1.48 11.57 -15.41
CA LEU A 67 -1.63 13.04 -15.44
C LEU A 67 -0.60 13.80 -14.60
N LEU A 68 -0.19 13.25 -13.47
CA LEU A 68 0.79 13.93 -12.63
C LEU A 68 2.10 14.13 -13.38
N SER A 69 2.72 13.02 -13.80
CA SER A 69 3.97 13.07 -14.53
C SER A 69 3.78 13.61 -15.95
N ASP A 70 2.70 13.18 -16.60
CA ASP A 70 2.35 13.62 -17.95
C ASP A 70 2.35 15.15 -18.07
N LEU A 71 1.81 15.84 -17.06
CA LEU A 71 1.78 17.29 -17.07
C LEU A 71 3.11 17.87 -16.59
N CYS A 72 3.91 17.02 -15.95
CA CYS A 72 5.21 17.42 -15.43
C CYS A 72 6.22 17.64 -16.56
N GLY A 73 6.89 18.78 -16.51
CA GLY A 73 7.89 19.09 -17.51
C GLY A 73 7.29 19.73 -18.74
N THR A 74 6.07 19.33 -19.08
CA THR A 74 5.38 19.87 -20.24
C THR A 74 4.71 21.20 -19.90
N VAL A 75 3.80 21.17 -18.94
CA VAL A 75 3.10 22.39 -18.52
C VAL A 75 3.32 22.71 -17.05
N MET A 76 3.72 21.71 -16.28
CA MET A 76 3.95 21.90 -14.85
C MET A 76 5.30 21.33 -14.44
N SER A 77 6.23 22.21 -14.09
CA SER A 77 7.56 21.80 -13.68
C SER A 77 7.56 21.15 -12.29
N THR A 78 8.37 20.10 -12.14
CA THR A 78 8.53 19.39 -10.86
C THR A 78 8.52 20.31 -9.63
N THR A 79 9.11 21.49 -9.75
CA THR A 79 9.13 22.44 -8.64
C THR A 79 7.71 22.79 -8.21
N ASP A 80 6.81 22.94 -9.18
CA ASP A 80 5.42 23.28 -8.89
C ASP A 80 4.66 22.02 -8.47
N VAL A 81 5.05 20.89 -9.06
CA VAL A 81 4.41 19.60 -8.75
C VAL A 81 4.56 19.30 -7.26
N GLU A 82 5.79 19.47 -6.77
CA GLU A 82 6.11 19.24 -5.37
C GLU A 82 5.29 20.15 -4.46
N LYS A 83 4.92 21.32 -4.98
CA LYS A 83 4.15 22.29 -4.23
C LYS A 83 2.81 21.69 -3.81
N SER A 84 2.05 21.16 -4.78
CA SER A 84 0.77 20.52 -4.49
C SER A 84 0.85 19.55 -3.31
N PHE A 85 1.81 18.64 -3.35
CA PHE A 85 2.00 17.67 -2.26
C PHE A 85 2.04 18.34 -0.88
N ASP A 86 2.55 19.56 -0.83
CA ASP A 86 2.61 20.31 0.43
C ASP A 86 1.21 20.77 0.85
N LYS A 87 0.39 21.08 -0.14
CA LYS A 87 -0.97 21.55 0.09
C LYS A 87 -1.89 20.38 0.46
N LEU A 88 -1.72 19.28 -0.25
CA LEU A 88 -2.47 18.02 -0.04
C LEU A 88 -2.39 17.55 1.41
N LEU A 89 -1.33 18.00 2.06
CA LEU A 89 -1.09 17.62 3.45
C LEU A 89 -1.98 18.42 4.40
N LYS A 90 -2.34 19.64 4.00
CA LYS A 90 -3.14 20.53 4.84
C LYS A 90 -4.55 20.00 5.11
N ASP A 91 -5.42 20.05 4.10
CA ASP A 91 -6.79 19.58 4.22
C ASP A 91 -6.94 18.05 4.28
N LEU A 92 -5.82 17.36 4.45
CA LEU A 92 -5.85 15.91 4.47
C LEU A 92 -6.85 15.39 5.52
N PRO A 93 -6.80 15.89 6.79
CA PRO A 93 -7.73 15.49 7.84
C PRO A 93 -9.21 15.57 7.44
N GLU A 94 -9.67 16.73 6.95
CA GLU A 94 -11.08 16.84 6.54
C GLU A 94 -11.44 15.76 5.53
N LEU A 95 -10.63 15.66 4.48
CA LEU A 95 -10.83 14.59 3.49
C LEU A 95 -10.94 13.22 4.15
N ALA A 96 -10.17 13.01 5.21
CA ALA A 96 -10.18 11.75 5.95
C ALA A 96 -11.48 11.54 6.73
N LEU A 97 -12.23 12.61 6.95
CA LEU A 97 -13.49 12.53 7.68
C LEU A 97 -14.52 11.72 6.87
N ASP A 98 -14.71 12.09 5.61
CA ASP A 98 -15.65 11.36 4.76
C ASP A 98 -15.06 10.04 4.31
N THR A 99 -13.76 10.03 4.07
CA THR A 99 -13.07 8.84 3.64
C THR A 99 -12.03 8.46 4.70
N PRO A 100 -12.38 7.51 5.60
CA PRO A 100 -11.49 7.06 6.68
C PRO A 100 -10.11 6.66 6.18
N ARG A 101 -10.10 5.96 5.05
CA ARG A 101 -8.87 5.48 4.42
C ARG A 101 -8.24 6.53 3.50
N ALA A 102 -8.54 7.80 3.71
CA ALA A 102 -8.02 8.83 2.82
C ALA A 102 -6.50 9.01 3.02
N PRO A 103 -6.02 9.32 4.26
CA PRO A 103 -4.57 9.51 4.55
C PRO A 103 -3.79 8.22 4.30
N GLN A 104 -4.53 7.12 4.21
CA GLN A 104 -3.92 5.83 3.99
C GLN A 104 -3.59 5.66 2.51
N LEU A 105 -4.58 5.94 1.65
CA LEU A 105 -4.45 5.83 0.18
C LEU A 105 -3.50 6.88 -0.40
N VAL A 106 -3.34 7.98 0.31
CA VAL A 106 -2.53 9.08 -0.16
C VAL A 106 -1.05 8.74 -0.13
N GLY A 107 -0.63 7.79 0.73
CA GLY A 107 0.79 7.63 0.88
C GLY A 107 1.47 7.08 -0.35
N GLN A 108 0.91 6.06 -1.03
CA GLN A 108 1.56 5.56 -2.23
C GLN A 108 1.80 6.69 -3.22
N PHE A 109 0.86 7.62 -3.29
CA PHE A 109 0.96 8.76 -4.19
C PHE A 109 2.19 9.58 -3.90
N ILE A 110 2.55 9.69 -2.63
CA ILE A 110 3.69 10.49 -2.23
C ILE A 110 4.96 9.66 -2.32
N ALA A 111 4.79 8.34 -2.16
CA ALA A 111 5.93 7.45 -2.10
C ALA A 111 6.46 7.16 -3.50
N ARG A 112 5.57 6.62 -4.33
CA ARG A 112 5.88 6.29 -5.71
C ARG A 112 6.24 7.50 -6.54
N ALA A 113 5.83 8.68 -6.05
CA ALA A 113 6.08 9.91 -6.79
C ALA A 113 7.57 10.07 -7.10
N VAL A 114 8.42 9.52 -6.22
CA VAL A 114 9.86 9.57 -6.44
C VAL A 114 10.20 8.62 -7.59
N GLY A 115 9.80 7.36 -7.43
CA GLY A 115 10.01 6.35 -8.46
C GLY A 115 9.44 6.74 -9.82
N ASP A 116 8.39 7.56 -9.79
CA ASP A 116 7.75 8.02 -11.03
C ASP A 116 8.58 9.14 -11.63
N GLY A 117 9.21 9.92 -10.76
CA GLY A 117 10.07 11.00 -11.23
C GLY A 117 9.48 12.38 -11.06
N ILE A 118 8.52 12.54 -10.14
CA ILE A 118 7.91 13.85 -9.91
C ILE A 118 8.17 14.38 -8.50
N LEU A 119 8.80 13.58 -7.66
CA LEU A 119 9.09 13.98 -6.29
C LEU A 119 10.48 13.52 -5.89
N CYS A 120 11.07 14.20 -4.91
CA CYS A 120 12.39 13.84 -4.42
C CYS A 120 12.27 13.02 -3.15
N ASN A 121 13.23 12.13 -2.92
CA ASN A 121 13.24 11.26 -1.76
C ASN A 121 13.46 12.03 -0.46
N THR A 122 14.11 13.18 -0.55
CA THR A 122 14.41 14.00 0.62
C THR A 122 13.13 14.55 1.25
N TYR A 123 12.09 14.65 0.43
CA TYR A 123 10.78 15.14 0.87
C TYR A 123 10.25 14.32 2.05
N ILE A 124 10.54 13.03 2.05
CA ILE A 124 10.09 12.13 3.10
C ILE A 124 10.79 12.44 4.42
N ASP A 125 12.12 12.45 4.39
CA ASP A 125 12.93 12.72 5.59
C ASP A 125 12.62 14.11 6.15
N SER A 126 12.26 15.03 5.27
CA SER A 126 11.94 16.39 5.67
C SER A 126 10.78 16.45 6.66
N TYR A 127 9.87 15.50 6.57
CA TYR A 127 8.72 15.44 7.47
C TYR A 127 8.83 14.25 8.41
N LYS A 128 10.03 13.74 8.60
CA LYS A 128 10.22 12.56 9.45
C LYS A 128 10.16 12.81 10.96
N GLY A 129 9.36 13.76 11.36
CA GLY A 129 9.20 14.07 12.77
C GLY A 129 8.75 15.50 12.93
N THR A 130 8.83 16.23 11.83
CA THR A 130 8.49 17.62 11.77
C THR A 130 7.04 17.79 11.32
N VAL A 131 6.17 16.92 11.81
CA VAL A 131 4.75 16.96 11.48
C VAL A 131 3.93 16.86 12.76
N ASP A 132 3.11 17.86 12.99
CA ASP A 132 2.27 17.90 14.18
C ASP A 132 1.00 17.07 14.00
N CYS A 133 0.31 17.26 12.87
CA CYS A 133 -0.92 16.56 12.60
C CYS A 133 -0.70 15.11 12.16
N VAL A 134 -1.00 14.18 13.07
CA VAL A 134 -0.89 12.74 12.81
C VAL A 134 -1.46 12.31 11.45
N GLN A 135 -2.47 13.03 10.97
CA GLN A 135 -3.09 12.73 9.68
C GLN A 135 -2.06 12.67 8.55
N ALA A 136 -1.20 13.67 8.50
CA ALA A 136 -0.16 13.72 7.47
C ALA A 136 0.88 12.64 7.72
N ARG A 137 1.33 12.56 8.97
CA ARG A 137 2.31 11.55 9.37
C ARG A 137 1.89 10.13 8.99
N ALA A 138 0.59 9.85 9.07
CA ALA A 138 0.05 8.54 8.72
C ALA A 138 0.31 8.22 7.25
N ALA A 139 0.18 9.23 6.40
CA ALA A 139 0.41 9.07 4.97
C ALA A 139 1.87 8.74 4.69
N LEU A 140 2.76 9.41 5.41
CA LEU A 140 4.20 9.19 5.26
C LEU A 140 4.57 7.80 5.76
N ASP A 141 4.02 7.46 6.93
CA ASP A 141 4.25 6.15 7.54
C ASP A 141 3.89 5.06 6.54
N LYS A 142 2.80 5.25 5.83
CA LYS A 142 2.36 4.32 4.80
C LYS A 142 3.25 4.39 3.55
N ALA A 143 3.64 5.61 3.17
CA ALA A 143 4.44 5.82 1.96
C ALA A 143 5.84 5.20 2.02
N THR A 144 6.60 5.54 3.07
CA THR A 144 7.94 4.98 3.24
C THR A 144 7.92 3.46 3.27
N VAL A 145 6.85 2.92 3.81
CA VAL A 145 6.68 1.49 3.93
C VAL A 145 6.35 0.86 2.58
N LEU A 146 5.45 1.51 1.83
CA LEU A 146 5.03 1.02 0.53
C LEU A 146 6.22 0.87 -0.42
N LEU A 147 7.18 1.80 -0.34
CA LEU A 147 8.37 1.72 -1.17
C LEU A 147 9.05 0.38 -0.96
N SER A 148 9.14 -0.05 0.28
CA SER A 148 9.74 -1.33 0.62
C SER A 148 8.83 -2.52 0.31
N MET A 149 7.52 -2.27 0.24
CA MET A 149 6.56 -3.33 -0.05
C MET A 149 6.62 -3.76 -1.51
N SER A 150 7.33 -3.01 -2.34
CA SER A 150 7.47 -3.36 -3.74
C SER A 150 8.90 -3.82 -4.05
N LYS A 151 9.69 -3.96 -3.00
CA LYS A 151 11.10 -4.39 -3.12
C LYS A 151 11.23 -5.70 -3.88
N GLY A 152 10.63 -6.76 -3.36
CA GLY A 152 10.72 -8.06 -4.00
C GLY A 152 9.53 -8.31 -4.90
N GLY A 153 9.80 -8.82 -6.09
CA GLY A 153 8.73 -9.10 -7.03
C GLY A 153 8.69 -8.13 -8.18
N LYS A 154 9.67 -7.22 -8.20
CA LYS A 154 9.76 -6.22 -9.26
C LYS A 154 9.94 -6.90 -10.61
N ARG A 155 10.77 -7.93 -10.62
CA ARG A 155 11.03 -8.67 -11.85
C ARG A 155 10.10 -9.87 -11.98
N LYS A 156 8.81 -9.58 -12.10
CA LYS A 156 7.80 -10.60 -12.24
C LYS A 156 6.77 -10.16 -13.26
N ASP A 157 6.07 -9.07 -12.96
CA ASP A 157 5.06 -8.54 -13.85
C ASP A 157 5.29 -7.07 -14.09
N SER A 158 4.58 -6.50 -15.05
CA SER A 158 4.72 -5.09 -15.37
C SER A 158 3.37 -4.46 -15.72
N VAL A 159 2.70 -3.94 -14.72
CA VAL A 159 1.41 -3.29 -14.90
C VAL A 159 1.49 -1.84 -14.44
N TRP A 160 1.11 -0.93 -15.33
CA TRP A 160 1.15 0.50 -15.01
C TRP A 160 -0.24 1.11 -14.95
N GLY A 161 -1.23 0.26 -14.77
CA GLY A 161 -2.60 0.74 -14.70
C GLY A 161 -3.56 -0.34 -14.29
N SER A 162 -4.76 0.08 -13.92
CA SER A 162 -5.80 -0.84 -13.50
C SER A 162 -6.50 -1.47 -14.71
N GLY A 163 -6.88 -0.63 -15.67
CA GLY A 163 -7.54 -1.10 -16.85
C GLY A 163 -7.98 0.04 -17.74
N GLY B 1 -9.98 1.56 -19.63
CA GLY B 1 -11.17 0.69 -19.66
C GLY B 1 -10.94 -0.53 -20.52
N GLY B 2 -11.31 -1.69 -20.03
CA GLY B 2 -11.12 -2.90 -20.77
C GLY B 2 -11.74 -4.10 -20.08
N GLN B 3 -11.64 -5.26 -20.72
CA GLN B 3 -12.19 -6.49 -20.16
C GLN B 3 -11.07 -7.46 -19.83
N GLN B 4 -9.85 -6.95 -19.82
CA GLN B 4 -8.69 -7.77 -19.51
C GLN B 4 -8.51 -7.91 -18.00
N PRO B 5 -8.00 -9.07 -17.54
CA PRO B 5 -7.78 -9.34 -16.11
C PRO B 5 -6.96 -8.23 -15.45
N VAL B 6 -7.56 -7.59 -14.46
CA VAL B 6 -6.92 -6.52 -13.72
C VAL B 6 -5.80 -7.05 -12.83
N ASN B 7 -5.14 -6.16 -12.11
CA ASN B 7 -4.06 -6.54 -11.20
C ASN B 7 -4.56 -7.49 -10.12
N HIS B 8 -3.79 -8.51 -9.83
CA HIS B 8 -4.14 -9.48 -8.80
C HIS B 8 -2.91 -10.18 -8.25
N LEU B 9 -2.74 -10.07 -6.92
CA LEU B 9 -1.62 -10.69 -6.20
C LEU B 9 -0.38 -9.80 -6.21
N VAL B 10 -0.04 -9.27 -7.38
CA VAL B 10 1.13 -8.42 -7.52
C VAL B 10 0.92 -7.13 -6.72
N LYS B 11 1.85 -6.88 -5.79
CA LYS B 11 1.83 -5.70 -4.92
C LYS B 11 0.69 -5.79 -3.90
N GLU B 12 0.02 -6.93 -3.85
CA GLU B 12 -1.08 -7.13 -2.91
C GLU B 12 -0.70 -8.12 -1.80
N ILE B 13 -0.20 -9.30 -2.20
CA ILE B 13 0.17 -10.35 -1.25
C ILE B 13 1.27 -9.90 -0.26
N ASP B 14 2.35 -9.33 -0.79
CA ASP B 14 3.45 -8.88 0.04
C ASP B 14 2.99 -7.73 0.93
N MET B 15 2.41 -6.71 0.28
CA MET B 15 1.89 -5.53 0.98
C MET B 15 1.06 -5.90 2.21
N LEU B 16 0.19 -6.89 2.09
CA LEU B 16 -0.64 -7.30 3.20
C LEU B 16 0.19 -7.64 4.43
N LEU B 17 1.20 -8.48 4.24
CA LEU B 17 2.07 -8.89 5.34
C LEU B 17 2.95 -7.73 5.79
N LYS B 18 3.52 -7.01 4.83
CA LYS B 18 4.40 -5.89 5.12
C LYS B 18 3.73 -4.76 5.89
N GLU B 19 2.42 -4.55 5.71
CA GLU B 19 1.69 -3.48 6.40
C GLU B 19 2.05 -3.40 7.88
N TYR B 20 1.82 -4.48 8.60
CA TYR B 20 2.14 -4.49 10.03
C TYR B 20 3.64 -4.65 10.29
N LEU B 21 4.30 -5.39 9.42
CA LEU B 21 5.72 -5.66 9.55
C LEU B 21 6.54 -4.37 9.43
N LEU B 22 6.27 -3.60 8.40
CA LEU B 22 7.00 -2.36 8.16
C LEU B 22 6.34 -1.12 8.75
N SER B 23 5.05 -0.91 8.47
CA SER B 23 4.36 0.28 8.98
C SER B 23 4.13 0.23 10.47
N GLY B 24 3.26 -0.66 10.94
CA GLY B 24 2.99 -0.75 12.35
C GLY B 24 1.53 -0.53 12.63
N ASP B 25 0.68 -1.02 11.72
CA ASP B 25 -0.76 -0.86 11.86
C ASP B 25 -1.52 -2.07 11.35
N ILE B 26 -2.30 -2.71 12.23
CA ILE B 26 -3.08 -3.89 11.87
C ILE B 26 -4.31 -3.54 11.03
N SER B 27 -4.81 -2.32 11.19
CA SER B 27 -6.02 -1.87 10.50
C SER B 27 -5.96 -2.04 8.98
N GLU B 28 -4.94 -1.47 8.34
CA GLU B 28 -4.81 -1.56 6.90
C GLU B 28 -4.66 -3.00 6.44
N ALA B 29 -4.00 -3.81 7.26
CA ALA B 29 -3.80 -5.22 6.94
C ALA B 29 -5.14 -5.95 6.89
N GLU B 30 -5.99 -5.68 7.88
CA GLU B 30 -7.30 -6.32 7.94
C GLU B 30 -8.21 -5.83 6.82
N HIS B 31 -8.07 -4.56 6.45
CA HIS B 31 -8.90 -3.98 5.42
C HIS B 31 -8.57 -4.51 4.03
N CYS B 32 -7.31 -4.43 3.64
CA CYS B 32 -6.90 -4.90 2.31
C CYS B 32 -7.13 -6.39 2.14
N LEU B 33 -7.02 -7.14 3.24
CA LEU B 33 -7.24 -8.58 3.20
C LEU B 33 -8.66 -8.89 2.75
N LYS B 34 -9.60 -8.11 3.26
CA LYS B 34 -11.01 -8.27 2.92
C LYS B 34 -11.31 -7.78 1.50
N GLU B 35 -10.51 -6.83 1.02
CA GLU B 35 -10.66 -6.27 -0.34
C GLU B 35 -10.32 -7.28 -1.45
N LEU B 36 -9.93 -8.50 -1.07
CA LEU B 36 -9.55 -9.52 -2.04
C LEU B 36 -10.81 -10.15 -2.66
N GLU B 37 -10.74 -11.42 -3.06
CA GLU B 37 -11.89 -12.09 -3.65
C GLU B 37 -12.02 -13.53 -3.17
N VAL B 38 -10.98 -14.32 -3.36
CA VAL B 38 -11.02 -15.73 -2.96
C VAL B 38 -10.38 -15.94 -1.58
N PRO B 39 -11.19 -16.35 -0.59
CA PRO B 39 -10.72 -16.60 0.78
C PRO B 39 -9.94 -17.91 0.90
N HIS B 40 -10.14 -18.82 -0.05
CA HIS B 40 -9.48 -20.12 -0.03
C HIS B 40 -8.01 -20.00 -0.42
N PHE B 41 -7.62 -18.82 -0.89
CA PHE B 41 -6.24 -18.60 -1.29
C PHE B 41 -5.47 -17.85 -0.20
N HIS B 42 -6.10 -17.70 0.97
CA HIS B 42 -5.50 -17.00 2.10
C HIS B 42 -4.27 -17.72 2.65
N HIS B 43 -4.19 -19.03 2.43
CA HIS B 43 -3.06 -19.85 2.91
C HIS B 43 -1.69 -19.30 2.47
N GLU B 44 -1.69 -18.61 1.33
CA GLU B 44 -0.47 -18.02 0.77
C GLU B 44 0.10 -16.98 1.74
N LEU B 45 -0.78 -16.19 2.31
CA LEU B 45 -0.41 -15.12 3.24
C LEU B 45 0.20 -15.71 4.52
N VAL B 46 -0.49 -16.70 5.09
CA VAL B 46 -0.04 -17.34 6.32
C VAL B 46 1.37 -17.92 6.14
N TYR B 47 1.50 -18.84 5.19
CA TYR B 47 2.78 -19.47 4.88
C TYR B 47 3.93 -18.47 4.81
N GLU B 48 3.76 -17.42 4.00
CA GLU B 48 4.79 -16.42 3.83
C GLU B 48 5.10 -15.69 5.15
N ALA B 49 4.07 -15.45 5.94
CA ALA B 49 4.23 -14.78 7.24
C ALA B 49 5.20 -15.56 8.13
N ILE B 50 4.96 -16.85 8.28
CA ILE B 50 5.82 -17.71 9.09
C ILE B 50 7.25 -17.66 8.57
N VAL B 51 7.40 -17.84 7.26
CA VAL B 51 8.71 -17.78 6.61
C VAL B 51 9.44 -16.48 6.99
N MET B 52 8.71 -15.36 6.91
CA MET B 52 9.27 -14.06 7.25
C MET B 52 9.74 -14.02 8.69
N VAL B 53 8.97 -14.66 9.57
CA VAL B 53 9.30 -14.71 11.00
C VAL B 53 10.63 -15.44 11.20
N LEU B 54 10.73 -16.62 10.61
CA LEU B 54 11.93 -17.44 10.72
C LEU B 54 13.15 -16.75 10.13
N GLU B 55 12.93 -15.93 9.11
CA GLU B 55 14.01 -15.22 8.45
C GLU B 55 14.29 -13.87 9.09
N SER B 56 13.70 -13.63 10.25
CA SER B 56 13.88 -12.36 10.95
C SER B 56 14.60 -12.56 12.28
N THR B 57 15.44 -11.60 12.65
CA THR B 57 16.18 -11.70 13.90
C THR B 57 15.59 -10.76 14.95
N GLY B 58 14.95 -11.32 15.96
CA GLY B 58 14.37 -10.51 17.00
C GLY B 58 12.96 -10.95 17.36
N GLU B 59 12.54 -10.66 18.58
CA GLU B 59 11.22 -11.03 19.05
C GLU B 59 10.19 -10.00 18.60
N SER B 60 10.67 -8.90 18.05
CA SER B 60 9.80 -7.83 17.58
C SER B 60 8.88 -8.37 16.49
N ALA B 61 9.47 -9.10 15.55
CA ALA B 61 8.71 -9.68 14.45
C ALA B 61 7.93 -10.89 14.93
N PHE B 62 8.46 -11.57 15.94
CA PHE B 62 7.85 -12.78 16.49
C PHE B 62 6.42 -12.53 16.98
N LYS B 63 6.25 -11.63 17.94
CA LYS B 63 4.93 -11.34 18.48
C LYS B 63 4.04 -10.62 17.46
N MET B 64 4.60 -9.58 16.85
CA MET B 64 3.88 -8.79 15.85
C MET B 64 3.24 -9.64 14.75
N ILE B 65 3.97 -10.61 14.22
CA ILE B 65 3.43 -11.46 13.16
C ILE B 65 2.55 -12.59 13.73
N LEU B 66 2.89 -13.06 14.93
CA LEU B 66 2.12 -14.13 15.57
C LEU B 66 0.70 -13.68 15.88
N ASP B 67 0.59 -12.51 16.53
CA ASP B 67 -0.72 -11.95 16.89
C ASP B 67 -1.47 -11.47 15.65
N LEU B 68 -0.70 -11.28 14.58
CA LEU B 68 -1.26 -10.84 13.32
C LEU B 68 -2.20 -11.92 12.81
N LEU B 69 -1.75 -13.17 12.94
CA LEU B 69 -2.54 -14.31 12.53
C LEU B 69 -3.76 -14.44 13.42
N LYS B 70 -3.54 -14.36 14.73
CA LYS B 70 -4.62 -14.47 15.71
C LYS B 70 -5.69 -13.42 15.48
N SER B 71 -5.27 -12.16 15.40
CA SER B 71 -6.19 -11.06 15.13
C SER B 71 -7.05 -11.29 13.89
N LEU B 72 -6.48 -11.93 12.87
CA LEU B 72 -7.23 -12.20 11.64
C LEU B 72 -8.20 -13.36 11.92
N TRP B 73 -7.80 -14.23 12.84
CA TRP B 73 -8.61 -15.37 13.25
C TRP B 73 -9.87 -14.92 13.98
N LYS B 74 -9.76 -13.93 14.89
CA LYS B 74 -10.95 -13.41 15.59
C LYS B 74 -11.97 -12.96 14.56
N SER B 75 -11.52 -12.04 13.71
CA SER B 75 -12.32 -11.56 12.58
C SER B 75 -12.48 -12.65 11.50
N SER B 76 -12.29 -13.90 11.96
CA SER B 76 -12.33 -15.12 11.15
C SER B 76 -12.21 -14.96 9.66
N THR B 77 -11.11 -14.39 9.20
CA THR B 77 -10.90 -14.23 7.78
C THR B 77 -10.01 -15.36 7.28
N ILE B 78 -9.47 -16.12 8.23
CA ILE B 78 -8.62 -17.26 7.91
C ILE B 78 -9.35 -18.56 8.20
N THR B 79 -9.51 -19.38 7.19
CA THR B 79 -10.20 -20.65 7.35
C THR B 79 -9.31 -21.69 8.05
N ILE B 80 -9.94 -22.77 8.50
CA ILE B 80 -9.22 -23.82 9.22
C ILE B 80 -8.31 -24.55 8.25
N ASP B 81 -8.84 -24.76 7.06
CA ASP B 81 -8.16 -25.44 5.99
C ASP B 81 -7.05 -24.61 5.40
N GLN B 82 -7.09 -23.28 5.54
CA GLN B 82 -6.07 -22.51 4.87
C GLN B 82 -4.78 -22.59 5.69
N MET B 83 -4.85 -22.06 6.91
CA MET B 83 -3.71 -22.08 7.83
C MET B 83 -3.11 -23.48 8.02
N LYS B 84 -3.94 -24.52 7.91
CA LYS B 84 -3.47 -25.88 8.08
C LYS B 84 -2.50 -26.23 6.96
N ARG B 85 -2.86 -25.84 5.74
CA ARG B 85 -2.04 -26.08 4.57
C ARG B 85 -0.70 -25.37 4.64
N GLY B 86 -0.72 -24.07 4.93
CA GLY B 86 0.52 -23.30 5.01
C GLY B 86 1.51 -23.88 6.01
N TYR B 87 0.99 -24.40 7.12
CA TYR B 87 1.84 -25.00 8.15
C TYR B 87 2.48 -26.27 7.66
N GLU B 88 1.75 -27.03 6.83
CA GLU B 88 2.27 -28.26 6.28
C GLU B 88 3.47 -27.97 5.39
N ARG B 89 3.42 -26.84 4.69
CA ARG B 89 4.52 -26.43 3.83
C ARG B 89 5.75 -26.09 4.66
N ILE B 90 5.52 -25.57 5.86
CA ILE B 90 6.61 -25.21 6.77
C ILE B 90 7.35 -26.47 7.20
N TYR B 91 6.61 -27.56 7.33
CA TYR B 91 7.18 -28.82 7.75
C TYR B 91 7.85 -29.51 6.56
N ASN B 92 7.29 -29.27 5.39
CA ASN B 92 7.79 -29.85 4.14
C ASN B 92 9.06 -29.15 3.67
N GLU B 93 9.09 -27.83 3.79
CA GLU B 93 10.24 -27.04 3.35
C GLU B 93 11.31 -26.89 4.43
N ILE B 94 11.10 -27.55 5.57
CA ILE B 94 12.07 -27.49 6.67
C ILE B 94 13.49 -27.88 6.22
N PRO B 95 13.68 -29.03 5.53
CA PRO B 95 15.00 -29.49 5.07
C PRO B 95 15.68 -28.49 4.12
N ASP B 96 14.87 -27.68 3.43
CA ASP B 96 15.41 -26.69 2.49
C ASP B 96 16.00 -25.50 3.23
N ILE B 97 15.25 -24.99 4.19
CA ILE B 97 15.68 -23.84 4.98
C ILE B 97 16.75 -24.26 5.99
N ASN B 98 16.57 -25.43 6.58
CA ASN B 98 17.51 -25.96 7.57
C ASN B 98 18.81 -26.43 6.92
N LEU B 99 18.70 -27.40 6.02
CA LEU B 99 19.84 -27.98 5.33
C LEU B 99 20.83 -28.58 6.34
N ASP B 100 20.32 -29.56 7.09
CA ASP B 100 21.09 -30.25 8.13
C ASP B 100 21.26 -29.39 9.36
N VAL B 101 21.62 -30.02 10.48
CA VAL B 101 21.80 -29.31 11.75
C VAL B 101 20.54 -28.52 12.12
N PRO B 102 19.49 -29.21 12.59
CA PRO B 102 18.22 -28.58 12.96
C PRO B 102 18.34 -27.73 14.23
N HIS B 103 18.78 -26.49 14.05
CA HIS B 103 18.96 -25.57 15.17
C HIS B 103 17.80 -24.57 15.24
N SER B 104 16.83 -24.75 14.36
CA SER B 104 15.68 -23.87 14.32
C SER B 104 14.47 -24.55 14.94
N TYR B 105 14.66 -25.78 15.43
CA TYR B 105 13.57 -26.53 16.03
C TYR B 105 13.11 -25.91 17.34
N SER B 106 14.04 -25.34 18.09
CA SER B 106 13.73 -24.68 19.34
C SER B 106 12.83 -23.47 19.07
N VAL B 107 12.98 -22.93 17.86
CA VAL B 107 12.20 -21.77 17.46
C VAL B 107 10.86 -22.27 16.95
N LEU B 108 10.92 -23.39 16.24
CA LEU B 108 9.76 -23.99 15.62
C LEU B 108 8.73 -24.53 16.61
N GLU B 109 9.17 -25.31 17.61
CA GLU B 109 8.23 -25.91 18.55
C GLU B 109 7.31 -24.92 19.24
N ARG B 110 7.87 -23.95 19.98
CA ARG B 110 7.05 -22.93 20.67
C ARG B 110 6.18 -22.19 19.68
N PHE B 111 6.85 -21.74 18.63
CA PHE B 111 6.15 -20.96 17.60
C PHE B 111 4.88 -21.69 17.13
N VAL B 112 5.00 -23.01 16.90
CA VAL B 112 3.86 -23.81 16.48
C VAL B 112 2.88 -24.09 17.64
N GLU B 113 3.42 -24.62 18.75
CA GLU B 113 2.64 -24.97 19.96
C GLU B 113 1.95 -23.76 20.62
N GLU B 114 2.44 -22.57 20.29
CA GLU B 114 1.92 -21.34 20.87
C GLU B 114 0.59 -21.05 20.19
N CYS B 115 0.48 -21.53 18.95
CA CYS B 115 -0.71 -21.37 18.15
C CYS B 115 -1.76 -22.40 18.53
N PHE B 116 -1.32 -23.49 19.18
CA PHE B 116 -2.21 -24.58 19.54
C PHE B 116 -3.17 -24.12 20.65
N GLN B 117 -2.60 -23.67 21.77
CA GLN B 117 -3.37 -23.16 22.90
C GLN B 117 -4.27 -21.97 22.52
N ALA B 118 -4.10 -21.46 21.31
CA ALA B 118 -4.89 -20.32 20.86
C ALA B 118 -6.26 -20.82 20.44
N GLY B 119 -6.36 -22.14 20.26
CA GLY B 119 -7.61 -22.76 19.88
C GLY B 119 -7.99 -22.51 18.44
N ILE B 120 -7.01 -22.12 17.63
CA ILE B 120 -7.26 -21.82 16.22
C ILE B 120 -6.71 -22.92 15.32
N ILE B 121 -6.27 -24.02 15.92
CA ILE B 121 -5.70 -25.12 15.16
C ILE B 121 -6.09 -26.46 15.75
N SER B 122 -6.10 -27.48 14.92
CA SER B 122 -6.46 -28.82 15.36
C SER B 122 -5.23 -29.57 15.87
N LYS B 123 -5.46 -30.59 16.69
CA LYS B 123 -4.38 -31.40 17.23
C LYS B 123 -3.67 -32.18 16.12
N GLN B 124 -4.38 -32.39 15.02
CA GLN B 124 -3.85 -33.12 13.88
C GLN B 124 -2.60 -32.42 13.33
N LEU B 125 -2.63 -31.09 13.33
CA LEU B 125 -1.50 -30.31 12.84
C LEU B 125 -0.28 -30.57 13.71
N ARG B 126 -0.45 -30.41 15.02
CA ARG B 126 0.62 -30.69 15.98
C ARG B 126 1.19 -32.09 15.77
N ASP B 127 0.33 -33.03 15.44
CA ASP B 127 0.78 -34.40 15.18
C ASP B 127 1.34 -34.57 13.76
N LEU B 128 1.42 -33.47 13.02
CA LEU B 128 1.92 -33.51 11.64
C LEU B 128 3.27 -32.81 11.50
N CYS B 129 3.97 -32.61 12.61
CA CYS B 129 5.26 -31.95 12.57
C CYS B 129 6.29 -32.79 13.33
N PRO B 130 7.59 -32.46 13.21
CA PRO B 130 8.66 -33.19 13.91
C PRO B 130 8.69 -32.92 15.42
N SER B 131 7.51 -32.98 16.04
CA SER B 131 7.37 -32.75 17.47
C SER B 131 8.02 -33.89 18.25
N GLY A 1 2.35 31.16 -2.44
CA GLY A 1 1.77 31.61 -1.15
C GLY A 1 0.26 31.46 -1.13
N LEU A 2 -0.45 32.58 -1.21
CA LEU A 2 -1.91 32.55 -1.21
C LEU A 2 -2.46 32.73 -2.61
N PRO A 3 -3.15 31.70 -3.13
CA PRO A 3 -3.71 31.73 -4.48
C PRO A 3 -4.86 32.72 -4.62
N LEU A 4 -4.94 33.35 -5.77
CA LEU A 4 -5.99 34.32 -6.05
C LEU A 4 -7.22 33.61 -6.65
N ASP A 5 -8.36 33.76 -5.97
CA ASP A 5 -9.65 33.18 -6.39
C ASP A 5 -9.69 31.67 -6.24
N GLU A 6 -9.97 31.23 -5.02
CA GLU A 6 -10.02 29.80 -4.73
C GLU A 6 -11.33 29.13 -5.14
N ARG A 7 -12.44 29.89 -5.14
CA ARG A 7 -13.75 29.33 -5.47
C ARG A 7 -13.91 29.13 -6.97
N ALA A 8 -13.40 30.08 -7.74
CA ALA A 8 -13.43 30.00 -9.20
C ALA A 8 -12.64 28.80 -9.66
N PHE A 9 -11.82 28.30 -8.75
CA PHE A 9 -10.91 27.23 -9.13
C PHE A 9 -11.65 25.93 -9.01
N GLU A 10 -12.58 25.92 -8.08
CA GLU A 10 -13.37 24.76 -7.76
C GLU A 10 -14.47 24.47 -8.79
N LYS A 11 -14.92 25.50 -9.50
CA LYS A 11 -16.06 25.37 -10.43
C LYS A 11 -15.89 24.55 -11.73
N THR A 12 -15.04 24.99 -12.67
CA THR A 12 -14.88 24.26 -13.94
C THR A 12 -13.84 23.16 -13.87
N LEU A 13 -12.75 23.50 -13.18
CA LEU A 13 -11.63 22.61 -12.97
C LEU A 13 -12.08 21.19 -12.60
N THR A 14 -13.09 21.07 -11.73
CA THR A 14 -13.59 19.78 -11.31
C THR A 14 -14.08 18.91 -12.48
N PRO A 15 -15.11 19.34 -13.25
CA PRO A 15 -15.61 18.58 -14.41
C PRO A 15 -14.49 18.20 -15.37
N ILE A 16 -13.62 19.16 -15.69
CA ILE A 16 -12.47 18.93 -16.58
C ILE A 16 -11.62 17.74 -16.11
N ILE A 17 -11.47 17.63 -14.80
CA ILE A 17 -10.68 16.55 -14.22
C ILE A 17 -11.51 15.26 -14.22
N GLN A 18 -12.78 15.39 -13.84
CA GLN A 18 -13.70 14.26 -13.82
C GLN A 18 -13.73 13.53 -15.16
N GLU A 19 -13.67 14.30 -16.25
CA GLU A 19 -13.68 13.73 -17.60
C GLU A 19 -12.43 12.87 -17.81
N TYR A 20 -11.28 13.46 -17.50
CA TYR A 20 -9.99 12.76 -17.57
C TYR A 20 -10.05 11.30 -17.10
N PHE A 21 -10.68 11.05 -15.96
CA PHE A 21 -10.76 9.68 -15.41
C PHE A 21 -11.58 8.78 -16.32
N GLU A 22 -12.54 9.39 -16.99
CA GLU A 22 -13.40 8.65 -17.90
C GLU A 22 -12.59 7.95 -19.00
N HIS A 23 -11.75 8.70 -19.74
CA HIS A 23 -10.93 8.05 -20.78
C HIS A 23 -9.42 8.02 -20.43
N GLY A 24 -8.71 9.10 -20.74
CA GLY A 24 -7.33 9.16 -20.31
C GLY A 24 -6.49 9.89 -21.30
N ASP A 25 -6.62 11.19 -21.28
CA ASP A 25 -5.88 12.06 -22.16
C ASP A 25 -5.13 13.08 -21.32
N THR A 26 -3.85 12.84 -21.09
CA THR A 26 -3.04 13.73 -20.29
C THR A 26 -2.78 15.04 -21.04
N ASN A 27 -2.86 15.00 -22.36
CA ASN A 27 -2.63 16.16 -23.21
C ASN A 27 -3.74 17.19 -23.06
N GLU A 28 -4.99 16.72 -23.04
CA GLU A 28 -6.16 17.59 -22.89
C GLU A 28 -5.99 18.54 -21.70
N VAL A 29 -5.66 17.95 -20.56
CA VAL A 29 -5.44 18.71 -19.33
C VAL A 29 -4.45 19.86 -19.55
N ALA A 30 -3.29 19.55 -20.11
CA ALA A 30 -2.27 20.57 -20.37
C ALA A 30 -2.80 21.64 -21.33
N GLU A 31 -3.55 21.21 -22.34
CA GLU A 31 -4.14 22.12 -23.31
C GLU A 31 -5.05 23.14 -22.62
N MET A 32 -5.82 22.66 -21.65
CA MET A 32 -6.73 23.53 -20.91
C MET A 32 -5.99 24.41 -19.90
N LEU A 33 -4.95 23.84 -19.28
CA LEU A 33 -4.15 24.57 -18.30
C LEU A 33 -3.46 25.78 -18.91
N ARG A 34 -2.74 25.57 -20.01
CA ARG A 34 -2.03 26.64 -20.71
C ARG A 34 -2.97 27.79 -21.07
N ASP A 35 -4.20 27.44 -21.41
CA ASP A 35 -5.20 28.44 -21.74
C ASP A 35 -5.47 29.35 -20.55
N LEU A 36 -5.62 28.72 -19.39
CA LEU A 36 -5.84 29.46 -18.15
C LEU A 36 -4.60 30.25 -17.74
N ASN A 37 -3.44 29.56 -17.69
CA ASN A 37 -2.17 30.18 -17.29
C ASN A 37 -2.22 30.62 -15.83
N LEU A 38 -1.88 29.69 -14.94
CA LEU A 38 -1.90 29.97 -13.51
C LEU A 38 -0.49 29.94 -12.93
N GLY A 39 -0.27 30.71 -11.89
CA GLY A 39 1.03 30.77 -11.27
C GLY A 39 1.17 29.76 -10.13
N GLU A 40 1.09 30.24 -8.91
CA GLU A 40 1.23 29.39 -7.73
C GLU A 40 0.00 28.48 -7.57
N MET A 41 -1.14 28.92 -8.06
CA MET A 41 -2.37 28.14 -7.96
C MET A 41 -2.31 26.90 -8.85
N LYS A 42 -1.27 26.81 -9.66
CA LYS A 42 -1.08 25.67 -10.55
C LYS A 42 -0.83 24.41 -9.72
N SER A 43 -0.28 24.59 -8.52
CA SER A 43 0.00 23.48 -7.62
C SER A 43 -1.30 22.82 -7.17
N GLY A 44 -2.31 23.63 -6.91
CA GLY A 44 -3.62 23.11 -6.52
C GLY A 44 -4.30 22.25 -7.58
N VAL A 45 -3.79 22.33 -8.81
CA VAL A 45 -4.36 21.56 -9.91
C VAL A 45 -4.22 20.04 -9.70
N PRO A 46 -2.98 19.51 -9.59
CA PRO A 46 -2.76 18.08 -9.35
C PRO A 46 -3.41 17.60 -8.04
N VAL A 47 -3.41 18.46 -7.03
CA VAL A 47 -4.02 18.12 -5.73
C VAL A 47 -5.51 17.85 -5.92
N LEU A 48 -6.19 18.84 -6.48
CA LEU A 48 -7.62 18.73 -6.79
C LEU A 48 -7.93 17.41 -7.50
N ALA A 49 -7.00 16.95 -8.32
CA ALA A 49 -7.16 15.69 -9.05
C ALA A 49 -6.99 14.50 -8.09
N VAL A 50 -5.95 14.59 -7.27
CA VAL A 50 -5.64 13.53 -6.29
C VAL A 50 -6.84 13.20 -5.42
N SER A 51 -7.41 14.19 -4.74
CA SER A 51 -8.57 13.97 -3.88
C SER A 51 -9.77 13.51 -4.72
N LEU A 52 -9.91 14.14 -5.88
CA LEU A 52 -10.98 13.78 -6.83
C LEU A 52 -10.96 12.28 -7.15
N ALA A 53 -9.75 11.71 -7.23
CA ALA A 53 -9.59 10.29 -7.51
C ALA A 53 -9.81 9.46 -6.25
N LEU A 54 -9.67 10.10 -5.11
CA LEU A 54 -9.86 9.45 -3.83
C LEU A 54 -11.34 9.29 -3.50
N GLU A 55 -12.19 9.67 -4.44
CA GLU A 55 -13.63 9.62 -4.26
C GLU A 55 -14.18 8.46 -5.08
N GLY A 56 -13.40 7.39 -5.17
CA GLY A 56 -13.79 6.22 -5.93
C GLY A 56 -12.94 5.03 -5.58
N LYS A 57 -12.83 4.08 -6.51
CA LYS A 57 -12.03 2.89 -6.29
C LYS A 57 -10.58 3.11 -6.70
N ALA A 58 -9.77 2.06 -6.52
CA ALA A 58 -8.35 2.13 -6.89
C ALA A 58 -8.21 2.28 -8.38
N SER A 59 -9.22 1.81 -9.10
CA SER A 59 -9.23 1.88 -10.54
C SER A 59 -8.93 3.29 -11.05
N HIS A 60 -9.47 4.33 -10.39
CA HIS A 60 -9.23 5.68 -10.90
C HIS A 60 -7.93 6.27 -10.33
N ARG A 61 -7.53 5.65 -9.23
CA ARG A 61 -6.35 6.08 -8.45
C ARG A 61 -5.00 5.86 -9.12
N GLU A 62 -4.73 4.66 -9.61
CA GLU A 62 -3.43 4.39 -10.24
C GLU A 62 -3.33 5.13 -11.58
N MET A 63 -4.50 5.41 -12.15
CA MET A 63 -4.61 6.13 -13.40
C MET A 63 -4.07 7.58 -13.29
N THR A 64 -4.40 8.26 -12.19
CA THR A 64 -3.94 9.64 -11.96
C THR A 64 -2.42 9.77 -11.96
N SER A 65 -1.75 8.67 -11.66
CA SER A 65 -0.28 8.65 -11.59
C SER A 65 0.32 9.05 -12.94
N LYS A 66 -0.43 8.82 -14.01
CA LYS A 66 0.02 9.16 -15.35
C LYS A 66 0.03 10.68 -15.52
N LEU A 67 -1.12 11.29 -15.26
CA LEU A 67 -1.28 12.74 -15.33
C LEU A 67 -0.15 13.48 -14.62
N LEU A 68 0.11 13.12 -13.36
CA LEU A 68 1.16 13.75 -12.58
C LEU A 68 2.51 13.64 -13.28
N SER A 69 2.79 12.46 -13.81
CA SER A 69 4.04 12.20 -14.50
C SER A 69 4.28 13.14 -15.69
N ASP A 70 3.34 13.15 -16.66
CA ASP A 70 3.46 14.02 -17.83
C ASP A 70 3.47 15.50 -17.48
N LEU A 71 2.49 15.93 -16.69
CA LEU A 71 2.41 17.34 -16.29
C LEU A 71 3.73 17.84 -15.69
N CYS A 72 4.42 16.96 -14.98
CA CYS A 72 5.70 17.33 -14.38
C CYS A 72 6.77 17.43 -15.46
N GLY A 73 7.22 18.63 -15.73
CA GLY A 73 8.24 18.82 -16.75
C GLY A 73 7.67 19.42 -18.01
N THR A 74 6.38 19.25 -18.22
CA THR A 74 5.72 19.78 -19.40
C THR A 74 5.14 21.17 -19.10
N VAL A 75 4.02 21.21 -18.39
CA VAL A 75 3.40 22.49 -18.03
C VAL A 75 3.43 22.72 -16.53
N MET A 76 4.18 21.89 -15.81
CA MET A 76 4.29 22.01 -14.38
C MET A 76 5.68 21.60 -13.93
N SER A 77 6.48 22.58 -13.52
CA SER A 77 7.84 22.33 -13.07
C SER A 77 7.87 21.55 -11.76
N THR A 78 8.84 20.64 -11.65
CA THR A 78 9.04 19.83 -10.45
C THR A 78 8.80 20.60 -9.13
N THR A 79 9.20 21.86 -9.08
CA THR A 79 9.00 22.68 -7.89
C THR A 79 7.51 22.75 -7.52
N ASP A 80 6.66 22.86 -8.54
CA ASP A 80 5.21 22.91 -8.34
C ASP A 80 4.67 21.57 -7.87
N VAL A 81 5.26 20.49 -8.37
CA VAL A 81 4.84 19.14 -8.00
C VAL A 81 5.13 18.92 -6.52
N GLU A 82 6.27 19.42 -6.08
CA GLU A 82 6.69 19.32 -4.69
C GLU A 82 5.69 20.10 -3.82
N LYS A 83 5.17 21.17 -4.38
CA LYS A 83 4.20 22.03 -3.70
C LYS A 83 2.83 21.38 -3.57
N SER A 84 2.51 20.41 -4.43
CA SER A 84 1.19 19.77 -4.35
C SER A 84 1.08 18.93 -3.07
N PHE A 85 1.93 17.91 -2.93
CA PHE A 85 1.96 17.10 -1.70
C PHE A 85 2.14 17.97 -0.45
N ASP A 86 2.87 19.06 -0.63
CA ASP A 86 3.13 20.00 0.46
C ASP A 86 1.80 20.47 1.07
N LYS A 87 0.91 20.95 0.20
CA LYS A 87 -0.41 21.40 0.62
C LYS A 87 -1.38 20.22 0.78
N LEU A 88 -1.21 19.21 -0.05
CA LEU A 88 -2.06 18.01 -0.05
C LEU A 88 -2.17 17.34 1.32
N LEU A 89 -1.12 17.42 2.12
CA LEU A 89 -1.12 16.79 3.43
C LEU A 89 -1.96 17.61 4.41
N LYS A 90 -2.08 18.89 4.09
CA LYS A 90 -2.79 19.84 4.94
C LYS A 90 -4.30 19.57 4.94
N ASP A 91 -4.80 19.03 3.82
CA ASP A 91 -6.23 18.73 3.69
C ASP A 91 -6.51 17.28 4.05
N LEU A 92 -5.47 16.57 4.47
CA LEU A 92 -5.57 15.17 4.84
C LEU A 92 -6.67 14.90 5.88
N PRO A 93 -6.68 15.63 7.02
CA PRO A 93 -7.72 15.43 8.05
C PRO A 93 -9.12 15.57 7.44
N GLU A 94 -9.31 16.62 6.65
CA GLU A 94 -10.58 16.86 5.96
C GLU A 94 -10.99 15.66 5.11
N LEU A 95 -10.03 15.10 4.38
CA LEU A 95 -10.29 13.94 3.54
C LEU A 95 -10.65 12.71 4.38
N ALA A 96 -10.07 12.63 5.57
CA ALA A 96 -10.34 11.53 6.49
C ALA A 96 -11.81 11.48 6.89
N LEU A 97 -12.41 12.66 7.04
CA LEU A 97 -13.81 12.76 7.41
C LEU A 97 -14.72 12.15 6.33
N ASP A 98 -14.30 12.31 5.09
CA ASP A 98 -15.09 11.77 3.97
C ASP A 98 -14.85 10.29 3.80
N THR A 99 -13.59 9.89 3.88
CA THR A 99 -13.24 8.49 3.80
C THR A 99 -12.03 8.20 4.68
N PRO A 100 -12.22 7.37 5.73
CA PRO A 100 -11.15 7.00 6.66
C PRO A 100 -9.94 6.39 5.97
N ARG A 101 -10.17 5.71 4.84
CA ARG A 101 -9.08 5.08 4.11
C ARG A 101 -8.58 5.96 2.98
N ALA A 102 -8.99 7.21 2.98
CA ALA A 102 -8.58 8.14 1.95
C ALA A 102 -7.17 8.66 2.22
N PRO A 103 -6.93 9.30 3.39
CA PRO A 103 -5.62 9.86 3.74
C PRO A 103 -4.56 8.81 3.97
N GLN A 104 -4.98 7.58 4.20
CA GLN A 104 -4.02 6.51 4.43
C GLN A 104 -3.44 6.07 3.10
N LEU A 105 -4.31 6.05 2.11
CA LEU A 105 -3.93 5.66 0.77
C LEU A 105 -3.12 6.71 0.01
N VAL A 106 -3.19 7.98 0.44
CA VAL A 106 -2.49 9.09 -0.24
C VAL A 106 -1.03 8.73 -0.51
N GLY A 107 -0.39 8.09 0.48
CA GLY A 107 0.99 7.63 0.33
C GLY A 107 1.29 6.99 -1.01
N GLN A 108 0.28 6.38 -1.64
CA GLN A 108 0.44 5.77 -2.95
C GLN A 108 1.12 6.75 -3.91
N PHE A 109 0.58 7.96 -3.99
CA PHE A 109 1.12 9.00 -4.86
C PHE A 109 2.39 9.58 -4.27
N ILE A 110 2.44 9.56 -2.95
CA ILE A 110 3.60 10.07 -2.23
C ILE A 110 4.82 9.21 -2.55
N ALA A 111 4.61 7.91 -2.66
CA ALA A 111 5.69 6.99 -2.97
C ALA A 111 5.93 7.04 -4.49
N ARG A 112 4.82 7.12 -5.22
CA ARG A 112 4.82 7.17 -6.68
C ARG A 112 5.60 8.39 -7.18
N ALA A 113 5.62 9.46 -6.39
CA ALA A 113 6.32 10.69 -6.76
C ALA A 113 7.80 10.41 -7.09
N VAL A 114 8.52 9.85 -6.13
CA VAL A 114 9.92 9.52 -6.33
C VAL A 114 9.99 8.30 -7.24
N GLY A 115 9.10 7.35 -6.95
CA GLY A 115 9.00 6.13 -7.75
C GLY A 115 8.92 6.40 -9.25
N ASP A 116 8.32 7.52 -9.63
CA ASP A 116 8.23 7.88 -11.05
C ASP A 116 9.39 8.80 -11.42
N GLY A 117 9.66 9.77 -10.56
CA GLY A 117 10.75 10.69 -10.80
C GLY A 117 10.32 12.15 -10.74
N ILE A 118 9.04 12.36 -10.48
CA ILE A 118 8.49 13.72 -10.41
C ILE A 118 8.77 14.39 -9.06
N LEU A 119 9.48 13.68 -8.18
CA LEU A 119 9.82 14.20 -6.87
C LEU A 119 11.07 13.50 -6.35
N CYS A 120 11.73 14.09 -5.38
CA CYS A 120 12.93 13.50 -4.82
C CYS A 120 12.65 12.85 -3.47
N ASN A 121 13.50 11.93 -3.06
CA ASN A 121 13.35 11.22 -1.79
C ASN A 121 13.62 12.13 -0.59
N THR A 122 14.15 13.31 -0.88
CA THR A 122 14.46 14.29 0.16
C THR A 122 13.22 14.59 1.01
N TYR A 123 12.14 14.99 0.34
CA TYR A 123 10.85 15.31 0.98
C TYR A 123 10.47 14.31 2.08
N ILE A 124 10.80 13.04 1.88
CA ILE A 124 10.50 12.01 2.88
C ILE A 124 11.18 12.39 4.20
N ASP A 125 12.44 12.78 4.12
CA ASP A 125 13.21 13.21 5.28
C ASP A 125 12.83 14.62 5.73
N SER A 126 12.40 15.45 4.78
CA SER A 126 12.00 16.83 5.09
C SER A 126 10.83 16.89 6.07
N TYR A 127 9.93 15.92 5.98
CA TYR A 127 8.81 15.87 6.89
C TYR A 127 9.05 14.69 7.85
N LYS A 128 10.32 14.51 8.25
CA LYS A 128 10.70 13.39 9.11
C LYS A 128 10.67 13.64 10.63
N GLY A 129 9.63 14.28 11.11
CA GLY A 129 9.53 14.51 12.53
C GLY A 129 9.04 15.89 12.78
N THR A 130 8.99 16.62 11.70
CA THR A 130 8.54 17.99 11.71
C THR A 130 7.03 18.03 11.53
N VAL A 131 6.44 16.85 11.31
CA VAL A 131 4.99 16.75 11.12
C VAL A 131 4.28 17.19 12.38
N ASP A 132 3.25 18.00 12.20
CA ASP A 132 2.49 18.52 13.33
C ASP A 132 1.23 17.73 13.61
N CYS A 133 0.74 16.97 12.63
CA CYS A 133 -0.47 16.17 12.80
C CYS A 133 -0.19 14.71 12.47
N VAL A 134 -0.87 13.80 13.15
CA VAL A 134 -0.68 12.36 12.94
C VAL A 134 -1.18 11.90 11.55
N GLN A 135 -2.18 12.61 11.01
CA GLN A 135 -2.72 12.25 9.71
C GLN A 135 -1.65 12.32 8.62
N ALA A 136 -0.87 13.38 8.64
CA ALA A 136 0.19 13.58 7.66
C ALA A 136 1.32 12.57 7.86
N ARG A 137 1.48 12.10 9.08
CA ARG A 137 2.52 11.14 9.42
C ARG A 137 2.20 9.77 8.81
N ALA A 138 1.00 9.29 9.09
CA ALA A 138 0.53 8.00 8.59
C ALA A 138 0.75 7.86 7.08
N ALA A 139 0.34 8.88 6.32
CA ALA A 139 0.50 8.86 4.87
C ALA A 139 1.97 8.78 4.45
N LEU A 140 2.83 9.49 5.18
CA LEU A 140 4.26 9.50 4.89
C LEU A 140 4.89 8.13 5.12
N ASP A 141 4.54 7.50 6.24
CA ASP A 141 5.06 6.19 6.56
C ASP A 141 4.56 5.18 5.54
N LYS A 142 3.27 5.30 5.22
CA LYS A 142 2.63 4.45 4.22
C LYS A 142 3.43 4.49 2.91
N ALA A 143 3.93 5.67 2.56
CA ALA A 143 4.72 5.86 1.33
C ALA A 143 6.09 5.19 1.46
N THR A 144 6.54 5.05 2.69
CA THR A 144 7.83 4.43 2.96
C THR A 144 7.68 2.93 2.78
N VAL A 145 6.68 2.38 3.46
CA VAL A 145 6.36 0.96 3.38
C VAL A 145 6.21 0.52 1.92
N LEU A 146 5.47 1.30 1.13
CA LEU A 146 5.24 1.01 -0.28
C LEU A 146 6.56 0.86 -1.05
N LEU A 147 7.50 1.75 -0.77
CA LEU A 147 8.80 1.72 -1.42
C LEU A 147 9.51 0.40 -1.13
N SER A 148 9.50 -0.02 0.13
CA SER A 148 10.15 -1.26 0.53
C SER A 148 9.32 -2.49 0.13
N MET A 149 8.03 -2.27 -0.09
CA MET A 149 7.11 -3.34 -0.48
C MET A 149 7.47 -3.89 -1.85
N SER A 150 7.85 -3.01 -2.75
CA SER A 150 8.19 -3.40 -4.10
C SER A 150 9.69 -3.61 -4.33
N LYS A 151 10.47 -3.57 -3.25
CA LYS A 151 11.91 -3.77 -3.34
C LYS A 151 12.24 -5.26 -3.38
N GLY A 152 12.15 -5.84 -4.57
CA GLY A 152 12.44 -7.25 -4.75
C GLY A 152 11.70 -7.81 -5.94
N GLY A 153 12.44 -8.45 -6.84
CA GLY A 153 11.84 -9.01 -8.03
C GLY A 153 10.88 -10.15 -7.73
N LYS A 154 11.34 -11.14 -6.99
CA LYS A 154 10.50 -12.29 -6.66
C LYS A 154 9.47 -11.95 -5.60
N ARG A 155 9.71 -10.85 -4.90
CA ARG A 155 8.79 -10.39 -3.87
C ARG A 155 7.58 -9.70 -4.49
N LYS A 156 7.63 -9.48 -5.79
CA LYS A 156 6.54 -8.82 -6.50
C LYS A 156 6.12 -9.63 -7.73
N ASP A 157 7.02 -9.74 -8.70
CA ASP A 157 6.74 -10.47 -9.92
C ASP A 157 7.16 -11.93 -9.81
N SER A 158 6.45 -12.69 -8.98
CA SER A 158 6.75 -14.10 -8.78
C SER A 158 6.20 -14.93 -9.94
N VAL A 159 4.93 -14.74 -10.25
CA VAL A 159 4.28 -15.48 -11.33
C VAL A 159 3.50 -14.52 -12.22
N TRP A 160 2.54 -13.84 -11.62
CA TRP A 160 1.69 -12.89 -12.32
C TRP A 160 2.46 -11.62 -12.69
N GLY A 161 1.93 -10.88 -13.66
CA GLY A 161 2.56 -9.64 -14.09
C GLY A 161 1.77 -8.95 -15.18
N SER A 162 0.55 -8.54 -14.84
CA SER A 162 -0.32 -7.87 -15.81
C SER A 162 -1.18 -6.80 -15.11
N GLY A 163 -2.00 -6.11 -15.88
CA GLY A 163 -2.85 -5.07 -15.33
C GLY A 163 -3.94 -4.69 -16.31
N GLY B 1 -6.63 -4.70 -17.91
CA GLY B 1 -7.86 -4.08 -17.34
C GLY B 1 -8.85 -3.68 -18.41
N GLY B 2 -9.78 -2.80 -18.05
CA GLY B 2 -10.78 -2.33 -18.98
C GLY B 2 -11.88 -3.36 -19.21
N GLN B 3 -11.96 -3.86 -20.43
CA GLN B 3 -12.96 -4.85 -20.80
C GLN B 3 -12.51 -6.25 -20.43
N GLN B 4 -11.36 -6.33 -19.78
CA GLN B 4 -10.81 -7.62 -19.38
C GLN B 4 -10.26 -7.53 -17.94
N PRO B 5 -9.88 -8.69 -17.35
CA PRO B 5 -9.33 -8.76 -15.98
C PRO B 5 -8.27 -7.69 -15.70
N VAL B 6 -8.17 -7.30 -14.43
CA VAL B 6 -7.22 -6.28 -14.01
C VAL B 6 -6.12 -6.88 -13.12
N ASN B 7 -6.45 -7.09 -11.85
CA ASN B 7 -5.49 -7.62 -10.89
C ASN B 7 -6.19 -8.52 -9.88
N HIS B 8 -5.64 -9.71 -9.69
CA HIS B 8 -6.20 -10.68 -8.74
C HIS B 8 -5.17 -11.76 -8.44
N LEU B 9 -4.91 -12.00 -7.15
CA LEU B 9 -3.94 -13.02 -6.72
C LEU B 9 -2.52 -12.52 -6.98
N VAL B 10 -2.33 -11.23 -6.72
CA VAL B 10 -1.06 -10.57 -6.92
C VAL B 10 -1.19 -9.12 -6.42
N LYS B 11 -0.08 -8.56 -5.93
CA LYS B 11 -0.05 -7.20 -5.39
C LYS B 11 -0.57 -7.15 -3.95
N GLU B 12 -1.44 -8.07 -3.58
CA GLU B 12 -2.00 -8.10 -2.23
C GLU B 12 -1.20 -8.99 -1.27
N ILE B 13 -0.37 -9.88 -1.80
CA ILE B 13 0.41 -10.80 -0.96
C ILE B 13 1.56 -10.13 -0.18
N ASP B 14 2.52 -9.60 -0.88
CA ASP B 14 3.63 -8.91 -0.26
C ASP B 14 3.15 -7.59 0.31
N MET B 15 1.91 -7.20 -0.04
CA MET B 15 1.54 -5.85 0.39
C MET B 15 0.93 -5.88 1.80
N LEU B 16 -0.09 -6.74 1.96
CA LEU B 16 -0.83 -6.85 3.22
C LEU B 16 0.00 -7.08 4.46
N LEU B 17 0.84 -8.12 4.47
CA LEU B 17 1.67 -8.40 5.63
C LEU B 17 2.56 -7.22 5.94
N LYS B 18 2.96 -6.51 4.89
CA LYS B 18 3.81 -5.34 5.04
C LYS B 18 3.06 -4.18 5.66
N GLU B 19 1.76 -4.09 5.43
CA GLU B 19 0.98 -3.03 6.02
C GLU B 19 1.10 -3.11 7.54
N TYR B 20 1.17 -4.33 8.08
CA TYR B 20 1.29 -4.49 9.52
C TYR B 20 2.76 -4.45 9.94
N LEU B 21 3.53 -5.33 9.30
CA LEU B 21 4.96 -5.49 9.60
C LEU B 21 5.77 -4.22 9.42
N LEU B 22 5.28 -3.27 8.63
CA LEU B 22 6.07 -2.06 8.41
C LEU B 22 5.48 -0.90 9.21
N SER B 23 4.33 -1.15 9.83
CA SER B 23 3.64 -0.11 10.60
C SER B 23 3.07 -0.66 11.91
N GLY B 24 1.74 -0.76 11.99
CA GLY B 24 1.12 -1.28 13.20
C GLY B 24 -0.40 -1.22 13.19
N ASP B 25 -1.00 -1.31 12.01
CA ASP B 25 -2.46 -1.27 11.93
C ASP B 25 -3.03 -2.64 11.67
N ILE B 26 -3.79 -3.13 12.61
CA ILE B 26 -4.36 -4.44 12.47
C ILE B 26 -5.58 -4.41 11.54
N SER B 27 -6.30 -3.27 11.48
CA SER B 27 -7.56 -3.21 10.72
C SER B 27 -7.35 -3.07 9.19
N GLU B 28 -6.17 -2.59 8.80
CA GLU B 28 -5.91 -2.24 7.39
C GLU B 28 -5.99 -3.45 6.48
N ALA B 29 -5.26 -4.50 6.84
CA ALA B 29 -5.25 -5.73 6.06
C ALA B 29 -6.64 -6.33 6.04
N GLU B 30 -7.37 -6.09 7.13
CA GLU B 30 -8.74 -6.58 7.27
C GLU B 30 -9.61 -5.89 6.23
N HIS B 31 -9.31 -4.63 5.97
CA HIS B 31 -10.05 -3.85 4.99
C HIS B 31 -9.70 -4.31 3.58
N CYS B 32 -8.50 -4.86 3.40
CA CYS B 32 -8.08 -5.30 2.08
C CYS B 32 -8.70 -6.65 1.74
N LEU B 33 -8.71 -7.55 2.73
CA LEU B 33 -9.26 -8.89 2.54
C LEU B 33 -10.73 -8.86 2.13
N LYS B 34 -11.47 -7.89 2.64
CA LYS B 34 -12.88 -7.73 2.29
C LYS B 34 -13.01 -7.28 0.84
N GLU B 35 -11.94 -6.69 0.32
CA GLU B 35 -11.98 -6.17 -1.05
C GLU B 35 -11.73 -7.24 -2.13
N LEU B 36 -11.41 -8.48 -1.71
CA LEU B 36 -11.14 -9.57 -2.67
C LEU B 36 -12.29 -10.60 -2.60
N GLU B 37 -12.34 -11.53 -3.56
CA GLU B 37 -13.43 -12.53 -3.58
C GLU B 37 -13.05 -13.87 -2.96
N VAL B 38 -12.02 -14.51 -3.50
CA VAL B 38 -11.60 -15.83 -3.04
C VAL B 38 -10.64 -15.78 -1.85
N PRO B 39 -11.13 -16.20 -0.67
CA PRO B 39 -10.34 -16.24 0.54
C PRO B 39 -9.56 -17.55 0.67
N HIS B 40 -10.02 -18.58 -0.03
CA HIS B 40 -9.41 -19.91 0.00
C HIS B 40 -7.98 -19.86 -0.54
N PHE B 41 -7.75 -19.00 -1.51
CA PHE B 41 -6.44 -18.86 -2.12
C PHE B 41 -5.53 -17.94 -1.30
N HIS B 42 -6.14 -17.02 -0.54
CA HIS B 42 -5.38 -16.07 0.27
C HIS B 42 -4.50 -16.74 1.33
N HIS B 43 -4.86 -17.96 1.70
CA HIS B 43 -4.07 -18.76 2.65
C HIS B 43 -2.54 -18.68 2.46
N GLU B 44 -2.08 -18.32 1.26
CA GLU B 44 -0.65 -18.22 1.01
C GLU B 44 -0.05 -17.10 1.88
N LEU B 45 -0.87 -16.10 2.17
CA LEU B 45 -0.47 -14.95 2.98
C LEU B 45 0.12 -15.39 4.34
N VAL B 46 -0.68 -16.08 5.15
CA VAL B 46 -0.23 -16.58 6.45
C VAL B 46 0.98 -17.48 6.29
N TYR B 47 1.05 -18.18 5.16
CA TYR B 47 2.15 -19.08 4.87
C TYR B 47 3.44 -18.28 4.72
N GLU B 48 3.34 -17.18 3.98
CA GLU B 48 4.48 -16.31 3.74
C GLU B 48 4.92 -15.63 5.03
N ALA B 49 3.94 -15.26 5.87
CA ALA B 49 4.23 -14.62 7.15
C ALA B 49 5.13 -15.51 8.00
N ILE B 50 4.68 -16.75 8.20
CA ILE B 50 5.46 -17.75 8.94
C ILE B 50 6.91 -17.80 8.45
N VAL B 51 7.10 -17.62 7.14
CA VAL B 51 8.43 -17.65 6.55
C VAL B 51 9.17 -16.33 6.81
N MET B 52 8.41 -15.23 6.72
CA MET B 52 8.95 -13.89 6.94
C MET B 52 9.65 -13.75 8.28
N VAL B 53 9.00 -14.20 9.35
CA VAL B 53 9.59 -14.12 10.70
C VAL B 53 10.91 -14.89 10.77
N LEU B 54 10.85 -16.18 10.43
CA LEU B 54 12.06 -17.01 10.40
C LEU B 54 13.22 -16.35 9.65
N GLU B 55 12.93 -15.54 8.64
CA GLU B 55 13.98 -14.85 7.90
C GLU B 55 14.37 -13.55 8.60
N SER B 56 13.36 -12.80 9.02
CA SER B 56 13.56 -11.52 9.70
C SER B 56 13.76 -11.69 11.20
N THR B 57 15.01 -11.57 11.64
CA THR B 57 15.35 -11.71 13.05
C THR B 57 14.92 -10.48 13.86
N GLY B 58 14.15 -10.71 14.92
CA GLY B 58 13.69 -9.61 15.75
C GLY B 58 12.43 -9.97 16.53
N GLU B 59 12.33 -9.46 17.75
CA GLU B 59 11.17 -9.73 18.61
C GLU B 59 9.91 -9.05 18.07
N SER B 60 10.09 -7.88 17.47
CA SER B 60 8.98 -7.13 16.91
C SER B 60 8.33 -7.91 15.78
N ALA B 61 9.17 -8.38 14.87
CA ALA B 61 8.72 -9.17 13.72
C ALA B 61 7.88 -10.36 14.20
N PHE B 62 8.47 -11.17 15.07
CA PHE B 62 7.80 -12.35 15.64
C PHE B 62 6.43 -12.00 16.25
N LYS B 63 6.37 -10.95 17.04
CA LYS B 63 5.11 -10.58 17.69
C LYS B 63 4.08 -10.01 16.72
N MET B 64 4.53 -9.15 15.80
CA MET B 64 3.64 -8.53 14.82
C MET B 64 2.92 -9.56 13.97
N ILE B 65 3.67 -10.52 13.43
CA ILE B 65 3.08 -11.55 12.60
C ILE B 65 2.15 -12.44 13.42
N LEU B 66 2.66 -12.96 14.54
CA LEU B 66 1.87 -13.79 15.44
C LEU B 66 0.54 -13.14 15.82
N ASP B 67 0.59 -11.87 16.20
CA ASP B 67 -0.62 -11.15 16.58
C ASP B 67 -1.57 -10.96 15.41
N LEU B 68 -1.00 -10.58 14.27
CA LEU B 68 -1.79 -10.39 13.04
C LEU B 68 -2.66 -11.59 12.73
N LEU B 69 -2.05 -12.76 12.62
CA LEU B 69 -2.78 -13.97 12.31
C LEU B 69 -3.83 -14.29 13.38
N LYS B 70 -3.45 -14.12 14.64
CA LYS B 70 -4.37 -14.37 15.75
C LYS B 70 -5.64 -13.54 15.61
N SER B 71 -5.49 -12.23 15.46
CA SER B 71 -6.62 -11.33 15.26
C SER B 71 -7.48 -11.81 14.09
N LEU B 72 -6.81 -12.02 12.96
CA LEU B 72 -7.46 -12.50 11.73
C LEU B 72 -8.33 -13.74 12.02
N TRP B 73 -7.75 -14.71 12.74
CA TRP B 73 -8.46 -15.93 13.08
C TRP B 73 -9.65 -15.69 14.00
N LYS B 74 -9.47 -14.83 15.00
CA LYS B 74 -10.54 -14.53 15.93
C LYS B 74 -11.71 -13.87 15.22
N SER B 75 -11.42 -12.81 14.48
CA SER B 75 -12.43 -12.08 13.72
C SER B 75 -13.02 -12.87 12.53
N SER B 76 -12.84 -14.20 12.51
CA SER B 76 -13.37 -15.04 11.44
C SER B 76 -12.98 -14.57 10.03
N THR B 77 -11.69 -14.64 9.73
CA THR B 77 -11.20 -14.23 8.42
C THR B 77 -10.35 -15.33 7.76
N ILE B 78 -10.13 -16.42 8.49
CA ILE B 78 -9.32 -17.53 7.99
C ILE B 78 -9.89 -18.86 8.50
N THR B 79 -10.08 -19.82 7.59
CA THR B 79 -10.62 -21.12 7.98
C THR B 79 -9.52 -22.11 8.36
N ILE B 80 -9.91 -23.33 8.69
CA ILE B 80 -8.95 -24.35 9.09
C ILE B 80 -8.08 -24.78 7.91
N ASP B 81 -8.72 -25.11 6.79
CA ASP B 81 -8.01 -25.51 5.59
C ASP B 81 -7.04 -24.45 5.12
N GLN B 82 -7.30 -23.19 5.47
CA GLN B 82 -6.45 -22.11 5.03
C GLN B 82 -5.23 -22.06 5.94
N MET B 83 -5.45 -22.54 7.16
CA MET B 83 -4.41 -22.53 8.18
C MET B 83 -3.45 -23.69 8.02
N LYS B 84 -3.99 -24.92 7.93
CA LYS B 84 -3.17 -26.11 7.83
C LYS B 84 -2.39 -26.16 6.53
N ARG B 85 -3.11 -26.08 5.42
CA ARG B 85 -2.47 -26.11 4.11
C ARG B 85 -1.28 -25.18 4.00
N GLY B 86 -1.27 -24.09 4.76
CA GLY B 86 -0.14 -23.19 4.67
C GLY B 86 0.95 -23.65 5.61
N TYR B 87 0.55 -23.94 6.85
CA TYR B 87 1.45 -24.37 7.94
C TYR B 87 2.25 -25.64 7.62
N GLU B 88 1.61 -26.65 7.05
CA GLU B 88 2.28 -27.91 6.75
C GLU B 88 3.37 -27.72 5.71
N ARG B 89 3.15 -26.77 4.81
CA ARG B 89 4.10 -26.48 3.76
C ARG B 89 5.40 -25.94 4.34
N ILE B 90 5.31 -25.30 5.50
CA ILE B 90 6.48 -24.75 6.17
C ILE B 90 7.44 -25.86 6.58
N TYR B 91 6.91 -27.04 6.86
CA TYR B 91 7.75 -28.16 7.30
C TYR B 91 8.54 -28.71 6.13
N ASN B 92 8.01 -28.52 4.93
CA ASN B 92 8.68 -28.98 3.72
C ASN B 92 9.76 -27.99 3.33
N GLU B 93 9.55 -26.74 3.69
CA GLU B 93 10.50 -25.69 3.37
C GLU B 93 11.66 -25.65 4.35
N ILE B 94 11.43 -26.17 5.56
CA ILE B 94 12.49 -26.21 6.58
C ILE B 94 13.79 -26.83 6.05
N PRO B 95 13.76 -28.05 5.48
CA PRO B 95 14.95 -28.71 4.93
C PRO B 95 15.62 -27.86 3.84
N ASP B 96 14.82 -27.07 3.13
CA ASP B 96 15.34 -26.20 2.08
C ASP B 96 15.97 -24.95 2.65
N ILE B 97 15.28 -24.29 3.57
CA ILE B 97 15.77 -23.07 4.18
C ILE B 97 16.93 -23.35 5.13
N ASN B 98 16.75 -24.33 6.00
CA ASN B 98 17.75 -24.70 6.97
C ASN B 98 18.90 -25.47 6.35
N LEU B 99 18.56 -26.52 5.59
CA LEU B 99 19.56 -27.36 4.93
C LEU B 99 20.52 -27.93 5.98
N ASP B 100 20.04 -28.90 6.75
CA ASP B 100 20.80 -29.53 7.82
C ASP B 100 20.93 -28.58 9.01
N VAL B 101 21.56 -29.04 10.09
CA VAL B 101 21.74 -28.23 11.29
C VAL B 101 20.40 -27.67 11.79
N PRO B 102 19.67 -28.45 12.58
CA PRO B 102 18.36 -28.06 13.14
C PRO B 102 18.49 -26.98 14.23
N HIS B 103 19.09 -25.85 13.87
CA HIS B 103 19.29 -24.76 14.82
C HIS B 103 18.06 -23.86 14.92
N SER B 104 17.33 -23.71 13.83
CA SER B 104 16.14 -22.87 13.81
C SER B 104 14.97 -23.49 14.59
N TYR B 105 15.24 -24.58 15.29
CA TYR B 105 14.22 -25.26 16.08
C TYR B 105 13.74 -24.36 17.21
N SER B 106 14.62 -23.50 17.68
CA SER B 106 14.28 -22.55 18.73
C SER B 106 13.14 -21.62 18.31
N VAL B 107 13.06 -21.31 17.02
CA VAL B 107 11.99 -20.46 16.52
C VAL B 107 10.80 -21.39 16.22
N LEU B 108 11.20 -22.63 15.96
CA LEU B 108 10.28 -23.71 15.53
C LEU B 108 9.36 -24.24 16.64
N GLU B 109 9.92 -24.62 17.78
CA GLU B 109 9.15 -25.23 18.87
C GLU B 109 8.04 -24.33 19.41
N ARG B 110 8.40 -23.14 19.90
CA ARG B 110 7.39 -22.21 20.41
C ARG B 110 6.39 -21.83 19.34
N PHE B 111 6.88 -21.29 18.23
CA PHE B 111 6.04 -20.87 17.10
C PHE B 111 4.89 -21.85 16.77
N VAL B 112 5.12 -23.14 16.91
CA VAL B 112 4.09 -24.13 16.63
C VAL B 112 3.04 -24.11 17.76
N GLU B 113 3.52 -24.30 18.97
CA GLU B 113 2.69 -24.30 20.17
C GLU B 113 2.18 -22.91 20.59
N GLU B 114 2.76 -21.89 19.96
CA GLU B 114 2.53 -20.51 20.35
C GLU B 114 1.04 -20.16 20.32
N CYS B 115 0.41 -20.29 19.17
CA CYS B 115 -1.02 -20.01 19.06
C CYS B 115 -1.82 -21.25 19.40
N PHE B 116 -1.12 -22.39 19.39
CA PHE B 116 -1.73 -23.70 19.60
C PHE B 116 -2.59 -23.72 20.86
N GLN B 117 -2.11 -23.09 21.92
CA GLN B 117 -2.83 -23.04 23.17
C GLN B 117 -4.10 -22.20 23.12
N ALA B 118 -4.37 -21.55 21.99
CA ALA B 118 -5.55 -20.70 21.88
C ALA B 118 -6.66 -21.49 21.20
N GLY B 119 -6.34 -22.71 20.82
CA GLY B 119 -7.29 -23.61 20.18
C GLY B 119 -7.76 -23.11 18.82
N ILE B 120 -6.87 -22.49 18.06
CA ILE B 120 -7.24 -21.98 16.74
C ILE B 120 -6.69 -22.89 15.64
N ILE B 121 -6.28 -24.08 16.04
CA ILE B 121 -5.73 -25.07 15.13
C ILE B 121 -6.03 -26.47 15.65
N SER B 122 -5.87 -27.47 14.80
CA SER B 122 -6.13 -28.84 15.19
C SER B 122 -4.94 -29.46 15.91
N LYS B 123 -5.23 -30.46 16.76
CA LYS B 123 -4.19 -31.15 17.52
C LYS B 123 -3.18 -31.80 16.59
N GLN B 124 -3.67 -32.35 15.48
CA GLN B 124 -2.81 -32.99 14.50
C GLN B 124 -1.69 -32.07 14.02
N LEU B 125 -1.98 -30.78 13.89
CA LEU B 125 -0.99 -29.80 13.44
C LEU B 125 0.18 -29.70 14.42
N ARG B 126 -0.07 -30.12 15.64
CA ARG B 126 0.95 -30.05 16.68
C ARG B 126 1.95 -31.17 16.44
N ASP B 127 1.43 -32.36 16.16
CA ASP B 127 2.25 -33.55 15.93
C ASP B 127 2.79 -33.61 14.49
N LEU B 128 2.07 -32.99 13.56
CA LEU B 128 2.43 -33.00 12.14
C LEU B 128 3.83 -32.50 11.81
N CYS B 129 4.44 -31.74 12.69
CA CYS B 129 5.79 -31.24 12.45
C CYS B 129 6.76 -32.04 13.32
N PRO B 130 8.06 -32.04 12.98
CA PRO B 130 9.07 -32.76 13.77
C PRO B 130 9.01 -32.32 15.24
N SER B 131 8.52 -33.22 16.09
CA SER B 131 8.40 -32.92 17.51
C SER B 131 9.56 -33.52 18.29
N GLY A 1 2.01 30.44 -2.00
CA GLY A 1 1.43 31.79 -2.11
C GLY A 1 -0.06 31.78 -1.84
N LEU A 2 -0.74 32.85 -2.23
CA LEU A 2 -2.18 32.97 -2.04
C LEU A 2 -2.93 32.52 -3.29
N PRO A 3 -3.84 31.55 -3.15
CA PRO A 3 -4.66 31.03 -4.24
C PRO A 3 -5.82 31.96 -4.54
N LEU A 4 -5.73 32.67 -5.65
CA LEU A 4 -6.77 33.61 -6.05
C LEU A 4 -8.02 32.88 -6.49
N ASP A 5 -9.18 33.53 -6.32
CA ASP A 5 -10.47 32.95 -6.76
C ASP A 5 -10.74 31.55 -6.18
N GLU A 6 -10.31 31.30 -4.92
CA GLU A 6 -10.47 29.97 -4.26
C GLU A 6 -11.59 29.06 -4.70
N ARG A 7 -12.84 29.41 -4.53
CA ARG A 7 -13.85 28.48 -4.95
C ARG A 7 -14.14 28.60 -6.43
N ALA A 8 -14.05 29.84 -6.88
CA ALA A 8 -14.27 30.18 -8.26
C ALA A 8 -13.41 29.35 -9.20
N PHE A 9 -12.28 28.81 -8.74
CA PHE A 9 -11.42 28.06 -9.64
C PHE A 9 -11.87 26.61 -9.82
N GLU A 10 -11.82 25.80 -8.74
CA GLU A 10 -12.26 24.40 -8.78
C GLU A 10 -13.69 24.19 -9.24
N LYS A 11 -14.59 25.02 -8.75
CA LYS A 11 -16.00 24.91 -9.11
C LYS A 11 -16.17 25.04 -10.61
N THR A 12 -15.37 25.90 -11.20
CA THR A 12 -15.44 26.14 -12.64
C THR A 12 -14.79 25.06 -13.51
N LEU A 13 -13.78 24.31 -13.02
CA LEU A 13 -13.13 23.31 -13.90
C LEU A 13 -13.50 21.87 -13.54
N THR A 14 -14.46 21.70 -12.64
CA THR A 14 -14.89 20.37 -12.19
C THR A 14 -15.14 19.39 -13.34
N PRO A 15 -16.01 19.75 -14.33
CA PRO A 15 -16.31 18.88 -15.47
C PRO A 15 -15.06 18.41 -16.21
N ILE A 16 -14.15 19.35 -16.50
CA ILE A 16 -12.89 19.04 -17.18
C ILE A 16 -12.13 17.89 -16.49
N ILE A 17 -12.17 17.89 -15.17
CA ILE A 17 -11.50 16.84 -14.40
C ILE A 17 -12.27 15.54 -14.55
N GLN A 18 -13.59 15.62 -14.35
CA GLN A 18 -14.48 14.47 -14.47
C GLN A 18 -14.30 13.77 -15.82
N GLU A 19 -14.22 14.57 -16.89
CA GLU A 19 -14.05 14.04 -18.24
C GLU A 19 -12.75 13.24 -18.36
N TYR A 20 -11.66 13.84 -17.89
CA TYR A 20 -10.36 13.17 -17.89
C TYR A 20 -10.44 11.72 -17.38
N PHE A 21 -11.17 11.51 -16.29
CA PHE A 21 -11.32 10.18 -15.70
C PHE A 21 -12.24 9.27 -16.51
N GLU A 22 -12.79 9.81 -17.59
CA GLU A 22 -13.69 9.06 -18.45
C GLU A 22 -12.97 8.49 -19.67
N HIS A 23 -12.35 9.35 -20.47
CA HIS A 23 -11.64 8.89 -21.65
C HIS A 23 -10.12 8.86 -21.48
N GLY A 24 -9.60 9.70 -20.59
CA GLY A 24 -8.17 9.73 -20.36
C GLY A 24 -7.43 10.49 -21.45
N ASP A 25 -7.02 11.72 -21.15
CA ASP A 25 -6.30 12.54 -22.11
C ASP A 25 -5.38 13.53 -21.37
N THR A 26 -4.14 13.13 -21.17
CA THR A 26 -3.16 13.97 -20.49
C THR A 26 -2.82 15.22 -21.32
N ASN A 27 -3.01 15.12 -22.63
CA ASN A 27 -2.70 16.22 -23.53
C ASN A 27 -3.71 17.36 -23.41
N GLU A 28 -4.96 17.01 -23.18
CA GLU A 28 -6.03 18.01 -23.09
C GLU A 28 -5.85 18.89 -21.87
N VAL A 29 -5.59 18.24 -20.74
CA VAL A 29 -5.39 18.93 -19.47
C VAL A 29 -4.36 20.07 -19.63
N ALA A 30 -3.20 19.77 -20.22
CA ALA A 30 -2.18 20.79 -20.43
C ALA A 30 -2.67 21.84 -21.43
N GLU A 31 -3.27 21.36 -22.50
CA GLU A 31 -3.83 22.22 -23.54
C GLU A 31 -4.74 23.28 -22.89
N MET A 32 -5.51 22.86 -21.90
CA MET A 32 -6.41 23.76 -21.17
C MET A 32 -5.68 24.64 -20.14
N LEU A 33 -4.61 24.11 -19.55
CA LEU A 33 -3.85 24.86 -18.54
C LEU A 33 -3.34 26.20 -19.07
N ARG A 34 -2.57 26.12 -20.16
CA ARG A 34 -2.03 27.32 -20.83
C ARG A 34 -3.12 28.33 -21.19
N ASP A 35 -4.34 27.82 -21.30
CA ASP A 35 -5.49 28.66 -21.64
C ASP A 35 -5.84 29.53 -20.44
N LEU A 36 -6.06 28.88 -19.30
CA LEU A 36 -6.36 29.57 -18.04
C LEU A 36 -5.29 30.62 -17.73
N ASN A 37 -4.04 30.17 -17.67
CA ASN A 37 -2.89 31.04 -17.40
C ASN A 37 -2.82 31.54 -15.96
N LEU A 38 -2.39 30.68 -15.06
CA LEU A 38 -2.26 31.04 -13.65
C LEU A 38 -0.91 30.57 -13.10
N GLY A 39 -0.44 31.21 -12.04
CA GLY A 39 0.84 30.86 -11.46
C GLY A 39 0.72 29.83 -10.34
N GLU A 40 0.50 30.31 -9.12
CA GLU A 40 0.38 29.42 -7.96
C GLU A 40 -0.89 28.60 -8.03
N MET A 41 -1.93 29.18 -8.61
CA MET A 41 -3.22 28.49 -8.73
C MET A 41 -3.15 27.37 -9.76
N LYS A 42 -2.07 27.36 -10.54
CA LYS A 42 -1.87 26.32 -11.55
C LYS A 42 -1.65 24.98 -10.88
N SER A 43 -1.11 25.01 -9.66
CA SER A 43 -0.87 23.79 -8.91
C SER A 43 -2.18 23.21 -8.41
N GLY A 44 -3.21 24.06 -8.36
CA GLY A 44 -4.53 23.65 -7.90
C GLY A 44 -5.06 22.42 -8.62
N VAL A 45 -5.25 22.54 -9.95
CA VAL A 45 -5.73 21.42 -10.78
C VAL A 45 -5.09 20.07 -10.42
N PRO A 46 -3.74 19.96 -10.48
CA PRO A 46 -3.05 18.71 -10.14
C PRO A 46 -3.45 18.20 -8.75
N VAL A 47 -3.63 19.13 -7.81
CA VAL A 47 -4.02 18.77 -6.45
C VAL A 47 -5.43 18.17 -6.43
N LEU A 48 -6.35 18.76 -7.20
CA LEU A 48 -7.73 18.27 -7.25
C LEU A 48 -7.75 16.80 -7.67
N ALA A 49 -7.19 16.51 -8.85
CA ALA A 49 -7.08 15.13 -9.34
C ALA A 49 -6.58 14.20 -8.23
N VAL A 50 -5.75 14.77 -7.36
CA VAL A 50 -5.22 14.03 -6.23
C VAL A 50 -6.24 13.86 -5.08
N SER A 51 -6.76 14.95 -4.51
CA SER A 51 -7.65 14.83 -3.36
C SER A 51 -8.95 14.16 -3.69
N LEU A 52 -9.64 14.66 -4.67
CA LEU A 52 -10.88 14.10 -5.08
C LEU A 52 -10.89 12.76 -5.83
N ALA A 53 -9.75 12.16 -6.15
CA ALA A 53 -9.77 10.93 -6.95
C ALA A 53 -10.05 9.69 -6.11
N LEU A 54 -10.17 9.88 -4.82
CA LEU A 54 -10.21 8.74 -3.90
C LEU A 54 -11.58 8.17 -3.62
N GLU A 55 -12.58 9.00 -3.73
CA GLU A 55 -13.96 8.61 -3.45
C GLU A 55 -14.66 7.98 -4.66
N GLY A 56 -13.87 7.57 -5.65
CA GLY A 56 -14.42 6.95 -6.83
C GLY A 56 -13.99 5.50 -6.89
N LYS A 57 -13.82 4.97 -8.09
CA LYS A 57 -13.38 3.59 -8.24
C LYS A 57 -11.92 3.48 -7.82
N ALA A 58 -11.49 2.28 -7.46
CA ALA A 58 -10.12 2.06 -7.04
C ALA A 58 -9.13 2.40 -8.16
N SER A 59 -9.60 2.24 -9.38
CA SER A 59 -8.80 2.52 -10.57
C SER A 59 -8.35 3.98 -10.67
N HIS A 60 -9.19 4.91 -10.21
CA HIS A 60 -8.86 6.34 -10.24
C HIS A 60 -7.47 6.77 -9.80
N ARG A 61 -6.84 6.18 -8.79
CA ARG A 61 -5.54 6.67 -8.38
C ARG A 61 -4.46 6.29 -9.38
N GLU A 62 -4.78 5.34 -10.26
CA GLU A 62 -3.77 4.90 -11.21
C GLU A 62 -3.71 5.88 -12.37
N MET A 63 -4.87 6.45 -12.66
CA MET A 63 -5.02 7.41 -13.74
C MET A 63 -4.30 8.70 -13.42
N THR A 64 -4.24 9.02 -12.13
CA THR A 64 -3.57 10.22 -11.65
C THR A 64 -2.11 10.28 -12.11
N SER A 65 -1.35 9.21 -11.89
CA SER A 65 0.03 9.14 -12.32
C SER A 65 0.20 9.36 -13.82
N LYS A 66 -0.80 8.97 -14.60
CA LYS A 66 -0.74 9.16 -16.04
C LYS A 66 -0.88 10.65 -16.33
N LEU A 67 -1.55 11.31 -15.39
CA LEU A 67 -1.81 12.73 -15.52
C LEU A 67 -0.64 13.58 -15.04
N LEU A 68 -0.30 13.41 -13.77
CA LEU A 68 0.74 14.21 -13.12
C LEU A 68 2.11 14.10 -13.76
N SER A 69 2.73 12.93 -13.65
CA SER A 69 4.05 12.72 -14.21
C SER A 69 4.29 13.18 -15.65
N ASP A 70 3.29 13.19 -16.51
CA ASP A 70 3.56 13.56 -17.89
C ASP A 70 3.58 15.07 -18.04
N LEU A 71 2.93 15.71 -17.07
CA LEU A 71 2.76 17.17 -17.12
C LEU A 71 4.03 17.86 -16.66
N CYS A 72 4.72 17.25 -15.71
CA CYS A 72 5.96 17.80 -15.18
C CYS A 72 7.07 17.77 -16.23
N GLY A 73 7.44 18.94 -16.70
CA GLY A 73 8.48 19.04 -17.71
C GLY A 73 7.96 19.70 -18.96
N THR A 74 6.64 19.78 -19.08
CA THR A 74 6.01 20.41 -20.24
C THR A 74 5.41 21.76 -19.89
N VAL A 75 4.39 21.76 -19.03
CA VAL A 75 3.72 23.00 -18.64
C VAL A 75 3.85 23.23 -17.13
N MET A 76 4.70 22.45 -16.50
CA MET A 76 4.90 22.55 -15.06
C MET A 76 6.20 21.90 -14.66
N SER A 77 7.08 22.67 -14.04
CA SER A 77 8.36 22.14 -13.58
C SER A 77 8.13 21.45 -12.24
N THR A 78 9.17 20.88 -11.65
CA THR A 78 9.03 20.19 -10.38
C THR A 78 8.61 21.16 -9.27
N THR A 79 8.83 22.46 -9.50
CA THR A 79 8.49 23.49 -8.54
C THR A 79 7.04 23.35 -8.08
N ASP A 80 6.10 23.39 -9.02
CA ASP A 80 4.69 23.21 -8.70
C ASP A 80 4.40 21.80 -8.19
N VAL A 81 5.11 20.82 -8.73
CA VAL A 81 4.93 19.43 -8.35
C VAL A 81 5.29 19.20 -6.88
N GLU A 82 6.33 19.89 -6.41
CA GLU A 82 6.77 19.78 -5.02
C GLU A 82 5.67 20.31 -4.11
N LYS A 83 5.09 21.43 -4.52
CA LYS A 83 4.01 22.07 -3.77
C LYS A 83 2.72 21.28 -3.88
N SER A 84 2.61 20.44 -4.92
CA SER A 84 1.39 19.69 -5.15
C SER A 84 0.98 18.89 -3.92
N PHE A 85 1.85 18.04 -3.43
CA PHE A 85 1.55 17.22 -2.28
C PHE A 85 1.81 17.96 -0.97
N ASP A 86 2.69 18.98 -1.05
CA ASP A 86 3.14 19.70 0.15
C ASP A 86 1.98 20.26 0.96
N LYS A 87 1.13 21.08 0.36
CA LYS A 87 -0.03 21.61 1.06
C LYS A 87 -1.13 20.57 1.11
N LEU A 88 -1.13 19.70 0.10
CA LEU A 88 -2.13 18.64 -0.03
C LEU A 88 -2.36 17.88 1.27
N LEU A 89 -1.29 17.38 1.89
CA LEU A 89 -1.47 16.66 3.15
C LEU A 89 -2.10 17.51 4.24
N LYS A 90 -1.94 18.83 4.17
CA LYS A 90 -2.50 19.71 5.18
C LYS A 90 -4.00 19.91 4.94
N ASP A 91 -4.46 19.33 3.84
CA ASP A 91 -5.88 19.40 3.46
C ASP A 91 -6.55 18.08 3.78
N LEU A 92 -5.76 17.14 4.32
CA LEU A 92 -6.26 15.82 4.69
C LEU A 92 -7.38 15.82 5.74
N PRO A 93 -7.39 16.75 6.74
CA PRO A 93 -8.48 16.80 7.74
C PRO A 93 -9.88 17.02 7.12
N GLU A 94 -9.92 17.11 5.79
CA GLU A 94 -11.21 17.27 5.10
C GLU A 94 -11.83 15.92 4.69
N LEU A 95 -11.28 15.35 3.61
CA LEU A 95 -11.71 14.01 3.14
C LEU A 95 -11.48 12.81 4.09
N ALA A 96 -10.50 12.88 4.98
CA ALA A 96 -10.25 11.76 5.89
C ALA A 96 -11.44 11.57 6.82
N LEU A 97 -12.22 12.62 6.92
CA LEU A 97 -13.40 12.63 7.75
C LEU A 97 -14.54 11.83 7.13
N ASP A 98 -14.41 11.50 5.83
CA ASP A 98 -15.54 10.77 5.21
C ASP A 98 -15.07 9.38 4.85
N THR A 99 -13.98 9.33 4.10
CA THR A 99 -13.36 8.06 3.75
C THR A 99 -12.19 7.71 4.66
N PRO A 100 -12.31 6.62 5.44
CA PRO A 100 -11.25 6.17 6.36
C PRO A 100 -9.95 5.84 5.62
N ARG A 101 -10.06 5.32 4.40
CA ARG A 101 -8.88 4.96 3.62
C ARG A 101 -8.22 6.17 2.96
N ALA A 102 -8.89 7.32 2.93
CA ALA A 102 -8.34 8.53 2.32
C ALA A 102 -6.89 8.84 2.72
N PRO A 103 -6.57 9.00 4.01
CA PRO A 103 -5.20 9.29 4.46
C PRO A 103 -4.26 8.14 4.14
N GLN A 104 -4.83 6.95 4.03
CA GLN A 104 -4.08 5.75 3.75
C GLN A 104 -3.75 5.60 2.27
N LEU A 105 -4.64 6.10 1.41
CA LEU A 105 -4.45 6.02 -0.04
C LEU A 105 -3.28 6.89 -0.50
N VAL A 106 -3.27 8.17 -0.07
CA VAL A 106 -2.15 9.08 -0.38
C VAL A 106 -0.82 8.42 -0.01
N GLY A 107 -0.94 7.49 0.92
CA GLY A 107 0.18 6.69 1.36
C GLY A 107 0.96 6.18 0.15
N GLN A 108 0.26 5.76 -0.89
CA GLN A 108 0.90 5.28 -2.10
C GLN A 108 1.23 6.44 -3.07
N PHE A 109 0.47 7.52 -2.99
CA PHE A 109 0.69 8.69 -3.87
C PHE A 109 2.13 9.20 -3.80
N ILE A 110 2.75 9.10 -2.64
CA ILE A 110 4.12 9.57 -2.46
C ILE A 110 5.08 8.53 -3.04
N ALA A 111 4.59 7.30 -3.12
CA ALA A 111 5.40 6.19 -3.60
C ALA A 111 5.60 6.32 -5.10
N ARG A 112 4.55 6.77 -5.79
CA ARG A 112 4.61 6.97 -7.23
C ARG A 112 5.38 8.25 -7.56
N ALA A 113 5.43 9.15 -6.58
CA ALA A 113 6.07 10.44 -6.78
C ALA A 113 7.57 10.25 -6.96
N VAL A 114 8.18 9.53 -6.04
CA VAL A 114 9.60 9.26 -6.10
C VAL A 114 9.89 8.20 -7.17
N GLY A 115 8.88 7.36 -7.42
CA GLY A 115 9.06 6.26 -8.35
C GLY A 115 9.24 6.67 -9.80
N ASP A 116 8.39 7.56 -10.34
CA ASP A 116 8.54 7.98 -11.73
C ASP A 116 9.46 9.17 -11.87
N GLY A 117 9.82 9.79 -10.75
CA GLY A 117 10.72 10.92 -10.78
C GLY A 117 10.01 12.26 -10.90
N ILE A 118 9.03 12.48 -10.03
CA ILE A 118 8.28 13.73 -10.03
C ILE A 118 8.53 14.47 -8.71
N LEU A 119 8.67 13.69 -7.65
CA LEU A 119 8.92 14.26 -6.33
C LEU A 119 10.13 13.58 -5.72
N CYS A 120 11.07 14.37 -5.25
CA CYS A 120 12.28 13.85 -4.64
C CYS A 120 11.97 13.19 -3.30
N ASN A 121 12.72 12.14 -2.97
CA ASN A 121 12.53 11.41 -1.72
C ASN A 121 12.88 12.25 -0.50
N THR A 122 13.47 13.42 -0.73
CA THR A 122 13.88 14.31 0.33
C THR A 122 12.72 14.64 1.26
N TYR A 123 11.57 14.97 0.69
CA TYR A 123 10.36 15.31 1.46
C TYR A 123 10.06 14.31 2.58
N ILE A 124 10.26 13.03 2.29
CA ILE A 124 10.00 11.97 3.27
C ILE A 124 10.92 12.15 4.48
N ASP A 125 12.18 12.41 4.20
CA ASP A 125 13.18 12.59 5.24
C ASP A 125 13.05 13.95 5.93
N SER A 126 12.73 14.98 5.16
CA SER A 126 12.59 16.33 5.70
C SER A 126 11.38 16.49 6.62
N TYR A 127 10.34 15.72 6.39
CA TYR A 127 9.16 15.79 7.25
C TYR A 127 9.16 14.62 8.22
N LYS A 128 10.31 13.95 8.34
CA LYS A 128 10.49 12.77 9.19
C LYS A 128 10.41 13.03 10.68
N GLY A 129 9.44 13.79 11.13
CA GLY A 129 9.32 14.05 12.55
C GLY A 129 9.11 15.51 12.76
N THR A 130 8.73 16.12 11.67
CA THR A 130 8.47 17.53 11.62
C THR A 130 7.04 17.78 11.17
N VAL A 131 6.13 16.89 11.59
CA VAL A 131 4.72 17.02 11.22
C VAL A 131 3.83 17.02 12.46
N ASP A 132 3.06 18.09 12.62
CA ASP A 132 2.15 18.23 13.75
C ASP A 132 0.74 17.77 13.37
N CYS A 133 0.66 16.95 12.35
CA CYS A 133 -0.59 16.42 11.86
C CYS A 133 -0.52 14.90 11.76
N VAL A 134 -1.41 14.21 12.46
CA VAL A 134 -1.43 12.75 12.46
C VAL A 134 -1.77 12.19 11.08
N GLN A 135 -2.66 12.86 10.37
CA GLN A 135 -3.08 12.42 9.04
C GLN A 135 -1.88 12.39 8.09
N ALA A 136 -1.13 13.50 8.05
CA ALA A 136 0.03 13.61 7.18
C ALA A 136 1.12 12.62 7.59
N ARG A 137 1.17 12.31 8.87
CA ARG A 137 2.16 11.37 9.41
C ARG A 137 1.89 9.99 8.86
N ALA A 138 0.64 9.55 8.98
CA ALA A 138 0.22 8.24 8.50
C ALA A 138 0.53 8.06 7.01
N ALA A 139 0.29 9.11 6.23
CA ALA A 139 0.55 9.07 4.80
C ALA A 139 2.04 8.93 4.51
N LEU A 140 2.86 9.62 5.30
CA LEU A 140 4.30 9.55 5.14
C LEU A 140 4.83 8.17 5.50
N ASP A 141 4.35 7.63 6.61
CA ASP A 141 4.76 6.30 7.07
C ASP A 141 4.39 5.26 6.03
N LYS A 142 3.14 5.33 5.59
CA LYS A 142 2.60 4.43 4.59
C LYS A 142 3.50 4.36 3.35
N ALA A 143 3.91 5.53 2.84
CA ALA A 143 4.77 5.57 1.66
C ALA A 143 6.13 4.96 1.95
N THR A 144 6.68 5.33 3.09
CA THR A 144 7.98 4.84 3.53
C THR A 144 8.00 3.31 3.51
N VAL A 145 6.96 2.71 4.06
CA VAL A 145 6.84 1.26 4.10
C VAL A 145 6.50 0.69 2.73
N LEU A 146 5.54 1.31 2.07
CA LEU A 146 5.07 0.88 0.76
C LEU A 146 6.19 0.78 -0.27
N LEU A 147 7.22 1.63 -0.13
CA LEU A 147 8.37 1.63 -1.04
C LEU A 147 9.01 0.26 -1.18
N SER A 148 9.09 -0.48 -0.07
CA SER A 148 9.70 -1.81 -0.08
C SER A 148 8.83 -2.82 -0.81
N MET A 149 7.53 -2.62 -0.72
CA MET A 149 6.57 -3.51 -1.33
C MET A 149 6.34 -3.19 -2.81
N SER A 150 6.99 -2.14 -3.29
CA SER A 150 6.83 -1.72 -4.68
C SER A 150 8.00 -2.10 -5.59
N LYS A 151 8.91 -2.97 -5.12
CA LYS A 151 10.07 -3.36 -5.95
C LYS A 151 9.91 -4.73 -6.62
N GLY A 152 10.80 -5.06 -7.55
CA GLY A 152 10.75 -6.34 -8.25
C GLY A 152 11.31 -6.25 -9.68
N GLY A 153 11.29 -7.37 -10.40
CA GLY A 153 11.80 -7.39 -11.76
C GLY A 153 10.80 -6.84 -12.76
N LYS A 154 9.97 -7.72 -13.33
CA LYS A 154 8.97 -7.31 -14.31
C LYS A 154 7.75 -6.71 -13.62
N ARG A 155 7.98 -5.68 -12.84
CA ARG A 155 6.91 -5.00 -12.12
C ARG A 155 6.82 -3.54 -12.58
N LYS A 156 7.94 -3.01 -13.05
CA LYS A 156 7.99 -1.62 -13.51
C LYS A 156 8.91 -1.50 -14.73
N ASP A 157 8.99 -2.57 -15.51
CA ASP A 157 9.84 -2.58 -16.70
C ASP A 157 9.08 -3.13 -17.89
N SER A 158 8.90 -2.29 -18.91
CA SER A 158 8.20 -2.68 -20.12
C SER A 158 8.58 -1.78 -21.30
N VAL A 159 9.89 -1.60 -21.48
CA VAL A 159 10.39 -0.77 -22.58
C VAL A 159 10.15 -1.45 -23.93
N TRP A 160 10.17 -2.77 -23.92
CA TRP A 160 9.95 -3.54 -25.14
C TRP A 160 8.97 -4.68 -24.88
N GLY A 161 8.52 -5.31 -25.95
CA GLY A 161 7.57 -6.40 -25.83
C GLY A 161 6.16 -5.88 -25.60
N SER A 162 5.77 -4.90 -26.39
CA SER A 162 4.45 -4.31 -26.28
C SER A 162 3.43 -5.10 -27.08
N GLY A 163 2.17 -4.99 -26.70
CA GLY A 163 1.11 -5.70 -27.40
C GLY A 163 -0.18 -5.66 -26.61
N GLY B 1 -1.95 -4.04 -24.50
CA GLY B 1 -2.13 -2.72 -25.16
C GLY B 1 -3.28 -1.96 -24.55
N GLY B 2 -3.10 -0.67 -24.32
CA GLY B 2 -4.14 0.14 -23.73
C GLY B 2 -4.37 -0.23 -22.28
N GLN B 3 -5.38 -1.05 -22.02
CA GLN B 3 -5.69 -1.48 -20.68
C GLN B 3 -5.10 -2.86 -20.43
N GLN B 4 -4.15 -2.94 -19.53
CA GLN B 4 -3.49 -4.19 -19.19
C GLN B 4 -4.33 -4.96 -18.18
N PRO B 5 -4.10 -6.28 -18.05
CA PRO B 5 -4.83 -7.14 -17.10
C PRO B 5 -4.74 -6.60 -15.67
N VAL B 6 -5.74 -6.93 -14.85
CA VAL B 6 -5.78 -6.47 -13.47
C VAL B 6 -4.78 -7.23 -12.61
N ASN B 7 -4.32 -6.57 -11.56
CA ASN B 7 -3.37 -7.17 -10.64
C ASN B 7 -4.01 -8.31 -9.85
N HIS B 8 -3.21 -9.29 -9.47
CA HIS B 8 -3.70 -10.43 -8.69
C HIS B 8 -2.57 -11.13 -7.94
N LEU B 9 -2.70 -11.15 -6.61
CA LEU B 9 -1.72 -11.77 -5.71
C LEU B 9 -0.46 -10.93 -5.56
N VAL B 10 0.10 -10.50 -6.69
CA VAL B 10 1.29 -9.68 -6.70
C VAL B 10 1.01 -8.34 -6.04
N LYS B 11 1.95 -7.87 -5.22
CA LYS B 11 1.82 -6.59 -4.53
C LYS B 11 0.59 -6.54 -3.62
N GLU B 12 0.15 -7.70 -3.14
CA GLU B 12 -1.00 -7.78 -2.26
C GLU B 12 -0.61 -8.42 -0.94
N ILE B 13 -0.39 -9.74 -0.98
CA ILE B 13 0.00 -10.49 0.20
C ILE B 13 1.28 -9.91 0.80
N ASP B 14 2.24 -9.65 -0.07
CA ASP B 14 3.53 -9.10 0.34
C ASP B 14 3.37 -7.75 1.04
N MET B 15 2.56 -6.86 0.47
CA MET B 15 2.35 -5.53 1.04
C MET B 15 1.74 -5.60 2.43
N LEU B 16 0.67 -6.38 2.57
CA LEU B 16 -0.03 -6.52 3.84
C LEU B 16 0.87 -7.08 4.93
N LEU B 17 1.72 -8.03 4.56
CA LEU B 17 2.61 -8.65 5.52
C LEU B 17 3.78 -7.75 5.89
N LYS B 18 4.43 -7.16 4.89
CA LYS B 18 5.59 -6.30 5.13
C LYS B 18 5.23 -5.00 5.86
N GLU B 19 4.06 -4.43 5.55
CA GLU B 19 3.63 -3.18 6.17
C GLU B 19 3.41 -3.36 7.67
N TYR B 20 2.49 -4.25 8.02
CA TYR B 20 2.25 -4.56 9.43
C TYR B 20 3.55 -4.94 10.17
N LEU B 21 4.47 -5.57 9.47
CA LEU B 21 5.73 -5.96 10.08
C LEU B 21 6.63 -4.75 10.32
N LEU B 22 6.72 -3.89 9.32
CA LEU B 22 7.55 -2.68 9.41
C LEU B 22 7.03 -1.70 10.44
N SER B 23 5.91 -1.04 10.15
CA SER B 23 5.33 -0.09 11.08
C SER B 23 4.41 -0.77 12.09
N GLY B 24 3.30 -1.32 11.58
CA GLY B 24 2.34 -2.00 12.43
C GLY B 24 0.99 -1.32 12.38
N ASP B 25 0.08 -1.84 11.56
CA ASP B 25 -1.24 -1.24 11.45
C ASP B 25 -2.31 -2.23 11.02
N ILE B 26 -2.99 -2.82 12.00
CA ILE B 26 -4.10 -3.75 11.74
C ILE B 26 -5.19 -3.12 10.85
N SER B 27 -5.21 -1.78 10.83
CA SER B 27 -6.21 -1.02 10.07
C SER B 27 -6.20 -1.33 8.56
N GLU B 28 -5.05 -1.17 7.92
CA GLU B 28 -4.94 -1.41 6.48
C GLU B 28 -4.77 -2.87 6.14
N ALA B 29 -3.95 -3.57 6.91
CA ALA B 29 -3.70 -4.99 6.70
C ALA B 29 -5.00 -5.77 6.68
N GLU B 30 -5.86 -5.50 7.65
CA GLU B 30 -7.14 -6.18 7.74
C GLU B 30 -8.12 -5.68 6.68
N HIS B 31 -7.93 -4.46 6.23
CA HIS B 31 -8.82 -3.87 5.24
C HIS B 31 -8.64 -4.49 3.87
N CYS B 32 -7.40 -4.52 3.38
CA CYS B 32 -7.12 -5.05 2.07
C CYS B 32 -7.38 -6.56 2.00
N LEU B 33 -7.13 -7.26 3.10
CA LEU B 33 -7.35 -8.70 3.15
C LEU B 33 -8.83 -9.04 3.01
N LYS B 34 -9.68 -8.22 3.60
CA LYS B 34 -11.11 -8.45 3.53
C LYS B 34 -11.65 -8.10 2.14
N GLU B 35 -10.92 -7.22 1.45
CA GLU B 35 -11.31 -6.79 0.11
C GLU B 35 -10.99 -7.85 -0.94
N LEU B 36 -10.39 -8.94 -0.48
CA LEU B 36 -10.02 -10.06 -1.34
C LEU B 36 -11.26 -10.79 -1.87
N GLU B 37 -11.22 -11.15 -3.15
CA GLU B 37 -12.33 -11.84 -3.78
C GLU B 37 -12.40 -13.31 -3.37
N VAL B 38 -11.26 -13.97 -3.40
CA VAL B 38 -11.20 -15.38 -3.04
C VAL B 38 -10.54 -15.57 -1.68
N PRO B 39 -11.33 -15.85 -0.63
CA PRO B 39 -10.82 -16.05 0.73
C PRO B 39 -9.88 -17.26 0.79
N HIS B 40 -9.98 -18.14 -0.20
CA HIS B 40 -9.14 -19.33 -0.27
C HIS B 40 -7.68 -18.94 -0.49
N PHE B 41 -7.46 -17.80 -1.14
CA PHE B 41 -6.11 -17.33 -1.43
C PHE B 41 -5.42 -16.76 -0.19
N HIS B 42 -6.12 -16.79 0.94
CA HIS B 42 -5.55 -16.30 2.19
C HIS B 42 -4.50 -17.30 2.70
N HIS B 43 -4.47 -18.46 2.06
CA HIS B 43 -3.56 -19.53 2.41
C HIS B 43 -2.10 -19.07 2.25
N GLU B 44 -1.72 -18.70 1.03
CA GLU B 44 -0.37 -18.20 0.76
C GLU B 44 0.09 -17.11 1.74
N LEU B 45 -0.85 -16.29 2.20
CA LEU B 45 -0.54 -15.22 3.14
C LEU B 45 0.06 -15.79 4.43
N VAL B 46 -0.65 -16.73 5.02
CA VAL B 46 -0.22 -17.38 6.26
C VAL B 46 1.18 -17.97 6.11
N TYR B 47 1.38 -18.73 5.02
CA TYR B 47 2.66 -19.38 4.75
C TYR B 47 3.81 -18.38 4.78
N GLU B 48 3.65 -17.29 4.03
CA GLU B 48 4.67 -16.24 3.94
C GLU B 48 5.00 -15.66 5.31
N ALA B 49 3.97 -15.35 6.08
CA ALA B 49 4.16 -14.79 7.42
C ALA B 49 4.98 -15.74 8.29
N ILE B 50 4.58 -17.00 8.30
CA ILE B 50 5.27 -18.02 9.08
C ILE B 50 6.78 -18.02 8.74
N VAL B 51 7.09 -18.15 7.45
CA VAL B 51 8.49 -18.15 6.99
C VAL B 51 9.19 -16.83 7.33
N MET B 52 8.44 -15.75 7.35
CA MET B 52 8.98 -14.42 7.66
C MET B 52 9.64 -14.43 9.03
N VAL B 53 8.86 -14.81 10.03
CA VAL B 53 9.32 -14.87 11.43
C VAL B 53 10.63 -15.63 11.58
N LEU B 54 10.78 -16.73 10.86
CA LEU B 54 11.99 -17.53 10.95
C LEU B 54 13.15 -16.77 10.34
N GLU B 55 12.95 -16.35 9.10
CA GLU B 55 13.94 -15.56 8.37
C GLU B 55 14.17 -14.14 8.91
N SER B 56 13.85 -13.88 10.19
CA SER B 56 13.97 -12.53 10.73
C SER B 56 14.58 -12.61 12.13
N THR B 57 15.78 -12.06 12.29
CA THR B 57 16.47 -12.07 13.58
C THR B 57 15.94 -11.00 14.54
N GLY B 58 15.16 -11.44 15.51
CA GLY B 58 14.58 -10.52 16.48
C GLY B 58 13.23 -11.01 16.95
N GLU B 59 12.79 -10.52 18.10
CA GLU B 59 11.49 -10.93 18.64
C GLU B 59 10.37 -10.01 18.18
N SER B 60 10.75 -8.89 17.55
CA SER B 60 9.78 -7.92 17.05
C SER B 60 8.90 -8.54 15.97
N ALA B 61 9.53 -9.14 14.98
CA ALA B 61 8.82 -9.78 13.88
C ALA B 61 7.91 -10.89 14.38
N PHE B 62 8.41 -11.64 15.36
CA PHE B 62 7.66 -12.74 15.95
C PHE B 62 6.37 -12.23 16.57
N LYS B 63 6.52 -11.44 17.63
CA LYS B 63 5.37 -10.87 18.34
C LYS B 63 4.37 -10.15 17.42
N MET B 64 4.86 -9.49 16.37
CA MET B 64 3.96 -8.78 15.46
C MET B 64 3.21 -9.75 14.55
N ILE B 65 3.94 -10.58 13.82
CA ILE B 65 3.32 -11.56 12.93
C ILE B 65 2.40 -12.52 13.70
N LEU B 66 2.87 -13.00 14.84
CA LEU B 66 2.09 -13.92 15.67
C LEU B 66 0.77 -13.28 16.10
N ASP B 67 0.82 -11.99 16.41
CA ASP B 67 -0.37 -11.26 16.83
C ASP B 67 -1.35 -11.11 15.68
N LEU B 68 -0.84 -10.84 14.48
CA LEU B 68 -1.66 -10.64 13.29
C LEU B 68 -2.50 -11.87 12.97
N LEU B 69 -1.84 -12.98 12.68
CA LEU B 69 -2.54 -14.24 12.37
C LEU B 69 -3.69 -14.55 13.36
N LYS B 70 -3.43 -14.45 14.67
CA LYS B 70 -4.49 -14.68 15.65
C LYS B 70 -5.58 -13.62 15.51
N SER B 71 -5.13 -12.38 15.41
CA SER B 71 -6.02 -11.24 15.21
C SER B 71 -7.01 -11.51 14.07
N LEU B 72 -6.48 -11.96 12.93
CA LEU B 72 -7.30 -12.29 11.77
C LEU B 72 -8.34 -13.37 12.09
N TRP B 73 -8.01 -14.24 13.06
CA TRP B 73 -8.93 -15.31 13.46
C TRP B 73 -10.13 -14.71 14.20
N LYS B 74 -9.85 -13.79 15.13
CA LYS B 74 -10.89 -13.08 15.87
C LYS B 74 -11.90 -12.43 14.89
N SER B 75 -11.41 -12.03 13.74
CA SER B 75 -12.23 -11.42 12.69
C SER B 75 -12.56 -12.45 11.62
N SER B 76 -12.54 -13.72 12.05
CA SER B 76 -12.73 -14.90 11.18
C SER B 76 -12.32 -14.64 9.72
N THR B 77 -11.14 -14.08 9.53
CA THR B 77 -10.65 -13.76 8.20
C THR B 77 -10.14 -14.95 7.39
N ILE B 78 -9.51 -15.93 8.02
CA ILE B 78 -9.01 -17.09 7.28
C ILE B 78 -9.72 -18.36 7.72
N THR B 79 -9.46 -19.45 7.01
CA THR B 79 -10.08 -20.73 7.31
C THR B 79 -9.06 -21.71 7.90
N ILE B 80 -9.57 -22.71 8.63
CA ILE B 80 -8.72 -23.72 9.24
C ILE B 80 -7.98 -24.50 8.13
N ASP B 81 -8.76 -24.99 7.16
CA ASP B 81 -8.18 -25.69 5.99
C ASP B 81 -7.04 -24.92 5.34
N GLN B 82 -7.10 -23.59 5.42
CA GLN B 82 -6.05 -22.76 4.84
C GLN B 82 -4.84 -22.77 5.76
N MET B 83 -5.13 -22.70 7.06
CA MET B 83 -4.12 -22.71 8.09
C MET B 83 -3.27 -24.00 8.09
N LYS B 84 -3.91 -25.17 8.13
CA LYS B 84 -3.18 -26.46 8.12
C LYS B 84 -2.14 -26.52 7.01
N ARG B 85 -2.62 -26.62 5.76
CA ARG B 85 -1.73 -26.62 4.61
C ARG B 85 -0.66 -25.52 4.66
N GLY B 86 -1.01 -24.37 5.24
CA GLY B 86 -0.04 -23.29 5.37
C GLY B 86 1.14 -23.76 6.20
N TYR B 87 0.84 -24.42 7.31
CA TYR B 87 1.86 -24.94 8.21
C TYR B 87 2.52 -26.19 7.61
N GLU B 88 1.69 -27.15 7.18
CA GLU B 88 2.20 -28.36 6.53
C GLU B 88 3.29 -28.06 5.51
N ARG B 89 3.10 -27.02 4.71
CA ARG B 89 4.10 -26.66 3.73
C ARG B 89 5.39 -26.23 4.42
N ILE B 90 5.28 -25.50 5.53
CA ILE B 90 6.43 -25.04 6.29
C ILE B 90 7.32 -26.20 6.67
N TYR B 91 6.72 -27.28 7.16
CA TYR B 91 7.47 -28.46 7.57
C TYR B 91 8.22 -29.06 6.39
N ASN B 92 7.68 -28.85 5.20
CA ASN B 92 8.28 -29.35 3.97
C ASN B 92 9.46 -28.46 3.58
N GLU B 93 9.33 -27.17 3.86
CA GLU B 93 10.37 -26.20 3.53
C GLU B 93 11.47 -26.19 4.58
N ILE B 94 11.14 -26.64 5.78
CA ILE B 94 12.10 -26.69 6.89
C ILE B 94 13.44 -27.33 6.51
N PRO B 95 13.45 -28.58 5.99
CA PRO B 95 14.70 -29.25 5.60
C PRO B 95 15.41 -28.53 4.47
N ASP B 96 14.63 -27.84 3.62
CA ASP B 96 15.18 -27.11 2.49
C ASP B 96 15.82 -25.79 2.93
N ILE B 97 15.25 -25.18 3.96
CA ILE B 97 15.74 -23.92 4.47
C ILE B 97 16.78 -24.12 5.58
N ASN B 98 16.47 -24.98 6.54
CA ASN B 98 17.37 -25.26 7.65
C ASN B 98 18.58 -26.06 7.18
N LEU B 99 18.35 -26.96 6.23
CA LEU B 99 19.39 -27.81 5.66
C LEU B 99 20.16 -28.57 6.75
N ASP B 100 19.50 -29.59 7.30
CA ASP B 100 20.08 -30.41 8.36
C ASP B 100 20.37 -29.56 9.60
N VAL B 101 21.00 -30.17 10.61
CA VAL B 101 21.33 -29.46 11.86
C VAL B 101 20.15 -28.62 12.37
N PRO B 102 19.09 -29.29 12.84
CA PRO B 102 17.89 -28.59 13.33
C PRO B 102 18.13 -27.71 14.55
N HIS B 103 18.49 -26.45 14.29
CA HIS B 103 18.74 -25.50 15.36
C HIS B 103 17.58 -24.53 15.50
N SER B 104 16.77 -24.43 14.46
CA SER B 104 15.61 -23.56 14.47
C SER B 104 14.36 -24.31 14.90
N TYR B 105 14.56 -25.51 15.41
CA TYR B 105 13.45 -26.34 15.89
C TYR B 105 12.79 -25.69 17.08
N SER B 106 13.60 -25.06 17.93
CA SER B 106 13.09 -24.37 19.10
C SER B 106 12.08 -23.30 18.67
N VAL B 107 12.43 -22.58 17.62
CA VAL B 107 11.57 -21.53 17.07
C VAL B 107 10.26 -22.15 16.58
N LEU B 108 10.36 -23.16 15.73
CA LEU B 108 9.19 -23.84 15.20
C LEU B 108 8.32 -24.45 16.29
N GLU B 109 8.96 -24.98 17.32
CA GLU B 109 8.24 -25.60 18.43
C GLU B 109 7.47 -24.55 19.24
N ARG B 110 8.18 -23.54 19.72
CA ARG B 110 7.56 -22.46 20.49
C ARG B 110 6.46 -21.78 19.66
N PHE B 111 6.67 -21.74 18.35
CA PHE B 111 5.70 -21.14 17.43
C PHE B 111 4.45 -22.03 17.34
N VAL B 112 4.62 -23.25 16.81
CA VAL B 112 3.52 -24.21 16.70
C VAL B 112 2.73 -24.38 18.00
N GLU B 113 3.41 -24.55 19.15
CA GLU B 113 2.68 -24.71 20.41
C GLU B 113 1.87 -23.45 20.73
N GLU B 114 2.52 -22.29 20.57
CA GLU B 114 1.85 -21.00 20.76
C GLU B 114 0.56 -20.94 19.95
N CYS B 115 0.64 -21.38 18.70
CA CYS B 115 -0.50 -21.41 17.80
C CYS B 115 -1.47 -22.52 18.21
N PHE B 116 -0.96 -23.45 19.00
CA PHE B 116 -1.75 -24.59 19.43
C PHE B 116 -2.63 -24.22 20.61
N GLN B 117 -1.96 -23.76 21.69
CA GLN B 117 -2.63 -23.34 22.92
C GLN B 117 -3.68 -22.27 22.66
N ALA B 118 -3.42 -21.44 21.65
CA ALA B 118 -4.34 -20.37 21.31
C ALA B 118 -5.74 -20.93 21.03
N GLY B 119 -5.83 -22.08 20.38
CA GLY B 119 -7.13 -22.69 20.21
C GLY B 119 -7.63 -22.53 18.79
N ILE B 120 -6.71 -22.21 17.89
CA ILE B 120 -7.06 -22.03 16.49
C ILE B 120 -6.86 -23.29 15.66
N ILE B 121 -5.94 -24.13 16.07
CA ILE B 121 -5.66 -25.38 15.37
C ILE B 121 -5.86 -26.59 16.27
N SER B 122 -6.31 -27.69 15.68
CA SER B 122 -6.53 -28.92 16.41
C SER B 122 -5.27 -29.78 16.47
N LYS B 123 -5.32 -30.84 17.26
CA LYS B 123 -4.18 -31.75 17.41
C LYS B 123 -3.73 -32.30 16.07
N GLN B 124 -4.69 -32.47 15.17
CA GLN B 124 -4.43 -32.97 13.81
C GLN B 124 -3.21 -32.29 13.19
N LEU B 125 -3.14 -30.97 13.32
CA LEU B 125 -2.02 -30.21 12.76
C LEU B 125 -0.79 -30.33 13.64
N ARG B 126 -0.99 -30.23 14.95
CA ARG B 126 0.12 -30.37 15.91
C ARG B 126 0.86 -31.68 15.67
N ASP B 127 0.09 -32.76 15.58
CA ASP B 127 0.63 -34.10 15.31
C ASP B 127 1.47 -34.15 14.02
N LEU B 128 1.20 -33.23 13.09
CA LEU B 128 1.94 -33.19 11.83
C LEU B 128 3.34 -32.62 12.04
N CYS B 129 3.43 -31.58 12.86
CA CYS B 129 4.71 -30.95 13.16
C CYS B 129 5.68 -31.94 13.81
N PRO B 130 6.99 -31.79 13.53
CA PRO B 130 8.02 -32.67 14.09
C PRO B 130 8.25 -32.39 15.57
N SER B 131 7.31 -32.84 16.38
CA SER B 131 7.40 -32.67 17.82
C SER B 131 8.39 -33.65 18.42
N GLY A 1 2.11 30.64 -2.40
CA GLY A 1 1.66 31.07 -1.06
C GLY A 1 0.15 30.90 -0.89
N LEU A 2 -0.59 31.97 -1.14
CA LEU A 2 -2.05 31.92 -1.01
C LEU A 2 -2.71 31.77 -2.38
N PRO A 3 -3.62 30.79 -2.51
CA PRO A 3 -4.34 30.54 -3.75
C PRO A 3 -5.37 31.62 -4.02
N LEU A 4 -5.46 32.08 -5.26
CA LEU A 4 -6.40 33.10 -5.64
C LEU A 4 -7.59 32.48 -6.37
N ASP A 5 -8.79 32.84 -5.94
CA ASP A 5 -10.02 32.34 -6.54
C ASP A 5 -10.17 30.83 -6.39
N GLU A 6 -9.86 30.35 -5.18
CA GLU A 6 -9.95 28.93 -4.84
C GLU A 6 -11.32 28.34 -5.19
N ARG A 7 -12.37 29.07 -4.83
CA ARG A 7 -13.74 28.60 -5.07
C ARG A 7 -14.05 28.57 -6.57
N ALA A 8 -13.50 29.53 -7.30
CA ALA A 8 -13.70 29.61 -8.74
C ALA A 8 -12.95 28.48 -9.44
N PHE A 9 -11.68 28.29 -9.08
CA PHE A 9 -10.84 27.25 -9.67
C PHE A 9 -11.47 25.86 -9.47
N GLU A 10 -11.70 25.50 -8.20
CA GLU A 10 -12.33 24.22 -7.85
C GLU A 10 -13.57 23.96 -8.70
N LYS A 11 -14.43 24.96 -8.82
CA LYS A 11 -15.65 24.82 -9.61
C LYS A 11 -15.36 24.68 -11.09
N THR A 12 -14.33 25.37 -11.56
CA THR A 12 -13.93 25.33 -12.96
C THR A 12 -13.33 23.97 -13.34
N LEU A 13 -12.36 23.51 -12.57
CA LEU A 13 -11.70 22.23 -12.81
C LEU A 13 -12.62 21.01 -12.67
N THR A 14 -13.85 21.21 -12.20
CA THR A 14 -14.78 20.11 -11.99
C THR A 14 -14.99 19.23 -13.25
N PRO A 15 -15.45 19.81 -14.39
CA PRO A 15 -15.65 19.07 -15.63
C PRO A 15 -14.40 18.34 -16.13
N ILE A 16 -13.27 19.03 -16.09
CA ILE A 16 -11.99 18.46 -16.52
C ILE A 16 -11.66 17.20 -15.71
N ILE A 17 -11.80 17.34 -14.40
CA ILE A 17 -11.55 16.22 -13.48
C ILE A 17 -12.29 14.97 -13.97
N GLN A 18 -13.57 15.12 -14.27
CA GLN A 18 -14.39 14.00 -14.75
C GLN A 18 -13.92 13.46 -16.10
N GLU A 19 -13.53 14.36 -17.00
CA GLU A 19 -13.08 13.97 -18.34
C GLU A 19 -11.91 12.99 -18.29
N TYR A 20 -10.86 13.36 -17.56
CA TYR A 20 -9.68 12.51 -17.40
C TYR A 20 -10.01 11.13 -16.81
N PHE A 21 -11.17 11.01 -16.20
CA PHE A 21 -11.57 9.73 -15.60
C PHE A 21 -12.45 8.92 -16.54
N GLU A 22 -13.42 9.59 -17.16
CA GLU A 22 -14.31 8.94 -18.10
C GLU A 22 -13.53 8.21 -19.19
N HIS A 23 -12.57 8.90 -19.79
CA HIS A 23 -11.76 8.32 -20.86
C HIS A 23 -10.27 8.41 -20.56
N GLY A 24 -9.79 9.61 -20.24
CA GLY A 24 -8.39 9.79 -19.94
C GLY A 24 -7.66 10.41 -21.12
N ASP A 25 -7.20 11.63 -20.95
CA ASP A 25 -6.49 12.34 -22.02
C ASP A 25 -5.58 13.41 -21.42
N THR A 26 -4.31 13.06 -21.23
CA THR A 26 -3.32 13.96 -20.66
C THR A 26 -3.17 15.25 -21.48
N ASN A 27 -3.22 15.13 -22.81
CA ASN A 27 -3.08 16.29 -23.69
C ASN A 27 -4.24 17.25 -23.50
N GLU A 28 -5.46 16.71 -23.58
CA GLU A 28 -6.68 17.48 -23.39
C GLU A 28 -6.60 18.37 -22.14
N VAL A 29 -6.05 17.81 -21.06
CA VAL A 29 -5.92 18.55 -19.82
C VAL A 29 -4.82 19.62 -19.94
N ALA A 30 -3.67 19.21 -20.45
CA ALA A 30 -2.52 20.10 -20.63
C ALA A 30 -2.89 21.39 -21.39
N GLU A 31 -3.51 21.23 -22.56
CA GLU A 31 -3.93 22.37 -23.37
C GLU A 31 -4.76 23.38 -22.58
N MET A 32 -5.67 22.88 -21.75
CA MET A 32 -6.54 23.74 -20.95
C MET A 32 -5.77 24.44 -19.83
N LEU A 33 -4.82 23.74 -19.23
CA LEU A 33 -4.01 24.30 -18.15
C LEU A 33 -3.19 25.48 -18.65
N ARG A 34 -2.86 25.44 -19.92
CA ARG A 34 -2.08 26.50 -20.54
C ARG A 34 -2.94 27.77 -20.62
N ASP A 35 -4.10 27.64 -21.26
CA ASP A 35 -5.05 28.76 -21.37
C ASP A 35 -5.34 29.38 -20.01
N LEU A 36 -5.43 28.54 -18.98
CA LEU A 36 -5.68 29.01 -17.61
C LEU A 36 -4.55 29.94 -17.20
N ASN A 37 -3.32 29.47 -17.40
CA ASN A 37 -2.11 30.23 -17.09
C ASN A 37 -2.09 30.75 -15.65
N LEU A 38 -2.00 29.84 -14.71
CA LEU A 38 -1.96 30.21 -13.30
C LEU A 38 -0.56 29.98 -12.74
N GLY A 39 -0.27 30.62 -11.61
CA GLY A 39 1.03 30.46 -10.98
C GLY A 39 0.99 29.41 -9.90
N GLU A 40 0.81 29.85 -8.65
CA GLU A 40 0.74 28.93 -7.52
C GLU A 40 -0.55 28.12 -7.56
N MET A 41 -1.52 28.64 -8.30
CA MET A 41 -2.81 27.96 -8.42
C MET A 41 -2.71 26.81 -9.42
N LYS A 42 -1.68 26.85 -10.25
CA LYS A 42 -1.44 25.83 -11.25
C LYS A 42 -0.85 24.58 -10.61
N SER A 43 -0.17 24.77 -9.49
CA SER A 43 0.46 23.67 -8.79
C SER A 43 -0.55 22.61 -8.32
N GLY A 44 -1.58 23.02 -7.57
CA GLY A 44 -2.55 22.06 -7.08
C GLY A 44 -3.58 21.57 -8.10
N VAL A 45 -3.27 21.69 -9.38
CA VAL A 45 -4.19 21.23 -10.42
C VAL A 45 -4.39 19.71 -10.34
N PRO A 46 -3.31 18.91 -10.43
CA PRO A 46 -3.40 17.45 -10.35
C PRO A 46 -3.94 17.03 -8.99
N VAL A 47 -3.38 17.60 -7.92
CA VAL A 47 -3.81 17.32 -6.56
C VAL A 47 -5.32 17.47 -6.40
N LEU A 48 -5.89 18.46 -7.08
CA LEU A 48 -7.32 18.70 -7.00
C LEU A 48 -8.06 17.59 -7.71
N ALA A 49 -7.51 17.16 -8.85
CA ALA A 49 -8.10 16.11 -9.66
C ALA A 49 -7.96 14.74 -9.02
N VAL A 50 -6.92 14.55 -8.21
CA VAL A 50 -6.69 13.22 -7.65
C VAL A 50 -7.55 13.03 -6.40
N SER A 51 -7.25 13.89 -5.42
CA SER A 51 -7.93 13.90 -4.13
C SER A 51 -9.44 13.88 -4.26
N LEU A 52 -9.98 14.59 -5.26
CA LEU A 52 -11.42 14.63 -5.43
C LEU A 52 -11.97 13.22 -5.70
N ALA A 53 -11.29 12.50 -6.58
CA ALA A 53 -11.64 11.15 -7.01
C ALA A 53 -11.19 10.05 -6.04
N LEU A 54 -10.45 10.42 -5.00
CA LEU A 54 -9.90 9.41 -4.06
C LEU A 54 -10.99 8.63 -3.31
N GLU A 55 -12.24 8.85 -3.70
CA GLU A 55 -13.35 8.18 -3.03
C GLU A 55 -14.27 7.43 -4.01
N GLY A 56 -13.81 7.15 -5.23
CA GLY A 56 -14.67 6.47 -6.19
C GLY A 56 -14.20 5.06 -6.52
N LYS A 57 -13.25 4.95 -7.44
CA LYS A 57 -12.75 3.64 -7.85
C LYS A 57 -11.23 3.56 -7.78
N ALA A 58 -10.70 2.39 -7.43
CA ALA A 58 -9.26 2.18 -7.34
C ALA A 58 -8.57 2.48 -8.66
N SER A 59 -9.12 1.92 -9.75
CA SER A 59 -8.58 2.10 -11.08
C SER A 59 -8.50 3.58 -11.44
N HIS A 60 -9.50 4.33 -11.02
CA HIS A 60 -9.53 5.78 -11.29
C HIS A 60 -8.29 6.46 -10.73
N ARG A 61 -8.03 6.27 -9.44
CA ARG A 61 -6.86 6.86 -8.77
C ARG A 61 -5.60 6.29 -9.37
N GLU A 62 -5.64 4.98 -9.57
CA GLU A 62 -4.53 4.25 -10.17
C GLU A 62 -4.08 4.96 -11.46
N MET A 63 -5.05 5.37 -12.28
CA MET A 63 -4.77 6.09 -13.54
C MET A 63 -4.43 7.56 -13.35
N THR A 64 -4.75 8.08 -12.18
CA THR A 64 -4.53 9.47 -11.85
C THR A 64 -3.06 9.81 -11.72
N SER A 65 -2.22 8.78 -11.62
CA SER A 65 -0.80 9.06 -11.39
C SER A 65 -0.12 9.57 -12.65
N LYS A 66 -0.59 9.08 -13.79
CA LYS A 66 -0.01 9.46 -15.09
C LYS A 66 -0.17 10.95 -15.39
N LEU A 67 -1.22 11.59 -14.85
CA LEU A 67 -1.45 13.00 -15.10
C LEU A 67 -0.25 13.84 -14.67
N LEU A 68 0.14 13.71 -13.40
CA LEU A 68 1.28 14.43 -12.86
C LEU A 68 2.53 14.01 -13.60
N SER A 69 2.67 12.70 -13.74
CA SER A 69 3.79 12.07 -14.41
C SER A 69 4.04 12.70 -15.80
N ASP A 70 3.00 12.77 -16.62
CA ASP A 70 3.12 13.30 -17.97
C ASP A 70 3.24 14.82 -18.01
N LEU A 71 2.45 15.48 -17.18
CA LEU A 71 2.43 16.93 -17.11
C LEU A 71 3.60 17.53 -16.35
N CYS A 72 4.50 16.69 -15.87
CA CYS A 72 5.63 17.18 -15.10
C CYS A 72 6.86 17.37 -15.99
N GLY A 73 6.88 18.46 -16.72
CA GLY A 73 7.99 18.75 -17.60
C GLY A 73 7.71 19.95 -18.47
N THR A 74 6.53 19.99 -19.04
CA THR A 74 6.13 21.09 -19.90
C THR A 74 5.24 22.08 -19.15
N VAL A 75 3.95 21.73 -19.04
CA VAL A 75 2.98 22.57 -18.35
C VAL A 75 3.35 22.77 -16.88
N MET A 76 3.29 21.72 -16.11
CA MET A 76 3.64 21.78 -14.70
C MET A 76 5.13 21.52 -14.53
N SER A 77 5.76 22.22 -13.60
CA SER A 77 7.18 22.06 -13.36
C SER A 77 7.43 21.05 -12.24
N THR A 78 8.69 20.90 -11.86
CA THR A 78 9.05 19.98 -10.80
C THR A 78 8.70 20.64 -9.47
N THR A 79 8.84 21.97 -9.45
CA THR A 79 8.54 22.75 -8.27
C THR A 79 7.06 22.59 -7.88
N ASP A 80 6.16 22.86 -8.84
CA ASP A 80 4.73 22.70 -8.60
C ASP A 80 4.39 21.38 -7.92
N VAL A 81 4.89 20.28 -8.48
CA VAL A 81 4.62 18.96 -7.90
C VAL A 81 5.14 18.88 -6.47
N GLU A 82 6.35 19.38 -6.28
CA GLU A 82 6.98 19.37 -4.99
C GLU A 82 6.22 20.20 -3.94
N LYS A 83 5.61 21.34 -4.34
CA LYS A 83 4.89 22.18 -3.39
C LYS A 83 3.54 21.60 -3.00
N SER A 84 2.67 21.38 -4.00
CA SER A 84 1.33 20.82 -3.80
C SER A 84 1.25 19.65 -2.84
N PHE A 85 2.36 19.02 -2.54
CA PHE A 85 2.35 17.91 -1.61
C PHE A 85 2.02 18.41 -0.19
N ASP A 86 2.46 19.64 0.11
CA ASP A 86 2.21 20.22 1.43
C ASP A 86 0.70 20.42 1.64
N LYS A 87 0.07 21.18 0.74
CA LYS A 87 -1.37 21.42 0.81
C LYS A 87 -2.17 20.13 0.83
N LEU A 88 -1.70 19.13 0.09
CA LEU A 88 -2.36 17.83 0.04
C LEU A 88 -2.29 17.15 1.40
N LEU A 89 -1.14 17.29 2.02
CA LEU A 89 -0.90 16.70 3.33
C LEU A 89 -1.72 17.39 4.42
N LYS A 90 -2.00 18.69 4.26
CA LYS A 90 -2.77 19.42 5.26
C LYS A 90 -4.23 19.01 5.22
N ASP A 91 -4.89 19.21 4.09
CA ASP A 91 -6.29 18.80 3.92
C ASP A 91 -6.55 17.33 4.26
N LEU A 92 -5.51 16.50 4.25
CA LEU A 92 -5.62 15.08 4.57
C LEU A 92 -6.52 14.77 5.80
N PRO A 93 -6.21 15.28 7.01
CA PRO A 93 -7.04 15.04 8.20
C PRO A 93 -8.46 15.56 8.04
N GLU A 94 -8.63 16.63 7.25
CA GLU A 94 -9.94 17.20 7.02
C GLU A 94 -10.80 16.22 6.24
N LEU A 95 -10.18 15.59 5.26
CA LEU A 95 -10.84 14.62 4.41
C LEU A 95 -10.87 13.24 5.04
N ALA A 96 -10.08 13.03 6.10
CA ALA A 96 -10.02 11.74 6.77
C ALA A 96 -11.41 11.18 7.08
N LEU A 97 -12.23 11.91 7.84
CA LEU A 97 -13.60 11.46 8.12
C LEU A 97 -14.49 11.39 6.88
N ASP A 98 -14.05 11.97 5.78
CA ASP A 98 -14.87 12.01 4.57
C ASP A 98 -14.58 10.78 3.71
N THR A 99 -13.86 9.84 4.33
CA THR A 99 -13.42 8.56 3.74
C THR A 99 -11.99 8.26 4.21
N PRO A 100 -11.84 7.49 5.32
CA PRO A 100 -10.53 7.14 5.89
C PRO A 100 -9.61 6.49 4.86
N ARG A 101 -10.23 5.95 3.84
CA ARG A 101 -9.49 5.31 2.75
C ARG A 101 -8.50 6.29 2.12
N ALA A 102 -8.99 7.48 1.73
CA ALA A 102 -8.15 8.52 1.13
C ALA A 102 -6.79 8.74 1.83
N PRO A 103 -6.76 9.07 3.15
CA PRO A 103 -5.50 9.27 3.88
C PRO A 103 -4.54 8.11 3.72
N GLN A 104 -5.07 6.89 3.75
CA GLN A 104 -4.27 5.68 3.58
C GLN A 104 -3.73 5.58 2.17
N LEU A 105 -4.62 5.82 1.20
CA LEU A 105 -4.27 5.76 -0.22
C LEU A 105 -3.08 6.65 -0.56
N VAL A 106 -3.19 7.93 -0.20
CA VAL A 106 -2.12 8.91 -0.43
C VAL A 106 -0.69 8.39 -0.17
N GLY A 107 -0.51 7.39 0.69
CA GLY A 107 0.83 6.89 0.92
C GLY A 107 1.43 6.30 -0.35
N GLN A 108 0.59 5.66 -1.16
CA GLN A 108 1.02 5.05 -2.41
C GLN A 108 1.38 6.11 -3.44
N PHE A 109 0.63 7.20 -3.44
CA PHE A 109 0.85 8.30 -4.37
C PHE A 109 2.17 9.00 -4.07
N ILE A 110 2.60 8.92 -2.82
CA ILE A 110 3.85 9.54 -2.42
C ILE A 110 5.03 8.67 -2.88
N ALA A 111 4.85 7.35 -2.77
CA ALA A 111 5.88 6.39 -3.16
C ALA A 111 6.10 6.40 -4.67
N ARG A 112 5.00 6.29 -5.41
CA ARG A 112 5.02 6.29 -6.87
C ARG A 112 5.53 7.62 -7.44
N ALA A 113 5.58 8.61 -6.56
CA ALA A 113 5.99 9.95 -6.97
C ALA A 113 7.52 10.04 -7.05
N VAL A 114 8.18 9.20 -6.28
CA VAL A 114 9.62 9.18 -6.18
C VAL A 114 10.35 8.70 -7.44
N GLY A 115 9.99 7.52 -7.97
CA GLY A 115 10.70 7.02 -9.14
C GLY A 115 10.41 7.85 -10.37
N ASP A 116 9.13 8.10 -10.60
CA ASP A 116 8.68 8.93 -11.73
C ASP A 116 9.44 10.26 -11.82
N GLY A 117 9.97 10.72 -10.70
CA GLY A 117 10.72 11.96 -10.69
C GLY A 117 9.94 13.12 -10.12
N ILE A 118 8.66 13.19 -10.50
CA ILE A 118 7.72 14.21 -10.05
C ILE A 118 8.05 14.81 -8.67
N LEU A 119 8.24 13.96 -7.68
CA LEU A 119 8.58 14.42 -6.35
C LEU A 119 9.90 13.83 -5.88
N CYS A 120 10.78 14.69 -5.35
CA CYS A 120 12.07 14.25 -4.86
C CYS A 120 11.91 13.43 -3.57
N ASN A 121 12.79 12.45 -3.40
CA ASN A 121 12.76 11.58 -2.22
C ASN A 121 13.11 12.31 -0.93
N THR A 122 13.62 13.54 -1.07
CA THR A 122 14.02 14.35 0.08
C THR A 122 12.87 14.52 1.06
N TYR A 123 11.68 14.86 0.55
CA TYR A 123 10.46 15.04 1.35
C TYR A 123 10.29 13.99 2.44
N ILE A 124 10.64 12.74 2.15
CA ILE A 124 10.52 11.68 3.15
C ILE A 124 11.26 12.05 4.43
N ASP A 125 12.53 12.41 4.28
CA ASP A 125 13.38 12.81 5.41
C ASP A 125 13.09 14.23 5.87
N SER A 126 12.82 15.14 4.92
CA SER A 126 12.56 16.54 5.24
C SER A 126 11.36 16.72 6.17
N TYR A 127 10.40 15.82 6.08
CA TYR A 127 9.22 15.87 6.94
C TYR A 127 9.23 14.70 7.93
N LYS A 128 10.43 14.23 8.27
CA LYS A 128 10.61 13.09 9.16
C LYS A 128 10.68 13.44 10.65
N GLY A 129 9.82 14.33 11.09
CA GLY A 129 9.83 14.71 12.49
C GLY A 129 9.45 16.16 12.65
N THR A 130 9.42 16.81 11.52
CA THR A 130 9.07 18.20 11.42
C THR A 130 7.56 18.35 11.28
N VAL A 131 6.85 17.23 11.39
CA VAL A 131 5.40 17.23 11.26
C VAL A 131 4.73 17.00 12.62
N ASP A 132 3.92 17.96 13.01
CA ASP A 132 3.19 17.88 14.28
C ASP A 132 1.88 17.11 14.07
N CYS A 133 1.40 17.13 12.83
CA CYS A 133 0.18 16.46 12.45
C CYS A 133 0.26 14.94 12.62
N VAL A 134 -0.86 14.34 13.01
CA VAL A 134 -0.92 12.90 13.22
C VAL A 134 -1.15 12.13 11.92
N GLN A 135 -2.03 12.67 11.07
CA GLN A 135 -2.44 12.05 9.84
C GLN A 135 -1.39 12.08 8.72
N ALA A 136 -0.68 13.19 8.57
CA ALA A 136 0.30 13.29 7.48
C ALA A 136 1.38 12.22 7.63
N ARG A 137 2.20 12.36 8.68
CA ARG A 137 3.22 11.35 8.96
C ARG A 137 2.67 9.92 8.96
N ALA A 138 1.35 9.76 9.22
CA ALA A 138 0.76 8.45 9.21
C ALA A 138 0.81 7.89 7.79
N ALA A 139 0.48 8.74 6.80
CA ALA A 139 0.48 8.34 5.39
C ALA A 139 1.90 8.34 4.82
N LEU A 140 2.64 9.37 5.17
CA LEU A 140 4.04 9.57 4.76
C LEU A 140 4.94 8.38 5.10
N ASP A 141 4.45 7.56 6.00
CA ASP A 141 5.27 6.42 6.44
C ASP A 141 5.10 5.22 5.52
N LYS A 142 3.95 5.22 4.85
CA LYS A 142 3.55 4.13 3.96
C LYS A 142 4.31 4.11 2.65
N ALA A 143 4.70 5.26 2.11
CA ALA A 143 5.39 5.27 0.83
C ALA A 143 6.66 4.43 0.87
N THR A 144 7.58 4.79 1.77
CA THR A 144 8.80 4.00 1.94
C THR A 144 8.50 2.51 2.19
N VAL A 145 7.32 2.24 2.71
CA VAL A 145 6.90 0.86 3.00
C VAL A 145 6.64 0.13 1.69
N LEU A 146 5.98 0.79 0.77
CA LEU A 146 5.65 0.21 -0.52
C LEU A 146 6.88 0.19 -1.43
N LEU A 147 7.72 1.21 -1.28
CA LEU A 147 8.94 1.31 -2.05
C LEU A 147 9.84 0.12 -1.77
N SER A 148 9.79 -0.38 -0.54
CA SER A 148 10.59 -1.52 -0.14
C SER A 148 10.20 -2.77 -0.93
N MET A 149 8.96 -2.80 -1.41
CA MET A 149 8.46 -3.93 -2.18
C MET A 149 8.84 -3.77 -3.65
N SER A 150 8.45 -2.64 -4.24
CA SER A 150 8.74 -2.35 -5.64
C SER A 150 10.24 -2.29 -5.92
N LYS A 151 11.00 -1.80 -4.96
CA LYS A 151 12.44 -1.69 -5.10
C LYS A 151 13.13 -2.82 -4.34
N GLY A 152 12.37 -3.88 -4.08
CA GLY A 152 12.91 -5.00 -3.36
C GLY A 152 13.20 -6.18 -4.27
N GLY A 153 12.15 -6.85 -4.71
CA GLY A 153 12.32 -7.99 -5.59
C GLY A 153 11.29 -8.03 -6.69
N LYS A 154 11.69 -7.66 -7.89
CA LYS A 154 10.79 -7.68 -9.04
C LYS A 154 10.76 -9.08 -9.65
N ARG A 155 10.10 -9.99 -8.94
CA ARG A 155 9.99 -11.38 -9.38
C ARG A 155 8.67 -11.64 -10.07
N LYS A 156 7.58 -11.31 -9.39
CA LYS A 156 6.24 -11.52 -9.93
C LYS A 156 5.49 -10.21 -10.06
N ASP A 157 6.23 -9.11 -9.96
CA ASP A 157 5.64 -7.77 -10.06
C ASP A 157 5.47 -7.33 -11.51
N SER A 158 6.21 -7.97 -12.40
CA SER A 158 6.16 -7.64 -13.82
C SER A 158 4.96 -8.27 -14.51
N VAL A 159 3.80 -8.20 -13.86
CA VAL A 159 2.57 -8.76 -14.40
C VAL A 159 1.50 -7.69 -14.57
N TRP A 160 1.89 -6.44 -14.33
CA TRP A 160 0.96 -5.33 -14.45
C TRP A 160 0.69 -4.99 -15.92
N GLY A 161 -0.52 -5.26 -16.37
CA GLY A 161 -0.87 -4.99 -17.75
C GLY A 161 -0.92 -6.28 -18.55
N SER A 162 -0.72 -7.39 -17.85
CA SER A 162 -0.75 -8.70 -18.45
C SER A 162 -1.77 -9.58 -17.72
N GLY A 163 -2.42 -10.45 -18.47
CA GLY A 163 -3.41 -11.33 -17.88
C GLY A 163 -4.72 -11.26 -18.62
N GLY B 1 -7.74 -11.93 -19.53
CA GLY B 1 -8.42 -10.99 -20.46
C GLY B 1 -9.65 -10.37 -19.85
N GLY B 2 -10.75 -10.36 -20.59
CA GLY B 2 -11.98 -9.80 -20.08
C GLY B 2 -12.15 -8.34 -20.48
N GLN B 3 -12.23 -7.48 -19.49
CA GLN B 3 -12.40 -6.06 -19.73
C GLN B 3 -11.11 -5.30 -19.44
N GLN B 4 -10.61 -5.49 -18.23
CA GLN B 4 -9.39 -4.84 -17.79
C GLN B 4 -8.79 -5.65 -16.65
N PRO B 5 -7.76 -6.46 -16.94
CA PRO B 5 -7.09 -7.28 -15.93
C PRO B 5 -6.52 -6.42 -14.80
N VAL B 6 -7.23 -6.38 -13.68
CA VAL B 6 -6.81 -5.60 -12.53
C VAL B 6 -5.60 -6.24 -11.85
N ASN B 7 -5.06 -5.55 -10.86
CA ASN B 7 -3.89 -6.03 -10.12
C ASN B 7 -4.14 -7.42 -9.54
N HIS B 8 -3.09 -8.23 -9.49
CA HIS B 8 -3.20 -9.59 -8.97
C HIS B 8 -1.83 -10.08 -8.49
N LEU B 9 -1.87 -11.10 -7.63
CA LEU B 9 -0.67 -11.71 -7.06
C LEU B 9 0.09 -10.79 -6.08
N VAL B 10 0.84 -9.85 -6.60
CA VAL B 10 1.63 -8.96 -5.78
C VAL B 10 0.92 -7.64 -5.48
N LYS B 11 1.66 -6.73 -4.85
CA LYS B 11 1.17 -5.40 -4.49
C LYS B 11 0.20 -5.39 -3.30
N GLU B 12 -0.56 -6.46 -3.13
CA GLU B 12 -1.52 -6.54 -2.03
C GLU B 12 -1.02 -7.40 -0.88
N ILE B 13 -0.63 -8.63 -1.18
CA ILE B 13 -0.14 -9.57 -0.16
C ILE B 13 1.05 -9.00 0.61
N ASP B 14 2.12 -8.67 -0.11
CA ASP B 14 3.32 -8.12 0.51
C ASP B 14 3.05 -6.79 1.20
N MET B 15 2.10 -6.04 0.66
CA MET B 15 1.75 -4.74 1.20
C MET B 15 1.30 -4.84 2.65
N LEU B 16 0.44 -5.83 2.91
CA LEU B 16 -0.07 -6.05 4.26
C LEU B 16 1.05 -6.40 5.22
N LEU B 17 2.01 -7.17 4.73
CA LEU B 17 3.15 -7.59 5.52
C LEU B 17 4.05 -6.39 5.83
N LYS B 18 4.30 -5.58 4.80
CA LYS B 18 5.14 -4.41 4.95
C LYS B 18 4.46 -3.36 5.83
N GLU B 19 3.15 -3.18 5.63
CA GLU B 19 2.37 -2.23 6.40
C GLU B 19 2.40 -2.58 7.88
N TYR B 20 2.00 -3.80 8.19
CA TYR B 20 1.98 -4.28 9.57
C TYR B 20 3.36 -4.14 10.24
N LEU B 21 4.40 -4.27 9.43
CA LEU B 21 5.76 -4.17 9.93
C LEU B 21 6.12 -2.75 10.40
N LEU B 22 5.70 -1.74 9.63
CA LEU B 22 6.01 -0.35 9.97
C LEU B 22 4.92 0.33 10.80
N SER B 23 3.68 -0.09 10.65
CA SER B 23 2.59 0.53 11.37
C SER B 23 2.20 -0.33 12.58
N GLY B 24 1.34 -1.31 12.36
CA GLY B 24 0.93 -2.17 13.44
C GLY B 24 -0.58 -2.19 13.66
N ASP B 25 -1.34 -1.67 12.70
CA ASP B 25 -2.80 -1.66 12.82
C ASP B 25 -3.43 -2.84 12.11
N ILE B 26 -3.73 -3.89 12.87
CA ILE B 26 -4.36 -5.09 12.33
C ILE B 26 -5.74 -4.82 11.71
N SER B 27 -6.43 -3.79 12.20
CA SER B 27 -7.77 -3.47 11.70
C SER B 27 -7.73 -3.23 10.18
N GLU B 28 -6.93 -2.28 9.75
CA GLU B 28 -6.80 -2.00 8.33
C GLU B 28 -6.20 -3.17 7.56
N ALA B 29 -5.37 -3.97 8.24
CA ALA B 29 -4.77 -5.14 7.62
C ALA B 29 -5.86 -6.14 7.26
N GLU B 30 -6.79 -6.36 8.18
CA GLU B 30 -7.90 -7.28 7.96
C GLU B 30 -8.82 -6.73 6.86
N HIS B 31 -9.09 -5.44 6.95
CA HIS B 31 -9.97 -4.75 6.00
C HIS B 31 -9.49 -4.94 4.57
N CYS B 32 -8.24 -4.59 4.32
CA CYS B 32 -7.66 -4.72 3.00
C CYS B 32 -7.67 -6.16 2.50
N LEU B 33 -7.48 -7.11 3.41
CA LEU B 33 -7.46 -8.53 3.06
C LEU B 33 -8.85 -9.05 2.69
N LYS B 34 -9.87 -8.64 3.44
CA LYS B 34 -11.24 -9.09 3.17
C LYS B 34 -11.71 -8.58 1.82
N GLU B 35 -11.31 -7.36 1.49
CA GLU B 35 -11.64 -6.72 0.21
C GLU B 35 -11.23 -7.53 -1.04
N LEU B 36 -10.59 -8.68 -0.84
CA LEU B 36 -10.20 -9.55 -1.95
C LEU B 36 -11.42 -10.23 -2.58
N GLU B 37 -11.31 -11.49 -2.98
CA GLU B 37 -12.44 -12.16 -3.61
C GLU B 37 -12.56 -13.65 -3.24
N VAL B 38 -11.51 -14.42 -3.50
CA VAL B 38 -11.54 -15.85 -3.19
C VAL B 38 -10.89 -16.16 -1.84
N PRO B 39 -11.64 -16.81 -0.95
CA PRO B 39 -11.15 -17.17 0.39
C PRO B 39 -10.06 -18.24 0.34
N HIS B 40 -10.21 -19.19 -0.57
CA HIS B 40 -9.25 -20.28 -0.73
C HIS B 40 -7.88 -19.76 -1.15
N PHE B 41 -7.88 -18.62 -1.85
CA PHE B 41 -6.64 -18.01 -2.35
C PHE B 41 -5.91 -17.28 -1.22
N HIS B 42 -6.57 -17.18 -0.08
CA HIS B 42 -6.00 -16.51 1.08
C HIS B 42 -4.94 -17.36 1.77
N HIS B 43 -4.68 -18.53 1.21
CA HIS B 43 -3.74 -19.48 1.79
C HIS B 43 -2.30 -18.96 1.83
N GLU B 44 -1.79 -18.49 0.68
CA GLU B 44 -0.43 -17.97 0.58
C GLU B 44 -0.09 -17.01 1.70
N LEU B 45 -0.91 -15.97 1.87
CA LEU B 45 -0.69 -14.96 2.90
C LEU B 45 -0.61 -15.58 4.29
N VAL B 46 -1.27 -16.72 4.47
CA VAL B 46 -1.30 -17.39 5.75
C VAL B 46 0.11 -17.74 6.21
N TYR B 47 0.80 -18.58 5.45
CA TYR B 47 2.13 -19.01 5.80
C TYR B 47 3.23 -18.08 5.33
N GLU B 48 2.95 -17.31 4.27
CA GLU B 48 3.92 -16.38 3.70
C GLU B 48 4.68 -15.60 4.77
N ALA B 49 3.96 -15.04 5.73
CA ALA B 49 4.54 -14.24 6.83
C ALA B 49 5.04 -15.13 7.95
N ILE B 50 4.54 -16.36 7.98
CA ILE B 50 4.83 -17.27 9.08
C ILE B 50 6.33 -17.48 9.30
N VAL B 51 7.01 -17.93 8.26
CA VAL B 51 8.45 -18.15 8.32
C VAL B 51 9.20 -16.85 8.16
N MET B 52 8.48 -15.82 7.74
CA MET B 52 9.10 -14.53 7.49
C MET B 52 9.86 -14.08 8.71
N VAL B 53 9.24 -14.19 9.89
CA VAL B 53 9.89 -13.86 11.14
C VAL B 53 11.20 -14.60 11.37
N LEU B 54 11.33 -15.82 10.85
CA LEU B 54 12.55 -16.58 11.11
C LEU B 54 13.58 -16.19 10.07
N GLU B 55 13.12 -15.50 9.04
CA GLU B 55 13.99 -15.04 7.97
C GLU B 55 14.71 -13.78 8.42
N SER B 56 14.13 -13.11 9.42
CA SER B 56 14.71 -11.90 9.97
C SER B 56 15.48 -12.27 11.25
N THR B 57 15.36 -11.45 12.30
CA THR B 57 16.06 -11.71 13.56
C THR B 57 15.61 -10.74 14.64
N GLY B 58 14.47 -11.01 15.26
CA GLY B 58 13.97 -10.13 16.31
C GLY B 58 12.63 -10.56 16.85
N GLU B 59 12.26 -10.01 18.00
CA GLU B 59 10.99 -10.36 18.63
C GLU B 59 9.89 -9.38 18.21
N SER B 60 10.30 -8.28 17.59
CA SER B 60 9.37 -7.27 17.12
C SER B 60 8.37 -7.91 16.17
N ALA B 61 8.90 -8.58 15.18
CA ALA B 61 8.11 -9.29 14.19
C ALA B 61 7.38 -10.47 14.80
N PHE B 62 7.84 -10.96 15.97
CA PHE B 62 7.20 -12.14 16.57
C PHE B 62 5.98 -11.61 17.29
N LYS B 63 6.09 -10.33 17.50
CA LYS B 63 5.05 -9.59 18.11
C LYS B 63 4.00 -9.12 17.13
N MET B 64 4.43 -8.32 16.15
CA MET B 64 3.49 -7.73 15.21
C MET B 64 2.92 -8.68 14.19
N ILE B 65 3.78 -9.27 13.36
CA ILE B 65 3.33 -10.18 12.30
C ILE B 65 2.71 -11.46 12.80
N LEU B 66 2.98 -11.83 14.03
CA LEU B 66 2.49 -13.08 14.58
C LEU B 66 1.01 -12.92 14.89
N ASP B 67 0.66 -11.69 15.29
CA ASP B 67 -0.72 -11.34 15.64
C ASP B 67 -1.62 -11.34 14.41
N LEU B 68 -1.02 -11.27 13.23
CA LEU B 68 -1.76 -11.23 11.97
C LEU B 68 -2.85 -12.31 11.91
N LEU B 69 -2.46 -13.58 12.00
CA LEU B 69 -3.44 -14.66 11.97
C LEU B 69 -4.34 -14.62 13.21
N LYS B 70 -3.71 -14.30 14.32
CA LYS B 70 -4.40 -14.17 15.60
C LYS B 70 -5.59 -13.24 15.49
N SER B 71 -5.38 -12.06 14.92
CA SER B 71 -6.43 -11.07 14.75
C SER B 71 -7.43 -11.48 13.67
N LEU B 72 -6.95 -12.10 12.60
CA LEU B 72 -7.82 -12.55 11.52
C LEU B 72 -8.82 -13.57 12.07
N TRP B 73 -8.30 -14.62 12.72
CA TRP B 73 -9.13 -15.64 13.36
C TRP B 73 -10.15 -15.02 14.33
N LYS B 74 -9.85 -13.81 14.76
CA LYS B 74 -10.74 -13.09 15.68
C LYS B 74 -12.03 -12.75 14.95
N SER B 75 -11.91 -12.21 13.75
CA SER B 75 -13.07 -11.88 12.93
C SER B 75 -13.40 -13.06 12.00
N SER B 76 -12.80 -14.20 12.30
CA SER B 76 -12.99 -15.44 11.54
C SER B 76 -12.64 -15.29 10.05
N THR B 77 -11.47 -14.72 9.77
CA THR B 77 -11.03 -14.54 8.39
C THR B 77 -10.43 -15.84 7.83
N ILE B 78 -9.24 -16.20 8.30
CA ILE B 78 -8.55 -17.40 7.84
C ILE B 78 -9.32 -18.68 8.16
N THR B 79 -9.53 -19.48 7.12
CA THR B 79 -10.19 -20.76 7.25
C THR B 79 -9.17 -21.80 7.72
N ILE B 80 -9.65 -22.82 8.43
CA ILE B 80 -8.76 -23.85 8.95
C ILE B 80 -8.04 -24.60 7.82
N ASP B 81 -8.71 -24.77 6.68
CA ASP B 81 -8.13 -25.47 5.53
C ASP B 81 -6.87 -24.75 5.07
N GLN B 82 -7.02 -23.47 4.75
CA GLN B 82 -5.89 -22.65 4.32
C GLN B 82 -4.80 -22.56 5.38
N MET B 83 -5.24 -22.57 6.64
CA MET B 83 -4.33 -22.50 7.78
C MET B 83 -3.49 -23.76 7.86
N LYS B 84 -4.18 -24.91 7.88
CA LYS B 84 -3.51 -26.21 7.94
C LYS B 84 -2.54 -26.41 6.79
N ARG B 85 -3.01 -26.18 5.56
CA ARG B 85 -2.17 -26.35 4.37
C ARG B 85 -0.92 -25.50 4.50
N GLY B 86 -1.09 -24.23 4.89
CA GLY B 86 0.04 -23.35 5.09
C GLY B 86 1.07 -23.91 6.06
N TYR B 87 0.60 -24.36 7.22
CA TYR B 87 1.48 -24.92 8.22
C TYR B 87 2.13 -26.20 7.74
N GLU B 88 1.32 -27.08 7.13
CA GLU B 88 1.80 -28.34 6.60
C GLU B 88 2.93 -28.13 5.60
N ARG B 89 2.86 -27.04 4.85
CA ARG B 89 3.90 -26.71 3.88
C ARG B 89 5.19 -26.30 4.59
N ILE B 90 5.05 -25.64 5.73
CA ILE B 90 6.21 -25.19 6.51
C ILE B 90 7.13 -26.35 6.81
N TYR B 91 6.54 -27.47 7.23
CA TYR B 91 7.30 -28.67 7.56
C TYR B 91 8.06 -29.19 6.35
N ASN B 92 7.56 -28.88 5.17
CA ASN B 92 8.20 -29.30 3.92
C ASN B 92 9.30 -28.31 3.53
N GLU B 93 9.09 -27.06 3.91
CA GLU B 93 10.06 -26.02 3.62
C GLU B 93 11.24 -26.07 4.59
N ILE B 94 11.00 -26.63 5.77
CA ILE B 94 12.02 -26.76 6.81
C ILE B 94 13.36 -27.31 6.30
N PRO B 95 13.36 -28.50 5.66
CA PRO B 95 14.60 -29.10 5.13
C PRO B 95 15.33 -28.19 4.14
N ASP B 96 14.55 -27.39 3.40
CA ASP B 96 15.12 -26.47 2.41
C ASP B 96 15.72 -25.24 3.08
N ILE B 97 14.95 -24.63 3.97
CA ILE B 97 15.38 -23.43 4.67
C ILE B 97 16.52 -23.72 5.65
N ASN B 98 16.43 -24.86 6.32
CA ASN B 98 17.45 -25.26 7.30
C ASN B 98 18.65 -25.93 6.64
N LEU B 99 18.37 -26.94 5.82
CA LEU B 99 19.42 -27.71 5.14
C LEU B 99 20.40 -28.30 6.16
N ASP B 100 19.89 -29.24 6.95
CA ASP B 100 20.65 -29.91 8.00
C ASP B 100 20.96 -28.94 9.15
N VAL B 101 21.37 -29.49 10.29
CA VAL B 101 21.68 -28.67 11.47
C VAL B 101 20.52 -27.70 11.77
N PRO B 102 19.36 -28.25 12.18
CA PRO B 102 18.18 -27.45 12.45
C PRO B 102 18.20 -26.83 13.83
N HIS B 103 18.52 -25.54 13.90
CA HIS B 103 18.57 -24.82 15.17
C HIS B 103 17.32 -23.98 15.35
N SER B 104 16.55 -23.83 14.28
CA SER B 104 15.33 -23.04 14.31
C SER B 104 14.19 -23.80 14.98
N TYR B 105 14.52 -24.98 15.51
CA TYR B 105 13.55 -25.85 16.17
C TYR B 105 12.88 -25.14 17.34
N SER B 106 13.59 -24.27 18.03
CA SER B 106 13.02 -23.56 19.18
C SER B 106 11.97 -22.55 18.70
N VAL B 107 12.39 -21.62 17.83
CA VAL B 107 11.46 -20.65 17.27
C VAL B 107 10.25 -21.34 16.65
N LEU B 108 10.49 -22.46 15.98
CA LEU B 108 9.41 -23.22 15.35
C LEU B 108 8.49 -23.84 16.41
N GLU B 109 9.07 -24.61 17.31
CA GLU B 109 8.32 -25.27 18.38
C GLU B 109 7.47 -24.28 19.16
N ARG B 110 8.05 -23.15 19.53
CA ARG B 110 7.32 -22.13 20.28
C ARG B 110 6.20 -21.54 19.43
N PHE B 111 6.56 -21.04 18.25
CA PHE B 111 5.61 -20.49 17.31
C PHE B 111 4.44 -21.45 17.07
N VAL B 112 4.75 -22.74 16.96
CA VAL B 112 3.74 -23.76 16.75
C VAL B 112 2.89 -24.00 17.99
N GLU B 113 3.55 -24.13 19.14
CA GLU B 113 2.84 -24.38 20.40
C GLU B 113 1.86 -23.25 20.75
N GLU B 114 2.27 -21.99 20.56
CA GLU B 114 1.40 -20.86 20.85
C GLU B 114 0.13 -20.94 20.00
N CYS B 115 0.33 -21.00 18.69
CA CYS B 115 -0.78 -21.13 17.75
C CYS B 115 -1.71 -22.30 18.14
N PHE B 116 -1.14 -23.34 18.73
CA PHE B 116 -1.93 -24.48 19.18
C PHE B 116 -2.69 -24.12 20.45
N GLN B 117 -1.98 -23.44 21.35
CA GLN B 117 -2.55 -22.99 22.61
C GLN B 117 -3.82 -22.20 22.37
N ALA B 118 -3.73 -21.17 21.52
CA ALA B 118 -4.90 -20.33 21.19
C ALA B 118 -6.09 -21.11 20.60
N GLY B 119 -5.92 -22.41 20.35
CA GLY B 119 -7.01 -23.22 19.83
C GLY B 119 -7.12 -23.21 18.32
N ILE B 120 -6.98 -22.02 17.75
CA ILE B 120 -7.04 -21.79 16.29
C ILE B 120 -6.60 -22.99 15.44
N ILE B 121 -5.51 -23.66 15.82
CA ILE B 121 -5.06 -24.84 15.08
C ILE B 121 -5.36 -26.12 15.88
N SER B 122 -5.93 -27.09 15.19
CA SER B 122 -6.27 -28.37 15.81
C SER B 122 -5.04 -29.23 16.13
N LYS B 123 -5.25 -30.25 16.96
CA LYS B 123 -4.17 -31.16 17.37
C LYS B 123 -3.51 -31.84 16.17
N GLN B 124 -4.29 -32.11 15.15
CA GLN B 124 -3.79 -32.76 13.94
C GLN B 124 -2.65 -31.98 13.30
N LEU B 125 -2.72 -30.65 13.38
CA LEU B 125 -1.70 -29.79 12.80
C LEU B 125 -0.41 -29.83 13.63
N ARG B 126 -0.56 -30.16 14.90
CA ARG B 126 0.58 -30.26 15.80
C ARG B 126 1.30 -31.60 15.60
N ASP B 127 0.50 -32.63 15.41
CA ASP B 127 1.01 -33.98 15.18
C ASP B 127 1.90 -34.03 13.93
N LEU B 128 1.61 -33.12 12.99
CA LEU B 128 2.37 -33.05 11.74
C LEU B 128 3.61 -32.18 11.91
N CYS B 129 4.03 -32.00 13.15
CA CYS B 129 5.19 -31.17 13.44
C CYS B 129 6.29 -32.04 14.05
N PRO B 130 7.57 -31.76 13.73
CA PRO B 130 8.71 -32.49 14.25
C PRO B 130 9.02 -32.11 15.70
N SER B 131 7.99 -32.09 16.53
CA SER B 131 8.12 -31.74 17.93
C SER B 131 8.89 -32.84 18.68
N GLY A 1 2.73 30.50 -2.18
CA GLY A 1 2.01 30.57 -0.89
C GLY A 1 0.53 30.29 -1.05
N LEU A 2 -0.30 31.25 -0.67
CA LEU A 2 -1.74 31.08 -0.77
C LEU A 2 -2.29 31.74 -2.02
N PRO A 3 -3.00 30.97 -2.84
CA PRO A 3 -3.59 31.45 -4.09
C PRO A 3 -4.95 32.11 -3.88
N LEU A 4 -5.39 32.83 -4.90
CA LEU A 4 -6.68 33.52 -4.88
C LEU A 4 -7.72 32.71 -5.62
N ASP A 5 -8.99 32.93 -5.28
CA ASP A 5 -10.11 32.21 -5.90
C ASP A 5 -9.95 30.71 -5.69
N GLU A 6 -10.03 30.30 -4.44
CA GLU A 6 -9.87 28.90 -4.08
C GLU A 6 -11.08 28.07 -4.50
N ARG A 7 -12.28 28.60 -4.31
CA ARG A 7 -13.50 27.87 -4.65
C ARG A 7 -13.82 27.95 -6.15
N ALA A 8 -13.54 29.12 -6.73
CA ALA A 8 -13.75 29.39 -8.15
C ALA A 8 -12.87 28.47 -8.99
N PHE A 9 -11.82 27.99 -8.36
CA PHE A 9 -10.85 27.14 -9.03
C PHE A 9 -11.33 25.68 -8.99
N GLU A 10 -12.00 25.30 -7.91
CA GLU A 10 -12.48 23.93 -7.75
C GLU A 10 -13.70 23.66 -8.61
N LYS A 11 -14.66 24.58 -8.56
CA LYS A 11 -15.91 24.48 -9.29
C LYS A 11 -15.69 24.34 -10.80
N THR A 12 -14.87 25.22 -11.35
CA THR A 12 -14.59 25.22 -12.79
C THR A 12 -13.73 24.04 -13.23
N LEU A 13 -12.99 23.45 -12.30
CA LEU A 13 -12.10 22.35 -12.63
C LEU A 13 -12.78 20.99 -12.51
N THR A 14 -13.92 20.95 -11.82
CA THR A 14 -14.67 19.70 -11.64
C THR A 14 -14.92 18.96 -12.95
N PRO A 15 -15.59 19.59 -13.95
CA PRO A 15 -15.88 18.94 -15.23
C PRO A 15 -14.61 18.57 -16.00
N ILE A 16 -13.65 19.50 -16.05
CA ILE A 16 -12.38 19.29 -16.73
C ILE A 16 -11.70 17.99 -16.31
N ILE A 17 -11.58 17.79 -15.01
CA ILE A 17 -10.94 16.59 -14.49
C ILE A 17 -11.89 15.39 -14.59
N GLN A 18 -13.18 15.65 -14.38
CA GLN A 18 -14.21 14.62 -14.48
C GLN A 18 -14.06 13.84 -15.80
N GLU A 19 -13.88 14.58 -16.90
CA GLU A 19 -13.70 13.97 -18.22
C GLU A 19 -12.46 13.10 -18.22
N TYR A 20 -11.36 13.69 -17.74
CA TYR A 20 -10.09 13.00 -17.64
C TYR A 20 -10.24 11.57 -17.10
N PHE A 21 -10.95 11.42 -15.98
CA PHE A 21 -11.15 10.11 -15.35
C PHE A 21 -11.97 9.16 -16.23
N GLU A 22 -12.67 9.72 -17.19
CA GLU A 22 -13.52 8.91 -18.07
C GLU A 22 -12.85 8.44 -19.34
N HIS A 23 -12.37 9.36 -20.16
CA HIS A 23 -11.73 8.97 -21.42
C HIS A 23 -10.21 8.90 -21.36
N GLY A 24 -9.63 9.39 -20.28
CA GLY A 24 -8.18 9.36 -20.12
C GLY A 24 -7.43 10.19 -21.14
N ASP A 25 -7.41 11.50 -20.96
CA ASP A 25 -6.72 12.41 -21.87
C ASP A 25 -5.79 13.35 -21.12
N THR A 26 -4.50 13.06 -21.14
CA THR A 26 -3.50 13.90 -20.49
C THR A 26 -3.25 15.21 -21.23
N ASN A 27 -3.29 15.17 -22.56
CA ASN A 27 -3.03 16.34 -23.38
C ASN A 27 -4.09 17.41 -23.21
N GLU A 28 -5.34 16.99 -23.08
CA GLU A 28 -6.46 17.92 -22.92
C GLU A 28 -6.28 18.79 -21.69
N VAL A 29 -5.88 18.17 -20.58
CA VAL A 29 -5.66 18.88 -19.33
C VAL A 29 -4.63 20.00 -19.52
N ALA A 30 -3.48 19.66 -20.12
CA ALA A 30 -2.45 20.65 -20.39
C ALA A 30 -2.98 21.77 -21.27
N GLU A 31 -3.70 21.36 -22.32
CA GLU A 31 -4.33 22.29 -23.26
C GLU A 31 -5.17 23.33 -22.51
N MET A 32 -6.03 22.85 -21.62
CA MET A 32 -6.91 23.71 -20.84
C MET A 32 -6.13 24.52 -19.80
N LEU A 33 -5.04 23.96 -19.29
CA LEU A 33 -4.21 24.65 -18.30
C LEU A 33 -3.61 25.93 -18.87
N ARG A 34 -3.00 25.83 -20.05
CA ARG A 34 -2.42 26.99 -20.72
C ARG A 34 -3.44 28.13 -20.83
N ASP A 35 -4.69 27.76 -21.08
CA ASP A 35 -5.77 28.73 -21.22
C ASP A 35 -6.02 29.43 -19.89
N LEU A 36 -6.02 28.65 -18.82
CA LEU A 36 -6.23 29.18 -17.48
C LEU A 36 -5.07 30.08 -17.08
N ASN A 37 -3.85 29.59 -17.26
CA ASN A 37 -2.63 30.34 -16.94
C ASN A 37 -2.53 30.59 -15.44
N LEU A 38 -1.88 29.69 -14.72
CA LEU A 38 -1.75 29.84 -13.29
C LEU A 38 -0.31 29.59 -12.84
N GLY A 39 0.06 30.19 -11.72
CA GLY A 39 1.40 30.02 -11.18
C GLY A 39 1.40 29.13 -9.97
N GLU A 40 1.21 29.72 -8.80
CA GLU A 40 1.17 28.96 -7.56
C GLU A 40 -0.14 28.18 -7.45
N MET A 41 -1.16 28.64 -8.17
CA MET A 41 -2.46 27.99 -8.17
C MET A 41 -2.41 26.74 -9.05
N LYS A 42 -1.32 26.60 -9.79
CA LYS A 42 -1.14 25.44 -10.67
C LYS A 42 -1.01 24.17 -9.85
N SER A 43 -0.52 24.30 -8.63
CA SER A 43 -0.37 23.17 -7.72
C SER A 43 -1.73 22.61 -7.32
N GLY A 44 -2.73 23.50 -7.29
CA GLY A 44 -4.07 23.09 -6.95
C GLY A 44 -4.65 22.03 -7.88
N VAL A 45 -4.23 22.05 -9.15
CA VAL A 45 -4.72 21.11 -10.15
C VAL A 45 -4.49 19.64 -9.75
N PRO A 46 -3.22 19.19 -9.58
CA PRO A 46 -2.93 17.81 -9.19
C PRO A 46 -3.58 17.43 -7.87
N VAL A 47 -3.66 18.39 -6.94
CA VAL A 47 -4.28 18.14 -5.64
C VAL A 47 -5.76 17.84 -5.82
N LEU A 48 -6.46 18.80 -6.41
CA LEU A 48 -7.90 18.65 -6.68
C LEU A 48 -8.23 17.34 -7.38
N ALA A 49 -7.47 17.00 -8.43
CA ALA A 49 -7.71 15.77 -9.18
C ALA A 49 -7.47 14.53 -8.29
N VAL A 50 -6.29 14.48 -7.71
CA VAL A 50 -5.92 13.39 -6.81
C VAL A 50 -7.00 13.16 -5.74
N SER A 51 -7.43 14.23 -5.10
CA SER A 51 -8.48 14.14 -4.07
C SER A 51 -9.82 13.71 -4.70
N LEU A 52 -10.08 14.25 -5.87
CA LEU A 52 -11.30 13.95 -6.64
C LEU A 52 -11.45 12.44 -6.86
N ALA A 53 -10.36 11.80 -7.31
CA ALA A 53 -10.36 10.36 -7.59
C ALA A 53 -10.31 9.56 -6.28
N LEU A 54 -9.85 10.21 -5.23
CA LEU A 54 -9.73 9.61 -3.92
C LEU A 54 -11.07 9.25 -3.26
N GLU A 55 -12.17 9.41 -4.01
CA GLU A 55 -13.48 9.11 -3.45
C GLU A 55 -14.24 8.07 -4.31
N GLY A 56 -13.53 7.34 -5.17
CA GLY A 56 -14.19 6.36 -6.03
C GLY A 56 -13.51 5.01 -6.04
N LYS A 57 -13.42 4.40 -7.22
CA LYS A 57 -12.78 3.11 -7.35
C LYS A 57 -11.26 3.24 -7.31
N ALA A 58 -10.59 2.14 -6.99
CA ALA A 58 -9.14 2.11 -6.92
C ALA A 58 -8.53 2.35 -8.30
N SER A 59 -9.26 1.96 -9.33
CA SER A 59 -8.80 2.12 -10.70
C SER A 59 -8.67 3.60 -11.04
N HIS A 60 -9.73 4.36 -10.78
CA HIS A 60 -9.73 5.81 -11.03
C HIS A 60 -8.64 6.50 -10.21
N ARG A 61 -8.29 5.91 -9.07
CA ARG A 61 -7.25 6.45 -8.20
C ARG A 61 -5.85 6.29 -8.82
N GLU A 62 -5.49 5.05 -9.16
CA GLU A 62 -4.20 4.72 -9.75
C GLU A 62 -4.01 5.42 -11.09
N MET A 63 -5.03 5.30 -11.92
CA MET A 63 -5.03 5.87 -13.24
C MET A 63 -4.87 7.40 -13.30
N THR A 64 -4.87 8.09 -12.15
CA THR A 64 -4.72 9.54 -12.12
C THR A 64 -3.24 9.98 -12.05
N SER A 65 -2.38 9.11 -11.50
CA SER A 65 -0.94 9.41 -11.30
C SER A 65 -0.20 9.64 -12.62
N LYS A 66 -0.69 9.00 -13.66
CA LYS A 66 -0.10 9.12 -14.98
C LYS A 66 -0.12 10.58 -15.41
N LEU A 67 -1.27 11.22 -15.20
CA LEU A 67 -1.47 12.63 -15.51
C LEU A 67 -0.36 13.49 -14.89
N LEU A 68 -0.05 13.21 -13.63
CA LEU A 68 0.98 13.96 -12.90
C LEU A 68 2.32 13.84 -13.61
N SER A 69 2.69 12.61 -13.93
CA SER A 69 3.95 12.32 -14.62
C SER A 69 4.07 13.09 -15.93
N ASP A 70 3.02 13.04 -16.75
CA ASP A 70 3.02 13.73 -18.05
C ASP A 70 3.10 15.24 -17.89
N LEU A 71 2.21 15.81 -17.09
CA LEU A 71 2.20 17.26 -16.88
C LEU A 71 3.53 17.78 -16.34
N CYS A 72 4.14 17.03 -15.43
CA CYS A 72 5.40 17.42 -14.84
C CYS A 72 6.52 17.55 -15.88
N GLY A 73 7.13 18.72 -15.93
CA GLY A 73 8.21 18.96 -16.86
C GLY A 73 7.73 19.60 -18.14
N THR A 74 6.50 19.27 -18.51
CA THR A 74 5.89 19.81 -19.72
C THR A 74 5.20 21.14 -19.43
N VAL A 75 4.12 21.09 -18.66
CA VAL A 75 3.40 22.31 -18.30
C VAL A 75 3.39 22.55 -16.79
N MET A 76 3.95 21.60 -16.05
CA MET A 76 4.01 21.69 -14.60
C MET A 76 5.40 21.32 -14.11
N SER A 77 6.24 22.32 -13.92
CA SER A 77 7.60 22.11 -13.45
C SER A 77 7.61 21.40 -12.09
N THR A 78 8.39 20.32 -12.02
CA THR A 78 8.56 19.52 -10.79
C THR A 78 8.59 20.35 -9.49
N THR A 79 9.07 21.58 -9.57
CA THR A 79 9.11 22.46 -8.40
C THR A 79 7.71 22.65 -7.83
N ASP A 80 6.72 22.70 -8.72
CA ASP A 80 5.33 22.88 -8.33
C ASP A 80 4.71 21.57 -7.85
N VAL A 81 5.24 20.46 -8.36
CA VAL A 81 4.75 19.13 -7.98
C VAL A 81 5.02 18.88 -6.51
N GLU A 82 6.26 19.13 -6.10
CA GLU A 82 6.67 18.96 -4.71
C GLU A 82 5.90 19.93 -3.81
N LYS A 83 5.47 21.04 -4.42
CA LYS A 83 4.72 22.07 -3.71
C LYS A 83 3.27 21.64 -3.50
N SER A 84 2.73 20.85 -4.44
CA SER A 84 1.36 20.38 -4.36
C SER A 84 1.18 19.37 -3.23
N PHE A 85 2.28 18.77 -2.78
CA PHE A 85 2.21 17.78 -1.73
C PHE A 85 1.80 18.41 -0.42
N ASP A 86 2.53 19.44 0.02
CA ASP A 86 2.18 20.14 1.25
C ASP A 86 0.78 20.72 1.24
N LYS A 87 0.23 20.97 0.05
CA LYS A 87 -1.11 21.53 -0.07
C LYS A 87 -2.18 20.41 0.05
N LEU A 88 -1.85 19.23 -0.51
CA LEU A 88 -2.74 18.05 -0.48
C LEU A 88 -2.78 17.42 0.91
N LEU A 89 -1.62 17.42 1.55
CA LEU A 89 -1.43 16.87 2.88
C LEU A 89 -2.04 17.77 3.96
N LYS A 90 -2.35 18.99 3.55
CA LYS A 90 -2.90 20.00 4.45
C LYS A 90 -4.39 19.81 4.72
N ASP A 91 -5.15 19.37 3.71
CA ASP A 91 -6.60 19.20 3.86
C ASP A 91 -6.94 17.76 4.20
N LEU A 92 -5.91 16.94 4.33
CA LEU A 92 -6.05 15.53 4.68
C LEU A 92 -7.11 15.27 5.78
N PRO A 93 -7.09 16.02 6.91
CA PRO A 93 -8.08 15.86 7.98
C PRO A 93 -9.51 15.91 7.46
N GLU A 94 -9.78 16.86 6.56
CA GLU A 94 -11.11 17.01 5.98
C GLU A 94 -11.52 15.73 5.24
N LEU A 95 -10.64 15.25 4.37
CA LEU A 95 -10.91 14.02 3.61
C LEU A 95 -11.09 12.82 4.53
N ALA A 96 -10.39 12.83 5.65
CA ALA A 96 -10.48 11.75 6.63
C ALA A 96 -11.87 11.68 7.22
N LEU A 97 -12.48 12.83 7.39
CA LEU A 97 -13.83 12.92 7.95
C LEU A 97 -14.87 12.27 7.04
N ASP A 98 -14.58 12.18 5.73
CA ASP A 98 -15.54 11.58 4.81
C ASP A 98 -15.24 10.08 4.66
N THR A 99 -13.98 9.76 4.44
CA THR A 99 -13.56 8.37 4.32
C THR A 99 -12.22 8.17 5.05
N PRO A 100 -12.23 7.36 6.10
CA PRO A 100 -11.04 7.09 6.93
C PRO A 100 -9.98 6.32 6.16
N ARG A 101 -10.36 5.73 5.05
CA ARG A 101 -9.43 4.96 4.25
C ARG A 101 -9.01 5.75 3.02
N ALA A 102 -9.34 7.06 3.01
CA ALA A 102 -8.97 7.93 1.90
C ALA A 102 -7.56 8.53 2.07
N PRO A 103 -7.32 9.32 3.18
CA PRO A 103 -6.03 10.00 3.44
C PRO A 103 -4.85 9.06 3.61
N GLN A 104 -5.11 7.88 4.14
CA GLN A 104 -4.07 6.90 4.35
C GLN A 104 -3.73 6.25 3.00
N LEU A 105 -4.74 6.22 2.13
CA LEU A 105 -4.61 5.68 0.78
C LEU A 105 -3.80 6.60 -0.15
N VAL A 106 -3.63 7.86 0.25
CA VAL A 106 -2.88 8.85 -0.53
C VAL A 106 -1.40 8.49 -0.59
N GLY A 107 -0.99 7.59 0.32
CA GLY A 107 0.41 7.17 0.39
C GLY A 107 0.89 6.66 -0.97
N GLN A 108 -0.03 6.09 -1.75
CA GLN A 108 0.29 5.57 -3.07
C GLN A 108 0.76 6.71 -3.97
N PHE A 109 0.06 7.84 -3.94
CA PHE A 109 0.42 9.00 -4.75
C PHE A 109 1.77 9.56 -4.32
N ILE A 110 2.01 9.55 -3.02
CA ILE A 110 3.26 10.05 -2.46
C ILE A 110 4.44 9.19 -2.92
N ALA A 111 4.27 7.87 -2.84
CA ALA A 111 5.32 6.94 -3.22
C ALA A 111 5.44 6.85 -4.74
N ARG A 112 4.28 6.92 -5.41
CA ARG A 112 4.21 6.84 -6.86
C ARG A 112 5.01 7.93 -7.55
N ALA A 113 5.13 9.09 -6.90
CA ALA A 113 5.87 10.20 -7.48
C ALA A 113 7.38 10.01 -7.31
N VAL A 114 7.77 9.53 -6.12
CA VAL A 114 9.18 9.30 -5.80
C VAL A 114 9.78 8.26 -6.73
N GLY A 115 9.02 7.20 -7.01
CA GLY A 115 9.51 6.15 -7.87
C GLY A 115 9.33 6.48 -9.36
N ASP A 116 8.60 7.55 -9.65
CA ASP A 116 8.33 7.92 -11.04
C ASP A 116 9.35 8.92 -11.58
N GLY A 117 9.80 9.85 -10.75
CA GLY A 117 10.76 10.83 -11.19
C GLY A 117 10.23 12.25 -11.05
N ILE A 118 8.98 12.36 -10.64
CA ILE A 118 8.34 13.65 -10.47
C ILE A 118 8.43 14.15 -9.03
N LEU A 119 9.19 13.42 -8.22
CA LEU A 119 9.39 13.76 -6.81
C LEU A 119 10.71 13.18 -6.34
N CYS A 120 11.28 13.73 -5.29
CA CYS A 120 12.55 13.23 -4.80
C CYS A 120 12.43 12.57 -3.41
N ASN A 121 13.51 11.88 -3.05
CA ASN A 121 13.64 11.17 -1.78
C ASN A 121 13.84 12.12 -0.58
N THR A 122 13.84 13.40 -0.91
CA THR A 122 14.03 14.47 0.06
C THR A 122 12.82 14.65 0.98
N TYR A 123 11.65 14.83 0.37
CA TYR A 123 10.39 15.05 1.10
C TYR A 123 10.17 14.09 2.27
N ILE A 124 10.53 12.83 2.09
CA ILE A 124 10.37 11.81 3.11
C ILE A 124 11.05 12.21 4.44
N ASP A 125 12.34 12.50 4.38
CA ASP A 125 13.11 12.88 5.56
C ASP A 125 12.79 14.30 6.02
N SER A 126 12.40 15.15 5.10
CA SER A 126 12.06 16.54 5.42
C SER A 126 10.85 16.65 6.35
N TYR A 127 9.91 15.71 6.24
CA TYR A 127 8.70 15.74 7.06
C TYR A 127 8.71 14.56 8.07
N LYS A 128 9.93 14.15 8.39
CA LYS A 128 10.26 13.03 9.30
C LYS A 128 10.25 13.30 10.81
N GLY A 129 9.16 13.76 11.35
CA GLY A 129 9.13 14.03 12.78
C GLY A 129 8.79 15.47 13.03
N THR A 130 9.01 16.26 12.00
CA THR A 130 8.72 17.68 12.03
C THR A 130 7.23 17.89 11.90
N VAL A 131 6.50 16.80 11.64
CA VAL A 131 5.06 16.87 11.47
C VAL A 131 4.34 16.16 12.62
N ASP A 132 3.55 16.92 13.36
CA ASP A 132 2.78 16.37 14.49
C ASP A 132 1.43 15.88 13.97
N CYS A 133 1.09 16.35 12.78
CA CYS A 133 -0.15 15.98 12.11
C CYS A 133 -0.18 14.46 11.88
N VAL A 134 -0.98 13.77 12.70
CA VAL A 134 -1.11 12.32 12.64
C VAL A 134 -1.57 11.86 11.25
N GLN A 135 -2.35 12.69 10.57
CA GLN A 135 -2.85 12.36 9.24
C GLN A 135 -1.70 12.31 8.24
N ALA A 136 -0.84 13.31 8.31
CA ALA A 136 0.30 13.39 7.42
C ALA A 136 1.30 12.28 7.72
N ARG A 137 1.50 12.01 9.00
CA ARG A 137 2.42 10.97 9.44
C ARG A 137 2.00 9.62 8.87
N ALA A 138 0.76 9.26 9.15
CA ALA A 138 0.17 8.01 8.67
C ALA A 138 0.43 7.79 7.18
N ALA A 139 0.12 8.80 6.38
CA ALA A 139 0.32 8.72 4.93
C ALA A 139 1.79 8.75 4.54
N LEU A 140 2.60 9.55 5.24
CA LEU A 140 4.02 9.67 4.93
C LEU A 140 4.76 8.35 5.10
N ASP A 141 4.63 7.75 6.28
CA ASP A 141 5.28 6.47 6.55
C ASP A 141 4.75 5.41 5.59
N LYS A 142 3.43 5.43 5.43
CA LYS A 142 2.73 4.52 4.52
C LYS A 142 3.35 4.58 3.12
N ALA A 143 3.69 5.79 2.68
CA ALA A 143 4.29 5.99 1.37
C ALA A 143 5.72 5.46 1.32
N THR A 144 6.39 5.45 2.47
CA THR A 144 7.76 4.98 2.53
C THR A 144 7.80 3.47 2.41
N VAL A 145 7.09 2.79 3.30
CA VAL A 145 7.01 1.33 3.29
C VAL A 145 6.54 0.79 1.93
N LEU A 146 5.66 1.53 1.25
CA LEU A 146 5.17 1.11 -0.06
C LEU A 146 6.32 1.00 -1.07
N LEU A 147 7.31 1.88 -0.92
CA LEU A 147 8.46 1.89 -1.81
C LEU A 147 9.29 0.61 -1.67
N SER A 148 9.35 0.09 -0.45
CA SER A 148 10.08 -1.14 -0.20
C SER A 148 9.31 -2.31 -0.79
N MET A 149 8.02 -2.10 -0.99
CA MET A 149 7.13 -3.11 -1.54
C MET A 149 6.94 -2.98 -3.06
N SER A 150 7.44 -1.91 -3.65
CA SER A 150 7.30 -1.71 -5.10
C SER A 150 8.46 -2.33 -5.86
N LYS A 151 9.64 -2.29 -5.23
CA LYS A 151 10.84 -2.86 -5.83
C LYS A 151 10.65 -4.35 -6.07
N GLY A 152 11.24 -4.86 -7.15
CA GLY A 152 11.10 -6.26 -7.47
C GLY A 152 9.91 -6.48 -8.39
N GLY A 153 10.12 -6.31 -9.68
CA GLY A 153 9.05 -6.48 -10.65
C GLY A 153 9.07 -5.43 -11.73
N LYS A 154 8.43 -4.29 -11.47
CA LYS A 154 8.37 -3.19 -12.43
C LYS A 154 9.76 -2.69 -12.84
N ARG A 155 10.73 -2.86 -11.96
CA ARG A 155 12.09 -2.42 -12.25
C ARG A 155 12.89 -3.48 -13.01
N LYS A 156 12.26 -4.62 -13.28
CA LYS A 156 12.92 -5.68 -14.01
C LYS A 156 12.77 -5.47 -15.51
N ASP A 157 13.71 -4.74 -16.10
CA ASP A 157 13.68 -4.45 -17.52
C ASP A 157 13.95 -5.70 -18.35
N SER A 158 15.03 -6.40 -18.03
CA SER A 158 15.38 -7.61 -18.75
C SER A 158 15.63 -8.78 -17.79
N VAL A 159 15.37 -8.56 -16.50
CA VAL A 159 15.56 -9.59 -15.50
C VAL A 159 14.48 -10.66 -15.62
N TRP A 160 13.24 -10.25 -15.38
CA TRP A 160 12.10 -11.15 -15.47
C TRP A 160 10.91 -10.39 -16.04
N GLY A 161 10.74 -10.51 -17.35
CA GLY A 161 9.65 -9.82 -18.02
C GLY A 161 10.15 -8.63 -18.80
N SER A 162 9.28 -7.65 -19.00
CA SER A 162 9.64 -6.44 -19.72
C SER A 162 8.91 -5.25 -19.11
N GLY A 163 9.61 -4.11 -19.03
CA GLY A 163 9.00 -2.92 -18.47
C GLY A 163 8.00 -2.28 -19.39
N GLY B 1 5.70 -1.50 -21.34
CA GLY B 1 5.57 -0.05 -21.05
C GLY B 1 4.19 0.49 -21.36
N GLY B 2 4.02 1.81 -21.28
CA GLY B 2 2.75 2.41 -21.57
C GLY B 2 1.85 2.50 -20.35
N GLN B 3 1.10 1.44 -20.10
CA GLN B 3 0.20 1.39 -18.97
C GLN B 3 0.48 0.14 -18.15
N GLN B 4 -0.16 0.02 -17.00
CA GLN B 4 0.04 -1.13 -16.14
C GLN B 4 -1.13 -2.10 -16.23
N PRO B 5 -0.87 -3.31 -16.76
CA PRO B 5 -1.89 -4.36 -16.90
C PRO B 5 -2.38 -4.83 -15.54
N VAL B 6 -3.41 -5.67 -15.53
CA VAL B 6 -3.95 -6.17 -14.28
C VAL B 6 -2.91 -6.97 -13.51
N ASN B 7 -2.77 -6.65 -12.23
CA ASN B 7 -1.81 -7.31 -11.37
C ASN B 7 -2.39 -8.63 -10.84
N HIS B 8 -1.52 -9.51 -10.38
CA HIS B 8 -1.95 -10.79 -9.85
C HIS B 8 -0.89 -11.41 -8.94
N LEU B 9 -1.31 -11.81 -7.75
CA LEU B 9 -0.44 -12.40 -6.72
C LEU B 9 0.71 -11.50 -6.28
N VAL B 10 1.64 -11.24 -7.18
CA VAL B 10 2.81 -10.42 -6.89
C VAL B 10 2.38 -8.99 -6.57
N LYS B 11 3.09 -8.35 -5.65
CA LYS B 11 2.79 -6.98 -5.21
C LYS B 11 1.60 -6.96 -4.26
N GLU B 12 0.58 -7.74 -4.58
CA GLU B 12 -0.60 -7.83 -3.74
C GLU B 12 -0.22 -8.44 -2.40
N ILE B 13 0.41 -9.61 -2.44
CA ILE B 13 0.84 -10.30 -1.23
C ILE B 13 1.98 -9.53 -0.55
N ASP B 14 2.78 -8.83 -1.36
CA ASP B 14 3.90 -8.06 -0.84
C ASP B 14 3.37 -6.95 0.07
N MET B 15 2.56 -6.06 -0.51
CA MET B 15 1.93 -4.98 0.22
C MET B 15 1.04 -5.45 1.36
N LEU B 16 0.66 -6.71 1.35
CA LEU B 16 -0.14 -7.25 2.41
C LEU B 16 0.70 -7.64 3.65
N LEU B 17 1.86 -8.25 3.41
CA LEU B 17 2.76 -8.66 4.49
C LEU B 17 3.79 -7.61 4.96
N LYS B 18 4.56 -7.11 3.99
CA LYS B 18 5.63 -6.15 4.24
C LYS B 18 5.10 -4.82 4.80
N GLU B 19 3.86 -4.52 4.47
CA GLU B 19 3.20 -3.30 4.93
C GLU B 19 3.07 -3.37 6.44
N TYR B 20 3.03 -4.57 6.96
CA TYR B 20 2.91 -4.78 8.39
C TYR B 20 4.23 -4.53 9.11
N LEU B 21 5.34 -4.58 8.36
CA LEU B 21 6.67 -4.41 8.93
C LEU B 21 6.94 -3.00 9.49
N LEU B 22 7.10 -1.99 8.62
CA LEU B 22 7.38 -0.62 9.09
C LEU B 22 6.13 0.09 9.60
N SER B 23 5.01 -0.58 9.53
CA SER B 23 3.76 -0.03 9.99
C SER B 23 3.36 -0.69 11.29
N GLY B 24 2.08 -0.98 11.46
CA GLY B 24 1.62 -1.63 12.68
C GLY B 24 0.12 -1.68 12.77
N ASP B 25 -0.53 -0.92 11.90
CA ASP B 25 -1.98 -0.86 11.86
C ASP B 25 -2.54 -2.12 11.22
N ILE B 26 -3.48 -2.76 11.91
CA ILE B 26 -4.11 -3.98 11.40
C ILE B 26 -4.93 -3.62 10.16
N SER B 27 -5.89 -2.73 10.35
CA SER B 27 -6.76 -2.23 9.28
C SER B 27 -6.02 -1.88 7.97
N GLU B 28 -4.75 -1.54 8.08
CA GLU B 28 -3.99 -1.21 6.89
C GLU B 28 -3.83 -2.46 6.01
N ALA B 29 -3.48 -3.56 6.63
CA ALA B 29 -3.38 -4.84 5.93
C ALA B 29 -4.78 -5.44 5.74
N GLU B 30 -5.59 -5.30 6.80
CA GLU B 30 -6.96 -5.83 6.84
C GLU B 30 -7.84 -5.30 5.73
N HIS B 31 -7.89 -3.97 5.57
CA HIS B 31 -8.72 -3.37 4.54
C HIS B 31 -8.26 -3.80 3.15
N CYS B 32 -7.00 -4.17 3.03
CA CYS B 32 -6.47 -4.60 1.75
C CYS B 32 -6.77 -6.09 1.46
N LEU B 33 -6.58 -6.95 2.48
CA LEU B 33 -6.81 -8.40 2.37
C LEU B 33 -8.29 -8.73 2.24
N LYS B 34 -9.07 -7.98 3.01
CA LYS B 34 -10.53 -8.10 3.02
C LYS B 34 -11.16 -7.75 1.67
N GLU B 35 -10.34 -7.15 0.82
CA GLU B 35 -10.82 -6.73 -0.50
C GLU B 35 -10.68 -7.80 -1.59
N LEU B 36 -10.07 -8.95 -1.27
CA LEU B 36 -9.87 -10.01 -2.29
C LEU B 36 -11.18 -10.76 -2.61
N GLU B 37 -11.37 -11.10 -3.88
CA GLU B 37 -12.58 -11.80 -4.32
C GLU B 37 -12.49 -13.31 -4.10
N VAL B 38 -11.40 -13.77 -3.51
CA VAL B 38 -11.20 -15.19 -3.25
C VAL B 38 -10.64 -15.47 -1.86
N PRO B 39 -11.51 -15.73 -0.87
CA PRO B 39 -11.08 -16.03 0.49
C PRO B 39 -10.31 -17.34 0.59
N HIS B 40 -10.60 -18.28 -0.30
CA HIS B 40 -9.92 -19.57 -0.31
C HIS B 40 -8.49 -19.42 -0.82
N PHE B 41 -8.20 -18.28 -1.40
CA PHE B 41 -6.86 -18.00 -1.94
C PHE B 41 -5.96 -17.32 -0.91
N HIS B 42 -6.52 -17.00 0.26
CA HIS B 42 -5.78 -16.32 1.33
C HIS B 42 -4.57 -17.12 1.80
N HIS B 43 -4.78 -18.44 1.89
CA HIS B 43 -3.77 -19.41 2.38
C HIS B 43 -2.28 -19.07 2.26
N GLU B 44 -1.83 -18.43 1.21
CA GLU B 44 -0.41 -18.09 1.11
C GLU B 44 0.00 -17.00 2.11
N LEU B 45 -0.95 -16.14 2.48
CA LEU B 45 -0.70 -14.99 3.36
C LEU B 45 0.07 -15.31 4.65
N VAL B 46 -0.59 -16.00 5.59
CA VAL B 46 0.11 -16.39 6.83
C VAL B 46 1.44 -17.07 6.57
N TYR B 47 1.34 -18.28 6.02
CA TYR B 47 2.53 -19.05 5.62
C TYR B 47 3.71 -18.19 5.18
N GLU B 48 3.50 -17.22 4.29
CA GLU B 48 4.60 -16.37 3.84
C GLU B 48 5.24 -15.60 5.01
N ALA B 49 4.40 -14.89 5.78
CA ALA B 49 4.89 -14.12 6.94
C ALA B 49 5.51 -15.05 7.99
N ILE B 50 4.77 -16.11 8.29
CA ILE B 50 5.25 -17.14 9.23
C ILE B 50 6.69 -17.56 8.91
N VAL B 51 7.01 -17.64 7.63
CA VAL B 51 8.36 -18.01 7.20
C VAL B 51 9.30 -16.82 7.34
N MET B 52 8.75 -15.61 7.15
CA MET B 52 9.51 -14.38 7.24
C MET B 52 10.21 -14.24 8.59
N VAL B 53 9.46 -14.42 9.67
CA VAL B 53 10.02 -14.32 11.03
C VAL B 53 11.31 -15.13 11.17
N LEU B 54 11.18 -16.45 11.04
CA LEU B 54 12.38 -17.31 11.09
C LEU B 54 13.50 -16.88 10.15
N GLU B 55 13.17 -16.17 9.10
CA GLU B 55 14.17 -15.71 8.16
C GLU B 55 14.76 -14.36 8.58
N SER B 56 13.94 -13.56 9.26
CA SER B 56 14.33 -12.23 9.74
C SER B 56 15.39 -12.26 10.85
N THR B 57 15.11 -11.52 11.93
CA THR B 57 16.04 -11.40 13.05
C THR B 57 15.46 -10.56 14.18
N GLY B 58 15.05 -11.20 15.26
CA GLY B 58 14.52 -10.47 16.40
C GLY B 58 13.13 -10.90 16.78
N GLU B 59 12.66 -10.43 17.94
CA GLU B 59 11.34 -10.77 18.41
C GLU B 59 10.30 -9.82 17.86
N SER B 60 10.77 -8.72 17.25
CA SER B 60 9.89 -7.73 16.65
C SER B 60 8.95 -8.42 15.68
N ALA B 61 9.55 -9.15 14.74
CA ALA B 61 8.81 -9.90 13.74
C ALA B 61 7.84 -10.88 14.42
N PHE B 62 8.36 -11.73 15.29
CA PHE B 62 7.55 -12.72 16.02
C PHE B 62 6.33 -12.08 16.71
N LYS B 63 6.52 -10.91 17.28
CA LYS B 63 5.41 -10.23 17.96
C LYS B 63 4.44 -9.56 16.97
N MET B 64 4.99 -8.98 15.90
CA MET B 64 4.19 -8.29 14.89
C MET B 64 3.42 -9.26 13.99
N ILE B 65 4.04 -10.38 13.66
CA ILE B 65 3.39 -11.37 12.81
C ILE B 65 2.36 -12.18 13.57
N LEU B 66 2.77 -12.78 14.68
CA LEU B 66 1.86 -13.54 15.53
C LEU B 66 0.59 -12.79 15.87
N ASP B 67 0.71 -11.49 16.16
CA ASP B 67 -0.45 -10.69 16.49
C ASP B 67 -1.32 -10.41 15.27
N LEU B 68 -0.70 -10.32 14.10
CA LEU B 68 -1.43 -10.09 12.85
C LEU B 68 -2.47 -11.19 12.64
N LEU B 69 -1.99 -12.43 12.53
CA LEU B 69 -2.85 -13.62 12.37
C LEU B 69 -3.84 -13.79 13.53
N LYS B 70 -3.50 -13.16 14.64
CA LYS B 70 -4.31 -13.24 15.84
C LYS B 70 -5.60 -12.44 15.63
N SER B 71 -5.44 -11.21 15.15
CA SER B 71 -6.58 -10.33 14.88
C SER B 71 -7.43 -10.84 13.72
N LEU B 72 -6.78 -11.45 12.74
CA LEU B 72 -7.47 -11.99 11.59
C LEU B 72 -8.39 -13.12 12.02
N TRP B 73 -7.84 -14.11 12.71
CA TRP B 73 -8.62 -15.24 13.21
C TRP B 73 -9.76 -14.80 14.14
N LYS B 74 -9.63 -13.61 14.73
CA LYS B 74 -10.66 -13.11 15.62
C LYS B 74 -11.82 -12.51 14.83
N SER B 75 -11.49 -11.70 13.84
CA SER B 75 -12.50 -11.07 13.00
C SER B 75 -12.97 -11.98 11.86
N SER B 76 -12.74 -13.29 11.99
CA SER B 76 -13.14 -14.27 10.98
C SER B 76 -12.62 -13.95 9.57
N THR B 77 -11.31 -14.14 9.35
CA THR B 77 -10.74 -13.88 8.04
C THR B 77 -9.92 -15.07 7.49
N ILE B 78 -9.51 -15.97 8.36
CA ILE B 78 -8.75 -17.15 7.94
C ILE B 78 -9.54 -18.41 8.27
N THR B 79 -9.45 -19.39 7.38
CA THR B 79 -10.18 -20.65 7.57
C THR B 79 -9.24 -21.74 8.10
N ILE B 80 -9.81 -22.78 8.69
CA ILE B 80 -9.02 -23.87 9.26
C ILE B 80 -8.14 -24.59 8.22
N ASP B 81 -8.70 -24.89 7.05
CA ASP B 81 -7.96 -25.56 6.00
C ASP B 81 -6.80 -24.69 5.49
N GLN B 82 -7.12 -23.43 5.24
CA GLN B 82 -6.11 -22.46 4.78
C GLN B 82 -4.94 -22.37 5.75
N MET B 83 -5.25 -22.49 7.04
CA MET B 83 -4.23 -22.43 8.09
C MET B 83 -3.46 -23.74 8.12
N LYS B 84 -4.20 -24.84 7.97
CA LYS B 84 -3.60 -26.18 7.97
C LYS B 84 -2.55 -26.30 6.87
N ARG B 85 -2.94 -26.03 5.63
CA ARG B 85 -2.02 -26.11 4.50
C ARG B 85 -0.88 -25.11 4.72
N GLY B 86 -1.27 -24.00 5.33
CA GLY B 86 -0.33 -22.96 5.68
C GLY B 86 0.80 -23.50 6.55
N TYR B 87 0.43 -24.22 7.59
CA TYR B 87 1.40 -24.82 8.51
C TYR B 87 2.05 -26.09 7.95
N GLU B 88 1.26 -26.94 7.30
CA GLU B 88 1.75 -28.19 6.74
C GLU B 88 2.90 -27.96 5.77
N ARG B 89 2.83 -26.85 5.04
CA ARG B 89 3.88 -26.50 4.10
C ARG B 89 5.15 -26.08 4.82
N ILE B 90 5.00 -25.56 6.04
CA ILE B 90 6.14 -25.12 6.84
C ILE B 90 7.09 -26.27 7.08
N TYR B 91 6.55 -27.42 7.48
CA TYR B 91 7.34 -28.61 7.77
C TYR B 91 8.06 -29.10 6.51
N ASN B 92 7.49 -28.77 5.35
CA ASN B 92 8.08 -29.17 4.07
C ASN B 92 9.29 -28.30 3.77
N GLU B 93 9.17 -27.02 4.09
CA GLU B 93 10.25 -26.08 3.84
C GLU B 93 11.29 -26.10 4.96
N ILE B 94 10.96 -26.77 6.06
CA ILE B 94 11.87 -26.88 7.20
C ILE B 94 13.24 -27.43 6.79
N PRO B 95 13.30 -28.61 6.13
CA PRO B 95 14.57 -29.21 5.69
C PRO B 95 15.26 -28.35 4.62
N ASP B 96 14.47 -27.59 3.87
CA ASP B 96 15.00 -26.74 2.82
C ASP B 96 15.68 -25.50 3.40
N ILE B 97 15.07 -24.92 4.42
CA ILE B 97 15.61 -23.74 5.08
C ILE B 97 16.75 -24.11 6.02
N ASN B 98 16.58 -25.20 6.76
CA ASN B 98 17.59 -25.65 7.72
C ASN B 98 18.77 -26.32 7.04
N LEU B 99 18.48 -27.35 6.25
CA LEU B 99 19.52 -28.11 5.55
C LEU B 99 20.46 -28.75 6.57
N ASP B 100 19.85 -29.53 7.48
CA ASP B 100 20.57 -30.21 8.58
C ASP B 100 20.95 -29.21 9.67
N VAL B 101 21.51 -29.72 10.76
CA VAL B 101 21.89 -28.90 11.91
C VAL B 101 20.68 -28.07 12.37
N PRO B 102 19.66 -28.75 12.92
CA PRO B 102 18.44 -28.10 13.37
C PRO B 102 18.65 -27.14 14.55
N HIS B 103 18.22 -25.90 14.35
CA HIS B 103 18.33 -24.87 15.39
C HIS B 103 17.12 -23.95 15.34
N SER B 104 16.11 -24.35 14.58
CA SER B 104 14.90 -23.57 14.44
C SER B 104 13.83 -24.06 15.42
N TYR B 105 14.07 -25.22 16.03
CA TYR B 105 13.15 -25.83 16.98
C TYR B 105 12.87 -24.89 18.15
N SER B 106 13.88 -24.11 18.50
CA SER B 106 13.79 -23.18 19.59
C SER B 106 12.62 -22.21 19.38
N VAL B 107 12.35 -21.85 18.12
CA VAL B 107 11.23 -20.98 17.82
C VAL B 107 9.99 -21.79 17.33
N LEU B 108 10.27 -22.66 16.35
CA LEU B 108 9.28 -23.52 15.66
C LEU B 108 8.32 -24.23 16.63
N GLU B 109 8.88 -24.94 17.59
CA GLU B 109 8.09 -25.66 18.55
C GLU B 109 7.17 -24.72 19.31
N ARG B 110 7.75 -23.67 19.89
CA ARG B 110 6.99 -22.68 20.65
C ARG B 110 5.88 -22.05 19.81
N PHE B 111 6.26 -21.50 18.66
CA PHE B 111 5.30 -20.89 17.73
C PHE B 111 4.10 -21.82 17.49
N VAL B 112 4.38 -23.09 17.21
CA VAL B 112 3.33 -24.06 16.96
C VAL B 112 2.51 -24.32 18.21
N GLU B 113 3.19 -24.50 19.35
CA GLU B 113 2.48 -24.76 20.60
C GLU B 113 1.59 -23.59 21.00
N GLU B 114 2.14 -22.37 20.99
CA GLU B 114 1.38 -21.17 21.32
C GLU B 114 0.13 -21.08 20.44
N CYS B 115 0.36 -21.13 19.13
CA CYS B 115 -0.74 -21.09 18.16
C CYS B 115 -1.81 -22.15 18.45
N PHE B 116 -1.37 -23.37 18.78
CA PHE B 116 -2.31 -24.43 19.10
C PHE B 116 -3.04 -24.12 20.40
N GLN B 117 -2.30 -23.60 21.37
CA GLN B 117 -2.82 -23.25 22.69
C GLN B 117 -3.74 -22.03 22.68
N ALA B 118 -3.94 -21.44 21.51
CA ALA B 118 -4.78 -20.25 21.41
C ALA B 118 -6.22 -20.69 21.14
N GLY B 119 -6.36 -21.80 20.40
CA GLY B 119 -7.68 -22.34 20.09
C GLY B 119 -8.11 -22.02 18.67
N ILE B 120 -7.14 -21.95 17.76
CA ILE B 120 -7.43 -21.66 16.36
C ILE B 120 -7.08 -22.83 15.45
N ILE B 121 -6.52 -23.89 16.01
CA ILE B 121 -6.12 -25.06 15.22
C ILE B 121 -6.32 -26.33 16.03
N SER B 122 -6.60 -27.43 15.34
CA SER B 122 -6.81 -28.70 15.98
C SER B 122 -5.49 -29.41 16.27
N LYS B 123 -5.53 -30.40 17.16
CA LYS B 123 -4.34 -31.15 17.54
C LYS B 123 -3.71 -31.85 16.34
N GLN B 124 -4.53 -32.27 15.38
CA GLN B 124 -4.04 -32.93 14.17
C GLN B 124 -3.01 -32.08 13.41
N LEU B 125 -3.11 -30.77 13.49
CA LEU B 125 -2.16 -29.89 12.82
C LEU B 125 -0.81 -29.93 13.55
N ARG B 126 -0.89 -30.31 14.82
CA ARG B 126 0.30 -30.45 15.65
C ARG B 126 1.01 -31.77 15.34
N ASP B 127 0.27 -32.74 14.83
CA ASP B 127 0.81 -34.06 14.49
C ASP B 127 1.95 -33.99 13.47
N LEU B 128 1.79 -33.16 12.44
CA LEU B 128 2.82 -32.98 11.43
C LEU B 128 4.01 -32.23 12.02
N CYS B 129 3.78 -31.71 13.21
CA CYS B 129 4.78 -30.97 13.95
C CYS B 129 5.65 -31.94 14.73
N PRO B 130 6.96 -31.96 14.45
CA PRO B 130 7.91 -32.84 15.14
C PRO B 130 8.11 -32.42 16.60
N SER B 131 7.18 -32.85 17.46
CA SER B 131 7.20 -32.53 18.87
C SER B 131 8.52 -32.96 19.52
N GLY A 1 2.20 31.09 -2.61
CA GLY A 1 1.76 30.43 -1.36
C GLY A 1 0.29 30.11 -1.39
N LEU A 2 -0.55 31.11 -1.13
CA LEU A 2 -1.98 30.92 -1.14
C LEU A 2 -2.54 31.25 -2.52
N PRO A 3 -3.39 30.37 -3.07
CA PRO A 3 -4.00 30.57 -4.37
C PRO A 3 -5.21 31.49 -4.26
N LEU A 4 -5.70 31.98 -5.39
CA LEU A 4 -6.84 32.87 -5.38
C LEU A 4 -8.02 32.22 -6.08
N ASP A 5 -9.19 32.29 -5.42
CA ASP A 5 -10.42 31.73 -5.95
C ASP A 5 -10.37 30.21 -5.96
N GLU A 6 -9.96 29.63 -4.84
CA GLU A 6 -9.84 28.18 -4.69
C GLU A 6 -11.14 27.46 -5.03
N ARG A 7 -12.21 27.84 -4.34
CA ARG A 7 -13.53 27.23 -4.55
C ARG A 7 -13.98 27.37 -6.00
N ALA A 8 -13.78 28.56 -6.56
CA ALA A 8 -14.17 28.80 -7.94
C ALA A 8 -13.41 27.85 -8.87
N PHE A 9 -12.08 27.83 -8.71
CA PHE A 9 -11.24 26.94 -9.50
C PHE A 9 -11.69 25.49 -9.40
N GLU A 10 -11.87 25.01 -8.18
CA GLU A 10 -12.31 23.64 -7.94
C GLU A 10 -13.64 23.35 -8.65
N LYS A 11 -14.60 24.24 -8.48
CA LYS A 11 -15.94 24.08 -9.08
C LYS A 11 -15.88 24.15 -10.61
N THR A 12 -14.93 24.91 -11.13
CA THR A 12 -14.79 25.04 -12.59
C THR A 12 -14.08 23.84 -13.26
N LEU A 13 -13.09 23.27 -12.59
CA LEU A 13 -12.30 22.16 -13.17
C LEU A 13 -12.81 20.78 -12.77
N THR A 14 -13.89 20.72 -12.03
CA THR A 14 -14.44 19.45 -11.59
C THR A 14 -14.86 18.55 -12.76
N PRO A 15 -15.78 19.00 -13.64
CA PRO A 15 -16.24 18.18 -14.77
C PRO A 15 -15.14 17.93 -15.81
N ILE A 16 -14.06 18.70 -15.74
CA ILE A 16 -12.95 18.53 -16.67
C ILE A 16 -11.97 17.44 -16.24
N ILE A 17 -11.68 17.39 -14.93
CA ILE A 17 -10.71 16.43 -14.39
C ILE A 17 -11.33 15.06 -14.14
N GLN A 18 -12.61 15.04 -13.78
CA GLN A 18 -13.30 13.77 -13.53
C GLN A 18 -13.24 12.87 -14.74
N GLU A 19 -13.72 13.38 -15.88
CA GLU A 19 -13.71 12.64 -17.13
C GLU A 19 -12.32 12.18 -17.60
N TYR A 20 -11.27 12.80 -17.07
CA TYR A 20 -9.91 12.42 -17.42
C TYR A 20 -9.65 10.96 -17.04
N PHE A 21 -10.18 10.56 -15.90
CA PHE A 21 -9.98 9.21 -15.40
C PHE A 21 -10.52 8.12 -16.33
N GLU A 22 -11.67 8.38 -16.95
CA GLU A 22 -12.28 7.41 -17.84
C GLU A 22 -11.53 7.29 -19.18
N HIS A 23 -11.42 8.40 -19.90
CA HIS A 23 -10.73 8.37 -21.18
C HIS A 23 -9.24 8.01 -21.04
N GLY A 24 -8.67 8.34 -19.89
CA GLY A 24 -7.27 8.03 -19.62
C GLY A 24 -6.30 9.00 -20.26
N ASP A 25 -6.64 9.46 -21.47
CA ASP A 25 -5.81 10.39 -22.24
C ASP A 25 -5.29 11.55 -21.42
N THR A 26 -4.02 11.46 -21.06
CA THR A 26 -3.34 12.51 -20.32
C THR A 26 -2.89 13.71 -21.17
N ASN A 27 -3.11 13.68 -22.50
CA ASN A 27 -2.62 14.76 -23.36
C ASN A 27 -3.42 16.06 -23.31
N GLU A 28 -4.68 16.03 -23.79
CA GLU A 28 -5.52 17.23 -23.82
C GLU A 28 -5.81 17.86 -22.47
N VAL A 29 -5.79 17.05 -21.42
CA VAL A 29 -6.09 17.54 -20.09
C VAL A 29 -5.25 18.78 -19.79
N ALA A 30 -3.93 18.69 -19.97
CA ALA A 30 -3.02 19.82 -19.78
C ALA A 30 -3.11 20.91 -20.86
N GLU A 31 -3.68 20.58 -22.04
CA GLU A 31 -3.72 21.54 -23.15
C GLU A 31 -4.58 22.76 -22.84
N MET A 32 -5.81 22.53 -22.37
CA MET A 32 -6.74 23.61 -22.03
C MET A 32 -6.19 24.42 -20.86
N LEU A 33 -5.47 23.72 -20.00
CA LEU A 33 -4.87 24.30 -18.81
C LEU A 33 -3.81 25.34 -19.19
N ARG A 34 -3.24 25.19 -20.37
CA ARG A 34 -2.21 26.09 -20.86
C ARG A 34 -2.68 27.53 -21.03
N ASP A 35 -3.80 27.77 -21.71
CA ASP A 35 -4.28 29.14 -21.92
C ASP A 35 -4.94 29.71 -20.69
N LEU A 36 -4.97 28.94 -19.61
CA LEU A 36 -5.56 29.39 -18.37
C LEU A 36 -4.50 30.10 -17.53
N ASN A 37 -3.34 30.26 -18.17
CA ASN A 37 -2.16 30.91 -17.57
C ASN A 37 -2.15 30.83 -16.05
N LEU A 38 -1.80 29.66 -15.55
CA LEU A 38 -1.80 29.43 -14.10
C LEU A 38 -0.38 29.44 -13.55
N GLY A 39 -0.16 30.23 -12.51
CA GLY A 39 1.14 30.30 -11.89
C GLY A 39 1.21 29.40 -10.68
N GLU A 40 0.93 29.95 -9.51
CA GLU A 40 0.95 29.17 -8.28
C GLU A 40 -0.27 28.26 -8.21
N MET A 41 -1.33 28.67 -8.90
CA MET A 41 -2.57 27.89 -8.95
C MET A 41 -2.38 26.61 -9.75
N LYS A 42 -1.40 26.62 -10.65
CA LYS A 42 -1.11 25.45 -11.49
C LYS A 42 -0.59 24.30 -10.63
N SER A 43 0.03 24.66 -9.52
CA SER A 43 0.58 23.71 -8.58
C SER A 43 -0.53 23.13 -7.69
N GLY A 44 -1.77 23.41 -8.04
CA GLY A 44 -2.90 22.91 -7.28
C GLY A 44 -3.70 21.88 -8.06
N VAL A 45 -3.15 21.43 -9.19
CA VAL A 45 -3.83 20.44 -10.02
C VAL A 45 -3.93 19.08 -9.30
N PRO A 46 -2.82 18.54 -8.75
CA PRO A 46 -2.84 17.28 -8.00
C PRO A 46 -3.88 17.32 -6.88
N VAL A 47 -3.84 18.38 -6.08
CA VAL A 47 -4.79 18.59 -4.99
C VAL A 47 -6.25 18.56 -5.52
N LEU A 48 -6.38 18.86 -6.81
CA LEU A 48 -7.68 18.82 -7.47
C LEU A 48 -8.00 17.41 -7.99
N ALA A 49 -7.02 16.81 -8.65
CA ALA A 49 -7.17 15.50 -9.28
C ALA A 49 -7.32 14.36 -8.28
N VAL A 50 -6.39 14.26 -7.34
CA VAL A 50 -6.44 13.20 -6.32
C VAL A 50 -7.74 13.33 -5.51
N SER A 51 -7.92 14.49 -4.90
CA SER A 51 -9.13 14.79 -4.11
C SER A 51 -10.44 14.46 -4.85
N LEU A 52 -10.42 14.51 -6.18
CA LEU A 52 -11.60 14.19 -6.98
C LEU A 52 -11.82 12.68 -6.96
N ALA A 53 -10.71 11.95 -6.96
CA ALA A 53 -10.66 10.49 -6.91
C ALA A 53 -10.69 9.96 -5.45
N LEU A 54 -10.73 10.91 -4.48
CA LEU A 54 -10.59 10.58 -3.05
C LEU A 54 -11.47 9.42 -2.56
N GLU A 55 -12.79 9.50 -2.74
CA GLU A 55 -13.70 8.46 -2.27
C GLU A 55 -14.33 7.70 -3.43
N GLY A 56 -13.63 7.69 -4.55
CA GLY A 56 -14.15 7.01 -5.72
C GLY A 56 -13.64 5.59 -5.82
N LYS A 57 -13.48 5.12 -7.05
CA LYS A 57 -13.00 3.79 -7.30
C LYS A 57 -11.50 3.70 -7.05
N ALA A 58 -11.05 2.56 -6.54
CA ALA A 58 -9.62 2.34 -6.29
C ALA A 58 -8.84 2.42 -7.59
N SER A 59 -9.48 1.99 -8.66
CA SER A 59 -8.88 2.01 -9.98
C SER A 59 -8.48 3.44 -10.36
N HIS A 60 -9.39 4.40 -10.18
CA HIS A 60 -9.10 5.79 -10.47
C HIS A 60 -7.91 6.26 -9.65
N ARG A 61 -7.94 5.97 -8.36
CA ARG A 61 -6.85 6.32 -7.44
C ARG A 61 -5.49 5.88 -8.00
N GLU A 62 -5.44 4.70 -8.62
CA GLU A 62 -4.19 4.19 -9.20
C GLU A 62 -3.88 4.96 -10.48
N MET A 63 -4.94 5.38 -11.16
CA MET A 63 -4.87 6.16 -12.39
C MET A 63 -4.49 7.64 -12.18
N THR A 64 -4.39 8.05 -10.91
CA THR A 64 -4.09 9.45 -10.55
C THR A 64 -2.57 9.70 -10.68
N SER A 65 -1.87 8.58 -10.77
CA SER A 65 -0.39 8.58 -10.89
C SER A 65 0.14 8.93 -12.32
N LYS A 66 -0.71 8.84 -13.36
CA LYS A 66 -0.28 9.11 -14.75
C LYS A 66 -0.10 10.59 -15.12
N LEU A 67 -1.20 11.36 -15.08
CA LEU A 67 -1.19 12.78 -15.45
C LEU A 67 -0.12 13.59 -14.74
N LEU A 68 -0.04 13.44 -13.43
CA LEU A 68 0.93 14.19 -12.63
C LEU A 68 2.34 13.87 -13.08
N SER A 69 2.55 12.62 -13.43
CA SER A 69 3.84 12.17 -13.91
C SER A 69 4.12 12.56 -15.36
N ASP A 70 3.06 12.74 -16.16
CA ASP A 70 3.21 13.10 -17.58
C ASP A 70 3.54 14.56 -17.84
N LEU A 71 2.65 15.46 -17.37
CA LEU A 71 2.84 16.89 -17.60
C LEU A 71 4.17 17.40 -17.08
N CYS A 72 4.41 17.15 -15.80
CA CYS A 72 5.69 17.51 -15.17
C CYS A 72 6.83 17.40 -16.21
N GLY A 73 7.74 18.35 -16.18
CA GLY A 73 8.80 18.35 -17.18
C GLY A 73 8.44 19.12 -18.45
N THR A 74 7.17 19.07 -18.85
CA THR A 74 6.72 19.75 -20.06
C THR A 74 5.61 20.79 -19.76
N VAL A 75 4.97 20.63 -18.62
CA VAL A 75 3.86 21.53 -18.24
C VAL A 75 4.07 22.09 -16.83
N MET A 76 4.72 21.33 -15.97
CA MET A 76 4.95 21.74 -14.59
C MET A 76 6.37 21.44 -14.18
N SER A 77 6.94 22.28 -13.34
CA SER A 77 8.30 22.07 -12.86
C SER A 77 8.29 21.04 -11.74
N THR A 78 9.45 20.64 -11.24
CA THR A 78 9.52 19.66 -10.16
C THR A 78 9.01 20.29 -8.86
N THR A 79 9.34 21.56 -8.68
CA THR A 79 8.92 22.33 -7.51
C THR A 79 7.40 22.49 -7.51
N ASP A 80 6.83 22.47 -8.71
CA ASP A 80 5.39 22.60 -8.89
C ASP A 80 4.66 21.46 -8.19
N VAL A 81 5.10 20.24 -8.48
CA VAL A 81 4.50 19.05 -7.89
C VAL A 81 4.85 19.00 -6.40
N GLU A 82 6.10 19.32 -6.09
CA GLU A 82 6.59 19.35 -4.72
C GLU A 82 5.74 20.31 -3.88
N LYS A 83 5.20 21.33 -4.52
CA LYS A 83 4.37 22.31 -3.86
C LYS A 83 2.95 21.78 -3.61
N SER A 84 2.54 20.83 -4.46
CA SER A 84 1.19 20.27 -4.38
C SER A 84 1.00 19.35 -3.18
N PHE A 85 2.08 18.80 -2.65
CA PHE A 85 1.98 17.89 -1.53
C PHE A 85 1.54 18.62 -0.27
N ASP A 86 2.27 19.66 0.13
CA ASP A 86 1.89 20.46 1.30
C ASP A 86 0.48 21.01 1.09
N LYS A 87 0.25 21.47 -0.13
CA LYS A 87 -1.05 22.01 -0.52
C LYS A 87 -2.16 20.97 -0.27
N LEU A 88 -1.83 19.70 -0.47
CA LEU A 88 -2.76 18.59 -0.23
C LEU A 88 -2.88 18.31 1.27
N LEU A 89 -1.74 18.10 1.91
CA LEU A 89 -1.61 17.82 3.35
C LEU A 89 -2.34 18.79 4.28
N LYS A 90 -2.64 19.99 3.79
CA LYS A 90 -3.30 20.99 4.61
C LYS A 90 -4.81 20.72 4.65
N ASP A 91 -5.26 19.89 3.72
CA ASP A 91 -6.67 19.49 3.66
C ASP A 91 -6.87 18.01 4.03
N LEU A 92 -5.79 17.37 4.47
CA LEU A 92 -5.84 15.94 4.81
C LEU A 92 -6.93 15.54 5.80
N PRO A 93 -6.96 16.08 7.04
CA PRO A 93 -8.01 15.74 8.01
C PRO A 93 -9.39 16.17 7.47
N GLU A 94 -9.36 17.21 6.66
CA GLU A 94 -10.57 17.73 6.03
C GLU A 94 -11.18 16.62 5.17
N LEU A 95 -10.31 16.00 4.35
CA LEU A 95 -10.70 14.89 3.50
C LEU A 95 -11.00 13.65 4.36
N ALA A 96 -10.23 13.49 5.44
CA ALA A 96 -10.43 12.36 6.36
C ALA A 96 -11.85 12.40 6.90
N LEU A 97 -12.24 13.56 7.40
CA LEU A 97 -13.60 13.78 7.89
C LEU A 97 -14.67 13.25 6.92
N ASP A 98 -14.33 13.22 5.63
CA ASP A 98 -15.26 12.74 4.61
C ASP A 98 -15.10 11.24 4.36
N THR A 99 -13.88 10.76 4.46
CA THR A 99 -13.58 9.35 4.23
C THR A 99 -12.45 8.88 5.15
N PRO A 100 -12.70 7.84 5.97
CA PRO A 100 -11.71 7.29 6.91
C PRO A 100 -10.33 7.01 6.29
N ARG A 101 -10.27 6.05 5.38
CA ARG A 101 -9.02 5.67 4.69
C ARG A 101 -8.39 6.79 3.84
N ALA A 102 -8.91 8.02 3.92
CA ALA A 102 -8.36 9.14 3.15
C ALA A 102 -6.85 9.35 3.34
N PRO A 103 -6.36 9.52 4.58
CA PRO A 103 -4.92 9.73 4.83
C PRO A 103 -4.08 8.55 4.33
N GLN A 104 -4.66 7.36 4.36
CA GLN A 104 -3.98 6.15 3.90
C GLN A 104 -3.78 6.17 2.39
N LEU A 105 -4.71 6.80 1.67
CA LEU A 105 -4.64 6.86 0.22
C LEU A 105 -3.52 7.80 -0.22
N VAL A 106 -3.53 9.02 0.30
CA VAL A 106 -2.48 10.02 0.01
C VAL A 106 -1.08 9.44 0.27
N GLY A 107 -1.04 8.52 1.21
CA GLY A 107 0.19 7.85 1.57
C GLY A 107 0.77 7.10 0.37
N GLN A 108 -0.12 6.55 -0.43
CA GLN A 108 0.27 5.79 -1.62
C GLN A 108 0.80 6.73 -2.70
N PHE A 109 0.17 7.89 -2.83
CA PHE A 109 0.56 8.86 -3.83
C PHE A 109 1.98 9.38 -3.60
N ILE A 110 2.26 9.80 -2.37
CA ILE A 110 3.59 10.30 -2.00
C ILE A 110 4.69 9.28 -2.30
N ALA A 111 4.39 7.99 -2.09
CA ALA A 111 5.36 6.93 -2.31
C ALA A 111 5.55 6.71 -3.81
N ARG A 112 4.43 6.64 -4.50
CA ARG A 112 4.39 6.45 -5.94
C ARG A 112 4.96 7.62 -6.73
N ALA A 113 5.03 8.79 -6.09
CA ALA A 113 5.53 9.99 -6.74
C ALA A 113 7.06 9.94 -6.82
N VAL A 114 7.70 9.53 -5.71
CA VAL A 114 9.17 9.42 -5.64
C VAL A 114 9.66 8.33 -6.58
N GLY A 115 8.84 7.30 -6.72
CA GLY A 115 9.15 6.19 -7.60
C GLY A 115 9.29 6.64 -9.04
N ASP A 116 8.38 7.50 -9.50
CA ASP A 116 8.42 8.01 -10.86
C ASP A 116 9.55 9.02 -11.00
N GLY A 117 9.64 9.95 -10.06
CA GLY A 117 10.70 10.94 -10.08
C GLY A 117 10.26 12.33 -9.73
N ILE A 118 8.97 12.63 -9.95
CA ILE A 118 8.40 13.95 -9.67
C ILE A 118 8.53 14.42 -8.21
N LEU A 119 9.01 13.55 -7.33
CA LEU A 119 9.16 13.91 -5.94
C LEU A 119 10.48 13.42 -5.41
N CYS A 120 11.19 14.32 -4.75
CA CYS A 120 12.48 13.97 -4.16
C CYS A 120 12.32 13.16 -2.89
N ASN A 121 13.27 12.27 -2.67
CA ASN A 121 13.31 11.41 -1.50
C ASN A 121 13.62 12.18 -0.20
N THR A 122 13.89 13.48 -0.37
CA THR A 122 14.24 14.35 0.75
C THR A 122 12.98 14.87 1.48
N TYR A 123 11.83 14.84 0.79
CA TYR A 123 10.57 15.32 1.37
C TYR A 123 10.21 14.54 2.63
N ILE A 124 10.53 13.25 2.64
CA ILE A 124 10.24 12.39 3.78
C ILE A 124 11.00 12.87 5.02
N ASP A 125 12.30 13.05 4.87
CA ASP A 125 13.14 13.50 5.98
C ASP A 125 12.79 14.92 6.41
N SER A 126 12.41 15.74 5.44
CA SER A 126 12.01 17.12 5.70
C SER A 126 10.75 17.18 6.57
N TYR A 127 9.93 16.13 6.51
CA TYR A 127 8.67 16.04 7.28
C TYR A 127 8.80 14.95 8.36
N LYS A 128 10.06 14.69 8.71
CA LYS A 128 10.51 13.69 9.71
C LYS A 128 10.44 14.06 11.18
N GLY A 129 9.29 14.48 11.65
CA GLY A 129 9.15 14.86 13.03
C GLY A 129 8.66 16.28 13.10
N THR A 130 9.02 17.03 12.08
CA THR A 130 8.60 18.40 11.95
C THR A 130 7.18 18.47 11.40
N VAL A 131 6.25 17.76 12.06
CA VAL A 131 4.85 17.73 11.63
C VAL A 131 3.91 17.80 12.84
N ASP A 132 3.11 18.86 12.89
CA ASP A 132 2.16 19.07 13.97
C ASP A 132 0.79 18.47 13.66
N CYS A 133 0.69 17.80 12.52
CA CYS A 133 -0.57 17.19 12.09
C CYS A 133 -0.42 15.67 12.03
N VAL A 134 -1.15 14.96 12.89
CA VAL A 134 -1.08 13.50 12.94
C VAL A 134 -1.43 12.87 11.58
N GLN A 135 -2.46 13.41 10.93
CA GLN A 135 -2.89 12.92 9.62
C GLN A 135 -1.73 12.92 8.64
N ALA A 136 -1.00 14.03 8.61
CA ALA A 136 0.15 14.17 7.72
C ALA A 136 1.23 13.16 8.09
N ARG A 137 1.46 12.98 9.39
CA ARG A 137 2.44 12.03 9.88
C ARG A 137 2.12 10.61 9.38
N ALA A 138 0.89 10.17 9.62
CA ALA A 138 0.45 8.84 9.22
C ALA A 138 0.64 8.62 7.71
N ALA A 139 0.31 9.65 6.93
CA ALA A 139 0.45 9.57 5.48
C ALA A 139 1.90 9.33 5.07
N LEU A 140 2.80 10.11 5.65
CA LEU A 140 4.23 10.00 5.34
C LEU A 140 4.81 8.68 5.82
N ASP A 141 4.47 8.28 7.04
CA ASP A 141 4.95 7.04 7.62
C ASP A 141 4.58 5.84 6.74
N LYS A 142 3.38 5.89 6.21
CA LYS A 142 2.87 4.83 5.34
C LYS A 142 3.57 4.88 3.98
N ALA A 143 3.78 6.10 3.48
CA ALA A 143 4.42 6.30 2.18
C ALA A 143 5.82 5.69 2.19
N THR A 144 6.51 5.85 3.31
CA THR A 144 7.86 5.32 3.45
C THR A 144 7.87 3.81 3.31
N VAL A 145 6.85 3.16 3.87
CA VAL A 145 6.74 1.71 3.81
C VAL A 145 6.33 1.22 2.43
N LEU A 146 5.36 1.92 1.82
CA LEU A 146 4.88 1.57 0.49
C LEU A 146 6.00 1.56 -0.53
N LEU A 147 6.99 2.43 -0.31
CA LEU A 147 8.16 2.54 -1.17
C LEU A 147 9.05 1.29 -1.07
N SER A 148 8.90 0.55 0.02
CA SER A 148 9.67 -0.66 0.22
C SER A 148 9.14 -1.81 -0.65
N MET A 149 7.82 -1.97 -0.67
CA MET A 149 7.18 -3.03 -1.45
C MET A 149 7.29 -2.78 -2.95
N SER A 150 7.66 -1.56 -3.32
CA SER A 150 7.82 -1.21 -4.72
C SER A 150 8.92 -2.06 -5.34
N LYS A 151 9.94 -2.36 -4.54
CA LYS A 151 11.05 -3.18 -5.01
C LYS A 151 10.74 -4.66 -4.86
N GLY A 152 9.82 -4.97 -3.94
CA GLY A 152 9.43 -6.34 -3.72
C GLY A 152 8.59 -6.88 -4.87
N GLY A 153 9.04 -7.99 -5.44
CA GLY A 153 8.35 -8.58 -6.55
C GLY A 153 8.73 -7.93 -7.86
N LYS A 154 9.44 -6.82 -7.77
CA LYS A 154 9.87 -6.08 -8.95
C LYS A 154 11.26 -6.55 -9.35
N ARG A 155 11.31 -7.64 -10.09
CA ARG A 155 12.58 -8.19 -10.55
C ARG A 155 12.63 -8.19 -12.07
N LYS A 156 11.83 -7.32 -12.66
CA LYS A 156 11.77 -7.16 -14.10
C LYS A 156 12.15 -5.74 -14.46
N ASP A 157 13.44 -5.50 -14.66
CA ASP A 157 13.92 -4.17 -14.98
C ASP A 157 14.25 -4.04 -16.47
N SER A 158 13.30 -3.52 -17.21
CA SER A 158 13.45 -3.31 -18.64
C SER A 158 12.90 -1.94 -19.02
N VAL A 159 13.69 -1.17 -19.76
CA VAL A 159 13.26 0.17 -20.19
C VAL A 159 13.81 0.49 -21.58
N TRP A 160 12.94 0.99 -22.44
CA TRP A 160 13.34 1.33 -23.81
C TRP A 160 12.90 2.76 -24.14
N GLY A 161 11.65 3.07 -23.86
CA GLY A 161 11.13 4.40 -24.13
C GLY A 161 9.68 4.35 -24.55
N SER A 162 9.42 3.96 -25.78
CA SER A 162 8.06 3.87 -26.30
C SER A 162 7.52 2.46 -26.11
N GLY A 163 6.26 2.36 -25.70
CA GLY A 163 5.65 1.08 -25.51
C GLY A 163 4.51 1.18 -24.53
N GLY B 1 1.63 1.13 -23.73
CA GLY B 1 0.70 -0.02 -23.74
C GLY B 1 -0.73 0.42 -23.86
N GLY B 2 -1.66 -0.45 -23.46
CA GLY B 2 -3.06 -0.11 -23.55
C GLY B 2 -3.88 -0.86 -22.52
N GLN B 3 -4.48 -1.97 -22.95
CA GLN B 3 -5.29 -2.79 -22.06
C GLN B 3 -4.51 -4.00 -21.58
N GLN B 4 -4.20 -4.02 -20.30
CA GLN B 4 -3.47 -5.12 -19.70
C GLN B 4 -4.39 -5.95 -18.81
N PRO B 5 -4.16 -7.27 -18.73
CA PRO B 5 -4.97 -8.17 -17.90
C PRO B 5 -4.79 -7.86 -16.42
N VAL B 6 -5.80 -8.19 -15.62
CA VAL B 6 -5.75 -7.93 -14.19
C VAL B 6 -4.58 -8.64 -13.52
N ASN B 7 -3.89 -7.93 -12.65
CA ASN B 7 -2.75 -8.50 -11.94
C ASN B 7 -3.25 -9.25 -10.71
N HIS B 8 -2.72 -10.44 -10.47
CA HIS B 8 -3.15 -11.24 -9.33
C HIS B 8 -1.99 -11.99 -8.72
N LEU B 9 -1.99 -12.05 -7.38
CA LEU B 9 -0.96 -12.73 -6.60
C LEU B 9 0.34 -11.93 -6.53
N VAL B 10 0.88 -11.60 -7.69
CA VAL B 10 2.12 -10.84 -7.78
C VAL B 10 2.00 -9.49 -7.07
N LYS B 11 2.84 -9.29 -6.05
CA LYS B 11 2.88 -8.04 -5.27
C LYS B 11 1.76 -7.95 -4.24
N GLU B 12 0.59 -8.51 -4.55
CA GLU B 12 -0.56 -8.47 -3.64
C GLU B 12 -0.24 -9.06 -2.27
N ILE B 13 0.37 -10.24 -2.26
CA ILE B 13 0.73 -10.90 -1.00
C ILE B 13 1.75 -10.06 -0.21
N ASP B 14 2.77 -9.59 -0.89
CA ASP B 14 3.82 -8.79 -0.27
C ASP B 14 3.26 -7.47 0.25
N MET B 15 2.51 -6.79 -0.62
CA MET B 15 1.88 -5.52 -0.29
C MET B 15 1.06 -5.63 1.00
N LEU B 16 0.53 -6.80 1.26
CA LEU B 16 -0.24 -7.06 2.47
C LEU B 16 0.66 -7.30 3.70
N LEU B 17 1.57 -8.25 3.56
CA LEU B 17 2.45 -8.68 4.64
C LEU B 17 3.51 -7.66 5.05
N LYS B 18 4.30 -7.19 4.09
CA LYS B 18 5.37 -6.23 4.40
C LYS B 18 4.81 -4.93 4.95
N GLU B 19 3.64 -4.52 4.45
CA GLU B 19 2.99 -3.30 4.91
C GLU B 19 2.72 -3.41 6.40
N TYR B 20 2.01 -4.47 6.79
CA TYR B 20 1.70 -4.72 8.19
C TYR B 20 2.95 -4.78 9.04
N LEU B 21 4.02 -5.36 8.51
CA LEU B 21 5.27 -5.48 9.23
C LEU B 21 5.94 -4.12 9.46
N LEU B 22 6.31 -3.48 8.36
CA LEU B 22 6.99 -2.19 8.42
C LEU B 22 6.14 -1.06 9.04
N SER B 23 4.87 -0.99 8.68
CA SER B 23 3.99 0.05 9.21
C SER B 23 3.41 -0.31 10.57
N GLY B 24 2.57 -1.33 10.58
CA GLY B 24 1.92 -1.74 11.81
C GLY B 24 0.48 -1.27 11.81
N ASP B 25 0.02 -0.94 10.60
CA ASP B 25 -1.33 -0.46 10.39
C ASP B 25 -2.29 -1.62 10.19
N ILE B 26 -2.93 -2.02 11.27
CA ILE B 26 -3.89 -3.13 11.25
C ILE B 26 -5.06 -2.82 10.33
N SER B 27 -5.36 -1.53 10.12
CA SER B 27 -6.48 -1.14 9.29
C SER B 27 -6.33 -1.58 7.82
N GLU B 28 -5.27 -1.17 7.15
CA GLU B 28 -5.06 -1.55 5.75
C GLU B 28 -4.76 -3.04 5.62
N ALA B 29 -4.08 -3.58 6.62
CA ALA B 29 -3.73 -4.99 6.63
C ALA B 29 -4.99 -5.82 6.68
N GLU B 30 -5.98 -5.32 7.40
CA GLU B 30 -7.27 -5.98 7.52
C GLU B 30 -8.17 -5.74 6.29
N HIS B 31 -8.30 -4.47 5.90
CA HIS B 31 -9.18 -4.07 4.81
C HIS B 31 -8.80 -4.68 3.47
N CYS B 32 -7.58 -4.42 3.01
CA CYS B 32 -7.11 -4.98 1.75
C CYS B 32 -7.18 -6.51 1.75
N LEU B 33 -7.00 -7.10 2.92
CA LEU B 33 -7.06 -8.55 3.07
C LEU B 33 -8.49 -9.05 2.90
N LYS B 34 -9.45 -8.29 3.42
CA LYS B 34 -10.87 -8.65 3.32
C LYS B 34 -11.43 -8.39 1.92
N GLU B 35 -11.06 -7.25 1.35
CA GLU B 35 -11.46 -6.85 -0.01
C GLU B 35 -11.04 -7.83 -1.12
N LEU B 36 -10.38 -8.91 -0.72
CA LEU B 36 -9.92 -9.94 -1.64
C LEU B 36 -11.12 -10.70 -2.25
N GLU B 37 -11.08 -10.90 -3.56
CA GLU B 37 -12.15 -11.59 -4.28
C GLU B 37 -12.08 -13.12 -4.12
N VAL B 38 -10.97 -13.62 -3.58
CA VAL B 38 -10.79 -15.06 -3.40
C VAL B 38 -10.42 -15.43 -1.96
N PRO B 39 -11.42 -15.80 -1.14
CA PRO B 39 -11.23 -16.18 0.25
C PRO B 39 -10.58 -17.56 0.39
N HIS B 40 -11.03 -18.51 -0.40
CA HIS B 40 -10.50 -19.88 -0.35
C HIS B 40 -9.05 -19.99 -0.84
N PHE B 41 -8.56 -18.95 -1.52
CA PHE B 41 -7.19 -18.93 -2.04
C PHE B 41 -6.23 -18.19 -1.09
N HIS B 42 -6.74 -17.98 0.12
CA HIS B 42 -6.03 -17.30 1.21
C HIS B 42 -4.79 -18.07 1.73
N HIS B 43 -4.37 -19.13 1.02
CA HIS B 43 -3.26 -19.98 1.45
C HIS B 43 -1.93 -19.26 1.74
N GLU B 44 -1.26 -18.68 0.71
CA GLU B 44 0.02 -17.97 0.91
C GLU B 44 0.03 -16.97 2.04
N LEU B 45 -1.11 -16.35 2.26
CA LEU B 45 -1.27 -15.37 3.30
C LEU B 45 -0.66 -15.87 4.62
N VAL B 46 -0.85 -17.15 4.92
CA VAL B 46 -0.32 -17.74 6.14
C VAL B 46 1.16 -18.12 5.94
N TYR B 47 1.41 -19.15 5.12
CA TYR B 47 2.75 -19.63 4.80
C TYR B 47 3.82 -18.54 4.62
N GLU B 48 3.54 -17.56 3.79
CA GLU B 48 4.48 -16.49 3.51
C GLU B 48 4.72 -15.64 4.75
N ALA B 49 3.73 -15.59 5.61
CA ALA B 49 3.80 -14.82 6.85
C ALA B 49 4.68 -15.53 7.88
N ILE B 50 4.69 -16.87 7.87
CA ILE B 50 5.49 -17.63 8.83
C ILE B 50 6.97 -17.52 8.45
N VAL B 51 7.30 -17.97 7.24
CA VAL B 51 8.65 -17.85 6.69
C VAL B 51 9.20 -16.42 6.77
N MET B 52 8.30 -15.47 6.88
CA MET B 52 8.71 -14.07 6.94
C MET B 52 9.36 -13.79 8.29
N VAL B 53 8.80 -14.41 9.33
CA VAL B 53 9.31 -14.26 10.68
C VAL B 53 10.75 -14.76 10.80
N LEU B 54 10.98 -16.03 10.48
CA LEU B 54 12.32 -16.63 10.58
C LEU B 54 13.36 -15.91 9.74
N GLU B 55 13.03 -15.76 8.45
CA GLU B 55 13.93 -15.06 7.53
C GLU B 55 14.37 -13.69 8.08
N SER B 56 13.50 -13.02 8.82
CA SER B 56 13.86 -11.74 9.44
C SER B 56 14.78 -11.92 10.65
N THR B 57 15.01 -10.84 11.39
CA THR B 57 15.87 -10.89 12.56
C THR B 57 15.26 -10.05 13.68
N GLY B 58 15.33 -10.55 14.90
CA GLY B 58 14.80 -9.81 16.03
C GLY B 58 13.42 -10.27 16.42
N GLU B 59 12.95 -9.80 17.57
CA GLU B 59 11.64 -10.15 18.07
C GLU B 59 10.54 -9.25 17.50
N SER B 60 10.92 -8.31 16.64
CA SER B 60 9.95 -7.38 16.07
C SER B 60 8.94 -8.12 15.19
N ALA B 61 9.44 -8.79 14.15
CA ALA B 61 8.61 -9.59 13.24
C ALA B 61 7.86 -10.71 13.97
N PHE B 62 8.38 -11.07 15.14
CA PHE B 62 7.80 -12.15 15.94
C PHE B 62 6.52 -11.64 16.58
N LYS B 63 6.63 -10.54 17.29
CA LYS B 63 5.49 -9.95 17.95
C LYS B 63 4.47 -9.37 16.96
N MET B 64 4.90 -8.98 15.73
CA MET B 64 3.95 -8.37 14.80
C MET B 64 3.17 -9.37 13.92
N ILE B 65 3.88 -10.09 13.03
CA ILE B 65 3.24 -11.07 12.10
C ILE B 65 2.46 -12.18 12.78
N LEU B 66 2.86 -12.46 13.98
CA LEU B 66 2.22 -13.50 14.78
C LEU B 66 0.86 -13.01 15.27
N ASP B 67 0.74 -11.70 15.51
CA ASP B 67 -0.50 -11.11 16.00
C ASP B 67 -1.62 -11.05 14.97
N LEU B 68 -1.33 -10.56 13.76
CA LEU B 68 -2.35 -10.45 12.71
C LEU B 68 -3.12 -11.75 12.46
N LEU B 69 -2.41 -12.79 12.02
CA LEU B 69 -3.05 -14.09 11.79
C LEU B 69 -3.94 -14.52 12.94
N LYS B 70 -3.55 -14.17 14.17
CA LYS B 70 -4.35 -14.50 15.33
C LYS B 70 -5.59 -13.61 15.38
N SER B 71 -5.37 -12.30 15.18
CA SER B 71 -6.45 -11.30 15.18
C SER B 71 -7.58 -11.62 14.21
N LEU B 72 -7.24 -11.74 12.93
CA LEU B 72 -8.23 -12.05 11.88
C LEU B 72 -9.04 -13.30 12.22
N TRP B 73 -8.33 -14.39 12.48
CA TRP B 73 -8.96 -15.66 12.86
C TRP B 73 -10.06 -15.47 13.92
N LYS B 74 -9.80 -14.66 14.93
CA LYS B 74 -10.78 -14.41 15.99
C LYS B 74 -11.92 -13.52 15.49
N SER B 75 -11.59 -12.65 14.55
CA SER B 75 -12.53 -11.70 13.96
C SER B 75 -13.19 -12.23 12.69
N SER B 76 -13.30 -13.56 12.57
CA SER B 76 -13.87 -14.21 11.37
C SER B 76 -13.23 -13.75 10.08
N THR B 77 -12.09 -14.32 9.77
CA THR B 77 -11.36 -13.96 8.56
C THR B 77 -10.62 -15.18 7.98
N ILE B 78 -10.04 -15.99 8.85
CA ILE B 78 -9.31 -17.18 8.41
C ILE B 78 -10.01 -18.46 8.88
N THR B 79 -10.09 -19.43 7.98
CA THR B 79 -10.71 -20.71 8.28
C THR B 79 -9.60 -21.75 8.52
N ILE B 80 -9.91 -22.85 9.21
CA ILE B 80 -8.90 -23.87 9.51
C ILE B 80 -8.24 -24.42 8.24
N ASP B 81 -9.06 -24.94 7.32
CA ASP B 81 -8.55 -25.47 6.03
C ASP B 81 -7.60 -24.52 5.32
N GLN B 82 -7.75 -23.22 5.55
CA GLN B 82 -6.88 -22.23 4.93
C GLN B 82 -5.52 -22.22 5.61
N MET B 83 -5.54 -22.18 6.94
CA MET B 83 -4.31 -22.15 7.74
C MET B 83 -3.64 -23.52 7.74
N LYS B 84 -4.38 -24.55 8.16
CA LYS B 84 -3.89 -25.93 8.17
C LYS B 84 -3.23 -26.35 6.86
N ARG B 85 -3.66 -25.74 5.76
CA ARG B 85 -3.13 -26.09 4.45
C ARG B 85 -1.76 -25.42 4.29
N GLY B 86 -1.60 -24.27 4.93
CA GLY B 86 -0.35 -23.53 4.88
C GLY B 86 0.72 -24.14 5.76
N TYR B 87 0.32 -24.64 6.93
CA TYR B 87 1.25 -25.27 7.87
C TYR B 87 1.93 -26.48 7.23
N GLU B 88 1.10 -27.45 6.80
CA GLU B 88 1.65 -28.63 6.10
C GLU B 88 2.70 -28.30 5.05
N ARG B 89 2.56 -27.16 4.38
CA ARG B 89 3.53 -26.74 3.37
C ARG B 89 4.87 -26.35 4.01
N ILE B 90 4.79 -25.73 5.20
CA ILE B 90 5.98 -25.27 5.93
C ILE B 90 6.98 -26.40 6.12
N TYR B 91 6.51 -27.53 6.67
CA TYR B 91 7.38 -28.68 6.90
C TYR B 91 8.12 -29.13 5.65
N ASN B 92 7.54 -28.88 4.49
CA ASN B 92 8.18 -29.25 3.24
C ASN B 92 9.34 -28.31 2.91
N GLU B 93 9.16 -27.04 3.26
CA GLU B 93 10.18 -26.03 3.00
C GLU B 93 11.27 -26.07 4.07
N ILE B 94 10.96 -26.73 5.18
CA ILE B 94 11.90 -26.86 6.30
C ILE B 94 13.28 -27.34 5.87
N PRO B 95 13.40 -28.50 5.17
CA PRO B 95 14.70 -29.02 4.72
C PRO B 95 15.45 -28.05 3.80
N ASP B 96 14.70 -27.30 2.99
CA ASP B 96 15.31 -26.35 2.07
C ASP B 96 15.93 -25.18 2.81
N ILE B 97 15.22 -24.67 3.81
CA ILE B 97 15.70 -23.55 4.60
C ILE B 97 16.73 -23.99 5.64
N ASN B 98 16.46 -25.11 6.31
CA ASN B 98 17.36 -25.64 7.33
C ASN B 98 18.64 -26.15 6.71
N LEU B 99 18.51 -27.02 5.72
CA LEU B 99 19.65 -27.62 5.01
C LEU B 99 20.63 -28.26 5.97
N ASP B 100 20.16 -29.31 6.65
CA ASP B 100 20.96 -30.06 7.64
C ASP B 100 21.22 -29.23 8.90
N VAL B 101 21.46 -29.92 10.02
CA VAL B 101 21.71 -29.26 11.30
C VAL B 101 20.58 -28.28 11.63
N PRO B 102 19.39 -28.82 11.96
CA PRO B 102 18.23 -28.00 12.27
C PRO B 102 18.45 -27.16 13.53
N HIS B 103 18.43 -25.84 13.35
CA HIS B 103 18.62 -24.92 14.46
C HIS B 103 17.46 -23.94 14.52
N SER B 104 16.44 -24.23 13.73
CA SER B 104 15.24 -23.41 13.67
C SER B 104 14.14 -24.08 14.48
N TYR B 105 14.50 -25.20 15.12
CA TYR B 105 13.57 -25.95 15.93
C TYR B 105 12.97 -25.04 16.99
N SER B 106 13.82 -24.23 17.59
CA SER B 106 13.40 -23.29 18.61
C SER B 106 12.26 -22.38 18.12
N VAL B 107 12.35 -21.93 16.86
CA VAL B 107 11.34 -21.05 16.30
C VAL B 107 10.06 -21.83 15.99
N LEU B 108 10.20 -22.86 15.16
CA LEU B 108 9.08 -23.72 14.78
C LEU B 108 8.37 -24.34 15.99
N GLU B 109 9.10 -24.45 17.08
CA GLU B 109 8.56 -25.03 18.30
C GLU B 109 7.72 -24.01 19.04
N ARG B 110 8.32 -22.86 19.31
CA ARG B 110 7.63 -21.80 20.04
C ARG B 110 6.43 -21.26 19.25
N PHE B 111 6.52 -21.32 17.93
CA PHE B 111 5.45 -20.84 17.08
C PHE B 111 4.21 -21.74 17.15
N VAL B 112 4.33 -22.97 16.64
CA VAL B 112 3.22 -23.93 16.68
C VAL B 112 2.58 -24.05 18.06
N GLU B 113 3.42 -24.12 19.10
CA GLU B 113 2.89 -24.23 20.46
C GLU B 113 2.11 -22.99 20.85
N GLU B 114 2.66 -21.82 20.53
CA GLU B 114 1.99 -20.55 20.82
C GLU B 114 0.60 -20.51 20.19
N CYS B 115 0.53 -20.91 18.92
CA CYS B 115 -0.74 -20.95 18.21
C CYS B 115 -1.70 -21.93 18.86
N PHE B 116 -1.22 -23.17 19.03
CA PHE B 116 -2.02 -24.22 19.67
C PHE B 116 -2.62 -23.76 20.99
N GLN B 117 -1.88 -22.96 21.75
CA GLN B 117 -2.38 -22.43 23.01
C GLN B 117 -3.70 -21.70 22.79
N ALA B 118 -3.75 -20.84 21.76
CA ALA B 118 -4.96 -20.07 21.50
C ALA B 118 -6.14 -20.95 21.12
N GLY B 119 -5.93 -21.91 20.22
CA GLY B 119 -7.01 -22.85 19.90
C GLY B 119 -7.48 -22.75 18.44
N ILE B 120 -6.84 -21.89 17.64
CA ILE B 120 -7.20 -21.73 16.23
C ILE B 120 -6.71 -22.90 15.36
N ILE B 121 -6.10 -23.88 16.01
CA ILE B 121 -5.56 -25.06 15.32
C ILE B 121 -5.82 -26.32 16.13
N SER B 122 -6.10 -27.41 15.44
CA SER B 122 -6.35 -28.69 16.09
C SER B 122 -5.04 -29.39 16.42
N LYS B 123 -5.12 -30.45 17.23
CA LYS B 123 -3.95 -31.21 17.61
C LYS B 123 -3.31 -31.81 16.37
N GLN B 124 -4.13 -32.46 15.56
CA GLN B 124 -3.69 -33.07 14.30
C GLN B 124 -2.72 -32.18 13.53
N LEU B 125 -3.01 -30.88 13.43
CA LEU B 125 -2.13 -29.97 12.72
C LEU B 125 -0.76 -29.90 13.39
N ARG B 126 -0.78 -29.84 14.72
CA ARG B 126 0.46 -29.81 15.48
C ARG B 126 1.22 -31.11 15.30
N ASP B 127 0.51 -32.23 15.49
CA ASP B 127 1.09 -33.56 15.30
C ASP B 127 1.81 -33.69 13.96
N LEU B 128 1.31 -33.01 12.94
CA LEU B 128 1.94 -33.04 11.61
C LEU B 128 3.36 -32.46 11.70
N CYS B 129 3.51 -31.47 12.55
CA CYS B 129 4.80 -30.83 12.77
C CYS B 129 5.69 -31.76 13.60
N PRO B 130 7.00 -31.82 13.31
CA PRO B 130 7.93 -32.68 14.05
C PRO B 130 8.07 -32.24 15.50
N SER B 131 7.20 -32.78 16.35
CA SER B 131 7.20 -32.47 17.77
C SER B 131 8.43 -33.04 18.46
N GLY A 1 2.78 30.29 -2.21
CA GLY A 1 1.81 31.42 -2.19
C GLY A 1 0.40 30.95 -1.95
N LEU A 2 -0.48 31.87 -1.57
CA LEU A 2 -1.88 31.52 -1.31
C LEU A 2 -2.67 31.49 -2.61
N PRO A 3 -3.50 30.45 -2.78
CA PRO A 3 -4.33 30.29 -3.99
C PRO A 3 -5.43 31.35 -4.08
N LEU A 4 -5.36 32.18 -5.12
CA LEU A 4 -6.34 33.23 -5.32
C LEU A 4 -7.59 32.65 -5.98
N ASP A 5 -8.75 33.20 -5.65
CA ASP A 5 -10.03 32.73 -6.22
C ASP A 5 -10.35 31.30 -5.80
N GLU A 6 -9.83 30.94 -4.62
CA GLU A 6 -10.03 29.57 -4.07
C GLU A 6 -11.26 28.79 -4.57
N ARG A 7 -12.49 29.31 -4.49
CA ARG A 7 -13.63 28.51 -4.95
C ARG A 7 -13.76 28.48 -6.48
N ALA A 8 -13.42 29.61 -7.08
CA ALA A 8 -13.46 29.82 -8.52
C ALA A 8 -12.62 28.80 -9.31
N PHE A 9 -11.67 28.17 -8.65
CA PHE A 9 -10.76 27.28 -9.38
C PHE A 9 -11.32 25.85 -9.34
N GLU A 10 -12.13 25.60 -8.31
CA GLU A 10 -12.66 24.27 -8.05
C GLU A 10 -13.84 23.93 -8.94
N LYS A 11 -14.87 24.76 -8.85
CA LYS A 11 -16.12 24.57 -9.59
C LYS A 11 -15.91 24.30 -11.08
N THR A 12 -15.02 25.04 -11.70
CA THR A 12 -14.75 24.88 -13.12
C THR A 12 -13.92 23.62 -13.36
N LEU A 13 -12.70 23.65 -12.86
CA LEU A 13 -11.78 22.50 -12.95
C LEU A 13 -12.38 21.12 -12.66
N THR A 14 -13.48 21.04 -11.91
CA THR A 14 -14.08 19.73 -11.58
C THR A 14 -14.35 18.85 -12.82
N PRO A 15 -15.24 19.26 -13.75
CA PRO A 15 -15.54 18.46 -14.96
C PRO A 15 -14.29 18.23 -15.81
N ILE A 16 -13.48 19.28 -15.98
CA ILE A 16 -12.23 19.22 -16.75
C ILE A 16 -11.33 18.08 -16.25
N ILE A 17 -11.41 17.81 -14.96
CA ILE A 17 -10.61 16.75 -14.35
C ILE A 17 -11.34 15.42 -14.48
N GLN A 18 -12.64 15.44 -14.21
CA GLN A 18 -13.49 14.26 -14.29
C GLN A 18 -13.39 13.55 -15.65
N GLU A 19 -13.25 14.33 -16.72
CA GLU A 19 -13.14 13.76 -18.06
C GLU A 19 -11.92 12.85 -18.16
N TYR A 20 -10.79 13.38 -17.71
CA TYR A 20 -9.53 12.63 -17.67
C TYR A 20 -9.70 11.17 -17.22
N PHE A 21 -10.55 10.93 -16.24
CA PHE A 21 -10.76 9.57 -15.73
C PHE A 21 -11.58 8.73 -16.69
N GLU A 22 -12.52 9.38 -17.38
CA GLU A 22 -13.39 8.70 -18.32
C GLU A 22 -12.63 8.09 -19.51
N HIS A 23 -11.91 8.92 -20.26
CA HIS A 23 -11.16 8.41 -21.40
C HIS A 23 -9.66 8.22 -21.15
N GLY A 24 -9.09 9.07 -20.31
CA GLY A 24 -7.67 8.95 -20.00
C GLY A 24 -6.74 9.61 -21.02
N ASP A 25 -6.80 10.93 -21.10
CA ASP A 25 -5.95 11.69 -22.03
C ASP A 25 -5.31 12.88 -21.32
N THR A 26 -4.00 12.82 -21.14
CA THR A 26 -3.27 13.89 -20.48
C THR A 26 -3.13 15.14 -21.35
N ASN A 27 -3.29 14.97 -22.66
CA ASN A 27 -3.15 16.07 -23.60
C ASN A 27 -4.15 17.18 -23.36
N GLU A 28 -5.44 16.83 -23.35
CA GLU A 28 -6.52 17.80 -23.17
C GLU A 28 -6.29 18.66 -21.91
N VAL A 29 -5.87 18.00 -20.84
CA VAL A 29 -5.60 18.67 -19.58
C VAL A 29 -4.52 19.73 -19.76
N ALA A 30 -3.36 19.32 -20.27
CA ALA A 30 -2.24 20.24 -20.48
C ALA A 30 -2.60 21.35 -21.46
N GLU A 31 -3.42 21.01 -22.46
CA GLU A 31 -3.86 21.97 -23.46
C GLU A 31 -4.69 23.09 -22.83
N MET A 32 -5.60 22.71 -21.95
CA MET A 32 -6.47 23.68 -21.29
C MET A 32 -5.73 24.51 -20.25
N LEU A 33 -4.77 23.88 -19.56
CA LEU A 33 -3.99 24.58 -18.54
C LEU A 33 -3.33 25.84 -19.10
N ARG A 34 -2.62 25.68 -20.21
CA ARG A 34 -1.98 26.81 -20.88
C ARG A 34 -2.95 27.96 -21.13
N ASP A 35 -4.15 27.63 -21.60
CA ASP A 35 -5.16 28.65 -21.86
C ASP A 35 -5.58 29.33 -20.56
N LEU A 36 -5.75 28.52 -19.53
CA LEU A 36 -6.13 29.03 -18.21
C LEU A 36 -5.09 30.04 -17.72
N ASN A 37 -3.83 29.64 -17.78
CA ASN A 37 -2.69 30.49 -17.37
C ASN A 37 -2.77 30.81 -15.87
N LEU A 38 -2.02 30.07 -15.06
CA LEU A 38 -2.02 30.27 -13.62
C LEU A 38 -0.60 30.23 -13.07
N GLY A 39 -0.40 30.84 -11.91
CA GLY A 39 0.92 30.84 -11.29
C GLY A 39 1.01 29.85 -10.16
N GLU A 40 0.86 30.33 -8.92
CA GLU A 40 0.91 29.47 -7.76
C GLU A 40 -0.36 28.63 -7.68
N MET A 41 -1.39 29.07 -8.39
CA MET A 41 -2.67 28.36 -8.43
C MET A 41 -2.49 27.01 -9.13
N LYS A 42 -1.33 26.83 -9.74
CA LYS A 42 -1.01 25.60 -10.45
C LYS A 42 -0.88 24.44 -9.46
N SER A 43 -0.52 24.76 -8.22
CA SER A 43 -0.38 23.73 -7.19
C SER A 43 -1.72 23.00 -6.99
N GLY A 44 -2.79 23.77 -6.89
CA GLY A 44 -4.13 23.19 -6.76
C GLY A 44 -4.56 22.32 -7.94
N VAL A 45 -3.73 22.28 -8.97
CA VAL A 45 -4.04 21.47 -10.16
C VAL A 45 -3.99 19.97 -9.83
N PRO A 46 -2.83 19.44 -9.40
CA PRO A 46 -2.70 18.03 -9.03
C PRO A 46 -3.53 17.68 -7.79
N VAL A 47 -3.49 18.54 -6.76
CA VAL A 47 -4.25 18.31 -5.53
C VAL A 47 -5.73 18.04 -5.83
N LEU A 48 -6.41 19.08 -6.33
CA LEU A 48 -7.82 18.97 -6.73
C LEU A 48 -8.08 17.71 -7.58
N ALA A 49 -7.03 17.25 -8.26
CA ALA A 49 -7.12 16.05 -9.08
C ALA A 49 -7.10 14.79 -8.21
N VAL A 50 -6.14 14.73 -7.30
CA VAL A 50 -5.95 13.58 -6.40
C VAL A 50 -7.18 13.24 -5.55
N SER A 51 -7.64 14.17 -4.73
CA SER A 51 -8.82 13.94 -3.87
C SER A 51 -10.02 13.58 -4.75
N LEU A 52 -10.21 14.40 -5.76
CA LEU A 52 -11.27 14.16 -6.76
C LEU A 52 -11.21 12.70 -7.25
N ALA A 53 -10.00 12.14 -7.30
CA ALA A 53 -9.78 10.76 -7.72
C ALA A 53 -10.04 9.77 -6.58
N LEU A 54 -9.77 10.21 -5.34
CA LEU A 54 -10.01 9.39 -4.14
C LEU A 54 -11.52 9.25 -3.88
N GLU A 55 -12.32 9.79 -4.78
CA GLU A 55 -13.79 9.80 -4.66
C GLU A 55 -14.52 8.63 -5.35
N GLY A 56 -14.06 7.43 -5.11
CA GLY A 56 -14.73 6.31 -5.73
C GLY A 56 -14.09 4.98 -5.50
N LYS A 57 -13.87 4.28 -6.59
CA LYS A 57 -13.22 2.99 -6.54
C LYS A 57 -11.73 3.20 -6.38
N ALA A 58 -11.04 2.21 -5.88
CA ALA A 58 -9.60 2.33 -5.66
C ALA A 58 -8.85 2.47 -6.97
N SER A 59 -9.41 1.89 -8.02
CA SER A 59 -8.82 1.91 -9.35
C SER A 59 -8.80 3.31 -9.97
N HIS A 60 -9.56 4.24 -9.39
CA HIS A 60 -9.70 5.58 -9.96
C HIS A 60 -8.35 6.31 -10.01
N ARG A 61 -7.76 6.54 -8.83
CA ARG A 61 -6.48 7.22 -8.70
C ARG A 61 -5.29 6.50 -9.31
N GLU A 62 -5.44 5.24 -9.71
CA GLU A 62 -4.28 4.50 -10.21
C GLU A 62 -3.87 5.04 -11.58
N MET A 63 -4.87 5.46 -12.36
CA MET A 63 -4.62 6.00 -13.69
C MET A 63 -4.13 7.45 -13.67
N THR A 64 -4.42 8.16 -12.58
CA THR A 64 -4.00 9.55 -12.40
C THR A 64 -2.47 9.71 -12.44
N SER A 65 -1.76 8.60 -12.25
CA SER A 65 -0.30 8.62 -12.19
C SER A 65 0.29 9.18 -13.49
N LYS A 66 -0.36 8.86 -14.62
CA LYS A 66 0.10 9.33 -15.92
C LYS A 66 0.04 10.85 -15.96
N LEU A 67 -1.16 11.39 -15.70
CA LEU A 67 -1.35 12.83 -15.63
C LEU A 67 -0.26 13.51 -14.83
N LEU A 68 0.11 12.93 -13.71
CA LEU A 68 1.16 13.50 -12.87
C LEU A 68 2.53 13.47 -13.57
N SER A 69 2.73 12.47 -14.42
CA SER A 69 4.00 12.33 -15.13
C SER A 69 4.24 13.46 -16.12
N ASP A 70 3.40 13.59 -17.15
CA ASP A 70 3.55 14.66 -18.15
C ASP A 70 3.56 16.05 -17.53
N LEU A 71 2.54 16.33 -16.73
CA LEU A 71 2.44 17.63 -16.06
C LEU A 71 3.75 18.00 -15.36
N CYS A 72 4.44 17.01 -14.82
CA CYS A 72 5.71 17.26 -14.17
C CYS A 72 6.83 17.30 -15.21
N GLY A 73 7.21 18.50 -15.63
CA GLY A 73 8.25 18.63 -16.63
C GLY A 73 7.78 19.41 -17.86
N THR A 74 6.51 19.27 -18.19
CA THR A 74 5.97 19.97 -19.35
C THR A 74 5.37 21.31 -18.97
N VAL A 75 4.12 21.30 -18.52
CA VAL A 75 3.45 22.54 -18.14
C VAL A 75 3.47 22.79 -16.64
N MET A 76 4.40 22.18 -15.93
CA MET A 76 4.52 22.36 -14.48
C MET A 76 5.92 21.91 -14.07
N SER A 77 6.53 22.62 -13.13
CA SER A 77 7.87 22.30 -12.69
C SER A 77 7.85 21.39 -11.47
N THR A 78 8.90 20.60 -11.30
CA THR A 78 9.05 19.71 -10.15
C THR A 78 8.73 20.45 -8.83
N THR A 79 9.11 21.72 -8.76
CA THR A 79 8.85 22.53 -7.58
C THR A 79 7.33 22.63 -7.35
N ASP A 80 6.60 22.96 -8.42
CA ASP A 80 5.15 23.08 -8.35
C ASP A 80 4.52 21.76 -7.92
N VAL A 81 5.07 20.66 -8.44
CA VAL A 81 4.59 19.33 -8.10
C VAL A 81 4.76 19.06 -6.61
N GLU A 82 5.92 19.39 -6.07
CA GLU A 82 6.18 19.20 -4.66
C GLU A 82 5.26 20.10 -3.85
N LYS A 83 4.99 21.29 -4.38
CA LYS A 83 4.09 22.25 -3.75
C LYS A 83 2.66 21.71 -3.67
N SER A 84 2.35 20.73 -4.52
CA SER A 84 1.01 20.17 -4.52
C SER A 84 0.83 19.28 -3.29
N PHE A 85 1.70 18.28 -3.16
CA PHE A 85 1.68 17.39 -2.00
C PHE A 85 1.84 18.19 -0.72
N ASP A 86 2.67 19.23 -0.80
CA ASP A 86 2.94 20.10 0.33
C ASP A 86 1.65 20.68 0.90
N LYS A 87 0.87 21.31 0.04
CA LYS A 87 -0.42 21.87 0.45
C LYS A 87 -1.44 20.78 0.82
N LEU A 88 -1.51 19.72 0.02
CA LEU A 88 -2.43 18.62 0.27
C LEU A 88 -2.26 18.09 1.69
N LEU A 89 -1.01 17.76 2.03
CA LEU A 89 -0.63 17.30 3.37
C LEU A 89 -1.37 18.06 4.49
N LYS A 90 -1.70 19.32 4.26
CA LYS A 90 -2.41 20.13 5.24
C LYS A 90 -3.90 19.75 5.28
N ASP A 91 -4.49 19.62 4.10
CA ASP A 91 -5.91 19.25 3.96
C ASP A 91 -6.28 17.95 4.67
N LEU A 92 -5.39 16.95 4.52
CA LEU A 92 -5.61 15.60 5.13
C LEU A 92 -6.61 15.42 6.30
N PRO A 93 -6.52 16.10 7.46
CA PRO A 93 -7.51 15.92 8.52
C PRO A 93 -8.95 16.00 7.97
N GLU A 94 -9.29 17.16 7.43
CA GLU A 94 -10.60 17.40 6.81
C GLU A 94 -10.95 16.35 5.74
N LEU A 95 -9.92 15.77 5.14
CA LEU A 95 -10.12 14.76 4.11
C LEU A 95 -10.50 13.40 4.70
N ALA A 96 -10.11 13.19 5.96
CA ALA A 96 -10.42 11.94 6.64
C ALA A 96 -11.92 11.77 6.84
N LEU A 97 -12.61 12.89 7.07
CA LEU A 97 -14.06 12.87 7.24
C LEU A 97 -14.72 12.37 5.97
N ASP A 98 -14.10 12.69 4.84
CA ASP A 98 -14.62 12.26 3.54
C ASP A 98 -14.32 10.79 3.33
N THR A 99 -13.11 10.39 3.68
CA THR A 99 -12.70 9.00 3.57
C THR A 99 -11.74 8.67 4.72
N PRO A 100 -12.14 7.75 5.63
CA PRO A 100 -11.29 7.37 6.77
C PRO A 100 -9.96 6.77 6.35
N ARG A 101 -9.89 6.33 5.09
CA ARG A 101 -8.67 5.74 4.55
C ARG A 101 -7.94 6.75 3.67
N ALA A 102 -8.30 8.02 3.80
CA ALA A 102 -7.71 9.09 2.99
C ALA A 102 -6.18 9.19 3.12
N PRO A 103 -5.63 9.37 4.36
CA PRO A 103 -4.18 9.49 4.55
C PRO A 103 -3.47 8.30 3.93
N GLN A 104 -3.83 7.12 4.41
CA GLN A 104 -3.30 5.86 3.88
C GLN A 104 -3.28 5.85 2.35
N LEU A 105 -4.35 6.32 1.73
CA LEU A 105 -4.42 6.36 0.26
C LEU A 105 -3.43 7.37 -0.31
N VAL A 106 -3.36 8.55 0.31
CA VAL A 106 -2.45 9.61 -0.13
C VAL A 106 -1.00 9.12 -0.14
N GLY A 107 -0.58 8.51 0.98
CA GLY A 107 0.78 7.97 1.08
C GLY A 107 1.20 7.13 -0.11
N GLN A 108 0.27 6.31 -0.62
CA GLN A 108 0.56 5.46 -1.77
C GLN A 108 0.94 6.30 -3.00
N PHE A 109 0.34 7.47 -3.10
CA PHE A 109 0.60 8.36 -4.22
C PHE A 109 1.98 9.03 -4.10
N ILE A 110 2.39 9.35 -2.88
CA ILE A 110 3.70 9.97 -2.68
C ILE A 110 4.78 9.00 -3.13
N ALA A 111 4.77 7.81 -2.53
CA ALA A 111 5.70 6.75 -2.92
C ALA A 111 5.73 6.57 -4.44
N ARG A 112 4.56 6.68 -5.08
CA ARG A 112 4.48 6.57 -6.54
C ARG A 112 5.23 7.73 -7.20
N ALA A 113 4.96 8.94 -6.72
CA ALA A 113 5.59 10.15 -7.24
C ALA A 113 7.12 10.05 -7.23
N VAL A 114 7.68 9.68 -6.08
CA VAL A 114 9.14 9.54 -5.95
C VAL A 114 9.60 8.38 -6.81
N GLY A 115 8.95 7.24 -6.61
CA GLY A 115 9.26 6.03 -7.37
C GLY A 115 9.29 6.26 -8.87
N ASP A 116 8.45 7.17 -9.36
CA ASP A 116 8.45 7.48 -10.79
C ASP A 116 9.62 8.42 -11.08
N GLY A 117 9.68 9.50 -10.32
CA GLY A 117 10.77 10.45 -10.46
C GLY A 117 10.30 11.89 -10.45
N ILE A 118 8.98 12.08 -10.51
CA ILE A 118 8.40 13.41 -10.50
C ILE A 118 8.49 14.12 -9.14
N LEU A 119 9.06 13.44 -8.15
CA LEU A 119 9.21 14.01 -6.81
C LEU A 119 10.55 13.63 -6.21
N CYS A 120 11.08 14.52 -5.37
CA CYS A 120 12.37 14.29 -4.73
C CYS A 120 12.21 13.43 -3.48
N ASN A 121 13.25 12.65 -3.17
CA ASN A 121 13.22 11.78 -1.99
C ASN A 121 13.53 12.57 -0.71
N THR A 122 14.12 13.75 -0.87
CA THR A 122 14.48 14.59 0.26
C THR A 122 13.25 14.96 1.10
N TYR A 123 12.25 15.53 0.45
CA TYR A 123 10.99 15.94 1.09
C TYR A 123 10.48 14.96 2.15
N ILE A 124 10.60 13.67 1.90
CA ILE A 124 10.15 12.67 2.87
C ILE A 124 10.86 12.84 4.21
N ASP A 125 12.18 13.04 4.15
CA ASP A 125 12.98 13.23 5.35
C ASP A 125 12.81 14.62 5.94
N SER A 126 12.46 15.58 5.10
CA SER A 126 12.26 16.96 5.55
C SER A 126 11.02 17.09 6.43
N TYR A 127 10.05 16.21 6.21
CA TYR A 127 8.81 16.21 7.00
C TYR A 127 8.82 15.04 7.98
N LYS A 128 10.01 14.50 8.23
CA LYS A 128 10.18 13.35 9.11
C LYS A 128 10.33 13.69 10.61
N GLY A 129 9.52 14.61 11.08
CA GLY A 129 9.58 14.98 12.48
C GLY A 129 9.14 16.41 12.68
N THR A 130 8.80 17.04 11.58
CA THR A 130 8.36 18.42 11.57
C THR A 130 6.84 18.50 11.53
N VAL A 131 6.20 17.42 11.09
CA VAL A 131 4.75 17.37 11.00
C VAL A 131 4.12 17.33 12.38
N ASP A 132 3.23 18.27 12.65
CA ASP A 132 2.55 18.37 13.94
C ASP A 132 1.15 17.75 13.90
N CYS A 133 0.81 17.11 12.79
CA CYS A 133 -0.50 16.48 12.66
C CYS A 133 -0.36 14.97 12.49
N VAL A 134 -1.28 14.22 13.09
CA VAL A 134 -1.26 12.77 13.02
C VAL A 134 -1.58 12.27 11.60
N GLN A 135 -2.44 12.99 10.90
CA GLN A 135 -2.84 12.61 9.54
C GLN A 135 -1.67 12.68 8.57
N ALA A 136 -1.00 13.82 8.54
CA ALA A 136 0.14 14.04 7.65
C ALA A 136 1.30 13.10 7.99
N ARG A 137 1.30 12.64 9.24
CA ARG A 137 2.34 11.74 9.71
C ARG A 137 2.12 10.35 9.14
N ALA A 138 0.89 9.86 9.30
CA ALA A 138 0.51 8.54 8.83
C ALA A 138 0.83 8.34 7.35
N ALA A 139 0.36 9.26 6.50
CA ALA A 139 0.59 9.19 5.07
C ALA A 139 2.08 9.09 4.71
N LEU A 140 2.91 9.81 5.44
CA LEU A 140 4.34 9.80 5.21
C LEU A 140 4.94 8.42 5.49
N ASP A 141 4.48 7.80 6.56
CA ASP A 141 4.98 6.48 6.94
C ASP A 141 4.45 5.44 5.96
N LYS A 142 3.21 5.63 5.54
CA LYS A 142 2.54 4.76 4.58
C LYS A 142 3.38 4.61 3.31
N ALA A 143 3.83 5.74 2.77
CA ALA A 143 4.66 5.73 1.56
C ALA A 143 6.01 5.09 1.86
N THR A 144 6.59 5.54 2.95
CA THR A 144 7.88 5.02 3.42
C THR A 144 7.83 3.48 3.47
N VAL A 145 6.82 2.94 4.15
CA VAL A 145 6.64 1.50 4.22
C VAL A 145 6.46 0.86 2.85
N LEU A 146 5.59 1.46 2.04
CA LEU A 146 5.27 0.98 0.70
C LEU A 146 6.47 0.92 -0.25
N LEU A 147 7.48 1.76 0.01
CA LEU A 147 8.68 1.82 -0.82
C LEU A 147 9.32 0.44 -1.05
N SER A 148 9.01 -0.51 -0.17
CA SER A 148 9.51 -1.86 -0.31
C SER A 148 9.18 -2.43 -1.70
N MET A 149 7.97 -2.14 -2.20
CA MET A 149 7.54 -2.65 -3.50
C MET A 149 8.25 -1.94 -4.66
N SER A 150 8.77 -0.74 -4.40
CA SER A 150 9.46 0.03 -5.42
C SER A 150 10.74 -0.66 -5.88
N LYS A 151 11.27 -1.55 -5.04
CA LYS A 151 12.48 -2.29 -5.35
C LYS A 151 12.22 -3.80 -5.34
N GLY A 152 11.35 -4.24 -4.43
CA GLY A 152 11.05 -5.65 -4.30
C GLY A 152 10.00 -6.13 -5.29
N GLY A 153 9.65 -5.28 -6.24
CA GLY A 153 8.66 -5.65 -7.24
C GLY A 153 8.94 -4.99 -8.58
N LYS A 154 10.21 -4.68 -8.82
CA LYS A 154 10.62 -4.02 -10.05
C LYS A 154 10.51 -4.96 -11.25
N ARG A 155 10.67 -6.25 -11.01
CA ARG A 155 10.59 -7.24 -12.09
C ARG A 155 9.29 -8.06 -11.98
N LYS A 156 8.38 -7.60 -11.13
CA LYS A 156 7.11 -8.30 -10.94
C LYS A 156 6.00 -7.67 -11.77
N ASP A 157 6.32 -6.57 -12.44
CA ASP A 157 5.34 -5.87 -13.28
C ASP A 157 5.32 -6.44 -14.69
N SER A 158 6.46 -6.98 -15.12
CA SER A 158 6.58 -7.54 -16.46
C SER A 158 6.17 -9.01 -16.51
N VAL A 159 5.44 -9.46 -15.50
CA VAL A 159 5.00 -10.85 -15.45
C VAL A 159 3.82 -11.05 -16.39
N TRP A 160 2.77 -10.26 -16.23
CA TRP A 160 1.58 -10.38 -17.06
C TRP A 160 1.37 -9.13 -17.91
N GLY A 161 0.70 -9.32 -19.05
CA GLY A 161 0.43 -8.21 -19.94
C GLY A 161 -1.04 -7.98 -20.14
N SER A 162 -1.61 -8.65 -21.13
CA SER A 162 -3.03 -8.52 -21.43
C SER A 162 -3.57 -9.81 -22.03
N GLY A 163 -4.89 -9.91 -22.11
CA GLY A 163 -5.51 -11.08 -22.66
C GLY A 163 -6.91 -10.78 -23.13
N GLY B 1 -9.85 -10.76 -23.45
CA GLY B 1 -10.63 -10.09 -24.50
C GLY B 1 -11.77 -9.28 -23.90
N GLY B 2 -12.08 -8.15 -24.54
CA GLY B 2 -13.14 -7.30 -24.05
C GLY B 2 -12.69 -6.46 -22.87
N GLN B 3 -12.49 -7.12 -21.74
CA GLN B 3 -12.04 -6.46 -20.53
C GLN B 3 -10.61 -6.87 -20.21
N GLN B 4 -9.90 -5.99 -19.53
CA GLN B 4 -8.52 -6.26 -19.16
C GLN B 4 -8.47 -7.25 -17.99
N PRO B 5 -7.55 -8.23 -18.05
CA PRO B 5 -7.39 -9.23 -16.99
C PRO B 5 -7.01 -8.57 -15.67
N VAL B 6 -7.43 -9.17 -14.56
CA VAL B 6 -7.13 -8.63 -13.25
C VAL B 6 -5.94 -9.30 -12.61
N ASN B 7 -5.27 -8.60 -11.72
CA ASN B 7 -4.10 -9.12 -11.03
C ASN B 7 -4.51 -10.11 -9.95
N HIS B 8 -4.04 -11.34 -10.08
CA HIS B 8 -4.32 -12.37 -9.11
C HIS B 8 -3.04 -13.14 -8.81
N LEU B 9 -2.77 -13.35 -7.51
CA LEU B 9 -1.58 -14.07 -7.04
C LEU B 9 -0.37 -13.15 -6.95
N VAL B 10 -0.47 -11.96 -7.54
CA VAL B 10 0.61 -10.99 -7.51
C VAL B 10 0.08 -9.64 -7.07
N LYS B 11 0.99 -8.71 -6.75
CA LYS B 11 0.65 -7.35 -6.32
C LYS B 11 0.06 -7.32 -4.91
N GLU B 12 -1.16 -7.83 -4.76
CA GLU B 12 -1.86 -7.86 -3.48
C GLU B 12 -1.04 -8.53 -2.37
N ILE B 13 -0.62 -9.78 -2.59
CA ILE B 13 0.14 -10.52 -1.60
C ILE B 13 1.37 -9.73 -1.16
N ASP B 14 2.06 -9.17 -2.14
CA ASP B 14 3.25 -8.35 -1.92
C ASP B 14 2.92 -7.07 -1.17
N MET B 15 1.65 -6.63 -1.23
CA MET B 15 1.32 -5.38 -0.57
C MET B 15 0.87 -5.62 0.88
N LEU B 16 -0.13 -6.52 1.02
CA LEU B 16 -0.77 -6.83 2.30
C LEU B 16 0.21 -7.19 3.42
N LEU B 17 1.07 -8.16 3.18
CA LEU B 17 2.02 -8.58 4.22
C LEU B 17 3.13 -7.55 4.41
N LYS B 18 3.54 -6.93 3.32
CA LYS B 18 4.62 -5.94 3.36
C LYS B 18 4.29 -4.65 4.10
N GLU B 19 3.03 -4.23 4.12
CA GLU B 19 2.71 -2.99 4.83
C GLU B 19 2.87 -3.15 6.33
N TYR B 20 2.00 -3.96 6.92
CA TYR B 20 2.10 -4.27 8.34
C TYR B 20 3.50 -4.68 8.79
N LEU B 21 4.23 -5.34 7.91
CA LEU B 21 5.58 -5.79 8.22
C LEU B 21 6.49 -4.60 8.57
N LEU B 22 6.24 -3.44 7.96
CA LEU B 22 7.07 -2.27 8.20
C LEU B 22 6.40 -1.25 9.14
N SER B 23 5.22 -1.58 9.66
CA SER B 23 4.50 -0.67 10.53
C SER B 23 4.03 -1.37 11.80
N GLY B 24 2.73 -1.61 11.88
CA GLY B 24 2.18 -2.28 13.04
C GLY B 24 0.74 -1.85 13.29
N ASP B 25 -0.09 -1.95 12.24
CA ASP B 25 -1.49 -1.58 12.36
C ASP B 25 -2.39 -2.40 11.44
N ILE B 26 -2.77 -3.58 11.91
CA ILE B 26 -3.70 -4.50 11.23
C ILE B 26 -4.98 -3.90 10.62
N SER B 27 -5.25 -2.61 10.87
CA SER B 27 -6.51 -2.03 10.42
C SER B 27 -6.66 -2.17 8.90
N GLU B 28 -5.53 -2.14 8.20
CA GLU B 28 -5.54 -2.25 6.75
C GLU B 28 -5.61 -3.71 6.31
N ALA B 29 -4.96 -4.59 7.09
CA ALA B 29 -4.93 -6.02 6.78
C ALA B 29 -6.33 -6.61 6.70
N GLU B 30 -7.14 -6.36 7.71
CA GLU B 30 -8.50 -6.86 7.76
C GLU B 30 -9.30 -6.30 6.59
N HIS B 31 -9.04 -5.05 6.26
CA HIS B 31 -9.75 -4.40 5.16
C HIS B 31 -9.26 -4.86 3.80
N CYS B 32 -8.00 -5.28 3.69
CA CYS B 32 -7.48 -5.66 2.38
C CYS B 32 -7.84 -7.11 2.01
N LEU B 33 -7.59 -8.03 2.94
CA LEU B 33 -7.86 -9.46 2.72
C LEU B 33 -9.32 -9.73 2.38
N LYS B 34 -10.20 -9.02 3.05
CA LYS B 34 -11.64 -9.14 2.86
C LYS B 34 -12.10 -8.56 1.53
N GLU B 35 -11.27 -7.70 0.96
CA GLU B 35 -11.59 -7.02 -0.28
C GLU B 35 -11.45 -7.92 -1.52
N LEU B 36 -11.06 -9.19 -1.34
CA LEU B 36 -10.89 -10.10 -2.47
C LEU B 36 -12.17 -10.93 -2.66
N GLU B 37 -12.14 -11.89 -3.57
CA GLU B 37 -13.30 -12.75 -3.83
C GLU B 37 -13.13 -14.14 -3.25
N VAL B 38 -12.06 -14.82 -3.64
CA VAL B 38 -11.79 -16.18 -3.17
C VAL B 38 -11.09 -16.17 -1.82
N PRO B 39 -11.77 -16.65 -0.76
CA PRO B 39 -11.21 -16.70 0.59
C PRO B 39 -10.24 -17.86 0.75
N HIS B 40 -10.32 -18.81 -0.17
CA HIS B 40 -9.47 -19.99 -0.15
C HIS B 40 -8.02 -19.64 -0.48
N PHE B 41 -7.82 -18.53 -1.17
CA PHE B 41 -6.47 -18.12 -1.54
C PHE B 41 -5.74 -17.41 -0.41
N HIS B 42 -6.40 -17.26 0.74
CA HIS B 42 -5.78 -16.63 1.90
C HIS B 42 -4.63 -17.50 2.40
N HIS B 43 -4.81 -18.81 2.22
CA HIS B 43 -3.83 -19.81 2.62
C HIS B 43 -2.37 -19.48 2.22
N GLU B 44 -2.17 -18.84 1.08
CA GLU B 44 -0.82 -18.50 0.64
C GLU B 44 -0.22 -17.33 1.41
N LEU B 45 -1.07 -16.39 1.81
CA LEU B 45 -0.62 -15.22 2.55
C LEU B 45 -0.08 -15.62 3.93
N VAL B 46 -0.93 -16.29 4.71
CA VAL B 46 -0.55 -16.74 6.04
C VAL B 46 0.67 -17.67 6.00
N TYR B 47 0.82 -18.38 4.89
CA TYR B 47 1.94 -19.29 4.71
C TYR B 47 3.26 -18.50 4.64
N GLU B 48 3.21 -17.36 3.97
CA GLU B 48 4.38 -16.50 3.82
C GLU B 48 4.69 -15.77 5.13
N ALA B 49 3.64 -15.53 5.92
CA ALA B 49 3.78 -14.83 7.20
C ALA B 49 4.75 -15.59 8.11
N ILE B 50 4.46 -16.87 8.34
CA ILE B 50 5.31 -17.73 9.16
C ILE B 50 6.77 -17.73 8.65
N VAL B 51 6.92 -17.61 7.34
CA VAL B 51 8.24 -17.60 6.72
C VAL B 51 8.94 -16.28 7.04
N MET B 52 8.19 -15.19 6.90
CA MET B 52 8.70 -13.86 7.20
C MET B 52 9.36 -13.78 8.57
N VAL B 53 8.80 -14.48 9.55
CA VAL B 53 9.35 -14.50 10.91
C VAL B 53 10.69 -15.23 10.93
N LEU B 54 10.68 -16.43 10.37
CA LEU B 54 11.89 -17.26 10.31
C LEU B 54 13.10 -16.49 9.78
N GLU B 55 12.90 -15.60 8.82
CA GLU B 55 14.01 -14.81 8.29
C GLU B 55 14.25 -13.52 9.08
N SER B 56 13.20 -12.72 9.24
CA SER B 56 13.28 -11.46 9.96
C SER B 56 13.64 -11.63 11.45
N THR B 57 14.87 -11.28 11.79
CA THR B 57 15.35 -11.39 13.16
C THR B 57 14.90 -10.19 13.99
N GLY B 58 14.02 -10.42 14.96
CA GLY B 58 13.55 -9.35 15.82
C GLY B 58 12.36 -9.77 16.66
N GLU B 59 12.17 -9.12 17.81
CA GLU B 59 11.06 -9.44 18.69
C GLU B 59 9.73 -8.95 18.11
N SER B 60 9.74 -7.77 17.51
CA SER B 60 8.55 -7.20 16.91
C SER B 60 8.11 -8.08 15.75
N ALA B 61 9.10 -8.68 15.10
CA ALA B 61 8.86 -9.57 13.98
C ALA B 61 7.99 -10.73 14.45
N PHE B 62 8.47 -11.42 15.48
CA PHE B 62 7.75 -12.54 16.07
C PHE B 62 6.35 -12.14 16.56
N LYS B 63 6.28 -11.16 17.47
CA LYS B 63 5.00 -10.73 18.04
C LYS B 63 3.98 -10.21 17.02
N MET B 64 4.37 -9.21 16.21
CA MET B 64 3.47 -8.64 15.21
C MET B 64 2.86 -9.69 14.29
N ILE B 65 3.69 -10.62 13.84
CA ILE B 65 3.22 -11.68 12.95
C ILE B 65 2.28 -12.62 13.71
N LEU B 66 2.73 -13.05 14.89
CA LEU B 66 1.95 -13.93 15.75
C LEU B 66 0.55 -13.35 16.03
N ASP B 67 0.49 -12.07 16.31
CA ASP B 67 -0.77 -11.40 16.59
C ASP B 67 -1.61 -11.26 15.32
N LEU B 68 -0.92 -10.90 14.24
CA LEU B 68 -1.53 -10.74 12.93
C LEU B 68 -2.41 -11.94 12.55
N LEU B 69 -1.90 -13.15 12.75
CA LEU B 69 -2.67 -14.34 12.42
C LEU B 69 -3.81 -14.62 13.41
N LYS B 70 -3.63 -14.25 14.68
CA LYS B 70 -4.65 -14.51 15.68
C LYS B 70 -5.94 -13.73 15.44
N SER B 71 -5.86 -12.40 15.39
CA SER B 71 -7.05 -11.58 15.12
C SER B 71 -7.69 -11.99 13.80
N LEU B 72 -6.86 -12.07 12.77
CA LEU B 72 -7.32 -12.47 11.43
C LEU B 72 -8.17 -13.75 11.51
N TRP B 73 -7.71 -14.73 12.26
CA TRP B 73 -8.43 -15.99 12.43
C TRP B 73 -9.79 -15.77 13.08
N LYS B 74 -9.80 -15.04 14.21
CA LYS B 74 -11.03 -14.77 14.95
C LYS B 74 -12.04 -13.95 14.14
N SER B 75 -11.58 -12.80 13.62
CA SER B 75 -12.40 -11.89 12.82
C SER B 75 -12.95 -12.48 11.50
N SER B 76 -13.04 -13.80 11.42
CA SER B 76 -13.57 -14.51 10.26
C SER B 76 -12.81 -14.19 8.97
N THR B 77 -11.52 -14.48 8.98
CA THR B 77 -10.70 -14.24 7.80
C THR B 77 -9.86 -15.48 7.48
N ILE B 78 -10.06 -16.52 8.28
CA ILE B 78 -9.33 -17.76 8.11
C ILE B 78 -10.17 -18.95 8.52
N THR B 79 -10.52 -19.79 7.56
CA THR B 79 -11.25 -21.00 7.87
C THR B 79 -10.22 -22.01 8.38
N ILE B 80 -10.47 -22.68 9.52
CA ILE B 80 -9.47 -23.59 10.11
C ILE B 80 -8.53 -24.42 9.21
N ASP B 81 -8.99 -25.17 8.22
CA ASP B 81 -8.03 -25.92 7.38
C ASP B 81 -7.24 -25.08 6.41
N GLN B 82 -7.72 -23.86 6.18
CA GLN B 82 -7.09 -22.93 5.25
C GLN B 82 -5.59 -22.83 5.49
N MET B 83 -5.21 -22.39 6.68
CA MET B 83 -3.81 -22.24 7.05
C MET B 83 -3.18 -23.56 7.43
N LYS B 84 -3.99 -24.61 7.65
CA LYS B 84 -3.46 -25.88 8.09
C LYS B 84 -2.44 -26.36 7.05
N ARG B 85 -2.89 -26.50 5.81
CA ARG B 85 -2.02 -26.89 4.70
C ARG B 85 -0.86 -25.91 4.52
N GLY B 86 -0.97 -24.71 5.08
CA GLY B 86 0.09 -23.75 4.95
C GLY B 86 1.15 -24.02 5.99
N TYR B 87 0.67 -24.37 7.19
CA TYR B 87 1.52 -24.68 8.33
C TYR B 87 2.33 -25.93 8.09
N GLU B 88 1.76 -26.91 7.40
CA GLU B 88 2.44 -28.17 7.13
C GLU B 88 3.53 -27.96 6.10
N ARG B 89 3.31 -27.00 5.20
CA ARG B 89 4.27 -26.69 4.17
C ARG B 89 5.56 -26.13 4.77
N ILE B 90 5.47 -25.52 5.96
CA ILE B 90 6.66 -24.95 6.58
C ILE B 90 7.69 -26.05 6.83
N TYR B 91 7.40 -26.99 7.75
CA TYR B 91 8.32 -28.11 7.95
C TYR B 91 8.61 -28.93 6.69
N ASN B 92 7.72 -28.87 5.72
CA ASN B 92 7.93 -29.59 4.47
C ASN B 92 9.08 -28.95 3.70
N GLU B 93 9.14 -27.63 3.74
CA GLU B 93 10.19 -26.87 3.07
C GLU B 93 11.33 -26.55 4.03
N ILE B 94 11.15 -26.96 5.29
CA ILE B 94 12.16 -26.73 6.33
C ILE B 94 13.56 -27.22 5.91
N PRO B 95 13.69 -28.46 5.38
CA PRO B 95 14.99 -28.98 4.94
C PRO B 95 15.69 -28.06 3.94
N ASP B 96 14.89 -27.36 3.13
CA ASP B 96 15.42 -26.45 2.11
C ASP B 96 15.96 -25.16 2.75
N ILE B 97 15.37 -24.78 3.88
CA ILE B 97 15.79 -23.58 4.58
C ILE B 97 16.86 -23.89 5.61
N ASN B 98 16.70 -25.03 6.27
CA ASN B 98 17.62 -25.49 7.30
C ASN B 98 18.96 -25.92 6.72
N LEU B 99 18.93 -26.92 5.84
CA LEU B 99 20.13 -27.46 5.23
C LEU B 99 21.05 -28.04 6.30
N ASP B 100 20.57 -29.10 6.96
CA ASP B 100 21.30 -29.77 8.05
C ASP B 100 21.46 -28.85 9.25
N VAL B 101 21.96 -29.41 10.36
CA VAL B 101 22.16 -28.66 11.61
C VAL B 101 20.92 -27.81 11.92
N PRO B 102 19.78 -28.49 12.20
CA PRO B 102 18.51 -27.81 12.47
C PRO B 102 18.52 -27.00 13.75
N HIS B 103 18.49 -25.68 13.62
CA HIS B 103 18.46 -24.79 14.76
C HIS B 103 17.20 -23.94 14.74
N SER B 104 16.22 -24.42 13.99
CA SER B 104 14.95 -23.74 13.86
C SER B 104 13.93 -24.33 14.83
N TYR B 105 14.36 -25.31 15.60
CA TYR B 105 13.47 -25.94 16.59
C TYR B 105 13.11 -24.92 17.63
N SER B 106 14.04 -24.02 17.87
CA SER B 106 13.83 -22.95 18.81
C SER B 106 12.79 -21.98 18.25
N VAL B 107 12.67 -21.94 16.91
CA VAL B 107 11.70 -21.03 16.29
C VAL B 107 10.29 -21.64 16.14
N LEU B 108 10.14 -22.68 15.32
CA LEU B 108 8.84 -23.31 15.09
C LEU B 108 8.26 -24.12 16.22
N GLU B 109 9.09 -24.67 17.09
CA GLU B 109 8.56 -25.49 18.18
C GLU B 109 8.12 -24.52 19.27
N ARG B 110 8.66 -23.32 19.07
CA ARG B 110 8.39 -22.19 19.95
C ARG B 110 7.10 -21.45 19.56
N PHE B 111 6.87 -21.37 18.25
CA PHE B 111 5.76 -20.60 17.69
C PHE B 111 4.43 -21.37 17.70
N VAL B 112 4.37 -22.50 17.02
CA VAL B 112 3.12 -23.28 16.92
C VAL B 112 2.49 -23.56 18.29
N GLU B 113 3.31 -23.91 19.26
CA GLU B 113 2.85 -24.20 20.62
C GLU B 113 2.41 -22.92 21.33
N GLU B 114 2.95 -21.81 20.85
CA GLU B 114 2.66 -20.50 21.44
C GLU B 114 1.21 -20.15 21.18
N CYS B 115 0.79 -20.23 19.92
CA CYS B 115 -0.58 -19.94 19.52
C CYS B 115 -1.48 -21.14 19.79
N PHE B 116 -0.85 -22.28 20.06
CA PHE B 116 -1.55 -23.56 20.26
C PHE B 116 -2.67 -23.45 21.29
N GLN B 117 -2.43 -22.84 22.43
CA GLN B 117 -3.44 -22.73 23.48
C GLN B 117 -4.58 -21.78 23.14
N ALA B 118 -4.54 -21.12 21.98
CA ALA B 118 -5.60 -20.19 21.60
C ALA B 118 -6.68 -20.94 20.81
N GLY B 119 -6.48 -22.25 20.67
CA GLY B 119 -7.40 -23.11 19.95
C GLY B 119 -7.70 -22.66 18.53
N ILE B 120 -6.69 -22.11 17.87
CA ILE B 120 -6.84 -21.64 16.50
C ILE B 120 -6.22 -22.62 15.52
N ILE B 121 -6.18 -23.88 15.92
CA ILE B 121 -5.60 -24.94 15.12
C ILE B 121 -6.20 -26.26 15.58
N SER B 122 -5.86 -27.35 14.90
CA SER B 122 -6.37 -28.66 15.26
C SER B 122 -5.42 -29.34 16.24
N LYS B 123 -5.86 -30.43 16.85
CA LYS B 123 -5.03 -31.17 17.79
C LYS B 123 -3.84 -31.77 17.06
N GLN B 124 -4.13 -32.40 15.93
CA GLN B 124 -3.11 -33.02 15.09
C GLN B 124 -2.18 -32.02 14.42
N LEU B 125 -2.57 -30.74 14.39
CA LEU B 125 -1.80 -29.71 13.68
C LEU B 125 -0.31 -29.77 14.02
N ARG B 126 0.06 -29.64 15.28
CA ARG B 126 1.47 -29.74 15.67
C ARG B 126 2.01 -31.16 15.70
N ASP B 127 1.13 -32.14 15.60
CA ASP B 127 1.57 -33.52 15.75
C ASP B 127 2.27 -34.02 14.49
N LEU B 128 2.03 -33.32 13.37
CA LEU B 128 2.63 -33.68 12.09
C LEU B 128 4.04 -33.12 11.92
N CYS B 129 4.51 -32.34 12.88
CA CYS B 129 5.86 -31.79 12.80
C CYS B 129 6.77 -32.50 13.80
N PRO B 130 8.10 -32.31 13.70
CA PRO B 130 9.06 -32.95 14.61
C PRO B 130 9.02 -32.35 16.02
N SER B 131 7.88 -32.47 16.66
CA SER B 131 7.69 -31.95 18.00
C SER B 131 8.34 -32.89 19.01
N GLY A 1 1.98 30.89 -3.18
CA GLY A 1 1.34 31.38 -1.94
C GLY A 1 -0.17 31.36 -2.04
N LEU A 2 -0.80 32.43 -1.55
CA LEU A 2 -2.26 32.53 -1.56
C LEU A 2 -2.80 32.69 -2.98
N PRO A 3 -3.66 31.76 -3.42
CA PRO A 3 -4.25 31.78 -4.75
C PRO A 3 -5.39 32.78 -4.86
N LEU A 4 -5.84 33.03 -6.08
CA LEU A 4 -6.91 33.99 -6.34
C LEU A 4 -8.07 33.30 -7.04
N ASP A 5 -9.29 33.80 -6.80
CA ASP A 5 -10.51 33.25 -7.42
C ASP A 5 -10.61 31.74 -7.20
N GLU A 6 -10.49 31.33 -5.93
CA GLU A 6 -10.52 29.92 -5.56
C GLU A 6 -11.76 29.21 -6.06
N ARG A 7 -12.94 29.72 -5.74
CA ARG A 7 -14.20 29.10 -6.15
C ARG A 7 -14.31 28.97 -7.66
N ALA A 8 -13.97 30.04 -8.36
CA ALA A 8 -14.04 30.04 -9.82
C ALA A 8 -13.13 28.98 -10.42
N PHE A 9 -11.94 28.85 -9.84
CA PHE A 9 -10.98 27.86 -10.32
C PHE A 9 -11.55 26.45 -10.17
N GLU A 10 -12.00 26.13 -8.96
CA GLU A 10 -12.57 24.82 -8.67
C GLU A 10 -13.77 24.56 -9.58
N LYS A 11 -14.62 25.57 -9.72
CA LYS A 11 -15.81 25.48 -10.56
C LYS A 11 -15.46 25.16 -12.01
N THR A 12 -14.51 25.92 -12.57
CA THR A 12 -14.09 25.73 -13.95
C THR A 12 -13.40 24.38 -14.16
N LEU A 13 -12.48 24.03 -13.27
CA LEU A 13 -11.76 22.76 -13.36
C LEU A 13 -12.64 21.53 -13.17
N THR A 14 -13.84 21.73 -12.62
CA THR A 14 -14.77 20.64 -12.37
C THR A 14 -15.02 19.76 -13.62
N PRO A 15 -15.59 20.32 -14.71
CA PRO A 15 -15.87 19.52 -15.91
C PRO A 15 -14.59 19.04 -16.61
N ILE A 16 -13.52 19.80 -16.47
CA ILE A 16 -12.23 19.46 -17.10
C ILE A 16 -11.71 18.11 -16.59
N ILE A 17 -11.51 18.01 -15.28
CA ILE A 17 -11.01 16.77 -14.68
C ILE A 17 -11.97 15.61 -14.92
N GLN A 18 -13.26 15.90 -14.80
CA GLN A 18 -14.28 14.89 -15.04
C GLN A 18 -14.09 14.24 -16.41
N GLU A 19 -13.89 15.08 -17.43
CA GLU A 19 -13.65 14.61 -18.79
C GLU A 19 -12.35 13.82 -18.89
N TYR A 20 -11.40 14.13 -18.01
CA TYR A 20 -10.11 13.44 -18.01
C TYR A 20 -10.28 11.95 -17.72
N PHE A 21 -11.08 11.61 -16.71
CA PHE A 21 -11.30 10.22 -16.35
C PHE A 21 -11.92 9.45 -17.51
N GLU A 22 -12.73 10.13 -18.30
CA GLU A 22 -13.41 9.53 -19.43
C GLU A 22 -12.50 9.40 -20.66
N HIS A 23 -11.90 10.51 -21.06
CA HIS A 23 -11.03 10.52 -22.25
C HIS A 23 -9.71 9.81 -21.99
N GLY A 24 -9.14 10.03 -20.82
CA GLY A 24 -7.87 9.43 -20.47
C GLY A 24 -6.70 10.08 -21.17
N ASP A 25 -6.90 11.28 -21.70
CA ASP A 25 -5.83 11.99 -22.39
C ASP A 25 -5.22 13.09 -21.55
N THR A 26 -3.91 12.99 -21.33
CA THR A 26 -3.19 13.96 -20.53
C THR A 26 -2.94 15.28 -21.30
N ASN A 27 -2.83 15.17 -22.63
CA ASN A 27 -2.56 16.35 -23.49
C ASN A 27 -3.73 17.32 -23.48
N GLU A 28 -4.92 16.76 -23.39
CA GLU A 28 -6.15 17.53 -23.37
C GLU A 28 -6.10 18.58 -22.25
N VAL A 29 -5.80 18.10 -21.04
CA VAL A 29 -5.71 18.95 -19.87
C VAL A 29 -4.65 20.04 -20.06
N ALA A 30 -3.47 19.64 -20.51
CA ALA A 30 -2.37 20.59 -20.73
C ALA A 30 -2.80 21.74 -21.63
N GLU A 31 -3.36 21.39 -22.79
CA GLU A 31 -3.84 22.38 -23.74
C GLU A 31 -4.80 23.38 -23.07
N MET A 32 -5.62 22.89 -22.16
CA MET A 32 -6.56 23.74 -21.44
C MET A 32 -5.85 24.60 -20.39
N LEU A 33 -4.89 24.00 -19.70
CA LEU A 33 -4.13 24.69 -18.66
C LEU A 33 -3.47 25.96 -19.20
N ARG A 34 -2.80 25.84 -20.33
CA ARG A 34 -2.13 27.00 -20.96
C ARG A 34 -3.15 28.06 -21.35
N ASP A 35 -4.33 27.61 -21.73
CA ASP A 35 -5.41 28.50 -22.12
C ASP A 35 -5.84 29.38 -20.95
N LEU A 36 -5.98 28.75 -19.78
CA LEU A 36 -6.36 29.47 -18.58
C LEU A 36 -5.20 30.33 -18.09
N ASN A 37 -4.01 29.72 -18.08
CA ASN A 37 -2.76 30.37 -17.67
C ASN A 37 -2.79 30.85 -16.22
N LEU A 38 -2.10 30.10 -15.35
CA LEU A 38 -2.05 30.45 -13.94
C LEU A 38 -0.64 30.21 -13.41
N GLY A 39 -0.27 30.94 -12.38
CA GLY A 39 1.04 30.79 -11.78
C GLY A 39 1.02 29.77 -10.67
N GLU A 40 0.76 30.24 -9.46
CA GLU A 40 0.71 29.35 -8.31
C GLU A 40 -0.60 28.56 -8.30
N MET A 41 -1.64 29.16 -8.88
CA MET A 41 -2.94 28.52 -8.96
C MET A 41 -2.89 27.31 -9.89
N LYS A 42 -1.84 27.23 -10.69
CA LYS A 42 -1.66 26.12 -11.62
C LYS A 42 -1.43 24.82 -10.85
N SER A 43 -0.86 24.95 -9.65
CA SER A 43 -0.60 23.78 -8.81
C SER A 43 -1.90 23.26 -8.21
N GLY A 44 -2.94 24.09 -8.31
CA GLY A 44 -4.26 23.72 -7.82
C GLY A 44 -4.84 22.53 -8.55
N VAL A 45 -4.69 22.52 -9.88
CA VAL A 45 -5.19 21.43 -10.72
C VAL A 45 -4.89 20.03 -10.16
N PRO A 46 -3.59 19.67 -9.99
CA PRO A 46 -3.23 18.36 -9.45
C PRO A 46 -3.82 18.11 -8.06
N VAL A 47 -4.07 19.17 -7.31
CA VAL A 47 -4.65 19.04 -5.97
C VAL A 47 -6.08 18.54 -6.08
N LEU A 48 -6.82 19.08 -7.04
CA LEU A 48 -8.20 18.68 -7.25
C LEU A 48 -8.26 17.27 -7.85
N ALA A 49 -7.52 17.07 -8.94
CA ALA A 49 -7.42 15.76 -9.59
C ALA A 49 -7.11 14.64 -8.60
N VAL A 50 -6.38 14.99 -7.54
CA VAL A 50 -6.01 14.01 -6.53
C VAL A 50 -7.19 13.79 -5.57
N SER A 51 -7.84 14.90 -5.20
CA SER A 51 -8.97 14.85 -4.27
C SER A 51 -10.12 13.99 -4.77
N LEU A 52 -10.48 14.13 -6.05
CA LEU A 52 -11.56 13.33 -6.63
C LEU A 52 -11.17 11.86 -6.68
N ALA A 53 -9.95 11.60 -7.13
CA ALA A 53 -9.44 10.24 -7.20
C ALA A 53 -9.47 9.55 -5.83
N LEU A 54 -9.34 10.34 -4.77
CA LEU A 54 -9.38 9.81 -3.41
C LEU A 54 -10.75 9.21 -3.10
N GLU A 55 -11.79 10.01 -3.34
CA GLU A 55 -13.16 9.57 -3.08
C GLU A 55 -13.61 8.52 -4.10
N GLY A 56 -13.24 8.72 -5.36
CA GLY A 56 -13.60 7.77 -6.40
C GLY A 56 -12.98 6.39 -6.21
N LYS A 57 -13.33 5.48 -7.11
CA LYS A 57 -12.83 4.12 -7.07
C LYS A 57 -11.31 4.08 -7.25
N ALA A 58 -10.70 2.97 -6.82
CA ALA A 58 -9.25 2.79 -6.90
C ALA A 58 -8.72 2.95 -8.33
N SER A 59 -9.51 2.51 -9.29
CA SER A 59 -9.14 2.59 -10.70
C SER A 59 -8.99 4.05 -11.11
N HIS A 60 -9.77 4.90 -10.47
CA HIS A 60 -9.74 6.32 -10.76
C HIS A 60 -8.47 6.95 -10.22
N ARG A 61 -7.82 6.30 -9.26
CA ARG A 61 -6.58 6.84 -8.69
C ARG A 61 -5.37 6.59 -9.60
N GLU A 62 -5.09 5.32 -9.87
CA GLU A 62 -3.97 4.88 -10.71
C GLU A 62 -3.94 5.59 -12.05
N MET A 63 -5.05 5.58 -12.77
CA MET A 63 -5.13 6.23 -14.08
C MET A 63 -4.88 7.71 -13.94
N THR A 64 -5.21 8.25 -12.79
CA THR A 64 -5.03 9.64 -12.54
C THR A 64 -3.60 9.98 -12.10
N SER A 65 -2.82 9.00 -11.59
CA SER A 65 -1.47 9.29 -11.11
C SER A 65 -0.51 9.60 -12.26
N LYS A 66 -0.79 9.03 -13.45
CA LYS A 66 0.04 9.26 -14.63
C LYS A 66 -0.05 10.71 -15.07
N LEU A 67 -1.14 11.36 -14.67
CA LEU A 67 -1.40 12.75 -15.05
C LEU A 67 -0.31 13.66 -14.50
N LEU A 68 0.25 13.28 -13.35
CA LEU A 68 1.29 14.06 -12.71
C LEU A 68 2.56 14.08 -13.54
N SER A 69 3.15 12.91 -13.78
CA SER A 69 4.37 12.78 -14.57
C SER A 69 4.17 13.34 -15.99
N ASP A 70 2.93 13.31 -16.45
CA ASP A 70 2.61 13.81 -17.78
C ASP A 70 2.60 15.33 -17.80
N LEU A 71 1.91 15.92 -16.81
CA LEU A 71 1.81 17.36 -16.70
C LEU A 71 3.15 18.01 -16.41
N CYS A 72 3.98 17.39 -15.57
CA CYS A 72 5.28 17.95 -15.22
C CYS A 72 6.23 17.86 -16.42
N GLY A 73 7.03 18.90 -16.59
CA GLY A 73 7.96 18.95 -17.69
C GLY A 73 7.33 19.61 -18.90
N THR A 74 6.06 19.33 -19.11
CA THR A 74 5.32 19.90 -20.23
C THR A 74 4.72 21.26 -19.85
N VAL A 75 3.92 21.29 -18.79
CA VAL A 75 3.29 22.54 -18.35
C VAL A 75 3.43 22.76 -16.84
N MET A 76 3.94 21.76 -16.15
CA MET A 76 4.11 21.84 -14.70
C MET A 76 5.58 21.68 -14.36
N SER A 77 6.05 22.39 -13.36
CA SER A 77 7.46 22.30 -12.97
C SER A 77 7.62 21.44 -11.72
N THR A 78 8.78 20.82 -11.59
CA THR A 78 9.10 20.00 -10.42
C THR A 78 8.72 20.70 -9.10
N THR A 79 8.86 22.03 -9.09
CA THR A 79 8.51 22.82 -7.92
C THR A 79 7.00 22.79 -7.70
N ASP A 80 6.26 22.96 -8.80
CA ASP A 80 4.79 22.94 -8.76
C ASP A 80 4.29 21.62 -8.18
N VAL A 81 4.96 20.54 -8.54
CA VAL A 81 4.59 19.20 -8.07
C VAL A 81 4.72 19.11 -6.55
N GLU A 82 5.89 19.48 -6.03
CA GLU A 82 6.14 19.44 -4.59
C GLU A 82 5.18 20.35 -3.83
N LYS A 83 4.90 21.52 -4.41
CA LYS A 83 3.99 22.49 -3.81
C LYS A 83 2.59 21.90 -3.65
N SER A 84 2.13 21.19 -4.68
CA SER A 84 0.81 20.57 -4.65
C SER A 84 0.68 19.60 -3.48
N PHE A 85 1.67 18.73 -3.30
CA PHE A 85 1.65 17.76 -2.21
C PHE A 85 1.55 18.43 -0.85
N ASP A 86 2.24 19.56 -0.69
CA ASP A 86 2.21 20.31 0.56
C ASP A 86 0.78 20.79 0.81
N LYS A 87 0.19 21.36 -0.24
CA LYS A 87 -1.18 21.85 -0.19
C LYS A 87 -2.16 20.72 0.14
N LEU A 88 -1.89 19.54 -0.42
CA LEU A 88 -2.74 18.37 -0.17
C LEU A 88 -2.69 18.00 1.31
N LEU A 89 -1.49 17.74 1.81
CA LEU A 89 -1.28 17.42 3.23
C LEU A 89 -2.03 18.38 4.15
N LYS A 90 -2.13 19.65 3.76
CA LYS A 90 -2.84 20.65 4.54
C LYS A 90 -4.35 20.43 4.57
N ASP A 91 -4.90 19.83 3.51
CA ASP A 91 -6.34 19.58 3.42
C ASP A 91 -6.69 18.24 4.05
N LEU A 92 -5.76 17.29 3.90
CA LEU A 92 -5.89 15.92 4.44
C LEU A 92 -6.70 15.82 5.76
N PRO A 93 -6.35 16.59 6.83
CA PRO A 93 -7.08 16.52 8.10
C PRO A 93 -8.61 16.63 7.95
N GLU A 94 -9.09 17.29 6.90
CA GLU A 94 -10.54 17.42 6.71
C GLU A 94 -11.14 16.18 6.02
N LEU A 95 -10.65 15.88 4.82
CA LEU A 95 -11.11 14.71 4.06
C LEU A 95 -10.98 13.39 4.81
N ALA A 96 -10.04 13.32 5.75
CA ALA A 96 -9.84 12.12 6.54
C ALA A 96 -11.11 11.75 7.31
N LEU A 97 -11.99 12.73 7.52
CA LEU A 97 -13.23 12.49 8.23
C LEU A 97 -14.25 11.73 7.39
N ASP A 98 -14.55 12.23 6.19
CA ASP A 98 -15.51 11.56 5.31
C ASP A 98 -14.90 10.32 4.64
N THR A 99 -13.65 10.07 4.95
CA THR A 99 -12.92 8.94 4.39
C THR A 99 -11.81 8.51 5.35
N PRO A 100 -12.07 7.52 6.22
CA PRO A 100 -11.09 7.03 7.19
C PRO A 100 -9.82 6.50 6.55
N ARG A 101 -9.89 6.08 5.29
CA ARG A 101 -8.73 5.56 4.59
C ARG A 101 -8.07 6.63 3.73
N ALA A 102 -8.50 7.88 3.89
CA ALA A 102 -7.94 8.99 3.11
C ALA A 102 -6.42 9.15 3.32
N PRO A 103 -5.94 9.23 4.60
CA PRO A 103 -4.51 9.37 4.88
C PRO A 103 -3.69 8.26 4.21
N GLN A 104 -4.10 7.02 4.46
CA GLN A 104 -3.45 5.84 3.87
C GLN A 104 -3.32 6.00 2.36
N LEU A 105 -4.35 6.52 1.72
CA LEU A 105 -4.35 6.73 0.28
C LEU A 105 -3.32 7.78 -0.13
N VAL A 106 -3.30 8.89 0.62
CA VAL A 106 -2.36 9.97 0.36
C VAL A 106 -0.93 9.45 0.39
N GLY A 107 -0.59 8.67 1.41
CA GLY A 107 0.73 8.10 1.52
C GLY A 107 1.15 7.36 0.25
N GLN A 108 0.21 6.61 -0.32
CA GLN A 108 0.47 5.86 -1.54
C GLN A 108 0.81 6.81 -2.68
N PHE A 109 0.08 7.93 -2.73
CA PHE A 109 0.27 8.94 -3.76
C PHE A 109 1.65 9.58 -3.68
N ILE A 110 2.18 9.75 -2.47
CA ILE A 110 3.49 10.35 -2.30
C ILE A 110 4.58 9.41 -2.80
N ALA A 111 4.50 8.16 -2.35
CA ALA A 111 5.45 7.13 -2.76
C ALA A 111 5.53 7.04 -4.28
N ARG A 112 4.37 7.14 -4.93
CA ARG A 112 4.29 7.07 -6.39
C ARG A 112 5.09 8.20 -7.05
N ALA A 113 5.02 9.40 -6.48
CA ALA A 113 5.72 10.56 -7.02
C ALA A 113 7.23 10.35 -7.05
N VAL A 114 7.74 9.65 -6.05
CA VAL A 114 9.16 9.34 -5.95
C VAL A 114 9.54 8.27 -6.98
N GLY A 115 8.54 7.48 -7.33
CA GLY A 115 8.73 6.39 -8.27
C GLY A 115 8.83 6.87 -9.71
N ASP A 116 7.92 7.77 -10.09
CA ASP A 116 7.89 8.33 -11.46
C ASP A 116 9.01 9.34 -11.64
N GLY A 117 9.52 9.87 -10.53
CA GLY A 117 10.59 10.83 -10.59
C GLY A 117 10.10 12.25 -10.77
N ILE A 118 9.09 12.62 -10.00
CA ILE A 118 8.54 13.97 -10.08
C ILE A 118 8.60 14.66 -8.71
N LEU A 119 8.98 13.90 -7.70
CA LEU A 119 9.07 14.42 -6.35
C LEU A 119 10.41 14.04 -5.74
N CYS A 120 10.99 14.95 -4.96
CA CYS A 120 12.27 14.68 -4.30
C CYS A 120 12.11 13.59 -3.24
N ASN A 121 13.08 12.72 -3.14
CA ASN A 121 13.02 11.64 -2.15
C ASN A 121 13.22 12.19 -0.75
N THR A 122 14.01 13.26 -0.64
CA THR A 122 14.28 13.88 0.65
C THR A 122 13.08 14.72 1.14
N TYR A 123 11.95 14.60 0.45
CA TYR A 123 10.76 15.34 0.85
C TYR A 123 10.28 14.84 2.21
N ILE A 124 10.27 13.51 2.34
CA ILE A 124 9.83 12.88 3.58
C ILE A 124 10.80 13.21 4.71
N ASP A 125 12.08 13.33 4.37
CA ASP A 125 13.12 13.65 5.36
C ASP A 125 12.94 15.06 5.89
N SER A 126 12.44 15.95 5.04
CA SER A 126 12.20 17.33 5.41
C SER A 126 11.06 17.45 6.44
N TYR A 127 10.15 16.49 6.41
CA TYR A 127 9.02 16.48 7.34
C TYR A 127 9.22 15.40 8.41
N LYS A 128 10.47 14.94 8.51
CA LYS A 128 10.88 13.88 9.46
C LYS A 128 10.84 14.21 10.96
N GLY A 129 9.74 14.77 11.42
CA GLY A 129 9.64 15.10 12.82
C GLY A 129 9.35 16.56 12.99
N THR A 130 9.12 17.18 11.86
CA THR A 130 8.83 18.59 11.79
C THR A 130 7.33 18.81 11.59
N VAL A 131 6.58 17.70 11.55
CA VAL A 131 5.14 17.76 11.37
C VAL A 131 4.45 17.47 12.71
N ASP A 132 3.50 18.32 13.07
CA ASP A 132 2.77 18.14 14.32
C ASP A 132 1.45 17.40 14.08
N CYS A 133 0.84 17.65 12.92
CA CYS A 133 -0.42 17.02 12.55
C CYS A 133 -0.30 15.50 12.45
N VAL A 134 -1.18 14.80 13.14
CA VAL A 134 -1.20 13.34 13.13
C VAL A 134 -1.51 12.77 11.75
N GLN A 135 -2.62 13.22 11.14
CA GLN A 135 -3.02 12.77 9.81
C GLN A 135 -1.89 12.86 8.79
N ALA A 136 -1.19 13.99 8.76
CA ALA A 136 -0.08 14.18 7.84
C ALA A 136 1.04 13.20 8.13
N ARG A 137 1.30 12.97 9.41
CA ARG A 137 2.35 12.05 9.83
C ARG A 137 2.08 10.63 9.33
N ALA A 138 0.85 10.15 9.54
CA ALA A 138 0.48 8.80 9.11
C ALA A 138 0.66 8.61 7.62
N ALA A 139 0.40 9.66 6.84
CA ALA A 139 0.55 9.60 5.40
C ALA A 139 2.02 9.40 5.02
N LEU A 140 2.89 10.19 5.63
CA LEU A 140 4.32 10.11 5.37
C LEU A 140 4.84 8.74 5.79
N ASP A 141 4.31 8.24 6.90
CA ASP A 141 4.71 6.95 7.44
C ASP A 141 4.35 5.84 6.45
N LYS A 142 3.08 5.77 6.08
CA LYS A 142 2.60 4.77 5.12
C LYS A 142 3.44 4.81 3.82
N ALA A 143 3.77 6.01 3.38
CA ALA A 143 4.56 6.19 2.17
C ALA A 143 5.94 5.57 2.32
N THR A 144 6.49 5.67 3.53
CA THR A 144 7.81 5.14 3.82
C THR A 144 7.82 3.61 3.76
N VAL A 145 6.76 2.97 4.24
CA VAL A 145 6.67 1.52 4.23
C VAL A 145 6.57 1.00 2.79
N LEU A 146 5.83 1.74 1.98
CA LEU A 146 5.62 1.38 0.58
C LEU A 146 6.93 1.28 -0.19
N LEU A 147 7.78 2.30 -0.06
CA LEU A 147 9.07 2.33 -0.76
C LEU A 147 9.93 1.14 -0.36
N SER A 148 9.76 0.71 0.88
CA SER A 148 10.51 -0.43 1.40
C SER A 148 9.97 -1.77 0.91
N MET A 149 8.72 -1.78 0.46
CA MET A 149 8.08 -2.99 -0.04
C MET A 149 8.32 -3.18 -1.54
N SER A 150 8.00 -2.16 -2.29
CA SER A 150 8.13 -2.14 -3.75
C SER A 150 9.58 -2.21 -4.26
N LYS A 151 10.51 -2.61 -3.40
CA LYS A 151 11.93 -2.69 -3.75
C LYS A 151 12.38 -4.09 -4.20
N GLY A 152 11.48 -4.89 -4.74
CA GLY A 152 11.84 -6.23 -5.19
C GLY A 152 11.81 -6.37 -6.70
N GLY A 153 12.92 -6.82 -7.29
CA GLY A 153 12.98 -6.97 -8.72
C GLY A 153 13.56 -5.76 -9.42
N LYS A 154 14.76 -5.91 -9.98
CA LYS A 154 15.44 -4.82 -10.67
C LYS A 154 14.77 -4.47 -12.00
N ARG A 155 13.72 -5.21 -12.35
CA ARG A 155 12.97 -4.97 -13.58
C ARG A 155 12.32 -3.60 -13.58
N LYS A 156 12.20 -3.01 -12.40
CA LYS A 156 11.59 -1.69 -12.26
C LYS A 156 12.67 -0.61 -12.20
N ASP A 157 13.92 -1.03 -12.32
CA ASP A 157 15.05 -0.09 -12.26
C ASP A 157 15.67 0.07 -13.64
N SER A 158 15.15 -0.65 -14.61
CA SER A 158 15.63 -0.57 -15.97
C SER A 158 14.98 0.59 -16.69
N VAL A 159 13.68 0.73 -16.49
CA VAL A 159 12.92 1.81 -17.10
C VAL A 159 12.57 2.87 -16.06
N TRP A 160 12.69 4.13 -16.43
CA TRP A 160 12.37 5.22 -15.52
C TRP A 160 11.30 6.12 -16.12
N GLY A 161 10.40 5.54 -16.89
CA GLY A 161 9.34 6.29 -17.51
C GLY A 161 8.54 5.45 -18.48
N SER A 162 7.54 4.74 -17.97
CA SER A 162 6.70 3.90 -18.79
C SER A 162 5.32 3.74 -18.17
N GLY A 163 4.33 4.38 -18.77
CA GLY A 163 2.97 4.32 -18.26
C GLY A 163 1.97 4.67 -19.34
N GLY B 1 -0.77 4.42 -21.08
CA GLY B 1 -1.92 3.92 -20.28
C GLY B 1 -2.94 3.21 -21.15
N GLY B 2 -4.01 2.75 -20.54
CA GLY B 2 -5.05 2.05 -21.27
C GLY B 2 -5.86 1.17 -20.35
N GLN B 3 -6.29 0.02 -20.85
CA GLN B 3 -7.08 -0.89 -20.04
C GLN B 3 -6.16 -1.88 -19.30
N GLN B 4 -6.11 -1.73 -17.99
CA GLN B 4 -5.27 -2.59 -17.17
C GLN B 4 -6.00 -3.89 -16.81
N PRO B 5 -5.31 -5.03 -16.94
CA PRO B 5 -5.89 -6.33 -16.61
C PRO B 5 -6.00 -6.54 -15.10
N VAL B 6 -6.68 -7.59 -14.70
CA VAL B 6 -6.86 -7.90 -13.29
C VAL B 6 -5.56 -8.39 -12.66
N ASN B 7 -5.30 -7.92 -11.45
CA ASN B 7 -4.10 -8.30 -10.72
C ASN B 7 -4.46 -9.19 -9.53
N HIS B 8 -3.75 -10.28 -9.36
CA HIS B 8 -4.01 -11.21 -8.25
C HIS B 8 -2.76 -11.97 -7.85
N LEU B 9 -2.61 -12.21 -6.55
CA LEU B 9 -1.45 -12.90 -5.99
C LEU B 9 -0.16 -12.10 -6.16
N VAL B 10 -0.29 -10.91 -6.72
CA VAL B 10 0.84 -10.04 -6.96
C VAL B 10 0.66 -8.73 -6.21
N LYS B 11 1.61 -8.41 -5.35
CA LYS B 11 1.56 -7.17 -4.55
C LYS B 11 0.36 -7.15 -3.61
N GLU B 12 -0.10 -8.33 -3.21
CA GLU B 12 -1.24 -8.42 -2.31
C GLU B 12 -0.82 -9.04 -0.99
N ILE B 13 -0.71 -10.36 -1.00
CA ILE B 13 -0.33 -11.13 0.19
C ILE B 13 1.07 -10.74 0.68
N ASP B 14 2.04 -10.78 -0.23
CA ASP B 14 3.42 -10.45 0.10
C ASP B 14 3.54 -9.01 0.58
N MET B 15 2.88 -8.11 -0.12
CA MET B 15 2.92 -6.69 0.24
C MET B 15 2.28 -6.43 1.61
N LEU B 16 1.15 -7.08 1.89
CA LEU B 16 0.47 -6.89 3.17
C LEU B 16 1.37 -7.26 4.34
N LEU B 17 2.03 -8.40 4.21
CA LEU B 17 2.94 -8.87 5.26
C LEU B 17 4.06 -7.87 5.51
N LYS B 18 4.61 -7.33 4.42
CA LYS B 18 5.68 -6.35 4.52
C LYS B 18 5.19 -5.00 5.05
N GLU B 19 3.96 -4.63 4.68
CA GLU B 19 3.38 -3.37 5.12
C GLU B 19 3.12 -3.40 6.62
N TYR B 20 2.48 -4.47 7.06
CA TYR B 20 2.15 -4.65 8.47
C TYR B 20 3.42 -4.68 9.31
N LEU B 21 4.48 -5.21 8.72
CA LEU B 21 5.77 -5.32 9.39
C LEU B 21 6.32 -3.94 9.79
N LEU B 22 6.11 -2.96 8.93
CA LEU B 22 6.59 -1.62 9.20
C LEU B 22 5.56 -0.69 9.82
N SER B 23 4.31 -0.77 9.35
CA SER B 23 3.24 0.09 9.86
C SER B 23 2.94 -0.19 11.34
N GLY B 24 2.36 -1.35 11.60
CA GLY B 24 2.03 -1.71 12.98
C GLY B 24 0.57 -2.10 13.15
N ASP B 25 -0.33 -1.33 12.55
CA ASP B 25 -1.78 -1.59 12.67
C ASP B 25 -2.21 -2.77 11.82
N ILE B 26 -3.06 -3.64 12.39
CA ILE B 26 -3.54 -4.81 11.67
C ILE B 26 -4.70 -4.44 10.73
N SER B 27 -5.48 -3.43 11.12
CA SER B 27 -6.69 -3.00 10.40
C SER B 27 -6.47 -2.67 8.92
N GLU B 28 -5.35 -2.04 8.60
CA GLU B 28 -5.06 -1.71 7.20
C GLU B 28 -4.98 -2.99 6.37
N ALA B 29 -4.24 -3.96 6.88
CA ALA B 29 -4.09 -5.24 6.21
C ALA B 29 -5.42 -5.97 6.18
N GLU B 30 -6.14 -5.93 7.30
CA GLU B 30 -7.44 -6.57 7.44
C GLU B 30 -8.40 -6.11 6.35
N HIS B 31 -8.42 -4.80 6.11
CA HIS B 31 -9.30 -4.22 5.09
C HIS B 31 -8.97 -4.77 3.71
N CYS B 32 -7.68 -4.98 3.45
CA CYS B 32 -7.24 -5.49 2.16
C CYS B 32 -7.63 -6.96 1.98
N LEU B 33 -7.65 -7.70 3.08
CA LEU B 33 -8.05 -9.09 3.02
C LEU B 33 -9.53 -9.17 2.68
N LYS B 34 -10.26 -8.18 3.15
CA LYS B 34 -11.69 -8.04 2.88
C LYS B 34 -11.93 -7.60 1.42
N GLU B 35 -10.88 -6.98 0.87
CA GLU B 35 -10.89 -6.49 -0.52
C GLU B 35 -10.92 -7.67 -1.53
N LEU B 36 -10.12 -8.72 -1.23
CA LEU B 36 -10.04 -9.95 -2.06
C LEU B 36 -11.42 -10.63 -2.28
N GLU B 37 -11.45 -11.93 -2.69
CA GLU B 37 -12.74 -12.59 -2.91
C GLU B 37 -12.82 -13.99 -2.30
N VAL B 38 -11.98 -14.92 -2.80
CA VAL B 38 -12.00 -16.30 -2.31
C VAL B 38 -11.10 -16.48 -1.11
N PRO B 39 -11.68 -16.89 0.02
CA PRO B 39 -10.95 -17.13 1.26
C PRO B 39 -10.14 -18.43 1.25
N HIS B 40 -10.46 -19.34 0.32
CA HIS B 40 -9.75 -20.62 0.23
C HIS B 40 -8.30 -20.46 -0.23
N PHE B 41 -8.00 -19.32 -0.82
CA PHE B 41 -6.65 -19.06 -1.30
C PHE B 41 -5.84 -18.27 -0.26
N HIS B 42 -6.42 -18.10 0.92
CA HIS B 42 -5.77 -17.34 1.99
C HIS B 42 -4.59 -18.12 2.60
N HIS B 43 -4.41 -19.36 2.17
CA HIS B 43 -3.33 -20.21 2.70
C HIS B 43 -1.94 -19.67 2.37
N GLU B 44 -1.81 -18.98 1.25
CA GLU B 44 -0.53 -18.41 0.85
C GLU B 44 -0.12 -17.30 1.80
N LEU B 45 -1.13 -16.58 2.30
CA LEU B 45 -0.91 -15.50 3.26
C LEU B 45 -0.35 -16.05 4.55
N VAL B 46 -0.72 -17.30 4.83
CA VAL B 46 -0.29 -17.96 6.06
C VAL B 46 1.12 -18.51 5.88
N TYR B 47 1.33 -19.23 4.78
CA TYR B 47 2.63 -19.84 4.49
C TYR B 47 3.78 -18.84 4.53
N GLU B 48 3.65 -17.78 3.75
CA GLU B 48 4.68 -16.74 3.67
C GLU B 48 4.92 -16.07 5.02
N ALA B 49 3.84 -15.72 5.71
CA ALA B 49 3.95 -15.09 7.03
C ALA B 49 4.81 -15.90 7.99
N ILE B 50 4.70 -17.23 7.94
CA ILE B 50 5.48 -18.09 8.81
C ILE B 50 6.96 -18.10 8.38
N VAL B 51 7.20 -18.14 7.07
CA VAL B 51 8.56 -18.14 6.54
C VAL B 51 9.26 -16.85 6.99
N MET B 52 8.58 -15.73 6.83
CA MET B 52 9.08 -14.42 7.24
C MET B 52 9.48 -14.42 8.72
N VAL B 53 8.91 -15.34 9.49
CA VAL B 53 9.18 -15.38 10.92
C VAL B 53 10.50 -16.12 11.19
N LEU B 54 10.76 -17.17 10.41
CA LEU B 54 11.97 -17.98 10.58
C LEU B 54 13.16 -17.45 9.76
N GLU B 55 12.89 -16.52 8.87
CA GLU B 55 13.93 -15.95 8.04
C GLU B 55 14.27 -14.55 8.49
N SER B 56 13.71 -14.16 9.63
CA SER B 56 13.96 -12.84 10.19
C SER B 56 14.55 -12.97 11.57
N THR B 57 15.39 -12.01 11.93
CA THR B 57 16.05 -12.01 13.22
C THR B 57 15.49 -10.94 14.15
N GLY B 58 15.06 -11.34 15.33
CA GLY B 58 14.52 -10.40 16.29
C GLY B 58 13.18 -10.81 16.85
N GLU B 59 12.94 -10.45 18.10
CA GLU B 59 11.67 -10.77 18.76
C GLU B 59 10.53 -9.96 18.17
N SER B 60 10.86 -8.78 17.63
CA SER B 60 9.87 -7.91 17.04
C SER B 60 9.23 -8.58 15.83
N ALA B 61 10.04 -9.32 15.09
CA ALA B 61 9.56 -10.01 13.92
C ALA B 61 8.69 -11.20 14.32
N PHE B 62 8.91 -11.73 15.51
CA PHE B 62 8.15 -12.89 15.96
C PHE B 62 6.74 -12.46 16.43
N LYS B 63 6.70 -11.76 17.57
CA LYS B 63 5.45 -11.29 18.18
C LYS B 63 4.51 -10.54 17.24
N MET B 64 5.08 -9.92 16.23
CA MET B 64 4.30 -9.11 15.31
C MET B 64 3.63 -9.95 14.25
N ILE B 65 4.41 -10.83 13.63
CA ILE B 65 3.88 -11.65 12.56
C ILE B 65 3.01 -12.79 13.10
N LEU B 66 3.23 -13.20 14.37
CA LEU B 66 2.46 -14.31 14.94
C LEU B 66 1.06 -13.84 15.36
N ASP B 67 1.01 -12.71 16.08
CA ASP B 67 -0.24 -12.12 16.60
C ASP B 67 -1.15 -11.67 15.46
N LEU B 68 -0.56 -11.50 14.30
CA LEU B 68 -1.30 -11.04 13.13
C LEU B 68 -2.29 -12.11 12.70
N LEU B 69 -1.91 -13.36 12.88
CA LEU B 69 -2.76 -14.49 12.51
C LEU B 69 -3.97 -14.55 13.43
N LYS B 70 -3.70 -14.60 14.74
CA LYS B 70 -4.76 -14.62 15.76
C LYS B 70 -5.74 -13.46 15.59
N SER B 71 -5.24 -12.36 15.06
CA SER B 71 -6.06 -11.17 14.87
C SER B 71 -7.03 -11.41 13.71
N LEU B 72 -6.52 -12.05 12.68
CA LEU B 72 -7.29 -12.37 11.50
C LEU B 72 -8.27 -13.52 11.77
N TRP B 73 -7.95 -14.36 12.76
CA TRP B 73 -8.79 -15.49 13.12
C TRP B 73 -10.12 -15.03 13.71
N LYS B 74 -10.06 -14.24 14.78
CA LYS B 74 -11.27 -13.70 15.43
C LYS B 74 -12.22 -13.00 14.44
N SER B 75 -11.68 -12.58 13.31
CA SER B 75 -12.47 -11.89 12.29
C SER B 75 -13.14 -12.90 11.36
N SER B 76 -12.74 -14.17 11.53
CA SER B 76 -13.26 -15.28 10.74
C SER B 76 -12.74 -15.22 9.30
N THR B 77 -11.52 -14.71 9.15
CA THR B 77 -10.90 -14.58 7.85
C THR B 77 -10.08 -15.84 7.54
N ILE B 78 -9.18 -16.18 8.45
CA ILE B 78 -8.35 -17.37 8.29
C ILE B 78 -9.10 -18.60 8.78
N THR B 79 -9.32 -19.54 7.88
CA THR B 79 -10.01 -20.77 8.21
C THR B 79 -9.00 -21.91 8.37
N ILE B 80 -9.31 -22.85 9.26
CA ILE B 80 -8.42 -23.99 9.51
C ILE B 80 -7.98 -24.72 8.24
N ASP B 81 -8.83 -24.77 7.22
CA ASP B 81 -8.49 -25.42 5.96
C ASP B 81 -7.29 -24.74 5.32
N GLN B 82 -7.22 -23.44 5.47
CA GLN B 82 -6.15 -22.65 4.91
C GLN B 82 -4.86 -22.79 5.72
N MET B 83 -4.96 -22.58 7.02
CA MET B 83 -3.80 -22.67 7.92
C MET B 83 -3.18 -24.06 7.93
N LYS B 84 -4.00 -25.08 7.67
CA LYS B 84 -3.51 -26.45 7.66
C LYS B 84 -2.61 -26.62 6.45
N ARG B 85 -3.08 -26.14 5.32
CA ARG B 85 -2.31 -26.23 4.10
C ARG B 85 -1.08 -25.34 4.18
N GLY B 86 -1.08 -24.38 5.11
CA GLY B 86 0.07 -23.52 5.29
C GLY B 86 1.14 -24.19 6.14
N TYR B 87 0.72 -24.71 7.30
CA TYR B 87 1.63 -25.37 8.25
C TYR B 87 2.20 -26.67 7.68
N GLU B 88 1.36 -27.40 6.97
CA GLU B 88 1.75 -28.67 6.38
C GLU B 88 2.89 -28.45 5.38
N ARG B 89 2.93 -27.25 4.82
CA ARG B 89 3.97 -26.90 3.86
C ARG B 89 5.31 -26.70 4.58
N ILE B 90 5.29 -25.98 5.71
CA ILE B 90 6.50 -25.70 6.50
C ILE B 90 7.18 -26.99 6.94
N TYR B 91 6.41 -28.06 6.98
CA TYR B 91 6.93 -29.37 7.38
C TYR B 91 7.98 -29.83 6.38
N ASN B 92 7.77 -29.46 5.11
CA ASN B 92 8.69 -29.79 4.03
C ASN B 92 9.71 -28.68 3.81
N GLU B 93 9.30 -27.44 4.05
CA GLU B 93 10.17 -26.29 3.84
C GLU B 93 11.30 -26.21 4.86
N ILE B 94 11.01 -26.60 6.10
CA ILE B 94 12.03 -26.57 7.16
C ILE B 94 13.32 -27.30 6.74
N PRO B 95 13.22 -28.58 6.34
CA PRO B 95 14.40 -29.35 5.89
C PRO B 95 15.12 -28.65 4.74
N ASP B 96 14.35 -28.07 3.82
CA ASP B 96 14.90 -27.36 2.67
C ASP B 96 15.70 -26.14 3.12
N ILE B 97 15.12 -25.36 4.00
CA ILE B 97 15.75 -24.14 4.50
C ILE B 97 16.94 -24.45 5.42
N ASN B 98 16.77 -25.43 6.29
CA ASN B 98 17.82 -25.79 7.24
C ASN B 98 19.00 -26.49 6.59
N LEU B 99 18.70 -27.51 5.79
CA LEU B 99 19.74 -28.31 5.12
C LEU B 99 20.66 -28.95 6.16
N ASP B 100 20.10 -29.92 6.89
CA ASP B 100 20.80 -30.65 7.93
C ASP B 100 21.01 -29.79 9.17
N VAL B 101 21.12 -30.44 10.33
CA VAL B 101 21.29 -29.76 11.61
C VAL B 101 20.18 -28.73 11.84
N PRO B 102 18.97 -29.21 12.17
CA PRO B 102 17.81 -28.35 12.40
C PRO B 102 17.90 -27.66 13.75
N HIS B 103 18.63 -26.56 13.79
CA HIS B 103 18.81 -25.79 15.01
C HIS B 103 17.67 -24.83 15.25
N SER B 104 16.68 -24.85 14.36
CA SER B 104 15.53 -23.97 14.49
C SER B 104 14.36 -24.70 15.17
N TYR B 105 14.64 -25.85 15.77
CA TYR B 105 13.60 -26.63 16.45
C TYR B 105 13.07 -25.88 17.67
N SER B 106 13.95 -25.13 18.31
CA SER B 106 13.60 -24.34 19.48
C SER B 106 12.51 -23.34 19.10
N VAL B 107 12.65 -22.76 17.92
CA VAL B 107 11.70 -21.78 17.42
C VAL B 107 10.48 -22.47 16.82
N LEU B 108 10.71 -23.53 16.06
CA LEU B 108 9.64 -24.27 15.38
C LEU B 108 8.58 -24.79 16.34
N GLU B 109 8.99 -25.57 17.33
CA GLU B 109 8.05 -26.14 18.29
C GLU B 109 7.37 -25.03 19.08
N ARG B 110 8.19 -24.12 19.58
CA ARG B 110 7.70 -22.97 20.33
C ARG B 110 6.59 -22.25 19.56
N PHE B 111 6.82 -22.08 18.27
CA PHE B 111 5.85 -21.42 17.41
C PHE B 111 4.56 -22.24 17.29
N VAL B 112 4.69 -23.56 17.22
CA VAL B 112 3.52 -24.43 17.09
C VAL B 112 2.76 -24.55 18.41
N GLU B 113 3.50 -24.77 19.49
CA GLU B 113 2.90 -24.90 20.82
C GLU B 113 2.15 -23.65 21.23
N GLU B 114 2.61 -22.51 20.73
CA GLU B 114 1.97 -21.24 21.01
C GLU B 114 0.69 -21.12 20.19
N CYS B 115 0.78 -21.49 18.91
CA CYS B 115 -0.34 -21.43 18.00
C CYS B 115 -1.54 -22.24 18.48
N PHE B 116 -1.32 -23.49 18.91
CA PHE B 116 -2.43 -24.33 19.38
C PHE B 116 -3.10 -23.75 20.61
N GLN B 117 -2.30 -23.31 21.58
CA GLN B 117 -2.82 -22.73 22.81
C GLN B 117 -3.86 -21.64 22.59
N ALA B 118 -3.79 -20.96 21.45
CA ALA B 118 -4.74 -19.90 21.13
C ALA B 118 -6.12 -20.46 20.79
N GLY B 119 -6.19 -21.77 20.56
CA GLY B 119 -7.45 -22.41 20.22
C GLY B 119 -7.85 -22.16 18.78
N ILE B 120 -6.88 -22.15 17.88
CA ILE B 120 -7.15 -21.92 16.47
C ILE B 120 -7.01 -23.18 15.64
N ILE B 121 -6.10 -24.06 16.06
CA ILE B 121 -5.87 -25.31 15.33
C ILE B 121 -6.26 -26.51 16.18
N SER B 122 -5.84 -27.70 15.74
CA SER B 122 -6.13 -28.93 16.45
C SER B 122 -4.86 -29.71 16.73
N LYS B 123 -4.99 -30.78 17.51
CA LYS B 123 -3.84 -31.62 17.86
C LYS B 123 -3.33 -32.38 16.63
N GLN B 124 -4.21 -32.58 15.65
CA GLN B 124 -3.86 -33.28 14.42
C GLN B 124 -2.72 -32.58 13.69
N LEU B 125 -2.72 -31.25 13.72
CA LEU B 125 -1.69 -30.48 13.05
C LEU B 125 -0.33 -30.66 13.73
N ARG B 126 -0.31 -30.48 15.05
CA ARG B 126 0.93 -30.63 15.81
C ARG B 126 1.46 -32.07 15.73
N ASP B 127 0.53 -33.00 15.55
CA ASP B 127 0.89 -34.41 15.43
C ASP B 127 1.73 -34.64 14.17
N LEU B 128 1.50 -33.82 13.14
CA LEU B 128 2.23 -33.93 11.88
C LEU B 128 3.50 -33.10 11.90
N CYS B 129 3.74 -32.38 12.99
CA CYS B 129 4.92 -31.56 13.12
C CYS B 129 6.06 -32.33 13.78
N PRO B 130 7.31 -32.01 13.43
CA PRO B 130 8.49 -32.67 14.00
C PRO B 130 8.77 -32.16 15.42
N SER B 131 8.17 -32.82 16.39
CA SER B 131 8.33 -32.45 17.78
C SER B 131 9.32 -33.39 18.47
N GLY A 1 2.84 31.30 -2.86
CA GLY A 1 1.87 32.42 -2.84
C GLY A 1 0.50 31.97 -2.38
N LEU A 2 -0.51 32.78 -2.67
CA LEU A 2 -1.87 32.47 -2.27
C LEU A 2 -2.74 32.22 -3.50
N PRO A 3 -3.42 31.07 -3.56
CA PRO A 3 -4.31 30.73 -4.67
C PRO A 3 -5.44 31.74 -4.80
N LEU A 4 -5.75 32.12 -6.02
CA LEU A 4 -6.80 33.09 -6.26
C LEU A 4 -7.95 32.49 -7.04
N ASP A 5 -9.17 32.75 -6.57
CA ASP A 5 -10.40 32.26 -7.22
C ASP A 5 -10.50 30.74 -7.22
N GLU A 6 -9.93 30.11 -6.19
CA GLU A 6 -9.98 28.64 -6.06
C GLU A 6 -11.41 28.12 -6.17
N ARG A 7 -12.30 28.83 -5.48
CA ARG A 7 -13.71 28.47 -5.47
C ARG A 7 -14.28 28.36 -6.89
N ALA A 8 -13.76 29.19 -7.79
CA ALA A 8 -14.18 29.16 -9.18
C ALA A 8 -13.48 28.04 -9.95
N PHE A 9 -12.16 27.94 -9.80
CA PHE A 9 -11.35 26.92 -10.48
C PHE A 9 -11.82 25.51 -10.21
N GLU A 10 -11.87 25.13 -8.93
CA GLU A 10 -12.35 23.82 -8.54
C GLU A 10 -13.63 23.44 -9.26
N LYS A 11 -14.64 24.30 -9.17
CA LYS A 11 -15.92 24.08 -9.83
C LYS A 11 -15.75 23.86 -11.33
N THR A 12 -14.90 24.68 -11.93
CA THR A 12 -14.66 24.61 -13.37
C THR A 12 -14.05 23.27 -13.80
N LEU A 13 -12.89 22.91 -13.28
CA LEU A 13 -12.23 21.66 -13.65
C LEU A 13 -12.91 20.39 -13.09
N THR A 14 -13.97 20.55 -12.31
CA THR A 14 -14.67 19.40 -11.74
C THR A 14 -15.01 18.32 -12.79
N PRO A 15 -15.80 18.67 -13.84
CA PRO A 15 -16.19 17.71 -14.89
C PRO A 15 -14.99 17.15 -15.66
N ILE A 16 -14.18 18.05 -16.22
CA ILE A 16 -12.99 17.68 -16.99
C ILE A 16 -12.11 16.66 -16.26
N ILE A 17 -12.06 16.75 -14.94
CA ILE A 17 -11.26 15.85 -14.16
C ILE A 17 -11.99 14.53 -13.92
N GLN A 18 -13.27 14.64 -13.57
CA GLN A 18 -14.11 13.47 -13.33
C GLN A 18 -14.24 12.61 -14.59
N GLU A 19 -14.17 13.26 -15.75
CA GLU A 19 -14.27 12.56 -17.03
C GLU A 19 -12.96 11.83 -17.33
N TYR A 20 -11.86 12.57 -17.21
CA TYR A 20 -10.52 12.04 -17.45
C TYR A 20 -10.28 10.70 -16.76
N PHE A 21 -10.76 10.57 -15.53
CA PHE A 21 -10.58 9.34 -14.76
C PHE A 21 -11.26 8.11 -15.35
N GLU A 22 -12.24 8.34 -16.23
CA GLU A 22 -12.95 7.23 -16.84
C GLU A 22 -12.26 6.69 -18.09
N HIS A 23 -11.98 7.55 -19.05
CA HIS A 23 -11.32 7.11 -20.28
C HIS A 23 -9.79 7.05 -20.15
N GLY A 24 -9.22 7.97 -19.40
CA GLY A 24 -7.78 7.98 -19.21
C GLY A 24 -7.03 8.65 -20.35
N ASP A 25 -7.03 9.97 -20.34
CA ASP A 25 -6.33 10.74 -21.37
C ASP A 25 -5.68 11.97 -20.77
N THR A 26 -4.41 11.84 -20.45
CA THR A 26 -3.64 12.93 -19.86
C THR A 26 -3.36 14.04 -20.88
N ASN A 27 -3.44 13.67 -22.15
CA ASN A 27 -3.19 14.61 -23.24
C ASN A 27 -4.18 15.77 -23.23
N GLU A 28 -5.48 15.45 -23.21
CA GLU A 28 -6.53 16.46 -23.20
C GLU A 28 -6.34 17.42 -22.03
N VAL A 29 -6.05 16.86 -20.87
CA VAL A 29 -5.83 17.65 -19.66
C VAL A 29 -4.70 18.65 -19.90
N ALA A 30 -3.55 18.14 -20.31
CA ALA A 30 -2.38 18.96 -20.58
C ALA A 30 -2.69 20.05 -21.61
N GLU A 31 -3.47 19.71 -22.63
CA GLU A 31 -3.82 20.66 -23.68
C GLU A 31 -4.73 21.76 -23.13
N MET A 32 -5.68 21.38 -22.29
CA MET A 32 -6.61 22.33 -21.70
C MET A 32 -5.92 23.24 -20.69
N LEU A 33 -5.03 22.66 -19.88
CA LEU A 33 -4.30 23.42 -18.88
C LEU A 33 -3.51 24.55 -19.54
N ARG A 34 -2.67 24.17 -20.52
CA ARG A 34 -1.86 25.15 -21.26
C ARG A 34 -2.65 26.34 -21.78
N ASP A 35 -3.95 26.21 -22.02
CA ASP A 35 -4.73 27.32 -22.53
C ASP A 35 -5.20 28.22 -21.38
N LEU A 36 -5.37 27.62 -20.21
CA LEU A 36 -5.82 28.35 -19.03
C LEU A 36 -4.91 29.54 -18.70
N ASN A 37 -3.61 29.28 -18.53
CA ASN A 37 -2.63 30.32 -18.22
C ASN A 37 -2.65 30.72 -16.76
N LEU A 38 -1.99 29.93 -15.94
CA LEU A 38 -1.91 30.18 -14.50
C LEU A 38 -0.53 29.85 -13.96
N GLY A 39 -0.07 30.64 -13.00
CA GLY A 39 1.24 30.43 -12.41
C GLY A 39 1.21 29.48 -11.23
N GLU A 40 0.85 30.00 -10.06
CA GLU A 40 0.80 29.19 -8.84
C GLU A 40 -0.49 28.38 -8.79
N MET A 41 -1.53 28.88 -9.42
CA MET A 41 -2.82 28.21 -9.45
C MET A 41 -2.73 26.92 -10.26
N LYS A 42 -1.72 26.85 -11.11
CA LYS A 42 -1.47 25.68 -11.95
C LYS A 42 -1.04 24.51 -11.08
N SER A 43 -0.43 24.82 -9.94
CA SER A 43 0.06 23.80 -9.03
C SER A 43 -1.03 23.22 -8.14
N GLY A 44 -2.26 23.72 -8.24
CA GLY A 44 -3.32 23.19 -7.42
C GLY A 44 -4.14 22.17 -8.19
N VAL A 45 -3.82 22.05 -9.48
CA VAL A 45 -4.51 21.10 -10.36
C VAL A 45 -4.36 19.66 -9.87
N PRO A 46 -3.11 19.19 -9.61
CA PRO A 46 -2.88 17.82 -9.11
C PRO A 46 -3.69 17.55 -7.84
N VAL A 47 -3.71 18.52 -6.94
CA VAL A 47 -4.45 18.39 -5.69
C VAL A 47 -5.94 18.21 -5.98
N LEU A 48 -6.43 19.09 -6.85
CA LEU A 48 -7.83 19.06 -7.28
C LEU A 48 -8.18 17.66 -7.80
N ALA A 49 -7.33 17.14 -8.67
CA ALA A 49 -7.53 15.81 -9.26
C ALA A 49 -7.48 14.69 -8.20
N VAL A 50 -6.58 14.82 -7.24
CA VAL A 50 -6.45 13.82 -6.17
C VAL A 50 -7.71 13.83 -5.32
N SER A 51 -8.10 15.02 -4.90
CA SER A 51 -9.28 15.24 -4.07
C SER A 51 -10.55 14.70 -4.71
N LEU A 52 -10.59 14.68 -6.04
CA LEU A 52 -11.73 14.14 -6.75
C LEU A 52 -11.71 12.57 -6.76
N ALA A 53 -10.50 11.98 -6.85
CA ALA A 53 -10.32 10.52 -6.86
C ALA A 53 -10.32 9.83 -5.46
N LEU A 54 -10.21 10.61 -4.38
CA LEU A 54 -10.04 10.08 -3.02
C LEU A 54 -11.09 9.07 -2.54
N GLU A 55 -12.35 9.44 -2.57
CA GLU A 55 -13.42 8.56 -2.09
C GLU A 55 -13.96 7.63 -3.17
N GLY A 56 -13.31 7.65 -4.31
CA GLY A 56 -13.74 6.80 -5.40
C GLY A 56 -13.08 5.43 -5.33
N LYS A 57 -13.29 4.63 -6.36
CA LYS A 57 -12.71 3.30 -6.43
C LYS A 57 -11.19 3.39 -6.48
N ALA A 58 -10.53 2.27 -6.18
CA ALA A 58 -9.07 2.22 -6.18
C ALA A 58 -8.50 2.49 -7.56
N SER A 59 -9.28 2.17 -8.59
CA SER A 59 -8.88 2.38 -9.97
C SER A 59 -8.58 3.85 -10.23
N HIS A 60 -9.47 4.72 -9.77
CA HIS A 60 -9.29 6.16 -9.93
C HIS A 60 -8.00 6.62 -9.27
N ARG A 61 -7.78 6.17 -8.04
CA ARG A 61 -6.59 6.51 -7.26
C ARG A 61 -5.30 6.17 -8.02
N GLU A 62 -5.22 4.93 -8.53
CA GLU A 62 -4.05 4.48 -9.29
C GLU A 62 -3.90 5.29 -10.57
N MET A 63 -5.04 5.66 -11.15
CA MET A 63 -5.08 6.43 -12.38
C MET A 63 -4.66 7.90 -12.20
N THR A 64 -4.56 8.33 -10.95
CA THR A 64 -4.20 9.71 -10.65
C THR A 64 -2.67 9.87 -10.84
N SER A 65 -1.97 8.75 -10.70
CA SER A 65 -0.51 8.71 -10.80
C SER A 65 -0.01 9.09 -12.20
N LYS A 66 -0.71 8.61 -13.24
CA LYS A 66 -0.35 8.89 -14.63
C LYS A 66 -0.29 10.40 -14.87
N LEU A 67 -1.35 11.09 -14.47
CA LEU A 67 -1.46 12.53 -14.62
C LEU A 67 -0.23 13.26 -14.05
N LEU A 68 0.17 12.87 -12.85
CA LEU A 68 1.31 13.49 -12.17
C LEU A 68 2.61 13.30 -12.96
N SER A 69 2.88 12.07 -13.36
CA SER A 69 4.09 11.75 -14.10
C SER A 69 4.16 12.48 -15.44
N ASP A 70 3.01 12.64 -16.11
CA ASP A 70 2.96 13.31 -17.39
C ASP A 70 3.14 14.83 -17.29
N LEU A 71 2.30 15.48 -16.47
CA LEU A 71 2.37 16.93 -16.31
C LEU A 71 3.73 17.41 -15.83
N CYS A 72 4.34 16.66 -14.93
CA CYS A 72 5.66 17.02 -14.41
C CYS A 72 6.73 16.98 -15.49
N GLY A 73 6.98 18.12 -16.12
CA GLY A 73 7.98 18.19 -17.18
C GLY A 73 7.37 18.68 -18.48
N THR A 74 6.10 18.38 -18.68
CA THR A 74 5.40 18.77 -19.89
C THR A 74 4.60 20.05 -19.66
N VAL A 75 4.13 20.24 -18.43
CA VAL A 75 3.33 21.41 -18.07
C VAL A 75 3.80 21.99 -16.74
N MET A 76 4.05 21.11 -15.78
CA MET A 76 4.48 21.52 -14.46
C MET A 76 5.98 21.27 -14.31
N SER A 77 6.57 21.93 -13.32
CA SER A 77 7.99 21.78 -13.04
C SER A 77 8.16 21.00 -11.73
N THR A 78 9.41 20.86 -11.27
CA THR A 78 9.67 20.14 -10.03
C THR A 78 9.17 20.96 -8.84
N THR A 79 9.26 22.27 -8.96
CA THR A 79 8.79 23.20 -7.93
C THR A 79 7.26 23.07 -7.74
N ASP A 80 6.66 22.52 -8.78
CA ASP A 80 5.23 22.29 -8.83
C ASP A 80 4.77 21.08 -7.98
N VAL A 81 5.45 19.95 -8.12
CA VAL A 81 5.08 18.71 -7.40
C VAL A 81 5.04 18.85 -5.87
N GLU A 82 6.15 19.32 -5.29
CA GLU A 82 6.23 19.51 -3.84
C GLU A 82 5.14 20.46 -3.39
N LYS A 83 5.05 21.60 -4.09
CA LYS A 83 4.05 22.62 -3.84
C LYS A 83 2.64 22.04 -3.81
N SER A 84 2.40 20.98 -4.60
CA SER A 84 1.10 20.36 -4.66
C SER A 84 0.85 19.49 -3.42
N PHE A 85 1.87 18.74 -3.02
CA PHE A 85 1.76 17.86 -1.87
C PHE A 85 1.38 18.60 -0.58
N ASP A 86 2.11 19.66 -0.25
CA ASP A 86 1.79 20.46 0.94
C ASP A 86 0.36 20.96 0.87
N LYS A 87 0.03 21.53 -0.29
CA LYS A 87 -1.32 22.03 -0.54
C LYS A 87 -2.35 20.95 -0.22
N LEU A 88 -2.04 19.72 -0.61
CA LEU A 88 -2.92 18.60 -0.34
C LEU A 88 -2.88 18.19 1.14
N LEU A 89 -1.70 18.23 1.74
CA LEU A 89 -1.53 17.88 3.16
C LEU A 89 -2.39 18.78 4.03
N LYS A 90 -2.30 20.08 3.81
CA LYS A 90 -3.10 21.07 4.54
C LYS A 90 -4.61 20.81 4.42
N ASP A 91 -5.00 19.92 3.49
CA ASP A 91 -6.40 19.60 3.29
C ASP A 91 -6.73 18.22 3.87
N LEU A 92 -5.71 17.39 4.00
CA LEU A 92 -5.82 16.03 4.55
C LEU A 92 -6.84 15.87 5.70
N PRO A 93 -6.76 16.68 6.78
CA PRO A 93 -7.72 16.61 7.89
C PRO A 93 -9.17 16.67 7.41
N GLU A 94 -9.45 17.60 6.50
CA GLU A 94 -10.79 17.76 5.93
C GLU A 94 -11.20 16.51 5.17
N LEU A 95 -10.30 16.06 4.30
CA LEU A 95 -10.52 14.85 3.51
C LEU A 95 -10.79 13.63 4.40
N ALA A 96 -10.09 13.54 5.53
CA ALA A 96 -10.26 12.43 6.45
C ALA A 96 -11.70 12.36 6.97
N LEU A 97 -12.28 13.53 7.19
CA LEU A 97 -13.66 13.64 7.65
C LEU A 97 -14.62 12.90 6.73
N ASP A 98 -14.39 12.99 5.42
CA ASP A 98 -15.24 12.34 4.44
C ASP A 98 -14.81 10.91 4.14
N THR A 99 -13.51 10.68 4.10
CA THR A 99 -12.98 9.34 3.83
C THR A 99 -12.16 8.87 5.02
N PRO A 100 -12.63 7.78 5.69
CA PRO A 100 -11.98 7.20 6.86
C PRO A 100 -10.47 6.99 6.70
N ARG A 101 -10.03 6.52 5.54
CA ARG A 101 -8.61 6.27 5.31
C ARG A 101 -8.02 7.25 4.29
N ALA A 102 -8.69 8.37 4.07
CA ALA A 102 -8.23 9.37 3.11
C ALA A 102 -6.74 9.72 3.26
N PRO A 103 -6.29 10.18 4.46
CA PRO A 103 -4.88 10.52 4.69
C PRO A 103 -3.95 9.33 4.43
N GLN A 104 -4.40 8.14 4.80
CA GLN A 104 -3.62 6.93 4.60
C GLN A 104 -3.43 6.62 3.13
N LEU A 105 -4.46 6.89 2.34
CA LEU A 105 -4.41 6.68 0.89
C LEU A 105 -3.40 7.63 0.26
N VAL A 106 -3.52 8.91 0.62
CA VAL A 106 -2.60 9.96 0.16
C VAL A 106 -1.14 9.54 0.30
N GLY A 107 -0.87 8.67 1.27
CA GLY A 107 0.48 8.19 1.50
C GLY A 107 1.06 7.51 0.28
N GLN A 108 0.21 6.85 -0.50
CA GLN A 108 0.64 6.17 -1.72
C GLN A 108 1.14 7.18 -2.75
N PHE A 109 0.45 8.31 -2.85
CA PHE A 109 0.82 9.35 -3.80
C PHE A 109 2.22 9.88 -3.50
N ILE A 110 2.44 10.19 -2.23
CA ILE A 110 3.74 10.70 -1.79
C ILE A 110 4.87 9.75 -2.15
N ALA A 111 4.68 8.46 -1.86
CA ALA A 111 5.69 7.45 -2.16
C ALA A 111 5.86 7.26 -3.65
N ARG A 112 4.74 7.32 -4.37
CA ARG A 112 4.73 7.17 -5.81
C ARG A 112 5.55 8.26 -6.48
N ALA A 113 5.27 9.51 -6.09
CA ALA A 113 5.99 10.66 -6.62
C ALA A 113 7.50 10.49 -6.51
N VAL A 114 7.96 10.02 -5.36
CA VAL A 114 9.39 9.80 -5.13
C VAL A 114 9.91 8.77 -6.14
N GLY A 115 9.15 7.69 -6.31
CA GLY A 115 9.54 6.63 -7.23
C GLY A 115 9.53 7.08 -8.68
N ASP A 116 8.47 7.77 -9.10
CA ASP A 116 8.35 8.26 -10.48
C ASP A 116 9.25 9.47 -10.75
N GLY A 117 10.26 9.67 -9.91
CA GLY A 117 11.19 10.77 -10.07
C GLY A 117 10.62 12.18 -10.08
N ILE A 118 9.31 12.35 -9.91
CA ILE A 118 8.72 13.68 -9.92
C ILE A 118 8.93 14.42 -8.60
N LEU A 119 9.12 13.68 -7.51
CA LEU A 119 9.32 14.30 -6.21
C LEU A 119 10.77 14.13 -5.75
N CYS A 120 11.19 14.99 -4.80
CA CYS A 120 12.54 14.91 -4.27
C CYS A 120 12.66 13.69 -3.36
N ASN A 121 13.85 13.14 -3.26
CA ASN A 121 14.07 11.95 -2.44
C ASN A 121 13.87 12.20 -0.93
N THR A 122 14.47 13.27 -0.41
CA THR A 122 14.42 13.61 1.02
C THR A 122 13.07 13.91 1.62
N TYR A 123 12.27 14.69 0.88
CA TYR A 123 10.98 15.24 1.35
C TYR A 123 10.43 14.69 2.68
N ILE A 124 10.16 13.40 2.86
CA ILE A 124 9.69 12.92 4.17
C ILE A 124 10.74 13.24 5.29
N ASP A 125 12.01 13.27 4.91
CA ASP A 125 13.15 13.54 5.79
C ASP A 125 13.05 14.92 6.39
N SER A 126 12.60 15.88 5.60
CA SER A 126 12.45 17.26 6.06
C SER A 126 11.26 17.38 7.01
N TYR A 127 10.29 16.49 6.87
CA TYR A 127 9.10 16.50 7.72
C TYR A 127 9.21 15.37 8.77
N LYS A 128 10.46 15.12 9.15
CA LYS A 128 10.84 14.08 10.10
C LYS A 128 10.71 14.42 11.59
N GLY A 129 9.56 14.90 12.00
CA GLY A 129 9.36 15.24 13.41
C GLY A 129 9.04 16.70 13.50
N THR A 130 9.03 17.29 12.32
CA THR A 130 8.74 18.67 12.14
C THR A 130 7.31 18.83 11.65
N VAL A 131 6.46 17.88 12.05
CA VAL A 131 5.05 17.90 11.66
C VAL A 131 4.16 18.15 12.88
N ASP A 132 3.28 19.13 12.75
CA ASP A 132 2.36 19.50 13.81
C ASP A 132 0.98 18.87 13.61
N CYS A 133 0.85 18.07 12.56
CA CYS A 133 -0.41 17.42 12.24
C CYS A 133 -0.30 15.91 12.29
N VAL A 134 -1.21 15.27 13.02
CA VAL A 134 -1.22 13.82 13.16
C VAL A 134 -1.47 13.14 11.81
N GLN A 135 -2.45 13.63 11.06
CA GLN A 135 -2.77 13.06 9.76
C GLN A 135 -1.62 13.19 8.77
N ALA A 136 -0.98 14.35 8.77
CA ALA A 136 0.15 14.58 7.89
C ALA A 136 1.30 13.64 8.24
N ARG A 137 1.40 13.31 9.53
CA ARG A 137 2.45 12.41 10.01
C ARG A 137 2.20 11.00 9.52
N ALA A 138 0.99 10.50 9.76
CA ALA A 138 0.60 9.15 9.35
C ALA A 138 0.77 8.94 7.85
N ALA A 139 0.37 9.94 7.07
CA ALA A 139 0.47 9.86 5.62
C ALA A 139 1.93 9.75 5.19
N LEU A 140 2.79 10.57 5.79
CA LEU A 140 4.20 10.55 5.46
C LEU A 140 4.83 9.21 5.83
N ASP A 141 4.40 8.64 6.95
CA ASP A 141 4.92 7.35 7.40
C ASP A 141 4.49 6.24 6.46
N LYS A 142 3.30 6.40 5.88
CA LYS A 142 2.75 5.44 4.93
C LYS A 142 3.62 5.40 3.68
N ALA A 143 4.06 6.57 3.23
CA ALA A 143 4.91 6.69 2.05
C ALA A 143 6.32 6.18 2.34
N THR A 144 6.71 6.24 3.61
CA THR A 144 8.01 5.80 4.04
C THR A 144 8.10 4.27 3.93
N VAL A 145 7.06 3.61 4.40
CA VAL A 145 6.96 2.16 4.37
C VAL A 145 6.84 1.62 2.94
N LEU A 146 6.04 2.31 2.13
CA LEU A 146 5.78 1.90 0.74
C LEU A 146 7.06 1.75 -0.09
N LEU A 147 8.05 2.59 0.18
CA LEU A 147 9.32 2.56 -0.54
C LEU A 147 9.99 1.19 -0.50
N SER A 148 10.11 0.64 0.71
CA SER A 148 10.74 -0.66 0.90
C SER A 148 9.89 -1.81 0.36
N MET A 149 8.59 -1.59 0.29
CA MET A 149 7.66 -2.61 -0.21
C MET A 149 7.88 -2.83 -1.71
N SER A 150 8.18 -1.76 -2.41
CA SER A 150 8.41 -1.82 -3.84
C SER A 150 9.86 -2.16 -4.16
N LYS A 151 10.79 -1.52 -3.48
CA LYS A 151 12.21 -1.77 -3.71
C LYS A 151 12.65 -2.99 -2.91
N GLY A 152 11.96 -4.09 -3.12
CA GLY A 152 12.27 -5.32 -2.43
C GLY A 152 12.20 -6.50 -3.38
N GLY A 153 13.16 -6.56 -4.28
CA GLY A 153 13.21 -7.63 -5.24
C GLY A 153 13.77 -7.17 -6.57
N LYS A 154 14.59 -7.99 -7.18
CA LYS A 154 15.21 -7.66 -8.47
C LYS A 154 14.19 -7.80 -9.60
N ARG A 155 13.03 -8.38 -9.29
CA ARG A 155 11.97 -8.56 -10.27
C ARG A 155 10.89 -7.50 -10.07
N LYS A 156 11.22 -6.44 -9.32
CA LYS A 156 10.28 -5.38 -9.05
C LYS A 156 10.80 -4.04 -9.57
N ASP A 157 11.67 -3.42 -8.79
CA ASP A 157 12.23 -2.12 -9.14
C ASP A 157 13.76 -2.17 -9.10
N SER A 158 14.38 -1.47 -10.04
CA SER A 158 15.83 -1.42 -10.12
C SER A 158 16.27 -0.37 -11.12
N VAL A 159 15.95 -0.60 -12.40
CA VAL A 159 16.31 0.32 -13.46
C VAL A 159 15.08 1.07 -13.94
N TRP A 160 15.08 2.38 -13.75
CA TRP A 160 13.97 3.22 -14.17
C TRP A 160 13.69 3.06 -15.66
N GLY A 161 12.42 2.94 -16.02
CA GLY A 161 12.05 2.77 -17.41
C GLY A 161 11.86 1.32 -17.76
N SER A 162 11.28 0.57 -16.84
CA SER A 162 11.03 -0.85 -17.05
C SER A 162 9.57 -1.17 -16.82
N GLY A 163 9.17 -2.39 -17.20
CA GLY A 163 7.80 -2.82 -17.02
C GLY A 163 6.87 -2.18 -18.03
N GLY B 1 5.06 0.06 -19.02
CA GLY B 1 3.80 0.20 -19.80
C GLY B 1 2.70 0.86 -18.99
N GLY B 2 1.84 1.61 -19.65
CA GLY B 2 0.76 2.29 -18.95
C GLY B 2 -0.54 1.51 -18.97
N GLN B 3 -1.13 1.39 -20.15
CA GLN B 3 -2.39 0.67 -20.29
C GLN B 3 -2.14 -0.82 -20.46
N GLN B 4 -2.47 -1.57 -19.42
CA GLN B 4 -2.27 -3.02 -19.41
C GLN B 4 -3.44 -3.70 -18.70
N PRO B 5 -3.52 -5.05 -18.76
CA PRO B 5 -4.58 -5.81 -18.08
C PRO B 5 -4.57 -5.54 -16.57
N VAL B 6 -5.74 -5.65 -15.95
CA VAL B 6 -5.88 -5.43 -14.52
C VAL B 6 -4.88 -6.23 -13.70
N ASN B 7 -4.40 -5.61 -12.63
CA ASN B 7 -3.42 -6.24 -11.76
C ASN B 7 -4.09 -7.26 -10.86
N HIS B 8 -3.43 -8.39 -10.61
CA HIS B 8 -3.97 -9.44 -9.77
C HIS B 8 -2.87 -10.37 -9.27
N LEU B 9 -3.02 -10.83 -8.03
CA LEU B 9 -2.08 -11.73 -7.36
C LEU B 9 -0.79 -11.02 -6.93
N VAL B 10 -0.20 -10.29 -7.85
CA VAL B 10 1.01 -9.54 -7.57
C VAL B 10 0.63 -8.21 -6.94
N LYS B 11 1.46 -7.69 -6.04
CA LYS B 11 1.20 -6.40 -5.36
C LYS B 11 0.14 -6.56 -4.27
N GLU B 12 -0.81 -7.45 -4.50
CA GLU B 12 -1.88 -7.70 -3.53
C GLU B 12 -1.37 -8.42 -2.29
N ILE B 13 -1.03 -9.69 -2.45
CA ILE B 13 -0.55 -10.51 -1.33
C ILE B 13 0.82 -10.04 -0.81
N ASP B 14 1.76 -9.84 -1.71
CA ASP B 14 3.11 -9.42 -1.35
C ASP B 14 3.13 -8.15 -0.49
N MET B 15 2.51 -7.09 -0.99
CA MET B 15 2.47 -5.82 -0.28
C MET B 15 1.65 -5.87 1.00
N LEU B 16 0.62 -6.71 1.03
CA LEU B 16 -0.24 -6.87 2.20
C LEU B 16 0.58 -7.18 3.44
N LEU B 17 1.46 -8.18 3.31
CA LEU B 17 2.30 -8.60 4.42
C LEU B 17 3.40 -7.59 4.70
N LYS B 18 3.98 -7.02 3.65
CA LYS B 18 5.05 -6.04 3.80
C LYS B 18 4.55 -4.78 4.50
N GLU B 19 3.32 -4.39 4.20
CA GLU B 19 2.71 -3.20 4.80
C GLU B 19 2.61 -3.37 6.31
N TYR B 20 1.90 -4.41 6.73
CA TYR B 20 1.75 -4.71 8.15
C TYR B 20 3.10 -4.86 8.87
N LEU B 21 4.05 -5.51 8.21
CA LEU B 21 5.37 -5.72 8.81
C LEU B 21 6.14 -4.42 8.99
N LEU B 22 6.21 -3.63 7.92
CA LEU B 22 6.93 -2.36 7.96
C LEU B 22 6.22 -1.31 8.78
N SER B 23 4.91 -1.20 8.65
CA SER B 23 4.15 -0.21 9.39
C SER B 23 3.85 -0.71 10.80
N GLY B 24 2.90 -1.64 10.89
CA GLY B 24 2.54 -2.20 12.17
C GLY B 24 1.07 -1.93 12.48
N ASP B 25 0.38 -1.31 11.54
CA ASP B 25 -1.03 -0.98 11.72
C ASP B 25 -1.95 -2.05 11.17
N ILE B 26 -2.34 -2.97 12.05
CA ILE B 26 -3.27 -4.05 11.72
C ILE B 26 -4.51 -3.55 10.96
N SER B 27 -4.98 -2.36 11.30
CA SER B 27 -6.18 -1.79 10.67
C SER B 27 -5.97 -1.57 9.17
N GLU B 28 -4.85 -1.00 8.80
CA GLU B 28 -4.53 -0.77 7.39
C GLU B 28 -4.61 -2.06 6.58
N ALA B 29 -4.22 -3.18 7.20
CA ALA B 29 -4.24 -4.48 6.54
C ALA B 29 -5.66 -5.00 6.29
N GLU B 30 -6.60 -4.64 7.17
CA GLU B 30 -8.00 -5.10 7.03
C GLU B 30 -8.56 -4.76 5.66
N HIS B 31 -8.40 -3.50 5.26
CA HIS B 31 -8.91 -3.02 3.97
C HIS B 31 -8.28 -3.77 2.83
N CYS B 32 -6.97 -3.91 2.88
CA CYS B 32 -6.23 -4.61 1.83
C CYS B 32 -6.64 -6.08 1.76
N LEU B 33 -6.87 -6.69 2.92
CA LEU B 33 -7.25 -8.09 2.98
C LEU B 33 -8.66 -8.30 2.41
N LYS B 34 -9.57 -7.40 2.74
CA LYS B 34 -10.94 -7.49 2.25
C LYS B 34 -11.00 -7.19 0.76
N GLU B 35 -10.09 -6.33 0.31
CA GLU B 35 -9.98 -5.96 -1.10
C GLU B 35 -9.83 -7.21 -1.98
N LEU B 36 -9.13 -8.21 -1.46
CA LEU B 36 -8.92 -9.47 -2.18
C LEU B 36 -10.26 -10.15 -2.52
N GLU B 37 -10.42 -10.51 -3.79
CA GLU B 37 -11.65 -11.14 -4.26
C GLU B 37 -11.61 -12.67 -4.08
N VAL B 38 -10.46 -13.18 -3.65
CA VAL B 38 -10.30 -14.62 -3.45
C VAL B 38 -10.12 -15.00 -1.98
N PRO B 39 -11.16 -15.58 -1.37
CA PRO B 39 -11.13 -16.00 0.04
C PRO B 39 -10.42 -17.34 0.23
N HIS B 40 -10.36 -18.13 -0.84
CA HIS B 40 -9.72 -19.45 -0.78
C HIS B 40 -8.23 -19.35 -1.09
N PHE B 41 -7.83 -18.25 -1.72
CA PHE B 41 -6.43 -18.04 -2.08
C PHE B 41 -5.65 -17.38 -0.94
N HIS B 42 -6.14 -17.53 0.28
CA HIS B 42 -5.48 -16.96 1.45
C HIS B 42 -4.27 -17.82 1.88
N HIS B 43 -4.08 -18.94 1.18
CA HIS B 43 -3.00 -19.89 1.46
C HIS B 43 -1.63 -19.22 1.61
N GLU B 44 -1.15 -18.59 0.54
CA GLU B 44 0.15 -17.92 0.57
C GLU B 44 0.25 -16.80 1.59
N LEU B 45 -0.86 -16.12 1.84
CA LEU B 45 -0.89 -15.04 2.83
C LEU B 45 -0.37 -15.54 4.17
N VAL B 46 -0.81 -16.73 4.56
CA VAL B 46 -0.40 -17.34 5.81
C VAL B 46 0.97 -18.01 5.67
N TYR B 47 1.29 -18.50 4.48
CA TYR B 47 2.55 -19.21 4.24
C TYR B 47 3.75 -18.26 4.29
N GLU B 48 3.64 -17.13 3.60
CA GLU B 48 4.70 -16.13 3.58
C GLU B 48 4.84 -15.47 4.94
N ALA B 49 3.79 -15.60 5.75
CA ALA B 49 3.75 -15.02 7.08
C ALA B 49 4.58 -15.87 8.05
N ILE B 50 4.43 -17.20 7.93
CA ILE B 50 5.19 -18.12 8.80
C ILE B 50 6.70 -17.94 8.60
N VAL B 51 7.18 -18.09 7.37
CA VAL B 51 8.58 -17.89 7.03
C VAL B 51 9.09 -16.45 7.30
N MET B 52 8.15 -15.54 7.55
CA MET B 52 8.50 -14.13 7.75
C MET B 52 9.12 -13.99 9.12
N VAL B 53 8.63 -14.80 10.05
CA VAL B 53 9.09 -14.80 11.41
C VAL B 53 10.46 -15.50 11.55
N LEU B 54 10.76 -16.47 10.65
CA LEU B 54 12.01 -17.23 10.76
C LEU B 54 13.25 -16.39 10.40
N GLU B 55 13.32 -15.89 9.17
CA GLU B 55 14.45 -15.06 8.75
C GLU B 55 14.54 -13.73 9.50
N SER B 56 13.49 -13.39 10.22
CA SER B 56 13.47 -12.16 10.99
C SER B 56 14.52 -12.22 12.09
N THR B 57 15.33 -11.19 12.16
CA THR B 57 16.39 -11.11 13.15
C THR B 57 15.93 -10.40 14.41
N GLY B 58 15.47 -11.17 15.39
CA GLY B 58 15.04 -10.58 16.64
C GLY B 58 13.62 -10.93 17.00
N GLU B 59 13.12 -10.30 18.06
CA GLU B 59 11.75 -10.54 18.52
C GLU B 59 10.81 -9.43 18.06
N SER B 60 11.26 -8.62 17.10
CA SER B 60 10.45 -7.52 16.59
C SER B 60 9.21 -8.04 15.87
N ALA B 61 9.44 -8.77 14.78
CA ALA B 61 8.37 -9.38 14.00
C ALA B 61 7.74 -10.55 14.73
N PHE B 62 8.43 -11.02 15.77
CA PHE B 62 7.99 -12.20 16.48
C PHE B 62 6.59 -11.97 17.03
N LYS B 63 6.37 -10.79 17.59
CA LYS B 63 5.05 -10.44 18.15
C LYS B 63 3.94 -10.17 17.12
N MET B 64 4.07 -9.10 16.29
CA MET B 64 3.02 -8.78 15.29
C MET B 64 2.65 -9.89 14.32
N ILE B 65 3.61 -10.33 13.51
CA ILE B 65 3.33 -11.44 12.60
C ILE B 65 2.68 -12.66 13.27
N LEU B 66 3.05 -12.92 14.51
CA LEU B 66 2.48 -14.05 15.21
C LEU B 66 1.02 -13.76 15.61
N ASP B 67 0.78 -12.52 16.01
CA ASP B 67 -0.54 -12.09 16.46
C ASP B 67 -1.58 -12.01 15.35
N LEU B 68 -1.22 -11.33 14.25
CA LEU B 68 -2.13 -11.17 13.10
C LEU B 68 -2.96 -12.41 12.71
N LEU B 69 -2.38 -13.44 12.12
CA LEU B 69 -3.21 -14.63 11.83
C LEU B 69 -4.08 -15.13 12.98
N LYS B 70 -3.65 -14.97 14.22
CA LYS B 70 -4.43 -15.45 15.35
C LYS B 70 -5.58 -14.50 15.63
N SER B 71 -5.27 -13.22 15.55
CA SER B 71 -6.23 -12.19 15.80
C SER B 71 -7.28 -12.11 14.70
N LEU B 72 -6.92 -12.61 13.52
CA LEU B 72 -7.79 -12.57 12.37
C LEU B 72 -8.77 -13.75 12.46
N TRP B 73 -8.37 -14.75 13.27
CA TRP B 73 -9.14 -15.98 13.40
C TRP B 73 -10.40 -15.74 14.22
N LYS B 74 -10.31 -14.78 15.16
CA LYS B 74 -11.42 -14.45 16.04
C LYS B 74 -12.37 -13.44 15.41
N SER B 75 -11.91 -12.80 14.34
CA SER B 75 -12.68 -11.78 13.64
C SER B 75 -13.25 -12.30 12.33
N SER B 76 -13.37 -13.62 12.24
CA SER B 76 -13.87 -14.30 11.04
C SER B 76 -13.14 -13.88 9.76
N THR B 77 -11.96 -14.46 9.58
CA THR B 77 -11.16 -14.17 8.39
C THR B 77 -10.51 -15.44 7.86
N ILE B 78 -9.33 -15.78 8.39
CA ILE B 78 -8.63 -16.98 7.98
C ILE B 78 -9.29 -18.23 8.55
N THR B 79 -9.64 -19.16 7.69
CA THR B 79 -10.26 -20.40 8.13
C THR B 79 -9.24 -21.54 8.21
N ILE B 80 -9.59 -22.58 8.95
CA ILE B 80 -8.73 -23.77 9.13
C ILE B 80 -8.37 -24.40 7.79
N ASP B 81 -9.19 -24.14 6.80
CA ASP B 81 -8.98 -24.70 5.46
C ASP B 81 -7.78 -24.02 4.83
N GLN B 82 -7.67 -22.72 5.09
CA GLN B 82 -6.59 -21.90 4.56
C GLN B 82 -5.29 -22.15 5.32
N MET B 83 -5.36 -22.06 6.65
CA MET B 83 -4.18 -22.25 7.51
C MET B 83 -3.55 -23.62 7.33
N LYS B 84 -4.34 -24.67 7.55
CA LYS B 84 -3.86 -26.05 7.38
C LYS B 84 -3.07 -26.26 6.08
N ARG B 85 -3.37 -25.47 5.06
CA ARG B 85 -2.68 -25.62 3.80
C ARG B 85 -1.38 -24.84 3.81
N GLY B 86 -1.38 -23.70 4.50
CA GLY B 86 -0.19 -22.87 4.58
C GLY B 86 0.85 -23.46 5.50
N TYR B 87 0.39 -24.07 6.60
CA TYR B 87 1.29 -24.66 7.58
C TYR B 87 1.94 -25.93 7.04
N GLU B 88 1.10 -26.91 6.74
CA GLU B 88 1.59 -28.17 6.13
C GLU B 88 2.69 -27.99 5.08
N ARG B 89 2.60 -26.97 4.24
CA ARG B 89 3.63 -26.77 3.21
C ARG B 89 4.98 -26.37 3.83
N ILE B 90 4.94 -25.71 4.99
CA ILE B 90 6.16 -25.28 5.67
C ILE B 90 7.09 -26.45 5.94
N TYR B 91 6.55 -27.52 6.52
CA TYR B 91 7.34 -28.72 6.80
C TYR B 91 8.09 -29.22 5.56
N ASN B 92 7.59 -28.91 4.37
CA ASN B 92 8.26 -29.31 3.14
C ASN B 92 9.41 -28.38 2.82
N GLU B 93 9.24 -27.10 3.15
CA GLU B 93 10.27 -26.09 2.90
C GLU B 93 11.39 -26.21 3.94
N ILE B 94 11.04 -26.76 5.11
CA ILE B 94 11.98 -26.93 6.22
C ILE B 94 13.33 -27.55 5.79
N PRO B 95 13.33 -28.74 5.15
CA PRO B 95 14.56 -29.40 4.69
C PRO B 95 15.43 -28.47 3.84
N ASP B 96 14.79 -27.62 3.04
CA ASP B 96 15.53 -26.68 2.20
C ASP B 96 16.00 -25.46 2.98
N ILE B 97 15.12 -24.90 3.81
CA ILE B 97 15.44 -23.72 4.61
C ILE B 97 16.60 -23.94 5.57
N ASN B 98 16.56 -25.05 6.29
CA ASN B 98 17.63 -25.37 7.23
C ASN B 98 18.75 -26.12 6.52
N LEU B 99 18.38 -26.91 5.53
CA LEU B 99 19.33 -27.70 4.75
C LEU B 99 20.20 -28.58 5.63
N ASP B 100 19.55 -29.51 6.32
CA ASP B 100 20.21 -30.44 7.25
C ASP B 100 20.69 -29.70 8.50
N VAL B 101 21.08 -30.46 9.52
CA VAL B 101 21.54 -29.89 10.79
C VAL B 101 20.49 -28.89 11.32
N PRO B 102 19.33 -29.41 11.76
CA PRO B 102 18.23 -28.58 12.27
C PRO B 102 18.67 -27.60 13.35
N HIS B 103 18.48 -26.32 13.09
CA HIS B 103 18.83 -25.28 14.04
C HIS B 103 17.60 -24.49 14.46
N SER B 104 16.69 -24.30 13.50
CA SER B 104 15.45 -23.58 13.76
C SER B 104 14.39 -24.52 14.32
N TYR B 105 14.83 -25.59 14.97
CA TYR B 105 13.93 -26.56 15.56
C TYR B 105 13.17 -25.95 16.71
N SER B 106 13.87 -25.17 17.53
CA SER B 106 13.26 -24.52 18.68
C SER B 106 12.20 -23.49 18.23
N VAL B 107 12.39 -22.92 17.03
CA VAL B 107 11.45 -21.94 16.50
C VAL B 107 10.14 -22.62 16.13
N LEU B 108 10.19 -23.59 15.22
CA LEU B 108 9.01 -24.35 14.82
C LEU B 108 8.33 -25.06 15.98
N GLU B 109 9.08 -25.23 17.07
CA GLU B 109 8.55 -25.97 18.20
C GLU B 109 7.70 -25.04 19.05
N ARG B 110 8.28 -23.87 19.37
CA ARG B 110 7.60 -22.88 20.20
C ARG B 110 6.50 -22.15 19.42
N PHE B 111 6.74 -21.97 18.12
CA PHE B 111 5.81 -21.28 17.26
C PHE B 111 4.49 -22.03 17.20
N VAL B 112 4.51 -23.23 16.61
CA VAL B 112 3.32 -24.07 16.54
C VAL B 112 2.64 -24.24 17.89
N GLU B 113 3.40 -24.50 18.95
CA GLU B 113 2.81 -24.68 20.28
C GLU B 113 2.06 -23.42 20.73
N GLU B 114 2.62 -22.26 20.44
CA GLU B 114 1.99 -20.99 20.82
C GLU B 114 0.66 -20.84 20.08
N CYS B 115 0.67 -21.19 18.83
CA CYS B 115 -0.50 -21.13 17.98
C CYS B 115 -1.42 -22.33 18.27
N PHE B 116 -0.84 -23.28 19.02
CA PHE B 116 -1.52 -24.56 19.27
C PHE B 116 -2.42 -24.43 20.50
N GLN B 117 -1.87 -23.72 21.52
CA GLN B 117 -2.52 -23.55 22.82
C GLN B 117 -3.77 -22.71 22.78
N ALA B 118 -3.80 -21.76 21.86
CA ALA B 118 -4.94 -20.85 21.73
C ALA B 118 -6.24 -21.59 21.41
N GLY B 119 -6.20 -22.59 20.53
CA GLY B 119 -7.42 -23.34 20.26
C GLY B 119 -7.83 -23.24 18.81
N ILE B 120 -7.19 -22.31 18.07
CA ILE B 120 -7.49 -22.10 16.64
C ILE B 120 -7.26 -23.34 15.79
N ILE B 121 -6.30 -24.15 16.20
CA ILE B 121 -5.98 -25.39 15.48
C ILE B 121 -5.93 -26.57 16.43
N SER B 122 -6.46 -27.70 15.98
CA SER B 122 -6.48 -28.91 16.76
C SER B 122 -5.18 -29.71 16.57
N LYS B 123 -5.04 -30.80 17.32
CA LYS B 123 -3.88 -31.68 17.26
C LYS B 123 -3.69 -32.24 15.85
N GLN B 124 -4.77 -32.20 15.09
CA GLN B 124 -4.77 -32.66 13.70
C GLN B 124 -3.62 -32.01 12.93
N LEU B 125 -3.45 -30.71 13.15
CA LEU B 125 -2.37 -29.96 12.49
C LEU B 125 -1.03 -30.21 13.18
N ARG B 126 -1.05 -30.31 14.52
CA ARG B 126 0.16 -30.52 15.31
C ARG B 126 0.85 -31.83 14.96
N ASP B 127 0.08 -32.92 15.01
CA ASP B 127 0.58 -34.25 14.67
C ASP B 127 1.33 -34.27 13.34
N LEU B 128 0.85 -33.52 12.36
CA LEU B 128 1.50 -33.46 11.06
C LEU B 128 2.88 -32.80 11.18
N CYS B 129 2.97 -31.82 12.06
CA CYS B 129 4.22 -31.10 12.31
C CYS B 129 5.19 -32.00 13.09
N PRO B 130 6.41 -32.22 12.56
CA PRO B 130 7.42 -33.05 13.23
C PRO B 130 7.88 -32.43 14.55
N SER B 131 7.31 -32.91 15.66
CA SER B 131 7.65 -32.40 16.98
C SER B 131 7.98 -33.56 17.93
N GLY A 1 1.66 30.86 -2.54
CA GLY A 1 0.98 31.49 -1.38
C GLY A 1 -0.51 31.25 -1.39
N LEU A 2 -1.27 32.29 -1.09
CA LEU A 2 -2.72 32.21 -1.06
C LEU A 2 -3.28 32.34 -2.46
N PRO A 3 -4.15 31.40 -2.88
CA PRO A 3 -4.76 31.42 -4.20
C PRO A 3 -5.84 32.47 -4.32
N LEU A 4 -6.15 32.86 -5.55
CA LEU A 4 -7.17 33.87 -5.81
C LEU A 4 -8.41 33.22 -6.40
N ASP A 5 -9.56 33.46 -5.76
CA ASP A 5 -10.85 32.93 -6.19
C ASP A 5 -10.86 31.41 -6.19
N GLU A 6 -10.50 30.82 -5.05
CA GLU A 6 -10.46 29.37 -4.88
C GLU A 6 -11.78 28.72 -5.27
N ARG A 7 -12.89 29.26 -4.77
CA ARG A 7 -14.21 28.71 -5.05
C ARG A 7 -14.54 28.79 -6.55
N ALA A 8 -14.19 29.91 -7.16
CA ALA A 8 -14.43 30.11 -8.59
C ALA A 8 -13.61 29.13 -9.42
N PHE A 9 -12.37 28.90 -8.99
CA PHE A 9 -11.47 27.97 -9.68
C PHE A 9 -12.05 26.55 -9.65
N GLU A 10 -12.30 26.06 -8.43
CA GLU A 10 -12.86 24.74 -8.22
C GLU A 10 -14.15 24.54 -9.03
N LYS A 11 -15.03 25.52 -8.98
CA LYS A 11 -16.31 25.47 -9.68
C LYS A 11 -16.11 25.21 -11.18
N THR A 12 -15.23 25.98 -11.80
CA THR A 12 -14.96 25.85 -13.22
C THR A 12 -14.23 24.54 -13.54
N LEU A 13 -13.22 24.21 -12.74
CA LEU A 13 -12.44 22.99 -12.94
C LEU A 13 -13.22 21.70 -12.69
N THR A 14 -14.40 21.78 -12.10
CA THR A 14 -15.20 20.58 -11.82
C THR A 14 -15.50 19.76 -13.09
N PRO A 15 -16.21 20.34 -14.09
CA PRO A 15 -16.55 19.62 -15.31
C PRO A 15 -15.32 19.21 -16.12
N ILE A 16 -14.25 20.01 -16.08
CA ILE A 16 -13.03 19.72 -16.82
C ILE A 16 -12.28 18.53 -16.21
N ILE A 17 -12.48 18.33 -14.91
CA ILE A 17 -11.78 17.25 -14.23
C ILE A 17 -12.46 15.90 -14.52
N GLN A 18 -13.79 15.91 -14.54
CA GLN A 18 -14.55 14.71 -14.81
C GLN A 18 -14.29 14.21 -16.23
N GLU A 19 -14.00 15.16 -17.13
CA GLU A 19 -13.69 14.84 -18.52
C GLU A 19 -12.44 13.97 -18.60
N TYR A 20 -11.43 14.35 -17.85
CA TYR A 20 -10.16 13.62 -17.81
C TYR A 20 -10.36 12.19 -17.34
N PHE A 21 -11.25 12.01 -16.38
CA PHE A 21 -11.51 10.69 -15.81
C PHE A 21 -12.17 9.73 -16.81
N GLU A 22 -12.77 10.28 -17.86
CA GLU A 22 -13.44 9.45 -18.85
C GLU A 22 -12.52 8.93 -19.94
N HIS A 23 -11.80 9.83 -20.61
CA HIS A 23 -10.91 9.41 -21.69
C HIS A 23 -9.47 9.17 -21.23
N GLY A 24 -9.11 9.76 -20.09
CA GLY A 24 -7.76 9.58 -19.56
C GLY A 24 -6.69 10.19 -20.45
N ASP A 25 -6.96 11.36 -21.02
CA ASP A 25 -6.00 12.02 -21.90
C ASP A 25 -5.45 13.31 -21.28
N THR A 26 -4.15 13.31 -21.01
CA THR A 26 -3.48 14.45 -20.42
C THR A 26 -3.30 15.62 -21.39
N ASN A 27 -3.10 15.31 -22.67
CA ASN A 27 -2.87 16.32 -23.72
C ASN A 27 -3.93 17.42 -23.70
N GLU A 28 -5.20 17.02 -23.71
CA GLU A 28 -6.31 17.96 -23.70
C GLU A 28 -6.27 18.85 -22.47
N VAL A 29 -5.89 18.27 -21.34
CA VAL A 29 -5.79 19.00 -20.08
C VAL A 29 -4.70 20.07 -20.13
N ALA A 30 -3.57 19.72 -20.71
CA ALA A 30 -2.45 20.66 -20.83
C ALA A 30 -2.88 21.87 -21.63
N GLU A 31 -3.53 21.62 -22.77
CA GLU A 31 -4.03 22.68 -23.63
C GLU A 31 -4.98 23.61 -22.87
N MET A 32 -5.83 23.00 -22.05
CA MET A 32 -6.80 23.75 -21.26
C MET A 32 -6.13 24.61 -20.19
N LEU A 33 -5.14 24.05 -19.51
CA LEU A 33 -4.43 24.76 -18.45
C LEU A 33 -3.70 25.99 -18.96
N ARG A 34 -3.07 25.86 -20.13
CA ARG A 34 -2.31 26.96 -20.71
C ARG A 34 -3.23 28.14 -21.08
N ASP A 35 -4.47 27.82 -21.46
CA ASP A 35 -5.43 28.85 -21.84
C ASP A 35 -5.83 29.69 -20.63
N LEU A 36 -5.94 29.04 -19.47
CA LEU A 36 -6.32 29.74 -18.25
C LEU A 36 -5.15 30.56 -17.73
N ASN A 37 -3.99 29.90 -17.63
CA ASN A 37 -2.75 30.53 -17.16
C ASN A 37 -2.87 30.91 -15.68
N LEU A 38 -2.36 30.06 -14.81
CA LEU A 38 -2.42 30.32 -13.37
C LEU A 38 -1.03 30.48 -12.80
N GLY A 39 -0.93 31.12 -11.64
CA GLY A 39 0.36 31.30 -11.01
C GLY A 39 0.67 30.20 -10.03
N GLU A 40 0.51 30.48 -8.75
CA GLU A 40 0.76 29.50 -7.71
C GLU A 40 -0.40 28.51 -7.62
N MET A 41 -1.59 28.96 -7.98
CA MET A 41 -2.78 28.11 -7.94
C MET A 41 -2.72 27.06 -9.04
N LYS A 42 -1.69 27.13 -9.87
CA LYS A 42 -1.51 26.16 -10.94
C LYS A 42 -1.26 24.78 -10.32
N SER A 43 -0.61 24.78 -9.17
CA SER A 43 -0.31 23.55 -8.43
C SER A 43 -1.61 23.00 -7.83
N GLY A 44 -2.59 23.87 -7.66
CA GLY A 44 -3.87 23.47 -7.13
C GLY A 44 -4.60 22.48 -8.02
N VAL A 45 -4.33 22.55 -9.34
CA VAL A 45 -4.96 21.64 -10.30
C VAL A 45 -4.70 20.16 -9.98
N PRO A 46 -3.42 19.71 -9.95
CA PRO A 46 -3.08 18.32 -9.64
C PRO A 46 -3.66 17.86 -8.30
N VAL A 47 -3.71 18.77 -7.33
CA VAL A 47 -4.26 18.44 -6.01
C VAL A 47 -5.74 18.11 -6.13
N LEU A 48 -6.49 19.04 -6.71
CA LEU A 48 -7.93 18.87 -6.94
C LEU A 48 -8.19 17.54 -7.64
N ALA A 49 -7.43 17.28 -8.72
CA ALA A 49 -7.55 16.04 -9.47
C ALA A 49 -7.37 14.81 -8.60
N VAL A 50 -6.55 14.94 -7.57
CA VAL A 50 -6.26 13.81 -6.70
C VAL A 50 -7.41 13.53 -5.73
N SER A 51 -7.89 14.58 -5.08
CA SER A 51 -8.98 14.45 -4.13
C SER A 51 -10.24 13.96 -4.82
N LEU A 52 -10.47 14.47 -6.02
CA LEU A 52 -11.62 14.08 -6.81
C LEU A 52 -11.47 12.66 -7.32
N ALA A 53 -10.25 12.16 -7.19
CA ALA A 53 -9.92 10.82 -7.68
C ALA A 53 -10.26 9.77 -6.63
N LEU A 54 -10.23 10.20 -5.37
CA LEU A 54 -10.46 9.32 -4.24
C LEU A 54 -11.91 8.86 -4.10
N GLU A 55 -12.86 9.76 -4.36
CA GLU A 55 -14.27 9.42 -4.26
C GLU A 55 -14.63 8.28 -5.21
N GLY A 56 -13.95 8.25 -6.35
CA GLY A 56 -14.19 7.22 -7.34
C GLY A 56 -13.54 5.90 -6.99
N LYS A 57 -13.38 5.06 -7.99
CA LYS A 57 -12.78 3.74 -7.83
C LYS A 57 -11.27 3.84 -7.65
N ALA A 58 -10.68 2.77 -7.15
CA ALA A 58 -9.24 2.71 -6.93
C ALA A 58 -8.49 2.80 -8.25
N SER A 59 -9.12 2.29 -9.30
CA SER A 59 -8.53 2.30 -10.64
C SER A 59 -8.31 3.74 -11.11
N HIS A 60 -9.29 4.60 -10.84
CA HIS A 60 -9.21 6.00 -11.23
C HIS A 60 -8.08 6.70 -10.49
N ARG A 61 -7.83 6.25 -9.26
CA ARG A 61 -6.77 6.84 -8.44
C ARG A 61 -5.41 6.64 -9.08
N GLU A 62 -5.08 5.39 -9.43
CA GLU A 62 -3.79 5.11 -10.08
C GLU A 62 -3.72 5.78 -11.44
N MET A 63 -4.88 5.87 -12.08
CA MET A 63 -5.01 6.50 -13.39
C MET A 63 -4.69 7.99 -13.34
N THR A 64 -4.55 8.53 -12.12
CA THR A 64 -4.34 9.97 -11.98
C THR A 64 -2.86 10.31 -12.14
N SER A 65 -2.03 9.32 -11.83
CA SER A 65 -0.57 9.45 -11.87
C SER A 65 -0.07 9.89 -13.25
N LYS A 66 -0.77 9.46 -14.30
CA LYS A 66 -0.42 9.83 -15.66
C LYS A 66 -0.40 11.35 -15.79
N LEU A 67 -1.42 11.99 -15.23
CA LEU A 67 -1.54 13.45 -15.26
C LEU A 67 -0.33 14.10 -14.62
N LEU A 68 0.11 13.54 -13.50
CA LEU A 68 1.27 14.08 -12.78
C LEU A 68 2.54 13.97 -13.62
N SER A 69 2.86 12.75 -14.03
CA SER A 69 4.06 12.50 -14.83
C SER A 69 4.06 13.34 -16.12
N ASP A 70 2.88 13.51 -16.71
CA ASP A 70 2.73 14.29 -17.93
C ASP A 70 2.93 15.78 -17.64
N LEU A 71 2.19 16.30 -16.67
CA LEU A 71 2.26 17.70 -16.30
C LEU A 71 3.66 18.12 -15.86
N CYS A 72 4.35 17.28 -15.09
CA CYS A 72 5.70 17.60 -14.60
C CYS A 72 6.72 17.68 -15.74
N GLY A 73 6.80 18.87 -16.33
CA GLY A 73 7.72 19.10 -17.41
C GLY A 73 7.04 19.93 -18.48
N THR A 74 5.79 19.57 -18.75
CA THR A 74 5.00 20.28 -19.74
C THR A 74 4.64 21.68 -19.25
N VAL A 75 3.83 21.76 -18.20
CA VAL A 75 3.42 23.05 -17.65
C VAL A 75 3.63 23.13 -16.15
N MET A 76 4.14 22.06 -15.56
CA MET A 76 4.37 22.02 -14.12
C MET A 76 5.84 21.70 -13.84
N SER A 77 6.47 22.51 -13.01
CA SER A 77 7.87 22.31 -12.67
C SER A 77 8.00 21.35 -11.49
N THR A 78 9.24 20.96 -11.17
CA THR A 78 9.51 20.05 -10.06
C THR A 78 8.91 20.54 -8.74
N THR A 79 9.24 21.78 -8.35
CA THR A 79 8.70 22.34 -7.12
C THR A 79 7.19 22.47 -7.23
N ASP A 80 6.74 22.86 -8.41
CA ASP A 80 5.31 22.98 -8.68
C ASP A 80 4.58 21.72 -8.23
N VAL A 81 5.17 20.56 -8.54
CA VAL A 81 4.62 19.27 -8.14
C VAL A 81 4.80 19.04 -6.63
N GLU A 82 5.99 19.38 -6.12
CA GLU A 82 6.29 19.20 -4.69
C GLU A 82 5.29 19.98 -3.82
N LYS A 83 5.14 21.27 -4.09
CA LYS A 83 4.20 22.13 -3.38
C LYS A 83 2.78 21.54 -3.40
N SER A 84 2.52 20.70 -4.37
CA SER A 84 1.22 20.08 -4.52
C SER A 84 1.01 19.05 -3.42
N PHE A 85 2.08 18.33 -3.09
CA PHE A 85 2.04 17.32 -2.04
C PHE A 85 1.69 17.94 -0.69
N ASP A 86 2.43 18.99 -0.29
CA ASP A 86 2.17 19.68 0.98
C ASP A 86 0.74 20.20 0.99
N LYS A 87 0.38 20.91 -0.08
CA LYS A 87 -0.97 21.44 -0.25
C LYS A 87 -2.02 20.33 -0.06
N LEU A 88 -1.72 19.13 -0.54
CA LEU A 88 -2.63 17.99 -0.40
C LEU A 88 -2.63 17.46 1.04
N LEU A 89 -1.44 17.41 1.64
CA LEU A 89 -1.31 16.93 3.03
C LEU A 89 -2.20 17.74 3.96
N LYS A 90 -2.15 19.06 3.82
CA LYS A 90 -2.97 19.96 4.63
C LYS A 90 -4.48 19.74 4.42
N ASP A 91 -4.82 18.88 3.47
CA ASP A 91 -6.22 18.57 3.17
C ASP A 91 -6.59 17.18 3.71
N LEU A 92 -5.60 16.29 3.69
CA LEU A 92 -5.74 14.90 4.17
C LEU A 92 -6.66 14.73 5.40
N PRO A 93 -6.42 15.44 6.51
CA PRO A 93 -7.24 15.33 7.73
C PRO A 93 -8.74 15.45 7.45
N GLU A 94 -9.12 16.38 6.57
CA GLU A 94 -10.52 16.57 6.24
C GLU A 94 -11.08 15.37 5.48
N LEU A 95 -10.38 14.94 4.43
CA LEU A 95 -10.78 13.76 3.67
C LEU A 95 -10.88 12.51 4.54
N ALA A 96 -10.01 12.43 5.54
CA ALA A 96 -9.99 11.29 6.46
C ALA A 96 -11.31 11.13 7.19
N LEU A 97 -11.95 12.26 7.46
CA LEU A 97 -13.23 12.30 8.17
C LEU A 97 -14.34 11.59 7.40
N ASP A 98 -14.29 11.61 6.07
CA ASP A 98 -15.34 10.96 5.28
C ASP A 98 -14.96 9.52 4.99
N THR A 99 -13.71 9.33 4.61
CA THR A 99 -13.19 8.00 4.34
C THR A 99 -11.81 7.83 4.96
N PRO A 100 -11.73 7.08 6.07
CA PRO A 100 -10.48 6.83 6.81
C PRO A 100 -9.30 6.47 5.92
N ARG A 101 -9.35 5.31 5.29
CA ARG A 101 -8.28 4.87 4.38
C ARG A 101 -7.94 5.82 3.22
N ALA A 102 -8.75 6.84 2.96
CA ALA A 102 -8.45 7.79 1.86
C ALA A 102 -7.04 8.42 1.96
N PRO A 103 -6.71 9.13 3.07
CA PRO A 103 -5.38 9.72 3.23
C PRO A 103 -4.28 8.65 3.21
N GLN A 104 -4.60 7.48 3.75
CA GLN A 104 -3.65 6.36 3.78
C GLN A 104 -3.31 5.92 2.36
N LEU A 105 -4.30 5.95 1.47
CA LEU A 105 -4.09 5.59 0.07
C LEU A 105 -3.15 6.58 -0.59
N VAL A 106 -3.37 7.86 -0.31
CA VAL A 106 -2.53 8.95 -0.83
C VAL A 106 -1.04 8.65 -0.66
N GLY A 107 -0.70 7.85 0.35
CA GLY A 107 0.69 7.51 0.60
C GLY A 107 1.30 6.80 -0.59
N GLN A 108 0.47 6.07 -1.33
CA GLN A 108 0.90 5.33 -2.51
C GLN A 108 1.37 6.28 -3.61
N PHE A 109 0.73 7.44 -3.71
CA PHE A 109 1.09 8.43 -4.72
C PHE A 109 2.45 9.07 -4.39
N ILE A 110 2.66 9.30 -3.10
CA ILE A 110 3.91 9.90 -2.63
C ILE A 110 5.08 9.01 -3.04
N ALA A 111 4.96 7.72 -2.75
CA ALA A 111 6.00 6.75 -3.10
C ALA A 111 6.09 6.57 -4.61
N ARG A 112 4.95 6.69 -5.27
CA ARG A 112 4.88 6.54 -6.73
C ARG A 112 5.65 7.65 -7.43
N ALA A 113 5.29 8.90 -7.13
CA ALA A 113 5.95 10.06 -7.70
C ALA A 113 7.46 10.02 -7.50
N VAL A 114 7.88 9.58 -6.31
CA VAL A 114 9.30 9.46 -6.01
C VAL A 114 9.93 8.39 -6.89
N GLY A 115 9.26 7.24 -6.95
CA GLY A 115 9.74 6.13 -7.76
C GLY A 115 9.90 6.52 -9.22
N ASP A 116 8.90 7.18 -9.77
CA ASP A 116 8.94 7.64 -11.17
C ASP A 116 10.08 8.62 -11.36
N GLY A 117 10.13 9.62 -10.50
CA GLY A 117 11.21 10.59 -10.56
C GLY A 117 10.74 12.03 -10.68
N ILE A 118 9.52 12.32 -10.25
CA ILE A 118 9.01 13.68 -10.33
C ILE A 118 8.99 14.36 -8.96
N LEU A 119 9.38 13.61 -7.94
CA LEU A 119 9.41 14.14 -6.57
C LEU A 119 10.78 13.89 -5.95
N CYS A 120 11.15 14.74 -4.99
CA CYS A 120 12.42 14.62 -4.30
C CYS A 120 12.46 13.30 -3.53
N ASN A 121 13.60 12.63 -3.56
CA ASN A 121 13.74 11.36 -2.86
C ASN A 121 13.69 11.56 -1.35
N THR A 122 14.45 12.52 -0.85
CA THR A 122 14.46 12.81 0.57
C THR A 122 13.30 13.68 1.02
N TYR A 123 12.15 13.56 0.35
CA TYR A 123 10.99 14.36 0.73
C TYR A 123 10.47 13.88 2.07
N ILE A 124 10.46 12.56 2.23
CA ILE A 124 10.00 11.92 3.44
C ILE A 124 10.93 12.21 4.61
N ASP A 125 12.22 12.30 4.31
CA ASP A 125 13.23 12.58 5.34
C ASP A 125 13.00 13.94 5.98
N SER A 126 12.48 14.87 5.19
CA SER A 126 12.21 16.22 5.67
C SER A 126 11.06 16.25 6.66
N TYR A 127 10.16 15.28 6.53
CA TYR A 127 9.01 15.19 7.42
C TYR A 127 9.12 13.91 8.26
N LYS A 128 10.35 13.42 8.44
CA LYS A 128 10.58 12.19 9.18
C LYS A 128 10.56 12.35 10.70
N GLY A 129 9.62 13.12 11.19
CA GLY A 129 9.51 13.34 12.63
C GLY A 129 9.18 14.77 12.90
N THR A 130 9.05 15.51 11.83
CA THR A 130 8.75 16.92 11.88
C THR A 130 7.33 17.20 11.40
N VAL A 131 6.40 16.33 11.77
CA VAL A 131 5.00 16.50 11.38
C VAL A 131 4.10 16.58 12.61
N ASP A 132 3.18 17.52 12.59
CA ASP A 132 2.22 17.73 13.68
C ASP A 132 0.87 17.12 13.36
N CYS A 133 0.81 16.42 12.25
CA CYS A 133 -0.42 15.79 11.79
C CYS A 133 -0.27 14.27 11.76
N VAL A 134 -1.17 13.58 12.45
CA VAL A 134 -1.10 12.12 12.51
C VAL A 134 -1.37 11.50 11.13
N GLN A 135 -2.35 12.03 10.39
CA GLN A 135 -2.67 11.53 9.06
C GLN A 135 -1.48 11.66 8.11
N ALA A 136 -0.82 12.81 8.16
CA ALA A 136 0.33 13.06 7.31
C ALA A 136 1.47 12.11 7.64
N ARG A 137 1.57 11.74 8.91
CA ARG A 137 2.62 10.84 9.37
C ARG A 137 2.29 9.42 8.91
N ALA A 138 1.02 9.09 8.89
CA ALA A 138 0.56 7.78 8.46
C ALA A 138 0.74 7.62 6.96
N ALA A 139 0.49 8.69 6.21
CA ALA A 139 0.65 8.67 4.76
C ALA A 139 2.11 8.42 4.40
N LEU A 140 3.00 9.08 5.12
CA LEU A 140 4.43 8.93 4.88
C LEU A 140 4.87 7.51 5.24
N ASP A 141 4.26 6.96 6.28
CA ASP A 141 4.56 5.60 6.74
C ASP A 141 4.28 4.60 5.63
N LYS A 142 3.11 4.72 5.02
CA LYS A 142 2.70 3.83 3.93
C LYS A 142 3.67 3.93 2.76
N ALA A 143 4.07 5.17 2.45
CA ALA A 143 5.00 5.43 1.35
C ALA A 143 6.37 4.80 1.62
N THR A 144 6.68 4.63 2.88
CA THR A 144 7.95 4.06 3.29
C THR A 144 8.04 2.58 2.93
N VAL A 145 6.98 1.84 3.22
CA VAL A 145 6.95 0.40 2.93
C VAL A 145 6.89 0.15 1.43
N LEU A 146 6.02 0.90 0.76
CA LEU A 146 5.83 0.76 -0.68
C LEU A 146 7.12 0.98 -1.47
N LEU A 147 7.98 1.88 -0.99
CA LEU A 147 9.25 2.18 -1.64
C LEU A 147 10.20 0.99 -1.60
N SER A 148 10.11 0.20 -0.55
CA SER A 148 10.97 -0.96 -0.40
C SER A 148 10.49 -2.15 -1.24
N MET A 149 9.17 -2.26 -1.42
CA MET A 149 8.61 -3.39 -2.16
C MET A 149 8.47 -3.14 -3.67
N SER A 150 8.65 -1.90 -4.10
CA SER A 150 8.53 -1.57 -5.52
C SER A 150 9.64 -2.19 -6.36
N LYS A 151 10.85 -2.25 -5.80
CA LYS A 151 11.98 -2.83 -6.50
C LYS A 151 11.81 -4.33 -6.69
N GLY A 152 11.11 -4.95 -5.74
CA GLY A 152 10.86 -6.38 -5.80
C GLY A 152 9.85 -6.73 -6.86
N GLY A 153 8.81 -5.91 -6.98
CA GLY A 153 7.76 -6.17 -7.95
C GLY A 153 8.04 -5.54 -9.29
N LYS A 154 9.29 -5.15 -9.53
CA LYS A 154 9.65 -4.52 -10.79
C LYS A 154 10.19 -5.55 -11.79
N ARG A 155 10.02 -6.82 -11.46
CA ARG A 155 10.47 -7.89 -12.34
C ARG A 155 9.46 -8.15 -13.45
N LYS A 156 9.25 -7.13 -14.27
CA LYS A 156 8.31 -7.20 -15.38
C LYS A 156 8.99 -6.79 -16.68
N ASP A 157 10.22 -6.30 -16.54
CA ASP A 157 10.98 -5.83 -17.69
C ASP A 157 11.64 -6.99 -18.41
N SER A 158 10.81 -7.82 -19.03
CA SER A 158 11.27 -8.98 -19.78
C SER A 158 10.34 -9.20 -20.96
N VAL A 159 10.86 -9.74 -22.05
CA VAL A 159 10.05 -9.98 -23.24
C VAL A 159 9.42 -11.37 -23.24
N TRP A 160 8.16 -11.43 -23.65
CA TRP A 160 7.41 -12.68 -23.72
C TRP A 160 6.56 -12.68 -24.99
N GLY A 161 5.56 -13.54 -25.04
CA GLY A 161 4.68 -13.61 -26.20
C GLY A 161 3.64 -12.52 -26.18
N SER A 162 2.92 -12.36 -27.29
CA SER A 162 1.90 -11.33 -27.39
C SER A 162 0.66 -11.68 -26.57
N GLY A 163 0.06 -12.83 -26.88
CA GLY A 163 -1.13 -13.25 -26.17
C GLY A 163 -2.33 -12.36 -26.45
N GLY B 1 -2.11 -9.78 -25.05
CA GLY B 1 -2.42 -8.52 -25.75
C GLY B 1 -3.87 -8.14 -25.58
N GLY B 2 -4.24 -6.95 -26.04
CA GLY B 2 -5.61 -6.49 -25.92
C GLY B 2 -5.82 -5.63 -24.70
N GLN B 3 -5.95 -6.26 -23.54
CA GLN B 3 -6.17 -5.53 -22.30
C GLN B 3 -5.13 -5.90 -21.25
N GLN B 4 -5.11 -5.13 -20.17
CA GLN B 4 -4.19 -5.35 -19.07
C GLN B 4 -4.78 -6.33 -18.06
N PRO B 5 -4.06 -7.41 -17.73
CA PRO B 5 -4.50 -8.41 -16.76
C PRO B 5 -4.67 -7.81 -15.37
N VAL B 6 -5.66 -8.29 -14.65
CA VAL B 6 -5.93 -7.80 -13.30
C VAL B 6 -4.91 -8.39 -12.32
N ASN B 7 -4.32 -7.54 -11.50
CA ASN B 7 -3.32 -7.98 -10.52
C ASN B 7 -3.94 -8.94 -9.52
N HIS B 8 -3.22 -10.01 -9.21
CA HIS B 8 -3.68 -11.02 -8.28
C HIS B 8 -2.49 -11.68 -7.61
N LEU B 9 -2.61 -11.91 -6.29
CA LEU B 9 -1.56 -12.53 -5.48
C LEU B 9 -0.41 -11.56 -5.19
N VAL B 10 0.14 -10.97 -6.25
CA VAL B 10 1.24 -10.03 -6.12
C VAL B 10 0.74 -8.69 -5.58
N LYS B 11 1.68 -7.87 -5.10
CA LYS B 11 1.39 -6.55 -4.57
C LYS B 11 0.64 -6.61 -3.23
N GLU B 12 -0.69 -6.51 -3.27
CA GLU B 12 -1.53 -6.50 -2.08
C GLU B 12 -1.17 -7.55 -1.02
N ILE B 13 -1.22 -8.82 -1.38
CA ILE B 13 -0.93 -9.91 -0.43
C ILE B 13 0.48 -9.82 0.16
N ASP B 14 1.48 -9.68 -0.70
CA ASP B 14 2.87 -9.62 -0.24
C ASP B 14 3.12 -8.36 0.60
N MET B 15 2.66 -7.23 0.09
CA MET B 15 2.84 -5.94 0.77
C MET B 15 2.16 -5.91 2.13
N LEU B 16 1.02 -6.59 2.23
CA LEU B 16 0.25 -6.64 3.47
C LEU B 16 1.10 -7.08 4.66
N LEU B 17 1.87 -8.14 4.45
CA LEU B 17 2.71 -8.69 5.50
C LEU B 17 3.82 -7.73 5.91
N LYS B 18 4.51 -7.18 4.91
CA LYS B 18 5.60 -6.25 5.17
C LYS B 18 5.10 -4.92 5.72
N GLU B 19 3.92 -4.51 5.27
CA GLU B 19 3.32 -3.27 5.72
C GLU B 19 3.00 -3.33 7.20
N TYR B 20 2.35 -4.42 7.63
CA TYR B 20 2.02 -4.59 9.03
C TYR B 20 3.28 -4.64 9.88
N LEU B 21 4.35 -5.19 9.31
CA LEU B 21 5.61 -5.29 10.02
C LEU B 21 6.27 -3.91 10.18
N LEU B 22 6.34 -3.14 9.10
CA LEU B 22 6.95 -1.81 9.15
C LEU B 22 6.04 -0.79 9.82
N SER B 23 4.82 -0.69 9.34
CA SER B 23 3.87 0.26 9.91
C SER B 23 3.28 -0.29 11.21
N GLY B 24 2.23 -1.12 11.11
CA GLY B 24 1.64 -1.67 12.30
C GLY B 24 0.19 -1.27 12.43
N ASP B 25 -0.63 -1.71 11.47
CA ASP B 25 -2.05 -1.37 11.49
C ASP B 25 -2.94 -2.58 11.22
N ILE B 26 -3.32 -3.25 12.30
CA ILE B 26 -4.21 -4.43 12.24
C ILE B 26 -5.41 -4.21 11.32
N SER B 27 -6.08 -3.08 11.47
CA SER B 27 -7.26 -2.74 10.67
C SER B 27 -6.95 -2.67 9.17
N GLU B 28 -5.93 -1.88 8.82
CA GLU B 28 -5.52 -1.75 7.42
C GLU B 28 -5.21 -3.12 6.80
N ALA B 29 -4.56 -3.98 7.57
CA ALA B 29 -4.25 -5.33 7.09
C ALA B 29 -5.53 -6.11 6.84
N GLU B 30 -6.46 -6.02 7.80
CA GLU B 30 -7.73 -6.71 7.71
C GLU B 30 -8.55 -6.24 6.51
N HIS B 31 -8.64 -4.93 6.32
CA HIS B 31 -9.40 -4.36 5.22
C HIS B 31 -8.82 -4.74 3.88
N CYS B 32 -7.51 -4.90 3.84
CA CYS B 32 -6.84 -5.25 2.59
C CYS B 32 -7.10 -6.71 2.25
N LEU B 33 -7.23 -7.53 3.28
CA LEU B 33 -7.51 -8.95 3.10
C LEU B 33 -8.92 -9.19 2.59
N LYS B 34 -9.89 -8.47 3.16
CA LYS B 34 -11.29 -8.61 2.76
C LYS B 34 -11.49 -8.19 1.30
N GLU B 35 -10.81 -7.11 0.92
CA GLU B 35 -10.90 -6.60 -0.45
C GLU B 35 -10.71 -7.71 -1.50
N LEU B 36 -9.96 -8.75 -1.16
CA LEU B 36 -9.76 -9.87 -2.08
C LEU B 36 -11.07 -10.61 -2.31
N GLU B 37 -11.31 -10.99 -3.56
CA GLU B 37 -12.52 -11.70 -3.92
C GLU B 37 -12.31 -13.22 -3.86
N VAL B 38 -11.15 -13.62 -3.33
CA VAL B 38 -10.80 -15.02 -3.23
C VAL B 38 -10.30 -15.38 -1.83
N PRO B 39 -11.20 -15.91 -0.98
CA PRO B 39 -10.84 -16.31 0.38
C PRO B 39 -10.02 -17.61 0.40
N HIS B 40 -10.26 -18.48 -0.57
CA HIS B 40 -9.56 -19.75 -0.67
C HIS B 40 -8.11 -19.55 -1.09
N PHE B 41 -7.81 -18.39 -1.69
CA PHE B 41 -6.45 -18.09 -2.14
C PHE B 41 -5.66 -17.33 -1.09
N HIS B 42 -6.24 -17.17 0.09
CA HIS B 42 -5.57 -16.49 1.19
C HIS B 42 -4.52 -17.42 1.82
N HIS B 43 -4.46 -18.63 1.28
CA HIS B 43 -3.55 -19.66 1.76
C HIS B 43 -2.08 -19.22 1.80
N GLU B 44 -1.57 -18.63 0.72
CA GLU B 44 -0.16 -18.21 0.70
C GLU B 44 0.17 -17.17 1.75
N LEU B 45 -0.79 -16.30 2.06
CA LEU B 45 -0.62 -15.26 3.07
C LEU B 45 -0.17 -15.88 4.39
N VAL B 46 -0.56 -17.12 4.62
CA VAL B 46 -0.21 -17.81 5.86
C VAL B 46 1.22 -18.34 5.77
N TYR B 47 1.61 -18.80 4.58
CA TYR B 47 2.94 -19.34 4.38
C TYR B 47 3.98 -18.21 4.49
N GLU B 48 3.80 -17.16 3.71
CA GLU B 48 4.69 -16.02 3.71
C GLU B 48 4.69 -15.35 5.08
N ALA B 49 3.71 -15.67 5.88
CA ALA B 49 3.59 -15.05 7.19
C ALA B 49 4.50 -15.74 8.18
N ILE B 50 4.41 -17.05 8.17
CA ILE B 50 5.16 -17.88 9.10
C ILE B 50 6.63 -17.99 8.72
N VAL B 51 6.92 -17.93 7.42
CA VAL B 51 8.30 -18.09 6.94
C VAL B 51 9.05 -16.76 7.05
N MET B 52 8.30 -15.70 7.27
CA MET B 52 8.87 -14.35 7.33
C MET B 52 9.53 -14.18 8.72
N VAL B 53 9.01 -14.96 9.65
CA VAL B 53 9.45 -14.89 11.04
C VAL B 53 10.75 -15.66 11.26
N LEU B 54 10.97 -16.67 10.42
CA LEU B 54 12.13 -17.56 10.58
C LEU B 54 13.47 -16.83 10.59
N GLU B 55 13.79 -16.07 9.56
CA GLU B 55 15.06 -15.36 9.52
C GLU B 55 14.94 -13.97 10.13
N SER B 56 13.82 -13.72 10.81
CA SER B 56 13.57 -12.42 11.43
C SER B 56 14.67 -12.08 12.43
N THR B 57 15.05 -10.81 12.44
CA THR B 57 16.09 -10.34 13.33
C THR B 57 15.49 -9.67 14.56
N GLY B 58 15.46 -10.40 15.66
CA GLY B 58 14.94 -9.87 16.89
C GLY B 58 13.49 -10.23 17.11
N GLU B 59 12.97 -9.88 18.29
CA GLU B 59 11.60 -10.19 18.63
C GLU B 59 10.65 -9.16 18.10
N SER B 60 11.19 -8.06 17.57
CA SER B 60 10.36 -7.01 17.01
C SER B 60 9.53 -7.61 15.89
N ALA B 61 10.14 -8.54 15.18
CA ALA B 61 9.49 -9.20 14.06
C ALA B 61 8.67 -10.36 14.58
N PHE B 62 9.06 -10.87 15.74
CA PHE B 62 8.44 -12.08 16.26
C PHE B 62 7.10 -11.74 16.83
N LYS B 63 7.01 -10.54 17.35
CA LYS B 63 5.81 -10.08 17.98
C LYS B 63 4.70 -9.69 17.00
N MET B 64 5.06 -9.21 15.80
CA MET B 64 4.03 -8.68 14.90
C MET B 64 3.31 -9.75 14.10
N ILE B 65 4.02 -10.41 13.18
CA ILE B 65 3.40 -11.49 12.43
C ILE B 65 2.86 -12.64 13.23
N LEU B 66 3.28 -12.78 14.46
CA LEU B 66 2.81 -13.93 15.24
C LEU B 66 1.32 -13.69 15.54
N ASP B 67 1.07 -12.45 15.86
CA ASP B 67 -0.25 -11.96 16.17
C ASP B 67 -1.15 -11.78 14.95
N LEU B 68 -0.59 -11.83 13.73
CA LEU B 68 -1.39 -11.52 12.53
C LEU B 68 -2.60 -12.47 12.41
N LEU B 69 -2.36 -13.74 12.08
CA LEU B 69 -3.43 -14.75 12.04
C LEU B 69 -4.30 -14.74 13.27
N LYS B 70 -3.77 -14.21 14.36
CA LYS B 70 -4.51 -14.27 15.61
C LYS B 70 -5.63 -13.25 15.57
N SER B 71 -5.27 -12.07 15.12
CA SER B 71 -6.23 -10.96 15.02
C SER B 71 -7.13 -11.19 13.85
N LEU B 72 -6.61 -11.91 12.88
CA LEU B 72 -7.35 -12.15 11.65
C LEU B 72 -8.34 -13.28 11.86
N TRP B 73 -8.03 -14.15 12.81
CA TRP B 73 -8.86 -15.33 13.05
C TRP B 73 -10.08 -14.99 13.87
N LYS B 74 -10.03 -13.83 14.52
CA LYS B 74 -11.09 -13.43 15.42
C LYS B 74 -12.27 -12.85 14.65
N SER B 75 -12.01 -12.39 13.44
CA SER B 75 -13.04 -11.82 12.61
C SER B 75 -13.47 -12.82 11.52
N SER B 76 -13.17 -14.09 11.78
CA SER B 76 -13.49 -15.17 10.86
C SER B 76 -12.88 -14.94 9.46
N THR B 77 -11.79 -14.20 9.42
CA THR B 77 -11.13 -13.92 8.15
C THR B 77 -10.40 -15.15 7.62
N ILE B 78 -9.39 -15.60 8.36
CA ILE B 78 -8.62 -16.78 7.97
C ILE B 78 -9.30 -18.06 8.46
N THR B 79 -9.38 -19.05 7.59
CA THR B 79 -9.99 -20.31 7.93
C THR B 79 -8.91 -21.33 8.35
N ILE B 80 -9.24 -22.13 9.36
CA ILE B 80 -8.32 -23.16 9.86
C ILE B 80 -7.93 -24.14 8.76
N ASP B 81 -8.81 -24.25 7.76
CA ASP B 81 -8.59 -25.17 6.66
C ASP B 81 -7.44 -24.68 5.79
N GLN B 82 -7.39 -23.37 5.59
CA GLN B 82 -6.33 -22.76 4.79
C GLN B 82 -5.03 -22.68 5.59
N MET B 83 -5.14 -22.35 6.88
CA MET B 83 -3.99 -22.26 7.77
C MET B 83 -3.32 -23.62 7.89
N LYS B 84 -4.12 -24.62 8.26
CA LYS B 84 -3.67 -26.01 8.37
C LYS B 84 -2.85 -26.47 7.16
N ARG B 85 -3.17 -25.93 5.99
CA ARG B 85 -2.45 -26.30 4.76
C ARG B 85 -1.09 -25.60 4.74
N GLY B 86 -1.07 -24.42 5.34
CA GLY B 86 0.15 -23.63 5.41
C GLY B 86 1.23 -24.32 6.20
N TYR B 87 0.91 -24.70 7.45
CA TYR B 87 1.86 -25.39 8.32
C TYR B 87 2.34 -26.67 7.63
N GLU B 88 1.35 -27.47 7.25
CA GLU B 88 1.61 -28.70 6.49
C GLU B 88 2.69 -28.47 5.41
N ARG B 89 2.65 -27.31 4.75
CA ARG B 89 3.65 -26.98 3.75
C ARG B 89 4.97 -26.54 4.40
N ILE B 90 4.88 -25.81 5.51
CA ILE B 90 6.06 -25.32 6.24
C ILE B 90 7.03 -26.47 6.53
N TYR B 91 6.52 -27.52 7.18
CA TYR B 91 7.33 -28.69 7.51
C TYR B 91 8.07 -29.26 6.29
N ASN B 92 7.54 -29.02 5.10
CA ASN B 92 8.19 -29.51 3.89
C ASN B 92 9.37 -28.64 3.52
N GLU B 93 9.25 -27.35 3.82
CA GLU B 93 10.29 -26.39 3.52
C GLU B 93 11.35 -26.38 4.62
N ILE B 94 10.98 -26.85 5.81
CA ILE B 94 11.89 -26.90 6.95
C ILE B 94 13.25 -27.53 6.61
N PRO B 95 13.29 -28.75 6.02
CA PRO B 95 14.56 -29.42 5.66
C PRO B 95 15.44 -28.56 4.76
N ASP B 96 14.81 -27.80 3.86
CA ASP B 96 15.54 -26.94 2.94
C ASP B 96 16.02 -25.67 3.65
N ILE B 97 15.13 -25.11 4.47
CA ILE B 97 15.43 -23.90 5.22
C ILE B 97 16.52 -24.14 6.28
N ASN B 98 16.35 -25.20 7.06
CA ASN B 98 17.31 -25.55 8.10
C ASN B 98 18.59 -26.11 7.49
N LEU B 99 18.41 -26.98 6.48
CA LEU B 99 19.53 -27.63 5.79
C LEU B 99 20.45 -28.34 6.78
N ASP B 100 19.90 -29.36 7.45
CA ASP B 100 20.62 -30.15 8.45
C ASP B 100 20.91 -29.32 9.70
N VAL B 101 21.39 -29.97 10.75
CA VAL B 101 21.71 -29.32 12.01
C VAL B 101 20.52 -28.49 12.53
N PRO B 102 19.52 -29.18 13.13
CA PRO B 102 18.33 -28.52 13.67
C PRO B 102 18.65 -27.40 14.64
N HIS B 103 18.23 -26.20 14.29
CA HIS B 103 18.48 -25.03 15.12
C HIS B 103 17.20 -24.23 15.30
N SER B 104 16.49 -24.02 14.19
CA SER B 104 15.24 -23.27 14.21
C SER B 104 14.10 -24.11 14.77
N TYR B 105 14.44 -25.24 15.40
CA TYR B 105 13.45 -26.12 15.99
C TYR B 105 12.78 -25.41 17.16
N SER B 106 13.57 -24.60 17.87
CA SER B 106 13.07 -23.85 19.00
C SER B 106 12.09 -22.79 18.52
N VAL B 107 12.39 -22.20 17.38
CA VAL B 107 11.52 -21.18 16.78
C VAL B 107 10.17 -21.81 16.45
N LEU B 108 10.20 -22.95 15.79
CA LEU B 108 8.98 -23.67 15.43
C LEU B 108 8.20 -24.07 16.67
N GLU B 109 8.86 -24.79 17.58
CA GLU B 109 8.24 -25.20 18.85
C GLU B 109 7.56 -24.03 19.55
N ARG B 110 8.26 -22.90 19.63
CA ARG B 110 7.73 -21.71 20.27
C ARG B 110 6.52 -21.17 19.51
N PHE B 111 6.66 -21.12 18.19
CA PHE B 111 5.60 -20.63 17.32
C PHE B 111 4.35 -21.50 17.46
N VAL B 112 4.43 -22.77 17.03
CA VAL B 112 3.31 -23.70 17.14
C VAL B 112 2.67 -23.74 18.52
N GLU B 113 3.48 -23.80 19.58
CA GLU B 113 2.93 -23.84 20.93
C GLU B 113 2.12 -22.60 21.23
N GLU B 114 2.62 -21.45 20.81
CA GLU B 114 1.92 -20.18 21.01
C GLU B 114 0.56 -20.19 20.31
N CYS B 115 0.54 -20.66 19.06
CA CYS B 115 -0.70 -20.73 18.31
C CYS B 115 -1.65 -21.75 18.93
N PHE B 116 -1.17 -22.99 19.04
CA PHE B 116 -1.93 -24.09 19.66
C PHE B 116 -2.49 -23.73 21.03
N GLN B 117 -1.81 -22.85 21.74
CA GLN B 117 -2.26 -22.42 23.05
C GLN B 117 -3.64 -21.74 23.00
N ALA B 118 -3.78 -20.79 22.08
CA ALA B 118 -5.04 -20.07 21.95
C ALA B 118 -6.21 -20.96 21.56
N GLY B 119 -6.02 -21.92 20.64
CA GLY B 119 -7.13 -22.83 20.35
C GLY B 119 -7.48 -22.82 18.86
N ILE B 120 -7.03 -21.76 18.20
CA ILE B 120 -7.24 -21.56 16.76
C ILE B 120 -6.94 -22.79 15.92
N ILE B 121 -5.98 -23.60 16.35
CA ILE B 121 -5.60 -24.80 15.61
C ILE B 121 -5.65 -26.04 16.51
N SER B 122 -6.34 -27.07 16.04
CA SER B 122 -6.48 -28.31 16.78
C SER B 122 -5.17 -29.11 16.85
N LYS B 123 -5.18 -30.11 17.72
CA LYS B 123 -4.02 -30.99 17.94
C LYS B 123 -3.63 -31.74 16.68
N GLN B 124 -4.56 -31.81 15.73
CA GLN B 124 -4.33 -32.52 14.47
C GLN B 124 -3.13 -31.92 13.73
N LEU B 125 -2.94 -30.62 13.91
CA LEU B 125 -1.84 -29.91 13.29
C LEU B 125 -0.54 -30.17 14.05
N ARG B 126 -0.65 -30.24 15.37
CA ARG B 126 0.48 -30.51 16.25
C ARG B 126 1.12 -31.85 15.88
N ASP B 127 0.28 -32.88 15.83
CA ASP B 127 0.73 -34.22 15.44
C ASP B 127 1.57 -34.21 14.16
N LEU B 128 1.30 -33.26 13.28
CA LEU B 128 2.05 -33.15 12.02
C LEU B 128 3.43 -32.51 12.24
N CYS B 129 3.46 -31.48 13.08
CA CYS B 129 4.69 -30.76 13.38
C CYS B 129 5.68 -31.63 14.16
N PRO B 130 6.99 -31.48 13.87
CA PRO B 130 8.05 -32.22 14.55
C PRO B 130 8.06 -31.90 16.04
N SER B 131 7.55 -32.83 16.84
CA SER B 131 7.48 -32.64 18.29
C SER B 131 8.61 -33.42 18.97
N GLY A 1 1.94 30.08 -0.65
CA GLY A 1 1.18 31.36 -0.59
C GLY A 1 -0.30 31.12 -0.52
N LEU A 2 -1.10 32.15 -0.80
CA LEU A 2 -2.54 32.04 -0.76
C LEU A 2 -3.14 32.15 -2.16
N PRO A 3 -3.76 31.06 -2.64
CA PRO A 3 -4.39 31.03 -3.96
C PRO A 3 -5.65 31.89 -3.98
N LEU A 4 -5.78 32.70 -5.01
CA LEU A 4 -6.93 33.58 -5.13
C LEU A 4 -8.03 32.96 -5.99
N ASP A 5 -9.28 33.16 -5.56
CA ASP A 5 -10.44 32.65 -6.27
C ASP A 5 -10.54 31.12 -6.28
N GLU A 6 -10.15 30.49 -5.16
CA GLU A 6 -10.23 29.03 -5.03
C GLU A 6 -11.67 28.58 -5.26
N ARG A 7 -12.59 29.32 -4.66
CA ARG A 7 -14.01 29.05 -4.78
C ARG A 7 -14.44 28.96 -6.24
N ALA A 8 -13.86 29.81 -7.07
CA ALA A 8 -14.16 29.82 -8.49
C ALA A 8 -13.42 28.70 -9.19
N PHE A 9 -12.14 28.54 -8.86
CA PHE A 9 -11.30 27.51 -9.45
C PHE A 9 -11.89 26.12 -9.27
N GLU A 10 -12.13 25.73 -8.02
CA GLU A 10 -12.71 24.42 -7.70
C GLU A 10 -13.98 24.15 -8.50
N LYS A 11 -14.93 25.09 -8.46
CA LYS A 11 -16.19 24.94 -9.19
C LYS A 11 -15.94 24.77 -10.69
N THR A 12 -15.05 25.61 -11.22
CA THR A 12 -14.73 25.58 -12.63
C THR A 12 -14.08 24.24 -13.05
N LEU A 13 -13.03 23.84 -12.35
CA LEU A 13 -12.33 22.59 -12.66
C LEU A 13 -13.11 21.34 -12.22
N THR A 14 -14.35 21.49 -11.81
CA THR A 14 -15.14 20.34 -11.38
C THR A 14 -15.53 19.47 -12.59
N PRO A 15 -16.23 20.05 -13.59
CA PRO A 15 -16.67 19.29 -14.77
C PRO A 15 -15.59 19.12 -15.85
N ILE A 16 -14.39 19.69 -15.64
CA ILE A 16 -13.34 19.57 -16.65
C ILE A 16 -12.66 18.22 -16.51
N ILE A 17 -11.96 18.01 -15.39
CA ILE A 17 -11.32 16.72 -15.13
C ILE A 17 -12.24 15.54 -14.92
N GLN A 18 -13.54 15.77 -14.76
CA GLN A 18 -14.46 14.67 -14.54
C GLN A 18 -14.27 13.62 -15.65
N GLU A 19 -14.44 14.07 -16.90
CA GLU A 19 -14.25 13.22 -18.05
C GLU A 19 -12.88 12.56 -18.15
N TYR A 20 -11.99 12.84 -17.17
CA TYR A 20 -10.61 12.38 -17.29
C TYR A 20 -10.52 10.93 -16.87
N PHE A 21 -11.41 10.48 -16.00
CA PHE A 21 -11.35 9.10 -15.50
C PHE A 21 -11.91 8.09 -16.48
N GLU A 22 -12.33 8.56 -17.66
CA GLU A 22 -12.93 7.65 -18.64
C GLU A 22 -11.97 7.41 -19.81
N HIS A 23 -11.68 8.47 -20.57
CA HIS A 23 -10.73 8.35 -21.68
C HIS A 23 -9.29 8.48 -21.23
N GLY A 24 -9.07 9.26 -20.16
CA GLY A 24 -7.72 9.47 -19.62
C GLY A 24 -6.71 9.99 -20.62
N ASP A 25 -6.65 11.31 -20.77
CA ASP A 25 -5.69 11.91 -21.68
C ASP A 25 -5.24 13.26 -21.14
N THR A 26 -3.99 13.31 -20.71
CA THR A 26 -3.41 14.53 -20.17
C THR A 26 -3.31 15.63 -21.22
N ASN A 27 -3.25 15.23 -22.49
CA ASN A 27 -3.18 16.19 -23.58
C ASN A 27 -4.43 17.05 -23.57
N GLU A 28 -5.50 16.46 -23.05
CA GLU A 28 -6.79 17.13 -22.99
C GLU A 28 -6.75 18.21 -21.91
N VAL A 29 -6.15 17.86 -20.78
CA VAL A 29 -6.06 18.77 -19.63
C VAL A 29 -5.09 19.92 -19.88
N ALA A 30 -3.82 19.59 -20.14
CA ALA A 30 -2.79 20.59 -20.42
C ALA A 30 -3.20 21.66 -21.43
N GLU A 31 -4.08 21.31 -22.36
CA GLU A 31 -4.52 22.26 -23.37
C GLU A 31 -5.39 23.34 -22.75
N MET A 32 -6.34 22.91 -21.92
CA MET A 32 -7.27 23.82 -21.27
C MET A 32 -6.57 24.67 -20.23
N LEU A 33 -5.67 24.05 -19.47
CA LEU A 33 -4.93 24.74 -18.43
C LEU A 33 -4.05 25.86 -18.97
N ARG A 34 -3.65 25.75 -20.23
CA ARG A 34 -2.77 26.75 -20.83
C ARG A 34 -3.47 28.10 -21.00
N ASP A 35 -4.77 28.08 -21.27
CA ASP A 35 -5.53 29.31 -21.43
C ASP A 35 -6.08 29.78 -20.09
N LEU A 36 -5.72 29.05 -19.04
CA LEU A 36 -6.21 29.36 -17.70
C LEU A 36 -5.08 29.69 -16.74
N ASN A 37 -4.08 30.40 -17.27
CA ASN A 37 -2.88 30.82 -16.50
C ASN A 37 -3.18 31.08 -15.02
N LEU A 38 -2.43 30.39 -14.17
CA LEU A 38 -2.57 30.51 -12.72
C LEU A 38 -1.19 30.31 -12.10
N GLY A 39 -0.96 30.92 -10.95
CA GLY A 39 0.33 30.79 -10.30
C GLY A 39 0.34 29.77 -9.18
N GLU A 40 0.00 30.23 -7.99
CA GLU A 40 -0.03 29.37 -6.81
C GLU A 40 -1.09 28.27 -6.93
N MET A 41 -2.26 28.65 -7.41
CA MET A 41 -3.36 27.70 -7.56
C MET A 41 -3.11 26.66 -8.65
N LYS A 42 -2.08 26.87 -9.47
CA LYS A 42 -1.75 25.93 -10.53
C LYS A 42 -1.26 24.63 -9.89
N SER A 43 -0.67 24.77 -8.71
CA SER A 43 -0.16 23.64 -7.96
C SER A 43 -1.29 22.97 -7.18
N GLY A 44 -2.53 23.43 -7.39
CA GLY A 44 -3.65 22.87 -6.70
C GLY A 44 -4.44 21.94 -7.60
N VAL A 45 -4.15 21.98 -8.89
CA VAL A 45 -4.82 21.14 -9.88
C VAL A 45 -4.57 19.66 -9.60
N PRO A 46 -3.29 19.24 -9.44
CA PRO A 46 -2.95 17.84 -9.13
C PRO A 46 -3.72 17.33 -7.90
N VAL A 47 -3.75 18.13 -6.85
CA VAL A 47 -4.46 17.78 -5.62
C VAL A 47 -5.95 17.57 -5.91
N LEU A 48 -6.50 18.51 -6.67
CA LEU A 48 -7.90 18.46 -7.05
C LEU A 48 -8.22 17.14 -7.74
N ALA A 49 -7.35 16.77 -8.69
CA ALA A 49 -7.52 15.52 -9.43
C ALA A 49 -7.37 14.29 -8.52
N VAL A 50 -6.40 14.35 -7.62
CA VAL A 50 -6.16 13.25 -6.70
C VAL A 50 -7.36 13.06 -5.78
N SER A 51 -7.78 14.14 -5.14
CA SER A 51 -8.95 14.12 -4.25
C SER A 51 -10.20 13.63 -4.97
N LEU A 52 -10.25 13.86 -6.28
CA LEU A 52 -11.39 13.42 -7.09
C LEU A 52 -11.35 11.90 -7.29
N ALA A 53 -10.16 11.37 -7.44
CA ALA A 53 -9.97 9.93 -7.60
C ALA A 53 -9.99 9.19 -6.26
N LEU A 54 -9.48 9.86 -5.23
CA LEU A 54 -9.39 9.33 -3.87
C LEU A 54 -10.59 8.55 -3.32
N GLU A 55 -11.83 8.91 -3.65
CA GLU A 55 -12.98 8.19 -3.10
C GLU A 55 -13.56 7.21 -4.11
N GLY A 56 -12.99 7.19 -5.30
CA GLY A 56 -13.49 6.31 -6.34
C GLY A 56 -12.82 4.95 -6.37
N LYS A 57 -12.71 4.39 -7.56
CA LYS A 57 -12.09 3.08 -7.75
C LYS A 57 -10.57 3.19 -7.77
N ALA A 58 -9.91 2.06 -7.50
CA ALA A 58 -8.45 2.01 -7.50
C ALA A 58 -7.89 2.32 -8.88
N SER A 59 -8.60 1.86 -9.91
CA SER A 59 -8.21 2.09 -11.30
C SER A 59 -8.09 3.59 -11.56
N HIS A 60 -9.10 4.34 -11.14
CA HIS A 60 -9.11 5.79 -11.30
C HIS A 60 -7.89 6.39 -10.60
N ARG A 61 -7.68 5.98 -9.35
CA ARG A 61 -6.54 6.44 -8.56
C ARG A 61 -5.23 6.19 -9.28
N GLU A 62 -5.10 4.99 -9.85
CA GLU A 62 -3.90 4.59 -10.57
C GLU A 62 -3.68 5.45 -11.81
N MET A 63 -4.76 5.87 -12.44
CA MET A 63 -4.69 6.69 -13.65
C MET A 63 -4.21 8.11 -13.36
N THR A 64 -4.53 8.61 -12.16
CA THR A 64 -4.13 9.96 -11.76
C THR A 64 -2.60 10.09 -11.72
N SER A 65 -1.94 8.96 -11.53
CA SER A 65 -0.48 8.92 -11.49
C SER A 65 0.13 9.39 -12.81
N LYS A 66 -0.57 9.11 -13.91
CA LYS A 66 -0.09 9.50 -15.23
C LYS A 66 -0.19 11.01 -15.43
N LEU A 67 -1.31 11.58 -14.99
CA LEU A 67 -1.54 13.03 -15.10
C LEU A 67 -0.37 13.83 -14.57
N LEU A 68 0.05 13.52 -13.35
CA LEU A 68 1.16 14.20 -12.71
C LEU A 68 2.42 14.06 -13.54
N SER A 69 2.65 12.85 -14.05
CA SER A 69 3.81 12.55 -14.86
C SER A 69 3.86 13.41 -16.11
N ASP A 70 2.74 13.54 -16.80
CA ASP A 70 2.67 14.34 -18.02
C ASP A 70 2.80 15.83 -17.74
N LEU A 71 2.06 16.32 -16.75
CA LEU A 71 2.13 17.75 -16.38
C LEU A 71 3.56 18.17 -16.06
N CYS A 72 4.26 17.35 -15.29
CA CYS A 72 5.65 17.63 -14.95
C CYS A 72 6.46 17.80 -16.23
N GLY A 73 7.41 18.74 -16.24
CA GLY A 73 8.20 18.99 -17.44
C GLY A 73 7.44 19.69 -18.58
N THR A 74 6.21 19.25 -18.84
CA THR A 74 5.42 19.81 -19.92
C THR A 74 4.74 21.15 -19.55
N VAL A 75 4.10 21.20 -18.38
CA VAL A 75 3.38 22.40 -17.96
C VAL A 75 3.36 22.52 -16.44
N MET A 76 4.41 22.00 -15.80
CA MET A 76 4.51 22.03 -14.34
C MET A 76 5.96 21.79 -13.94
N SER A 77 6.49 22.61 -13.06
CA SER A 77 7.86 22.44 -12.61
C SER A 77 7.93 21.40 -11.50
N THR A 78 9.13 20.90 -11.23
CA THR A 78 9.31 19.91 -10.18
C THR A 78 8.88 20.48 -8.83
N THR A 79 9.14 21.76 -8.62
CA THR A 79 8.75 22.45 -7.39
C THR A 79 7.23 22.54 -7.35
N ASP A 80 6.66 22.94 -8.49
CA ASP A 80 5.19 23.03 -8.64
C ASP A 80 4.53 21.74 -8.13
N VAL A 81 5.08 20.60 -8.54
CA VAL A 81 4.56 19.30 -8.11
C VAL A 81 4.83 19.11 -6.63
N GLU A 82 6.02 19.50 -6.20
CA GLU A 82 6.40 19.38 -4.80
C GLU A 82 5.52 20.25 -3.90
N LYS A 83 4.96 21.32 -4.45
CA LYS A 83 4.12 22.26 -3.67
C LYS A 83 2.77 21.60 -3.43
N SER A 84 2.54 20.54 -4.20
CA SER A 84 1.26 19.85 -4.15
C SER A 84 1.21 18.85 -3.00
N PHE A 85 2.38 18.40 -2.53
CA PHE A 85 2.46 17.44 -1.45
C PHE A 85 1.96 18.02 -0.13
N ASP A 86 2.56 19.14 0.29
CA ASP A 86 2.17 19.82 1.53
C ASP A 86 0.68 20.12 1.51
N LYS A 87 0.24 20.75 0.43
CA LYS A 87 -1.17 21.10 0.23
C LYS A 87 -2.09 19.89 0.44
N LEU A 88 -1.76 18.75 -0.16
CA LEU A 88 -2.57 17.55 -0.02
C LEU A 88 -2.55 17.08 1.43
N LEU A 89 -1.41 17.24 2.07
CA LEU A 89 -1.25 16.84 3.44
C LEU A 89 -2.06 17.71 4.40
N LYS A 90 -2.44 18.91 3.95
CA LYS A 90 -3.17 19.83 4.82
C LYS A 90 -4.66 19.59 4.62
N ASP A 91 -4.92 18.69 3.70
CA ASP A 91 -6.28 18.28 3.37
C ASP A 91 -6.56 16.88 3.90
N LEU A 92 -5.49 16.08 3.97
CA LEU A 92 -5.51 14.69 4.44
C LEU A 92 -6.46 14.40 5.62
N PRO A 93 -6.29 15.07 6.80
CA PRO A 93 -7.15 14.81 7.97
C PRO A 93 -8.64 15.01 7.66
N GLU A 94 -8.94 16.06 6.91
CA GLU A 94 -10.31 16.35 6.51
C GLU A 94 -10.88 15.25 5.63
N LEU A 95 -10.13 14.89 4.59
CA LEU A 95 -10.55 13.81 3.68
C LEU A 95 -10.71 12.47 4.40
N ALA A 96 -9.85 12.21 5.37
CA ALA A 96 -9.90 10.96 6.14
C ALA A 96 -11.27 10.78 6.81
N LEU A 97 -11.78 11.89 7.33
CA LEU A 97 -13.08 11.92 7.99
C LEU A 97 -14.19 11.33 7.10
N ASP A 98 -14.06 11.47 5.78
CA ASP A 98 -15.07 10.96 4.86
C ASP A 98 -14.69 9.58 4.33
N THR A 99 -13.41 9.39 4.07
CA THR A 99 -12.92 8.11 3.56
C THR A 99 -11.91 7.51 4.53
N PRO A 100 -12.29 6.42 5.20
CA PRO A 100 -11.48 5.72 6.19
C PRO A 100 -9.97 5.72 5.94
N ARG A 101 -9.49 4.80 5.12
CA ARG A 101 -8.07 4.69 4.85
C ARG A 101 -7.58 5.61 3.73
N ALA A 102 -8.35 6.66 3.42
CA ALA A 102 -7.96 7.61 2.38
C ALA A 102 -6.51 8.10 2.52
N PRO A 103 -6.11 8.57 3.73
CA PRO A 103 -4.73 9.04 3.95
C PRO A 103 -3.71 7.95 3.65
N GLN A 104 -4.10 6.69 3.88
CA GLN A 104 -3.22 5.55 3.63
C GLN A 104 -2.96 5.39 2.14
N LEU A 105 -4.03 5.49 1.34
CA LEU A 105 -3.91 5.36 -0.12
C LEU A 105 -2.92 6.38 -0.65
N VAL A 106 -3.12 7.64 -0.24
CA VAL A 106 -2.23 8.75 -0.60
C VAL A 106 -0.74 8.39 -0.48
N GLY A 107 -0.43 7.44 0.40
CA GLY A 107 0.95 7.02 0.59
C GLY A 107 1.54 6.44 -0.68
N GLN A 108 0.68 5.80 -1.48
CA GLN A 108 1.09 5.20 -2.74
C GLN A 108 1.55 6.27 -3.73
N PHE A 109 0.85 7.41 -3.73
CA PHE A 109 1.18 8.51 -4.63
C PHE A 109 2.54 9.10 -4.27
N ILE A 110 2.85 9.06 -2.98
CA ILE A 110 4.12 9.59 -2.49
C ILE A 110 5.29 8.80 -3.08
N ALA A 111 5.17 7.48 -3.08
CA ALA A 111 6.22 6.62 -3.62
C ALA A 111 6.20 6.66 -5.15
N ARG A 112 4.99 6.74 -5.70
CA ARG A 112 4.79 6.79 -7.14
C ARG A 112 5.36 8.07 -7.74
N ALA A 113 5.52 9.09 -6.90
CA ALA A 113 5.99 10.36 -7.41
C ALA A 113 7.50 10.30 -7.60
N VAL A 114 8.14 9.66 -6.64
CA VAL A 114 9.58 9.49 -6.65
C VAL A 114 10.03 8.54 -7.77
N GLY A 115 9.21 7.53 -8.06
CA GLY A 115 9.57 6.57 -9.09
C GLY A 115 9.61 7.20 -10.47
N ASP A 116 8.55 7.93 -10.81
CA ASP A 116 8.49 8.63 -12.09
C ASP A 116 9.46 9.80 -12.17
N GLY A 117 10.18 10.06 -11.08
CA GLY A 117 11.12 11.14 -11.06
C GLY A 117 10.49 12.51 -11.01
N ILE A 118 9.16 12.59 -10.94
CA ILE A 118 8.47 13.88 -10.88
C ILE A 118 8.45 14.45 -9.47
N LEU A 119 9.31 13.92 -8.60
CA LEU A 119 9.41 14.35 -7.23
C LEU A 119 10.67 13.77 -6.61
N CYS A 120 11.28 14.49 -5.68
CA CYS A 120 12.50 14.02 -5.05
C CYS A 120 12.19 13.24 -3.78
N ASN A 121 12.92 12.14 -3.58
CA ASN A 121 12.77 11.30 -2.40
C ASN A 121 13.25 11.99 -1.14
N THR A 122 13.79 13.19 -1.32
CA THR A 122 14.36 13.96 -0.23
C THR A 122 13.29 14.31 0.80
N TYR A 123 12.05 14.51 0.31
CA TYR A 123 10.91 14.87 1.15
C TYR A 123 10.70 13.88 2.29
N ILE A 124 11.04 12.62 2.05
CA ILE A 124 10.90 11.59 3.08
C ILE A 124 11.73 11.99 4.30
N ASP A 125 12.92 12.49 4.03
CA ASP A 125 13.82 12.94 5.08
C ASP A 125 13.41 14.32 5.62
N SER A 126 12.91 15.18 4.73
CA SER A 126 12.46 16.52 5.12
C SER A 126 11.32 16.47 6.12
N TYR A 127 10.40 15.55 5.91
CA TYR A 127 9.28 15.40 6.83
C TYR A 127 9.55 14.20 7.74
N LYS A 128 10.80 14.07 8.21
CA LYS A 128 11.20 12.95 9.05
C LYS A 128 11.32 13.27 10.53
N GLY A 129 10.34 13.95 11.08
CA GLY A 129 10.38 14.28 12.49
C GLY A 129 9.96 15.70 12.70
N THR A 130 9.61 16.29 11.58
CA THR A 130 9.17 17.67 11.54
C THR A 130 7.69 17.68 11.18
N VAL A 131 6.96 16.68 11.67
CA VAL A 131 5.53 16.57 11.39
C VAL A 131 4.70 16.73 12.67
N ASP A 132 3.70 17.60 12.61
CA ASP A 132 2.81 17.87 13.75
C ASP A 132 1.34 17.74 13.35
N CYS A 133 0.96 16.50 13.12
CA CYS A 133 -0.38 16.10 12.72
C CYS A 133 -0.32 14.60 12.55
N VAL A 134 -0.60 13.87 13.64
CA VAL A 134 -0.54 12.39 13.64
C VAL A 134 -0.75 11.66 12.30
N GLN A 135 -1.87 11.74 11.64
CA GLN A 135 -2.04 11.01 10.38
C GLN A 135 -1.19 11.52 9.22
N ALA A 136 -0.71 12.76 9.29
CA ALA A 136 0.11 13.35 8.22
C ALA A 136 1.24 12.42 7.78
N ARG A 137 2.20 12.09 8.65
CA ARG A 137 3.23 11.17 8.26
C ARG A 137 2.74 9.78 7.94
N ALA A 138 1.50 9.41 8.34
CA ALA A 138 1.08 8.02 8.12
C ALA A 138 1.28 7.61 6.67
N ALA A 139 0.75 8.42 5.74
CA ALA A 139 0.94 8.17 4.32
C ALA A 139 2.43 8.06 3.99
N LEU A 140 3.24 8.94 4.59
CA LEU A 140 4.68 8.94 4.37
C LEU A 140 5.32 7.68 4.96
N ASP A 141 4.73 7.18 6.05
CA ASP A 141 5.22 5.97 6.70
C ASP A 141 5.06 4.78 5.77
N LYS A 142 3.90 4.73 5.11
CA LYS A 142 3.61 3.67 4.16
C LYS A 142 4.48 3.84 2.92
N ALA A 143 4.74 5.09 2.56
CA ALA A 143 5.59 5.42 1.43
C ALA A 143 6.99 4.88 1.67
N THR A 144 7.29 4.70 2.95
CA THR A 144 8.59 4.20 3.36
C THR A 144 8.65 2.69 3.11
N VAL A 145 7.50 2.04 3.26
CA VAL A 145 7.39 0.61 3.07
C VAL A 145 7.46 0.25 1.59
N LEU A 146 6.59 0.87 0.79
CA LEU A 146 6.55 0.63 -0.66
C LEU A 146 7.92 0.81 -1.31
N LEU A 147 8.70 1.77 -0.84
CA LEU A 147 10.03 2.01 -1.40
C LEU A 147 10.93 0.79 -1.21
N SER A 148 10.71 0.07 -0.12
CA SER A 148 11.47 -1.13 0.18
C SER A 148 10.97 -2.35 -0.60
N MET A 149 9.68 -2.35 -0.94
CA MET A 149 9.06 -3.49 -1.63
C MET A 149 9.33 -3.52 -3.13
N SER A 150 9.53 -2.34 -3.73
CA SER A 150 9.77 -2.23 -5.17
C SER A 150 11.03 -2.98 -5.59
N LYS A 151 11.92 -3.22 -4.65
CA LYS A 151 13.17 -3.90 -4.91
C LYS A 151 13.02 -5.42 -4.76
N GLY A 152 12.12 -5.84 -3.89
CA GLY A 152 11.92 -7.26 -3.65
C GLY A 152 10.93 -7.91 -4.59
N GLY A 153 9.85 -7.21 -4.90
CA GLY A 153 8.82 -7.75 -5.79
C GLY A 153 9.27 -7.94 -7.24
N LYS A 154 10.49 -7.51 -7.54
CA LYS A 154 11.02 -7.64 -8.91
C LYS A 154 11.42 -9.06 -9.24
N ARG A 155 11.38 -9.95 -8.27
CA ARG A 155 11.75 -11.35 -8.47
C ARG A 155 10.59 -12.19 -9.01
N LYS A 156 9.57 -11.53 -9.54
CA LYS A 156 8.42 -12.24 -10.09
C LYS A 156 8.33 -12.05 -11.60
N ASP A 157 9.43 -11.59 -12.19
CA ASP A 157 9.49 -11.37 -13.62
C ASP A 157 9.87 -12.66 -14.34
N SER A 158 9.32 -12.86 -15.53
CA SER A 158 9.60 -14.07 -16.30
C SER A 158 9.45 -13.82 -17.81
N VAL A 159 8.22 -13.60 -18.24
CA VAL A 159 7.94 -13.38 -19.66
C VAL A 159 7.06 -12.15 -19.87
N TRP A 160 7.21 -11.16 -19.01
CA TRP A 160 6.41 -9.94 -19.08
C TRP A 160 6.93 -8.98 -20.15
N GLY A 161 8.22 -9.09 -20.45
CA GLY A 161 8.82 -8.24 -21.47
C GLY A 161 8.60 -8.81 -22.86
N SER A 162 7.35 -9.01 -23.21
CA SER A 162 7.00 -9.55 -24.52
C SER A 162 5.95 -8.68 -25.20
N GLY A 163 5.81 -7.45 -24.69
CA GLY A 163 4.85 -6.53 -25.25
C GLY A 163 4.42 -5.52 -24.22
N GLY B 1 2.58 -4.49 -21.81
CA GLY B 1 2.46 -3.02 -21.67
C GLY B 1 1.05 -2.53 -21.96
N GLY B 2 0.80 -1.26 -21.71
CA GLY B 2 -0.51 -0.69 -21.95
C GLY B 2 -1.20 -0.34 -20.65
N GLN B 3 -2.37 -0.92 -20.42
CA GLN B 3 -3.12 -0.66 -19.21
C GLN B 3 -2.82 -1.73 -18.17
N GLN B 4 -3.11 -1.44 -16.92
CA GLN B 4 -2.85 -2.38 -15.83
C GLN B 4 -4.02 -3.35 -15.65
N PRO B 5 -3.79 -4.64 -15.89
CA PRO B 5 -4.81 -5.67 -15.75
C PRO B 5 -5.01 -6.10 -14.30
N VAL B 6 -5.78 -7.17 -14.09
CA VAL B 6 -6.05 -7.67 -12.76
C VAL B 6 -4.80 -8.35 -12.18
N ASN B 7 -4.47 -7.98 -10.94
CA ASN B 7 -3.30 -8.54 -10.27
C ASN B 7 -3.71 -9.64 -9.31
N HIS B 8 -2.78 -10.50 -8.95
CA HIS B 8 -3.05 -11.60 -8.03
C HIS B 8 -1.81 -11.95 -7.23
N LEU B 9 -1.98 -12.13 -5.92
CA LEU B 9 -0.89 -12.48 -4.99
C LEU B 9 0.02 -11.30 -4.72
N VAL B 10 0.61 -10.75 -5.78
CA VAL B 10 1.49 -9.60 -5.64
C VAL B 10 0.68 -8.32 -5.47
N LYS B 11 1.27 -7.35 -4.77
CA LYS B 11 0.61 -6.07 -4.51
C LYS B 11 -0.56 -6.26 -3.53
N GLU B 12 -0.51 -7.34 -2.77
CA GLU B 12 -1.55 -7.64 -1.80
C GLU B 12 -1.01 -8.39 -0.57
N ILE B 13 -0.82 -9.70 -0.69
CA ILE B 13 -0.36 -10.53 0.43
C ILE B 13 0.98 -10.09 1.02
N ASP B 14 2.04 -10.09 0.21
CA ASP B 14 3.35 -9.72 0.70
C ASP B 14 3.33 -8.26 1.14
N MET B 15 2.77 -7.41 0.30
CA MET B 15 2.64 -5.98 0.57
C MET B 15 2.02 -5.72 1.95
N LEU B 16 0.89 -6.35 2.24
CA LEU B 16 0.23 -6.17 3.52
C LEU B 16 1.13 -6.59 4.67
N LEU B 17 1.86 -7.68 4.48
CA LEU B 17 2.78 -8.18 5.48
C LEU B 17 3.89 -7.16 5.75
N LYS B 18 4.36 -6.51 4.68
CA LYS B 18 5.41 -5.51 4.80
C LYS B 18 4.89 -4.25 5.46
N GLU B 19 3.73 -3.79 5.01
CA GLU B 19 3.10 -2.58 5.56
C GLU B 19 2.84 -2.77 7.05
N TYR B 20 2.10 -3.83 7.39
CA TYR B 20 1.79 -4.15 8.78
C TYR B 20 3.06 -4.27 9.63
N LEU B 21 4.14 -4.74 9.01
CA LEU B 21 5.40 -4.90 9.71
C LEU B 21 6.02 -3.53 10.01
N LEU B 22 6.14 -2.71 8.98
CA LEU B 22 6.72 -1.38 9.12
C LEU B 22 5.89 -0.46 10.02
N SER B 23 4.60 -0.32 9.72
CA SER B 23 3.71 0.53 10.49
C SER B 23 3.06 -0.23 11.64
N GLY B 24 2.06 -1.05 11.32
CA GLY B 24 1.37 -1.81 12.34
C GLY B 24 -0.05 -1.33 12.55
N ASP B 25 -0.88 -1.45 11.52
CA ASP B 25 -2.27 -1.04 11.59
C ASP B 25 -3.22 -2.16 11.17
N ILE B 26 -3.82 -2.80 12.16
CA ILE B 26 -4.78 -3.89 11.91
C ILE B 26 -5.91 -3.53 10.95
N SER B 27 -6.45 -2.32 11.08
CA SER B 27 -7.55 -1.88 10.21
C SER B 27 -7.14 -1.92 8.74
N GLU B 28 -5.97 -1.37 8.48
CA GLU B 28 -5.41 -1.35 7.13
C GLU B 28 -5.34 -2.76 6.54
N ALA B 29 -4.80 -3.70 7.30
CA ALA B 29 -4.66 -5.08 6.85
C ALA B 29 -6.00 -5.81 6.78
N GLU B 30 -6.85 -5.58 7.78
CA GLU B 30 -8.15 -6.25 7.87
C GLU B 30 -9.02 -6.00 6.63
N HIS B 31 -9.24 -4.73 6.31
CA HIS B 31 -10.09 -4.40 5.17
C HIS B 31 -9.48 -4.80 3.84
N CYS B 32 -8.20 -4.47 3.64
CA CYS B 32 -7.50 -4.81 2.41
C CYS B 32 -7.64 -6.30 2.09
N LEU B 33 -7.56 -7.14 3.11
CA LEU B 33 -7.70 -8.57 2.92
C LEU B 33 -9.12 -8.94 2.49
N LYS B 34 -10.09 -8.17 3.00
CA LYS B 34 -11.50 -8.39 2.66
C LYS B 34 -11.75 -7.97 1.22
N GLU B 35 -11.19 -6.81 0.85
CA GLU B 35 -11.28 -6.29 -0.52
C GLU B 35 -10.81 -7.29 -1.57
N LEU B 36 -10.07 -8.31 -1.16
CA LEU B 36 -9.59 -9.30 -2.09
C LEU B 36 -10.52 -10.52 -2.14
N GLU B 37 -11.31 -10.62 -3.22
CA GLU B 37 -12.29 -11.70 -3.43
C GLU B 37 -11.76 -13.14 -3.43
N VAL B 38 -10.56 -13.38 -2.91
CA VAL B 38 -10.01 -14.73 -2.91
C VAL B 38 -9.98 -15.38 -1.52
N PRO B 39 -11.08 -16.02 -1.09
CA PRO B 39 -11.15 -16.67 0.23
C PRO B 39 -10.29 -17.96 0.32
N HIS B 40 -10.40 -18.82 -0.69
CA HIS B 40 -9.66 -20.08 -0.70
C HIS B 40 -8.21 -19.90 -1.16
N PHE B 41 -7.95 -18.80 -1.85
CA PHE B 41 -6.61 -18.51 -2.36
C PHE B 41 -5.77 -17.77 -1.31
N HIS B 42 -6.28 -17.71 -0.10
CA HIS B 42 -5.60 -17.04 0.99
C HIS B 42 -4.42 -17.85 1.53
N HIS B 43 -4.11 -18.99 0.90
CA HIS B 43 -3.05 -19.91 1.36
C HIS B 43 -1.71 -19.23 1.65
N GLU B 44 -1.07 -18.65 0.62
CA GLU B 44 0.21 -17.94 0.82
C GLU B 44 0.20 -16.94 1.97
N LEU B 45 -0.95 -16.30 2.20
CA LEU B 45 -1.07 -15.32 3.28
C LEU B 45 -0.64 -15.91 4.63
N VAL B 46 -1.05 -17.13 4.88
CA VAL B 46 -0.72 -17.82 6.12
C VAL B 46 0.68 -18.45 6.03
N TYR B 47 1.11 -18.69 4.81
CA TYR B 47 2.40 -19.38 4.58
C TYR B 47 3.56 -18.40 4.69
N GLU B 48 3.48 -17.31 3.94
CA GLU B 48 4.52 -16.28 3.94
C GLU B 48 4.57 -15.57 5.28
N ALA B 49 3.50 -15.73 6.06
CA ALA B 49 3.40 -15.08 7.35
C ALA B 49 4.30 -15.79 8.35
N ILE B 50 4.43 -17.10 8.19
CA ILE B 50 5.25 -17.88 9.08
C ILE B 50 6.73 -17.59 8.85
N VAL B 51 7.22 -17.82 7.63
CA VAL B 51 8.61 -17.50 7.26
C VAL B 51 9.00 -16.05 7.54
N MET B 52 8.00 -15.19 7.76
CA MET B 52 8.30 -13.78 7.97
C MET B 52 8.91 -13.63 9.34
N VAL B 53 8.44 -14.48 10.23
CA VAL B 53 8.90 -14.50 11.60
C VAL B 53 10.33 -15.02 11.73
N LEU B 54 10.84 -15.85 10.78
CA LEU B 54 12.17 -16.43 10.99
C LEU B 54 13.29 -15.57 10.36
N GLU B 55 13.26 -15.39 9.02
CA GLU B 55 14.25 -14.54 8.34
C GLU B 55 14.37 -13.12 8.93
N SER B 56 13.32 -12.63 9.56
CA SER B 56 13.37 -11.30 10.17
C SER B 56 13.87 -11.42 11.61
N THR B 57 15.12 -11.03 11.84
CA THR B 57 15.71 -11.10 13.15
C THR B 57 15.11 -10.08 14.12
N GLY B 58 14.97 -10.48 15.37
CA GLY B 58 14.41 -9.59 16.37
C GLY B 58 12.99 -9.96 16.73
N GLU B 59 12.46 -9.39 17.79
CA GLU B 59 11.11 -9.68 18.23
C GLU B 59 10.12 -8.70 17.59
N SER B 60 10.59 -7.93 16.64
CA SER B 60 9.76 -6.96 15.94
C SER B 60 8.61 -7.67 15.22
N ALA B 61 8.95 -8.60 14.35
CA ALA B 61 7.96 -9.39 13.63
C ALA B 61 7.27 -10.36 14.57
N PHE B 62 7.88 -10.57 15.72
CA PHE B 62 7.33 -11.55 16.64
C PHE B 62 6.07 -10.97 17.22
N LYS B 63 6.14 -9.70 17.51
CA LYS B 63 5.00 -9.03 18.05
C LYS B 63 3.94 -8.71 17.01
N MET B 64 4.35 -8.34 15.77
CA MET B 64 3.35 -7.92 14.77
C MET B 64 2.84 -9.05 13.85
N ILE B 65 3.72 -9.55 12.96
CA ILE B 65 3.36 -10.67 12.07
C ILE B 65 2.87 -11.95 12.75
N LEU B 66 3.32 -12.22 13.95
CA LEU B 66 2.90 -13.43 14.62
C LEU B 66 1.45 -13.21 15.05
N ASP B 67 1.19 -12.00 15.47
CA ASP B 67 -0.13 -11.58 15.90
C ASP B 67 -1.11 -11.33 14.75
N LEU B 68 -0.60 -11.19 13.50
CA LEU B 68 -1.47 -10.84 12.38
C LEU B 68 -2.62 -11.84 12.20
N LEU B 69 -2.30 -13.08 11.82
CA LEU B 69 -3.32 -14.13 11.70
C LEU B 69 -4.20 -14.24 12.94
N LYS B 70 -3.63 -13.84 14.09
CA LYS B 70 -4.36 -13.97 15.34
C LYS B 70 -5.44 -12.90 15.39
N SER B 71 -5.06 -11.71 14.96
CA SER B 71 -5.95 -10.57 14.92
C SER B 71 -7.06 -10.77 13.88
N LEU B 72 -6.76 -11.50 12.80
CA LEU B 72 -7.74 -11.72 11.74
C LEU B 72 -8.75 -12.79 12.14
N TRP B 73 -8.25 -13.97 12.53
CA TRP B 73 -9.08 -15.09 12.98
C TRP B 73 -10.20 -14.71 13.94
N LYS B 74 -10.05 -13.62 14.68
CA LYS B 74 -11.10 -13.21 15.61
C LYS B 74 -12.24 -12.48 14.88
N SER B 75 -11.92 -11.84 13.76
CA SER B 75 -12.89 -11.08 12.98
C SER B 75 -13.41 -11.83 11.75
N SER B 76 -13.44 -13.17 11.81
CA SER B 76 -13.85 -13.99 10.66
C SER B 76 -13.06 -13.63 9.39
N THR B 77 -11.92 -14.30 9.19
CA THR B 77 -11.10 -14.03 8.03
C THR B 77 -10.42 -15.31 7.53
N ILE B 78 -9.37 -15.73 8.22
CA ILE B 78 -8.64 -16.93 7.83
C ILE B 78 -9.37 -18.17 8.35
N THR B 79 -9.47 -19.18 7.50
CA THR B 79 -10.13 -20.41 7.88
C THR B 79 -9.10 -21.47 8.23
N ILE B 80 -9.50 -22.43 9.05
CA ILE B 80 -8.60 -23.51 9.45
C ILE B 80 -8.17 -24.32 8.23
N ASP B 81 -9.02 -24.28 7.22
CA ASP B 81 -8.76 -24.99 5.97
C ASP B 81 -7.51 -24.42 5.33
N GLN B 82 -7.49 -23.10 5.18
CA GLN B 82 -6.36 -22.41 4.59
C GLN B 82 -5.13 -22.43 5.50
N MET B 83 -5.37 -22.26 6.80
CA MET B 83 -4.30 -22.26 7.79
C MET B 83 -3.54 -23.58 7.77
N LYS B 84 -4.29 -24.68 7.99
CA LYS B 84 -3.71 -26.02 7.95
C LYS B 84 -2.86 -26.26 6.69
N ARG B 85 -3.24 -25.62 5.60
CA ARG B 85 -2.51 -25.80 4.34
C ARG B 85 -1.15 -25.10 4.43
N GLY B 86 -1.17 -23.91 5.02
CA GLY B 86 0.04 -23.13 5.19
C GLY B 86 1.12 -23.86 5.99
N TYR B 87 0.77 -24.29 7.20
CA TYR B 87 1.71 -24.99 8.08
C TYR B 87 2.17 -26.30 7.46
N GLU B 88 1.18 -27.09 7.05
CA GLU B 88 1.45 -28.37 6.38
C GLU B 88 2.54 -28.22 5.32
N ARG B 89 2.54 -27.12 4.58
CA ARG B 89 3.57 -26.87 3.58
C ARG B 89 4.87 -26.41 4.25
N ILE B 90 4.75 -25.58 5.30
CA ILE B 90 5.90 -25.07 6.03
C ILE B 90 6.84 -26.20 6.47
N TYR B 91 6.26 -27.25 7.07
CA TYR B 91 7.07 -28.40 7.48
C TYR B 91 7.92 -28.95 6.35
N ASN B 92 7.41 -28.85 5.12
CA ASN B 92 8.14 -29.31 3.95
C ASN B 92 9.26 -28.33 3.59
N GLU B 93 9.07 -27.08 3.99
CA GLU B 93 10.03 -26.01 3.73
C GLU B 93 11.08 -25.94 4.84
N ILE B 94 10.82 -26.62 5.96
CA ILE B 94 11.75 -26.63 7.09
C ILE B 94 13.14 -27.12 6.70
N PRO B 95 13.26 -28.33 6.12
CA PRO B 95 14.57 -28.87 5.69
C PRO B 95 15.21 -28.00 4.62
N ASP B 96 14.37 -27.25 3.89
CA ASP B 96 14.85 -26.38 2.83
C ASP B 96 15.58 -25.17 3.40
N ILE B 97 15.00 -24.59 4.44
CA ILE B 97 15.59 -23.42 5.08
C ILE B 97 16.68 -23.82 6.09
N ASN B 98 16.41 -24.87 6.86
CA ASN B 98 17.37 -25.34 7.85
C ASN B 98 18.63 -25.91 7.21
N LEU B 99 18.42 -26.81 6.24
CA LEU B 99 19.53 -27.45 5.52
C LEU B 99 20.51 -28.10 6.50
N ASP B 100 20.01 -29.10 7.23
CA ASP B 100 20.80 -29.82 8.23
C ASP B 100 21.08 -28.92 9.43
N VAL B 101 21.48 -29.53 10.56
CA VAL B 101 21.76 -28.79 11.79
C VAL B 101 20.58 -27.86 12.15
N PRO B 102 19.48 -28.44 12.65
CA PRO B 102 18.28 -27.69 13.02
C PRO B 102 18.50 -26.81 14.25
N HIS B 103 18.43 -25.50 14.04
CA HIS B 103 18.61 -24.54 15.12
C HIS B 103 17.40 -23.61 15.27
N SER B 104 16.36 -23.88 14.50
CA SER B 104 15.16 -23.08 14.55
C SER B 104 13.98 -23.91 15.07
N TYR B 105 14.30 -25.06 15.64
CA TYR B 105 13.28 -25.95 16.18
C TYR B 105 12.54 -25.29 17.33
N SER B 106 13.29 -24.54 18.13
CA SER B 106 12.72 -23.82 19.26
C SER B 106 11.76 -22.76 18.77
N VAL B 107 12.15 -22.07 17.70
CA VAL B 107 11.31 -21.04 17.09
C VAL B 107 10.01 -21.64 16.58
N LEU B 108 10.11 -22.72 15.83
CA LEU B 108 8.93 -23.39 15.28
C LEU B 108 8.01 -23.91 16.39
N GLU B 109 8.59 -24.70 17.30
CA GLU B 109 7.83 -25.22 18.44
C GLU B 109 7.13 -24.10 19.20
N ARG B 110 7.85 -23.01 19.43
CA ARG B 110 7.30 -21.84 20.12
C ARG B 110 6.09 -21.33 19.35
N PHE B 111 6.29 -21.15 18.04
CA PHE B 111 5.25 -20.70 17.14
C PHE B 111 4.00 -21.58 17.26
N VAL B 112 4.13 -22.86 16.89
CA VAL B 112 3.03 -23.81 16.98
C VAL B 112 2.39 -23.83 18.37
N GLU B 113 3.23 -23.83 19.41
CA GLU B 113 2.75 -23.84 20.79
C GLU B 113 1.80 -22.67 21.03
N GLU B 114 2.24 -21.49 20.65
CA GLU B 114 1.45 -20.27 20.79
C GLU B 114 0.14 -20.38 20.01
N CYS B 115 0.23 -20.77 18.74
CA CYS B 115 -0.94 -20.90 17.89
C CYS B 115 -1.93 -21.93 18.44
N PHE B 116 -1.48 -23.16 18.61
CA PHE B 116 -2.31 -24.23 19.18
C PHE B 116 -2.92 -23.83 20.53
N GLN B 117 -2.17 -23.09 21.34
CA GLN B 117 -2.65 -22.66 22.64
C GLN B 117 -3.93 -21.83 22.52
N ALA B 118 -3.94 -20.91 21.55
CA ALA B 118 -5.09 -20.06 21.34
C ALA B 118 -6.37 -20.84 21.02
N GLY B 119 -6.30 -21.92 20.24
CA GLY B 119 -7.51 -22.69 19.99
C GLY B 119 -7.91 -22.66 18.52
N ILE B 120 -7.35 -21.72 17.77
CA ILE B 120 -7.62 -21.54 16.35
C ILE B 120 -7.26 -22.77 15.49
N ILE B 121 -6.51 -23.69 16.07
CA ILE B 121 -6.09 -24.89 15.34
C ILE B 121 -6.20 -26.12 16.22
N SER B 122 -6.58 -27.23 15.60
CA SER B 122 -6.74 -28.49 16.31
C SER B 122 -5.40 -29.20 16.50
N LYS B 123 -5.43 -30.28 17.28
CA LYS B 123 -4.24 -31.08 17.56
C LYS B 123 -3.72 -31.72 16.29
N GLN B 124 -4.60 -31.82 15.32
CA GLN B 124 -4.31 -32.42 14.02
C GLN B 124 -3.13 -31.75 13.33
N LEU B 125 -3.06 -30.43 13.41
CA LEU B 125 -1.98 -29.67 12.77
C LEU B 125 -0.67 -29.80 13.54
N ARG B 126 -0.77 -29.94 14.86
CA ARG B 126 0.41 -30.09 15.70
C ARG B 126 1.03 -31.48 15.50
N ASP B 127 0.15 -32.48 15.42
CA ASP B 127 0.58 -33.87 15.18
C ASP B 127 1.57 -33.99 14.02
N LEU B 128 1.29 -33.28 12.93
CA LEU B 128 2.18 -33.31 11.77
C LEU B 128 3.48 -32.56 12.05
N CYS B 129 3.38 -31.53 12.86
CA CYS B 129 4.53 -30.72 13.25
C CYS B 129 5.57 -31.58 13.96
N PRO B 130 6.86 -31.40 13.64
CA PRO B 130 7.95 -32.16 14.26
C PRO B 130 8.12 -31.79 15.74
N SER B 131 7.27 -32.37 16.57
CA SER B 131 7.30 -32.13 18.00
C SER B 131 8.36 -33.00 18.66
N GLY A 1 2.29 30.44 -2.42
CA GLY A 1 1.72 30.64 -1.06
C GLY A 1 0.23 30.45 -1.05
N LEU A 2 -0.50 31.55 -1.05
CA LEU A 2 -1.95 31.50 -1.02
C LEU A 2 -2.50 31.85 -2.39
N PRO A 3 -3.13 30.87 -3.06
CA PRO A 3 -3.70 31.05 -4.40
C PRO A 3 -4.94 31.95 -4.38
N LEU A 4 -5.22 32.56 -5.53
CA LEU A 4 -6.38 33.43 -5.66
C LEU A 4 -7.54 32.66 -6.26
N ASP A 5 -8.74 32.92 -5.75
CA ASP A 5 -9.96 32.28 -6.20
C ASP A 5 -9.93 30.76 -6.01
N GLU A 6 -9.93 30.36 -4.75
CA GLU A 6 -9.88 28.95 -4.40
C GLU A 6 -11.21 28.27 -4.68
N ARG A 7 -12.31 29.03 -4.55
CA ARG A 7 -13.65 28.48 -4.78
C ARG A 7 -13.94 28.43 -6.28
N ALA A 8 -13.51 29.49 -6.95
CA ALA A 8 -13.66 29.63 -8.40
C ALA A 8 -12.89 28.52 -9.10
N PHE A 9 -11.93 27.96 -8.39
CA PHE A 9 -11.07 26.94 -8.93
C PHE A 9 -11.74 25.57 -8.80
N GLU A 10 -12.51 25.40 -7.73
CA GLU A 10 -13.19 24.13 -7.48
C GLU A 10 -14.25 23.84 -8.53
N LYS A 11 -15.07 24.84 -8.83
CA LYS A 11 -16.15 24.70 -9.80
C LYS A 11 -15.67 24.65 -11.26
N THR A 12 -14.61 25.40 -11.55
CA THR A 12 -14.06 25.45 -12.90
C THR A 12 -13.24 24.22 -13.23
N LEU A 13 -12.57 23.69 -12.25
CA LEU A 13 -11.72 22.56 -12.47
C LEU A 13 -12.34 21.22 -12.13
N THR A 14 -13.65 21.08 -12.05
CA THR A 14 -14.21 19.78 -11.65
C THR A 14 -14.43 18.76 -12.81
N PRO A 15 -15.34 19.06 -13.80
CA PRO A 15 -15.70 18.13 -14.91
C PRO A 15 -14.55 17.65 -15.80
N ILE A 16 -13.62 18.55 -16.07
CA ILE A 16 -12.48 18.25 -16.90
C ILE A 16 -11.68 17.15 -16.26
N ILE A 17 -11.24 17.43 -15.06
CA ILE A 17 -10.48 16.45 -14.32
C ILE A 17 -11.28 15.21 -13.96
N GLN A 18 -12.63 15.23 -14.06
CA GLN A 18 -13.41 14.08 -13.68
C GLN A 18 -13.54 13.09 -14.85
N GLU A 19 -13.70 13.62 -16.08
CA GLU A 19 -13.92 12.79 -17.29
C GLU A 19 -12.67 12.00 -17.63
N TYR A 20 -11.55 12.61 -17.30
CA TYR A 20 -10.26 11.97 -17.49
C TYR A 20 -10.29 10.53 -16.96
N PHE A 21 -10.83 10.35 -15.76
CA PHE A 21 -10.94 9.02 -15.13
C PHE A 21 -11.90 8.09 -15.87
N GLU A 22 -12.44 8.58 -16.95
CA GLU A 22 -13.33 7.78 -17.77
C GLU A 22 -12.54 7.13 -18.89
N HIS A 23 -11.72 7.91 -19.59
CA HIS A 23 -10.91 7.31 -20.66
C HIS A 23 -9.40 7.41 -20.37
N GLY A 24 -8.78 8.49 -20.80
CA GLY A 24 -7.37 8.67 -20.50
C GLY A 24 -6.65 9.64 -21.42
N ASP A 25 -6.97 10.90 -21.27
CA ASP A 25 -6.37 11.95 -22.06
C ASP A 25 -5.55 12.88 -21.19
N THR A 26 -4.25 12.67 -21.18
CA THR A 26 -3.33 13.51 -20.42
C THR A 26 -3.08 14.85 -21.10
N ASN A 27 -2.90 14.79 -22.43
CA ASN A 27 -2.62 15.97 -23.24
C ASN A 27 -3.72 17.02 -23.19
N GLU A 28 -4.97 16.58 -23.21
CA GLU A 28 -6.11 17.49 -23.14
C GLU A 28 -5.96 18.42 -21.92
N VAL A 29 -5.72 17.80 -20.78
CA VAL A 29 -5.53 18.53 -19.53
C VAL A 29 -4.47 19.63 -19.69
N ALA A 30 -3.32 19.26 -20.27
CA ALA A 30 -2.24 20.20 -20.50
C ALA A 30 -2.68 21.34 -21.41
N GLU A 31 -3.31 20.98 -22.52
CA GLU A 31 -3.82 21.94 -23.49
C GLU A 31 -4.73 22.97 -22.82
N MET A 32 -5.54 22.50 -21.88
CA MET A 32 -6.45 23.37 -21.15
C MET A 32 -5.72 24.19 -20.08
N LEU A 33 -4.76 23.55 -19.41
CA LEU A 33 -3.98 24.20 -18.36
C LEU A 33 -3.26 25.42 -18.91
N ARG A 34 -2.57 25.26 -20.03
CA ARG A 34 -1.85 26.36 -20.67
C ARG A 34 -2.79 27.53 -20.97
N ASP A 35 -4.04 27.21 -21.25
CA ASP A 35 -5.03 28.24 -21.54
C ASP A 35 -5.34 29.02 -20.26
N LEU A 36 -5.49 28.30 -19.16
CA LEU A 36 -5.74 28.92 -17.87
C LEU A 36 -4.54 29.76 -17.49
N ASN A 37 -3.35 29.19 -17.67
CA ASN A 37 -2.08 29.86 -17.38
C ASN A 37 -2.03 30.40 -15.95
N LEU A 38 -1.76 29.50 -15.01
CA LEU A 38 -1.69 29.88 -13.60
C LEU A 38 -0.27 29.69 -13.08
N GLY A 39 0.03 30.32 -11.96
CA GLY A 39 1.36 30.20 -11.36
C GLY A 39 1.36 29.24 -10.20
N GLU A 40 1.04 29.74 -9.01
CA GLU A 40 0.99 28.91 -7.81
C GLU A 40 -0.29 28.09 -7.80
N MET A 41 -1.30 28.59 -8.49
CA MET A 41 -2.59 27.90 -8.58
C MET A 41 -2.47 26.69 -9.52
N LYS A 42 -1.33 26.59 -10.19
CA LYS A 42 -1.08 25.48 -11.10
C LYS A 42 -0.90 24.18 -10.33
N SER A 43 -0.46 24.30 -9.08
CA SER A 43 -0.26 23.14 -8.21
C SER A 43 -1.62 22.63 -7.70
N GLY A 44 -2.56 23.55 -7.57
CA GLY A 44 -3.91 23.20 -7.12
C GLY A 44 -4.59 22.15 -8.00
N VAL A 45 -4.27 22.15 -9.29
CA VAL A 45 -4.88 21.21 -10.24
C VAL A 45 -4.63 19.74 -9.88
N PRO A 46 -3.35 19.29 -9.82
CA PRO A 46 -3.03 17.91 -9.47
C PRO A 46 -3.63 17.48 -8.14
N VAL A 47 -3.70 18.39 -7.18
CA VAL A 47 -4.28 18.10 -5.87
C VAL A 47 -5.77 17.81 -6.02
N LEU A 48 -6.48 18.75 -6.65
CA LEU A 48 -7.90 18.60 -6.89
C LEU A 48 -8.22 17.25 -7.55
N ALA A 49 -7.49 16.93 -8.62
CA ALA A 49 -7.65 15.66 -9.34
C ALA A 49 -7.37 14.46 -8.42
N VAL A 50 -6.54 14.71 -7.43
CA VAL A 50 -6.16 13.69 -6.46
C VAL A 50 -7.32 13.41 -5.49
N SER A 51 -7.85 14.47 -4.90
CA SER A 51 -8.96 14.36 -3.96
C SER A 51 -10.22 13.83 -4.66
N LEU A 52 -10.38 14.21 -5.93
CA LEU A 52 -11.52 13.77 -6.72
C LEU A 52 -11.50 12.25 -6.92
N ALA A 53 -10.33 11.72 -7.30
CA ALA A 53 -10.17 10.29 -7.50
C ALA A 53 -10.20 9.56 -6.16
N LEU A 54 -9.81 10.28 -5.13
CA LEU A 54 -9.79 9.75 -3.77
C LEU A 54 -11.17 9.53 -3.15
N GLU A 55 -12.24 9.65 -3.94
CA GLU A 55 -13.59 9.50 -3.40
C GLU A 55 -14.30 8.27 -4.00
N GLY A 56 -13.67 7.62 -4.99
CA GLY A 56 -14.29 6.48 -5.63
C GLY A 56 -13.53 5.18 -5.46
N LYS A 57 -13.37 4.46 -6.56
CA LYS A 57 -12.66 3.20 -6.55
C LYS A 57 -11.16 3.40 -6.70
N ALA A 58 -10.40 2.33 -6.48
CA ALA A 58 -8.95 2.38 -6.58
C ALA A 58 -8.50 2.61 -8.02
N SER A 59 -9.33 2.19 -8.97
CA SER A 59 -9.03 2.35 -10.39
C SER A 59 -8.82 3.82 -10.74
N HIS A 60 -9.78 4.65 -10.37
CA HIS A 60 -9.71 6.10 -10.61
C HIS A 60 -8.42 6.66 -10.02
N ARG A 61 -8.13 6.24 -8.80
CA ARG A 61 -6.92 6.68 -8.08
C ARG A 61 -5.65 6.34 -8.86
N GLU A 62 -5.56 5.08 -9.29
CA GLU A 62 -4.40 4.60 -10.04
C GLU A 62 -4.19 5.41 -11.33
N MET A 63 -5.28 5.85 -11.93
CA MET A 63 -5.21 6.62 -13.17
C MET A 63 -4.64 8.03 -12.96
N THR A 64 -4.82 8.59 -11.77
CA THR A 64 -4.31 9.91 -11.47
C THR A 64 -2.78 9.95 -11.52
N SER A 65 -2.15 8.86 -11.07
CA SER A 65 -0.69 8.76 -11.05
C SER A 65 -0.11 9.01 -12.45
N LYS A 66 -0.82 8.55 -13.47
CA LYS A 66 -0.38 8.73 -14.84
C LYS A 66 -0.41 10.21 -15.23
N LEU A 67 -1.54 10.86 -14.97
CA LEU A 67 -1.71 12.27 -15.27
C LEU A 67 -0.64 13.12 -14.60
N LEU A 68 -0.37 12.83 -13.33
CA LEU A 68 0.63 13.57 -12.57
C LEU A 68 1.99 13.48 -13.27
N SER A 69 2.37 12.24 -13.60
CA SER A 69 3.63 11.97 -14.27
C SER A 69 3.73 12.72 -15.61
N ASP A 70 2.63 12.75 -16.38
CA ASP A 70 2.62 13.43 -17.67
C ASP A 70 2.81 14.94 -17.54
N LEU A 71 2.00 15.55 -16.67
CA LEU A 71 2.06 16.99 -16.47
C LEU A 71 3.45 17.44 -16.05
N CYS A 72 4.09 16.70 -15.16
CA CYS A 72 5.44 17.03 -14.71
C CYS A 72 6.42 16.88 -15.87
N GLY A 73 7.09 17.96 -16.22
CA GLY A 73 8.04 17.95 -17.30
C GLY A 73 7.46 18.57 -18.55
N THR A 74 6.15 18.51 -18.68
CA THR A 74 5.46 19.09 -19.81
C THR A 74 4.99 20.50 -19.49
N VAL A 75 3.99 20.63 -18.63
CA VAL A 75 3.46 21.94 -18.27
C VAL A 75 3.64 22.23 -16.78
N MET A 76 4.09 21.23 -16.05
CA MET A 76 4.30 21.36 -14.62
C MET A 76 5.73 21.01 -14.28
N SER A 77 6.34 21.75 -13.37
CA SER A 77 7.72 21.47 -12.99
C SER A 77 7.75 20.46 -11.85
N THR A 78 8.92 19.94 -11.57
CA THR A 78 9.09 18.98 -10.48
C THR A 78 8.87 19.72 -9.16
N THR A 79 9.19 21.00 -9.18
CA THR A 79 9.04 21.86 -8.04
C THR A 79 7.57 22.06 -7.68
N ASP A 80 6.68 21.98 -8.68
CA ASP A 80 5.25 22.16 -8.44
C ASP A 80 4.66 20.93 -7.77
N VAL A 81 5.11 19.76 -8.19
CA VAL A 81 4.63 18.51 -7.63
C VAL A 81 4.90 18.48 -6.13
N GLU A 82 6.14 18.75 -5.75
CA GLU A 82 6.56 18.78 -4.36
C GLU A 82 5.78 19.83 -3.58
N LYS A 83 5.39 20.90 -4.28
CA LYS A 83 4.64 21.98 -3.66
C LYS A 83 3.22 21.52 -3.38
N SER A 84 2.66 20.76 -4.32
CA SER A 84 1.30 20.25 -4.20
C SER A 84 1.17 19.27 -3.03
N PHE A 85 2.29 18.71 -2.60
CA PHE A 85 2.28 17.76 -1.50
C PHE A 85 1.93 18.50 -0.22
N ASP A 86 2.67 19.56 0.07
CA ASP A 86 2.42 20.39 1.24
C ASP A 86 0.97 20.84 1.37
N LYS A 87 0.26 21.01 0.25
CA LYS A 87 -1.12 21.46 0.30
C LYS A 87 -2.05 20.27 0.61
N LEU A 88 -1.72 19.10 0.05
CA LEU A 88 -2.52 17.88 0.22
C LEU A 88 -2.48 17.41 1.66
N LEU A 89 -1.36 17.64 2.30
CA LEU A 89 -1.15 17.28 3.69
C LEU A 89 -2.05 18.10 4.62
N LYS A 90 -2.50 19.24 4.08
CA LYS A 90 -3.33 20.17 4.85
C LYS A 90 -4.81 19.83 4.63
N ASP A 91 -5.15 19.47 3.40
CA ASP A 91 -6.53 19.10 3.05
C ASP A 91 -6.88 17.70 3.55
N LEU A 92 -5.84 16.88 3.69
CA LEU A 92 -5.98 15.50 4.17
C LEU A 92 -6.91 15.31 5.37
N PRO A 93 -6.70 16.04 6.49
CA PRO A 93 -7.57 15.92 7.67
C PRO A 93 -9.05 16.00 7.32
N GLU A 94 -9.40 16.94 6.44
CA GLU A 94 -10.78 17.10 6.02
C GLU A 94 -11.29 15.84 5.30
N LEU A 95 -10.50 15.35 4.34
CA LEU A 95 -10.87 14.13 3.60
C LEU A 95 -10.98 12.92 4.52
N ALA A 96 -10.16 12.91 5.58
CA ALA A 96 -10.17 11.81 6.54
C ALA A 96 -11.54 11.71 7.20
N LEU A 97 -12.16 12.86 7.37
CA LEU A 97 -13.48 12.95 7.96
C LEU A 97 -14.56 12.32 7.07
N ASP A 98 -14.26 12.12 5.79
CA ASP A 98 -15.24 11.53 4.88
C ASP A 98 -14.99 10.04 4.63
N THR A 99 -13.76 9.69 4.32
CA THR A 99 -13.40 8.30 4.13
C THR A 99 -12.46 7.86 5.25
N PRO A 100 -12.82 6.79 5.97
CA PRO A 100 -12.04 6.28 7.10
C PRO A 100 -10.63 5.82 6.74
N ARG A 101 -10.37 5.63 5.45
CA ARG A 101 -9.05 5.18 5.01
C ARG A 101 -8.38 6.21 4.10
N ALA A 102 -9.12 7.28 3.79
CA ALA A 102 -8.61 8.37 2.95
C ALA A 102 -7.16 8.78 3.26
N PRO A 103 -6.82 9.10 4.54
CA PRO A 103 -5.45 9.50 4.91
C PRO A 103 -4.41 8.43 4.60
N GLN A 104 -4.79 7.17 4.79
CA GLN A 104 -3.89 6.05 4.56
C GLN A 104 -3.76 5.79 3.05
N LEU A 105 -4.83 6.09 2.34
CA LEU A 105 -4.89 5.90 0.90
C LEU A 105 -3.96 6.81 0.09
N VAL A 106 -3.53 7.92 0.68
CA VAL A 106 -2.65 8.88 0.00
C VAL A 106 -1.21 8.37 0.00
N GLY A 107 -0.92 7.46 0.93
CA GLY A 107 0.43 6.92 1.05
C GLY A 107 0.89 6.29 -0.24
N GLN A 108 -0.06 5.73 -1.00
CA GLN A 108 0.26 5.11 -2.29
C GLN A 108 0.75 6.17 -3.26
N PHE A 109 0.09 7.32 -3.27
CA PHE A 109 0.44 8.42 -4.16
C PHE A 109 1.81 8.99 -3.83
N ILE A 110 2.06 9.21 -2.55
CA ILE A 110 3.33 9.76 -2.09
C ILE A 110 4.50 8.88 -2.53
N ALA A 111 4.36 7.57 -2.37
CA ALA A 111 5.41 6.64 -2.76
C ALA A 111 5.43 6.45 -4.27
N ARG A 112 4.25 6.52 -4.88
CA ARG A 112 4.11 6.36 -6.32
C ARG A 112 4.87 7.43 -7.08
N ALA A 113 5.02 8.60 -6.47
CA ALA A 113 5.72 9.71 -7.10
C ALA A 113 7.24 9.54 -7.00
N VAL A 114 7.73 9.04 -5.86
CA VAL A 114 9.16 8.85 -5.64
C VAL A 114 9.73 7.81 -6.59
N GLY A 115 8.98 6.75 -6.83
CA GLY A 115 9.43 5.70 -7.72
C GLY A 115 9.19 6.08 -9.18
N ASP A 116 8.50 7.18 -9.38
CA ASP A 116 8.16 7.66 -10.71
C ASP A 116 9.18 8.65 -11.25
N GLY A 117 9.62 9.56 -10.39
CA GLY A 117 10.60 10.55 -10.82
C GLY A 117 10.11 11.97 -10.70
N ILE A 118 8.86 12.14 -10.28
CA ILE A 118 8.27 13.48 -10.14
C ILE A 118 8.46 14.02 -8.72
N LEU A 119 8.99 13.18 -7.85
CA LEU A 119 9.24 13.57 -6.47
C LEU A 119 10.62 13.09 -6.04
N CYS A 120 11.07 13.58 -4.90
CA CYS A 120 12.36 13.21 -4.39
C CYS A 120 12.26 12.52 -3.04
N ASN A 121 13.22 11.64 -2.78
CA ASN A 121 13.34 10.86 -1.54
C ASN A 121 13.66 11.72 -0.30
N THR A 122 13.77 13.02 -0.54
CA THR A 122 14.11 14.00 0.49
C THR A 122 12.90 14.39 1.35
N TYR A 123 11.80 14.71 0.69
CA TYR A 123 10.55 15.10 1.36
C TYR A 123 10.17 14.16 2.50
N ILE A 124 10.41 12.88 2.30
CA ILE A 124 10.12 11.85 3.28
C ILE A 124 10.81 12.14 4.61
N ASP A 125 12.11 12.36 4.56
CA ASP A 125 12.88 12.64 5.77
C ASP A 125 12.65 14.06 6.28
N SER A 126 12.20 14.94 5.40
CA SER A 126 11.92 16.32 5.78
C SER A 126 10.67 16.41 6.70
N TYR A 127 9.69 15.56 6.44
CA TYR A 127 8.46 15.53 7.25
C TYR A 127 8.52 14.31 8.19
N LYS A 128 9.74 14.08 8.66
CA LYS A 128 10.13 12.96 9.53
C LYS A 128 10.21 13.19 11.05
N GLY A 129 9.14 13.67 11.65
CA GLY A 129 9.15 13.93 13.08
C GLY A 129 8.89 15.39 13.30
N THR A 130 8.64 16.04 12.19
CA THR A 130 8.35 17.45 12.15
C THR A 130 6.86 17.66 11.91
N VAL A 131 6.06 16.62 12.12
CA VAL A 131 4.62 16.71 11.92
C VAL A 131 3.84 16.14 13.10
N ASP A 132 3.13 16.99 13.82
CA ASP A 132 2.31 16.55 14.95
C ASP A 132 0.98 16.00 14.43
N CYS A 133 0.62 16.44 13.24
CA CYS A 133 -0.62 16.01 12.58
C CYS A 133 -0.60 14.51 12.33
N VAL A 134 -1.27 13.76 13.19
CA VAL A 134 -1.34 12.31 13.06
C VAL A 134 -1.94 11.88 11.72
N GLN A 135 -2.70 12.78 11.10
CA GLN A 135 -3.32 12.51 9.81
C GLN A 135 -2.24 12.47 8.72
N ALA A 136 -1.34 13.45 8.77
CA ALA A 136 -0.25 13.53 7.80
C ALA A 136 0.79 12.45 8.05
N ARG A 137 1.06 12.14 9.32
CA ARG A 137 2.02 11.09 9.66
C ARG A 137 1.58 9.76 9.09
N ALA A 138 0.36 9.37 9.44
CA ALA A 138 -0.25 8.13 8.92
C ALA A 138 -0.10 8.01 7.41
N ALA A 139 -0.28 9.12 6.69
CA ALA A 139 -0.15 9.14 5.25
C ALA A 139 1.30 8.86 4.81
N LEU A 140 2.26 9.47 5.50
CA LEU A 140 3.67 9.29 5.18
C LEU A 140 4.12 7.88 5.55
N ASP A 141 3.82 7.47 6.79
CA ASP A 141 4.15 6.14 7.31
C ASP A 141 3.62 4.97 6.46
N LYS A 142 2.78 5.37 5.53
CA LYS A 142 2.18 4.48 4.52
C LYS A 142 3.21 4.26 3.39
N ALA A 143 3.69 5.38 2.84
CA ALA A 143 4.64 5.43 1.71
C ALA A 143 6.09 5.07 2.08
N THR A 144 6.42 5.28 3.34
CA THR A 144 7.76 5.04 3.82
C THR A 144 8.22 3.61 3.54
N VAL A 145 7.35 2.65 3.81
CA VAL A 145 7.66 1.24 3.58
C VAL A 145 7.35 0.81 2.13
N LEU A 146 6.37 1.50 1.52
CA LEU A 146 5.89 1.19 0.16
C LEU A 146 7.01 1.08 -0.88
N LEU A 147 8.01 1.93 -0.75
CA LEU A 147 9.14 1.92 -1.67
C LEU A 147 9.89 0.59 -1.59
N SER A 148 9.93 0.03 -0.39
CA SER A 148 10.60 -1.24 -0.14
C SER A 148 9.75 -2.40 -0.67
N MET A 149 8.45 -2.16 -0.79
CA MET A 149 7.53 -3.18 -1.28
C MET A 149 7.60 -3.25 -2.79
N SER A 150 7.84 -2.11 -3.42
CA SER A 150 7.94 -2.03 -4.87
C SER A 150 9.34 -2.44 -5.33
N LYS A 151 10.19 -2.75 -4.36
CA LYS A 151 11.55 -3.16 -4.63
C LYS A 151 11.87 -4.44 -3.88
N GLY A 152 11.25 -5.53 -4.31
CA GLY A 152 11.46 -6.81 -3.67
C GLY A 152 12.17 -7.78 -4.59
N GLY A 153 11.93 -9.06 -4.38
CA GLY A 153 12.56 -10.07 -5.21
C GLY A 153 11.91 -10.20 -6.57
N LYS A 154 12.58 -9.68 -7.59
CA LYS A 154 12.06 -9.75 -8.96
C LYS A 154 12.38 -11.13 -9.54
N ARG A 155 13.22 -11.88 -8.83
CA ARG A 155 13.62 -13.22 -9.22
C ARG A 155 12.42 -14.14 -9.37
N LYS A 156 11.36 -13.85 -8.61
CA LYS A 156 10.15 -14.65 -8.63
C LYS A 156 9.35 -14.47 -9.92
N ASP A 157 9.42 -13.29 -10.51
CA ASP A 157 8.69 -13.00 -11.74
C ASP A 157 9.52 -13.41 -12.94
N SER A 158 9.33 -14.65 -13.40
CA SER A 158 10.06 -15.16 -14.54
C SER A 158 9.13 -15.60 -15.67
N VAL A 159 8.50 -16.76 -15.49
CA VAL A 159 7.61 -17.32 -16.51
C VAL A 159 6.21 -16.73 -16.48
N TRP A 160 5.94 -15.85 -15.53
CA TRP A 160 4.62 -15.23 -15.41
C TRP A 160 4.41 -14.16 -16.47
N GLY A 161 4.09 -14.58 -17.69
CA GLY A 161 3.86 -13.64 -18.77
C GLY A 161 2.65 -14.01 -19.59
N SER A 162 1.59 -14.45 -18.91
CA SER A 162 0.35 -14.83 -19.57
C SER A 162 -0.27 -13.65 -20.32
N GLY A 163 -0.78 -13.93 -21.52
CA GLY A 163 -1.39 -12.89 -22.32
C GLY A 163 -2.82 -13.23 -22.69
N GLY B 1 -5.76 -13.13 -22.15
CA GLY B 1 -6.68 -12.05 -21.71
C GLY B 1 -7.35 -11.40 -22.90
N GLY B 2 -8.18 -10.42 -22.63
CA GLY B 2 -8.87 -9.73 -23.69
C GLY B 2 -8.17 -8.44 -24.07
N GLN B 3 -8.69 -7.32 -23.60
CA GLN B 3 -8.10 -6.02 -23.89
C GLN B 3 -6.83 -5.81 -23.07
N GLN B 4 -6.98 -5.68 -21.76
CA GLN B 4 -5.84 -5.48 -20.86
C GLN B 4 -6.13 -6.08 -19.49
N PRO B 5 -5.27 -7.01 -19.04
CA PRO B 5 -5.43 -7.66 -17.74
C PRO B 5 -5.11 -6.73 -16.57
N VAL B 6 -5.65 -7.05 -15.40
CA VAL B 6 -5.42 -6.24 -14.21
C VAL B 6 -4.19 -6.74 -13.45
N ASN B 7 -4.06 -6.32 -12.20
CA ASN B 7 -2.93 -6.75 -11.38
C ASN B 7 -3.12 -8.20 -10.94
N HIS B 8 -2.06 -8.82 -10.42
CA HIS B 8 -2.14 -10.22 -10.00
C HIS B 8 -0.92 -10.65 -9.19
N LEU B 9 -1.18 -11.10 -7.97
CA LEU B 9 -0.14 -11.59 -7.04
C LEU B 9 0.84 -10.50 -6.57
N VAL B 10 1.45 -9.81 -7.52
CA VAL B 10 2.42 -8.76 -7.23
C VAL B 10 1.78 -7.59 -6.49
N LYS B 11 2.39 -7.21 -5.37
CA LYS B 11 1.92 -6.11 -4.53
C LYS B 11 0.71 -6.47 -3.68
N GLU B 12 0.01 -7.54 -4.04
CA GLU B 12 -1.16 -7.96 -3.30
C GLU B 12 -0.78 -8.58 -1.95
N ILE B 13 -0.32 -9.82 -1.97
CA ILE B 13 0.04 -10.52 -0.74
C ILE B 13 1.26 -9.94 -0.04
N ASP B 14 2.35 -9.74 -0.79
CA ASP B 14 3.60 -9.23 -0.21
C ASP B 14 3.40 -7.93 0.57
N MET B 15 2.90 -6.90 -0.12
CA MET B 15 2.62 -5.62 0.53
C MET B 15 1.72 -5.76 1.75
N LEU B 16 0.65 -6.54 1.64
CA LEU B 16 -0.29 -6.72 2.74
C LEU B 16 0.40 -7.19 4.02
N LEU B 17 1.38 -8.08 3.88
CA LEU B 17 2.12 -8.59 5.02
C LEU B 17 3.10 -7.53 5.53
N LYS B 18 3.77 -6.86 4.60
CA LYS B 18 4.74 -5.83 4.93
C LYS B 18 4.08 -4.59 5.54
N GLU B 19 2.82 -4.35 5.18
CA GLU B 19 2.05 -3.22 5.70
C GLU B 19 1.99 -3.29 7.21
N TYR B 20 1.95 -4.50 7.73
CA TYR B 20 1.92 -4.71 9.16
C TYR B 20 3.31 -4.60 9.79
N LEU B 21 4.37 -4.81 9.00
CA LEU B 21 5.75 -4.83 9.53
C LEU B 21 6.38 -3.47 9.95
N LEU B 22 6.87 -2.66 9.00
CA LEU B 22 7.48 -1.36 9.35
C LEU B 22 6.46 -0.26 9.58
N SER B 23 5.21 -0.65 9.52
CA SER B 23 4.12 0.26 9.74
C SER B 23 3.42 -0.14 11.03
N GLY B 24 2.11 -0.14 11.02
CA GLY B 24 1.38 -0.52 12.21
C GLY B 24 -0.05 -0.07 12.16
N ASP B 25 -0.71 -0.33 11.04
CA ASP B 25 -2.09 0.04 10.87
C ASP B 25 -2.95 -1.21 10.77
N ILE B 26 -3.92 -1.31 11.65
CA ILE B 26 -4.80 -2.46 11.66
C ILE B 26 -5.72 -2.45 10.43
N SER B 27 -6.59 -1.45 10.36
CA SER B 27 -7.54 -1.29 9.25
C SER B 27 -6.97 -1.53 7.85
N GLU B 28 -5.97 -0.76 7.47
CA GLU B 28 -5.36 -0.94 6.14
C GLU B 28 -4.98 -2.37 5.80
N ALA B 29 -4.51 -3.14 6.77
CA ALA B 29 -4.14 -4.52 6.51
C ALA B 29 -5.42 -5.33 6.27
N GLU B 30 -6.40 -5.10 7.13
CA GLU B 30 -7.68 -5.79 7.04
C GLU B 30 -8.53 -5.35 5.85
N HIS B 31 -8.27 -4.17 5.30
CA HIS B 31 -9.12 -3.65 4.21
C HIS B 31 -8.87 -4.34 2.86
N CYS B 32 -7.74 -3.98 2.23
CA CYS B 32 -7.38 -4.64 0.95
C CYS B 32 -7.46 -6.17 0.93
N LEU B 33 -7.10 -6.80 2.03
CA LEU B 33 -7.16 -8.25 2.11
C LEU B 33 -8.58 -8.72 1.81
N LYS B 34 -9.52 -8.03 2.39
CA LYS B 34 -10.95 -8.28 2.23
C LYS B 34 -11.52 -7.72 0.92
N GLU B 35 -10.74 -6.86 0.28
CA GLU B 35 -11.22 -6.17 -0.92
C GLU B 35 -10.98 -6.97 -2.21
N LEU B 36 -10.20 -8.06 -2.12
CA LEU B 36 -9.88 -8.90 -3.29
C LEU B 36 -11.12 -9.60 -3.89
N GLU B 37 -11.40 -10.85 -3.50
CA GLU B 37 -12.57 -11.54 -4.02
C GLU B 37 -12.93 -12.82 -3.28
N VAL B 38 -12.09 -13.85 -3.38
CA VAL B 38 -12.37 -15.10 -2.69
C VAL B 38 -11.45 -15.31 -1.50
N PRO B 39 -12.03 -15.58 -0.33
CA PRO B 39 -11.27 -15.79 0.90
C PRO B 39 -10.38 -17.03 0.82
N HIS B 40 -10.79 -18.00 0.00
CA HIS B 40 -10.03 -19.24 -0.17
C HIS B 40 -8.69 -18.97 -0.86
N PHE B 41 -8.58 -17.82 -1.53
CA PHE B 41 -7.35 -17.45 -2.23
C PHE B 41 -6.32 -16.81 -1.30
N HIS B 42 -6.72 -16.56 -0.05
CA HIS B 42 -5.83 -15.94 0.94
C HIS B 42 -4.69 -16.87 1.35
N HIS B 43 -5.04 -18.15 1.38
CA HIS B 43 -4.14 -19.24 1.82
C HIS B 43 -2.63 -19.02 1.74
N GLU B 44 -2.09 -18.38 0.69
CA GLU B 44 -0.65 -18.16 0.63
C GLU B 44 -0.18 -17.14 1.69
N LEU B 45 -1.11 -16.27 2.10
CA LEU B 45 -0.86 -15.17 3.05
C LEU B 45 -0.10 -15.56 4.33
N VAL B 46 -0.73 -16.34 5.23
CA VAL B 46 -0.01 -16.76 6.45
C VAL B 46 1.41 -17.23 6.21
N TYR B 47 1.56 -18.43 5.66
CA TYR B 47 2.90 -18.92 5.29
C TYR B 47 3.88 -17.85 4.84
N GLU B 48 3.49 -17.00 3.90
CA GLU B 48 4.38 -15.96 3.40
C GLU B 48 4.90 -15.04 4.52
N ALA B 49 4.13 -14.88 5.60
CA ALA B 49 4.55 -14.04 6.73
C ALA B 49 5.27 -14.91 7.76
N ILE B 50 4.55 -15.96 8.19
CA ILE B 50 5.05 -16.96 9.16
C ILE B 50 6.46 -17.45 8.83
N VAL B 51 6.78 -17.57 7.55
CA VAL B 51 8.11 -18.01 7.13
C VAL B 51 9.07 -16.81 7.11
N MET B 52 8.50 -15.60 7.00
CA MET B 52 9.28 -14.36 6.94
C MET B 52 10.16 -14.20 8.18
N VAL B 53 9.56 -14.33 9.38
CA VAL B 53 10.30 -14.22 10.64
C VAL B 53 11.56 -15.09 10.62
N LEU B 54 11.36 -16.39 10.48
CA LEU B 54 12.52 -17.30 10.41
C LEU B 54 13.62 -16.87 9.42
N GLU B 55 13.27 -16.08 8.41
CA GLU B 55 14.29 -15.62 7.47
C GLU B 55 14.85 -14.26 7.91
N SER B 56 14.05 -13.48 8.62
CA SER B 56 14.45 -12.15 9.09
C SER B 56 14.62 -12.12 10.60
N THR B 57 15.86 -12.12 11.05
CA THR B 57 16.17 -12.10 12.48
C THR B 57 15.74 -10.80 13.16
N GLY B 58 15.01 -10.95 14.26
CA GLY B 58 14.53 -9.81 15.01
C GLY B 58 13.28 -10.17 15.78
N GLU B 59 13.22 -9.79 17.05
CA GLU B 59 12.06 -10.09 17.89
C GLU B 59 10.84 -9.31 17.47
N SER B 60 11.06 -8.18 16.81
CA SER B 60 9.96 -7.34 16.34
C SER B 60 9.09 -8.12 15.35
N ALA B 61 9.72 -8.97 14.56
CA ALA B 61 9.01 -9.79 13.58
C ALA B 61 8.07 -10.79 14.25
N PHE B 62 8.63 -11.65 15.11
CA PHE B 62 7.85 -12.64 15.84
C PHE B 62 6.60 -12.05 16.49
N LYS B 63 6.72 -10.83 17.01
CA LYS B 63 5.60 -10.17 17.65
C LYS B 63 4.61 -9.57 16.63
N MET B 64 5.15 -8.99 15.55
CA MET B 64 4.34 -8.34 14.53
C MET B 64 3.60 -9.29 13.60
N ILE B 65 4.21 -10.43 13.29
CA ILE B 65 3.58 -11.38 12.38
C ILE B 65 2.48 -12.15 13.10
N LEU B 66 2.84 -12.80 14.21
CA LEU B 66 1.87 -13.54 15.02
C LEU B 66 0.65 -12.68 15.39
N ASP B 67 0.89 -11.42 15.73
CA ASP B 67 -0.21 -10.52 16.09
C ASP B 67 -1.12 -10.28 14.90
N LEU B 68 -0.54 -10.22 13.70
CA LEU B 68 -1.29 -10.02 12.47
C LEU B 68 -2.37 -11.09 12.28
N LEU B 69 -1.96 -12.34 12.19
CA LEU B 69 -2.91 -13.44 12.00
C LEU B 69 -3.92 -13.53 13.14
N LYS B 70 -3.44 -13.48 14.38
CA LYS B 70 -4.32 -13.52 15.55
C LYS B 70 -5.46 -12.52 15.42
N SER B 71 -5.15 -11.31 14.97
CA SER B 71 -6.16 -10.28 14.77
C SER B 71 -7.16 -10.73 13.71
N LEU B 72 -6.64 -11.25 12.60
CA LEU B 72 -7.47 -11.73 11.50
C LEU B 72 -8.37 -12.88 11.95
N TRP B 73 -7.79 -13.90 12.58
CA TRP B 73 -8.54 -15.03 13.11
C TRP B 73 -9.64 -14.58 14.09
N LYS B 74 -9.45 -13.42 14.69
CA LYS B 74 -10.44 -12.89 15.62
C LYS B 74 -11.59 -12.27 14.85
N SER B 75 -11.24 -11.56 13.79
CA SER B 75 -12.22 -10.92 12.94
C SER B 75 -12.69 -11.83 11.79
N SER B 76 -12.52 -13.15 11.93
CA SER B 76 -12.92 -14.11 10.90
C SER B 76 -12.39 -13.76 9.51
N THR B 77 -11.09 -13.90 9.32
CA THR B 77 -10.46 -13.59 8.05
C THR B 77 -9.77 -14.83 7.45
N ILE B 78 -9.36 -15.75 8.31
CA ILE B 78 -8.67 -16.96 7.87
C ILE B 78 -9.48 -18.19 8.28
N THR B 79 -9.49 -19.20 7.43
CA THR B 79 -10.21 -20.43 7.70
C THR B 79 -9.23 -21.52 8.13
N ILE B 80 -9.74 -22.58 8.76
CA ILE B 80 -8.90 -23.67 9.23
C ILE B 80 -8.05 -24.31 8.13
N ASP B 81 -8.64 -24.57 6.97
CA ASP B 81 -7.90 -25.18 5.86
C ASP B 81 -6.81 -24.26 5.31
N GLN B 82 -7.17 -22.98 5.15
CA GLN B 82 -6.22 -21.97 4.68
C GLN B 82 -4.99 -21.92 5.58
N MET B 83 -5.24 -22.06 6.88
CA MET B 83 -4.17 -22.05 7.87
C MET B 83 -3.43 -23.37 7.85
N LYS B 84 -4.19 -24.46 7.73
CA LYS B 84 -3.63 -25.82 7.69
C LYS B 84 -2.53 -25.94 6.64
N ARG B 85 -2.86 -25.65 5.39
CA ARG B 85 -1.89 -25.73 4.30
C ARG B 85 -0.79 -24.69 4.49
N GLY B 86 -1.19 -23.59 5.12
CA GLY B 86 -0.25 -22.53 5.42
C GLY B 86 0.86 -23.03 6.30
N TYR B 87 0.49 -23.73 7.36
CA TYR B 87 1.45 -24.30 8.30
C TYR B 87 2.09 -25.58 7.78
N GLU B 88 1.31 -26.42 7.10
CA GLU B 88 1.81 -27.68 6.56
C GLU B 88 2.96 -27.47 5.58
N ARG B 89 2.93 -26.34 4.88
CA ARG B 89 3.98 -26.01 3.92
C ARG B 89 5.26 -25.61 4.65
N ILE B 90 5.12 -25.03 5.85
CA ILE B 90 6.27 -24.60 6.64
C ILE B 90 7.17 -25.80 6.92
N TYR B 91 6.57 -26.90 7.32
CA TYR B 91 7.31 -28.12 7.64
C TYR B 91 8.02 -28.67 6.41
N ASN B 92 7.47 -28.37 5.24
CA ASN B 92 8.05 -28.82 3.99
C ASN B 92 9.28 -27.98 3.64
N GLU B 93 9.24 -26.70 4.00
CA GLU B 93 10.35 -25.80 3.72
C GLU B 93 11.43 -25.91 4.80
N ILE B 94 11.05 -26.39 5.99
CA ILE B 94 11.99 -26.54 7.11
C ILE B 94 13.34 -27.16 6.71
N PRO B 95 13.36 -28.35 6.08
CA PRO B 95 14.61 -29.01 5.67
C PRO B 95 15.34 -28.19 4.61
N ASP B 96 14.60 -27.44 3.80
CA ASP B 96 15.19 -26.62 2.74
C ASP B 96 15.84 -25.37 3.30
N ILE B 97 15.26 -24.83 4.36
CA ILE B 97 15.78 -23.63 5.01
C ILE B 97 16.91 -23.98 5.97
N ASN B 98 16.71 -25.04 6.75
CA ASN B 98 17.69 -25.48 7.73
C ASN B 98 18.92 -26.07 7.07
N LEU B 99 18.69 -26.85 6.00
CA LEU B 99 19.78 -27.51 5.27
C LEU B 99 20.65 -28.32 6.21
N ASP B 100 20.02 -29.28 6.86
CA ASP B 100 20.68 -30.16 7.84
C ASP B 100 21.01 -29.42 9.13
N VAL B 101 21.21 -30.16 10.21
CA VAL B 101 21.53 -29.59 11.52
C VAL B 101 20.44 -28.62 11.98
N PRO B 102 19.30 -29.17 12.45
CA PRO B 102 18.15 -28.36 12.91
C PRO B 102 18.56 -27.36 13.98
N HIS B 103 18.40 -26.08 13.68
CA HIS B 103 18.77 -25.03 14.62
C HIS B 103 17.60 -24.08 14.93
N SER B 104 16.72 -23.88 13.95
CA SER B 104 15.57 -23.00 14.13
C SER B 104 14.38 -23.73 14.73
N TYR B 105 14.63 -24.89 15.31
CA TYR B 105 13.59 -25.69 15.92
C TYR B 105 12.99 -25.02 17.15
N SER B 106 13.80 -24.22 17.83
CA SER B 106 13.37 -23.52 19.04
C SER B 106 12.18 -22.60 18.74
N VAL B 107 12.33 -21.72 17.76
CA VAL B 107 11.24 -20.82 17.38
C VAL B 107 10.14 -21.60 16.69
N LEU B 108 10.55 -22.52 15.83
CA LEU B 108 9.60 -23.37 15.09
C LEU B 108 8.60 -24.01 16.04
N GLU B 109 9.10 -24.70 17.06
CA GLU B 109 8.25 -25.37 18.03
C GLU B 109 7.41 -24.39 18.83
N ARG B 110 8.04 -23.33 19.31
CA ARG B 110 7.33 -22.32 20.09
C ARG B 110 6.20 -21.69 19.28
N PHE B 111 6.54 -21.20 18.09
CA PHE B 111 5.57 -20.60 17.18
C PHE B 111 4.32 -21.48 17.06
N VAL B 112 4.55 -22.77 16.81
CA VAL B 112 3.46 -23.72 16.67
C VAL B 112 2.74 -23.97 18.00
N GLU B 113 3.50 -24.13 19.08
CA GLU B 113 2.90 -24.37 20.39
C GLU B 113 1.99 -23.22 20.82
N GLU B 114 2.48 -21.97 20.72
CA GLU B 114 1.69 -20.80 21.05
C GLU B 114 0.40 -20.77 20.21
N CYS B 115 0.56 -20.86 18.89
CA CYS B 115 -0.59 -20.86 17.98
C CYS B 115 -1.59 -21.95 18.39
N PHE B 116 -1.09 -23.13 18.71
CA PHE B 116 -1.94 -24.22 19.15
C PHE B 116 -2.69 -23.85 20.41
N GLN B 117 -1.97 -23.31 21.41
CA GLN B 117 -2.55 -22.91 22.68
C GLN B 117 -3.71 -21.93 22.48
N ALA B 118 -3.51 -20.96 21.60
CA ALA B 118 -4.54 -19.97 21.31
C ALA B 118 -5.84 -20.63 20.81
N GLY B 119 -5.71 -21.83 20.26
CA GLY B 119 -6.87 -22.54 19.78
C GLY B 119 -7.32 -22.05 18.43
N ILE B 120 -6.37 -21.77 17.55
CA ILE B 120 -6.69 -21.31 16.21
C ILE B 120 -6.35 -22.38 15.19
N ILE B 121 -5.89 -23.53 15.67
CA ILE B 121 -5.53 -24.64 14.82
C ILE B 121 -5.88 -25.94 15.52
N SER B 122 -6.24 -26.96 14.77
CA SER B 122 -6.60 -28.25 15.33
C SER B 122 -5.37 -29.01 15.82
N LYS B 123 -5.59 -30.04 16.62
CA LYS B 123 -4.51 -30.85 17.17
C LYS B 123 -3.75 -31.56 16.06
N GLN B 124 -4.46 -31.93 14.99
CA GLN B 124 -3.86 -32.62 13.85
C GLN B 124 -2.68 -31.85 13.27
N LEU B 125 -2.78 -30.52 13.23
CA LEU B 125 -1.72 -29.70 12.69
C LEU B 125 -0.49 -29.73 13.60
N ARG B 126 -0.76 -29.96 14.88
CA ARG B 126 0.31 -30.06 15.87
C ARG B 126 1.09 -31.36 15.64
N ASP B 127 0.41 -32.33 15.04
CA ASP B 127 1.01 -33.63 14.75
C ASP B 127 2.00 -33.55 13.59
N LEU B 128 1.65 -32.76 12.55
CA LEU B 128 2.53 -32.59 11.40
C LEU B 128 3.78 -31.82 11.81
N CYS B 129 3.64 -31.17 12.95
CA CYS B 129 4.71 -30.39 13.53
C CYS B 129 5.70 -31.32 14.22
N PRO B 130 6.97 -31.33 13.76
CA PRO B 130 8.01 -32.18 14.34
C PRO B 130 8.31 -31.76 15.78
N SER B 131 7.60 -32.38 16.71
CA SER B 131 7.75 -32.08 18.13
C SER B 131 9.11 -32.56 18.64
N GLY A 1 2.36 30.87 -2.11
CA GLY A 1 1.50 31.71 -1.22
C GLY A 1 0.18 31.05 -0.95
N LEU A 2 -0.90 31.69 -1.36
CA LEU A 2 -2.24 31.17 -1.16
C LEU A 2 -3.06 31.34 -2.42
N PRO A 3 -3.53 30.23 -3.02
CA PRO A 3 -4.34 30.25 -4.25
C PRO A 3 -5.48 31.26 -4.19
N LEU A 4 -5.39 32.29 -5.01
CA LEU A 4 -6.40 33.35 -5.05
C LEU A 4 -7.73 32.85 -5.60
N ASP A 5 -8.75 32.92 -4.75
CA ASP A 5 -10.12 32.52 -5.10
C ASP A 5 -10.23 31.09 -5.63
N GLU A 6 -9.70 30.13 -4.89
CA GLU A 6 -9.77 28.72 -5.27
C GLU A 6 -11.18 28.18 -5.31
N ARG A 7 -12.14 28.93 -4.77
CA ARG A 7 -13.52 28.41 -4.72
C ARG A 7 -14.12 28.43 -6.12
N ALA A 8 -13.62 29.36 -6.89
CA ALA A 8 -14.01 29.51 -8.28
C ALA A 8 -13.28 28.49 -9.15
N PHE A 9 -12.14 27.99 -8.69
CA PHE A 9 -11.31 27.10 -9.51
C PHE A 9 -11.79 25.65 -9.61
N GLU A 10 -11.77 24.89 -8.50
CA GLU A 10 -12.21 23.49 -8.51
C GLU A 10 -13.59 23.22 -9.08
N LYS A 11 -14.55 24.01 -8.64
CA LYS A 11 -15.93 23.88 -9.09
C LYS A 11 -15.98 23.99 -10.61
N THR A 12 -15.18 24.90 -11.13
CA THR A 12 -15.12 25.12 -12.56
C THR A 12 -14.28 24.09 -13.32
N LEU A 13 -13.35 23.39 -12.65
CA LEU A 13 -12.47 22.42 -13.33
C LEU A 13 -12.90 20.96 -13.14
N THR A 14 -13.95 20.74 -12.35
CA THR A 14 -14.43 19.38 -12.04
C THR A 14 -14.72 18.49 -13.26
N PRO A 15 -15.54 18.95 -14.24
CA PRO A 15 -15.90 18.17 -15.44
C PRO A 15 -14.70 17.52 -16.13
N ILE A 16 -13.73 18.34 -16.52
CA ILE A 16 -12.50 17.87 -17.18
C ILE A 16 -11.81 16.77 -16.37
N ILE A 17 -11.90 16.89 -15.05
CA ILE A 17 -11.29 15.93 -14.16
C ILE A 17 -12.03 14.60 -14.21
N GLN A 18 -13.34 14.66 -13.99
CA GLN A 18 -14.19 13.46 -14.04
C GLN A 18 -14.03 12.68 -15.34
N GLU A 19 -13.97 13.40 -16.45
CA GLU A 19 -13.84 12.78 -17.77
C GLU A 19 -12.50 12.04 -17.86
N TYR A 20 -11.44 12.71 -17.43
CA TYR A 20 -10.10 12.14 -17.41
C TYR A 20 -10.07 10.70 -16.90
N PHE A 21 -10.85 10.41 -15.86
CA PHE A 21 -10.86 9.07 -15.28
C PHE A 21 -11.54 8.07 -16.22
N GLU A 22 -12.65 8.50 -16.82
CA GLU A 22 -13.44 7.66 -17.72
C GLU A 22 -12.66 7.09 -18.91
N HIS A 23 -12.08 7.96 -19.72
CA HIS A 23 -11.34 7.48 -20.89
C HIS A 23 -9.83 7.49 -20.70
N GLY A 24 -9.34 8.46 -19.96
CA GLY A 24 -7.91 8.55 -19.71
C GLY A 24 -7.17 9.27 -20.81
N ASP A 25 -7.09 10.59 -20.69
CA ASP A 25 -6.38 11.41 -21.68
C ASP A 25 -5.76 12.64 -21.05
N THR A 26 -4.46 12.58 -20.81
CA THR A 26 -3.72 13.68 -20.22
C THR A 26 -3.50 14.81 -21.23
N ASN A 27 -3.70 14.50 -22.52
CA ASN A 27 -3.49 15.47 -23.58
C ASN A 27 -4.41 16.68 -23.44
N GLU A 28 -5.70 16.41 -23.24
CA GLU A 28 -6.69 17.48 -23.10
C GLU A 28 -6.43 18.24 -21.81
N VAL A 29 -5.92 17.50 -20.83
CA VAL A 29 -5.58 18.07 -19.54
C VAL A 29 -4.56 19.20 -19.72
N ALA A 30 -3.44 18.88 -20.36
CA ALA A 30 -2.40 19.87 -20.64
C ALA A 30 -2.91 20.94 -21.60
N GLU A 31 -3.82 20.50 -22.47
CA GLU A 31 -4.42 21.39 -23.47
C GLU A 31 -5.16 22.54 -22.81
N MET A 32 -5.97 22.23 -21.82
CA MET A 32 -6.74 23.25 -21.10
C MET A 32 -5.90 24.06 -20.12
N LEU A 33 -4.90 23.42 -19.51
CA LEU A 33 -4.03 24.11 -18.55
C LEU A 33 -3.36 25.32 -19.19
N ARG A 34 -2.62 25.06 -20.28
CA ARG A 34 -1.94 26.13 -21.03
C ARG A 34 -2.88 27.27 -21.40
N ASP A 35 -4.17 26.98 -21.47
CA ASP A 35 -5.15 28.00 -21.81
C ASP A 35 -5.39 28.87 -20.58
N LEU A 36 -5.71 28.22 -19.48
CA LEU A 36 -5.94 28.91 -18.21
C LEU A 36 -4.73 29.79 -17.86
N ASN A 37 -3.56 29.16 -17.73
CA ASN A 37 -2.31 29.86 -17.44
C ASN A 37 -2.26 30.40 -16.01
N LEU A 38 -1.73 29.59 -15.10
CA LEU A 38 -1.60 29.98 -13.70
C LEU A 38 -0.27 29.50 -13.13
N GLY A 39 0.24 30.24 -12.14
CA GLY A 39 1.50 29.88 -11.51
C GLY A 39 1.33 28.84 -10.42
N GLU A 40 1.42 29.27 -9.17
CA GLU A 40 1.27 28.35 -8.02
C GLU A 40 -0.14 27.78 -7.98
N MET A 41 -1.09 28.52 -8.53
CA MET A 41 -2.48 28.10 -8.56
C MET A 41 -2.64 26.85 -9.42
N LYS A 42 -1.75 26.70 -10.39
CA LYS A 42 -1.77 25.56 -11.29
C LYS A 42 -1.49 24.26 -10.54
N SER A 43 -0.75 24.36 -9.43
CA SER A 43 -0.42 23.20 -8.63
C SER A 43 -1.71 22.60 -8.04
N GLY A 44 -2.71 23.46 -7.83
CA GLY A 44 -3.98 23.01 -7.29
C GLY A 44 -4.64 21.93 -8.14
N VAL A 45 -4.60 22.07 -9.46
CA VAL A 45 -5.20 21.09 -10.40
C VAL A 45 -5.00 19.62 -10.00
N PRO A 46 -3.75 19.11 -9.93
CA PRO A 46 -3.52 17.71 -9.56
C PRO A 46 -4.06 17.40 -8.17
N VAL A 47 -3.96 18.36 -7.26
CA VAL A 47 -4.43 18.19 -5.88
C VAL A 47 -5.91 17.81 -5.86
N LEU A 48 -6.72 18.52 -6.66
CA LEU A 48 -8.15 18.25 -6.72
C LEU A 48 -8.43 16.83 -7.20
N ALA A 49 -7.98 16.51 -8.42
CA ALA A 49 -8.14 15.17 -8.98
C ALA A 49 -7.67 14.11 -8.00
N VAL A 50 -6.50 14.34 -7.43
CA VAL A 50 -5.93 13.44 -6.43
C VAL A 50 -6.91 13.23 -5.27
N SER A 51 -7.41 14.34 -4.72
CA SER A 51 -8.37 14.30 -3.61
C SER A 51 -9.62 13.50 -3.99
N LEU A 52 -10.22 13.84 -5.13
CA LEU A 52 -11.42 13.15 -5.61
C LEU A 52 -11.14 11.67 -5.83
N ALA A 53 -10.06 11.40 -6.54
CA ALA A 53 -9.62 10.01 -6.78
C ALA A 53 -9.57 9.17 -5.50
N LEU A 54 -9.60 9.81 -4.35
CA LEU A 54 -9.59 9.13 -3.07
C LEU A 54 -11.01 8.77 -2.59
N GLU A 55 -12.03 8.98 -3.44
CA GLU A 55 -13.41 8.71 -3.01
C GLU A 55 -13.99 7.41 -3.61
N GLY A 56 -13.84 7.23 -4.92
CA GLY A 56 -14.38 6.02 -5.55
C GLY A 56 -13.54 4.77 -5.39
N LYS A 57 -13.48 3.99 -6.46
CA LYS A 57 -12.73 2.74 -6.47
C LYS A 57 -11.23 2.99 -6.46
N ALA A 58 -10.47 1.94 -6.21
CA ALA A 58 -9.01 2.02 -6.17
C ALA A 58 -8.45 2.37 -7.55
N SER A 59 -9.15 1.93 -8.59
CA SER A 59 -8.76 2.19 -9.97
C SER A 59 -8.74 3.70 -10.24
N HIS A 60 -9.44 4.43 -9.38
CA HIS A 60 -9.54 5.87 -9.53
C HIS A 60 -8.24 6.56 -9.12
N ARG A 61 -7.52 5.95 -8.19
CA ARG A 61 -6.25 6.50 -7.71
C ARG A 61 -5.17 6.35 -8.76
N GLU A 62 -4.88 5.10 -9.13
CA GLU A 62 -3.89 4.80 -10.17
C GLU A 62 -4.06 5.63 -11.44
N MET A 63 -5.30 5.88 -11.84
CA MET A 63 -5.55 6.68 -13.03
C MET A 63 -4.87 8.04 -12.92
N THR A 64 -5.01 8.68 -11.77
CA THR A 64 -4.39 9.97 -11.52
C THR A 64 -2.87 9.93 -11.65
N SER A 65 -2.23 8.86 -11.19
CA SER A 65 -0.77 8.73 -11.30
C SER A 65 -0.27 8.84 -12.74
N LYS A 66 -1.13 8.51 -13.69
CA LYS A 66 -0.79 8.60 -15.10
C LYS A 66 -0.64 10.08 -15.46
N LEU A 67 -1.30 10.90 -14.65
CA LEU A 67 -1.31 12.34 -14.83
C LEU A 67 -0.04 13.03 -14.30
N LEU A 68 0.61 12.40 -13.30
CA LEU A 68 1.78 13.02 -12.62
C LEU A 68 2.97 13.40 -13.51
N SER A 69 3.69 12.41 -14.03
CA SER A 69 4.86 12.67 -14.88
C SER A 69 4.41 13.24 -16.22
N ASP A 70 3.27 12.75 -16.65
CA ASP A 70 2.65 13.18 -17.89
C ASP A 70 2.63 14.72 -17.92
N LEU A 71 2.21 15.32 -16.81
CA LEU A 71 2.19 16.78 -16.71
C LEU A 71 3.55 17.34 -16.26
N CYS A 72 4.19 16.65 -15.30
CA CYS A 72 5.50 17.09 -14.75
C CYS A 72 6.62 17.01 -15.78
N GLY A 73 7.01 18.16 -16.29
CA GLY A 73 8.06 18.22 -17.29
C GLY A 73 7.50 18.81 -18.55
N THR A 74 6.17 18.75 -18.64
CA THR A 74 5.46 19.28 -19.78
C THR A 74 4.90 20.65 -19.43
N VAL A 75 3.80 20.68 -18.69
CA VAL A 75 3.17 21.93 -18.30
C VAL A 75 3.27 22.19 -16.81
N MET A 76 3.85 21.26 -16.07
CA MET A 76 3.99 21.41 -14.63
C MET A 76 5.48 21.31 -14.31
N SER A 77 5.97 22.19 -13.46
CA SER A 77 7.39 22.21 -13.14
C SER A 77 7.80 21.21 -12.06
N THR A 78 9.11 21.08 -11.91
CA THR A 78 9.71 20.20 -10.94
C THR A 78 9.35 20.63 -9.52
N THR A 79 9.37 21.93 -9.31
CA THR A 79 9.02 22.51 -8.02
C THR A 79 7.52 22.42 -7.77
N ASP A 80 6.74 22.55 -8.85
CA ASP A 80 5.28 22.45 -8.77
C ASP A 80 4.84 21.19 -8.04
N VAL A 81 5.51 20.08 -8.32
CA VAL A 81 5.17 18.81 -7.68
C VAL A 81 5.54 18.79 -6.20
N GLU A 82 6.62 19.49 -5.85
CA GLU A 82 7.05 19.58 -4.46
C GLU A 82 5.92 20.22 -3.66
N LYS A 83 5.31 21.24 -4.29
CA LYS A 83 4.18 21.95 -3.71
C LYS A 83 2.90 21.13 -3.81
N SER A 84 2.75 20.41 -4.92
CA SER A 84 1.56 19.60 -5.17
C SER A 84 1.02 18.84 -3.96
N PHE A 85 1.82 18.08 -3.24
CA PHE A 85 1.31 17.34 -2.12
C PHE A 85 1.07 18.19 -0.87
N ASP A 86 1.74 19.35 -0.76
CA ASP A 86 1.63 20.20 0.44
C ASP A 86 0.18 20.39 0.88
N LYS A 87 -0.66 20.87 -0.04
CA LYS A 87 -2.07 21.08 0.23
C LYS A 87 -2.78 19.77 0.55
N LEU A 88 -2.33 18.70 -0.09
CA LEU A 88 -2.90 17.38 0.14
C LEU A 88 -2.63 16.95 1.57
N LEU A 89 -1.53 17.44 2.10
CA LEU A 89 -1.12 17.15 3.46
C LEU A 89 -1.79 18.08 4.48
N LYS A 90 -1.93 19.35 4.09
CA LYS A 90 -2.51 20.38 4.96
C LYS A 90 -4.03 20.37 5.02
N ASP A 91 -4.67 20.63 3.88
CA ASP A 91 -6.13 20.67 3.83
C ASP A 91 -6.80 19.31 3.78
N LEU A 92 -6.05 18.22 3.95
CA LEU A 92 -6.63 16.88 3.91
C LEU A 92 -7.53 16.60 5.12
N PRO A 93 -7.11 17.00 6.35
CA PRO A 93 -7.84 16.81 7.60
C PRO A 93 -9.35 16.60 7.51
N GLU A 94 -10.11 17.38 6.73
CA GLU A 94 -11.55 17.19 6.69
C GLU A 94 -11.92 15.95 5.88
N LEU A 95 -11.44 15.87 4.64
CA LEU A 95 -11.68 14.69 3.80
C LEU A 95 -11.33 13.38 4.50
N ALA A 96 -10.37 13.43 5.40
CA ALA A 96 -9.95 12.25 6.14
C ALA A 96 -11.10 11.69 6.98
N LEU A 97 -12.00 12.59 7.38
CA LEU A 97 -13.15 12.24 8.20
C LEU A 97 -14.14 11.31 7.53
N ASP A 98 -14.49 11.56 6.26
CA ASP A 98 -15.49 10.75 5.58
C ASP A 98 -14.92 9.38 5.21
N THR A 99 -13.75 9.37 4.61
CA THR A 99 -13.12 8.10 4.31
C THR A 99 -11.80 7.99 5.04
N PRO A 100 -11.79 7.27 6.18
CA PRO A 100 -10.58 7.08 6.99
C PRO A 100 -9.46 6.40 6.20
N ARG A 101 -9.84 5.74 5.11
CA ARG A 101 -8.86 5.07 4.27
C ARG A 101 -8.08 6.09 3.45
N ALA A 102 -8.72 7.17 3.02
CA ALA A 102 -8.07 8.23 2.22
C ALA A 102 -6.74 8.74 2.79
N PRO A 103 -6.71 9.27 4.05
CA PRO A 103 -5.45 9.78 4.65
C PRO A 103 -4.44 8.65 4.82
N GLN A 104 -4.97 7.45 4.81
CA GLN A 104 -4.14 6.28 4.93
C GLN A 104 -3.56 5.92 3.55
N LEU A 105 -4.36 6.18 2.52
CA LEU A 105 -3.98 5.91 1.13
C LEU A 105 -3.00 6.94 0.55
N VAL A 106 -3.24 8.23 0.85
CA VAL A 106 -2.39 9.33 0.36
C VAL A 106 -0.89 9.05 0.23
N GLY A 107 -0.29 8.23 1.07
CA GLY A 107 1.13 7.96 0.92
C GLY A 107 1.43 7.33 -0.44
N GLN A 108 0.46 6.61 -0.97
CA GLN A 108 0.58 5.93 -2.26
C GLN A 108 1.11 6.87 -3.36
N PHE A 109 0.57 8.09 -3.39
CA PHE A 109 0.98 9.07 -4.38
C PHE A 109 2.36 9.61 -4.05
N ILE A 110 2.69 9.61 -2.78
CA ILE A 110 3.98 10.10 -2.27
C ILE A 110 5.05 9.01 -2.45
N ALA A 111 4.56 7.78 -2.52
CA ALA A 111 5.40 6.59 -2.65
C ALA A 111 5.90 6.48 -4.09
N ARG A 112 4.94 6.46 -5.01
CA ARG A 112 5.21 6.37 -6.45
C ARG A 112 5.95 7.62 -6.93
N ALA A 113 5.81 8.68 -6.15
CA ALA A 113 6.39 9.99 -6.48
C ALA A 113 7.89 9.90 -6.77
N VAL A 114 8.59 9.06 -6.00
CA VAL A 114 10.03 8.92 -6.16
C VAL A 114 10.42 8.28 -7.49
N GLY A 115 9.96 7.06 -7.74
CA GLY A 115 10.26 6.39 -9.00
C GLY A 115 9.69 7.11 -10.20
N ASP A 116 8.44 7.52 -10.06
CA ASP A 116 7.75 8.25 -11.11
C ASP A 116 8.65 9.38 -11.63
N GLY A 117 9.22 10.13 -10.71
CA GLY A 117 10.14 11.18 -11.09
C GLY A 117 9.55 12.56 -10.92
N ILE A 118 8.54 12.66 -10.07
CA ILE A 118 7.87 13.93 -9.81
C ILE A 118 8.40 14.57 -8.53
N LEU A 119 8.79 13.73 -7.58
CA LEU A 119 9.29 14.22 -6.32
C LEU A 119 10.53 13.46 -5.88
N CYS A 120 11.27 14.01 -4.94
CA CYS A 120 12.46 13.38 -4.42
C CYS A 120 12.12 12.72 -3.09
N ASN A 121 12.87 11.69 -2.73
CA ASN A 121 12.63 10.98 -1.48
C ASN A 121 12.99 11.84 -0.26
N THR A 122 13.66 12.95 -0.51
CA THR A 122 14.07 13.87 0.53
C THR A 122 12.88 14.34 1.37
N TYR A 123 11.78 14.67 0.71
CA TYR A 123 10.56 15.13 1.39
C TYR A 123 10.18 14.26 2.58
N ILE A 124 10.30 12.95 2.42
CA ILE A 124 9.97 12.01 3.48
C ILE A 124 10.83 12.28 4.70
N ASP A 125 12.13 12.46 4.48
CA ASP A 125 13.07 12.73 5.56
C ASP A 125 12.93 14.16 6.09
N SER A 126 12.46 15.06 5.24
CA SER A 126 12.27 16.46 5.64
C SER A 126 11.13 16.58 6.63
N TYR A 127 10.13 15.71 6.49
CA TYR A 127 8.99 15.70 7.39
C TYR A 127 9.09 14.47 8.30
N LYS A 128 10.32 13.99 8.49
CA LYS A 128 10.61 12.81 9.30
C LYS A 128 10.47 12.99 10.81
N GLY A 129 9.41 13.65 11.22
CA GLY A 129 9.18 13.85 12.64
C GLY A 129 8.79 15.28 12.91
N THR A 130 9.01 16.10 11.92
CA THR A 130 8.71 17.51 11.98
C THR A 130 7.26 17.79 11.55
N VAL A 131 6.34 16.96 12.03
CA VAL A 131 4.92 17.11 11.69
C VAL A 131 4.09 17.14 12.96
N ASP A 132 3.14 18.07 13.01
CA ASP A 132 2.26 18.21 14.18
C ASP A 132 0.97 17.41 14.02
N CYS A 133 0.43 17.40 12.81
CA CYS A 133 -0.80 16.67 12.52
C CYS A 133 -0.55 15.16 12.42
N VAL A 134 -1.51 14.38 12.92
CA VAL A 134 -1.39 12.92 12.90
C VAL A 134 -1.62 12.32 11.52
N GLN A 135 -2.58 12.84 10.77
CA GLN A 135 -2.88 12.30 9.44
C GLN A 135 -1.74 12.60 8.47
N ALA A 136 -1.16 13.78 8.63
CA ALA A 136 -0.04 14.20 7.82
C ALA A 136 1.14 13.27 8.07
N ARG A 137 1.16 12.70 9.27
CA ARG A 137 2.21 11.78 9.68
C ARG A 137 2.00 10.40 9.09
N ALA A 138 0.75 9.90 9.18
CA ALA A 138 0.41 8.56 8.71
C ALA A 138 0.60 8.39 7.21
N ALA A 139 0.18 9.38 6.43
CA ALA A 139 0.32 9.35 4.98
C ALA A 139 1.79 9.19 4.58
N LEU A 140 2.67 9.90 5.28
CA LEU A 140 4.09 9.82 5.02
C LEU A 140 4.65 8.47 5.41
N ASP A 141 4.05 7.89 6.46
CA ASP A 141 4.48 6.59 6.95
C ASP A 141 4.15 5.53 5.91
N LYS A 142 2.99 5.70 5.30
CA LYS A 142 2.52 4.78 4.25
C LYS A 142 3.54 4.69 3.11
N ALA A 143 4.02 5.85 2.64
CA ALA A 143 5.00 5.89 1.56
C ALA A 143 6.33 5.30 2.02
N THR A 144 6.69 5.67 3.25
CA THR A 144 7.93 5.20 3.87
C THR A 144 7.99 3.67 3.82
N VAL A 145 6.88 3.03 4.16
CA VAL A 145 6.80 1.57 4.13
C VAL A 145 6.67 1.05 2.68
N LEU A 146 5.89 1.77 1.87
CA LEU A 146 5.67 1.39 0.48
C LEU A 146 6.97 1.30 -0.32
N LEU A 147 7.94 2.12 0.05
CA LEU A 147 9.25 2.12 -0.61
C LEU A 147 9.89 0.73 -0.62
N SER A 148 9.88 0.06 0.53
CA SER A 148 10.47 -1.28 0.63
C SER A 148 9.61 -2.29 -0.11
N MET A 149 8.35 -1.95 -0.27
CA MET A 149 7.39 -2.81 -0.94
C MET A 149 7.41 -2.61 -2.46
N SER A 150 8.19 -1.64 -2.90
CA SER A 150 8.32 -1.33 -4.33
C SER A 150 9.15 -2.36 -5.09
N LYS A 151 10.26 -2.81 -4.51
CA LYS A 151 11.15 -3.78 -5.15
C LYS A 151 10.41 -5.07 -5.54
N GLY A 152 9.76 -5.68 -4.55
CA GLY A 152 9.03 -6.91 -4.79
C GLY A 152 7.84 -6.70 -5.70
N GLY A 153 7.86 -7.36 -6.85
CA GLY A 153 6.77 -7.22 -7.80
C GLY A 153 7.26 -6.77 -9.15
N LYS A 154 8.53 -6.40 -9.21
CA LYS A 154 9.14 -5.95 -10.45
C LYS A 154 9.80 -7.11 -11.17
N ARG A 155 8.98 -7.88 -11.90
CA ARG A 155 9.50 -9.03 -12.63
C ARG A 155 9.24 -8.87 -14.13
N LYS A 156 7.98 -8.98 -14.53
CA LYS A 156 7.60 -8.84 -15.92
C LYS A 156 7.17 -7.42 -16.22
N ASP A 157 8.08 -6.64 -16.79
CA ASP A 157 7.79 -5.26 -17.13
C ASP A 157 7.23 -5.15 -18.54
N SER A 158 7.90 -5.79 -19.49
CA SER A 158 7.49 -5.77 -20.87
C SER A 158 6.39 -6.79 -21.18
N VAL A 159 5.15 -6.33 -21.13
CA VAL A 159 4.00 -7.20 -21.40
C VAL A 159 3.15 -6.61 -22.52
N TRP A 160 3.78 -5.81 -23.37
CA TRP A 160 3.10 -5.17 -24.48
C TRP A 160 3.16 -6.05 -25.72
N GLY A 161 2.17 -5.90 -26.59
CA GLY A 161 2.14 -6.69 -27.81
C GLY A 161 1.01 -7.69 -27.84
N SER A 162 0.25 -7.76 -26.76
CA SER A 162 -0.88 -8.68 -26.67
C SER A 162 -2.15 -8.03 -27.21
N GLY A 163 -2.45 -6.83 -26.70
CA GLY A 163 -3.63 -6.12 -27.13
C GLY A 163 -4.90 -6.74 -26.58
N GLY B 1 -5.30 -8.89 -24.31
CA GLY B 1 -4.37 -8.80 -23.17
C GLY B 1 -4.72 -7.67 -22.22
N GLY B 2 -5.14 -6.54 -22.79
CA GLY B 2 -5.50 -5.39 -21.98
C GLY B 2 -6.78 -5.60 -21.21
N GLN B 3 -7.68 -6.41 -21.76
CA GLN B 3 -8.96 -6.69 -21.09
C GLN B 3 -8.82 -7.84 -20.10
N GLN B 4 -7.72 -7.86 -19.38
CA GLN B 4 -7.44 -8.88 -18.39
C GLN B 4 -7.16 -8.21 -17.05
N PRO B 5 -7.45 -8.91 -15.94
CA PRO B 5 -7.22 -8.39 -14.58
C PRO B 5 -5.85 -7.71 -14.45
N VAL B 6 -5.87 -6.50 -13.90
CA VAL B 6 -4.64 -5.72 -13.73
C VAL B 6 -3.64 -6.37 -12.77
N ASN B 7 -4.14 -7.05 -11.75
CA ASN B 7 -3.25 -7.70 -10.79
C ASN B 7 -3.83 -9.02 -10.30
N HIS B 8 -2.95 -9.93 -9.91
CA HIS B 8 -3.36 -11.25 -9.43
C HIS B 8 -2.39 -11.80 -8.38
N LEU B 9 -2.61 -11.43 -7.12
CA LEU B 9 -1.80 -11.91 -6.00
C LEU B 9 -0.36 -11.40 -6.03
N VAL B 10 -0.08 -10.42 -6.88
CA VAL B 10 1.27 -9.88 -6.99
C VAL B 10 1.40 -8.59 -6.18
N LYS B 11 2.35 -8.59 -5.24
CA LYS B 11 2.61 -7.43 -4.39
C LYS B 11 1.58 -7.28 -3.25
N GLU B 12 0.34 -7.69 -3.51
CA GLU B 12 -0.72 -7.61 -2.51
C GLU B 12 -0.32 -8.36 -1.24
N ILE B 13 -0.01 -9.63 -1.41
CA ILE B 13 0.39 -10.49 -0.30
C ILE B 13 1.59 -9.90 0.45
N ASP B 14 2.62 -9.52 -0.31
CA ASP B 14 3.83 -8.96 0.28
C ASP B 14 3.53 -7.66 1.03
N MET B 15 2.81 -6.76 0.38
CA MET B 15 2.46 -5.46 0.96
C MET B 15 1.72 -5.59 2.28
N LEU B 16 0.67 -6.40 2.28
CA LEU B 16 -0.14 -6.60 3.47
C LEU B 16 0.72 -7.02 4.66
N LEU B 17 1.69 -7.88 4.39
CA LEU B 17 2.61 -8.35 5.42
C LEU B 17 3.69 -7.33 5.75
N LYS B 18 4.42 -6.88 4.72
CA LYS B 18 5.52 -5.94 4.89
C LYS B 18 5.13 -4.62 5.54
N GLU B 19 3.96 -4.08 5.19
CA GLU B 19 3.52 -2.81 5.76
C GLU B 19 3.26 -2.97 7.24
N TYR B 20 2.32 -3.84 7.57
CA TYR B 20 2.02 -4.15 8.96
C TYR B 20 3.28 -4.51 9.76
N LEU B 21 4.24 -5.13 9.08
CA LEU B 21 5.50 -5.49 9.73
C LEU B 21 6.35 -4.25 10.01
N LEU B 22 6.46 -3.38 9.02
CA LEU B 22 7.26 -2.16 9.16
C LEU B 22 6.61 -1.13 10.09
N SER B 23 5.54 -0.48 9.67
CA SER B 23 4.87 0.51 10.51
C SER B 23 4.13 -0.17 11.66
N GLY B 24 3.13 -0.96 11.31
CA GLY B 24 2.37 -1.67 12.31
C GLY B 24 0.95 -1.15 12.43
N ASP B 25 0.06 -1.67 11.60
CA ASP B 25 -1.33 -1.25 11.64
C ASP B 25 -2.25 -2.25 10.95
N ILE B 26 -2.94 -3.07 11.74
CA ILE B 26 -3.89 -4.05 11.20
C ILE B 26 -5.07 -3.33 10.56
N SER B 27 -5.37 -2.17 11.12
CA SER B 27 -6.46 -1.32 10.62
C SER B 27 -6.44 -1.20 9.10
N GLU B 28 -5.27 -0.87 8.54
CA GLU B 28 -5.12 -0.74 7.10
C GLU B 28 -4.95 -2.09 6.42
N ALA B 29 -4.20 -2.98 7.05
CA ALA B 29 -3.92 -4.30 6.50
C ALA B 29 -5.18 -5.15 6.33
N GLU B 30 -5.97 -5.25 7.39
CA GLU B 30 -7.20 -6.05 7.36
C GLU B 30 -8.18 -5.51 6.33
N HIS B 31 -8.23 -4.18 6.20
CA HIS B 31 -9.14 -3.54 5.25
C HIS B 31 -8.79 -3.91 3.81
N CYS B 32 -7.51 -3.84 3.46
CA CYS B 32 -7.07 -4.17 2.12
C CYS B 32 -7.22 -5.66 1.84
N LEU B 33 -6.92 -6.47 2.86
CA LEU B 33 -7.02 -7.92 2.74
C LEU B 33 -8.47 -8.33 2.46
N LYS B 34 -9.40 -7.59 3.03
CA LYS B 34 -10.83 -7.82 2.85
C LYS B 34 -11.30 -7.40 1.46
N GLU B 35 -10.55 -6.49 0.85
CA GLU B 35 -10.85 -5.96 -0.49
C GLU B 35 -10.56 -6.98 -1.60
N LEU B 36 -10.21 -8.19 -1.15
CA LEU B 36 -9.88 -9.31 -2.04
C LEU B 36 -11.09 -10.21 -2.31
N GLU B 37 -11.31 -10.52 -3.59
CA GLU B 37 -12.45 -11.35 -4.02
C GLU B 37 -12.12 -12.85 -3.99
N VAL B 38 -11.01 -13.22 -3.38
CA VAL B 38 -10.61 -14.62 -3.31
C VAL B 38 -10.28 -15.08 -1.89
N PRO B 39 -11.31 -15.43 -1.09
CA PRO B 39 -11.13 -15.90 0.28
C PRO B 39 -10.35 -17.21 0.35
N HIS B 40 -10.50 -18.05 -0.67
CA HIS B 40 -9.81 -19.33 -0.72
C HIS B 40 -8.33 -19.15 -1.05
N PHE B 41 -7.96 -17.97 -1.51
CA PHE B 41 -6.57 -17.68 -1.86
C PHE B 41 -5.83 -17.03 -0.69
N HIS B 42 -6.52 -16.93 0.45
CA HIS B 42 -5.95 -16.34 1.67
C HIS B 42 -4.82 -17.19 2.27
N HIS B 43 -4.55 -18.30 1.59
CA HIS B 43 -3.52 -19.28 1.99
C HIS B 43 -2.08 -18.73 1.90
N GLU B 44 -1.65 -18.38 0.68
CA GLU B 44 -0.29 -17.86 0.44
C GLU B 44 0.17 -16.76 1.39
N LEU B 45 -0.73 -15.82 1.67
CA LEU B 45 -0.42 -14.71 2.58
C LEU B 45 0.14 -15.22 3.90
N VAL B 46 -0.65 -16.06 4.56
CA VAL B 46 -0.26 -16.67 5.82
C VAL B 46 1.10 -17.36 5.73
N TYR B 47 1.27 -18.18 4.70
CA TYR B 47 2.52 -18.90 4.49
C TYR B 47 3.72 -17.98 4.38
N GLU B 48 3.56 -16.87 3.65
CA GLU B 48 4.65 -15.91 3.48
C GLU B 48 5.06 -15.32 4.82
N ALA B 49 4.06 -14.88 5.60
CA ALA B 49 4.31 -14.30 6.93
C ALA B 49 5.05 -15.30 7.82
N ILE B 50 4.60 -16.54 7.78
CA ILE B 50 5.24 -17.62 8.55
C ILE B 50 6.74 -17.61 8.26
N VAL B 51 7.08 -17.68 6.97
CA VAL B 51 8.47 -17.65 6.53
C VAL B 51 9.18 -16.38 7.00
N MET B 52 8.48 -15.24 6.95
CA MET B 52 9.05 -13.97 7.37
C MET B 52 9.54 -14.04 8.82
N VAL B 53 8.68 -14.55 9.69
CA VAL B 53 9.03 -14.73 11.11
C VAL B 53 10.40 -15.39 11.28
N LEU B 54 10.73 -16.30 10.39
CA LEU B 54 12.02 -16.99 10.45
C LEU B 54 13.09 -16.12 9.80
N GLU B 55 12.73 -15.55 8.65
CA GLU B 55 13.62 -14.69 7.89
C GLU B 55 13.80 -13.29 8.50
N SER B 56 13.44 -13.11 9.77
CA SER B 56 13.56 -11.80 10.40
C SER B 56 14.14 -11.93 11.81
N THR B 57 15.44 -11.66 11.92
CA THR B 57 16.14 -11.72 13.20
C THR B 57 15.68 -10.64 14.17
N GLY B 58 14.85 -11.02 15.13
CA GLY B 58 14.37 -10.07 16.10
C GLY B 58 13.03 -10.46 16.67
N GLU B 59 12.85 -10.24 17.97
CA GLU B 59 11.61 -10.58 18.65
C GLU B 59 10.46 -9.73 18.13
N SER B 60 10.77 -8.56 17.60
CA SER B 60 9.79 -7.66 17.04
C SER B 60 9.02 -8.33 15.92
N ALA B 61 9.74 -9.06 15.07
CA ALA B 61 9.13 -9.75 13.94
C ALA B 61 8.11 -10.79 14.41
N PHE B 62 8.47 -11.52 15.45
CA PHE B 62 7.59 -12.55 16.00
C PHE B 62 6.31 -11.93 16.55
N LYS B 63 6.45 -11.16 17.62
CA LYS B 63 5.32 -10.48 18.26
C LYS B 63 4.44 -9.71 17.26
N MET B 64 5.06 -9.15 16.22
CA MET B 64 4.32 -8.36 15.23
C MET B 64 3.54 -9.25 14.26
N ILE B 65 4.23 -10.17 13.60
CA ILE B 65 3.58 -11.05 12.64
C ILE B 65 2.58 -12.01 13.30
N LEU B 66 2.98 -12.62 14.41
CA LEU B 66 2.12 -13.55 15.12
C LEU B 66 0.80 -12.93 15.56
N ASP B 67 0.84 -11.65 15.91
CA ASP B 67 -0.38 -10.97 16.36
C ASP B 67 -1.35 -10.78 15.21
N LEU B 68 -0.82 -10.77 13.99
CA LEU B 68 -1.63 -10.60 12.79
C LEU B 68 -2.48 -11.85 12.54
N LEU B 69 -1.81 -13.01 12.58
CA LEU B 69 -2.47 -14.30 12.38
C LEU B 69 -3.74 -14.41 13.23
N LYS B 70 -3.62 -14.26 14.55
CA LYS B 70 -4.78 -14.31 15.44
C LYS B 70 -5.76 -13.17 15.15
N SER B 71 -5.21 -11.97 15.03
CA SER B 71 -6.01 -10.78 14.72
C SER B 71 -6.97 -11.04 13.56
N LEU B 72 -6.46 -11.68 12.51
CA LEU B 72 -7.27 -12.02 11.34
C LEU B 72 -8.47 -12.91 11.67
N TRP B 73 -8.35 -13.69 12.74
CA TRP B 73 -9.43 -14.60 13.16
C TRP B 73 -10.60 -13.84 13.78
N LYS B 74 -10.30 -12.90 14.68
CA LYS B 74 -11.34 -12.04 15.27
C LYS B 74 -12.17 -11.36 14.17
N SER B 75 -11.51 -11.13 13.05
CA SER B 75 -12.12 -10.52 11.87
C SER B 75 -12.39 -11.60 10.82
N SER B 76 -12.47 -12.84 11.34
CA SER B 76 -12.63 -14.07 10.56
C SER B 76 -12.30 -13.90 9.08
N THR B 77 -11.10 -13.40 8.81
CA THR B 77 -10.66 -13.12 7.45
C THR B 77 -10.01 -14.32 6.74
N ILE B 78 -9.47 -15.28 7.49
CA ILE B 78 -8.83 -16.41 6.87
C ILE B 78 -9.62 -17.70 7.11
N THR B 79 -9.33 -18.73 6.33
CA THR B 79 -10.03 -20.00 6.44
C THR B 79 -9.18 -21.06 7.13
N ILE B 80 -9.84 -22.09 7.62
CA ILE B 80 -9.16 -23.17 8.34
C ILE B 80 -8.25 -23.99 7.42
N ASP B 81 -8.81 -24.56 6.36
CA ASP B 81 -8.03 -25.35 5.40
C ASP B 81 -6.87 -24.56 4.80
N GLN B 82 -7.08 -23.26 4.63
CA GLN B 82 -6.05 -22.40 4.07
C GLN B 82 -4.90 -22.27 5.06
N MET B 83 -5.22 -21.81 6.26
CA MET B 83 -4.22 -21.67 7.32
C MET B 83 -3.44 -22.96 7.55
N LYS B 84 -4.15 -24.10 7.61
CA LYS B 84 -3.48 -25.39 7.81
C LYS B 84 -2.44 -25.60 6.72
N ARG B 85 -2.92 -25.68 5.48
CA ARG B 85 -2.06 -25.81 4.30
C ARG B 85 -0.85 -24.88 4.38
N GLY B 86 -1.07 -23.65 4.85
CA GLY B 86 0.01 -22.70 5.00
C GLY B 86 1.13 -23.22 5.88
N TYR B 87 0.75 -23.81 7.01
CA TYR B 87 1.71 -24.38 7.93
C TYR B 87 2.29 -25.65 7.34
N GLU B 88 1.40 -26.54 6.90
CA GLU B 88 1.77 -27.82 6.30
C GLU B 88 2.84 -27.64 5.22
N ARG B 89 2.74 -26.57 4.43
CA ARG B 89 3.72 -26.30 3.39
C ARG B 89 5.07 -25.92 4.01
N ILE B 90 5.03 -25.08 5.04
CA ILE B 90 6.23 -24.63 5.72
C ILE B 90 7.03 -25.81 6.30
N TYR B 91 6.32 -26.88 6.65
CA TYR B 91 6.96 -28.07 7.20
C TYR B 91 7.83 -28.74 6.13
N ASN B 92 7.49 -28.49 4.87
CA ASN B 92 8.23 -29.04 3.75
C ASN B 92 9.37 -28.10 3.38
N GLU B 93 9.20 -26.83 3.72
CA GLU B 93 10.21 -25.81 3.43
C GLU B 93 11.37 -25.92 4.41
N ILE B 94 11.07 -26.42 5.61
CA ILE B 94 12.09 -26.59 6.66
C ILE B 94 13.39 -27.23 6.13
N PRO B 95 13.33 -28.43 5.53
CA PRO B 95 14.53 -29.11 5.01
C PRO B 95 15.34 -28.24 4.02
N ASP B 96 14.64 -27.45 3.21
CA ASP B 96 15.30 -26.59 2.23
C ASP B 96 15.91 -25.34 2.87
N ILE B 97 15.19 -24.76 3.82
CA ILE B 97 15.65 -23.57 4.51
C ILE B 97 16.74 -23.91 5.54
N ASN B 98 16.49 -24.97 6.31
CA ASN B 98 17.44 -25.41 7.32
C ASN B 98 18.68 -26.00 6.69
N LEU B 99 18.47 -26.99 5.81
CA LEU B 99 19.58 -27.67 5.12
C LEU B 99 20.57 -28.20 6.15
N ASP B 100 20.10 -29.18 6.93
CA ASP B 100 20.89 -29.82 7.99
C ASP B 100 20.98 -28.90 9.21
N VAL B 101 21.29 -29.49 10.36
CA VAL B 101 21.40 -28.74 11.62
C VAL B 101 20.10 -27.99 11.92
N PRO B 102 19.08 -28.70 12.41
CA PRO B 102 17.78 -28.10 12.73
C PRO B 102 17.81 -27.34 14.05
N HIS B 103 18.46 -26.19 14.04
CA HIS B 103 18.56 -25.37 15.25
C HIS B 103 17.33 -24.48 15.42
N SER B 104 16.52 -24.42 14.39
CA SER B 104 15.31 -23.62 14.40
C SER B 104 14.13 -24.44 14.93
N TYR B 105 14.42 -25.64 15.44
CA TYR B 105 13.38 -26.51 15.97
C TYR B 105 12.65 -25.88 17.15
N SER B 106 13.40 -25.26 18.04
CA SER B 106 12.82 -24.59 19.20
C SER B 106 11.90 -23.48 18.73
N VAL B 107 12.43 -22.70 17.80
CA VAL B 107 11.70 -21.60 17.18
C VAL B 107 10.38 -22.10 16.59
N LEU B 108 10.46 -23.19 15.82
CA LEU B 108 9.30 -23.78 15.19
C LEU B 108 8.28 -24.30 16.21
N GLU B 109 8.76 -25.03 17.22
CA GLU B 109 7.87 -25.59 18.24
C GLU B 109 7.07 -24.51 18.94
N ARG B 110 7.78 -23.56 19.56
CA ARG B 110 7.14 -22.44 20.24
C ARG B 110 6.16 -21.72 19.30
N PHE B 111 6.60 -21.57 18.06
CA PHE B 111 5.78 -20.94 17.04
C PHE B 111 4.45 -21.66 16.93
N VAL B 112 4.51 -22.93 16.52
CA VAL B 112 3.33 -23.78 16.39
C VAL B 112 2.47 -23.87 17.66
N GLU B 113 3.09 -24.14 18.81
CA GLU B 113 2.32 -24.26 20.06
C GLU B 113 1.58 -22.96 20.39
N GLU B 114 2.32 -21.85 20.41
CA GLU B 114 1.71 -20.53 20.64
C GLU B 114 0.47 -20.31 19.77
N CYS B 115 0.48 -20.94 18.61
CA CYS B 115 -0.64 -20.84 17.67
C CYS B 115 -1.74 -21.84 18.09
N PHE B 116 -1.32 -23.08 18.30
CA PHE B 116 -2.20 -24.18 18.69
C PHE B 116 -3.08 -23.88 19.92
N GLN B 117 -2.46 -23.65 21.08
CA GLN B 117 -3.22 -23.34 22.31
C GLN B 117 -4.19 -22.17 22.14
N ALA B 118 -3.74 -21.17 21.38
CA ALA B 118 -4.56 -19.99 21.15
C ALA B 118 -5.96 -20.37 20.65
N GLY B 119 -6.08 -21.44 19.89
CA GLY B 119 -7.40 -21.90 19.50
C GLY B 119 -7.72 -21.67 18.04
N ILE B 120 -6.70 -21.52 17.22
CA ILE B 120 -6.91 -21.30 15.80
C ILE B 120 -6.73 -22.58 15.00
N ILE B 121 -5.84 -23.46 15.45
CA ILE B 121 -5.58 -24.71 14.76
C ILE B 121 -5.95 -25.93 15.60
N SER B 122 -6.24 -27.04 14.93
CA SER B 122 -6.62 -28.29 15.57
C SER B 122 -5.39 -29.16 15.86
N LYS B 123 -5.62 -30.24 16.59
CA LYS B 123 -4.55 -31.18 16.95
C LYS B 123 -3.96 -31.83 15.72
N GLN B 124 -4.78 -32.00 14.68
CA GLN B 124 -4.33 -32.62 13.43
C GLN B 124 -3.06 -31.96 12.91
N LEU B 125 -3.08 -30.65 12.78
CA LEU B 125 -1.92 -29.89 12.29
C LEU B 125 -0.79 -30.00 13.29
N ARG B 126 -1.15 -29.83 14.55
CA ARG B 126 -0.19 -29.93 15.64
C ARG B 126 0.60 -31.24 15.57
N ASP B 127 -0.08 -32.33 15.23
CA ASP B 127 0.56 -33.63 15.09
C ASP B 127 1.33 -33.72 13.76
N LEU B 128 0.83 -33.03 12.74
CA LEU B 128 1.45 -33.02 11.42
C LEU B 128 2.75 -32.23 11.36
N CYS B 129 3.41 -32.09 12.51
CA CYS B 129 4.65 -31.35 12.57
C CYS B 129 5.69 -32.13 13.39
N PRO B 130 6.98 -31.93 13.09
CA PRO B 130 8.08 -32.62 13.78
C PRO B 130 8.15 -32.24 15.26
N SER B 131 7.56 -33.06 16.10
CA SER B 131 7.55 -32.83 17.54
C SER B 131 8.96 -32.97 18.12
N GLY A 1 2.11 31.24 -2.54
CA GLY A 1 1.36 31.52 -1.30
C GLY A 1 -0.12 31.28 -1.46
N LEU A 2 -0.91 32.27 -1.08
CA LEU A 2 -2.36 32.17 -1.19
C LEU A 2 -2.82 32.46 -2.61
N PRO A 3 -3.69 31.60 -3.16
CA PRO A 3 -4.20 31.75 -4.51
C PRO A 3 -5.33 32.76 -4.61
N LEU A 4 -5.62 33.17 -5.84
CA LEU A 4 -6.68 34.11 -6.12
C LEU A 4 -7.74 33.41 -6.96
N ASP A 5 -9.01 33.75 -6.75
CA ASP A 5 -10.12 33.14 -7.49
C ASP A 5 -10.22 31.67 -7.13
N GLU A 6 -10.29 31.44 -5.83
CA GLU A 6 -10.35 30.09 -5.28
C GLU A 6 -11.69 29.43 -5.59
N ARG A 7 -12.76 30.15 -5.30
CA ARG A 7 -14.12 29.67 -5.50
C ARG A 7 -14.42 29.40 -6.98
N ALA A 8 -14.04 30.33 -7.85
CA ALA A 8 -14.30 30.18 -9.28
C ALA A 8 -13.52 29.01 -9.88
N PHE A 9 -12.21 29.01 -9.66
CA PHE A 9 -11.36 27.94 -10.15
C PHE A 9 -11.85 26.56 -9.74
N GLU A 10 -12.45 26.45 -8.56
CA GLU A 10 -12.96 25.16 -8.09
C GLU A 10 -14.17 24.73 -8.91
N LYS A 11 -14.91 25.72 -9.38
CA LYS A 11 -16.10 25.52 -10.19
C LYS A 11 -15.69 25.11 -11.62
N THR A 12 -14.58 25.68 -12.08
CA THR A 12 -14.06 25.38 -13.42
C THR A 12 -13.32 24.03 -13.50
N LEU A 13 -12.25 23.93 -12.69
CA LEU A 13 -11.41 22.73 -12.59
C LEU A 13 -12.19 21.47 -12.20
N THR A 14 -13.52 21.55 -12.11
CA THR A 14 -14.29 20.37 -11.73
C THR A 14 -14.59 19.42 -12.91
N PRO A 15 -15.36 19.90 -13.92
CA PRO A 15 -15.75 19.10 -15.08
C PRO A 15 -14.55 18.68 -15.93
N ILE A 16 -13.52 19.52 -15.95
CA ILE A 16 -12.31 19.22 -16.71
C ILE A 16 -11.71 17.89 -16.27
N ILE A 17 -11.70 17.68 -14.95
CA ILE A 17 -11.16 16.45 -14.39
C ILE A 17 -12.14 15.29 -14.58
N GLN A 18 -13.41 15.52 -14.22
CA GLN A 18 -14.46 14.51 -14.38
C GLN A 18 -14.52 13.98 -15.82
N GLU A 19 -14.17 14.84 -16.76
CA GLU A 19 -14.14 14.47 -18.17
C GLU A 19 -12.97 13.52 -18.43
N TYR A 20 -11.80 13.92 -17.95
CA TYR A 20 -10.61 13.10 -18.08
C TYR A 20 -10.84 11.70 -17.51
N PHE A 21 -11.51 11.62 -16.34
CA PHE A 21 -11.80 10.35 -15.71
C PHE A 21 -12.83 9.52 -16.49
N GLU A 22 -13.09 9.97 -17.72
CA GLU A 22 -14.02 9.30 -18.61
C GLU A 22 -13.29 8.63 -19.76
N HIS A 23 -12.38 9.38 -20.40
CA HIS A 23 -11.61 8.83 -21.51
C HIS A 23 -10.12 8.76 -21.19
N GLY A 24 -9.40 9.87 -21.37
CA GLY A 24 -7.99 9.87 -20.98
C GLY A 24 -7.08 10.56 -21.99
N ASP A 25 -6.91 11.86 -21.81
CA ASP A 25 -6.04 12.66 -22.66
C ASP A 25 -5.37 13.77 -21.87
N THR A 26 -4.06 13.73 -21.79
CA THR A 26 -3.29 14.73 -21.05
C THR A 26 -3.20 16.07 -21.84
N ASN A 27 -3.34 15.99 -23.15
CA ASN A 27 -3.22 17.15 -24.02
C ASN A 27 -4.20 18.27 -23.71
N GLU A 28 -5.51 17.98 -23.78
CA GLU A 28 -6.54 18.98 -23.49
C GLU A 28 -6.30 19.60 -22.11
N VAL A 29 -5.98 18.72 -21.17
CA VAL A 29 -5.69 19.13 -19.80
C VAL A 29 -4.60 20.22 -19.81
N ALA A 30 -3.50 19.93 -20.49
CA ALA A 30 -2.39 20.87 -20.60
C ALA A 30 -2.81 22.14 -21.34
N GLU A 31 -3.53 21.99 -22.45
CA GLU A 31 -3.99 23.13 -23.24
C GLU A 31 -4.80 24.10 -22.41
N MET A 32 -5.78 23.58 -21.67
CA MET A 32 -6.64 24.40 -20.84
C MET A 32 -5.83 25.13 -19.77
N LEU A 33 -4.86 24.43 -19.19
CA LEU A 33 -4.01 25.00 -18.16
C LEU A 33 -3.24 26.20 -18.71
N ARG A 34 -2.68 26.04 -19.90
CA ARG A 34 -1.93 27.12 -20.54
C ARG A 34 -2.83 28.34 -20.70
N ASP A 35 -3.96 28.16 -21.39
CA ASP A 35 -4.93 29.23 -21.60
C ASP A 35 -5.30 29.91 -20.29
N LEU A 36 -5.73 29.09 -19.34
CA LEU A 36 -6.10 29.57 -17.99
C LEU A 36 -5.06 30.51 -17.39
N ASN A 37 -3.78 30.22 -17.64
CA ASN A 37 -2.67 31.04 -17.12
C ASN A 37 -2.71 31.07 -15.60
N LEU A 38 -1.99 30.16 -14.97
CA LEU A 38 -1.98 30.08 -13.52
C LEU A 38 -0.59 30.35 -12.96
N GLY A 39 -0.53 31.20 -11.95
CA GLY A 39 0.74 31.53 -11.32
C GLY A 39 1.04 30.56 -10.20
N GLU A 40 0.62 30.90 -9.00
CA GLU A 40 0.85 30.05 -7.85
C GLU A 40 -0.27 29.01 -7.73
N MET A 41 -1.36 29.27 -8.45
CA MET A 41 -2.51 28.38 -8.45
C MET A 41 -2.21 27.09 -9.22
N LYS A 42 -0.99 26.98 -9.74
CA LYS A 42 -0.58 25.77 -10.47
C LYS A 42 -0.63 24.56 -9.56
N SER A 43 -0.45 24.80 -8.27
CA SER A 43 -0.49 23.74 -7.28
C SER A 43 -1.93 23.21 -7.18
N GLY A 44 -2.88 24.13 -7.00
CA GLY A 44 -4.30 23.78 -6.95
C GLY A 44 -4.84 23.02 -8.16
N VAL A 45 -3.95 22.53 -9.02
CA VAL A 45 -4.36 21.76 -10.20
C VAL A 45 -4.28 20.24 -9.96
N PRO A 46 -3.06 19.69 -9.71
CA PRO A 46 -2.89 18.25 -9.47
C PRO A 46 -3.68 17.76 -8.27
N VAL A 47 -3.47 18.37 -7.11
CA VAL A 47 -4.21 17.96 -5.91
C VAL A 47 -5.70 18.21 -6.03
N LEU A 48 -6.14 18.95 -7.05
CA LEU A 48 -7.57 19.19 -7.21
C LEU A 48 -8.10 18.03 -8.05
N ALA A 49 -7.16 17.46 -8.79
CA ALA A 49 -7.42 16.37 -9.70
C ALA A 49 -7.49 15.03 -8.99
N VAL A 50 -6.44 14.72 -8.23
CA VAL A 50 -6.34 13.43 -7.55
C VAL A 50 -7.23 13.35 -6.33
N SER A 51 -6.97 14.20 -5.33
CA SER A 51 -7.77 14.19 -4.11
C SER A 51 -9.26 14.31 -4.29
N LEU A 52 -9.73 14.95 -5.36
CA LEU A 52 -11.18 15.10 -5.54
C LEU A 52 -11.69 13.78 -6.09
N ALA A 53 -10.72 13.00 -6.57
CA ALA A 53 -10.95 11.73 -7.28
C ALA A 53 -11.03 10.46 -6.42
N LEU A 54 -10.50 10.55 -5.22
CA LEU A 54 -10.49 9.44 -4.29
C LEU A 54 -11.89 8.93 -3.87
N GLU A 55 -12.94 9.42 -4.58
CA GLU A 55 -14.36 9.14 -4.40
C GLU A 55 -15.07 7.99 -5.09
N GLY A 56 -14.59 6.78 -5.01
CA GLY A 56 -15.40 5.75 -5.63
C GLY A 56 -14.74 4.47 -5.93
N LYS A 57 -14.13 4.45 -7.06
CA LYS A 57 -13.38 3.29 -7.47
C LYS A 57 -11.93 3.62 -7.33
N ALA A 58 -11.21 2.77 -6.62
CA ALA A 58 -9.79 2.97 -6.39
C ALA A 58 -9.02 3.03 -7.70
N SER A 59 -9.42 2.17 -8.62
CA SER A 59 -8.81 2.07 -9.93
C SER A 59 -8.91 3.39 -10.70
N HIS A 60 -9.84 4.25 -10.30
CA HIS A 60 -10.05 5.51 -11.01
C HIS A 60 -8.83 6.43 -10.94
N ARG A 61 -8.38 6.73 -9.72
CA ARG A 61 -7.21 7.58 -9.49
C ARG A 61 -5.93 7.04 -10.10
N GLU A 62 -5.96 5.81 -10.59
CA GLU A 62 -4.74 5.21 -11.11
C GLU A 62 -4.39 5.93 -12.41
N MET A 63 -5.43 6.42 -13.09
CA MET A 63 -5.29 7.15 -14.34
C MET A 63 -4.71 8.54 -14.09
N THR A 64 -4.91 9.04 -12.87
CA THR A 64 -4.42 10.34 -12.46
C THR A 64 -2.91 10.29 -12.26
N SER A 65 -2.41 9.09 -12.08
CA SER A 65 -0.98 8.89 -11.85
C SER A 65 -0.26 9.16 -13.17
N LYS A 66 -0.91 8.70 -14.24
CA LYS A 66 -0.43 8.87 -15.59
C LYS A 66 -0.67 10.31 -16.04
N LEU A 67 -1.62 10.98 -15.39
CA LEU A 67 -1.97 12.34 -15.78
C LEU A 67 -0.87 13.28 -15.34
N LEU A 68 -0.47 13.14 -14.09
CA LEU A 68 0.56 13.95 -13.49
C LEU A 68 1.93 13.68 -14.10
N SER A 69 2.14 12.50 -14.67
CA SER A 69 3.45 12.15 -15.19
C SER A 69 4.01 13.20 -16.15
N ASP A 70 3.31 13.41 -17.28
CA ASP A 70 3.69 14.36 -18.30
C ASP A 70 3.49 15.81 -17.93
N LEU A 71 2.71 16.13 -16.88
CA LEU A 71 2.37 17.55 -16.64
C LEU A 71 3.56 18.31 -16.03
N CYS A 72 4.65 17.59 -15.84
CA CYS A 72 5.84 18.18 -15.23
C CYS A 72 6.87 18.53 -16.30
N GLY A 73 7.12 19.83 -16.46
CA GLY A 73 8.07 20.32 -17.45
C GLY A 73 7.38 20.76 -18.72
N THR A 74 6.11 20.38 -18.85
CA THR A 74 5.29 20.72 -20.00
C THR A 74 4.37 21.91 -19.66
N VAL A 75 4.03 21.99 -18.39
CA VAL A 75 3.15 23.06 -17.90
C VAL A 75 3.59 23.53 -16.52
N MET A 76 3.57 22.62 -15.54
CA MET A 76 3.99 22.96 -14.19
C MET A 76 5.44 22.55 -13.96
N SER A 77 6.01 22.96 -12.83
CA SER A 77 7.39 22.63 -12.54
C SER A 77 7.52 21.70 -11.34
N THR A 78 8.68 21.05 -11.24
CA THR A 78 9.01 20.15 -10.15
C THR A 78 8.62 20.72 -8.78
N THR A 79 8.85 22.02 -8.58
CA THR A 79 8.50 22.67 -7.33
C THR A 79 6.99 22.60 -7.09
N ASP A 80 6.22 22.98 -8.12
CA ASP A 80 4.76 22.94 -8.05
C ASP A 80 4.26 21.55 -7.63
N VAL A 81 4.88 20.52 -8.19
CA VAL A 81 4.53 19.14 -7.88
C VAL A 81 4.68 18.88 -6.39
N GLU A 82 5.80 19.31 -5.83
CA GLU A 82 6.05 19.12 -4.41
C GLU A 82 5.11 19.99 -3.57
N LYS A 83 4.97 21.25 -3.98
CA LYS A 83 4.08 22.19 -3.29
C LYS A 83 2.64 21.67 -3.22
N SER A 84 2.28 20.78 -4.12
CA SER A 84 0.94 20.22 -4.14
C SER A 84 0.78 19.17 -3.03
N PHE A 85 1.65 18.16 -3.06
CA PHE A 85 1.65 17.12 -2.02
C PHE A 85 1.76 17.76 -0.64
N ASP A 86 2.52 18.84 -0.55
CA ASP A 86 2.70 19.56 0.71
C ASP A 86 1.36 20.10 1.17
N LYS A 87 0.70 20.85 0.29
CA LYS A 87 -0.62 21.41 0.57
C LYS A 87 -1.65 20.33 0.90
N LEU A 88 -1.54 19.19 0.22
CA LEU A 88 -2.45 18.06 0.45
C LEU A 88 -2.22 17.47 1.85
N LEU A 89 -0.98 17.07 2.09
CA LEU A 89 -0.54 16.51 3.37
C LEU A 89 -1.17 17.21 4.57
N LYS A 90 -1.32 18.54 4.48
CA LYS A 90 -1.93 19.32 5.54
C LYS A 90 -3.43 19.00 5.70
N ASP A 91 -4.18 19.18 4.61
CA ASP A 91 -5.61 18.91 4.55
C ASP A 91 -6.00 17.52 5.04
N LEU A 92 -5.16 16.53 4.72
CA LEU A 92 -5.41 15.12 5.09
C LEU A 92 -6.42 14.76 6.21
N PRO A 93 -6.33 15.21 7.47
CA PRO A 93 -7.36 14.84 8.46
C PRO A 93 -8.77 15.18 7.95
N GLU A 94 -8.94 16.44 7.52
CA GLU A 94 -10.20 16.91 6.94
C GLU A 94 -10.70 15.99 5.81
N LEU A 95 -9.79 15.25 5.21
CA LEU A 95 -10.14 14.33 4.11
C LEU A 95 -10.62 12.98 4.64
N ALA A 96 -10.30 12.68 5.90
CA ALA A 96 -10.69 11.40 6.52
C ALA A 96 -12.21 11.26 6.60
N LEU A 97 -12.87 12.36 6.94
CA LEU A 97 -14.35 12.39 7.01
C LEU A 97 -14.98 11.91 5.68
N ASP A 98 -14.18 11.95 4.64
CA ASP A 98 -14.61 11.53 3.32
C ASP A 98 -14.31 10.04 3.13
N THR A 99 -13.16 9.62 3.63
CA THR A 99 -12.75 8.23 3.57
C THR A 99 -11.90 7.87 4.78
N PRO A 100 -12.34 6.88 5.57
CA PRO A 100 -11.61 6.45 6.78
C PRO A 100 -10.27 5.79 6.45
N ARG A 101 -9.97 5.72 5.17
CA ARG A 101 -8.74 5.12 4.69
C ARG A 101 -8.02 6.11 3.78
N ALA A 102 -8.37 7.38 3.91
CA ALA A 102 -7.79 8.43 3.08
C ALA A 102 -6.28 8.60 3.27
N PRO A 103 -5.80 8.81 4.53
CA PRO A 103 -4.37 8.99 4.81
C PRO A 103 -3.51 7.89 4.18
N GLN A 104 -3.62 6.68 4.74
CA GLN A 104 -2.89 5.52 4.22
C GLN A 104 -2.97 5.38 2.70
N LEU A 105 -4.13 5.67 2.11
CA LEU A 105 -4.29 5.58 0.66
C LEU A 105 -3.45 6.65 -0.04
N VAL A 106 -3.44 7.84 0.53
CA VAL A 106 -2.65 8.95 -0.01
C VAL A 106 -1.17 8.55 -0.08
N GLY A 107 -0.68 7.91 0.98
CA GLY A 107 0.70 7.46 1.01
C GLY A 107 1.05 6.59 -0.18
N GLN A 108 0.07 5.81 -0.66
CA GLN A 108 0.27 4.94 -1.81
C GLN A 108 0.69 5.75 -3.03
N PHE A 109 0.11 6.93 -3.16
CA PHE A 109 0.39 7.82 -4.27
C PHE A 109 1.74 8.53 -4.12
N ILE A 110 2.10 8.87 -2.88
CA ILE A 110 3.35 9.59 -2.63
C ILE A 110 4.56 8.77 -3.09
N ALA A 111 4.73 7.58 -2.52
CA ALA A 111 5.82 6.69 -2.92
C ALA A 111 5.89 6.48 -4.43
N ARG A 112 4.74 6.37 -5.07
CA ARG A 112 4.69 6.18 -6.51
C ARG A 112 5.23 7.40 -7.25
N ALA A 113 4.82 8.58 -6.79
CA ALA A 113 5.27 9.84 -7.38
C ALA A 113 6.80 9.91 -7.44
N VAL A 114 7.45 9.38 -6.42
CA VAL A 114 8.90 9.35 -6.35
C VAL A 114 9.41 8.35 -7.38
N GLY A 115 8.88 7.13 -7.28
CA GLY A 115 9.24 6.06 -8.20
C GLY A 115 9.12 6.47 -9.66
N ASP A 116 8.17 7.34 -9.97
CA ASP A 116 8.00 7.81 -11.34
C ASP A 116 9.09 8.84 -11.65
N GLY A 117 9.16 9.87 -10.83
CA GLY A 117 10.21 10.87 -11.01
C GLY A 117 9.78 12.28 -10.70
N ILE A 118 8.48 12.56 -10.76
CA ILE A 118 7.97 13.91 -10.47
C ILE A 118 8.19 14.36 -9.03
N LEU A 119 8.46 13.41 -8.15
CA LEU A 119 8.68 13.73 -6.74
C LEU A 119 10.07 13.30 -6.28
N CYS A 120 10.71 14.15 -5.49
CA CYS A 120 12.04 13.85 -4.96
C CYS A 120 11.95 12.79 -3.86
N ASN A 121 12.94 11.91 -3.82
CA ASN A 121 12.96 10.84 -2.82
C ASN A 121 13.25 11.39 -1.42
N THR A 122 13.93 12.52 -1.36
CA THR A 122 14.27 13.13 -0.08
C THR A 122 13.06 13.86 0.51
N TYR A 123 11.86 13.46 0.07
CA TYR A 123 10.62 14.07 0.55
C TYR A 123 10.29 13.57 1.97
N ILE A 124 10.41 12.26 2.12
CA ILE A 124 10.13 11.58 3.39
C ILE A 124 11.10 12.02 4.47
N ASP A 125 12.35 12.23 4.09
CA ASP A 125 13.38 12.64 5.04
C ASP A 125 13.07 14.00 5.64
N SER A 126 12.51 14.91 4.84
CA SER A 126 12.18 16.25 5.32
C SER A 126 11.08 16.20 6.39
N TYR A 127 10.25 15.16 6.34
CA TYR A 127 9.18 14.99 7.32
C TYR A 127 9.47 13.77 8.21
N LYS A 128 10.74 13.42 8.29
CA LYS A 128 11.21 12.26 9.06
C LYS A 128 11.17 12.42 10.58
N GLY A 129 10.08 12.94 11.10
CA GLY A 129 9.95 13.11 12.52
C GLY A 129 9.76 14.55 12.85
N THR A 130 9.39 15.28 11.82
CA THR A 130 9.18 16.70 11.90
C THR A 130 7.71 17.02 11.68
N VAL A 131 6.87 15.98 11.66
CA VAL A 131 5.44 16.15 11.46
C VAL A 131 4.73 16.22 12.81
N ASP A 132 3.80 17.15 12.94
CA ASP A 132 3.06 17.32 14.19
C ASP A 132 1.70 16.63 14.15
N CYS A 133 1.37 16.02 13.02
CA CYS A 133 0.09 15.34 12.87
C CYS A 133 0.30 13.86 12.54
N VAL A 134 -0.53 13.00 13.12
CA VAL A 134 -0.44 11.56 12.89
C VAL A 134 -0.96 11.18 11.49
N GLN A 135 -1.90 11.97 10.97
CA GLN A 135 -2.47 11.70 9.64
C GLN A 135 -1.38 11.78 8.58
N ALA A 136 -0.60 12.84 8.62
CA ALA A 136 0.49 13.05 7.67
C ALA A 136 1.62 12.05 7.94
N ARG A 137 1.67 11.59 9.18
CA ARG A 137 2.70 10.65 9.60
C ARG A 137 2.44 9.27 9.00
N ALA A 138 1.24 8.74 9.24
CA ALA A 138 0.84 7.43 8.73
C ALA A 138 1.03 7.31 7.22
N ALA A 139 0.74 8.39 6.49
CA ALA A 139 0.88 8.39 5.05
C ALA A 139 2.33 8.19 4.62
N LEU A 140 3.25 8.74 5.39
CA LEU A 140 4.67 8.64 5.10
C LEU A 140 5.18 7.23 5.36
N ASP A 141 4.75 6.65 6.48
CA ASP A 141 5.16 5.30 6.86
C ASP A 141 4.65 4.31 5.83
N LYS A 142 3.35 4.39 5.57
CA LYS A 142 2.68 3.54 4.59
C LYS A 142 3.41 3.55 3.24
N ALA A 143 3.82 4.73 2.78
CA ALA A 143 4.52 4.87 1.51
C ALA A 143 5.90 4.19 1.57
N THR A 144 6.60 4.46 2.66
CA THR A 144 7.92 3.88 2.89
C THR A 144 7.91 2.35 2.65
N VAL A 145 6.96 1.65 3.24
CA VAL A 145 6.82 0.20 3.04
C VAL A 145 6.71 -0.19 1.56
N LEU A 146 5.98 0.61 0.81
CA LEU A 146 5.74 0.37 -0.62
C LEU A 146 7.06 0.23 -1.40
N LEU A 147 8.05 1.02 -1.00
CA LEU A 147 9.36 0.99 -1.65
C LEU A 147 10.07 -0.33 -1.40
N SER A 148 9.86 -0.88 -0.21
CA SER A 148 10.47 -2.14 0.17
C SER A 148 9.75 -3.33 -0.50
N MET A 149 8.52 -3.09 -0.93
CA MET A 149 7.72 -4.12 -1.57
C MET A 149 8.18 -4.38 -3.01
N SER A 150 8.19 -3.32 -3.82
CA SER A 150 8.59 -3.44 -5.22
C SER A 150 10.04 -3.87 -5.39
N LYS A 151 10.85 -3.71 -4.36
CA LYS A 151 12.26 -4.09 -4.43
C LYS A 151 12.60 -5.23 -3.48
N GLY A 152 11.66 -6.14 -3.30
CA GLY A 152 11.89 -7.27 -2.42
C GLY A 152 11.89 -8.58 -3.18
N GLY A 153 11.62 -8.50 -4.48
CA GLY A 153 11.58 -9.70 -5.30
C GLY A 153 12.93 -10.04 -5.91
N LYS A 154 13.89 -10.35 -5.05
CA LYS A 154 15.24 -10.71 -5.52
C LYS A 154 15.47 -12.21 -5.39
N ARG A 155 14.90 -12.81 -4.35
CA ARG A 155 15.04 -14.25 -4.13
C ARG A 155 13.76 -14.98 -4.51
N LYS A 156 12.64 -14.29 -4.38
CA LYS A 156 11.33 -14.83 -4.73
C LYS A 156 10.61 -13.85 -5.62
N ASP A 157 9.89 -14.35 -6.61
CA ASP A 157 9.16 -13.46 -7.53
C ASP A 157 7.73 -13.91 -7.75
N SER A 158 7.56 -15.03 -8.43
CA SER A 158 6.24 -15.53 -8.73
C SER A 158 6.09 -16.99 -8.33
N VAL A 159 5.35 -17.23 -7.26
CA VAL A 159 5.12 -18.59 -6.77
C VAL A 159 4.30 -19.39 -7.79
N TRP A 160 3.11 -18.87 -8.10
CA TRP A 160 2.22 -19.51 -9.06
C TRP A 160 1.66 -18.47 -10.03
N GLY A 161 0.92 -18.91 -11.02
CA GLY A 161 0.35 -18.01 -11.99
C GLY A 161 -1.14 -18.24 -12.20
N SER A 162 -1.76 -18.89 -11.23
CA SER A 162 -3.18 -19.20 -11.29
C SER A 162 -4.04 -17.94 -11.38
N GLY A 163 -5.18 -18.05 -12.04
CA GLY A 163 -6.07 -16.93 -12.20
C GLY A 163 -7.40 -17.37 -12.77
N GLY B 1 -9.52 -18.54 -14.54
CA GLY B 1 -10.97 -18.24 -14.41
C GLY B 1 -11.44 -17.33 -15.52
N GLY B 2 -12.70 -16.95 -15.45
CA GLY B 2 -13.26 -16.08 -16.47
C GLY B 2 -13.06 -14.61 -16.14
N GLN B 3 -13.36 -14.25 -14.91
CA GLN B 3 -13.21 -12.87 -14.48
C GLN B 3 -12.11 -12.76 -13.43
N GLN B 4 -11.00 -12.13 -13.81
CA GLN B 4 -9.88 -11.95 -12.90
C GLN B 4 -9.42 -10.48 -12.93
N PRO B 5 -9.17 -9.88 -11.76
CA PRO B 5 -8.73 -8.49 -11.65
C PRO B 5 -7.39 -8.24 -12.33
N VAL B 6 -7.06 -6.96 -12.51
CA VAL B 6 -5.80 -6.58 -13.15
C VAL B 6 -4.59 -7.01 -12.31
N ASN B 7 -4.78 -7.08 -11.00
CA ASN B 7 -3.72 -7.48 -10.09
C ASN B 7 -4.18 -8.63 -9.21
N HIS B 8 -3.28 -9.57 -8.97
CA HIS B 8 -3.57 -10.74 -8.13
C HIS B 8 -2.28 -11.51 -7.90
N LEU B 9 -2.04 -11.97 -6.67
CA LEU B 9 -0.84 -12.73 -6.32
C LEU B 9 0.34 -11.80 -6.08
N VAL B 10 0.68 -11.02 -7.10
CA VAL B 10 1.77 -10.07 -7.01
C VAL B 10 1.31 -8.84 -6.23
N LYS B 11 2.10 -8.42 -5.24
CA LYS B 11 1.76 -7.27 -4.42
C LYS B 11 0.47 -7.48 -3.64
N GLU B 12 0.22 -8.70 -3.22
CA GLU B 12 -0.99 -9.01 -2.46
C GLU B 12 -0.63 -9.43 -1.03
N ILE B 13 -0.14 -10.65 -0.87
CA ILE B 13 0.25 -11.15 0.45
C ILE B 13 1.42 -10.33 1.01
N ASP B 14 2.36 -10.06 0.13
CA ASP B 14 3.56 -9.27 0.44
C ASP B 14 3.18 -7.85 0.78
N MET B 15 2.01 -7.46 0.32
CA MET B 15 1.56 -6.08 0.50
C MET B 15 1.12 -5.87 1.95
N LEU B 16 0.28 -6.76 2.43
CA LEU B 16 -0.25 -6.68 3.78
C LEU B 16 0.76 -7.09 4.85
N LEU B 17 1.42 -8.24 4.65
CA LEU B 17 2.39 -8.74 5.63
C LEU B 17 3.49 -7.73 5.95
N LYS B 18 4.08 -7.17 4.90
CA LYS B 18 5.15 -6.20 5.07
C LYS B 18 4.64 -4.88 5.63
N GLU B 19 3.39 -4.56 5.34
CA GLU B 19 2.80 -3.32 5.82
C GLU B 19 2.80 -3.25 7.35
N TYR B 20 2.44 -4.34 8.01
CA TYR B 20 2.42 -4.34 9.48
C TYR B 20 3.84 -4.45 10.01
N LEU B 21 4.66 -5.17 9.27
CA LEU B 21 6.05 -5.40 9.63
C LEU B 21 6.90 -4.14 9.47
N LEU B 22 6.40 -3.18 8.70
CA LEU B 22 7.16 -1.94 8.48
C LEU B 22 6.58 -0.75 9.27
N SER B 23 5.27 -0.75 9.43
CA SER B 23 4.59 0.33 10.12
C SER B 23 3.95 -0.20 11.40
N GLY B 24 2.68 0.12 11.59
CA GLY B 24 1.97 -0.32 12.76
C GLY B 24 0.48 -0.04 12.66
N ASP B 25 -0.11 -0.36 11.51
CA ASP B 25 -1.52 -0.11 11.31
C ASP B 25 -2.21 -1.32 10.71
N ILE B 26 -3.19 -1.82 11.44
CA ILE B 26 -3.98 -2.96 10.96
C ILE B 26 -5.11 -2.62 9.99
N SER B 27 -5.50 -1.36 9.96
CA SER B 27 -6.67 -0.92 9.20
C SER B 27 -6.64 -1.26 7.73
N GLU B 28 -5.45 -1.30 7.10
CA GLU B 28 -5.41 -1.54 5.67
C GLU B 28 -5.41 -3.04 5.38
N ALA B 29 -4.52 -3.75 6.07
CA ALA B 29 -4.36 -5.20 5.91
C ALA B 29 -5.67 -5.96 6.12
N GLU B 30 -6.38 -5.64 7.20
CA GLU B 30 -7.65 -6.27 7.48
C GLU B 30 -8.68 -5.92 6.41
N HIS B 31 -8.47 -4.79 5.73
CA HIS B 31 -9.40 -4.34 4.71
C HIS B 31 -9.16 -5.04 3.37
N CYS B 32 -7.97 -4.84 2.78
CA CYS B 32 -7.64 -5.47 1.50
C CYS B 32 -7.81 -6.99 1.48
N LEU B 33 -7.50 -7.66 2.59
CA LEU B 33 -7.64 -9.11 2.67
C LEU B 33 -9.10 -9.50 2.41
N LYS B 34 -9.98 -8.73 3.02
CA LYS B 34 -11.43 -8.90 2.92
C LYS B 34 -11.99 -8.43 1.58
N GLU B 35 -11.24 -7.57 0.91
CA GLU B 35 -11.63 -6.97 -0.37
C GLU B 35 -11.46 -7.87 -1.63
N LEU B 36 -11.06 -9.15 -1.48
CA LEU B 36 -10.78 -9.98 -2.67
C LEU B 36 -12.01 -10.83 -3.09
N GLU B 37 -11.82 -12.14 -3.33
CA GLU B 37 -12.93 -12.99 -3.80
C GLU B 37 -12.92 -14.42 -3.26
N VAL B 38 -11.90 -15.21 -3.59
CA VAL B 38 -11.84 -16.58 -3.10
C VAL B 38 -10.87 -16.65 -1.93
N PRO B 39 -11.38 -16.95 -0.73
CA PRO B 39 -10.55 -17.01 0.46
C PRO B 39 -9.74 -18.29 0.57
N HIS B 40 -10.02 -19.25 -0.31
CA HIS B 40 -9.32 -20.54 -0.28
C HIS B 40 -7.83 -20.44 -0.58
N PHE B 41 -7.40 -19.36 -1.24
CA PHE B 41 -6.00 -19.18 -1.55
C PHE B 41 -5.29 -18.29 -0.54
N HIS B 42 -6.00 -17.94 0.54
CA HIS B 42 -5.44 -17.07 1.59
C HIS B 42 -4.26 -17.73 2.31
N HIS B 43 -4.26 -19.07 2.36
CA HIS B 43 -3.19 -19.85 2.99
C HIS B 43 -1.76 -19.41 2.64
N GLU B 44 -1.60 -18.74 1.51
CA GLU B 44 -0.27 -18.33 1.08
C GLU B 44 0.24 -17.20 1.98
N LEU B 45 -0.70 -16.39 2.49
CA LEU B 45 -0.39 -15.28 3.36
C LEU B 45 0.36 -15.76 4.62
N VAL B 46 -0.27 -16.63 5.39
CA VAL B 46 0.34 -17.16 6.62
C VAL B 46 1.64 -17.88 6.26
N TYR B 47 1.55 -18.73 5.23
CA TYR B 47 2.70 -19.46 4.72
C TYR B 47 3.95 -18.58 4.64
N GLU B 48 3.82 -17.43 3.98
CA GLU B 48 4.95 -16.51 3.82
C GLU B 48 5.25 -15.78 5.14
N ALA B 49 4.20 -15.49 5.92
CA ALA B 49 4.37 -14.79 7.20
C ALA B 49 5.29 -15.57 8.14
N ILE B 50 4.95 -16.83 8.39
CA ILE B 50 5.76 -17.71 9.23
C ILE B 50 7.21 -17.81 8.72
N VAL B 51 7.37 -17.64 7.42
CA VAL B 51 8.69 -17.72 6.81
C VAL B 51 9.48 -16.45 7.14
N MET B 52 8.80 -15.32 7.02
CA MET B 52 9.39 -14.02 7.32
C MET B 52 9.91 -13.98 8.75
N VAL B 53 9.12 -14.51 9.68
CA VAL B 53 9.48 -14.53 11.10
C VAL B 53 10.79 -15.29 11.35
N LEU B 54 10.82 -16.55 10.92
CA LEU B 54 12.03 -17.39 11.09
C LEU B 54 13.30 -16.70 10.58
N GLU B 55 13.11 -15.81 9.64
CA GLU B 55 14.19 -15.08 8.98
C GLU B 55 14.31 -13.55 9.19
N SER B 56 13.84 -12.97 10.30
CA SER B 56 13.91 -11.50 10.38
C SER B 56 15.00 -11.03 11.38
N THR B 57 14.83 -9.81 11.88
CA THR B 57 15.79 -9.19 12.81
C THR B 57 15.14 -8.43 13.98
N GLY B 58 14.37 -9.13 14.81
CA GLY B 58 13.80 -8.46 15.97
C GLY B 58 12.61 -9.19 16.55
N GLU B 59 12.27 -8.85 17.80
CA GLU B 59 11.15 -9.47 18.50
C GLU B 59 9.82 -8.99 17.92
N SER B 60 9.85 -7.81 17.32
CA SER B 60 8.66 -7.22 16.71
C SER B 60 8.11 -8.12 15.60
N ALA B 61 8.98 -8.91 15.02
CA ALA B 61 8.60 -9.83 13.95
C ALA B 61 7.69 -10.91 14.52
N PHE B 62 8.17 -11.54 15.59
CA PHE B 62 7.46 -12.59 16.31
C PHE B 62 6.03 -12.18 16.70
N LYS B 63 5.92 -11.20 17.60
CA LYS B 63 4.61 -10.75 18.09
C LYS B 63 3.69 -10.13 17.05
N MET B 64 4.20 -9.17 16.28
CA MET B 64 3.38 -8.50 15.26
C MET B 64 2.69 -9.49 14.32
N ILE B 65 3.44 -10.46 13.82
CA ILE B 65 2.89 -11.46 12.91
C ILE B 65 1.94 -12.39 13.66
N LEU B 66 2.40 -12.91 14.80
CA LEU B 66 1.63 -13.80 15.64
C LEU B 66 0.24 -13.26 15.98
N ASP B 67 0.18 -12.03 16.49
CA ASP B 67 -1.10 -11.43 16.85
C ASP B 67 -1.93 -11.17 15.60
N LEU B 68 -1.27 -10.67 14.57
CA LEU B 68 -1.93 -10.40 13.29
C LEU B 68 -2.70 -11.63 12.82
N LEU B 69 -2.01 -12.77 12.68
CA LEU B 69 -2.66 -14.00 12.23
C LEU B 69 -3.81 -14.44 13.14
N LYS B 70 -3.65 -14.29 14.46
CA LYS B 70 -4.69 -14.69 15.40
C LYS B 70 -5.94 -13.82 15.22
N SER B 71 -5.77 -12.51 15.34
CA SER B 71 -6.87 -11.57 15.13
C SER B 71 -7.55 -11.82 13.79
N LEU B 72 -6.71 -11.92 12.76
CA LEU B 72 -7.19 -12.21 11.40
C LEU B 72 -8.09 -13.44 11.41
N TRP B 73 -7.60 -14.50 12.02
CA TRP B 73 -8.33 -15.75 12.15
C TRP B 73 -9.68 -15.56 12.83
N LYS B 74 -9.65 -15.00 14.05
CA LYS B 74 -10.86 -14.79 14.83
C LYS B 74 -11.88 -13.94 14.10
N SER B 75 -11.46 -12.75 13.69
CA SER B 75 -12.34 -11.81 12.98
C SER B 75 -12.86 -12.26 11.60
N SER B 76 -12.85 -13.57 11.31
CA SER B 76 -13.37 -14.07 10.04
C SER B 76 -12.54 -13.63 8.84
N THR B 77 -11.32 -14.15 8.76
CA THR B 77 -10.43 -13.83 7.66
C THR B 77 -9.53 -15.02 7.35
N ILE B 78 -9.65 -16.07 8.16
CA ILE B 78 -8.86 -17.28 7.99
C ILE B 78 -9.69 -18.47 8.41
N THR B 79 -9.74 -19.47 7.54
CA THR B 79 -10.47 -20.69 7.83
C THR B 79 -9.53 -21.90 7.75
N ILE B 80 -9.92 -23.02 8.34
CA ILE B 80 -9.08 -24.23 8.36
C ILE B 80 -8.22 -24.54 7.12
N ASP B 81 -8.74 -24.55 5.90
CA ASP B 81 -7.87 -24.85 4.75
C ASP B 81 -6.71 -23.87 4.61
N GLN B 82 -6.89 -22.67 5.13
CA GLN B 82 -5.87 -21.64 5.04
C GLN B 82 -4.84 -21.85 6.16
N MET B 83 -5.33 -22.50 7.19
CA MET B 83 -4.53 -22.74 8.39
C MET B 83 -3.61 -23.95 8.27
N LYS B 84 -4.19 -25.10 7.94
CA LYS B 84 -3.43 -26.33 7.85
C LYS B 84 -2.50 -26.33 6.67
N ARG B 85 -3.06 -26.18 5.47
CA ARG B 85 -2.27 -26.18 4.25
C ARG B 85 -1.12 -25.19 4.29
N GLY B 86 -1.19 -24.21 5.18
CA GLY B 86 -0.13 -23.23 5.27
C GLY B 86 0.97 -23.73 6.20
N TYR B 87 0.55 -24.07 7.43
CA TYR B 87 1.46 -24.55 8.49
C TYR B 87 2.12 -25.88 8.15
N GLU B 88 1.40 -26.77 7.47
CA GLU B 88 1.96 -28.09 7.13
C GLU B 88 3.07 -27.96 6.10
N ARG B 89 2.96 -26.95 5.26
CA ARG B 89 3.96 -26.70 4.23
C ARG B 89 5.26 -26.20 4.86
N ILE B 90 5.14 -25.52 6.00
CA ILE B 90 6.29 -24.98 6.70
C ILE B 90 7.25 -26.10 7.13
N TYR B 91 6.72 -27.31 7.30
CA TYR B 91 7.53 -28.44 7.74
C TYR B 91 8.36 -28.96 6.56
N ASN B 92 7.87 -28.70 5.36
CA ASN B 92 8.55 -29.10 4.15
C ASN B 92 9.65 -28.12 3.80
N GLU B 93 9.41 -26.85 4.14
CA GLU B 93 10.37 -25.79 3.86
C GLU B 93 11.45 -25.74 4.94
N ILE B 94 11.22 -26.39 6.08
CA ILE B 94 12.19 -26.39 7.17
C ILE B 94 13.58 -26.90 6.73
N PRO B 95 13.67 -28.11 6.14
CA PRO B 95 14.96 -28.66 5.68
C PRO B 95 15.55 -27.84 4.54
N ASP B 96 14.70 -27.11 3.83
CA ASP B 96 15.14 -26.27 2.71
C ASP B 96 15.81 -25.01 3.24
N ILE B 97 15.36 -24.56 4.41
CA ILE B 97 15.91 -23.36 5.04
C ILE B 97 17.06 -23.73 5.97
N ASN B 98 16.85 -24.74 6.79
CA ASN B 98 17.87 -25.18 7.74
C ASN B 98 19.01 -25.89 7.04
N LEU B 99 18.66 -26.90 6.23
CA LEU B 99 19.64 -27.69 5.48
C LEU B 99 20.76 -28.20 6.40
N ASP B 100 20.41 -29.24 7.16
CA ASP B 100 21.32 -29.86 8.12
C ASP B 100 21.48 -29.01 9.38
N VAL B 101 21.48 -29.67 10.53
CA VAL B 101 21.60 -28.98 11.83
C VAL B 101 20.43 -28.02 12.03
N PRO B 102 19.25 -28.55 12.39
CA PRO B 102 18.04 -27.74 12.59
C PRO B 102 18.04 -26.94 13.89
N HIS B 103 18.84 -25.88 13.94
CA HIS B 103 18.92 -25.03 15.12
C HIS B 103 17.60 -24.29 15.38
N SER B 104 16.74 -24.25 14.37
CA SER B 104 15.46 -23.57 14.50
C SER B 104 14.47 -24.36 15.36
N TYR B 105 14.93 -25.48 15.90
CA TYR B 105 14.09 -26.30 16.75
C TYR B 105 13.63 -25.48 17.94
N SER B 106 14.52 -24.67 18.45
CA SER B 106 14.20 -23.79 19.56
C SER B 106 13.41 -22.55 19.13
N VAL B 107 13.47 -22.16 17.85
CA VAL B 107 12.82 -20.92 17.43
C VAL B 107 11.30 -21.01 17.17
N LEU B 108 10.90 -21.70 16.09
CA LEU B 108 9.49 -21.83 15.77
C LEU B 108 8.73 -22.91 16.49
N GLU B 109 9.43 -23.87 17.07
CA GLU B 109 8.77 -25.02 17.66
C GLU B 109 7.70 -24.56 18.63
N ARG B 110 8.10 -23.78 19.63
CA ARG B 110 7.17 -23.23 20.56
C ARG B 110 6.20 -22.25 19.94
N PHE B 111 6.52 -21.68 18.78
CA PHE B 111 5.67 -20.64 18.22
C PHE B 111 4.44 -21.32 17.62
N VAL B 112 4.62 -22.59 17.26
CA VAL B 112 3.54 -23.37 16.69
C VAL B 112 2.57 -23.67 17.82
N GLU B 113 3.13 -24.14 18.92
CA GLU B 113 2.39 -24.45 20.13
C GLU B 113 1.94 -23.16 20.83
N GLU B 114 2.55 -22.05 20.44
CA GLU B 114 2.26 -20.77 21.07
C GLU B 114 0.80 -20.39 20.87
N CYS B 115 0.36 -20.37 19.63
CA CYS B 115 -1.01 -20.06 19.29
C CYS B 115 -1.91 -21.28 19.46
N PHE B 116 -1.30 -22.45 19.65
CA PHE B 116 -2.02 -23.72 19.74
C PHE B 116 -3.17 -23.63 20.74
N GLN B 117 -2.91 -23.17 21.96
CA GLN B 117 -3.94 -23.03 22.98
C GLN B 117 -4.90 -21.87 22.73
N ALA B 118 -4.71 -21.09 21.66
CA ALA B 118 -5.57 -19.94 21.42
C ALA B 118 -6.91 -20.35 20.82
N GLY B 119 -7.20 -21.66 20.88
CA GLY B 119 -8.45 -22.19 20.39
C GLY B 119 -8.64 -22.04 18.90
N ILE B 120 -7.56 -22.06 18.13
CA ILE B 120 -7.67 -21.93 16.68
C ILE B 120 -7.45 -23.28 15.99
N ILE B 121 -6.19 -23.60 15.73
CA ILE B 121 -5.79 -24.85 15.08
C ILE B 121 -6.36 -26.10 15.76
N SER B 122 -6.03 -27.26 15.20
CA SER B 122 -6.51 -28.52 15.73
C SER B 122 -5.35 -29.33 16.31
N LYS B 123 -5.65 -30.55 16.76
CA LYS B 123 -4.62 -31.41 17.35
C LYS B 123 -3.53 -31.78 16.36
N GLN B 124 -3.90 -31.96 15.10
CA GLN B 124 -2.94 -32.31 14.05
C GLN B 124 -1.80 -31.33 13.91
N LEU B 125 -2.04 -30.05 14.16
CA LEU B 125 -0.97 -29.06 14.05
C LEU B 125 0.08 -29.34 15.11
N ARG B 126 -0.35 -30.06 16.11
CA ARG B 126 0.55 -30.44 17.18
C ARG B 126 1.28 -31.74 16.89
N ASP B 127 0.58 -32.69 16.28
CA ASP B 127 1.18 -33.98 15.97
C ASP B 127 1.90 -34.06 14.61
N LEU B 128 1.53 -33.22 13.65
CA LEU B 128 2.14 -33.25 12.32
C LEU B 128 3.45 -32.46 12.25
N CYS B 129 3.86 -31.91 13.37
CA CYS B 129 5.09 -31.13 13.41
C CYS B 129 6.16 -31.88 14.17
N PRO B 130 7.43 -31.49 14.03
CA PRO B 130 8.55 -32.12 14.75
C PRO B 130 8.48 -31.83 16.25
N SER B 131 7.65 -32.60 16.95
CA SER B 131 7.47 -32.44 18.38
C SER B 131 8.66 -33.01 19.15
N GLY A 1 1.81 31.51 -3.12
CA GLY A 1 1.52 31.61 -1.67
C GLY A 1 0.06 31.39 -1.38
N LEU A 2 -0.76 32.40 -1.68
CA LEU A 2 -2.19 32.33 -1.46
C LEU A 2 -2.95 32.32 -2.78
N PRO A 3 -3.78 31.30 -3.01
CA PRO A 3 -4.56 31.18 -4.24
C PRO A 3 -5.67 32.23 -4.32
N LEU A 4 -5.91 32.75 -5.53
CA LEU A 4 -6.94 33.75 -5.75
C LEU A 4 -8.19 33.11 -6.33
N ASP A 5 -9.35 33.34 -5.68
CA ASP A 5 -10.62 32.78 -6.12
C ASP A 5 -10.56 31.24 -6.15
N GLU A 6 -10.65 30.63 -4.98
CA GLU A 6 -10.57 29.17 -4.87
C GLU A 6 -11.80 28.49 -5.47
N ARG A 7 -12.99 28.86 -5.03
CA ARG A 7 -14.22 28.25 -5.51
C ARG A 7 -14.39 28.43 -7.02
N ALA A 8 -14.00 29.61 -7.49
CA ALA A 8 -14.07 29.95 -8.91
C ALA A 8 -13.11 29.05 -9.70
N PHE A 9 -12.08 28.61 -9.01
CA PHE A 9 -11.06 27.75 -9.60
C PHE A 9 -11.47 26.28 -9.54
N GLU A 10 -12.00 25.85 -8.40
CA GLU A 10 -12.41 24.46 -8.19
C GLU A 10 -13.57 24.05 -9.08
N LYS A 11 -14.62 24.87 -9.12
CA LYS A 11 -15.80 24.56 -9.93
C LYS A 11 -15.44 24.48 -11.41
N THR A 12 -14.62 25.41 -11.86
CA THR A 12 -14.20 25.44 -13.25
C THR A 12 -13.37 24.20 -13.60
N LEU A 13 -12.75 23.61 -12.59
CA LEU A 13 -11.91 22.44 -12.78
C LEU A 13 -12.68 21.12 -12.64
N THR A 14 -13.80 21.14 -11.91
CA THR A 14 -14.60 19.94 -11.70
C THR A 14 -14.90 19.14 -12.98
N PRO A 15 -15.59 19.75 -13.99
CA PRO A 15 -15.91 19.05 -15.25
C PRO A 15 -14.66 18.71 -16.07
N ILE A 16 -13.58 19.41 -15.77
CA ILE A 16 -12.32 19.19 -16.47
C ILE A 16 -11.71 17.87 -16.01
N ILE A 17 -11.63 17.70 -14.69
CA ILE A 17 -11.09 16.48 -14.10
C ILE A 17 -11.94 15.27 -14.49
N GLN A 18 -13.26 15.38 -14.31
CA GLN A 18 -14.19 14.31 -14.64
C GLN A 18 -14.02 13.77 -16.06
N GLU A 19 -13.56 14.62 -16.98
CA GLU A 19 -13.38 14.22 -18.38
C GLU A 19 -12.24 13.23 -18.50
N TYR A 20 -11.21 13.43 -17.69
CA TYR A 20 -10.03 12.57 -17.70
C TYR A 20 -10.39 11.13 -17.33
N PHE A 21 -11.25 10.98 -16.34
CA PHE A 21 -11.66 9.64 -15.88
C PHE A 21 -12.68 9.00 -16.83
N GLU A 22 -13.20 9.78 -17.76
CA GLU A 22 -14.19 9.28 -18.70
C GLU A 22 -13.54 8.53 -19.86
N HIS A 23 -12.45 9.10 -20.39
CA HIS A 23 -11.76 8.49 -21.53
C HIS A 23 -10.29 8.19 -21.26
N GLY A 24 -9.66 9.02 -20.43
CA GLY A 24 -8.26 8.79 -20.12
C GLY A 24 -7.32 9.49 -21.08
N ASP A 25 -7.46 10.81 -21.18
CA ASP A 25 -6.62 11.58 -22.10
C ASP A 25 -5.85 12.68 -21.38
N THR A 26 -4.56 12.48 -21.25
CA THR A 26 -3.67 13.45 -20.62
C THR A 26 -3.36 14.64 -21.52
N ASN A 27 -3.60 14.47 -22.83
CA ASN A 27 -3.31 15.51 -23.82
C ASN A 27 -4.17 16.75 -23.62
N GLU A 28 -5.48 16.54 -23.53
CA GLU A 28 -6.43 17.63 -23.34
C GLU A 28 -6.08 18.44 -22.10
N VAL A 29 -5.87 17.73 -21.00
CA VAL A 29 -5.52 18.36 -19.72
C VAL A 29 -4.33 19.31 -19.88
N ALA A 30 -3.38 18.95 -20.73
CA ALA A 30 -2.20 19.80 -20.96
C ALA A 30 -2.58 21.06 -21.73
N GLU A 31 -3.50 20.90 -22.69
CA GLU A 31 -3.96 22.01 -23.52
C GLU A 31 -4.71 23.03 -22.66
N MET A 32 -5.59 22.52 -21.82
CA MET A 32 -6.40 23.35 -20.95
C MET A 32 -5.55 24.12 -19.94
N LEU A 33 -4.58 23.43 -19.34
CA LEU A 33 -3.71 24.05 -18.35
C LEU A 33 -2.86 25.15 -18.98
N ARG A 34 -2.54 24.98 -20.24
CA ARG A 34 -1.74 25.95 -20.96
C ARG A 34 -2.61 27.16 -21.32
N ASP A 35 -3.92 26.95 -21.41
CA ASP A 35 -4.85 28.03 -21.74
C ASP A 35 -5.41 28.70 -20.50
N LEU A 36 -4.95 28.30 -19.32
CA LEU A 36 -5.46 28.88 -18.08
C LEU A 36 -4.51 29.95 -17.52
N ASN A 37 -3.25 29.87 -17.94
CA ASN A 37 -2.22 30.81 -17.49
C ASN A 37 -2.19 30.92 -15.97
N LEU A 38 -1.82 29.84 -15.31
CA LEU A 38 -1.74 29.82 -13.86
C LEU A 38 -0.30 29.58 -13.40
N GLY A 39 0.15 30.39 -12.46
CA GLY A 39 1.48 30.22 -11.92
C GLY A 39 1.45 29.29 -10.73
N GLU A 40 1.45 29.86 -9.54
CA GLU A 40 1.39 29.07 -8.32
C GLU A 40 0.06 28.33 -8.24
N MET A 41 -0.94 28.88 -8.93
CA MET A 41 -2.28 28.31 -8.97
C MET A 41 -2.29 26.97 -9.71
N LYS A 42 -1.21 26.72 -10.45
CA LYS A 42 -1.07 25.48 -11.21
C LYS A 42 -0.99 24.29 -10.26
N SER A 43 -0.56 24.53 -9.03
CA SER A 43 -0.45 23.49 -8.01
C SER A 43 -1.80 23.21 -7.37
N GLY A 44 -2.83 23.86 -7.89
CA GLY A 44 -4.17 23.68 -7.39
C GLY A 44 -4.85 22.50 -8.06
N VAL A 45 -4.76 22.47 -9.39
CA VAL A 45 -5.34 21.42 -10.22
C VAL A 45 -5.05 19.99 -9.70
N PRO A 46 -3.77 19.59 -9.59
CA PRO A 46 -3.39 18.24 -9.11
C PRO A 46 -4.03 17.88 -7.77
N VAL A 47 -4.06 18.83 -6.85
CA VAL A 47 -4.64 18.61 -5.53
C VAL A 47 -6.09 18.18 -5.63
N LEU A 48 -6.86 18.92 -6.41
CA LEU A 48 -8.27 18.62 -6.60
C LEU A 48 -8.45 17.29 -7.32
N ALA A 49 -7.71 17.12 -8.42
CA ALA A 49 -7.74 15.89 -9.21
C ALA A 49 -7.54 14.65 -8.36
N VAL A 50 -6.60 14.72 -7.41
CA VAL A 50 -6.32 13.58 -6.54
C VAL A 50 -7.42 13.43 -5.49
N SER A 51 -7.87 14.56 -4.94
CA SER A 51 -8.92 14.55 -3.92
C SER A 51 -10.20 13.90 -4.44
N LEU A 52 -10.64 14.30 -5.63
CA LEU A 52 -11.83 13.74 -6.23
C LEU A 52 -11.68 12.25 -6.51
N ALA A 53 -10.44 11.81 -6.71
CA ALA A 53 -10.17 10.41 -6.96
C ALA A 53 -10.36 9.58 -5.69
N LEU A 54 -9.98 10.17 -4.56
CA LEU A 54 -10.12 9.52 -3.26
C LEU A 54 -11.57 9.15 -2.98
N GLU A 55 -12.46 10.10 -3.26
CA GLU A 55 -13.89 9.88 -3.06
C GLU A 55 -14.41 8.92 -4.13
N GLY A 56 -13.83 9.02 -5.31
CA GLY A 56 -14.19 8.14 -6.41
C GLY A 56 -13.69 6.73 -6.22
N LYS A 57 -13.75 5.93 -7.28
CA LYS A 57 -13.32 4.53 -7.23
C LYS A 57 -11.80 4.37 -7.16
N ALA A 58 -11.37 3.25 -6.58
CA ALA A 58 -9.95 2.95 -6.44
C ALA A 58 -9.31 2.70 -7.80
N SER A 59 -10.06 2.04 -8.68
CA SER A 59 -9.59 1.75 -10.03
C SER A 59 -9.28 3.06 -10.77
N HIS A 60 -9.90 4.13 -10.28
CA HIS A 60 -9.69 5.44 -10.89
C HIS A 60 -8.51 6.21 -10.27
N ARG A 61 -8.15 5.84 -9.03
CA ARG A 61 -7.09 6.54 -8.27
C ARG A 61 -5.70 6.34 -8.86
N GLU A 62 -5.33 5.09 -9.14
CA GLU A 62 -4.02 4.78 -9.73
C GLU A 62 -3.88 5.47 -11.08
N MET A 63 -5.03 5.74 -11.71
CA MET A 63 -5.08 6.40 -13.00
C MET A 63 -4.67 7.87 -12.92
N THR A 64 -4.68 8.42 -11.72
CA THR A 64 -4.31 9.82 -11.50
C THR A 64 -2.79 9.97 -11.47
N SER A 65 -2.10 8.89 -11.11
CA SER A 65 -0.65 8.89 -11.01
C SER A 65 0.00 9.18 -12.37
N LYS A 66 -0.66 8.75 -13.43
CA LYS A 66 -0.16 8.99 -14.78
C LYS A 66 -0.39 10.44 -15.20
N LEU A 67 -1.36 11.07 -14.54
CA LEU A 67 -1.72 12.46 -14.83
C LEU A 67 -0.62 13.40 -14.33
N LEU A 68 0.02 13.01 -13.23
CA LEU A 68 1.08 13.80 -12.63
C LEU A 68 2.31 13.83 -13.54
N SER A 69 2.75 12.64 -13.94
CA SER A 69 3.91 12.50 -14.81
C SER A 69 3.69 13.14 -16.18
N ASP A 70 2.59 12.77 -16.83
CA ASP A 70 2.23 13.29 -18.14
C ASP A 70 2.25 14.82 -18.18
N LEU A 71 1.78 15.44 -17.10
CA LEU A 71 1.76 16.90 -17.02
C LEU A 71 3.13 17.46 -16.63
N CYS A 72 3.86 16.67 -15.85
CA CYS A 72 5.19 17.06 -15.39
C CYS A 72 6.14 17.30 -16.55
N GLY A 73 6.86 18.40 -16.49
CA GLY A 73 7.79 18.74 -17.54
C GLY A 73 7.10 19.40 -18.72
N THR A 74 5.96 18.83 -19.10
CA THR A 74 5.16 19.34 -20.21
C THR A 74 4.61 20.72 -19.90
N VAL A 75 3.75 20.81 -18.89
CA VAL A 75 3.17 22.08 -18.49
C VAL A 75 3.36 22.34 -17.00
N MET A 76 3.79 21.32 -16.28
CA MET A 76 4.00 21.43 -14.84
C MET A 76 5.40 20.96 -14.45
N SER A 77 6.28 21.91 -14.16
CA SER A 77 7.62 21.60 -13.76
C SER A 77 7.63 21.04 -12.34
N THR A 78 8.45 20.01 -12.10
CA THR A 78 8.59 19.40 -10.76
C THR A 78 8.51 20.40 -9.60
N THR A 79 9.01 21.60 -9.80
CA THR A 79 8.98 22.62 -8.77
C THR A 79 7.53 22.89 -8.32
N ASP A 80 6.58 22.72 -9.24
CA ASP A 80 5.17 22.94 -8.95
C ASP A 80 4.55 21.70 -8.30
N VAL A 81 5.01 20.54 -8.77
CA VAL A 81 4.51 19.25 -8.26
C VAL A 81 4.77 19.16 -6.77
N GLU A 82 5.98 19.49 -6.38
CA GLU A 82 6.38 19.47 -4.98
C GLU A 82 5.48 20.36 -4.11
N LYS A 83 4.88 21.39 -4.72
CA LYS A 83 3.99 22.29 -3.98
C LYS A 83 2.69 21.56 -3.66
N SER A 84 1.99 21.07 -4.70
CA SER A 84 0.77 20.27 -4.54
C SER A 84 0.89 19.13 -3.50
N PHE A 85 2.12 18.85 -3.10
CA PHE A 85 2.37 17.79 -2.13
C PHE A 85 2.19 18.34 -0.72
N ASP A 86 2.64 19.58 -0.55
CA ASP A 86 2.60 20.29 0.72
C ASP A 86 1.19 20.80 0.97
N LYS A 87 0.45 21.00 -0.12
CA LYS A 87 -0.92 21.50 -0.05
C LYS A 87 -1.90 20.34 0.22
N LEU A 88 -1.57 19.17 -0.31
CA LEU A 88 -2.38 17.94 -0.16
C LEU A 88 -2.40 17.50 1.30
N LEU A 89 -1.41 17.97 2.01
CA LEU A 89 -1.22 17.64 3.41
C LEU A 89 -2.11 18.49 4.33
N LYS A 90 -2.51 19.68 3.86
CA LYS A 90 -3.30 20.61 4.68
C LYS A 90 -4.71 20.07 4.99
N ASP A 91 -5.61 20.09 4.00
CA ASP A 91 -6.98 19.59 4.16
C ASP A 91 -7.09 18.09 4.33
N LEU A 92 -5.95 17.44 4.54
CA LEU A 92 -5.92 15.98 4.67
C LEU A 92 -7.01 15.46 5.63
N PRO A 93 -7.12 16.00 6.87
CA PRO A 93 -8.16 15.58 7.82
C PRO A 93 -9.56 15.78 7.23
N GLU A 94 -9.80 16.95 6.62
CA GLU A 94 -11.07 17.25 5.99
C GLU A 94 -11.41 16.25 4.89
N LEU A 95 -10.39 15.67 4.28
CA LEU A 95 -10.60 14.68 3.24
C LEU A 95 -10.96 13.36 3.88
N ALA A 96 -10.48 13.19 5.11
CA ALA A 96 -10.73 12.00 5.89
C ALA A 96 -12.10 12.04 6.53
N LEU A 97 -12.81 13.15 6.37
CA LEU A 97 -14.13 13.29 6.95
C LEU A 97 -15.14 12.34 6.30
N ASP A 98 -15.25 12.37 4.98
CA ASP A 98 -16.18 11.47 4.29
C ASP A 98 -15.60 10.06 4.20
N THR A 99 -14.32 9.97 3.93
CA THR A 99 -13.66 8.68 3.83
C THR A 99 -12.56 8.58 4.88
N PRO A 100 -12.79 7.78 5.94
CA PRO A 100 -11.82 7.60 7.01
C PRO A 100 -10.52 6.98 6.48
N ARG A 101 -10.67 6.13 5.48
CA ARG A 101 -9.54 5.46 4.85
C ARG A 101 -8.94 6.32 3.73
N ALA A 102 -9.17 7.63 3.80
CA ALA A 102 -8.67 8.55 2.76
C ALA A 102 -7.17 8.90 2.94
N PRO A 103 -6.77 9.49 4.11
CA PRO A 103 -5.37 9.90 4.35
C PRO A 103 -4.41 8.72 4.42
N GLN A 104 -4.97 7.54 4.38
CA GLN A 104 -4.20 6.32 4.39
C GLN A 104 -3.78 5.98 2.94
N LEU A 105 -4.69 6.28 2.03
CA LEU A 105 -4.53 6.08 0.59
C LEU A 105 -3.64 7.12 -0.05
N VAL A 106 -3.47 8.21 0.68
CA VAL A 106 -2.68 9.35 0.23
C VAL A 106 -1.18 9.02 0.28
N GLY A 107 -0.83 7.89 0.91
CA GLY A 107 0.59 7.58 1.03
C GLY A 107 1.20 7.08 -0.28
N GLN A 108 0.43 6.35 -1.09
CA GLN A 108 0.92 5.82 -2.38
C GLN A 108 1.26 6.99 -3.30
N PHE A 109 0.45 8.02 -3.23
CA PHE A 109 0.64 9.21 -4.04
C PHE A 109 1.97 9.85 -3.70
N ILE A 110 2.44 9.63 -2.47
CA ILE A 110 3.71 10.17 -2.01
C ILE A 110 4.87 9.16 -2.25
N ALA A 111 4.51 7.85 -2.27
CA ALA A 111 5.50 6.76 -2.38
C ALA A 111 5.95 6.54 -3.83
N ARG A 112 4.98 6.23 -4.67
CA ARG A 112 5.19 5.99 -6.10
C ARG A 112 5.62 7.26 -6.81
N ALA A 113 5.41 8.38 -6.13
CA ALA A 113 5.73 9.68 -6.70
C ALA A 113 7.24 9.83 -6.86
N VAL A 114 8.01 9.21 -5.97
CA VAL A 114 9.47 9.28 -6.06
C VAL A 114 9.94 8.47 -7.25
N GLY A 115 9.62 7.17 -7.25
CA GLY A 115 9.95 6.29 -8.36
C GLY A 115 9.38 6.74 -9.69
N ASP A 116 8.48 7.70 -9.66
CA ASP A 116 7.87 8.22 -10.88
C ASP A 116 8.76 9.30 -11.48
N GLY A 117 9.47 10.00 -10.60
CA GLY A 117 10.35 11.05 -11.04
C GLY A 117 9.74 12.42 -10.86
N ILE A 118 8.55 12.47 -10.29
CA ILE A 118 7.86 13.75 -10.07
C ILE A 118 8.09 14.27 -8.66
N LEU A 119 8.73 13.47 -7.82
CA LEU A 119 9.00 13.86 -6.44
C LEU A 119 10.32 13.29 -5.95
N CYS A 120 10.92 13.95 -4.97
CA CYS A 120 12.18 13.50 -4.40
C CYS A 120 11.93 12.68 -3.13
N ASN A 121 12.84 11.77 -2.82
CA ASN A 121 12.69 10.93 -1.64
C ASN A 121 13.06 11.66 -0.36
N THR A 122 13.72 12.81 -0.51
CA THR A 122 14.14 13.60 0.62
C THR A 122 12.96 14.30 1.27
N TYR A 123 11.88 14.43 0.49
CA TYR A 123 10.65 15.08 0.96
C TYR A 123 10.13 14.44 2.24
N ILE A 124 10.19 13.12 2.31
CA ILE A 124 9.72 12.39 3.49
C ILE A 124 10.58 12.70 4.71
N ASP A 125 11.89 12.75 4.50
CA ASP A 125 12.83 13.05 5.59
C ASP A 125 12.67 14.49 6.05
N SER A 126 12.37 15.36 5.12
CA SER A 126 12.17 16.78 5.39
C SER A 126 10.96 17.00 6.31
N TYR A 127 10.02 16.07 6.29
CA TYR A 127 8.82 16.17 7.12
C TYR A 127 8.75 15.00 8.10
N LYS A 128 9.93 14.59 8.54
CA LYS A 128 10.15 13.49 9.48
C LYS A 128 10.17 13.85 10.97
N GLY A 129 9.16 14.52 11.45
CA GLY A 129 9.14 14.89 12.86
C GLY A 129 8.78 16.34 13.01
N THR A 130 8.65 16.99 11.88
CA THR A 130 8.30 18.40 11.82
C THR A 130 6.79 18.59 11.69
N VAL A 131 6.07 17.52 11.38
CA VAL A 131 4.62 17.61 11.20
C VAL A 131 3.88 17.22 12.48
N ASP A 132 3.07 18.13 13.00
CA ASP A 132 2.30 17.86 14.21
C ASP A 132 0.97 17.19 13.87
N CYS A 133 0.38 17.59 12.75
CA CYS A 133 -0.88 17.01 12.30
C CYS A 133 -0.74 15.52 11.96
N VAL A 134 -1.01 14.68 12.96
CA VAL A 134 -0.96 13.22 12.79
C VAL A 134 -1.59 12.74 11.46
N GLN A 135 -2.62 13.43 10.98
CA GLN A 135 -3.27 13.08 9.73
C GLN A 135 -2.23 12.99 8.61
N ALA A 136 -1.36 14.00 8.54
CA ALA A 136 -0.30 14.05 7.54
C ALA A 136 0.75 12.98 7.82
N ARG A 137 1.19 12.92 9.07
CA ARG A 137 2.17 11.92 9.50
C ARG A 137 1.76 10.51 9.09
N ALA A 138 0.47 10.23 9.16
CA ALA A 138 -0.04 8.92 8.80
C ALA A 138 0.12 8.66 7.30
N ALA A 139 -0.09 9.69 6.50
CA ALA A 139 0.03 9.56 5.05
C ALA A 139 1.50 9.47 4.60
N LEU A 140 2.37 10.24 5.26
CA LEU A 140 3.78 10.25 4.92
C LEU A 140 4.44 8.92 5.25
N ASP A 141 4.33 8.52 6.51
CA ASP A 141 4.90 7.24 6.95
C ASP A 141 4.46 6.08 6.05
N LYS A 142 3.24 6.15 5.55
CA LYS A 142 2.71 5.12 4.68
C LYS A 142 3.53 5.00 3.38
N ALA A 143 4.08 6.11 2.92
CA ALA A 143 4.85 6.09 1.68
C ALA A 143 6.16 5.31 1.84
N THR A 144 6.91 5.62 2.89
CA THR A 144 8.18 4.96 3.17
C THR A 144 8.06 3.42 3.24
N VAL A 145 6.94 2.94 3.72
CA VAL A 145 6.72 1.49 3.84
C VAL A 145 6.42 0.86 2.47
N LEU A 146 5.57 1.51 1.68
CA LEU A 146 5.20 1.01 0.36
C LEU A 146 6.42 0.94 -0.55
N LEU A 147 7.36 1.86 -0.31
CA LEU A 147 8.59 1.94 -1.08
C LEU A 147 9.40 0.65 -0.99
N SER A 148 9.48 0.08 0.21
CA SER A 148 10.24 -1.13 0.43
C SER A 148 9.61 -2.35 -0.25
N MET A 149 8.28 -2.39 -0.28
CA MET A 149 7.54 -3.49 -0.89
C MET A 149 7.68 -3.48 -2.40
N SER A 150 7.56 -2.29 -2.99
CA SER A 150 7.65 -2.13 -4.42
C SER A 150 9.03 -2.54 -4.95
N LYS A 151 10.04 -2.43 -4.11
CA LYS A 151 11.40 -2.80 -4.48
C LYS A 151 11.57 -4.32 -4.43
N GLY A 152 10.84 -4.96 -3.52
CA GLY A 152 10.92 -6.41 -3.38
C GLY A 152 10.52 -7.14 -4.65
N GLY A 153 9.58 -6.56 -5.39
CA GLY A 153 9.12 -7.16 -6.62
C GLY A 153 10.23 -7.32 -7.64
N LYS A 154 11.04 -6.27 -7.80
CA LYS A 154 12.15 -6.29 -8.73
C LYS A 154 13.38 -6.91 -8.09
N ARG A 155 13.32 -7.07 -6.78
CA ARG A 155 14.41 -7.66 -6.01
C ARG A 155 14.51 -9.15 -6.30
N LYS A 156 13.36 -9.82 -6.37
CA LYS A 156 13.34 -11.25 -6.63
C LYS A 156 13.29 -11.53 -8.13
N ASP A 157 12.96 -10.52 -8.91
CA ASP A 157 12.89 -10.66 -10.35
C ASP A 157 14.29 -10.70 -10.94
N SER A 158 14.47 -11.50 -11.98
CA SER A 158 15.79 -11.62 -12.59
C SER A 158 15.75 -11.24 -14.08
N VAL A 159 14.70 -10.56 -14.50
CA VAL A 159 14.57 -10.15 -15.89
C VAL A 159 14.50 -8.63 -16.02
N TRP A 160 13.61 -8.02 -15.25
CA TRP A 160 13.42 -6.58 -15.30
C TRP A 160 14.33 -5.84 -14.33
N GLY A 161 15.60 -5.76 -14.68
CA GLY A 161 16.56 -5.08 -13.84
C GLY A 161 17.02 -3.79 -14.48
N SER A 162 16.49 -3.51 -15.66
CA SER A 162 16.83 -2.31 -16.42
C SER A 162 15.68 -1.29 -16.37
N GLY A 163 14.47 -1.76 -16.64
CA GLY A 163 13.31 -0.91 -16.63
C GLY A 163 12.03 -1.69 -16.47
N GLY B 1 9.01 0.33 -17.54
CA GLY B 1 7.78 -0.16 -18.22
C GLY B 1 6.78 0.95 -18.43
N GLY B 2 5.81 0.73 -19.30
CA GLY B 2 4.81 1.73 -19.58
C GLY B 2 3.41 1.25 -19.23
N GLN B 3 2.53 1.24 -20.21
CA GLN B 3 1.17 0.79 -20.01
C GLN B 3 1.11 -0.72 -19.81
N GLN B 4 0.81 -1.13 -18.60
CA GLN B 4 0.72 -2.54 -18.26
C GLN B 4 -0.73 -2.93 -17.99
N PRO B 5 -1.04 -4.24 -17.95
CA PRO B 5 -2.39 -4.72 -17.70
C PRO B 5 -2.76 -4.64 -16.21
N VAL B 6 -3.84 -5.32 -15.83
CA VAL B 6 -4.28 -5.32 -14.44
C VAL B 6 -3.28 -6.05 -13.53
N ASN B 7 -3.12 -5.53 -12.34
CA ASN B 7 -2.19 -6.09 -11.36
C ASN B 7 -2.91 -7.07 -10.44
N HIS B 8 -2.26 -8.19 -10.13
CA HIS B 8 -2.84 -9.20 -9.26
C HIS B 8 -1.77 -10.11 -8.67
N LEU B 9 -1.72 -10.14 -7.33
CA LEU B 9 -0.79 -10.99 -6.57
C LEU B 9 0.58 -10.32 -6.41
N VAL B 10 1.06 -9.73 -7.49
CA VAL B 10 2.36 -9.06 -7.50
C VAL B 10 2.34 -7.80 -6.62
N LYS B 11 3.30 -7.73 -5.69
CA LYS B 11 3.46 -6.59 -4.77
C LYS B 11 2.38 -6.56 -3.70
N GLU B 12 1.15 -6.92 -4.07
CA GLU B 12 0.02 -6.93 -3.14
C GLU B 12 0.29 -7.88 -1.96
N ILE B 13 0.88 -9.03 -2.26
CA ILE B 13 1.21 -10.01 -1.23
C ILE B 13 2.26 -9.47 -0.27
N ASP B 14 3.34 -8.93 -0.83
CA ASP B 14 4.43 -8.36 -0.03
C ASP B 14 3.93 -7.20 0.83
N MET B 15 3.24 -6.28 0.17
CA MET B 15 2.68 -5.10 0.83
C MET B 15 1.89 -5.46 2.08
N LEU B 16 1.14 -6.56 2.03
CA LEU B 16 0.33 -7.00 3.16
C LEU B 16 1.19 -7.35 4.38
N LEU B 17 2.20 -8.17 4.18
CA LEU B 17 3.07 -8.59 5.28
C LEU B 17 4.02 -7.49 5.71
N LYS B 18 4.46 -6.71 4.74
CA LYS B 18 5.38 -5.62 5.00
C LYS B 18 4.72 -4.46 5.72
N GLU B 19 3.39 -4.32 5.56
CA GLU B 19 2.66 -3.23 6.20
C GLU B 19 2.80 -3.29 7.71
N TYR B 20 2.26 -4.34 8.34
CA TYR B 20 2.37 -4.51 9.79
C TYR B 20 3.82 -4.52 10.27
N LEU B 21 4.73 -4.91 9.40
CA LEU B 21 6.15 -4.96 9.77
C LEU B 21 6.66 -3.58 10.18
N LEU B 22 6.76 -2.66 9.21
CA LEU B 22 7.19 -1.31 9.54
C LEU B 22 6.04 -0.50 10.13
N SER B 23 4.98 -0.37 9.35
CA SER B 23 3.77 0.32 9.80
C SER B 23 3.09 -0.47 10.92
N GLY B 24 3.23 0.01 12.15
CA GLY B 24 2.63 -0.68 13.27
C GLY B 24 1.16 -0.39 13.43
N ASP B 25 0.35 -0.79 12.45
CA ASP B 25 -1.09 -0.59 12.50
C ASP B 25 -1.85 -1.69 11.78
N ILE B 26 -2.79 -2.30 12.49
CA ILE B 26 -3.59 -3.41 11.98
C ILE B 26 -4.56 -3.03 10.86
N SER B 27 -5.27 -1.92 11.04
CA SER B 27 -6.31 -1.46 10.11
C SER B 27 -6.09 -1.71 8.62
N GLU B 28 -4.97 -1.31 8.03
CA GLU B 28 -4.80 -1.51 6.60
C GLU B 28 -4.65 -2.99 6.22
N ALA B 29 -3.76 -3.70 6.90
CA ALA B 29 -3.53 -5.11 6.60
C ALA B 29 -4.82 -5.92 6.74
N GLU B 30 -5.56 -5.62 7.80
CA GLU B 30 -6.81 -6.30 8.08
C GLU B 30 -7.90 -5.94 7.06
N HIS B 31 -7.83 -4.71 6.53
CA HIS B 31 -8.82 -4.24 5.57
C HIS B 31 -8.53 -4.70 4.15
N CYS B 32 -7.30 -4.46 3.67
CA CYS B 32 -6.92 -4.83 2.31
C CYS B 32 -7.10 -6.32 2.04
N LEU B 33 -6.89 -7.15 3.06
CA LEU B 33 -7.05 -8.59 2.92
C LEU B 33 -8.49 -8.92 2.53
N LYS B 34 -9.40 -8.10 3.04
CA LYS B 34 -10.82 -8.22 2.74
C LYS B 34 -11.17 -7.72 1.33
N GLU B 35 -10.33 -6.83 0.81
CA GLU B 35 -10.49 -6.25 -0.52
C GLU B 35 -10.07 -7.18 -1.67
N LEU B 36 -9.63 -8.39 -1.31
CA LEU B 36 -9.20 -9.39 -2.29
C LEU B 36 -10.42 -10.02 -2.95
N GLU B 37 -10.36 -11.28 -3.37
CA GLU B 37 -11.52 -11.89 -3.98
C GLU B 37 -11.80 -13.30 -3.46
N VAL B 38 -10.95 -14.25 -3.78
CA VAL B 38 -11.15 -15.61 -3.30
C VAL B 38 -10.52 -15.80 -1.92
N PRO B 39 -11.34 -16.15 -0.93
CA PRO B 39 -10.85 -16.36 0.44
C PRO B 39 -10.05 -17.65 0.56
N HIS B 40 -10.33 -18.60 -0.33
CA HIS B 40 -9.66 -19.90 -0.34
C HIS B 40 -8.17 -19.80 -0.65
N PHE B 41 -7.70 -18.61 -1.04
CA PHE B 41 -6.30 -18.41 -1.38
C PHE B 41 -5.56 -17.61 -0.31
N HIS B 42 -6.15 -17.50 0.89
CA HIS B 42 -5.54 -16.73 1.98
C HIS B 42 -4.30 -17.43 2.56
N HIS B 43 -4.26 -18.75 2.45
CA HIS B 43 -3.12 -19.57 2.95
C HIS B 43 -1.77 -19.05 2.48
N GLU B 44 -1.77 -18.36 1.35
CA GLU B 44 -0.55 -17.81 0.78
C GLU B 44 0.09 -16.77 1.69
N LEU B 45 -0.74 -16.02 2.39
CA LEU B 45 -0.25 -14.98 3.29
C LEU B 45 0.34 -15.58 4.56
N VAL B 46 -0.35 -16.55 5.14
CA VAL B 46 0.10 -17.21 6.36
C VAL B 46 1.46 -17.86 6.14
N TYR B 47 1.51 -18.76 5.17
CA TYR B 47 2.76 -19.42 4.78
C TYR B 47 3.92 -18.43 4.70
N GLU B 48 3.72 -17.36 3.94
CA GLU B 48 4.74 -16.34 3.76
C GLU B 48 5.10 -15.68 5.08
N ALA B 49 4.10 -15.41 5.90
CA ALA B 49 4.30 -14.76 7.20
C ALA B 49 5.29 -15.55 8.06
N ILE B 50 5.02 -16.84 8.24
CA ILE B 50 5.89 -17.70 9.02
C ILE B 50 7.30 -17.71 8.41
N VAL B 51 7.36 -17.90 7.09
CA VAL B 51 8.64 -17.90 6.37
C VAL B 51 9.44 -16.64 6.69
N MET B 52 8.76 -15.49 6.68
CA MET B 52 9.41 -14.22 6.97
C MET B 52 9.95 -14.18 8.41
N VAL B 53 9.22 -14.78 9.35
CA VAL B 53 9.66 -14.82 10.74
C VAL B 53 10.95 -15.62 10.85
N LEU B 54 10.96 -16.77 10.19
CA LEU B 54 12.12 -17.67 10.20
C LEU B 54 13.35 -16.97 9.61
N GLU B 55 13.14 -16.12 8.62
CA GLU B 55 14.23 -15.40 7.96
C GLU B 55 14.57 -14.10 8.69
N SER B 56 13.99 -13.89 9.86
CA SER B 56 14.24 -12.68 10.62
C SER B 56 14.93 -12.98 11.95
N THR B 57 15.85 -12.11 12.33
CA THR B 57 16.58 -12.27 13.56
C THR B 57 16.12 -11.25 14.61
N GLY B 58 15.30 -11.71 15.53
CA GLY B 58 14.79 -10.85 16.56
C GLY B 58 13.39 -11.23 16.98
N GLU B 59 12.99 -10.76 18.15
CA GLU B 59 11.66 -11.06 18.67
C GLU B 59 10.63 -10.06 18.14
N SER B 60 11.11 -9.00 17.49
CA SER B 60 10.24 -7.99 16.92
C SER B 60 9.30 -8.60 15.89
N ALA B 61 9.86 -9.42 15.02
CA ALA B 61 9.09 -10.07 13.97
C ALA B 61 8.28 -11.22 14.54
N PHE B 62 8.77 -11.78 15.65
CA PHE B 62 8.12 -12.90 16.30
C PHE B 62 6.73 -12.51 16.79
N LYS B 63 6.65 -11.45 17.58
CA LYS B 63 5.37 -10.98 18.09
C LYS B 63 4.49 -10.36 17.00
N MET B 64 5.04 -9.38 16.30
CA MET B 64 4.30 -8.68 15.24
C MET B 64 3.61 -9.62 14.26
N ILE B 65 4.30 -10.66 13.80
CA ILE B 65 3.69 -11.59 12.86
C ILE B 65 2.68 -12.51 13.55
N LEU B 66 3.02 -13.01 14.73
CA LEU B 66 2.12 -13.89 15.48
C LEU B 66 0.84 -13.14 15.83
N ASP B 67 1.00 -11.89 16.24
CA ASP B 67 -0.13 -11.04 16.60
C ASP B 67 -0.94 -10.70 15.36
N LEU B 68 -0.30 -10.80 14.21
CA LEU B 68 -0.94 -10.49 12.94
C LEU B 68 -1.91 -11.60 12.54
N LEU B 69 -1.44 -12.85 12.60
CA LEU B 69 -2.28 -13.98 12.22
C LEU B 69 -3.45 -14.15 13.18
N LYS B 70 -3.19 -13.96 14.47
CA LYS B 70 -4.24 -14.07 15.48
C LYS B 70 -5.31 -13.02 15.22
N SER B 71 -4.88 -11.78 15.01
CA SER B 71 -5.81 -10.68 14.68
C SER B 71 -6.71 -11.04 13.51
N LEU B 72 -6.16 -11.76 12.53
CA LEU B 72 -6.92 -12.17 11.36
C LEU B 72 -7.87 -13.30 11.74
N TRP B 73 -7.43 -14.11 12.69
CA TRP B 73 -8.23 -15.21 13.19
C TRP B 73 -9.43 -14.72 14.00
N LYS B 74 -9.21 -13.77 14.93
CA LYS B 74 -10.31 -13.21 15.71
C LYS B 74 -11.38 -12.68 14.77
N SER B 75 -10.96 -11.75 13.91
CA SER B 75 -11.82 -11.18 12.87
C SER B 75 -12.10 -12.22 11.76
N SER B 76 -11.95 -13.50 12.15
CA SER B 76 -12.12 -14.68 11.30
C SER B 76 -12.04 -14.45 9.80
N THR B 77 -10.92 -13.91 9.33
CA THR B 77 -10.73 -13.70 7.91
C THR B 77 -10.00 -14.91 7.33
N ILE B 78 -9.43 -15.71 8.22
CA ILE B 78 -8.72 -16.92 7.84
C ILE B 78 -9.60 -18.12 8.14
N THR B 79 -9.60 -19.11 7.25
CA THR B 79 -10.39 -20.31 7.43
C THR B 79 -9.51 -21.47 7.91
N ILE B 80 -10.10 -22.66 8.04
CA ILE B 80 -9.35 -23.82 8.52
C ILE B 80 -8.41 -24.32 7.42
N ASP B 81 -8.91 -24.27 6.21
CA ASP B 81 -8.19 -24.68 5.02
C ASP B 81 -7.14 -23.61 4.68
N GLN B 82 -7.26 -22.48 5.41
CA GLN B 82 -6.34 -21.38 5.10
C GLN B 82 -5.08 -21.48 6.00
N MET B 83 -5.26 -22.10 7.18
CA MET B 83 -4.15 -22.19 8.18
C MET B 83 -3.39 -23.52 8.08
N LYS B 84 -4.18 -24.59 7.93
CA LYS B 84 -3.68 -25.98 7.92
C LYS B 84 -2.77 -26.26 6.74
N ARG B 85 -3.19 -25.81 5.57
CA ARG B 85 -2.41 -26.04 4.36
C ARG B 85 -1.06 -25.33 4.45
N GLY B 86 -1.09 -24.05 4.83
CA GLY B 86 0.15 -23.30 4.99
C GLY B 86 1.11 -23.93 5.97
N TYR B 87 0.59 -24.43 7.08
CA TYR B 87 1.44 -25.05 8.10
C TYR B 87 2.04 -26.36 7.60
N GLU B 88 1.26 -27.13 6.87
CA GLU B 88 1.72 -28.41 6.33
C GLU B 88 2.87 -28.16 5.35
N ARG B 89 2.82 -27.02 4.67
CA ARG B 89 3.86 -26.64 3.73
C ARG B 89 5.14 -26.27 4.46
N ILE B 90 5.02 -25.56 5.59
CA ILE B 90 6.16 -25.14 6.39
C ILE B 90 6.96 -26.35 6.88
N TYR B 91 6.26 -27.46 7.07
CA TYR B 91 6.89 -28.69 7.56
C TYR B 91 7.82 -29.24 6.47
N ASN B 92 7.46 -28.97 5.22
CA ASN B 92 8.25 -29.41 4.08
C ASN B 92 9.38 -28.43 3.81
N GLU B 93 9.14 -27.15 4.14
CA GLU B 93 10.14 -26.11 3.94
C GLU B 93 11.26 -26.18 4.97
N ILE B 94 10.91 -26.64 6.19
CA ILE B 94 11.87 -26.76 7.29
C ILE B 94 13.20 -27.39 6.89
N PRO B 95 13.20 -28.61 6.29
CA PRO B 95 14.44 -29.28 5.86
C PRO B 95 15.20 -28.47 4.81
N ASP B 96 14.46 -27.79 3.94
CA ASP B 96 15.07 -26.99 2.88
C ASP B 96 15.78 -25.78 3.46
N ILE B 97 15.25 -25.26 4.56
CA ILE B 97 15.84 -24.10 5.22
C ILE B 97 16.95 -24.55 6.18
N ASN B 98 16.78 -25.72 6.77
CA ASN B 98 17.76 -26.25 7.71
C ASN B 98 18.98 -26.79 7.00
N LEU B 99 18.74 -27.63 5.99
CA LEU B 99 19.82 -28.25 5.21
C LEU B 99 20.70 -29.09 6.12
N ASP B 100 20.04 -29.95 6.90
CA ASP B 100 20.70 -30.83 7.87
C ASP B 100 21.05 -30.06 9.15
N VAL B 101 21.22 -30.79 10.26
CA VAL B 101 21.52 -30.18 11.55
C VAL B 101 20.39 -29.24 11.97
N PRO B 102 19.23 -29.80 12.35
CA PRO B 102 18.05 -29.03 12.74
C PRO B 102 18.20 -28.37 14.10
N HIS B 103 18.52 -27.09 14.10
CA HIS B 103 18.67 -26.34 15.34
C HIS B 103 17.66 -25.19 15.42
N SER B 104 16.63 -25.28 14.60
CA SER B 104 15.58 -24.27 14.57
C SER B 104 14.32 -24.82 15.23
N TYR B 105 14.45 -26.04 15.76
CA TYR B 105 13.36 -26.73 16.43
C TYR B 105 12.94 -26.00 17.71
N SER B 106 13.91 -25.31 18.31
CA SER B 106 13.66 -24.53 19.52
C SER B 106 12.67 -23.41 19.21
N VAL B 107 12.66 -23.02 17.93
CA VAL B 107 11.74 -21.99 17.46
C VAL B 107 10.46 -22.63 16.91
N LEU B 108 10.65 -23.76 16.21
CA LEU B 108 9.58 -24.48 15.53
C LEU B 108 8.58 -25.11 16.47
N GLU B 109 9.03 -25.82 17.50
CA GLU B 109 8.11 -26.48 18.41
C GLU B 109 7.19 -25.47 19.09
N ARG B 110 7.75 -24.48 19.81
CA ARG B 110 6.94 -23.49 20.48
C ARG B 110 5.97 -22.81 19.52
N PHE B 111 6.55 -22.07 18.59
CA PHE B 111 5.76 -21.34 17.57
C PHE B 111 4.57 -22.17 17.02
N VAL B 112 4.74 -23.49 16.85
CA VAL B 112 3.65 -24.33 16.36
C VAL B 112 2.58 -24.55 17.43
N GLU B 113 2.98 -25.06 18.60
CA GLU B 113 2.02 -25.30 19.67
C GLU B 113 1.49 -23.98 20.23
N GLU B 114 2.38 -23.00 20.30
CA GLU B 114 2.04 -21.65 20.73
C GLU B 114 0.81 -21.15 19.98
N CYS B 115 0.69 -21.53 18.72
CA CYS B 115 -0.47 -21.17 17.91
C CYS B 115 -1.65 -22.08 18.22
N PHE B 116 -1.33 -23.26 18.77
CA PHE B 116 -2.30 -24.27 19.15
C PHE B 116 -2.92 -23.92 20.51
N GLN B 117 -2.33 -22.93 21.17
CA GLN B 117 -2.74 -22.52 22.52
C GLN B 117 -3.98 -21.62 22.47
N ALA B 118 -4.39 -21.26 21.25
CA ALA B 118 -5.52 -20.36 21.07
C ALA B 118 -6.70 -21.11 20.44
N GLY B 119 -6.53 -22.42 20.25
CA GLY B 119 -7.58 -23.24 19.67
C GLY B 119 -8.04 -22.77 18.30
N ILE B 120 -7.12 -22.28 17.49
CA ILE B 120 -7.45 -21.81 16.15
C ILE B 120 -7.04 -22.85 15.12
N ILE B 121 -6.64 -24.01 15.61
CA ILE B 121 -6.21 -25.11 14.77
C ILE B 121 -6.58 -26.43 15.42
N SER B 122 -6.81 -27.44 14.59
CA SER B 122 -7.18 -28.76 15.07
C SER B 122 -5.94 -29.53 15.53
N LYS B 123 -6.16 -30.61 16.27
CA LYS B 123 -5.07 -31.43 16.80
C LYS B 123 -4.27 -32.11 15.68
N GLN B 124 -4.89 -32.28 14.52
CA GLN B 124 -4.25 -32.91 13.37
C GLN B 124 -3.04 -32.08 12.90
N LEU B 125 -3.14 -30.78 13.08
CA LEU B 125 -2.07 -29.87 12.68
C LEU B 125 -0.90 -29.97 13.68
N ARG B 126 -1.19 -30.61 14.81
CA ARG B 126 -0.17 -30.73 15.85
C ARG B 126 0.72 -31.98 15.65
N ASP B 127 0.09 -33.11 15.29
CA ASP B 127 0.80 -34.38 15.12
C ASP B 127 1.55 -34.48 13.80
N LEU B 128 1.13 -33.69 12.83
CA LEU B 128 1.75 -33.70 11.50
C LEU B 128 3.04 -32.88 11.47
N CYS B 129 3.70 -32.79 12.62
CA CYS B 129 4.93 -32.03 12.72
C CYS B 129 5.85 -32.70 13.73
N PRO B 130 7.16 -32.40 13.67
CA PRO B 130 8.13 -32.97 14.61
C PRO B 130 7.96 -32.36 16.00
N SER B 131 7.05 -32.94 16.77
CA SER B 131 6.78 -32.47 18.11
C SER B 131 7.59 -33.28 19.13
N GLY A 1 2.66 30.66 -2.92
CA GLY A 1 1.78 31.79 -2.56
C GLY A 1 0.39 31.34 -2.22
N LEU A 2 -0.53 32.28 -2.06
CA LEU A 2 -1.91 31.96 -1.74
C LEU A 2 -2.77 32.01 -3.01
N PRO A 3 -3.74 31.10 -3.12
CA PRO A 3 -4.62 31.04 -4.28
C PRO A 3 -5.68 32.14 -4.26
N LEU A 4 -5.87 32.79 -5.40
CA LEU A 4 -6.85 33.87 -5.52
C LEU A 4 -8.11 33.35 -6.21
N ASP A 5 -9.22 33.36 -5.47
CA ASP A 5 -10.52 32.89 -5.96
C ASP A 5 -10.57 31.36 -6.05
N GLU A 6 -10.69 30.72 -4.91
CA GLU A 6 -10.74 29.27 -4.82
C GLU A 6 -12.08 28.70 -5.31
N ARG A 7 -13.18 29.42 -5.03
CA ARG A 7 -14.51 28.97 -5.39
C ARG A 7 -14.67 28.70 -6.89
N ALA A 8 -14.43 29.72 -7.70
CA ALA A 8 -14.54 29.58 -9.15
C ALA A 8 -13.44 28.63 -9.63
N PHE A 9 -12.30 28.76 -8.99
CA PHE A 9 -11.14 27.93 -9.30
C PHE A 9 -11.50 26.45 -9.21
N GLU A 10 -11.98 26.02 -8.05
CA GLU A 10 -12.38 24.63 -7.84
C GLU A 10 -13.57 24.26 -8.72
N LYS A 11 -14.56 25.14 -8.78
CA LYS A 11 -15.77 24.91 -9.56
C LYS A 11 -15.45 24.59 -11.03
N THR A 12 -14.61 25.41 -11.64
CA THR A 12 -14.21 25.22 -13.03
C THR A 12 -13.22 24.08 -13.16
N LEU A 13 -12.44 23.86 -12.12
CA LEU A 13 -11.44 22.82 -12.13
C LEU A 13 -11.98 21.45 -11.71
N THR A 14 -13.30 21.34 -11.73
CA THR A 14 -13.92 20.08 -11.36
C THR A 14 -14.27 19.20 -12.57
N PRO A 15 -15.18 19.73 -13.46
CA PRO A 15 -15.70 19.01 -14.65
C PRO A 15 -14.67 18.52 -15.66
N ILE A 16 -13.59 19.27 -15.79
CA ILE A 16 -12.52 18.89 -16.71
C ILE A 16 -11.94 17.57 -16.25
N ILE A 17 -11.40 17.58 -15.05
CA ILE A 17 -10.83 16.39 -14.42
C ILE A 17 -11.85 15.29 -14.08
N GLN A 18 -13.12 15.66 -14.19
CA GLN A 18 -14.21 14.74 -13.88
C GLN A 18 -14.43 13.75 -15.03
N GLU A 19 -14.51 14.32 -16.23
CA GLU A 19 -14.79 13.59 -17.47
C GLU A 19 -13.57 12.83 -17.96
N TYR A 20 -12.41 13.19 -17.45
CA TYR A 20 -11.15 12.59 -17.84
C TYR A 20 -11.03 11.17 -17.29
N PHE A 21 -10.97 11.06 -15.94
CA PHE A 21 -10.88 9.77 -15.23
C PHE A 21 -11.84 8.65 -15.64
N GLU A 22 -12.58 8.86 -16.70
CA GLU A 22 -13.48 7.82 -17.17
C GLU A 22 -12.79 7.10 -18.32
N HIS A 23 -11.91 7.80 -19.04
CA HIS A 23 -11.16 7.15 -20.14
C HIS A 23 -9.67 7.50 -20.13
N GLY A 24 -9.29 8.63 -20.73
CA GLY A 24 -7.90 9.07 -20.71
C GLY A 24 -7.51 9.91 -21.93
N ASP A 25 -7.42 11.23 -21.73
CA ASP A 25 -7.08 12.19 -22.79
C ASP A 25 -6.12 13.22 -22.21
N THR A 26 -5.18 12.70 -21.43
CA THR A 26 -4.18 13.52 -20.72
C THR A 26 -3.75 14.81 -21.42
N ASN A 27 -3.36 14.75 -22.67
CA ASN A 27 -2.93 15.97 -23.37
C ASN A 27 -3.97 17.09 -23.34
N GLU A 28 -5.26 16.73 -23.33
CA GLU A 28 -6.34 17.71 -23.30
C GLU A 28 -6.20 18.60 -22.06
N VAL A 29 -6.19 17.96 -20.89
CA VAL A 29 -6.01 18.66 -19.62
C VAL A 29 -4.74 19.55 -19.64
N ALA A 30 -3.73 19.11 -20.38
CA ALA A 30 -2.49 19.87 -20.49
C ALA A 30 -2.74 21.13 -21.32
N GLU A 31 -3.38 20.93 -22.47
CA GLU A 31 -3.72 22.02 -23.37
C GLU A 31 -4.57 23.07 -22.67
N MET A 32 -5.56 22.61 -21.90
CA MET A 32 -6.46 23.50 -21.17
C MET A 32 -5.73 24.28 -20.09
N LEU A 33 -4.69 23.68 -19.51
CA LEU A 33 -3.93 24.33 -18.46
C LEU A 33 -3.24 25.59 -18.96
N ARG A 34 -2.79 25.55 -20.21
CA ARG A 34 -2.12 26.70 -20.80
C ARG A 34 -3.14 27.80 -21.11
N ASP A 35 -4.36 27.40 -21.42
CA ASP A 35 -5.43 28.36 -21.71
C ASP A 35 -5.62 29.30 -20.53
N LEU A 36 -5.95 28.71 -19.37
CA LEU A 36 -6.10 29.47 -18.13
C LEU A 36 -4.84 30.26 -17.79
N ASN A 37 -3.70 29.67 -18.16
CA ASN A 37 -2.38 30.28 -17.93
C ASN A 37 -2.20 30.70 -16.47
N LEU A 38 -2.46 29.76 -15.57
CA LEU A 38 -2.34 30.03 -14.14
C LEU A 38 -0.90 29.90 -13.66
N GLY A 39 -0.51 30.73 -12.71
CA GLY A 39 0.84 30.67 -12.16
C GLY A 39 0.86 29.75 -10.95
N GLU A 40 0.76 30.33 -9.75
CA GLU A 40 0.75 29.54 -8.53
C GLU A 40 -0.55 28.74 -8.45
N MET A 41 -1.58 29.25 -9.11
CA MET A 41 -2.89 28.58 -9.15
C MET A 41 -2.79 27.27 -9.92
N LYS A 42 -1.78 27.18 -10.79
CA LYS A 42 -1.55 25.99 -11.60
C LYS A 42 -1.23 24.80 -10.70
N SER A 43 -0.69 25.08 -9.53
CA SER A 43 -0.34 24.03 -8.56
C SER A 43 -1.57 23.55 -7.80
N GLY A 44 -2.72 24.17 -8.05
CA GLY A 44 -3.94 23.77 -7.37
C GLY A 44 -4.57 22.56 -8.03
N VAL A 45 -4.87 22.70 -9.32
CA VAL A 45 -5.45 21.60 -10.13
C VAL A 45 -4.92 20.20 -9.77
N PRO A 46 -3.58 19.98 -9.78
CA PRO A 46 -3.01 18.67 -9.43
C PRO A 46 -3.45 18.15 -8.05
N VAL A 47 -3.60 19.07 -7.09
CA VAL A 47 -4.04 18.70 -5.75
C VAL A 47 -5.35 17.93 -5.80
N LEU A 48 -6.40 18.58 -6.30
CA LEU A 48 -7.70 17.94 -6.44
C LEU A 48 -7.57 16.71 -7.35
N ALA A 49 -7.03 16.93 -8.55
CA ALA A 49 -6.83 15.83 -9.52
C ALA A 49 -6.29 14.54 -8.87
N VAL A 50 -5.50 14.68 -7.81
CA VAL A 50 -4.96 13.53 -7.10
C VAL A 50 -6.01 12.98 -6.11
N SER A 51 -6.52 13.86 -5.26
CA SER A 51 -7.48 13.55 -4.21
C SER A 51 -8.97 13.43 -4.59
N LEU A 52 -9.32 13.96 -5.76
CA LEU A 52 -10.70 14.01 -6.25
C LEU A 52 -11.41 12.66 -6.20
N ALA A 53 -10.77 11.62 -6.69
CA ALA A 53 -11.35 10.28 -6.71
C ALA A 53 -11.26 9.51 -5.38
N LEU A 54 -10.56 10.08 -4.40
CA LEU A 54 -10.39 9.41 -3.10
C LEU A 54 -11.72 8.91 -2.58
N GLU A 55 -12.69 9.80 -2.56
CA GLU A 55 -14.04 9.49 -2.11
C GLU A 55 -14.85 8.85 -3.24
N GLY A 56 -14.21 8.00 -4.02
CA GLY A 56 -14.88 7.34 -5.13
C GLY A 56 -14.22 6.02 -5.45
N LYS A 57 -14.38 5.57 -6.68
CA LYS A 57 -13.80 4.31 -7.15
C LYS A 57 -12.28 4.29 -6.98
N ALA A 58 -11.76 3.16 -6.51
CA ALA A 58 -10.33 3.00 -6.30
C ALA A 58 -9.60 2.96 -7.64
N SER A 59 -10.27 2.46 -8.66
CA SER A 59 -9.70 2.37 -10.01
C SER A 59 -9.22 3.72 -10.54
N HIS A 60 -9.88 4.80 -10.11
CA HIS A 60 -9.49 6.14 -10.53
C HIS A 60 -8.11 6.49 -9.94
N ARG A 61 -7.97 6.15 -8.65
CA ARG A 61 -6.74 6.32 -7.81
C ARG A 61 -5.38 5.85 -8.44
N GLU A 62 -5.51 5.23 -9.57
CA GLU A 62 -4.33 4.76 -10.38
C GLU A 62 -3.83 5.85 -11.37
N MET A 63 -4.74 6.19 -12.30
CA MET A 63 -4.53 7.12 -13.42
C MET A 63 -4.45 8.56 -12.99
N THR A 64 -4.86 8.79 -11.76
CA THR A 64 -4.85 10.10 -11.18
C THR A 64 -3.41 10.61 -11.21
N SER A 65 -2.45 9.75 -10.88
CA SER A 65 -1.04 10.09 -10.93
C SER A 65 -0.46 9.98 -12.35
N LYS A 66 -1.18 9.27 -13.25
CA LYS A 66 -0.71 9.07 -14.63
C LYS A 66 -0.37 10.41 -15.26
N LEU A 67 -1.28 11.36 -15.08
CA LEU A 67 -1.09 12.70 -15.58
C LEU A 67 -0.11 13.55 -14.76
N LEU A 68 0.17 13.12 -13.49
CA LEU A 68 1.04 13.90 -12.58
C LEU A 68 2.31 14.37 -13.27
N SER A 69 3.24 13.46 -13.52
CA SER A 69 4.47 13.78 -14.21
C SER A 69 4.25 13.93 -15.71
N ASP A 70 3.03 13.61 -16.17
CA ASP A 70 2.73 13.62 -17.60
C ASP A 70 2.90 15.00 -18.20
N LEU A 71 2.14 15.98 -17.70
CA LEU A 71 2.26 17.34 -18.20
C LEU A 71 3.41 18.07 -17.51
N CYS A 72 4.06 17.37 -16.60
CA CYS A 72 5.19 17.93 -15.88
C CYS A 72 6.36 18.02 -16.83
N GLY A 73 7.27 18.96 -16.58
CA GLY A 73 8.41 19.14 -17.44
C GLY A 73 8.06 19.99 -18.65
N THR A 74 6.76 20.08 -18.93
CA THR A 74 6.26 20.87 -20.05
C THR A 74 5.40 22.01 -19.54
N VAL A 75 4.21 21.68 -19.07
CA VAL A 75 3.29 22.68 -18.54
C VAL A 75 3.58 22.92 -17.06
N MET A 76 3.54 21.85 -16.29
CA MET A 76 3.81 21.91 -14.86
C MET A 76 5.28 21.65 -14.58
N SER A 77 5.89 22.47 -13.74
CA SER A 77 7.30 22.29 -13.41
C SER A 77 7.42 21.34 -12.22
N THR A 78 8.62 20.83 -11.98
CA THR A 78 8.83 19.91 -10.86
C THR A 78 8.56 20.63 -9.54
N THR A 79 8.83 21.93 -9.52
CA THR A 79 8.61 22.77 -8.36
C THR A 79 7.11 22.86 -8.07
N ASP A 80 6.31 22.89 -9.13
CA ASP A 80 4.85 22.98 -9.00
C ASP A 80 4.32 21.77 -8.24
N VAL A 81 4.76 20.59 -8.64
CA VAL A 81 4.33 19.35 -8.01
C VAL A 81 4.68 19.35 -6.53
N GLU A 82 5.89 19.83 -6.21
CA GLU A 82 6.36 19.92 -4.84
C GLU A 82 5.39 20.79 -4.04
N LYS A 83 5.09 21.95 -4.60
CA LYS A 83 4.16 22.89 -3.97
C LYS A 83 2.80 22.21 -3.79
N SER A 84 2.29 21.59 -4.85
CA SER A 84 1.02 20.87 -4.80
C SER A 84 0.95 19.89 -3.62
N PHE A 85 2.03 19.14 -3.39
CA PHE A 85 2.09 18.20 -2.28
C PHE A 85 1.86 18.92 -0.96
N ASP A 86 2.63 19.97 -0.75
CA ASP A 86 2.52 20.80 0.45
C ASP A 86 1.07 21.25 0.64
N LYS A 87 0.45 21.70 -0.45
CA LYS A 87 -0.92 22.16 -0.42
C LYS A 87 -1.90 21.01 -0.16
N LEU A 88 -1.57 19.83 -0.68
CA LEU A 88 -2.41 18.65 -0.51
C LEU A 88 -2.44 18.19 0.94
N LEU A 89 -1.26 18.07 1.54
CA LEU A 89 -1.15 17.64 2.94
C LEU A 89 -1.96 18.59 3.83
N LYS A 90 -1.96 19.86 3.43
CA LYS A 90 -2.70 20.89 4.16
C LYS A 90 -4.20 20.59 4.22
N ASP A 91 -4.81 20.31 3.07
CA ASP A 91 -6.25 20.02 3.04
C ASP A 91 -6.64 18.68 3.66
N LEU A 92 -5.70 17.72 3.69
CA LEU A 92 -5.96 16.39 4.26
C LEU A 92 -6.80 16.38 5.54
N PRO A 93 -6.48 17.21 6.56
CA PRO A 93 -7.26 17.26 7.80
C PRO A 93 -8.79 17.43 7.61
N GLU A 94 -9.24 17.85 6.41
CA GLU A 94 -10.70 17.99 6.25
C GLU A 94 -11.36 16.75 5.63
N LEU A 95 -11.15 16.65 4.31
CA LEU A 95 -11.65 15.50 3.52
C LEU A 95 -11.37 14.10 4.04
N ALA A 96 -10.28 13.94 4.74
CA ALA A 96 -9.92 12.64 5.27
C ALA A 96 -10.75 12.27 6.50
N LEU A 97 -11.72 13.11 6.86
CA LEU A 97 -12.54 12.82 8.03
C LEU A 97 -13.49 11.65 7.78
N ASP A 98 -14.31 11.75 6.74
CA ASP A 98 -15.25 10.67 6.42
C ASP A 98 -14.54 9.48 5.78
N THR A 99 -13.66 9.80 4.85
CA THR A 99 -12.86 8.78 4.17
C THR A 99 -11.75 8.30 5.11
N PRO A 100 -11.89 7.09 5.70
CA PRO A 100 -10.92 6.56 6.65
C PRO A 100 -9.65 6.03 5.99
N ARG A 101 -9.61 6.10 4.67
CA ARG A 101 -8.45 5.62 3.93
C ARG A 101 -7.73 6.78 3.25
N ALA A 102 -8.49 7.83 2.91
CA ALA A 102 -7.95 9.03 2.28
C ALA A 102 -6.52 9.41 2.72
N PRO A 103 -6.25 9.62 4.03
CA PRO A 103 -4.91 10.00 4.50
C PRO A 103 -3.88 8.90 4.23
N GLN A 104 -4.32 7.66 4.43
CA GLN A 104 -3.48 6.49 4.23
C GLN A 104 -3.12 6.33 2.76
N LEU A 105 -4.08 6.64 1.89
CA LEU A 105 -3.91 6.53 0.44
C LEU A 105 -2.89 7.53 -0.11
N VAL A 106 -2.75 8.66 0.57
CA VAL A 106 -1.82 9.70 0.13
C VAL A 106 -0.40 9.12 0.15
N GLY A 107 -0.19 8.22 1.10
CA GLY A 107 1.10 7.57 1.25
C GLY A 107 1.55 6.83 0.00
N GLN A 108 0.60 6.26 -0.74
CA GLN A 108 0.94 5.52 -1.97
C GLN A 108 1.25 6.48 -3.11
N PHE A 109 0.59 7.63 -3.10
CA PHE A 109 0.80 8.63 -4.14
C PHE A 109 2.18 9.27 -4.02
N ILE A 110 2.63 9.50 -2.78
CA ILE A 110 3.96 10.07 -2.55
C ILE A 110 5.01 9.02 -2.89
N ALA A 111 4.71 7.78 -2.48
CA ALA A 111 5.59 6.65 -2.73
C ALA A 111 5.83 6.48 -4.23
N ARG A 112 4.80 6.75 -5.01
CA ARG A 112 4.88 6.66 -6.46
C ARG A 112 5.53 7.90 -7.07
N ALA A 113 5.32 9.05 -6.44
CA ALA A 113 5.82 10.34 -6.95
C ALA A 113 7.32 10.34 -7.14
N VAL A 114 8.04 9.79 -6.18
CA VAL A 114 9.50 9.73 -6.25
C VAL A 114 9.97 8.87 -7.43
N GLY A 115 9.26 7.78 -7.68
CA GLY A 115 9.61 6.88 -8.78
C GLY A 115 9.06 7.31 -10.14
N ASP A 116 8.05 8.18 -10.12
CA ASP A 116 7.39 8.63 -11.34
C ASP A 116 8.25 9.61 -12.13
N GLY A 117 8.72 10.64 -11.44
CA GLY A 117 9.55 11.64 -12.08
C GLY A 117 9.17 13.05 -11.64
N ILE A 118 9.17 13.26 -10.34
CA ILE A 118 8.80 14.54 -9.76
C ILE A 118 9.39 14.74 -8.37
N LEU A 119 8.62 14.36 -7.36
CA LEU A 119 9.03 14.50 -5.98
C LEU A 119 10.36 13.81 -5.69
N CYS A 120 11.19 14.45 -4.90
CA CYS A 120 12.48 13.92 -4.52
C CYS A 120 12.37 13.19 -3.19
N ASN A 121 13.29 12.29 -2.93
CA ASN A 121 13.31 11.52 -1.70
C ASN A 121 13.43 12.42 -0.47
N THR A 122 14.22 13.48 -0.60
CA THR A 122 14.44 14.44 0.48
C THR A 122 13.14 15.06 1.02
N TYR A 123 12.04 14.90 0.27
CA TYR A 123 10.76 15.47 0.68
C TYR A 123 10.28 14.84 1.99
N ILE A 124 10.48 13.54 2.12
CA ILE A 124 10.08 12.83 3.33
C ILE A 124 10.96 13.26 4.51
N ASP A 125 12.23 13.47 4.21
CA ASP A 125 13.20 13.88 5.23
C ASP A 125 12.96 15.32 5.68
N SER A 126 12.38 16.12 4.80
CA SER A 126 12.06 17.50 5.11
C SER A 126 10.91 17.58 6.12
N TYR A 127 10.06 16.56 6.14
CA TYR A 127 8.93 16.51 7.07
C TYR A 127 9.19 15.48 8.17
N LYS A 128 10.40 14.92 8.13
CA LYS A 128 10.93 13.92 9.07
C LYS A 128 11.05 14.31 10.55
N GLY A 129 9.98 14.75 11.16
CA GLY A 129 10.03 15.14 12.56
C GLY A 129 9.55 16.56 12.67
N THR A 130 9.28 17.11 11.51
CA THR A 130 8.78 18.46 11.37
C THR A 130 7.26 18.42 11.50
N VAL A 131 6.71 17.21 11.52
CA VAL A 131 5.29 16.98 11.64
C VAL A 131 4.77 17.51 12.97
N ASP A 132 3.79 18.40 12.91
CA ASP A 132 3.21 18.98 14.12
C ASP A 132 1.85 18.36 14.44
N CYS A 133 1.28 17.67 13.46
CA CYS A 133 -0.01 17.02 13.64
C CYS A 133 -0.04 15.67 12.94
N VAL A 134 -0.52 14.65 13.65
CA VAL A 134 -0.62 13.28 13.11
C VAL A 134 -1.43 13.23 11.81
N GLN A 135 -2.14 14.31 11.50
CA GLN A 135 -2.92 14.37 10.27
C GLN A 135 -2.00 14.35 9.05
N ALA A 136 -0.77 14.85 9.22
CA ALA A 136 0.24 14.86 8.16
C ALA A 136 0.88 13.48 8.11
N ARG A 137 1.34 13.05 9.30
CA ARG A 137 1.94 11.72 9.53
C ARG A 137 1.16 10.52 9.02
N ALA A 138 -0.02 10.77 8.49
CA ALA A 138 -0.87 9.68 8.05
C ALA A 138 -0.30 9.15 6.71
N ALA A 139 0.26 10.06 5.90
CA ALA A 139 0.85 9.72 4.59
C ALA A 139 2.34 9.38 4.74
N LEU A 140 2.99 10.24 5.51
CA LEU A 140 4.42 10.20 5.80
C LEU A 140 4.82 8.92 6.52
N ASP A 141 3.82 8.28 7.13
CA ASP A 141 4.05 7.04 7.85
C ASP A 141 3.87 5.87 6.85
N LYS A 142 3.15 6.18 5.73
CA LYS A 142 2.79 5.18 4.72
C LYS A 142 3.85 5.09 3.61
N ALA A 143 4.16 6.28 3.07
CA ALA A 143 5.13 6.51 1.99
C ALA A 143 6.51 5.95 2.31
N THR A 144 6.69 5.68 3.57
CA THR A 144 7.96 5.21 4.07
C THR A 144 7.93 3.66 4.08
N VAL A 145 6.67 3.12 4.12
CA VAL A 145 6.45 1.65 4.27
C VAL A 145 6.32 0.98 2.87
N LEU A 146 5.96 1.83 1.91
CA LEU A 146 5.67 1.41 0.54
C LEU A 146 6.89 1.27 -0.37
N LEU A 147 7.91 2.08 -0.10
CA LEU A 147 9.12 2.09 -0.93
C LEU A 147 9.96 0.82 -0.86
N SER A 148 10.29 0.38 0.34
CA SER A 148 11.11 -0.82 0.50
C SER A 148 10.40 -2.05 -0.04
N MET A 149 9.10 -2.14 0.23
CA MET A 149 8.29 -3.26 -0.21
C MET A 149 8.19 -3.32 -1.74
N SER A 150 8.07 -2.17 -2.38
CA SER A 150 7.96 -2.13 -3.83
C SER A 150 9.28 -2.47 -4.54
N LYS A 151 10.39 -2.11 -3.91
CA LYS A 151 11.70 -2.39 -4.48
C LYS A 151 11.99 -3.89 -4.47
N GLY A 152 11.69 -4.54 -3.36
CA GLY A 152 11.91 -5.95 -3.24
C GLY A 152 10.74 -6.77 -3.77
N GLY A 153 9.68 -6.07 -4.16
CA GLY A 153 8.50 -6.73 -4.68
C GLY A 153 8.47 -6.77 -6.19
N LYS A 154 9.26 -5.90 -6.83
CA LYS A 154 9.31 -5.86 -8.29
C LYS A 154 10.13 -7.01 -8.87
N ARG A 155 10.59 -7.89 -7.99
CA ARG A 155 11.37 -9.04 -8.42
C ARG A 155 10.45 -10.04 -9.13
N LYS A 156 9.16 -9.83 -8.97
CA LYS A 156 8.15 -10.68 -9.59
C LYS A 156 7.64 -10.07 -10.90
N ASP A 157 8.00 -8.82 -11.14
CA ASP A 157 7.58 -8.12 -12.35
C ASP A 157 8.77 -7.94 -13.30
N SER A 158 8.53 -8.11 -14.59
CA SER A 158 9.58 -8.00 -15.58
C SER A 158 9.32 -6.87 -16.59
N VAL A 159 8.20 -6.16 -16.46
CA VAL A 159 7.87 -5.08 -17.38
C VAL A 159 7.28 -3.86 -16.66
N TRP A 160 6.12 -3.41 -17.14
CA TRP A 160 5.46 -2.25 -16.56
C TRP A 160 4.27 -2.68 -15.71
N GLY A 161 4.56 -3.14 -14.50
CA GLY A 161 3.50 -3.56 -13.59
C GLY A 161 2.73 -2.38 -13.05
N SER A 162 1.44 -2.54 -12.87
CA SER A 162 0.58 -1.48 -12.34
C SER A 162 -0.61 -2.11 -11.62
N GLY A 163 -1.75 -1.43 -11.63
CA GLY A 163 -2.93 -1.95 -10.98
C GLY A 163 -3.92 -2.51 -11.98
N GLY B 1 -6.15 -3.68 -13.82
CA GLY B 1 -7.01 -2.47 -13.91
C GLY B 1 -7.75 -2.41 -15.24
N GLY B 2 -7.89 -1.21 -15.77
CA GLY B 2 -8.57 -1.04 -17.04
C GLY B 2 -7.64 -1.23 -18.21
N GLN B 3 -6.60 -0.41 -18.27
CA GLN B 3 -5.62 -0.51 -19.35
C GLN B 3 -4.59 -1.59 -19.06
N GLN B 4 -4.24 -1.74 -17.78
CA GLN B 4 -3.28 -2.75 -17.37
C GLN B 4 -4.02 -4.03 -16.99
N PRO B 5 -3.49 -5.21 -17.38
CA PRO B 5 -4.11 -6.51 -17.08
C PRO B 5 -4.31 -6.73 -15.58
N VAL B 6 -5.10 -7.75 -15.24
CA VAL B 6 -5.38 -8.07 -13.85
C VAL B 6 -4.11 -8.56 -13.13
N ASN B 7 -3.78 -7.90 -12.03
CA ASN B 7 -2.60 -8.25 -11.26
C ASN B 7 -2.93 -9.26 -10.16
N HIS B 8 -2.01 -10.18 -9.93
CA HIS B 8 -2.15 -11.20 -8.92
C HIS B 8 -0.78 -11.59 -8.40
N LEU B 9 -0.71 -12.12 -7.17
CA LEU B 9 0.55 -12.52 -6.54
C LEU B 9 1.46 -11.32 -6.22
N VAL B 10 1.84 -10.57 -7.24
CA VAL B 10 2.69 -9.40 -7.06
C VAL B 10 1.96 -8.32 -6.30
N LYS B 11 2.59 -7.81 -5.25
CA LYS B 11 2.02 -6.75 -4.41
C LYS B 11 0.70 -7.19 -3.75
N GLU B 12 0.51 -8.50 -3.63
CA GLU B 12 -0.69 -9.03 -3.01
C GLU B 12 -0.32 -9.67 -1.67
N ILE B 13 0.16 -10.89 -1.74
CA ILE B 13 0.58 -11.60 -0.53
C ILE B 13 1.82 -10.92 0.04
N ASP B 14 2.73 -10.59 -0.86
CA ASP B 14 4.01 -9.98 -0.49
C ASP B 14 3.82 -8.59 0.13
N MET B 15 3.32 -7.67 -0.69
CA MET B 15 3.06 -6.29 -0.25
C MET B 15 2.35 -6.19 1.10
N LEU B 16 1.19 -6.82 1.23
CA LEU B 16 0.43 -6.76 2.48
C LEU B 16 1.25 -7.25 3.68
N LEU B 17 2.00 -8.33 3.47
CA LEU B 17 2.81 -8.91 4.52
C LEU B 17 3.94 -7.98 4.94
N LYS B 18 4.65 -7.45 3.95
CA LYS B 18 5.78 -6.56 4.20
C LYS B 18 5.35 -5.17 4.70
N GLU B 19 4.15 -4.73 4.30
CA GLU B 19 3.64 -3.42 4.70
C GLU B 19 3.24 -3.40 6.16
N TYR B 20 2.78 -4.55 6.66
CA TYR B 20 2.37 -4.66 8.05
C TYR B 20 3.58 -4.53 8.98
N LEU B 21 4.75 -4.89 8.45
CA LEU B 21 5.99 -4.83 9.23
C LEU B 21 6.35 -3.39 9.60
N LEU B 22 6.66 -2.57 8.61
CA LEU B 22 7.03 -1.18 8.86
C LEU B 22 5.85 -0.34 9.36
N SER B 23 4.66 -0.90 9.34
CA SER B 23 3.47 -0.21 9.82
C SER B 23 3.10 -0.70 11.21
N GLY B 24 1.87 -0.45 11.63
CA GLY B 24 1.44 -0.89 12.94
C GLY B 24 -0.06 -0.92 13.10
N ASP B 25 -0.78 -0.93 11.99
CA ASP B 25 -2.23 -0.97 12.03
C ASP B 25 -2.74 -2.32 11.54
N ILE B 26 -3.53 -2.97 12.38
CA ILE B 26 -4.09 -4.29 12.06
C ILE B 26 -5.00 -4.23 10.84
N SER B 27 -5.96 -3.29 10.86
CA SER B 27 -6.92 -3.14 9.76
C SER B 27 -6.22 -2.96 8.41
N GLU B 28 -5.25 -2.04 8.37
CA GLU B 28 -4.51 -1.81 7.13
C GLU B 28 -4.10 -3.11 6.43
N ALA B 29 -3.59 -4.07 7.17
CA ALA B 29 -3.24 -5.37 6.60
C ALA B 29 -4.48 -6.28 6.44
N GLU B 30 -5.31 -6.32 7.49
CA GLU B 30 -6.49 -7.19 7.56
C GLU B 30 -7.61 -6.87 6.57
N HIS B 31 -7.72 -5.64 6.13
CA HIS B 31 -8.81 -5.27 5.23
C HIS B 31 -8.53 -5.71 3.79
N CYS B 32 -7.49 -5.11 3.21
CA CYS B 32 -7.10 -5.45 1.82
C CYS B 32 -7.07 -6.95 1.46
N LEU B 33 -6.78 -7.83 2.41
CA LEU B 33 -6.77 -9.27 2.12
C LEU B 33 -8.20 -9.76 1.78
N LYS B 34 -9.17 -9.17 2.48
CA LYS B 34 -10.60 -9.46 2.33
C LYS B 34 -11.17 -8.84 1.04
N GLU B 35 -10.37 -7.94 0.50
CA GLU B 35 -10.68 -7.14 -0.66
C GLU B 35 -10.56 -7.92 -1.99
N LEU B 36 -10.49 -9.26 -1.91
CA LEU B 36 -10.30 -10.08 -3.12
C LEU B 36 -11.58 -10.81 -3.57
N GLU B 37 -11.72 -12.09 -3.18
CA GLU B 37 -12.90 -12.89 -3.57
C GLU B 37 -12.96 -14.25 -2.86
N VAL B 38 -12.03 -15.16 -3.16
CA VAL B 38 -12.03 -16.48 -2.52
C VAL B 38 -10.86 -16.66 -1.56
N PRO B 39 -11.17 -16.98 -0.29
CA PRO B 39 -10.15 -17.19 0.74
C PRO B 39 -9.54 -18.59 0.64
N HIS B 40 -10.01 -19.36 -0.34
CA HIS B 40 -9.52 -20.72 -0.56
C HIS B 40 -8.07 -20.72 -1.04
N PHE B 41 -7.74 -19.77 -1.91
CA PHE B 41 -6.39 -19.63 -2.43
C PHE B 41 -5.64 -18.59 -1.62
N HIS B 42 -6.41 -17.68 -1.03
CA HIS B 42 -5.91 -16.60 -0.19
C HIS B 42 -5.22 -17.05 1.12
N HIS B 43 -4.94 -18.35 1.26
CA HIS B 43 -4.36 -18.93 2.46
C HIS B 43 -2.84 -18.69 2.54
N GLU B 44 -2.24 -18.31 1.41
CA GLU B 44 -0.78 -18.15 1.29
C GLU B 44 -0.16 -17.14 2.28
N LEU B 45 -0.95 -16.18 2.77
CA LEU B 45 -0.46 -15.18 3.72
C LEU B 45 0.19 -15.85 4.93
N VAL B 46 -0.61 -16.63 5.65
CA VAL B 46 -0.14 -17.43 6.79
C VAL B 46 1.03 -18.36 6.40
N TYR B 47 1.09 -18.62 5.11
CA TYR B 47 2.14 -19.47 4.53
C TYR B 47 3.46 -18.70 4.44
N GLU B 48 3.40 -17.43 4.01
CA GLU B 48 4.59 -16.59 3.89
C GLU B 48 5.02 -16.03 5.24
N ALA B 49 4.12 -15.35 5.93
CA ALA B 49 4.39 -14.78 7.23
C ALA B 49 4.90 -15.77 8.27
N ILE B 50 4.79 -17.10 8.04
CA ILE B 50 5.21 -17.97 9.10
C ILE B 50 6.76 -18.22 8.94
N VAL B 51 7.22 -18.13 7.67
CA VAL B 51 8.63 -18.40 7.27
C VAL B 51 9.52 -17.16 7.47
N MET B 52 8.87 -16.01 7.57
CA MET B 52 9.55 -14.74 7.74
C MET B 52 10.40 -14.76 9.02
N VAL B 53 9.75 -15.00 10.15
CA VAL B 53 10.47 -15.10 11.44
C VAL B 53 11.63 -16.10 11.35
N LEU B 54 11.31 -17.25 10.75
CA LEU B 54 12.30 -18.31 10.53
C LEU B 54 13.51 -17.71 9.82
N GLU B 55 13.21 -16.92 8.81
CA GLU B 55 14.17 -16.19 7.98
C GLU B 55 14.54 -14.76 8.49
N SER B 56 14.54 -14.62 9.82
CA SER B 56 14.76 -13.28 10.42
C SER B 56 15.37 -13.31 11.82
N THR B 57 16.05 -12.22 12.19
CA THR B 57 16.66 -12.09 13.51
C THR B 57 16.14 -10.84 14.24
N GLY B 58 15.21 -11.03 15.16
CA GLY B 58 14.66 -9.93 15.92
C GLY B 58 13.38 -10.32 16.62
N GLU B 59 12.81 -9.41 17.38
CA GLU B 59 11.57 -9.70 18.09
C GLU B 59 10.40 -8.79 17.71
N SER B 60 10.66 -7.77 16.89
CA SER B 60 9.61 -6.85 16.47
C SER B 60 8.56 -7.60 15.63
N ALA B 61 9.02 -8.18 14.53
CA ALA B 61 8.24 -8.98 13.58
C ALA B 61 8.04 -10.41 14.09
N PHE B 62 8.63 -10.63 15.25
CA PHE B 62 8.71 -11.96 15.82
C PHE B 62 7.37 -12.39 16.43
N LYS B 63 6.74 -11.58 17.31
CA LYS B 63 5.47 -11.98 17.94
C LYS B 63 4.26 -11.42 17.14
N MET B 64 4.53 -10.30 16.45
CA MET B 64 3.49 -9.50 15.75
C MET B 64 2.86 -10.25 14.60
N ILE B 65 3.66 -11.05 13.94
CA ILE B 65 3.16 -11.83 12.83
C ILE B 65 2.10 -12.77 13.34
N LEU B 66 2.45 -13.51 14.40
CA LEU B 66 1.54 -14.41 15.07
C LEU B 66 0.20 -13.75 15.37
N ASP B 67 0.23 -12.46 15.72
CA ASP B 67 -0.99 -11.74 16.02
C ASP B 67 -1.80 -11.51 14.73
N LEU B 68 -1.09 -11.28 13.63
CA LEU B 68 -1.74 -11.03 12.34
C LEU B 68 -2.67 -12.19 11.94
N LEU B 69 -2.19 -13.42 12.07
CA LEU B 69 -3.02 -14.58 11.74
C LEU B 69 -4.17 -14.66 12.73
N LYS B 70 -3.83 -14.64 14.01
CA LYS B 70 -4.82 -14.63 15.09
C LYS B 70 -5.89 -13.55 14.85
N SER B 71 -5.50 -12.46 14.20
CA SER B 71 -6.42 -11.36 13.90
C SER B 71 -7.42 -11.80 12.84
N LEU B 72 -6.89 -12.36 11.75
CA LEU B 72 -7.73 -12.89 10.68
C LEU B 72 -8.79 -13.82 11.27
N TRP B 73 -8.34 -14.75 12.10
CA TRP B 73 -9.24 -15.68 12.79
C TRP B 73 -10.18 -14.91 13.72
N LYS B 74 -9.59 -13.96 14.42
CA LYS B 74 -10.31 -13.09 15.37
C LYS B 74 -11.56 -12.51 14.70
N SER B 75 -11.42 -12.04 13.47
CA SER B 75 -12.54 -11.48 12.74
C SER B 75 -13.14 -12.51 11.75
N SER B 76 -12.79 -13.78 11.92
CA SER B 76 -13.26 -14.87 11.08
C SER B 76 -12.95 -14.65 9.59
N THR B 77 -11.75 -15.03 9.18
CA THR B 77 -11.31 -14.85 7.81
C THR B 77 -10.52 -16.06 7.29
N ILE B 78 -10.20 -17.00 8.17
CA ILE B 78 -9.43 -18.18 7.76
C ILE B 78 -10.23 -19.46 7.91
N THR B 79 -10.12 -20.33 6.92
CA THR B 79 -10.80 -21.61 6.92
C THR B 79 -9.87 -22.68 7.48
N ILE B 80 -10.44 -23.71 8.09
CA ILE B 80 -9.66 -24.79 8.70
C ILE B 80 -8.62 -25.44 7.77
N ASP B 81 -9.05 -25.91 6.60
CA ASP B 81 -8.15 -26.58 5.66
C ASP B 81 -7.02 -25.65 5.23
N GLN B 82 -7.41 -24.50 4.68
CA GLN B 82 -6.47 -23.49 4.24
C GLN B 82 -5.38 -23.20 5.27
N MET B 83 -5.77 -23.12 6.54
CA MET B 83 -4.81 -22.87 7.62
C MET B 83 -3.87 -24.06 7.78
N LYS B 84 -4.45 -25.26 7.83
CA LYS B 84 -3.67 -26.49 7.99
C LYS B 84 -2.64 -26.65 6.88
N ARG B 85 -3.09 -26.73 5.63
CA ARG B 85 -2.20 -26.87 4.46
C ARG B 85 -1.16 -25.74 4.40
N GLY B 86 -1.43 -24.69 5.16
CA GLY B 86 -0.53 -23.56 5.21
C GLY B 86 0.60 -23.85 6.17
N TYR B 87 0.23 -24.34 7.35
CA TYR B 87 1.15 -24.67 8.43
C TYR B 87 1.91 -25.97 8.19
N GLU B 88 1.23 -26.96 7.62
CA GLU B 88 1.85 -28.27 7.37
C GLU B 88 2.90 -28.16 6.30
N ARG B 89 2.68 -27.25 5.36
CA ARG B 89 3.60 -27.03 4.27
C ARG B 89 4.94 -26.56 4.81
N ILE B 90 4.91 -25.83 5.92
CA ILE B 90 6.14 -25.33 6.54
C ILE B 90 7.02 -26.47 6.98
N TYR B 91 6.41 -27.56 7.46
CA TYR B 91 7.17 -28.73 7.91
C TYR B 91 7.87 -29.39 6.72
N ASN B 92 7.38 -29.06 5.53
CA ASN B 92 7.95 -29.59 4.29
C ASN B 92 9.13 -28.74 3.86
N GLU B 93 9.02 -27.43 4.06
CA GLU B 93 10.07 -26.50 3.67
C GLU B 93 11.20 -26.52 4.70
N ILE B 94 10.84 -26.85 5.95
CA ILE B 94 11.79 -26.90 7.06
C ILE B 94 13.12 -27.61 6.73
N PRO B 95 13.11 -28.88 6.29
CA PRO B 95 14.34 -29.62 5.97
C PRO B 95 15.19 -28.95 4.90
N ASP B 96 14.55 -28.37 3.89
CA ASP B 96 15.27 -27.72 2.79
C ASP B 96 15.95 -26.44 3.25
N ILE B 97 15.24 -25.66 4.05
CA ILE B 97 15.77 -24.40 4.55
C ILE B 97 16.80 -24.62 5.67
N ASN B 98 16.60 -25.65 6.47
CA ASN B 98 17.52 -25.95 7.57
C ASN B 98 18.77 -26.67 7.10
N LEU B 99 18.57 -27.75 6.34
CA LEU B 99 19.67 -28.57 5.83
C LEU B 99 20.44 -29.22 6.97
N ASP B 100 19.76 -30.10 7.69
CA ASP B 100 20.32 -30.82 8.84
C ASP B 100 20.67 -29.86 9.98
N VAL B 101 20.99 -30.40 11.16
CA VAL B 101 21.30 -29.59 12.34
C VAL B 101 20.25 -28.50 12.52
N PRO B 102 19.01 -28.88 12.83
CA PRO B 102 17.92 -27.92 12.99
C PRO B 102 17.90 -27.25 14.36
N HIS B 103 18.71 -26.22 14.51
CA HIS B 103 18.76 -25.47 15.76
C HIS B 103 17.66 -24.44 15.81
N SER B 104 16.97 -24.27 14.69
CA SER B 104 15.88 -23.32 14.57
C SER B 104 14.55 -23.95 14.98
N TYR B 105 14.63 -25.11 15.62
CA TYR B 105 13.43 -25.82 16.08
C TYR B 105 12.68 -25.05 17.17
N SER B 106 13.41 -24.23 17.93
CA SER B 106 12.80 -23.44 18.99
C SER B 106 11.60 -22.66 18.44
N VAL B 107 11.86 -21.87 17.40
CA VAL B 107 10.82 -21.09 16.71
C VAL B 107 9.71 -21.99 16.15
N LEU B 108 10.07 -23.24 15.89
CA LEU B 108 9.12 -24.20 15.33
C LEU B 108 8.16 -24.67 16.42
N GLU B 109 8.71 -25.16 17.52
CA GLU B 109 7.91 -25.64 18.63
C GLU B 109 7.15 -24.50 19.30
N ARG B 110 7.75 -23.31 19.32
CA ARG B 110 7.12 -22.15 19.93
C ARG B 110 5.85 -21.78 19.17
N PHE B 111 6.00 -21.50 17.88
CA PHE B 111 4.86 -21.17 17.04
C PHE B 111 3.87 -22.33 16.92
N VAL B 112 4.36 -23.54 17.13
CA VAL B 112 3.50 -24.70 17.05
C VAL B 112 2.64 -24.84 18.33
N GLU B 113 3.25 -24.52 19.48
CA GLU B 113 2.55 -24.58 20.76
C GLU B 113 1.66 -23.36 21.02
N GLU B 114 2.09 -22.19 20.53
CA GLU B 114 1.34 -20.94 20.75
C GLU B 114 -0.01 -20.99 20.05
N CYS B 115 0.02 -21.17 18.74
CA CYS B 115 -1.19 -21.30 17.94
C CYS B 115 -2.09 -22.44 18.43
N PHE B 116 -1.51 -23.39 19.12
CA PHE B 116 -2.29 -24.51 19.65
C PHE B 116 -3.10 -24.03 20.86
N GLN B 117 -2.38 -23.45 21.81
CA GLN B 117 -3.00 -22.91 23.02
C GLN B 117 -4.17 -21.98 22.68
N ALA B 118 -3.92 -21.00 21.81
CA ALA B 118 -4.95 -20.05 21.37
C ALA B 118 -6.04 -20.69 20.49
N GLY B 119 -6.30 -21.98 20.71
CA GLY B 119 -7.31 -22.75 19.98
C GLY B 119 -7.60 -22.30 18.56
N ILE B 120 -6.59 -22.25 17.72
CA ILE B 120 -6.77 -21.85 16.32
C ILE B 120 -6.25 -22.93 15.40
N ILE B 121 -6.15 -24.14 15.98
CA ILE B 121 -5.65 -25.31 15.28
C ILE B 121 -6.17 -26.56 15.98
N SER B 122 -6.00 -27.71 15.37
CA SER B 122 -6.43 -28.96 15.96
C SER B 122 -5.23 -29.77 16.46
N LYS B 123 -5.51 -30.80 17.25
CA LYS B 123 -4.44 -31.65 17.79
C LYS B 123 -3.63 -32.25 16.66
N GLN B 124 -4.32 -32.84 15.68
CA GLN B 124 -3.67 -33.46 14.52
C GLN B 124 -2.70 -32.50 13.83
N LEU B 125 -3.10 -31.23 13.69
CA LEU B 125 -2.26 -30.23 13.05
C LEU B 125 -0.93 -30.10 13.79
N ARG B 126 -0.99 -30.13 15.11
CA ARG B 126 0.21 -30.03 15.94
C ARG B 126 0.95 -31.36 15.96
N ASP B 127 0.24 -32.45 15.77
CA ASP B 127 0.82 -33.79 15.79
C ASP B 127 1.63 -34.06 14.52
N LEU B 128 1.24 -33.41 13.44
CA LEU B 128 1.93 -33.58 12.15
C LEU B 128 3.24 -32.82 12.11
N CYS B 129 3.55 -32.12 13.20
CA CYS B 129 4.78 -31.36 13.30
C CYS B 129 5.77 -32.13 14.14
N PRO B 130 7.08 -31.90 13.94
CA PRO B 130 8.13 -32.57 14.71
C PRO B 130 8.15 -32.12 16.17
N SER B 131 7.41 -32.84 17.01
CA SER B 131 7.33 -32.52 18.43
C SER B 131 7.66 -33.74 19.28
N GLY A 1 1.85 31.60 -2.36
CA GLY A 1 1.51 31.76 -0.93
C GLY A 1 0.06 31.44 -0.65
N LEU A 2 -0.83 32.37 -0.99
CA LEU A 2 -2.25 32.18 -0.79
C LEU A 2 -2.98 32.02 -2.12
N PRO A 3 -3.92 31.08 -2.18
CA PRO A 3 -4.70 30.82 -3.39
C PRO A 3 -5.69 31.95 -3.68
N LEU A 4 -5.77 32.36 -4.94
CA LEU A 4 -6.67 33.42 -5.36
C LEU A 4 -7.91 32.84 -6.00
N ASP A 5 -9.08 33.12 -5.41
CA ASP A 5 -10.36 32.63 -5.93
C ASP A 5 -10.46 31.11 -5.84
N GLU A 6 -10.59 30.61 -4.63
CA GLU A 6 -10.68 29.15 -4.41
C GLU A 6 -11.93 28.55 -5.04
N ARG A 7 -13.10 29.12 -4.73
CA ARG A 7 -14.36 28.61 -5.26
C ARG A 7 -14.38 28.68 -6.78
N ALA A 8 -13.78 29.73 -7.33
CA ALA A 8 -13.71 29.89 -8.79
C ALA A 8 -12.78 28.84 -9.39
N PHE A 9 -11.80 28.44 -8.61
CA PHE A 9 -10.82 27.45 -9.05
C PHE A 9 -11.39 26.04 -9.02
N GLU A 10 -11.85 25.63 -7.84
CA GLU A 10 -12.40 24.29 -7.65
C GLU A 10 -13.54 23.98 -8.60
N LYS A 11 -14.51 24.89 -8.67
CA LYS A 11 -15.69 24.74 -9.52
C LYS A 11 -15.33 24.53 -11.00
N THR A 12 -14.32 25.25 -11.47
CA THR A 12 -13.91 25.15 -12.87
C THR A 12 -13.14 23.86 -13.17
N LEU A 13 -12.46 23.32 -12.16
CA LEU A 13 -11.66 22.12 -12.34
C LEU A 13 -12.45 20.83 -12.14
N THR A 14 -13.64 20.93 -11.57
CA THR A 14 -14.46 19.75 -11.32
C THR A 14 -14.79 18.97 -12.60
N PRO A 15 -15.46 19.60 -13.60
CA PRO A 15 -15.82 18.91 -14.85
C PRO A 15 -14.61 18.49 -15.68
N ILE A 16 -13.50 19.18 -15.50
CA ILE A 16 -12.28 18.88 -16.26
C ILE A 16 -11.68 17.55 -15.79
N ILE A 17 -11.38 17.47 -14.50
CA ILE A 17 -10.80 16.26 -13.92
C ILE A 17 -11.68 15.02 -14.15
N GLN A 18 -12.98 15.18 -13.95
CA GLN A 18 -13.92 14.08 -14.15
C GLN A 18 -13.89 13.60 -15.59
N GLU A 19 -14.01 14.56 -16.51
CA GLU A 19 -13.97 14.28 -17.95
C GLU A 19 -12.73 13.44 -18.29
N TYR A 20 -11.58 13.87 -17.79
CA TYR A 20 -10.32 13.17 -18.04
C TYR A 20 -10.45 11.71 -17.61
N PHE A 21 -10.68 11.51 -16.32
CA PHE A 21 -10.84 10.17 -15.73
C PHE A 21 -11.64 9.19 -16.60
N GLU A 22 -12.80 9.63 -17.07
CA GLU A 22 -13.67 8.78 -17.89
C GLU A 22 -13.00 8.20 -19.14
N HIS A 23 -12.03 8.88 -19.72
CA HIS A 23 -11.35 8.34 -20.92
C HIS A 23 -9.84 8.30 -20.78
N GLY A 24 -9.21 9.46 -20.61
CA GLY A 24 -7.77 9.51 -20.46
C GLY A 24 -7.11 10.39 -21.51
N ASP A 25 -7.38 11.68 -21.46
CA ASP A 25 -6.79 12.61 -22.41
C ASP A 25 -5.98 13.66 -21.69
N THR A 26 -4.71 13.36 -21.45
CA THR A 26 -3.82 14.29 -20.79
C THR A 26 -3.47 15.44 -21.73
N ASN A 27 -3.77 15.22 -23.01
CA ASN A 27 -3.51 16.20 -24.05
C ASN A 27 -4.24 17.52 -23.80
N GLU A 28 -5.57 17.46 -23.67
CA GLU A 28 -6.38 18.65 -23.43
C GLU A 28 -6.08 19.28 -22.08
N VAL A 29 -5.73 18.43 -21.12
CA VAL A 29 -5.45 18.89 -19.76
C VAL A 29 -4.32 19.92 -19.73
N ALA A 30 -3.29 19.68 -20.54
CA ALA A 30 -2.16 20.60 -20.60
C ALA A 30 -2.63 21.93 -21.17
N GLU A 31 -3.24 21.87 -22.36
CA GLU A 31 -3.79 23.05 -23.01
C GLU A 31 -4.70 23.85 -22.09
N MET A 32 -5.54 23.15 -21.33
CA MET A 32 -6.46 23.79 -20.40
C MET A 32 -5.74 24.58 -19.30
N LEU A 33 -4.57 24.10 -18.90
CA LEU A 33 -3.79 24.76 -17.85
C LEU A 33 -3.30 26.14 -18.29
N ARG A 34 -2.85 26.25 -19.54
CA ARG A 34 -2.38 27.53 -20.06
C ARG A 34 -3.55 28.50 -20.12
N ASP A 35 -4.63 28.01 -20.72
CA ASP A 35 -5.88 28.77 -20.83
C ASP A 35 -6.27 29.45 -19.51
N LEU A 36 -6.00 28.78 -18.39
CA LEU A 36 -6.31 29.33 -17.09
C LEU A 36 -5.19 30.26 -16.61
N ASN A 37 -3.97 29.91 -16.96
CA ASN A 37 -2.76 30.67 -16.59
C ASN A 37 -2.69 31.00 -15.11
N LEU A 38 -2.48 29.97 -14.30
CA LEU A 38 -2.39 30.12 -12.86
C LEU A 38 -0.97 29.91 -12.39
N GLY A 39 -0.49 30.76 -11.48
CA GLY A 39 0.85 30.61 -10.96
C GLY A 39 0.88 29.56 -9.87
N GLU A 40 0.86 29.99 -8.63
CA GLU A 40 0.85 29.08 -7.50
C GLU A 40 -0.51 28.41 -7.41
N MET A 41 -1.47 28.94 -8.16
CA MET A 41 -2.82 28.40 -8.19
C MET A 41 -2.84 27.10 -8.99
N LYS A 42 -1.80 26.91 -9.79
CA LYS A 42 -1.65 25.71 -10.61
C LYS A 42 -1.30 24.51 -9.70
N SER A 43 -0.67 24.84 -8.56
CA SER A 43 -0.26 23.88 -7.52
C SER A 43 -1.50 23.33 -6.79
N GLY A 44 -2.64 23.53 -7.44
CA GLY A 44 -3.91 23.13 -6.89
C GLY A 44 -4.57 22.03 -7.69
N VAL A 45 -4.33 22.02 -9.00
CA VAL A 45 -4.92 21.04 -9.89
C VAL A 45 -4.71 19.58 -9.48
N PRO A 46 -3.44 19.11 -9.38
CA PRO A 46 -3.16 17.73 -9.00
C PRO A 46 -3.82 17.33 -7.69
N VAL A 47 -3.71 18.20 -6.69
CA VAL A 47 -4.31 17.98 -5.37
C VAL A 47 -5.80 17.69 -5.49
N LEU A 48 -6.46 18.42 -6.37
CA LEU A 48 -7.89 18.25 -6.57
C LEU A 48 -8.18 16.92 -7.27
N ALA A 49 -7.36 16.62 -8.28
CA ALA A 49 -7.48 15.38 -9.03
C ALA A 49 -7.37 14.17 -8.12
N VAL A 50 -6.37 14.17 -7.24
CA VAL A 50 -6.17 13.08 -6.30
C VAL A 50 -7.37 12.96 -5.37
N SER A 51 -7.72 14.09 -4.75
CA SER A 51 -8.87 14.15 -3.85
C SER A 51 -10.13 13.57 -4.52
N LEU A 52 -10.33 13.91 -5.80
CA LEU A 52 -11.47 13.41 -6.54
C LEU A 52 -11.37 11.91 -6.76
N ALA A 53 -10.17 11.42 -7.09
CA ALA A 53 -9.97 10.00 -7.30
C ALA A 53 -10.22 9.21 -6.03
N LEU A 54 -9.75 9.73 -4.90
CA LEU A 54 -9.94 9.09 -3.60
C LEU A 54 -11.43 8.87 -3.32
N GLU A 55 -12.24 9.73 -3.89
CA GLU A 55 -13.69 9.66 -3.73
C GLU A 55 -14.27 8.63 -4.70
N GLY A 56 -13.67 8.55 -5.88
CA GLY A 56 -14.14 7.61 -6.90
C GLY A 56 -13.55 6.22 -6.74
N LYS A 57 -13.57 5.45 -7.83
CA LYS A 57 -13.05 4.09 -7.82
C LYS A 57 -11.52 4.09 -7.71
N ALA A 58 -10.97 2.93 -7.36
CA ALA A 58 -9.53 2.76 -7.21
C ALA A 58 -8.83 2.98 -8.55
N SER A 59 -9.50 2.60 -9.63
CA SER A 59 -8.99 2.74 -10.99
C SER A 59 -8.79 4.22 -11.33
N HIS A 60 -9.50 5.07 -10.60
CA HIS A 60 -9.43 6.50 -10.82
C HIS A 60 -8.14 7.07 -10.22
N ARG A 61 -7.77 6.54 -9.06
CA ARG A 61 -6.56 6.96 -8.35
C ARG A 61 -5.28 6.70 -9.14
N GLU A 62 -5.20 5.53 -9.73
CA GLU A 62 -4.02 5.15 -10.50
C GLU A 62 -3.92 6.00 -11.78
N MET A 63 -5.06 6.43 -12.28
CA MET A 63 -5.13 7.26 -13.47
C MET A 63 -4.53 8.65 -13.24
N THR A 64 -4.45 9.07 -11.98
CA THR A 64 -3.89 10.37 -11.63
C THR A 64 -2.36 10.36 -11.82
N SER A 65 -1.77 9.18 -11.60
CA SER A 65 -0.33 9.00 -11.74
C SER A 65 0.14 9.39 -13.14
N LYS A 66 -0.62 8.97 -14.16
CA LYS A 66 -0.28 9.26 -15.54
C LYS A 66 -0.45 10.75 -15.85
N LEU A 67 -1.41 11.37 -15.19
CA LEU A 67 -1.69 12.79 -15.38
C LEU A 67 -0.53 13.64 -14.87
N LEU A 68 -0.04 13.30 -13.69
CA LEU A 68 1.08 14.01 -13.07
C LEU A 68 2.31 13.97 -13.96
N SER A 69 2.51 12.82 -14.61
CA SER A 69 3.64 12.62 -15.50
C SER A 69 3.57 13.54 -16.72
N ASP A 70 2.42 13.55 -17.37
CA ASP A 70 2.22 14.39 -18.55
C ASP A 70 2.36 15.88 -18.25
N LEU A 71 1.67 16.32 -17.19
CA LEU A 71 1.71 17.73 -16.80
C LEU A 71 3.13 18.19 -16.46
N CYS A 72 3.78 17.46 -15.56
CA CYS A 72 5.14 17.78 -15.15
C CYS A 72 6.09 17.78 -16.35
N GLY A 73 6.82 18.87 -16.50
CA GLY A 73 7.74 19.00 -17.61
C GLY A 73 7.12 19.79 -18.74
N THR A 74 5.83 19.59 -18.94
CA THR A 74 5.10 20.30 -19.98
C THR A 74 4.59 21.63 -19.46
N VAL A 75 3.43 21.62 -18.81
CA VAL A 75 2.84 22.84 -18.28
C VAL A 75 3.14 23.01 -16.78
N MET A 76 3.38 21.91 -16.10
CA MET A 76 3.68 21.95 -14.68
C MET A 76 5.18 21.85 -14.46
N SER A 77 5.69 22.62 -13.53
CA SER A 77 7.12 22.61 -13.24
C SER A 77 7.48 21.52 -12.24
N THR A 78 8.71 21.54 -11.78
CA THR A 78 9.18 20.56 -10.82
C THR A 78 8.79 21.01 -9.41
N THR A 79 8.75 22.31 -9.21
CA THR A 79 8.41 22.88 -7.91
C THR A 79 6.92 22.66 -7.61
N ASP A 80 6.06 22.93 -8.59
CA ASP A 80 4.62 22.76 -8.43
C ASP A 80 4.26 21.39 -7.88
N VAL A 81 4.97 20.36 -8.33
CA VAL A 81 4.73 19.00 -7.87
C VAL A 81 4.97 18.90 -6.37
N GLU A 82 6.11 19.42 -5.94
CA GLU A 82 6.48 19.39 -4.53
C GLU A 82 5.55 20.25 -3.68
N LYS A 83 5.01 21.33 -4.25
CA LYS A 83 4.09 22.20 -3.51
C LYS A 83 2.77 21.48 -3.29
N SER A 84 2.14 21.06 -4.40
CA SER A 84 0.90 20.26 -4.35
C SER A 84 1.01 19.06 -3.41
N PHE A 85 2.24 18.69 -3.10
CA PHE A 85 2.48 17.56 -2.24
C PHE A 85 2.22 17.95 -0.79
N ASP A 86 2.67 19.15 -0.43
CA ASP A 86 2.50 19.69 0.91
C ASP A 86 1.02 19.82 1.24
N LYS A 87 0.25 20.49 0.37
CA LYS A 87 -1.17 20.70 0.58
C LYS A 87 -1.94 19.38 0.65
N LEU A 88 -1.49 18.40 -0.11
CA LEU A 88 -2.13 17.08 -0.11
C LEU A 88 -2.06 16.48 1.28
N LEU A 89 -0.98 16.79 1.98
CA LEU A 89 -0.75 16.31 3.35
C LEU A 89 -1.58 17.09 4.36
N LYS A 90 -1.85 18.37 4.03
CA LYS A 90 -2.60 19.25 4.92
C LYS A 90 -4.02 18.75 5.17
N ASP A 91 -4.87 18.83 4.15
CA ASP A 91 -6.26 18.38 4.22
C ASP A 91 -6.43 16.88 4.38
N LEU A 92 -5.33 16.17 4.60
CA LEU A 92 -5.36 14.72 4.77
C LEU A 92 -6.41 14.26 5.82
N PRO A 93 -6.42 14.86 7.05
CA PRO A 93 -7.40 14.49 8.09
C PRO A 93 -8.82 14.69 7.58
N GLU A 94 -9.04 15.82 6.91
CA GLU A 94 -10.34 16.17 6.34
C GLU A 94 -10.79 15.14 5.30
N LEU A 95 -9.82 14.47 4.71
CA LEU A 95 -10.09 13.45 3.71
C LEU A 95 -10.45 12.14 4.40
N ALA A 96 -9.75 11.87 5.50
CA ALA A 96 -9.98 10.65 6.28
C ALA A 96 -11.35 10.71 6.93
N LEU A 97 -11.80 11.94 7.16
CA LEU A 97 -13.12 12.18 7.73
C LEU A 97 -14.20 11.58 6.83
N ASP A 98 -14.14 11.90 5.55
CA ASP A 98 -15.12 11.40 4.60
C ASP A 98 -14.85 9.93 4.28
N THR A 99 -13.58 9.56 4.15
CA THR A 99 -13.23 8.19 3.85
C THR A 99 -11.96 7.79 4.61
N PRO A 100 -12.06 6.79 5.52
CA PRO A 100 -10.89 6.32 6.29
C PRO A 100 -9.88 5.64 5.38
N ARG A 101 -10.30 5.35 4.16
CA ARG A 101 -9.45 4.70 3.16
C ARG A 101 -8.75 5.76 2.31
N ALA A 102 -8.76 7.00 2.80
CA ALA A 102 -8.14 8.08 2.06
C ALA A 102 -6.62 8.06 2.29
N PRO A 103 -6.17 8.15 3.57
CA PRO A 103 -4.75 8.14 3.90
C PRO A 103 -4.12 6.76 3.72
N GLN A 104 -4.93 5.76 3.45
CA GLN A 104 -4.41 4.43 3.25
C GLN A 104 -3.81 4.40 1.84
N LEU A 105 -4.67 4.70 0.86
CA LEU A 105 -4.31 4.75 -0.54
C LEU A 105 -3.49 5.99 -0.95
N VAL A 106 -3.50 7.03 -0.11
CA VAL A 106 -2.80 8.27 -0.48
C VAL A 106 -1.29 8.09 -0.59
N GLY A 107 -0.72 7.15 0.16
CA GLY A 107 0.71 6.93 0.12
C GLY A 107 1.21 6.52 -1.25
N GLN A 108 0.35 5.84 -2.02
CA GLN A 108 0.70 5.40 -3.36
C GLN A 108 1.26 6.54 -4.19
N PHE A 109 0.59 7.68 -4.14
CA PHE A 109 0.98 8.88 -4.87
C PHE A 109 2.34 9.39 -4.40
N ILE A 110 2.66 9.09 -3.15
CA ILE A 110 3.91 9.54 -2.57
C ILE A 110 5.04 8.64 -3.03
N ALA A 111 4.73 7.37 -3.28
CA ALA A 111 5.74 6.41 -3.68
C ALA A 111 6.00 6.59 -5.17
N ARG A 112 4.89 6.62 -5.90
CA ARG A 112 4.88 6.79 -7.35
C ARG A 112 5.58 8.07 -7.77
N ALA A 113 5.62 9.04 -6.87
CA ALA A 113 6.22 10.33 -7.17
C ALA A 113 7.72 10.14 -7.42
N VAL A 114 8.35 9.31 -6.60
CA VAL A 114 9.77 9.03 -6.74
C VAL A 114 9.97 8.12 -7.95
N GLY A 115 9.28 6.97 -7.94
CA GLY A 115 9.34 6.04 -9.05
C GLY A 115 9.02 6.64 -10.42
N ASP A 116 8.49 7.85 -10.44
CA ASP A 116 8.18 8.51 -11.70
C ASP A 116 9.23 9.55 -12.03
N GLY A 117 9.91 10.02 -10.98
CA GLY A 117 10.96 10.99 -11.14
C GLY A 117 10.50 12.44 -11.10
N ILE A 118 9.26 12.68 -10.68
CA ILE A 118 8.75 14.05 -10.63
C ILE A 118 8.95 14.68 -9.25
N LEU A 119 9.27 13.85 -8.27
CA LEU A 119 9.45 14.33 -6.90
C LEU A 119 10.76 13.79 -6.33
N CYS A 120 11.37 14.56 -5.44
CA CYS A 120 12.62 14.15 -4.81
C CYS A 120 12.32 13.19 -3.66
N ASN A 121 13.10 12.10 -3.57
CA ASN A 121 12.91 11.11 -2.51
C ASN A 121 13.23 11.72 -1.15
N THR A 122 13.97 12.81 -1.16
CA THR A 122 14.37 13.50 0.05
C THR A 122 13.17 14.14 0.73
N TYR A 123 12.03 14.16 0.05
CA TYR A 123 10.80 14.70 0.61
C TYR A 123 10.43 13.94 1.87
N ILE A 124 10.64 12.63 1.84
CA ILE A 124 10.34 11.77 2.97
C ILE A 124 11.23 12.14 4.16
N ASP A 125 12.51 12.35 3.88
CA ASP A 125 13.48 12.69 4.92
C ASP A 125 13.22 14.09 5.47
N SER A 126 12.83 15.01 4.61
CA SER A 126 12.55 16.39 5.03
C SER A 126 11.38 16.41 6.02
N TYR A 127 10.48 15.45 5.88
CA TYR A 127 9.33 15.31 6.76
C TYR A 127 9.52 14.09 7.66
N LYS A 128 10.77 13.72 7.91
CA LYS A 128 11.09 12.51 8.69
C LYS A 128 11.11 12.65 10.21
N GLY A 129 10.21 13.48 10.71
CA GLY A 129 10.10 13.69 12.14
C GLY A 129 9.82 15.15 12.42
N THR A 130 9.57 15.85 11.35
CA THR A 130 9.28 17.24 11.36
C THR A 130 7.79 17.44 11.09
N VAL A 131 7.00 16.44 11.45
CA VAL A 131 5.57 16.49 11.24
C VAL A 131 4.84 16.24 12.56
N ASP A 132 4.04 17.20 12.97
CA ASP A 132 3.28 17.08 14.22
C ASP A 132 1.94 16.38 13.95
N CYS A 133 1.45 16.57 12.73
CA CYS A 133 0.18 15.97 12.32
C CYS A 133 0.33 14.49 11.96
N VAL A 134 0.16 13.63 12.97
CA VAL A 134 0.21 12.16 12.79
C VAL A 134 -0.54 11.67 11.54
N GLN A 135 -1.53 12.44 11.06
CA GLN A 135 -2.28 12.06 9.88
C GLN A 135 -1.33 11.92 8.69
N ALA A 136 -0.40 12.87 8.57
CA ALA A 136 0.58 12.85 7.48
C ALA A 136 1.53 11.68 7.68
N ARG A 137 2.06 11.56 8.89
CA ARG A 137 2.96 10.45 9.26
C ARG A 137 2.39 9.09 8.88
N ALA A 138 1.07 8.99 8.81
CA ALA A 138 0.44 7.75 8.45
C ALA A 138 0.70 7.47 6.98
N ALA A 139 0.65 8.54 6.19
CA ALA A 139 0.87 8.45 4.75
C ALA A 139 2.34 8.38 4.34
N LEU A 140 3.18 9.21 4.96
CA LEU A 140 4.60 9.25 4.59
C LEU A 140 5.28 7.92 4.85
N ASP A 141 5.31 7.50 6.12
CA ASP A 141 5.90 6.20 6.48
C ASP A 141 5.32 5.05 5.66
N LYS A 142 4.12 5.25 5.16
CA LYS A 142 3.45 4.26 4.34
C LYS A 142 4.11 4.13 2.96
N ALA A 143 4.65 5.23 2.44
CA ALA A 143 5.30 5.19 1.13
C ALA A 143 6.45 4.19 1.14
N THR A 144 7.30 4.28 2.16
CA THR A 144 8.41 3.35 2.33
C THR A 144 7.95 1.90 2.38
N VAL A 145 6.71 1.70 2.82
CA VAL A 145 6.14 0.37 2.89
C VAL A 145 6.03 -0.19 1.48
N LEU A 146 5.55 0.66 0.58
CA LEU A 146 5.38 0.30 -0.82
C LEU A 146 6.73 0.30 -1.53
N LEU A 147 7.57 1.26 -1.17
CA LEU A 147 8.90 1.38 -1.76
C LEU A 147 9.78 0.17 -1.49
N SER A 148 9.57 -0.48 -0.34
CA SER A 148 10.36 -1.65 0.01
C SER A 148 10.18 -2.76 -1.03
N MET A 149 8.96 -2.94 -1.51
CA MET A 149 8.68 -3.96 -2.51
C MET A 149 8.89 -3.43 -3.93
N SER A 150 9.07 -2.12 -4.06
CA SER A 150 9.26 -1.51 -5.36
C SER A 150 10.73 -1.48 -5.81
N LYS A 151 11.61 -2.07 -5.00
CA LYS A 151 13.03 -2.10 -5.33
C LYS A 151 13.42 -3.41 -6.00
N GLY A 152 12.45 -4.33 -6.07
CA GLY A 152 12.68 -5.60 -6.70
C GLY A 152 11.49 -5.98 -7.55
N GLY A 153 11.75 -6.56 -8.72
CA GLY A 153 10.67 -6.94 -9.61
C GLY A 153 10.29 -5.82 -10.56
N LYS A 154 10.65 -4.59 -10.18
CA LYS A 154 10.36 -3.42 -10.99
C LYS A 154 11.39 -3.29 -12.11
N ARG A 155 11.29 -4.16 -13.10
CA ARG A 155 12.21 -4.14 -14.22
C ARG A 155 11.54 -4.65 -15.48
N LYS A 156 10.22 -4.68 -15.49
CA LYS A 156 9.48 -5.16 -16.66
C LYS A 156 8.97 -4.01 -17.52
N ASP A 157 9.89 -3.22 -18.04
CA ASP A 157 9.55 -2.10 -18.91
C ASP A 157 9.85 -2.50 -20.35
N SER A 158 8.96 -2.16 -21.27
CA SER A 158 9.15 -2.51 -22.66
C SER A 158 8.53 -1.46 -23.59
N VAL A 159 8.40 -1.81 -24.86
CA VAL A 159 7.82 -0.92 -25.87
C VAL A 159 6.40 -0.49 -25.51
N TRP A 160 6.22 0.81 -25.33
CA TRP A 160 4.92 1.36 -24.98
C TRP A 160 4.18 1.80 -26.24
N GLY A 161 3.74 0.83 -27.03
CA GLY A 161 3.02 1.14 -28.25
C GLY A 161 2.62 -0.10 -29.00
N SER A 162 1.77 -0.91 -28.38
CA SER A 162 1.31 -2.15 -29.00
C SER A 162 -0.12 -2.00 -29.51
N GLY A 163 -0.75 -0.88 -29.19
CA GLY A 163 -2.10 -0.65 -29.62
C GLY A 163 -3.07 -1.18 -28.58
N GLY B 1 -4.36 -2.70 -26.13
CA GLY B 1 -5.79 -2.67 -26.51
C GLY B 1 -6.58 -3.73 -25.78
N GLY B 2 -7.84 -3.45 -25.49
CA GLY B 2 -8.67 -4.40 -24.80
C GLY B 2 -8.79 -4.08 -23.32
N GLN B 3 -9.20 -5.06 -22.53
CA GLN B 3 -9.33 -4.89 -21.09
C GLN B 3 -7.96 -4.85 -20.43
N GLN B 4 -7.10 -5.78 -20.83
CA GLN B 4 -5.76 -5.90 -20.29
C GLN B 4 -5.80 -6.26 -18.80
N PRO B 5 -5.72 -7.58 -18.50
CA PRO B 5 -5.76 -8.12 -17.14
C PRO B 5 -5.00 -7.29 -16.11
N VAL B 6 -5.68 -6.98 -15.02
CA VAL B 6 -5.09 -6.19 -13.94
C VAL B 6 -4.17 -7.06 -13.08
N ASN B 7 -3.25 -6.42 -12.39
CA ASN B 7 -2.31 -7.12 -11.52
C ASN B 7 -3.05 -7.75 -10.35
N HIS B 8 -2.74 -9.01 -10.06
CA HIS B 8 -3.37 -9.72 -8.95
C HIS B 8 -2.48 -10.87 -8.47
N LEU B 9 -2.31 -10.92 -7.15
CA LEU B 9 -1.49 -11.94 -6.47
C LEU B 9 -0.02 -11.57 -6.48
N VAL B 10 0.26 -10.30 -6.77
CA VAL B 10 1.62 -9.81 -6.82
C VAL B 10 1.72 -8.45 -6.15
N LYS B 11 2.65 -8.33 -5.20
CA LYS B 11 2.88 -7.08 -4.47
C LYS B 11 1.88 -6.86 -3.33
N GLU B 12 0.66 -7.34 -3.49
CA GLU B 12 -0.37 -7.20 -2.47
C GLU B 12 0.05 -7.91 -1.18
N ILE B 13 0.60 -9.12 -1.33
CA ILE B 13 1.05 -9.91 -0.18
C ILE B 13 2.02 -9.14 0.72
N ASP B 14 3.08 -8.61 0.11
CA ASP B 14 4.09 -7.85 0.86
C ASP B 14 3.48 -6.59 1.45
N MET B 15 2.67 -5.89 0.65
CA MET B 15 1.99 -4.67 1.09
C MET B 15 1.24 -4.87 2.41
N LEU B 16 0.55 -5.99 2.54
CA LEU B 16 -0.21 -6.30 3.74
C LEU B 16 0.70 -6.61 4.93
N LEU B 17 1.78 -7.32 4.66
CA LEU B 17 2.72 -7.72 5.72
C LEU B 17 3.58 -6.55 6.20
N LYS B 18 4.08 -5.76 5.26
CA LYS B 18 4.92 -4.61 5.59
C LYS B 18 4.17 -3.60 6.43
N GLU B 19 2.86 -3.54 6.22
CA GLU B 19 2.00 -2.63 6.94
C GLU B 19 2.15 -2.81 8.45
N TYR B 20 2.36 -4.04 8.90
CA TYR B 20 2.51 -4.29 10.33
C TYR B 20 3.90 -3.92 10.80
N LEU B 21 4.89 -4.24 9.96
CA LEU B 21 6.28 -3.96 10.26
C LEU B 21 6.57 -2.48 10.47
N LEU B 22 6.05 -1.64 9.57
CA LEU B 22 6.30 -0.20 9.67
C LEU B 22 5.16 0.58 10.32
N SER B 23 4.07 0.73 9.57
CA SER B 23 2.89 1.47 10.03
C SER B 23 2.38 0.98 11.39
N GLY B 24 2.06 -0.30 11.47
CA GLY B 24 1.58 -0.86 12.72
C GLY B 24 0.08 -1.15 12.71
N ASP B 25 -0.72 -0.20 12.22
CA ASP B 25 -2.17 -0.38 12.17
C ASP B 25 -2.56 -1.51 11.22
N ILE B 26 -3.16 -2.56 11.80
CA ILE B 26 -3.58 -3.73 11.03
C ILE B 26 -4.69 -3.40 10.05
N SER B 27 -5.56 -2.47 10.44
CA SER B 27 -6.70 -2.06 9.63
C SER B 27 -6.50 -1.86 8.13
N GLU B 28 -5.35 -1.43 7.65
CA GLU B 28 -5.19 -1.25 6.22
C GLU B 28 -5.19 -2.63 5.56
N ALA B 29 -4.49 -3.56 6.20
CA ALA B 29 -4.42 -4.93 5.71
C ALA B 29 -5.79 -5.58 5.81
N GLU B 30 -6.48 -5.31 6.92
CA GLU B 30 -7.81 -5.84 7.15
C GLU B 30 -8.77 -5.36 6.06
N HIS B 31 -8.52 -4.15 5.56
CA HIS B 31 -9.36 -3.57 4.53
C HIS B 31 -9.06 -4.17 3.15
N CYS B 32 -7.79 -4.15 2.72
CA CYS B 32 -7.42 -4.68 1.43
C CYS B 32 -7.76 -6.16 1.28
N LEU B 33 -7.68 -6.89 2.39
CA LEU B 33 -7.98 -8.32 2.40
C LEU B 33 -9.42 -8.56 1.98
N LYS B 34 -10.29 -7.62 2.37
CA LYS B 34 -11.71 -7.70 2.05
C LYS B 34 -11.97 -7.45 0.58
N GLU B 35 -11.09 -6.68 -0.04
CA GLU B 35 -11.22 -6.35 -1.46
C GLU B 35 -10.82 -7.51 -2.37
N LEU B 36 -10.41 -8.61 -1.75
CA LEU B 36 -10.01 -9.81 -2.48
C LEU B 36 -11.27 -10.53 -3.01
N GLU B 37 -11.27 -11.85 -3.01
CA GLU B 37 -12.42 -12.58 -3.49
C GLU B 37 -12.44 -14.02 -2.98
N VAL B 38 -11.37 -14.75 -3.26
CA VAL B 38 -11.31 -16.15 -2.86
C VAL B 38 -10.57 -16.34 -1.54
N PRO B 39 -11.30 -16.75 -0.49
CA PRO B 39 -10.73 -16.99 0.83
C PRO B 39 -9.89 -18.26 0.81
N HIS B 40 -10.11 -19.05 -0.24
CA HIS B 40 -9.41 -20.32 -0.43
C HIS B 40 -7.93 -20.10 -0.68
N PHE B 41 -7.54 -18.91 -1.10
CA PHE B 41 -6.14 -18.62 -1.38
C PHE B 41 -5.47 -17.91 -0.21
N HIS B 42 -6.16 -17.82 0.91
CA HIS B 42 -5.61 -17.16 2.11
C HIS B 42 -4.37 -17.88 2.62
N HIS B 43 -4.33 -19.19 2.42
CA HIS B 43 -3.20 -20.04 2.84
C HIS B 43 -1.82 -19.47 2.48
N GLU B 44 -1.74 -18.72 1.39
CA GLU B 44 -0.48 -18.15 0.96
C GLU B 44 -0.02 -17.00 1.86
N LEU B 45 -0.99 -16.25 2.39
CA LEU B 45 -0.68 -15.11 3.27
C LEU B 45 -0.08 -15.58 4.60
N VAL B 46 -0.76 -16.54 5.24
CA VAL B 46 -0.28 -17.08 6.51
C VAL B 46 1.10 -17.67 6.31
N TYR B 47 1.17 -18.60 5.37
CA TYR B 47 2.43 -19.25 4.99
C TYR B 47 3.57 -18.24 4.86
N GLU B 48 3.34 -17.18 4.06
CA GLU B 48 4.34 -16.15 3.83
C GLU B 48 4.71 -15.43 5.14
N ALA B 49 3.72 -15.19 5.98
CA ALA B 49 3.94 -14.53 7.26
C ALA B 49 4.94 -15.31 8.11
N ILE B 50 4.66 -16.60 8.31
CA ILE B 50 5.55 -17.48 9.06
C ILE B 50 6.96 -17.42 8.49
N VAL B 51 7.04 -17.53 7.17
CA VAL B 51 8.32 -17.46 6.46
C VAL B 51 9.05 -16.17 6.83
N MET B 52 8.33 -15.06 6.81
CA MET B 52 8.89 -13.76 7.16
C MET B 52 9.42 -13.75 8.59
N VAL B 53 8.65 -14.31 9.52
CA VAL B 53 9.04 -14.36 10.93
C VAL B 53 10.35 -15.13 11.08
N LEU B 54 10.40 -16.32 10.50
CA LEU B 54 11.59 -17.17 10.58
C LEU B 54 12.83 -16.47 10.01
N GLU B 55 12.66 -15.75 8.91
CA GLU B 55 13.77 -15.06 8.26
C GLU B 55 14.17 -13.77 8.99
N SER B 56 13.18 -12.98 9.38
CA SER B 56 13.44 -11.72 10.07
C SER B 56 13.94 -11.91 11.48
N THR B 57 14.86 -11.05 11.90
CA THR B 57 15.44 -11.12 13.22
C THR B 57 14.70 -10.18 14.18
N GLY B 58 14.97 -10.32 15.47
CA GLY B 58 14.32 -9.48 16.47
C GLY B 58 12.98 -10.03 16.92
N GLU B 59 12.65 -9.79 18.18
CA GLU B 59 11.39 -10.27 18.75
C GLU B 59 10.21 -9.42 18.29
N SER B 60 10.52 -8.28 17.68
CA SER B 60 9.50 -7.38 17.19
C SER B 60 8.65 -8.01 16.08
N ALA B 61 9.28 -8.89 15.30
CA ALA B 61 8.58 -9.55 14.21
C ALA B 61 7.67 -10.66 14.74
N PHE B 62 8.15 -11.34 15.78
CA PHE B 62 7.43 -12.45 16.41
C PHE B 62 6.05 -12.01 16.90
N LYS B 63 6.02 -10.93 17.66
CA LYS B 63 4.77 -10.43 18.23
C LYS B 63 3.82 -9.85 17.18
N MET B 64 4.29 -8.86 16.44
CA MET B 64 3.47 -8.21 15.40
C MET B 64 2.84 -9.20 14.42
N ILE B 65 3.56 -10.23 14.02
CA ILE B 65 3.01 -11.21 13.09
C ILE B 65 2.06 -12.18 13.79
N LEU B 66 2.38 -12.53 15.03
CA LEU B 66 1.54 -13.44 15.82
C LEU B 66 0.14 -12.86 15.98
N ASP B 67 0.07 -11.57 16.26
CA ASP B 67 -1.21 -10.88 16.42
C ASP B 67 -1.89 -10.77 15.05
N LEU B 68 -1.08 -10.42 14.08
CA LEU B 68 -1.55 -10.27 12.70
C LEU B 68 -2.39 -11.48 12.25
N LEU B 69 -1.91 -12.69 12.54
CA LEU B 69 -2.67 -13.89 12.15
C LEU B 69 -3.89 -14.09 13.04
N LYS B 70 -3.74 -13.81 14.32
CA LYS B 70 -4.83 -13.95 15.28
C LYS B 70 -5.96 -12.96 14.99
N SER B 71 -5.59 -11.69 14.79
CA SER B 71 -6.57 -10.65 14.47
C SER B 71 -7.43 -11.02 13.26
N LEU B 72 -6.89 -11.82 12.36
CA LEU B 72 -7.64 -12.27 11.18
C LEU B 72 -8.57 -13.39 11.60
N TRP B 73 -8.11 -14.18 12.57
CA TRP B 73 -8.87 -15.29 13.10
C TRP B 73 -10.02 -14.86 14.02
N LYS B 74 -9.93 -13.65 14.58
CA LYS B 74 -10.99 -13.16 15.47
C LYS B 74 -12.28 -13.05 14.67
N SER B 75 -12.22 -12.27 13.60
CA SER B 75 -13.36 -12.11 12.70
C SER B 75 -13.42 -13.30 11.74
N SER B 76 -12.72 -14.36 12.16
CA SER B 76 -12.60 -15.62 11.42
C SER B 76 -12.60 -15.43 9.91
N THR B 77 -11.57 -14.80 9.38
CA THR B 77 -11.46 -14.57 7.95
C THR B 77 -10.64 -15.69 7.33
N ILE B 78 -9.97 -16.46 8.17
CA ILE B 78 -9.16 -17.57 7.72
C ILE B 78 -9.93 -18.88 7.86
N THR B 79 -9.88 -19.70 6.82
CA THR B 79 -10.56 -20.98 6.79
C THR B 79 -9.73 -22.03 7.51
N ILE B 80 -10.34 -23.18 7.79
CA ILE B 80 -9.64 -24.25 8.49
C ILE B 80 -8.61 -24.92 7.58
N ASP B 81 -8.92 -25.03 6.28
CA ASP B 81 -8.01 -25.68 5.34
C ASP B 81 -6.75 -24.84 5.18
N GLN B 82 -6.94 -23.59 4.77
CA GLN B 82 -5.86 -22.61 4.60
C GLN B 82 -4.95 -22.47 5.82
N MET B 83 -5.49 -22.81 6.98
CA MET B 83 -4.72 -22.69 8.20
C MET B 83 -3.85 -23.93 8.34
N LYS B 84 -4.45 -25.07 8.03
CA LYS B 84 -3.81 -26.37 8.11
C LYS B 84 -2.78 -26.60 6.99
N ARG B 85 -3.04 -26.08 5.79
CA ARG B 85 -2.13 -26.31 4.67
C ARG B 85 -0.82 -25.57 4.85
N GLY B 86 -0.88 -24.26 5.03
CA GLY B 86 0.33 -23.48 5.22
C GLY B 86 1.21 -23.99 6.33
N TYR B 87 0.60 -24.35 7.45
CA TYR B 87 1.37 -24.86 8.59
C TYR B 87 2.09 -26.16 8.24
N GLU B 88 1.44 -27.01 7.46
CA GLU B 88 2.03 -28.29 7.05
C GLU B 88 3.14 -28.06 6.03
N ARG B 89 2.94 -27.07 5.17
CA ARG B 89 3.94 -26.75 4.16
C ARG B 89 5.19 -26.19 4.83
N ILE B 90 4.99 -25.51 5.96
CA ILE B 90 6.09 -24.93 6.72
C ILE B 90 7.04 -26.04 7.21
N TYR B 91 6.51 -27.26 7.33
CA TYR B 91 7.31 -28.38 7.79
C TYR B 91 8.08 -28.97 6.61
N ASN B 92 7.62 -28.64 5.42
CA ASN B 92 8.22 -29.09 4.18
C ASN B 92 9.39 -28.19 3.80
N GLU B 93 9.25 -26.90 4.12
CA GLU B 93 10.30 -25.92 3.81
C GLU B 93 11.40 -25.92 4.87
N ILE B 94 11.14 -26.60 5.99
CA ILE B 94 12.11 -26.69 7.09
C ILE B 94 13.50 -27.17 6.63
N PRO B 95 13.59 -28.35 5.96
CA PRO B 95 14.88 -28.89 5.48
C PRO B 95 15.55 -27.97 4.47
N ASP B 96 14.75 -27.16 3.79
CA ASP B 96 15.27 -26.23 2.80
C ASP B 96 15.92 -25.03 3.45
N ILE B 97 15.27 -24.50 4.47
CA ILE B 97 15.76 -23.33 5.20
C ILE B 97 16.88 -23.68 6.17
N ASN B 98 16.75 -24.81 6.86
CA ASN B 98 17.75 -25.24 7.84
C ASN B 98 18.93 -25.93 7.16
N LEU B 99 18.63 -26.95 6.37
CA LEU B 99 19.65 -27.71 5.65
C LEU B 99 20.67 -28.33 6.61
N ASP B 100 20.18 -29.24 7.45
CA ASP B 100 21.00 -29.95 8.46
C ASP B 100 21.24 -29.07 9.69
N VAL B 101 21.36 -29.71 10.85
CA VAL B 101 21.55 -29.00 12.12
C VAL B 101 20.38 -28.06 12.39
N PRO B 102 19.23 -28.61 12.78
CA PRO B 102 18.02 -27.83 13.07
C PRO B 102 18.14 -27.03 14.36
N HIS B 103 18.67 -25.82 14.25
CA HIS B 103 18.82 -24.95 15.42
C HIS B 103 17.61 -24.04 15.57
N SER B 104 16.77 -24.02 14.55
CA SER B 104 15.57 -23.21 14.55
C SER B 104 14.45 -23.92 15.32
N TYR B 105 14.80 -24.96 16.07
CA TYR B 105 13.84 -25.72 16.83
C TYR B 105 13.14 -24.85 17.87
N SER B 106 13.91 -23.98 18.52
CA SER B 106 13.38 -23.06 19.54
C SER B 106 12.43 -22.03 18.90
N VAL B 107 12.59 -21.87 17.60
CA VAL B 107 11.80 -20.89 16.88
C VAL B 107 10.52 -21.55 16.41
N LEU B 108 10.67 -22.81 16.04
CA LEU B 108 9.61 -23.63 15.51
C LEU B 108 8.71 -24.17 16.60
N GLU B 109 9.22 -24.32 17.82
CA GLU B 109 8.40 -24.90 18.87
C GLU B 109 7.38 -23.92 19.42
N ARG B 110 7.84 -22.83 20.03
CA ARG B 110 6.93 -21.83 20.59
C ARG B 110 5.97 -21.28 19.53
N PHE B 111 6.54 -20.64 18.52
CA PHE B 111 5.71 -20.10 17.42
C PHE B 111 4.54 -21.01 17.01
N VAL B 112 4.77 -22.32 16.92
CA VAL B 112 3.69 -23.23 16.54
C VAL B 112 2.79 -23.48 17.75
N GLU B 113 3.46 -23.74 18.87
CA GLU B 113 2.85 -24.04 20.17
C GLU B 113 1.99 -22.91 20.74
N GLU B 114 2.22 -21.65 20.34
CA GLU B 114 1.49 -20.57 20.97
C GLU B 114 0.02 -20.62 20.57
N CYS B 115 -0.26 -20.38 19.28
CA CYS B 115 -1.62 -20.50 18.75
C CYS B 115 -2.32 -21.84 18.98
N PHE B 116 -1.58 -22.86 19.40
CA PHE B 116 -2.21 -24.16 19.60
C PHE B 116 -3.05 -24.04 20.87
N GLN B 117 -2.55 -23.18 21.76
CA GLN B 117 -3.16 -22.88 23.04
C GLN B 117 -4.23 -21.78 22.92
N ALA B 118 -4.41 -21.24 21.70
CA ALA B 118 -5.34 -20.12 21.52
C ALA B 118 -6.65 -20.61 20.90
N GLY B 119 -6.76 -21.93 20.74
CA GLY B 119 -7.96 -22.54 20.17
C GLY B 119 -8.29 -22.14 18.75
N ILE B 120 -7.28 -21.94 17.90
CA ILE B 120 -7.56 -21.57 16.51
C ILE B 120 -7.01 -22.61 15.55
N ILE B 121 -6.57 -23.75 16.10
CA ILE B 121 -6.02 -24.84 15.30
C ILE B 121 -6.38 -26.19 15.92
N SER B 122 -6.34 -27.23 15.12
CA SER B 122 -6.66 -28.58 15.57
C SER B 122 -5.41 -29.27 16.12
N LYS B 123 -5.64 -30.29 16.95
CA LYS B 123 -4.56 -31.06 17.56
C LYS B 123 -3.84 -31.92 16.53
N GLN B 124 -4.49 -32.16 15.39
CA GLN B 124 -3.90 -32.96 14.33
C GLN B 124 -2.66 -32.26 13.78
N LEU B 125 -2.75 -30.93 13.75
CA LEU B 125 -1.67 -30.06 13.28
C LEU B 125 -0.48 -30.13 14.23
N ARG B 126 -0.75 -30.61 15.43
CA ARG B 126 0.28 -30.69 16.46
C ARG B 126 1.09 -31.94 16.25
N ASP B 127 0.40 -32.96 15.72
CA ASP B 127 0.99 -34.27 15.47
C ASP B 127 1.82 -34.24 14.20
N LEU B 128 1.35 -33.46 13.23
CA LEU B 128 2.02 -33.34 11.95
C LEU B 128 3.21 -32.39 12.04
N CYS B 129 3.57 -32.03 13.27
CA CYS B 129 4.68 -31.13 13.53
C CYS B 129 5.73 -31.86 14.35
N PRO B 130 7.02 -31.68 14.03
CA PRO B 130 8.10 -32.33 14.75
C PRO B 130 8.18 -31.90 16.22
N SER B 131 7.49 -32.63 17.08
CA SER B 131 7.48 -32.34 18.50
C SER B 131 8.73 -32.93 19.16
N GLY A 1 2.79 30.84 -2.66
CA GLY A 1 2.14 31.65 -1.60
C GLY A 1 0.70 31.25 -1.38
N LEU A 2 -0.18 32.22 -1.21
CA LEU A 2 -1.60 31.94 -1.01
C LEU A 2 -2.34 31.88 -2.33
N PRO A 3 -2.96 30.72 -2.61
CA PRO A 3 -3.72 30.49 -3.85
C PRO A 3 -4.77 31.58 -4.09
N LEU A 4 -4.99 31.90 -5.36
CA LEU A 4 -5.94 32.92 -5.72
C LEU A 4 -7.12 32.33 -6.49
N ASP A 5 -8.31 32.84 -6.21
CA ASP A 5 -9.55 32.39 -6.86
C ASP A 5 -9.91 30.94 -6.53
N GLU A 6 -9.41 30.48 -5.38
CA GLU A 6 -9.67 29.13 -4.90
C GLU A 6 -11.12 28.67 -5.07
N ARG A 7 -12.07 29.52 -4.72
CA ARG A 7 -13.48 29.17 -4.84
C ARG A 7 -13.94 29.12 -6.28
N ALA A 8 -13.30 29.92 -7.14
CA ALA A 8 -13.69 29.95 -8.54
C ALA A 8 -13.09 28.78 -9.31
N PHE A 9 -11.77 28.63 -9.26
CA PHE A 9 -11.07 27.55 -9.95
C PHE A 9 -11.56 26.14 -9.58
N GLU A 10 -11.43 25.83 -8.29
CA GLU A 10 -11.86 24.54 -7.75
C GLU A 10 -13.25 24.14 -8.26
N LYS A 11 -14.18 25.07 -8.24
CA LYS A 11 -15.55 24.82 -8.68
C LYS A 11 -15.62 24.58 -10.21
N THR A 12 -14.89 25.39 -10.97
CA THR A 12 -14.88 25.28 -12.43
C THR A 12 -14.20 23.99 -12.90
N LEU A 13 -12.96 23.81 -12.47
CA LEU A 13 -12.16 22.62 -12.80
C LEU A 13 -12.85 21.27 -12.49
N THR A 14 -13.88 21.27 -11.65
CA THR A 14 -14.58 20.03 -11.29
C THR A 14 -14.98 19.13 -12.48
N PRO A 15 -15.85 19.59 -13.42
CA PRO A 15 -16.26 18.79 -14.58
C PRO A 15 -15.07 18.31 -15.42
N ILE A 16 -14.03 19.15 -15.52
CA ILE A 16 -12.84 18.83 -16.29
C ILE A 16 -12.13 17.61 -15.67
N ILE A 17 -12.06 17.61 -14.34
CA ILE A 17 -11.43 16.50 -13.63
C ILE A 17 -12.20 15.22 -13.92
N GLN A 18 -13.51 15.26 -13.66
CA GLN A 18 -14.39 14.12 -13.93
C GLN A 18 -14.26 13.60 -15.37
N GLU A 19 -13.92 14.50 -16.30
CA GLU A 19 -13.78 14.14 -17.71
C GLU A 19 -12.58 13.20 -17.90
N TYR A 20 -11.41 13.63 -17.44
CA TYR A 20 -10.20 12.82 -17.55
C TYR A 20 -10.36 11.47 -16.89
N PHE A 21 -10.94 11.47 -15.70
CA PHE A 21 -11.16 10.26 -14.91
C PHE A 21 -12.01 9.19 -15.62
N GLU A 22 -12.61 9.52 -16.76
CA GLU A 22 -13.45 8.56 -17.46
C GLU A 22 -12.78 7.95 -18.70
N HIS A 23 -12.05 8.76 -19.45
CA HIS A 23 -11.38 8.27 -20.68
C HIS A 23 -9.85 8.27 -20.59
N GLY A 24 -9.29 9.25 -19.89
CA GLY A 24 -7.85 9.33 -19.76
C GLY A 24 -7.15 9.99 -20.94
N ASP A 25 -7.17 11.32 -20.97
CA ASP A 25 -6.52 12.07 -22.03
C ASP A 25 -5.64 13.16 -21.42
N THR A 26 -4.34 12.97 -21.47
CA THR A 26 -3.40 13.92 -20.93
C THR A 26 -3.28 15.18 -21.77
N ASN A 27 -3.54 15.06 -23.08
CA ASN A 27 -3.42 16.19 -24.00
C ASN A 27 -4.35 17.34 -23.65
N GLU A 28 -5.66 17.09 -23.64
CA GLU A 28 -6.66 18.11 -23.32
C GLU A 28 -6.36 18.84 -22.01
N VAL A 29 -6.11 18.05 -20.97
CA VAL A 29 -5.78 18.59 -19.66
C VAL A 29 -4.63 19.60 -19.76
N ALA A 30 -3.56 19.20 -20.43
CA ALA A 30 -2.40 20.06 -20.61
C ALA A 30 -2.77 21.34 -21.37
N GLU A 31 -3.51 21.19 -22.46
CA GLU A 31 -3.92 22.34 -23.28
C GLU A 31 -4.71 23.35 -22.45
N MET A 32 -5.71 22.85 -21.74
CA MET A 32 -6.56 23.71 -20.91
C MET A 32 -5.74 24.46 -19.85
N LEU A 33 -4.80 23.75 -19.23
CA LEU A 33 -3.95 24.34 -18.21
C LEU A 33 -3.14 25.50 -18.77
N ARG A 34 -2.59 25.29 -19.96
CA ARG A 34 -1.80 26.32 -20.63
C ARG A 34 -2.58 27.63 -20.75
N ASP A 35 -3.77 27.56 -21.35
CA ASP A 35 -4.61 28.75 -21.49
C ASP A 35 -4.92 29.41 -20.15
N LEU A 36 -5.25 28.58 -19.16
CA LEU A 36 -5.54 29.07 -17.81
C LEU A 36 -4.42 29.98 -17.32
N ASN A 37 -3.18 29.55 -17.52
CA ASN A 37 -1.98 30.32 -17.14
C ASN A 37 -1.98 30.68 -15.65
N LEU A 38 -1.37 29.81 -14.84
CA LEU A 38 -1.30 30.02 -13.39
C LEU A 38 0.15 29.99 -12.91
N GLY A 39 0.44 30.72 -11.84
CA GLY A 39 1.78 30.76 -11.29
C GLY A 39 1.96 29.73 -10.19
N GLU A 40 1.65 30.13 -8.96
CA GLU A 40 1.76 29.22 -7.82
C GLU A 40 0.47 28.42 -7.70
N MET A 41 -0.59 28.96 -8.29
CA MET A 41 -1.89 28.32 -8.29
C MET A 41 -1.88 27.18 -9.30
N LYS A 42 -0.73 27.03 -9.97
CA LYS A 42 -0.55 26.00 -10.98
C LYS A 42 -0.68 24.61 -10.36
N SER A 43 -0.28 24.49 -9.10
CA SER A 43 -0.40 23.21 -8.39
C SER A 43 -1.87 22.78 -8.39
N GLY A 44 -2.73 23.80 -8.26
CA GLY A 44 -4.18 23.66 -8.31
C GLY A 44 -4.75 22.33 -8.81
N VAL A 45 -4.58 22.01 -10.10
CA VAL A 45 -5.14 20.78 -10.66
C VAL A 45 -4.68 19.49 -9.96
N PRO A 46 -3.37 19.15 -9.99
CA PRO A 46 -2.85 17.94 -9.31
C PRO A 46 -3.27 17.91 -7.84
N VAL A 47 -3.31 19.09 -7.24
CA VAL A 47 -3.71 19.21 -5.84
C VAL A 47 -5.16 18.78 -5.67
N LEU A 48 -6.02 19.33 -6.52
CA LEU A 48 -7.45 19.05 -6.48
C LEU A 48 -7.78 17.63 -6.95
N ALA A 49 -7.30 17.23 -8.12
CA ALA A 49 -7.56 15.91 -8.66
C ALA A 49 -7.32 14.75 -7.70
N VAL A 50 -6.38 14.87 -6.77
CA VAL A 50 -6.11 13.77 -5.84
C VAL A 50 -7.19 13.70 -4.74
N SER A 51 -7.77 14.87 -4.44
CA SER A 51 -8.79 14.97 -3.42
C SER A 51 -10.04 14.24 -3.91
N LEU A 52 -10.35 14.43 -5.18
CA LEU A 52 -11.48 13.80 -5.82
C LEU A 52 -11.15 12.36 -6.28
N ALA A 53 -9.87 12.00 -6.20
CA ALA A 53 -9.40 10.69 -6.69
C ALA A 53 -9.84 9.55 -5.76
N LEU A 54 -9.87 9.82 -4.46
CA LEU A 54 -10.27 8.81 -3.49
C LEU A 54 -11.79 8.74 -3.35
N GLU A 55 -12.48 9.60 -4.10
CA GLU A 55 -13.93 9.66 -4.04
C GLU A 55 -14.59 8.32 -4.36
N GLY A 56 -14.19 7.64 -5.42
CA GLY A 56 -14.77 6.35 -5.69
C GLY A 56 -13.98 5.60 -6.73
N LYS A 57 -13.77 4.32 -6.45
CA LYS A 57 -13.02 3.42 -7.33
C LYS A 57 -11.52 3.66 -7.27
N ALA A 58 -10.78 2.61 -6.91
CA ALA A 58 -9.34 2.66 -6.82
C ALA A 58 -8.72 2.87 -8.19
N SER A 59 -9.45 2.45 -9.22
CA SER A 59 -9.00 2.58 -10.59
C SER A 59 -8.84 4.04 -10.98
N HIS A 60 -9.64 4.91 -10.34
CA HIS A 60 -9.57 6.34 -10.62
C HIS A 60 -8.21 6.91 -10.21
N ARG A 61 -7.80 6.60 -8.98
CA ARG A 61 -6.51 7.05 -8.47
C ARG A 61 -5.39 6.59 -9.38
N GLU A 62 -5.32 5.27 -9.52
CA GLU A 62 -4.31 4.64 -10.39
C GLU A 62 -4.19 5.31 -11.76
N MET A 63 -5.32 5.70 -12.37
CA MET A 63 -5.26 6.37 -13.68
C MET A 63 -4.62 7.76 -13.53
N THR A 64 -5.11 8.51 -12.56
CA THR A 64 -4.60 9.85 -12.23
C THR A 64 -3.08 9.87 -11.99
N SER A 65 -2.51 8.69 -11.79
CA SER A 65 -1.08 8.60 -11.52
C SER A 65 -0.31 8.89 -12.82
N LYS A 66 -0.92 8.55 -13.97
CA LYS A 66 -0.32 8.78 -15.30
C LYS A 66 -0.43 10.24 -15.77
N LEU A 67 -1.49 10.91 -15.32
CA LEU A 67 -1.74 12.31 -15.69
C LEU A 67 -0.67 13.16 -15.04
N LEU A 68 -0.33 12.72 -13.86
CA LEU A 68 0.65 13.33 -13.03
C LEU A 68 2.10 13.02 -13.44
N SER A 69 2.34 11.97 -14.25
CA SER A 69 3.72 11.57 -14.59
C SER A 69 4.51 12.61 -15.42
N ASP A 70 4.20 12.78 -16.72
CA ASP A 70 4.88 13.76 -17.56
C ASP A 70 4.50 15.21 -17.37
N LEU A 71 3.42 15.45 -16.63
CA LEU A 71 2.91 16.81 -16.43
C LEU A 71 3.97 17.73 -15.79
N CYS A 72 5.15 17.17 -15.57
CA CYS A 72 6.26 17.89 -14.97
C CYS A 72 7.30 18.14 -16.06
N GLY A 73 7.64 19.39 -16.29
CA GLY A 73 8.60 19.73 -17.33
C GLY A 73 7.88 20.10 -18.61
N THR A 74 6.70 19.53 -18.77
CA THR A 74 5.86 19.79 -19.93
C THR A 74 4.83 20.88 -19.59
N VAL A 75 4.40 20.92 -18.34
CA VAL A 75 3.41 21.91 -17.90
C VAL A 75 3.88 22.59 -16.61
N MET A 76 4.01 21.79 -15.55
CA MET A 76 4.47 22.31 -14.26
C MET A 76 5.92 21.95 -14.02
N SER A 77 6.60 22.71 -13.17
CA SER A 77 8.00 22.46 -12.87
C SER A 77 8.16 21.46 -11.73
N THR A 78 9.40 21.08 -11.44
CA THR A 78 9.68 20.13 -10.37
C THR A 78 9.28 20.69 -9.02
N THR A 79 9.48 21.99 -8.84
CA THR A 79 9.13 22.66 -7.58
C THR A 79 7.63 22.51 -7.36
N ASP A 80 6.87 22.98 -8.34
CA ASP A 80 5.40 22.86 -8.32
C ASP A 80 4.94 21.47 -7.92
N VAL A 81 5.66 20.43 -8.33
CA VAL A 81 5.30 19.06 -7.98
C VAL A 81 5.22 18.91 -6.45
N GLU A 82 6.30 19.29 -5.76
CA GLU A 82 6.34 19.21 -4.30
C GLU A 82 5.27 20.12 -3.71
N LYS A 83 5.31 21.38 -4.14
CA LYS A 83 4.32 22.37 -3.71
C LYS A 83 2.87 21.88 -3.84
N SER A 84 2.64 20.94 -4.74
CA SER A 84 1.31 20.39 -4.91
C SER A 84 1.01 19.41 -3.79
N PHE A 85 1.91 18.44 -3.63
CA PHE A 85 1.77 17.42 -2.60
C PHE A 85 1.63 18.01 -1.19
N ASP A 86 2.40 19.04 -0.87
CA ASP A 86 2.31 19.67 0.45
C ASP A 86 0.90 20.22 0.68
N LYS A 87 0.44 21.04 -0.27
CA LYS A 87 -0.91 21.58 -0.20
C LYS A 87 -1.94 20.46 -0.01
N LEU A 88 -1.68 19.31 -0.62
CA LEU A 88 -2.56 18.16 -0.50
C LEU A 88 -2.46 17.58 0.91
N LEU A 89 -1.23 17.49 1.43
CA LEU A 89 -0.99 16.98 2.77
C LEU A 89 -1.88 17.68 3.80
N LYS A 90 -1.82 19.00 3.82
CA LYS A 90 -2.66 19.79 4.73
C LYS A 90 -4.15 19.70 4.42
N ASP A 91 -4.51 19.05 3.32
CA ASP A 91 -5.91 18.88 2.95
C ASP A 91 -6.45 17.58 3.55
N LEU A 92 -5.65 16.53 3.41
CA LEU A 92 -5.97 15.20 3.96
C LEU A 92 -6.78 15.21 5.28
N PRO A 93 -6.32 15.92 6.33
CA PRO A 93 -7.06 15.96 7.60
C PRO A 93 -8.52 16.45 7.47
N GLU A 94 -8.85 17.18 6.40
CA GLU A 94 -10.20 17.69 6.23
C GLU A 94 -11.13 16.60 5.68
N LEU A 95 -10.78 16.02 4.54
CA LEU A 95 -11.57 14.96 3.92
C LEU A 95 -11.66 13.66 4.70
N ALA A 96 -10.89 13.54 5.76
CA ALA A 96 -10.91 12.34 6.59
C ALA A 96 -12.33 11.89 6.97
N LEU A 97 -13.21 12.90 7.21
CA LEU A 97 -14.60 12.61 7.63
C LEU A 97 -15.28 11.34 7.14
N ASP A 98 -15.44 11.08 5.86
CA ASP A 98 -16.14 9.85 5.49
C ASP A 98 -15.23 8.84 4.82
N THR A 99 -13.95 9.11 4.86
CA THR A 99 -12.98 8.24 4.23
C THR A 99 -11.99 7.69 5.25
N PRO A 100 -12.34 6.56 5.89
CA PRO A 100 -11.53 5.92 6.93
C PRO A 100 -10.07 5.67 6.55
N ARG A 101 -9.82 5.25 5.31
CA ARG A 101 -8.47 4.96 4.87
C ARG A 101 -7.93 6.02 3.91
N ALA A 102 -8.56 7.20 3.91
CA ALA A 102 -8.15 8.28 3.02
C ALA A 102 -6.65 8.56 3.05
N PRO A 103 -6.05 8.88 4.23
CA PRO A 103 -4.61 9.15 4.33
C PRO A 103 -3.77 7.99 3.80
N GLN A 104 -4.13 6.78 4.22
CA GLN A 104 -3.43 5.57 3.78
C GLN A 104 -3.40 5.49 2.25
N LEU A 105 -4.50 5.86 1.61
CA LEU A 105 -4.58 5.84 0.15
C LEU A 105 -3.63 6.85 -0.47
N VAL A 106 -3.70 8.09 -0.01
CA VAL A 106 -2.82 9.17 -0.48
C VAL A 106 -1.35 8.77 -0.45
N GLY A 107 -0.99 7.88 0.49
CA GLY A 107 0.38 7.41 0.61
C GLY A 107 0.92 6.86 -0.70
N GLN A 108 0.04 6.26 -1.50
CA GLN A 108 0.42 5.70 -2.79
C GLN A 108 0.83 6.82 -3.74
N PHE A 109 0.12 7.94 -3.66
CA PHE A 109 0.41 9.09 -4.51
C PHE A 109 1.76 9.69 -4.17
N ILE A 110 2.19 9.49 -2.93
CA ILE A 110 3.47 10.03 -2.49
C ILE A 110 4.61 9.17 -3.01
N ALA A 111 4.57 7.88 -2.65
CA ALA A 111 5.58 6.92 -3.09
C ALA A 111 5.68 6.83 -4.60
N ARG A 112 4.54 6.93 -5.26
CA ARG A 112 4.49 6.86 -6.71
C ARG A 112 5.30 7.98 -7.33
N ALA A 113 4.99 9.22 -6.93
CA ALA A 113 5.68 10.40 -7.41
C ALA A 113 7.19 10.28 -7.23
N VAL A 114 7.63 9.73 -6.11
CA VAL A 114 9.04 9.55 -5.86
C VAL A 114 9.60 8.59 -6.91
N GLY A 115 8.92 7.47 -7.09
CA GLY A 115 9.32 6.50 -8.09
C GLY A 115 9.35 7.08 -9.48
N ASP A 116 8.33 7.84 -9.83
CA ASP A 116 8.24 8.48 -11.16
C ASP A 116 9.14 9.72 -11.27
N GLY A 117 10.11 9.80 -10.37
CA GLY A 117 11.08 10.90 -10.38
C GLY A 117 10.56 12.29 -10.02
N ILE A 118 9.32 12.60 -10.38
CA ILE A 118 8.74 13.92 -10.12
C ILE A 118 8.88 14.40 -8.68
N LEU A 119 8.86 13.49 -7.72
CA LEU A 119 9.00 13.88 -6.32
C LEU A 119 10.38 13.50 -5.80
N CYS A 120 11.01 14.44 -5.10
CA CYS A 120 12.34 14.22 -4.56
C CYS A 120 12.38 13.01 -3.62
N ASN A 121 13.55 12.42 -3.51
CA ASN A 121 13.78 11.26 -2.65
C ASN A 121 13.83 11.64 -1.18
N THR A 122 13.83 12.94 -0.89
CA THR A 122 13.94 13.46 0.47
C THR A 122 12.62 13.58 1.23
N TYR A 123 11.68 14.33 0.63
CA TYR A 123 10.37 14.66 1.25
C TYR A 123 9.96 13.93 2.53
N ILE A 124 9.80 12.63 2.53
CA ILE A 124 9.43 11.95 3.77
C ILE A 124 10.46 12.23 4.89
N ASP A 125 11.74 12.30 4.50
CA ASP A 125 12.85 12.53 5.43
C ASP A 125 12.80 13.94 6.02
N SER A 126 12.38 14.90 5.21
CA SER A 126 12.27 16.28 5.67
C SER A 126 11.13 16.41 6.67
N TYR A 127 10.14 15.54 6.53
CA TYR A 127 8.98 15.54 7.42
C TYR A 127 9.12 14.42 8.47
N LYS A 128 10.36 13.97 8.64
CA LYS A 128 10.74 12.92 9.59
C LYS A 128 10.58 13.25 11.07
N GLY A 129 9.43 13.74 11.45
CA GLY A 129 9.19 14.09 12.84
C GLY A 129 8.72 15.51 12.91
N THR A 130 8.94 16.19 11.80
CA THR A 130 8.55 17.58 11.64
C THR A 130 7.10 17.67 11.18
N VAL A 131 6.24 16.90 11.83
CA VAL A 131 4.82 16.88 11.50
C VAL A 131 3.98 17.07 12.76
N ASP A 132 2.97 17.92 12.67
CA ASP A 132 2.11 18.21 13.82
C ASP A 132 0.71 17.60 13.64
N CYS A 133 0.54 16.85 12.57
CA CYS A 133 -0.74 16.21 12.26
C CYS A 133 -0.57 14.69 12.13
N VAL A 134 -1.46 13.92 12.75
CA VAL A 134 -1.39 12.47 12.68
C VAL A 134 -1.80 11.96 11.29
N GLN A 135 -2.72 12.67 10.68
CA GLN A 135 -3.20 12.31 9.33
C GLN A 135 -2.07 12.45 8.32
N ALA A 136 -1.22 13.46 8.55
CA ALA A 136 -0.05 13.72 7.72
C ALA A 136 1.05 12.72 8.03
N ARG A 137 0.97 12.15 9.23
CA ARG A 137 1.95 11.18 9.70
C ARG A 137 1.72 9.81 9.05
N ALA A 138 0.51 9.30 9.17
CA ALA A 138 0.13 8.00 8.62
C ALA A 138 0.43 7.89 7.12
N ALA A 139 0.06 8.92 6.36
CA ALA A 139 0.30 8.92 4.92
C ALA A 139 1.77 8.72 4.58
N LEU A 140 2.65 9.34 5.36
CA LEU A 140 4.09 9.22 5.14
C LEU A 140 4.57 7.80 5.41
N ASP A 141 3.99 7.17 6.42
CA ASP A 141 4.36 5.80 6.78
C ASP A 141 3.98 4.88 5.65
N LYS A 142 2.72 5.01 5.21
CA LYS A 142 2.18 4.23 4.12
C LYS A 142 3.02 4.33 2.85
N ALA A 143 3.49 5.52 2.51
CA ALA A 143 4.30 5.69 1.30
C ALA A 143 5.65 4.98 1.46
N THR A 144 6.30 5.27 2.57
CA THR A 144 7.59 4.67 2.90
C THR A 144 7.54 3.14 2.79
N VAL A 145 6.58 2.52 3.46
CA VAL A 145 6.44 1.06 3.42
C VAL A 145 6.10 0.51 2.03
N LEU A 146 5.31 1.26 1.28
CA LEU A 146 4.91 0.84 -0.08
C LEU A 146 6.12 0.66 -1.01
N LEU A 147 7.15 1.45 -0.77
CA LEU A 147 8.37 1.40 -1.56
C LEU A 147 9.05 0.04 -1.44
N SER A 148 9.00 -0.56 -0.26
CA SER A 148 9.61 -1.87 -0.04
C SER A 148 8.73 -3.00 -0.60
N MET A 149 7.44 -2.70 -0.77
CA MET A 149 6.49 -3.69 -1.28
C MET A 149 6.63 -3.86 -2.79
N SER A 150 6.75 -2.73 -3.49
CA SER A 150 6.89 -2.76 -4.94
C SER A 150 8.30 -3.19 -5.36
N LYS A 151 9.16 -3.41 -4.38
CA LYS A 151 10.52 -3.84 -4.64
C LYS A 151 10.70 -5.32 -4.34
N GLY A 152 10.08 -5.78 -3.26
CA GLY A 152 10.20 -7.18 -2.87
C GLY A 152 9.38 -8.10 -3.75
N GLY A 153 8.34 -7.57 -4.37
CA GLY A 153 7.50 -8.37 -5.23
C GLY A 153 8.03 -8.46 -6.65
N LYS A 154 9.16 -7.81 -6.91
CA LYS A 154 9.76 -7.82 -8.23
C LYS A 154 10.39 -9.17 -8.55
N ARG A 155 9.87 -9.83 -9.58
CA ARG A 155 10.38 -11.13 -9.99
C ARG A 155 11.21 -11.00 -11.27
N LYS A 156 10.60 -10.39 -12.27
CA LYS A 156 11.26 -10.20 -13.55
C LYS A 156 11.47 -8.70 -13.78
N ASP A 157 12.74 -8.29 -13.82
CA ASP A 157 13.06 -6.87 -14.04
C ASP A 157 13.81 -6.71 -15.36
N SER A 158 13.53 -7.60 -16.30
CA SER A 158 14.15 -7.57 -17.60
C SER A 158 13.17 -8.04 -18.66
N VAL A 159 13.24 -7.46 -19.84
CA VAL A 159 12.36 -7.83 -20.93
C VAL A 159 13.06 -7.67 -22.28
N TRP A 160 12.84 -8.63 -23.16
CA TRP A 160 13.44 -8.62 -24.48
C TRP A 160 12.57 -7.84 -25.46
N GLY A 161 11.27 -8.09 -25.41
CA GLY A 161 10.36 -7.41 -26.30
C GLY A 161 9.81 -6.12 -25.69
N SER A 162 9.00 -5.41 -26.45
CA SER A 162 8.40 -4.18 -25.99
C SER A 162 7.08 -4.44 -25.28
N GLY A 163 6.55 -3.44 -24.59
CA GLY A 163 5.30 -3.61 -23.88
C GLY A 163 4.27 -2.59 -24.30
N GLY B 1 1.64 -1.56 -23.01
CA GLY B 1 0.18 -1.48 -23.25
C GLY B 1 -0.47 -0.43 -22.37
N GLY B 2 -1.48 0.24 -22.90
CA GLY B 2 -2.16 1.29 -22.14
C GLY B 2 -3.11 0.72 -21.09
N GLN B 3 -3.52 -0.53 -21.28
CA GLN B 3 -4.42 -1.18 -20.35
C GLN B 3 -3.70 -2.22 -19.52
N GLN B 4 -3.87 -2.15 -18.21
CA GLN B 4 -3.24 -3.08 -17.28
C GLN B 4 -4.23 -4.15 -16.84
N PRO B 5 -3.87 -5.43 -17.02
CA PRO B 5 -4.72 -6.56 -16.61
C PRO B 5 -4.99 -6.52 -15.10
N VAL B 6 -6.10 -7.11 -14.68
CA VAL B 6 -6.47 -7.12 -13.27
C VAL B 6 -5.39 -7.72 -12.37
N ASN B 7 -5.02 -6.97 -11.35
CA ASN B 7 -3.99 -7.40 -10.41
C ASN B 7 -4.53 -8.46 -9.46
N HIS B 8 -3.80 -9.56 -9.34
CA HIS B 8 -4.20 -10.66 -8.47
C HIS B 8 -2.97 -11.42 -8.00
N LEU B 9 -2.86 -11.61 -6.68
CA LEU B 9 -1.74 -12.35 -6.07
C LEU B 9 -0.48 -11.50 -5.98
N VAL B 10 -0.25 -10.68 -7.00
CA VAL B 10 0.91 -9.81 -7.05
C VAL B 10 0.72 -8.63 -6.10
N LYS B 11 1.76 -8.35 -5.31
CA LYS B 11 1.75 -7.26 -4.34
C LYS B 11 0.89 -7.55 -3.12
N GLU B 12 -0.27 -8.18 -3.33
CA GLU B 12 -1.20 -8.52 -2.25
C GLU B 12 -0.52 -9.10 -0.99
N ILE B 13 0.01 -10.31 -1.11
CA ILE B 13 0.68 -11.00 0.00
C ILE B 13 1.85 -10.19 0.57
N ASP B 14 2.72 -9.74 -0.31
CA ASP B 14 3.91 -8.97 0.08
C ASP B 14 3.55 -7.63 0.74
N MET B 15 2.38 -7.09 0.40
CA MET B 15 1.96 -5.78 0.90
C MET B 15 1.36 -5.88 2.31
N LEU B 16 0.40 -6.79 2.48
CA LEU B 16 -0.31 -6.96 3.75
C LEU B 16 0.59 -7.31 4.94
N LEU B 17 1.53 -8.20 4.72
CA LEU B 17 2.45 -8.62 5.77
C LEU B 17 3.43 -7.50 6.11
N LYS B 18 4.00 -6.91 5.07
CA LYS B 18 4.96 -5.83 5.25
C LYS B 18 4.37 -4.60 5.90
N GLU B 19 3.08 -4.38 5.70
CA GLU B 19 2.40 -3.22 6.29
C GLU B 19 2.61 -3.15 7.80
N TYR B 20 2.22 -4.21 8.50
CA TYR B 20 2.35 -4.26 9.95
C TYR B 20 3.81 -4.43 10.36
N LEU B 21 4.57 -5.11 9.53
CA LEU B 21 5.99 -5.36 9.80
C LEU B 21 6.83 -4.08 9.64
N LEU B 22 6.46 -3.23 8.71
CA LEU B 22 7.19 -1.99 8.45
C LEU B 22 6.59 -0.80 9.19
N SER B 23 5.27 -0.68 9.16
CA SER B 23 4.58 0.41 9.83
C SER B 23 4.00 -0.07 11.16
N GLY B 24 2.68 -0.07 11.26
CA GLY B 24 2.05 -0.54 12.47
C GLY B 24 0.53 -0.42 12.39
N ASP B 25 -0.03 -0.78 11.25
CA ASP B 25 -1.48 -0.68 11.06
C ASP B 25 -2.14 -1.99 10.69
N ILE B 26 -3.20 -2.30 11.43
CA ILE B 26 -3.98 -3.51 11.21
C ILE B 26 -5.06 -3.31 10.13
N SER B 27 -5.49 -2.04 9.97
CA SER B 27 -6.61 -1.69 9.07
C SER B 27 -6.41 -2.12 7.62
N GLU B 28 -5.28 -1.75 7.03
CA GLU B 28 -4.99 -2.10 5.65
C GLU B 28 -5.06 -3.60 5.44
N ALA B 29 -4.44 -4.35 6.34
CA ALA B 29 -4.44 -5.80 6.26
C ALA B 29 -5.84 -6.37 6.39
N GLU B 30 -6.56 -5.93 7.41
CA GLU B 30 -7.92 -6.40 7.67
C GLU B 30 -8.85 -6.12 6.49
N HIS B 31 -8.65 -4.98 5.83
CA HIS B 31 -9.50 -4.59 4.72
C HIS B 31 -9.13 -5.29 3.41
N CYS B 32 -7.90 -5.10 2.97
CA CYS B 32 -7.43 -5.70 1.71
C CYS B 32 -7.52 -7.23 1.68
N LEU B 33 -7.40 -7.88 2.82
CA LEU B 33 -7.49 -9.34 2.88
C LEU B 33 -8.83 -9.79 2.31
N LYS B 34 -9.89 -9.14 2.75
CA LYS B 34 -11.24 -9.40 2.27
C LYS B 34 -11.58 -8.70 0.94
N GLU B 35 -10.84 -7.63 0.63
CA GLU B 35 -11.09 -6.78 -0.56
C GLU B 35 -11.25 -7.56 -1.86
N LEU B 36 -10.52 -8.67 -2.04
CA LEU B 36 -10.64 -9.46 -3.25
C LEU B 36 -11.89 -10.35 -3.26
N GLU B 37 -11.79 -11.49 -3.94
CA GLU B 37 -12.90 -12.42 -4.05
C GLU B 37 -12.44 -13.87 -3.91
N VAL B 38 -11.21 -14.07 -3.43
CA VAL B 38 -10.66 -15.42 -3.29
C VAL B 38 -10.30 -15.79 -1.84
N PRO B 39 -11.27 -16.37 -1.09
CA PRO B 39 -11.04 -16.80 0.29
C PRO B 39 -10.15 -18.02 0.37
N HIS B 40 -10.35 -18.94 -0.57
CA HIS B 40 -9.55 -20.17 -0.62
C HIS B 40 -8.12 -19.93 -1.06
N PHE B 41 -7.79 -18.68 -1.38
CA PHE B 41 -6.46 -18.34 -1.82
C PHE B 41 -5.66 -17.67 -0.69
N HIS B 42 -6.27 -17.60 0.48
CA HIS B 42 -5.64 -16.99 1.65
C HIS B 42 -4.47 -17.84 2.15
N HIS B 43 -4.40 -19.08 1.70
CA HIS B 43 -3.37 -20.03 2.11
C HIS B 43 -1.94 -19.53 1.86
N GLU B 44 -1.70 -18.85 0.76
CA GLU B 44 -0.36 -18.36 0.43
C GLU B 44 0.10 -17.28 1.40
N LEU B 45 -0.84 -16.49 1.91
CA LEU B 45 -0.50 -15.42 2.85
C LEU B 45 0.07 -16.00 4.13
N VAL B 46 -0.46 -17.16 4.54
CA VAL B 46 -0.02 -17.82 5.77
C VAL B 46 1.40 -18.36 5.62
N TYR B 47 1.76 -18.72 4.39
CA TYR B 47 3.08 -19.26 4.10
C TYR B 47 4.18 -18.23 4.35
N GLU B 48 4.11 -17.10 3.66
CA GLU B 48 5.11 -16.04 3.82
C GLU B 48 5.04 -15.47 5.23
N ALA B 49 3.85 -15.57 5.80
CA ALA B 49 3.58 -15.09 7.16
C ALA B 49 4.56 -15.72 8.14
N ILE B 50 4.65 -17.05 8.12
CA ILE B 50 5.56 -17.76 9.01
C ILE B 50 7.04 -17.60 8.60
N VAL B 51 7.30 -17.51 7.31
CA VAL B 51 8.68 -17.34 6.80
C VAL B 51 9.26 -16.05 7.38
N MET B 52 8.56 -14.96 7.12
CA MET B 52 8.91 -13.63 7.65
C MET B 52 9.23 -13.66 9.15
N VAL B 53 8.64 -14.62 9.83
CA VAL B 53 8.87 -14.82 11.26
C VAL B 53 10.21 -15.52 11.52
N LEU B 54 10.38 -16.71 10.94
CA LEU B 54 11.60 -17.51 11.11
C LEU B 54 12.86 -16.85 10.52
N GLU B 55 12.79 -16.51 9.25
CA GLU B 55 13.92 -15.90 8.55
C GLU B 55 14.20 -14.41 8.86
N SER B 56 13.68 -13.85 9.96
CA SER B 56 13.94 -12.44 10.23
C SER B 56 14.80 -12.33 11.49
N THR B 57 15.31 -11.13 11.76
CA THR B 57 16.16 -10.91 12.93
C THR B 57 15.71 -9.71 13.79
N GLY B 58 14.80 -9.96 14.73
CA GLY B 58 14.32 -8.90 15.61
C GLY B 58 13.09 -9.31 16.40
N GLU B 59 12.85 -8.65 17.54
CA GLU B 59 11.69 -8.94 18.37
C GLU B 59 10.42 -8.36 17.77
N SER B 60 10.60 -7.37 16.90
CA SER B 60 9.50 -6.73 16.16
C SER B 60 8.85 -7.77 15.25
N ALA B 61 9.55 -8.87 15.13
CA ALA B 61 9.12 -9.97 14.30
C ALA B 61 8.11 -10.89 15.03
N PHE B 62 8.12 -10.91 16.37
CA PHE B 62 7.26 -11.87 17.13
C PHE B 62 5.76 -11.55 17.22
N LYS B 63 5.36 -10.65 18.12
CA LYS B 63 3.95 -10.32 18.29
C LYS B 63 3.42 -9.64 17.05
N MET B 64 4.23 -8.74 16.53
CA MET B 64 3.90 -8.02 15.32
C MET B 64 3.46 -8.98 14.23
N ILE B 65 4.09 -10.15 14.15
CA ILE B 65 3.68 -11.15 13.18
C ILE B 65 2.67 -12.17 13.74
N LEU B 66 2.86 -12.57 15.01
CA LEU B 66 2.00 -13.56 15.68
C LEU B 66 0.55 -13.13 15.74
N ASP B 67 0.32 -11.91 16.17
CA ASP B 67 -1.02 -11.39 16.23
C ASP B 67 -1.48 -11.09 14.81
N LEU B 68 -0.57 -10.47 14.07
CA LEU B 68 -0.82 -10.14 12.66
C LEU B 68 -1.38 -11.35 11.89
N LEU B 69 -0.87 -12.53 12.17
CA LEU B 69 -1.38 -13.72 11.49
C LEU B 69 -2.81 -14.00 11.96
N LYS B 70 -3.05 -13.82 13.26
CA LYS B 70 -4.37 -14.05 13.85
C LYS B 70 -5.42 -12.92 13.74
N SER B 71 -5.09 -11.67 14.17
CA SER B 71 -6.11 -10.60 14.32
C SER B 71 -7.47 -10.73 13.68
N LEU B 72 -7.60 -10.85 12.41
CA LEU B 72 -8.93 -11.04 11.83
C LEU B 72 -9.54 -12.46 12.02
N TRP B 73 -8.74 -13.37 12.58
CA TRP B 73 -9.04 -14.79 12.68
C TRP B 73 -10.46 -15.06 13.18
N LYS B 74 -10.81 -14.66 14.40
CA LYS B 74 -12.15 -14.89 14.91
C LYS B 74 -13.18 -14.19 14.04
N SER B 75 -12.84 -12.95 13.67
CA SER B 75 -13.69 -12.15 12.81
C SER B 75 -14.05 -12.86 11.50
N SER B 76 -13.38 -13.97 11.19
CA SER B 76 -13.71 -14.78 10.04
C SER B 76 -13.15 -14.27 8.72
N THR B 77 -11.88 -14.54 8.53
CA THR B 77 -11.16 -14.19 7.30
C THR B 77 -9.97 -15.13 7.18
N ILE B 78 -10.02 -16.17 8.00
CA ILE B 78 -8.97 -17.19 8.11
C ILE B 78 -9.60 -18.44 8.72
N THR B 79 -9.29 -19.59 8.17
CA THR B 79 -9.83 -20.84 8.66
C THR B 79 -8.71 -21.87 8.81
N ILE B 80 -8.82 -22.76 9.80
CA ILE B 80 -7.81 -23.82 10.00
C ILE B 80 -7.62 -24.61 8.71
N ASP B 81 -8.74 -24.95 8.08
CA ASP B 81 -8.73 -25.66 6.78
C ASP B 81 -7.77 -24.96 5.82
N GLN B 82 -7.78 -23.63 5.84
CA GLN B 82 -6.90 -22.84 5.00
C GLN B 82 -5.45 -22.85 5.50
N MET B 83 -5.25 -22.80 6.82
CA MET B 83 -3.90 -22.79 7.40
C MET B 83 -3.19 -24.12 7.09
N LYS B 84 -3.89 -25.23 7.35
CA LYS B 84 -3.40 -26.61 7.07
C LYS B 84 -2.71 -26.78 5.71
N ARG B 85 -2.96 -25.82 4.86
CA ARG B 85 -2.40 -25.83 3.52
C ARG B 85 -0.99 -25.20 3.55
N GLY B 86 -0.87 -24.06 4.24
CA GLY B 86 0.41 -23.36 4.34
C GLY B 86 1.24 -23.82 5.54
N TYR B 87 0.53 -23.96 6.68
CA TYR B 87 1.12 -24.31 7.98
C TYR B 87 1.81 -25.66 7.97
N GLU B 88 1.27 -26.58 7.21
CA GLU B 88 1.84 -27.90 7.09
C GLU B 88 3.02 -27.87 6.12
N ARG B 89 2.97 -26.90 5.22
CA ARG B 89 3.99 -26.70 4.20
C ARG B 89 5.32 -26.23 4.77
N ILE B 90 5.28 -25.55 5.92
CA ILE B 90 6.51 -25.04 6.56
C ILE B 90 7.52 -26.16 6.73
N TYR B 91 7.14 -27.21 7.46
CA TYR B 91 8.02 -28.36 7.64
C TYR B 91 8.53 -28.96 6.33
N ASN B 92 7.80 -28.76 5.25
CA ASN B 92 8.21 -29.28 3.96
C ASN B 92 9.35 -28.45 3.39
N GLU B 93 9.37 -27.16 3.70
CA GLU B 93 10.40 -26.27 3.20
C GLU B 93 11.53 -26.14 4.23
N ILE B 94 11.30 -26.67 5.42
CA ILE B 94 12.28 -26.62 6.51
C ILE B 94 13.66 -27.15 6.09
N PRO B 95 13.76 -28.39 5.54
CA PRO B 95 15.04 -28.96 5.12
C PRO B 95 15.72 -28.11 4.04
N ASP B 96 14.91 -27.38 3.30
CA ASP B 96 15.43 -26.52 2.23
C ASP B 96 16.00 -25.23 2.79
N ILE B 97 15.27 -24.62 3.71
CA ILE B 97 15.68 -23.37 4.34
C ILE B 97 16.80 -23.61 5.35
N ASN B 98 16.70 -24.68 6.12
CA ASN B 98 17.70 -25.01 7.14
C ASN B 98 18.91 -25.69 6.53
N LEU B 99 18.68 -26.82 5.87
CA LEU B 99 19.75 -27.59 5.23
C LEU B 99 20.76 -28.11 6.27
N ASP B 100 20.33 -29.13 7.02
CA ASP B 100 21.17 -29.75 8.07
C ASP B 100 21.24 -28.88 9.32
N VAL B 101 21.29 -29.51 10.49
CA VAL B 101 21.37 -28.81 11.77
C VAL B 101 20.26 -27.76 11.89
N PRO B 102 19.00 -28.21 12.08
CA PRO B 102 17.85 -27.31 12.19
C PRO B 102 17.68 -26.70 13.58
N HIS B 103 18.67 -25.93 14.02
CA HIS B 103 18.62 -25.27 15.32
C HIS B 103 17.49 -24.25 15.45
N SER B 104 16.72 -24.07 14.39
CA SER B 104 15.60 -23.15 14.41
C SER B 104 14.38 -23.76 15.09
N TYR B 105 14.55 -24.96 15.66
CA TYR B 105 13.46 -25.63 16.37
C TYR B 105 13.01 -24.77 17.53
N SER B 106 13.95 -24.04 18.09
CA SER B 106 13.67 -23.14 19.18
C SER B 106 12.58 -22.14 18.75
N VAL B 107 12.65 -21.72 17.47
CA VAL B 107 11.66 -20.79 16.93
C VAL B 107 10.44 -21.54 16.37
N LEU B 108 10.68 -22.33 15.33
CA LEU B 108 9.64 -23.14 14.68
C LEU B 108 8.74 -23.97 15.57
N GLU B 109 9.20 -24.48 16.69
CA GLU B 109 8.33 -25.31 17.51
C GLU B 109 7.66 -24.42 18.57
N ARG B 110 8.30 -23.28 18.83
CA ARG B 110 7.87 -22.34 19.86
C ARG B 110 6.64 -21.55 19.43
N PHE B 111 6.54 -21.26 18.14
CA PHE B 111 5.42 -20.52 17.61
C PHE B 111 4.19 -21.41 17.50
N VAL B 112 4.37 -22.57 16.89
CA VAL B 112 3.29 -23.55 16.76
C VAL B 112 2.72 -23.89 18.13
N GLU B 113 3.59 -23.96 19.14
CA GLU B 113 3.16 -24.25 20.50
C GLU B 113 2.43 -23.03 21.10
N GLU B 114 2.79 -21.85 20.61
CA GLU B 114 2.16 -20.61 21.06
C GLU B 114 0.70 -20.62 20.60
N CYS B 115 0.51 -20.92 19.32
CA CYS B 115 -0.82 -21.03 18.72
C CYS B 115 -1.62 -22.18 19.36
N PHE B 116 -0.91 -23.05 20.08
CA PHE B 116 -1.53 -24.22 20.73
C PHE B 116 -2.23 -23.70 22.00
N GLN B 117 -1.79 -22.52 22.40
CA GLN B 117 -2.31 -21.83 23.58
C GLN B 117 -3.56 -20.97 23.29
N ALA B 118 -3.78 -20.67 22.00
CA ALA B 118 -4.89 -19.82 21.62
C ALA B 118 -6.17 -20.59 21.32
N GLY B 119 -6.02 -21.75 20.72
CA GLY B 119 -7.18 -22.56 20.42
C GLY B 119 -7.53 -22.45 18.95
N ILE B 120 -6.94 -21.45 18.31
CA ILE B 120 -7.14 -21.21 16.87
C ILE B 120 -6.98 -22.51 16.07
N ILE B 121 -5.79 -23.09 16.10
CA ILE B 121 -5.52 -24.35 15.41
C ILE B 121 -5.97 -25.58 16.23
N SER B 122 -5.23 -26.69 16.11
CA SER B 122 -5.56 -27.92 16.83
C SER B 122 -4.37 -28.86 16.89
N LYS B 123 -4.51 -29.95 17.65
CA LYS B 123 -3.45 -30.95 17.78
C LYS B 123 -3.18 -31.57 16.41
N GLN B 124 -4.28 -31.97 15.78
CA GLN B 124 -4.26 -32.55 14.44
C GLN B 124 -3.29 -31.81 13.48
N LEU B 125 -3.13 -30.49 13.68
CA LEU B 125 -2.23 -29.69 12.87
C LEU B 125 -0.79 -29.89 13.33
N ARG B 126 -0.58 -29.76 14.63
CA ARG B 126 0.73 -29.91 15.27
C ARG B 126 1.21 -31.37 15.19
N ASP B 127 0.35 -32.25 14.72
CA ASP B 127 0.64 -33.68 14.74
C ASP B 127 1.76 -34.04 13.75
N LEU B 128 1.88 -33.27 12.66
CA LEU B 128 2.91 -33.54 11.64
C LEU B 128 4.18 -32.73 11.89
N CYS B 129 4.22 -32.07 13.04
CA CYS B 129 5.35 -31.24 13.42
C CYS B 129 6.36 -32.10 14.18
N PRO B 130 7.66 -31.78 14.07
CA PRO B 130 8.70 -32.52 14.78
C PRO B 130 8.73 -32.15 16.27
N SER B 131 7.61 -32.34 16.95
CA SER B 131 7.47 -32.04 18.37
C SER B 131 8.54 -32.78 19.18
N GLY A 1 2.53 30.31 -2.36
CA GLY A 1 1.82 31.43 -1.71
C GLY A 1 0.36 31.11 -1.48
N LEU A 2 -0.48 32.13 -1.53
CA LEU A 2 -1.91 31.93 -1.34
C LEU A 2 -2.67 32.08 -2.65
N PRO A 3 -3.43 31.04 -3.03
CA PRO A 3 -4.21 31.04 -4.28
C PRO A 3 -5.32 32.09 -4.24
N LEU A 4 -5.73 32.55 -5.41
CA LEU A 4 -6.79 33.55 -5.50
C LEU A 4 -8.08 32.94 -6.05
N ASP A 5 -9.19 33.18 -5.35
CA ASP A 5 -10.51 32.68 -5.75
C ASP A 5 -10.51 31.18 -5.99
N GLU A 6 -10.28 30.39 -4.93
CA GLU A 6 -10.25 28.94 -5.05
C GLU A 6 -11.60 28.43 -5.52
N ARG A 7 -12.66 28.81 -4.82
CA ARG A 7 -14.03 28.42 -5.18
C ARG A 7 -14.30 28.63 -6.66
N ALA A 8 -13.90 29.79 -7.17
CA ALA A 8 -14.08 30.10 -8.58
C ALA A 8 -13.24 29.18 -9.45
N PHE A 9 -12.05 28.86 -8.97
CA PHE A 9 -11.14 27.99 -9.70
C PHE A 9 -11.68 26.58 -9.76
N GLU A 10 -11.93 25.95 -8.61
CA GLU A 10 -12.45 24.60 -8.55
C GLU A 10 -13.75 24.46 -9.34
N LYS A 11 -14.63 25.44 -9.18
CA LYS A 11 -15.91 25.45 -9.88
C LYS A 11 -15.71 25.30 -11.39
N THR A 12 -14.73 26.02 -11.91
CA THR A 12 -14.43 25.98 -13.33
C THR A 12 -13.73 24.68 -13.73
N LEU A 13 -12.98 24.09 -12.80
CA LEU A 13 -12.23 22.87 -13.10
C LEU A 13 -13.00 21.60 -12.72
N THR A 14 -14.26 21.74 -12.34
CA THR A 14 -15.06 20.59 -11.97
C THR A 14 -15.35 19.66 -13.16
N PRO A 15 -16.03 20.16 -14.22
CA PRO A 15 -16.32 19.33 -15.40
C PRO A 15 -15.05 18.93 -16.14
N ILE A 16 -14.23 19.93 -16.47
CA ILE A 16 -12.96 19.72 -17.17
C ILE A 16 -12.12 18.53 -16.69
N ILE A 17 -12.14 18.19 -15.41
CA ILE A 17 -11.32 17.06 -14.96
C ILE A 17 -12.05 15.72 -15.10
N GLN A 18 -13.38 15.79 -15.13
CA GLN A 18 -14.21 14.58 -15.23
C GLN A 18 -13.86 13.75 -16.46
N GLU A 19 -13.77 14.41 -17.61
CA GLU A 19 -13.40 13.77 -18.88
C GLU A 19 -12.10 12.97 -18.81
N TYR A 20 -11.26 13.26 -17.82
CA TYR A 20 -9.98 12.58 -17.71
C TYR A 20 -10.19 11.20 -17.10
N PHE A 21 -11.33 11.04 -16.44
CA PHE A 21 -11.66 9.78 -15.80
C PHE A 21 -12.44 8.85 -16.73
N GLU A 22 -12.88 9.38 -17.87
CA GLU A 22 -13.64 8.56 -18.81
C GLU A 22 -12.72 7.80 -19.76
N HIS A 23 -11.95 8.52 -20.56
CA HIS A 23 -11.00 7.88 -21.46
C HIS A 23 -9.57 8.22 -21.07
N GLY A 24 -9.41 9.38 -20.46
CA GLY A 24 -8.10 9.81 -20.02
C GLY A 24 -7.23 10.34 -21.13
N ASP A 25 -7.21 11.65 -21.28
CA ASP A 25 -6.38 12.29 -22.28
C ASP A 25 -5.72 13.51 -21.66
N THR A 26 -4.56 13.30 -21.07
CA THR A 26 -3.82 14.35 -20.40
C THR A 26 -3.48 15.51 -21.33
N ASN A 27 -3.38 15.25 -22.62
CA ASN A 27 -3.07 16.30 -23.58
C ASN A 27 -4.22 17.30 -23.66
N GLU A 28 -5.45 16.81 -23.47
CA GLU A 28 -6.62 17.66 -23.50
C GLU A 28 -6.55 18.65 -22.34
N VAL A 29 -5.96 18.18 -21.24
CA VAL A 29 -5.80 19.00 -20.04
C VAL A 29 -4.74 20.09 -20.29
N ALA A 30 -3.55 19.66 -20.70
CA ALA A 30 -2.43 20.56 -21.04
C ALA A 30 -2.87 21.64 -22.05
N GLU A 31 -3.88 21.29 -22.83
CA GLU A 31 -4.40 22.21 -23.83
C GLU A 31 -5.24 23.30 -23.18
N MET A 32 -5.98 22.90 -22.15
CA MET A 32 -6.85 23.82 -21.41
C MET A 32 -6.09 24.73 -20.44
N LEU A 33 -5.21 24.16 -19.61
CA LEU A 33 -4.46 24.94 -18.62
C LEU A 33 -3.66 26.07 -19.29
N ARG A 34 -2.77 25.67 -20.18
CA ARG A 34 -1.96 26.59 -20.97
C ARG A 34 -2.79 27.73 -21.60
N ASP A 35 -4.08 27.52 -21.74
CA ASP A 35 -4.97 28.52 -22.32
C ASP A 35 -5.48 29.48 -21.23
N LEU A 36 -5.81 28.92 -20.07
CA LEU A 36 -6.35 29.69 -18.95
C LEU A 36 -5.28 30.43 -18.11
N ASN A 37 -4.03 30.42 -18.58
CA ASN A 37 -2.91 31.08 -17.87
C ASN A 37 -2.90 30.83 -16.36
N LEU A 38 -2.11 29.85 -15.93
CA LEU A 38 -2.03 29.52 -14.51
C LEU A 38 -0.62 29.71 -13.96
N GLY A 39 -0.52 30.40 -12.83
CA GLY A 39 0.77 30.62 -12.21
C GLY A 39 1.00 29.69 -11.04
N GLU A 40 0.90 30.23 -9.82
CA GLU A 40 1.08 29.42 -8.63
C GLU A 40 -0.17 28.58 -8.38
N MET A 41 -1.30 29.07 -8.88
CA MET A 41 -2.58 28.37 -8.75
C MET A 41 -2.62 27.14 -9.66
N LYS A 42 -1.57 26.96 -10.44
CA LYS A 42 -1.48 25.83 -11.36
C LYS A 42 -1.42 24.51 -10.61
N SER A 43 -0.90 24.58 -9.38
CA SER A 43 -0.80 23.40 -8.53
C SER A 43 -2.20 22.92 -8.13
N GLY A 44 -3.18 23.80 -8.25
CA GLY A 44 -4.55 23.48 -7.92
C GLY A 44 -5.10 22.26 -8.66
N VAL A 45 -5.01 22.27 -9.99
CA VAL A 45 -5.53 21.17 -10.81
C VAL A 45 -5.07 19.77 -10.36
N PRO A 46 -3.75 19.50 -10.32
CA PRO A 46 -3.23 18.19 -9.90
C PRO A 46 -3.76 17.78 -8.53
N VAL A 47 -3.95 18.75 -7.64
CA VAL A 47 -4.46 18.48 -6.31
C VAL A 47 -5.95 18.13 -6.38
N LEU A 48 -6.69 18.90 -7.16
CA LEU A 48 -8.12 18.70 -7.32
C LEU A 48 -8.44 17.30 -7.82
N ALA A 49 -7.92 16.95 -9.01
CA ALA A 49 -8.17 15.62 -9.60
C ALA A 49 -7.84 14.51 -8.59
N VAL A 50 -6.63 14.57 -8.06
CA VAL A 50 -6.18 13.59 -7.06
C VAL A 50 -7.21 13.46 -5.93
N SER A 51 -7.75 14.59 -5.48
CA SER A 51 -8.75 14.59 -4.41
C SER A 51 -10.09 13.99 -4.87
N LEU A 52 -10.41 14.11 -6.15
CA LEU A 52 -11.66 13.59 -6.68
C LEU A 52 -11.62 12.06 -6.75
N ALA A 53 -10.69 11.53 -7.55
CA ALA A 53 -10.53 10.08 -7.68
C ALA A 53 -10.26 9.41 -6.35
N LEU A 54 -9.78 10.18 -5.39
CA LEU A 54 -9.51 9.68 -4.06
C LEU A 54 -10.78 9.05 -3.49
N GLU A 55 -11.86 9.82 -3.53
CA GLU A 55 -13.16 9.37 -3.04
C GLU A 55 -13.67 8.11 -3.75
N GLY A 56 -13.52 8.01 -5.06
CA GLY A 56 -13.98 6.82 -5.78
C GLY A 56 -13.04 5.64 -5.64
N LYS A 57 -13.11 4.73 -6.62
CA LYS A 57 -12.26 3.53 -6.59
C LYS A 57 -10.82 3.82 -7.00
N ALA A 58 -9.93 2.90 -6.62
CA ALA A 58 -8.51 3.03 -6.91
C ALA A 58 -8.22 3.10 -8.41
N SER A 59 -9.10 2.54 -9.22
CA SER A 59 -8.94 2.53 -10.66
C SER A 59 -8.82 3.95 -11.22
N HIS A 60 -9.63 4.85 -10.69
CA HIS A 60 -9.61 6.24 -11.13
C HIS A 60 -8.37 6.95 -10.57
N ARG A 61 -7.95 6.54 -9.38
CA ARG A 61 -6.77 7.13 -8.73
C ARG A 61 -5.52 6.86 -9.54
N GLU A 62 -5.20 5.57 -9.73
CA GLU A 62 -4.03 5.16 -10.51
C GLU A 62 -3.95 5.91 -11.85
N MET A 63 -5.09 6.12 -12.50
CA MET A 63 -5.08 6.85 -13.76
C MET A 63 -4.66 8.30 -13.52
N THR A 64 -5.27 8.91 -12.51
CA THR A 64 -4.96 10.29 -12.14
C THR A 64 -3.46 10.51 -11.87
N SER A 65 -2.80 9.59 -11.16
CA SER A 65 -1.37 9.70 -10.89
C SER A 65 -0.55 9.90 -12.16
N LYS A 66 -1.00 9.28 -13.25
CA LYS A 66 -0.31 9.38 -14.53
C LYS A 66 -0.31 10.80 -15.07
N LEU A 67 -1.31 11.58 -14.67
CA LEU A 67 -1.46 12.96 -15.10
C LEU A 67 -0.33 13.83 -14.57
N LEU A 68 0.22 13.46 -13.43
CA LEU A 68 1.29 14.22 -12.80
C LEU A 68 2.55 14.24 -13.66
N SER A 69 3.14 13.07 -13.89
CA SER A 69 4.35 12.97 -14.71
C SER A 69 4.06 13.39 -16.16
N ASP A 70 2.79 13.29 -16.52
CA ASP A 70 2.34 13.66 -17.86
C ASP A 70 2.42 15.18 -18.03
N LEU A 71 1.74 15.91 -17.16
CA LEU A 71 1.77 17.36 -17.20
C LEU A 71 3.15 17.92 -16.86
N CYS A 72 3.91 17.15 -16.08
CA CYS A 72 5.26 17.53 -15.69
C CYS A 72 6.10 17.91 -16.90
N GLY A 73 6.89 18.97 -16.74
CA GLY A 73 7.73 19.44 -17.83
C GLY A 73 6.95 20.28 -18.82
N THR A 74 5.82 19.76 -19.27
CA THR A 74 4.96 20.44 -20.21
C THR A 74 4.39 21.73 -19.63
N VAL A 75 3.48 21.58 -18.67
CA VAL A 75 2.84 22.73 -18.04
C VAL A 75 2.95 22.66 -16.52
N MET A 76 3.91 21.90 -16.03
CA MET A 76 4.11 21.76 -14.59
C MET A 76 5.59 21.60 -14.28
N SER A 77 6.12 22.51 -13.48
CA SER A 77 7.52 22.46 -13.10
C SER A 77 7.73 21.50 -11.94
N THR A 78 8.99 21.13 -11.70
CA THR A 78 9.33 20.22 -10.60
C THR A 78 8.89 20.82 -9.27
N THR A 79 9.13 22.13 -9.14
CA THR A 79 8.77 22.88 -7.95
C THR A 79 7.24 22.96 -7.79
N ASP A 80 6.54 22.89 -8.91
CA ASP A 80 5.09 22.99 -8.91
C ASP A 80 4.47 21.74 -8.29
N VAL A 81 5.08 20.59 -8.57
CA VAL A 81 4.61 19.31 -8.04
C VAL A 81 4.70 19.30 -6.51
N GLU A 82 5.86 19.68 -5.99
CA GLU A 82 6.06 19.73 -4.54
C GLU A 82 5.02 20.65 -3.91
N LYS A 83 4.94 21.88 -4.44
CA LYS A 83 3.94 22.85 -3.98
C LYS A 83 2.54 22.25 -3.90
N SER A 84 2.21 21.36 -4.84
CA SER A 84 0.90 20.71 -4.83
C SER A 84 0.82 19.73 -3.66
N PHE A 85 1.87 18.93 -3.54
CA PHE A 85 1.97 17.93 -2.46
C PHE A 85 1.74 18.57 -1.10
N ASP A 86 2.47 19.64 -0.82
CA ASP A 86 2.35 20.37 0.46
C ASP A 86 0.94 20.92 0.66
N LYS A 87 0.28 21.23 -0.44
CA LYS A 87 -1.08 21.78 -0.38
C LYS A 87 -2.08 20.69 -0.06
N LEU A 88 -1.82 19.48 -0.53
CA LEU A 88 -2.69 18.33 -0.29
C LEU A 88 -2.53 17.87 1.15
N LEU A 89 -1.32 18.00 1.66
CA LEU A 89 -1.02 17.60 3.04
C LEU A 89 -1.87 18.39 4.03
N LYS A 90 -1.77 19.70 3.96
CA LYS A 90 -2.55 20.60 4.83
C LYS A 90 -4.07 20.40 4.77
N ASP A 91 -4.60 19.92 3.66
CA ASP A 91 -6.04 19.72 3.55
C ASP A 91 -6.44 18.30 3.93
N LEU A 92 -5.56 17.35 3.59
CA LEU A 92 -5.76 15.92 3.90
C LEU A 92 -6.57 15.62 5.18
N PRO A 93 -6.28 16.25 6.34
CA PRO A 93 -7.06 16.01 7.56
C PRO A 93 -8.56 16.27 7.40
N GLU A 94 -8.98 16.97 6.35
CA GLU A 94 -10.40 17.25 6.15
C GLU A 94 -11.10 16.04 5.54
N LEU A 95 -10.60 15.55 4.40
CA LEU A 95 -11.18 14.36 3.77
C LEU A 95 -11.01 13.11 4.62
N ALA A 96 -9.98 13.11 5.46
CA ALA A 96 -9.72 11.98 6.34
C ALA A 96 -10.92 11.74 7.26
N LEU A 97 -11.69 12.81 7.48
CA LEU A 97 -12.87 12.75 8.33
C LEU A 97 -13.99 11.89 7.72
N ASP A 98 -14.15 11.91 6.40
CA ASP A 98 -15.21 11.11 5.78
C ASP A 98 -14.70 9.71 5.44
N THR A 99 -13.52 9.63 4.83
CA THR A 99 -12.93 8.33 4.54
C THR A 99 -11.72 8.07 5.44
N PRO A 100 -11.84 7.07 6.35
CA PRO A 100 -10.76 6.73 7.29
C PRO A 100 -9.51 6.17 6.60
N ARG A 101 -9.60 5.95 5.30
CA ARG A 101 -8.48 5.43 4.54
C ARG A 101 -7.89 6.49 3.62
N ALA A 102 -8.26 7.74 3.89
CA ALA A 102 -7.80 8.87 3.08
C ALA A 102 -6.28 9.05 3.16
N PRO A 103 -5.68 9.16 4.37
CA PRO A 103 -4.22 9.32 4.52
C PRO A 103 -3.45 8.20 3.83
N GLN A 104 -3.76 6.94 4.18
CA GLN A 104 -3.11 5.78 3.58
C GLN A 104 -3.03 5.85 2.06
N LEU A 105 -4.15 6.20 1.42
CA LEU A 105 -4.19 6.30 -0.03
C LEU A 105 -3.20 7.34 -0.55
N VAL A 106 -3.11 8.45 0.17
CA VAL A 106 -2.19 9.53 -0.20
C VAL A 106 -0.75 9.07 -0.07
N GLY A 107 -0.48 8.27 0.95
CA GLY A 107 0.87 7.75 1.17
C GLY A 107 1.38 6.96 -0.02
N GLN A 108 0.47 6.24 -0.67
CA GLN A 108 0.83 5.45 -1.85
C GLN A 108 1.21 6.39 -2.99
N PHE A 109 0.50 7.50 -3.09
CA PHE A 109 0.76 8.51 -4.12
C PHE A 109 2.16 9.08 -3.93
N ILE A 110 2.45 9.52 -2.70
CA ILE A 110 3.76 10.09 -2.39
C ILE A 110 4.89 9.16 -2.79
N ALA A 111 4.88 7.92 -2.30
CA ALA A 111 5.90 6.94 -2.67
C ALA A 111 5.99 6.77 -4.18
N ARG A 112 4.83 6.74 -4.84
CA ARG A 112 4.76 6.59 -6.28
C ARG A 112 5.47 7.75 -6.98
N ALA A 113 5.16 8.97 -6.57
CA ALA A 113 5.76 10.17 -7.16
C ALA A 113 7.29 10.15 -7.07
N VAL A 114 7.82 9.65 -5.96
CA VAL A 114 9.26 9.56 -5.77
C VAL A 114 9.86 8.61 -6.80
N GLY A 115 9.31 7.40 -6.86
CA GLY A 115 9.78 6.41 -7.82
C GLY A 115 9.58 6.87 -9.25
N ASP A 116 8.46 7.54 -9.50
CA ASP A 116 8.15 8.03 -10.84
C ASP A 116 9.21 9.03 -11.28
N GLY A 117 9.41 10.07 -10.47
CA GLY A 117 10.44 11.05 -10.78
C GLY A 117 9.90 12.46 -10.70
N ILE A 118 8.81 12.63 -9.97
CA ILE A 118 8.17 13.93 -9.82
C ILE A 118 8.19 14.37 -8.37
N LEU A 119 9.10 13.80 -7.61
CA LEU A 119 9.23 14.12 -6.19
C LEU A 119 10.59 13.68 -5.69
N CYS A 120 11.25 14.57 -4.97
CA CYS A 120 12.57 14.28 -4.42
C CYS A 120 12.46 13.40 -3.17
N ASN A 121 13.41 12.50 -2.99
CA ASN A 121 13.41 11.61 -1.83
C ASN A 121 13.54 12.40 -0.54
N THR A 122 14.51 13.32 -0.51
CA THR A 122 14.75 14.18 0.65
C THR A 122 13.51 14.94 1.12
N TYR A 123 12.46 14.99 0.30
CA TYR A 123 11.23 15.67 0.68
C TYR A 123 10.62 14.99 1.91
N ILE A 124 10.78 13.67 1.98
CA ILE A 124 10.28 12.90 3.11
C ILE A 124 11.07 13.25 4.36
N ASP A 125 12.39 13.33 4.19
CA ASP A 125 13.30 13.66 5.28
C ASP A 125 13.02 15.06 5.80
N SER A 126 12.57 15.93 4.91
CA SER A 126 12.26 17.31 5.27
C SER A 126 11.12 17.39 6.29
N TYR A 127 10.25 16.39 6.27
CA TYR A 127 9.12 16.32 7.19
C TYR A 127 9.24 15.08 8.08
N LYS A 128 10.46 14.58 8.24
CA LYS A 128 10.72 13.37 9.03
C LYS A 128 10.65 13.57 10.54
N GLY A 129 9.74 14.41 10.98
CA GLY A 129 9.58 14.69 12.39
C GLY A 129 9.14 16.11 12.60
N THR A 130 9.24 16.88 11.53
CA THR A 130 8.87 18.27 11.53
C THR A 130 7.39 18.44 11.19
N VAL A 131 6.58 17.50 11.69
CA VAL A 131 5.14 17.52 11.45
C VAL A 131 4.40 17.61 12.78
N ASP A 132 3.52 18.59 12.89
CA ASP A 132 2.76 18.80 14.11
C ASP A 132 1.41 18.10 14.04
N CYS A 133 1.15 17.42 12.93
CA CYS A 133 -0.10 16.71 12.74
C CYS A 133 0.14 15.22 12.50
N VAL A 134 -0.51 14.38 13.30
CA VAL A 134 -0.36 12.95 13.14
C VAL A 134 -0.93 12.50 11.79
N GLN A 135 -2.14 12.95 11.48
CA GLN A 135 -2.79 12.65 10.20
C GLN A 135 -1.85 12.86 9.01
N ALA A 136 -1.15 13.99 8.97
CA ALA A 136 -0.22 14.27 7.88
C ALA A 136 0.98 13.34 7.95
N ARG A 137 1.47 13.11 9.16
CA ARG A 137 2.62 12.23 9.40
C ARG A 137 2.30 10.77 9.11
N ALA A 138 1.01 10.43 9.14
CA ALA A 138 0.58 9.04 8.95
C ALA A 138 1.03 8.52 7.58
N ALA A 139 0.86 9.36 6.56
CA ALA A 139 1.27 8.98 5.20
C ALA A 139 2.77 8.75 5.14
N LEU A 140 3.53 9.48 5.96
CA LEU A 140 4.98 9.36 6.00
C LEU A 140 5.39 8.01 6.59
N ASP A 141 4.56 7.51 7.49
CA ASP A 141 4.83 6.23 8.13
C ASP A 141 4.51 5.09 7.17
N LYS A 142 3.53 5.33 6.29
CA LYS A 142 3.14 4.34 5.29
C LYS A 142 4.08 4.36 4.07
N ALA A 143 4.24 5.54 3.48
CA ALA A 143 5.07 5.74 2.28
C ALA A 143 6.47 5.15 2.40
N THR A 144 7.11 5.34 3.55
CA THR A 144 8.45 4.82 3.79
C THR A 144 8.43 3.28 3.77
N VAL A 145 7.27 2.73 4.06
CA VAL A 145 7.10 1.29 4.10
C VAL A 145 6.87 0.75 2.68
N LEU A 146 5.88 1.34 2.01
CA LEU A 146 5.51 0.97 0.64
C LEU A 146 6.67 0.94 -0.34
N LEU A 147 7.66 1.81 -0.13
CA LEU A 147 8.81 1.85 -1.01
C LEU A 147 9.58 0.53 -0.96
N SER A 148 9.56 -0.12 0.21
CA SER A 148 10.23 -1.40 0.39
C SER A 148 9.52 -2.50 -0.39
N MET A 149 8.24 -2.30 -0.66
CA MET A 149 7.46 -3.27 -1.41
C MET A 149 7.60 -3.03 -2.90
N SER A 150 8.22 -1.90 -3.24
CA SER A 150 8.39 -1.54 -4.64
C SER A 150 9.85 -1.62 -5.07
N LYS A 151 10.71 -2.12 -4.19
CA LYS A 151 12.13 -2.24 -4.48
C LYS A 151 12.56 -3.71 -4.59
N GLY A 152 11.58 -4.60 -4.66
CA GLY A 152 11.86 -6.01 -4.75
C GLY A 152 10.84 -6.74 -5.60
N GLY A 153 11.09 -8.02 -5.86
CA GLY A 153 10.18 -8.81 -6.66
C GLY A 153 10.59 -8.86 -8.12
N LYS A 154 10.47 -7.73 -8.80
CA LYS A 154 10.83 -7.65 -10.21
C LYS A 154 12.34 -7.51 -10.36
N ARG A 155 13.03 -8.64 -10.37
CA ARG A 155 14.48 -8.65 -10.53
C ARG A 155 14.89 -9.27 -11.86
N LYS A 156 13.89 -9.46 -12.72
CA LYS A 156 14.08 -10.04 -14.04
C LYS A 156 13.12 -9.35 -15.00
N ASP A 157 13.58 -9.02 -16.18
CA ASP A 157 12.73 -8.35 -17.16
C ASP A 157 13.19 -8.58 -18.59
N SER A 158 12.24 -8.69 -19.50
CA SER A 158 12.54 -8.88 -20.91
C SER A 158 11.70 -7.94 -21.77
N VAL A 159 12.32 -6.86 -22.23
CA VAL A 159 11.63 -5.89 -23.07
C VAL A 159 11.60 -6.36 -24.52
N TRP A 160 12.25 -7.50 -24.77
CA TRP A 160 12.33 -8.07 -26.10
C TRP A 160 11.05 -8.83 -26.43
N GLY A 161 10.24 -9.08 -25.42
CA GLY A 161 8.99 -9.78 -25.61
C GLY A 161 7.83 -8.80 -25.67
N SER A 162 7.32 -8.57 -26.87
CA SER A 162 6.22 -7.65 -27.06
C SER A 162 4.88 -8.34 -26.84
N GLY A 163 3.94 -7.62 -26.25
CA GLY A 163 2.63 -8.18 -26.00
C GLY A 163 1.62 -7.08 -25.70
N GLY B 1 -0.45 -5.26 -24.43
CA GLY B 1 -0.54 -3.81 -24.21
C GLY B 1 -1.97 -3.36 -24.02
N GLY B 2 -2.17 -2.06 -23.82
CA GLY B 2 -3.50 -1.52 -23.63
C GLY B 2 -3.98 -1.66 -22.20
N GLN B 3 -4.88 -2.59 -21.96
CA GLN B 3 -5.42 -2.81 -20.63
C GLN B 3 -4.64 -3.88 -19.88
N GLN B 4 -4.18 -3.53 -18.69
CA GLN B 4 -3.44 -4.44 -17.84
C GLN B 4 -4.41 -5.35 -17.10
N PRO B 5 -4.04 -6.62 -16.85
CA PRO B 5 -4.90 -7.56 -16.12
C PRO B 5 -5.10 -7.13 -14.67
N VAL B 6 -6.02 -7.78 -13.97
CA VAL B 6 -6.29 -7.45 -12.59
C VAL B 6 -5.20 -8.00 -11.67
N ASN B 7 -5.07 -7.37 -10.50
CA ASN B 7 -4.06 -7.79 -9.54
C ASN B 7 -4.47 -9.05 -8.80
N HIS B 8 -3.47 -9.85 -8.45
CA HIS B 8 -3.66 -11.10 -7.70
C HIS B 8 -2.29 -11.68 -7.38
N LEU B 9 -2.06 -12.11 -6.13
CA LEU B 9 -0.78 -12.67 -5.70
C LEU B 9 0.32 -11.61 -5.57
N VAL B 10 0.69 -11.02 -6.70
CA VAL B 10 1.73 -10.00 -6.73
C VAL B 10 1.27 -8.74 -6.01
N LYS B 11 2.19 -8.17 -5.22
CA LYS B 11 1.92 -6.93 -4.46
C LYS B 11 0.99 -7.13 -3.27
N GLU B 12 0.12 -8.13 -3.34
CA GLU B 12 -0.83 -8.39 -2.26
C GLU B 12 -0.15 -8.96 -1.02
N ILE B 13 0.42 -10.15 -1.16
CA ILE B 13 1.11 -10.82 -0.06
C ILE B 13 2.27 -9.98 0.47
N ASP B 14 3.06 -9.43 -0.45
CA ASP B 14 4.23 -8.63 -0.11
C ASP B 14 3.88 -7.37 0.66
N MET B 15 2.85 -6.66 0.22
CA MET B 15 2.45 -5.41 0.87
C MET B 15 1.76 -5.64 2.21
N LEU B 16 0.86 -6.63 2.24
CA LEU B 16 0.12 -6.97 3.44
C LEU B 16 1.06 -7.25 4.62
N LEU B 17 2.04 -8.12 4.39
CA LEU B 17 2.98 -8.49 5.43
C LEU B 17 4.00 -7.41 5.74
N LYS B 18 4.57 -6.79 4.71
CA LYS B 18 5.58 -5.75 4.90
C LYS B 18 5.07 -4.56 5.72
N GLU B 19 3.87 -4.07 5.41
CA GLU B 19 3.31 -2.94 6.13
C GLU B 19 2.91 -3.34 7.56
N TYR B 20 2.19 -4.45 7.65
CA TYR B 20 1.77 -4.98 8.95
C TYR B 20 2.97 -5.08 9.90
N LEU B 21 4.10 -5.53 9.38
CA LEU B 21 5.32 -5.63 10.18
C LEU B 21 5.95 -4.26 10.43
N LEU B 22 6.23 -3.54 9.35
CA LEU B 22 6.85 -2.22 9.42
C LEU B 22 5.99 -1.18 10.15
N SER B 23 4.88 -0.77 9.55
CA SER B 23 4.01 0.22 10.18
C SER B 23 3.32 -0.38 11.42
N GLY B 24 2.70 -1.54 11.24
CA GLY B 24 2.02 -2.21 12.34
C GLY B 24 0.58 -1.77 12.51
N ASP B 25 -0.22 -1.99 11.47
CA ASP B 25 -1.62 -1.61 11.51
C ASP B 25 -2.52 -2.78 11.09
N ILE B 26 -3.33 -3.26 12.03
CA ILE B 26 -4.24 -4.36 11.77
C ILE B 26 -5.35 -3.92 10.82
N SER B 27 -6.01 -2.82 11.19
CA SER B 27 -7.10 -2.23 10.40
C SER B 27 -6.84 -2.20 8.90
N GLU B 28 -5.62 -1.85 8.50
CA GLU B 28 -5.26 -1.80 7.08
C GLU B 28 -5.20 -3.19 6.48
N ALA B 29 -4.55 -4.11 7.19
CA ALA B 29 -4.43 -5.49 6.73
C ALA B 29 -5.78 -6.16 6.67
N GLU B 30 -6.59 -5.94 7.71
CA GLU B 30 -7.93 -6.50 7.78
C GLU B 30 -8.77 -6.04 6.60
N HIS B 31 -8.68 -4.75 6.29
CA HIS B 31 -9.44 -4.18 5.18
C HIS B 31 -9.05 -4.84 3.87
N CYS B 32 -7.76 -5.05 3.66
CA CYS B 32 -7.27 -5.68 2.44
C CYS B 32 -7.70 -7.14 2.37
N LEU B 33 -7.65 -7.82 3.52
CA LEU B 33 -8.03 -9.22 3.59
C LEU B 33 -9.51 -9.39 3.22
N LYS B 34 -10.32 -8.44 3.65
CA LYS B 34 -11.76 -8.41 3.37
C LYS B 34 -12.03 -8.05 1.90
N GLU B 35 -11.06 -7.37 1.30
CA GLU B 35 -11.17 -6.92 -0.09
C GLU B 35 -10.97 -8.09 -1.06
N LEU B 36 -10.03 -8.96 -0.73
CA LEU B 36 -9.75 -10.15 -1.55
C LEU B 36 -11.03 -10.90 -1.92
N GLU B 37 -11.03 -11.46 -3.13
CA GLU B 37 -12.20 -12.15 -3.65
C GLU B 37 -12.19 -13.63 -3.32
N VAL B 38 -11.02 -14.25 -3.37
CA VAL B 38 -10.91 -15.67 -3.09
C VAL B 38 -10.32 -15.94 -1.71
N PRO B 39 -11.17 -16.39 -0.76
CA PRO B 39 -10.74 -16.69 0.61
C PRO B 39 -9.93 -17.97 0.68
N HIS B 40 -10.07 -18.81 -0.34
CA HIS B 40 -9.37 -20.09 -0.40
C HIS B 40 -7.90 -19.89 -0.76
N PHE B 41 -7.57 -18.74 -1.32
CA PHE B 41 -6.20 -18.44 -1.71
C PHE B 41 -5.45 -17.65 -0.65
N HIS B 42 -6.04 -17.57 0.55
CA HIS B 42 -5.43 -16.84 1.66
C HIS B 42 -4.29 -17.66 2.27
N HIS B 43 -4.09 -18.85 1.72
CA HIS B 43 -3.07 -19.78 2.20
C HIS B 43 -1.65 -19.23 1.99
N GLU B 44 -1.30 -18.94 0.74
CA GLU B 44 0.03 -18.42 0.40
C GLU B 44 0.51 -17.28 1.31
N LEU B 45 -0.38 -16.34 1.65
CA LEU B 45 -0.01 -15.24 2.55
C LEU B 45 0.35 -15.81 3.93
N VAL B 46 -0.58 -16.60 4.44
CA VAL B 46 -0.42 -17.28 5.73
C VAL B 46 0.94 -18.00 5.76
N TYR B 47 1.23 -18.74 4.69
CA TYR B 47 2.49 -19.47 4.56
C TYR B 47 3.71 -18.57 4.72
N GLU B 48 3.72 -17.45 3.99
CA GLU B 48 4.84 -16.50 4.04
C GLU B 48 5.08 -15.99 5.46
N ALA B 49 3.99 -15.58 6.12
CA ALA B 49 4.08 -15.09 7.50
C ALA B 49 4.79 -16.09 8.41
N ILE B 50 4.65 -17.36 8.10
CA ILE B 50 5.31 -18.39 8.89
C ILE B 50 6.81 -18.40 8.56
N VAL B 51 7.12 -18.46 7.28
CA VAL B 51 8.49 -18.45 6.81
C VAL B 51 9.29 -17.25 7.34
N MET B 52 8.79 -16.03 7.09
CA MET B 52 9.48 -14.83 7.55
C MET B 52 9.74 -14.85 9.05
N VAL B 53 8.67 -14.99 9.82
CA VAL B 53 8.79 -15.05 11.30
C VAL B 53 9.91 -15.99 11.78
N LEU B 54 10.14 -17.10 11.08
CA LEU B 54 11.20 -18.03 11.45
C LEU B 54 12.57 -17.49 11.02
N GLU B 55 12.64 -17.08 9.76
CA GLU B 55 13.85 -16.52 9.14
C GLU B 55 14.13 -15.05 9.47
N SER B 56 13.48 -14.53 10.51
CA SER B 56 13.67 -13.12 10.86
C SER B 56 14.91 -12.94 11.74
N THR B 57 14.89 -11.91 12.58
CA THR B 57 15.99 -11.60 13.48
C THR B 57 15.52 -10.63 14.56
N GLY B 58 15.08 -11.17 15.70
CA GLY B 58 14.61 -10.33 16.78
C GLY B 58 13.38 -10.86 17.46
N GLU B 59 13.18 -10.51 18.72
CA GLU B 59 12.03 -10.97 19.50
C GLU B 59 10.74 -10.25 19.08
N SER B 60 10.91 -9.04 18.55
CA SER B 60 9.78 -8.22 18.10
C SER B 60 9.08 -8.85 16.91
N ALA B 61 9.80 -9.74 16.22
CA ALA B 61 9.30 -10.38 15.02
C ALA B 61 8.13 -11.32 15.31
N PHE B 62 8.19 -12.05 16.43
CA PHE B 62 7.14 -13.00 16.78
C PHE B 62 5.77 -12.35 16.91
N LYS B 63 5.57 -11.56 17.97
CA LYS B 63 4.29 -10.87 18.20
C LYS B 63 3.84 -10.05 16.98
N MET B 64 4.80 -9.47 16.30
CA MET B 64 4.51 -8.66 15.12
C MET B 64 3.85 -9.51 14.04
N ILE B 65 4.45 -10.66 13.76
CA ILE B 65 3.91 -11.59 12.77
C ILE B 65 2.70 -12.37 13.30
N LEU B 66 2.79 -12.92 14.51
CA LEU B 66 1.70 -13.70 15.10
C LEU B 66 0.36 -12.96 15.08
N ASP B 67 0.41 -11.65 15.25
CA ASP B 67 -0.79 -10.81 15.23
C ASP B 67 -1.55 -10.94 13.92
N LEU B 68 -0.88 -11.45 12.90
CA LEU B 68 -1.49 -11.65 11.60
C LEU B 68 -2.45 -12.85 11.65
N LEU B 69 -2.16 -13.80 12.53
CA LEU B 69 -2.98 -14.98 12.65
C LEU B 69 -4.32 -14.74 13.36
N LYS B 70 -4.27 -14.39 14.64
CA LYS B 70 -5.51 -14.14 15.40
C LYS B 70 -6.21 -12.82 15.05
N SER B 71 -5.48 -11.72 15.23
CA SER B 71 -6.02 -10.39 14.93
C SER B 71 -6.74 -10.32 13.57
N LEU B 72 -6.28 -11.10 12.61
CA LEU B 72 -6.94 -11.18 11.31
C LEU B 72 -8.12 -12.17 11.32
N TRP B 73 -8.01 -13.19 12.18
CA TRP B 73 -9.00 -14.28 12.28
C TRP B 73 -10.32 -13.95 13.02
N LYS B 74 -10.29 -12.98 13.97
CA LYS B 74 -11.54 -12.67 14.74
C LYS B 74 -12.95 -12.95 14.16
N SER B 75 -13.36 -12.59 12.97
CA SER B 75 -14.73 -12.96 12.55
C SER B 75 -14.77 -14.28 11.79
N SER B 76 -13.70 -15.06 11.98
CA SER B 76 -13.53 -16.36 11.34
C SER B 76 -13.26 -16.15 9.85
N THR B 77 -12.26 -15.31 9.61
CA THR B 77 -11.85 -14.94 8.26
C THR B 77 -11.10 -16.07 7.57
N ILE B 78 -10.04 -16.55 8.17
CA ILE B 78 -9.25 -17.63 7.60
C ILE B 78 -9.48 -18.95 8.34
N THR B 79 -10.36 -19.78 7.80
CA THR B 79 -10.67 -21.07 8.41
C THR B 79 -9.41 -21.94 8.44
N ILE B 80 -9.31 -22.82 9.43
CA ILE B 80 -8.15 -23.70 9.59
C ILE B 80 -7.74 -24.48 8.34
N ASP B 81 -8.66 -24.77 7.42
CA ASP B 81 -8.29 -25.56 6.24
C ASP B 81 -7.36 -24.74 5.36
N GLN B 82 -7.48 -23.43 5.53
CA GLN B 82 -6.69 -22.51 4.75
C GLN B 82 -5.26 -22.49 5.26
N MET B 83 -5.07 -22.42 6.58
CA MET B 83 -3.74 -22.38 7.17
C MET B 83 -3.15 -23.79 7.31
N LYS B 84 -4.01 -24.81 7.23
CA LYS B 84 -3.57 -26.19 7.39
C LYS B 84 -2.61 -26.53 6.26
N ARG B 85 -3.02 -26.15 5.07
CA ARG B 85 -2.21 -26.35 3.87
C ARG B 85 -0.95 -25.49 3.97
N GLY B 86 -1.00 -24.52 4.87
CA GLY B 86 0.12 -23.62 5.07
C GLY B 86 1.13 -24.24 6.01
N TYR B 87 0.64 -24.64 7.19
CA TYR B 87 1.45 -25.26 8.22
C TYR B 87 2.15 -26.51 7.70
N GLU B 88 1.42 -27.32 6.92
CA GLU B 88 1.98 -28.54 6.37
C GLU B 88 3.18 -28.26 5.48
N ARG B 89 3.18 -27.10 4.83
CA ARG B 89 4.29 -26.71 3.98
C ARG B 89 5.55 -26.51 4.83
N ILE B 90 5.36 -26.00 6.05
CA ILE B 90 6.47 -25.75 6.97
C ILE B 90 7.17 -27.05 7.37
N TYR B 91 6.52 -28.16 7.08
CA TYR B 91 7.09 -29.45 7.40
C TYR B 91 7.90 -29.93 6.21
N ASN B 92 7.51 -29.44 5.04
CA ASN B 92 8.17 -29.79 3.79
C ASN B 92 9.30 -28.83 3.42
N GLU B 93 9.08 -27.53 3.60
CA GLU B 93 10.08 -26.51 3.25
C GLU B 93 11.24 -26.44 4.24
N ILE B 94 10.97 -26.80 5.51
CA ILE B 94 12.01 -26.76 6.55
C ILE B 94 13.33 -27.42 6.14
N PRO B 95 13.31 -28.68 5.63
CA PRO B 95 14.52 -29.38 5.20
C PRO B 95 15.37 -28.56 4.21
N ASP B 96 14.69 -27.81 3.34
CA ASP B 96 15.37 -26.99 2.34
C ASP B 96 16.00 -25.75 2.97
N ILE B 97 15.32 -25.18 3.96
CA ILE B 97 15.81 -23.99 4.65
C ILE B 97 16.92 -24.35 5.64
N ASN B 98 16.73 -25.45 6.34
CA ASN B 98 17.70 -25.91 7.33
C ASN B 98 18.96 -26.45 6.66
N LEU B 99 18.79 -27.54 5.92
CA LEU B 99 19.89 -28.20 5.21
C LEU B 99 20.98 -28.65 6.20
N ASP B 100 20.61 -29.58 7.07
CA ASP B 100 21.52 -30.13 8.10
C ASP B 100 21.66 -29.17 9.27
N VAL B 101 21.73 -29.74 10.48
CA VAL B 101 21.84 -28.95 11.71
C VAL B 101 20.61 -28.04 11.83
N PRO B 102 19.46 -28.63 12.16
CA PRO B 102 18.20 -27.91 12.27
C PRO B 102 18.07 -27.10 13.56
N HIS B 103 19.03 -26.19 13.77
CA HIS B 103 19.02 -25.33 14.96
C HIS B 103 17.74 -24.50 15.08
N SER B 104 16.98 -24.42 13.99
CA SER B 104 15.72 -23.68 13.99
C SER B 104 14.67 -24.41 14.80
N TYR B 105 15.01 -25.62 15.25
CA TYR B 105 14.09 -26.45 16.04
C TYR B 105 13.59 -25.67 17.25
N SER B 106 14.42 -24.80 17.79
CA SER B 106 14.06 -24.00 18.94
C SER B 106 12.78 -23.20 18.68
N VAL B 107 12.77 -22.47 17.56
CA VAL B 107 11.61 -21.67 17.14
C VAL B 107 10.55 -22.49 16.42
N LEU B 108 10.98 -23.61 15.83
CA LEU B 108 10.12 -24.46 15.03
C LEU B 108 8.80 -24.79 15.73
N GLU B 109 8.88 -25.33 16.94
CA GLU B 109 7.68 -25.65 17.68
C GLU B 109 7.10 -24.40 18.31
N ARG B 110 8.01 -23.53 18.75
CA ARG B 110 7.63 -22.26 19.39
C ARG B 110 6.38 -21.57 18.85
N PHE B 111 6.22 -21.24 17.56
CA PHE B 111 4.96 -20.63 17.12
C PHE B 111 3.80 -21.61 17.26
N VAL B 112 4.00 -22.79 16.69
CA VAL B 112 3.00 -23.86 16.71
C VAL B 112 2.47 -24.15 18.11
N GLU B 113 3.37 -24.40 19.04
CA GLU B 113 2.99 -24.74 20.42
C GLU B 113 2.42 -23.54 21.18
N GLU B 114 2.81 -22.34 20.81
CA GLU B 114 2.35 -21.16 21.51
C GLU B 114 0.87 -20.91 21.23
N CYS B 115 0.54 -20.76 19.95
CA CYS B 115 -0.84 -20.52 19.54
C CYS B 115 -1.69 -21.78 19.52
N PHE B 116 -1.08 -22.96 19.65
CA PHE B 116 -1.80 -24.23 19.51
C PHE B 116 -3.08 -24.27 20.35
N GLN B 117 -2.98 -24.18 21.67
CA GLN B 117 -4.18 -24.18 22.50
C GLN B 117 -4.99 -22.89 22.55
N ALA B 118 -4.54 -21.81 21.88
CA ALA B 118 -5.27 -20.54 21.97
C ALA B 118 -6.69 -20.64 21.39
N GLY B 119 -6.98 -21.75 20.73
CA GLY B 119 -8.31 -21.96 20.18
C GLY B 119 -8.42 -21.63 18.71
N ILE B 120 -7.37 -21.87 17.96
CA ILE B 120 -7.39 -21.59 16.53
C ILE B 120 -7.10 -22.85 15.71
N ILE B 121 -6.00 -23.53 16.03
CA ILE B 121 -5.62 -24.73 15.33
C ILE B 121 -6.21 -25.97 16.00
N SER B 122 -5.78 -27.15 15.57
CA SER B 122 -6.29 -28.38 16.13
C SER B 122 -5.17 -29.25 16.68
N LYS B 123 -5.54 -30.27 17.43
CA LYS B 123 -4.57 -31.19 18.02
C LYS B 123 -3.91 -32.04 16.95
N GLN B 124 -4.59 -32.24 15.83
CA GLN B 124 -4.06 -33.05 14.74
C GLN B 124 -3.06 -32.24 13.93
N LEU B 125 -3.27 -30.93 13.88
CA LEU B 125 -2.40 -30.05 13.10
C LEU B 125 -0.94 -30.15 13.53
N ARG B 126 -0.68 -30.22 14.84
CA ARG B 126 0.68 -30.32 15.36
C ARG B 126 1.18 -31.77 15.22
N ASP B 127 0.23 -32.68 15.07
CA ASP B 127 0.56 -34.10 14.99
C ASP B 127 1.43 -34.39 13.76
N LEU B 128 1.38 -33.50 12.79
CA LEU B 128 2.17 -33.66 11.56
C LEU B 128 3.54 -32.97 11.65
N CYS B 129 3.83 -32.35 12.79
CA CYS B 129 5.12 -31.66 12.96
C CYS B 129 6.05 -32.48 13.83
N PRO B 130 7.38 -32.27 13.70
CA PRO B 130 8.36 -33.00 14.51
C PRO B 130 8.40 -32.53 15.96
N SER B 131 7.44 -33.02 16.75
CA SER B 131 7.35 -32.67 18.15
C SER B 131 8.57 -33.18 18.91
N GLY A 1 1.71 31.09 -2.08
CA GLY A 1 1.23 30.59 -0.78
C GLY A 1 -0.28 30.43 -0.75
N LEU A 2 -0.98 31.55 -0.79
CA LEU A 2 -2.44 31.53 -0.78
C LEU A 2 -2.96 31.66 -2.20
N PRO A 3 -3.65 30.62 -2.68
CA PRO A 3 -4.21 30.60 -4.04
C PRO A 3 -5.30 31.66 -4.25
N LEU A 4 -5.33 32.22 -5.44
CA LEU A 4 -6.32 33.24 -5.78
C LEU A 4 -7.60 32.59 -6.31
N ASP A 5 -8.72 32.87 -5.64
CA ASP A 5 -10.03 32.33 -6.03
C ASP A 5 -10.10 30.81 -5.94
N GLU A 6 -10.31 30.29 -4.73
CA GLU A 6 -10.39 28.86 -4.51
C GLU A 6 -11.64 28.22 -5.11
N ARG A 7 -12.81 28.72 -4.73
CA ARG A 7 -14.08 28.17 -5.22
C ARG A 7 -14.21 28.33 -6.74
N ALA A 8 -13.78 29.48 -7.21
CA ALA A 8 -13.79 29.80 -8.64
C ALA A 8 -12.86 28.84 -9.40
N PHE A 9 -11.91 28.31 -8.66
CA PHE A 9 -10.93 27.39 -9.23
C PHE A 9 -11.43 25.94 -9.20
N GLU A 10 -11.89 25.51 -8.03
CA GLU A 10 -12.36 24.14 -7.81
C GLU A 10 -13.53 23.75 -8.70
N LYS A 11 -14.53 24.62 -8.76
CA LYS A 11 -15.73 24.37 -9.57
C LYS A 11 -15.39 24.31 -11.06
N THR A 12 -14.37 25.06 -11.46
CA THR A 12 -13.93 25.09 -12.84
C THR A 12 -13.14 23.83 -13.21
N LEU A 13 -12.55 23.20 -12.20
CA LEU A 13 -11.75 22.00 -12.40
C LEU A 13 -12.55 20.72 -12.14
N THR A 14 -13.82 20.88 -11.80
CA THR A 14 -14.68 19.72 -11.49
C THR A 14 -14.95 18.88 -12.75
N PRO A 15 -15.54 19.48 -13.81
CA PRO A 15 -15.83 18.76 -15.04
C PRO A 15 -14.56 18.34 -15.77
N ILE A 16 -13.49 19.11 -15.59
CA ILE A 16 -12.21 18.83 -16.24
C ILE A 16 -11.65 17.49 -15.78
N ILE A 17 -11.44 17.36 -14.47
CA ILE A 17 -10.92 16.11 -13.91
C ILE A 17 -11.87 14.96 -14.20
N GLN A 18 -13.17 15.25 -14.28
CA GLN A 18 -14.17 14.24 -14.59
C GLN A 18 -13.90 13.64 -15.96
N GLU A 19 -13.62 14.53 -16.93
CA GLU A 19 -13.32 14.11 -18.29
C GLU A 19 -12.17 13.11 -18.30
N TYR A 20 -11.13 13.42 -17.54
CA TYR A 20 -9.98 12.54 -17.43
C TYR A 20 -10.41 11.17 -16.90
N PHE A 21 -11.07 11.17 -15.75
CA PHE A 21 -11.58 9.96 -15.13
C PHE A 21 -12.29 9.04 -16.14
N GLU A 22 -13.18 9.61 -16.93
CA GLU A 22 -13.95 8.84 -17.91
C GLU A 22 -13.15 8.53 -19.18
N HIS A 23 -12.38 9.50 -19.66
CA HIS A 23 -11.60 9.30 -20.90
C HIS A 23 -10.21 8.74 -20.62
N GLY A 24 -9.36 9.59 -20.05
CA GLY A 24 -8.00 9.17 -19.75
C GLY A 24 -7.00 9.87 -20.65
N ASP A 25 -7.44 10.95 -21.29
CA ASP A 25 -6.58 11.70 -22.19
C ASP A 25 -5.85 12.82 -21.45
N THR A 26 -4.65 12.51 -21.00
CA THR A 26 -3.81 13.47 -20.29
C THR A 26 -3.46 14.70 -21.16
N ASN A 27 -3.47 14.53 -22.47
CA ASN A 27 -3.14 15.64 -23.37
C ASN A 27 -4.17 16.75 -23.27
N GLU A 28 -5.45 16.38 -23.12
CA GLU A 28 -6.53 17.37 -23.02
C GLU A 28 -6.34 18.26 -21.81
N VAL A 29 -6.01 17.64 -20.68
CA VAL A 29 -5.79 18.37 -19.44
C VAL A 29 -4.64 19.36 -19.58
N ALA A 30 -3.60 18.95 -20.31
CA ALA A 30 -2.43 19.80 -20.53
C ALA A 30 -2.79 21.00 -21.40
N GLU A 31 -3.72 20.79 -22.32
CA GLU A 31 -4.17 21.85 -23.21
C GLU A 31 -5.00 22.88 -22.46
N MET A 32 -5.90 22.38 -21.63
CA MET A 32 -6.78 23.25 -20.83
C MET A 32 -5.97 24.11 -19.86
N LEU A 33 -4.96 23.50 -19.23
CA LEU A 33 -4.12 24.19 -18.26
C LEU A 33 -3.48 25.44 -18.86
N ARG A 34 -2.94 25.30 -20.06
CA ARG A 34 -2.31 26.42 -20.76
C ARG A 34 -3.23 27.63 -20.94
N ASP A 35 -4.54 27.43 -20.91
CA ASP A 35 -5.47 28.53 -21.10
C ASP A 35 -5.72 29.26 -19.78
N LEU A 36 -5.54 28.55 -18.67
CA LEU A 36 -5.74 29.14 -17.35
C LEU A 36 -4.59 30.06 -16.97
N ASN A 37 -3.36 29.68 -17.35
CA ASN A 37 -2.17 30.47 -17.07
C ASN A 37 -2.02 30.81 -15.59
N LEU A 38 -2.10 29.80 -14.75
CA LEU A 38 -1.97 29.99 -13.32
C LEU A 38 -0.59 29.55 -12.84
N GLY A 39 0.08 30.40 -12.08
CA GLY A 39 1.40 30.08 -11.58
C GLY A 39 1.35 29.18 -10.36
N GLU A 40 1.28 29.79 -9.18
CA GLU A 40 1.21 29.04 -7.94
C GLU A 40 -0.08 28.24 -7.86
N MET A 41 -1.12 28.81 -8.47
CA MET A 41 -2.44 28.18 -8.49
C MET A 41 -2.47 26.92 -9.37
N LYS A 42 -1.38 26.66 -10.08
CA LYS A 42 -1.30 25.48 -10.94
C LYS A 42 -1.22 24.21 -10.10
N SER A 43 -0.69 24.36 -8.88
CA SER A 43 -0.56 23.23 -7.96
C SER A 43 -1.93 22.81 -7.44
N GLY A 44 -2.91 23.68 -7.66
CA GLY A 44 -4.27 23.40 -7.25
C GLY A 44 -4.86 22.22 -7.99
N VAL A 45 -4.61 22.17 -9.28
CA VAL A 45 -5.12 21.09 -10.14
C VAL A 45 -4.81 19.69 -9.60
N PRO A 46 -3.50 19.33 -9.42
CA PRO A 46 -3.11 18.00 -8.91
C PRO A 46 -3.74 17.69 -7.56
N VAL A 47 -3.84 18.69 -6.69
CA VAL A 47 -4.44 18.52 -5.37
C VAL A 47 -5.89 18.06 -5.48
N LEU A 48 -6.66 18.74 -6.30
CA LEU A 48 -8.06 18.41 -6.49
C LEU A 48 -8.19 17.07 -7.22
N ALA A 49 -7.30 16.86 -8.19
CA ALA A 49 -7.29 15.64 -8.98
C ALA A 49 -7.16 14.40 -8.09
N VAL A 50 -6.17 14.40 -7.22
CA VAL A 50 -5.94 13.28 -6.31
C VAL A 50 -7.10 13.13 -5.33
N SER A 51 -7.56 14.26 -4.80
CA SER A 51 -8.67 14.26 -3.84
C SER A 51 -9.93 13.61 -4.42
N LEU A 52 -10.33 14.03 -5.60
CA LEU A 52 -11.52 13.48 -6.25
C LEU A 52 -11.35 12.00 -6.52
N ALA A 53 -10.16 11.60 -6.93
CA ALA A 53 -9.85 10.21 -7.22
C ALA A 53 -9.95 9.27 -6.02
N LEU A 54 -10.02 9.79 -4.80
CA LEU A 54 -10.05 8.93 -3.63
C LEU A 54 -11.47 8.44 -3.34
N GLU A 55 -12.44 9.09 -3.97
CA GLU A 55 -13.85 8.74 -3.78
C GLU A 55 -14.25 7.64 -4.77
N GLY A 56 -13.36 7.34 -5.69
CA GLY A 56 -13.63 6.33 -6.69
C GLY A 56 -12.94 5.02 -6.38
N LYS A 57 -12.89 4.15 -7.38
CA LYS A 57 -12.25 2.85 -7.22
C LYS A 57 -10.74 2.96 -7.22
N ALA A 58 -10.08 1.86 -6.85
CA ALA A 58 -8.63 1.80 -6.79
C ALA A 58 -7.99 2.12 -8.13
N SER A 59 -8.63 1.68 -9.21
CA SER A 59 -8.11 1.93 -10.56
C SER A 59 -8.03 3.44 -10.81
N HIS A 60 -9.17 4.12 -10.65
CA HIS A 60 -9.22 5.57 -10.80
C HIS A 60 -8.11 6.26 -9.98
N ARG A 61 -7.78 5.72 -8.81
CA ARG A 61 -6.73 6.28 -7.97
C ARG A 61 -5.36 6.10 -8.63
N GLU A 62 -5.02 4.84 -8.87
CA GLU A 62 -3.73 4.50 -9.49
C GLU A 62 -3.59 5.15 -10.87
N MET A 63 -4.73 5.34 -11.54
CA MET A 63 -4.77 5.96 -12.86
C MET A 63 -4.39 7.43 -12.84
N THR A 64 -4.40 8.03 -11.65
CA THR A 64 -4.08 9.44 -11.51
C THR A 64 -2.56 9.67 -11.54
N SER A 65 -1.79 8.64 -11.17
CA SER A 65 -0.32 8.74 -11.18
C SER A 65 0.23 9.22 -12.52
N LYS A 66 -0.35 8.74 -13.62
CA LYS A 66 0.10 9.12 -14.96
C LYS A 66 -0.19 10.58 -15.26
N LEU A 67 -1.20 11.11 -14.60
CA LEU A 67 -1.61 12.50 -14.79
C LEU A 67 -0.51 13.43 -14.30
N LEU A 68 0.21 13.00 -13.27
CA LEU A 68 1.28 13.79 -12.69
C LEU A 68 2.51 13.76 -13.60
N SER A 69 2.80 12.60 -14.17
CA SER A 69 3.95 12.43 -15.04
C SER A 69 3.76 13.18 -16.35
N ASP A 70 2.63 12.95 -16.99
CA ASP A 70 2.33 13.59 -18.27
C ASP A 70 2.30 15.12 -18.16
N LEU A 71 1.82 15.63 -17.03
CA LEU A 71 1.78 17.07 -16.80
C LEU A 71 3.18 17.62 -16.54
N CYS A 72 3.99 16.89 -15.78
CA CYS A 72 5.33 17.32 -15.44
C CYS A 72 6.22 17.37 -16.69
N GLY A 73 6.97 18.46 -16.83
CA GLY A 73 7.83 18.63 -17.97
C GLY A 73 7.13 19.32 -19.12
N THR A 74 5.90 18.90 -19.37
CA THR A 74 5.10 19.48 -20.44
C THR A 74 4.54 20.84 -20.05
N VAL A 75 3.74 20.88 -19.00
CA VAL A 75 3.14 22.15 -18.54
C VAL A 75 3.53 22.45 -17.10
N MET A 76 3.67 21.42 -16.29
CA MET A 76 4.03 21.58 -14.89
C MET A 76 5.52 21.32 -14.71
N SER A 77 6.19 22.22 -14.03
CA SER A 77 7.61 22.07 -13.78
C SER A 77 7.83 21.09 -12.65
N THR A 78 8.94 21.24 -11.94
CA THR A 78 9.25 20.35 -10.82
C THR A 78 8.73 20.99 -9.54
N THR A 79 8.70 22.33 -9.54
CA THR A 79 8.28 23.11 -8.40
C THR A 79 6.84 22.83 -7.98
N ASP A 80 5.90 22.94 -8.92
CA ASP A 80 4.49 22.69 -8.63
C ASP A 80 4.25 21.30 -8.08
N VAL A 81 5.01 20.32 -8.57
CA VAL A 81 4.88 18.94 -8.12
C VAL A 81 5.09 18.89 -6.61
N GLU A 82 6.21 19.46 -6.17
CA GLU A 82 6.55 19.51 -4.77
C GLU A 82 5.57 20.38 -3.98
N LYS A 83 4.96 21.37 -4.65
CA LYS A 83 4.00 22.26 -3.98
C LYS A 83 2.69 21.51 -3.68
N SER A 84 2.03 20.98 -4.70
CA SER A 84 0.82 20.20 -4.52
C SER A 84 0.92 19.14 -3.43
N PHE A 85 2.16 18.81 -3.05
CA PHE A 85 2.38 17.77 -2.06
C PHE A 85 2.22 18.38 -0.69
N ASP A 86 2.70 19.61 -0.58
CA ASP A 86 2.69 20.34 0.69
C ASP A 86 1.28 20.75 1.06
N LYS A 87 0.45 21.07 0.06
CA LYS A 87 -0.92 21.48 0.31
C LYS A 87 -1.83 20.26 0.52
N LEU A 88 -1.52 19.17 -0.17
CA LEU A 88 -2.30 17.92 -0.08
C LEU A 88 -2.32 17.40 1.34
N LEU A 89 -1.29 17.75 2.07
CA LEU A 89 -1.14 17.29 3.42
C LEU A 89 -1.97 18.14 4.39
N LYS A 90 -2.21 19.39 3.99
CA LYS A 90 -2.93 20.37 4.81
C LYS A 90 -4.35 19.93 5.17
N ASP A 91 -5.25 19.95 4.19
CA ASP A 91 -6.65 19.58 4.40
C ASP A 91 -6.86 18.08 4.51
N LEU A 92 -5.77 17.32 4.58
CA LEU A 92 -5.82 15.86 4.67
C LEU A 92 -6.84 15.35 5.71
N PRO A 93 -6.80 15.83 6.97
CA PRO A 93 -7.75 15.38 8.01
C PRO A 93 -9.21 15.56 7.57
N GLU A 94 -9.50 16.68 6.91
CA GLU A 94 -10.85 16.95 6.43
C GLU A 94 -11.28 15.93 5.38
N LEU A 95 -10.31 15.41 4.64
CA LEU A 95 -10.60 14.40 3.62
C LEU A 95 -10.84 13.04 4.26
N ALA A 96 -10.32 12.88 5.47
CA ALA A 96 -10.47 11.64 6.22
C ALA A 96 -11.89 11.52 6.78
N LEU A 97 -12.57 12.66 6.83
CA LEU A 97 -13.94 12.72 7.33
C LEU A 97 -14.88 11.95 6.41
N ASP A 98 -14.75 12.17 5.11
CA ASP A 98 -15.60 11.48 4.15
C ASP A 98 -15.19 10.04 4.00
N THR A 99 -13.89 9.79 3.96
CA THR A 99 -13.39 8.44 3.85
C THR A 99 -12.15 8.29 4.73
N PRO A 100 -12.24 7.50 5.80
CA PRO A 100 -11.13 7.28 6.72
C PRO A 100 -9.92 6.65 6.02
N ARG A 101 -10.19 5.89 4.97
CA ARG A 101 -9.15 5.25 4.20
C ARG A 101 -8.26 6.25 3.45
N ALA A 102 -8.90 7.16 2.69
CA ALA A 102 -8.19 8.21 1.92
C ALA A 102 -6.87 8.74 2.49
N PRO A 103 -6.82 9.30 3.72
CA PRO A 103 -5.56 9.84 4.28
C PRO A 103 -4.42 8.81 4.25
N GLN A 104 -4.77 7.54 4.36
CA GLN A 104 -3.77 6.47 4.36
C GLN A 104 -3.42 6.07 2.92
N LEU A 105 -4.40 6.19 2.04
CA LEU A 105 -4.28 5.83 0.63
C LEU A 105 -3.44 6.81 -0.16
N VAL A 106 -3.31 8.02 0.34
CA VAL A 106 -2.56 9.06 -0.36
C VAL A 106 -1.06 8.78 -0.35
N GLY A 107 -0.58 7.85 0.51
CA GLY A 107 0.85 7.64 0.60
C GLY A 107 1.45 7.02 -0.65
N GLN A 108 0.64 6.23 -1.38
CA GLN A 108 1.11 5.59 -2.62
C GLN A 108 1.49 6.67 -3.61
N PHE A 109 0.75 7.76 -3.57
CA PHE A 109 1.00 8.87 -4.44
C PHE A 109 2.31 9.55 -4.08
N ILE A 110 2.71 9.41 -2.82
CA ILE A 110 3.91 10.06 -2.36
C ILE A 110 5.13 9.14 -2.62
N ALA A 111 4.88 7.80 -2.61
CA ALA A 111 5.95 6.81 -2.76
C ALA A 111 6.37 6.66 -4.21
N ARG A 112 5.40 6.34 -5.06
CA ARG A 112 5.67 6.14 -6.47
C ARG A 112 6.07 7.45 -7.16
N ALA A 113 5.76 8.56 -6.52
CA ALA A 113 6.05 9.86 -7.11
C ALA A 113 7.56 10.05 -7.22
N VAL A 114 8.30 9.44 -6.29
CA VAL A 114 9.75 9.54 -6.30
C VAL A 114 10.29 8.73 -7.48
N GLY A 115 9.98 7.43 -7.47
CA GLY A 115 10.37 6.55 -8.57
C GLY A 115 9.82 6.96 -9.92
N ASP A 116 8.91 7.93 -9.94
CA ASP A 116 8.34 8.40 -11.18
C ASP A 116 9.24 9.48 -11.76
N GLY A 117 9.94 10.18 -10.87
CA GLY A 117 10.84 11.22 -11.28
C GLY A 117 10.26 12.60 -11.10
N ILE A 118 9.14 12.70 -10.41
CA ILE A 118 8.52 14.01 -10.18
C ILE A 118 8.80 14.53 -8.77
N LEU A 119 8.84 13.62 -7.80
CA LEU A 119 9.10 14.00 -6.42
C LEU A 119 10.50 13.56 -6.00
N CYS A 120 11.09 14.29 -5.06
CA CYS A 120 12.42 13.97 -4.57
C CYS A 120 12.31 13.12 -3.32
N ASN A 121 13.23 12.17 -3.16
CA ASN A 121 13.24 11.27 -2.02
C ASN A 121 13.47 12.01 -0.71
N THR A 122 14.08 13.19 -0.79
CA THR A 122 14.37 13.98 0.41
C THR A 122 13.10 14.53 1.04
N TYR A 123 12.02 14.60 0.26
CA TYR A 123 10.75 15.12 0.74
C TYR A 123 10.30 14.44 2.02
N ILE A 124 10.44 13.12 2.06
CA ILE A 124 10.04 12.33 3.23
C ILE A 124 10.92 12.69 4.43
N ASP A 125 12.19 12.94 4.17
CA ASP A 125 13.15 13.29 5.22
C ASP A 125 12.83 14.68 5.77
N SER A 126 12.36 15.55 4.88
CA SER A 126 11.99 16.91 5.25
C SER A 126 10.80 16.94 6.19
N TYR A 127 9.97 15.92 6.12
CA TYR A 127 8.79 15.83 6.97
C TYR A 127 9.01 14.79 8.08
N LYS A 128 10.28 14.41 8.26
CA LYS A 128 10.70 13.39 9.25
C LYS A 128 10.71 13.76 10.75
N GLY A 129 9.63 14.32 11.26
CA GLY A 129 9.60 14.67 12.67
C GLY A 129 9.33 16.14 12.81
N THR A 130 9.17 16.75 11.66
CA THR A 130 8.88 18.15 11.55
C THR A 130 7.38 18.35 11.34
N VAL A 131 6.63 17.27 11.55
CA VAL A 131 5.18 17.29 11.40
C VAL A 131 4.50 16.76 12.66
N ASP A 132 3.81 17.65 13.36
CA ASP A 132 3.12 17.28 14.58
C ASP A 132 1.76 16.64 14.26
N CYS A 133 1.15 17.12 13.18
CA CYS A 133 -0.16 16.61 12.74
C CYS A 133 -0.09 15.15 12.31
N VAL A 134 -0.38 14.25 13.25
CA VAL A 134 -0.40 12.80 13.00
C VAL A 134 -1.17 12.43 11.72
N GLN A 135 -2.08 13.30 11.29
CA GLN A 135 -2.88 13.05 10.09
C GLN A 135 -1.96 12.92 8.87
N ALA A 136 -0.99 13.83 8.78
CA ALA A 136 -0.04 13.80 7.66
C ALA A 136 0.84 12.56 7.76
N ARG A 137 1.34 12.29 8.96
CA ARG A 137 2.17 11.10 9.24
C ARG A 137 1.54 9.80 8.73
N ALA A 138 0.23 9.79 8.58
CA ALA A 138 -0.45 8.60 8.12
C ALA A 138 -0.07 8.36 6.66
N ALA A 139 0.05 9.46 5.93
CA ALA A 139 0.40 9.41 4.52
C ALA A 139 1.91 9.34 4.28
N LEU A 140 2.69 10.10 5.06
CA LEU A 140 4.16 10.20 4.85
C LEU A 140 4.96 8.94 5.21
N ASP A 141 4.99 8.58 6.50
CA ASP A 141 5.67 7.34 6.89
C ASP A 141 5.16 6.12 6.14
N LYS A 142 3.94 6.22 5.64
CA LYS A 142 3.32 5.12 4.91
C LYS A 142 4.02 4.90 3.57
N ALA A 143 4.51 5.98 2.97
CA ALA A 143 5.17 5.90 1.67
C ALA A 143 6.42 5.02 1.71
N THR A 144 7.32 5.26 2.65
CA THR A 144 8.54 4.45 2.78
C THR A 144 8.23 2.97 3.04
N VAL A 145 7.04 2.71 3.57
CA VAL A 145 6.63 1.36 3.85
C VAL A 145 6.25 0.68 2.54
N LEU A 146 5.58 1.43 1.67
CA LEU A 146 5.12 0.91 0.39
C LEU A 146 6.27 0.83 -0.61
N LEU A 147 7.16 1.81 -0.56
CA LEU A 147 8.31 1.87 -1.47
C LEU A 147 9.20 0.64 -1.34
N SER A 148 9.27 0.13 -0.12
CA SER A 148 10.06 -1.05 0.16
C SER A 148 9.36 -2.31 -0.36
N MET A 149 8.05 -2.20 -0.53
CA MET A 149 7.25 -3.31 -1.02
C MET A 149 7.01 -3.29 -2.54
N SER A 150 6.50 -2.17 -3.07
CA SER A 150 6.20 -2.05 -4.50
C SER A 150 7.40 -2.33 -5.41
N LYS A 151 8.57 -1.90 -4.97
CA LYS A 151 9.79 -2.09 -5.72
C LYS A 151 10.27 -3.54 -5.63
N GLY A 152 9.61 -4.30 -4.76
CA GLY A 152 9.96 -5.70 -4.58
C GLY A 152 9.71 -6.52 -5.83
N GLY A 153 8.67 -6.17 -6.58
CA GLY A 153 8.35 -6.88 -7.81
C GLY A 153 9.31 -6.52 -8.92
N LYS A 154 10.13 -5.51 -8.67
CA LYS A 154 11.11 -5.05 -9.65
C LYS A 154 12.51 -5.51 -9.23
N ARG A 155 12.56 -6.48 -8.34
CA ARG A 155 13.82 -7.02 -7.84
C ARG A 155 14.45 -7.96 -8.87
N LYS A 156 14.76 -7.41 -10.03
CA LYS A 156 15.36 -8.17 -11.12
C LYS A 156 16.79 -7.69 -11.37
N ASP A 157 17.03 -6.42 -11.09
CA ASP A 157 18.35 -5.84 -11.29
C ASP A 157 18.96 -5.37 -9.97
N SER A 158 18.28 -5.68 -8.89
CA SER A 158 18.74 -5.31 -7.56
C SER A 158 19.32 -6.54 -6.83
N VAL A 159 19.47 -7.64 -7.56
CA VAL A 159 19.99 -8.88 -6.99
C VAL A 159 21.45 -9.08 -7.34
N TRP A 160 22.26 -8.06 -7.06
CA TRP A 160 23.69 -8.14 -7.34
C TRP A 160 24.42 -8.71 -6.13
N GLY A 161 24.64 -10.01 -6.14
CA GLY A 161 25.32 -10.66 -5.04
C GLY A 161 26.75 -11.02 -5.40
N SER A 162 26.93 -12.18 -6.01
CA SER A 162 28.25 -12.63 -6.41
C SER A 162 28.41 -12.52 -7.93
N GLY A 163 27.50 -11.77 -8.53
CA GLY A 163 27.51 -11.58 -9.95
C GLY A 163 26.13 -11.20 -10.45
N GLY B 1 8.32 -1.14 -17.37
CA GLY B 1 7.03 -1.20 -18.08
C GLY B 1 6.26 0.11 -17.99
N GLY B 2 5.70 0.55 -19.11
CA GLY B 2 4.95 1.79 -19.13
C GLY B 2 3.48 1.57 -18.84
N GLN B 3 2.98 0.40 -19.20
CA GLN B 3 1.59 0.05 -18.98
C GLN B 3 1.49 -1.08 -17.97
N GLN B 4 0.57 -0.95 -17.03
CA GLN B 4 0.37 -1.96 -16.00
C GLN B 4 -1.06 -2.50 -16.04
N PRO B 5 -1.20 -3.80 -16.37
CA PRO B 5 -2.51 -4.45 -16.46
C PRO B 5 -3.01 -4.91 -15.09
N VAL B 6 -3.92 -5.86 -15.10
CA VAL B 6 -4.47 -6.40 -13.86
C VAL B 6 -3.46 -7.29 -13.15
N ASN B 7 -2.90 -6.79 -12.07
CA ASN B 7 -1.91 -7.53 -11.30
C ASN B 7 -2.54 -8.74 -10.65
N HIS B 8 -1.98 -9.91 -10.92
CA HIS B 8 -2.51 -11.16 -10.39
C HIS B 8 -1.76 -11.59 -9.12
N LEU B 9 -2.31 -11.19 -7.96
CA LEU B 9 -1.77 -11.54 -6.65
C LEU B 9 -0.53 -10.73 -6.27
N VAL B 10 0.24 -10.32 -7.27
CA VAL B 10 1.46 -9.55 -7.05
C VAL B 10 1.09 -8.20 -6.45
N LYS B 11 2.02 -7.62 -5.68
CA LYS B 11 1.84 -6.32 -5.04
C LYS B 11 0.95 -6.41 -3.81
N GLU B 12 -0.21 -7.05 -3.96
CA GLU B 12 -1.15 -7.20 -2.84
C GLU B 12 -0.57 -8.06 -1.73
N ILE B 13 -0.07 -9.24 -2.08
CA ILE B 13 0.49 -10.16 -1.09
C ILE B 13 1.58 -9.52 -0.22
N ASP B 14 2.62 -8.97 -0.85
CA ASP B 14 3.72 -8.35 -0.11
C ASP B 14 3.31 -7.06 0.57
N MET B 15 2.78 -6.11 -0.23
CA MET B 15 2.33 -4.83 0.31
C MET B 15 1.42 -4.94 1.52
N LEU B 16 0.65 -6.02 1.61
CA LEU B 16 -0.20 -6.22 2.77
C LEU B 16 0.59 -6.73 3.99
N LEU B 17 1.55 -7.63 3.74
CA LEU B 17 2.35 -8.23 4.80
C LEU B 17 3.46 -7.32 5.34
N LYS B 18 4.31 -6.81 4.46
CA LYS B 18 5.41 -5.93 4.87
C LYS B 18 4.93 -4.60 5.45
N GLU B 19 3.74 -4.18 5.05
CA GLU B 19 3.13 -2.94 5.54
C GLU B 19 2.96 -3.09 7.06
N TYR B 20 2.90 -4.33 7.50
CA TYR B 20 2.75 -4.66 8.89
C TYR B 20 4.07 -4.48 9.64
N LEU B 21 5.18 -4.53 8.88
CA LEU B 21 6.53 -4.41 9.46
C LEU B 21 6.79 -3.05 10.14
N LEU B 22 6.89 -1.97 9.36
CA LEU B 22 7.09 -0.64 9.94
C LEU B 22 5.81 -0.15 10.60
N SER B 23 4.77 -0.05 9.78
CA SER B 23 3.46 0.33 10.29
C SER B 23 3.00 -0.82 11.18
N GLY B 24 2.18 -0.55 12.19
CA GLY B 24 1.78 -1.64 13.07
C GLY B 24 0.29 -1.73 13.26
N ASP B 25 -0.46 -1.26 12.27
CA ASP B 25 -1.91 -1.31 12.34
C ASP B 25 -2.40 -2.58 11.67
N ILE B 26 -2.96 -3.49 12.47
CA ILE B 26 -3.47 -4.75 11.96
C ILE B 26 -4.56 -4.46 10.96
N SER B 27 -5.66 -4.01 11.45
CA SER B 27 -6.76 -3.67 10.64
C SER B 27 -6.56 -2.82 9.37
N GLU B 28 -5.43 -2.08 9.21
CA GLU B 28 -5.34 -1.16 8.08
C GLU B 28 -5.10 -1.90 6.75
N ALA B 29 -4.05 -2.74 6.70
CA ALA B 29 -3.75 -3.49 5.46
C ALA B 29 -4.77 -4.60 5.29
N GLU B 30 -5.14 -5.15 6.43
CA GLU B 30 -6.12 -6.21 6.52
C GLU B 30 -7.47 -5.71 5.99
N HIS B 31 -7.67 -4.39 6.06
CA HIS B 31 -8.90 -3.79 5.57
C HIS B 31 -9.04 -4.04 4.08
N CYS B 32 -7.98 -3.82 3.31
CA CYS B 32 -8.03 -4.04 1.88
C CYS B 32 -8.07 -5.52 1.56
N LEU B 33 -7.49 -6.33 2.44
CA LEU B 33 -7.51 -7.79 2.28
C LEU B 33 -8.97 -8.25 2.19
N LYS B 34 -9.82 -7.53 2.89
CA LYS B 34 -11.25 -7.81 2.88
C LYS B 34 -11.84 -7.46 1.51
N GLU B 35 -11.16 -6.57 0.82
CA GLU B 35 -11.54 -6.05 -0.50
C GLU B 35 -11.20 -7.05 -1.62
N LEU B 36 -10.76 -8.25 -1.23
CA LEU B 36 -10.37 -9.30 -2.19
C LEU B 36 -11.61 -9.94 -2.80
N GLU B 37 -11.62 -11.27 -2.95
CA GLU B 37 -12.76 -11.95 -3.53
C GLU B 37 -12.80 -13.43 -3.12
N VAL B 38 -11.75 -14.15 -3.48
CA VAL B 38 -11.67 -15.58 -3.15
C VAL B 38 -10.78 -15.81 -1.92
N PRO B 39 -11.37 -16.35 -0.85
CA PRO B 39 -10.65 -16.63 0.39
C PRO B 39 -9.90 -17.95 0.34
N HIS B 40 -9.95 -18.62 -0.81
CA HIS B 40 -9.30 -19.91 -1.01
C HIS B 40 -7.79 -19.77 -1.13
N PHE B 41 -7.33 -18.61 -1.57
CA PHE B 41 -5.90 -18.35 -1.73
C PHE B 41 -5.29 -17.74 -0.47
N HIS B 42 -6.08 -17.63 0.60
CA HIS B 42 -5.62 -17.05 1.86
C HIS B 42 -4.34 -17.72 2.37
N HIS B 43 -4.28 -19.05 2.24
CA HIS B 43 -3.10 -19.85 2.64
C HIS B 43 -1.75 -19.23 2.25
N GLU B 44 -1.76 -18.39 1.23
CA GLU B 44 -0.54 -17.77 0.74
C GLU B 44 -0.04 -16.68 1.71
N LEU B 45 -0.97 -16.01 2.41
CA LEU B 45 -0.63 -14.92 3.33
C LEU B 45 0.06 -15.38 4.61
N VAL B 46 -0.62 -16.20 5.41
CA VAL B 46 -0.06 -16.70 6.68
C VAL B 46 1.26 -17.43 6.43
N TYR B 47 1.17 -18.47 5.61
CA TYR B 47 2.33 -19.25 5.20
C TYR B 47 3.56 -18.37 4.93
N GLU B 48 3.40 -17.36 4.08
CA GLU B 48 4.49 -16.44 3.74
C GLU B 48 4.98 -15.66 4.98
N ALA B 49 4.05 -15.35 5.88
CA ALA B 49 4.41 -14.61 7.10
C ALA B 49 5.43 -15.39 7.93
N ILE B 50 5.12 -16.63 8.27
CA ILE B 50 6.05 -17.49 9.01
C ILE B 50 7.39 -17.52 8.28
N VAL B 51 7.29 -17.75 6.98
CA VAL B 51 8.47 -17.78 6.10
C VAL B 51 9.30 -16.51 6.30
N MET B 52 8.62 -15.37 6.33
CA MET B 52 9.28 -14.08 6.54
C MET B 52 9.94 -13.99 7.91
N VAL B 53 9.21 -14.41 8.95
CA VAL B 53 9.73 -14.38 10.32
C VAL B 53 10.99 -15.22 10.45
N LEU B 54 10.95 -16.45 9.93
CA LEU B 54 12.09 -17.35 9.98
C LEU B 54 13.33 -16.72 9.32
N GLU B 55 13.10 -15.83 8.38
CA GLU B 55 14.21 -15.15 7.70
C GLU B 55 14.53 -13.80 8.35
N SER B 56 13.84 -13.48 9.44
CA SER B 56 14.06 -12.21 10.12
C SER B 56 14.63 -12.42 11.53
N THR B 57 15.41 -11.46 12.01
CA THR B 57 16.02 -11.55 13.32
C THR B 57 15.46 -10.48 14.26
N GLY B 58 14.77 -10.93 15.31
CA GLY B 58 14.20 -10.00 16.26
C GLY B 58 12.83 -10.44 16.74
N GLU B 59 12.52 -10.14 17.99
CA GLU B 59 11.24 -10.51 18.58
C GLU B 59 10.15 -9.55 18.13
N SER B 60 10.56 -8.45 17.51
CA SER B 60 9.65 -7.44 17.02
C SER B 60 8.73 -8.02 15.95
N ALA B 61 9.32 -8.80 15.05
CA ALA B 61 8.57 -9.43 13.98
C ALA B 61 7.77 -10.61 14.52
N PHE B 62 8.40 -11.33 15.44
CA PHE B 62 7.79 -12.50 16.09
C PHE B 62 6.42 -12.14 16.68
N LYS B 63 6.36 -11.00 17.33
CA LYS B 63 5.12 -10.53 17.95
C LYS B 63 4.11 -10.04 16.89
N MET B 64 4.58 -9.14 16.02
CA MET B 64 3.74 -8.57 14.96
C MET B 64 3.03 -9.63 14.13
N ILE B 65 3.75 -10.66 13.72
CA ILE B 65 3.15 -11.73 12.91
C ILE B 65 2.19 -12.56 13.76
N LEU B 66 2.59 -12.85 14.99
CA LEU B 66 1.75 -13.61 15.92
C LEU B 66 0.37 -12.95 16.04
N ASP B 67 0.37 -11.64 16.27
CA ASP B 67 -0.87 -10.87 16.40
C ASP B 67 -1.60 -10.75 15.07
N LEU B 68 -0.83 -10.91 14.00
CA LEU B 68 -1.37 -10.82 12.64
C LEU B 68 -2.37 -11.95 12.39
N LEU B 69 -1.92 -13.17 12.61
CA LEU B 69 -2.76 -14.34 12.40
C LEU B 69 -3.82 -14.45 13.49
N LYS B 70 -3.48 -14.03 14.70
CA LYS B 70 -4.40 -14.09 15.82
C LYS B 70 -5.57 -13.12 15.65
N SER B 71 -5.27 -11.85 15.43
CA SER B 71 -6.30 -10.85 15.24
C SER B 71 -7.15 -11.12 14.00
N LEU B 72 -6.54 -11.76 13.01
CA LEU B 72 -7.25 -12.12 11.80
C LEU B 72 -8.26 -13.20 12.13
N TRP B 73 -7.80 -14.19 12.89
CA TRP B 73 -8.65 -15.30 13.31
C TRP B 73 -9.81 -14.88 14.22
N LYS B 74 -9.65 -13.77 14.97
CA LYS B 74 -10.74 -13.31 15.84
C LYS B 74 -11.93 -12.96 14.96
N SER B 75 -11.65 -12.09 14.00
CA SER B 75 -12.64 -11.66 13.00
C SER B 75 -12.69 -12.69 11.87
N SER B 76 -12.36 -13.92 12.25
CA SER B 76 -12.24 -15.09 11.36
C SER B 76 -12.55 -14.84 9.90
N THR B 77 -11.53 -14.53 9.12
CA THR B 77 -11.70 -14.34 7.69
C THR B 77 -10.86 -15.38 6.97
N ILE B 78 -10.19 -16.19 7.78
CA ILE B 78 -9.33 -17.26 7.28
C ILE B 78 -10.01 -18.59 7.54
N THR B 79 -10.00 -19.46 6.54
CA THR B 79 -10.62 -20.77 6.66
C THR B 79 -9.70 -21.73 7.40
N ILE B 80 -10.27 -22.84 7.88
CA ILE B 80 -9.48 -23.82 8.61
C ILE B 80 -8.54 -24.58 7.65
N ASP B 81 -8.97 -24.74 6.40
CA ASP B 81 -8.16 -25.44 5.40
C ASP B 81 -6.92 -24.63 5.06
N GLN B 82 -7.15 -23.38 4.62
CA GLN B 82 -6.06 -22.45 4.32
C GLN B 82 -5.09 -22.27 5.50
N MET B 83 -5.60 -22.58 6.68
CA MET B 83 -4.80 -22.43 7.89
C MET B 83 -3.87 -23.62 8.02
N LYS B 84 -4.44 -24.82 7.83
CA LYS B 84 -3.69 -26.07 7.93
C LYS B 84 -2.61 -26.23 6.88
N ARG B 85 -2.92 -25.94 5.61
CA ARG B 85 -1.95 -26.13 4.52
C ARG B 85 -0.69 -25.31 4.73
N GLY B 86 -0.85 -24.01 4.93
CA GLY B 86 0.29 -23.14 5.16
C GLY B 86 1.19 -23.64 6.27
N TYR B 87 0.61 -24.18 7.32
CA TYR B 87 1.39 -24.70 8.43
C TYR B 87 2.09 -25.99 8.03
N GLU B 88 1.38 -26.87 7.33
CA GLU B 88 1.93 -28.13 6.88
C GLU B 88 3.08 -27.89 5.90
N ARG B 89 2.89 -26.89 5.04
CA ARG B 89 3.90 -26.51 4.07
C ARG B 89 5.19 -26.08 4.74
N ILE B 90 5.05 -25.39 5.87
CA ILE B 90 6.19 -24.92 6.64
C ILE B 90 7.07 -26.10 7.10
N TYR B 91 6.42 -27.23 7.36
CA TYR B 91 7.14 -28.42 7.84
C TYR B 91 7.84 -29.11 6.67
N ASN B 92 7.41 -28.80 5.45
CA ASN B 92 8.00 -29.38 4.26
C ASN B 92 9.15 -28.51 3.74
N GLU B 93 9.00 -27.20 3.89
CA GLU B 93 10.01 -26.24 3.44
C GLU B 93 11.17 -26.10 4.43
N ILE B 94 10.92 -26.47 5.68
CA ILE B 94 11.93 -26.39 6.75
C ILE B 94 13.29 -26.98 6.34
N PRO B 95 13.34 -28.25 5.86
CA PRO B 95 14.59 -28.90 5.44
C PRO B 95 15.44 -28.06 4.47
N ASP B 96 14.78 -27.28 3.62
CA ASP B 96 15.51 -26.44 2.65
C ASP B 96 16.13 -25.24 3.33
N ILE B 97 15.37 -24.62 4.21
CA ILE B 97 15.84 -23.45 4.95
C ILE B 97 16.88 -23.86 6.00
N ASN B 98 16.62 -24.96 6.68
CA ASN B 98 17.52 -25.45 7.72
C ASN B 98 18.80 -26.05 7.14
N LEU B 99 18.64 -26.96 6.19
CA LEU B 99 19.77 -27.63 5.54
C LEU B 99 20.62 -28.35 6.57
N ASP B 100 20.00 -29.31 7.27
CA ASP B 100 20.65 -30.11 8.32
C ASP B 100 20.94 -29.28 9.56
N VAL B 101 21.05 -29.95 10.72
CA VAL B 101 21.29 -29.27 12.00
C VAL B 101 20.16 -28.28 12.30
N PRO B 102 18.96 -28.81 12.59
CA PRO B 102 17.79 -27.97 12.89
C PRO B 102 17.93 -27.20 14.20
N HIS B 103 18.40 -25.96 14.10
CA HIS B 103 18.59 -25.13 15.28
C HIS B 103 17.39 -24.23 15.52
N SER B 104 16.56 -24.08 14.49
CA SER B 104 15.38 -23.23 14.57
C SER B 104 14.18 -23.97 15.16
N TYR B 105 14.40 -25.22 15.57
CA TYR B 105 13.32 -26.03 16.16
C TYR B 105 12.89 -25.42 17.48
N SER B 106 13.84 -24.85 18.20
CA SER B 106 13.54 -24.20 19.45
C SER B 106 12.64 -23.00 19.21
N VAL B 107 12.69 -22.50 17.96
CA VAL B 107 11.90 -21.33 17.59
C VAL B 107 10.54 -21.80 17.03
N LEU B 108 10.59 -22.94 16.32
CA LEU B 108 9.45 -23.50 15.61
C LEU B 108 8.47 -24.21 16.54
N GLU B 109 8.98 -24.84 17.58
CA GLU B 109 8.13 -25.55 18.50
C GLU B 109 7.17 -24.60 19.19
N ARG B 110 7.72 -23.58 19.85
CA ARG B 110 6.90 -22.58 20.55
C ARG B 110 6.00 -21.82 19.59
N PHE B 111 6.63 -21.17 18.60
CA PHE B 111 5.89 -20.43 17.57
C PHE B 111 4.66 -21.22 17.12
N VAL B 112 4.81 -22.53 16.93
CA VAL B 112 3.69 -23.36 16.50
C VAL B 112 2.79 -23.74 17.69
N GLU B 113 3.40 -24.14 18.83
CA GLU B 113 2.62 -24.58 19.99
C GLU B 113 1.67 -23.53 20.56
N GLU B 114 2.18 -22.34 20.90
CA GLU B 114 1.31 -21.27 21.37
C GLU B 114 0.13 -21.04 20.41
N CYS B 115 0.47 -20.64 19.19
CA CYS B 115 -0.58 -20.46 18.17
C CYS B 115 -1.50 -21.69 18.03
N PHE B 116 -1.03 -22.88 18.38
CA PHE B 116 -1.85 -24.08 18.32
C PHE B 116 -2.85 -24.08 19.50
N GLN B 117 -2.33 -23.70 20.64
CA GLN B 117 -3.10 -23.62 21.89
C GLN B 117 -4.06 -22.43 21.90
N ALA B 118 -4.10 -21.68 20.79
CA ALA B 118 -4.92 -20.48 20.74
C ALA B 118 -6.34 -20.84 20.29
N GLY B 119 -6.60 -22.14 20.23
CA GLY B 119 -7.89 -22.65 19.83
C GLY B 119 -8.36 -22.24 18.45
N ILE B 120 -7.46 -22.10 17.49
CA ILE B 120 -7.85 -21.71 16.14
C ILE B 120 -7.40 -22.77 15.13
N ILE B 121 -7.05 -23.95 15.65
CA ILE B 121 -6.60 -25.07 14.81
C ILE B 121 -6.89 -26.39 15.49
N SER B 122 -6.93 -27.45 14.70
CA SER B 122 -7.20 -28.78 15.22
C SER B 122 -5.91 -29.48 15.66
N LYS B 123 -6.07 -30.41 16.60
CA LYS B 123 -4.95 -31.19 17.14
C LYS B 123 -4.17 -31.96 16.08
N GLN B 124 -4.79 -32.17 14.91
CA GLN B 124 -4.15 -32.87 13.81
C GLN B 124 -2.90 -32.11 13.35
N LEU B 125 -2.95 -30.79 13.46
CA LEU B 125 -1.82 -29.95 13.06
C LEU B 125 -0.65 -30.13 14.04
N ARG B 126 -0.96 -30.75 15.19
CA ARG B 126 0.05 -30.92 16.22
C ARG B 126 0.97 -32.11 15.94
N ASP B 127 0.39 -33.25 15.54
CA ASP B 127 1.20 -34.44 15.29
C ASP B 127 1.89 -34.41 13.93
N LEU B 128 1.39 -33.57 13.04
CA LEU B 128 1.95 -33.44 11.70
C LEU B 128 3.15 -32.49 11.68
N CYS B 129 3.71 -32.23 12.86
CA CYS B 129 4.85 -31.33 12.96
C CYS B 129 5.90 -31.89 13.89
N PRO B 130 7.19 -31.56 13.66
CA PRO B 130 8.32 -32.02 14.47
C PRO B 130 8.08 -31.70 15.95
N SER B 131 7.94 -32.74 16.75
CA SER B 131 7.69 -32.59 18.16
C SER B 131 8.97 -32.73 18.97
N GLY A 1 1.51 30.91 -2.01
CA GLY A 1 0.66 32.09 -1.76
C GLY A 1 -0.79 31.70 -1.50
N LEU A 2 -1.70 32.64 -1.73
CA LEU A 2 -3.11 32.40 -1.54
C LEU A 2 -3.81 32.37 -2.88
N PRO A 3 -4.30 31.19 -3.30
CA PRO A 3 -5.00 31.04 -4.57
C PRO A 3 -6.19 31.99 -4.67
N LEU A 4 -6.30 32.67 -5.80
CA LEU A 4 -7.37 33.62 -6.01
C LEU A 4 -8.51 32.97 -6.78
N ASP A 5 -9.73 33.31 -6.39
CA ASP A 5 -10.93 32.81 -7.05
C ASP A 5 -11.10 31.29 -6.98
N GLU A 6 -10.64 30.68 -5.88
CA GLU A 6 -10.78 29.22 -5.68
C GLU A 6 -12.24 28.82 -5.83
N ARG A 7 -13.11 29.69 -5.32
CA ARG A 7 -14.54 29.47 -5.37
C ARG A 7 -15.01 29.35 -6.82
N ALA A 8 -14.37 30.10 -7.70
CA ALA A 8 -14.70 30.07 -9.11
C ALA A 8 -14.04 28.90 -9.82
N PHE A 9 -12.72 28.75 -9.64
CA PHE A 9 -11.96 27.68 -10.29
C PHE A 9 -12.48 26.29 -9.97
N GLU A 10 -12.48 25.92 -8.70
CA GLU A 10 -13.00 24.60 -8.29
C GLU A 10 -14.40 24.32 -8.85
N LYS A 11 -15.20 25.36 -8.97
CA LYS A 11 -16.55 25.21 -9.51
C LYS A 11 -16.50 25.06 -11.03
N THR A 12 -15.55 25.74 -11.65
CA THR A 12 -15.39 25.72 -13.11
C THR A 12 -14.76 24.43 -13.66
N LEU A 13 -13.53 24.11 -13.27
CA LEU A 13 -12.81 22.93 -13.78
C LEU A 13 -13.38 21.58 -13.37
N THR A 14 -14.42 21.56 -12.54
CA THR A 14 -15.00 20.30 -12.06
C THR A 14 -15.27 19.30 -13.21
N PRO A 15 -16.12 19.65 -14.20
CA PRO A 15 -16.43 18.75 -15.32
C PRO A 15 -15.19 18.43 -16.14
N ILE A 16 -14.46 19.48 -16.51
CA ILE A 16 -13.22 19.36 -17.28
C ILE A 16 -12.25 18.34 -16.68
N ILE A 17 -12.25 18.20 -15.36
CA ILE A 17 -11.37 17.24 -14.69
C ILE A 17 -12.03 15.86 -14.68
N GLN A 18 -13.32 15.84 -14.39
CA GLN A 18 -14.10 14.62 -14.36
C GLN A 18 -13.99 13.84 -15.66
N GLU A 19 -14.07 14.55 -16.79
CA GLU A 19 -13.95 13.94 -18.11
C GLU A 19 -12.67 13.10 -18.24
N TYR A 20 -11.55 13.72 -17.88
CA TYR A 20 -10.25 13.04 -17.91
C TYR A 20 -10.27 11.68 -17.20
N PHE A 21 -11.01 11.59 -16.10
CA PHE A 21 -11.10 10.37 -15.31
C PHE A 21 -11.60 9.17 -16.11
N GLU A 22 -12.37 9.42 -17.15
CA GLU A 22 -12.90 8.33 -17.97
C GLU A 22 -12.05 8.12 -19.21
N HIS A 23 -11.76 9.20 -19.91
CA HIS A 23 -10.99 9.13 -21.15
C HIS A 23 -9.51 9.57 -21.05
N GLY A 24 -8.87 9.20 -19.93
CA GLY A 24 -7.45 9.51 -19.64
C GLY A 24 -6.64 10.06 -20.81
N ASP A 25 -6.66 11.39 -20.96
CA ASP A 25 -5.94 12.09 -22.03
C ASP A 25 -5.26 13.32 -21.43
N THR A 26 -3.97 13.18 -21.16
CA THR A 26 -3.20 14.26 -20.57
C THR A 26 -2.97 15.38 -21.57
N ASN A 27 -3.08 15.05 -22.86
CA ASN A 27 -2.88 16.01 -23.93
C ASN A 27 -3.83 17.19 -23.81
N GLU A 28 -5.13 16.92 -23.78
CA GLU A 28 -6.14 17.98 -23.68
C GLU A 28 -5.96 18.79 -22.42
N VAL A 29 -5.75 18.10 -21.30
CA VAL A 29 -5.57 18.76 -20.01
C VAL A 29 -4.46 19.79 -20.08
N ALA A 30 -3.26 19.36 -20.49
CA ALA A 30 -2.12 20.26 -20.64
C ALA A 30 -2.42 21.45 -21.53
N GLU A 31 -3.25 21.25 -22.55
CA GLU A 31 -3.60 22.32 -23.47
C GLU A 31 -4.55 23.30 -22.81
N MET A 32 -5.52 22.77 -22.07
CA MET A 32 -6.50 23.58 -21.38
C MET A 32 -5.85 24.35 -20.24
N LEU A 33 -4.95 23.70 -19.51
CA LEU A 33 -4.26 24.33 -18.39
C LEU A 33 -3.40 25.49 -18.87
N ARG A 34 -2.45 25.18 -19.74
CA ARG A 34 -1.58 26.21 -20.32
C ARG A 34 -2.31 27.42 -20.91
N ASP A 35 -3.58 27.26 -21.31
CA ASP A 35 -4.30 28.39 -21.88
C ASP A 35 -4.91 29.23 -20.77
N LEU A 36 -5.19 28.57 -19.65
CA LEU A 36 -5.78 29.23 -18.48
C LEU A 36 -4.97 30.42 -18.03
N ASN A 37 -3.64 30.25 -17.94
CA ASN A 37 -2.75 31.33 -17.52
C ASN A 37 -2.86 31.55 -16.01
N LEU A 38 -2.21 30.66 -15.26
CA LEU A 38 -2.23 30.72 -13.81
C LEU A 38 -0.82 30.55 -13.26
N GLY A 39 -0.66 30.89 -11.98
CA GLY A 39 0.62 30.77 -11.32
C GLY A 39 0.56 29.77 -10.17
N GLU A 40 0.31 30.29 -8.96
CA GLU A 40 0.21 29.45 -7.78
C GLU A 40 -1.08 28.64 -7.78
N MET A 41 -2.10 29.19 -8.43
CA MET A 41 -3.40 28.51 -8.52
C MET A 41 -3.24 27.24 -9.36
N LYS A 42 -2.35 27.30 -10.34
CA LYS A 42 -2.09 26.18 -11.21
C LYS A 42 -1.51 25.00 -10.43
N SER A 43 -0.83 25.31 -9.32
CA SER A 43 -0.22 24.28 -8.48
C SER A 43 -1.27 23.52 -7.67
N GLY A 44 -2.52 23.98 -7.72
CA GLY A 44 -3.57 23.33 -6.98
C GLY A 44 -4.39 22.40 -7.86
N VAL A 45 -4.11 22.44 -9.16
CA VAL A 45 -4.83 21.61 -10.12
C VAL A 45 -4.64 20.10 -9.84
N PRO A 46 -3.38 19.62 -9.72
CA PRO A 46 -3.12 18.21 -9.40
C PRO A 46 -3.83 17.78 -8.12
N VAL A 47 -3.84 18.67 -7.13
CA VAL A 47 -4.51 18.41 -5.85
C VAL A 47 -6.00 18.23 -6.09
N LEU A 48 -6.54 19.17 -6.87
CA LEU A 48 -7.95 19.17 -7.23
C LEU A 48 -8.31 17.84 -7.89
N ALA A 49 -7.49 17.42 -8.84
CA ALA A 49 -7.69 16.16 -9.55
C ALA A 49 -7.58 14.95 -8.62
N VAL A 50 -6.61 15.00 -7.71
CA VAL A 50 -6.40 13.91 -6.76
C VAL A 50 -7.60 13.78 -5.82
N SER A 51 -7.97 14.88 -5.20
CA SER A 51 -9.11 14.92 -4.29
C SER A 51 -10.40 14.45 -4.96
N LEU A 52 -10.49 14.68 -6.26
CA LEU A 52 -11.67 14.25 -7.02
C LEU A 52 -11.64 12.73 -7.16
N ALA A 53 -10.43 12.19 -7.34
CA ALA A 53 -10.18 10.76 -7.49
C ALA A 53 -10.11 10.00 -6.15
N LEU A 54 -10.07 10.74 -5.05
CA LEU A 54 -9.86 10.14 -3.72
C LEU A 54 -10.91 9.13 -3.25
N GLU A 55 -12.18 9.46 -3.37
CA GLU A 55 -13.24 8.57 -2.91
C GLU A 55 -13.78 7.67 -4.02
N GLY A 56 -13.15 7.75 -5.19
CA GLY A 56 -13.58 6.95 -6.31
C GLY A 56 -12.94 5.57 -6.32
N LYS A 57 -13.07 4.87 -7.42
CA LYS A 57 -12.49 3.54 -7.56
C LYS A 57 -10.96 3.63 -7.68
N ALA A 58 -10.30 2.49 -7.47
CA ALA A 58 -8.85 2.44 -7.55
C ALA A 58 -8.37 2.76 -8.97
N SER A 59 -9.23 2.47 -9.94
CA SER A 59 -8.92 2.73 -11.35
C SER A 59 -8.66 4.22 -11.58
N HIS A 60 -9.57 5.06 -11.09
CA HIS A 60 -9.44 6.51 -11.22
C HIS A 60 -8.13 6.96 -10.58
N ARG A 61 -7.87 6.42 -9.39
CA ARG A 61 -6.66 6.74 -8.63
C ARG A 61 -5.40 6.41 -9.43
N GLU A 62 -5.34 5.21 -9.99
CA GLU A 62 -4.18 4.77 -10.77
C GLU A 62 -4.00 5.63 -12.02
N MET A 63 -5.12 6.01 -12.63
CA MET A 63 -5.11 6.84 -13.83
C MET A 63 -4.67 8.27 -13.56
N THR A 64 -4.69 8.65 -12.29
CA THR A 64 -4.30 10.00 -11.87
C THR A 64 -2.78 10.15 -11.93
N SER A 65 -2.10 9.03 -11.76
CA SER A 65 -0.65 8.98 -11.78
C SER A 65 -0.09 9.48 -13.11
N LYS A 66 -0.74 9.08 -14.20
CA LYS A 66 -0.32 9.48 -15.55
C LYS A 66 -0.28 11.00 -15.68
N LEU A 67 -1.35 11.65 -15.22
CA LEU A 67 -1.45 13.10 -15.27
C LEU A 67 -0.26 13.78 -14.61
N LEU A 68 0.11 13.30 -13.44
CA LEU A 68 1.22 13.85 -12.69
C LEU A 68 2.54 13.78 -13.44
N SER A 69 2.87 12.61 -13.96
CA SER A 69 4.10 12.40 -14.69
C SER A 69 4.18 13.26 -15.95
N ASP A 70 3.05 13.39 -16.63
CA ASP A 70 2.98 14.18 -17.87
C ASP A 70 3.06 15.69 -17.63
N LEU A 71 2.16 16.21 -16.79
CA LEU A 71 2.15 17.65 -16.49
C LEU A 71 3.50 18.14 -15.99
N CYS A 72 4.09 17.38 -15.07
CA CYS A 72 5.40 17.73 -14.52
C CYS A 72 6.45 17.76 -15.62
N GLY A 73 6.66 18.94 -16.20
CA GLY A 73 7.63 19.11 -17.26
C GLY A 73 7.00 19.74 -18.48
N THR A 74 5.80 19.28 -18.85
CA THR A 74 5.11 19.81 -20.03
C THR A 74 4.34 21.09 -19.69
N VAL A 75 3.87 21.19 -18.45
CA VAL A 75 3.11 22.37 -18.01
C VAL A 75 3.37 22.72 -16.55
N MET A 76 4.22 21.94 -15.89
CA MET A 76 4.55 22.17 -14.49
C MET A 76 6.05 22.03 -14.27
N SER A 77 6.51 22.43 -13.10
CA SER A 77 7.93 22.36 -12.77
C SER A 77 8.16 21.43 -11.56
N THR A 78 9.41 21.29 -11.13
CA THR A 78 9.76 20.42 -10.00
C THR A 78 9.18 20.91 -8.68
N THR A 79 9.49 22.15 -8.31
CA THR A 79 8.97 22.73 -7.06
C THR A 79 7.48 22.95 -7.21
N ASP A 80 7.09 23.25 -8.44
CA ASP A 80 5.70 23.46 -8.80
C ASP A 80 4.85 22.27 -8.35
N VAL A 81 5.31 21.07 -8.66
CA VAL A 81 4.62 19.84 -8.26
C VAL A 81 4.78 19.59 -6.76
N GLU A 82 5.93 19.99 -6.20
CA GLU A 82 6.19 19.83 -4.78
C GLU A 82 5.13 20.58 -3.98
N LYS A 83 4.95 21.85 -4.31
CA LYS A 83 3.94 22.71 -3.67
C LYS A 83 2.56 22.06 -3.63
N SER A 84 2.30 21.16 -4.57
CA SER A 84 1.03 20.48 -4.65
C SER A 84 0.86 19.47 -3.52
N PHE A 85 1.95 18.79 -3.16
CA PHE A 85 1.93 17.80 -2.10
C PHE A 85 1.51 18.41 -0.76
N ASP A 86 2.19 19.47 -0.35
CA ASP A 86 1.86 20.16 0.91
C ASP A 86 0.43 20.66 0.86
N LYS A 87 0.10 21.30 -0.26
CA LYS A 87 -1.25 21.81 -0.49
C LYS A 87 -2.28 20.70 -0.28
N LEU A 88 -1.94 19.49 -0.72
CA LEU A 88 -2.81 18.34 -0.55
C LEU A 88 -2.80 17.84 0.89
N LEU A 89 -1.62 17.76 1.49
CA LEU A 89 -1.47 17.27 2.86
C LEU A 89 -2.34 18.06 3.85
N LYS A 90 -2.28 19.39 3.75
CA LYS A 90 -3.07 20.26 4.61
C LYS A 90 -4.58 20.05 4.45
N ASP A 91 -4.96 19.27 3.45
CA ASP A 91 -6.37 18.98 3.20
C ASP A 91 -6.70 17.56 3.66
N LEU A 92 -5.68 16.71 3.68
CA LEU A 92 -5.79 15.31 4.12
C LEU A 92 -6.72 15.08 5.31
N PRO A 93 -6.54 15.80 6.45
CA PRO A 93 -7.42 15.64 7.62
C PRO A 93 -8.90 15.80 7.25
N GLU A 94 -9.18 16.78 6.41
CA GLU A 94 -10.55 17.03 5.95
C GLU A 94 -11.02 15.87 5.09
N LEU A 95 -10.20 15.49 4.12
CA LEU A 95 -10.49 14.36 3.25
C LEU A 95 -10.72 13.07 4.05
N ALA A 96 -9.96 12.90 5.13
CA ALA A 96 -10.09 11.72 6.00
C ALA A 96 -11.48 11.66 6.61
N LEU A 97 -11.99 12.84 6.93
CA LEU A 97 -13.32 12.98 7.50
C LEU A 97 -14.40 12.32 6.63
N ASP A 98 -14.22 12.35 5.31
CA ASP A 98 -15.18 11.74 4.40
C ASP A 98 -14.86 10.27 4.15
N THR A 99 -13.58 9.96 4.02
CA THR A 99 -13.14 8.60 3.79
C THR A 99 -12.03 8.25 4.77
N PRO A 100 -12.27 7.25 5.63
CA PRO A 100 -11.32 6.81 6.66
C PRO A 100 -9.88 6.70 6.17
N ARG A 101 -9.59 5.67 5.37
CA ARG A 101 -8.24 5.43 4.86
C ARG A 101 -7.83 6.38 3.73
N ALA A 102 -8.56 7.46 3.51
CA ALA A 102 -8.21 8.41 2.46
C ALA A 102 -6.77 8.92 2.58
N PRO A 103 -6.35 9.42 3.77
CA PRO A 103 -4.98 9.91 3.97
C PRO A 103 -3.95 8.83 3.70
N GLN A 104 -4.28 7.59 4.10
CA GLN A 104 -3.38 6.47 3.88
C GLN A 104 -3.22 6.13 2.42
N LEU A 105 -4.30 6.28 1.66
CA LEU A 105 -4.28 6.01 0.22
C LEU A 105 -3.27 6.95 -0.44
N VAL A 106 -3.39 8.24 -0.12
CA VAL A 106 -2.49 9.28 -0.62
C VAL A 106 -1.02 8.89 -0.41
N GLY A 107 -0.77 8.09 0.62
CA GLY A 107 0.57 7.64 0.91
C GLY A 107 1.21 6.91 -0.25
N GLN A 108 0.38 6.18 -1.02
CA GLN A 108 0.87 5.43 -2.17
C GLN A 108 1.22 6.38 -3.32
N PHE A 109 0.51 7.50 -3.41
CA PHE A 109 0.76 8.48 -4.45
C PHE A 109 2.11 9.13 -4.21
N ILE A 110 2.36 9.47 -2.94
CA ILE A 110 3.62 10.08 -2.53
C ILE A 110 4.79 9.17 -2.92
N ALA A 111 4.64 7.88 -2.70
CA ALA A 111 5.67 6.90 -3.03
C ALA A 111 5.84 6.79 -4.55
N ARG A 112 4.72 6.85 -5.26
CA ARG A 112 4.74 6.78 -6.72
C ARG A 112 5.51 7.96 -7.30
N ALA A 113 5.21 9.14 -6.80
CA ALA A 113 5.87 10.37 -7.22
C ALA A 113 7.39 10.27 -7.19
N VAL A 114 7.92 9.70 -6.11
CA VAL A 114 9.36 9.54 -5.98
C VAL A 114 9.86 8.55 -7.04
N GLY A 115 9.09 7.49 -7.26
CA GLY A 115 9.46 6.50 -8.24
C GLY A 115 9.52 7.03 -9.65
N ASP A 116 8.50 7.81 -10.05
CA ASP A 116 8.45 8.39 -11.37
C ASP A 116 9.26 9.68 -11.51
N GLY A 117 10.22 9.86 -10.59
CA GLY A 117 11.09 11.02 -10.61
C GLY A 117 10.46 12.40 -10.55
N ILE A 118 9.14 12.52 -10.44
CA ILE A 118 8.52 13.83 -10.38
C ILE A 118 8.72 14.52 -9.03
N LEU A 119 8.99 13.73 -7.99
CA LEU A 119 9.19 14.27 -6.66
C LEU A 119 10.64 14.08 -6.23
N CYS A 120 11.07 14.91 -5.27
CA CYS A 120 12.42 14.82 -4.74
C CYS A 120 12.52 13.63 -3.80
N ASN A 121 13.71 13.05 -3.67
CA ASN A 121 13.88 11.89 -2.81
C ASN A 121 13.74 12.22 -1.32
N THR A 122 14.40 13.29 -0.87
CA THR A 122 14.36 13.74 0.53
C THR A 122 13.00 14.04 1.14
N TYR A 123 12.16 14.76 0.42
CA TYR A 123 10.81 15.23 0.96
C TYR A 123 10.28 14.49 2.23
N ILE A 124 10.14 13.18 2.28
CA ILE A 124 9.67 12.53 3.52
C ILE A 124 10.61 12.81 4.71
N ASP A 125 11.90 12.84 4.43
CA ASP A 125 12.96 13.11 5.41
C ASP A 125 12.95 14.58 5.84
N SER A 126 12.53 15.45 4.94
CA SER A 126 12.45 16.87 5.25
C SER A 126 11.37 17.07 6.31
N TYR A 127 10.41 16.17 6.31
CA TYR A 127 9.34 16.21 7.29
C TYR A 127 9.52 15.09 8.31
N LYS A 128 10.77 14.66 8.49
CA LYS A 128 11.12 13.57 9.42
C LYS A 128 10.96 13.89 10.92
N GLY A 129 9.88 14.53 11.29
CA GLY A 129 9.66 14.85 12.68
C GLY A 129 9.04 16.20 12.80
N THR A 130 9.22 16.94 11.74
CA THR A 130 8.72 18.29 11.63
C THR A 130 7.27 18.25 11.14
N VAL A 131 6.42 17.54 11.89
CA VAL A 131 5.02 17.41 11.53
C VAL A 131 4.13 17.65 12.75
N ASP A 132 3.10 18.47 12.58
CA ASP A 132 2.18 18.76 13.67
C ASP A 132 0.82 18.11 13.39
N CYS A 133 0.72 17.47 12.24
CA CYS A 133 -0.51 16.81 11.83
C CYS A 133 -0.34 15.29 11.81
N VAL A 134 -1.17 14.60 12.57
CA VAL A 134 -1.12 13.14 12.63
C VAL A 134 -1.40 12.50 11.27
N GLN A 135 -2.35 13.05 10.52
CA GLN A 135 -2.69 12.51 9.20
C GLN A 135 -1.49 12.59 8.27
N ALA A 136 -0.76 13.69 8.35
CA ALA A 136 0.42 13.88 7.51
C ALA A 136 1.52 12.91 7.92
N ARG A 137 1.63 12.67 9.21
CA ARG A 137 2.64 11.76 9.74
C ARG A 137 2.32 10.34 9.28
N ALA A 138 1.05 9.97 9.39
CA ALA A 138 0.59 8.65 8.97
C ALA A 138 0.83 8.45 7.47
N ALA A 139 0.57 9.49 6.70
CA ALA A 139 0.79 9.43 5.25
C ALA A 139 2.26 9.21 4.91
N LEU A 140 3.14 9.88 5.67
CA LEU A 140 4.57 9.74 5.47
C LEU A 140 5.00 8.31 5.73
N ASP A 141 4.40 7.70 6.77
CA ASP A 141 4.68 6.32 7.14
C ASP A 141 4.38 5.41 5.96
N LYS A 142 3.17 5.56 5.43
CA LYS A 142 2.70 4.77 4.30
C LYS A 142 3.67 4.84 3.12
N ALA A 143 4.05 6.06 2.74
CA ALA A 143 4.96 6.28 1.62
C ALA A 143 6.32 5.63 1.87
N THR A 144 6.66 5.49 3.14
CA THR A 144 7.94 4.90 3.52
C THR A 144 7.89 3.38 3.34
N VAL A 145 6.81 2.77 3.81
CA VAL A 145 6.63 1.31 3.72
C VAL A 145 6.51 0.87 2.27
N LEU A 146 5.72 1.59 1.51
CA LEU A 146 5.48 1.27 0.11
C LEU A 146 6.77 1.35 -0.71
N LEU A 147 7.66 2.25 -0.34
CA LEU A 147 8.92 2.43 -1.04
C LEU A 147 9.80 1.18 -0.92
N SER A 148 9.63 0.44 0.17
CA SER A 148 10.41 -0.77 0.40
C SER A 148 9.89 -1.93 -0.45
N MET A 149 8.65 -1.81 -0.89
CA MET A 149 8.01 -2.84 -1.71
C MET A 149 8.56 -2.84 -3.13
N SER A 150 8.93 -1.67 -3.62
CA SER A 150 9.46 -1.51 -4.97
C SER A 150 10.73 -2.34 -5.21
N LYS A 151 11.31 -2.85 -4.13
CA LYS A 151 12.51 -3.65 -4.20
C LYS A 151 12.21 -5.06 -4.73
N GLY A 152 10.98 -5.52 -4.54
CA GLY A 152 10.62 -6.84 -5.00
C GLY A 152 9.44 -6.83 -5.94
N GLY A 153 9.28 -7.91 -6.69
CA GLY A 153 8.19 -8.01 -7.63
C GLY A 153 8.57 -7.51 -9.01
N LYS A 154 9.81 -7.77 -9.40
CA LYS A 154 10.32 -7.33 -10.70
C LYS A 154 9.86 -8.25 -11.82
N ARG A 155 9.32 -9.41 -11.46
CA ARG A 155 8.84 -10.36 -12.45
C ARG A 155 7.44 -10.00 -12.92
N LYS A 156 7.34 -8.90 -13.63
CA LYS A 156 6.06 -8.44 -14.16
C LYS A 156 6.21 -8.15 -15.65
N ASP A 157 7.34 -8.55 -16.20
CA ASP A 157 7.64 -8.37 -17.61
C ASP A 157 7.96 -9.71 -18.23
N SER A 158 7.83 -9.82 -19.54
CA SER A 158 8.12 -11.06 -20.25
C SER A 158 8.64 -10.78 -21.65
N VAL A 159 9.47 -9.75 -21.77
CA VAL A 159 10.06 -9.37 -23.05
C VAL A 159 10.83 -10.56 -23.66
N TRP A 160 11.47 -11.35 -22.82
CA TRP A 160 12.21 -12.51 -23.28
C TRP A 160 11.33 -13.75 -23.21
N GLY A 161 10.19 -13.70 -23.90
CA GLY A 161 9.28 -14.82 -23.90
C GLY A 161 7.91 -14.48 -24.46
N SER A 162 6.90 -14.50 -23.60
CA SER A 162 5.53 -14.19 -24.01
C SER A 162 5.11 -12.81 -23.52
N GLY A 163 5.09 -11.84 -24.42
CA GLY A 163 4.72 -10.50 -24.05
C GLY A 163 3.23 -10.27 -24.17
N GLY B 1 0.99 -8.18 -24.86
CA GLY B 1 0.85 -6.81 -24.29
C GLY B 1 -0.41 -6.13 -24.78
N GLY B 2 -0.35 -4.82 -24.93
CA GLY B 2 -1.51 -4.08 -25.39
C GLY B 2 -2.35 -3.55 -24.24
N GLN B 3 -2.80 -4.45 -23.38
CA GLN B 3 -3.61 -4.09 -22.24
C GLN B 3 -2.84 -4.32 -20.96
N GLN B 4 -3.36 -3.77 -19.86
CA GLN B 4 -2.73 -3.93 -18.56
C GLN B 4 -3.37 -5.09 -17.81
N PRO B 5 -2.62 -6.18 -17.60
CA PRO B 5 -3.11 -7.37 -16.90
C PRO B 5 -3.42 -7.08 -15.43
N VAL B 6 -4.43 -7.75 -14.90
CA VAL B 6 -4.83 -7.57 -13.51
C VAL B 6 -3.82 -8.24 -12.58
N ASN B 7 -3.29 -7.45 -11.66
CA ASN B 7 -2.31 -7.96 -10.70
C ASN B 7 -2.99 -8.83 -9.66
N HIS B 8 -2.54 -10.09 -9.56
CA HIS B 8 -3.10 -11.03 -8.60
C HIS B 8 -1.99 -11.88 -8.00
N LEU B 9 -2.11 -12.15 -6.70
CA LEU B 9 -1.13 -12.95 -5.96
C LEU B 9 0.15 -12.16 -5.65
N VAL B 10 0.60 -11.38 -6.62
CA VAL B 10 1.80 -10.58 -6.47
C VAL B 10 1.47 -9.24 -5.81
N LYS B 11 2.45 -8.62 -5.17
CA LYS B 11 2.29 -7.33 -4.50
C LYS B 11 1.37 -7.38 -3.28
N GLU B 12 0.06 -7.46 -3.52
CA GLU B 12 -0.95 -7.45 -2.47
C GLU B 12 -0.63 -8.38 -1.28
N ILE B 13 -0.37 -9.65 -1.56
CA ILE B 13 -0.08 -10.61 -0.49
C ILE B 13 1.14 -10.19 0.34
N ASP B 14 2.24 -9.90 -0.33
CA ASP B 14 3.47 -9.49 0.34
C ASP B 14 3.30 -8.13 1.00
N MET B 15 2.52 -7.25 0.37
CA MET B 15 2.27 -5.90 0.89
C MET B 15 1.60 -5.97 2.26
N LEU B 16 0.66 -6.89 2.39
CA LEU B 16 -0.07 -7.07 3.65
C LEU B 16 0.91 -7.39 4.77
N LEU B 17 1.86 -8.27 4.48
CA LEU B 17 2.86 -8.67 5.46
C LEU B 17 3.91 -7.58 5.65
N LYS B 18 4.32 -6.95 4.56
CA LYS B 18 5.32 -5.89 4.62
C LYS B 18 4.83 -4.70 5.45
N GLU B 19 3.58 -4.32 5.23
CA GLU B 19 2.99 -3.21 5.96
C GLU B 19 2.97 -3.49 7.46
N TYR B 20 2.33 -4.58 7.83
CA TYR B 20 2.26 -5.00 9.22
C TYR B 20 3.65 -5.14 9.85
N LEU B 21 4.62 -5.56 9.06
CA LEU B 21 5.98 -5.73 9.54
C LEU B 21 6.66 -4.38 9.78
N LEU B 22 6.64 -3.53 8.74
CA LEU B 22 7.29 -2.22 8.81
C LEU B 22 6.57 -1.25 9.75
N SER B 23 5.24 -1.25 9.76
CA SER B 23 4.51 -0.38 10.64
C SER B 23 3.84 -1.18 11.74
N GLY B 24 2.61 -1.64 11.48
CA GLY B 24 1.87 -2.42 12.46
C GLY B 24 0.41 -2.03 12.49
N ASP B 25 -0.15 -1.80 11.31
CA ASP B 25 -1.54 -1.39 11.21
C ASP B 25 -2.47 -2.59 11.01
N ILE B 26 -2.75 -3.28 12.13
CA ILE B 26 -3.65 -4.44 12.12
C ILE B 26 -4.97 -4.13 11.40
N SER B 27 -5.46 -2.91 11.57
CA SER B 27 -6.70 -2.48 10.95
C SER B 27 -6.60 -2.51 9.42
N GLU B 28 -5.58 -1.87 8.89
CA GLU B 28 -5.34 -1.81 7.46
C GLU B 28 -5.25 -3.22 6.86
N ALA B 29 -4.55 -4.11 7.55
CA ALA B 29 -4.39 -5.47 7.09
C ALA B 29 -5.74 -6.17 6.95
N GLU B 30 -6.59 -6.04 7.96
CA GLU B 30 -7.93 -6.66 7.94
C GLU B 30 -8.75 -6.15 6.76
N HIS B 31 -8.71 -4.84 6.52
CA HIS B 31 -9.46 -4.24 5.43
C HIS B 31 -8.93 -4.71 4.08
N CYS B 32 -7.62 -4.66 3.91
CA CYS B 32 -6.99 -5.09 2.66
C CYS B 32 -7.31 -6.56 2.38
N LEU B 33 -7.28 -7.38 3.42
CA LEU B 33 -7.58 -8.80 3.27
C LEU B 33 -9.06 -9.04 3.01
N LYS B 34 -9.91 -8.22 3.62
CA LYS B 34 -11.36 -8.34 3.46
C LYS B 34 -11.77 -8.00 2.03
N GLU B 35 -11.22 -6.90 1.52
CA GLU B 35 -11.51 -6.46 0.15
C GLU B 35 -11.19 -7.53 -0.90
N LEU B 36 -10.29 -8.45 -0.56
CA LEU B 36 -9.92 -9.53 -1.45
C LEU B 36 -11.14 -10.38 -1.78
N GLU B 37 -11.37 -10.61 -3.06
CA GLU B 37 -12.52 -11.37 -3.52
C GLU B 37 -12.40 -12.87 -3.26
N VAL B 38 -11.20 -13.40 -3.33
CA VAL B 38 -11.00 -14.83 -3.12
C VAL B 38 -10.43 -15.17 -1.75
N PRO B 39 -11.27 -15.72 -0.85
CA PRO B 39 -10.86 -16.09 0.50
C PRO B 39 -10.11 -17.42 0.57
N HIS B 40 -10.38 -18.31 -0.38
CA HIS B 40 -9.72 -19.62 -0.40
C HIS B 40 -8.27 -19.50 -0.86
N PHE B 41 -7.89 -18.32 -1.32
CA PHE B 41 -6.53 -18.09 -1.78
C PHE B 41 -5.68 -17.48 -0.66
N HIS B 42 -6.19 -17.52 0.55
CA HIS B 42 -5.47 -16.99 1.71
C HIS B 42 -4.33 -17.90 2.13
N HIS B 43 -4.20 -19.03 1.43
CA HIS B 43 -3.19 -20.04 1.73
C HIS B 43 -1.78 -19.45 1.81
N GLU B 44 -1.28 -18.85 0.72
CA GLU B 44 0.06 -18.27 0.72
C GLU B 44 0.26 -17.20 1.79
N LEU B 45 -0.78 -16.46 2.10
CA LEU B 45 -0.69 -15.41 3.12
C LEU B 45 -0.28 -16.00 4.46
N VAL B 46 -0.78 -17.19 4.76
CA VAL B 46 -0.47 -17.87 6.00
C VAL B 46 0.91 -18.53 5.90
N TYR B 47 1.28 -18.93 4.69
CA TYR B 47 2.56 -19.58 4.44
C TYR B 47 3.71 -18.59 4.56
N GLU B 48 3.57 -17.46 3.88
CA GLU B 48 4.57 -16.40 3.87
C GLU B 48 4.68 -15.79 5.27
N ALA B 49 3.64 -15.99 6.08
CA ALA B 49 3.61 -15.46 7.43
C ALA B 49 4.57 -16.22 8.32
N ILE B 50 4.57 -17.54 8.19
CA ILE B 50 5.45 -18.38 8.99
C ILE B 50 6.91 -18.06 8.67
N VAL B 51 7.30 -18.16 7.39
CA VAL B 51 8.66 -17.83 6.96
C VAL B 51 9.07 -16.40 7.29
N MET B 52 8.11 -15.56 7.66
CA MET B 52 8.43 -14.14 7.91
C MET B 52 9.10 -14.04 9.28
N VAL B 53 8.65 -14.89 10.17
CA VAL B 53 9.16 -14.94 11.52
C VAL B 53 10.47 -15.76 11.62
N LEU B 54 10.68 -16.72 10.72
CA LEU B 54 11.85 -17.59 10.82
C LEU B 54 13.17 -16.87 10.56
N GLU B 55 13.36 -16.30 9.37
CA GLU B 55 14.60 -15.54 9.11
C GLU B 55 14.64 -14.20 9.83
N SER B 56 13.56 -13.88 10.52
CA SER B 56 13.48 -12.64 11.27
C SER B 56 14.65 -12.53 12.24
N THR B 57 15.44 -11.48 12.08
CA THR B 57 16.59 -11.26 12.94
C THR B 57 16.15 -10.57 14.23
N GLY B 58 15.91 -11.36 15.26
CA GLY B 58 15.47 -10.82 16.52
C GLY B 58 13.99 -11.01 16.74
N GLU B 59 13.54 -10.64 17.92
CA GLU B 59 12.13 -10.76 18.29
C GLU B 59 11.28 -9.60 17.76
N SER B 60 11.78 -8.87 16.77
CA SER B 60 11.05 -7.75 16.22
C SER B 60 9.74 -8.25 15.58
N ALA B 61 9.86 -9.15 14.60
CA ALA B 61 8.72 -9.74 13.93
C ALA B 61 8.04 -10.77 14.81
N PHE B 62 8.71 -11.14 15.90
CA PHE B 62 8.22 -12.22 16.75
C PHE B 62 6.80 -11.91 17.20
N LYS B 63 6.59 -10.69 17.70
CA LYS B 63 5.29 -10.28 18.18
C LYS B 63 4.25 -9.99 17.09
N MET B 64 4.47 -8.96 16.25
CA MET B 64 3.48 -8.61 15.21
C MET B 64 3.08 -9.75 14.24
N ILE B 65 4.00 -10.21 13.39
CA ILE B 65 3.65 -11.32 12.47
C ILE B 65 2.94 -12.50 13.12
N LEU B 66 3.25 -12.77 14.37
CA LEU B 66 2.61 -13.87 15.10
C LEU B 66 1.17 -13.51 15.49
N ASP B 67 0.95 -12.24 15.81
CA ASP B 67 -0.35 -11.76 16.25
C ASP B 67 -1.38 -11.73 15.12
N LEU B 68 -1.03 -11.09 14.00
CA LEU B 68 -1.95 -10.99 12.84
C LEU B 68 -2.74 -12.27 12.55
N LEU B 69 -2.13 -13.36 12.05
CA LEU B 69 -2.91 -14.60 11.84
C LEU B 69 -3.86 -14.98 12.97
N LYS B 70 -3.49 -14.72 14.21
CA LYS B 70 -4.37 -15.09 15.33
C LYS B 70 -5.50 -14.10 15.48
N SER B 71 -5.15 -12.84 15.29
CA SER B 71 -6.10 -11.76 15.41
C SER B 71 -7.05 -11.76 14.23
N LEU B 72 -6.62 -12.35 13.13
CA LEU B 72 -7.42 -12.38 11.92
C LEU B 72 -8.37 -13.57 12.00
N TRP B 73 -8.00 -14.53 12.85
CA TRP B 73 -8.76 -15.76 13.00
C TRP B 73 -10.01 -15.47 13.84
N LYS B 74 -9.90 -14.48 14.72
CA LYS B 74 -10.99 -14.11 15.60
C LYS B 74 -12.01 -13.21 14.89
N SER B 75 -11.62 -12.69 13.73
CA SER B 75 -12.47 -11.79 12.96
C SER B 75 -13.18 -12.56 11.86
N SER B 76 -13.27 -13.88 12.05
CA SER B 76 -13.90 -14.77 11.07
C SER B 76 -13.25 -14.70 9.69
N THR B 77 -11.96 -14.38 9.63
CA THR B 77 -11.27 -14.28 8.36
C THR B 77 -10.62 -15.61 7.98
N ILE B 78 -9.41 -15.88 8.50
CA ILE B 78 -8.71 -17.13 8.20
C ILE B 78 -9.37 -18.31 8.88
N THR B 79 -9.33 -19.47 8.22
CA THR B 79 -9.91 -20.69 8.76
C THR B 79 -8.85 -21.76 8.98
N ILE B 80 -9.17 -22.75 9.81
CA ILE B 80 -8.28 -23.89 10.06
C ILE B 80 -8.05 -24.64 8.75
N ASP B 81 -8.99 -24.45 7.85
CA ASP B 81 -8.96 -25.10 6.54
C ASP B 81 -7.79 -24.57 5.73
N GLN B 82 -7.65 -23.25 5.72
CA GLN B 82 -6.57 -22.59 4.99
C GLN B 82 -5.24 -22.65 5.75
N MET B 83 -5.28 -22.45 7.07
CA MET B 83 -4.06 -22.48 7.88
C MET B 83 -3.36 -23.84 7.75
N LYS B 84 -4.12 -24.89 8.03
CA LYS B 84 -3.64 -26.28 7.88
C LYS B 84 -2.88 -26.52 6.57
N ARG B 85 -3.17 -25.74 5.55
CA ARG B 85 -2.51 -25.93 4.26
C ARG B 85 -1.11 -25.31 4.31
N GLY B 86 -1.00 -24.23 5.06
CA GLY B 86 0.27 -23.52 5.18
C GLY B 86 1.28 -24.18 6.09
N TYR B 87 0.87 -24.52 7.32
CA TYR B 87 1.77 -25.12 8.29
C TYR B 87 2.33 -26.44 7.79
N GLU B 88 1.44 -27.41 7.60
CA GLU B 88 1.83 -28.71 7.02
C GLU B 88 2.80 -28.56 5.84
N ARG B 89 2.64 -27.53 5.03
CA ARG B 89 3.54 -27.31 3.90
C ARG B 89 4.89 -26.79 4.38
N ILE B 90 4.87 -25.96 5.42
CA ILE B 90 6.08 -25.39 5.99
C ILE B 90 7.03 -26.49 6.46
N TYR B 91 6.52 -27.43 7.27
CA TYR B 91 7.35 -28.56 7.73
C TYR B 91 8.05 -29.26 6.58
N ASN B 92 7.41 -29.29 5.42
CA ASN B 92 7.99 -29.92 4.24
C ASN B 92 9.12 -29.06 3.67
N GLU B 93 8.98 -27.74 3.84
CA GLU B 93 9.96 -26.78 3.37
C GLU B 93 11.10 -26.62 4.37
N ILE B 94 10.92 -27.18 5.55
CA ILE B 94 11.92 -27.12 6.62
C ILE B 94 13.32 -27.59 6.16
N PRO B 95 13.44 -28.82 5.61
CA PRO B 95 14.73 -29.33 5.13
C PRO B 95 15.35 -28.45 4.05
N ASP B 96 14.50 -27.71 3.34
CA ASP B 96 14.96 -26.82 2.28
C ASP B 96 15.68 -25.61 2.87
N ILE B 97 15.12 -25.07 3.93
CA ILE B 97 15.69 -23.90 4.60
C ILE B 97 16.76 -24.32 5.60
N ASN B 98 16.42 -25.28 6.45
CA ASN B 98 17.32 -25.78 7.49
C ASN B 98 18.52 -26.49 6.87
N LEU B 99 18.25 -27.47 6.02
CA LEU B 99 19.28 -28.26 5.37
C LEU B 99 20.17 -28.95 6.41
N ASP B 100 19.56 -29.90 7.12
CA ASP B 100 20.24 -30.66 8.17
C ASP B 100 20.57 -29.80 9.39
N VAL B 101 21.22 -30.41 10.38
CA VAL B 101 21.62 -29.73 11.62
C VAL B 101 20.43 -28.97 12.25
N PRO B 102 19.53 -29.70 12.92
CA PRO B 102 18.35 -29.10 13.56
C PRO B 102 18.72 -28.05 14.60
N HIS B 103 18.45 -26.79 14.26
CA HIS B 103 18.73 -25.68 15.16
C HIS B 103 17.61 -24.67 15.17
N SER B 104 16.74 -24.77 14.18
CA SER B 104 15.61 -23.88 14.05
C SER B 104 14.33 -24.61 14.43
N TYR B 105 14.48 -25.82 14.94
CA TYR B 105 13.34 -26.62 15.36
C TYR B 105 12.70 -26.02 16.59
N SER B 106 13.52 -25.41 17.42
CA SER B 106 13.04 -24.77 18.64
C SER B 106 12.08 -23.63 18.29
N VAL B 107 12.33 -22.97 17.17
CA VAL B 107 11.47 -21.88 16.71
C VAL B 107 10.10 -22.43 16.34
N LEU B 108 10.08 -23.38 15.41
CA LEU B 108 8.86 -24.03 14.98
C LEU B 108 8.18 -24.76 16.15
N GLU B 109 8.93 -24.99 17.21
CA GLU B 109 8.40 -25.76 18.33
C GLU B 109 7.63 -24.83 19.26
N ARG B 110 8.26 -23.72 19.59
CA ARG B 110 7.67 -22.73 20.47
C ARG B 110 6.55 -21.99 19.79
N PHE B 111 6.69 -21.78 18.49
CA PHE B 111 5.69 -21.08 17.70
C PHE B 111 4.40 -21.87 17.69
N VAL B 112 4.41 -23.04 17.05
CA VAL B 112 3.25 -23.91 17.00
C VAL B 112 2.62 -24.14 18.37
N GLU B 113 3.41 -24.44 19.39
CA GLU B 113 2.86 -24.69 20.73
C GLU B 113 2.10 -23.47 21.27
N GLU B 114 2.65 -22.27 21.03
CA GLU B 114 2.03 -21.04 21.49
C GLU B 114 0.70 -20.82 20.78
N CYS B 115 0.71 -20.97 19.47
CA CYS B 115 -0.46 -20.81 18.65
C CYS B 115 -1.39 -22.02 18.83
N PHE B 116 -0.89 -23.05 19.50
CA PHE B 116 -1.70 -24.29 19.62
C PHE B 116 -2.59 -24.18 20.86
N GLN B 117 -2.04 -23.46 21.83
CA GLN B 117 -2.65 -23.27 23.13
C GLN B 117 -4.04 -22.61 23.09
N ALA B 118 -4.21 -21.59 22.25
CA ALA B 118 -5.48 -20.89 22.19
C ALA B 118 -6.65 -21.74 21.67
N GLY B 119 -6.45 -22.54 20.62
CA GLY B 119 -7.54 -23.41 20.22
C GLY B 119 -7.84 -23.26 18.74
N ILE B 120 -7.12 -22.36 18.07
CA ILE B 120 -7.31 -22.13 16.63
C ILE B 120 -7.04 -23.39 15.83
N ILE B 121 -6.10 -24.20 16.31
CA ILE B 121 -5.74 -25.44 15.67
C ILE B 121 -5.72 -26.57 16.70
N SER B 122 -6.27 -27.71 16.33
CA SER B 122 -6.30 -28.86 17.20
C SER B 122 -5.09 -29.79 16.98
N LYS B 123 -5.06 -30.89 17.71
CA LYS B 123 -3.98 -31.88 17.62
C LYS B 123 -3.76 -32.39 16.20
N GLN B 124 -4.78 -32.22 15.38
CA GLN B 124 -4.72 -32.67 13.98
C GLN B 124 -3.53 -32.00 13.28
N LEU B 125 -3.28 -30.74 13.59
CA LEU B 125 -2.15 -30.01 13.00
C LEU B 125 -0.81 -30.33 13.67
N ARG B 126 -0.79 -30.39 15.00
CA ARG B 126 0.43 -30.67 15.75
C ARG B 126 1.06 -32.00 15.37
N ASP B 127 0.24 -33.06 15.39
CA ASP B 127 0.70 -34.40 15.01
C ASP B 127 1.52 -34.41 13.72
N LEU B 128 1.16 -33.58 12.76
CA LEU B 128 1.91 -33.54 11.50
C LEU B 128 3.23 -32.77 11.66
N CYS B 129 3.24 -31.86 12.62
CA CYS B 129 4.42 -31.05 12.91
C CYS B 129 5.45 -31.91 13.67
N PRO B 130 6.73 -31.79 13.29
CA PRO B 130 7.81 -32.54 13.94
C PRO B 130 7.93 -32.22 15.43
N SER B 131 7.34 -33.07 16.25
CA SER B 131 7.38 -32.89 17.69
C SER B 131 8.64 -33.54 18.26
N GLY A 1 1.71 31.61 -2.35
CA GLY A 1 1.30 31.21 -0.99
C GLY A 1 -0.13 30.71 -0.96
N LEU A 2 -1.06 31.64 -0.80
CA LEU A 2 -2.47 31.31 -0.76
C LEU A 2 -3.11 31.56 -2.12
N PRO A 3 -3.79 30.54 -2.67
CA PRO A 3 -4.45 30.65 -3.97
C PRO A 3 -5.63 31.61 -3.92
N LEU A 4 -5.95 32.21 -5.05
CA LEU A 4 -7.04 33.17 -5.14
C LEU A 4 -8.23 32.58 -5.89
N ASP A 5 -9.43 32.77 -5.33
CA ASP A 5 -10.66 32.28 -5.94
C ASP A 5 -10.73 30.75 -5.97
N GLU A 6 -10.46 30.12 -4.82
CA GLU A 6 -10.50 28.66 -4.71
C GLU A 6 -11.91 28.14 -5.00
N ARG A 7 -12.88 29.02 -4.79
CA ARG A 7 -14.28 28.68 -5.00
C ARG A 7 -14.57 28.58 -6.49
N ALA A 8 -14.10 29.59 -7.23
CA ALA A 8 -14.29 29.64 -8.66
C ALA A 8 -13.41 28.61 -9.36
N PHE A 9 -12.23 28.37 -8.79
CA PHE A 9 -11.29 27.43 -9.36
C PHE A 9 -11.86 26.02 -9.43
N GLU A 10 -12.20 25.45 -8.27
CA GLU A 10 -12.79 24.11 -8.21
C GLU A 10 -14.04 24.00 -9.06
N LYS A 11 -14.87 25.03 -9.03
CA LYS A 11 -16.10 25.04 -9.80
C LYS A 11 -15.81 24.96 -11.31
N THR A 12 -14.80 25.69 -11.76
CA THR A 12 -14.43 25.70 -13.17
C THR A 12 -13.70 24.42 -13.59
N LEU A 13 -12.86 23.89 -12.70
CA LEU A 13 -12.08 22.68 -12.96
C LEU A 13 -12.94 21.42 -12.85
N THR A 14 -14.25 21.61 -12.88
CA THR A 14 -15.17 20.49 -12.77
C THR A 14 -15.29 19.70 -14.09
N PRO A 15 -15.72 20.37 -15.19
CA PRO A 15 -15.88 19.73 -16.52
C PRO A 15 -14.69 18.90 -16.99
N ILE A 16 -13.50 19.50 -17.09
CA ILE A 16 -12.31 18.78 -17.56
C ILE A 16 -12.12 17.45 -16.82
N ILE A 17 -12.00 17.52 -15.50
CA ILE A 17 -11.86 16.32 -14.67
C ILE A 17 -12.86 15.21 -15.06
N GLN A 18 -14.00 15.56 -15.64
CA GLN A 18 -14.99 14.57 -16.03
C GLN A 18 -14.47 13.71 -17.20
N GLU A 19 -13.76 14.34 -18.13
CA GLU A 19 -13.23 13.62 -19.28
C GLU A 19 -12.11 12.69 -18.84
N TYR A 20 -11.12 13.27 -18.15
CA TYR A 20 -10.00 12.51 -17.58
C TYR A 20 -10.47 11.45 -16.57
N PHE A 21 -11.75 11.42 -16.32
CA PHE A 21 -12.33 10.46 -15.40
C PHE A 21 -12.94 9.32 -16.19
N GLU A 22 -13.59 9.67 -17.29
CA GLU A 22 -14.22 8.68 -18.15
C GLU A 22 -13.18 7.84 -18.89
N HIS A 23 -12.29 8.49 -19.65
CA HIS A 23 -11.28 7.76 -20.39
C HIS A 23 -9.87 8.11 -19.93
N GLY A 24 -9.42 9.35 -20.20
CA GLY A 24 -8.09 9.76 -19.79
C GLY A 24 -7.28 10.34 -20.93
N ASP A 25 -7.24 11.67 -21.00
CA ASP A 25 -6.48 12.35 -22.05
C ASP A 25 -5.64 13.48 -21.45
N THR A 26 -4.50 13.10 -20.88
CA THR A 26 -3.58 14.07 -20.28
C THR A 26 -3.30 15.29 -21.16
N ASN A 27 -3.22 15.09 -22.47
CA ASN A 27 -2.98 16.20 -23.40
C ASN A 27 -4.12 17.20 -23.35
N GLU A 28 -5.36 16.70 -23.33
CA GLU A 28 -6.55 17.55 -23.29
C GLU A 28 -6.44 18.59 -22.18
N VAL A 29 -6.22 18.14 -20.94
CA VAL A 29 -6.08 19.04 -19.81
C VAL A 29 -4.90 19.98 -20.01
N ALA A 30 -3.76 19.40 -20.35
CA ALA A 30 -2.53 20.16 -20.62
C ALA A 30 -2.79 21.40 -21.47
N GLU A 31 -3.53 21.24 -22.57
CA GLU A 31 -3.86 22.36 -23.45
C GLU A 31 -4.77 23.37 -22.73
N MET A 32 -5.77 22.87 -22.02
CA MET A 32 -6.73 23.72 -21.29
C MET A 32 -6.07 24.50 -20.16
N LEU A 33 -5.09 23.87 -19.52
CA LEU A 33 -4.35 24.49 -18.42
C LEU A 33 -3.55 25.69 -18.91
N ARG A 34 -3.23 25.69 -20.19
CA ARG A 34 -2.46 26.76 -20.78
C ARG A 34 -3.33 27.99 -20.93
N ASP A 35 -4.56 27.78 -21.40
CA ASP A 35 -5.52 28.86 -21.57
C ASP A 35 -5.64 29.70 -20.31
N LEU A 36 -5.91 29.05 -19.18
CA LEU A 36 -6.01 29.74 -17.90
C LEU A 36 -4.69 30.43 -17.59
N ASN A 37 -3.61 29.65 -17.61
CA ASN A 37 -2.26 30.16 -17.35
C ASN A 37 -2.15 30.81 -15.97
N LEU A 38 -2.47 30.07 -14.93
CA LEU A 38 -2.38 30.59 -13.58
C LEU A 38 -0.98 30.38 -13.01
N GLY A 39 -0.62 31.17 -12.00
CA GLY A 39 0.69 31.05 -11.38
C GLY A 39 0.70 30.00 -10.28
N GLU A 40 0.49 30.43 -9.05
CA GLU A 40 0.47 29.51 -7.93
C GLU A 40 -0.85 28.75 -7.90
N MET A 41 -1.84 29.29 -8.58
CA MET A 41 -3.14 28.64 -8.67
C MET A 41 -3.02 27.38 -9.53
N LYS A 42 -1.97 27.36 -10.35
CA LYS A 42 -1.69 26.24 -11.22
C LYS A 42 -1.12 25.09 -10.40
N SER A 43 -0.51 25.45 -9.27
CA SER A 43 0.10 24.48 -8.38
C SER A 43 -0.93 23.62 -7.66
N GLY A 44 -2.10 24.19 -7.36
CA GLY A 44 -3.15 23.43 -6.68
C GLY A 44 -3.80 22.39 -7.58
N VAL A 45 -4.15 22.82 -8.79
CA VAL A 45 -4.76 21.90 -9.79
C VAL A 45 -4.36 20.41 -9.64
N PRO A 46 -3.07 20.03 -9.63
CA PRO A 46 -2.67 18.63 -9.49
C PRO A 46 -2.97 18.00 -8.11
N VAL A 47 -3.61 18.72 -7.20
CA VAL A 47 -3.93 18.15 -5.90
C VAL A 47 -5.26 17.42 -5.97
N LEU A 48 -6.36 18.16 -6.07
CA LEU A 48 -7.67 17.53 -6.19
C LEU A 48 -7.76 16.64 -7.42
N ALA A 49 -7.60 17.25 -8.58
CA ALA A 49 -7.64 16.49 -9.86
C ALA A 49 -6.94 15.12 -9.76
N VAL A 50 -5.83 15.03 -9.03
CA VAL A 50 -5.12 13.75 -8.85
C VAL A 50 -5.82 12.86 -7.80
N SER A 51 -6.12 13.45 -6.64
CA SER A 51 -6.77 12.80 -5.48
C SER A 51 -8.29 12.60 -5.67
N LEU A 52 -8.79 13.18 -6.75
CA LEU A 52 -10.24 13.25 -7.01
C LEU A 52 -10.94 11.90 -6.87
N ALA A 53 -10.24 10.83 -7.19
CA ALA A 53 -10.76 9.48 -7.13
C ALA A 53 -10.89 8.88 -5.73
N LEU A 54 -10.41 9.58 -4.69
CA LEU A 54 -10.40 9.00 -3.34
C LEU A 54 -11.80 8.92 -2.72
N GLU A 55 -12.79 9.27 -3.52
CA GLU A 55 -14.16 9.25 -3.04
C GLU A 55 -15.10 8.48 -3.97
N GLY A 56 -14.52 7.69 -4.87
CA GLY A 56 -15.31 6.93 -5.81
C GLY A 56 -14.84 5.51 -6.01
N LYS A 57 -14.24 5.25 -7.16
CA LYS A 57 -13.75 3.91 -7.49
C LYS A 57 -12.26 3.77 -7.21
N ALA A 58 -11.89 2.64 -6.61
CA ALA A 58 -10.50 2.35 -6.28
C ALA A 58 -9.68 2.11 -7.53
N SER A 59 -10.34 1.61 -8.57
CA SER A 59 -9.71 1.31 -9.84
C SER A 59 -9.15 2.56 -10.51
N HIS A 60 -9.65 3.72 -10.10
CA HIS A 60 -9.23 4.99 -10.71
C HIS A 60 -7.83 5.41 -10.33
N ARG A 61 -7.43 5.08 -9.10
CA ARG A 61 -6.07 5.36 -8.58
C ARG A 61 -4.89 5.07 -9.55
N GLU A 62 -5.22 4.43 -10.65
CA GLU A 62 -4.20 4.17 -11.69
C GLU A 62 -4.08 5.40 -12.62
N MET A 63 -5.23 5.77 -13.18
CA MET A 63 -5.37 6.90 -14.12
C MET A 63 -5.28 8.25 -13.43
N THR A 64 -5.32 8.24 -12.11
CA THR A 64 -5.31 9.52 -11.40
C THR A 64 -3.89 10.06 -11.24
N SER A 65 -2.96 9.15 -11.08
CA SER A 65 -1.57 9.48 -10.89
C SER A 65 -0.88 9.72 -12.23
N LYS A 66 -1.47 9.21 -13.31
CA LYS A 66 -0.87 9.32 -14.65
C LYS A 66 -0.50 10.76 -15.00
N LEU A 67 -1.43 11.69 -14.82
CA LEU A 67 -1.21 13.09 -15.15
C LEU A 67 -0.21 13.77 -14.25
N LEU A 68 0.03 13.20 -13.06
CA LEU A 68 0.91 13.83 -12.06
C LEU A 68 2.11 14.52 -12.70
N SER A 69 3.06 13.79 -13.24
CA SER A 69 4.19 14.36 -13.94
C SER A 69 4.02 14.50 -15.45
N ASP A 70 2.90 13.97 -15.98
CA ASP A 70 2.70 13.89 -17.43
C ASP A 70 2.93 15.21 -18.15
N LEU A 71 2.20 16.24 -17.76
CA LEU A 71 2.30 17.57 -18.35
C LEU A 71 3.43 18.41 -17.76
N CYS A 72 4.25 17.79 -16.91
CA CYS A 72 5.33 18.51 -16.24
C CYS A 72 6.27 19.14 -17.26
N GLY A 73 7.07 20.10 -16.83
CA GLY A 73 7.97 20.79 -17.73
C GLY A 73 7.25 21.81 -18.60
N THR A 74 6.28 21.34 -19.37
CA THR A 74 5.51 22.20 -20.25
C THR A 74 4.53 23.07 -19.46
N VAL A 75 3.77 22.44 -18.56
CA VAL A 75 2.80 23.17 -17.75
C VAL A 75 3.39 23.50 -16.38
N MET A 76 3.39 22.53 -15.48
CA MET A 76 3.94 22.74 -14.15
C MET A 76 5.34 22.13 -14.02
N SER A 77 6.20 22.81 -13.28
CA SER A 77 7.55 22.36 -13.07
C SER A 77 7.63 21.38 -11.92
N THR A 78 8.80 20.79 -11.70
CA THR A 78 8.98 19.84 -10.61
C THR A 78 8.80 20.53 -9.26
N THR A 79 9.14 21.81 -9.18
CA THR A 79 8.98 22.57 -7.96
C THR A 79 7.48 22.73 -7.65
N ASP A 80 6.69 22.88 -8.70
CA ASP A 80 5.24 23.02 -8.55
C ASP A 80 4.66 21.78 -7.91
N VAL A 81 5.24 20.63 -8.23
CA VAL A 81 4.79 19.35 -7.69
C VAL A 81 4.97 19.31 -6.17
N GLU A 82 6.09 19.83 -5.68
CA GLU A 82 6.36 19.87 -4.24
C GLU A 82 5.32 20.73 -3.55
N LYS A 83 4.84 21.74 -4.27
CA LYS A 83 3.82 22.63 -3.75
C LYS A 83 2.51 21.87 -3.62
N SER A 84 2.13 21.17 -4.69
CA SER A 84 0.93 20.36 -4.69
C SER A 84 0.91 19.43 -3.47
N PHE A 85 2.06 18.82 -3.17
CA PHE A 85 2.14 17.92 -2.01
C PHE A 85 2.07 18.70 -0.71
N ASP A 86 2.86 19.79 -0.63
CA ASP A 86 2.85 20.67 0.54
C ASP A 86 1.42 21.06 0.89
N LYS A 87 0.65 21.43 -0.14
CA LYS A 87 -0.74 21.81 0.02
C LYS A 87 -1.61 20.59 0.31
N LEU A 88 -1.21 19.44 -0.23
CA LEU A 88 -1.92 18.18 -0.01
C LEU A 88 -1.96 17.85 1.49
N LEU A 89 -0.80 17.94 2.15
CA LEU A 89 -0.72 17.68 3.59
C LEU A 89 -1.66 18.61 4.35
N LYS A 90 -1.85 19.80 3.79
CA LYS A 90 -2.75 20.79 4.35
C LYS A 90 -4.19 20.25 4.27
N ASP A 91 -4.55 19.75 3.10
CA ASP A 91 -5.86 19.14 2.87
C ASP A 91 -6.09 17.86 3.65
N LEU A 92 -5.05 17.02 3.80
CA LEU A 92 -5.12 15.74 4.53
C LEU A 92 -6.04 15.70 5.76
N PRO A 93 -5.93 16.63 6.72
CA PRO A 93 -6.77 16.64 7.92
C PRO A 93 -8.30 16.69 7.72
N GLU A 94 -8.84 16.94 6.53
CA GLU A 94 -10.31 17.00 6.43
C GLU A 94 -11.01 15.67 6.08
N LEU A 95 -10.98 15.43 4.77
CA LEU A 95 -11.48 14.10 4.27
C LEU A 95 -11.40 12.82 5.16
N ALA A 96 -10.73 12.83 6.30
CA ALA A 96 -10.70 11.63 7.18
C ALA A 96 -12.10 10.97 7.40
N LEU A 97 -13.11 11.71 7.87
CA LEU A 97 -14.49 11.19 8.09
C LEU A 97 -15.19 10.70 6.83
N ASP A 98 -14.58 10.93 5.69
CA ASP A 98 -15.17 10.56 4.42
C ASP A 98 -14.55 9.25 3.93
N THR A 99 -13.96 8.52 4.89
CA THR A 99 -13.28 7.21 4.68
C THR A 99 -11.84 7.26 5.20
N PRO A 100 -11.53 6.47 6.25
CA PRO A 100 -10.18 6.41 6.86
C PRO A 100 -9.08 5.92 5.91
N ARG A 101 -9.49 5.30 4.81
CA ARG A 101 -8.54 4.76 3.83
C ARG A 101 -8.19 5.84 2.81
N ALA A 102 -8.56 7.06 3.15
CA ALA A 102 -8.30 8.21 2.30
C ALA A 102 -6.88 8.76 2.47
N PRO A 103 -6.50 9.19 3.70
CA PRO A 103 -5.15 9.72 3.95
C PRO A 103 -4.10 8.62 4.03
N GLN A 104 -4.53 7.41 4.36
CA GLN A 104 -3.63 6.28 4.46
C GLN A 104 -3.01 5.97 3.09
N LEU A 105 -3.84 6.07 2.07
CA LEU A 105 -3.45 5.82 0.69
C LEU A 105 -2.61 6.95 0.07
N VAL A 106 -2.69 8.13 0.67
CA VAL A 106 -1.96 9.29 0.15
C VAL A 106 -0.47 8.95 0.04
N GLY A 107 0.06 8.37 1.12
CA GLY A 107 1.46 7.97 1.17
C GLY A 107 1.92 7.18 -0.05
N GLN A 108 1.09 6.24 -0.48
CA GLN A 108 1.42 5.41 -1.63
C GLN A 108 1.61 6.22 -2.91
N PHE A 109 0.91 7.35 -3.02
CA PHE A 109 1.03 8.21 -4.19
C PHE A 109 2.36 8.94 -4.18
N ILE A 110 2.81 9.34 -3.00
CA ILE A 110 4.09 10.02 -2.85
C ILE A 110 5.20 9.03 -3.14
N ALA A 111 4.96 7.80 -2.73
CA ALA A 111 5.89 6.70 -2.93
C ALA A 111 6.15 6.49 -4.42
N ARG A 112 5.08 6.48 -5.20
CA ARG A 112 5.17 6.30 -6.64
C ARG A 112 5.73 7.55 -7.31
N ALA A 113 5.48 8.69 -6.66
CA ALA A 113 5.93 9.97 -7.18
C ALA A 113 7.44 10.07 -7.17
N VAL A 114 8.04 9.71 -6.05
CA VAL A 114 9.49 9.76 -5.88
C VAL A 114 10.23 8.84 -6.84
N GLY A 115 9.67 7.67 -7.11
CA GLY A 115 10.36 6.73 -7.99
C GLY A 115 10.54 7.23 -9.42
N ASP A 116 9.44 7.65 -10.04
CA ASP A 116 9.55 8.18 -11.41
C ASP A 116 10.36 9.47 -11.48
N GLY A 117 10.32 10.25 -10.42
CA GLY A 117 11.06 11.50 -10.39
C GLY A 117 10.15 12.65 -10.00
N ILE A 118 8.86 12.41 -10.21
CA ILE A 118 7.77 13.35 -9.88
C ILE A 118 8.16 14.20 -8.66
N LEU A 119 8.34 13.55 -7.52
CA LEU A 119 8.74 14.24 -6.31
C LEU A 119 10.12 13.75 -5.86
N CYS A 120 10.86 14.60 -5.17
CA CYS A 120 12.18 14.24 -4.68
C CYS A 120 12.08 13.45 -3.38
N ASN A 121 12.97 12.48 -3.20
CA ASN A 121 12.98 11.64 -2.00
C ASN A 121 13.24 12.47 -0.75
N THR A 122 14.08 13.49 -0.90
CA THR A 122 14.43 14.39 0.19
C THR A 122 13.21 14.97 0.90
N TYR A 123 12.11 15.16 0.17
CA TYR A 123 10.88 15.69 0.74
C TYR A 123 10.42 14.85 1.93
N ILE A 124 10.57 13.54 1.83
CA ILE A 124 10.17 12.62 2.89
C ILE A 124 11.02 12.88 4.14
N ASP A 125 12.33 12.98 3.93
CA ASP A 125 13.27 13.22 5.02
C ASP A 125 13.06 14.60 5.64
N SER A 126 12.50 15.51 4.86
CA SER A 126 12.27 16.88 5.32
C SER A 126 11.11 16.94 6.32
N TYR A 127 10.12 16.06 6.16
CA TYR A 127 8.96 16.03 7.04
C TYR A 127 9.02 14.82 7.98
N LYS A 128 10.19 14.19 8.04
CA LYS A 128 10.39 12.99 8.85
C LYS A 128 10.49 13.20 10.37
N GLY A 129 9.62 14.02 10.91
CA GLY A 129 9.63 14.27 12.35
C GLY A 129 9.36 15.72 12.66
N THR A 130 9.27 16.50 11.61
CA THR A 130 9.03 17.92 11.72
C THR A 130 7.54 18.23 11.61
N VAL A 131 6.72 17.30 12.12
CA VAL A 131 5.28 17.45 12.08
C VAL A 131 4.70 17.14 13.45
N ASP A 132 3.99 18.11 14.01
CA ASP A 132 3.37 17.96 15.33
C ASP A 132 1.94 17.42 15.22
N CYS A 133 1.51 17.15 13.99
CA CYS A 133 0.16 16.64 13.74
C CYS A 133 0.18 15.12 13.61
N VAL A 134 -1.00 14.49 13.48
CA VAL A 134 -0.96 13.03 13.38
C VAL A 134 -1.01 12.61 11.90
N GLN A 135 -2.25 12.61 11.37
CA GLN A 135 -2.51 12.33 9.96
C GLN A 135 -1.60 13.03 8.96
N ALA A 136 -1.19 14.25 9.26
CA ALA A 136 -0.29 14.98 8.35
C ALA A 136 0.96 14.16 8.03
N ARG A 137 1.54 13.54 9.05
CA ARG A 137 2.73 12.70 8.93
C ARG A 137 2.35 11.26 8.58
N ALA A 138 1.05 11.00 8.58
CA ALA A 138 0.57 9.63 8.48
C ALA A 138 0.77 9.02 7.10
N ALA A 139 0.81 9.84 6.05
CA ALA A 139 0.99 9.28 4.70
C ALA A 139 2.48 9.01 4.53
N LEU A 140 3.24 9.99 5.00
CA LEU A 140 4.71 10.00 5.01
C LEU A 140 5.27 8.81 5.78
N ASP A 141 4.40 8.19 6.57
CA ASP A 141 4.83 7.09 7.42
C ASP A 141 4.80 5.81 6.61
N LYS A 142 3.80 5.74 5.73
CA LYS A 142 3.58 4.55 4.90
C LYS A 142 4.42 4.61 3.63
N ALA A 143 4.59 5.83 3.14
CA ALA A 143 5.34 6.08 1.92
C ALA A 143 6.77 5.54 1.97
N THR A 144 7.30 5.36 3.17
CA THR A 144 8.68 4.90 3.32
C THR A 144 8.66 3.37 3.26
N VAL A 145 7.44 2.87 3.46
CA VAL A 145 7.19 1.44 3.59
C VAL A 145 6.95 0.79 2.24
N LEU A 146 6.42 1.57 1.29
CA LEU A 146 6.01 1.01 0.02
C LEU A 146 7.21 0.78 -0.90
N LEU A 147 8.15 1.74 -0.85
CA LEU A 147 9.35 1.72 -1.69
C LEU A 147 10.17 0.44 -1.54
N SER A 148 10.07 -0.21 -0.39
CA SER A 148 10.80 -1.44 -0.14
C SER A 148 10.34 -2.57 -1.07
N MET A 149 9.06 -2.56 -1.41
CA MET A 149 8.50 -3.59 -2.28
C MET A 149 8.69 -3.23 -3.76
N SER A 150 8.88 -1.95 -4.04
CA SER A 150 9.08 -1.48 -5.40
C SER A 150 10.43 -1.92 -5.96
N LYS A 151 11.29 -2.42 -5.07
CA LYS A 151 12.61 -2.89 -5.46
C LYS A 151 12.53 -4.19 -6.24
N GLY A 152 11.47 -4.96 -6.01
CA GLY A 152 11.30 -6.22 -6.71
C GLY A 152 9.99 -6.25 -7.49
N GLY A 153 9.48 -7.45 -7.74
CA GLY A 153 8.22 -7.59 -8.44
C GLY A 153 8.38 -7.57 -9.96
N LYS A 154 9.32 -6.78 -10.44
CA LYS A 154 9.57 -6.68 -11.87
C LYS A 154 10.46 -7.81 -12.35
N ARG A 155 9.84 -8.93 -12.72
CA ARG A 155 10.56 -10.09 -13.21
C ARG A 155 9.80 -10.73 -14.36
N LYS A 156 8.49 -10.91 -14.17
CA LYS A 156 7.62 -11.49 -15.20
C LYS A 156 7.26 -10.45 -16.26
N ASP A 157 8.00 -9.35 -16.28
CA ASP A 157 7.76 -8.25 -17.21
C ASP A 157 8.27 -8.57 -18.62
N SER A 158 8.59 -9.82 -18.87
CA SER A 158 9.09 -10.23 -20.18
C SER A 158 8.44 -11.55 -20.62
N VAL A 159 7.24 -11.81 -20.11
CA VAL A 159 6.52 -13.03 -20.46
C VAL A 159 5.73 -12.85 -21.76
N TRP A 160 5.05 -11.71 -21.88
CA TRP A 160 4.25 -11.42 -23.06
C TRP A 160 5.10 -10.95 -24.23
N GLY A 161 4.81 -11.48 -25.41
CA GLY A 161 5.55 -11.09 -26.60
C GLY A 161 4.68 -11.13 -27.84
N SER A 162 3.37 -11.09 -27.63
CA SER A 162 2.41 -11.13 -28.72
C SER A 162 2.02 -9.72 -29.15
N GLY A 163 1.10 -9.12 -28.42
CA GLY A 163 0.64 -7.78 -28.74
C GLY A 163 -0.11 -7.16 -27.58
N GLY B 1 -2.30 -6.07 -25.87
CA GLY B 1 -3.75 -5.94 -26.04
C GLY B 1 -4.20 -4.50 -25.88
N GLY B 2 -5.50 -4.25 -26.04
CA GLY B 2 -6.01 -2.91 -25.91
C GLY B 2 -5.97 -2.42 -24.48
N GLN B 3 -6.20 -3.33 -23.55
CA GLN B 3 -6.18 -3.02 -22.13
C GLN B 3 -5.33 -4.04 -21.40
N GLN B 4 -4.89 -3.68 -20.21
CA GLN B 4 -4.08 -4.57 -19.40
C GLN B 4 -4.97 -5.35 -18.44
N PRO B 5 -4.73 -6.67 -18.30
CA PRO B 5 -5.50 -7.53 -17.40
C PRO B 5 -5.43 -7.06 -15.95
N VAL B 6 -6.30 -7.62 -15.11
CA VAL B 6 -6.34 -7.26 -13.70
C VAL B 6 -5.15 -7.81 -12.94
N ASN B 7 -4.77 -7.12 -11.87
CA ASN B 7 -3.65 -7.55 -11.04
C ASN B 7 -4.08 -8.65 -10.08
N HIS B 8 -3.16 -9.56 -9.77
CA HIS B 8 -3.45 -10.67 -8.88
C HIS B 8 -2.16 -11.36 -8.47
N LEU B 9 -2.25 -12.26 -7.48
CA LEU B 9 -1.08 -12.98 -6.96
C LEU B 9 -0.10 -12.07 -6.26
N VAL B 10 0.64 -11.27 -7.04
CA VAL B 10 1.63 -10.35 -6.49
C VAL B 10 0.95 -9.06 -6.06
N LYS B 11 1.67 -8.25 -5.28
CA LYS B 11 1.18 -6.97 -4.78
C LYS B 11 0.17 -7.13 -3.64
N GLU B 12 -0.83 -7.96 -3.87
CA GLU B 12 -1.86 -8.19 -2.86
C GLU B 12 -1.31 -8.89 -1.61
N ILE B 13 -0.66 -10.04 -1.77
CA ILE B 13 -0.15 -10.80 -0.62
C ILE B 13 1.13 -10.26 0.01
N ASP B 14 2.23 -10.23 -0.75
CA ASP B 14 3.54 -9.82 -0.22
C ASP B 14 3.57 -8.40 0.33
N MET B 15 3.18 -7.45 -0.50
CA MET B 15 3.16 -6.04 -0.12
C MET B 15 2.37 -5.79 1.17
N LEU B 16 1.29 -6.55 1.36
CA LEU B 16 0.47 -6.41 2.56
C LEU B 16 1.21 -6.89 3.81
N LEU B 17 1.91 -8.01 3.67
CA LEU B 17 2.66 -8.58 4.79
C LEU B 17 3.85 -7.70 5.15
N LYS B 18 4.52 -7.18 4.13
CA LYS B 18 5.68 -6.31 4.34
C LYS B 18 5.25 -5.00 5.02
N GLU B 19 4.13 -4.44 4.56
CA GLU B 19 3.61 -3.20 5.13
C GLU B 19 3.25 -3.40 6.59
N TYR B 20 2.62 -4.53 6.89
CA TYR B 20 2.23 -4.87 8.25
C TYR B 20 3.45 -4.93 9.17
N LEU B 21 4.58 -5.35 8.62
CA LEU B 21 5.82 -5.46 9.38
C LEU B 21 6.43 -4.09 9.66
N LEU B 22 6.61 -3.29 8.62
CA LEU B 22 7.22 -1.97 8.77
C LEU B 22 6.29 -0.93 9.40
N SER B 23 5.07 -0.82 8.88
CA SER B 23 4.11 0.14 9.42
C SER B 23 3.54 -0.37 10.75
N GLY B 24 2.80 -1.46 10.70
CA GLY B 24 2.23 -2.03 11.90
C GLY B 24 0.74 -1.74 12.04
N ASP B 25 0.14 -1.26 10.97
CA ASP B 25 -1.29 -0.94 10.98
C ASP B 25 -2.12 -2.19 10.69
N ILE B 26 -2.71 -2.73 11.75
CA ILE B 26 -3.53 -3.94 11.66
C ILE B 26 -4.76 -3.72 10.78
N SER B 27 -5.46 -2.61 10.99
CA SER B 27 -6.66 -2.29 10.24
C SER B 27 -6.39 -2.22 8.74
N GLU B 28 -5.38 -1.43 8.37
CA GLU B 28 -4.98 -1.29 6.97
C GLU B 28 -4.78 -2.67 6.31
N ALA B 29 -4.15 -3.58 7.03
CA ALA B 29 -3.92 -4.92 6.51
C ALA B 29 -5.21 -5.73 6.46
N GLU B 30 -6.00 -5.65 7.53
CA GLU B 30 -7.26 -6.39 7.64
C GLU B 30 -8.23 -6.08 6.50
N HIS B 31 -8.49 -4.81 6.24
CA HIS B 31 -9.41 -4.42 5.18
C HIS B 31 -8.90 -4.89 3.83
N CYS B 32 -7.66 -4.51 3.52
CA CYS B 32 -7.02 -4.90 2.26
C CYS B 32 -7.03 -6.43 2.07
N LEU B 33 -6.95 -7.17 3.18
CA LEU B 33 -6.96 -8.63 3.12
C LEU B 33 -8.33 -9.14 2.66
N LYS B 34 -9.39 -8.47 3.10
CA LYS B 34 -10.77 -8.85 2.73
C LYS B 34 -11.10 -8.46 1.29
N GLU B 35 -10.60 -7.28 0.88
CA GLU B 35 -10.76 -6.72 -0.49
C GLU B 35 -10.37 -7.60 -1.70
N LEU B 36 -10.23 -8.86 -1.42
CA LEU B 36 -9.82 -9.84 -2.43
C LEU B 36 -11.00 -10.35 -3.28
N GLU B 37 -11.12 -11.66 -3.40
CA GLU B 37 -12.17 -12.29 -4.20
C GLU B 37 -12.25 -13.77 -3.85
N VAL B 38 -11.08 -14.42 -3.88
CA VAL B 38 -10.99 -15.84 -3.56
C VAL B 38 -10.77 -16.05 -2.06
N PRO B 39 -11.73 -16.70 -1.40
CA PRO B 39 -11.62 -16.99 0.03
C PRO B 39 -10.79 -18.24 0.32
N HIS B 40 -10.75 -19.16 -0.65
CA HIS B 40 -10.01 -20.42 -0.50
C HIS B 40 -8.50 -20.21 -0.55
N PHE B 41 -8.01 -19.51 -1.58
CA PHE B 41 -6.57 -19.27 -1.76
C PHE B 41 -6.01 -18.25 -0.76
N HIS B 42 -6.67 -18.09 0.38
CA HIS B 42 -6.25 -17.12 1.40
C HIS B 42 -5.14 -17.57 2.35
N HIS B 43 -4.65 -18.80 2.25
CA HIS B 43 -3.63 -19.30 3.20
C HIS B 43 -2.22 -18.78 2.91
N GLU B 44 -1.99 -18.38 1.67
CA GLU B 44 -0.67 -17.94 1.26
C GLU B 44 -0.14 -16.78 2.11
N LEU B 45 -1.06 -15.93 2.55
CA LEU B 45 -0.71 -14.78 3.39
C LEU B 45 -0.14 -15.20 4.75
N VAL B 46 -0.53 -16.39 5.22
CA VAL B 46 -0.05 -16.87 6.52
C VAL B 46 1.23 -17.66 6.24
N TYR B 47 1.05 -18.62 5.34
CA TYR B 47 2.11 -19.51 4.87
C TYR B 47 3.38 -18.70 4.61
N GLU B 48 3.23 -17.58 3.91
CA GLU B 48 4.36 -16.72 3.61
C GLU B 48 4.88 -16.05 4.89
N ALA B 49 3.98 -15.49 5.70
CA ALA B 49 4.33 -14.82 6.94
C ALA B 49 5.04 -15.67 7.97
N ILE B 50 4.89 -17.00 7.95
CA ILE B 50 5.52 -17.82 8.99
C ILE B 50 7.01 -17.86 8.64
N VAL B 51 7.21 -17.66 7.35
CA VAL B 51 8.53 -17.66 6.76
C VAL B 51 9.29 -16.43 7.25
N MET B 52 8.56 -15.39 7.66
CA MET B 52 9.17 -14.16 8.15
C MET B 52 10.03 -14.40 9.38
N VAL B 53 9.45 -14.96 10.44
CA VAL B 53 10.19 -15.28 11.67
C VAL B 53 11.47 -16.07 11.35
N LEU B 54 11.36 -17.00 10.42
CA LEU B 54 12.51 -17.80 9.96
C LEU B 54 13.50 -16.86 9.23
N GLU B 55 12.92 -16.16 8.27
CA GLU B 55 13.57 -15.16 7.41
C GLU B 55 13.92 -13.80 8.01
N SER B 56 14.34 -13.81 9.26
CA SER B 56 14.51 -12.53 9.95
C SER B 56 15.36 -12.60 11.21
N THR B 57 15.57 -11.42 11.80
CA THR B 57 16.35 -11.29 13.03
C THR B 57 15.70 -10.24 13.92
N GLY B 58 15.28 -10.66 15.10
CA GLY B 58 14.65 -9.75 16.03
C GLY B 58 13.27 -10.23 16.43
N GLU B 59 12.82 -9.82 17.60
CA GLU B 59 11.52 -10.23 18.10
C GLU B 59 10.40 -9.48 17.41
N SER B 60 10.76 -8.41 16.69
CA SER B 60 9.78 -7.60 15.96
C SER B 60 9.00 -8.47 14.98
N ALA B 61 9.72 -9.34 14.28
CA ALA B 61 9.12 -10.24 13.30
C ALA B 61 8.22 -11.27 13.96
N PHE B 62 8.39 -11.48 15.26
CA PHE B 62 7.59 -12.47 15.94
C PHE B 62 6.36 -11.79 16.58
N LYS B 63 6.73 -10.90 17.48
CA LYS B 63 5.80 -10.13 18.32
C LYS B 63 4.57 -9.55 17.59
N MET B 64 4.77 -8.73 16.56
CA MET B 64 3.63 -8.15 15.85
C MET B 64 3.03 -9.11 14.82
N ILE B 65 3.90 -9.83 14.14
CA ILE B 65 3.52 -10.79 13.10
C ILE B 65 2.70 -11.97 13.63
N LEU B 66 2.78 -12.21 14.93
CA LEU B 66 2.06 -13.35 15.52
C LEU B 66 0.58 -12.99 15.59
N ASP B 67 0.32 -11.70 15.83
CA ASP B 67 -1.03 -11.18 15.94
C ASP B 67 -1.71 -11.18 14.57
N LEU B 68 -0.89 -11.19 13.50
CA LEU B 68 -1.41 -11.18 12.13
C LEU B 68 -2.47 -12.26 11.93
N LEU B 69 -2.15 -13.49 12.31
CA LEU B 69 -3.10 -14.60 12.17
C LEU B 69 -4.18 -14.49 13.25
N LYS B 70 -3.73 -14.27 14.48
CA LYS B 70 -4.62 -14.11 15.64
C LYS B 70 -5.74 -13.11 15.35
N SER B 71 -5.40 -12.02 14.67
CA SER B 71 -6.37 -10.99 14.34
C SER B 71 -7.34 -11.51 13.29
N LEU B 72 -6.79 -12.04 12.20
CA LEU B 72 -7.59 -12.63 11.14
C LEU B 72 -8.62 -13.61 11.69
N TRP B 73 -8.19 -14.50 12.58
CA TRP B 73 -9.11 -15.45 13.23
C TRP B 73 -10.05 -14.72 14.19
N LYS B 74 -9.49 -13.73 14.86
CA LYS B 74 -10.26 -12.90 15.80
C LYS B 74 -11.50 -12.35 15.11
N SER B 75 -11.35 -11.88 13.87
CA SER B 75 -12.46 -11.37 13.09
C SER B 75 -13.08 -12.48 12.24
N SER B 76 -12.48 -13.68 12.35
CA SER B 76 -12.90 -14.86 11.61
C SER B 76 -12.90 -14.62 10.11
N THR B 77 -11.70 -14.65 9.51
CA THR B 77 -11.56 -14.43 8.08
C THR B 77 -10.67 -15.49 7.44
N ILE B 78 -10.36 -16.55 8.19
CA ILE B 78 -9.53 -17.63 7.68
C ILE B 78 -10.26 -18.96 7.70
N THR B 79 -10.14 -19.70 6.62
CA THR B 79 -10.77 -21.01 6.49
C THR B 79 -10.00 -22.06 7.30
N ILE B 80 -10.73 -23.01 7.86
CA ILE B 80 -10.14 -24.06 8.70
C ILE B 80 -9.08 -24.91 7.98
N ASP B 81 -9.38 -25.36 6.75
CA ASP B 81 -8.43 -26.18 6.00
C ASP B 81 -7.14 -25.42 5.75
N GLN B 82 -7.28 -24.25 5.13
CA GLN B 82 -6.15 -23.37 4.84
C GLN B 82 -5.20 -23.16 6.02
N MET B 83 -5.72 -23.19 7.25
CA MET B 83 -4.86 -23.02 8.41
C MET B 83 -3.83 -24.14 8.46
N LYS B 84 -4.31 -25.36 8.25
CA LYS B 84 -3.44 -26.54 8.25
C LYS B 84 -2.50 -26.47 7.05
N ARG B 85 -3.07 -26.47 5.85
CA ARG B 85 -2.30 -26.35 4.60
C ARG B 85 -1.26 -25.21 4.66
N GLY B 86 -1.48 -24.27 5.57
CA GLY B 86 -0.55 -23.18 5.74
C GLY B 86 0.61 -23.62 6.59
N TYR B 87 0.28 -24.23 7.73
CA TYR B 87 1.24 -24.70 8.70
C TYR B 87 1.98 -25.97 8.28
N GLU B 88 1.35 -26.82 7.48
CA GLU B 88 1.96 -28.09 7.08
C GLU B 88 3.08 -27.85 6.08
N ARG B 89 2.88 -26.88 5.20
CA ARG B 89 3.87 -26.54 4.19
C ARG B 89 5.17 -26.11 4.84
N ILE B 90 5.07 -25.48 6.01
CA ILE B 90 6.22 -24.99 6.73
C ILE B 90 7.18 -26.13 7.09
N TYR B 91 6.62 -27.26 7.52
CA TYR B 91 7.44 -28.41 7.90
C TYR B 91 8.11 -29.02 6.67
N ASN B 92 7.43 -28.89 5.53
CA ASN B 92 7.94 -29.42 4.28
C ASN B 92 9.08 -28.55 3.73
N GLU B 93 9.06 -27.28 4.10
CA GLU B 93 10.10 -26.34 3.65
C GLU B 93 11.26 -26.30 4.65
N ILE B 94 11.06 -26.91 5.81
CA ILE B 94 12.09 -26.95 6.85
C ILE B 94 13.41 -27.54 6.34
N PRO B 95 13.41 -28.75 5.74
CA PRO B 95 14.63 -29.38 5.21
C PRO B 95 15.39 -28.49 4.25
N ASP B 96 14.66 -27.65 3.52
CA ASP B 96 15.27 -26.73 2.57
C ASP B 96 15.92 -25.55 3.27
N ILE B 97 15.18 -24.93 4.18
CA ILE B 97 15.65 -23.76 4.91
C ILE B 97 16.70 -24.12 5.97
N ASN B 98 16.41 -25.14 6.76
CA ASN B 98 17.32 -25.57 7.81
C ASN B 98 18.51 -26.36 7.27
N LEU B 99 18.21 -27.50 6.65
CA LEU B 99 19.23 -28.38 6.07
C LEU B 99 20.32 -28.73 7.09
N ASP B 100 20.02 -29.73 7.92
CA ASP B 100 20.93 -30.20 8.96
C ASP B 100 21.03 -29.20 10.11
N VAL B 101 21.26 -29.71 11.32
CA VAL B 101 21.36 -28.86 12.51
C VAL B 101 20.06 -28.08 12.72
N PRO B 102 19.03 -28.74 13.26
CA PRO B 102 17.72 -28.12 13.49
C PRO B 102 17.68 -27.20 14.71
N HIS B 103 18.44 -26.11 14.67
CA HIS B 103 18.49 -25.17 15.78
C HIS B 103 17.29 -24.23 15.73
N SER B 104 16.67 -24.13 14.56
CA SER B 104 15.50 -23.26 14.38
C SER B 104 14.24 -23.89 14.96
N TYR B 105 14.39 -25.11 15.48
CA TYR B 105 13.29 -25.82 16.09
C TYR B 105 12.79 -25.10 17.34
N SER B 106 13.70 -24.37 17.97
CA SER B 106 13.39 -23.63 19.19
C SER B 106 12.14 -22.75 19.03
N VAL B 107 12.14 -21.85 18.05
CA VAL B 107 10.97 -21.01 17.82
C VAL B 107 9.85 -21.82 17.18
N LEU B 108 10.22 -22.59 16.15
CA LEU B 108 9.27 -23.44 15.44
C LEU B 108 8.35 -24.20 16.40
N GLU B 109 8.91 -24.81 17.43
CA GLU B 109 8.12 -25.54 18.42
C GLU B 109 7.16 -24.60 19.14
N ARG B 110 7.72 -23.51 19.67
CA ARG B 110 6.95 -22.50 20.40
C ARG B 110 5.80 -21.98 19.52
N PHE B 111 6.16 -21.49 18.33
CA PHE B 111 5.21 -20.99 17.35
C PHE B 111 4.07 -21.99 17.09
N VAL B 112 4.36 -23.27 17.24
CA VAL B 112 3.36 -24.30 17.01
C VAL B 112 2.50 -24.51 18.25
N GLU B 113 3.18 -24.76 19.37
CA GLU B 113 2.52 -25.02 20.65
C GLU B 113 1.69 -23.84 21.15
N GLU B 114 2.15 -22.62 20.90
CA GLU B 114 1.42 -21.43 21.33
C GLU B 114 0.07 -21.40 20.61
N CYS B 115 0.12 -21.41 19.29
CA CYS B 115 -1.09 -21.42 18.46
C CYS B 115 -2.05 -22.57 18.77
N PHE B 116 -1.57 -23.61 19.43
CA PHE B 116 -2.42 -24.75 19.76
C PHE B 116 -3.35 -24.36 20.90
N GLN B 117 -2.75 -23.75 21.92
CA GLN B 117 -3.48 -23.29 23.10
C GLN B 117 -4.70 -22.44 22.72
N ALA B 118 -4.51 -21.49 21.81
CA ALA B 118 -5.58 -20.60 21.34
C ALA B 118 -6.73 -21.29 20.58
N GLY B 119 -6.80 -22.62 20.64
CA GLY B 119 -7.87 -23.36 19.95
C GLY B 119 -7.80 -23.40 18.43
N ILE B 120 -7.48 -22.26 17.81
CA ILE B 120 -7.39 -22.13 16.34
C ILE B 120 -6.83 -23.37 15.62
N ILE B 121 -5.77 -23.96 16.17
CA ILE B 121 -5.20 -25.16 15.57
C ILE B 121 -5.72 -26.42 16.27
N SER B 122 -5.89 -27.49 15.52
CA SER B 122 -6.42 -28.72 16.07
C SER B 122 -5.29 -29.64 16.54
N LYS B 123 -5.66 -30.73 17.21
CA LYS B 123 -4.67 -31.68 17.71
C LYS B 123 -3.84 -32.25 16.57
N GLN B 124 -4.51 -32.81 15.56
CA GLN B 124 -3.83 -33.35 14.40
C GLN B 124 -2.81 -32.39 13.78
N LEU B 125 -3.07 -31.09 13.89
CA LEU B 125 -2.16 -30.09 13.35
C LEU B 125 -0.87 -30.07 14.17
N ARG B 126 -1.02 -30.25 15.48
CA ARG B 126 0.13 -30.27 16.39
C ARG B 126 0.84 -31.61 16.22
N ASP B 127 0.08 -32.61 15.82
CA ASP B 127 0.61 -33.95 15.63
C ASP B 127 1.30 -34.06 14.27
N LEU B 128 0.94 -33.16 13.37
CA LEU B 128 1.50 -33.13 12.01
C LEU B 128 2.88 -32.48 11.97
N CYS B 129 3.31 -31.91 13.07
CA CYS B 129 4.61 -31.27 13.12
C CYS B 129 5.63 -32.18 13.78
N PRO B 130 6.92 -32.06 13.42
CA PRO B 130 7.98 -32.88 14.00
C PRO B 130 8.37 -32.39 15.40
N SER B 131 7.44 -32.53 16.34
CA SER B 131 7.66 -32.13 17.72
C SER B 131 8.83 -32.91 18.32
N GLY A 1 1.80 30.70 -2.65
CA GLY A 1 1.20 31.16 -1.37
C GLY A 1 -0.32 31.14 -1.44
N LEU A 2 -0.94 32.15 -0.85
CA LEU A 2 -2.40 32.26 -0.84
C LEU A 2 -2.94 32.48 -2.25
N PRO A 3 -3.79 31.55 -2.71
CA PRO A 3 -4.39 31.62 -4.05
C PRO A 3 -5.47 32.70 -4.12
N LEU A 4 -5.80 33.10 -5.34
CA LEU A 4 -6.81 34.13 -5.56
C LEU A 4 -8.06 33.50 -6.18
N ASP A 5 -9.21 33.75 -5.55
CA ASP A 5 -10.50 33.22 -6.02
C ASP A 5 -10.56 31.70 -5.87
N GLU A 6 -10.91 31.26 -4.67
CA GLU A 6 -10.98 29.84 -4.34
C GLU A 6 -12.19 29.11 -4.96
N ARG A 7 -13.38 29.68 -4.82
CA ARG A 7 -14.60 29.04 -5.39
C ARG A 7 -14.58 29.22 -6.91
N ALA A 8 -14.02 30.36 -7.30
CA ALA A 8 -13.81 30.73 -8.70
C ALA A 8 -12.79 29.75 -9.30
N PHE A 9 -12.16 29.04 -8.40
CA PHE A 9 -11.15 28.06 -8.75
C PHE A 9 -11.73 26.66 -8.95
N GLU A 10 -12.53 26.22 -7.97
CA GLU A 10 -13.10 24.86 -7.97
C GLU A 10 -14.15 24.63 -9.05
N LYS A 11 -15.02 25.60 -9.26
CA LYS A 11 -16.08 25.46 -10.28
C LYS A 11 -15.51 25.42 -11.68
N THR A 12 -14.45 26.15 -11.89
CA THR A 12 -13.77 26.20 -13.17
C THR A 12 -12.94 24.94 -13.39
N LEU A 13 -12.62 24.26 -12.31
CA LEU A 13 -11.80 23.08 -12.40
C LEU A 13 -12.58 21.80 -12.13
N THR A 14 -13.91 21.90 -12.20
CA THR A 14 -14.73 20.74 -11.86
C THR A 14 -14.90 19.70 -12.98
N PRO A 15 -15.57 20.09 -14.10
CA PRO A 15 -15.86 19.17 -15.22
C PRO A 15 -14.61 18.68 -15.95
N ILE A 16 -13.59 19.52 -16.02
CA ILE A 16 -12.35 19.16 -16.71
C ILE A 16 -11.82 17.82 -16.19
N ILE A 17 -11.66 17.72 -14.88
CA ILE A 17 -11.19 16.50 -14.26
C ILE A 17 -12.24 15.39 -14.37
N GLN A 18 -13.45 15.73 -13.95
CA GLN A 18 -14.59 14.78 -14.02
C GLN A 18 -14.69 14.09 -15.38
N GLU A 19 -14.58 14.88 -16.46
CA GLU A 19 -14.64 14.34 -17.81
C GLU A 19 -13.38 13.55 -18.14
N TYR A 20 -12.23 14.05 -17.68
CA TYR A 20 -10.95 13.39 -17.92
C TYR A 20 -11.00 11.94 -17.45
N PHE A 21 -11.43 11.75 -16.20
CA PHE A 21 -11.57 10.42 -15.61
C PHE A 21 -12.48 9.50 -16.41
N GLU A 22 -13.24 10.08 -17.33
CA GLU A 22 -14.13 9.30 -18.16
C GLU A 22 -13.36 8.65 -19.32
N HIS A 23 -12.49 9.41 -20.00
CA HIS A 23 -11.73 8.85 -21.12
C HIS A 23 -10.24 8.68 -20.80
N GLY A 24 -9.47 9.76 -20.87
CA GLY A 24 -8.07 9.69 -20.51
C GLY A 24 -7.23 10.52 -21.46
N ASP A 25 -7.42 11.85 -21.41
CA ASP A 25 -6.69 12.76 -22.29
C ASP A 25 -5.81 13.73 -21.48
N THR A 26 -4.52 13.53 -21.61
CA THR A 26 -3.55 14.34 -20.90
C THR A 26 -3.31 15.72 -21.56
N ASN A 27 -3.42 15.76 -22.89
CA ASN A 27 -3.16 16.98 -23.68
C ASN A 27 -4.24 18.04 -23.49
N GLU A 28 -5.49 17.60 -23.37
CA GLU A 28 -6.62 18.52 -23.21
C GLU A 28 -6.42 19.37 -21.96
N VAL A 29 -6.21 18.68 -20.84
CA VAL A 29 -5.95 19.33 -19.57
C VAL A 29 -4.82 20.37 -19.67
N ALA A 30 -3.73 19.99 -20.35
CA ALA A 30 -2.59 20.89 -20.53
C ALA A 30 -3.01 22.12 -21.34
N GLU A 31 -3.60 21.86 -22.50
CA GLU A 31 -4.08 22.94 -23.37
C GLU A 31 -4.96 23.92 -22.58
N MET A 32 -5.76 23.40 -21.65
CA MET A 32 -6.63 24.22 -20.83
C MET A 32 -5.86 25.02 -19.77
N LEU A 33 -4.75 24.46 -19.31
CA LEU A 33 -3.93 25.13 -18.29
C LEU A 33 -3.42 26.48 -18.77
N ARG A 34 -2.80 26.51 -19.95
CA ARG A 34 -2.27 27.74 -20.51
C ARG A 34 -3.40 28.72 -20.79
N ASP A 35 -4.56 28.14 -21.10
CA ASP A 35 -5.75 28.93 -21.36
C ASP A 35 -6.04 29.84 -20.17
N LEU A 36 -6.18 29.22 -19.00
CA LEU A 36 -6.38 29.95 -17.76
C LEU A 36 -5.20 30.87 -17.43
N ASN A 37 -3.99 30.34 -17.56
CA ASN A 37 -2.75 31.09 -17.29
C ASN A 37 -2.61 31.47 -15.82
N LEU A 38 -2.45 30.47 -14.97
CA LEU A 38 -2.28 30.68 -13.55
C LEU A 38 -0.89 30.28 -13.09
N GLY A 39 -0.40 30.94 -12.05
CA GLY A 39 0.92 30.63 -11.53
C GLY A 39 0.86 29.64 -10.39
N GLU A 40 0.86 30.15 -9.16
CA GLU A 40 0.79 29.30 -7.98
C GLU A 40 -0.58 28.63 -7.91
N MET A 41 -1.54 29.25 -8.58
CA MET A 41 -2.90 28.72 -8.65
C MET A 41 -2.93 27.43 -9.47
N LYS A 42 -2.02 27.35 -10.44
CA LYS A 42 -1.91 26.18 -11.30
C LYS A 42 -1.50 24.96 -10.48
N SER A 43 -0.78 25.23 -9.39
CA SER A 43 -0.31 24.17 -8.52
C SER A 43 -1.47 23.55 -7.75
N GLY A 44 -2.64 24.19 -7.79
CA GLY A 44 -3.80 23.65 -7.10
C GLY A 44 -4.57 22.68 -7.97
N VAL A 45 -4.16 22.55 -9.23
CA VAL A 45 -4.83 21.65 -10.16
C VAL A 45 -4.56 20.19 -9.79
N PRO A 46 -3.27 19.80 -9.61
CA PRO A 46 -2.93 18.42 -9.22
C PRO A 46 -3.47 18.08 -7.83
N VAL A 47 -3.88 19.07 -7.06
CA VAL A 47 -4.42 18.83 -5.72
C VAL A 47 -5.93 18.67 -5.87
N LEU A 48 -6.44 19.23 -6.95
CA LEU A 48 -7.86 19.18 -7.28
C LEU A 48 -8.18 17.84 -7.97
N ALA A 49 -7.33 17.44 -8.90
CA ALA A 49 -7.50 16.19 -9.67
C ALA A 49 -7.22 14.99 -8.78
N VAL A 50 -6.45 15.25 -7.74
CA VAL A 50 -6.00 14.18 -6.87
C VAL A 50 -7.08 13.69 -5.92
N SER A 51 -7.72 14.61 -5.20
CA SER A 51 -8.72 14.26 -4.19
C SER A 51 -10.08 13.93 -4.80
N LEU A 52 -10.35 14.50 -5.97
CA LEU A 52 -11.66 14.33 -6.62
C LEU A 52 -12.04 12.85 -6.73
N ALA A 53 -11.08 12.04 -7.14
CA ALA A 53 -11.26 10.62 -7.32
C ALA A 53 -11.15 9.86 -6.00
N LEU A 54 -10.69 10.52 -4.95
CA LEU A 54 -10.44 9.87 -3.65
C LEU A 54 -11.65 9.12 -3.12
N GLU A 55 -12.84 9.63 -3.35
CA GLU A 55 -14.06 8.96 -2.91
C GLU A 55 -14.66 8.10 -4.00
N GLY A 56 -13.89 7.84 -5.04
CA GLY A 56 -14.35 7.02 -6.15
C GLY A 56 -13.66 5.68 -6.18
N LYS A 57 -13.47 5.14 -7.36
CA LYS A 57 -12.82 3.85 -7.51
C LYS A 57 -11.30 4.01 -7.52
N ALA A 58 -10.59 2.91 -7.33
CA ALA A 58 -9.14 2.92 -7.34
C ALA A 58 -8.61 3.21 -8.74
N SER A 59 -9.42 2.87 -9.74
CA SER A 59 -9.08 3.06 -11.14
C SER A 59 -8.79 4.53 -11.48
N HIS A 60 -9.61 5.45 -10.95
CA HIS A 60 -9.43 6.87 -11.22
C HIS A 60 -8.09 7.35 -10.65
N ARG A 61 -7.82 6.95 -9.41
CA ARG A 61 -6.56 7.30 -8.72
C ARG A 61 -5.35 6.88 -9.58
N GLU A 62 -5.55 5.83 -10.36
CA GLU A 62 -4.50 5.30 -11.23
C GLU A 62 -4.33 6.23 -12.43
N MET A 63 -5.41 6.88 -12.83
CA MET A 63 -5.41 7.80 -13.96
C MET A 63 -4.75 9.13 -13.62
N THR A 64 -4.91 9.59 -12.37
CA THR A 64 -4.30 10.85 -11.95
C THR A 64 -2.79 10.65 -11.94
N SER A 65 -2.41 9.46 -11.49
CA SER A 65 -1.01 9.07 -11.44
C SER A 65 -0.35 9.20 -12.82
N LYS A 66 -1.14 9.06 -13.89
CA LYS A 66 -0.63 9.22 -15.24
C LYS A 66 -0.46 10.69 -15.63
N LEU A 67 -1.46 11.50 -15.30
CA LEU A 67 -1.46 12.93 -15.62
C LEU A 67 -0.28 13.67 -14.99
N LEU A 68 0.11 13.26 -13.78
CA LEU A 68 1.23 13.88 -13.08
C LEU A 68 2.53 13.62 -13.83
N SER A 69 2.57 12.48 -14.50
CA SER A 69 3.72 12.09 -15.28
C SER A 69 3.79 12.98 -16.54
N ASP A 70 2.62 13.33 -17.06
CA ASP A 70 2.50 14.16 -18.26
C ASP A 70 2.76 15.66 -18.07
N LEU A 71 1.99 16.32 -17.19
CA LEU A 71 2.13 17.76 -16.96
C LEU A 71 3.52 18.17 -16.49
N CYS A 72 4.01 17.52 -15.44
CA CYS A 72 5.34 17.81 -14.92
C CYS A 72 6.37 17.84 -16.05
N GLY A 73 6.98 19.00 -16.24
CA GLY A 73 7.97 19.17 -17.27
C GLY A 73 7.41 19.95 -18.45
N THR A 74 6.20 19.60 -18.85
CA THR A 74 5.53 20.25 -19.98
C THR A 74 4.84 21.55 -19.56
N VAL A 75 4.19 21.51 -18.41
CA VAL A 75 3.47 22.68 -17.91
C VAL A 75 3.67 22.88 -16.40
N MET A 76 3.90 21.79 -15.70
CA MET A 76 4.14 21.84 -14.27
C MET A 76 5.62 21.72 -13.97
N SER A 77 6.11 22.55 -13.05
CA SER A 77 7.51 22.52 -12.68
C SER A 77 7.75 21.47 -11.60
N THR A 78 9.01 21.20 -11.31
CA THR A 78 9.37 20.22 -10.28
C THR A 78 8.85 20.71 -8.93
N THR A 79 8.90 22.02 -8.74
CA THR A 79 8.43 22.64 -7.52
C THR A 79 6.91 22.49 -7.41
N ASP A 80 6.24 22.51 -8.57
CA ASP A 80 4.78 22.38 -8.61
C ASP A 80 4.33 21.06 -7.99
N VAL A 81 5.00 19.98 -8.38
CA VAL A 81 4.67 18.66 -7.86
C VAL A 81 4.82 18.62 -6.35
N GLU A 82 5.97 19.06 -5.87
CA GLU A 82 6.26 19.07 -4.44
C GLU A 82 5.29 19.98 -3.68
N LYS A 83 5.10 21.21 -4.19
CA LYS A 83 4.17 22.16 -3.59
C LYS A 83 2.80 21.54 -3.39
N SER A 84 2.29 20.89 -4.44
CA SER A 84 0.99 20.23 -4.41
C SER A 84 0.92 19.21 -3.27
N PHE A 85 1.96 18.37 -3.16
CA PHE A 85 2.02 17.37 -2.12
C PHE A 85 1.85 17.97 -0.72
N ASP A 86 2.62 19.02 -0.43
CA ASP A 86 2.52 19.71 0.86
C ASP A 86 1.09 20.19 1.07
N LYS A 87 0.56 20.86 0.06
CA LYS A 87 -0.80 21.39 0.09
C LYS A 87 -1.82 20.27 0.31
N LEU A 88 -1.55 19.11 -0.29
CA LEU A 88 -2.43 17.96 -0.18
C LEU A 88 -2.35 17.31 1.19
N LEU A 89 -1.15 17.23 1.75
CA LEU A 89 -0.95 16.62 3.06
C LEU A 89 -1.72 17.37 4.13
N LYS A 90 -1.69 18.69 4.04
CA LYS A 90 -2.42 19.53 4.99
C LYS A 90 -3.91 19.18 4.98
N ASP A 91 -4.46 18.91 3.81
CA ASP A 91 -5.88 18.57 3.67
C ASP A 91 -6.17 17.11 4.03
N LEU A 92 -5.14 16.34 4.39
CA LEU A 92 -5.31 14.93 4.74
C LEU A 92 -6.42 14.69 5.77
N PRO A 93 -6.42 15.39 6.92
CA PRO A 93 -7.47 15.22 7.93
C PRO A 93 -8.86 15.49 7.36
N GLU A 94 -8.92 16.39 6.37
CA GLU A 94 -10.17 16.74 5.72
C GLU A 94 -10.60 15.64 4.75
N LEU A 95 -9.62 14.89 4.27
CA LEU A 95 -9.87 13.78 3.35
C LEU A 95 -10.43 12.60 4.14
N ALA A 96 -9.85 12.37 5.32
CA ALA A 96 -10.30 11.28 6.19
C ALA A 96 -11.72 11.59 6.66
N LEU A 97 -12.04 12.88 6.65
CA LEU A 97 -13.36 13.36 7.03
C LEU A 97 -14.41 12.72 6.14
N ASP A 98 -14.11 12.63 4.85
CA ASP A 98 -15.05 12.03 3.90
C ASP A 98 -14.99 10.50 3.90
N THR A 99 -13.79 9.92 3.94
CA THR A 99 -13.66 8.48 3.97
C THR A 99 -12.47 8.10 4.86
N PRO A 100 -12.68 7.19 5.81
CA PRO A 100 -11.64 6.75 6.77
C PRO A 100 -10.38 6.17 6.10
N ARG A 101 -10.53 5.57 4.93
CA ARG A 101 -9.39 4.97 4.23
C ARG A 101 -8.79 5.89 3.17
N ALA A 102 -9.07 7.17 3.29
CA ALA A 102 -8.58 8.15 2.32
C ALA A 102 -7.09 8.46 2.47
N PRO A 103 -6.61 8.84 3.68
CA PRO A 103 -5.19 9.17 3.91
C PRO A 103 -4.23 8.08 3.44
N GLN A 104 -4.51 6.83 3.82
CA GLN A 104 -3.66 5.70 3.43
C GLN A 104 -3.41 5.65 1.94
N LEU A 105 -4.47 5.80 1.15
CA LEU A 105 -4.36 5.76 -0.31
C LEU A 105 -3.47 6.87 -0.85
N VAL A 106 -3.44 8.00 -0.15
CA VAL A 106 -2.61 9.13 -0.56
C VAL A 106 -1.13 8.74 -0.48
N GLY A 107 -0.82 7.83 0.45
CA GLY A 107 0.55 7.38 0.61
C GLY A 107 1.09 6.75 -0.67
N GLN A 108 0.20 6.13 -1.44
CA GLN A 108 0.57 5.50 -2.69
C GLN A 108 0.96 6.56 -3.72
N PHE A 109 0.25 7.69 -3.70
CA PHE A 109 0.52 8.77 -4.63
C PHE A 109 1.94 9.30 -4.44
N ILE A 110 2.37 9.36 -3.18
CA ILE A 110 3.70 9.84 -2.86
C ILE A 110 4.76 8.91 -3.43
N ALA A 111 4.53 7.61 -3.28
CA ALA A 111 5.45 6.60 -3.77
C ALA A 111 5.49 6.62 -5.30
N ARG A 112 4.33 6.81 -5.91
CA ARG A 112 4.21 6.87 -7.36
C ARG A 112 4.96 8.07 -7.93
N ALA A 113 4.85 9.21 -7.26
CA ALA A 113 5.50 10.42 -7.72
C ALA A 113 7.02 10.25 -7.75
N VAL A 114 7.55 9.61 -6.72
CA VAL A 114 8.98 9.36 -6.63
C VAL A 114 9.37 8.29 -7.65
N GLY A 115 8.68 7.15 -7.59
CA GLY A 115 8.93 6.05 -8.51
C GLY A 115 8.75 6.42 -9.97
N ASP A 116 7.87 7.37 -10.24
CA ASP A 116 7.63 7.81 -11.61
C ASP A 116 8.85 8.57 -12.10
N GLY A 117 9.38 9.42 -11.22
CA GLY A 117 10.56 10.17 -11.56
C GLY A 117 10.40 11.67 -11.48
N ILE A 118 9.22 12.16 -11.11
CA ILE A 118 9.00 13.60 -11.04
C ILE A 118 9.30 14.16 -9.65
N LEU A 119 8.94 13.42 -8.61
CA LEU A 119 9.16 13.87 -7.24
C LEU A 119 10.52 13.39 -6.72
N CYS A 120 11.14 14.22 -5.89
CA CYS A 120 12.44 13.90 -5.33
C CYS A 120 12.30 12.86 -4.20
N ASN A 121 13.32 12.03 -4.05
CA ASN A 121 13.33 11.00 -3.03
C ASN A 121 13.44 11.57 -1.63
N THR A 122 14.30 12.57 -1.45
CA THR A 122 14.49 13.20 -0.15
C THR A 122 13.29 14.02 0.32
N TYR A 123 12.10 13.54 -0.07
CA TYR A 123 10.82 14.12 0.35
C TYR A 123 10.41 13.65 1.76
N ILE A 124 10.23 12.32 1.85
CA ILE A 124 9.80 11.63 3.07
C ILE A 124 10.74 11.83 4.26
N ASP A 125 12.02 11.87 3.98
CA ASP A 125 13.03 12.03 5.01
C ASP A 125 12.93 13.41 5.64
N SER A 126 12.61 14.41 4.83
CA SER A 126 12.48 15.77 5.31
C SER A 126 11.28 15.93 6.23
N TYR A 127 10.28 15.08 6.05
CA TYR A 127 9.10 15.13 6.88
C TYR A 127 9.21 14.03 7.95
N LYS A 128 10.39 13.43 8.04
CA LYS A 128 10.68 12.33 8.96
C LYS A 128 10.69 12.58 10.47
N GLY A 129 9.68 13.23 11.00
CA GLY A 129 9.64 13.45 12.42
C GLY A 129 9.27 14.86 12.68
N THR A 130 9.41 15.62 11.62
CA THR A 130 9.09 17.02 11.60
C THR A 130 7.61 17.17 11.27
N VAL A 131 6.84 16.13 11.60
CA VAL A 131 5.40 16.11 11.36
C VAL A 131 4.65 15.65 12.61
N ASP A 132 3.88 16.55 13.18
CA ASP A 132 3.10 16.26 14.39
C ASP A 132 1.70 15.79 14.02
N CYS A 133 1.38 15.90 12.74
CA CYS A 133 0.07 15.49 12.24
C CYS A 133 0.06 13.99 11.94
N VAL A 134 -0.60 13.22 12.82
CA VAL A 134 -0.71 11.78 12.64
C VAL A 134 -1.35 11.42 11.30
N GLN A 135 -2.24 12.30 10.83
CA GLN A 135 -2.91 12.10 9.55
C GLN A 135 -1.88 12.06 8.43
N ALA A 136 -0.92 12.98 8.51
CA ALA A 136 0.13 13.06 7.52
C ALA A 136 1.10 11.90 7.68
N ARG A 137 1.52 11.61 8.93
CA ARG A 137 2.43 10.50 9.20
C ARG A 137 1.91 9.19 8.63
N ALA A 138 0.68 8.85 9.01
CA ALA A 138 0.04 7.63 8.51
C ALA A 138 0.17 7.52 6.98
N ALA A 139 0.11 8.66 6.31
CA ALA A 139 0.23 8.69 4.86
C ALA A 139 1.69 8.60 4.39
N LEU A 140 2.57 9.39 5.01
CA LEU A 140 3.98 9.44 4.62
C LEU A 140 4.68 8.10 4.85
N ASP A 141 4.65 7.62 6.08
CA ASP A 141 5.24 6.35 6.45
C ASP A 141 4.66 5.19 5.63
N LYS A 142 3.55 5.48 4.95
CA LYS A 142 2.88 4.45 4.19
C LYS A 142 3.63 4.21 2.88
N ALA A 143 4.21 5.28 2.32
CA ALA A 143 4.94 5.23 1.06
C ALA A 143 6.18 4.31 1.10
N THR A 144 6.91 4.33 2.21
CA THR A 144 8.11 3.52 2.36
C THR A 144 7.81 2.04 2.16
N VAL A 145 6.82 1.54 2.93
CA VAL A 145 6.40 0.14 2.84
C VAL A 145 6.04 -0.23 1.40
N LEU A 146 5.57 0.74 0.65
CA LEU A 146 5.17 0.54 -0.73
C LEU A 146 6.41 0.47 -1.62
N LEU A 147 7.43 1.24 -1.27
CA LEU A 147 8.67 1.28 -2.02
C LEU A 147 9.52 0.04 -1.79
N SER A 148 9.51 -0.49 -0.57
CA SER A 148 10.28 -1.68 -0.22
C SER A 148 9.89 -2.86 -1.12
N MET A 149 8.59 -3.05 -1.29
CA MET A 149 8.08 -4.15 -2.10
C MET A 149 8.33 -3.95 -3.60
N SER A 150 8.81 -2.78 -3.98
CA SER A 150 9.08 -2.50 -5.39
C SER A 150 10.46 -3.02 -5.81
N LYS A 151 11.19 -3.59 -4.86
CA LYS A 151 12.52 -4.13 -5.14
C LYS A 151 12.62 -5.59 -4.71
N GLY A 152 12.44 -6.50 -5.66
CA GLY A 152 12.52 -7.92 -5.37
C GLY A 152 13.35 -8.65 -6.41
N GLY A 153 12.69 -9.19 -7.43
CA GLY A 153 13.39 -9.90 -8.48
C GLY A 153 13.41 -9.11 -9.77
N LYS A 154 14.16 -8.02 -9.79
CA LYS A 154 14.27 -7.17 -10.97
C LYS A 154 15.58 -7.44 -11.71
N ARG A 155 16.13 -8.63 -11.51
CA ARG A 155 17.39 -9.00 -12.15
C ARG A 155 17.14 -9.55 -13.56
N LYS A 156 15.99 -9.23 -14.11
CA LYS A 156 15.64 -9.68 -15.46
C LYS A 156 16.17 -8.67 -16.48
N ASP A 157 17.41 -8.87 -16.88
CA ASP A 157 18.08 -7.99 -17.85
C ASP A 157 17.59 -8.27 -19.28
N SER A 158 18.52 -8.27 -20.22
CA SER A 158 18.23 -8.52 -21.63
C SER A 158 17.92 -9.98 -21.90
N VAL A 159 17.10 -10.58 -21.04
CA VAL A 159 16.72 -11.98 -21.18
C VAL A 159 15.51 -12.06 -22.09
N TRP A 160 14.78 -10.95 -22.18
CA TRP A 160 13.59 -10.86 -23.00
C TRP A 160 13.94 -10.45 -24.41
N GLY A 161 13.28 -11.07 -25.38
CA GLY A 161 13.52 -10.76 -26.77
C GLY A 161 12.22 -10.41 -27.48
N SER A 162 11.14 -10.36 -26.72
CA SER A 162 9.83 -10.03 -27.24
C SER A 162 9.05 -9.20 -26.23
N GLY A 163 7.85 -8.77 -26.58
CA GLY A 163 7.05 -7.98 -25.66
C GLY A 163 5.58 -8.13 -25.91
N GLY B 1 2.36 -8.03 -25.86
CA GLY B 1 1.38 -7.04 -25.36
C GLY B 1 0.24 -7.69 -24.62
N GLY B 2 -0.97 -7.16 -24.79
CA GLY B 2 -2.14 -7.69 -24.13
C GLY B 2 -3.11 -6.60 -23.73
N GLN B 3 -4.19 -6.97 -23.05
CA GLN B 3 -5.20 -6.01 -22.61
C GLN B 3 -4.97 -5.60 -21.16
N GLN B 4 -3.75 -5.82 -20.68
CA GLN B 4 -3.37 -5.50 -19.30
C GLN B 4 -4.19 -6.30 -18.29
N PRO B 5 -3.70 -7.48 -17.89
CA PRO B 5 -4.39 -8.33 -16.92
C PRO B 5 -4.44 -7.68 -15.54
N VAL B 6 -5.51 -7.95 -14.81
CA VAL B 6 -5.68 -7.39 -13.47
C VAL B 6 -4.58 -7.88 -12.52
N ASN B 7 -4.24 -7.04 -11.56
CA ASN B 7 -3.20 -7.36 -10.59
C ASN B 7 -3.55 -8.58 -9.76
N HIS B 8 -2.67 -9.56 -9.77
CA HIS B 8 -2.85 -10.80 -9.02
C HIS B 8 -1.49 -11.48 -8.82
N LEU B 9 -1.13 -11.77 -7.56
CA LEU B 9 0.14 -12.40 -7.25
C LEU B 9 1.29 -11.43 -7.42
N VAL B 10 0.94 -10.14 -7.46
CA VAL B 10 1.92 -9.08 -7.64
C VAL B 10 1.80 -8.02 -6.55
N LYS B 11 2.78 -7.98 -5.66
CA LYS B 11 2.84 -7.00 -4.58
C LYS B 11 1.65 -7.06 -3.62
N GLU B 12 1.10 -8.25 -3.41
CA GLU B 12 -0.05 -8.41 -2.53
C GLU B 12 0.32 -9.11 -1.22
N ILE B 13 0.68 -10.38 -1.32
CA ILE B 13 1.01 -11.21 -0.18
C ILE B 13 2.03 -10.58 0.78
N ASP B 14 3.15 -10.11 0.24
CA ASP B 14 4.21 -9.53 1.06
C ASP B 14 3.74 -8.19 1.66
N MET B 15 3.41 -7.25 0.77
CA MET B 15 2.90 -5.94 1.21
C MET B 15 1.83 -6.02 2.31
N LEU B 16 0.89 -6.96 2.21
CA LEU B 16 -0.14 -7.10 3.25
C LEU B 16 0.47 -7.44 4.61
N LEU B 17 1.41 -8.36 4.62
CA LEU B 17 2.08 -8.78 5.84
C LEU B 17 3.07 -7.71 6.29
N LYS B 18 3.67 -7.04 5.31
CA LYS B 18 4.64 -5.97 5.58
C LYS B 18 3.98 -4.81 6.29
N GLU B 19 2.69 -4.63 6.05
CA GLU B 19 1.95 -3.56 6.70
C GLU B 19 2.12 -3.69 8.22
N TYR B 20 2.27 -4.90 8.72
CA TYR B 20 2.49 -5.05 10.14
C TYR B 20 3.99 -4.94 10.48
N LEU B 21 4.82 -5.36 9.54
CA LEU B 21 6.28 -5.32 9.72
C LEU B 21 6.90 -3.91 9.62
N LEU B 22 6.51 -3.13 8.61
CA LEU B 22 7.08 -1.80 8.41
C LEU B 22 6.20 -0.72 9.04
N SER B 23 5.22 -1.20 9.79
CA SER B 23 4.24 -0.35 10.46
C SER B 23 3.79 -1.03 11.75
N GLY B 24 3.27 -0.30 12.71
CA GLY B 24 2.85 -0.93 13.95
C GLY B 24 1.38 -0.73 14.30
N ASP B 25 0.50 -1.02 13.36
CA ASP B 25 -0.96 -0.87 13.56
C ASP B 25 -1.66 -1.83 12.61
N ILE B 26 -2.73 -2.51 13.07
CA ILE B 26 -3.38 -3.57 12.28
C ILE B 26 -4.32 -3.22 11.10
N SER B 27 -5.56 -2.66 11.38
CA SER B 27 -6.69 -2.48 10.43
C SER B 27 -6.51 -2.16 8.96
N GLU B 28 -5.36 -1.65 8.61
CA GLU B 28 -5.11 -1.28 7.25
C GLU B 28 -4.96 -2.52 6.34
N ALA B 29 -4.28 -3.56 6.83
CA ALA B 29 -4.06 -4.77 6.03
C ALA B 29 -5.32 -5.61 5.85
N GLU B 30 -5.99 -5.91 6.95
CA GLU B 30 -7.20 -6.73 6.93
C GLU B 30 -8.28 -6.10 6.06
N HIS B 31 -8.41 -4.78 6.12
CA HIS B 31 -9.41 -4.11 5.33
C HIS B 31 -9.14 -4.29 3.84
N CYS B 32 -7.88 -4.33 3.43
CA CYS B 32 -7.55 -4.51 2.02
C CYS B 32 -7.69 -5.98 1.62
N LEU B 33 -7.40 -6.90 2.57
CA LEU B 33 -7.48 -8.35 2.32
C LEU B 33 -8.89 -8.80 1.94
N LYS B 34 -9.88 -8.14 2.50
CA LYS B 34 -11.28 -8.41 2.21
C LYS B 34 -11.60 -7.96 0.78
N GLU B 35 -10.80 -7.05 0.30
CA GLU B 35 -10.93 -6.46 -1.03
C GLU B 35 -10.30 -7.33 -2.14
N LEU B 36 -9.90 -8.56 -1.74
CA LEU B 36 -9.17 -9.48 -2.64
C LEU B 36 -10.13 -10.22 -3.58
N GLU B 37 -10.36 -11.53 -3.37
CA GLU B 37 -11.27 -12.28 -4.24
C GLU B 37 -11.71 -13.62 -3.66
N VAL B 38 -10.78 -14.53 -3.44
CA VAL B 38 -11.14 -15.83 -2.90
C VAL B 38 -10.47 -16.06 -1.55
N PRO B 39 -11.26 -16.49 -0.56
CA PRO B 39 -10.75 -16.74 0.78
C PRO B 39 -9.71 -17.85 0.79
N HIS B 40 -9.83 -18.76 -0.18
CA HIS B 40 -8.91 -19.89 -0.31
C HIS B 40 -7.50 -19.42 -0.68
N PHE B 41 -7.39 -18.19 -1.17
CA PHE B 41 -6.09 -17.65 -1.56
C PHE B 41 -5.33 -17.09 -0.35
N HIS B 42 -6.05 -16.84 0.74
CA HIS B 42 -5.45 -16.30 1.98
C HIS B 42 -4.39 -17.25 2.53
N HIS B 43 -4.58 -18.53 2.23
CA HIS B 43 -3.66 -19.60 2.66
C HIS B 43 -2.17 -19.24 2.49
N GLU B 44 -1.77 -18.67 1.36
CA GLU B 44 -0.37 -18.33 1.14
C GLU B 44 0.13 -17.23 2.09
N LEU B 45 -0.77 -16.34 2.48
CA LEU B 45 -0.43 -15.23 3.38
C LEU B 45 0.22 -15.70 4.69
N VAL B 46 -0.48 -16.55 5.43
CA VAL B 46 0.02 -17.08 6.70
C VAL B 46 1.35 -17.82 6.47
N TYR B 47 1.34 -18.59 5.39
CA TYR B 47 2.52 -19.36 4.98
C TYR B 47 3.76 -18.46 4.93
N GLU B 48 3.68 -17.38 4.17
CA GLU B 48 4.79 -16.45 4.01
C GLU B 48 5.14 -15.75 5.33
N ALA B 49 4.13 -15.44 6.13
CA ALA B 49 4.36 -14.77 7.42
C ALA B 49 5.28 -15.61 8.31
N ILE B 50 4.91 -16.86 8.54
CA ILE B 50 5.73 -17.79 9.33
C ILE B 50 7.17 -17.81 8.86
N VAL B 51 7.36 -17.84 7.55
CA VAL B 51 8.70 -17.87 6.95
C VAL B 51 9.41 -16.55 7.25
N MET B 52 8.69 -15.46 7.05
CA MET B 52 9.20 -14.11 7.29
C MET B 52 9.76 -13.98 8.70
N VAL B 53 8.95 -14.35 9.70
CA VAL B 53 9.38 -14.29 11.10
C VAL B 53 10.62 -15.15 11.34
N LEU B 54 10.56 -16.39 10.85
CA LEU B 54 11.68 -17.32 10.99
C LEU B 54 12.98 -16.72 10.46
N GLU B 55 12.91 -16.13 9.28
CA GLU B 55 14.08 -15.52 8.66
C GLU B 55 14.52 -14.23 9.38
N SER B 56 13.59 -13.52 9.99
CA SER B 56 13.91 -12.27 10.68
C SER B 56 14.61 -12.49 12.02
N THR B 57 15.36 -11.48 12.45
CA THR B 57 16.08 -11.54 13.71
C THR B 57 15.53 -10.52 14.69
N GLY B 58 14.73 -10.98 15.64
CA GLY B 58 14.16 -10.10 16.63
C GLY B 58 12.82 -10.61 17.12
N GLU B 59 12.34 -10.07 18.23
CA GLU B 59 11.07 -10.50 18.78
C GLU B 59 9.92 -9.59 18.35
N SER B 60 10.26 -8.44 17.79
CA SER B 60 9.25 -7.49 17.33
C SER B 60 8.45 -8.10 16.18
N ALA B 61 9.18 -8.47 15.13
CA ALA B 61 8.58 -9.13 13.97
C ALA B 61 7.71 -10.32 14.41
N PHE B 62 8.21 -11.07 15.40
CA PHE B 62 7.48 -12.20 15.94
C PHE B 62 6.19 -11.75 16.64
N LYS B 63 6.36 -10.92 17.66
CA LYS B 63 5.24 -10.41 18.45
C LYS B 63 4.07 -9.85 17.62
N MET B 64 4.33 -8.87 16.75
CA MET B 64 3.24 -8.30 15.93
C MET B 64 2.64 -9.32 14.96
N ILE B 65 3.51 -9.91 14.13
CA ILE B 65 3.04 -10.94 13.18
C ILE B 65 2.19 -12.01 13.88
N LEU B 66 2.65 -12.46 15.04
CA LEU B 66 1.92 -13.46 15.83
C LEU B 66 0.49 -13.00 16.11
N ASP B 67 0.32 -11.73 16.44
CA ASP B 67 -1.02 -11.20 16.72
C ASP B 67 -1.84 -11.05 15.44
N LEU B 68 -1.18 -10.53 14.41
CA LEU B 68 -1.82 -10.34 13.09
C LEU B 68 -2.55 -11.59 12.60
N LEU B 69 -1.98 -12.76 12.87
CA LEU B 69 -2.62 -14.00 12.43
C LEU B 69 -3.81 -14.31 13.32
N LYS B 70 -3.60 -14.23 14.64
CA LYS B 70 -4.64 -14.47 15.62
C LYS B 70 -5.84 -13.56 15.40
N SER B 71 -5.59 -12.29 15.10
CA SER B 71 -6.66 -11.34 14.85
C SER B 71 -7.51 -11.80 13.66
N LEU B 72 -6.85 -11.94 12.51
CA LEU B 72 -7.51 -12.43 11.29
C LEU B 72 -8.35 -13.69 11.56
N TRP B 73 -7.81 -14.60 12.36
CA TRP B 73 -8.52 -15.83 12.71
C TRP B 73 -9.78 -15.49 13.51
N LYS B 74 -9.57 -14.71 14.56
CA LYS B 74 -10.67 -14.26 15.43
C LYS B 74 -11.77 -13.58 14.60
N SER B 75 -11.38 -12.60 13.80
CA SER B 75 -12.32 -11.86 12.95
C SER B 75 -12.82 -12.70 11.76
N SER B 76 -12.62 -14.01 11.82
CA SER B 76 -13.05 -14.94 10.78
C SER B 76 -12.64 -14.50 9.37
N THR B 77 -11.33 -14.46 9.13
CA THR B 77 -10.80 -14.08 7.83
C THR B 77 -9.93 -15.22 7.30
N ILE B 78 -9.82 -16.28 8.11
CA ILE B 78 -9.03 -17.46 7.76
C ILE B 78 -9.89 -18.72 7.92
N THR B 79 -9.91 -19.55 6.89
CA THR B 79 -10.70 -20.78 6.91
C THR B 79 -9.89 -21.99 7.40
N ILE B 80 -10.45 -23.21 7.27
CA ILE B 80 -9.78 -24.42 7.75
C ILE B 80 -8.50 -24.79 6.99
N ASP B 81 -8.58 -25.04 5.69
CA ASP B 81 -7.42 -25.38 4.89
C ASP B 81 -6.46 -24.23 4.66
N GLN B 82 -6.89 -23.03 5.07
CA GLN B 82 -6.07 -21.86 4.79
C GLN B 82 -4.85 -21.94 5.70
N MET B 83 -5.10 -22.38 6.92
CA MET B 83 -4.04 -22.50 7.90
C MET B 83 -3.32 -23.84 7.78
N LYS B 84 -3.97 -24.86 7.15
CA LYS B 84 -3.38 -26.20 7.11
C LYS B 84 -2.10 -26.26 6.30
N ARG B 85 -2.19 -26.12 4.99
CA ARG B 85 -1.00 -26.10 4.15
C ARG B 85 -0.10 -24.92 4.48
N GLY B 86 -0.64 -24.03 5.29
CA GLY B 86 0.14 -22.87 5.65
C GLY B 86 1.12 -23.35 6.69
N TYR B 87 0.56 -23.99 7.71
CA TYR B 87 1.35 -24.54 8.82
C TYR B 87 2.04 -25.87 8.49
N GLU B 88 1.46 -26.72 7.63
CA GLU B 88 2.03 -28.04 7.36
C GLU B 88 3.24 -27.95 6.44
N ARG B 89 3.11 -27.17 5.38
CA ARG B 89 4.18 -26.99 4.40
C ARG B 89 5.45 -26.49 5.08
N ILE B 90 5.27 -25.76 6.18
CA ILE B 90 6.40 -25.21 6.93
C ILE B 90 7.28 -26.33 7.49
N TYR B 91 6.73 -27.52 7.64
CA TYR B 91 7.49 -28.63 8.18
C TYR B 91 8.35 -29.25 7.07
N ASN B 92 7.90 -29.06 5.83
CA ASN B 92 8.61 -29.58 4.67
C ASN B 92 9.76 -28.64 4.32
N GLU B 93 9.56 -27.35 4.60
CA GLU B 93 10.56 -26.34 4.31
C GLU B 93 11.66 -26.33 5.38
N ILE B 94 11.42 -27.01 6.49
CA ILE B 94 12.40 -27.08 7.57
C ILE B 94 13.78 -27.54 7.07
N PRO B 95 13.85 -28.71 6.40
CA PRO B 95 15.13 -29.23 5.86
C PRO B 95 15.74 -28.27 4.84
N ASP B 96 14.92 -27.44 4.21
CA ASP B 96 15.42 -26.49 3.23
C ASP B 96 16.07 -25.28 3.90
N ILE B 97 15.43 -24.80 4.96
CA ILE B 97 15.92 -23.65 5.71
C ILE B 97 17.10 -24.03 6.61
N ASN B 98 16.95 -25.13 7.32
CA ASN B 98 18.00 -25.60 8.23
C ASN B 98 19.10 -26.32 7.48
N LEU B 99 18.70 -27.10 6.48
CA LEU B 99 19.62 -27.88 5.66
C LEU B 99 20.52 -28.73 6.55
N ASP B 100 19.88 -29.60 7.32
CA ASP B 100 20.56 -30.48 8.26
C ASP B 100 21.02 -29.70 9.49
N VAL B 101 21.23 -30.42 10.59
CA VAL B 101 21.64 -29.79 11.85
C VAL B 101 20.67 -28.67 12.23
N PRO B 102 19.44 -29.02 12.61
CA PRO B 102 18.40 -28.05 12.97
C PRO B 102 18.77 -27.25 14.22
N HIS B 103 18.33 -25.99 14.27
CA HIS B 103 18.62 -25.12 15.40
C HIS B 103 17.53 -24.07 15.55
N SER B 104 16.46 -24.22 14.77
CA SER B 104 15.34 -23.29 14.81
C SER B 104 14.17 -23.88 15.59
N TYR B 105 14.40 -25.05 16.18
CA TYR B 105 13.38 -25.73 16.96
C TYR B 105 13.05 -24.86 18.16
N SER B 106 14.05 -24.13 18.61
CA SER B 106 13.89 -23.21 19.72
C SER B 106 12.72 -22.26 19.44
N VAL B 107 12.53 -21.86 18.17
CA VAL B 107 11.41 -20.99 17.83
C VAL B 107 10.20 -21.85 17.45
N LEU B 108 10.39 -22.66 16.40
CA LEU B 108 9.36 -23.57 15.86
C LEU B 108 8.54 -24.37 16.87
N GLU B 109 9.11 -24.83 17.98
CA GLU B 109 8.29 -25.60 18.90
C GLU B 109 7.37 -24.68 19.69
N ARG B 110 7.79 -23.44 19.88
CA ARG B 110 7.00 -22.47 20.61
C ARG B 110 5.86 -22.00 19.70
N PHE B 111 6.23 -21.38 18.57
CA PHE B 111 5.25 -20.95 17.55
C PHE B 111 4.23 -22.03 17.21
N VAL B 112 4.62 -23.29 17.43
CA VAL B 112 3.72 -24.39 17.12
C VAL B 112 2.71 -24.54 18.26
N GLU B 113 3.24 -24.68 19.48
CA GLU B 113 2.42 -24.86 20.68
C GLU B 113 1.67 -23.59 21.12
N GLU B 114 2.19 -22.42 20.75
CA GLU B 114 1.57 -21.16 21.16
C GLU B 114 0.17 -21.06 20.56
N CYS B 115 0.11 -21.03 19.24
CA CYS B 115 -1.16 -21.02 18.50
C CYS B 115 -2.06 -22.21 18.84
N PHE B 116 -1.49 -23.22 19.46
CA PHE B 116 -2.25 -24.42 19.77
C PHE B 116 -3.20 -24.13 20.92
N GLN B 117 -2.69 -23.36 21.85
CA GLN B 117 -3.44 -22.96 23.04
C GLN B 117 -4.42 -21.83 22.73
N ALA B 118 -4.38 -21.30 21.51
CA ALA B 118 -5.24 -20.17 21.14
C ALA B 118 -6.54 -20.65 20.48
N GLY B 119 -6.97 -21.85 20.87
CA GLY B 119 -8.18 -22.47 20.34
C GLY B 119 -8.45 -22.32 18.85
N ILE B 120 -7.42 -22.16 18.02
CA ILE B 120 -7.64 -22.03 16.59
C ILE B 120 -7.62 -23.38 15.88
N ILE B 121 -6.48 -24.06 15.88
CA ILE B 121 -6.38 -25.35 15.23
C ILE B 121 -6.67 -26.51 16.19
N SER B 122 -6.24 -27.71 15.81
CA SER B 122 -6.45 -28.91 16.61
C SER B 122 -5.12 -29.61 16.89
N LYS B 123 -5.17 -30.79 17.51
CA LYS B 123 -3.96 -31.54 17.86
C LYS B 123 -3.18 -31.96 16.61
N GLN B 124 -3.85 -32.69 15.71
CA GLN B 124 -3.25 -33.15 14.45
C GLN B 124 -2.31 -32.16 13.76
N LEU B 125 -2.67 -30.88 13.69
CA LEU B 125 -1.82 -29.90 13.02
C LEU B 125 -0.46 -29.83 13.71
N ARG B 126 -0.46 -29.93 15.02
CA ARG B 126 0.77 -29.88 15.79
C ARG B 126 1.45 -31.25 15.82
N ASP B 127 0.68 -32.30 15.53
CA ASP B 127 1.20 -33.67 15.62
C ASP B 127 2.02 -34.03 14.40
N LEU B 128 1.70 -33.40 13.27
CA LEU B 128 2.40 -33.65 12.02
C LEU B 128 3.77 -32.99 12.00
N CYS B 129 4.11 -32.29 13.08
CA CYS B 129 5.39 -31.63 13.18
C CYS B 129 6.31 -32.49 14.03
N PRO B 130 7.63 -32.30 13.90
CA PRO B 130 8.60 -33.05 14.68
C PRO B 130 8.57 -32.63 16.15
N SER B 131 7.73 -33.31 16.94
CA SER B 131 7.59 -33.02 18.35
C SER B 131 8.89 -33.30 19.10
#